data_6QL9
#
_entry.id   6QL9
#
_cell.length_a   217.616
_cell.length_b   347.596
_cell.length_c   265.266
_cell.angle_alpha   90.00
_cell.angle_beta   107.88
_cell.angle_gamma   90.00
#
_symmetry.space_group_name_H-M   'P 1 21 1'
#
loop_
_entity.id
_entity.type
_entity.pdbx_description
1 polymer 'Fatty acid synthase subunit alpha'
2 polymer 'Fatty acid synthase subunit beta'
3 polymer 'Fatty acid synthase subunit beta'
4 non-polymer "4'-PHOSPHOPANTETHEINE"
5 non-polymer 1,2-ETHANEDIOL
6 non-polymer 'SODIUM ION'
7 non-polymer "ADENOSINE-2'-5'-DIPHOSPHATE"
8 non-polymer 'ACETATE ION'
9 non-polymer 'TRIETHYLENE GLYCOL'
10 non-polymer 'FLAVIN MONONUCLEOTIDE'
11 non-polymer 'MALONATE ION'
12 water water
#
loop_
_entity_poly.entity_id
_entity_poly.type
_entity_poly.pdbx_seq_one_letter_code
_entity_poly.pdbx_strand_id
1 'polypeptide(L)'
;MKPEVEQELAHILLTELLAYQFASPVRWIETQDVFLKDFNTERVVEIGPSPTLAGMAQRTLKNKYESYDAALSLHREILC
YSKDAKEIYYTPDPSELAAKEEPAKEEAPAPTPAASAPAPAAAAPAPVAAAAPAAAAAEIADEPVKASLLLHVLVAHKLK
KSLDSIPMSKTIKDLVGGKSTVQNEILGDLGKEFGTTPEKPEETPLEELAETFQDTFSGALGKQSSSLLSRLISSKMPGG
FTITVARKYLQTRWGLPSGRQDGVLLVALSNEPAARLGSEADAKAFLDSMAQKYASIVGVDLSSAASASGAAGAGAAAGA
AMIDAGALEEITKDHKVLARQQLQVLARYLKMDLDNGERKFLKEKDTVAELQAQLDYLNAELGEFFVNGVATSFSRKKAR
TFDSSWNWAKQSLLSLYFEIIHGVLKNVDREVVSEAINIMNRSNDALIKFMEYHISNTDETKGENYQLVKTLGEQLIENC
KQVLDVDPVYKDVAKPTGPKTAIDKNGNITYSEEPREKVRKLSQYVQEMALGGPITKESQPTIEEDLTRVYKAISAQADK
QDISSSTRVEFEKLYSDLMKFLESSKEIDPSQTTQLAGMDVEDALDKDSTKEVASLPNKSTISKTVSSTIPRETIPFLHL
RKKTPAGDWKYDRQLSSLFLDGLEKAAFNGVTFKDKYVLITGAGKGSIGAEVLQGLLQGGAKVVVTTSRFSKQVTDYYQS
IYAKYGAKGSTLIVVPFNQGSKQDVEALIEFIYDTEKNGGLGWDLDAIIPFAAIPEQGIELEHIDSKSEFAHRIMLTNIL
RMMGCVKKQKSARGIETRPAQVILPMSPNHGTFGGDGMYSESKLSLETLFNRWHSESWANQLTVCGAIIGWTRGTGLMSA
NNIIAEGIEKMGVRTFSQKEMAFNLLGLLTPEVVELCQKSPVMADLNGGLQFVPELKEFTAKLRKELVETSEVRKAVSIE
TALEHKVVNGNSADAAYAQVEIQPRANIQLDFPELKPYKQVKQIAPAELEGLLDLERVIVVTGFAEVGPWGSARTRWEME
AFGEFSLEGCVEMAWIMGFISYHNGNLKGRPYTGWVDSKTKEPVDDKDVKAKYETSILEHSGIRLIEPELFNGYNPEKKE
MIQEVIVEEDLEPFEASKETAEQFKHQHGDKVDIFEIPETGEYSVKLLKGATLYIPKALRFDRLVAGQIPTGWNAKTYGI
SDDIISQVDPITLFVLVSVVEAFIASGITDPYEMYKYVHVSEVGNCSGSGMGGVSALRGMFKDRFKDEPVQNDILQESFI
NTMSAWVNMLLISSSGPIKTPVGACATSVESVDIGVETILSGKARICIVGGYDDFQEEGSFEFGNMKATSNTLEEFEHGR
TPAEMSRPATTTRNGFMEAQGAGIQIIMQADLALKMGVPIYGIVAMAATATDKIGRSVPAPGKGILTTAREHHSSVKYAS
PNLNMKYRKRQLVTREAQIKDWVENELEALKLEAEEIPSEDQNEFLLERTREIHNEAESQLRAAQQQWGNDFYKRDPRIA
PLRGALATYGLTIDDLGVASFHGTSTKANDKNESATINEMMKHLGRSEGNPVIGVFQKFLTGHPKGAAGAWMMNGALQIL
NSGIIPGNRNADNVDKILEQFEYVLYPSKTLKTDGVRAVSITSFGFGQKGGQAIVVHPDYLYGAITEDRYNEYVAKVSAR
EKSAYKFFHNGMIYNKLFVSKEHAPYTDELEEDVYLDPLARVSKDKKSGSLTFNSKNIQSKDSYINANTIETAKMIENMT
KEKVSNGGVGVDVELITSINVENDTFIERNFTPQEIEYCSAQPSVQSSFAGTWSAKEAVFKSLGVKSLGGGAALKDIEIV
RVNKNAPAVELHGNAKKAAEEAGVTDVKVSISHDDLQAVAVAVSTKK
;
A,B,C,D,E,F
2 'polypeptide(L)'
;MDAYSTRPLTLSHGSLEHVLLVPTASFFIASQLQEQFNKILPEPTEGFAADDEPTTPAELVGKFLGYVSSLVEPSKVGQF
DQVLNLCLTEFENCYLEGNDIHALAAKLLQENDTTLVKTKELIKNYITARIMAKRPFDKKSNSALFRAVGEGNAQLVAIF
GGQGNTDDYFEELRDLYQTYHVLVGDLIKFSAETLSELIRTTLDAEKVFTQGLNILEWLENPSNTPDKDYLLSIPISCPL
IGVIQLAHYVVTAKLLGFTPGELRSYLKGATGHSQGLVTAVAIAETDSWESFFVSVRKAITVLFFIGVRCYEAYPNTSLP
PSILEDSLENNEGVPSPMLSISNLTQEQVQDYVNKTNSHLPAGKQVEISLVNGAKNLVVSGPPQSLYGLNLTLRKAKAPS
GLDQSRIPFSERKLKFSNRFLPVASPFHSHLLVPASDLINKDLVKNNVSFNAKDIQIPVYDTFDGSDLRVLSGSISERIV
DCIIRLPVKWETTTQFKATHILDFGPGGASGLGVLTHRNKDGTGVRVIVAGTLDINPDDDYGFKQEIFDVTSNGLKKNPN
WLEEYHPKLIKNKSGKIFVETKFSKLIGRPPLLVPGMTPCTVSPDFVAATTNAGYTIELAGGGYFSAAGMTAAIDSVVSQ
IEKGSTFGINLIYVNPFMLQWGIPLIKELRSKGYPIQFLTIGAGVPSLEVASEYIETLGLKYLGLKPGSIDAISQVINIA
KAHPNFPIALQWTGGRGGGHHSFEDAHTPMLQMYSKIRRHPNIMLIFGSGFGSADDTYPYLTGEWSTKFDYPPMPFDGFL
FGSRVMIAKEVKTSPDAKKCIAACTGVPDDKWEQTYKKPTGGIVTVRSEMGEPIHKIATRGVMLWKEFDETIFNLPKNKL
VPTLEAKRDYIISRLNADFQKPWFATVNGQARDLATMTYEEVAKRLVELMFIRSTNSWFDVTWRTFTGDFLRRVEERFTK
SKTLSLIQSYSLLDKPDEAIEKVFNAYPAAREQFLNAQDIDHFLSMCQNPMQKPVPFVPVLDRRFEIFFKKDSLWQSEHL
EAVVDQDVQRTCILHGPVAAQFTKVIDEPIKSIMDGIHDGHIKKLLHQYYGDDESKIPAVEYFGGESPVDVQSQVDSSSV
SEDSAVFKATSSTDEESWFKALAGSEINWRHASFLCSFITQDKMFVSNPIRKVFKPSQGMVVEISNGNTSSKTVVTLSEP
VQGELKPTVILKLLKENIIQMEMIENRTMDGKPVSLPLLYNFNPDNGFAPISEVMEDRNQRIKEMYWKLWIDEPFNLDFD
PRDVIKGKDFEITAKEVYDFTHAVGNNCEDFVSRPDRTMLAPMDFAIVVGWRAIIKAIFPNTVDGDLLKLVHLSNGYKMI
PGAKPLQVGDVVSTTAVIESVVNQPTGKIVDVVGTLSRNGKPVMEVTSSFFYRGNYTDFENTFQKTVEPVYQMHIKTSKD
IAVLRSKEWFQLDDEDFDLLNKTLTFETETEVTFKNANIFSSVKCFGPIKVELPTKETVEIGIVDYEAGASHGNPVVDFL
KRNGSTLEQKVNLENPIPIAVLDSYTPSTNEPYARVSGDLNPIHVSRHFASYANLPGTITHGMFSSASVRALIENWAADS
VSSRVRGYTCQFVDMVLPNTALKTSIQHVGMINGRKLIKFETRNEDDVVVLTGEAEIEQPVTTFVFTGQGSQEQGMGMDL
YKTSKAAQDVWNRADNHFKDTYGFSILDIVINNPVNLTIHFGGEKGKRIRENYSAMIFETIVDGKLKTEKIFKEINEHST
SYTFRSEKGLLSATQFTQPALTLMEKAAFEDLKSKGLIPADATFAGHSLGEYAALASLADVMSIESLVEVVFYRGMTMQV
AVPRDELGRSNYGMIAINPGRVAASFSQEALQYVVERVGKRTGWLVEIVNYNVENQQYVAAGDLRALDTVTNVLNFIKLQ
KIDIIELQKSLSLEEVEGHLFEIIDEASKKSAVKPRPLKLERGFACIPLVGISVPFHSTYLMNGVKPFKSFLKKNIIKEN
VKVARLAGKYIPNLTAKPFQVTKEYFQDVYDLTGSEPIKEIIDNWEKYEQS
;
G,J
3 'polypeptide(L)'
;MDAYSTRPLTLSHGSLEHVLLVPTASFFIASQLQEQFNKILPEPTEGFAADDEPTTPAELVGKFLGYVSSLVEPSKVGQF
DQVLNLCLTEFENCYLEGNDIHALAAKLLQENDTTLVKTKELIKNYITARIMAKRPFDKKSNSALFRAVGEGNAQLVAIF
GGQGNTDDYFEELRDLYQTYHVLVGDLIKFSAETLSELIRTTLDAEKVFTQGLNILEWLENPSNTPDKDYLLSIPISCPL
IGVIQLAHYVVTAKLLGFTPGELRSYLKGATGHSQGLVTAVAIAETDSWESFFVSVRKAITVLFFIGVRCYEAYPNTSLP
PSILEDSLENNEGVPSPMLSISNLTQEQVQDYVNKTNSHLPAGKQVEISLVNGAKNLVVSGPPQSLYGLNLTLRKAKAPS
GLDQSRIPFSERKLKFSNRFLPVASPFHSHLLVPASDLINKDLVKNNVSFNAKDIQIPVYDTFDGSDLRVLSGSISERIV
DCIIRLPVKWETTTQFKATHILDFGPGGASGLGVLTHRNKDGTGVRVIVAGTLDINPDDDYGFKQEIFDVTSNGLKKNPN
WLEEYHPKLIKNKSGKIFVETKFSKLIGRPPLLVPGMTPCTVSPDFVAATTNAGYTIELAGGGYFSAAGMTAAIDSVVSQ
IEKGSTFGINLIYVNPFMLQWGIPLIKELRSKGYPIQFLTIGAGVPSLEVASEYIETLGLKYLGLKPGSIDAISQVINIA
KAHPNFPIALQWTGGRGGGHHSFEDAHTPMLQMYSKIRRHPNIMLIFGSGFGSADDTYPYLTGEWSTKFDYPPMPFDGFL
FGSRVMIAKEVKTSPDAKKCIAACTGVPDDKWEQTYKKPTGGIVTVRSEMGEPIHKIATRGVMLWKEFDETIFNLPKNKL
VPTLEAKRDYIISRLNADFQKPWFATVNGQARDLATMTYEEVAKRLVELMFIRSTNSWFDVTWRTFTGDFLRRVEERFTK
SKTLSLIQSYSLLDKPDEAIEKVFNAYPAAREQFLNAQDIDHFLSMCQNPMQKPVPFVPVLDRRFEIFFKKDSLWQSEHL
EAVVDQDVQRTCILHGPVAAQFTKVIDEPIKSIMDGIHDGHIKKLLHQYYGDDESKIPAVEYFGGESPVDVQSQVDSSSV
SEDSAVFKATSSTDEESWFKALAGSEINWRHASFLCSFITQDKMFVSNPIRKVFKPSQGMVVEISNGNTSSKTVVTLSEP
VQGELKPTVILKLLKENIIQMEMIENRTMDGKPVSLPLLYNFNPDNGFAPISEVMEDRNQRIKEMYWKLWIDEPFNLDFD
PRDVIKGKDFEITAKEVYDFTHAVGNNCEDFVSRPDRTMLAPMDFAIVVGWRAIIKAIFPNTVDGDLLKLVHLSNGYKMI
PGAKPLQVGDVVSTTAVIESVVNQPTGKIVDVVGTLSRNGKPVMEVTSSFFYRGNYTDFENTFQKTVEPVYQMHIKTSKD
IAVLRSKEWFQLDDEDFDLLNKTLTFETETEVTFKNANIFSSVKCFGPIKVELPTKETVEIGIVDYEAGASHGNPVVDFL
KRNGSTLEQKVNLENPIPIAVLDSYTPSTNEPYARVSGDLNPIHVSRHFASYANLPGTITHGMFSSASVRALIENWAADS
VSSRVRGYTCQFVDMVLPNTALKTSIQHVGMINGRKLIKFETRNEDDVVVLTGEAEIEQPVTTFVFTGQGSQEQGMGMDL
YKTSKAAQDVWNRADNHFKDTYGFSILDIVINNPVNLTIHFGGEKGKRIRENYSAMIFETIVDGKLKTEKIFKEINEHST
SYTFRSEKGLLSATQFTQPALTLMEKAAFEDLKSKGLIPADATFAGH(J8W)LGEYAALASLADVMSIESLVEVVFYRGM
TMQVAVPRDELGRSNYGMIAINPGRVAASFSQEALQYVVERVGKRTGWLVEIVNYNVENQQYVAAGDLRALDTVTNVLNF
IKLQKIDIIELQKSLSLEEVEGHLFEIIDEASKKSAVKPRPLKLERGFACIPLVGISVPFHSTYLMNGVKPFKSFLKKNI
IKENVKVARLAGKYIPNLTAKPFQVTKEYFQDVYDLTGSEPIKEIIDNWEKYEQS
;
H,I,K,L
#
loop_
_chem_comp.id
_chem_comp.type
_chem_comp.name
_chem_comp.formula
A2P non-polymer ADENOSINE-2'-5'-DIPHOSPHATE 'C10 H15 N5 O10 P2'
ACT non-polymer 'ACETATE ION' 'C2 H3 O2 -1'
EDO non-polymer 1,2-ETHANEDIOL 'C2 H6 O2'
FMN non-polymer 'FLAVIN MONONUCLEOTIDE' 'C17 H21 N4 O9 P'
MLI non-polymer 'MALONATE ION' 'C3 H2 O4 -2'
NA non-polymer 'SODIUM ION' 'Na 1'
PGE non-polymer 'TRIETHYLENE GLYCOL' 'C6 H14 O4'
PNS non-polymer 4'-PHOSPHOPANTETHEINE 'C11 H23 N2 O7 P S'
#
# COMPACT_ATOMS: atom_id res chain seq x y z
N MET A 1 -43.98 89.59 78.13
CA MET A 1 -42.60 90.18 78.05
C MET A 1 -42.13 90.40 76.60
N LYS A 2 -40.96 91.00 76.45
CA LYS A 2 -40.30 91.32 75.15
C LYS A 2 -39.83 90.01 74.51
N PRO A 3 -39.68 89.94 73.16
CA PRO A 3 -39.16 88.75 72.51
C PRO A 3 -37.79 88.32 73.06
N GLU A 4 -36.85 89.27 73.10
CA GLU A 4 -35.44 89.12 73.55
C GLU A 4 -35.41 88.43 74.92
N VAL A 5 -36.27 88.87 75.85
CA VAL A 5 -36.34 88.35 77.25
C VAL A 5 -36.92 86.93 77.21
N GLU A 6 -37.99 86.72 76.45
CA GLU A 6 -38.65 85.40 76.29
C GLU A 6 -37.58 84.38 75.87
N GLN A 7 -36.75 84.75 74.89
CA GLN A 7 -35.59 83.95 74.40
C GLN A 7 -34.61 83.71 75.56
N GLU A 8 -34.08 84.79 76.15
CA GLU A 8 -33.09 84.74 77.26
C GLU A 8 -33.56 83.73 78.30
N LEU A 9 -34.86 83.70 78.61
CA LEU A 9 -35.46 82.82 79.65
C LEU A 9 -35.61 81.40 79.10
N ALA A 10 -36.16 81.27 77.89
CA ALA A 10 -36.33 79.97 77.18
C ALA A 10 -34.98 79.26 77.14
N HIS A 11 -33.90 80.00 76.87
CA HIS A 11 -32.49 79.51 76.88
C HIS A 11 -32.17 78.88 78.25
N ILE A 12 -32.24 79.68 79.31
CA ILE A 12 -31.91 79.25 80.71
C ILE A 12 -32.75 77.99 81.00
N LEU A 13 -34.02 78.02 80.63
CA LEU A 13 -34.96 76.90 80.86
C LEU A 13 -34.42 75.63 80.18
N LEU A 14 -34.27 75.67 78.85
CA LEU A 14 -33.74 74.57 77.97
C LEU A 14 -32.46 74.00 78.60
N THR A 15 -31.49 74.88 78.83
CA THR A 15 -30.19 74.61 79.49
C THR A 15 -30.41 73.70 80.70
N GLU A 16 -31.29 74.11 81.63
CA GLU A 16 -31.49 73.42 82.94
C GLU A 16 -32.22 72.09 82.70
N LEU A 17 -33.23 72.09 81.84
CA LEU A 17 -34.01 70.86 81.52
C LEU A 17 -33.08 69.74 81.06
N LEU A 18 -32.01 70.07 80.32
CA LEU A 18 -31.05 69.10 79.74
C LEU A 18 -30.00 68.73 80.79
N ALA A 19 -29.57 69.73 81.55
CA ALA A 19 -28.55 69.62 82.60
C ALA A 19 -28.99 68.55 83.61
N TYR A 20 -30.22 68.63 84.09
CA TYR A 20 -30.78 67.76 85.16
C TYR A 20 -31.26 66.44 84.54
N GLN A 21 -31.83 66.50 83.32
CA GLN A 21 -32.31 65.31 82.58
C GLN A 21 -31.29 64.18 82.73
N PHE A 22 -30.02 64.55 82.60
CA PHE A 22 -28.78 63.74 82.69
C PHE A 22 -28.82 62.76 83.87
N ALA A 23 -29.36 63.19 85.01
CA ALA A 23 -29.30 62.48 86.32
C ALA A 23 -30.67 62.43 87.02
N SER A 24 -31.77 62.73 86.31
CA SER A 24 -33.16 62.53 86.79
C SER A 24 -33.80 61.45 85.93
N PRO A 25 -34.92 60.84 86.39
CA PRO A 25 -35.58 59.80 85.61
C PRO A 25 -36.25 60.33 84.32
N VAL A 26 -36.63 59.38 83.46
CA VAL A 26 -37.26 59.61 82.13
C VAL A 26 -38.75 59.27 82.30
N ARG A 27 -39.60 60.29 82.30
CA ARG A 27 -41.05 60.13 82.52
C ARG A 27 -41.71 59.86 81.16
N TRP A 28 -41.45 58.71 80.54
CA TRP A 28 -41.96 58.36 79.18
C TRP A 28 -43.43 57.93 79.25
N ILE A 29 -43.90 57.50 80.43
CA ILE A 29 -45.34 57.14 80.65
C ILE A 29 -46.17 58.41 80.42
N GLU A 30 -45.86 59.47 81.17
CA GLU A 30 -46.59 60.76 81.11
C GLU A 30 -46.40 61.39 79.73
N THR A 31 -45.17 61.31 79.19
CA THR A 31 -44.81 61.87 77.86
C THR A 31 -45.78 61.28 76.84
N GLN A 32 -45.87 59.95 76.81
CA GLN A 32 -46.77 59.21 75.89
C GLN A 32 -48.21 59.72 76.07
N ASP A 33 -48.65 59.89 77.31
CA ASP A 33 -50.06 60.30 77.62
C ASP A 33 -50.28 61.73 77.11
N VAL A 34 -49.26 62.60 77.21
CA VAL A 34 -49.35 64.00 76.72
C VAL A 34 -49.62 63.97 75.20
N PHE A 35 -48.83 63.23 74.43
CA PHE A 35 -48.94 63.28 72.94
C PHE A 35 -50.10 62.38 72.49
N LEU A 36 -50.45 61.34 73.26
CA LEU A 36 -51.55 60.42 72.87
C LEU A 36 -52.91 61.01 73.26
N LYS A 37 -53.09 61.44 74.53
CA LYS A 37 -54.40 61.96 75.02
C LYS A 37 -54.52 63.46 74.70
N ASP A 38 -53.66 64.30 75.29
CA ASP A 38 -53.81 65.79 75.28
C ASP A 38 -53.69 66.34 73.85
N PHE A 39 -52.99 65.66 72.93
CA PHE A 39 -52.74 66.15 71.54
C PHE A 39 -53.43 65.28 70.48
N ASN A 40 -53.96 64.12 70.87
CA ASN A 40 -54.72 63.17 69.98
C ASN A 40 -53.92 62.91 68.70
N THR A 41 -52.61 62.66 68.83
CA THR A 41 -51.68 62.36 67.71
C THR A 41 -52.19 61.15 66.94
N GLU A 42 -52.35 61.29 65.61
CA GLU A 42 -52.80 60.19 64.72
C GLU A 42 -51.61 59.59 63.99
N ARG A 43 -50.46 60.27 64.00
CA ARG A 43 -49.22 59.77 63.38
C ARG A 43 -48.06 59.97 64.35
N VAL A 44 -47.65 58.91 65.06
CA VAL A 44 -46.41 58.96 65.89
C VAL A 44 -45.32 58.25 65.09
N VAL A 45 -44.27 58.99 64.78
CA VAL A 45 -43.15 58.59 63.89
C VAL A 45 -41.87 58.54 64.72
N GLU A 46 -41.33 57.34 64.93
CA GLU A 46 -40.04 57.14 65.62
C GLU A 46 -38.92 57.43 64.63
N ILE A 47 -38.08 58.41 64.94
CA ILE A 47 -36.80 58.69 64.24
C ILE A 47 -35.71 57.97 65.02
N GLY A 48 -35.30 56.79 64.57
CA GLY A 48 -34.37 55.92 65.30
C GLY A 48 -33.98 54.70 64.48
N PRO A 49 -32.91 53.99 64.87
CA PRO A 49 -32.42 52.85 64.10
C PRO A 49 -33.24 51.57 64.29
N SER A 50 -34.05 51.49 65.35
CA SER A 50 -34.92 50.33 65.67
C SER A 50 -36.22 50.84 66.30
N PRO A 51 -37.34 50.09 66.17
CA PRO A 51 -38.66 50.59 66.53
C PRO A 51 -39.03 50.33 68.00
N THR A 52 -38.18 50.78 68.93
CA THR A 52 -38.30 50.46 70.37
C THR A 52 -39.29 51.43 71.03
N LEU A 53 -39.33 52.70 70.63
CA LEU A 53 -40.33 53.70 71.12
C LEU A 53 -41.71 53.48 70.48
N ALA A 54 -41.71 52.98 69.24
CA ALA A 54 -42.90 52.55 68.49
C ALA A 54 -43.54 51.38 69.25
N GLY A 55 -42.75 50.34 69.53
CA GLY A 55 -43.14 49.18 70.36
C GLY A 55 -43.83 49.63 71.64
N MET A 56 -43.29 50.67 72.28
CA MET A 56 -43.83 51.23 73.56
C MET A 56 -45.18 51.92 73.31
N ALA A 57 -45.31 52.71 72.25
CA ALA A 57 -46.57 53.41 71.87
C ALA A 57 -47.69 52.37 71.66
N GLN A 58 -47.46 51.36 70.82
CA GLN A 58 -48.42 50.28 70.51
C GLN A 58 -48.94 49.65 71.82
N ARG A 59 -48.05 49.37 72.77
CA ARG A 59 -48.39 48.77 74.08
C ARG A 59 -49.21 49.76 74.92
N THR A 60 -48.78 51.02 75.09
CA THR A 60 -49.51 52.03 75.91
C THR A 60 -50.91 52.23 75.32
N LEU A 61 -51.07 52.09 74.00
CA LEU A 61 -52.37 52.18 73.29
C LEU A 61 -53.23 50.96 73.63
N LYS A 62 -52.68 49.76 73.48
CA LYS A 62 -53.38 48.48 73.78
C LYS A 62 -53.86 48.48 75.23
N ASN A 63 -53.05 49.00 76.17
CA ASN A 63 -53.40 49.04 77.62
C ASN A 63 -54.62 49.96 77.83
N LYS A 64 -54.46 51.28 77.74
CA LYS A 64 -55.37 52.27 78.39
C LYS A 64 -56.04 53.21 77.37
N TYR A 65 -56.01 52.88 76.08
CA TYR A 65 -56.61 53.72 74.99
C TYR A 65 -57.54 52.88 74.10
N GLU A 66 -57.79 51.62 74.48
CA GLU A 66 -58.71 50.71 73.75
C GLU A 66 -60.00 51.46 73.41
N SER A 67 -60.78 51.83 74.43
CA SER A 67 -62.16 52.37 74.28
C SER A 67 -62.13 53.84 73.88
N TYR A 68 -61.09 54.58 74.27
CA TYR A 68 -60.92 56.04 73.96
C TYR A 68 -60.79 56.20 72.44
N ASP A 69 -59.82 55.53 71.83
CA ASP A 69 -59.55 55.55 70.36
C ASP A 69 -60.81 55.10 69.60
N ALA A 70 -61.49 54.07 70.08
CA ALA A 70 -62.74 53.56 69.50
C ALA A 70 -63.79 54.68 69.49
N ALA A 71 -64.16 55.17 70.68
CA ALA A 71 -65.24 56.15 70.90
C ALA A 71 -65.02 57.40 70.04
N LEU A 72 -63.78 57.91 69.94
CA LEU A 72 -63.46 59.15 69.19
C LEU A 72 -63.17 58.84 67.72
N SER A 73 -63.53 57.66 67.23
CA SER A 73 -63.28 57.18 65.83
C SER A 73 -61.93 57.72 65.36
N LEU A 74 -60.89 57.38 66.10
CA LEU A 74 -59.56 58.00 66.04
C LEU A 74 -58.55 56.94 65.59
N HIS A 75 -58.47 56.68 64.28
CA HIS A 75 -57.41 55.85 63.65
C HIS A 75 -56.04 56.47 63.95
N ARG A 76 -55.10 55.64 64.44
CA ARG A 76 -53.73 56.01 64.91
C ARG A 76 -52.72 55.21 64.09
N GLU A 77 -51.56 55.80 63.80
CA GLU A 77 -50.54 55.17 62.92
C GLU A 77 -49.17 55.30 63.60
N ILE A 78 -48.60 54.18 64.03
CA ILE A 78 -47.27 54.13 64.71
C ILE A 78 -46.26 53.70 63.66
N LEU A 79 -45.27 54.55 63.36
CA LEU A 79 -44.27 54.30 62.29
C LEU A 79 -42.86 54.49 62.86
N CYS A 80 -41.91 53.69 62.38
CA CYS A 80 -40.47 53.81 62.71
C CYS A 80 -39.66 54.04 61.43
N TYR A 81 -38.73 54.99 61.45
CA TYR A 81 -37.94 55.38 60.26
C TYR A 81 -37.28 54.15 59.65
N SER A 82 -36.75 53.24 60.47
CA SER A 82 -35.99 52.05 60.03
C SER A 82 -36.91 51.01 59.38
N LYS A 83 -38.12 50.84 59.92
CA LYS A 83 -39.06 49.75 59.53
C LYS A 83 -39.88 50.21 58.30
N ASP A 84 -40.59 51.34 58.38
CA ASP A 84 -41.69 51.69 57.44
C ASP A 84 -41.34 52.97 56.66
N ALA A 85 -40.26 52.93 55.89
CA ALA A 85 -39.80 54.05 55.04
C ALA A 85 -40.94 54.48 54.11
N LYS A 86 -41.61 53.53 53.48
CA LYS A 86 -42.59 53.73 52.38
C LYS A 86 -43.77 54.59 52.86
N GLU A 87 -44.25 54.33 54.07
CA GLU A 87 -45.39 55.06 54.66
C GLU A 87 -44.96 56.50 54.98
N ILE A 88 -43.74 56.69 55.49
CA ILE A 88 -43.26 57.99 56.02
C ILE A 88 -42.98 58.96 54.87
N TYR A 89 -42.42 58.45 53.75
CA TYR A 89 -42.01 59.21 52.54
C TYR A 89 -43.13 59.26 51.49
N TYR A 90 -44.32 58.74 51.83
CA TYR A 90 -45.49 58.62 50.91
C TYR A 90 -45.03 58.12 49.55
N THR A 91 -44.42 56.93 49.52
CA THR A 91 -44.03 56.21 48.28
C THR A 91 -44.45 54.76 48.40
N PRO A 92 -45.75 54.45 48.25
CA PRO A 92 -46.20 53.06 48.32
C PRO A 92 -45.69 52.41 47.02
N ASP A 93 -45.47 51.09 47.05
CA ASP A 93 -44.96 50.29 45.88
C ASP A 93 -46.05 50.23 44.81
N PRO A 94 -45.75 49.73 43.59
CA PRO A 94 -46.75 49.73 42.51
C PRO A 94 -47.92 48.76 42.80
N SER A 95 -48.65 49.00 43.90
CA SER A 95 -49.85 48.23 44.33
C SER A 95 -51.03 49.20 44.54
N GLU A 96 -51.86 49.40 43.50
CA GLU A 96 -52.83 50.52 43.29
C GLU A 96 -53.90 49.99 42.35
N ILE A 140 -29.48 22.63 23.44
CA ILE A 140 -30.39 23.15 24.51
C ILE A 140 -29.62 24.15 25.41
N ALA A 141 -30.33 24.99 26.17
CA ALA A 141 -29.74 26.04 27.04
C ALA A 141 -28.57 25.46 27.86
N ASP A 142 -27.50 26.24 28.07
CA ASP A 142 -26.32 25.88 28.90
C ASP A 142 -26.42 26.58 30.26
N GLU A 143 -25.95 25.92 31.32
CA GLU A 143 -25.81 26.46 32.69
C GLU A 143 -24.46 26.00 33.23
N PRO A 144 -23.58 26.93 33.69
CA PRO A 144 -22.41 26.53 34.48
C PRO A 144 -22.86 25.74 35.72
N VAL A 145 -22.02 24.81 36.24
CA VAL A 145 -22.33 24.07 37.48
C VAL A 145 -22.37 25.08 38.64
N LYS A 146 -23.33 24.93 39.55
CA LYS A 146 -23.44 25.78 40.78
C LYS A 146 -22.33 25.35 41.74
N ALA A 147 -21.87 26.22 42.64
CA ALA A 147 -20.86 25.89 43.68
C ALA A 147 -21.46 24.88 44.68
N SER A 148 -22.79 24.86 44.84
CA SER A 148 -23.52 23.95 45.76
C SER A 148 -23.47 22.50 45.24
N LEU A 149 -23.59 22.27 43.92
CA LEU A 149 -23.46 20.92 43.28
C LEU A 149 -22.02 20.44 43.46
N LEU A 150 -21.05 21.32 43.16
CA LEU A 150 -19.59 21.02 43.18
C LEU A 150 -19.13 20.68 44.60
N LEU A 151 -19.59 21.42 45.62
CA LEU A 151 -19.22 21.21 47.05
C LEU A 151 -19.89 19.94 47.59
N HIS A 152 -21.18 19.75 47.32
CA HIS A 152 -21.99 18.56 47.71
C HIS A 152 -21.29 17.29 47.20
N VAL A 153 -20.90 17.28 45.92
CA VAL A 153 -20.30 16.10 45.22
C VAL A 153 -18.92 15.79 45.83
N LEU A 154 -18.09 16.81 46.06
CA LEU A 154 -16.68 16.65 46.58
C LEU A 154 -16.72 16.11 48.02
N VAL A 155 -17.62 16.62 48.86
CA VAL A 155 -17.76 16.21 50.30
C VAL A 155 -18.39 14.81 50.37
N ALA A 156 -19.37 14.53 49.50
CA ALA A 156 -20.07 13.22 49.39
C ALA A 156 -19.09 12.14 48.94
N HIS A 157 -18.31 12.40 47.89
CA HIS A 157 -17.34 11.45 47.28
C HIS A 157 -16.21 11.14 48.27
N LYS A 158 -15.85 12.08 49.14
CA LYS A 158 -14.74 11.93 50.14
C LYS A 158 -15.17 10.98 51.25
N LEU A 159 -16.39 11.16 51.77
CA LEU A 159 -17.01 10.34 52.86
C LEU A 159 -17.53 9.03 52.28
N LYS A 160 -17.49 8.87 50.95
CA LYS A 160 -17.90 7.65 50.18
C LYS A 160 -19.39 7.38 50.46
N LYS A 161 -20.24 8.38 50.25
CA LYS A 161 -21.70 8.31 50.47
C LYS A 161 -22.41 9.03 49.32
N SER A 162 -23.62 8.60 48.97
CA SER A 162 -24.45 9.24 47.90
C SER A 162 -24.83 10.65 48.36
N LEU A 163 -25.31 11.48 47.43
CA LEU A 163 -25.68 12.91 47.68
C LEU A 163 -26.80 13.00 48.73
N ASP A 164 -27.76 12.07 48.71
CA ASP A 164 -28.95 12.04 49.61
C ASP A 164 -28.53 11.77 51.06
N SER A 165 -27.44 11.02 51.27
CA SER A 165 -26.88 10.65 52.60
C SER A 165 -26.35 11.89 53.33
N ILE A 166 -25.70 12.82 52.63
CA ILE A 166 -25.11 14.08 53.17
C ILE A 166 -26.13 15.22 53.02
N PRO A 167 -26.79 15.69 54.12
CA PRO A 167 -27.61 16.89 54.06
C PRO A 167 -26.72 18.15 54.08
N MET A 168 -27.08 19.16 53.28
CA MET A 168 -26.28 20.40 53.09
C MET A 168 -26.40 21.32 54.30
N SER A 169 -27.38 21.08 55.18
CA SER A 169 -27.66 21.87 56.42
C SER A 169 -26.60 21.59 57.49
N LYS A 170 -25.90 20.45 57.41
CA LYS A 170 -24.84 20.01 58.38
C LYS A 170 -23.48 20.56 57.96
N THR A 171 -22.55 20.61 58.93
CA THR A 171 -21.19 21.20 58.81
C THR A 171 -20.20 20.08 58.46
N ILE A 172 -18.97 20.42 58.06
CA ILE A 172 -17.90 19.43 57.73
C ILE A 172 -17.46 18.70 59.01
N LYS A 173 -17.28 19.44 60.11
CA LYS A 173 -16.89 18.93 61.45
C LYS A 173 -17.92 17.92 61.96
N ASP A 174 -19.21 18.22 61.74
CA ASP A 174 -20.39 17.37 62.10
C ASP A 174 -20.33 16.06 61.32
N LEU A 175 -20.36 16.14 59.99
CA LEU A 175 -20.43 14.97 59.04
C LEU A 175 -19.25 14.02 59.26
N VAL A 176 -18.10 14.55 59.63
CA VAL A 176 -16.78 13.83 59.76
C VAL A 176 -16.77 12.98 61.05
N GLY A 177 -17.65 13.27 62.01
CA GLY A 177 -17.82 12.52 63.27
C GLY A 177 -16.58 12.37 64.13
N GLY A 178 -15.74 13.40 64.33
CA GLY A 178 -14.56 13.32 65.20
C GLY A 178 -13.27 12.97 64.46
N LYS A 179 -13.36 12.45 63.24
CA LYS A 179 -12.24 11.97 62.38
C LYS A 179 -11.57 13.19 61.75
N SER A 180 -10.74 13.88 62.54
CA SER A 180 -10.11 15.11 62.09
C SER A 180 -9.11 14.90 60.93
N THR A 181 -8.66 13.65 60.75
CA THR A 181 -7.84 13.26 59.60
C THR A 181 -8.58 13.58 58.29
N VAL A 182 -9.90 13.32 58.24
CA VAL A 182 -10.82 13.45 57.06
C VAL A 182 -11.29 14.91 56.91
N GLN A 183 -11.43 15.65 58.01
CA GLN A 183 -11.73 17.10 58.01
C GLN A 183 -10.60 17.85 57.27
N ASN A 184 -9.34 17.55 57.61
CA ASN A 184 -8.11 18.16 57.02
C ASN A 184 -8.05 17.89 55.50
N GLU A 185 -8.49 16.71 55.05
CA GLU A 185 -8.53 16.32 53.61
C GLU A 185 -9.59 17.15 52.88
N ILE A 186 -10.81 17.25 53.43
CA ILE A 186 -11.96 18.00 52.80
C ILE A 186 -11.58 19.50 52.68
N LEU A 187 -10.98 20.09 53.72
CA LEU A 187 -10.55 21.52 53.74
C LEU A 187 -9.43 21.76 52.74
N GLY A 188 -8.47 20.83 52.63
CA GLY A 188 -7.39 20.84 51.62
C GLY A 188 -7.94 20.73 50.20
N ASP A 189 -8.97 19.89 49.99
CA ASP A 189 -9.68 19.65 48.70
C ASP A 189 -10.51 20.89 48.31
N LEU A 190 -11.14 21.58 49.26
CA LEU A 190 -11.96 22.81 48.99
C LEU A 190 -11.04 23.99 48.66
N GLY A 191 -9.86 24.05 49.29
CA GLY A 191 -8.82 25.06 48.99
C GLY A 191 -8.22 24.84 47.61
N LYS A 192 -7.92 23.59 47.24
CA LYS A 192 -7.42 23.16 45.90
C LYS A 192 -8.45 23.54 44.84
N GLU A 193 -9.74 23.38 45.14
CA GLU A 193 -10.86 23.52 44.17
C GLU A 193 -11.11 24.99 43.85
N PHE A 194 -11.55 25.76 44.85
CA PHE A 194 -12.13 27.12 44.72
C PHE A 194 -11.05 28.22 44.87
N GLY A 195 -9.95 27.94 45.58
CA GLY A 195 -8.86 28.92 45.83
C GLY A 195 -8.81 29.33 47.29
N THR A 196 -9.68 30.23 47.74
CA THR A 196 -9.73 30.73 49.14
C THR A 196 -10.71 29.86 49.95
N THR A 197 -10.89 30.18 51.23
CA THR A 197 -11.89 29.56 52.15
C THR A 197 -12.35 30.61 53.16
N PRO A 198 -13.63 30.58 53.64
CA PRO A 198 -14.04 31.38 54.80
C PRO A 198 -13.17 31.16 56.05
N GLU A 199 -13.47 31.87 57.14
CA GLU A 199 -12.63 31.96 58.36
C GLU A 199 -12.58 30.57 59.04
N LYS A 200 -13.74 29.93 59.26
CA LYS A 200 -13.86 28.63 59.98
C LYS A 200 -14.75 27.70 59.17
N PRO A 201 -14.25 27.10 58.05
CA PRO A 201 -15.11 26.39 57.09
C PRO A 201 -15.79 25.15 57.68
N GLU A 202 -15.12 24.51 58.66
CA GLU A 202 -15.53 23.24 59.30
C GLU A 202 -16.83 23.47 60.09
N GLU A 203 -17.04 24.69 60.61
CA GLU A 203 -18.21 25.08 61.46
C GLU A 203 -19.32 25.75 60.62
N THR A 204 -19.05 26.18 59.37
CA THR A 204 -20.04 26.71 58.39
C THR A 204 -20.82 25.53 57.78
N PRO A 205 -22.18 25.54 57.84
CA PRO A 205 -23.02 24.58 57.11
C PRO A 205 -22.79 24.68 55.59
N LEU A 206 -22.89 23.56 54.86
CA LEU A 206 -22.44 23.42 53.45
C LEU A 206 -23.32 24.27 52.51
N GLU A 207 -24.60 24.50 52.84
CA GLU A 207 -25.51 25.47 52.16
C GLU A 207 -24.84 26.85 52.09
N GLU A 208 -24.34 27.30 53.25
CA GLU A 208 -23.73 28.65 53.51
C GLU A 208 -22.35 28.73 52.86
N LEU A 209 -21.50 27.71 53.02
CA LEU A 209 -20.16 27.60 52.35
C LEU A 209 -20.32 27.79 50.84
N ALA A 210 -21.36 27.19 50.25
CA ALA A 210 -21.70 27.22 48.80
C ALA A 210 -21.92 28.66 48.32
N GLU A 211 -22.65 29.48 49.09
CA GLU A 211 -22.99 30.88 48.73
C GLU A 211 -21.74 31.78 48.76
N THR A 212 -20.81 31.54 49.70
CA THR A 212 -19.52 32.30 49.82
C THR A 212 -18.63 32.00 48.60
N PHE A 213 -18.52 30.72 48.22
CA PHE A 213 -17.75 30.23 47.04
C PHE A 213 -18.41 30.75 45.75
N GLN A 214 -19.74 30.79 45.71
CA GLN A 214 -20.59 31.23 44.56
C GLN A 214 -20.24 32.68 44.16
N ASP A 215 -19.96 33.53 45.15
CA ASP A 215 -19.67 34.99 44.96
C ASP A 215 -18.38 35.19 44.15
N THR A 216 -17.45 34.24 44.17
CA THR A 216 -16.10 34.35 43.54
C THR A 216 -15.88 33.22 42.50
N PHE A 217 -16.92 32.42 42.21
CA PHE A 217 -16.83 31.18 41.38
C PHE A 217 -17.24 31.48 39.93
N SER A 218 -16.40 31.07 38.97
CA SER A 218 -16.60 31.30 37.51
C SER A 218 -17.58 30.28 36.91
N GLY A 219 -17.80 29.14 37.58
CA GLY A 219 -18.57 28.00 37.05
C GLY A 219 -17.66 26.91 36.48
N ALA A 220 -16.36 27.19 36.34
CA ALA A 220 -15.31 26.28 35.81
C ALA A 220 -14.95 25.24 36.88
N LEU A 221 -14.49 24.06 36.45
CA LEU A 221 -14.45 22.83 37.29
C LEU A 221 -13.29 22.88 38.30
N GLY A 222 -12.15 23.49 37.98
CA GLY A 222 -11.01 23.62 38.92
C GLY A 222 -10.25 22.30 39.16
N LYS A 223 -9.09 22.36 39.81
CA LYS A 223 -8.02 21.33 39.71
C LYS A 223 -8.46 20.00 40.34
N GLN A 224 -9.20 20.05 41.46
CA GLN A 224 -9.55 18.86 42.29
C GLN A 224 -10.66 18.04 41.62
N SER A 225 -11.75 18.68 41.18
CA SER A 225 -12.87 18.05 40.43
C SER A 225 -12.33 17.37 39.17
N SER A 226 -11.51 18.09 38.39
CA SER A 226 -10.93 17.65 37.09
C SER A 226 -10.04 16.41 37.28
N SER A 227 -9.26 16.35 38.35
CA SER A 227 -8.38 15.21 38.70
C SER A 227 -9.23 13.95 38.98
N LEU A 228 -10.34 14.11 39.71
CA LEU A 228 -11.23 13.00 40.15
C LEU A 228 -12.07 12.49 38.97
N LEU A 229 -12.46 13.36 38.04
CA LEU A 229 -13.22 12.99 36.81
C LEU A 229 -12.28 12.27 35.83
N SER A 230 -11.01 12.68 35.73
CA SER A 230 -9.96 12.01 34.93
C SER A 230 -9.74 10.59 35.44
N ARG A 231 -9.67 10.42 36.76
CA ARG A 231 -9.48 9.10 37.43
C ARG A 231 -10.72 8.22 37.23
N LEU A 232 -11.93 8.78 37.40
CA LEU A 232 -13.24 8.07 37.21
C LEU A 232 -13.25 7.43 35.83
N ILE A 233 -12.98 8.23 34.79
CA ILE A 233 -13.00 7.82 33.35
C ILE A 233 -11.87 6.80 33.10
N SER A 234 -10.63 7.12 33.49
CA SER A 234 -9.43 6.32 33.15
C SER A 234 -9.45 4.98 33.90
N SER A 235 -10.16 4.86 35.03
CA SER A 235 -10.16 3.67 35.90
C SER A 235 -11.49 2.89 35.83
N LYS A 236 -12.62 3.52 35.50
CA LYS A 236 -13.97 2.89 35.54
C LYS A 236 -14.65 2.78 34.17
N MET A 237 -14.11 3.39 33.09
CA MET A 237 -14.71 3.31 31.73
C MET A 237 -13.97 2.26 30.89
N PRO A 238 -14.67 1.60 29.93
CA PRO A 238 -14.07 0.53 29.14
C PRO A 238 -13.09 1.04 28.09
N GLY A 239 -12.16 0.20 27.63
CA GLY A 239 -11.01 0.57 26.78
C GLY A 239 -11.43 1.47 25.61
N GLY A 240 -10.84 2.66 25.51
CA GLY A 240 -11.09 3.62 24.41
C GLY A 240 -12.21 4.61 24.70
N PHE A 241 -12.98 4.41 25.78
CA PHE A 241 -14.06 5.33 26.22
C PHE A 241 -13.43 6.46 27.05
N THR A 242 -12.78 7.40 26.36
CA THR A 242 -12.14 8.64 26.90
C THR A 242 -13.18 9.56 27.53
N ILE A 243 -12.76 10.54 28.33
CA ILE A 243 -13.63 11.65 28.82
C ILE A 243 -14.19 12.42 27.62
N THR A 244 -13.43 12.53 26.51
CA THR A 244 -13.89 13.25 25.29
C THR A 244 -14.96 12.43 24.57
N VAL A 245 -14.84 11.09 24.51
CA VAL A 245 -15.88 10.17 23.97
C VAL A 245 -17.16 10.28 24.81
N ALA A 246 -17.03 10.49 26.13
CA ALA A 246 -18.14 10.59 27.12
C ALA A 246 -18.82 11.96 27.04
N ARG A 247 -18.14 12.99 26.51
CA ARG A 247 -18.76 14.33 26.26
C ARG A 247 -19.43 14.33 24.87
N LYS A 248 -18.81 13.71 23.87
CA LYS A 248 -19.41 13.49 22.52
C LYS A 248 -20.74 12.75 22.72
N TYR A 249 -20.82 11.75 23.61
CA TYR A 249 -22.04 10.96 23.88
C TYR A 249 -23.10 11.82 24.60
N LEU A 250 -22.70 12.71 25.52
CA LEU A 250 -23.64 13.58 26.26
C LEU A 250 -24.13 14.73 25.35
N GLN A 251 -23.36 15.11 24.32
CA GLN A 251 -23.76 16.12 23.30
C GLN A 251 -24.70 15.45 22.29
N THR A 252 -24.33 14.31 21.70
CA THR A 252 -25.15 13.60 20.67
C THR A 252 -26.45 13.08 21.30
N ARG A 253 -26.39 12.24 22.35
CA ARG A 253 -27.56 11.47 22.84
C ARG A 253 -28.49 12.35 23.69
N TRP A 254 -28.01 13.36 24.41
CA TRP A 254 -28.82 14.19 25.34
C TRP A 254 -28.74 15.69 25.03
N GLY A 255 -27.96 16.10 24.02
CA GLY A 255 -27.86 17.50 23.56
C GLY A 255 -27.45 18.46 24.66
N LEU A 256 -26.37 18.18 25.38
CA LEU A 256 -25.87 18.98 26.54
C LEU A 256 -24.57 19.68 26.16
N PRO A 257 -24.49 21.03 26.35
CA PRO A 257 -23.25 21.78 26.16
C PRO A 257 -22.28 21.62 27.34
N SER A 258 -21.05 22.16 27.21
CA SER A 258 -19.87 21.92 28.10
C SER A 258 -20.21 22.13 29.58
N GLY A 259 -21.02 23.14 29.91
CA GLY A 259 -21.39 23.47 31.30
C GLY A 259 -22.27 22.41 31.95
N ARG A 260 -23.24 21.85 31.20
CA ARG A 260 -24.21 20.83 31.70
C ARG A 260 -23.56 19.44 31.78
N GLN A 261 -22.66 19.10 30.84
CA GLN A 261 -21.89 17.83 30.85
C GLN A 261 -21.03 17.82 32.13
N ASP A 262 -20.42 18.96 32.49
CA ASP A 262 -19.64 19.16 33.74
C ASP A 262 -20.49 18.68 34.93
N GLY A 263 -21.77 19.06 34.97
CA GLY A 263 -22.75 18.65 36.01
C GLY A 263 -23.08 17.18 35.96
N VAL A 264 -23.29 16.60 34.77
CA VAL A 264 -23.62 15.16 34.57
C VAL A 264 -22.45 14.30 35.06
N LEU A 265 -21.21 14.72 34.80
CA LEU A 265 -19.98 13.98 35.20
C LEU A 265 -19.75 14.11 36.72
N LEU A 266 -20.06 15.27 37.31
CA LEU A 266 -20.00 15.51 38.79
C LEU A 266 -20.94 14.56 39.51
N VAL A 267 -22.16 14.36 38.98
CA VAL A 267 -23.19 13.46 39.52
C VAL A 267 -22.70 12.01 39.35
N ALA A 268 -22.08 11.70 38.21
CA ALA A 268 -21.44 10.39 37.87
C ALA A 268 -20.33 10.06 38.88
N LEU A 269 -19.60 11.07 39.35
CA LEU A 269 -18.48 10.93 40.32
C LEU A 269 -19.01 10.48 41.71
N SER A 270 -20.20 10.92 42.10
CA SER A 270 -20.83 10.61 43.42
C SER A 270 -21.68 9.33 43.34
N ASN A 271 -21.76 8.72 42.14
CA ASN A 271 -22.36 7.38 41.87
C ASN A 271 -21.33 6.51 41.13
N GLU A 272 -20.03 6.76 41.39
CA GLU A 272 -18.85 6.10 40.75
C GLU A 272 -19.01 4.59 40.84
N PRO A 273 -19.03 3.82 39.72
CA PRO A 273 -19.16 2.36 39.79
C PRO A 273 -17.96 1.74 40.53
N ALA A 274 -18.18 0.61 41.20
CA ALA A 274 -17.21 -0.05 42.12
C ALA A 274 -16.06 -0.69 41.32
N ALA A 275 -16.39 -1.35 40.20
CA ALA A 275 -15.44 -1.94 39.22
C ALA A 275 -15.56 -1.21 37.87
N ARG A 276 -14.54 -1.37 37.02
CA ARG A 276 -14.55 -0.89 35.61
C ARG A 276 -15.78 -1.47 34.90
N LEU A 277 -16.47 -0.67 34.09
CA LEU A 277 -17.64 -1.13 33.29
C LEU A 277 -17.14 -1.95 32.10
N GLY A 278 -17.85 -3.03 31.77
CA GLY A 278 -17.40 -4.10 30.87
C GLY A 278 -17.45 -3.68 29.40
N SER A 279 -18.61 -3.21 28.94
CA SER A 279 -18.85 -2.87 27.51
C SER A 279 -19.09 -1.37 27.35
N GLU A 280 -18.90 -0.88 26.13
CA GLU A 280 -19.29 0.48 25.67
C GLU A 280 -20.79 0.68 25.92
N ALA A 281 -21.60 -0.39 25.81
CA ALA A 281 -23.05 -0.39 26.09
C ALA A 281 -23.33 -0.03 27.56
N ASP A 282 -22.57 -0.63 28.50
CA ASP A 282 -22.71 -0.45 29.97
C ASP A 282 -22.31 0.99 30.35
N ALA A 283 -21.30 1.55 29.68
CA ALA A 283 -20.78 2.92 29.86
C ALA A 283 -21.85 3.96 29.45
N LYS A 284 -22.54 3.72 28.34
CA LYS A 284 -23.63 4.60 27.82
C LYS A 284 -24.87 4.48 28.73
N ALA A 285 -25.21 3.26 29.15
CA ALA A 285 -26.29 2.94 30.12
C ALA A 285 -26.07 3.71 31.42
N PHE A 286 -24.81 3.75 31.91
CA PHE A 286 -24.38 4.49 33.13
C PHE A 286 -24.62 5.99 32.93
N LEU A 287 -24.12 6.58 31.84
CA LEU A 287 -24.19 8.05 31.56
C LEU A 287 -25.64 8.49 31.31
N ASP A 288 -26.48 7.61 30.74
CA ASP A 288 -27.95 7.83 30.55
C ASP A 288 -28.60 8.01 31.93
N SER A 289 -28.37 7.05 32.83
CA SER A 289 -28.85 7.03 34.24
C SER A 289 -28.35 8.27 35.00
N MET A 290 -27.11 8.74 34.74
CA MET A 290 -26.47 9.90 35.42
C MET A 290 -27.01 11.22 34.83
N ALA A 291 -27.44 11.23 33.56
CA ALA A 291 -28.06 12.39 32.89
C ALA A 291 -29.44 12.67 33.52
N GLN A 292 -30.19 11.61 33.83
CA GLN A 292 -31.57 11.68 34.44
C GLN A 292 -31.49 12.09 35.91
N LYS A 293 -30.40 11.74 36.61
CA LYS A 293 -30.17 12.18 38.02
C LYS A 293 -29.82 13.67 38.06
N TYR A 294 -29.06 14.15 37.06
CA TYR A 294 -28.69 15.58 36.87
C TYR A 294 -29.93 16.40 36.48
N ALA A 295 -30.82 15.82 35.65
CA ALA A 295 -32.12 16.40 35.24
C ALA A 295 -32.97 16.71 36.48
N SER A 296 -33.00 15.80 37.46
CA SER A 296 -33.68 15.95 38.78
C SER A 296 -33.06 17.10 39.59
N ILE A 297 -31.74 17.06 39.82
CA ILE A 297 -30.98 17.95 40.75
C ILE A 297 -31.02 19.40 40.25
N VAL A 298 -31.03 19.65 38.93
CA VAL A 298 -31.08 21.03 38.33
C VAL A 298 -32.48 21.35 37.79
N GLY A 299 -33.42 20.39 37.74
CA GLY A 299 -34.79 20.58 37.22
C GLY A 299 -34.82 20.97 35.75
N VAL A 300 -34.66 20.01 34.84
CA VAL A 300 -34.53 20.17 33.35
C VAL A 300 -35.11 18.91 32.69
N ASP A 301 -35.77 19.07 31.53
CA ASP A 301 -36.51 18.01 30.79
C ASP A 301 -35.57 17.36 29.73
N LEU A 302 -35.65 16.03 29.56
CA LEU A 302 -34.81 15.22 28.61
C LEU A 302 -35.65 14.27 27.72
N SER A 303 -35.62 14.46 26.39
CA SER A 303 -36.41 13.75 25.34
C SER A 303 -36.60 12.27 25.68
N LEU A 328 -22.46 5.70 7.35
CA LEU A 328 -22.49 7.17 7.62
C LEU A 328 -21.06 7.67 7.36
N GLU A 329 -20.55 8.53 8.25
CA GLU A 329 -19.18 9.09 8.25
C GLU A 329 -18.28 8.24 9.17
N GLU A 330 -18.70 7.03 9.58
CA GLU A 330 -17.89 6.14 10.44
C GLU A 330 -17.17 5.12 9.53
N ILE A 331 -17.63 4.93 8.28
CA ILE A 331 -16.94 4.07 7.25
C ILE A 331 -15.74 4.87 6.71
N THR A 332 -15.93 6.18 6.51
CA THR A 332 -14.89 7.11 5.99
C THR A 332 -13.83 7.32 7.09
N LYS A 333 -14.23 7.34 8.36
CA LYS A 333 -13.26 7.40 9.51
C LYS A 333 -12.47 6.08 9.56
N ASP A 334 -13.10 4.96 9.19
CA ASP A 334 -12.51 3.60 9.31
C ASP A 334 -11.32 3.46 8.33
N HIS A 335 -11.45 4.11 7.18
CA HIS A 335 -10.42 4.11 6.11
C HIS A 335 -9.26 5.04 6.52
N LYS A 336 -9.54 6.29 6.88
CA LYS A 336 -8.48 7.24 7.35
C LYS A 336 -7.63 6.56 8.43
N VAL A 337 -8.19 5.67 9.25
CA VAL A 337 -7.42 4.93 10.31
C VAL A 337 -6.42 3.99 9.63
N LEU A 338 -6.83 3.32 8.56
CA LEU A 338 -5.96 2.38 7.81
C LEU A 338 -4.80 3.20 7.25
N ALA A 339 -5.11 4.18 6.41
CA ALA A 339 -4.15 5.12 5.78
C ALA A 339 -3.16 5.63 6.83
N ARG A 340 -3.68 6.06 7.98
CA ARG A 340 -2.89 6.63 9.09
C ARG A 340 -1.85 5.59 9.56
N GLN A 341 -2.25 4.32 9.65
CA GLN A 341 -1.38 3.24 10.18
C GLN A 341 -0.36 2.84 9.12
N GLN A 342 -0.73 2.83 7.84
CA GLN A 342 0.21 2.53 6.73
C GLN A 342 1.30 3.60 6.72
N LEU A 343 0.94 4.87 6.91
CA LEU A 343 1.91 5.99 7.03
C LEU A 343 2.88 5.67 8.17
N GLN A 344 2.34 5.32 9.33
CA GLN A 344 3.13 5.04 10.56
C GLN A 344 4.16 3.95 10.27
N VAL A 345 3.81 2.85 9.58
CA VAL A 345 4.76 1.70 9.41
C VAL A 345 5.83 2.12 8.40
N LEU A 346 5.49 3.00 7.47
CA LEU A 346 6.44 3.48 6.44
C LEU A 346 7.44 4.41 7.12
N ALA A 347 6.95 5.28 7.98
CA ALA A 347 7.79 6.20 8.80
C ALA A 347 8.78 5.37 9.63
N ARG A 348 8.31 4.29 10.24
CA ARG A 348 9.15 3.39 11.07
C ARG A 348 10.28 2.83 10.22
N TYR A 349 9.96 2.29 9.04
CA TYR A 349 10.92 1.69 8.08
C TYR A 349 11.97 2.73 7.66
N LEU A 350 11.54 3.94 7.34
CA LEU A 350 12.41 5.07 6.88
C LEU A 350 13.21 5.66 8.04
N LYS A 351 13.00 5.20 9.27
CA LYS A 351 13.58 5.78 10.50
C LYS A 351 13.25 7.28 10.56
N MET A 352 12.10 7.69 10.00
CA MET A 352 11.58 9.07 10.11
C MET A 352 11.00 9.25 11.52
N ASP A 353 11.30 10.39 12.12
CA ASP A 353 10.80 10.76 13.46
C ASP A 353 9.80 11.88 13.27
N LEU A 354 8.58 11.54 12.87
CA LEU A 354 7.56 12.52 12.42
C LEU A 354 7.38 13.62 13.46
N ASP A 355 7.71 13.39 14.73
CA ASP A 355 7.37 14.33 15.83
C ASP A 355 8.60 15.15 16.29
N ASN A 356 9.79 14.95 15.72
CA ASN A 356 11.00 15.73 16.08
C ASN A 356 10.67 17.23 16.01
N GLY A 357 10.00 17.68 14.95
CA GLY A 357 9.67 19.10 14.76
C GLY A 357 8.94 19.67 15.96
N GLU A 358 7.79 19.10 16.32
CA GLU A 358 6.95 19.52 17.48
C GLU A 358 7.77 19.44 18.76
N ARG A 359 8.58 18.42 18.95
CA ARG A 359 9.43 18.27 20.14
C ARG A 359 10.33 19.48 20.30
N LYS A 360 11.02 19.87 19.23
CA LYS A 360 11.98 21.00 19.24
C LYS A 360 11.23 22.29 19.49
N PHE A 361 10.01 22.40 18.96
CA PHE A 361 9.14 23.59 19.11
C PHE A 361 8.77 23.76 20.59
N LEU A 362 8.30 22.71 21.24
CA LEU A 362 7.88 22.76 22.66
C LEU A 362 9.07 23.20 23.51
N LYS A 363 10.27 22.76 23.17
CA LYS A 363 11.51 23.07 23.92
C LYS A 363 11.80 24.56 23.76
N GLU A 364 11.61 25.10 22.56
CA GLU A 364 11.97 26.49 22.21
C GLU A 364 10.95 27.41 22.89
N LYS A 365 9.66 27.07 22.81
CA LYS A 365 8.52 27.78 23.42
C LYS A 365 8.78 27.98 24.91
N ASP A 366 9.34 26.97 25.57
CA ASP A 366 9.74 27.04 26.99
C ASP A 366 10.88 28.05 27.12
N THR A 367 11.92 27.99 26.30
CA THR A 367 13.06 28.92 26.48
C THR A 367 12.58 30.33 26.08
N VAL A 368 11.50 30.48 25.31
CA VAL A 368 10.93 31.83 25.05
C VAL A 368 10.34 32.35 26.35
N ALA A 369 9.41 31.62 26.96
CA ALA A 369 8.74 32.02 28.22
C ALA A 369 9.79 32.35 29.29
N GLU A 370 10.89 31.61 29.32
CA GLU A 370 11.99 31.75 30.31
C GLU A 370 12.62 33.14 30.10
N LEU A 371 13.03 33.47 28.87
CA LEU A 371 13.61 34.79 28.54
C LEU A 371 12.56 35.87 28.76
N GLN A 372 11.31 35.65 28.35
CA GLN A 372 10.25 36.68 28.46
C GLN A 372 10.11 37.08 29.93
N ALA A 373 10.22 36.12 30.84
CA ALA A 373 10.11 36.34 32.30
C ALA A 373 11.28 37.18 32.78
N GLN A 374 12.49 36.92 32.28
CA GLN A 374 13.70 37.68 32.69
C GLN A 374 13.54 39.13 32.25
N LEU A 375 12.99 39.33 31.07
CA LEU A 375 12.81 40.65 30.46
C LEU A 375 11.66 41.38 31.15
N ASP A 376 10.60 40.66 31.51
CA ASP A 376 9.45 41.19 32.27
C ASP A 376 9.93 41.67 33.64
N TYR A 377 10.84 40.93 34.27
CA TYR A 377 11.34 41.25 35.62
C TYR A 377 12.11 42.58 35.54
N LEU A 378 13.03 42.69 34.59
CA LEU A 378 13.81 43.93 34.38
C LEU A 378 12.85 45.10 34.15
N ASN A 379 11.75 44.91 33.43
CA ASN A 379 10.77 46.01 33.19
C ASN A 379 10.06 46.34 34.50
N ALA A 380 9.77 45.38 35.37
CA ALA A 380 9.14 45.63 36.68
C ALA A 380 10.07 46.46 37.58
N GLU A 381 11.37 46.19 37.52
CA GLU A 381 12.38 46.81 38.42
C GLU A 381 12.71 48.21 37.92
N LEU A 382 12.97 48.36 36.63
CA LEU A 382 13.47 49.63 36.07
C LEU A 382 12.32 50.48 35.54
N GLY A 383 11.24 49.88 35.08
CA GLY A 383 10.11 50.62 34.50
C GLY A 383 10.30 50.83 33.00
N GLU A 384 9.19 50.93 32.27
CA GLU A 384 9.16 51.07 30.81
C GLU A 384 9.98 52.30 30.39
N PHE A 385 9.89 53.42 31.10
CA PHE A 385 10.53 54.70 30.65
C PHE A 385 12.04 54.50 30.54
N PHE A 386 12.62 53.88 31.56
CA PHE A 386 14.08 53.67 31.72
C PHE A 386 14.56 52.67 30.69
N VAL A 387 13.84 51.55 30.56
CA VAL A 387 14.25 50.40 29.70
C VAL A 387 14.21 50.88 28.26
N ASN A 388 13.18 51.62 27.87
CA ASN A 388 13.09 52.21 26.52
C ASN A 388 14.12 53.33 26.41
N GLY A 389 14.26 54.11 27.47
CA GLY A 389 15.05 55.35 27.46
C GLY A 389 16.53 55.10 27.20
N VAL A 390 16.98 53.90 27.55
CA VAL A 390 18.43 53.59 27.70
C VAL A 390 18.95 53.05 26.35
N ALA A 391 18.11 53.14 25.32
CA ALA A 391 18.36 52.63 23.96
C ALA A 391 19.37 53.49 23.21
N THR A 392 20.13 52.84 22.34
CA THR A 392 21.27 53.43 21.61
C THR A 392 20.76 54.41 20.54
N SER A 393 21.42 55.55 20.36
CA SER A 393 21.18 56.52 19.26
C SER A 393 22.45 56.78 18.47
N PHE A 394 23.60 56.74 19.13
CA PHE A 394 24.89 57.15 18.51
C PHE A 394 25.30 56.13 17.47
N SER A 395 25.92 56.60 16.40
CA SER A 395 26.29 55.82 15.21
C SER A 395 27.22 56.70 14.37
N ARG A 396 28.47 56.30 14.19
CA ARG A 396 29.48 57.16 13.52
C ARG A 396 29.01 57.58 12.12
N LYS A 397 28.23 56.75 11.44
CA LYS A 397 27.86 57.05 10.04
C LYS A 397 26.81 58.15 10.00
N LYS A 398 26.20 58.48 11.13
CA LYS A 398 25.18 59.56 11.16
C LYS A 398 25.85 60.91 11.47
N ALA A 399 27.17 60.95 11.62
CA ALA A 399 27.89 62.18 12.02
C ALA A 399 27.96 63.13 10.82
N ARG A 400 27.09 64.14 10.79
CA ARG A 400 27.19 65.25 9.82
C ARG A 400 28.30 66.19 10.26
N THR A 401 29.10 66.65 9.31
CA THR A 401 30.30 67.48 9.60
C THR A 401 30.27 68.74 8.71
N PHE A 402 30.22 69.90 9.35
CA PHE A 402 30.11 71.24 8.74
C PHE A 402 31.44 71.99 8.92
N ASP A 403 32.08 72.39 7.82
CA ASP A 403 33.39 73.07 7.86
C ASP A 403 33.57 74.06 6.69
N SER A 404 32.62 74.19 5.77
CA SER A 404 32.79 74.97 4.52
C SER A 404 32.47 76.46 4.77
N SER A 405 33.12 77.07 5.77
CA SER A 405 32.98 78.50 6.12
C SER A 405 33.40 79.38 4.94
N TRP A 406 34.38 78.94 4.17
CA TRP A 406 34.90 79.68 2.99
C TRP A 406 33.76 79.98 2.02
N ASN A 407 32.78 79.10 1.91
CA ASN A 407 31.62 79.30 1.00
C ASN A 407 30.61 80.21 1.69
N TRP A 408 30.31 79.93 2.95
CA TRP A 408 29.21 80.57 3.71
C TRP A 408 29.47 82.07 3.90
N ALA A 409 30.74 82.47 4.03
CA ALA A 409 31.14 83.88 4.16
C ALA A 409 30.62 84.68 2.97
N LYS A 410 30.90 84.22 1.75
CA LYS A 410 30.47 84.89 0.51
C LYS A 410 28.94 84.93 0.46
N GLN A 411 28.27 83.91 0.98
CA GLN A 411 26.78 83.90 1.00
C GLN A 411 26.27 84.95 1.98
N SER A 412 26.77 84.92 3.22
CA SER A 412 26.46 85.89 4.31
C SER A 412 26.62 87.32 3.80
N LEU A 413 27.71 87.59 3.07
CA LEU A 413 28.04 88.93 2.53
C LEU A 413 26.93 89.34 1.58
N LEU A 414 26.60 88.48 0.63
CA LEU A 414 25.65 88.77 -0.47
C LEU A 414 24.23 88.90 0.10
N SER A 415 23.94 88.18 1.17
CA SER A 415 22.62 88.20 1.86
C SER A 415 22.46 89.56 2.54
N LEU A 416 23.46 89.99 3.31
CA LEU A 416 23.55 91.35 3.92
C LEU A 416 23.35 92.41 2.83
N TYR A 417 24.14 92.32 1.77
CA TYR A 417 24.17 93.30 0.67
C TYR A 417 22.75 93.54 0.16
N PHE A 418 22.03 92.48 -0.17
CA PHE A 418 20.70 92.60 -0.81
C PHE A 418 19.64 92.95 0.23
N GLU A 419 19.85 92.59 1.49
CA GLU A 419 18.90 92.96 2.56
C GLU A 419 18.97 94.46 2.76
N ILE A 420 20.15 95.05 2.60
CA ILE A 420 20.31 96.52 2.74
C ILE A 420 19.69 97.20 1.53
N ILE A 421 19.92 96.69 0.33
CA ILE A 421 19.38 97.30 -0.92
C ILE A 421 17.85 97.33 -0.84
N HIS A 422 17.23 96.27 -0.32
CA HIS A 422 15.76 96.12 -0.29
C HIS A 422 15.17 96.77 0.96
N GLY A 423 16.01 97.31 1.86
CA GLY A 423 15.54 98.03 3.06
C GLY A 423 15.05 97.07 4.15
N VAL A 424 15.29 95.78 3.99
CA VAL A 424 15.04 94.78 5.07
C VAL A 424 15.94 95.13 6.27
N LEU A 425 17.18 95.56 6.02
CA LEU A 425 18.09 96.10 7.06
C LEU A 425 18.40 97.57 6.77
N LYS A 426 18.36 98.38 7.82
CA LYS A 426 18.56 99.84 7.77
C LYS A 426 19.84 100.14 8.56
N ASN A 427 20.31 101.39 8.51
CA ASN A 427 21.60 101.77 9.12
C ASN A 427 21.49 101.84 10.64
N VAL A 428 20.32 101.60 11.24
CA VAL A 428 20.13 101.59 12.73
C VAL A 428 20.23 100.14 13.25
N ASP A 429 19.73 99.18 12.49
CA ASP A 429 19.58 97.75 12.90
C ASP A 429 20.93 97.20 13.35
N ARG A 430 20.96 96.51 14.49
CA ARG A 430 22.23 95.92 15.02
C ARG A 430 22.56 94.64 14.26
N GLU A 431 21.56 94.01 13.63
CA GLU A 431 21.79 92.78 12.84
C GLU A 431 22.92 93.10 11.86
N VAL A 432 23.04 94.34 11.35
CA VAL A 432 24.12 94.64 10.36
C VAL A 432 25.47 94.70 11.08
N VAL A 433 25.54 95.04 12.35
CA VAL A 433 26.84 95.04 13.07
C VAL A 433 27.27 93.60 13.32
N SER A 434 26.39 92.76 13.85
CA SER A 434 26.73 91.36 14.18
C SER A 434 27.03 90.59 12.89
N GLU A 435 26.28 90.81 11.80
CA GLU A 435 26.55 90.08 10.52
C GLU A 435 27.91 90.55 9.99
N ALA A 436 28.31 91.79 10.30
CA ALA A 436 29.65 92.31 9.94
C ALA A 436 30.73 91.55 10.70
N ILE A 437 30.50 91.26 11.98
CA ILE A 437 31.44 90.49 12.84
C ILE A 437 31.64 89.10 12.24
N ASN A 438 30.56 88.48 11.75
CA ASN A 438 30.60 87.08 11.27
C ASN A 438 31.35 87.03 9.94
N ILE A 439 31.19 88.04 9.10
CA ILE A 439 31.96 88.16 7.83
C ILE A 439 33.43 88.40 8.19
N MET A 440 33.71 89.33 9.09
CA MET A 440 35.09 89.64 9.55
C MET A 440 35.75 88.36 10.09
N ASN A 441 34.99 87.55 10.83
CA ASN A 441 35.46 86.30 11.46
C ASN A 441 35.82 85.25 10.39
N ARG A 442 35.56 85.53 9.12
CA ARG A 442 35.86 84.58 8.02
C ARG A 442 36.69 85.29 6.97
N SER A 443 37.35 86.38 7.32
CA SER A 443 38.18 87.16 6.37
C SER A 443 39.32 86.28 5.86
N ASN A 444 39.38 86.10 4.54
CA ASN A 444 40.56 85.54 3.80
C ASN A 444 40.68 86.32 2.47
N ASP A 445 41.70 86.02 1.66
CA ASP A 445 42.03 86.82 0.45
C ASP A 445 40.87 86.76 -0.56
N ALA A 446 40.22 85.61 -0.70
CA ALA A 446 39.12 85.40 -1.67
C ALA A 446 37.91 86.26 -1.29
N LEU A 447 37.58 86.32 0.01
CA LEU A 447 36.43 87.07 0.57
C LEU A 447 36.64 88.55 0.28
N ILE A 448 37.85 89.02 0.44
CA ILE A 448 38.15 90.46 0.22
C ILE A 448 37.98 90.75 -1.28
N LYS A 449 38.52 89.89 -2.14
CA LYS A 449 38.40 90.03 -3.63
C LYS A 449 36.92 90.06 -4.00
N PHE A 450 36.11 89.24 -3.34
CA PHE A 450 34.65 89.10 -3.56
C PHE A 450 33.95 90.40 -3.18
N MET A 451 34.26 90.98 -2.01
CA MET A 451 33.64 92.23 -1.52
C MET A 451 34.12 93.37 -2.41
N GLU A 452 35.43 93.43 -2.64
CA GLU A 452 36.02 94.45 -3.53
C GLU A 452 35.21 94.45 -4.84
N TYR A 453 34.97 93.32 -5.47
CA TYR A 453 34.25 93.30 -6.78
C TYR A 453 32.87 93.88 -6.58
N HIS A 454 32.10 93.29 -5.66
CA HIS A 454 30.65 93.57 -5.50
C HIS A 454 30.44 95.02 -5.00
N ILE A 455 31.23 95.49 -4.04
CA ILE A 455 31.10 96.85 -3.45
C ILE A 455 31.57 97.89 -4.48
N SER A 456 32.70 97.68 -5.11
CA SER A 456 33.22 98.66 -6.08
C SER A 456 32.25 98.72 -7.27
N ASN A 457 31.58 97.63 -7.61
CA ASN A 457 30.74 97.60 -8.85
C ASN A 457 29.28 97.88 -8.49
N THR A 458 29.00 98.38 -7.27
CA THR A 458 27.65 98.89 -6.93
C THR A 458 27.64 100.38 -7.21
N ASP A 459 26.54 100.82 -7.80
CA ASP A 459 26.35 102.16 -8.40
C ASP A 459 25.47 102.93 -7.44
N GLU A 460 26.09 103.75 -6.61
CA GLU A 460 25.42 104.58 -5.58
C GLU A 460 24.30 105.42 -6.21
N THR A 461 24.35 105.74 -7.52
CA THR A 461 23.37 106.66 -8.16
C THR A 461 22.00 105.99 -8.25
N LYS A 462 21.91 104.68 -8.02
CA LYS A 462 20.64 103.93 -8.16
C LYS A 462 19.70 104.24 -6.99
N GLY A 463 20.17 104.83 -5.89
CA GLY A 463 19.30 105.26 -4.78
C GLY A 463 19.99 105.16 -3.42
N GLU A 464 19.35 105.67 -2.38
CA GLU A 464 19.98 105.87 -1.05
C GLU A 464 20.46 104.54 -0.49
N ASN A 465 19.72 103.46 -0.74
CA ASN A 465 20.07 102.12 -0.20
C ASN A 465 21.35 101.59 -0.88
N TYR A 466 21.54 101.87 -2.17
CA TYR A 466 22.76 101.51 -2.91
C TYR A 466 23.95 102.28 -2.34
N GLN A 467 23.79 103.58 -2.10
CA GLN A 467 24.83 104.43 -1.45
C GLN A 467 25.16 103.85 -0.07
N LEU A 468 24.14 103.50 0.71
CA LEU A 468 24.33 102.97 2.09
C LEU A 468 25.16 101.68 2.01
N VAL A 469 24.81 100.77 1.12
CA VAL A 469 25.50 99.45 1.06
C VAL A 469 26.94 99.69 0.59
N LYS A 470 27.12 100.65 -0.32
CA LYS A 470 28.45 100.96 -0.87
C LYS A 470 29.34 101.46 0.27
N THR A 471 28.82 102.30 1.16
CA THR A 471 29.60 102.87 2.29
C THR A 471 29.87 101.76 3.29
N LEU A 472 28.83 101.07 3.77
CA LEU A 472 28.95 99.92 4.71
C LEU A 472 29.99 98.96 4.11
N GLY A 473 29.89 98.67 2.82
CA GLY A 473 30.77 97.73 2.12
C GLY A 473 32.23 98.13 2.20
N GLU A 474 32.52 99.39 1.86
CA GLU A 474 33.89 99.95 1.83
C GLU A 474 34.48 99.82 3.23
N GLN A 475 33.67 100.08 4.27
CA GLN A 475 34.13 100.05 5.68
C GLN A 475 34.41 98.60 6.06
N LEU A 476 33.57 97.69 5.58
CA LEU A 476 33.66 96.26 5.90
C LEU A 476 34.90 95.69 5.23
N ILE A 477 35.26 96.17 4.03
CA ILE A 477 36.47 95.70 3.31
C ILE A 477 37.70 96.11 4.14
N GLU A 478 37.71 97.36 4.60
CA GLU A 478 38.80 97.93 5.41
C GLU A 478 38.95 97.07 6.66
N ASN A 479 37.83 96.79 7.34
CA ASN A 479 37.83 95.94 8.57
C ASN A 479 38.47 94.60 8.21
N CYS A 480 37.94 93.92 7.20
CA CYS A 480 38.38 92.54 6.83
C CYS A 480 39.86 92.51 6.53
N LYS A 481 40.41 93.58 5.95
CA LYS A 481 41.86 93.67 5.68
C LYS A 481 42.60 93.68 7.01
N GLN A 482 42.20 94.48 7.99
CA GLN A 482 42.89 94.57 9.30
C GLN A 482 42.84 93.22 10.03
N VAL A 483 41.72 92.51 9.93
CA VAL A 483 41.44 91.31 10.76
C VAL A 483 41.82 90.04 9.99
N LEU A 484 42.15 90.15 8.70
CA LEU A 484 42.90 89.09 7.97
C LEU A 484 44.07 88.73 8.88
N ASP A 485 44.33 87.44 9.12
CA ASP A 485 45.48 87.02 9.97
C ASP A 485 45.28 87.41 11.46
N VAL A 486 44.04 87.62 11.91
CA VAL A 486 43.70 87.76 13.36
C VAL A 486 42.72 86.67 13.74
N ASP A 487 42.93 86.06 14.90
CA ASP A 487 42.03 85.02 15.44
C ASP A 487 40.60 85.56 15.37
N PRO A 488 39.61 84.74 15.00
CA PRO A 488 38.22 85.16 14.99
C PRO A 488 37.75 85.24 16.44
N VAL A 489 36.55 85.78 16.65
CA VAL A 489 36.18 86.30 17.99
C VAL A 489 34.66 86.18 18.22
N TYR A 490 34.28 85.73 19.41
CA TYR A 490 32.89 85.71 19.93
C TYR A 490 32.61 87.13 20.45
N LYS A 491 31.64 87.83 19.86
CA LYS A 491 31.22 89.18 20.32
C LYS A 491 29.72 89.32 20.12
N ASP A 492 28.95 89.28 21.21
CA ASP A 492 27.47 89.46 21.20
C ASP A 492 27.15 90.94 21.32
N VAL A 493 26.55 91.49 20.29
CA VAL A 493 26.41 92.95 20.10
C VAL A 493 24.93 93.32 20.21
N ALA A 494 24.10 92.34 20.55
CA ALA A 494 22.63 92.41 20.61
C ALA A 494 22.20 93.31 21.76
N LYS A 495 20.96 93.78 21.67
CA LYS A 495 20.31 94.64 22.70
C LYS A 495 19.95 93.76 23.88
N PRO A 496 20.55 93.96 25.07
CA PRO A 496 20.16 93.17 26.23
C PRO A 496 18.77 93.64 26.70
N THR A 497 17.98 92.68 27.18
CA THR A 497 16.55 92.85 27.54
C THR A 497 16.27 92.30 28.94
N GLY A 498 15.14 92.74 29.48
CA GLY A 498 14.59 92.35 30.79
C GLY A 498 13.13 91.94 30.65
N PRO A 499 12.57 91.28 31.69
CA PRO A 499 11.18 90.82 31.64
C PRO A 499 10.19 91.96 31.90
N LYS A 500 9.08 91.90 31.17
CA LYS A 500 7.89 92.78 31.34
C LYS A 500 6.64 91.89 31.25
N THR A 501 5.87 91.86 32.34
CA THR A 501 4.58 91.15 32.45
C THR A 501 3.47 92.19 32.60
N ALA A 502 2.41 92.10 31.82
CA ALA A 502 1.30 93.09 31.79
C ALA A 502 -0.04 92.36 31.70
N ILE A 503 -1.06 92.91 32.35
CA ILE A 503 -2.43 92.34 32.43
C ILE A 503 -3.41 93.44 32.03
N ASP A 504 -4.13 93.27 30.92
CA ASP A 504 -5.06 94.28 30.35
C ASP A 504 -6.28 94.44 31.27
N LYS A 505 -7.30 95.17 30.82
CA LYS A 505 -8.54 95.46 31.59
C LYS A 505 -9.37 94.16 31.72
N ASN A 506 -9.27 93.26 30.73
CA ASN A 506 -10.07 92.00 30.62
C ASN A 506 -9.26 90.81 31.12
N GLY A 507 -8.22 91.06 31.93
CA GLY A 507 -7.41 90.03 32.60
C GLY A 507 -6.60 89.15 31.63
N ASN A 508 -6.28 89.63 30.43
CA ASN A 508 -5.34 88.91 29.54
C ASN A 508 -3.91 89.18 30.01
N ILE A 509 -3.09 88.13 30.08
CA ILE A 509 -1.69 88.17 30.61
C ILE A 509 -0.75 88.22 29.40
N THR A 510 0.02 89.30 29.27
CA THR A 510 1.07 89.50 28.22
C THR A 510 2.46 89.35 28.87
N TYR A 511 3.40 88.71 28.16
CA TYR A 511 4.85 88.74 28.53
C TYR A 511 5.68 89.14 27.32
N SER A 512 6.30 90.31 27.39
CA SER A 512 7.32 90.78 26.41
C SER A 512 8.71 90.79 27.07
N GLU A 513 9.74 90.69 26.23
CA GLU A 513 11.16 90.99 26.53
C GLU A 513 11.41 92.44 26.08
N GLU A 514 11.74 93.35 27.00
CA GLU A 514 11.87 94.80 26.71
C GLU A 514 13.31 95.25 26.91
N PRO A 515 13.77 96.28 26.16
CA PRO A 515 15.10 96.86 26.38
C PRO A 515 15.24 97.34 27.83
N ARG A 516 16.34 96.98 28.50
CA ARG A 516 16.61 97.39 29.91
C ARG A 516 16.93 98.88 29.96
N GLU A 517 16.45 99.57 30.99
CA GLU A 517 16.82 100.98 31.22
C GLU A 517 18.25 100.86 31.72
N LYS A 518 19.16 101.60 31.09
CA LYS A 518 20.57 101.81 31.56
C LYS A 518 21.49 100.75 30.95
N VAL A 519 20.97 99.68 30.33
CA VAL A 519 21.84 98.56 29.88
C VAL A 519 21.54 98.29 28.41
N ARG A 520 22.37 98.87 27.52
CA ARG A 520 22.16 98.91 26.06
C ARG A 520 23.13 97.96 25.35
N LYS A 521 24.15 97.44 26.03
CA LYS A 521 25.18 96.56 25.44
C LYS A 521 25.89 95.79 26.56
N LEU A 522 26.67 94.77 26.23
CA LEU A 522 27.20 93.83 27.23
C LEU A 522 28.27 94.52 28.08
N SER A 523 29.04 95.47 27.53
CA SER A 523 29.98 96.26 28.36
C SER A 523 29.23 96.78 29.59
N GLN A 524 28.03 97.33 29.39
CA GLN A 524 27.20 97.91 30.46
C GLN A 524 26.61 96.80 31.32
N TYR A 525 26.25 95.66 30.73
CA TYR A 525 25.77 94.47 31.49
C TYR A 525 26.83 94.08 32.53
N VAL A 526 28.10 93.98 32.14
CA VAL A 526 29.18 93.57 33.08
C VAL A 526 29.23 94.58 34.23
N GLN A 527 29.15 95.88 33.94
CA GLN A 527 29.12 96.95 34.96
C GLN A 527 28.00 96.69 35.95
N GLU A 528 26.79 96.45 35.44
CA GLU A 528 25.56 96.20 36.24
C GLU A 528 25.83 95.06 37.23
N MET A 529 26.46 93.98 36.73
CA MET A 529 26.73 92.74 37.49
C MET A 529 27.76 93.03 38.58
N ALA A 530 28.78 93.83 38.29
CA ALA A 530 29.84 94.16 39.25
C ALA A 530 29.28 94.97 40.43
N LEU A 531 28.30 95.84 40.19
CA LEU A 531 27.77 96.77 41.23
C LEU A 531 26.81 96.01 42.15
N GLY A 532 26.24 94.92 41.65
CA GLY A 532 25.27 94.13 42.42
C GLY A 532 24.04 94.98 42.71
N GLY A 533 23.52 94.89 43.94
CA GLY A 533 22.23 95.47 44.34
C GLY A 533 22.19 95.75 45.84
N PRO A 534 21.10 96.36 46.37
CA PRO A 534 21.02 96.69 47.78
C PRO A 534 20.95 95.40 48.62
N ILE A 535 20.44 94.30 48.04
CA ILE A 535 20.19 93.02 48.76
C ILE A 535 21.48 92.17 48.85
N THR A 536 22.55 92.53 48.13
CA THR A 536 23.76 91.68 48.01
C THR A 536 24.93 92.25 48.83
N LYS A 537 24.67 92.84 50.00
CA LYS A 537 25.72 93.31 50.93
C LYS A 537 26.24 92.12 51.76
N GLU A 538 27.39 92.30 52.43
CA GLU A 538 27.93 91.41 53.49
C GLU A 538 28.62 92.31 54.54
N SER A 539 28.10 92.30 55.77
CA SER A 539 28.37 93.26 56.87
C SER A 539 29.88 93.59 56.97
N MET A 599 34.00 105.16 33.08
CA MET A 599 33.17 105.96 32.15
C MET A 599 32.53 105.04 31.10
N ASP A 600 31.41 105.52 30.52
CA ASP A 600 30.57 104.88 29.49
C ASP A 600 31.11 105.22 28.09
N VAL A 601 31.76 104.25 27.43
CA VAL A 601 32.28 104.35 26.03
C VAL A 601 31.09 104.75 25.13
N GLU A 602 31.26 105.78 24.30
CA GLU A 602 30.25 106.23 23.29
C GLU A 602 30.20 105.20 22.18
N ASP A 603 29.02 104.97 21.60
CA ASP A 603 28.77 103.96 20.55
C ASP A 603 27.64 104.45 19.64
N ALA A 604 27.61 103.94 18.41
CA ALA A 604 26.61 104.28 17.38
C ALA A 604 25.52 103.20 17.28
N LEU A 605 25.54 102.20 18.18
CA LEU A 605 24.51 101.11 18.21
C LEU A 605 23.12 101.75 18.34
N ASP A 606 22.23 101.47 17.37
CA ASP A 606 20.82 101.94 17.28
C ASP A 606 20.73 103.34 16.62
N LYS A 607 21.85 103.95 16.21
CA LYS A 607 21.87 105.27 15.50
C LYS A 607 22.51 105.12 14.11
N ASP A 608 23.76 104.69 14.03
CA ASP A 608 24.58 104.57 12.78
C ASP A 608 25.39 103.27 12.85
N SER A 609 24.88 102.19 12.26
CA SER A 609 25.46 100.84 12.33
C SER A 609 26.76 100.79 11.50
N THR A 610 26.82 101.52 10.38
CA THR A 610 28.04 101.65 9.53
C THR A 610 29.19 102.24 10.37
N LYS A 611 28.89 103.24 11.21
CA LYS A 611 29.92 103.92 12.06
C LYS A 611 30.40 102.94 13.13
N GLU A 612 29.48 102.17 13.71
CA GLU A 612 29.79 101.18 14.77
C GLU A 612 30.64 100.05 14.17
N VAL A 613 30.37 99.68 12.90
CA VAL A 613 31.13 98.64 12.13
C VAL A 613 32.60 99.08 12.01
N ALA A 614 32.85 100.39 11.82
CA ALA A 614 34.19 100.97 11.60
C ALA A 614 35.11 100.73 12.82
N SER A 615 34.53 100.64 14.02
CA SER A 615 35.28 100.55 15.30
C SER A 615 35.41 99.08 15.78
N LEU A 616 34.85 98.12 15.06
CA LEU A 616 34.90 96.68 15.45
C LEU A 616 36.35 96.19 15.57
N PRO A 617 37.25 96.40 14.56
CA PRO A 617 38.60 95.88 14.62
C PRO A 617 39.47 96.48 15.75
N ASN A 618 39.20 97.72 16.18
CA ASN A 618 40.02 98.44 17.18
C ASN A 618 39.80 97.82 18.57
N LYS A 619 40.89 97.49 19.27
CA LYS A 619 40.84 96.75 20.57
C LYS A 619 40.94 97.78 21.68
N SER A 620 39.85 98.03 22.41
CA SER A 620 39.74 99.04 23.50
C SER A 620 40.68 98.65 24.65
N THR A 621 41.57 99.56 25.06
CA THR A 621 42.31 99.44 26.35
C THR A 621 41.52 100.21 27.41
N ILE A 622 41.18 99.50 28.48
CA ILE A 622 40.35 99.96 29.64
C ILE A 622 41.31 100.31 30.79
N SER A 623 41.46 101.60 31.12
CA SER A 623 42.24 102.09 32.29
C SER A 623 41.61 101.56 33.59
N LYS A 624 40.34 101.94 33.82
CA LYS A 624 39.52 101.49 34.98
C LYS A 624 38.78 100.21 34.60
N THR A 625 39.51 99.10 34.75
CA THR A 625 38.98 97.71 34.87
C THR A 625 37.77 97.73 35.83
N VAL A 626 36.63 97.24 35.34
CA VAL A 626 35.30 97.23 36.05
C VAL A 626 35.44 96.67 37.47
N SER A 627 36.35 95.73 37.71
CA SER A 627 36.51 95.07 39.04
C SER A 627 36.83 96.12 40.10
N SER A 628 37.59 97.15 39.72
CA SER A 628 37.96 98.30 40.60
C SER A 628 36.72 99.10 41.02
N THR A 629 35.57 98.96 40.34
CA THR A 629 34.32 99.70 40.63
C THR A 629 33.45 98.96 41.64
N ILE A 630 33.83 97.75 42.07
CA ILE A 630 32.97 96.89 42.95
C ILE A 630 32.98 97.47 44.36
N PRO A 631 31.86 98.02 44.89
CA PRO A 631 31.87 98.57 46.24
C PRO A 631 32.29 97.44 47.18
N ARG A 632 33.34 97.62 47.97
CA ARG A 632 33.73 96.66 49.03
C ARG A 632 32.54 96.57 49.97
N GLU A 633 32.25 95.34 50.43
CA GLU A 633 31.08 94.98 51.27
C GLU A 633 29.87 94.68 50.37
N THR A 634 30.01 94.86 49.07
CA THR A 634 29.03 94.34 48.06
C THR A 634 29.57 93.09 47.37
N ILE A 635 28.70 92.10 47.21
CA ILE A 635 28.91 90.86 46.44
C ILE A 635 28.30 91.06 45.05
N PRO A 636 29.09 90.96 43.97
CA PRO A 636 28.53 91.04 42.62
C PRO A 636 27.48 89.97 42.30
N PHE A 637 26.70 90.24 41.26
CA PHE A 637 25.60 89.38 40.77
C PHE A 637 26.18 88.16 40.05
N LEU A 638 27.40 88.30 39.50
CA LEU A 638 28.27 87.18 39.06
C LEU A 638 29.56 87.26 39.87
N HIS A 639 29.98 86.18 40.51
CA HIS A 639 31.29 86.13 41.20
C HIS A 639 31.85 84.71 41.13
N LEU A 640 33.12 84.56 41.50
CA LEU A 640 33.75 83.25 41.77
C LEU A 640 33.86 83.08 43.29
N ARG A 641 34.06 81.85 43.74
CA ARG A 641 34.15 81.48 45.16
C ARG A 641 35.46 80.77 45.45
N LYS A 642 35.92 80.83 46.69
CA LYS A 642 37.11 80.13 47.17
C LYS A 642 36.64 79.20 48.28
N LYS A 643 37.23 78.02 48.43
CA LYS A 643 36.81 77.08 49.51
C LYS A 643 37.56 77.48 50.77
N THR A 644 36.84 77.80 51.85
CA THR A 644 37.40 78.12 53.18
C THR A 644 37.94 76.82 53.80
N PRO A 645 38.99 76.86 54.66
CA PRO A 645 39.43 75.67 55.40
C PRO A 645 38.28 74.95 56.11
N ALA A 646 37.33 75.72 56.66
CA ALA A 646 36.04 75.24 57.22
C ALA A 646 35.30 74.37 56.19
N GLY A 647 35.44 74.66 54.89
CA GLY A 647 34.95 73.79 53.80
C GLY A 647 33.80 74.39 53.02
N ASP A 648 33.29 75.57 53.41
CA ASP A 648 32.24 76.32 52.64
C ASP A 648 32.86 77.03 51.44
N TRP A 649 32.06 77.33 50.42
CA TRP A 649 32.48 78.12 49.23
C TRP A 649 31.95 79.54 49.36
N LYS A 650 32.78 80.46 49.85
CA LYS A 650 32.40 81.88 50.07
C LYS A 650 32.92 82.73 48.90
N TYR A 651 32.26 83.86 48.62
CA TYR A 651 32.69 84.89 47.63
C TYR A 651 34.18 85.20 47.85
N ASP A 652 34.95 85.32 46.79
CA ASP A 652 36.36 85.78 46.82
C ASP A 652 36.49 87.01 45.91
N ARG A 653 36.78 88.17 46.49
CA ARG A 653 36.82 89.47 45.76
C ARG A 653 37.83 89.37 44.61
N GLN A 654 39.01 88.79 44.88
CA GLN A 654 40.13 88.78 43.93
C GLN A 654 39.80 87.95 42.68
N LEU A 655 39.47 86.66 42.86
CA LEU A 655 39.09 85.75 41.75
C LEU A 655 37.92 86.35 40.96
N SER A 656 36.94 86.93 41.66
CA SER A 656 35.71 87.50 41.05
C SER A 656 36.09 88.67 40.12
N SER A 657 37.08 89.46 40.54
CA SER A 657 37.67 90.56 39.74
C SER A 657 38.27 89.99 38.46
N LEU A 658 39.10 88.97 38.61
CA LEU A 658 39.73 88.25 37.48
C LEU A 658 38.64 87.86 36.47
N PHE A 659 37.54 87.29 36.93
CA PHE A 659 36.44 86.78 36.08
C PHE A 659 35.69 87.95 35.44
N LEU A 660 35.29 88.94 36.25
CA LEU A 660 34.47 90.09 35.79
C LEU A 660 35.28 90.95 34.80
N ASP A 661 36.60 91.01 34.96
CA ASP A 661 37.50 91.75 34.04
C ASP A 661 37.58 90.99 32.72
N GLY A 662 37.69 89.67 32.80
CA GLY A 662 37.55 88.75 31.63
C GLY A 662 36.32 89.08 30.82
N LEU A 663 35.18 89.26 31.50
CA LEU A 663 33.86 89.53 30.85
C LEU A 663 33.91 90.90 30.17
N GLU A 664 34.46 91.89 30.84
CA GLU A 664 34.50 93.28 30.30
C GLU A 664 35.33 93.28 29.03
N LYS A 665 36.54 92.72 29.11
CA LYS A 665 37.46 92.51 27.96
C LYS A 665 36.68 91.82 26.84
N ALA A 666 36.05 90.69 27.14
CA ALA A 666 35.28 89.87 26.18
C ALA A 666 34.24 90.74 25.47
N ALA A 667 33.54 91.61 26.21
CA ALA A 667 32.40 92.37 25.66
C ALA A 667 32.90 93.42 24.66
N PHE A 668 34.05 94.06 24.91
CA PHE A 668 34.60 95.14 24.06
C PHE A 668 35.37 94.55 22.87
N ASN A 669 36.26 93.58 23.11
CA ASN A 669 37.26 93.07 22.13
C ASN A 669 36.91 91.68 21.60
N GLY A 670 35.93 91.00 22.17
CA GLY A 670 35.63 89.60 21.83
C GLY A 670 36.64 88.67 22.46
N VAL A 671 36.28 87.37 22.58
CA VAL A 671 37.14 86.24 23.00
C VAL A 671 37.32 85.33 21.79
N THR A 672 38.53 84.82 21.55
CA THR A 672 38.75 83.75 20.55
C THR A 672 38.72 82.39 21.23
N PHE A 673 38.23 81.39 20.52
CA PHE A 673 38.22 79.97 20.94
C PHE A 673 38.92 79.14 19.87
N LYS A 674 39.74 79.77 19.01
CA LYS A 674 40.45 79.03 17.95
C LYS A 674 41.31 77.98 18.66
N ASP A 675 41.52 76.84 18.03
CA ASP A 675 42.36 75.76 18.62
C ASP A 675 41.70 75.15 19.88
N LYS A 676 40.43 75.44 20.18
CA LYS A 676 39.72 74.81 21.32
C LYS A 676 38.78 73.72 20.78
N TYR A 677 38.92 72.51 21.31
CA TYR A 677 38.14 71.33 20.88
C TYR A 677 37.10 71.03 21.97
N VAL A 678 35.81 71.13 21.64
CA VAL A 678 34.72 71.14 22.65
C VAL A 678 33.70 70.04 22.31
N LEU A 679 33.24 69.32 23.34
CA LEU A 679 32.05 68.44 23.30
C LEU A 679 30.93 69.14 24.07
N ILE A 680 29.74 69.29 23.49
CA ILE A 680 28.58 69.93 24.19
C ILE A 680 27.32 69.08 23.98
N THR A 681 26.72 68.64 25.08
CA THR A 681 25.43 67.94 25.09
C THR A 681 24.37 68.92 25.59
N GLY A 682 23.13 68.77 25.14
CA GLY A 682 22.03 69.62 25.63
C GLY A 682 21.99 70.98 24.98
N ALA A 683 22.42 71.08 23.72
CA ALA A 683 22.42 72.38 22.99
C ALA A 683 21.34 72.35 21.91
N GLY A 684 20.12 71.99 22.31
CA GLY A 684 18.99 72.01 21.38
C GLY A 684 18.55 73.42 21.11
N LYS A 685 17.85 73.63 20.01
CA LYS A 685 17.22 74.94 19.70
C LYS A 685 16.46 75.42 20.94
N GLY A 686 16.55 76.72 21.23
CA GLY A 686 15.83 77.39 22.32
C GLY A 686 16.51 77.21 23.66
N SER A 687 17.70 76.60 23.69
CA SER A 687 18.40 76.28 24.96
C SER A 687 19.50 77.31 25.23
N ILE A 688 20.00 77.32 26.47
CA ILE A 688 21.26 78.03 26.81
C ILE A 688 22.39 77.41 26.00
N GLY A 689 22.46 76.08 25.94
CA GLY A 689 23.51 75.37 25.18
C GLY A 689 23.68 75.91 23.76
N ALA A 690 22.59 76.14 23.05
CA ALA A 690 22.60 76.57 21.63
C ALA A 690 23.22 77.97 21.53
N GLU A 691 23.01 78.80 22.54
CA GLU A 691 23.59 80.17 22.59
C GLU A 691 25.09 80.03 22.87
N VAL A 692 25.48 79.14 23.76
CA VAL A 692 26.91 78.80 23.99
C VAL A 692 27.53 78.32 22.67
N LEU A 693 26.86 77.44 21.94
CA LEU A 693 27.41 76.83 20.71
C LEU A 693 27.65 77.93 19.68
N GLN A 694 26.69 78.84 19.51
CA GLN A 694 26.84 79.96 18.55
C GLN A 694 28.14 80.69 18.88
N GLY A 695 28.40 80.91 20.17
CA GLY A 695 29.59 81.65 20.62
C GLY A 695 30.85 80.89 20.29
N LEU A 696 30.91 79.61 20.64
CA LEU A 696 32.10 78.76 20.39
C LEU A 696 32.44 78.85 18.90
N LEU A 697 31.44 78.74 18.04
CA LEU A 697 31.65 78.69 16.57
C LEU A 697 32.13 80.06 16.09
N GLN A 698 31.53 81.13 16.61
CA GLN A 698 31.90 82.52 16.27
C GLN A 698 33.39 82.74 16.59
N GLY A 699 33.93 82.03 17.58
CA GLY A 699 35.32 82.19 18.04
C GLY A 699 36.24 81.16 17.41
N GLY A 700 35.74 80.35 16.49
CA GLY A 700 36.57 79.45 15.67
C GLY A 700 36.87 78.12 16.36
N ALA A 701 36.07 77.74 17.36
CA ALA A 701 36.18 76.44 18.05
C ALA A 701 35.85 75.30 17.09
N LYS A 702 36.27 74.10 17.45
CA LYS A 702 35.89 72.85 16.77
C LYS A 702 35.05 72.09 17.79
N VAL A 703 33.80 71.81 17.44
CA VAL A 703 32.74 71.45 18.40
C VAL A 703 32.01 70.19 17.92
N VAL A 704 31.78 69.25 18.83
CA VAL A 704 30.85 68.12 18.63
C VAL A 704 29.57 68.45 19.39
N VAL A 705 28.46 68.60 18.68
CA VAL A 705 27.11 68.78 19.29
C VAL A 705 26.42 67.44 19.23
N THR A 706 25.88 67.01 20.35
CA THR A 706 24.96 65.87 20.43
C THR A 706 23.53 66.38 20.26
N THR A 707 22.69 65.55 19.64
CA THR A 707 21.22 65.70 19.64
C THR A 707 20.60 64.34 19.89
N SER A 708 19.61 64.30 20.77
CA SER A 708 18.81 63.10 21.08
C SER A 708 17.60 63.04 20.16
N ARG A 709 17.45 64.03 19.29
CA ARG A 709 16.26 64.20 18.42
C ARG A 709 16.75 64.38 16.98
N PHE A 710 17.80 63.64 16.62
CA PHE A 710 18.41 63.67 15.27
C PHE A 710 17.31 63.48 14.23
N SER A 711 17.27 64.36 13.25
CA SER A 711 16.18 64.48 12.25
C SER A 711 16.61 65.49 11.19
N LYS A 712 15.90 65.59 10.08
CA LYS A 712 16.35 66.54 9.03
C LYS A 712 16.17 67.97 9.56
N GLN A 713 15.09 68.22 10.29
CA GLN A 713 14.79 69.53 10.92
C GLN A 713 16.00 69.93 11.78
N VAL A 714 16.50 69.05 12.63
CA VAL A 714 17.61 69.32 13.59
C VAL A 714 18.92 69.47 12.83
N THR A 715 19.12 68.64 11.82
CA THR A 715 20.35 68.60 11.00
C THR A 715 20.47 69.95 10.29
N ASP A 716 19.39 70.40 9.66
CA ASP A 716 19.28 71.68 8.92
C ASP A 716 19.44 72.87 9.87
N TYR A 717 18.92 72.75 11.09
CA TYR A 717 19.04 73.77 12.14
C TYR A 717 20.53 74.03 12.39
N TYR A 718 21.29 72.99 12.71
CA TYR A 718 22.74 73.12 13.04
C TYR A 718 23.49 73.56 11.78
N GLN A 719 23.06 73.14 10.57
CA GLN A 719 23.73 73.63 9.34
C GLN A 719 23.58 75.15 9.26
N SER A 720 22.38 75.68 9.50
CA SER A 720 22.10 77.14 9.40
C SER A 720 22.88 77.91 10.46
N ILE A 721 23.10 77.32 11.64
CA ILE A 721 23.95 77.93 12.70
C ILE A 721 25.37 78.04 12.17
N TYR A 722 25.91 76.98 11.59
CA TYR A 722 27.32 76.97 11.12
C TYR A 722 27.48 77.95 9.95
N ALA A 723 26.47 77.99 9.10
CA ALA A 723 26.50 78.85 7.89
C ALA A 723 26.42 80.33 8.31
N LYS A 724 25.97 80.64 9.51
CA LYS A 724 25.80 82.03 9.98
C LYS A 724 26.98 82.48 10.83
N TYR A 725 27.43 81.64 11.78
CA TYR A 725 28.37 81.96 12.89
C TYR A 725 29.73 81.26 12.74
N GLY A 726 29.77 80.18 11.96
CA GLY A 726 30.97 79.32 11.82
C GLY A 726 32.13 80.09 11.23
N ALA A 727 33.07 80.48 12.10
CA ALA A 727 34.24 81.32 11.78
C ALA A 727 35.29 80.51 11.03
N LYS A 728 36.31 81.17 10.51
CA LYS A 728 37.51 80.51 9.91
C LYS A 728 38.11 79.61 10.98
N GLY A 729 38.42 78.37 10.63
CA GLY A 729 39.04 77.40 11.54
C GLY A 729 38.02 76.68 12.38
N SER A 730 36.77 77.13 12.43
CA SER A 730 35.68 76.40 13.12
C SER A 730 35.34 75.15 12.32
N THR A 731 34.89 74.10 13.01
CA THR A 731 34.10 72.99 12.41
C THR A 731 33.05 72.56 13.42
N LEU A 732 31.89 72.14 12.92
CA LEU A 732 30.74 71.68 13.72
C LEU A 732 30.48 70.24 13.33
N ILE A 733 30.40 69.34 14.29
CA ILE A 733 30.08 67.91 14.03
C ILE A 733 28.84 67.55 14.83
N VAL A 734 27.75 67.25 14.14
CA VAL A 734 26.45 66.87 14.76
C VAL A 734 26.37 65.36 14.77
N VAL A 735 26.09 64.76 15.93
CA VAL A 735 25.95 63.28 16.09
C VAL A 735 24.66 63.03 16.84
N PRO A 736 23.92 61.96 16.50
CA PRO A 736 22.83 61.50 17.34
C PRO A 736 23.48 60.92 18.59
N PHE A 737 22.87 61.06 19.76
CA PHE A 737 23.48 60.62 21.04
C PHE A 737 22.42 60.62 22.13
N ASN A 738 22.37 59.55 22.91
CA ASN A 738 21.50 59.43 24.10
C ASN A 738 22.37 59.32 25.35
N GLN A 739 22.52 60.41 26.09
CA GLN A 739 23.39 60.47 27.30
C GLN A 739 22.85 59.51 28.37
N GLY A 740 21.65 58.96 28.20
CA GLY A 740 21.08 57.92 29.08
C GLY A 740 21.74 56.55 28.89
N SER A 741 22.46 56.36 27.79
CA SER A 741 23.01 55.05 27.36
C SER A 741 24.49 55.02 27.66
N LYS A 742 24.92 54.12 28.54
CA LYS A 742 26.36 53.89 28.83
C LYS A 742 27.09 53.63 27.51
N GLN A 743 26.48 52.88 26.62
CA GLN A 743 27.11 52.46 25.35
C GLN A 743 27.33 53.68 24.47
N ASP A 744 26.34 54.58 24.41
CA ASP A 744 26.46 55.81 23.57
C ASP A 744 27.59 56.66 24.13
N VAL A 745 27.67 56.79 25.44
CA VAL A 745 28.72 57.59 26.11
C VAL A 745 30.07 57.05 25.66
N GLU A 746 30.30 55.75 25.86
CA GLU A 746 31.59 55.12 25.53
C GLU A 746 31.87 55.26 24.03
N ALA A 747 30.86 55.08 23.19
CA ALA A 747 31.01 55.06 21.73
C ALA A 747 31.35 56.44 21.21
N LEU A 748 30.71 57.47 21.76
CA LEU A 748 30.91 58.88 21.38
C LEU A 748 32.37 59.25 21.68
N ILE A 749 32.86 58.96 22.88
CA ILE A 749 34.24 59.37 23.26
C ILE A 749 35.23 58.57 22.41
N GLU A 750 34.93 57.29 22.13
CA GLU A 750 35.79 56.41 21.28
C GLU A 750 35.88 57.05 19.90
N PHE A 751 34.76 57.56 19.38
CA PHE A 751 34.66 58.19 18.05
C PHE A 751 35.50 59.46 18.01
N ILE A 752 35.39 60.28 19.04
CA ILE A 752 36.10 61.58 19.09
C ILE A 752 37.61 61.29 19.06
N TYR A 753 38.06 60.26 19.80
CA TYR A 753 39.51 60.02 20.05
C TYR A 753 40.13 59.13 18.95
N ASP A 754 39.34 58.28 18.32
CA ASP A 754 39.85 57.34 17.28
C ASP A 754 40.47 58.12 16.13
N THR A 755 41.44 57.55 15.43
CA THR A 755 42.11 58.16 14.25
C THR A 755 41.09 58.30 13.11
N GLU A 756 41.38 59.16 12.14
CA GLU A 756 40.54 59.32 10.92
C GLU A 756 40.61 58.02 10.13
N LYS A 757 41.77 57.38 10.18
CA LYS A 757 42.00 56.09 9.48
C LYS A 757 41.05 55.04 10.05
N ASN A 758 40.72 55.10 11.35
CA ASN A 758 39.73 54.18 11.99
C ASN A 758 38.32 54.79 12.02
N GLY A 759 38.04 55.85 11.24
CA GLY A 759 36.70 56.46 11.12
C GLY A 759 36.28 57.28 12.33
N GLY A 760 37.25 57.76 13.12
CA GLY A 760 37.07 58.75 14.20
C GLY A 760 37.46 60.15 13.75
N LEU A 761 37.41 61.11 14.67
CA LEU A 761 37.69 62.55 14.42
C LEU A 761 39.19 62.82 14.58
N GLY A 762 39.85 61.98 15.37
CA GLY A 762 41.25 62.15 15.77
C GLY A 762 41.45 63.38 16.60
N TRP A 763 40.49 63.71 17.47
CA TRP A 763 40.53 64.90 18.36
C TRP A 763 40.96 64.48 19.76
N ASP A 764 41.24 65.49 20.57
CA ASP A 764 41.56 65.44 22.01
C ASP A 764 40.86 66.64 22.64
N LEU A 765 39.93 66.43 23.56
CA LEU A 765 38.98 67.50 23.99
C LEU A 765 39.67 68.47 24.95
N ASP A 766 39.32 69.74 24.85
CA ASP A 766 39.76 70.84 25.75
C ASP A 766 38.62 71.24 26.69
N ALA A 767 37.37 71.05 26.31
CA ALA A 767 36.22 71.43 27.14
C ALA A 767 35.10 70.41 26.94
N ILE A 768 34.42 70.06 28.01
CA ILE A 768 33.19 69.23 27.97
C ILE A 768 32.09 70.07 28.61
N ILE A 769 30.97 70.26 27.92
CA ILE A 769 29.81 71.04 28.43
C ILE A 769 28.61 70.08 28.44
N PRO A 770 28.44 69.27 29.51
CA PRO A 770 27.42 68.24 29.53
C PRO A 770 26.05 68.71 30.03
N PHE A 771 25.32 69.45 29.21
CA PHE A 771 24.07 70.16 29.60
C PHE A 771 22.83 69.30 29.29
N ALA A 772 23.00 68.12 28.70
CA ALA A 772 21.89 67.18 28.41
C ALA A 772 21.09 66.95 29.68
N ALA A 773 19.77 66.96 29.57
CA ALA A 773 18.85 66.77 30.70
C ALA A 773 17.44 66.56 30.18
N ILE A 774 16.56 66.01 31.00
CA ILE A 774 15.12 65.91 30.65
C ILE A 774 14.34 66.51 31.80
N PRO A 775 13.22 67.21 31.51
CA PRO A 775 12.45 67.87 32.55
C PRO A 775 11.76 66.84 33.45
N GLU A 776 11.71 67.10 34.74
CA GLU A 776 10.87 66.31 35.67
C GLU A 776 10.02 67.33 36.40
N GLN A 777 8.70 67.29 36.25
CA GLN A 777 7.78 68.28 36.86
C GLN A 777 6.61 67.54 37.50
N GLY A 778 6.17 67.96 38.66
CA GLY A 778 5.03 67.32 39.33
C GLY A 778 5.42 65.97 39.90
N ILE A 779 6.70 65.75 40.16
CA ILE A 779 7.21 64.47 40.70
C ILE A 779 7.84 64.74 42.06
N GLU A 780 7.06 64.62 43.12
CA GLU A 780 7.55 64.73 44.50
C GLU A 780 8.19 63.43 44.93
N LEU A 781 8.71 63.38 46.16
CA LEU A 781 9.35 62.19 46.74
C LEU A 781 8.59 60.95 46.33
N GLU A 782 7.31 60.84 46.67
CA GLU A 782 6.57 59.57 46.55
C GLU A 782 6.28 59.21 45.09
N HIS A 783 6.54 60.13 44.16
CA HIS A 783 6.29 59.91 42.72
C HIS A 783 7.57 59.48 42.03
N ILE A 784 8.72 59.57 42.68
CA ILE A 784 10.03 59.29 42.03
C ILE A 784 9.97 57.87 41.52
N ASP A 785 10.10 57.67 40.21
CA ASP A 785 10.04 56.30 39.63
C ASP A 785 10.93 56.21 38.38
N SER A 786 10.46 55.59 37.29
CA SER A 786 11.31 55.22 36.14
C SER A 786 11.91 56.48 35.50
N LYS A 787 11.09 57.46 35.14
CA LYS A 787 11.54 58.70 34.45
C LYS A 787 12.64 59.34 35.26
N SER A 788 12.43 59.50 36.58
CA SER A 788 13.35 60.23 37.49
C SER A 788 14.66 59.44 37.61
N GLU A 789 14.59 58.12 37.75
CA GLU A 789 15.80 57.29 37.89
C GLU A 789 16.61 57.38 36.61
N PHE A 790 15.93 57.51 35.48
CA PHE A 790 16.56 57.62 34.15
C PHE A 790 17.16 59.01 34.02
N ALA A 791 16.38 60.03 34.37
CA ALA A 791 16.81 61.45 34.32
C ALA A 791 18.10 61.59 35.13
N HIS A 792 18.13 61.01 36.31
CA HIS A 792 19.29 61.02 37.23
C HIS A 792 20.48 60.33 36.56
N ARG A 793 20.23 59.37 35.69
CA ARG A 793 21.33 58.65 35.00
C ARG A 793 21.96 59.60 33.99
N ILE A 794 21.12 60.32 33.24
CA ILE A 794 21.58 61.29 32.22
C ILE A 794 22.40 62.36 32.91
N MET A 795 21.89 62.88 34.02
CA MET A 795 22.29 64.21 34.56
C MET A 795 23.34 64.06 35.66
N LEU A 796 23.65 62.83 36.08
CA LEU A 796 24.78 62.56 37.03
C LEU A 796 25.59 61.34 36.61
N THR A 797 25.04 60.13 36.72
CA THR A 797 25.84 58.88 36.62
C THR A 797 26.58 58.87 35.27
N ASN A 798 25.91 59.19 34.17
CA ASN A 798 26.56 59.12 32.84
C ASN A 798 27.40 60.36 32.56
N ILE A 799 27.34 61.42 33.36
CA ILE A 799 28.31 62.54 33.24
C ILE A 799 29.62 62.06 33.87
N LEU A 800 29.54 61.40 35.03
CA LEU A 800 30.74 60.81 35.66
C LEU A 800 31.37 59.85 34.65
N ARG A 801 30.55 59.01 34.01
CA ARG A 801 31.02 58.01 33.03
C ARG A 801 31.71 58.72 31.88
N MET A 802 31.07 59.75 31.32
CA MET A 802 31.61 60.54 30.19
C MET A 802 32.97 61.10 30.58
N MET A 803 33.08 61.73 31.75
CA MET A 803 34.36 62.31 32.23
C MET A 803 35.41 61.18 32.30
N GLY A 804 35.04 60.09 32.94
CA GLY A 804 35.88 58.88 33.07
C GLY A 804 36.40 58.41 31.73
N CYS A 805 35.55 58.32 30.71
CA CYS A 805 35.98 57.92 29.35
C CYS A 805 37.06 58.87 28.82
N VAL A 806 36.86 60.18 28.87
CA VAL A 806 37.89 61.07 28.25
C VAL A 806 39.13 61.01 29.14
N LYS A 807 38.99 60.77 30.44
CA LYS A 807 40.16 60.52 31.31
C LYS A 807 40.95 59.33 30.75
N LYS A 808 40.25 58.21 30.53
CA LYS A 808 40.86 56.92 30.11
C LYS A 808 41.55 57.12 28.75
N GLN A 809 40.92 57.85 27.84
CA GLN A 809 41.45 58.04 26.47
C GLN A 809 42.71 58.88 26.53
N LYS A 810 42.73 59.92 27.35
CA LYS A 810 43.93 60.78 27.47
C LYS A 810 45.06 59.95 28.08
N SER A 811 44.81 59.24 29.18
CA SER A 811 45.84 58.49 29.92
C SER A 811 46.44 57.40 29.04
N ALA A 812 45.58 56.66 28.34
CA ALA A 812 45.94 55.66 27.32
C ALA A 812 47.00 56.22 26.37
N ARG A 813 46.96 57.51 26.03
CA ARG A 813 47.91 58.15 25.08
C ARG A 813 48.93 59.01 25.81
N GLY A 814 49.06 58.84 27.13
CA GLY A 814 50.00 59.59 27.97
C GLY A 814 49.84 61.11 27.82
N ILE A 815 48.60 61.59 27.79
CA ILE A 815 48.28 63.04 27.67
C ILE A 815 48.10 63.62 29.09
N GLU A 816 49.22 64.09 29.66
CA GLU A 816 49.28 64.61 31.06
C GLU A 816 49.17 66.14 31.08
N THR A 817 49.23 66.83 29.94
CA THR A 817 49.35 68.32 29.89
C THR A 817 48.34 68.94 28.93
N ARG A 818 47.17 68.36 28.76
CA ARG A 818 46.07 69.00 27.99
C ARG A 818 44.77 68.63 28.66
N PRO A 819 44.50 69.20 29.85
CA PRO A 819 43.28 68.88 30.58
C PRO A 819 42.08 69.38 29.80
N ALA A 820 40.97 68.65 29.88
CA ALA A 820 39.65 69.07 29.37
C ALA A 820 38.89 69.73 30.52
N GLN A 821 38.46 70.96 30.31
CA GLN A 821 37.70 71.77 31.29
C GLN A 821 36.25 71.32 31.24
N VAL A 822 35.71 70.83 32.35
CA VAL A 822 34.30 70.37 32.40
C VAL A 822 33.47 71.49 33.02
N ILE A 823 32.60 72.13 32.23
CA ILE A 823 31.65 73.17 32.71
C ILE A 823 30.45 72.43 33.31
N LEU A 824 30.48 72.11 34.59
CA LEU A 824 29.36 71.44 35.30
C LEU A 824 28.18 72.40 35.45
N PRO A 825 26.98 72.03 34.98
CA PRO A 825 25.80 72.86 35.20
C PRO A 825 25.18 72.58 36.57
N MET A 826 25.43 73.44 37.55
CA MET A 826 25.00 73.25 38.95
C MET A 826 23.81 74.15 39.28
N SER A 827 23.16 73.90 40.40
CA SER A 827 21.93 74.61 40.81
C SER A 827 22.18 75.23 42.18
N PRO A 828 21.68 76.46 42.43
CA PRO A 828 21.78 77.09 43.73
C PRO A 828 20.67 76.61 44.67
N ASN A 829 19.63 75.99 44.10
CA ASN A 829 18.41 75.60 44.84
C ASN A 829 18.32 74.09 44.78
N HIS A 830 18.45 73.39 45.90
CA HIS A 830 18.41 71.91 46.00
C HIS A 830 17.17 71.48 46.79
N GLY A 831 16.10 71.15 46.07
CA GLY A 831 14.79 70.78 46.63
C GLY A 831 14.18 71.94 47.39
N THR A 832 14.47 73.16 46.92
CA THR A 832 13.84 74.42 47.37
C THR A 832 12.39 74.49 46.90
N PHE A 833 12.13 74.11 45.65
CA PHE A 833 10.81 74.26 44.98
C PHE A 833 9.98 72.98 45.09
N GLY A 834 10.64 71.81 45.08
CA GLY A 834 9.96 70.51 45.17
C GLY A 834 9.31 70.13 43.85
N GLY A 835 8.98 68.84 43.70
CA GLY A 835 8.28 68.30 42.54
C GLY A 835 9.19 68.19 41.33
N ASP A 836 10.50 68.29 41.53
CA ASP A 836 11.51 68.23 40.44
C ASP A 836 12.08 66.79 40.33
N GLY A 837 11.37 65.77 40.83
CA GLY A 837 11.84 64.38 40.75
C GLY A 837 13.20 64.24 41.41
N MET A 838 14.22 63.84 40.68
CA MET A 838 15.59 63.71 41.24
C MET A 838 16.53 64.75 40.62
N TYR A 839 16.00 65.88 40.14
CA TYR A 839 16.80 67.02 39.62
C TYR A 839 17.81 67.45 40.66
N SER A 840 17.31 67.75 41.86
CA SER A 840 18.12 68.37 42.94
C SER A 840 19.23 67.41 43.37
N GLU A 841 18.93 66.10 43.40
CA GLU A 841 19.90 65.06 43.81
C GLU A 841 20.98 64.96 42.72
N SER A 842 20.57 65.04 41.46
CA SER A 842 21.50 65.05 40.30
C SER A 842 22.46 66.23 40.47
N LYS A 843 21.91 67.43 40.64
CA LYS A 843 22.71 68.69 40.58
C LYS A 843 23.58 68.83 41.82
N LEU A 844 23.15 68.29 42.95
CA LEU A 844 23.93 68.41 44.20
C LEU A 844 25.08 67.42 44.13
N SER A 845 24.82 66.20 43.67
CA SER A 845 25.84 65.13 43.53
C SER A 845 27.05 65.65 42.75
N LEU A 846 26.85 66.52 41.77
CA LEU A 846 27.93 66.99 40.88
C LEU A 846 28.99 67.70 41.73
N GLU A 847 28.60 68.17 42.92
CA GLU A 847 29.47 69.00 43.78
C GLU A 847 30.57 68.16 44.41
N THR A 848 30.49 66.83 44.37
CA THR A 848 31.60 65.94 44.82
C THR A 848 32.83 66.17 43.95
N LEU A 849 32.64 66.51 42.68
CA LEU A 849 33.76 66.59 41.72
C LEU A 849 34.75 67.69 42.15
N PHE A 850 34.29 68.69 42.90
CA PHE A 850 35.18 69.74 43.47
C PHE A 850 36.24 69.09 44.35
N ASN A 851 35.94 67.96 44.99
CA ASN A 851 36.89 67.29 45.92
C ASN A 851 37.58 66.12 45.23
N ARG A 852 36.88 65.40 44.35
CA ARG A 852 37.44 64.22 43.67
C ARG A 852 38.60 64.64 42.78
N TRP A 853 38.60 65.87 42.29
CA TRP A 853 39.73 66.39 41.49
C TRP A 853 41.03 66.25 42.28
N HIS A 854 41.00 66.54 43.58
CA HIS A 854 42.18 66.46 44.47
C HIS A 854 42.50 65.01 44.84
N SER A 855 41.49 64.20 45.12
CA SER A 855 41.62 62.92 45.84
C SER A 855 41.90 61.75 44.91
N GLU A 856 41.80 61.92 43.60
CA GLU A 856 41.87 60.79 42.64
C GLU A 856 42.90 61.17 41.59
N SER A 857 43.21 60.27 40.68
CA SER A 857 44.34 60.44 39.74
C SER A 857 43.88 61.01 38.39
N TRP A 858 42.89 61.90 38.32
CA TRP A 858 42.44 62.44 37.02
C TRP A 858 42.65 63.95 36.89
N ALA A 859 43.39 64.60 37.79
CA ALA A 859 43.51 66.08 37.81
C ALA A 859 44.21 66.60 36.57
N ASN A 860 45.08 65.83 35.92
CA ASN A 860 45.86 66.30 34.74
C ASN A 860 45.06 66.13 33.44
N GLN A 861 43.92 65.45 33.53
CA GLN A 861 43.13 65.01 32.36
C GLN A 861 41.87 65.87 32.27
N LEU A 862 41.22 66.10 33.41
CA LEU A 862 40.00 66.93 33.54
C LEU A 862 40.25 68.03 34.57
N THR A 863 39.75 69.25 34.33
CA THR A 863 39.60 70.28 35.38
C THR A 863 38.11 70.51 35.59
N VAL A 864 37.70 70.88 36.81
CA VAL A 864 36.25 71.07 37.11
C VAL A 864 35.98 72.56 37.30
N CYS A 865 34.96 73.04 36.59
CA CYS A 865 34.49 74.44 36.57
C CYS A 865 32.98 74.43 36.76
N GLY A 866 32.52 74.51 38.01
CA GLY A 866 31.09 74.52 38.34
C GLY A 866 30.47 75.87 38.02
N ALA A 867 29.46 75.89 37.16
CA ALA A 867 28.64 77.10 36.90
C ALA A 867 27.33 76.97 37.68
N ILE A 868 27.13 77.80 38.70
CA ILE A 868 25.83 77.85 39.43
C ILE A 868 24.90 78.74 38.60
N ILE A 869 24.09 78.12 37.75
CA ILE A 869 23.30 78.84 36.70
C ILE A 869 22.04 79.41 37.32
N GLY A 870 21.78 80.70 37.08
CA GLY A 870 20.71 81.43 37.77
C GLY A 870 19.40 81.35 37.02
N TRP A 871 18.45 82.21 37.37
CA TRP A 871 17.10 82.24 36.78
C TRP A 871 17.19 82.72 35.33
N THR A 872 16.79 81.90 34.36
CA THR A 872 17.11 82.13 32.94
C THR A 872 15.84 82.05 32.08
N ARG A 873 15.09 83.14 31.99
CA ARG A 873 13.93 83.36 31.06
C ARG A 873 14.15 82.61 29.74
N GLY A 874 13.23 81.73 29.33
CA GLY A 874 13.45 80.76 28.23
C GLY A 874 13.66 81.43 26.87
N THR A 875 12.83 81.08 25.88
CA THR A 875 12.84 81.66 24.50
C THR A 875 12.18 83.06 24.50
N GLY A 876 12.05 83.73 25.65
CA GLY A 876 11.48 85.09 25.78
C GLY A 876 10.00 85.19 25.42
N LEU A 877 9.26 84.05 25.45
CA LEU A 877 7.78 83.95 25.25
C LEU A 877 7.10 83.88 26.63
N MET A 878 5.78 83.73 26.68
CA MET A 878 5.02 83.63 27.97
C MET A 878 5.18 82.23 28.57
N SER A 879 6.04 82.11 29.60
CA SER A 879 6.26 80.93 30.48
C SER A 879 5.58 81.22 31.84
N ALA A 880 5.31 80.20 32.65
CA ALA A 880 4.82 80.36 34.04
C ALA A 880 5.95 80.90 34.93
N ASN A 881 7.21 80.73 34.47
CA ASN A 881 8.42 81.28 35.14
C ASN A 881 8.72 82.70 34.66
N ASN A 882 8.57 82.98 33.37
CA ASN A 882 8.86 84.33 32.81
C ASN A 882 7.89 85.36 33.43
N ILE A 883 6.64 84.99 33.65
CA ILE A 883 5.60 86.01 34.03
C ILE A 883 5.90 86.55 35.42
N ILE A 884 6.69 85.85 36.24
CA ILE A 884 7.03 86.29 37.62
C ILE A 884 8.45 86.86 37.68
N ALA A 885 9.21 86.83 36.57
CA ALA A 885 10.61 87.31 36.51
C ALA A 885 10.64 88.80 36.87
N GLU A 886 9.84 89.62 36.19
CA GLU A 886 9.80 91.07 36.48
C GLU A 886 9.57 91.28 37.99
N GLY A 887 8.71 90.45 38.58
CA GLY A 887 8.36 90.47 40.01
C GLY A 887 9.57 90.17 40.87
N ILE A 888 10.29 89.10 40.53
CA ILE A 888 11.53 88.69 41.26
C ILE A 888 12.53 89.84 41.23
N GLU A 889 12.66 90.52 40.09
CA GLU A 889 13.68 91.60 39.91
C GLU A 889 13.34 92.81 40.79
N LYS A 890 12.06 93.06 41.07
CA LYS A 890 11.65 94.14 42.01
C LYS A 890 12.30 93.93 43.39
N MET A 891 12.83 92.75 43.70
CA MET A 891 13.52 92.48 45.00
C MET A 891 14.98 92.96 44.96
N GLY A 892 15.47 93.40 43.81
CA GLY A 892 16.86 93.88 43.66
C GLY A 892 17.79 92.75 43.26
N VAL A 893 17.28 91.89 42.38
CA VAL A 893 17.82 90.55 42.02
C VAL A 893 17.80 90.48 40.50
N ARG A 894 18.64 89.64 39.88
CA ARG A 894 18.80 89.68 38.40
C ARG A 894 18.40 88.33 37.79
N THR A 895 17.46 88.34 36.86
CA THR A 895 17.17 87.17 35.98
C THR A 895 17.93 87.40 34.67
N PHE A 896 18.13 86.35 33.87
CA PHE A 896 19.06 86.37 32.71
C PHE A 896 18.33 85.92 31.44
N SER A 897 18.62 86.58 30.32
CA SER A 897 18.31 86.08 28.96
C SER A 897 19.21 84.87 28.70
N GLN A 898 18.91 84.06 27.71
CA GLN A 898 19.79 82.90 27.43
C GLN A 898 21.13 83.42 26.88
N LYS A 899 21.10 84.49 26.09
CA LYS A 899 22.34 85.09 25.55
C LYS A 899 23.20 85.57 26.71
N GLU A 900 22.60 86.21 27.72
CA GLU A 900 23.34 86.70 28.91
C GLU A 900 23.99 85.50 29.60
N MET A 901 23.25 84.42 29.82
CA MET A 901 23.77 83.26 30.58
C MET A 901 24.84 82.54 29.75
N ALA A 902 24.73 82.58 28.42
CA ALA A 902 25.69 81.95 27.49
C ALA A 902 27.00 82.75 27.55
N PHE A 903 26.88 84.07 27.53
CA PHE A 903 28.01 84.99 27.71
C PHE A 903 28.69 84.70 29.05
N ASN A 904 27.90 84.59 30.12
CA ASN A 904 28.43 84.29 31.46
C ASN A 904 29.27 83.02 31.37
N LEU A 905 28.76 81.99 30.69
CA LEU A 905 29.38 80.64 30.68
C LEU A 905 30.61 80.67 29.78
N LEU A 906 30.50 81.27 28.60
CA LEU A 906 31.64 81.41 27.65
C LEU A 906 32.74 82.23 28.32
N GLY A 907 32.37 83.08 29.28
CA GLY A 907 33.35 83.80 30.11
C GLY A 907 34.19 82.86 30.96
N LEU A 908 33.79 81.60 31.12
CA LEU A 908 34.59 80.62 31.91
C LEU A 908 35.58 79.89 31.00
N LEU A 909 35.54 80.11 29.68
CA LEU A 909 36.50 79.51 28.72
C LEU A 909 37.56 80.54 28.31
N THR A 910 37.56 81.73 28.92
CA THR A 910 38.62 82.75 28.68
C THR A 910 39.93 82.16 29.16
N PRO A 911 41.09 82.48 28.54
CA PRO A 911 42.36 81.89 28.95
C PRO A 911 42.59 82.02 30.46
N GLU A 912 42.21 83.16 31.05
CA GLU A 912 42.47 83.46 32.49
C GLU A 912 41.82 82.39 33.38
N VAL A 913 40.55 82.06 33.16
CA VAL A 913 39.81 81.15 34.10
C VAL A 913 40.07 79.70 33.67
N VAL A 914 40.44 79.45 32.41
CA VAL A 914 40.91 78.09 31.98
C VAL A 914 42.12 77.74 32.83
N GLU A 915 43.00 78.71 33.04
CA GLU A 915 44.28 78.49 33.75
C GLU A 915 43.99 78.39 35.25
N LEU A 916 42.92 79.02 35.70
CA LEU A 916 42.56 79.07 37.13
C LEU A 916 42.04 77.70 37.54
N CYS A 917 41.30 77.05 36.64
CA CYS A 917 40.71 75.70 36.78
C CYS A 917 41.81 74.66 36.93
N GLN A 918 42.93 74.90 36.24
CA GLN A 918 44.12 74.00 36.22
C GLN A 918 44.82 74.09 37.56
N LYS A 919 44.75 75.21 38.27
CA LYS A 919 45.38 75.37 39.60
C LYS A 919 44.54 74.63 40.64
N SER A 920 43.27 74.97 40.71
CA SER A 920 42.29 74.40 41.66
C SER A 920 40.90 74.47 41.02
N PRO A 921 39.92 73.61 41.38
CA PRO A 921 38.57 73.71 40.84
C PRO A 921 37.95 75.09 41.08
N VAL A 922 37.34 75.64 40.04
CA VAL A 922 36.64 76.96 40.01
C VAL A 922 35.16 76.74 40.29
N MET A 923 34.53 77.70 40.97
CA MET A 923 33.07 77.70 41.22
C MET A 923 32.52 79.10 40.93
N ALA A 924 31.68 79.23 39.92
CA ALA A 924 31.17 80.52 39.44
C ALA A 924 29.70 80.64 39.83
N ASP A 925 29.39 81.56 40.74
CA ASP A 925 27.99 81.95 41.06
C ASP A 925 27.54 82.82 39.90
N LEU A 926 26.58 82.35 39.11
CA LEU A 926 25.97 83.08 37.96
C LEU A 926 24.47 83.21 38.23
N ASN A 927 24.16 83.46 39.49
CA ASN A 927 22.81 83.42 40.11
C ASN A 927 22.55 84.85 40.62
N GLY A 928 21.62 85.58 40.03
CA GLY A 928 21.74 87.06 40.06
C GLY A 928 21.52 87.66 41.44
N GLY A 929 22.22 87.18 42.47
CA GLY A 929 21.96 87.50 43.88
C GLY A 929 20.65 86.90 44.39
N LEU A 930 20.08 85.93 43.67
CA LEU A 930 18.81 85.25 44.03
C LEU A 930 18.97 84.55 45.40
N GLN A 931 20.20 84.18 45.75
CA GLN A 931 20.54 83.49 47.03
C GLN A 931 19.99 84.31 48.20
N PHE A 932 19.90 85.63 48.04
CA PHE A 932 19.70 86.57 49.15
C PHE A 932 18.21 86.83 49.42
N VAL A 933 17.31 86.50 48.49
CA VAL A 933 15.86 86.67 48.78
C VAL A 933 15.45 85.46 49.62
N PRO A 934 14.87 85.69 50.82
CA PRO A 934 14.57 84.60 51.75
C PRO A 934 13.23 83.95 51.40
N GLU A 935 13.00 82.74 51.92
CA GLU A 935 11.74 81.99 51.67
C GLU A 935 11.46 82.03 50.16
N LEU A 936 12.46 81.73 49.33
CA LEU A 936 12.38 81.93 47.87
C LEU A 936 11.17 81.18 47.30
N LYS A 937 10.77 80.06 47.90
CA LYS A 937 9.64 79.27 47.35
C LYS A 937 8.33 79.99 47.63
N GLU A 938 8.03 80.24 48.91
CA GLU A 938 6.78 80.93 49.35
C GLU A 938 6.65 82.21 48.52
N PHE A 939 7.75 82.92 48.26
CA PHE A 939 7.75 84.27 47.63
C PHE A 939 7.39 84.14 46.15
N THR A 940 8.15 83.29 45.45
CA THR A 940 7.88 82.84 44.05
C THR A 940 6.39 82.50 43.89
N ALA A 941 5.88 81.66 44.79
CA ALA A 941 4.50 81.10 44.75
C ALA A 941 3.48 82.21 44.95
N LYS A 942 3.78 83.17 45.82
CA LYS A 942 2.92 84.34 46.09
C LYS A 942 2.81 85.18 44.82
N LEU A 943 3.94 85.50 44.20
CA LEU A 943 3.99 86.31 42.95
C LEU A 943 3.07 85.68 41.90
N ARG A 944 3.09 84.35 41.72
CA ARG A 944 2.26 83.66 40.71
C ARG A 944 0.79 83.75 41.11
N LYS A 945 0.46 83.48 42.37
CA LYS A 945 -0.93 83.54 42.91
C LYS A 945 -1.54 84.91 42.56
N GLU A 946 -0.86 86.00 42.92
CA GLU A 946 -1.37 87.38 42.79
C GLU A 946 -1.58 87.72 41.31
N LEU A 947 -0.69 87.28 40.42
CA LEU A 947 -0.84 87.48 38.95
C LEU A 947 -2.09 86.75 38.48
N VAL A 948 -2.18 85.45 38.75
CA VAL A 948 -3.29 84.57 38.32
C VAL A 948 -4.60 85.10 38.91
N GLU A 949 -4.66 85.34 40.22
CA GLU A 949 -5.84 85.95 40.88
C GLU A 949 -6.27 87.16 40.04
N THR A 950 -5.40 88.16 39.87
CA THR A 950 -5.70 89.42 39.12
C THR A 950 -6.27 89.09 37.75
N SER A 951 -5.64 88.19 37.00
CA SER A 951 -6.11 87.71 35.67
C SER A 951 -7.52 87.10 35.79
N GLU A 952 -7.68 86.05 36.61
CA GLU A 952 -8.95 85.28 36.79
C GLU A 952 -10.12 86.23 37.09
N VAL A 953 -10.00 87.07 38.13
CA VAL A 953 -11.11 87.96 38.58
C VAL A 953 -11.43 88.93 37.42
N ARG A 954 -10.43 89.51 36.79
CA ARG A 954 -10.67 90.45 35.67
C ARG A 954 -11.40 89.72 34.53
N LYS A 955 -11.00 88.50 34.20
CA LYS A 955 -11.62 87.74 33.08
C LYS A 955 -13.07 87.44 33.44
N ALA A 956 -13.34 86.99 34.67
CA ALA A 956 -14.70 86.65 35.14
C ALA A 956 -15.58 87.91 35.15
N VAL A 957 -15.13 88.97 35.83
CA VAL A 957 -15.87 90.27 35.92
C VAL A 957 -16.11 90.82 34.50
N SER A 958 -15.14 90.68 33.61
CA SER A 958 -15.27 91.03 32.18
C SER A 958 -16.49 90.30 31.59
N ILE A 959 -16.47 88.96 31.60
CA ILE A 959 -17.50 88.08 30.98
C ILE A 959 -18.90 88.42 31.54
N GLU A 960 -18.99 88.71 32.84
CA GLU A 960 -20.28 88.95 33.54
C GLU A 960 -20.82 90.34 33.19
N THR A 961 -19.96 91.37 33.13
CA THR A 961 -20.42 92.75 32.78
C THR A 961 -20.81 92.75 31.29
N ALA A 962 -20.17 91.91 30.46
CA ALA A 962 -20.55 91.69 29.04
C ALA A 962 -21.98 91.16 28.96
N LEU A 963 -22.30 90.11 29.75
CA LEU A 963 -23.63 89.43 29.74
C LEU A 963 -24.69 90.37 30.31
N GLU A 964 -24.41 91.08 31.41
CA GLU A 964 -25.32 92.09 32.03
C GLU A 964 -25.65 93.17 30.98
N HIS A 965 -24.68 93.56 30.15
CA HIS A 965 -24.89 94.55 29.06
C HIS A 965 -25.89 93.93 28.05
N LYS A 966 -25.61 92.70 27.61
CA LYS A 966 -26.39 91.95 26.59
C LYS A 966 -27.85 91.78 27.06
N VAL A 967 -28.06 91.39 28.31
CA VAL A 967 -29.43 91.19 28.87
C VAL A 967 -30.18 92.52 28.83
N VAL A 968 -29.53 93.61 29.23
CA VAL A 968 -30.17 94.96 29.38
C VAL A 968 -30.45 95.55 28.00
N ASN A 969 -29.54 95.37 27.04
CA ASN A 969 -29.55 96.10 25.75
C ASN A 969 -30.06 95.19 24.62
N GLY A 970 -29.96 93.87 24.75
CA GLY A 970 -30.45 92.89 23.76
C GLY A 970 -29.34 92.47 22.81
N ASN A 971 -29.57 91.37 22.07
CA ASN A 971 -28.62 90.78 21.07
C ASN A 971 -28.53 91.66 19.81
N SER A 972 -29.46 92.62 19.65
CA SER A 972 -29.44 93.72 18.64
C SER A 972 -28.20 94.62 18.85
N ALA A 973 -28.07 95.19 20.06
CA ALA A 973 -27.08 96.22 20.46
C ALA A 973 -25.64 95.80 20.10
N ASP A 974 -25.34 94.49 20.19
CA ASP A 974 -23.97 93.90 20.09
C ASP A 974 -23.84 93.03 18.82
N ALA A 975 -24.85 93.03 17.93
CA ALA A 975 -24.84 92.44 16.56
C ALA A 975 -24.48 93.53 15.53
N ALA A 976 -24.90 94.78 15.78
CA ALA A 976 -24.54 96.01 15.00
C ALA A 976 -23.20 96.60 15.49
N TYR A 977 -22.25 95.73 15.85
CA TYR A 977 -21.01 95.99 16.64
C TYR A 977 -19.94 95.00 16.16
N ALA A 978 -20.20 93.70 16.36
CA ALA A 978 -19.40 92.53 15.87
C ALA A 978 -19.04 92.72 14.39
N GLN A 979 -17.75 92.97 14.11
CA GLN A 979 -17.16 93.24 12.78
C GLN A 979 -17.39 92.04 11.85
N VAL A 980 -17.24 92.24 10.55
CA VAL A 980 -17.37 91.17 9.51
C VAL A 980 -15.97 90.90 8.97
N GLU A 981 -15.46 89.69 9.20
CA GLU A 981 -14.11 89.29 8.71
C GLU A 981 -14.27 88.60 7.37
N ILE A 982 -13.30 88.82 6.50
CA ILE A 982 -13.25 88.28 5.12
C ILE A 982 -12.07 87.32 5.06
N GLN A 983 -12.35 86.07 4.71
CA GLN A 983 -11.31 85.02 4.57
C GLN A 983 -10.89 84.98 3.11
N PRO A 984 -9.61 84.76 2.81
CA PRO A 984 -9.12 84.73 1.42
C PRO A 984 -9.57 83.47 0.67
N ARG A 985 -9.94 83.66 -0.59
CA ARG A 985 -10.04 82.58 -1.60
C ARG A 985 -8.76 82.61 -2.43
N ALA A 986 -8.34 81.46 -2.94
CA ALA A 986 -7.15 81.35 -3.79
C ALA A 986 -7.48 82.03 -5.11
N ASN A 987 -6.53 82.76 -5.70
CA ASN A 987 -6.70 83.41 -7.02
C ASN A 987 -5.44 83.12 -7.82
N ILE A 988 -5.36 81.91 -8.35
CA ILE A 988 -4.14 81.37 -9.04
C ILE A 988 -3.86 82.23 -10.25
N GLN A 989 -2.60 82.61 -10.43
CA GLN A 989 -2.18 83.56 -11.51
C GLN A 989 -1.28 82.83 -12.50
N LEU A 990 -1.28 83.29 -13.75
CA LEU A 990 -0.38 82.70 -14.79
C LEU A 990 1.05 83.26 -14.65
N ASP A 991 1.24 84.38 -13.96
CA ASP A 991 2.54 85.09 -13.82
C ASP A 991 3.19 85.26 -15.20
N PHE A 992 2.51 85.93 -16.14
CA PHE A 992 3.16 86.53 -17.33
C PHE A 992 4.15 87.56 -16.81
N PRO A 993 5.25 87.84 -17.53
CA PRO A 993 6.26 88.80 -17.06
C PRO A 993 5.66 90.20 -17.02
N GLU A 994 6.13 91.03 -16.08
CA GLU A 994 5.73 92.45 -15.99
C GLU A 994 6.42 93.21 -17.11
N LEU A 995 5.66 93.96 -17.89
CA LEU A 995 6.21 94.91 -18.89
C LEU A 995 6.32 96.29 -18.25
N LYS A 996 7.54 96.80 -18.10
CA LYS A 996 7.77 98.15 -17.52
C LYS A 996 7.42 99.17 -18.59
N PRO A 997 7.21 100.46 -18.22
CA PRO A 997 7.02 101.50 -19.21
C PRO A 997 8.29 101.71 -20.05
N TYR A 998 8.12 102.08 -21.31
CA TYR A 998 9.19 102.13 -22.34
C TYR A 998 10.40 102.93 -21.87
N LYS A 999 10.17 104.10 -21.29
CA LYS A 999 11.23 105.04 -20.82
C LYS A 999 12.21 104.28 -19.93
N GLN A 1000 11.71 103.30 -19.18
CA GLN A 1000 12.46 102.60 -18.09
C GLN A 1000 13.19 101.39 -18.67
N VAL A 1001 12.57 100.76 -19.66
CA VAL A 1001 13.02 99.49 -20.28
C VAL A 1001 14.12 99.82 -21.31
N LYS A 1002 14.11 101.05 -21.81
CA LYS A 1002 15.07 101.52 -22.83
C LYS A 1002 16.40 101.83 -22.16
N GLN A 1003 16.41 102.05 -20.84
CA GLN A 1003 17.64 102.36 -20.05
C GLN A 1003 18.47 101.07 -19.89
N ILE A 1004 17.80 99.92 -19.91
CA ILE A 1004 18.44 98.60 -19.63
C ILE A 1004 19.46 98.27 -20.72
N ALA A 1005 19.01 98.30 -21.97
CA ALA A 1005 19.83 97.93 -23.15
C ALA A 1005 20.56 99.17 -23.65
N PRO A 1006 21.73 99.01 -24.31
CA PRO A 1006 22.41 100.14 -24.92
C PRO A 1006 21.51 100.87 -25.92
N ALA A 1007 21.71 102.18 -26.05
CA ALA A 1007 20.94 103.07 -26.95
C ALA A 1007 21.05 102.53 -28.37
N GLU A 1008 22.20 101.95 -28.71
CA GLU A 1008 22.61 101.58 -30.09
C GLU A 1008 21.83 100.35 -30.57
N LEU A 1009 21.31 99.55 -29.64
CA LEU A 1009 20.64 98.27 -29.97
C LEU A 1009 19.41 98.54 -30.84
N GLU A 1010 18.78 99.71 -30.73
CA GLU A 1010 17.50 100.01 -31.43
C GLU A 1010 17.72 99.83 -32.93
N GLY A 1011 17.03 98.89 -33.56
CA GLY A 1011 17.05 98.70 -35.02
C GLY A 1011 18.33 98.04 -35.50
N LEU A 1012 19.06 97.37 -34.61
CA LEU A 1012 20.37 96.73 -34.90
C LEU A 1012 20.18 95.24 -35.17
N LEU A 1013 19.24 94.56 -34.50
CA LEU A 1013 19.02 93.09 -34.64
C LEU A 1013 17.94 92.78 -35.69
N ASP A 1014 18.15 91.77 -36.53
CA ASP A 1014 17.08 91.02 -37.23
C ASP A 1014 16.33 90.24 -36.16
N LEU A 1015 15.10 90.64 -35.87
CA LEU A 1015 14.28 90.09 -34.77
C LEU A 1015 13.65 88.76 -35.20
N GLU A 1016 13.75 88.38 -36.48
CA GLU A 1016 13.32 87.04 -36.94
C GLU A 1016 14.37 86.00 -36.56
N ARG A 1017 15.55 86.48 -36.16
CA ARG A 1017 16.71 85.63 -35.83
C ARG A 1017 17.07 85.81 -34.36
N VAL A 1018 16.20 86.44 -33.56
CA VAL A 1018 16.29 86.45 -32.07
C VAL A 1018 15.27 85.44 -31.59
N ILE A 1019 15.71 84.40 -30.90
CA ILE A 1019 14.82 83.30 -30.44
C ILE A 1019 14.45 83.57 -28.99
N VAL A 1020 13.17 83.42 -28.70
CA VAL A 1020 12.56 83.91 -27.44
C VAL A 1020 11.67 82.79 -26.88
N VAL A 1021 11.72 82.53 -25.57
CA VAL A 1021 10.78 81.58 -24.90
C VAL A 1021 9.50 82.33 -24.57
N THR A 1022 8.39 81.84 -25.11
CA THR A 1022 7.06 82.48 -25.13
C THR A 1022 6.15 81.83 -24.11
N GLY A 1023 6.46 80.60 -23.71
CA GLY A 1023 5.68 79.81 -22.73
C GLY A 1023 6.45 78.57 -22.28
N PHE A 1024 6.16 78.09 -21.08
CA PHE A 1024 6.84 76.89 -20.52
C PHE A 1024 5.96 76.24 -19.47
N ALA A 1025 6.26 74.98 -19.18
CA ALA A 1025 5.44 74.12 -18.30
C ALA A 1025 6.24 72.85 -18.00
N GLU A 1026 5.83 72.14 -16.97
CA GLU A 1026 6.42 70.86 -16.58
C GLU A 1026 5.39 70.02 -15.83
N VAL A 1027 5.58 68.72 -15.91
CA VAL A 1027 4.93 67.74 -15.02
C VAL A 1027 6.06 67.05 -14.30
N GLY A 1028 6.10 67.16 -12.98
CA GLY A 1028 7.22 66.64 -12.18
C GLY A 1028 6.81 66.41 -10.73
N PRO A 1029 7.76 65.92 -9.92
CA PRO A 1029 7.50 65.58 -8.53
C PRO A 1029 6.87 66.69 -7.70
N TRP A 1030 6.99 67.97 -8.11
CA TRP A 1030 6.41 69.07 -7.32
C TRP A 1030 5.24 69.71 -8.06
N GLY A 1031 4.61 68.96 -8.96
CA GLY A 1031 3.42 69.40 -9.71
C GLY A 1031 3.85 70.25 -10.89
N SER A 1032 3.16 71.37 -11.11
CA SER A 1032 3.36 72.26 -12.27
C SER A 1032 4.57 73.15 -12.04
N ALA A 1033 4.94 73.92 -13.06
CA ALA A 1033 6.04 74.91 -12.96
C ALA A 1033 5.72 75.95 -11.89
N ARG A 1034 4.43 76.23 -11.66
CA ARG A 1034 3.95 77.21 -10.65
C ARG A 1034 4.31 76.68 -9.27
N THR A 1035 3.91 75.45 -8.97
CA THR A 1035 3.99 74.81 -7.62
C THR A 1035 5.46 74.46 -7.35
N ARG A 1036 6.15 73.94 -8.36
CA ARG A 1036 7.58 73.59 -8.20
C ARG A 1036 8.36 74.85 -7.85
N TRP A 1037 8.03 75.98 -8.48
CA TRP A 1037 8.80 77.23 -8.28
C TRP A 1037 8.57 77.71 -6.85
N GLU A 1038 7.35 77.66 -6.35
CA GLU A 1038 7.06 78.05 -4.96
C GLU A 1038 7.92 77.19 -4.04
N MET A 1039 8.01 75.90 -4.32
CA MET A 1039 8.73 74.98 -3.42
C MET A 1039 10.23 75.25 -3.55
N GLU A 1040 10.75 75.46 -4.76
CA GLU A 1040 12.19 75.69 -5.04
C GLU A 1040 12.63 76.96 -4.31
N ALA A 1041 11.86 78.04 -4.47
CA ALA A 1041 12.29 79.42 -4.15
C ALA A 1041 11.93 79.78 -2.71
N PHE A 1042 10.79 79.30 -2.21
CA PHE A 1042 10.24 79.73 -0.91
C PHE A 1042 10.17 78.57 0.09
N GLY A 1043 10.21 77.30 -0.36
CA GLY A 1043 10.19 76.13 0.55
C GLY A 1043 8.82 75.88 1.18
N GLU A 1044 7.80 76.63 0.77
CA GLU A 1044 6.41 76.44 1.27
C GLU A 1044 5.45 76.97 0.23
N PHE A 1045 4.20 76.51 0.24
CA PHE A 1045 3.20 76.89 -0.78
C PHE A 1045 2.40 78.09 -0.27
N SER A 1046 2.04 78.99 -1.17
CA SER A 1046 0.98 79.99 -0.99
C SER A 1046 -0.34 79.26 -0.82
N LEU A 1047 -1.42 79.99 -0.59
CA LEU A 1047 -2.80 79.46 -0.72
C LEU A 1047 -2.97 78.93 -2.15
N GLU A 1048 -2.50 79.69 -3.13
CA GLU A 1048 -2.67 79.38 -4.57
C GLU A 1048 -1.86 78.12 -4.90
N GLY A 1049 -0.72 77.93 -4.27
CA GLY A 1049 0.11 76.72 -4.48
C GLY A 1049 -0.56 75.53 -3.84
N CYS A 1050 -1.07 75.71 -2.63
CA CYS A 1050 -1.68 74.64 -1.82
C CYS A 1050 -2.94 74.15 -2.51
N VAL A 1051 -3.74 75.06 -3.06
CA VAL A 1051 -5.02 74.72 -3.73
C VAL A 1051 -4.67 74.00 -5.04
N GLU A 1052 -3.66 74.46 -5.76
CA GLU A 1052 -3.26 73.80 -7.03
C GLU A 1052 -2.81 72.35 -6.74
N MET A 1053 -2.00 72.15 -5.70
CA MET A 1053 -1.50 70.80 -5.38
C MET A 1053 -2.71 69.95 -4.99
N ALA A 1054 -3.58 70.47 -4.13
CA ALA A 1054 -4.78 69.75 -3.67
C ALA A 1054 -5.61 69.30 -4.88
N TRP A 1055 -5.66 70.13 -5.90
CA TRP A 1055 -6.47 69.88 -7.12
C TRP A 1055 -5.80 68.80 -7.98
N ILE A 1056 -4.50 68.94 -8.20
CA ILE A 1056 -3.67 68.02 -9.04
C ILE A 1056 -3.82 66.58 -8.52
N MET A 1057 -3.61 66.48 -7.21
CA MET A 1057 -3.53 65.21 -6.45
C MET A 1057 -4.95 64.64 -6.21
N GLY A 1058 -5.99 65.38 -6.57
CA GLY A 1058 -7.39 64.91 -6.51
C GLY A 1058 -7.97 64.90 -5.11
N PHE A 1059 -7.33 65.57 -4.16
CA PHE A 1059 -7.89 65.77 -2.80
C PHE A 1059 -9.21 66.53 -2.88
N ILE A 1060 -9.30 67.52 -3.78
CA ILE A 1060 -10.48 68.42 -3.95
C ILE A 1060 -10.90 68.47 -5.42
N SER A 1061 -12.21 68.63 -5.65
CA SER A 1061 -12.82 68.84 -6.98
C SER A 1061 -13.83 69.98 -6.88
N TYR A 1062 -13.91 70.80 -7.93
CA TYR A 1062 -14.92 71.87 -8.06
C TYR A 1062 -16.31 71.24 -8.09
N HIS A 1063 -17.28 71.96 -7.53
CA HIS A 1063 -18.71 71.56 -7.50
C HIS A 1063 -19.57 72.80 -7.70
N ASN A 1064 -20.65 72.68 -8.47
CA ASN A 1064 -21.53 73.82 -8.81
C ASN A 1064 -22.93 73.26 -9.03
N GLY A 1065 -23.78 73.39 -8.02
CA GLY A 1065 -25.11 72.77 -7.96
C GLY A 1065 -25.49 72.57 -6.53
N ASN A 1066 -26.62 71.93 -6.25
CA ASN A 1066 -27.07 71.68 -4.85
C ASN A 1066 -26.13 70.67 -4.20
N LEU A 1067 -25.80 70.93 -2.94
CA LEU A 1067 -25.11 70.02 -2.01
C LEU A 1067 -26.00 69.91 -0.78
N LYS A 1068 -26.79 68.82 -0.74
CA LYS A 1068 -27.75 68.56 0.35
C LYS A 1068 -28.74 69.72 0.33
N GLY A 1069 -29.44 69.88 -0.80
CA GLY A 1069 -30.64 70.74 -0.96
C GLY A 1069 -30.30 72.22 -0.98
N ARG A 1070 -29.19 72.63 -0.35
CA ARG A 1070 -28.64 74.01 -0.40
C ARG A 1070 -27.75 74.14 -1.63
N PRO A 1071 -27.71 75.31 -2.33
CA PRO A 1071 -26.84 75.49 -3.49
C PRO A 1071 -25.41 75.81 -3.04
N TYR A 1072 -24.42 75.29 -3.76
CA TYR A 1072 -22.98 75.40 -3.38
C TYR A 1072 -22.13 75.61 -4.63
N THR A 1073 -21.15 76.48 -4.51
CA THR A 1073 -20.15 76.77 -5.56
C THR A 1073 -18.76 76.74 -4.93
N GLY A 1074 -17.92 75.77 -5.29
CA GLY A 1074 -16.51 75.79 -4.88
C GLY A 1074 -15.94 74.42 -4.63
N TRP A 1075 -14.88 74.35 -3.83
CA TRP A 1075 -14.16 73.08 -3.60
C TRP A 1075 -15.02 72.19 -2.70
N VAL A 1076 -14.79 70.89 -2.86
CA VAL A 1076 -15.47 69.78 -2.17
C VAL A 1076 -14.42 68.68 -2.02
N ASP A 1077 -14.34 68.00 -0.87
CA ASP A 1077 -13.40 66.86 -0.70
C ASP A 1077 -13.83 65.77 -1.68
N SER A 1078 -12.92 65.24 -2.49
CA SER A 1078 -13.25 64.29 -3.58
C SER A 1078 -13.86 63.01 -3.01
N LYS A 1079 -13.38 62.54 -1.85
CA LYS A 1079 -13.95 61.33 -1.19
C LYS A 1079 -15.32 61.67 -0.61
N THR A 1080 -15.37 62.47 0.46
CA THR A 1080 -16.58 62.76 1.27
C THR A 1080 -17.59 63.62 0.53
N LYS A 1081 -17.19 64.41 -0.46
CA LYS A 1081 -18.04 65.44 -1.15
C LYS A 1081 -18.55 66.49 -0.16
N GLU A 1082 -17.91 66.61 1.01
CA GLU A 1082 -18.11 67.73 1.97
C GLU A 1082 -17.51 68.98 1.36
N PRO A 1083 -18.16 70.15 1.48
CA PRO A 1083 -17.56 71.40 1.01
C PRO A 1083 -16.24 71.72 1.75
N VAL A 1084 -15.34 72.45 1.09
CA VAL A 1084 -14.01 72.85 1.63
C VAL A 1084 -13.74 74.30 1.23
N ASP A 1085 -13.47 75.16 2.22
CA ASP A 1085 -13.06 76.57 2.01
C ASP A 1085 -11.57 76.59 1.66
N ASP A 1086 -11.14 77.51 0.81
CA ASP A 1086 -9.72 77.64 0.42
C ASP A 1086 -8.90 77.81 1.70
N LYS A 1087 -9.42 78.55 2.68
CA LYS A 1087 -8.68 78.86 3.94
C LYS A 1087 -8.37 77.56 4.70
N ASP A 1088 -9.21 76.54 4.56
CA ASP A 1088 -9.05 75.24 5.28
C ASP A 1088 -8.24 74.22 4.46
N VAL A 1089 -7.98 74.47 3.18
CA VAL A 1089 -7.26 73.48 2.33
C VAL A 1089 -5.92 73.15 2.96
N LYS A 1090 -5.21 74.14 3.51
CA LYS A 1090 -3.84 73.94 4.06
C LYS A 1090 -3.91 73.04 5.29
N ALA A 1091 -4.76 73.35 6.24
CA ALA A 1091 -4.91 72.55 7.48
C ALA A 1091 -5.39 71.14 7.15
N LYS A 1092 -6.26 70.97 6.15
CA LYS A 1092 -6.89 69.66 5.85
C LYS A 1092 -5.93 68.77 5.05
N TYR A 1093 -5.18 69.31 4.10
CA TYR A 1093 -4.49 68.51 3.05
C TYR A 1093 -2.98 68.76 2.96
N GLU A 1094 -2.42 69.81 3.56
CA GLU A 1094 -1.03 70.17 3.23
C GLU A 1094 -0.07 69.07 3.69
N THR A 1095 -0.25 68.51 4.89
CA THR A 1095 0.62 67.44 5.41
C THR A 1095 0.67 66.29 4.41
N SER A 1096 -0.48 65.88 3.86
CA SER A 1096 -0.58 64.77 2.87
C SER A 1096 0.08 65.18 1.56
N ILE A 1097 -0.13 66.42 1.14
CA ILE A 1097 0.45 66.94 -0.13
C ILE A 1097 1.97 66.79 -0.04
N LEU A 1098 2.56 67.15 1.09
CA LEU A 1098 4.03 67.14 1.27
C LEU A 1098 4.52 65.70 1.42
N GLU A 1099 3.75 64.88 2.12
CA GLU A 1099 4.08 63.45 2.36
C GLU A 1099 4.13 62.74 1.01
N HIS A 1100 3.30 63.12 0.05
CA HIS A 1100 3.11 62.38 -1.23
C HIS A 1100 3.49 63.23 -2.42
N SER A 1101 4.47 64.10 -2.26
CA SER A 1101 5.05 64.91 -3.36
C SER A 1101 6.57 64.85 -3.24
N GLY A 1102 7.27 65.13 -4.32
CA GLY A 1102 8.73 65.26 -4.31
C GLY A 1102 9.41 63.91 -4.13
N ILE A 1103 10.67 63.94 -3.71
CA ILE A 1103 11.51 62.73 -3.53
C ILE A 1103 11.02 62.01 -2.28
N ARG A 1104 10.60 60.76 -2.41
CA ARG A 1104 10.01 59.98 -1.33
C ARG A 1104 10.09 58.49 -1.66
N LEU A 1105 9.78 57.65 -0.68
CA LEU A 1105 9.66 56.18 -0.87
C LEU A 1105 8.77 55.94 -2.11
N ILE A 1106 9.20 54.98 -2.93
CA ILE A 1106 8.52 54.57 -4.18
C ILE A 1106 7.17 53.97 -3.79
N GLU A 1107 6.11 54.50 -4.37
CA GLU A 1107 4.73 54.02 -4.13
C GLU A 1107 4.39 53.06 -5.25
N PRO A 1108 4.17 51.76 -4.97
CA PRO A 1108 3.94 50.78 -6.01
C PRO A 1108 2.73 51.06 -6.91
N GLU A 1109 1.68 51.67 -6.38
CA GLU A 1109 0.44 51.95 -7.16
C GLU A 1109 0.81 52.87 -8.32
N LEU A 1110 1.84 53.69 -8.16
CA LEU A 1110 2.27 54.65 -9.23
C LEU A 1110 3.11 53.97 -10.30
N PHE A 1111 3.64 52.76 -10.07
CA PHE A 1111 4.53 52.08 -11.06
C PHE A 1111 4.10 50.64 -11.25
N ASN A 1112 2.79 50.44 -11.34
CA ASN A 1112 2.25 49.19 -11.89
C ASN A 1112 2.55 48.06 -10.89
N GLY A 1113 2.56 48.36 -9.59
CA GLY A 1113 2.78 47.39 -8.52
C GLY A 1113 4.25 47.16 -8.22
N TYR A 1114 5.18 47.80 -8.94
CA TYR A 1114 6.63 47.67 -8.65
C TYR A 1114 6.89 47.89 -7.16
N ASN A 1115 7.59 46.95 -6.55
CA ASN A 1115 8.02 47.08 -5.13
C ASN A 1115 9.50 46.76 -5.07
N PRO A 1116 10.38 47.76 -4.98
CA PRO A 1116 11.82 47.53 -5.04
C PRO A 1116 12.27 46.58 -3.92
N GLU A 1117 11.47 46.42 -2.89
CA GLU A 1117 11.78 45.46 -1.80
C GLU A 1117 11.41 44.04 -2.20
N LYS A 1118 10.64 43.84 -3.27
CA LYS A 1118 10.23 42.50 -3.75
C LYS A 1118 10.24 42.51 -5.29
N LYS A 1119 11.42 42.56 -5.89
CA LYS A 1119 11.60 42.42 -7.35
C LYS A 1119 11.22 41.00 -7.77
N GLU A 1120 10.27 40.83 -8.69
CA GLU A 1120 9.86 39.50 -9.22
C GLU A 1120 10.80 39.10 -10.36
N MET A 1121 11.51 37.99 -10.19
CA MET A 1121 12.29 37.35 -11.27
C MET A 1121 11.86 35.90 -11.41
N ILE A 1122 12.45 35.16 -12.34
CA ILE A 1122 12.16 33.72 -12.53
C ILE A 1122 13.49 33.00 -12.70
N GLN A 1123 13.59 31.79 -12.17
CA GLN A 1123 14.80 30.94 -12.29
C GLN A 1123 14.46 29.68 -13.09
N GLU A 1124 15.26 29.39 -14.09
CA GLU A 1124 15.16 28.11 -14.85
C GLU A 1124 15.53 26.98 -13.90
N VAL A 1125 14.71 25.93 -13.81
CA VAL A 1125 15.07 24.69 -13.09
C VAL A 1125 14.74 23.51 -14.01
N ILE A 1126 15.47 22.40 -13.90
CA ILE A 1126 15.16 21.17 -14.69
C ILE A 1126 14.29 20.30 -13.80
N VAL A 1127 13.10 19.96 -14.28
CA VAL A 1127 12.17 19.02 -13.62
C VAL A 1127 12.95 17.74 -13.26
N GLU A 1128 13.00 17.37 -11.99
CA GLU A 1128 13.72 16.15 -11.49
C GLU A 1128 12.80 14.92 -11.58
N GLU A 1129 11.47 15.12 -11.55
CA GLU A 1129 10.44 14.06 -11.47
C GLU A 1129 9.20 14.46 -12.28
N ASP A 1130 8.66 13.56 -13.11
CA ASP A 1130 7.39 13.76 -13.83
C ASP A 1130 6.46 14.59 -12.93
N LEU A 1131 5.82 15.64 -13.44
CA LEU A 1131 4.84 16.48 -12.69
C LEU A 1131 3.47 15.83 -12.71
N GLU A 1132 2.51 16.35 -11.94
CA GLU A 1132 1.09 15.88 -12.00
C GLU A 1132 0.50 16.45 -13.27
N PRO A 1133 -0.26 15.67 -14.06
CA PRO A 1133 -0.99 16.21 -15.21
C PRO A 1133 -1.86 17.42 -14.84
N PHE A 1134 -2.09 18.34 -15.78
CA PHE A 1134 -3.07 19.44 -15.64
C PHE A 1134 -3.82 19.65 -16.95
N GLU A 1135 -5.04 20.17 -16.86
CA GLU A 1135 -5.94 20.34 -18.02
C GLU A 1135 -5.55 21.64 -18.73
N ALA A 1136 -5.81 21.73 -20.03
CA ALA A 1136 -5.55 22.93 -20.85
C ALA A 1136 -6.23 22.76 -22.21
N SER A 1137 -6.43 23.86 -22.93
CA SER A 1137 -7.06 23.88 -24.27
C SER A 1137 -6.22 23.02 -25.20
N LYS A 1138 -6.79 22.56 -26.30
CA LYS A 1138 -6.01 21.86 -27.36
C LYS A 1138 -4.91 22.82 -27.83
N GLU A 1139 -5.28 24.05 -28.16
CA GLU A 1139 -4.33 25.08 -28.68
C GLU A 1139 -3.14 25.24 -27.71
N THR A 1140 -3.40 25.34 -26.41
CA THR A 1140 -2.31 25.53 -25.41
C THR A 1140 -1.49 24.24 -25.28
N ALA A 1141 -2.16 23.09 -25.20
CA ALA A 1141 -1.45 21.81 -25.03
C ALA A 1141 -0.48 21.65 -26.18
N GLU A 1142 -0.90 21.96 -27.41
CA GLU A 1142 -0.07 21.82 -28.62
C GLU A 1142 1.14 22.74 -28.50
N GLN A 1143 0.93 23.93 -27.95
CA GLN A 1143 2.00 24.93 -27.70
C GLN A 1143 3.04 24.37 -26.73
N PHE A 1144 2.60 23.67 -25.68
CA PHE A 1144 3.50 23.05 -24.68
C PHE A 1144 4.30 21.94 -25.36
N LYS A 1145 3.62 21.15 -26.18
CA LYS A 1145 4.21 20.00 -26.89
C LYS A 1145 5.27 20.52 -27.84
N HIS A 1146 4.94 21.57 -28.58
CA HIS A 1146 5.85 22.24 -29.55
C HIS A 1146 7.14 22.63 -28.84
N GLN A 1147 7.05 23.22 -27.65
CA GLN A 1147 8.25 23.68 -26.91
C GLN A 1147 9.05 22.48 -26.41
N HIS A 1148 8.40 21.55 -25.72
CA HIS A 1148 9.07 20.56 -24.84
C HIS A 1148 9.36 19.25 -25.58
N GLY A 1149 8.67 18.97 -26.68
CA GLY A 1149 8.89 17.74 -27.45
C GLY A 1149 8.75 16.51 -26.59
N ASP A 1150 9.75 15.64 -26.60
CA ASP A 1150 9.86 14.39 -25.80
C ASP A 1150 9.44 14.56 -24.34
N LYS A 1151 9.71 15.75 -23.80
CA LYS A 1151 9.69 16.02 -22.35
C LYS A 1151 8.29 16.48 -21.90
N VAL A 1152 7.26 16.30 -22.71
CA VAL A 1152 5.85 16.53 -22.28
C VAL A 1152 4.96 15.60 -23.10
N ASP A 1153 3.99 14.96 -22.47
CA ASP A 1153 2.92 14.23 -23.20
C ASP A 1153 1.64 15.04 -23.09
N ILE A 1154 0.92 15.12 -24.21
CA ILE A 1154 -0.44 15.73 -24.23
C ILE A 1154 -1.37 14.68 -24.80
N PHE A 1155 -2.57 14.62 -24.25
CA PHE A 1155 -3.58 13.59 -24.57
C PHE A 1155 -4.96 14.23 -24.53
N GLU A 1156 -5.73 14.06 -25.62
CA GLU A 1156 -7.13 14.51 -25.68
C GLU A 1156 -7.88 13.81 -24.54
N ILE A 1157 -8.69 14.57 -23.81
CA ILE A 1157 -9.65 14.01 -22.83
C ILE A 1157 -10.94 13.78 -23.60
N PRO A 1158 -11.34 12.51 -23.82
CA PRO A 1158 -12.36 12.19 -24.82
C PRO A 1158 -13.69 12.93 -24.56
N GLU A 1159 -14.08 13.08 -23.28
CA GLU A 1159 -15.38 13.67 -22.85
C GLU A 1159 -15.37 15.18 -23.10
N THR A 1160 -14.45 15.90 -22.44
CA THR A 1160 -14.39 17.38 -22.45
C THR A 1160 -13.96 17.88 -23.82
N GLY A 1161 -13.04 17.19 -24.51
CA GLY A 1161 -12.38 17.76 -25.71
C GLY A 1161 -11.17 18.61 -25.35
N GLU A 1162 -11.00 18.98 -24.08
CA GLU A 1162 -9.74 19.54 -23.51
C GLU A 1162 -8.64 18.47 -23.54
N TYR A 1163 -7.41 18.86 -23.18
CA TYR A 1163 -6.20 18.00 -23.20
C TYR A 1163 -5.56 17.99 -21.81
N SER A 1164 -4.99 16.85 -21.44
CA SER A 1164 -4.13 16.71 -20.24
C SER A 1164 -2.69 16.98 -20.66
N VAL A 1165 -1.88 17.59 -19.79
CA VAL A 1165 -0.49 18.04 -20.08
C VAL A 1165 0.43 17.50 -18.98
N LYS A 1166 1.13 16.39 -19.25
CA LYS A 1166 2.06 15.76 -18.28
C LYS A 1166 3.47 16.21 -18.64
N LEU A 1167 3.99 17.19 -17.90
CA LEU A 1167 5.39 17.67 -18.05
C LEU A 1167 6.32 16.60 -17.48
N LEU A 1168 7.28 16.09 -18.25
CA LEU A 1168 8.08 14.92 -17.85
C LEU A 1168 9.44 15.35 -17.29
N LYS A 1169 10.06 14.46 -16.55
CA LYS A 1169 11.43 14.62 -16.02
C LYS A 1169 12.34 15.03 -17.17
N GLY A 1170 13.14 16.07 -16.96
CA GLY A 1170 14.08 16.60 -17.96
C GLY A 1170 13.58 17.90 -18.55
N ALA A 1171 12.28 18.15 -18.48
CA ALA A 1171 11.64 19.40 -18.95
C ALA A 1171 12.22 20.59 -18.18
N THR A 1172 12.15 21.80 -18.75
CA THR A 1172 12.55 23.04 -18.03
C THR A 1172 11.30 23.79 -17.57
N LEU A 1173 11.31 24.25 -16.32
CA LEU A 1173 10.30 25.11 -15.66
C LEU A 1173 10.95 26.45 -15.36
N TYR A 1174 10.14 27.46 -15.14
CA TYR A 1174 10.56 28.76 -14.58
C TYR A 1174 9.83 28.95 -13.25
N ILE A 1175 10.59 29.04 -12.17
CA ILE A 1175 10.03 29.18 -10.80
C ILE A 1175 10.28 30.60 -10.35
N PRO A 1176 9.20 31.39 -10.16
CA PRO A 1176 9.31 32.75 -9.64
C PRO A 1176 10.15 32.82 -8.36
N LYS A 1177 10.99 33.84 -8.25
CA LYS A 1177 11.72 34.18 -7.01
C LYS A 1177 11.77 35.70 -6.88
N ALA A 1178 12.23 36.23 -5.76
CA ALA A 1178 12.15 37.65 -5.43
C ALA A 1178 13.46 38.16 -4.82
N LEU A 1179 13.94 39.25 -5.38
CA LEU A 1179 15.14 40.03 -4.98
C LEU A 1179 14.70 41.17 -4.07
N ARG A 1180 15.48 41.48 -3.04
CA ARG A 1180 15.40 42.79 -2.34
C ARG A 1180 16.35 43.74 -3.06
N PHE A 1181 15.87 44.88 -3.53
CA PHE A 1181 16.69 45.90 -4.23
C PHE A 1181 16.93 47.05 -3.25
N ASP A 1182 17.94 47.89 -3.47
CA ASP A 1182 18.39 48.88 -2.47
C ASP A 1182 18.22 50.31 -2.99
N ARG A 1183 17.44 50.54 -4.05
CA ARG A 1183 16.96 51.89 -4.44
C ARG A 1183 15.47 51.99 -4.16
N LEU A 1184 15.14 52.50 -2.98
CA LEU A 1184 13.78 52.47 -2.39
C LEU A 1184 13.08 53.81 -2.61
N VAL A 1185 13.79 54.80 -3.13
CA VAL A 1185 13.34 56.21 -3.21
C VAL A 1185 13.50 56.75 -4.63
N ALA A 1186 12.58 57.63 -5.03
CA ALA A 1186 12.49 58.25 -6.37
C ALA A 1186 11.72 59.58 -6.26
N GLY A 1187 12.00 60.50 -7.17
CA GLY A 1187 11.23 61.74 -7.29
C GLY A 1187 10.02 61.45 -8.14
N GLN A 1188 8.85 61.35 -7.52
CA GLN A 1188 7.66 60.84 -8.21
C GLN A 1188 6.64 61.96 -8.30
N ILE A 1189 5.97 62.05 -9.45
CA ILE A 1189 4.83 62.97 -9.69
C ILE A 1189 3.86 62.78 -8.52
N PRO A 1190 3.25 63.86 -7.98
CA PRO A 1190 2.50 63.75 -6.74
C PRO A 1190 1.41 62.68 -6.84
N THR A 1191 1.27 61.89 -5.79
CA THR A 1191 0.26 60.81 -5.71
C THR A 1191 -1.11 61.42 -5.95
N GLY A 1192 -1.88 60.87 -6.88
CA GLY A 1192 -3.23 61.34 -7.21
C GLY A 1192 -3.29 61.97 -8.58
N TRP A 1193 -2.13 62.30 -9.14
CA TRP A 1193 -2.02 62.94 -10.47
C TRP A 1193 -2.79 62.05 -11.43
N ASN A 1194 -3.65 62.63 -12.26
CA ASN A 1194 -4.47 61.84 -13.21
C ASN A 1194 -4.72 62.66 -14.49
N ALA A 1195 -4.27 62.16 -15.63
CA ALA A 1195 -4.47 62.81 -16.94
C ALA A 1195 -5.94 63.20 -17.10
N LYS A 1196 -6.84 62.47 -16.47
CA LYS A 1196 -8.29 62.74 -16.54
C LYS A 1196 -8.57 64.12 -15.98
N THR A 1197 -7.88 64.55 -14.92
CA THR A 1197 -8.26 65.80 -14.23
C THR A 1197 -7.80 66.96 -15.13
N TYR A 1198 -6.87 66.72 -16.04
CA TYR A 1198 -6.37 67.72 -17.02
C TYR A 1198 -7.27 67.74 -18.27
N GLY A 1199 -8.17 66.76 -18.42
CA GLY A 1199 -9.17 66.73 -19.50
C GLY A 1199 -8.91 65.62 -20.54
N ILE A 1200 -7.87 64.82 -20.38
CA ILE A 1200 -7.48 63.78 -21.36
C ILE A 1200 -8.44 62.60 -21.24
N SER A 1201 -8.94 62.12 -22.38
CA SER A 1201 -9.96 61.04 -22.48
C SER A 1201 -9.40 59.72 -21.95
N ASP A 1202 -10.30 58.80 -21.56
CA ASP A 1202 -9.91 57.42 -21.16
C ASP A 1202 -9.29 56.69 -22.34
N ASP A 1203 -9.79 56.93 -23.55
CA ASP A 1203 -9.32 56.28 -24.80
C ASP A 1203 -7.86 56.65 -25.03
N ILE A 1204 -7.46 57.89 -24.75
CA ILE A 1204 -6.04 58.31 -24.96
C ILE A 1204 -5.20 57.64 -23.88
N ILE A 1205 -5.71 57.57 -22.65
CA ILE A 1205 -4.93 57.09 -21.48
C ILE A 1205 -4.61 55.61 -21.67
N SER A 1206 -5.53 54.84 -22.23
CA SER A 1206 -5.32 53.39 -22.39
C SER A 1206 -4.51 53.07 -23.66
N GLN A 1207 -4.40 54.01 -24.61
CA GLN A 1207 -3.66 53.80 -25.89
C GLN A 1207 -2.16 54.00 -25.67
N VAL A 1208 -1.81 54.96 -24.82
CA VAL A 1208 -0.57 55.76 -24.91
C VAL A 1208 0.31 55.40 -23.71
N ASP A 1209 1.65 55.43 -23.84
CA ASP A 1209 2.56 55.25 -22.68
C ASP A 1209 2.37 56.41 -21.71
N PRO A 1210 2.44 56.20 -20.38
CA PRO A 1210 2.33 57.31 -19.44
C PRO A 1210 3.15 58.55 -19.79
N ILE A 1211 4.35 58.35 -20.33
CA ILE A 1211 5.24 59.49 -20.68
C ILE A 1211 4.48 60.43 -21.61
N THR A 1212 3.70 59.91 -22.56
CA THR A 1212 2.92 60.72 -23.51
C THR A 1212 1.89 61.57 -22.75
N LEU A 1213 1.31 61.06 -21.66
CA LEU A 1213 0.36 61.85 -20.85
C LEU A 1213 1.08 63.07 -20.24
N PHE A 1214 2.29 62.87 -19.72
CA PHE A 1214 3.09 63.96 -19.11
C PHE A 1214 3.40 65.01 -20.17
N VAL A 1215 3.66 64.58 -21.40
CA VAL A 1215 3.99 65.52 -22.51
C VAL A 1215 2.73 66.27 -22.93
N LEU A 1216 1.61 65.58 -23.11
CA LEU A 1216 0.36 66.25 -23.54
C LEU A 1216 0.01 67.35 -22.54
N VAL A 1217 0.08 67.05 -21.24
CA VAL A 1217 -0.30 68.03 -20.18
C VAL A 1217 0.71 69.17 -20.21
N SER A 1218 1.99 68.86 -20.34
CA SER A 1218 3.07 69.88 -20.39
C SER A 1218 2.89 70.82 -21.59
N VAL A 1219 2.65 70.26 -22.78
CA VAL A 1219 2.44 71.08 -24.01
C VAL A 1219 1.21 71.98 -23.79
N VAL A 1220 0.10 71.43 -23.33
CA VAL A 1220 -1.13 72.23 -23.09
C VAL A 1220 -0.78 73.40 -22.16
N GLU A 1221 -0.21 73.10 -20.99
CA GLU A 1221 0.07 74.11 -19.94
C GLU A 1221 1.06 75.16 -20.51
N ALA A 1222 1.97 74.76 -21.40
CA ALA A 1222 2.99 75.65 -21.99
C ALA A 1222 2.35 76.63 -22.98
N PHE A 1223 1.40 76.18 -23.80
CA PHE A 1223 0.61 77.06 -24.70
C PHE A 1223 -0.16 78.07 -23.84
N ILE A 1224 -0.75 77.64 -22.73
CA ILE A 1224 -1.53 78.54 -21.83
C ILE A 1224 -0.59 79.59 -21.23
N ALA A 1225 0.63 79.19 -20.90
CA ALA A 1225 1.65 80.09 -20.33
C ALA A 1225 2.09 81.12 -21.36
N SER A 1226 1.84 80.83 -22.64
CA SER A 1226 2.13 81.71 -23.80
C SER A 1226 0.84 82.40 -24.24
N GLY A 1227 -0.24 82.21 -23.46
CA GLY A 1227 -1.53 82.86 -23.70
C GLY A 1227 -2.16 82.39 -25.00
N ILE A 1228 -1.73 81.24 -25.51
CA ILE A 1228 -2.33 80.58 -26.71
C ILE A 1228 -3.28 79.49 -26.20
N THR A 1229 -4.56 79.81 -26.25
CA THR A 1229 -5.71 79.02 -25.78
C THR A 1229 -6.09 77.96 -26.82
N ASP A 1230 -5.89 78.28 -28.11
CA ASP A 1230 -6.26 77.41 -29.27
C ASP A 1230 -5.06 77.34 -30.20
N PRO A 1231 -4.35 76.20 -30.28
CA PRO A 1231 -3.13 76.12 -31.10
C PRO A 1231 -3.31 76.67 -32.52
N TYR A 1232 -4.47 76.43 -33.12
CA TYR A 1232 -4.79 76.86 -34.51
C TYR A 1232 -4.68 78.38 -34.66
N GLU A 1233 -4.63 79.14 -33.56
CA GLU A 1233 -4.36 80.60 -33.62
C GLU A 1233 -3.01 80.82 -34.31
N MET A 1234 -2.02 79.96 -34.08
CA MET A 1234 -0.69 80.15 -34.71
C MET A 1234 -0.89 80.30 -36.23
N TYR A 1235 -1.86 79.61 -36.82
CA TYR A 1235 -2.01 79.54 -38.29
C TYR A 1235 -2.69 80.82 -38.81
N LYS A 1236 -2.97 81.79 -37.94
CA LYS A 1236 -3.36 83.16 -38.36
C LYS A 1236 -2.11 83.94 -38.76
N TYR A 1237 -0.99 83.61 -38.12
CA TYR A 1237 0.28 84.35 -38.24
C TYR A 1237 1.29 83.60 -39.10
N VAL A 1238 1.08 82.31 -39.35
CA VAL A 1238 2.20 81.44 -39.78
C VAL A 1238 1.69 80.31 -40.68
N HIS A 1239 2.53 79.86 -41.62
CA HIS A 1239 2.17 78.69 -42.46
C HIS A 1239 2.16 77.42 -41.62
N VAL A 1240 1.19 76.57 -41.92
CA VAL A 1240 1.05 75.19 -41.40
C VAL A 1240 2.41 74.46 -41.44
N SER A 1241 3.31 74.81 -42.36
CA SER A 1241 4.63 74.14 -42.51
C SER A 1241 5.69 74.70 -41.54
N GLU A 1242 5.38 75.66 -40.68
CA GLU A 1242 6.42 76.45 -40.00
C GLU A 1242 6.20 76.44 -38.48
N VAL A 1243 5.40 75.51 -37.98
CA VAL A 1243 5.30 75.20 -36.52
C VAL A 1243 5.88 73.80 -36.31
N GLY A 1244 6.91 73.67 -35.48
CA GLY A 1244 7.69 72.42 -35.37
C GLY A 1244 7.67 71.86 -33.96
N ASN A 1245 8.17 70.63 -33.81
CA ASN A 1245 8.34 69.97 -32.50
C ASN A 1245 9.74 69.36 -32.47
N CYS A 1246 10.65 69.92 -31.67
CA CYS A 1246 12.03 69.40 -31.52
C CYS A 1246 12.26 68.88 -30.10
N SER A 1247 11.18 68.52 -29.41
CA SER A 1247 11.24 67.88 -28.06
C SER A 1247 11.68 66.42 -28.27
N GLY A 1248 12.30 65.85 -27.24
CA GLY A 1248 12.86 64.48 -27.28
C GLY A 1248 12.84 63.77 -25.93
N SER A 1249 13.53 62.65 -25.85
CA SER A 1249 13.53 61.74 -24.67
C SER A 1249 14.82 60.91 -24.67
N GLY A 1250 15.20 60.41 -23.49
CA GLY A 1250 16.35 59.51 -23.33
C GLY A 1250 16.01 58.09 -23.74
N MET A 1251 14.91 57.54 -23.18
CA MET A 1251 14.49 56.11 -23.35
C MET A 1251 13.05 56.01 -23.88
N GLY A 1252 12.27 57.09 -23.82
CA GLY A 1252 10.91 57.11 -24.35
C GLY A 1252 9.95 56.28 -23.51
N GLY A 1253 9.02 55.62 -24.20
CA GLY A 1253 7.88 54.91 -23.59
C GLY A 1253 8.30 53.58 -23.03
N VAL A 1254 8.92 53.58 -21.87
CA VAL A 1254 9.58 52.37 -21.30
C VAL A 1254 8.53 51.37 -20.80
N SER A 1255 7.28 51.81 -20.58
CA SER A 1255 6.21 50.90 -20.11
C SER A 1255 5.79 50.04 -21.31
N ALA A 1256 5.76 50.64 -22.49
CA ALA A 1256 5.49 49.93 -23.75
C ALA A 1256 6.65 48.95 -24.03
N LEU A 1257 7.89 49.36 -23.77
CA LEU A 1257 9.06 48.48 -23.96
C LEU A 1257 8.86 47.23 -23.11
N ARG A 1258 8.44 47.40 -21.86
CA ARG A 1258 8.17 46.22 -21.00
C ARG A 1258 7.07 45.38 -21.62
N GLY A 1259 6.00 45.97 -22.14
CA GLY A 1259 4.91 45.21 -22.76
C GLY A 1259 5.44 44.34 -23.89
N MET A 1260 6.34 44.87 -24.68
CA MET A 1260 6.97 44.22 -25.84
C MET A 1260 7.82 43.04 -25.41
N PHE A 1261 8.72 43.26 -24.44
CA PHE A 1261 9.88 42.39 -24.12
C PHE A 1261 9.55 41.41 -22.99
N LYS A 1262 8.68 41.80 -22.06
CA LYS A 1262 8.37 41.01 -20.85
C LYS A 1262 6.92 40.55 -20.90
N ASP A 1263 5.94 41.45 -20.90
CA ASP A 1263 4.52 41.05 -20.87
C ASP A 1263 4.20 40.08 -22.03
N ARG A 1264 4.67 40.35 -23.23
CA ARG A 1264 4.43 39.45 -24.38
C ARG A 1264 5.00 38.06 -24.11
N PHE A 1265 6.22 38.01 -23.60
CA PHE A 1265 6.97 36.77 -23.26
C PHE A 1265 6.12 35.91 -22.33
N LYS A 1266 5.37 36.53 -21.42
CA LYS A 1266 4.50 35.84 -20.44
C LYS A 1266 3.12 35.59 -21.04
N ASP A 1267 2.94 35.92 -22.31
CA ASP A 1267 1.65 35.72 -23.02
C ASP A 1267 0.55 36.50 -22.30
N GLU A 1268 0.90 37.55 -21.57
CA GLU A 1268 -0.06 38.51 -20.98
C GLU A 1268 -0.65 39.35 -22.10
N PRO A 1269 -1.93 39.76 -22.01
CA PRO A 1269 -2.56 40.50 -23.09
C PRO A 1269 -1.92 41.90 -23.18
N VAL A 1270 -1.59 42.34 -24.39
CA VAL A 1270 -0.86 43.61 -24.67
C VAL A 1270 -1.36 44.13 -26.03
N GLN A 1271 -1.74 45.40 -26.12
CA GLN A 1271 -2.22 46.03 -27.38
C GLN A 1271 -1.32 45.60 -28.53
N ASN A 1272 -1.86 45.33 -29.71
CA ASN A 1272 -1.06 44.93 -30.89
C ASN A 1272 -0.22 46.10 -31.42
N ASP A 1273 -0.59 47.34 -31.13
CA ASP A 1273 0.22 48.50 -31.56
C ASP A 1273 1.17 48.94 -30.45
N ILE A 1274 1.50 48.11 -29.48
CA ILE A 1274 2.35 48.52 -28.31
C ILE A 1274 3.68 49.09 -28.82
N LEU A 1275 4.26 48.55 -29.88
CA LEU A 1275 5.58 49.01 -30.38
C LEU A 1275 5.55 50.51 -30.71
N GLN A 1276 4.49 50.97 -31.39
CA GLN A 1276 4.33 52.39 -31.81
C GLN A 1276 4.46 53.26 -30.55
N GLU A 1277 3.97 52.80 -29.40
CA GLU A 1277 3.86 53.68 -28.21
C GLU A 1277 5.19 53.79 -27.46
N SER A 1278 6.18 52.98 -27.83
CA SER A 1278 7.48 52.92 -27.13
C SER A 1278 8.43 53.96 -27.72
N PHE A 1279 8.26 54.27 -29.01
CA PHE A 1279 9.21 55.09 -29.78
C PHE A 1279 9.32 56.47 -29.14
N ILE A 1280 10.52 57.03 -29.10
CA ILE A 1280 10.77 58.37 -28.53
C ILE A 1280 9.99 59.43 -29.32
N ASN A 1281 9.73 59.17 -30.60
CA ASN A 1281 9.20 60.21 -31.50
C ASN A 1281 7.67 60.17 -31.57
N THR A 1282 7.00 59.35 -30.76
CA THR A 1282 5.51 59.24 -30.85
C THR A 1282 4.84 60.11 -29.79
N MET A 1283 5.53 60.47 -28.72
CA MET A 1283 4.99 61.54 -27.84
C MET A 1283 4.72 62.76 -28.73
N SER A 1284 5.73 63.21 -29.50
CA SER A 1284 5.57 64.38 -30.40
C SER A 1284 4.49 64.10 -31.45
N ALA A 1285 4.30 62.84 -31.85
CA ALA A 1285 3.27 62.47 -32.86
C ALA A 1285 1.88 62.73 -32.29
N TRP A 1286 1.61 62.23 -31.09
CA TRP A 1286 0.32 62.40 -30.38
C TRP A 1286 0.03 63.88 -30.17
N VAL A 1287 1.04 64.64 -29.74
CA VAL A 1287 0.90 66.12 -29.59
C VAL A 1287 0.39 66.69 -30.91
N ASN A 1288 1.02 66.32 -32.03
CA ASN A 1288 0.58 66.87 -33.34
C ASN A 1288 -0.80 66.35 -33.71
N MET A 1289 -1.12 65.10 -33.39
CA MET A 1289 -2.34 64.40 -33.86
C MET A 1289 -3.55 64.75 -32.99
N LEU A 1290 -3.33 65.32 -31.81
CA LEU A 1290 -4.43 65.66 -30.84
C LEU A 1290 -4.58 67.19 -30.69
N LEU A 1291 -3.55 68.01 -30.91
CA LEU A 1291 -3.57 69.47 -30.57
C LEU A 1291 -3.12 70.35 -31.74
N ILE A 1292 -1.95 70.10 -32.32
CA ILE A 1292 -1.21 71.11 -33.13
C ILE A 1292 -1.62 71.05 -34.60
N SER A 1293 -1.59 69.89 -35.25
CA SER A 1293 -2.00 69.72 -36.67
C SER A 1293 -1.03 70.46 -37.62
N SER A 1294 0.19 70.73 -37.14
CA SER A 1294 1.26 71.30 -38.00
C SER A 1294 1.73 70.27 -39.04
N SER A 1295 2.21 70.77 -40.16
CA SER A 1295 2.94 70.01 -41.19
C SER A 1295 4.37 70.57 -41.22
N GLY A 1296 4.87 70.96 -40.04
CA GLY A 1296 6.16 71.63 -39.88
C GLY A 1296 7.26 70.65 -39.47
N PRO A 1297 8.47 71.13 -39.10
CA PRO A 1297 9.58 70.24 -38.75
C PRO A 1297 9.24 69.32 -37.58
N ILE A 1298 9.95 68.19 -37.52
CA ILE A 1298 9.79 67.12 -36.50
C ILE A 1298 11.14 66.40 -36.40
N LYS A 1299 12.00 66.94 -35.56
CA LYS A 1299 13.39 66.49 -35.35
C LYS A 1299 13.51 66.15 -33.87
N THR A 1300 13.58 64.87 -33.53
CA THR A 1300 13.37 64.36 -32.16
C THR A 1300 14.69 63.84 -31.60
N PRO A 1301 15.33 64.60 -30.70
CA PRO A 1301 16.64 64.22 -30.18
C PRO A 1301 16.58 63.13 -29.11
N VAL A 1302 17.55 62.20 -29.16
CA VAL A 1302 17.94 61.35 -27.99
C VAL A 1302 19.25 61.90 -27.44
N GLY A 1303 19.23 62.39 -26.21
CA GLY A 1303 20.38 63.08 -25.61
C GLY A 1303 20.67 62.61 -24.21
N ALA A 1304 20.21 61.42 -23.83
CA ALA A 1304 20.24 60.95 -22.43
C ALA A 1304 19.91 62.14 -21.52
N CYS A 1305 20.70 62.40 -20.48
CA CYS A 1305 20.39 63.38 -19.42
C CYS A 1305 20.44 64.81 -20.00
N ALA A 1306 20.94 64.98 -21.23
CA ALA A 1306 21.07 66.31 -21.87
C ALA A 1306 20.08 66.51 -23.02
N THR A 1307 19.01 65.73 -23.12
CA THR A 1307 18.19 65.80 -24.36
C THR A 1307 17.46 67.15 -24.38
N SER A 1308 17.11 67.71 -23.22
CA SER A 1308 16.37 68.99 -23.15
C SER A 1308 17.19 70.14 -23.77
N VAL A 1309 18.51 70.14 -23.59
CA VAL A 1309 19.37 71.25 -24.09
C VAL A 1309 19.64 71.00 -25.57
N GLU A 1310 19.90 69.76 -25.92
CA GLU A 1310 19.98 69.35 -27.34
C GLU A 1310 18.70 69.79 -28.05
N SER A 1311 17.54 69.65 -27.41
CA SER A 1311 16.23 70.01 -28.02
C SER A 1311 16.21 71.49 -28.35
N VAL A 1312 16.53 72.33 -27.36
CA VAL A 1312 16.60 73.81 -27.53
C VAL A 1312 17.51 74.13 -28.71
N ASP A 1313 18.68 73.50 -28.76
CA ASP A 1313 19.69 73.76 -29.82
C ASP A 1313 19.07 73.47 -31.19
N ILE A 1314 18.54 72.27 -31.39
CA ILE A 1314 17.86 71.87 -32.65
C ILE A 1314 16.71 72.84 -32.94
N GLY A 1315 15.93 73.19 -31.93
CA GLY A 1315 14.78 74.11 -32.07
C GLY A 1315 15.24 75.46 -32.59
N VAL A 1316 16.22 76.05 -31.92
CA VAL A 1316 16.80 77.36 -32.32
C VAL A 1316 17.24 77.28 -33.80
N GLU A 1317 18.10 76.32 -34.14
CA GLU A 1317 18.67 76.19 -35.50
C GLU A 1317 17.55 75.99 -36.52
N THR A 1318 16.46 75.32 -36.14
CA THR A 1318 15.33 74.97 -37.04
C THR A 1318 14.58 76.26 -37.39
N ILE A 1319 14.50 77.21 -36.46
CA ILE A 1319 13.86 78.53 -36.71
C ILE A 1319 14.83 79.42 -37.49
N LEU A 1320 16.07 79.49 -37.06
CA LEU A 1320 17.10 80.32 -37.74
C LEU A 1320 17.32 79.84 -39.17
N SER A 1321 16.93 78.63 -39.52
CA SER A 1321 17.10 78.11 -40.91
C SER A 1321 15.92 78.56 -41.78
N GLY A 1322 14.81 78.95 -41.17
CA GLY A 1322 13.61 79.41 -41.89
C GLY A 1322 12.60 78.30 -42.05
N LYS A 1323 12.93 77.10 -41.59
CA LYS A 1323 12.06 75.90 -41.68
C LYS A 1323 10.87 76.00 -40.72
N ALA A 1324 10.94 76.91 -39.74
CA ALA A 1324 9.93 77.05 -38.67
C ALA A 1324 10.06 78.43 -38.01
N ARG A 1325 8.94 78.99 -37.57
CA ARG A 1325 8.90 80.31 -36.88
C ARG A 1325 8.54 80.04 -35.42
N ILE A 1326 7.77 79.00 -35.16
CA ILE A 1326 7.45 78.55 -33.78
C ILE A 1326 7.86 77.09 -33.65
N CYS A 1327 8.36 76.72 -32.48
CA CYS A 1327 8.86 75.36 -32.21
C CYS A 1327 8.56 74.95 -30.77
N ILE A 1328 7.89 73.82 -30.61
CA ILE A 1328 7.78 73.13 -29.30
C ILE A 1328 9.15 72.50 -29.05
N VAL A 1329 9.58 72.44 -27.79
CA VAL A 1329 10.98 72.14 -27.43
C VAL A 1329 10.98 71.64 -25.98
N GLY A 1330 11.91 70.75 -25.64
CA GLY A 1330 11.98 70.20 -24.27
C GLY A 1330 12.27 68.70 -24.24
N GLY A 1331 12.06 68.09 -23.08
CA GLY A 1331 12.46 66.70 -22.81
C GLY A 1331 11.51 66.01 -21.86
N TYR A 1332 11.52 64.70 -21.85
CA TYR A 1332 10.60 63.88 -21.02
C TYR A 1332 11.20 62.49 -20.84
N ASP A 1333 10.94 61.89 -19.67
CA ASP A 1333 11.35 60.52 -19.36
C ASP A 1333 10.56 60.03 -18.14
N ASP A 1334 10.14 58.77 -18.13
CA ASP A 1334 9.42 58.13 -17.00
C ASP A 1334 10.45 57.46 -16.10
N PHE A 1335 9.99 56.97 -14.96
CA PHE A 1335 10.73 56.06 -14.03
C PHE A 1335 9.99 54.73 -14.05
N GLN A 1336 10.71 53.61 -14.18
CA GLN A 1336 10.09 52.26 -14.12
C GLN A 1336 11.09 51.27 -13.54
N GLU A 1337 10.62 50.08 -13.17
CA GLU A 1337 11.40 49.06 -12.42
C GLU A 1337 12.77 48.86 -13.09
N GLU A 1338 12.75 48.64 -14.40
CA GLU A 1338 13.89 48.09 -15.16
C GLU A 1338 14.99 49.14 -15.19
N GLY A 1339 14.68 50.34 -15.68
CA GLY A 1339 15.59 51.50 -15.59
C GLY A 1339 16.22 51.66 -14.22
N SER A 1340 15.43 51.60 -13.14
CA SER A 1340 15.92 51.92 -11.77
C SER A 1340 17.04 50.95 -11.41
N PHE A 1341 16.80 49.70 -11.79
CA PHE A 1341 17.65 48.53 -11.47
C PHE A 1341 18.99 48.70 -12.18
N GLU A 1342 18.91 49.11 -13.44
CA GLU A 1342 20.11 49.21 -14.32
C GLU A 1342 20.96 50.39 -13.89
N PHE A 1343 20.35 51.53 -13.57
CA PHE A 1343 21.08 52.67 -13.01
C PHE A 1343 21.77 52.22 -11.72
N GLY A 1344 21.11 51.38 -10.93
CA GLY A 1344 21.70 50.77 -9.72
C GLY A 1344 22.87 49.87 -10.07
N ASN A 1345 22.73 49.02 -11.08
CA ASN A 1345 23.82 48.08 -11.47
C ASN A 1345 25.03 48.90 -11.95
N MET A 1346 24.82 50.11 -12.47
CA MET A 1346 25.91 51.01 -12.91
C MET A 1346 26.40 51.88 -11.74
N LYS A 1347 25.79 51.72 -10.57
CA LYS A 1347 26.14 52.49 -9.35
C LYS A 1347 26.04 54.01 -9.60
N ALA A 1348 25.11 54.46 -10.41
CA ALA A 1348 24.93 55.89 -10.74
C ALA A 1348 24.00 56.53 -9.71
N THR A 1349 23.03 55.76 -9.22
CA THR A 1349 21.98 56.21 -8.28
C THR A 1349 22.48 56.01 -6.86
N SER A 1350 22.04 56.85 -5.93
CA SER A 1350 22.27 56.69 -4.46
C SER A 1350 21.66 55.35 -4.05
N ASN A 1351 22.43 54.61 -3.26
CA ASN A 1351 22.00 53.38 -2.57
C ASN A 1351 21.22 53.78 -1.30
N THR A 1352 19.92 53.54 -1.30
CA THR A 1352 18.99 54.05 -0.26
C THR A 1352 19.31 53.41 1.09
N LEU A 1353 19.84 52.19 1.12
CA LEU A 1353 20.16 51.50 2.39
C LEU A 1353 21.41 52.13 3.02
N GLU A 1354 22.39 52.49 2.19
CA GLU A 1354 23.56 53.28 2.63
C GLU A 1354 23.06 54.61 3.19
N GLU A 1355 22.18 55.32 2.47
CA GLU A 1355 21.70 56.64 2.92
C GLU A 1355 21.09 56.49 4.30
N PHE A 1356 20.23 55.50 4.50
CA PHE A 1356 19.55 55.25 5.80
C PHE A 1356 20.60 55.00 6.89
N GLU A 1357 21.67 54.28 6.57
CA GLU A 1357 22.74 54.00 7.55
C GLU A 1357 23.38 55.30 8.01
N HIS A 1358 23.41 56.29 7.12
CA HIS A 1358 23.98 57.65 7.34
C HIS A 1358 22.91 58.57 7.91
N GLY A 1359 21.72 58.06 8.20
CA GLY A 1359 20.65 58.83 8.86
C GLY A 1359 20.06 59.86 7.93
N ARG A 1360 20.09 59.61 6.63
CA ARG A 1360 19.54 60.56 5.65
C ARG A 1360 18.08 60.23 5.39
N THR A 1361 17.21 61.23 5.43
CA THR A 1361 15.80 61.12 4.98
C THR A 1361 15.75 61.30 3.46
N PRO A 1362 14.70 60.81 2.77
CA PRO A 1362 14.62 60.99 1.32
C PRO A 1362 14.75 62.46 0.88
N ALA A 1363 14.19 63.40 1.64
CA ALA A 1363 14.28 64.85 1.33
C ALA A 1363 15.73 65.20 1.00
N GLU A 1364 16.67 64.72 1.84
CA GLU A 1364 18.11 65.09 1.80
C GLU A 1364 18.97 64.05 1.05
N MET A 1365 18.43 63.24 0.16
CA MET A 1365 19.22 62.15 -0.51
C MET A 1365 19.81 62.67 -1.83
N SER A 1366 19.20 63.72 -2.40
CA SER A 1366 19.78 64.50 -3.54
C SER A 1366 20.42 65.74 -2.96
N ARG A 1367 21.75 65.76 -2.85
CA ARG A 1367 22.48 66.87 -2.21
C ARG A 1367 23.71 67.19 -3.06
N PRO A 1368 23.50 67.91 -4.18
CA PRO A 1368 24.61 68.25 -5.07
C PRO A 1368 25.69 69.09 -4.40
N ALA A 1369 26.95 68.86 -4.82
CA ALA A 1369 28.14 69.67 -4.51
C ALA A 1369 28.52 69.52 -3.04
N THR A 1370 27.92 68.55 -2.35
CA THR A 1370 28.15 68.26 -0.92
C THR A 1370 29.34 67.33 -0.76
N THR A 1371 30.01 67.41 0.39
CA THR A 1371 31.07 66.47 0.81
C THR A 1371 30.58 65.03 0.65
N THR A 1372 29.38 64.73 1.15
CA THR A 1372 28.88 63.35 1.33
C THR A 1372 27.98 62.93 0.16
N ARG A 1373 27.98 63.65 -0.95
CA ARG A 1373 27.11 63.32 -2.12
C ARG A 1373 27.52 61.93 -2.60
N ASN A 1374 26.57 61.14 -3.06
CA ASN A 1374 26.76 59.66 -3.10
C ASN A 1374 25.91 59.03 -4.21
N GLY A 1375 25.61 59.78 -5.27
CA GLY A 1375 24.80 59.27 -6.39
C GLY A 1375 23.50 60.03 -6.57
N PHE A 1376 22.93 59.93 -7.77
CA PHE A 1376 21.79 60.77 -8.20
C PHE A 1376 20.50 60.10 -7.75
N MET A 1377 19.44 60.89 -7.62
CA MET A 1377 18.09 60.45 -7.21
C MET A 1377 17.21 60.47 -8.45
N GLU A 1378 16.72 59.33 -8.88
CA GLU A 1378 16.00 59.22 -10.17
C GLU A 1378 14.60 59.80 -10.00
N ALA A 1379 14.05 60.39 -11.07
CA ALA A 1379 12.72 61.03 -11.06
C ALA A 1379 12.05 60.80 -12.40
N GLN A 1380 10.84 61.33 -12.56
CA GLN A 1380 10.02 61.15 -13.77
C GLN A 1380 9.38 62.48 -14.12
N GLY A 1381 9.09 62.69 -15.40
CA GLY A 1381 8.25 63.81 -15.83
C GLY A 1381 8.69 64.39 -17.16
N ALA A 1382 8.24 65.60 -17.42
CA ALA A 1382 8.36 66.27 -18.73
C ALA A 1382 8.51 67.77 -18.50
N GLY A 1383 9.14 68.42 -19.46
CA GLY A 1383 9.28 69.88 -19.51
C GLY A 1383 9.16 70.35 -20.94
N ILE A 1384 8.30 71.32 -21.20
CA ILE A 1384 8.11 71.88 -22.55
C ILE A 1384 8.30 73.39 -22.48
N GLN A 1385 8.98 73.93 -23.48
CA GLN A 1385 9.06 75.38 -23.77
C GLN A 1385 8.47 75.60 -25.15
N ILE A 1386 7.87 76.76 -25.37
CA ILE A 1386 7.50 77.24 -26.73
C ILE A 1386 8.49 78.33 -27.10
N ILE A 1387 9.20 78.16 -28.21
CA ILE A 1387 10.18 79.18 -28.68
C ILE A 1387 9.73 79.67 -30.04
N MET A 1388 9.96 80.96 -30.31
CA MET A 1388 9.60 81.57 -31.59
C MET A 1388 10.50 82.77 -31.89
N GLN A 1389 10.51 83.17 -33.15
CA GLN A 1389 11.06 84.46 -33.60
C GLN A 1389 10.51 85.55 -32.67
N ALA A 1390 11.37 86.38 -32.10
CA ALA A 1390 10.95 87.55 -31.30
C ALA A 1390 9.99 88.39 -32.14
N ASP A 1391 10.27 88.52 -33.41
CA ASP A 1391 9.48 89.39 -34.33
C ASP A 1391 8.05 88.89 -34.34
N LEU A 1392 7.87 87.57 -34.31
CA LEU A 1392 6.52 86.93 -34.28
C LEU A 1392 5.92 87.12 -32.89
N ALA A 1393 6.69 86.89 -31.82
CA ALA A 1393 6.18 87.00 -30.44
C ALA A 1393 5.58 88.41 -30.27
N LEU A 1394 6.29 89.43 -30.71
CA LEU A 1394 5.83 90.85 -30.62
C LEU A 1394 4.54 90.99 -31.44
N LYS A 1395 4.54 90.51 -32.68
CA LYS A 1395 3.38 90.60 -33.59
C LYS A 1395 2.17 89.94 -32.95
N MET A 1396 2.34 88.76 -32.38
CA MET A 1396 1.24 87.94 -31.82
C MET A 1396 0.82 88.53 -30.47
N GLY A 1397 1.66 89.32 -29.83
CA GLY A 1397 1.43 89.79 -28.46
C GLY A 1397 1.32 88.65 -27.49
N VAL A 1398 2.30 87.75 -27.51
CA VAL A 1398 2.42 86.66 -26.50
C VAL A 1398 3.48 87.12 -25.51
N PRO A 1399 3.42 86.63 -24.26
CA PRO A 1399 4.43 86.96 -23.27
C PRO A 1399 5.80 86.45 -23.72
N ILE A 1400 6.87 87.11 -23.25
CA ILE A 1400 8.27 86.80 -23.58
C ILE A 1400 9.05 86.67 -22.27
N TYR A 1401 9.38 85.43 -21.90
CA TYR A 1401 9.95 85.09 -20.56
C TYR A 1401 11.47 85.16 -20.61
N GLY A 1402 12.06 85.08 -21.79
CA GLY A 1402 13.53 85.04 -21.92
C GLY A 1402 13.97 84.98 -23.36
N ILE A 1403 15.21 85.40 -23.61
CA ILE A 1403 15.88 85.26 -24.93
C ILE A 1403 16.77 84.03 -24.86
N VAL A 1404 16.65 83.11 -25.82
CA VAL A 1404 17.60 81.97 -25.92
C VAL A 1404 18.81 82.51 -26.67
N ALA A 1405 19.82 82.96 -25.95
CA ALA A 1405 20.97 83.68 -26.52
C ALA A 1405 21.96 82.69 -27.14
N MET A 1406 22.01 81.47 -26.63
CA MET A 1406 22.95 80.43 -27.13
C MET A 1406 22.41 79.04 -26.79
N ALA A 1407 22.75 78.06 -27.59
CA ALA A 1407 22.43 76.64 -27.30
C ALA A 1407 23.41 75.76 -28.08
N ALA A 1408 24.19 74.93 -27.39
CA ALA A 1408 25.30 74.18 -27.99
C ALA A 1408 25.40 72.78 -27.38
N THR A 1409 25.93 71.83 -28.16
CA THR A 1409 26.24 70.45 -27.71
C THR A 1409 27.71 70.14 -27.99
N ALA A 1410 28.33 69.30 -27.17
CA ALA A 1410 29.70 68.83 -27.44
C ALA A 1410 29.92 67.41 -26.92
N THR A 1411 30.56 66.59 -27.75
CA THR A 1411 31.25 65.32 -27.36
C THR A 1411 32.56 65.70 -26.67
N ASP A 1412 33.29 64.72 -26.16
CA ASP A 1412 34.50 64.95 -25.33
C ASP A 1412 35.72 64.52 -26.12
N LYS A 1413 36.07 63.23 -26.10
CA LYS A 1413 37.35 62.71 -26.63
C LYS A 1413 37.35 61.17 -26.58
N ILE A 1414 38.43 60.56 -27.06
CA ILE A 1414 38.71 59.11 -26.90
C ILE A 1414 38.45 58.77 -25.44
N GLY A 1415 37.83 57.63 -25.21
CA GLY A 1415 37.38 57.20 -23.86
C GLY A 1415 36.94 55.75 -23.90
N ARG A 1416 36.76 55.14 -22.74
CA ARG A 1416 36.20 53.76 -22.65
C ARG A 1416 35.06 53.71 -21.63
N SER A 1417 34.65 54.86 -21.06
CA SER A 1417 33.52 54.95 -20.11
C SER A 1417 32.43 55.85 -20.67
N VAL A 1418 31.44 55.25 -21.31
CA VAL A 1418 30.27 55.97 -21.89
C VAL A 1418 29.66 56.92 -20.85
N PRO A 1419 29.47 56.52 -19.59
CA PRO A 1419 28.75 57.37 -18.65
C PRO A 1419 29.57 58.47 -17.96
N ALA A 1420 30.88 58.52 -18.21
CA ALA A 1420 31.80 59.49 -17.60
C ALA A 1420 31.49 60.87 -18.18
N PRO A 1421 31.31 61.92 -17.36
CA PRO A 1421 31.05 63.26 -17.88
C PRO A 1421 32.38 63.91 -18.23
N GLY A 1422 32.41 64.80 -19.23
CA GLY A 1422 33.66 65.39 -19.74
C GLY A 1422 33.55 66.87 -20.01
N LYS A 1423 34.54 67.43 -20.71
CA LYS A 1423 34.76 68.90 -20.77
C LYS A 1423 34.59 69.45 -22.19
N GLY A 1424 34.03 68.68 -23.11
CA GLY A 1424 33.86 69.16 -24.50
C GLY A 1424 33.14 70.50 -24.54
N ILE A 1425 32.18 70.72 -23.65
CA ILE A 1425 31.32 71.93 -23.70
C ILE A 1425 32.15 73.16 -23.30
N LEU A 1426 33.33 72.98 -22.69
CA LEU A 1426 34.32 74.06 -22.46
C LEU A 1426 34.50 74.86 -23.75
N THR A 1427 34.34 74.21 -24.91
CA THR A 1427 34.57 74.83 -26.23
C THR A 1427 33.67 76.05 -26.43
N THR A 1428 32.52 76.16 -25.77
CA THR A 1428 31.62 77.32 -25.94
C THR A 1428 32.37 78.61 -25.55
N ALA A 1429 33.42 78.53 -24.74
CA ALA A 1429 34.20 79.70 -24.28
C ALA A 1429 35.48 79.82 -25.09
N ARG A 1430 35.63 79.09 -26.18
CA ARG A 1430 36.90 79.13 -26.94
C ARG A 1430 37.11 80.53 -27.50
N GLU A 1431 38.27 81.12 -27.29
CA GLU A 1431 38.68 82.29 -28.10
C GLU A 1431 40.20 82.47 -28.05
N HIS A 1432 40.70 83.25 -29.01
CA HIS A 1432 42.12 83.27 -29.41
C HIS A 1432 42.79 84.53 -28.87
N HIS A 1433 43.76 84.35 -27.97
CA HIS A 1433 44.38 85.44 -27.19
C HIS A 1433 45.80 85.77 -27.68
N SER A 1434 46.23 85.29 -28.83
CA SER A 1434 47.64 85.49 -29.28
C SER A 1434 47.90 86.97 -29.50
N SER A 1435 46.87 87.68 -29.98
CA SER A 1435 46.93 89.10 -30.41
C SER A 1435 45.67 89.79 -29.87
N VAL A 1436 45.86 90.66 -28.88
CA VAL A 1436 44.81 91.06 -27.90
C VAL A 1436 45.23 92.35 -27.20
N LYS A 1437 46.25 93.04 -27.70
CA LYS A 1437 46.83 94.24 -27.06
C LYS A 1437 45.86 95.40 -27.18
N TYR A 1438 45.12 95.50 -28.30
CA TYR A 1438 44.19 96.63 -28.59
C TYR A 1438 42.77 96.11 -28.81
N ALA A 1439 41.80 96.81 -28.24
CA ALA A 1439 40.35 96.51 -28.32
C ALA A 1439 39.93 96.34 -29.78
N SER A 1440 38.89 95.54 -29.99
CA SER A 1440 38.41 95.05 -31.30
C SER A 1440 37.13 95.79 -31.64
N PRO A 1441 37.12 96.61 -32.70
CA PRO A 1441 35.90 97.30 -33.12
C PRO A 1441 34.66 96.41 -33.16
N ASN A 1442 34.83 95.15 -33.58
CA ASN A 1442 33.73 94.18 -33.81
C ASN A 1442 32.96 93.97 -32.51
N LEU A 1443 33.63 94.11 -31.35
CA LEU A 1443 33.01 93.89 -30.02
C LEU A 1443 32.28 95.17 -29.57
N ASN A 1444 32.50 96.29 -30.25
CA ASN A 1444 31.99 97.62 -29.84
C ASN A 1444 30.70 97.90 -30.62
N MET A 1445 29.57 97.92 -29.92
CA MET A 1445 28.21 98.01 -30.55
C MET A 1445 28.06 99.32 -31.32
N LYS A 1446 28.69 100.41 -30.86
CA LYS A 1446 28.61 101.71 -31.57
C LYS A 1446 29.16 101.55 -32.99
N TYR A 1447 30.28 100.83 -33.14
CA TYR A 1447 30.95 100.57 -34.44
C TYR A 1447 29.99 99.76 -35.31
N ARG A 1448 29.53 98.63 -34.79
CA ARG A 1448 28.62 97.72 -35.52
C ARG A 1448 27.43 98.55 -36.02
N LYS A 1449 26.89 99.43 -35.18
CA LYS A 1449 25.68 100.24 -35.50
C LYS A 1449 26.01 101.18 -36.66
N ARG A 1450 27.08 101.96 -36.51
CA ARG A 1450 27.61 102.89 -37.55
C ARG A 1450 27.65 102.15 -38.89
N GLN A 1451 28.18 100.93 -38.90
CA GLN A 1451 28.38 100.12 -40.12
C GLN A 1451 27.01 99.77 -40.71
N LEU A 1452 26.03 99.47 -39.86
CA LEU A 1452 24.65 99.15 -40.32
C LEU A 1452 24.05 100.39 -40.99
N VAL A 1453 24.23 101.59 -40.40
CA VAL A 1453 23.56 102.82 -40.93
C VAL A 1453 24.10 103.11 -42.33
N THR A 1454 25.39 102.89 -42.55
CA THR A 1454 26.01 102.97 -43.90
C THR A 1454 25.27 101.99 -44.82
N ARG A 1455 25.14 100.75 -44.40
CA ARG A 1455 24.50 99.67 -45.19
C ARG A 1455 23.04 100.08 -45.46
N GLU A 1456 22.36 100.66 -44.46
CA GLU A 1456 20.92 101.08 -44.56
C GLU A 1456 20.79 102.10 -45.69
N ALA A 1457 21.69 103.08 -45.74
CA ALA A 1457 21.76 104.13 -46.76
C ALA A 1457 22.04 103.54 -48.15
N GLN A 1458 22.83 102.47 -48.24
CA GLN A 1458 23.12 101.79 -49.53
C GLN A 1458 21.84 101.12 -50.06
N ILE A 1459 21.02 100.56 -49.15
CA ILE A 1459 19.74 99.88 -49.49
C ILE A 1459 18.70 100.94 -49.90
N LYS A 1460 18.62 102.05 -49.17
CA LYS A 1460 17.84 103.25 -49.58
C LYS A 1460 18.11 103.51 -51.07
N ASP A 1461 19.38 103.67 -51.47
CA ASP A 1461 19.76 103.97 -52.86
C ASP A 1461 19.35 102.80 -53.76
N TRP A 1462 19.55 101.57 -53.30
CA TRP A 1462 19.26 100.35 -54.11
C TRP A 1462 17.79 100.37 -54.56
N VAL A 1463 16.88 100.67 -53.64
CA VAL A 1463 15.41 100.65 -53.88
C VAL A 1463 15.05 101.78 -54.85
N GLU A 1464 15.59 102.98 -54.63
CA GLU A 1464 15.40 104.13 -55.55
C GLU A 1464 15.70 103.66 -56.98
N ASN A 1465 16.87 103.06 -57.19
CA ASN A 1465 17.37 102.64 -58.53
C ASN A 1465 16.40 101.62 -59.13
N GLU A 1466 15.91 100.68 -58.30
CA GLU A 1466 15.05 99.57 -58.77
C GLU A 1466 13.68 100.11 -59.20
N LEU A 1467 13.16 101.15 -58.52
CA LEU A 1467 11.87 101.80 -58.89
C LEU A 1467 12.04 102.56 -60.20
N GLU A 1468 13.09 103.37 -60.31
CA GLU A 1468 13.42 104.17 -61.52
C GLU A 1468 13.51 103.21 -62.72
N ALA A 1469 14.13 102.04 -62.56
CA ALA A 1469 14.30 101.02 -63.62
C ALA A 1469 12.95 100.39 -63.97
N LEU A 1470 12.15 100.10 -62.95
CA LEU A 1470 10.80 99.48 -63.08
C LEU A 1470 9.89 100.42 -63.88
N LYS A 1471 9.95 101.71 -63.58
CA LYS A 1471 9.20 102.76 -64.31
C LYS A 1471 9.47 102.60 -65.82
N LEU A 1472 10.75 102.53 -66.20
CA LEU A 1472 11.20 102.44 -67.62
C LEU A 1472 10.67 101.15 -68.26
N GLU A 1473 10.74 100.01 -67.56
CA GLU A 1473 10.22 98.72 -68.06
C GLU A 1473 8.71 98.84 -68.33
N ALA A 1474 7.99 99.54 -67.45
CA ALA A 1474 6.51 99.71 -67.49
C ALA A 1474 6.09 100.58 -68.67
N GLU A 1475 6.94 101.52 -69.08
CA GLU A 1475 6.72 102.38 -70.28
C GLU A 1475 6.62 101.50 -71.52
N GLU A 1476 7.21 100.29 -71.52
CA GLU A 1476 7.21 99.35 -72.67
C GLU A 1476 6.00 98.40 -72.63
N ILE A 1477 5.26 98.35 -71.51
CA ILE A 1477 4.11 97.42 -71.31
C ILE A 1477 2.81 98.13 -71.72
N PRO A 1478 1.90 97.45 -72.46
CA PRO A 1478 0.59 98.03 -72.80
C PRO A 1478 -0.17 98.56 -71.56
N SER A 1479 -0.78 99.75 -71.67
CA SER A 1479 -1.30 100.54 -70.53
C SER A 1479 -2.44 99.81 -69.81
N GLU A 1480 -3.23 98.97 -70.49
CA GLU A 1480 -4.36 98.23 -69.85
C GLU A 1480 -3.84 97.28 -68.76
N ASP A 1481 -2.73 96.57 -68.98
CA ASP A 1481 -2.17 95.62 -67.95
C ASP A 1481 -0.87 96.19 -67.35
N GLN A 1482 -0.66 97.50 -67.45
CA GLN A 1482 0.48 98.22 -66.82
C GLN A 1482 0.36 98.15 -65.30
N ASN A 1483 -0.84 98.21 -64.74
CA ASN A 1483 -1.08 98.16 -63.27
C ASN A 1483 -0.66 96.78 -62.74
N GLU A 1484 -1.08 95.71 -63.39
CA GLU A 1484 -0.84 94.32 -62.90
C GLU A 1484 0.67 94.08 -62.83
N PHE A 1485 1.41 94.46 -63.88
CA PHE A 1485 2.89 94.36 -63.98
C PHE A 1485 3.53 95.09 -62.80
N LEU A 1486 3.10 96.34 -62.57
CA LEU A 1486 3.64 97.20 -61.50
C LEU A 1486 3.36 96.57 -60.14
N LEU A 1487 2.16 96.04 -59.92
CA LEU A 1487 1.76 95.46 -58.61
C LEU A 1487 2.71 94.31 -58.25
N GLU A 1488 2.90 93.37 -59.18
CA GLU A 1488 3.72 92.14 -59.00
C GLU A 1488 5.15 92.52 -58.69
N ARG A 1489 5.69 93.44 -59.47
CA ARG A 1489 7.14 93.71 -59.48
C ARG A 1489 7.50 94.59 -58.27
N THR A 1490 6.60 95.49 -57.85
CA THR A 1490 6.81 96.42 -56.72
C THR A 1490 6.82 95.62 -55.41
N ARG A 1491 5.99 94.59 -55.35
CA ARG A 1491 5.89 93.67 -54.20
C ARG A 1491 7.23 92.93 -54.05
N GLU A 1492 7.81 92.51 -55.17
CA GLU A 1492 9.11 91.78 -55.20
C GLU A 1492 10.23 92.69 -54.71
N ILE A 1493 10.20 93.97 -55.10
CA ILE A 1493 11.24 94.97 -54.71
C ILE A 1493 11.15 95.19 -53.21
N HIS A 1494 9.93 95.25 -52.66
CA HIS A 1494 9.67 95.39 -51.20
C HIS A 1494 10.31 94.22 -50.46
N ASN A 1495 10.02 92.98 -50.91
CA ASN A 1495 10.64 91.72 -50.42
C ASN A 1495 12.17 91.86 -50.35
N GLU A 1496 12.81 92.22 -51.47
CA GLU A 1496 14.28 92.21 -51.61
C GLU A 1496 14.86 93.32 -50.73
N ALA A 1497 14.08 94.38 -50.48
CA ALA A 1497 14.48 95.50 -49.60
C ALA A 1497 14.47 95.00 -48.16
N GLU A 1498 13.44 94.26 -47.78
CA GLU A 1498 13.34 93.68 -46.42
C GLU A 1498 14.49 92.69 -46.24
N SER A 1499 14.69 91.75 -47.17
CA SER A 1499 15.83 90.80 -47.15
C SER A 1499 17.12 91.57 -46.85
N GLN A 1500 17.38 92.62 -47.62
CA GLN A 1500 18.67 93.35 -47.56
C GLN A 1500 18.80 94.00 -46.19
N LEU A 1501 17.74 94.63 -45.70
CA LEU A 1501 17.75 95.29 -44.37
C LEU A 1501 18.10 94.24 -43.32
N ARG A 1502 17.33 93.15 -43.28
CA ARG A 1502 17.42 92.11 -42.22
C ARG A 1502 18.78 91.41 -42.29
N ALA A 1503 19.28 91.19 -43.49
CA ALA A 1503 20.62 90.58 -43.75
C ALA A 1503 21.69 91.46 -43.12
N ALA A 1504 21.53 92.78 -43.21
CA ALA A 1504 22.50 93.78 -42.70
C ALA A 1504 22.44 93.78 -41.18
N GLN A 1505 21.23 93.75 -40.61
CA GLN A 1505 21.02 93.67 -39.15
C GLN A 1505 21.60 92.34 -38.70
N GLN A 1506 21.36 91.27 -39.48
CA GLN A 1506 21.86 89.91 -39.18
C GLN A 1506 23.38 89.94 -39.06
N GLN A 1507 24.04 90.57 -40.03
CA GLN A 1507 25.51 90.57 -40.14
C GLN A 1507 26.14 91.38 -39.00
N TRP A 1508 25.57 92.54 -38.66
CA TRP A 1508 26.21 93.53 -37.73
C TRP A 1508 25.64 93.43 -36.32
N GLY A 1509 24.44 92.89 -36.16
CA GLY A 1509 23.72 92.88 -34.88
C GLY A 1509 23.77 91.53 -34.20
N ASN A 1510 23.51 90.47 -34.98
CA ASN A 1510 23.24 89.08 -34.51
C ASN A 1510 24.48 88.18 -34.65
N ASP A 1511 25.11 88.16 -35.84
CA ASP A 1511 26.13 87.16 -36.26
C ASP A 1511 27.54 87.78 -36.34
N PHE A 1512 27.78 88.94 -35.76
CA PHE A 1512 29.08 89.64 -35.88
C PHE A 1512 30.24 88.77 -35.37
N TYR A 1513 30.02 87.91 -34.37
CA TYR A 1513 31.12 87.22 -33.66
C TYR A 1513 31.40 85.82 -34.25
N LYS A 1514 30.52 85.37 -35.15
CA LYS A 1514 30.49 83.96 -35.63
C LYS A 1514 31.82 83.62 -36.29
N ARG A 1515 32.45 84.58 -36.94
CA ARG A 1515 33.68 84.32 -37.73
C ARG A 1515 34.88 85.04 -37.07
N ASP A 1516 34.70 85.71 -35.92
CA ASP A 1516 35.79 86.43 -35.22
C ASP A 1516 36.37 85.47 -34.20
N PRO A 1517 37.60 84.94 -34.40
CA PRO A 1517 38.20 84.02 -33.45
C PRO A 1517 38.56 84.69 -32.12
N ARG A 1518 38.39 86.01 -31.99
CA ARG A 1518 38.70 86.72 -30.72
C ARG A 1518 37.44 86.85 -29.87
N ILE A 1519 36.28 86.47 -30.40
CA ILE A 1519 34.98 86.49 -29.64
C ILE A 1519 34.42 85.08 -29.56
N ALA A 1520 34.41 84.54 -28.34
CA ALA A 1520 33.87 83.20 -28.00
C ALA A 1520 32.37 83.21 -28.22
N PRO A 1521 31.77 82.09 -28.63
CA PRO A 1521 30.32 82.00 -28.78
C PRO A 1521 29.58 82.47 -27.54
N LEU A 1522 30.11 82.16 -26.36
CA LEU A 1522 29.53 82.52 -25.03
C LEU A 1522 29.57 84.03 -24.88
N ARG A 1523 30.70 84.65 -25.19
CA ARG A 1523 30.88 86.11 -25.04
C ARG A 1523 30.01 86.82 -26.07
N GLY A 1524 30.01 86.32 -27.30
CA GLY A 1524 29.19 86.84 -28.39
C GLY A 1524 27.71 86.85 -28.03
N ALA A 1525 27.19 85.72 -27.55
CA ALA A 1525 25.75 85.54 -27.22
C ALA A 1525 25.31 86.69 -26.31
N LEU A 1526 26.15 87.04 -25.33
CA LEU A 1526 25.86 88.07 -24.32
C LEU A 1526 26.09 89.47 -24.91
N ALA A 1527 27.22 89.64 -25.60
CA ALA A 1527 27.63 90.91 -26.24
C ALA A 1527 26.56 91.39 -27.22
N THR A 1528 25.74 90.52 -27.80
CA THR A 1528 24.80 90.98 -28.85
C THR A 1528 23.76 91.92 -28.22
N TYR A 1529 23.42 91.73 -26.93
CA TYR A 1529 22.46 92.56 -26.14
C TYR A 1529 23.22 93.56 -25.28
N GLY A 1530 24.54 93.63 -25.43
CA GLY A 1530 25.39 94.61 -24.73
C GLY A 1530 25.78 94.17 -23.34
N LEU A 1531 25.70 92.86 -23.03
CA LEU A 1531 26.11 92.28 -21.74
C LEU A 1531 27.55 91.79 -21.85
N THR A 1532 28.32 91.97 -20.78
CA THR A 1532 29.69 91.48 -20.63
C THR A 1532 29.66 90.10 -20.01
N ILE A 1533 30.82 89.45 -19.95
CA ILE A 1533 30.94 88.08 -19.39
C ILE A 1533 30.57 88.15 -17.90
N ASP A 1534 30.73 89.30 -17.25
CA ASP A 1534 30.44 89.46 -15.81
C ASP A 1534 28.92 89.51 -15.55
N ASP A 1535 28.10 89.68 -16.57
CA ASP A 1535 26.64 89.87 -16.38
C ASP A 1535 25.94 88.52 -16.20
N LEU A 1536 26.61 87.41 -16.55
CA LEU A 1536 26.10 86.03 -16.38
C LEU A 1536 26.06 85.68 -14.89
N GLY A 1537 24.93 85.91 -14.23
CA GLY A 1537 24.86 86.01 -12.77
C GLY A 1537 24.69 84.65 -12.14
N VAL A 1538 24.01 83.75 -12.83
CA VAL A 1538 23.53 82.44 -12.31
C VAL A 1538 23.92 81.34 -13.28
N ALA A 1539 24.48 80.25 -12.75
CA ALA A 1539 24.61 78.98 -13.50
C ALA A 1539 23.69 77.96 -12.84
N SER A 1540 22.57 77.62 -13.52
CA SER A 1540 21.76 76.40 -13.23
C SER A 1540 22.68 75.24 -13.61
N PHE A 1541 23.12 74.47 -12.62
CA PHE A 1541 24.00 73.28 -12.79
C PHE A 1541 23.11 72.06 -12.98
N HIS A 1542 23.57 71.16 -13.86
CA HIS A 1542 23.05 69.77 -13.95
C HIS A 1542 23.01 69.18 -12.54
N GLY A 1543 24.17 69.21 -11.88
CA GLY A 1543 24.32 68.93 -10.44
C GLY A 1543 23.44 67.79 -10.00
N THR A 1544 23.85 66.57 -10.32
CA THR A 1544 23.06 65.33 -10.16
C THR A 1544 23.30 64.71 -8.79
N SER A 1545 24.37 65.12 -8.12
CA SER A 1545 24.75 64.64 -6.77
C SER A 1545 25.51 63.33 -6.89
N THR A 1546 26.18 63.11 -8.04
CA THR A 1546 27.24 62.08 -8.19
C THR A 1546 28.60 62.73 -7.94
N LYS A 1547 29.60 61.96 -7.51
CA LYS A 1547 30.95 62.52 -7.23
C LYS A 1547 31.46 63.13 -8.54
N ALA A 1548 31.42 62.35 -9.61
CA ALA A 1548 32.04 62.66 -10.91
C ALA A 1548 31.45 63.94 -11.50
N ASN A 1549 30.13 64.08 -11.52
CA ASN A 1549 29.43 65.12 -12.31
C ASN A 1549 29.70 66.50 -11.73
N ASP A 1550 29.42 66.65 -10.44
CA ASP A 1550 29.38 67.96 -9.75
C ASP A 1550 30.79 68.57 -9.77
N LYS A 1551 31.82 67.73 -9.72
CA LYS A 1551 33.20 68.26 -9.79
C LYS A 1551 33.53 68.66 -11.23
N ASN A 1552 33.31 67.76 -12.18
CA ASN A 1552 33.57 68.02 -13.62
C ASN A 1552 32.86 69.30 -13.98
N GLU A 1553 31.55 69.40 -13.69
CA GLU A 1553 30.73 70.57 -14.09
C GLU A 1553 31.33 71.84 -13.48
N SER A 1554 31.56 71.85 -12.17
CA SER A 1554 32.18 72.99 -11.44
C SER A 1554 33.46 73.41 -12.16
N ALA A 1555 34.35 72.45 -12.47
CA ALA A 1555 35.63 72.73 -13.16
C ALA A 1555 35.37 73.33 -14.55
N THR A 1556 34.44 72.81 -15.34
CA THR A 1556 34.27 73.31 -16.73
C THR A 1556 33.66 74.71 -16.68
N ILE A 1557 32.65 74.98 -15.85
CA ILE A 1557 32.09 76.36 -15.67
C ILE A 1557 33.24 77.28 -15.24
N ASN A 1558 34.01 76.86 -14.25
CA ASN A 1558 35.09 77.70 -13.66
C ASN A 1558 36.08 78.09 -14.76
N GLU A 1559 36.38 77.18 -15.68
CA GLU A 1559 37.41 77.38 -16.72
C GLU A 1559 36.83 78.25 -17.83
N MET A 1560 35.54 78.11 -18.13
CA MET A 1560 34.84 79.01 -19.09
C MET A 1560 35.02 80.45 -18.62
N MET A 1561 34.73 80.70 -17.35
CA MET A 1561 34.80 82.05 -16.76
C MET A 1561 36.26 82.50 -16.76
N LYS A 1562 37.19 81.68 -16.31
CA LYS A 1562 38.61 82.08 -16.21
C LYS A 1562 39.11 82.49 -17.59
N HIS A 1563 38.76 81.74 -18.64
CA HIS A 1563 39.31 81.98 -20.00
C HIS A 1563 38.77 83.28 -20.58
N LEU A 1564 37.50 83.59 -20.36
CA LEU A 1564 36.85 84.84 -20.86
C LEU A 1564 37.09 86.00 -19.90
N GLY A 1565 38.00 85.86 -18.96
CA GLY A 1565 38.43 86.95 -18.08
C GLY A 1565 37.28 87.53 -17.26
N ARG A 1566 36.39 86.68 -16.77
CA ARG A 1566 35.46 87.02 -15.68
C ARG A 1566 36.26 87.67 -14.56
N SER A 1567 35.72 88.71 -13.92
CA SER A 1567 36.43 89.49 -12.87
C SER A 1567 36.68 88.59 -11.64
N GLU A 1568 37.91 88.59 -11.12
CA GLU A 1568 38.24 88.04 -9.77
C GLU A 1568 37.18 88.56 -8.80
N GLY A 1569 36.66 87.70 -7.94
CA GLY A 1569 35.69 88.09 -6.91
C GLY A 1569 34.26 88.16 -7.43
N ASN A 1570 34.01 87.82 -8.69
CA ASN A 1570 32.63 87.78 -9.25
C ASN A 1570 32.29 86.37 -9.70
N PRO A 1571 32.09 85.43 -8.75
CA PRO A 1571 31.73 84.06 -9.12
C PRO A 1571 30.30 83.99 -9.63
N VAL A 1572 30.01 83.03 -10.51
CA VAL A 1572 28.61 82.71 -10.88
C VAL A 1572 27.99 82.08 -9.66
N ILE A 1573 26.69 82.28 -9.46
CA ILE A 1573 25.94 81.68 -8.33
C ILE A 1573 25.26 80.44 -8.86
N GLY A 1574 25.60 79.28 -8.28
CA GLY A 1574 25.08 77.98 -8.71
C GLY A 1574 23.70 77.73 -8.16
N VAL A 1575 22.78 77.28 -9.01
CA VAL A 1575 21.53 76.65 -8.52
C VAL A 1575 21.57 75.18 -8.91
N PHE A 1576 21.14 74.31 -8.00
CA PHE A 1576 21.19 72.84 -8.17
C PHE A 1576 19.77 72.31 -7.99
N GLN A 1577 18.94 72.46 -9.02
CA GLN A 1577 17.48 72.28 -8.87
C GLN A 1577 17.16 70.82 -8.50
N LYS A 1578 18.02 69.87 -8.88
CA LYS A 1578 17.80 68.42 -8.65
C LYS A 1578 17.79 68.07 -7.15
N PHE A 1579 18.17 68.97 -6.25
CA PHE A 1579 18.14 68.70 -4.78
C PHE A 1579 16.66 68.48 -4.37
N LEU A 1580 15.77 69.15 -5.09
CA LEU A 1580 14.31 69.24 -4.83
C LEU A 1580 13.57 68.23 -5.70
N THR A 1581 13.87 68.20 -6.99
CA THR A 1581 13.11 67.46 -8.02
C THR A 1581 13.66 66.05 -8.20
N GLY A 1582 14.93 65.83 -7.90
CA GLY A 1582 15.64 64.63 -8.40
C GLY A 1582 15.86 64.76 -9.88
N HIS A 1583 16.42 63.73 -10.50
CA HIS A 1583 16.96 63.74 -11.88
C HIS A 1583 16.03 62.98 -12.80
N PRO A 1584 15.26 63.67 -13.68
CA PRO A 1584 14.34 62.98 -14.58
C PRO A 1584 14.93 62.65 -15.95
N LYS A 1585 16.25 62.45 -16.03
CA LYS A 1585 16.93 62.05 -17.28
C LYS A 1585 16.61 63.06 -18.38
N GLY A 1586 15.89 62.68 -19.42
CA GLY A 1586 15.63 63.54 -20.59
C GLY A 1586 15.14 64.92 -20.22
N ALA A 1587 14.16 65.01 -19.32
CA ALA A 1587 13.51 66.26 -18.92
C ALA A 1587 14.42 67.14 -18.04
N ALA A 1588 15.60 66.68 -17.64
CA ALA A 1588 16.42 67.31 -16.59
C ALA A 1588 16.61 68.79 -16.89
N GLY A 1589 16.98 69.07 -18.15
CA GLY A 1589 17.38 70.41 -18.61
C GLY A 1589 16.17 71.28 -18.88
N ALA A 1590 15.02 70.69 -19.18
CA ALA A 1590 13.78 71.45 -19.46
C ALA A 1590 13.29 72.06 -18.14
N TRP A 1591 13.37 71.32 -17.04
CA TRP A 1591 13.02 71.83 -15.69
C TRP A 1591 13.99 72.96 -15.33
N MET A 1592 15.28 72.81 -15.64
CA MET A 1592 16.32 73.80 -15.28
C MET A 1592 16.06 75.09 -16.05
N MET A 1593 15.67 74.97 -17.31
CA MET A 1593 15.30 76.09 -18.21
C MET A 1593 14.08 76.80 -17.61
N ASN A 1594 13.02 76.06 -17.31
CA ASN A 1594 11.82 76.65 -16.66
C ASN A 1594 12.28 77.47 -15.46
N GLY A 1595 13.20 76.93 -14.66
CA GLY A 1595 13.69 77.61 -13.45
C GLY A 1595 14.46 78.85 -13.80
N ALA A 1596 15.34 78.76 -14.79
CA ALA A 1596 16.18 79.90 -15.24
C ALA A 1596 15.25 81.05 -15.62
N LEU A 1597 14.20 80.77 -16.40
CA LEU A 1597 13.23 81.79 -16.85
C LEU A 1597 12.58 82.44 -15.62
N GLN A 1598 12.15 81.63 -14.66
CA GLN A 1598 11.49 82.10 -13.42
C GLN A 1598 12.47 82.95 -12.60
N ILE A 1599 13.75 82.60 -12.61
CA ILE A 1599 14.83 83.34 -11.90
C ILE A 1599 14.96 84.71 -12.56
N LEU A 1600 15.15 84.75 -13.87
CA LEU A 1600 15.30 85.99 -14.67
C LEU A 1600 14.16 86.94 -14.36
N ASN A 1601 12.93 86.45 -14.44
CA ASN A 1601 11.72 87.29 -14.34
C ASN A 1601 11.50 87.71 -12.89
N SER A 1602 11.85 86.88 -11.90
CA SER A 1602 11.60 87.17 -10.47
C SER A 1602 12.79 87.90 -9.84
N GLY A 1603 13.98 87.73 -10.39
CA GLY A 1603 15.23 88.20 -9.77
C GLY A 1603 15.56 87.43 -8.51
N ILE A 1604 14.97 86.25 -8.31
CA ILE A 1604 15.18 85.41 -7.11
C ILE A 1604 16.06 84.24 -7.50
N ILE A 1605 17.19 84.05 -6.80
CA ILE A 1605 18.09 82.89 -7.00
C ILE A 1605 17.81 81.93 -5.86
N PRO A 1606 17.18 80.77 -6.13
CA PRO A 1606 16.90 79.81 -5.08
C PRO A 1606 18.17 79.12 -4.59
N GLY A 1607 18.17 78.80 -3.30
CA GLY A 1607 19.27 78.09 -2.63
C GLY A 1607 19.12 76.58 -2.71
N ASN A 1608 20.24 75.90 -2.95
CA ASN A 1608 20.41 74.43 -2.74
C ASN A 1608 20.27 74.14 -1.25
N ARG A 1609 19.05 73.93 -0.80
CA ARG A 1609 18.72 73.73 0.63
C ARG A 1609 19.35 72.45 1.19
N ASN A 1610 19.87 71.55 0.34
CA ASN A 1610 20.52 70.30 0.81
C ASN A 1610 22.04 70.41 0.79
N ALA A 1611 22.58 71.59 0.45
CA ALA A 1611 24.02 71.90 0.55
C ALA A 1611 24.39 72.05 2.02
N ASP A 1612 24.44 70.94 2.76
CA ASP A 1612 24.71 70.99 4.21
C ASP A 1612 26.16 71.42 4.38
N ASN A 1613 27.04 70.86 3.55
CA ASN A 1613 28.48 71.20 3.59
C ASN A 1613 29.07 71.09 2.19
N VAL A 1614 29.70 72.16 1.70
CA VAL A 1614 30.18 72.20 0.29
C VAL A 1614 31.53 71.48 0.23
N ASP A 1615 31.67 70.55 -0.71
CA ASP A 1615 32.86 69.69 -0.87
C ASP A 1615 34.09 70.60 -0.88
N LYS A 1616 35.01 70.39 0.06
CA LYS A 1616 36.27 71.15 0.16
C LYS A 1616 36.95 71.22 -1.21
N ILE A 1617 36.86 70.14 -1.98
CA ILE A 1617 37.51 70.03 -3.32
C ILE A 1617 37.05 71.20 -4.20
N LEU A 1618 35.84 71.73 -4.00
CA LEU A 1618 35.30 72.77 -4.89
C LEU A 1618 35.77 74.17 -4.49
N GLU A 1619 36.50 74.34 -3.38
CA GLU A 1619 36.99 75.69 -2.96
C GLU A 1619 37.91 76.22 -4.08
N GLN A 1620 38.61 75.31 -4.75
CA GLN A 1620 39.56 75.64 -5.84
C GLN A 1620 38.85 76.38 -6.97
N PHE A 1621 37.57 76.11 -7.21
CA PHE A 1621 36.82 76.76 -8.30
C PHE A 1621 36.29 78.09 -7.80
N GLU A 1622 37.15 79.10 -7.88
CA GLU A 1622 36.94 80.43 -7.26
C GLU A 1622 35.85 81.20 -8.00
N TYR A 1623 35.44 80.78 -9.20
CA TYR A 1623 34.42 81.49 -10.01
C TYR A 1623 33.04 80.86 -9.83
N VAL A 1624 32.87 80.03 -8.80
CA VAL A 1624 31.56 79.40 -8.48
C VAL A 1624 31.25 79.60 -7.00
N LEU A 1625 30.04 80.02 -6.69
CA LEU A 1625 29.49 80.20 -5.31
C LEU A 1625 28.37 79.19 -5.17
N TYR A 1626 28.32 78.47 -4.05
CA TYR A 1626 27.39 77.37 -3.78
C TYR A 1626 26.44 77.78 -2.66
N PRO A 1627 25.36 78.53 -2.94
CA PRO A 1627 24.51 79.05 -1.87
C PRO A 1627 23.59 77.94 -1.39
N SER A 1628 23.28 77.95 -0.10
CA SER A 1628 22.37 77.04 0.61
C SER A 1628 20.99 77.67 0.79
N LYS A 1629 20.85 78.97 0.58
CA LYS A 1629 19.55 79.67 0.81
C LYS A 1629 19.29 80.70 -0.30
N THR A 1630 18.01 80.96 -0.54
CA THR A 1630 17.49 81.88 -1.57
C THR A 1630 18.02 83.30 -1.33
N LEU A 1631 18.41 84.02 -2.39
CA LEU A 1631 18.67 85.49 -2.32
C LEU A 1631 17.67 86.15 -3.26
N LYS A 1632 16.92 87.13 -2.73
CA LYS A 1632 16.17 88.10 -3.55
C LYS A 1632 17.20 89.14 -3.98
N THR A 1633 17.66 89.07 -5.23
CA THR A 1633 18.57 90.06 -5.86
C THR A 1633 17.74 91.21 -6.40
N ASP A 1634 18.40 92.26 -6.88
CA ASP A 1634 17.78 93.42 -7.56
C ASP A 1634 17.81 93.16 -9.07
N GLY A 1635 18.01 91.91 -9.49
CA GLY A 1635 17.90 91.51 -10.89
C GLY A 1635 18.97 90.51 -11.28
N VAL A 1636 18.65 89.68 -12.26
CA VAL A 1636 19.55 88.70 -12.92
C VAL A 1636 19.44 88.90 -14.43
N ARG A 1637 20.55 89.09 -15.12
CA ARG A 1637 20.54 89.50 -16.55
C ARG A 1637 20.64 88.28 -17.45
N ALA A 1638 21.34 87.25 -17.03
CA ALA A 1638 21.54 86.03 -17.84
C ALA A 1638 21.79 84.81 -16.96
N VAL A 1639 21.40 83.64 -17.45
CA VAL A 1639 21.55 82.35 -16.74
C VAL A 1639 22.19 81.34 -17.71
N SER A 1640 23.18 80.57 -17.23
CA SER A 1640 23.74 79.38 -17.92
C SER A 1640 23.04 78.12 -17.41
N ILE A 1641 22.48 77.35 -18.33
CA ILE A 1641 21.99 75.97 -18.14
C ILE A 1641 23.01 75.01 -18.76
N THR A 1642 23.57 74.11 -17.96
CA THR A 1642 24.59 73.13 -18.39
C THR A 1642 24.07 71.72 -18.15
N SER A 1643 24.21 70.82 -19.13
CA SER A 1643 23.75 69.41 -19.04
C SER A 1643 24.85 68.46 -19.52
N PHE A 1644 24.95 67.30 -18.88
CA PHE A 1644 25.92 66.23 -19.22
C PHE A 1644 25.17 64.89 -19.23
N GLY A 1645 25.17 64.19 -20.35
CA GLY A 1645 24.45 62.90 -20.46
C GLY A 1645 25.39 61.78 -20.79
N PHE A 1646 24.94 60.55 -20.58
CA PHE A 1646 25.66 59.33 -21.00
C PHE A 1646 25.95 59.48 -22.50
N GLY A 1647 27.14 59.09 -22.94
CA GLY A 1647 27.50 59.03 -24.37
C GLY A 1647 28.00 60.36 -24.88
N GLN A 1648 28.73 61.03 -23.98
CA GLN A 1648 29.40 62.33 -24.18
C GLN A 1648 28.41 63.39 -24.65
N LYS A 1649 27.21 63.47 -24.09
CA LYS A 1649 26.24 64.53 -24.46
C LYS A 1649 26.49 65.74 -23.56
N GLY A 1650 27.38 66.64 -23.97
CA GLY A 1650 27.56 67.95 -23.34
C GLY A 1650 26.56 68.96 -23.90
N GLY A 1651 26.10 69.90 -23.08
CA GLY A 1651 25.13 70.94 -23.49
C GLY A 1651 25.28 72.22 -22.68
N GLN A 1652 25.16 73.38 -23.32
CA GLN A 1652 25.00 74.68 -22.60
C GLN A 1652 23.95 75.47 -23.37
N ALA A 1653 22.99 76.05 -22.65
CA ALA A 1653 22.15 77.16 -23.17
C ALA A 1653 22.42 78.40 -22.32
N ILE A 1654 22.46 79.57 -22.96
CA ILE A 1654 22.44 80.87 -22.24
C ILE A 1654 21.07 81.50 -22.44
N VAL A 1655 20.43 81.88 -21.34
CA VAL A 1655 19.12 82.60 -21.40
C VAL A 1655 19.36 84.02 -20.88
N VAL A 1656 18.99 85.01 -21.68
CA VAL A 1656 19.14 86.45 -21.34
C VAL A 1656 17.76 87.00 -20.93
N HIS A 1657 17.74 87.91 -19.96
CA HIS A 1657 16.52 88.58 -19.43
C HIS A 1657 15.75 89.20 -20.59
N PRO A 1658 14.42 89.03 -20.64
CA PRO A 1658 13.65 89.43 -21.82
C PRO A 1658 13.59 90.95 -22.04
N ASP A 1659 13.73 91.74 -21.00
CA ASP A 1659 13.67 93.23 -21.09
C ASP A 1659 14.80 93.74 -22.02
N TYR A 1660 15.81 92.94 -22.33
CA TYR A 1660 16.88 93.38 -23.26
C TYR A 1660 16.34 93.40 -24.70
N LEU A 1661 15.22 92.73 -24.95
CA LEU A 1661 14.65 92.68 -26.32
C LEU A 1661 14.09 94.05 -26.67
N TYR A 1662 13.35 94.67 -25.73
CA TYR A 1662 12.48 95.85 -26.01
C TYR A 1662 13.36 97.06 -26.32
N GLY A 1663 14.62 97.02 -25.89
CA GLY A 1663 15.65 98.00 -26.32
C GLY A 1663 15.74 98.15 -27.84
N ALA A 1664 15.42 97.10 -28.60
CA ALA A 1664 15.63 97.00 -30.06
C ALA A 1664 14.50 97.66 -30.83
N ILE A 1665 13.32 97.83 -30.25
CA ILE A 1665 12.12 98.33 -30.99
C ILE A 1665 11.79 99.75 -30.56
N THR A 1666 10.88 100.38 -31.30
CA THR A 1666 10.39 101.75 -31.05
C THR A 1666 9.36 101.74 -29.94
N GLU A 1667 9.18 102.88 -29.27
CA GLU A 1667 8.16 103.10 -28.23
C GLU A 1667 6.78 102.71 -28.76
N ASP A 1668 6.43 103.23 -29.93
CA ASP A 1668 5.14 102.94 -30.59
C ASP A 1668 4.93 101.42 -30.63
N ARG A 1669 5.91 100.68 -31.15
CA ARG A 1669 5.75 99.22 -31.35
C ARG A 1669 5.60 98.50 -30.01
N TYR A 1670 6.43 98.87 -29.04
CA TYR A 1670 6.40 98.30 -27.67
C TYR A 1670 5.02 98.48 -27.08
N ASN A 1671 4.50 99.70 -27.12
CA ASN A 1671 3.19 100.04 -26.49
C ASN A 1671 2.09 99.21 -27.13
N GLU A 1672 2.18 98.95 -28.44
CA GLU A 1672 1.16 98.15 -29.17
C GLU A 1672 1.18 96.71 -28.63
N TYR A 1673 2.40 96.16 -28.49
CA TYR A 1673 2.69 94.81 -27.93
C TYR A 1673 2.12 94.74 -26.51
N VAL A 1674 2.43 95.72 -25.67
CA VAL A 1674 2.01 95.72 -24.24
C VAL A 1674 0.49 95.60 -24.16
N ALA A 1675 -0.22 96.36 -25.00
CA ALA A 1675 -1.69 96.35 -25.08
C ALA A 1675 -2.16 94.95 -25.45
N LYS A 1676 -1.51 94.37 -26.45
CA LYS A 1676 -1.95 93.08 -27.05
C LYS A 1676 -1.75 91.95 -26.04
N VAL A 1677 -0.59 91.92 -25.38
CA VAL A 1677 -0.26 90.91 -24.32
C VAL A 1677 -1.29 91.04 -23.21
N SER A 1678 -1.52 92.26 -22.74
CA SER A 1678 -2.43 92.54 -21.60
C SER A 1678 -3.80 91.90 -21.86
N ALA A 1679 -4.28 92.00 -23.10
CA ALA A 1679 -5.59 91.45 -23.55
C ALA A 1679 -5.54 89.92 -23.54
N ARG A 1680 -4.48 89.36 -24.12
CA ARG A 1680 -4.27 87.91 -24.25
C ARG A 1680 -4.19 87.29 -22.86
N GLU A 1681 -3.57 88.00 -21.93
CA GLU A 1681 -3.32 87.50 -20.56
C GLU A 1681 -4.66 87.38 -19.85
N LYS A 1682 -5.53 88.37 -20.00
CA LYS A 1682 -6.87 88.37 -19.34
C LYS A 1682 -7.65 87.18 -19.85
N SER A 1683 -7.49 86.85 -21.15
CA SER A 1683 -8.20 85.75 -21.84
C SER A 1683 -7.65 84.39 -21.40
N ALA A 1684 -6.35 84.34 -21.17
CA ALA A 1684 -5.64 83.12 -20.72
C ALA A 1684 -6.10 82.79 -19.31
N TYR A 1685 -6.18 83.79 -18.42
CA TYR A 1685 -6.69 83.61 -17.04
C TYR A 1685 -8.12 83.07 -17.13
N LYS A 1686 -8.93 83.61 -18.05
CA LYS A 1686 -10.33 83.16 -18.21
C LYS A 1686 -10.33 81.68 -18.56
N PHE A 1687 -9.50 81.29 -19.53
CA PHE A 1687 -9.43 79.91 -20.07
C PHE A 1687 -8.97 78.92 -19.00
N PHE A 1688 -7.94 79.32 -18.27
CA PHE A 1688 -7.20 78.49 -17.29
C PHE A 1688 -8.14 78.07 -16.16
N HIS A 1689 -8.74 79.05 -15.49
CA HIS A 1689 -9.65 78.81 -14.36
C HIS A 1689 -10.84 77.96 -14.81
N ASN A 1690 -11.33 78.17 -16.01
CA ASN A 1690 -12.48 77.38 -16.51
C ASN A 1690 -11.97 75.95 -16.74
N GLY A 1691 -10.84 75.81 -17.43
CA GLY A 1691 -10.24 74.49 -17.71
C GLY A 1691 -9.87 73.73 -16.46
N MET A 1692 -9.44 74.43 -15.41
CA MET A 1692 -9.03 73.78 -14.14
C MET A 1692 -10.28 73.21 -13.50
N ILE A 1693 -11.25 74.05 -13.15
CA ILE A 1693 -12.38 73.60 -12.29
C ILE A 1693 -13.23 72.57 -13.02
N TYR A 1694 -13.32 72.60 -14.35
CA TYR A 1694 -14.19 71.70 -15.15
C TYR A 1694 -13.38 70.63 -15.88
N ASN A 1695 -12.10 70.46 -15.51
CA ASN A 1695 -11.22 69.38 -16.02
C ASN A 1695 -11.23 69.41 -17.56
N LYS A 1696 -10.72 70.49 -18.15
CA LYS A 1696 -10.76 70.73 -19.61
C LYS A 1696 -9.59 71.56 -20.11
N LEU A 1697 -8.48 71.68 -19.37
CA LEU A 1697 -7.32 72.44 -19.90
C LEU A 1697 -6.94 71.80 -21.22
N PHE A 1698 -6.98 70.46 -21.27
CA PHE A 1698 -6.75 69.69 -22.52
C PHE A 1698 -8.10 69.39 -23.18
N VAL A 1699 -8.25 69.79 -24.43
CA VAL A 1699 -9.37 69.34 -25.30
C VAL A 1699 -8.77 68.90 -26.63
N SER A 1700 -8.93 67.63 -26.99
CA SER A 1700 -8.33 67.11 -28.25
C SER A 1700 -9.10 67.70 -29.42
N LYS A 1701 -8.41 67.96 -30.52
CA LYS A 1701 -8.98 68.42 -31.80
C LYS A 1701 -9.56 67.22 -32.53
N GLU A 1702 -10.77 67.34 -33.02
CA GLU A 1702 -11.47 66.31 -33.80
C GLU A 1702 -11.02 66.42 -35.25
N HIS A 1703 -10.67 67.62 -35.71
CA HIS A 1703 -10.49 67.95 -37.14
C HIS A 1703 -9.25 68.81 -37.32
N ALA A 1704 -8.56 68.65 -38.43
CA ALA A 1704 -7.51 69.60 -38.86
C ALA A 1704 -8.18 70.94 -39.15
N PRO A 1705 -7.43 72.05 -39.19
CA PRO A 1705 -8.02 73.33 -39.60
C PRO A 1705 -8.41 73.36 -41.07
N TYR A 1706 -7.99 72.38 -41.89
CA TYR A 1706 -8.38 72.20 -43.31
C TYR A 1706 -9.30 71.01 -43.41
N THR A 1707 -10.27 71.06 -44.30
CA THR A 1707 -11.04 69.87 -44.73
C THR A 1707 -10.08 69.03 -45.58
N ASP A 1708 -10.40 67.75 -45.82
CA ASP A 1708 -9.57 66.86 -46.66
C ASP A 1708 -9.51 67.43 -48.07
N GLU A 1709 -10.58 68.03 -48.57
CA GLU A 1709 -10.65 68.59 -49.94
C GLU A 1709 -9.59 69.69 -50.11
N LEU A 1710 -9.30 70.49 -49.08
CA LEU A 1710 -8.41 71.68 -49.17
C LEU A 1710 -7.00 71.37 -48.67
N GLU A 1711 -6.79 70.20 -48.06
CA GLU A 1711 -5.51 69.79 -47.43
C GLU A 1711 -4.32 70.16 -48.34
N GLU A 1712 -4.27 69.66 -49.56
CA GLU A 1712 -3.11 69.86 -50.46
C GLU A 1712 -3.00 71.34 -50.80
N ASP A 1713 -4.11 72.02 -51.06
CA ASP A 1713 -4.14 73.45 -51.45
C ASP A 1713 -3.48 74.27 -50.35
N VAL A 1714 -3.79 73.97 -49.09
CA VAL A 1714 -3.22 74.68 -47.93
C VAL A 1714 -1.73 74.36 -47.88
N TYR A 1715 -1.36 73.09 -48.06
CA TYR A 1715 0.06 72.66 -47.96
C TYR A 1715 0.88 73.41 -49.01
N LEU A 1716 0.28 73.76 -50.14
CA LEU A 1716 1.02 74.26 -51.33
C LEU A 1716 0.95 75.78 -51.48
N ASP A 1717 0.20 76.49 -50.65
CA ASP A 1717 0.21 77.99 -50.62
C ASP A 1717 0.88 78.46 -49.34
N PRO A 1718 2.10 79.02 -49.39
CA PRO A 1718 2.80 79.40 -48.17
C PRO A 1718 2.12 80.56 -47.45
N LEU A 1719 1.27 81.32 -48.15
CA LEU A 1719 0.60 82.50 -47.56
C LEU A 1719 -0.79 82.12 -47.02
N ALA A 1720 -1.19 80.85 -47.11
CA ALA A 1720 -2.52 80.41 -46.65
C ALA A 1720 -2.54 80.53 -45.13
N ARG A 1721 -3.49 81.30 -44.61
CA ARG A 1721 -3.72 81.45 -43.17
C ARG A 1721 -5.17 81.11 -42.84
N VAL A 1722 -5.44 81.00 -41.56
CA VAL A 1722 -6.74 80.50 -41.06
C VAL A 1722 -7.57 81.70 -40.63
N SER A 1723 -8.88 81.63 -40.75
CA SER A 1723 -9.84 82.70 -40.40
C SER A 1723 -10.95 82.12 -39.54
N LYS A 1724 -11.66 82.96 -38.79
CA LYS A 1724 -12.79 82.50 -37.94
C LYS A 1724 -13.98 82.15 -38.83
N ASP A 1725 -14.32 80.86 -38.92
CA ASP A 1725 -15.54 80.39 -39.64
C ASP A 1725 -16.74 81.04 -38.97
N LYS A 1726 -17.52 81.83 -39.71
CA LYS A 1726 -18.70 82.56 -39.15
C LYS A 1726 -19.65 81.53 -38.52
N LYS A 1727 -19.96 80.45 -39.26
CA LYS A 1727 -20.94 79.40 -38.87
C LYS A 1727 -20.47 78.69 -37.59
N SER A 1728 -19.27 78.13 -37.55
CA SER A 1728 -18.79 77.20 -36.49
C SER A 1728 -18.10 77.95 -35.35
N GLY A 1729 -17.51 79.11 -35.62
CA GLY A 1729 -16.79 79.89 -34.61
C GLY A 1729 -15.36 79.44 -34.44
N SER A 1730 -14.97 78.29 -34.98
CA SER A 1730 -13.59 77.76 -34.88
C SER A 1730 -12.76 78.28 -36.06
N LEU A 1731 -11.44 78.25 -35.92
CA LEU A 1731 -10.44 78.72 -36.92
C LEU A 1731 -10.28 77.64 -37.99
N THR A 1732 -10.60 77.96 -39.24
CA THR A 1732 -10.51 77.03 -40.39
C THR A 1732 -9.95 77.74 -41.61
N PHE A 1733 -9.44 76.99 -42.58
CA PHE A 1733 -8.93 77.50 -43.87
C PHE A 1733 -10.12 77.62 -44.82
N ASN A 1734 -10.37 78.83 -45.31
CA ASN A 1734 -11.40 79.12 -46.33
C ASN A 1734 -10.75 79.14 -47.72
N SER A 1735 -11.33 78.46 -48.71
CA SER A 1735 -10.81 78.50 -50.11
C SER A 1735 -10.61 79.94 -50.60
N LYS A 1736 -11.40 80.90 -50.10
CA LYS A 1736 -11.30 82.35 -50.43
C LYS A 1736 -9.89 82.86 -50.16
N ASN A 1737 -9.20 82.35 -49.13
CA ASN A 1737 -7.89 82.89 -48.67
C ASN A 1737 -6.72 81.97 -49.07
N ILE A 1738 -6.95 81.08 -50.04
CA ILE A 1738 -5.90 80.15 -50.52
C ILE A 1738 -5.59 80.50 -51.96
N GLN A 1739 -4.32 80.77 -52.25
CA GLN A 1739 -3.85 81.29 -53.56
C GLN A 1739 -4.69 82.53 -53.89
N SER A 1740 -4.64 83.51 -52.98
CA SER A 1740 -5.49 84.74 -52.97
C SER A 1740 -4.63 85.96 -53.27
N LYS A 1741 -4.98 86.75 -54.29
CA LYS A 1741 -4.19 87.97 -54.66
C LYS A 1741 -3.98 88.83 -53.41
N ASP A 1742 -4.94 88.85 -52.48
CA ASP A 1742 -4.90 89.73 -51.29
C ASP A 1742 -3.75 89.36 -50.36
N SER A 1743 -3.32 88.08 -50.33
CA SER A 1743 -2.21 87.64 -49.44
C SER A 1743 -0.88 88.21 -49.93
N TYR A 1744 -0.71 88.40 -51.23
CA TYR A 1744 0.56 88.84 -51.85
C TYR A 1744 0.54 90.37 -52.04
N ILE A 1745 -0.47 90.87 -52.74
CA ILE A 1745 -0.67 92.31 -53.09
C ILE A 1745 -1.35 93.00 -51.91
N ASN A 1746 -0.58 93.56 -50.98
CA ASN A 1746 -1.06 94.29 -49.77
C ASN A 1746 -1.18 95.79 -50.08
N ALA A 1747 -1.60 96.60 -49.09
CA ALA A 1747 -1.90 98.03 -49.25
C ALA A 1747 -0.68 98.79 -49.77
N ASN A 1748 0.48 98.67 -49.11
CA ASN A 1748 1.71 99.42 -49.48
C ASN A 1748 1.96 99.19 -50.98
N THR A 1749 1.89 97.95 -51.46
CA THR A 1749 2.31 97.63 -52.85
C THR A 1749 1.24 98.14 -53.83
N ILE A 1750 -0.02 98.32 -53.40
CA ILE A 1750 -1.08 98.94 -54.26
C ILE A 1750 -0.76 100.43 -54.43
N GLU A 1751 -0.48 101.12 -53.32
CA GLU A 1751 -0.34 102.59 -53.32
C GLU A 1751 1.03 102.96 -53.89
N THR A 1752 2.08 102.20 -53.59
CA THR A 1752 3.44 102.41 -54.15
C THR A 1752 3.44 102.12 -55.66
N ALA A 1753 2.70 101.10 -56.11
CA ALA A 1753 2.58 100.75 -57.55
C ALA A 1753 1.89 101.91 -58.28
N LYS A 1754 0.78 102.39 -57.74
CA LYS A 1754 -0.02 103.54 -58.29
C LYS A 1754 0.94 104.71 -58.51
N MET A 1755 1.74 105.06 -57.50
CA MET A 1755 2.66 106.23 -57.53
C MET A 1755 3.60 106.14 -58.73
N ILE A 1756 4.17 104.96 -59.00
CA ILE A 1756 5.15 104.79 -60.12
C ILE A 1756 4.37 104.69 -61.45
N GLU A 1757 3.09 104.29 -61.43
CA GLU A 1757 2.19 104.33 -62.61
C GLU A 1757 1.94 105.78 -63.01
N ASN A 1758 1.81 106.67 -62.01
CA ASN A 1758 1.42 108.09 -62.21
C ASN A 1758 2.55 108.87 -62.87
N MET A 1759 3.79 108.37 -62.81
CA MET A 1759 4.95 109.06 -63.46
C MET A 1759 5.42 108.30 -64.71
N THR A 1760 4.57 107.46 -65.30
CA THR A 1760 4.92 106.59 -66.47
C THR A 1760 4.71 107.37 -67.78
N LYS A 1761 5.50 108.42 -68.02
CA LYS A 1761 5.67 109.11 -69.35
C LYS A 1761 4.38 109.80 -69.82
N GLU A 1762 3.20 109.17 -69.65
CA GLU A 1762 1.85 109.69 -70.05
C GLU A 1762 1.54 110.99 -69.26
N LYS A 1763 1.65 110.97 -67.92
CA LYS A 1763 1.36 112.13 -67.02
C LYS A 1763 2.53 113.13 -67.11
N VAL A 1764 3.75 112.65 -66.83
CA VAL A 1764 4.99 113.49 -66.76
C VAL A 1764 5.41 113.94 -68.18
N SER A 1765 4.47 114.54 -68.93
CA SER A 1765 4.75 115.28 -70.19
C SER A 1765 5.88 116.29 -69.89
N ASN A 1766 5.56 117.40 -69.20
CA ASN A 1766 6.43 118.59 -69.01
C ASN A 1766 6.69 118.85 -67.52
N GLY A 1767 6.75 117.81 -66.66
CA GLY A 1767 7.13 117.94 -65.23
C GLY A 1767 8.59 117.57 -65.01
N GLY A 1768 9.19 118.04 -63.91
CA GLY A 1768 10.49 117.57 -63.37
C GLY A 1768 10.28 116.67 -62.16
N VAL A 1769 10.67 115.39 -62.27
CA VAL A 1769 10.34 114.33 -61.26
C VAL A 1769 11.47 114.21 -60.23
N GLY A 1770 11.11 113.93 -58.99
CA GLY A 1770 12.03 113.55 -57.90
C GLY A 1770 11.46 112.36 -57.14
N VAL A 1771 12.19 111.23 -57.13
CA VAL A 1771 11.84 110.00 -56.36
C VAL A 1771 12.76 109.93 -55.15
N ASP A 1772 12.26 109.52 -53.99
CA ASP A 1772 13.10 109.29 -52.80
C ASP A 1772 12.45 108.21 -51.94
N VAL A 1773 13.26 107.27 -51.44
CA VAL A 1773 12.82 106.28 -50.42
C VAL A 1773 13.71 106.46 -49.20
N GLU A 1774 13.16 106.20 -48.02
CA GLU A 1774 13.86 106.20 -46.71
C GLU A 1774 13.43 104.95 -45.97
N LEU A 1775 14.39 104.28 -45.32
CA LEU A 1775 14.08 103.18 -44.38
C LEU A 1775 13.54 103.82 -43.07
N ILE A 1776 12.43 103.28 -42.57
CA ILE A 1776 11.80 103.75 -41.30
C ILE A 1776 12.88 103.76 -40.21
N THR A 1777 13.80 102.77 -40.20
CA THR A 1777 14.79 102.52 -39.10
C THR A 1777 15.73 103.71 -38.92
N SER A 1778 16.05 104.45 -39.97
CA SER A 1778 17.01 105.59 -39.93
C SER A 1778 16.38 106.80 -39.24
N ILE A 1779 15.06 106.89 -39.13
CA ILE A 1779 14.38 108.01 -38.39
C ILE A 1779 14.32 107.66 -36.90
N ASN A 1780 15.14 108.33 -36.08
CA ASN A 1780 15.04 108.25 -34.59
C ASN A 1780 14.15 109.39 -34.09
N VAL A 1781 12.87 109.11 -33.88
CA VAL A 1781 11.84 110.03 -33.29
C VAL A 1781 12.42 110.79 -32.08
N GLU A 1782 13.14 110.13 -31.17
CA GLU A 1782 13.61 110.69 -29.87
C GLU A 1782 14.70 111.77 -30.08
N ASN A 1783 15.27 111.90 -31.29
CA ASN A 1783 16.37 112.86 -31.61
C ASN A 1783 15.77 114.24 -31.97
N ASP A 1784 15.75 115.15 -30.99
CA ASP A 1784 15.09 116.49 -31.06
C ASP A 1784 15.83 117.39 -32.06
N THR A 1785 17.15 117.28 -32.17
CA THR A 1785 18.01 118.03 -33.13
C THR A 1785 17.43 117.87 -34.55
N PHE A 1786 17.46 116.66 -35.09
CA PHE A 1786 17.04 116.34 -36.48
C PHE A 1786 15.60 116.81 -36.71
N ILE A 1787 14.71 116.55 -35.73
CA ILE A 1787 13.23 116.82 -35.82
C ILE A 1787 12.98 118.32 -35.82
N GLU A 1788 13.49 119.06 -34.83
CA GLU A 1788 13.32 120.55 -34.67
C GLU A 1788 13.93 121.28 -35.87
N ARG A 1789 15.11 120.83 -36.35
CA ARG A 1789 15.92 121.51 -37.40
C ARG A 1789 15.33 121.32 -38.80
N ASN A 1790 14.54 120.26 -39.04
CA ASN A 1790 14.15 119.85 -40.42
C ASN A 1790 12.62 119.83 -40.60
N PHE A 1791 11.82 119.99 -39.54
CA PHE A 1791 10.34 119.88 -39.60
C PHE A 1791 9.69 121.10 -38.93
N THR A 1792 8.52 121.51 -39.43
CA THR A 1792 7.71 122.66 -38.93
C THR A 1792 6.82 122.16 -37.79
N PRO A 1793 6.42 123.03 -36.83
CA PRO A 1793 5.47 122.65 -35.79
C PRO A 1793 4.23 121.90 -36.30
N GLN A 1794 3.66 122.32 -37.45
CA GLN A 1794 2.42 121.75 -38.04
C GLN A 1794 2.70 120.31 -38.54
N GLU A 1795 3.89 120.06 -39.12
CA GLU A 1795 4.34 118.74 -39.61
C GLU A 1795 4.54 117.81 -38.41
N ILE A 1796 5.40 118.23 -37.47
CA ILE A 1796 5.71 117.52 -36.19
C ILE A 1796 4.40 117.09 -35.52
N GLU A 1797 3.41 117.98 -35.40
CA GLU A 1797 2.12 117.68 -34.72
C GLU A 1797 1.40 116.56 -35.46
N TYR A 1798 1.39 116.58 -36.80
CA TYR A 1798 0.71 115.56 -37.65
C TYR A 1798 1.33 114.18 -37.41
N CYS A 1799 2.65 114.06 -37.66
CA CYS A 1799 3.43 112.81 -37.51
C CYS A 1799 3.33 112.28 -36.07
N SER A 1800 3.49 113.15 -35.07
CA SER A 1800 3.45 112.81 -33.62
C SER A 1800 2.14 112.11 -33.23
N ALA A 1801 1.05 112.34 -33.97
CA ALA A 1801 -0.32 111.89 -33.64
C ALA A 1801 -0.72 110.64 -34.45
N GLN A 1802 0.14 110.15 -35.34
CA GLN A 1802 -0.13 108.97 -36.21
C GLN A 1802 0.10 107.68 -35.41
N PRO A 1803 -0.50 106.54 -35.85
CA PRO A 1803 -0.31 105.25 -35.18
C PRO A 1803 1.16 104.82 -35.13
N SER A 1804 1.89 104.94 -36.25
CA SER A 1804 3.37 104.80 -36.33
C SER A 1804 4.00 106.17 -36.55
N VAL A 1805 4.47 106.80 -35.47
CA VAL A 1805 5.15 108.13 -35.49
C VAL A 1805 6.38 108.01 -36.40
N GLN A 1806 7.16 106.94 -36.21
CA GLN A 1806 8.44 106.70 -36.93
C GLN A 1806 8.18 106.55 -38.43
N SER A 1807 7.13 105.81 -38.81
CA SER A 1807 6.76 105.61 -40.24
C SER A 1807 6.31 106.94 -40.86
N SER A 1808 5.52 107.75 -40.15
CA SER A 1808 4.92 109.01 -40.66
C SER A 1808 6.01 110.08 -40.83
N PHE A 1809 6.98 110.17 -39.92
CA PHE A 1809 8.14 111.10 -40.05
C PHE A 1809 9.00 110.69 -41.25
N ALA A 1810 9.24 109.39 -41.42
CA ALA A 1810 9.96 108.84 -42.60
C ALA A 1810 9.17 109.18 -43.88
N GLY A 1811 7.84 109.16 -43.80
CA GLY A 1811 6.96 109.53 -44.94
C GLY A 1811 7.19 110.97 -45.37
N THR A 1812 7.07 111.91 -44.42
CA THR A 1812 7.24 113.37 -44.62
C THR A 1812 8.67 113.63 -45.12
N TRP A 1813 9.67 113.15 -44.37
CA TRP A 1813 11.12 113.30 -44.67
C TRP A 1813 11.45 112.80 -46.08
N SER A 1814 10.71 111.83 -46.60
CA SER A 1814 10.87 111.32 -47.99
C SER A 1814 10.28 112.33 -48.99
N ALA A 1815 9.10 112.87 -48.70
CA ALA A 1815 8.43 113.87 -49.57
C ALA A 1815 9.32 115.11 -49.71
N LYS A 1816 9.96 115.54 -48.61
CA LYS A 1816 10.89 116.69 -48.60
C LYS A 1816 12.03 116.44 -49.58
N GLU A 1817 12.79 115.35 -49.39
CA GLU A 1817 13.95 114.97 -50.24
C GLU A 1817 13.49 114.80 -51.69
N ALA A 1818 12.25 114.35 -51.90
CA ALA A 1818 11.66 114.08 -53.23
C ALA A 1818 11.35 115.39 -53.95
N VAL A 1819 10.81 116.37 -53.21
CA VAL A 1819 10.56 117.76 -53.71
C VAL A 1819 11.91 118.38 -54.11
N PHE A 1820 12.82 118.60 -53.14
CA PHE A 1820 14.21 119.10 -53.35
C PHE A 1820 14.80 118.52 -54.65
N LYS A 1821 14.62 117.22 -54.89
CA LYS A 1821 15.15 116.48 -56.08
C LYS A 1821 14.42 116.95 -57.35
N SER A 1822 13.11 117.22 -57.26
CA SER A 1822 12.22 117.64 -58.38
C SER A 1822 12.56 119.05 -58.86
N LEU A 1823 12.94 119.96 -57.94
CA LEU A 1823 13.37 121.36 -58.24
C LEU A 1823 14.77 121.34 -58.90
N GLY A 1824 15.49 120.22 -58.81
CA GLY A 1824 16.77 119.97 -59.51
C GLY A 1824 17.84 121.00 -59.21
N VAL A 1825 17.67 121.81 -58.16
CA VAL A 1825 18.70 122.78 -57.66
C VAL A 1825 19.70 121.99 -56.79
N LYS A 1826 21.00 122.19 -57.03
CA LYS A 1826 22.12 121.37 -56.47
C LYS A 1826 22.19 121.62 -54.95
N SER A 1827 22.12 122.89 -54.52
CA SER A 1827 22.34 123.38 -53.12
C SER A 1827 21.11 124.17 -52.62
N LEU A 1828 20.94 124.28 -51.29
CA LEU A 1828 20.04 125.28 -50.61
C LEU A 1828 20.92 126.20 -49.74
N GLY A 1829 22.25 126.01 -49.77
CA GLY A 1829 23.26 126.84 -49.08
C GLY A 1829 24.12 126.04 -48.10
N GLY A 1830 25.09 125.25 -48.59
CA GLY A 1830 26.05 124.47 -47.77
C GLY A 1830 25.59 123.05 -47.48
N GLY A 1831 25.17 122.77 -46.23
CA GLY A 1831 24.54 121.51 -45.79
C GLY A 1831 23.02 121.61 -45.76
N ALA A 1832 22.32 120.52 -45.42
CA ALA A 1832 20.83 120.38 -45.56
C ALA A 1832 20.07 120.97 -44.35
N ALA A 1833 18.89 121.53 -44.67
CA ALA A 1833 17.91 122.19 -43.78
C ALA A 1833 16.63 122.32 -44.62
N LEU A 1834 15.78 121.29 -44.52
CA LEU A 1834 14.64 121.05 -45.45
C LEU A 1834 13.35 121.56 -44.81
N LYS A 1835 13.44 122.31 -43.70
CA LYS A 1835 12.27 122.92 -43.01
C LYS A 1835 11.57 123.88 -43.97
N ASP A 1836 12.33 124.53 -44.87
CA ASP A 1836 11.82 125.43 -45.95
C ASP A 1836 10.80 124.69 -46.82
N ILE A 1837 10.97 123.39 -47.07
CA ILE A 1837 10.03 122.52 -47.86
C ILE A 1837 9.02 121.91 -46.88
N GLU A 1838 7.81 122.48 -46.79
CA GLU A 1838 6.77 122.03 -45.83
C GLU A 1838 5.75 121.16 -46.58
N ILE A 1839 5.46 119.99 -46.01
CA ILE A 1839 4.38 119.06 -46.47
C ILE A 1839 3.18 119.28 -45.54
N VAL A 1840 2.04 119.66 -46.12
CA VAL A 1840 0.74 119.81 -45.38
C VAL A 1840 -0.10 118.55 -45.62
N ARG A 1841 -0.14 117.68 -44.61
CA ARG A 1841 -0.93 116.42 -44.64
C ARG A 1841 -2.21 116.67 -43.84
N VAL A 1842 -3.23 117.12 -44.56
CA VAL A 1842 -4.68 117.05 -44.19
C VAL A 1842 -5.02 115.55 -44.26
N ASN A 1843 -5.30 114.88 -43.12
CA ASN A 1843 -5.24 113.40 -42.94
C ASN A 1843 -6.09 112.75 -44.05
N LYS A 1844 -5.50 111.87 -44.89
CA LYS A 1844 -6.12 111.12 -46.03
C LYS A 1844 -6.55 112.03 -47.21
N ASN A 1845 -6.05 113.26 -47.24
CA ASN A 1845 -5.87 114.09 -48.48
C ASN A 1845 -4.41 114.02 -48.95
N ALA A 1846 -4.23 113.69 -50.24
CA ALA A 1846 -2.92 113.73 -50.92
C ALA A 1846 -2.19 114.96 -50.41
N PRO A 1847 -0.94 114.81 -49.91
CA PRO A 1847 -0.26 115.93 -49.24
C PRO A 1847 -0.08 117.11 -50.21
N ALA A 1848 0.04 118.32 -49.66
CA ALA A 1848 0.30 119.56 -50.44
C ALA A 1848 1.66 120.11 -50.04
N VAL A 1849 2.41 120.63 -51.02
CA VAL A 1849 3.76 121.23 -50.82
C VAL A 1849 3.57 122.73 -50.60
N GLU A 1850 4.45 123.35 -49.80
CA GLU A 1850 4.33 124.77 -49.36
C GLU A 1850 5.74 125.30 -49.04
N LEU A 1851 6.51 125.58 -50.10
CA LEU A 1851 7.91 126.09 -50.01
C LEU A 1851 7.92 127.50 -49.39
N HIS A 1852 8.97 127.78 -48.59
CA HIS A 1852 9.23 129.05 -47.83
C HIS A 1852 10.66 129.51 -48.12
N GLY A 1853 11.09 130.62 -47.50
CA GLY A 1853 12.48 131.15 -47.48
C GLY A 1853 13.26 130.80 -48.74
N ASN A 1854 14.45 130.18 -48.57
CA ASN A 1854 15.48 129.93 -49.62
C ASN A 1854 14.99 128.93 -50.67
N ALA A 1855 14.19 127.94 -50.28
CA ALA A 1855 13.61 126.90 -51.18
C ALA A 1855 12.66 127.56 -52.19
N LYS A 1856 11.97 128.64 -51.80
CA LYS A 1856 10.99 129.36 -52.66
C LYS A 1856 11.74 130.32 -53.60
N LYS A 1857 12.92 130.82 -53.22
CA LYS A 1857 13.82 131.60 -54.12
C LYS A 1857 14.18 130.70 -55.33
N ALA A 1858 14.82 129.55 -55.07
CA ALA A 1858 15.19 128.51 -56.06
C ALA A 1858 13.99 128.21 -56.98
N ALA A 1859 12.79 128.12 -56.41
CA ALA A 1859 11.52 127.77 -57.11
C ALA A 1859 11.16 128.83 -58.16
N GLU A 1860 10.97 130.09 -57.76
CA GLU A 1860 10.58 131.22 -58.66
C GLU A 1860 11.63 131.39 -59.78
N GLU A 1861 12.90 131.09 -59.52
CA GLU A 1861 14.09 131.32 -60.40
C GLU A 1861 14.35 130.14 -61.35
N ALA A 1862 13.77 128.96 -61.09
CA ALA A 1862 13.59 127.87 -62.08
C ALA A 1862 12.12 127.86 -62.51
N GLY A 1863 11.39 128.96 -62.21
CA GLY A 1863 10.01 129.29 -62.62
C GLY A 1863 9.03 128.14 -62.49
N VAL A 1864 8.54 127.85 -61.27
CA VAL A 1864 7.62 126.70 -60.99
C VAL A 1864 6.26 127.22 -60.50
N THR A 1865 5.23 127.14 -61.36
CA THR A 1865 3.80 127.47 -61.05
C THR A 1865 3.29 126.57 -59.91
N ASP A 1866 3.69 125.28 -59.85
CA ASP A 1866 3.10 124.25 -58.94
C ASP A 1866 4.11 123.13 -58.63
N VAL A 1867 3.85 122.33 -57.56
CA VAL A 1867 4.66 121.16 -57.10
C VAL A 1867 3.75 120.14 -56.38
N LYS A 1868 3.44 119.00 -57.00
CA LYS A 1868 2.70 117.86 -56.35
C LYS A 1868 3.68 116.86 -55.72
N VAL A 1869 3.21 116.02 -54.80
CA VAL A 1869 3.97 114.90 -54.16
C VAL A 1869 2.98 113.81 -53.72
N SER A 1870 3.30 112.54 -53.97
CA SER A 1870 2.61 111.35 -53.41
C SER A 1870 3.52 110.70 -52.36
N ILE A 1871 2.95 110.04 -51.35
CA ILE A 1871 3.71 109.30 -50.31
C ILE A 1871 3.04 107.96 -50.05
N SER A 1872 3.85 106.92 -49.81
CA SER A 1872 3.45 105.65 -49.19
C SER A 1872 4.50 105.25 -48.14
N HIS A 1873 4.07 104.97 -46.93
CA HIS A 1873 4.95 104.54 -45.81
C HIS A 1873 4.29 103.38 -45.08
N ASP A 1874 5.07 102.36 -44.73
CA ASP A 1874 4.67 101.22 -43.88
C ASP A 1874 5.72 101.05 -42.77
N ASP A 1875 5.96 99.83 -42.32
CA ASP A 1875 6.87 99.54 -41.18
C ASP A 1875 8.32 99.32 -41.68
N LEU A 1876 8.54 99.29 -43.00
CA LEU A 1876 9.90 99.10 -43.61
C LEU A 1876 10.39 100.41 -44.22
N GLN A 1877 9.67 100.91 -45.24
CA GLN A 1877 10.13 101.94 -46.21
C GLN A 1877 9.03 102.98 -46.43
N ALA A 1878 9.42 104.26 -46.42
CA ALA A 1878 8.67 105.40 -46.98
C ALA A 1878 9.22 105.70 -48.36
N VAL A 1879 8.34 105.87 -49.36
CA VAL A 1879 8.73 106.29 -50.75
C VAL A 1879 7.81 107.44 -51.16
N ALA A 1880 8.39 108.48 -51.76
CA ALA A 1880 7.70 109.69 -52.26
C ALA A 1880 8.10 109.99 -53.71
N VAL A 1881 7.14 110.44 -54.51
CA VAL A 1881 7.33 110.94 -55.90
C VAL A 1881 6.78 112.37 -55.95
N ALA A 1882 7.63 113.36 -56.27
CA ALA A 1882 7.29 114.78 -56.49
C ALA A 1882 7.45 115.11 -57.97
N VAL A 1883 6.41 115.68 -58.62
CA VAL A 1883 6.50 116.40 -59.93
C VAL A 1883 6.38 117.91 -59.65
N SER A 1884 7.32 118.71 -60.17
CA SER A 1884 7.22 120.19 -60.22
C SER A 1884 7.08 120.61 -61.68
N THR A 1885 6.05 121.41 -62.01
CA THR A 1885 5.80 121.92 -63.40
C THR A 1885 6.20 123.41 -63.48
N LYS A 1886 6.61 123.86 -64.67
CA LYS A 1886 7.34 125.14 -64.96
C LYS A 1886 6.45 126.37 -64.66
N MET B 1 -71.75 49.24 -93.03
CA MET B 1 -70.30 48.86 -93.09
C MET B 1 -70.15 47.36 -92.79
N LYS B 2 -69.47 46.63 -93.65
CA LYS B 2 -69.22 45.16 -93.49
C LYS B 2 -68.20 44.94 -92.35
N PRO B 3 -68.21 43.78 -91.66
CA PRO B 3 -67.23 43.49 -90.63
C PRO B 3 -65.78 43.64 -91.13
N GLU B 4 -65.46 43.00 -92.26
CA GLU B 4 -64.12 42.97 -92.90
C GLU B 4 -63.57 44.39 -93.02
N VAL B 5 -64.40 45.32 -93.49
CA VAL B 5 -64.02 46.75 -93.74
C VAL B 5 -63.82 47.44 -92.39
N GLU B 6 -64.75 47.24 -91.46
CA GLU B 6 -64.68 47.81 -90.08
C GLU B 6 -63.31 47.45 -89.48
N GLN B 7 -62.91 46.18 -89.60
CA GLN B 7 -61.58 45.65 -89.16
C GLN B 7 -60.46 46.40 -89.91
N GLU B 8 -60.47 46.33 -91.25
CA GLU B 8 -59.44 46.97 -92.11
C GLU B 8 -59.21 48.41 -91.65
N LEU B 9 -60.29 49.12 -91.30
CA LEU B 9 -60.24 50.55 -90.89
C LEU B 9 -59.72 50.65 -89.45
N ALA B 10 -60.29 49.84 -88.53
CA ALA B 10 -59.88 49.76 -87.12
C ALA B 10 -58.37 49.53 -87.05
N HIS B 11 -57.84 48.65 -87.92
CA HIS B 11 -56.38 48.37 -88.07
C HIS B 11 -55.64 49.68 -88.37
N ILE B 12 -55.95 50.32 -89.50
CA ILE B 12 -55.27 51.57 -89.96
C ILE B 12 -55.34 52.57 -88.80
N LEU B 13 -56.50 52.68 -88.15
CA LEU B 13 -56.72 53.61 -87.02
C LEU B 13 -55.71 53.30 -85.91
N LEU B 14 -55.77 52.10 -85.33
CA LEU B 14 -54.88 51.58 -84.25
C LEU B 14 -53.42 51.90 -84.58
N THR B 15 -53.00 51.43 -85.76
CA THR B 15 -51.66 51.66 -86.37
C THR B 15 -51.26 53.13 -86.17
N GLU B 16 -52.09 54.08 -86.63
CA GLU B 16 -51.78 55.53 -86.65
C GLU B 16 -51.77 56.08 -85.22
N LEU B 17 -52.74 55.67 -84.40
CA LEU B 17 -52.85 56.11 -82.99
C LEU B 17 -51.54 55.84 -82.25
N LEU B 18 -50.88 54.72 -82.55
CA LEU B 18 -49.65 54.25 -81.86
C LEU B 18 -48.43 54.92 -82.49
N ALA B 19 -48.47 55.05 -83.82
CA ALA B 19 -47.38 55.64 -84.64
C ALA B 19 -47.10 57.06 -84.14
N TYR B 20 -48.14 57.87 -83.99
CA TYR B 20 -48.04 59.31 -83.64
C TYR B 20 -47.90 59.44 -82.12
N GLN B 21 -48.56 58.58 -81.34
CA GLN B 21 -48.48 58.57 -79.86
C GLN B 21 -47.02 58.77 -79.45
N PHE B 22 -46.14 58.06 -80.16
CA PHE B 22 -44.66 58.02 -80.05
C PHE B 22 -44.05 59.43 -79.85
N ALA B 23 -44.59 60.43 -80.56
CA ALA B 23 -44.03 61.80 -80.70
C ALA B 23 -45.08 62.89 -80.50
N SER B 24 -46.24 62.56 -79.94
CA SER B 24 -47.27 63.52 -79.48
C SER B 24 -47.36 63.41 -77.96
N PRO B 25 -47.94 64.42 -77.27
CA PRO B 25 -48.11 64.35 -75.82
C PRO B 25 -49.13 63.30 -75.37
N VAL B 26 -49.08 62.99 -74.08
CA VAL B 26 -49.88 61.93 -73.38
C VAL B 26 -50.95 62.67 -72.58
N ARG B 27 -52.20 62.62 -73.04
CA ARG B 27 -53.32 63.38 -72.45
C ARG B 27 -53.94 62.54 -71.33
N TRP B 28 -53.22 62.33 -70.22
CA TRP B 28 -53.67 61.49 -69.08
C TRP B 28 -54.72 62.26 -68.22
N ILE B 29 -54.74 63.59 -68.31
CA ILE B 29 -55.74 64.44 -67.60
C ILE B 29 -57.12 64.07 -68.15
N GLU B 30 -57.29 64.19 -69.47
CA GLU B 30 -58.57 63.94 -70.17
C GLU B 30 -58.92 62.46 -70.04
N THR B 31 -57.91 61.57 -70.17
CA THR B 31 -58.07 60.10 -70.09
C THR B 31 -58.75 59.79 -68.75
N GLN B 32 -58.17 60.30 -67.67
CA GLN B 32 -58.69 60.11 -66.29
C GLN B 32 -60.14 60.60 -66.23
N ASP B 33 -60.44 61.75 -66.82
CA ASP B 33 -61.80 62.36 -66.76
C ASP B 33 -62.76 61.48 -67.54
N VAL B 34 -62.32 60.88 -68.66
CA VAL B 34 -63.17 59.97 -69.47
C VAL B 34 -63.58 58.78 -68.60
N PHE B 35 -62.64 58.10 -67.93
CA PHE B 35 -62.96 56.86 -67.19
C PHE B 35 -63.59 57.21 -65.84
N LEU B 36 -63.26 58.38 -65.27
CA LEU B 36 -63.80 58.78 -63.94
C LEU B 36 -65.21 59.39 -64.10
N LYS B 37 -65.41 60.38 -64.99
CA LYS B 37 -66.71 61.07 -65.15
C LYS B 37 -67.60 60.28 -66.12
N ASP B 38 -67.20 60.17 -67.40
CA ASP B 38 -68.06 59.66 -68.50
C ASP B 38 -68.42 58.19 -68.28
N PHE B 39 -67.62 57.40 -67.55
CA PHE B 39 -67.84 55.95 -67.35
C PHE B 39 -68.15 55.60 -65.88
N ASN B 40 -67.98 56.55 -64.96
CA ASN B 40 -68.27 56.41 -63.51
C ASN B 40 -67.63 55.13 -62.96
N THR B 41 -66.37 54.88 -63.31
CA THR B 41 -65.57 53.71 -62.88
C THR B 41 -65.52 53.70 -61.35
N GLU B 42 -65.89 52.57 -60.74
CA GLU B 42 -65.88 52.36 -59.27
C GLU B 42 -64.67 51.51 -58.89
N ARG B 43 -64.02 50.87 -59.85
CA ARG B 43 -62.81 50.05 -59.62
C ARG B 43 -61.79 50.41 -60.70
N VAL B 44 -60.81 51.24 -60.37
CA VAL B 44 -59.64 51.48 -61.27
C VAL B 44 -58.49 50.64 -60.71
N VAL B 45 -58.00 49.70 -61.53
CA VAL B 45 -56.95 48.72 -61.17
C VAL B 45 -55.73 49.01 -62.04
N GLU B 46 -54.65 49.46 -61.42
CA GLU B 46 -53.35 49.68 -62.09
C GLU B 46 -52.65 48.33 -62.25
N ILE B 47 -52.36 47.95 -63.49
CA ILE B 47 -51.49 46.79 -63.85
C ILE B 47 -50.08 47.34 -64.04
N GLY B 48 -49.23 47.19 -63.03
CA GLY B 48 -47.89 47.80 -63.06
C GLY B 48 -47.05 47.38 -61.86
N PRO B 49 -45.73 47.62 -61.89
CA PRO B 49 -44.85 47.24 -60.79
C PRO B 49 -44.92 48.20 -59.59
N SER B 50 -45.45 49.41 -59.76
CA SER B 50 -45.58 50.44 -58.70
C SER B 50 -46.85 51.25 -58.93
N PRO B 51 -47.45 51.81 -57.87
CA PRO B 51 -48.79 52.41 -57.95
C PRO B 51 -48.77 53.90 -58.33
N THR B 52 -48.14 54.22 -59.47
CA THR B 52 -47.86 55.62 -59.88
C THR B 52 -49.10 56.18 -60.59
N LEU B 53 -49.83 55.38 -61.37
CA LEU B 53 -51.10 55.79 -62.04
C LEU B 53 -52.26 55.80 -61.04
N ALA B 54 -52.19 54.93 -60.04
CA ALA B 54 -53.12 54.88 -58.88
C ALA B 54 -52.97 56.19 -58.09
N GLY B 55 -51.75 56.53 -57.71
CA GLY B 55 -51.39 57.81 -57.06
C GLY B 55 -52.00 58.99 -57.80
N MET B 56 -51.97 58.97 -59.13
CA MET B 56 -52.52 60.05 -60.01
C MET B 56 -54.04 60.07 -59.92
N ALA B 57 -54.70 58.91 -59.97
CA ALA B 57 -56.17 58.78 -59.85
C ALA B 57 -56.65 59.36 -58.51
N GLN B 58 -56.06 58.94 -57.40
CA GLN B 58 -56.39 59.41 -56.02
C GLN B 58 -56.36 60.95 -55.97
N ARG B 59 -55.32 61.54 -56.56
CA ARG B 59 -55.14 63.01 -56.60
C ARG B 59 -56.21 63.66 -57.47
N THR B 60 -56.44 63.20 -58.71
CA THR B 60 -57.46 63.79 -59.63
C THR B 60 -58.84 63.69 -58.97
N LEU B 61 -59.08 62.65 -58.16
CA LEU B 61 -60.34 62.46 -57.40
C LEU B 61 -60.43 63.50 -56.28
N LYS B 62 -59.39 63.62 -55.46
CA LYS B 62 -59.33 64.60 -54.34
C LYS B 62 -59.54 66.01 -54.88
N ASN B 63 -59.00 66.35 -56.04
CA ASN B 63 -59.11 67.70 -56.66
C ASN B 63 -60.59 67.97 -57.01
N LYS B 64 -61.12 67.35 -58.07
CA LYS B 64 -62.31 67.86 -58.81
C LYS B 64 -63.49 66.86 -58.79
N TYR B 65 -63.46 65.85 -57.91
CA TYR B 65 -64.52 64.81 -57.80
C TYR B 65 -65.00 64.70 -56.34
N GLU B 66 -64.53 65.58 -55.45
CA GLU B 66 -65.00 65.63 -54.03
C GLU B 66 -66.52 65.53 -53.99
N SER B 67 -67.23 66.56 -54.52
CA SER B 67 -68.69 66.76 -54.40
C SER B 67 -69.45 65.83 -55.35
N TYR B 68 -68.86 65.50 -56.50
CA TYR B 68 -69.46 64.63 -57.54
C TYR B 68 -69.66 63.23 -56.96
N ASP B 69 -68.59 62.61 -56.49
CA ASP B 69 -68.58 61.26 -55.87
C ASP B 69 -69.56 61.23 -54.67
N ALA B 70 -69.57 62.28 -53.86
CA ALA B 70 -70.49 62.42 -52.71
C ALA B 70 -71.93 62.37 -53.22
N ALA B 71 -72.32 63.33 -54.06
CA ALA B 71 -73.70 63.54 -54.56
C ALA B 71 -74.24 62.27 -55.22
N LEU B 72 -73.42 61.55 -55.99
CA LEU B 72 -73.86 60.33 -56.73
C LEU B 72 -73.68 59.08 -55.87
N SER B 73 -73.48 59.24 -54.56
CA SER B 73 -73.26 58.13 -53.59
C SER B 73 -72.44 57.03 -54.26
N LEU B 74 -71.26 57.42 -54.74
CA LEU B 74 -70.43 56.64 -55.69
C LEU B 74 -69.12 56.28 -55.01
N HIS B 75 -69.12 55.21 -54.19
CA HIS B 75 -67.89 54.62 -53.61
C HIS B 75 -66.96 54.16 -54.76
N ARG B 76 -65.69 54.56 -54.71
CA ARG B 76 -64.63 54.33 -55.73
C ARG B 76 -63.47 53.58 -55.08
N GLU B 77 -62.80 52.71 -55.82
CA GLU B 77 -61.72 51.84 -55.29
C GLU B 77 -60.54 51.89 -56.25
N ILE B 78 -59.44 52.51 -55.83
CA ILE B 78 -58.18 52.61 -56.64
C ILE B 78 -57.24 51.52 -56.13
N LEU B 79 -56.85 50.60 -56.99
CA LEU B 79 -56.01 49.42 -56.63
C LEU B 79 -54.81 49.33 -57.58
N CYS B 80 -53.65 48.89 -57.08
CA CYS B 80 -52.44 48.59 -57.88
C CYS B 80 -52.05 47.12 -57.72
N TYR B 81 -51.72 46.45 -58.81
CA TYR B 81 -51.39 45.00 -58.83
C TYR B 81 -50.30 44.70 -57.79
N SER B 82 -49.30 45.55 -57.68
CA SER B 82 -48.11 45.35 -56.80
C SER B 82 -48.50 45.53 -55.32
N LYS B 83 -49.36 46.49 -55.03
CA LYS B 83 -49.67 46.93 -53.63
C LYS B 83 -50.77 46.02 -53.06
N ASP B 84 -51.94 45.90 -53.72
CA ASP B 84 -53.18 45.36 -53.12
C ASP B 84 -53.60 44.08 -53.86
N ALA B 85 -52.76 43.06 -53.83
CA ALA B 85 -53.03 41.73 -54.45
C ALA B 85 -54.34 41.18 -53.88
N LYS B 86 -54.53 41.25 -52.56
CA LYS B 86 -55.64 40.58 -51.82
C LYS B 86 -57.00 41.08 -52.31
N GLU B 87 -57.12 42.38 -52.53
CA GLU B 87 -58.38 43.02 -52.99
C GLU B 87 -58.68 42.59 -54.43
N ILE B 88 -57.65 42.51 -55.28
CA ILE B 88 -57.81 42.30 -56.75
C ILE B 88 -58.20 40.85 -57.02
N TYR B 89 -57.64 39.90 -56.27
CA TYR B 89 -57.83 38.43 -56.41
C TYR B 89 -58.98 37.93 -55.52
N TYR B 90 -59.68 38.83 -54.83
CA TYR B 90 -60.74 38.52 -53.84
C TYR B 90 -60.30 37.36 -52.94
N THR B 91 -59.19 37.56 -52.23
CA THR B 91 -58.65 36.62 -51.22
C THR B 91 -58.28 37.41 -49.96
N PRO B 92 -59.28 37.77 -49.12
CA PRO B 92 -58.98 38.46 -47.87
C PRO B 92 -58.35 37.39 -46.97
N ASP B 93 -57.52 37.82 -46.02
CA ASP B 93 -56.77 36.92 -45.07
C ASP B 93 -57.78 36.30 -44.10
N PRO B 94 -57.37 35.29 -43.29
CA PRO B 94 -58.31 34.63 -42.37
C PRO B 94 -58.82 35.58 -41.26
N SER B 95 -59.51 36.66 -41.64
CA SER B 95 -60.16 37.66 -40.74
C SER B 95 -61.64 37.80 -41.12
N GLU B 96 -62.51 37.07 -40.39
CA GLU B 96 -64.00 37.08 -40.51
C GLU B 96 -64.60 36.97 -39.11
N ILE B 140 -33.19 22.59 -18.19
CA ILE B 140 -34.04 23.65 -18.84
C ILE B 140 -33.71 23.73 -20.34
N ALA B 141 -34.61 24.30 -21.15
CA ALA B 141 -34.50 24.42 -22.63
C ALA B 141 -33.09 24.90 -22.99
N ASP B 142 -32.53 24.39 -24.10
CA ASP B 142 -31.22 24.82 -24.67
C ASP B 142 -31.46 25.76 -25.86
N GLU B 143 -30.57 26.73 -26.03
CA GLU B 143 -30.53 27.66 -27.19
C GLU B 143 -29.05 27.82 -27.59
N PRO B 144 -28.68 27.55 -28.86
CA PRO B 144 -27.37 27.95 -29.36
C PRO B 144 -27.20 29.47 -29.22
N VAL B 145 -25.96 29.96 -29.05
CA VAL B 145 -25.66 31.42 -28.96
C VAL B 145 -26.04 32.04 -30.32
N LYS B 146 -26.67 33.23 -30.29
CA LYS B 146 -26.99 34.03 -31.51
C LYS B 146 -25.67 34.61 -32.03
N ALA B 147 -25.58 34.90 -33.33
CA ALA B 147 -24.41 35.58 -33.95
C ALA B 147 -24.30 37.01 -33.42
N SER B 148 -25.41 37.62 -32.99
CA SER B 148 -25.47 39.02 -32.45
C SER B 148 -24.78 39.09 -31.08
N LEU B 149 -24.96 38.08 -30.20
CA LEU B 149 -24.27 37.99 -28.88
C LEU B 149 -22.77 37.81 -29.12
N LEU B 150 -22.41 36.89 -30.03
CA LEU B 150 -21.02 36.49 -30.34
C LEU B 150 -20.26 37.67 -30.95
N LEU B 151 -20.87 38.44 -31.85
CA LEU B 151 -20.23 39.61 -32.53
C LEU B 151 -20.11 40.79 -31.56
N HIS B 152 -21.16 41.09 -30.79
CA HIS B 152 -21.20 42.15 -29.74
C HIS B 152 -20.05 41.92 -28.75
N VAL B 153 -19.89 40.68 -28.27
CA VAL B 153 -18.91 40.29 -27.22
C VAL B 153 -17.48 40.42 -27.77
N LEU B 154 -17.24 39.95 -29.01
CA LEU B 154 -15.89 39.95 -29.64
C LEU B 154 -15.42 41.38 -29.91
N VAL B 155 -16.32 42.26 -30.39
CA VAL B 155 -16.01 43.68 -30.72
C VAL B 155 -15.86 44.48 -29.42
N ALA B 156 -16.69 44.18 -28.40
CA ALA B 156 -16.65 44.81 -27.05
C ALA B 156 -15.34 44.47 -26.34
N HIS B 157 -14.97 43.18 -26.33
CA HIS B 157 -13.75 42.66 -25.66
C HIS B 157 -12.48 43.22 -26.31
N LYS B 158 -12.51 43.51 -27.62
CA LYS B 158 -11.33 44.02 -28.39
C LYS B 158 -11.06 45.49 -28.03
N LEU B 159 -12.13 46.30 -27.97
CA LEU B 159 -12.09 47.75 -27.62
C LEU B 159 -11.99 47.92 -26.10
N LYS B 160 -12.06 46.81 -25.33
CA LYS B 160 -11.91 46.73 -23.85
C LYS B 160 -13.01 47.60 -23.20
N LYS B 161 -14.27 47.36 -23.57
CA LYS B 161 -15.46 48.11 -23.09
C LYS B 161 -16.60 47.12 -22.84
N SER B 162 -17.49 47.42 -21.89
CA SER B 162 -18.68 46.59 -21.55
C SER B 162 -19.63 46.60 -22.75
N LEU B 163 -20.60 45.68 -22.77
CA LEU B 163 -21.57 45.49 -23.89
C LEU B 163 -22.42 46.77 -24.08
N ASP B 164 -22.78 47.45 -22.99
CA ASP B 164 -23.64 48.68 -22.98
C ASP B 164 -22.91 49.86 -23.64
N SER B 165 -21.58 49.92 -23.54
CA SER B 165 -20.70 50.99 -24.11
C SER B 165 -20.73 50.96 -25.64
N ILE B 166 -20.76 49.77 -26.26
CA ILE B 166 -20.79 49.56 -27.74
C ILE B 166 -22.26 49.40 -28.17
N PRO B 167 -22.88 50.41 -28.83
CA PRO B 167 -24.22 50.22 -29.42
C PRO B 167 -24.10 49.47 -30.76
N MET B 168 -25.04 48.56 -31.02
CA MET B 168 -25.03 47.66 -32.20
C MET B 168 -25.41 48.42 -33.49
N SER B 169 -25.99 49.62 -33.35
CA SER B 169 -26.41 50.51 -34.48
C SER B 169 -25.21 51.15 -35.17
N LYS B 170 -24.05 51.23 -34.49
CA LYS B 170 -22.78 51.85 -35.00
C LYS B 170 -21.96 50.80 -35.76
N THR B 171 -21.05 51.27 -36.61
CA THR B 171 -20.20 50.46 -37.52
C THR B 171 -18.84 50.21 -36.83
N ILE B 172 -18.03 49.29 -37.36
CA ILE B 172 -16.67 48.97 -36.81
C ILE B 172 -15.74 50.18 -37.04
N LYS B 173 -15.79 50.79 -38.23
CA LYS B 173 -15.00 51.99 -38.63
C LYS B 173 -15.32 53.17 -37.70
N ASP B 174 -16.58 53.35 -37.34
CA ASP B 174 -17.11 54.38 -36.40
C ASP B 174 -16.52 54.16 -35.00
N LEU B 175 -16.77 52.99 -34.41
CA LEU B 175 -16.40 52.62 -33.01
C LEU B 175 -14.89 52.72 -32.80
N VAL B 176 -14.10 52.45 -33.84
CA VAL B 176 -12.61 52.33 -33.83
C VAL B 176 -11.98 53.74 -33.80
N GLY B 177 -12.75 54.79 -34.13
CA GLY B 177 -12.26 56.15 -34.39
C GLY B 177 -11.42 56.12 -35.66
N GLY B 178 -10.22 56.68 -35.65
CA GLY B 178 -9.32 56.61 -36.82
C GLY B 178 -8.32 55.45 -36.75
N LYS B 179 -8.43 54.58 -35.72
CA LYS B 179 -7.38 53.58 -35.34
C LYS B 179 -7.54 52.37 -36.27
N SER B 180 -7.05 52.50 -37.52
CA SER B 180 -7.20 51.45 -38.51
C SER B 180 -6.42 50.19 -38.16
N THR B 181 -5.43 50.32 -37.25
CA THR B 181 -4.69 49.17 -36.72
C THR B 181 -5.67 48.20 -36.02
N VAL B 182 -6.68 48.73 -35.29
CA VAL B 182 -7.71 48.01 -34.47
C VAL B 182 -8.86 47.51 -35.37
N GLN B 183 -9.18 48.24 -36.44
CA GLN B 183 -10.17 47.82 -37.48
C GLN B 183 -9.69 46.51 -38.12
N ASN B 184 -8.41 46.44 -38.53
CA ASN B 184 -7.75 45.27 -39.17
C ASN B 184 -7.77 44.05 -38.23
N GLU B 185 -7.63 44.26 -36.93
CA GLU B 185 -7.68 43.19 -35.89
C GLU B 185 -9.11 42.64 -35.78
N ILE B 186 -10.12 43.51 -35.67
CA ILE B 186 -11.56 43.12 -35.55
C ILE B 186 -12.00 42.34 -36.78
N LEU B 187 -11.62 42.78 -37.99
CA LEU B 187 -11.97 42.11 -39.29
C LEU B 187 -11.26 40.75 -39.39
N GLY B 188 -10.01 40.66 -38.95
CA GLY B 188 -9.23 39.40 -38.85
C GLY B 188 -9.87 38.43 -37.86
N ASP B 189 -10.36 38.93 -36.73
CA ASP B 189 -11.05 38.17 -35.64
C ASP B 189 -12.42 37.68 -36.12
N LEU B 190 -13.17 38.47 -36.90
CA LEU B 190 -14.51 38.10 -37.43
C LEU B 190 -14.37 37.05 -38.54
N GLY B 191 -13.30 37.14 -39.35
CA GLY B 191 -12.95 36.15 -40.38
C GLY B 191 -12.55 34.82 -39.77
N LYS B 192 -11.72 34.85 -38.71
CA LYS B 192 -11.27 33.67 -37.92
C LYS B 192 -12.50 32.99 -37.30
N GLU B 193 -13.48 33.78 -36.84
CA GLU B 193 -14.64 33.30 -36.05
C GLU B 193 -15.64 32.58 -36.95
N PHE B 194 -16.25 33.34 -37.88
CA PHE B 194 -17.44 32.92 -38.67
C PHE B 194 -17.06 32.29 -40.02
N GLY B 195 -15.88 32.60 -40.56
CA GLY B 195 -15.40 32.04 -41.85
C GLY B 195 -15.35 33.11 -42.93
N THR B 196 -16.48 33.40 -43.57
CA THR B 196 -16.56 34.43 -44.66
C THR B 196 -16.95 35.79 -44.03
N THR B 197 -17.04 36.85 -44.85
CA THR B 197 -17.40 38.25 -44.45
C THR B 197 -18.11 38.94 -45.60
N PRO B 198 -19.10 39.84 -45.35
CA PRO B 198 -19.62 40.72 -46.42
C PRO B 198 -18.52 41.54 -47.12
N GLU B 199 -18.90 42.33 -48.14
CA GLU B 199 -17.95 43.08 -49.01
C GLU B 199 -17.22 44.16 -48.19
N LYS B 200 -17.94 44.96 -47.40
CA LYS B 200 -17.35 46.07 -46.60
C LYS B 200 -17.85 45.99 -45.16
N PRO B 201 -17.32 45.05 -44.32
CA PRO B 201 -17.84 44.83 -42.97
C PRO B 201 -17.69 46.05 -42.03
N GLU B 202 -16.66 46.86 -42.28
CA GLU B 202 -16.29 48.04 -41.46
C GLU B 202 -17.39 49.11 -41.54
N GLU B 203 -18.11 49.17 -42.68
CA GLU B 203 -19.15 50.19 -42.99
C GLU B 203 -20.57 49.65 -42.69
N THR B 204 -20.73 48.33 -42.50
CA THR B 204 -22.00 47.65 -42.06
C THR B 204 -22.18 47.85 -40.55
N PRO B 205 -23.34 48.39 -40.09
CA PRO B 205 -23.69 48.41 -38.67
C PRO B 205 -23.78 46.99 -38.09
N LEU B 206 -23.41 46.82 -36.81
CA LEU B 206 -23.17 45.49 -36.19
C LEU B 206 -24.47 44.68 -36.05
N GLU B 207 -25.64 45.34 -35.92
CA GLU B 207 -26.99 44.70 -36.01
C GLU B 207 -27.10 43.90 -37.31
N GLU B 208 -26.75 44.56 -38.43
CA GLU B 208 -26.85 44.06 -39.84
C GLU B 208 -25.78 42.98 -40.10
N LEU B 209 -24.53 43.19 -39.69
CA LEU B 209 -23.43 42.19 -39.78
C LEU B 209 -23.87 40.87 -39.12
N ALA B 210 -24.55 40.96 -37.97
CA ALA B 210 -25.06 39.82 -37.16
C ALA B 210 -26.02 38.95 -37.99
N GLU B 211 -26.94 39.56 -38.74
CA GLU B 211 -27.96 38.85 -39.55
C GLU B 211 -27.32 38.12 -40.75
N THR B 212 -26.28 38.69 -41.35
CA THR B 212 -25.51 38.08 -42.49
C THR B 212 -24.77 36.82 -42.00
N PHE B 213 -24.12 36.91 -40.84
CA PHE B 213 -23.38 35.80 -40.18
C PHE B 213 -24.38 34.72 -39.72
N GLN B 214 -25.56 35.14 -39.23
CA GLN B 214 -26.67 34.28 -38.72
C GLN B 214 -27.13 33.29 -39.80
N ASP B 215 -27.16 33.74 -41.06
CA ASP B 215 -27.65 32.95 -42.24
C ASP B 215 -26.76 31.72 -42.48
N THR B 216 -25.49 31.74 -42.08
CA THR B 216 -24.48 30.68 -42.37
C THR B 216 -23.89 30.14 -41.06
N PHE B 217 -24.41 30.54 -39.89
CA PHE B 217 -23.84 30.25 -38.54
C PHE B 217 -24.53 29.02 -37.93
N SER B 218 -23.76 28.05 -37.44
CA SER B 218 -24.25 26.77 -36.85
C SER B 218 -24.70 26.97 -35.39
N GLY B 219 -24.25 28.04 -34.72
CA GLY B 219 -24.46 28.26 -33.28
C GLY B 219 -23.25 27.86 -32.45
N ALA B 220 -22.27 27.17 -33.07
CA ALA B 220 -21.01 26.66 -32.46
C ALA B 220 -20.03 27.82 -32.30
N LEU B 221 -19.13 27.73 -31.32
CA LEU B 221 -18.36 28.90 -30.79
C LEU B 221 -17.23 29.33 -31.75
N GLY B 222 -16.60 28.41 -32.48
CA GLY B 222 -15.57 28.78 -33.49
C GLY B 222 -14.25 29.20 -32.86
N LYS B 223 -13.18 29.34 -33.68
CA LYS B 223 -11.76 29.24 -33.21
C LYS B 223 -11.40 30.43 -32.30
N GLN B 224 -11.89 31.63 -32.60
CA GLN B 224 -11.48 32.91 -31.94
C GLN B 224 -12.13 33.03 -30.56
N SER B 225 -13.45 32.79 -30.44
CA SER B 225 -14.20 32.78 -29.16
C SER B 225 -13.57 31.76 -28.20
N SER B 226 -13.34 30.54 -28.68
CA SER B 226 -12.82 29.38 -27.91
C SER B 226 -11.42 29.68 -27.36
N SER B 227 -10.56 30.33 -28.14
CA SER B 227 -9.18 30.74 -27.74
C SER B 227 -9.24 31.75 -26.58
N LEU B 228 -10.15 32.72 -26.65
CA LEU B 228 -10.31 33.83 -25.67
C LEU B 228 -10.94 33.30 -24.37
N LEU B 229 -11.85 32.32 -24.44
CA LEU B 229 -12.48 31.68 -23.26
C LEU B 229 -11.47 30.76 -22.56
N SER B 230 -10.60 30.07 -23.31
CA SER B 230 -9.49 29.24 -22.77
C SER B 230 -8.51 30.12 -21.99
N ARG B 231 -8.17 31.30 -22.53
CA ARG B 231 -7.28 32.29 -21.89
C ARG B 231 -7.93 32.89 -20.63
N LEU B 232 -9.22 33.27 -20.71
CA LEU B 232 -10.01 33.83 -19.58
C LEU B 232 -9.91 32.88 -18.39
N ILE B 233 -10.22 31.60 -18.61
CA ILE B 233 -10.24 30.52 -17.57
C ILE B 233 -8.82 30.29 -17.06
N SER B 234 -7.86 30.07 -17.97
CA SER B 234 -6.47 29.65 -17.61
C SER B 234 -5.72 30.78 -16.91
N SER B 235 -6.12 32.04 -17.11
CA SER B 235 -5.40 33.24 -16.58
C SER B 235 -6.18 33.93 -15.43
N LYS B 236 -7.52 33.80 -15.37
CA LYS B 236 -8.36 34.56 -14.38
C LYS B 236 -9.09 33.64 -13.38
N MET B 237 -9.07 32.32 -13.51
CA MET B 237 -9.76 31.38 -12.57
C MET B 237 -8.74 30.77 -11.59
N PRO B 238 -9.14 30.44 -10.34
CA PRO B 238 -8.21 29.96 -9.32
C PRO B 238 -7.76 28.51 -9.58
N GLY B 239 -6.61 28.12 -9.03
CA GLY B 239 -5.91 26.85 -9.32
C GLY B 239 -6.84 25.65 -9.33
N GLY B 240 -6.93 24.94 -10.46
CA GLY B 240 -7.74 23.71 -10.62
C GLY B 240 -9.16 23.99 -11.13
N PHE B 241 -9.60 25.25 -11.17
CA PHE B 241 -10.94 25.67 -11.70
C PHE B 241 -10.84 25.75 -13.23
N THR B 242 -10.85 24.58 -13.88
CA THR B 242 -10.85 24.38 -15.37
C THR B 242 -12.12 24.95 -15.99
N ILE B 243 -12.13 25.14 -17.32
CA ILE B 243 -13.35 25.47 -18.11
C ILE B 243 -14.39 24.35 -17.90
N THR B 244 -13.96 23.09 -17.74
CA THR B 244 -14.89 21.94 -17.53
C THR B 244 -15.49 22.01 -16.12
N VAL B 245 -14.74 22.41 -15.09
CA VAL B 245 -15.25 22.65 -13.71
C VAL B 245 -16.28 23.80 -13.74
N ALA B 246 -16.07 24.80 -14.60
CA ALA B 246 -16.93 26.02 -14.76
C ALA B 246 -18.20 25.69 -15.57
N ARG B 247 -18.22 24.62 -16.35
CA ARG B 247 -19.43 24.13 -17.06
C ARG B 247 -20.22 23.19 -16.13
N LYS B 248 -19.52 22.34 -15.37
CA LYS B 248 -20.13 21.49 -14.31
C LYS B 248 -20.89 22.40 -13.33
N TYR B 249 -20.32 23.55 -12.96
CA TYR B 249 -20.95 24.52 -12.02
C TYR B 249 -22.17 25.20 -12.65
N LEU B 250 -22.12 25.52 -13.95
CA LEU B 250 -23.26 26.17 -14.67
C LEU B 250 -24.37 25.15 -14.94
N GLN B 251 -24.05 23.86 -15.02
CA GLN B 251 -25.05 22.74 -15.16
C GLN B 251 -25.69 22.45 -13.79
N THR B 252 -24.87 22.24 -12.74
CA THR B 252 -25.32 21.97 -11.35
C THR B 252 -26.16 23.13 -10.80
N ARG B 253 -25.56 24.31 -10.68
CA ARG B 253 -26.11 25.44 -9.88
C ARG B 253 -27.23 26.17 -10.64
N TRP B 254 -27.19 26.24 -11.98
CA TRP B 254 -28.15 27.03 -12.79
C TRP B 254 -28.86 26.18 -13.86
N GLY B 255 -28.54 24.88 -13.97
CA GLY B 255 -29.20 23.93 -14.88
C GLY B 255 -29.17 24.38 -16.34
N LEU B 256 -27.98 24.71 -16.86
CA LEU B 256 -27.79 25.23 -18.24
C LEU B 256 -27.07 24.18 -19.09
N PRO B 257 -27.63 23.82 -20.27
CA PRO B 257 -26.97 22.93 -21.22
C PRO B 257 -25.88 23.63 -22.04
N SER B 258 -25.11 22.87 -22.86
CA SER B 258 -23.84 23.30 -23.53
C SER B 258 -24.03 24.61 -24.31
N GLY B 259 -25.17 24.80 -24.98
CA GLY B 259 -25.47 26.01 -25.79
C GLY B 259 -25.59 27.28 -24.95
N ARG B 260 -26.24 27.18 -23.78
CA ARG B 260 -26.52 28.34 -22.87
C ARG B 260 -25.26 28.68 -22.06
N GLN B 261 -24.47 27.68 -21.65
CA GLN B 261 -23.17 27.89 -20.95
C GLN B 261 -22.25 28.69 -21.88
N ASP B 262 -22.23 28.34 -23.18
CA ASP B 262 -21.49 29.07 -24.25
C ASP B 262 -21.80 30.57 -24.14
N GLY B 263 -23.08 30.92 -23.98
CA GLY B 263 -23.57 32.30 -23.81
C GLY B 263 -23.13 32.94 -22.49
N VAL B 264 -23.20 32.20 -21.38
CA VAL B 264 -22.81 32.67 -20.02
C VAL B 264 -21.30 32.99 -20.01
N LEU B 265 -20.48 32.17 -20.67
CA LEU B 265 -19.01 32.34 -20.74
C LEU B 265 -18.66 33.51 -21.67
N LEU B 266 -19.42 33.71 -22.77
CA LEU B 266 -19.26 34.86 -23.70
C LEU B 266 -19.50 36.18 -22.95
N VAL B 267 -20.53 36.21 -22.09
CA VAL B 267 -20.89 37.40 -21.26
C VAL B 267 -19.77 37.60 -20.22
N ALA B 268 -19.24 36.51 -19.64
CA ALA B 268 -18.10 36.47 -18.69
C ALA B 268 -16.84 37.06 -19.33
N LEU B 269 -16.65 36.84 -20.64
CA LEU B 269 -15.49 37.33 -21.42
C LEU B 269 -15.51 38.85 -21.55
N SER B 270 -16.69 39.48 -21.65
CA SER B 270 -16.88 40.94 -21.81
C SER B 270 -16.99 41.64 -20.44
N ASN B 271 -16.93 40.87 -19.34
CA ASN B 271 -16.83 41.34 -17.93
C ASN B 271 -15.62 40.64 -17.27
N GLU B 272 -14.59 40.31 -18.06
CA GLU B 272 -13.35 39.59 -17.67
C GLU B 272 -12.73 40.29 -16.47
N PRO B 273 -12.53 39.62 -15.30
CA PRO B 273 -11.92 40.28 -14.15
C PRO B 273 -10.48 40.70 -14.47
N ALA B 274 -9.98 41.76 -13.82
CA ALA B 274 -8.69 42.44 -14.12
C ALA B 274 -7.52 41.58 -13.63
N ALA B 275 -7.66 40.98 -12.44
CA ALA B 275 -6.71 40.02 -11.83
C ALA B 275 -7.37 38.65 -11.69
N ARG B 276 -6.55 37.60 -11.53
CA ARG B 276 -6.99 36.21 -11.22
C ARG B 276 -7.86 36.25 -9.96
N LEU B 277 -8.97 35.50 -9.94
CA LEU B 277 -9.86 35.40 -8.76
C LEU B 277 -9.20 34.50 -7.72
N GLY B 278 -9.33 34.88 -6.44
CA GLY B 278 -8.54 34.34 -5.32
C GLY B 278 -9.01 32.96 -4.90
N SER B 279 -10.30 32.81 -4.61
CA SER B 279 -10.90 31.56 -4.09
C SER B 279 -11.85 30.94 -5.10
N GLU B 280 -12.11 29.63 -4.94
CA GLU B 280 -13.18 28.88 -5.63
C GLU B 280 -14.54 29.56 -5.37
N ALA B 281 -14.72 30.15 -4.18
CA ALA B 281 -15.93 30.92 -3.78
C ALA B 281 -16.11 32.14 -4.69
N ASP B 282 -15.04 32.89 -4.96
CA ASP B 282 -15.03 34.13 -5.79
C ASP B 282 -15.33 33.79 -7.25
N ALA B 283 -14.83 32.64 -7.72
CA ALA B 283 -15.04 32.10 -9.10
C ALA B 283 -16.52 31.75 -9.32
N LYS B 284 -17.17 31.15 -8.33
CA LYS B 284 -18.61 30.77 -8.36
C LYS B 284 -19.47 32.03 -8.27
N ALA B 285 -19.09 32.97 -7.39
CA ALA B 285 -19.73 34.31 -7.21
C ALA B 285 -19.72 35.07 -8.54
N PHE B 286 -18.60 35.01 -9.28
CA PHE B 286 -18.42 35.63 -10.61
C PHE B 286 -19.40 35.00 -11.62
N LEU B 287 -19.42 33.66 -11.73
CA LEU B 287 -20.24 32.90 -12.72
C LEU B 287 -21.75 33.05 -12.41
N ASP B 288 -22.11 33.20 -11.12
CA ASP B 288 -23.51 33.49 -10.66
C ASP B 288 -23.96 34.84 -11.25
N SER B 289 -23.15 35.87 -11.02
CA SER B 289 -23.34 37.27 -11.52
C SER B 289 -23.41 37.28 -13.06
N MET B 290 -22.63 36.43 -13.74
CA MET B 290 -22.54 36.36 -15.24
C MET B 290 -23.74 35.57 -15.79
N ALA B 291 -24.31 34.64 -15.02
CA ALA B 291 -25.51 33.87 -15.39
C ALA B 291 -26.74 34.79 -15.40
N GLN B 292 -26.83 35.72 -14.43
CA GLN B 292 -27.93 36.71 -14.29
C GLN B 292 -27.86 37.79 -15.39
N LYS B 293 -26.65 38.13 -15.85
CA LYS B 293 -26.44 39.10 -16.97
C LYS B 293 -26.88 38.45 -18.29
N TYR B 294 -26.61 37.15 -18.46
CA TYR B 294 -27.02 36.33 -19.62
C TYR B 294 -28.54 36.14 -19.62
N ALA B 295 -29.14 35.95 -18.44
CA ALA B 295 -30.61 35.84 -18.23
C ALA B 295 -31.31 37.10 -18.79
N SER B 296 -30.76 38.29 -18.52
CA SER B 296 -31.23 39.61 -19.04
C SER B 296 -31.15 39.66 -20.57
N ILE B 297 -29.95 39.41 -21.13
CA ILE B 297 -29.61 39.62 -22.58
C ILE B 297 -30.42 38.65 -23.46
N VAL B 298 -30.68 37.42 -23.00
CA VAL B 298 -31.57 36.38 -23.61
C VAL B 298 -32.67 36.20 -22.56
N GLY B 299 -33.94 36.53 -22.83
CA GLY B 299 -35.01 36.61 -21.82
C GLY B 299 -35.29 35.29 -21.11
N VAL B 300 -34.62 35.00 -19.98
CA VAL B 300 -34.78 33.68 -19.26
C VAL B 300 -34.80 33.92 -17.74
N ASP B 301 -35.66 33.17 -17.02
CA ASP B 301 -35.85 33.31 -15.55
C ASP B 301 -34.96 32.30 -14.81
N LEU B 302 -34.30 32.71 -13.70
CA LEU B 302 -33.38 31.86 -12.87
C LEU B 302 -33.70 31.98 -11.37
N LEU B 328 -21.19 12.79 -0.44
CA LEU B 328 -21.92 11.65 -1.06
C LEU B 328 -20.90 10.86 -1.90
N GLU B 329 -20.74 11.22 -3.19
CA GLU B 329 -19.82 10.58 -4.15
C GLU B 329 -18.50 11.38 -4.21
N GLU B 330 -18.24 12.31 -3.29
CA GLU B 330 -16.99 13.12 -3.32
C GLU B 330 -15.96 12.47 -2.37
N ILE B 331 -16.42 11.64 -1.43
CA ILE B 331 -15.54 10.84 -0.51
C ILE B 331 -14.98 9.65 -1.32
N THR B 332 -15.82 9.04 -2.16
CA THR B 332 -15.46 7.89 -3.03
C THR B 332 -14.51 8.37 -4.13
N LYS B 333 -14.68 9.59 -4.64
CA LYS B 333 -13.73 10.21 -5.62
C LYS B 333 -12.39 10.47 -4.91
N ASP B 334 -12.43 10.79 -3.62
CA ASP B 334 -11.23 11.21 -2.84
C ASP B 334 -10.29 10.02 -2.67
N HIS B 335 -10.87 8.83 -2.55
CA HIS B 335 -10.13 7.55 -2.38
C HIS B 335 -9.51 7.14 -3.74
N LYS B 336 -10.31 7.07 -4.81
CA LYS B 336 -9.79 6.74 -6.15
C LYS B 336 -8.59 7.61 -6.48
N VAL B 337 -8.52 8.85 -5.99
CA VAL B 337 -7.36 9.77 -6.21
C VAL B 337 -6.13 9.19 -5.50
N LEU B 338 -6.30 8.68 -4.28
CA LEU B 338 -5.19 8.09 -3.49
C LEU B 338 -4.65 6.90 -4.27
N ALA B 339 -5.52 5.91 -4.52
CA ALA B 339 -5.24 4.69 -5.28
C ALA B 339 -4.48 5.04 -6.57
N ARG B 340 -4.98 6.03 -7.31
CA ARG B 340 -4.42 6.50 -8.60
C ARG B 340 -2.96 6.93 -8.39
N GLN B 341 -2.67 7.64 -7.29
CA GLN B 341 -1.33 8.20 -7.01
C GLN B 341 -0.38 7.08 -6.55
N GLN B 342 -0.88 6.13 -5.76
CA GLN B 342 -0.07 4.95 -5.31
C GLN B 342 0.35 4.17 -6.55
N LEU B 343 -0.55 3.97 -7.51
CA LEU B 343 -0.25 3.32 -8.81
C LEU B 343 0.89 4.06 -9.49
N GLN B 344 0.76 5.38 -9.59
CA GLN B 344 1.73 6.27 -10.26
C GLN B 344 3.12 6.07 -9.64
N VAL B 345 3.26 6.02 -8.32
CA VAL B 345 4.61 5.98 -7.68
C VAL B 345 5.19 4.58 -7.89
N LEU B 346 4.35 3.57 -8.01
CA LEU B 346 4.79 2.17 -8.23
C LEU B 346 5.30 2.05 -9.66
N ALA B 347 4.56 2.62 -10.60
CA ALA B 347 4.94 2.69 -12.03
C ALA B 347 6.31 3.38 -12.17
N ARG B 348 6.50 4.47 -11.44
CA ARG B 348 7.76 5.26 -11.46
C ARG B 348 8.91 4.36 -11.01
N TYR B 349 8.75 3.66 -9.89
CA TYR B 349 9.75 2.74 -9.29
C TYR B 349 10.11 1.64 -10.29
N LEU B 350 9.09 1.03 -10.92
CA LEU B 350 9.27 -0.08 -11.89
C LEU B 350 9.83 0.42 -13.23
N LYS B 351 10.01 1.72 -13.41
CA LYS B 351 10.39 2.35 -14.70
C LYS B 351 9.39 1.91 -15.78
N MET B 352 8.14 1.69 -15.40
CA MET B 352 7.02 1.43 -16.36
C MET B 352 6.63 2.77 -16.97
N ASP B 353 6.40 2.76 -18.28
CA ASP B 353 5.97 3.94 -19.05
C ASP B 353 4.51 3.72 -19.45
N LEU B 354 3.60 3.93 -18.52
CA LEU B 354 2.16 3.59 -18.70
C LEU B 354 1.61 4.17 -20.00
N ASP B 355 2.21 5.21 -20.59
CA ASP B 355 1.63 5.94 -21.74
C ASP B 355 2.31 5.57 -23.07
N ASN B 356 3.33 4.72 -23.07
CA ASN B 356 4.03 4.29 -24.31
C ASN B 356 2.98 3.80 -25.32
N GLY B 357 2.01 2.99 -24.89
CA GLY B 357 1.00 2.40 -25.79
C GLY B 357 0.27 3.47 -26.58
N GLU B 358 -0.36 4.42 -25.88
CA GLU B 358 -1.12 5.54 -26.48
C GLU B 358 -0.21 6.36 -27.37
N ARG B 359 1.02 6.62 -26.95
CA ARG B 359 2.01 7.39 -27.76
C ARG B 359 2.18 6.74 -29.12
N LYS B 360 2.42 5.44 -29.15
CA LYS B 360 2.70 4.68 -30.39
C LYS B 360 1.45 4.69 -31.26
N PHE B 361 0.28 4.62 -30.63
CA PHE B 361 -1.03 4.61 -31.32
C PHE B 361 -1.24 5.94 -32.04
N LEU B 362 -1.04 7.05 -31.35
CA LEU B 362 -1.24 8.40 -31.94
C LEU B 362 -0.33 8.56 -33.15
N LYS B 363 0.89 8.02 -33.09
CA LYS B 363 1.89 8.13 -34.16
C LYS B 363 1.41 7.32 -35.37
N GLU B 364 0.82 6.15 -35.12
CA GLU B 364 0.39 5.20 -36.18
C GLU B 364 -0.84 5.79 -36.87
N LYS B 365 -1.78 6.31 -36.07
CA LYS B 365 -3.03 6.97 -36.52
C LYS B 365 -2.70 8.07 -37.52
N ASP B 366 -1.64 8.82 -37.26
CA ASP B 366 -1.12 9.88 -38.17
C ASP B 366 -0.61 9.21 -39.44
N THR B 367 0.20 8.15 -39.37
CA THR B 367 0.75 7.55 -40.61
C THR B 367 -0.40 6.87 -41.36
N VAL B 368 -1.52 6.52 -40.69
CA VAL B 368 -2.71 6.00 -41.43
C VAL B 368 -3.29 7.13 -42.26
N ALA B 369 -3.63 8.26 -41.64
CA ALA B 369 -4.21 9.44 -42.32
C ALA B 369 -3.33 9.86 -43.49
N GLU B 370 -2.01 9.77 -43.33
CA GLU B 370 -1.01 10.17 -44.35
C GLU B 370 -1.19 9.24 -45.57
N LEU B 371 -1.18 7.93 -45.38
CA LEU B 371 -1.39 6.94 -46.46
C LEU B 371 -2.80 7.11 -47.03
N GLN B 372 -3.82 7.29 -46.19
CA GLN B 372 -5.22 7.38 -46.64
C GLN B 372 -5.34 8.52 -47.63
N ALA B 373 -4.64 9.64 -47.37
CA ALA B 373 -4.66 10.84 -48.23
C ALA B 373 -4.01 10.51 -49.57
N GLN B 374 -2.91 9.76 -49.58
CA GLN B 374 -2.19 9.41 -50.83
C GLN B 374 -3.11 8.56 -51.70
N LEU B 375 -3.85 7.66 -51.06
CA LEU B 375 -4.74 6.69 -51.73
C LEU B 375 -5.99 7.42 -52.21
N ASP B 376 -6.49 8.37 -51.41
CA ASP B 376 -7.65 9.24 -51.76
C ASP B 376 -7.29 10.08 -52.99
N TYR B 377 -6.06 10.59 -53.06
CA TYR B 377 -5.62 11.46 -54.17
C TYR B 377 -5.64 10.63 -55.46
N LEU B 378 -5.04 9.44 -55.43
CA LEU B 378 -4.99 8.53 -56.59
C LEU B 378 -6.43 8.21 -57.03
N ASN B 379 -7.38 8.04 -56.11
CA ASN B 379 -8.79 7.77 -56.48
C ASN B 379 -9.40 9.01 -57.13
N ALA B 380 -9.05 10.21 -56.68
CA ALA B 380 -9.56 11.47 -57.30
C ALA B 380 -9.04 11.60 -58.74
N GLU B 381 -7.80 11.20 -58.99
CA GLU B 381 -7.11 11.39 -60.28
C GLU B 381 -7.57 10.32 -61.27
N LEU B 382 -7.62 9.06 -60.84
CA LEU B 382 -7.88 7.92 -61.76
C LEU B 382 -9.36 7.54 -61.74
N GLY B 383 -10.05 7.77 -60.63
CA GLY B 383 -11.46 7.38 -60.50
C GLY B 383 -11.62 5.94 -60.01
N GLU B 384 -12.71 5.66 -59.32
CA GLU B 384 -13.00 4.35 -58.69
C GLU B 384 -12.98 3.26 -59.78
N PHE B 385 -13.52 3.50 -60.96
CA PHE B 385 -13.68 2.44 -62.00
C PHE B 385 -12.31 1.88 -62.37
N PHE B 386 -11.36 2.78 -62.59
CA PHE B 386 -9.98 2.47 -63.06
C PHE B 386 -9.21 1.78 -61.94
N VAL B 387 -9.29 2.32 -60.73
CA VAL B 387 -8.50 1.86 -59.55
C VAL B 387 -8.99 0.45 -59.20
N ASN B 388 -10.29 0.22 -59.21
CA ASN B 388 -10.86 -1.13 -58.99
C ASN B 388 -10.52 -1.99 -60.21
N GLY B 389 -10.65 -1.40 -61.40
CA GLY B 389 -10.60 -2.14 -62.66
C GLY B 389 -9.25 -2.80 -62.91
N VAL B 390 -8.21 -2.23 -62.30
CA VAL B 390 -6.80 -2.50 -62.68
C VAL B 390 -6.28 -3.66 -61.80
N ALA B 391 -7.19 -4.28 -61.06
CA ALA B 391 -6.93 -5.36 -60.10
C ALA B 391 -6.61 -6.67 -60.80
N THR B 392 -5.77 -7.47 -60.16
CA THR B 392 -5.16 -8.70 -60.70
C THR B 392 -6.22 -9.80 -60.74
N SER B 393 -6.25 -10.60 -61.81
CA SER B 393 -7.12 -11.81 -61.95
C SER B 393 -6.28 -13.04 -62.28
N PHE B 394 -5.18 -12.86 -63.01
CA PHE B 394 -4.38 -13.99 -63.52
C PHE B 394 -3.66 -14.67 -62.36
N SER B 395 -3.51 -15.97 -62.45
CA SER B 395 -2.95 -16.85 -61.40
C SER B 395 -2.70 -18.22 -62.04
N ARG B 396 -1.45 -18.68 -62.11
CA ARG B 396 -1.12 -19.93 -62.84
C ARG B 396 -1.94 -21.13 -62.34
N LYS B 397 -2.29 -21.15 -61.07
CA LYS B 397 -2.96 -22.33 -60.48
C LYS B 397 -4.42 -22.37 -60.93
N LYS B 398 -4.93 -21.28 -61.50
CA LYS B 398 -6.33 -21.28 -61.97
C LYS B 398 -6.40 -21.72 -63.43
N ALA B 399 -5.27 -22.08 -64.05
CA ALA B 399 -5.22 -22.47 -65.47
C ALA B 399 -5.82 -23.86 -65.62
N ARG B 400 -7.07 -23.94 -66.08
CA ARG B 400 -7.69 -25.21 -66.53
C ARG B 400 -7.13 -25.57 -67.89
N THR B 401 -6.83 -26.85 -68.09
CA THR B 401 -6.15 -27.33 -69.33
C THR B 401 -6.94 -28.55 -69.87
N PHE B 402 -7.48 -28.41 -71.07
CA PHE B 402 -8.34 -29.40 -71.78
C PHE B 402 -7.56 -29.99 -72.96
N ASP B 403 -7.37 -31.31 -72.97
CA ASP B 403 -6.58 -31.99 -74.02
C ASP B 403 -7.09 -33.43 -74.30
N SER B 404 -8.10 -33.92 -73.59
CA SER B 404 -8.51 -35.35 -73.66
C SER B 404 -9.50 -35.57 -74.82
N SER B 405 -9.11 -35.16 -76.03
CA SER B 405 -9.91 -35.32 -77.28
C SER B 405 -10.16 -36.80 -77.57
N TRP B 406 -9.21 -37.66 -77.21
CA TRP B 406 -9.30 -39.12 -77.41
C TRP B 406 -10.58 -39.67 -76.76
N ASN B 407 -10.99 -39.09 -75.63
CA ASN B 407 -12.20 -39.53 -74.90
C ASN B 407 -13.43 -38.91 -75.57
N TRP B 408 -13.36 -37.61 -75.84
CA TRP B 408 -14.50 -36.80 -76.31
C TRP B 408 -15.00 -37.29 -77.68
N ALA B 409 -14.10 -37.77 -78.53
CA ALA B 409 -14.45 -38.32 -79.87
C ALA B 409 -15.46 -39.46 -79.70
N LYS B 410 -15.16 -40.44 -78.86
CA LYS B 410 -16.05 -41.61 -78.63
C LYS B 410 -17.38 -41.11 -78.04
N GLN B 411 -17.36 -40.05 -77.25
CA GLN B 411 -18.62 -39.50 -76.68
C GLN B 411 -19.44 -38.86 -77.79
N SER B 412 -18.82 -37.96 -78.57
CA SER B 412 -19.42 -37.27 -79.74
C SER B 412 -20.09 -38.30 -80.67
N LEU B 413 -19.40 -39.40 -80.94
CA LEU B 413 -19.86 -40.47 -81.86
C LEU B 413 -21.15 -41.05 -81.28
N LEU B 414 -21.13 -41.43 -80.02
CA LEU B 414 -22.25 -42.15 -79.36
C LEU B 414 -23.45 -41.21 -79.20
N SER B 415 -23.19 -39.93 -79.03
CA SER B 415 -24.23 -38.89 -78.88
C SER B 415 -24.95 -38.72 -80.22
N LEU B 416 -24.19 -38.58 -81.31
CA LEU B 416 -24.71 -38.59 -82.71
C LEU B 416 -25.57 -39.83 -82.94
N TYR B 417 -25.01 -41.00 -82.65
CA TYR B 417 -25.64 -42.32 -82.89
C TYR B 417 -27.03 -42.32 -82.29
N PHE B 418 -27.16 -41.95 -81.02
CA PHE B 418 -28.45 -42.07 -80.30
C PHE B 418 -29.39 -40.93 -80.69
N GLU B 419 -28.84 -39.79 -81.10
CA GLU B 419 -29.68 -38.66 -81.57
C GLU B 419 -30.34 -39.07 -82.88
N ILE B 420 -29.65 -39.85 -83.70
CA ILE B 420 -30.22 -40.32 -85.00
C ILE B 420 -31.28 -41.38 -84.70
N ILE B 421 -31.00 -42.32 -83.80
CA ILE B 421 -31.95 -43.41 -83.48
C ILE B 421 -33.25 -42.82 -82.95
N HIS B 422 -33.17 -41.77 -82.14
CA HIS B 422 -34.35 -41.16 -81.47
C HIS B 422 -35.00 -40.11 -82.38
N GLY B 423 -34.43 -39.84 -83.55
CA GLY B 423 -35.00 -38.91 -84.55
C GLY B 423 -34.80 -37.45 -84.18
N VAL B 424 -33.98 -37.18 -83.16
CA VAL B 424 -33.53 -35.80 -82.83
C VAL B 424 -32.78 -35.22 -84.04
N LEU B 425 -31.96 -36.03 -84.70
CA LEU B 425 -31.29 -35.66 -85.98
C LEU B 425 -31.79 -36.56 -87.11
N LYS B 426 -32.05 -35.94 -88.26
CA LYS B 426 -32.61 -36.59 -89.47
C LYS B 426 -31.55 -36.47 -90.57
N ASN B 427 -31.80 -37.10 -91.73
CA ASN B 427 -30.78 -37.20 -92.79
C ASN B 427 -30.64 -35.86 -93.54
N VAL B 428 -31.42 -34.84 -93.19
CA VAL B 428 -31.37 -33.49 -93.84
C VAL B 428 -30.48 -32.55 -92.99
N ASP B 429 -30.55 -32.70 -91.66
CA ASP B 429 -29.92 -31.79 -90.67
C ASP B 429 -28.42 -31.66 -90.97
N ARG B 430 -27.89 -30.45 -90.98
CA ARG B 430 -26.45 -30.20 -91.23
C ARG B 430 -25.65 -30.51 -89.97
N GLU B 431 -26.29 -30.48 -88.81
CA GLU B 431 -25.59 -30.79 -87.54
C GLU B 431 -24.92 -32.16 -87.74
N VAL B 432 -25.50 -33.09 -88.52
CA VAL B 432 -24.86 -34.44 -88.68
C VAL B 432 -23.64 -34.32 -89.59
N VAL B 433 -23.58 -33.36 -90.50
CA VAL B 433 -22.35 -33.21 -91.35
C VAL B 433 -21.23 -32.61 -90.49
N SER B 434 -21.49 -31.53 -89.76
CA SER B 434 -20.45 -30.85 -88.94
C SER B 434 -20.00 -31.78 -87.81
N GLU B 435 -20.90 -32.55 -87.18
CA GLU B 435 -20.49 -33.48 -86.09
C GLU B 435 -19.65 -34.60 -86.72
N ALA B 436 -19.87 -34.93 -87.98
CA ALA B 436 -19.05 -35.90 -88.74
C ALA B 436 -17.63 -35.35 -88.92
N ILE B 437 -17.52 -34.07 -89.23
CA ILE B 437 -16.20 -33.38 -89.42
C ILE B 437 -15.43 -33.47 -88.11
N ASN B 438 -16.10 -33.27 -86.98
CA ASN B 438 -15.44 -33.20 -85.65
C ASN B 438 -14.96 -34.59 -85.25
N ILE B 439 -15.73 -35.63 -85.57
CA ILE B 439 -15.31 -37.04 -85.35
C ILE B 439 -14.13 -37.35 -86.26
N MET B 440 -14.22 -37.01 -87.55
CA MET B 440 -13.11 -37.21 -88.53
C MET B 440 -11.85 -36.51 -88.03
N ASN B 441 -11.99 -35.31 -87.47
CA ASN B 441 -10.87 -34.48 -86.97
C ASN B 441 -10.19 -35.15 -85.78
N ARG B 442 -10.73 -36.24 -85.25
CA ARG B 442 -10.14 -36.95 -84.09
C ARG B 442 -9.91 -38.41 -84.43
N SER B 443 -9.87 -38.75 -85.71
CA SER B 443 -9.72 -40.15 -86.17
C SER B 443 -8.37 -40.71 -85.68
N ASN B 444 -8.44 -41.80 -84.93
CA ASN B 444 -7.29 -42.69 -84.61
C ASN B 444 -7.78 -44.15 -84.62
N ASP B 445 -6.87 -45.11 -84.39
CA ASP B 445 -7.19 -46.55 -84.55
C ASP B 445 -8.29 -46.97 -83.56
N ALA B 446 -8.27 -46.46 -82.35
CA ALA B 446 -9.23 -46.82 -81.29
C ALA B 446 -10.65 -46.36 -81.67
N LEU B 447 -10.76 -45.14 -82.23
CA LEU B 447 -12.05 -44.51 -82.64
C LEU B 447 -12.67 -45.37 -83.73
N ILE B 448 -11.86 -45.84 -84.66
CA ILE B 448 -12.38 -46.65 -85.79
C ILE B 448 -12.89 -47.98 -85.22
N LYS B 449 -12.12 -48.61 -84.33
CA LYS B 449 -12.51 -49.89 -83.67
C LYS B 449 -13.83 -49.69 -82.92
N PHE B 450 -14.01 -48.54 -82.30
CA PHE B 450 -15.21 -48.15 -81.52
C PHE B 450 -16.42 -48.05 -82.46
N MET B 451 -16.27 -47.36 -83.61
CA MET B 451 -17.36 -47.18 -84.60
C MET B 451 -17.66 -48.53 -85.24
N GLU B 452 -16.61 -49.22 -85.66
CA GLU B 452 -16.73 -50.58 -86.26
C GLU B 452 -17.62 -51.41 -85.32
N TYR B 453 -17.35 -51.44 -84.01
CA TYR B 453 -18.14 -52.30 -83.08
C TYR B 453 -19.60 -51.85 -83.11
N HIS B 454 -19.81 -50.57 -82.83
CA HIS B 454 -21.17 -50.01 -82.59
C HIS B 454 -21.99 -50.05 -83.88
N ILE B 455 -21.41 -49.68 -85.02
CA ILE B 455 -22.12 -49.62 -86.35
C ILE B 455 -22.41 -51.04 -86.84
N SER B 456 -21.42 -51.92 -86.76
CA SER B 456 -21.61 -53.32 -87.24
C SER B 456 -22.65 -53.99 -86.35
N ASN B 457 -22.73 -53.65 -85.06
CA ASN B 457 -23.63 -54.38 -84.13
C ASN B 457 -24.97 -53.63 -84.00
N THR B 458 -25.27 -52.69 -84.89
CA THR B 458 -26.64 -52.10 -84.97
C THR B 458 -27.43 -52.88 -86.01
N ASP B 459 -28.67 -53.16 -85.69
CA ASP B 459 -29.57 -54.06 -86.46
C ASP B 459 -30.54 -53.18 -87.24
N GLU B 460 -30.26 -52.95 -88.52
CA GLU B 460 -31.09 -52.13 -89.44
C GLU B 460 -32.57 -52.56 -89.41
N THR B 461 -32.88 -53.80 -89.11
CA THR B 461 -34.27 -54.34 -89.21
C THR B 461 -35.14 -53.76 -88.10
N LYS B 462 -34.55 -53.10 -87.11
CA LYS B 462 -35.30 -52.53 -85.95
C LYS B 462 -36.11 -51.30 -86.38
N GLY B 463 -35.83 -50.69 -87.53
CA GLY B 463 -36.61 -49.54 -88.03
C GLY B 463 -35.76 -48.57 -88.82
N GLU B 464 -36.40 -47.58 -89.45
CA GLU B 464 -35.77 -46.71 -90.47
C GLU B 464 -34.61 -45.95 -89.85
N ASN B 465 -34.72 -45.57 -88.58
CA ASN B 465 -33.68 -44.74 -87.90
C ASN B 465 -32.42 -45.60 -87.68
N TYR B 466 -32.60 -46.88 -87.36
CA TYR B 466 -31.49 -47.85 -87.19
C TYR B 466 -30.77 -48.04 -88.53
N GLN B 467 -31.52 -48.21 -89.62
CA GLN B 467 -30.97 -48.32 -91.00
C GLN B 467 -30.18 -47.05 -91.32
N LEU B 468 -30.75 -45.89 -91.03
CA LEU B 468 -30.11 -44.59 -91.34
C LEU B 468 -28.77 -44.51 -90.59
N VAL B 469 -28.75 -44.83 -89.29
CA VAL B 469 -27.50 -44.66 -88.48
C VAL B 469 -26.47 -45.67 -88.99
N LYS B 470 -26.94 -46.85 -89.39
CA LYS B 470 -26.03 -47.91 -89.86
C LYS B 470 -25.35 -47.42 -91.15
N THR B 471 -26.09 -46.77 -92.03
CA THR B 471 -25.53 -46.28 -93.33
C THR B 471 -24.60 -45.10 -93.03
N LEU B 472 -25.07 -44.08 -92.32
CA LEU B 472 -24.24 -42.91 -91.90
C LEU B 472 -22.97 -43.45 -91.26
N GLY B 473 -23.10 -44.43 -90.37
CA GLY B 473 -21.98 -45.03 -89.62
C GLY B 473 -20.91 -45.61 -90.55
N GLU B 474 -21.35 -46.45 -91.48
CA GLU B 474 -20.47 -47.14 -92.45
C GLU B 474 -19.69 -46.10 -93.24
N GLN B 475 -20.36 -45.01 -93.63
CA GLN B 475 -19.76 -43.94 -94.45
C GLN B 475 -18.73 -43.19 -93.61
N LEU B 476 -19.07 -42.98 -92.34
CA LEU B 476 -18.23 -42.22 -91.40
C LEU B 476 -16.97 -43.05 -91.10
N ILE B 477 -17.09 -44.38 -91.04
CA ILE B 477 -15.93 -45.27 -90.77
C ILE B 477 -14.97 -45.13 -91.95
N GLU B 478 -15.50 -45.19 -93.16
CA GLU B 478 -14.73 -45.07 -94.42
C GLU B 478 -13.99 -43.73 -94.41
N ASN B 479 -14.69 -42.65 -94.09
CA ASN B 479 -14.08 -41.29 -94.03
C ASN B 479 -12.92 -41.34 -93.04
N CYS B 480 -13.19 -41.78 -91.81
CA CYS B 480 -12.20 -41.74 -90.71
C CYS B 480 -10.95 -42.54 -91.09
N LYS B 481 -11.11 -43.61 -91.86
CA LYS B 481 -9.95 -44.40 -92.34
C LYS B 481 -9.10 -43.52 -93.25
N GLN B 482 -9.70 -42.82 -94.20
CA GLN B 482 -8.95 -41.97 -95.17
C GLN B 482 -8.22 -40.84 -94.44
N VAL B 483 -8.83 -40.29 -93.41
CA VAL B 483 -8.35 -39.03 -92.76
C VAL B 483 -7.51 -39.36 -91.53
N LEU B 484 -7.47 -40.63 -91.11
CA LEU B 484 -6.40 -41.13 -90.20
C LEU B 484 -5.08 -40.64 -90.79
N ASP B 485 -4.18 -40.05 -90.00
CA ASP B 485 -2.86 -39.55 -90.52
C ASP B 485 -3.03 -38.36 -91.48
N VAL B 486 -4.13 -37.61 -91.40
CA VAL B 486 -4.27 -36.30 -92.12
C VAL B 486 -4.53 -35.21 -91.08
N ASP B 487 -3.88 -34.06 -91.25
CA ASP B 487 -4.05 -32.89 -90.36
C ASP B 487 -5.55 -32.65 -90.24
N PRO B 488 -6.05 -32.31 -89.03
CA PRO B 488 -7.45 -32.00 -88.85
C PRO B 488 -7.69 -30.60 -89.45
N VAL B 489 -8.95 -30.20 -89.54
CA VAL B 489 -9.33 -29.10 -90.46
C VAL B 489 -10.53 -28.33 -89.90
N TYR B 490 -10.46 -26.99 -89.99
CA TYR B 490 -11.57 -26.06 -89.71
C TYR B 490 -12.43 -26.02 -90.96
N LYS B 491 -13.69 -26.45 -90.87
CA LYS B 491 -14.64 -26.43 -92.02
C LYS B 491 -16.03 -26.12 -91.47
N ASP B 492 -16.51 -24.90 -91.74
CA ASP B 492 -17.84 -24.42 -91.28
C ASP B 492 -18.85 -24.74 -92.36
N VAL B 493 -19.78 -25.61 -92.04
CA VAL B 493 -20.67 -26.27 -93.02
C VAL B 493 -22.09 -25.78 -92.77
N ALA B 494 -22.24 -24.83 -91.84
CA ALA B 494 -23.52 -24.28 -91.35
C ALA B 494 -24.22 -23.49 -92.45
N LYS B 495 -25.53 -23.32 -92.31
CA LYS B 495 -26.37 -22.53 -93.24
C LYS B 495 -26.08 -21.06 -92.98
N PRO B 496 -25.49 -20.31 -93.93
CA PRO B 496 -25.28 -18.87 -93.74
C PRO B 496 -26.64 -18.15 -93.80
N THR B 497 -26.77 -17.12 -92.97
CA THR B 497 -28.03 -16.37 -92.73
C THR B 497 -27.81 -14.86 -92.87
N GLY B 498 -28.93 -14.17 -93.05
CA GLY B 498 -29.03 -12.70 -93.17
C GLY B 498 -30.09 -12.15 -92.23
N PRO B 499 -30.10 -10.82 -91.99
CA PRO B 499 -31.05 -10.21 -91.06
C PRO B 499 -32.43 -10.05 -91.69
N LYS B 500 -33.45 -10.26 -90.86
CA LYS B 500 -34.88 -10.02 -91.17
C LYS B 500 -35.51 -9.34 -89.95
N THR B 501 -36.02 -8.13 -90.15
CA THR B 501 -36.74 -7.33 -89.12
C THR B 501 -38.18 -7.16 -89.57
N ALA B 502 -39.15 -7.42 -88.70
CA ALA B 502 -40.60 -7.37 -89.03
C ALA B 502 -41.36 -6.73 -87.88
N ILE B 503 -42.44 -6.02 -88.23
CA ILE B 503 -43.31 -5.28 -87.28
C ILE B 503 -44.75 -5.71 -87.57
N ASP B 504 -45.42 -6.34 -86.61
CA ASP B 504 -46.81 -6.89 -86.78
C ASP B 504 -47.81 -5.71 -86.87
N LYS B 505 -49.10 -6.02 -86.83
CA LYS B 505 -50.21 -5.02 -86.94
C LYS B 505 -50.26 -4.17 -85.67
N ASN B 506 -49.84 -4.72 -84.52
CA ASN B 506 -49.90 -4.08 -83.18
C ASN B 506 -48.53 -3.50 -82.80
N GLY B 507 -47.67 -3.26 -83.79
CA GLY B 507 -46.37 -2.59 -83.63
C GLY B 507 -45.36 -3.38 -82.79
N ASN B 508 -45.49 -4.71 -82.69
CA ASN B 508 -44.45 -5.53 -82.03
C ASN B 508 -43.30 -5.73 -83.03
N ILE B 509 -42.06 -5.58 -82.56
CA ILE B 509 -40.82 -5.61 -83.39
C ILE B 509 -40.18 -6.99 -83.23
N THR B 510 -40.08 -7.76 -84.31
CA THR B 510 -39.43 -9.10 -84.38
C THR B 510 -38.11 -9.00 -85.13
N TYR B 511 -37.07 -9.71 -84.68
CA TYR B 511 -35.82 -9.93 -85.45
C TYR B 511 -35.47 -11.42 -85.52
N SER B 512 -35.53 -11.99 -86.71
CA SER B 512 -35.02 -13.35 -86.99
C SER B 512 -33.74 -13.27 -87.85
N GLU B 513 -32.93 -14.33 -87.77
CA GLU B 513 -31.86 -14.69 -88.71
C GLU B 513 -32.44 -15.67 -89.73
N GLU B 514 -32.48 -15.32 -91.01
CA GLU B 514 -33.14 -16.15 -92.07
C GLU B 514 -32.10 -16.66 -93.07
N PRO B 515 -32.32 -17.84 -93.69
CA PRO B 515 -31.43 -18.32 -94.75
C PRO B 515 -31.34 -17.30 -95.88
N ARG B 516 -30.13 -16.98 -96.34
CA ARG B 516 -29.90 -15.99 -97.43
C ARG B 516 -30.36 -16.59 -98.75
N GLU B 517 -30.90 -15.75 -99.63
CA GLU B 517 -31.44 -16.20 -100.94
C GLU B 517 -30.42 -17.13 -101.62
N LYS B 518 -29.36 -16.59 -102.23
CA LYS B 518 -28.51 -17.34 -103.19
C LYS B 518 -27.29 -17.93 -102.47
N VAL B 519 -27.27 -17.92 -101.14
CA VAL B 519 -26.03 -18.25 -100.37
C VAL B 519 -26.36 -19.34 -99.35
N ARG B 520 -26.07 -20.59 -99.71
CA ARG B 520 -26.47 -21.80 -98.94
C ARG B 520 -25.25 -22.41 -98.24
N LYS B 521 -24.03 -21.98 -98.55
CA LYS B 521 -22.79 -22.56 -97.97
C LYS B 521 -21.65 -21.56 -98.18
N LEU B 522 -20.51 -21.75 -97.52
CA LEU B 522 -19.45 -20.73 -97.48
C LEU B 522 -18.76 -20.64 -98.85
N SER B 523 -18.68 -21.73 -99.61
CA SER B 523 -18.15 -21.63 -101.00
C SER B 523 -18.90 -20.50 -101.73
N GLN B 524 -20.22 -20.46 -101.59
CA GLN B 524 -21.09 -19.45 -102.23
C GLN B 524 -20.92 -18.09 -101.56
N TYR B 525 -20.72 -18.05 -100.25
CA TYR B 525 -20.41 -16.80 -99.51
C TYR B 525 -19.18 -16.13 -100.12
N VAL B 526 -18.10 -16.88 -100.34
CA VAL B 526 -16.85 -16.31 -100.91
C VAL B 526 -17.16 -15.70 -102.28
N GLN B 527 -17.93 -16.40 -103.12
CA GLN B 527 -18.36 -15.90 -104.45
C GLN B 527 -19.07 -14.55 -104.29
N GLU B 528 -20.04 -14.47 -103.36
CA GLU B 528 -20.85 -13.25 -103.09
C GLU B 528 -19.90 -12.10 -102.78
N MET B 529 -18.89 -12.35 -101.94
CA MET B 529 -17.92 -11.34 -101.43
C MET B 529 -17.05 -10.86 -102.59
N ALA B 530 -16.63 -11.77 -103.47
CA ALA B 530 -15.76 -11.43 -104.62
C ALA B 530 -16.49 -10.49 -105.59
N LEU B 531 -17.80 -10.67 -105.78
CA LEU B 531 -18.59 -9.92 -106.79
C LEU B 531 -18.90 -8.52 -106.28
N GLY B 532 -18.90 -8.36 -104.97
CA GLY B 532 -19.23 -7.08 -104.33
C GLY B 532 -20.65 -6.69 -104.66
N GLY B 533 -20.88 -5.42 -104.97
CA GLY B 533 -22.23 -4.84 -105.13
C GLY B 533 -22.19 -3.62 -106.05
N PRO B 534 -23.36 -3.01 -106.34
CA PRO B 534 -23.41 -1.85 -107.24
C PRO B 534 -22.72 -0.65 -106.58
N ILE B 535 -22.69 -0.62 -105.24
CA ILE B 535 -22.16 0.54 -104.45
C ILE B 535 -20.63 0.48 -104.35
N THR B 536 -19.98 -0.62 -104.70
CA THR B 536 -18.52 -0.83 -104.46
C THR B 536 -17.71 -0.70 -105.76
N LYS B 537 -18.14 0.15 -106.70
CA LYS B 537 -17.54 0.30 -108.04
C LYS B 537 -16.45 1.36 -107.97
N GLU B 538 -15.83 1.63 -109.12
CA GLU B 538 -14.73 2.57 -109.43
C GLU B 538 -14.84 2.91 -110.92
N SER B 539 -14.58 4.17 -111.31
CA SER B 539 -14.45 4.63 -112.72
C SER B 539 -12.97 4.53 -113.14
N MET B 599 -16.72 -21.42 -110.30
CA MET B 599 -17.31 -22.79 -110.45
C MET B 599 -17.94 -23.24 -109.11
N ASP B 600 -19.27 -23.51 -109.13
CA ASP B 600 -20.10 -24.02 -108.00
C ASP B 600 -20.28 -25.54 -108.19
N VAL B 601 -19.95 -26.28 -107.12
CA VAL B 601 -20.04 -27.77 -106.94
C VAL B 601 -21.44 -28.11 -106.40
N GLU B 602 -22.11 -29.12 -106.98
CA GLU B 602 -23.40 -29.68 -106.49
C GLU B 602 -23.18 -30.36 -105.13
N ASP B 603 -24.17 -30.29 -104.25
CA ASP B 603 -24.04 -30.73 -102.82
C ASP B 603 -25.38 -31.29 -102.35
N ALA B 604 -25.34 -32.15 -101.33
CA ALA B 604 -26.51 -32.80 -100.72
C ALA B 604 -26.92 -32.09 -99.42
N LEU B 605 -26.27 -30.96 -99.05
CA LEU B 605 -26.59 -30.18 -97.82
C LEU B 605 -28.09 -29.82 -97.85
N ASP B 606 -28.84 -30.24 -96.84
CA ASP B 606 -30.30 -29.99 -96.61
C ASP B 606 -31.17 -31.02 -97.36
N LYS B 607 -30.60 -31.98 -98.09
CA LYS B 607 -31.35 -33.08 -98.78
C LYS B 607 -30.92 -34.45 -98.20
N ASP B 608 -29.63 -34.79 -98.31
CA ASP B 608 -29.06 -36.11 -97.91
C ASP B 608 -27.71 -35.86 -97.22
N SER B 609 -27.70 -35.80 -95.88
CA SER B 609 -26.50 -35.44 -95.07
C SER B 609 -25.50 -36.60 -95.10
N THR B 610 -25.98 -37.85 -95.16
CA THR B 610 -25.12 -39.07 -95.29
C THR B 610 -24.32 -38.97 -96.60
N LYS B 611 -24.95 -38.52 -97.70
CA LYS B 611 -24.29 -38.42 -99.02
C LYS B 611 -23.24 -37.31 -98.98
N GLU B 612 -23.56 -36.19 -98.31
CA GLU B 612 -22.63 -35.02 -98.17
C GLU B 612 -21.44 -35.42 -97.29
N VAL B 613 -21.66 -36.29 -96.28
CA VAL B 613 -20.61 -36.84 -95.37
C VAL B 613 -19.60 -37.62 -96.21
N ALA B 614 -20.06 -38.37 -97.24
CA ALA B 614 -19.23 -39.24 -98.10
C ALA B 614 -18.15 -38.43 -98.84
N SER B 615 -18.41 -37.17 -99.15
CA SER B 615 -17.54 -36.31 -99.99
C SER B 615 -16.65 -35.39 -99.13
N LEU B 616 -16.76 -35.45 -97.80
CA LEU B 616 -15.95 -34.58 -96.88
C LEU B 616 -14.45 -34.82 -97.10
N PRO B 617 -13.94 -36.08 -97.10
CA PRO B 617 -12.49 -36.32 -97.23
C PRO B 617 -11.88 -35.89 -98.57
N ASN B 618 -12.67 -35.88 -99.66
CA ASN B 618 -12.18 -35.59 -101.04
C ASN B 618 -11.86 -34.10 -101.15
N LYS B 619 -10.67 -33.75 -101.66
CA LYS B 619 -10.18 -32.34 -101.70
C LYS B 619 -10.47 -31.81 -103.10
N SER B 620 -11.42 -30.86 -103.21
CA SER B 620 -11.90 -30.23 -104.48
C SER B 620 -10.75 -29.45 -105.13
N THR B 621 -10.48 -29.76 -106.40
CA THR B 621 -9.52 -29.04 -107.28
C THR B 621 -10.31 -27.94 -108.01
N ILE B 622 -9.90 -26.68 -107.84
CA ILE B 622 -10.59 -25.49 -108.44
C ILE B 622 -9.75 -24.99 -109.62
N SER B 623 -10.17 -25.22 -110.89
CA SER B 623 -9.56 -24.61 -112.10
C SER B 623 -9.73 -23.08 -112.04
N LYS B 624 -11.00 -22.65 -112.01
CA LYS B 624 -11.45 -21.23 -111.98
C LYS B 624 -11.58 -20.80 -110.50
N THR B 625 -10.41 -20.46 -109.96
CA THR B 625 -10.18 -19.63 -108.74
C THR B 625 -11.17 -18.45 -108.76
N VAL B 626 -11.97 -18.30 -107.71
CA VAL B 626 -13.01 -17.24 -107.52
C VAL B 626 -12.44 -15.85 -107.82
N SER B 627 -11.17 -15.59 -107.54
CA SER B 627 -10.54 -14.26 -107.73
C SER B 627 -10.66 -13.84 -109.19
N SER B 628 -10.57 -14.80 -110.12
CA SER B 628 -10.72 -14.59 -111.59
C SER B 628 -12.13 -14.09 -111.92
N THR B 629 -13.13 -14.23 -111.03
CA THR B 629 -14.54 -13.82 -111.27
C THR B 629 -14.77 -12.37 -110.85
N ILE B 630 -13.79 -11.68 -110.26
CA ILE B 630 -13.96 -10.32 -109.69
C ILE B 630 -14.07 -9.32 -110.83
N PRO B 631 -15.25 -8.68 -111.08
CA PRO B 631 -15.34 -7.73 -112.18
C PRO B 631 -14.29 -6.64 -111.92
N ARG B 632 -13.37 -6.39 -112.86
CA ARG B 632 -12.47 -5.21 -112.78
C ARG B 632 -13.40 -3.97 -112.79
N GLU B 633 -13.05 -2.95 -112.02
CA GLU B 633 -13.90 -1.76 -111.74
C GLU B 633 -14.64 -2.01 -110.43
N THR B 634 -14.74 -3.26 -109.97
CA THR B 634 -15.41 -3.59 -108.69
C THR B 634 -14.39 -3.91 -107.59
N ILE B 635 -14.66 -3.38 -106.40
CA ILE B 635 -13.92 -3.67 -105.13
C ILE B 635 -14.73 -4.73 -104.38
N PRO B 636 -14.17 -5.91 -104.08
CA PRO B 636 -14.87 -6.92 -103.29
C PRO B 636 -15.28 -6.44 -101.89
N PHE B 637 -16.23 -7.17 -101.28
CA PHE B 637 -16.80 -6.89 -99.94
C PHE B 637 -15.77 -7.25 -98.87
N LEU B 638 -14.88 -8.20 -99.17
CA LEU B 638 -13.63 -8.49 -98.41
C LEU B 638 -12.45 -8.28 -99.35
N HIS B 639 -11.46 -7.49 -98.96
CA HIS B 639 -10.23 -7.31 -99.77
C HIS B 639 -9.06 -7.05 -98.84
N LEU B 640 -7.84 -7.10 -99.37
CA LEU B 640 -6.61 -6.60 -98.71
C LEU B 640 -6.24 -5.28 -99.37
N ARG B 641 -5.39 -4.51 -98.70
CA ARG B 641 -4.94 -3.18 -99.16
C ARG B 641 -3.41 -3.14 -99.24
N LYS B 642 -2.89 -2.25 -100.07
CA LYS B 642 -1.45 -1.99 -100.19
C LYS B 642 -1.25 -0.53 -99.82
N LYS B 643 -0.14 -0.17 -99.20
CA LYS B 643 0.12 1.25 -98.82
C LYS B 643 0.71 1.95 -100.04
N THR B 644 0.08 3.03 -100.52
CA THR B 644 0.61 3.91 -101.60
C THR B 644 1.78 4.69 -101.04
N PRO B 645 2.79 5.08 -101.87
CA PRO B 645 3.87 5.97 -101.43
C PRO B 645 3.35 7.23 -100.73
N ALA B 646 2.25 7.78 -101.21
CA ALA B 646 1.47 8.88 -100.59
C ALA B 646 1.12 8.52 -99.13
N GLY B 647 0.90 7.23 -98.83
CA GLY B 647 0.74 6.73 -97.45
C GLY B 647 -0.66 6.26 -97.12
N ASP B 648 -1.62 6.37 -98.04
CA ASP B 648 -2.99 5.80 -97.89
C ASP B 648 -2.99 4.30 -98.18
N TRP B 649 -3.96 3.57 -97.63
CA TRP B 649 -4.15 2.13 -97.84
C TRP B 649 -5.28 1.91 -98.82
N LYS B 650 -4.97 1.72 -100.10
CA LYS B 650 -5.98 1.51 -101.19
C LYS B 650 -6.12 0.00 -101.49
N TYR B 651 -7.28 -0.41 -101.97
CA TYR B 651 -7.57 -1.80 -102.46
C TYR B 651 -6.44 -2.22 -103.40
N ASP B 652 -5.97 -3.47 -103.28
CA ASP B 652 -5.00 -4.09 -104.21
C ASP B 652 -5.62 -5.37 -104.75
N ARG B 653 -5.89 -5.40 -106.07
CA ARG B 653 -6.60 -6.53 -106.73
C ARG B 653 -5.83 -7.83 -106.47
N GLN B 654 -4.51 -7.78 -106.59
CA GLN B 654 -3.64 -8.99 -106.56
C GLN B 654 -3.67 -9.63 -105.18
N LEU B 655 -3.28 -8.89 -104.13
CA LEU B 655 -3.29 -9.37 -102.72
C LEU B 655 -4.68 -9.88 -102.36
N SER B 656 -5.72 -9.16 -102.78
CA SER B 656 -7.14 -9.48 -102.45
C SER B 656 -7.52 -10.84 -103.06
N SER B 657 -7.02 -11.10 -104.26
CA SER B 657 -7.17 -12.40 -104.98
C SER B 657 -6.54 -13.50 -104.14
N LEU B 658 -5.29 -13.29 -103.74
CA LEU B 658 -4.53 -14.21 -102.85
C LEU B 658 -5.42 -14.57 -101.65
N PHE B 659 -6.03 -13.58 -101.00
CA PHE B 659 -6.82 -13.76 -99.76
C PHE B 659 -8.13 -14.47 -100.09
N LEU B 660 -8.86 -13.99 -101.10
CA LEU B 660 -10.20 -14.53 -101.48
C LEU B 660 -10.07 -15.96 -101.98
N ASP B 661 -8.95 -16.31 -102.61
CA ASP B 661 -8.67 -17.69 -103.09
C ASP B 661 -8.41 -18.58 -101.88
N GLY B 662 -7.64 -18.06 -100.91
CA GLY B 662 -7.46 -18.68 -99.58
C GLY B 662 -8.78 -19.07 -98.97
N LEU B 663 -9.76 -18.17 -99.00
CA LEU B 663 -11.11 -18.37 -98.41
C LEU B 663 -11.84 -19.47 -99.16
N GLU B 664 -11.78 -19.45 -100.49
CA GLU B 664 -12.51 -20.44 -101.33
C GLU B 664 -11.95 -21.83 -101.02
N LYS B 665 -10.63 -21.98 -101.08
CA LYS B 665 -9.89 -23.20 -100.70
C LYS B 665 -10.37 -23.65 -99.32
N ALA B 666 -10.31 -22.75 -98.34
CA ALA B 666 -10.70 -23.01 -96.93
C ALA B 666 -12.12 -23.57 -96.88
N ALA B 667 -13.05 -23.02 -97.65
CA ALA B 667 -14.48 -23.36 -97.56
C ALA B 667 -14.70 -24.78 -98.08
N PHE B 668 -14.01 -25.20 -99.14
CA PHE B 668 -14.20 -26.54 -99.78
C PHE B 668 -13.41 -27.62 -99.03
N ASN B 669 -12.13 -27.36 -98.72
CA ASN B 669 -11.16 -28.37 -98.22
C ASN B 669 -10.85 -28.20 -96.73
N GLY B 670 -11.29 -27.11 -96.10
CA GLY B 670 -10.89 -26.79 -94.73
C GLY B 670 -9.47 -26.26 -94.68
N VAL B 671 -9.12 -25.57 -93.59
CA VAL B 671 -7.74 -25.11 -93.23
C VAL B 671 -7.33 -25.87 -91.98
N THR B 672 -6.08 -26.33 -91.91
CA THR B 672 -5.50 -26.89 -90.67
C THR B 672 -4.75 -25.79 -89.93
N PHE B 673 -4.78 -25.85 -88.60
CA PHE B 673 -4.04 -24.96 -87.69
C PHE B 673 -3.18 -25.83 -86.78
N LYS B 674 -2.92 -27.08 -87.15
CA LYS B 674 -2.08 -27.97 -86.30
C LYS B 674 -0.72 -27.29 -86.16
N ASP B 675 -0.07 -27.46 -85.02
CA ASP B 675 1.28 -26.85 -84.81
C ASP B 675 1.18 -25.32 -84.73
N LYS B 676 0.00 -24.72 -84.60
CA LYS B 676 -0.14 -23.26 -84.39
C LYS B 676 -0.47 -22.99 -82.93
N TYR B 677 0.33 -22.14 -82.29
CA TYR B 677 0.20 -21.80 -80.86
C TYR B 677 -0.39 -20.39 -80.76
N VAL B 678 -1.59 -20.25 -80.19
CA VAL B 678 -2.38 -19.00 -80.27
C VAL B 678 -2.75 -18.53 -78.87
N LEU B 679 -2.65 -17.22 -78.63
CA LEU B 679 -3.24 -16.51 -77.47
C LEU B 679 -4.44 -15.70 -77.98
N ILE B 680 -5.61 -15.85 -77.36
CA ILE B 680 -6.82 -15.07 -77.76
C ILE B 680 -7.51 -14.48 -76.52
N THR B 681 -7.64 -13.17 -76.48
CA THR B 681 -8.39 -12.44 -75.43
C THR B 681 -9.70 -11.99 -76.05
N GLY B 682 -10.76 -11.89 -75.25
CA GLY B 682 -12.05 -11.39 -75.76
C GLY B 682 -12.85 -12.45 -76.48
N ALA B 683 -12.73 -13.70 -76.09
CA ALA B 683 -13.46 -14.82 -76.71
C ALA B 683 -14.51 -15.34 -75.74
N GLY B 684 -15.30 -14.42 -75.19
CA GLY B 684 -16.41 -14.83 -74.31
C GLY B 684 -17.53 -15.45 -75.12
N LYS B 685 -18.38 -16.23 -74.48
CA LYS B 685 -19.62 -16.73 -75.12
C LYS B 685 -20.34 -15.57 -75.81
N GLY B 686 -20.87 -15.83 -77.00
CA GLY B 686 -21.67 -14.87 -77.76
C GLY B 686 -20.82 -13.91 -78.55
N SER B 687 -19.50 -14.07 -78.55
CA SER B 687 -18.56 -13.13 -79.20
C SER B 687 -18.09 -13.67 -80.56
N ILE B 688 -17.51 -12.80 -81.37
CA ILE B 688 -16.72 -13.20 -82.56
C ILE B 688 -15.58 -14.09 -82.10
N GLY B 689 -14.86 -13.68 -81.04
CA GLY B 689 -13.71 -14.46 -80.54
C GLY B 689 -14.04 -15.93 -80.32
N ALA B 690 -15.20 -16.24 -79.74
CA ALA B 690 -15.62 -17.61 -79.39
C ALA B 690 -15.79 -18.43 -80.67
N GLU B 691 -16.25 -17.78 -81.74
CA GLU B 691 -16.42 -18.45 -83.06
C GLU B 691 -15.04 -18.70 -83.67
N VAL B 692 -14.12 -17.74 -83.53
CA VAL B 692 -12.70 -17.91 -83.93
C VAL B 692 -12.12 -19.10 -83.16
N LEU B 693 -12.36 -19.17 -81.85
CA LEU B 693 -11.76 -20.22 -80.99
C LEU B 693 -12.26 -21.58 -81.45
N GLN B 694 -13.55 -21.72 -81.71
CA GLN B 694 -14.11 -23.01 -82.19
C GLN B 694 -13.31 -23.45 -83.41
N GLY B 695 -13.02 -22.51 -84.31
CA GLY B 695 -12.31 -22.81 -85.57
C GLY B 695 -10.89 -23.25 -85.30
N LEU B 696 -10.16 -22.50 -84.48
CA LEU B 696 -8.75 -22.84 -84.13
C LEU B 696 -8.70 -24.27 -83.61
N LEU B 697 -9.62 -24.62 -82.72
CA LEU B 697 -9.61 -25.95 -82.07
C LEU B 697 -9.96 -27.02 -83.09
N GLN B 698 -10.93 -26.75 -83.96
CA GLN B 698 -11.35 -27.69 -85.03
C GLN B 698 -10.15 -28.01 -85.91
N GLY B 699 -9.20 -27.09 -86.05
CA GLY B 699 -8.02 -27.25 -86.91
C GLY B 699 -6.81 -27.74 -86.16
N GLY B 700 -6.96 -28.05 -84.88
CA GLY B 700 -5.92 -28.71 -84.07
C GLY B 700 -4.92 -27.74 -83.48
N ALA B 701 -5.28 -26.47 -83.37
CA ALA B 701 -4.44 -25.43 -82.73
C ALA B 701 -4.29 -25.71 -81.25
N LYS B 702 -3.27 -25.12 -80.65
CA LYS B 702 -3.06 -25.13 -79.18
C LYS B 702 -3.25 -23.66 -78.76
N VAL B 703 -4.23 -23.42 -77.89
CA VAL B 703 -4.82 -22.08 -77.68
C VAL B 703 -4.86 -21.77 -76.19
N VAL B 704 -4.46 -20.56 -75.82
CA VAL B 704 -4.74 -19.98 -74.47
C VAL B 704 -5.90 -19.01 -74.64
N VAL B 705 -7.03 -19.29 -73.97
CA VAL B 705 -8.19 -18.36 -73.89
C VAL B 705 -8.10 -17.66 -72.55
N THR B 706 -8.20 -16.34 -72.55
CA THR B 706 -8.39 -15.54 -71.34
C THR B 706 -9.89 -15.38 -71.12
N THR B 707 -10.28 -15.30 -69.86
CA THR B 707 -11.63 -14.84 -69.44
C THR B 707 -11.43 -13.88 -68.25
N SER B 708 -12.15 -12.76 -68.27
CA SER B 708 -12.19 -11.79 -67.16
C SER B 708 -13.33 -12.14 -66.22
N ARG B 709 -14.09 -13.19 -66.52
CA ARG B 709 -15.31 -13.59 -65.79
C ARG B 709 -15.18 -15.06 -65.40
N PHE B 710 -13.94 -15.47 -65.06
CA PHE B 710 -13.62 -16.84 -64.63
C PHE B 710 -14.60 -17.27 -63.54
N SER B 711 -15.21 -18.43 -63.71
CA SER B 711 -16.34 -18.96 -62.90
C SER B 711 -16.61 -20.38 -63.35
N LYS B 712 -17.40 -21.14 -62.62
CA LYS B 712 -17.66 -22.54 -63.02
C LYS B 712 -18.48 -22.54 -64.31
N GLN B 713 -19.43 -21.62 -64.45
CA GLN B 713 -20.25 -21.46 -65.67
C GLN B 713 -19.31 -21.29 -66.88
N VAL B 714 -18.33 -20.41 -66.80
CA VAL B 714 -17.39 -20.08 -67.91
C VAL B 714 -16.45 -21.25 -68.16
N THR B 715 -16.00 -21.89 -67.09
CA THR B 715 -15.03 -23.00 -67.14
C THR B 715 -15.70 -24.16 -67.88
N ASP B 716 -16.94 -24.48 -67.50
CA ASP B 716 -17.79 -25.55 -68.09
C ASP B 716 -18.11 -25.24 -69.55
N TYR B 717 -18.33 -23.95 -69.86
CA TYR B 717 -18.58 -23.47 -71.24
C TYR B 717 -17.40 -23.87 -72.12
N TYR B 718 -16.18 -23.48 -71.75
CA TYR B 718 -14.96 -23.76 -72.56
C TYR B 718 -14.73 -25.28 -72.56
N GLN B 719 -15.04 -26.01 -71.50
CA GLN B 719 -14.91 -27.49 -71.53
C GLN B 719 -15.82 -28.06 -72.62
N SER B 720 -17.07 -27.61 -72.71
CA SER B 720 -18.05 -28.13 -73.70
C SER B 720 -17.61 -27.77 -75.12
N ILE B 721 -16.96 -26.62 -75.30
CA ILE B 721 -16.39 -26.24 -76.63
C ILE B 721 -15.31 -27.24 -77.00
N TYR B 722 -14.39 -27.55 -76.08
CA TYR B 722 -13.26 -28.46 -76.38
C TYR B 722 -13.78 -29.87 -76.63
N ALA B 723 -14.79 -30.27 -75.87
CA ALA B 723 -15.36 -31.62 -75.97
C ALA B 723 -16.10 -31.78 -77.29
N LYS B 724 -16.47 -30.68 -77.95
CA LYS B 724 -17.25 -30.74 -79.22
C LYS B 724 -16.32 -30.59 -80.44
N TYR B 725 -15.40 -29.62 -80.40
CA TYR B 725 -14.60 -29.12 -81.55
C TYR B 725 -13.11 -29.46 -81.45
N GLY B 726 -12.63 -29.75 -80.24
CA GLY B 726 -11.20 -29.99 -79.96
C GLY B 726 -10.69 -31.20 -80.72
N ALA B 727 -9.96 -30.93 -81.80
CA ALA B 727 -9.43 -31.93 -82.76
C ALA B 727 -8.23 -32.64 -82.15
N LYS B 728 -7.76 -33.70 -82.80
CA LYS B 728 -6.51 -34.39 -82.42
C LYS B 728 -5.39 -33.35 -82.48
N GLY B 729 -4.53 -33.30 -81.47
CA GLY B 729 -3.40 -32.37 -81.45
C GLY B 729 -3.78 -31.03 -80.85
N SER B 730 -5.08 -30.73 -80.75
CA SER B 730 -5.54 -29.48 -80.10
C SER B 730 -5.31 -29.59 -78.59
N THR B 731 -5.08 -28.47 -77.93
CA THR B 731 -5.30 -28.30 -76.47
C THR B 731 -5.84 -26.88 -76.23
N LEU B 732 -6.70 -26.75 -75.22
CA LEU B 732 -7.31 -25.47 -74.81
C LEU B 732 -6.85 -25.21 -73.39
N ILE B 733 -6.31 -24.02 -73.13
CA ILE B 733 -5.91 -23.61 -71.76
C ILE B 733 -6.67 -22.33 -71.42
N VAL B 734 -7.56 -22.42 -70.43
CA VAL B 734 -8.39 -21.29 -69.94
C VAL B 734 -7.70 -20.70 -68.72
N VAL B 735 -7.47 -19.39 -68.72
CA VAL B 735 -6.85 -18.68 -67.57
C VAL B 735 -7.73 -17.49 -67.25
N PRO B 736 -7.87 -17.13 -65.96
CA PRO B 736 -8.47 -15.85 -65.60
C PRO B 736 -7.44 -14.79 -66.00
N PHE B 737 -7.89 -13.62 -66.43
CA PHE B 737 -6.97 -12.56 -66.93
C PHE B 737 -7.73 -11.25 -67.06
N ASN B 738 -7.13 -10.18 -66.58
CA ASN B 738 -7.66 -8.80 -66.72
C ASN B 738 -6.69 -7.98 -67.58
N GLN B 739 -6.99 -7.81 -68.86
CA GLN B 739 -6.11 -7.09 -69.81
C GLN B 739 -5.94 -5.63 -69.36
N GLY B 740 -6.71 -5.14 -68.40
CA GLY B 740 -6.55 -3.80 -67.80
C GLY B 740 -5.34 -3.69 -66.89
N SER B 741 -4.77 -4.83 -66.47
CA SER B 741 -3.70 -4.92 -65.45
C SER B 741 -2.37 -5.19 -66.14
N LYS B 742 -1.43 -4.25 -66.04
CA LYS B 742 -0.05 -4.42 -66.54
C LYS B 742 0.51 -5.74 -65.97
N GLN B 743 0.23 -6.01 -64.70
CA GLN B 743 0.80 -7.18 -64.00
C GLN B 743 0.25 -8.46 -64.62
N ASP B 744 -1.04 -8.48 -64.94
CA ASP B 744 -1.67 -9.69 -65.54
C ASP B 744 -1.04 -9.94 -66.90
N VAL B 745 -0.84 -8.87 -67.67
CA VAL B 745 -0.24 -8.97 -69.02
C VAL B 745 1.13 -9.62 -68.87
N GLU B 746 1.99 -9.06 -68.03
CA GLU B 746 3.36 -9.57 -67.87
C GLU B 746 3.33 -11.01 -67.35
N ALA B 747 2.43 -11.31 -66.42
CA ALA B 747 2.36 -12.62 -65.74
C ALA B 747 1.88 -13.69 -66.71
N LEU B 748 0.91 -13.35 -67.55
CA LEU B 748 0.32 -14.27 -68.56
C LEU B 748 1.42 -14.66 -69.54
N ILE B 749 2.16 -13.70 -70.07
CA ILE B 749 3.19 -14.01 -71.11
C ILE B 749 4.31 -14.80 -70.42
N GLU B 750 4.65 -14.47 -69.17
CA GLU B 750 5.70 -15.19 -68.40
C GLU B 750 5.28 -16.65 -68.27
N PHE B 751 4.00 -16.89 -67.99
CA PHE B 751 3.41 -18.23 -67.80
C PHE B 751 3.48 -19.01 -69.11
N ILE B 752 3.11 -18.37 -70.21
CA ILE B 752 3.08 -19.06 -71.53
C ILE B 752 4.50 -19.50 -71.87
N TYR B 753 5.51 -18.66 -71.59
CA TYR B 753 6.90 -18.87 -72.07
C TYR B 753 7.71 -19.70 -71.08
N ASP B 754 7.39 -19.67 -69.79
CA ASP B 754 8.16 -20.38 -68.75
C ASP B 754 8.14 -21.89 -69.03
N THR B 755 9.18 -22.61 -68.64
CA THR B 755 9.27 -24.09 -68.79
C THR B 755 8.18 -24.77 -67.97
N GLU B 756 7.85 -26.03 -68.28
CA GLU B 756 6.88 -26.83 -67.50
C GLU B 756 7.48 -27.08 -66.12
N LYS B 757 8.81 -27.21 -66.09
CA LYS B 757 9.60 -27.42 -64.85
C LYS B 757 9.33 -26.23 -63.91
N ASN B 758 9.21 -25.01 -64.45
CA ASN B 758 8.91 -23.79 -63.65
C ASN B 758 7.40 -23.50 -63.59
N GLY B 759 6.53 -24.45 -63.96
CA GLY B 759 5.05 -24.30 -63.87
C GLY B 759 4.47 -23.37 -64.93
N GLY B 760 5.17 -23.20 -66.05
CA GLY B 760 4.67 -22.58 -67.29
C GLY B 760 4.22 -23.61 -68.33
N LEU B 761 3.83 -23.16 -69.51
CA LEU B 761 3.32 -23.99 -70.62
C LEU B 761 4.48 -24.48 -71.48
N GLY B 762 5.59 -23.73 -71.45
CA GLY B 762 6.74 -23.92 -72.33
C GLY B 762 6.41 -23.72 -73.79
N TRP B 763 5.54 -22.77 -74.09
CA TRP B 763 5.09 -22.45 -75.48
C TRP B 763 5.85 -21.25 -75.99
N ASP B 764 5.71 -21.03 -77.30
CA ASP B 764 6.23 -19.89 -78.07
C ASP B 764 5.11 -19.53 -79.05
N LEU B 765 4.54 -18.33 -78.99
CA LEU B 765 3.28 -18.01 -79.68
C LEU B 765 3.52 -17.80 -81.18
N ASP B 766 2.56 -18.23 -81.99
CA ASP B 766 2.51 -18.00 -83.45
C ASP B 766 1.46 -16.94 -83.80
N ALA B 767 0.45 -16.75 -82.97
CA ALA B 767 -0.61 -15.76 -83.25
C ALA B 767 -1.10 -15.17 -81.94
N ILE B 768 -1.34 -13.87 -81.93
CA ILE B 768 -1.99 -13.17 -80.79
C ILE B 768 -3.26 -12.53 -81.33
N ILE B 769 -4.40 -12.79 -80.73
CA ILE B 769 -5.72 -12.22 -81.14
C ILE B 769 -6.28 -11.45 -79.95
N PRO B 770 -5.87 -10.18 -79.76
CA PRO B 770 -6.20 -9.42 -78.56
C PRO B 770 -7.54 -8.67 -78.66
N PHE B 771 -8.65 -9.37 -78.57
CA PHE B 771 -10.02 -8.85 -78.83
C PHE B 771 -10.69 -8.39 -77.53
N ALA B 772 -10.03 -8.53 -76.38
CA ALA B 772 -10.58 -8.08 -75.07
C ALA B 772 -10.99 -6.61 -75.17
N ALA B 773 -12.14 -6.26 -74.63
CA ALA B 773 -12.65 -4.88 -74.67
C ALA B 773 -13.79 -4.73 -73.67
N ILE B 774 -14.14 -3.50 -73.32
CA ILE B 774 -15.38 -3.23 -72.57
C ILE B 774 -16.17 -2.20 -73.34
N PRO B 775 -17.51 -2.30 -73.34
CA PRO B 775 -18.37 -1.35 -74.03
C PRO B 775 -18.28 0.03 -73.38
N GLU B 776 -18.29 1.08 -74.19
CA GLU B 776 -18.49 2.46 -73.70
C GLU B 776 -19.63 3.01 -74.56
N GLN B 777 -20.75 3.39 -73.95
CA GLN B 777 -21.95 3.89 -74.70
C GLN B 777 -22.50 5.09 -73.95
N GLY B 778 -22.94 6.11 -74.68
CA GLY B 778 -23.48 7.34 -74.07
C GLY B 778 -22.40 8.16 -73.42
N ILE B 779 -21.15 8.01 -73.86
CA ILE B 779 -20.01 8.76 -73.31
C ILE B 779 -19.42 9.61 -74.44
N GLU B 780 -19.88 10.84 -74.57
CA GLU B 780 -19.29 11.82 -75.52
C GLU B 780 -18.02 12.43 -74.92
N LEU B 781 -17.38 13.31 -75.67
CA LEU B 781 -16.15 14.02 -75.26
C LEU B 781 -16.26 14.40 -73.79
N GLU B 782 -17.27 15.20 -73.43
CA GLU B 782 -17.32 15.82 -72.09
C GLU B 782 -17.62 14.81 -70.99
N HIS B 783 -17.97 13.57 -71.33
CA HIS B 783 -18.28 12.50 -70.36
C HIS B 783 -17.06 11.62 -70.14
N ILE B 784 -16.03 11.74 -70.96
CA ILE B 784 -14.86 10.79 -70.92
C ILE B 784 -14.27 10.87 -69.52
N ASP B 785 -14.26 9.76 -68.78
CA ASP B 785 -13.68 9.77 -67.41
C ASP B 785 -13.03 8.42 -67.09
N SER B 786 -13.25 7.88 -65.91
CA SER B 786 -12.51 6.72 -65.37
C SER B 786 -12.72 5.50 -66.27
N LYS B 787 -13.97 5.12 -66.56
CA LYS B 787 -14.29 3.93 -67.38
C LYS B 787 -13.56 4.01 -68.70
N SER B 788 -13.63 5.16 -69.38
CA SER B 788 -13.08 5.36 -70.74
C SER B 788 -11.54 5.29 -70.68
N GLU B 789 -10.93 5.91 -69.68
CA GLU B 789 -9.46 5.91 -69.55
C GLU B 789 -8.99 4.47 -69.30
N PHE B 790 -9.80 3.69 -68.60
CA PHE B 790 -9.51 2.28 -68.28
C PHE B 790 -9.71 1.45 -69.54
N ALA B 791 -10.84 1.66 -70.22
CA ALA B 791 -11.20 0.97 -71.47
C ALA B 791 -10.06 1.13 -72.47
N HIS B 792 -9.56 2.36 -72.60
CA HIS B 792 -8.45 2.72 -73.50
C HIS B 792 -7.20 1.96 -73.09
N ARG B 793 -7.05 1.65 -71.81
CA ARG B 793 -5.86 0.92 -71.32
C ARG B 793 -5.94 -0.52 -71.80
N ILE B 794 -7.13 -1.13 -71.70
CA ILE B 794 -7.37 -2.52 -72.14
C ILE B 794 -7.10 -2.60 -73.64
N MET B 795 -7.64 -1.66 -74.40
CA MET B 795 -7.90 -1.83 -75.85
C MET B 795 -6.79 -1.19 -76.68
N LEU B 796 -5.83 -0.49 -76.05
CA LEU B 796 -4.62 0.02 -76.72
C LEU B 796 -3.38 -0.21 -75.86
N THR B 797 -3.21 0.53 -74.76
CA THR B 797 -1.89 0.61 -74.10
C THR B 797 -1.47 -0.79 -73.66
N ASN B 798 -2.34 -1.61 -73.10
CA ASN B 798 -1.92 -2.96 -72.65
C ASN B 798 -1.86 -3.97 -73.81
N ILE B 799 -2.35 -3.65 -75.00
CA ILE B 799 -2.09 -4.50 -76.20
C ILE B 799 -0.66 -4.23 -76.64
N LEU B 800 -0.24 -2.97 -76.66
CA LEU B 800 1.17 -2.62 -76.97
C LEU B 800 2.05 -3.37 -75.97
N ARG B 801 1.69 -3.31 -74.68
CA ARG B 801 2.47 -3.95 -73.59
C ARG B 801 2.56 -5.45 -73.85
N MET B 802 1.42 -6.08 -74.14
CA MET B 802 1.32 -7.54 -74.42
C MET B 802 2.27 -7.89 -75.57
N MET B 803 2.21 -7.15 -76.67
CA MET B 803 3.09 -7.39 -77.86
C MET B 803 4.55 -7.29 -77.39
N GLY B 804 4.87 -6.20 -76.70
CA GLY B 804 6.22 -5.94 -76.14
C GLY B 804 6.72 -7.10 -75.31
N CYS B 805 5.90 -7.64 -74.41
CA CYS B 805 6.26 -8.82 -73.60
C CYS B 805 6.65 -10.00 -74.50
N VAL B 806 5.82 -10.37 -75.48
CA VAL B 806 6.17 -11.60 -76.25
C VAL B 806 7.39 -11.25 -77.12
N LYS B 807 7.56 -10.00 -77.51
CA LYS B 807 8.81 -9.59 -78.20
C LYS B 807 10.00 -9.91 -77.28
N LYS B 808 9.94 -9.44 -76.04
CA LYS B 808 11.05 -9.57 -75.07
C LYS B 808 11.35 -11.04 -74.82
N GLN B 809 10.32 -11.86 -74.69
CA GLN B 809 10.47 -13.30 -74.38
C GLN B 809 11.13 -14.00 -75.56
N LYS B 810 10.73 -13.69 -76.78
CA LYS B 810 11.32 -14.31 -77.98
C LYS B 810 12.80 -13.90 -78.07
N SER B 811 13.10 -12.61 -77.94
CA SER B 811 14.46 -12.06 -78.12
C SER B 811 15.40 -12.64 -77.07
N ALA B 812 14.95 -12.68 -75.82
CA ALA B 812 15.63 -13.31 -74.68
C ALA B 812 16.11 -14.72 -75.06
N ARG B 813 15.38 -15.47 -75.88
CA ARG B 813 15.71 -16.85 -76.28
C ARG B 813 16.25 -16.89 -77.71
N GLY B 814 16.64 -15.75 -78.26
CA GLY B 814 17.20 -15.64 -79.62
C GLY B 814 16.27 -16.23 -80.67
N ILE B 815 14.95 -15.98 -80.57
CA ILE B 815 13.94 -16.49 -81.53
C ILE B 815 13.69 -15.41 -82.60
N GLU B 816 14.49 -15.47 -83.67
CA GLU B 816 14.48 -14.49 -84.79
C GLU B 816 13.64 -15.01 -85.96
N THR B 817 13.19 -16.27 -85.94
CA THR B 817 12.54 -16.91 -87.13
C THR B 817 11.23 -17.59 -86.78
N ARG B 818 10.49 -17.11 -85.78
CA ARG B 818 9.12 -17.61 -85.51
C ARG B 818 8.29 -16.44 -85.04
N PRO B 819 7.94 -15.53 -85.97
CA PRO B 819 7.15 -14.36 -85.62
C PRO B 819 5.77 -14.81 -85.18
N ALA B 820 5.20 -14.07 -84.22
CA ALA B 820 3.78 -14.19 -83.80
C ALA B 820 2.96 -13.17 -84.59
N GLN B 821 1.95 -13.65 -85.30
CA GLN B 821 1.03 -12.83 -86.12
C GLN B 821 0.00 -12.20 -85.19
N VAL B 822 -0.06 -10.88 -85.14
CA VAL B 822 -1.02 -10.16 -84.27
C VAL B 822 -2.21 -9.75 -85.13
N ILE B 823 -3.38 -10.35 -84.91
CA ILE B 823 -4.64 -9.97 -85.61
C ILE B 823 -5.24 -8.76 -84.87
N LEU B 824 -4.85 -7.54 -85.25
CA LEU B 824 -5.37 -6.28 -84.63
C LEU B 824 -6.84 -6.08 -85.00
N PRO B 825 -7.75 -5.92 -84.02
CA PRO B 825 -9.14 -5.63 -84.33
C PRO B 825 -9.36 -4.13 -84.54
N MET B 826 -9.42 -3.69 -85.80
CA MET B 826 -9.49 -2.25 -86.15
C MET B 826 -10.89 -1.86 -86.58
N SER B 827 -11.16 -0.56 -86.65
CA SER B 827 -12.50 -0.04 -86.96
C SER B 827 -12.42 0.81 -88.21
N PRO B 828 -13.43 0.74 -89.09
CA PRO B 828 -13.50 1.58 -90.26
C PRO B 828 -14.09 2.96 -89.92
N ASN B 829 -14.72 3.07 -88.75
CA ASN B 829 -15.45 4.29 -88.35
C ASN B 829 -14.77 4.83 -87.10
N HIS B 830 -14.16 6.01 -87.19
CA HIS B 830 -13.44 6.67 -86.06
C HIS B 830 -14.16 7.95 -85.65
N GLY B 831 -15.00 7.84 -84.62
CA GLY B 831 -15.83 8.93 -84.10
C GLY B 831 -16.85 9.38 -85.15
N THR B 832 -17.29 8.43 -85.97
CA THR B 832 -18.41 8.57 -86.92
C THR B 832 -19.72 8.66 -86.14
N PHE B 833 -19.91 7.83 -85.12
CA PHE B 833 -21.21 7.67 -84.41
C PHE B 833 -21.28 8.55 -83.16
N GLY B 834 -20.14 8.72 -82.48
CA GLY B 834 -20.05 9.51 -81.24
C GLY B 834 -20.60 8.74 -80.06
N GLY B 835 -20.26 9.16 -78.85
CA GLY B 835 -20.77 8.57 -77.61
C GLY B 835 -20.09 7.26 -77.29
N ASP B 836 -19.00 6.94 -77.97
CA ASP B 836 -18.24 5.67 -77.77
C ASP B 836 -17.06 5.91 -76.81
N GLY B 837 -17.08 6.96 -76.00
CA GLY B 837 -16.00 7.23 -75.04
C GLY B 837 -14.68 7.37 -75.77
N MET B 838 -13.70 6.50 -75.48
CA MET B 838 -12.39 6.55 -76.19
C MET B 838 -12.20 5.30 -77.06
N TYR B 839 -13.28 4.67 -77.51
CA TYR B 839 -13.26 3.51 -78.44
C TYR B 839 -12.47 3.88 -79.68
N SER B 840 -12.86 4.97 -80.33
CA SER B 840 -12.33 5.38 -81.64
C SER B 840 -10.85 5.72 -81.51
N GLU B 841 -10.45 6.32 -80.38
CA GLU B 841 -9.04 6.72 -80.13
C GLU B 841 -8.22 5.45 -79.91
N SER B 842 -8.78 4.47 -79.21
CA SER B 842 -8.16 3.14 -79.00
C SER B 842 -7.91 2.51 -80.38
N LYS B 843 -8.95 2.41 -81.20
CA LYS B 843 -8.93 1.62 -82.46
C LYS B 843 -8.08 2.32 -83.51
N LEU B 844 -8.02 3.64 -83.47
CA LEU B 844 -7.23 4.40 -84.46
C LEU B 844 -5.76 4.29 -84.09
N SER B 845 -5.44 4.43 -82.81
CA SER B 845 -4.05 4.33 -82.30
C SER B 845 -3.39 3.04 -82.78
N LEU B 846 -4.14 1.95 -82.90
CA LEU B 846 -3.57 0.63 -83.27
C LEU B 846 -2.90 0.73 -84.63
N GLU B 847 -3.31 1.72 -85.43
CA GLU B 847 -2.87 1.86 -86.84
C GLU B 847 -1.42 2.32 -86.90
N THR B 848 -0.82 2.80 -85.82
CA THR B 848 0.62 3.13 -85.79
C THR B 848 1.44 1.86 -86.01
N LEU B 849 0.94 0.71 -85.57
CA LEU B 849 1.71 -0.56 -85.61
C LEU B 849 2.05 -0.92 -87.06
N PHE B 850 1.27 -0.48 -88.04
CA PHE B 850 1.57 -0.69 -89.47
C PHE B 850 2.93 -0.08 -89.80
N ASN B 851 3.34 0.98 -89.11
CA ASN B 851 4.61 1.69 -89.41
C ASN B 851 5.68 1.30 -88.39
N ARG B 852 5.32 1.05 -87.16
CA ARG B 852 6.30 0.69 -86.11
C ARG B 852 6.94 -0.65 -86.45
N TRP B 853 6.26 -1.51 -87.18
CA TRP B 853 6.86 -2.81 -87.62
C TRP B 853 8.15 -2.52 -88.39
N HIS B 854 8.17 -1.50 -89.23
CA HIS B 854 9.34 -1.10 -90.05
C HIS B 854 10.39 -0.37 -89.21
N SER B 855 9.97 0.52 -88.32
CA SER B 855 10.83 1.57 -87.71
C SER B 855 11.53 1.07 -86.44
N GLU B 856 11.15 -0.08 -85.90
CA GLU B 856 11.64 -0.55 -84.59
C GLU B 856 12.16 -1.97 -84.78
N SER B 857 12.78 -2.53 -83.78
CA SER B 857 13.55 -3.79 -83.90
C SER B 857 12.71 -5.01 -83.50
N TRP B 858 11.40 -5.04 -83.77
CA TRP B 858 10.57 -6.21 -83.37
C TRP B 858 9.97 -6.95 -84.58
N ALA B 859 10.41 -6.67 -85.81
CA ALA B 859 9.75 -7.20 -87.02
C ALA B 859 9.90 -8.73 -87.11
N ASN B 860 10.96 -9.32 -86.53
CA ASN B 860 11.21 -10.77 -86.62
C ASN B 860 10.45 -11.55 -85.54
N GLN B 861 9.82 -10.82 -84.62
CA GLN B 861 9.21 -11.39 -83.39
C GLN B 861 7.69 -11.34 -83.54
N LEU B 862 7.17 -10.21 -84.03
CA LEU B 862 5.72 -9.97 -84.28
C LEU B 862 5.53 -9.56 -85.74
N THR B 863 4.46 -10.02 -86.38
CA THR B 863 3.96 -9.44 -87.65
C THR B 863 2.61 -8.81 -87.37
N VAL B 864 2.25 -7.76 -88.10
CA VAL B 864 0.95 -7.06 -87.83
C VAL B 864 0.02 -7.35 -89.00
N CYS B 865 -1.19 -7.78 -88.65
CA CYS B 865 -2.30 -8.12 -89.58
C CYS B 865 -3.55 -7.41 -89.08
N GLY B 866 -3.80 -6.20 -89.57
CA GLY B 866 -4.99 -5.42 -89.18
C GLY B 866 -6.24 -5.96 -89.85
N ALA B 867 -7.23 -6.35 -89.07
CA ALA B 867 -8.57 -6.72 -89.58
C ALA B 867 -9.51 -5.54 -89.36
N ILE B 868 -9.96 -4.92 -90.43
CA ILE B 868 -11.02 -3.85 -90.35
C ILE B 868 -12.35 -4.58 -90.28
N ILE B 869 -12.86 -4.79 -89.07
CA ILE B 869 -14.01 -5.68 -88.80
C ILE B 869 -15.31 -4.93 -89.10
N GLY B 870 -16.19 -5.55 -89.87
CA GLY B 870 -17.40 -4.87 -90.38
C GLY B 870 -18.56 -5.01 -89.41
N TRP B 871 -19.75 -4.68 -89.89
CA TRP B 871 -20.99 -4.73 -89.10
C TRP B 871 -21.35 -6.19 -88.80
N THR B 872 -21.41 -6.58 -87.54
CA THR B 872 -21.45 -8.01 -87.14
C THR B 872 -22.60 -8.27 -86.17
N ARG B 873 -23.81 -8.48 -86.70
CA ARG B 873 -25.02 -8.96 -85.97
C ARG B 873 -24.63 -9.89 -84.83
N GLY B 874 -25.02 -9.60 -83.58
CA GLY B 874 -24.54 -10.28 -82.36
C GLY B 874 -24.90 -11.77 -82.33
N THR B 875 -25.58 -12.21 -81.26
CA THR B 875 -26.02 -13.63 -81.05
C THR B 875 -27.27 -13.94 -81.89
N GLY B 876 -27.57 -13.13 -82.92
CA GLY B 876 -28.72 -13.33 -83.83
C GLY B 876 -30.09 -13.15 -83.16
N LEU B 877 -30.14 -12.45 -82.02
CA LEU B 877 -31.37 -12.07 -81.25
C LEU B 877 -31.70 -10.61 -81.59
N MET B 878 -32.75 -10.03 -80.99
CA MET B 878 -33.17 -8.62 -81.24
C MET B 878 -32.23 -7.66 -80.48
N SER B 879 -31.31 -7.03 -81.22
CA SER B 879 -30.40 -5.92 -80.79
C SER B 879 -30.94 -4.62 -81.39
N ALA B 880 -30.52 -3.45 -80.88
CA ALA B 880 -30.85 -2.13 -81.48
C ALA B 880 -30.03 -1.95 -82.77
N ASN B 881 -28.95 -2.73 -82.92
CA ASN B 881 -28.11 -2.77 -84.15
C ASN B 881 -28.65 -3.80 -85.16
N ASN B 882 -29.10 -4.97 -84.69
CA ASN B 882 -29.60 -6.03 -85.60
C ASN B 882 -30.86 -5.55 -86.32
N ILE B 883 -31.72 -4.76 -85.66
CA ILE B 883 -33.05 -4.44 -86.24
C ILE B 883 -32.88 -3.54 -87.46
N ILE B 884 -31.73 -2.86 -87.61
CA ILE B 884 -31.49 -1.96 -88.75
C ILE B 884 -30.54 -2.60 -89.77
N ALA B 885 -30.03 -3.81 -89.51
CA ALA B 885 -29.10 -4.54 -90.39
C ALA B 885 -29.78 -4.77 -91.74
N GLU B 886 -30.98 -5.37 -91.73
CA GLU B 886 -31.71 -5.62 -93.00
C GLU B 886 -31.80 -4.33 -93.80
N GLY B 887 -32.02 -3.21 -93.11
CA GLY B 887 -32.13 -1.87 -93.70
C GLY B 887 -30.84 -1.43 -94.34
N ILE B 888 -29.73 -1.60 -93.63
CA ILE B 888 -28.37 -1.25 -94.15
C ILE B 888 -28.10 -2.05 -95.42
N GLU B 889 -28.51 -3.32 -95.45
CA GLU B 889 -28.22 -4.23 -96.60
C GLU B 889 -29.00 -3.78 -97.84
N LYS B 890 -30.17 -3.17 -97.66
CA LYS B 890 -30.94 -2.59 -98.79
C LYS B 890 -30.10 -1.58 -99.57
N MET B 891 -29.00 -1.07 -99.01
CA MET B 891 -28.09 -0.12 -99.71
C MET B 891 -27.12 -0.85 -100.63
N GLY B 892 -27.07 -2.19 -100.61
CA GLY B 892 -26.15 -2.98 -101.43
C GLY B 892 -24.85 -3.24 -100.69
N VAL B 893 -24.98 -3.48 -99.39
CA VAL B 893 -23.88 -3.48 -98.39
C VAL B 893 -24.05 -4.75 -97.56
N ARG B 894 -23.00 -5.27 -96.94
CA ARG B 894 -23.07 -6.62 -96.35
C ARG B 894 -22.80 -6.54 -94.84
N THR B 895 -23.75 -7.00 -94.02
CA THR B 895 -23.52 -7.25 -92.59
C THR B 895 -23.16 -8.73 -92.43
N PHE B 896 -22.57 -9.11 -91.30
CA PHE B 896 -21.95 -10.43 -91.12
C PHE B 896 -22.52 -11.12 -89.88
N SER B 897 -22.78 -12.43 -89.97
CA SER B 897 -22.96 -13.32 -88.81
C SER B 897 -21.63 -13.41 -88.08
N GLN B 898 -21.61 -13.85 -86.84
CA GLN B 898 -20.32 -13.99 -86.13
C GLN B 898 -19.51 -15.11 -86.80
N LYS B 899 -20.17 -16.17 -87.26
CA LYS B 899 -19.48 -17.29 -87.94
C LYS B 899 -18.83 -16.76 -89.21
N GLU B 900 -19.53 -15.91 -89.96
CA GLU B 900 -18.99 -15.32 -91.21
C GLU B 900 -17.72 -14.52 -90.86
N MET B 901 -17.78 -13.67 -89.83
CA MET B 901 -16.66 -12.77 -89.49
C MET B 901 -15.50 -13.61 -88.93
N ALA B 902 -15.81 -14.73 -88.26
CA ALA B 902 -14.79 -15.63 -87.68
C ALA B 902 -14.06 -16.33 -88.83
N PHE B 903 -14.82 -16.80 -89.80
CA PHE B 903 -14.29 -17.38 -91.06
C PHE B 903 -13.38 -16.35 -91.73
N ASN B 904 -13.86 -15.11 -91.87
CA ASN B 904 -13.07 -14.01 -92.50
C ASN B 904 -11.73 -13.93 -91.77
N LEU B 905 -11.74 -13.96 -90.44
CA LEU B 905 -10.54 -13.70 -89.61
C LEU B 905 -9.63 -14.91 -89.65
N LEU B 906 -10.18 -16.11 -89.49
CA LEU B 906 -9.41 -17.38 -89.58
C LEU B 906 -8.80 -17.49 -90.98
N GLY B 907 -9.39 -16.86 -91.97
CA GLY B 907 -8.81 -16.75 -93.31
C GLY B 907 -7.51 -15.97 -93.31
N LEU B 908 -7.19 -15.22 -92.26
CA LEU B 908 -5.92 -14.46 -92.17
C LEU B 908 -4.84 -15.34 -91.53
N LEU B 909 -5.16 -16.53 -91.04
CA LEU B 909 -4.18 -17.49 -90.46
C LEU B 909 -3.85 -18.59 -91.46
N THR B 910 -4.35 -18.51 -92.70
CA THR B 910 -3.98 -19.46 -93.78
C THR B 910 -2.49 -19.27 -94.06
N PRO B 911 -1.74 -20.33 -94.45
CA PRO B 911 -0.30 -20.20 -94.68
C PRO B 911 0.04 -19.02 -95.59
N GLU B 912 -0.78 -18.78 -96.62
CA GLU B 912 -0.53 -17.76 -97.67
C GLU B 912 -0.42 -16.39 -97.03
N VAL B 913 -1.38 -15.99 -96.18
CA VAL B 913 -1.44 -14.60 -95.64
C VAL B 913 -0.55 -14.52 -94.40
N VAL B 914 -0.28 -15.64 -93.72
CA VAL B 914 0.74 -15.66 -92.62
C VAL B 914 2.08 -15.23 -93.22
N GLU B 915 2.38 -15.72 -94.42
CA GLU B 915 3.68 -15.47 -95.10
C GLU B 915 3.68 -14.05 -95.63
N LEU B 916 2.50 -13.52 -95.95
CA LEU B 916 2.34 -12.17 -96.54
C LEU B 916 2.66 -11.13 -95.47
N CYS B 917 2.22 -11.42 -94.24
CA CYS B 917 2.41 -10.59 -93.02
C CYS B 917 3.90 -10.47 -92.69
N GLN B 918 4.64 -11.55 -92.97
CA GLN B 918 6.10 -11.66 -92.71
C GLN B 918 6.86 -10.77 -93.70
N LYS B 919 6.33 -10.55 -94.91
CA LYS B 919 6.99 -9.68 -95.93
C LYS B 919 6.78 -8.22 -95.50
N SER B 920 5.52 -7.84 -95.33
CA SER B 920 5.09 -6.47 -94.97
C SER B 920 3.78 -6.56 -94.18
N PRO B 921 3.44 -5.59 -93.31
CA PRO B 921 2.14 -5.60 -92.62
C PRO B 921 0.96 -5.68 -93.60
N VAL B 922 0.01 -6.55 -93.30
CA VAL B 922 -1.25 -6.81 -94.06
C VAL B 922 -2.36 -5.97 -93.45
N MET B 923 -3.29 -5.51 -94.28
CA MET B 923 -4.51 -4.79 -93.85
C MET B 923 -5.71 -5.35 -94.60
N ALA B 924 -6.64 -5.97 -93.88
CA ALA B 924 -7.77 -6.71 -94.47
C ALA B 924 -9.04 -5.92 -94.19
N ASP B 925 -9.65 -5.38 -95.25
CA ASP B 925 -10.99 -4.75 -95.18
C ASP B 925 -11.97 -5.91 -95.13
N LEU B 926 -12.67 -6.08 -94.00
CA LEU B 926 -13.70 -7.13 -93.78
C LEU B 926 -15.00 -6.43 -93.44
N ASN B 927 -15.23 -5.33 -94.12
CA ASN B 927 -16.27 -4.31 -93.88
C ASN B 927 -17.13 -4.29 -95.13
N GLY B 928 -18.37 -4.76 -95.08
CA GLY B 928 -19.02 -5.30 -96.29
C GLY B 928 -19.34 -4.23 -97.32
N GLY B 929 -18.35 -3.41 -97.71
CA GLY B 929 -18.55 -2.19 -98.52
C GLY B 929 -19.29 -1.09 -97.77
N LEU B 930 -19.38 -1.16 -96.45
CA LEU B 930 -20.07 -0.14 -95.60
C LEU B 930 -19.39 1.23 -95.78
N GLN B 931 -18.11 1.24 -96.14
CA GLN B 931 -17.30 2.47 -96.33
C GLN B 931 -18.03 3.38 -97.34
N PHE B 932 -18.79 2.80 -98.26
CA PHE B 932 -19.29 3.49 -99.47
C PHE B 932 -20.65 4.12 -99.23
N VAL B 933 -21.38 3.77 -98.17
CA VAL B 933 -22.67 4.47 -97.88
C VAL B 933 -22.29 5.77 -97.19
N PRO B 934 -22.74 6.93 -97.73
CA PRO B 934 -22.31 8.23 -97.22
C PRO B 934 -23.18 8.66 -96.02
N GLU B 935 -22.70 9.62 -95.23
CA GLU B 935 -23.39 10.09 -94.02
C GLU B 935 -23.85 8.87 -93.22
N LEU B 936 -22.94 7.93 -92.96
CA LEU B 936 -23.31 6.62 -92.37
C LEU B 936 -24.06 6.84 -91.04
N LYS B 937 -23.76 7.91 -90.30
CA LYS B 937 -24.40 8.13 -88.99
C LYS B 937 -25.86 8.56 -89.20
N GLU B 938 -26.08 9.67 -89.92
CA GLU B 938 -27.42 10.23 -90.20
C GLU B 938 -28.29 9.07 -90.73
N PHE B 939 -27.74 8.21 -91.57
CA PHE B 939 -28.49 7.16 -92.32
C PHE B 939 -28.93 6.06 -91.34
N THR B 940 -27.95 5.50 -90.63
CA THR B 940 -28.13 4.57 -89.50
C THR B 940 -29.25 5.07 -88.58
N ALA B 941 -29.15 6.35 -88.17
CA ALA B 941 -30.06 6.98 -87.18
C ALA B 941 -31.47 7.10 -87.74
N LYS B 942 -31.57 7.38 -89.04
CA LYS B 942 -32.87 7.47 -89.76
C LYS B 942 -33.55 6.10 -89.74
N LEU B 943 -32.82 5.04 -90.11
CA LEU B 943 -33.33 3.66 -90.13
C LEU B 943 -33.95 3.30 -88.78
N ARG B 944 -33.29 3.65 -87.67
CA ARG B 944 -33.78 3.31 -86.30
C ARG B 944 -35.03 4.12 -86.01
N LYS B 945 -35.01 5.43 -86.29
CA LYS B 945 -36.16 6.35 -86.05
C LYS B 945 -37.41 5.78 -86.72
N GLU B 946 -37.33 5.45 -88.02
CA GLU B 946 -38.47 4.99 -88.84
C GLU B 946 -39.02 3.67 -88.29
N LEU B 947 -38.17 2.75 -87.86
CA LEU B 947 -38.58 1.46 -87.24
C LEU B 947 -39.36 1.77 -85.96
N VAL B 948 -38.73 2.50 -85.04
CA VAL B 948 -39.31 2.85 -83.71
C VAL B 948 -40.61 3.62 -83.91
N GLU B 949 -40.62 4.69 -84.72
CA GLU B 949 -41.84 5.46 -85.07
C GLU B 949 -42.93 4.45 -85.44
N THR B 950 -42.71 3.63 -86.48
CA THR B 950 -43.71 2.65 -87.00
C THR B 950 -44.22 1.78 -85.84
N SER B 951 -43.33 1.24 -85.02
CA SER B 951 -43.67 0.42 -83.82
C SER B 951 -44.54 1.24 -82.87
N GLU B 952 -44.04 2.38 -82.38
CA GLU B 952 -44.71 3.24 -81.35
C GLU B 952 -46.12 3.62 -81.79
N VAL B 953 -46.30 4.17 -82.99
CA VAL B 953 -47.65 4.62 -83.49
C VAL B 953 -48.56 3.39 -83.56
N ARG B 954 -48.09 2.27 -84.09
CA ARG B 954 -48.93 1.05 -84.18
C ARG B 954 -49.33 0.60 -82.76
N LYS B 955 -48.40 0.61 -81.79
CA LYS B 955 -48.70 0.15 -80.41
C LYS B 955 -49.74 1.09 -79.79
N ALA B 956 -49.58 2.40 -79.96
CA ALA B 956 -50.49 3.43 -79.40
C ALA B 956 -51.88 3.30 -80.04
N VAL B 957 -51.94 3.33 -81.37
CA VAL B 957 -53.21 3.20 -82.16
C VAL B 957 -53.88 1.87 -81.81
N SER B 958 -53.10 0.81 -81.63
CA SER B 958 -53.61 -0.51 -81.17
C SER B 958 -54.35 -0.33 -79.84
N ILE B 959 -53.67 0.17 -78.80
CA ILE B 959 -54.20 0.34 -77.40
C ILE B 959 -55.47 1.19 -77.42
N GLU B 960 -55.51 2.24 -78.25
CA GLU B 960 -56.63 3.21 -78.30
C GLU B 960 -57.83 2.59 -79.03
N THR B 961 -57.63 1.86 -80.12
CA THR B 961 -58.75 1.21 -80.87
C THR B 961 -59.29 0.09 -79.99
N ALA B 962 -58.46 -0.55 -79.16
CA ALA B 962 -58.87 -1.55 -78.15
C ALA B 962 -59.84 -0.89 -77.15
N LEU B 963 -59.48 0.27 -76.60
CA LEU B 963 -60.28 0.98 -75.56
C LEU B 963 -61.57 1.51 -76.18
N GLU B 964 -61.53 2.09 -77.39
CA GLU B 964 -62.71 2.59 -78.14
C GLU B 964 -63.68 1.41 -78.37
N HIS B 965 -63.16 0.22 -78.63
CA HIS B 965 -63.98 -1.02 -78.79
C HIS B 965 -64.68 -1.32 -77.45
N LYS B 966 -63.90 -1.33 -76.37
CA LYS B 966 -64.34 -1.65 -74.99
C LYS B 966 -65.44 -0.69 -74.53
N VAL B 967 -65.26 0.61 -74.75
CA VAL B 967 -66.26 1.65 -74.38
C VAL B 967 -67.55 1.38 -75.13
N VAL B 968 -67.47 1.09 -76.43
CA VAL B 968 -68.66 0.93 -77.33
C VAL B 968 -69.39 -0.38 -76.99
N ASN B 969 -68.65 -1.45 -76.72
CA ASN B 969 -69.19 -2.83 -76.66
C ASN B 969 -69.32 -3.31 -75.19
N GLY B 970 -68.58 -2.72 -74.25
CA GLY B 970 -68.65 -3.06 -72.80
C GLY B 970 -67.61 -4.10 -72.42
N ASN B 971 -67.35 -4.30 -71.11
CA ASN B 971 -66.38 -5.28 -70.55
C ASN B 971 -66.89 -6.73 -70.68
N SER B 972 -68.17 -6.89 -71.04
CA SER B 972 -68.82 -8.18 -71.46
C SER B 972 -68.14 -8.72 -72.74
N ALA B 973 -68.14 -7.90 -73.81
CA ALA B 973 -67.71 -8.24 -75.19
C ALA B 973 -66.30 -8.85 -75.22
N ASP B 974 -65.41 -8.39 -74.31
CA ASP B 974 -63.95 -8.71 -74.30
C ASP B 974 -63.57 -9.55 -73.07
N ALA B 975 -64.57 -10.02 -72.30
CA ALA B 975 -64.47 -11.10 -71.27
C ALA B 975 -64.81 -12.46 -71.92
N ALA B 976 -65.75 -12.48 -72.90
CA ALA B 976 -66.07 -13.60 -73.83
C ALA B 976 -65.13 -13.55 -75.05
N TYR B 977 -63.84 -13.32 -74.80
CA TYR B 977 -62.74 -13.14 -75.80
C TYR B 977 -61.45 -13.69 -75.17
N ALA B 978 -61.02 -13.08 -74.04
CA ALA B 978 -59.91 -13.52 -73.15
C ALA B 978 -60.08 -15.01 -72.82
N GLN B 979 -59.18 -15.85 -73.35
CA GLN B 979 -59.16 -17.33 -73.16
C GLN B 979 -58.96 -17.67 -71.68
N VAL B 980 -59.17 -18.93 -71.30
CA VAL B 980 -58.95 -19.44 -69.91
C VAL B 980 -57.70 -20.31 -69.92
N GLU B 981 -56.69 -19.88 -69.18
CA GLU B 981 -55.37 -20.54 -69.10
C GLU B 981 -55.38 -21.51 -67.93
N ILE B 982 -54.64 -22.60 -68.10
CA ILE B 982 -54.46 -23.68 -67.09
C ILE B 982 -53.00 -23.64 -66.68
N GLN B 983 -52.73 -23.37 -65.40
CA GLN B 983 -51.37 -23.40 -64.84
C GLN B 983 -51.16 -24.78 -64.24
N PRO B 984 -49.95 -25.36 -64.38
CA PRO B 984 -49.67 -26.70 -63.87
C PRO B 984 -49.56 -26.73 -62.34
N ARG B 985 -50.12 -27.77 -61.73
CA ARG B 985 -49.81 -28.17 -60.34
C ARG B 985 -48.85 -29.34 -60.44
N ALA B 986 -47.97 -29.49 -59.46
CA ALA B 986 -47.01 -30.61 -59.38
C ALA B 986 -47.82 -31.88 -59.12
N ASN B 987 -47.43 -32.98 -59.77
CA ASN B 987 -48.09 -34.30 -59.59
C ASN B 987 -46.98 -35.33 -59.43
N ILE B 988 -46.37 -35.36 -58.24
CA ILE B 988 -45.15 -36.16 -57.94
C ILE B 988 -45.51 -37.63 -58.11
N GLN B 989 -44.65 -38.39 -58.78
CA GLN B 989 -44.92 -39.80 -59.16
C GLN B 989 -43.92 -40.70 -58.44
N LEU B 990 -44.31 -41.95 -58.18
CA LEU B 990 -43.42 -42.96 -57.57
C LEU B 990 -42.50 -43.58 -58.63
N ASP B 991 -42.80 -43.45 -59.92
CA ASP B 991 -42.04 -44.04 -61.05
C ASP B 991 -41.74 -45.51 -60.77
N PHE B 992 -42.77 -46.34 -60.56
CA PHE B 992 -42.66 -47.81 -60.67
C PHE B 992 -42.28 -48.10 -62.11
N PRO B 993 -41.58 -49.23 -62.41
CA PRO B 993 -41.15 -49.53 -63.76
C PRO B 993 -42.35 -49.80 -64.65
N GLU B 994 -42.24 -49.46 -65.93
CA GLU B 994 -43.29 -49.70 -66.95
C GLU B 994 -43.28 -51.18 -67.28
N LEU B 995 -44.41 -51.86 -67.18
CA LEU B 995 -44.54 -53.26 -67.63
C LEU B 995 -45.06 -53.27 -69.07
N LYS B 996 -44.25 -53.76 -70.00
CA LYS B 996 -44.62 -53.86 -71.43
C LYS B 996 -45.58 -55.02 -71.57
N PRO B 997 -46.36 -55.09 -72.67
CA PRO B 997 -47.19 -56.26 -72.92
C PRO B 997 -46.33 -57.51 -73.16
N TYR B 998 -46.85 -58.67 -72.74
CA TYR B 998 -46.10 -59.95 -72.66
C TYR B 998 -45.40 -60.28 -73.98
N LYS B 999 -46.11 -60.14 -75.09
CA LYS B 999 -45.60 -60.50 -76.44
C LYS B 999 -44.26 -59.79 -76.69
N GLN B 1000 -44.07 -58.61 -76.12
CA GLN B 1000 -42.92 -57.69 -76.40
C GLN B 1000 -41.77 -58.02 -75.44
N VAL B 1001 -42.12 -58.39 -74.22
CA VAL B 1001 -41.16 -58.60 -73.10
C VAL B 1001 -40.57 -60.01 -73.23
N LYS B 1002 -41.28 -60.90 -73.92
CA LYS B 1002 -40.86 -62.30 -74.13
C LYS B 1002 -39.79 -62.35 -75.24
N GLN B 1003 -39.70 -61.32 -76.07
CA GLN B 1003 -38.71 -61.24 -77.17
C GLN B 1003 -37.33 -60.90 -76.57
N ILE B 1004 -37.30 -60.24 -75.42
CA ILE B 1004 -36.06 -59.74 -74.77
C ILE B 1004 -35.18 -60.93 -74.37
N ALA B 1005 -35.76 -61.85 -73.59
CA ALA B 1005 -35.04 -63.03 -73.04
C ALA B 1005 -35.12 -64.17 -74.05
N PRO B 1006 -34.13 -65.10 -74.05
CA PRO B 1006 -34.19 -66.28 -74.91
C PRO B 1006 -35.46 -67.09 -74.63
N ALA B 1007 -35.98 -67.75 -75.66
CA ALA B 1007 -37.20 -68.57 -75.60
C ALA B 1007 -37.04 -69.64 -74.51
N GLU B 1008 -35.82 -70.13 -74.33
CA GLU B 1008 -35.46 -71.31 -73.49
C GLU B 1008 -35.59 -70.96 -72.01
N LEU B 1009 -35.49 -69.68 -71.65
CA LEU B 1009 -35.44 -69.25 -70.22
C LEU B 1009 -36.76 -69.63 -69.53
N GLU B 1010 -37.87 -69.74 -70.25
CA GLU B 1010 -39.21 -69.98 -69.64
C GLU B 1010 -39.15 -71.28 -68.84
N GLY B 1011 -39.36 -71.22 -67.54
CA GLY B 1011 -39.46 -72.39 -66.64
C GLY B 1011 -38.10 -73.04 -66.40
N LEU B 1012 -37.02 -72.30 -66.63
CA LEU B 1012 -35.63 -72.80 -66.50
C LEU B 1012 -35.05 -72.41 -65.13
N LEU B 1013 -35.41 -71.26 -64.56
CA LEU B 1013 -34.88 -70.75 -63.27
C LEU B 1013 -35.79 -71.15 -62.11
N ASP B 1014 -35.21 -71.56 -60.98
CA ASP B 1014 -35.84 -71.49 -59.64
C ASP B 1014 -35.94 -70.02 -59.29
N LEU B 1015 -37.15 -69.47 -59.27
CA LEU B 1015 -37.41 -68.02 -59.08
C LEU B 1015 -37.34 -67.68 -57.59
N GLU B 1016 -37.24 -68.67 -56.70
CA GLU B 1016 -37.01 -68.44 -55.26
C GLU B 1016 -35.53 -68.12 -55.05
N ARG B 1017 -34.71 -68.36 -56.06
CA ARG B 1017 -33.24 -68.18 -56.00
C ARG B 1017 -32.83 -67.10 -56.99
N VAL B 1018 -33.77 -66.33 -57.54
CA VAL B 1018 -33.48 -65.09 -58.31
C VAL B 1018 -33.78 -63.93 -57.39
N ILE B 1019 -32.77 -63.12 -57.08
CA ILE B 1019 -32.92 -62.00 -56.11
C ILE B 1019 -33.18 -60.72 -56.88
N VAL B 1020 -34.15 -59.95 -56.42
CA VAL B 1020 -34.76 -58.85 -57.19
C VAL B 1020 -34.88 -57.64 -56.27
N VAL B 1021 -34.52 -56.44 -56.73
CA VAL B 1021 -34.73 -55.18 -55.94
C VAL B 1021 -36.16 -54.70 -56.21
N THR B 1022 -36.93 -54.59 -55.15
CA THR B 1022 -38.39 -54.39 -55.14
C THR B 1022 -38.71 -52.93 -54.78
N GLY B 1023 -37.77 -52.24 -54.16
CA GLY B 1023 -37.90 -50.84 -53.72
C GLY B 1023 -36.57 -50.26 -53.26
N PHE B 1024 -36.41 -48.95 -53.35
CA PHE B 1024 -35.17 -48.26 -52.94
C PHE B 1024 -35.45 -46.81 -52.61
N ALA B 1025 -34.51 -46.20 -51.89
CA ALA B 1025 -34.66 -44.84 -51.34
C ALA B 1025 -33.32 -44.39 -50.80
N GLU B 1026 -33.16 -43.09 -50.61
CA GLU B 1026 -31.94 -42.50 -50.01
C GLU B 1026 -32.29 -41.17 -49.34
N VAL B 1027 -31.50 -40.83 -48.36
CA VAL B 1027 -31.44 -39.47 -47.78
C VAL B 1027 -30.02 -39.00 -48.02
N GLY B 1028 -29.86 -37.92 -48.78
CA GLY B 1028 -28.54 -37.43 -49.20
C GLY B 1028 -28.56 -35.96 -49.59
N PRO B 1029 -27.39 -35.43 -49.97
CA PRO B 1029 -27.26 -34.02 -50.29
C PRO B 1029 -28.24 -33.49 -51.33
N TRP B 1030 -28.82 -34.34 -52.16
CA TRP B 1030 -29.78 -33.87 -53.21
C TRP B 1030 -31.20 -34.34 -52.91
N GLY B 1031 -31.48 -34.60 -51.63
CA GLY B 1031 -32.81 -35.00 -51.16
C GLY B 1031 -33.03 -36.48 -51.40
N SER B 1032 -34.21 -36.84 -51.89
CA SER B 1032 -34.66 -38.23 -52.09
C SER B 1032 -34.04 -38.79 -53.37
N ALA B 1033 -34.25 -40.09 -53.61
CA ALA B 1033 -33.80 -40.76 -54.84
C ALA B 1033 -34.45 -40.11 -56.07
N ARG B 1034 -35.66 -39.55 -55.91
CA ARG B 1034 -36.42 -38.88 -56.99
C ARG B 1034 -35.66 -37.62 -57.41
N THR B 1035 -35.35 -36.77 -56.44
CA THR B 1035 -34.76 -35.42 -56.63
C THR B 1035 -33.30 -35.58 -57.05
N ARG B 1036 -32.59 -36.50 -56.41
CA ARG B 1036 -31.16 -36.74 -56.76
C ARG B 1036 -31.08 -37.19 -58.21
N TRP B 1037 -32.01 -38.03 -58.65
CA TRP B 1037 -31.96 -38.59 -60.02
C TRP B 1037 -32.18 -37.46 -61.02
N GLU B 1038 -33.14 -36.58 -60.77
CA GLU B 1038 -33.38 -35.42 -61.66
C GLU B 1038 -32.08 -34.63 -61.75
N MET B 1039 -31.40 -34.42 -60.64
CA MET B 1039 -30.20 -33.57 -60.64
C MET B 1039 -29.07 -34.31 -61.34
N GLU B 1040 -28.90 -35.61 -61.10
CA GLU B 1040 -27.81 -36.45 -61.68
C GLU B 1040 -27.98 -36.46 -63.21
N ALA B 1041 -29.20 -36.72 -63.67
CA ALA B 1041 -29.47 -37.09 -65.09
C ALA B 1041 -29.74 -35.86 -65.94
N PHE B 1042 -30.41 -34.86 -65.39
CA PHE B 1042 -30.92 -33.70 -66.16
C PHE B 1042 -30.26 -32.39 -65.70
N GLY B 1043 -29.67 -32.32 -64.53
CA GLY B 1043 -28.99 -31.10 -64.04
C GLY B 1043 -29.95 -30.00 -63.62
N GLU B 1044 -31.24 -30.25 -63.62
CA GLU B 1044 -32.25 -29.27 -63.16
C GLU B 1044 -33.51 -30.02 -62.71
N PHE B 1045 -34.33 -29.39 -61.90
CA PHE B 1045 -35.53 -30.02 -61.31
C PHE B 1045 -36.74 -29.73 -62.19
N SER B 1046 -37.64 -30.70 -62.28
CA SER B 1046 -39.02 -30.54 -62.78
C SER B 1046 -39.76 -29.65 -61.80
N LEU B 1047 -41.03 -29.36 -62.08
CA LEU B 1047 -41.97 -28.79 -61.07
C LEU B 1047 -42.02 -29.75 -59.89
N GLU B 1048 -42.14 -31.04 -60.18
CA GLU B 1048 -42.31 -32.10 -59.17
C GLU B 1048 -41.04 -32.19 -58.32
N GLY B 1049 -39.87 -31.99 -58.93
CA GLY B 1049 -38.60 -32.02 -58.21
C GLY B 1049 -38.48 -30.80 -57.32
N CYS B 1050 -38.85 -29.65 -57.87
CA CYS B 1050 -38.70 -28.34 -57.19
C CYS B 1050 -39.63 -28.30 -55.98
N VAL B 1051 -40.85 -28.82 -56.13
CA VAL B 1051 -41.86 -28.83 -55.03
C VAL B 1051 -41.38 -29.81 -53.96
N GLU B 1052 -40.86 -30.96 -54.35
CA GLU B 1052 -40.35 -31.94 -53.35
C GLU B 1052 -39.20 -31.32 -52.55
N MET B 1053 -38.27 -30.64 -53.21
CA MET B 1053 -37.11 -30.04 -52.50
C MET B 1053 -37.66 -28.95 -51.57
N ALA B 1054 -38.56 -28.10 -52.07
CA ALA B 1054 -39.16 -27.00 -51.28
C ALA B 1054 -39.82 -27.58 -50.03
N TRP B 1055 -40.43 -28.75 -50.15
CA TRP B 1055 -41.15 -29.41 -49.03
C TRP B 1055 -40.16 -29.99 -48.02
N ILE B 1056 -39.14 -30.71 -48.51
CA ILE B 1056 -38.10 -31.38 -47.69
C ILE B 1056 -37.45 -30.35 -46.77
N MET B 1057 -37.02 -29.26 -47.41
CA MET B 1057 -36.21 -28.17 -46.83
C MET B 1057 -37.09 -27.23 -45.98
N GLY B 1058 -38.41 -27.44 -46.00
CA GLY B 1058 -39.36 -26.73 -45.12
C GLY B 1058 -39.67 -25.32 -45.58
N PHE B 1059 -39.32 -24.97 -46.81
CA PHE B 1059 -39.71 -23.68 -47.43
C PHE B 1059 -41.23 -23.57 -47.49
N ILE B 1060 -41.92 -24.68 -47.80
CA ILE B 1060 -43.41 -24.73 -47.96
C ILE B 1060 -44.00 -25.87 -47.11
N SER B 1061 -45.22 -25.66 -46.63
CA SER B 1061 -46.05 -26.65 -45.89
C SER B 1061 -47.46 -26.64 -46.47
N TYR B 1062 -48.08 -27.82 -46.55
CA TYR B 1062 -49.50 -27.96 -46.94
C TYR B 1062 -50.37 -27.25 -45.90
N HIS B 1063 -51.49 -26.69 -46.36
CA HIS B 1063 -52.50 -26.01 -45.53
C HIS B 1063 -53.89 -26.33 -46.07
N ASN B 1064 -54.85 -26.58 -45.19
CA ASN B 1064 -56.23 -26.97 -45.58
C ASN B 1064 -57.17 -26.45 -44.51
N GLY B 1065 -57.85 -25.35 -44.80
CA GLY B 1065 -58.68 -24.60 -43.87
C GLY B 1065 -58.69 -23.15 -44.28
N ASN B 1066 -59.30 -22.26 -43.48
CA ASN B 1066 -59.37 -20.82 -43.81
C ASN B 1066 -57.97 -20.22 -43.71
N LEU B 1067 -57.66 -19.35 -44.67
CA LEU B 1067 -56.49 -18.45 -44.68
C LEU B 1067 -57.02 -17.03 -44.85
N LYS B 1068 -57.16 -16.33 -43.72
CA LYS B 1068 -57.75 -14.97 -43.66
C LYS B 1068 -59.18 -15.09 -44.20
N GLY B 1069 -60.00 -15.88 -43.51
CA GLY B 1069 -61.47 -15.93 -43.67
C GLY B 1069 -61.92 -16.59 -44.96
N ARG B 1070 -61.07 -16.62 -45.99
CA ARG B 1070 -61.28 -17.34 -47.27
C ARG B 1070 -60.75 -18.76 -47.09
N PRO B 1071 -61.38 -19.82 -47.68
CA PRO B 1071 -60.88 -21.19 -47.55
C PRO B 1071 -59.76 -21.42 -48.57
N TYR B 1072 -58.74 -22.18 -48.18
CA TYR B 1072 -57.51 -22.42 -48.99
C TYR B 1072 -57.07 -23.87 -48.85
N THR B 1073 -56.65 -24.45 -49.96
CA THR B 1073 -56.07 -25.80 -50.04
C THR B 1073 -54.78 -25.75 -50.85
N GLY B 1074 -53.64 -25.99 -50.22
CA GLY B 1074 -52.38 -26.14 -50.97
C GLY B 1074 -51.17 -25.62 -50.24
N TRP B 1075 -50.12 -25.29 -50.99
CA TRP B 1075 -48.84 -24.89 -50.37
C TRP B 1075 -48.99 -23.48 -49.81
N VAL B 1076 -48.15 -23.21 -48.81
CA VAL B 1076 -48.10 -21.96 -48.03
C VAL B 1076 -46.63 -21.78 -47.63
N ASP B 1077 -46.08 -20.58 -47.70
CA ASP B 1077 -44.68 -20.32 -47.24
C ASP B 1077 -44.64 -20.60 -45.74
N SER B 1078 -43.70 -21.43 -45.27
CA SER B 1078 -43.66 -21.89 -43.86
C SER B 1078 -43.49 -20.70 -42.91
N LYS B 1079 -42.69 -19.69 -43.27
CA LYS B 1079 -42.48 -18.48 -42.44
C LYS B 1079 -43.77 -17.63 -42.47
N THR B 1080 -44.06 -16.99 -43.60
CA THR B 1080 -45.13 -15.98 -43.78
C THR B 1080 -46.53 -16.60 -43.72
N LYS B 1081 -46.70 -17.89 -44.01
CA LYS B 1081 -48.03 -18.56 -44.15
C LYS B 1081 -48.85 -17.94 -45.29
N GLU B 1082 -48.20 -17.21 -46.19
CA GLU B 1082 -48.79 -16.72 -47.46
C GLU B 1082 -48.96 -17.91 -48.39
N PRO B 1083 -50.08 -18.03 -49.13
CA PRO B 1083 -50.25 -19.10 -50.10
C PRO B 1083 -49.19 -19.04 -51.20
N VAL B 1084 -48.88 -20.20 -51.78
CA VAL B 1084 -47.86 -20.37 -52.86
C VAL B 1084 -48.39 -21.36 -53.89
N ASP B 1085 -48.51 -20.92 -55.14
CA ASP B 1085 -48.93 -21.78 -56.29
C ASP B 1085 -47.71 -22.57 -56.75
N ASP B 1086 -47.92 -23.81 -57.20
CA ASP B 1086 -46.81 -24.69 -57.64
C ASP B 1086 -46.02 -23.93 -58.72
N LYS B 1087 -46.71 -23.19 -59.59
CA LYS B 1087 -46.07 -22.49 -60.74
C LYS B 1087 -45.05 -21.47 -60.22
N ASP B 1088 -45.25 -20.91 -59.03
CA ASP B 1088 -44.37 -19.86 -58.44
C ASP B 1088 -43.27 -20.48 -57.55
N VAL B 1089 -43.33 -21.77 -57.20
CA VAL B 1089 -42.36 -22.39 -56.26
C VAL B 1089 -40.94 -22.19 -56.82
N LYS B 1090 -40.75 -22.34 -58.12
CA LYS B 1090 -39.40 -22.32 -58.75
C LYS B 1090 -38.84 -20.90 -58.65
N ALA B 1091 -39.60 -19.89 -59.07
CA ALA B 1091 -39.17 -18.48 -58.99
C ALA B 1091 -38.91 -18.07 -57.53
N LYS B 1092 -39.70 -18.56 -56.58
CA LYS B 1092 -39.64 -18.09 -55.18
C LYS B 1092 -38.49 -18.78 -54.45
N TYR B 1093 -38.23 -20.06 -54.68
CA TYR B 1093 -37.40 -20.89 -53.77
C TYR B 1093 -36.24 -21.60 -54.48
N GLU B 1094 -36.20 -21.70 -55.81
CA GLU B 1094 -35.21 -22.60 -56.45
C GLU B 1094 -33.79 -22.14 -56.16
N THR B 1095 -33.49 -20.84 -56.26
CA THR B 1095 -32.14 -20.32 -56.01
C THR B 1095 -31.67 -20.76 -54.61
N SER B 1096 -32.52 -20.66 -53.59
CA SER B 1096 -32.18 -21.05 -52.20
C SER B 1096 -32.01 -22.57 -52.12
N ILE B 1097 -32.87 -23.32 -52.79
CA ILE B 1097 -32.81 -24.80 -52.79
C ILE B 1097 -31.43 -25.21 -53.28
N LEU B 1098 -30.94 -24.59 -54.35
CA LEU B 1098 -29.65 -24.95 -54.98
C LEU B 1098 -28.49 -24.47 -54.11
N GLU B 1099 -28.63 -23.28 -53.52
CA GLU B 1099 -27.61 -22.68 -52.63
C GLU B 1099 -27.40 -23.59 -51.43
N HIS B 1100 -28.43 -24.26 -50.95
CA HIS B 1100 -28.39 -25.02 -49.67
C HIS B 1100 -28.65 -26.50 -49.89
N SER B 1101 -28.24 -27.02 -51.04
CA SER B 1101 -28.30 -28.46 -51.38
C SER B 1101 -26.95 -28.88 -51.96
N GLY B 1102 -26.65 -30.17 -51.92
CA GLY B 1102 -25.46 -30.71 -52.59
C GLY B 1102 -24.19 -30.30 -51.88
N ILE B 1103 -23.08 -30.39 -52.59
CA ILE B 1103 -21.72 -30.12 -52.04
C ILE B 1103 -21.60 -28.60 -51.91
N ARG B 1104 -21.33 -28.13 -50.70
CA ARG B 1104 -21.30 -26.69 -50.38
C ARG B 1104 -20.53 -26.46 -49.08
N LEU B 1105 -20.24 -25.20 -48.80
CA LEU B 1105 -19.64 -24.78 -47.51
C LEU B 1105 -20.43 -25.41 -46.36
N ILE B 1106 -19.70 -25.91 -45.37
CA ILE B 1106 -20.24 -26.60 -44.18
C ILE B 1106 -21.04 -25.56 -43.40
N GLU B 1107 -22.29 -25.88 -43.12
CA GLU B 1107 -23.20 -25.01 -42.35
C GLU B 1107 -23.16 -25.50 -40.91
N PRO B 1108 -22.67 -24.68 -39.96
CA PRO B 1108 -22.53 -25.12 -38.57
C PRO B 1108 -23.84 -25.57 -37.91
N GLU B 1109 -24.97 -24.95 -38.27
CA GLU B 1109 -26.28 -25.27 -37.66
C GLU B 1109 -26.58 -26.75 -37.92
N LEU B 1110 -26.08 -27.31 -39.02
CA LEU B 1110 -26.35 -28.73 -39.38
C LEU B 1110 -25.44 -29.69 -38.61
N PHE B 1111 -24.36 -29.24 -37.99
CA PHE B 1111 -23.39 -30.15 -37.29
C PHE B 1111 -23.08 -29.60 -35.91
N ASN B 1112 -24.10 -29.14 -35.21
CA ASN B 1112 -23.99 -28.94 -33.76
C ASN B 1112 -23.05 -27.75 -33.49
N GLY B 1113 -23.01 -26.78 -34.40
CA GLY B 1113 -22.18 -25.58 -34.27
C GLY B 1113 -20.77 -25.77 -34.79
N TYR B 1114 -20.40 -26.95 -35.28
CA TYR B 1114 -19.05 -27.20 -35.88
C TYR B 1114 -18.73 -26.10 -36.87
N ASN B 1115 -17.58 -25.47 -36.71
CA ASN B 1115 -17.08 -24.46 -37.67
C ASN B 1115 -15.65 -24.82 -38.01
N PRO B 1116 -15.41 -25.42 -39.19
CA PRO B 1116 -14.08 -25.90 -39.54
C PRO B 1116 -13.05 -24.78 -39.52
N GLU B 1117 -13.50 -23.53 -39.59
CA GLU B 1117 -12.59 -22.37 -39.51
C GLU B 1117 -12.23 -22.08 -38.05
N LYS B 1118 -12.94 -22.63 -37.07
CA LYS B 1118 -12.68 -22.39 -35.62
C LYS B 1118 -12.91 -23.69 -34.87
N LYS B 1119 -12.02 -24.66 -35.03
CA LYS B 1119 -12.01 -25.92 -34.24
C LYS B 1119 -11.69 -25.60 -32.78
N GLU B 1120 -12.56 -25.98 -31.84
CA GLU B 1120 -12.33 -25.76 -30.38
C GLU B 1120 -11.50 -26.92 -29.84
N MET B 1121 -10.31 -26.64 -29.33
CA MET B 1121 -9.44 -27.61 -28.62
C MET B 1121 -9.11 -27.05 -27.24
N ILE B 1122 -8.40 -27.79 -26.42
CA ILE B 1122 -7.96 -27.32 -25.08
C ILE B 1122 -6.48 -27.67 -24.91
N GLN B 1123 -5.72 -26.79 -24.28
CA GLN B 1123 -4.29 -27.00 -24.02
C GLN B 1123 -4.04 -27.11 -22.52
N GLU B 1124 -3.34 -28.15 -22.10
CA GLU B 1124 -2.89 -28.30 -20.70
C GLU B 1124 -1.89 -27.19 -20.40
N VAL B 1125 -2.05 -26.45 -19.31
CA VAL B 1125 -1.01 -25.50 -18.81
C VAL B 1125 -0.84 -25.75 -17.32
N ILE B 1126 0.34 -25.51 -16.76
CA ILE B 1126 0.57 -25.63 -15.31
C ILE B 1126 0.40 -24.22 -14.72
N VAL B 1127 -0.52 -24.08 -13.78
CA VAL B 1127 -0.74 -22.82 -13.01
C VAL B 1127 0.60 -22.34 -12.45
N GLU B 1128 1.04 -21.13 -12.80
CA GLU B 1128 2.33 -20.54 -12.31
C GLU B 1128 2.12 -19.83 -10.96
N GLU B 1129 0.88 -19.41 -10.66
CA GLU B 1129 0.52 -18.57 -9.49
C GLU B 1129 -0.85 -18.98 -8.93
N ASP B 1130 -0.95 -19.18 -7.61
CA ASP B 1130 -2.26 -19.41 -6.94
C ASP B 1130 -3.33 -18.59 -7.66
N LEU B 1131 -4.48 -19.15 -8.01
CA LEU B 1131 -5.63 -18.48 -8.68
C LEU B 1131 -6.48 -17.75 -7.65
N GLU B 1132 -7.46 -16.95 -8.07
CA GLU B 1132 -8.45 -16.33 -7.17
C GLU B 1132 -9.42 -17.43 -6.75
N PRO B 1133 -9.79 -17.54 -5.46
CA PRO B 1133 -10.84 -18.47 -5.03
C PRO B 1133 -12.13 -18.29 -5.82
N PHE B 1134 -12.92 -19.35 -5.98
CA PHE B 1134 -14.29 -19.29 -6.57
C PHE B 1134 -15.23 -20.22 -5.81
N GLU B 1135 -16.51 -19.91 -5.81
CA GLU B 1135 -17.54 -20.64 -5.05
C GLU B 1135 -17.93 -21.88 -5.87
N ALA B 1136 -18.36 -22.95 -5.19
CA ALA B 1136 -18.85 -24.19 -5.82
C ALA B 1136 -19.57 -25.02 -4.76
N SER B 1137 -20.39 -25.98 -5.21
CA SER B 1137 -21.12 -26.92 -4.34
C SER B 1137 -20.12 -27.70 -3.51
N LYS B 1138 -20.53 -28.27 -2.39
CA LYS B 1138 -19.67 -29.20 -1.62
C LYS B 1138 -19.27 -30.36 -2.54
N GLU B 1139 -20.24 -30.97 -3.20
CA GLU B 1139 -20.03 -32.10 -4.13
C GLU B 1139 -18.96 -31.75 -5.17
N THR B 1140 -19.03 -30.59 -5.80
CA THR B 1140 -18.06 -30.18 -6.84
C THR B 1140 -16.70 -29.88 -6.20
N ALA B 1141 -16.68 -29.18 -5.08
CA ALA B 1141 -15.41 -28.80 -4.43
C ALA B 1141 -14.66 -30.09 -4.10
N GLU B 1142 -15.35 -31.09 -3.58
CA GLU B 1142 -14.74 -32.39 -3.18
C GLU B 1142 -14.16 -33.06 -4.43
N GLN B 1143 -14.85 -32.95 -5.55
CA GLN B 1143 -14.41 -33.46 -6.87
C GLN B 1143 -13.10 -32.79 -7.29
N PHE B 1144 -12.98 -31.48 -7.08
CA PHE B 1144 -11.76 -30.70 -7.42
C PHE B 1144 -10.62 -31.19 -6.53
N LYS B 1145 -10.92 -31.36 -5.25
CA LYS B 1145 -9.94 -31.79 -4.23
C LYS B 1145 -9.42 -33.18 -4.59
N HIS B 1146 -10.34 -34.07 -4.93
CA HIS B 1146 -10.04 -35.46 -5.32
C HIS B 1146 -9.05 -35.46 -6.47
N GLN B 1147 -9.24 -34.61 -7.48
CA GLN B 1147 -8.33 -34.56 -8.65
C GLN B 1147 -6.99 -33.99 -8.25
N HIS B 1148 -6.97 -32.83 -7.61
CA HIS B 1148 -5.77 -31.95 -7.50
C HIS B 1148 -4.97 -32.22 -6.23
N GLY B 1149 -5.58 -32.83 -5.21
CA GLY B 1149 -4.91 -33.08 -3.92
C GLY B 1149 -4.31 -31.82 -3.35
N ASP B 1150 -3.02 -31.83 -3.02
CA ASP B 1150 -2.22 -30.71 -2.48
C ASP B 1150 -2.44 -29.40 -3.20
N LYS B 1151 -2.72 -29.49 -4.50
CA LYS B 1151 -2.68 -28.34 -5.43
C LYS B 1151 -4.03 -27.63 -5.50
N VAL B 1152 -4.94 -27.87 -4.56
CA VAL B 1152 -6.19 -27.10 -4.41
C VAL B 1152 -6.59 -27.13 -2.95
N ASP B 1153 -7.00 -26.00 -2.38
CA ASP B 1153 -7.65 -25.98 -1.05
C ASP B 1153 -9.13 -25.75 -1.23
N ILE B 1154 -9.94 -26.48 -0.48
CA ILE B 1154 -11.40 -26.23 -0.42
C ILE B 1154 -11.75 -26.00 1.04
N PHE B 1155 -12.66 -25.07 1.27
CA PHE B 1155 -13.07 -24.59 2.62
C PHE B 1155 -14.57 -24.32 2.61
N GLU B 1156 -15.29 -24.91 3.55
CA GLU B 1156 -16.73 -24.63 3.73
C GLU B 1156 -16.87 -23.14 4.00
N ILE B 1157 -17.83 -22.51 3.35
CA ILE B 1157 -18.26 -21.11 3.67
C ILE B 1157 -19.35 -21.23 4.72
N PRO B 1158 -19.09 -20.80 5.97
CA PRO B 1158 -19.93 -21.20 7.09
C PRO B 1158 -21.41 -20.80 6.90
N GLU B 1159 -21.67 -19.63 6.30
CA GLU B 1159 -23.03 -19.05 6.12
C GLU B 1159 -23.80 -19.85 5.06
N THR B 1160 -23.29 -19.87 3.83
CA THR B 1160 -23.96 -20.45 2.65
C THR B 1160 -24.01 -21.98 2.78
N GLY B 1161 -22.97 -22.61 3.29
CA GLY B 1161 -22.81 -24.08 3.18
C GLY B 1161 -22.17 -24.51 1.86
N GLU B 1162 -22.05 -23.60 0.89
CA GLU B 1162 -21.16 -23.74 -0.30
C GLU B 1162 -19.69 -23.74 0.14
N TYR B 1163 -18.78 -24.00 -0.80
CA TYR B 1163 -17.31 -24.12 -0.57
C TYR B 1163 -16.56 -23.15 -1.47
N SER B 1164 -15.46 -22.59 -0.96
CA SER B 1164 -14.49 -21.83 -1.77
C SER B 1164 -13.44 -22.81 -2.31
N VAL B 1165 -12.93 -22.58 -3.52
CA VAL B 1165 -12.02 -23.50 -4.26
C VAL B 1165 -10.80 -22.70 -4.72
N LYS B 1166 -9.69 -22.78 -3.99
CA LYS B 1166 -8.45 -22.03 -4.33
C LYS B 1166 -7.52 -23.00 -5.06
N LEU B 1167 -7.46 -22.91 -6.38
CA LEU B 1167 -6.53 -23.71 -7.22
C LEU B 1167 -5.11 -23.18 -7.01
N LEU B 1168 -4.16 -24.00 -6.60
CA LEU B 1168 -2.82 -23.52 -6.17
C LEU B 1168 -1.80 -23.69 -7.28
N LYS B 1169 -0.70 -22.95 -7.17
CA LYS B 1169 0.45 -23.04 -8.08
C LYS B 1169 0.85 -24.52 -8.18
N GLY B 1170 1.05 -25.00 -9.40
CA GLY B 1170 1.44 -26.39 -9.68
C GLY B 1170 0.29 -27.19 -10.23
N ALA B 1171 -0.95 -26.73 -9.98
CA ALA B 1171 -2.17 -27.37 -10.49
C ALA B 1171 -2.17 -27.33 -12.02
N THR B 1172 -2.89 -28.25 -12.66
CA THR B 1172 -3.05 -28.23 -14.15
C THR B 1172 -4.44 -27.68 -14.49
N LEU B 1173 -4.47 -26.77 -15.48
CA LEU B 1173 -5.67 -26.16 -16.09
C LEU B 1173 -5.75 -26.62 -17.53
N TYR B 1174 -6.92 -26.52 -18.14
CA TYR B 1174 -7.11 -26.66 -19.60
C TYR B 1174 -7.66 -25.34 -20.12
N ILE B 1175 -6.91 -24.70 -21.00
CA ILE B 1175 -7.28 -23.39 -21.57
C ILE B 1175 -7.71 -23.61 -23.01
N PRO B 1176 -8.99 -23.37 -23.32
CA PRO B 1176 -9.49 -23.46 -24.69
C PRO B 1176 -8.64 -22.68 -25.68
N LYS B 1177 -8.37 -23.27 -26.86
CA LYS B 1177 -7.71 -22.60 -28.00
C LYS B 1177 -8.37 -23.06 -29.28
N ALA B 1178 -8.06 -22.45 -30.43
CA ALA B 1178 -8.85 -22.65 -31.66
C ALA B 1178 -7.95 -22.76 -32.90
N LEU B 1179 -8.19 -23.83 -33.63
CA LEU B 1179 -7.46 -24.29 -34.85
C LEU B 1179 -8.24 -23.86 -36.08
N ARG B 1180 -7.58 -23.37 -37.11
CA ARG B 1180 -8.20 -23.19 -38.44
C ARG B 1180 -8.00 -24.50 -39.21
N PHE B 1181 -9.08 -25.12 -39.69
CA PHE B 1181 -8.98 -26.37 -40.47
C PHE B 1181 -9.21 -26.03 -41.94
N ASP B 1182 -8.79 -26.87 -42.88
CA ASP B 1182 -8.75 -26.52 -44.31
C ASP B 1182 -9.69 -27.44 -45.11
N ARG B 1183 -10.62 -28.14 -44.48
CA ARG B 1183 -11.75 -28.82 -45.16
C ARG B 1183 -13.03 -28.06 -44.81
N LEU B 1184 -13.40 -27.13 -45.67
CA LEU B 1184 -14.48 -26.13 -45.45
C LEU B 1184 -15.76 -26.60 -46.11
N VAL B 1185 -15.72 -27.67 -46.90
CA VAL B 1185 -16.82 -28.10 -47.80
C VAL B 1185 -17.15 -29.58 -47.58
N ALA B 1186 -18.44 -29.92 -47.73
CA ALA B 1186 -19.01 -31.26 -47.53
C ALA B 1186 -20.31 -31.38 -48.30
N GLY B 1187 -20.67 -32.61 -48.67
CA GLY B 1187 -21.97 -32.89 -49.30
C GLY B 1187 -22.99 -33.08 -48.20
N GLN B 1188 -23.83 -32.08 -47.97
CA GLN B 1188 -24.69 -32.06 -46.77
C GLN B 1188 -26.14 -32.19 -47.22
N ILE B 1189 -26.91 -32.97 -46.47
CA ILE B 1189 -28.38 -33.11 -46.65
C ILE B 1189 -28.96 -31.70 -46.72
N PRO B 1190 -29.94 -31.41 -47.59
CA PRO B 1190 -30.35 -30.04 -47.83
C PRO B 1190 -30.76 -29.35 -46.53
N THR B 1191 -30.34 -28.11 -46.35
CA THR B 1191 -30.63 -27.29 -45.16
C THR B 1191 -32.15 -27.22 -45.01
N GLY B 1192 -32.66 -27.52 -43.83
CA GLY B 1192 -34.11 -27.49 -43.53
C GLY B 1192 -34.66 -28.88 -43.34
N TRP B 1193 -33.92 -29.89 -43.76
CA TRP B 1193 -34.32 -31.32 -43.63
C TRP B 1193 -34.64 -31.53 -42.16
N ASN B 1194 -35.76 -32.16 -41.86
CA ASN B 1194 -36.18 -32.39 -40.47
C ASN B 1194 -37.00 -33.70 -40.40
N ALA B 1195 -36.52 -34.65 -39.61
CA ALA B 1195 -37.22 -35.93 -39.42
C ALA B 1195 -38.68 -35.69 -39.08
N LYS B 1196 -39.00 -34.57 -38.46
CA LYS B 1196 -40.38 -34.21 -38.10
C LYS B 1196 -41.25 -34.12 -39.36
N THR B 1197 -40.72 -33.61 -40.46
CA THR B 1197 -41.58 -33.35 -41.65
C THR B 1197 -41.90 -34.72 -42.29
N TYR B 1198 -41.10 -35.74 -42.00
CA TYR B 1198 -41.32 -37.14 -42.48
C TYR B 1198 -42.26 -37.89 -41.54
N GLY B 1199 -42.55 -37.34 -40.37
CA GLY B 1199 -43.55 -37.89 -39.42
C GLY B 1199 -42.93 -38.46 -38.15
N ILE B 1200 -41.61 -38.39 -37.98
CA ILE B 1200 -40.89 -39.00 -36.84
C ILE B 1200 -41.12 -38.14 -35.61
N SER B 1201 -41.48 -38.76 -34.48
CA SER B 1201 -41.83 -38.08 -33.21
C SER B 1201 -40.63 -37.34 -32.64
N ASP B 1202 -40.87 -36.36 -31.77
CA ASP B 1202 -39.83 -35.62 -31.02
C ASP B 1202 -39.07 -36.58 -30.11
N ASP B 1203 -39.79 -37.52 -29.52
CA ASP B 1203 -39.23 -38.51 -28.56
C ASP B 1203 -38.21 -39.39 -29.29
N ILE B 1204 -38.46 -39.76 -30.54
CA ILE B 1204 -37.50 -40.61 -31.30
C ILE B 1204 -36.31 -39.74 -31.64
N ILE B 1205 -36.54 -38.49 -32.02
CA ILE B 1205 -35.45 -37.59 -32.51
C ILE B 1205 -34.45 -37.33 -31.40
N SER B 1206 -34.91 -37.18 -30.17
CA SER B 1206 -34.01 -36.85 -29.04
C SER B 1206 -33.35 -38.12 -28.47
N GLN B 1207 -33.87 -39.32 -28.76
CA GLN B 1207 -33.32 -40.60 -28.24
C GLN B 1207 -32.12 -41.04 -29.08
N VAL B 1208 -32.19 -40.79 -30.38
CA VAL B 1208 -31.54 -41.59 -31.44
C VAL B 1208 -30.43 -40.76 -32.07
N ASP B 1209 -29.31 -41.34 -32.53
CA ASP B 1209 -28.27 -40.63 -33.32
C ASP B 1209 -28.88 -40.13 -34.63
N PRO B 1210 -28.54 -38.94 -35.14
CA PRO B 1210 -29.07 -38.49 -36.43
C PRO B 1210 -29.02 -39.54 -37.55
N ILE B 1211 -27.98 -40.36 -37.58
CA ILE B 1211 -27.83 -41.40 -38.64
C ILE B 1211 -29.09 -42.27 -38.62
N THR B 1212 -29.63 -42.61 -37.44
CA THR B 1212 -30.83 -43.46 -37.32
C THR B 1212 -32.04 -42.75 -37.95
N LEU B 1213 -32.12 -41.42 -37.89
CA LEU B 1213 -33.21 -40.66 -38.55
C LEU B 1213 -33.11 -40.85 -40.08
N PHE B 1214 -31.92 -40.76 -40.63
CA PHE B 1214 -31.69 -40.93 -42.09
C PHE B 1214 -32.11 -42.35 -42.51
N VAL B 1215 -31.84 -43.34 -41.67
CA VAL B 1215 -32.17 -44.75 -41.99
C VAL B 1215 -33.69 -44.96 -41.87
N LEU B 1216 -34.33 -44.44 -40.83
CA LEU B 1216 -35.79 -44.62 -40.66
C LEU B 1216 -36.49 -44.03 -41.88
N VAL B 1217 -36.10 -42.83 -42.30
CA VAL B 1217 -36.76 -42.15 -43.46
C VAL B 1217 -36.49 -42.97 -44.72
N SER B 1218 -35.25 -43.42 -44.91
CA SER B 1218 -34.85 -44.23 -46.08
C SER B 1218 -35.63 -45.55 -46.14
N VAL B 1219 -35.75 -46.25 -45.02
CA VAL B 1219 -36.50 -47.54 -44.97
C VAL B 1219 -37.95 -47.25 -45.33
N VAL B 1220 -38.57 -46.26 -44.70
CA VAL B 1220 -39.99 -45.92 -44.99
C VAL B 1220 -40.15 -45.68 -46.50
N GLU B 1221 -39.35 -44.77 -47.06
CA GLU B 1221 -39.46 -44.35 -48.48
C GLU B 1221 -39.22 -45.57 -49.38
N ALA B 1222 -38.36 -46.51 -48.97
CA ALA B 1222 -38.00 -47.72 -49.78
C ALA B 1222 -39.18 -48.71 -49.81
N PHE B 1223 -39.87 -48.91 -48.69
CA PHE B 1223 -41.11 -49.73 -48.64
C PHE B 1223 -42.16 -49.09 -49.56
N ILE B 1224 -42.31 -47.76 -49.54
CA ILE B 1224 -43.31 -47.05 -50.39
C ILE B 1224 -42.94 -47.26 -51.86
N ALA B 1225 -41.65 -47.27 -52.18
CA ALA B 1225 -41.15 -47.47 -53.55
C ALA B 1225 -41.45 -48.90 -54.02
N SER B 1226 -41.67 -49.79 -53.06
CA SER B 1226 -42.03 -51.21 -53.29
C SER B 1226 -43.53 -51.38 -53.11
N GLY B 1227 -44.25 -50.27 -52.94
CA GLY B 1227 -45.71 -50.25 -52.84
C GLY B 1227 -46.19 -50.96 -51.58
N ILE B 1228 -45.32 -51.15 -50.61
CA ILE B 1228 -45.65 -51.73 -49.28
C ILE B 1228 -45.83 -50.56 -48.30
N THR B 1229 -47.09 -50.25 -48.03
CA THR B 1229 -47.60 -49.12 -47.25
C THR B 1229 -47.56 -49.46 -45.76
N ASP B 1230 -47.75 -50.74 -45.43
CA ASP B 1230 -47.79 -51.29 -44.04
C ASP B 1230 -46.87 -52.50 -43.99
N PRO B 1231 -45.71 -52.43 -43.32
CA PRO B 1231 -44.74 -53.52 -43.31
C PRO B 1231 -45.38 -54.87 -42.98
N TYR B 1232 -46.34 -54.88 -42.06
CA TYR B 1232 -47.02 -56.10 -41.58
C TYR B 1232 -47.70 -56.85 -42.74
N GLU B 1233 -47.88 -56.20 -43.90
CA GLU B 1233 -48.40 -56.89 -45.12
C GLU B 1233 -47.46 -58.03 -45.46
N MET B 1234 -46.15 -57.88 -45.28
CA MET B 1234 -45.20 -58.96 -45.61
C MET B 1234 -45.65 -60.25 -44.90
N TYR B 1235 -46.22 -60.15 -43.70
CA TYR B 1235 -46.51 -61.33 -42.87
C TYR B 1235 -47.81 -62.01 -43.34
N LYS B 1236 -48.41 -61.52 -44.42
CA LYS B 1236 -49.51 -62.25 -45.13
C LYS B 1236 -48.88 -63.31 -46.03
N TYR B 1237 -47.67 -63.05 -46.51
CA TYR B 1237 -46.97 -63.87 -47.52
C TYR B 1237 -45.86 -64.69 -46.90
N VAL B 1238 -45.42 -64.37 -45.70
CA VAL B 1238 -44.08 -64.81 -45.22
C VAL B 1238 -44.08 -64.98 -43.71
N HIS B 1239 -43.28 -65.89 -43.20
CA HIS B 1239 -43.12 -66.07 -41.74
C HIS B 1239 -42.37 -64.87 -41.16
N VAL B 1240 -42.81 -64.47 -39.98
CA VAL B 1240 -42.16 -63.48 -39.11
C VAL B 1240 -40.63 -63.72 -39.05
N SER B 1241 -40.18 -64.97 -39.21
CA SER B 1241 -38.74 -65.34 -39.12
C SER B 1241 -38.00 -65.10 -40.44
N GLU B 1242 -38.63 -64.61 -41.49
CA GLU B 1242 -38.01 -64.67 -42.84
C GLU B 1242 -37.98 -63.29 -43.51
N VAL B 1243 -38.13 -62.23 -42.73
CA VAL B 1243 -37.85 -60.84 -43.16
C VAL B 1243 -36.62 -60.35 -42.39
N GLY B 1244 -35.57 -59.96 -43.10
CA GLY B 1244 -34.27 -59.67 -42.47
C GLY B 1244 -33.80 -58.26 -42.72
N ASN B 1245 -32.74 -57.83 -42.01
CA ASN B 1245 -32.09 -56.51 -42.22
C ASN B 1245 -30.58 -56.74 -42.27
N CYS B 1246 -29.98 -56.58 -43.44
CA CYS B 1246 -28.52 -56.77 -43.64
C CYS B 1246 -27.86 -55.44 -44.03
N SER B 1247 -28.50 -54.33 -43.68
CA SER B 1247 -27.92 -52.97 -43.86
C SER B 1247 -26.86 -52.78 -42.78
N GLY B 1248 -25.90 -51.90 -43.07
CA GLY B 1248 -24.75 -51.62 -42.19
C GLY B 1248 -24.23 -50.20 -42.32
N SER B 1249 -23.06 -49.95 -41.73
CA SER B 1249 -22.45 -48.61 -41.61
C SER B 1249 -20.94 -48.75 -41.44
N GLY B 1250 -20.19 -47.71 -41.79
CA GLY B 1250 -18.74 -47.64 -41.59
C GLY B 1250 -18.37 -47.34 -40.15
N MET B 1251 -18.97 -46.29 -39.55
CA MET B 1251 -18.64 -45.77 -38.19
C MET B 1251 -19.91 -45.66 -37.30
N GLY B 1252 -21.09 -45.74 -37.89
CA GLY B 1252 -22.34 -45.73 -37.11
C GLY B 1252 -22.64 -44.36 -36.52
N GLY B 1253 -23.19 -44.36 -35.30
CA GLY B 1253 -23.71 -43.16 -34.63
C GLY B 1253 -22.59 -42.35 -34.01
N VAL B 1254 -21.90 -41.57 -34.83
CA VAL B 1254 -20.66 -40.86 -34.42
C VAL B 1254 -21.00 -39.69 -33.50
N SER B 1255 -22.24 -39.21 -33.47
CA SER B 1255 -22.64 -38.08 -32.59
C SER B 1255 -22.74 -38.63 -31.17
N ALA B 1256 -23.24 -39.87 -31.04
CA ALA B 1256 -23.28 -40.59 -29.75
C ALA B 1256 -21.85 -40.87 -29.30
N LEU B 1257 -20.95 -41.26 -30.21
CA LEU B 1257 -19.53 -41.50 -29.85
C LEU B 1257 -18.97 -40.23 -29.23
N ARG B 1258 -19.22 -39.07 -29.82
CA ARG B 1258 -18.74 -37.79 -29.24
C ARG B 1258 -19.36 -37.61 -27.85
N GLY B 1259 -20.64 -37.89 -27.67
CA GLY B 1259 -21.26 -37.75 -26.34
C GLY B 1259 -20.55 -38.57 -25.30
N MET B 1260 -20.17 -39.79 -25.67
CA MET B 1260 -19.46 -40.77 -24.82
C MET B 1260 -18.09 -40.28 -24.43
N PHE B 1261 -17.30 -39.85 -25.42
CA PHE B 1261 -15.83 -39.66 -25.33
C PHE B 1261 -15.48 -38.22 -24.98
N LYS B 1262 -16.26 -37.24 -25.40
CA LYS B 1262 -15.95 -35.80 -25.26
C LYS B 1262 -16.97 -35.15 -24.34
N ASP B 1263 -18.26 -35.13 -24.68
CA ASP B 1263 -19.28 -34.45 -23.85
C ASP B 1263 -19.23 -34.99 -22.41
N ARG B 1264 -19.11 -36.30 -22.21
CA ARG B 1264 -19.02 -36.87 -20.84
C ARG B 1264 -17.82 -36.30 -20.08
N PHE B 1265 -16.68 -36.27 -20.76
CA PHE B 1265 -15.38 -35.79 -20.24
C PHE B 1265 -15.54 -34.38 -19.70
N LYS B 1266 -16.36 -33.56 -20.37
CA LYS B 1266 -16.63 -32.15 -19.98
C LYS B 1266 -17.76 -32.08 -18.97
N ASP B 1267 -18.26 -33.23 -18.52
CA ASP B 1267 -19.36 -33.30 -17.54
C ASP B 1267 -20.58 -32.56 -18.08
N GLU B 1268 -20.70 -32.48 -19.40
CA GLU B 1268 -21.95 -32.00 -20.07
C GLU B 1268 -22.99 -33.10 -19.94
N PRO B 1269 -24.28 -32.73 -19.79
CA PRO B 1269 -25.32 -33.73 -19.54
C PRO B 1269 -25.52 -34.53 -20.84
N VAL B 1270 -25.60 -35.86 -20.74
CA VAL B 1270 -25.66 -36.80 -21.89
C VAL B 1270 -26.53 -37.98 -21.48
N GLN B 1271 -27.51 -38.38 -22.29
CA GLN B 1271 -28.41 -39.52 -21.98
C GLN B 1271 -27.59 -40.68 -21.43
N ASN B 1272 -28.10 -41.40 -20.43
CA ASN B 1272 -27.37 -42.54 -19.83
C ASN B 1272 -27.30 -43.74 -20.80
N ASP B 1273 -28.19 -43.81 -21.79
CA ASP B 1273 -28.14 -44.89 -22.79
C ASP B 1273 -27.41 -44.44 -24.05
N ILE B 1274 -26.55 -43.41 -23.99
CA ILE B 1274 -25.89 -42.86 -25.22
C ILE B 1274 -25.11 -43.98 -25.93
N LEU B 1275 -24.50 -44.91 -25.19
CA LEU B 1275 -23.65 -45.96 -25.81
C LEU B 1275 -24.48 -46.78 -26.81
N GLN B 1276 -25.71 -47.16 -26.44
CA GLN B 1276 -26.61 -47.98 -27.27
C GLN B 1276 -26.76 -47.29 -28.62
N GLU B 1277 -26.79 -45.96 -28.65
CA GLU B 1277 -27.15 -45.22 -29.89
C GLU B 1277 -25.97 -45.09 -30.84
N SER B 1278 -24.78 -45.47 -30.40
CA SER B 1278 -23.53 -45.32 -31.18
C SER B 1278 -23.31 -46.55 -32.06
N PHE B 1279 -23.79 -47.71 -31.60
CA PHE B 1279 -23.51 -49.03 -32.22
C PHE B 1279 -24.01 -49.03 -33.66
N ILE B 1280 -23.25 -49.64 -34.55
CA ILE B 1280 -23.63 -49.73 -35.99
C ILE B 1280 -24.95 -50.50 -36.14
N ASN B 1281 -25.22 -51.41 -35.21
CA ASN B 1281 -26.35 -52.38 -35.39
C ASN B 1281 -27.64 -51.86 -34.75
N THR B 1282 -27.68 -50.61 -34.25
CA THR B 1282 -28.90 -50.11 -33.55
C THR B 1282 -29.75 -49.26 -34.49
N MET B 1283 -29.20 -48.73 -35.57
CA MET B 1283 -30.07 -48.19 -36.64
C MET B 1283 -31.04 -49.31 -37.05
N SER B 1284 -30.52 -50.49 -37.40
CA SER B 1284 -31.35 -51.66 -37.79
C SER B 1284 -32.28 -52.06 -36.63
N ALA B 1285 -31.88 -51.85 -35.39
CA ALA B 1285 -32.69 -52.21 -34.21
C ALA B 1285 -33.93 -51.33 -34.16
N TRP B 1286 -33.75 -50.02 -34.27
CA TRP B 1286 -34.83 -49.03 -34.26
C TRP B 1286 -35.79 -49.30 -35.41
N VAL B 1287 -35.25 -49.58 -36.61
CA VAL B 1287 -36.09 -49.93 -37.78
C VAL B 1287 -36.99 -51.10 -37.38
N ASN B 1288 -36.44 -52.15 -36.77
CA ASN B 1288 -37.26 -53.32 -36.39
C ASN B 1288 -38.23 -52.95 -35.27
N MET B 1289 -37.82 -52.09 -34.34
CA MET B 1289 -38.58 -51.81 -33.09
C MET B 1289 -39.68 -50.77 -33.35
N LEU B 1290 -39.62 -50.04 -34.45
CA LEU B 1290 -40.58 -48.96 -34.79
C LEU B 1290 -41.47 -49.33 -35.99
N LEU B 1291 -41.03 -50.19 -36.92
CA LEU B 1291 -41.73 -50.43 -38.22
C LEU B 1291 -41.95 -51.92 -38.50
N ILE B 1292 -40.90 -52.73 -38.47
CA ILE B 1292 -40.90 -54.06 -39.15
C ILE B 1292 -41.41 -55.16 -38.20
N SER B 1293 -40.90 -55.29 -36.98
CA SER B 1293 -41.34 -56.30 -35.99
C SER B 1293 -41.01 -57.72 -36.48
N SER B 1294 -40.04 -57.86 -37.39
CA SER B 1294 -39.53 -59.19 -37.83
C SER B 1294 -38.77 -59.86 -36.70
N SER B 1295 -38.78 -61.18 -36.72
CA SER B 1295 -37.92 -62.06 -35.89
C SER B 1295 -37.01 -62.81 -36.87
N GLY B 1296 -36.61 -62.13 -37.94
CA GLY B 1296 -35.82 -62.70 -39.04
C GLY B 1296 -34.34 -62.38 -38.90
N PRO B 1297 -33.49 -62.67 -39.91
CA PRO B 1297 -32.06 -62.42 -39.79
C PRO B 1297 -31.75 -60.94 -39.51
N ILE B 1298 -30.56 -60.72 -38.93
CA ILE B 1298 -30.01 -59.39 -38.55
C ILE B 1298 -28.49 -59.54 -38.56
N LYS B 1299 -27.90 -59.32 -39.72
CA LYS B 1299 -26.46 -59.47 -40.00
C LYS B 1299 -25.98 -58.11 -40.49
N THR B 1300 -25.23 -57.38 -39.67
CA THR B 1300 -24.92 -55.96 -39.88
C THR B 1300 -23.46 -55.79 -40.27
N PRO B 1301 -23.17 -55.52 -41.55
CA PRO B 1301 -21.80 -55.36 -42.01
C PRO B 1301 -21.17 -54.01 -41.66
N VAL B 1302 -19.90 -54.03 -41.29
CA VAL B 1302 -18.97 -52.88 -41.34
C VAL B 1302 -18.06 -53.08 -42.53
N GLY B 1303 -18.14 -52.21 -43.52
CA GLY B 1303 -17.42 -52.35 -44.79
C GLY B 1303 -16.74 -51.08 -45.21
N ALA B 1304 -16.49 -50.15 -44.28
CA ALA B 1304 -16.03 -48.78 -44.61
C ALA B 1304 -16.78 -48.31 -45.86
N CYS B 1305 -16.09 -47.80 -46.87
CA CYS B 1305 -16.69 -47.14 -48.06
C CYS B 1305 -17.46 -48.19 -48.90
N ALA B 1306 -17.28 -49.47 -48.63
CA ALA B 1306 -17.91 -50.57 -49.40
C ALA B 1306 -19.02 -51.27 -48.63
N THR B 1307 -19.57 -50.70 -47.55
CA THR B 1307 -20.49 -51.49 -46.69
C THR B 1307 -21.78 -51.75 -47.46
N SER B 1308 -22.22 -50.85 -48.32
CA SER B 1308 -23.48 -50.99 -49.09
C SER B 1308 -23.41 -52.23 -50.00
N VAL B 1309 -22.26 -52.53 -50.60
CA VAL B 1309 -22.14 -53.68 -51.55
C VAL B 1309 -21.99 -54.96 -50.74
N GLU B 1310 -21.19 -54.90 -49.69
CA GLU B 1310 -21.13 -55.98 -48.68
C GLU B 1310 -22.53 -56.32 -48.20
N SER B 1311 -23.37 -55.31 -47.97
CA SER B 1311 -24.74 -55.50 -47.45
C SER B 1311 -25.55 -56.33 -48.45
N VAL B 1312 -25.57 -55.90 -49.71
CA VAL B 1312 -26.29 -56.61 -50.80
C VAL B 1312 -25.83 -58.06 -50.83
N ASP B 1313 -24.52 -58.30 -50.76
CA ASP B 1313 -23.92 -59.64 -50.83
C ASP B 1313 -24.51 -60.50 -49.69
N ILE B 1314 -24.36 -60.06 -48.45
CA ILE B 1314 -24.91 -60.73 -47.24
C ILE B 1314 -26.42 -60.95 -47.42
N GLY B 1315 -27.14 -59.93 -47.90
CA GLY B 1315 -28.58 -59.99 -48.11
C GLY B 1315 -28.94 -61.09 -49.07
N VAL B 1316 -28.31 -61.10 -50.25
CA VAL B 1316 -28.54 -62.13 -51.30
C VAL B 1316 -28.31 -63.52 -50.67
N GLU B 1317 -27.14 -63.76 -50.09
CA GLU B 1317 -26.77 -65.07 -49.52
C GLU B 1317 -27.77 -65.48 -48.43
N THR B 1318 -28.30 -64.52 -47.67
CA THR B 1318 -29.23 -64.76 -46.54
C THR B 1318 -30.57 -65.27 -47.09
N ILE B 1319 -30.97 -64.80 -48.26
CA ILE B 1319 -32.23 -65.26 -48.92
C ILE B 1319 -31.96 -66.62 -49.60
N LEU B 1320 -30.87 -66.73 -50.35
CA LEU B 1320 -30.50 -67.98 -51.05
C LEU B 1320 -30.25 -69.10 -50.04
N SER B 1321 -30.03 -68.81 -48.76
CA SER B 1321 -29.83 -69.87 -47.76
C SER B 1321 -31.17 -70.37 -47.23
N GLY B 1322 -32.23 -69.58 -47.40
CA GLY B 1322 -33.58 -69.94 -46.94
C GLY B 1322 -33.89 -69.34 -45.58
N LYS B 1323 -32.94 -68.60 -45.02
CA LYS B 1323 -33.10 -67.90 -43.72
C LYS B 1323 -34.05 -66.70 -43.84
N ALA B 1324 -34.33 -66.24 -45.05
CA ALA B 1324 -35.13 -65.00 -45.31
C ALA B 1324 -35.60 -64.98 -46.76
N ARG B 1325 -36.79 -64.43 -47.00
CA ARG B 1325 -37.38 -64.30 -48.35
C ARG B 1325 -37.38 -62.82 -48.72
N ILE B 1326 -37.46 -61.94 -47.74
CA ILE B 1326 -37.31 -60.47 -47.94
C ILE B 1326 -36.20 -59.98 -47.04
N CYS B 1327 -35.46 -58.99 -47.50
CA CYS B 1327 -34.30 -58.45 -46.77
C CYS B 1327 -34.15 -56.96 -47.04
N ILE B 1328 -34.13 -56.17 -45.98
CA ILE B 1328 -33.69 -54.75 -46.04
C ILE B 1328 -32.18 -54.78 -46.21
N VAL B 1329 -31.62 -53.85 -46.95
CA VAL B 1329 -30.22 -53.92 -47.43
C VAL B 1329 -29.75 -52.50 -47.73
N GLY B 1330 -28.47 -52.19 -47.55
CA GLY B 1330 -27.95 -50.83 -47.81
C GLY B 1330 -26.95 -50.35 -46.79
N GLY B 1331 -26.67 -49.06 -46.78
CA GLY B 1331 -25.59 -48.45 -45.97
C GLY B 1331 -25.92 -47.05 -45.55
N TYR B 1332 -25.25 -46.56 -44.52
CA TYR B 1332 -25.51 -45.23 -43.94
C TYR B 1332 -24.29 -44.76 -43.16
N ASP B 1333 -24.05 -43.45 -43.17
CA ASP B 1333 -22.95 -42.81 -42.41
C ASP B 1333 -23.20 -41.31 -42.35
N ASP B 1334 -22.93 -40.69 -41.20
CA ASP B 1334 -23.08 -39.23 -40.98
C ASP B 1334 -21.74 -38.58 -41.28
N PHE B 1335 -21.72 -37.25 -41.28
CA PHE B 1335 -20.52 -36.38 -41.32
C PHE B 1335 -20.48 -35.64 -39.98
N GLN B 1336 -19.32 -35.54 -39.33
CA GLN B 1336 -19.17 -34.79 -38.05
C GLN B 1336 -17.73 -34.29 -37.94
N GLU B 1337 -17.47 -33.39 -37.00
CA GLU B 1337 -16.20 -32.65 -36.88
C GLU B 1337 -15.01 -33.62 -36.92
N GLU B 1338 -15.08 -34.66 -36.09
CA GLU B 1338 -13.91 -35.50 -35.71
C GLU B 1338 -13.53 -36.34 -36.93
N GLY B 1339 -14.46 -37.09 -37.50
CA GLY B 1339 -14.29 -37.78 -38.78
C GLY B 1339 -13.65 -36.89 -39.85
N SER B 1340 -14.13 -35.67 -40.05
CA SER B 1340 -13.69 -34.81 -41.17
C SER B 1340 -12.21 -34.52 -41.02
N PHE B 1341 -11.82 -34.29 -39.76
CA PHE B 1341 -10.46 -33.88 -39.33
C PHE B 1341 -9.51 -35.03 -39.62
N GLU B 1342 -9.95 -36.25 -39.30
CA GLU B 1342 -9.10 -37.46 -39.40
C GLU B 1342 -8.91 -37.83 -40.86
N PHE B 1343 -9.96 -37.76 -41.66
CA PHE B 1343 -9.83 -37.96 -43.13
C PHE B 1343 -8.85 -36.91 -43.67
N GLY B 1344 -8.88 -35.70 -43.15
CA GLY B 1344 -7.91 -34.64 -43.48
C GLY B 1344 -6.50 -35.02 -43.06
N ASN B 1345 -6.32 -35.53 -41.84
CA ASN B 1345 -4.98 -35.93 -41.34
C ASN B 1345 -4.42 -37.06 -42.21
N MET B 1346 -5.29 -37.87 -42.82
CA MET B 1346 -4.89 -38.97 -43.72
C MET B 1346 -4.74 -38.46 -45.15
N LYS B 1347 -5.02 -37.17 -45.38
CA LYS B 1347 -4.93 -36.56 -46.73
C LYS B 1347 -5.80 -37.32 -47.74
N ALA B 1348 -6.94 -37.85 -47.33
CA ALA B 1348 -7.87 -38.60 -48.22
C ALA B 1348 -8.83 -37.61 -48.88
N THR B 1349 -9.19 -36.55 -48.14
CA THR B 1349 -10.19 -35.55 -48.55
C THR B 1349 -9.46 -34.44 -49.28
N SER B 1350 -10.12 -33.78 -50.23
CA SER B 1350 -9.65 -32.56 -50.92
C SER B 1350 -9.44 -31.48 -49.86
N ASN B 1351 -8.30 -30.81 -49.95
CA ASN B 1351 -7.93 -29.61 -49.16
C ASN B 1351 -8.61 -28.39 -49.78
N THR B 1352 -9.60 -27.82 -49.12
CA THR B 1352 -10.49 -26.78 -49.69
C THR B 1352 -9.70 -25.51 -49.99
N LEU B 1353 -8.63 -25.23 -49.26
CA LEU B 1353 -7.81 -24.01 -49.47
C LEU B 1353 -6.99 -24.17 -50.74
N GLU B 1354 -6.45 -25.37 -50.98
CA GLU B 1354 -5.79 -25.72 -52.26
C GLU B 1354 -6.81 -25.55 -53.40
N GLU B 1355 -8.01 -26.09 -53.24
CA GLU B 1355 -9.04 -26.02 -54.32
C GLU B 1355 -9.27 -24.55 -54.66
N PHE B 1356 -9.47 -23.70 -53.65
CA PHE B 1356 -9.72 -22.25 -53.85
C PHE B 1356 -8.55 -21.62 -54.59
N GLU B 1357 -7.32 -22.01 -54.27
CA GLU B 1357 -6.11 -21.47 -54.94
C GLU B 1357 -6.18 -21.78 -56.43
N HIS B 1358 -6.78 -22.91 -56.78
CA HIS B 1358 -6.95 -23.43 -58.15
C HIS B 1358 -8.25 -22.88 -58.76
N GLY B 1359 -8.96 -22.02 -58.04
CA GLY B 1359 -10.17 -21.35 -58.56
C GLY B 1359 -11.33 -22.32 -58.67
N ARG B 1360 -11.36 -23.35 -57.85
CA ARG B 1360 -12.45 -24.35 -57.88
C ARG B 1360 -13.55 -23.92 -56.93
N THR B 1361 -14.80 -23.92 -57.38
CA THR B 1361 -16.01 -23.77 -56.53
C THR B 1361 -16.37 -25.12 -55.92
N PRO B 1362 -17.11 -25.17 -54.81
CA PRO B 1362 -17.50 -26.46 -54.21
C PRO B 1362 -18.16 -27.40 -55.21
N ALA B 1363 -19.01 -26.89 -56.11
CA ALA B 1363 -19.72 -27.71 -57.11
C ALA B 1363 -18.70 -28.65 -57.81
N GLU B 1364 -17.55 -28.08 -58.19
CA GLU B 1364 -16.52 -28.79 -59.01
C GLU B 1364 -15.37 -29.36 -58.16
N MET B 1365 -15.54 -29.64 -56.85
CA MET B 1365 -14.41 -30.10 -56.00
C MET B 1365 -14.35 -31.62 -55.99
N SER B 1366 -15.47 -32.30 -56.29
CA SER B 1366 -15.53 -33.75 -56.57
C SER B 1366 -15.54 -33.93 -58.08
N ARG B 1367 -14.41 -34.31 -58.65
CA ARG B 1367 -14.25 -34.45 -60.12
C ARG B 1367 -13.48 -35.73 -60.41
N PRO B 1368 -14.17 -36.88 -60.33
CA PRO B 1368 -13.53 -38.16 -60.58
C PRO B 1368 -12.93 -38.30 -61.99
N ALA B 1369 -11.80 -39.02 -62.07
CA ALA B 1369 -11.14 -39.49 -63.30
C ALA B 1369 -10.54 -38.30 -64.06
N THR B 1370 -10.47 -37.14 -63.43
CA THR B 1370 -9.92 -35.89 -63.99
C THR B 1370 -8.40 -35.83 -63.79
N THR B 1371 -7.71 -35.12 -64.65
CA THR B 1371 -6.27 -34.80 -64.52
C THR B 1371 -5.99 -34.23 -63.13
N THR B 1372 -6.79 -33.27 -62.69
CA THR B 1372 -6.50 -32.42 -61.50
C THR B 1372 -7.22 -32.95 -60.27
N ARG B 1373 -7.77 -34.18 -60.29
CA ARG B 1373 -8.51 -34.74 -59.12
C ARG B 1373 -7.55 -34.78 -57.95
N ASN B 1374 -8.02 -34.52 -56.74
CA ASN B 1374 -7.13 -34.09 -55.63
C ASN B 1374 -7.70 -34.51 -54.28
N GLY B 1375 -8.48 -35.57 -54.22
CA GLY B 1375 -9.06 -36.07 -52.96
C GLY B 1375 -10.57 -36.04 -52.97
N PHE B 1376 -11.15 -36.84 -52.08
CA PHE B 1376 -12.61 -37.12 -52.10
C PHE B 1376 -13.33 -36.02 -51.32
N MET B 1377 -14.61 -35.84 -51.62
CA MET B 1377 -15.46 -34.82 -50.97
C MET B 1377 -16.40 -35.56 -50.02
N GLU B 1378 -16.31 -35.32 -48.73
CA GLU B 1378 -17.04 -36.13 -47.71
C GLU B 1378 -18.51 -35.69 -47.72
N ALA B 1379 -19.40 -36.63 -47.44
CA ALA B 1379 -20.86 -36.40 -47.45
C ALA B 1379 -21.51 -37.22 -46.36
N GLN B 1380 -22.82 -37.14 -46.24
CA GLN B 1380 -23.61 -37.80 -45.18
C GLN B 1380 -24.85 -38.38 -45.81
N GLY B 1381 -25.39 -39.43 -45.22
CA GLY B 1381 -26.74 -39.91 -45.59
C GLY B 1381 -26.87 -41.40 -45.51
N ALA B 1382 -27.88 -41.91 -46.18
CA ALA B 1382 -28.29 -43.33 -46.09
C ALA B 1382 -28.88 -43.74 -47.44
N GLY B 1383 -28.81 -45.03 -47.71
CA GLY B 1383 -29.45 -45.66 -48.87
C GLY B 1383 -29.98 -47.01 -48.48
N ILE B 1384 -31.23 -47.29 -48.79
CA ILE B 1384 -31.85 -48.60 -48.52
C ILE B 1384 -32.44 -49.16 -49.80
N GLN B 1385 -32.26 -50.47 -50.00
CA GLN B 1385 -32.94 -51.29 -51.01
C GLN B 1385 -33.77 -52.34 -50.27
N ILE B 1386 -34.89 -52.74 -50.84
CA ILE B 1386 -35.63 -53.95 -50.42
C ILE B 1386 -35.38 -55.03 -51.47
N ILE B 1387 -34.86 -56.18 -51.06
CA ILE B 1387 -34.61 -57.31 -51.99
C ILE B 1387 -35.44 -58.48 -51.51
N MET B 1388 -35.93 -59.27 -52.47
CA MET B 1388 -36.70 -60.48 -52.17
C MET B 1388 -36.56 -61.50 -53.32
N GLN B 1389 -36.91 -62.75 -53.02
CA GLN B 1389 -37.16 -63.80 -54.01
C GLN B 1389 -38.05 -63.22 -55.11
N ALA B 1390 -37.65 -63.32 -56.37
CA ALA B 1390 -38.48 -62.92 -57.52
C ALA B 1390 -39.83 -63.61 -57.39
N ASP B 1391 -39.84 -64.86 -56.99
CA ASP B 1391 -41.08 -65.68 -56.91
C ASP B 1391 -42.06 -64.99 -55.95
N LEU B 1392 -41.55 -64.41 -54.87
CA LEU B 1392 -42.35 -63.68 -53.88
C LEU B 1392 -42.78 -62.34 -54.48
N ALA B 1393 -41.86 -61.62 -55.11
CA ALA B 1393 -42.16 -60.29 -55.70
C ALA B 1393 -43.37 -60.45 -56.64
N LEU B 1394 -43.34 -61.47 -57.50
CA LEU B 1394 -44.42 -61.72 -58.48
C LEU B 1394 -45.70 -62.03 -57.70
N LYS B 1395 -45.64 -62.91 -56.72
CA LYS B 1395 -46.81 -63.31 -55.90
C LYS B 1395 -47.42 -62.09 -55.24
N MET B 1396 -46.60 -61.23 -54.65
CA MET B 1396 -47.06 -60.06 -53.87
C MET B 1396 -47.53 -58.95 -54.84
N GLY B 1397 -47.11 -59.00 -56.10
CA GLY B 1397 -47.37 -57.91 -57.05
C GLY B 1397 -46.74 -56.61 -56.59
N VAL B 1398 -45.46 -56.64 -56.24
CA VAL B 1398 -44.67 -55.43 -55.95
C VAL B 1398 -43.85 -55.12 -57.19
N PRO B 1399 -43.46 -53.85 -57.40
CA PRO B 1399 -42.63 -53.50 -58.53
C PRO B 1399 -41.27 -54.19 -58.44
N ILE B 1400 -40.63 -54.40 -59.58
CA ILE B 1400 -39.31 -55.08 -59.71
C ILE B 1400 -38.40 -54.19 -60.56
N TYR B 1401 -37.43 -53.53 -59.92
CA TYR B 1401 -36.62 -52.46 -60.53
C TYR B 1401 -35.36 -53.06 -61.16
N GLY B 1402 -34.98 -54.27 -60.73
CA GLY B 1402 -33.73 -54.87 -61.20
C GLY B 1402 -33.51 -56.25 -60.60
N ILE B 1403 -32.70 -57.06 -61.28
CA ILE B 1403 -32.25 -58.38 -60.77
C ILE B 1403 -30.85 -58.19 -60.19
N VAL B 1404 -30.63 -58.62 -58.95
CA VAL B 1404 -29.26 -58.64 -58.38
C VAL B 1404 -28.61 -59.93 -58.91
N ALA B 1405 -27.88 -59.82 -59.99
CA ALA B 1405 -27.30 -60.98 -60.71
C ALA B 1405 -26.06 -61.49 -59.97
N MET B 1406 -25.35 -60.62 -59.28
CA MET B 1406 -24.08 -60.97 -58.62
C MET B 1406 -23.81 -59.97 -57.49
N ALA B 1407 -23.15 -60.40 -56.44
CA ALA B 1407 -22.67 -59.53 -55.35
C ALA B 1407 -21.50 -60.23 -54.66
N ALA B 1408 -20.32 -59.61 -54.65
CA ALA B 1408 -19.08 -60.25 -54.17
C ALA B 1408 -18.22 -59.23 -53.41
N THR B 1409 -17.38 -59.71 -52.50
CA THR B 1409 -16.39 -58.93 -51.74
C THR B 1409 -15.01 -59.56 -51.89
N ALA B 1410 -13.95 -58.77 -51.86
CA ALA B 1410 -12.58 -59.32 -51.92
C ALA B 1410 -11.59 -58.43 -51.17
N THR B 1411 -10.76 -59.07 -50.35
CA THR B 1411 -9.48 -58.53 -49.83
C THR B 1411 -8.46 -58.56 -50.96
N ASP B 1412 -7.27 -58.02 -50.74
CA ASP B 1412 -6.24 -57.80 -51.78
C ASP B 1412 -5.08 -58.75 -51.53
N LYS B 1413 -4.14 -58.38 -50.65
CA LYS B 1413 -2.86 -59.10 -50.47
C LYS B 1413 -2.08 -58.53 -49.28
N ILE B 1414 -0.92 -59.11 -48.99
CA ILE B 1414 0.04 -58.58 -48.00
C ILE B 1414 0.21 -57.10 -48.30
N GLY B 1415 0.26 -56.25 -47.28
CA GLY B 1415 0.37 -54.80 -47.45
C GLY B 1415 0.66 -54.11 -46.15
N ARG B 1416 0.96 -52.79 -46.19
CA ARG B 1416 1.18 -52.00 -44.95
C ARG B 1416 0.37 -50.70 -44.98
N SER B 1417 -0.45 -50.47 -46.01
CA SER B 1417 -1.32 -49.28 -46.11
C SER B 1417 -2.78 -49.68 -46.14
N VAL B 1418 -3.43 -49.63 -44.98
CA VAL B 1418 -4.88 -49.97 -44.83
C VAL B 1418 -5.73 -49.25 -45.87
N PRO B 1419 -5.53 -47.94 -46.12
CA PRO B 1419 -6.46 -47.22 -46.99
C PRO B 1419 -6.19 -47.33 -48.50
N ALA B 1420 -5.12 -48.02 -48.89
CA ALA B 1420 -4.70 -48.19 -50.31
C ALA B 1420 -5.69 -49.12 -50.98
N PRO B 1421 -6.27 -48.76 -52.14
CA PRO B 1421 -7.24 -49.61 -52.82
C PRO B 1421 -6.46 -50.62 -53.67
N GLY B 1422 -7.01 -51.82 -53.88
CA GLY B 1422 -6.34 -52.92 -54.57
C GLY B 1422 -7.25 -53.65 -55.54
N LYS B 1423 -6.82 -54.81 -56.01
CA LYS B 1423 -7.40 -55.48 -57.20
C LYS B 1423 -7.99 -56.84 -56.88
N GLY B 1424 -8.19 -57.17 -55.61
CA GLY B 1424 -8.76 -58.48 -55.24
C GLY B 1424 -10.06 -58.77 -56.00
N ILE B 1425 -10.87 -57.75 -56.24
CA ILE B 1425 -12.23 -57.93 -56.81
C ILE B 1425 -12.08 -58.32 -58.29
N LEU B 1426 -10.89 -58.16 -58.90
CA LEU B 1426 -10.55 -58.72 -60.24
C LEU B 1426 -10.97 -60.18 -60.30
N THR B 1427 -10.94 -60.87 -59.17
CA THR B 1427 -11.23 -62.33 -59.09
C THR B 1427 -12.65 -62.62 -59.59
N THR B 1428 -13.59 -61.68 -59.55
CA THR B 1428 -14.97 -61.93 -60.04
C THR B 1428 -14.94 -62.33 -61.51
N ALA B 1429 -13.89 -61.98 -62.25
CA ALA B 1429 -13.74 -62.30 -63.69
C ALA B 1429 -12.83 -63.51 -63.88
N ARG B 1430 -12.49 -64.23 -62.83
CA ARG B 1430 -11.52 -65.35 -62.98
C ARG B 1430 -12.13 -66.42 -63.86
N GLU B 1431 -11.42 -66.86 -64.89
CA GLU B 1431 -11.78 -68.12 -65.54
C GLU B 1431 -10.57 -68.70 -66.30
N HIS B 1432 -10.68 -69.98 -66.62
CA HIS B 1432 -9.54 -70.86 -66.96
C HIS B 1432 -9.51 -71.10 -68.47
N HIS B 1433 -8.47 -70.61 -69.14
CA HIS B 1433 -8.37 -70.57 -70.62
C HIS B 1433 -7.37 -71.60 -71.14
N SER B 1434 -6.93 -72.56 -70.36
CA SER B 1434 -5.87 -73.51 -70.82
C SER B 1434 -6.43 -74.37 -71.96
N SER B 1435 -7.71 -74.68 -71.87
CA SER B 1435 -8.44 -75.59 -72.79
C SER B 1435 -9.79 -74.96 -73.10
N VAL B 1436 -9.93 -74.48 -74.34
CA VAL B 1436 -10.92 -73.44 -74.73
C VAL B 1436 -11.13 -73.47 -76.24
N LYS B 1437 -10.65 -74.50 -76.91
CA LYS B 1437 -10.65 -74.61 -78.39
C LYS B 1437 -12.08 -74.82 -78.89
N TYR B 1438 -12.90 -75.58 -78.16
CA TYR B 1438 -14.28 -75.94 -78.58
C TYR B 1438 -15.28 -75.48 -77.51
N ALA B 1439 -16.35 -74.82 -77.96
CA ALA B 1439 -17.40 -74.21 -77.11
C ALA B 1439 -17.94 -75.23 -76.12
N SER B 1440 -18.45 -74.74 -75.00
CA SER B 1440 -18.84 -75.51 -73.80
C SER B 1440 -20.36 -75.60 -73.75
N PRO B 1441 -20.93 -76.81 -73.84
CA PRO B 1441 -22.37 -76.99 -73.75
C PRO B 1441 -22.99 -76.26 -72.55
N ASN B 1442 -22.28 -76.22 -71.42
CA ASN B 1442 -22.77 -75.66 -70.13
C ASN B 1442 -23.15 -74.20 -70.31
N LEU B 1443 -22.50 -73.50 -71.24
CA LEU B 1443 -22.77 -72.05 -71.51
C LEU B 1443 -23.95 -71.90 -72.47
N ASN B 1444 -24.40 -72.99 -73.10
CA ASN B 1444 -25.45 -72.97 -74.16
C ASN B 1444 -26.81 -73.27 -73.50
N MET B 1445 -27.69 -72.28 -73.45
CA MET B 1445 -28.96 -72.35 -72.67
C MET B 1445 -29.87 -73.44 -73.25
N LYS B 1446 -29.83 -73.68 -74.56
CA LYS B 1446 -30.65 -74.76 -75.19
C LYS B 1446 -30.29 -76.11 -74.56
N TYR B 1447 -29.00 -76.36 -74.35
CA TYR B 1447 -28.46 -77.61 -73.75
C TYR B 1447 -28.98 -77.71 -72.32
N ARG B 1448 -28.74 -76.68 -71.52
CA ARG B 1448 -29.14 -76.64 -70.11
C ARG B 1448 -30.63 -76.96 -70.04
N LYS B 1449 -31.42 -76.37 -70.93
CA LYS B 1449 -32.91 -76.49 -70.92
C LYS B 1449 -33.27 -77.96 -71.22
N ARG B 1450 -32.73 -78.50 -72.31
CA ARG B 1450 -32.91 -79.92 -72.73
C ARG B 1450 -32.67 -80.82 -71.51
N GLN B 1451 -31.61 -80.55 -70.76
CA GLN B 1451 -31.20 -81.39 -69.59
C GLN B 1451 -32.26 -81.26 -68.50
N LEU B 1452 -32.83 -80.08 -68.32
CA LEU B 1452 -33.92 -79.86 -67.33
C LEU B 1452 -35.15 -80.67 -67.73
N VAL B 1453 -35.52 -80.67 -69.02
CA VAL B 1453 -36.77 -81.33 -69.47
C VAL B 1453 -36.66 -82.85 -69.22
N THR B 1454 -35.47 -83.42 -69.41
CA THR B 1454 -35.16 -84.82 -69.04
C THR B 1454 -35.45 -84.98 -67.55
N ARG B 1455 -34.88 -84.10 -66.73
CA ARG B 1455 -35.00 -84.16 -65.25
C ARG B 1455 -36.49 -84.03 -64.89
N GLU B 1456 -37.23 -83.14 -65.58
CA GLU B 1456 -38.67 -82.86 -65.31
C GLU B 1456 -39.46 -84.16 -65.52
N ALA B 1457 -39.18 -84.87 -66.60
CA ALA B 1457 -39.81 -86.16 -66.97
C ALA B 1457 -39.49 -87.24 -65.92
N GLN B 1458 -38.28 -87.22 -65.35
CA GLN B 1458 -37.88 -88.18 -64.29
C GLN B 1458 -38.71 -87.92 -63.03
N ILE B 1459 -38.99 -86.65 -62.72
CA ILE B 1459 -39.81 -86.23 -61.53
C ILE B 1459 -41.28 -86.60 -61.76
N LYS B 1460 -41.81 -86.35 -62.95
CA LYS B 1460 -43.14 -86.85 -63.40
C LYS B 1460 -43.25 -88.33 -62.96
N ASP B 1461 -42.30 -89.17 -63.38
CA ASP B 1461 -42.31 -90.63 -63.10
C ASP B 1461 -42.18 -90.83 -61.59
N TRP B 1462 -41.32 -90.07 -60.92
CA TRP B 1462 -41.05 -90.20 -59.47
C TRP B 1462 -42.35 -90.09 -58.69
N VAL B 1463 -43.17 -89.08 -59.01
CA VAL B 1463 -44.43 -88.76 -58.29
C VAL B 1463 -45.43 -89.88 -58.55
N GLU B 1464 -45.57 -90.30 -59.82
CA GLU B 1464 -46.44 -91.45 -60.20
C GLU B 1464 -46.14 -92.62 -59.24
N ASN B 1465 -44.87 -93.00 -59.14
CA ASN B 1465 -44.41 -94.18 -58.36
C ASN B 1465 -44.76 -93.98 -56.89
N GLU B 1466 -44.59 -92.77 -56.37
CA GLU B 1466 -44.79 -92.48 -54.93
C GLU B 1466 -46.28 -92.56 -54.59
N LEU B 1467 -47.17 -92.16 -55.51
CA LEU B 1467 -48.64 -92.25 -55.32
C LEU B 1467 -49.07 -93.72 -55.35
N GLU B 1468 -48.61 -94.46 -56.35
CA GLU B 1468 -48.89 -95.91 -56.52
C GLU B 1468 -48.48 -96.64 -55.23
N ALA B 1469 -47.33 -96.30 -54.64
CA ALA B 1469 -46.80 -96.92 -53.41
C ALA B 1469 -47.68 -96.52 -52.21
N LEU B 1470 -48.07 -95.24 -52.15
CA LEU B 1470 -48.90 -94.66 -51.06
C LEU B 1470 -50.26 -95.36 -51.05
N LYS B 1471 -50.83 -95.59 -52.23
CA LYS B 1471 -52.11 -96.32 -52.39
C LYS B 1471 -52.01 -97.66 -51.66
N LEU B 1472 -50.94 -98.42 -51.91
CA LEU B 1472 -50.70 -99.77 -51.35
C LEU B 1472 -50.57 -99.69 -49.84
N GLU B 1473 -49.83 -98.72 -49.32
CA GLU B 1473 -49.67 -98.52 -47.86
C GLU B 1473 -51.04 -98.26 -47.21
N ALA B 1474 -51.90 -97.48 -47.89
CA ALA B 1474 -53.21 -97.03 -47.40
C ALA B 1474 -54.19 -98.20 -47.34
N GLU B 1475 -54.04 -99.19 -48.23
CA GLU B 1475 -54.87 -100.42 -48.23
C GLU B 1475 -54.68 -101.16 -46.89
N GLU B 1476 -53.54 -100.96 -46.21
CA GLU B 1476 -53.18 -101.67 -44.95
C GLU B 1476 -53.63 -100.86 -43.72
N ILE B 1477 -54.07 -99.61 -43.89
CA ILE B 1477 -54.52 -98.70 -42.79
C ILE B 1477 -56.02 -98.86 -42.60
N PRO B 1478 -56.51 -98.95 -41.34
CA PRO B 1478 -57.96 -98.97 -41.04
C PRO B 1478 -58.74 -97.86 -41.77
N SER B 1479 -59.89 -98.19 -42.35
CA SER B 1479 -60.63 -97.29 -43.30
C SER B 1479 -61.09 -95.99 -42.60
N GLU B 1480 -61.38 -96.00 -41.29
CA GLU B 1480 -61.85 -94.77 -40.58
C GLU B 1480 -60.75 -93.69 -40.59
N ASP B 1481 -59.50 -94.09 -40.39
CA ASP B 1481 -58.24 -93.29 -40.36
C ASP B 1481 -57.55 -93.14 -41.73
N GLN B 1482 -58.09 -93.76 -42.77
CA GLN B 1482 -57.45 -93.88 -44.10
C GLN B 1482 -57.31 -92.51 -44.75
N ASN B 1483 -58.30 -91.64 -44.59
CA ASN B 1483 -58.30 -90.29 -45.21
C ASN B 1483 -57.19 -89.45 -44.56
N GLU B 1484 -57.08 -89.46 -43.23
CA GLU B 1484 -56.11 -88.59 -42.49
C GLU B 1484 -54.69 -88.96 -42.94
N PHE B 1485 -54.37 -90.25 -43.00
CA PHE B 1485 -53.08 -90.82 -43.47
C PHE B 1485 -52.77 -90.31 -44.88
N LEU B 1486 -53.74 -90.42 -45.79
CA LEU B 1486 -53.60 -89.99 -47.19
C LEU B 1486 -53.36 -88.48 -47.25
N LEU B 1487 -54.08 -87.68 -46.46
CA LEU B 1487 -53.96 -86.20 -46.48
C LEU B 1487 -52.52 -85.78 -46.15
N GLU B 1488 -52.00 -86.32 -45.04
CA GLU B 1488 -50.65 -86.01 -44.50
C GLU B 1488 -49.59 -86.37 -45.51
N ARG B 1489 -49.69 -87.57 -46.07
CA ARG B 1489 -48.61 -88.18 -46.84
C ARG B 1489 -48.59 -87.59 -48.26
N THR B 1490 -49.77 -87.24 -48.80
CA THR B 1490 -49.93 -86.66 -50.17
C THR B 1490 -49.31 -85.27 -50.19
N ARG B 1491 -49.50 -84.54 -49.09
CA ARG B 1491 -48.95 -83.17 -48.91
C ARG B 1491 -47.43 -83.26 -48.93
N GLU B 1492 -46.86 -84.27 -48.26
CA GLU B 1492 -45.39 -84.48 -48.19
C GLU B 1492 -44.84 -84.79 -49.59
N ILE B 1493 -45.55 -85.59 -50.38
CA ILE B 1493 -45.11 -85.99 -51.74
C ILE B 1493 -45.09 -84.75 -52.63
N HIS B 1494 -46.10 -83.89 -52.48
CA HIS B 1494 -46.20 -82.59 -53.20
C HIS B 1494 -44.96 -81.73 -52.89
N ASN B 1495 -44.64 -81.57 -51.61
CA ASN B 1495 -43.41 -80.89 -51.10
C ASN B 1495 -42.16 -81.41 -51.82
N GLU B 1496 -41.95 -82.73 -51.80
CA GLU B 1496 -40.71 -83.36 -52.30
C GLU B 1496 -40.68 -83.20 -53.83
N ALA B 1497 -41.84 -83.11 -54.46
CA ALA B 1497 -41.95 -82.89 -55.93
C ALA B 1497 -41.53 -81.45 -56.23
N GLU B 1498 -41.97 -80.50 -55.43
CA GLU B 1498 -41.59 -79.08 -55.60
C GLU B 1498 -40.07 -78.96 -55.39
N SER B 1499 -39.54 -79.50 -54.29
CA SER B 1499 -38.08 -79.55 -54.01
C SER B 1499 -37.34 -80.02 -55.27
N GLN B 1500 -37.76 -81.15 -55.80
CA GLN B 1500 -37.04 -81.83 -56.90
C GLN B 1500 -37.08 -80.94 -58.14
N LEU B 1501 -38.24 -80.36 -58.46
CA LEU B 1501 -38.38 -79.49 -59.64
C LEU B 1501 -37.42 -78.31 -59.48
N ARG B 1502 -37.51 -77.61 -58.35
CA ARG B 1502 -36.78 -76.34 -58.12
C ARG B 1502 -35.27 -76.62 -58.06
N ALA B 1503 -34.88 -77.75 -57.47
CA ALA B 1503 -33.48 -78.21 -57.40
C ALA B 1503 -32.91 -78.37 -58.80
N ALA B 1504 -33.74 -78.89 -59.72
CA ALA B 1504 -33.35 -79.17 -61.12
C ALA B 1504 -33.19 -77.84 -61.86
N GLN B 1505 -34.14 -76.91 -61.65
CA GLN B 1505 -34.08 -75.55 -62.23
C GLN B 1505 -32.84 -74.88 -61.65
N GLN B 1506 -32.61 -75.06 -60.35
CA GLN B 1506 -31.47 -74.47 -59.61
C GLN B 1506 -30.17 -74.92 -60.29
N GLN B 1507 -30.06 -76.21 -60.54
CA GLN B 1507 -28.81 -76.82 -61.04
C GLN B 1507 -28.54 -76.38 -62.49
N TRP B 1508 -29.55 -76.33 -63.35
CA TRP B 1508 -29.39 -76.13 -64.81
C TRP B 1508 -29.63 -74.67 -65.24
N GLY B 1509 -30.38 -73.91 -64.43
CA GLY B 1509 -30.82 -72.55 -64.78
C GLY B 1509 -30.00 -71.50 -64.08
N ASN B 1510 -29.77 -71.68 -62.77
CA ASN B 1510 -29.25 -70.66 -61.83
C ASN B 1510 -27.77 -70.87 -61.52
N ASP B 1511 -27.38 -72.10 -61.14
CA ASP B 1511 -26.06 -72.44 -60.55
C ASP B 1511 -25.18 -73.24 -61.52
N PHE B 1512 -25.48 -73.25 -62.81
CA PHE B 1512 -24.74 -74.10 -63.78
C PHE B 1512 -23.25 -73.75 -63.81
N TYR B 1513 -22.86 -72.52 -63.55
CA TYR B 1513 -21.47 -72.03 -63.78
C TYR B 1513 -20.62 -72.12 -62.50
N LYS B 1514 -21.27 -72.40 -61.36
CA LYS B 1514 -20.65 -72.25 -60.01
C LYS B 1514 -19.45 -73.17 -59.91
N ARG B 1515 -19.49 -74.32 -60.58
CA ARG B 1515 -18.43 -75.36 -60.45
C ARG B 1515 -17.67 -75.48 -61.78
N ASP B 1516 -17.99 -74.69 -62.81
CA ASP B 1516 -17.32 -74.75 -64.14
C ASP B 1516 -16.20 -73.71 -64.11
N PRO B 1517 -14.92 -74.12 -64.05
CA PRO B 1517 -13.82 -73.17 -64.03
C PRO B 1517 -13.65 -72.42 -65.34
N ARG B 1518 -14.45 -72.73 -66.37
CA ARG B 1518 -14.36 -72.03 -67.68
C ARG B 1518 -15.38 -70.91 -67.73
N ILE B 1519 -16.25 -70.79 -66.73
CA ILE B 1519 -17.26 -69.69 -66.64
C ILE B 1519 -17.01 -68.89 -65.36
N ALA B 1520 -16.57 -67.64 -65.55
CA ALA B 1520 -16.30 -66.67 -64.48
C ALA B 1520 -17.61 -66.31 -63.81
N PRO B 1521 -17.61 -66.04 -62.49
CA PRO B 1521 -18.82 -65.64 -61.79
C PRO B 1521 -19.54 -64.48 -62.48
N LEU B 1522 -18.77 -63.53 -63.01
CA LEU B 1522 -19.27 -62.32 -63.71
C LEU B 1522 -19.99 -62.75 -64.99
N ARG B 1523 -19.38 -63.63 -65.76
CA ARG B 1523 -19.94 -64.10 -67.04
C ARG B 1523 -21.16 -64.96 -66.76
N GLY B 1524 -21.09 -65.82 -65.76
CA GLY B 1524 -22.20 -66.68 -65.32
C GLY B 1524 -23.42 -65.86 -64.94
N ALA B 1525 -23.23 -64.86 -64.09
CA ALA B 1525 -24.31 -63.99 -63.60
C ALA B 1525 -25.14 -63.48 -64.77
N LEU B 1526 -24.48 -63.06 -65.83
CA LEU B 1526 -25.09 -62.48 -67.06
C LEU B 1526 -25.67 -63.60 -67.94
N ALA B 1527 -24.89 -64.65 -68.14
CA ALA B 1527 -25.25 -65.83 -68.98
C ALA B 1527 -26.54 -66.47 -68.47
N THR B 1528 -26.89 -66.34 -67.18
CA THR B 1528 -28.09 -67.07 -66.66
C THR B 1528 -29.35 -66.52 -67.34
N TYR B 1529 -29.36 -65.23 -67.71
CA TYR B 1529 -30.49 -64.52 -68.38
C TYR B 1529 -30.22 -64.44 -69.89
N GLY B 1530 -29.14 -65.06 -70.35
CA GLY B 1530 -28.81 -65.14 -71.79
C GLY B 1530 -28.03 -63.95 -72.28
N LEU B 1531 -27.42 -63.17 -71.39
CA LEU B 1531 -26.59 -61.98 -71.74
C LEU B 1531 -25.12 -62.39 -71.84
N THR B 1532 -24.41 -61.80 -72.78
CA THR B 1532 -22.95 -61.97 -72.96
C THR B 1532 -22.22 -60.89 -72.16
N ILE B 1533 -20.90 -60.99 -72.11
CA ILE B 1533 -20.04 -60.03 -71.39
C ILE B 1533 -20.20 -58.67 -72.04
N ASP B 1534 -20.54 -58.60 -73.33
CA ASP B 1534 -20.69 -57.32 -74.07
C ASP B 1534 -21.97 -56.60 -73.67
N ASP B 1535 -22.90 -57.25 -72.98
CA ASP B 1535 -24.22 -56.65 -72.68
C ASP B 1535 -24.12 -55.72 -71.48
N LEU B 1536 -23.06 -55.83 -70.69
CA LEU B 1536 -22.78 -54.98 -69.49
C LEU B 1536 -22.44 -53.56 -69.96
N GLY B 1537 -23.43 -52.68 -70.03
CA GLY B 1537 -23.33 -51.43 -70.79
C GLY B 1537 -22.65 -50.35 -69.98
N VAL B 1538 -22.86 -50.36 -68.66
CA VAL B 1538 -22.56 -49.25 -67.72
C VAL B 1538 -21.79 -49.81 -66.53
N ALA B 1539 -20.70 -49.14 -66.15
CA ALA B 1539 -20.05 -49.34 -64.84
C ALA B 1539 -20.25 -48.08 -64.01
N SER B 1540 -21.12 -48.12 -62.99
CA SER B 1540 -21.17 -47.14 -61.87
C SER B 1540 -19.87 -47.37 -61.10
N PHE B 1541 -18.95 -46.41 -61.16
CA PHE B 1541 -17.64 -46.42 -60.46
C PHE B 1541 -17.82 -45.82 -59.07
N HIS B 1542 -17.12 -46.40 -58.11
CA HIS B 1542 -16.88 -45.78 -56.78
C HIS B 1542 -16.40 -44.35 -57.01
N GLY B 1543 -15.33 -44.20 -57.79
CA GLY B 1543 -14.87 -42.93 -58.36
C GLY B 1543 -14.99 -41.81 -57.35
N THR B 1544 -14.06 -41.79 -56.38
CA THR B 1544 -14.10 -40.91 -55.20
C THR B 1544 -13.38 -39.58 -55.48
N SER B 1545 -12.59 -39.54 -56.53
CA SER B 1545 -11.83 -38.34 -56.96
C SER B 1545 -10.53 -38.24 -56.16
N THR B 1546 -10.01 -39.36 -55.68
CA THR B 1546 -8.60 -39.49 -55.22
C THR B 1546 -7.74 -40.01 -56.37
N LYS B 1547 -6.44 -39.72 -56.37
CA LYS B 1547 -5.53 -40.17 -57.45
C LYS B 1547 -5.59 -41.71 -57.47
N ALA B 1548 -5.37 -42.32 -56.31
CA ALA B 1548 -5.21 -43.77 -56.13
C ALA B 1548 -6.44 -44.53 -56.63
N ASN B 1549 -7.63 -44.12 -56.24
CA ASN B 1549 -8.86 -44.94 -56.39
C ASN B 1549 -9.23 -45.06 -57.85
N ASP B 1550 -9.38 -43.91 -58.51
CA ASP B 1550 -9.98 -43.79 -59.86
C ASP B 1550 -9.09 -44.53 -60.85
N LYS B 1551 -7.78 -44.55 -60.63
CA LYS B 1551 -6.88 -45.29 -61.54
C LYS B 1551 -7.00 -46.78 -61.26
N ASN B 1552 -6.85 -47.19 -60.00
CA ASN B 1552 -6.97 -48.61 -59.60
C ASN B 1552 -8.28 -49.15 -60.15
N GLU B 1553 -9.39 -48.47 -59.88
CA GLU B 1553 -10.74 -48.95 -60.28
C GLU B 1553 -10.79 -49.11 -61.80
N SER B 1554 -10.41 -48.08 -62.54
CA SER B 1554 -10.35 -48.09 -64.03
C SER B 1554 -9.57 -49.31 -64.48
N ALA B 1555 -8.38 -49.55 -63.93
CA ALA B 1555 -7.51 -50.68 -64.28
C ALA B 1555 -8.22 -52.02 -63.97
N THR B 1556 -8.87 -52.18 -62.82
CA THR B 1556 -9.44 -53.50 -62.45
C THR B 1556 -10.67 -53.75 -63.35
N ILE B 1557 -11.55 -52.78 -63.59
CA ILE B 1557 -12.69 -52.93 -64.55
C ILE B 1557 -12.11 -53.32 -65.92
N ASN B 1558 -11.10 -52.58 -66.37
CA ASN B 1558 -10.53 -52.76 -67.73
C ASN B 1558 -10.02 -54.19 -67.86
N GLU B 1559 -9.42 -54.75 -66.81
CA GLU B 1559 -8.81 -56.09 -66.86
C GLU B 1559 -9.89 -57.17 -66.77
N MET B 1560 -10.96 -56.92 -66.02
CA MET B 1560 -12.14 -57.83 -65.98
C MET B 1560 -12.63 -58.02 -67.42
N MET B 1561 -12.83 -56.92 -68.13
CA MET B 1561 -13.37 -56.93 -69.51
C MET B 1561 -12.36 -57.62 -70.42
N LYS B 1562 -11.09 -57.24 -70.34
CA LYS B 1562 -10.06 -57.80 -71.25
C LYS B 1562 -10.03 -59.32 -71.08
N HIS B 1563 -10.08 -59.84 -69.85
CA HIS B 1563 -9.92 -61.29 -69.59
C HIS B 1563 -11.11 -62.08 -70.12
N LEU B 1564 -12.34 -61.56 -69.99
CA LEU B 1564 -13.57 -62.22 -70.43
C LEU B 1564 -13.85 -61.91 -71.91
N GLY B 1565 -12.86 -61.36 -72.62
CA GLY B 1565 -12.94 -61.17 -74.09
C GLY B 1565 -14.09 -60.28 -74.49
N ARG B 1566 -14.36 -59.22 -73.73
CA ARG B 1566 -15.18 -58.07 -74.17
C ARG B 1566 -14.68 -57.64 -75.55
N SER B 1567 -15.58 -57.29 -76.47
CA SER B 1567 -15.23 -56.90 -77.86
C SER B 1567 -14.39 -55.62 -77.87
N GLU B 1568 -13.27 -55.61 -78.60
CA GLU B 1568 -12.52 -54.37 -78.93
C GLU B 1568 -13.51 -53.34 -79.44
N GLY B 1569 -13.43 -52.09 -78.97
CA GLY B 1569 -14.30 -51.02 -79.46
C GLY B 1569 -15.64 -50.99 -78.71
N ASN B 1570 -15.86 -51.85 -77.73
CA ASN B 1570 -17.10 -51.84 -76.90
C ASN B 1570 -16.75 -51.57 -75.45
N PRO B 1571 -16.30 -50.36 -75.10
CA PRO B 1571 -15.94 -50.04 -73.72
C PRO B 1571 -17.20 -49.94 -72.85
N VAL B 1572 -17.09 -50.25 -71.55
CA VAL B 1572 -18.17 -49.94 -70.58
C VAL B 1572 -18.20 -48.42 -70.45
N ILE B 1573 -19.39 -47.87 -70.22
CA ILE B 1573 -19.58 -46.42 -70.01
C ILE B 1573 -19.61 -46.15 -68.52
N GLY B 1574 -18.65 -45.35 -68.04
CA GLY B 1574 -18.49 -45.04 -66.61
C GLY B 1574 -19.46 -44.00 -66.14
N VAL B 1575 -20.14 -44.24 -65.01
CA VAL B 1575 -20.82 -43.14 -64.28
C VAL B 1575 -20.08 -42.95 -62.95
N PHE B 1576 -19.89 -41.69 -62.55
CA PHE B 1576 -19.13 -41.30 -61.35
C PHE B 1576 -20.05 -40.45 -60.47
N GLN B 1577 -20.95 -41.09 -59.73
CA GLN B 1577 -22.10 -40.36 -59.13
C GLN B 1577 -21.60 -39.38 -58.07
N LYS B 1578 -20.45 -39.65 -57.47
CA LYS B 1578 -19.88 -38.84 -56.36
C LYS B 1578 -19.50 -37.43 -56.83
N PHE B 1579 -19.51 -37.12 -58.13
CA PHE B 1579 -19.23 -35.76 -58.62
C PHE B 1579 -20.31 -34.80 -58.10
N LEU B 1580 -21.50 -35.34 -57.93
CA LEU B 1580 -22.76 -34.64 -57.57
C LEU B 1580 -23.01 -34.76 -56.08
N THR B 1581 -22.92 -35.96 -55.52
CA THR B 1581 -23.33 -36.30 -54.15
C THR B 1581 -22.18 -36.13 -53.15
N GLY B 1582 -20.94 -36.23 -53.61
CA GLY B 1582 -19.80 -36.47 -52.72
C GLY B 1582 -19.89 -37.87 -52.16
N HIS B 1583 -18.99 -38.23 -51.25
CA HIS B 1583 -18.73 -39.61 -50.78
C HIS B 1583 -19.28 -39.78 -49.37
N PRO B 1584 -20.39 -40.51 -49.17
CA PRO B 1584 -20.95 -40.70 -47.85
C PRO B 1584 -20.48 -41.96 -47.12
N LYS B 1585 -19.27 -42.42 -47.42
CA LYS B 1585 -18.66 -43.59 -46.76
C LYS B 1585 -19.61 -44.79 -46.87
N GLY B 1586 -20.19 -45.28 -45.79
CA GLY B 1586 -21.00 -46.51 -45.78
C GLY B 1586 -22.05 -46.54 -46.88
N ALA B 1587 -22.80 -45.45 -47.02
CA ALA B 1587 -23.93 -45.31 -47.96
C ALA B 1587 -23.48 -45.22 -49.41
N ALA B 1588 -22.18 -45.13 -49.69
CA ALA B 1588 -21.66 -44.76 -51.02
C ALA B 1588 -22.28 -45.62 -52.10
N GLY B 1589 -22.29 -46.94 -51.84
CA GLY B 1589 -22.68 -47.97 -52.81
C GLY B 1589 -24.19 -48.09 -52.90
N ALA B 1590 -24.91 -47.72 -51.85
CA ALA B 1590 -26.39 -47.79 -51.85
C ALA B 1590 -26.93 -46.73 -52.79
N TRP B 1591 -26.33 -45.53 -52.77
CA TRP B 1591 -26.69 -44.45 -53.73
C TRP B 1591 -26.37 -44.91 -55.15
N MET B 1592 -25.24 -45.57 -55.37
CA MET B 1592 -24.80 -46.02 -56.72
C MET B 1592 -25.77 -47.05 -57.26
N MET B 1593 -26.23 -47.96 -56.38
CA MET B 1593 -27.23 -49.01 -56.69
C MET B 1593 -28.54 -48.31 -57.06
N ASN B 1594 -29.03 -47.40 -56.24
CA ASN B 1594 -30.26 -46.63 -56.56
C ASN B 1594 -30.11 -46.06 -57.97
N GLY B 1595 -28.94 -45.51 -58.29
CA GLY B 1595 -28.68 -44.89 -59.61
C GLY B 1595 -28.71 -45.94 -60.70
N ALA B 1596 -28.05 -47.07 -60.48
CA ALA B 1596 -27.98 -48.16 -61.47
C ALA B 1596 -29.40 -48.59 -61.82
N LEU B 1597 -30.27 -48.77 -60.82
CA LEU B 1597 -31.67 -49.19 -61.03
C LEU B 1597 -32.37 -48.15 -61.89
N GLN B 1598 -32.19 -46.87 -61.58
CA GLN B 1598 -32.83 -45.75 -62.32
C GLN B 1598 -32.31 -45.71 -63.76
N ILE B 1599 -31.04 -46.04 -63.96
CA ILE B 1599 -30.40 -46.10 -65.31
C ILE B 1599 -31.07 -47.22 -66.10
N LEU B 1600 -31.10 -48.42 -65.54
CA LEU B 1600 -31.70 -49.62 -66.19
C LEU B 1600 -33.12 -49.29 -66.65
N ASN B 1601 -33.93 -48.74 -65.75
CA ASN B 1601 -35.37 -48.53 -66.00
C ASN B 1601 -35.56 -47.35 -66.96
N SER B 1602 -34.72 -46.33 -66.95
CA SER B 1602 -34.86 -45.14 -67.80
C SER B 1602 -34.14 -45.31 -69.14
N GLY B 1603 -33.10 -46.14 -69.18
CA GLY B 1603 -32.17 -46.24 -70.32
C GLY B 1603 -31.33 -44.97 -70.49
N ILE B 1604 -31.24 -44.16 -69.44
CA ILE B 1604 -30.47 -42.88 -69.45
C ILE B 1604 -29.18 -43.09 -68.67
N ILE B 1605 -28.04 -42.82 -69.28
CA ILE B 1605 -26.71 -42.89 -68.62
C ILE B 1605 -26.29 -41.46 -68.32
N PRO B 1606 -26.30 -41.03 -67.05
CA PRO B 1606 -25.91 -39.67 -66.71
C PRO B 1606 -24.41 -39.45 -66.89
N GLY B 1607 -24.06 -38.24 -67.29
CA GLY B 1607 -22.67 -37.80 -67.50
C GLY B 1607 -22.05 -37.24 -66.24
N ASN B 1608 -20.78 -37.60 -66.00
CA ASN B 1608 -19.88 -36.95 -65.01
C ASN B 1608 -19.65 -35.50 -65.47
N ARG B 1609 -20.51 -34.60 -65.04
CA ARG B 1609 -20.48 -33.19 -65.48
C ARG B 1609 -19.23 -32.47 -64.98
N ASN B 1610 -18.45 -33.05 -64.06
CA ASN B 1610 -17.21 -32.42 -63.54
C ASN B 1610 -15.97 -33.02 -64.21
N ALA B 1611 -16.15 -33.93 -65.16
CA ALA B 1611 -15.05 -34.49 -65.98
C ALA B 1611 -14.57 -33.43 -66.96
N ASP B 1612 -13.87 -32.41 -66.47
CA ASP B 1612 -13.46 -31.27 -67.32
C ASP B 1612 -12.42 -31.80 -68.30
N ASN B 1613 -11.51 -32.62 -67.79
CA ASN B 1613 -10.43 -33.21 -68.62
C ASN B 1613 -10.09 -34.58 -68.07
N VAL B 1614 -10.17 -35.63 -68.90
CA VAL B 1614 -9.99 -37.02 -68.41
C VAL B 1614 -8.49 -37.30 -68.34
N ASP B 1615 -8.03 -37.81 -67.21
CA ASP B 1615 -6.60 -38.06 -66.91
C ASP B 1615 -6.01 -38.84 -68.08
N LYS B 1616 -5.00 -38.28 -68.73
CA LYS B 1616 -4.28 -38.92 -69.87
C LYS B 1616 -3.93 -40.36 -69.50
N ILE B 1617 -3.57 -40.60 -68.25
CA ILE B 1617 -3.16 -41.94 -67.76
C ILE B 1617 -4.27 -42.96 -68.03
N LEU B 1618 -5.53 -42.55 -68.11
CA LEU B 1618 -6.65 -43.50 -68.28
C LEU B 1618 -6.89 -43.83 -69.76
N GLU B 1619 -6.19 -43.21 -70.70
CA GLU B 1619 -6.38 -43.52 -72.15
C GLU B 1619 -6.04 -44.98 -72.36
N GLN B 1620 -5.07 -45.49 -71.58
CA GLN B 1620 -4.56 -46.87 -71.68
C GLN B 1620 -5.70 -47.87 -71.43
N PHE B 1621 -6.70 -47.52 -70.62
CA PHE B 1621 -7.82 -48.43 -70.31
C PHE B 1621 -8.87 -48.32 -71.42
N GLU B 1622 -8.65 -49.07 -72.49
CA GLU B 1622 -9.39 -48.96 -73.77
C GLU B 1622 -10.81 -49.49 -73.59
N TYR B 1623 -11.12 -50.22 -72.50
CA TYR B 1623 -12.46 -50.81 -72.28
C TYR B 1623 -13.31 -49.92 -71.36
N VAL B 1624 -12.88 -48.67 -71.15
CA VAL B 1624 -13.64 -47.69 -70.31
C VAL B 1624 -13.81 -46.38 -71.08
N LEU B 1625 -15.02 -45.85 -71.09
CA LEU B 1625 -15.38 -44.55 -71.72
C LEU B 1625 -15.82 -43.65 -70.58
N TYR B 1626 -15.35 -42.41 -70.55
CA TYR B 1626 -15.56 -41.44 -69.45
C TYR B 1626 -16.41 -40.30 -69.99
N PRO B 1627 -17.76 -40.42 -70.02
CA PRO B 1627 -18.60 -39.39 -70.60
C PRO B 1627 -18.74 -38.23 -69.61
N SER B 1628 -18.81 -37.02 -70.16
CA SER B 1628 -19.03 -35.73 -69.45
C SER B 1628 -20.49 -35.32 -69.52
N LYS B 1629 -21.31 -35.93 -70.38
CA LYS B 1629 -22.72 -35.55 -70.55
C LYS B 1629 -23.63 -36.77 -70.70
N THR B 1630 -24.89 -36.60 -70.30
CA THR B 1630 -25.94 -37.64 -70.30
C THR B 1630 -26.18 -38.15 -71.73
N LEU B 1631 -26.34 -39.46 -71.91
CA LEU B 1631 -26.83 -40.09 -73.15
C LEU B 1631 -28.17 -40.75 -72.88
N LYS B 1632 -29.20 -40.39 -73.64
CA LYS B 1632 -30.44 -41.18 -73.70
C LYS B 1632 -30.16 -42.30 -74.70
N THR B 1633 -29.92 -43.51 -74.19
CA THR B 1633 -29.72 -44.74 -75.01
C THR B 1633 -31.09 -45.32 -75.34
N ASP B 1634 -31.13 -46.33 -76.20
CA ASP B 1634 -32.35 -47.12 -76.52
C ASP B 1634 -32.33 -48.38 -75.64
N GLY B 1635 -31.57 -48.37 -74.56
CA GLY B 1635 -31.68 -49.41 -73.50
C GLY B 1635 -30.34 -49.73 -72.88
N VAL B 1636 -30.38 -50.12 -71.59
CA VAL B 1636 -29.22 -50.62 -70.82
C VAL B 1636 -29.63 -51.95 -70.18
N ARG B 1637 -28.88 -53.02 -70.43
CA ARG B 1637 -29.26 -54.39 -70.03
C ARG B 1637 -28.69 -54.74 -68.66
N ALA B 1638 -27.50 -54.23 -68.33
CA ALA B 1638 -26.85 -54.56 -67.04
C ALA B 1638 -25.91 -53.45 -66.60
N VAL B 1639 -25.72 -53.30 -65.30
CA VAL B 1639 -24.84 -52.28 -64.68
C VAL B 1639 -23.92 -52.94 -63.66
N SER B 1640 -22.63 -52.61 -63.68
CA SER B 1640 -21.64 -52.97 -62.62
C SER B 1640 -21.52 -51.81 -61.63
N ILE B 1641 -21.75 -52.13 -60.36
CA ILE B 1641 -21.46 -51.29 -59.18
C ILE B 1641 -20.19 -51.82 -58.52
N THR B 1642 -19.15 -50.99 -58.40
CA THR B 1642 -17.84 -51.36 -57.81
C THR B 1642 -17.57 -50.45 -56.61
N SER B 1643 -17.13 -51.02 -55.48
CA SER B 1643 -16.80 -50.26 -54.25
C SER B 1643 -15.44 -50.70 -53.70
N PHE B 1644 -14.68 -49.76 -53.13
CA PHE B 1644 -13.36 -49.99 -52.51
C PHE B 1644 -13.33 -49.24 -51.17
N GLY B 1645 -13.15 -49.93 -50.06
CA GLY B 1645 -13.15 -49.32 -48.74
C GLY B 1645 -11.82 -49.52 -48.04
N PHE B 1646 -11.54 -48.70 -47.02
CA PHE B 1646 -10.37 -48.86 -46.14
C PHE B 1646 -10.40 -50.31 -45.63
N GLY B 1647 -9.24 -50.96 -45.58
CA GLY B 1647 -9.10 -52.29 -44.95
C GLY B 1647 -9.41 -53.39 -45.94
N GLN B 1648 -9.01 -53.15 -47.19
CA GLN B 1648 -9.12 -54.03 -48.36
C GLN B 1648 -10.58 -54.48 -48.55
N LYS B 1649 -11.57 -53.60 -48.43
CA LYS B 1649 -12.97 -53.98 -48.70
C LYS B 1649 -13.26 -53.74 -50.18
N GLY B 1650 -13.02 -54.73 -51.01
CA GLY B 1650 -13.45 -54.72 -52.41
C GLY B 1650 -14.87 -55.22 -52.54
N GLY B 1651 -15.61 -54.72 -53.52
CA GLY B 1651 -17.01 -55.12 -53.77
C GLY B 1651 -17.39 -54.96 -55.24
N GLN B 1652 -18.16 -55.89 -55.79
CA GLN B 1652 -18.84 -55.70 -57.09
C GLN B 1652 -20.25 -56.26 -56.95
N ALA B 1653 -21.26 -55.54 -57.42
CA ALA B 1653 -22.60 -56.09 -57.71
C ALA B 1653 -22.86 -55.91 -59.20
N ILE B 1654 -23.52 -56.90 -59.82
CA ILE B 1654 -24.08 -56.76 -61.18
C ILE B 1654 -25.59 -56.69 -61.05
N VAL B 1655 -26.19 -55.67 -61.64
CA VAL B 1655 -27.67 -55.53 -61.68
C VAL B 1655 -28.10 -55.69 -63.13
N VAL B 1656 -29.03 -56.61 -63.39
CA VAL B 1656 -29.57 -56.90 -64.74
C VAL B 1656 -30.96 -56.28 -64.84
N HIS B 1657 -31.30 -55.75 -66.02
CA HIS B 1657 -32.61 -55.11 -66.34
C HIS B 1657 -33.73 -56.05 -65.93
N PRO B 1658 -34.79 -55.56 -65.26
CA PRO B 1658 -35.80 -56.44 -64.71
C PRO B 1658 -36.64 -57.16 -65.75
N ASP B 1659 -36.78 -56.62 -66.96
CA ASP B 1659 -37.60 -57.22 -68.03
C ASP B 1659 -37.03 -58.61 -68.41
N TYR B 1660 -35.79 -58.95 -68.01
CA TYR B 1660 -35.23 -60.29 -68.30
C TYR B 1660 -35.90 -61.33 -67.40
N LEU B 1661 -36.56 -60.90 -66.33
CA LEU B 1661 -37.21 -61.85 -65.40
C LEU B 1661 -38.44 -62.45 -66.08
N TYR B 1662 -39.24 -61.61 -66.74
CA TYR B 1662 -40.61 -61.97 -67.20
C TYR B 1662 -40.52 -63.01 -68.33
N GLY B 1663 -39.37 -63.08 -68.99
CA GLY B 1663 -39.07 -64.18 -69.92
C GLY B 1663 -39.27 -65.57 -69.33
N ALA B 1664 -39.12 -65.70 -68.01
CA ALA B 1664 -39.09 -66.99 -67.28
C ALA B 1664 -40.50 -67.50 -66.99
N ILE B 1665 -41.50 -66.63 -66.96
CA ILE B 1665 -42.88 -67.02 -66.53
C ILE B 1665 -43.83 -67.07 -67.73
N THR B 1666 -45.01 -67.61 -67.51
CA THR B 1666 -46.09 -67.72 -68.52
C THR B 1666 -46.82 -66.39 -68.67
N GLU B 1667 -47.44 -66.20 -69.83
CA GLU B 1667 -48.28 -65.01 -70.12
C GLU B 1667 -49.34 -64.85 -69.03
N ASP B 1668 -50.07 -65.91 -68.70
CA ASP B 1668 -51.08 -65.88 -67.62
C ASP B 1668 -50.49 -65.28 -66.37
N ARG B 1669 -49.35 -65.78 -65.91
CA ARG B 1669 -48.79 -65.36 -64.61
C ARG B 1669 -48.37 -63.88 -64.66
N TYR B 1670 -47.73 -63.49 -65.77
CA TYR B 1670 -47.28 -62.10 -66.00
C TYR B 1670 -48.47 -61.16 -65.92
N ASN B 1671 -49.53 -61.47 -66.65
CA ASN B 1671 -50.73 -60.61 -66.74
C ASN B 1671 -51.34 -60.44 -65.35
N GLU B 1672 -51.31 -61.48 -64.53
CA GLU B 1672 -51.88 -61.44 -63.16
C GLU B 1672 -51.07 -60.47 -62.32
N TYR B 1673 -49.74 -60.58 -62.40
CA TYR B 1673 -48.74 -59.71 -61.74
C TYR B 1673 -48.97 -58.26 -62.17
N VAL B 1674 -49.08 -58.02 -63.48
CA VAL B 1674 -49.23 -56.63 -64.01
C VAL B 1674 -50.46 -55.99 -63.37
N ALA B 1675 -51.57 -56.73 -63.29
CA ALA B 1675 -52.83 -56.28 -62.68
C ALA B 1675 -52.56 -55.91 -61.22
N LYS B 1676 -51.86 -56.78 -60.51
CA LYS B 1676 -51.70 -56.68 -59.04
C LYS B 1676 -50.81 -55.47 -58.72
N VAL B 1677 -49.70 -55.31 -59.46
CA VAL B 1677 -48.77 -54.16 -59.32
C VAL B 1677 -49.55 -52.87 -59.60
N SER B 1678 -50.30 -52.84 -60.69
CA SER B 1678 -51.05 -51.65 -61.12
C SER B 1678 -51.94 -51.15 -59.98
N ALA B 1679 -52.58 -52.06 -59.25
CA ALA B 1679 -53.45 -51.78 -58.09
C ALA B 1679 -52.63 -51.24 -56.94
N ARG B 1680 -51.54 -51.91 -56.62
CA ARG B 1680 -50.63 -51.57 -55.50
C ARG B 1680 -50.05 -50.18 -55.72
N GLU B 1681 -49.75 -49.85 -56.98
CA GLU B 1681 -49.10 -48.58 -57.36
C GLU B 1681 -50.08 -47.44 -57.08
N LYS B 1682 -51.34 -47.62 -57.46
CA LYS B 1682 -52.39 -46.59 -57.25
C LYS B 1682 -52.53 -46.34 -55.75
N SER B 1683 -52.40 -47.38 -54.94
CA SER B 1683 -52.54 -47.33 -53.46
C SER B 1683 -51.33 -46.66 -52.83
N ALA B 1684 -50.16 -46.88 -53.40
CA ALA B 1684 -48.89 -46.30 -52.93
C ALA B 1684 -48.93 -44.79 -53.20
N TYR B 1685 -49.38 -44.37 -54.38
CA TYR B 1685 -49.56 -42.94 -54.72
C TYR B 1685 -50.52 -42.32 -53.70
N LYS B 1686 -51.60 -43.02 -53.37
CA LYS B 1686 -52.60 -42.54 -52.39
C LYS B 1686 -51.88 -42.28 -51.06
N PHE B 1687 -51.10 -43.23 -50.61
CA PHE B 1687 -50.42 -43.21 -49.30
C PHE B 1687 -49.40 -42.08 -49.23
N PHE B 1688 -48.61 -41.96 -50.30
CA PHE B 1688 -47.43 -41.07 -50.41
C PHE B 1688 -47.89 -39.62 -50.29
N HIS B 1689 -48.79 -39.21 -51.16
CA HIS B 1689 -49.30 -37.81 -51.20
C HIS B 1689 -49.97 -37.46 -49.87
N ASN B 1690 -50.65 -38.40 -49.24
CA ASN B 1690 -51.30 -38.12 -47.94
C ASN B 1690 -50.19 -37.96 -46.91
N GLY B 1691 -49.25 -38.89 -46.89
CA GLY B 1691 -48.11 -38.85 -45.95
C GLY B 1691 -47.25 -37.62 -46.12
N MET B 1692 -47.09 -37.15 -47.35
CA MET B 1692 -46.26 -35.95 -47.64
C MET B 1692 -46.95 -34.74 -47.04
N ILE B 1693 -48.15 -34.42 -47.50
CA ILE B 1693 -48.78 -33.12 -47.16
C ILE B 1693 -49.09 -33.05 -45.66
N TYR B 1694 -49.35 -34.18 -44.99
CA TYR B 1694 -49.76 -34.21 -43.55
C TYR B 1694 -48.61 -34.71 -42.67
N ASN B 1695 -47.39 -34.77 -43.19
CA ASN B 1695 -46.17 -35.15 -42.43
C ASN B 1695 -46.39 -36.48 -41.70
N LYS B 1696 -46.58 -37.56 -42.44
CA LYS B 1696 -46.94 -38.89 -41.88
C LYS B 1696 -46.43 -40.05 -42.73
N LEU B 1697 -45.44 -39.87 -43.60
CA LEU B 1697 -44.91 -41.02 -44.36
C LEU B 1697 -44.46 -42.05 -43.34
N PHE B 1698 -43.83 -41.59 -42.27
CA PHE B 1698 -43.42 -42.42 -41.11
C PHE B 1698 -44.52 -42.38 -40.05
N VAL B 1699 -45.03 -43.55 -39.68
CA VAL B 1699 -45.87 -43.74 -38.48
C VAL B 1699 -45.33 -44.93 -37.71
N SER B 1700 -44.87 -44.75 -36.49
CA SER B 1700 -44.28 -45.86 -35.70
C SER B 1700 -45.41 -46.80 -35.30
N LYS B 1701 -45.10 -48.09 -35.22
CA LYS B 1701 -46.01 -49.14 -34.74
C LYS B 1701 -46.04 -49.11 -33.20
N GLU B 1702 -47.23 -49.16 -32.62
CA GLU B 1702 -47.41 -49.21 -31.16
C GLU B 1702 -47.27 -50.66 -30.71
N HIS B 1703 -47.61 -51.63 -31.57
CA HIS B 1703 -47.81 -53.04 -31.20
C HIS B 1703 -47.19 -53.96 -32.24
N ALA B 1704 -46.68 -55.11 -31.81
CA ALA B 1704 -46.31 -56.20 -32.74
C ALA B 1704 -47.59 -56.72 -33.38
N PRO B 1705 -47.51 -57.43 -34.52
CA PRO B 1705 -48.70 -58.05 -35.10
C PRO B 1705 -49.26 -59.20 -34.23
N TYR B 1706 -48.53 -59.66 -33.22
CA TYR B 1706 -48.96 -60.69 -32.24
C TYR B 1706 -49.16 -60.00 -30.90
N THR B 1707 -50.13 -60.46 -30.12
CA THR B 1707 -50.23 -60.13 -28.67
C THR B 1707 -49.11 -60.88 -27.96
N ASP B 1708 -48.78 -60.50 -26.73
CA ASP B 1708 -47.73 -61.21 -25.93
C ASP B 1708 -48.18 -62.66 -25.72
N GLU B 1709 -49.47 -62.92 -25.55
CA GLU B 1709 -50.01 -64.27 -25.29
C GLU B 1709 -49.68 -65.20 -26.47
N LEU B 1710 -49.69 -64.69 -27.71
CA LEU B 1710 -49.54 -65.52 -28.94
C LEU B 1710 -48.10 -65.50 -29.47
N GLU B 1711 -47.25 -64.64 -28.92
CA GLU B 1711 -45.86 -64.37 -29.40
C GLU B 1711 -45.15 -65.70 -29.70
N GLU B 1712 -45.03 -66.58 -28.70
CA GLU B 1712 -44.27 -67.85 -28.85
C GLU B 1712 -44.95 -68.73 -29.91
N ASP B 1713 -46.27 -68.82 -29.89
CA ASP B 1713 -47.07 -69.65 -30.81
C ASP B 1713 -46.77 -69.25 -32.25
N VAL B 1714 -46.71 -67.95 -32.51
CA VAL B 1714 -46.44 -67.40 -33.86
C VAL B 1714 -45.00 -67.75 -34.21
N TYR B 1715 -44.07 -67.57 -33.27
CA TYR B 1715 -42.62 -67.83 -33.52
C TYR B 1715 -42.43 -69.30 -33.89
N LEU B 1716 -43.27 -70.19 -33.40
CA LEU B 1716 -43.05 -71.65 -33.49
C LEU B 1716 -43.89 -72.32 -34.59
N ASP B 1717 -44.78 -71.59 -35.26
CA ASP B 1717 -45.53 -72.13 -36.43
C ASP B 1717 -45.03 -71.44 -37.70
N PRO B 1718 -44.28 -72.13 -38.58
CA PRO B 1718 -43.70 -71.45 -39.73
C PRO B 1718 -44.77 -71.02 -40.73
N LEU B 1719 -45.97 -71.59 -40.65
CA LEU B 1719 -47.07 -71.30 -41.61
C LEU B 1719 -48.00 -70.21 -41.05
N ALA B 1720 -47.70 -69.67 -39.85
CA ALA B 1720 -48.56 -68.65 -39.23
C ALA B 1720 -48.44 -67.37 -40.05
N ARG B 1721 -49.58 -66.89 -40.56
CA ARG B 1721 -49.64 -65.62 -41.30
C ARG B 1721 -50.65 -64.70 -40.65
N VAL B 1722 -50.64 -63.46 -41.09
CA VAL B 1722 -51.42 -62.38 -40.45
C VAL B 1722 -52.68 -62.15 -41.31
N SER B 1723 -53.77 -61.75 -40.69
CA SER B 1723 -55.07 -61.50 -41.38
C SER B 1723 -55.59 -60.13 -40.93
N LYS B 1724 -56.50 -59.54 -41.70
CA LYS B 1724 -57.13 -58.25 -41.33
C LYS B 1724 -58.10 -58.47 -40.16
N ASP B 1725 -57.77 -57.97 -38.98
CA ASP B 1725 -58.66 -58.02 -37.79
C ASP B 1725 -59.93 -57.27 -38.14
N LYS B 1726 -61.09 -57.94 -38.11
CA LYS B 1726 -62.38 -57.32 -38.49
C LYS B 1726 -62.61 -56.08 -37.62
N LYS B 1727 -62.44 -56.23 -36.31
CA LYS B 1727 -62.70 -55.18 -35.29
C LYS B 1727 -61.79 -53.94 -35.53
N SER B 1728 -60.46 -54.11 -35.56
CA SER B 1728 -59.46 -53.01 -35.53
C SER B 1728 -59.09 -52.55 -36.93
N GLY B 1729 -59.20 -53.40 -37.94
CA GLY B 1729 -58.82 -53.06 -39.32
C GLY B 1729 -57.35 -53.25 -39.59
N SER B 1730 -56.52 -53.45 -38.57
CA SER B 1730 -55.06 -53.65 -38.74
C SER B 1730 -54.75 -55.13 -38.88
N LEU B 1731 -53.56 -55.45 -39.42
CA LEU B 1731 -53.09 -56.84 -39.68
C LEU B 1731 -52.57 -57.42 -38.37
N THR B 1732 -53.19 -58.51 -37.90
CA THR B 1732 -52.81 -59.21 -36.64
C THR B 1732 -52.87 -60.72 -36.83
N PHE B 1733 -52.18 -61.45 -35.95
CA PHE B 1733 -52.21 -62.93 -35.91
C PHE B 1733 -53.41 -63.35 -35.08
N ASN B 1734 -54.31 -64.14 -35.66
CA ASN B 1734 -55.45 -64.77 -34.97
C ASN B 1734 -55.07 -66.19 -34.54
N SER B 1735 -55.35 -66.61 -33.31
CA SER B 1735 -55.12 -68.00 -32.85
C SER B 1735 -55.75 -69.02 -33.81
N LYS B 1736 -56.83 -68.66 -34.51
CA LYS B 1736 -57.52 -69.50 -35.53
C LYS B 1736 -56.53 -69.95 -36.61
N ASN B 1737 -55.54 -69.12 -36.95
CA ASN B 1737 -54.62 -69.36 -38.09
C ASN B 1737 -53.24 -69.79 -37.61
N ILE B 1738 -53.11 -70.24 -36.37
CA ILE B 1738 -51.82 -70.68 -35.80
C ILE B 1738 -51.93 -72.16 -35.48
N GLN B 1739 -51.01 -72.95 -36.04
CA GLN B 1739 -51.04 -74.44 -35.98
C GLN B 1739 -52.42 -74.87 -36.46
N SER B 1740 -52.77 -74.47 -37.69
CA SER B 1740 -54.11 -74.60 -38.31
C SER B 1740 -54.05 -75.63 -39.44
N LYS B 1741 -54.88 -76.69 -39.40
CA LYS B 1741 -54.85 -77.75 -40.44
C LYS B 1741 -54.90 -77.09 -41.83
N ASP B 1742 -55.60 -75.96 -41.96
CA ASP B 1742 -55.85 -75.30 -43.26
C ASP B 1742 -54.53 -74.80 -43.88
N SER B 1743 -53.54 -74.44 -43.07
CA SER B 1743 -52.26 -73.90 -43.59
C SER B 1743 -51.45 -75.01 -44.26
N TYR B 1744 -51.57 -76.26 -43.80
CA TYR B 1744 -50.77 -77.39 -44.33
C TYR B 1744 -51.60 -78.15 -45.39
N ILE B 1745 -52.79 -78.60 -44.99
CA ILE B 1745 -53.73 -79.40 -45.82
C ILE B 1745 -54.57 -78.44 -46.67
N ASN B 1746 -54.09 -78.09 -47.86
CA ASN B 1746 -54.73 -77.15 -48.82
C ASN B 1746 -55.63 -77.93 -49.77
N ALA B 1747 -56.29 -77.24 -50.71
CA ALA B 1747 -57.30 -77.80 -51.65
C ALA B 1747 -56.70 -78.95 -52.45
N ASN B 1748 -55.56 -78.73 -53.14
CA ASN B 1748 -54.92 -79.75 -54.01
C ASN B 1748 -54.78 -81.05 -53.19
N THR B 1749 -54.27 -80.97 -51.96
CA THR B 1749 -53.93 -82.20 -51.18
C THR B 1749 -55.21 -82.87 -50.68
N ILE B 1750 -56.32 -82.13 -50.53
CA ILE B 1750 -57.64 -82.72 -50.16
C ILE B 1750 -58.15 -83.52 -51.35
N GLU B 1751 -58.13 -82.91 -52.53
CA GLU B 1751 -58.78 -83.51 -53.73
C GLU B 1751 -57.87 -84.61 -54.29
N THR B 1752 -56.55 -84.43 -54.26
CA THR B 1752 -55.56 -85.48 -54.68
C THR B 1752 -55.62 -86.67 -53.71
N ALA B 1753 -55.78 -86.43 -52.41
CA ALA B 1753 -55.88 -87.51 -51.40
C ALA B 1753 -57.14 -88.34 -51.66
N LYS B 1754 -58.28 -87.66 -51.86
CA LYS B 1754 -59.58 -88.31 -52.16
C LYS B 1754 -59.41 -89.24 -53.36
N MET B 1755 -58.77 -88.75 -54.43
CA MET B 1755 -58.58 -89.50 -55.70
C MET B 1755 -57.88 -90.83 -55.44
N ILE B 1756 -56.82 -90.82 -54.62
CA ILE B 1756 -56.02 -92.06 -54.36
C ILE B 1756 -56.78 -92.92 -53.33
N GLU B 1757 -57.67 -92.35 -52.52
CA GLU B 1757 -58.59 -93.11 -51.62
C GLU B 1757 -59.57 -93.91 -52.48
N ASN B 1758 -60.03 -93.32 -53.58
CA ASN B 1758 -61.12 -93.87 -54.43
C ASN B 1758 -60.60 -95.08 -55.21
N MET B 1759 -59.29 -95.25 -55.35
CA MET B 1759 -58.72 -96.40 -56.09
C MET B 1759 -58.07 -97.41 -55.12
N THR B 1760 -58.42 -97.38 -53.83
CA THR B 1760 -57.88 -98.29 -52.78
C THR B 1760 -58.60 -99.65 -52.80
N LYS B 1761 -58.46 -100.43 -53.89
CA LYS B 1761 -58.80 -101.88 -53.98
C LYS B 1761 -60.31 -102.16 -53.81
N GLU B 1762 -60.99 -101.45 -52.89
CA GLU B 1762 -62.45 -101.59 -52.56
C GLU B 1762 -63.29 -101.21 -53.79
N LYS B 1763 -63.05 -100.02 -54.41
CA LYS B 1763 -63.81 -99.49 -55.58
C LYS B 1763 -63.44 -100.29 -56.84
N VAL B 1764 -62.14 -100.31 -57.18
CA VAL B 1764 -61.61 -100.95 -58.42
C VAL B 1764 -61.66 -102.49 -58.27
N SER B 1765 -62.85 -103.02 -58.00
CA SER B 1765 -63.19 -104.47 -57.94
C SER B 1765 -62.48 -105.22 -59.08
N ASN B 1766 -63.07 -105.23 -60.28
CA ASN B 1766 -62.47 -105.71 -61.56
C ASN B 1766 -62.58 -104.59 -62.59
N GLY B 1767 -62.29 -103.34 -62.19
CA GLY B 1767 -62.01 -102.19 -63.09
C GLY B 1767 -60.51 -102.03 -63.32
N GLY B 1768 -60.11 -101.40 -64.44
CA GLY B 1768 -58.71 -101.17 -64.85
C GLY B 1768 -58.30 -99.73 -64.63
N VAL B 1769 -57.33 -99.49 -63.75
CA VAL B 1769 -56.91 -98.13 -63.29
C VAL B 1769 -55.77 -97.62 -64.17
N GLY B 1770 -55.76 -96.31 -64.40
CA GLY B 1770 -54.65 -95.56 -65.01
C GLY B 1770 -54.40 -94.29 -64.20
N VAL B 1771 -53.19 -94.16 -63.64
CA VAL B 1771 -52.73 -92.95 -62.92
C VAL B 1771 -51.77 -92.20 -63.85
N ASP B 1772 -51.82 -90.88 -63.86
CA ASP B 1772 -50.82 -90.06 -64.59
C ASP B 1772 -50.67 -88.72 -63.88
N VAL B 1773 -49.43 -88.26 -63.70
CA VAL B 1773 -49.14 -86.87 -63.25
C VAL B 1773 -48.30 -86.20 -64.34
N GLU B 1774 -48.46 -84.89 -64.46
CA GLU B 1774 -47.70 -84.00 -65.37
C GLU B 1774 -47.31 -82.76 -64.57
N LEU B 1775 -46.09 -82.29 -64.75
CA LEU B 1775 -45.65 -80.97 -64.24
C LEU B 1775 -46.27 -79.89 -65.15
N ILE B 1776 -46.86 -78.86 -64.54
CA ILE B 1776 -47.44 -77.68 -65.25
C ILE B 1776 -46.37 -77.16 -66.22
N THR B 1777 -45.07 -77.14 -65.85
CA THR B 1777 -43.96 -76.49 -66.63
C THR B 1777 -43.83 -77.10 -68.04
N SER B 1778 -44.11 -78.39 -68.20
CA SER B 1778 -43.91 -79.11 -69.48
C SER B 1778 -45.02 -78.75 -70.47
N ILE B 1779 -46.15 -78.18 -70.04
CA ILE B 1779 -47.21 -77.68 -70.96
C ILE B 1779 -46.86 -76.27 -71.41
N ASN B 1780 -46.41 -76.10 -72.65
CA ASN B 1780 -46.20 -74.77 -73.27
C ASN B 1780 -47.48 -74.38 -74.02
N VAL B 1781 -48.36 -73.61 -73.38
CA VAL B 1781 -49.62 -73.06 -73.96
C VAL B 1781 -49.36 -72.48 -75.36
N GLU B 1782 -48.25 -71.74 -75.56
CA GLU B 1782 -47.95 -70.99 -76.81
C GLU B 1782 -47.65 -71.93 -77.99
N ASN B 1783 -47.44 -73.23 -77.76
CA ASN B 1783 -47.11 -74.26 -78.79
C ASN B 1783 -48.42 -74.80 -79.41
N ASP B 1784 -48.78 -74.26 -80.58
CA ASP B 1784 -50.06 -74.50 -81.30
C ASP B 1784 -50.09 -75.94 -81.82
N THR B 1785 -48.94 -76.50 -82.24
CA THR B 1785 -48.78 -77.89 -82.74
C THR B 1785 -49.38 -78.86 -81.70
N PHE B 1786 -48.78 -78.94 -80.51
CA PHE B 1786 -49.15 -79.89 -79.44
C PHE B 1786 -50.64 -79.70 -79.09
N ILE B 1787 -51.10 -78.45 -78.97
CA ILE B 1787 -52.47 -78.09 -78.49
C ILE B 1787 -53.50 -78.49 -79.56
N GLU B 1788 -53.33 -78.05 -80.82
CA GLU B 1788 -54.27 -78.33 -81.95
C GLU B 1788 -54.30 -79.86 -82.23
N ARG B 1789 -53.16 -80.55 -82.16
CA ARG B 1789 -52.99 -81.99 -82.53
C ARG B 1789 -53.59 -82.93 -81.45
N ASN B 1790 -53.70 -82.49 -80.20
CA ASN B 1790 -54.01 -83.41 -79.06
C ASN B 1790 -55.29 -83.03 -78.32
N PHE B 1791 -55.89 -81.86 -78.60
CA PHE B 1791 -57.07 -81.34 -77.87
C PHE B 1791 -58.18 -80.94 -78.85
N THR B 1792 -59.43 -81.10 -78.43
CA THR B 1792 -60.65 -80.79 -79.22
C THR B 1792 -60.97 -79.31 -79.03
N PRO B 1793 -61.64 -78.66 -80.01
CA PRO B 1793 -62.10 -77.29 -79.85
C PRO B 1793 -62.79 -76.99 -78.49
N GLN B 1794 -63.64 -77.93 -78.03
CA GLN B 1794 -64.47 -77.78 -76.79
C GLN B 1794 -63.55 -77.83 -75.55
N GLU B 1795 -62.51 -78.67 -75.57
CA GLU B 1795 -61.48 -78.79 -74.48
C GLU B 1795 -60.66 -77.50 -74.44
N ILE B 1796 -60.04 -77.14 -75.57
CA ILE B 1796 -59.23 -75.91 -75.78
C ILE B 1796 -60.00 -74.69 -75.25
N GLU B 1797 -61.29 -74.55 -75.58
CA GLU B 1797 -62.13 -73.40 -75.16
C GLU B 1797 -62.23 -73.38 -73.63
N TYR B 1798 -62.41 -74.54 -72.98
CA TYR B 1798 -62.55 -74.68 -71.51
C TYR B 1798 -61.27 -74.19 -70.82
N CYS B 1799 -60.14 -74.83 -71.16
CA CYS B 1799 -58.80 -74.54 -70.59
C CYS B 1799 -58.42 -73.08 -70.84
N SER B 1800 -58.62 -72.58 -72.05
CA SER B 1800 -58.29 -71.19 -72.48
C SER B 1800 -58.97 -70.14 -71.59
N ALA B 1801 -60.09 -70.48 -70.95
CA ALA B 1801 -60.96 -69.54 -70.21
C ALA B 1801 -60.76 -69.67 -68.70
N GLN B 1802 -59.88 -70.57 -68.24
CA GLN B 1802 -59.58 -70.78 -66.80
C GLN B 1802 -58.58 -69.71 -66.34
N PRO B 1803 -58.51 -69.44 -65.01
CA PRO B 1803 -57.56 -68.46 -64.44
C PRO B 1803 -56.11 -68.84 -64.76
N SER B 1804 -55.73 -70.11 -64.57
CA SER B 1804 -54.43 -70.67 -65.03
C SER B 1804 -54.67 -71.60 -66.22
N VAL B 1805 -54.46 -71.08 -67.43
CA VAL B 1805 -54.60 -71.84 -68.71
C VAL B 1805 -53.61 -73.01 -68.66
N GLN B 1806 -52.37 -72.74 -68.24
CA GLN B 1806 -51.26 -73.73 -68.21
C GLN B 1806 -51.63 -74.88 -67.27
N SER B 1807 -52.16 -74.57 -66.09
CA SER B 1807 -52.57 -75.59 -65.09
C SER B 1807 -53.72 -76.44 -65.64
N SER B 1808 -54.71 -75.82 -66.27
CA SER B 1808 -55.97 -76.50 -66.75
C SER B 1808 -55.65 -77.42 -67.94
N PHE B 1809 -54.76 -77.02 -68.84
CA PHE B 1809 -54.30 -77.86 -69.97
C PHE B 1809 -53.53 -79.06 -69.42
N ALA B 1810 -52.66 -78.84 -68.45
CA ALA B 1810 -51.93 -79.92 -67.75
C ALA B 1810 -52.94 -80.87 -67.08
N GLY B 1811 -54.03 -80.33 -66.55
CA GLY B 1811 -55.10 -81.12 -65.93
C GLY B 1811 -55.73 -82.07 -66.93
N THR B 1812 -56.20 -81.54 -68.05
CA THR B 1812 -56.86 -82.28 -69.16
C THR B 1812 -55.87 -83.31 -69.70
N TRP B 1813 -54.67 -82.86 -70.11
CA TRP B 1813 -53.58 -83.68 -70.70
C TRP B 1813 -53.22 -84.85 -69.77
N SER B 1814 -53.41 -84.70 -68.46
CA SER B 1814 -53.16 -85.79 -67.47
C SER B 1814 -54.31 -86.79 -67.53
N ALA B 1815 -55.56 -86.33 -67.58
CA ALA B 1815 -56.78 -87.17 -67.66
C ALA B 1815 -56.71 -88.03 -68.92
N LYS B 1816 -56.28 -87.46 -70.05
CA LYS B 1816 -56.11 -88.17 -71.34
C LYS B 1816 -55.14 -89.35 -71.16
N GLU B 1817 -53.91 -89.06 -70.74
CA GLU B 1817 -52.85 -90.09 -70.53
C GLU B 1817 -53.32 -91.13 -69.51
N ALA B 1818 -54.14 -90.71 -68.54
CA ALA B 1818 -54.66 -91.57 -67.45
C ALA B 1818 -55.72 -92.53 -68.01
N VAL B 1819 -56.60 -92.04 -68.88
CA VAL B 1819 -57.61 -92.86 -69.60
C VAL B 1819 -56.88 -93.89 -70.47
N PHE B 1820 -56.11 -93.45 -71.47
CA PHE B 1820 -55.25 -94.29 -72.35
C PHE B 1820 -54.61 -95.43 -71.54
N LYS B 1821 -54.10 -95.12 -70.35
CA LYS B 1821 -53.40 -96.10 -69.45
C LYS B 1821 -54.43 -97.11 -68.90
N SER B 1822 -55.65 -96.66 -68.60
CA SER B 1822 -56.76 -97.46 -68.00
C SER B 1822 -57.30 -98.48 -69.01
N LEU B 1823 -57.35 -98.12 -70.31
CA LEU B 1823 -57.77 -99.02 -71.44
C LEU B 1823 -56.69 -100.07 -71.69
N GLY B 1824 -55.47 -99.88 -71.18
CA GLY B 1824 -54.39 -100.88 -71.12
C GLY B 1824 -53.98 -101.38 -72.50
N VAL B 1825 -54.41 -100.71 -73.58
CA VAL B 1825 -53.95 -100.96 -74.99
C VAL B 1825 -52.61 -100.21 -75.15
N LYS B 1826 -51.58 -100.89 -75.69
CA LYS B 1826 -50.16 -100.43 -75.66
C LYS B 1826 -50.01 -99.23 -76.60
N SER B 1827 -50.61 -99.29 -77.81
CA SER B 1827 -50.57 -98.28 -78.89
C SER B 1827 -52.01 -97.89 -79.31
N LEU B 1828 -52.21 -96.71 -79.92
CA LEU B 1828 -53.42 -96.36 -80.74
C LEU B 1828 -52.98 -96.07 -82.19
N GLY B 1829 -51.69 -96.27 -82.49
CA GLY B 1829 -51.02 -95.85 -83.75
C GLY B 1829 -49.83 -94.93 -83.47
N GLY B 1830 -48.70 -95.51 -83.03
CA GLY B 1830 -47.45 -94.81 -82.67
C GLY B 1830 -47.42 -94.37 -81.20
N GLY B 1831 -47.51 -93.06 -80.95
CA GLY B 1831 -47.74 -92.45 -79.62
C GLY B 1831 -48.60 -91.20 -79.73
N ALA B 1832 -48.98 -90.80 -80.96
CA ALA B 1832 -49.58 -89.50 -81.34
C ALA B 1832 -51.11 -89.51 -81.20
N ALA B 1833 -51.70 -88.32 -81.12
CA ALA B 1833 -53.15 -88.01 -81.23
C ALA B 1833 -53.92 -88.74 -80.11
N LEU B 1834 -53.99 -88.08 -78.96
CA LEU B 1834 -54.92 -88.39 -77.83
C LEU B 1834 -56.19 -87.53 -77.93
N LYS B 1835 -56.38 -86.86 -79.07
CA LYS B 1835 -57.59 -86.06 -79.38
C LYS B 1835 -58.82 -86.98 -79.36
N ASP B 1836 -58.65 -88.26 -79.72
CA ASP B 1836 -59.70 -89.32 -79.65
C ASP B 1836 -60.29 -89.42 -78.23
N ILE B 1837 -59.46 -89.23 -77.19
CA ILE B 1837 -59.87 -89.25 -75.76
C ILE B 1837 -60.26 -87.82 -75.34
N GLU B 1838 -61.56 -87.52 -75.30
CA GLU B 1838 -62.07 -86.16 -74.99
C GLU B 1838 -62.54 -86.14 -73.53
N ILE B 1839 -62.08 -85.13 -72.79
CA ILE B 1839 -62.53 -84.82 -71.40
C ILE B 1839 -63.52 -83.66 -71.49
N VAL B 1840 -64.76 -83.88 -71.03
CA VAL B 1840 -65.84 -82.85 -71.01
C VAL B 1840 -65.95 -82.29 -69.60
N ARG B 1841 -65.37 -81.10 -69.39
CA ARG B 1841 -65.41 -80.34 -68.11
C ARG B 1841 -66.48 -79.27 -68.28
N VAL B 1842 -67.74 -79.62 -67.94
CA VAL B 1842 -68.92 -78.71 -67.91
C VAL B 1842 -68.78 -77.86 -66.63
N ASN B 1843 -67.61 -77.89 -65.99
CA ASN B 1843 -67.01 -76.85 -65.08
C ASN B 1843 -67.19 -77.27 -63.61
N LYS B 1844 -68.39 -77.09 -63.04
CA LYS B 1844 -68.74 -77.46 -61.62
C LYS B 1844 -69.04 -78.96 -61.50
N ASN B 1845 -68.91 -79.75 -62.58
CA ASN B 1845 -69.16 -81.22 -62.60
C ASN B 1845 -67.82 -81.95 -62.72
N ALA B 1846 -67.62 -83.01 -61.93
CA ALA B 1846 -66.60 -84.07 -62.14
C ALA B 1846 -66.52 -84.32 -63.64
N PRO B 1847 -65.33 -84.28 -64.26
CA PRO B 1847 -65.21 -84.38 -65.71
C PRO B 1847 -65.81 -85.71 -66.23
N ALA B 1848 -66.27 -85.72 -67.48
CA ALA B 1848 -66.77 -86.93 -68.16
C ALA B 1848 -65.82 -87.28 -69.32
N VAL B 1849 -65.62 -88.58 -69.55
CA VAL B 1849 -64.82 -89.11 -70.68
C VAL B 1849 -65.76 -89.34 -71.86
N GLU B 1850 -65.26 -89.17 -73.08
CA GLU B 1850 -66.05 -89.25 -74.33
C GLU B 1850 -65.12 -89.68 -75.46
N LEU B 1851 -64.78 -90.97 -75.49
CA LEU B 1851 -63.86 -91.60 -76.48
C LEU B 1851 -64.53 -91.58 -77.87
N HIS B 1852 -63.70 -91.38 -78.91
CA HIS B 1852 -64.07 -91.29 -80.35
C HIS B 1852 -63.18 -92.25 -81.16
N GLY B 1853 -63.34 -92.25 -82.50
CA GLY B 1853 -62.47 -92.96 -83.47
C GLY B 1853 -61.81 -94.22 -82.91
N ASN B 1854 -60.48 -94.30 -83.02
CA ASN B 1854 -59.63 -95.50 -82.75
C ASN B 1854 -59.67 -95.90 -81.26
N ALA B 1855 -59.74 -94.91 -80.35
CA ALA B 1855 -59.79 -95.12 -78.88
C ALA B 1855 -61.09 -95.86 -78.50
N LYS B 1856 -62.18 -95.61 -79.21
CA LYS B 1856 -63.52 -96.22 -78.94
C LYS B 1856 -63.59 -97.64 -79.52
N LYS B 1857 -62.83 -97.92 -80.59
CA LYS B 1857 -62.69 -99.30 -81.15
C LYS B 1857 -62.08 -100.18 -80.05
N ALA B 1858 -60.87 -99.84 -79.58
CA ALA B 1858 -60.14 -100.51 -78.48
C ALA B 1858 -61.08 -100.76 -77.28
N ALA B 1859 -61.92 -99.77 -76.96
CA ALA B 1859 -62.85 -99.76 -75.80
C ALA B 1859 -63.90 -100.88 -75.94
N GLU B 1860 -64.71 -100.86 -77.01
CA GLU B 1860 -65.80 -101.85 -77.25
C GLU B 1860 -65.23 -103.28 -77.31
N GLU B 1861 -63.98 -103.46 -77.81
CA GLU B 1861 -63.42 -104.84 -78.03
C GLU B 1861 -62.55 -105.30 -76.83
N ALA B 1862 -62.30 -104.47 -75.81
CA ALA B 1862 -61.97 -104.90 -74.43
C ALA B 1862 -63.22 -104.70 -73.55
N GLY B 1863 -64.39 -104.52 -74.20
CA GLY B 1863 -65.75 -104.47 -73.63
C GLY B 1863 -65.88 -103.61 -72.40
N VAL B 1864 -65.98 -102.29 -72.56
CA VAL B 1864 -66.05 -101.32 -71.42
C VAL B 1864 -67.42 -100.61 -71.37
N THR B 1865 -68.27 -100.99 -70.41
CA THR B 1865 -69.58 -100.35 -70.07
C THR B 1865 -69.37 -98.86 -69.72
N ASP B 1866 -68.27 -98.50 -69.00
CA ASP B 1866 -68.04 -97.11 -68.50
C ASP B 1866 -66.54 -96.76 -68.43
N VAL B 1867 -66.20 -95.46 -68.31
CA VAL B 1867 -64.83 -94.91 -68.03
C VAL B 1867 -64.95 -93.60 -67.20
N LYS B 1868 -64.64 -93.64 -65.90
CA LYS B 1868 -64.57 -92.45 -65.01
C LYS B 1868 -63.14 -91.88 -64.99
N VAL B 1869 -62.99 -90.60 -64.61
CA VAL B 1869 -61.67 -89.92 -64.40
C VAL B 1869 -61.88 -88.82 -63.36
N SER B 1870 -60.95 -88.72 -62.39
CA SER B 1870 -60.80 -87.58 -61.45
C SER B 1870 -59.55 -86.79 -61.85
N ILE B 1871 -59.55 -85.48 -61.58
CA ILE B 1871 -58.39 -84.60 -61.88
C ILE B 1871 -58.18 -83.67 -60.68
N SER B 1872 -56.93 -83.38 -60.36
CA SER B 1872 -56.51 -82.24 -59.51
C SER B 1872 -55.29 -81.58 -60.15
N HIS B 1873 -55.32 -80.27 -60.33
CA HIS B 1873 -54.21 -79.46 -60.89
C HIS B 1873 -54.08 -78.18 -60.05
N ASP B 1874 -52.84 -77.79 -59.75
CA ASP B 1874 -52.48 -76.51 -59.10
C ASP B 1874 -51.36 -75.87 -59.93
N ASP B 1875 -50.44 -75.14 -59.29
CA ASP B 1875 -49.39 -74.36 -59.99
C ASP B 1875 -48.14 -75.22 -60.18
N LEU B 1876 -48.10 -76.44 -59.63
CA LEU B 1876 -46.93 -77.37 -59.75
C LEU B 1876 -47.27 -78.54 -60.68
N GLN B 1877 -48.27 -79.33 -60.30
CA GLN B 1877 -48.53 -80.71 -60.82
C GLN B 1877 -50.04 -80.88 -61.06
N ALA B 1878 -50.38 -81.46 -62.21
CA ALA B 1878 -51.70 -82.08 -62.49
C ALA B 1878 -51.56 -83.59 -62.29
N VAL B 1879 -52.52 -84.22 -61.59
CA VAL B 1879 -52.61 -85.69 -61.41
C VAL B 1879 -54.05 -86.12 -61.72
N ALA B 1880 -54.19 -87.21 -62.48
CA ALA B 1880 -55.49 -87.81 -62.88
C ALA B 1880 -55.50 -89.32 -62.60
N VAL B 1881 -56.65 -89.82 -62.16
CA VAL B 1881 -56.95 -91.27 -61.96
C VAL B 1881 -58.19 -91.61 -62.81
N ALA B 1882 -58.02 -92.52 -63.78
CA ALA B 1882 -59.11 -93.09 -64.62
C ALA B 1882 -59.33 -94.56 -64.23
N VAL B 1883 -60.58 -94.95 -63.91
CA VAL B 1883 -61.04 -96.38 -63.88
C VAL B 1883 -61.92 -96.61 -65.12
N SER B 1884 -61.63 -97.66 -65.90
CA SER B 1884 -62.52 -98.19 -66.96
C SER B 1884 -63.02 -99.56 -66.51
N THR B 1885 -64.34 -99.77 -66.44
CA THR B 1885 -64.99 -101.00 -65.89
C THR B 1885 -65.54 -101.85 -67.05
N LYS B 1886 -65.64 -103.17 -66.83
CA LYS B 1886 -66.04 -104.23 -67.81
C LYS B 1886 -64.91 -104.51 -68.81
N MET C 1 -98.94 -74.04 34.77
CA MET C 1 -97.52 -74.40 34.54
C MET C 1 -96.63 -73.58 35.47
N LYS C 2 -95.76 -74.24 36.25
CA LYS C 2 -94.83 -73.57 37.20
C LYS C 2 -93.73 -72.85 36.41
N PRO C 3 -93.08 -71.79 36.97
CA PRO C 3 -91.96 -71.14 36.30
C PRO C 3 -90.84 -72.13 35.90
N GLU C 4 -90.39 -72.96 36.86
CA GLU C 4 -89.28 -73.94 36.69
C GLU C 4 -89.54 -74.81 35.45
N VAL C 5 -90.77 -75.28 35.28
CA VAL C 5 -91.18 -76.18 34.17
C VAL C 5 -91.19 -75.37 32.86
N GLU C 6 -91.77 -74.16 32.89
CA GLU C 6 -91.82 -73.24 31.73
C GLU C 6 -90.40 -73.07 31.19
N GLN C 7 -89.43 -72.82 32.08
CA GLN C 7 -87.98 -72.71 31.77
C GLN C 7 -87.49 -74.02 31.14
N GLU C 8 -87.63 -75.14 31.87
CA GLU C 8 -87.17 -76.49 31.43
C GLU C 8 -87.62 -76.72 29.99
N LEU C 9 -88.86 -76.33 29.66
CA LEU C 9 -89.49 -76.55 28.33
C LEU C 9 -88.92 -75.53 27.33
N ALA C 10 -88.90 -74.24 27.71
CA ALA C 10 -88.35 -73.13 26.90
C ALA C 10 -86.93 -73.51 26.46
N HIS C 11 -86.14 -74.08 27.38
CA HIS C 11 -84.77 -74.59 27.10
C HIS C 11 -84.81 -75.61 25.96
N ILE C 12 -85.52 -76.72 26.16
CA ILE C 12 -85.61 -77.84 25.16
C ILE C 12 -86.05 -77.22 23.82
N LEU C 13 -87.03 -76.32 23.86
CA LEU C 13 -87.56 -75.63 22.66
C LEU C 13 -86.41 -74.91 21.94
N LEU C 14 -85.79 -73.93 22.60
CA LEU C 14 -84.64 -73.10 22.11
C LEU C 14 -83.59 -74.03 21.48
N THR C 15 -83.12 -74.98 22.26
CA THR C 15 -82.16 -76.05 21.89
C THR C 15 -82.53 -76.61 20.52
N GLU C 16 -83.76 -77.07 20.33
CA GLU C 16 -84.23 -77.76 19.08
C GLU C 16 -84.33 -76.74 17.93
N LEU C 17 -84.86 -75.56 18.21
CA LEU C 17 -84.99 -74.47 17.19
C LEU C 17 -83.63 -74.19 16.55
N LEU C 18 -82.54 -74.25 17.33
CA LEU C 18 -81.16 -73.92 16.88
C LEU C 18 -80.53 -75.14 16.21
N ALA C 19 -80.80 -76.31 16.77
CA ALA C 19 -80.29 -77.62 16.30
C ALA C 19 -80.69 -77.80 14.84
N TYR C 20 -81.98 -77.60 14.53
CA TYR C 20 -82.56 -77.84 13.19
C TYR C 20 -82.29 -76.64 12.28
N GLN C 21 -82.32 -75.42 12.82
CA GLN C 21 -82.05 -74.16 12.09
C GLN C 21 -80.85 -74.38 11.16
N PHE C 22 -79.84 -75.05 11.72
CA PHE C 22 -78.54 -75.44 11.11
C PHE C 22 -78.71 -75.99 9.69
N ALA C 23 -79.78 -76.77 9.45
CA ALA C 23 -80.01 -77.58 8.22
C ALA C 23 -81.44 -77.45 7.70
N SER C 24 -82.19 -76.43 8.15
CA SER C 24 -83.51 -76.03 7.59
C SER C 24 -83.34 -74.65 6.96
N PRO C 25 -84.26 -74.25 6.06
CA PRO C 25 -84.17 -72.92 5.44
C PRO C 25 -84.43 -71.77 6.43
N VAL C 26 -84.08 -70.57 5.97
CA VAL C 26 -84.17 -69.28 6.73
C VAL C 26 -85.38 -68.53 6.17
N ARG C 27 -86.47 -68.49 6.93
CA ARG C 27 -87.75 -67.90 6.50
C ARG C 27 -87.74 -66.42 6.87
N TRP C 28 -86.89 -65.63 6.18
CA TRP C 28 -86.72 -64.18 6.46
C TRP C 28 -87.88 -63.37 5.86
N ILE C 29 -88.59 -63.94 4.88
CA ILE C 29 -89.79 -63.30 4.25
C ILE C 29 -90.85 -63.16 5.35
N GLU C 30 -91.21 -64.29 5.97
CA GLU C 30 -92.26 -64.36 7.03
C GLU C 30 -91.79 -63.56 8.25
N THR C 31 -90.51 -63.69 8.60
CA THR C 31 -89.89 -63.01 9.76
C THR C 31 -90.15 -61.50 9.59
N GLN C 32 -89.77 -60.96 8.43
CA GLN C 32 -89.95 -59.53 8.10
C GLN C 32 -91.44 -59.17 8.25
N ASP C 33 -92.34 -59.99 7.76
CA ASP C 33 -93.80 -59.70 7.78
C ASP C 33 -94.29 -59.70 9.23
N VAL C 34 -93.74 -60.59 10.08
CA VAL C 34 -94.11 -60.65 11.52
C VAL C 34 -93.77 -59.29 12.17
N PHE C 35 -92.55 -58.80 12.00
CA PHE C 35 -92.11 -57.57 12.72
C PHE C 35 -92.65 -56.34 11.98
N LEU C 36 -92.88 -56.40 10.67
CA LEU C 36 -93.39 -55.23 9.89
C LEU C 36 -94.91 -55.12 10.02
N LYS C 37 -95.67 -56.18 9.80
CA LYS C 37 -97.16 -56.14 9.83
C LYS C 37 -97.66 -56.36 11.27
N ASP C 38 -97.42 -57.54 11.85
CA ASP C 38 -98.03 -57.98 13.14
C ASP C 38 -97.60 -57.08 14.30
N PHE C 39 -96.42 -56.44 14.22
CA PHE C 39 -95.85 -55.62 15.32
C PHE C 39 -95.76 -54.13 14.96
N ASN C 40 -95.98 -53.76 13.70
CA ASN C 40 -95.99 -52.36 13.19
C ASN C 40 -94.73 -51.62 13.66
N THR C 41 -93.57 -52.26 13.54
CA THR C 41 -92.25 -51.71 13.90
C THR C 41 -92.01 -50.40 13.14
N GLU C 42 -91.68 -49.34 13.86
CA GLU C 42 -91.35 -48.00 13.28
C GLU C 42 -89.84 -47.80 13.28
N ARG C 43 -89.10 -48.62 13.99
CA ARG C 43 -87.61 -48.57 14.03
C ARG C 43 -87.08 -49.99 13.87
N VAL C 44 -86.63 -50.36 12.67
CA VAL C 44 -85.89 -51.65 12.47
C VAL C 44 -84.39 -51.29 12.39
N VAL C 45 -83.62 -51.84 13.35
CA VAL C 45 -82.20 -51.50 13.59
C VAL C 45 -81.37 -52.75 13.32
N GLU C 46 -80.58 -52.74 12.25
CA GLU C 46 -79.66 -53.83 11.91
C GLU C 46 -78.41 -53.70 12.77
N ILE C 47 -78.12 -54.71 13.58
CA ILE C 47 -76.85 -54.87 14.34
C ILE C 47 -75.94 -55.74 13.48
N GLY C 48 -75.00 -55.12 12.76
CA GLY C 48 -74.11 -55.86 11.85
C GLY C 48 -73.10 -54.95 11.19
N PRO C 49 -72.11 -55.53 10.48
CA PRO C 49 -71.03 -54.73 9.90
C PRO C 49 -71.40 -54.03 8.60
N SER C 50 -72.48 -54.45 7.93
CA SER C 50 -72.97 -53.85 6.66
C SER C 50 -74.50 -53.92 6.62
N PRO C 51 -75.18 -53.00 5.91
CA PRO C 51 -76.63 -52.85 5.99
C PRO C 51 -77.39 -53.76 5.02
N THR C 52 -77.14 -55.08 5.08
CA THR C 52 -77.67 -56.06 4.09
C THR C 52 -79.09 -56.48 4.49
N LEU C 53 -79.40 -56.60 5.78
CA LEU C 53 -80.78 -56.89 6.28
C LEU C 53 -81.66 -55.64 6.23
N ALA C 54 -81.04 -54.46 6.38
CA ALA C 54 -81.68 -53.13 6.21
C ALA C 54 -82.11 -53.00 4.75
N GLY C 55 -81.19 -53.23 3.80
CA GLY C 55 -81.45 -53.29 2.35
C GLY C 55 -82.66 -54.15 2.06
N MET C 56 -82.78 -55.30 2.71
CA MET C 56 -83.90 -56.26 2.54
C MET C 56 -85.21 -55.68 3.07
N ALA C 57 -85.19 -55.05 4.26
CA ALA C 57 -86.36 -54.39 4.87
C ALA C 57 -86.91 -53.32 3.92
N GLN C 58 -86.07 -52.39 3.47
CA GLN C 58 -86.44 -51.29 2.53
C GLN C 58 -87.15 -51.86 1.30
N ARG C 59 -86.64 -52.96 0.74
CA ARG C 59 -87.23 -53.64 -0.45
C ARG C 59 -88.58 -54.27 -0.09
N THR C 60 -88.69 -55.05 0.98
CA THR C 60 -89.97 -55.73 1.38
C THR C 60 -91.02 -54.65 1.66
N LEU C 61 -90.60 -53.47 2.14
CA LEU C 61 -91.49 -52.29 2.37
C LEU C 61 -91.96 -51.73 1.03
N LYS C 62 -91.03 -51.44 0.13
CA LYS C 62 -91.29 -50.89 -1.23
C LYS C 62 -92.27 -51.81 -1.97
N ASN C 63 -92.12 -53.13 -1.84
CA ASN C 63 -92.99 -54.13 -2.52
C ASN C 63 -94.42 -54.01 -1.98
N LYS C 64 -94.69 -54.48 -0.76
CA LYS C 64 -96.07 -54.89 -0.32
C LYS C 64 -96.56 -54.08 0.89
N TYR C 65 -95.92 -52.95 1.22
CA TYR C 65 -96.29 -52.08 2.36
C TYR C 65 -96.48 -50.62 1.89
N GLU C 66 -96.40 -50.37 0.58
CA GLU C 66 -96.62 -49.03 -0.02
C GLU C 66 -97.86 -48.39 0.61
N SER C 67 -99.05 -48.95 0.36
CA SER C 67 -100.36 -48.36 0.69
C SER C 67 -100.70 -48.56 2.16
N TYR C 68 -100.19 -49.64 2.79
CA TYR C 68 -100.42 -49.97 4.22
C TYR C 68 -99.80 -48.87 5.08
N ASP C 69 -98.50 -48.62 4.92
CA ASP C 69 -97.73 -47.58 5.67
C ASP C 69 -98.38 -46.21 5.44
N ALA C 70 -98.79 -45.90 4.21
CA ALA C 70 -99.48 -44.64 3.85
C ALA C 70 -100.76 -44.51 4.68
N ALA C 71 -101.69 -45.45 4.50
CA ALA C 71 -103.05 -45.43 5.09
C ALA C 71 -102.97 -45.30 6.62
N LEU C 72 -102.04 -45.98 7.28
CA LEU C 72 -101.93 -45.99 8.76
C LEU C 72 -101.01 -44.86 9.23
N SER C 73 -100.72 -43.87 8.37
CA SER C 73 -99.83 -42.72 8.66
C SER C 73 -98.68 -43.19 9.55
N LEU C 74 -97.94 -44.18 9.07
CA LEU C 74 -96.99 -45.00 9.84
C LEU C 74 -95.58 -44.78 9.27
N HIS C 75 -94.93 -43.67 9.64
CA HIS C 75 -93.50 -43.39 9.32
C HIS C 75 -92.63 -44.51 9.94
N ARG C 76 -91.72 -45.07 9.13
CA ARG C 76 -90.83 -46.22 9.46
C ARG C 76 -89.38 -45.76 9.30
N GLU C 77 -88.46 -46.29 10.11
CA GLU C 77 -87.03 -45.89 10.10
C GLU C 77 -86.16 -47.14 10.07
N ILE C 78 -85.48 -47.39 8.95
CA ILE C 78 -84.57 -48.56 8.77
C ILE C 78 -83.15 -48.07 8.99
N LEU C 79 -82.47 -48.59 10.01
CA LEU C 79 -81.13 -48.11 10.44
C LEU C 79 -80.18 -49.30 10.55
N CYS C 80 -78.91 -49.11 10.20
CA CYS C 80 -77.83 -50.11 10.35
C CYS C 80 -76.74 -49.56 11.27
N TYR C 81 -76.25 -50.35 12.21
CA TYR C 81 -75.27 -49.93 13.24
C TYR C 81 -74.05 -49.31 12.55
N SER C 82 -73.60 -49.89 11.44
CA SER C 82 -72.36 -49.48 10.72
C SER C 82 -72.59 -48.13 10.00
N LYS C 83 -73.77 -47.92 9.43
CA LYS C 83 -74.08 -46.80 8.51
C LYS C 83 -74.49 -45.57 9.35
N ASP C 84 -75.52 -45.69 10.21
CA ASP C 84 -76.23 -44.53 10.81
C ASP C 84 -76.05 -44.54 12.33
N ALA C 85 -74.81 -44.44 12.80
CA ALA C 85 -74.45 -44.37 14.24
C ALA C 85 -75.22 -43.22 14.90
N LYS C 86 -75.23 -42.04 14.27
CA LYS C 86 -75.75 -40.76 14.85
C LYS C 86 -77.23 -40.89 15.22
N GLU C 87 -78.02 -41.51 14.34
CA GLU C 87 -79.48 -41.71 14.55
C GLU C 87 -79.70 -42.68 15.71
N ILE C 88 -78.90 -43.75 15.79
CA ILE C 88 -79.13 -44.88 16.74
C ILE C 88 -78.77 -44.45 18.17
N TYR C 89 -77.70 -43.65 18.33
CA TYR C 89 -77.16 -43.15 19.62
C TYR C 89 -77.76 -41.79 20.00
N TYR C 90 -78.73 -41.29 19.22
CA TYR C 90 -79.36 -39.95 19.39
C TYR C 90 -78.29 -38.90 19.68
N THR C 91 -77.34 -38.76 18.75
CA THR C 91 -76.27 -37.72 18.78
C THR C 91 -76.19 -37.06 17.41
N PRO C 92 -77.10 -36.13 17.09
CA PRO C 92 -77.03 -35.41 15.83
C PRO C 92 -75.83 -34.46 15.97
N ASP C 93 -75.21 -34.09 14.85
CA ASP C 93 -74.03 -33.17 14.80
C ASP C 93 -74.47 -31.76 15.18
N PRO C 94 -73.53 -30.82 15.44
CA PRO C 94 -73.91 -29.48 15.90
C PRO C 94 -74.65 -28.68 14.82
N SER C 95 -75.80 -29.17 14.34
CA SER C 95 -76.66 -28.54 13.31
C SER C 95 -78.10 -28.44 13.85
N GLU C 96 -78.47 -27.25 14.37
CA GLU C 96 -79.83 -26.92 14.89
C GLU C 96 -80.29 -25.53 14.40
N ILE C 140 -41.99 -11.97 3.56
CA ILE C 140 -43.33 -12.60 3.34
C ILE C 140 -43.31 -14.04 3.90
N ALA C 141 -44.48 -14.64 4.17
CA ALA C 141 -44.63 -15.98 4.78
C ALA C 141 -43.70 -16.98 4.07
N ASP C 142 -43.12 -17.94 4.81
CA ASP C 142 -42.29 -19.06 4.27
C ASP C 142 -43.13 -20.34 4.19
N GLU C 143 -42.89 -21.15 3.17
CA GLU C 143 -43.47 -22.52 3.00
C GLU C 143 -42.35 -23.43 2.52
N PRO C 144 -42.06 -24.55 3.23
CA PRO C 144 -41.21 -25.61 2.67
C PRO C 144 -41.81 -26.12 1.34
N VAL C 145 -40.97 -26.59 0.41
CA VAL C 145 -41.44 -27.15 -0.89
C VAL C 145 -42.27 -28.41 -0.58
N LYS C 146 -43.39 -28.60 -1.29
CA LYS C 146 -44.22 -29.83 -1.19
C LYS C 146 -43.46 -30.96 -1.88
N ALA C 147 -43.71 -32.22 -1.50
CA ALA C 147 -43.14 -33.43 -2.15
C ALA C 147 -43.68 -33.55 -3.58
N SER C 148 -44.88 -33.01 -3.86
CA SER C 148 -45.55 -33.05 -5.19
C SER C 148 -44.81 -32.14 -6.19
N LEU C 149 -44.33 -30.96 -5.77
CA LEU C 149 -43.52 -30.03 -6.61
C LEU C 149 -42.18 -30.70 -6.91
N LEU C 150 -41.55 -31.26 -5.88
CA LEU C 150 -40.19 -31.87 -5.94
C LEU C 150 -40.21 -33.10 -6.87
N LEU C 151 -41.24 -33.95 -6.78
CA LEU C 151 -41.38 -35.19 -7.61
C LEU C 151 -41.72 -34.82 -9.06
N HIS C 152 -42.66 -33.89 -9.27
CA HIS C 152 -43.09 -33.36 -10.60
C HIS C 152 -41.86 -32.84 -11.35
N VAL C 153 -41.03 -32.02 -10.68
CA VAL C 153 -39.84 -31.34 -11.27
C VAL C 153 -38.77 -32.36 -11.64
N LEU C 154 -38.50 -33.35 -10.75
CA LEU C 154 -37.45 -34.38 -10.94
C LEU C 154 -37.81 -35.30 -12.11
N VAL C 155 -39.08 -35.71 -12.22
CA VAL C 155 -39.58 -36.63 -13.30
C VAL C 155 -39.67 -35.84 -14.62
N ALA C 156 -40.09 -34.57 -14.58
CA ALA C 156 -40.19 -33.66 -15.74
C ALA C 156 -38.79 -33.38 -16.32
N HIS C 157 -37.83 -33.05 -15.47
CA HIS C 157 -36.43 -32.70 -15.86
C HIS C 157 -35.72 -33.93 -16.45
N LYS C 158 -36.08 -35.13 -16.03
CA LYS C 158 -35.44 -36.41 -16.49
C LYS C 158 -35.91 -36.73 -17.92
N LEU C 159 -37.22 -36.60 -18.17
CA LEU C 159 -37.87 -36.84 -19.50
C LEU C 159 -37.65 -35.63 -20.41
N LYS C 160 -37.04 -34.55 -19.90
CA LYS C 160 -36.66 -33.30 -20.62
C LYS C 160 -37.94 -32.67 -21.21
N LYS C 161 -38.93 -32.44 -20.36
CA LYS C 161 -40.26 -31.88 -20.73
C LYS C 161 -40.70 -30.89 -19.64
N SER C 162 -41.47 -29.86 -20.02
CA SER C 162 -42.02 -28.85 -19.07
C SER C 162 -43.01 -29.55 -18.13
N LEU C 163 -43.38 -28.90 -17.03
CA LEU C 163 -44.28 -29.44 -15.97
C LEU C 163 -45.67 -29.78 -16.57
N ASP C 164 -46.16 -28.96 -17.50
CA ASP C 164 -47.51 -29.13 -18.13
C ASP C 164 -47.56 -30.39 -19.01
N SER C 165 -46.43 -30.78 -19.61
CA SER C 165 -46.29 -31.97 -20.50
C SER C 165 -46.51 -33.27 -19.72
N ILE C 166 -46.03 -33.35 -18.47
CA ILE C 166 -46.15 -34.54 -17.57
C ILE C 166 -47.39 -34.34 -16.67
N PRO C 167 -48.52 -35.06 -16.90
CA PRO C 167 -49.64 -35.03 -15.96
C PRO C 167 -49.35 -35.94 -14.75
N MET C 168 -49.73 -35.49 -13.55
CA MET C 168 -49.44 -36.18 -12.26
C MET C 168 -50.33 -37.41 -12.07
N SER C 169 -51.41 -37.53 -12.86
CA SER C 169 -52.37 -38.67 -12.84
C SER C 169 -51.75 -39.94 -13.44
N LYS C 170 -50.71 -39.80 -14.28
CA LYS C 170 -50.00 -40.91 -14.99
C LYS C 170 -48.88 -41.45 -14.10
N THR C 171 -48.46 -42.69 -14.39
CA THR C 171 -47.44 -43.47 -13.63
C THR C 171 -46.07 -43.25 -14.30
N ILE C 172 -44.97 -43.64 -13.64
CA ILE C 172 -43.58 -43.55 -14.19
C ILE C 172 -43.43 -44.52 -15.37
N LYS C 173 -43.93 -45.75 -15.23
CA LYS C 173 -43.92 -46.82 -16.26
C LYS C 173 -44.66 -46.37 -17.53
N ASP C 174 -45.79 -45.67 -17.35
CA ASP C 174 -46.65 -45.07 -18.42
C ASP C 174 -45.84 -44.00 -19.16
N LEU C 175 -45.39 -42.96 -18.45
CA LEU C 175 -44.70 -41.75 -19.01
C LEU C 175 -43.44 -42.16 -19.78
N VAL C 176 -42.77 -43.22 -19.34
CA VAL C 176 -41.44 -43.70 -19.85
C VAL C 176 -41.62 -44.43 -21.19
N GLY C 177 -42.85 -44.83 -21.54
CA GLY C 177 -43.15 -45.75 -22.65
C GLY C 177 -42.56 -47.11 -22.33
N GLY C 178 -41.81 -47.71 -23.24
CA GLY C 178 -41.14 -49.00 -22.97
C GLY C 178 -39.69 -48.83 -22.50
N LYS C 179 -39.23 -47.60 -22.27
CA LYS C 179 -37.79 -47.25 -22.06
C LYS C 179 -37.45 -47.55 -20.60
N SER C 180 -37.27 -48.84 -20.27
CA SER C 180 -37.01 -49.25 -18.91
C SER C 180 -35.66 -48.77 -18.39
N THR C 181 -34.76 -48.39 -19.31
CA THR C 181 -33.48 -47.76 -18.99
C THR C 181 -33.72 -46.47 -18.16
N VAL C 182 -34.75 -45.68 -18.54
CA VAL C 182 -35.14 -44.34 -17.97
C VAL C 182 -36.00 -44.53 -16.71
N GLN C 183 -36.79 -45.60 -16.64
CA GLN C 183 -37.57 -45.98 -15.43
C GLN C 183 -36.59 -46.24 -14.26
N ASN C 184 -35.52 -47.02 -14.50
CA ASN C 184 -34.46 -47.39 -13.51
C ASN C 184 -33.74 -46.14 -12.99
N GLU C 185 -33.54 -45.13 -13.85
CA GLU C 185 -32.90 -43.84 -13.48
C GLU C 185 -33.83 -43.03 -12.57
N ILE C 186 -35.12 -42.89 -12.92
CA ILE C 186 -36.13 -42.12 -12.13
C ILE C 186 -36.30 -42.75 -10.74
N LEU C 187 -36.37 -44.09 -10.64
CA LEU C 187 -36.52 -44.85 -9.36
C LEU C 187 -35.25 -44.69 -8.49
N GLY C 188 -34.06 -44.73 -9.12
CA GLY C 188 -32.77 -44.46 -8.47
C GLY C 188 -32.68 -43.03 -7.95
N ASP C 189 -33.19 -42.05 -8.71
CA ASP C 189 -33.24 -40.60 -8.38
C ASP C 189 -34.25 -40.33 -7.24
N LEU C 190 -35.39 -41.03 -7.20
CA LEU C 190 -36.42 -40.88 -6.13
C LEU C 190 -35.91 -41.51 -4.82
N GLY C 191 -35.15 -42.60 -4.90
CA GLY C 191 -34.50 -43.25 -3.75
C GLY C 191 -33.40 -42.37 -3.17
N LYS C 192 -32.57 -41.78 -4.02
CA LYS C 192 -31.50 -40.80 -3.67
C LYS C 192 -32.11 -39.59 -2.96
N GLU C 193 -33.28 -39.14 -3.44
CA GLU C 193 -33.93 -37.87 -3.01
C GLU C 193 -34.55 -38.05 -1.62
N PHE C 194 -35.57 -38.92 -1.50
CA PHE C 194 -36.49 -39.02 -0.34
C PHE C 194 -36.00 -40.08 0.68
N GLY C 195 -35.22 -41.06 0.26
CA GLY C 195 -34.70 -42.15 1.13
C GLY C 195 -35.35 -43.49 0.79
N THR C 196 -36.55 -43.77 1.32
CA THR C 196 -37.30 -45.04 1.04
C THR C 196 -38.26 -44.79 -0.13
N THR C 197 -39.03 -45.81 -0.55
CA THR C 197 -39.98 -45.81 -1.70
C THR C 197 -41.12 -46.78 -1.42
N PRO C 198 -42.37 -46.54 -1.89
CA PRO C 198 -43.41 -47.59 -1.90
C PRO C 198 -42.99 -48.88 -2.61
N GLU C 199 -43.87 -49.89 -2.62
CA GLU C 199 -43.57 -51.29 -3.05
C GLU C 199 -43.25 -51.30 -4.55
N LYS C 200 -44.11 -50.70 -5.37
CA LYS C 200 -44.00 -50.65 -6.86
C LYS C 200 -44.22 -49.22 -7.31
N PRO C 201 -43.19 -48.34 -7.18
CA PRO C 201 -43.34 -46.91 -7.45
C PRO C 201 -43.70 -46.59 -8.92
N GLU C 202 -43.25 -47.46 -9.84
CA GLU C 202 -43.43 -47.32 -11.31
C GLU C 202 -44.92 -47.39 -11.67
N GLU C 203 -45.72 -48.14 -10.90
CA GLU C 203 -47.16 -48.40 -11.15
C GLU C 203 -48.06 -47.47 -10.32
N THR C 204 -47.51 -46.77 -9.31
CA THR C 204 -48.19 -45.69 -8.52
C THR C 204 -48.25 -44.41 -9.34
N PRO C 205 -49.44 -43.80 -9.57
CA PRO C 205 -49.56 -42.46 -10.15
C PRO C 205 -48.85 -41.40 -9.29
N LEU C 206 -48.28 -40.37 -9.92
CA LEU C 206 -47.33 -39.42 -9.27
C LEU C 206 -48.03 -38.56 -8.21
N GLU C 207 -49.33 -38.28 -8.36
CA GLU C 207 -50.20 -37.65 -7.31
C GLU C 207 -50.07 -38.43 -6.00
N GLU C 208 -50.24 -39.77 -6.09
CA GLU C 208 -50.27 -40.75 -4.98
C GLU C 208 -48.87 -40.95 -4.39
N LEU C 209 -47.84 -41.12 -5.23
CA LEU C 209 -46.41 -41.21 -4.81
C LEU C 209 -46.04 -40.01 -3.94
N ALA C 210 -46.51 -38.81 -4.31
CA ALA C 210 -46.28 -37.51 -3.62
C ALA C 210 -46.78 -37.56 -2.17
N GLU C 211 -47.98 -38.12 -1.94
CA GLU C 211 -48.62 -38.18 -0.60
C GLU C 211 -47.87 -39.16 0.32
N THR C 212 -47.34 -40.27 -0.22
CA THR C 212 -46.55 -41.28 0.55
C THR C 212 -45.23 -40.65 1.03
N PHE C 213 -44.54 -39.93 0.12
CA PHE C 213 -43.26 -39.21 0.40
C PHE C 213 -43.53 -38.06 1.39
N GLN C 214 -44.68 -37.38 1.25
CA GLN C 214 -45.12 -36.22 2.08
C GLN C 214 -45.18 -36.62 3.57
N ASP C 215 -45.61 -37.85 3.86
CA ASP C 215 -45.79 -38.38 5.24
C ASP C 215 -44.45 -38.45 6.00
N THR C 216 -43.33 -38.57 5.29
CA THR C 216 -41.96 -38.79 5.88
C THR C 216 -41.00 -37.68 5.43
N PHE C 217 -41.50 -36.63 4.74
CA PHE C 217 -40.69 -35.55 4.10
C PHE C 217 -40.60 -34.33 5.03
N SER C 218 -39.38 -33.83 5.26
CA SER C 218 -39.09 -32.67 6.15
C SER C 218 -39.35 -31.34 5.42
N GLY C 219 -39.39 -31.34 4.08
CA GLY C 219 -39.46 -30.11 3.26
C GLY C 219 -38.09 -29.70 2.72
N ALA C 220 -37.01 -30.34 3.21
CA ALA C 220 -35.60 -30.10 2.84
C ALA C 220 -35.32 -30.75 1.47
N LEU C 221 -34.37 -30.20 0.71
CA LEU C 221 -34.22 -30.44 -0.75
C LEU C 221 -33.60 -31.83 -1.03
N GLY C 222 -32.71 -32.35 -0.18
CA GLY C 222 -32.14 -33.71 -0.37
C GLY C 222 -31.13 -33.78 -1.50
N LYS C 223 -30.39 -34.90 -1.62
CA LYS C 223 -29.06 -34.96 -2.30
C LYS C 223 -29.22 -34.74 -3.82
N GLN C 224 -30.28 -35.28 -4.43
CA GLN C 224 -30.48 -35.33 -5.92
C GLN C 224 -30.90 -33.95 -6.45
N SER C 225 -31.89 -33.32 -5.82
CA SER C 225 -32.37 -31.94 -6.15
C SER C 225 -31.18 -30.96 -6.05
N SER C 226 -30.44 -31.00 -4.94
CA SER C 226 -29.31 -30.10 -4.61
C SER C 226 -28.19 -30.22 -5.65
N SER C 227 -27.90 -31.45 -6.11
CA SER C 227 -26.88 -31.73 -7.16
C SER C 227 -27.28 -31.09 -8.50
N LEU C 228 -28.56 -31.16 -8.87
CA LEU C 228 -29.11 -30.67 -10.16
C LEU C 228 -29.20 -29.14 -10.15
N LEU C 229 -29.50 -28.53 -8.99
CA LEU C 229 -29.56 -27.05 -8.83
C LEU C 229 -28.14 -26.46 -8.86
N SER C 230 -27.17 -27.15 -8.27
CA SER C 230 -25.73 -26.78 -8.29
C SER C 230 -25.22 -26.78 -9.74
N ARG C 231 -25.59 -27.80 -10.52
CA ARG C 231 -25.22 -27.95 -11.96
C ARG C 231 -25.90 -26.86 -12.81
N LEU C 232 -27.20 -26.62 -12.59
CA LEU C 232 -28.00 -25.57 -13.29
C LEU C 232 -27.27 -24.23 -13.18
N ILE C 233 -26.94 -23.83 -11.94
CA ILE C 233 -26.27 -22.53 -11.62
C ILE C 233 -24.86 -22.53 -12.21
N SER C 234 -24.05 -23.57 -11.94
CA SER C 234 -22.61 -23.60 -12.31
C SER C 234 -22.43 -23.70 -13.82
N SER C 235 -23.42 -24.19 -14.57
CA SER C 235 -23.33 -24.46 -16.03
C SER C 235 -24.17 -23.46 -16.86
N LYS C 236 -25.24 -22.87 -16.31
CA LYS C 236 -26.20 -22.02 -17.07
C LYS C 236 -26.23 -20.56 -16.59
N MET C 237 -25.58 -20.18 -15.49
CA MET C 237 -25.55 -18.78 -14.98
C MET C 237 -24.23 -18.11 -15.37
N PRO C 238 -24.22 -16.78 -15.58
CA PRO C 238 -23.02 -16.07 -16.06
C PRO C 238 -21.95 -15.94 -14.95
N GLY C 239 -20.69 -15.76 -15.35
CA GLY C 239 -19.52 -15.79 -14.45
C GLY C 239 -19.74 -14.96 -13.19
N GLY C 240 -19.61 -15.58 -12.01
CA GLY C 240 -19.73 -14.90 -10.70
C GLY C 240 -21.14 -14.95 -10.13
N PHE C 241 -22.15 -15.33 -10.92
CA PHE C 241 -23.57 -15.46 -10.50
C PHE C 241 -23.74 -16.84 -9.82
N THR C 242 -23.24 -16.96 -8.58
CA THR C 242 -23.35 -18.15 -7.70
C THR C 242 -24.80 -18.45 -7.34
N ILE C 243 -25.08 -19.66 -6.83
CA ILE C 243 -26.40 -20.02 -6.22
C ILE C 243 -26.69 -19.06 -5.05
N THR C 244 -25.67 -18.60 -4.31
CA THR C 244 -25.84 -17.67 -3.16
C THR C 244 -26.22 -16.27 -3.67
N VAL C 245 -25.63 -15.82 -4.79
CA VAL C 245 -26.00 -14.53 -5.47
C VAL C 245 -27.45 -14.62 -5.95
N ALA C 246 -27.91 -15.81 -6.39
CA ALA C 246 -29.26 -16.06 -6.94
C ALA C 246 -30.30 -16.18 -5.82
N ARG C 247 -29.89 -16.47 -4.58
CA ARG C 247 -30.78 -16.48 -3.39
C ARG C 247 -30.85 -15.06 -2.80
N LYS C 248 -29.73 -14.34 -2.78
CA LYS C 248 -29.67 -12.90 -2.38
C LYS C 248 -30.62 -12.11 -3.29
N TYR C 249 -30.67 -12.41 -4.60
CA TYR C 249 -31.55 -11.73 -5.58
C TYR C 249 -33.02 -12.09 -5.34
N LEU C 250 -33.33 -13.34 -4.98
CA LEU C 250 -34.73 -13.78 -4.72
C LEU C 250 -35.21 -13.26 -3.35
N GLN C 251 -34.30 -12.97 -2.41
CA GLN C 251 -34.62 -12.33 -1.10
C GLN C 251 -34.81 -10.82 -1.30
N THR C 252 -33.87 -10.13 -1.96
CA THR C 252 -33.91 -8.67 -2.25
C THR C 252 -35.13 -8.32 -3.12
N ARG C 253 -35.19 -8.87 -4.34
CA ARG C 253 -36.11 -8.39 -5.42
C ARG C 253 -37.53 -8.92 -5.19
N TRP C 254 -37.72 -10.10 -4.60
CA TRP C 254 -39.08 -10.74 -4.46
C TRP C 254 -39.40 -11.10 -3.00
N GLY C 255 -38.50 -10.84 -2.05
CA GLY C 255 -38.72 -11.04 -0.59
C GLY C 255 -39.12 -12.46 -0.24
N LEU C 256 -38.34 -13.45 -0.69
CA LEU C 256 -38.62 -14.91 -0.49
C LEU C 256 -37.61 -15.50 0.49
N PRO C 257 -38.08 -16.19 1.56
CA PRO C 257 -37.21 -16.92 2.47
C PRO C 257 -36.74 -18.27 1.91
N SER C 258 -35.83 -18.97 2.60
CA SER C 258 -35.06 -20.16 2.11
C SER C 258 -35.99 -21.24 1.53
N GLY C 259 -37.16 -21.49 2.14
CA GLY C 259 -38.13 -22.51 1.71
C GLY C 259 -38.74 -22.19 0.35
N ARG C 260 -39.10 -20.93 0.09
CA ARG C 260 -39.77 -20.46 -1.15
C ARG C 260 -38.75 -20.35 -2.30
N GLN C 261 -37.52 -19.91 -2.01
CA GLN C 261 -36.41 -19.86 -3.01
C GLN C 261 -36.16 -21.28 -3.53
N ASP C 262 -36.16 -22.27 -2.62
CA ASP C 262 -36.04 -23.73 -2.96
C ASP C 262 -37.05 -24.07 -4.07
N GLY C 263 -38.30 -23.60 -3.93
CA GLY C 263 -39.39 -23.79 -4.92
C GLY C 263 -39.14 -23.04 -6.23
N VAL C 264 -38.67 -21.79 -6.17
CA VAL C 264 -38.37 -20.93 -7.36
C VAL C 264 -37.26 -21.59 -8.19
N LEU C 265 -36.24 -22.15 -7.53
CA LEU C 265 -35.07 -22.80 -8.18
C LEU C 265 -35.51 -24.16 -8.77
N LEU C 266 -36.41 -24.90 -8.10
CA LEU C 266 -36.98 -26.18 -8.60
C LEU C 266 -37.74 -25.93 -9.92
N VAL C 267 -38.50 -24.84 -9.99
CA VAL C 267 -39.28 -24.43 -11.19
C VAL C 267 -38.28 -24.00 -12.28
N ALA C 268 -37.20 -23.29 -11.90
CA ALA C 268 -36.07 -22.87 -12.77
C ALA C 268 -35.39 -24.09 -13.40
N LEU C 269 -35.29 -25.20 -12.65
CA LEU C 269 -34.64 -26.47 -13.10
C LEU C 269 -35.46 -27.13 -14.22
N SER C 270 -36.80 -27.01 -14.22
CA SER C 270 -37.71 -27.61 -15.22
C SER C 270 -37.96 -26.64 -16.39
N ASN C 271 -37.36 -25.44 -16.34
CA ASN C 271 -37.30 -24.44 -17.45
C ASN C 271 -35.83 -24.06 -17.69
N GLU C 272 -34.92 -25.00 -17.43
CA GLU C 272 -33.43 -24.86 -17.53
C GLU C 272 -33.08 -24.33 -18.92
N PRO C 273 -32.40 -23.17 -19.05
CA PRO C 273 -32.02 -22.66 -20.37
C PRO C 273 -31.05 -23.62 -21.07
N ALA C 274 -31.06 -23.67 -22.40
CA ALA C 274 -30.33 -24.64 -23.27
C ALA C 274 -28.83 -24.32 -23.27
N ALA C 275 -28.49 -23.03 -23.36
CA ALA C 275 -27.11 -22.48 -23.25
C ALA C 275 -26.99 -21.61 -21.99
N ARG C 276 -25.76 -21.38 -21.55
CA ARG C 276 -25.40 -20.43 -20.46
C ARG C 276 -26.00 -19.05 -20.79
N LEU C 277 -26.57 -18.35 -19.81
CA LEU C 277 -27.12 -16.98 -19.99
C LEU C 277 -25.96 -15.99 -20.04
N GLY C 278 -26.05 -14.99 -20.92
CA GLY C 278 -24.94 -14.10 -21.31
C GLY C 278 -24.57 -13.09 -20.25
N SER C 279 -25.54 -12.31 -19.77
CA SER C 279 -25.33 -11.18 -18.83
C SER C 279 -25.99 -11.47 -17.48
N GLU C 280 -25.52 -10.77 -16.44
CA GLU C 280 -26.15 -10.69 -15.10
C GLU C 280 -27.62 -10.21 -15.26
N ALA C 281 -27.89 -9.34 -16.25
CA ALA C 281 -29.24 -8.85 -16.59
C ALA C 281 -30.16 -10.00 -17.01
N ASP C 282 -29.65 -10.90 -17.88
CA ASP C 282 -30.40 -12.06 -18.45
C ASP C 282 -30.70 -13.08 -17.35
N ALA C 283 -29.77 -13.26 -16.40
CA ALA C 283 -29.87 -14.16 -15.22
C ALA C 283 -30.98 -13.69 -14.29
N LYS C 284 -31.09 -12.38 -14.04
CA LYS C 284 -32.14 -11.74 -13.18
C LYS C 284 -33.50 -11.82 -13.90
N ALA C 285 -33.52 -11.54 -15.21
CA ALA C 285 -34.70 -11.65 -16.11
C ALA C 285 -35.26 -13.07 -16.05
N PHE C 286 -34.38 -14.08 -16.07
CA PHE C 286 -34.73 -15.52 -15.97
C PHE C 286 -35.40 -15.80 -14.61
N LEU C 287 -34.75 -15.40 -13.50
CA LEU C 287 -35.23 -15.68 -12.11
C LEU C 287 -36.53 -14.92 -11.81
N ASP C 288 -36.74 -13.73 -12.41
CA ASP C 288 -38.00 -12.94 -12.34
C ASP C 288 -39.14 -13.77 -12.94
N SER C 289 -38.95 -14.25 -14.17
CA SER C 289 -39.88 -15.11 -14.95
C SER C 289 -40.18 -16.42 -14.19
N MET C 290 -39.18 -16.97 -13.48
CA MET C 290 -39.29 -18.26 -12.71
C MET C 290 -40.00 -18.02 -11.36
N ALA C 291 -39.89 -16.81 -10.80
CA ALA C 291 -40.59 -16.41 -9.54
C ALA C 291 -42.10 -16.32 -9.81
N GLN C 292 -42.49 -15.80 -10.98
CA GLN C 292 -43.91 -15.62 -11.42
C GLN C 292 -44.54 -16.99 -11.77
N LYS C 293 -43.76 -17.94 -12.25
CA LYS C 293 -44.23 -19.34 -12.53
C LYS C 293 -44.47 -20.08 -11.21
N TYR C 294 -43.62 -19.83 -10.20
CA TYR C 294 -43.74 -20.38 -8.83
C TYR C 294 -44.94 -19.74 -8.10
N ALA C 295 -45.18 -18.45 -8.33
CA ALA C 295 -46.35 -17.69 -7.80
C ALA C 295 -47.65 -18.35 -8.26
N SER C 296 -47.73 -18.78 -9.53
CA SER C 296 -48.86 -19.54 -10.14
C SER C 296 -49.04 -20.90 -9.44
N ILE C 297 -47.98 -21.72 -9.42
CA ILE C 297 -48.00 -23.16 -8.98
C ILE C 297 -48.37 -23.26 -7.50
N VAL C 298 -47.95 -22.31 -6.64
CA VAL C 298 -48.25 -22.32 -5.17
C VAL C 298 -49.33 -21.28 -4.81
N GLY C 299 -49.79 -20.45 -5.75
CA GLY C 299 -50.83 -19.42 -5.53
C GLY C 299 -50.44 -18.38 -4.49
N VAL C 300 -49.61 -17.39 -4.86
CA VAL C 300 -49.01 -16.35 -3.98
C VAL C 300 -48.82 -15.08 -4.83
N ASP C 301 -49.03 -13.90 -4.24
CA ASP C 301 -49.02 -12.57 -4.91
C ASP C 301 -47.62 -11.94 -4.83
N LEU C 302 -47.14 -11.30 -5.92
CA LEU C 302 -45.80 -10.66 -6.05
C LEU C 302 -45.91 -9.23 -6.64
N LEU C 328 -26.88 2.05 -0.46
CA LEU C 328 -25.97 1.09 -1.15
C LEU C 328 -24.53 1.28 -0.66
N GLU C 329 -24.08 0.29 0.10
CA GLU C 329 -22.70 0.10 0.65
C GLU C 329 -21.95 -0.88 -0.28
N GLU C 330 -22.01 -0.60 -1.57
CA GLU C 330 -21.28 -1.35 -2.63
C GLU C 330 -19.94 -0.65 -2.90
N ILE C 331 -19.80 0.63 -2.51
CA ILE C 331 -18.51 1.39 -2.59
C ILE C 331 -17.59 0.92 -1.45
N THR C 332 -18.17 0.69 -0.26
CA THR C 332 -17.45 0.21 0.95
C THR C 332 -17.03 -1.26 0.73
N LYS C 333 -17.85 -2.06 0.05
CA LYS C 333 -17.49 -3.45 -0.32
C LYS C 333 -16.34 -3.40 -1.34
N ASP C 334 -16.31 -2.38 -2.21
CA ASP C 334 -15.36 -2.29 -3.35
C ASP C 334 -13.95 -2.07 -2.80
N HIS C 335 -13.85 -1.35 -1.68
CA HIS C 335 -12.57 -1.06 -1.01
C HIS C 335 -12.09 -2.31 -0.27
N LYS C 336 -12.90 -2.92 0.59
CA LYS C 336 -12.54 -4.18 1.30
C LYS C 336 -11.98 -5.20 0.31
N VAL C 337 -12.45 -5.22 -0.94
CA VAL C 337 -11.92 -6.15 -1.99
C VAL C 337 -10.48 -5.77 -2.32
N LEU C 338 -10.18 -4.48 -2.42
CA LEU C 338 -8.83 -3.97 -2.74
C LEU C 338 -7.91 -4.41 -1.61
N ALA C 339 -8.22 -3.98 -0.39
CA ALA C 339 -7.49 -4.32 0.86
C ALA C 339 -7.21 -5.82 0.89
N ARG C 340 -8.22 -6.63 0.62
CA ARG C 340 -8.14 -8.12 0.65
C ARG C 340 -7.05 -8.57 -0.34
N GLN C 341 -6.99 -7.97 -1.52
CA GLN C 341 -6.05 -8.38 -2.60
C GLN C 341 -4.63 -7.91 -2.27
N GLN C 342 -4.48 -6.71 -1.68
CA GLN C 342 -3.17 -6.17 -1.25
C GLN C 342 -2.60 -7.12 -0.20
N LEU C 343 -3.43 -7.57 0.75
CA LEU C 343 -3.03 -8.55 1.79
C LEU C 343 -2.49 -9.80 1.11
N GLN C 344 -3.26 -10.32 0.15
CA GLN C 344 -2.94 -11.57 -0.60
C GLN C 344 -1.54 -11.44 -1.21
N VAL C 345 -1.20 -10.33 -1.87
CA VAL C 345 0.07 -10.22 -2.64
C VAL C 345 1.22 -10.11 -1.64
N LEU C 346 0.95 -9.53 -0.46
CA LEU C 346 1.99 -9.34 0.59
C LEU C 346 2.28 -10.70 1.20
N ALA C 347 1.24 -11.48 1.47
CA ALA C 347 1.34 -12.86 1.99
C ALA C 347 2.18 -13.70 1.02
N ARG C 348 1.92 -13.56 -0.29
CA ARG C 348 2.63 -14.31 -1.35
C ARG C 348 4.13 -14.00 -1.26
N TYR C 349 4.48 -12.71 -1.20
CA TYR C 349 5.88 -12.22 -1.13
C TYR C 349 6.57 -12.78 0.11
N LEU C 350 5.90 -12.74 1.26
CA LEU C 350 6.42 -13.20 2.56
C LEU C 350 6.48 -14.73 2.64
N LYS C 351 5.99 -15.45 1.61
CA LYS C 351 5.85 -16.92 1.60
C LYS C 351 5.01 -17.35 2.80
N MET C 352 4.09 -16.51 3.26
CA MET C 352 3.12 -16.84 4.33
C MET C 352 2.04 -17.72 3.74
N ASP C 353 1.65 -18.77 4.46
CA ASP C 353 0.61 -19.72 4.05
C ASP C 353 -0.61 -19.46 4.93
N LEU C 354 -1.39 -18.43 4.63
CA LEU C 354 -2.45 -17.94 5.53
C LEU C 354 -3.38 -19.07 5.96
N ASP C 355 -3.47 -20.17 5.21
CA ASP C 355 -4.50 -21.22 5.45
C ASP C 355 -3.91 -22.46 6.14
N ASN C 356 -2.61 -22.52 6.41
CA ASN C 356 -1.97 -23.68 7.09
C ASN C 356 -2.78 -24.03 8.36
N GLY C 357 -3.15 -23.03 9.16
CA GLY C 357 -3.85 -23.27 10.45
C GLY C 357 -5.12 -24.07 10.24
N GLU C 358 -6.04 -23.58 9.40
CA GLU C 358 -7.32 -24.22 9.07
C GLU C 358 -7.07 -25.61 8.50
N ARG C 359 -6.07 -25.78 7.65
CA ARG C 359 -5.73 -27.09 7.05
C ARG C 359 -5.44 -28.11 8.16
N LYS C 360 -4.60 -27.74 9.11
CA LYS C 360 -4.18 -28.63 10.23
C LYS C 360 -5.39 -28.94 11.09
N PHE C 361 -6.27 -27.95 11.27
CA PHE C 361 -7.50 -28.08 12.10
C PHE C 361 -8.43 -29.11 11.46
N LEU C 362 -8.69 -29.01 10.17
CA LEU C 362 -9.60 -29.93 9.46
C LEU C 362 -9.09 -31.36 9.61
N LYS C 363 -7.77 -31.53 9.56
CA LYS C 363 -7.12 -32.86 9.64
C LYS C 363 -7.34 -33.41 11.05
N GLU C 364 -7.24 -32.57 12.07
CA GLU C 364 -7.30 -32.98 13.48
C GLU C 364 -8.75 -33.34 13.81
N LYS C 365 -9.69 -32.49 13.37
CA LYS C 365 -11.16 -32.67 13.53
C LYS C 365 -11.56 -34.06 13.00
N ASP C 366 -10.98 -34.47 11.88
CA ASP C 366 -11.19 -35.83 11.31
C ASP C 366 -10.62 -36.87 12.26
N THR C 367 -9.40 -36.72 12.77
CA THR C 367 -8.81 -37.77 13.65
C THR C 367 -9.57 -37.74 14.98
N VAL C 368 -10.26 -36.64 15.33
CA VAL C 368 -11.15 -36.66 16.53
C VAL C 368 -12.32 -37.58 16.26
N ALA C 369 -13.08 -37.34 15.19
CA ALA C 369 -14.25 -38.15 14.81
C ALA C 369 -13.87 -39.63 14.73
N GLU C 370 -12.66 -39.93 14.23
CA GLU C 370 -12.14 -41.31 14.04
C GLU C 370 -12.02 -41.95 15.44
N LEU C 371 -11.34 -41.30 16.37
CA LEU C 371 -11.19 -41.80 17.75
C LEU C 371 -12.55 -41.85 18.43
N GLN C 372 -13.40 -40.83 18.25
CA GLN C 372 -14.71 -40.76 18.93
C GLN C 372 -15.52 -41.99 18.56
N ALA C 373 -15.42 -42.43 17.29
CA ALA C 373 -16.14 -43.61 16.77
C ALA C 373 -15.61 -44.86 17.45
N GLN C 374 -14.30 -44.98 17.64
CA GLN C 374 -13.67 -46.17 18.27
C GLN C 374 -14.17 -46.26 19.71
N LEU C 375 -14.26 -45.13 20.37
CA LEU C 375 -14.65 -45.02 21.79
C LEU C 375 -16.15 -45.29 21.93
N ASP C 376 -16.94 -44.78 20.97
CA ASP C 376 -18.40 -45.01 20.89
C ASP C 376 -18.67 -46.51 20.69
N TYR C 377 -17.87 -47.17 19.87
CA TYR C 377 -18.07 -48.61 19.55
C TYR C 377 -17.85 -49.41 20.83
N LEU C 378 -16.75 -49.15 21.53
CA LEU C 378 -16.43 -49.84 22.81
C LEU C 378 -17.58 -49.61 23.79
N ASN C 379 -18.19 -48.44 23.83
CA ASN C 379 -19.34 -48.16 24.75
C ASN C 379 -20.56 -48.96 24.29
N ALA C 380 -20.78 -49.15 22.99
CA ALA C 380 -21.90 -49.96 22.47
C ALA C 380 -21.73 -51.43 22.87
N GLU C 381 -20.49 -51.93 22.86
CA GLU C 381 -20.19 -53.36 23.12
C GLU C 381 -20.23 -53.62 24.62
N LEU C 382 -19.57 -52.79 25.41
CA LEU C 382 -19.35 -53.06 26.84
C LEU C 382 -20.42 -52.38 27.69
N GLY C 383 -20.96 -51.27 27.24
CA GLY C 383 -21.98 -50.52 28.00
C GLY C 383 -21.36 -49.53 28.95
N GLU C 384 -22.10 -48.45 29.25
CA GLU C 384 -21.61 -47.32 30.08
C GLU C 384 -21.17 -47.85 31.46
N PHE C 385 -21.91 -48.78 32.06
CA PHE C 385 -21.67 -49.22 33.45
C PHE C 385 -20.26 -49.80 33.56
N PHE C 386 -19.92 -50.67 32.61
CA PHE C 386 -18.66 -51.44 32.57
C PHE C 386 -17.49 -50.49 32.28
N VAL C 387 -17.67 -49.63 31.28
CA VAL C 387 -16.58 -48.74 30.79
C VAL C 387 -16.26 -47.73 31.89
N ASN C 388 -17.27 -47.18 32.56
CA ASN C 388 -17.04 -46.30 33.73
C ASN C 388 -16.52 -47.15 34.88
N GLY C 389 -17.08 -48.34 35.05
CA GLY C 389 -16.83 -49.17 36.24
C GLY C 389 -15.38 -49.61 36.36
N VAL C 390 -14.68 -49.66 35.24
CA VAL C 390 -13.39 -50.36 35.10
C VAL C 390 -12.25 -49.36 35.37
N ALA C 391 -12.63 -48.17 35.83
CA ALA C 391 -11.72 -47.03 36.06
C ALA C 391 -10.89 -47.23 37.32
N THR C 392 -9.69 -46.66 37.30
CA THR C 392 -8.62 -46.89 38.30
C THR C 392 -8.98 -46.16 39.59
N SER C 393 -8.75 -46.77 40.75
CA SER C 393 -8.89 -46.15 42.10
C SER C 393 -7.61 -46.27 42.90
N PHE C 394 -6.86 -47.35 42.70
CA PHE C 394 -5.67 -47.67 43.53
C PHE C 394 -4.56 -46.67 43.23
N SER C 395 -3.80 -46.33 44.26
CA SER C 395 -2.76 -45.28 44.23
C SER C 395 -1.95 -45.41 45.52
N ARG C 396 -0.67 -45.74 45.45
CA ARG C 396 0.14 -46.04 46.66
C ARG C 396 0.12 -44.86 47.65
N LYS C 397 0.00 -43.63 47.16
CA LYS C 397 0.10 -42.47 48.05
C LYS C 397 -1.18 -42.31 48.86
N LYS C 398 -2.24 -43.03 48.51
CA LYS C 398 -3.50 -42.95 49.28
C LYS C 398 -3.52 -44.01 50.38
N ALA C 399 -2.46 -44.81 50.52
CA ALA C 399 -2.42 -45.91 51.51
C ALA C 399 -2.26 -45.33 52.92
N ARG C 400 -3.35 -45.28 53.67
CA ARG C 400 -3.33 -44.97 55.12
C ARG C 400 -2.86 -46.21 55.87
N THR C 401 -1.97 -46.03 56.85
CA THR C 401 -1.33 -47.14 57.59
C THR C 401 -1.48 -46.87 59.09
N PHE C 402 -2.17 -47.77 59.77
CA PHE C 402 -2.51 -47.74 61.21
C PHE C 402 -1.71 -48.81 61.95
N ASP C 403 -0.89 -48.41 62.92
CA ASP C 403 -0.02 -49.33 63.67
C ASP C 403 0.23 -48.88 65.11
N SER C 404 -0.28 -47.75 65.57
CA SER C 404 0.08 -47.13 66.88
C SER C 404 -0.81 -47.71 67.97
N SER C 405 -0.85 -49.05 68.08
CA SER C 405 -1.63 -49.79 69.12
C SER C 405 -1.14 -49.39 70.52
N TRP C 406 0.14 -49.09 70.66
CA TRP C 406 0.75 -48.70 71.95
C TRP C 406 0.02 -47.49 72.55
N ASN C 407 -0.47 -46.60 71.70
CA ASN C 407 -1.20 -45.39 72.17
C ASN C 407 -2.65 -45.78 72.46
N TRP C 408 -3.26 -46.51 71.54
CA TRP C 408 -4.72 -46.82 71.55
C TRP C 408 -5.07 -47.66 72.78
N ALA C 409 -4.18 -48.53 73.24
CA ALA C 409 -4.39 -49.36 74.45
C ALA C 409 -4.69 -48.45 75.65
N LYS C 410 -3.84 -47.46 75.90
CA LYS C 410 -4.00 -46.53 77.03
C LYS C 410 -5.30 -45.73 76.86
N GLN C 411 -5.69 -45.44 75.63
CA GLN C 411 -6.96 -44.72 75.37
C GLN C 411 -8.13 -45.62 75.71
N SER C 412 -8.15 -46.84 75.16
CA SER C 412 -9.16 -47.90 75.40
C SER C 412 -9.35 -48.09 76.91
N LEU C 413 -8.26 -48.16 77.67
CA LEU C 413 -8.28 -48.40 79.12
C LEU C 413 -9.03 -47.23 79.77
N LEU C 414 -8.64 -46.01 79.45
CA LEU C 414 -9.17 -44.79 80.11
C LEU C 414 -10.64 -44.58 79.72
N SER C 415 -11.03 -45.01 78.53
CA SER C 415 -12.40 -44.91 78.00
C SER C 415 -13.29 -45.89 78.77
N LEU C 416 -12.84 -47.14 78.92
CA LEU C 416 -13.48 -48.17 79.78
C LEU C 416 -13.65 -47.61 81.19
N TYR C 417 -12.57 -47.12 81.78
CA TYR C 417 -12.50 -46.65 83.17
C TYR C 417 -13.63 -45.65 83.41
N PHE C 418 -13.75 -44.63 82.55
CA PHE C 418 -14.72 -43.52 82.76
C PHE C 418 -16.12 -43.97 82.39
N GLU C 419 -16.25 -44.93 81.48
CA GLU C 419 -17.59 -45.47 81.12
C GLU C 419 -18.14 -46.23 82.31
N ILE C 420 -17.27 -46.90 83.07
CA ILE C 420 -17.71 -47.65 84.28
C ILE C 420 -18.06 -46.64 85.37
N ILE C 421 -17.25 -45.61 85.57
CA ILE C 421 -17.49 -44.60 86.64
C ILE C 421 -18.84 -43.93 86.40
N HIS C 422 -19.18 -43.63 85.15
CA HIS C 422 -20.40 -42.88 84.79
C HIS C 422 -21.59 -43.83 84.62
N GLY C 423 -21.38 -45.14 84.77
CA GLY C 423 -22.46 -46.14 84.73
C GLY C 423 -22.93 -46.44 83.33
N VAL C 424 -22.23 -45.94 82.31
CA VAL C 424 -22.47 -46.32 80.89
C VAL C 424 -22.26 -47.84 80.75
N LEU C 425 -21.25 -48.39 81.43
CA LEU C 425 -21.04 -49.85 81.51
C LEU C 425 -21.19 -50.33 82.96
N LYS C 426 -21.90 -51.44 83.14
CA LYS C 426 -22.22 -52.06 84.45
C LYS C 426 -21.51 -53.40 84.53
N ASN C 427 -21.55 -54.07 85.68
CA ASN C 427 -20.75 -55.30 85.91
C ASN C 427 -21.40 -56.49 85.20
N VAL C 428 -22.54 -56.32 84.53
CA VAL C 428 -23.25 -57.39 83.78
C VAL C 428 -22.85 -57.30 82.29
N ASP C 429 -22.69 -56.09 81.78
CA ASP C 429 -22.44 -55.80 80.34
C ASP C 429 -21.23 -56.60 79.85
N ARG C 430 -21.35 -57.24 78.69
CA ARG C 430 -20.26 -58.05 78.09
C ARG C 430 -19.26 -57.11 77.44
N GLU C 431 -19.67 -55.90 77.07
CA GLU C 431 -18.74 -54.94 76.42
C GLU C 431 -17.52 -54.81 77.36
N VAL C 432 -17.68 -54.95 78.69
CA VAL C 432 -16.50 -54.81 79.60
C VAL C 432 -15.62 -56.06 79.49
N VAL C 433 -16.15 -57.23 79.16
CA VAL C 433 -15.29 -58.42 79.00
C VAL C 433 -14.50 -58.28 77.69
N SER C 434 -15.15 -57.96 76.58
CA SER C 434 -14.47 -57.85 75.27
C SER C 434 -13.48 -56.70 75.29
N GLU C 435 -13.78 -55.56 75.93
CA GLU C 435 -12.84 -54.41 75.97
C GLU C 435 -11.65 -54.83 76.84
N ALA C 436 -11.85 -55.73 77.80
CA ALA C 436 -10.76 -56.31 78.62
C ALA C 436 -9.84 -57.16 77.74
N ILE C 437 -10.42 -57.94 76.82
CA ILE C 437 -9.65 -58.79 75.88
C ILE C 437 -8.77 -57.91 75.01
N ASN C 438 -9.28 -56.76 74.57
CA ASN C 438 -8.58 -55.87 73.60
C ASN C 438 -7.43 -55.18 74.33
N ILE C 439 -7.62 -54.82 75.59
CA ILE C 439 -6.54 -54.24 76.42
C ILE C 439 -5.49 -55.33 76.66
N MET C 440 -5.90 -56.54 77.06
CA MET C 440 -4.98 -57.68 77.28
C MET C 440 -4.17 -57.95 76.00
N ASN C 441 -4.82 -57.86 74.85
CA ASN C 441 -4.20 -58.12 73.53
C ASN C 441 -3.13 -57.07 73.21
N ARG C 442 -2.98 -56.03 74.03
CA ARG C 442 -1.99 -54.97 73.79
C ARG C 442 -1.12 -54.78 75.03
N SER C 443 -1.06 -55.80 75.88
CA SER C 443 -0.28 -55.74 77.13
C SER C 443 1.20 -55.53 76.80
N ASN C 444 1.79 -54.44 77.31
CA ASN C 444 3.26 -54.21 77.40
C ASN C 444 3.55 -53.52 78.74
N ASP C 445 4.82 -53.25 79.04
CA ASP C 445 5.25 -52.76 80.38
C ASP C 445 4.63 -51.39 80.67
N ALA C 446 4.54 -50.53 79.67
CA ALA C 446 4.01 -49.15 79.81
C ALA C 446 2.52 -49.19 80.17
N LEU C 447 1.75 -50.08 79.52
CA LEU C 447 0.28 -50.25 79.71
C LEU C 447 0.05 -50.67 81.16
N ILE C 448 0.86 -51.57 81.67
CA ILE C 448 0.67 -52.07 83.06
C ILE C 448 0.95 -50.92 84.01
N LYS C 449 2.04 -50.17 83.80
CA LYS C 449 2.42 -49.00 84.63
C LYS C 449 1.27 -47.99 84.64
N PHE C 450 0.64 -47.81 83.48
CA PHE C 450 -0.49 -46.88 83.25
C PHE C 450 -1.70 -47.32 84.08
N MET C 451 -2.06 -48.60 84.03
CA MET C 451 -3.22 -49.14 84.77
C MET C 451 -2.90 -49.11 86.26
N GLU C 452 -1.71 -49.57 86.63
CA GLU C 452 -1.23 -49.55 88.03
C GLU C 452 -1.46 -48.14 88.57
N TYR C 453 -1.03 -47.10 87.87
CA TYR C 453 -1.17 -45.71 88.41
C TYR C 453 -2.64 -45.39 88.60
N HIS C 454 -3.42 -45.54 87.53
CA HIS C 454 -4.83 -45.07 87.47
C HIS C 454 -5.70 -45.88 88.43
N ILE C 455 -5.53 -47.21 88.48
CA ILE C 455 -6.35 -48.12 89.33
C ILE C 455 -5.97 -47.92 90.79
N SER C 456 -4.68 -47.89 91.10
CA SER C 456 -4.24 -47.72 92.50
C SER C 456 -4.67 -46.34 93.00
N ASN C 457 -4.75 -45.33 92.13
CA ASN C 457 -5.03 -43.95 92.60
C ASN C 457 -6.52 -43.64 92.44
N THR C 458 -7.37 -44.65 92.23
CA THR C 458 -8.85 -44.49 92.29
C THR C 458 -9.30 -44.82 93.71
N ASP C 459 -10.18 -44.00 94.23
CA ASP C 459 -10.63 -44.01 95.65
C ASP C 459 -12.00 -44.66 95.69
N GLU C 460 -12.04 -45.94 96.04
CA GLU C 460 -13.27 -46.76 96.11
C GLU C 460 -14.34 -46.08 96.97
N THR C 461 -13.97 -45.23 97.93
CA THR C 461 -14.93 -44.65 98.92
C THR C 461 -15.83 -43.62 98.22
N LYS C 462 -15.51 -43.22 97.00
CA LYS C 462 -16.29 -42.19 96.25
C LYS C 462 -17.63 -42.75 95.78
N GLY C 463 -17.83 -44.07 95.78
CA GLY C 463 -19.11 -44.68 95.42
C GLY C 463 -18.96 -46.02 94.72
N GLU C 464 -20.08 -46.70 94.48
CA GLU C 464 -20.11 -48.12 94.05
C GLU C 464 -19.37 -48.28 92.73
N ASN C 465 -19.49 -47.30 91.83
CA ASN C 465 -18.89 -47.36 90.47
C ASN C 465 -17.37 -47.26 90.57
N TYR C 466 -16.87 -46.46 91.51
CA TYR C 466 -15.41 -46.31 91.78
C TYR C 466 -14.86 -47.64 92.30
N GLN C 467 -15.58 -48.27 93.25
CA GLN C 467 -15.22 -49.60 93.81
C GLN C 467 -15.20 -50.61 92.67
N LEU C 468 -16.22 -50.61 91.82
CA LEU C 468 -16.33 -51.57 90.71
C LEU C 468 -15.12 -51.42 89.78
N VAL C 469 -14.78 -50.19 89.41
CA VAL C 469 -13.68 -49.98 88.42
C VAL C 469 -12.36 -50.39 89.09
N LYS C 470 -12.24 -50.14 90.38
CA LYS C 470 -11.01 -50.46 91.12
C LYS C 470 -10.83 -51.98 91.12
N THR C 471 -11.90 -52.75 91.31
CA THR C 471 -11.83 -54.23 91.35
C THR C 471 -11.54 -54.73 89.93
N LEU C 472 -12.36 -54.33 88.94
CA LEU C 472 -12.16 -54.71 87.52
C LEU C 472 -10.70 -54.38 87.16
N GLY C 473 -10.23 -53.18 87.55
CA GLY C 473 -8.88 -52.70 87.23
C GLY C 473 -7.80 -53.63 87.75
N GLU C 474 -7.89 -53.98 89.04
CA GLU C 474 -6.90 -54.83 89.74
C GLU C 474 -6.84 -56.17 89.02
N GLN C 475 -7.99 -56.69 88.60
CA GLN C 475 -8.09 -58.02 87.93
C GLN C 475 -7.47 -57.91 86.55
N LEU C 476 -7.70 -56.79 85.90
CA LEU C 476 -7.21 -56.56 84.52
C LEU C 476 -5.71 -56.40 84.54
N ILE C 477 -5.16 -55.80 85.59
CA ILE C 477 -3.68 -55.63 85.73
C ILE C 477 -3.06 -57.03 85.86
N GLU C 478 -3.66 -57.86 86.71
CA GLU C 478 -3.20 -59.25 86.96
C GLU C 478 -3.22 -60.00 85.62
N ASN C 479 -4.32 -59.89 84.87
CA ASN C 479 -4.45 -60.55 83.56
C ASN C 479 -3.29 -60.08 82.68
N CYS C 480 -3.14 -58.77 82.51
CA CYS C 480 -2.15 -58.17 81.56
C CYS C 480 -0.74 -58.63 81.91
N LYS C 481 -0.45 -58.83 83.20
CA LYS C 481 0.87 -59.34 83.62
C LYS C 481 1.06 -60.75 83.06
N GLN C 482 0.06 -61.63 83.22
CA GLN C 482 0.16 -63.04 82.77
C GLN C 482 0.34 -63.10 81.26
N VAL C 483 -0.35 -62.22 80.53
CA VAL C 483 -0.49 -62.31 79.04
C VAL C 483 0.56 -61.42 78.37
N LEU C 484 1.28 -60.59 79.13
CA LEU C 484 2.57 -60.01 78.65
C LEU C 484 3.37 -61.17 78.06
N ASP C 485 3.96 -61.05 76.88
CA ASP C 485 4.75 -62.16 76.26
C ASP C 485 3.87 -63.35 75.85
N VAL C 486 2.56 -63.16 75.64
CA VAL C 486 1.67 -64.19 75.01
C VAL C 486 1.07 -63.58 73.74
N ASP C 487 1.01 -64.39 72.69
CA ASP C 487 0.41 -63.99 71.39
C ASP C 487 -0.97 -63.44 71.69
N PRO C 488 -1.41 -62.36 71.03
CA PRO C 488 -2.75 -61.83 71.20
C PRO C 488 -3.71 -62.78 70.50
N VAL C 489 -5.01 -62.57 70.69
CA VAL C 489 -6.00 -63.63 70.43
C VAL C 489 -7.35 -63.02 70.00
N TYR C 490 -7.96 -63.60 68.97
CA TYR C 490 -9.34 -63.34 68.52
C TYR C 490 -10.27 -64.13 69.43
N LYS C 491 -11.11 -63.44 70.20
CA LYS C 491 -12.11 -64.11 71.07
C LYS C 491 -13.38 -63.26 71.08
N ASP C 492 -14.42 -63.74 70.40
CA ASP C 492 -15.76 -63.07 70.34
C ASP C 492 -16.61 -63.56 71.49
N VAL C 493 -16.92 -62.66 72.39
CA VAL C 493 -17.48 -62.99 73.72
C VAL C 493 -18.92 -62.46 73.78
N ALA C 494 -19.40 -61.93 72.64
CA ALA C 494 -20.71 -61.28 72.46
C ALA C 494 -21.84 -62.28 72.64
N LYS C 495 -23.03 -61.78 72.92
CA LYS C 495 -24.27 -62.56 73.07
C LYS C 495 -24.71 -62.99 71.67
N PRO C 496 -24.71 -64.29 71.33
CA PRO C 496 -25.21 -64.71 70.02
C PRO C 496 -26.74 -64.55 70.00
N THR C 497 -27.27 -64.17 68.83
CA THR C 497 -28.68 -63.79 68.62
C THR C 497 -29.25 -64.55 67.41
N GLY C 498 -30.59 -64.57 67.38
CA GLY C 498 -31.41 -65.19 66.33
C GLY C 498 -32.46 -64.19 65.84
N PRO C 499 -33.10 -64.48 64.68
CA PRO C 499 -34.10 -63.59 64.12
C PRO C 499 -35.44 -63.71 64.85
N LYS C 500 -36.11 -62.57 65.00
CA LYS C 500 -37.48 -62.42 65.54
C LYS C 500 -38.22 -61.43 64.65
N THR C 501 -39.29 -61.90 64.01
CA THR C 501 -40.19 -61.09 63.14
C THR C 501 -41.55 -61.04 63.82
N ALA C 502 -42.13 -59.85 63.96
CA ALA C 502 -43.41 -59.65 64.68
C ALA C 502 -44.27 -58.66 63.90
N ILE C 503 -45.59 -58.88 63.92
CA ILE C 503 -46.59 -58.05 63.22
C ILE C 503 -47.65 -57.65 64.24
N ASP C 504 -47.79 -56.36 64.53
CA ASP C 504 -48.71 -55.83 65.58
C ASP C 504 -50.17 -56.02 65.13
N LYS C 505 -51.11 -55.42 65.86
CA LYS C 505 -52.58 -55.50 65.61
C LYS C 505 -52.93 -54.75 64.31
N ASN C 506 -52.16 -53.69 63.98
CA ASN C 506 -52.40 -52.78 62.83
C ASN C 506 -51.49 -53.15 61.65
N GLY C 507 -50.98 -54.37 61.64
CA GLY C 507 -50.17 -54.92 60.52
C GLY C 507 -48.83 -54.23 60.32
N ASN C 508 -48.26 -53.62 61.34
CA ASN C 508 -46.86 -53.08 61.26
C ASN C 508 -45.88 -54.24 61.46
N ILE C 509 -44.84 -54.30 60.64
CA ILE C 509 -43.81 -55.39 60.62
C ILE C 509 -42.59 -54.90 61.41
N THR C 510 -42.26 -55.60 62.50
CA THR C 510 -41.02 -55.41 63.32
C THR C 510 -40.04 -56.54 63.01
N TYR C 511 -38.74 -56.23 62.94
CA TYR C 511 -37.65 -57.24 62.98
C TYR C 511 -36.61 -56.85 64.03
N SER C 512 -36.52 -57.63 65.10
CA SER C 512 -35.43 -57.54 66.10
C SER C 512 -34.49 -58.73 65.98
N GLU C 513 -33.24 -58.54 66.45
CA GLU C 513 -32.26 -59.60 66.77
C GLU C 513 -32.39 -59.91 68.26
N GLU C 514 -32.78 -61.13 68.63
CA GLU C 514 -33.06 -61.49 70.05
C GLU C 514 -32.06 -62.55 70.53
N PRO C 515 -31.72 -62.57 71.84
CA PRO C 515 -30.87 -63.62 72.39
C PRO C 515 -31.48 -65.00 72.12
N ARG C 516 -30.68 -65.95 71.63
CA ARG C 516 -31.13 -67.33 71.34
C ARG C 516 -31.39 -68.06 72.66
N GLU C 517 -32.40 -68.91 72.70
CA GLU C 517 -32.78 -69.65 73.94
C GLU C 517 -31.53 -70.26 74.56
N LYS C 518 -31.03 -71.37 74.00
CA LYS C 518 -30.05 -72.30 74.62
C LYS C 518 -28.61 -71.88 74.30
N VAL C 519 -28.41 -70.74 73.63
CA VAL C 519 -27.08 -70.41 73.05
C VAL C 519 -26.67 -69.01 73.53
N ARG C 520 -25.85 -68.97 74.57
CA ARG C 520 -25.49 -67.74 75.32
C ARG C 520 -24.05 -67.34 74.99
N LYS C 521 -23.26 -68.18 74.36
CA LYS C 521 -21.83 -67.91 74.05
C LYS C 521 -21.37 -68.83 72.93
N LEU C 522 -20.21 -68.57 72.34
CA LEU C 522 -19.80 -69.27 71.09
C LEU C 522 -19.42 -70.72 71.42
N SER C 523 -18.91 -71.01 72.62
CA SER C 523 -18.69 -72.43 73.00
C SER C 523 -19.98 -73.20 72.75
N GLN C 524 -21.13 -72.66 73.17
CA GLN C 524 -22.46 -73.30 72.99
C GLN C 524 -22.89 -73.27 71.53
N TYR C 525 -22.57 -72.21 70.80
CA TYR C 525 -22.84 -72.12 69.34
C TYR C 525 -22.18 -73.31 68.64
N VAL C 526 -20.92 -73.60 68.91
CA VAL C 526 -20.19 -74.73 68.26
C VAL C 526 -20.94 -76.03 68.56
N GLN C 527 -21.37 -76.23 69.81
CA GLN C 527 -22.14 -77.43 70.24
C GLN C 527 -23.40 -77.54 69.37
N GLU C 528 -24.15 -76.44 69.24
CA GLU C 528 -25.41 -76.38 68.47
C GLU C 528 -25.14 -76.87 67.05
N MET C 529 -24.05 -76.39 66.45
CA MET C 529 -23.67 -76.67 65.04
C MET C 529 -23.30 -78.14 64.91
N ALA C 530 -22.60 -78.71 65.88
CA ALA C 530 -22.16 -80.13 65.85
C ALA C 530 -23.37 -81.06 65.88
N LEU C 531 -24.43 -80.71 66.61
CA LEU C 531 -25.61 -81.59 66.82
C LEU C 531 -26.52 -81.56 65.59
N GLY C 532 -26.42 -80.48 64.82
CA GLY C 532 -27.27 -80.30 63.64
C GLY C 532 -28.72 -80.23 64.04
N GLY C 533 -29.59 -80.89 63.29
CA GLY C 533 -31.05 -80.81 63.42
C GLY C 533 -31.72 -82.09 62.91
N PRO C 534 -33.06 -82.21 63.03
CA PRO C 534 -33.76 -83.42 62.57
C PRO C 534 -33.68 -83.51 61.04
N ILE C 535 -33.54 -82.37 60.35
CA ILE C 535 -33.56 -82.27 58.86
C ILE C 535 -32.19 -82.66 58.26
N THR C 536 -31.13 -82.78 59.06
CA THR C 536 -29.75 -82.96 58.56
C THR C 536 -29.25 -84.39 58.81
N LYS C 537 -30.12 -85.40 58.65
CA LYS C 537 -29.70 -86.81 58.40
C LYS C 537 -29.40 -86.95 56.90
N GLU C 538 -29.12 -88.17 56.44
CA GLU C 538 -29.10 -88.51 55.00
C GLU C 538 -30.08 -89.70 54.78
N SER C 539 -31.20 -89.40 54.11
CA SER C 539 -32.56 -89.97 54.38
C SER C 539 -32.50 -91.50 54.50
N MET C 599 -20.68 -81.25 77.77
CA MET C 599 -20.95 -80.61 79.09
C MET C 599 -20.76 -79.09 79.01
N ASP C 600 -21.52 -78.36 79.83
CA ASP C 600 -21.68 -76.88 79.78
C ASP C 600 -20.76 -76.26 80.84
N VAL C 601 -19.62 -75.68 80.46
CA VAL C 601 -18.72 -74.87 81.36
C VAL C 601 -19.57 -73.74 81.98
N GLU C 602 -19.53 -73.59 83.31
CA GLU C 602 -20.20 -72.47 84.05
C GLU C 602 -19.43 -71.17 83.76
N ASP C 603 -20.13 -70.04 83.69
CA ASP C 603 -19.54 -68.71 83.31
C ASP C 603 -20.33 -67.59 84.01
N ALA C 604 -19.70 -66.44 84.18
CA ALA C 604 -20.29 -65.24 84.83
C ALA C 604 -20.81 -64.24 83.79
N LEU C 605 -20.75 -64.55 82.49
CA LEU C 605 -21.27 -63.67 81.39
C LEU C 605 -22.73 -63.32 81.69
N ASP C 606 -23.04 -62.03 81.81
CA ASP C 606 -24.39 -61.45 82.06
C ASP C 606 -24.73 -61.40 83.56
N LYS C 607 -23.83 -61.86 84.45
CA LYS C 607 -24.03 -61.80 85.93
C LYS C 607 -22.91 -60.95 86.56
N ASP C 608 -21.65 -61.34 86.39
CA ASP C 608 -20.45 -60.70 87.00
C ASP C 608 -19.34 -60.67 85.94
N SER C 609 -19.20 -59.56 85.22
CA SER C 609 -18.24 -59.41 84.09
C SER C 609 -16.81 -59.35 84.64
N THR C 610 -16.60 -58.76 85.81
CA THR C 610 -15.28 -58.72 86.51
C THR C 610 -14.80 -60.16 86.79
N LYS C 611 -15.70 -61.06 87.21
CA LYS C 611 -15.36 -62.46 87.54
C LYS C 611 -14.99 -63.19 86.25
N GLU C 612 -15.72 -62.93 85.16
CA GLU C 612 -15.48 -63.57 83.84
C GLU C 612 -14.15 -63.07 83.26
N VAL C 613 -13.80 -61.80 83.52
CA VAL C 613 -12.50 -61.17 83.14
C VAL C 613 -11.34 -61.95 83.80
N ALA C 614 -11.51 -62.41 85.03
CA ALA C 614 -10.46 -63.09 85.85
C ALA C 614 -10.03 -64.40 85.19
N SER C 615 -10.92 -65.05 84.42
CA SER C 615 -10.69 -66.38 83.82
C SER C 615 -10.24 -66.28 82.35
N LEU C 616 -10.13 -65.07 81.80
CA LEU C 616 -9.72 -64.87 80.38
C LEU C 616 -8.33 -65.45 80.12
N PRO C 617 -7.28 -65.17 80.94
CA PRO C 617 -5.93 -65.66 80.64
C PRO C 617 -5.77 -67.19 80.70
N ASN C 618 -6.59 -67.88 81.50
CA ASN C 618 -6.48 -69.34 81.74
C ASN C 618 -6.94 -70.07 80.47
N LYS C 619 -6.15 -71.05 80.01
CA LYS C 619 -6.47 -71.89 78.80
C LYS C 619 -7.24 -73.12 79.27
N SER C 620 -8.55 -73.19 78.96
CA SER C 620 -9.47 -74.28 79.38
C SER C 620 -9.06 -75.56 78.66
N THR C 621 -8.89 -76.64 79.44
CA THR C 621 -8.74 -78.04 78.95
C THR C 621 -10.16 -78.63 78.81
N ILE C 622 -10.46 -79.11 77.60
CA ILE C 622 -11.73 -79.78 77.21
C ILE C 622 -11.47 -81.30 77.19
N SER C 623 -12.04 -82.05 78.15
CA SER C 623 -12.04 -83.55 78.15
C SER C 623 -12.77 -84.07 76.89
N LYS C 624 -14.06 -83.74 76.80
CA LYS C 624 -14.99 -84.16 75.72
C LYS C 624 -14.97 -83.09 74.62
N THR C 625 -14.00 -83.24 73.71
CA THR C 625 -13.96 -82.59 72.36
C THR C 625 -15.36 -82.71 71.74
N VAL C 626 -15.98 -81.57 71.37
CA VAL C 626 -17.37 -81.46 70.82
C VAL C 626 -17.59 -82.45 69.67
N SER C 627 -16.56 -82.74 68.87
CA SER C 627 -16.68 -83.62 67.68
C SER C 627 -17.18 -85.01 68.11
N SER C 628 -16.75 -85.47 69.29
CA SER C 628 -17.17 -86.77 69.89
C SER C 628 -18.67 -86.77 70.20
N THR C 629 -19.35 -85.63 70.26
CA THR C 629 -20.81 -85.51 70.60
C THR C 629 -21.68 -85.62 69.34
N ILE C 630 -21.09 -85.68 68.13
CA ILE C 630 -21.85 -85.61 66.85
C ILE C 630 -22.56 -86.95 66.65
N PRO C 631 -23.90 -87.02 66.69
CA PRO C 631 -24.59 -88.30 66.49
C PRO C 631 -24.17 -88.78 65.09
N ARG C 632 -23.62 -90.00 65.00
CA ARG C 632 -23.31 -90.62 63.68
C ARG C 632 -24.64 -90.77 62.96
N GLU C 633 -24.67 -90.52 61.65
CA GLU C 633 -25.91 -90.48 60.82
C GLU C 633 -26.45 -89.05 60.80
N THR C 634 -25.93 -88.15 61.64
CA THR C 634 -26.21 -86.69 61.57
C THR C 634 -25.04 -85.94 60.93
N ILE C 635 -25.38 -85.02 60.03
CA ILE C 635 -24.46 -84.06 59.36
C ILE C 635 -24.54 -82.76 60.12
N PRO C 636 -23.43 -82.25 60.70
CA PRO C 636 -23.45 -80.95 61.36
C PRO C 636 -23.84 -79.78 60.44
N PHE C 637 -24.22 -78.67 61.07
CA PHE C 637 -24.67 -77.42 60.41
C PHE C 637 -23.45 -76.71 59.81
N LEU C 638 -22.26 -76.94 60.38
CA LEU C 638 -20.94 -76.60 59.77
C LEU C 638 -20.17 -77.91 59.63
N HIS C 639 -19.64 -78.20 58.45
CA HIS C 639 -18.76 -79.37 58.24
C HIS C 639 -17.75 -79.06 57.15
N LEU C 640 -16.74 -79.92 56.99
CA LEU C 640 -15.85 -79.96 55.80
C LEU C 640 -16.26 -81.14 54.94
N ARG C 641 -15.81 -81.14 53.69
CA ARG C 641 -16.16 -82.18 52.69
C ARG C 641 -14.89 -82.79 52.11
N LYS C 642 -15.00 -84.01 51.61
CA LYS C 642 -13.92 -84.74 50.91
C LYS C 642 -14.43 -85.01 49.51
N LYS C 643 -13.57 -85.00 48.49
CA LYS C 643 -14.01 -85.28 47.10
C LYS C 643 -14.00 -86.80 46.92
N THR C 644 -15.14 -87.39 46.57
CA THR C 644 -15.29 -88.83 46.24
C THR C 644 -14.62 -89.09 44.90
N PRO C 645 -14.06 -90.30 44.63
CA PRO C 645 -13.57 -90.67 43.31
C PRO C 645 -14.57 -90.36 42.18
N ALA C 646 -15.86 -90.58 42.45
CA ALA C 646 -17.01 -90.19 41.60
C ALA C 646 -16.93 -88.69 41.25
N GLY C 647 -16.40 -87.85 42.16
CA GLY C 647 -16.08 -86.44 41.89
C GLY C 647 -16.98 -85.47 42.64
N ASP C 648 -17.99 -85.96 43.39
CA ASP C 648 -18.84 -85.11 44.27
C ASP C 648 -18.09 -84.78 45.58
N TRP C 649 -18.48 -83.70 46.24
CA TRP C 649 -17.95 -83.28 47.55
C TRP C 649 -18.95 -83.64 48.65
N LYS C 650 -18.78 -84.79 49.30
CA LYS C 650 -19.67 -85.30 50.38
C LYS C 650 -19.07 -84.94 51.75
N TYR C 651 -19.93 -84.81 52.76
CA TYR C 651 -19.54 -84.62 54.19
C TYR C 651 -18.47 -85.65 54.55
N ASP C 652 -17.43 -85.25 55.29
CA ASP C 652 -16.41 -86.16 55.86
C ASP C 652 -16.38 -85.96 57.38
N ARG C 653 -16.77 -86.99 58.14
CA ARG C 653 -16.91 -86.91 59.61
C ARG C 653 -15.58 -86.49 60.23
N GLN C 654 -14.48 -87.05 59.75
CA GLN C 654 -13.13 -86.88 60.36
C GLN C 654 -12.65 -85.43 60.20
N LEU C 655 -12.55 -84.93 58.98
CA LEU C 655 -12.14 -83.53 58.69
C LEU C 655 -13.06 -82.56 59.44
N SER C 656 -14.37 -82.83 59.47
CA SER C 656 -15.39 -81.96 60.11
C SER C 656 -15.13 -81.87 61.61
N SER C 657 -14.72 -82.98 62.21
CA SER C 657 -14.29 -83.06 63.64
C SER C 657 -13.11 -82.13 63.86
N LEU C 658 -12.08 -82.27 63.03
CA LEU C 658 -10.88 -81.42 63.03
C LEU C 658 -11.30 -79.95 63.07
N PHE C 659 -12.23 -79.56 62.19
CA PHE C 659 -12.68 -78.17 62.02
C PHE C 659 -13.50 -77.73 63.23
N LEU C 660 -14.50 -78.53 63.62
CA LEU C 660 -15.44 -78.21 64.73
C LEU C 660 -14.69 -78.14 66.06
N ASP C 661 -13.63 -78.94 66.22
CA ASP C 661 -12.80 -78.94 67.44
C ASP C 661 -11.97 -77.65 67.43
N GLY C 662 -11.43 -77.28 66.27
CA GLY C 662 -10.77 -75.98 66.05
C GLY C 662 -11.64 -74.83 66.53
N LEU C 663 -12.94 -74.86 66.20
CA LEU C 663 -13.92 -73.80 66.56
C LEU C 663 -14.11 -73.79 68.07
N GLU C 664 -14.25 -74.96 68.68
CA GLU C 664 -14.50 -75.08 70.13
C GLU C 664 -13.31 -74.50 70.88
N LYS C 665 -12.11 -74.94 70.53
CA LYS C 665 -10.81 -74.43 71.05
C LYS C 665 -10.82 -72.91 70.90
N ALA C 666 -11.07 -72.40 69.69
CA ALA C 666 -11.08 -70.96 69.36
C ALA C 666 -12.02 -70.21 70.31
N ALA C 667 -13.19 -70.76 70.58
CA ALA C 667 -14.24 -70.07 71.36
C ALA C 667 -13.81 -69.94 72.82
N PHE C 668 -13.14 -70.94 73.40
CA PHE C 668 -12.72 -70.95 74.83
C PHE C 668 -11.42 -70.17 75.02
N ASN C 669 -10.40 -70.43 74.20
CA ASN C 669 -9.00 -69.97 74.38
C ASN C 669 -8.61 -68.87 73.41
N GLY C 670 -9.43 -68.56 72.40
CA GLY C 670 -9.07 -67.63 71.32
C GLY C 670 -8.09 -68.26 70.35
N VAL C 671 -7.98 -67.71 69.13
CA VAL C 671 -6.97 -68.04 68.10
C VAL C 671 -6.08 -66.83 67.91
N THR C 672 -4.77 -67.01 67.75
CA THR C 672 -3.84 -65.93 67.36
C THR C 672 -3.64 -65.97 65.85
N PHE C 673 -3.45 -64.80 65.26
CA PHE C 673 -3.12 -64.60 63.83
C PHE C 673 -1.84 -63.78 63.74
N LYS C 674 -1.04 -63.73 64.82
CA LYS C 674 0.23 -62.97 64.80
C LYS C 674 1.09 -63.58 63.68
N ASP C 675 1.91 -62.78 63.03
CA ASP C 675 2.78 -63.29 61.95
C ASP C 675 1.96 -63.68 60.70
N LYS C 676 0.66 -63.37 60.63
CA LYS C 676 -0.15 -63.70 59.43
C LYS C 676 -0.39 -62.43 58.62
N TYR C 677 -0.04 -62.46 57.34
CA TYR C 677 -0.15 -61.30 56.42
C TYR C 677 -1.34 -61.54 55.49
N VAL C 678 -2.36 -60.70 55.57
CA VAL C 678 -3.68 -60.95 54.92
C VAL C 678 -4.03 -59.78 54.01
N LEU C 679 -4.56 -60.09 52.82
CA LEU C 679 -5.25 -59.14 51.91
C LEU C 679 -6.74 -59.47 51.97
N ILE C 680 -7.61 -58.49 52.22
CA ILE C 680 -9.08 -58.70 52.27
C ILE C 680 -9.79 -57.60 51.45
N THR C 681 -10.55 -58.02 50.45
CA THR C 681 -11.43 -57.13 49.64
C THR C 681 -12.86 -57.37 50.10
N GLY C 682 -13.71 -56.36 50.03
CA GLY C 682 -15.13 -56.51 50.37
C GLY C 682 -15.37 -56.45 51.85
N ALA C 683 -14.58 -55.69 52.60
CA ALA C 683 -14.74 -55.58 54.07
C ALA C 683 -15.27 -54.20 54.41
N GLY C 684 -16.33 -53.79 53.72
CA GLY C 684 -16.97 -52.50 54.01
C GLY C 684 -17.75 -52.59 55.30
N LYS C 685 -18.02 -51.44 55.92
CA LYS C 685 -18.93 -51.37 57.08
C LYS C 685 -20.21 -52.15 56.75
N GLY C 686 -20.72 -52.88 57.73
CA GLY C 686 -21.99 -53.63 57.61
C GLY C 686 -21.80 -54.98 56.97
N SER C 687 -20.58 -55.37 56.64
CA SER C 687 -20.31 -56.62 55.88
C SER C 687 -19.84 -57.73 56.79
N ILE C 688 -19.87 -58.95 56.27
CA ILE C 688 -19.16 -60.12 56.87
C ILE C 688 -17.67 -59.79 56.91
N GLY C 689 -17.11 -59.29 55.82
CA GLY C 689 -15.67 -58.95 55.73
C GLY C 689 -15.19 -58.11 56.90
N ALA C 690 -15.96 -57.10 57.30
CA ALA C 690 -15.59 -56.14 58.36
C ALA C 690 -15.50 -56.88 59.70
N GLU C 691 -16.35 -57.89 59.89
CA GLU C 691 -16.36 -58.72 61.11
C GLU C 691 -15.14 -59.62 61.09
N VAL C 692 -14.81 -60.19 59.93
CA VAL C 692 -13.56 -60.97 59.72
C VAL C 692 -12.38 -60.06 60.06
N LEU C 693 -12.36 -58.84 59.55
CA LEU C 693 -11.21 -57.91 59.73
C LEU C 693 -11.02 -57.63 61.22
N GLN C 694 -12.09 -57.35 61.95
CA GLN C 694 -12.00 -57.09 63.41
C GLN C 694 -11.26 -58.26 64.05
N GLY C 695 -11.60 -59.48 63.64
CA GLY C 695 -11.02 -60.70 64.22
C GLY C 695 -9.54 -60.80 63.91
N LEU C 696 -9.17 -60.62 62.65
CA LEU C 696 -7.76 -60.69 62.20
C LEU C 696 -6.95 -59.72 63.05
N LEU C 697 -7.45 -58.50 63.24
CA LEU C 697 -6.70 -57.44 63.95
C LEU C 697 -6.60 -57.81 65.43
N GLN C 698 -7.68 -58.33 66.01
CA GLN C 698 -7.72 -58.76 67.43
C GLN C 698 -6.63 -59.81 67.67
N GLY C 699 -6.29 -60.59 66.65
CA GLY C 699 -5.32 -61.70 66.76
C GLY C 699 -3.94 -61.29 66.31
N GLY C 700 -3.74 -60.01 65.97
CA GLY C 700 -2.41 -59.43 65.72
C GLY C 700 -1.96 -59.63 64.29
N ALA C 701 -2.88 -59.87 63.37
CA ALA C 701 -2.58 -60.00 61.93
C ALA C 701 -2.10 -58.67 61.38
N LYS C 702 -1.44 -58.71 60.23
CA LYS C 702 -1.08 -57.52 59.43
C LYS C 702 -1.90 -57.63 58.15
N VAL C 703 -2.76 -56.64 57.92
CA VAL C 703 -3.89 -56.75 56.98
C VAL C 703 -3.89 -55.55 56.04
N VAL C 704 -4.10 -55.80 54.75
CA VAL C 704 -4.43 -54.76 53.75
C VAL C 704 -5.93 -54.87 53.50
N VAL C 705 -6.68 -53.82 53.81
CA VAL C 705 -8.12 -53.69 53.47
C VAL C 705 -8.20 -52.80 52.24
N THR C 706 -8.94 -53.26 51.23
CA THR C 706 -9.35 -52.44 50.08
C THR C 706 -10.68 -51.78 50.42
N THR C 707 -10.90 -50.58 49.89
CA THR C 707 -12.21 -49.91 49.84
C THR C 707 -12.38 -49.31 48.45
N SER C 708 -13.55 -49.51 47.85
CA SER C 708 -13.94 -48.90 46.56
C SER C 708 -14.62 -47.57 46.80
N ARG C 709 -14.77 -47.17 48.07
CA ARG C 709 -15.51 -45.98 48.49
C ARG C 709 -14.59 -45.15 49.39
N PHE C 710 -13.30 -45.11 49.06
CA PHE C 710 -12.28 -44.33 49.81
C PHE C 710 -12.78 -42.90 50.00
N SER C 711 -12.75 -42.42 51.24
CA SER C 711 -13.33 -41.15 51.69
C SER C 711 -12.93 -40.90 53.13
N LYS C 712 -13.16 -39.70 53.67
CA LYS C 712 -12.74 -39.45 55.06
C LYS C 712 -13.60 -40.30 56.01
N GLN C 713 -14.89 -40.43 55.70
CA GLN C 713 -15.83 -41.26 56.49
C GLN C 713 -15.27 -42.69 56.60
N VAL C 714 -14.85 -43.28 55.49
CA VAL C 714 -14.35 -44.68 55.41
C VAL C 714 -12.99 -44.79 56.09
N THR C 715 -12.16 -43.79 55.91
CA THR C 715 -10.78 -43.74 56.45
C THR C 715 -10.89 -43.74 57.98
N ASP C 716 -11.75 -42.87 58.52
CA ASP C 716 -12.02 -42.71 59.98
C ASP C 716 -12.65 -43.98 60.54
N TYR C 717 -13.51 -44.64 59.77
CA TYR C 717 -14.16 -45.91 60.14
C TYR C 717 -13.06 -46.94 60.44
N TYR C 718 -12.17 -47.17 59.49
CA TYR C 718 -11.09 -48.18 59.64
C TYR C 718 -10.13 -47.73 60.75
N GLN C 719 -9.90 -46.43 60.94
CA GLN C 719 -9.06 -45.96 62.06
C GLN C 719 -9.69 -46.39 63.38
N SER C 720 -11.00 -46.20 63.55
CA SER C 720 -11.72 -46.52 64.82
C SER C 720 -11.71 -48.04 65.05
N ILE C 721 -11.74 -48.84 63.98
CA ILE C 721 -11.63 -50.32 64.11
C ILE C 721 -10.25 -50.65 64.66
N TYR C 722 -9.18 -50.06 64.11
CA TYR C 722 -7.80 -50.39 64.54
C TYR C 722 -7.59 -49.90 65.97
N ALA C 723 -8.15 -48.75 66.29
CA ALA C 723 -7.96 -48.14 67.62
C ALA C 723 -8.70 -48.98 68.68
N LYS C 724 -9.65 -49.81 68.27
CA LYS C 724 -10.46 -50.62 69.24
C LYS C 724 -9.89 -52.04 69.36
N TYR C 725 -9.59 -52.69 68.22
CA TYR C 725 -9.31 -54.14 68.09
C TYR C 725 -7.84 -54.44 67.74
N GLY C 726 -7.13 -53.46 67.20
CA GLY C 726 -5.74 -53.62 66.72
C GLY C 726 -4.81 -54.00 67.85
N ALA C 727 -4.45 -55.27 67.88
CA ALA C 727 -3.62 -55.92 68.92
C ALA C 727 -2.16 -55.55 68.73
N LYS C 728 -1.32 -55.88 69.72
CA LYS C 728 0.15 -55.76 69.61
C LYS C 728 0.58 -56.58 68.39
N GLY C 729 1.43 -56.02 67.54
CA GLY C 729 1.94 -56.74 66.36
C GLY C 729 1.03 -56.55 65.16
N SER C 730 -0.22 -56.13 65.35
CA SER C 730 -1.14 -55.87 64.24
C SER C 730 -0.70 -54.60 63.51
N THR C 731 -0.98 -54.52 62.21
CA THR C 731 -1.06 -53.24 61.45
C THR C 731 -2.19 -53.37 60.43
N LEU C 732 -2.87 -52.26 60.16
CA LEU C 732 -3.98 -52.15 59.20
C LEU C 732 -3.54 -51.18 58.13
N ILE C 733 -3.64 -51.57 56.87
CA ILE C 733 -3.31 -50.69 55.72
C ILE C 733 -4.55 -50.60 54.84
N VAL C 734 -5.12 -49.41 54.75
CA VAL C 734 -6.33 -49.10 53.95
C VAL C 734 -5.85 -48.51 52.62
N VAL C 735 -6.31 -49.05 51.50
CA VAL C 735 -5.97 -48.54 50.15
C VAL C 735 -7.27 -48.39 49.39
N PRO C 736 -7.42 -47.37 48.52
CA PRO C 736 -8.50 -47.32 47.57
C PRO C 736 -8.22 -48.42 46.55
N PHE C 737 -9.23 -49.07 46.01
CA PHE C 737 -9.04 -50.21 45.07
C PHE C 737 -10.35 -50.55 44.40
N ASN C 738 -10.33 -50.74 43.09
CA ASN C 738 -11.49 -51.20 42.29
C ASN C 738 -11.18 -52.58 41.72
N GLN C 739 -11.71 -53.65 42.32
CA GLN C 739 -11.44 -55.04 41.88
C GLN C 739 -11.96 -55.26 40.45
N GLY C 740 -12.74 -54.32 39.91
CA GLY C 740 -13.19 -54.34 38.50
C GLY C 740 -12.07 -54.02 37.51
N SER C 741 -10.97 -53.45 37.98
CA SER C 741 -9.87 -52.92 37.14
C SER C 741 -8.69 -53.89 37.19
N LYS C 742 -8.34 -54.47 36.06
CA LYS C 742 -7.14 -55.32 35.90
C LYS C 742 -5.93 -54.55 36.44
N GLN C 743 -5.85 -53.25 36.14
CA GLN C 743 -4.68 -52.43 36.47
C GLN C 743 -4.60 -52.27 37.99
N ASP C 744 -5.74 -52.09 38.65
CA ASP C 744 -5.75 -51.93 40.12
C ASP C 744 -5.27 -53.23 40.75
N VAL C 745 -5.74 -54.36 40.23
CA VAL C 745 -5.37 -55.70 40.74
C VAL C 745 -3.86 -55.82 40.66
N GLU C 746 -3.28 -55.61 39.49
CA GLU C 746 -1.83 -55.77 39.28
C GLU C 746 -1.08 -54.77 40.17
N ALA C 747 -1.56 -53.54 40.30
CA ALA C 747 -0.89 -52.45 41.01
C ALA C 747 -0.88 -52.71 42.52
N LEU C 748 -2.01 -53.21 43.03
CA LEU C 748 -2.18 -53.55 44.47
C LEU C 748 -1.16 -54.62 44.83
N ILE C 749 -1.08 -55.70 44.06
CA ILE C 749 -0.18 -56.84 44.42
C ILE C 749 1.26 -56.34 44.28
N GLU C 750 1.56 -55.50 43.27
CA GLU C 750 2.92 -54.95 43.06
C GLU C 750 3.30 -54.14 44.30
N PHE C 751 2.35 -53.37 44.83
CA PHE C 751 2.54 -52.51 46.02
C PHE C 751 2.82 -53.36 47.25
N ILE C 752 2.04 -54.42 47.43
CA ILE C 752 2.19 -55.29 48.62
C ILE C 752 3.60 -55.90 48.60
N TYR C 753 4.09 -56.32 47.42
CA TYR C 753 5.32 -57.15 47.29
C TYR C 753 6.56 -56.26 47.16
N ASP C 754 6.44 -55.05 46.62
CA ASP C 754 7.60 -54.16 46.37
C ASP C 754 8.29 -53.85 47.70
N THR C 755 9.59 -53.58 47.67
CA THR C 755 10.40 -53.19 48.85
C THR C 755 9.90 -51.85 49.40
N GLU C 756 10.23 -51.54 50.65
CA GLU C 756 9.89 -50.24 51.28
C GLU C 756 10.69 -49.16 50.56
N LYS C 757 11.89 -49.51 50.13
CA LYS C 757 12.80 -48.61 49.40
C LYS C 757 12.11 -48.19 48.09
N ASN C 758 11.32 -49.07 47.46
CA ASN C 758 10.55 -48.74 46.23
C ASN C 758 9.11 -48.32 46.55
N GLY C 759 8.81 -47.95 47.79
CA GLY C 759 7.49 -47.42 48.20
C GLY C 759 6.39 -48.47 48.27
N GLY C 760 6.77 -49.74 48.44
CA GLY C 760 5.88 -50.87 48.72
C GLY C 760 5.88 -51.24 50.19
N LEU C 761 5.13 -52.28 50.56
CA LEU C 761 4.96 -52.75 51.96
C LEU C 761 6.09 -53.72 52.31
N GLY C 762 6.66 -54.36 51.30
CA GLY C 762 7.66 -55.43 51.46
C GLY C 762 7.08 -56.63 52.16
N TRP C 763 5.82 -56.96 51.87
CA TRP C 763 5.11 -58.10 52.48
C TRP C 763 5.11 -59.27 51.51
N ASP C 764 4.72 -60.43 52.05
CA ASP C 764 4.46 -61.69 51.30
C ASP C 764 3.19 -62.29 51.92
N LEU C 765 2.11 -62.47 51.16
CA LEU C 765 0.77 -62.74 51.73
C LEU C 765 0.67 -64.19 52.17
N ASP C 766 -0.04 -64.41 53.27
CA ASP C 766 -0.38 -65.74 53.83
C ASP C 766 -1.85 -66.08 53.57
N ALA C 767 -2.70 -65.08 53.42
CA ALA C 767 -4.13 -65.32 53.17
C ALA C 767 -4.65 -64.24 52.22
N ILE C 768 -5.51 -64.63 51.29
CA ILE C 768 -6.27 -63.67 50.45
C ILE C 768 -7.75 -63.95 50.70
N ILE C 769 -8.52 -62.94 51.05
CA ILE C 769 -9.98 -63.05 51.30
C ILE C 769 -10.67 -62.12 50.30
N PRO C 770 -10.94 -62.57 49.06
CA PRO C 770 -11.45 -61.69 48.02
C PRO C 770 -12.98 -61.59 47.96
N PHE C 771 -13.57 -60.86 48.91
CA PHE C 771 -15.04 -60.81 49.15
C PHE C 771 -15.69 -59.65 48.40
N ALA C 772 -14.92 -58.83 47.70
CA ALA C 772 -15.45 -57.70 46.90
C ALA C 772 -16.54 -58.21 45.97
N ALA C 773 -17.64 -57.49 45.86
CA ALA C 773 -18.78 -57.86 45.01
C ALA C 773 -19.73 -56.68 44.88
N ILE C 774 -20.57 -56.69 43.86
CA ILE C 774 -21.66 -55.69 43.73
C ILE C 774 -22.96 -56.45 43.57
N PRO C 775 -24.06 -55.95 44.16
CA PRO C 775 -25.35 -56.61 44.08
C PRO C 775 -25.88 -56.58 42.65
N GLU C 776 -26.52 -57.67 42.23
CA GLU C 776 -27.32 -57.68 40.98
C GLU C 776 -28.68 -58.22 41.41
N GLN C 777 -29.75 -57.43 41.26
CA GLN C 777 -31.11 -57.86 41.66
C GLN C 777 -32.10 -57.47 40.56
N GLY C 778 -33.07 -58.33 40.29
CA GLY C 778 -34.07 -58.06 39.24
C GLY C 778 -33.46 -58.18 37.86
N ILE C 779 -32.38 -58.93 37.73
CA ILE C 779 -31.68 -59.14 36.43
C ILE C 779 -31.75 -60.62 36.08
N GLU C 780 -32.78 -61.01 35.34
CA GLU C 780 -32.92 -62.40 34.83
C GLU C 780 -32.07 -62.56 33.57
N LEU C 781 -32.10 -63.76 32.97
CA LEU C 781 -31.32 -64.09 31.76
C LEU C 781 -31.37 -62.92 30.78
N GLU C 782 -32.56 -62.53 30.35
CA GLU C 782 -32.71 -61.58 29.23
C GLU C 782 -32.31 -60.16 29.62
N HIS C 783 -32.05 -59.89 30.91
CA HIS C 783 -31.65 -58.56 31.39
C HIS C 783 -30.14 -58.48 31.54
N ILE C 784 -29.42 -59.60 31.46
CA ILE C 784 -27.96 -59.64 31.73
C ILE C 784 -27.29 -58.68 30.76
N ASP C 785 -26.64 -57.63 31.26
CA ASP C 785 -26.01 -56.63 30.36
C ASP C 785 -24.73 -56.08 31.01
N SER C 786 -24.49 -54.76 30.94
CA SER C 786 -23.20 -54.15 31.30
C SER C 786 -22.90 -54.41 32.78
N LYS C 787 -23.82 -54.07 33.68
CA LYS C 787 -23.63 -54.22 35.15
C LYS C 787 -23.21 -55.66 35.46
N SER C 788 -23.93 -56.63 34.91
CA SER C 788 -23.74 -58.07 35.23
C SER C 788 -22.39 -58.53 34.68
N GLU C 789 -22.04 -58.10 33.47
CA GLU C 789 -20.75 -58.51 32.86
C GLU C 789 -19.60 -57.92 33.67
N PHE C 790 -19.82 -56.75 34.25
CA PHE C 790 -18.82 -56.05 35.09
C PHE C 790 -18.76 -56.76 36.44
N ALA C 791 -19.91 -57.04 37.02
CA ALA C 791 -20.04 -57.73 38.32
C ALA C 791 -19.28 -59.05 38.25
N HIS C 792 -19.48 -59.78 37.16
CA HIS C 792 -18.82 -61.08 36.89
C HIS C 792 -17.31 -60.88 36.81
N ARG C 793 -16.86 -59.70 36.36
CA ARG C 793 -15.40 -59.42 36.24
C ARG C 793 -14.83 -59.28 37.64
N ILE C 794 -15.53 -58.56 38.51
CA ILE C 794 -15.10 -58.33 39.91
C ILE C 794 -15.02 -59.68 40.61
N MET C 795 -16.06 -60.50 40.45
CA MET C 795 -16.37 -61.60 41.38
C MET C 795 -15.83 -62.93 40.87
N LEU C 796 -15.29 -62.97 39.65
CA LEU C 796 -14.57 -64.16 39.11
C LEU C 796 -13.29 -63.77 38.39
N THR C 797 -13.37 -63.15 37.21
CA THR C 797 -12.19 -63.07 36.32
C THR C 797 -11.08 -62.30 37.04
N ASN C 798 -11.35 -61.22 37.75
CA ASN C 798 -10.26 -60.47 38.43
C ASN C 798 -9.86 -61.13 39.77
N ILE C 799 -10.59 -62.12 40.28
CA ILE C 799 -10.10 -62.93 41.43
C ILE C 799 -9.06 -63.90 40.89
N LEU C 800 -9.34 -64.52 39.75
CA LEU C 800 -8.35 -65.40 39.07
C LEU C 800 -7.08 -64.56 38.85
N ARG C 801 -7.26 -63.35 38.32
CA ARG C 801 -6.13 -62.43 38.01
C ARG C 801 -5.34 -62.14 39.28
N MET C 802 -6.04 -61.77 40.35
CA MET C 802 -5.43 -61.45 41.67
C MET C 802 -4.61 -62.64 42.14
N MET C 803 -5.16 -63.84 42.12
CA MET C 803 -4.44 -65.07 42.54
C MET C 803 -3.18 -65.20 41.67
N GLY C 804 -3.35 -65.12 40.37
CA GLY C 804 -2.25 -65.18 39.39
C GLY C 804 -1.13 -64.22 39.71
N CYS C 805 -1.45 -62.96 40.02
CA CYS C 805 -0.44 -61.95 40.42
C CYS C 805 0.34 -62.42 41.62
N VAL C 806 -0.30 -62.86 42.71
CA VAL C 806 0.51 -63.20 43.91
C VAL C 806 1.27 -64.48 43.60
N LYS C 807 0.74 -65.35 42.73
CA LYS C 807 1.52 -66.52 42.26
C LYS C 807 2.83 -66.02 41.63
N LYS C 808 2.71 -65.10 40.67
CA LYS C 808 3.85 -64.59 39.87
C LYS C 808 4.87 -63.94 40.79
N GLN C 809 4.40 -63.17 41.77
CA GLN C 809 5.29 -62.40 42.69
C GLN C 809 6.07 -63.39 43.56
N LYS C 810 5.41 -64.43 44.06
CA LYS C 810 6.09 -65.42 44.92
C LYS C 810 7.13 -66.15 44.07
N SER C 811 6.75 -66.63 42.89
CA SER C 811 7.63 -67.47 42.03
C SER C 811 8.86 -66.67 41.62
N ALA C 812 8.65 -65.43 41.20
CA ALA C 812 9.70 -64.44 40.89
C ALA C 812 10.77 -64.41 41.98
N ARG C 813 10.39 -64.59 43.24
CA ARG C 813 11.33 -64.53 44.40
C ARG C 813 11.64 -65.93 44.94
N GLY C 814 11.32 -66.96 44.17
CA GLY C 814 11.56 -68.37 44.54
C GLY C 814 10.93 -68.74 45.87
N ILE C 815 9.70 -68.29 46.11
CA ILE C 815 8.95 -68.58 47.36
C ILE C 815 8.07 -69.82 47.15
N GLU C 816 8.64 -71.00 47.39
CA GLU C 816 8.02 -72.33 47.17
C GLU C 816 7.38 -72.85 48.46
N THR C 817 7.60 -72.24 49.63
CA THR C 817 7.20 -72.80 50.93
C THR C 817 6.48 -71.77 51.80
N ARG C 818 5.73 -70.84 51.21
CA ARG C 818 4.86 -69.94 52.01
C ARG C 818 3.62 -69.69 51.19
N PRO C 819 2.74 -70.70 51.06
CA PRO C 819 1.54 -70.57 50.26
C PRO C 819 0.63 -69.55 50.93
N ALA C 820 -0.10 -68.79 50.11
CA ALA C 820 -1.20 -67.91 50.54
C ALA C 820 -2.51 -68.68 50.44
N GLN C 821 -3.24 -68.77 51.54
CA GLN C 821 -4.53 -69.46 51.64
C GLN C 821 -5.61 -68.53 51.07
N VAL C 822 -6.31 -68.96 50.03
CA VAL C 822 -7.38 -68.13 49.41
C VAL C 822 -8.71 -68.62 49.96
N ILE C 823 -9.39 -67.81 50.77
CA ILE C 823 -10.76 -68.10 51.28
C ILE C 823 -11.76 -67.70 50.17
N LEU C 824 -12.09 -68.60 49.26
CA LEU C 824 -13.07 -68.36 48.19
C LEU C 824 -14.47 -68.25 48.78
N PRO C 825 -15.21 -67.15 48.53
CA PRO C 825 -16.60 -67.04 48.97
C PRO C 825 -17.54 -67.72 47.98
N MET C 826 -17.98 -68.94 48.27
CA MET C 826 -18.80 -69.77 47.34
C MET C 826 -20.25 -69.80 47.76
N SER C 827 -21.12 -70.28 46.90
CA SER C 827 -22.59 -70.25 47.13
C SER C 827 -23.11 -71.67 47.04
N PRO C 828 -24.08 -72.05 47.91
CA PRO C 828 -24.72 -73.36 47.84
C PRO C 828 -25.85 -73.34 46.81
N ASN C 829 -26.30 -72.16 46.41
CA ASN C 829 -27.48 -71.99 45.54
C ASN C 829 -27.01 -71.34 44.24
N HIS C 830 -27.08 -72.05 43.11
CA HIS C 830 -26.64 -71.59 41.77
C HIS C 830 -27.87 -71.47 40.87
N GLY C 831 -28.39 -70.24 40.75
CA GLY C 831 -29.60 -69.92 39.97
C GLY C 831 -30.83 -70.60 40.55
N THR C 832 -30.82 -70.77 41.86
CA THR C 832 -31.96 -71.29 42.65
C THR C 832 -33.07 -70.24 42.71
N PHE C 833 -32.71 -68.98 42.92
CA PHE C 833 -33.69 -67.88 43.19
C PHE C 833 -33.98 -67.10 41.90
N GLY C 834 -32.97 -66.98 41.03
CA GLY C 834 -33.08 -66.24 39.77
C GLY C 834 -33.06 -64.74 40.00
N GLY C 835 -32.85 -63.97 38.93
CA GLY C 835 -32.81 -62.51 38.96
C GLY C 835 -31.53 -61.99 39.57
N ASP C 836 -30.52 -62.83 39.74
CA ASP C 836 -29.23 -62.45 40.36
C ASP C 836 -28.19 -62.12 39.26
N GLY C 837 -28.63 -61.80 38.04
CA GLY C 837 -27.71 -61.46 36.94
C GLY C 837 -26.73 -62.59 36.69
N MET C 838 -25.43 -62.37 36.86
CA MET C 838 -24.41 -63.43 36.67
C MET C 838 -23.73 -63.79 38.00
N TYR C 839 -24.42 -63.58 39.12
CA TYR C 839 -23.95 -63.96 40.48
C TYR C 839 -23.61 -65.47 40.48
N SER C 840 -24.57 -66.28 40.09
CA SER C 840 -24.51 -67.75 40.18
C SER C 840 -23.37 -68.28 39.30
N GLU C 841 -23.16 -67.66 38.13
CA GLU C 841 -22.10 -68.06 37.17
C GLU C 841 -20.75 -67.70 37.77
N SER C 842 -20.67 -66.54 38.42
CA SER C 842 -19.45 -66.09 39.13
C SER C 842 -19.11 -67.14 40.19
N LYS C 843 -20.06 -67.44 41.06
CA LYS C 843 -19.81 -68.25 42.29
C LYS C 843 -19.56 -69.71 41.92
N LEU C 844 -20.15 -70.19 40.83
CA LEU C 844 -19.99 -71.59 40.43
C LEU C 844 -18.61 -71.75 39.78
N SER C 845 -18.24 -70.80 38.93
CA SER C 845 -16.92 -70.80 38.23
C SER C 845 -15.79 -70.97 39.22
N LEU C 846 -15.91 -70.40 40.43
CA LEU C 846 -14.82 -70.43 41.42
C LEU C 846 -14.46 -71.86 41.76
N GLU C 847 -15.40 -72.78 41.54
CA GLU C 847 -15.27 -74.20 41.95
C GLU C 847 -14.26 -74.93 41.06
N THR C 848 -13.84 -74.37 39.93
CA THR C 848 -12.74 -74.93 39.11
C THR C 848 -11.44 -74.94 39.90
N LEU C 849 -11.25 -73.98 40.79
CA LEU C 849 -9.97 -73.80 41.52
C LEU C 849 -9.68 -75.05 42.36
N PHE C 850 -10.70 -75.79 42.78
CA PHE C 850 -10.53 -77.06 43.53
C PHE C 850 -9.71 -78.04 42.69
N ASN C 851 -9.80 -77.96 41.36
CA ASN C 851 -9.09 -78.92 40.46
C ASN C 851 -7.83 -78.28 39.89
N ARG C 852 -7.86 -76.98 39.61
CA ARG C 852 -6.70 -76.27 39.01
C ARG C 852 -5.52 -76.31 39.98
N TRP C 853 -5.78 -76.38 41.28
CA TRP C 853 -4.69 -76.50 42.29
C TRP C 853 -3.81 -77.71 41.95
N HIS C 854 -4.42 -78.81 41.57
CA HIS C 854 -3.71 -80.07 41.22
C HIS C 854 -3.06 -79.98 39.83
N SER C 855 -3.76 -79.40 38.86
CA SER C 855 -3.47 -79.55 37.41
C SER C 855 -2.46 -78.53 36.90
N GLU C 856 -2.12 -77.52 37.67
CA GLU C 856 -1.30 -76.38 37.20
C GLU C 856 -0.17 -76.21 38.19
N SER C 857 0.74 -75.29 37.91
CA SER C 857 2.01 -75.16 38.64
C SER C 857 1.93 -74.12 39.77
N TRP C 858 0.79 -73.91 40.42
CA TRP C 858 0.72 -72.84 41.47
C TRP C 858 0.41 -73.39 42.87
N ALA C 859 0.47 -74.71 43.10
CA ALA C 859 0.02 -75.33 44.35
C ALA C 859 0.92 -74.90 45.52
N ASN C 860 2.19 -74.54 45.29
CA ASN C 860 3.12 -74.17 46.38
C ASN C 860 2.99 -72.69 46.77
N GLN C 861 2.21 -71.95 45.98
CA GLN C 861 2.12 -70.46 46.06
C GLN C 861 0.77 -70.09 46.65
N LEU C 862 -0.30 -70.75 46.22
CA LEU C 862 -1.68 -70.56 46.69
C LEU C 862 -2.25 -71.90 47.17
N THR C 863 -3.03 -71.91 48.25
CA THR C 863 -3.92 -73.04 48.60
C THR C 863 -5.36 -72.56 48.47
N VAL C 864 -6.29 -73.44 48.13
CA VAL C 864 -7.71 -73.02 47.94
C VAL C 864 -8.54 -73.60 49.08
N CYS C 865 -9.32 -72.73 49.71
CA CYS C 865 -10.19 -73.00 50.87
C CYS C 865 -11.56 -72.41 50.55
N GLY C 866 -12.45 -73.19 49.94
CA GLY C 866 -13.81 -72.75 49.59
C GLY C 866 -14.69 -72.69 50.81
N ALA C 867 -15.24 -71.52 51.13
CA ALA C 867 -16.27 -71.36 52.16
C ALA C 867 -17.64 -71.29 51.49
N ILE C 868 -18.49 -72.29 51.69
CA ILE C 868 -19.90 -72.26 51.21
C ILE C 868 -20.70 -71.46 52.24
N ILE C 869 -20.87 -70.17 52.01
CA ILE C 869 -21.40 -69.21 53.01
C ILE C 869 -22.91 -69.30 53.04
N GLY C 870 -23.49 -69.44 54.23
CA GLY C 870 -24.93 -69.71 54.40
C GLY C 870 -25.72 -68.43 54.50
N TRP C 871 -26.98 -68.53 54.91
CA TRP C 871 -27.93 -67.40 55.03
C TRP C 871 -27.46 -66.48 56.16
N THR C 872 -27.14 -65.23 55.87
CA THR C 872 -26.42 -64.34 56.81
C THR C 872 -27.14 -63.00 56.99
N ARG C 873 -28.17 -62.97 57.85
CA ARG C 873 -28.92 -61.75 58.31
C ARG C 873 -27.98 -60.53 58.35
N GLY C 874 -28.30 -59.44 57.66
CA GLY C 874 -27.37 -58.31 57.40
C GLY C 874 -26.92 -57.61 58.68
N THR C 875 -27.15 -56.29 58.78
CA THR C 875 -26.79 -55.46 59.98
C THR C 875 -27.83 -55.66 61.10
N GLY C 876 -28.64 -56.73 61.06
CA GLY C 876 -29.65 -57.05 62.09
C GLY C 876 -30.82 -56.07 62.14
N LEU C 877 -31.04 -55.29 61.05
CA LEU C 877 -32.19 -54.36 60.85
C LEU C 877 -33.28 -55.06 60.04
N MET C 878 -34.38 -54.38 59.73
CA MET C 878 -35.54 -54.95 58.95
C MET C 878 -35.18 -55.00 57.46
N SER C 879 -34.79 -56.19 56.96
CA SER C 879 -34.50 -56.53 55.54
C SER C 879 -35.67 -57.36 55.02
N ALA C 880 -35.83 -57.49 53.70
CA ALA C 880 -36.85 -58.40 53.09
C ALA C 880 -36.38 -59.86 53.26
N ASN C 881 -35.07 -60.06 53.50
CA ASN C 881 -34.46 -61.39 53.80
C ASN C 881 -34.52 -61.69 55.30
N ASN C 882 -34.28 -60.71 56.16
CA ASN C 882 -34.28 -60.93 57.63
C ASN C 882 -35.69 -61.32 58.09
N ILE C 883 -36.74 -60.75 57.50
CA ILE C 883 -38.13 -60.90 58.06
C ILE C 883 -38.57 -62.36 57.87
N ILE C 884 -37.94 -63.11 56.96
CA ILE C 884 -38.32 -64.53 56.71
C ILE C 884 -37.32 -65.50 57.35
N ALA C 885 -36.23 -64.99 57.97
CA ALA C 885 -35.19 -65.81 58.63
C ALA C 885 -35.84 -66.65 59.73
N GLU C 886 -36.56 -66.01 60.65
CA GLU C 886 -37.23 -66.74 61.76
C GLU C 886 -38.06 -67.88 61.17
N GLY C 887 -38.72 -67.62 60.04
CA GLY C 887 -39.56 -68.58 59.33
C GLY C 887 -38.74 -69.76 58.81
N ILE C 888 -37.62 -69.46 58.16
CA ILE C 888 -36.70 -70.50 57.62
C ILE C 888 -36.23 -71.39 58.77
N GLU C 889 -35.93 -70.81 59.92
CA GLU C 889 -35.37 -71.56 61.08
C GLU C 889 -36.41 -72.53 61.65
N LYS C 890 -37.69 -72.21 61.56
CA LYS C 890 -38.79 -73.14 61.96
C LYS C 890 -38.66 -74.47 61.22
N MET C 891 -37.92 -74.55 60.11
CA MET C 891 -37.71 -75.81 59.35
C MET C 891 -36.61 -76.67 59.98
N GLY C 892 -35.91 -76.18 60.99
CA GLY C 892 -34.83 -76.92 61.69
C GLY C 892 -33.49 -76.64 61.03
N VAL C 893 -33.30 -75.40 60.62
CA VAL C 893 -32.24 -74.91 59.71
C VAL C 893 -31.65 -73.66 60.36
N ARG C 894 -30.41 -73.29 60.07
CA ARG C 894 -29.72 -72.24 60.85
C ARG C 894 -29.34 -71.06 59.95
N THR C 895 -29.81 -69.86 60.27
CA THR C 895 -29.30 -68.60 59.68
C THR C 895 -28.24 -68.05 60.62
N PHE C 896 -27.40 -67.14 60.14
CA PHE C 896 -26.17 -66.70 60.86
C PHE C 896 -26.17 -65.18 61.00
N SER C 897 -25.75 -64.68 62.16
CA SER C 897 -25.32 -63.27 62.35
C SER C 897 -24.03 -63.09 61.55
N GLN C 898 -23.63 -61.86 61.30
CA GLN C 898 -22.36 -61.64 60.57
C GLN C 898 -21.20 -62.08 61.46
N LYS C 899 -21.30 -61.84 62.78
CA LYS C 899 -20.24 -62.25 63.73
C LYS C 899 -20.11 -63.78 63.69
N GLU C 900 -21.23 -64.49 63.66
CA GLU C 900 -21.22 -65.98 63.60
C GLU C 900 -20.49 -66.41 62.32
N MET C 901 -20.83 -65.82 61.18
CA MET C 901 -20.25 -66.24 59.89
C MET C 901 -18.78 -65.86 59.83
N ALA C 902 -18.39 -64.78 60.49
CA ALA C 902 -17.00 -64.28 60.55
C ALA C 902 -16.18 -65.28 61.38
N PHE C 903 -16.74 -65.69 62.51
CA PHE C 903 -16.17 -66.73 63.37
C PHE C 903 -15.99 -68.01 62.56
N ASN C 904 -17.02 -68.42 61.83
CA ASN C 904 -16.96 -69.64 60.98
C ASN C 904 -15.76 -69.51 60.04
N LEU C 905 -15.57 -68.35 59.43
CA LEU C 905 -14.56 -68.14 58.37
C LEU C 905 -13.17 -68.05 59.01
N LEU C 906 -13.04 -67.28 60.09
CA LEU C 906 -11.77 -67.16 60.84
C LEU C 906 -11.37 -68.54 61.39
N GLY C 907 -12.34 -69.42 61.60
CA GLY C 907 -12.07 -70.82 61.94
C GLY C 907 -11.32 -71.56 60.84
N LEU C 908 -11.28 -71.04 59.61
CA LEU C 908 -10.54 -71.69 58.50
C LEU C 908 -9.09 -71.19 58.46
N LEU C 909 -8.72 -70.20 59.28
CA LEU C 909 -7.34 -69.67 59.37
C LEU C 909 -6.64 -70.24 60.61
N THR C 910 -7.27 -71.16 61.35
CA THR C 910 -6.61 -71.86 62.48
C THR C 910 -5.45 -72.66 61.91
N PRO C 911 -4.33 -72.85 62.65
CA PRO C 911 -3.18 -73.58 62.12
C PRO C 911 -3.58 -74.94 61.52
N GLU C 912 -4.52 -75.64 62.16
CA GLU C 912 -4.94 -77.01 61.79
C GLU C 912 -5.46 -77.00 60.34
N VAL C 913 -6.37 -76.10 59.98
CA VAL C 913 -7.04 -76.14 58.64
C VAL C 913 -6.16 -75.39 57.62
N VAL C 914 -5.29 -74.49 58.06
CA VAL C 914 -4.26 -73.89 57.15
C VAL C 914 -3.40 -75.02 56.60
N GLU C 915 -3.06 -75.97 57.46
CA GLU C 915 -2.16 -77.10 57.11
C GLU C 915 -2.94 -78.10 56.26
N LEU C 916 -4.24 -78.15 56.45
CA LEU C 916 -5.11 -79.11 55.73
C LEU C 916 -5.23 -78.69 54.28
N CYS C 917 -5.30 -77.37 54.06
CA CYS C 917 -5.39 -76.69 52.75
C CYS C 917 -4.13 -76.97 51.93
N GLN C 918 -2.99 -77.08 52.61
CA GLN C 918 -1.67 -77.31 52.01
C GLN C 918 -1.58 -78.76 51.54
N LYS C 919 -2.31 -79.69 52.16
CA LYS C 919 -2.32 -81.11 51.73
C LYS C 919 -3.16 -81.24 50.46
N SER C 920 -4.39 -80.77 50.53
CA SER C 920 -5.40 -80.82 49.44
C SER C 920 -6.36 -79.67 49.63
N PRO C 921 -7.02 -79.13 48.57
CA PRO C 921 -8.04 -78.10 48.72
C PRO C 921 -9.14 -78.50 49.71
N VAL C 922 -9.49 -77.58 50.62
CA VAL C 922 -10.53 -77.72 51.67
C VAL C 922 -11.82 -77.10 51.13
N MET C 923 -12.97 -77.68 51.51
CA MET C 923 -14.31 -77.16 51.20
C MET C 923 -15.15 -77.18 52.47
N ALA C 924 -15.54 -76.01 52.95
CA ALA C 924 -16.24 -75.86 54.25
C ALA C 924 -17.70 -75.49 53.96
N ASP C 925 -18.62 -76.40 54.26
CA ASP C 925 -20.07 -76.10 54.25
C ASP C 925 -20.35 -75.29 55.51
N LEU C 926 -20.72 -74.01 55.34
CA LEU C 926 -21.06 -73.07 56.45
C LEU C 926 -22.48 -72.58 56.21
N ASN C 927 -23.32 -73.52 55.77
CA ASN C 927 -24.70 -73.32 55.25
C ASN C 927 -25.60 -74.10 56.18
N GLY C 928 -26.44 -73.45 56.98
CA GLY C 928 -26.89 -74.06 58.25
C GLY C 928 -27.83 -75.24 58.04
N GLY C 929 -27.44 -76.22 57.22
CA GLY C 929 -28.31 -77.31 56.75
C GLY C 929 -29.39 -76.83 55.79
N LEU C 930 -29.26 -75.63 55.23
CA LEU C 930 -30.25 -75.03 54.29
C LEU C 930 -30.39 -75.93 53.04
N GLN C 931 -29.33 -76.70 52.72
CA GLN C 931 -29.28 -77.61 51.55
C GLN C 931 -30.50 -78.55 51.60
N PHE C 932 -30.98 -78.86 52.80
CA PHE C 932 -31.93 -79.97 53.05
C PHE C 932 -33.38 -79.52 52.94
N VAL C 933 -33.69 -78.23 52.98
CA VAL C 933 -35.10 -77.79 52.78
C VAL C 933 -35.33 -77.78 51.28
N PRO C 934 -36.36 -78.52 50.79
CA PRO C 934 -36.59 -78.68 49.36
C PRO C 934 -37.38 -77.50 48.78
N GLU C 935 -37.31 -77.34 47.45
CA GLU C 935 -38.00 -76.23 46.74
C GLU C 935 -37.73 -74.93 47.50
N LEU C 936 -36.46 -74.67 47.80
CA LEU C 936 -36.06 -73.53 48.69
C LEU C 936 -36.62 -72.22 48.14
N LYS C 937 -36.78 -72.07 46.83
CA LYS C 937 -37.28 -70.79 46.25
C LYS C 937 -38.78 -70.64 46.56
N GLU C 938 -39.60 -71.59 46.10
CA GLU C 938 -41.08 -71.58 46.32
C GLU C 938 -41.33 -71.35 47.82
N PHE C 939 -40.53 -71.95 48.70
CA PHE C 939 -40.75 -71.95 50.16
C PHE C 939 -40.45 -70.56 50.73
N THR C 940 -39.26 -70.06 50.45
CA THR C 940 -38.81 -68.66 50.68
C THR C 940 -39.91 -67.68 50.28
N ALA C 941 -40.42 -67.84 49.05
CA ALA C 941 -41.40 -66.93 48.41
C ALA C 941 -42.74 -67.01 49.15
N LYS C 942 -43.13 -68.20 49.59
CA LYS C 942 -44.36 -68.42 50.37
C LYS C 942 -44.25 -67.67 51.70
N LEU C 943 -43.14 -67.83 52.42
CA LEU C 943 -42.90 -67.17 53.72
C LEU C 943 -43.10 -65.66 53.57
N ARG C 944 -42.58 -65.05 52.51
CA ARG C 944 -42.67 -63.58 52.31
C ARG C 944 -44.13 -63.21 52.01
N LYS C 945 -44.79 -63.95 51.12
CA LYS C 945 -46.20 -63.71 50.73
C LYS C 945 -47.08 -63.66 51.98
N GLU C 946 -46.99 -64.68 52.84
CA GLU C 946 -47.84 -64.86 54.04
C GLU C 946 -47.59 -63.72 55.03
N LEU C 947 -46.35 -63.29 55.20
CA LEU C 947 -46.01 -62.13 56.08
C LEU C 947 -46.67 -60.88 55.52
N VAL C 948 -46.42 -60.56 54.25
CA VAL C 948 -46.95 -59.35 53.56
C VAL C 948 -48.48 -59.39 53.57
N GLU C 949 -49.09 -60.49 53.13
CA GLU C 949 -50.56 -60.69 53.18
C GLU C 949 -51.03 -60.28 54.60
N THR C 950 -50.52 -60.94 55.66
CA THR C 950 -50.93 -60.68 57.06
C THR C 950 -50.82 -59.19 57.38
N SER C 951 -49.70 -58.56 57.04
CA SER C 951 -49.47 -57.10 57.21
C SER C 951 -50.54 -56.29 56.46
N GLU C 952 -50.65 -56.47 55.14
CA GLU C 952 -51.57 -55.72 54.24
C GLU C 952 -53.01 -55.78 54.75
N VAL C 953 -53.55 -56.98 55.00
CA VAL C 953 -54.97 -57.14 55.44
C VAL C 953 -55.14 -56.44 56.79
N ARG C 954 -54.21 -56.60 57.72
CA ARG C 954 -54.31 -55.93 59.04
C ARG C 954 -54.30 -54.42 58.85
N LYS C 955 -53.43 -53.88 57.99
CA LYS C 955 -53.34 -52.42 57.78
C LYS C 955 -54.65 -51.91 57.17
N ALA C 956 -55.20 -52.62 56.18
CA ALA C 956 -56.46 -52.24 55.50
C ALA C 956 -57.63 -52.30 56.49
N VAL C 957 -57.81 -53.45 57.17
CA VAL C 957 -58.90 -53.66 58.17
C VAL C 957 -58.76 -52.62 59.28
N SER C 958 -57.54 -52.31 59.70
CA SER C 958 -57.26 -51.23 60.67
C SER C 958 -57.86 -49.91 60.17
N ILE C 959 -57.43 -49.42 58.99
CA ILE C 959 -57.82 -48.11 58.39
C ILE C 959 -59.35 -48.04 58.27
N GLU C 960 -60.01 -49.15 57.90
CA GLU C 960 -61.46 -49.19 57.62
C GLU C 960 -62.24 -49.20 58.93
N THR C 961 -61.80 -49.92 59.97
CA THR C 961 -62.49 -49.95 61.28
C THR C 961 -62.33 -48.56 61.92
N ALA C 962 -61.19 -47.88 61.67
CA ALA C 962 -60.95 -46.48 62.09
C ALA C 962 -62.02 -45.57 61.48
N LEU C 963 -62.25 -45.66 60.16
CA LEU C 963 -63.18 -44.78 59.40
C LEU C 963 -64.62 -45.08 59.80
N GLU C 964 -64.99 -46.37 59.93
CA GLU C 964 -66.34 -46.80 60.38
C GLU C 964 -66.60 -46.23 61.78
N HIS C 965 -65.59 -46.17 62.64
CA HIS C 965 -65.71 -45.55 63.99
C HIS C 965 -66.01 -44.05 63.82
N LYS C 966 -65.21 -43.37 63.00
CA LYS C 966 -65.27 -41.91 62.74
C LYS C 966 -66.65 -41.52 62.19
N VAL C 967 -67.17 -42.28 61.21
CA VAL C 967 -68.50 -42.01 60.59
C VAL C 967 -69.57 -42.12 61.68
N VAL C 968 -69.51 -43.16 62.51
CA VAL C 968 -70.55 -43.46 63.54
C VAL C 968 -70.48 -42.44 64.68
N ASN C 969 -69.27 -42.05 65.11
CA ASN C 969 -69.04 -41.32 66.37
C ASN C 969 -68.72 -39.84 66.10
N GLY C 970 -68.27 -39.49 64.90
CA GLY C 970 -67.99 -38.09 64.49
C GLY C 970 -66.52 -37.73 64.70
N ASN C 971 -66.08 -36.62 64.11
CA ASN C 971 -64.68 -36.08 64.17
C ASN C 971 -64.36 -35.52 65.56
N SER C 972 -65.40 -35.32 66.40
CA SER C 972 -65.33 -34.97 67.84
C SER C 972 -64.64 -36.10 68.62
N ALA C 973 -65.17 -37.34 68.52
CA ALA C 973 -64.79 -38.56 69.29
C ALA C 973 -63.27 -38.79 69.27
N ASP C 974 -62.59 -38.48 68.15
CA ASP C 974 -61.17 -38.83 67.85
C ASP C 974 -60.31 -37.55 67.76
N ALA C 975 -60.87 -36.37 68.07
CA ALA C 975 -60.17 -35.06 68.20
C ALA C 975 -59.84 -34.79 69.68
N ALA C 976 -60.70 -35.24 70.61
CA ALA C 976 -60.49 -35.26 72.09
C ALA C 976 -59.76 -36.56 72.50
N TYR C 977 -58.78 -36.99 71.69
CA TYR C 977 -58.05 -38.28 71.72
C TYR C 977 -56.60 -38.01 71.28
N ALA C 978 -56.44 -37.59 70.01
CA ALA C 978 -55.17 -37.16 69.35
C ALA C 978 -54.43 -36.16 70.26
N GLN C 979 -53.30 -36.61 70.82
CA GLN C 979 -52.42 -35.87 71.77
C GLN C 979 -51.88 -34.60 71.08
N VAL C 980 -51.34 -33.67 71.87
CA VAL C 980 -50.70 -32.41 71.41
C VAL C 980 -49.19 -32.57 71.60
N GLU C 981 -48.44 -32.53 70.51
CA GLU C 981 -46.96 -32.63 70.55
C GLU C 981 -46.37 -31.22 70.62
N ILE C 982 -45.27 -31.08 71.35
CA ILE C 982 -44.53 -29.80 71.54
C ILE C 982 -43.16 -29.97 70.87
N GLN C 983 -42.86 -29.11 69.91
CA GLN C 983 -41.56 -29.10 69.20
C GLN C 983 -40.64 -28.13 69.93
N PRO C 984 -39.34 -28.46 70.05
CA PRO C 984 -38.40 -27.62 70.78
C PRO C 984 -38.03 -26.34 70.03
N ARG C 985 -37.91 -25.24 70.75
CA ARG C 985 -37.23 -24.00 70.28
C ARG C 985 -35.86 -23.99 70.92
N ALA C 986 -34.90 -23.38 70.24
CA ALA C 986 -33.52 -23.24 70.74
C ALA C 986 -33.54 -22.30 71.93
N ASN C 987 -32.76 -22.57 72.97
CA ASN C 987 -32.63 -21.68 74.15
C ASN C 987 -31.14 -21.55 74.47
N ILE C 988 -30.45 -20.73 73.68
CA ILE C 988 -28.96 -20.57 73.73
C ILE C 988 -28.59 -20.06 75.12
N GLN C 989 -27.56 -20.66 75.73
CA GLN C 989 -27.15 -20.37 77.13
C GLN C 989 -25.76 -19.76 77.13
N LEU C 990 -25.44 -18.95 78.14
CA LEU C 990 -24.09 -18.36 78.28
C LEU C 990 -23.12 -19.36 78.91
N ASP C 991 -23.60 -20.43 79.54
CA ASP C 991 -22.79 -21.46 80.27
C ASP C 991 -21.79 -20.75 81.19
N PHE C 992 -22.27 -19.93 82.12
CA PHE C 992 -21.49 -19.53 83.32
C PHE C 992 -21.21 -20.80 84.11
N PRO C 993 -20.10 -20.89 84.87
CA PRO C 993 -19.76 -22.09 85.61
C PRO C 993 -20.79 -22.36 86.70
N GLU C 994 -21.04 -23.64 87.01
CA GLU C 994 -21.91 -24.09 88.10
C GLU C 994 -21.22 -23.79 89.43
N LEU C 995 -21.90 -23.09 90.33
CA LEU C 995 -21.38 -22.91 91.71
C LEU C 995 -22.00 -23.98 92.60
N LYS C 996 -21.18 -24.91 93.13
CA LYS C 996 -21.68 -25.97 94.03
C LYS C 996 -21.94 -25.34 95.39
N PRO C 997 -22.70 -26.01 96.28
CA PRO C 997 -22.88 -25.51 97.64
C PRO C 997 -21.55 -25.55 98.40
N TYR C 998 -21.37 -24.58 99.31
CA TYR C 998 -20.08 -24.30 99.99
C TYR C 998 -19.49 -25.56 100.63
N LYS C 999 -20.33 -26.33 101.34
CA LYS C 999 -19.96 -27.57 102.07
C LYS C 999 -19.15 -28.49 101.14
N GLN C 1000 -19.50 -28.50 99.85
CA GLN C 1000 -19.00 -29.47 98.86
C GLN C 1000 -17.73 -28.93 98.20
N VAL C 1001 -17.68 -27.61 98.02
CA VAL C 1001 -16.60 -26.89 97.28
C VAL C 1001 -15.41 -26.71 98.23
N LYS C 1002 -15.67 -26.74 99.53
CA LYS C 1002 -14.63 -26.55 100.57
C LYS C 1002 -13.85 -27.86 100.75
N GLN C 1003 -14.40 -28.99 100.30
CA GLN C 1003 -13.73 -30.32 100.37
C GLN C 1003 -12.64 -30.40 99.30
N ILE C 1004 -12.79 -29.65 98.22
CA ILE C 1004 -11.88 -29.70 97.04
C ILE C 1004 -10.50 -29.19 97.45
N ALA C 1005 -10.42 -28.00 98.02
CA ALA C 1005 -9.17 -27.32 98.41
C ALA C 1005 -8.81 -27.74 99.83
N PRO C 1006 -7.50 -27.71 100.20
CA PRO C 1006 -7.09 -28.01 101.56
C PRO C 1006 -7.78 -27.06 102.56
N ALA C 1007 -8.01 -27.55 103.77
CA ALA C 1007 -8.63 -26.77 104.87
C ALA C 1007 -7.81 -25.49 105.12
N GLU C 1008 -6.49 -25.59 104.94
CA GLU C 1008 -5.48 -24.57 105.32
C GLU C 1008 -5.56 -23.37 104.39
N LEU C 1009 -6.07 -23.55 103.17
CA LEU C 1009 -6.05 -22.49 102.14
C LEU C 1009 -6.87 -21.29 102.60
N GLU C 1010 -7.89 -21.50 103.46
CA GLU C 1010 -8.82 -20.42 103.88
C GLU C 1010 -8.00 -19.28 104.48
N GLY C 1011 -8.04 -18.10 103.88
CA GLY C 1011 -7.42 -16.87 104.41
C GLY C 1011 -5.91 -16.90 104.31
N LEU C 1012 -5.37 -17.73 103.42
CA LEU C 1012 -3.91 -17.90 103.23
C LEU C 1012 -3.42 -17.05 102.06
N LEU C 1013 -4.22 -16.84 101.00
CA LEU C 1013 -3.84 -16.10 99.78
C LEU C 1013 -4.27 -14.63 99.88
N ASP C 1014 -3.41 -13.71 99.44
CA ASP C 1014 -3.81 -12.34 98.97
C ASP C 1014 -4.58 -12.55 97.68
N LEU C 1015 -5.88 -12.32 97.70
CA LEU C 1015 -6.78 -12.60 96.55
C LEU C 1015 -6.70 -11.47 95.51
N GLU C 1016 -6.01 -10.37 95.83
CA GLU C 1016 -5.72 -9.30 94.86
C GLU C 1016 -4.58 -9.74 93.95
N ARG C 1017 -3.88 -10.81 94.33
CA ARG C 1017 -2.71 -11.32 93.60
C ARG C 1017 -3.02 -12.73 93.08
N VAL C 1018 -4.28 -13.15 93.10
CA VAL C 1018 -4.75 -14.37 92.39
C VAL C 1018 -5.45 -13.89 91.13
N ILE C 1019 -4.95 -14.27 89.96
CA ILE C 1019 -5.49 -13.78 88.66
C ILE C 1019 -6.45 -14.82 88.11
N VAL C 1020 -7.59 -14.37 87.65
CA VAL C 1020 -8.77 -15.24 87.38
C VAL C 1020 -9.34 -14.83 86.02
N VAL C 1021 -9.68 -15.79 85.16
CA VAL C 1021 -10.39 -15.50 83.88
C VAL C 1021 -11.89 -15.41 84.17
N THR C 1022 -12.46 -14.26 83.85
CA THR C 1022 -13.82 -13.83 84.23
C THR C 1022 -14.76 -13.96 83.02
N GLY C 1023 -14.20 -13.98 81.81
CA GLY C 1023 -14.95 -14.07 80.54
C GLY C 1023 -14.01 -14.35 79.36
N PHE C 1024 -14.53 -14.97 78.31
CA PHE C 1024 -13.73 -15.30 77.11
C PHE C 1024 -14.64 -15.47 75.90
N ALA C 1025 -14.04 -15.39 74.73
CA ALA C 1025 -14.76 -15.36 73.43
C ALA C 1025 -13.74 -15.51 72.32
N GLU C 1026 -14.22 -15.86 71.14
CA GLU C 1026 -13.38 -15.98 69.93
C GLU C 1026 -14.25 -15.76 68.69
N VAL C 1027 -13.60 -15.31 67.64
CA VAL C 1027 -14.15 -15.33 66.27
C VAL C 1027 -13.20 -16.22 65.49
N GLY C 1028 -13.69 -17.31 64.93
CA GLY C 1028 -12.85 -18.28 64.24
C GLY C 1028 -13.63 -19.15 63.28
N PRO C 1029 -12.95 -20.09 62.60
CA PRO C 1029 -13.57 -20.92 61.58
C PRO C 1029 -14.81 -21.68 62.05
N TRP C 1030 -15.00 -21.88 63.36
CA TRP C 1030 -16.18 -22.62 63.83
C TRP C 1030 -17.15 -21.70 64.59
N GLY C 1031 -17.09 -20.41 64.29
CA GLY C 1031 -17.98 -19.39 64.89
C GLY C 1031 -17.47 -19.00 66.24
N SER C 1032 -18.37 -18.88 67.21
CA SER C 1032 -18.10 -18.39 68.59
C SER C 1032 -17.47 -19.50 69.42
N ALA C 1033 -17.05 -19.18 70.63
CA ALA C 1033 -16.51 -20.15 71.60
C ALA C 1033 -17.56 -21.21 71.92
N ARG C 1034 -18.84 -20.86 71.86
CA ARG C 1034 -19.97 -21.77 72.11
C ARG C 1034 -19.98 -22.86 71.04
N THR C 1035 -20.01 -22.44 69.77
CA THR C 1035 -20.18 -23.31 68.59
C THR C 1035 -18.91 -24.12 68.36
N ARG C 1036 -17.75 -23.47 68.52
CA ARG C 1036 -16.47 -24.16 68.35
C ARG C 1036 -16.38 -25.30 69.37
N TRP C 1037 -16.83 -25.06 70.60
CA TRP C 1037 -16.69 -26.05 71.69
C TRP C 1037 -17.57 -27.24 71.35
N GLU C 1038 -18.79 -27.01 70.89
CA GLU C 1038 -19.69 -28.12 70.49
C GLU C 1038 -18.97 -28.95 69.43
N MET C 1039 -18.33 -28.30 68.47
CA MET C 1039 -17.70 -29.04 67.36
C MET C 1039 -16.48 -29.77 67.87
N GLU C 1040 -15.65 -29.14 68.72
CA GLU C 1040 -14.39 -29.72 69.26
C GLU C 1040 -14.75 -30.96 70.08
N ALA C 1041 -15.73 -30.85 70.97
CA ALA C 1041 -15.99 -31.83 72.04
C ALA C 1041 -16.95 -32.92 71.59
N PHE C 1042 -17.95 -32.58 70.77
CA PHE C 1042 -19.06 -33.49 70.43
C PHE C 1042 -19.09 -33.81 68.93
N GLY C 1043 -18.43 -33.03 68.07
CA GLY C 1043 -18.34 -33.35 66.63
C GLY C 1043 -19.63 -33.02 65.89
N GLU C 1044 -20.63 -32.46 66.56
CA GLU C 1044 -21.92 -32.07 65.94
C GLU C 1044 -22.56 -30.99 66.80
N PHE C 1045 -23.49 -30.22 66.22
CA PHE C 1045 -24.13 -29.08 66.90
C PHE C 1045 -25.43 -29.55 67.56
N SER C 1046 -25.74 -28.98 68.72
CA SER C 1046 -27.09 -28.98 69.32
C SER C 1046 -28.02 -28.18 68.42
N LEU C 1047 -29.29 -28.08 68.78
CA LEU C 1047 -30.24 -27.09 68.21
C LEU C 1047 -29.64 -25.70 68.42
N GLU C 1048 -29.16 -25.45 69.64
CA GLU C 1048 -28.65 -24.12 70.05
C GLU C 1048 -27.38 -23.79 69.24
N GLY C 1049 -26.57 -24.80 68.94
CA GLY C 1049 -25.35 -24.59 68.14
C GLY C 1049 -25.73 -24.32 66.71
N CYS C 1050 -26.68 -25.08 66.20
CA CYS C 1050 -27.12 -25.02 64.80
C CYS C 1050 -27.77 -23.67 64.52
N VAL C 1051 -28.59 -23.18 65.45
CA VAL C 1051 -29.31 -21.89 65.30
C VAL C 1051 -28.28 -20.77 65.38
N GLU C 1052 -27.31 -20.86 66.28
CA GLU C 1052 -26.26 -19.81 66.38
C GLU C 1052 -25.46 -19.75 65.07
N MET C 1053 -25.08 -20.90 64.51
CA MET C 1053 -24.30 -20.92 63.25
C MET C 1053 -25.18 -20.31 62.14
N ALA C 1054 -26.43 -20.74 62.05
CA ALA C 1054 -27.36 -20.26 61.02
C ALA C 1054 -27.48 -18.74 61.12
N TRP C 1055 -27.43 -18.20 62.33
CA TRP C 1055 -27.59 -16.74 62.57
C TRP C 1055 -26.32 -16.01 62.17
N ILE C 1056 -25.16 -16.52 62.59
CA ILE C 1056 -23.82 -15.93 62.34
C ILE C 1056 -23.63 -15.74 60.83
N MET C 1057 -23.89 -16.83 60.12
CA MET C 1057 -23.65 -17.00 58.67
C MET C 1057 -24.75 -16.29 57.87
N GLY C 1058 -25.79 -15.78 58.53
CA GLY C 1058 -26.83 -14.96 57.89
C GLY C 1058 -27.84 -15.79 57.09
N PHE C 1059 -27.89 -17.08 57.30
CA PHE C 1059 -28.95 -17.96 56.72
C PHE C 1059 -30.32 -17.54 57.22
N ILE C 1060 -30.41 -17.13 58.49
CA ILE C 1060 -31.69 -16.75 59.18
C ILE C 1060 -31.52 -15.38 59.87
N SER C 1061 -32.62 -14.62 59.93
CA SER C 1061 -32.73 -13.33 60.65
C SER C 1061 -34.03 -13.34 61.44
N TYR C 1062 -33.98 -12.75 62.63
CA TYR C 1062 -35.19 -12.55 63.48
C TYR C 1062 -36.16 -11.63 62.76
N HIS C 1063 -37.45 -11.87 62.95
CA HIS C 1063 -38.54 -11.05 62.37
C HIS C 1063 -39.65 -10.91 63.41
N ASN C 1064 -40.22 -9.72 63.53
CA ASN C 1064 -41.26 -9.41 64.54
C ASN C 1064 -42.17 -8.35 63.96
N GLY C 1065 -43.32 -8.77 63.46
CA GLY C 1065 -44.25 -7.93 62.70
C GLY C 1065 -45.06 -8.83 61.79
N ASN C 1066 -45.92 -8.26 60.95
CA ASN C 1066 -46.74 -9.05 59.99
C ASN C 1066 -45.82 -9.67 58.94
N LEU C 1067 -46.11 -10.93 58.60
CA LEU C 1067 -45.55 -11.69 57.47
C LEU C 1067 -46.74 -12.14 56.63
N LYS C 1068 -47.03 -11.39 55.56
CA LYS C 1068 -48.19 -11.63 54.68
C LYS C 1068 -49.43 -11.53 55.56
N GLY C 1069 -49.63 -10.34 56.15
CA GLY C 1069 -50.88 -9.92 56.81
C GLY C 1069 -51.14 -10.63 58.14
N ARG C 1070 -50.58 -11.83 58.33
CA ARG C 1070 -50.59 -12.58 59.63
C ARG C 1070 -49.40 -12.12 60.47
N PRO C 1071 -49.52 -12.02 61.83
CA PRO C 1071 -48.41 -11.59 62.67
C PRO C 1071 -47.48 -12.77 62.95
N TYR C 1072 -46.18 -12.52 63.00
CA TYR C 1072 -45.12 -13.57 63.11
C TYR C 1072 -43.99 -13.06 64.00
N THR C 1073 -43.49 -13.96 64.85
CA THR C 1073 -42.34 -13.73 65.73
C THR C 1073 -41.38 -14.92 65.59
N GLY C 1074 -40.19 -14.70 65.05
CA GLY C 1074 -39.14 -15.72 65.09
C GLY C 1074 -38.26 -15.71 63.86
N TRP C 1075 -37.63 -16.84 63.56
CA TRP C 1075 -36.64 -16.91 62.47
C TRP C 1075 -37.39 -16.89 61.14
N VAL C 1076 -36.67 -16.40 60.13
CA VAL C 1076 -37.11 -16.22 58.75
C VAL C 1076 -35.87 -16.45 57.87
N ASP C 1077 -35.99 -17.16 56.75
CA ASP C 1077 -34.85 -17.33 55.81
C ASP C 1077 -34.47 -15.94 55.29
N SER C 1078 -33.21 -15.55 55.37
CA SER C 1078 -32.75 -14.18 55.04
C SER C 1078 -33.04 -13.86 53.56
N LYS C 1079 -32.88 -14.83 52.66
CA LYS C 1079 -33.17 -14.65 51.22
C LYS C 1079 -34.69 -14.57 51.03
N THR C 1080 -35.41 -15.68 51.19
CA THR C 1080 -36.84 -15.84 50.85
C THR C 1080 -37.75 -15.08 51.81
N LYS C 1081 -37.32 -14.78 53.04
CA LYS C 1081 -38.16 -14.19 54.12
C LYS C 1081 -39.34 -15.11 54.46
N GLU C 1082 -39.28 -16.39 54.08
CA GLU C 1082 -40.18 -17.46 54.55
C GLU C 1082 -39.88 -17.72 56.03
N PRO C 1083 -40.91 -17.92 56.88
CA PRO C 1083 -40.66 -18.28 58.28
C PRO C 1083 -39.94 -19.63 58.38
N VAL C 1084 -39.18 -19.83 59.46
CA VAL C 1084 -38.40 -21.06 59.75
C VAL C 1084 -38.52 -21.41 61.23
N ASP C 1085 -38.99 -22.62 61.54
CA ASP C 1085 -39.03 -23.13 62.94
C ASP C 1085 -37.65 -23.62 63.34
N ASP C 1086 -37.28 -23.46 64.61
CA ASP C 1086 -35.97 -23.90 65.12
C ASP C 1086 -35.80 -25.39 64.77
N LYS C 1087 -36.88 -26.18 64.86
CA LYS C 1087 -36.82 -27.65 64.63
C LYS C 1087 -36.36 -27.94 63.19
N ASP C 1088 -36.63 -27.05 62.25
CA ASP C 1088 -36.29 -27.24 60.80
C ASP C 1088 -34.91 -26.64 60.47
N VAL C 1089 -34.30 -25.85 61.34
CA VAL C 1089 -33.03 -25.15 61.01
C VAL C 1089 -31.98 -26.19 60.61
N LYS C 1090 -31.91 -27.33 61.30
CA LYS C 1090 -30.86 -28.36 61.08
C LYS C 1090 -31.05 -28.97 59.68
N ALA C 1091 -32.26 -29.44 59.37
CA ALA C 1091 -32.58 -30.05 58.06
C ALA C 1091 -32.36 -29.03 56.94
N LYS C 1092 -32.68 -27.76 57.15
CA LYS C 1092 -32.68 -26.74 56.07
C LYS C 1092 -31.26 -26.23 55.81
N TYR C 1093 -30.43 -26.05 56.85
CA TYR C 1093 -29.19 -25.26 56.74
C TYR C 1093 -27.93 -26.01 57.21
N GLU C 1094 -28.03 -27.13 57.92
CA GLU C 1094 -26.82 -27.69 58.58
C GLU C 1094 -25.80 -28.10 57.53
N THR C 1095 -26.21 -28.76 56.44
CA THR C 1095 -25.28 -29.21 55.38
C THR C 1095 -24.46 -28.02 54.89
N SER C 1096 -25.09 -26.88 54.64
CA SER C 1096 -24.42 -25.65 54.13
C SER C 1096 -23.52 -25.08 55.21
N ILE C 1097 -23.98 -25.09 56.46
CA ILE C 1097 -23.20 -24.56 57.61
C ILE C 1097 -21.87 -25.32 57.65
N LEU C 1098 -21.91 -26.64 57.50
CA LEU C 1098 -20.70 -27.49 57.60
C LEU C 1098 -19.84 -27.33 56.36
N GLU C 1099 -20.46 -27.21 55.19
CA GLU C 1099 -19.77 -27.01 53.90
C GLU C 1099 -18.97 -25.71 53.95
N HIS C 1100 -19.47 -24.69 54.64
CA HIS C 1100 -18.88 -23.32 54.60
C HIS C 1100 -18.41 -22.88 55.98
N SER C 1101 -17.94 -23.82 56.79
CA SER C 1101 -17.32 -23.55 58.11
C SER C 1101 -16.05 -24.38 58.23
N GLY C 1102 -15.14 -23.97 59.11
CA GLY C 1102 -13.95 -24.76 59.44
C GLY C 1102 -12.95 -24.73 58.30
N ILE C 1103 -12.05 -25.69 58.30
CA ILE C 1103 -10.96 -25.79 57.29
C ILE C 1103 -11.58 -26.27 55.98
N ARG C 1104 -11.42 -25.49 54.92
CA ARG C 1104 -12.06 -25.77 53.62
C ARG C 1104 -11.33 -24.98 52.52
N LEU C 1105 -11.67 -25.30 51.27
CA LEU C 1105 -11.18 -24.55 50.09
C LEU C 1105 -11.38 -23.06 50.35
N ILE C 1106 -10.37 -22.27 49.98
CA ILE C 1106 -10.33 -20.80 50.14
C ILE C 1106 -11.41 -20.22 49.25
N GLU C 1107 -12.30 -19.44 49.83
CA GLU C 1107 -13.41 -18.77 49.10
C GLU C 1107 -12.94 -17.36 48.77
N PRO C 1108 -12.77 -17.00 47.48
CA PRO C 1108 -12.19 -15.72 47.11
C PRO C 1108 -12.99 -14.51 47.61
N GLU C 1109 -14.32 -14.60 47.68
CA GLU C 1109 -15.17 -13.46 48.08
C GLU C 1109 -14.81 -13.11 49.52
N LEU C 1110 -14.31 -14.04 50.32
CA LEU C 1110 -13.89 -13.75 51.72
C LEU C 1110 -12.52 -13.06 51.80
N PHE C 1111 -11.71 -13.05 50.75
CA PHE C 1111 -10.35 -12.47 50.79
C PHE C 1111 -10.14 -11.58 49.57
N ASN C 1112 -11.15 -10.78 49.24
CA ASN C 1112 -10.94 -9.64 48.34
C ASN C 1112 -10.65 -10.16 46.93
N GLY C 1113 -11.23 -11.31 46.57
CA GLY C 1113 -11.07 -11.93 45.24
C GLY C 1113 -9.84 -12.79 45.12
N TYR C 1114 -9.02 -12.94 46.16
CA TYR C 1114 -7.84 -13.84 46.14
C TYR C 1114 -8.25 -15.21 45.61
N ASN C 1115 -7.54 -15.69 44.60
CA ASN C 1115 -7.75 -17.07 44.08
C ASN C 1115 -6.39 -17.73 44.01
N PRO C 1116 -6.04 -18.61 44.97
CA PRO C 1116 -4.70 -19.18 45.01
C PRO C 1116 -4.37 -19.94 43.72
N GLU C 1117 -5.38 -20.31 42.96
CA GLU C 1117 -5.15 -20.98 41.66
C GLU C 1117 -4.79 -19.96 40.57
N LYS C 1118 -5.02 -18.68 40.81
CA LYS C 1118 -4.72 -17.60 39.82
C LYS C 1118 -4.17 -16.39 40.58
N LYS C 1119 -2.95 -16.49 41.09
CA LYS C 1119 -2.24 -15.36 41.72
C LYS C 1119 -1.91 -14.32 40.65
N GLU C 1120 -2.33 -13.06 40.79
CA GLU C 1120 -1.97 -11.96 39.87
C GLU C 1120 -0.59 -11.41 40.24
N MET C 1121 0.35 -11.50 39.32
CA MET C 1121 1.65 -10.81 39.39
C MET C 1121 1.82 -9.93 38.16
N ILE C 1122 2.93 -9.22 38.05
CA ILE C 1122 3.24 -8.38 36.87
C ILE C 1122 4.69 -8.62 36.51
N GLN C 1123 5.00 -8.64 35.21
CA GLN C 1123 6.38 -8.83 34.72
C GLN C 1123 6.83 -7.58 33.98
N GLU C 1124 8.00 -7.07 34.34
CA GLU C 1124 8.66 -5.97 33.59
C GLU C 1124 9.01 -6.49 32.21
N VAL C 1125 8.66 -5.78 31.14
CA VAL C 1125 9.15 -6.08 29.76
C VAL C 1125 9.61 -4.76 29.15
N ILE C 1126 10.58 -4.79 28.25
CA ILE C 1126 11.03 -3.56 27.54
C ILE C 1126 10.26 -3.48 26.23
N VAL C 1127 9.54 -2.41 26.00
CA VAL C 1127 8.83 -2.12 24.72
C VAL C 1127 9.82 -2.29 23.57
N GLU C 1128 9.55 -3.18 22.62
CA GLU C 1128 10.43 -3.44 21.44
C GLU C 1128 10.06 -2.48 20.28
N GLU C 1129 8.83 -1.95 20.27
CA GLU C 1129 8.27 -1.10 19.18
C GLU C 1129 7.38 -0.01 19.76
N ASP C 1130 7.57 1.25 19.34
CA ASP C 1130 6.67 2.37 19.71
C ASP C 1130 5.23 1.82 19.82
N LEU C 1131 4.50 2.13 20.89
CA LEU C 1131 3.09 1.71 21.11
C LEU C 1131 2.14 2.65 20.35
N GLU C 1132 0.86 2.29 20.27
CA GLU C 1132 -0.19 3.17 19.70
C GLU C 1132 -0.45 4.27 20.71
N PRO C 1133 -0.55 5.56 20.32
CA PRO C 1133 -0.90 6.62 21.25
C PRO C 1133 -2.21 6.32 21.99
N PHE C 1134 -2.38 6.85 23.20
CA PHE C 1134 -3.67 6.81 23.95
C PHE C 1134 -3.91 8.15 24.64
N GLU C 1135 -5.17 8.48 24.88
CA GLU C 1135 -5.57 9.78 25.45
C GLU C 1135 -5.41 9.68 26.97
N ALA C 1136 -5.17 10.81 27.65
CA ALA C 1136 -5.06 10.89 29.11
C ALA C 1136 -5.09 12.36 29.53
N SER C 1137 -5.39 12.61 30.80
CA SER C 1137 -5.42 13.95 31.41
C SER C 1137 -4.07 14.59 31.24
N LYS C 1138 -3.99 15.92 31.31
CA LYS C 1138 -2.68 16.62 31.34
C LYS C 1138 -1.90 16.10 32.54
N GLU C 1139 -2.53 16.09 33.71
CA GLU C 1139 -1.89 15.64 34.99
C GLU C 1139 -1.27 14.24 34.80
N THR C 1140 -2.00 13.30 34.22
CA THR C 1140 -1.51 11.91 34.06
C THR C 1140 -0.41 11.88 32.99
N ALA C 1141 -0.60 12.58 31.87
CA ALA C 1141 0.40 12.56 30.78
C ALA C 1141 1.73 13.05 31.36
N GLU C 1142 1.71 14.11 32.15
CA GLU C 1142 2.92 14.72 32.75
C GLU C 1142 3.58 13.69 33.66
N GLN C 1143 2.78 12.92 34.38
CA GLN C 1143 3.24 11.83 35.27
C GLN C 1143 3.98 10.75 34.46
N PHE C 1144 3.47 10.41 33.28
CA PHE C 1144 4.09 9.40 32.38
C PHE C 1144 5.42 9.95 31.89
N LYS C 1145 5.42 11.22 31.51
CA LYS C 1145 6.60 11.91 30.96
C LYS C 1145 7.68 11.95 32.03
N HIS C 1146 7.30 12.33 33.24
CA HIS C 1146 8.22 12.40 34.41
C HIS C 1146 8.92 11.05 34.59
N GLN C 1147 8.20 9.94 34.50
CA GLN C 1147 8.78 8.60 34.70
C GLN C 1147 9.71 8.25 33.55
N HIS C 1148 9.24 8.35 32.32
CA HIS C 1148 9.83 7.70 31.13
C HIS C 1148 10.82 8.64 30.41
N GLY C 1149 10.72 9.94 30.61
CA GLY C 1149 11.61 10.90 29.95
C GLY C 1149 11.58 10.75 28.44
N ASP C 1150 12.74 10.59 27.80
CA ASP C 1150 12.93 10.39 26.34
C ASP C 1150 12.00 9.34 25.76
N LYS C 1151 11.64 8.35 26.57
CA LYS C 1151 10.98 7.11 26.11
C LYS C 1151 9.46 7.25 26.11
N VAL C 1152 8.93 8.45 26.20
CA VAL C 1152 7.48 8.73 25.98
C VAL C 1152 7.35 10.15 25.44
N ASP C 1153 6.51 10.36 24.44
CA ASP C 1153 6.13 11.73 24.01
C ASP C 1153 4.71 11.99 24.48
N ILE C 1154 4.47 13.20 24.98
CA ILE C 1154 3.11 13.68 25.29
C ILE C 1154 2.89 14.96 24.51
N PHE C 1155 1.68 15.15 24.02
CA PHE C 1155 1.28 16.28 23.14
C PHE C 1155 -0.14 16.69 23.48
N GLU C 1156 -0.35 17.98 23.77
CA GLU C 1156 -1.70 18.53 24.01
C GLU C 1156 -2.53 18.27 22.75
N ILE C 1157 -3.76 17.81 22.93
CA ILE C 1157 -4.77 17.73 21.84
C ILE C 1157 -5.50 19.08 21.84
N PRO C 1158 -5.31 19.92 20.81
CA PRO C 1158 -5.66 21.33 20.90
C PRO C 1158 -7.13 21.57 21.26
N GLU C 1159 -8.04 20.76 20.72
CA GLU C 1159 -9.52 20.89 20.87
C GLU C 1159 -9.92 20.51 22.30
N THR C 1160 -9.66 19.25 22.70
CA THR C 1160 -10.12 18.68 23.98
C THR C 1160 -9.37 19.34 25.15
N GLY C 1161 -8.08 19.64 25.00
CA GLY C 1161 -7.24 20.01 26.15
C GLY C 1161 -6.65 18.79 26.87
N GLU C 1162 -7.14 17.58 26.56
CA GLU C 1162 -6.50 16.29 26.92
C GLU C 1162 -5.17 16.16 26.16
N TYR C 1163 -4.39 15.11 26.47
CA TYR C 1163 -3.04 14.85 25.90
C TYR C 1163 -3.01 13.46 25.29
N SER C 1164 -2.26 13.30 24.19
CA SER C 1164 -1.90 11.98 23.62
C SER C 1164 -0.60 11.50 24.29
N VAL C 1165 -0.46 10.19 24.51
CA VAL C 1165 0.69 9.58 25.25
C VAL C 1165 1.27 8.45 24.39
N LYS C 1166 2.37 8.72 23.69
CA LYS C 1166 3.04 7.72 22.81
C LYS C 1166 4.20 7.13 23.59
N LEU C 1167 4.03 5.93 24.15
CA LEU C 1167 5.12 5.19 24.84
C LEU C 1167 6.10 4.68 23.80
N LEU C 1168 7.38 5.00 23.87
CA LEU C 1168 8.33 4.73 22.76
C LEU C 1168 9.16 3.47 23.04
N LYS C 1169 9.74 2.94 21.98
CA LYS C 1169 10.66 1.78 22.05
C LYS C 1169 11.73 2.08 23.10
N GLY C 1170 11.97 1.14 24.00
CA GLY C 1170 12.96 1.27 25.08
C GLY C 1170 12.30 1.49 26.42
N ALA C 1171 11.06 1.98 26.41
CA ALA C 1171 10.25 2.20 27.63
C ALA C 1171 10.03 0.86 28.34
N THR C 1172 9.76 0.88 29.64
CA THR C 1172 9.40 -0.33 30.39
C THR C 1172 7.87 -0.35 30.62
N LEU C 1173 7.26 -1.51 30.42
CA LEU C 1173 5.85 -1.85 30.70
C LEU C 1173 5.83 -2.88 31.81
N TYR C 1174 4.68 -3.03 32.47
CA TYR C 1174 4.39 -4.15 33.36
C TYR C 1174 3.19 -4.89 32.77
N ILE C 1175 3.39 -6.16 32.42
CA ILE C 1175 2.31 -6.99 31.81
C ILE C 1175 1.86 -8.00 32.85
N PRO C 1176 0.60 -7.90 33.32
CA PRO C 1176 0.04 -8.86 34.24
C PRO C 1176 0.24 -10.31 33.79
N LYS C 1177 0.60 -11.19 34.71
CA LYS C 1177 0.70 -12.66 34.49
C LYS C 1177 0.18 -13.36 35.74
N ALA C 1178 0.02 -14.68 35.70
CA ALA C 1178 -0.70 -15.41 36.75
C ALA C 1178 0.00 -16.72 37.09
N LEU C 1179 0.22 -16.89 38.39
CA LEU C 1179 0.88 -18.04 39.05
C LEU C 1179 -0.20 -19.00 39.54
N ARG C 1180 -0.01 -20.29 39.39
CA ARG C 1180 -0.84 -21.31 40.11
C ARG C 1180 -0.16 -21.58 41.45
N PHE C 1181 -0.83 -21.39 42.57
CA PHE C 1181 -0.23 -21.61 43.92
C PHE C 1181 -0.80 -22.93 44.44
N ASP C 1182 -0.17 -23.56 45.42
CA ASP C 1182 -0.51 -24.94 45.84
C ASP C 1182 -0.97 -24.97 47.30
N ARG C 1183 -1.32 -23.83 47.89
CA ARG C 1183 -2.05 -23.78 49.19
C ARG C 1183 -3.47 -23.29 48.91
N LEU C 1184 -4.38 -24.26 48.73
CA LEU C 1184 -5.76 -24.05 48.22
C LEU C 1184 -6.74 -24.02 49.38
N VAL C 1185 -6.28 -24.31 50.61
CA VAL C 1185 -7.15 -24.55 51.79
C VAL C 1185 -6.69 -23.71 52.97
N ALA C 1186 -7.65 -23.27 53.79
CA ALA C 1186 -7.45 -22.40 54.97
C ALA C 1186 -8.63 -22.58 55.93
N GLY C 1187 -8.38 -22.34 57.21
CA GLY C 1187 -9.44 -22.31 58.23
C GLY C 1187 -10.07 -20.95 58.23
N GLN C 1188 -11.26 -20.82 57.65
CA GLN C 1188 -11.84 -19.48 57.38
C GLN C 1188 -13.08 -19.33 58.24
N ILE C 1189 -13.26 -18.13 58.77
CA ILE C 1189 -14.48 -17.72 59.53
C ILE C 1189 -15.68 -18.11 58.66
N PRO C 1190 -16.79 -18.63 59.23
CA PRO C 1190 -17.86 -19.19 58.42
C PRO C 1190 -18.36 -18.17 57.40
N THR C 1191 -18.59 -18.63 56.18
CA THR C 1191 -19.10 -17.81 55.07
C THR C 1191 -20.41 -17.17 55.51
N GLY C 1192 -20.52 -15.84 55.39
CA GLY C 1192 -21.74 -15.09 55.77
C GLY C 1192 -21.50 -14.24 56.98
N TRP C 1193 -20.42 -14.50 57.71
CA TRP C 1193 -20.05 -13.73 58.92
C TRP C 1193 -20.02 -12.26 58.51
N ASN C 1194 -20.64 -11.40 59.29
CA ASN C 1194 -20.71 -9.96 58.96
C ASN C 1194 -20.75 -9.14 60.25
N ALA C 1195 -19.77 -8.27 60.44
CA ALA C 1195 -19.69 -7.37 61.62
C ALA C 1195 -21.03 -6.65 61.79
N LYS C 1196 -21.77 -6.43 60.71
CA LYS C 1196 -23.09 -5.77 60.76
C LYS C 1196 -24.04 -6.58 61.63
N THR C 1197 -24.00 -7.91 61.58
CA THR C 1197 -25.02 -8.73 62.26
C THR C 1197 -24.73 -8.68 63.77
N TYR C 1198 -23.49 -8.33 64.15
CA TYR C 1198 -23.08 -8.18 65.57
C TYR C 1198 -23.39 -6.76 66.06
N GLY C 1199 -23.74 -5.84 65.16
CA GLY C 1199 -24.20 -4.48 65.51
C GLY C 1199 -23.21 -3.39 65.12
N ILE C 1200 -22.08 -3.73 64.50
CA ILE C 1200 -21.01 -2.75 64.15
C ILE C 1200 -21.47 -1.94 62.94
N SER C 1201 -21.33 -0.62 63.03
CA SER C 1201 -21.76 0.35 61.99
C SER C 1201 -21.00 0.15 60.69
N ASP C 1202 -21.57 0.62 59.57
CA ASP C 1202 -20.92 0.61 58.25
C ASP C 1202 -19.68 1.50 58.28
N ASP C 1203 -19.74 2.60 59.02
CA ASP C 1203 -18.66 3.61 59.11
C ASP C 1203 -17.44 2.95 59.78
N ILE C 1204 -17.65 2.09 60.78
CA ILE C 1204 -16.53 1.41 61.46
C ILE C 1204 -15.95 0.39 60.48
N ILE C 1205 -16.81 -0.33 59.77
CA ILE C 1205 -16.39 -1.45 58.90
C ILE C 1205 -15.51 -0.92 57.77
N SER C 1206 -15.81 0.24 57.23
CA SER C 1206 -15.05 0.79 56.08
C SER C 1206 -13.78 1.51 56.55
N GLN C 1207 -13.68 1.88 57.83
CA GLN C 1207 -12.49 2.60 58.37
C GLN C 1207 -11.36 1.61 58.67
N VAL C 1208 -11.72 0.44 59.13
CA VAL C 1208 -10.92 -0.40 60.04
C VAL C 1208 -10.48 -1.66 59.28
N ASP C 1209 -9.30 -2.23 59.56
CA ASP C 1209 -8.87 -3.52 58.96
C ASP C 1209 -9.81 -4.61 59.44
N PRO C 1210 -10.17 -5.63 58.63
CA PRO C 1210 -11.02 -6.71 59.10
C PRO C 1210 -10.62 -7.31 60.45
N ILE C 1211 -9.32 -7.40 60.73
CA ILE C 1211 -8.82 -7.97 62.01
C ILE C 1211 -9.47 -7.20 63.16
N THR C 1212 -9.60 -5.88 63.06
CA THR C 1212 -10.21 -5.04 64.10
C THR C 1212 -11.67 -5.45 64.32
N LEU C 1213 -12.39 -5.85 63.28
CA LEU C 1213 -13.79 -6.30 63.42
C LEU C 1213 -13.83 -7.58 64.26
N PHE C 1214 -12.91 -8.52 64.00
CA PHE C 1214 -12.84 -9.79 64.76
C PHE C 1214 -12.57 -9.50 66.23
N VAL C 1215 -11.74 -8.50 66.52
CA VAL C 1215 -11.38 -8.16 67.91
C VAL C 1215 -12.57 -7.45 68.58
N LEU C 1216 -13.23 -6.52 67.90
CA LEU C 1216 -14.38 -5.78 68.51
C LEU C 1216 -15.44 -6.82 68.90
N VAL C 1217 -15.75 -7.76 68.01
CA VAL C 1217 -16.80 -8.78 68.28
C VAL C 1217 -16.34 -9.67 69.43
N SER C 1218 -15.09 -10.10 69.42
CA SER C 1218 -14.51 -10.96 70.47
C SER C 1218 -14.55 -10.26 71.84
N VAL C 1219 -14.13 -8.99 71.90
CA VAL C 1219 -14.14 -8.22 73.18
C VAL C 1219 -15.59 -8.13 73.66
N VAL C 1220 -16.52 -7.73 72.81
CA VAL C 1220 -17.95 -7.61 73.20
C VAL C 1220 -18.40 -8.95 73.81
N GLU C 1221 -18.24 -10.04 73.07
CA GLU C 1221 -18.74 -11.38 73.46
C GLU C 1221 -18.07 -11.80 74.77
N ALA C 1222 -16.81 -11.41 75.00
CA ALA C 1222 -16.04 -11.79 76.21
C ALA C 1222 -16.56 -11.06 77.45
N PHE C 1223 -16.91 -9.78 77.33
CA PHE C 1223 -17.56 -9.01 78.41
C PHE C 1223 -18.90 -9.66 78.74
N ILE C 1224 -19.69 -10.08 77.74
CA ILE C 1224 -21.01 -10.73 77.95
C ILE C 1224 -20.79 -12.04 78.71
N ALA C 1225 -19.72 -12.77 78.38
CA ALA C 1225 -19.39 -14.06 79.02
C ALA C 1225 -19.01 -13.83 80.49
N SER C 1226 -18.64 -12.60 80.81
CA SER C 1226 -18.27 -12.16 82.18
C SER C 1226 -19.45 -11.43 82.80
N GLY C 1227 -20.60 -11.42 82.11
CA GLY C 1227 -21.85 -10.81 82.59
C GLY C 1227 -21.72 -9.31 82.74
N ILE C 1228 -20.74 -8.70 82.07
CA ILE C 1228 -20.57 -7.23 81.98
C ILE C 1228 -21.16 -6.76 80.65
N THR C 1229 -22.36 -6.22 80.74
CA THR C 1229 -23.24 -5.75 79.64
C THR C 1229 -22.81 -4.36 79.18
N ASP C 1230 -22.31 -3.55 80.11
CA ASP C 1230 -21.89 -2.13 79.92
C ASP C 1230 -20.49 -1.97 80.51
N PRO C 1231 -19.44 -1.83 79.67
CA PRO C 1231 -18.07 -1.77 80.17
C PRO C 1231 -17.90 -0.76 81.32
N TYR C 1232 -18.59 0.37 81.25
CA TYR C 1232 -18.50 1.47 82.24
C TYR C 1232 -18.89 0.97 83.64
N GLU C 1233 -19.52 -0.20 83.76
CA GLU C 1233 -19.78 -0.82 85.09
C GLU C 1233 -18.45 -1.03 85.80
N MET C 1234 -17.38 -1.38 85.10
CA MET C 1234 -16.07 -1.57 85.75
C MET C 1234 -15.73 -0.34 86.59
N TYR C 1235 -16.10 0.85 86.14
CA TYR C 1235 -15.68 2.12 86.79
C TYR C 1235 -16.53 2.40 88.03
N LYS C 1236 -17.43 1.49 88.40
CA LYS C 1236 -18.11 1.51 89.71
C LYS C 1236 -17.18 0.91 90.76
N TYR C 1237 -16.33 -0.03 90.34
CA TYR C 1237 -15.47 -0.84 91.23
C TYR C 1237 -14.02 -0.38 91.16
N VAL C 1238 -13.63 0.39 90.16
CA VAL C 1238 -12.20 0.49 89.79
C VAL C 1238 -11.91 1.87 89.17
N HIS C 1239 -10.69 2.36 89.36
CA HIS C 1239 -10.27 3.64 88.73
C HIS C 1239 -10.14 3.43 87.22
N VAL C 1240 -10.54 4.47 86.50
CA VAL C 1240 -10.35 4.63 85.04
C VAL C 1240 -8.90 4.24 84.64
N SER C 1241 -7.93 4.39 85.52
CA SER C 1241 -6.50 4.11 85.23
C SER C 1241 -6.15 2.63 85.40
N GLU C 1242 -7.08 1.75 85.77
CA GLU C 1242 -6.71 0.40 86.24
C GLU C 1242 -7.46 -0.68 85.47
N VAL C 1243 -7.99 -0.35 84.30
CA VAL C 1243 -8.51 -1.31 83.29
C VAL C 1243 -7.59 -1.26 82.08
N GLY C 1244 -6.98 -2.36 81.71
CA GLY C 1244 -5.93 -2.39 80.67
C GLY C 1244 -6.26 -3.28 79.50
N ASN C 1245 -5.46 -3.20 78.44
CA ASN C 1245 -5.58 -4.08 77.25
C ASN C 1245 -4.16 -4.55 76.90
N CYS C 1246 -3.88 -5.83 77.12
CA CYS C 1246 -2.56 -6.44 76.83
C CYS C 1246 -2.70 -7.50 75.72
N SER C 1247 -3.74 -7.38 74.90
CA SER C 1247 -3.94 -8.23 73.70
C SER C 1247 -2.97 -7.75 72.63
N GLY C 1248 -2.61 -8.65 71.72
CA GLY C 1248 -1.63 -8.39 70.64
C GLY C 1248 -1.89 -9.20 69.38
N SER C 1249 -0.93 -9.17 68.48
CA SER C 1249 -1.04 -9.76 67.12
C SER C 1249 0.36 -10.09 66.58
N GLY C 1250 0.42 -11.01 65.63
CA GLY C 1250 1.68 -11.36 64.95
C GLY C 1250 2.05 -10.36 63.89
N MET C 1251 1.10 -10.03 62.98
CA MET C 1251 1.32 -9.16 61.79
C MET C 1251 0.31 -8.01 61.74
N GLY C 1252 -0.76 -8.07 62.52
CA GLY C 1252 -1.74 -6.97 62.61
C GLY C 1252 -2.60 -6.86 61.34
N GLY C 1253 -2.91 -5.64 60.95
CA GLY C 1253 -3.86 -5.31 59.88
C GLY C 1253 -3.22 -5.46 58.54
N VAL C 1254 -3.12 -6.69 58.06
CA VAL C 1254 -2.34 -7.02 56.83
C VAL C 1254 -3.06 -6.53 55.58
N SER C 1255 -4.36 -6.25 55.65
CA SER C 1255 -5.13 -5.75 54.47
C SER C 1255 -4.76 -4.28 54.29
N ALA C 1256 -4.55 -3.57 55.39
CA ALA C 1256 -4.05 -2.17 55.35
C ALA C 1256 -2.61 -2.16 54.83
N LEU C 1257 -1.79 -3.13 55.22
CA LEU C 1257 -0.40 -3.22 54.72
C LEU C 1257 -0.46 -3.33 53.19
N ARG C 1258 -1.34 -4.17 52.66
CA ARG C 1258 -1.47 -4.30 51.20
C ARG C 1258 -1.89 -2.95 50.62
N GLY C 1259 -2.83 -2.24 51.24
CA GLY C 1259 -3.25 -0.91 50.73
C GLY C 1259 -2.08 0.03 50.59
N MET C 1260 -1.20 0.01 51.59
CA MET C 1260 0.01 0.85 51.68
C MET C 1260 1.00 0.53 50.58
N PHE C 1261 1.33 -0.75 50.43
CA PHE C 1261 2.51 -1.26 49.70
C PHE C 1261 2.17 -1.61 48.24
N LYS C 1262 0.95 -2.07 47.98
CA LYS C 1262 0.52 -2.58 46.66
C LYS C 1262 -0.54 -1.67 46.06
N ASP C 1263 -1.70 -1.52 46.69
CA ASP C 1263 -2.80 -0.68 46.14
C ASP C 1263 -2.28 0.74 45.83
N ARG C 1264 -1.50 1.34 46.72
CA ARG C 1264 -0.96 2.70 46.48
C ARG C 1264 -0.10 2.72 45.22
N PHE C 1265 0.78 1.72 45.10
CA PHE C 1265 1.73 1.55 43.97
C PHE C 1265 0.97 1.55 42.66
N LYS C 1266 -0.23 0.98 42.64
CA LYS C 1266 -1.11 0.89 41.45
C LYS C 1266 -1.97 2.14 41.33
N ASP C 1267 -1.77 3.12 42.21
CA ASP C 1267 -2.54 4.38 42.21
C ASP C 1267 -4.02 4.09 42.36
N GLU C 1268 -4.37 2.94 42.95
CA GLU C 1268 -5.76 2.61 43.34
C GLU C 1268 -6.14 3.46 44.54
N PRO C 1269 -7.42 3.88 44.66
CA PRO C 1269 -7.81 4.79 45.72
C PRO C 1269 -7.75 4.06 47.06
N VAL C 1270 -7.16 4.69 48.09
CA VAL C 1270 -6.90 4.07 49.42
C VAL C 1270 -6.99 5.17 50.47
N GLN C 1271 -7.77 4.98 51.53
CA GLN C 1271 -7.92 5.97 52.64
C GLN C 1271 -6.56 6.55 52.98
N ASN C 1272 -6.49 7.85 53.26
CA ASN C 1272 -5.21 8.54 53.60
C ASN C 1272 -4.72 8.14 55.00
N ASP C 1273 -5.60 7.60 55.86
CA ASP C 1273 -5.16 7.10 57.18
C ASP C 1273 -4.93 5.59 57.15
N ILE C 1274 -4.68 4.98 55.99
CA ILE C 1274 -4.56 3.50 55.90
C ILE C 1274 -3.43 3.02 56.83
N LEU C 1275 -2.35 3.78 56.98
CA LEU C 1275 -1.19 3.36 57.81
C LEU C 1275 -1.64 3.06 59.24
N GLN C 1276 -2.46 3.95 59.83
CA GLN C 1276 -2.94 3.84 61.23
C GLN C 1276 -3.59 2.47 61.38
N GLU C 1277 -4.28 1.97 60.36
CA GLU C 1277 -5.13 0.76 60.52
C GLU C 1277 -4.30 -0.52 60.43
N SER C 1278 -3.03 -0.42 60.05
CA SER C 1278 -2.13 -1.59 59.84
C SER C 1278 -1.48 -1.99 61.15
N PHE C 1279 -1.25 -1.00 62.03
CA PHE C 1279 -0.43 -1.16 63.26
C PHE C 1279 -1.08 -2.22 64.15
N ILE C 1280 -0.26 -3.06 64.77
CA ILE C 1280 -0.74 -4.12 65.69
C ILE C 1280 -1.50 -3.51 66.87
N ASN C 1281 -1.17 -2.27 67.24
CA ASN C 1281 -1.67 -1.69 68.51
C ASN C 1281 -2.96 -0.89 68.29
N THR C 1282 -3.54 -0.89 67.08
CA THR C 1282 -4.73 -0.03 66.81
C THR C 1282 -6.00 -0.84 66.92
N MET C 1283 -5.96 -2.16 66.81
CA MET C 1283 -7.12 -2.98 67.23
C MET C 1283 -7.45 -2.59 68.67
N SER C 1284 -6.47 -2.65 69.59
CA SER C 1284 -6.67 -2.27 71.01
C SER C 1284 -7.11 -0.80 71.13
N ALA C 1285 -6.68 0.06 70.20
CA ALA C 1285 -7.04 1.49 70.22
C ALA C 1285 -8.54 1.64 69.96
N TRP C 1286 -9.04 0.99 68.91
CA TRP C 1286 -10.48 1.03 68.53
C TRP C 1286 -11.31 0.45 69.67
N VAL C 1287 -10.88 -0.66 70.26
CA VAL C 1287 -11.57 -1.25 71.43
C VAL C 1287 -11.71 -0.16 72.50
N ASN C 1288 -10.64 0.55 72.83
CA ASN C 1288 -10.71 1.60 73.87
C ASN C 1288 -11.58 2.77 73.40
N MET C 1289 -11.54 3.11 72.12
CA MET C 1289 -12.17 4.35 71.58
C MET C 1289 -13.65 4.12 71.30
N LEU C 1290 -14.11 2.88 71.24
CA LEU C 1290 -15.51 2.51 70.91
C LEU C 1290 -16.25 1.92 72.12
N LEU C 1291 -15.58 1.29 73.08
CA LEU C 1291 -16.25 0.49 74.16
C LEU C 1291 -15.74 0.86 75.55
N ILE C 1292 -14.43 0.84 75.78
CA ILE C 1292 -13.85 0.74 77.16
C ILE C 1292 -13.64 2.13 77.76
N SER C 1293 -12.97 3.05 77.08
CA SER C 1293 -12.72 4.43 77.59
C SER C 1293 -11.81 4.43 78.82
N SER C 1294 -11.03 3.36 78.99
CA SER C 1294 -10.00 3.29 80.06
C SER C 1294 -8.85 4.24 79.75
N SER C 1295 -8.21 4.70 80.81
CA SER C 1295 -6.92 5.43 80.76
C SER C 1295 -5.90 4.54 81.49
N GLY C 1296 -6.06 3.23 81.33
CA GLY C 1296 -5.25 2.20 82.02
C GLY C 1296 -4.13 1.68 81.13
N PRO C 1297 -3.40 0.62 81.52
CA PRO C 1297 -2.27 0.12 80.75
C PRO C 1297 -2.66 -0.29 79.33
N ILE C 1298 -1.65 -0.26 78.45
CA ILE C 1298 -1.78 -0.58 77.00
C ILE C 1298 -0.41 -1.06 76.53
N LYS C 1299 -0.18 -2.36 76.72
CA LYS C 1299 1.09 -3.05 76.44
C LYS C 1299 0.77 -4.14 75.43
N THR C 1300 1.17 -3.96 74.17
CA THR C 1300 0.65 -4.75 73.02
C THR C 1300 1.75 -5.66 72.50
N PRO C 1301 1.71 -6.96 72.81
CA PRO C 1301 2.78 -7.88 72.41
C PRO C 1301 2.72 -8.29 70.95
N VAL C 1302 3.89 -8.40 70.32
CA VAL C 1302 4.11 -9.18 69.07
C VAL C 1302 4.82 -10.46 69.46
N GLY C 1303 4.17 -11.61 69.28
CA GLY C 1303 4.69 -12.91 69.75
C GLY C 1303 4.59 -13.97 68.70
N ALA C 1304 4.49 -13.61 67.43
CA ALA C 1304 4.17 -14.54 66.33
C ALA C 1304 3.12 -15.53 66.84
N CYS C 1305 3.32 -16.83 66.65
CA CYS C 1305 2.31 -17.89 66.92
C CYS C 1305 2.04 -17.98 68.45
N ALA C 1306 2.86 -17.34 69.28
CA ALA C 1306 2.74 -17.38 70.75
C ALA C 1306 2.22 -16.07 71.34
N THR C 1307 1.63 -15.16 70.57
CA THR C 1307 1.36 -13.80 71.12
C THR C 1307 0.26 -13.91 72.18
N SER C 1308 -0.68 -14.83 72.04
CA SER C 1308 -1.80 -14.99 73.01
C SER C 1308 -1.28 -15.36 74.40
N VAL C 1309 -0.21 -16.16 74.50
CA VAL C 1309 0.30 -16.62 75.82
C VAL C 1309 1.18 -15.49 76.39
N GLU C 1310 1.98 -14.87 75.53
CA GLU C 1310 2.72 -13.65 75.88
C GLU C 1310 1.73 -12.62 76.43
N SER C 1311 0.55 -12.50 75.84
CA SER C 1311 -0.47 -11.50 76.25
C SER C 1311 -0.89 -11.79 77.70
N VAL C 1312 -1.29 -13.03 77.97
CA VAL C 1312 -1.71 -13.47 79.33
C VAL C 1312 -0.60 -13.12 80.33
N ASP C 1313 0.65 -13.42 79.97
CA ASP C 1313 1.83 -13.19 80.85
C ASP C 1313 1.90 -11.69 81.19
N ILE C 1314 1.95 -10.83 80.17
CA ILE C 1314 1.98 -9.35 80.35
C ILE C 1314 0.75 -8.92 81.16
N GLY C 1315 -0.42 -9.45 80.86
CA GLY C 1315 -1.66 -9.10 81.56
C GLY C 1315 -1.56 -9.42 83.03
N VAL C 1316 -1.17 -10.65 83.37
CA VAL C 1316 -0.98 -11.10 84.77
C VAL C 1316 -0.02 -10.13 85.48
N GLU C 1317 1.18 -9.94 84.94
CA GLU C 1317 2.24 -9.10 85.56
C GLU C 1317 1.71 -7.67 85.75
N THR C 1318 0.87 -7.19 84.82
CA THR C 1318 0.36 -5.80 84.82
C THR C 1318 -0.62 -5.63 85.98
N ILE C 1319 -1.37 -6.67 86.33
CA ILE C 1319 -2.29 -6.64 87.50
C ILE C 1319 -1.49 -6.83 88.79
N LEU C 1320 -0.59 -7.81 88.83
CA LEU C 1320 0.26 -8.08 90.00
C LEU C 1320 1.14 -6.88 90.32
N SER C 1321 1.36 -5.96 89.39
CA SER C 1321 2.19 -4.76 89.67
C SER C 1321 1.34 -3.66 90.30
N GLY C 1322 0.02 -3.76 90.18
CA GLY C 1322 -0.91 -2.77 90.76
C GLY C 1322 -1.36 -1.77 89.74
N LYS C 1323 -0.79 -1.83 88.53
CA LYS C 1323 -1.08 -0.89 87.42
C LYS C 1323 -2.48 -1.10 86.84
N ALA C 1324 -3.10 -2.24 87.13
CA ALA C 1324 -4.43 -2.62 86.62
C ALA C 1324 -5.04 -3.70 87.50
N ARG C 1325 -6.37 -3.69 87.62
CA ARG C 1325 -7.13 -4.70 88.39
C ARG C 1325 -7.90 -5.55 87.40
N ILE C 1326 -8.28 -4.99 86.25
CA ILE C 1326 -8.90 -5.75 85.13
C ILE C 1326 -8.06 -5.53 83.88
N CYS C 1327 -7.96 -6.55 83.05
CA CYS C 1327 -7.14 -6.52 81.83
C CYS C 1327 -7.78 -7.35 80.73
N ILE C 1328 -8.01 -6.74 79.57
CA ILE C 1328 -8.34 -7.46 78.32
C ILE C 1328 -7.03 -8.11 77.86
N VAL C 1329 -7.12 -9.29 77.26
CA VAL C 1329 -5.95 -10.16 77.04
C VAL C 1329 -6.29 -11.11 75.89
N GLY C 1330 -5.31 -11.52 75.08
CA GLY C 1330 -5.55 -12.42 73.94
C GLY C 1330 -4.78 -12.05 72.69
N GLY C 1331 -5.18 -12.60 71.56
CA GLY C 1331 -4.43 -12.51 70.29
C GLY C 1331 -5.35 -12.54 69.09
N TYR C 1332 -4.87 -12.05 67.96
CA TYR C 1332 -5.67 -11.96 66.72
C TYR C 1332 -4.74 -11.88 65.51
N ASP C 1333 -5.18 -12.46 64.40
CA ASP C 1333 -4.44 -12.40 63.11
C ASP C 1333 -5.38 -12.82 61.99
N ASP C 1334 -5.29 -12.14 60.84
CA ASP C 1334 -6.12 -12.44 59.64
C ASP C 1334 -5.33 -13.41 58.75
N PHE C 1335 -5.96 -13.89 57.71
CA PHE C 1335 -5.36 -14.65 56.58
C PHE C 1335 -5.52 -13.79 55.34
N GLN C 1336 -4.47 -13.65 54.53
CA GLN C 1336 -4.53 -12.89 53.25
C GLN C 1336 -3.53 -13.48 52.25
N GLU C 1337 -3.65 -13.10 50.99
CA GLU C 1337 -2.89 -13.70 49.86
C GLU C 1337 -1.40 -13.78 50.21
N GLU C 1338 -0.84 -12.67 50.66
CA GLU C 1338 0.61 -12.42 50.71
C GLU C 1338 1.19 -13.32 51.80
N GLY C 1339 0.69 -13.23 53.02
CA GLY C 1339 1.02 -14.15 54.12
C GLY C 1339 0.98 -15.61 53.69
N SER C 1340 -0.06 -16.05 52.99
CA SER C 1340 -0.27 -17.49 52.69
C SER C 1340 0.90 -17.97 51.83
N PHE C 1341 1.28 -17.10 50.90
CA PHE C 1341 2.30 -17.35 49.86
C PHE C 1341 3.65 -17.49 50.55
N GLU C 1342 3.91 -16.62 51.51
CA GLU C 1342 5.22 -16.55 52.20
C GLU C 1342 5.37 -17.74 53.13
N PHE C 1343 4.32 -18.11 53.86
CA PHE C 1343 4.33 -19.34 54.67
C PHE C 1343 4.60 -20.53 53.74
N GLY C 1344 4.05 -20.51 52.54
CA GLY C 1344 4.33 -21.53 51.51
C GLY C 1344 5.79 -21.50 51.08
N ASN C 1345 6.35 -20.32 50.83
CA ASN C 1345 7.78 -20.21 50.40
C ASN C 1345 8.69 -20.71 51.52
N MET C 1346 8.25 -20.65 52.77
CA MET C 1346 9.01 -21.16 53.94
C MET C 1346 8.71 -22.64 54.18
N LYS C 1347 7.82 -23.21 53.38
CA LYS C 1347 7.41 -24.63 53.49
C LYS C 1347 6.87 -24.94 54.90
N ALA C 1348 6.20 -23.99 55.55
CA ALA C 1348 5.65 -24.17 56.90
C ALA C 1348 4.25 -24.77 56.81
N THR C 1349 3.52 -24.41 55.75
CA THR C 1349 2.11 -24.80 55.53
C THR C 1349 2.10 -26.09 54.72
N SER C 1350 1.09 -26.93 54.92
CA SER C 1350 0.82 -28.14 54.10
C SER C 1350 0.63 -27.71 52.66
N ASN C 1351 1.27 -28.41 51.74
CA ASN C 1351 1.08 -28.31 50.28
C ASN C 1351 -0.21 -29.05 49.87
N THR C 1352 -1.25 -28.32 49.49
CA THR C 1352 -2.61 -28.87 49.28
C THR C 1352 -2.61 -29.86 48.11
N LEU C 1353 -1.73 -29.71 47.14
CA LEU C 1353 -1.68 -30.62 45.96
C LEU C 1353 -1.08 -31.95 46.39
N GLU C 1354 -0.04 -31.92 47.23
CA GLU C 1354 0.51 -33.13 47.87
C GLU C 1354 -0.60 -33.80 48.68
N GLU C 1355 -1.34 -33.06 49.51
CA GLU C 1355 -2.40 -33.65 50.37
C GLU C 1355 -3.39 -34.39 49.46
N PHE C 1356 -3.83 -33.76 48.37
CA PHE C 1356 -4.80 -34.35 47.42
C PHE C 1356 -4.21 -35.64 46.83
N GLU C 1357 -2.92 -35.65 46.52
CA GLU C 1357 -2.24 -36.85 45.96
C GLU C 1357 -2.36 -38.01 46.95
N HIS C 1358 -2.36 -37.68 48.23
CA HIS C 1358 -2.44 -38.64 49.37
C HIS C 1358 -3.90 -38.90 49.71
N GLY C 1359 -4.84 -38.35 48.97
CA GLY C 1359 -6.27 -38.63 49.15
C GLY C 1359 -6.79 -37.97 50.42
N ARG C 1360 -6.19 -36.88 50.85
CA ARG C 1360 -6.65 -36.16 52.06
C ARG C 1360 -7.68 -35.11 51.67
N THR C 1361 -8.82 -35.07 52.38
CA THR C 1361 -9.80 -33.97 52.30
C THR C 1361 -9.37 -32.83 53.20
N PRO C 1362 -9.84 -31.59 52.97
CA PRO C 1362 -9.45 -30.47 53.84
C PRO C 1362 -9.70 -30.75 55.33
N ALA C 1363 -10.79 -31.41 55.68
CA ALA C 1363 -11.11 -31.75 57.09
C ALA C 1363 -9.88 -32.34 57.78
N GLU C 1364 -9.21 -33.28 57.09
CA GLU C 1364 -8.10 -34.09 57.64
C GLU C 1364 -6.71 -33.55 57.23
N MET C 1365 -6.55 -32.27 56.88
CA MET C 1365 -5.23 -31.75 56.42
C MET C 1365 -4.43 -31.19 57.60
N SER C 1366 -5.12 -30.82 58.70
CA SER C 1366 -4.49 -30.51 60.01
C SER C 1366 -4.60 -31.74 60.88
N ARG C 1367 -3.52 -32.47 61.05
CA ARG C 1367 -3.50 -33.75 61.80
C ARG C 1367 -2.25 -33.80 62.66
N PRO C 1368 -2.25 -33.07 63.79
CA PRO C 1368 -1.11 -33.04 64.69
C PRO C 1368 -0.72 -34.42 65.24
N ALA C 1369 0.59 -34.61 65.45
CA ALA C 1369 1.21 -35.75 66.15
C ALA C 1369 1.04 -37.04 65.36
N THR C 1370 0.62 -36.92 64.10
CA THR C 1370 0.40 -38.06 63.18
C THR C 1370 1.69 -38.41 62.47
N THR C 1371 1.83 -39.68 62.06
CA THR C 1371 2.92 -40.17 61.21
C THR C 1371 3.05 -39.28 59.98
N THR C 1372 1.95 -38.97 59.31
CA THR C 1372 1.94 -38.35 57.95
C THR C 1372 1.75 -36.84 58.03
N ARG C 1373 1.88 -36.22 59.21
CA ARG C 1373 1.69 -34.76 59.36
C ARG C 1373 2.71 -34.06 58.46
N ASN C 1374 2.35 -32.95 57.85
CA ASN C 1374 3.06 -32.47 56.64
C ASN C 1374 3.02 -30.93 56.55
N GLY C 1375 2.87 -30.23 57.67
CA GLY C 1375 2.76 -28.76 57.66
C GLY C 1375 1.43 -28.28 58.19
N PHE C 1376 1.41 -27.02 58.61
CA PHE C 1376 0.30 -26.44 59.39
C PHE C 1376 -0.75 -25.93 58.42
N MET C 1377 -1.98 -25.80 58.91
CA MET C 1377 -3.13 -25.31 58.11
C MET C 1377 -3.44 -23.90 58.60
N GLU C 1378 -3.30 -22.89 57.76
CA GLU C 1378 -3.39 -21.49 58.19
C GLU C 1378 -4.87 -21.13 58.39
N ALA C 1379 -5.15 -20.25 59.34
CA ALA C 1379 -6.52 -19.83 59.68
C ALA C 1379 -6.51 -18.34 60.04
N GLN C 1380 -7.67 -17.81 60.38
CA GLN C 1380 -7.85 -16.39 60.72
C GLN C 1380 -8.74 -16.31 61.96
N GLY C 1381 -8.59 -15.25 62.74
CA GLY C 1381 -9.58 -14.90 63.76
C GLY C 1381 -8.96 -14.24 64.96
N ALA C 1382 -9.67 -14.26 66.08
CA ALA C 1382 -9.30 -13.54 67.30
C ALA C 1382 -9.78 -14.36 68.50
N GLY C 1383 -9.13 -14.15 69.63
CA GLY C 1383 -9.52 -14.70 70.94
C GLY C 1383 -9.25 -13.69 72.02
N ILE C 1384 -10.23 -13.43 72.85
CA ILE C 1384 -10.10 -12.48 73.99
C ILE C 1384 -10.52 -13.20 75.27
N GLN C 1385 -9.76 -12.94 76.33
CA GLN C 1385 -10.09 -13.29 77.73
C GLN C 1385 -10.18 -11.98 78.52
N ILE C 1386 -11.01 -11.95 79.54
CA ILE C 1386 -11.01 -10.88 80.57
C ILE C 1386 -10.39 -11.47 81.82
N ILE C 1387 -9.31 -10.88 82.33
CA ILE C 1387 -8.67 -11.35 83.57
C ILE C 1387 -8.73 -10.22 84.59
N MET C 1388 -8.89 -10.59 85.86
CA MET C 1388 -8.93 -9.63 86.98
C MET C 1388 -8.48 -10.30 88.27
N GLN C 1389 -8.14 -9.47 89.25
CA GLN C 1389 -7.98 -9.87 90.66
C GLN C 1389 -9.19 -10.73 91.05
N ALA C 1390 -8.97 -11.92 91.58
CA ALA C 1390 -10.02 -12.78 92.14
C ALA C 1390 -10.84 -11.95 93.14
N ASP C 1391 -10.18 -11.14 93.93
CA ASP C 1391 -10.82 -10.36 95.01
C ASP C 1391 -11.88 -9.44 94.38
N LEU C 1392 -11.57 -8.89 93.21
CA LEU C 1392 -12.48 -8.00 92.45
C LEU C 1392 -13.59 -8.86 91.84
N ALA C 1393 -13.24 -9.99 91.21
CA ALA C 1393 -14.23 -10.86 90.57
C ALA C 1393 -15.32 -11.22 91.59
N LEU C 1394 -14.93 -11.62 92.80
CA LEU C 1394 -15.87 -11.98 93.89
C LEU C 1394 -16.71 -10.75 94.23
N LYS C 1395 -16.08 -9.61 94.43
CA LYS C 1395 -16.76 -8.35 94.79
C LYS C 1395 -17.81 -8.00 93.74
N MET C 1396 -17.45 -8.09 92.47
CA MET C 1396 -18.31 -7.69 91.33
C MET C 1396 -19.39 -8.76 91.12
N GLY C 1397 -19.18 -9.98 91.60
CA GLY C 1397 -20.08 -11.10 91.31
C GLY C 1397 -20.12 -11.39 89.83
N VAL C 1398 -18.94 -11.53 89.21
CA VAL C 1398 -18.81 -12.00 87.81
C VAL C 1398 -18.45 -13.47 87.87
N PRO C 1399 -18.77 -14.24 86.81
CA PRO C 1399 -18.38 -15.64 86.74
C PRO C 1399 -16.85 -15.76 86.74
N ILE C 1400 -16.36 -16.90 87.23
CA ILE C 1400 -14.90 -17.22 87.35
C ILE C 1400 -14.67 -18.59 86.70
N TYR C 1401 -14.07 -18.60 85.51
CA TYR C 1401 -13.97 -19.80 84.64
C TYR C 1401 -12.68 -20.55 84.95
N GLY C 1402 -11.70 -19.89 85.55
CA GLY C 1402 -10.38 -20.49 85.79
C GLY C 1402 -9.45 -19.54 86.52
N ILE C 1403 -8.44 -20.11 87.16
CA ILE C 1403 -7.33 -19.35 87.79
C ILE C 1403 -6.15 -19.41 86.81
N VAL C 1404 -5.58 -18.25 86.48
CA VAL C 1404 -4.31 -18.23 85.71
C VAL C 1404 -3.19 -18.43 86.72
N ALA C 1405 -2.75 -19.68 86.89
CA ALA C 1405 -1.80 -20.06 87.94
C ALA C 1405 -0.37 -19.68 87.53
N MET C 1406 -0.09 -19.64 86.23
CA MET C 1406 1.27 -19.36 85.73
C MET C 1406 1.19 -18.87 84.29
N ALA C 1407 2.13 -18.04 83.87
CA ALA C 1407 2.26 -17.58 82.48
C ALA C 1407 3.69 -17.11 82.26
N ALA C 1408 4.41 -17.73 81.32
CA ALA C 1408 5.86 -17.52 81.12
C ALA C 1408 6.21 -17.53 79.64
N THR C 1409 7.28 -16.83 79.27
CA THR C 1409 7.86 -16.82 77.91
C THR C 1409 9.34 -17.20 77.98
N ALA C 1410 9.87 -17.85 76.96
CA ALA C 1410 11.31 -18.16 76.88
C ALA C 1410 11.81 -18.16 75.44
N THR C 1411 12.95 -17.52 75.23
CA THR C 1411 13.85 -17.70 74.07
C THR C 1411 14.59 -19.03 74.25
N ASP C 1412 15.38 -19.44 73.27
CA ASP C 1412 16.02 -20.78 73.24
C ASP C 1412 17.53 -20.59 73.43
N LYS C 1413 18.26 -20.34 72.35
CA LYS C 1413 19.75 -20.35 72.35
C LYS C 1413 20.29 -19.82 71.03
N ILE C 1414 21.61 -19.74 70.91
CA ILE C 1414 22.32 -19.42 69.64
C ILE C 1414 21.69 -20.31 68.56
N GLY C 1415 21.47 -19.77 67.38
CA GLY C 1415 20.89 -20.51 66.26
C GLY C 1415 20.93 -19.69 64.99
N ARG C 1416 20.56 -20.29 63.85
CA ARG C 1416 20.51 -19.58 62.56
C ARG C 1416 19.18 -19.83 61.84
N SER C 1417 18.23 -20.52 62.48
CA SER C 1417 16.87 -20.73 61.92
C SER C 1417 15.81 -20.08 62.80
N VAL C 1418 15.38 -18.87 62.43
CA VAL C 1418 14.36 -18.12 63.19
C VAL C 1418 13.12 -18.97 63.43
N PRO C 1419 12.62 -19.73 62.45
CA PRO C 1419 11.33 -20.41 62.63
C PRO C 1419 11.40 -21.77 63.35
N ALA C 1420 12.60 -22.24 63.67
CA ALA C 1420 12.83 -23.54 64.35
C ALA C 1420 12.31 -23.44 65.76
N PRO C 1421 11.47 -24.37 66.26
CA PRO C 1421 10.96 -24.31 67.63
C PRO C 1421 12.01 -24.95 68.55
N GLY C 1422 12.09 -24.50 69.80
CA GLY C 1422 13.14 -24.93 70.75
C GLY C 1422 12.59 -25.20 72.14
N LYS C 1423 13.48 -25.34 73.12
CA LYS C 1423 13.15 -25.92 74.44
C LYS C 1423 13.31 -24.93 75.59
N GLY C 1424 13.48 -23.64 75.31
CA GLY C 1424 13.68 -22.66 76.38
C GLY C 1424 12.60 -22.76 77.46
N ILE C 1425 11.37 -23.06 77.06
CA ILE C 1425 10.21 -23.05 78.00
C ILE C 1425 10.33 -24.21 78.98
N LEU C 1426 11.19 -25.21 78.71
CA LEU C 1426 11.57 -26.27 79.67
C LEU C 1426 11.92 -25.64 81.02
N THR C 1427 12.44 -24.41 81.00
CA THR C 1427 12.90 -23.69 82.21
C THR C 1427 11.77 -23.54 83.23
N THR C 1428 10.51 -23.54 82.82
CA THR C 1428 9.37 -23.39 83.77
C THR C 1428 9.41 -24.52 84.80
N ALA C 1429 10.04 -25.66 84.50
CA ALA C 1429 10.12 -26.83 85.39
C ALA C 1429 11.47 -26.87 86.10
N ARG C 1430 12.27 -25.81 86.03
CA ARG C 1430 13.63 -25.87 86.60
C ARG C 1430 13.52 -26.04 88.11
N GLU C 1431 14.23 -26.99 88.68
CA GLU C 1431 14.45 -27.00 90.14
C GLU C 1431 15.65 -27.86 90.51
N HIS C 1432 16.17 -27.65 91.72
CA HIS C 1432 17.55 -28.03 92.13
C HIS C 1432 17.50 -29.26 93.03
N HIS C 1433 18.04 -30.37 92.57
CA HIS C 1433 17.90 -31.70 93.20
C HIS C 1433 19.17 -32.15 93.89
N SER C 1434 20.16 -31.29 94.13
CA SER C 1434 21.44 -31.72 94.75
C SER C 1434 21.18 -32.19 96.18
N SER C 1435 20.23 -31.55 96.85
CA SER C 1435 19.89 -31.72 98.28
C SER C 1435 18.36 -31.78 98.41
N VAL C 1436 17.86 -32.96 98.72
CA VAL C 1436 16.45 -33.37 98.44
C VAL C 1436 16.10 -34.59 99.31
N LYS C 1437 16.94 -34.93 100.29
CA LYS C 1437 16.80 -36.17 101.08
C LYS C 1437 15.61 -36.06 102.01
N TYR C 1438 15.33 -34.88 102.56
CA TYR C 1438 14.26 -34.63 103.55
C TYR C 1438 13.33 -33.53 103.03
N ALA C 1439 12.01 -33.75 103.15
CA ALA C 1439 10.96 -32.84 102.66
C ALA C 1439 11.17 -31.44 103.26
N SER C 1440 10.70 -30.43 102.53
CA SER C 1440 10.93 -28.99 102.76
C SER C 1440 9.65 -28.40 103.32
N PRO C 1441 9.71 -27.86 104.57
CA PRO C 1441 8.56 -27.17 105.16
C PRO C 1441 7.86 -26.20 104.22
N ASN C 1442 8.61 -25.48 103.39
CA ASN C 1442 8.09 -24.41 102.48
C ASN C 1442 7.03 -24.99 101.55
N LEU C 1443 7.14 -26.28 101.21
CA LEU C 1443 6.17 -26.95 100.28
C LEU C 1443 4.93 -27.41 101.06
N ASN C 1444 4.99 -27.41 102.40
CA ASN C 1444 3.90 -27.94 103.27
C ASN C 1444 2.97 -26.80 103.68
N MET C 1445 1.74 -26.78 103.18
CA MET C 1445 0.78 -25.67 103.32
C MET C 1445 0.45 -25.45 104.80
N LYS C 1446 0.41 -26.51 105.61
CA LYS C 1446 0.13 -26.37 107.06
C LYS C 1446 1.18 -25.47 107.70
N TYR C 1447 2.44 -25.65 107.33
CA TYR C 1447 3.60 -24.86 107.84
C TYR C 1447 3.41 -23.41 107.43
N ARG C 1448 3.24 -23.19 106.13
CA ARG C 1448 3.06 -21.83 105.57
C ARG C 1448 1.93 -21.14 106.34
N LYS C 1449 0.84 -21.85 106.60
CA LYS C 1449 -0.38 -21.29 107.24
C LYS C 1449 -0.03 -20.90 108.68
N ARG C 1450 0.56 -21.82 109.43
CA ARG C 1450 1.03 -21.62 110.83
C ARG C 1450 1.85 -20.32 110.89
N GLN C 1451 2.75 -20.13 109.92
CA GLN C 1451 3.66 -18.96 109.87
C GLN C 1451 2.83 -17.70 109.65
N LEU C 1452 1.79 -17.78 108.83
CA LEU C 1452 0.88 -16.63 108.59
C LEU C 1452 0.15 -16.28 109.89
N VAL C 1453 -0.34 -17.26 110.65
CA VAL C 1453 -1.17 -16.99 111.86
C VAL C 1453 -0.29 -16.26 112.90
N THR C 1454 0.99 -16.63 113.00
CA THR C 1454 1.99 -15.90 113.83
C THR C 1454 2.02 -14.45 113.34
N ARG C 1455 2.21 -14.25 112.04
CA ARG C 1455 2.33 -12.92 111.41
C ARG C 1455 1.03 -12.15 111.69
N GLU C 1456 -0.13 -12.80 111.58
CA GLU C 1456 -1.47 -12.18 111.79
C GLU C 1456 -1.54 -11.62 113.20
N ALA C 1457 -1.09 -12.38 114.20
CA ALA C 1457 -1.05 -12.01 115.63
C ALA C 1457 -0.10 -10.82 115.85
N GLN C 1458 1.00 -10.75 115.09
CA GLN C 1458 1.98 -9.63 115.19
C GLN C 1458 1.30 -8.35 114.69
N ILE C 1459 0.48 -8.44 113.64
CA ILE C 1459 -0.26 -7.29 113.03
C ILE C 1459 -1.37 -6.84 113.98
N LYS C 1460 -2.12 -7.78 114.56
CA LYS C 1460 -3.08 -7.51 115.66
C LYS C 1460 -2.40 -6.56 116.66
N ASP C 1461 -1.22 -6.94 117.18
CA ASP C 1461 -0.49 -6.15 118.21
C ASP C 1461 -0.08 -4.81 117.59
N TRP C 1462 0.38 -4.82 116.33
CA TRP C 1462 0.88 -3.60 115.65
C TRP C 1462 -0.21 -2.51 115.66
N VAL C 1463 -1.45 -2.89 115.32
CA VAL C 1463 -2.60 -1.96 115.18
C VAL C 1463 -2.96 -1.43 116.57
N GLU C 1464 -3.02 -2.30 117.57
CA GLU C 1464 -3.27 -1.91 118.98
C GLU C 1464 -2.32 -0.75 119.32
N ASN C 1465 -1.01 -0.96 119.11
CA ASN C 1465 0.06 -0.01 119.49
C ASN C 1465 -0.15 1.31 118.74
N GLU C 1466 -0.53 1.26 117.46
CA GLU C 1466 -0.68 2.46 116.61
C GLU C 1466 -1.88 3.28 117.07
N LEU C 1467 -2.96 2.64 117.54
CA LEU C 1467 -4.15 3.34 118.09
C LEU C 1467 -3.79 4.00 119.43
N GLU C 1468 -3.16 3.26 120.33
CA GLU C 1468 -2.71 3.74 121.66
C GLU C 1468 -1.83 4.99 121.44
N ALA C 1469 -0.93 4.99 120.45
CA ALA C 1469 -0.02 6.11 120.13
C ALA C 1469 -0.81 7.28 119.57
N LEU C 1470 -1.77 7.00 118.69
CA LEU C 1470 -2.65 8.00 118.03
C LEU C 1470 -3.47 8.74 119.09
N LYS C 1471 -4.00 7.99 120.06
CA LYS C 1471 -4.77 8.55 121.21
C LYS C 1471 -3.91 9.65 121.85
N LEU C 1472 -2.65 9.36 122.18
CA LEU C 1472 -1.71 10.27 122.88
C LEU C 1472 -1.45 11.51 122.03
N GLU C 1473 -1.23 11.34 120.72
CA GLU C 1473 -1.01 12.48 119.78
C GLU C 1473 -2.22 13.41 119.80
N ALA C 1474 -3.43 12.82 119.84
CA ALA C 1474 -4.73 13.53 119.74
C ALA C 1474 -4.98 14.34 121.02
N GLU C 1475 -4.48 13.88 122.16
CA GLU C 1475 -4.59 14.61 123.45
C GLU C 1475 -3.87 15.95 123.34
N GLU C 1476 -2.91 16.10 122.41
CA GLU C 1476 -2.10 17.34 122.22
C GLU C 1476 -2.75 18.27 121.19
N ILE C 1477 -3.76 17.81 120.45
CA ILE C 1477 -4.45 18.58 119.37
C ILE C 1477 -5.67 19.30 119.96
N PRO C 1478 -5.89 20.58 119.63
CA PRO C 1478 -7.09 21.31 120.08
C PRO C 1478 -8.40 20.54 119.81
N SER C 1479 -9.30 20.52 120.79
CA SER C 1479 -10.48 19.61 120.84
C SER C 1479 -11.45 19.87 119.68
N GLU C 1480 -11.55 21.10 119.17
CA GLU C 1480 -12.50 21.43 118.06
C GLU C 1480 -12.12 20.66 116.79
N ASP C 1481 -10.83 20.53 116.46
CA ASP C 1481 -10.39 19.80 115.22
C ASP C 1481 -9.72 18.47 115.59
N GLN C 1482 -9.98 17.96 116.80
CA GLN C 1482 -9.52 16.63 117.27
C GLN C 1482 -10.17 15.52 116.43
N ASN C 1483 -11.43 15.67 116.04
CA ASN C 1483 -12.17 14.65 115.25
C ASN C 1483 -11.53 14.53 113.86
N GLU C 1484 -11.27 15.66 113.20
CA GLU C 1484 -10.75 15.66 111.80
C GLU C 1484 -9.41 14.92 111.77
N PHE C 1485 -8.50 15.23 112.71
CA PHE C 1485 -7.18 14.59 112.89
C PHE C 1485 -7.33 13.08 113.03
N LEU C 1486 -8.23 12.65 113.92
CA LEU C 1486 -8.51 11.23 114.20
C LEU C 1486 -9.04 10.54 112.94
N LEU C 1487 -9.95 11.18 112.20
CA LEU C 1487 -10.58 10.58 110.99
C LEU C 1487 -9.50 10.23 109.97
N GLU C 1488 -8.64 11.21 109.65
CA GLU C 1488 -7.57 11.10 108.64
C GLU C 1488 -6.59 10.00 109.02
N ARG C 1489 -6.17 10.01 110.27
CA ARG C 1489 -5.03 9.19 110.73
C ARG C 1489 -5.49 7.74 110.92
N THR C 1490 -6.75 7.53 111.36
CA THR C 1490 -7.28 6.17 111.63
C THR C 1490 -7.51 5.45 110.30
N ARG C 1491 -7.89 6.20 109.27
CA ARG C 1491 -8.07 5.67 107.90
C ARG C 1491 -6.71 5.16 107.39
N GLU C 1492 -5.64 5.89 107.66
CA GLU C 1492 -4.27 5.53 107.23
C GLU C 1492 -3.82 4.24 107.94
N ILE C 1493 -4.14 4.11 109.23
CA ILE C 1493 -3.76 2.93 110.05
C ILE C 1493 -4.48 1.70 109.50
N HIS C 1494 -5.75 1.85 109.10
CA HIS C 1494 -6.55 0.78 108.47
C HIS C 1494 -5.83 0.30 107.19
N ASN C 1495 -5.47 1.24 106.32
CA ASN C 1495 -4.67 1.01 105.09
C ASN C 1495 -3.43 0.16 105.40
N GLU C 1496 -2.60 0.60 106.35
CA GLU C 1496 -1.29 -0.02 106.63
C GLU C 1496 -1.52 -1.41 107.24
N ALA C 1497 -2.66 -1.60 107.91
CA ALA C 1497 -3.05 -2.91 108.49
C ALA C 1497 -3.40 -3.85 107.35
N GLU C 1498 -4.16 -3.36 106.36
CA GLU C 1498 -4.53 -4.17 105.18
C GLU C 1498 -3.25 -4.54 104.42
N SER C 1499 -2.40 -3.56 104.11
CA SER C 1499 -1.09 -3.79 103.45
C SER C 1499 -0.38 -4.95 104.16
N GLN C 1500 -0.24 -4.85 105.47
CA GLN C 1500 0.58 -5.80 106.25
C GLN C 1500 -0.04 -7.20 106.16
N LEU C 1501 -1.36 -7.28 106.31
CA LEU C 1501 -2.08 -8.58 106.24
C LEU C 1501 -1.81 -9.20 104.86
N ARG C 1502 -2.07 -8.45 103.79
CA ARG C 1502 -2.03 -8.96 102.40
C ARG C 1502 -0.60 -9.33 102.03
N ALA C 1503 0.38 -8.55 102.49
CA ALA C 1503 1.82 -8.78 102.29
C ALA C 1503 2.20 -10.13 102.89
N ALA C 1504 1.63 -10.46 104.05
CA ALA C 1504 1.92 -11.71 104.80
C ALA C 1504 1.29 -12.88 104.05
N GLN C 1505 0.06 -12.71 103.57
CA GLN C 1505 -0.64 -13.73 102.75
C GLN C 1505 0.17 -13.89 101.46
N GLN C 1506 0.63 -12.78 100.90
CA GLN C 1506 1.43 -12.76 99.65
C GLN C 1506 2.67 -13.62 99.84
N GLN C 1507 3.37 -13.41 100.95
CA GLN C 1507 4.67 -14.05 101.20
C GLN C 1507 4.49 -15.55 101.44
N TRP C 1508 3.47 -15.97 102.19
CA TRP C 1508 3.31 -17.37 102.68
C TRP C 1508 2.34 -18.17 101.82
N GLY C 1509 1.42 -17.50 101.12
CA GLY C 1509 0.33 -18.14 100.38
C GLY C 1509 0.62 -18.21 98.88
N ASN C 1510 1.08 -17.09 98.31
CA ASN C 1510 1.17 -16.80 96.86
C ASN C 1510 2.60 -16.99 96.32
N ASP C 1511 3.58 -16.36 96.98
CA ASP C 1511 4.97 -16.17 96.47
C ASP C 1511 5.99 -17.03 97.24
N PHE C 1512 5.55 -18.04 97.99
CA PHE C 1512 6.48 -18.82 98.86
C PHE C 1512 7.60 -19.48 98.04
N TYR C 1513 7.37 -19.85 96.79
CA TYR C 1513 8.29 -20.70 95.99
C TYR C 1513 9.25 -19.86 95.14
N LYS C 1514 9.00 -18.55 95.06
CA LYS C 1514 9.64 -17.65 94.06
C LYS C 1514 11.15 -17.64 94.28
N ARG C 1515 11.60 -17.79 95.52
CA ARG C 1515 13.04 -17.68 95.85
C ARG C 1515 13.55 -19.05 96.35
N ASP C 1516 12.73 -20.11 96.37
CA ASP C 1516 13.13 -21.49 96.79
C ASP C 1516 13.59 -22.23 95.55
N PRO C 1517 14.90 -22.48 95.39
CA PRO C 1517 15.39 -23.18 94.20
C PRO C 1517 14.98 -24.65 94.17
N ARG C 1518 14.30 -25.15 95.20
CA ARG C 1518 13.85 -26.56 95.24
C ARG C 1518 12.41 -26.65 94.75
N ILE C 1519 11.75 -25.52 94.51
CA ILE C 1519 10.35 -25.49 93.96
C ILE C 1519 10.35 -24.74 92.62
N ALA C 1520 10.08 -25.49 91.56
CA ALA C 1520 9.98 -24.99 90.17
C ALA C 1520 8.76 -24.09 90.08
N PRO C 1521 8.81 -23.06 89.21
CA PRO C 1521 7.66 -22.21 88.99
C PRO C 1521 6.37 -23.00 88.70
N LEU C 1522 6.51 -24.07 87.92
CA LEU C 1522 5.40 -24.96 87.49
C LEU C 1522 4.83 -25.66 88.72
N ARG C 1523 5.71 -26.19 89.56
CA ARG C 1523 5.28 -26.95 90.77
C ARG C 1523 4.66 -25.97 91.76
N GLY C 1524 5.28 -24.80 91.94
CA GLY C 1524 4.79 -23.73 92.81
C GLY C 1524 3.39 -23.28 92.40
N ALA C 1525 3.18 -23.00 91.13
CA ALA C 1525 1.89 -22.52 90.59
C ALA C 1525 0.76 -23.43 91.07
N LEU C 1526 0.99 -24.74 91.03
CA LEU C 1526 0.01 -25.79 91.38
C LEU C 1526 -0.07 -25.93 92.90
N ALA C 1527 1.09 -25.99 93.55
CA ALA C 1527 1.23 -26.15 95.01
C ALA C 1527 0.51 -25.02 95.75
N THR C 1528 0.33 -23.84 95.16
CA THR C 1528 -0.25 -22.71 95.92
C THR C 1528 -1.71 -23.05 96.27
N TYR C 1529 -2.41 -23.83 95.42
CA TYR C 1529 -3.82 -24.27 95.61
C TYR C 1529 -3.84 -25.69 96.18
N GLY C 1530 -2.68 -26.25 96.48
CA GLY C 1530 -2.56 -27.58 97.12
C GLY C 1530 -2.58 -28.72 96.12
N LEU C 1531 -2.31 -28.45 94.84
CA LEU C 1531 -2.21 -29.48 93.78
C LEU C 1531 -0.75 -29.93 93.63
N THR C 1532 -0.56 -31.22 93.37
CA THR C 1532 0.75 -31.82 93.06
C THR C 1532 0.96 -31.79 91.55
N ILE C 1533 2.16 -32.16 91.11
CA ILE C 1533 2.54 -32.18 89.68
C ILE C 1533 1.65 -33.19 88.97
N ASP C 1534 1.13 -34.19 89.66
CA ASP C 1534 0.28 -35.26 89.05
C ASP C 1534 -1.13 -34.73 88.75
N ASP C 1535 -1.51 -33.57 89.29
CA ASP C 1535 -2.89 -33.06 89.14
C ASP C 1535 -3.08 -32.37 87.79
N LEU C 1536 -1.98 -32.01 87.12
CA LEU C 1536 -1.98 -31.38 85.77
C LEU C 1536 -2.44 -32.41 84.74
N GLY C 1537 -3.72 -32.46 84.44
CA GLY C 1537 -4.35 -33.62 83.79
C GLY C 1537 -4.23 -33.55 82.29
N VAL C 1538 -4.27 -32.34 81.75
CA VAL C 1538 -4.42 -32.05 80.30
C VAL C 1538 -3.34 -31.06 79.87
N ALA C 1539 -2.68 -31.33 78.75
CA ALA C 1539 -1.83 -30.36 78.04
C ALA C 1539 -2.52 -30.05 76.72
N SER C 1540 -3.11 -28.84 76.58
CA SER C 1540 -3.47 -28.23 75.27
C SER C 1540 -2.13 -27.95 74.59
N PHE C 1541 -1.83 -28.67 73.51
CA PHE C 1541 -0.60 -28.52 72.70
C PHE C 1541 -0.85 -27.48 71.62
N HIS C 1542 0.18 -26.69 71.34
CA HIS C 1542 0.27 -25.84 70.12
C HIS C 1542 -0.07 -26.72 68.92
N GLY C 1543 0.67 -27.83 68.78
CA GLY C 1543 0.37 -28.92 67.85
C GLY C 1543 -0.13 -28.40 66.53
N THR C 1544 0.79 -27.88 65.71
CA THR C 1544 0.50 -27.17 64.44
C THR C 1544 0.41 -28.15 63.27
N SER C 1545 0.92 -29.36 63.44
CA SER C 1545 0.91 -30.43 62.43
C SER C 1545 2.11 -30.22 61.48
N THR C 1546 3.18 -29.58 61.96
CA THR C 1546 4.51 -29.62 61.31
C THR C 1546 5.35 -30.73 61.94
N LYS C 1547 6.32 -31.29 61.21
CA LYS C 1547 7.18 -32.38 61.78
C LYS C 1547 7.89 -31.81 63.01
N ALA C 1548 8.53 -30.68 62.84
CA ALA C 1548 9.43 -30.08 63.86
C ALA C 1548 8.67 -29.77 65.15
N ASN C 1549 7.49 -29.16 65.07
CA ASN C 1549 6.83 -28.56 66.25
C ASN C 1549 6.35 -29.65 67.19
N ASP C 1550 5.58 -30.58 66.65
CA ASP C 1550 4.82 -31.57 67.43
C ASP C 1550 5.80 -32.47 68.19
N LYS C 1551 6.96 -32.73 67.59
CA LYS C 1551 7.98 -33.55 68.28
C LYS C 1551 8.66 -32.73 69.38
N ASN C 1552 9.15 -31.54 69.04
CA ASN C 1552 9.81 -30.64 70.02
C ASN C 1552 8.87 -30.46 71.20
N GLU C 1553 7.62 -30.09 70.95
CA GLU C 1553 6.65 -29.80 72.03
C GLU C 1553 6.46 -31.03 72.91
N SER C 1554 6.18 -32.19 72.31
CA SER C 1554 6.05 -33.49 73.01
C SER C 1554 7.27 -33.70 73.91
N ALA C 1555 8.47 -33.54 73.36
CA ALA C 1555 9.73 -33.73 74.12
C ALA C 1555 9.82 -32.75 75.29
N THR C 1556 9.49 -31.47 75.10
CA THR C 1556 9.71 -30.48 76.19
C THR C 1556 8.67 -30.74 77.29
N ILE C 1557 7.39 -30.99 76.96
CA ILE C 1557 6.36 -31.35 77.99
C ILE C 1557 6.86 -32.60 78.72
N ASN C 1558 7.29 -33.62 77.99
CA ASN C 1558 7.70 -34.92 78.56
C ASN C 1558 8.81 -34.68 79.60
N GLU C 1559 9.74 -33.78 79.29
CA GLU C 1559 10.93 -33.57 80.15
C GLU C 1559 10.54 -32.72 81.37
N MET C 1560 9.60 -31.79 81.21
CA MET C 1560 9.03 -31.02 82.34
C MET C 1560 8.49 -32.01 83.36
N MET C 1561 7.68 -32.96 82.91
CA MET C 1561 7.02 -33.94 83.80
C MET C 1561 8.11 -34.84 84.40
N LYS C 1562 9.03 -35.35 83.60
CA LYS C 1562 10.07 -36.28 84.11
C LYS C 1562 10.87 -35.58 85.21
N HIS C 1563 11.24 -34.32 85.05
CA HIS C 1563 12.12 -33.60 86.00
C HIS C 1563 11.41 -33.35 87.33
N LEU C 1564 10.13 -33.02 87.30
CA LEU C 1564 9.32 -32.75 88.52
C LEU C 1564 8.74 -34.05 89.09
N GLY C 1565 9.22 -35.20 88.62
CA GLY C 1565 8.86 -36.52 89.18
C GLY C 1565 7.36 -36.79 89.12
N ARG C 1566 6.72 -36.42 88.03
CA ARG C 1566 5.39 -36.95 87.65
C ARG C 1566 5.41 -38.47 87.78
N SER C 1567 4.36 -39.08 88.27
CA SER C 1567 4.28 -40.55 88.50
C SER C 1567 4.36 -41.30 87.17
N GLU C 1568 5.22 -42.33 87.08
CA GLU C 1568 5.22 -43.30 85.97
C GLU C 1568 3.79 -43.78 85.78
N GLY C 1569 3.33 -43.86 84.54
CA GLY C 1569 1.99 -44.36 84.21
C GLY C 1569 0.93 -43.28 84.33
N ASN C 1570 1.29 -42.04 84.63
CA ASN C 1570 0.33 -40.90 84.69
C ASN C 1570 0.71 -39.85 83.66
N PRO C 1571 0.53 -40.15 82.35
CA PRO C 1571 0.87 -39.19 81.30
C PRO C 1571 -0.14 -38.05 81.28
N VAL C 1572 0.29 -36.87 80.86
CA VAL C 1572 -0.66 -35.75 80.55
C VAL C 1572 -1.43 -36.18 79.32
N ILE C 1573 -2.68 -35.78 79.21
CA ILE C 1573 -3.54 -36.08 78.05
C ILE C 1573 -3.49 -34.87 77.13
N GLY C 1574 -3.01 -35.07 75.90
CA GLY C 1574 -2.83 -34.00 74.91
C GLY C 1574 -4.15 -33.66 74.23
N VAL C 1575 -4.45 -32.37 74.12
CA VAL C 1575 -5.48 -31.93 73.15
C VAL C 1575 -4.77 -31.11 72.07
N PHE C 1576 -5.16 -31.30 70.81
CA PHE C 1576 -4.53 -30.64 69.64
C PHE C 1576 -5.61 -29.86 68.89
N GLN C 1577 -5.96 -28.69 69.39
CA GLN C 1577 -7.24 -28.05 68.97
C GLN C 1577 -7.14 -27.64 67.48
N LYS C 1578 -5.92 -27.41 66.99
CA LYS C 1578 -5.69 -26.93 65.59
C LYS C 1578 -6.11 -28.00 64.55
N PHE C 1579 -6.44 -29.22 64.94
CA PHE C 1579 -6.93 -30.26 63.99
C PHE C 1579 -8.26 -29.79 63.38
N LEU C 1580 -9.01 -29.03 64.19
CA LEU C 1580 -10.39 -28.55 63.93
C LEU C 1580 -10.33 -27.12 63.37
N THR C 1581 -9.60 -26.24 64.03
CA THR C 1581 -9.60 -24.78 63.78
C THR C 1581 -8.57 -24.38 62.74
N GLY C 1582 -7.51 -25.16 62.58
CA GLY C 1582 -6.29 -24.68 61.91
C GLY C 1582 -5.59 -23.67 62.78
N HIS C 1583 -4.52 -23.07 62.29
CA HIS C 1583 -3.55 -22.26 63.05
C HIS C 1583 -3.75 -20.79 62.71
N PRO C 1584 -4.32 -19.97 63.60
CA PRO C 1584 -4.52 -18.56 63.32
C PRO C 1584 -3.40 -17.64 63.80
N LYS C 1585 -2.17 -18.14 63.84
CA LYS C 1585 -0.97 -17.35 64.21
C LYS C 1585 -1.20 -16.70 65.58
N GLY C 1586 -1.29 -15.38 65.66
CA GLY C 1586 -1.39 -14.65 66.95
C GLY C 1586 -2.45 -15.21 67.87
N ALA C 1587 -3.65 -15.47 67.35
CA ALA C 1587 -4.82 -15.93 68.14
C ALA C 1587 -4.67 -17.39 68.60
N ALA C 1588 -3.63 -18.11 68.18
CA ALA C 1588 -3.56 -19.58 68.33
C ALA C 1588 -3.80 -19.97 69.78
N GLY C 1589 -3.11 -19.26 70.68
CA GLY C 1589 -3.07 -19.58 72.12
C GLY C 1589 -4.32 -19.09 72.83
N ALA C 1590 -5.00 -18.09 72.30
CA ALA C 1590 -6.23 -17.54 72.91
C ALA C 1590 -7.35 -18.56 72.73
N TRP C 1591 -7.42 -19.19 71.55
CA TRP C 1591 -8.39 -20.29 71.28
C TRP C 1591 -8.09 -21.45 72.23
N MET C 1592 -6.81 -21.79 72.43
CA MET C 1592 -6.39 -22.93 73.27
C MET C 1592 -6.80 -22.69 74.73
N MET C 1593 -6.63 -21.45 75.17
CA MET C 1593 -7.02 -20.98 76.53
C MET C 1593 -8.54 -21.12 76.66
N ASN C 1594 -9.31 -20.56 75.73
CA ASN C 1594 -10.78 -20.71 75.75
C ASN C 1594 -11.11 -22.19 75.92
N GLY C 1595 -10.43 -23.06 75.20
CA GLY C 1595 -10.69 -24.52 75.25
C GLY C 1595 -10.33 -25.08 76.61
N ALA C 1596 -9.17 -24.69 77.15
CA ALA C 1596 -8.71 -25.18 78.47
C ALA C 1596 -9.79 -24.85 79.51
N LEU C 1597 -10.30 -23.61 79.49
CA LEU C 1597 -11.33 -23.16 80.45
C LEU C 1597 -12.56 -24.05 80.30
N GLN C 1598 -13.00 -24.30 79.08
CA GLN C 1598 -14.20 -25.12 78.78
C GLN C 1598 -13.98 -26.57 79.24
N ILE C 1599 -12.75 -27.07 79.12
CA ILE C 1599 -12.37 -28.43 79.58
C ILE C 1599 -12.50 -28.48 81.10
N LEU C 1600 -11.85 -27.55 81.80
CA LEU C 1600 -11.87 -27.46 83.28
C LEU C 1600 -13.33 -27.48 83.77
N ASN C 1601 -14.16 -26.62 83.22
CA ASN C 1601 -15.55 -26.40 83.70
C ASN C 1601 -16.42 -27.59 83.29
N SER C 1602 -16.19 -28.24 82.17
CA SER C 1602 -17.03 -29.36 81.68
C SER C 1602 -16.50 -30.72 82.20
N GLY C 1603 -15.21 -30.82 82.50
CA GLY C 1603 -14.54 -32.09 82.78
C GLY C 1603 -14.46 -32.98 81.54
N ILE C 1604 -14.63 -32.41 80.35
CA ILE C 1604 -14.59 -33.15 79.06
C ILE C 1604 -13.26 -32.82 78.36
N ILE C 1605 -12.48 -33.84 78.03
CA ILE C 1605 -11.22 -33.69 77.27
C ILE C 1605 -11.52 -34.11 75.83
N PRO C 1606 -11.57 -33.17 74.88
CA PRO C 1606 -11.83 -33.51 73.49
C PRO C 1606 -10.67 -34.27 72.85
N GLY C 1607 -11.02 -35.18 71.96
CA GLY C 1607 -10.07 -36.00 71.18
C GLY C 1607 -9.63 -35.32 69.90
N ASN C 1608 -8.34 -35.43 69.59
CA ASN C 1608 -7.76 -35.13 68.26
C ASN C 1608 -8.33 -36.13 67.25
N ARG C 1609 -9.47 -35.79 66.66
CA ARG C 1609 -10.21 -36.70 65.74
C ARG C 1609 -9.42 -36.96 64.46
N ASN C 1610 -8.34 -36.24 64.18
CA ASN C 1610 -7.52 -36.45 62.96
C ASN C 1610 -6.25 -37.24 63.28
N ALA C 1611 -6.08 -37.66 64.54
CA ALA C 1611 -4.96 -38.54 64.95
C ALA C 1611 -5.19 -39.95 64.41
N ASP C 1612 -5.03 -40.13 63.11
CA ASP C 1612 -5.35 -41.44 62.47
C ASP C 1612 -4.33 -42.45 62.97
N ASN C 1613 -3.08 -42.02 63.02
CA ASN C 1613 -1.97 -42.89 63.51
C ASN C 1613 -0.92 -42.03 64.19
N VAL C 1614 -0.57 -42.33 65.43
CA VAL C 1614 0.34 -41.47 66.23
C VAL C 1614 1.76 -41.82 65.85
N ASP C 1615 2.56 -40.79 65.55
CA ASP C 1615 3.96 -40.94 65.05
C ASP C 1615 4.69 -41.86 66.01
N LYS C 1616 5.21 -42.98 65.51
CA LYS C 1616 5.99 -43.97 66.31
C LYS C 1616 7.06 -43.24 67.12
N ILE C 1617 7.65 -42.20 66.55
CA ILE C 1617 8.73 -41.41 67.22
C ILE C 1617 8.24 -40.91 68.58
N LEU C 1618 6.94 -40.69 68.77
CA LEU C 1618 6.42 -40.10 70.03
C LEU C 1618 6.20 -41.18 71.10
N GLU C 1619 6.37 -42.47 70.80
CA GLU C 1619 6.15 -43.53 71.83
C GLU C 1619 7.14 -43.31 72.96
N GLN C 1620 8.31 -42.77 72.62
CA GLN C 1620 9.41 -42.51 73.58
C GLN C 1620 8.95 -41.55 74.67
N PHE C 1621 8.02 -40.64 74.39
CA PHE C 1621 7.54 -39.64 75.37
C PHE C 1621 6.43 -40.28 76.20
N GLU C 1622 6.85 -41.02 77.23
CA GLU C 1622 5.97 -41.88 78.05
C GLU C 1622 5.03 -41.05 78.92
N TYR C 1623 5.27 -39.75 79.08
CA TYR C 1623 4.43 -38.85 79.94
C TYR C 1623 3.42 -38.10 79.10
N VAL C 1624 3.19 -38.53 77.86
CA VAL C 1624 2.17 -37.90 76.95
C VAL C 1624 1.28 -38.99 76.36
N LEU C 1625 -0.03 -38.77 76.40
CA LEU C 1625 -1.06 -39.66 75.81
C LEU C 1625 -1.73 -38.87 74.71
N TYR C 1626 -1.92 -39.47 73.54
CA TYR C 1626 -2.43 -38.80 72.31
C TYR C 1626 -3.79 -39.39 72.00
N PRO C 1627 -4.90 -38.92 72.62
CA PRO C 1627 -6.21 -39.54 72.41
C PRO C 1627 -6.77 -39.04 71.07
N SER C 1628 -7.50 -39.92 70.39
CA SER C 1628 -8.22 -39.69 69.11
C SER C 1628 -9.70 -39.39 69.37
N LYS C 1629 -10.22 -39.63 70.58
CA LYS C 1629 -11.66 -39.43 70.88
C LYS C 1629 -11.86 -38.81 72.26
N THR C 1630 -12.97 -38.07 72.41
CA THR C 1630 -13.35 -37.33 73.63
C THR C 1630 -13.51 -38.29 74.80
N LEU C 1631 -13.02 -37.91 75.99
CA LEU C 1631 -13.30 -38.60 77.27
C LEU C 1631 -14.09 -37.66 78.15
N LYS C 1632 -15.27 -38.08 78.58
CA LYS C 1632 -15.98 -37.43 79.70
C LYS C 1632 -15.32 -37.99 80.97
N THR C 1633 -14.46 -37.20 81.61
CA THR C 1633 -13.82 -37.53 82.90
C THR C 1633 -14.75 -37.14 84.03
N ASP C 1634 -14.39 -37.49 85.26
CA ASP C 1634 -15.08 -37.05 86.50
C ASP C 1634 -14.36 -35.82 87.04
N GLY C 1635 -13.56 -35.15 86.22
CA GLY C 1635 -12.99 -33.83 86.57
C GLY C 1635 -11.58 -33.65 86.05
N VAL C 1636 -11.21 -32.40 85.79
CA VAL C 1636 -9.85 -31.95 85.38
C VAL C 1636 -9.48 -30.76 86.27
N ARG C 1637 -8.34 -30.82 86.95
CA ARG C 1637 -7.97 -29.84 88.00
C ARG C 1637 -7.12 -28.72 87.39
N ALA C 1638 -6.30 -29.02 86.39
CA ALA C 1638 -5.38 -28.03 85.80
C ALA C 1638 -5.04 -28.40 84.35
N VAL C 1639 -4.78 -27.39 83.53
CA VAL C 1639 -4.45 -27.54 82.08
C VAL C 1639 -3.20 -26.72 81.77
N SER C 1640 -2.25 -27.30 81.04
CA SER C 1640 -1.09 -26.58 80.44
C SER C 1640 -1.42 -26.20 78.99
N ILE C 1641 -1.29 -24.91 78.71
CA ILE C 1641 -1.28 -24.31 77.35
C ILE C 1641 0.17 -23.97 76.98
N THR C 1642 0.68 -24.54 75.89
CA THR C 1642 2.07 -24.36 75.41
C THR C 1642 2.03 -23.76 74.01
N SER C 1643 2.83 -22.73 73.74
CA SER C 1643 2.90 -22.05 72.41
C SER C 1643 4.35 -21.87 71.99
N PHE C 1644 4.62 -22.00 70.69
CA PHE C 1644 5.96 -21.82 70.08
C PHE C 1644 5.79 -20.96 68.84
N GLY C 1645 6.46 -19.81 68.78
CA GLY C 1645 6.35 -18.90 67.63
C GLY C 1645 7.69 -18.69 66.96
N PHE C 1646 7.68 -18.19 65.73
CA PHE C 1646 8.89 -17.76 65.00
C PHE C 1646 9.63 -16.79 65.91
N GLY C 1647 10.95 -16.89 65.96
CA GLY C 1647 11.81 -15.91 66.65
C GLY C 1647 11.96 -16.24 68.12
N GLN C 1648 12.00 -17.56 68.37
CA GLN C 1648 12.18 -18.22 69.68
C GLN C 1648 11.13 -17.72 70.67
N LYS C 1649 9.86 -17.59 70.29
CA LYS C 1649 8.79 -17.22 71.25
C LYS C 1649 8.23 -18.50 71.87
N GLY C 1650 8.83 -18.95 72.97
CA GLY C 1650 8.27 -20.02 73.82
C GLY C 1650 7.27 -19.45 74.81
N GLY C 1651 6.22 -20.21 75.15
CA GLY C 1651 5.18 -19.79 76.10
C GLY C 1651 4.56 -20.96 76.83
N GLN C 1652 4.28 -20.83 78.13
CA GLN C 1652 3.43 -21.80 78.87
C GLN C 1652 2.53 -20.99 79.78
N ALA C 1653 1.25 -21.31 79.81
CA ALA C 1653 0.31 -20.89 80.87
C ALA C 1653 -0.22 -22.14 81.56
N ILE C 1654 -0.39 -22.09 82.88
CA ILE C 1654 -1.13 -23.14 83.64
C ILE C 1654 -2.45 -22.53 84.08
N VAL C 1655 -3.55 -23.19 83.79
CA VAL C 1655 -4.90 -22.77 84.24
C VAL C 1655 -5.40 -23.82 85.24
N VAL C 1656 -5.77 -23.37 86.44
CA VAL C 1656 -6.29 -24.24 87.53
C VAL C 1656 -7.81 -24.07 87.61
N HIS C 1657 -8.52 -25.16 87.90
CA HIS C 1657 -10.00 -25.22 88.02
C HIS C 1657 -10.44 -24.14 88.99
N PRO C 1658 -11.51 -23.38 88.68
CA PRO C 1658 -11.89 -22.24 89.50
C PRO C 1658 -12.41 -22.61 90.89
N ASP C 1659 -12.95 -23.81 91.08
CA ASP C 1659 -13.51 -24.23 92.40
C ASP C 1659 -12.39 -24.25 93.46
N TYR C 1660 -11.11 -24.21 93.07
CA TYR C 1660 -10.01 -24.17 94.06
C TYR C 1660 -9.96 -22.78 94.71
N LEU C 1661 -10.59 -21.77 94.10
CA LEU C 1661 -10.55 -20.40 94.66
C LEU C 1661 -11.40 -20.36 95.92
N TYR C 1662 -12.60 -20.96 95.88
CA TYR C 1662 -13.67 -20.74 96.90
C TYR C 1662 -13.23 -21.38 98.23
N GLY C 1663 -12.29 -22.32 98.18
CA GLY C 1663 -11.62 -22.83 99.40
C GLY C 1663 -11.03 -21.73 100.28
N ALA C 1664 -10.67 -20.59 99.69
CA ALA C 1664 -9.88 -19.51 100.34
C ALA C 1664 -10.79 -18.57 101.12
N ILE C 1665 -12.09 -18.53 100.79
CA ILE C 1665 -13.01 -17.52 101.39
C ILE C 1665 -13.98 -18.21 102.36
N THR C 1666 -14.71 -17.41 103.14
CA THR C 1666 -15.70 -17.88 104.12
C THR C 1666 -17.00 -18.24 103.40
N GLU C 1667 -17.80 -19.09 104.03
CA GLU C 1667 -19.14 -19.51 103.56
C GLU C 1667 -19.99 -18.26 103.29
N ASP C 1668 -20.03 -17.35 104.24
CA ASP C 1668 -20.81 -16.08 104.12
C ASP C 1668 -20.42 -15.41 102.80
N ARG C 1669 -19.13 -15.22 102.56
CA ARG C 1669 -18.66 -14.43 101.38
C ARG C 1669 -19.03 -15.16 100.08
N TYR C 1670 -18.84 -16.48 100.06
CA TYR C 1670 -19.15 -17.33 98.90
C TYR C 1670 -20.63 -17.18 98.56
N ASN C 1671 -21.49 -17.34 99.56
CA ASN C 1671 -22.97 -17.31 99.37
C ASN C 1671 -23.39 -15.95 98.81
N GLU C 1672 -22.73 -14.88 99.23
CA GLU C 1672 -23.05 -13.50 98.76
C GLU C 1672 -22.72 -13.41 97.27
N TYR C 1673 -21.54 -13.91 96.90
CA TYR C 1673 -21.02 -14.01 95.50
C TYR C 1673 -21.99 -14.83 94.66
N VAL C 1674 -22.39 -16.00 95.14
CA VAL C 1674 -23.28 -16.92 94.37
C VAL C 1674 -24.57 -16.18 94.02
N ALA C 1675 -25.13 -15.46 94.98
CA ALA C 1675 -26.37 -14.66 94.80
C ALA C 1675 -26.12 -13.63 93.71
N LYS C 1676 -24.99 -12.94 93.79
CA LYS C 1676 -24.70 -11.77 92.93
C LYS C 1676 -24.48 -12.24 91.49
N VAL C 1677 -23.71 -13.32 91.29
CA VAL C 1677 -23.47 -13.94 89.97
C VAL C 1677 -24.80 -14.37 89.38
N SER C 1678 -25.61 -15.08 90.16
CA SER C 1678 -26.90 -15.63 89.69
C SER C 1678 -27.76 -14.52 89.09
N ALA C 1679 -27.76 -13.34 89.71
CA ALA C 1679 -28.51 -12.14 89.26
C ALA C 1679 -27.91 -11.59 87.97
N ARG C 1680 -26.59 -11.44 87.95
CA ARG C 1680 -25.82 -10.91 86.78
C ARG C 1680 -26.04 -11.81 85.57
N GLU C 1681 -26.12 -13.11 85.80
CA GLU C 1681 -26.22 -14.12 84.74
C GLU C 1681 -27.59 -13.97 84.08
N LYS C 1682 -28.65 -13.79 84.88
CA LYS C 1682 -30.03 -13.64 84.37
C LYS C 1682 -30.08 -12.41 83.48
N SER C 1683 -29.36 -11.36 83.86
CA SER C 1683 -29.33 -10.05 83.16
C SER C 1683 -28.54 -10.17 81.86
N ALA C 1684 -27.47 -10.97 81.89
CA ALA C 1684 -26.60 -11.22 80.73
C ALA C 1684 -27.40 -11.99 79.68
N TYR C 1685 -28.14 -13.02 80.09
CA TYR C 1685 -29.02 -13.80 79.18
C TYR C 1685 -30.02 -12.83 78.53
N LYS C 1686 -30.57 -11.91 79.32
CA LYS C 1686 -31.55 -10.92 78.81
C LYS C 1686 -30.88 -10.10 77.71
N PHE C 1687 -29.68 -9.60 77.98
CA PHE C 1687 -28.90 -8.71 77.07
C PHE C 1687 -28.56 -9.42 75.76
N PHE C 1688 -28.10 -10.66 75.90
CA PHE C 1688 -27.53 -11.49 74.82
C PHE C 1688 -28.59 -11.77 73.78
N HIS C 1689 -29.69 -12.36 74.19
CA HIS C 1689 -30.81 -12.72 73.30
C HIS C 1689 -31.37 -11.47 72.63
N ASN C 1690 -31.42 -10.35 73.33
CA ASN C 1690 -31.94 -9.10 72.72
C ASN C 1690 -30.92 -8.65 71.67
N GLY C 1691 -29.65 -8.61 72.04
CA GLY C 1691 -28.56 -8.20 71.15
C GLY C 1691 -28.43 -9.09 69.93
N MET C 1692 -28.70 -10.39 70.09
CA MET C 1692 -28.59 -11.35 68.97
C MET C 1692 -29.70 -11.03 67.97
N ILE C 1693 -30.96 -11.14 68.39
CA ILE C 1693 -32.08 -11.10 67.42
C ILE C 1693 -32.18 -9.72 66.77
N TYR C 1694 -31.77 -8.64 67.44
CA TYR C 1694 -31.91 -7.24 66.95
C TYR C 1694 -30.55 -6.68 66.48
N ASN C 1695 -29.55 -7.54 66.33
CA ASN C 1695 -28.21 -7.17 65.80
C ASN C 1695 -27.65 -5.97 66.57
N LYS C 1696 -27.39 -6.14 67.85
CA LYS C 1696 -26.96 -5.06 68.76
C LYS C 1696 -26.07 -5.56 69.90
N LEU C 1697 -25.43 -6.72 69.80
CA LEU C 1697 -24.51 -7.16 70.87
C LEU C 1697 -23.47 -6.06 71.04
N PHE C 1698 -23.01 -5.51 69.92
CA PHE C 1698 -22.09 -4.35 69.90
C PHE C 1698 -22.91 -3.05 69.77
N VAL C 1699 -22.70 -2.15 70.73
CA VAL C 1699 -23.20 -0.74 70.61
C VAL C 1699 -22.03 0.16 70.98
N SER C 1700 -21.57 1.01 70.05
CA SER C 1700 -20.40 1.86 70.31
C SER C 1700 -20.84 2.96 71.28
N LYS C 1701 -19.91 3.38 72.14
CA LYS C 1701 -20.10 4.50 73.09
C LYS C 1701 -19.88 5.80 72.31
N GLU C 1702 -20.79 6.75 72.48
CA GLU C 1702 -20.68 8.08 71.87
C GLU C 1702 -19.79 8.96 72.73
N HIS C 1703 -19.77 8.71 74.03
CA HIS C 1703 -19.20 9.63 75.05
C HIS C 1703 -18.38 8.83 76.06
N ALA C 1704 -17.31 9.42 76.58
CA ALA C 1704 -16.60 8.91 77.76
C ALA C 1704 -17.55 8.99 78.95
N PRO C 1705 -17.31 8.25 80.04
CA PRO C 1705 -18.12 8.40 81.23
C PRO C 1705 -17.94 9.77 81.92
N TYR C 1706 -16.93 10.55 81.54
CA TYR C 1706 -16.67 11.93 82.04
C TYR C 1706 -16.99 12.90 80.92
N THR C 1707 -17.51 14.07 81.25
CA THR C 1707 -17.56 15.23 80.32
C THR C 1707 -16.12 15.72 80.16
N ASP C 1708 -15.85 16.54 79.15
CA ASP C 1708 -14.50 17.12 78.91
C ASP C 1708 -14.12 17.98 80.13
N GLU C 1709 -15.09 18.67 80.74
CA GLU C 1709 -14.85 19.56 81.90
C GLU C 1709 -14.29 18.77 83.07
N LEU C 1710 -14.71 17.52 83.27
CA LEU C 1710 -14.34 16.69 84.47
C LEU C 1710 -13.20 15.72 84.16
N GLU C 1711 -12.81 15.60 82.89
CA GLU C 1711 -11.79 14.63 82.40
C GLU C 1711 -10.58 14.60 83.34
N GLU C 1712 -9.91 15.73 83.52
CA GLU C 1712 -8.65 15.80 84.30
C GLU C 1712 -8.95 15.44 85.75
N ASP C 1713 -10.06 15.95 86.31
CA ASP C 1713 -10.47 15.73 87.72
C ASP C 1713 -10.59 14.24 87.98
N VAL C 1714 -11.20 13.51 87.05
CA VAL C 1714 -11.40 12.05 87.17
C VAL C 1714 -10.03 11.40 87.08
N TYR C 1715 -9.20 11.83 86.15
CA TYR C 1715 -7.86 11.22 85.93
C TYR C 1715 -7.03 11.37 87.20
N LEU C 1716 -7.26 12.42 87.98
CA LEU C 1716 -6.36 12.81 89.10
C LEU C 1716 -6.92 12.38 90.47
N ASP C 1717 -8.14 11.83 90.57
CA ASP C 1717 -8.67 11.28 91.84
C ASP C 1717 -8.75 9.76 91.73
N PRO C 1718 -7.88 8.99 92.42
CA PRO C 1718 -7.86 7.55 92.23
C PRO C 1718 -9.12 6.89 92.79
N LEU C 1719 -9.87 7.58 93.65
CA LEU C 1719 -11.10 7.02 94.28
C LEU C 1719 -12.35 7.43 93.49
N ALA C 1720 -12.19 8.15 92.38
CA ALA C 1720 -13.34 8.62 91.58
C ALA C 1720 -13.97 7.39 90.92
N ARG C 1721 -15.25 7.17 91.20
CA ARG C 1721 -16.03 6.09 90.58
C ARG C 1721 -17.27 6.67 89.92
N VAL C 1722 -17.94 5.86 89.15
CA VAL C 1722 -19.05 6.29 88.28
C VAL C 1722 -20.35 5.89 88.97
N SER C 1723 -21.41 6.66 88.78
CA SER C 1723 -22.74 6.43 89.43
C SER C 1723 -23.82 6.51 88.34
N LYS C 1724 -24.99 5.96 88.61
CA LYS C 1724 -26.12 6.01 87.66
C LYS C 1724 -26.69 7.43 87.61
N ASP C 1725 -26.50 8.14 86.51
CA ASP C 1725 -27.09 9.49 86.31
C ASP C 1725 -28.61 9.33 86.36
N LYS C 1726 -29.30 10.00 87.30
CA LYS C 1726 -30.77 9.87 87.45
C LYS C 1726 -31.44 10.27 86.13
N LYS C 1727 -31.02 11.40 85.55
CA LYS C 1727 -31.60 11.99 84.31
C LYS C 1727 -31.45 11.03 83.12
N SER C 1728 -30.22 10.60 82.79
CA SER C 1728 -29.88 9.86 81.54
C SER C 1728 -30.01 8.34 81.72
N GLY C 1729 -29.83 7.83 82.93
CA GLY C 1729 -29.88 6.38 83.20
C GLY C 1729 -28.56 5.68 82.94
N SER C 1730 -27.61 6.33 82.27
CA SER C 1730 -26.29 5.75 81.97
C SER C 1730 -25.31 6.08 83.11
N LEU C 1731 -24.20 5.32 83.18
CA LEU C 1731 -23.14 5.47 84.21
C LEU C 1731 -22.24 6.63 83.81
N THR C 1732 -22.15 7.65 84.65
CA THR C 1732 -21.31 8.86 84.43
C THR C 1732 -20.63 9.28 85.72
N PHE C 1733 -19.57 10.07 85.63
CA PHE C 1733 -18.86 10.66 86.77
C PHE C 1733 -19.57 11.96 87.13
N ASN C 1734 -20.05 12.06 88.37
CA ASN C 1734 -20.64 13.28 88.97
C ASN C 1734 -19.56 14.02 89.75
N SER C 1735 -19.42 15.34 89.58
CA SER C 1735 -18.48 16.18 90.37
C SER C 1735 -18.64 15.93 91.88
N LYS C 1736 -19.85 15.57 92.34
CA LYS C 1736 -20.15 15.25 93.75
C LYS C 1736 -19.22 14.16 94.28
N ASN C 1737 -18.82 13.21 93.45
CA ASN C 1737 -18.07 11.98 93.87
C ASN C 1737 -16.62 12.06 93.45
N ILE C 1738 -16.12 13.26 93.13
CA ILE C 1738 -14.71 13.45 92.72
C ILE C 1738 -14.03 14.31 93.78
N GLN C 1739 -12.93 13.80 94.35
CA GLN C 1739 -12.22 14.42 95.49
C GLN C 1739 -13.26 14.65 96.59
N SER C 1740 -13.93 13.57 97.01
CA SER C 1740 -15.10 13.56 97.92
C SER C 1740 -14.71 12.94 99.25
N LYS C 1741 -14.89 13.64 100.38
CA LYS C 1741 -14.52 13.11 101.72
C LYS C 1741 -15.10 11.69 101.88
N ASP C 1742 -16.28 11.43 101.31
CA ASP C 1742 -17.01 10.16 101.49
C ASP C 1742 -16.23 8.99 100.88
N SER C 1743 -15.43 9.20 99.83
CA SER C 1743 -14.65 8.10 99.20
C SER C 1743 -13.54 7.62 100.13
N TYR C 1744 -12.96 8.51 100.95
CA TYR C 1744 -11.79 8.20 101.81
C TYR C 1744 -12.27 7.85 103.22
N ILE C 1745 -13.05 8.74 103.84
CA ILE C 1745 -13.61 8.61 105.21
C ILE C 1745 -14.90 7.78 105.13
N ASN C 1746 -14.81 6.45 105.26
CA ASN C 1746 -15.94 5.50 105.22
C ASN C 1746 -16.47 5.26 106.64
N ALA C 1747 -17.48 4.41 106.78
CA ALA C 1747 -18.22 4.13 108.04
C ALA C 1747 -17.24 3.64 109.13
N ASN C 1748 -16.46 2.59 108.86
CA ASN C 1748 -15.53 1.98 109.84
C ASN C 1748 -14.67 3.12 110.43
N THR C 1749 -14.11 3.99 109.60
CA THR C 1749 -13.12 5.00 110.06
C THR C 1749 -13.83 6.11 110.83
N ILE C 1750 -15.13 6.34 110.60
CA ILE C 1750 -15.93 7.32 111.39
C ILE C 1750 -16.14 6.76 112.78
N GLU C 1751 -16.58 5.50 112.87
CA GLU C 1751 -16.99 4.89 114.16
C GLU C 1751 -15.73 4.51 114.95
N THR C 1752 -14.66 4.02 114.31
CA THR C 1752 -13.37 3.71 114.96
C THR C 1752 -12.71 5.00 115.46
N ALA C 1753 -12.80 6.10 114.71
CA ALA C 1753 -12.24 7.41 115.10
C ALA C 1753 -12.95 7.93 116.35
N LYS C 1754 -14.29 7.87 116.34
CA LYS C 1754 -15.15 8.30 117.47
C LYS C 1754 -14.69 7.55 118.73
N MET C 1755 -14.52 6.23 118.63
CA MET C 1755 -14.17 5.37 119.79
C MET C 1755 -12.88 5.85 120.45
N ILE C 1756 -11.86 6.20 119.66
CA ILE C 1756 -10.54 6.62 120.23
C ILE C 1756 -10.65 8.09 120.69
N GLU C 1757 -11.60 8.88 120.13
CA GLU C 1757 -11.92 10.25 120.62
C GLU C 1757 -12.51 10.14 122.03
N ASN C 1758 -13.33 9.12 122.28
CA ASN C 1758 -14.13 8.96 123.52
C ASN C 1758 -13.22 8.60 124.69
N MET C 1759 -12.01 8.09 124.43
CA MET C 1759 -11.05 7.72 125.51
C MET C 1759 -9.89 8.74 125.58
N THR C 1760 -10.06 9.96 125.05
CA THR C 1760 -9.02 11.03 125.04
C THR C 1760 -9.03 11.80 126.37
N LYS C 1761 -8.70 11.15 127.49
CA LYS C 1761 -8.32 11.78 128.79
C LYS C 1761 -9.48 12.58 129.44
N GLU C 1762 -10.28 13.30 128.65
CA GLU C 1762 -11.46 14.12 129.09
C GLU C 1762 -12.53 13.19 129.72
N LYS C 1763 -12.94 12.13 129.00
CA LYS C 1763 -13.99 11.15 129.44
C LYS C 1763 -13.40 10.23 130.51
N VAL C 1764 -12.29 9.55 130.19
CA VAL C 1764 -11.61 8.54 131.05
C VAL C 1764 -10.94 9.23 132.25
N SER C 1765 -11.68 10.08 132.98
CA SER C 1765 -11.24 10.79 134.21
C SER C 1765 -10.62 9.76 135.15
N ASN C 1766 -11.46 8.97 135.84
CA ASN C 1766 -11.06 7.91 136.80
C ASN C 1766 -11.58 6.53 136.32
N GLY C 1767 -11.47 6.24 135.02
CA GLY C 1767 -11.79 4.92 134.42
C GLY C 1767 -10.53 4.08 134.24
N GLY C 1768 -10.68 2.76 134.10
CA GLY C 1768 -9.64 1.84 133.59
C GLY C 1768 -9.95 1.40 132.17
N VAL C 1769 -9.09 1.76 131.19
CA VAL C 1769 -9.35 1.54 129.73
C VAL C 1769 -8.74 0.21 129.30
N GLY C 1770 -9.40 -0.47 128.35
CA GLY C 1770 -8.89 -1.65 127.64
C GLY C 1770 -9.17 -1.54 126.15
N VAL C 1771 -8.14 -1.53 125.31
CA VAL C 1771 -8.23 -1.51 123.82
C VAL C 1771 -7.88 -2.91 123.32
N ASP C 1772 -8.56 -3.40 122.30
CA ASP C 1772 -8.22 -4.70 121.66
C ASP C 1772 -8.69 -4.66 120.20
N VAL C 1773 -7.82 -5.12 119.29
CA VAL C 1773 -8.21 -5.34 117.87
C VAL C 1773 -7.96 -6.82 117.55
N GLU C 1774 -8.77 -7.36 116.64
CA GLU C 1774 -8.65 -8.74 116.10
C GLU C 1774 -8.82 -8.65 114.59
N LEU C 1775 -8.01 -9.38 113.84
CA LEU C 1775 -8.22 -9.58 112.40
C LEU C 1775 -9.39 -10.56 112.21
N ILE C 1776 -10.32 -10.21 111.31
CA ILE C 1776 -11.50 -11.06 110.96
C ILE C 1776 -10.98 -12.48 110.62
N THR C 1777 -9.82 -12.61 109.94
CA THR C 1777 -9.29 -13.90 109.38
C THR C 1777 -9.05 -14.93 110.49
N SER C 1778 -8.67 -14.49 111.70
CA SER C 1778 -8.32 -15.40 112.83
C SER C 1778 -9.59 -16.05 113.41
N ILE C 1779 -10.79 -15.50 113.19
CA ILE C 1779 -12.06 -16.12 113.67
C ILE C 1779 -12.53 -17.16 112.64
N ASN C 1780 -12.39 -18.44 112.94
CA ASN C 1780 -13.00 -19.54 112.15
C ASN C 1780 -14.36 -19.88 112.74
N VAL C 1781 -15.43 -19.32 112.17
CA VAL C 1781 -16.86 -19.60 112.53
C VAL C 1781 -17.10 -21.11 112.69
N GLU C 1782 -16.57 -21.95 111.79
CA GLU C 1782 -16.85 -23.41 111.72
C GLU C 1782 -16.27 -24.17 112.94
N ASN C 1783 -15.39 -23.53 113.74
CA ASN C 1783 -14.72 -24.15 114.92
C ASN C 1783 -15.63 -24.03 116.17
N ASP C 1784 -16.37 -25.11 116.46
CA ASP C 1784 -17.42 -25.22 117.51
C ASP C 1784 -16.78 -25.13 118.91
N THR C 1785 -15.56 -25.67 119.09
CA THR C 1785 -14.79 -25.61 120.37
C THR C 1785 -14.69 -24.16 120.84
N PHE C 1786 -14.00 -23.31 120.08
CA PHE C 1786 -13.73 -21.89 120.42
C PHE C 1786 -15.05 -21.16 120.67
N ILE C 1787 -16.06 -21.38 119.80
CA ILE C 1787 -17.38 -20.66 119.82
C ILE C 1787 -18.18 -21.07 121.06
N GLU C 1788 -18.38 -22.38 121.29
CA GLU C 1788 -19.16 -22.92 122.45
C GLU C 1788 -18.48 -22.55 123.78
N ARG C 1789 -17.15 -22.60 123.83
CA ARG C 1789 -16.32 -22.44 125.07
C ARG C 1789 -16.24 -20.97 125.49
N ASN C 1790 -16.41 -20.01 124.57
CA ASN C 1790 -16.09 -18.58 124.83
C ASN C 1790 -17.31 -17.67 124.63
N PHE C 1791 -18.44 -18.15 124.10
CA PHE C 1791 -19.62 -17.30 123.77
C PHE C 1791 -20.90 -17.92 124.34
N THR C 1792 -21.86 -17.06 124.71
CA THR C 1792 -23.17 -17.43 125.31
C THR C 1792 -24.16 -17.70 124.18
N PRO C 1793 -25.19 -18.54 124.39
CA PRO C 1793 -26.25 -18.74 123.42
C PRO C 1793 -26.81 -17.43 122.81
N GLN C 1794 -27.01 -16.40 123.63
CA GLN C 1794 -27.61 -15.09 123.22
C GLN C 1794 -26.64 -14.34 122.28
N GLU C 1795 -25.32 -14.42 122.56
CA GLU C 1795 -24.25 -13.80 121.74
C GLU C 1795 -24.18 -14.50 120.38
N ILE C 1796 -23.98 -15.84 120.43
CA ILE C 1796 -23.93 -16.75 119.25
C ILE C 1796 -25.13 -16.47 118.32
N GLU C 1797 -26.35 -16.36 118.86
CA GLU C 1797 -27.58 -16.11 118.06
C GLU C 1797 -27.46 -14.77 117.33
N TYR C 1798 -26.95 -13.72 118.01
CA TYR C 1798 -26.80 -12.35 117.44
C TYR C 1798 -25.84 -12.39 116.25
N CYS C 1799 -24.61 -12.85 116.49
CA CYS C 1799 -23.51 -12.94 115.49
C CYS C 1799 -23.95 -13.83 114.32
N SER C 1800 -24.53 -14.99 114.59
CA SER C 1800 -25.01 -15.99 113.58
C SER C 1800 -25.98 -15.36 112.58
N ALA C 1801 -26.68 -14.29 112.95
CA ALA C 1801 -27.79 -13.67 112.17
C ALA C 1801 -27.33 -12.41 111.45
N GLN C 1802 -26.07 -12.01 111.60
CA GLN C 1802 -25.49 -10.80 110.94
C GLN C 1802 -25.09 -11.12 109.51
N PRO C 1803 -24.97 -10.11 108.61
CA PRO C 1803 -24.58 -10.34 107.22
C PRO C 1803 -23.20 -11.00 107.10
N SER C 1804 -22.21 -10.50 107.86
CA SER C 1804 -20.88 -11.15 108.04
C SER C 1804 -20.79 -11.74 109.46
N VAL C 1805 -21.05 -13.03 109.58
CA VAL C 1805 -20.98 -13.81 110.85
C VAL C 1805 -19.55 -13.69 111.37
N GLN C 1806 -18.55 -13.86 110.51
CA GLN C 1806 -17.10 -13.85 110.86
C GLN C 1806 -16.72 -12.48 111.43
N SER C 1807 -17.18 -11.40 110.81
CA SER C 1807 -16.88 -10.01 111.26
C SER C 1807 -17.54 -9.75 112.62
N SER C 1808 -18.79 -10.20 112.83
CA SER C 1808 -19.60 -9.93 114.05
C SER C 1808 -19.02 -10.71 115.24
N PHE C 1809 -18.58 -11.95 115.04
CA PHE C 1809 -17.92 -12.77 116.09
C PHE C 1809 -16.59 -12.11 116.48
N ALA C 1810 -15.81 -11.65 115.50
CA ALA C 1810 -14.56 -10.90 115.73
C ALA C 1810 -14.88 -9.62 116.51
N GLY C 1811 -16.02 -8.99 116.24
CA GLY C 1811 -16.48 -7.78 116.95
C GLY C 1811 -16.68 -8.06 118.43
N THR C 1812 -17.50 -9.07 118.75
CA THR C 1812 -17.83 -9.52 120.12
C THR C 1812 -16.53 -9.96 120.82
N TRP C 1813 -15.79 -10.88 120.23
CA TRP C 1813 -14.51 -11.45 120.75
C TRP C 1813 -13.52 -10.34 121.06
N SER C 1814 -13.58 -9.20 120.37
CA SER C 1814 -12.70 -8.02 120.64
C SER C 1814 -13.22 -7.30 121.90
N ALA C 1815 -14.53 -7.10 122.02
CA ALA C 1815 -15.16 -6.44 123.19
C ALA C 1815 -14.82 -7.22 124.46
N LYS C 1816 -14.87 -8.55 124.40
CA LYS C 1816 -14.53 -9.44 125.54
C LYS C 1816 -13.09 -9.17 125.98
N GLU C 1817 -12.11 -9.34 125.10
CA GLU C 1817 -10.67 -9.13 125.39
C GLU C 1817 -10.44 -7.70 125.88
N ALA C 1818 -11.23 -6.74 125.39
CA ALA C 1818 -11.13 -5.30 125.71
C ALA C 1818 -11.64 -5.05 127.14
N VAL C 1819 -12.75 -5.69 127.52
CA VAL C 1819 -13.31 -5.67 128.90
C VAL C 1819 -12.27 -6.28 129.85
N PHE C 1820 -11.95 -7.56 129.72
CA PHE C 1820 -10.90 -8.29 130.47
C PHE C 1820 -9.68 -7.38 130.73
N LYS C 1821 -9.25 -6.63 129.71
CA LYS C 1821 -8.07 -5.72 129.78
C LYS C 1821 -8.38 -4.52 130.69
N SER C 1822 -9.63 -4.01 130.65
CA SER C 1822 -10.12 -2.83 131.41
C SER C 1822 -10.24 -3.16 132.91
N LEU C 1823 -10.61 -4.39 133.28
CA LEU C 1823 -10.70 -4.90 134.68
C LEU C 1823 -9.28 -5.09 135.25
N GLY C 1824 -8.25 -5.11 134.39
CA GLY C 1824 -6.83 -4.98 134.79
C GLY C 1824 -6.37 -6.12 135.69
N VAL C 1825 -7.14 -7.22 135.80
CA VAL C 1825 -6.72 -8.49 136.47
C VAL C 1825 -5.85 -9.26 135.46
N LYS C 1826 -4.67 -9.75 135.89
CA LYS C 1826 -3.58 -10.22 134.99
C LYS C 1826 -4.01 -11.54 134.31
N SER C 1827 -4.59 -12.47 135.08
CA SER C 1827 -5.07 -13.81 134.66
C SER C 1827 -6.56 -13.98 135.05
N LEU C 1828 -7.30 -14.92 134.41
CA LEU C 1828 -8.61 -15.46 134.87
C LEU C 1828 -8.45 -16.96 135.19
N GLY C 1829 -7.22 -17.47 135.14
CA GLY C 1829 -6.81 -18.87 135.43
C GLY C 1829 -6.12 -19.52 134.24
N GLY C 1830 -4.86 -19.13 133.94
CA GLY C 1830 -4.11 -19.48 132.71
C GLY C 1830 -4.39 -18.55 131.54
N GLY C 1831 -5.10 -19.07 130.52
CA GLY C 1831 -5.67 -18.32 129.38
C GLY C 1831 -7.15 -18.69 129.19
N ALA C 1832 -7.99 -18.39 130.19
CA ALA C 1832 -9.28 -19.06 130.49
C ALA C 1832 -10.46 -18.40 129.77
N ALA C 1833 -11.58 -19.15 129.72
CA ALA C 1833 -12.93 -18.83 129.19
C ALA C 1833 -13.38 -17.39 129.47
N LEU C 1834 -13.71 -16.66 128.39
CA LEU C 1834 -14.25 -15.28 128.42
C LEU C 1834 -15.77 -15.31 128.29
N LYS C 1835 -16.38 -16.49 128.41
CA LYS C 1835 -17.86 -16.68 128.37
C LYS C 1835 -18.49 -15.88 129.52
N ASP C 1836 -17.79 -15.79 130.66
CA ASP C 1836 -18.20 -15.00 131.86
C ASP C 1836 -18.45 -13.53 131.48
N ILE C 1837 -17.68 -12.97 130.53
CA ILE C 1837 -17.85 -11.57 130.01
C ILE C 1837 -18.83 -11.60 128.82
N GLU C 1838 -20.10 -11.26 129.04
CA GLU C 1838 -21.16 -11.32 128.00
C GLU C 1838 -21.40 -9.91 127.46
N ILE C 1839 -21.40 -9.79 126.12
CA ILE C 1839 -21.76 -8.56 125.36
C ILE C 1839 -23.19 -8.73 124.86
N VAL C 1840 -24.11 -7.85 125.26
CA VAL C 1840 -25.54 -7.84 124.83
C VAL C 1840 -25.72 -6.78 123.74
N ARG C 1841 -25.80 -7.22 122.49
CA ARG C 1841 -25.92 -6.33 121.29
C ARG C 1841 -27.36 -6.31 120.72
N VAL C 1842 -28.03 -5.13 120.67
CA VAL C 1842 -28.97 -4.71 119.57
C VAL C 1842 -28.13 -3.91 118.56
N ASN C 1843 -28.17 -4.22 117.24
CA ASN C 1843 -27.49 -3.49 116.13
C ASN C 1843 -27.50 -1.95 116.36
N LYS C 1844 -28.68 -1.32 116.52
CA LYS C 1844 -28.85 0.17 116.65
C LYS C 1844 -28.50 0.63 118.09
N ASN C 1845 -28.23 -0.28 119.04
CA ASN C 1845 -27.88 0.07 120.44
C ASN C 1845 -26.39 -0.20 120.69
N ALA C 1846 -25.65 0.78 121.21
CA ALA C 1846 -24.32 0.59 121.85
C ALA C 1846 -24.41 -0.71 122.64
N PRO C 1847 -23.48 -1.66 122.48
CA PRO C 1847 -23.56 -2.92 123.22
C PRO C 1847 -23.49 -2.67 124.74
N ALA C 1848 -24.04 -3.59 125.55
CA ALA C 1848 -23.96 -3.56 127.02
C ALA C 1848 -23.13 -4.74 127.52
N VAL C 1849 -22.33 -4.54 128.56
CA VAL C 1849 -21.50 -5.60 129.22
C VAL C 1849 -22.32 -6.20 130.36
N GLU C 1850 -22.12 -7.49 130.67
CA GLU C 1850 -22.92 -8.25 131.67
C GLU C 1850 -22.05 -9.39 132.20
N LEU C 1851 -21.15 -9.06 133.13
CA LEU C 1851 -20.21 -10.01 133.80
C LEU C 1851 -20.99 -11.02 134.65
N HIS C 1852 -20.52 -12.28 134.67
CA HIS C 1852 -21.09 -13.44 135.42
C HIS C 1852 -19.96 -14.11 136.22
N GLY C 1853 -20.26 -15.22 136.93
CA GLY C 1853 -19.29 -16.09 137.62
C GLY C 1853 -18.02 -15.39 138.09
N ASN C 1854 -16.86 -15.91 137.68
CA ASN C 1854 -15.49 -15.52 138.15
C ASN C 1854 -15.13 -14.08 137.72
N ALA C 1855 -15.59 -13.63 136.55
CA ALA C 1855 -15.35 -12.28 136.01
C ALA C 1855 -16.03 -11.22 136.89
N LYS C 1856 -17.16 -11.56 137.51
CA LYS C 1856 -17.94 -10.64 138.39
C LYS C 1856 -17.33 -10.63 139.80
N LYS C 1857 -16.66 -11.71 140.23
CA LYS C 1857 -15.86 -11.74 141.50
C LYS C 1857 -14.76 -10.65 141.37
N ALA C 1858 -13.87 -10.78 140.38
CA ALA C 1858 -12.79 -9.81 140.06
C ALA C 1858 -13.34 -8.37 140.05
N ALA C 1859 -14.54 -8.18 139.49
CA ALA C 1859 -15.23 -6.87 139.32
C ALA C 1859 -15.55 -6.23 140.69
N GLU C 1860 -16.33 -6.91 141.54
CA GLU C 1860 -16.77 -6.41 142.89
C GLU C 1860 -15.53 -6.13 143.76
N GLU C 1861 -14.42 -6.88 143.59
CA GLU C 1861 -13.19 -6.87 144.43
C GLU C 1861 -12.16 -5.83 143.95
N ALA C 1862 -12.28 -5.34 142.71
CA ALA C 1862 -11.64 -4.07 142.25
C ALA C 1862 -12.71 -2.98 142.19
N GLY C 1863 -13.87 -3.23 142.85
CA GLY C 1863 -15.02 -2.32 143.07
C GLY C 1863 -15.41 -1.49 141.85
N VAL C 1864 -16.15 -2.09 140.89
CA VAL C 1864 -16.54 -1.41 139.61
C VAL C 1864 -18.07 -1.27 139.52
N THR C 1865 -18.58 -0.04 139.70
CA THR C 1865 -20.02 0.35 139.57
C THR C 1865 -20.53 0.04 138.15
N ASP C 1866 -19.72 0.23 137.10
CA ASP C 1866 -20.15 0.12 135.66
C ASP C 1866 -18.99 -0.37 134.76
N VAL C 1867 -19.30 -0.81 133.53
CA VAL C 1867 -18.35 -1.18 132.42
C VAL C 1867 -19.00 -0.89 131.06
N LYS C 1868 -18.56 0.16 130.33
CA LYS C 1868 -18.99 0.47 128.93
C LYS C 1868 -18.03 -0.20 127.94
N VAL C 1869 -18.47 -0.42 126.69
CA VAL C 1869 -17.63 -0.92 125.55
C VAL C 1869 -18.22 -0.39 124.25
N SER C 1870 -17.35 0.09 123.35
CA SER C 1870 -17.68 0.43 121.94
C SER C 1870 -17.04 -0.63 121.03
N ILE C 1871 -17.65 -0.90 119.89
CA ILE C 1871 -17.13 -1.86 118.88
C ILE C 1871 -17.26 -1.25 117.49
N SER C 1872 -16.28 -1.50 116.63
CA SER C 1872 -16.37 -1.33 115.16
C SER C 1872 -15.71 -2.54 114.49
N HIS C 1873 -16.43 -3.17 113.56
CA HIS C 1873 -15.93 -4.34 112.79
C HIS C 1873 -16.35 -4.15 111.33
N ASP C 1874 -15.43 -4.46 110.41
CA ASP C 1874 -15.68 -4.51 108.94
C ASP C 1874 -15.13 -5.85 108.41
N ASP C 1875 -14.62 -5.88 107.18
CA ASP C 1875 -14.16 -7.13 106.53
C ASP C 1875 -12.67 -7.39 106.82
N LEU C 1876 -11.97 -6.45 107.49
CA LEU C 1876 -10.53 -6.59 107.86
C LEU C 1876 -10.38 -6.84 109.36
N GLN C 1877 -10.80 -5.88 110.17
CA GLN C 1877 -10.43 -5.72 111.61
C GLN C 1877 -11.68 -5.39 112.43
N ALA C 1878 -11.83 -6.04 113.58
CA ALA C 1878 -12.68 -5.61 114.71
C ALA C 1878 -11.79 -4.90 115.74
N VAL C 1879 -12.22 -3.74 116.24
CA VAL C 1879 -11.54 -3.01 117.35
C VAL C 1879 -12.61 -2.63 118.38
N ALA C 1880 -12.28 -2.83 119.67
CA ALA C 1880 -13.16 -2.50 120.83
C ALA C 1880 -12.38 -1.68 121.86
N VAL C 1881 -13.08 -0.72 122.48
CA VAL C 1881 -12.60 0.10 123.63
C VAL C 1881 -13.59 -0.09 124.78
N ALA C 1882 -13.12 -0.63 125.91
CA ALA C 1882 -13.88 -0.76 127.17
C ALA C 1882 -13.31 0.20 128.22
N VAL C 1883 -14.16 1.05 128.84
CA VAL C 1883 -13.86 1.76 130.13
C VAL C 1883 -14.65 1.06 131.24
N SER C 1884 -14.00 0.69 132.33
CA SER C 1884 -14.64 0.24 133.59
C SER C 1884 -14.38 1.31 134.66
N THR C 1885 -15.47 1.81 135.27
CA THR C 1885 -15.55 3.00 136.13
C THR C 1885 -15.71 2.54 137.60
N LYS C 1886 -15.29 3.40 138.54
CA LYS C 1886 -15.33 3.21 140.03
C LYS C 1886 -14.52 2.00 140.51
N MET D 1 51.96 -102.82 56.00
CA MET D 1 50.58 -102.27 56.11
C MET D 1 49.93 -102.24 54.73
N LYS D 2 48.74 -102.83 54.58
CA LYS D 2 47.98 -102.85 53.29
C LYS D 2 47.44 -101.45 53.00
N PRO D 3 47.18 -101.09 51.72
CA PRO D 3 46.58 -99.79 51.39
C PRO D 3 45.27 -99.54 52.14
N GLU D 4 44.35 -100.52 52.09
CA GLU D 4 42.99 -100.45 52.71
C GLU D 4 43.11 -100.03 54.17
N VAL D 5 44.04 -100.63 54.91
CA VAL D 5 44.25 -100.39 56.37
C VAL D 5 44.84 -98.98 56.55
N GLU D 6 45.83 -98.63 55.74
CA GLU D 6 46.49 -97.30 55.77
C GLU D 6 45.40 -96.23 55.65
N GLN D 7 44.47 -96.40 54.70
CA GLN D 7 43.28 -95.53 54.49
C GLN D 7 42.43 -95.50 55.76
N GLU D 8 41.94 -96.68 56.18
CA GLU D 8 41.08 -96.83 57.38
C GLU D 8 41.66 -96.04 58.55
N LEU D 9 42.98 -96.09 58.72
CA LEU D 9 43.72 -95.40 59.82
C LEU D 9 43.82 -93.91 59.54
N ALA D 10 44.25 -93.54 58.33
CA ALA D 10 44.35 -92.15 57.86
C ALA D 10 43.01 -91.44 58.10
N HIS D 11 41.89 -92.12 57.82
CA HIS D 11 40.51 -91.65 58.09
C HIS D 11 40.35 -91.29 59.57
N ILE D 12 40.52 -92.28 60.46
CA ILE D 12 40.37 -92.11 61.93
C ILE D 12 41.25 -90.93 62.37
N LEU D 13 42.47 -90.89 61.86
CA LEU D 13 43.45 -89.82 62.17
C LEU D 13 42.86 -88.45 61.80
N LEU D 14 42.57 -88.24 60.51
CA LEU D 14 41.96 -87.00 59.94
C LEU D 14 40.78 -86.56 60.81
N THR D 15 39.82 -87.47 60.98
CA THR D 15 38.61 -87.33 61.82
C THR D 15 39.00 -86.67 63.15
N GLU D 16 39.96 -87.24 63.88
CA GLU D 16 40.34 -86.81 65.26
C GLU D 16 41.06 -85.46 65.19
N LEU D 17 41.96 -85.28 64.23
CA LEU D 17 42.70 -84.01 64.05
C LEU D 17 41.73 -82.83 63.94
N LEU D 18 40.59 -83.03 63.27
CA LEU D 18 39.57 -81.97 62.98
C LEU D 18 38.65 -81.81 64.19
N ALA D 19 38.30 -82.94 64.81
CA ALA D 19 37.40 -83.03 65.97
C ALA D 19 37.96 -82.16 67.09
N TYR D 20 39.24 -82.32 67.41
CA TYR D 20 39.92 -81.64 68.54
C TYR D 20 40.35 -80.23 68.11
N GLN D 21 40.76 -80.06 66.86
CA GLN D 21 41.18 -78.75 66.29
C GLN D 21 40.19 -77.67 66.75
N PHE D 22 38.91 -78.04 66.71
CA PHE D 22 37.70 -77.27 67.10
C PHE D 22 37.90 -76.51 68.43
N ALA D 23 38.58 -77.14 69.40
CA ALA D 23 38.70 -76.68 70.81
C ALA D 23 40.15 -76.77 71.33
N SER D 24 41.13 -76.91 70.45
CA SER D 24 42.58 -76.80 70.75
C SER D 24 43.12 -75.55 70.05
N PRO D 25 44.31 -75.04 70.43
CA PRO D 25 44.87 -73.85 69.79
C PRO D 25 45.31 -74.10 68.34
N VAL D 26 45.58 -73.00 67.64
CA VAL D 26 46.03 -72.94 66.22
C VAL D 26 47.52 -72.65 66.23
N ARG D 27 48.35 -73.66 65.94
CA ARG D 27 49.83 -73.56 66.06
C ARG D 27 50.36 -73.08 64.70
N TRP D 28 50.06 -71.83 64.33
CA TRP D 28 50.41 -71.25 63.01
C TRP D 28 51.89 -70.82 63.00
N ILE D 29 52.50 -70.63 64.18
CA ILE D 29 53.95 -70.30 64.30
C ILE D 29 54.73 -71.49 63.76
N GLU D 30 54.49 -72.68 64.32
CA GLU D 30 55.20 -73.94 63.95
C GLU D 30 54.86 -74.29 62.50
N THR D 31 53.58 -74.12 62.13
CA THR D 31 53.06 -74.43 60.77
C THR D 31 53.92 -73.65 59.77
N GLN D 32 54.02 -72.33 59.98
CA GLN D 32 54.81 -71.43 59.11
C GLN D 32 56.25 -71.93 59.03
N ASP D 33 56.84 -72.32 60.17
CA ASP D 33 58.27 -72.75 60.23
C ASP D 33 58.42 -74.06 59.45
N VAL D 34 57.43 -74.95 59.51
CA VAL D 34 57.45 -76.24 58.75
C VAL D 34 57.54 -75.93 57.25
N PHE D 35 56.67 -75.08 56.72
CA PHE D 35 56.61 -74.86 55.25
C PHE D 35 57.71 -73.87 54.84
N LEU D 36 58.15 -72.98 55.73
CA LEU D 36 59.21 -71.99 55.40
C LEU D 36 60.60 -72.63 55.53
N LYS D 37 60.92 -73.28 56.65
CA LYS D 37 62.27 -73.85 56.90
C LYS D 37 62.35 -75.26 56.30
N ASP D 38 61.57 -76.21 56.82
CA ASP D 38 61.71 -77.66 56.52
C ASP D 38 61.43 -77.95 55.03
N PHE D 39 60.64 -77.12 54.34
CA PHE D 39 60.21 -77.35 52.93
C PHE D 39 60.79 -76.30 51.98
N ASN D 40 61.36 -75.21 52.49
CA ASN D 40 62.01 -74.11 51.72
C ASN D 40 61.07 -73.64 50.60
N THR D 41 59.80 -73.43 50.93
CA THR D 41 58.74 -72.93 50.01
C THR D 41 59.19 -71.59 49.42
N GLU D 42 59.19 -71.45 48.10
CA GLU D 42 59.56 -70.21 47.37
C GLU D 42 58.28 -69.49 46.90
N ARG D 43 57.15 -70.19 46.92
CA ARG D 43 55.84 -69.61 46.52
C ARG D 43 54.81 -70.00 47.58
N VAL D 44 54.48 -69.09 48.50
CA VAL D 44 53.32 -69.27 49.43
C VAL D 44 52.16 -68.46 48.86
N VAL D 45 51.07 -69.15 48.55
CA VAL D 45 49.85 -68.60 47.92
C VAL D 45 48.70 -68.70 48.93
N GLU D 46 48.21 -67.55 49.40
CA GLU D 46 47.02 -67.49 50.28
C GLU D 46 45.77 -67.61 49.39
N ILE D 47 44.96 -68.62 49.65
CA ILE D 47 43.58 -68.78 49.10
C ILE D 47 42.63 -68.17 50.12
N GLY D 48 42.18 -66.94 49.89
CA GLY D 48 41.20 -66.27 50.77
C GLY D 48 40.80 -64.91 50.24
N PRO D 49 39.80 -64.25 50.86
CA PRO D 49 39.28 -62.98 50.36
C PRO D 49 40.14 -61.77 50.71
N SER D 50 41.05 -61.90 51.68
CA SER D 50 41.99 -60.83 52.11
C SER D 50 43.33 -61.44 52.48
N PRO D 51 44.44 -60.69 52.36
CA PRO D 51 45.79 -61.24 52.51
C PRO D 51 46.31 -61.25 53.95
N THR D 52 45.56 -61.86 54.86
CA THR D 52 45.84 -61.81 56.32
C THR D 52 46.88 -62.89 56.68
N LEU D 53 46.86 -64.07 56.05
CA LEU D 53 47.90 -65.12 56.23
C LEU D 53 49.19 -64.78 55.49
N ALA D 54 49.06 -64.06 54.37
CA ALA D 54 50.18 -63.49 53.59
C ALA D 54 50.92 -62.48 54.47
N GLY D 55 50.17 -61.51 55.03
CA GLY D 55 50.67 -60.54 56.02
C GLY D 55 51.49 -61.22 57.10
N MET D 56 51.03 -62.35 57.60
CA MET D 56 51.69 -63.14 58.68
C MET D 56 52.99 -63.76 58.16
N ALA D 57 52.98 -64.35 56.96
CA ALA D 57 54.16 -64.96 56.32
C ALA D 57 55.27 -63.90 56.16
N GLN D 58 54.97 -62.75 55.56
CA GLN D 58 55.92 -61.64 55.34
C GLN D 58 56.58 -61.25 56.67
N ARG D 59 55.81 -61.16 57.75
CA ARG D 59 56.33 -60.80 59.10
C ARG D 59 57.22 -61.93 59.63
N THR D 60 56.80 -63.20 59.63
CA THR D 60 57.61 -64.34 60.16
C THR D 60 58.92 -64.42 59.36
N LEU D 61 58.91 -64.03 58.08
CA LEU D 61 60.12 -63.97 57.22
C LEU D 61 61.02 -62.83 57.68
N LYS D 62 60.47 -61.62 57.81
CA LYS D 62 61.20 -60.41 58.27
C LYS D 62 61.87 -60.68 59.62
N ASN D 63 61.20 -61.39 60.53
CA ASN D 63 61.72 -61.71 61.89
C ASN D 63 62.95 -62.62 61.76
N LYS D 64 62.77 -63.90 61.45
CA LYS D 64 63.77 -64.97 61.77
C LYS D 64 64.31 -65.69 60.52
N TYR D 65 64.09 -65.11 59.32
CA TYR D 65 64.53 -65.71 58.02
C TYR D 65 65.34 -64.68 57.22
N GLU D 66 65.63 -63.51 57.79
CA GLU D 66 66.49 -62.47 57.16
C GLU D 66 67.73 -63.13 56.54
N SER D 67 68.62 -63.68 57.38
CA SER D 67 69.97 -64.16 57.00
C SER D 67 69.87 -65.54 56.34
N TYR D 68 68.87 -66.35 56.71
CA TYR D 68 68.64 -67.71 56.16
C TYR D 68 68.35 -67.60 54.66
N ASP D 69 67.33 -66.84 54.29
CA ASP D 69 66.91 -66.59 52.88
C ASP D 69 68.07 -66.00 52.08
N ALA D 70 68.83 -65.07 52.67
CA ALA D 70 70.02 -64.46 52.04
C ALA D 70 71.04 -65.56 51.72
N ALA D 71 71.53 -66.25 52.75
CA ALA D 71 72.61 -67.27 52.67
C ALA D 71 72.27 -68.36 51.65
N LEU D 72 71.01 -68.82 51.58
CA LEU D 72 70.59 -69.92 50.67
C LEU D 72 70.14 -69.35 49.32
N SER D 73 70.48 -68.10 49.01
CA SER D 73 70.07 -67.40 47.77
C SER D 73 68.67 -67.85 47.36
N LEU D 74 67.72 -67.65 48.26
CA LEU D 74 66.38 -68.27 48.25
C LEU D 74 65.35 -67.15 48.11
N HIS D 75 65.14 -66.63 46.90
CA HIS D 75 64.05 -65.66 46.57
C HIS D 75 62.69 -66.34 46.86
N ARG D 76 61.83 -65.64 47.61
CA ARG D 76 60.53 -66.11 48.15
C ARG D 76 59.43 -65.19 47.62
N GLU D 77 58.23 -65.73 47.37
CA GLU D 77 57.11 -64.98 46.75
C GLU D 77 55.84 -65.26 47.55
N ILE D 78 55.35 -64.26 48.28
CA ILE D 78 54.10 -64.37 49.10
C ILE D 78 52.99 -63.72 48.28
N LEU D 79 51.96 -64.49 47.92
CA LEU D 79 50.87 -64.04 47.04
C LEU D 79 49.53 -64.35 47.71
N CYS D 80 48.53 -63.49 47.53
CA CYS D 80 47.13 -63.70 47.99
C CYS D 80 46.19 -63.69 46.78
N TYR D 81 45.25 -64.64 46.72
CA TYR D 81 44.34 -64.84 45.58
C TYR D 81 43.63 -63.51 45.26
N SER D 82 43.20 -62.78 46.29
CA SER D 82 42.40 -61.53 46.14
C SER D 82 43.25 -60.39 45.58
N LYS D 83 44.51 -60.30 46.02
CA LYS D 83 45.41 -59.13 45.79
C LYS D 83 46.11 -59.32 44.43
N ASP D 84 46.81 -60.43 44.21
CA ASP D 84 47.79 -60.58 43.10
C ASP D 84 47.33 -61.68 42.14
N ALA D 85 46.18 -61.49 41.51
CA ALA D 85 45.61 -62.43 40.51
C ALA D 85 46.64 -62.65 39.40
N LYS D 86 47.25 -61.58 38.89
CA LYS D 86 48.10 -61.59 37.67
C LYS D 86 49.31 -62.52 37.85
N GLU D 87 49.93 -62.49 39.03
CA GLU D 87 51.12 -63.33 39.35
C GLU D 87 50.69 -64.80 39.44
N ILE D 88 49.53 -65.08 40.03
CA ILE D 88 49.08 -66.46 40.35
C ILE D 88 48.65 -67.19 39.07
N TYR D 89 48.01 -66.47 38.14
CA TYR D 89 47.46 -66.98 36.85
C TYR D 89 48.47 -66.83 35.71
N TYR D 90 49.70 -66.38 36.01
CA TYR D 90 50.77 -66.10 35.03
C TYR D 90 50.20 -65.35 33.82
N THR D 91 49.60 -64.18 34.08
CA THR D 91 49.10 -63.25 33.04
C THR D 91 49.56 -61.85 33.38
N PRO D 92 50.83 -61.49 33.10
CA PRO D 92 51.30 -60.12 33.31
C PRO D 92 50.62 -59.29 32.21
N ASP D 93 50.42 -57.99 32.48
CA ASP D 93 49.71 -57.03 31.60
C ASP D 93 50.54 -56.78 30.34
N PRO D 94 50.00 -56.06 29.32
CA PRO D 94 50.75 -55.85 28.07
C PRO D 94 52.00 -54.96 28.27
N SER D 95 52.96 -55.41 29.09
CA SER D 95 54.26 -54.75 29.34
C SER D 95 55.40 -55.76 29.08
N GLU D 96 55.98 -55.70 27.87
CA GLU D 96 57.14 -56.53 27.40
C GLU D 96 58.06 -55.65 26.56
N ILE D 140 32.93 -25.98 16.29
CA ILE D 140 33.91 -26.67 17.20
C ILE D 140 33.19 -27.81 17.96
N ALA D 141 33.95 -28.77 18.50
CA ALA D 141 33.42 -29.97 19.21
C ALA D 141 32.34 -29.54 20.21
N ASP D 142 31.28 -30.36 20.38
CA ASP D 142 30.19 -30.15 21.37
C ASP D 142 30.42 -31.07 22.58
N GLU D 143 30.06 -30.59 23.78
CA GLU D 143 30.03 -31.37 25.04
C GLU D 143 28.75 -31.00 25.79
N PRO D 144 27.87 -31.97 26.14
CA PRO D 144 26.79 -31.70 27.07
C PRO D 144 27.37 -31.18 28.40
N VAL D 145 26.60 -30.36 29.14
CA VAL D 145 27.04 -29.84 30.47
C VAL D 145 27.20 -31.02 31.43
N LYS D 146 28.25 -31.01 32.25
CA LYS D 146 28.49 -32.03 33.31
C LYS D 146 27.46 -31.76 34.43
N ALA D 147 27.10 -32.79 35.21
CA ALA D 147 26.21 -32.66 36.40
C ALA D 147 26.91 -31.82 37.47
N SER D 148 28.26 -31.82 37.51
CA SER D 148 29.09 -31.07 38.49
C SER D 148 29.00 -29.56 38.22
N LEU D 149 28.99 -29.12 36.96
CA LEU D 149 28.81 -27.67 36.59
C LEU D 149 27.39 -27.23 36.98
N LEU D 150 26.39 -28.06 36.63
CA LEU D 150 24.95 -27.77 36.85
C LEU D 150 24.64 -27.68 38.35
N LEU D 151 25.19 -28.58 39.18
CA LEU D 151 24.97 -28.62 40.65
C LEU D 151 25.71 -27.45 41.34
N HIS D 152 26.97 -27.21 40.97
CA HIS D 152 27.82 -26.09 41.47
C HIS D 152 27.08 -24.76 41.27
N VAL D 153 26.56 -24.54 40.05
CA VAL D 153 25.90 -23.27 39.62
C VAL D 153 24.59 -23.08 40.38
N LEU D 154 23.77 -24.13 40.53
CA LEU D 154 22.44 -24.09 41.18
C LEU D 154 22.60 -23.79 42.68
N VAL D 155 23.58 -24.43 43.35
CA VAL D 155 23.85 -24.26 44.81
C VAL D 155 24.50 -22.89 45.05
N ALA D 156 25.39 -22.44 44.15
CA ALA D 156 26.08 -21.13 44.20
C ALA D 156 25.06 -20.01 44.04
N HIS D 157 24.19 -20.10 43.03
CA HIS D 157 23.16 -19.07 42.70
C HIS D 157 22.12 -18.94 43.82
N LYS D 158 21.84 -20.02 44.55
CA LYS D 158 20.84 -20.05 45.66
C LYS D 158 21.38 -19.30 46.88
N LEU D 159 22.64 -19.57 47.24
CA LEU D 159 23.35 -18.94 48.39
C LEU D 159 23.83 -17.54 48.00
N LYS D 160 23.67 -17.15 46.73
CA LYS D 160 24.00 -15.81 46.17
C LYS D 160 25.50 -15.56 46.35
N LYS D 161 26.33 -16.50 45.87
CA LYS D 161 27.81 -16.47 45.99
C LYS D 161 28.43 -16.97 44.68
N SER D 162 29.60 -16.46 44.29
CA SER D 162 30.33 -16.89 43.07
C SER D 162 30.74 -18.35 43.21
N LEU D 163 31.13 -19.01 42.11
CA LEU D 163 31.50 -20.45 42.07
C LEU D 163 32.71 -20.72 42.98
N ASP D 164 33.67 -19.78 43.05
CA ASP D 164 34.93 -19.90 43.85
C ASP D 164 34.64 -19.90 45.35
N SER D 165 33.58 -19.20 45.78
CA SER D 165 33.13 -19.07 47.20
C SER D 165 32.66 -20.43 47.76
N ILE D 166 31.96 -21.23 46.93
CA ILE D 166 31.42 -22.58 47.30
C ILE D 166 32.43 -23.64 46.85
N PRO D 167 33.20 -24.28 47.78
CA PRO D 167 34.03 -25.44 47.43
C PRO D 167 33.16 -26.71 47.32
N MET D 168 33.45 -27.55 46.34
CA MET D 168 32.64 -28.76 46.00
C MET D 168 32.87 -29.88 47.03
N SER D 169 33.93 -29.78 47.84
CA SER D 169 34.32 -30.76 48.89
C SER D 169 33.36 -30.67 50.11
N LYS D 170 32.67 -29.54 50.28
CA LYS D 170 31.73 -29.25 51.40
C LYS D 170 30.32 -29.74 51.05
N THR D 171 29.48 -29.96 52.08
CA THR D 171 28.11 -30.53 51.99
C THR D 171 27.11 -29.37 51.93
N ILE D 172 25.84 -29.64 51.58
CA ILE D 172 24.75 -28.62 51.52
C ILE D 172 24.44 -28.13 52.95
N LYS D 173 24.35 -29.04 53.92
CA LYS D 173 24.10 -28.76 55.36
C LYS D 173 25.20 -27.84 55.93
N ASP D 174 26.45 -28.09 55.54
CA ASP D 174 27.66 -27.31 55.93
C ASP D 174 27.54 -25.88 55.38
N LEU D 175 27.42 -25.73 54.05
CA LEU D 175 27.43 -24.44 53.31
C LEU D 175 26.29 -23.53 53.79
N VAL D 176 25.16 -24.13 54.19
CA VAL D 176 23.88 -23.45 54.57
C VAL D 176 23.99 -22.83 55.97
N GLY D 177 25.01 -23.22 56.76
CA GLY D 177 25.13 -22.89 58.19
C GLY D 177 24.01 -23.61 58.93
N GLY D 178 23.25 -22.92 59.78
CA GLY D 178 22.11 -23.54 60.47
C GLY D 178 20.78 -23.35 59.73
N LYS D 179 20.80 -22.71 58.56
CA LYS D 179 19.60 -22.13 57.88
C LYS D 179 18.89 -23.26 57.13
N SER D 180 18.14 -24.09 57.88
CA SER D 180 17.43 -25.21 57.30
C SER D 180 16.35 -24.81 56.30
N THR D 181 15.90 -23.54 56.37
CA THR D 181 14.96 -22.97 55.42
C THR D 181 15.55 -23.05 54.00
N VAL D 182 16.86 -22.79 53.86
CA VAL D 182 17.66 -22.72 52.58
C VAL D 182 18.09 -24.11 52.14
N GLN D 183 18.33 -25.04 53.09
CA GLN D 183 18.63 -26.46 52.81
C GLN D 183 17.43 -27.09 52.08
N ASN D 184 16.20 -26.87 52.58
CA ASN D 184 14.92 -27.37 52.02
C ASN D 184 14.70 -26.87 50.58
N GLU D 185 15.10 -25.63 50.30
CA GLU D 185 14.99 -25.00 48.95
C GLU D 185 15.98 -25.68 47.98
N ILE D 186 17.25 -25.85 48.37
CA ILE D 186 18.33 -26.47 47.54
C ILE D 186 17.93 -27.92 47.19
N LEU D 187 17.43 -28.69 48.17
CA LEU D 187 17.02 -30.12 47.99
C LEU D 187 15.80 -30.20 47.07
N GLY D 188 14.84 -29.27 47.22
CA GLY D 188 13.67 -29.12 46.35
C GLY D 188 14.06 -28.79 44.91
N ASP D 189 15.07 -27.91 44.75
CA ASP D 189 15.63 -27.46 43.44
C ASP D 189 16.41 -28.60 42.76
N LEU D 190 17.15 -29.42 43.52
CA LEU D 190 17.94 -30.56 42.98
C LEU D 190 17.00 -31.69 42.56
N GLY D 191 15.89 -31.89 43.29
CA GLY D 191 14.83 -32.86 42.95
C GLY D 191 14.09 -32.47 41.69
N LYS D 192 13.74 -31.18 41.56
CA LYS D 192 13.09 -30.56 40.37
C LYS D 192 14.01 -30.73 39.14
N GLU D 193 15.31 -30.59 39.34
CA GLU D 193 16.33 -30.52 38.25
C GLU D 193 16.58 -31.92 37.68
N PHE D 194 17.11 -32.83 38.49
CA PHE D 194 17.69 -34.14 38.08
C PHE D 194 16.65 -35.27 38.15
N GLY D 195 15.62 -35.15 39.01
CA GLY D 195 14.58 -36.17 39.21
C GLY D 195 14.71 -36.85 40.58
N THR D 196 15.57 -37.87 40.68
CA THR D 196 15.82 -38.63 41.94
C THR D 196 17.01 -37.99 42.67
N THR D 197 17.35 -38.51 43.86
CA THR D 197 18.38 -37.99 44.81
C THR D 197 18.91 -39.14 45.67
N PRO D 198 20.19 -39.16 46.09
CA PRO D 198 20.67 -40.07 47.15
C PRO D 198 19.83 -39.99 48.44
N GLU D 199 20.15 -40.86 49.42
CA GLU D 199 19.34 -41.06 50.66
C GLU D 199 19.38 -39.79 51.52
N LYS D 200 20.57 -39.21 51.75
CA LYS D 200 20.78 -38.00 52.59
C LYS D 200 21.64 -37.01 51.81
N PRO D 201 21.05 -36.26 50.84
CA PRO D 201 21.84 -35.38 49.96
C PRO D 201 22.56 -34.24 50.69
N GLU D 202 21.99 -33.79 51.81
CA GLU D 202 22.48 -32.65 52.64
C GLU D 202 23.85 -33.01 53.26
N GLU D 203 24.10 -34.30 53.53
CA GLU D 203 25.31 -34.82 54.19
C GLU D 203 26.35 -35.33 53.16
N THR D 204 25.96 -35.54 51.90
CA THR D 204 26.86 -35.89 50.76
C THR D 204 27.60 -34.63 50.28
N PRO D 205 28.96 -34.65 50.21
CA PRO D 205 29.73 -33.57 49.58
C PRO D 205 29.37 -33.42 48.09
N LEU D 206 29.41 -32.20 47.56
CA LEU D 206 28.82 -31.84 46.22
C LEU D 206 29.61 -32.52 45.08
N GLU D 207 30.91 -32.79 45.25
CA GLU D 207 31.74 -33.62 44.33
C GLU D 207 31.05 -34.98 44.09
N GLU D 208 30.67 -35.62 45.21
CA GLU D 208 30.08 -36.99 45.30
C GLU D 208 28.63 -36.99 44.77
N LEU D 209 27.80 -36.00 45.19
CA LEU D 209 26.42 -35.80 44.68
C LEU D 209 26.43 -35.73 43.14
N ALA D 210 27.42 -35.03 42.56
CA ALA D 210 27.61 -34.82 41.11
C ALA D 210 27.76 -36.15 40.37
N GLU D 211 28.56 -37.09 40.91
CA GLU D 211 28.83 -38.41 40.29
C GLU D 211 27.58 -39.31 40.29
N THR D 212 26.76 -39.24 41.35
CA THR D 212 25.49 -40.01 41.47
C THR D 212 24.47 -39.53 40.42
N PHE D 213 24.33 -38.20 40.27
CA PHE D 213 23.44 -37.53 39.27
C PHE D 213 23.95 -37.83 37.86
N GLN D 214 25.28 -37.85 37.67
CA GLN D 214 26.00 -38.08 36.38
C GLN D 214 25.61 -39.45 35.79
N ASP D 215 25.43 -40.47 36.64
CA ASP D 215 25.11 -41.87 36.25
C ASP D 215 23.76 -41.95 35.53
N THR D 216 22.82 -41.03 35.81
CA THR D 216 21.43 -41.08 35.29
C THR D 216 21.10 -39.80 34.49
N PHE D 217 22.09 -38.92 34.26
CA PHE D 217 21.92 -37.56 33.66
C PHE D 217 22.19 -37.61 32.15
N SER D 218 21.27 -37.05 31.34
CA SER D 218 21.34 -37.04 29.86
C SER D 218 22.25 -35.92 29.35
N GLY D 219 22.54 -34.91 30.18
CA GLY D 219 23.26 -33.69 29.77
C GLY D 219 22.31 -32.53 29.49
N ALA D 220 21.00 -32.80 29.44
CA ALA D 220 19.91 -31.83 29.16
C ALA D 220 19.65 -30.97 30.41
N LEU D 221 19.17 -29.73 30.22
CA LEU D 221 19.22 -28.67 31.25
C LEU D 221 18.16 -28.89 32.36
N GLY D 222 16.98 -29.44 32.04
CA GLY D 222 15.94 -29.74 33.07
C GLY D 222 15.23 -28.49 33.59
N LYS D 223 14.13 -28.65 34.33
CA LYS D 223 13.08 -27.59 34.46
C LYS D 223 13.59 -26.41 35.29
N GLN D 224 14.42 -26.63 36.31
CA GLN D 224 14.88 -25.60 37.29
C GLN D 224 15.94 -24.68 36.66
N SER D 225 16.97 -25.25 36.01
CA SER D 225 18.01 -24.49 35.28
C SER D 225 17.36 -23.61 34.20
N SER D 226 16.46 -24.20 33.39
CA SER D 226 15.76 -23.54 32.25
C SER D 226 14.92 -22.35 32.73
N SER D 227 14.25 -22.48 33.87
CA SER D 227 13.42 -21.42 34.50
C SER D 227 14.29 -20.22 34.91
N LEU D 228 15.47 -20.50 35.49
CA LEU D 228 16.41 -19.47 36.02
C LEU D 228 17.14 -18.75 34.86
N LEU D 229 17.42 -19.46 33.75
CA LEU D 229 18.04 -18.87 32.53
C LEU D 229 17.02 -18.00 31.79
N SER D 230 15.75 -18.39 31.76
CA SER D 230 14.63 -17.60 31.19
C SER D 230 14.47 -16.29 31.95
N ARG D 231 14.54 -16.34 33.28
CA ARG D 231 14.46 -15.16 34.18
C ARG D 231 15.68 -14.25 34.01
N LEU D 232 16.88 -14.82 33.97
CA LEU D 232 18.17 -14.08 33.77
C LEU D 232 18.05 -13.21 32.51
N ILE D 233 17.66 -13.83 31.39
CA ILE D 233 17.54 -13.19 30.05
C ILE D 233 16.41 -12.16 30.09
N SER D 234 15.22 -12.54 30.55
CA SER D 234 13.98 -11.69 30.48
C SER D 234 14.11 -10.49 31.43
N SER D 235 14.93 -10.56 32.48
CA SER D 235 15.03 -9.53 33.54
C SER D 235 16.35 -8.73 33.45
N LYS D 236 17.44 -9.31 32.90
CA LYS D 236 18.80 -8.68 32.91
C LYS D 236 19.33 -8.34 31.49
N MET D 237 18.67 -8.76 30.41
CA MET D 237 19.13 -8.45 29.01
C MET D 237 18.31 -7.29 28.44
N PRO D 238 18.91 -6.46 27.54
CA PRO D 238 18.24 -5.27 27.02
C PRO D 238 17.14 -5.62 25.99
N GLY D 239 16.18 -4.70 25.78
CA GLY D 239 14.95 -4.95 25.00
C GLY D 239 15.23 -5.64 23.68
N GLY D 240 14.62 -6.81 23.44
CA GLY D 240 14.73 -7.58 22.19
C GLY D 240 15.87 -8.60 22.19
N PHE D 241 16.76 -8.56 23.20
CA PHE D 241 17.87 -9.53 23.36
C PHE D 241 17.32 -10.79 24.05
N THR D 242 16.61 -11.62 23.27
CA THR D 242 16.03 -12.93 23.68
C THR D 242 17.14 -13.93 24.01
N ILE D 243 16.79 -15.03 24.70
CA ILE D 243 17.70 -16.20 24.90
C ILE D 243 18.12 -16.75 23.54
N THR D 244 17.23 -16.70 22.52
CA THR D 244 17.48 -17.16 21.13
C THR D 244 18.56 -16.26 20.47
N VAL D 245 18.45 -14.94 20.64
CA VAL D 245 19.44 -13.93 20.14
C VAL D 245 20.79 -14.19 20.82
N ALA D 246 20.79 -14.59 22.09
CA ALA D 246 22.00 -14.84 22.93
C ALA D 246 22.66 -16.19 22.57
N ARG D 247 21.93 -17.13 21.95
CA ARG D 247 22.49 -18.39 21.43
C ARG D 247 23.02 -18.18 20.01
N LYS D 248 22.31 -17.41 19.19
CA LYS D 248 22.78 -16.98 17.85
C LYS D 248 24.13 -16.26 18.00
N TYR D 249 24.29 -15.42 19.03
CA TYR D 249 25.56 -14.67 19.29
C TYR D 249 26.67 -15.62 19.77
N LEU D 250 26.36 -16.65 20.57
CA LEU D 250 27.37 -17.62 21.07
C LEU D 250 27.76 -18.61 19.95
N GLN D 251 26.88 -18.82 18.95
CA GLN D 251 27.18 -19.65 17.74
C GLN D 251 28.02 -18.82 16.76
N THR D 252 27.59 -17.59 16.41
CA THR D 252 28.30 -16.65 15.50
C THR D 252 29.70 -16.30 16.03
N ARG D 253 29.76 -15.66 17.20
CA ARG D 253 30.98 -14.96 17.71
C ARG D 253 31.99 -15.96 18.28
N TRP D 254 31.55 -17.08 18.88
CA TRP D 254 32.45 -18.05 19.59
C TRP D 254 32.31 -19.47 19.04
N GLY D 255 31.43 -19.71 18.06
CA GLY D 255 31.26 -21.01 17.37
C GLY D 255 30.96 -22.16 18.33
N LEU D 256 29.95 -21.99 19.20
CA LEU D 256 29.57 -22.98 20.25
C LEU D 256 28.23 -23.61 19.88
N PRO D 257 28.16 -24.97 19.86
CA PRO D 257 26.89 -25.69 19.67
C PRO D 257 26.04 -25.74 20.95
N SER D 258 24.79 -26.25 20.86
CA SER D 258 23.72 -26.17 21.89
C SER D 258 24.20 -26.63 23.27
N GLY D 259 25.04 -27.68 23.35
CA GLY D 259 25.55 -28.23 24.62
C GLY D 259 26.48 -27.26 25.34
N ARG D 260 27.37 -26.59 24.61
CA ARG D 260 28.40 -25.66 25.16
C ARG D 260 27.76 -24.31 25.53
N GLN D 261 26.80 -23.82 24.75
CA GLN D 261 26.03 -22.57 25.06
C GLN D 261 25.31 -22.78 26.40
N ASP D 262 24.73 -23.97 26.62
CA ASP D 262 24.08 -24.37 27.90
C ASP D 262 25.05 -24.10 29.06
N GLY D 263 26.33 -24.47 28.90
CA GLY D 263 27.40 -24.24 29.88
C GLY D 263 27.75 -22.77 30.06
N VAL D 264 27.84 -22.00 28.96
CA VAL D 264 28.16 -20.54 28.96
C VAL D 264 27.06 -19.78 29.72
N LEU D 265 25.79 -20.16 29.52
CA LEU D 265 24.61 -19.51 30.15
C LEU D 265 24.53 -19.90 31.64
N LEU D 266 24.90 -21.14 31.99
CA LEU D 266 24.98 -21.62 33.41
C LEU D 266 26.01 -20.78 34.19
N VAL D 267 27.16 -20.51 33.58
CA VAL D 267 28.25 -19.68 34.16
C VAL D 267 27.76 -18.22 34.27
N ALA D 268 27.02 -17.74 33.26
CA ALA D 268 26.36 -16.41 33.20
C ALA D 268 25.36 -16.25 34.36
N LEU D 269 24.67 -17.34 34.73
CA LEU D 269 23.65 -17.36 35.82
C LEU D 269 24.32 -17.13 37.19
N SER D 270 25.55 -17.62 37.40
CA SER D 270 26.30 -17.52 38.68
C SER D 270 27.16 -16.24 38.70
N ASN D 271 27.13 -15.44 37.62
CA ASN D 271 27.72 -14.07 37.51
C ASN D 271 26.63 -13.11 37.02
N GLU D 272 25.37 -13.40 37.37
CA GLU D 272 24.13 -12.64 37.01
C GLU D 272 24.34 -11.16 37.32
N PRO D 273 24.24 -10.22 36.34
CA PRO D 273 24.40 -8.80 36.63
C PRO D 273 23.28 -8.31 37.58
N ALA D 274 23.58 -7.29 38.39
CA ALA D 274 22.73 -6.78 39.50
C ALA D 274 21.49 -6.06 38.94
N ALA D 275 21.68 -5.23 37.91
CA ALA D 275 20.62 -4.51 37.16
C ALA D 275 20.63 -4.99 35.70
N ARG D 276 19.54 -4.72 34.98
CA ARG D 276 19.40 -4.96 33.52
C ARG D 276 20.56 -4.24 32.80
N LEU D 277 21.16 -4.89 31.80
CA LEU D 277 22.25 -4.29 30.99
C LEU D 277 21.63 -3.30 30.00
N GLY D 278 22.30 -2.17 29.77
CA GLY D 278 21.76 -0.99 29.07
C GLY D 278 21.65 -1.18 27.57
N SER D 279 22.75 -1.56 26.90
CA SER D 279 22.83 -1.65 25.43
C SER D 279 23.04 -3.10 24.98
N GLU D 280 22.72 -3.39 23.73
CA GLU D 280 23.05 -4.64 23.01
C GLU D 280 24.57 -4.88 23.08
N ALA D 281 25.37 -3.81 23.05
CA ALA D 281 26.85 -3.84 23.17
C ALA D 281 27.26 -4.44 24.53
N ASP D 282 26.63 -3.99 25.63
CA ASP D 282 26.92 -4.40 27.02
C ASP D 282 26.54 -5.88 27.22
N ALA D 283 25.46 -6.33 26.57
CA ALA D 283 24.94 -7.72 26.60
C ALA D 283 25.95 -8.67 25.92
N LYS D 284 26.54 -8.26 24.79
CA LYS D 284 27.55 -9.03 24.03
C LYS D 284 28.88 -9.06 24.83
N ALA D 285 29.27 -7.92 25.40
CA ALA D 285 30.44 -7.74 26.29
C ALA D 285 30.34 -8.71 27.49
N PHE D 286 29.15 -8.85 28.07
CA PHE D 286 28.83 -9.76 29.19
C PHE D 286 29.05 -11.22 28.74
N LEU D 287 28.42 -11.63 27.62
CA LEU D 287 28.46 -13.04 27.10
C LEU D 287 29.88 -13.41 26.65
N ASP D 288 30.67 -12.44 26.16
CA ASP D 288 32.12 -12.61 25.79
C ASP D 288 32.89 -13.01 27.06
N SER D 289 32.76 -12.21 28.12
CA SER D 289 33.36 -12.41 29.47
C SER D 289 32.94 -13.76 30.06
N MET D 290 31.69 -14.20 29.83
CA MET D 290 31.11 -15.46 30.38
C MET D 290 31.58 -16.68 29.54
N ALA D 291 31.89 -16.47 28.25
CA ALA D 291 32.43 -17.51 27.34
C ALA D 291 33.87 -17.85 27.76
N GLN D 292 34.66 -16.84 28.17
CA GLN D 292 36.07 -16.98 28.63
C GLN D 292 36.13 -17.65 30.01
N LYS D 293 35.13 -17.44 30.87
CA LYS D 293 35.03 -18.11 32.20
C LYS D 293 34.69 -19.59 32.01
N TYR D 294 33.83 -19.90 31.03
CA TYR D 294 33.43 -21.28 30.64
C TYR D 294 34.63 -22.01 29.98
N ALA D 295 35.42 -21.28 29.18
CA ALA D 295 36.68 -21.76 28.56
C ALA D 295 37.65 -22.27 29.63
N SER D 296 37.78 -21.53 30.74
CA SER D 296 38.59 -21.90 31.95
C SER D 296 38.05 -23.17 32.59
N ILE D 297 36.76 -23.19 32.97
CA ILE D 297 36.09 -24.24 33.80
C ILE D 297 36.10 -25.59 33.07
N VAL D 298 35.97 -25.60 31.73
CA VAL D 298 35.95 -26.87 30.91
C VAL D 298 37.28 -27.07 30.16
N GLY D 299 38.21 -26.11 30.18
CA GLY D 299 39.52 -26.17 29.48
C GLY D 299 39.37 -26.31 27.97
N VAL D 300 39.10 -25.20 27.26
CA VAL D 300 38.78 -25.12 25.80
C VAL D 300 39.27 -23.75 25.28
N ASP D 301 39.73 -23.67 24.03
CA ASP D 301 40.37 -22.47 23.41
C ASP D 301 39.32 -21.62 22.67
N LEU D 302 39.40 -20.27 22.74
CA LEU D 302 38.88 -19.29 21.73
C LEU D 302 38.27 -20.02 20.53
N LEU D 328 23.70 -7.02 3.50
CA LEU D 328 24.04 -8.46 3.45
C LEU D 328 22.71 -9.21 3.18
N GLU D 329 22.30 -10.15 4.05
CA GLU D 329 20.89 -10.61 4.18
C GLU D 329 20.15 -9.80 5.26
N GLU D 330 20.69 -8.65 5.70
CA GLU D 330 20.05 -7.86 6.79
C GLU D 330 19.21 -6.75 6.15
N ILE D 331 19.48 -6.39 4.88
CA ILE D 331 18.66 -5.40 4.11
C ILE D 331 17.39 -6.11 3.63
N THR D 332 17.52 -7.38 3.22
CA THR D 332 16.40 -8.22 2.75
C THR D 332 15.48 -8.56 3.94
N LYS D 333 16.04 -8.76 5.14
CA LYS D 333 15.24 -8.97 6.38
C LYS D 333 14.51 -7.66 6.72
N ASP D 334 15.12 -6.51 6.44
CA ASP D 334 14.60 -5.18 6.84
C ASP D 334 13.31 -4.88 6.07
N HIS D 335 13.24 -5.35 4.83
CA HIS D 335 12.08 -5.16 3.94
C HIS D 335 10.96 -6.12 4.36
N LYS D 336 11.23 -7.42 4.48
CA LYS D 336 10.23 -8.42 4.92
C LYS D 336 9.55 -7.92 6.21
N VAL D 337 10.24 -7.18 7.08
CA VAL D 337 9.62 -6.61 8.32
C VAL D 337 8.55 -5.59 7.94
N LEU D 338 8.85 -4.73 6.94
CA LEU D 338 7.90 -3.70 6.49
C LEU D 338 6.67 -4.41 5.94
N ALA D 339 6.86 -5.25 4.91
CA ALA D 339 5.82 -6.08 4.26
C ALA D 339 4.95 -6.76 5.32
N ARG D 340 5.59 -7.36 6.32
CA ARG D 340 4.93 -8.12 7.41
C ARG D 340 3.97 -7.17 8.15
N GLN D 341 4.39 -5.93 8.41
CA GLN D 341 3.61 -4.95 9.20
C GLN D 341 2.47 -4.40 8.34
N GLN D 342 2.70 -4.18 7.05
CA GLN D 342 1.64 -3.71 6.10
C GLN D 342 0.54 -4.77 6.06
N LEU D 343 0.91 -6.05 5.99
CA LEU D 343 -0.05 -7.18 6.04
C LEU D 343 -0.88 -7.08 7.32
N GLN D 344 -0.22 -6.91 8.45
CA GLN D 344 -0.85 -6.82 9.79
C GLN D 344 -1.92 -5.72 9.79
N VAL D 345 -1.63 -4.52 9.27
CA VAL D 345 -2.57 -3.38 9.40
C VAL D 345 -3.75 -3.62 8.45
N LEU D 346 -3.52 -4.34 7.36
CA LEU D 346 -4.58 -4.65 6.36
C LEU D 346 -5.51 -5.68 6.98
N ALA D 347 -4.95 -6.69 7.63
CA ALA D 347 -5.70 -7.72 8.38
C ALA D 347 -6.59 -7.05 9.41
N ARG D 348 -6.05 -6.09 10.15
CA ARG D 348 -6.79 -5.35 11.21
C ARG D 348 -8.00 -4.65 10.57
N TYR D 349 -7.80 -3.93 9.46
CA TYR D 349 -8.86 -3.19 8.73
C TYR D 349 -9.96 -4.15 8.28
N LEU D 350 -9.56 -5.30 7.71
CA LEU D 350 -10.49 -6.32 7.16
C LEU D 350 -11.17 -7.11 8.28
N LYS D 351 -10.82 -6.87 9.55
CA LYS D 351 -11.29 -7.67 10.71
C LYS D 351 -10.96 -9.14 10.46
N MET D 352 -9.89 -9.44 9.71
CA MET D 352 -9.36 -10.81 9.51
C MET D 352 -8.63 -11.23 10.79
N ASP D 353 -8.86 -12.47 11.21
CA ASP D 353 -8.24 -13.04 12.41
C ASP D 353 -7.22 -14.07 11.95
N LEU D 354 -6.04 -13.62 11.54
CA LEU D 354 -5.04 -14.47 10.86
C LEU D 354 -4.76 -15.75 11.66
N ASP D 355 -5.01 -15.77 12.97
CA ASP D 355 -4.59 -16.91 13.84
C ASP D 355 -5.78 -17.81 14.23
N ASN D 356 -7.00 -17.51 13.81
CA ASN D 356 -8.19 -18.33 14.15
C ASN D 356 -7.91 -19.80 13.81
N GLY D 357 -7.37 -20.07 12.62
CA GLY D 357 -7.13 -21.46 12.17
C GLY D 357 -6.28 -22.24 13.18
N GLU D 358 -5.08 -21.72 13.49
CA GLU D 358 -4.13 -22.34 14.47
C GLU D 358 -4.80 -22.46 15.82
N ARG D 359 -5.57 -21.47 16.27
CA ARG D 359 -6.27 -21.53 17.57
C ARG D 359 -7.17 -22.75 17.62
N LYS D 360 -7.98 -22.96 16.59
CA LYS D 360 -8.97 -24.06 16.52
C LYS D 360 -8.22 -25.39 16.49
N PHE D 361 -7.08 -25.41 15.80
CA PHE D 361 -6.23 -26.62 15.63
C PHE D 361 -5.69 -27.03 16.99
N LEU D 362 -5.12 -26.09 17.76
CA LEU D 362 -4.53 -26.39 19.09
C LEU D 362 -5.61 -26.97 19.99
N LYS D 363 -6.84 -26.47 19.88
CA LYS D 363 -7.98 -26.89 20.73
C LYS D 363 -8.33 -28.33 20.36
N GLU D 364 -8.30 -28.66 19.06
CA GLU D 364 -8.72 -29.97 18.53
C GLU D 364 -7.66 -31.01 18.91
N LYS D 365 -6.39 -30.65 18.73
CA LYS D 365 -5.19 -31.45 19.09
C LYS D 365 -5.29 -31.90 20.55
N ASP D 366 -5.73 -31.01 21.42
CA ASP D 366 -6.00 -31.32 22.87
C ASP D 366 -7.13 -32.33 22.95
N THR D 367 -8.25 -32.14 22.27
CA THR D 367 -9.39 -33.09 22.41
C THR D 367 -8.98 -34.41 21.73
N VAL D 368 -7.99 -34.42 20.83
CA VAL D 368 -7.48 -35.72 20.29
C VAL D 368 -6.75 -36.45 21.41
N ALA D 369 -5.76 -35.82 22.04
CA ALA D 369 -4.96 -36.43 23.14
C ALA D 369 -5.89 -36.94 24.24
N GLU D 370 -6.98 -36.21 24.52
CA GLU D 370 -7.96 -36.52 25.57
C GLU D 370 -8.63 -37.85 25.19
N LEU D 371 -9.18 -37.97 23.98
CA LEU D 371 -9.82 -39.21 23.48
C LEU D 371 -8.77 -40.32 23.39
N GLN D 372 -7.58 -40.03 22.90
CA GLN D 372 -6.53 -41.07 22.71
C GLN D 372 -6.25 -41.71 24.07
N ALA D 373 -6.23 -40.93 25.15
CA ALA D 373 -5.96 -41.40 26.51
C ALA D 373 -7.10 -42.30 26.97
N GLN D 374 -8.34 -41.96 26.67
CA GLN D 374 -9.52 -42.76 27.09
C GLN D 374 -9.46 -44.12 26.39
N LEU D 375 -9.04 -44.11 25.14
CA LEU D 375 -8.98 -45.31 24.27
C LEU D 375 -7.78 -46.16 24.71
N ASP D 376 -6.67 -45.52 25.07
CA ASP D 376 -5.45 -46.18 25.60
C ASP D 376 -5.78 -46.86 26.91
N TYR D 377 -6.60 -46.24 27.77
CA TYR D 377 -6.93 -46.79 29.10
C TYR D 377 -7.73 -48.08 28.89
N LEU D 378 -8.75 -48.03 28.03
CA LEU D 378 -9.59 -49.21 27.71
C LEU D 378 -8.68 -50.32 27.16
N ASN D 379 -7.67 -50.02 26.36
CA ASN D 379 -6.74 -51.06 25.83
C ASN D 379 -5.90 -51.62 26.97
N ALA D 380 -5.50 -50.81 27.95
CA ALA D 380 -4.73 -51.30 29.13
C ALA D 380 -5.57 -52.25 29.97
N GLU D 381 -6.86 -51.98 30.10
CA GLU D 381 -7.78 -52.75 30.97
C GLU D 381 -8.19 -54.05 30.28
N LEU D 382 -8.60 -53.96 29.02
CA LEU D 382 -9.20 -55.11 28.31
C LEU D 382 -8.14 -55.88 27.51
N GLY D 383 -7.10 -55.20 27.05
CA GLY D 383 -6.07 -55.84 26.22
C GLY D 383 -6.43 -55.79 24.74
N GLU D 384 -5.41 -55.77 23.90
CA GLU D 384 -5.55 -55.63 22.43
C GLU D 384 -6.43 -56.77 21.89
N PHE D 385 -6.27 -57.99 22.37
CA PHE D 385 -6.97 -59.18 21.81
C PHE D 385 -8.48 -58.97 21.90
N PHE D 386 -8.94 -58.55 23.06
CA PHE D 386 -10.37 -58.38 23.42
C PHE D 386 -10.94 -57.20 22.63
N VAL D 387 -10.22 -56.08 22.62
CA VAL D 387 -10.70 -54.81 22.02
C VAL D 387 -10.83 -55.02 20.52
N ASN D 388 -9.85 -55.68 19.90
CA ASN D 388 -9.93 -56.03 18.46
C ASN D 388 -11.00 -57.11 18.29
N GLY D 389 -11.02 -58.07 19.20
CA GLY D 389 -11.83 -59.30 19.05
C GLY D 389 -13.32 -59.02 19.02
N VAL D 390 -13.72 -57.90 19.61
CA VAL D 390 -15.13 -57.62 19.96
C VAL D 390 -15.79 -56.86 18.78
N ALA D 391 -15.08 -56.78 17.66
CA ALA D 391 -15.46 -56.04 16.44
C ALA D 391 -16.54 -56.79 15.66
N THR D 392 -17.40 -56.02 15.01
CA THR D 392 -18.65 -56.48 14.37
C THR D 392 -18.31 -57.24 13.10
N SER D 393 -19.00 -58.34 12.82
CA SER D 393 -18.90 -59.12 11.55
C SER D 393 -20.26 -59.27 10.88
N PHE D 394 -21.33 -59.34 11.66
CA PHE D 394 -22.68 -59.64 11.16
C PHE D 394 -23.20 -58.46 10.36
N SER D 395 -23.94 -58.75 9.31
CA SER D 395 -24.44 -57.77 8.32
C SER D 395 -25.47 -58.49 7.46
N ARG D 396 -26.74 -58.06 7.49
CA ARG D 396 -27.82 -58.81 6.79
C ARG D 396 -27.52 -58.98 5.30
N LYS D 397 -26.80 -58.07 4.69
CA LYS D 397 -26.58 -58.11 3.24
C LYS D 397 -25.56 -59.19 2.90
N LYS D 398 -24.84 -59.70 3.89
CA LYS D 398 -23.83 -60.77 3.62
C LYS D 398 -24.49 -62.15 3.79
N ALA D 399 -25.78 -62.22 4.07
CA ALA D 399 -26.46 -63.50 4.32
C ALA D 399 -26.68 -64.23 3.00
N ARG D 400 -25.84 -65.21 2.71
CA ARG D 400 -26.06 -66.17 1.59
C ARG D 400 -27.13 -67.16 1.99
N THR D 401 -28.04 -67.48 1.09
CA THR D 401 -29.22 -68.34 1.34
C THR D 401 -29.29 -69.42 0.25
N PHE D 402 -29.19 -70.68 0.67
CA PHE D 402 -29.19 -71.90 -0.19
C PHE D 402 -30.48 -72.67 0.03
N ASP D 403 -31.27 -72.86 -1.03
CA ASP D 403 -32.59 -73.55 -0.95
C ASP D 403 -32.93 -74.33 -2.23
N SER D 404 -32.08 -74.31 -3.27
CA SER D 404 -32.41 -74.88 -4.60
C SER D 404 -32.09 -76.38 -4.63
N SER D 405 -32.62 -77.15 -3.68
CA SER D 405 -32.46 -78.62 -3.59
C SER D 405 -33.03 -79.28 -4.84
N TRP D 406 -34.08 -78.72 -5.41
CA TRP D 406 -34.77 -79.25 -6.62
C TRP D 406 -33.77 -79.38 -7.76
N ASN D 407 -32.79 -78.49 -7.83
CA ASN D 407 -31.76 -78.52 -8.90
C ASN D 407 -30.68 -79.54 -8.51
N TRP D 408 -30.22 -79.47 -7.26
CA TRP D 408 -29.05 -80.23 -6.77
C TRP D 408 -29.33 -81.75 -6.82
N ALA D 409 -30.57 -82.17 -6.60
CA ALA D 409 -30.97 -83.60 -6.66
C ALA D 409 -30.60 -84.17 -8.04
N LYS D 410 -31.01 -83.51 -9.11
CA LYS D 410 -30.74 -83.97 -10.50
C LYS D 410 -29.24 -83.98 -10.74
N GLN D 411 -28.50 -83.06 -10.14
CA GLN D 411 -27.02 -83.04 -10.29
C GLN D 411 -26.41 -84.24 -9.57
N SER D 412 -26.76 -84.42 -8.29
CA SER D 412 -26.34 -85.55 -7.43
C SER D 412 -26.56 -86.88 -8.16
N LEU D 413 -27.74 -87.03 -8.79
CA LEU D 413 -28.15 -88.27 -9.48
C LEU D 413 -27.16 -88.50 -10.62
N LEU D 414 -26.94 -87.50 -11.44
CA LEU D 414 -26.14 -87.61 -12.68
C LEU D 414 -24.67 -87.83 -12.33
N SER D 415 -24.23 -87.29 -11.21
CA SER D 415 -22.84 -87.42 -10.71
C SER D 415 -22.61 -88.87 -10.26
N LEU D 416 -23.53 -89.42 -9.46
CA LEU D 416 -23.57 -90.86 -9.08
C LEU D 416 -23.51 -91.72 -10.35
N TYR D 417 -24.42 -91.46 -11.28
CA TYR D 417 -24.60 -92.25 -12.51
C TYR D 417 -23.25 -92.40 -13.22
N PHE D 418 -22.56 -91.29 -13.45
CA PHE D 418 -21.31 -91.29 -14.26
C PHE D 418 -20.15 -91.82 -13.43
N GLU D 419 -20.21 -91.68 -12.12
CA GLU D 419 -19.14 -92.22 -11.24
C GLU D 419 -19.21 -93.74 -11.31
N ILE D 420 -20.41 -94.30 -11.41
CA ILE D 420 -20.58 -95.78 -11.51
C ILE D 420 -20.12 -96.23 -12.89
N ILE D 421 -20.50 -95.51 -13.94
CA ILE D 421 -20.12 -95.91 -15.34
C ILE D 421 -18.61 -95.93 -15.47
N HIS D 422 -17.91 -94.98 -14.87
CA HIS D 422 -16.44 -94.82 -14.98
C HIS D 422 -15.72 -95.69 -13.96
N GLY D 423 -16.45 -96.37 -13.07
CA GLY D 423 -15.86 -97.30 -12.08
C GLY D 423 -15.21 -96.55 -10.92
N VAL D 424 -15.43 -95.25 -10.81
CA VAL D 424 -15.03 -94.45 -9.63
C VAL D 424 -15.76 -94.99 -8.40
N LEU D 425 -17.03 -95.36 -8.55
CA LEU D 425 -17.81 -96.06 -7.49
C LEU D 425 -18.19 -97.47 -7.96
N LYS D 426 -18.02 -98.43 -7.07
CA LYS D 426 -18.26 -99.87 -7.31
C LYS D 426 -19.44 -100.29 -6.46
N ASN D 427 -19.93 -101.52 -6.66
CA ASN D 427 -21.15 -101.98 -5.97
C ASN D 427 -20.88 -102.30 -4.49
N VAL D 428 -19.64 -102.14 -4.00
CA VAL D 428 -19.28 -102.37 -2.57
C VAL D 428 -19.30 -101.04 -1.81
N ASP D 429 -18.88 -99.95 -2.47
CA ASP D 429 -18.68 -98.61 -1.84
C ASP D 429 -19.94 -98.16 -1.12
N ARG D 430 -19.85 -97.68 0.12
CA ARG D 430 -21.03 -97.20 0.88
C ARG D 430 -21.40 -95.79 0.39
N GLU D 431 -20.47 -95.08 -0.23
CA GLU D 431 -20.77 -93.74 -0.81
C GLU D 431 -22.02 -93.89 -1.68
N VAL D 432 -22.22 -95.03 -2.37
CA VAL D 432 -23.40 -95.17 -3.26
C VAL D 432 -24.67 -95.35 -2.41
N VAL D 433 -24.59 -95.91 -1.20
CA VAL D 433 -25.80 -96.04 -0.34
C VAL D 433 -26.17 -94.66 0.19
N SER D 434 -25.22 -93.90 0.74
CA SER D 434 -25.50 -92.57 1.35
C SER D 434 -25.93 -91.61 0.25
N GLU D 435 -25.34 -91.64 -0.95
CA GLU D 435 -25.74 -90.71 -2.04
C GLU D 435 -27.15 -91.11 -2.49
N ALA D 436 -27.53 -92.37 -2.35
CA ALA D 436 -28.91 -92.85 -2.62
C ALA D 436 -29.88 -92.23 -1.62
N ILE D 437 -29.49 -92.15 -0.35
CA ILE D 437 -30.31 -91.56 0.75
C ILE D 437 -30.57 -90.09 0.42
N ASN D 438 -29.55 -89.39 -0.08
CA ASN D 438 -29.63 -87.93 -0.31
C ASN D 438 -30.53 -87.66 -1.52
N ILE D 439 -30.48 -88.51 -2.53
CA ILE D 439 -31.40 -88.43 -3.70
C ILE D 439 -32.82 -88.74 -3.22
N MET D 440 -33.01 -89.81 -2.45
CA MET D 440 -34.33 -90.19 -1.89
C MET D 440 -34.89 -89.03 -1.07
N ASN D 441 -34.04 -88.35 -0.30
CA ASN D 441 -34.42 -87.23 0.58
C ASN D 441 -34.89 -86.03 -0.25
N ARG D 442 -34.78 -86.07 -1.56
CA ARG D 442 -35.20 -84.96 -2.44
C ARG D 442 -36.18 -85.47 -3.49
N SER D 443 -36.80 -86.62 -3.25
CA SER D 443 -37.74 -87.23 -4.20
C SER D 443 -38.94 -86.30 -4.41
N ASN D 444 -39.17 -85.89 -5.65
CA ASN D 444 -40.41 -85.26 -6.15
C ASN D 444 -40.69 -85.81 -7.56
N ASP D 445 -41.79 -85.38 -8.18
CA ASP D 445 -42.31 -85.97 -9.45
C ASP D 445 -41.27 -85.76 -10.57
N ALA D 446 -40.62 -84.60 -10.61
CA ALA D 446 -39.64 -84.21 -11.65
C ALA D 446 -38.41 -85.11 -11.55
N LEU D 447 -37.93 -85.38 -10.33
CA LEU D 447 -36.72 -86.20 -10.05
C LEU D 447 -36.97 -87.62 -10.55
N ILE D 448 -38.18 -88.13 -10.33
CA ILE D 448 -38.50 -89.52 -10.76
C ILE D 448 -38.50 -89.54 -12.29
N LYS D 449 -39.13 -88.56 -12.93
CA LYS D 449 -39.18 -88.43 -14.42
C LYS D 449 -37.75 -88.39 -14.96
N PHE D 450 -36.86 -87.69 -14.26
CA PHE D 450 -35.44 -87.49 -14.62
C PHE D 450 -34.71 -88.84 -14.58
N MET D 451 -34.88 -89.60 -13.49
CA MET D 451 -34.21 -90.91 -13.33
C MET D 451 -34.82 -91.89 -14.31
N GLU D 452 -36.14 -91.92 -14.40
CA GLU D 452 -36.87 -92.78 -15.37
C GLU D 452 -36.23 -92.57 -16.74
N TYR D 453 -36.03 -91.32 -17.19
CA TYR D 453 -35.50 -91.07 -18.56
C TYR D 453 -34.11 -91.67 -18.66
N HIS D 454 -33.24 -91.27 -17.75
CA HIS D 454 -31.78 -91.55 -17.81
C HIS D 454 -31.54 -93.06 -17.61
N ILE D 455 -32.21 -93.69 -16.65
CA ILE D 455 -32.03 -95.14 -16.32
C ILE D 455 -32.62 -95.99 -17.44
N SER D 456 -33.82 -95.68 -17.89
CA SER D 456 -34.46 -96.46 -18.96
C SER D 456 -33.65 -96.31 -20.24
N ASN D 457 -33.00 -95.18 -20.48
CA ASN D 457 -32.30 -94.95 -21.77
C ASN D 457 -30.82 -95.29 -21.64
N THR D 458 -30.42 -95.99 -20.57
CA THR D 458 -29.03 -96.55 -20.47
C THR D 458 -29.07 -97.97 -21.00
N ASP D 459 -28.06 -98.30 -21.79
CA ASP D 459 -27.98 -99.52 -22.63
C ASP D 459 -27.01 -100.45 -21.92
N GLU D 460 -27.53 -101.42 -21.16
CA GLU D 460 -26.75 -102.39 -20.37
C GLU D 460 -25.73 -103.12 -21.27
N THR D 461 -25.94 -103.22 -22.58
CA THR D 461 -25.05 -104.01 -23.47
C THR D 461 -23.70 -103.31 -23.64
N LYS D 462 -23.58 -102.06 -23.21
CA LYS D 462 -22.33 -101.27 -23.37
C LYS D 462 -21.26 -101.74 -22.39
N GLY D 463 -21.59 -102.52 -21.35
CA GLY D 463 -20.58 -103.05 -20.42
C GLY D 463 -21.13 -103.29 -19.02
N GLU D 464 -20.37 -103.98 -18.17
CA GLU D 464 -20.81 -104.39 -16.82
C GLU D 464 -21.21 -103.18 -15.99
N ASN D 465 -20.52 -102.05 -16.16
CA ASN D 465 -20.77 -100.81 -15.37
C ASN D 465 -22.12 -100.21 -15.77
N TYR D 466 -22.47 -100.27 -17.04
CA TYR D 466 -23.77 -99.80 -17.57
C TYR D 466 -24.89 -100.67 -16.98
N GLN D 467 -24.71 -102.00 -16.98
CA GLN D 467 -25.67 -102.95 -16.35
C GLN D 467 -25.83 -102.60 -14.87
N LEU D 468 -24.72 -102.39 -14.16
CA LEU D 468 -24.73 -102.09 -12.71
C LEU D 468 -25.55 -100.81 -12.49
N VAL D 469 -25.30 -99.74 -13.26
CA VAL D 469 -25.96 -98.45 -13.01
C VAL D 469 -27.45 -98.61 -13.34
N LYS D 470 -27.75 -99.41 -14.36
CA LYS D 470 -29.15 -99.61 -14.78
C LYS D 470 -29.91 -100.30 -13.64
N THR D 471 -29.29 -101.29 -12.99
CA THR D 471 -29.94 -102.03 -11.88
C THR D 471 -30.05 -101.10 -10.67
N LEU D 472 -28.95 -100.49 -10.22
CA LEU D 472 -28.94 -99.50 -9.10
C LEU D 472 -30.04 -98.48 -9.40
N GLY D 473 -30.09 -97.98 -10.63
CA GLY D 473 -31.04 -96.93 -11.05
C GLY D 473 -32.49 -97.35 -10.86
N GLU D 474 -32.83 -98.54 -11.36
CA GLU D 474 -34.20 -99.10 -11.30
C GLU D 474 -34.61 -99.20 -9.83
N GLN D 475 -33.70 -99.62 -8.97
CA GLN D 475 -33.97 -99.82 -7.53
C GLN D 475 -34.16 -98.45 -6.88
N LEU D 476 -33.38 -97.49 -7.30
CA LEU D 476 -33.41 -96.13 -6.73
C LEU D 476 -34.71 -95.44 -7.14
N ILE D 477 -35.21 -95.72 -8.36
CA ILE D 477 -36.49 -95.13 -8.83
C ILE D 477 -37.60 -95.67 -7.96
N GLU D 478 -37.59 -96.98 -7.72
CA GLU D 478 -38.59 -97.70 -6.89
C GLU D 478 -38.58 -97.07 -5.51
N ASN D 479 -37.40 -96.89 -4.92
CA ASN D 479 -37.25 -96.26 -3.58
C ASN D 479 -37.91 -94.89 -3.63
N CYS D 480 -37.50 -94.03 -4.56
CA CYS D 480 -37.94 -92.62 -4.64
C CYS D 480 -39.45 -92.55 -4.77
N LYS D 481 -40.07 -93.50 -5.44
CA LYS D 481 -41.55 -93.56 -5.56
C LYS D 481 -42.14 -93.78 -4.17
N GLN D 482 -41.63 -94.73 -3.39
CA GLN D 482 -42.17 -95.05 -2.05
C GLN D 482 -42.01 -93.84 -1.13
N VAL D 483 -40.91 -93.12 -1.23
CA VAL D 483 -40.52 -92.07 -0.24
C VAL D 483 -40.97 -90.69 -0.74
N LEU D 484 -41.46 -90.58 -1.97
CA LEU D 484 -42.28 -89.41 -2.40
C LEU D 484 -43.35 -89.22 -1.32
N ASP D 485 -43.57 -88.01 -0.81
CA ASP D 485 -44.61 -87.78 0.24
C ASP D 485 -44.21 -88.42 1.60
N VAL D 486 -42.92 -88.66 1.84
CA VAL D 486 -42.40 -89.05 3.19
C VAL D 486 -41.37 -88.01 3.60
N ASP D 487 -41.44 -87.60 4.87
CA ASP D 487 -40.47 -86.63 5.44
C ASP D 487 -39.08 -87.16 5.14
N PRO D 488 -38.12 -86.28 4.78
CA PRO D 488 -36.74 -86.70 4.54
C PRO D 488 -36.12 -87.02 5.89
N VAL D 489 -34.91 -87.59 5.87
CA VAL D 489 -34.41 -88.33 7.05
C VAL D 489 -32.88 -88.25 7.12
N TYR D 490 -32.37 -88.00 8.32
CA TYR D 490 -30.93 -88.06 8.69
C TYR D 490 -30.62 -89.53 8.93
N LYS D 491 -29.73 -90.12 8.11
CA LYS D 491 -29.33 -91.53 8.24
C LYS D 491 -27.86 -91.65 7.88
N ASP D 492 -27.00 -91.83 8.89
CA ASP D 492 -25.53 -91.98 8.69
C ASP D 492 -25.20 -93.45 8.52
N VAL D 493 -24.71 -93.80 7.35
CA VAL D 493 -24.60 -95.19 6.88
C VAL D 493 -23.10 -95.52 6.75
N ALA D 494 -22.25 -94.59 7.16
CA ALA D 494 -20.77 -94.63 7.10
C ALA D 494 -20.22 -95.75 7.98
N LYS D 495 -19.00 -96.19 7.66
CA LYS D 495 -18.25 -97.22 8.42
C LYS D 495 -17.76 -96.56 9.71
N PRO D 496 -18.20 -97.00 10.90
CA PRO D 496 -17.66 -96.44 12.13
C PRO D 496 -16.24 -96.96 12.33
N THR D 497 -15.38 -96.10 12.88
CA THR D 497 -13.93 -96.32 13.03
C THR D 497 -13.49 -96.00 14.46
N GLY D 498 -12.31 -96.53 14.80
CA GLY D 498 -11.61 -96.36 16.08
C GLY D 498 -10.17 -95.92 15.86
N PRO D 499 -9.49 -95.44 16.92
CA PRO D 499 -8.13 -94.96 16.80
C PRO D 499 -7.12 -96.12 16.74
N LYS D 500 -6.09 -95.91 15.93
CA LYS D 500 -4.90 -96.80 15.81
C LYS D 500 -3.66 -95.91 15.72
N THR D 501 -2.76 -96.06 16.69
CA THR D 501 -1.46 -95.35 16.76
C THR D 501 -0.36 -96.40 16.59
N ALA D 502 0.62 -96.14 15.71
CA ALA D 502 1.72 -97.07 15.41
C ALA D 502 3.04 -96.29 15.32
N ILE D 503 4.12 -96.93 15.74
CA ILE D 503 5.50 -96.37 15.75
C ILE D 503 6.41 -97.38 15.04
N ASP D 504 6.98 -97.00 13.90
CA ASP D 504 7.81 -97.89 13.03
C ASP D 504 9.14 -98.19 13.75
N LYS D 505 10.08 -98.81 13.03
CA LYS D 505 11.41 -99.23 13.55
C LYS D 505 12.26 -97.98 13.81
N ASN D 506 12.05 -96.90 13.03
CA ASN D 506 12.84 -95.64 13.06
C ASN D 506 12.11 -94.56 13.88
N GLY D 507 11.18 -94.97 14.74
CA GLY D 507 10.47 -94.08 15.67
C GLY D 507 9.56 -93.05 15.00
N ASN D 508 9.07 -93.31 13.78
CA ASN D 508 8.04 -92.45 13.16
C ASN D 508 6.68 -92.83 13.76
N ILE D 509 5.89 -91.82 14.12
CA ILE D 509 4.55 -91.97 14.77
C ILE D 509 3.50 -91.83 13.68
N THR D 510 2.71 -92.88 13.45
CA THR D 510 1.55 -92.93 12.52
C THR D 510 0.25 -92.90 13.34
N TYR D 511 -0.77 -92.17 12.87
CA TYR D 511 -2.15 -92.30 13.39
C TYR D 511 -3.13 -92.50 12.23
N SER D 512 -3.75 -93.68 12.17
CA SER D 512 -4.86 -93.98 11.25
C SER D 512 -6.17 -94.12 12.03
N GLU D 513 -7.29 -93.89 11.32
CA GLU D 513 -8.66 -94.25 11.73
C GLU D 513 -8.97 -95.62 11.09
N GLU D 514 -9.21 -96.66 11.88
CA GLU D 514 -9.38 -98.05 11.37
C GLU D 514 -10.80 -98.55 11.65
N PRO D 515 -11.35 -99.46 10.82
CA PRO D 515 -12.65 -100.07 11.10
C PRO D 515 -12.62 -100.74 12.48
N ARG D 516 -13.65 -100.50 13.29
CA ARG D 516 -13.81 -101.14 14.62
C ARG D 516 -14.15 -102.61 14.43
N GLU D 517 -13.65 -103.47 15.30
CA GLU D 517 -13.82 -104.94 15.13
C GLU D 517 -15.31 -105.25 14.87
N LYS D 518 -16.13 -105.24 15.92
CA LYS D 518 -17.51 -105.81 15.84
C LYS D 518 -18.52 -104.69 15.60
N VAL D 519 -18.10 -103.51 15.16
CA VAL D 519 -19.02 -102.36 14.96
C VAL D 519 -18.89 -101.84 13.53
N ARG D 520 -19.82 -102.28 12.67
CA ARG D 520 -19.79 -102.07 11.20
C ARG D 520 -20.81 -101.02 10.77
N LYS D 521 -21.73 -100.63 11.66
CA LYS D 521 -22.81 -99.66 11.34
C LYS D 521 -23.38 -99.08 12.64
N LEU D 522 -24.19 -98.04 12.55
CA LEU D 522 -24.60 -97.28 13.76
C LEU D 522 -25.60 -98.11 14.57
N SER D 523 -26.41 -98.97 13.96
CA SER D 523 -27.28 -99.88 14.75
C SER D 523 -26.40 -100.59 15.79
N GLN D 524 -25.24 -101.08 15.36
CA GLN D 524 -24.29 -101.84 16.22
C GLN D 524 -23.59 -100.89 17.19
N TYR D 525 -23.29 -99.66 16.76
CA TYR D 525 -22.72 -98.61 17.65
C TYR D 525 -23.65 -98.41 18.86
N VAL D 526 -24.95 -98.25 18.63
CA VAL D 526 -25.92 -98.02 19.74
C VAL D 526 -25.84 -99.20 20.71
N GLN D 527 -25.81 -100.43 20.20
CA GLN D 527 -25.69 -101.65 21.02
C GLN D 527 -24.43 -101.56 21.89
N GLU D 528 -23.29 -101.22 21.29
CA GLU D 528 -21.98 -101.10 21.98
C GLU D 528 -22.13 -100.15 23.17
N MET D 529 -22.79 -99.01 22.94
CA MET D 529 -22.95 -97.92 23.93
C MET D 529 -23.85 -98.39 25.06
N ALA D 530 -24.91 -99.14 24.76
CA ALA D 530 -25.86 -99.63 25.77
C ALA D 530 -25.16 -100.62 26.72
N LEU D 531 -24.24 -101.45 26.23
CA LEU D 531 -23.59 -102.53 27.03
C LEU D 531 -22.52 -101.93 27.92
N GLY D 532 -22.00 -100.77 27.56
CA GLY D 532 -20.92 -100.12 28.32
C GLY D 532 -19.69 -100.99 28.31
N GLY D 533 -19.02 -101.10 29.45
CA GLY D 533 -17.70 -101.73 29.62
C GLY D 533 -17.50 -102.24 31.04
N PRO D 534 -16.38 -102.93 31.34
CA PRO D 534 -16.17 -103.50 32.66
C PRO D 534 -15.98 -102.37 33.69
N ILE D 535 -15.49 -101.20 33.24
CA ILE D 535 -15.15 -100.05 34.12
C ILE D 535 -16.41 -99.23 34.49
N THR D 536 -17.55 -99.46 33.85
CA THR D 536 -18.76 -98.61 34.01
C THR D 536 -19.84 -99.33 34.83
N LYS D 537 -19.45 -100.14 35.82
CA LYS D 537 -20.37 -100.74 36.82
C LYS D 537 -20.74 -99.71 37.89
N GLU D 538 -21.81 -100.01 38.66
CA GLU D 538 -21.99 -99.54 40.06
C GLU D 538 -22.57 -100.72 40.87
N SER D 539 -21.77 -101.26 41.78
CA SER D 539 -22.12 -102.35 42.74
C SER D 539 -23.52 -102.14 43.38
N GLN D 540 -24.57 -102.64 42.72
CA GLN D 540 -25.97 -102.59 43.23
C GLN D 540 -26.46 -104.00 43.58
N PRO D 541 -26.53 -104.45 44.86
CA PRO D 541 -27.31 -105.66 45.18
C PRO D 541 -28.77 -105.42 44.71
N THR D 542 -29.55 -106.48 44.48
CA THR D 542 -31.00 -106.39 44.10
C THR D 542 -31.82 -106.77 45.33
N ILE D 543 -31.78 -108.06 45.73
CA ILE D 543 -32.57 -108.64 46.87
C ILE D 543 -31.62 -109.38 47.82
N GLU D 544 -30.46 -108.76 48.12
CA GLU D 544 -29.32 -109.42 48.81
C GLU D 544 -29.52 -109.37 50.36
N GLU D 545 -29.93 -108.21 50.90
CA GLU D 545 -29.82 -107.84 52.36
C GLU D 545 -31.15 -108.11 53.07
N MET D 599 -30.43 -112.04 17.73
CA MET D 599 -30.54 -111.13 16.56
C MET D 599 -29.22 -110.38 16.33
N ASP D 600 -28.96 -109.99 15.08
CA ASP D 600 -28.09 -108.88 14.59
C ASP D 600 -28.47 -108.70 13.10
N VAL D 601 -29.22 -107.64 12.75
CA VAL D 601 -29.88 -107.46 11.42
C VAL D 601 -28.82 -107.67 10.32
N GLU D 602 -29.12 -108.53 9.34
CA GLU D 602 -28.24 -108.78 8.15
C GLU D 602 -28.28 -107.54 7.26
N ASP D 603 -27.16 -107.23 6.61
CA ASP D 603 -26.99 -106.05 5.73
C ASP D 603 -25.99 -106.40 4.63
N ALA D 604 -26.08 -105.69 3.50
CA ALA D 604 -25.20 -105.86 2.33
C ALA D 604 -24.11 -104.78 2.30
N LEU D 605 -24.00 -103.94 3.33
CA LEU D 605 -22.98 -102.86 3.43
C LEU D 605 -21.59 -103.50 3.26
N ASP D 606 -20.83 -103.05 2.27
CA ASP D 606 -19.43 -103.49 1.92
C ASP D 606 -19.44 -104.75 1.04
N LYS D 607 -20.60 -105.32 0.68
CA LYS D 607 -20.71 -106.49 -0.23
C LYS D 607 -21.51 -106.11 -1.50
N ASP D 608 -22.76 -105.66 -1.35
CA ASP D 608 -23.71 -105.35 -2.45
C ASP D 608 -24.49 -104.09 -2.08
N SER D 609 -24.04 -102.92 -2.54
CA SER D 609 -24.60 -101.60 -2.19
C SER D 609 -25.98 -101.43 -2.85
N THR D 610 -26.19 -101.99 -4.05
CA THR D 610 -27.50 -101.99 -4.74
C THR D 610 -28.55 -102.72 -3.88
N LYS D 611 -28.17 -103.84 -3.25
CA LYS D 611 -29.09 -104.65 -2.40
C LYS D 611 -29.42 -103.84 -1.14
N GLU D 612 -28.44 -103.16 -0.57
CA GLU D 612 -28.61 -102.36 0.67
C GLU D 612 -29.51 -101.15 0.37
N VAL D 613 -29.39 -100.58 -0.85
CA VAL D 613 -30.22 -99.45 -1.35
C VAL D 613 -31.69 -99.89 -1.36
N ALA D 614 -31.98 -101.14 -1.73
CA ALA D 614 -33.36 -101.69 -1.89
C ALA D 614 -34.12 -101.65 -0.55
N SER D 615 -33.41 -101.75 0.57
CA SER D 615 -34.02 -101.88 1.92
C SER D 615 -34.07 -100.52 2.65
N LEU D 616 -33.57 -99.45 2.05
CA LEU D 616 -33.55 -98.09 2.68
C LEU D 616 -34.97 -97.62 3.02
N PRO D 617 -35.97 -97.68 2.11
CA PRO D 617 -37.31 -97.15 2.39
C PRO D 617 -38.06 -97.92 3.48
N ASN D 618 -37.77 -99.22 3.68
CA ASN D 618 -38.51 -100.09 4.62
C ASN D 618 -38.14 -99.68 6.05
N LYS D 619 -39.14 -99.49 6.91
CA LYS D 619 -38.95 -99.04 8.31
C LYS D 619 -38.92 -100.27 9.20
N SER D 620 -37.75 -100.60 9.75
CA SER D 620 -37.47 -101.80 10.59
C SER D 620 -38.28 -101.70 11.88
N THR D 621 -39.02 -102.78 12.16
CA THR D 621 -39.75 -103.06 13.43
C THR D 621 -38.77 -103.76 14.39
N ILE D 622 -38.53 -103.14 15.55
CA ILE D 622 -37.62 -103.68 16.61
C ILE D 622 -38.51 -104.23 17.73
N SER D 623 -38.63 -105.55 17.90
CA SER D 623 -39.29 -106.17 19.09
C SER D 623 -38.48 -105.84 20.35
N LYS D 624 -37.23 -106.27 20.37
CA LYS D 624 -36.21 -106.07 21.46
C LYS D 624 -35.48 -104.74 21.24
N THR D 625 -36.14 -103.67 21.67
CA THR D 625 -35.58 -102.33 22.00
C THR D 625 -34.24 -102.53 22.74
N VAL D 626 -33.16 -101.96 22.20
CA VAL D 626 -31.76 -102.07 22.72
C VAL D 626 -31.70 -101.76 24.23
N SER D 627 -32.55 -100.86 24.73
CA SER D 627 -32.52 -100.43 26.16
C SER D 627 -32.73 -101.65 27.05
N SER D 628 -33.56 -102.60 26.62
CA SER D 628 -33.84 -103.87 27.34
C SER D 628 -32.58 -104.73 27.47
N THR D 629 -31.53 -104.49 26.68
CA THR D 629 -30.27 -105.29 26.68
C THR D 629 -29.26 -104.72 27.68
N ILE D 630 -29.54 -103.60 28.34
CA ILE D 630 -28.57 -102.90 29.24
C ILE D 630 -28.42 -103.72 30.51
N PRO D 631 -27.24 -104.34 30.78
CA PRO D 631 -27.11 -105.14 31.99
C PRO D 631 -27.39 -104.20 33.18
N ARG D 632 -28.34 -104.54 34.05
CA ARG D 632 -28.54 -103.83 35.34
C ARG D 632 -27.21 -103.99 36.10
N GLU D 633 -26.78 -102.96 36.81
CA GLU D 633 -25.45 -102.86 37.45
C GLU D 633 -24.53 -102.10 36.50
N THR D 634 -24.86 -102.01 35.22
CA THR D 634 -24.02 -101.31 34.21
C THR D 634 -24.63 -99.95 33.82
N ILE D 635 -23.76 -98.95 33.75
CA ILE D 635 -24.04 -97.58 33.24
C ILE D 635 -23.60 -97.52 31.79
N PRO D 636 -24.50 -97.24 30.83
CA PRO D 636 -24.10 -97.12 29.44
C PRO D 636 -23.07 -96.00 29.17
N PHE D 637 -22.43 -96.09 28.01
CA PHE D 637 -21.37 -95.15 27.55
C PHE D 637 -22.03 -93.83 27.13
N LEU D 638 -23.29 -93.87 26.72
CA LEU D 638 -24.20 -92.69 26.58
C LEU D 638 -25.39 -92.92 27.51
N HIS D 639 -25.72 -91.95 28.36
CA HIS D 639 -26.94 -92.02 29.20
C HIS D 639 -27.47 -90.61 29.44
N LEU D 640 -28.69 -90.52 29.97
CA LEU D 640 -29.26 -89.27 30.54
C LEU D 640 -29.20 -89.37 32.05
N ARG D 641 -29.33 -88.24 32.73
CA ARG D 641 -29.25 -88.14 34.21
C ARG D 641 -30.50 -87.48 34.75
N LYS D 642 -30.82 -87.75 36.00
CA LYS D 642 -31.93 -87.14 36.74
C LYS D 642 -31.33 -86.41 37.93
N LYS D 643 -31.88 -85.27 38.33
CA LYS D 643 -31.34 -84.52 39.49
C LYS D 643 -31.94 -85.13 40.76
N THR D 644 -31.10 -85.62 41.68
CA THR D 644 -31.52 -86.15 43.00
C THR D 644 -31.96 -84.98 43.87
N PRO D 645 -32.91 -85.15 44.82
CA PRO D 645 -33.25 -84.12 45.79
C PRO D 645 -32.01 -83.52 46.49
N ALA D 646 -31.02 -84.36 46.79
CA ALA D 646 -29.68 -83.96 47.27
C ALA D 646 -29.04 -82.95 46.33
N GLY D 647 -29.31 -83.01 45.02
CA GLY D 647 -28.95 -81.98 44.04
C GLY D 647 -27.89 -82.44 43.03
N ASP D 648 -27.37 -83.66 43.16
CA ASP D 648 -26.43 -84.27 42.17
C ASP D 648 -27.19 -84.79 40.95
N TRP D 649 -26.52 -84.92 39.81
CA TRP D 649 -27.07 -85.51 38.57
C TRP D 649 -26.55 -86.93 38.41
N LYS D 650 -27.33 -87.92 38.83
CA LYS D 650 -26.97 -89.37 38.75
C LYS D 650 -27.63 -90.01 37.52
N TYR D 651 -27.03 -91.06 36.97
CA TYR D 651 -27.58 -91.89 35.85
C TYR D 651 -29.02 -92.25 36.19
N ASP D 652 -29.92 -92.19 35.20
CA ASP D 652 -31.33 -92.66 35.32
C ASP D 652 -31.58 -93.69 34.23
N ARG D 653 -31.82 -94.94 34.61
CA ARG D 653 -31.97 -96.08 33.67
C ARG D 653 -33.11 -95.78 32.70
N GLN D 654 -34.23 -95.26 33.20
CA GLN D 654 -35.47 -95.07 32.40
C GLN D 654 -35.26 -94.03 31.30
N LEU D 655 -34.87 -92.80 31.66
CA LEU D 655 -34.61 -91.70 30.69
C LEU D 655 -33.56 -92.16 29.68
N SER D 656 -32.52 -92.85 30.15
CA SER D 656 -31.38 -93.31 29.30
C SER D 656 -31.89 -94.30 28.24
N SER D 657 -32.84 -95.15 28.63
CA SER D 657 -33.55 -96.11 27.74
C SER D 657 -34.28 -95.33 26.65
N LEU D 658 -35.07 -94.34 27.06
CA LEU D 658 -35.79 -93.42 26.15
C LEU D 658 -34.82 -92.89 25.10
N PHE D 659 -33.65 -92.42 25.52
CA PHE D 659 -32.65 -91.77 24.65
C PHE D 659 -32.00 -92.82 23.74
N LEU D 660 -31.53 -93.93 24.32
CA LEU D 660 -30.79 -95.00 23.59
C LEU D 660 -31.72 -95.68 22.59
N ASP D 661 -33.03 -95.76 22.88
CA ASP D 661 -34.03 -96.33 21.96
C ASP D 661 -34.23 -95.35 20.80
N GLY D 662 -34.31 -94.06 21.12
CA GLY D 662 -34.29 -92.97 20.11
C GLY D 662 -33.16 -93.15 19.12
N LEU D 663 -31.95 -93.45 19.62
CA LEU D 663 -30.73 -93.62 18.80
C LEU D 663 -30.88 -94.84 17.91
N GLU D 664 -31.38 -95.95 18.46
CA GLU D 664 -31.52 -97.22 17.72
C GLU D 664 -32.49 -97.01 16.56
N LYS D 665 -33.67 -96.44 16.87
CA LYS D 665 -34.71 -96.05 15.89
C LYS D 665 -34.04 -95.20 14.82
N ALA D 666 -33.35 -94.14 15.23
CA ALA D 666 -32.66 -93.19 14.33
C ALA D 666 -31.74 -93.93 13.38
N ALA D 667 -30.97 -94.90 13.88
CA ALA D 667 -29.93 -95.59 13.09
C ALA D 667 -30.57 -96.44 12.00
N PHE D 668 -31.70 -97.10 12.27
CA PHE D 668 -32.36 -98.03 11.31
C PHE D 668 -33.25 -97.25 10.34
N ASN D 669 -34.09 -96.33 10.84
CA ASN D 669 -35.18 -95.67 10.07
C ASN D 669 -34.87 -94.20 9.75
N GLY D 670 -33.81 -93.64 10.30
CA GLY D 670 -33.52 -92.21 10.18
C GLY D 670 -34.43 -91.39 11.08
N VAL D 671 -34.03 -90.15 11.38
CA VAL D 671 -34.84 -89.10 12.07
C VAL D 671 -35.12 -87.99 11.05
N THR D 672 -36.34 -87.46 11.05
CA THR D 672 -36.66 -86.24 10.27
C THR D 672 -36.53 -85.02 11.18
N PHE D 673 -36.08 -83.91 10.59
CA PHE D 673 -36.00 -82.59 11.23
C PHE D 673 -36.80 -81.59 10.41
N LYS D 674 -37.71 -82.06 9.55
CA LYS D 674 -38.52 -81.15 8.71
C LYS D 674 -39.27 -80.23 9.67
N ASP D 675 -39.49 -78.99 9.26
CA ASP D 675 -40.26 -78.04 10.11
C ASP D 675 -39.48 -77.67 11.39
N LYS D 676 -38.19 -77.99 11.48
CA LYS D 676 -37.36 -77.55 12.63
C LYS D 676 -36.46 -76.40 12.19
N TYR D 677 -36.51 -75.29 12.93
CA TYR D 677 -35.77 -74.05 12.62
C TYR D 677 -34.62 -73.95 13.60
N VAL D 678 -33.37 -73.99 13.12
CA VAL D 678 -32.17 -74.16 13.99
C VAL D 678 -31.20 -73.02 13.73
N LEU D 679 -30.61 -72.48 14.80
CA LEU D 679 -29.42 -71.60 14.76
C LEU D 679 -28.23 -72.42 15.29
N ILE D 680 -27.12 -72.47 14.56
CA ILE D 680 -25.89 -73.21 15.00
C ILE D 680 -24.65 -72.33 14.80
N THR D 681 -23.93 -72.07 15.88
CA THR D 681 -22.63 -71.38 15.87
C THR D 681 -21.53 -72.42 16.06
N GLY D 682 -20.35 -72.20 15.50
CA GLY D 682 -19.22 -73.12 15.72
C GLY D 682 -19.27 -74.36 14.84
N ALA D 683 -19.83 -74.24 13.64
CA ALA D 683 -19.95 -75.36 12.69
C ALA D 683 -18.99 -75.14 11.52
N GLY D 684 -17.74 -74.85 11.83
CA GLY D 684 -16.71 -74.69 10.80
C GLY D 684 -16.34 -76.04 10.23
N LYS D 685 -15.76 -76.05 9.03
CA LYS D 685 -15.18 -77.28 8.45
C LYS D 685 -14.30 -77.95 9.50
N GLY D 686 -14.36 -79.28 9.57
CA GLY D 686 -13.51 -80.08 10.46
C GLY D 686 -14.07 -80.18 11.87
N SER D 687 -15.23 -79.60 12.13
CA SER D 687 -15.80 -79.54 13.50
C SER D 687 -16.87 -80.60 13.71
N ILE D 688 -17.23 -80.83 14.96
CA ILE D 688 -18.45 -81.58 15.33
C ILE D 688 -19.66 -80.82 14.77
N GLY D 689 -19.71 -79.50 14.94
CA GLY D 689 -20.84 -78.69 14.44
C GLY D 689 -21.18 -78.98 12.97
N ALA D 690 -20.17 -79.08 12.11
CA ALA D 690 -20.34 -79.27 10.66
C ALA D 690 -20.99 -80.63 10.40
N GLU D 691 -20.69 -81.62 11.23
CA GLU D 691 -21.27 -82.97 11.13
C GLU D 691 -22.72 -82.91 11.60
N VAL D 692 -23.00 -82.17 12.66
CA VAL D 692 -24.39 -81.88 13.11
C VAL D 692 -25.15 -81.21 11.97
N LEU D 693 -24.55 -80.20 11.32
CA LEU D 693 -25.23 -79.41 10.27
C LEU D 693 -25.59 -80.34 9.12
N GLN D 694 -24.68 -81.20 8.68
CA GLN D 694 -24.97 -82.15 7.57
C GLN D 694 -26.24 -82.91 7.93
N GLY D 695 -26.35 -83.35 9.18
CA GLY D 695 -27.48 -84.16 9.65
C GLY D 695 -28.77 -83.37 9.61
N LEU D 696 -28.75 -82.16 10.18
CA LEU D 696 -29.94 -81.28 10.21
C LEU D 696 -30.46 -81.11 8.77
N LEU D 697 -29.56 -80.85 7.83
CA LEU D 697 -29.96 -80.57 6.44
C LEU D 697 -30.49 -81.84 5.79
N GLN D 698 -29.86 -82.97 6.05
CA GLN D 698 -30.30 -84.30 5.52
C GLN D 698 -31.73 -84.58 5.97
N GLY D 699 -32.14 -84.05 7.12
CA GLY D 699 -33.48 -84.28 7.69
C GLY D 699 -34.45 -83.17 7.36
N GLY D 700 -34.04 -82.21 6.54
CA GLY D 700 -34.93 -81.18 5.99
C GLY D 700 -35.12 -79.99 6.92
N ALA D 701 -34.21 -79.79 7.87
CA ALA D 701 -34.23 -78.63 8.78
C ALA D 701 -33.98 -77.34 8.00
N LYS D 702 -34.35 -76.21 8.60
CA LYS D 702 -34.02 -74.87 8.09
C LYS D 702 -33.06 -74.28 9.11
N VAL D 703 -31.86 -73.95 8.67
CA VAL D 703 -30.71 -73.74 9.57
C VAL D 703 -30.02 -72.41 9.22
N VAL D 704 -29.67 -71.64 10.25
CA VAL D 704 -28.75 -70.49 10.14
C VAL D 704 -27.40 -70.96 10.67
N VAL D 705 -26.38 -70.98 9.83
CA VAL D 705 -24.98 -71.25 10.23
C VAL D 705 -24.29 -69.90 10.34
N THR D 706 -23.60 -69.66 11.44
CA THR D 706 -22.66 -68.54 11.59
C THR D 706 -21.28 -69.01 11.17
N THR D 707 -20.50 -68.09 10.61
CA THR D 707 -19.05 -68.27 10.40
C THR D 707 -18.36 -66.96 10.81
N SER D 708 -17.28 -67.07 11.56
CA SER D 708 -16.42 -65.94 11.96
C SER D 708 -15.32 -65.75 10.93
N ARG D 709 -15.30 -66.59 9.89
CA ARG D 709 -14.23 -66.62 8.87
C ARG D 709 -14.88 -66.54 7.49
N PHE D 710 -15.95 -65.75 7.40
CA PHE D 710 -16.72 -65.53 6.15
C PHE D 710 -15.74 -65.16 5.03
N SER D 711 -15.83 -65.85 3.90
CA SER D 711 -14.87 -65.79 2.78
C SER D 711 -15.44 -66.61 1.63
N LYS D 712 -14.87 -66.51 0.43
CA LYS D 712 -15.44 -67.27 -0.70
C LYS D 712 -15.19 -68.76 -0.45
N GLN D 713 -14.02 -69.12 0.10
CA GLN D 713 -13.70 -70.53 0.44
C GLN D 713 -14.80 -71.09 1.35
N VAL D 714 -15.18 -70.37 2.40
CA VAL D 714 -16.17 -70.81 3.43
C VAL D 714 -17.57 -70.83 2.82
N THR D 715 -17.88 -69.85 2.01
CA THR D 715 -19.19 -69.66 1.36
C THR D 715 -19.42 -70.87 0.45
N ASP D 716 -18.43 -71.19 -0.38
CA ASP D 716 -18.44 -72.32 -1.34
C ASP D 716 -18.50 -73.66 -0.60
N TYR D 717 -17.84 -73.75 0.55
CA TYR D 717 -17.86 -74.95 1.44
C TYR D 717 -19.30 -75.23 1.81
N TYR D 718 -20.00 -74.26 2.40
CA TYR D 718 -21.40 -74.44 2.87
C TYR D 718 -22.31 -74.67 1.65
N GLN D 719 -22.02 -74.06 0.49
CA GLN D 719 -22.83 -74.34 -0.73
C GLN D 719 -22.72 -75.82 -1.08
N SER D 720 -21.51 -76.38 -1.07
CA SER D 720 -21.27 -77.80 -1.45
C SER D 720 -21.93 -78.74 -0.43
N ILE D 721 -22.00 -78.35 0.83
CA ILE D 721 -22.72 -79.14 1.87
C ILE D 721 -24.21 -79.17 1.49
N TYR D 722 -24.80 -78.03 1.18
CA TYR D 722 -26.24 -77.94 0.88
C TYR D 722 -26.55 -78.70 -0.41
N ALA D 723 -25.64 -78.59 -1.38
CA ALA D 723 -25.84 -79.23 -2.70
C ALA D 723 -25.74 -80.75 -2.57
N LYS D 724 -25.15 -81.26 -1.49
CA LYS D 724 -24.96 -82.72 -1.29
C LYS D 724 -26.05 -83.30 -0.39
N TYR D 725 -26.34 -82.63 0.74
CA TYR D 725 -27.14 -83.13 1.89
C TYR D 725 -28.49 -82.43 2.04
N GLY D 726 -28.62 -81.23 1.49
CA GLY D 726 -29.82 -80.37 1.61
C GLY D 726 -31.04 -81.05 1.02
N ALA D 727 -31.88 -81.58 1.91
CA ALA D 727 -33.09 -82.38 1.60
C ALA D 727 -34.20 -81.46 1.14
N LYS D 728 -35.29 -82.03 0.62
CA LYS D 728 -36.53 -81.29 0.30
C LYS D 728 -36.99 -80.58 1.57
N GLY D 729 -37.33 -79.31 1.46
CA GLY D 729 -37.83 -78.53 2.60
C GLY D 729 -36.70 -77.90 3.41
N SER D 730 -35.47 -78.35 3.23
CA SER D 730 -34.30 -77.74 3.91
C SER D 730 -34.03 -76.37 3.29
N THR D 731 -33.48 -75.44 4.08
CA THR D 731 -32.74 -74.27 3.57
C THR D 731 -31.57 -74.00 4.52
N LEU D 732 -30.46 -73.51 3.97
CA LEU D 732 -29.23 -73.18 4.71
C LEU D 732 -29.01 -71.69 4.53
N ILE D 733 -28.82 -70.95 5.62
CA ILE D 733 -28.51 -69.51 5.58
C ILE D 733 -27.18 -69.29 6.29
N VAL D 734 -26.17 -68.87 5.55
CA VAL D 734 -24.81 -68.60 6.07
C VAL D 734 -24.70 -67.10 6.32
N VAL D 735 -24.29 -66.70 7.51
CA VAL D 735 -24.11 -65.28 7.88
C VAL D 735 -22.75 -65.14 8.53
N PRO D 736 -22.03 -64.02 8.28
CA PRO D 736 -20.83 -63.72 9.05
C PRO D 736 -21.33 -63.36 10.44
N PHE D 737 -20.57 -63.69 11.49
CA PHE D 737 -21.02 -63.47 12.88
C PHE D 737 -19.85 -63.66 13.82
N ASN D 738 -19.68 -62.72 14.75
CA ASN D 738 -18.67 -62.79 15.82
C ASN D 738 -19.37 -62.91 17.17
N GLN D 739 -19.45 -64.12 17.74
CA GLN D 739 -20.18 -64.37 19.01
C GLN D 739 -19.52 -63.57 20.15
N GLY D 740 -18.34 -63.00 19.93
CA GLY D 740 -17.66 -62.12 20.90
C GLY D 740 -18.32 -60.75 21.03
N SER D 741 -19.16 -60.39 20.06
CA SER D 741 -19.75 -59.03 19.94
C SER D 741 -21.20 -59.06 20.40
N LYS D 742 -21.51 -58.34 21.46
CA LYS D 742 -22.89 -58.14 21.95
C LYS D 742 -23.76 -57.69 20.77
N GLN D 743 -23.23 -56.80 19.94
CA GLN D 743 -23.99 -56.16 18.85
C GLN D 743 -24.34 -57.23 17.82
N ASP D 744 -23.40 -58.11 17.50
CA ASP D 744 -23.62 -59.18 16.50
C ASP D 744 -24.72 -60.11 17.02
N VAL D 745 -24.65 -60.45 18.30
CA VAL D 745 -25.64 -61.36 18.94
C VAL D 745 -27.01 -60.73 18.74
N GLU D 746 -27.19 -59.49 19.17
CA GLU D 746 -28.52 -58.83 19.11
C GLU D 746 -28.98 -58.72 17.65
N ALA D 747 -28.05 -58.40 16.74
CA ALA D 747 -28.36 -58.13 15.33
C ALA D 747 -28.78 -59.41 14.62
N LEU D 748 -28.09 -60.52 14.93
CA LEU D 748 -28.36 -61.85 14.35
C LEU D 748 -29.78 -62.26 14.73
N ILE D 749 -30.13 -62.17 16.01
CA ILE D 749 -31.46 -62.66 16.47
C ILE D 749 -32.52 -61.72 15.89
N GLU D 750 -32.25 -60.41 15.79
CA GLU D 750 -33.18 -59.42 15.21
C GLU D 750 -33.44 -59.81 13.76
N PHE D 751 -32.39 -60.21 13.04
CA PHE D 751 -32.46 -60.61 11.61
C PHE D 751 -33.30 -61.88 11.47
N ILE D 752 -33.08 -62.86 12.33
CA ILE D 752 -33.81 -64.14 12.25
C ILE D 752 -35.30 -63.85 12.44
N TYR D 753 -35.66 -62.97 13.38
CA TYR D 753 -37.07 -62.79 13.83
C TYR D 753 -37.79 -61.74 12.99
N ASP D 754 -37.08 -60.77 12.41
CA ASP D 754 -37.70 -59.67 11.63
C ASP D 754 -38.44 -60.27 10.42
N THR D 755 -39.49 -59.59 9.96
CA THR D 755 -40.30 -60.01 8.79
C THR D 755 -39.43 -59.97 7.53
N GLU D 756 -39.85 -60.64 6.46
CA GLU D 756 -39.16 -60.61 5.14
C GLU D 756 -39.31 -59.21 4.58
N LYS D 757 -40.45 -58.57 4.88
CA LYS D 757 -40.75 -57.17 4.46
C LYS D 757 -39.68 -56.25 5.06
N ASN D 758 -39.20 -56.52 6.27
CA ASN D 758 -38.12 -55.71 6.93
C ASN D 758 -36.73 -56.32 6.68
N GLY D 759 -36.58 -57.25 5.73
CA GLY D 759 -35.28 -57.82 5.35
C GLY D 759 -34.72 -58.81 6.36
N GLY D 760 -35.60 -59.41 7.17
CA GLY D 760 -35.32 -60.55 8.05
C GLY D 760 -35.78 -61.86 7.43
N LEU D 761 -35.63 -62.96 8.16
CA LEU D 761 -35.95 -64.34 7.72
C LEU D 761 -37.42 -64.63 8.01
N GLY D 762 -37.97 -63.95 8.98
CA GLY D 762 -39.33 -64.18 9.51
C GLY D 762 -39.43 -65.55 10.15
N TRP D 763 -38.38 -66.00 10.82
CA TRP D 763 -38.33 -67.33 11.49
C TRP D 763 -38.60 -67.17 12.97
N ASP D 764 -38.84 -68.31 13.63
CA ASP D 764 -38.98 -68.47 15.10
C ASP D 764 -38.23 -69.74 15.43
N LEU D 765 -37.16 -69.68 16.25
CA LEU D 765 -36.19 -70.80 16.39
C LEU D 765 -36.78 -71.91 17.25
N ASP D 766 -36.46 -73.15 16.88
CA ASP D 766 -36.82 -74.37 17.63
C ASP D 766 -35.60 -74.94 18.36
N ALA D 767 -34.40 -74.70 17.86
CA ALA D 767 -33.17 -75.19 18.50
C ALA D 767 -32.06 -74.15 18.35
N ILE D 768 -31.26 -73.96 19.37
CA ILE D 768 -30.03 -73.14 19.32
C ILE D 768 -28.88 -74.07 19.70
N ILE D 769 -27.85 -74.15 18.86
CA ILE D 769 -26.65 -75.00 19.11
C ILE D 769 -25.45 -74.06 19.15
N PRO D 770 -25.15 -73.45 20.31
CA PRO D 770 -24.11 -72.43 20.39
C PRO D 770 -22.70 -72.96 20.64
N PHE D 771 -22.09 -73.55 19.62
CA PHE D 771 -20.81 -74.31 19.72
C PHE D 771 -19.60 -73.41 19.45
N ALA D 772 -19.81 -72.15 19.09
CA ALA D 772 -18.72 -71.19 18.83
C ALA D 772 -17.78 -71.17 20.02
N ALA D 773 -16.48 -71.14 19.76
CA ALA D 773 -15.43 -71.15 20.80
C ALA D 773 -14.08 -70.85 20.17
N ILE D 774 -13.11 -70.44 20.97
CA ILE D 774 -11.72 -70.28 20.47
C ILE D 774 -10.82 -71.03 21.42
N PRO D 775 -9.76 -71.67 20.90
CA PRO D 775 -8.88 -72.50 21.72
C PRO D 775 -8.07 -71.62 22.69
N GLU D 776 -7.88 -72.11 23.91
CA GLU D 776 -6.93 -71.51 24.85
C GLU D 776 -6.04 -72.67 25.29
N GLN D 777 -4.74 -72.61 25.02
CA GLN D 777 -3.80 -73.69 25.42
C GLN D 777 -2.53 -73.04 25.97
N GLY D 778 -1.95 -73.64 27.00
CA GLY D 778 -0.75 -73.11 27.65
C GLY D 778 -1.05 -71.87 28.43
N ILE D 779 -2.30 -71.69 28.86
CA ILE D 779 -2.73 -70.52 29.66
C ILE D 779 -3.19 -71.01 31.02
N GLU D 780 -2.31 -71.08 32.00
CA GLU D 780 -2.67 -71.41 33.39
C GLU D 780 -3.22 -70.17 34.10
N LEU D 781 -3.58 -70.32 35.36
CA LEU D 781 -4.12 -69.23 36.21
C LEU D 781 -3.37 -67.94 35.91
N GLU D 782 -2.06 -67.92 36.13
CA GLU D 782 -1.31 -66.64 36.12
C GLU D 782 -1.15 -66.08 34.70
N HIS D 783 -1.53 -66.83 33.68
CA HIS D 783 -1.44 -66.38 32.26
C HIS D 783 -2.78 -65.82 31.80
N ILE D 784 -3.86 -66.00 32.56
CA ILE D 784 -5.22 -65.62 32.11
C ILE D 784 -5.20 -64.13 31.83
N ASP D 785 -5.47 -63.72 30.60
CA ASP D 785 -5.47 -62.28 30.25
C ASP D 785 -6.53 -61.98 29.19
N SER D 786 -6.20 -61.17 28.17
CA SER D 786 -7.17 -60.62 27.20
C SER D 786 -7.85 -61.76 26.44
N LYS D 787 -7.07 -62.67 25.83
CA LYS D 787 -7.60 -63.78 24.99
C LYS D 787 -8.62 -64.56 25.81
N SER D 788 -8.26 -64.91 27.05
CA SER D 788 -9.09 -65.79 27.92
C SER D 788 -10.36 -65.05 28.31
N GLU D 789 -10.26 -63.79 28.66
CA GLU D 789 -11.43 -62.98 29.07
C GLU D 789 -12.40 -62.85 27.88
N PHE D 790 -11.84 -62.80 26.68
CA PHE D 790 -12.61 -62.68 25.42
C PHE D 790 -13.23 -64.03 25.12
N ALA D 791 -12.44 -65.08 25.22
CA ALA D 791 -12.89 -66.48 24.99
C ALA D 791 -14.08 -66.76 25.90
N HIS D 792 -13.98 -66.38 27.16
CA HIS D 792 -15.04 -66.55 28.18
C HIS D 792 -16.27 -65.76 27.76
N ARG D 793 -16.10 -64.65 27.04
CA ARG D 793 -17.26 -63.83 26.60
C ARG D 793 -18.01 -64.60 25.52
N ILE D 794 -17.28 -65.19 24.58
CA ILE D 794 -17.86 -65.98 23.47
C ILE D 794 -18.62 -67.15 24.07
N MET D 795 -18.01 -67.86 25.01
CA MET D 795 -18.37 -69.25 25.36
C MET D 795 -19.28 -69.29 26.58
N LEU D 796 -19.53 -68.15 27.24
CA LEU D 796 -20.53 -68.04 28.33
C LEU D 796 -21.37 -66.76 28.20
N THR D 797 -20.79 -65.58 28.47
CA THR D 797 -21.62 -64.38 28.70
C THR D 797 -22.46 -64.10 27.44
N ASN D 798 -21.92 -64.22 26.24
CA ASN D 798 -22.73 -63.92 25.02
C ASN D 798 -23.63 -65.11 24.63
N ILE D 799 -23.49 -66.30 25.24
CA ILE D 799 -24.48 -67.38 25.04
C ILE D 799 -25.70 -67.02 25.88
N LEU D 800 -25.48 -66.57 27.12
CA LEU D 800 -26.58 -66.08 27.98
C LEU D 800 -27.31 -64.98 27.22
N ARG D 801 -26.56 -64.04 26.65
CA ARG D 801 -27.12 -62.89 25.91
C ARG D 801 -27.97 -63.40 24.74
N MET D 802 -27.41 -64.31 23.95
CA MET D 802 -28.10 -64.92 22.78
C MET D 802 -29.41 -65.55 23.23
N MET D 803 -29.40 -66.35 24.29
CA MET D 803 -30.62 -67.01 24.83
C MET D 803 -31.63 -65.91 25.20
N GLY D 804 -31.18 -64.93 25.96
CA GLY D 804 -31.98 -63.77 26.38
C GLY D 804 -32.64 -63.08 25.20
N CYS D 805 -31.91 -62.82 24.13
CA CYS D 805 -32.48 -62.22 22.90
C CYS D 805 -33.63 -63.07 22.36
N VAL D 806 -33.44 -64.37 22.17
CA VAL D 806 -34.55 -65.13 21.52
C VAL D 806 -35.69 -65.23 22.56
N LYS D 807 -35.40 -65.22 23.84
CA LYS D 807 -36.46 -65.11 24.87
C LYS D 807 -37.28 -63.84 24.60
N LYS D 808 -36.61 -62.70 24.50
CA LYS D 808 -37.25 -61.38 24.35
C LYS D 808 -38.10 -61.36 23.08
N GLN D 809 -37.58 -61.92 21.99
CA GLN D 809 -38.25 -61.88 20.67
C GLN D 809 -39.52 -62.73 20.75
N LYS D 810 -39.45 -63.89 21.37
CA LYS D 810 -40.64 -64.78 21.48
C LYS D 810 -41.69 -64.07 22.34
N SER D 811 -41.30 -63.55 23.51
CA SER D 811 -42.25 -62.96 24.48
C SER D 811 -42.94 -61.74 23.86
N ALA D 812 -42.15 -60.88 23.21
CA ALA D 812 -42.63 -59.72 22.45
C ALA D 812 -43.79 -60.12 21.53
N ARG D 813 -43.79 -61.32 20.96
CA ARG D 813 -44.84 -61.79 20.01
C ARG D 813 -45.79 -62.78 20.69
N GLY D 814 -45.77 -62.85 22.02
CA GLY D 814 -46.64 -63.74 22.81
C GLY D 814 -46.51 -65.18 22.39
N ILE D 815 -45.27 -65.65 22.16
CA ILE D 815 -44.97 -67.06 21.79
C ILE D 815 -44.64 -67.83 23.08
N GLU D 816 -45.68 -68.39 23.71
CA GLU D 816 -45.60 -69.15 24.98
C GLU D 816 -45.51 -70.66 24.71
N THR D 817 -45.72 -71.13 23.47
CA THR D 817 -45.87 -72.59 23.21
C THR D 817 -44.99 -73.07 22.04
N ARG D 818 -43.83 -72.47 21.83
CA ARG D 818 -42.84 -72.98 20.86
C ARG D 818 -41.47 -72.70 21.43
N PRO D 819 -41.07 -73.44 22.48
CA PRO D 819 -39.77 -73.25 23.10
C PRO D 819 -38.67 -73.61 22.10
N ALA D 820 -37.55 -72.92 22.18
CA ALA D 820 -36.29 -73.25 21.48
C ALA D 820 -35.41 -74.08 22.40
N GLN D 821 -35.03 -75.26 21.94
CA GLN D 821 -34.18 -76.21 22.68
C GLN D 821 -32.73 -75.76 22.53
N VAL D 822 -32.07 -75.46 23.64
CA VAL D 822 -30.65 -75.02 23.61
C VAL D 822 -29.77 -76.22 23.91
N ILE D 823 -29.02 -76.73 22.94
CA ILE D 823 -28.04 -77.84 23.13
C ILE D 823 -26.74 -77.22 23.68
N LEU D 824 -26.63 -77.11 25.00
CA LEU D 824 -25.43 -76.54 25.68
C LEU D 824 -24.27 -77.52 25.53
N PRO D 825 -23.12 -77.08 24.98
CA PRO D 825 -21.93 -77.93 24.93
C PRO D 825 -21.15 -77.89 26.24
N MET D 826 -21.31 -78.90 27.09
CA MET D 826 -20.73 -78.93 28.45
C MET D 826 -19.52 -79.86 28.50
N SER D 827 -18.76 -79.79 29.58
CA SER D 827 -17.51 -80.55 29.75
C SER D 827 -17.63 -81.39 31.01
N PRO D 828 -17.12 -82.65 30.98
CA PRO D 828 -17.08 -83.49 32.17
C PRO D 828 -15.86 -83.17 33.03
N ASN D 829 -14.89 -82.46 32.48
CA ASN D 829 -13.60 -82.20 33.16
C ASN D 829 -13.48 -80.69 33.33
N HIS D 830 -13.46 -80.21 34.57
CA HIS D 830 -13.39 -78.74 34.90
C HIS D 830 -12.07 -78.45 35.61
N GLY D 831 -11.09 -77.98 34.84
CA GLY D 831 -9.72 -77.69 35.32
C GLY D 831 -9.02 -78.95 35.78
N THR D 832 -9.37 -80.07 35.16
CA THR D 832 -8.71 -81.38 35.34
C THR D 832 -7.30 -81.35 34.72
N PHE D 833 -7.16 -80.77 33.54
CA PHE D 833 -5.93 -80.81 32.72
C PHE D 833 -5.07 -79.57 32.96
N GLY D 834 -5.70 -78.42 33.19
CA GLY D 834 -5.02 -77.14 33.42
C GLY D 834 -4.52 -76.56 32.12
N GLY D 835 -4.19 -75.28 32.12
CA GLY D 835 -3.62 -74.60 30.94
C GLY D 835 -4.67 -74.28 29.90
N ASP D 836 -5.95 -74.40 30.24
CA ASP D 836 -7.07 -74.15 29.30
C ASP D 836 -7.61 -72.72 29.49
N GLY D 837 -6.85 -71.81 30.07
CA GLY D 837 -7.29 -70.42 30.28
C GLY D 837 -8.56 -70.39 31.09
N MET D 838 -9.66 -69.87 30.55
CA MET D 838 -10.96 -69.84 31.28
C MET D 838 -11.98 -70.76 30.61
N TYR D 839 -11.53 -71.81 29.90
CA TYR D 839 -12.39 -72.83 29.26
C TYR D 839 -13.29 -73.45 30.32
N SER D 840 -12.68 -73.95 31.39
CA SER D 840 -13.37 -74.74 32.44
C SER D 840 -14.40 -73.86 33.14
N GLU D 841 -14.09 -72.57 33.36
CA GLU D 841 -14.98 -71.62 34.03
C GLU D 841 -16.17 -71.34 33.10
N SER D 842 -15.91 -71.21 31.81
CA SER D 842 -16.95 -71.03 30.77
C SER D 842 -17.91 -72.24 30.84
N LYS D 843 -17.37 -73.44 30.76
CA LYS D 843 -18.18 -74.66 30.57
C LYS D 843 -18.92 -75.02 31.86
N LEU D 844 -18.36 -74.67 33.01
CA LEU D 844 -19.00 -75.00 34.30
C LEU D 844 -20.14 -74.01 34.52
N SER D 845 -19.91 -72.73 34.25
CA SER D 845 -20.92 -71.65 34.39
C SER D 845 -22.21 -72.05 33.68
N LEU D 846 -22.13 -72.73 32.55
CA LEU D 846 -23.33 -73.06 31.74
C LEU D 846 -24.29 -73.91 32.57
N GLU D 847 -23.78 -74.58 33.61
CA GLU D 847 -24.55 -75.54 34.42
C GLU D 847 -25.55 -74.81 35.32
N THR D 848 -25.45 -73.50 35.50
CA THR D 848 -26.49 -72.72 36.21
C THR D 848 -27.81 -72.80 35.47
N LEU D 849 -27.77 -72.91 34.14
CA LEU D 849 -29.00 -72.84 33.30
C LEU D 849 -29.93 -73.99 33.66
N PHE D 850 -29.42 -75.11 34.18
CA PHE D 850 -30.25 -76.23 34.65
C PHE D 850 -31.22 -75.74 35.73
N ASN D 851 -30.83 -74.74 36.52
CA ASN D 851 -31.64 -74.24 37.66
C ASN D 851 -32.38 -72.96 37.26
N ARG D 852 -31.76 -72.12 36.44
CA ARG D 852 -32.38 -70.83 36.04
C ARG D 852 -33.64 -71.11 35.24
N TRP D 853 -33.72 -72.25 34.55
CA TRP D 853 -34.95 -72.62 33.80
C TRP D 853 -36.15 -72.61 34.75
N HIS D 854 -35.97 -73.11 35.98
CA HIS D 854 -37.05 -73.18 37.01
C HIS D 854 -37.29 -71.81 37.64
N SER D 855 -36.23 -71.06 37.92
CA SER D 855 -36.27 -69.91 38.88
C SER D 855 -36.64 -68.59 38.18
N GLU D 856 -36.68 -68.54 36.87
CA GLU D 856 -36.85 -67.27 36.12
C GLU D 856 -37.98 -67.50 35.13
N SER D 857 -38.34 -66.47 34.40
CA SER D 857 -39.57 -66.43 33.58
C SER D 857 -39.33 -66.83 32.14
N TRP D 858 -38.38 -67.71 31.82
CA TRP D 858 -38.09 -68.00 30.37
C TRP D 858 -38.33 -69.48 30.02
N ALA D 859 -38.97 -70.27 30.88
CA ALA D 859 -39.12 -71.72 30.67
C ALA D 859 -39.97 -72.04 29.43
N ASN D 860 -40.89 -71.17 29.03
CA ASN D 860 -41.81 -71.44 27.89
C ASN D 860 -41.16 -71.04 26.56
N GLN D 861 -40.02 -70.37 26.64
CA GLN D 861 -39.35 -69.75 25.47
C GLN D 861 -38.12 -70.56 25.09
N LEU D 862 -37.35 -70.98 26.10
CA LEU D 862 -36.13 -71.83 25.94
C LEU D 862 -36.28 -73.08 26.80
N THR D 863 -35.82 -74.23 26.31
CA THR D 863 -35.58 -75.44 27.15
C THR D 863 -34.08 -75.71 27.14
N VAL D 864 -33.54 -76.27 28.22
CA VAL D 864 -32.07 -76.48 28.31
C VAL D 864 -31.81 -77.98 28.22
N CYS D 865 -30.89 -78.35 27.33
CA CYS D 865 -30.45 -79.72 27.02
C CYS D 865 -28.92 -79.73 27.06
N GLY D 866 -28.33 -80.01 28.21
CA GLY D 866 -26.86 -80.08 28.36
C GLY D 866 -26.31 -81.36 27.76
N ALA D 867 -25.41 -81.24 26.80
CA ALA D 867 -24.64 -82.38 26.26
C ALA D 867 -23.26 -82.38 26.90
N ILE D 868 -22.96 -83.37 27.74
CA ILE D 868 -21.59 -83.56 28.29
C ILE D 868 -20.77 -84.29 27.21
N ILE D 869 -20.05 -83.54 26.38
CA ILE D 869 -19.42 -84.07 25.14
C ILE D 869 -18.11 -84.75 25.49
N GLY D 870 -17.91 -85.96 25.00
CA GLY D 870 -16.78 -86.80 25.43
C GLY D 870 -15.56 -86.58 24.55
N TRP D 871 -14.59 -87.47 24.63
CA TRP D 871 -13.31 -87.39 23.90
C TRP D 871 -13.58 -87.61 22.43
N THR D 872 -13.26 -86.64 21.58
CA THR D 872 -13.74 -86.61 20.17
C THR D 872 -12.56 -86.38 19.23
N ARG D 873 -11.84 -87.45 18.87
CA ARG D 873 -10.80 -87.50 17.80
C ARG D 873 -11.14 -86.52 16.66
N GLY D 874 -10.26 -85.57 16.32
CA GLY D 874 -10.59 -84.44 15.42
C GLY D 874 -10.97 -84.89 14.01
N THR D 875 -10.26 -84.39 12.98
CA THR D 875 -10.46 -84.76 11.55
C THR D 875 -9.85 -86.14 11.23
N GLY D 876 -9.57 -86.97 12.25
CA GLY D 876 -9.02 -88.33 12.09
C GLY D 876 -7.58 -88.36 11.54
N LEU D 877 -6.85 -87.24 11.66
CA LEU D 877 -5.40 -87.08 11.32
C LEU D 877 -4.57 -87.23 12.61
N MET D 878 -3.24 -87.07 12.53
CA MET D 878 -2.33 -87.18 13.70
C MET D 878 -2.41 -85.90 14.54
N SER D 879 -3.13 -85.97 15.67
CA SER D 879 -3.21 -84.96 16.76
C SER D 879 -2.38 -85.48 17.93
N ALA D 880 -1.99 -84.61 18.88
CA ALA D 880 -1.33 -85.02 20.15
C ALA D 880 -2.36 -85.71 21.07
N ASN D 881 -3.67 -85.47 20.81
CA ASN D 881 -4.80 -86.11 21.51
C ASN D 881 -5.19 -87.42 20.83
N ASN D 882 -5.19 -87.48 19.51
CA ASN D 882 -5.57 -88.72 18.77
C ASN D 882 -4.56 -89.83 19.08
N ILE D 883 -3.27 -89.51 19.23
CA ILE D 883 -2.22 -90.58 19.29
C ILE D 883 -2.36 -91.36 20.61
N ILE D 884 -3.06 -90.79 21.60
CA ILE D 884 -3.25 -91.46 22.93
C ILE D 884 -4.67 -92.03 23.05
N ALA D 885 -5.53 -91.82 22.06
CA ALA D 885 -6.94 -92.30 22.07
C ALA D 885 -6.94 -93.82 22.17
N GLU D 886 -6.23 -94.52 21.28
CA GLU D 886 -6.17 -96.00 21.31
C GLU D 886 -5.79 -96.45 22.72
N GLY D 887 -4.85 -95.72 23.34
CA GLY D 887 -4.35 -96.00 24.70
C GLY D 887 -5.45 -95.85 25.73
N ILE D 888 -6.20 -94.75 25.66
CA ILE D 888 -7.32 -94.47 26.60
C ILE D 888 -8.34 -95.61 26.48
N GLU D 889 -8.62 -96.08 25.27
CA GLU D 889 -9.66 -97.11 25.03
C GLU D 889 -9.25 -98.45 25.64
N LYS D 890 -7.94 -98.74 25.72
CA LYS D 890 -7.44 -99.94 26.42
C LYS D 890 -7.94 -100.00 27.87
N MET D 891 -8.41 -98.89 28.44
CA MET D 891 -8.96 -98.85 29.83
C MET D 891 -10.41 -99.30 29.87
N GLY D 892 -11.04 -99.55 28.72
CA GLY D 892 -12.45 -99.99 28.66
C GLY D 892 -13.39 -98.80 28.55
N VAL D 893 -12.96 -97.81 27.78
CA VAL D 893 -13.51 -96.43 27.71
C VAL D 893 -13.67 -96.10 26.24
N ARG D 894 -14.56 -95.19 25.87
CA ARG D 894 -14.90 -94.99 24.44
C ARG D 894 -14.58 -93.55 24.02
N THR D 895 -13.74 -93.40 22.99
CA THR D 895 -13.54 -92.11 22.29
C THR D 895 -14.44 -92.12 21.07
N PHE D 896 -14.71 -90.96 20.48
CA PHE D 896 -15.76 -90.78 19.45
C PHE D 896 -15.18 -90.12 18.20
N SER D 897 -15.59 -90.61 17.03
CA SER D 897 -15.43 -89.87 15.75
C SER D 897 -16.33 -88.65 15.81
N GLN D 898 -16.14 -87.67 14.95
CA GLN D 898 -17.02 -86.49 14.95
C GLN D 898 -18.42 -86.93 14.49
N LYS D 899 -18.50 -87.85 13.53
CA LYS D 899 -19.80 -88.35 13.05
C LYS D 899 -20.54 -89.03 14.21
N GLU D 900 -19.84 -89.82 15.00
CA GLU D 900 -20.44 -90.51 16.18
C GLU D 900 -20.99 -89.44 17.12
N MET D 901 -20.22 -88.41 17.45
CA MET D 901 -20.63 -87.40 18.44
C MET D 901 -21.77 -86.56 17.88
N ALA D 902 -21.81 -86.37 16.55
CA ALA D 902 -22.85 -85.59 15.86
C ALA D 902 -24.16 -86.38 15.94
N PHE D 903 -24.07 -87.68 15.68
CA PHE D 903 -25.20 -88.62 15.83
C PHE D 903 -25.71 -88.55 17.28
N ASN D 904 -24.81 -88.63 18.24
CA ASN D 904 -25.17 -88.57 19.68
C ASN D 904 -25.99 -87.29 19.90
N LEU D 905 -25.55 -86.17 19.35
CA LEU D 905 -26.14 -84.82 19.63
C LEU D 905 -27.46 -84.70 18.88
N LEU D 906 -27.50 -85.10 17.61
CA LEU D 906 -28.73 -85.09 16.80
C LEU D 906 -29.77 -86.01 17.44
N GLY D 907 -29.31 -87.01 18.19
CA GLY D 907 -30.21 -87.86 18.99
C GLY D 907 -30.93 -87.07 20.07
N LEU D 908 -30.50 -85.87 20.41
CA LEU D 908 -31.19 -85.03 21.43
C LEU D 908 -32.26 -84.16 20.78
N LEU D 909 -32.37 -84.16 19.45
CA LEU D 909 -33.42 -83.40 18.71
C LEU D 909 -34.54 -84.35 18.24
N THR D 910 -34.49 -85.62 18.63
CA THR D 910 -35.59 -86.59 18.35
C THR D 910 -36.83 -86.08 19.09
N PRO D 911 -38.05 -86.30 18.57
CA PRO D 911 -39.26 -85.78 19.22
C PRO D 911 -39.31 -86.16 20.70
N GLU D 912 -38.89 -87.38 21.05
CA GLU D 912 -38.98 -87.94 22.42
C GLU D 912 -38.22 -87.05 23.40
N VAL D 913 -36.97 -86.68 23.09
CA VAL D 913 -36.11 -85.93 24.07
C VAL D 913 -36.39 -84.43 23.94
N VAL D 914 -36.91 -83.96 22.80
CA VAL D 914 -37.40 -82.57 22.66
C VAL D 914 -38.51 -82.35 23.70
N GLU D 915 -39.36 -83.36 23.84
CA GLU D 915 -40.54 -83.28 24.72
C GLU D 915 -40.06 -83.41 26.17
N LEU D 916 -38.96 -84.11 26.38
CA LEU D 916 -38.42 -84.40 27.71
C LEU D 916 -37.86 -83.11 28.30
N CYS D 917 -37.21 -82.32 27.44
CA CYS D 917 -36.59 -81.00 27.72
C CYS D 917 -37.65 -80.01 28.17
N GLN D 918 -38.84 -80.12 27.60
CA GLN D 918 -40.00 -79.24 27.87
C GLN D 918 -40.56 -79.56 29.25
N LYS D 919 -40.41 -80.78 29.74
CA LYS D 919 -40.90 -81.18 31.09
C LYS D 919 -39.95 -80.60 32.13
N SER D 920 -38.68 -80.94 31.99
CA SER D 920 -37.60 -80.55 32.91
C SER D 920 -36.29 -80.50 32.11
N PRO D 921 -35.27 -79.71 32.49
CA PRO D 921 -33.98 -79.73 31.80
C PRO D 921 -33.38 -81.14 31.74
N VAL D 922 -32.89 -81.51 30.56
CA VAL D 922 -32.22 -82.80 30.23
C VAL D 922 -30.71 -82.62 30.36
N MET D 923 -30.02 -83.67 30.79
CA MET D 923 -28.54 -83.72 30.87
C MET D 923 -28.08 -85.05 30.30
N ALA D 924 -27.34 -85.01 29.19
CA ALA D 924 -26.93 -86.20 28.44
C ALA D 924 -25.42 -86.39 28.63
N ASP D 925 -25.03 -87.44 29.33
CA ASP D 925 -23.62 -87.88 29.41
C ASP D 925 -23.31 -88.55 28.07
N LEU D 926 -22.43 -87.95 27.28
CA LEU D 926 -21.97 -88.46 25.95
C LEU D 926 -20.46 -88.64 26.02
N ASN D 927 -20.01 -89.09 27.18
CA ASN D 927 -18.60 -89.16 27.64
C ASN D 927 -18.30 -90.63 27.87
N GLY D 928 -17.47 -91.26 27.05
CA GLY D 928 -17.60 -92.71 26.84
C GLY D 928 -17.22 -93.55 28.07
N GLY D 929 -17.81 -93.26 29.23
CA GLY D 929 -17.38 -93.81 30.53
C GLY D 929 -16.02 -93.29 30.98
N LEU D 930 -15.52 -92.21 30.38
CA LEU D 930 -14.20 -91.59 30.73
C LEU D 930 -14.21 -91.14 32.19
N GLN D 931 -15.40 -90.84 32.75
CA GLN D 931 -15.58 -90.39 34.15
C GLN D 931 -14.92 -91.40 35.09
N PHE D 932 -14.85 -92.66 34.69
CA PHE D 932 -14.53 -93.79 35.58
C PHE D 932 -13.03 -94.08 35.62
N VAL D 933 -12.23 -93.58 34.68
CA VAL D 933 -10.76 -93.76 34.79
C VAL D 933 -10.27 -92.70 35.78
N PRO D 934 -9.56 -93.10 36.85
CA PRO D 934 -9.15 -92.18 37.90
C PRO D 934 -7.85 -91.46 37.53
N GLU D 935 -7.56 -90.35 38.20
CA GLU D 935 -6.33 -89.55 37.96
C GLU D 935 -6.20 -89.36 36.43
N LEU D 936 -7.27 -88.91 35.80
CA LEU D 936 -7.36 -88.86 34.31
C LEU D 936 -6.21 -88.03 33.75
N LYS D 937 -5.72 -87.02 34.48
CA LYS D 937 -4.64 -86.15 33.94
C LYS D 937 -3.32 -86.92 33.95
N GLU D 938 -2.88 -87.39 35.12
CA GLU D 938 -1.60 -88.14 35.28
C GLU D 938 -1.59 -89.28 34.25
N PHE D 939 -2.74 -89.92 34.01
CA PHE D 939 -2.85 -91.12 33.15
C PHE D 939 -2.65 -90.75 31.68
N THR D 940 -3.45 -89.81 31.22
CA THR D 940 -3.33 -89.12 29.91
C THR D 940 -1.87 -88.76 29.64
N ALA D 941 -1.23 -88.10 30.61
CA ALA D 941 0.14 -87.54 30.50
C ALA D 941 1.15 -88.67 30.40
N LYS D 942 0.92 -89.76 31.12
CA LYS D 942 1.80 -90.97 31.08
C LYS D 942 1.75 -91.57 29.67
N LEU D 943 0.54 -91.77 29.12
CA LEU D 943 0.34 -92.33 27.77
C LEU D 943 1.15 -91.53 26.75
N ARG D 944 1.14 -90.20 26.82
CA ARG D 944 1.85 -89.32 25.85
C ARG D 944 3.35 -89.47 26.05
N LYS D 945 3.83 -89.44 27.29
CA LYS D 945 5.28 -89.57 27.65
C LYS D 945 5.82 -90.85 27.01
N GLU D 946 5.17 -91.99 27.24
CA GLU D 946 5.63 -93.34 26.81
C GLU D 946 5.69 -93.40 25.28
N LEU D 947 4.71 -92.83 24.60
CA LEU D 947 4.68 -92.77 23.11
C LEU D 947 5.89 -91.96 22.64
N VAL D 948 6.01 -90.73 23.12
CA VAL D 948 7.08 -89.78 22.71
C VAL D 948 8.45 -90.39 23.05
N GLU D 949 8.65 -90.86 24.28
CA GLU D 949 9.90 -91.57 24.68
C GLU D 949 10.21 -92.61 23.59
N THR D 950 9.31 -93.57 23.35
CA THR D 950 9.52 -94.68 22.38
C THR D 950 9.92 -94.11 21.01
N SER D 951 9.21 -93.11 20.52
CA SER D 951 9.53 -92.42 19.24
C SER D 951 10.94 -91.81 19.30
N GLU D 952 11.21 -90.92 20.26
CA GLU D 952 12.50 -90.17 20.40
C GLU D 952 13.69 -91.13 20.43
N VAL D 953 13.69 -92.14 21.31
CA VAL D 953 14.84 -93.09 21.44
C VAL D 953 15.01 -93.83 20.11
N ARG D 954 13.94 -94.30 19.50
CA ARG D 954 14.05 -94.99 18.19
C ARG D 954 14.65 -94.06 17.13
N LYS D 955 14.20 -92.80 17.08
CA LYS D 955 14.71 -91.83 16.07
C LYS D 955 16.20 -91.59 16.31
N ALA D 956 16.62 -91.39 17.56
CA ALA D 956 18.02 -91.14 17.94
C ALA D 956 18.88 -92.36 17.61
N VAL D 957 18.51 -93.55 18.12
CA VAL D 957 19.22 -94.83 17.88
C VAL D 957 19.30 -95.08 16.36
N SER D 958 18.23 -94.79 15.63
CA SER D 958 18.20 -94.87 14.15
C SER D 958 19.34 -94.02 13.57
N ILE D 959 19.35 -92.70 13.84
CA ILE D 959 20.31 -91.70 13.28
C ILE D 959 21.76 -92.13 13.60
N GLU D 960 21.99 -92.66 14.80
CA GLU D 960 23.35 -93.02 15.27
C GLU D 960 23.83 -94.32 14.62
N THR D 961 22.96 -95.31 14.46
CA THR D 961 23.34 -96.59 13.80
C THR D 961 23.57 -96.31 12.31
N ALA D 962 22.86 -95.33 11.73
CA ALA D 962 23.08 -94.84 10.35
C ALA D 962 24.51 -94.30 10.23
N LEU D 963 24.94 -93.43 11.16
CA LEU D 963 26.26 -92.75 11.12
C LEU D 963 27.37 -93.77 11.37
N GLU D 964 27.19 -94.67 12.35
CA GLU D 964 28.15 -95.77 12.67
C GLU D 964 28.34 -96.65 11.42
N HIS D 965 27.27 -96.88 10.64
CA HIS D 965 27.34 -97.64 9.36
C HIS D 965 28.24 -96.86 8.38
N LYS D 966 27.95 -95.56 8.22
CA LYS D 966 28.62 -94.66 7.25
C LYS D 966 30.12 -94.58 7.57
N VAL D 967 30.48 -94.41 8.85
CA VAL D 967 31.89 -94.33 9.29
C VAL D 967 32.60 -95.63 8.92
N VAL D 968 31.98 -96.78 9.20
CA VAL D 968 32.60 -98.13 9.04
C VAL D 968 32.73 -98.46 7.55
N ASN D 969 31.71 -98.12 6.74
CA ASN D 969 31.54 -98.63 5.35
C ASN D 969 31.91 -97.55 4.33
N GLY D 970 31.88 -96.27 4.69
CA GLY D 970 32.27 -95.14 3.82
C GLY D 970 31.06 -94.55 3.11
N ASN D 971 31.23 -93.36 2.52
CA ASN D 971 30.18 -92.61 1.75
C ASN D 971 29.99 -93.25 0.35
N SER D 972 30.85 -94.22 -0.02
CA SER D 972 30.70 -95.16 -1.17
C SER D 972 29.45 -96.04 -0.97
N ALA D 973 29.38 -96.76 0.16
CA ALA D 973 28.34 -97.76 0.54
C ALA D 973 26.92 -97.17 0.40
N ASP D 974 26.75 -95.87 0.63
CA ASP D 974 25.45 -95.13 0.74
C ASP D 974 25.22 -94.19 -0.47
N ALA D 975 26.11 -94.22 -1.48
CA ALA D 975 25.88 -93.74 -2.88
C ALA D 975 25.32 -94.88 -3.77
N ALA D 976 25.69 -96.14 -3.49
CA ALA D 976 25.10 -97.39 -4.05
C ALA D 976 23.82 -97.81 -3.30
N TYR D 977 23.01 -96.83 -2.86
CA TYR D 977 21.80 -96.94 -1.98
C TYR D 977 20.80 -95.87 -2.47
N ALA D 978 21.20 -94.59 -2.40
CA ALA D 978 20.42 -93.39 -2.82
C ALA D 978 19.91 -93.61 -4.26
N GLN D 979 18.60 -93.79 -4.45
CA GLN D 979 17.94 -93.96 -5.77
C GLN D 979 18.08 -92.67 -6.60
N VAL D 980 17.77 -92.71 -7.89
CA VAL D 980 17.73 -91.51 -8.79
C VAL D 980 16.27 -91.19 -9.08
N GLU D 981 15.81 -90.02 -8.62
CA GLU D 981 14.41 -89.55 -8.85
C GLU D 981 14.39 -88.69 -10.10
N ILE D 982 13.27 -88.74 -10.81
CA ILE D 982 13.01 -87.99 -12.06
C ILE D 982 11.89 -87.01 -11.76
N GLN D 983 12.17 -85.72 -11.90
CA GLN D 983 11.18 -84.63 -11.73
C GLN D 983 10.59 -84.34 -13.10
N PRO D 984 9.27 -84.06 -13.19
CA PRO D 984 8.62 -83.82 -14.48
C PRO D 984 8.98 -82.46 -15.08
N ARG D 985 9.18 -82.42 -16.38
CA ARG D 985 9.18 -81.18 -17.20
C ARG D 985 7.83 -81.10 -17.87
N ALA D 986 7.36 -79.89 -18.13
CA ALA D 986 6.07 -79.64 -18.79
C ALA D 986 6.22 -80.09 -20.25
N ASN D 987 5.19 -80.69 -20.83
CA ASN D 987 5.19 -81.09 -22.26
C ASN D 987 3.84 -80.68 -22.84
N ILE D 988 3.70 -79.39 -23.13
CA ILE D 988 2.42 -78.76 -23.55
C ILE D 988 1.98 -79.40 -24.86
N GLN D 989 0.70 -79.75 -24.96
CA GLN D 989 0.15 -80.50 -26.12
C GLN D 989 -0.85 -79.64 -26.87
N LEU D 990 -1.02 -79.90 -28.17
CA LEU D 990 -2.03 -79.17 -28.98
C LEU D 990 -3.42 -79.76 -28.80
N ASP D 991 -3.56 -80.98 -28.25
CA ASP D 991 -4.85 -81.70 -28.06
C ASP D 991 -5.67 -81.65 -29.35
N PHE D 992 -5.14 -82.13 -30.46
CA PHE D 992 -5.96 -82.48 -31.65
C PHE D 992 -6.91 -83.58 -31.22
N PRO D 993 -8.11 -83.74 -31.82
CA PRO D 993 -9.05 -84.77 -31.39
C PRO D 993 -8.49 -86.16 -31.69
N GLU D 994 -8.81 -87.14 -30.85
CA GLU D 994 -8.44 -88.56 -31.04
C GLU D 994 -9.30 -89.12 -32.16
N LEU D 995 -8.66 -89.73 -33.14
CA LEU D 995 -9.35 -90.48 -34.21
C LEU D 995 -9.42 -91.95 -33.82
N LYS D 996 -10.63 -92.48 -33.60
CA LYS D 996 -10.82 -93.89 -33.24
C LYS D 996 -10.63 -94.73 -34.51
N PRO D 997 -10.40 -96.04 -34.39
CA PRO D 997 -10.36 -96.90 -35.57
C PRO D 997 -11.74 -96.96 -36.24
N TYR D 998 -11.74 -97.11 -37.56
CA TYR D 998 -12.92 -96.98 -38.43
C TYR D 998 -14.08 -97.85 -37.94
N LYS D 999 -13.81 -99.11 -37.61
CA LYS D 999 -14.82 -100.12 -37.18
C LYS D 999 -15.67 -99.51 -36.06
N GLN D 1000 -15.07 -98.67 -35.21
CA GLN D 1000 -15.65 -98.18 -33.94
C GLN D 1000 -16.41 -96.88 -34.21
N VAL D 1001 -15.90 -96.08 -35.13
CA VAL D 1001 -16.40 -94.72 -35.46
C VAL D 1001 -17.62 -94.87 -36.38
N LYS D 1002 -17.69 -95.99 -37.11
CA LYS D 1002 -18.78 -96.27 -38.07
C LYS D 1002 -20.03 -96.71 -37.30
N GLN D 1003 -19.89 -97.15 -36.04
CA GLN D 1003 -21.01 -97.58 -35.18
C GLN D 1003 -21.76 -96.35 -34.68
N ILE D 1004 -21.09 -95.20 -34.57
CA ILE D 1004 -21.64 -93.95 -33.99
C ILE D 1004 -22.77 -93.45 -34.88
N ALA D 1005 -22.50 -93.25 -36.18
CA ALA D 1005 -23.44 -92.68 -37.16
C ALA D 1005 -24.27 -93.82 -37.75
N PRO D 1006 -25.50 -93.55 -38.22
CA PRO D 1006 -26.30 -94.56 -38.92
C PRO D 1006 -25.54 -95.11 -40.13
N ALA D 1007 -25.79 -96.38 -40.46
CA ALA D 1007 -25.18 -97.08 -41.61
C ALA D 1007 -25.45 -96.29 -42.88
N GLU D 1008 -26.63 -95.66 -42.94
CA GLU D 1008 -27.20 -95.04 -44.17
C GLU D 1008 -26.46 -93.76 -44.52
N LEU D 1009 -25.80 -93.13 -43.55
CA LEU D 1009 -25.15 -91.81 -43.74
C LEU D 1009 -24.05 -91.91 -44.80
N GLU D 1010 -23.45 -93.10 -44.97
CA GLU D 1010 -22.28 -93.27 -45.88
C GLU D 1010 -22.68 -92.82 -47.28
N GLY D 1011 -22.04 -91.78 -47.81
CA GLY D 1011 -22.22 -91.31 -49.19
C GLY D 1011 -23.54 -90.60 -49.40
N LEU D 1012 -24.15 -90.12 -48.31
CA LEU D 1012 -25.48 -89.46 -48.34
C LEU D 1012 -25.31 -87.94 -48.36
N LEU D 1013 -24.29 -87.38 -47.71
CA LEU D 1013 -24.03 -85.92 -47.63
C LEU D 1013 -23.09 -85.46 -48.74
N ASP D 1014 -23.38 -84.30 -49.35
CA ASP D 1014 -22.39 -83.46 -50.06
C ASP D 1014 -21.49 -82.88 -48.97
N LEU D 1015 -20.24 -83.32 -48.92
CA LEU D 1015 -19.29 -82.96 -47.84
C LEU D 1015 -18.68 -81.59 -48.11
N GLU D 1016 -18.94 -81.00 -49.28
CA GLU D 1016 -18.55 -79.60 -49.57
C GLU D 1016 -19.53 -78.65 -48.88
N ARG D 1017 -20.66 -79.19 -48.42
CA ARG D 1017 -21.75 -78.41 -47.81
C ARG D 1017 -21.92 -78.84 -46.35
N VAL D 1018 -20.97 -79.58 -45.80
CA VAL D 1018 -20.87 -79.83 -44.33
C VAL D 1018 -19.77 -78.91 -43.82
N ILE D 1019 -20.10 -78.02 -42.90
CA ILE D 1019 -19.14 -77.02 -42.37
C ILE D 1019 -18.57 -77.54 -41.06
N VAL D 1020 -17.26 -77.43 -40.92
CA VAL D 1020 -16.49 -78.13 -39.86
C VAL D 1020 -15.51 -77.13 -39.25
N VAL D 1021 -15.40 -77.09 -37.91
CA VAL D 1021 -14.38 -76.27 -37.21
C VAL D 1021 -13.07 -77.06 -37.17
N THR D 1022 -12.03 -76.50 -37.76
CA THR D 1022 -10.74 -77.13 -38.06
C THR D 1022 -9.69 -76.65 -37.05
N GLY D 1023 -9.92 -75.52 -36.40
CA GLY D 1023 -9.02 -74.91 -35.42
C GLY D 1023 -9.69 -73.78 -34.66
N PHE D 1024 -9.23 -73.50 -33.44
CA PHE D 1024 -9.79 -72.42 -32.60
C PHE D 1024 -8.78 -71.95 -31.57
N ALA D 1025 -9.02 -70.76 -31.03
CA ALA D 1025 -8.08 -70.06 -30.14
C ALA D 1025 -8.80 -68.86 -29.52
N GLU D 1026 -8.25 -68.34 -28.44
CA GLU D 1026 -8.76 -67.14 -27.77
C GLU D 1026 -7.63 -66.44 -27.03
N VAL D 1027 -7.79 -65.15 -26.87
CA VAL D 1027 -7.02 -64.34 -25.90
C VAL D 1027 -8.05 -63.79 -24.93
N GLY D 1028 -7.92 -64.12 -23.66
CA GLY D 1028 -8.90 -63.71 -22.64
C GLY D 1028 -8.32 -63.76 -21.23
N PRO D 1029 -9.15 -63.42 -20.24
CA PRO D 1029 -8.71 -63.31 -18.86
C PRO D 1029 -8.00 -64.56 -18.32
N TRP D 1030 -8.19 -65.74 -18.92
CA TRP D 1030 -7.53 -66.96 -18.41
C TRP D 1030 -6.49 -67.47 -19.39
N GLY D 1031 -5.96 -66.58 -20.21
CA GLY D 1031 -4.89 -66.88 -21.18
C GLY D 1031 -5.48 -67.50 -22.41
N SER D 1032 -4.85 -68.57 -22.92
CA SER D 1032 -5.20 -69.25 -24.18
C SER D 1032 -6.40 -70.17 -23.96
N ALA D 1033 -6.91 -70.75 -25.02
CA ALA D 1033 -8.01 -71.75 -24.97
C ALA D 1033 -7.58 -72.97 -24.15
N ARG D 1034 -6.28 -73.27 -24.13
CA ARG D 1034 -5.69 -74.39 -23.37
C ARG D 1034 -5.86 -74.12 -21.88
N THR D 1035 -5.40 -72.96 -21.42
CA THR D 1035 -5.31 -72.58 -20.00
C THR D 1035 -6.71 -72.27 -19.49
N ARG D 1036 -7.51 -71.58 -20.30
CA ARG D 1036 -8.90 -71.27 -19.90
C ARG D 1036 -9.66 -72.57 -19.68
N TRP D 1037 -9.45 -73.57 -20.53
CA TRP D 1037 -10.21 -74.84 -20.45
C TRP D 1037 -9.83 -75.55 -19.16
N GLU D 1038 -8.54 -75.59 -18.83
CA GLU D 1038 -8.09 -76.21 -17.56
C GLU D 1038 -8.82 -75.52 -16.41
N MET D 1039 -8.91 -74.20 -16.45
CA MET D 1039 -9.50 -73.45 -15.31
C MET D 1039 -11.00 -73.69 -15.30
N GLU D 1040 -11.67 -73.68 -16.45
CA GLU D 1040 -13.14 -73.85 -16.59
C GLU D 1040 -13.51 -75.23 -16.06
N ALA D 1041 -12.79 -76.27 -16.49
CA ALA D 1041 -13.21 -77.68 -16.35
C ALA D 1041 -12.69 -78.28 -15.05
N PHE D 1042 -11.48 -77.91 -14.63
CA PHE D 1042 -10.78 -78.56 -13.50
C PHE D 1042 -10.54 -77.60 -12.35
N GLY D 1043 -10.60 -76.28 -12.55
CA GLY D 1043 -10.45 -75.28 -11.47
C GLY D 1043 -9.01 -75.13 -11.00
N GLU D 1044 -8.07 -75.79 -11.63
CA GLU D 1044 -6.62 -75.66 -11.31
C GLU D 1044 -5.81 -76.03 -12.52
N PHE D 1045 -4.56 -75.58 -12.59
CA PHE D 1045 -3.70 -75.79 -13.76
C PHE D 1045 -2.87 -77.06 -13.57
N SER D 1046 -2.64 -77.79 -14.66
CA SER D 1046 -1.58 -78.81 -14.78
C SER D 1046 -0.23 -78.11 -14.67
N LEU D 1047 0.86 -78.87 -14.71
CA LEU D 1047 2.22 -78.32 -14.93
C LEU D 1047 2.20 -77.55 -16.24
N GLU D 1048 1.59 -78.14 -17.27
CA GLU D 1048 1.58 -77.59 -18.64
C GLU D 1048 0.77 -76.29 -18.63
N GLY D 1049 -0.29 -76.22 -17.84
CA GLY D 1049 -1.11 -75.02 -17.73
C GLY D 1049 -0.34 -73.94 -17.01
N CYS D 1050 0.31 -74.32 -15.93
CA CYS D 1050 1.03 -73.39 -15.04
C CYS D 1050 2.22 -72.78 -15.78
N VAL D 1051 2.92 -73.58 -16.57
CA VAL D 1051 4.11 -73.12 -17.34
C VAL D 1051 3.62 -72.21 -18.46
N GLU D 1052 2.52 -72.53 -19.11
CA GLU D 1052 2.00 -71.66 -20.18
C GLU D 1052 1.59 -70.30 -19.59
N MET D 1053 0.92 -70.28 -18.44
CA MET D 1053 0.50 -69.01 -17.82
C MET D 1053 1.76 -68.23 -17.44
N ALA D 1054 2.72 -68.88 -16.81
CA ALA D 1054 3.99 -68.26 -16.39
C ALA D 1054 4.67 -67.62 -17.60
N TRP D 1055 4.57 -68.25 -18.75
CA TRP D 1055 5.24 -67.78 -19.99
C TRP D 1055 4.47 -66.58 -20.56
N ILE D 1056 3.15 -66.67 -20.64
CA ILE D 1056 2.23 -65.63 -21.18
C ILE D 1056 2.48 -64.32 -20.46
N MET D 1057 2.45 -64.41 -19.14
CA MET D 1057 2.49 -63.29 -18.17
C MET D 1057 3.92 -62.79 -18.01
N GLY D 1058 4.89 -63.46 -18.62
CA GLY D 1058 6.30 -63.00 -18.66
C GLY D 1058 7.05 -63.23 -17.35
N PHE D 1059 6.53 -64.06 -16.46
CA PHE D 1059 7.24 -64.48 -15.23
C PHE D 1059 8.52 -65.20 -15.61
N ILE D 1060 8.49 -66.03 -16.67
CA ILE D 1060 9.63 -66.87 -17.13
C ILE D 1060 9.86 -66.66 -18.63
N SER D 1061 11.13 -66.78 -19.04
CA SER D 1061 11.57 -66.74 -20.46
C SER D 1061 12.54 -67.89 -20.70
N TYR D 1062 12.46 -68.51 -21.88
CA TYR D 1062 13.42 -69.55 -22.31
C TYR D 1062 14.81 -68.94 -22.40
N HIS D 1063 15.82 -69.73 -22.11
CA HIS D 1063 17.25 -69.36 -22.18
C HIS D 1063 18.06 -70.54 -22.71
N ASN D 1064 19.02 -70.29 -23.59
CA ASN D 1064 19.84 -71.35 -24.22
C ASN D 1064 21.21 -70.75 -24.52
N GLY D 1065 22.18 -71.06 -23.68
CA GLY D 1065 23.54 -70.48 -23.71
C GLY D 1065 24.10 -70.50 -22.30
N ASN D 1066 25.27 -69.91 -22.08
CA ASN D 1066 25.88 -69.88 -20.72
C ASN D 1066 25.05 -68.98 -19.80
N LEU D 1067 24.89 -69.43 -18.57
CA LEU D 1067 24.33 -68.67 -17.41
C LEU D 1067 25.38 -68.74 -16.32
N LYS D 1068 26.20 -67.67 -16.23
CA LYS D 1068 27.29 -67.58 -15.23
C LYS D 1068 28.25 -68.73 -15.55
N GLY D 1069 28.81 -68.71 -16.77
CA GLY D 1069 29.94 -69.55 -17.20
C GLY D 1069 29.57 -71.01 -17.41
N ARG D 1070 28.52 -71.50 -16.72
CA ARG D 1070 27.95 -72.86 -16.90
C ARG D 1070 26.91 -72.80 -18.02
N PRO D 1071 26.76 -73.84 -18.87
CA PRO D 1071 25.77 -73.84 -19.94
C PRO D 1071 24.39 -74.23 -19.38
N TYR D 1072 23.33 -73.60 -19.89
CA TYR D 1072 21.94 -73.77 -19.37
C TYR D 1072 20.95 -73.78 -20.52
N THR D 1073 19.96 -74.66 -20.42
CA THR D 1073 18.83 -74.78 -21.35
C THR D 1073 17.53 -74.87 -20.54
N GLY D 1074 16.68 -73.86 -20.64
CA GLY D 1074 15.33 -73.96 -20.07
C GLY D 1074 14.82 -72.64 -19.52
N TRP D 1075 13.88 -72.71 -18.59
CA TRP D 1075 13.22 -71.50 -18.06
C TRP D 1075 14.20 -70.77 -17.14
N VAL D 1076 13.97 -69.47 -17.03
CA VAL D 1076 14.77 -68.50 -16.25
C VAL D 1076 13.77 -67.44 -15.79
N ASP D 1077 13.86 -66.97 -14.53
CA ASP D 1077 12.98 -65.87 -14.05
C ASP D 1077 13.30 -64.63 -14.88
N SER D 1078 12.30 -63.99 -15.47
CA SER D 1078 12.51 -62.86 -16.41
C SER D 1078 13.23 -61.69 -15.73
N LYS D 1079 12.92 -61.41 -14.45
CA LYS D 1079 13.59 -60.34 -13.69
C LYS D 1079 15.02 -60.80 -13.36
N THR D 1080 15.18 -61.75 -12.44
CA THR D 1080 16.47 -62.17 -11.84
C THR D 1080 17.37 -62.91 -12.85
N LYS D 1081 16.83 -63.53 -13.90
CA LYS D 1081 17.56 -64.41 -14.86
C LYS D 1081 18.16 -65.61 -14.13
N GLU D 1082 17.68 -65.92 -12.93
CA GLU D 1082 17.96 -67.19 -12.20
C GLU D 1082 17.26 -68.31 -12.92
N PRO D 1083 17.89 -69.48 -13.10
CA PRO D 1083 17.20 -70.63 -13.70
C PRO D 1083 15.99 -71.07 -12.87
N VAL D 1084 15.00 -71.68 -13.52
CA VAL D 1084 13.75 -72.18 -12.89
C VAL D 1084 13.39 -73.53 -13.50
N ASP D 1085 13.26 -74.56 -12.66
CA ASP D 1085 12.80 -75.91 -13.08
C ASP D 1085 11.29 -75.89 -13.23
N ASP D 1086 10.74 -76.65 -14.18
CA ASP D 1086 9.28 -76.70 -14.39
C ASP D 1086 8.61 -77.10 -13.05
N LYS D 1087 9.25 -77.98 -12.28
CA LYS D 1087 8.70 -78.51 -11.02
C LYS D 1087 8.50 -77.36 -10.01
N ASP D 1088 9.31 -76.31 -10.09
CA ASP D 1088 9.24 -75.16 -9.14
C ASP D 1088 8.32 -74.04 -9.66
N VAL D 1089 7.90 -74.07 -10.93
CA VAL D 1089 7.11 -72.96 -11.50
C VAL D 1089 5.86 -72.74 -10.65
N LYS D 1090 5.20 -73.81 -10.20
CA LYS D 1090 3.89 -73.71 -9.48
C LYS D 1090 4.12 -73.05 -8.12
N ALA D 1091 5.08 -73.52 -7.35
CA ALA D 1091 5.42 -72.97 -6.02
C ALA D 1091 5.87 -71.51 -6.17
N LYS D 1092 6.60 -71.15 -7.21
CA LYS D 1092 7.23 -69.82 -7.33
C LYS D 1092 6.20 -68.81 -7.83
N TYR D 1093 5.32 -69.18 -8.76
CA TYR D 1093 4.54 -68.19 -9.55
C TYR D 1093 3.03 -68.43 -9.51
N GLU D 1094 2.53 -69.57 -9.06
CA GLU D 1094 1.08 -69.86 -9.26
C GLU D 1094 0.23 -68.85 -8.50
N THR D 1095 0.57 -68.52 -7.26
CA THR D 1095 -0.21 -67.55 -6.44
C THR D 1095 -0.35 -66.23 -7.21
N SER D 1096 0.73 -65.73 -7.82
CA SER D 1096 0.72 -64.48 -8.60
C SER D 1096 -0.10 -64.65 -9.88
N ILE D 1097 0.03 -65.79 -10.54
CA ILE D 1097 -0.72 -66.09 -11.80
C ILE D 1097 -2.20 -65.95 -11.50
N LEU D 1098 -2.66 -66.51 -10.38
CA LEU D 1098 -4.09 -66.50 -10.03
C LEU D 1098 -4.52 -65.11 -9.55
N GLU D 1099 -3.65 -64.43 -8.82
CA GLU D 1099 -3.89 -63.06 -8.30
C GLU D 1099 -4.10 -62.11 -9.49
N HIS D 1100 -3.40 -62.35 -10.61
CA HIS D 1100 -3.38 -61.39 -11.75
C HIS D 1100 -3.93 -62.02 -13.03
N SER D 1101 -4.89 -62.91 -12.88
CA SER D 1101 -5.63 -63.53 -14.00
C SER D 1101 -7.12 -63.49 -13.68
N GLY D 1102 -7.95 -63.57 -14.71
CA GLY D 1102 -9.40 -63.72 -14.53
C GLY D 1102 -10.02 -62.43 -14.04
N ILE D 1103 -11.21 -62.54 -13.47
CA ILE D 1103 -12.00 -61.39 -12.98
C ILE D 1103 -11.34 -60.90 -11.70
N ARG D 1104 -10.93 -59.65 -11.67
CA ARG D 1104 -10.18 -59.06 -10.54
C ARG D 1104 -10.28 -57.54 -10.61
N LEU D 1105 -9.81 -56.87 -9.55
CA LEU D 1105 -9.70 -55.40 -9.51
C LEU D 1105 -8.98 -54.93 -10.79
N ILE D 1106 -9.50 -53.85 -11.36
CA ILE D 1106 -8.97 -53.21 -12.59
C ILE D 1106 -7.57 -52.69 -12.28
N GLU D 1107 -6.60 -53.10 -13.06
CA GLU D 1107 -5.20 -52.69 -12.92
C GLU D 1107 -4.98 -51.54 -13.90
N PRO D 1108 -4.69 -50.32 -13.42
CA PRO D 1108 -4.54 -49.17 -14.30
C PRO D 1108 -3.46 -49.31 -15.38
N GLU D 1109 -2.37 -50.01 -15.07
CA GLU D 1109 -1.23 -50.18 -16.02
C GLU D 1109 -1.77 -50.86 -17.27
N LEU D 1110 -2.80 -51.69 -17.15
CA LEU D 1110 -3.36 -52.42 -18.32
C LEU D 1110 -4.31 -51.56 -19.16
N PHE D 1111 -4.79 -50.42 -18.66
CA PHE D 1111 -5.77 -49.58 -19.41
C PHE D 1111 -5.33 -48.12 -19.39
N ASN D 1112 -4.03 -47.92 -19.60
CA ASN D 1112 -3.55 -46.59 -19.99
C ASN D 1112 -3.69 -45.65 -18.78
N GLY D 1113 -3.55 -46.18 -17.57
CA GLY D 1113 -3.63 -45.41 -16.31
C GLY D 1113 -5.04 -45.24 -15.79
N TYR D 1114 -6.06 -45.75 -16.48
CA TYR D 1114 -7.47 -45.69 -16.00
C TYR D 1114 -7.54 -46.16 -14.54
N ASN D 1115 -8.14 -45.33 -13.69
CA ASN D 1115 -8.39 -45.70 -12.28
C ASN D 1115 -9.84 -45.40 -11.99
N PRO D 1116 -10.73 -46.41 -11.96
CA PRO D 1116 -12.15 -46.16 -11.80
C PRO D 1116 -12.45 -45.41 -10.50
N GLU D 1117 -11.53 -45.44 -9.56
CA GLU D 1117 -11.68 -44.70 -8.28
C GLU D 1117 -11.32 -43.22 -8.47
N LYS D 1118 -10.68 -42.85 -9.56
CA LYS D 1118 -10.31 -41.44 -9.85
C LYS D 1118 -10.51 -41.18 -11.35
N LYS D 1119 -11.76 -41.12 -11.81
CA LYS D 1119 -12.10 -40.72 -13.19
C LYS D 1119 -11.75 -39.24 -13.39
N GLU D 1120 -10.92 -38.92 -14.38
CA GLU D 1120 -10.53 -37.51 -14.70
C GLU D 1120 -11.59 -36.91 -15.63
N MET D 1121 -12.26 -35.86 -15.18
CA MET D 1121 -13.16 -35.03 -16.02
C MET D 1121 -12.68 -33.59 -15.98
N ILE D 1122 -13.33 -32.71 -16.73
CA ILE D 1122 -13.02 -31.26 -16.70
C ILE D 1122 -14.34 -30.50 -16.61
N GLN D 1123 -14.37 -29.41 -15.85
CA GLN D 1123 -15.57 -28.58 -15.67
C GLN D 1123 -15.33 -27.19 -16.24
N GLU D 1124 -16.25 -26.72 -17.07
CA GLU D 1124 -16.22 -25.34 -17.60
C GLU D 1124 -16.44 -24.39 -16.44
N VAL D 1125 -15.61 -23.36 -16.27
CA VAL D 1125 -15.85 -22.26 -15.31
C VAL D 1125 -15.62 -20.94 -16.05
N ILE D 1126 -16.30 -19.87 -15.67
CA ILE D 1126 -16.05 -18.53 -16.26
C ILE D 1126 -15.06 -17.82 -15.35
N VAL D 1127 -13.93 -17.40 -15.90
CA VAL D 1127 -12.90 -16.59 -15.19
C VAL D 1127 -13.59 -15.38 -14.56
N GLU D 1128 -13.49 -15.21 -13.23
CA GLU D 1128 -14.12 -14.08 -12.47
C GLU D 1128 -13.18 -12.86 -12.47
N GLU D 1129 -11.87 -13.08 -12.63
CA GLU D 1129 -10.80 -12.04 -12.49
C GLU D 1129 -9.67 -12.30 -13.49
N ASP D 1130 -9.24 -11.29 -14.24
CA ASP D 1130 -8.06 -11.38 -15.15
C ASP D 1130 -7.04 -12.33 -14.52
N LEU D 1131 -6.50 -13.29 -15.26
CA LEU D 1131 -5.45 -14.25 -14.80
C LEU D 1131 -4.07 -13.61 -14.88
N GLU D 1132 -3.05 -14.25 -14.32
CA GLU D 1132 -1.64 -13.81 -14.48
C GLU D 1132 -1.22 -14.16 -15.90
N PRO D 1133 -0.55 -13.25 -16.65
CA PRO D 1133 0.01 -13.60 -17.95
C PRO D 1133 0.88 -14.85 -17.92
N PHE D 1134 0.97 -15.59 -19.03
CA PHE D 1134 1.93 -16.70 -19.21
C PHE D 1134 2.52 -16.67 -20.63
N GLU D 1135 3.72 -17.21 -20.79
CA GLU D 1135 4.47 -17.16 -22.07
C GLU D 1135 3.94 -18.31 -22.94
N ALA D 1136 4.02 -18.17 -24.26
CA ALA D 1136 3.62 -19.20 -25.24
C ALA D 1136 4.14 -18.80 -26.62
N SER D 1137 4.23 -19.75 -27.54
CA SER D 1137 4.71 -19.55 -28.93
C SER D 1137 3.79 -18.52 -29.59
N LYS D 1138 4.22 -17.88 -30.65
CA LYS D 1138 3.34 -17.01 -31.46
C LYS D 1138 2.17 -17.87 -31.95
N GLU D 1139 2.46 -19.03 -32.55
CA GLU D 1139 1.45 -19.95 -33.11
C GLU D 1139 0.38 -20.26 -32.04
N THR D 1140 0.77 -20.59 -30.82
CA THR D 1140 -0.18 -20.96 -29.75
C THR D 1140 -0.93 -19.72 -29.27
N ALA D 1141 -0.24 -18.59 -29.09
CA ALA D 1141 -0.88 -17.36 -28.59
C ALA D 1141 -1.99 -17.00 -29.57
N GLU D 1142 -1.73 -17.08 -30.86
CA GLU D 1142 -2.70 -16.72 -31.92
C GLU D 1142 -3.90 -17.66 -31.81
N GLN D 1143 -3.66 -18.93 -31.53
CA GLN D 1143 -4.70 -19.95 -31.32
C GLN D 1143 -5.60 -19.59 -30.14
N PHE D 1144 -5.02 -19.08 -29.04
CA PHE D 1144 -5.78 -18.65 -27.84
C PHE D 1144 -6.63 -17.44 -28.21
N LYS D 1145 -6.04 -16.51 -28.95
CA LYS D 1145 -6.71 -15.27 -29.38
C LYS D 1145 -7.89 -15.62 -30.28
N HIS D 1146 -7.66 -16.52 -31.22
CA HIS D 1146 -8.69 -17.01 -32.17
C HIS D 1146 -9.89 -17.54 -31.38
N GLN D 1147 -9.67 -18.32 -30.33
CA GLN D 1147 -10.78 -18.90 -29.55
C GLN D 1147 -11.49 -17.80 -28.76
N HIS D 1148 -10.74 -17.00 -28.00
CA HIS D 1148 -11.28 -16.17 -26.88
C HIS D 1148 -11.63 -14.75 -27.33
N GLY D 1149 -11.07 -14.29 -28.44
CA GLY D 1149 -11.32 -12.93 -28.95
C GLY D 1149 -11.05 -11.88 -27.91
N ASP D 1150 -12.02 -11.01 -27.63
CA ASP D 1150 -11.98 -9.92 -26.62
C ASP D 1150 -11.44 -10.35 -25.28
N LYS D 1151 -11.67 -11.62 -24.93
CA LYS D 1151 -11.47 -12.16 -23.56
C LYS D 1151 -10.05 -12.70 -23.38
N VAL D 1152 -9.11 -12.37 -24.27
CA VAL D 1152 -7.67 -12.67 -24.07
C VAL D 1152 -6.87 -11.61 -24.80
N ASP D 1153 -5.81 -11.08 -24.20
CA ASP D 1153 -4.83 -10.25 -24.91
C ASP D 1153 -3.57 -11.05 -25.14
N ILE D 1154 -2.98 -10.94 -26.31
CA ILE D 1154 -1.64 -11.52 -26.61
C ILE D 1154 -0.76 -10.37 -27.10
N PHE D 1155 0.51 -10.43 -26.70
CA PHE D 1155 1.49 -9.36 -26.95
C PHE D 1155 2.84 -10.00 -27.22
N GLU D 1156 3.47 -9.65 -28.34
CA GLU D 1156 4.84 -10.08 -28.66
C GLU D 1156 5.75 -9.61 -27.52
N ILE D 1157 6.62 -10.49 -27.05
CA ILE D 1157 7.73 -10.12 -26.13
C ILE D 1157 8.92 -9.77 -27.03
N PRO D 1158 9.33 -8.48 -27.08
CA PRO D 1158 10.19 -8.01 -28.16
C PRO D 1158 11.51 -8.78 -28.25
N GLU D 1159 12.09 -9.15 -27.10
CA GLU D 1159 13.43 -9.81 -26.98
C GLU D 1159 13.32 -11.26 -27.47
N THR D 1160 12.49 -12.07 -26.82
CA THR D 1160 12.38 -13.52 -27.05
C THR D 1160 11.74 -13.78 -28.41
N GLY D 1161 10.75 -12.98 -28.82
CA GLY D 1161 9.91 -13.32 -29.99
C GLY D 1161 8.74 -14.22 -29.61
N GLU D 1162 8.74 -14.81 -28.42
CA GLU D 1162 7.56 -15.45 -27.78
C GLU D 1162 6.49 -14.37 -27.46
N TYR D 1163 5.31 -14.81 -27.01
CA TYR D 1163 4.14 -13.95 -26.73
C TYR D 1163 3.68 -14.17 -25.29
N SER D 1164 3.20 -13.11 -24.64
CA SER D 1164 2.51 -13.18 -23.32
C SER D 1164 1.01 -13.35 -23.59
N VAL D 1165 0.30 -14.11 -22.75
CA VAL D 1165 -1.13 -14.50 -22.97
C VAL D 1165 -1.92 -14.17 -21.70
N LYS D 1166 -2.63 -13.05 -21.70
CA LYS D 1166 -3.41 -12.59 -20.51
C LYS D 1166 -4.86 -12.99 -20.76
N LEU D 1167 -5.29 -14.08 -20.13
CA LEU D 1167 -6.71 -14.54 -20.18
C LEU D 1167 -7.54 -13.58 -19.33
N LEU D 1168 -8.59 -12.96 -19.87
CA LEU D 1168 -9.30 -11.86 -19.18
C LEU D 1168 -10.57 -12.38 -18.52
N LYS D 1169 -11.07 -11.62 -17.57
CA LYS D 1169 -12.37 -11.86 -16.91
C LYS D 1169 -13.42 -12.07 -17.99
N GLY D 1170 -14.22 -13.13 -17.86
CA GLY D 1170 -15.28 -13.48 -18.81
C GLY D 1170 -14.89 -14.65 -19.68
N ALA D 1171 -13.59 -14.91 -19.82
CA ALA D 1171 -13.06 -16.06 -20.58
C ALA D 1171 -13.55 -17.36 -19.94
N THR D 1172 -13.60 -18.44 -20.71
CA THR D 1172 -13.94 -19.78 -20.18
C THR D 1172 -12.65 -20.60 -20.02
N LEU D 1173 -12.52 -21.29 -18.90
CA LEU D 1173 -11.45 -22.24 -18.52
C LEU D 1173 -12.09 -23.61 -18.38
N TYR D 1174 -11.26 -24.65 -18.42
CA TYR D 1174 -11.65 -26.03 -18.03
C TYR D 1174 -10.76 -26.42 -16.86
N ILE D 1175 -11.37 -26.70 -15.70
CA ILE D 1175 -10.63 -27.07 -14.47
C ILE D 1175 -10.85 -28.55 -14.23
N PRO D 1176 -9.77 -29.36 -14.32
CA PRO D 1176 -9.85 -30.78 -14.03
C PRO D 1176 -10.52 -31.07 -12.69
N LYS D 1177 -11.39 -32.09 -12.65
CA LYS D 1177 -11.99 -32.62 -11.39
C LYS D 1177 -12.08 -34.14 -11.52
N ALA D 1178 -12.47 -34.86 -10.47
CA ALA D 1178 -12.35 -36.33 -10.42
C ALA D 1178 -13.57 -36.94 -9.74
N LEU D 1179 -14.12 -37.95 -10.42
CA LEU D 1179 -15.27 -38.78 -10.02
C LEU D 1179 -14.75 -40.07 -9.37
N ARG D 1180 -15.40 -40.55 -8.32
CA ARG D 1180 -15.26 -41.96 -7.88
C ARG D 1180 -16.30 -42.78 -8.62
N PHE D 1181 -15.92 -43.81 -9.36
CA PHE D 1181 -16.85 -44.69 -10.11
C PHE D 1181 -17.01 -45.99 -9.32
N ASP D 1182 -18.05 -46.78 -9.56
CA ASP D 1182 -18.40 -47.93 -8.69
C ASP D 1182 -18.33 -49.25 -9.46
N ARG D 1183 -17.68 -49.29 -10.62
CA ARG D 1183 -17.29 -50.56 -11.30
C ARG D 1183 -15.78 -50.70 -11.21
N LEU D 1184 -15.33 -51.41 -10.19
CA LEU D 1184 -13.90 -51.49 -9.78
C LEU D 1184 -13.27 -52.77 -10.33
N VAL D 1185 -14.07 -53.65 -10.94
CA VAL D 1185 -13.65 -55.03 -11.32
C VAL D 1185 -14.01 -55.32 -12.77
N ALA D 1186 -13.16 -56.11 -13.43
CA ALA D 1186 -13.25 -56.50 -14.85
C ALA D 1186 -12.49 -57.80 -15.08
N GLY D 1187 -12.92 -58.56 -16.09
CA GLY D 1187 -12.18 -59.76 -16.53
C GLY D 1187 -11.09 -59.33 -17.46
N GLN D 1188 -9.85 -59.31 -16.98
CA GLN D 1188 -8.74 -58.67 -17.74
C GLN D 1188 -7.77 -59.77 -18.14
N ILE D 1189 -7.24 -59.66 -19.35
CA ILE D 1189 -6.17 -60.52 -19.89
C ILE D 1189 -5.06 -60.54 -18.84
N PRO D 1190 -4.41 -61.70 -18.58
CA PRO D 1190 -3.50 -61.81 -17.44
C PRO D 1190 -2.41 -60.73 -17.49
N THR D 1191 -2.13 -60.13 -16.35
CA THR D 1191 -1.09 -59.09 -16.20
C THR D 1191 0.23 -59.65 -16.71
N GLY D 1192 0.89 -58.97 -17.63
CA GLY D 1192 2.18 -59.36 -18.20
C GLY D 1192 2.05 -59.74 -19.65
N TRP D 1193 0.82 -59.98 -20.10
CA TRP D 1193 0.53 -60.37 -21.50
C TRP D 1193 1.17 -59.33 -22.39
N ASN D 1194 1.91 -59.75 -23.41
CA ASN D 1194 2.63 -58.82 -24.30
C ASN D 1194 2.69 -59.40 -25.72
N ALA D 1195 2.12 -58.71 -26.69
CA ALA D 1195 2.13 -59.13 -28.11
C ALA D 1195 3.56 -59.49 -28.52
N LYS D 1196 4.55 -58.87 -27.89
CA LYS D 1196 5.97 -59.12 -28.20
C LYS D 1196 6.30 -60.58 -27.91
N THR D 1197 5.74 -61.17 -26.86
CA THR D 1197 6.18 -62.53 -26.45
C THR D 1197 5.58 -63.53 -27.46
N TYR D 1198 4.54 -63.14 -28.19
CA TYR D 1198 3.90 -63.96 -29.25
C TYR D 1198 4.61 -63.75 -30.60
N GLY D 1199 5.50 -62.77 -30.68
CA GLY D 1199 6.36 -62.55 -31.86
C GLY D 1199 6.02 -61.29 -32.66
N ILE D 1200 5.03 -60.53 -32.23
CA ILE D 1200 4.55 -59.33 -32.97
C ILE D 1200 5.56 -58.20 -32.77
N SER D 1201 5.94 -57.54 -33.85
CA SER D 1201 6.98 -56.47 -33.89
C SER D 1201 6.51 -55.26 -33.09
N ASP D 1202 7.46 -54.42 -32.67
CA ASP D 1202 7.18 -53.13 -31.99
C ASP D 1202 6.42 -52.20 -32.94
N ASP D 1203 6.76 -52.24 -34.23
CA ASP D 1203 6.16 -51.38 -35.26
C ASP D 1203 4.68 -51.72 -35.39
N ILE D 1204 4.29 -52.98 -35.29
CA ILE D 1204 2.85 -53.35 -35.39
C ILE D 1204 2.17 -52.87 -34.12
N ILE D 1205 2.81 -53.04 -32.97
CA ILE D 1205 2.19 -52.75 -31.65
C ILE D 1205 1.87 -51.26 -31.55
N SER D 1206 2.73 -50.40 -32.07
CA SER D 1206 2.54 -48.94 -31.96
C SER D 1206 1.59 -48.41 -33.05
N GLN D 1207 1.35 -49.18 -34.11
CA GLN D 1207 0.46 -48.73 -35.23
C GLN D 1207 -1.01 -48.98 -34.88
N VAL D 1208 -1.26 -50.06 -34.17
CA VAL D 1208 -2.53 -50.85 -34.23
C VAL D 1208 -3.25 -50.69 -32.88
N ASP D 1209 -4.59 -50.69 -32.84
CA ASP D 1209 -5.36 -50.72 -31.56
C ASP D 1209 -5.06 -52.02 -30.84
N PRO D 1210 -4.97 -52.06 -29.49
CA PRO D 1210 -4.75 -53.32 -28.77
C PRO D 1210 -5.64 -54.48 -29.22
N ILE D 1211 -6.89 -54.20 -29.57
CA ILE D 1211 -7.85 -55.24 -30.00
C ILE D 1211 -7.22 -56.02 -31.17
N THR D 1212 -6.56 -55.32 -32.10
CA THR D 1212 -5.93 -55.95 -33.28
C THR D 1212 -4.83 -56.93 -32.82
N LEU D 1213 -4.10 -56.63 -31.74
CA LEU D 1213 -3.07 -57.55 -31.21
C LEU D 1213 -3.75 -58.85 -30.72
N PHE D 1214 -4.88 -58.75 -30.01
CA PHE D 1214 -5.61 -59.92 -29.50
C PHE D 1214 -6.08 -60.79 -30.67
N VAL D 1215 -6.49 -60.15 -31.77
CA VAL D 1215 -6.98 -60.89 -32.97
C VAL D 1215 -5.80 -61.55 -33.69
N LEU D 1216 -4.69 -60.84 -33.88
CA LEU D 1216 -3.51 -61.42 -34.58
C LEU D 1216 -3.07 -62.66 -33.82
N VAL D 1217 -2.97 -62.59 -32.49
CA VAL D 1217 -2.49 -63.74 -31.66
C VAL D 1217 -3.52 -64.85 -31.76
N SER D 1218 -4.80 -64.54 -31.67
CA SER D 1218 -5.90 -65.54 -31.76
C SER D 1218 -5.90 -66.23 -33.12
N VAL D 1219 -5.77 -65.49 -34.20
CA VAL D 1219 -5.75 -66.08 -35.58
C VAL D 1219 -4.54 -67.00 -35.67
N VAL D 1220 -3.36 -66.54 -35.27
CA VAL D 1220 -2.13 -67.38 -35.33
C VAL D 1220 -2.38 -68.69 -34.57
N GLU D 1221 -2.79 -68.59 -33.31
CA GLU D 1221 -2.99 -69.77 -32.43
C GLU D 1221 -4.05 -70.69 -33.03
N ALA D 1222 -5.06 -70.16 -33.72
CA ALA D 1222 -6.17 -70.93 -34.32
C ALA D 1222 -5.68 -71.72 -35.53
N PHE D 1223 -4.83 -71.13 -36.38
CA PHE D 1223 -4.19 -71.84 -37.51
C PHE D 1223 -3.33 -72.99 -36.95
N ILE D 1224 -2.59 -72.77 -35.87
CA ILE D 1224 -1.71 -73.80 -35.25
C ILE D 1224 -2.60 -74.93 -34.74
N ALA D 1225 -3.76 -74.61 -34.18
CA ALA D 1225 -4.73 -75.60 -33.64
C ALA D 1225 -5.30 -76.43 -34.78
N SER D 1226 -5.21 -75.92 -36.00
CA SER D 1226 -5.66 -76.58 -37.24
C SER D 1226 -4.45 -77.18 -37.95
N GLY D 1227 -3.29 -77.13 -37.31
CA GLY D 1227 -2.05 -77.71 -37.84
C GLY D 1227 -1.58 -77.03 -39.10
N ILE D 1228 -2.07 -75.82 -39.36
CA ILE D 1228 -1.63 -74.95 -40.48
C ILE D 1228 -0.61 -73.94 -39.93
N THR D 1229 0.65 -74.25 -40.18
CA THR D 1229 1.87 -73.55 -39.71
C THR D 1229 2.15 -72.33 -40.58
N ASP D 1230 1.82 -72.43 -41.87
CA ASP D 1230 2.04 -71.39 -42.91
C ASP D 1230 0.74 -71.18 -43.67
N PRO D 1231 0.05 -70.04 -43.47
CA PRO D 1231 -1.26 -69.82 -44.09
C PRO D 1231 -1.26 -70.13 -45.60
N TYR D 1232 -0.16 -69.80 -46.29
CA TYR D 1232 -0.01 -69.99 -47.76
C TYR D 1232 -0.20 -71.46 -48.14
N GLU D 1233 -0.12 -72.39 -47.19
CA GLU D 1233 -0.43 -73.82 -47.47
C GLU D 1233 -1.87 -73.92 -47.99
N MET D 1234 -2.80 -73.10 -47.51
CA MET D 1234 -4.20 -73.16 -47.97
C MET D 1234 -4.20 -73.05 -49.51
N TYR D 1235 -3.29 -72.26 -50.09
CA TYR D 1235 -3.33 -71.95 -51.55
C TYR D 1235 -2.74 -73.11 -52.36
N LYS D 1236 -2.39 -74.21 -51.72
CA LYS D 1236 -2.07 -75.48 -52.41
C LYS D 1236 -3.38 -76.19 -52.77
N TYR D 1237 -4.41 -75.99 -51.97
CA TYR D 1237 -5.70 -76.71 -52.05
C TYR D 1237 -6.79 -75.81 -52.62
N VAL D 1238 -6.60 -74.50 -52.65
CA VAL D 1238 -7.73 -73.55 -52.78
C VAL D 1238 -7.31 -72.29 -53.54
N HIS D 1239 -8.25 -71.68 -54.25
CA HIS D 1239 -7.98 -70.40 -54.96
C HIS D 1239 -7.83 -69.30 -53.92
N VAL D 1240 -6.90 -68.41 -54.19
CA VAL D 1240 -6.66 -67.15 -53.45
C VAL D 1240 -8.00 -66.41 -53.20
N SER D 1241 -9.01 -66.60 -54.04
CA SER D 1241 -10.33 -65.93 -53.90
C SER D 1241 -11.27 -66.65 -52.93
N GLU D 1242 -10.87 -67.75 -52.30
CA GLU D 1242 -11.84 -68.64 -51.62
C GLU D 1242 -11.42 -68.90 -50.17
N VAL D 1243 -10.55 -68.07 -49.62
CA VAL D 1243 -10.26 -68.01 -48.15
C VAL D 1243 -10.79 -66.67 -47.64
N GLY D 1244 -11.69 -66.70 -46.68
CA GLY D 1244 -12.43 -65.48 -46.25
C GLY D 1244 -12.22 -65.16 -44.78
N ASN D 1245 -12.65 -63.98 -44.36
CA ASN D 1245 -12.61 -63.54 -42.94
C ASN D 1245 -13.97 -62.92 -42.63
N CYS D 1246 -14.78 -63.59 -41.82
CA CYS D 1246 -16.13 -63.13 -41.42
C CYS D 1246 -16.18 -62.87 -39.91
N SER D 1247 -15.01 -62.62 -39.31
CA SER D 1247 -14.90 -62.23 -37.88
C SER D 1247 -15.32 -60.76 -37.78
N GLY D 1248 -15.80 -60.37 -36.60
CA GLY D 1248 -16.31 -59.01 -36.32
C GLY D 1248 -16.11 -58.55 -34.88
N SER D 1249 -16.76 -57.46 -34.53
CA SER D 1249 -16.59 -56.76 -33.23
C SER D 1249 -17.85 -55.95 -32.92
N GLY D 1250 -18.08 -55.68 -31.64
CA GLY D 1250 -19.19 -54.81 -31.20
C GLY D 1250 -18.88 -53.33 -31.36
N MET D 1251 -17.70 -52.88 -30.89
CA MET D 1251 -17.28 -51.45 -30.86
C MET D 1251 -15.92 -51.25 -31.54
N GLY D 1252 -15.16 -52.32 -31.77
CA GLY D 1252 -13.87 -52.24 -32.47
C GLY D 1252 -12.80 -51.57 -31.64
N GLY D 1253 -11.95 -50.81 -32.30
CA GLY D 1253 -10.72 -50.22 -31.72
C GLY D 1253 -11.05 -49.00 -30.89
N VAL D 1254 -11.51 -49.21 -29.67
CA VAL D 1254 -12.05 -48.12 -28.82
C VAL D 1254 -10.93 -47.22 -28.31
N SER D 1255 -9.69 -47.67 -28.32
CA SER D 1255 -8.53 -46.85 -27.84
C SER D 1255 -8.25 -45.82 -28.92
N ALA D 1256 -8.39 -46.21 -30.19
CA ALA D 1256 -8.28 -45.29 -31.34
C ALA D 1256 -9.42 -44.28 -31.30
N LEU D 1257 -10.63 -44.72 -30.94
CA LEU D 1257 -11.79 -43.82 -30.83
C LEU D 1257 -11.45 -42.73 -29.81
N ARG D 1258 -10.88 -43.11 -28.67
CA ARG D 1258 -10.49 -42.12 -27.66
C ARG D 1258 -9.44 -41.18 -28.25
N GLY D 1259 -8.47 -41.67 -29.00
CA GLY D 1259 -7.45 -40.80 -29.60
C GLY D 1259 -8.08 -39.74 -30.48
N MET D 1260 -9.10 -40.13 -31.24
CA MET D 1260 -9.84 -39.28 -32.19
C MET D 1260 -10.61 -38.19 -31.46
N PHE D 1261 -11.38 -38.59 -30.43
CA PHE D 1261 -12.47 -37.78 -29.83
C PHE D 1261 -11.98 -37.02 -28.60
N LYS D 1262 -11.02 -37.56 -27.85
CA LYS D 1262 -10.55 -36.99 -26.57
C LYS D 1262 -9.11 -36.53 -26.71
N ASP D 1263 -8.16 -37.41 -27.00
CA ASP D 1263 -6.72 -37.03 -27.08
C ASP D 1263 -6.55 -35.88 -28.08
N ARG D 1264 -7.18 -35.92 -29.24
CA ARG D 1264 -7.06 -34.83 -30.24
C ARG D 1264 -7.54 -33.51 -29.65
N PHE D 1265 -8.69 -33.54 -28.98
CA PHE D 1265 -9.36 -32.38 -28.35
C PHE D 1265 -8.39 -31.70 -27.39
N LYS D 1266 -7.55 -32.47 -26.71
CA LYS D 1266 -6.54 -31.98 -25.73
C LYS D 1266 -5.25 -31.63 -26.45
N ASP D 1267 -5.23 -31.72 -27.76
CA ASP D 1267 -4.03 -31.43 -28.59
C ASP D 1267 -2.87 -32.31 -28.16
N GLU D 1268 -3.17 -33.48 -27.60
CA GLU D 1268 -2.16 -34.54 -27.34
C GLU D 1268 -1.77 -35.17 -28.67
N PRO D 1269 -0.50 -35.57 -28.84
CA PRO D 1269 -0.03 -36.06 -30.13
C PRO D 1269 -0.66 -37.45 -30.37
N VAL D 1270 -1.17 -37.68 -31.57
CA VAL D 1270 -1.95 -38.90 -31.95
C VAL D 1270 -1.66 -39.20 -33.42
N GLN D 1271 -1.31 -40.44 -33.76
CA GLN D 1271 -1.00 -40.84 -35.17
C GLN D 1271 -2.04 -40.23 -36.10
N ASN D 1272 -1.63 -39.77 -37.28
CA ASN D 1272 -2.55 -39.15 -38.27
C ASN D 1272 -3.48 -40.20 -38.90
N ASP D 1273 -3.12 -41.47 -38.86
CA ASP D 1273 -3.98 -42.55 -39.38
C ASP D 1273 -4.79 -43.18 -38.25
N ILE D 1274 -4.99 -42.51 -37.13
CA ILE D 1274 -5.70 -43.12 -35.96
C ILE D 1274 -7.09 -43.58 -36.39
N LEU D 1275 -7.76 -42.87 -37.28
CA LEU D 1275 -9.16 -43.23 -37.68
C LEU D 1275 -9.21 -44.66 -38.23
N GLN D 1276 -8.26 -45.01 -39.11
CA GLN D 1276 -8.17 -46.33 -39.78
C GLN D 1276 -8.16 -47.39 -38.68
N GLU D 1277 -7.52 -47.15 -37.53
CA GLU D 1277 -7.29 -48.20 -36.53
C GLU D 1277 -8.52 -48.45 -35.67
N SER D 1278 -9.52 -47.59 -35.76
CA SER D 1278 -10.74 -47.64 -34.91
C SER D 1278 -11.78 -48.56 -35.52
N PHE D 1279 -11.78 -48.64 -36.86
CA PHE D 1279 -12.84 -49.32 -37.64
C PHE D 1279 -12.88 -50.78 -37.24
N ILE D 1280 -14.09 -51.33 -37.15
CA ILE D 1280 -14.31 -52.75 -36.79
C ILE D 1280 -13.65 -53.66 -37.83
N ASN D 1281 -13.54 -53.20 -39.06
CA ASN D 1281 -13.14 -54.07 -40.19
C ASN D 1281 -11.61 -54.04 -40.43
N THR D 1282 -10.82 -53.36 -39.57
CA THR D 1282 -9.37 -53.23 -39.83
C THR D 1282 -8.58 -54.25 -39.02
N MET D 1283 -9.14 -54.81 -37.96
CA MET D 1283 -8.53 -56.01 -37.35
C MET D 1283 -8.40 -57.06 -38.46
N SER D 1284 -9.50 -57.37 -39.16
CA SER D 1284 -9.48 -58.37 -40.27
C SER D 1284 -8.53 -57.91 -41.37
N ALA D 1285 -8.37 -56.60 -41.57
CA ALA D 1285 -7.49 -56.06 -42.63
C ALA D 1285 -6.03 -56.41 -42.30
N TRP D 1286 -5.60 -56.14 -41.07
CA TRP D 1286 -4.23 -56.41 -40.60
C TRP D 1286 -3.97 -57.91 -40.67
N VAL D 1287 -4.92 -58.73 -40.25
CA VAL D 1287 -4.80 -60.22 -40.36
C VAL D 1287 -4.48 -60.55 -41.82
N ASN D 1288 -5.22 -60.01 -42.78
CA ASN D 1288 -4.97 -60.33 -44.21
C ASN D 1288 -3.65 -59.74 -44.66
N MET D 1289 -3.26 -58.57 -44.16
CA MET D 1289 -2.09 -57.81 -44.67
C MET D 1289 -0.79 -58.31 -44.04
N LEU D 1290 -0.87 -59.07 -42.95
CA LEU D 1290 0.31 -59.57 -42.21
C LEU D 1290 0.47 -61.10 -42.33
N LEU D 1291 -0.61 -61.88 -42.56
CA LEU D 1291 -0.57 -63.37 -42.50
C LEU D 1291 -1.17 -64.04 -43.72
N ILE D 1292 -2.41 -63.70 -44.08
CA ILE D 1292 -3.26 -64.56 -44.95
C ILE D 1292 -3.04 -64.23 -46.43
N SER D 1293 -3.13 -62.98 -46.86
CA SER D 1293 -2.90 -62.56 -48.27
C SER D 1293 -4.00 -63.13 -49.19
N SER D 1294 -5.17 -63.48 -48.62
CA SER D 1294 -6.34 -63.91 -49.42
C SER D 1294 -6.92 -62.71 -50.18
N SER D 1295 -7.54 -63.00 -51.31
CA SER D 1295 -8.38 -62.07 -52.09
C SER D 1295 -9.81 -62.63 -52.05
N GLY D 1296 -10.16 -63.22 -50.91
CA GLY D 1296 -11.45 -63.91 -50.71
C GLY D 1296 -12.48 -63.02 -50.02
N PRO D 1297 -13.62 -63.55 -49.55
CA PRO D 1297 -14.63 -62.74 -48.88
C PRO D 1297 -14.09 -62.00 -47.66
N ILE D 1298 -14.77 -60.91 -47.32
CA ILE D 1298 -14.46 -60.01 -46.17
C ILE D 1298 -15.77 -59.34 -45.79
N LYS D 1299 -16.53 -60.01 -44.93
CA LYS D 1299 -17.88 -59.61 -44.48
C LYS D 1299 -17.79 -59.52 -42.97
N THR D 1300 -17.82 -58.32 -42.41
CA THR D 1300 -17.44 -58.04 -41.00
C THR D 1300 -18.67 -57.66 -40.21
N PRO D 1301 -19.21 -58.57 -39.38
CA PRO D 1301 -20.42 -58.28 -38.62
C PRO D 1301 -20.19 -57.39 -37.40
N VAL D 1302 -21.14 -56.47 -37.15
CA VAL D 1302 -21.36 -55.82 -35.84
C VAL D 1302 -22.59 -56.45 -35.22
N GLY D 1303 -22.44 -57.15 -34.12
CA GLY D 1303 -23.52 -57.94 -33.50
C GLY D 1303 -23.64 -57.71 -32.01
N ALA D 1304 -23.10 -56.61 -31.50
CA ALA D 1304 -22.95 -56.37 -30.05
C ALA D 1304 -22.54 -57.69 -29.39
N CYS D 1305 -23.20 -58.13 -28.32
CA CYS D 1305 -22.79 -59.29 -27.49
C CYS D 1305 -22.92 -60.60 -28.30
N ALA D 1306 -23.58 -60.55 -29.46
CA ALA D 1306 -23.84 -61.75 -30.30
C ALA D 1306 -22.98 -61.77 -31.58
N THR D 1307 -21.92 -60.97 -31.69
CA THR D 1307 -21.25 -60.83 -33.02
C THR D 1307 -20.58 -62.16 -33.36
N SER D 1308 -20.09 -62.91 -32.38
CA SER D 1308 -19.38 -64.19 -32.63
C SER D 1308 -20.29 -65.21 -33.31
N VAL D 1309 -21.58 -65.24 -32.96
CA VAL D 1309 -22.52 -66.25 -33.52
C VAL D 1309 -22.99 -65.75 -34.89
N GLU D 1310 -23.26 -64.47 -34.99
CA GLU D 1310 -23.50 -63.80 -36.29
C GLU D 1310 -22.33 -64.12 -37.23
N SER D 1311 -21.10 -64.10 -36.73
CA SER D 1311 -19.88 -64.34 -37.56
C SER D 1311 -19.95 -65.75 -38.14
N VAL D 1312 -20.16 -66.76 -37.28
CA VAL D 1312 -20.28 -68.18 -37.69
C VAL D 1312 -21.34 -68.29 -38.78
N ASP D 1313 -22.49 -67.66 -38.57
CA ASP D 1313 -23.65 -67.72 -39.51
C ASP D 1313 -23.19 -67.21 -40.88
N ILE D 1314 -22.66 -65.99 -40.94
CA ILE D 1314 -22.14 -65.36 -42.18
C ILE D 1314 -21.06 -66.29 -42.79
N GLY D 1315 -20.15 -66.81 -41.95
CA GLY D 1315 -19.07 -67.70 -42.41
C GLY D 1315 -19.63 -68.94 -43.09
N VAL D 1316 -20.54 -69.64 -42.42
CA VAL D 1316 -21.20 -70.85 -42.96
C VAL D 1316 -21.82 -70.51 -44.33
N GLU D 1317 -22.70 -69.51 -44.37
CA GLU D 1317 -23.43 -69.13 -45.61
C GLU D 1317 -22.44 -68.75 -46.71
N THR D 1318 -21.30 -68.17 -46.36
CA THR D 1318 -20.27 -67.67 -47.32
C THR D 1318 -19.60 -68.88 -47.97
N ILE D 1319 -19.44 -69.98 -47.25
CA ILE D 1319 -18.86 -71.24 -47.81
C ILE D 1319 -19.94 -71.96 -48.62
N LEU D 1320 -21.13 -72.10 -48.05
CA LEU D 1320 -22.24 -72.80 -48.72
C LEU D 1320 -22.64 -72.05 -50.01
N SER D 1321 -22.26 -70.81 -50.19
CA SER D 1321 -22.59 -70.07 -51.43
C SER D 1321 -21.54 -70.35 -52.51
N GLY D 1322 -20.38 -70.84 -52.12
CA GLY D 1322 -19.29 -71.15 -53.05
C GLY D 1322 -18.29 -70.03 -53.14
N LYS D 1323 -18.53 -68.92 -52.43
CA LYS D 1323 -17.64 -67.75 -52.40
C LYS D 1323 -16.34 -68.03 -51.62
N ALA D 1324 -16.31 -69.10 -50.83
CA ALA D 1324 -15.16 -69.46 -49.96
C ALA D 1324 -15.25 -70.93 -49.55
N ARG D 1325 -14.10 -71.57 -49.37
CA ARG D 1325 -14.00 -72.98 -48.91
C ARG D 1325 -13.44 -72.98 -47.50
N ILE D 1326 -12.62 -71.99 -47.16
CA ILE D 1326 -12.11 -71.76 -45.78
C ILE D 1326 -12.49 -70.36 -45.34
N CYS D 1327 -12.80 -70.20 -44.08
CA CYS D 1327 -13.24 -68.92 -43.50
C CYS D 1327 -12.75 -68.75 -42.07
N ILE D 1328 -12.03 -67.67 -41.81
CA ILE D 1328 -11.75 -67.20 -40.43
C ILE D 1328 -13.05 -66.61 -39.90
N VAL D 1329 -13.32 -66.76 -38.61
CA VAL D 1329 -14.66 -66.54 -38.02
C VAL D 1329 -14.47 -66.29 -36.52
N GLY D 1330 -15.33 -65.47 -35.92
CA GLY D 1330 -15.23 -65.18 -34.47
C GLY D 1330 -15.47 -63.71 -34.15
N GLY D 1331 -15.09 -63.29 -32.95
CA GLY D 1331 -15.42 -61.96 -32.41
C GLY D 1331 -14.34 -61.46 -31.47
N TYR D 1332 -14.31 -60.15 -31.24
CA TYR D 1332 -13.29 -59.50 -30.41
C TYR D 1332 -13.82 -58.16 -29.91
N ASP D 1333 -13.41 -57.77 -28.71
CA ASP D 1333 -13.75 -56.47 -28.10
C ASP D 1333 -12.84 -56.22 -26.92
N ASP D 1334 -12.39 -54.99 -26.74
CA ASP D 1334 -11.52 -54.55 -25.62
C ASP D 1334 -12.41 -54.05 -24.49
N PHE D 1335 -11.79 -53.73 -23.36
CA PHE D 1335 -12.38 -53.01 -22.20
C PHE D 1335 -11.62 -51.68 -22.09
N GLN D 1336 -12.30 -50.56 -21.91
CA GLN D 1336 -11.65 -49.23 -21.70
C GLN D 1336 -12.56 -48.36 -20.83
N GLU D 1337 -12.02 -47.26 -20.31
CA GLU D 1337 -12.69 -46.38 -19.32
C GLU D 1337 -14.12 -46.06 -19.76
N GLU D 1338 -14.26 -45.61 -21.00
CA GLU D 1338 -15.49 -44.93 -21.50
C GLU D 1338 -16.61 -45.97 -21.58
N GLY D 1339 -16.39 -47.05 -22.29
CA GLY D 1339 -17.29 -48.22 -22.31
C GLY D 1339 -17.75 -48.64 -20.92
N SER D 1340 -16.83 -48.75 -19.96
CA SER D 1340 -17.14 -49.31 -18.62
C SER D 1340 -18.18 -48.42 -17.95
N PHE D 1341 -17.97 -47.12 -18.13
CA PHE D 1341 -18.75 -46.03 -17.51
C PHE D 1341 -20.16 -46.07 -18.07
N GLU D 1342 -20.27 -46.27 -19.38
CA GLU D 1342 -21.55 -46.22 -20.09
C GLU D 1342 -22.38 -47.46 -19.77
N PHE D 1343 -21.75 -48.62 -19.73
CA PHE D 1343 -22.45 -49.85 -19.29
C PHE D 1343 -22.96 -49.63 -17.86
N GLY D 1344 -22.18 -48.93 -17.03
CA GLY D 1344 -22.61 -48.54 -15.68
C GLY D 1344 -23.79 -47.61 -15.73
N ASN D 1345 -23.77 -46.59 -16.57
CA ASN D 1345 -24.87 -45.60 -16.66
C ASN D 1345 -26.15 -46.31 -17.11
N MET D 1346 -26.02 -47.42 -17.85
CA MET D 1346 -27.19 -48.22 -18.30
C MET D 1346 -27.56 -49.27 -17.23
N LYS D 1347 -26.80 -49.33 -16.15
CA LYS D 1347 -27.00 -50.33 -15.06
C LYS D 1347 -26.97 -51.77 -15.61
N ALA D 1348 -26.17 -52.07 -16.62
CA ALA D 1348 -26.05 -53.42 -17.19
C ALA D 1348 -25.00 -54.24 -16.41
N THR D 1349 -23.97 -53.55 -15.92
CA THR D 1349 -22.82 -54.15 -15.21
C THR D 1349 -23.13 -54.20 -13.73
N SER D 1350 -22.61 -55.19 -13.01
CA SER D 1350 -22.65 -55.28 -11.53
C SER D 1350 -21.97 -54.03 -10.97
N ASN D 1351 -22.62 -53.43 -9.99
CA ASN D 1351 -22.10 -52.34 -9.14
C ASN D 1351 -21.20 -52.94 -8.07
N THR D 1352 -19.89 -52.73 -8.17
CA THR D 1352 -18.87 -53.40 -7.35
C THR D 1352 -19.01 -53.01 -5.88
N LEU D 1353 -19.52 -51.82 -5.58
CA LEU D 1353 -19.69 -51.35 -4.18
C LEU D 1353 -20.87 -52.08 -3.54
N GLU D 1354 -21.95 -52.28 -4.28
CA GLU D 1354 -23.08 -53.15 -3.86
C GLU D 1354 -22.54 -54.55 -3.61
N GLU D 1355 -21.77 -55.12 -4.53
CA GLU D 1355 -21.25 -56.50 -4.38
C GLU D 1355 -20.48 -56.60 -3.06
N PHE D 1356 -19.60 -55.64 -2.79
CA PHE D 1356 -18.77 -55.62 -1.56
C PHE D 1356 -19.70 -55.57 -0.34
N GLU D 1357 -20.77 -54.81 -0.40
CA GLU D 1357 -21.72 -54.68 0.73
C GLU D 1357 -22.32 -56.05 1.04
N HIS D 1358 -22.46 -56.88 0.00
CA HIS D 1358 -23.04 -58.25 0.05
C HIS D 1358 -21.94 -59.26 0.34
N GLY D 1359 -20.71 -58.80 0.57
CA GLY D 1359 -19.60 -59.68 0.96
C GLY D 1359 -19.13 -60.54 -0.19
N ARG D 1360 -19.30 -60.07 -1.42
CA ARG D 1360 -18.86 -60.83 -2.62
C ARG D 1360 -17.43 -60.45 -2.97
N THR D 1361 -16.57 -61.44 -3.21
CA THR D 1361 -15.23 -61.22 -3.83
C THR D 1361 -15.36 -61.14 -5.34
N PRO D 1362 -14.40 -60.55 -6.06
CA PRO D 1362 -14.46 -60.49 -7.52
C PRO D 1362 -14.68 -61.86 -8.17
N ALA D 1363 -14.06 -62.92 -7.66
CA ALA D 1363 -14.20 -64.30 -8.19
C ALA D 1363 -15.69 -64.59 -8.39
N GLU D 1364 -16.51 -64.26 -7.38
CA GLU D 1364 -17.95 -64.63 -7.33
C GLU D 1364 -18.88 -63.48 -7.78
N MET D 1365 -18.43 -62.51 -8.57
CA MET D 1365 -19.28 -61.35 -8.96
C MET D 1365 -20.03 -61.65 -10.27
N SER D 1366 -19.50 -62.59 -11.08
CA SER D 1366 -20.22 -63.18 -12.24
C SER D 1366 -20.82 -64.50 -11.80
N ARG D 1367 -22.12 -64.53 -11.54
CA ARG D 1367 -22.80 -65.75 -11.02
C ARG D 1367 -24.12 -65.90 -11.75
N PRO D 1368 -24.09 -66.42 -12.99
CA PRO D 1368 -25.30 -66.59 -13.77
C PRO D 1368 -26.30 -67.53 -13.11
N ALA D 1369 -27.59 -67.23 -13.34
CA ALA D 1369 -28.77 -68.07 -13.02
C ALA D 1369 -28.94 -68.22 -11.50
N THR D 1370 -28.24 -67.39 -10.73
CA THR D 1370 -28.30 -67.33 -9.26
C THR D 1370 -29.44 -66.43 -8.81
N THR D 1371 -29.98 -66.69 -7.63
CA THR D 1371 -30.96 -65.84 -6.93
C THR D 1371 -30.46 -64.39 -6.90
N THR D 1372 -29.22 -64.16 -6.51
CA THR D 1372 -28.67 -62.82 -6.18
C THR D 1372 -27.92 -62.22 -7.35
N ARG D 1373 -28.04 -62.77 -8.56
CA ARG D 1373 -27.32 -62.23 -9.75
C ARG D 1373 -27.75 -60.78 -9.94
N ASN D 1374 -26.84 -59.91 -10.36
CA ASN D 1374 -27.01 -58.46 -10.15
C ASN D 1374 -26.27 -57.66 -11.21
N GLY D 1375 -26.09 -58.21 -12.41
CA GLY D 1375 -25.43 -57.51 -13.52
C GLY D 1375 -24.18 -58.23 -13.99
N PHE D 1376 -23.77 -57.91 -15.22
CA PHE D 1376 -22.72 -58.67 -15.94
C PHE D 1376 -21.36 -58.09 -15.54
N MET D 1377 -20.32 -58.90 -15.69
CA MET D 1377 -18.92 -58.53 -15.36
C MET D 1377 -18.21 -58.32 -16.68
N GLU D 1378 -17.74 -57.12 -16.97
CA GLU D 1378 -17.20 -56.78 -18.30
C GLU D 1378 -15.79 -57.37 -18.43
N ALA D 1379 -15.41 -57.76 -19.63
CA ALA D 1379 -14.10 -58.41 -19.90
C ALA D 1379 -13.60 -57.96 -21.26
N GLN D 1380 -12.44 -58.47 -21.67
CA GLN D 1380 -11.78 -58.06 -22.92
C GLN D 1380 -11.22 -59.32 -23.57
N GLY D 1381 -11.10 -59.31 -24.89
CA GLY D 1381 -10.34 -60.34 -25.61
C GLY D 1381 -10.92 -60.66 -26.96
N ALA D 1382 -10.52 -61.82 -27.48
CA ALA D 1382 -10.83 -62.25 -28.85
C ALA D 1382 -11.00 -63.76 -28.86
N GLY D 1383 -11.76 -64.24 -29.83
CA GLY D 1383 -11.95 -65.68 -30.10
C GLY D 1383 -12.01 -65.89 -31.59
N ILE D 1384 -11.19 -66.80 -32.11
CA ILE D 1384 -11.21 -67.13 -33.56
C ILE D 1384 -11.41 -68.63 -33.72
N GLN D 1385 -12.22 -69.00 -34.71
CA GLN D 1385 -12.37 -70.36 -35.23
C GLN D 1385 -11.95 -70.34 -36.70
N ILE D 1386 -11.41 -71.45 -37.19
CA ILE D 1386 -11.24 -71.68 -38.64
C ILE D 1386 -12.29 -72.69 -39.06
N ILE D 1387 -13.12 -72.36 -40.04
CA ILE D 1387 -14.17 -73.28 -40.55
C ILE D 1387 -13.89 -73.52 -42.03
N MET D 1388 -14.17 -74.73 -42.48
CA MET D 1388 -14.03 -75.11 -43.89
C MET D 1388 -15.00 -76.24 -44.25
N GLN D 1389 -15.20 -76.41 -45.55
CA GLN D 1389 -15.80 -77.62 -46.15
C GLN D 1389 -15.17 -78.84 -45.49
N ALA D 1390 -15.97 -79.76 -44.96
CA ALA D 1390 -15.50 -81.05 -44.43
C ALA D 1390 -14.66 -81.74 -45.51
N ASP D 1391 -15.11 -81.65 -46.75
CA ASP D 1391 -14.46 -82.35 -47.89
C ASP D 1391 -13.02 -81.86 -48.00
N LEU D 1392 -12.79 -80.57 -47.76
CA LEU D 1392 -11.46 -79.93 -47.80
C LEU D 1392 -10.69 -80.35 -46.55
N ALA D 1393 -11.30 -80.31 -45.38
CA ALA D 1393 -10.63 -80.67 -44.11
C ALA D 1393 -10.04 -82.07 -44.25
N LEU D 1394 -10.84 -83.01 -44.77
CA LEU D 1394 -10.40 -84.42 -44.98
C LEU D 1394 -9.22 -84.41 -45.97
N LYS D 1395 -9.37 -83.74 -47.09
CA LYS D 1395 -8.33 -83.68 -48.15
C LYS D 1395 -7.03 -83.14 -47.57
N MET D 1396 -7.11 -82.06 -46.80
CA MET D 1396 -5.92 -81.36 -46.26
C MET D 1396 -5.33 -82.16 -45.11
N GLY D 1397 -6.11 -83.05 -44.50
CA GLY D 1397 -5.70 -83.76 -43.27
C GLY D 1397 -5.44 -82.78 -42.14
N VAL D 1398 -6.41 -81.89 -41.90
CA VAL D 1398 -6.39 -81.00 -40.70
C VAL D 1398 -7.31 -81.63 -39.67
N PRO D 1399 -7.10 -81.34 -38.37
CA PRO D 1399 -7.99 -81.82 -37.33
C PRO D 1399 -9.39 -81.26 -37.53
N ILE D 1400 -10.39 -81.98 -37.04
CA ILE D 1400 -11.83 -81.63 -37.13
C ILE D 1400 -12.43 -81.72 -35.72
N TYR D 1401 -12.69 -80.57 -35.11
CA TYR D 1401 -13.07 -80.47 -33.68
C TYR D 1401 -14.58 -80.54 -33.53
N GLY D 1402 -15.32 -80.26 -34.60
CA GLY D 1402 -16.79 -80.20 -34.54
C GLY D 1402 -17.42 -79.87 -35.88
N ILE D 1403 -18.69 -80.23 -36.02
CA ILE D 1403 -19.51 -79.90 -37.20
C ILE D 1403 -20.36 -78.68 -36.79
N VAL D 1404 -20.35 -77.62 -37.60
CA VAL D 1404 -21.29 -76.49 -37.39
C VAL D 1404 -22.59 -76.90 -38.06
N ALA D 1405 -23.51 -77.47 -37.29
CA ALA D 1405 -24.75 -78.06 -37.81
C ALA D 1405 -25.78 -76.96 -38.12
N MET D 1406 -25.74 -75.85 -37.40
CA MET D 1406 -26.71 -74.76 -37.57
C MET D 1406 -26.13 -73.44 -37.08
N ALA D 1407 -26.54 -72.32 -37.66
CA ALA D 1407 -26.13 -70.98 -37.19
C ALA D 1407 -27.15 -69.96 -37.68
N ALA D 1408 -27.82 -69.26 -36.77
CA ALA D 1408 -28.98 -68.41 -37.10
C ALA D 1408 -28.97 -67.14 -36.24
N THR D 1409 -29.57 -66.07 -36.74
CA THR D 1409 -29.78 -64.79 -36.02
C THR D 1409 -31.26 -64.43 -36.06
N ALA D 1410 -31.75 -63.76 -35.03
CA ALA D 1410 -33.15 -63.25 -35.02
C ALA D 1410 -33.25 -61.94 -34.24
N THR D 1411 -33.97 -60.99 -34.83
CA THR D 1411 -34.57 -59.82 -34.16
C THR D 1411 -35.80 -60.32 -33.37
N ASP D 1412 -36.45 -59.44 -32.61
CA ASP D 1412 -37.54 -59.81 -31.70
C ASP D 1412 -38.84 -59.25 -32.24
N LYS D 1413 -39.13 -57.97 -31.94
CA LYS D 1413 -40.45 -57.34 -32.23
C LYS D 1413 -40.40 -55.85 -31.93
N ILE D 1414 -41.51 -55.16 -32.21
CA ILE D 1414 -41.74 -53.75 -31.80
C ILE D 1414 -41.32 -53.64 -30.35
N GLY D 1415 -40.65 -52.55 -30.00
CA GLY D 1415 -40.09 -52.36 -28.65
C GLY D 1415 -39.61 -50.94 -28.46
N ARG D 1416 -39.25 -50.55 -27.23
CA ARG D 1416 -38.63 -49.23 -26.97
C ARG D 1416 -37.38 -49.39 -26.11
N SER D 1417 -36.95 -50.61 -25.80
CA SER D 1417 -35.71 -50.86 -25.02
C SER D 1417 -34.69 -51.64 -25.84
N VAL D 1418 -33.76 -50.94 -26.47
CA VAL D 1418 -32.68 -51.54 -27.30
C VAL D 1418 -31.98 -52.65 -26.53
N PRO D 1419 -31.63 -52.49 -25.25
CA PRO D 1419 -30.82 -53.51 -24.58
C PRO D 1419 -31.58 -54.71 -24.00
N ALA D 1420 -32.91 -54.70 -24.08
CA ALA D 1420 -33.79 -55.78 -23.56
C ALA D 1420 -33.60 -57.02 -24.42
N PRO D 1421 -33.35 -58.20 -23.82
CA PRO D 1421 -33.20 -59.43 -24.59
C PRO D 1421 -34.59 -60.00 -24.86
N GLY D 1422 -34.76 -60.71 -25.98
CA GLY D 1422 -36.08 -61.21 -26.43
C GLY D 1422 -36.03 -62.62 -26.96
N LYS D 1423 -37.10 -63.06 -27.61
CA LYS D 1423 -37.34 -64.49 -27.90
C LYS D 1423 -37.38 -64.79 -29.39
N GLY D 1424 -36.96 -63.87 -30.24
CA GLY D 1424 -36.95 -64.11 -31.69
C GLY D 1424 -36.27 -65.42 -32.06
N ILE D 1425 -35.20 -65.78 -31.34
CA ILE D 1425 -34.37 -66.96 -31.71
C ILE D 1425 -35.16 -68.24 -31.42
N LEU D 1426 -36.25 -68.18 -30.64
CA LEU D 1426 -37.22 -69.30 -30.48
C LEU D 1426 -37.58 -69.86 -31.86
N THR D 1427 -37.55 -69.02 -32.89
CA THR D 1427 -37.96 -69.40 -34.27
C THR D 1427 -37.11 -70.55 -34.78
N THR D 1428 -35.89 -70.77 -34.31
CA THR D 1428 -35.04 -71.88 -34.79
C THR D 1428 -35.75 -73.22 -34.53
N ALA D 1429 -36.69 -73.29 -33.59
CA ALA D 1429 -37.43 -74.53 -33.26
C ALA D 1429 -38.80 -74.53 -33.93
N ARG D 1430 -39.07 -73.61 -34.85
CA ARG D 1430 -40.44 -73.50 -35.42
C ARG D 1430 -40.74 -74.77 -36.18
N GLU D 1431 -41.89 -75.38 -35.92
CA GLU D 1431 -42.43 -76.39 -36.86
C GLU D 1431 -43.93 -76.59 -36.65
N HIS D 1432 -44.57 -77.19 -37.64
CA HIS D 1432 -46.03 -77.16 -37.86
C HIS D 1432 -46.66 -78.49 -37.45
N HIS D 1433 -47.49 -78.47 -36.41
CA HIS D 1433 -48.02 -79.69 -35.76
C HIS D 1433 -49.50 -79.90 -36.06
N SER D 1434 -50.09 -79.25 -37.05
CA SER D 1434 -51.54 -79.37 -37.32
C SER D 1434 -51.86 -80.82 -37.73
N SER D 1435 -50.93 -81.44 -38.46
CA SER D 1435 -51.06 -82.76 -39.09
C SER D 1435 -49.75 -83.54 -38.85
N VAL D 1436 -49.83 -84.57 -38.00
CA VAL D 1436 -48.67 -85.12 -37.26
C VAL D 1436 -48.98 -86.52 -36.73
N LYS D 1437 -50.06 -87.13 -37.22
CA LYS D 1437 -50.60 -88.41 -36.71
C LYS D 1437 -49.66 -89.54 -37.14
N TYR D 1438 -49.08 -89.45 -38.34
CA TYR D 1438 -48.22 -90.51 -38.93
C TYR D 1438 -46.84 -89.93 -39.27
N ALA D 1439 -45.78 -90.66 -38.94
CA ALA D 1439 -44.37 -90.31 -39.17
C ALA D 1439 -44.17 -89.95 -40.65
N SER D 1440 -43.16 -89.11 -40.89
CA SER D 1440 -42.88 -88.43 -42.17
C SER D 1440 -41.66 -89.09 -42.79
N PRO D 1441 -41.81 -89.73 -43.96
CA PRO D 1441 -40.67 -90.33 -44.65
C PRO D 1441 -39.42 -89.43 -44.70
N ASN D 1442 -39.62 -88.12 -44.89
CA ASN D 1442 -38.53 -87.12 -45.08
C ASN D 1442 -37.59 -87.15 -43.87
N LEU D 1443 -38.12 -87.47 -42.68
CA LEU D 1443 -37.33 -87.51 -41.42
C LEU D 1443 -36.59 -88.85 -41.29
N ASN D 1444 -36.93 -89.83 -42.11
CA ASN D 1444 -36.39 -91.22 -42.01
C ASN D 1444 -35.21 -91.36 -42.97
N MET D 1445 -34.00 -91.50 -42.44
CA MET D 1445 -32.74 -91.46 -43.22
C MET D 1445 -32.71 -92.63 -44.23
N LYS D 1446 -33.29 -93.77 -43.90
CA LYS D 1446 -33.33 -94.94 -44.83
C LYS D 1446 -34.04 -94.52 -46.11
N TYR D 1447 -35.15 -93.79 -45.99
CA TYR D 1447 -35.98 -93.30 -47.12
C TYR D 1447 -35.13 -92.35 -47.96
N ARG D 1448 -34.59 -91.33 -47.31
CA ARG D 1448 -33.76 -90.31 -47.99
C ARG D 1448 -32.65 -91.02 -48.77
N LYS D 1449 -32.02 -92.03 -48.17
CA LYS D 1449 -30.88 -92.76 -48.78
C LYS D 1449 -31.37 -93.50 -50.03
N ARG D 1450 -32.43 -94.28 -49.87
CA ARG D 1450 -33.10 -95.03 -50.97
C ARG D 1450 -33.33 -94.09 -52.15
N GLN D 1451 -33.83 -92.89 -51.88
CA GLN D 1451 -34.17 -91.88 -52.92
C GLN D 1451 -32.88 -91.43 -53.60
N LEU D 1452 -31.80 -91.28 -52.86
CA LEU D 1452 -30.49 -90.90 -53.44
C LEU D 1452 -30.00 -92.01 -54.38
N VAL D 1453 -30.12 -93.29 -53.99
CA VAL D 1453 -29.58 -94.42 -54.79
C VAL D 1453 -30.31 -94.47 -56.14
N THR D 1454 -31.62 -94.20 -56.15
CA THR D 1454 -32.41 -94.05 -57.39
C THR D 1454 -31.77 -92.95 -58.23
N ARG D 1455 -31.56 -91.78 -57.62
CA ARG D 1455 -31.00 -90.59 -58.30
C ARG D 1455 -29.61 -90.95 -58.83
N GLU D 1456 -28.80 -91.70 -58.04
CA GLU D 1456 -27.41 -92.10 -58.40
C GLU D 1456 -27.45 -92.92 -59.70
N ALA D 1457 -28.39 -93.86 -59.78
CA ALA D 1457 -28.62 -94.74 -60.95
C ALA D 1457 -29.05 -93.92 -62.18
N GLN D 1458 -29.82 -92.84 -61.99
CA GLN D 1458 -30.26 -91.96 -63.09
C GLN D 1458 -29.03 -91.22 -63.65
N ILE D 1459 -28.10 -90.82 -62.78
CA ILE D 1459 -26.83 -90.11 -63.16
C ILE D 1459 -25.89 -91.07 -63.88
N LYS D 1460 -25.74 -92.30 -63.37
CA LYS D 1460 -25.07 -93.41 -64.07
C LYS D 1460 -25.52 -93.40 -65.54
N ASP D 1461 -26.83 -93.47 -65.78
CA ASP D 1461 -27.40 -93.53 -67.15
C ASP D 1461 -27.08 -92.24 -67.89
N TRP D 1462 -27.18 -91.09 -67.20
CA TRP D 1462 -26.96 -89.76 -67.81
C TRP D 1462 -25.57 -89.70 -68.46
N VAL D 1463 -24.55 -90.17 -67.73
CA VAL D 1463 -23.13 -90.10 -68.15
C VAL D 1463 -22.92 -91.04 -69.34
N GLU D 1464 -23.47 -92.26 -69.25
CA GLU D 1464 -23.43 -93.23 -70.38
C GLU D 1464 -23.89 -92.52 -71.65
N ASN D 1465 -25.08 -91.90 -71.61
CA ASN D 1465 -25.73 -91.25 -72.78
C ASN D 1465 -24.83 -90.14 -73.30
N GLU D 1466 -24.21 -89.37 -72.40
CA GLU D 1466 -23.41 -88.19 -72.80
C GLU D 1466 -22.11 -88.64 -73.48
N LEU D 1467 -21.53 -89.78 -73.06
CA LEU D 1467 -20.31 -90.34 -73.70
C LEU D 1467 -20.67 -90.87 -75.09
N GLU D 1468 -21.74 -91.65 -75.19
CA GLU D 1468 -22.25 -92.23 -76.47
C GLU D 1468 -22.47 -91.08 -77.47
N ALA D 1469 -23.04 -89.95 -77.03
CA ALA D 1469 -23.31 -88.75 -77.86
C ALA D 1469 -22.00 -88.09 -78.27
N LEU D 1470 -21.06 -87.98 -77.33
CA LEU D 1470 -19.73 -87.35 -77.54
C LEU D 1470 -18.96 -88.14 -78.59
N LYS D 1471 -19.01 -89.46 -78.52
CA LYS D 1471 -18.38 -90.38 -79.49
C LYS D 1471 -18.84 -89.99 -80.90
N LEU D 1472 -20.15 -89.83 -81.11
CA LEU D 1472 -20.77 -89.52 -82.42
C LEU D 1472 -20.30 -88.15 -82.91
N GLU D 1473 -20.25 -87.15 -82.03
CA GLU D 1473 -19.77 -85.78 -82.37
C GLU D 1473 -18.32 -85.87 -82.85
N ALA D 1474 -17.50 -86.70 -82.19
CA ALA D 1474 -16.05 -86.84 -82.43
C ALA D 1474 -15.78 -87.52 -83.78
N GLU D 1475 -16.69 -88.38 -84.24
CA GLU D 1475 -16.60 -89.05 -85.56
C GLU D 1475 -16.63 -87.98 -86.66
N GLU D 1476 -17.21 -86.80 -86.38
CA GLU D 1476 -17.36 -85.68 -87.36
C GLU D 1476 -16.17 -84.71 -87.31
N ILE D 1477 -15.30 -84.82 -86.30
CA ILE D 1477 -14.13 -83.91 -86.11
C ILE D 1477 -12.91 -84.51 -86.79
N PRO D 1478 -12.12 -83.69 -87.55
CA PRO D 1478 -10.86 -84.17 -88.15
C PRO D 1478 -9.95 -84.91 -87.15
N SER D 1479 -9.38 -86.04 -87.58
CA SER D 1479 -8.72 -87.05 -86.70
C SER D 1479 -7.50 -86.45 -85.98
N GLU D 1480 -6.78 -85.49 -86.59
CA GLU D 1480 -5.54 -84.90 -85.97
C GLU D 1480 -5.90 -84.18 -84.67
N ASP D 1481 -7.02 -83.44 -84.61
CA ASP D 1481 -7.41 -82.68 -83.39
C ASP D 1481 -8.63 -83.33 -82.73
N GLN D 1482 -8.90 -84.60 -83.02
CA GLN D 1482 -9.96 -85.43 -82.39
C GLN D 1482 -9.65 -85.62 -80.89
N ASN D 1483 -8.37 -85.79 -80.53
CA ASN D 1483 -7.95 -86.02 -79.12
C ASN D 1483 -8.25 -84.76 -78.30
N GLU D 1484 -7.88 -83.58 -78.82
CA GLU D 1484 -8.02 -82.31 -78.04
C GLU D 1484 -9.49 -82.08 -77.72
N PHE D 1485 -10.37 -82.23 -78.72
CA PHE D 1485 -11.85 -82.13 -78.59
C PHE D 1485 -12.36 -83.06 -77.51
N LEU D 1486 -11.95 -84.32 -77.55
CA LEU D 1486 -12.36 -85.37 -76.58
C LEU D 1486 -11.88 -84.99 -75.18
N LEU D 1487 -10.65 -84.52 -75.03
CA LEU D 1487 -10.06 -84.18 -73.70
C LEU D 1487 -10.92 -83.11 -73.02
N GLU D 1488 -11.20 -82.01 -73.74
CA GLU D 1488 -11.96 -80.83 -73.25
C GLU D 1488 -13.35 -81.25 -72.83
N ARG D 1489 -14.01 -82.01 -73.67
CA ARG D 1489 -15.45 -82.29 -73.54
C ARG D 1489 -15.67 -83.36 -72.47
N THR D 1490 -14.75 -84.31 -72.32
CA THR D 1490 -14.83 -85.42 -71.33
C THR D 1490 -14.68 -84.85 -69.94
N ARG D 1491 -13.81 -83.85 -69.81
CA ARG D 1491 -13.56 -83.12 -68.54
C ARG D 1491 -14.85 -82.42 -68.11
N GLU D 1492 -15.56 -81.81 -69.06
CA GLU D 1492 -16.82 -81.08 -68.79
C GLU D 1492 -17.89 -82.07 -68.31
N ILE D 1493 -17.96 -83.26 -68.93
CA ILE D 1493 -18.96 -84.29 -68.58
C ILE D 1493 -18.68 -84.76 -67.16
N HIS D 1494 -17.41 -84.92 -66.79
CA HIS D 1494 -16.97 -85.32 -65.43
C HIS D 1494 -17.47 -84.28 -64.42
N ASN D 1495 -17.22 -83.00 -64.67
CA ASN D 1495 -17.75 -81.84 -63.91
C ASN D 1495 -19.26 -81.98 -63.67
N GLU D 1496 -20.04 -82.14 -64.73
CA GLU D 1496 -21.52 -82.11 -64.67
C GLU D 1496 -21.99 -83.36 -63.93
N ALA D 1497 -21.21 -84.45 -63.98
CA ALA D 1497 -21.53 -85.70 -63.25
C ALA D 1497 -21.31 -85.46 -61.76
N GLU D 1498 -20.23 -84.79 -61.40
CA GLU D 1498 -19.93 -84.45 -59.99
C GLU D 1498 -21.04 -83.54 -59.49
N SER D 1499 -21.34 -82.44 -60.21
CA SER D 1499 -22.45 -81.51 -59.87
C SER D 1499 -23.70 -82.32 -59.55
N GLN D 1500 -24.08 -83.22 -60.45
CA GLN D 1500 -25.36 -83.95 -60.35
C GLN D 1500 -25.34 -84.83 -59.11
N LEU D 1501 -24.24 -85.53 -58.87
CA LEU D 1501 -24.12 -86.42 -57.68
C LEU D 1501 -24.29 -85.55 -56.44
N ARG D 1502 -23.50 -84.48 -56.31
CA ARG D 1502 -23.42 -83.64 -55.10
C ARG D 1502 -24.76 -82.94 -54.86
N ALA D 1503 -25.41 -82.52 -55.94
CA ALA D 1503 -26.75 -81.88 -55.91
C ALA D 1503 -27.76 -82.85 -55.29
N ALA D 1504 -27.64 -84.13 -55.62
CA ALA D 1504 -28.56 -85.19 -55.16
C ALA D 1504 -28.30 -85.45 -53.68
N GLN D 1505 -27.03 -85.52 -53.29
CA GLN D 1505 -26.62 -85.69 -51.87
C GLN D 1505 -27.11 -84.45 -51.13
N GLN D 1506 -26.95 -83.28 -51.74
CA GLN D 1506 -27.36 -81.98 -51.15
C GLN D 1506 -28.86 -82.04 -50.84
N GLN D 1507 -29.64 -82.48 -51.81
CA GLN D 1507 -31.11 -82.46 -51.72
C GLN D 1507 -31.61 -83.45 -50.67
N TRP D 1508 -31.05 -84.65 -50.59
CA TRP D 1508 -31.57 -85.78 -49.78
C TRP D 1508 -30.84 -85.93 -48.45
N GLY D 1509 -29.61 -85.43 -48.37
CA GLY D 1509 -28.72 -85.64 -47.21
C GLY D 1509 -28.66 -84.43 -46.32
N ASN D 1510 -28.46 -83.25 -46.93
CA ASN D 1510 -28.09 -81.97 -46.27
C ASN D 1510 -29.31 -81.04 -46.09
N ASP D 1511 -30.09 -80.82 -47.15
CA ASP D 1511 -31.13 -79.76 -47.26
C ASP D 1511 -32.54 -80.36 -47.25
N PHE D 1512 -32.74 -81.60 -46.86
CA PHE D 1512 -34.07 -82.27 -46.94
C PHE D 1512 -35.13 -81.50 -46.15
N TYR D 1513 -34.79 -80.83 -45.05
CA TYR D 1513 -35.77 -80.26 -44.08
C TYR D 1513 -36.08 -78.79 -44.39
N LYS D 1514 -35.31 -78.18 -45.29
CA LYS D 1514 -35.29 -76.71 -45.52
C LYS D 1514 -36.68 -76.25 -45.96
N ARG D 1515 -37.42 -77.09 -46.66
CA ARG D 1515 -38.73 -76.70 -47.24
C ARG D 1515 -39.85 -77.50 -46.56
N ASP D 1516 -39.55 -78.38 -45.59
CA ASP D 1516 -40.56 -79.22 -44.88
C ASP D 1516 -40.97 -78.45 -43.63
N PRO D 1517 -42.20 -77.90 -43.58
CA PRO D 1517 -42.66 -77.16 -42.42
C PRO D 1517 -42.86 -78.05 -41.19
N ARG D 1518 -42.69 -79.37 -41.32
CA ARG D 1518 -42.87 -80.31 -40.17
C ARG D 1518 -41.53 -80.59 -39.53
N ILE D 1519 -40.42 -80.13 -40.13
CA ILE D 1519 -39.05 -80.28 -39.54
C ILE D 1519 -38.44 -78.89 -39.30
N ALA D 1520 -38.27 -78.57 -38.02
CA ALA D 1520 -37.66 -77.32 -37.54
C ALA D 1520 -36.21 -77.29 -37.94
N PRO D 1521 -35.64 -76.10 -38.21
CA PRO D 1521 -34.23 -75.99 -38.52
C PRO D 1521 -33.33 -76.69 -37.50
N LEU D 1522 -33.70 -76.59 -36.22
CA LEU D 1522 -32.96 -77.18 -35.07
C LEU D 1522 -33.02 -78.70 -35.17
N ARG D 1523 -34.19 -79.24 -35.44
CA ARG D 1523 -34.39 -80.70 -35.52
C ARG D 1523 -33.68 -81.23 -36.76
N GLY D 1524 -33.81 -80.51 -37.87
CA GLY D 1524 -33.15 -80.84 -39.15
C GLY D 1524 -31.65 -80.90 -38.99
N ALA D 1525 -31.05 -79.89 -38.39
CA ALA D 1525 -29.58 -79.77 -38.21
C ALA D 1525 -29.06 -81.06 -37.59
N LEU D 1526 -29.77 -81.58 -36.60
CA LEU D 1526 -29.39 -82.79 -35.81
C LEU D 1526 -29.72 -84.05 -36.61
N ALA D 1527 -30.93 -84.09 -37.16
CA ALA D 1527 -31.46 -85.22 -37.96
C ALA D 1527 -30.54 -85.53 -39.14
N THR D 1528 -29.78 -84.55 -39.66
CA THR D 1528 -28.99 -84.81 -40.89
C THR D 1528 -27.89 -85.86 -40.56
N TYR D 1529 -27.40 -85.90 -39.31
CA TYR D 1529 -26.35 -86.85 -38.82
C TYR D 1529 -27.01 -88.00 -38.06
N GLY D 1530 -28.35 -88.04 -38.04
CA GLY D 1530 -29.10 -89.14 -37.42
C GLY D 1530 -29.32 -88.95 -35.93
N LEU D 1531 -29.16 -87.73 -35.42
CA LEU D 1531 -29.40 -87.39 -33.99
C LEU D 1531 -30.84 -86.89 -33.84
N THR D 1532 -31.46 -87.26 -32.73
CA THR D 1532 -32.79 -86.77 -32.33
C THR D 1532 -32.62 -85.51 -31.48
N ILE D 1533 -33.73 -84.86 -31.17
CA ILE D 1533 -33.74 -83.61 -30.35
C ILE D 1533 -33.20 -83.95 -28.97
N ASP D 1534 -33.31 -85.21 -28.52
CA ASP D 1534 -32.85 -85.63 -27.18
C ASP D 1534 -31.31 -85.72 -27.12
N ASP D 1535 -30.63 -85.72 -28.27
CA ASP D 1535 -29.17 -85.95 -28.30
C ASP D 1535 -28.41 -84.66 -27.96
N LEU D 1536 -29.08 -83.51 -28.03
CA LEU D 1536 -28.51 -82.18 -27.69
C LEU D 1536 -28.29 -82.11 -26.17
N GLY D 1537 -27.09 -82.44 -25.72
CA GLY D 1537 -26.83 -82.77 -24.30
C GLY D 1537 -26.59 -81.52 -23.48
N VAL D 1538 -25.99 -80.51 -24.10
CA VAL D 1538 -25.42 -79.31 -23.42
C VAL D 1538 -25.92 -78.05 -24.12
N ALA D 1539 -26.36 -77.06 -23.35
CA ALA D 1539 -26.58 -75.68 -23.85
C ALA D 1539 -25.56 -74.78 -23.16
N SER D 1540 -24.54 -74.32 -23.88
CA SER D 1540 -23.67 -73.18 -23.50
C SER D 1540 -24.58 -71.97 -23.58
N PHE D 1541 -24.89 -71.38 -22.42
CA PHE D 1541 -25.75 -70.18 -22.26
C PHE D 1541 -24.87 -68.94 -22.35
N HIS D 1542 -25.40 -67.90 -22.98
CA HIS D 1542 -24.87 -66.53 -22.90
C HIS D 1542 -24.67 -66.19 -21.42
N GLY D 1543 -25.72 -66.34 -20.63
CA GLY D 1543 -25.69 -66.32 -19.16
C GLY D 1543 -24.74 -65.26 -18.65
N THR D 1544 -25.16 -64.01 -18.72
CA THR D 1544 -24.34 -62.80 -18.44
C THR D 1544 -24.38 -62.43 -16.96
N SER D 1545 -25.36 -62.96 -16.25
CA SER D 1545 -25.55 -62.74 -14.79
C SER D 1545 -26.31 -61.42 -14.59
N THR D 1546 -27.11 -60.99 -15.57
CA THR D 1546 -28.16 -59.97 -15.39
C THR D 1546 -29.48 -60.64 -15.09
N LYS D 1547 -30.41 -59.97 -14.40
CA LYS D 1547 -31.73 -60.56 -14.07
C LYS D 1547 -32.41 -60.93 -15.40
N ALA D 1548 -32.49 -59.96 -16.31
CA ALA D 1548 -33.25 -60.05 -17.57
C ALA D 1548 -32.77 -61.21 -18.43
N ASN D 1549 -31.46 -61.34 -18.64
CA ASN D 1549 -30.90 -62.24 -19.68
C ASN D 1549 -31.13 -63.70 -19.32
N ASP D 1550 -30.70 -64.08 -18.13
CA ASP D 1550 -30.59 -65.49 -17.70
C ASP D 1550 -31.99 -66.07 -17.63
N LYS D 1551 -33.01 -65.27 -17.30
CA LYS D 1551 -34.39 -65.78 -17.28
C LYS D 1551 -34.92 -65.91 -18.72
N ASN D 1552 -34.79 -64.85 -19.51
CA ASN D 1552 -35.23 -64.87 -20.93
C ASN D 1552 -34.59 -66.08 -21.60
N GLU D 1553 -33.28 -66.22 -21.49
CA GLU D 1553 -32.53 -67.30 -22.18
C GLU D 1553 -33.07 -68.66 -21.74
N SER D 1554 -33.14 -68.90 -20.43
CA SER D 1554 -33.69 -70.15 -19.84
C SER D 1554 -35.07 -70.42 -20.45
N ALA D 1555 -35.95 -69.43 -20.48
CA ALA D 1555 -37.32 -69.57 -21.04
C ALA D 1555 -37.26 -69.92 -22.54
N THR D 1556 -36.42 -69.27 -23.33
CA THR D 1556 -36.45 -69.53 -24.80
C THR D 1556 -35.86 -70.93 -25.07
N ILE D 1557 -34.76 -71.34 -24.42
CA ILE D 1557 -34.20 -72.73 -24.56
C ILE D 1557 -35.30 -73.70 -24.15
N ASN D 1558 -35.95 -73.46 -23.01
CA ASN D 1558 -36.94 -74.40 -22.45
C ASN D 1558 -38.06 -74.60 -23.47
N GLU D 1559 -38.47 -73.54 -24.16
CA GLU D 1559 -39.63 -73.60 -25.07
C GLU D 1559 -39.21 -74.25 -26.39
N MET D 1560 -37.97 -74.05 -26.82
CA MET D 1560 -37.40 -74.76 -28.00
C MET D 1560 -37.55 -76.27 -27.76
N MET D 1561 -37.10 -76.72 -26.60
CA MET D 1561 -37.12 -78.16 -26.24
C MET D 1561 -38.56 -78.62 -26.13
N LYS D 1562 -39.40 -77.89 -25.43
CA LYS D 1562 -40.82 -78.29 -25.22
C LYS D 1562 -41.49 -78.46 -26.59
N HIS D 1563 -41.28 -77.57 -27.53
CA HIS D 1563 -42.00 -77.57 -28.83
C HIS D 1563 -41.56 -78.75 -29.70
N LEU D 1564 -40.27 -79.09 -29.68
CA LEU D 1564 -39.72 -80.21 -30.47
C LEU D 1564 -39.84 -81.53 -29.70
N GLY D 1565 -40.64 -81.55 -28.63
CA GLY D 1565 -40.99 -82.79 -27.91
C GLY D 1565 -39.78 -83.49 -27.36
N ARG D 1566 -38.81 -82.75 -26.84
CA ARG D 1566 -37.74 -83.28 -25.97
C ARG D 1566 -38.39 -84.12 -24.89
N SER D 1567 -37.80 -85.25 -24.51
CA SER D 1567 -38.39 -86.19 -23.52
C SER D 1567 -38.46 -85.52 -22.15
N GLU D 1568 -39.62 -85.60 -21.47
CA GLU D 1568 -39.74 -85.26 -20.03
C GLU D 1568 -38.61 -85.97 -19.30
N GLY D 1569 -37.94 -85.29 -18.38
CA GLY D 1569 -36.88 -85.90 -17.58
C GLY D 1569 -35.53 -85.87 -18.29
N ASN D 1570 -35.43 -85.28 -19.48
CA ASN D 1570 -34.14 -85.16 -20.20
C ASN D 1570 -33.82 -83.68 -20.43
N PRO D 1571 -33.50 -82.92 -19.37
CA PRO D 1571 -33.19 -81.51 -19.53
C PRO D 1571 -31.84 -81.33 -20.20
N VAL D 1572 -31.63 -80.24 -20.93
CA VAL D 1572 -30.28 -79.86 -21.42
C VAL D 1572 -29.51 -79.46 -20.19
N ILE D 1573 -28.20 -79.67 -20.20
CA ILE D 1573 -27.30 -79.26 -19.09
C ILE D 1573 -26.67 -77.94 -19.50
N GLY D 1574 -26.91 -76.91 -18.70
CA GLY D 1574 -26.42 -75.55 -18.96
C GLY D 1574 -24.97 -75.40 -18.57
N VAL D 1575 -24.16 -74.81 -19.44
CA VAL D 1575 -22.85 -74.26 -19.00
C VAL D 1575 -22.91 -72.74 -19.12
N PHE D 1576 -22.36 -72.05 -18.13
CA PHE D 1576 -22.39 -70.58 -18.01
C PHE D 1576 -20.93 -70.11 -17.92
N GLN D 1577 -20.25 -70.05 -19.05
CA GLN D 1577 -18.78 -69.88 -19.08
C GLN D 1577 -18.41 -68.51 -18.50
N LYS D 1578 -19.30 -67.51 -18.58
CA LYS D 1578 -19.00 -66.12 -18.14
C LYS D 1578 -18.79 -66.04 -16.62
N PHE D 1579 -19.07 -67.10 -15.85
CA PHE D 1579 -18.84 -67.09 -14.38
C PHE D 1579 -17.33 -66.94 -14.12
N LEU D 1580 -16.55 -67.46 -15.06
CA LEU D 1580 -15.07 -67.59 -15.00
C LEU D 1580 -14.43 -66.44 -15.78
N THR D 1581 -14.89 -66.19 -17.00
CA THR D 1581 -14.26 -65.28 -17.97
C THR D 1581 -14.79 -63.86 -17.84
N GLY D 1582 -16.01 -63.69 -17.34
CA GLY D 1582 -16.74 -62.43 -17.52
C GLY D 1582 -17.15 -62.30 -18.97
N HIS D 1583 -17.74 -61.16 -19.34
CA HIS D 1583 -18.45 -60.94 -20.63
C HIS D 1583 -17.62 -60.04 -21.51
N PRO D 1584 -16.99 -60.57 -22.57
CA PRO D 1584 -16.18 -59.74 -23.46
C PRO D 1584 -16.92 -59.16 -24.68
N LYS D 1585 -18.23 -58.94 -24.55
CA LYS D 1585 -19.06 -58.34 -25.62
C LYS D 1585 -18.90 -59.14 -26.91
N GLY D 1586 -18.30 -58.59 -27.95
CA GLY D 1586 -18.21 -59.23 -29.28
C GLY D 1586 -17.70 -60.67 -29.21
N ALA D 1587 -16.63 -60.90 -28.47
CA ALA D 1587 -15.96 -62.21 -28.38
C ALA D 1587 -16.76 -63.23 -27.57
N ALA D 1588 -17.87 -62.84 -26.95
CA ALA D 1588 -18.57 -63.65 -25.92
C ALA D 1588 -18.83 -65.05 -26.45
N GLY D 1589 -19.36 -65.11 -27.67
CA GLY D 1589 -19.85 -66.35 -28.29
C GLY D 1589 -18.70 -67.17 -28.88
N ALA D 1590 -17.59 -66.53 -29.20
CA ALA D 1590 -16.42 -67.23 -29.77
C ALA D 1590 -15.77 -68.06 -28.65
N TRP D 1591 -15.70 -67.50 -27.44
CA TRP D 1591 -15.21 -68.23 -26.25
C TRP D 1591 -16.15 -69.41 -25.97
N MET D 1592 -17.45 -69.22 -26.07
CA MET D 1592 -18.47 -70.25 -25.76
C MET D 1592 -18.34 -71.40 -26.76
N MET D 1593 -18.11 -71.06 -28.03
CA MET D 1593 -17.87 -72.02 -29.13
C MET D 1593 -16.61 -72.81 -28.83
N ASN D 1594 -15.50 -72.14 -28.53
CA ASN D 1594 -14.25 -72.84 -28.16
C ASN D 1594 -14.57 -73.84 -27.06
N GLY D 1595 -15.37 -73.45 -26.07
CA GLY D 1595 -15.72 -74.32 -24.95
C GLY D 1595 -16.56 -75.49 -25.42
N ALA D 1596 -17.55 -75.23 -26.25
CA ALA D 1596 -18.46 -76.27 -26.80
C ALA D 1596 -17.60 -77.35 -27.47
N LEU D 1597 -16.65 -76.93 -28.30
CA LEU D 1597 -15.77 -77.85 -29.05
C LEU D 1597 -15.00 -78.71 -28.04
N GLN D 1598 -14.43 -78.07 -27.01
CA GLN D 1598 -13.63 -78.76 -25.98
C GLN D 1598 -14.51 -79.75 -25.19
N ILE D 1599 -15.77 -79.39 -24.97
CA ILE D 1599 -16.76 -80.25 -24.26
C ILE D 1599 -17.00 -81.49 -25.13
N LEU D 1600 -17.38 -81.29 -26.39
CA LEU D 1600 -17.66 -82.37 -27.36
C LEU D 1600 -16.51 -83.37 -27.38
N ASN D 1601 -15.28 -82.87 -27.54
CA ASN D 1601 -14.08 -83.72 -27.74
C ASN D 1601 -13.69 -84.37 -26.42
N SER D 1602 -13.89 -83.74 -25.28
CA SER D 1602 -13.47 -84.28 -23.95
C SER D 1602 -14.58 -85.10 -23.32
N GLY D 1603 -15.84 -84.83 -23.67
CA GLY D 1603 -17.01 -85.40 -22.99
C GLY D 1603 -17.17 -84.86 -21.58
N ILE D 1604 -16.50 -83.76 -21.25
CA ILE D 1604 -16.53 -83.12 -19.90
C ILE D 1604 -17.40 -81.88 -19.97
N ILE D 1605 -18.42 -81.81 -19.11
CA ILE D 1605 -19.35 -80.65 -19.02
C ILE D 1605 -18.94 -79.89 -17.77
N PRO D 1606 -18.32 -78.71 -17.92
CA PRO D 1606 -17.88 -77.95 -16.76
C PRO D 1606 -19.06 -77.35 -16.01
N GLY D 1607 -18.91 -77.26 -14.69
CA GLY D 1607 -19.91 -76.69 -13.77
C GLY D 1607 -19.75 -75.19 -13.60
N ASN D 1608 -20.88 -74.48 -13.58
CA ASN D 1608 -20.98 -73.08 -13.10
C ASN D 1608 -20.64 -73.05 -11.61
N ARG D 1609 -19.36 -72.90 -11.28
CA ARG D 1609 -18.87 -72.97 -9.90
C ARG D 1609 -19.39 -71.80 -9.06
N ASN D 1610 -19.99 -70.78 -9.66
CA ASN D 1610 -20.56 -69.62 -8.89
C ASN D 1610 -22.07 -69.74 -8.72
N ALA D 1611 -22.67 -70.84 -9.21
CA ALA D 1611 -24.10 -71.16 -9.00
C ALA D 1611 -24.33 -71.55 -7.53
N ASP D 1612 -24.26 -70.58 -6.62
CA ASP D 1612 -24.37 -70.88 -5.18
C ASP D 1612 -25.80 -71.32 -4.92
N ASN D 1613 -26.75 -70.63 -5.53
CA ASN D 1613 -28.18 -70.96 -5.36
C ASN D 1613 -28.94 -70.62 -6.64
N VAL D 1614 -29.63 -71.58 -7.23
CA VAL D 1614 -30.30 -71.40 -8.55
C VAL D 1614 -31.62 -70.68 -8.31
N ASP D 1615 -31.84 -69.60 -9.05
CA ASP D 1615 -33.03 -68.72 -8.88
C ASP D 1615 -34.26 -69.62 -8.89
N LYS D 1616 -35.05 -69.57 -7.81
CA LYS D 1616 -36.31 -70.33 -7.69
C LYS D 1616 -37.16 -70.16 -8.96
N ILE D 1617 -37.15 -68.98 -9.54
CA ILE D 1617 -37.95 -68.66 -10.74
C ILE D 1617 -37.62 -69.64 -11.88
N LEU D 1618 -36.42 -70.21 -11.91
CA LEU D 1618 -36.00 -71.08 -13.02
C LEU D 1618 -36.47 -72.52 -12.80
N GLU D 1619 -37.07 -72.88 -11.67
CA GLU D 1619 -37.52 -74.27 -11.44
C GLU D 1619 -38.58 -74.62 -12.49
N GLN D 1620 -39.33 -73.61 -12.92
CA GLN D 1620 -40.43 -73.76 -13.91
C GLN D 1620 -39.86 -74.29 -15.23
N PHE D 1621 -38.61 -73.99 -15.57
CA PHE D 1621 -38.00 -74.44 -16.85
C PHE D 1621 -37.45 -75.85 -16.65
N GLU D 1622 -38.34 -76.83 -16.81
CA GLU D 1622 -38.09 -78.24 -16.45
C GLU D 1622 -37.10 -78.88 -17.45
N TYR D 1623 -36.83 -78.26 -18.58
CA TYR D 1623 -35.93 -78.82 -19.63
C TYR D 1623 -34.53 -78.23 -19.51
N VAL D 1624 -34.22 -77.58 -18.38
CA VAL D 1624 -32.87 -77.01 -18.14
C VAL D 1624 -32.38 -77.45 -16.76
N LEU D 1625 -31.13 -77.91 -16.70
CA LEU D 1625 -30.42 -78.32 -15.46
C LEU D 1625 -29.27 -77.35 -15.30
N TYR D 1626 -29.07 -76.83 -14.10
CA TYR D 1626 -28.07 -75.78 -13.77
C TYR D 1626 -27.02 -76.42 -12.85
N PRO D 1627 -26.00 -77.11 -13.38
CA PRO D 1627 -25.03 -77.79 -12.55
C PRO D 1627 -24.04 -76.76 -12.00
N SER D 1628 -23.57 -77.00 -10.77
CA SER D 1628 -22.56 -76.22 -10.03
C SER D 1628 -21.18 -76.88 -10.14
N LYS D 1629 -21.09 -78.12 -10.59
CA LYS D 1629 -19.79 -78.86 -10.67
C LYS D 1629 -19.69 -79.67 -11.95
N THR D 1630 -18.46 -79.88 -12.40
CA THR D 1630 -18.08 -80.61 -13.63
C THR D 1630 -18.60 -82.05 -13.56
N LEU D 1631 -19.15 -82.56 -14.66
CA LEU D 1631 -19.46 -83.99 -14.89
C LEU D 1631 -18.55 -84.51 -15.98
N LYS D 1632 -17.77 -85.54 -15.71
CA LYS D 1632 -17.12 -86.35 -16.79
C LYS D 1632 -18.20 -87.33 -17.26
N THR D 1633 -18.80 -87.04 -18.41
CA THR D 1633 -19.80 -87.93 -19.06
C THR D 1633 -19.06 -88.96 -19.90
N ASP D 1634 -19.79 -89.94 -20.44
CA ASP D 1634 -19.28 -90.94 -21.40
C ASP D 1634 -19.55 -90.44 -22.82
N GLY D 1635 -19.82 -89.14 -22.98
CA GLY D 1635 -19.94 -88.54 -24.32
C GLY D 1635 -21.00 -87.47 -24.38
N VAL D 1636 -20.77 -86.48 -25.24
CA VAL D 1636 -21.69 -85.36 -25.59
C VAL D 1636 -21.76 -85.29 -27.11
N ARG D 1637 -22.98 -85.37 -27.67
CA ARG D 1637 -23.14 -85.53 -29.13
C ARG D 1637 -23.33 -84.16 -29.79
N ALA D 1638 -23.96 -83.21 -29.11
CA ALA D 1638 -24.23 -81.87 -29.68
C ALA D 1638 -24.34 -80.82 -28.57
N VAL D 1639 -23.99 -79.58 -28.91
CA VAL D 1639 -24.02 -78.42 -27.97
C VAL D 1639 -24.75 -77.26 -28.66
N SER D 1640 -25.65 -76.59 -27.93
CA SER D 1640 -26.27 -75.31 -28.34
C SER D 1640 -25.49 -74.14 -27.71
N ILE D 1641 -25.04 -73.24 -28.56
CA ILE D 1641 -24.50 -71.90 -28.20
C ILE D 1641 -25.56 -70.85 -28.51
N THR D 1642 -25.99 -70.09 -27.51
CA THR D 1642 -27.06 -69.06 -27.62
C THR D 1642 -26.46 -67.72 -27.21
N SER D 1643 -26.70 -66.66 -27.99
CA SER D 1643 -26.20 -65.29 -27.72
C SER D 1643 -27.32 -64.27 -27.87
N PHE D 1644 -27.31 -63.24 -27.04
CA PHE D 1644 -28.30 -62.12 -27.06
C PHE D 1644 -27.53 -60.80 -26.93
N GLY D 1645 -27.63 -59.92 -27.92
CA GLY D 1645 -26.92 -58.65 -27.90
C GLY D 1645 -27.86 -57.47 -27.92
N PHE D 1646 -27.37 -56.30 -27.54
CA PHE D 1646 -28.10 -55.03 -27.64
C PHE D 1646 -28.58 -54.91 -29.09
N GLY D 1647 -29.82 -54.45 -29.28
CA GLY D 1647 -30.35 -54.13 -30.62
C GLY D 1647 -30.94 -55.36 -31.28
N GLN D 1648 -31.57 -56.19 -30.42
CA GLN D 1648 -32.28 -57.43 -30.76
C GLN D 1648 -31.37 -58.39 -31.56
N LYS D 1649 -30.11 -58.55 -31.20
CA LYS D 1649 -29.23 -59.54 -31.86
C LYS D 1649 -29.38 -60.88 -31.14
N GLY D 1650 -30.34 -61.70 -31.57
CA GLY D 1650 -30.45 -63.11 -31.16
C GLY D 1650 -29.57 -63.99 -32.01
N GLY D 1651 -29.02 -65.05 -31.43
CA GLY D 1651 -28.15 -66.02 -32.15
C GLY D 1651 -28.24 -67.42 -31.57
N GLN D 1652 -28.25 -68.45 -32.40
CA GLN D 1652 -28.04 -69.85 -31.95
C GLN D 1652 -27.12 -70.52 -32.96
N ALA D 1653 -26.10 -71.22 -32.48
CA ALA D 1653 -25.35 -72.21 -33.28
C ALA D 1653 -25.54 -73.57 -32.63
N ILE D 1654 -25.66 -74.62 -33.44
CA ILE D 1654 -25.57 -76.03 -32.96
C ILE D 1654 -24.26 -76.60 -33.45
N VAL D 1655 -23.47 -77.17 -32.54
CA VAL D 1655 -22.22 -77.87 -32.88
C VAL D 1655 -22.42 -79.36 -32.58
N VAL D 1656 -22.18 -80.20 -33.57
CA VAL D 1656 -22.31 -81.69 -33.47
C VAL D 1656 -20.90 -82.29 -33.36
N HIS D 1657 -20.77 -83.35 -32.57
CA HIS D 1657 -19.52 -84.11 -32.32
C HIS D 1657 -18.91 -84.49 -33.66
N PRO D 1658 -17.59 -84.32 -33.85
CA PRO D 1658 -16.97 -84.52 -35.15
C PRO D 1658 -16.97 -85.98 -35.63
N ASP D 1659 -17.01 -86.94 -34.73
CA ASP D 1659 -16.98 -88.39 -35.08
C ASP D 1659 -18.22 -88.73 -35.93
N TYR D 1660 -19.25 -87.89 -35.98
CA TYR D 1660 -20.45 -88.16 -36.83
C TYR D 1660 -20.08 -87.93 -38.30
N LEU D 1661 -18.98 -87.24 -38.58
CA LEU D 1661 -18.60 -86.97 -39.99
C LEU D 1661 -18.13 -88.27 -40.63
N TYR D 1662 -17.30 -89.04 -39.91
CA TYR D 1662 -16.50 -90.14 -40.49
C TYR D 1662 -17.44 -91.28 -40.90
N GLY D 1663 -18.64 -91.32 -40.32
CA GLY D 1663 -19.73 -92.20 -40.79
C GLY D 1663 -20.02 -92.09 -42.28
N ALA D 1664 -19.75 -90.93 -42.88
CA ALA D 1664 -20.14 -90.58 -44.26
C ALA D 1664 -19.14 -91.12 -45.27
N ILE D 1665 -17.90 -91.38 -44.87
CA ILE D 1665 -16.81 -91.74 -45.83
C ILE D 1665 -16.46 -93.22 -45.68
N THR D 1666 -15.68 -93.72 -46.64
CA THR D 1666 -15.21 -95.13 -46.70
C THR D 1666 -14.03 -95.29 -45.74
N GLU D 1667 -13.79 -96.53 -45.32
CA GLU D 1667 -12.65 -96.91 -44.46
C GLU D 1667 -11.34 -96.44 -45.10
N ASP D 1668 -11.16 -96.73 -46.39
CA ASP D 1668 -9.95 -96.31 -47.15
C ASP D 1668 -9.73 -94.81 -46.93
N ARG D 1669 -10.75 -93.99 -47.17
CA ARG D 1669 -10.59 -92.51 -47.14
C ARG D 1669 -10.25 -92.05 -45.73
N TYR D 1670 -10.94 -92.60 -44.74
CA TYR D 1670 -10.73 -92.28 -43.31
C TYR D 1670 -9.29 -92.56 -42.94
N ASN D 1671 -8.81 -93.75 -43.26
CA ASN D 1671 -7.44 -94.19 -42.89
C ASN D 1671 -6.40 -93.25 -43.51
N GLU D 1672 -6.65 -92.77 -44.72
CA GLU D 1672 -5.73 -91.85 -45.42
C GLU D 1672 -5.65 -90.54 -44.64
N TYR D 1673 -6.82 -90.02 -44.25
CA TYR D 1673 -7.01 -88.79 -43.43
C TYR D 1673 -6.26 -88.96 -42.10
N VAL D 1674 -6.48 -90.09 -41.42
CA VAL D 1674 -5.88 -90.31 -40.06
C VAL D 1674 -4.36 -90.20 -40.17
N ALA D 1675 -3.77 -90.80 -41.22
CA ALA D 1675 -2.32 -90.78 -41.49
C ALA D 1675 -1.89 -89.34 -41.66
N LYS D 1676 -2.64 -88.58 -42.44
CA LYS D 1676 -2.25 -87.23 -42.88
C LYS D 1676 -2.30 -86.28 -41.68
N VAL D 1677 -3.37 -86.36 -40.88
CA VAL D 1677 -3.54 -85.55 -39.64
C VAL D 1677 -2.39 -85.87 -38.69
N SER D 1678 -2.12 -87.16 -38.47
CA SER D 1678 -1.10 -87.61 -37.52
C SER D 1678 0.24 -86.94 -37.84
N ALA D 1679 0.58 -86.82 -39.13
CA ALA D 1679 1.82 -86.20 -39.63
C ALA D 1679 1.80 -84.70 -39.36
N ARG D 1680 0.69 -84.06 -39.69
CA ARG D 1680 0.50 -82.60 -39.55
C ARG D 1680 0.61 -82.22 -38.07
N GLU D 1681 0.10 -83.08 -37.20
CA GLU D 1681 0.04 -82.82 -35.75
C GLU D 1681 1.46 -82.81 -35.21
N LYS D 1682 2.29 -83.77 -35.62
CA LYS D 1682 3.69 -83.88 -35.16
C LYS D 1682 4.44 -82.61 -35.56
N SER D 1683 4.12 -82.07 -36.74
CA SER D 1683 4.78 -80.87 -37.33
C SER D 1683 4.30 -79.61 -36.62
N ALA D 1684 3.04 -79.59 -36.21
CA ALA D 1684 2.43 -78.46 -35.48
C ALA D 1684 3.07 -78.38 -34.10
N TYR D 1685 3.23 -79.50 -33.42
CA TYR D 1685 3.90 -79.56 -32.10
C TYR D 1685 5.32 -79.01 -32.26
N LYS D 1686 6.00 -79.38 -33.35
CA LYS D 1686 7.38 -78.93 -33.61
C LYS D 1686 7.37 -77.40 -33.71
N PHE D 1687 6.44 -76.86 -34.49
CA PHE D 1687 6.31 -75.40 -34.77
C PHE D 1687 6.01 -74.61 -33.50
N PHE D 1688 5.07 -75.14 -32.71
CA PHE D 1688 4.47 -74.46 -31.54
C PHE D 1688 5.56 -74.25 -30.49
N HIS D 1689 6.21 -75.32 -30.06
CA HIS D 1689 7.25 -75.27 -29.02
C HIS D 1689 8.40 -74.37 -29.47
N ASN D 1690 8.73 -74.37 -30.74
CA ASN D 1690 9.83 -73.52 -31.22
C ASN D 1690 9.34 -72.06 -31.14
N GLY D 1691 8.14 -71.80 -31.65
CA GLY D 1691 7.53 -70.46 -31.63
C GLY D 1691 7.34 -69.93 -30.22
N MET D 1692 7.02 -70.80 -29.27
CA MET D 1692 6.78 -70.39 -27.87
C MET D 1692 8.11 -69.93 -27.29
N ILE D 1693 9.10 -70.82 -27.21
CA ILE D 1693 10.33 -70.53 -26.42
C ILE D 1693 11.11 -69.38 -27.07
N TYR D 1694 11.03 -69.19 -28.39
CA TYR D 1694 11.83 -68.16 -29.12
C TYR D 1694 10.94 -66.98 -29.54
N ASN D 1695 9.73 -66.88 -28.99
CA ASN D 1695 8.81 -65.73 -29.20
C ASN D 1695 8.62 -65.49 -30.70
N LYS D 1696 8.01 -66.43 -31.40
CA LYS D 1696 7.88 -66.41 -32.87
C LYS D 1696 6.64 -67.17 -33.35
N LEU D 1697 5.63 -67.40 -32.53
CA LEU D 1697 4.41 -68.07 -33.02
C LEU D 1697 3.87 -67.22 -34.16
N PHE D 1698 3.93 -65.90 -33.99
CA PHE D 1698 3.57 -64.93 -35.06
C PHE D 1698 4.83 -64.53 -35.82
N VAL D 1699 4.81 -64.71 -37.13
CA VAL D 1699 5.83 -64.12 -38.04
C VAL D 1699 5.08 -63.46 -39.18
N SER D 1700 5.22 -62.15 -39.35
CA SER D 1700 4.48 -61.44 -40.43
C SER D 1700 5.10 -61.82 -41.76
N LYS D 1701 4.28 -61.88 -42.80
CA LYS D 1701 4.70 -62.13 -44.20
C LYS D 1701 5.20 -60.80 -44.77
N GLU D 1702 6.35 -60.83 -45.43
CA GLU D 1702 6.90 -59.66 -46.15
C GLU D 1702 6.26 -59.57 -47.52
N HIS D 1703 5.88 -60.71 -48.09
CA HIS D 1703 5.53 -60.83 -49.52
C HIS D 1703 4.25 -61.64 -49.72
N ALA D 1704 3.44 -61.27 -50.70
CA ALA D 1704 2.30 -62.10 -51.13
C ALA D 1704 2.88 -63.37 -51.75
N PRO D 1705 2.10 -64.45 -51.88
CA PRO D 1705 2.59 -65.64 -52.56
C PRO D 1705 2.80 -65.41 -54.06
N TYR D 1706 2.32 -64.31 -54.63
CA TYR D 1706 2.52 -63.88 -56.03
C TYR D 1706 3.45 -62.68 -56.04
N THR D 1707 4.31 -62.55 -57.04
CA THR D 1707 5.01 -61.28 -57.37
C THR D 1707 3.95 -60.33 -57.93
N ASP D 1708 4.26 -59.03 -58.00
CA ASP D 1708 3.34 -58.01 -58.58
C ASP D 1708 3.09 -58.36 -60.05
N GLU D 1709 4.09 -58.87 -60.76
CA GLU D 1709 3.99 -59.22 -62.21
C GLU D 1709 2.90 -60.28 -62.41
N LEU D 1710 2.73 -61.23 -61.50
CA LEU D 1710 1.82 -62.40 -61.66
C LEU D 1710 0.48 -62.18 -60.94
N GLU D 1711 0.37 -61.13 -60.13
CA GLU D 1711 -0.81 -60.82 -59.28
C GLU D 1711 -2.11 -61.03 -60.07
N GLU D 1712 -2.29 -60.30 -61.18
CA GLU D 1712 -3.56 -60.35 -61.95
C GLU D 1712 -3.76 -61.75 -62.51
N ASP D 1713 -2.71 -62.37 -63.03
CA ASP D 1713 -2.76 -63.72 -63.65
C ASP D 1713 -3.29 -64.73 -62.63
N VAL D 1714 -2.83 -64.64 -61.40
CA VAL D 1714 -3.25 -65.54 -60.30
C VAL D 1714 -4.71 -65.24 -60.00
N TYR D 1715 -5.08 -63.96 -59.92
CA TYR D 1715 -6.46 -63.55 -59.57
C TYR D 1715 -7.43 -64.10 -60.63
N LEU D 1716 -6.98 -64.25 -61.86
CA LEU D 1716 -7.87 -64.54 -63.02
C LEU D 1716 -7.85 -66.02 -63.42
N ASP D 1717 -7.00 -66.87 -62.82
CA ASP D 1717 -7.05 -68.33 -63.04
C ASP D 1717 -7.58 -69.02 -61.80
N PRO D 1718 -8.81 -69.56 -61.79
CA PRO D 1718 -9.36 -70.15 -60.57
C PRO D 1718 -8.62 -71.42 -60.16
N LEU D 1719 -7.88 -72.04 -61.07
CA LEU D 1719 -7.16 -73.31 -60.79
C LEU D 1719 -5.71 -73.04 -60.36
N ALA D 1720 -5.31 -71.78 -60.29
CA ALA D 1720 -3.92 -71.42 -59.93
C ALA D 1720 -3.69 -71.78 -58.48
N ARG D 1721 -2.69 -72.62 -58.23
CA ARG D 1721 -2.29 -73.01 -56.86
C ARG D 1721 -0.81 -72.75 -56.67
N VAL D 1722 -0.36 -72.86 -55.45
CA VAL D 1722 1.00 -72.45 -55.04
C VAL D 1722 1.85 -73.71 -54.91
N SER D 1723 3.15 -73.62 -55.18
CA SER D 1723 4.10 -74.75 -55.12
C SER D 1723 5.33 -74.33 -54.32
N LYS D 1724 6.12 -75.28 -53.83
CA LYS D 1724 7.37 -74.98 -53.09
C LYS D 1724 8.43 -74.47 -54.08
N ASP D 1725 8.78 -73.18 -53.99
CA ASP D 1725 9.89 -72.58 -54.78
C ASP D 1725 11.17 -73.32 -54.42
N LYS D 1726 11.84 -73.97 -55.37
CA LYS D 1726 13.08 -74.74 -55.15
C LYS D 1726 14.10 -73.81 -54.48
N LYS D 1727 14.33 -72.64 -55.06
CA LYS D 1727 15.36 -71.65 -54.62
C LYS D 1727 15.09 -71.19 -53.18
N SER D 1728 13.90 -70.65 -52.88
CA SER D 1728 13.59 -69.92 -51.62
C SER D 1728 13.05 -70.87 -50.54
N GLY D 1729 12.43 -71.98 -50.92
CA GLY D 1729 11.84 -72.93 -49.97
C GLY D 1729 10.43 -72.52 -49.54
N SER D 1730 9.99 -71.31 -49.83
CA SER D 1730 8.64 -70.82 -49.46
C SER D 1730 7.63 -71.14 -50.58
N LEU D 1731 6.34 -71.12 -50.24
CA LEU D 1731 5.22 -71.39 -51.17
C LEU D 1731 4.96 -70.15 -52.01
N THR D 1732 5.11 -70.26 -53.33
CA THR D 1732 4.89 -69.15 -54.29
C THR D 1732 4.16 -69.65 -55.54
N PHE D 1733 3.55 -68.73 -56.28
CA PHE D 1733 2.88 -69.02 -57.57
C PHE D 1733 3.93 -68.95 -58.67
N ASN D 1734 4.10 -70.05 -59.41
CA ASN D 1734 4.98 -70.15 -60.60
C ASN D 1734 4.14 -69.93 -61.86
N SER D 1735 4.60 -69.12 -62.82
CA SER D 1735 3.88 -68.93 -64.11
C SER D 1735 3.57 -70.28 -64.78
N LYS D 1736 4.38 -71.31 -64.56
CA LYS D 1736 4.20 -72.69 -65.10
C LYS D 1736 2.83 -73.23 -64.71
N ASN D 1737 2.31 -72.88 -63.52
CA ASN D 1737 1.07 -73.47 -62.97
C ASN D 1737 -0.11 -72.50 -63.07
N ILE D 1738 -0.01 -71.48 -63.91
CA ILE D 1738 -1.08 -70.47 -64.10
C ILE D 1738 -1.58 -70.60 -65.54
N GLN D 1739 -2.88 -70.81 -65.70
CA GLN D 1739 -3.53 -71.10 -67.00
C GLN D 1739 -2.79 -72.28 -67.63
N SER D 1740 -2.73 -73.39 -66.90
CA SER D 1740 -1.88 -74.59 -67.19
C SER D 1740 -2.78 -75.75 -67.60
N LYS D 1741 -2.56 -76.35 -68.78
CA LYS D 1741 -3.40 -77.47 -69.28
C LYS D 1741 -3.51 -78.54 -68.18
N ASP D 1742 -2.46 -78.72 -67.39
CA ASP D 1742 -2.37 -79.81 -66.37
C ASP D 1742 -3.42 -79.60 -65.27
N SER D 1743 -3.81 -78.35 -64.97
CA SER D 1743 -4.79 -78.08 -63.89
C SER D 1743 -6.19 -78.54 -64.32
N TYR D 1744 -6.50 -78.49 -65.60
CA TYR D 1744 -7.85 -78.81 -66.14
C TYR D 1744 -7.89 -80.28 -66.60
N ILE D 1745 -6.97 -80.64 -67.52
CA ILE D 1745 -6.84 -81.99 -68.14
C ILE D 1745 -6.03 -82.89 -67.20
N ASN D 1746 -6.69 -83.60 -66.28
CA ASN D 1746 -6.07 -84.52 -65.29
C ASN D 1746 -6.02 -85.94 -65.87
N ALA D 1747 -5.50 -86.90 -65.09
CA ALA D 1747 -5.25 -88.30 -65.52
C ALA D 1747 -6.57 -88.96 -65.98
N ASN D 1748 -7.62 -88.96 -65.15
CA ASN D 1748 -8.91 -89.62 -65.49
C ASN D 1748 -9.36 -89.14 -66.88
N THR D 1749 -9.31 -87.83 -67.15
CA THR D 1749 -9.88 -87.28 -68.40
C THR D 1749 -8.97 -87.63 -69.58
N ILE D 1750 -7.67 -87.88 -69.37
CA ILE D 1750 -6.76 -88.36 -70.44
C ILE D 1750 -7.12 -89.79 -70.81
N GLU D 1751 -7.26 -90.65 -69.80
CA GLU D 1751 -7.50 -92.12 -69.98
C GLU D 1751 -8.91 -92.35 -70.52
N THR D 1752 -9.90 -91.65 -69.94
CA THR D 1752 -11.32 -91.75 -70.35
C THR D 1752 -11.50 -91.20 -71.77
N ALA D 1753 -10.79 -90.13 -72.14
CA ALA D 1753 -10.84 -89.54 -73.49
C ALA D 1753 -10.30 -90.53 -74.50
N LYS D 1754 -9.13 -91.12 -74.20
CA LYS D 1754 -8.48 -92.14 -75.06
C LYS D 1754 -9.48 -93.26 -75.35
N MET D 1755 -10.15 -93.78 -74.31
CA MET D 1755 -11.10 -94.90 -74.41
C MET D 1755 -12.20 -94.59 -75.43
N ILE D 1756 -12.76 -93.39 -75.42
CA ILE D 1756 -13.86 -92.97 -76.34
C ILE D 1756 -13.28 -92.72 -77.74
N GLU D 1757 -12.00 -92.33 -77.83
CA GLU D 1757 -11.28 -92.17 -79.12
C GLU D 1757 -11.15 -93.55 -79.79
N ASN D 1758 -10.90 -94.58 -78.99
CA ASN D 1758 -10.56 -95.95 -79.47
C ASN D 1758 -11.81 -96.61 -80.05
N MET D 1759 -13.00 -96.14 -79.73
CA MET D 1759 -14.27 -96.73 -80.25
C MET D 1759 -14.91 -95.80 -81.30
N THR D 1760 -14.15 -94.88 -81.90
CA THR D 1760 -14.63 -93.92 -82.93
C THR D 1760 -14.66 -94.56 -84.32
N LYS D 1761 -15.50 -95.59 -84.53
CA LYS D 1761 -15.92 -96.12 -85.88
C LYS D 1761 -14.75 -96.76 -86.66
N GLU D 1762 -13.53 -96.17 -86.61
CA GLU D 1762 -12.29 -96.65 -87.29
C GLU D 1762 -11.88 -98.02 -86.72
N LYS D 1763 -11.76 -98.13 -85.38
CA LYS D 1763 -11.34 -99.39 -84.66
C LYS D 1763 -12.50 -100.38 -84.67
N VAL D 1764 -13.67 -99.95 -84.16
CA VAL D 1764 -14.89 -100.81 -84.01
C VAL D 1764 -15.50 -101.11 -85.39
N SER D 1765 -14.68 -101.60 -86.34
CA SER D 1765 -15.08 -101.97 -87.72
C SER D 1765 -16.28 -102.93 -87.61
N ASN D 1766 -15.99 -104.21 -87.28
CA ASN D 1766 -16.96 -105.32 -87.07
C ASN D 1766 -16.83 -105.84 -85.63
N GLY D 1767 -16.72 -104.94 -84.63
CA GLY D 1767 -16.90 -105.24 -83.20
C GLY D 1767 -18.31 -104.93 -82.76
N GLY D 1768 -18.80 -105.58 -81.68
CA GLY D 1768 -19.99 -105.19 -80.89
C GLY D 1768 -19.57 -104.50 -79.59
N VAL D 1769 -19.93 -103.23 -79.43
CA VAL D 1769 -19.44 -102.35 -78.32
C VAL D 1769 -20.41 -102.42 -77.13
N GLY D 1770 -19.86 -102.34 -75.92
CA GLY D 1770 -20.61 -102.13 -74.67
C GLY D 1770 -19.91 -101.09 -73.83
N VAL D 1771 -20.60 -99.97 -73.55
CA VAL D 1771 -20.13 -98.88 -72.64
C VAL D 1771 -20.88 -99.01 -71.32
N ASP D 1772 -20.21 -98.80 -70.19
CA ASP D 1772 -20.88 -98.78 -68.87
C ASP D 1772 -20.10 -97.85 -67.94
N VAL D 1773 -20.82 -97.00 -67.20
CA VAL D 1773 -20.22 -96.21 -66.10
C VAL D 1773 -20.97 -96.58 -64.82
N GLU D 1774 -20.26 -96.51 -63.70
CA GLU D 1774 -20.78 -96.73 -62.33
C GLU D 1774 -20.22 -95.62 -61.44
N LEU D 1775 -21.05 -95.07 -60.58
CA LEU D 1775 -20.61 -94.16 -59.50
C LEU D 1775 -19.93 -95.00 -58.42
N ILE D 1776 -18.75 -94.56 -57.97
CA ILE D 1776 -17.98 -95.22 -56.88
C ILE D 1776 -18.92 -95.42 -55.68
N THR D 1777 -19.82 -94.46 -55.40
CA THR D 1777 -20.66 -94.40 -54.16
C THR D 1777 -21.58 -95.60 -54.06
N SER D 1778 -22.04 -96.15 -55.19
CA SER D 1778 -23.01 -97.28 -55.21
C SER D 1778 -22.34 -98.60 -54.81
N ILE D 1779 -21.01 -98.70 -54.88
CA ILE D 1779 -20.27 -99.93 -54.45
C ILE D 1779 -20.03 -99.84 -52.94
N ASN D 1780 -20.75 -100.65 -52.14
CA ASN D 1780 -20.45 -100.82 -50.69
C ASN D 1780 -19.53 -102.03 -50.50
N VAL D 1781 -18.22 -101.78 -50.42
CA VAL D 1781 -17.15 -102.78 -50.12
C VAL D 1781 -17.58 -103.73 -48.99
N GLU D 1782 -18.17 -103.23 -47.90
CA GLU D 1782 -18.48 -104.01 -46.67
C GLU D 1782 -19.61 -105.04 -46.92
N ASN D 1783 -20.34 -104.95 -48.04
CA ASN D 1783 -21.52 -105.82 -48.36
C ASN D 1783 -21.03 -107.12 -49.03
N ASP D 1784 -20.92 -108.19 -48.23
CA ASP D 1784 -20.33 -109.50 -48.61
C ASP D 1784 -21.21 -110.20 -49.64
N THR D 1785 -22.54 -110.04 -49.56
CA THR D 1785 -23.53 -110.61 -50.54
C THR D 1785 -23.11 -110.22 -51.97
N PHE D 1786 -23.17 -108.93 -52.28
CA PHE D 1786 -22.90 -108.40 -53.65
C PHE D 1786 -21.50 -108.85 -54.11
N ILE D 1787 -20.50 -108.76 -53.23
CA ILE D 1787 -19.06 -109.01 -53.55
C ILE D 1787 -18.85 -110.51 -53.82
N GLU D 1788 -19.27 -111.39 -52.90
CA GLU D 1788 -19.10 -112.88 -53.01
C GLU D 1788 -19.90 -113.41 -54.22
N ARG D 1789 -21.11 -112.87 -54.47
CA ARG D 1789 -22.06 -113.37 -55.50
C ARG D 1789 -21.63 -112.96 -56.91
N ASN D 1790 -20.84 -111.88 -57.08
CA ASN D 1790 -20.61 -111.26 -58.42
C ASN D 1790 -19.12 -111.22 -58.80
N PHE D 1791 -18.20 -111.55 -57.88
CA PHE D 1791 -16.73 -111.45 -58.10
C PHE D 1791 -16.03 -112.76 -57.72
N THR D 1792 -14.95 -113.07 -58.44
CA THR D 1792 -14.12 -114.29 -58.24
C THR D 1792 -13.09 -114.00 -57.15
N PRO D 1793 -12.60 -115.02 -56.41
CA PRO D 1793 -11.52 -114.81 -55.43
C PRO D 1793 -10.33 -114.00 -55.97
N GLN D 1794 -9.92 -114.23 -57.22
CA GLN D 1794 -8.74 -113.58 -57.87
C GLN D 1794 -9.04 -112.09 -58.10
N GLU D 1795 -10.28 -111.73 -58.47
CA GLU D 1795 -10.75 -110.34 -58.68
C GLU D 1795 -10.78 -109.62 -57.33
N ILE D 1796 -11.52 -110.18 -56.37
CA ILE D 1796 -11.65 -109.69 -54.95
C ILE D 1796 -10.25 -109.39 -54.39
N GLU D 1797 -9.29 -110.30 -54.55
CA GLU D 1797 -7.91 -110.12 -54.01
C GLU D 1797 -7.25 -108.90 -54.64
N TYR D 1798 -7.42 -108.69 -55.96
CA TYR D 1798 -6.84 -107.55 -56.73
C TYR D 1798 -7.38 -106.22 -56.17
N CYS D 1799 -8.70 -106.06 -56.22
CA CYS D 1799 -9.42 -104.84 -55.77
C CYS D 1799 -9.11 -104.56 -54.29
N SER D 1800 -9.17 -105.58 -53.43
CA SER D 1800 -8.93 -105.48 -51.96
C SER D 1800 -7.56 -104.86 -51.64
N ALA D 1801 -6.58 -104.98 -52.55
CA ALA D 1801 -5.16 -104.60 -52.34
C ALA D 1801 -4.84 -103.24 -52.99
N GLN D 1802 -5.80 -102.60 -53.65
CA GLN D 1802 -5.61 -101.29 -54.34
C GLN D 1802 -5.70 -100.15 -53.33
N PRO D 1803 -5.14 -98.95 -53.65
CA PRO D 1803 -5.22 -97.79 -52.76
C PRO D 1803 -6.66 -97.37 -52.46
N SER D 1804 -7.53 -97.31 -53.48
CA SER D 1804 -8.99 -97.14 -53.33
C SER D 1804 -9.69 -98.45 -53.70
N VAL D 1805 -10.03 -99.25 -52.68
CA VAL D 1805 -10.74 -100.55 -52.84
C VAL D 1805 -12.08 -100.26 -53.54
N GLN D 1806 -12.81 -99.24 -53.07
CA GLN D 1806 -14.16 -98.89 -53.58
C GLN D 1806 -14.09 -98.49 -55.05
N SER D 1807 -13.09 -97.69 -55.44
CA SER D 1807 -12.88 -97.27 -56.84
C SER D 1807 -12.55 -98.47 -57.73
N SER D 1808 -11.69 -99.39 -57.26
CA SER D 1808 -11.18 -100.55 -58.05
C SER D 1808 -12.31 -101.58 -58.26
N PHE D 1809 -13.17 -101.81 -57.25
CA PHE D 1809 -14.35 -102.70 -57.38
C PHE D 1809 -15.33 -102.10 -58.38
N ALA D 1810 -15.57 -100.78 -58.31
CA ALA D 1810 -16.42 -100.05 -59.27
C ALA D 1810 -15.81 -100.17 -60.67
N GLY D 1811 -14.48 -100.17 -60.77
CA GLY D 1811 -13.76 -100.35 -62.05
C GLY D 1811 -14.07 -101.69 -62.69
N THR D 1812 -13.86 -102.78 -61.93
CA THR D 1812 -14.09 -104.19 -62.34
C THR D 1812 -15.58 -104.35 -62.69
N TRP D 1813 -16.47 -104.00 -61.75
CA TRP D 1813 -17.95 -104.09 -61.87
C TRP D 1813 -18.44 -103.36 -63.12
N SER D 1814 -17.73 -102.32 -63.57
CA SER D 1814 -18.07 -101.58 -64.82
C SER D 1814 -17.65 -102.41 -66.04
N ALA D 1815 -16.45 -103.00 -66.02
CA ALA D 1815 -15.92 -103.85 -67.10
C ALA D 1815 -16.86 -105.04 -67.33
N LYS D 1816 -17.36 -105.64 -66.25
CA LYS D 1816 -18.30 -106.79 -66.30
C LYS D 1816 -19.56 -106.36 -67.06
N GLU D 1817 -20.27 -105.33 -66.58
CA GLU D 1817 -21.52 -104.81 -67.20
C GLU D 1817 -21.26 -104.39 -68.64
N ALA D 1818 -20.04 -103.93 -68.95
CA ALA D 1818 -19.63 -103.43 -70.28
C ALA D 1818 -19.45 -104.62 -71.23
N VAL D 1819 -18.83 -105.70 -70.75
CA VAL D 1819 -18.68 -106.99 -71.50
C VAL D 1819 -20.08 -107.54 -71.79
N PHE D 1820 -20.86 -107.91 -70.77
CA PHE D 1820 -22.28 -108.37 -70.86
C PHE D 1820 -23.02 -107.59 -71.96
N LYS D 1821 -22.84 -106.26 -72.00
CA LYS D 1821 -23.51 -105.35 -72.97
C LYS D 1821 -22.97 -105.59 -74.38
N SER D 1822 -21.67 -105.87 -74.52
CA SER D 1822 -20.95 -106.10 -75.80
C SER D 1822 -21.37 -107.43 -76.45
N LEU D 1823 -21.64 -108.47 -75.64
CA LEU D 1823 -22.14 -109.81 -76.10
C LEU D 1823 -23.62 -109.70 -76.55
N GLY D 1824 -24.30 -108.59 -76.19
CA GLY D 1824 -25.62 -108.20 -76.73
C GLY D 1824 -26.70 -109.25 -76.45
N VAL D 1825 -26.46 -110.20 -75.52
CA VAL D 1825 -27.50 -111.16 -75.03
C VAL D 1825 -28.33 -110.43 -73.96
N LYS D 1826 -29.66 -110.44 -74.06
CA LYS D 1826 -30.56 -109.56 -73.25
C LYS D 1826 -30.59 -110.07 -71.80
N SER D 1827 -30.71 -111.40 -71.65
CA SER D 1827 -31.02 -112.13 -70.38
C SER D 1827 -30.03 -113.29 -70.20
N LEU D 1828 -30.27 -114.12 -69.16
CA LEU D 1828 -29.50 -115.27 -68.58
C LEU D 1828 -28.70 -114.82 -67.30
N GLY D 1829 -28.20 -113.56 -67.27
CA GLY D 1829 -28.04 -112.72 -66.07
C GLY D 1829 -29.07 -111.60 -66.03
N GLY D 1830 -30.36 -111.92 -65.76
CA GLY D 1830 -31.46 -110.95 -65.53
C GLY D 1830 -31.58 -110.59 -64.05
N GLY D 1831 -30.63 -109.81 -63.51
CA GLY D 1831 -30.36 -109.62 -62.07
C GLY D 1831 -29.26 -110.54 -61.56
N ALA D 1832 -28.93 -111.59 -62.33
CA ALA D 1832 -28.15 -112.78 -61.93
C ALA D 1832 -26.62 -112.56 -62.10
N ALA D 1833 -25.85 -113.43 -61.41
CA ALA D 1833 -24.38 -113.50 -61.28
C ALA D 1833 -23.61 -113.10 -62.54
N LEU D 1834 -22.78 -112.05 -62.45
CA LEU D 1834 -21.78 -111.66 -63.48
C LEU D 1834 -20.41 -112.23 -63.11
N LYS D 1835 -20.37 -113.15 -62.13
CA LYS D 1835 -19.14 -113.87 -61.70
C LYS D 1835 -18.58 -114.65 -62.90
N ASP D 1836 -19.45 -115.14 -63.78
CA ASP D 1836 -19.10 -115.85 -65.05
C ASP D 1836 -18.17 -114.99 -65.91
N ILE D 1837 -18.36 -113.66 -65.91
CA ILE D 1837 -17.50 -112.67 -66.65
C ILE D 1837 -16.36 -112.24 -65.72
N GLU D 1838 -15.16 -112.82 -65.88
CA GLU D 1838 -13.99 -112.54 -65.01
C GLU D 1838 -13.07 -111.56 -65.72
N ILE D 1839 -12.68 -110.50 -65.02
CA ILE D 1839 -11.67 -109.50 -65.45
C ILE D 1839 -10.35 -109.87 -64.76
N VAL D 1840 -9.29 -110.13 -65.54
CA VAL D 1840 -7.93 -110.42 -65.03
C VAL D 1840 -7.09 -109.14 -65.15
N ARG D 1841 -6.90 -108.47 -64.02
CA ARG D 1841 -6.08 -107.23 -63.89
C ARG D 1841 -4.75 -107.67 -63.26
N VAL D 1842 -3.79 -108.01 -64.13
CA VAL D 1842 -2.34 -108.11 -63.79
C VAL D 1842 -1.88 -106.65 -63.59
N ASN D 1843 -1.45 -106.31 -62.35
CA ASN D 1843 -1.51 -104.95 -61.72
C ASN D 1843 -1.04 -103.89 -62.74
N LYS D 1844 -1.91 -102.94 -63.10
CA LYS D 1844 -1.63 -101.75 -63.96
C LYS D 1844 -1.55 -102.12 -65.45
N ASN D 1845 -1.82 -103.38 -65.82
CA ASN D 1845 -1.78 -103.85 -67.24
C ASN D 1845 -3.20 -104.08 -67.79
N ALA D 1846 -3.44 -103.54 -68.99
CA ALA D 1846 -4.78 -103.44 -69.62
C ALA D 1846 -5.51 -104.76 -69.37
N PRO D 1847 -6.71 -104.71 -68.75
CA PRO D 1847 -7.34 -105.93 -68.24
C PRO D 1847 -7.63 -106.92 -69.37
N ALA D 1848 -7.72 -108.21 -69.04
CA ALA D 1848 -8.12 -109.29 -69.97
C ALA D 1848 -9.45 -109.89 -69.48
N VAL D 1849 -10.32 -110.24 -70.43
CA VAL D 1849 -11.64 -110.87 -70.15
C VAL D 1849 -11.46 -112.39 -70.20
N GLU D 1850 -12.24 -113.14 -69.42
CA GLU D 1850 -12.10 -114.62 -69.26
C GLU D 1850 -13.46 -115.19 -68.86
N LEU D 1851 -14.36 -115.33 -69.85
CA LEU D 1851 -15.74 -115.89 -69.71
C LEU D 1851 -15.67 -117.35 -69.24
N HIS D 1852 -16.63 -117.74 -68.37
CA HIS D 1852 -16.82 -119.10 -67.81
C HIS D 1852 -18.30 -119.52 -67.99
N GLY D 1853 -18.67 -120.71 -67.49
CA GLY D 1853 -20.05 -121.23 -67.43
C GLY D 1853 -20.98 -120.69 -68.51
N ASN D 1854 -22.12 -120.11 -68.10
CA ASN D 1854 -23.26 -119.69 -68.96
C ASN D 1854 -22.88 -118.54 -69.90
N ALA D 1855 -22.02 -117.62 -69.44
CA ALA D 1855 -21.54 -116.46 -70.22
C ALA D 1855 -20.73 -116.92 -71.44
N LYS D 1856 -20.00 -118.04 -71.31
CA LYS D 1856 -19.13 -118.60 -72.38
C LYS D 1856 -19.98 -119.40 -73.38
N LYS D 1857 -21.10 -119.99 -72.93
CA LYS D 1857 -22.09 -120.65 -73.83
C LYS D 1857 -22.61 -119.59 -74.83
N ALA D 1858 -23.23 -118.52 -74.30
CA ALA D 1858 -23.74 -117.36 -75.07
C ALA D 1858 -22.70 -116.88 -76.08
N ALA D 1859 -21.42 -116.83 -75.66
CA ALA D 1859 -20.27 -116.31 -76.43
C ALA D 1859 -20.02 -117.17 -77.67
N GLU D 1860 -19.73 -118.47 -77.51
CA GLU D 1860 -19.42 -119.42 -78.62
C GLU D 1860 -20.60 -119.48 -79.62
N GLU D 1861 -21.85 -119.31 -79.15
CA GLU D 1861 -23.05 -119.52 -80.05
C GLU D 1861 -23.54 -118.17 -80.65
N ALA D 1862 -22.99 -117.01 -80.25
CA ALA D 1862 -22.97 -115.77 -81.08
C ALA D 1862 -21.56 -115.60 -81.68
N GLY D 1863 -20.77 -116.69 -81.65
CA GLY D 1863 -19.44 -116.87 -82.27
C GLY D 1863 -18.50 -115.69 -82.06
N VAL D 1864 -17.88 -115.58 -80.87
CA VAL D 1864 -16.93 -114.48 -80.50
C VAL D 1864 -15.55 -115.08 -80.24
N THR D 1865 -14.60 -114.89 -81.17
CA THR D 1865 -13.17 -115.31 -81.07
C THR D 1865 -12.50 -114.61 -79.87
N ASP D 1866 -12.83 -113.33 -79.60
CA ASP D 1866 -12.10 -112.45 -78.63
C ASP D 1866 -13.04 -111.39 -78.03
N VAL D 1867 -12.61 -110.76 -76.91
CA VAL D 1867 -13.33 -109.67 -76.16
C VAL D 1867 -12.29 -108.79 -75.44
N LYS D 1868 -12.06 -107.56 -75.91
CA LYS D 1868 -11.21 -106.54 -75.23
C LYS D 1868 -12.08 -105.66 -74.30
N VAL D 1869 -11.46 -105.02 -73.30
CA VAL D 1869 -12.11 -104.05 -72.37
C VAL D 1869 -11.06 -103.07 -71.87
N SER D 1870 -11.38 -101.77 -71.87
CA SER D 1870 -10.62 -100.67 -71.23
C SER D 1870 -11.37 -100.21 -69.98
N ILE D 1871 -10.66 -99.73 -68.97
CA ILE D 1871 -11.27 -99.19 -67.72
C ILE D 1871 -10.54 -97.90 -67.34
N SER D 1872 -11.28 -96.93 -66.81
CA SER D 1872 -10.76 -95.77 -66.04
C SER D 1872 -11.66 -95.57 -64.81
N HIS D 1873 -11.06 -95.51 -63.63
CA HIS D 1873 -11.78 -95.28 -62.35
C HIS D 1873 -11.00 -94.27 -61.53
N ASP D 1874 -11.71 -93.30 -60.92
CA ASP D 1874 -11.16 -92.32 -59.95
C ASP D 1874 -12.05 -92.35 -58.70
N ASP D 1875 -12.21 -91.21 -58.02
CA ASP D 1875 -12.95 -91.12 -56.74
C ASP D 1875 -14.44 -90.80 -56.99
N LEU D 1876 -14.84 -90.55 -58.24
CA LEU D 1876 -16.26 -90.26 -58.62
C LEU D 1876 -16.86 -91.45 -59.37
N GLN D 1877 -16.28 -91.79 -60.54
CA GLN D 1877 -16.90 -92.63 -61.59
C GLN D 1877 -15.87 -93.63 -62.13
N ALA D 1878 -16.28 -94.89 -62.29
CA ALA D 1878 -15.63 -95.92 -63.13
C ALA D 1878 -16.38 -95.98 -64.47
N VAL D 1879 -15.64 -95.98 -65.58
CA VAL D 1879 -16.22 -96.15 -66.95
C VAL D 1879 -15.39 -97.22 -67.68
N ALA D 1880 -16.05 -98.14 -68.36
CA ALA D 1880 -15.46 -99.26 -69.14
C ALA D 1880 -16.07 -99.31 -70.54
N VAL D 1881 -15.24 -99.61 -71.53
CA VAL D 1881 -15.62 -99.89 -72.96
C VAL D 1881 -15.11 -101.30 -73.31
N ALA D 1882 -16.03 -102.21 -73.65
CA ALA D 1882 -15.74 -103.58 -74.16
C ALA D 1882 -16.12 -103.65 -75.66
N VAL D 1883 -15.19 -104.07 -76.53
CA VAL D 1883 -15.48 -104.57 -77.91
C VAL D 1883 -15.35 -106.10 -77.90
N SER D 1884 -16.36 -106.81 -78.40
CA SER D 1884 -16.30 -108.26 -78.70
C SER D 1884 -16.38 -108.42 -80.22
N THR D 1885 -15.39 -109.13 -80.81
CA THR D 1885 -15.30 -109.39 -82.28
C THR D 1885 -15.71 -110.85 -82.57
N LYS D 1886 -16.24 -111.10 -83.78
CA LYS D 1886 -17.00 -112.32 -84.19
C LYS D 1886 -16.12 -113.60 -84.16
N MET E 1 59.67 -31.16 -109.85
CA MET E 1 58.25 -30.82 -109.56
C MET E 1 58.19 -29.42 -108.94
N LYS E 2 57.38 -28.53 -109.51
CA LYS E 2 57.18 -27.13 -109.01
C LYS E 2 56.35 -27.18 -107.72
N PRO E 3 56.46 -26.18 -106.82
CA PRO E 3 55.60 -26.14 -105.63
C PRO E 3 54.10 -26.22 -105.97
N GLU E 4 53.64 -25.37 -106.90
CA GLU E 4 52.22 -25.26 -107.34
C GLU E 4 51.68 -26.64 -107.69
N VAL E 5 52.44 -27.44 -108.44
CA VAL E 5 52.03 -28.80 -108.91
C VAL E 5 52.00 -29.75 -107.70
N GLU E 6 53.05 -29.70 -106.87
CA GLU E 6 53.15 -30.52 -105.62
C GLU E 6 51.85 -30.32 -104.81
N GLN E 7 51.45 -29.06 -104.63
CA GLN E 7 50.18 -28.66 -103.95
C GLN E 7 48.98 -29.28 -104.69
N GLU E 8 48.82 -28.96 -105.97
CA GLU E 8 47.69 -29.44 -106.83
C GLU E 8 47.51 -30.94 -106.62
N LEU E 9 48.62 -31.69 -106.54
CA LEU E 9 48.63 -33.17 -106.40
C LEU E 9 48.29 -33.55 -104.95
N ALA E 10 48.97 -32.93 -103.99
CA ALA E 10 48.74 -33.12 -102.53
C ALA E 10 47.25 -32.93 -102.24
N HIS E 11 46.63 -31.92 -102.85
CA HIS E 11 45.17 -31.64 -102.76
C HIS E 11 44.37 -32.87 -103.20
N ILE E 12 44.55 -33.29 -104.46
CA ILE E 12 43.80 -34.44 -105.07
C ILE E 12 43.99 -35.64 -104.14
N LEU E 13 45.23 -35.85 -103.67
CA LEU E 13 45.60 -36.97 -102.78
C LEU E 13 44.75 -36.90 -101.51
N LEU E 14 44.88 -35.82 -100.73
CA LEU E 14 44.15 -35.53 -99.46
C LEU E 14 42.65 -35.80 -99.66
N THR E 15 42.08 -35.13 -100.66
CA THR E 15 40.68 -35.26 -101.12
C THR E 15 40.28 -36.74 -101.14
N GLU E 16 41.05 -37.58 -101.86
CA GLU E 16 40.70 -39.00 -102.11
C GLU E 16 40.88 -39.82 -100.83
N LEU E 17 41.96 -39.56 -100.09
CA LEU E 17 42.24 -40.25 -98.81
C LEU E 17 41.04 -40.14 -97.86
N LEU E 18 40.37 -38.98 -97.86
CA LEU E 18 39.23 -38.67 -96.94
C LEU E 18 37.94 -39.22 -97.52
N ALA E 19 37.80 -39.11 -98.84
CA ALA E 19 36.61 -39.55 -99.61
C ALA E 19 36.38 -41.04 -99.34
N TYR E 20 37.43 -41.85 -99.48
CA TYR E 20 37.36 -43.33 -99.37
C TYR E 20 37.40 -43.73 -97.89
N GLN E 21 38.17 -43.02 -97.06
CA GLN E 21 38.29 -43.28 -95.60
C GLN E 21 36.90 -43.55 -95.03
N PHE E 22 35.94 -42.73 -95.48
CA PHE E 22 34.50 -42.73 -95.16
C PHE E 22 33.91 -44.14 -95.12
N ALA E 23 34.33 -45.02 -96.06
CA ALA E 23 33.72 -46.34 -96.35
C ALA E 23 34.78 -47.44 -96.50
N SER E 24 36.03 -47.20 -96.08
CA SER E 24 37.11 -48.21 -95.95
C SER E 24 37.41 -48.39 -94.47
N PRO E 25 38.08 -49.49 -94.08
CA PRO E 25 38.44 -49.70 -92.69
C PRO E 25 39.50 -48.72 -92.16
N VAL E 26 39.61 -48.69 -90.83
CA VAL E 26 40.49 -47.77 -90.05
C VAL E 26 41.68 -48.61 -89.56
N ARG E 27 42.84 -48.42 -90.17
CA ARG E 27 44.05 -49.24 -89.91
C ARG E 27 44.81 -48.60 -88.74
N TRP E 28 44.25 -48.65 -87.54
CA TRP E 28 44.84 -48.03 -86.31
C TRP E 28 45.96 -48.93 -85.76
N ILE E 29 45.97 -50.22 -86.11
CA ILE E 29 47.06 -51.17 -85.71
C ILE E 29 48.36 -50.66 -86.34
N GLU E 30 48.36 -50.51 -87.67
CA GLU E 30 49.55 -50.09 -88.45
C GLU E 30 49.93 -48.66 -88.06
N THR E 31 48.91 -47.80 -87.90
CA THR E 31 49.08 -46.37 -87.55
C THR E 31 49.91 -46.32 -86.26
N GLN E 32 49.45 -47.03 -85.23
CA GLN E 32 50.14 -47.08 -83.92
C GLN E 32 51.60 -47.55 -84.12
N ASP E 33 51.82 -48.58 -84.94
CA ASP E 33 53.16 -49.17 -85.15
C ASP E 33 54.05 -48.13 -85.86
N VAL E 34 53.48 -47.34 -86.78
CA VAL E 34 54.23 -46.28 -87.51
C VAL E 34 54.77 -45.27 -86.48
N PHE E 35 53.92 -44.74 -85.61
CA PHE E 35 54.34 -43.65 -84.70
C PHE E 35 55.11 -44.25 -83.51
N LEU E 36 54.84 -45.51 -83.13
CA LEU E 36 55.53 -46.14 -81.97
C LEU E 36 56.90 -46.68 -82.39
N LYS E 37 56.98 -47.47 -83.46
CA LYS E 37 58.26 -48.12 -83.88
C LYS E 37 59.04 -47.15 -84.79
N ASP E 38 58.50 -46.82 -85.97
CA ASP E 38 59.23 -46.10 -87.05
C ASP E 38 59.65 -44.69 -86.60
N PHE E 39 58.93 -44.07 -85.65
CA PHE E 39 59.17 -42.66 -85.21
C PHE E 39 59.64 -42.58 -83.76
N ASN E 40 59.58 -43.69 -83.00
CA ASN E 40 60.04 -43.81 -81.59
C ASN E 40 59.47 -42.65 -80.75
N THR E 41 58.18 -42.37 -80.91
CA THR E 41 57.44 -41.33 -80.15
C THR E 41 57.58 -41.59 -78.65
N GLU E 42 58.02 -40.58 -77.90
CA GLU E 42 58.19 -40.65 -76.43
C GLU E 42 57.04 -39.93 -75.74
N ARG E 43 56.27 -39.15 -76.49
CA ARG E 43 55.10 -38.41 -75.97
C ARG E 43 53.95 -38.60 -76.96
N VAL E 44 53.01 -39.51 -76.69
CA VAL E 44 51.75 -39.62 -77.48
C VAL E 44 50.67 -38.94 -76.65
N VAL E 45 50.08 -37.89 -77.23
CA VAL E 45 49.10 -36.97 -76.59
C VAL E 45 47.77 -37.14 -77.33
N GLU E 46 46.78 -37.69 -76.65
CA GLU E 46 45.40 -37.81 -77.18
C GLU E 46 44.70 -36.46 -77.00
N ILE E 47 44.26 -35.89 -78.11
CA ILE E 47 43.34 -34.72 -78.14
C ILE E 47 41.92 -35.26 -78.26
N GLY E 48 41.19 -35.33 -77.15
CA GLY E 48 39.78 -35.71 -77.15
C GLY E 48 39.16 -35.64 -75.76
N PRO E 49 37.85 -35.92 -75.64
CA PRO E 49 37.15 -35.77 -74.37
C PRO E 49 37.38 -36.92 -73.38
N SER E 50 37.87 -38.07 -73.84
CA SER E 50 38.12 -39.28 -73.02
C SER E 50 39.34 -40.02 -73.56
N PRO E 51 40.08 -40.77 -72.71
CA PRO E 51 41.38 -41.31 -73.08
C PRO E 51 41.30 -42.70 -73.73
N THR E 52 40.52 -42.82 -74.81
CA THR E 52 40.18 -44.13 -75.43
C THR E 52 41.31 -44.52 -76.41
N LEU E 53 41.94 -43.57 -77.12
CA LEU E 53 43.11 -43.82 -78.00
C LEU E 53 44.39 -44.01 -77.17
N ALA E 54 44.46 -43.34 -76.02
CA ALA E 54 45.53 -43.49 -75.00
C ALA E 54 45.48 -44.93 -74.47
N GLY E 55 44.30 -45.35 -74.00
CA GLY E 55 44.03 -46.74 -73.57
C GLY E 55 44.53 -47.75 -74.59
N MET E 56 44.32 -47.48 -75.89
CA MET E 56 44.75 -48.36 -77.01
C MET E 56 46.28 -48.36 -77.13
N ALA E 57 46.93 -47.20 -77.04
CA ALA E 57 48.41 -47.06 -77.10
C ALA E 57 49.05 -47.90 -75.96
N GLN E 58 48.61 -47.71 -74.72
CA GLN E 58 49.13 -48.44 -73.52
C GLN E 58 49.05 -49.95 -73.76
N ARG E 59 47.94 -50.44 -74.32
CA ARG E 59 47.75 -51.87 -74.64
C ARG E 59 48.71 -52.33 -75.75
N THR E 60 48.79 -51.62 -76.88
CA THR E 60 49.68 -52.00 -78.02
C THR E 60 51.14 -52.01 -77.53
N LEU E 61 51.47 -51.14 -76.56
CA LEU E 61 52.83 -51.08 -75.92
C LEU E 61 53.04 -52.33 -75.06
N LYS E 62 52.10 -52.63 -74.16
CA LYS E 62 52.15 -53.81 -73.26
C LYS E 62 52.30 -55.09 -74.09
N ASN E 63 51.61 -55.20 -75.23
CA ASN E 63 51.66 -56.39 -76.14
C ASN E 63 53.08 -56.55 -76.68
N LYS E 64 53.51 -55.72 -77.64
CA LYS E 64 54.61 -56.06 -78.58
C LYS E 64 55.81 -55.08 -78.49
N TYR E 65 55.88 -54.27 -77.42
CA TYR E 65 56.94 -53.24 -77.23
C TYR E 65 57.58 -53.40 -75.83
N GLU E 66 57.20 -54.44 -75.08
CA GLU E 66 57.79 -54.79 -73.76
C GLU E 66 59.31 -54.64 -73.84
N SER E 67 59.97 -55.52 -74.60
CA SER E 67 61.45 -55.69 -74.62
C SER E 67 62.10 -54.60 -75.47
N TYR E 68 61.40 -54.08 -76.48
CA TYR E 68 61.90 -53.02 -77.41
C TYR E 68 62.16 -51.74 -76.60
N ASP E 69 61.13 -51.24 -75.91
CA ASP E 69 61.20 -50.01 -75.07
C ASP E 69 62.28 -50.18 -73.99
N ALA E 70 62.36 -51.37 -73.38
CA ALA E 70 63.39 -51.70 -72.37
C ALA E 70 64.78 -51.55 -72.99
N ALA E 71 65.08 -52.34 -74.01
CA ALA E 71 66.40 -52.45 -74.67
C ALA E 71 66.89 -51.06 -75.13
N LEU E 72 66.02 -50.22 -75.69
CA LEU E 72 66.41 -48.89 -76.23
C LEU E 72 66.35 -47.81 -75.14
N SER E 73 66.25 -48.20 -73.87
CA SER E 73 66.08 -47.30 -72.70
C SER E 73 65.24 -46.10 -73.13
N LEU E 74 64.03 -46.40 -73.64
CA LEU E 74 63.17 -45.41 -74.32
C LEU E 74 61.89 -45.25 -73.49
N HIS E 75 61.97 -44.40 -72.46
CA HIS E 75 60.83 -43.97 -71.60
C HIS E 75 59.78 -43.30 -72.52
N ARG E 76 58.51 -43.72 -72.38
CA ARG E 76 57.33 -43.33 -73.19
C ARG E 76 56.28 -42.71 -72.27
N GLU E 77 55.53 -41.72 -72.75
CA GLU E 77 54.53 -40.99 -71.95
C GLU E 77 53.23 -40.89 -72.75
N ILE E 78 52.19 -41.60 -72.31
CA ILE E 78 50.85 -41.58 -72.95
C ILE E 78 49.98 -40.61 -72.16
N LEU E 79 49.51 -39.54 -72.79
CA LEU E 79 48.75 -38.45 -72.13
C LEU E 79 47.45 -38.19 -72.90
N CYS E 80 46.38 -37.87 -72.18
CA CYS E 80 45.06 -37.48 -72.76
C CYS E 80 44.70 -36.07 -72.29
N TYR E 81 44.23 -35.22 -73.20
CA TYR E 81 43.93 -33.81 -72.92
C TYR E 81 42.98 -33.70 -71.71
N SER E 82 41.98 -34.58 -71.63
CA SER E 82 40.93 -34.56 -70.58
C SER E 82 41.50 -34.96 -69.22
N LYS E 83 42.39 -35.95 -69.20
CA LYS E 83 42.86 -36.64 -67.96
C LYS E 83 44.03 -35.84 -67.37
N ASP E 84 45.10 -35.58 -68.14
CA ASP E 84 46.41 -35.14 -67.60
C ASP E 84 46.75 -33.73 -68.14
N ALA E 85 45.90 -32.74 -67.84
CA ALA E 85 46.11 -31.32 -68.21
C ALA E 85 47.48 -30.86 -67.73
N LYS E 86 47.84 -31.15 -66.49
CA LYS E 86 49.02 -30.58 -65.78
C LYS E 86 50.31 -30.99 -66.48
N GLU E 87 50.40 -32.23 -66.94
CA GLU E 87 51.59 -32.74 -67.67
C GLU E 87 51.71 -32.06 -69.03
N ILE E 88 50.58 -31.86 -69.72
CA ILE E 88 50.56 -31.39 -71.13
C ILE E 88 50.91 -29.90 -71.20
N TYR E 89 50.44 -29.11 -70.23
CA TYR E 89 50.61 -27.63 -70.13
C TYR E 89 51.85 -27.26 -69.31
N TYR E 90 52.64 -28.26 -68.87
CA TYR E 90 53.82 -28.09 -67.99
C TYR E 90 53.49 -27.13 -66.86
N THR E 91 52.48 -27.48 -66.07
CA THR E 91 52.09 -26.75 -64.82
C THR E 91 51.88 -27.77 -63.72
N PRO E 92 52.94 -28.34 -63.12
CA PRO E 92 52.76 -29.24 -61.98
C PRO E 92 52.36 -28.32 -60.81
N ASP E 93 51.61 -28.83 -59.83
CA ASP E 93 51.11 -28.07 -58.65
C ASP E 93 52.29 -27.77 -57.73
N PRO E 94 52.13 -26.93 -56.68
CA PRO E 94 53.29 -26.52 -55.87
C PRO E 94 53.89 -27.67 -55.04
N SER E 95 54.26 -28.80 -55.68
CA SER E 95 54.75 -30.04 -55.02
C SER E 95 56.07 -30.48 -55.68
N GLU E 96 57.21 -30.09 -55.08
CA GLU E 96 58.61 -30.45 -55.46
C GLU E 96 59.44 -30.39 -54.17
N ILE E 140 31.38 -19.33 -26.02
CA ILE E 140 32.12 -20.28 -26.92
C ILE E 140 31.63 -20.10 -28.38
N ALA E 141 32.42 -20.55 -29.36
CA ALA E 141 32.13 -20.39 -30.82
C ALA E 141 30.69 -20.81 -31.09
N ASP E 142 30.00 -20.13 -32.02
CA ASP E 142 28.61 -20.44 -32.48
C ASP E 142 28.67 -21.16 -33.83
N GLU E 143 27.74 -22.10 -34.06
CA GLU E 143 27.52 -22.82 -35.34
C GLU E 143 26.01 -22.90 -35.57
N PRO E 144 25.49 -22.41 -36.72
CA PRO E 144 24.11 -22.73 -37.12
C PRO E 144 23.93 -24.24 -37.21
N VAL E 145 22.71 -24.76 -36.98
CA VAL E 145 22.40 -26.21 -37.12
C VAL E 145 22.60 -26.59 -38.59
N LYS E 146 23.20 -27.76 -38.86
CA LYS E 146 23.36 -28.34 -40.23
C LYS E 146 21.98 -28.81 -40.69
N ALA E 147 21.73 -28.88 -42.00
CA ALA E 147 20.48 -29.43 -42.59
C ALA E 147 20.39 -30.94 -42.29
N SER E 148 21.53 -31.62 -42.11
CA SER E 148 21.61 -33.08 -41.83
C SER E 148 21.10 -33.39 -40.41
N LEU E 149 21.39 -32.54 -39.41
CA LEU E 149 20.88 -32.69 -38.02
C LEU E 149 19.37 -32.45 -38.02
N LEU E 150 18.93 -31.39 -38.71
CA LEU E 150 17.52 -30.94 -38.77
C LEU E 150 16.65 -32.01 -39.47
N LEU E 151 17.12 -32.60 -40.57
CA LEU E 151 16.39 -33.64 -41.34
C LEU E 151 16.35 -34.97 -40.57
N HIS E 152 17.49 -35.39 -40.01
CA HIS E 152 17.63 -36.61 -39.16
C HIS E 152 16.62 -36.56 -38.02
N VAL E 153 16.54 -35.43 -37.31
CA VAL E 153 15.70 -35.22 -36.09
C VAL E 153 14.22 -35.25 -36.48
N LEU E 154 13.83 -34.57 -37.57
CA LEU E 154 12.42 -34.46 -38.04
C LEU E 154 11.90 -35.83 -38.48
N VAL E 155 12.71 -36.61 -39.20
CA VAL E 155 12.33 -37.95 -39.75
C VAL E 155 12.33 -38.97 -38.59
N ALA E 156 13.28 -38.85 -37.65
CA ALA E 156 13.40 -39.71 -36.44
C ALA E 156 12.19 -39.49 -35.52
N HIS E 157 11.84 -38.23 -35.24
CA HIS E 157 10.73 -37.85 -34.34
C HIS E 157 9.37 -38.27 -34.92
N LYS E 158 9.24 -38.32 -36.25
CA LYS E 158 7.97 -38.70 -36.95
C LYS E 158 7.72 -40.21 -36.82
N LEU E 159 8.78 -41.01 -37.04
CA LEU E 159 8.76 -42.51 -36.95
C LEU E 159 8.82 -42.94 -35.48
N LYS E 160 9.01 -41.98 -34.55
CA LYS E 160 9.03 -42.16 -33.07
C LYS E 160 10.17 -43.12 -32.72
N LYS E 161 11.39 -42.81 -33.17
CA LYS E 161 12.61 -43.65 -32.99
C LYS E 161 13.79 -42.71 -32.70
N SER E 162 14.78 -43.18 -31.92
CA SER E 162 16.02 -42.43 -31.59
C SER E 162 16.82 -42.22 -32.89
N LEU E 163 17.79 -41.30 -32.87
CA LEU E 163 18.63 -40.93 -34.06
C LEU E 163 19.41 -42.15 -34.57
N ASP E 164 19.89 -43.02 -33.67
CA ASP E 164 20.72 -44.22 -33.98
C ASP E 164 19.90 -45.26 -34.74
N SER E 165 18.59 -45.34 -34.49
CA SER E 165 17.63 -46.29 -35.12
C SER E 165 17.47 -46.00 -36.63
N ILE E 166 17.45 -44.71 -37.02
CA ILE E 166 17.31 -44.26 -38.44
C ILE E 166 18.71 -44.02 -39.02
N PRO E 167 19.23 -44.90 -39.92
CA PRO E 167 20.47 -44.61 -40.64
C PRO E 167 20.20 -43.64 -41.80
N MET E 168 21.11 -42.69 -42.02
CA MET E 168 20.97 -41.58 -43.01
C MET E 168 21.19 -42.12 -44.44
N SER E 169 21.77 -43.31 -44.59
CA SER E 169 22.06 -43.98 -45.89
C SER E 169 20.76 -44.50 -46.55
N LYS E 170 19.70 -44.71 -45.74
CA LYS E 170 18.37 -45.23 -46.19
C LYS E 170 17.48 -44.07 -46.65
N THR E 171 16.46 -44.39 -47.46
CA THR E 171 15.51 -43.45 -48.10
C THR E 171 14.26 -43.32 -47.22
N ILE E 172 13.40 -42.33 -47.47
CA ILE E 172 12.12 -42.11 -46.72
C ILE E 172 11.16 -43.27 -47.02
N LYS E 173 11.05 -43.68 -48.29
CA LYS E 173 10.20 -44.79 -48.80
C LYS E 173 10.60 -46.11 -48.13
N ASP E 174 11.91 -46.33 -47.97
CA ASP E 174 12.53 -47.51 -47.29
C ASP E 174 12.12 -47.53 -45.81
N LEU E 175 12.46 -46.48 -45.06
CA LEU E 175 12.28 -46.36 -43.59
C LEU E 175 10.80 -46.50 -43.20
N VAL E 176 9.90 -46.05 -44.08
CA VAL E 176 8.42 -45.96 -43.86
C VAL E 176 7.77 -47.35 -44.00
N GLY E 177 8.48 -48.31 -44.59
CA GLY E 177 7.94 -49.61 -45.03
C GLY E 177 6.92 -49.37 -46.14
N GLY E 178 5.72 -49.94 -46.04
CA GLY E 178 4.65 -49.68 -47.03
C GLY E 178 3.71 -48.57 -46.61
N LYS E 179 3.98 -47.87 -45.49
CA LYS E 179 3.03 -46.93 -44.82
C LYS E 179 3.10 -45.59 -45.54
N SER E 180 2.48 -45.52 -46.73
CA SER E 180 2.51 -44.31 -47.54
C SER E 180 1.80 -43.12 -46.88
N THR E 181 0.92 -43.40 -45.90
CA THR E 181 0.27 -42.40 -45.07
C THR E 181 1.35 -41.53 -44.37
N VAL E 182 2.44 -42.16 -43.88
CA VAL E 182 3.58 -41.58 -43.08
C VAL E 182 4.61 -40.93 -44.02
N GLN E 183 4.78 -41.47 -45.24
CA GLN E 183 5.64 -40.86 -46.29
C GLN E 183 5.11 -39.48 -46.65
N ASN E 184 3.78 -39.35 -46.87
CA ASN E 184 3.06 -38.09 -47.23
C ASN E 184 3.23 -37.03 -46.12
N GLU E 185 3.25 -37.45 -44.85
CA GLU E 185 3.45 -36.57 -43.67
C GLU E 185 4.89 -36.04 -43.65
N ILE E 186 5.90 -36.91 -43.82
CA ILE E 186 7.35 -36.56 -43.81
C ILE E 186 7.65 -35.58 -44.95
N LEU E 187 7.11 -35.81 -46.17
CA LEU E 187 7.32 -34.95 -47.36
C LEU E 187 6.64 -33.59 -47.15
N GLY E 188 5.45 -33.56 -46.55
CA GLY E 188 4.72 -32.34 -46.16
C GLY E 188 5.49 -31.54 -45.11
N ASP E 189 6.11 -32.22 -44.14
CA ASP E 189 6.92 -31.66 -43.03
C ASP E 189 8.24 -31.09 -43.57
N LEU E 190 8.88 -31.75 -44.56
CA LEU E 190 10.16 -31.28 -45.16
C LEU E 190 9.90 -30.07 -46.06
N GLY E 191 8.75 -30.02 -46.74
CA GLY E 191 8.31 -28.86 -47.55
C GLY E 191 8.02 -27.66 -46.67
N LYS E 192 7.32 -27.87 -45.55
CA LYS E 192 6.98 -26.85 -44.51
C LYS E 192 8.28 -26.28 -43.93
N GLU E 193 9.29 -27.13 -43.73
CA GLU E 193 10.55 -26.80 -43.02
C GLU E 193 11.45 -25.94 -43.91
N PHE E 194 11.93 -26.50 -45.02
CA PHE E 194 13.03 -25.96 -45.87
C PHE E 194 12.50 -25.09 -47.01
N GLY E 195 11.25 -25.29 -47.45
CA GLY E 195 10.63 -24.53 -48.55
C GLY E 195 10.43 -25.40 -49.78
N THR E 196 11.47 -25.60 -50.60
CA THR E 196 11.40 -26.45 -51.83
C THR E 196 11.82 -27.89 -51.46
N THR E 197 11.80 -28.81 -52.45
CA THR E 197 12.20 -30.25 -52.34
C THR E 197 12.71 -30.72 -53.69
N PRO E 198 13.70 -31.66 -53.78
CA PRO E 198 13.99 -32.34 -55.06
C PRO E 198 12.77 -33.03 -55.69
N GLU E 199 12.95 -33.64 -56.87
CA GLU E 199 11.84 -34.21 -57.69
C GLU E 199 11.20 -35.40 -56.97
N LYS E 200 12.01 -36.34 -56.45
CA LYS E 200 11.51 -37.58 -55.76
C LYS E 200 12.26 -37.74 -54.44
N PRO E 201 11.87 -36.96 -53.39
CA PRO E 201 12.58 -36.98 -52.10
C PRO E 201 12.56 -38.35 -51.39
N GLU E 202 11.50 -39.11 -51.63
CA GLU E 202 11.16 -40.45 -51.07
C GLU E 202 12.26 -41.44 -51.45
N GLU E 203 12.83 -41.31 -52.66
CA GLU E 203 13.81 -42.24 -53.27
C GLU E 203 15.26 -41.76 -53.07
N THR E 204 15.46 -40.49 -52.69
CA THR E 204 16.77 -39.89 -52.29
C THR E 204 17.14 -40.35 -50.87
N PRO E 205 18.34 -40.96 -50.66
CA PRO E 205 18.86 -41.22 -49.31
C PRO E 205 19.06 -39.93 -48.51
N LEU E 206 18.85 -39.97 -47.19
CA LEU E 206 18.71 -38.76 -46.31
C LEU E 206 20.05 -37.99 -46.22
N GLU E 207 21.20 -38.67 -46.34
CA GLU E 207 22.55 -38.04 -46.48
C GLU E 207 22.52 -37.03 -47.65
N GLU E 208 22.01 -37.49 -48.81
CA GLU E 208 21.94 -36.76 -50.10
C GLU E 208 20.89 -35.64 -50.04
N LEU E 209 19.68 -35.91 -49.52
CA LEU E 209 18.61 -34.90 -49.29
C LEU E 209 19.17 -33.72 -48.48
N ALA E 210 19.99 -34.01 -47.45
CA ALA E 210 20.64 -33.03 -46.54
C ALA E 210 21.51 -32.04 -47.31
N GLU E 211 22.30 -32.52 -48.28
CA GLU E 211 23.24 -31.69 -49.09
C GLU E 211 22.47 -30.75 -50.03
N THR E 212 21.34 -31.20 -50.59
CA THR E 212 20.47 -30.39 -51.49
C THR E 212 19.83 -29.23 -50.71
N PHE E 213 19.32 -29.52 -49.50
CA PHE E 213 18.71 -28.54 -48.56
C PHE E 213 19.79 -27.57 -48.07
N GLN E 214 21.00 -28.07 -47.81
CA GLN E 214 22.18 -27.32 -47.30
C GLN E 214 22.53 -26.16 -48.25
N ASP E 215 22.40 -26.37 -49.56
CA ASP E 215 22.74 -25.40 -50.64
C ASP E 215 21.87 -24.14 -50.54
N THR E 216 20.65 -24.23 -49.98
CA THR E 216 19.65 -23.12 -49.95
C THR E 216 19.25 -22.81 -48.50
N PHE E 217 19.91 -23.41 -47.50
CA PHE E 217 19.53 -23.36 -46.05
C PHE E 217 20.34 -22.27 -45.33
N SER E 218 19.66 -21.40 -44.57
CA SER E 218 20.27 -20.26 -43.85
C SER E 218 20.86 -20.73 -42.50
N GLY E 219 20.44 -21.89 -41.99
CA GLY E 219 20.78 -22.37 -40.64
C GLY E 219 19.67 -22.09 -39.63
N ALA E 220 18.66 -21.30 -40.01
CA ALA E 220 17.49 -20.90 -39.20
C ALA E 220 16.49 -22.08 -39.10
N LEU E 221 15.72 -22.16 -38.01
CA LEU E 221 15.00 -23.40 -37.60
C LEU E 221 13.76 -23.66 -38.47
N GLY E 222 13.06 -22.63 -38.96
CA GLY E 222 11.90 -22.80 -39.87
C GLY E 222 10.65 -23.33 -39.15
N LYS E 223 9.49 -23.31 -39.82
CA LYS E 223 8.15 -23.29 -39.16
C LYS E 223 7.87 -24.63 -38.43
N GLN E 224 8.28 -25.76 -39.00
CA GLN E 224 7.94 -27.13 -38.52
C GLN E 224 8.74 -27.50 -37.27
N SER E 225 10.07 -27.30 -37.30
CA SER E 225 10.98 -27.51 -36.15
C SER E 225 10.51 -26.66 -34.95
N SER E 226 10.25 -25.37 -35.19
CA SER E 226 9.87 -24.35 -34.16
C SER E 226 8.55 -24.74 -33.49
N SER E 227 7.59 -25.25 -34.25
CA SER E 227 6.26 -25.71 -33.75
C SER E 227 6.42 -26.90 -32.79
N LEU E 228 7.30 -27.85 -33.14
CA LEU E 228 7.54 -29.11 -32.40
C LEU E 228 8.35 -28.82 -31.12
N LEU E 229 9.27 -27.84 -31.15
CA LEU E 229 10.08 -27.42 -29.96
C LEU E 229 9.19 -26.65 -28.98
N SER E 230 8.26 -25.82 -29.49
CA SER E 230 7.26 -25.08 -28.67
C SER E 230 6.36 -26.08 -27.93
N ARG E 231 5.92 -27.15 -28.61
CA ARG E 231 5.07 -28.22 -28.04
C ARG E 231 5.85 -29.05 -27.02
N LEU E 232 7.10 -29.42 -27.33
CA LEU E 232 8.00 -30.18 -26.42
C LEU E 232 8.08 -29.45 -25.08
N ILE E 233 8.41 -28.16 -25.11
CA ILE E 233 8.60 -27.30 -23.91
C ILE E 233 7.25 -27.12 -23.19
N SER E 234 6.19 -26.74 -23.92
CA SER E 234 4.88 -26.37 -23.32
C SER E 234 4.19 -27.61 -22.74
N SER E 235 4.51 -28.83 -23.20
CA SER E 235 3.83 -30.08 -22.80
C SER E 235 4.71 -30.97 -21.91
N LYS E 236 6.05 -30.88 -21.98
CA LYS E 236 6.98 -31.80 -21.27
C LYS E 236 7.87 -31.09 -20.22
N MET E 237 7.87 -29.76 -20.11
CA MET E 237 8.68 -29.01 -19.10
C MET E 237 7.79 -28.58 -17.93
N PRO E 238 8.33 -28.47 -16.70
CA PRO E 238 7.53 -28.14 -15.53
C PRO E 238 7.08 -26.67 -15.49
N GLY E 239 6.01 -26.38 -14.76
CA GLY E 239 5.30 -25.07 -14.81
C GLY E 239 6.26 -23.90 -14.69
N GLY E 240 6.25 -22.99 -15.67
CA GLY E 240 7.08 -21.77 -15.68
C GLY E 240 8.43 -21.95 -16.34
N PHE E 241 8.83 -23.18 -16.66
CA PHE E 241 10.08 -23.51 -17.41
C PHE E 241 9.79 -23.33 -18.91
N THR E 242 9.74 -22.06 -19.35
CA THR E 242 9.56 -21.61 -20.76
C THR E 242 10.74 -22.06 -21.63
N ILE E 243 10.57 -22.02 -22.95
CA ILE E 243 11.69 -22.18 -23.93
C ILE E 243 12.74 -21.09 -23.68
N THR E 244 12.34 -19.89 -23.24
CA THR E 244 13.23 -18.75 -22.89
C THR E 244 14.10 -19.11 -21.67
N VAL E 245 13.47 -19.68 -20.63
CA VAL E 245 14.15 -20.17 -19.40
C VAL E 245 15.15 -21.28 -19.76
N ALA E 246 14.81 -22.12 -20.74
CA ALA E 246 15.61 -23.28 -21.21
C ALA E 246 16.79 -22.84 -22.10
N ARG E 247 16.73 -21.64 -22.70
CA ARG E 247 17.86 -21.05 -23.45
C ARG E 247 18.76 -20.28 -22.49
N LYS E 248 18.19 -19.57 -21.50
CA LYS E 248 18.95 -18.91 -20.40
C LYS E 248 19.79 -19.98 -19.68
N TYR E 249 19.23 -21.19 -19.45
CA TYR E 249 19.95 -22.30 -18.76
C TYR E 249 21.07 -22.86 -19.64
N LEU E 250 20.87 -22.95 -20.96
CA LEU E 250 21.90 -23.48 -21.90
C LEU E 250 22.99 -22.43 -22.14
N GLN E 251 22.69 -21.13 -21.96
CA GLN E 251 23.68 -20.01 -22.03
C GLN E 251 24.47 -19.96 -20.72
N THR E 252 23.80 -19.93 -19.56
CA THR E 252 24.42 -19.89 -18.20
C THR E 252 25.30 -21.13 -17.97
N ARG E 253 24.69 -22.32 -17.97
CA ARG E 253 25.31 -23.57 -17.45
C ARG E 253 26.30 -24.15 -18.46
N TRP E 254 26.11 -23.99 -19.78
CA TRP E 254 26.95 -24.63 -20.83
C TRP E 254 27.54 -23.62 -21.82
N GLY E 255 27.24 -22.32 -21.66
CA GLY E 255 27.81 -21.21 -22.48
C GLY E 255 27.59 -21.40 -23.96
N LEU E 256 26.34 -21.64 -24.39
CA LEU E 256 25.97 -21.92 -25.81
C LEU E 256 25.18 -20.73 -26.37
N PRO E 257 25.61 -20.19 -27.54
CA PRO E 257 24.86 -19.14 -28.24
C PRO E 257 23.65 -19.69 -29.03
N SER E 258 22.80 -18.81 -29.60
CA SER E 258 21.47 -19.12 -30.18
C SER E 258 21.52 -20.27 -31.19
N GLY E 259 22.57 -20.35 -32.02
CA GLY E 259 22.74 -21.40 -33.05
C GLY E 259 22.93 -22.79 -32.46
N ARG E 260 23.73 -22.90 -31.38
CA ARG E 260 24.08 -24.20 -30.73
C ARG E 260 22.92 -24.67 -29.84
N GLN E 261 22.21 -23.76 -29.16
CA GLN E 261 20.99 -24.09 -28.36
C GLN E 261 19.95 -24.72 -29.30
N ASP E 262 19.78 -24.15 -30.50
CA ASP E 262 18.90 -24.68 -31.58
C ASP E 262 19.19 -26.18 -31.79
N GLY E 263 20.49 -26.56 -31.84
CA GLY E 263 20.97 -27.96 -31.97
C GLY E 263 20.68 -28.80 -30.74
N VAL E 264 20.89 -28.26 -29.53
CA VAL E 264 20.66 -28.96 -28.23
C VAL E 264 19.16 -29.30 -28.11
N LEU E 265 18.28 -28.37 -28.51
CA LEU E 265 16.81 -28.52 -28.42
C LEU E 265 16.34 -29.52 -29.49
N LEU E 266 16.95 -29.53 -30.69
CA LEU E 266 16.65 -30.50 -31.77
C LEU E 266 16.95 -31.92 -31.30
N VAL E 267 18.06 -32.11 -30.59
CA VAL E 267 18.49 -33.42 -30.02
C VAL E 267 17.52 -33.80 -28.89
N ALA E 268 17.09 -32.81 -28.08
CA ALA E 268 16.08 -32.94 -27.01
C ALA E 268 14.73 -33.42 -27.58
N LEU E 269 14.38 -32.97 -28.78
CA LEU E 269 13.12 -33.31 -29.48
C LEU E 269 13.09 -34.81 -29.87
N SER E 270 14.25 -35.39 -30.21
CA SER E 270 14.38 -36.81 -30.64
C SER E 270 14.65 -37.72 -29.44
N ASN E 271 14.74 -37.16 -28.23
CA ASN E 271 14.80 -37.86 -26.91
C ASN E 271 13.69 -37.31 -26.00
N GLU E 272 12.59 -36.84 -26.60
CA GLU E 272 11.40 -36.21 -25.94
C GLU E 272 10.93 -37.10 -24.80
N PRO E 273 10.89 -36.62 -23.53
CA PRO E 273 10.41 -37.45 -22.43
C PRO E 273 8.92 -37.82 -22.63
N ALA E 274 8.50 -38.99 -22.11
CA ALA E 274 7.16 -39.60 -22.35
C ALA E 274 6.07 -38.83 -21.60
N ALA E 275 6.35 -38.43 -20.36
CA ALA E 275 5.49 -37.59 -19.49
C ALA E 275 6.20 -36.26 -19.20
N ARG E 276 5.43 -35.24 -18.77
CA ARG E 276 5.95 -33.95 -18.28
C ARG E 276 6.96 -34.22 -17.15
N LEU E 277 8.09 -33.50 -17.13
CA LEU E 277 9.12 -33.61 -16.08
C LEU E 277 8.61 -32.88 -14.82
N GLY E 278 8.86 -33.47 -13.64
CA GLY E 278 8.21 -33.10 -12.37
C GLY E 278 8.76 -31.81 -11.78
N SER E 279 10.08 -31.71 -11.62
CA SER E 279 10.75 -30.56 -10.95
C SER E 279 11.59 -29.78 -11.96
N GLU E 280 11.90 -28.53 -11.61
CA GLU E 280 12.90 -27.68 -12.30
C GLU E 280 14.26 -28.41 -12.32
N ALA E 281 14.58 -29.20 -11.28
CA ALA E 281 15.80 -30.03 -11.17
C ALA E 281 15.85 -31.06 -12.31
N ASP E 282 14.73 -31.76 -12.56
CA ASP E 282 14.58 -32.84 -13.58
C ASP E 282 14.74 -32.24 -14.99
N ALA E 283 14.20 -31.02 -15.20
CA ALA E 283 14.26 -30.26 -16.47
C ALA E 283 15.72 -29.89 -16.81
N LYS E 284 16.49 -29.46 -15.81
CA LYS E 284 17.93 -29.08 -15.96
C LYS E 284 18.77 -30.34 -16.19
N ALA E 285 18.48 -31.43 -15.45
CA ALA E 285 19.10 -32.77 -15.58
C ALA E 285 18.91 -33.28 -17.01
N PHE E 286 17.72 -33.09 -17.58
CA PHE E 286 17.36 -33.48 -18.98
C PHE E 286 18.23 -32.68 -19.96
N LEU E 287 18.26 -31.34 -19.84
CA LEU E 287 18.98 -30.43 -20.77
C LEU E 287 20.51 -30.63 -20.68
N ASP E 288 21.02 -31.00 -19.49
CA ASP E 288 22.45 -31.36 -19.26
C ASP E 288 22.79 -32.59 -20.11
N SER E 289 22.00 -33.66 -19.97
CA SER E 289 22.09 -34.93 -20.73
C SER E 289 21.98 -34.68 -22.25
N MET E 290 21.14 -33.72 -22.68
CA MET E 290 20.88 -33.40 -24.12
C MET E 290 22.02 -32.52 -24.67
N ALA E 291 22.69 -31.74 -23.82
CA ALA E 291 23.86 -30.90 -24.19
C ALA E 291 25.06 -31.82 -24.51
N GLN E 292 25.24 -32.91 -23.72
CA GLN E 292 26.33 -33.91 -23.88
C GLN E 292 26.11 -34.78 -25.12
N LYS E 293 24.85 -35.04 -25.50
CA LYS E 293 24.50 -35.79 -26.74
C LYS E 293 24.81 -34.93 -27.97
N TYR E 294 24.55 -33.62 -27.87
CA TYR E 294 24.83 -32.61 -28.92
C TYR E 294 26.36 -32.41 -29.06
N ALA E 295 27.08 -32.43 -27.94
CA ALA E 295 28.57 -32.37 -27.86
C ALA E 295 29.18 -33.50 -28.68
N SER E 296 28.63 -34.73 -28.59
CA SER E 296 29.02 -35.94 -29.36
C SER E 296 28.77 -35.72 -30.86
N ILE E 297 27.53 -35.38 -31.23
CA ILE E 297 27.02 -35.33 -32.64
C ILE E 297 27.77 -34.23 -33.44
N VAL E 298 28.13 -33.10 -32.81
CA VAL E 298 28.85 -31.97 -33.50
C VAL E 298 30.34 -31.92 -33.08
N GLY E 299 30.81 -32.76 -32.16
CA GLY E 299 32.21 -32.82 -31.69
C GLY E 299 32.69 -31.51 -31.06
N VAL E 300 32.36 -31.26 -29.79
CA VAL E 300 32.53 -30.00 -29.00
C VAL E 300 32.71 -30.39 -27.51
N ASP E 301 33.46 -29.59 -26.73
CA ASP E 301 33.86 -29.87 -25.32
C ASP E 301 32.83 -29.30 -24.31
N LEU E 302 32.52 -30.08 -23.24
CA LEU E 302 31.35 -29.97 -22.31
C LEU E 302 30.04 -30.06 -23.11
N LEU E 328 22.22 -13.05 -5.87
CA LEU E 328 22.85 -11.69 -5.89
C LEU E 328 21.74 -10.65 -6.12
N GLU E 329 21.36 -10.43 -7.38
CA GLU E 329 20.26 -9.50 -7.77
C GLU E 329 18.98 -10.30 -8.06
N GLU E 330 18.78 -11.40 -7.33
CA GLU E 330 17.51 -12.20 -7.35
C GLU E 330 16.61 -11.68 -6.21
N ILE E 331 17.16 -11.00 -5.20
CA ILE E 331 16.38 -10.33 -4.11
C ILE E 331 15.73 -9.05 -4.68
N THR E 332 16.47 -8.31 -5.51
CA THR E 332 16.01 -7.07 -6.17
C THR E 332 14.94 -7.42 -7.23
N LYS E 333 15.08 -8.56 -7.92
CA LYS E 333 14.04 -9.06 -8.85
C LYS E 333 12.79 -9.43 -8.05
N ASP E 334 12.96 -9.94 -6.83
CA ASP E 334 11.86 -10.49 -5.99
C ASP E 334 10.93 -9.36 -5.56
N HIS E 335 11.51 -8.18 -5.34
CA HIS E 335 10.80 -6.95 -4.91
C HIS E 335 10.05 -6.38 -6.12
N LYS E 336 10.71 -6.14 -7.25
CA LYS E 336 10.06 -5.62 -8.47
C LYS E 336 8.81 -6.46 -8.78
N VAL E 337 8.81 -7.76 -8.48
CA VAL E 337 7.62 -8.64 -8.70
C VAL E 337 6.48 -8.20 -7.77
N LEU E 338 6.80 -7.88 -6.51
CA LEU E 338 5.81 -7.45 -5.51
C LEU E 338 5.19 -6.14 -6.01
N ALA E 339 6.03 -5.13 -6.20
CA ALA E 339 5.65 -3.79 -6.72
C ALA E 339 4.75 -3.95 -7.94
N ARG E 340 5.14 -4.81 -8.89
CA ARG E 340 4.41 -5.06 -10.15
C ARG E 340 2.99 -5.54 -9.83
N GLN E 341 2.83 -6.41 -8.83
CA GLN E 341 1.53 -7.02 -8.48
C GLN E 341 0.67 -6.00 -7.73
N GLN E 342 1.26 -5.17 -6.88
CA GLN E 342 0.54 -4.10 -6.13
C GLN E 342 -0.02 -3.13 -7.16
N LEU E 343 0.76 -2.76 -8.19
CA LEU E 343 0.31 -1.91 -9.30
C LEU E 343 -0.91 -2.54 -9.94
N GLN E 344 -0.82 -3.83 -10.27
CA GLN E 344 -1.88 -4.59 -10.96
C GLN E 344 -3.18 -4.50 -10.16
N VAL E 345 -3.17 -4.67 -8.83
CA VAL E 345 -4.43 -4.74 -8.04
C VAL E 345 -5.01 -3.32 -7.95
N LEU E 346 -4.16 -2.30 -7.99
CA LEU E 346 -4.61 -0.89 -7.93
C LEU E 346 -5.28 -0.54 -9.25
N ALA E 347 -4.67 -0.95 -10.36
CA ALA E 347 -5.22 -0.78 -11.73
C ALA E 347 -6.60 -1.44 -11.80
N ARG E 348 -6.73 -2.64 -11.25
CA ARG E 348 -8.00 -3.40 -11.25
C ARG E 348 -9.07 -2.58 -10.52
N TYR E 349 -8.76 -2.07 -9.32
CA TYR E 349 -9.68 -1.26 -8.48
C TYR E 349 -10.10 0.00 -9.24
N LEU E 350 -9.17 0.69 -9.88
CA LEU E 350 -9.41 1.95 -10.63
C LEU E 350 -10.13 1.69 -11.97
N LYS E 351 -10.35 0.41 -12.32
CA LYS E 351 -10.89 0.00 -13.63
C LYS E 351 -10.02 0.58 -14.75
N MET E 352 -8.73 0.76 -14.49
CA MET E 352 -7.73 1.15 -15.52
C MET E 352 -7.43 -0.07 -16.39
N ASP E 353 -7.37 0.13 -17.69
CA ASP E 353 -7.09 -0.91 -18.69
C ASP E 353 -5.69 -0.62 -19.23
N LEU E 354 -4.66 -1.02 -18.50
CA LEU E 354 -3.27 -0.56 -18.76
C LEU E 354 -2.87 -0.84 -20.20
N ASP E 355 -3.52 -1.77 -20.90
CA ASP E 355 -3.09 -2.24 -22.24
C ASP E 355 -3.96 -1.69 -23.37
N ASN E 356 -4.98 -0.87 -23.09
CA ASN E 356 -5.83 -0.24 -24.13
C ASN E 356 -4.93 0.43 -25.18
N GLY E 357 -3.89 1.16 -24.74
CA GLY E 357 -3.01 1.91 -25.67
C GLY E 357 -2.40 0.99 -26.72
N GLU E 358 -1.69 -0.05 -26.27
CA GLU E 358 -1.01 -1.04 -27.15
C GLU E 358 -2.05 -1.73 -28.03
N ARG E 359 -3.23 -2.06 -27.50
CA ARG E 359 -4.30 -2.72 -28.29
C ARG E 359 -4.65 -1.85 -29.49
N LYS E 360 -4.88 -0.56 -29.27
CA LYS E 360 -5.31 0.38 -30.33
C LYS E 360 -4.18 0.52 -31.35
N PHE E 361 -2.94 0.51 -30.87
CA PHE E 361 -1.72 0.65 -31.70
C PHE E 361 -1.63 -0.55 -32.65
N LEU E 362 -1.76 -1.76 -32.14
CA LEU E 362 -1.64 -2.99 -32.96
C LEU E 362 -2.70 -2.95 -34.06
N LYS E 363 -3.88 -2.45 -33.76
CA LYS E 363 -5.02 -2.38 -34.70
C LYS E 363 -4.66 -1.38 -35.80
N GLU E 364 -4.03 -0.27 -35.44
CA GLU E 364 -3.72 0.85 -36.37
C GLU E 364 -2.59 0.38 -37.30
N LYS E 365 -1.57 -0.25 -36.72
CA LYS E 365 -0.39 -0.82 -37.42
C LYS E 365 -0.87 -1.75 -38.53
N ASP E 366 -1.90 -2.55 -38.26
CA ASP E 366 -2.55 -3.43 -39.25
C ASP E 366 -3.19 -2.57 -40.33
N THR E 367 -3.97 -1.54 -39.99
CA THR E 367 -4.65 -0.74 -41.04
C THR E 367 -3.57 0.05 -41.79
N VAL E 368 -2.39 0.28 -41.23
CA VAL E 368 -1.28 0.91 -42.01
C VAL E 368 -0.83 -0.06 -43.08
N ALA E 369 -0.44 -1.27 -42.71
CA ALA E 369 0.04 -2.31 -43.65
C ALA E 369 -1.00 -2.54 -44.75
N GLU E 370 -2.28 -2.48 -44.40
CA GLU E 370 -3.43 -2.71 -45.33
C GLU E 370 -3.38 -1.58 -46.39
N LEU E 371 -3.35 -0.32 -45.98
CA LEU E 371 -3.26 0.83 -46.90
C LEU E 371 -1.93 0.77 -47.68
N GLN E 372 -0.83 0.45 -47.02
CA GLN E 372 0.49 0.44 -47.69
C GLN E 372 0.45 -0.55 -48.86
N ALA E 373 -0.22 -1.68 -48.69
CA ALA E 373 -0.35 -2.72 -49.72
C ALA E 373 -1.18 -2.18 -50.88
N GLN E 374 -2.25 -1.44 -50.62
CA GLN E 374 -3.12 -0.88 -51.68
C GLN E 374 -2.31 0.11 -52.50
N LEU E 375 -1.48 0.89 -51.83
CA LEU E 375 -0.66 1.96 -52.45
C LEU E 375 0.49 1.31 -53.21
N ASP E 376 1.07 0.24 -52.68
CA ASP E 376 2.15 -0.55 -53.33
C ASP E 376 1.60 -1.16 -54.63
N TYR E 377 0.35 -1.64 -54.61
CA TYR E 377 -0.27 -2.30 -55.78
C TYR E 377 -0.41 -1.26 -56.89
N LEU E 378 -0.98 -0.10 -56.57
CA LEU E 378 -1.16 1.00 -57.55
C LEU E 378 0.20 1.38 -58.14
N ASN E 379 1.27 1.39 -57.35
CA ASN E 379 2.62 1.72 -57.87
C ASN E 379 3.09 0.61 -58.80
N ALA E 380 2.79 -0.65 -58.53
CA ALA E 380 3.16 -1.78 -59.41
C ALA E 380 2.44 -1.67 -60.76
N GLU E 381 1.18 -1.23 -60.76
CA GLU E 381 0.33 -1.18 -61.97
C GLU E 381 0.70 0.05 -62.81
N LEU E 382 0.81 1.20 -62.18
CA LEU E 382 0.97 2.48 -62.91
C LEU E 382 2.45 2.86 -63.03
N GLY E 383 3.28 2.46 -62.09
CA GLY E 383 4.70 2.84 -62.09
C GLY E 383 4.95 4.16 -61.38
N GLU E 384 6.14 4.30 -60.82
CA GLU E 384 6.55 5.48 -60.02
C GLU E 384 6.39 6.76 -60.86
N PHE E 385 6.76 6.75 -62.14
CA PHE E 385 6.79 7.98 -62.97
C PHE E 385 5.39 8.59 -63.02
N PHE E 386 4.40 7.74 -63.28
CA PHE E 386 2.99 8.11 -63.50
C PHE E 386 2.40 8.59 -62.17
N VAL E 387 2.62 7.83 -61.11
CA VAL E 387 2.00 8.07 -59.78
C VAL E 387 2.54 9.39 -59.24
N ASN E 388 3.85 9.63 -59.37
CA ASN E 388 4.45 10.93 -58.99
C ASN E 388 3.97 12.00 -59.97
N GLY E 389 3.94 11.65 -61.25
CA GLY E 389 3.72 12.61 -62.35
C GLY E 389 2.36 13.28 -62.26
N VAL E 390 1.41 12.61 -61.63
CA VAL E 390 -0.04 12.93 -61.75
C VAL E 390 -0.42 13.88 -60.61
N ALA E 391 0.60 14.37 -59.90
CA ALA E 391 0.48 15.25 -58.73
C ALA E 391 0.09 16.67 -59.11
N THR E 392 -0.64 17.32 -58.23
CA THR E 392 -1.32 18.62 -58.46
C THR E 392 -0.28 19.73 -58.45
N SER E 393 -0.41 20.71 -59.35
CA SER E 393 0.41 21.96 -59.37
C SER E 393 -0.47 23.20 -59.34
N PHE E 394 -1.65 23.14 -59.93
CA PHE E 394 -2.51 24.31 -60.12
C PHE E 394 -3.07 24.75 -58.76
N SER E 395 -3.22 26.06 -58.59
CA SER E 395 -3.58 26.72 -57.32
C SER E 395 -3.91 28.17 -57.65
N ARG E 396 -5.16 28.60 -57.46
CA ARG E 396 -5.60 29.95 -57.91
C ARG E 396 -4.71 31.05 -57.33
N LYS E 397 -4.19 30.86 -56.13
CA LYS E 397 -3.46 31.94 -55.45
C LYS E 397 -2.08 32.12 -56.07
N LYS E 398 -1.64 31.18 -56.90
CA LYS E 398 -0.31 31.29 -57.55
C LYS E 398 -0.45 31.99 -58.90
N ALA E 399 -1.65 32.41 -59.29
CA ALA E 399 -1.89 33.06 -60.59
C ALA E 399 -1.30 34.48 -60.59
N ARG E 400 -0.14 34.67 -61.18
CA ARG E 400 0.41 36.01 -61.49
C ARG E 400 -0.31 36.61 -62.67
N THR E 401 -0.65 37.89 -62.60
CA THR E 401 -1.49 38.58 -63.63
C THR E 401 -0.78 39.89 -64.03
N PHE E 402 -0.42 39.98 -65.31
CA PHE E 402 0.33 41.09 -65.94
C PHE E 402 -0.60 41.85 -66.88
N ASP E 403 -0.79 43.16 -66.65
CA ASP E 403 -1.72 44.00 -67.46
C ASP E 403 -1.26 45.46 -67.54
N SER E 404 -0.16 45.86 -66.91
CA SER E 404 0.21 47.30 -66.78
C SER E 404 1.04 47.74 -68.00
N SER E 405 0.50 47.52 -69.20
CA SER E 405 1.13 47.91 -70.49
C SER E 405 1.33 49.43 -70.54
N TRP E 406 0.44 50.20 -69.92
CA TRP E 406 0.51 51.67 -69.89
C TRP E 406 1.85 52.13 -69.32
N ASN E 407 2.42 51.38 -68.38
CA ASN E 407 3.71 51.72 -67.74
C ASN E 407 4.83 51.25 -68.66
N TRP E 408 4.73 50.01 -69.14
CA TRP E 408 5.81 49.33 -69.89
C TRP E 408 6.12 50.06 -71.20
N ALA E 409 5.12 50.66 -71.84
CA ALA E 409 5.28 51.44 -73.09
C ALA E 409 6.31 52.55 -72.87
N LYS E 410 6.13 53.37 -71.84
CA LYS E 410 7.04 54.50 -71.54
C LYS E 410 8.43 53.96 -71.21
N GLN E 411 8.52 52.77 -70.61
CA GLN E 411 9.83 52.18 -70.30
C GLN E 411 10.50 51.74 -71.61
N SER E 412 9.79 50.98 -72.44
CA SER E 412 10.23 50.48 -73.77
C SER E 412 10.78 51.67 -74.59
N LEU E 413 10.06 52.79 -74.59
CA LEU E 413 10.41 54.00 -75.37
C LEU E 413 11.76 54.51 -74.88
N LEU E 414 11.91 54.67 -73.57
CA LEU E 414 13.10 55.30 -72.94
C LEU E 414 14.30 54.36 -73.10
N SER E 415 14.07 53.06 -73.12
CA SER E 415 15.11 52.03 -73.27
C SER E 415 15.66 52.09 -74.70
N LEU E 416 14.77 52.11 -75.69
CA LEU E 416 15.10 52.35 -77.12
C LEU E 416 15.92 53.64 -77.26
N TYR E 417 15.41 54.73 -76.71
CA TYR E 417 15.99 56.09 -76.81
C TYR E 417 17.47 56.02 -76.42
N PHE E 418 17.77 55.46 -75.25
CA PHE E 418 19.16 55.48 -74.70
C PHE E 418 20.02 54.44 -75.41
N GLU E 419 19.42 53.37 -75.93
CA GLU E 419 20.18 52.36 -76.68
C GLU E 419 20.66 53.00 -77.98
N ILE E 420 19.85 53.88 -78.58
CA ILE E 420 20.24 54.57 -79.83
C ILE E 420 21.32 55.60 -79.51
N ILE E 421 21.17 56.36 -78.43
CA ILE E 421 22.16 57.41 -78.06
C ILE E 421 23.52 56.76 -77.84
N HIS E 422 23.56 55.60 -77.20
CA HIS E 422 24.82 54.92 -76.82
C HIS E 422 25.34 54.06 -77.98
N GLY E 423 24.60 53.97 -79.09
CA GLY E 423 25.04 53.24 -80.29
C GLY E 423 24.89 51.73 -80.14
N VAL E 424 24.22 51.28 -79.09
CA VAL E 424 23.84 49.85 -78.93
C VAL E 424 22.93 49.46 -80.09
N LEU E 425 22.02 50.34 -80.50
CA LEU E 425 21.17 50.15 -81.70
C LEU E 425 21.49 51.23 -82.73
N LYS E 426 21.60 50.81 -84.00
CA LYS E 426 21.98 51.67 -85.14
C LYS E 426 20.76 51.70 -86.08
N ASN E 427 20.83 52.54 -87.12
CA ASN E 427 19.67 52.78 -88.01
C ASN E 427 19.44 51.58 -88.95
N VAL E 428 20.27 50.54 -88.91
CA VAL E 428 20.10 49.32 -89.77
C VAL E 428 19.36 48.24 -88.97
N ASP E 429 19.63 48.15 -87.67
CA ASP E 429 19.16 47.06 -86.77
C ASP E 429 17.63 46.95 -86.86
N ARG E 430 17.10 45.72 -86.99
CA ARG E 430 15.65 45.48 -87.09
C ARG E 430 15.02 45.60 -85.69
N GLU E 431 15.82 45.39 -84.65
CA GLU E 431 15.29 45.49 -83.26
C GLU E 431 14.60 46.85 -83.15
N VAL E 432 15.07 47.91 -83.82
CA VAL E 432 14.44 49.25 -83.66
C VAL E 432 13.11 49.27 -84.42
N VAL E 433 12.92 48.48 -85.47
CA VAL E 433 11.59 48.46 -86.16
C VAL E 433 10.60 47.71 -85.28
N SER E 434 10.94 46.53 -84.77
CA SER E 434 10.01 45.71 -83.96
C SER E 434 9.71 46.43 -82.64
N GLU E 435 10.70 47.09 -82.01
CA GLU E 435 10.44 47.81 -80.73
C GLU E 435 9.53 49.01 -81.04
N ALA E 436 9.58 49.55 -82.26
CA ALA E 436 8.68 50.63 -82.71
C ALA E 436 7.25 50.10 -82.81
N ILE E 437 7.08 48.88 -83.33
CA ILE E 437 5.75 48.22 -83.45
C ILE E 437 5.15 48.05 -82.05
N ASN E 438 5.96 47.69 -81.07
CA ASN E 438 5.47 47.37 -79.70
C ASN E 438 5.08 48.67 -79.01
N ILE E 439 5.80 49.75 -79.24
CA ILE E 439 5.43 51.09 -78.72
C ILE E 439 4.13 51.54 -79.41
N MET E 440 4.05 51.44 -80.73
CA MET E 440 2.84 51.80 -81.50
C MET E 440 1.63 51.00 -80.98
N ASN E 441 1.84 49.71 -80.66
CA ASN E 441 0.78 48.79 -80.19
C ASN E 441 0.28 49.23 -78.80
N ARG E 442 0.89 50.23 -78.18
CA ARG E 442 0.48 50.72 -76.84
C ARG E 442 0.21 52.22 -76.89
N SER E 443 -0.02 52.77 -78.08
CA SER E 443 -0.23 54.21 -78.27
C SER E 443 -1.48 54.65 -77.52
N ASN E 444 -1.33 55.62 -76.60
CA ASN E 444 -2.42 56.41 -76.00
C ASN E 444 -1.93 57.86 -75.83
N ASP E 445 -2.78 58.77 -75.32
CA ASP E 445 -2.48 60.22 -75.26
C ASP E 445 -1.26 60.48 -74.38
N ALA E 446 -1.12 59.76 -73.28
CA ALA E 446 -0.01 59.94 -72.31
C ALA E 446 1.33 59.58 -72.96
N LEU E 447 1.37 58.49 -73.73
CA LEU E 447 2.58 57.96 -74.41
C LEU E 447 3.05 59.01 -75.43
N ILE E 448 2.12 59.63 -76.14
CA ILE E 448 2.49 60.64 -77.16
C ILE E 448 3.06 61.85 -76.44
N LYS E 449 2.42 62.30 -75.36
CA LYS E 449 2.89 63.46 -74.53
C LYS E 449 4.31 63.17 -74.05
N PHE E 450 4.58 61.91 -73.66
CA PHE E 450 5.87 61.42 -73.13
C PHE E 450 6.94 61.51 -74.22
N MET E 451 6.64 61.03 -75.43
CA MET E 451 7.59 61.04 -76.57
C MET E 451 7.78 62.47 -77.01
N GLU E 452 6.70 63.21 -77.17
CA GLU E 452 6.74 64.65 -77.54
C GLU E 452 7.74 65.34 -76.59
N TYR E 453 7.65 65.14 -75.28
CA TYR E 453 8.54 65.86 -74.33
C TYR E 453 9.98 65.46 -74.63
N HIS E 454 10.25 64.15 -74.59
CA HIS E 454 11.62 63.58 -74.63
C HIS E 454 12.27 63.86 -75.99
N ILE E 455 11.54 63.67 -77.10
CA ILE E 455 12.08 63.84 -78.48
C ILE E 455 12.28 65.32 -78.77
N SER E 456 11.30 66.16 -78.43
CA SER E 456 11.43 67.61 -78.71
C SER E 456 12.57 68.16 -77.86
N ASN E 457 12.83 67.61 -76.67
CA ASN E 457 13.84 68.21 -75.74
C ASN E 457 15.17 67.48 -75.90
N THR E 458 15.36 66.68 -76.96
CA THR E 458 16.70 66.12 -77.29
C THR E 458 17.36 67.07 -78.28
N ASP E 459 18.64 67.31 -78.06
CA ASP E 459 19.43 68.36 -78.74
C ASP E 459 20.31 67.67 -79.77
N GLU E 460 19.88 67.68 -81.03
CA GLU E 460 20.58 67.02 -82.15
C GLU E 460 22.05 67.47 -82.24
N THR E 461 22.40 68.65 -81.73
CA THR E 461 23.77 69.23 -81.90
C THR E 461 24.77 68.45 -81.04
N LYS E 462 24.31 67.59 -80.13
CA LYS E 462 25.19 66.83 -79.21
C LYS E 462 25.93 65.72 -79.96
N GLY E 463 25.50 65.32 -81.17
CA GLY E 463 26.18 64.27 -81.94
C GLY E 463 25.24 63.48 -82.83
N GLU E 464 25.78 62.66 -83.72
CA GLU E 464 25.03 61.98 -84.79
C GLU E 464 23.94 61.09 -84.18
N ASN E 465 24.22 60.47 -83.03
CA ASN E 465 23.28 59.52 -82.37
C ASN E 465 22.08 60.30 -81.82
N TYR E 466 22.30 61.51 -81.31
CA TYR E 466 21.22 62.40 -80.81
C TYR E 466 20.33 62.79 -82.01
N GLN E 467 20.93 63.18 -83.14
CA GLN E 467 20.19 63.51 -84.39
C GLN E 467 19.36 62.29 -84.82
N LEU E 468 19.98 61.10 -84.82
CA LEU E 468 19.30 59.86 -85.26
C LEU E 468 18.07 59.62 -84.37
N VAL E 469 18.22 59.73 -83.04
CA VAL E 469 17.11 59.40 -82.11
C VAL E 469 16.01 60.45 -82.29
N LYS E 470 16.42 61.70 -82.55
CA LYS E 470 15.45 62.80 -82.72
C LYS E 470 14.60 62.51 -83.97
N THR E 471 15.23 62.03 -85.05
CA THR E 471 14.49 61.75 -86.31
C THR E 471 13.60 60.52 -86.09
N LEU E 472 14.17 59.40 -85.63
CA LEU E 472 13.40 58.16 -85.31
C LEU E 472 12.22 58.58 -84.42
N GLY E 473 12.48 59.39 -83.40
CA GLY E 473 11.48 59.83 -82.42
C GLY E 473 10.30 60.54 -83.08
N GLU E 474 10.61 61.54 -83.91
CA GLU E 474 9.61 62.38 -84.61
C GLU E 474 8.73 61.47 -85.46
N GLN E 475 9.32 60.48 -86.11
CA GLN E 475 8.60 59.56 -87.03
C GLN E 475 7.70 58.66 -86.19
N LEU E 476 8.20 58.24 -85.04
CA LEU E 476 7.48 57.31 -84.14
C LEU E 476 6.30 58.05 -83.52
N ILE E 477 6.44 59.35 -83.24
CA ILE E 477 5.32 60.15 -82.67
C ILE E 477 4.21 60.23 -83.72
N GLU E 478 4.59 60.51 -84.97
CA GLU E 478 3.65 60.63 -86.11
C GLU E 478 2.91 59.29 -86.23
N ASN E 479 3.64 58.17 -86.21
CA ASN E 479 3.03 56.82 -86.30
C ASN E 479 2.02 56.67 -85.17
N CYS E 480 2.45 56.89 -83.93
CA CYS E 480 1.61 56.64 -82.73
C CYS E 480 0.34 57.48 -82.80
N LYS E 481 0.39 58.67 -83.39
CA LYS E 481 -0.80 59.52 -83.57
C LYS E 481 -1.77 58.78 -84.49
N GLN E 482 -1.31 58.28 -85.63
CA GLN E 482 -2.18 57.60 -86.63
C GLN E 482 -2.81 56.35 -86.03
N VAL E 483 -2.07 55.62 -85.21
CA VAL E 483 -2.46 54.25 -84.74
C VAL E 483 -3.12 54.35 -83.35
N LEU E 484 -3.10 55.52 -82.73
CA LEU E 484 -4.03 55.83 -81.61
C LEU E 484 -5.43 55.45 -82.10
N ASP E 485 -6.22 54.70 -81.31
CA ASP E 485 -7.59 54.29 -81.73
C ASP E 485 -7.56 53.28 -82.90
N VAL E 486 -6.47 52.54 -83.09
CA VAL E 486 -6.42 51.37 -84.03
C VAL E 486 -6.04 50.14 -83.22
N ASP E 487 -6.70 49.02 -83.50
CA ASP E 487 -6.42 47.72 -82.87
C ASP E 487 -4.93 47.49 -82.97
N PRO E 488 -4.27 46.96 -81.92
CA PRO E 488 -2.86 46.62 -81.98
C PRO E 488 -2.71 45.37 -82.84
N VAL E 489 -1.48 45.00 -83.17
CA VAL E 489 -1.24 44.08 -84.32
C VAL E 489 0.03 43.25 -84.09
N TYR E 490 -0.07 41.96 -84.39
CA TYR E 490 1.06 41.00 -84.45
C TYR E 490 1.75 41.20 -85.79
N LYS E 491 3.01 41.63 -85.78
CA LYS E 491 3.80 41.81 -87.03
C LYS E 491 5.24 41.39 -86.73
N ASP E 492 5.65 40.23 -87.26
CA ASP E 492 7.02 39.70 -87.09
C ASP E 492 7.89 40.22 -88.23
N VAL E 493 8.86 41.03 -87.86
CA VAL E 493 9.62 41.88 -88.81
C VAL E 493 11.06 41.37 -88.81
N ALA E 494 11.31 40.27 -88.09
CA ALA E 494 12.64 39.63 -87.89
C ALA E 494 13.18 39.09 -89.22
N LYS E 495 14.50 38.93 -89.30
CA LYS E 495 15.20 38.37 -90.47
C LYS E 495 14.94 36.88 -90.50
N PRO E 496 14.23 36.31 -91.50
CA PRO E 496 13.99 34.88 -91.50
C PRO E 496 15.29 34.15 -91.89
N THR E 497 15.51 32.98 -91.29
CA THR E 497 16.78 32.21 -91.37
C THR E 497 16.52 30.75 -91.77
N GLY E 498 17.60 30.12 -92.22
CA GLY E 498 17.68 28.71 -92.63
C GLY E 498 18.85 28.01 -91.97
N PRO E 499 18.88 26.65 -91.98
CA PRO E 499 19.93 25.89 -91.33
C PRO E 499 21.22 25.90 -92.17
N LYS E 500 22.36 25.95 -91.46
CA LYS E 500 23.72 25.82 -92.03
C LYS E 500 24.50 24.92 -91.06
N THR E 501 24.97 23.78 -91.57
CA THR E 501 25.82 22.81 -90.85
C THR E 501 27.18 22.79 -91.53
N ALA E 502 28.26 22.89 -90.78
CA ALA E 502 29.65 22.95 -91.30
C ALA E 502 30.57 22.08 -90.44
N ILE E 503 31.57 21.48 -91.08
CA ILE E 503 32.56 20.59 -90.43
C ILE E 503 33.95 21.07 -90.83
N ASP E 504 34.76 21.54 -89.88
CA ASP E 504 36.11 22.14 -90.14
C ASP E 504 37.07 21.05 -90.57
N LYS E 505 38.36 21.38 -90.65
CA LYS E 505 39.45 20.46 -91.09
C LYS E 505 39.67 19.37 -90.03
N ASN E 506 39.42 19.68 -88.75
CA ASN E 506 39.66 18.80 -87.58
C ASN E 506 38.36 18.12 -87.13
N GLY E 507 37.37 18.05 -88.01
CA GLY E 507 36.10 17.34 -87.78
C GLY E 507 35.24 17.93 -86.69
N ASN E 508 35.38 19.22 -86.36
CA ASN E 508 34.44 19.91 -85.44
C ASN E 508 33.17 20.25 -86.21
N ILE E 509 32.01 19.99 -85.60
CA ILE E 509 30.67 20.16 -86.23
C ILE E 509 30.09 21.48 -85.70
N THR E 510 29.85 22.44 -86.60
CA THR E 510 29.22 23.76 -86.34
C THR E 510 27.78 23.75 -86.86
N TYR E 511 26.84 24.35 -86.13
CA TYR E 511 25.48 24.66 -86.63
C TYR E 511 25.15 26.12 -86.37
N SER E 512 25.03 26.92 -87.43
CA SER E 512 24.49 28.31 -87.36
C SER E 512 23.11 28.37 -88.02
N GLU E 513 22.33 29.38 -87.61
CA GLU E 513 21.12 29.88 -88.31
C GLU E 513 21.56 31.05 -89.20
N GLU E 514 21.42 30.95 -90.52
CA GLU E 514 21.93 31.96 -91.48
C GLU E 514 20.76 32.62 -92.21
N PRO E 515 20.91 33.90 -92.63
CA PRO E 515 19.90 34.55 -93.46
C PRO E 515 19.66 33.73 -94.74
N ARG E 516 18.40 33.48 -95.09
CA ARG E 516 18.03 32.71 -96.30
C ARG E 516 18.32 33.55 -97.53
N GLU E 517 18.73 32.92 -98.62
CA GLU E 517 19.11 33.62 -99.88
C GLU E 517 18.03 34.66 -100.22
N LYS E 518 16.89 34.24 -100.79
CA LYS E 518 15.94 35.21 -101.42
C LYS E 518 14.79 35.51 -100.46
N VAL E 519 14.96 35.25 -99.17
CA VAL E 519 13.83 35.42 -98.20
C VAL E 519 14.30 36.32 -97.05
N ARG E 520 13.96 37.61 -97.14
CA ARG E 520 14.46 38.68 -96.24
C ARG E 520 13.36 39.15 -95.29
N LYS E 521 12.11 38.76 -95.50
CA LYS E 521 10.95 39.19 -94.67
C LYS E 521 9.79 38.22 -94.90
N LEU E 522 8.76 38.29 -94.06
CA LEU E 522 7.70 37.25 -94.06
C LEU E 522 6.84 37.39 -95.31
N SER E 523 6.65 38.59 -95.86
CA SER E 523 5.92 38.73 -97.15
C SER E 523 6.55 37.76 -98.15
N GLN E 524 7.88 37.72 -98.21
CA GLN E 524 8.63 36.85 -99.16
C GLN E 524 8.55 35.39 -98.71
N TYR E 525 8.54 35.12 -97.40
CA TYR E 525 8.34 33.76 -96.86
C TYR E 525 7.03 33.19 -97.40
N VAL E 526 5.93 33.94 -97.32
CA VAL E 526 4.60 33.46 -97.79
C VAL E 526 4.71 33.11 -99.28
N GLN E 527 5.35 33.96 -100.08
CA GLN E 527 5.58 33.73 -101.54
C GLN E 527 6.27 32.38 -101.72
N GLU E 528 7.37 32.16 -100.99
CA GLU E 528 8.18 30.92 -101.06
C GLU E 528 7.28 29.72 -100.84
N MET E 529 6.41 29.80 -99.82
CA MET E 529 5.51 28.70 -99.38
C MET E 529 4.47 28.43 -100.46
N ALA E 530 3.93 29.47 -101.09
CA ALA E 530 2.90 29.35 -102.15
C ALA E 530 3.47 28.61 -103.36
N LEU E 531 4.74 28.85 -103.71
CA LEU E 531 5.38 28.31 -104.95
C LEU E 531 5.74 26.84 -104.74
N GLY E 532 5.92 26.44 -103.50
CA GLY E 532 6.33 25.06 -103.17
C GLY E 532 7.68 24.77 -103.77
N GLY E 533 7.85 23.59 -104.35
CA GLY E 533 9.15 23.09 -104.84
C GLY E 533 8.98 22.04 -105.92
N PRO E 534 10.07 21.51 -106.50
CA PRO E 534 9.99 20.53 -107.58
C PRO E 534 9.40 19.22 -107.04
N ILE E 535 9.57 18.94 -105.74
CA ILE E 535 9.15 17.65 -105.11
C ILE E 535 7.66 17.64 -104.77
N THR E 536 6.97 18.79 -104.82
CA THR E 536 5.57 18.92 -104.35
C THR E 536 4.59 19.07 -105.53
N LYS E 537 4.85 18.39 -106.65
CA LYS E 537 3.94 18.34 -107.84
C LYS E 537 2.83 17.30 -107.59
N GLU E 538 1.85 17.26 -108.48
CA GLU E 538 0.89 16.14 -108.73
C GLU E 538 0.56 16.17 -110.24
N SER E 539 0.91 15.11 -110.98
CA SER E 539 0.90 15.06 -112.47
C SER E 539 -0.41 15.64 -113.06
N MET E 599 4.72 45.20 -108.48
CA MET E 599 5.95 45.53 -107.69
C MET E 599 6.08 44.52 -106.54
N ASP E 600 7.32 44.31 -106.08
CA ASP E 600 7.69 43.63 -104.79
C ASP E 600 7.82 44.72 -103.71
N VAL E 601 6.82 44.85 -102.81
CA VAL E 601 6.58 46.07 -101.96
C VAL E 601 7.89 46.47 -101.26
N GLU E 602 8.27 47.76 -101.42
CA GLU E 602 9.59 48.36 -101.12
C GLU E 602 9.82 48.30 -99.60
N ASP E 603 11.06 48.00 -99.16
CA ASP E 603 11.38 48.04 -97.72
C ASP E 603 12.80 48.58 -97.52
N ALA E 604 12.97 49.21 -96.37
CA ALA E 604 14.26 49.77 -95.91
C ALA E 604 14.91 48.84 -94.87
N LEU E 605 14.43 47.61 -94.68
CA LEU E 605 14.63 46.80 -93.45
C LEU E 605 16.09 46.70 -92.97
N ASP E 606 17.07 46.28 -93.79
CA ASP E 606 18.48 46.15 -93.32
C ASP E 606 19.31 47.41 -93.62
N LYS E 607 18.67 48.53 -93.97
CA LYS E 607 19.35 49.71 -94.62
C LYS E 607 19.05 50.97 -93.78
N ASP E 608 17.77 51.33 -93.64
CA ASP E 608 17.26 52.55 -92.94
C ASP E 608 16.02 52.15 -92.12
N SER E 609 16.20 51.86 -90.83
CA SER E 609 15.13 51.36 -89.93
C SER E 609 14.13 52.49 -89.63
N THR E 610 14.60 53.74 -89.54
CA THR E 610 13.74 54.94 -89.36
C THR E 610 12.75 55.05 -90.54
N LYS E 611 13.21 54.80 -91.77
CA LYS E 611 12.37 54.91 -93.00
C LYS E 611 11.34 53.77 -92.99
N GLU E 612 11.74 52.57 -92.55
CA GLU E 612 10.84 51.39 -92.49
C GLU E 612 9.78 51.63 -91.41
N VAL E 613 10.15 52.31 -90.31
CA VAL E 613 9.24 52.69 -89.19
C VAL E 613 8.13 53.59 -89.75
N ALA E 614 8.45 54.49 -90.70
CA ALA E 614 7.52 55.49 -91.28
C ALA E 614 6.34 54.81 -91.98
N SER E 615 6.55 53.61 -92.53
CA SER E 615 5.56 52.91 -93.39
C SER E 615 4.78 51.85 -92.59
N LEU E 616 5.07 51.67 -91.29
CA LEU E 616 4.38 50.66 -90.43
C LEU E 616 2.87 50.92 -90.40
N PRO E 617 2.37 52.16 -90.13
CA PRO E 617 0.93 52.40 -90.00
C PRO E 617 0.14 52.19 -91.30
N ASN E 618 0.76 52.38 -92.48
CA ASN E 618 0.08 52.31 -93.79
C ASN E 618 -0.29 50.85 -94.09
N LYS E 619 -1.55 50.61 -94.48
CA LYS E 619 -2.07 49.25 -94.78
C LYS E 619 -1.95 49.02 -96.29
N SER E 620 -1.05 48.13 -96.72
CA SER E 620 -0.81 47.78 -98.15
C SER E 620 -2.09 47.10 -98.72
N THR E 621 -2.59 47.60 -99.85
CA THR E 621 -3.59 46.89 -100.69
C THR E 621 -2.82 46.08 -101.74
N ILE E 622 -3.06 44.76 -101.76
CA ILE E 622 -2.38 43.76 -102.65
C ILE E 622 -3.35 43.41 -103.79
N SER E 623 -3.09 43.89 -105.02
CA SER E 623 -3.84 43.54 -106.26
C SER E 623 -3.71 42.04 -106.53
N LYS E 624 -2.45 41.60 -106.72
CA LYS E 624 -1.98 40.22 -106.94
C LYS E 624 -1.78 39.54 -105.57
N THR E 625 -2.88 39.11 -104.99
CA THR E 625 -3.00 38.09 -103.91
C THR E 625 -2.08 36.93 -104.26
N VAL E 626 -1.15 36.58 -103.37
CA VAL E 626 -0.11 35.51 -103.53
C VAL E 626 -0.74 34.20 -104.00
N SER E 627 -1.96 33.89 -103.61
CA SER E 627 -2.63 32.61 -103.96
C SER E 627 -2.72 32.48 -105.48
N SER E 628 -2.91 33.59 -106.19
CA SER E 628 -2.96 33.65 -107.67
C SER E 628 -1.62 33.23 -108.28
N THR E 629 -0.51 33.23 -107.53
CA THR E 629 0.85 32.87 -108.02
C THR E 629 1.12 31.37 -107.91
N ILE E 630 0.21 30.58 -107.33
CA ILE E 630 0.44 29.13 -107.06
C ILE E 630 0.39 28.36 -108.37
N PRO E 631 1.49 27.79 -108.89
CA PRO E 631 1.43 27.07 -110.15
C PRO E 631 0.40 25.93 -109.94
N ARG E 632 -0.62 25.86 -110.79
CA ARG E 632 -1.55 24.69 -110.79
C ARG E 632 -0.69 23.47 -111.13
N GLU E 633 -0.96 22.33 -110.50
CA GLU E 633 -0.13 21.10 -110.58
C GLU E 633 0.81 21.10 -109.36
N THR E 634 1.03 22.25 -108.71
CA THR E 634 1.90 22.35 -107.52
C THR E 634 1.07 22.47 -106.23
N ILE E 635 1.50 21.74 -105.21
CA ILE E 635 0.97 21.79 -103.81
C ILE E 635 1.88 22.70 -103.01
N PRO E 636 1.38 23.80 -102.43
CA PRO E 636 2.19 24.65 -101.57
C PRO E 636 2.79 23.93 -100.34
N PHE E 637 3.81 24.55 -99.75
CA PHE E 637 4.57 24.04 -98.59
C PHE E 637 3.71 24.19 -97.32
N LEU E 638 2.79 25.16 -97.32
CA LEU E 638 1.67 25.29 -96.34
C LEU E 638 0.37 25.23 -97.14
N HIS E 639 -0.57 24.37 -96.78
CA HIS E 639 -1.90 24.32 -97.42
C HIS E 639 -2.94 23.88 -96.40
N LEU E 640 -4.21 24.02 -96.75
CA LEU E 640 -5.35 23.39 -96.03
C LEU E 640 -5.82 22.21 -96.85
N ARG E 641 -6.59 21.32 -96.23
CA ARG E 641 -7.10 20.07 -96.84
C ARG E 641 -8.60 20.02 -96.72
N LYS E 642 -9.24 19.28 -97.62
CA LYS E 642 -10.69 19.02 -97.62
C LYS E 642 -10.84 17.53 -97.48
N LYS E 643 -11.88 17.06 -96.78
CA LYS E 643 -12.09 15.60 -96.62
C LYS E 643 -12.88 15.12 -97.85
N THR E 644 -12.34 14.17 -98.61
CA THR E 644 -13.04 13.52 -99.75
C THR E 644 -14.13 12.61 -99.19
N PRO E 645 -15.26 12.39 -99.92
CA PRO E 645 -16.27 11.40 -99.51
C PRO E 645 -15.66 10.03 -99.16
N ALA E 646 -14.64 9.62 -99.92
CA ALA E 646 -13.78 8.44 -99.65
C ALA E 646 -13.21 8.50 -98.22
N GLY E 647 -12.93 9.70 -97.71
CA GLY E 647 -12.57 9.92 -96.29
C GLY E 647 -11.13 10.36 -96.08
N ASP E 648 -10.33 10.45 -97.15
CA ASP E 648 -8.93 11.00 -97.08
C ASP E 648 -8.97 12.53 -97.04
N TRP E 649 -7.92 13.14 -96.49
CA TRP E 649 -7.74 14.61 -96.43
C TRP E 649 -6.74 15.02 -97.49
N LYS E 650 -7.22 15.44 -98.67
CA LYS E 650 -6.37 15.85 -99.81
C LYS E 650 -6.25 17.39 -99.84
N TYR E 651 -5.16 17.91 -100.40
CA TYR E 651 -4.95 19.36 -100.67
C TYR E 651 -6.20 19.92 -101.35
N ASP E 652 -6.63 21.12 -100.93
CA ASP E 652 -7.72 21.89 -101.58
C ASP E 652 -7.17 23.27 -101.98
N ARG E 653 -7.10 23.54 -103.29
CA ARG E 653 -6.49 24.78 -103.83
C ARG E 653 -7.21 25.99 -103.25
N GLN E 654 -8.54 25.95 -103.19
CA GLN E 654 -9.38 27.12 -102.80
C GLN E 654 -9.13 27.50 -101.33
N LEU E 655 -9.37 26.58 -100.39
CA LEU E 655 -9.15 26.82 -98.94
C LEU E 655 -7.71 27.26 -98.71
N SER E 656 -6.75 26.64 -99.39
CA SER E 656 -5.29 26.92 -99.22
C SER E 656 -5.00 28.36 -99.62
N SER E 657 -5.66 28.84 -100.68
CA SER E 657 -5.59 30.24 -101.15
C SER E 657 -6.08 31.17 -100.04
N LEU E 658 -7.26 30.87 -99.51
CA LEU E 658 -7.87 31.61 -98.36
C LEU E 658 -6.83 31.75 -97.25
N PHE E 659 -6.14 30.66 -96.91
CA PHE E 659 -5.17 30.61 -95.78
C PHE E 659 -3.92 31.40 -96.14
N LEU E 660 -3.34 31.12 -97.31
CA LEU E 660 -2.07 31.73 -97.78
C LEU E 660 -2.26 33.24 -97.99
N ASP E 661 -3.45 33.68 -98.38
CA ASP E 661 -3.79 35.12 -98.55
C ASP E 661 -3.86 35.75 -97.16
N GLY E 662 -4.49 35.07 -96.21
CA GLY E 662 -4.48 35.43 -94.79
C GLY E 662 -3.06 35.73 -94.31
N LEU E 663 -2.12 34.87 -94.64
CA LEU E 663 -0.70 34.97 -94.22
C LEU E 663 -0.06 36.19 -94.85
N GLU E 664 -0.31 36.41 -96.13
CA GLU E 664 0.29 37.55 -96.88
C GLU E 664 -0.20 38.86 -96.25
N LYS E 665 -1.52 38.98 -96.09
CA LYS E 665 -2.19 40.11 -95.40
C LYS E 665 -1.50 40.31 -94.05
N ALA E 666 -1.42 39.26 -93.25
CA ALA E 666 -0.83 39.27 -91.89
C ALA E 666 0.58 39.84 -91.94
N ALA E 667 1.39 39.44 -92.92
CA ALA E 667 2.81 39.80 -92.99
C ALA E 667 2.97 41.29 -93.29
N PHE E 668 2.12 41.88 -94.14
CA PHE E 668 2.22 43.31 -94.57
C PHE E 668 1.55 44.22 -93.53
N ASN E 669 0.33 43.89 -93.08
CA ASN E 669 -0.54 44.79 -92.28
C ASN E 669 -0.63 44.35 -90.81
N GLY E 670 -0.11 43.17 -90.46
CA GLY E 670 -0.31 42.60 -89.11
C GLY E 670 -1.71 42.06 -88.95
N VAL E 671 -1.90 41.17 -87.97
CA VAL E 671 -3.22 40.63 -87.51
C VAL E 671 -3.45 41.15 -86.09
N THR E 672 -4.67 41.56 -85.78
CA THR E 672 -5.08 41.88 -84.39
C THR E 672 -5.74 40.65 -83.78
N PHE E 673 -5.52 40.48 -82.49
CA PHE E 673 -6.16 39.43 -81.66
C PHE E 673 -6.88 40.09 -80.50
N LYS E 674 -7.18 41.38 -80.60
CA LYS E 674 -7.88 42.11 -79.50
C LYS E 674 -9.20 41.37 -79.28
N ASP E 675 -9.68 41.36 -78.05
CA ASP E 675 -10.98 40.72 -77.73
C ASP E 675 -10.89 39.19 -77.90
N LYS E 676 -9.71 38.60 -78.07
CA LYS E 676 -9.57 37.13 -78.15
C LYS E 676 -9.03 36.59 -76.82
N TYR E 677 -9.74 35.63 -76.24
CA TYR E 677 -9.40 35.05 -74.93
C TYR E 677 -8.82 33.65 -75.16
N VAL E 678 -7.55 33.44 -74.80
CA VAL E 678 -6.79 32.22 -75.22
C VAL E 678 -6.23 31.52 -73.99
N LEU E 679 -6.32 30.20 -73.97
CA LEU E 679 -5.57 29.31 -73.04
C LEU E 679 -4.47 28.61 -73.84
N ILE E 680 -3.22 28.65 -73.38
CA ILE E 680 -2.09 27.98 -74.08
C ILE E 680 -1.24 27.19 -73.08
N THR E 681 -1.11 25.88 -73.29
CA THR E 681 -0.23 24.98 -72.52
C THR E 681 0.99 24.67 -73.37
N GLY E 682 2.15 24.43 -72.77
CA GLY E 682 3.35 24.04 -73.51
C GLY E 682 4.06 25.25 -74.10
N ALA E 683 3.98 26.42 -73.48
CA ALA E 683 4.60 27.65 -74.02
C ALA E 683 5.80 28.04 -73.14
N GLY E 684 6.66 27.06 -72.86
CA GLY E 684 7.87 27.32 -72.08
C GLY E 684 8.88 28.06 -72.93
N LYS E 685 9.82 28.74 -72.30
CA LYS E 685 10.97 29.36 -73.02
C LYS E 685 11.55 28.32 -73.98
N GLY E 686 11.94 28.74 -75.18
CA GLY E 686 12.61 27.91 -76.18
C GLY E 686 11.62 27.11 -77.01
N SER E 687 10.33 27.29 -76.80
CA SER E 687 9.28 26.49 -77.48
C SER E 687 8.66 27.27 -78.64
N ILE E 688 7.95 26.55 -79.50
CA ILE E 688 7.02 27.16 -80.49
C ILE E 688 5.96 27.94 -79.72
N GLY E 689 5.38 27.34 -78.68
CA GLY E 689 4.34 27.98 -77.87
C GLY E 689 4.71 29.40 -77.44
N ALA E 690 5.94 29.62 -76.98
CA ALA E 690 6.41 30.92 -76.45
C ALA E 690 6.41 31.96 -77.58
N GLU E 691 6.70 31.52 -78.79
CA GLU E 691 6.70 32.40 -79.99
C GLU E 691 5.25 32.72 -80.35
N VAL E 692 4.36 31.74 -80.26
CA VAL E 692 2.89 31.97 -80.43
C VAL E 692 2.44 32.99 -79.37
N LEU E 693 2.86 32.83 -78.12
CA LEU E 693 2.39 33.70 -77.02
C LEU E 693 2.83 35.13 -77.30
N GLN E 694 4.08 35.35 -77.71
CA GLN E 694 4.58 36.71 -78.02
C GLN E 694 3.62 37.34 -79.02
N GLY E 695 3.20 36.58 -80.02
CA GLY E 695 2.32 37.07 -81.11
C GLY E 695 0.95 37.44 -80.56
N LEU E 696 0.33 36.55 -79.79
CA LEU E 696 -1.00 36.77 -79.22
C LEU E 696 -0.97 38.09 -78.45
N LEU E 697 0.07 38.29 -77.64
CA LEU E 697 0.17 39.48 -76.75
C LEU E 697 0.36 40.73 -77.61
N GLN E 698 1.20 40.64 -78.63
CA GLN E 698 1.49 41.76 -79.56
C GLN E 698 0.18 42.21 -80.20
N GLY E 699 -0.79 41.32 -80.37
CA GLY E 699 -2.07 41.61 -81.03
C GLY E 699 -3.18 41.94 -80.04
N GLY E 700 -2.85 42.03 -78.75
CA GLY E 700 -3.76 42.52 -77.70
C GLY E 700 -4.67 41.44 -77.17
N ALA E 701 -4.31 40.17 -77.33
CA ALA E 701 -5.06 39.03 -76.78
C ALA E 701 -5.00 39.04 -75.24
N LYS E 702 -5.93 38.33 -74.61
CA LYS E 702 -5.93 38.05 -73.16
C LYS E 702 -5.69 36.56 -73.03
N VAL E 703 -4.61 36.18 -72.38
CA VAL E 703 -4.00 34.84 -72.50
C VAL E 703 -3.73 34.28 -71.10
N VAL E 704 -4.09 33.01 -70.89
CA VAL E 704 -3.62 32.21 -69.72
C VAL E 704 -2.52 31.30 -70.22
N VAL E 705 -1.30 31.47 -69.70
CA VAL E 705 -0.16 30.55 -69.95
C VAL E 705 -0.06 29.63 -68.75
N THR E 706 0.01 28.33 -69.00
CA THR E 706 0.37 27.33 -67.98
C THR E 706 1.89 27.17 -67.98
N THR E 707 2.45 26.88 -66.81
CA THR E 707 3.85 26.40 -66.65
C THR E 707 3.84 25.24 -65.64
N SER E 708 4.55 24.18 -65.97
CA SER E 708 4.74 23.00 -65.10
C SER E 708 6.01 23.20 -64.28
N ARG E 709 6.70 24.33 -64.46
CA ARG E 709 8.00 24.62 -63.82
C ARG E 709 7.91 25.99 -63.15
N PHE E 710 6.74 26.27 -62.56
CA PHE E 710 6.49 27.56 -61.86
C PHE E 710 7.61 27.83 -60.87
N SER E 711 8.19 29.02 -60.94
CA SER E 711 9.41 29.42 -60.17
C SER E 711 9.62 30.91 -60.40
N LYS E 712 10.52 31.55 -59.66
CA LYS E 712 10.73 33.02 -59.84
C LYS E 712 11.35 33.23 -61.22
N GLN E 713 12.27 32.38 -61.64
CA GLN E 713 12.92 32.44 -62.96
C GLN E 713 11.83 32.47 -64.05
N VAL E 714 10.86 31.56 -64.00
CA VAL E 714 9.78 31.41 -65.02
C VAL E 714 8.82 32.60 -64.93
N THR E 715 8.52 33.03 -63.71
CA THR E 715 7.56 34.11 -63.43
C THR E 715 8.14 35.40 -64.05
N ASP E 716 9.42 35.67 -63.79
CA ASP E 716 10.18 36.84 -64.28
C ASP E 716 10.30 36.79 -65.81
N TYR E 717 10.48 35.59 -66.37
CA TYR E 717 10.55 35.36 -67.83
C TYR E 717 9.27 35.90 -68.47
N TYR E 718 8.09 35.43 -68.01
CA TYR E 718 6.79 35.82 -68.58
C TYR E 718 6.56 37.30 -68.29
N GLN E 719 7.03 37.84 -67.16
CA GLN E 719 6.90 39.30 -66.90
C GLN E 719 7.63 40.08 -67.99
N SER E 720 8.86 39.68 -68.32
CA SER E 720 9.70 40.39 -69.32
C SER E 720 9.07 40.27 -70.72
N ILE E 721 8.41 39.16 -71.02
CA ILE E 721 7.67 39.00 -72.30
C ILE E 721 6.53 40.01 -72.33
N TYR E 722 5.74 40.13 -71.27
CA TYR E 722 4.57 41.05 -71.25
C TYR E 722 5.05 42.49 -71.32
N ALA E 723 6.15 42.78 -70.64
CA ALA E 723 6.70 44.15 -70.57
C ALA E 723 7.24 44.56 -71.94
N LYS E 724 7.53 43.59 -72.82
CA LYS E 724 8.10 43.89 -74.17
C LYS E 724 7.02 43.93 -75.23
N TYR E 725 6.13 42.92 -75.26
CA TYR E 725 5.17 42.59 -76.35
C TYR E 725 3.70 42.86 -75.98
N GLY E 726 3.39 42.94 -74.69
CA GLY E 726 2.03 43.15 -74.19
C GLY E 726 1.44 44.45 -74.66
N ALA E 727 0.56 44.37 -75.65
CA ALA E 727 -0.09 45.50 -76.33
C ALA E 727 -1.20 46.07 -75.46
N LYS E 728 -1.75 47.24 -75.83
CA LYS E 728 -2.94 47.82 -75.17
C LYS E 728 -4.07 46.79 -75.25
N GLY E 729 -4.75 46.56 -74.13
CA GLY E 729 -5.88 45.63 -74.08
C GLY E 729 -5.44 44.20 -73.84
N SER E 730 -4.15 43.89 -73.99
CA SER E 730 -3.60 42.56 -73.65
C SER E 730 -3.60 42.40 -72.13
N THR E 731 -3.75 41.16 -71.65
CA THR E 731 -3.33 40.75 -70.29
C THR E 731 -2.75 39.32 -70.38
N LEU E 732 -1.77 39.04 -69.55
CA LEU E 732 -1.09 37.73 -69.45
C LEU E 732 -1.35 37.21 -68.05
N ILE E 733 -1.85 35.98 -67.93
CA ILE E 733 -2.05 35.33 -66.62
C ILE E 733 -1.25 34.03 -66.62
N VAL E 734 -0.25 33.97 -65.75
CA VAL E 734 0.63 32.77 -65.58
C VAL E 734 0.09 31.95 -64.40
N VAL E 735 -0.13 30.66 -64.61
CA VAL E 735 -0.59 29.74 -63.54
C VAL E 735 0.30 28.53 -63.55
N PRO E 736 0.63 27.94 -62.38
CA PRO E 736 1.25 26.63 -62.34
C PRO E 736 0.17 25.63 -62.80
N PHE E 737 0.55 24.56 -63.50
CA PHE E 737 -0.43 23.60 -64.05
C PHE E 737 0.30 22.34 -64.54
N ASN E 738 -0.22 21.17 -64.17
CA ASN E 738 0.27 19.86 -64.63
C ASN E 738 -0.80 19.19 -65.48
N GLN E 739 -0.69 19.24 -66.81
CA GLN E 739 -1.71 18.69 -67.74
C GLN E 739 -1.85 17.18 -67.54
N GLY E 740 -0.94 16.55 -66.79
CA GLY E 740 -1.04 15.11 -66.43
C GLY E 740 -2.12 14.83 -65.40
N SER E 741 -2.60 15.86 -64.71
CA SER E 741 -3.53 15.75 -63.57
C SER E 741 -4.93 16.12 -64.01
N LYS E 742 -5.86 15.17 -63.96
CA LYS E 742 -7.30 15.41 -64.22
C LYS E 742 -7.76 16.58 -63.34
N GLN E 743 -7.30 16.64 -62.10
CA GLN E 743 -7.77 17.62 -61.11
C GLN E 743 -7.29 19.01 -61.55
N ASP E 744 -6.06 19.11 -62.03
CA ASP E 744 -5.51 20.42 -62.47
C ASP E 744 -6.32 20.90 -63.67
N VAL E 745 -6.63 19.99 -64.59
CA VAL E 745 -7.42 20.32 -65.81
C VAL E 745 -8.74 20.92 -65.36
N GLU E 746 -9.48 20.21 -64.52
CA GLU E 746 -10.83 20.65 -64.09
C GLU E 746 -10.70 21.97 -63.32
N ALA E 747 -9.68 22.11 -62.49
CA ALA E 747 -9.50 23.27 -61.59
C ALA E 747 -9.16 24.51 -62.40
N LEU E 748 -8.31 24.35 -63.41
CA LEU E 748 -7.86 25.45 -64.30
C LEU E 748 -9.10 26.00 -65.02
N ILE E 749 -9.90 25.13 -65.62
CA ILE E 749 -11.06 25.60 -66.43
C ILE E 749 -12.08 26.24 -65.47
N GLU E 750 -12.25 25.69 -64.26
CA GLU E 750 -13.17 26.23 -63.24
C GLU E 750 -12.71 27.65 -62.89
N PHE E 751 -11.41 27.85 -62.75
CA PHE E 751 -10.79 29.15 -62.40
C PHE E 751 -11.04 30.16 -63.53
N ILE E 752 -10.84 29.73 -64.76
CA ILE E 752 -10.99 30.64 -65.93
C ILE E 752 -12.44 31.12 -65.97
N TYR E 753 -13.42 30.24 -65.71
CA TYR E 753 -14.86 30.50 -65.96
C TYR E 753 -15.51 31.12 -64.73
N ASP E 754 -15.01 30.85 -63.52
CA ASP E 754 -15.62 31.36 -62.26
C ASP E 754 -15.63 32.89 -62.27
N THR E 755 -16.59 33.50 -61.59
CA THR E 755 -16.71 34.99 -61.48
C THR E 755 -15.50 35.54 -60.71
N GLU E 756 -15.23 36.84 -60.82
CA GLU E 756 -14.16 37.50 -60.04
C GLU E 756 -14.56 37.48 -58.58
N LYS E 757 -15.87 37.58 -58.32
CA LYS E 757 -16.46 37.53 -56.96
C LYS E 757 -16.10 36.18 -56.32
N ASN E 758 -16.05 35.10 -57.10
CA ASN E 758 -15.65 33.74 -56.59
C ASN E 758 -14.15 33.47 -56.82
N GLY E 759 -13.33 34.50 -57.09
CA GLY E 759 -11.87 34.36 -57.23
C GLY E 759 -11.42 33.68 -58.52
N GLY E 760 -12.26 33.73 -59.55
CA GLY E 760 -11.95 33.33 -60.94
C GLY E 760 -11.65 34.54 -61.82
N LEU E 761 -11.43 34.30 -63.11
CA LEU E 761 -11.07 35.33 -64.12
C LEU E 761 -12.34 35.96 -64.70
N GLY E 762 -13.43 35.19 -64.65
CA GLY E 762 -14.70 35.53 -65.32
C GLY E 762 -14.56 35.59 -66.82
N TRP E 763 -13.76 34.71 -67.40
CA TRP E 763 -13.51 34.64 -68.87
C TRP E 763 -14.34 33.54 -69.49
N ASP E 764 -14.36 33.54 -70.82
CA ASP E 764 -14.99 32.54 -71.70
C ASP E 764 -14.03 32.39 -72.88
N LEU E 765 -13.47 31.20 -73.11
CA LEU E 765 -12.30 31.04 -74.02
C LEU E 765 -12.75 31.09 -75.48
N ASP E 766 -11.91 31.68 -76.33
CA ASP E 766 -12.09 31.72 -77.81
C ASP E 766 -11.11 30.75 -78.49
N ALA E 767 -9.98 30.45 -77.87
CA ALA E 767 -8.99 29.54 -78.47
C ALA E 767 -8.33 28.75 -77.36
N ILE E 768 -8.09 27.46 -77.61
CA ILE E 768 -7.30 26.58 -76.70
C ILE E 768 -6.14 26.08 -77.53
N ILE E 769 -4.91 26.25 -77.04
CA ILE E 769 -3.68 25.79 -77.73
C ILE E 769 -2.99 24.81 -76.79
N PRO E 770 -3.37 23.51 -76.79
CA PRO E 770 -2.87 22.56 -75.80
C PRO E 770 -1.58 21.85 -76.22
N PHE E 771 -0.45 22.56 -76.15
CA PHE E 771 0.86 22.11 -76.71
C PHE E 771 1.71 21.42 -75.64
N ALA E 772 1.22 21.34 -74.40
CA ALA E 772 1.94 20.64 -73.31
C ALA E 772 2.30 19.23 -73.76
N ALA E 773 3.51 18.80 -73.46
CA ALA E 773 4.01 17.46 -73.84
C ALA E 773 5.32 17.18 -73.10
N ILE E 774 5.69 15.91 -73.01
CA ILE E 774 7.02 15.52 -72.48
C ILE E 774 7.68 14.63 -73.51
N PRO E 775 9.02 14.75 -73.66
CA PRO E 775 9.74 13.97 -74.66
C PRO E 775 9.74 12.48 -74.28
N GLU E 776 9.62 11.60 -75.26
CA GLU E 776 9.87 10.16 -75.06
C GLU E 776 10.87 9.76 -76.15
N GLN E 777 12.05 9.30 -75.79
CA GLN E 777 13.13 8.96 -76.75
C GLN E 777 13.76 7.63 -76.32
N GLY E 778 14.07 6.77 -77.27
CA GLY E 778 14.68 5.46 -76.96
C GLY E 778 13.69 4.52 -76.32
N ILE E 779 12.40 4.74 -76.56
CA ILE E 779 11.32 3.88 -75.99
C ILE E 779 10.58 3.24 -77.16
N GLU E 780 11.00 2.06 -77.56
CA GLU E 780 10.28 1.27 -78.59
C GLU E 780 9.08 0.57 -77.97
N LEU E 781 8.32 -0.17 -78.78
CA LEU E 781 7.17 -0.98 -78.35
C LEU E 781 7.48 -1.62 -77.00
N GLU E 782 8.52 -2.43 -76.91
CA GLU E 782 8.73 -3.30 -75.73
C GLU E 782 9.18 -2.51 -74.51
N HIS E 783 9.50 -1.23 -74.67
CA HIS E 783 9.94 -0.35 -73.56
C HIS E 783 8.78 0.48 -73.03
N ILE E 784 7.64 0.49 -73.71
CA ILE E 784 6.50 1.39 -73.34
C ILE E 784 6.12 1.06 -71.91
N ASP E 785 6.22 2.01 -70.99
CA ASP E 785 5.89 1.76 -69.56
C ASP E 785 5.32 3.03 -68.92
N SER E 786 5.74 3.37 -67.70
CA SER E 786 5.08 4.39 -66.86
C SER E 786 5.17 5.75 -67.56
N LYS E 787 6.36 6.19 -67.94
CA LYS E 787 6.61 7.52 -68.57
C LYS E 787 5.67 7.67 -69.76
N SER E 788 5.63 6.66 -70.64
CA SER E 788 4.89 6.71 -71.92
C SER E 788 3.38 6.75 -71.63
N GLU E 789 2.92 5.95 -70.68
CA GLU E 789 1.48 5.91 -70.34
C GLU E 789 1.06 7.27 -69.78
N PHE E 790 1.98 7.92 -69.08
CA PHE E 790 1.75 9.25 -68.46
C PHE E 790 1.77 10.30 -69.56
N ALA E 791 2.78 10.21 -70.42
CA ALA E 791 2.96 11.14 -71.57
C ALA E 791 1.68 11.14 -72.40
N HIS E 792 1.17 9.95 -72.68
CA HIS E 792 -0.08 9.74 -73.46
C HIS E 792 -1.24 10.39 -72.74
N ARG E 793 -1.20 10.45 -71.41
CA ARG E 793 -2.31 11.06 -70.64
C ARG E 793 -2.27 12.57 -70.86
N ILE E 794 -1.09 13.16 -70.80
CA ILE E 794 -0.88 14.62 -71.02
C ILE E 794 -1.36 14.96 -72.43
N MET E 795 -0.96 14.19 -73.41
CA MET E 795 -0.92 14.61 -74.83
C MET E 795 -2.14 14.11 -75.59
N LEU E 796 -3.00 13.30 -74.96
CA LEU E 796 -4.31 12.89 -75.54
C LEU E 796 -5.43 12.94 -74.49
N THR E 797 -5.43 12.01 -73.54
CA THR E 797 -6.60 11.79 -72.65
C THR E 797 -6.97 13.11 -71.97
N ASN E 798 -6.01 13.85 -71.42
CA ASN E 798 -6.33 15.08 -70.67
C ASN E 798 -6.55 16.28 -71.61
N ILE E 799 -6.25 16.16 -72.90
CA ILE E 799 -6.66 17.22 -73.88
C ILE E 799 -8.15 17.02 -74.14
N LEU E 800 -8.58 15.77 -74.32
CA LEU E 800 -10.03 15.47 -74.48
C LEU E 800 -10.74 16.02 -73.25
N ARG E 801 -10.20 15.74 -72.06
CA ARG E 801 -10.80 16.15 -70.77
C ARG E 801 -10.90 17.67 -70.74
N MET E 802 -9.81 18.36 -71.07
CA MET E 802 -9.73 19.85 -71.11
C MET E 802 -10.84 20.39 -72.02
N MET E 803 -10.94 19.86 -73.24
CA MET E 803 -11.98 20.28 -74.22
C MET E 803 -13.36 20.08 -73.57
N GLY E 804 -13.59 18.89 -73.03
CA GLY E 804 -14.83 18.52 -72.34
C GLY E 804 -15.21 19.51 -71.25
N CYS E 805 -14.26 19.90 -70.42
CA CYS E 805 -14.49 20.91 -69.35
C CYS E 805 -14.98 22.22 -69.97
N VAL E 806 -14.31 22.77 -70.98
CA VAL E 806 -14.75 24.11 -71.45
C VAL E 806 -16.08 23.90 -72.18
N LYS E 807 -16.32 22.73 -72.76
CA LYS E 807 -17.67 22.43 -73.32
C LYS E 807 -18.71 22.57 -72.21
N LYS E 808 -18.49 21.88 -71.09
CA LYS E 808 -19.44 21.81 -69.94
C LYS E 808 -19.69 23.22 -69.42
N GLN E 809 -18.64 24.03 -69.29
CA GLN E 809 -18.73 25.38 -68.69
C GLN E 809 -19.56 26.28 -69.62
N LYS E 810 -19.34 26.19 -70.93
CA LYS E 810 -20.09 27.02 -71.89
C LYS E 810 -21.56 26.60 -71.83
N SER E 811 -21.85 25.30 -71.91
CA SER E 811 -23.23 24.76 -71.98
C SER E 811 -24.01 25.13 -70.71
N ALA E 812 -23.37 24.94 -69.56
CA ALA E 812 -23.87 25.37 -68.23
C ALA E 812 -24.39 26.80 -68.28
N ARG E 813 -23.78 27.69 -69.06
CA ARG E 813 -24.18 29.13 -69.14
C ARG E 813 -24.92 29.42 -70.44
N GLY E 814 -25.38 28.38 -71.13
CA GLY E 814 -26.14 28.48 -72.39
C GLY E 814 -25.39 29.29 -73.44
N ILE E 815 -24.07 29.05 -73.57
CA ILE E 815 -23.21 29.74 -74.57
C ILE E 815 -23.13 28.87 -75.83
N GLU E 816 -24.07 29.10 -76.75
CA GLU E 816 -24.23 28.34 -78.02
C GLU E 816 -23.55 29.05 -79.19
N THR E 817 -23.07 30.30 -79.02
CA THR E 817 -22.59 31.13 -80.15
C THR E 817 -21.23 31.76 -79.83
N ARG E 818 -20.38 31.12 -79.05
CA ARG E 818 -18.97 31.60 -78.90
C ARG E 818 -18.07 30.38 -78.81
N PRO E 819 -17.88 29.67 -79.93
CA PRO E 819 -17.07 28.46 -79.92
C PRO E 819 -15.63 28.83 -79.62
N ALA E 820 -14.92 27.95 -78.91
CA ALA E 820 -13.46 28.03 -78.68
C ALA E 820 -12.77 27.18 -79.72
N GLN E 821 -11.85 27.79 -80.47
CA GLN E 821 -11.06 27.15 -81.55
C GLN E 821 -9.92 26.37 -80.89
N VAL E 822 -9.88 25.07 -81.09
CA VAL E 822 -8.80 24.23 -80.51
C VAL E 822 -7.75 24.00 -81.60
N ILE E 823 -6.55 24.55 -81.44
CA ILE E 823 -5.41 24.32 -82.36
C ILE E 823 -4.75 23.00 -81.94
N LEU E 824 -5.20 21.87 -82.47
CA LEU E 824 -4.60 20.54 -82.18
C LEU E 824 -3.20 20.44 -82.79
N PRO E 825 -2.16 20.12 -81.99
CA PRO E 825 -0.83 19.88 -82.52
C PRO E 825 -0.70 18.44 -83.04
N MET E 826 -0.81 18.25 -84.35
CA MET E 826 -0.81 16.91 -84.98
C MET E 826 0.52 16.62 -85.65
N SER E 827 0.74 15.37 -86.01
CA SER E 827 2.03 14.93 -86.58
C SER E 827 1.77 14.32 -87.95
N PRO E 828 2.67 14.57 -88.93
CA PRO E 828 2.58 13.94 -90.23
C PRO E 828 3.20 12.55 -90.22
N ASN E 829 3.99 12.24 -89.20
CA ASN E 829 4.77 10.99 -89.12
C ASN E 829 4.26 10.22 -87.91
N HIS E 830 3.63 9.05 -88.13
CA HIS E 830 3.04 8.19 -87.07
C HIS E 830 3.81 6.87 -87.00
N GLY E 831 4.78 6.80 -86.10
CA GLY E 831 5.69 5.64 -85.91
C GLY E 831 6.55 5.42 -87.15
N THR E 832 6.86 6.50 -87.85
CA THR E 832 7.81 6.55 -88.97
C THR E 832 9.24 6.33 -88.46
N PHE E 833 9.60 6.97 -87.35
CA PHE E 833 10.97 6.99 -86.80
C PHE E 833 11.14 5.90 -85.73
N GLY E 834 10.09 5.64 -84.94
CA GLY E 834 10.13 4.67 -83.85
C GLY E 834 10.92 5.17 -82.65
N GLY E 835 10.77 4.50 -81.51
CA GLY E 835 11.46 4.86 -80.27
C GLY E 835 10.87 6.08 -79.61
N ASP E 836 9.69 6.51 -80.06
CA ASP E 836 9.00 7.72 -79.53
C ASP E 836 7.96 7.31 -78.47
N GLY E 837 8.09 6.13 -77.86
CA GLY E 837 7.14 5.67 -76.83
C GLY E 837 5.73 5.65 -77.36
N MET E 838 4.82 6.45 -76.80
CA MET E 838 3.42 6.50 -77.31
C MET E 838 3.12 7.87 -77.91
N TYR E 839 4.13 8.59 -78.40
CA TYR E 839 3.99 9.89 -79.09
C TYR E 839 3.02 9.74 -80.26
N SER E 840 3.31 8.80 -81.13
CA SER E 840 2.59 8.61 -82.43
C SER E 840 1.13 8.23 -82.13
N GLU E 841 0.89 7.45 -81.10
CA GLU E 841 -0.48 6.99 -80.71
C GLU E 841 -1.24 8.20 -80.16
N SER E 842 -0.57 9.04 -79.39
CA SER E 842 -1.14 10.31 -78.86
C SER E 842 -1.57 11.16 -80.04
N LYS E 843 -0.66 11.42 -80.97
CA LYS E 843 -0.86 12.44 -82.04
C LYS E 843 -1.87 11.93 -83.07
N LEU E 844 -1.93 10.62 -83.26
CA LEU E 844 -2.87 10.05 -84.26
C LEU E 844 -4.27 10.07 -83.67
N SER E 845 -4.40 9.70 -82.40
CA SER E 845 -5.71 9.67 -81.68
C SER E 845 -6.42 11.01 -81.83
N LEU E 846 -5.68 12.12 -81.86
CA LEU E 846 -6.29 13.46 -81.89
C LEU E 846 -7.13 13.60 -83.16
N GLU E 847 -6.86 12.79 -84.17
CA GLU E 847 -7.49 12.89 -85.51
C GLU E 847 -8.94 12.43 -85.44
N THR E 848 -9.39 11.76 -84.39
CA THR E 848 -10.83 11.42 -84.20
C THR E 848 -11.65 12.69 -84.07
N LEU E 849 -11.07 13.75 -83.51
CA LEU E 849 -11.81 14.99 -83.20
C LEU E 849 -12.37 15.61 -84.49
N PHE E 850 -11.74 15.37 -85.63
CA PHE E 850 -12.26 15.84 -86.95
C PHE E 850 -13.66 15.29 -87.18
N ASN E 851 -13.97 14.10 -86.66
CA ASN E 851 -15.27 13.42 -86.91
C ASN E 851 -16.19 13.61 -85.71
N ARG E 852 -15.64 13.63 -84.49
CA ARG E 852 -16.46 13.78 -83.25
C ARG E 852 -17.14 15.14 -83.26
N TRP E 853 -16.55 16.13 -83.91
CA TRP E 853 -17.19 17.47 -84.02
C TRP E 853 -18.58 17.31 -84.63
N HIS E 854 -18.72 16.46 -85.66
CA HIS E 854 -20.01 16.21 -86.36
C HIS E 854 -20.93 15.32 -85.53
N SER E 855 -20.39 14.29 -84.87
CA SER E 855 -21.17 13.15 -84.35
C SER E 855 -21.69 13.39 -82.94
N GLU E 856 -21.23 14.43 -82.26
CA GLU E 856 -21.52 14.63 -80.82
C GLU E 856 -22.03 16.06 -80.67
N SER E 857 -22.48 16.39 -79.47
CA SER E 857 -23.24 17.64 -79.22
C SER E 857 -22.34 18.79 -78.74
N TRP E 858 -21.10 18.90 -79.20
CA TRP E 858 -20.20 19.98 -78.72
C TRP E 858 -19.77 20.93 -79.86
N ALA E 859 -20.39 20.88 -81.04
CA ALA E 859 -19.90 21.64 -82.22
C ALA E 859 -20.06 23.15 -82.00
N ASN E 860 -21.01 23.60 -81.18
CA ASN E 860 -21.27 25.06 -80.97
C ASN E 860 -20.34 25.63 -79.88
N GLN E 861 -19.60 24.75 -79.20
CA GLN E 861 -18.81 25.11 -78.01
C GLN E 861 -17.33 25.09 -78.37
N LEU E 862 -16.90 24.07 -79.12
CA LEU E 862 -15.51 23.90 -79.61
C LEU E 862 -15.51 23.76 -81.14
N THR E 863 -14.54 24.36 -81.83
CA THR E 863 -14.23 24.03 -83.24
C THR E 863 -12.84 23.38 -83.27
N VAL E 864 -12.60 22.48 -84.23
CA VAL E 864 -11.30 21.76 -84.27
C VAL E 864 -10.53 22.26 -85.48
N CYS E 865 -9.28 22.64 -85.24
CA CYS E 865 -8.32 23.18 -86.23
C CYS E 865 -7.02 22.41 -86.06
N GLY E 866 -6.85 21.32 -86.81
CA GLY E 866 -5.64 20.48 -86.73
C GLY E 866 -4.49 21.14 -87.46
N ALA E 867 -3.38 21.39 -86.77
CA ALA E 867 -2.14 21.89 -87.38
C ALA E 867 -1.18 20.71 -87.51
N ILE E 868 -0.89 20.29 -88.73
CA ILE E 868 0.15 19.26 -88.99
C ILE E 868 1.51 19.97 -88.96
N ILE E 869 2.17 19.97 -87.82
CA ILE E 869 3.36 20.83 -87.56
C ILE E 869 4.60 20.16 -88.16
N GLY E 870 5.37 20.91 -88.94
CA GLY E 870 6.49 20.37 -89.71
C GLY E 870 7.78 20.34 -88.91
N TRP E 871 8.90 20.10 -89.60
CA TRP E 871 10.24 20.03 -88.98
C TRP E 871 10.63 21.41 -88.49
N THR E 872 10.86 21.58 -87.19
CA THR E 872 10.97 22.90 -86.55
C THR E 872 12.26 22.99 -85.72
N ARG E 873 13.38 23.30 -86.37
CA ARG E 873 14.71 23.62 -85.75
C ARG E 873 14.52 24.33 -84.40
N GLY E 874 15.08 23.80 -83.30
CA GLY E 874 14.76 24.25 -81.92
C GLY E 874 15.13 25.70 -81.65
N THR E 875 15.99 25.95 -80.63
CA THR E 875 16.46 27.32 -80.24
C THR E 875 17.57 27.80 -81.20
N GLY E 876 17.71 27.19 -82.39
CA GLY E 876 18.71 27.56 -83.41
C GLY E 876 20.15 27.30 -83.00
N LEU E 877 20.38 26.43 -82.01
CA LEU E 877 21.70 25.94 -81.52
C LEU E 877 21.98 24.57 -82.17
N MET E 878 23.10 23.92 -81.84
CA MET E 878 23.49 22.59 -82.38
C MET E 878 22.67 21.49 -81.69
N SER E 879 21.66 20.98 -82.38
CA SER E 879 20.82 19.79 -82.05
C SER E 879 21.26 18.63 -82.96
N ALA E 880 20.93 17.37 -82.62
CA ALA E 880 21.15 16.21 -83.50
C ALA E 880 20.16 16.25 -84.66
N ASN E 881 19.06 17.00 -84.50
CA ASN E 881 18.03 17.26 -85.54
C ASN E 881 18.41 18.45 -86.41
N ASN E 882 18.93 19.53 -85.82
CA ASN E 882 19.30 20.75 -86.58
C ASN E 882 20.44 20.43 -87.56
N ILE E 883 21.38 19.56 -87.19
CA ILE E 883 22.62 19.39 -88.02
C ILE E 883 22.25 18.70 -89.33
N ILE E 884 21.10 18.04 -89.43
CA ILE E 884 20.67 17.34 -90.68
C ILE E 884 19.59 18.16 -91.41
N ALA E 885 19.14 19.28 -90.85
CA ALA E 885 18.09 20.14 -91.46
C ALA E 885 18.57 20.64 -92.81
N GLU E 886 19.76 21.25 -92.86
CA GLU E 886 20.31 21.76 -94.15
C GLU E 886 20.27 20.63 -95.17
N GLY E 887 20.60 19.41 -94.74
CA GLY E 887 20.62 18.20 -95.58
C GLY E 887 19.23 17.88 -96.11
N ILE E 888 18.23 17.88 -95.23
CA ILE E 888 16.82 17.60 -95.60
C ILE E 888 16.38 18.62 -96.65
N GLU E 889 16.76 19.88 -96.49
CA GLU E 889 16.32 20.97 -97.40
C GLU E 889 16.90 20.78 -98.81
N LYS E 890 18.09 20.18 -98.93
CA LYS E 890 18.69 19.84 -100.24
C LYS E 890 17.74 18.97 -101.07
N MET E 891 16.73 18.33 -100.46
CA MET E 891 15.73 17.51 -101.20
C MET E 891 14.64 18.39 -101.83
N GLY E 892 14.61 19.69 -101.54
CA GLY E 892 13.58 20.61 -102.06
C GLY E 892 12.40 20.69 -101.11
N VAL E 893 12.71 20.68 -99.81
CA VAL E 893 11.77 20.50 -98.68
C VAL E 893 12.08 21.61 -97.67
N ARG E 894 11.12 22.00 -96.84
CA ARG E 894 11.28 23.22 -96.03
C ARG E 894 11.22 22.87 -94.54
N THR E 895 12.27 23.19 -93.78
CA THR E 895 12.24 23.17 -92.30
C THR E 895 11.93 24.59 -91.83
N PHE E 896 11.51 24.75 -90.58
CA PHE E 896 10.93 26.01 -90.07
C PHE E 896 11.68 26.45 -88.80
N SER E 897 11.93 27.76 -88.69
CA SER E 897 12.31 28.41 -87.41
C SER E 897 11.08 28.35 -86.51
N GLN E 898 11.23 28.56 -85.22
CA GLN E 898 10.06 28.55 -84.31
C GLN E 898 9.19 29.77 -84.65
N LYS E 899 9.80 30.90 -84.98
CA LYS E 899 9.04 32.12 -85.36
C LYS E 899 8.21 31.83 -86.61
N GLU E 900 8.78 31.15 -87.59
CA GLU E 900 8.07 30.80 -88.84
C GLU E 900 6.86 29.93 -88.47
N MET E 901 7.04 28.91 -87.63
CA MET E 901 5.97 27.95 -87.31
C MET E 901 4.91 28.65 -86.46
N ALA E 902 5.31 29.63 -85.65
CA ALA E 902 4.41 30.41 -84.77
C ALA E 902 3.53 31.29 -85.67
N PHE E 903 4.15 31.93 -86.64
CA PHE E 903 3.46 32.71 -87.68
C PHE E 903 2.45 31.81 -88.40
N ASN E 904 2.88 30.63 -88.83
CA ASN E 904 2.00 29.66 -89.53
C ASN E 904 0.78 29.42 -88.65
N LEU E 905 0.98 29.21 -87.34
CA LEU E 905 -0.10 28.79 -86.40
C LEU E 905 -0.99 29.99 -86.12
N LEU E 906 -0.40 31.15 -85.83
CA LEU E 906 -1.17 32.40 -85.59
C LEU E 906 -1.97 32.75 -86.83
N GLY E 907 -1.52 32.30 -88.00
CA GLY E 907 -2.28 32.43 -89.25
C GLY E 907 -3.58 31.65 -89.21
N LEU E 908 -3.76 30.73 -88.28
CA LEU E 908 -5.02 29.96 -88.16
C LEU E 908 -6.01 30.69 -87.23
N LEU E 909 -5.59 31.78 -86.59
CA LEU E 909 -6.48 32.60 -85.70
C LEU E 909 -6.92 33.87 -86.44
N THR E 910 -6.59 34.03 -87.72
CA THR E 910 -7.10 35.14 -88.56
C THR E 910 -8.62 34.98 -88.65
N PRO E 911 -9.40 36.08 -88.74
CA PRO E 911 -10.85 35.98 -88.78
C PRO E 911 -11.34 34.97 -89.84
N GLU E 912 -10.68 34.94 -91.00
CA GLU E 912 -11.10 34.12 -92.17
C GLU E 912 -11.12 32.64 -91.77
N VAL E 913 -10.06 32.12 -91.15
CA VAL E 913 -9.95 30.65 -90.89
C VAL E 913 -10.65 30.34 -89.57
N VAL E 914 -10.82 31.31 -88.67
CA VAL E 914 -11.66 31.13 -87.45
C VAL E 914 -13.08 30.79 -87.91
N GLU E 915 -13.53 31.47 -88.95
CA GLU E 915 -14.91 31.34 -89.47
C GLU E 915 -15.02 30.02 -90.23
N LEU E 916 -13.91 29.57 -90.79
CA LEU E 916 -13.85 28.35 -91.62
C LEU E 916 -14.02 27.13 -90.73
N CYS E 917 -13.41 27.21 -89.54
CA CYS E 917 -13.43 26.18 -88.47
C CYS E 917 -14.85 25.97 -87.96
N GLN E 918 -15.62 27.06 -87.93
CA GLN E 918 -17.02 27.10 -87.43
C GLN E 918 -17.92 26.41 -88.45
N LYS E 919 -17.57 26.42 -89.74
CA LYS E 919 -18.38 25.75 -90.80
C LYS E 919 -18.15 24.24 -90.70
N SER E 920 -16.88 23.84 -90.76
CA SER E 920 -16.44 22.43 -90.75
C SER E 920 -15.02 22.40 -90.17
N PRO E 921 -14.57 21.28 -89.55
CA PRO E 921 -13.19 21.18 -89.06
C PRO E 921 -12.16 21.45 -90.15
N VAL E 922 -11.15 22.27 -89.84
CA VAL E 922 -10.02 22.68 -90.71
C VAL E 922 -8.84 21.76 -90.42
N MET E 923 -8.04 21.48 -91.45
CA MET E 923 -6.77 20.71 -91.33
C MET E 923 -5.69 21.43 -92.12
N ALA E 924 -4.67 21.93 -91.44
CA ALA E 924 -3.61 22.76 -92.04
C ALA E 924 -2.33 21.95 -92.08
N ASP E 925 -1.88 21.59 -93.28
CA ASP E 925 -0.54 20.99 -93.50
C ASP E 925 0.46 22.14 -93.38
N LEU E 926 1.30 22.12 -92.36
CA LEU E 926 2.37 23.13 -92.10
C LEU E 926 3.70 22.38 -92.07
N ASN E 927 3.82 21.43 -92.97
CA ASN E 927 4.88 20.40 -93.07
C ASN E 927 5.56 20.62 -94.42
N GLY E 928 6.79 21.09 -94.45
CA GLY E 928 7.28 21.85 -95.63
C GLY E 928 7.43 21.00 -96.88
N GLY E 929 6.39 20.25 -97.26
CA GLY E 929 6.46 19.20 -98.29
C GLY E 929 7.30 17.99 -97.87
N LEU E 930 7.57 17.82 -96.57
CA LEU E 930 8.36 16.68 -96.03
C LEU E 930 7.66 15.36 -96.36
N GLN E 931 6.33 15.39 -96.54
CA GLN E 931 5.49 14.19 -96.83
C GLN E 931 6.05 13.52 -98.08
N PHE E 932 6.67 14.26 -98.98
CA PHE E 932 7.01 13.82 -100.35
C PHE E 932 8.39 13.18 -100.43
N VAL E 933 9.26 13.35 -99.43
CA VAL E 933 10.57 12.62 -99.45
C VAL E 933 10.26 11.21 -98.96
N PRO E 934 10.62 10.17 -99.74
CA PRO E 934 10.25 8.80 -99.43
C PRO E 934 11.25 8.17 -98.46
N GLU E 935 10.86 7.07 -97.80
CA GLU E 935 11.72 6.36 -96.82
C GLU E 935 12.31 7.41 -95.88
N LEU E 936 11.48 8.28 -95.32
CA LEU E 936 11.95 9.46 -94.55
C LEU E 936 12.88 9.03 -93.42
N LYS E 937 12.68 7.83 -92.85
CA LYS E 937 13.51 7.38 -91.70
C LYS E 937 14.91 7.03 -92.20
N GLU E 938 15.01 6.08 -93.13
CA GLU E 938 16.31 5.62 -93.71
C GLU E 938 17.09 6.86 -94.16
N PHE E 939 16.41 7.84 -94.74
CA PHE E 939 17.05 9.02 -95.37
C PHE E 939 17.64 9.94 -94.31
N THR E 940 16.80 10.34 -93.36
CA THR E 940 17.16 11.05 -92.11
C THR E 940 18.40 10.40 -91.49
N ALA E 941 18.37 9.08 -91.31
CA ALA E 941 19.40 8.26 -90.61
C ALA E 941 20.70 8.29 -91.41
N LYS E 942 20.60 8.25 -92.73
CA LYS E 942 21.77 8.30 -93.64
C LYS E 942 22.47 9.66 -93.45
N LEU E 943 21.71 10.75 -93.51
CA LEU E 943 22.24 12.12 -93.36
C LEU E 943 23.06 12.22 -92.08
N ARG E 944 22.56 11.67 -90.96
CA ARG E 944 23.25 11.76 -89.63
C ARG E 944 24.53 10.91 -89.68
N LYS E 945 24.45 9.68 -90.20
CA LYS E 945 25.61 8.74 -90.30
C LYS E 945 26.76 9.45 -91.03
N GLU E 946 26.49 10.00 -92.22
CA GLU E 946 27.51 10.62 -93.11
C GLU E 946 28.15 11.82 -92.41
N LEU E 947 27.38 12.63 -91.70
CA LEU E 947 27.89 13.80 -90.94
C LEU E 947 28.84 13.29 -89.85
N VAL E 948 28.35 12.37 -89.00
CA VAL E 948 29.11 11.81 -87.85
C VAL E 948 30.37 11.12 -88.38
N GLU E 949 30.24 10.21 -89.36
CA GLU E 949 31.40 9.56 -90.01
C GLU E 949 32.42 10.65 -90.35
N THR E 950 32.06 11.64 -91.17
CA THR E 950 32.97 12.73 -91.64
C THR E 950 33.64 13.39 -90.43
N SER E 951 32.89 13.74 -89.40
CA SER E 951 33.41 14.33 -88.14
C SER E 951 34.41 13.37 -87.47
N GLU E 952 33.98 12.15 -87.13
CA GLU E 952 34.80 11.11 -86.42
C GLU E 952 36.14 10.89 -87.13
N VAL E 953 36.15 10.59 -88.43
CA VAL E 953 37.39 10.26 -89.18
C VAL E 953 38.30 11.50 -89.16
N ARG E 954 37.76 12.69 -89.39
CA ARG E 954 38.57 13.93 -89.37
C ARG E 954 39.18 14.11 -87.97
N LYS E 955 38.41 13.90 -86.90
CA LYS E 955 38.90 14.10 -85.52
C LYS E 955 40.03 13.09 -85.24
N ALA E 956 39.85 11.83 -85.62
CA ALA E 956 40.84 10.75 -85.42
C ALA E 956 42.11 11.05 -86.22
N VAL E 957 41.99 11.27 -87.53
CA VAL E 957 43.13 11.58 -88.44
C VAL E 957 43.85 12.85 -87.94
N SER E 958 43.10 13.83 -87.45
CA SER E 958 43.65 15.05 -86.81
C SER E 958 44.58 14.64 -85.66
N ILE E 959 44.05 13.93 -84.65
CA ILE E 959 44.77 13.53 -83.39
C ILE E 959 46.03 12.74 -83.75
N GLU E 960 45.97 11.87 -84.77
CA GLU E 960 47.07 10.96 -85.15
C GLU E 960 48.16 11.74 -85.89
N THR E 961 47.80 12.67 -86.80
CA THR E 961 48.80 13.48 -87.53
C THR E 961 49.48 14.43 -86.53
N ALA E 962 48.75 14.87 -85.49
CA ALA E 962 49.31 15.66 -84.37
C ALA E 962 50.40 14.86 -83.65
N LEU E 963 50.13 13.60 -83.30
CA LEU E 963 51.05 12.70 -82.54
C LEU E 963 52.27 12.35 -83.42
N GLU E 964 52.04 12.00 -84.69
CA GLU E 964 53.11 11.70 -85.69
C GLU E 964 54.04 12.92 -85.79
N HIS E 965 53.50 14.14 -85.76
CA HIS E 965 54.29 15.39 -85.79
C HIS E 965 55.17 15.43 -84.54
N LYS E 966 54.54 15.24 -83.37
CA LYS E 966 55.17 15.35 -82.02
C LYS E 966 56.33 14.34 -81.90
N VAL E 967 56.10 13.09 -82.33
CA VAL E 967 57.14 12.03 -82.24
C VAL E 967 58.33 12.42 -83.11
N VAL E 968 58.07 12.92 -84.33
CA VAL E 968 59.12 13.23 -85.35
C VAL E 968 59.90 14.48 -84.92
N ASN E 969 59.22 15.49 -84.38
CA ASN E 969 59.78 16.85 -84.19
C ASN E 969 60.11 17.10 -82.71
N GLY E 970 59.51 16.37 -81.77
CA GLY E 970 59.78 16.48 -80.32
C GLY E 970 58.84 17.45 -79.63
N ASN E 971 58.80 17.41 -78.28
CA ASN E 971 57.94 18.29 -77.41
C ASN E 971 58.45 19.74 -77.39
N SER E 972 59.67 19.98 -77.92
CA SER E 972 60.27 21.32 -78.21
C SER E 972 59.42 22.05 -79.27
N ALA E 973 59.22 21.42 -80.44
CA ALA E 973 58.56 21.98 -81.67
C ALA E 973 57.20 22.61 -81.34
N ASP E 974 56.44 22.04 -80.38
CA ASP E 974 55.02 22.38 -80.07
C ASP E 974 54.90 23.01 -78.66
N ALA E 975 56.04 23.31 -77.99
CA ALA E 975 56.15 24.11 -76.75
C ALA E 975 56.48 25.58 -77.09
N ALA E 976 57.23 25.81 -78.19
CA ALA E 976 57.50 27.14 -78.83
C ALA E 976 56.37 27.50 -79.81
N TYR E 977 55.12 27.19 -79.43
CA TYR E 977 53.86 27.25 -80.21
C TYR E 977 52.73 27.64 -79.23
N ALA E 978 52.47 26.76 -78.23
CA ALA E 978 51.53 26.94 -77.11
C ALA E 978 51.68 28.33 -76.47
N GLN E 979 50.68 29.20 -76.68
CA GLN E 979 50.61 30.60 -76.17
C GLN E 979 50.59 30.60 -74.64
N VAL E 980 50.82 31.75 -74.00
CA VAL E 980 50.71 31.98 -72.53
C VAL E 980 49.46 32.82 -72.29
N GLU E 981 48.49 32.27 -71.58
CA GLU E 981 47.23 32.98 -71.21
C GLU E 981 47.41 33.66 -69.86
N ILE E 982 46.76 34.80 -69.68
CA ILE E 982 46.75 35.58 -68.41
C ILE E 982 45.33 35.52 -67.83
N GLN E 983 45.19 35.02 -66.62
CA GLN E 983 43.91 35.00 -65.89
C GLN E 983 43.81 36.26 -65.04
N PRO E 984 42.62 36.88 -64.92
CA PRO E 984 42.44 38.10 -64.15
C PRO E 984 42.49 37.86 -62.64
N ARG E 985 43.13 38.77 -61.92
CA ARG E 985 42.97 38.93 -60.46
C ARG E 985 42.02 40.11 -60.24
N ALA E 986 41.28 40.08 -59.15
CA ALA E 986 40.33 41.15 -58.77
C ALA E 986 41.16 42.38 -58.40
N ASN E 987 40.71 43.57 -58.77
CA ASN E 987 41.39 44.85 -58.41
C ASN E 987 40.32 45.81 -57.93
N ILE E 988 39.88 45.62 -56.68
CA ILE E 988 38.71 46.36 -56.09
C ILE E 988 39.05 47.83 -56.06
N GLN E 989 38.11 48.69 -56.47
CA GLN E 989 38.33 50.16 -56.62
C GLN E 989 37.43 50.89 -55.63
N LEU E 990 37.85 52.08 -55.20
CA LEU E 990 37.03 52.94 -54.31
C LEU E 990 35.97 53.70 -55.13
N ASP E 991 36.10 53.82 -56.45
CA ASP E 991 35.20 54.60 -57.33
C ASP E 991 34.95 56.00 -56.75
N PHE E 992 35.98 56.78 -56.53
CA PHE E 992 35.88 58.26 -56.39
C PHE E 992 35.30 58.79 -57.70
N PRO E 993 34.56 59.92 -57.69
CA PRO E 993 33.95 60.44 -58.92
C PRO E 993 35.02 60.90 -59.91
N GLU E 994 34.74 60.77 -61.20
CA GLU E 994 35.64 61.21 -62.29
C GLU E 994 35.60 62.73 -62.37
N LEU E 995 36.74 63.39 -62.30
CA LEU E 995 36.81 64.86 -62.51
C LEU E 995 37.12 65.15 -63.99
N LYS E 996 36.20 65.77 -64.71
CA LYS E 996 36.38 66.13 -66.14
C LYS E 996 37.33 67.32 -66.19
N PRO E 997 37.95 67.60 -67.36
CA PRO E 997 38.74 68.82 -67.50
C PRO E 997 37.85 70.07 -67.40
N TYR E 998 38.40 71.15 -66.86
CA TYR E 998 37.65 72.37 -66.46
C TYR E 998 36.79 72.91 -67.60
N LYS E 999 37.35 72.99 -68.81
CA LYS E 999 36.69 73.52 -70.02
C LYS E 999 35.32 72.84 -70.20
N GLN E 1000 35.22 71.57 -69.82
CA GLN E 1000 34.05 70.68 -70.10
C GLN E 1000 33.03 70.80 -68.97
N VAL E 1001 33.53 70.98 -67.74
CA VAL E 1001 32.74 70.98 -66.49
C VAL E 1001 32.11 72.37 -66.32
N LYS E 1002 32.72 73.38 -66.94
CA LYS E 1002 32.26 74.79 -66.85
C LYS E 1002 31.07 74.98 -67.79
N GLN E 1003 30.87 74.10 -68.76
CA GLN E 1003 29.74 74.17 -69.72
C GLN E 1003 28.46 73.70 -69.02
N ILE E 1004 28.59 72.87 -67.99
CA ILE E 1004 27.39 72.24 -67.36
C ILE E 1004 26.63 73.30 -66.57
N ALA E 1005 27.30 74.10 -65.73
CA ALA E 1005 26.67 75.16 -64.92
C ALA E 1005 26.58 76.46 -65.71
N PRO E 1006 25.59 77.34 -65.43
CA PRO E 1006 25.53 78.66 -66.05
C PRO E 1006 26.82 79.44 -65.78
N ALA E 1007 27.20 80.30 -66.73
CA ALA E 1007 28.42 81.12 -66.66
C ALA E 1007 28.40 81.96 -65.39
N GLU E 1008 27.20 82.38 -64.97
CA GLU E 1008 26.95 83.38 -63.90
C GLU E 1008 27.27 82.78 -62.53
N LEU E 1009 27.23 81.46 -62.39
CA LEU E 1009 27.39 80.79 -61.08
C LEU E 1009 28.77 81.09 -60.49
N GLU E 1010 29.78 81.35 -61.32
CA GLU E 1010 31.19 81.53 -60.87
C GLU E 1010 31.21 82.67 -59.84
N GLY E 1011 31.59 82.38 -58.60
CA GLY E 1011 31.78 83.39 -57.54
C GLY E 1011 30.47 83.95 -57.02
N LEU E 1012 29.38 83.23 -57.23
CA LEU E 1012 28.01 83.66 -56.83
C LEU E 1012 27.63 83.04 -55.48
N LEU E 1013 28.07 81.82 -55.19
CA LEU E 1013 27.72 81.06 -53.95
C LEU E 1013 28.78 81.28 -52.87
N ASP E 1014 28.35 81.47 -51.62
CA ASP E 1014 29.16 81.19 -50.41
C ASP E 1014 29.31 79.69 -50.33
N LEU E 1015 30.52 79.17 -50.58
CA LEU E 1015 30.77 77.72 -50.67
C LEU E 1015 30.90 77.10 -49.27
N GLU E 1016 30.91 77.92 -48.22
CA GLU E 1016 30.88 77.43 -46.81
C GLU E 1016 29.44 77.04 -46.48
N ARG E 1017 28.50 77.45 -47.32
CA ARG E 1017 27.05 77.21 -47.10
C ARG E 1017 26.51 76.31 -48.20
N VAL E 1018 27.38 75.70 -48.99
CA VAL E 1018 27.00 74.60 -49.94
C VAL E 1018 27.43 73.30 -49.27
N ILE E 1019 26.48 72.41 -48.98
CA ILE E 1019 26.76 71.17 -48.22
C ILE E 1019 26.90 70.03 -49.22
N VAL E 1020 27.93 69.23 -49.02
CA VAL E 1020 28.44 68.29 -50.06
C VAL E 1020 28.68 66.94 -49.36
N VAL E 1021 28.27 65.83 -49.98
CA VAL E 1021 28.59 64.47 -49.47
C VAL E 1021 29.98 64.09 -49.99
N THR E 1022 30.88 63.82 -49.05
CA THR E 1022 32.33 63.65 -49.27
C THR E 1022 32.69 62.16 -49.22
N GLY E 1023 31.84 61.36 -48.60
CA GLY E 1023 32.04 59.90 -48.44
C GLY E 1023 30.77 59.22 -47.94
N PHE E 1024 30.60 57.94 -48.24
CA PHE E 1024 29.41 57.17 -47.81
C PHE E 1024 29.72 55.68 -47.79
N ALA E 1025 28.89 54.94 -47.08
CA ALA E 1025 29.11 53.51 -46.78
C ALA E 1025 27.84 52.95 -46.16
N GLU E 1026 27.72 51.63 -46.17
CA GLU E 1026 26.60 50.92 -45.52
C GLU E 1026 27.05 49.51 -45.14
N VAL E 1027 26.40 48.98 -44.14
CA VAL E 1027 26.41 47.54 -43.80
C VAL E 1027 24.97 47.08 -43.95
N GLY E 1028 24.73 46.16 -44.87
CA GLY E 1028 23.37 45.71 -45.17
C GLY E 1028 23.34 44.32 -45.80
N PRO E 1029 22.13 43.83 -46.12
CA PRO E 1029 21.96 42.49 -46.64
C PRO E 1029 22.79 42.18 -47.88
N TRP E 1030 23.27 43.19 -48.63
CA TRP E 1030 24.07 42.91 -49.84
C TRP E 1030 25.52 43.34 -49.66
N GLY E 1031 25.97 43.39 -48.41
CA GLY E 1031 27.36 43.73 -48.06
C GLY E 1031 27.54 45.23 -48.05
N SER E 1032 28.64 45.71 -48.63
CA SER E 1032 29.06 47.13 -48.63
C SER E 1032 28.28 47.89 -49.69
N ALA E 1033 28.47 49.20 -49.73
CA ALA E 1033 27.85 50.07 -50.77
C ALA E 1033 28.34 49.66 -52.17
N ARG E 1034 29.55 49.13 -52.25
CA ARG E 1034 30.15 48.66 -53.53
C ARG E 1034 29.34 47.48 -54.06
N THR E 1035 29.16 46.46 -53.22
CA THR E 1035 28.56 45.15 -53.58
C THR E 1035 27.06 45.34 -53.76
N ARG E 1036 26.44 46.12 -52.88
CA ARG E 1036 24.97 46.39 -53.00
C ARG E 1036 24.70 47.07 -54.32
N TRP E 1037 25.56 48.00 -54.73
CA TRP E 1037 25.33 48.79 -55.97
C TRP E 1037 25.42 47.85 -57.17
N GLU E 1038 26.41 46.96 -57.19
CA GLU E 1038 26.53 45.98 -58.29
C GLU E 1038 25.23 45.18 -58.36
N MET E 1039 24.70 44.76 -57.22
CA MET E 1039 23.51 43.90 -57.21
C MET E 1039 22.30 44.72 -57.63
N GLU E 1040 22.16 45.96 -57.14
CA GLU E 1040 21.01 46.85 -57.44
C GLU E 1040 20.99 47.13 -58.95
N ALA E 1041 22.13 47.49 -59.53
CA ALA E 1041 22.23 48.10 -60.86
C ALA E 1041 22.39 47.06 -61.95
N PHE E 1042 23.13 45.98 -61.67
CA PHE E 1042 23.51 44.97 -62.69
C PHE E 1042 22.90 43.60 -62.39
N GLY E 1043 22.47 43.32 -61.16
CA GLY E 1043 21.84 42.02 -60.82
C GLY E 1043 22.84 40.88 -60.72
N GLU E 1044 24.14 41.16 -60.83
CA GLU E 1044 25.20 40.14 -60.68
C GLU E 1044 26.48 40.84 -60.27
N PHE E 1045 27.42 40.09 -59.71
CA PHE E 1045 28.70 40.66 -59.19
C PHE E 1045 29.77 40.58 -60.27
N SER E 1046 30.64 41.59 -60.33
CA SER E 1046 31.95 41.53 -61.02
C SER E 1046 32.83 40.51 -60.30
N LEU E 1047 34.04 40.29 -60.78
CA LEU E 1047 35.11 39.60 -60.03
C LEU E 1047 35.32 40.33 -58.71
N GLU E 1048 35.39 41.66 -58.79
CA GLU E 1048 35.71 42.52 -57.62
C GLU E 1048 34.55 42.44 -56.61
N GLY E 1049 33.32 42.32 -57.10
CA GLY E 1049 32.15 42.20 -56.21
C GLY E 1049 32.16 40.84 -55.55
N CYS E 1050 32.44 39.81 -56.33
CA CYS E 1050 32.40 38.41 -55.89
C CYS E 1050 33.48 38.18 -54.84
N VAL E 1051 34.67 38.75 -55.04
CA VAL E 1051 35.81 38.58 -54.10
C VAL E 1051 35.49 39.35 -52.84
N GLU E 1052 34.90 40.53 -52.94
CA GLU E 1052 34.54 41.31 -51.72
C GLU E 1052 33.51 40.54 -50.89
N MET E 1053 32.49 39.96 -51.53
CA MET E 1053 31.45 39.21 -50.80
C MET E 1053 32.12 38.00 -50.15
N ALA E 1054 32.93 37.27 -50.90
CA ALA E 1054 33.63 36.07 -50.41
C ALA E 1054 34.44 36.43 -49.16
N TRP E 1055 35.04 37.62 -49.16
CA TRP E 1055 35.90 38.08 -48.05
C TRP E 1055 35.05 38.46 -46.83
N ILE E 1056 33.99 39.23 -47.05
CA ILE E 1056 33.06 39.73 -46.00
C ILE E 1056 32.52 38.55 -45.18
N MET E 1057 32.02 37.57 -45.94
CA MET E 1057 31.30 36.38 -45.45
C MET E 1057 32.28 35.35 -44.89
N GLY E 1058 33.59 35.58 -45.04
CA GLY E 1058 34.65 34.75 -44.45
C GLY E 1058 34.87 33.44 -45.18
N PHE E 1059 34.36 33.30 -46.40
CA PHE E 1059 34.66 32.15 -47.28
C PHE E 1059 36.17 32.07 -47.54
N ILE E 1060 36.82 33.22 -47.73
CA ILE E 1060 38.27 33.34 -48.07
C ILE E 1060 38.95 34.31 -47.12
N SER E 1061 40.24 34.06 -46.84
CA SER E 1061 41.15 34.94 -46.06
C SER E 1061 42.48 35.05 -46.79
N TYR E 1062 43.08 36.23 -46.74
CA TYR E 1062 44.43 36.48 -47.29
C TYR E 1062 45.44 35.63 -46.53
N HIS E 1063 46.48 35.18 -47.23
CA HIS E 1063 47.61 34.40 -46.67
C HIS E 1063 48.91 34.85 -47.33
N ASN E 1064 49.97 34.98 -46.55
CA ASN E 1064 51.29 35.46 -47.05
C ASN E 1064 52.38 34.80 -46.24
N GLY E 1065 53.00 33.77 -46.81
CA GLY E 1065 53.97 32.90 -46.12
C GLY E 1065 53.93 31.54 -46.77
N ASN E 1066 54.64 30.55 -46.22
CA ASN E 1066 54.65 29.17 -46.77
C ASN E 1066 53.28 28.54 -46.55
N LEU E 1067 52.82 27.82 -47.56
CA LEU E 1067 51.65 26.92 -47.56
C LEU E 1067 52.15 25.55 -48.00
N LYS E 1068 52.45 24.69 -47.01
CA LYS E 1068 53.01 23.34 -47.26
C LYS E 1068 54.35 23.56 -47.97
N GLY E 1069 55.27 24.25 -47.29
CA GLY E 1069 56.70 24.36 -47.65
C GLY E 1069 56.96 25.22 -48.88
N ARG E 1070 55.96 25.36 -49.78
CA ARG E 1070 56.00 26.29 -50.94
C ARG E 1070 55.51 27.66 -50.48
N PRO E 1071 56.06 28.80 -50.99
CA PRO E 1071 55.62 30.13 -50.59
C PRO E 1071 54.37 30.52 -51.39
N TYR E 1072 53.43 31.21 -50.74
CA TYR E 1072 52.11 31.55 -51.32
C TYR E 1072 51.69 32.95 -50.87
N THR E 1073 51.11 33.69 -51.80
CA THR E 1073 50.54 35.03 -51.57
C THR E 1073 49.14 35.07 -52.21
N GLY E 1074 48.10 35.18 -51.41
CA GLY E 1074 46.75 35.44 -51.95
C GLY E 1074 45.65 34.76 -51.16
N TRP E 1075 44.52 34.53 -51.82
CA TRP E 1075 43.32 34.01 -51.14
C TRP E 1075 43.54 32.54 -50.83
N VAL E 1076 42.85 32.08 -49.80
CA VAL E 1076 42.92 30.71 -49.24
C VAL E 1076 41.51 30.44 -48.68
N ASP E 1077 40.95 29.24 -48.88
CA ASP E 1077 39.63 28.89 -48.29
C ASP E 1077 39.79 28.93 -46.77
N SER E 1078 38.92 29.64 -46.06
CA SER E 1078 39.07 29.84 -44.59
C SER E 1078 39.02 28.52 -43.84
N LYS E 1079 38.19 27.57 -44.26
CA LYS E 1079 38.11 26.23 -43.61
C LYS E 1079 39.37 25.43 -43.99
N THR E 1080 39.49 25.00 -45.25
CA THR E 1080 40.51 24.05 -45.74
C THR E 1080 41.92 24.67 -45.78
N LYS E 1081 42.05 25.99 -45.86
CA LYS E 1081 43.35 26.71 -46.08
C LYS E 1081 44.00 26.28 -47.40
N GLU E 1082 43.23 25.70 -48.31
CA GLU E 1082 43.63 25.44 -49.73
C GLU E 1082 43.70 26.80 -50.42
N PRO E 1083 44.71 27.06 -51.27
CA PRO E 1083 44.76 28.29 -52.04
C PRO E 1083 43.55 28.41 -52.99
N VAL E 1084 43.16 29.64 -53.32
CA VAL E 1084 42.03 29.97 -54.23
C VAL E 1084 42.44 31.13 -55.13
N ASP E 1085 42.38 30.92 -56.46
CA ASP E 1085 42.62 32.00 -57.46
C ASP E 1085 41.36 32.83 -57.59
N ASP E 1086 41.50 34.13 -57.84
CA ASP E 1086 40.35 35.05 -57.99
C ASP E 1086 39.43 34.47 -59.09
N LYS E 1087 40.01 33.90 -60.15
CA LYS E 1087 39.23 33.38 -61.31
C LYS E 1087 38.29 32.24 -60.85
N ASP E 1088 38.64 31.51 -59.79
CA ASP E 1088 37.83 30.38 -59.28
C ASP E 1088 36.84 30.82 -58.19
N VAL E 1089 36.95 32.03 -57.64
CA VAL E 1089 36.10 32.45 -56.49
C VAL E 1089 34.64 32.31 -56.88
N LYS E 1090 34.27 32.69 -58.09
CA LYS E 1090 32.85 32.73 -58.54
C LYS E 1090 32.30 31.29 -58.61
N ALA E 1091 33.00 30.39 -59.28
CA ALA E 1091 32.59 28.97 -59.40
C ALA E 1091 32.55 28.32 -58.02
N LYS E 1092 33.46 28.65 -57.11
CA LYS E 1092 33.61 27.95 -55.80
C LYS E 1092 32.56 28.47 -54.81
N TYR E 1093 32.26 29.76 -54.79
CA TYR E 1093 31.55 30.40 -53.65
C TYR E 1093 30.30 31.20 -54.07
N GLU E 1094 30.08 31.51 -55.35
CA GLU E 1094 29.03 32.50 -55.69
C GLU E 1094 27.65 31.97 -55.30
N THR E 1095 27.36 30.71 -55.59
CA THR E 1095 26.04 30.10 -55.26
C THR E 1095 25.75 30.30 -53.76
N SER E 1096 26.73 30.05 -52.89
CA SER E 1096 26.59 30.17 -51.43
C SER E 1096 26.43 31.64 -51.04
N ILE E 1097 27.20 32.52 -51.69
CA ILE E 1097 27.13 33.98 -51.42
C ILE E 1097 25.69 34.43 -51.64
N LEU E 1098 25.07 33.99 -52.73
CA LEU E 1098 23.70 34.42 -53.11
C LEU E 1098 22.67 33.77 -52.19
N GLU E 1099 22.89 32.50 -51.84
CA GLU E 1099 22.00 31.72 -50.95
C GLU E 1099 21.96 32.41 -49.59
N HIS E 1100 23.06 33.03 -49.15
CA HIS E 1100 23.16 33.56 -47.76
C HIS E 1100 23.40 35.06 -47.76
N SER E 1101 22.82 35.76 -48.73
CA SER E 1101 22.84 37.24 -48.82
C SER E 1101 21.43 37.72 -49.14
N GLY E 1102 21.13 38.97 -48.83
CA GLY E 1102 19.87 39.59 -49.23
C GLY E 1102 18.70 39.05 -48.44
N ILE E 1103 17.50 39.24 -48.97
CA ILE E 1103 16.24 38.83 -48.30
C ILE E 1103 16.13 37.32 -48.42
N ARG E 1104 16.04 36.63 -47.28
CA ARG E 1104 16.05 35.16 -47.24
C ARG E 1104 15.46 34.69 -45.91
N LEU E 1105 15.21 33.40 -45.81
CA LEU E 1105 14.77 32.74 -44.55
C LEU E 1105 15.69 33.19 -43.42
N ILE E 1106 15.08 33.50 -42.28
CA ILE E 1106 15.79 33.97 -41.06
C ILE E 1106 16.68 32.84 -40.58
N GLU E 1107 17.95 33.14 -40.42
CA GLU E 1107 18.96 32.18 -39.92
C GLU E 1107 19.11 32.42 -38.43
N PRO E 1108 18.74 31.46 -37.57
CA PRO E 1108 18.77 31.65 -36.13
C PRO E 1108 20.15 32.01 -35.56
N GLU E 1109 21.24 31.48 -36.15
CA GLU E 1109 22.60 31.73 -35.64
C GLU E 1109 22.86 33.24 -35.70
N LEU E 1110 22.23 33.96 -36.62
CA LEU E 1110 22.45 35.42 -36.77
C LEU E 1110 21.64 36.23 -35.76
N PHE E 1111 20.65 35.65 -35.08
CA PHE E 1111 19.78 36.40 -34.13
C PHE E 1111 19.63 35.61 -32.83
N ASN E 1112 20.75 35.06 -32.37
CA ASN E 1112 20.83 34.62 -30.96
C ASN E 1112 19.93 33.39 -30.78
N GLY E 1113 19.77 32.57 -31.82
CA GLY E 1113 18.97 31.34 -31.78
C GLY E 1113 17.50 31.59 -32.09
N TYR E 1114 17.07 32.83 -32.32
CA TYR E 1114 15.66 33.12 -32.69
C TYR E 1114 15.21 32.19 -33.81
N ASN E 1115 14.09 31.52 -33.61
CA ASN E 1115 13.47 30.68 -34.66
C ASN E 1115 12.00 31.07 -34.76
N PRO E 1116 11.60 31.86 -35.76
CA PRO E 1116 10.23 32.36 -35.84
C PRO E 1116 9.23 31.20 -35.89
N GLU E 1117 9.67 30.02 -36.26
CA GLU E 1117 8.78 28.83 -36.26
C GLU E 1117 8.61 28.26 -34.84
N LYS E 1118 9.45 28.66 -33.88
CA LYS E 1118 9.37 28.18 -32.49
C LYS E 1118 9.72 29.35 -31.55
N LYS E 1119 8.82 30.32 -31.44
CA LYS E 1119 8.93 31.43 -30.47
C LYS E 1119 8.78 30.87 -29.05
N GLU E 1120 9.74 31.10 -28.15
CA GLU E 1120 9.65 30.72 -26.71
C GLU E 1120 8.84 31.76 -25.95
N MET E 1121 7.74 31.33 -25.36
CA MET E 1121 6.98 32.11 -24.36
C MET E 1121 6.90 31.30 -23.07
N ILE E 1122 6.28 31.87 -22.03
CA ILE E 1122 6.02 31.16 -20.75
C ILE E 1122 4.60 31.45 -20.35
N GLN E 1123 3.92 30.47 -19.77
CA GLN E 1123 2.51 30.59 -19.31
C GLN E 1123 2.47 30.43 -17.80
N GLU E 1124 1.82 31.36 -17.10
CA GLU E 1124 1.57 31.24 -15.65
C GLU E 1124 0.61 30.08 -15.45
N VAL E 1125 0.91 29.15 -14.53
CA VAL E 1125 -0.05 28.11 -14.10
C VAL E 1125 -0.03 28.10 -12.58
N ILE E 1126 -1.14 27.75 -11.94
CA ILE E 1126 -1.18 27.63 -10.46
C ILE E 1126 -0.97 26.15 -10.15
N VAL E 1127 0.07 25.86 -9.36
CA VAL E 1127 0.38 24.49 -8.87
C VAL E 1127 -0.88 23.91 -8.23
N GLU E 1128 -1.36 22.76 -8.73
CA GLU E 1128 -2.57 22.06 -8.20
C GLU E 1128 -2.20 21.15 -7.02
N GLU E 1129 -0.94 20.70 -6.95
CA GLU E 1129 -0.45 19.72 -5.93
C GLU E 1129 1.00 20.05 -5.53
N ASP E 1130 1.28 20.04 -4.22
CA ASP E 1130 2.67 20.20 -3.70
C ASP E 1130 3.63 19.54 -4.68
N LEU E 1131 4.71 20.20 -5.09
CA LEU E 1131 5.77 19.64 -5.98
C LEU E 1131 6.76 18.82 -5.16
N GLU E 1132 7.65 18.10 -5.85
CA GLU E 1132 8.75 17.35 -5.21
C GLU E 1132 9.78 18.36 -4.75
N PRO E 1133 10.32 18.25 -3.52
CA PRO E 1133 11.44 19.11 -3.09
C PRO E 1133 12.60 19.11 -4.09
N PHE E 1134 13.37 20.20 -4.15
CA PHE E 1134 14.64 20.28 -4.89
C PHE E 1134 15.66 21.09 -4.09
N GLU E 1135 16.95 20.82 -4.30
CA GLU E 1135 18.05 21.44 -3.51
C GLU E 1135 18.33 22.81 -4.15
N ALA E 1136 18.85 23.75 -3.37
CA ALA E 1136 19.27 25.09 -3.83
C ALA E 1136 20.09 25.75 -2.74
N SER E 1137 20.85 26.80 -3.09
CA SER E 1137 21.69 27.58 -2.15
C SER E 1137 20.78 28.16 -1.07
N LYS E 1138 21.33 28.54 0.07
CA LYS E 1138 20.57 29.30 1.09
C LYS E 1138 20.06 30.58 0.43
N GLU E 1139 20.94 31.33 -0.22
CA GLU E 1139 20.60 32.63 -0.87
C GLU E 1139 19.41 32.43 -1.81
N THR E 1140 19.42 31.39 -2.65
CA THR E 1140 18.32 31.17 -3.63
C THR E 1140 17.06 30.73 -2.91
N ALA E 1141 17.17 29.82 -1.95
CA ALA E 1141 16.00 29.30 -1.23
C ALA E 1141 15.28 30.49 -0.59
N GLU E 1142 16.04 31.40 0.03
CA GLU E 1142 15.47 32.59 0.72
C GLU E 1142 14.74 33.45 -0.31
N GLN E 1143 15.30 33.57 -1.51
CA GLN E 1143 14.69 34.31 -2.63
C GLN E 1143 13.34 33.69 -3.02
N PHE E 1144 13.25 32.35 -3.05
CA PHE E 1144 12.01 31.63 -3.38
C PHE E 1144 10.97 31.91 -2.28
N LYS E 1145 11.42 31.85 -1.04
CA LYS E 1145 10.57 32.05 0.14
C LYS E 1145 10.03 33.48 0.11
N HIS E 1146 10.89 34.45 -0.16
CA HIS E 1146 10.54 35.88 -0.25
C HIS E 1146 9.42 36.06 -1.26
N GLN E 1147 9.48 35.41 -2.42
CA GLN E 1147 8.44 35.56 -3.46
C GLN E 1147 7.15 34.89 -3.01
N HIS E 1148 7.21 33.63 -2.60
CA HIS E 1148 6.04 32.72 -2.51
C HIS E 1148 5.41 32.74 -1.12
N GLY E 1149 6.15 33.16 -0.09
CA GLY E 1149 5.62 33.20 1.28
C GLY E 1149 5.09 31.85 1.71
N ASP E 1150 3.85 31.77 2.18
CA ASP E 1150 3.34 30.50 2.75
C ASP E 1150 3.21 29.42 1.65
N LYS E 1151 3.34 29.74 0.36
CA LYS E 1151 3.20 28.76 -0.75
C LYS E 1151 4.54 28.09 -1.08
N VAL E 1152 5.55 28.19 -0.23
CA VAL E 1152 6.82 27.41 -0.38
C VAL E 1152 7.40 27.20 1.02
N ASP E 1153 7.88 26.00 1.31
CA ASP E 1153 8.70 25.77 2.52
C ASP E 1153 10.15 25.61 2.11
N ILE E 1154 11.05 26.20 2.88
CA ILE E 1154 12.52 25.97 2.71
C ILE E 1154 13.04 25.49 4.05
N PHE E 1155 13.98 24.57 4.00
CA PHE E 1155 14.55 23.88 5.19
C PHE E 1155 16.03 23.65 4.96
N GLU E 1156 16.86 24.10 5.90
CA GLU E 1156 18.32 23.83 5.86
C GLU E 1156 18.50 22.31 5.85
N ILE E 1157 19.38 21.83 4.98
CA ILE E 1157 19.82 20.42 4.99
C ILE E 1157 21.04 20.37 5.91
N PRO E 1158 20.93 19.71 7.08
CA PRO E 1158 21.90 19.91 8.17
C PRO E 1158 23.34 19.60 7.73
N GLU E 1159 23.53 18.56 6.91
CA GLU E 1159 24.85 18.05 6.46
C GLU E 1159 25.48 19.05 5.47
N THR E 1160 24.83 19.27 4.34
CA THR E 1160 25.36 20.07 3.21
C THR E 1160 25.42 21.54 3.60
N GLY E 1161 24.43 22.06 4.34
CA GLY E 1161 24.26 23.52 4.50
C GLY E 1161 23.46 24.15 3.37
N GLU E 1162 23.23 23.43 2.27
CA GLU E 1162 22.22 23.76 1.23
C GLU E 1162 20.80 23.64 1.83
N TYR E 1163 19.78 24.03 1.07
CA TYR E 1163 18.36 24.07 1.49
C TYR E 1163 17.50 23.27 0.53
N SER E 1164 16.47 22.61 1.06
CA SER E 1164 15.41 21.95 0.27
C SER E 1164 14.29 22.98 0.02
N VAL E 1165 13.65 22.95 -1.15
CA VAL E 1165 12.65 23.96 -1.59
C VAL E 1165 11.39 23.22 -2.04
N LYS E 1166 10.38 23.16 -1.18
CA LYS E 1166 9.10 22.46 -1.49
C LYS E 1166 8.11 23.53 -1.91
N LEU E 1167 7.88 23.68 -3.21
CA LEU E 1167 6.87 24.59 -3.79
C LEU E 1167 5.49 24.00 -3.50
N LEU E 1168 4.58 24.72 -2.85
CA LEU E 1168 3.31 24.12 -2.34
C LEU E 1168 2.16 24.44 -3.28
N LYS E 1169 1.08 23.68 -3.14
CA LYS E 1169 -0.20 23.89 -3.86
C LYS E 1169 -0.59 25.35 -3.67
N GLY E 1170 -0.95 26.03 -4.76
CA GLY E 1170 -1.36 27.44 -4.75
C GLY E 1170 -0.28 28.34 -5.29
N ALA E 1171 0.97 27.87 -5.26
CA ALA E 1171 2.14 28.59 -5.81
C ALA E 1171 1.96 28.80 -7.29
N THR E 1172 2.61 29.82 -7.86
CA THR E 1172 2.57 30.07 -9.32
C THR E 1172 3.90 29.61 -9.92
N LEU E 1173 3.81 28.89 -11.04
CA LEU E 1173 4.93 28.42 -11.90
C LEU E 1173 4.81 29.14 -13.23
N TYR E 1174 5.90 29.17 -13.99
CA TYR E 1174 5.90 29.57 -15.41
C TYR E 1174 6.37 28.36 -16.21
N ILE E 1175 5.51 27.87 -17.10
CA ILE E 1175 5.80 26.68 -17.93
C ILE E 1175 6.04 27.16 -19.36
N PRO E 1176 7.28 26.99 -19.87
CA PRO E 1176 7.60 27.34 -21.24
C PRO E 1176 6.61 26.72 -22.23
N LYS E 1177 6.23 27.50 -23.25
CA LYS E 1177 5.44 27.02 -24.41
C LYS E 1177 5.98 27.71 -25.66
N ALA E 1178 5.52 27.30 -26.84
CA ALA E 1178 6.11 27.76 -28.12
C ALA E 1178 5.04 28.06 -29.15
N LEU E 1179 5.18 29.24 -29.73
CA LEU E 1179 4.31 29.87 -30.75
C LEU E 1179 4.93 29.62 -32.13
N ARG E 1180 4.14 29.28 -33.14
CA ARG E 1180 4.58 29.37 -34.55
C ARG E 1180 4.26 30.79 -35.04
N PHE E 1181 5.25 31.53 -35.52
CA PHE E 1181 5.06 32.89 -36.06
C PHE E 1181 5.08 32.79 -37.58
N ASP E 1182 4.56 33.79 -38.29
CA ASP E 1182 4.34 33.69 -39.76
C ASP E 1182 5.17 34.75 -40.50
N ARG E 1183 6.18 35.35 -39.85
CA ARG E 1183 7.21 36.16 -40.55
C ARG E 1183 8.53 35.40 -40.50
N LEU E 1184 8.80 34.64 -41.55
CA LEU E 1184 9.89 33.63 -41.61
C LEU E 1184 11.09 34.21 -42.36
N VAL E 1185 10.95 35.40 -42.93
CA VAL E 1185 11.95 36.00 -43.87
C VAL E 1185 12.30 37.43 -43.45
N ALA E 1186 13.55 37.80 -43.70
CA ALA E 1186 14.14 39.10 -43.35
C ALA E 1186 15.32 39.40 -44.25
N GLY E 1187 15.62 40.67 -44.47
CA GLY E 1187 16.84 41.10 -45.18
C GLY E 1187 17.98 41.12 -44.21
N GLN E 1188 18.85 40.13 -44.27
CA GLN E 1188 19.88 39.92 -43.21
C GLN E 1188 21.25 40.17 -43.82
N ILE E 1189 22.10 40.81 -43.04
CA ILE E 1189 23.53 41.01 -43.38
C ILE E 1189 24.10 39.64 -43.77
N PRO E 1190 24.96 39.54 -44.80
CA PRO E 1190 25.35 38.23 -45.33
C PRO E 1190 25.92 37.34 -44.22
N THR E 1191 25.52 36.08 -44.23
CA THR E 1191 25.99 35.07 -43.26
C THR E 1191 27.51 35.02 -43.30
N GLY E 1192 28.17 35.15 -42.16
CA GLY E 1192 29.64 35.09 -42.07
C GLY E 1192 30.21 36.44 -41.73
N TRP E 1193 29.41 37.50 -41.87
CA TRP E 1193 29.82 38.89 -41.56
C TRP E 1193 30.34 38.86 -40.13
N ASN E 1194 31.50 39.46 -39.88
CA ASN E 1194 32.09 39.45 -38.53
C ASN E 1194 32.90 40.74 -38.33
N ALA E 1195 32.53 41.53 -37.33
CA ALA E 1195 33.22 42.78 -36.98
C ALA E 1195 34.73 42.52 -36.88
N LYS E 1196 35.11 41.30 -36.52
CA LYS E 1196 36.54 40.91 -36.40
C LYS E 1196 37.24 41.09 -37.74
N THR E 1197 36.57 40.77 -38.86
CA THR E 1197 37.29 40.72 -40.16
C THR E 1197 37.51 42.17 -40.60
N TYR E 1198 36.75 43.11 -40.04
CA TYR E 1198 36.91 44.58 -40.31
C TYR E 1198 37.95 45.20 -39.38
N GLY E 1199 38.40 44.46 -38.36
CA GLY E 1199 39.50 44.86 -37.47
C GLY E 1199 39.06 45.18 -36.05
N ILE E 1200 37.77 45.06 -35.74
CA ILE E 1200 37.22 45.45 -34.41
C ILE E 1200 37.60 44.36 -33.40
N SER E 1201 38.09 44.79 -32.24
CA SER E 1201 38.60 43.92 -31.16
C SER E 1201 37.48 43.07 -30.57
N ASP E 1202 37.83 41.97 -29.92
CA ASP E 1202 36.89 41.09 -29.19
C ASP E 1202 36.26 41.87 -28.04
N ASP E 1203 37.05 42.71 -27.38
CA ASP E 1203 36.61 43.51 -26.21
C ASP E 1203 35.50 44.47 -26.64
N ILE E 1204 35.58 45.06 -27.83
CA ILE E 1204 34.53 45.99 -28.30
C ILE E 1204 33.30 45.16 -28.62
N ILE E 1205 33.47 44.00 -29.24
CA ILE E 1205 32.34 43.16 -29.73
C ILE E 1205 31.51 42.69 -28.56
N SER E 1206 32.14 42.35 -27.44
CA SER E 1206 31.40 41.80 -26.27
C SER E 1206 30.80 42.92 -25.42
N GLN E 1207 31.28 44.17 -25.56
CA GLN E 1207 30.78 45.32 -24.75
C GLN E 1207 29.47 45.88 -25.36
N VAL E 1208 29.39 45.86 -26.66
CA VAL E 1208 28.60 46.81 -27.48
C VAL E 1208 27.43 46.04 -28.13
N ASP E 1209 26.26 46.66 -28.34
CA ASP E 1209 25.12 46.06 -29.09
C ASP E 1209 25.56 45.84 -30.53
N PRO E 1210 25.15 44.76 -31.20
CA PRO E 1210 25.51 44.56 -32.61
C PRO E 1210 25.33 45.78 -33.50
N ILE E 1211 24.29 46.57 -33.26
CA ILE E 1211 24.00 47.78 -34.08
C ILE E 1211 25.25 48.68 -34.07
N THR E 1212 25.91 48.82 -32.92
CA THR E 1212 27.13 49.65 -32.79
C THR E 1212 28.23 49.11 -33.70
N LEU E 1213 28.33 47.79 -33.88
CA LEU E 1213 29.34 47.19 -34.79
C LEU E 1213 29.05 47.63 -36.24
N PHE E 1214 27.78 47.60 -36.65
CA PHE E 1214 27.37 48.00 -38.02
C PHE E 1214 27.73 49.48 -38.24
N VAL E 1215 27.58 50.31 -37.21
CA VAL E 1215 27.87 51.76 -37.33
C VAL E 1215 29.39 51.97 -37.38
N LEU E 1216 30.16 51.29 -36.52
CA LEU E 1216 31.63 51.47 -36.51
C LEU E 1216 32.17 51.12 -37.90
N VAL E 1217 31.72 50.00 -38.46
CA VAL E 1217 32.22 49.55 -39.80
C VAL E 1217 31.78 50.56 -40.85
N SER E 1218 30.54 51.01 -40.81
CA SER E 1218 29.98 51.99 -41.77
C SER E 1218 30.75 53.32 -41.70
N VAL E 1219 31.00 53.84 -40.50
CA VAL E 1219 31.74 55.11 -40.33
C VAL E 1219 33.14 54.92 -40.91
N VAL E 1220 33.84 53.86 -40.54
CA VAL E 1220 35.22 53.60 -41.06
C VAL E 1220 35.17 53.63 -42.60
N GLU E 1221 34.31 52.81 -43.21
CA GLU E 1221 34.24 52.63 -44.68
C GLU E 1221 33.89 53.99 -45.32
N ALA E 1222 33.09 54.82 -44.66
CA ALA E 1222 32.64 56.14 -45.19
C ALA E 1222 33.80 57.14 -45.20
N PHE E 1223 34.63 57.16 -44.16
CA PHE E 1223 35.86 57.97 -44.12
C PHE E 1223 36.79 57.54 -45.27
N ILE E 1224 36.94 56.23 -45.50
CA ILE E 1224 37.82 55.70 -46.57
C ILE E 1224 37.27 56.16 -47.93
N ALA E 1225 35.95 56.19 -48.08
CA ALA E 1225 35.28 56.62 -49.33
C ALA E 1225 35.51 58.11 -49.57
N SER E 1226 35.86 58.83 -48.50
CA SER E 1226 36.18 60.27 -48.53
C SER E 1226 37.70 60.46 -48.53
N GLY E 1227 38.44 59.34 -48.64
CA GLY E 1227 39.90 59.35 -48.72
C GLY E 1227 40.53 59.86 -47.44
N ILE E 1228 39.78 59.84 -46.34
CA ILE E 1228 40.29 60.17 -44.98
C ILE E 1228 40.59 58.85 -44.26
N THR E 1229 41.88 58.54 -44.22
CA THR E 1229 42.50 57.31 -43.70
C THR E 1229 42.64 57.40 -42.19
N ASP E 1230 42.86 58.61 -41.66
CA ASP E 1230 43.08 58.91 -40.22
C ASP E 1230 42.18 60.06 -39.83
N PRO E 1231 41.10 59.83 -39.06
CA PRO E 1231 40.14 60.88 -38.73
C PRO E 1231 40.82 62.17 -38.25
N TYR E 1232 41.88 62.05 -37.47
CA TYR E 1232 42.61 63.20 -36.88
C TYR E 1232 43.14 64.14 -37.98
N GLU E 1233 43.17 63.71 -39.24
CA GLU E 1233 43.51 64.61 -40.37
C GLU E 1233 42.54 65.77 -40.39
N MET E 1234 41.27 65.55 -40.07
CA MET E 1234 40.27 66.65 -40.07
C MET E 1234 40.81 67.81 -39.22
N TYR E 1235 41.53 67.52 -38.14
CA TYR E 1235 41.92 68.56 -37.17
C TYR E 1235 43.15 69.33 -37.68
N LYS E 1236 43.61 69.06 -38.90
CA LYS E 1236 44.60 69.91 -39.61
C LYS E 1236 43.87 71.10 -40.23
N TYR E 1237 42.59 70.91 -40.58
CA TYR E 1237 41.78 71.88 -41.35
C TYR E 1237 40.76 72.55 -40.45
N VAL E 1238 40.48 72.01 -39.27
CA VAL E 1238 39.21 72.33 -38.56
C VAL E 1238 39.41 72.23 -37.05
N HIS E 1239 38.67 73.04 -36.29
CA HIS E 1239 38.72 72.95 -34.82
C HIS E 1239 38.06 71.66 -34.36
N VAL E 1240 38.63 71.09 -33.33
CA VAL E 1240 38.11 69.94 -32.55
C VAL E 1240 36.61 70.13 -32.26
N SER E 1241 36.13 71.37 -32.14
CA SER E 1241 34.72 71.68 -31.80
C SER E 1241 33.80 71.65 -33.03
N GLU E 1242 34.28 71.36 -34.23
CA GLU E 1242 33.50 71.64 -35.46
C GLU E 1242 33.40 70.40 -36.34
N VAL E 1243 33.64 69.21 -35.77
CA VAL E 1243 33.31 67.91 -36.39
C VAL E 1243 32.19 67.28 -35.57
N GLY E 1244 31.04 66.99 -36.19
CA GLY E 1244 29.85 66.55 -35.46
C GLY E 1244 29.36 65.18 -35.89
N ASN E 1245 28.43 64.61 -35.14
CA ASN E 1245 27.74 63.35 -35.48
C ASN E 1245 26.24 63.56 -35.31
N CYS E 1246 25.49 63.61 -36.40
CA CYS E 1246 24.02 63.80 -36.39
C CYS E 1246 23.31 62.55 -36.92
N SER E 1247 23.99 61.39 -36.85
CA SER E 1247 23.39 60.07 -37.18
C SER E 1247 22.48 59.67 -36.03
N GLY E 1248 21.49 58.84 -36.34
CA GLY E 1248 20.47 58.38 -35.37
C GLY E 1248 19.93 56.99 -35.67
N SER E 1249 18.85 56.62 -35.00
CA SER E 1249 18.26 55.26 -35.02
C SER E 1249 16.79 55.33 -34.65
N GLY E 1250 16.01 54.35 -35.07
CA GLY E 1250 14.59 54.21 -34.71
C GLY E 1250 14.41 53.66 -33.31
N MET E 1251 15.07 52.53 -32.98
CA MET E 1251 14.92 51.77 -31.70
C MET E 1251 16.28 51.54 -31.01
N GLY E 1252 17.39 51.76 -31.72
CA GLY E 1252 18.73 51.64 -31.12
C GLY E 1252 19.11 50.20 -30.82
N GLY E 1253 19.82 50.01 -29.71
CA GLY E 1253 20.43 48.72 -29.33
C GLY E 1253 19.40 47.79 -28.73
N VAL E 1254 18.61 47.14 -29.57
CA VAL E 1254 17.43 46.36 -29.13
C VAL E 1254 17.88 45.05 -28.45
N SER E 1255 19.12 44.61 -28.68
CA SER E 1255 19.62 43.36 -28.05
C SER E 1255 19.91 43.68 -26.58
N ALA E 1256 20.42 44.88 -26.32
CA ALA E 1256 20.63 45.37 -24.94
C ALA E 1256 19.27 45.56 -24.26
N LEU E 1257 18.26 46.05 -24.98
CA LEU E 1257 16.90 46.22 -24.40
C LEU E 1257 16.43 44.84 -23.93
N ARG E 1258 16.60 43.81 -24.74
CA ARG E 1258 16.21 42.44 -24.32
C ARG E 1258 17.00 42.04 -23.08
N GLY E 1259 18.29 42.33 -23.01
CA GLY E 1259 19.09 41.98 -21.82
C GLY E 1259 18.50 42.60 -20.57
N MET E 1260 18.06 43.84 -20.68
CA MET E 1260 17.46 44.64 -19.58
C MET E 1260 16.14 44.05 -19.11
N PHE E 1261 15.24 43.78 -20.06
CA PHE E 1261 13.79 43.56 -19.83
C PHE E 1261 13.48 42.06 -19.70
N LYS E 1262 14.21 41.20 -20.39
CA LYS E 1262 13.93 39.75 -20.46
C LYS E 1262 15.06 38.97 -19.79
N ASP E 1263 16.29 39.05 -20.28
CA ASP E 1263 17.41 38.26 -19.70
C ASP E 1263 17.53 38.52 -18.20
N ARG E 1264 17.45 39.76 -17.77
CA ARG E 1264 17.55 40.09 -16.31
C ARG E 1264 16.44 39.40 -15.54
N PHE E 1265 15.21 39.47 -16.06
CA PHE E 1265 13.98 38.88 -15.48
C PHE E 1265 14.20 37.40 -15.20
N LYS E 1266 14.93 36.72 -16.09
CA LYS E 1266 15.24 35.27 -15.99
C LYS E 1266 16.49 35.06 -15.14
N ASP E 1267 17.04 36.12 -14.59
CA ASP E 1267 18.27 36.06 -13.75
C ASP E 1267 19.41 35.47 -14.56
N GLU E 1268 19.37 35.58 -15.88
CA GLU E 1268 20.51 35.25 -16.77
C GLU E 1268 21.56 36.32 -16.61
N PRO E 1269 22.86 35.96 -16.69
CA PRO E 1269 23.93 36.92 -16.39
C PRO E 1269 23.96 37.96 -17.54
N VAL E 1270 24.07 39.23 -17.21
CA VAL E 1270 24.00 40.36 -18.18
C VAL E 1270 24.91 41.47 -17.69
N GLN E 1271 25.77 42.03 -18.55
CA GLN E 1271 26.71 43.12 -18.16
C GLN E 1271 25.95 44.15 -17.31
N ASN E 1272 26.57 44.71 -16.27
CA ASN E 1272 25.91 45.73 -15.41
C ASN E 1272 25.75 47.07 -16.16
N ASP E 1273 26.51 47.30 -17.21
CA ASP E 1273 26.34 48.54 -18.02
C ASP E 1273 25.48 48.27 -19.24
N ILE E 1274 24.64 47.23 -19.24
CA ILE E 1274 23.83 46.89 -20.45
C ILE E 1274 22.96 48.10 -20.84
N LEU E 1275 22.46 48.86 -19.87
CA LEU E 1275 21.55 50.00 -20.18
C LEU E 1275 22.22 50.99 -21.14
N GLN E 1276 23.50 51.33 -20.87
CA GLN E 1276 24.28 52.30 -21.68
C GLN E 1276 24.23 51.83 -23.14
N GLU E 1277 24.25 50.54 -23.40
CA GLU E 1277 24.45 50.03 -24.77
C GLU E 1277 23.15 50.05 -25.57
N SER E 1278 22.03 50.30 -24.91
CA SER E 1278 20.67 50.25 -25.54
C SER E 1278 20.34 51.60 -26.16
N PHE E 1279 20.87 52.68 -25.58
CA PHE E 1279 20.50 54.07 -25.91
C PHE E 1279 20.82 54.32 -27.39
N ILE E 1280 19.95 55.06 -28.07
CA ILE E 1280 20.13 55.40 -29.50
C ILE E 1280 21.42 56.22 -29.69
N ASN E 1281 21.82 56.97 -28.65
CA ASN E 1281 22.89 57.98 -28.81
C ASN E 1281 24.27 57.40 -28.46
N THR E 1282 24.38 56.08 -28.18
CA THR E 1282 25.68 55.51 -27.73
C THR E 1282 26.40 54.86 -28.90
N MET E 1283 25.73 54.51 -29.97
CA MET E 1283 26.46 54.16 -31.22
C MET E 1283 27.36 55.36 -31.55
N SER E 1284 26.80 56.57 -31.63
CA SER E 1284 27.57 57.80 -31.93
C SER E 1284 28.64 58.03 -30.84
N ALA E 1285 28.40 57.61 -29.60
CA ALA E 1285 29.35 57.79 -28.49
C ALA E 1285 30.59 56.95 -28.74
N TRP E 1286 30.40 55.67 -29.07
CA TRP E 1286 31.49 54.72 -29.35
C TRP E 1286 32.28 55.20 -30.56
N VAL E 1287 31.59 55.67 -31.59
CA VAL E 1287 32.27 56.24 -32.79
C VAL E 1287 33.21 57.35 -32.31
N ASN E 1288 32.75 58.25 -31.47
CA ASN E 1288 33.61 59.36 -31.00
C ASN E 1288 34.72 58.83 -30.10
N MET E 1289 34.43 57.81 -29.28
CA MET E 1289 35.35 57.33 -28.22
C MET E 1289 36.41 56.38 -28.79
N LEU E 1290 36.21 55.85 -29.99
CA LEU E 1290 37.11 54.86 -30.62
C LEU E 1290 37.83 55.46 -31.85
N LEU E 1291 37.27 56.46 -32.55
CA LEU E 1291 37.80 56.93 -33.86
C LEU E 1291 37.99 58.45 -33.91
N ILE E 1292 36.96 59.23 -33.61
CA ILE E 1292 36.85 60.66 -34.04
C ILE E 1292 37.49 61.58 -33.00
N SER E 1293 37.14 61.50 -31.72
CA SER E 1293 37.72 62.34 -30.64
C SER E 1293 37.33 63.81 -30.82
N SER E 1294 36.25 64.08 -31.55
CA SER E 1294 35.69 65.44 -31.70
C SER E 1294 35.06 65.88 -30.37
N SER E 1295 35.07 67.19 -30.17
CA SER E 1295 34.31 67.89 -29.10
C SER E 1295 33.29 68.77 -29.81
N GLY E 1296 32.75 68.27 -30.93
CA GLY E 1296 31.82 69.00 -31.79
C GLY E 1296 30.37 68.61 -31.51
N PRO E 1297 29.40 69.04 -32.34
CA PRO E 1297 28.00 68.73 -32.14
C PRO E 1297 27.71 67.23 -32.04
N ILE E 1298 26.61 66.91 -31.36
CA ILE E 1298 26.11 65.52 -31.13
C ILE E 1298 24.59 65.65 -30.93
N LYS E 1299 23.86 65.63 -32.04
CA LYS E 1299 22.40 65.77 -32.09
C LYS E 1299 21.88 64.51 -32.75
N THR E 1300 21.23 63.63 -31.99
CA THR E 1300 20.92 62.24 -32.40
C THR E 1300 19.42 62.10 -32.62
N PRO E 1301 18.98 62.06 -33.90
CA PRO E 1301 17.55 61.96 -34.20
C PRO E 1301 16.96 60.57 -34.01
N VAL E 1302 15.74 60.50 -33.48
CA VAL E 1302 14.82 59.34 -33.61
C VAL E 1302 13.75 59.73 -34.62
N GLY E 1303 13.72 59.05 -35.75
CA GLY E 1303 12.85 59.40 -36.88
C GLY E 1303 12.13 58.19 -37.43
N ALA E 1304 11.99 57.12 -36.65
CA ALA E 1304 11.50 55.82 -37.14
C ALA E 1304 12.08 55.59 -38.54
N CYS E 1305 11.26 55.23 -39.52
CA CYS E 1305 11.71 54.79 -40.87
C CYS E 1305 12.37 55.98 -41.62
N ALA E 1306 12.22 57.20 -41.11
CA ALA E 1306 12.76 58.43 -41.75
C ALA E 1306 13.96 59.01 -41.01
N THR E 1307 14.64 58.28 -40.13
CA THR E 1307 15.66 58.92 -39.26
C THR E 1307 16.85 59.33 -40.13
N SER E 1308 17.16 58.61 -41.18
CA SER E 1308 18.31 58.91 -42.08
C SER E 1308 18.12 60.28 -42.76
N VAL E 1309 16.90 60.66 -43.13
CA VAL E 1309 16.66 61.95 -43.84
C VAL E 1309 16.61 63.06 -42.81
N GLU E 1310 15.97 62.80 -41.69
CA GLU E 1310 16.02 63.69 -40.52
C GLU E 1310 17.49 63.98 -40.17
N SER E 1311 18.35 62.97 -40.23
CA SER E 1311 19.78 63.10 -39.86
C SER E 1311 20.44 64.10 -40.79
N VAL E 1312 20.29 63.90 -42.10
CA VAL E 1312 20.87 64.79 -43.14
C VAL E 1312 20.41 66.23 -42.85
N ASP E 1313 19.12 66.41 -42.58
CA ASP E 1313 18.52 67.75 -42.34
C ASP E 1313 19.24 68.40 -41.14
N ILE E 1314 19.26 67.74 -39.99
CA ILE E 1314 19.96 68.22 -38.75
C ILE E 1314 21.43 68.49 -39.09
N GLY E 1315 22.08 67.58 -39.82
CA GLY E 1315 23.50 67.72 -40.19
C GLY E 1315 23.72 68.99 -41.00
N VAL E 1316 22.94 69.18 -42.06
CA VAL E 1316 23.02 70.38 -42.93
C VAL E 1316 22.89 71.63 -42.05
N GLU E 1317 21.79 71.74 -41.28
CA GLU E 1317 21.50 72.93 -40.45
C GLU E 1317 22.63 73.16 -39.45
N THR E 1318 23.26 72.09 -38.95
CA THR E 1318 24.32 72.16 -37.91
C THR E 1318 25.58 72.78 -38.53
N ILE E 1319 25.84 72.54 -39.81
CA ILE E 1319 26.98 73.14 -40.54
C ILE E 1319 26.64 74.58 -40.92
N LEU E 1320 25.45 74.78 -41.50
CA LEU E 1320 25.00 76.13 -41.93
C LEU E 1320 24.90 77.06 -40.70
N SER E 1321 24.83 76.56 -39.48
CA SER E 1321 24.75 77.43 -38.29
C SER E 1321 26.14 77.84 -37.84
N GLY E 1322 27.17 77.12 -38.29
CA GLY E 1322 28.58 77.42 -37.96
C GLY E 1322 29.07 76.59 -36.79
N LYS E 1323 28.20 75.74 -36.25
CA LYS E 1323 28.53 74.83 -35.11
C LYS E 1323 29.46 73.70 -35.56
N ALA E 1324 29.57 73.46 -36.87
CA ALA E 1324 30.33 72.33 -37.43
C ALA E 1324 30.62 72.57 -38.91
N ARG E 1325 31.76 72.08 -39.40
CA ARG E 1325 32.17 72.20 -40.83
C ARG E 1325 32.12 70.80 -41.44
N ILE E 1326 32.34 69.78 -40.65
CA ILE E 1326 32.18 68.35 -41.07
C ILE E 1326 31.19 67.69 -40.12
N CYS E 1327 30.37 66.80 -40.65
CA CYS E 1327 29.33 66.11 -39.89
C CYS E 1327 29.16 64.68 -40.39
N ILE E 1328 29.28 63.72 -39.50
CA ILE E 1328 28.84 62.32 -39.74
C ILE E 1328 27.31 62.35 -39.69
N VAL E 1329 26.67 61.53 -40.51
CA VAL E 1329 25.22 61.66 -40.79
C VAL E 1329 24.71 60.29 -41.28
N GLY E 1330 23.46 59.95 -40.99
CA GLY E 1330 22.89 58.65 -41.43
C GLY E 1330 22.03 57.99 -40.36
N GLY E 1331 21.76 56.70 -40.55
CA GLY E 1331 20.80 55.94 -39.72
C GLY E 1331 21.20 54.50 -39.59
N TYR E 1332 20.68 53.83 -38.59
CA TYR E 1332 21.01 52.41 -38.29
C TYR E 1332 19.90 51.79 -37.46
N ASP E 1333 19.66 50.49 -37.66
CA ASP E 1333 18.68 49.71 -36.88
C ASP E 1333 18.94 48.22 -37.09
N ASP E 1334 18.79 47.42 -36.04
CA ASP E 1334 18.96 45.95 -36.12
C ASP E 1334 17.60 45.32 -36.38
N PHE E 1335 17.58 44.02 -36.60
CA PHE E 1335 16.39 43.14 -36.61
C PHE E 1335 16.52 42.19 -35.43
N GLN E 1336 15.46 41.98 -34.65
CA GLN E 1336 15.47 41.03 -33.51
C GLN E 1336 14.06 40.48 -33.29
N GLU E 1337 13.94 39.40 -32.53
CA GLU E 1337 12.68 38.62 -32.39
C GLU E 1337 11.51 39.55 -32.09
N GLU E 1338 11.68 40.42 -31.10
CA GLU E 1338 10.60 41.19 -30.43
C GLU E 1338 10.06 42.20 -31.44
N GLY E 1339 10.92 43.06 -31.99
CA GLY E 1339 10.57 43.95 -33.11
C GLY E 1339 9.78 43.24 -34.20
N SER E 1340 10.24 42.08 -34.67
CA SER E 1340 9.66 41.41 -35.87
C SER E 1340 8.20 41.06 -35.57
N PHE E 1341 7.99 40.62 -34.33
CA PHE E 1341 6.69 40.12 -33.81
C PHE E 1341 5.72 41.28 -33.76
N GLU E 1342 6.19 42.43 -33.29
CA GLU E 1342 5.33 43.62 -33.08
C GLU E 1342 4.96 44.23 -34.42
N PHE E 1343 5.89 44.31 -35.36
CA PHE E 1343 5.58 44.76 -36.74
C PHE E 1343 4.53 43.81 -37.32
N GLY E 1344 4.63 42.51 -37.01
CA GLY E 1344 3.62 41.51 -37.41
C GLY E 1344 2.28 41.80 -36.74
N ASN E 1345 2.26 42.08 -35.45
CA ASN E 1345 0.99 42.35 -34.71
C ASN E 1345 0.32 43.60 -35.30
N MET E 1346 1.11 44.51 -35.86
CA MET E 1346 0.58 45.75 -36.50
C MET E 1346 0.28 45.50 -37.97
N LYS E 1347 0.52 44.28 -38.46
CA LYS E 1347 0.26 43.89 -39.86
C LYS E 1347 1.00 44.81 -40.84
N ALA E 1348 2.17 45.30 -40.50
CA ALA E 1348 2.98 46.20 -41.35
C ALA E 1348 3.86 45.36 -42.29
N THR E 1349 4.31 44.20 -41.80
CA THR E 1349 5.25 43.30 -42.49
C THR E 1349 4.41 42.31 -43.30
N SER E 1350 4.94 41.85 -44.43
CA SER E 1350 4.36 40.76 -45.25
C SER E 1350 4.29 39.50 -44.39
N ASN E 1351 3.15 38.84 -44.44
CA ASN E 1351 2.90 37.51 -43.85
C ASN E 1351 3.51 36.44 -44.77
N THR E 1352 4.58 35.79 -44.33
CA THR E 1352 5.40 34.88 -45.17
C THR E 1352 4.58 33.65 -45.57
N LEU E 1353 3.61 33.24 -44.77
CA LEU E 1353 2.78 32.04 -45.07
C LEU E 1353 1.81 32.38 -46.18
N GLU E 1354 1.23 33.57 -46.15
CA GLU E 1354 0.40 34.12 -47.26
C GLU E 1354 1.28 34.16 -48.52
N GLU E 1355 2.49 34.71 -48.44
CA GLU E 1355 3.37 34.83 -49.63
C GLU E 1355 3.57 33.43 -50.23
N PHE E 1356 3.90 32.44 -49.42
CA PHE E 1356 4.13 31.04 -49.87
C PHE E 1356 2.87 30.51 -50.54
N GLU E 1357 1.70 30.82 -50.02
CA GLU E 1357 0.41 30.36 -50.59
C GLU E 1357 0.27 30.89 -52.01
N HIS E 1358 0.82 32.09 -52.24
CA HIS E 1358 0.80 32.82 -53.53
C HIS E 1358 2.01 32.42 -54.37
N GLY E 1359 2.82 31.47 -53.91
CA GLY E 1359 3.93 30.95 -54.69
C GLY E 1359 5.06 31.96 -54.81
N ARG E 1360 5.20 32.84 -53.84
CA ARG E 1360 6.28 33.84 -53.85
C ARG E 1360 7.51 33.29 -53.14
N THR E 1361 8.68 33.42 -53.75
CA THR E 1361 9.99 33.17 -53.09
C THR E 1361 10.41 34.41 -52.30
N PRO E 1362 11.30 34.27 -51.29
CA PRO E 1362 11.74 35.45 -50.53
C PRO E 1362 12.29 36.57 -51.42
N ALA E 1363 13.01 36.25 -52.50
CA ALA E 1363 13.56 37.25 -53.43
C ALA E 1363 12.46 38.25 -53.81
N GLU E 1364 11.26 37.75 -54.12
CA GLU E 1364 10.15 38.54 -54.68
C GLU E 1364 9.11 38.93 -53.60
N MET E 1365 9.46 38.99 -52.31
CA MET E 1365 8.44 39.27 -51.25
C MET E 1365 8.38 40.78 -50.96
N SER E 1366 9.45 41.52 -51.29
CA SER E 1366 9.48 43.01 -51.32
C SER E 1366 9.28 43.42 -52.75
N ARG E 1367 8.09 43.88 -53.10
CA ARG E 1367 7.74 44.26 -54.49
C ARG E 1367 6.94 45.55 -54.45
N PRO E 1368 7.63 46.68 -54.25
CA PRO E 1368 6.97 47.98 -54.19
C PRO E 1368 6.20 48.34 -55.47
N ALA E 1369 5.08 49.05 -55.29
CA ALA E 1369 4.27 49.69 -56.34
C ALA E 1369 3.58 48.64 -57.21
N THR E 1370 3.58 47.39 -56.77
CA THR E 1370 2.96 46.24 -57.45
C THR E 1370 1.49 46.12 -57.05
N THR E 1371 0.68 45.55 -57.93
CA THR E 1371 -0.73 45.20 -57.66
C THR E 1371 -0.82 44.39 -56.36
N THR E 1372 0.03 43.37 -56.22
CA THR E 1372 -0.11 42.33 -55.17
C THR E 1372 0.79 42.66 -53.97
N ARG E 1373 1.32 43.87 -53.85
CA ARG E 1373 2.19 44.25 -52.70
C ARG E 1373 1.36 44.08 -51.44
N ASN E 1374 1.99 43.65 -50.34
CA ASN E 1374 1.25 43.01 -49.23
C ASN E 1374 1.98 43.22 -47.91
N GLY E 1375 2.79 44.27 -47.78
CA GLY E 1375 3.53 44.55 -46.54
C GLY E 1375 5.02 44.54 -46.77
N PHE E 1376 5.75 45.18 -45.85
CA PHE E 1376 7.18 45.48 -46.01
C PHE E 1376 7.99 44.29 -45.53
N MET E 1377 9.22 44.18 -46.02
CA MET E 1377 10.16 43.10 -45.65
C MET E 1377 11.21 43.70 -44.73
N GLU E 1378 11.28 43.26 -43.48
CA GLU E 1378 12.15 43.88 -42.46
C GLU E 1378 13.59 43.49 -42.72
N ALA E 1379 14.53 44.39 -42.40
CA ALA E 1379 15.97 44.20 -42.64
C ALA E 1379 16.75 44.84 -41.51
N GLN E 1380 18.07 44.75 -41.57
CA GLN E 1380 18.98 45.27 -40.51
C GLN E 1380 20.14 45.96 -41.21
N GLY E 1381 20.73 46.93 -40.53
CA GLY E 1381 22.02 47.48 -40.97
C GLY E 1381 22.17 48.95 -40.66
N ALA E 1382 23.09 49.58 -41.35
CA ALA E 1382 23.49 50.98 -41.08
C ALA E 1382 23.89 51.63 -42.40
N GLY E 1383 23.78 52.94 -42.44
CA GLY E 1383 24.25 53.78 -43.55
C GLY E 1383 24.83 55.06 -43.01
N ILE E 1384 26.04 55.40 -43.42
CA ILE E 1384 26.69 56.65 -42.99
C ILE E 1384 27.10 57.44 -44.23
N GLN E 1385 26.91 58.75 -44.16
CA GLN E 1385 27.47 59.75 -45.11
C GLN E 1385 28.38 60.68 -44.30
N ILE E 1386 29.42 61.20 -44.93
CA ILE E 1386 30.20 62.34 -44.40
C ILE E 1386 29.81 63.56 -45.20
N ILE E 1387 29.33 64.61 -44.53
CA ILE E 1387 28.94 65.88 -45.22
C ILE E 1387 29.80 66.99 -44.65
N MET E 1388 30.09 67.98 -45.50
CA MET E 1388 31.14 68.99 -45.26
C MET E 1388 30.80 70.24 -46.07
N GLN E 1389 31.17 71.43 -45.60
CA GLN E 1389 31.24 72.65 -46.43
C GLN E 1389 31.97 72.31 -47.73
N ALA E 1390 31.40 72.62 -48.89
CA ALA E 1390 32.08 72.45 -50.20
C ALA E 1390 33.44 73.13 -50.13
N ASP E 1391 33.49 74.31 -49.50
CA ASP E 1391 34.71 75.14 -49.45
C ASP E 1391 35.82 74.32 -48.76
N LEU E 1392 35.46 73.56 -47.73
CA LEU E 1392 36.40 72.67 -46.98
C LEU E 1392 36.75 71.47 -47.87
N ALA E 1393 35.76 70.84 -48.49
CA ALA E 1393 35.98 69.65 -49.32
C ALA E 1393 37.04 69.99 -50.37
N LEU E 1394 36.90 71.13 -51.05
CA LEU E 1394 37.85 71.59 -52.09
C LEU E 1394 39.22 71.79 -51.44
N LYS E 1395 39.28 72.49 -50.32
CA LYS E 1395 40.54 72.78 -49.61
C LYS E 1395 41.24 71.49 -49.25
N MET E 1396 40.51 70.52 -48.72
CA MET E 1396 41.06 69.23 -48.23
C MET E 1396 41.42 68.34 -49.41
N GLY E 1397 40.83 68.59 -50.57
CA GLY E 1397 40.97 67.68 -51.73
C GLY E 1397 40.41 66.30 -51.41
N VAL E 1398 39.19 66.26 -50.90
CA VAL E 1398 38.43 64.98 -50.73
C VAL E 1398 37.47 64.87 -51.89
N PRO E 1399 37.08 63.64 -52.27
CA PRO E 1399 36.10 63.46 -53.33
C PRO E 1399 34.76 64.10 -52.94
N ILE E 1400 33.98 64.48 -53.93
CA ILE E 1400 32.65 65.15 -53.76
C ILE E 1400 31.63 64.39 -54.62
N TYR E 1401 30.77 63.60 -53.97
CA TYR E 1401 29.87 62.63 -54.65
C TYR E 1401 28.55 63.31 -54.98
N GLY E 1402 28.22 64.40 -54.30
CA GLY E 1402 26.91 65.05 -54.49
C GLY E 1402 26.78 66.31 -53.67
N ILE E 1403 25.90 67.21 -54.10
CA ILE E 1403 25.49 68.40 -53.32
C ILE E 1403 24.17 68.06 -52.61
N VAL E 1404 24.11 68.27 -51.29
CA VAL E 1404 22.82 68.14 -50.56
C VAL E 1404 22.11 69.47 -50.76
N ALA E 1405 21.24 69.54 -51.76
CA ALA E 1405 20.58 70.79 -52.20
C ALA E 1405 19.46 71.15 -51.24
N MET E 1406 18.82 70.16 -50.63
CA MET E 1406 17.66 70.39 -49.74
C MET E 1406 17.51 69.20 -48.78
N ALA E 1407 17.00 69.45 -47.60
CA ALA E 1407 16.67 68.39 -46.63
C ALA E 1407 15.61 68.92 -45.67
N ALA E 1408 14.44 68.29 -45.62
CA ALA E 1408 13.27 68.80 -44.87
C ALA E 1408 12.53 67.64 -44.19
N THR E 1409 11.83 67.94 -43.11
CA THR E 1409 10.92 67.03 -42.37
C THR E 1409 9.54 67.66 -42.25
N ALA E 1410 8.49 66.86 -42.25
CA ALA E 1410 7.13 67.38 -42.00
C ALA E 1410 6.26 66.34 -41.28
N THR E 1411 5.54 66.83 -40.27
CA THR E 1411 4.34 66.18 -39.69
C THR E 1411 3.17 66.36 -40.67
N ASP E 1412 2.03 65.76 -40.39
CA ASP E 1412 0.88 65.71 -41.32
C ASP E 1412 -0.23 66.59 -40.74
N LYS E 1413 -1.06 66.05 -39.85
CA LYS E 1413 -2.31 66.69 -39.38
C LYS E 1413 -2.92 65.89 -38.23
N ILE E 1414 -4.01 66.41 -37.68
CA ILE E 1414 -4.87 65.69 -36.69
C ILE E 1414 -5.11 64.31 -37.24
N GLY E 1415 -5.04 63.29 -36.40
CA GLY E 1415 -5.18 61.88 -36.81
C GLY E 1415 -5.26 60.97 -35.62
N ARG E 1416 -5.55 59.69 -35.85
CA ARG E 1416 -5.64 58.69 -34.75
C ARG E 1416 -4.86 57.42 -35.11
N SER E 1417 -4.16 57.39 -36.24
CA SER E 1417 -3.32 56.24 -36.65
C SER E 1417 -1.86 56.65 -36.76
N VAL E 1418 -1.08 56.42 -35.71
CA VAL E 1418 0.36 56.78 -35.67
C VAL E 1418 1.09 56.27 -36.89
N PRO E 1419 0.88 55.02 -37.35
CA PRO E 1419 1.69 54.46 -38.43
C PRO E 1419 1.25 54.83 -39.86
N ALA E 1420 0.14 55.55 -40.00
CA ALA E 1420 -0.42 55.93 -41.32
C ALA E 1420 0.51 56.96 -41.93
N PRO E 1421 0.93 56.81 -43.20
CA PRO E 1421 1.78 57.80 -43.86
C PRO E 1421 0.89 58.93 -44.39
N GLY E 1422 1.41 60.16 -44.47
CA GLY E 1422 0.63 61.35 -44.87
C GLY E 1422 1.40 62.25 -45.82
N LYS E 1423 0.89 63.46 -46.03
CA LYS E 1423 1.30 64.33 -47.16
C LYS E 1423 1.92 65.64 -46.68
N GLY E 1424 2.27 65.76 -45.41
CA GLY E 1424 2.92 66.98 -44.91
C GLY E 1424 4.10 67.41 -45.75
N ILE E 1425 4.87 66.45 -46.27
CA ILE E 1425 6.14 66.76 -46.99
C ILE E 1425 5.80 67.40 -48.33
N LEU E 1426 4.55 67.32 -48.81
CA LEU E 1426 4.05 68.09 -49.98
C LEU E 1426 4.46 69.56 -49.83
N THR E 1427 4.57 70.05 -48.60
CA THR E 1427 4.88 71.46 -48.30
C THR E 1427 6.22 71.88 -48.91
N THR E 1428 7.15 70.96 -49.17
CA THR E 1428 8.46 71.33 -49.77
C THR E 1428 8.23 71.99 -51.13
N ALA E 1429 7.10 71.75 -51.78
CA ALA E 1429 6.78 72.31 -53.12
C ALA E 1429 5.85 73.51 -52.98
N ARG E 1430 5.62 74.02 -51.77
CA ARG E 1430 4.65 75.12 -51.59
C ARG E 1430 5.14 76.34 -52.34
N GLU E 1431 4.28 76.95 -53.16
CA GLU E 1431 4.56 78.31 -53.65
C GLU E 1431 3.26 78.96 -54.13
N HIS E 1432 3.30 80.29 -54.24
CA HIS E 1432 2.13 81.17 -54.32
C HIS E 1432 1.91 81.65 -55.74
N HIS E 1433 0.81 81.26 -56.37
CA HIS E 1433 0.53 81.48 -57.81
C HIS E 1433 -0.51 82.57 -58.04
N SER E 1434 -0.88 83.38 -57.05
CA SER E 1434 -1.98 84.37 -57.22
C SER E 1434 -1.57 85.41 -58.26
N SER E 1435 -0.28 85.74 -58.28
CA SER E 1435 0.31 86.82 -59.10
C SER E 1435 1.62 86.30 -59.71
N VAL E 1436 1.57 86.05 -61.03
CA VAL E 1436 2.51 85.11 -61.71
C VAL E 1436 2.55 85.40 -63.22
N LYS E 1437 2.00 86.54 -63.62
CA LYS E 1437 1.78 86.89 -65.05
C LYS E 1437 3.12 87.20 -65.70
N TYR E 1438 4.06 87.81 -64.96
CA TYR E 1438 5.39 88.25 -65.48
C TYR E 1438 6.50 87.59 -64.64
N ALA E 1439 7.52 87.07 -65.31
CA ALA E 1439 8.68 86.38 -64.70
C ALA E 1439 9.32 87.29 -63.64
N SER E 1440 9.96 86.66 -62.66
CA SER E 1440 10.46 87.25 -61.40
C SER E 1440 11.98 87.37 -61.50
N PRO E 1441 12.53 88.58 -61.47
CA PRO E 1441 13.98 88.78 -61.49
C PRO E 1441 14.74 87.85 -60.53
N ASN E 1442 14.18 87.60 -59.34
CA ASN E 1442 14.83 86.82 -58.24
C ASN E 1442 15.15 85.41 -58.74
N LEU E 1443 14.38 84.88 -59.69
CA LEU E 1443 14.59 83.51 -60.23
C LEU E 1443 15.66 83.55 -61.33
N ASN E 1444 16.03 84.74 -61.82
CA ASN E 1444 16.94 84.91 -62.98
C ASN E 1444 18.36 85.13 -62.46
N MET E 1445 19.25 84.15 -62.68
CA MET E 1445 20.60 84.12 -62.07
C MET E 1445 21.43 85.31 -62.57
N LYS E 1446 21.22 85.78 -63.80
CA LYS E 1446 21.95 86.96 -64.32
C LYS E 1446 21.68 88.16 -63.43
N TYR E 1447 20.43 88.36 -63.02
CA TYR E 1447 19.98 89.49 -62.16
C TYR E 1447 20.67 89.34 -60.81
N ARG E 1448 20.53 88.18 -60.18
CA ARG E 1448 21.12 87.90 -58.85
C ARG E 1448 22.62 88.23 -58.93
N LYS E 1449 23.29 87.83 -60.01
CA LYS E 1449 24.76 88.00 -60.18
C LYS E 1449 25.07 89.49 -60.25
N ARG E 1450 24.39 90.21 -61.15
CA ARG E 1450 24.50 91.68 -61.34
C ARG E 1450 24.43 92.36 -59.96
N GLN E 1451 23.47 91.93 -59.13
CA GLN E 1451 23.22 92.54 -57.80
C GLN E 1451 24.41 92.26 -56.89
N LEU E 1452 25.00 91.08 -56.99
CA LEU E 1452 26.21 90.72 -56.20
C LEU E 1452 27.37 91.61 -56.62
N VAL E 1453 27.57 91.85 -57.92
CA VAL E 1453 28.75 92.64 -58.41
C VAL E 1453 28.66 94.06 -57.86
N THR E 1454 27.45 94.63 -57.81
CA THR E 1454 27.19 95.94 -57.15
C THR E 1454 27.66 95.84 -55.70
N ARG E 1455 27.20 94.82 -54.99
CA ARG E 1455 27.50 94.61 -53.55
C ARG E 1455 29.03 94.47 -53.40
N GLU E 1456 29.67 93.73 -54.32
CA GLU E 1456 31.14 93.46 -54.30
C GLU E 1456 31.89 94.80 -54.37
N ALA E 1457 31.46 95.68 -55.26
CA ALA E 1457 32.04 97.04 -55.46
C ALA E 1457 31.84 97.89 -54.21
N GLN E 1458 30.73 97.74 -53.49
CA GLN E 1458 30.45 98.49 -52.24
C GLN E 1458 31.44 98.05 -51.17
N ILE E 1459 31.77 96.74 -51.12
CA ILE E 1459 32.73 96.15 -50.13
C ILE E 1459 34.16 96.59 -50.48
N LYS E 1460 34.52 96.57 -51.76
CA LYS E 1460 35.77 97.18 -52.27
C LYS E 1460 35.94 98.55 -51.61
N ASP E 1461 34.94 99.44 -51.75
CA ASP E 1461 35.00 100.82 -51.21
C ASP E 1461 35.08 100.76 -49.69
N TRP E 1462 34.31 99.86 -49.06
CA TRP E 1462 34.25 99.74 -47.58
C TRP E 1462 35.66 99.52 -47.02
N VAL E 1463 36.41 98.61 -47.62
CA VAL E 1463 37.77 98.19 -47.16
C VAL E 1463 38.73 99.36 -47.35
N GLU E 1464 38.68 100.02 -48.51
CA GLU E 1464 39.49 101.23 -48.80
C GLU E 1464 39.32 102.19 -47.62
N ASN E 1465 38.08 102.53 -47.27
CA ASN E 1465 37.73 103.54 -46.22
C ASN E 1465 38.29 103.08 -44.88
N GLU E 1466 38.21 101.78 -44.57
CA GLU E 1466 38.63 101.24 -43.25
C GLU E 1466 40.15 101.29 -43.14
N LEU E 1467 40.90 101.09 -44.23
CA LEU E 1467 42.37 101.19 -44.25
C LEU E 1467 42.79 102.65 -44.07
N GLU E 1468 42.20 103.56 -44.84
CA GLU E 1468 42.46 105.02 -44.78
C GLU E 1468 42.25 105.50 -43.32
N ALA E 1469 41.18 105.03 -42.66
CA ALA E 1469 40.85 105.38 -41.27
C ALA E 1469 41.87 104.80 -40.29
N LEU E 1470 42.27 103.55 -40.53
CA LEU E 1470 43.25 102.80 -39.70
C LEU E 1470 44.59 103.52 -39.75
N LYS E 1471 44.99 103.98 -40.93
CA LYS E 1471 46.24 104.74 -41.14
C LYS E 1471 46.25 105.92 -40.16
N LEU E 1472 45.16 106.70 -40.13
CA LEU E 1472 45.01 107.93 -39.30
C LEU E 1472 45.10 107.57 -37.81
N GLU E 1473 44.42 106.50 -37.37
CA GLU E 1473 44.47 106.03 -35.97
C GLU E 1473 45.92 105.69 -35.58
N ALA E 1474 46.67 105.07 -36.51
CA ALA E 1474 48.04 104.55 -36.30
C ALA E 1474 49.03 105.72 -36.16
N GLU E 1475 48.75 106.84 -36.82
CA GLU E 1475 49.58 108.07 -36.72
C GLU E 1475 49.56 108.56 -35.26
N GLU E 1476 48.53 108.22 -34.47
CA GLU E 1476 48.37 108.68 -33.06
C GLU E 1476 49.01 107.67 -32.08
N ILE E 1477 49.40 106.48 -32.53
CA ILE E 1477 49.98 105.39 -31.68
C ILE E 1477 51.50 105.52 -31.68
N PRO E 1478 52.16 105.39 -30.50
CA PRO E 1478 53.62 105.41 -30.42
C PRO E 1478 54.30 104.45 -31.43
N SER E 1479 55.36 104.94 -32.10
CA SER E 1479 55.95 104.29 -33.31
C SER E 1479 56.52 102.91 -32.98
N GLU E 1480 57.01 102.67 -31.76
CA GLU E 1480 57.61 101.35 -31.38
C GLU E 1480 56.56 100.24 -31.47
N ASP E 1481 55.31 100.47 -31.02
CA ASP E 1481 54.25 99.43 -31.07
C ASP E 1481 53.20 99.79 -32.13
N GLN E 1482 53.55 100.62 -33.11
CA GLN E 1482 52.70 100.96 -34.29
C GLN E 1482 52.48 99.71 -35.16
N ASN E 1483 53.48 98.84 -35.28
CA ASN E 1483 53.39 97.59 -36.09
C ASN E 1483 52.37 96.65 -35.45
N GLU E 1484 52.44 96.43 -34.13
CA GLU E 1484 51.57 95.45 -33.43
C GLU E 1484 50.10 95.88 -33.64
N PHE E 1485 49.81 97.16 -33.42
CA PHE E 1485 48.47 97.78 -33.62
C PHE E 1485 47.95 97.50 -35.03
N LEU E 1486 48.80 97.78 -36.03
CA LEU E 1486 48.45 97.60 -37.46
C LEU E 1486 48.20 96.12 -37.74
N LEU E 1487 49.02 95.21 -37.21
CA LEU E 1487 48.90 93.75 -37.48
C LEU E 1487 47.51 93.27 -37.03
N GLU E 1488 47.14 93.58 -35.78
CA GLU E 1488 45.88 93.13 -35.13
C GLU E 1488 44.69 93.67 -35.91
N ARG E 1489 44.73 94.95 -36.25
CA ARG E 1489 43.55 95.66 -36.76
C ARG E 1489 43.35 95.33 -38.24
N THR E 1490 44.43 95.10 -38.99
CA THR E 1490 44.34 94.81 -40.46
C THR E 1490 43.79 93.40 -40.65
N ARG E 1491 44.13 92.50 -39.72
CA ARG E 1491 43.60 91.11 -39.70
C ARG E 1491 42.08 91.15 -39.49
N GLU E 1492 41.61 92.02 -38.61
CA GLU E 1492 40.17 92.19 -38.30
C GLU E 1492 39.43 92.71 -39.53
N ILE E 1493 40.04 93.65 -40.25
CA ILE E 1493 39.43 94.28 -41.46
C ILE E 1493 39.28 93.20 -42.53
N HIS E 1494 40.29 92.34 -42.67
CA HIS E 1494 40.30 91.19 -43.61
C HIS E 1494 39.11 90.27 -43.30
N ASN E 1495 38.96 89.88 -42.03
CA ASN E 1495 37.81 89.11 -41.49
C ASN E 1495 36.48 89.73 -41.94
N GLU E 1496 36.27 91.02 -41.65
CA GLU E 1496 34.98 91.71 -41.87
C GLU E 1496 34.74 91.82 -43.37
N ALA E 1497 35.80 91.86 -44.17
CA ALA E 1497 35.70 91.91 -45.64
C ALA E 1497 35.23 90.55 -46.14
N GLU E 1498 35.78 89.48 -45.60
CA GLU E 1498 35.36 88.10 -45.95
C GLU E 1498 33.89 87.93 -45.55
N SER E 1499 33.53 88.24 -44.31
CA SER E 1499 32.12 88.21 -43.81
C SER E 1499 31.21 88.88 -44.86
N GLN E 1500 31.56 90.09 -45.24
CA GLN E 1500 30.68 90.94 -46.09
C GLN E 1500 30.54 90.26 -47.46
N LEU E 1501 31.65 89.78 -48.02
CA LEU E 1501 31.64 89.12 -49.35
C LEU E 1501 30.71 87.91 -49.25
N ARG E 1502 30.95 87.03 -48.29
CA ARG E 1502 30.25 85.72 -48.17
C ARG E 1502 28.77 85.94 -47.88
N ALA E 1503 28.46 86.95 -47.06
CA ALA E 1503 27.08 87.37 -46.73
C ALA E 1503 26.33 87.75 -48.01
N ALA E 1504 27.03 88.43 -48.91
CA ALA E 1504 26.45 88.93 -50.19
C ALA E 1504 26.21 87.75 -51.11
N GLN E 1505 27.17 86.82 -51.18
CA GLN E 1505 27.05 85.58 -51.98
C GLN E 1505 25.90 84.77 -51.38
N GLN E 1506 25.85 84.73 -50.04
CA GLN E 1506 24.81 84.00 -49.28
C GLN E 1506 23.44 84.52 -49.69
N GLN E 1507 23.29 85.84 -49.70
CA GLN E 1507 21.98 86.49 -49.93
C GLN E 1507 21.53 86.29 -51.38
N TRP E 1508 22.42 86.42 -52.37
CA TRP E 1508 22.05 86.47 -53.80
C TRP E 1508 22.24 85.11 -54.50
N GLY E 1509 23.10 84.26 -53.95
CA GLY E 1509 23.48 82.98 -54.58
C GLY E 1509 22.76 81.78 -53.97
N ASN E 1510 22.72 81.73 -52.64
CA ASN E 1510 22.33 80.56 -51.81
C ASN E 1510 20.89 80.70 -51.27
N ASP E 1511 20.55 81.84 -50.66
CA ASP E 1511 19.32 82.05 -49.84
C ASP E 1511 18.32 82.97 -50.55
N PHE E 1512 18.45 83.20 -51.85
CA PHE E 1512 17.59 84.18 -52.56
C PHE E 1512 16.10 83.82 -52.45
N TYR E 1513 15.76 82.54 -52.36
CA TYR E 1513 14.36 82.07 -52.49
C TYR E 1513 13.69 81.92 -51.11
N LYS E 1514 14.46 82.01 -50.03
CA LYS E 1514 14.02 81.63 -48.66
C LYS E 1514 12.82 82.48 -48.27
N ARG E 1515 12.77 83.73 -48.71
CA ARG E 1515 11.75 84.69 -48.28
C ARG E 1515 10.87 85.07 -49.48
N ASP E 1516 11.06 84.48 -50.66
CA ASP E 1516 10.21 84.73 -51.87
C ASP E 1516 9.11 83.68 -51.87
N PRO E 1517 7.84 84.06 -51.58
CA PRO E 1517 6.75 83.09 -51.58
C PRO E 1517 6.41 82.57 -52.98
N ARG E 1518 7.06 83.08 -54.02
CA ARG E 1518 6.81 82.60 -55.41
C ARG E 1518 7.81 81.51 -55.78
N ILE E 1519 8.81 81.26 -54.94
CA ILE E 1519 9.82 80.19 -55.16
C ILE E 1519 9.75 79.17 -54.00
N ALA E 1520 9.30 77.96 -54.34
CA ALA E 1520 9.20 76.82 -53.42
C ALA E 1520 10.59 76.40 -53.00
N PRO E 1521 10.76 75.89 -51.77
CA PRO E 1521 12.06 75.39 -51.31
C PRO E 1521 12.68 74.39 -52.30
N LEU E 1522 11.83 73.55 -52.89
CA LEU E 1522 12.22 72.48 -53.85
C LEU E 1522 12.77 73.15 -55.12
N ARG E 1523 12.06 74.14 -55.63
CA ARG E 1523 12.44 74.83 -56.88
C ARG E 1523 13.70 75.65 -56.61
N GLY E 1524 13.75 76.33 -55.47
CA GLY E 1524 14.92 77.11 -55.05
C GLY E 1524 16.16 76.25 -54.98
N ALA E 1525 16.09 75.11 -54.29
CA ALA E 1525 17.23 74.20 -54.10
C ALA E 1525 17.90 73.91 -55.44
N LEU E 1526 17.11 73.67 -56.47
CA LEU E 1526 17.56 73.31 -57.85
C LEU E 1526 18.02 74.57 -58.58
N ALA E 1527 17.21 75.63 -58.52
CA ALA E 1527 17.46 76.94 -59.17
C ALA E 1527 18.80 77.51 -58.73
N THR E 1528 19.32 77.19 -57.53
CA THR E 1528 20.55 77.86 -57.05
C THR E 1528 21.72 77.46 -57.97
N TYR E 1529 21.70 76.24 -58.55
CA TYR E 1529 22.74 75.69 -59.47
C TYR E 1529 22.28 75.85 -60.93
N GLY E 1530 21.13 76.50 -61.13
CA GLY E 1530 20.63 76.80 -62.48
C GLY E 1530 19.83 75.66 -63.08
N LEU E 1531 19.34 74.73 -62.25
CA LEU E 1531 18.47 73.61 -62.70
C LEU E 1531 17.01 74.00 -62.54
N THR E 1532 16.18 73.57 -63.49
CA THR E 1532 14.72 73.75 -63.46
C THR E 1532 14.09 72.54 -62.77
N ILE E 1533 12.78 72.62 -62.54
CA ILE E 1533 12.01 71.54 -61.88
C ILE E 1533 12.07 70.30 -62.77
N ASP E 1534 12.26 70.47 -64.08
CA ASP E 1534 12.28 69.33 -65.03
C ASP E 1534 13.61 68.55 -64.93
N ASP E 1535 14.63 69.10 -64.27
CA ASP E 1535 15.97 68.48 -64.24
C ASP E 1535 16.01 67.36 -63.20
N LEU E 1536 15.06 67.32 -62.28
CA LEU E 1536 14.94 66.28 -61.21
C LEU E 1536 14.52 64.96 -61.86
N GLY E 1537 15.49 64.12 -62.21
CA GLY E 1537 15.29 63.02 -63.17
C GLY E 1537 14.76 61.79 -62.48
N VAL E 1538 15.17 61.59 -61.23
CA VAL E 1538 14.98 60.33 -60.46
C VAL E 1538 14.38 60.66 -59.09
N ALA E 1539 13.37 59.92 -58.68
CA ALA E 1539 12.89 59.90 -57.29
C ALA E 1539 13.19 58.50 -56.73
N SER E 1540 14.19 58.39 -55.84
CA SER E 1540 14.37 57.24 -54.92
C SER E 1540 13.18 57.30 -53.96
N PHE E 1541 12.28 56.33 -54.08
CA PHE E 1541 11.06 56.18 -53.23
C PHE E 1541 11.42 55.36 -52.00
N HIS E 1542 10.84 55.75 -50.86
CA HIS E 1542 10.77 54.92 -49.64
C HIS E 1542 10.28 53.53 -50.04
N GLY E 1543 9.13 53.49 -50.69
CA GLY E 1543 8.59 52.32 -51.39
C GLY E 1543 8.83 51.06 -50.61
N THR E 1544 8.05 50.86 -49.54
CA THR E 1544 8.23 49.79 -48.54
C THR E 1544 7.49 48.52 -48.95
N SER E 1545 6.56 48.64 -49.89
CA SER E 1545 5.76 47.52 -50.42
C SER E 1545 4.58 47.26 -49.49
N THR E 1546 4.13 48.28 -48.75
CA THR E 1546 2.79 48.30 -48.09
C THR E 1546 1.79 48.99 -49.02
N LYS E 1547 0.51 48.65 -48.90
CA LYS E 1547 -0.54 49.26 -49.76
C LYS E 1547 -0.50 50.77 -49.52
N ALA E 1548 -0.56 51.17 -48.25
CA ALA E 1548 -0.73 52.59 -47.84
C ALA E 1548 0.44 53.44 -48.33
N ASN E 1549 1.67 52.99 -48.16
CA ASN E 1549 2.87 53.85 -48.33
C ASN E 1549 3.06 54.22 -49.79
N ASP E 1550 3.11 53.21 -50.64
CA ASP E 1550 3.54 53.33 -52.06
C ASP E 1550 2.53 54.21 -52.79
N LYS E 1551 1.26 54.16 -52.41
CA LYS E 1551 0.24 55.02 -53.05
C LYS E 1551 0.40 56.46 -52.54
N ASN E 1552 0.43 56.65 -51.22
CA ASN E 1552 0.60 57.97 -50.59
C ASN E 1552 1.82 58.63 -51.21
N GLU E 1553 2.96 57.94 -51.20
CA GLU E 1553 4.24 58.52 -51.68
C GLU E 1553 4.09 58.94 -53.15
N SER E 1554 3.62 58.02 -54.01
CA SER E 1554 3.36 58.29 -55.44
C SER E 1554 2.52 59.56 -55.57
N ALA E 1555 1.42 59.66 -54.83
CA ALA E 1555 0.50 60.84 -54.87
C ALA E 1555 1.23 62.10 -54.45
N THR E 1556 2.03 62.08 -53.38
CA THR E 1556 2.62 63.35 -52.88
C THR E 1556 3.72 63.77 -53.87
N ILE E 1557 4.58 62.88 -54.37
CA ILE E 1557 5.59 63.24 -55.42
C ILE E 1557 4.85 63.80 -56.62
N ASN E 1558 3.79 63.13 -57.07
CA ASN E 1558 3.06 63.52 -58.29
C ASN E 1558 2.54 64.95 -58.12
N GLU E 1559 2.08 65.31 -56.93
CA GLU E 1559 1.44 66.61 -56.68
C GLU E 1559 2.52 67.69 -56.53
N MET E 1560 3.68 67.36 -55.97
CA MET E 1560 4.85 68.26 -55.91
C MET E 1560 5.17 68.70 -57.35
N MET E 1561 5.27 67.74 -58.27
CA MET E 1561 5.63 68.00 -59.67
C MET E 1561 4.51 68.82 -60.33
N LYS E 1562 3.26 68.41 -60.15
CA LYS E 1562 2.13 69.09 -60.81
C LYS E 1562 2.12 70.56 -60.37
N HIS E 1563 2.35 70.86 -59.10
CA HIS E 1563 2.23 72.23 -58.55
C HIS E 1563 3.34 73.13 -59.08
N LEU E 1564 4.55 72.62 -59.20
CA LEU E 1564 5.73 73.37 -59.70
C LEU E 1564 5.79 73.33 -61.23
N GLY E 1565 4.73 72.89 -61.89
CA GLY E 1565 4.60 72.95 -63.35
C GLY E 1565 5.69 72.16 -64.06
N ARG E 1566 6.05 71.01 -63.54
CA ARG E 1566 6.81 69.98 -64.29
C ARG E 1566 6.14 69.77 -65.63
N SER E 1567 6.89 69.61 -66.71
CA SER E 1567 6.35 69.46 -68.08
C SER E 1567 5.53 68.18 -68.20
N GLU E 1568 4.32 68.26 -68.78
CA GLU E 1568 3.53 67.07 -69.22
C GLU E 1568 4.48 66.18 -70.02
N GLY E 1569 4.44 64.87 -69.76
CA GLY E 1569 5.24 63.88 -70.51
C GLY E 1569 6.65 63.77 -69.98
N ASN E 1570 7.01 64.46 -68.89
CA ASN E 1570 8.34 64.33 -68.25
C ASN E 1570 8.19 63.80 -66.83
N PRO E 1571 7.80 62.53 -66.65
CA PRO E 1571 7.61 61.97 -65.29
C PRO E 1571 8.97 61.76 -64.63
N VAL E 1572 9.03 61.83 -63.31
CA VAL E 1572 10.24 61.40 -62.55
C VAL E 1572 10.29 59.89 -62.69
N ILE E 1573 11.49 59.33 -62.69
CA ILE E 1573 11.70 57.87 -62.77
C ILE E 1573 11.92 57.37 -61.36
N GLY E 1574 11.05 56.48 -60.90
CA GLY E 1574 11.10 55.92 -59.55
C GLY E 1574 12.14 54.83 -59.41
N VAL E 1575 12.96 54.89 -58.37
CA VAL E 1575 13.72 53.69 -57.94
C VAL E 1575 13.18 53.24 -56.58
N PHE E 1576 13.04 51.92 -56.40
CA PHE E 1576 12.46 51.32 -55.18
C PHE E 1576 13.48 50.36 -54.59
N GLN E 1577 14.47 50.89 -53.88
CA GLN E 1577 15.68 50.12 -53.54
C GLN E 1577 15.33 48.96 -52.59
N LYS E 1578 14.25 49.10 -51.82
CA LYS E 1578 13.84 48.11 -50.79
C LYS E 1578 13.40 46.78 -51.44
N PHE E 1579 13.24 46.70 -52.76
CA PHE E 1579 12.87 45.43 -53.44
C PHE E 1579 14.02 44.42 -53.24
N LEU E 1580 15.24 44.97 -53.13
CA LEU E 1580 16.53 44.23 -53.07
C LEU E 1580 16.97 44.09 -51.62
N THR E 1581 16.95 45.19 -50.87
CA THR E 1581 17.54 45.29 -49.51
C THR E 1581 16.52 44.92 -48.43
N GLY E 1582 15.24 45.07 -48.70
CA GLY E 1582 14.23 45.14 -47.64
C GLY E 1582 14.38 46.42 -46.86
N HIS E 1583 13.61 46.60 -45.80
CA HIS E 1583 13.41 47.88 -45.07
C HIS E 1583 14.14 47.82 -43.74
N PRO E 1584 15.25 48.53 -43.57
CA PRO E 1584 16.00 48.52 -42.32
C PRO E 1584 15.62 49.62 -41.33
N LYS E 1585 14.37 50.09 -41.39
CA LYS E 1585 13.85 51.12 -40.45
C LYS E 1585 14.77 52.34 -40.47
N GLY E 1586 15.48 52.66 -39.40
CA GLY E 1586 16.29 53.89 -39.30
C GLY E 1586 17.19 54.11 -40.50
N ALA E 1587 17.91 53.09 -40.92
CA ALA E 1587 18.92 53.15 -41.99
C ALA E 1587 18.28 53.29 -43.38
N ALA E 1588 16.96 53.21 -43.51
CA ALA E 1588 16.27 53.06 -44.81
C ALA E 1588 16.74 54.12 -45.79
N GLY E 1589 16.78 55.36 -45.30
CA GLY E 1589 17.04 56.56 -46.12
C GLY E 1589 18.52 56.75 -46.38
N ALA E 1590 19.38 56.21 -45.52
CA ALA E 1590 20.85 56.33 -45.69
C ALA E 1590 21.25 55.45 -46.86
N TRP E 1591 20.67 54.25 -46.97
CA TRP E 1591 20.90 53.35 -48.13
C TRP E 1591 20.40 54.03 -49.40
N MET E 1592 19.25 54.69 -49.36
CA MET E 1592 18.64 55.35 -50.54
C MET E 1592 19.53 56.49 -51.02
N MET E 1593 20.09 57.23 -50.07
CA MET E 1593 21.04 58.34 -50.31
C MET E 1593 22.28 57.76 -50.98
N ASN E 1594 22.89 56.74 -50.40
CA ASN E 1594 24.07 56.08 -51.01
C ASN E 1594 23.72 55.75 -52.46
N GLY E 1595 22.53 55.22 -52.71
CA GLY E 1595 22.10 54.84 -54.08
C GLY E 1595 21.98 56.06 -54.97
N ALA E 1596 21.35 57.12 -54.47
CA ALA E 1596 21.16 58.37 -55.23
C ALA E 1596 22.52 58.88 -55.70
N LEU E 1597 23.50 58.91 -54.80
CA LEU E 1597 24.87 59.40 -55.10
C LEU E 1597 25.46 58.54 -56.22
N GLN E 1598 25.32 57.22 -56.11
CA GLN E 1598 25.86 56.24 -57.10
C GLN E 1598 25.16 56.43 -58.44
N ILE E 1599 23.86 56.76 -58.42
CA ILE E 1599 23.06 57.02 -59.66
C ILE E 1599 23.62 58.28 -60.33
N LEU E 1600 23.71 59.37 -59.58
CA LEU E 1600 24.23 60.68 -60.08
C LEU E 1600 25.58 60.46 -60.77
N ASN E 1601 26.50 59.79 -60.08
CA ASN E 1601 27.91 59.67 -60.55
C ASN E 1601 27.97 58.67 -61.70
N SER E 1602 27.13 57.64 -61.75
CA SER E 1602 27.18 56.60 -62.80
C SER E 1602 26.28 56.97 -63.99
N GLY E 1603 25.25 57.76 -63.77
CA GLY E 1603 24.19 58.03 -64.76
C GLY E 1603 23.34 56.79 -65.03
N ILE E 1604 23.38 55.81 -64.13
CA ILE E 1604 22.62 54.53 -64.26
C ILE E 1604 21.44 54.57 -63.29
N ILE E 1605 20.23 54.39 -63.80
CA ILE E 1605 19.00 54.33 -62.97
C ILE E 1605 18.61 52.87 -62.87
N PRO E 1606 18.78 52.23 -61.69
CA PRO E 1606 18.43 50.83 -61.56
C PRO E 1606 16.92 50.62 -61.57
N GLY E 1607 16.52 49.48 -62.12
CA GLY E 1607 15.12 49.03 -62.21
C GLY E 1607 14.67 48.27 -60.97
N ASN E 1608 13.45 48.54 -60.51
CA ASN E 1608 12.69 47.70 -59.56
C ASN E 1608 12.41 46.35 -60.22
N ARG E 1609 13.34 45.41 -60.08
CA ARG E 1609 13.26 44.09 -60.74
C ARG E 1609 12.09 43.25 -60.21
N ASN E 1610 11.43 43.64 -59.12
CA ASN E 1610 10.27 42.89 -58.58
C ASN E 1610 8.94 43.56 -58.99
N ALA E 1611 8.99 44.63 -59.79
CA ALA E 1611 7.79 45.30 -60.34
C ALA E 1611 7.16 44.40 -61.41
N ASP E 1612 6.54 43.30 -61.01
CA ASP E 1612 6.02 42.32 -61.98
C ASP E 1612 4.85 42.97 -62.70
N ASN E 1613 4.02 43.67 -61.94
CA ASN E 1613 2.84 44.37 -62.50
C ASN E 1613 2.55 45.62 -61.67
N VAL E 1614 2.53 46.80 -62.32
CA VAL E 1614 2.42 48.08 -61.59
C VAL E 1614 0.94 48.31 -61.26
N ASP E 1615 0.66 48.63 -60.01
CA ASP E 1615 -0.72 48.80 -59.48
C ASP E 1615 -1.46 49.76 -60.41
N LYS E 1616 -2.56 49.29 -61.00
CA LYS E 1616 -3.42 50.10 -61.89
C LYS E 1616 -3.73 51.44 -61.24
N ILE E 1617 -3.91 51.44 -59.93
CA ILE E 1617 -4.25 52.67 -59.16
C ILE E 1617 -3.20 53.75 -59.41
N LEU E 1618 -1.96 53.40 -59.72
CA LEU E 1618 -0.87 54.39 -59.88
C LEU E 1618 -0.85 54.98 -61.29
N GLU E 1619 -1.68 54.51 -62.23
CA GLU E 1619 -1.66 55.08 -63.61
C GLU E 1619 -2.04 56.55 -63.52
N GLN E 1620 -2.89 56.89 -62.55
CA GLN E 1620 -3.40 58.27 -62.32
C GLN E 1620 -2.23 59.22 -62.07
N PHE E 1621 -1.13 58.76 -61.48
CA PHE E 1621 0.03 59.62 -61.16
C PHE E 1621 0.92 59.71 -62.40
N GLU E 1622 0.55 60.63 -63.30
CA GLU E 1622 1.12 60.72 -64.65
C GLU E 1622 2.55 61.28 -64.59
N TYR E 1623 3.00 61.83 -63.46
CA TYR E 1623 4.36 62.41 -63.31
C TYR E 1623 5.31 61.38 -62.67
N VAL E 1624 4.93 60.12 -62.62
CA VAL E 1624 5.78 59.03 -62.06
C VAL E 1624 5.84 57.87 -63.06
N LEU E 1625 7.05 57.37 -63.31
CA LEU E 1625 7.33 56.22 -64.19
C LEU E 1625 7.91 55.13 -63.29
N TYR E 1626 7.42 53.90 -63.42
CA TYR E 1626 7.80 52.76 -62.54
C TYR E 1626 8.56 51.74 -63.39
N PRO E 1627 9.90 51.92 -63.57
CA PRO E 1627 10.66 51.02 -64.43
C PRO E 1627 10.93 49.71 -63.67
N SER E 1628 10.92 48.61 -64.42
CA SER E 1628 11.25 47.23 -63.97
C SER E 1628 12.70 46.88 -64.31
N LYS E 1629 13.39 47.65 -65.16
CA LYS E 1629 14.77 47.33 -65.57
C LYS E 1629 15.65 48.58 -65.64
N THR E 1630 16.96 48.39 -65.43
CA THR E 1630 17.99 49.44 -65.40
C THR E 1630 18.04 50.18 -66.74
N LEU E 1631 18.18 51.50 -66.71
CA LEU E 1631 18.50 52.35 -67.90
C LEU E 1631 19.87 52.97 -67.67
N LYS E 1632 20.82 52.75 -68.60
CA LYS E 1632 22.05 53.57 -68.67
C LYS E 1632 21.65 54.83 -69.43
N THR E 1633 21.47 55.94 -68.70
CA THR E 1633 21.16 57.27 -69.27
C THR E 1633 22.47 57.94 -69.67
N ASP E 1634 22.38 59.09 -70.33
CA ASP E 1634 23.53 59.96 -70.66
C ASP E 1634 23.68 61.02 -69.57
N GLY E 1635 23.08 60.79 -68.40
CA GLY E 1635 23.31 61.64 -67.21
C GLY E 1635 22.04 61.87 -66.42
N VAL E 1636 22.22 62.09 -65.11
CA VAL E 1636 21.17 62.41 -64.11
C VAL E 1636 21.67 63.60 -63.31
N ARG E 1637 20.89 64.68 -63.25
CA ARG E 1637 21.32 65.96 -62.68
C ARG E 1637 20.94 66.06 -61.21
N ALA E 1638 19.80 65.47 -60.83
CA ALA E 1638 19.31 65.58 -59.44
C ALA E 1638 18.42 64.39 -59.08
N VAL E 1639 18.42 64.00 -57.80
CA VAL E 1639 17.62 62.86 -57.28
C VAL E 1639 16.85 63.32 -56.04
N SER E 1640 15.57 62.97 -55.94
CA SER E 1640 14.74 63.12 -54.71
C SER E 1640 14.76 61.80 -53.92
N ILE E 1641 15.15 61.89 -52.66
CA ILE E 1641 15.00 60.85 -51.61
C ILE E 1641 13.84 61.24 -50.71
N THR E 1642 12.82 60.40 -50.61
CA THR E 1642 11.60 60.63 -49.80
C THR E 1642 11.47 59.52 -48.76
N SER E 1643 11.19 59.87 -47.50
CA SER E 1643 11.03 58.90 -46.38
C SER E 1643 9.77 59.22 -45.58
N PHE E 1644 9.08 58.18 -45.10
CA PHE E 1644 7.86 58.28 -44.27
C PHE E 1644 7.98 57.31 -43.10
N GLY E 1645 7.92 57.81 -41.88
CA GLY E 1645 8.09 56.97 -40.68
C GLY E 1645 6.86 57.03 -39.80
N PHE E 1646 6.72 56.05 -38.91
CA PHE E 1646 5.67 56.04 -37.87
C PHE E 1646 5.76 57.37 -37.13
N GLY E 1647 4.62 57.98 -36.80
CA GLY E 1647 4.57 59.18 -35.95
C GLY E 1647 4.76 60.45 -36.75
N GLN E 1648 4.19 60.40 -37.97
CA GLN E 1648 4.16 61.48 -38.98
C GLN E 1648 5.58 62.00 -39.28
N LYS E 1649 6.56 61.12 -39.45
CA LYS E 1649 7.92 61.57 -39.83
C LYS E 1649 8.01 61.58 -41.35
N GLY E 1650 7.65 62.71 -41.97
CA GLY E 1650 7.89 62.94 -43.40
C GLY E 1650 9.29 63.49 -43.63
N GLY E 1651 9.92 63.15 -44.75
CA GLY E 1651 11.28 63.63 -45.10
C GLY E 1651 11.48 63.72 -46.61
N GLN E 1652 12.17 64.75 -47.09
CA GLN E 1652 12.69 64.79 -48.48
C GLN E 1652 14.09 65.37 -48.43
N ALA E 1653 15.03 64.75 -49.13
CA ALA E 1653 16.32 65.37 -49.49
C ALA E 1653 16.40 65.46 -51.01
N ILE E 1654 16.96 66.55 -51.53
CA ILE E 1654 17.34 66.66 -52.96
C ILE E 1654 18.85 66.59 -53.04
N VAL E 1655 19.39 65.71 -53.87
CA VAL E 1655 20.84 65.61 -54.13
C VAL E 1655 21.08 66.03 -55.58
N VAL E 1656 21.96 67.01 -55.78
CA VAL E 1656 22.32 67.54 -57.12
C VAL E 1656 23.71 66.98 -57.50
N HIS E 1657 23.88 66.66 -58.79
CA HIS E 1657 25.13 66.11 -59.37
C HIS E 1657 26.29 67.01 -58.97
N PRO E 1658 27.43 66.45 -58.52
CA PRO E 1658 28.50 67.25 -57.96
C PRO E 1658 29.21 68.15 -58.98
N ASP E 1659 29.18 67.80 -60.26
CA ASP E 1659 29.85 68.61 -61.32
C ASP E 1659 29.24 70.02 -61.38
N TYR E 1660 28.06 70.26 -60.79
CA TYR E 1660 27.46 71.62 -60.78
C TYR E 1660 28.23 72.51 -59.81
N LEU E 1661 29.02 71.93 -58.91
CA LEU E 1661 29.78 72.73 -57.92
C LEU E 1661 30.91 73.47 -58.63
N TYR E 1662 31.62 72.79 -59.53
CA TYR E 1662 32.93 73.25 -60.06
C TYR E 1662 32.70 74.47 -60.97
N GLY E 1663 31.47 74.63 -61.49
CA GLY E 1663 31.06 75.87 -62.16
C GLY E 1663 31.33 77.14 -61.35
N ALA E 1664 31.36 77.03 -60.01
CA ALA E 1664 31.40 78.18 -59.08
C ALA E 1664 32.84 78.67 -58.88
N ILE E 1665 33.84 77.84 -59.14
CA ILE E 1665 35.26 78.18 -58.81
C ILE E 1665 36.05 78.46 -60.09
N THR E 1666 37.26 78.98 -59.93
CA THR E 1666 38.19 79.29 -61.04
C THR E 1666 38.89 78.01 -61.51
N GLU E 1667 39.35 78.02 -62.75
CA GLU E 1667 40.13 76.92 -63.37
C GLU E 1667 41.34 76.60 -62.47
N ASP E 1668 42.09 77.61 -62.07
CA ASP E 1668 43.28 77.44 -61.20
C ASP E 1668 42.86 76.62 -59.97
N ARG E 1669 41.79 77.01 -59.28
CA ARG E 1669 41.40 76.37 -58.00
C ARG E 1669 40.96 74.92 -58.25
N TYR E 1670 40.19 74.70 -59.31
CA TYR E 1670 39.70 73.36 -59.70
C TYR E 1670 40.89 72.44 -59.93
N ASN E 1671 41.86 72.89 -60.73
CA ASN E 1671 43.04 72.08 -61.12
C ASN E 1671 43.82 71.70 -59.86
N GLU E 1672 43.90 72.59 -58.87
CA GLU E 1672 44.64 72.34 -57.61
C GLU E 1672 43.93 71.22 -56.85
N TYR E 1673 42.61 71.31 -56.76
CA TYR E 1673 41.71 70.31 -56.14
C TYR E 1673 41.90 68.96 -56.84
N VAL E 1674 41.85 68.94 -58.17
CA VAL E 1674 41.92 67.68 -58.95
C VAL E 1674 43.23 66.95 -58.60
N ALA E 1675 44.33 67.70 -58.52
CA ALA E 1675 45.67 67.19 -58.17
C ALA E 1675 45.60 66.57 -56.78
N LYS E 1676 45.00 67.28 -55.85
CA LYS E 1676 45.03 66.91 -54.41
C LYS E 1676 44.18 65.65 -54.21
N VAL E 1677 42.98 65.60 -54.80
CA VAL E 1677 42.07 64.41 -54.76
C VAL E 1677 42.82 63.21 -55.34
N SER E 1678 43.41 63.39 -56.51
CA SER E 1678 44.09 62.30 -57.23
C SER E 1678 45.13 61.63 -56.33
N ALA E 1679 45.87 62.43 -55.54
CA ALA E 1679 46.91 61.97 -54.59
C ALA E 1679 46.26 61.22 -53.43
N ARG E 1680 45.21 61.81 -52.85
CA ARG E 1680 44.48 61.25 -51.70
C ARG E 1680 43.89 59.89 -52.08
N GLU E 1681 43.42 59.79 -53.33
CA GLU E 1681 42.72 58.59 -53.84
C GLU E 1681 43.74 57.45 -53.91
N LYS E 1682 44.94 57.73 -54.41
CA LYS E 1682 46.01 56.72 -54.55
C LYS E 1682 46.35 56.19 -53.17
N SER E 1683 46.34 57.06 -52.16
CA SER E 1683 46.70 56.73 -50.75
C SER E 1683 45.57 55.94 -50.09
N ALA E 1684 44.33 56.24 -50.44
CA ALA E 1684 43.14 55.56 -49.93
C ALA E 1684 43.14 54.14 -50.46
N TYR E 1685 43.41 53.95 -51.76
CA TYR E 1685 43.52 52.60 -52.36
C TYR E 1685 44.59 51.82 -51.62
N LYS E 1686 45.72 52.46 -51.30
CA LYS E 1686 46.84 51.82 -50.56
C LYS E 1686 46.31 51.33 -49.22
N PHE E 1687 45.61 52.18 -48.50
CA PHE E 1687 45.11 51.91 -47.12
C PHE E 1687 44.09 50.78 -47.13
N PHE E 1688 43.17 50.84 -48.10
CA PHE E 1688 41.97 49.96 -48.20
C PHE E 1688 42.43 48.52 -48.40
N HIS E 1689 43.20 48.27 -49.44
CA HIS E 1689 43.70 46.92 -49.78
C HIS E 1689 44.52 46.36 -48.62
N ASN E 1690 45.30 47.19 -47.94
CA ASN E 1690 46.10 46.70 -46.81
C ASN E 1690 45.14 46.34 -45.68
N GLY E 1691 44.21 47.24 -45.37
CA GLY E 1691 43.21 47.03 -44.30
C GLY E 1691 42.32 45.83 -44.56
N MET E 1692 41.99 45.57 -45.83
CA MET E 1692 41.13 44.42 -46.19
C MET E 1692 41.91 43.13 -45.91
N ILE E 1693 43.04 42.93 -46.58
CA ILE E 1693 43.71 41.60 -46.53
C ILE E 1693 44.22 41.30 -45.12
N TYR E 1694 44.56 42.30 -44.31
CA TYR E 1694 45.15 42.11 -42.94
C TYR E 1694 44.12 42.42 -41.84
N ASN E 1695 42.85 42.55 -42.21
CA ASN E 1695 41.72 42.74 -41.25
C ASN E 1695 42.02 43.92 -40.33
N LYS E 1696 42.11 45.12 -40.89
CA LYS E 1696 42.53 46.34 -40.16
C LYS E 1696 41.92 47.62 -40.72
N LEU E 1697 40.83 47.56 -41.48
CA LEU E 1697 40.20 48.82 -41.96
C LEU E 1697 39.86 49.66 -40.74
N PHE E 1698 39.39 49.00 -39.68
CA PHE E 1698 39.13 49.64 -38.37
C PHE E 1698 40.36 49.45 -37.48
N VAL E 1699 40.89 50.58 -36.99
CA VAL E 1699 41.90 50.57 -35.91
C VAL E 1699 41.45 51.60 -34.86
N SER E 1700 41.18 51.16 -33.64
CA SER E 1700 40.69 52.07 -32.60
C SER E 1700 41.85 52.97 -32.17
N LYS E 1701 41.55 54.21 -31.80
CA LYS E 1701 42.51 55.18 -31.25
C LYS E 1701 42.72 54.89 -29.78
N GLU E 1702 43.96 54.85 -29.34
CA GLU E 1702 44.31 54.68 -27.90
C GLU E 1702 44.23 56.02 -27.20
N HIS E 1703 44.49 57.11 -27.92
CA HIS E 1703 44.75 58.44 -27.33
C HIS E 1703 43.99 59.52 -28.12
N ALA E 1704 43.52 60.55 -27.44
CA ALA E 1704 43.04 61.78 -28.10
C ALA E 1704 44.22 62.43 -28.80
N PRO E 1705 44.01 63.32 -29.78
CA PRO E 1705 45.12 64.05 -30.38
C PRO E 1705 45.78 65.03 -29.43
N TYR E 1706 45.19 65.31 -28.26
CA TYR E 1706 45.75 66.16 -27.18
C TYR E 1706 46.13 65.25 -26.02
N THR E 1707 47.20 65.59 -25.31
CA THR E 1707 47.48 65.03 -23.98
C THR E 1707 46.46 65.62 -23.01
N ASP E 1708 46.29 65.04 -21.83
CA ASP E 1708 45.37 65.56 -20.79
C ASP E 1708 45.84 66.95 -20.39
N GLU E 1709 47.14 67.20 -20.35
CA GLU E 1709 47.71 68.51 -19.93
C GLU E 1709 47.23 69.62 -20.88
N LEU E 1710 47.06 69.34 -22.18
CA LEU E 1710 46.73 70.36 -23.22
C LEU E 1710 45.24 70.38 -23.55
N GLU E 1711 44.47 69.42 -23.04
CA GLU E 1711 43.04 69.22 -23.38
C GLU E 1711 42.28 70.55 -23.36
N GLU E 1712 42.28 71.26 -22.24
CA GLU E 1712 41.50 72.51 -22.07
C GLU E 1712 42.06 73.57 -23.04
N ASP E 1713 43.38 73.68 -23.16
CA ASP E 1713 44.05 74.68 -24.03
C ASP E 1713 43.56 74.50 -25.47
N VAL E 1714 43.46 73.27 -25.93
CA VAL E 1714 42.99 72.96 -27.31
C VAL E 1714 41.51 73.35 -27.40
N TYR E 1715 40.73 72.99 -26.40
CA TYR E 1715 39.27 73.26 -26.41
C TYR E 1715 39.04 74.76 -26.51
N LEU E 1716 39.94 75.57 -25.96
CA LEU E 1716 39.70 77.03 -25.78
C LEU E 1716 40.40 77.88 -26.84
N ASP E 1717 41.19 77.30 -27.75
CA ASP E 1717 41.78 78.05 -28.89
C ASP E 1717 41.12 77.59 -30.19
N PRO E 1718 40.26 78.40 -30.83
CA PRO E 1718 39.55 77.94 -32.01
C PRO E 1718 40.48 77.71 -33.20
N LEU E 1719 41.68 78.27 -33.17
CA LEU E 1719 42.65 78.16 -34.30
C LEU E 1719 43.63 77.03 -34.05
N ALA E 1720 43.49 76.29 -32.96
CA ALA E 1720 44.40 75.18 -32.62
C ALA E 1720 44.20 74.07 -33.64
N ARG E 1721 45.25 73.71 -34.35
CA ARG E 1721 45.21 72.58 -35.31
C ARG E 1721 46.32 71.59 -34.96
N VAL E 1722 46.26 70.45 -35.61
CA VAL E 1722 47.11 69.30 -35.26
C VAL E 1722 48.24 69.24 -36.29
N SER E 1723 49.41 68.76 -35.90
CA SER E 1723 50.61 68.67 -36.77
C SER E 1723 51.20 67.27 -36.64
N LYS E 1724 52.01 66.84 -37.61
CA LYS E 1724 52.67 65.53 -37.56
C LYS E 1724 53.78 65.54 -36.51
N ASP E 1725 53.61 64.82 -35.40
CA ASP E 1725 54.66 64.67 -34.36
C ASP E 1725 55.86 64.00 -35.02
N LYS E 1726 57.03 64.66 -35.02
CA LYS E 1726 58.25 64.13 -35.69
C LYS E 1726 58.57 62.76 -35.08
N LYS E 1727 58.59 62.66 -33.75
CA LYS E 1727 58.95 61.45 -32.98
C LYS E 1727 58.00 60.27 -33.33
N SER E 1728 56.70 60.44 -33.14
CA SER E 1728 55.68 59.35 -33.17
C SER E 1728 55.13 59.13 -34.57
N GLY E 1729 55.12 60.16 -35.41
CA GLY E 1729 54.57 60.06 -36.78
C GLY E 1729 53.06 60.29 -36.81
N SER E 1730 52.39 60.28 -35.67
CA SER E 1730 50.91 60.49 -35.61
C SER E 1730 50.60 61.98 -35.46
N LEU E 1731 49.36 62.37 -35.79
CA LEU E 1731 48.85 63.76 -35.72
C LEU E 1731 48.51 64.08 -34.27
N THR E 1732 49.17 65.07 -33.68
CA THR E 1732 48.95 65.51 -32.28
C THR E 1732 49.00 67.04 -32.18
N PHE E 1733 48.44 67.59 -31.10
CA PHE E 1733 48.48 69.04 -30.81
C PHE E 1733 49.78 69.34 -30.09
N ASN E 1734 50.60 70.24 -30.64
CA ASN E 1734 51.81 70.78 -29.99
C ASN E 1734 51.49 72.11 -29.29
N SER E 1735 51.88 72.32 -28.04
CA SER E 1735 51.72 73.62 -27.34
C SER E 1735 52.25 74.80 -28.19
N LYS E 1736 53.23 74.57 -29.05
CA LYS E 1736 53.78 75.58 -30.02
C LYS E 1736 52.66 76.17 -30.88
N ASN E 1737 51.63 75.40 -31.22
CA ASN E 1737 50.56 75.82 -32.19
C ASN E 1737 49.25 76.14 -31.46
N ILE E 1738 49.31 76.36 -30.15
CA ILE E 1738 48.10 76.66 -29.34
C ILE E 1738 48.24 78.07 -28.80
N GLN E 1739 47.27 78.92 -29.08
CA GLN E 1739 47.30 80.37 -28.76
C GLN E 1739 48.59 80.93 -29.35
N SER E 1740 48.79 80.76 -30.66
CA SER E 1740 50.03 81.02 -31.41
C SER E 1740 49.83 82.22 -32.33
N LYS E 1741 50.66 83.27 -32.24
CA LYS E 1741 50.51 84.48 -33.10
C LYS E 1741 50.41 84.05 -34.56
N ASP E 1742 51.09 82.97 -34.95
CA ASP E 1742 51.17 82.52 -36.37
C ASP E 1742 49.77 82.11 -36.89
N SER E 1743 48.88 81.61 -36.02
CA SER E 1743 47.54 81.14 -36.46
C SER E 1743 46.66 82.34 -36.84
N TYR E 1744 46.86 83.49 -36.20
CA TYR E 1744 46.01 84.69 -36.42
C TYR E 1744 46.68 85.61 -37.46
N ILE E 1745 47.92 86.01 -37.18
CA ILE E 1745 48.75 86.94 -38.01
C ILE E 1745 49.43 86.13 -39.12
N ASN E 1746 48.78 86.02 -40.28
CA ASN E 1746 49.27 85.28 -41.48
C ASN E 1746 50.03 86.25 -42.39
N ALA E 1747 50.53 85.74 -43.53
CA ALA E 1747 51.40 86.46 -44.48
C ALA E 1747 50.71 87.73 -44.99
N ASN E 1748 49.50 87.61 -45.55
CA ASN E 1748 48.75 88.76 -46.13
C ASN E 1748 48.72 89.88 -45.09
N THR E 1749 48.39 89.59 -43.82
CA THR E 1749 48.18 90.65 -42.80
C THR E 1749 49.53 91.24 -42.38
N ILE E 1750 50.64 90.52 -42.52
CA ILE E 1750 52.00 91.07 -42.26
C ILE E 1750 52.34 92.08 -43.36
N GLU E 1751 52.15 91.69 -44.62
CA GLU E 1751 52.61 92.50 -45.77
C GLU E 1751 51.62 93.67 -45.98
N THR E 1752 50.32 93.46 -45.79
CA THR E 1752 49.29 94.53 -45.88
C THR E 1752 49.49 95.53 -44.73
N ALA E 1753 49.84 95.07 -43.53
CA ALA E 1753 50.08 95.95 -42.36
C ALA E 1753 51.29 96.82 -42.63
N LYS E 1754 52.39 96.22 -43.12
CA LYS E 1754 53.64 96.93 -43.49
C LYS E 1754 53.28 98.08 -44.44
N MET E 1755 52.50 97.79 -45.49
CA MET E 1755 52.15 98.76 -46.56
C MET E 1755 51.50 99.99 -45.95
N ILE E 1756 50.56 99.82 -45.00
CA ILE E 1756 49.83 100.96 -44.41
C ILE E 1756 50.74 101.64 -43.35
N GLU E 1757 51.73 100.93 -42.79
CA GLU E 1757 52.77 101.52 -41.90
C GLU E 1757 53.63 102.48 -42.72
N ASN E 1758 53.92 102.13 -43.97
CA ASN E 1758 54.88 102.84 -44.85
C ASN E 1758 54.30 104.18 -45.28
N MET E 1759 52.96 104.34 -45.21
CA MET E 1759 52.30 105.60 -45.61
C MET E 1759 51.80 106.38 -44.38
N THR E 1760 52.36 106.12 -43.18
CA THR E 1760 51.99 106.81 -41.92
C THR E 1760 52.73 108.15 -41.77
N LYS E 1761 52.52 109.11 -42.70
CA LYS E 1761 52.93 110.54 -42.62
C LYS E 1761 54.47 110.73 -42.53
N GLU E 1762 55.19 109.89 -41.77
CA GLU E 1762 56.66 109.92 -41.53
C GLU E 1762 57.43 109.75 -42.85
N LYS E 1763 57.14 108.68 -43.63
CA LYS E 1763 57.84 108.36 -44.92
C LYS E 1763 57.30 109.31 -46.00
N VAL E 1764 55.99 109.27 -46.20
CA VAL E 1764 55.24 109.99 -47.28
C VAL E 1764 55.24 111.51 -47.02
N SER E 1765 56.43 112.10 -46.84
CA SER E 1765 56.67 113.52 -46.52
C SER E 1765 55.75 114.43 -47.36
N ASN E 1766 56.14 114.75 -48.61
CA ASN E 1766 55.34 115.60 -49.55
C ASN E 1766 55.11 114.82 -50.86
N GLY E 1767 54.70 113.54 -50.75
CA GLY E 1767 54.24 112.71 -51.88
C GLY E 1767 52.72 112.67 -51.96
N GLY E 1768 52.16 112.28 -53.11
CA GLY E 1768 50.72 112.09 -53.35
C GLY E 1768 50.35 110.61 -53.37
N VAL E 1769 49.52 110.19 -52.42
CA VAL E 1769 49.20 108.75 -52.12
C VAL E 1769 47.94 108.35 -52.89
N GLY E 1770 47.91 107.10 -53.35
CA GLY E 1770 46.73 106.42 -53.92
C GLY E 1770 46.62 105.03 -53.32
N VAL E 1771 45.53 104.75 -52.60
CA VAL E 1771 45.20 103.40 -52.06
C VAL E 1771 44.10 102.80 -52.93
N ASP E 1772 44.16 101.50 -53.20
CA ASP E 1772 43.07 100.80 -53.94
C ASP E 1772 43.04 99.34 -53.49
N VAL E 1773 41.85 98.80 -53.24
CA VAL E 1773 41.65 97.35 -53.01
C VAL E 1773 40.67 96.86 -54.07
N GLU E 1774 40.81 95.59 -54.46
CA GLU E 1774 39.92 94.87 -55.39
C GLU E 1774 39.67 93.50 -54.79
N LEU E 1775 38.44 93.03 -54.86
CA LEU E 1775 38.10 91.62 -54.54
C LEU E 1775 38.57 90.74 -55.70
N ILE E 1776 39.25 89.64 -55.40
CA ILE E 1776 39.74 88.65 -56.40
C ILE E 1776 38.55 88.25 -57.28
N THR E 1777 37.33 88.12 -56.72
CA THR E 1777 36.13 87.58 -57.42
C THR E 1777 35.73 88.42 -58.63
N SER E 1778 35.96 89.74 -58.60
CA SER E 1778 35.56 90.66 -59.69
C SER E 1778 36.48 90.52 -60.90
N ILE E 1779 37.68 89.93 -60.77
CA ILE E 1779 38.58 89.66 -61.93
C ILE E 1779 38.18 88.34 -62.57
N ASN E 1780 37.52 88.38 -63.71
CA ASN E 1780 37.25 87.20 -64.57
C ASN E 1780 38.38 87.06 -65.59
N VAL E 1781 39.37 86.23 -65.29
CA VAL E 1781 40.53 85.89 -66.18
C VAL E 1781 40.02 85.59 -67.60
N GLU E 1782 38.92 84.84 -67.76
CA GLU E 1782 38.40 84.34 -69.06
C GLU E 1782 37.89 85.49 -69.96
N ASN E 1783 37.71 86.71 -69.42
CA ASN E 1783 37.18 87.90 -70.16
C ASN E 1783 38.36 88.61 -70.88
N ASP E 1784 38.51 88.32 -72.18
CA ASP E 1784 39.64 88.73 -73.06
C ASP E 1784 39.58 90.26 -73.28
N THR E 1785 38.38 90.85 -73.36
CA THR E 1785 38.15 92.31 -73.52
C THR E 1785 38.92 93.07 -72.44
N PHE E 1786 38.56 92.89 -71.18
CA PHE E 1786 39.13 93.61 -70.01
C PHE E 1786 40.66 93.39 -69.98
N ILE E 1787 41.12 92.16 -70.22
CA ILE E 1787 42.56 91.75 -70.10
C ILE E 1787 43.37 92.42 -71.23
N GLU E 1788 42.96 92.25 -72.50
CA GLU E 1788 43.65 92.81 -73.69
C GLU E 1788 43.66 94.34 -73.63
N ARG E 1789 42.55 94.96 -73.20
CA ARG E 1789 42.33 96.44 -73.21
C ARG E 1789 43.15 97.13 -72.10
N ASN E 1790 43.48 96.46 -71.01
CA ASN E 1790 44.00 97.12 -69.78
C ASN E 1790 45.39 96.64 -69.38
N PHE E 1791 45.93 95.57 -69.99
CA PHE E 1791 47.22 94.94 -69.56
C PHE E 1791 48.16 94.76 -70.74
N THR E 1792 49.47 94.90 -70.49
CA THR E 1792 50.56 94.79 -71.50
C THR E 1792 50.95 93.33 -71.64
N PRO E 1793 51.50 92.90 -72.79
CA PRO E 1793 52.02 91.54 -72.94
C PRO E 1793 52.90 91.05 -71.78
N GLN E 1794 53.78 91.92 -71.27
CA GLN E 1794 54.78 91.60 -70.21
C GLN E 1794 54.06 91.39 -68.86
N GLU E 1795 53.00 92.16 -68.58
CA GLU E 1795 52.15 92.03 -67.37
C GLU E 1795 51.37 90.71 -67.44
N ILE E 1796 50.61 90.54 -68.52
CA ILE E 1796 49.80 89.32 -68.84
C ILE E 1796 50.68 88.06 -68.65
N GLU E 1797 51.91 88.05 -69.18
CA GLU E 1797 52.82 86.88 -69.08
C GLU E 1797 53.13 86.60 -67.60
N TYR E 1798 53.38 87.64 -66.80
CA TYR E 1798 53.74 87.50 -65.36
C TYR E 1798 52.57 86.84 -64.60
N CYS E 1799 51.39 87.47 -64.65
CA CYS E 1799 50.16 87.03 -63.96
C CYS E 1799 49.77 85.62 -64.45
N SER E 1800 49.80 85.35 -65.76
CA SER E 1800 49.44 84.05 -66.38
C SER E 1800 50.25 82.88 -65.79
N ALA E 1801 51.46 83.16 -65.27
CA ALA E 1801 52.43 82.13 -64.83
C ALA E 1801 52.44 81.98 -63.31
N GLN E 1802 51.62 82.73 -62.58
CA GLN E 1802 51.53 82.67 -61.09
C GLN E 1802 50.67 81.49 -60.67
N PRO E 1803 50.80 80.99 -59.42
CA PRO E 1803 49.97 79.90 -58.89
C PRO E 1803 48.47 80.26 -58.90
N SER E 1804 48.12 81.47 -58.46
CA SER E 1804 46.75 82.05 -58.60
C SER E 1804 46.80 83.18 -59.63
N VAL E 1805 46.42 82.88 -60.88
CA VAL E 1805 46.34 83.84 -62.01
C VAL E 1805 45.34 84.93 -61.60
N GLN E 1806 44.17 84.54 -61.06
CA GLN E 1806 43.07 85.48 -60.70
C GLN E 1806 43.56 86.44 -59.61
N SER E 1807 44.27 85.94 -58.59
CA SER E 1807 44.79 86.79 -57.49
C SER E 1807 45.85 87.76 -58.02
N SER E 1808 46.74 87.31 -58.92
CA SER E 1808 47.89 88.10 -59.44
C SER E 1808 47.39 89.21 -60.38
N PHE E 1809 46.37 88.94 -61.21
CA PHE E 1809 45.74 89.97 -62.08
C PHE E 1809 45.05 91.02 -61.21
N ALA E 1810 44.34 90.59 -60.16
CA ALA E 1810 43.72 91.50 -59.17
C ALA E 1810 44.81 92.33 -58.48
N GLY E 1811 45.98 91.75 -58.24
CA GLY E 1811 47.13 92.44 -57.65
C GLY E 1811 47.59 93.59 -58.53
N THR E 1812 47.89 93.29 -59.79
CA THR E 1812 48.36 94.26 -60.82
C THR E 1812 47.28 95.33 -61.00
N TRP E 1813 46.05 94.93 -61.31
CA TRP E 1813 44.87 95.80 -61.54
C TRP E 1813 44.66 96.74 -60.35
N SER E 1814 45.04 96.36 -59.14
CA SER E 1814 44.95 97.23 -57.94
C SER E 1814 46.07 98.28 -57.98
N ALA E 1815 47.30 97.87 -58.32
CA ALA E 1815 48.47 98.77 -58.42
C ALA E 1815 48.19 99.86 -59.48
N LYS E 1816 47.58 99.49 -60.59
CA LYS E 1816 47.21 100.42 -61.69
C LYS E 1816 46.26 101.48 -61.13
N GLU E 1817 45.11 101.09 -60.59
CA GLU E 1817 44.09 102.01 -60.03
C GLU E 1817 44.72 102.87 -58.91
N ALA E 1818 45.69 102.31 -58.18
CA ALA E 1818 46.36 102.97 -57.04
C ALA E 1818 47.30 104.06 -57.56
N VAL E 1819 48.05 103.77 -58.64
CA VAL E 1819 48.92 104.76 -59.34
C VAL E 1819 48.05 105.90 -59.88
N PHE E 1820 47.14 105.61 -60.82
CA PHE E 1820 46.14 106.57 -61.37
C PHE E 1820 45.64 107.52 -60.29
N LYS E 1821 45.31 106.99 -59.11
CA LYS E 1821 44.77 107.76 -57.95
C LYS E 1821 45.85 108.69 -57.39
N SER E 1822 47.11 108.23 -57.35
CA SER E 1822 48.29 108.95 -56.79
C SER E 1822 48.67 110.16 -57.67
N LEU E 1823 48.51 110.05 -59.01
CA LEU E 1823 48.76 111.15 -59.99
C LEU E 1823 47.65 112.20 -59.89
N GLY E 1824 46.51 111.85 -59.28
CA GLY E 1824 45.33 112.69 -59.07
C GLY E 1824 44.82 113.42 -60.32
N VAL E 1825 45.20 112.99 -61.52
CA VAL E 1825 44.70 113.59 -62.80
C VAL E 1825 43.34 112.95 -63.12
N LYS E 1826 42.36 113.77 -63.51
CA LYS E 1826 40.94 113.44 -63.80
C LYS E 1826 40.84 112.39 -64.92
N SER E 1827 41.53 112.59 -66.06
CA SER E 1827 41.41 111.80 -67.32
C SER E 1827 42.79 111.23 -67.73
N LEU E 1828 42.81 110.11 -68.48
CA LEU E 1828 43.99 109.65 -69.30
C LEU E 1828 43.55 109.59 -70.77
N GLY E 1829 42.31 110.01 -71.07
CA GLY E 1829 41.66 109.84 -72.39
C GLY E 1829 40.31 109.14 -72.28
N GLY E 1830 40.25 107.83 -72.00
CA GLY E 1830 39.09 106.95 -72.30
C GLY E 1830 38.14 106.78 -71.12
N GLY E 1831 38.06 105.55 -70.60
CA GLY E 1831 37.10 105.13 -69.55
C GLY E 1831 37.80 104.46 -68.37
N ALA E 1832 38.44 103.30 -68.61
CA ALA E 1832 39.54 102.73 -67.79
C ALA E 1832 40.85 103.12 -68.49
N ALA E 1833 41.28 102.38 -69.55
CA ALA E 1833 42.48 102.67 -70.39
C ALA E 1833 43.72 102.85 -69.49
N LEU E 1834 43.94 101.84 -68.65
CA LEU E 1834 45.04 101.81 -67.65
C LEU E 1834 46.24 101.02 -68.19
N LYS E 1835 46.20 100.63 -69.47
CA LYS E 1835 47.34 99.95 -70.14
C LYS E 1835 48.58 100.85 -70.13
N ASP E 1836 48.36 102.16 -70.20
CA ASP E 1836 49.41 103.22 -70.13
C ASP E 1836 50.21 103.09 -68.83
N ILE E 1837 49.56 102.69 -67.72
CA ILE E 1837 50.22 102.46 -66.39
C ILE E 1837 50.67 101.00 -66.32
N GLU E 1838 51.95 100.72 -66.55
CA GLU E 1838 52.52 99.35 -66.56
C GLU E 1838 53.22 99.07 -65.23
N ILE E 1839 52.89 97.94 -64.62
CA ILE E 1839 53.55 97.39 -63.40
C ILE E 1839 54.53 96.30 -63.86
N VAL E 1840 55.82 96.47 -63.54
CA VAL E 1840 56.90 95.50 -63.87
C VAL E 1840 57.23 94.70 -62.60
N ARG E 1841 56.70 93.48 -62.50
CA ARG E 1841 56.91 92.56 -61.36
C ARG E 1841 57.99 91.56 -61.71
N VAL E 1842 59.23 91.89 -61.33
CA VAL E 1842 60.31 90.88 -61.09
C VAL E 1842 59.92 90.18 -59.77
N ASN E 1843 59.58 88.88 -59.80
CA ASN E 1843 59.31 88.05 -58.57
C ASN E 1843 60.44 88.29 -57.55
N LYS E 1844 60.11 88.69 -56.31
CA LYS E 1844 61.05 88.94 -55.17
C LYS E 1844 61.66 90.35 -55.29
N ASN E 1845 61.31 91.15 -56.31
CA ASN E 1845 61.53 92.62 -56.33
C ASN E 1845 60.18 93.32 -56.11
N ALA E 1846 60.10 94.27 -55.17
CA ALA E 1846 59.02 95.28 -55.08
C ALA E 1846 58.69 95.70 -56.51
N PRO E 1847 57.42 95.68 -56.94
CA PRO E 1847 57.09 96.02 -58.33
C PRO E 1847 57.55 97.44 -58.69
N ALA E 1848 57.80 97.72 -59.97
CA ALA E 1848 58.20 99.04 -60.49
C ALA E 1848 57.09 99.55 -61.42
N VAL E 1849 56.83 100.87 -61.38
CA VAL E 1849 55.85 101.55 -62.26
C VAL E 1849 56.59 102.05 -63.49
N GLU E 1850 55.91 102.11 -64.63
CA GLU E 1850 56.49 102.46 -65.96
C GLU E 1850 55.38 103.05 -66.83
N LEU E 1851 55.00 104.29 -66.56
CA LEU E 1851 53.97 105.06 -67.31
C LEU E 1851 54.42 105.31 -68.76
N HIS E 1852 53.45 105.26 -69.69
CA HIS E 1852 53.60 105.42 -71.17
C HIS E 1852 52.58 106.45 -71.67
N GLY E 1853 52.53 106.69 -72.99
CA GLY E 1853 51.51 107.49 -73.70
C GLY E 1853 50.94 108.62 -72.85
N ASN E 1854 49.60 108.66 -72.75
CA ASN E 1854 48.80 109.77 -72.15
C ASN E 1854 49.01 109.90 -70.64
N ALA E 1855 49.23 108.78 -69.94
CA ALA E 1855 49.49 108.73 -68.47
C ALA E 1855 50.81 109.44 -68.14
N LYS E 1856 51.80 109.38 -69.05
CA LYS E 1856 53.14 110.00 -68.85
C LYS E 1856 53.09 111.49 -69.19
N LYS E 1857 52.19 111.92 -70.09
CA LYS E 1857 51.92 113.36 -70.38
C LYS E 1857 51.45 114.02 -69.07
N ALA E 1858 50.34 113.53 -68.50
CA ALA E 1858 49.76 113.97 -67.20
C ALA E 1858 50.85 114.05 -66.13
N ALA E 1859 51.75 113.07 -66.10
CA ALA E 1859 52.85 112.91 -65.11
C ALA E 1859 53.83 114.09 -65.19
N GLU E 1860 54.48 114.29 -66.35
CA GLU E 1860 55.50 115.37 -66.56
C GLU E 1860 54.88 116.75 -66.28
N GLU E 1861 53.58 116.93 -66.55
CA GLU E 1861 52.84 118.22 -66.50
C GLU E 1861 52.26 118.52 -65.11
N ALA E 1862 52.17 117.52 -64.22
CA ALA E 1862 52.03 117.71 -62.75
C ALA E 1862 53.39 117.43 -62.09
N GLY E 1863 54.46 117.40 -62.92
CA GLY E 1863 55.89 117.30 -62.56
C GLY E 1863 56.19 116.24 -61.50
N VAL E 1864 56.26 114.97 -61.91
CA VAL E 1864 56.55 113.80 -61.02
C VAL E 1864 57.88 113.15 -61.44
N THR E 1865 58.94 113.34 -60.63
CA THR E 1865 60.27 112.69 -60.75
C THR E 1865 60.13 111.15 -60.72
N ASP E 1866 59.24 110.58 -59.88
CA ASP E 1866 59.19 109.11 -59.59
C ASP E 1866 57.80 108.69 -59.07
N VAL E 1867 57.50 107.37 -59.10
CA VAL E 1867 56.20 106.73 -58.65
C VAL E 1867 56.48 105.30 -58.11
N LYS E 1868 56.41 105.08 -56.80
CA LYS E 1868 56.53 103.73 -56.15
C LYS E 1868 55.13 103.11 -55.98
N VAL E 1869 55.04 101.79 -55.80
CA VAL E 1869 53.78 101.04 -55.50
C VAL E 1869 54.14 99.77 -54.72
N SER E 1870 53.38 99.46 -53.67
CA SER E 1870 53.40 98.16 -52.94
C SER E 1870 52.12 97.39 -53.28
N ILE E 1871 52.18 96.06 -53.28
CA ILE E 1871 50.99 95.19 -53.53
C ILE E 1871 51.00 94.05 -52.51
N SER E 1872 49.82 93.66 -52.04
CA SER E 1872 49.54 92.37 -51.37
C SER E 1872 48.23 91.79 -51.92
N HIS E 1873 48.27 90.54 -52.36
CA HIS E 1873 47.09 89.81 -52.89
C HIS E 1873 47.08 88.41 -52.32
N ASP E 1874 45.91 87.94 -51.90
CA ASP E 1874 45.66 86.53 -51.46
C ASP E 1874 44.43 86.02 -52.22
N ASP E 1875 43.63 85.15 -51.60
CA ASP E 1875 42.48 84.48 -52.26
C ASP E 1875 41.21 85.32 -52.09
N LEU E 1876 41.25 86.41 -51.31
CA LEU E 1876 40.08 87.30 -51.06
C LEU E 1876 40.28 88.63 -51.79
N GLN E 1877 41.32 89.37 -51.42
CA GLN E 1877 41.49 90.82 -51.71
C GLN E 1877 42.95 91.10 -52.14
N ALA E 1878 43.09 91.90 -53.21
CA ALA E 1878 44.33 92.61 -53.58
C ALA E 1878 44.23 94.04 -53.08
N VAL E 1879 45.28 94.55 -52.42
CA VAL E 1879 45.37 95.97 -51.97
C VAL E 1879 46.73 96.52 -52.42
N ALA E 1880 46.75 97.74 -52.96
CA ALA E 1880 47.96 98.45 -53.45
C ALA E 1880 48.00 99.88 -52.88
N VAL E 1881 49.21 100.33 -52.53
CA VAL E 1881 49.53 101.72 -52.11
C VAL E 1881 50.59 102.27 -53.08
N ALA E 1882 50.27 103.34 -53.82
CA ALA E 1882 51.19 104.08 -54.70
C ALA E 1882 51.48 105.47 -54.10
N VAL E 1883 52.76 105.84 -53.93
CA VAL E 1883 53.22 107.24 -53.68
C VAL E 1883 53.86 107.75 -54.98
N SER E 1884 53.45 108.92 -55.47
CA SER E 1884 54.14 109.67 -56.54
C SER E 1884 54.70 110.95 -55.93
N THR E 1885 56.01 111.21 -56.09
CA THR E 1885 56.70 112.41 -55.53
C THR E 1885 56.99 113.41 -56.66
N LYS E 1886 57.03 114.72 -56.32
CA LYS E 1886 57.23 115.89 -57.22
C LYS E 1886 55.94 116.06 -58.03
N MET F 1 103.18 67.83 34.54
CA MET F 1 101.72 68.15 34.52
C MET F 1 100.97 67.17 35.41
N LYS F 2 100.17 67.66 36.36
CA LYS F 2 99.36 66.82 37.29
C LYS F 2 98.20 66.20 36.50
N PRO F 3 97.61 65.06 36.94
CA PRO F 3 96.41 64.52 36.31
C PRO F 3 95.27 65.55 36.22
N GLU F 4 94.95 66.20 37.36
CA GLU F 4 93.86 67.21 37.49
C GLU F 4 93.97 68.26 36.38
N VAL F 5 95.19 68.77 36.14
CA VAL F 5 95.46 69.85 35.14
C VAL F 5 95.30 69.27 33.74
N GLU F 6 95.85 68.07 33.50
CA GLU F 6 95.74 67.37 32.19
C GLU F 6 94.26 67.28 31.81
N GLN F 7 93.41 66.87 32.77
CA GLN F 7 91.93 66.80 32.62
C GLN F 7 91.39 68.20 32.29
N GLU F 8 91.63 69.16 33.19
CA GLU F 8 91.13 70.57 33.05
C GLU F 8 91.41 71.06 31.63
N LEU F 9 92.59 70.74 31.09
CA LEU F 9 93.04 71.19 29.74
C LEU F 9 92.34 70.35 28.66
N ALA F 10 92.35 69.03 28.81
CA ALA F 10 91.67 68.07 27.90
C ALA F 10 90.22 68.51 27.72
N HIS F 11 89.55 68.92 28.81
CA HIS F 11 88.17 69.47 28.82
C HIS F 11 88.08 70.67 27.86
N ILE F 12 88.86 71.73 28.14
CA ILE F 12 88.84 73.00 27.34
C ILE F 12 89.09 72.62 25.88
N LEU F 13 90.04 71.73 25.64
CA LEU F 13 90.42 71.26 24.28
C LEU F 13 89.19 70.67 23.60
N LEU F 14 88.64 69.58 24.16
CA LEU F 14 87.43 68.85 23.66
C LEU F 14 86.32 69.86 23.33
N THR F 15 85.97 70.67 24.33
CA THR F 15 84.98 71.77 24.25
C THR F 15 85.18 72.56 22.95
N GLU F 16 86.39 73.05 22.70
CA GLU F 16 86.70 73.95 21.55
C GLU F 16 86.65 73.17 20.24
N LEU F 17 87.19 71.95 20.23
CA LEU F 17 87.20 71.08 19.02
C LEU F 17 85.77 70.88 18.51
N LEU F 18 84.79 70.78 19.41
CA LEU F 18 83.36 70.51 19.08
C LEU F 18 82.66 71.82 18.71
N ALA F 19 83.00 72.88 19.45
CA ALA F 19 82.44 74.24 19.29
C ALA F 19 82.66 74.69 17.84
N TYR F 20 83.89 74.58 17.34
CA TYR F 20 84.31 75.06 16.01
C TYR F 20 83.92 74.03 14.94
N GLN F 21 84.01 72.74 15.25
CA GLN F 21 83.64 71.62 14.33
C GLN F 21 82.32 71.98 13.64
N PHE F 22 81.40 72.51 14.44
CA PHE F 22 80.03 73.00 14.10
C PHE F 22 80.01 73.81 12.79
N ALA F 23 81.03 74.65 12.57
CA ALA F 23 81.10 75.67 11.49
C ALA F 23 82.45 75.66 10.75
N SER F 24 83.24 74.59 10.89
CA SER F 24 84.44 74.30 10.08
C SER F 24 84.16 73.05 9.25
N PRO F 25 84.95 72.78 8.20
CA PRO F 25 84.76 71.57 7.39
C PRO F 25 85.08 70.27 8.16
N VAL F 26 84.65 69.16 7.55
CA VAL F 26 84.83 67.76 8.03
C VAL F 26 85.94 67.14 7.20
N ARG F 27 87.13 66.99 7.77
CA ARG F 27 88.33 66.48 7.06
C ARG F 27 88.33 64.95 7.17
N TRP F 28 87.39 64.29 6.49
CA TRP F 28 87.22 62.80 6.54
C TRP F 28 88.28 62.12 5.66
N ILE F 29 88.86 62.84 4.70
CA ILE F 29 89.97 62.31 3.84
C ILE F 29 91.15 62.00 4.75
N GLU F 30 91.62 63.00 5.49
CA GLU F 30 92.80 62.89 6.39
C GLU F 30 92.48 61.91 7.52
N THR F 31 91.25 61.98 8.04
CA THR F 31 90.77 61.12 9.15
C THR F 31 90.96 59.66 8.70
N GLN F 32 90.42 59.32 7.52
CA GLN F 32 90.52 57.96 6.94
C GLN F 32 92.00 57.57 6.85
N ASP F 33 92.86 58.47 6.38
CA ASP F 33 94.30 58.18 6.17
C ASP F 33 94.97 57.93 7.53
N VAL F 34 94.57 58.65 8.57
CA VAL F 34 95.11 58.46 9.94
C VAL F 34 94.81 57.03 10.40
N PHE F 35 93.56 56.57 10.30
CA PHE F 35 93.18 55.24 10.86
C PHE F 35 93.60 54.14 9.88
N LEU F 36 93.67 54.43 8.58
CA LEU F 36 94.04 53.41 7.56
C LEU F 36 95.56 53.25 7.48
N LYS F 37 96.33 54.34 7.34
CA LYS F 37 97.81 54.28 7.18
C LYS F 37 98.48 54.25 8.56
N ASP F 38 98.34 55.32 9.35
CA ASP F 38 99.13 55.54 10.60
C ASP F 38 98.79 54.47 11.66
N PHE F 39 97.61 53.86 11.62
CA PHE F 39 97.14 52.88 12.65
C PHE F 39 96.96 51.46 12.07
N ASN F 40 97.01 51.31 10.74
CA ASN F 40 96.91 50.03 10.01
C ASN F 40 95.70 49.22 10.50
N THR F 41 94.55 49.89 10.63
CA THR F 41 93.27 49.28 11.07
C THR F 41 92.91 48.11 10.14
N GLU F 42 92.67 46.93 10.69
CA GLU F 42 92.28 45.72 9.91
C GLU F 42 90.78 45.48 10.04
N ARG F 43 90.13 46.14 11.01
CA ARG F 43 88.67 46.02 11.26
C ARG F 43 88.10 47.43 11.45
N VAL F 44 87.52 48.01 10.41
CA VAL F 44 86.79 49.30 10.52
C VAL F 44 85.30 48.98 10.55
N VAL F 45 84.67 49.37 11.64
CA VAL F 45 83.27 49.02 12.00
C VAL F 45 82.47 50.32 12.03
N GLU F 46 81.54 50.47 11.08
CA GLU F 46 80.61 51.62 11.05
C GLU F 46 79.48 51.35 12.04
N ILE F 47 79.32 52.22 13.04
CA ILE F 47 78.15 52.28 13.95
C ILE F 47 77.19 53.30 13.35
N GLY F 48 76.16 52.82 12.66
CA GLY F 48 75.17 53.70 12.00
C GLY F 48 74.04 52.89 11.38
N PRO F 49 72.96 53.56 10.94
CA PRO F 49 71.81 52.86 10.37
C PRO F 49 71.99 52.39 8.93
N SER F 50 72.99 52.94 8.21
CA SER F 50 73.31 52.58 6.80
C SER F 50 74.82 52.65 6.59
N PRO F 51 75.38 51.86 5.63
CA PRO F 51 76.83 51.71 5.50
C PRO F 51 77.48 52.78 4.60
N THR F 52 77.28 54.06 4.92
CA THR F 52 77.70 55.19 4.05
C THR F 52 79.18 55.52 4.34
N LEU F 53 79.64 55.42 5.59
CA LEU F 53 81.09 55.60 5.95
C LEU F 53 81.92 54.38 5.55
N ALA F 54 81.30 53.20 5.57
CA ALA F 54 81.87 51.93 5.09
C ALA F 54 82.13 52.07 3.58
N GLY F 55 81.09 52.45 2.82
CA GLY F 55 81.16 52.78 1.39
C GLY F 55 82.35 53.68 1.08
N MET F 56 82.58 54.68 1.93
CA MET F 56 83.68 55.68 1.78
C MET F 56 85.05 55.00 2.01
N ALA F 57 85.15 54.18 3.06
CA ALA F 57 86.39 53.42 3.40
C ALA F 57 86.79 52.53 2.21
N GLN F 58 85.87 51.69 1.71
CA GLN F 58 86.10 50.77 0.57
C GLN F 58 86.66 51.54 -0.63
N ARG F 59 86.11 52.72 -0.93
CA ARG F 59 86.56 53.57 -2.06
C ARG F 59 87.98 54.11 -1.77
N THR F 60 88.23 54.72 -0.60
CA THR F 60 89.56 55.32 -0.27
C THR F 60 90.62 54.20 -0.30
N LEU F 61 90.24 52.96 0.03
CA LEU F 61 91.12 51.77 -0.03
C LEU F 61 91.42 51.42 -1.50
N LYS F 62 90.38 51.28 -2.32
CA LYS F 62 90.50 50.96 -3.76
C LYS F 62 91.40 51.98 -4.46
N ASN F 63 91.27 53.27 -4.10
CA ASN F 63 92.07 54.38 -4.72
C ASN F 63 93.55 54.18 -4.38
N LYS F 64 93.98 54.46 -3.15
CA LYS F 64 95.39 54.80 -2.81
C LYS F 64 96.02 53.81 -1.81
N TYR F 65 95.41 52.64 -1.60
CA TYR F 65 95.90 51.58 -0.67
C TYR F 65 96.00 50.23 -1.38
N GLU F 66 95.75 50.20 -2.70
CA GLU F 66 95.88 49.01 -3.57
C GLU F 66 97.16 48.25 -3.19
N SER F 67 98.32 48.84 -3.49
CA SER F 67 99.65 48.17 -3.43
C SER F 67 100.17 48.12 -2.00
N TYR F 68 99.78 49.08 -1.15
CA TYR F 68 100.21 49.16 0.28
C TYR F 68 99.67 47.93 1.02
N ASP F 69 98.34 47.73 0.99
CA ASP F 69 97.65 46.58 1.64
C ASP F 69 98.21 45.26 1.11
N ALA F 70 98.45 45.17 -0.20
CA ALA F 70 99.05 43.98 -0.84
C ALA F 70 100.42 43.70 -0.22
N ALA F 71 101.36 44.64 -0.37
CA ALA F 71 102.78 44.52 0.03
C ALA F 71 102.89 44.13 1.51
N LEU F 72 102.08 44.72 2.40
CA LEU F 72 102.16 44.48 3.87
C LEU F 72 101.27 43.29 4.26
N SER F 73 100.85 42.46 3.30
CA SER F 73 99.97 41.28 3.51
C SER F 73 98.95 41.61 4.60
N LEU F 74 98.19 42.67 4.38
CA LEU F 74 97.36 43.35 5.39
C LEU F 74 95.90 43.22 4.98
N HIS F 75 95.28 42.07 5.26
CA HIS F 75 93.82 41.82 5.07
C HIS F 75 93.05 42.83 5.93
N ARG F 76 92.06 43.51 5.32
CA ARG F 76 91.22 44.60 5.89
C ARG F 76 89.75 44.17 5.84
N GLU F 77 88.96 44.55 6.84
CA GLU F 77 87.55 44.13 6.96
C GLU F 77 86.70 45.35 7.29
N ILE F 78 85.87 45.79 6.33
CA ILE F 78 84.95 46.96 6.50
C ILE F 78 83.57 46.40 6.83
N LEU F 79 83.04 46.74 7.99
CA LEU F 79 81.74 46.21 8.50
C LEU F 79 80.84 47.37 8.91
N CYS F 80 79.53 47.24 8.69
CA CYS F 80 78.51 48.22 9.14
C CYS F 80 77.52 47.52 10.08
N TYR F 81 77.18 48.16 11.20
CA TYR F 81 76.32 47.57 12.27
C TYR F 81 75.01 47.09 11.64
N SER F 82 74.44 47.85 10.71
CA SER F 82 73.12 47.56 10.10
C SER F 82 73.21 46.36 9.14
N LYS F 83 74.31 46.24 8.40
CA LYS F 83 74.47 45.26 7.30
C LYS F 83 74.95 43.91 7.87
N ASP F 84 76.08 43.89 8.60
CA ASP F 84 76.82 42.64 8.91
C ASP F 84 76.84 42.40 10.43
N ALA F 85 75.66 42.24 11.04
CA ALA F 85 75.49 41.93 12.47
C ALA F 85 76.32 40.68 12.84
N LYS F 86 76.22 39.63 12.02
CA LYS F 86 76.76 38.28 12.33
C LYS F 86 78.28 38.33 12.50
N GLU F 87 78.98 39.09 11.64
CA GLU F 87 80.46 39.25 11.70
C GLU F 87 80.85 40.02 12.97
N ILE F 88 80.09 41.05 13.33
CA ILE F 88 80.46 42.01 14.41
C ILE F 88 80.28 41.35 15.78
N TYR F 89 79.23 40.54 15.93
CA TYR F 89 78.82 39.83 17.19
C TYR F 89 79.43 38.43 17.27
N TYR F 90 80.28 38.05 16.31
CA TYR F 90 80.91 36.72 16.17
C TYR F 90 79.84 35.63 16.42
N THR F 91 78.79 35.63 15.61
CA THR F 91 77.71 34.61 15.62
C THR F 91 77.45 34.18 14.18
N PRO F 92 78.29 33.29 13.60
CA PRO F 92 78.03 32.79 12.26
C PRO F 92 76.83 31.84 12.41
N ASP F 93 76.05 31.67 11.34
CA ASP F 93 74.85 30.77 11.29
C ASP F 93 75.31 29.32 11.36
N PRO F 94 74.40 28.33 11.55
CA PRO F 94 74.80 26.93 11.66
C PRO F 94 75.39 26.38 10.35
N SER F 95 76.51 26.96 9.88
CA SER F 95 77.27 26.54 8.68
C SER F 95 78.74 26.33 9.06
N GLU F 96 79.13 25.07 9.31
CA GLU F 96 80.50 24.59 9.63
C GLU F 96 80.73 23.24 8.94
N ILE F 140 43.25 11.96 0.47
CA ILE F 140 44.58 12.63 0.26
C ILE F 140 44.64 13.96 1.04
N ALA F 141 45.83 14.49 1.31
CA ALA F 141 46.07 15.73 2.11
C ALA F 141 45.10 16.83 1.64
N ASP F 142 44.59 17.63 2.58
CA ASP F 142 43.69 18.80 2.32
C ASP F 142 44.50 20.10 2.39
N GLU F 143 44.14 21.07 1.53
CA GLU F 143 44.70 22.45 1.51
C GLU F 143 43.53 23.41 1.33
N PRO F 144 43.34 24.41 2.24
CA PRO F 144 42.44 25.52 1.96
C PRO F 144 42.86 26.23 0.66
N VAL F 145 41.91 26.84 -0.07
CA VAL F 145 42.22 27.62 -1.29
C VAL F 145 43.07 28.83 -0.87
N LYS F 146 44.10 29.16 -1.67
CA LYS F 146 44.96 30.36 -1.47
C LYS F 146 44.12 31.58 -1.86
N ALA F 147 44.43 32.76 -1.30
CA ALA F 147 43.77 34.05 -1.67
C ALA F 147 44.12 34.42 -3.13
N SER F 148 45.28 33.96 -3.63
CA SER F 148 45.76 34.23 -5.02
C SER F 148 44.91 33.49 -6.05
N LEU F 149 44.49 32.24 -5.78
CA LEU F 149 43.58 31.45 -6.66
C LEU F 149 42.21 32.13 -6.67
N LEU F 150 41.71 32.50 -5.50
CA LEU F 150 40.35 33.09 -5.29
C LEU F 150 40.26 34.46 -5.98
N LEU F 151 41.30 35.30 -5.88
CA LEU F 151 41.33 36.66 -6.49
C LEU F 151 41.49 36.56 -8.02
N HIS F 152 42.40 35.70 -8.50
CA HIS F 152 42.66 35.42 -9.94
C HIS F 152 41.34 35.01 -10.62
N VAL F 153 40.60 34.07 -10.00
CA VAL F 153 39.35 33.47 -10.54
C VAL F 153 38.24 34.53 -10.60
N LEU F 154 38.07 35.32 -9.53
CA LEU F 154 37.01 36.36 -9.41
C LEU F 154 37.22 37.47 -10.44
N VAL F 155 38.46 37.93 -10.63
CA VAL F 155 38.84 39.03 -11.58
C VAL F 155 38.76 38.49 -13.02
N ALA F 156 39.17 37.23 -13.25
CA ALA F 156 39.13 36.54 -14.56
C ALA F 156 37.68 36.34 -15.01
N HIS F 157 36.82 35.84 -14.11
CA HIS F 157 35.39 35.53 -14.39
C HIS F 157 34.61 36.82 -14.68
N LYS F 158 35.01 37.96 -14.07
CA LYS F 158 34.32 39.27 -14.22
C LYS F 158 34.60 39.84 -15.62
N LEU F 159 35.87 39.79 -16.07
CA LEU F 159 36.34 40.30 -17.38
C LEU F 159 36.02 39.27 -18.48
N LYS F 160 35.48 38.10 -18.08
CA LYS F 160 35.03 36.99 -18.99
C LYS F 160 36.22 36.51 -19.82
N LYS F 161 37.32 36.16 -19.14
CA LYS F 161 38.58 35.68 -19.78
C LYS F 161 39.15 34.54 -18.94
N SER F 162 39.87 33.59 -19.57
CA SER F 162 40.52 32.45 -18.89
C SER F 162 41.62 32.98 -17.96
N LEU F 163 42.12 32.15 -17.04
CA LEU F 163 43.15 32.52 -16.02
C LEU F 163 44.46 32.95 -16.71
N ASP F 164 44.82 32.31 -17.82
CA ASP F 164 46.08 32.56 -18.60
C ASP F 164 46.05 33.96 -19.23
N SER F 165 44.86 34.46 -19.61
CA SER F 165 44.62 35.77 -20.25
C SER F 165 44.95 36.93 -19.29
N ILE F 166 44.63 36.79 -18.00
CA ILE F 166 44.86 37.81 -16.93
C ILE F 166 46.19 37.48 -16.23
N PRO F 167 47.28 38.26 -16.47
CA PRO F 167 48.52 38.10 -15.69
C PRO F 167 48.38 38.78 -14.33
N MET F 168 48.90 38.16 -13.28
CA MET F 168 48.75 38.61 -11.86
C MET F 168 49.64 39.82 -11.58
N SER F 169 50.62 40.10 -12.44
CA SER F 169 51.59 41.23 -12.35
C SER F 169 50.89 42.57 -12.66
N LYS F 170 49.76 42.55 -13.38
CA LYS F 170 48.97 43.76 -13.80
C LYS F 170 47.96 44.13 -12.70
N THR F 171 47.51 45.39 -12.73
CA THR F 171 46.60 46.01 -11.73
C THR F 171 45.15 45.90 -12.24
N ILE F 172 44.15 46.15 -11.39
CA ILE F 172 42.71 46.11 -11.77
C ILE F 172 42.40 47.27 -12.74
N LYS F 173 42.93 48.47 -12.47
CA LYS F 173 42.77 49.69 -13.30
C LYS F 173 43.33 49.45 -14.71
N ASP F 174 44.48 48.76 -14.79
CA ASP F 174 45.19 48.37 -16.04
C ASP F 174 44.29 47.42 -16.86
N LEU F 175 43.95 46.26 -16.27
CA LEU F 175 43.20 45.15 -16.92
C LEU F 175 41.83 45.64 -17.45
N VAL F 176 41.22 46.59 -16.75
CA VAL F 176 39.83 47.09 -17.01
C VAL F 176 39.81 48.01 -18.25
N GLY F 177 40.97 48.53 -18.66
CA GLY F 177 41.15 49.37 -19.87
C GLY F 177 40.31 50.64 -19.91
N GLY F 178 40.13 51.38 -18.80
CA GLY F 178 39.38 52.64 -18.79
C GLY F 178 37.92 52.49 -18.41
N LYS F 179 37.38 51.26 -18.41
CA LYS F 179 35.96 50.92 -18.12
C LYS F 179 35.77 50.97 -16.60
N SER F 180 35.65 52.18 -16.05
CA SER F 180 35.55 52.36 -14.61
C SER F 180 34.27 51.78 -14.00
N THR F 181 33.26 51.54 -14.85
CA THR F 181 32.03 50.84 -14.47
C THR F 181 32.37 49.43 -13.93
N VAL F 182 33.34 48.73 -14.56
CA VAL F 182 33.81 47.33 -14.28
C VAL F 182 34.84 47.32 -13.13
N GLN F 183 35.63 48.39 -12.97
CA GLN F 183 36.54 48.57 -11.82
C GLN F 183 35.73 48.61 -10.52
N ASN F 184 34.63 49.39 -10.49
CA ASN F 184 33.72 49.56 -9.33
C ASN F 184 33.07 48.22 -8.94
N GLU F 185 32.76 47.37 -9.92
CA GLU F 185 32.17 46.02 -9.71
C GLU F 185 33.21 45.09 -9.06
N ILE F 186 34.44 45.05 -9.59
CA ILE F 186 35.56 44.18 -9.08
C ILE F 186 35.88 44.57 -7.63
N LEU F 187 35.97 45.87 -7.31
CA LEU F 187 36.28 46.40 -5.95
C LEU F 187 35.14 46.07 -4.98
N GLY F 188 33.88 46.19 -5.43
CA GLY F 188 32.68 45.79 -4.68
C GLY F 188 32.67 44.29 -4.38
N ASP F 189 33.08 43.47 -5.37
CA ASP F 189 33.15 41.98 -5.29
C ASP F 189 34.30 41.54 -4.36
N LEU F 190 35.44 42.24 -4.36
CA LEU F 190 36.61 41.93 -3.48
C LEU F 190 36.30 42.31 -2.03
N GLY F 191 35.54 43.40 -1.81
CA GLY F 191 35.07 43.82 -0.48
C GLY F 191 34.07 42.85 0.10
N LYS F 192 33.11 42.39 -0.73
CA LYS F 192 32.09 41.36 -0.41
C LYS F 192 32.79 40.05 -0.01
N GLU F 193 33.87 39.69 -0.71
CA GLU F 193 34.55 38.38 -0.61
C GLU F 193 35.36 38.31 0.68
N PHE F 194 36.39 39.15 0.80
CA PHE F 194 37.47 39.06 1.83
C PHE F 194 37.12 39.88 3.09
N GLY F 195 36.31 40.94 2.96
CA GLY F 195 35.97 41.86 4.07
C GLY F 195 36.61 43.24 3.87
N THR F 196 37.90 43.35 4.19
CA THR F 196 38.79 44.52 4.10
C THR F 196 39.28 44.73 2.66
N THR F 197 39.96 45.86 2.40
CA THR F 197 40.75 46.15 1.18
C THR F 197 41.90 47.10 1.54
N PRO F 198 43.09 47.01 0.91
CA PRO F 198 44.11 48.07 0.98
C PRO F 198 43.58 49.46 0.59
N GLU F 199 44.44 50.48 0.69
CA GLU F 199 44.11 51.92 0.49
C GLU F 199 43.65 52.15 -0.96
N LYS F 200 44.41 51.67 -1.96
CA LYS F 200 44.19 51.92 -3.40
C LYS F 200 44.26 50.59 -4.16
N PRO F 201 43.23 49.71 -4.07
CA PRO F 201 43.33 48.34 -4.59
C PRO F 201 43.50 48.28 -6.12
N GLU F 202 42.96 49.28 -6.82
CA GLU F 202 42.93 49.37 -8.31
C GLU F 202 44.36 49.54 -8.84
N GLU F 203 45.25 50.18 -8.05
CA GLU F 203 46.66 50.48 -8.43
C GLU F 203 47.65 49.42 -7.89
N THR F 204 47.22 48.55 -6.95
CA THR F 204 47.99 47.38 -6.43
C THR F 204 47.93 46.24 -7.46
N PRO F 205 49.09 45.69 -7.93
CA PRO F 205 49.12 44.48 -8.74
C PRO F 205 48.52 43.29 -7.99
N LEU F 206 47.87 42.36 -8.72
CA LEU F 206 47.01 41.30 -8.12
C LEU F 206 47.85 40.28 -7.32
N GLU F 207 49.12 40.06 -7.67
CA GLU F 207 50.11 39.27 -6.87
C GLU F 207 50.16 39.82 -5.44
N GLU F 208 50.32 41.15 -5.33
CA GLU F 208 50.50 41.94 -4.07
C GLU F 208 49.17 42.00 -3.29
N LEU F 209 48.04 42.28 -3.96
CA LEU F 209 46.68 42.27 -3.35
C LEU F 209 46.44 40.92 -2.64
N ALA F 210 46.86 39.81 -3.28
CA ALA F 210 46.71 38.41 -2.81
C ALA F 210 47.40 38.22 -1.44
N GLU F 211 48.62 38.76 -1.27
CA GLU F 211 49.42 38.60 -0.02
C GLU F 211 48.79 39.39 1.14
N THR F 212 48.18 40.56 0.87
CA THR F 212 47.50 41.40 1.89
C THR F 212 46.24 40.68 2.40
N PHE F 213 45.46 40.10 1.47
CA PHE F 213 44.22 39.31 1.76
C PHE F 213 44.60 38.02 2.51
N GLN F 214 45.74 37.40 2.13
CA GLN F 214 46.27 36.12 2.70
C GLN F 214 46.50 36.27 4.22
N ASP F 215 46.97 37.44 4.66
CA ASP F 215 47.31 37.75 6.08
C ASP F 215 46.07 37.67 6.99
N THR F 216 44.86 37.88 6.45
CA THR F 216 43.58 37.99 7.21
C THR F 216 42.58 36.93 6.71
N PHE F 217 42.99 36.02 5.81
CA PHE F 217 42.10 35.05 5.11
C PHE F 217 42.13 33.70 5.82
N SER F 218 40.94 33.14 6.11
CA SER F 218 40.75 31.86 6.83
C SER F 218 40.92 30.66 5.87
N GLY F 219 40.81 30.89 4.56
CA GLY F 219 40.78 29.81 3.54
C GLY F 219 39.37 29.46 3.11
N ALA F 220 38.36 29.99 3.82
CA ALA F 220 36.90 29.77 3.59
C ALA F 220 36.45 30.62 2.39
N LEU F 221 35.42 30.17 1.66
CA LEU F 221 35.11 30.67 0.29
C LEU F 221 34.46 32.06 0.33
N GLY F 222 33.67 32.42 1.35
CA GLY F 222 33.09 33.77 1.47
C GLY F 222 31.94 34.03 0.51
N LYS F 223 31.21 35.13 0.68
CA LYS F 223 29.81 35.29 0.19
C LYS F 223 29.76 35.32 -1.35
N GLN F 224 30.73 35.97 -2.00
CA GLN F 224 30.73 36.27 -3.46
C GLN F 224 31.09 35.02 -4.27
N SER F 225 32.15 34.30 -3.89
CA SER F 225 32.57 33.01 -4.50
C SER F 225 31.42 32.00 -4.42
N SER F 226 30.83 31.84 -3.24
CA SER F 226 29.75 30.87 -2.93
C SER F 226 28.50 31.14 -3.77
N SER F 227 28.15 32.41 -3.98
CA SER F 227 27.00 32.85 -4.81
C SER F 227 27.22 32.45 -6.28
N LEU F 228 28.44 32.64 -6.80
CA LEU F 228 28.80 32.39 -8.22
C LEU F 228 28.90 30.87 -8.48
N LEU F 229 29.35 30.09 -7.50
CA LEU F 229 29.44 28.61 -7.61
C LEU F 229 28.02 27.99 -7.55
N SER F 230 27.13 28.55 -6.73
CA SER F 230 25.70 28.15 -6.65
C SER F 230 25.00 28.39 -7.99
N ARG F 231 25.27 29.53 -8.62
CA ARG F 231 24.72 29.91 -9.96
C ARG F 231 25.29 29.01 -11.06
N LEU F 232 26.61 28.76 -11.05
CA LEU F 232 27.31 27.86 -12.01
C LEU F 232 26.60 26.50 -12.04
N ILE F 233 26.42 25.90 -10.86
CA ILE F 233 25.81 24.55 -10.67
C ILE F 233 24.34 24.61 -11.09
N SER F 234 23.56 25.57 -10.55
CA SER F 234 22.09 25.63 -10.72
C SER F 234 21.72 25.97 -12.17
N SER F 235 22.63 26.61 -12.94
CA SER F 235 22.35 27.11 -14.32
C SER F 235 23.08 26.28 -15.39
N LYS F 236 24.21 25.62 -15.08
CA LYS F 236 25.06 24.93 -16.08
C LYS F 236 25.17 23.40 -15.87
N MET F 237 24.65 22.84 -14.76
CA MET F 237 24.69 21.37 -14.50
C MET F 237 23.33 20.74 -14.83
N PRO F 238 23.31 19.46 -15.28
CA PRO F 238 22.08 18.81 -15.73
C PRO F 238 21.16 18.45 -14.55
N GLY F 239 19.85 18.29 -14.82
CA GLY F 239 18.80 18.20 -13.78
C GLY F 239 19.14 17.21 -12.68
N GLY F 240 19.19 17.65 -11.43
CA GLY F 240 19.47 16.80 -10.25
C GLY F 240 20.94 16.72 -9.87
N PHE F 241 21.84 17.25 -10.72
CA PHE F 241 23.31 17.32 -10.46
C PHE F 241 23.56 18.57 -9.59
N THR F 242 23.24 18.46 -8.29
CA THR F 242 23.44 19.48 -7.23
C THR F 242 24.94 19.74 -7.02
N ILE F 243 25.27 20.85 -6.34
CA ILE F 243 26.67 21.13 -5.87
C ILE F 243 27.10 20.00 -4.92
N THR F 244 26.18 19.40 -4.16
CA THR F 244 26.42 18.26 -3.24
C THR F 244 26.81 17.00 -4.03
N VAL F 245 26.09 16.72 -5.12
CA VAL F 245 26.38 15.58 -6.06
C VAL F 245 27.76 15.78 -6.69
N ALA F 246 28.15 17.04 -6.96
CA ALA F 246 29.42 17.43 -7.62
C ALA F 246 30.60 17.38 -6.63
N ARG F 247 30.34 17.44 -5.32
CA ARG F 247 31.38 17.25 -4.27
C ARG F 247 31.52 15.76 -3.96
N LYS F 248 30.41 15.02 -3.92
CA LYS F 248 30.41 13.54 -3.79
C LYS F 248 31.25 12.95 -4.93
N TYR F 249 31.12 13.48 -6.16
CA TYR F 249 31.88 13.00 -7.34
C TYR F 249 33.38 13.35 -7.24
N LEU F 250 33.72 14.52 -6.69
CA LEU F 250 35.14 14.96 -6.53
C LEU F 250 35.79 14.22 -5.35
N GLN F 251 35.01 13.73 -4.37
CA GLN F 251 35.49 12.89 -3.24
C GLN F 251 35.67 11.44 -3.73
N THR F 252 34.65 10.85 -4.37
CA THR F 252 34.66 9.47 -4.92
C THR F 252 35.77 9.31 -5.98
N ARG F 253 35.68 10.06 -7.08
CA ARG F 253 36.45 9.80 -8.32
C ARG F 253 37.89 10.32 -8.19
N TRP F 254 38.15 11.38 -7.43
CA TRP F 254 39.50 12.03 -7.34
C TRP F 254 40.00 12.15 -5.90
N GLY F 255 39.23 11.69 -4.90
CA GLY F 255 39.63 11.64 -3.48
C GLY F 255 40.07 13.00 -2.93
N LEU F 256 39.23 14.02 -3.10
CA LEU F 256 39.53 15.43 -2.69
C LEU F 256 38.63 15.82 -1.50
N PRO F 257 39.22 16.31 -0.39
CA PRO F 257 38.45 16.85 0.74
C PRO F 257 37.92 18.27 0.48
N SER F 258 37.10 18.81 1.39
CA SER F 258 36.26 20.05 1.21
C SER F 258 37.10 21.24 0.73
N GLY F 259 38.33 21.41 1.23
CA GLY F 259 39.24 22.51 0.86
C GLY F 259 39.69 22.46 -0.59
N ARG F 260 40.02 21.26 -1.10
CA ARG F 260 40.54 21.05 -2.48
C ARG F 260 39.39 21.10 -3.51
N GLN F 261 38.20 20.59 -3.16
CA GLN F 261 36.99 20.68 -4.01
C GLN F 261 36.67 22.16 -4.24
N ASP F 262 36.77 22.98 -3.18
CA ASP F 262 36.61 24.47 -3.24
C ASP F 262 37.48 25.02 -4.38
N GLY F 263 38.73 24.57 -4.49
CA GLY F 263 39.70 24.94 -5.54
C GLY F 263 39.28 24.43 -6.93
N VAL F 264 38.82 23.17 -7.03
CA VAL F 264 38.39 22.54 -8.31
C VAL F 264 37.19 23.30 -8.87
N LEU F 265 36.25 23.71 -8.00
CA LEU F 265 35.01 24.43 -8.39
C LEU F 265 35.36 25.88 -8.78
N LEU F 266 36.34 26.51 -8.12
CA LEU F 266 36.84 27.87 -8.46
C LEU F 266 37.42 27.87 -9.88
N VAL F 267 38.18 26.84 -10.23
CA VAL F 267 38.80 26.65 -11.57
C VAL F 267 37.68 26.40 -12.59
N ALA F 268 36.65 25.61 -12.21
CA ALA F 268 35.43 25.32 -12.99
C ALA F 268 34.66 26.60 -13.30
N LEU F 269 34.66 27.57 -12.38
CA LEU F 269 33.95 28.87 -12.51
C LEU F 269 34.60 29.73 -13.61
N SER F 270 35.93 29.65 -13.78
CA SER F 270 36.71 30.44 -14.77
C SER F 270 36.81 29.70 -16.11
N ASN F 271 36.23 28.49 -16.20
CA ASN F 271 36.04 27.69 -17.45
C ASN F 271 34.55 27.31 -17.58
N GLU F 272 33.66 28.15 -17.03
CA GLU F 272 32.18 27.98 -16.97
C GLU F 272 31.66 27.66 -18.37
N PRO F 273 30.98 26.52 -18.61
CA PRO F 273 30.43 26.23 -19.93
C PRO F 273 29.37 27.26 -20.34
N ALA F 274 29.22 27.52 -21.65
CA ALA F 274 28.39 28.61 -22.23
C ALA F 274 26.90 28.26 -22.11
N ALA F 275 26.53 27.01 -22.35
CA ALA F 275 25.17 26.43 -22.17
C ALA F 275 25.21 25.36 -21.08
N ARG F 276 24.04 25.02 -20.53
CA ARG F 276 23.84 23.90 -19.57
C ARG F 276 24.37 22.61 -20.21
N LEU F 277 25.08 21.78 -19.44
CA LEU F 277 25.60 20.47 -19.92
C LEU F 277 24.42 19.48 -20.00
N GLY F 278 24.42 18.65 -21.05
CA GLY F 278 23.27 17.83 -21.47
C GLY F 278 23.06 16.62 -20.56
N SER F 279 24.10 15.80 -20.36
CA SER F 279 24.01 14.54 -19.59
C SER F 279 24.85 14.62 -18.30
N GLU F 280 24.52 13.74 -17.35
CA GLU F 280 25.32 13.46 -16.13
C GLU F 280 26.75 13.07 -16.54
N ALA F 281 26.92 12.38 -17.68
CA ALA F 281 28.22 11.98 -18.27
C ALA F 281 29.05 13.22 -18.60
N ASP F 282 28.45 14.23 -19.25
CA ASP F 282 29.09 15.49 -19.70
C ASP F 282 29.54 16.31 -18.48
N ALA F 283 28.73 16.29 -17.40
CA ALA F 283 28.98 16.98 -16.11
C ALA F 283 30.21 16.39 -15.42
N LYS F 284 30.35 15.06 -15.42
CA LYS F 284 31.50 14.32 -14.83
C LYS F 284 32.76 14.54 -15.69
N ALA F 285 32.61 14.50 -17.02
CA ALA F 285 33.67 14.78 -18.02
C ALA F 285 34.24 16.19 -17.79
N PHE F 286 33.36 17.18 -17.53
CA PHE F 286 33.71 18.59 -17.22
C PHE F 286 34.54 18.64 -15.92
N LEU F 287 34.05 18.05 -14.83
CA LEU F 287 34.70 18.09 -13.48
C LEU F 287 36.03 17.33 -13.49
N ASP F 288 36.16 16.27 -14.32
CA ASP F 288 37.43 15.52 -14.54
C ASP F 288 38.48 16.47 -15.13
N SER F 289 38.13 17.15 -16.23
CA SER F 289 38.94 18.17 -16.95
C SER F 289 39.33 19.32 -16.00
N MET F 290 38.43 19.72 -15.07
CA MET F 290 38.64 20.85 -14.12
C MET F 290 39.51 20.41 -12.94
N ALA F 291 39.49 19.11 -12.60
CA ALA F 291 40.34 18.52 -11.54
C ALA F 291 41.81 18.51 -11.99
N GLN F 292 42.05 18.21 -13.28
CA GLN F 292 43.41 18.16 -13.91
C GLN F 292 43.99 19.58 -14.09
N LYS F 293 43.15 20.59 -14.29
CA LYS F 293 43.57 22.01 -14.37
C LYS F 293 43.97 22.51 -12.98
N TYR F 294 43.25 22.08 -11.94
CA TYR F 294 43.52 22.37 -10.50
C TYR F 294 44.80 21.66 -10.06
N ALA F 295 45.03 20.43 -10.53
CA ALA F 295 46.25 19.63 -10.30
C ALA F 295 47.49 20.42 -10.76
N SER F 296 47.41 21.06 -11.94
CA SER F 296 48.48 21.94 -12.52
C SER F 296 48.72 23.16 -11.61
N ILE F 297 47.66 23.93 -11.31
CA ILE F 297 47.71 25.27 -10.65
C ILE F 297 48.25 25.14 -9.21
N VAL F 298 47.93 24.03 -8.50
CA VAL F 298 48.37 23.80 -7.08
C VAL F 298 49.47 22.73 -7.01
N GLY F 299 49.84 22.09 -8.13
CA GLY F 299 50.93 21.07 -8.20
C GLY F 299 50.65 19.85 -7.34
N VAL F 300 49.82 18.92 -7.82
CA VAL F 300 49.36 17.68 -7.13
C VAL F 300 49.13 16.60 -8.20
N ASP F 301 49.44 15.33 -7.90
CA ASP F 301 49.38 14.19 -8.87
C ASP F 301 48.02 13.48 -8.76
N LEU F 302 47.41 13.08 -9.90
CA LEU F 302 46.07 12.40 -9.99
C LEU F 302 46.14 11.21 -10.95
N LEU F 328 25.76 -1.44 -5.36
CA LEU F 328 26.02 -2.06 -4.02
C LEU F 328 24.77 -1.80 -3.15
N GLU F 329 24.76 -0.71 -2.39
CA GLU F 329 23.61 -0.25 -1.56
C GLU F 329 22.90 0.90 -2.30
N GLU F 330 22.88 0.85 -3.62
CA GLU F 330 22.11 1.84 -4.44
C GLU F 330 20.73 1.25 -4.79
N ILE F 331 20.56 -0.07 -4.65
CA ILE F 331 19.26 -0.80 -4.79
C ILE F 331 18.43 -0.53 -3.52
N THR F 332 19.09 -0.55 -2.35
CA THR F 332 18.46 -0.31 -1.02
C THR F 332 18.08 1.17 -0.91
N LYS F 333 18.86 2.07 -1.48
CA LYS F 333 18.52 3.52 -1.56
C LYS F 333 17.29 3.69 -2.49
N ASP F 334 17.18 2.86 -3.52
CA ASP F 334 16.13 2.98 -4.56
C ASP F 334 14.76 2.65 -3.96
N HIS F 335 14.75 1.74 -3.00
CA HIS F 335 13.53 1.30 -2.27
C HIS F 335 13.12 2.38 -1.27
N LYS F 336 14.01 2.84 -0.40
CA LYS F 336 13.73 3.94 0.58
C LYS F 336 13.09 5.11 -0.16
N VAL F 337 13.43 5.37 -1.42
CA VAL F 337 12.81 6.46 -2.24
C VAL F 337 11.33 6.13 -2.49
N LEU F 338 11.02 4.87 -2.79
CA LEU F 338 9.63 4.42 -3.06
C LEU F 338 8.83 4.63 -1.77
N ALA F 339 9.27 3.99 -0.68
CA ALA F 339 8.68 4.09 0.66
C ALA F 339 8.41 5.56 1.00
N ARG F 340 9.40 6.42 0.79
CA ARG F 340 9.33 7.88 1.07
C ARG F 340 8.15 8.50 0.30
N GLN F 341 7.96 8.11 -0.96
CA GLN F 341 6.92 8.69 -1.85
C GLN F 341 5.54 8.15 -1.46
N GLN F 342 5.45 6.87 -1.07
CA GLN F 342 4.18 6.25 -0.61
C GLN F 342 3.73 6.99 0.65
N LEU F 343 4.66 7.27 1.56
CA LEU F 343 4.38 8.07 2.80
C LEU F 343 3.79 9.40 2.40
N GLN F 344 4.45 10.09 1.46
CA GLN F 344 4.06 11.44 0.99
C GLN F 344 2.61 11.41 0.50
N VAL F 345 2.19 10.42 -0.30
CA VAL F 345 0.84 10.44 -0.93
C VAL F 345 -0.19 10.13 0.16
N LEU F 346 0.20 9.37 1.18
CA LEU F 346 -0.71 9.02 2.30
C LEU F 346 -0.93 10.25 3.16
N ALA F 347 0.14 10.98 3.44
CA ALA F 347 0.11 12.26 4.18
C ALA F 347 -0.82 13.24 3.46
N ARG F 348 -0.71 13.31 2.13
CA ARG F 348 -1.53 14.22 1.29
C ARG F 348 -3.02 13.86 1.48
N TYR F 349 -3.37 12.58 1.37
CA TYR F 349 -4.74 12.05 1.53
C TYR F 349 -5.29 12.41 2.91
N LEU F 350 -4.49 12.20 3.96
CA LEU F 350 -4.88 12.45 5.37
C LEU F 350 -4.91 13.95 5.69
N LYS F 351 -4.52 14.82 4.75
CA LYS F 351 -4.35 16.27 4.96
C LYS F 351 -3.39 16.50 6.13
N MET F 352 -2.45 15.58 6.35
CA MET F 352 -1.38 15.72 7.38
C MET F 352 -0.33 16.68 6.83
N ASP F 353 0.13 17.56 7.71
CA ASP F 353 1.10 18.61 7.37
C ASP F 353 2.41 18.24 8.07
N LEU F 354 3.15 17.30 7.50
CA LEU F 354 4.33 16.67 8.17
C LEU F 354 5.31 17.75 8.66
N ASP F 355 5.29 18.96 8.11
CA ASP F 355 6.32 19.99 8.39
C ASP F 355 5.81 21.07 9.35
N ASN F 356 4.55 21.04 9.79
CA ASN F 356 4.00 22.05 10.73
C ASN F 356 4.95 22.21 11.93
N GLY F 357 5.40 21.11 12.51
CA GLY F 357 6.24 21.14 13.73
C GLY F 357 7.49 21.97 13.50
N GLU F 358 8.30 21.63 12.49
CA GLU F 358 9.55 22.35 12.13
C GLU F 358 9.24 23.82 11.83
N ARG F 359 8.15 24.10 11.14
CA ARG F 359 7.75 25.49 10.82
C ARG F 359 7.59 26.30 12.10
N LYS F 360 6.86 25.77 13.07
CA LYS F 360 6.56 26.45 14.35
C LYS F 360 7.86 26.63 15.12
N PHE F 361 8.76 25.65 15.04
CA PHE F 361 10.06 25.65 15.73
C PHE F 361 10.91 26.79 15.19
N LEU F 362 11.04 26.91 13.87
CA LEU F 362 11.87 27.96 13.24
C LEU F 362 11.37 29.32 13.68
N LYS F 363 10.05 29.48 13.79
CA LYS F 363 9.40 30.76 14.16
C LYS F 363 9.77 31.07 15.62
N GLU F 364 9.79 30.07 16.48
CA GLU F 364 10.00 30.23 17.94
C GLU F 364 11.48 30.55 18.18
N LYS F 365 12.35 29.83 17.49
CA LYS F 365 13.84 30.00 17.51
C LYS F 365 14.17 31.46 17.22
N ASP F 366 13.47 32.06 16.26
CA ASP F 366 13.61 33.50 15.91
C ASP F 366 13.16 34.34 17.09
N THR F 367 11.99 34.07 17.68
CA THR F 367 11.52 34.93 18.80
C THR F 367 12.43 34.68 20.01
N VAL F 368 13.16 33.56 20.09
CA VAL F 368 14.17 33.39 21.18
C VAL F 368 15.30 34.38 20.93
N ALA F 369 15.93 34.33 19.75
CA ALA F 369 17.07 35.22 19.39
C ALA F 369 16.67 36.69 19.60
N GLU F 370 15.42 37.04 19.30
CA GLU F 370 14.88 38.41 19.40
C GLU F 370 14.90 38.81 20.88
N LEU F 371 14.34 38.00 21.77
CA LEU F 371 14.33 38.28 23.23
C LEU F 371 15.76 38.24 23.75
N GLN F 372 16.57 37.28 23.31
CA GLN F 372 17.97 37.13 23.82
C GLN F 372 18.72 38.43 23.56
N ALA F 373 18.48 39.05 22.41
CA ALA F 373 19.14 40.31 22.00
C ALA F 373 18.69 41.44 22.92
N GLN F 374 17.40 41.49 23.28
CA GLN F 374 16.86 42.55 24.17
C GLN F 374 17.51 42.41 25.53
N LEU F 375 17.69 41.18 25.98
CA LEU F 375 18.24 40.86 27.32
C LEU F 375 19.74 41.13 27.32
N ASP F 376 20.41 40.81 26.21
CA ASP F 376 21.86 41.09 26.01
C ASP F 376 22.10 42.60 26.05
N TYR F 377 21.20 43.38 25.45
CA TYR F 377 21.35 44.85 25.37
C TYR F 377 21.27 45.41 26.78
N LEU F 378 20.25 45.02 27.55
CA LEU F 378 20.06 45.45 28.96
C LEU F 378 21.33 45.10 29.76
N ASN F 379 21.93 43.94 29.53
CA ASN F 379 23.16 43.55 30.27
C ASN F 379 24.33 44.44 29.83
N ALA F 380 24.41 44.84 28.57
CA ALA F 380 25.46 45.75 28.08
C ALA F 380 25.33 47.13 28.73
N GLU F 381 24.10 47.60 28.93
CA GLU F 381 23.83 48.96 29.47
C GLU F 381 24.04 48.97 30.98
N LEU F 382 23.47 48.00 31.68
CA LEU F 382 23.43 48.03 33.17
C LEU F 382 24.58 47.24 33.78
N GLY F 383 25.08 46.23 33.08
CA GLY F 383 26.16 45.38 33.60
C GLY F 383 25.63 44.23 34.43
N GLU F 384 26.37 43.12 34.46
CA GLU F 384 25.95 41.87 35.12
C GLU F 384 25.71 42.15 36.61
N PHE F 385 26.53 42.97 37.28
CA PHE F 385 26.44 43.17 38.75
C PHE F 385 25.05 43.70 39.11
N PHE F 386 24.61 44.71 38.36
CA PHE F 386 23.35 45.45 38.59
C PHE F 386 22.17 44.54 38.28
N VAL F 387 22.23 43.87 37.13
CA VAL F 387 21.11 43.04 36.60
C VAL F 387 20.90 41.87 37.56
N ASN F 388 21.96 41.24 38.02
CA ASN F 388 21.86 40.17 39.05
C ASN F 388 21.46 40.81 40.37
N GLY F 389 22.04 41.96 40.67
CA GLY F 389 21.94 42.58 42.00
C GLY F 389 20.51 42.96 42.36
N VAL F 390 19.70 43.19 41.33
CA VAL F 390 18.40 43.89 41.45
C VAL F 390 17.29 42.83 41.68
N ALA F 391 17.71 41.59 41.91
CA ALA F 391 16.83 40.42 42.07
C ALA F 391 16.15 40.41 43.43
N THR F 392 14.94 39.85 43.44
CA THR F 392 14.00 39.88 44.58
C THR F 392 14.49 38.94 45.69
N SER F 393 14.39 39.34 46.95
CA SER F 393 14.70 38.53 48.15
C SER F 393 13.52 38.49 49.11
N PHE F 394 12.76 39.58 49.18
CA PHE F 394 11.67 39.73 50.17
C PHE F 394 10.53 38.79 49.82
N SER F 395 9.88 38.26 50.83
CA SER F 395 8.82 37.24 50.74
C SER F 395 8.16 37.14 52.10
N ARG F 396 6.88 37.46 52.22
CA ARG F 396 6.18 37.53 53.54
C ARG F 396 6.32 36.22 54.32
N LYS F 397 6.40 35.09 53.64
CA LYS F 397 6.38 33.79 54.33
C LYS F 397 7.75 33.55 54.98
N LYS F 398 8.76 34.31 54.61
CA LYS F 398 10.11 34.13 55.22
C LYS F 398 10.26 35.01 56.47
N ALA F 399 9.22 35.76 56.85
CA ALA F 399 9.26 36.67 58.01
C ALA F 399 9.24 35.86 59.30
N ARG F 400 10.40 35.68 59.92
CA ARG F 400 10.51 35.14 61.30
C ARG F 400 10.13 36.23 62.30
N THR F 401 9.36 35.88 63.32
CA THR F 401 8.81 36.84 64.30
C THR F 401 9.12 36.34 65.72
N PHE F 402 9.89 37.12 66.47
CA PHE F 402 10.37 36.85 67.84
C PHE F 402 9.66 37.78 68.84
N ASP F 403 8.94 37.21 69.81
CA ASP F 403 8.16 37.99 70.79
C ASP F 403 8.06 37.30 72.16
N SER F 404 8.62 36.10 72.35
CA SER F 404 8.39 35.29 73.57
C SER F 404 9.40 35.68 74.66
N SER F 405 9.46 36.97 74.99
CA SER F 405 10.34 37.54 76.06
C SER F 405 9.99 36.91 77.41
N TRP F 406 8.72 36.59 77.63
CA TRP F 406 8.22 35.99 78.89
C TRP F 406 8.99 34.70 79.19
N ASN F 407 9.38 33.95 78.16
CA ASN F 407 10.14 32.69 78.34
C ASN F 407 11.63 33.03 78.55
N TRP F 408 12.17 33.91 77.72
CA TRP F 408 13.62 34.19 77.64
C TRP F 408 14.11 34.82 78.96
N ALA F 409 13.28 35.60 79.64
CA ALA F 409 13.62 36.22 80.95
C ALA F 409 14.00 35.12 81.94
N LYS F 410 13.17 34.11 82.10
CA LYS F 410 13.43 32.99 83.04
C LYS F 410 14.71 32.26 82.62
N GLN F 411 14.98 32.17 81.31
CA GLN F 411 16.22 31.51 80.83
C GLN F 411 17.43 32.36 81.20
N SER F 412 17.40 33.66 80.87
CA SER F 412 18.44 34.67 81.17
C SER F 412 18.79 34.61 82.67
N LEU F 413 17.76 34.54 83.52
CA LEU F 413 17.92 34.54 84.99
C LEU F 413 18.72 33.30 85.38
N LEU F 414 18.30 32.13 84.89
CA LEU F 414 18.86 30.82 85.29
C LEU F 414 20.30 30.70 84.76
N SER F 415 20.56 31.31 83.61
CA SER F 415 21.89 31.31 82.95
C SER F 415 22.84 32.14 83.80
N LEU F 416 22.44 33.36 84.18
CA LEU F 416 23.17 34.24 85.14
C LEU F 416 23.45 33.46 86.43
N TYR F 417 22.42 32.87 87.02
CA TYR F 417 22.48 32.17 88.33
C TYR F 417 23.61 31.15 88.29
N PHE F 418 23.64 30.29 87.27
CA PHE F 418 24.61 29.16 87.21
C PHE F 418 25.97 29.66 86.77
N GLU F 419 26.04 30.77 86.03
CA GLU F 419 27.33 31.35 85.64
C GLU F 419 28.00 31.90 86.89
N ILE F 420 27.22 32.43 87.83
CA ILE F 420 27.78 32.98 89.11
C ILE F 420 28.21 31.80 89.97
N ILE F 421 27.40 30.74 90.08
CA ILE F 421 27.73 29.57 90.94
C ILE F 421 29.04 28.96 90.45
N HIS F 422 29.24 28.87 89.14
CA HIS F 422 30.42 28.20 88.54
C HIS F 422 31.60 29.16 88.45
N GLY F 423 31.43 30.43 88.81
CA GLY F 423 32.51 31.43 88.84
C GLY F 423 32.86 31.95 87.46
N VAL F 424 32.06 31.63 86.46
CA VAL F 424 32.17 32.24 85.10
C VAL F 424 31.98 33.76 85.22
N LEU F 425 31.04 34.20 86.06
CA LEU F 425 30.87 35.64 86.41
C LEU F 425 31.16 35.86 87.90
N LYS F 426 31.88 36.94 88.18
CA LYS F 426 32.33 37.33 89.54
C LYS F 426 31.65 38.66 89.86
N ASN F 427 31.81 39.13 91.10
CA ASN F 427 31.09 40.33 91.59
C ASN F 427 31.68 41.61 91.00
N VAL F 428 32.75 41.54 90.20
CA VAL F 428 33.38 42.73 89.56
C VAL F 428 32.83 42.89 88.12
N ASP F 429 32.57 41.76 87.44
CA ASP F 429 32.24 41.71 85.99
C ASP F 429 31.00 42.59 85.73
N ARG F 430 31.03 43.41 84.68
CA ARG F 430 29.91 44.29 84.32
C ARG F 430 28.82 43.47 83.63
N GLU F 431 29.17 42.33 83.04
CA GLU F 431 28.18 41.48 82.35
C GLU F 431 27.06 41.21 83.37
N VAL F 432 27.34 41.12 84.67
CA VAL F 432 26.26 40.82 85.67
C VAL F 432 25.38 42.06 85.85
N VAL F 433 25.88 43.28 85.66
CA VAL F 433 25.02 44.49 85.78
C VAL F 433 24.10 44.55 84.57
N SER F 434 24.64 44.42 83.36
CA SER F 434 23.84 44.53 82.11
C SER F 434 22.83 43.36 82.04
N GLU F 435 23.21 42.15 82.44
CA GLU F 435 22.25 41.01 82.39
C GLU F 435 21.15 41.26 83.44
N ALA F 436 21.46 41.99 84.52
CA ALA F 436 20.47 42.42 85.53
C ALA F 436 19.46 43.40 84.89
N ILE F 437 19.95 44.32 84.07
CA ILE F 437 19.11 45.32 83.36
C ILE F 437 18.12 44.58 82.45
N ASN F 438 18.59 43.53 81.78
CA ASN F 438 17.78 42.82 80.76
C ASN F 438 16.69 42.01 81.47
N ILE F 439 17.01 41.43 82.62
CA ILE F 439 16.01 40.72 83.46
C ILE F 439 15.00 41.74 83.99
N MET F 440 15.47 42.86 84.53
CA MET F 440 14.59 43.94 85.05
C MET F 440 13.66 44.42 83.93
N ASN F 441 14.18 44.54 82.71
CA ASN F 441 13.42 45.03 81.53
C ASN F 441 12.31 44.03 81.15
N ARG F 442 12.24 42.87 81.79
CA ARG F 442 11.22 41.85 81.49
C ARG F 442 10.46 41.46 82.76
N SER F 443 10.51 42.31 83.78
CA SER F 443 9.86 42.02 85.07
C SER F 443 8.34 41.89 84.86
N ASN F 444 7.80 40.74 85.26
CA ASN F 444 6.34 40.51 85.47
C ASN F 444 6.17 39.61 86.70
N ASP F 445 4.94 39.30 87.10
CA ASP F 445 4.64 38.60 88.37
C ASP F 445 5.23 37.19 88.35
N ALA F 446 5.20 36.51 87.20
CA ALA F 446 5.72 35.12 87.04
C ALA F 446 7.24 35.10 87.26
N LEU F 447 7.96 36.08 86.69
CA LEU F 447 9.44 36.21 86.75
C LEU F 447 9.84 36.38 88.22
N ILE F 448 9.09 37.18 88.96
CA ILE F 448 9.43 37.44 90.38
C ILE F 448 9.23 36.15 91.15
N LYS F 449 8.11 35.45 90.93
CA LYS F 449 7.80 34.15 91.60
C LYS F 449 8.92 33.16 91.29
N PHE F 450 9.43 33.18 90.07
CA PHE F 450 10.52 32.29 89.57
C PHE F 450 11.81 32.59 90.35
N MET F 451 12.19 33.87 90.47
CA MET F 451 13.43 34.29 91.18
C MET F 451 13.25 34.01 92.67
N GLU F 452 12.10 34.40 93.22
CA GLU F 452 11.76 34.14 94.63
C GLU F 452 12.03 32.66 94.91
N TYR F 453 11.52 31.74 94.09
CA TYR F 453 11.68 30.29 94.37
C TYR F 453 13.17 29.94 94.37
N HIS F 454 13.84 30.27 93.27
CA HIS F 454 15.23 29.83 93.00
C HIS F 454 16.21 30.47 93.99
N ILE F 455 16.07 31.78 94.27
CA ILE F 455 16.98 32.54 95.18
C ILE F 455 16.72 32.11 96.63
N SER F 456 15.47 32.02 97.04
CA SER F 456 15.15 31.63 98.43
C SER F 456 15.62 30.19 98.65
N ASN F 457 15.59 29.33 97.63
CA ASN F 457 15.90 27.88 97.83
C ASN F 457 17.37 27.62 97.47
N THR F 458 18.21 28.65 97.35
CA THR F 458 19.68 28.46 97.25
C THR F 458 20.25 28.55 98.66
N ASP F 459 21.17 27.65 98.96
CA ASP F 459 21.74 27.40 100.31
C ASP F 459 23.12 28.03 100.32
N GLU F 460 23.23 29.23 100.89
CA GLU F 460 24.48 30.02 100.98
C GLU F 460 25.61 29.19 101.61
N THR F 461 25.30 28.18 102.44
CA THR F 461 26.34 27.43 103.20
C THR F 461 27.15 26.53 102.26
N LYS F 462 26.72 26.37 101.00
CA LYS F 462 27.40 25.48 100.04
C LYS F 462 28.69 26.11 99.53
N GLY F 463 28.91 27.41 99.73
CA GLY F 463 30.18 28.07 99.33
C GLY F 463 29.98 29.51 98.93
N GLU F 464 31.08 30.24 98.73
CA GLU F 464 31.09 31.71 98.57
C GLU F 464 30.25 32.10 97.35
N ASN F 465 30.26 31.29 96.29
CA ASN F 465 29.55 31.59 95.03
C ASN F 465 28.04 31.48 95.25
N TYR F 466 27.59 30.52 96.07
CA TYR F 466 26.17 30.35 96.45
C TYR F 466 25.72 31.59 97.24
N GLN F 467 26.52 32.03 98.21
CA GLN F 467 26.25 33.25 99.02
C GLN F 467 26.15 34.46 98.07
N LEU F 468 27.10 34.59 97.13
CA LEU F 468 27.14 35.73 96.18
C LEU F 468 25.84 35.73 95.37
N VAL F 469 25.42 34.59 94.83
CA VAL F 469 24.24 34.55 93.94
C VAL F 469 23.00 34.84 94.78
N LYS F 470 23.00 34.39 96.03
CA LYS F 470 21.84 34.58 96.92
C LYS F 470 21.68 36.08 97.17
N THR F 471 22.79 36.79 97.38
CA THR F 471 22.74 38.25 97.67
C THR F 471 22.32 38.98 96.39
N LEU F 472 23.05 38.76 95.28
CA LEU F 472 22.73 39.36 93.96
C LEU F 472 21.24 39.09 93.68
N GLY F 473 20.79 37.85 93.92
CA GLY F 473 19.40 37.42 93.65
C GLY F 473 18.38 38.23 94.40
N GLU F 474 18.59 38.36 95.72
CA GLU F 474 17.69 39.10 96.63
C GLU F 474 17.57 40.55 96.13
N GLN F 475 18.69 41.13 95.71
CA GLN F 475 18.74 42.54 95.27
C GLN F 475 17.99 42.66 93.94
N LEU F 476 18.14 41.66 93.09
CA LEU F 476 17.53 41.65 91.75
C LEU F 476 16.02 41.48 91.89
N ILE F 477 15.56 40.71 92.89
CA ILE F 477 14.11 40.52 93.13
C ILE F 477 13.52 41.87 93.55
N GLU F 478 14.22 42.57 94.45
CA GLU F 478 13.80 43.89 94.98
C GLU F 478 13.70 44.84 93.79
N ASN F 479 14.71 44.87 92.93
CA ASN F 479 14.71 45.74 91.72
C ASN F 479 13.46 45.41 90.91
N CYS F 480 13.27 44.15 90.54
CA CYS F 480 12.21 43.70 89.61
C CYS F 480 10.83 44.09 90.18
N LYS F 481 10.68 44.08 91.49
CA LYS F 481 9.41 44.52 92.13
C LYS F 481 9.19 46.00 91.83
N GLN F 482 10.21 46.84 92.03
CA GLN F 482 10.08 48.31 91.82
C GLN F 482 9.77 48.61 90.35
N VAL F 483 10.35 47.86 89.43
CA VAL F 483 10.35 48.19 87.98
C VAL F 483 9.22 47.42 87.27
N LEU F 484 8.57 46.48 87.96
CA LEU F 484 7.23 45.98 87.53
C LEU F 484 6.38 47.21 87.22
N ASP F 485 5.69 47.28 86.08
CA ASP F 485 4.85 48.47 85.73
C ASP F 485 5.69 49.73 85.45
N VAL F 486 6.96 49.59 85.09
CA VAL F 486 7.80 50.71 84.56
C VAL F 486 8.25 50.33 83.15
N ASP F 487 8.19 51.28 82.24
CA ASP F 487 8.64 51.12 80.84
C ASP F 487 10.06 50.56 80.90
N PRO F 488 10.41 49.59 80.04
CA PRO F 488 11.76 49.06 80.00
C PRO F 488 12.66 50.12 79.36
N VAL F 489 13.97 49.88 79.38
CA VAL F 489 14.95 50.98 79.19
C VAL F 489 16.24 50.47 78.54
N TYR F 490 16.74 51.21 77.56
CA TYR F 490 18.06 51.04 76.92
C TYR F 490 19.09 51.69 77.86
N LYS F 491 20.00 50.88 78.40
CA LYS F 491 21.09 51.39 79.29
C LYS F 491 22.36 50.59 79.01
N ASP F 492 23.32 51.20 78.33
CA ASP F 492 24.62 50.58 77.98
C ASP F 492 25.60 50.89 79.11
N VAL F 493 26.02 49.85 79.81
CA VAL F 493 26.72 49.96 81.11
C VAL F 493 28.15 49.45 80.92
N ALA F 494 28.50 49.13 79.67
CA ALA F 494 29.79 48.55 79.24
C ALA F 494 30.94 49.53 79.48
N LYS F 495 32.16 49.00 79.55
CA LYS F 495 33.41 49.78 79.70
C LYS F 495 33.71 50.42 78.34
N PRO F 496 33.67 51.76 78.19
CA PRO F 496 34.01 52.38 76.92
C PRO F 496 35.52 52.27 76.67
N THR F 497 35.90 52.09 75.41
CA THR F 497 37.28 51.78 74.96
C THR F 497 37.72 52.74 73.83
N GLY F 498 39.04 52.78 73.66
CA GLY F 498 39.75 53.56 72.63
C GLY F 498 40.74 52.70 71.86
N PRO F 499 41.24 53.19 70.71
CA PRO F 499 42.18 52.42 69.89
C PRO F 499 43.59 52.44 70.47
N LYS F 500 44.27 51.30 70.35
CA LYS F 500 45.70 51.11 70.70
C LYS F 500 46.32 50.28 69.57
N THR F 501 47.30 50.85 68.88
CA THR F 501 48.10 50.22 67.80
C THR F 501 49.53 50.08 68.32
N ALA F 502 50.14 48.91 68.18
CA ALA F 502 51.52 48.63 68.64
C ALA F 502 52.27 47.81 67.59
N ILE F 503 53.57 48.05 67.49
CA ILE F 503 54.49 47.36 66.54
C ILE F 503 55.67 46.82 67.35
N ASP F 504 55.84 45.50 67.40
CA ASP F 504 56.88 44.84 68.24
C ASP F 504 58.27 45.10 67.63
N LYS F 505 59.30 44.40 68.14
CA LYS F 505 60.72 44.55 67.69
C LYS F 505 60.88 43.99 66.27
N ASN F 506 60.07 42.99 65.90
CA ASN F 506 60.14 42.25 64.60
C ASN F 506 59.08 42.78 63.63
N GLY F 507 58.58 43.99 63.85
CA GLY F 507 57.65 44.70 62.95
C GLY F 507 56.28 44.03 62.83
N ASN F 508 55.84 43.24 63.81
CA ASN F 508 54.44 42.73 63.84
C ASN F 508 53.52 43.84 64.34
N ILE F 509 52.38 44.01 63.65
CA ILE F 509 51.40 45.10 63.92
C ILE F 509 50.26 44.50 64.75
N THR F 510 50.06 45.01 65.98
CA THR F 510 48.96 44.65 66.90
C THR F 510 47.94 45.79 66.94
N TYR F 511 46.64 45.46 66.99
CA TYR F 511 45.55 46.41 67.32
C TYR F 511 44.65 45.83 68.41
N SER F 512 44.67 46.43 69.59
CA SER F 512 43.71 46.15 70.69
C SER F 512 42.75 47.34 70.88
N GLU F 513 41.57 47.04 71.44
CA GLU F 513 40.62 48.01 72.04
C GLU F 513 40.91 48.08 73.54
N GLU F 514 41.35 49.22 74.07
CA GLU F 514 41.79 49.35 75.48
C GLU F 514 40.85 50.28 76.24
N PRO F 515 40.69 50.08 77.58
CA PRO F 515 39.90 51.00 78.40
C PRO F 515 40.47 52.42 78.28
N ARG F 516 39.61 53.41 78.06
CA ARG F 516 40.01 54.84 77.96
C ARG F 516 40.41 55.34 79.34
N GLU F 517 41.41 56.22 79.40
CA GLU F 517 41.95 56.74 80.68
C GLU F 517 40.80 57.19 81.58
N LYS F 518 40.23 58.38 81.32
CA LYS F 518 39.33 59.08 82.26
C LYS F 518 37.86 58.77 81.94
N VAL F 519 37.59 57.75 81.12
CA VAL F 519 36.20 57.49 80.63
C VAL F 519 35.84 56.04 80.93
N ARG F 520 35.13 55.81 82.02
CA ARG F 520 34.84 54.47 82.60
C ARG F 520 33.38 54.09 82.36
N LYS F 521 32.52 55.03 81.95
CA LYS F 521 31.07 54.77 81.74
C LYS F 521 30.50 55.85 80.83
N LEU F 522 29.28 55.67 80.32
CA LEU F 522 28.74 56.59 79.28
C LEU F 522 28.43 57.96 79.89
N SER F 523 28.05 58.04 81.17
CA SER F 523 27.87 59.37 81.81
C SER F 523 29.14 60.19 81.55
N GLN F 524 30.32 59.60 81.74
CA GLN F 524 31.63 60.27 81.54
C GLN F 524 31.90 60.50 80.06
N TYR F 525 31.49 59.57 79.20
CA TYR F 525 31.60 59.73 77.72
C TYR F 525 30.89 61.03 77.30
N VAL F 526 29.65 61.23 77.77
CA VAL F 526 28.87 62.45 77.40
C VAL F 526 29.66 63.70 77.84
N GLN F 527 30.23 63.69 79.04
CA GLN F 527 31.06 64.80 79.57
C GLN F 527 32.21 65.07 78.60
N GLU F 528 32.94 64.02 78.20
CA GLU F 528 34.10 64.10 77.28
C GLU F 528 33.68 64.82 76.00
N MET F 529 32.52 64.44 75.47
CA MET F 529 31.97 64.95 74.18
C MET F 529 31.60 66.43 74.33
N ALA F 530 31.02 66.81 75.47
CA ALA F 530 30.59 68.20 75.72
C ALA F 530 31.79 69.14 75.78
N LEU F 531 32.93 68.67 76.32
CA LEU F 531 34.14 69.53 76.54
C LEU F 531 34.87 69.73 75.23
N GLY F 532 34.70 68.81 74.29
CA GLY F 532 35.40 68.84 73.00
C GLY F 532 36.89 68.72 73.23
N GLY F 533 37.67 69.52 72.50
CA GLY F 533 39.14 69.43 72.45
C GLY F 533 39.78 70.76 72.08
N PRO F 534 41.13 70.83 72.03
CA PRO F 534 41.82 72.09 71.74
C PRO F 534 41.55 72.50 70.28
N ILE F 535 41.27 71.53 69.41
CA ILE F 535 41.14 71.73 67.93
C ILE F 535 39.72 72.20 67.58
N THR F 536 38.75 72.16 68.52
CA THR F 536 37.31 72.39 68.21
C THR F 536 36.83 73.75 68.72
N LYS F 537 37.68 74.78 68.65
CA LYS F 537 37.26 76.21 68.79
C LYS F 537 36.72 76.71 67.45
N GLU F 538 36.31 77.97 67.41
CA GLU F 538 36.14 78.81 66.19
C GLU F 538 36.54 80.23 66.52
N SER F 539 36.05 80.81 67.63
CA SER F 539 36.44 82.16 68.12
C SER F 539 37.96 82.14 68.28
N MET F 599 28.05 66.85 88.81
CA MET F 599 27.76 65.97 87.65
C MET F 599 28.39 64.57 87.86
N ASP F 600 29.35 64.44 88.79
CA ASP F 600 30.24 63.27 89.06
C ASP F 600 29.59 62.36 90.11
N VAL F 601 29.01 61.23 89.69
CA VAL F 601 28.31 60.22 90.55
C VAL F 601 29.29 59.07 90.81
N GLU F 602 29.48 58.70 92.09
CA GLU F 602 30.25 57.51 92.54
C GLU F 602 29.50 56.25 92.11
N ASP F 603 30.23 55.20 91.76
CA ASP F 603 29.67 53.93 91.20
C ASP F 603 30.54 52.76 91.64
N ALA F 604 29.95 51.57 91.66
CA ALA F 604 30.62 50.30 92.07
C ALA F 604 31.05 49.49 90.83
N LEU F 605 30.88 50.03 89.62
CA LEU F 605 31.27 49.36 88.34
C LEU F 605 32.76 48.97 88.43
N ASP F 606 33.05 47.67 88.29
CA ASP F 606 34.41 47.05 88.30
C ASP F 606 34.90 46.75 89.73
N LYS F 607 34.12 47.07 90.77
CA LYS F 607 34.45 46.75 92.19
C LYS F 607 33.40 45.81 92.80
N ASP F 608 32.13 46.23 92.84
CA ASP F 608 30.99 45.49 93.48
C ASP F 608 29.76 45.60 92.56
N SER F 609 29.53 44.61 91.70
CA SER F 609 28.45 44.63 90.69
C SER F 609 27.09 44.47 91.37
N THR F 610 27.01 43.71 92.47
CA THR F 610 25.77 43.55 93.28
C THR F 610 25.32 44.92 93.81
N LYS F 611 26.27 45.76 94.27
CA LYS F 611 25.98 47.09 94.84
C LYS F 611 25.48 48.00 93.72
N GLU F 612 26.10 47.91 92.53
CA GLU F 612 25.74 48.75 91.35
C GLU F 612 24.35 48.33 90.86
N VAL F 613 24.00 47.04 90.95
CA VAL F 613 22.67 46.47 90.59
C VAL F 613 21.59 47.12 91.48
N ALA F 614 21.89 47.37 92.75
CA ALA F 614 20.94 47.91 93.76
C ALA F 614 20.45 49.31 93.36
N SER F 615 21.27 50.08 92.64
CA SER F 615 21.01 51.49 92.28
C SER F 615 20.43 51.64 90.87
N LEU F 616 20.25 50.54 90.13
CA LEU F 616 19.69 50.57 88.75
C LEU F 616 18.30 51.20 88.73
N PRO F 617 17.33 50.78 89.59
CA PRO F 617 15.96 51.31 89.52
C PRO F 617 15.85 52.81 89.85
N ASN F 618 16.75 53.35 90.66
CA ASN F 618 16.71 54.75 91.15
C ASN F 618 17.04 55.69 89.99
N LYS F 619 16.23 56.73 89.81
CA LYS F 619 16.40 57.80 88.78
C LYS F 619 17.29 58.90 89.34
N SER F 620 18.53 59.02 88.83
CA SER F 620 19.53 60.04 89.26
C SER F 620 19.02 61.42 88.85
N THR F 621 19.00 62.32 89.84
CA THR F 621 18.68 63.77 89.72
C THR F 621 20.01 64.49 89.42
N ILE F 622 20.07 65.19 88.28
CA ILE F 622 21.27 65.96 87.84
C ILE F 622 20.99 67.45 88.08
N SER F 623 21.64 68.07 89.10
CA SER F 623 21.61 69.54 89.32
C SER F 623 22.26 70.25 88.12
N LYS F 624 23.56 69.94 87.91
CA LYS F 624 24.43 70.51 86.83
C LYS F 624 24.34 69.60 85.61
N THR F 625 23.29 69.84 84.81
CA THR F 625 23.14 69.42 83.38
C THR F 625 24.49 69.64 82.67
N VAL F 626 25.05 68.61 82.07
CA VAL F 626 26.38 68.60 81.38
C VAL F 626 26.48 69.76 80.38
N SER F 627 25.39 70.17 79.74
CA SER F 627 25.38 71.22 78.71
C SER F 627 25.93 72.53 79.31
N SER F 628 25.63 72.78 80.58
CA SER F 628 26.12 73.96 81.33
C SER F 628 27.65 73.96 81.47
N THR F 629 28.33 72.82 81.26
CA THR F 629 29.80 72.69 81.40
C THR F 629 30.53 73.01 80.08
N ILE F 630 29.81 73.27 78.99
CA ILE F 630 30.41 73.45 77.63
C ILE F 630 31.12 74.81 77.59
N PRO F 631 32.47 74.88 77.50
CA PRO F 631 33.14 76.17 77.42
C PRO F 631 32.58 76.89 76.19
N ARG F 632 32.05 78.09 76.37
CA ARG F 632 31.63 78.96 75.23
C ARG F 632 32.88 79.22 74.40
N GLU F 633 32.75 79.23 73.07
CA GLU F 633 33.89 79.32 72.11
C GLU F 633 34.32 77.90 71.74
N THR F 634 33.88 76.87 72.48
CA THR F 634 34.14 75.45 72.14
C THR F 634 32.90 74.81 71.52
N ILE F 635 33.13 74.05 70.45
CA ILE F 635 32.14 73.20 69.73
C ILE F 635 32.32 71.79 70.26
N PRO F 636 31.27 71.18 70.85
CA PRO F 636 31.36 69.78 71.30
C PRO F 636 31.64 68.79 70.16
N PHE F 637 32.08 67.60 70.55
CA PHE F 637 32.46 66.48 69.64
C PHE F 637 31.19 65.87 69.05
N LEU F 638 30.06 65.97 69.76
CA LEU F 638 28.68 65.73 69.26
C LEU F 638 27.90 67.03 69.42
N HIS F 639 27.24 67.51 68.38
CA HIS F 639 26.35 68.69 68.47
C HIS F 639 25.23 68.57 67.45
N LEU F 640 24.22 69.42 67.55
CA LEU F 640 23.20 69.66 66.50
C LEU F 640 23.52 70.98 65.81
N ARG F 641 22.95 71.19 64.64
CA ARG F 641 23.18 72.39 63.80
C ARG F 641 21.85 73.07 63.48
N LYS F 642 21.89 74.35 63.18
CA LYS F 642 20.74 75.16 62.74
C LYS F 642 21.09 75.68 61.35
N LYS F 643 20.12 75.81 60.46
CA LYS F 643 20.38 76.33 59.10
C LYS F 643 20.35 77.85 59.17
N THR F 644 21.44 78.53 58.79
CA THR F 644 21.52 80.01 58.68
C THR F 644 20.70 80.44 57.48
N PRO F 645 20.10 81.66 57.47
CA PRO F 645 19.42 82.18 56.28
C PRO F 645 20.28 82.11 55.01
N ALA F 646 21.59 82.35 55.16
CA ALA F 646 22.63 82.15 54.13
C ALA F 646 22.57 80.72 53.58
N GLY F 647 22.18 79.74 54.39
CA GLY F 647 21.87 78.37 53.94
C GLY F 647 22.86 77.32 54.43
N ASP F 648 23.92 77.71 55.14
CA ASP F 648 24.89 76.77 55.77
C ASP F 648 24.30 76.21 57.08
N TRP F 649 24.79 75.03 57.49
CA TRP F 649 24.40 74.38 58.76
C TRP F 649 25.51 74.59 59.79
N LYS F 650 25.37 75.59 60.65
CA LYS F 650 26.37 75.96 61.69
C LYS F 650 25.95 75.36 63.04
N TYR F 651 26.91 75.06 63.93
CA TYR F 651 26.69 74.60 65.32
C TYR F 651 25.67 75.52 65.98
N ASP F 652 24.72 74.97 66.74
CA ASP F 652 23.76 75.74 67.57
C ASP F 652 23.92 75.30 69.02
N ARG F 653 24.39 76.18 69.90
CA ARG F 653 24.71 75.88 71.31
C ARG F 653 23.46 75.32 71.99
N GLN F 654 22.31 75.95 71.76
CA GLN F 654 21.05 75.64 72.49
C GLN F 654 20.55 74.24 72.14
N LEU F 655 20.29 73.96 70.86
CA LEU F 655 19.84 72.61 70.39
C LEU F 655 20.84 71.55 70.84
N SER F 656 22.14 71.82 70.76
CA SER F 656 23.22 70.87 71.10
C SER F 656 23.14 70.50 72.58
N SER F 657 22.83 71.49 73.42
CA SER F 657 22.59 71.33 74.89
C SER F 657 21.42 70.37 75.08
N LEU F 658 20.31 70.64 74.41
CA LEU F 658 19.10 69.79 74.42
C LEU F 658 19.50 68.34 74.15
N PHE F 659 20.32 68.12 73.13
CA PHE F 659 20.73 66.77 72.66
C PHE F 659 21.67 66.14 73.68
N LEU F 660 22.71 66.87 74.09
CA LEU F 660 23.78 66.38 75.01
C LEU F 660 23.18 66.08 76.39
N ASP F 661 22.15 66.83 76.80
CA ASP F 661 21.45 66.61 78.10
C ASP F 661 20.61 65.35 77.95
N GLY F 662 19.95 65.17 76.82
CA GLY F 662 19.27 63.91 76.43
C GLY F 662 20.18 62.71 76.63
N LEU F 663 21.43 62.81 76.17
CA LEU F 663 22.44 61.72 76.24
C LEU F 663 22.78 61.46 77.71
N GLU F 664 22.99 62.51 78.49
CA GLU F 664 23.40 62.39 79.91
C GLU F 664 22.28 61.66 80.67
N LYS F 665 21.06 62.16 80.52
CA LYS F 665 19.81 61.56 81.07
C LYS F 665 19.79 60.08 80.68
N ALA F 666 19.93 59.79 79.39
CA ALA F 666 19.90 58.43 78.82
C ALA F 666 20.92 57.55 79.53
N ALA F 667 22.12 58.05 79.78
CA ALA F 667 23.24 57.25 80.32
C ALA F 667 22.94 56.85 81.77
N PHE F 668 22.33 57.74 82.57
CA PHE F 668 22.06 57.51 84.02
C PHE F 668 20.78 56.69 84.21
N ASN F 669 19.70 57.09 83.55
CA ASN F 669 18.31 56.59 83.80
C ASN F 669 17.82 55.66 82.68
N GLY F 670 18.54 55.54 81.58
CA GLY F 670 18.08 54.80 80.39
C GLY F 670 17.02 55.58 79.64
N VAL F 671 16.80 55.22 78.36
CA VAL F 671 15.70 55.71 77.48
C VAL F 671 14.78 54.54 77.21
N THR F 672 13.46 54.76 77.22
CA THR F 672 12.48 53.75 76.76
C THR F 672 12.12 54.04 75.31
N PHE F 673 11.87 52.98 74.56
CA PHE F 673 11.38 53.01 73.16
C PHE F 673 10.08 52.22 73.08
N LYS F 674 9.40 51.99 74.21
CA LYS F 674 8.14 51.23 74.20
C LYS F 674 7.18 51.99 73.28
N ASP F 675 6.31 51.27 72.59
CA ASP F 675 5.32 51.91 71.70
C ASP F 675 5.99 52.56 70.49
N LYS F 676 7.28 52.33 70.23
CA LYS F 676 7.94 52.83 68.99
C LYS F 676 8.08 51.70 67.98
N TYR F 677 7.60 51.93 66.76
CA TYR F 677 7.60 50.94 65.67
C TYR F 677 8.68 51.34 64.68
N VAL F 678 9.71 50.52 64.49
CA VAL F 678 10.94 50.91 63.75
C VAL F 678 11.21 49.91 62.63
N LEU F 679 11.61 50.43 61.46
CA LEU F 679 12.20 49.66 60.33
C LEU F 679 13.68 49.99 60.27
N ILE F 680 14.56 48.98 60.25
CA ILE F 680 16.04 49.20 60.17
C ILE F 680 16.64 48.26 59.12
N THR F 681 17.30 48.85 58.12
CA THR F 681 18.08 48.12 57.10
C THR F 681 19.56 48.29 57.43
N GLY F 682 20.39 47.32 57.09
CA GLY F 682 21.85 47.45 57.29
C GLY F 682 22.26 47.13 58.72
N ALA F 683 21.55 46.26 59.42
CA ALA F 683 21.85 45.90 60.82
C ALA F 683 22.41 44.47 60.87
N GLY F 684 23.38 44.19 60.03
CA GLY F 684 24.05 42.88 60.06
C GLY F 684 24.94 42.75 61.27
N LYS F 685 25.25 41.54 61.70
CA LYS F 685 26.28 41.30 62.73
C LYS F 685 27.52 42.13 62.41
N GLY F 686 28.15 42.71 63.43
CA GLY F 686 29.41 43.47 63.30
C GLY F 686 29.18 44.89 62.84
N SER F 687 27.93 45.32 62.70
CA SER F 687 27.58 46.67 62.17
C SER F 687 27.20 47.61 63.30
N ILE F 688 27.18 48.91 63.00
CA ILE F 688 26.55 49.92 63.88
C ILE F 688 25.08 49.59 64.03
N GLY F 689 24.40 49.27 62.93
CA GLY F 689 22.97 48.93 62.95
C GLY F 689 22.61 47.90 64.01
N ALA F 690 23.41 46.83 64.15
CA ALA F 690 23.15 45.72 65.07
C ALA F 690 23.20 46.22 66.52
N GLU F 691 24.08 47.19 66.78
CA GLU F 691 24.22 47.81 68.12
C GLU F 691 23.01 48.69 68.37
N VAL F 692 22.55 49.43 67.36
CA VAL F 692 21.29 50.21 67.42
C VAL F 692 20.14 49.25 67.74
N LEU F 693 20.07 48.11 67.04
CA LEU F 693 18.94 47.17 67.19
C LEU F 693 18.91 46.65 68.62
N GLN F 694 20.05 46.26 69.19
CA GLN F 694 20.10 45.76 70.57
C GLN F 694 19.45 46.82 71.47
N GLY F 695 19.76 48.09 71.25
CA GLY F 695 19.25 49.20 72.07
C GLY F 695 17.74 49.33 71.95
N LEU F 696 17.24 49.36 70.71
CA LEU F 696 15.79 49.49 70.43
C LEU F 696 15.05 48.39 71.20
N LEU F 697 15.56 47.16 71.13
CA LEU F 697 14.88 45.99 71.74
C LEU F 697 14.94 46.11 73.27
N GLN F 698 16.08 46.52 73.80
CA GLN F 698 16.28 46.71 75.25
C GLN F 698 15.24 47.70 75.78
N GLY F 699 14.80 48.63 74.94
CA GLY F 699 13.85 49.70 75.33
C GLY F 699 12.43 49.35 74.97
N GLY F 700 12.19 48.14 74.46
CA GLY F 700 10.83 47.61 74.25
C GLY F 700 10.21 48.02 72.92
N ALA F 701 11.04 48.43 71.97
CA ALA F 701 10.59 48.79 70.60
C ALA F 701 10.05 47.56 69.89
N LYS F 702 9.27 47.78 68.83
CA LYS F 702 8.83 46.73 67.89
C LYS F 702 9.52 47.06 66.58
N VAL F 703 10.34 46.14 66.09
CA VAL F 703 11.37 46.43 65.06
C VAL F 703 11.27 45.41 63.94
N VAL F 704 11.33 45.87 62.68
CA VAL F 704 11.55 45.01 61.50
C VAL F 704 13.02 45.17 61.10
N VAL F 705 13.80 44.09 61.15
CA VAL F 705 15.19 44.05 60.64
C VAL F 705 15.14 43.38 59.29
N THR F 706 15.77 44.01 58.29
CA THR F 706 16.07 43.41 56.99
C THR F 706 17.43 42.72 57.07
N THR F 707 17.57 41.64 56.32
CA THR F 707 18.88 41.01 56.00
C THR F 707 18.89 40.64 54.52
N SER F 708 19.98 40.92 53.84
CA SER F 708 20.22 40.53 52.43
C SER F 708 20.91 39.17 52.40
N ARG F 709 21.21 38.60 53.57
CA ARG F 709 21.98 37.34 53.70
C ARG F 709 21.16 36.38 54.56
N PHE F 710 19.84 36.39 54.39
CA PHE F 710 18.90 35.51 55.12
C PHE F 710 19.39 34.06 55.00
N SER F 711 19.48 33.38 56.12
CA SER F 711 20.09 32.05 56.28
C SER F 711 19.83 31.58 57.71
N LYS F 712 20.11 30.31 58.01
CA LYS F 712 19.85 29.83 59.39
C LYS F 712 20.82 30.52 60.35
N GLN F 713 22.06 30.72 59.92
CA GLN F 713 23.09 31.41 60.74
C GLN F 713 22.54 32.79 61.15
N VAL F 714 22.02 33.56 60.20
CA VAL F 714 21.52 34.95 60.41
C VAL F 714 20.25 34.92 61.25
N THR F 715 19.39 33.96 61.00
CA THR F 715 18.08 33.81 61.66
C THR F 715 18.35 33.54 63.15
N ASP F 716 19.25 32.61 63.44
CA ASP F 716 19.67 32.20 64.81
C ASP F 716 20.37 33.35 65.52
N TYR F 717 21.15 34.14 64.77
CA TYR F 717 21.84 35.35 65.29
C TYR F 717 20.79 36.29 65.87
N TYR F 718 19.80 36.68 65.07
CA TYR F 718 18.75 37.65 65.50
C TYR F 718 17.92 36.99 66.61
N GLN F 719 17.70 35.68 66.60
CA GLN F 719 16.96 35.02 67.71
C GLN F 719 17.74 35.22 69.01
N SER F 720 19.05 35.00 69.00
CA SER F 720 19.90 35.11 70.22
C SER F 720 19.93 36.56 70.73
N ILE F 721 19.87 37.54 69.82
CA ILE F 721 19.77 38.97 70.19
C ILE F 721 18.45 39.19 70.93
N TYR F 722 17.35 38.70 70.40
CA TYR F 722 16.02 38.93 71.02
C TYR F 722 15.94 38.21 72.37
N ALA F 723 16.53 37.02 72.43
CA ALA F 723 16.47 36.20 73.66
C ALA F 723 17.32 36.85 74.76
N LYS F 724 18.24 37.75 74.40
CA LYS F 724 19.15 38.39 75.39
C LYS F 724 18.62 39.77 75.80
N TYR F 725 18.20 40.60 74.83
CA TYR F 725 17.92 42.05 74.96
C TYR F 725 16.43 42.39 74.82
N GLY F 726 15.65 41.51 74.22
CA GLY F 726 14.22 41.73 73.92
C GLY F 726 13.43 41.90 75.18
N ALA F 727 13.07 43.16 75.47
CA ALA F 727 12.38 43.61 76.69
C ALA F 727 10.90 43.27 76.60
N LYS F 728 10.17 43.41 77.71
CA LYS F 728 8.69 43.28 77.73
C LYS F 728 8.12 44.27 76.71
N GLY F 729 7.21 43.81 75.86
CA GLY F 729 6.55 44.68 74.88
C GLY F 729 7.34 44.78 73.59
N SER F 730 8.60 44.37 73.57
CA SER F 730 9.40 44.31 72.34
C SER F 730 8.88 43.19 71.46
N THR F 731 9.01 43.33 70.14
CA THR F 731 9.01 42.19 69.17
C THR F 731 10.04 42.50 68.07
N LEU F 732 10.67 41.46 67.55
CA LEU F 732 11.67 41.54 66.47
C LEU F 732 11.11 40.76 65.30
N ILE F 733 11.07 41.36 64.11
CA ILE F 733 10.62 40.67 62.88
C ILE F 733 11.77 40.74 61.87
N VAL F 734 12.31 39.58 61.53
CA VAL F 734 13.42 39.43 60.55
C VAL F 734 12.81 39.07 59.20
N VAL F 735 13.16 39.81 58.15
CA VAL F 735 12.68 39.54 56.77
C VAL F 735 13.89 39.54 55.86
N PRO F 736 13.94 38.68 54.83
CA PRO F 736 14.92 38.79 53.78
C PRO F 736 14.53 40.03 52.98
N PHE F 737 15.49 40.78 52.44
CA PHE F 737 15.19 42.04 51.73
C PHE F 737 16.43 42.50 50.97
N ASN F 738 16.25 42.91 49.73
CA ASN F 738 17.31 43.50 48.88
C ASN F 738 16.93 44.95 48.57
N GLN F 739 17.53 45.92 49.28
CA GLN F 739 17.22 47.36 49.12
C GLN F 739 17.56 47.82 47.69
N GLY F 740 18.27 47.00 46.91
CA GLY F 740 18.56 47.28 45.49
C GLY F 740 17.34 47.11 44.59
N SER F 741 16.31 46.44 45.07
CA SER F 741 15.12 46.03 44.28
C SER F 741 13.96 46.94 44.61
N LYS F 742 13.49 47.70 43.63
CA LYS F 742 12.27 48.54 43.76
C LYS F 742 11.14 47.67 44.29
N GLN F 743 11.03 46.44 43.80
CA GLN F 743 9.91 45.53 44.12
C GLN F 743 9.99 45.15 45.60
N ASP F 744 11.20 44.89 46.10
CA ASP F 744 11.39 44.49 47.51
C ASP F 744 10.98 45.66 48.40
N VAL F 745 11.38 46.87 48.02
CA VAL F 745 11.07 48.11 48.78
C VAL F 745 9.55 48.20 48.88
N GLU F 746 8.85 48.17 47.76
CA GLU F 746 7.38 48.33 47.74
C GLU F 746 6.73 47.19 48.53
N ALA F 747 7.23 45.97 48.39
CA ALA F 747 6.64 44.76 48.98
C ALA F 747 6.80 44.79 50.50
N LEU F 748 7.97 45.21 50.97
CA LEU F 748 8.30 45.31 52.41
C LEU F 748 7.33 46.29 53.06
N ILE F 749 7.17 47.48 52.49
CA ILE F 749 6.32 48.52 53.12
C ILE F 749 4.87 48.05 53.06
N GLU F 750 4.46 47.39 51.98
CA GLU F 750 3.08 46.85 51.82
C GLU F 750 2.84 45.84 52.94
N PHE F 751 3.82 45.00 53.23
CA PHE F 751 3.76 43.95 54.26
C PHE F 751 3.62 44.57 55.64
N ILE F 752 4.42 45.59 55.91
CA ILE F 752 4.40 46.25 57.26
C ILE F 752 3.01 46.83 57.47
N TYR F 753 2.40 47.44 56.44
CA TYR F 753 1.17 48.26 56.57
C TYR F 753 -0.08 47.41 56.44
N ASP F 754 -0.02 46.31 55.70
CA ASP F 754 -1.20 45.44 55.44
C ASP F 754 -1.74 44.90 56.76
N THR F 755 -3.04 44.63 56.83
CA THR F 755 -3.70 44.06 58.04
C THR F 755 -3.16 42.64 58.29
N GLU F 756 -3.34 42.13 59.51
CA GLU F 756 -2.95 40.73 59.86
C GLU F 756 -3.86 39.79 59.06
N LYS F 757 -5.11 40.22 58.84
CA LYS F 757 -6.11 39.47 58.05
C LYS F 757 -5.56 39.28 56.63
N ASN F 758 -4.83 40.25 56.08
CA ASN F 758 -4.20 40.15 54.72
C ASN F 758 -2.75 39.68 54.83
N GLY F 759 -2.31 39.10 55.95
CA GLY F 759 -0.96 38.52 56.10
C GLY F 759 0.16 39.54 56.22
N GLY F 760 -0.19 40.77 56.63
CA GLY F 760 0.75 41.85 57.00
C GLY F 760 0.91 41.95 58.52
N LEU F 761 1.69 42.93 58.97
CA LEU F 761 2.01 43.17 60.41
C LEU F 761 0.92 44.03 61.04
N GLY F 762 0.25 44.83 60.21
CA GLY F 762 -0.73 45.84 60.64
C GLY F 762 -0.06 46.93 61.46
N TRP F 763 1.16 47.30 61.10
CA TRP F 763 1.95 48.34 61.80
C TRP F 763 1.86 49.66 61.04
N ASP F 764 2.31 50.70 61.70
CA ASP F 764 2.48 52.08 61.16
C ASP F 764 3.79 52.58 61.74
N LEU F 765 4.79 52.91 60.91
CA LEU F 765 6.18 53.11 61.38
C LEU F 765 6.33 54.46 62.07
N ASP F 766 7.16 54.51 63.10
CA ASP F 766 7.55 55.74 63.84
C ASP F 766 8.99 56.15 63.48
N ALA F 767 9.82 55.20 63.05
CA ALA F 767 11.22 55.51 62.69
C ALA F 767 11.63 54.60 61.54
N ILE F 768 12.39 55.14 60.60
CA ILE F 768 13.06 54.36 59.53
C ILE F 768 14.55 54.61 59.66
N ILE F 769 15.36 53.57 59.75
CA ILE F 769 16.85 53.66 59.87
C ILE F 769 17.44 52.93 58.66
N PRO F 770 17.56 53.59 57.50
CA PRO F 770 17.96 52.92 56.27
C PRO F 770 19.47 52.85 56.04
N PHE F 771 20.14 51.97 56.77
CA PHE F 771 21.63 51.91 56.85
C PHE F 771 22.18 50.90 55.82
N ALA F 772 21.33 50.20 55.08
CA ALA F 772 21.78 49.22 54.06
C ALA F 772 22.75 49.91 53.11
N ALA F 773 23.83 49.22 52.76
CA ALA F 773 24.89 49.76 51.87
C ALA F 773 25.81 48.62 51.47
N ILE F 774 26.57 48.81 50.39
CA ILE F 774 27.62 47.85 49.97
C ILE F 774 28.90 48.63 49.79
N PRO F 775 30.06 48.04 50.12
CA PRO F 775 31.34 48.70 50.00
C PRO F 775 31.70 48.95 48.53
N GLU F 776 32.28 50.10 48.25
CA GLU F 776 32.94 50.36 46.96
C GLU F 776 34.34 50.85 47.33
N GLN F 777 35.39 50.13 46.92
CA GLN F 777 36.79 50.51 47.24
C GLN F 777 37.63 50.32 45.99
N GLY F 778 38.57 51.22 45.75
CA GLY F 778 39.43 51.15 44.56
C GLY F 778 38.65 51.47 43.30
N ILE F 779 37.57 52.22 43.41
CA ILE F 779 36.74 52.62 42.25
C ILE F 779 36.79 54.13 42.16
N GLU F 780 37.71 54.68 41.39
CA GLU F 780 37.75 56.14 41.09
C GLU F 780 36.74 56.48 40.01
N LEU F 781 36.64 57.75 39.66
CA LEU F 781 35.80 58.28 38.56
C LEU F 781 35.80 57.27 37.41
N GLU F 782 36.95 56.97 36.82
CA GLU F 782 36.98 56.26 35.52
C GLU F 782 36.61 54.78 35.69
N HIS F 783 36.50 54.30 36.93
CA HIS F 783 36.17 52.89 37.23
C HIS F 783 34.67 52.76 37.49
N ILE F 784 33.94 53.86 37.67
CA ILE F 784 32.52 53.80 38.11
C ILE F 784 31.75 53.01 37.06
N ASP F 785 31.16 51.87 37.45
CA ASP F 785 30.40 51.04 36.48
C ASP F 785 29.23 50.36 37.21
N SER F 786 29.00 49.07 36.96
CA SER F 786 27.74 48.37 37.34
C SER F 786 27.60 48.38 38.87
N LYS F 787 28.61 47.92 39.59
CA LYS F 787 28.59 47.82 41.07
C LYS F 787 28.21 49.18 41.66
N SER F 788 28.87 50.24 41.21
CA SER F 788 28.70 51.61 41.78
C SER F 788 27.30 52.13 41.46
N GLU F 789 26.82 51.90 40.24
CA GLU F 789 25.48 52.38 39.83
C GLU F 789 24.43 51.66 40.67
N PHE F 790 24.70 50.41 41.03
CA PHE F 790 23.80 49.57 41.85
C PHE F 790 23.89 50.03 43.29
N ALA F 791 25.10 50.23 43.79
CA ALA F 791 25.37 50.72 45.16
C ALA F 791 24.60 52.03 45.37
N HIS F 792 24.69 52.93 44.41
CA HIS F 792 24.00 54.24 44.42
C HIS F 792 22.50 54.02 44.47
N ARG F 793 22.00 52.93 43.89
CA ARG F 793 20.54 52.65 43.89
C ARG F 793 20.12 52.28 45.31
N ILE F 794 20.91 51.44 45.97
CA ILE F 794 20.65 50.98 47.35
C ILE F 794 20.64 52.21 48.27
N MET F 795 21.65 53.05 48.12
CA MET F 795 22.07 53.99 49.19
C MET F 795 21.49 55.38 48.96
N LEU F 796 20.81 55.61 47.83
CA LEU F 796 20.05 56.86 47.56
C LEU F 796 18.67 56.57 46.94
N THR F 797 18.63 56.16 45.67
CA THR F 797 17.38 56.14 44.88
C THR F 797 16.34 55.31 45.64
N ASN F 798 16.68 54.12 46.14
CA ASN F 798 15.67 53.26 46.80
C ASN F 798 15.42 53.69 48.25
N ILE F 799 16.20 54.59 48.83
CA ILE F 799 15.85 55.19 50.16
C ILE F 799 14.75 56.22 49.90
N LEU F 800 14.91 57.03 48.84
CA LEU F 800 13.84 57.99 48.44
C LEU F 800 12.56 57.18 48.22
N ARG F 801 12.67 56.07 47.48
CA ARG F 801 11.52 55.21 47.14
C ARG F 801 10.87 54.69 48.43
N MET F 802 11.69 54.16 49.33
CA MET F 802 11.25 53.61 50.65
C MET F 802 10.46 54.70 51.39
N MET F 803 11.02 55.90 51.50
CA MET F 803 10.35 57.03 52.20
C MET F 803 9.00 57.29 51.51
N GLY F 804 9.03 57.43 50.19
CA GLY F 804 7.84 57.63 49.36
C GLY F 804 6.75 56.60 49.64
N CYS F 805 7.11 55.33 49.70
CA CYS F 805 6.15 54.24 50.02
C CYS F 805 5.49 54.51 51.38
N VAL F 806 6.25 54.75 52.44
CA VAL F 806 5.57 54.87 53.76
C VAL F 806 4.80 56.18 53.75
N LYS F 807 5.23 57.19 52.99
CA LYS F 807 4.40 58.40 52.81
C LYS F 807 3.04 57.99 52.24
N LYS F 808 3.05 57.25 51.14
CA LYS F 808 1.83 56.86 50.38
C LYS F 808 0.92 56.05 51.30
N GLN F 809 1.48 55.13 52.08
CA GLN F 809 0.69 54.21 52.93
C GLN F 809 0.02 55.02 54.03
N LYS F 810 0.74 55.96 54.64
CA LYS F 810 0.15 56.78 55.72
C LYS F 810 -0.97 57.62 55.13
N SER F 811 -0.73 58.31 54.02
CA SER F 811 -1.70 59.26 53.41
C SER F 811 -2.96 58.51 52.99
N ALA F 812 -2.79 57.36 52.35
CA ALA F 812 -3.87 56.43 51.97
C ALA F 812 -4.82 56.19 53.15
N ARG F 813 -4.32 56.16 54.39
CA ARG F 813 -5.14 55.89 55.60
C ARG F 813 -5.39 57.18 56.38
N GLY F 814 -5.15 58.33 55.77
CA GLY F 814 -5.32 59.66 56.41
C GLY F 814 -4.56 59.78 57.71
N ILE F 815 -3.31 59.31 57.76
CA ILE F 815 -2.43 59.39 58.96
C ILE F 815 -1.56 60.66 58.86
N GLU F 816 -2.10 61.76 59.38
CA GLU F 816 -1.50 63.12 59.31
C GLU F 816 -0.73 63.44 60.59
N THR F 817 -0.83 62.63 61.65
CA THR F 817 -0.30 62.99 63.00
C THR F 817 0.53 61.85 63.60
N ARG F 818 1.21 61.05 62.79
CA ARG F 818 2.17 60.06 63.29
C ARG F 818 3.31 59.99 62.31
N PRO F 819 4.16 61.02 62.27
CA PRO F 819 5.28 61.04 61.34
C PRO F 819 6.25 59.93 61.72
N ALA F 820 6.89 59.33 60.71
CA ALA F 820 8.04 58.41 60.87
C ALA F 820 9.33 59.23 60.76
N GLN F 821 10.16 59.15 61.79
CA GLN F 821 11.48 59.82 61.86
C GLN F 821 12.48 59.02 61.03
N VAL F 822 13.06 59.63 60.01
CA VAL F 822 14.06 58.95 59.15
C VAL F 822 15.45 59.34 59.63
N ILE F 823 16.21 58.42 60.22
CA ILE F 823 17.63 58.64 60.63
C ILE F 823 18.52 58.45 59.41
N LEU F 824 18.73 59.51 58.61
CA LEU F 824 19.59 59.46 57.41
C LEU F 824 21.05 59.28 57.80
N PRO F 825 21.75 58.27 57.28
CA PRO F 825 23.18 58.11 57.53
C PRO F 825 23.99 58.95 56.56
N MET F 826 24.46 60.12 57.01
CA MET F 826 25.17 61.10 56.15
C MET F 826 26.66 61.08 56.43
N SER F 827 27.44 61.70 55.56
CA SER F 827 28.91 61.65 55.63
C SER F 827 29.42 63.08 55.73
N PRO F 828 30.47 63.30 56.55
CA PRO F 828 31.12 64.61 56.62
C PRO F 828 32.13 64.79 55.49
N ASN F 829 32.51 63.70 54.84
CA ASN F 829 33.59 63.70 53.82
C ASN F 829 32.96 63.29 52.49
N HIS F 830 32.92 64.19 51.51
CA HIS F 830 32.32 63.95 50.17
C HIS F 830 33.41 64.00 49.11
N GLY F 831 33.92 62.82 48.73
CA GLY F 831 35.04 62.66 47.76
C GLY F 831 36.31 63.28 48.30
N THR F 832 36.47 63.23 49.62
CA THR F 832 37.70 63.61 50.35
C THR F 832 38.79 62.57 50.08
N PHE F 833 38.46 61.28 50.11
CA PHE F 833 39.46 60.18 50.07
C PHE F 833 39.62 59.65 48.65
N GLY F 834 38.52 59.63 47.89
CA GLY F 834 38.50 59.10 46.51
C GLY F 834 38.55 57.59 46.49
N GLY F 835 38.21 56.99 45.36
CA GLY F 835 38.17 55.54 45.17
C GLY F 835 36.97 54.91 45.84
N ASP F 836 35.98 55.70 46.25
CA ASP F 836 34.76 55.20 46.93
C ASP F 836 33.62 55.04 45.92
N GLY F 837 33.91 54.94 44.63
CA GLY F 837 32.87 54.75 43.60
C GLY F 837 31.87 55.88 43.64
N MET F 838 30.60 55.61 43.91
CA MET F 838 29.56 56.68 44.02
C MET F 838 29.04 56.80 45.46
N TYR F 839 29.86 56.43 46.45
CA TYR F 839 29.53 56.57 47.90
C TYR F 839 29.19 58.02 48.18
N SER F 840 30.11 58.92 47.82
CA SER F 840 30.05 60.35 48.19
C SER F 840 28.82 60.99 47.53
N GLU F 841 28.49 60.58 46.30
CA GLU F 841 27.35 61.14 45.55
C GLU F 841 26.06 60.65 46.22
N SER F 842 26.05 59.40 46.65
CA SER F 842 24.91 58.81 47.41
C SER F 842 24.68 59.66 48.67
N LYS F 843 25.73 59.83 49.48
CA LYS F 843 25.61 60.41 50.83
C LYS F 843 25.34 61.91 50.75
N LEU F 844 25.80 62.57 49.70
CA LEU F 844 25.60 64.03 49.56
C LEU F 844 24.16 64.26 49.10
N SER F 845 23.69 63.48 48.15
CA SER F 845 22.32 63.58 47.60
C SER F 845 21.30 63.56 48.72
N LEU F 846 21.55 62.80 49.79
CA LEU F 846 20.56 62.63 50.89
C LEU F 846 20.26 63.99 51.51
N GLU F 847 21.17 64.94 51.33
CA GLU F 847 21.09 66.27 52.00
C GLU F 847 19.99 67.11 51.36
N THR F 848 19.45 66.75 50.19
CA THR F 848 18.28 67.44 49.61
C THR F 848 17.07 67.29 50.54
N LEU F 849 16.97 66.18 51.26
CA LEU F 849 15.77 65.86 52.07
C LEU F 849 15.58 66.93 53.16
N PHE F 850 16.64 67.61 53.59
CA PHE F 850 16.54 68.74 54.55
C PHE F 850 15.63 69.82 53.98
N ASN F 851 15.59 69.98 52.66
CA ASN F 851 14.79 71.05 52.01
C ASN F 851 13.47 70.49 51.48
N ARG F 852 13.47 69.26 50.99
CA ARG F 852 12.25 68.66 50.40
C ARG F 852 11.19 68.51 51.48
N TRP F 853 11.58 68.36 52.73
CA TRP F 853 10.61 68.30 53.86
C TRP F 853 9.71 69.53 53.82
N HIS F 854 10.28 70.72 53.57
CA HIS F 854 9.54 72.00 53.51
C HIS F 854 8.74 72.11 52.20
N SER F 855 9.34 71.71 51.07
CA SER F 855 8.89 72.12 49.72
C SER F 855 7.83 71.18 49.15
N GLU F 856 7.58 70.04 49.77
CA GLU F 856 6.70 68.99 49.22
C GLU F 856 5.70 68.63 50.30
N SER F 857 4.76 67.77 49.97
CA SER F 857 3.57 67.51 50.82
C SER F 857 3.77 66.29 51.72
N TRP F 858 4.98 65.99 52.20
CA TRP F 858 5.16 64.76 53.04
C TRP F 858 5.62 65.08 54.46
N ALA F 859 5.57 66.33 54.91
CA ALA F 859 6.15 66.74 56.21
C ALA F 859 5.39 66.09 57.38
N ASN F 860 4.11 65.75 57.23
CA ASN F 860 3.31 65.18 58.34
C ASN F 860 3.48 63.66 58.43
N GLN F 861 4.17 63.08 57.45
CA GLN F 861 4.26 61.61 57.27
C GLN F 861 5.67 61.16 57.65
N LEU F 862 6.68 61.91 57.22
CA LEU F 862 8.12 61.67 57.49
C LEU F 862 8.72 62.93 58.13
N THR F 863 9.61 62.77 59.11
CA THR F 863 10.54 63.86 59.55
C THR F 863 11.94 63.42 59.20
N VAL F 864 12.84 64.36 58.92
CA VAL F 864 14.23 64.01 58.52
C VAL F 864 15.16 64.40 59.66
N CYS F 865 16.01 63.46 60.05
CA CYS F 865 17.01 63.54 61.13
C CYS F 865 18.34 63.02 60.56
N GLY F 866 19.15 63.91 59.99
CA GLY F 866 20.46 63.56 59.43
C GLY F 866 21.47 63.31 60.54
N ALA F 867 22.06 62.12 60.59
CA ALA F 867 23.21 61.80 61.46
C ALA F 867 24.49 61.88 60.61
N ILE F 868 25.34 62.85 60.88
CA ILE F 868 26.70 62.91 60.27
C ILE F 868 27.59 61.95 61.06
N ILE F 869 27.73 60.72 60.58
CA ILE F 869 28.35 59.60 61.34
C ILE F 869 29.87 59.70 61.24
N GLY F 870 30.56 59.65 62.37
CA GLY F 870 32.01 59.91 62.42
C GLY F 870 32.82 58.65 62.18
N TRP F 871 34.11 58.71 62.44
CA TRP F 871 35.06 57.59 62.28
C TRP F 871 34.73 56.50 63.29
N THR F 872 34.38 55.30 62.84
CA THR F 872 33.77 54.27 63.70
C THR F 872 34.52 52.93 63.54
N ARG F 873 35.64 52.77 64.28
CA ARG F 873 36.39 51.50 64.46
C ARG F 873 35.45 50.28 64.40
N GLY F 874 35.69 49.33 63.51
CA GLY F 874 34.74 48.23 63.18
C GLY F 874 34.44 47.33 64.37
N THR F 875 34.64 46.03 64.22
CA THR F 875 34.43 44.98 65.27
C THR F 875 35.59 44.98 66.29
N GLY F 876 36.38 46.06 66.37
CA GLY F 876 37.50 46.22 67.32
C GLY F 876 38.67 45.25 67.07
N LEU F 877 38.78 44.69 65.86
CA LEU F 877 39.90 43.84 65.36
C LEU F 877 40.88 44.71 64.55
N MET F 878 41.94 44.13 64.00
CA MET F 878 42.96 44.84 63.18
C MET F 878 42.39 45.12 61.77
N SER F 879 41.97 46.36 61.52
CA SER F 879 41.55 46.94 60.22
C SER F 879 42.68 47.86 59.72
N ALA F 880 42.70 48.21 58.42
CA ALA F 880 43.63 49.23 57.86
C ALA F 880 43.20 50.62 58.35
N ASN F 881 41.95 50.77 58.78
CA ASN F 881 41.38 52.00 59.38
C ASN F 881 41.61 52.04 60.88
N ASN F 882 41.46 50.92 61.59
CA ASN F 882 41.63 50.89 63.06
C ASN F 882 43.09 51.21 63.43
N ILE F 883 44.05 50.77 62.63
CA ILE F 883 45.49 50.85 63.04
C ILE F 883 45.92 52.32 63.06
N ILE F 884 45.20 53.21 62.37
CA ILE F 884 45.55 54.67 62.31
C ILE F 884 44.61 55.48 63.21
N ALA F 885 43.61 54.86 63.86
CA ALA F 885 42.65 55.54 64.75
C ALA F 885 43.39 56.22 65.89
N GLU F 886 44.22 55.46 66.63
CA GLU F 886 45.00 56.02 67.76
C GLU F 886 45.76 57.26 67.26
N GLY F 887 46.30 57.18 66.04
CA GLY F 887 47.06 58.26 65.40
C GLY F 887 46.19 59.48 65.15
N ILE F 888 45.00 59.28 64.60
CA ILE F 888 44.02 60.38 64.34
C ILE F 888 43.69 61.06 65.66
N GLU F 889 43.53 60.30 66.74
CA GLU F 889 43.12 60.84 68.06
C GLU F 889 44.23 61.73 68.63
N LYS F 890 45.50 61.45 68.33
CA LYS F 890 46.63 62.31 68.73
C LYS F 890 46.42 63.75 68.23
N MET F 891 45.53 64.00 67.27
CA MET F 891 45.22 65.37 66.77
C MET F 891 44.25 66.10 67.70
N GLY F 892 43.69 65.42 68.70
CA GLY F 892 42.70 66.02 69.63
C GLY F 892 41.28 65.84 69.10
N VAL F 893 41.04 64.66 68.53
CA VAL F 893 39.88 64.31 67.67
C VAL F 893 39.37 62.96 68.18
N ARG F 894 38.12 62.60 67.96
CA ARG F 894 37.52 61.42 68.63
C ARG F 894 37.03 60.41 67.58
N THR F 895 37.52 59.18 67.64
CA THR F 895 36.96 58.03 66.91
C THR F 895 36.01 57.30 67.85
N PHE F 896 35.12 56.47 67.32
CA PHE F 896 33.98 55.90 68.08
C PHE F 896 33.97 54.38 67.96
N SER F 897 33.68 53.70 69.08
CA SER F 897 33.27 52.28 69.08
C SER F 897 31.91 52.20 68.42
N GLN F 898 31.47 51.02 67.99
CA GLN F 898 30.12 50.91 67.38
C GLN F 898 29.08 51.17 68.46
N LYS F 899 29.32 50.71 69.69
CA LYS F 899 28.39 50.94 70.82
C LYS F 899 28.25 52.45 71.06
N GLU F 900 29.36 53.19 71.02
CA GLU F 900 29.36 54.66 71.22
C GLU F 900 28.49 55.28 70.12
N MET F 901 28.69 54.90 68.87
CA MET F 901 27.98 55.52 67.73
C MET F 901 26.50 55.14 67.77
N ALA F 902 26.19 53.95 68.29
CA ALA F 902 24.81 53.43 68.41
C ALA F 902 24.09 54.25 69.48
N PHE F 903 24.78 54.47 70.60
CA PHE F 903 24.31 55.36 71.68
C PHE F 903 24.03 56.76 71.12
N ASN F 904 25.00 57.29 70.37
CA ASN F 904 24.85 58.62 69.73
C ASN F 904 23.54 58.65 68.93
N LEU F 905 23.28 57.59 68.16
CA LEU F 905 22.16 57.55 67.19
C LEU F 905 20.86 57.34 67.95
N LEU F 906 20.84 56.41 68.90
CA LEU F 906 19.67 56.14 69.76
C LEU F 906 19.33 57.41 70.55
N GLY F 907 20.32 58.26 70.81
CA GLY F 907 20.10 59.58 71.40
C GLY F 907 19.23 60.47 70.52
N LEU F 908 19.05 60.15 69.24
CA LEU F 908 18.21 60.96 68.34
C LEU F 908 16.75 60.46 68.36
N LEU F 909 16.47 59.35 69.06
CA LEU F 909 15.10 58.81 69.21
C LEU F 909 14.54 59.15 70.59
N THR F 910 15.25 59.94 71.40
CA THR F 910 14.72 60.43 72.70
C THR F 910 13.51 61.30 72.40
N PRO F 911 12.49 61.35 73.27
CA PRO F 911 11.28 62.14 73.00
C PRO F 911 11.62 63.59 72.60
N GLU F 912 12.64 64.17 73.23
CA GLU F 912 13.00 65.60 73.05
C GLU F 912 13.38 65.85 71.59
N VAL F 913 14.24 65.02 70.98
CA VAL F 913 14.75 65.29 69.61
C VAL F 913 13.75 64.72 68.58
N VAL F 914 12.93 63.75 68.95
CA VAL F 914 11.80 63.28 68.09
C VAL F 914 10.90 64.48 67.84
N GLU F 915 10.65 65.28 68.88
CA GLU F 915 9.73 66.43 68.82
C GLU F 915 10.41 67.54 68.03
N LEU F 916 11.73 67.59 68.07
CA LEU F 916 12.53 68.67 67.45
C LEU F 916 12.46 68.49 65.93
N CYS F 917 12.51 67.22 65.50
CA CYS F 917 12.45 66.78 64.08
C CYS F 917 11.11 67.16 63.46
N GLN F 918 10.06 67.13 64.28
CA GLN F 918 8.66 67.42 63.87
C GLN F 918 8.53 68.92 63.65
N LYS F 919 9.30 69.76 64.33
CA LYS F 919 9.26 71.24 64.16
C LYS F 919 9.97 71.59 62.85
N SER F 920 11.21 71.16 62.71
CA SER F 920 12.09 71.42 61.56
C SER F 920 13.07 70.27 61.43
N PRO F 921 13.62 69.94 60.23
CA PRO F 921 14.64 68.89 60.09
C PRO F 921 15.84 69.14 61.02
N VAL F 922 16.28 68.08 61.70
CA VAL F 922 17.44 68.06 62.64
C VAL F 922 18.67 67.57 61.87
N MET F 923 19.84 68.08 62.23
CA MET F 923 21.14 67.64 61.68
C MET F 923 22.12 67.47 62.84
N ALA F 924 22.56 66.24 63.09
CA ALA F 924 23.40 65.90 64.25
C ALA F 924 24.81 65.60 63.74
N ASP F 925 25.77 66.44 64.09
CA ASP F 925 27.21 66.17 63.86
C ASP F 925 27.62 65.17 64.93
N LEU F 926 27.95 63.94 64.52
CA LEU F 926 28.42 62.84 65.41
C LEU F 926 29.81 62.41 64.95
N ASN F 927 30.59 63.42 64.57
CA ASN F 927 31.90 63.33 63.88
C ASN F 927 32.91 63.97 64.82
N GLY F 928 33.82 63.21 65.41
CA GLY F 928 34.41 63.62 66.71
C GLY F 928 35.32 64.83 66.61
N GLY F 929 34.84 65.92 66.01
CA GLY F 929 35.67 67.08 65.62
C GLY F 929 36.64 66.78 64.49
N LEU F 930 36.43 65.70 63.75
CA LEU F 930 37.30 65.28 62.62
C LEU F 930 37.29 66.37 61.53
N GLN F 931 36.21 67.16 61.46
CA GLN F 931 36.03 68.26 60.47
C GLN F 931 37.23 69.19 60.55
N PHE F 932 37.85 69.31 61.73
CA PHE F 932 38.80 70.40 62.05
C PHE F 932 40.23 70.00 61.71
N VAL F 933 40.54 68.71 61.50
CA VAL F 933 41.92 68.33 61.07
C VAL F 933 41.98 68.60 59.56
N PRO F 934 42.94 69.44 59.10
CA PRO F 934 42.99 69.87 57.70
C PRO F 934 43.72 68.85 56.83
N GLU F 935 43.52 68.92 55.52
CA GLU F 935 44.10 67.96 54.54
C GLU F 935 43.90 66.54 55.10
N LEU F 936 42.67 66.21 55.47
CA LEU F 936 42.36 64.94 56.19
C LEU F 936 42.87 63.75 55.38
N LYS F 937 42.90 63.83 54.05
CA LYS F 937 43.32 62.68 53.22
C LYS F 937 44.84 62.50 53.34
N GLU F 938 45.62 63.53 52.97
CA GLU F 938 47.10 63.50 53.02
C GLU F 938 47.52 63.02 54.41
N PHE F 939 46.81 63.44 55.46
CA PHE F 939 47.20 63.18 56.88
C PHE F 939 46.97 61.71 57.22
N THR F 940 45.75 61.25 56.99
CA THR F 940 45.32 59.83 57.03
C THR F 940 46.36 58.95 56.33
N ALA F 941 46.73 59.32 55.10
CA ALA F 941 47.62 58.56 54.20
C ALA F 941 49.03 58.52 54.77
N LYS F 942 49.47 59.62 55.39
CA LYS F 942 50.81 59.72 56.05
C LYS F 942 50.84 58.72 57.21
N LEU F 943 49.82 58.74 58.07
CA LEU F 943 49.72 57.85 59.25
C LEU F 943 49.89 56.40 58.81
N ARG F 944 49.24 55.97 57.72
CA ARG F 944 49.28 54.57 57.24
C ARG F 944 50.69 54.29 56.71
N LYS F 945 51.26 55.18 55.90
CA LYS F 945 52.62 55.02 55.30
C LYS F 945 53.63 54.75 56.43
N GLU F 946 53.66 55.61 57.45
CA GLU F 946 54.65 55.58 58.56
C GLU F 946 54.50 54.27 59.34
N LEU F 947 53.27 53.80 59.59
CA LEU F 947 53.01 52.52 60.29
C LEU F 947 53.58 51.39 59.45
N VAL F 948 53.16 51.29 58.19
CA VAL F 948 53.57 50.22 57.23
C VAL F 948 55.09 50.26 57.07
N GLU F 949 55.67 51.41 56.74
CA GLU F 949 57.14 51.58 56.64
C GLU F 949 57.77 50.95 57.90
N THR F 950 57.43 51.43 59.10
CA THR F 950 58.01 50.94 60.39
C THR F 950 57.89 49.42 60.46
N SER F 951 56.73 48.86 60.18
CA SER F 951 56.49 47.39 60.15
C SER F 951 57.42 46.72 59.14
N GLU F 952 57.34 47.10 57.86
CA GLU F 952 58.11 46.50 56.73
C GLU F 952 59.61 46.47 57.04
N VAL F 953 60.22 47.61 57.39
CA VAL F 953 61.70 47.69 57.63
C VAL F 953 62.04 46.78 58.81
N ARG F 954 61.26 46.81 59.89
CA ARG F 954 61.54 45.94 61.06
C ARG F 954 61.45 44.47 60.63
N LYS F 955 60.45 44.09 59.85
CA LYS F 955 60.27 42.67 59.41
C LYS F 955 61.45 42.27 58.54
N ALA F 956 61.87 43.11 57.60
CA ALA F 956 63.02 42.84 56.69
C ALA F 956 64.32 42.73 57.49
N VAL F 957 64.64 43.75 58.29
CA VAL F 957 65.87 43.78 59.16
C VAL F 957 65.86 42.57 60.09
N SER F 958 64.70 42.20 60.61
CA SER F 958 64.52 40.97 61.43
C SER F 958 65.00 39.75 60.62
N ILE F 959 64.39 39.48 59.46
CA ILE F 959 64.66 38.30 58.58
C ILE F 959 66.15 38.24 58.23
N GLU F 960 66.78 39.39 57.96
CA GLU F 960 68.18 39.46 57.48
C GLU F 960 69.15 39.23 58.65
N THR F 961 68.88 39.76 59.84
CA THR F 961 69.76 39.54 61.02
C THR F 961 69.61 38.08 61.44
N ALA F 962 68.44 37.46 61.23
CA ALA F 962 68.21 36.01 61.43
C ALA F 962 69.15 35.20 60.52
N LEU F 963 69.21 35.53 59.23
CA LEU F 963 70.02 34.80 58.21
C LEU F 963 71.52 35.02 58.49
N GLU F 964 71.93 36.26 58.80
CA GLU F 964 73.33 36.61 59.17
C GLU F 964 73.74 35.78 60.40
N HIS F 965 72.83 35.56 61.36
CA HIS F 965 73.08 34.72 62.56
C HIS F 965 73.34 33.29 62.08
N LYS F 966 72.44 32.75 61.23
CA LYS F 966 72.46 31.36 60.71
C LYS F 966 73.76 31.09 59.95
N VAL F 967 74.17 32.00 59.08
CA VAL F 967 75.43 31.85 58.29
C VAL F 967 76.63 31.78 59.25
N VAL F 968 76.67 32.65 60.26
CA VAL F 968 77.83 32.80 61.19
C VAL F 968 77.87 31.60 62.13
N ASN F 969 76.71 31.14 62.62
CA ASN F 969 76.62 30.18 63.77
C ASN F 969 76.25 28.78 63.28
N GLY F 970 75.67 28.63 62.08
CA GLY F 970 75.29 27.32 61.50
C GLY F 970 73.86 26.95 61.81
N ASN F 971 73.31 25.95 61.11
CA ASN F 971 71.91 25.42 61.27
C ASN F 971 71.79 24.59 62.57
N SER F 972 72.92 24.27 63.21
CA SER F 972 73.04 23.71 64.60
C SER F 972 72.46 24.70 65.62
N ALA F 973 72.97 25.95 65.64
CA ALA F 973 72.65 27.04 66.61
C ALA F 973 71.13 27.25 66.78
N ASP F 974 70.34 27.06 65.71
CA ASP F 974 68.88 27.39 65.63
C ASP F 974 68.03 26.11 65.49
N ALA F 975 68.66 24.92 65.59
CA ALA F 975 68.01 23.58 65.74
C ALA F 975 67.92 23.22 67.24
N ALA F 976 68.90 23.64 68.07
CA ALA F 976 68.92 23.62 69.56
C ALA F 976 68.26 24.90 70.11
N TYR F 977 67.14 25.32 69.50
CA TYR F 977 66.35 26.56 69.75
C TYR F 977 64.86 26.22 69.51
N ALA F 978 64.52 25.82 68.28
CA ALA F 978 63.18 25.36 67.84
C ALA F 978 62.66 24.28 68.80
N GLN F 979 61.63 24.60 69.61
CA GLN F 979 61.00 23.68 70.61
C GLN F 979 60.36 22.49 69.89
N VAL F 980 59.95 21.45 70.63
CA VAL F 980 59.16 20.30 70.11
C VAL F 980 57.72 20.45 70.59
N GLU F 981 56.78 20.65 69.66
CA GLU F 981 55.34 20.77 69.96
C GLU F 981 54.70 19.40 69.80
N ILE F 982 53.71 19.15 70.64
CA ILE F 982 52.97 17.86 70.72
C ILE F 982 51.54 18.14 70.27
N GLN F 983 51.09 17.44 69.24
CA GLN F 983 49.72 17.56 68.68
C GLN F 983 48.86 16.50 69.37
N PRO F 984 47.58 16.79 69.64
CA PRO F 984 46.69 15.81 70.29
C PRO F 984 46.28 14.67 69.36
N ARG F 985 46.24 13.46 69.89
CA ARG F 985 45.53 12.30 69.28
C ARG F 985 44.22 12.14 70.04
N ALA F 986 43.20 11.64 69.37
CA ALA F 986 41.88 11.40 69.97
C ALA F 986 42.02 10.26 70.97
N ASN F 987 41.33 10.33 72.10
CA ASN F 987 41.34 9.24 73.11
C ASN F 987 39.89 9.03 73.56
N ILE F 988 39.11 8.37 72.73
CA ILE F 988 37.64 8.20 72.92
C ILE F 988 37.38 7.46 74.23
N GLN F 989 36.45 7.95 75.04
CA GLN F 989 36.17 7.43 76.40
C GLN F 989 34.77 6.84 76.45
N LEU F 990 34.54 5.87 77.34
CA LEU F 990 33.21 5.26 77.53
C LEU F 990 32.33 6.14 78.42
N ASP F 991 32.90 7.08 79.19
CA ASP F 991 32.19 7.94 80.18
C ASP F 991 31.27 7.09 81.05
N PHE F 992 31.81 6.10 81.77
CA PHE F 992 31.12 5.49 82.92
C PHE F 992 30.93 6.59 83.96
N PRO F 993 29.89 6.54 84.81
CA PRO F 993 29.62 7.60 85.78
C PRO F 993 30.74 7.70 86.81
N GLU F 994 31.02 8.90 87.29
CA GLU F 994 32.05 9.16 88.33
C GLU F 994 31.50 8.70 89.66
N LEU F 995 32.22 7.83 90.37
CA LEU F 995 31.84 7.41 91.74
C LEU F 995 32.55 8.30 92.76
N LYS F 996 31.82 9.08 93.53
CA LYS F 996 32.43 9.96 94.56
C LYS F 996 32.80 9.08 95.75
N PRO F 997 33.66 9.57 96.67
CA PRO F 997 33.94 8.84 97.91
C PRO F 997 32.67 8.76 98.77
N TYR F 998 32.56 7.66 99.52
CA TYR F 998 31.34 7.27 100.26
C TYR F 998 30.84 8.40 101.16
N LYS F 999 31.73 9.04 101.90
CA LYS F 999 31.38 10.08 102.90
C LYS F 999 30.56 11.17 102.21
N GLN F 1000 30.81 11.41 100.92
CA GLN F 1000 30.24 12.54 100.15
C GLN F 1000 28.91 12.13 99.52
N VAL F 1001 28.82 10.87 99.12
CA VAL F 1001 27.67 10.30 98.36
C VAL F 1001 26.56 9.95 99.37
N LYS F 1002 26.95 9.73 100.63
CA LYS F 1002 26.01 9.36 101.72
C LYS F 1002 25.25 10.62 102.17
N GLN F 1003 25.77 11.81 101.88
CA GLN F 1003 25.13 13.11 102.24
C GLN F 1003 23.94 13.36 101.32
N ILE F 1004 23.98 12.82 100.11
CA ILE F 1004 22.96 13.05 99.05
C ILE F 1004 21.61 12.51 99.50
N ALA F 1005 21.58 11.22 99.85
CA ALA F 1005 20.34 10.50 100.23
C ALA F 1005 20.11 10.66 101.73
N PRO F 1006 18.85 10.57 102.21
CA PRO F 1006 18.58 10.61 103.65
C PRO F 1006 19.34 9.50 104.37
N ALA F 1007 19.72 9.76 105.63
CA ALA F 1007 20.43 8.79 106.49
C ALA F 1007 19.62 7.51 106.60
N GLU F 1008 18.29 7.64 106.59
CA GLU F 1008 17.30 6.57 106.90
C GLU F 1008 17.26 5.54 105.77
N LEU F 1009 17.65 5.93 104.56
CA LEU F 1009 17.51 5.07 103.36
C LEU F 1009 18.37 3.81 103.53
N GLU F 1010 19.47 3.88 104.30
CA GLU F 1010 20.43 2.76 104.44
C GLU F 1010 19.67 1.53 104.93
N GLY F 1011 19.63 0.46 104.12
CA GLY F 1011 19.05 -0.83 104.51
C GLY F 1011 17.53 -0.80 104.58
N LEU F 1012 16.91 0.17 103.89
CA LEU F 1012 15.45 0.37 103.87
C LEU F 1012 14.84 -0.27 102.61
N LEU F 1013 15.55 -0.28 101.48
CA LEU F 1013 15.05 -0.81 100.19
C LEU F 1013 15.46 -2.27 100.00
N ASP F 1014 14.57 -3.12 99.48
CA ASP F 1014 14.90 -4.37 98.76
C ASP F 1014 15.56 -3.94 97.45
N LEU F 1015 16.85 -4.16 97.30
CA LEU F 1015 17.65 -3.68 96.15
C LEU F 1015 17.46 -4.61 94.94
N GLU F 1016 16.79 -5.75 95.13
CA GLU F 1016 16.40 -6.64 94.01
C GLU F 1016 15.18 -6.06 93.30
N ARG F 1017 14.54 -5.07 93.93
CA ARG F 1017 13.30 -4.45 93.42
C ARG F 1017 13.56 -2.98 93.11
N VAL F 1018 14.83 -2.55 93.09
CA VAL F 1018 15.25 -1.23 92.54
C VAL F 1018 15.83 -1.50 91.16
N ILE F 1019 15.23 -0.92 90.12
CA ILE F 1019 15.64 -1.20 88.71
C ILE F 1019 16.55 -0.07 88.26
N VAL F 1020 17.65 -0.43 87.63
CA VAL F 1020 18.80 0.48 87.39
C VAL F 1020 19.23 0.32 85.93
N VAL F 1021 19.51 1.41 85.21
CA VAL F 1021 20.07 1.34 83.84
C VAL F 1021 21.60 1.22 83.95
N THR F 1022 22.13 0.15 83.40
CA THR F 1022 23.52 -0.34 83.57
C THR F 1022 24.34 -0.01 82.32
N GLY F 1023 23.67 0.21 81.20
CA GLY F 1023 24.29 0.50 79.89
C GLY F 1023 23.26 0.98 78.88
N PHE F 1024 23.69 1.78 77.90
CA PHE F 1024 22.78 2.31 76.86
C PHE F 1024 23.58 2.68 75.61
N ALA F 1025 22.85 2.80 74.50
CA ALA F 1025 23.44 3.00 73.16
C ALA F 1025 22.32 3.33 72.19
N GLU F 1026 22.68 3.88 71.05
CA GLU F 1026 21.74 4.20 69.96
C GLU F 1026 22.48 4.21 68.62
N VAL F 1027 21.73 3.94 67.57
CA VAL F 1027 22.14 4.19 66.17
C VAL F 1027 21.12 5.16 65.64
N GLY F 1028 21.57 6.34 65.24
CA GLY F 1028 20.66 7.42 64.83
C GLY F 1028 21.37 8.45 63.96
N PRO F 1029 20.62 9.48 63.52
CA PRO F 1029 21.15 10.47 62.59
C PRO F 1029 22.43 11.16 63.07
N TRP F 1030 22.75 11.14 64.36
CA TRP F 1030 23.99 11.82 64.83
C TRP F 1030 25.01 10.79 65.33
N GLY F 1031 24.91 9.56 64.82
CA GLY F 1031 25.85 8.47 65.13
C GLY F 1031 25.47 7.84 66.46
N SER F 1032 26.47 7.58 67.31
CA SER F 1032 26.33 6.85 68.59
C SER F 1032 25.78 7.80 69.66
N ALA F 1033 25.48 7.26 70.83
CA ALA F 1033 25.02 8.05 72.00
C ALA F 1033 26.11 9.06 72.40
N ARG F 1034 27.38 8.73 72.16
CA ARG F 1034 28.54 9.60 72.46
C ARG F 1034 28.47 10.85 71.58
N THR F 1035 28.36 10.66 70.27
CA THR F 1035 28.43 11.72 69.23
C THR F 1035 27.15 12.52 69.28
N ARG F 1036 26.01 11.87 69.42
CA ARG F 1036 24.72 12.57 69.49
C ARG F 1036 24.73 13.50 70.69
N TRP F 1037 25.29 13.06 71.82
CA TRP F 1037 25.26 13.85 73.08
C TRP F 1037 26.12 15.10 72.86
N GLU F 1038 27.28 14.95 72.25
CA GLU F 1038 28.16 16.12 71.95
C GLU F 1038 27.35 17.11 71.12
N MET F 1039 26.61 16.61 70.14
CA MET F 1039 25.90 17.53 69.21
C MET F 1039 24.73 18.16 69.96
N GLU F 1040 23.98 17.38 70.75
CA GLU F 1040 22.78 17.85 71.51
C GLU F 1040 23.22 18.95 72.49
N ALA F 1041 24.29 18.70 73.24
CA ALA F 1041 24.66 19.47 74.45
C ALA F 1041 25.59 20.63 74.09
N PHE F 1042 26.49 20.44 73.15
CA PHE F 1042 27.59 21.40 72.86
C PHE F 1042 27.49 21.97 71.44
N GLY F 1043 26.75 21.35 70.53
CA GLY F 1043 26.53 21.87 69.17
C GLY F 1043 27.74 21.75 68.26
N GLU F 1044 28.81 21.09 68.73
CA GLU F 1044 30.01 20.80 67.91
C GLU F 1044 30.71 19.60 68.50
N PHE F 1045 31.56 18.94 67.72
CA PHE F 1045 32.24 17.71 68.14
C PHE F 1045 33.60 18.05 68.74
N SER F 1046 34.00 17.30 69.75
CA SER F 1046 35.40 17.20 70.24
C SER F 1046 36.25 16.58 69.14
N LEU F 1047 37.54 16.43 69.36
CA LEU F 1047 38.42 15.57 68.54
C LEU F 1047 37.85 14.16 68.55
N GLU F 1048 37.46 13.69 69.75
CA GLU F 1048 36.98 12.31 69.97
C GLU F 1048 35.65 12.13 69.23
N GLY F 1049 34.82 13.17 69.19
CA GLY F 1049 33.54 13.10 68.48
C GLY F 1049 33.78 13.07 66.99
N CYS F 1050 34.68 13.93 66.53
CA CYS F 1050 34.97 14.12 65.11
C CYS F 1050 35.59 12.85 64.54
N VAL F 1051 36.49 12.20 65.29
CA VAL F 1051 37.17 10.97 64.83
C VAL F 1051 36.15 9.84 64.82
N GLU F 1052 35.28 9.76 65.81
CA GLU F 1052 34.24 8.70 65.84
C GLU F 1052 33.31 8.85 64.62
N MET F 1053 32.88 10.07 64.31
CA MET F 1053 31.98 10.30 63.15
C MET F 1053 32.74 9.90 61.88
N ALA F 1054 33.98 10.37 61.74
CA ALA F 1054 34.81 10.07 60.55
C ALA F 1054 34.92 8.54 60.37
N TRP F 1055 35.01 7.80 61.47
CA TRP F 1055 35.18 6.33 61.47
C TRP F 1055 33.86 5.66 61.07
N ILE F 1056 32.75 6.07 61.69
CA ILE F 1056 31.38 5.53 61.47
C ILE F 1056 31.05 5.59 59.99
N MET F 1057 31.25 6.79 59.45
CA MET F 1057 30.86 7.20 58.07
C MET F 1057 31.87 6.67 57.05
N GLY F 1058 32.96 6.06 57.50
CA GLY F 1058 33.93 5.39 56.63
C GLY F 1058 34.85 6.35 55.89
N PHE F 1059 34.92 7.59 56.31
CA PHE F 1059 35.91 8.56 55.78
C PHE F 1059 37.33 8.06 56.06
N ILE F 1060 37.55 7.46 57.24
CA ILE F 1060 38.89 6.97 57.71
C ILE F 1060 38.78 5.52 58.18
N SER F 1061 39.86 4.76 58.00
CA SER F 1061 40.03 3.36 58.50
C SER F 1061 41.39 3.24 59.16
N TYR F 1062 41.46 2.46 60.24
CA TYR F 1062 42.73 2.11 60.91
C TYR F 1062 43.61 1.32 59.94
N HIS F 1063 44.92 1.52 60.03
CA HIS F 1063 45.94 0.82 59.22
C HIS F 1063 47.14 0.52 60.10
N ASN F 1064 47.71 -0.67 59.95
CA ASN F 1064 48.86 -1.13 60.79
C ASN F 1064 49.68 -2.09 59.95
N GLY F 1065 50.78 -1.58 59.42
CA GLY F 1065 51.63 -2.26 58.42
C GLY F 1065 52.34 -1.23 57.60
N ASN F 1066 53.10 -1.64 56.58
CA ASN F 1066 53.82 -0.70 55.69
C ASN F 1066 52.79 0.08 54.86
N LEU F 1067 53.07 1.37 54.69
CA LEU F 1067 52.39 2.29 53.74
C LEU F 1067 53.48 2.88 52.85
N LYS F 1068 53.67 2.28 51.68
CA LYS F 1068 54.73 2.66 50.72
C LYS F 1068 56.05 2.44 51.45
N GLY F 1069 56.31 1.17 51.85
CA GLY F 1069 57.62 0.68 52.32
C GLY F 1069 58.05 1.21 53.67
N ARG F 1070 57.50 2.37 54.10
CA ARG F 1070 57.64 2.91 55.49
C ARG F 1070 56.55 2.30 56.36
N PRO F 1071 56.80 1.99 57.66
CA PRO F 1071 55.77 1.42 58.53
C PRO F 1071 54.87 2.54 59.07
N TYR F 1072 53.58 2.25 59.21
CA TYR F 1072 52.55 3.24 59.62
C TYR F 1072 51.53 2.58 60.54
N THR F 1073 51.14 3.32 61.58
CA THR F 1073 50.10 2.94 62.55
C THR F 1073 49.14 4.11 62.72
N GLY F 1074 47.89 3.97 62.29
CA GLY F 1074 46.86 4.97 62.60
C GLY F 1074 45.86 5.16 61.48
N TRP F 1075 45.22 6.33 61.45
CA TRP F 1075 44.12 6.59 60.49
C TRP F 1075 44.71 6.79 59.11
N VAL F 1076 43.89 6.49 58.11
CA VAL F 1076 44.21 6.54 56.66
C VAL F 1076 42.89 6.91 55.97
N ASP F 1077 42.90 7.80 54.97
CA ASP F 1077 41.68 8.12 54.19
C ASP F 1077 41.24 6.84 53.48
N SER F 1078 39.98 6.43 53.62
CA SER F 1078 39.49 5.13 53.10
C SER F 1078 39.62 5.06 51.58
N LYS F 1079 39.39 6.16 50.87
CA LYS F 1079 39.53 6.22 49.39
C LYS F 1079 41.01 6.18 49.04
N THR F 1080 41.75 7.26 49.30
CA THR F 1080 43.15 7.49 48.86
C THR F 1080 44.16 6.59 49.59
N LYS F 1081 43.84 6.09 50.78
CA LYS F 1081 44.79 5.35 51.68
C LYS F 1081 45.99 6.22 52.04
N GLU F 1082 45.89 7.53 51.91
CA GLU F 1082 46.84 8.53 52.46
C GLU F 1082 46.70 8.53 53.97
N PRO F 1083 47.81 8.58 54.75
CA PRO F 1083 47.70 8.69 56.21
C PRO F 1083 47.00 9.99 56.62
N VAL F 1084 46.37 9.99 57.80
CA VAL F 1084 45.62 11.14 58.37
C VAL F 1084 45.91 11.24 59.87
N ASP F 1085 46.41 12.39 60.33
CA ASP F 1085 46.60 12.68 61.77
C ASP F 1085 45.25 13.08 62.39
N ASP F 1086 45.03 12.72 63.65
CA ASP F 1086 43.77 13.06 64.35
C ASP F 1086 43.58 14.59 64.27
N LYS F 1087 44.66 15.36 64.37
CA LYS F 1087 44.60 16.85 64.39
C LYS F 1087 44.00 17.36 63.07
N ASP F 1088 44.18 16.64 61.97
CA ASP F 1088 43.69 17.05 60.63
C ASP F 1088 42.29 16.50 60.32
N VAL F 1089 41.77 15.57 61.11
CA VAL F 1089 40.47 14.92 60.79
C VAL F 1089 39.40 16.00 60.66
N LYS F 1090 39.40 17.00 61.54
CA LYS F 1090 38.33 18.02 61.61
C LYS F 1090 38.40 18.89 60.34
N ALA F 1091 39.57 19.41 60.00
CA ALA F 1091 39.77 20.25 58.80
C ALA F 1091 39.43 19.44 57.53
N LYS F 1092 39.75 18.15 57.48
CA LYS F 1092 39.63 17.35 56.23
C LYS F 1092 38.19 16.89 56.05
N TYR F 1093 37.47 16.51 57.11
CA TYR F 1093 36.21 15.74 56.99
C TYR F 1093 35.03 16.38 57.71
N GLU F 1094 35.20 17.36 58.59
CA GLU F 1094 34.07 17.80 59.44
C GLU F 1094 32.94 18.38 58.58
N THR F 1095 33.25 19.20 57.59
CA THR F 1095 32.23 19.81 56.71
C THR F 1095 31.35 18.71 56.12
N SER F 1096 31.95 17.63 55.61
CA SER F 1096 31.21 16.50 55.00
C SER F 1096 30.42 15.75 56.05
N ILE F 1097 31.01 15.56 57.24
CA ILE F 1097 30.34 14.84 58.35
C ILE F 1097 29.02 15.56 58.65
N LEU F 1098 29.05 16.89 58.71
CA LEU F 1098 27.86 17.71 59.07
C LEU F 1098 26.87 17.74 57.90
N GLU F 1099 27.39 17.81 56.68
CA GLU F 1099 26.58 17.84 55.44
C GLU F 1099 25.79 16.54 55.35
N HIS F 1100 26.34 15.42 55.82
CA HIS F 1100 25.74 14.07 55.61
C HIS F 1100 25.41 13.41 56.94
N SER F 1101 25.03 14.19 57.93
CA SER F 1101 24.56 13.70 59.26
C SER F 1101 23.30 14.47 59.63
N GLY F 1102 22.49 13.89 60.51
CA GLY F 1102 21.33 14.60 61.07
C GLY F 1102 20.24 14.74 60.04
N ILE F 1103 19.34 15.70 60.30
CA ILE F 1103 18.16 15.97 59.44
C ILE F 1103 18.66 16.67 58.19
N ARG F 1104 18.40 16.09 57.03
CA ARG F 1104 18.91 16.57 55.73
C ARG F 1104 18.07 16.00 54.60
N LEU F 1105 18.27 16.53 53.40
CA LEU F 1105 17.66 15.99 52.17
C LEU F 1105 17.87 14.47 52.14
N ILE F 1106 16.83 13.74 51.76
CA ILE F 1106 16.82 12.27 51.66
C ILE F 1106 17.80 11.88 50.57
N GLU F 1107 18.74 11.01 50.91
CA GLU F 1107 19.76 10.49 49.98
C GLU F 1107 19.23 9.15 49.48
N PRO F 1108 18.95 9.02 48.17
CA PRO F 1108 18.37 7.78 47.64
C PRO F 1108 19.22 6.53 47.86
N GLU F 1109 20.55 6.66 47.86
CA GLU F 1109 21.46 5.49 48.04
C GLU F 1109 21.16 4.85 49.38
N LEU F 1110 20.70 5.62 50.37
CA LEU F 1110 20.43 5.10 51.72
C LEU F 1110 19.07 4.38 51.80
N PHE F 1111 18.17 4.55 50.83
CA PHE F 1111 16.82 3.96 50.89
C PHE F 1111 16.48 3.29 49.56
N ASN F 1112 17.45 2.59 49.03
CA ASN F 1112 17.15 1.60 47.97
C ASN F 1112 16.75 2.35 46.69
N GLY F 1113 17.29 3.54 46.47
CA GLY F 1113 17.04 4.36 45.28
C GLY F 1113 15.81 5.24 45.42
N TYR F 1114 15.08 5.19 46.55
CA TYR F 1114 13.90 6.06 46.78
C TYR F 1114 14.26 7.52 46.47
N ASN F 1115 13.47 8.16 45.64
CA ASN F 1115 13.62 9.60 45.35
C ASN F 1115 12.24 10.23 45.52
N PRO F 1116 11.99 10.94 46.63
CA PRO F 1116 10.65 11.47 46.90
C PRO F 1116 10.21 12.41 45.79
N GLU F 1117 11.15 12.95 45.01
CA GLU F 1117 10.81 13.82 43.86
C GLU F 1117 10.38 12.98 42.65
N LYS F 1118 10.60 11.68 42.65
CA LYS F 1118 10.21 10.79 41.53
C LYS F 1118 9.74 9.45 42.11
N LYS F 1119 8.58 9.45 42.75
CA LYS F 1119 7.91 8.22 43.23
C LYS F 1119 7.48 7.39 42.03
N GLU F 1120 7.91 6.14 41.91
CA GLU F 1120 7.47 5.21 40.82
C GLU F 1120 6.13 4.58 41.22
N MET F 1121 5.10 4.82 40.43
CA MET F 1121 3.80 4.12 40.54
C MET F 1121 3.48 3.45 39.21
N ILE F 1122 2.39 2.71 39.12
CA ILE F 1122 1.95 2.09 37.83
C ILE F 1122 0.47 2.34 37.67
N GLN F 1123 0.04 2.59 36.45
CA GLN F 1123 -1.38 2.88 36.13
C GLN F 1123 -1.92 1.76 35.23
N GLU F 1124 -3.06 1.19 35.61
CA GLU F 1124 -3.79 0.22 34.77
C GLU F 1124 -4.27 0.96 33.53
N VAL F 1125 -4.03 0.43 32.33
CA VAL F 1125 -4.65 0.94 31.07
C VAL F 1125 -5.20 -0.26 30.30
N ILE F 1126 -6.26 -0.07 29.53
CA ILE F 1126 -6.83 -1.15 28.69
C ILE F 1126 -6.23 -0.98 27.30
N VAL F 1127 -5.56 -2.02 26.81
CA VAL F 1127 -4.98 -2.06 25.44
C VAL F 1127 -6.09 -1.72 24.44
N GLU F 1128 -5.91 -0.67 23.63
CA GLU F 1128 -6.89 -0.23 22.60
C GLU F 1128 -6.69 -1.01 21.29
N GLU F 1129 -5.49 -1.53 21.04
CA GLU F 1129 -5.09 -2.20 19.76
C GLU F 1129 -4.13 -3.36 20.03
N ASP F 1130 -4.36 -4.52 19.40
CA ASP F 1130 -3.43 -5.67 19.46
C ASP F 1130 -1.99 -5.13 19.51
N LEU F 1131 -1.14 -5.59 20.43
CA LEU F 1131 0.28 -5.21 20.55
C LEU F 1131 1.14 -6.02 19.57
N GLU F 1132 2.41 -5.67 19.41
CA GLU F 1132 3.40 -6.45 18.64
C GLU F 1132 3.74 -7.68 19.45
N PRO F 1133 3.78 -8.90 18.85
CA PRO F 1133 4.26 -10.08 19.56
C PRO F 1133 5.64 -9.88 20.19
N PHE F 1134 5.93 -10.58 21.28
CA PHE F 1134 7.28 -10.66 21.88
C PHE F 1134 7.58 -12.09 22.32
N GLU F 1135 8.85 -12.47 22.37
CA GLU F 1135 9.31 -13.84 22.68
C GLU F 1135 9.32 -13.98 24.20
N ALA F 1136 9.15 -15.20 24.70
CA ALA F 1136 9.20 -15.54 26.14
C ALA F 1136 9.25 -17.05 26.30
N SER F 1137 9.67 -17.53 27.47
CA SER F 1137 9.76 -18.96 27.82
C SER F 1137 8.37 -19.57 27.68
N LYS F 1138 8.28 -20.87 27.53
CA LYS F 1138 6.97 -21.58 27.58
C LYS F 1138 6.32 -21.28 28.93
N GLU F 1139 7.07 -21.47 30.02
CA GLU F 1139 6.58 -21.24 31.41
C GLU F 1139 5.96 -19.84 31.53
N THR F 1140 6.64 -18.81 31.03
CA THR F 1140 6.14 -17.41 31.16
C THR F 1140 4.93 -17.22 30.24
N ALA F 1141 5.00 -17.71 29.00
CA ALA F 1141 3.91 -17.51 28.03
C ALA F 1141 2.64 -18.10 28.64
N GLU F 1142 2.73 -19.29 29.24
CA GLU F 1142 1.57 -19.99 29.84
C GLU F 1142 1.02 -19.13 30.99
N GLN F 1143 1.90 -18.50 31.74
CA GLN F 1143 1.53 -17.58 32.84
C GLN F 1143 0.75 -16.39 32.30
N PHE F 1144 1.15 -15.84 31.15
CA PHE F 1144 0.46 -14.69 30.49
C PHE F 1144 -0.93 -15.16 30.06
N LYS F 1145 -0.98 -16.35 29.48
CA LYS F 1145 -2.23 -16.94 28.95
C LYS F 1145 -3.19 -17.16 30.11
N HIS F 1146 -2.68 -17.72 31.20
CA HIS F 1146 -3.47 -18.00 32.42
C HIS F 1146 -4.13 -16.72 32.91
N GLN F 1147 -3.40 -15.60 32.94
CA GLN F 1147 -3.95 -14.32 33.42
C GLN F 1147 -4.99 -13.79 32.45
N HIS F 1148 -4.65 -13.69 31.17
CA HIS F 1148 -5.37 -12.85 30.17
C HIS F 1148 -6.43 -13.64 29.41
N GLY F 1149 -6.33 -14.96 29.38
CA GLY F 1149 -7.27 -15.82 28.64
C GLY F 1149 -7.40 -15.39 27.20
N ASP F 1150 -8.62 -15.15 26.73
CA ASP F 1150 -9.01 -14.67 25.38
C ASP F 1150 -8.11 -13.55 24.87
N LYS F 1151 -7.65 -12.70 25.78
CA LYS F 1151 -7.03 -11.40 25.46
C LYS F 1151 -5.52 -11.54 25.26
N VAL F 1152 -4.99 -12.75 25.08
CA VAL F 1152 -3.58 -12.98 24.67
C VAL F 1152 -3.53 -14.29 23.90
N ASP F 1153 -2.81 -14.33 22.80
CA ASP F 1153 -2.49 -15.61 22.11
C ASP F 1153 -1.03 -15.93 22.36
N ILE F 1154 -0.75 -17.20 22.63
CA ILE F 1154 0.64 -17.70 22.74
C ILE F 1154 0.76 -18.85 21.75
N PHE F 1155 1.91 -18.93 21.10
CA PHE F 1155 2.20 -19.89 20.02
C PHE F 1155 3.66 -20.35 20.15
N GLU F 1156 3.85 -21.66 20.20
CA GLU F 1156 5.20 -22.26 20.20
C GLU F 1156 5.91 -21.78 18.94
N ILE F 1157 7.17 -21.36 19.07
CA ILE F 1157 8.07 -21.09 17.91
C ILE F 1157 8.78 -22.42 17.63
N PRO F 1158 8.47 -23.09 16.50
CA PRO F 1158 8.81 -24.50 16.35
C PRO F 1158 10.33 -24.77 16.49
N GLU F 1159 11.17 -23.86 15.99
CA GLU F 1159 12.65 -23.99 15.94
C GLU F 1159 13.21 -23.83 17.36
N THR F 1160 13.00 -22.67 17.98
CA THR F 1160 13.60 -22.30 19.29
C THR F 1160 12.98 -23.15 20.40
N GLY F 1161 11.69 -23.44 20.36
CA GLY F 1161 10.97 -24.01 21.51
C GLY F 1161 10.47 -22.94 22.47
N GLU F 1162 10.93 -21.69 22.33
CA GLU F 1162 10.32 -20.48 22.95
C GLU F 1162 8.93 -20.23 22.36
N TYR F 1163 8.19 -19.27 22.92
CA TYR F 1163 6.80 -18.92 22.54
C TYR F 1163 6.71 -17.44 22.18
N SER F 1164 5.86 -17.11 21.20
CA SER F 1164 5.45 -15.72 20.90
C SER F 1164 4.24 -15.37 21.76
N VAL F 1165 4.12 -14.12 22.22
CA VAL F 1165 3.06 -13.64 23.16
C VAL F 1165 2.39 -12.39 22.58
N LYS F 1166 1.23 -12.56 21.95
CA LYS F 1166 0.50 -11.43 21.30
C LYS F 1166 -0.58 -10.98 22.25
N LEU F 1167 -0.34 -9.89 22.97
CA LEU F 1167 -1.33 -9.27 23.88
C LEU F 1167 -2.42 -8.59 23.04
N LEU F 1168 -3.69 -8.93 23.20
CA LEU F 1168 -4.76 -8.49 22.28
C LEU F 1168 -5.52 -7.31 22.87
N LYS F 1169 -6.22 -6.60 22.00
CA LYS F 1169 -7.11 -5.48 22.35
C LYS F 1169 -8.04 -5.97 23.46
N GLY F 1170 -8.19 -5.19 24.52
CA GLY F 1170 -9.05 -5.51 25.68
C GLY F 1170 -8.23 -5.94 26.87
N ALA F 1171 -7.00 -6.41 26.64
CA ALA F 1171 -6.06 -6.82 27.70
C ALA F 1171 -5.76 -5.62 28.62
N THR F 1172 -5.35 -5.89 29.86
CA THR F 1172 -4.90 -4.81 30.78
C THR F 1172 -3.36 -4.83 30.85
N LEU F 1173 -2.76 -3.64 30.77
CA LEU F 1173 -1.32 -3.35 30.95
C LEU F 1173 -1.16 -2.50 32.21
N TYR F 1174 0.04 -2.42 32.75
CA TYR F 1174 0.43 -1.46 33.79
C TYR F 1174 1.55 -0.62 33.21
N ILE F 1175 1.33 0.69 33.09
CA ILE F 1175 2.32 1.63 32.53
C ILE F 1175 2.88 2.46 33.67
N PRO F 1176 4.18 2.31 33.98
CA PRO F 1176 4.84 3.12 34.99
C PRO F 1176 4.58 4.62 34.81
N LYS F 1177 4.33 5.32 35.91
CA LYS F 1177 4.26 6.80 35.95
C LYS F 1177 4.94 7.28 37.23
N ALA F 1178 5.15 8.58 37.40
CA ALA F 1178 5.97 9.13 38.50
C ALA F 1178 5.32 10.35 39.13
N LEU F 1179 5.21 10.30 40.44
CA LEU F 1179 4.62 11.31 41.35
C LEU F 1179 5.73 12.16 41.93
N ARG F 1180 5.54 13.47 42.02
CA ARG F 1180 6.42 14.34 42.85
C ARG F 1180 5.82 14.38 44.26
N PHE F 1181 6.58 14.01 45.28
CA PHE F 1181 6.13 14.02 46.68
C PHE F 1181 6.76 15.23 47.36
N ASP F 1182 6.23 15.68 48.49
CA ASP F 1182 6.63 16.97 49.11
C ASP F 1182 7.24 16.75 50.49
N ARG F 1183 7.64 15.54 50.85
CA ARG F 1183 8.51 15.28 52.04
C ARG F 1183 9.89 14.87 51.55
N LEU F 1184 10.77 15.85 51.43
CA LEU F 1184 12.10 15.73 50.77
C LEU F 1184 13.20 15.49 51.81
N VAL F 1185 12.85 15.59 53.10
CA VAL F 1185 13.84 15.63 54.22
C VAL F 1185 13.48 14.60 55.29
N ALA F 1186 14.51 14.04 55.92
CA ALA F 1186 14.43 12.99 56.96
C ALA F 1186 15.69 13.02 57.82
N GLY F 1187 15.56 12.58 59.08
CA GLY F 1187 16.73 12.38 59.96
C GLY F 1187 17.34 11.03 59.64
N GLN F 1188 18.45 11.00 58.95
CA GLN F 1188 19.00 9.75 58.39
C GLN F 1188 20.32 9.45 59.09
N ILE F 1189 20.55 8.18 59.39
CA ILE F 1189 21.83 7.69 59.95
C ILE F 1189 22.94 8.20 59.04
N PRO F 1190 24.09 8.64 59.58
CA PRO F 1190 25.07 9.35 58.77
C PRO F 1190 25.47 8.52 57.55
N THR F 1191 25.57 9.18 56.40
CA THR F 1191 25.98 8.56 55.12
C THR F 1191 27.32 7.87 55.33
N GLY F 1192 27.42 6.60 54.97
CA GLY F 1192 28.67 5.81 55.08
C GLY F 1192 28.55 4.76 56.15
N TRP F 1193 27.55 4.88 57.02
CA TRP F 1193 27.29 3.92 58.12
C TRP F 1193 27.23 2.55 57.48
N ASN F 1194 27.92 1.58 58.04
CA ASN F 1194 27.94 0.21 57.45
C ASN F 1194 28.09 -0.83 58.57
N ALA F 1195 27.11 -1.72 58.69
CA ALA F 1195 27.14 -2.81 59.70
C ALA F 1195 28.49 -3.52 59.65
N LYS F 1196 29.12 -3.55 58.47
CA LYS F 1196 30.44 -4.19 58.28
C LYS F 1196 31.46 -3.55 59.20
N THR F 1197 31.43 -2.23 59.37
CA THR F 1197 32.52 -1.52 60.08
C THR F 1197 32.37 -1.83 61.59
N TYR F 1198 31.17 -2.24 62.02
CA TYR F 1198 30.88 -2.63 63.42
C TYR F 1198 31.21 -4.12 63.65
N GLY F 1199 31.47 -4.86 62.57
CA GLY F 1199 31.95 -6.27 62.64
C GLY F 1199 30.93 -7.28 62.18
N ILE F 1200 29.75 -6.85 61.72
CA ILE F 1200 28.65 -7.76 61.32
C ILE F 1200 29.00 -8.35 59.95
N SER F 1201 28.84 -9.67 59.82
CA SER F 1201 29.20 -10.45 58.61
C SER F 1201 28.32 -10.04 57.42
N ASP F 1202 28.78 -10.31 56.20
CA ASP F 1202 28.00 -10.10 54.96
C ASP F 1202 26.78 -11.02 54.98
N ASP F 1203 26.93 -12.25 55.50
CA ASP F 1203 25.81 -13.22 55.55
C ASP F 1203 24.68 -12.68 56.42
N ILE F 1204 24.99 -11.99 57.51
CA ILE F 1204 23.92 -11.45 58.40
C ILE F 1204 23.27 -10.29 57.66
N ILE F 1205 24.06 -9.46 56.99
CA ILE F 1205 23.57 -8.21 56.37
C ILE F 1205 22.58 -8.55 55.26
N SER F 1206 22.84 -9.61 54.50
CA SER F 1206 21.97 -9.98 53.36
C SER F 1206 20.75 -10.78 53.81
N GLN F 1207 20.76 -11.35 55.03
CA GLN F 1207 19.62 -12.16 55.55
C GLN F 1207 18.53 -11.25 56.12
N VAL F 1208 18.93 -10.16 56.74
CA VAL F 1208 18.21 -9.49 57.85
C VAL F 1208 17.70 -8.12 57.35
N ASP F 1209 16.56 -7.63 57.84
CA ASP F 1209 16.07 -6.25 57.52
C ASP F 1209 17.06 -5.24 58.09
N PRO F 1210 17.34 -4.10 57.43
CA PRO F 1210 18.25 -3.10 57.99
C PRO F 1210 17.99 -2.76 59.46
N ILE F 1211 16.73 -2.72 59.87
CA ILE F 1211 16.36 -2.38 61.27
C ILE F 1211 17.10 -3.34 62.21
N THR F 1212 17.21 -4.62 61.87
CA THR F 1212 17.90 -5.62 62.70
C THR F 1212 19.38 -5.26 62.83
N LEU F 1213 20.01 -4.69 61.80
CA LEU F 1213 21.43 -4.24 61.89
C LEU F 1213 21.56 -3.12 62.93
N PHE F 1214 20.64 -2.17 62.93
CA PHE F 1214 20.65 -1.03 63.88
C PHE F 1214 20.53 -1.57 65.31
N VAL F 1215 19.71 -2.61 65.50
CA VAL F 1215 19.48 -3.19 66.84
C VAL F 1215 20.72 -3.98 67.27
N LEU F 1216 21.31 -4.79 66.38
CA LEU F 1216 22.50 -5.60 66.74
C LEU F 1216 23.60 -4.65 67.20
N VAL F 1217 23.83 -3.57 66.45
CA VAL F 1217 24.92 -2.60 66.78
C VAL F 1217 24.58 -1.92 68.10
N SER F 1218 23.33 -1.51 68.29
CA SER F 1218 22.86 -0.83 69.52
C SER F 1218 23.02 -1.75 70.74
N VAL F 1219 22.61 -3.01 70.63
CA VAL F 1219 22.72 -3.98 71.75
C VAL F 1219 24.20 -4.14 72.08
N VAL F 1220 25.06 -4.39 71.09
CA VAL F 1220 26.51 -4.56 71.31
C VAL F 1220 27.04 -3.34 72.08
N GLU F 1221 26.82 -2.14 71.56
CA GLU F 1221 27.37 -0.88 72.12
C GLU F 1221 26.83 -0.70 73.55
N ALA F 1222 25.60 -1.13 73.83
CA ALA F 1222 24.94 -0.98 75.16
C ALA F 1222 25.58 -1.92 76.19
N PHE F 1223 25.90 -3.15 75.81
CA PHE F 1223 26.65 -4.10 76.68
C PHE F 1223 28.03 -3.49 77.00
N ILE F 1224 28.70 -2.90 76.00
CA ILE F 1224 30.05 -2.29 76.20
C ILE F 1224 29.91 -1.13 77.19
N ALA F 1225 28.83 -0.36 77.09
CA ALA F 1225 28.57 0.80 77.97
C ALA F 1225 28.32 0.33 79.41
N SER F 1226 27.98 -0.95 79.55
CA SER F 1226 27.74 -1.62 80.85
C SER F 1226 28.98 -2.43 81.23
N GLY F 1227 30.04 -2.31 80.43
CA GLY F 1227 31.34 -2.97 80.69
C GLY F 1227 31.22 -4.47 80.59
N ILE F 1228 30.18 -4.97 79.93
CA ILE F 1228 30.00 -6.42 79.62
C ILE F 1228 30.47 -6.65 78.18
N THR F 1229 31.67 -7.22 78.08
CA THR F 1229 32.42 -7.48 76.85
C THR F 1229 31.94 -8.78 76.18
N ASP F 1230 31.50 -9.73 76.99
CA ASP F 1230 31.03 -11.08 76.58
C ASP F 1230 29.69 -11.36 77.27
N PRO F 1231 28.56 -11.37 76.54
CA PRO F 1231 27.25 -11.53 77.16
C PRO F 1231 27.18 -12.71 78.13
N TYR F 1232 27.87 -13.81 77.81
CA TYR F 1232 27.88 -15.06 78.62
C TYR F 1232 28.39 -14.79 80.03
N GLU F 1233 29.04 -13.65 80.28
CA GLU F 1233 29.44 -13.24 81.65
C GLU F 1233 28.19 -13.17 82.53
N MET F 1234 27.06 -12.73 82.00
CA MET F 1234 25.81 -12.65 82.81
C MET F 1234 25.56 -14.01 83.46
N TYR F 1235 25.89 -15.11 82.79
CA TYR F 1235 25.50 -16.46 83.25
C TYR F 1235 26.45 -16.94 84.35
N LYS F 1236 27.40 -16.10 84.78
CA LYS F 1236 28.19 -16.34 86.00
C LYS F 1236 27.37 -15.93 87.22
N TYR F 1237 26.48 -14.94 87.04
CA TYR F 1237 25.72 -14.29 88.13
C TYR F 1237 24.26 -14.74 88.13
N VAL F 1238 23.78 -15.34 87.04
CA VAL F 1238 22.32 -15.38 86.78
C VAL F 1238 21.96 -16.64 85.98
N HIS F 1239 20.76 -17.18 86.20
CA HIS F 1239 20.29 -18.34 85.41
C HIS F 1239 20.01 -17.89 83.98
N VAL F 1240 20.34 -18.78 83.06
CA VAL F 1240 20.02 -18.67 81.61
C VAL F 1240 18.56 -18.25 81.41
N SER F 1241 17.67 -18.57 82.35
CA SER F 1241 16.21 -18.25 82.24
C SER F 1241 15.89 -16.82 82.69
N GLU F 1242 16.86 -16.01 83.11
CA GLU F 1242 16.55 -14.77 83.83
C GLU F 1242 17.22 -13.56 83.18
N VAL F 1243 17.65 -13.69 81.92
CA VAL F 1243 18.07 -12.56 81.06
C VAL F 1243 17.05 -12.42 79.94
N GLY F 1244 16.41 -11.26 79.83
CA GLY F 1244 15.25 -11.08 78.92
C GLY F 1244 15.46 -10.00 77.89
N ASN F 1245 14.56 -9.90 76.90
CA ASN F 1245 14.57 -8.85 75.88
C ASN F 1245 13.13 -8.32 75.75
N CYS F 1246 12.87 -7.11 76.21
CA CYS F 1246 11.53 -6.47 76.16
C CYS F 1246 11.57 -5.25 75.23
N SER F 1247 12.55 -5.20 74.31
CA SER F 1247 12.63 -4.16 73.25
C SER F 1247 11.55 -4.46 72.21
N GLY F 1248 11.12 -3.43 71.50
CA GLY F 1248 10.04 -3.52 70.49
C GLY F 1248 10.19 -2.51 69.37
N SER F 1249 9.14 -2.39 68.56
CA SER F 1249 9.13 -1.57 67.31
C SER F 1249 7.69 -1.16 66.99
N GLY F 1250 7.54 -0.07 66.23
CA GLY F 1250 6.24 0.39 65.74
C GLY F 1250 5.75 -0.43 64.54
N MET F 1251 6.60 -0.59 63.51
CA MET F 1251 6.27 -1.25 62.21
C MET F 1251 7.26 -2.38 61.88
N GLY F 1252 8.40 -2.44 62.56
CA GLY F 1252 9.37 -3.53 62.35
C GLY F 1252 10.09 -3.42 61.02
N GLY F 1253 10.35 -4.57 60.42
CA GLY F 1253 11.20 -4.71 59.22
C GLY F 1253 10.42 -4.34 57.97
N VAL F 1254 10.28 -3.04 57.72
CA VAL F 1254 9.39 -2.52 56.65
C VAL F 1254 10.00 -2.78 55.27
N SER F 1255 11.30 -3.05 55.17
CA SER F 1255 11.94 -3.33 53.86
C SER F 1255 11.54 -4.74 53.45
N ALA F 1256 11.45 -5.65 54.42
CA ALA F 1256 10.95 -7.03 54.20
C ALA F 1256 9.47 -6.96 53.81
N LEU F 1257 8.69 -6.09 54.45
CA LEU F 1257 7.26 -5.92 54.10
C LEU F 1257 7.16 -5.55 52.63
N ARG F 1258 7.99 -4.61 52.17
CA ARG F 1258 7.97 -4.24 50.74
C ARG F 1258 8.34 -5.46 49.89
N GLY F 1259 9.33 -6.24 50.29
CA GLY F 1259 9.69 -7.46 49.52
C GLY F 1259 8.51 -8.38 49.34
N MET F 1260 7.74 -8.54 50.40
CA MET F 1260 6.54 -9.40 50.47
C MET F 1260 5.43 -8.90 49.55
N PHE F 1261 5.11 -7.61 49.64
CA PHE F 1261 3.87 -6.99 49.12
C PHE F 1261 4.08 -6.39 47.73
N LYS F 1262 5.27 -5.89 47.42
CA LYS F 1262 5.58 -5.16 46.17
C LYS F 1262 6.58 -5.96 45.34
N ASP F 1263 7.79 -6.21 45.83
CA ASP F 1263 8.82 -6.92 45.04
C ASP F 1263 8.29 -8.26 44.52
N ARG F 1264 7.61 -9.04 45.37
CA ARG F 1264 7.03 -10.33 44.95
C ARG F 1264 6.05 -10.14 43.79
N PHE F 1265 5.17 -9.15 43.94
CA PHE F 1265 4.10 -8.80 42.98
C PHE F 1265 4.72 -8.56 41.60
N LYS F 1266 5.91 -7.97 41.56
CA LYS F 1266 6.65 -7.66 40.31
C LYS F 1266 7.50 -8.85 39.89
N ASP F 1267 7.39 -9.97 40.59
CA ASP F 1267 8.14 -11.20 40.27
C ASP F 1267 9.64 -10.92 40.35
N GLU F 1268 10.04 -9.91 41.11
CA GLU F 1268 11.47 -9.64 41.42
C GLU F 1268 11.94 -10.69 42.42
N PRO F 1269 13.22 -11.12 42.34
CA PRO F 1269 13.70 -12.20 43.19
C PRO F 1269 13.77 -11.68 44.64
N VAL F 1270 13.28 -12.46 45.60
CA VAL F 1270 13.18 -12.08 47.04
C VAL F 1270 13.39 -13.35 47.89
N GLN F 1271 14.25 -13.30 48.90
CA GLN F 1271 14.53 -14.47 49.77
C GLN F 1271 13.20 -15.16 50.15
N ASN F 1272 13.17 -16.49 50.19
CA ASN F 1272 11.96 -17.27 50.52
C ASN F 1272 11.56 -17.11 52.00
N ASP F 1273 12.49 -16.70 52.86
CA ASP F 1273 12.17 -16.47 54.30
C ASP F 1273 11.91 -14.99 54.56
N ILE F 1274 11.56 -14.19 53.54
CA ILE F 1274 11.47 -12.71 53.74
C ILE F 1274 10.45 -12.39 54.85
N LEU F 1275 9.37 -13.16 54.96
CA LEU F 1275 8.31 -12.90 55.96
C LEU F 1275 8.89 -12.86 57.38
N GLN F 1276 9.75 -13.82 57.71
CA GLN F 1276 10.38 -13.95 59.06
C GLN F 1276 11.06 -12.62 59.37
N GLU F 1277 11.63 -11.94 58.39
CA GLU F 1277 12.50 -10.78 58.66
C GLU F 1277 11.68 -9.51 58.88
N SER F 1278 10.38 -9.56 58.62
CA SER F 1278 9.48 -8.38 58.70
C SER F 1278 8.97 -8.23 60.13
N PHE F 1279 8.80 -9.34 60.84
CA PHE F 1279 8.10 -9.40 62.15
C PHE F 1279 8.82 -8.49 63.14
N ILE F 1280 8.07 -7.79 63.98
CA ILE F 1280 8.64 -6.88 65.01
C ILE F 1280 9.51 -7.68 65.99
N ASN F 1281 9.20 -8.96 66.17
CA ASN F 1281 9.82 -9.74 67.26
C ASN F 1281 11.07 -10.49 66.78
N THR F 1282 11.54 -10.27 65.54
CA THR F 1282 12.69 -11.05 65.01
C THR F 1282 13.98 -10.25 65.13
N MET F 1283 13.92 -8.94 65.28
CA MET F 1283 15.13 -8.19 65.69
C MET F 1283 15.59 -8.82 67.02
N SER F 1284 14.71 -8.92 68.01
CA SER F 1284 15.05 -9.54 69.32
C SER F 1284 15.48 -11.00 69.14
N ALA F 1285 14.96 -11.69 68.14
CA ALA F 1285 15.31 -13.11 67.87
C ALA F 1285 16.78 -13.22 67.46
N TRP F 1286 17.18 -12.39 66.49
CA TRP F 1286 18.57 -12.36 65.98
C TRP F 1286 19.52 -11.98 67.11
N VAL F 1287 19.15 -10.99 67.92
CA VAL F 1287 19.97 -10.59 69.10
C VAL F 1287 20.20 -11.83 69.95
N ASN F 1288 19.16 -12.60 70.25
CA ASN F 1288 19.34 -13.81 71.11
C ASN F 1288 20.14 -14.87 70.37
N MET F 1289 19.97 -15.00 69.06
CA MET F 1289 20.53 -16.12 68.27
C MET F 1289 21.99 -15.84 67.87
N LEU F 1290 22.44 -14.60 67.97
CA LEU F 1290 23.80 -14.18 67.57
C LEU F 1290 24.66 -13.77 68.78
N LEU F 1291 24.09 -13.31 69.90
CA LEU F 1291 24.87 -12.72 71.03
C LEU F 1291 24.51 -13.34 72.37
N ILE F 1292 23.22 -13.35 72.75
CA ILE F 1292 22.79 -13.49 74.16
C ILE F 1292 22.63 -14.97 74.54
N SER F 1293 21.88 -15.77 73.79
CA SER F 1293 21.69 -17.22 74.09
C SER F 1293 20.91 -17.42 75.39
N SER F 1294 20.15 -16.41 75.81
CA SER F 1294 19.23 -16.52 76.98
C SER F 1294 18.05 -17.41 76.62
N SER F 1295 17.51 -18.06 77.64
CA SER F 1295 16.23 -18.78 77.60
C SER F 1295 15.29 -18.04 78.56
N GLY F 1296 15.44 -16.71 78.61
CA GLY F 1296 14.69 -15.83 79.52
C GLY F 1296 13.50 -15.19 78.82
N PRO F 1297 12.81 -14.20 79.46
CA PRO F 1297 11.61 -13.59 78.88
C PRO F 1297 11.87 -12.96 77.52
N ILE F 1298 10.79 -12.85 76.74
CA ILE F 1298 10.76 -12.27 75.37
C ILE F 1298 9.35 -11.73 75.13
N LYS F 1299 9.15 -10.49 75.55
CA LYS F 1299 7.85 -9.79 75.52
C LYS F 1299 8.08 -8.53 74.69
N THR F 1300 7.54 -8.49 73.47
CA THR F 1300 7.94 -7.52 72.43
C THR F 1300 6.80 -6.56 72.19
N PRO F 1301 6.90 -5.31 72.69
CA PRO F 1301 5.83 -4.35 72.55
C PRO F 1301 5.75 -3.69 71.17
N VAL F 1302 4.52 -3.48 70.69
CA VAL F 1302 4.19 -2.50 69.62
C VAL F 1302 3.52 -1.32 70.29
N GLY F 1303 4.17 -0.15 70.24
CA GLY F 1303 3.71 1.04 70.98
C GLY F 1303 3.72 2.27 70.12
N ALA F 1304 3.71 2.13 68.80
CA ALA F 1304 3.93 3.25 67.85
C ALA F 1304 5.03 4.15 68.43
N CYS F 1305 4.81 5.46 68.51
CA CYS F 1305 5.86 6.47 68.86
C CYS F 1305 6.28 6.29 70.34
N ALA F 1306 5.52 5.50 71.11
CA ALA F 1306 5.79 5.30 72.56
C ALA F 1306 6.33 3.89 72.87
N THR F 1307 6.85 3.14 71.90
CA THR F 1307 7.16 1.71 72.17
C THR F 1307 8.36 1.65 73.13
N SER F 1308 9.29 2.60 73.06
CA SER F 1308 10.49 2.61 73.93
C SER F 1308 10.10 2.74 75.42
N VAL F 1309 9.06 3.49 75.75
CA VAL F 1309 8.66 3.71 77.17
C VAL F 1309 7.84 2.50 77.62
N GLU F 1310 6.96 2.02 76.75
CA GLU F 1310 6.25 0.74 76.95
C GLU F 1310 7.27 -0.36 77.22
N SER F 1311 8.39 -0.36 76.51
CA SER F 1311 9.44 -1.40 76.63
C SER F 1311 9.99 -1.37 78.06
N VAL F 1312 10.42 -0.19 78.51
CA VAL F 1312 10.98 0.01 79.88
C VAL F 1312 9.95 -0.51 80.89
N ASP F 1313 8.69 -0.17 80.72
CA ASP F 1313 7.61 -0.55 81.67
C ASP F 1313 7.55 -2.09 81.74
N ILE F 1314 7.39 -2.77 80.62
CA ILE F 1314 7.36 -4.26 80.53
C ILE F 1314 8.66 -4.82 81.14
N GLY F 1315 9.81 -4.23 80.82
CA GLY F 1315 11.11 -4.67 81.33
C GLY F 1315 11.15 -4.61 82.84
N VAL F 1316 10.79 -3.46 83.42
CA VAL F 1316 10.75 -3.24 84.89
C VAL F 1316 9.86 -4.32 85.52
N GLU F 1317 8.60 -4.43 85.07
CA GLU F 1317 7.62 -5.39 85.64
C GLU F 1317 8.15 -6.82 85.53
N THR F 1318 8.88 -7.14 84.46
CA THR F 1318 9.38 -8.50 84.17
C THR F 1318 10.48 -8.85 85.19
N ILE F 1319 11.26 -7.87 85.63
CA ILE F 1319 12.29 -8.07 86.69
C ILE F 1319 11.62 -8.11 88.06
N LEU F 1320 10.74 -7.16 88.35
CA LEU F 1320 10.01 -7.10 89.63
C LEU F 1320 9.17 -8.37 89.83
N SER F 1321 8.86 -9.12 88.78
CA SER F 1321 8.07 -10.37 88.93
C SER F 1321 8.98 -11.55 89.26
N GLY F 1322 10.28 -11.41 89.01
CA GLY F 1322 11.27 -12.45 89.29
C GLY F 1322 11.56 -13.31 88.08
N LYS F 1323 10.88 -13.04 86.98
CA LYS F 1323 11.05 -13.74 85.68
C LYS F 1323 12.39 -13.43 85.04
N ALA F 1324 13.05 -12.35 85.46
CA ALA F 1324 14.31 -11.86 84.89
C ALA F 1324 15.01 -10.95 85.90
N ARG F 1325 16.33 -10.96 85.90
CA ARG F 1325 17.17 -10.09 86.76
C ARG F 1325 17.85 -9.07 85.86
N ILE F 1326 18.14 -9.42 84.61
CA ILE F 1326 18.65 -8.49 83.59
C ILE F 1326 17.69 -8.50 82.40
N CYS F 1327 17.53 -7.35 81.77
CA CYS F 1327 16.59 -7.18 80.65
C CYS F 1327 17.14 -6.18 79.64
N ILE F 1328 17.24 -6.59 78.39
CA ILE F 1328 17.45 -5.67 77.24
C ILE F 1328 16.12 -4.96 77.03
N VAL F 1329 16.16 -3.69 76.64
CA VAL F 1329 14.96 -2.80 76.67
C VAL F 1329 15.21 -1.67 75.66
N GLY F 1330 14.15 -1.14 75.04
CA GLY F 1330 14.28 -0.05 74.05
C GLY F 1330 13.40 -0.22 72.83
N GLY F 1331 13.71 0.52 71.77
CA GLY F 1331 12.84 0.62 70.58
C GLY F 1331 13.65 0.88 69.33
N TYR F 1332 13.06 0.60 68.17
CA TYR F 1332 13.74 0.71 66.86
C TYR F 1332 12.67 0.84 65.76
N ASP F 1333 13.01 1.60 64.73
CA ASP F 1333 12.14 1.76 63.53
C ASP F 1333 12.99 2.36 62.41
N ASP F 1334 12.77 1.89 61.18
CA ASP F 1334 13.49 2.39 59.98
C ASP F 1334 12.63 3.50 59.36
N PHE F 1335 13.17 4.16 58.35
CA PHE F 1335 12.46 5.09 57.44
C PHE F 1335 12.48 4.44 56.05
N GLN F 1336 11.35 4.43 55.35
CA GLN F 1336 11.28 3.89 53.97
C GLN F 1336 10.20 4.64 53.18
N GLU F 1337 10.20 4.48 51.87
CA GLU F 1337 9.33 5.24 50.94
C GLU F 1337 7.89 5.25 51.43
N GLU F 1338 7.37 4.07 51.74
CA GLU F 1338 5.92 3.80 51.89
C GLU F 1338 5.45 4.50 53.16
N GLY F 1339 6.08 4.22 54.30
CA GLY F 1339 5.85 4.95 55.56
C GLY F 1339 5.85 6.45 55.38
N SER F 1340 6.82 7.02 54.67
CA SER F 1340 7.01 8.49 54.58
C SER F 1340 5.78 9.09 53.93
N PHE F 1341 5.29 8.38 52.91
CA PHE F 1341 4.17 8.78 52.03
C PHE F 1341 2.90 8.81 52.87
N GLU F 1342 2.72 7.79 53.69
CA GLU F 1342 1.49 7.60 54.49
C GLU F 1342 1.46 8.62 55.62
N PHE F 1343 2.57 8.86 56.29
CA PHE F 1343 2.66 9.93 57.29
C PHE F 1343 2.31 11.27 56.63
N GLY F 1344 2.74 11.46 55.38
CA GLY F 1344 2.35 12.63 54.57
C GLY F 1344 0.87 12.66 54.31
N ASN F 1345 0.27 11.55 53.91
CA ASN F 1345 -1.18 11.49 53.60
C ASN F 1345 -1.97 11.80 54.88
N MET F 1346 -1.41 11.53 56.06
CA MET F 1346 -2.05 11.81 57.36
C MET F 1346 -1.71 13.24 57.81
N LYS F 1347 -0.89 13.95 57.04
CA LYS F 1347 -0.46 15.34 57.36
C LYS F 1347 0.20 15.40 58.75
N ALA F 1348 0.92 14.36 59.16
CA ALA F 1348 1.61 14.31 60.46
C ALA F 1348 3.00 14.93 60.32
N THR F 1349 3.62 14.75 59.15
CA THR F 1349 5.00 15.19 58.85
C THR F 1349 4.94 16.59 58.28
N SER F 1350 5.98 17.39 58.51
CA SER F 1350 6.18 18.72 57.88
C SER F 1350 6.24 18.53 56.37
N ASN F 1351 5.51 19.37 55.66
CA ASN F 1351 5.56 19.51 54.18
C ASN F 1351 6.79 20.32 53.78
N THR F 1352 7.78 19.68 53.19
CA THR F 1352 9.12 20.27 52.94
C THR F 1352 9.01 21.45 51.96
N LEU F 1353 8.03 21.45 51.07
CA LEU F 1353 7.87 22.54 50.07
C LEU F 1353 7.33 23.78 50.78
N GLU F 1354 6.39 23.60 51.70
CA GLU F 1354 5.91 24.68 52.59
C GLU F 1354 7.10 25.22 53.39
N GLU F 1355 7.92 24.34 54.00
CA GLU F 1355 9.06 24.79 54.84
C GLU F 1355 9.96 25.69 53.97
N PHE F 1356 10.30 25.25 52.76
CA PHE F 1356 11.17 26.01 51.84
C PHE F 1356 10.54 27.37 51.54
N GLU F 1357 9.22 27.42 51.35
CA GLU F 1357 8.51 28.69 51.06
C GLU F 1357 8.71 29.67 52.21
N HIS F 1358 8.83 29.13 53.44
CA HIS F 1358 9.03 29.86 54.71
C HIS F 1358 10.52 30.08 54.96
N GLY F 1359 11.37 29.68 54.03
CA GLY F 1359 12.82 29.95 54.11
C GLY F 1359 13.47 29.11 55.17
N ARG F 1360 12.92 27.94 55.48
CA ARG F 1360 13.48 27.04 56.50
C ARG F 1360 14.47 26.09 55.84
N THR F 1361 15.66 25.94 56.42
CA THR F 1361 16.63 24.88 56.05
C THR F 1361 16.27 23.60 56.79
N PRO F 1362 16.70 22.42 56.31
CA PRO F 1362 16.39 21.17 57.00
C PRO F 1362 16.80 21.18 58.49
N ALA F 1363 17.93 21.79 58.83
CA ALA F 1363 18.39 21.90 60.24
C ALA F 1363 17.24 22.35 61.13
N GLU F 1364 16.51 23.39 60.69
CA GLU F 1364 15.46 24.08 61.48
C GLU F 1364 14.04 23.60 61.14
N MET F 1365 13.83 22.39 60.59
CA MET F 1365 12.47 21.95 60.17
C MET F 1365 11.77 21.20 61.31
N SER F 1366 12.56 20.64 62.25
CA SER F 1366 12.06 20.11 63.55
C SER F 1366 12.28 21.19 64.60
N ARG F 1367 11.21 21.89 64.99
CA ARG F 1367 11.29 23.02 65.94
C ARG F 1367 10.14 22.90 66.91
N PRO F 1368 10.24 21.99 67.90
CA PRO F 1368 9.18 21.80 68.88
C PRO F 1368 8.88 23.07 69.70
N ALA F 1369 7.59 23.22 70.07
CA ALA F 1369 7.07 24.22 71.02
C ALA F 1369 7.17 25.64 70.44
N THR F 1370 7.46 25.74 69.14
CA THR F 1370 7.61 27.01 68.40
C THR F 1370 6.24 27.48 67.90
N THR F 1371 6.08 28.79 67.72
CA THR F 1371 4.91 29.42 67.07
C THR F 1371 4.65 28.73 65.74
N THR F 1372 5.66 28.56 64.92
CA THR F 1372 5.52 28.17 63.48
C THR F 1372 5.69 26.66 63.29
N ARG F 1373 5.68 25.87 64.37
CA ARG F 1373 5.88 24.40 64.25
C ARG F 1373 4.78 23.85 63.35
N ASN F 1374 5.07 22.85 62.52
CA ASN F 1374 4.23 22.57 61.34
C ASN F 1374 4.27 21.09 60.97
N GLY F 1375 4.51 20.21 61.91
CA GLY F 1375 4.60 18.76 61.66
C GLY F 1375 5.98 18.19 61.98
N PHE F 1376 6.02 16.88 62.17
CA PHE F 1376 7.19 16.18 62.73
C PHE F 1376 8.14 15.84 61.58
N MET F 1377 9.41 15.65 61.92
CA MET F 1377 10.47 15.30 60.94
C MET F 1377 10.81 13.83 61.14
N GLU F 1378 10.58 12.98 60.15
CA GLU F 1378 10.71 11.51 60.33
C GLU F 1378 12.18 11.14 60.34
N ALA F 1379 12.53 10.10 61.08
CA ALA F 1379 13.94 9.64 61.24
C ALA F 1379 13.97 8.14 61.35
N GLN F 1380 15.16 7.57 61.49
CA GLN F 1380 15.38 6.11 61.53
C GLN F 1380 16.37 5.81 62.64
N GLY F 1381 16.27 4.65 63.24
CA GLY F 1381 17.36 4.12 64.09
C GLY F 1381 16.84 3.26 65.22
N ALA F 1382 17.66 3.10 66.24
CA ALA F 1382 17.41 2.19 67.36
C ALA F 1382 18.01 2.79 68.62
N GLY F 1383 17.48 2.39 69.77
CA GLY F 1383 17.98 2.74 71.10
C GLY F 1383 17.82 1.56 72.02
N ILE F 1384 18.89 1.15 72.69
CA ILE F 1384 18.83 0.03 73.66
C ILE F 1384 19.38 0.51 74.99
N GLN F 1385 18.72 0.07 76.06
CA GLN F 1385 19.19 0.17 77.46
C GLN F 1385 19.34 -1.26 77.99
N ILE F 1386 20.26 -1.45 78.91
CA ILE F 1386 20.34 -2.69 79.74
C ILE F 1386 19.87 -2.30 81.14
N ILE F 1387 18.85 -2.98 81.64
CA ILE F 1387 18.32 -2.71 83.01
C ILE F 1387 18.47 -3.98 83.82
N MET F 1388 18.75 -3.82 85.11
CA MET F 1388 18.90 -4.96 86.04
C MET F 1388 18.57 -4.54 87.47
N GLN F 1389 18.33 -5.53 88.31
CA GLN F 1389 18.28 -5.38 89.77
C GLN F 1389 19.51 -4.58 90.20
N ALA F 1390 19.34 -3.50 90.95
CA ALA F 1390 20.46 -2.75 91.54
C ALA F 1390 21.37 -3.73 92.29
N ASP F 1391 20.76 -4.66 93.01
CA ASP F 1391 21.50 -5.62 93.87
C ASP F 1391 22.48 -6.40 92.99
N LEU F 1392 22.06 -6.76 91.78
CA LEU F 1392 22.90 -7.49 90.80
C LEU F 1392 23.95 -6.52 90.24
N ALA F 1393 23.56 -5.32 89.86
CA ALA F 1393 24.50 -4.33 89.27
C ALA F 1393 25.68 -4.15 90.24
N LEU F 1394 25.39 -3.97 91.53
CA LEU F 1394 26.43 -3.79 92.57
C LEU F 1394 27.30 -5.04 92.62
N LYS F 1395 26.67 -6.22 92.68
CA LYS F 1395 27.39 -7.52 92.75
C LYS F 1395 28.33 -7.66 91.56
N MET F 1396 27.84 -7.35 90.37
CA MET F 1396 28.60 -7.55 89.10
C MET F 1396 29.67 -6.45 88.97
N GLY F 1397 29.51 -5.34 89.67
CA GLY F 1397 30.39 -4.17 89.48
C GLY F 1397 30.29 -3.64 88.07
N VAL F 1398 29.07 -3.40 87.59
CA VAL F 1398 28.82 -2.70 86.31
C VAL F 1398 28.46 -1.26 86.65
N PRO F 1399 28.69 -0.32 85.72
CA PRO F 1399 28.32 1.07 85.94
C PRO F 1399 26.80 1.18 86.11
N ILE F 1400 26.36 2.20 86.83
CA ILE F 1400 24.91 2.47 87.10
C ILE F 1400 24.61 3.93 86.73
N TYR F 1401 23.93 4.14 85.61
CA TYR F 1401 23.76 5.47 84.97
C TYR F 1401 22.50 6.15 85.53
N GLY F 1402 21.58 5.39 86.09
CA GLY F 1402 20.29 5.93 86.56
C GLY F 1402 19.41 4.89 87.19
N ILE F 1403 18.48 5.33 88.03
CA ILE F 1403 17.44 4.46 88.63
C ILE F 1403 16.17 4.66 87.81
N VAL F 1404 15.56 3.58 87.33
CA VAL F 1404 14.22 3.67 86.67
C VAL F 1404 13.21 3.69 87.81
N ALA F 1405 12.80 4.88 88.23
CA ALA F 1405 11.96 5.08 89.43
C ALA F 1405 10.50 4.75 89.10
N MET F 1406 10.09 4.95 87.85
CA MET F 1406 8.70 4.72 87.43
C MET F 1406 8.66 4.48 85.91
N ALA F 1407 7.69 3.72 85.45
CA ALA F 1407 7.43 3.51 84.01
C ALA F 1407 5.97 3.09 83.86
N ALA F 1408 5.17 3.85 83.11
CA ALA F 1408 3.71 3.68 83.03
C ALA F 1408 3.21 3.93 81.62
N THR F 1409 2.09 3.32 81.24
CA THR F 1409 1.37 3.53 79.96
C THR F 1409 -0.08 3.87 80.25
N ALA F 1410 -0.70 4.68 79.39
CA ALA F 1410 -2.13 4.98 79.53
C ALA F 1410 -2.77 5.21 78.16
N THR F 1411 -3.94 4.60 77.97
CA THR F 1411 -4.94 4.97 76.95
C THR F 1411 -5.65 6.25 77.42
N ASP F 1412 -6.52 6.82 76.59
CA ASP F 1412 -7.15 8.12 76.86
C ASP F 1412 -8.64 7.89 77.16
N LYS F 1413 -9.48 7.81 76.11
CA LYS F 1413 -10.95 7.82 76.26
C LYS F 1413 -11.61 7.52 74.92
N ILE F 1414 -12.94 7.46 74.92
CA ILE F 1414 -13.78 7.39 73.69
C ILE F 1414 -13.24 8.45 72.73
N GLY F 1415 -13.16 8.13 71.46
CA GLY F 1415 -12.60 9.03 70.43
C GLY F 1415 -12.84 8.45 69.04
N ARG F 1416 -12.54 9.22 68.00
CA ARG F 1416 -12.63 8.72 66.61
C ARG F 1416 -11.36 9.09 65.83
N SER F 1417 -10.36 9.68 66.48
CA SER F 1417 -9.06 9.99 65.83
C SER F 1417 -7.92 9.21 66.48
N VAL F 1418 -7.55 8.08 65.89
CA VAL F 1418 -6.47 7.19 66.39
C VAL F 1418 -5.21 7.99 66.66
N PRO F 1419 -4.78 8.92 65.77
CA PRO F 1419 -3.49 9.58 65.96
C PRO F 1419 -3.48 10.78 66.90
N ALA F 1420 -4.64 11.19 67.42
CA ALA F 1420 -4.79 12.36 68.31
C ALA F 1420 -4.15 12.03 69.64
N PRO F 1421 -3.26 12.88 70.19
CA PRO F 1421 -2.63 12.62 71.47
C PRO F 1421 -3.58 13.08 72.58
N GLY F 1422 -3.55 12.44 73.75
CA GLY F 1422 -4.49 12.69 74.85
C GLY F 1422 -3.80 12.73 76.20
N LYS F 1423 -4.59 12.68 77.27
CA LYS F 1423 -4.14 13.06 78.64
C LYS F 1423 -4.25 11.89 79.60
N GLY F 1424 -4.45 10.67 79.12
CA GLY F 1424 -4.54 9.50 80.01
C GLY F 1424 -3.35 9.42 80.97
N ILE F 1425 -2.16 9.80 80.52
CA ILE F 1425 -0.93 9.62 81.32
C ILE F 1425 -0.94 10.62 82.49
N LEU F 1426 -1.80 11.64 82.46
CA LEU F 1426 -2.07 12.53 83.63
C LEU F 1426 -2.30 11.67 84.88
N THR F 1427 -2.84 10.47 84.71
CA THR F 1427 -3.20 9.56 85.82
C THR F 1427 -1.97 9.25 86.67
N THR F 1428 -0.75 9.31 86.15
CA THR F 1428 0.46 9.01 86.95
C THR F 1428 0.53 9.94 88.17
N ALA F 1429 -0.11 11.10 88.12
CA ALA F 1429 -0.10 12.11 89.21
C ALA F 1429 -1.38 12.01 90.02
N ARG F 1430 -2.20 10.99 89.85
CA ARG F 1430 -3.50 10.92 90.55
C ARG F 1430 -3.24 10.83 92.05
N GLU F 1431 -3.88 11.68 92.85
CA GLU F 1431 -3.96 11.43 94.30
C GLU F 1431 -5.11 12.21 94.91
N HIS F 1432 -5.52 11.79 96.11
CA HIS F 1432 -6.84 12.08 96.72
C HIS F 1432 -6.67 13.14 97.82
N HIS F 1433 -7.26 14.32 97.61
CA HIS F 1433 -7.03 15.51 98.45
C HIS F 1433 -8.24 15.81 99.34
N SER F 1434 -9.20 14.91 99.50
CA SER F 1434 -10.44 15.23 100.28
C SER F 1434 -10.06 15.49 101.75
N SER F 1435 -9.07 14.74 102.22
CA SER F 1435 -8.60 14.72 103.63
C SER F 1435 -7.06 14.75 103.60
N VAL F 1436 -6.51 15.88 104.03
CA VAL F 1436 -5.13 16.33 103.71
C VAL F 1436 -4.69 17.41 104.72
N LYS F 1437 -5.43 17.56 105.81
CA LYS F 1437 -5.22 18.64 106.80
C LYS F 1437 -3.94 18.38 107.58
N TYR F 1438 -3.60 17.12 107.86
CA TYR F 1438 -2.44 16.72 108.69
C TYR F 1438 -1.54 15.76 107.89
N ALA F 1439 -0.22 15.96 107.96
CA ALA F 1439 0.80 15.16 107.24
C ALA F 1439 0.60 13.67 107.53
N SER F 1440 1.03 12.83 106.59
CA SER F 1440 0.78 11.36 106.56
C SER F 1440 2.09 10.66 106.92
N PRO F 1441 2.11 9.92 108.05
CA PRO F 1441 3.29 9.15 108.44
C PRO F 1441 3.90 8.34 107.29
N ASN F 1442 3.07 7.77 106.41
CA ASN F 1442 3.48 6.85 105.32
C ASN F 1442 4.47 7.57 104.39
N LEU F 1443 4.36 8.89 104.27
CA LEU F 1443 5.25 9.70 103.38
C LEU F 1443 6.55 10.04 104.11
N ASN F 1444 6.62 9.82 105.42
CA ASN F 1444 7.77 10.22 106.27
C ASN F 1444 8.73 9.04 106.43
N MET F 1445 9.92 9.12 105.82
CA MET F 1445 10.87 8.00 105.71
C MET F 1445 11.32 7.56 107.10
N LYS F 1446 11.44 8.47 108.07
CA LYS F 1446 11.85 8.09 109.45
C LYS F 1446 10.84 7.10 110.02
N TYR F 1447 9.55 7.31 109.80
CA TYR F 1447 8.43 6.46 110.28
C TYR F 1447 8.59 5.10 109.62
N ARG F 1448 8.64 5.09 108.29
CA ARG F 1448 8.75 3.84 107.49
C ARG F 1448 9.95 3.05 108.04
N LYS F 1449 11.06 3.71 108.30
CA LYS F 1449 12.33 3.05 108.75
C LYS F 1449 12.10 2.42 110.12
N ARG F 1450 11.59 3.20 111.08
CA ARG F 1450 11.24 2.76 112.45
C ARG F 1450 10.40 1.47 112.34
N GLN F 1451 9.43 1.44 111.44
CA GLN F 1451 8.49 0.29 111.28
C GLN F 1451 9.28 -0.90 110.77
N LEU F 1452 10.24 -0.69 109.88
CA LEU F 1452 11.11 -1.79 109.37
C LEU F 1452 11.94 -2.37 110.51
N VAL F 1453 12.51 -1.52 111.38
CA VAL F 1453 13.44 -1.99 112.45
C VAL F 1453 12.66 -2.89 113.41
N THR F 1454 11.40 -2.54 113.71
CA THR F 1454 10.48 -3.39 114.50
C THR F 1454 10.37 -4.74 113.78
N ARG F 1455 10.06 -4.70 112.50
CA ARG F 1455 9.85 -5.92 111.68
C ARG F 1455 11.15 -6.74 111.67
N GLU F 1456 12.31 -6.08 111.57
CA GLU F 1456 13.66 -6.72 111.52
C GLU F 1456 13.86 -7.52 112.81
N ALA F 1457 13.53 -6.92 113.95
CA ALA F 1457 13.62 -7.54 115.30
C ALA F 1457 12.67 -8.75 115.40
N GLN F 1458 11.51 -8.71 114.76
CA GLN F 1458 10.55 -9.84 114.75
C GLN F 1458 11.15 -11.01 113.97
N ILE F 1459 11.87 -10.73 112.88
CA ILE F 1459 12.54 -11.75 112.01
C ILE F 1459 13.74 -12.36 112.77
N LYS F 1460 14.54 -11.51 113.43
CA LYS F 1460 15.59 -11.95 114.38
C LYS F 1460 14.99 -13.06 115.26
N ASP F 1461 13.88 -12.78 115.94
CA ASP F 1461 13.22 -13.75 116.86
C ASP F 1461 12.75 -14.96 116.07
N TRP F 1462 12.19 -14.76 114.88
CA TRP F 1462 11.63 -15.85 114.04
C TRP F 1462 12.72 -16.91 113.78
N VAL F 1463 13.93 -16.45 113.41
CA VAL F 1463 15.07 -17.34 113.04
C VAL F 1463 15.52 -18.10 114.29
N GLU F 1464 15.68 -17.40 115.42
CA GLU F 1464 16.03 -18.01 116.72
C GLU F 1464 15.10 -19.21 116.95
N ASN F 1465 13.78 -18.98 116.88
CA ASN F 1465 12.73 -20.00 117.16
C ASN F 1465 12.89 -21.18 116.21
N GLU F 1466 13.17 -20.91 114.94
CA GLU F 1466 13.25 -21.96 113.89
C GLU F 1466 14.49 -22.84 114.13
N LEU F 1467 15.59 -22.27 114.61
CA LEU F 1467 16.83 -23.02 114.93
C LEU F 1467 16.58 -23.91 116.16
N GLU F 1468 16.02 -23.33 117.22
CA GLU F 1468 15.69 -24.04 118.49
C GLU F 1468 14.80 -25.25 118.14
N ALA F 1469 13.81 -25.08 117.26
CA ALA F 1469 12.87 -26.15 116.82
C ALA F 1469 13.62 -27.21 116.00
N LEU F 1470 14.50 -26.76 115.10
CA LEU F 1470 15.31 -27.63 114.20
C LEU F 1470 16.21 -28.53 115.05
N LYS F 1471 16.82 -27.96 116.09
CA LYS F 1471 17.68 -28.69 117.05
C LYS F 1471 16.90 -29.90 117.58
N LEU F 1472 15.67 -29.66 118.05
CA LEU F 1472 14.78 -30.69 118.67
C LEU F 1472 14.45 -31.78 117.64
N GLU F 1473 14.11 -31.39 116.41
CA GLU F 1473 13.80 -32.36 115.32
C GLU F 1473 15.02 -33.25 115.07
N ALA F 1474 16.22 -32.67 115.10
CA ALA F 1474 17.51 -33.34 114.78
C ALA F 1474 17.88 -34.36 115.86
N GLU F 1475 17.46 -34.12 117.11
CA GLU F 1475 17.65 -35.05 118.24
C GLU F 1475 16.92 -36.37 117.95
N GLU F 1476 15.89 -36.36 117.08
CA GLU F 1476 15.06 -37.55 116.73
C GLU F 1476 15.62 -38.26 115.49
N ILE F 1477 16.58 -37.66 114.77
CA ILE F 1477 17.15 -38.22 113.50
C ILE F 1477 18.38 -39.04 113.86
N PRO F 1478 18.56 -40.26 113.26
CA PRO F 1478 19.77 -41.06 113.45
C PRO F 1478 21.06 -40.25 113.22
N SER F 1479 22.04 -40.41 114.13
CA SER F 1479 23.24 -39.54 114.25
C SER F 1479 24.10 -39.60 112.98
N GLU F 1480 24.12 -40.72 112.24
CA GLU F 1480 24.95 -40.90 111.01
C GLU F 1480 24.52 -39.88 109.95
N ASP F 1481 23.23 -39.65 109.74
CA ASP F 1481 22.74 -38.70 108.69
C ASP F 1481 22.12 -37.46 109.35
N GLN F 1482 22.48 -37.17 110.60
CA GLN F 1482 22.09 -35.95 111.34
C GLN F 1482 22.65 -34.69 110.66
N ASN F 1483 23.87 -34.77 110.14
CA ASN F 1483 24.55 -33.63 109.47
C ASN F 1483 23.79 -33.26 108.19
N GLU F 1484 23.45 -34.25 107.37
CA GLU F 1484 22.82 -34.00 106.04
C GLU F 1484 21.49 -33.28 106.25
N PHE F 1485 20.67 -33.77 107.20
CA PHE F 1485 19.36 -33.18 107.60
C PHE F 1485 19.55 -31.72 107.99
N LEU F 1486 20.53 -31.45 108.86
CA LEU F 1486 20.82 -30.09 109.37
C LEU F 1486 21.25 -29.19 108.20
N LEU F 1487 22.09 -29.68 107.29
CA LEU F 1487 22.62 -28.87 106.16
C LEU F 1487 21.46 -28.35 105.31
N GLU F 1488 20.57 -29.26 104.90
CA GLU F 1488 19.42 -28.99 104.01
C GLU F 1488 18.49 -27.99 104.65
N ARG F 1489 18.17 -28.21 105.92
CA ARG F 1489 17.08 -27.49 106.61
C ARG F 1489 17.57 -26.09 107.00
N THR F 1490 18.86 -25.95 107.34
CA THR F 1490 19.48 -24.66 107.78
C THR F 1490 19.54 -23.72 106.59
N ARG F 1491 19.81 -24.27 105.41
CA ARG F 1491 19.87 -23.53 104.13
C ARG F 1491 18.48 -22.94 103.84
N GLU F 1492 17.43 -23.73 104.08
CA GLU F 1492 16.03 -23.33 103.84
C GLU F 1492 15.65 -22.19 104.78
N ILE F 1493 16.10 -22.26 106.05
CA ILE F 1493 15.80 -21.24 107.09
C ILE F 1493 16.46 -19.93 106.67
N HIS F 1494 17.69 -20.00 106.15
CA HIS F 1494 18.44 -18.83 105.64
C HIS F 1494 17.63 -18.16 104.52
N ASN F 1495 17.18 -18.93 103.53
CA ASN F 1495 16.28 -18.51 102.44
C ASN F 1495 15.07 -17.73 102.99
N GLU F 1496 14.33 -18.34 103.92
CA GLU F 1496 13.04 -17.79 104.42
C GLU F 1496 13.33 -16.54 105.24
N ALA F 1497 14.53 -16.44 105.82
CA ALA F 1497 14.96 -15.25 106.59
C ALA F 1497 15.23 -14.12 105.60
N GLU F 1498 15.90 -14.43 104.49
CA GLU F 1498 16.16 -13.43 103.43
C GLU F 1498 14.82 -12.95 102.86
N SER F 1499 13.94 -13.87 102.45
CA SER F 1499 12.57 -13.55 101.97
C SER F 1499 11.92 -12.54 102.92
N GLN F 1500 11.90 -12.87 104.21
CA GLN F 1500 11.15 -12.07 105.21
C GLN F 1500 11.78 -10.68 105.30
N LEU F 1501 13.11 -10.60 105.34
CA LEU F 1501 13.82 -9.30 105.43
C LEU F 1501 13.43 -8.47 104.22
N ARG F 1502 13.59 -9.02 103.01
CA ARG F 1502 13.42 -8.29 101.73
C ARG F 1502 11.96 -7.88 101.55
N ALA F 1503 11.03 -8.74 101.96
CA ALA F 1503 9.58 -8.49 101.95
C ALA F 1503 9.25 -7.25 102.81
N ALA F 1504 9.95 -7.13 103.94
CA ALA F 1504 9.73 -6.03 104.91
C ALA F 1504 10.30 -4.74 104.32
N GLN F 1505 11.48 -4.82 103.71
CA GLN F 1505 12.12 -3.68 103.01
C GLN F 1505 11.19 -3.30 101.86
N GLN F 1506 10.66 -4.30 101.15
CA GLN F 1506 9.75 -4.12 100.00
C GLN F 1506 8.54 -3.31 100.45
N GLN F 1507 7.94 -3.71 101.57
CA GLN F 1507 6.68 -3.12 102.06
C GLN F 1507 6.90 -1.68 102.52
N TRP F 1508 8.00 -1.39 103.23
CA TRP F 1508 8.21 -0.09 103.93
C TRP F 1508 9.11 0.85 103.13
N GLY F 1509 9.94 0.31 102.24
CA GLY F 1509 10.97 1.08 101.52
C GLY F 1509 10.56 1.39 100.09
N ASN F 1510 10.05 0.37 99.38
CA ASN F 1510 9.81 0.35 97.92
C ASN F 1510 8.35 0.59 97.56
N ASP F 1511 7.42 -0.14 98.18
CA ASP F 1511 5.99 -0.26 97.78
C ASP F 1511 5.06 0.44 98.79
N PHE F 1512 5.57 1.32 99.64
CA PHE F 1512 4.75 1.94 100.72
C PHE F 1512 3.56 2.71 100.13
N TYR F 1513 3.68 3.27 98.93
CA TYR F 1513 2.70 4.25 98.39
C TYR F 1513 1.64 3.55 97.51
N LYS F 1514 1.87 2.27 97.18
CA LYS F 1514 1.11 1.52 96.15
C LYS F 1514 -0.38 1.55 96.50
N ARG F 1515 -0.71 1.49 97.78
CA ARG F 1515 -2.11 1.31 98.23
C ARG F 1515 -2.56 2.56 99.00
N ASP F 1516 -1.72 3.61 99.10
CA ASP F 1516 -2.09 4.89 99.78
C ASP F 1516 -2.64 5.82 98.72
N PRO F 1517 -3.97 6.09 98.71
CA PRO F 1517 -4.54 6.98 97.72
C PRO F 1517 -4.12 8.44 97.91
N ARG F 1518 -3.35 8.76 98.94
CA ARG F 1518 -2.86 10.14 99.18
C ARG F 1518 -1.48 10.32 98.57
N ILE F 1519 -0.86 9.25 98.08
CA ILE F 1519 0.47 9.31 97.40
C ILE F 1519 0.34 8.81 95.96
N ALA F 1520 0.50 9.73 95.02
CA ALA F 1520 0.48 9.48 93.57
C ALA F 1520 1.67 8.62 93.20
N PRO F 1521 1.54 7.75 92.18
CA PRO F 1521 2.66 6.95 91.72
C PRO F 1521 3.91 7.80 91.43
N LEU F 1522 3.71 8.98 90.87
CA LEU F 1522 4.78 9.94 90.49
C LEU F 1522 5.48 10.42 91.77
N ARG F 1523 4.70 10.80 92.77
CA ARG F 1523 5.24 11.35 94.03
C ARG F 1523 5.94 10.21 94.77
N GLY F 1524 5.32 9.04 94.81
CA GLY F 1524 5.88 7.83 95.44
C GLY F 1524 7.24 7.48 94.85
N ALA F 1525 7.34 7.41 93.53
CA ALA F 1525 8.56 7.01 92.80
C ALA F 1525 9.73 7.84 93.31
N LEU F 1526 9.51 9.15 93.49
CA LEU F 1526 10.53 10.13 93.93
C LEU F 1526 10.76 10.01 95.44
N ALA F 1527 9.66 9.97 96.20
CA ALA F 1527 9.66 9.87 97.67
C ALA F 1527 10.45 8.65 98.14
N THR F 1528 10.56 7.58 97.34
CA THR F 1528 11.20 6.33 97.85
C THR F 1528 12.69 6.62 98.11
N TYR F 1529 13.30 7.53 97.35
CA TYR F 1529 14.73 7.94 97.48
C TYR F 1529 14.83 9.25 98.28
N GLY F 1530 13.70 9.74 98.79
CA GLY F 1530 13.67 10.94 99.65
C GLY F 1530 13.60 12.23 98.85
N LEU F 1531 13.19 12.17 97.59
CA LEU F 1531 13.03 13.36 96.72
C LEU F 1531 11.57 13.82 96.77
N THR F 1532 11.37 15.13 96.75
CA THR F 1532 10.04 15.78 96.68
C THR F 1532 9.67 15.99 95.22
N ILE F 1533 8.44 16.43 94.98
CA ILE F 1533 7.92 16.69 93.61
C ILE F 1533 8.75 17.81 92.99
N ASP F 1534 9.35 18.69 93.81
CA ASP F 1534 10.15 19.84 93.31
C ASP F 1534 11.51 19.37 92.79
N ASP F 1535 11.93 18.15 93.07
CA ASP F 1535 13.30 17.68 92.70
C ASP F 1535 13.35 17.25 91.25
N LEU F 1536 12.20 17.01 90.62
CA LEU F 1536 12.07 16.64 89.18
C LEU F 1536 12.45 17.84 88.31
N GLY F 1537 13.71 17.93 87.91
CA GLY F 1537 14.29 19.19 87.40
C GLY F 1537 14.00 19.39 85.93
N VAL F 1538 13.95 18.28 85.20
CA VAL F 1538 13.96 18.23 83.71
C VAL F 1538 12.82 17.33 83.24
N ALA F 1539 12.05 17.78 82.25
CA ALA F 1539 11.13 16.93 81.47
C ALA F 1539 11.68 16.85 80.04
N SER F 1540 12.24 15.69 79.65
CA SER F 1540 12.48 15.29 78.25
C SER F 1540 11.08 15.13 77.66
N PHE F 1541 10.69 16.02 76.75
CA PHE F 1541 9.39 16.01 76.04
C PHE F 1541 9.52 15.17 74.78
N HIS F 1542 8.47 14.43 74.46
CA HIS F 1542 8.26 13.81 73.13
C HIS F 1542 8.48 14.89 72.08
N GLY F 1543 7.74 15.98 72.21
CA GLY F 1543 7.96 17.22 71.46
C GLY F 1543 8.33 16.93 70.02
N THR F 1544 7.34 16.55 69.21
CA THR F 1544 7.51 16.07 67.82
C THR F 1544 7.49 17.23 66.82
N SER F 1545 6.99 18.38 67.26
CA SER F 1545 6.91 19.61 66.43
C SER F 1545 5.64 19.56 65.58
N THR F 1546 4.61 18.84 66.03
CA THR F 1546 3.22 18.97 65.54
C THR F 1546 2.45 19.96 66.42
N LYS F 1547 1.42 20.63 65.90
CA LYS F 1547 0.63 21.60 66.70
C LYS F 1547 0.04 20.83 67.89
N ALA F 1548 -0.63 19.72 67.61
CA ALA F 1548 -1.42 18.94 68.58
C ALA F 1548 -0.55 18.43 69.72
N ASN F 1549 0.61 17.85 69.43
CA ASN F 1549 1.40 17.08 70.43
C ASN F 1549 1.96 18.01 71.50
N ASP F 1550 2.69 19.02 71.05
CA ASP F 1550 3.54 19.86 71.92
C ASP F 1550 2.64 20.62 72.89
N LYS F 1551 1.42 20.97 72.47
CA LYS F 1551 0.49 21.66 73.38
C LYS F 1551 -0.09 20.66 74.39
N ASN F 1552 -0.62 19.53 73.89
CA ASN F 1552 -1.20 18.48 74.75
C ASN F 1552 -0.15 18.11 75.81
N GLU F 1553 1.07 17.80 75.38
CA GLU F 1553 2.14 17.33 76.28
C GLU F 1553 2.41 18.40 77.34
N SER F 1554 2.66 19.64 76.92
CA SER F 1554 2.88 20.80 77.82
C SER F 1554 1.76 20.84 78.85
N ALA F 1555 0.50 20.79 78.42
CA ALA F 1555 -0.67 20.84 79.32
C ALA F 1555 -0.67 19.66 80.29
N THR F 1556 -0.38 18.43 79.87
CA THR F 1556 -0.49 17.27 80.78
C THR F 1556 0.66 17.35 81.80
N ILE F 1557 1.90 17.66 81.40
CA ILE F 1557 3.02 17.86 82.37
C ILE F 1557 2.62 18.96 83.35
N ASN F 1558 2.13 20.08 82.84
CA ASN F 1558 1.79 21.26 83.67
C ASN F 1558 0.78 20.85 84.73
N GLU F 1559 -0.19 20.02 84.39
CA GLU F 1559 -1.30 19.64 85.29
C GLU F 1559 -0.80 18.60 86.29
N MET F 1560 0.11 17.71 85.89
CA MET F 1560 0.77 16.76 86.82
C MET F 1560 1.42 17.56 87.94
N MET F 1561 2.19 18.58 87.59
CA MET F 1561 2.93 19.42 88.56
C MET F 1561 1.91 20.17 89.42
N LYS F 1562 0.92 20.81 88.80
CA LYS F 1562 -0.04 21.63 89.55
C LYS F 1562 -0.74 20.75 90.59
N HIS F 1563 -1.14 19.53 90.25
CA HIS F 1563 -1.95 18.66 91.14
C HIS F 1563 -1.11 18.20 92.34
N LEU F 1564 0.17 17.88 92.13
CA LEU F 1564 1.08 17.41 93.20
C LEU F 1564 1.73 18.60 93.92
N GLY F 1565 1.22 19.80 93.71
CA GLY F 1565 1.65 21.00 94.46
C GLY F 1565 3.12 21.28 94.29
N ARG F 1566 3.65 21.13 93.09
CA ARG F 1566 4.95 21.72 92.69
C ARG F 1566 4.95 23.19 93.10
N SER F 1567 6.07 23.72 93.60
CA SER F 1567 6.18 25.13 94.08
C SER F 1567 5.97 26.11 92.91
N GLU F 1568 5.13 27.12 93.10
CA GLU F 1568 5.04 28.29 92.19
C GLU F 1568 6.46 28.80 91.95
N GLY F 1569 6.81 29.09 90.71
CA GLY F 1569 8.12 29.64 90.35
C GLY F 1569 9.17 28.56 90.18
N ASN F 1570 8.82 27.28 90.28
CA ASN F 1570 9.76 26.17 90.04
C ASN F 1570 9.28 25.32 88.87
N PRO F 1571 9.34 25.85 87.63
CA PRO F 1571 8.88 25.09 86.47
C PRO F 1571 9.87 23.96 86.15
N VAL F 1572 9.40 22.86 85.57
CA VAL F 1572 10.30 21.82 84.98
C VAL F 1572 10.94 22.47 83.77
N ILE F 1573 12.16 22.10 83.46
CA ILE F 1573 12.90 22.58 82.27
C ILE F 1573 12.75 21.53 81.17
N GLY F 1574 12.14 21.94 80.05
CA GLY F 1574 11.88 21.04 78.92
C GLY F 1574 13.11 20.83 78.06
N VAL F 1575 13.40 19.59 77.72
CA VAL F 1575 14.33 19.32 76.59
C VAL F 1575 13.51 18.68 75.46
N PHE F 1576 13.77 19.08 74.22
CA PHE F 1576 13.02 18.64 73.03
C PHE F 1576 14.01 18.00 72.04
N GLN F 1577 14.40 16.76 72.30
CA GLN F 1577 15.60 16.19 71.66
C GLN F 1577 15.38 16.06 70.14
N LYS F 1578 14.12 15.93 69.71
CA LYS F 1578 13.75 15.69 68.30
C LYS F 1578 14.10 16.90 67.42
N PHE F 1579 14.49 18.06 67.98
CA PHE F 1579 14.90 19.24 67.18
C PHE F 1579 16.16 18.88 66.38
N LEU F 1580 16.95 17.99 66.97
CA LEU F 1580 18.29 17.57 66.48
C LEU F 1580 18.16 16.26 65.71
N THR F 1581 17.48 15.27 66.28
CA THR F 1581 17.44 13.87 65.79
C THR F 1581 16.30 13.65 64.79
N GLY F 1582 15.24 14.45 64.88
CA GLY F 1582 13.97 14.08 64.25
C GLY F 1582 13.35 12.92 65.00
N HIS F 1583 12.24 12.40 64.51
CA HIS F 1583 11.34 11.46 65.23
C HIS F 1583 11.47 10.07 64.62
N PRO F 1584 12.11 9.11 65.31
CA PRO F 1584 12.29 7.77 64.78
C PRO F 1584 11.20 6.79 65.18
N LYS F 1585 10.00 7.26 65.45
CA LYS F 1585 8.82 6.41 65.79
C LYS F 1585 9.19 5.53 66.99
N GLY F 1586 9.30 4.21 66.83
CA GLY F 1586 9.53 3.26 67.94
C GLY F 1586 10.66 3.69 68.86
N ALA F 1587 11.81 4.05 68.29
CA ALA F 1587 13.04 4.38 69.02
C ALA F 1587 12.95 5.73 69.72
N ALA F 1588 11.89 6.50 69.53
CA ALA F 1588 11.83 7.92 69.93
C ALA F 1588 12.21 8.07 71.41
N GLY F 1589 11.63 7.21 72.25
CA GLY F 1589 11.73 7.29 73.71
C GLY F 1589 13.04 6.71 74.20
N ALA F 1590 13.65 5.79 73.44
CA ALA F 1590 14.93 5.17 73.84
C ALA F 1590 16.04 6.22 73.72
N TRP F 1591 16.00 7.04 72.66
CA TRP F 1591 16.95 8.17 72.50
C TRP F 1591 16.75 9.17 73.64
N MET F 1592 15.51 9.45 74.02
CA MET F 1592 15.18 10.43 75.07
C MET F 1592 15.72 9.94 76.42
N MET F 1593 15.58 8.65 76.67
CA MET F 1593 16.09 7.96 77.88
C MET F 1593 17.62 8.08 77.90
N ASN F 1594 18.29 7.69 76.81
CA ASN F 1594 19.76 7.84 76.71
C ASN F 1594 20.11 9.28 77.10
N GLY F 1595 19.37 10.26 76.60
CA GLY F 1595 19.64 11.68 76.88
C GLY F 1595 19.44 11.99 78.34
N ALA F 1596 18.33 11.51 78.93
CA ALA F 1596 17.99 11.75 80.34
C ALA F 1596 19.15 11.26 81.21
N LEU F 1597 19.66 10.06 80.93
CA LEU F 1597 20.77 9.46 81.71
C LEU F 1597 21.99 10.36 81.60
N GLN F 1598 22.30 10.82 80.40
CA GLN F 1598 23.49 11.69 80.12
C GLN F 1598 23.30 13.03 80.85
N ILE F 1599 22.08 13.54 80.93
CA ILE F 1599 21.74 14.80 81.65
C ILE F 1599 22.02 14.58 83.14
N LEU F 1600 21.43 13.55 83.73
CA LEU F 1600 21.60 13.21 85.16
C LEU F 1600 23.08 13.15 85.52
N ASN F 1601 23.86 12.41 84.75
CA ASN F 1601 25.29 12.13 85.05
C ASN F 1601 26.13 13.37 84.78
N SER F 1602 25.78 14.21 83.80
CA SER F 1602 26.59 15.41 83.45
C SER F 1602 26.12 16.65 84.23
N GLY F 1603 24.86 16.67 84.66
CA GLY F 1603 24.21 17.87 85.22
C GLY F 1603 24.02 18.96 84.17
N ILE F 1604 24.06 18.60 82.89
CA ILE F 1604 23.92 19.55 81.74
C ILE F 1604 22.53 19.36 81.14
N ILE F 1605 21.75 20.43 81.05
CA ILE F 1605 20.42 20.41 80.39
C ILE F 1605 20.59 21.06 79.03
N PRO F 1606 20.53 20.28 77.93
CA PRO F 1606 20.69 20.84 76.60
C PRO F 1606 19.49 21.69 76.20
N GLY F 1607 19.78 22.74 75.42
CA GLY F 1607 18.78 23.68 74.90
C GLY F 1607 18.21 23.23 73.56
N ASN F 1608 16.91 23.41 73.40
CA ASN F 1608 16.19 23.32 72.10
C ASN F 1608 16.67 24.47 71.22
N ARG F 1609 17.74 24.24 70.47
CA ARG F 1609 18.40 25.28 69.65
C ARG F 1609 17.50 25.74 68.50
N ASN F 1610 16.39 25.07 68.21
CA ASN F 1610 15.45 25.49 67.13
C ASN F 1610 14.23 26.20 67.71
N ALA F 1611 14.18 26.40 69.02
CA ALA F 1611 13.13 27.20 69.70
C ALA F 1611 13.35 28.68 69.37
N ASP F 1612 13.05 29.09 68.14
CA ASP F 1612 13.32 30.47 67.71
C ASP F 1612 12.34 31.37 68.48
N ASN F 1613 11.10 30.92 68.59
CA ASN F 1613 10.06 31.69 69.31
C ASN F 1613 9.06 30.73 69.94
N VAL F 1614 8.85 30.81 71.24
CA VAL F 1614 8.01 29.84 71.98
C VAL F 1614 6.55 30.25 71.79
N ASP F 1615 5.72 29.29 71.39
CA ASP F 1615 4.29 29.51 71.07
C ASP F 1615 3.65 30.26 72.25
N LYS F 1616 3.10 31.43 71.98
CA LYS F 1616 2.41 32.27 73.00
C LYS F 1616 1.42 31.40 73.79
N ILE F 1617 0.78 30.45 73.13
CA ILE F 1617 -0.23 29.57 73.76
C ILE F 1617 0.37 28.85 74.96
N LEU F 1618 1.68 28.61 74.98
CA LEU F 1618 2.30 27.83 76.07
C LEU F 1618 2.64 28.72 77.28
N GLU F 1619 2.45 30.04 77.22
CA GLU F 1619 2.77 30.92 78.38
C GLU F 1619 1.88 30.50 79.54
N GLN F 1620 0.67 30.03 79.24
CA GLN F 1620 -0.33 29.61 80.25
C GLN F 1620 0.23 28.47 81.10
N PHE F 1621 1.11 27.62 80.58
CA PHE F 1621 1.67 26.48 81.33
C PHE F 1621 2.86 26.98 82.14
N GLU F 1622 2.55 27.51 83.31
CA GLU F 1622 3.48 28.24 84.21
C GLU F 1622 4.52 27.30 84.80
N TYR F 1623 4.30 25.98 84.77
CA TYR F 1623 5.20 24.98 85.39
C TYR F 1623 6.15 24.38 84.34
N VAL F 1624 6.26 25.00 83.17
CA VAL F 1624 7.17 24.54 82.08
C VAL F 1624 8.00 25.71 81.59
N LEU F 1625 9.30 25.50 81.47
CA LEU F 1625 10.29 26.48 80.93
C LEU F 1625 10.83 25.87 79.65
N TYR F 1626 10.92 26.65 78.58
CA TYR F 1626 11.31 26.21 77.22
C TYR F 1626 12.65 26.86 76.88
N PRO F 1627 13.79 26.29 77.30
CA PRO F 1627 15.09 26.94 77.07
C PRO F 1627 15.51 26.70 75.62
N SER F 1628 16.20 27.67 75.04
CA SER F 1628 16.78 27.67 73.68
C SER F 1628 18.28 27.34 73.73
N LYS F 1629 18.91 27.37 74.90
CA LYS F 1629 20.38 27.12 75.02
C LYS F 1629 20.68 26.27 76.25
N THR F 1630 21.79 25.53 76.17
CA THR F 1630 22.28 24.59 77.22
C THR F 1630 22.55 25.35 78.52
N LEU F 1631 22.18 24.79 79.67
CA LEU F 1631 22.58 25.27 81.02
C LEU F 1631 23.42 24.18 81.67
N LYS F 1632 24.64 24.52 82.09
CA LYS F 1632 25.43 23.67 83.00
C LYS F 1632 24.91 24.01 84.40
N THR F 1633 24.10 23.12 84.97
CA THR F 1633 23.57 23.21 86.35
C THR F 1633 24.61 22.64 87.31
N ASP F 1634 24.36 22.76 88.61
CA ASP F 1634 25.16 22.13 89.70
C ASP F 1634 24.50 20.81 90.09
N GLY F 1635 23.65 20.26 89.22
CA GLY F 1635 23.09 18.91 89.41
C GLY F 1635 21.65 18.82 88.98
N VAL F 1636 21.24 17.64 88.52
CA VAL F 1636 19.84 17.27 88.17
C VAL F 1636 19.53 15.95 88.87
N ARG F 1637 18.46 15.89 89.65
CA ARG F 1637 18.17 14.75 90.56
C ARG F 1637 17.26 13.75 89.87
N ALA F 1638 16.34 14.21 89.02
CA ALA F 1638 15.37 13.33 88.34
C ALA F 1638 14.93 13.93 87.01
N VAL F 1639 14.59 13.07 86.05
CA VAL F 1639 14.13 13.48 84.69
C VAL F 1639 12.84 12.71 84.37
N SER F 1640 11.83 13.40 83.83
CA SER F 1640 10.61 12.79 83.24
C SER F 1640 10.80 12.65 81.73
N ILE F 1641 10.64 11.43 81.24
CA ILE F 1641 10.48 11.07 79.80
C ILE F 1641 9.01 10.80 79.54
N THR F 1642 8.41 11.53 78.61
CA THR F 1642 6.97 11.42 78.25
C THR F 1642 6.88 11.07 76.75
N SER F 1643 6.04 10.11 76.38
CA SER F 1643 5.84 9.66 74.98
C SER F 1643 4.35 9.54 74.67
N PHE F 1644 3.96 9.87 73.44
CA PHE F 1644 2.58 9.79 72.95
C PHE F 1644 2.58 9.16 71.56
N GLY F 1645 1.91 8.04 71.38
CA GLY F 1645 1.93 7.31 70.10
C GLY F 1645 0.53 7.17 69.55
N PHE F 1646 0.44 6.87 68.25
CA PHE F 1646 -0.85 6.57 67.57
C PHE F 1646 -1.52 5.46 68.37
N GLY F 1647 -2.82 5.53 68.57
CA GLY F 1647 -3.62 4.45 69.18
C GLY F 1647 -3.62 4.55 70.69
N GLN F 1648 -3.64 5.80 71.15
CA GLN F 1648 -3.69 6.24 72.56
C GLN F 1648 -2.55 5.60 73.36
N LYS F 1649 -1.33 5.55 72.84
CA LYS F 1649 -0.17 5.05 73.61
C LYS F 1649 0.44 6.22 74.37
N GLY F 1650 -0.04 6.47 75.58
CA GLY F 1650 0.62 7.38 76.54
C GLY F 1650 1.71 6.65 77.31
N GLY F 1651 2.80 7.34 77.66
CA GLY F 1651 3.91 6.77 78.44
C GLY F 1651 4.60 7.82 79.30
N GLN F 1652 5.00 7.46 80.52
CA GLN F 1652 5.93 8.29 81.33
C GLN F 1652 6.91 7.34 81.98
N ALA F 1653 8.20 7.66 81.94
CA ALA F 1653 9.24 7.06 82.82
C ALA F 1653 9.83 8.19 83.66
N ILE F 1654 10.11 7.91 84.93
CA ILE F 1654 10.92 8.82 85.79
C ILE F 1654 12.27 8.17 86.00
N VAL F 1655 13.34 8.89 85.72
CA VAL F 1655 14.73 8.41 85.97
C VAL F 1655 15.31 9.27 87.08
N VAL F 1656 15.79 8.63 88.15
CA VAL F 1656 16.41 9.31 89.31
C VAL F 1656 17.93 9.14 89.22
N HIS F 1657 18.67 10.18 89.62
CA HIS F 1657 20.15 10.22 89.62
C HIS F 1657 20.69 9.00 90.34
N PRO F 1658 21.71 8.30 89.80
CA PRO F 1658 22.14 7.04 90.37
C PRO F 1658 22.81 7.15 91.74
N ASP F 1659 23.37 8.31 92.09
CA ASP F 1659 24.06 8.50 93.38
C ASP F 1659 23.07 8.34 94.54
N TYR F 1660 21.76 8.35 94.28
CA TYR F 1660 20.75 8.12 95.36
C TYR F 1660 20.75 6.65 95.75
N LEU F 1661 21.31 5.77 94.93
CA LEU F 1661 21.34 4.31 95.24
C LEU F 1661 22.29 4.08 96.40
N TYR F 1662 23.48 4.69 96.36
CA TYR F 1662 24.63 4.31 97.21
C TYR F 1662 24.33 4.70 98.67
N GLY F 1663 23.40 5.64 98.86
CA GLY F 1663 22.85 5.93 100.20
C GLY F 1663 22.32 4.70 100.94
N ALA F 1664 21.90 3.67 100.21
CA ALA F 1664 21.16 2.50 100.74
C ALA F 1664 22.15 1.44 101.26
N ILE F 1665 23.40 1.45 100.82
CA ILE F 1665 24.37 0.37 101.15
C ILE F 1665 25.43 0.88 102.13
N THR F 1666 26.22 -0.05 102.67
CA THR F 1666 27.31 0.24 103.63
C THR F 1666 28.53 0.74 102.89
N GLU F 1667 29.40 1.47 103.60
CA GLU F 1667 30.69 1.96 103.08
C GLU F 1667 31.50 0.80 102.50
N ASP F 1668 31.63 -0.28 103.28
CA ASP F 1668 32.38 -1.49 102.86
C ASP F 1668 31.86 -1.93 101.48
N ARG F 1669 30.55 -2.09 101.33
CA ARG F 1669 29.97 -2.66 100.07
C ARG F 1669 30.23 -1.72 98.90
N TYR F 1670 30.04 -0.42 99.11
CA TYR F 1670 30.25 0.63 98.09
C TYR F 1670 31.70 0.55 97.60
N ASN F 1671 32.65 0.54 98.53
CA ASN F 1671 34.09 0.56 98.20
C ASN F 1671 34.44 -0.67 97.36
N GLU F 1672 33.82 -1.82 97.64
CA GLU F 1672 34.08 -3.08 96.91
C GLU F 1672 33.61 -2.92 95.46
N TYR F 1673 32.40 -2.36 95.30
CA TYR F 1673 31.75 -2.04 94.01
C TYR F 1673 32.65 -1.08 93.22
N VAL F 1674 33.12 -0.01 93.86
CA VAL F 1674 33.92 1.04 93.16
C VAL F 1674 35.16 0.38 92.57
N ALA F 1675 35.81 -0.49 93.32
CA ALA F 1675 37.01 -1.24 92.90
C ALA F 1675 36.66 -2.06 91.67
N LYS F 1676 35.53 -2.76 91.73
CA LYS F 1676 35.15 -3.77 90.72
C LYS F 1676 34.81 -3.05 89.41
N VAL F 1677 34.03 -1.97 89.49
CA VAL F 1677 33.66 -1.12 88.31
C VAL F 1677 34.94 -0.58 87.68
N SER F 1678 35.82 -0.03 88.49
CA SER F 1678 37.06 0.61 87.99
C SER F 1678 37.83 -0.37 87.12
N ALA F 1679 37.90 -1.64 87.52
CA ALA F 1679 38.60 -2.73 86.80
C ALA F 1679 37.87 -3.05 85.50
N ARG F 1680 36.55 -3.20 85.58
CA ARG F 1680 35.67 -3.54 84.43
C ARG F 1680 35.79 -2.45 83.37
N GLU F 1681 35.89 -1.20 83.82
CA GLU F 1681 35.90 -0.02 82.94
C GLU F 1681 37.20 -0.05 82.14
N LYS F 1682 38.32 -0.35 82.78
CA LYS F 1682 39.64 -0.39 82.12
C LYS F 1682 39.61 -1.47 81.04
N SER F 1683 38.91 -2.58 81.30
CA SER F 1683 38.79 -3.74 80.38
C SER F 1683 37.88 -3.41 79.21
N ALA F 1684 36.84 -2.62 79.47
CA ALA F 1684 35.87 -2.19 78.46
C ALA F 1684 36.57 -1.24 77.49
N TYR F 1685 37.36 -0.29 78.00
CA TYR F 1685 38.16 0.63 77.16
C TYR F 1685 39.08 -0.21 76.26
N LYS F 1686 39.70 -1.25 76.83
CA LYS F 1686 40.61 -2.13 76.07
C LYS F 1686 39.83 -2.75 74.92
N PHE F 1687 38.65 -3.29 75.21
CA PHE F 1687 37.81 -4.03 74.24
C PHE F 1687 37.34 -3.12 73.11
N PHE F 1688 36.89 -1.92 73.50
CA PHE F 1688 36.23 -0.93 72.64
C PHE F 1688 37.19 -0.47 71.55
N HIS F 1689 38.33 0.05 71.95
CA HIS F 1689 39.36 0.57 71.02
C HIS F 1689 39.84 -0.54 70.09
N ASN F 1690 39.95 -1.76 70.59
CA ASN F 1690 40.41 -2.88 69.73
C ASN F 1690 39.28 -3.17 68.73
N GLY F 1691 38.06 -3.27 69.22
CA GLY F 1691 36.87 -3.53 68.38
C GLY F 1691 36.63 -2.45 67.35
N MET F 1692 36.92 -1.20 67.69
CA MET F 1692 36.71 -0.06 66.76
C MET F 1692 37.72 -0.20 65.62
N ILE F 1693 39.00 -0.15 65.92
CA ILE F 1693 40.03 -0.02 64.85
C ILE F 1693 40.05 -1.27 63.97
N TYR F 1694 39.70 -2.46 64.49
CA TYR F 1694 39.77 -3.75 63.77
C TYR F 1694 38.37 -4.24 63.34
N ASN F 1695 37.37 -3.37 63.44
CA ASN F 1695 35.98 -3.65 62.98
C ASN F 1695 35.49 -4.96 63.60
N LYS F 1696 35.36 -5.02 64.92
CA LYS F 1696 35.03 -6.24 65.68
C LYS F 1696 34.26 -5.96 66.96
N LEU F 1697 33.62 -4.79 67.12
CA LEU F 1697 32.81 -4.55 68.33
C LEU F 1697 31.78 -5.67 68.41
N PHE F 1698 31.21 -6.02 67.26
CA PHE F 1698 30.28 -7.16 67.11
C PHE F 1698 31.07 -8.40 66.69
N VAL F 1699 30.95 -9.46 67.48
CA VAL F 1699 31.40 -10.83 67.09
C VAL F 1699 30.27 -11.78 67.41
N SER F 1700 29.71 -12.45 66.41
CA SER F 1700 28.56 -13.37 66.63
C SER F 1700 29.09 -14.61 67.34
N LYS F 1701 28.27 -15.20 68.19
CA LYS F 1701 28.55 -16.47 68.91
C LYS F 1701 28.27 -17.61 67.95
N GLU F 1702 29.20 -18.56 67.86
CA GLU F 1702 29.03 -19.80 67.08
C GLU F 1702 28.24 -20.80 67.91
N HIS F 1703 28.38 -20.74 69.22
CA HIS F 1703 27.93 -21.82 70.15
C HIS F 1703 27.20 -21.24 71.35
N ALA F 1704 26.17 -21.93 71.82
CA ALA F 1704 25.56 -21.64 73.14
C ALA F 1704 26.59 -21.92 74.21
N PRO F 1705 26.43 -21.37 75.43
CA PRO F 1705 27.35 -21.70 76.51
C PRO F 1705 27.22 -23.15 76.99
N TYR F 1706 26.17 -23.86 76.57
CA TYR F 1706 25.95 -25.31 76.85
C TYR F 1706 26.16 -26.09 75.56
N THR F 1707 26.69 -27.30 75.64
CA THR F 1707 26.64 -28.29 74.53
C THR F 1707 25.18 -28.75 74.42
N ASP F 1708 24.81 -29.39 73.32
CA ASP F 1708 23.44 -29.94 73.12
C ASP F 1708 23.19 -30.99 74.21
N GLU F 1709 24.19 -31.77 74.60
CA GLU F 1709 24.05 -32.86 75.59
C GLU F 1709 23.60 -32.27 76.94
N LEU F 1710 24.06 -31.07 77.32
CA LEU F 1710 23.81 -30.48 78.66
C LEU F 1710 22.66 -29.48 78.63
N GLU F 1711 22.17 -29.12 77.45
CA GLU F 1711 21.12 -28.07 77.23
C GLU F 1711 19.99 -28.22 78.26
N GLU F 1712 19.32 -29.37 78.31
CA GLU F 1712 18.14 -29.58 79.19
C GLU F 1712 18.60 -29.49 80.65
N ASP F 1713 19.74 -30.09 80.99
CA ASP F 1713 20.27 -30.11 82.38
C ASP F 1713 20.45 -28.67 82.89
N VAL F 1714 20.98 -27.79 82.02
CA VAL F 1714 21.21 -26.37 82.36
C VAL F 1714 19.85 -25.72 82.54
N TYR F 1715 18.91 -25.99 81.64
CA TYR F 1715 17.57 -25.36 81.64
C TYR F 1715 16.88 -25.73 82.95
N LEU F 1716 17.17 -26.89 83.52
CA LEU F 1716 16.37 -27.47 84.63
C LEU F 1716 17.06 -27.29 85.99
N ASP F 1717 18.28 -26.75 86.06
CA ASP F 1717 18.93 -26.41 87.34
C ASP F 1717 19.00 -24.89 87.48
N PRO F 1718 18.21 -24.26 88.36
CA PRO F 1718 18.19 -22.81 88.43
C PRO F 1718 19.50 -22.24 88.95
N LEU F 1719 20.32 -23.05 89.61
CA LEU F 1719 21.59 -22.59 90.23
C LEU F 1719 22.76 -22.85 89.27
N ALA F 1720 22.52 -23.38 88.07
CA ALA F 1720 23.57 -23.69 87.10
C ALA F 1720 24.16 -22.38 86.60
N ARG F 1721 25.46 -22.20 86.79
CA ARG F 1721 26.19 -21.02 86.28
C ARG F 1721 27.35 -21.47 85.41
N VAL F 1722 27.95 -20.53 84.74
CA VAL F 1722 28.98 -20.79 83.71
C VAL F 1722 30.34 -20.51 84.33
N SER F 1723 31.37 -21.22 83.91
CA SER F 1723 32.76 -21.08 84.43
C SER F 1723 33.72 -20.97 83.24
N LYS F 1724 34.93 -20.46 83.46
CA LYS F 1724 35.95 -20.36 82.39
C LYS F 1724 36.47 -21.75 82.07
N ASP F 1725 36.16 -22.29 80.89
CA ASP F 1725 36.72 -23.58 80.41
C ASP F 1725 38.24 -23.41 80.32
N LYS F 1726 39.01 -24.21 81.07
CA LYS F 1726 40.49 -24.08 81.11
C LYS F 1726 41.03 -24.24 79.68
N LYS F 1727 40.58 -25.29 78.98
CA LYS F 1727 41.05 -25.67 77.62
C LYS F 1727 40.76 -24.54 76.62
N SER F 1728 39.51 -24.10 76.48
CA SER F 1728 39.03 -23.20 75.39
C SER F 1728 39.17 -21.72 75.77
N GLY F 1729 39.11 -21.39 77.05
CA GLY F 1729 39.21 -20.00 77.52
C GLY F 1729 37.86 -19.27 77.49
N SER F 1730 36.85 -19.84 76.84
CA SER F 1730 35.50 -19.24 76.79
C SER F 1730 34.66 -19.71 77.99
N LEU F 1731 33.59 -18.97 78.30
CA LEU F 1731 32.65 -19.28 79.39
C LEU F 1731 31.68 -20.37 78.93
N THR F 1732 31.69 -21.52 79.61
CA THR F 1732 30.82 -22.68 79.28
C THR F 1732 30.26 -23.32 80.54
N PHE F 1733 29.19 -24.08 80.41
CA PHE F 1733 28.58 -24.84 81.51
C PHE F 1733 29.30 -26.18 81.60
N ASN F 1734 29.89 -26.47 82.76
CA ASN F 1734 30.54 -27.76 83.10
C ASN F 1734 29.54 -28.63 83.86
N SER F 1735 29.40 -29.90 83.50
CA SER F 1735 28.52 -30.85 84.25
C SER F 1735 28.85 -30.86 85.74
N LYS F 1736 30.09 -30.55 86.13
CA LYS F 1736 30.54 -30.43 87.54
C LYS F 1736 29.67 -29.45 88.32
N ASN F 1737 29.18 -28.39 87.68
CA ASN F 1737 28.48 -27.27 88.36
C ASN F 1737 26.97 -27.32 88.09
N ILE F 1738 26.46 -28.45 87.62
CA ILE F 1738 25.02 -28.62 87.31
C ILE F 1738 24.44 -29.64 88.28
N GLN F 1739 23.41 -29.26 89.02
CA GLN F 1739 22.82 -30.05 90.12
C GLN F 1739 23.96 -30.46 91.07
N SER F 1740 24.68 -29.47 91.59
CA SER F 1740 25.92 -29.57 92.37
C SER F 1740 25.65 -29.15 93.83
N LYS F 1741 25.96 -30.02 94.80
CA LYS F 1741 25.76 -29.73 96.24
C LYS F 1741 26.33 -28.35 96.56
N ASP F 1742 27.44 -27.96 95.92
CA ASP F 1742 28.18 -26.70 96.24
C ASP F 1742 27.31 -25.49 95.93
N SER F 1743 26.41 -25.55 94.95
CA SER F 1743 25.56 -24.39 94.57
C SER F 1743 24.53 -24.10 95.66
N TYR F 1744 24.06 -25.11 96.38
CA TYR F 1744 23.00 -24.97 97.39
C TYR F 1744 23.63 -24.83 98.78
N ILE F 1745 24.47 -25.79 99.17
CA ILE F 1745 25.15 -25.89 100.51
C ILE F 1745 26.42 -25.03 100.45
N ASN F 1746 26.33 -23.76 100.82
CA ASN F 1746 27.47 -22.79 100.86
C ASN F 1746 28.11 -22.79 102.25
N ALA F 1747 29.14 -21.96 102.46
CA ALA F 1747 29.96 -21.89 103.69
C ALA F 1747 29.08 -21.62 104.91
N ASN F 1748 28.28 -20.54 104.90
CA ASN F 1748 27.44 -20.14 106.06
C ASN F 1748 26.64 -21.37 106.51
N THR F 1749 26.01 -22.09 105.58
CA THR F 1749 25.05 -23.16 105.95
C THR F 1749 25.84 -24.38 106.46
N ILE F 1750 27.10 -24.56 106.07
CA ILE F 1750 27.97 -25.64 106.62
C ILE F 1750 28.30 -25.32 108.08
N GLU F 1751 28.74 -24.09 108.34
CA GLU F 1751 29.27 -23.72 109.68
C GLU F 1751 28.09 -23.50 110.63
N THR F 1752 26.98 -22.93 110.17
CA THR F 1752 25.74 -22.74 110.97
C THR F 1752 25.11 -24.11 111.29
N ALA F 1753 25.14 -25.06 110.36
CA ALA F 1753 24.60 -26.42 110.57
C ALA F 1753 25.43 -27.14 111.65
N LYS F 1754 26.76 -27.06 111.53
CA LYS F 1754 27.71 -27.66 112.51
C LYS F 1754 27.35 -27.15 113.91
N MET F 1755 27.18 -25.83 114.05
CA MET F 1755 26.91 -25.17 115.36
C MET F 1755 25.68 -25.79 116.02
N ILE F 1756 24.60 -26.02 115.27
CA ILE F 1756 23.32 -26.58 115.81
C ILE F 1756 23.51 -28.09 116.08
N GLU F 1757 24.40 -28.75 115.34
CA GLU F 1757 24.76 -30.17 115.57
C GLU F 1757 25.47 -30.28 116.94
N ASN F 1758 26.30 -29.29 117.27
CA ASN F 1758 27.20 -29.32 118.45
C ASN F 1758 26.39 -29.16 119.73
N MET F 1759 25.16 -28.62 119.65
CA MET F 1759 24.29 -28.41 120.84
C MET F 1759 23.13 -29.42 120.88
N THR F 1760 23.27 -30.55 120.16
CA THR F 1760 22.25 -31.66 120.13
C THR F 1760 22.50 -32.49 121.39
N LYS F 1761 21.64 -33.42 121.82
CA LYS F 1761 21.48 -33.87 123.24
C LYS F 1761 22.78 -34.54 123.76
N GLU F 1762 23.74 -34.82 122.84
CA GLU F 1762 25.01 -35.53 123.16
C GLU F 1762 25.92 -34.60 123.97
N LYS F 1763 26.14 -33.36 123.50
CA LYS F 1763 27.00 -32.32 124.16
C LYS F 1763 26.25 -31.76 125.39
N VAL F 1764 25.05 -31.24 125.15
CA VAL F 1764 24.21 -30.51 126.14
C VAL F 1764 23.67 -31.49 127.20
N SER F 1765 24.54 -32.33 127.80
CA SER F 1765 24.30 -32.98 129.12
C SER F 1765 23.85 -31.89 130.11
N ASN F 1766 24.80 -31.08 130.61
CA ASN F 1766 24.62 -30.16 131.77
C ASN F 1766 24.90 -28.71 131.34
N GLY F 1767 24.38 -27.74 132.11
CA GLY F 1767 24.74 -26.32 132.01
C GLY F 1767 23.81 -25.53 131.08
N GLY F 1768 24.27 -24.36 130.64
CA GLY F 1768 23.40 -23.36 130.00
C GLY F 1768 23.74 -23.20 128.55
N VAL F 1769 22.82 -23.48 127.62
CA VAL F 1769 22.94 -23.02 126.19
C VAL F 1769 22.29 -21.63 126.03
N GLY F 1770 22.90 -20.80 125.19
CA GLY F 1770 22.32 -19.52 124.72
C GLY F 1770 22.50 -19.40 123.22
N VAL F 1771 21.39 -19.31 122.47
CA VAL F 1771 21.39 -19.08 121.00
C VAL F 1771 20.99 -17.63 120.77
N ASP F 1772 21.62 -16.95 119.81
CA ASP F 1772 21.21 -15.59 119.40
C ASP F 1772 21.54 -15.39 117.93
N VAL F 1773 20.61 -14.82 117.17
CA VAL F 1773 20.88 -14.36 115.78
C VAL F 1773 20.60 -12.86 115.74
N GLU F 1774 21.34 -12.16 114.87
CA GLU F 1774 21.18 -10.72 114.57
C GLU F 1774 21.22 -10.56 113.06
N LEU F 1775 20.36 -9.73 112.52
CA LEU F 1775 20.43 -9.31 111.10
C LEU F 1775 21.58 -8.29 110.99
N ILE F 1776 22.45 -8.47 109.98
CA ILE F 1776 23.59 -7.55 109.70
C ILE F 1776 23.03 -6.12 109.61
N THR F 1777 21.82 -5.90 109.07
CA THR F 1777 21.24 -4.56 108.77
C THR F 1777 21.07 -3.73 110.04
N SER F 1778 20.80 -4.36 111.19
CA SER F 1778 20.53 -3.65 112.47
C SER F 1778 21.83 -3.06 113.05
N ILE F 1779 23.01 -3.55 112.64
CA ILE F 1779 24.31 -2.98 113.10
C ILE F 1779 24.68 -1.80 112.20
N ASN F 1780 24.55 -0.58 112.73
CA ASN F 1780 25.06 0.66 112.07
C ASN F 1780 26.48 0.93 112.59
N VAL F 1781 27.49 0.49 111.85
CA VAL F 1781 28.94 0.74 112.12
C VAL F 1781 29.17 2.21 112.50
N GLU F 1782 28.55 3.17 111.81
CA GLU F 1782 28.80 4.64 111.96
C GLU F 1782 28.30 5.16 113.32
N ASN F 1783 27.50 4.40 114.07
CA ASN F 1783 26.90 4.81 115.39
C ASN F 1783 27.89 4.52 116.52
N ASP F 1784 28.62 5.56 116.95
CA ASP F 1784 29.75 5.52 117.92
C ASP F 1784 29.21 5.20 119.32
N THR F 1785 28.01 5.66 119.66
CA THR F 1785 27.32 5.39 120.97
C THR F 1785 27.29 3.88 121.21
N PHE F 1786 26.55 3.14 120.37
CA PHE F 1786 26.33 1.68 120.49
C PHE F 1786 27.68 0.95 120.54
N ILE F 1787 28.62 1.34 119.65
CA ILE F 1787 29.95 0.67 119.46
C ILE F 1787 30.82 0.89 120.71
N GLU F 1788 31.02 2.15 121.13
CA GLU F 1788 31.87 2.52 122.30
C GLU F 1788 31.28 1.94 123.59
N ARG F 1789 29.96 1.95 123.75
CA ARG F 1789 29.22 1.56 124.99
C ARG F 1789 29.21 0.02 125.17
N ASN F 1790 29.34 -0.76 124.10
CA ASN F 1790 29.07 -2.23 124.14
C ASN F 1790 30.28 -3.07 123.73
N PHE F 1791 31.35 -2.46 123.20
CA PHE F 1791 32.54 -3.20 122.66
C PHE F 1791 33.84 -2.65 123.25
N THR F 1792 34.83 -3.53 123.41
CA THR F 1792 36.17 -3.20 123.96
C THR F 1792 37.06 -2.73 122.82
N PRO F 1793 38.08 -1.87 123.08
CA PRO F 1793 39.04 -1.47 122.04
C PRO F 1793 39.60 -2.64 121.22
N GLN F 1794 39.89 -3.78 121.84
CA GLN F 1794 40.49 -4.98 121.19
C GLN F 1794 39.47 -5.62 120.23
N GLU F 1795 38.19 -5.66 120.61
CA GLU F 1795 37.06 -6.17 119.79
C GLU F 1795 36.87 -5.26 118.58
N ILE F 1796 36.64 -3.96 118.83
CA ILE F 1796 36.48 -2.87 117.83
C ILE F 1796 37.60 -2.97 116.78
N GLU F 1797 38.86 -3.11 117.20
CA GLU F 1797 40.02 -3.18 116.29
C GLU F 1797 39.89 -4.40 115.37
N TYR F 1798 39.47 -5.56 115.91
CA TYR F 1798 39.30 -6.83 115.16
C TYR F 1798 38.25 -6.64 114.05
N CYS F 1799 37.03 -6.28 114.43
CA CYS F 1799 35.86 -6.07 113.53
C CYS F 1799 36.19 -5.00 112.48
N SER F 1800 36.77 -3.87 112.90
CA SER F 1800 37.13 -2.72 112.03
C SER F 1800 38.05 -3.13 110.88
N ALA F 1801 38.81 -4.22 111.04
CA ALA F 1801 39.87 -4.66 110.09
C ALA F 1801 39.40 -5.82 109.21
N GLN F 1802 38.17 -6.30 109.39
CA GLN F 1802 37.59 -7.42 108.60
C GLN F 1802 37.11 -6.90 107.24
N PRO F 1803 36.95 -7.79 106.23
CA PRO F 1803 36.42 -7.42 104.92
C PRO F 1803 35.02 -6.81 104.99
N SER F 1804 34.10 -7.43 105.76
CA SER F 1804 32.77 -6.85 106.11
C SER F 1804 32.77 -6.47 107.59
N VAL F 1805 33.01 -5.18 107.87
CA VAL F 1805 33.01 -4.60 109.24
C VAL F 1805 31.62 -4.85 109.85
N GLN F 1806 30.56 -4.57 109.08
CA GLN F 1806 29.15 -4.67 109.54
C GLN F 1806 28.83 -6.12 109.91
N SER F 1807 29.25 -7.08 109.10
CA SER F 1807 29.00 -8.52 109.37
C SER F 1807 29.76 -8.97 110.62
N SER F 1808 31.01 -8.54 110.79
CA SER F 1808 31.90 -8.98 111.91
C SER F 1808 31.42 -8.40 113.24
N PHE F 1809 30.94 -7.15 113.27
CA PHE F 1809 30.35 -6.54 114.48
C PHE F 1809 29.06 -7.28 114.85
N ALA F 1810 28.22 -7.59 113.87
CA ALA F 1810 27.00 -8.40 114.07
C ALA F 1810 27.38 -9.78 114.62
N GLY F 1811 28.51 -10.33 114.16
CA GLY F 1811 29.03 -11.62 114.64
C GLY F 1811 29.34 -11.58 116.12
N THR F 1812 30.16 -10.61 116.54
CA THR F 1812 30.61 -10.38 117.94
C THR F 1812 29.37 -10.10 118.79
N TRP F 1813 28.57 -9.10 118.41
CA TRP F 1813 27.32 -8.66 119.11
C TRP F 1813 26.36 -9.83 119.32
N SER F 1814 26.38 -10.85 118.45
CA SER F 1814 25.55 -12.07 118.59
C SER F 1814 26.16 -12.97 119.67
N ALA F 1815 27.48 -13.16 119.66
CA ALA F 1815 28.21 -13.98 120.65
C ALA F 1815 27.98 -13.42 122.05
N LYS F 1816 28.00 -12.10 122.21
CA LYS F 1816 27.74 -11.40 123.50
C LYS F 1816 26.35 -11.78 124.01
N GLU F 1817 25.30 -11.49 123.23
CA GLU F 1817 23.89 -11.77 123.60
C GLU F 1817 23.71 -13.27 123.87
N ALA F 1818 24.48 -14.12 123.18
CA ALA F 1818 24.40 -15.60 123.26
C ALA F 1818 25.02 -16.06 124.58
N VAL F 1819 26.15 -15.47 124.98
CA VAL F 1819 26.83 -15.71 126.29
C VAL F 1819 25.86 -15.29 127.41
N PHE F 1820 25.52 -14.00 127.51
CA PHE F 1820 24.53 -13.43 128.46
C PHE F 1820 23.35 -14.41 128.65
N LYS F 1821 22.83 -14.98 127.57
CA LYS F 1821 21.67 -15.91 127.57
C LYS F 1821 22.07 -17.24 128.23
N SER F 1822 23.31 -17.70 128.02
CA SER F 1822 23.86 -18.99 128.53
C SER F 1822 24.08 -18.94 130.04
N LEU F 1823 24.48 -17.77 130.58
CA LEU F 1823 24.66 -17.52 132.05
C LEU F 1823 23.29 -17.46 132.74
N GLY F 1824 22.20 -17.29 131.98
CA GLY F 1824 20.79 -17.35 132.45
C GLY F 1824 20.50 -16.36 133.57
N VAL F 1825 21.33 -15.31 133.67
CA VAL F 1825 21.18 -14.17 134.63
C VAL F 1825 20.13 -13.21 134.04
N LYS F 1826 19.20 -12.78 134.91
CA LYS F 1826 18.15 -11.74 134.68
C LYS F 1826 18.70 -10.44 134.07
N SER F 1827 18.03 -9.96 133.02
CA SER F 1827 18.32 -8.67 132.30
C SER F 1827 19.07 -7.71 133.26
N LEU F 1828 19.83 -6.76 132.69
CA LEU F 1828 20.41 -5.58 133.41
C LEU F 1828 19.71 -4.30 132.89
N GLY F 1829 18.73 -4.43 131.97
CA GLY F 1829 17.65 -3.44 131.75
C GLY F 1829 17.62 -2.88 130.33
N GLY F 1830 17.12 -3.65 129.36
CA GLY F 1830 16.92 -3.19 127.96
C GLY F 1830 18.09 -3.54 127.04
N GLY F 1831 18.97 -2.58 126.71
CA GLY F 1831 20.31 -2.82 126.13
C GLY F 1831 21.44 -2.20 126.94
N ALA F 1832 21.57 -2.54 128.24
CA ALA F 1832 22.65 -2.10 129.16
C ALA F 1832 23.94 -2.95 129.00
N ALA F 1833 25.09 -2.34 129.29
CA ALA F 1833 26.45 -2.62 128.72
C ALA F 1833 26.81 -4.11 128.72
N LEU F 1834 27.06 -4.68 127.53
CA LEU F 1834 27.59 -6.05 127.32
C LEU F 1834 29.10 -5.98 127.08
N LYS F 1835 29.71 -4.82 127.34
CA LYS F 1835 31.18 -4.61 127.21
C LYS F 1835 31.90 -5.54 128.19
N ASP F 1836 31.29 -5.84 129.34
CA ASP F 1836 31.79 -6.81 130.36
C ASP F 1836 32.04 -8.19 129.73
N ILE F 1837 31.20 -8.61 128.76
CA ILE F 1837 31.35 -9.90 128.02
C ILE F 1837 32.22 -9.64 126.78
N GLU F 1838 33.50 -9.99 126.84
CA GLU F 1838 34.49 -9.75 125.75
C GLU F 1838 34.69 -11.05 124.98
N ILE F 1839 34.60 -10.94 123.65
CA ILE F 1839 34.94 -12.03 122.68
C ILE F 1839 36.35 -11.74 122.15
N VAL F 1840 37.28 -12.67 122.34
CA VAL F 1840 38.67 -12.58 121.82
C VAL F 1840 38.79 -13.43 120.56
N ARG F 1841 38.72 -12.79 119.38
CA ARG F 1841 38.85 -13.43 118.06
C ARG F 1841 40.29 -13.21 117.57
N VAL F 1842 41.16 -14.16 117.88
CA VAL F 1842 42.40 -14.45 117.12
C VAL F 1842 41.91 -15.07 115.79
N ASN F 1843 42.10 -14.40 114.64
CA ASN F 1843 41.73 -14.89 113.28
C ASN F 1843 42.18 -16.36 113.16
N LYS F 1844 41.26 -17.29 112.84
CA LYS F 1844 41.52 -18.76 112.62
C LYS F 1844 41.66 -19.50 113.96
N ASN F 1845 41.42 -18.83 115.10
CA ASN F 1845 41.06 -19.46 116.40
C ASN F 1845 39.54 -19.28 116.62
N ALA F 1846 38.81 -20.37 116.89
CA ALA F 1846 37.46 -20.36 117.52
C ALA F 1846 37.49 -19.27 118.58
N PRO F 1847 36.54 -18.32 118.58
CA PRO F 1847 36.61 -17.19 119.51
C PRO F 1847 36.61 -17.66 120.98
N ALA F 1848 37.19 -16.89 121.88
CA ALA F 1848 37.27 -17.20 123.32
C ALA F 1848 36.50 -16.13 124.09
N VAL F 1849 35.78 -16.53 125.14
CA VAL F 1849 34.98 -15.62 126.00
C VAL F 1849 35.88 -15.20 127.17
N GLU F 1850 35.70 -13.97 127.67
CA GLU F 1850 36.59 -13.34 128.68
C GLU F 1850 35.75 -12.31 129.46
N LEU F 1851 34.89 -12.79 130.35
CA LEU F 1851 34.01 -11.96 131.23
C LEU F 1851 34.86 -11.13 132.21
N HIS F 1852 34.40 -9.90 132.49
CA HIS F 1852 35.02 -8.86 133.36
C HIS F 1852 33.98 -8.35 134.37
N GLY F 1853 34.34 -7.38 135.21
CA GLY F 1853 33.44 -6.62 136.12
C GLY F 1853 32.23 -7.43 136.57
N ASN F 1854 31.03 -6.88 136.38
CA ASN F 1854 29.73 -7.37 136.92
C ASN F 1854 29.33 -8.73 136.34
N ALA F 1855 29.65 -8.98 135.06
CA ALA F 1855 29.35 -10.23 134.33
C ALA F 1855 30.13 -11.40 134.95
N LYS F 1856 31.34 -11.14 135.48
CA LYS F 1856 32.22 -12.18 136.08
C LYS F 1856 31.78 -12.46 137.53
N LYS F 1857 31.17 -11.48 138.22
CA LYS F 1857 30.56 -11.69 139.57
C LYS F 1857 29.45 -12.74 139.42
N ALA F 1858 28.44 -12.48 138.57
CA ALA F 1858 27.32 -13.38 138.23
C ALA F 1858 27.85 -14.78 137.89
N ALA F 1859 28.96 -14.87 137.15
CA ALA F 1859 29.61 -16.12 136.66
C ALA F 1859 30.09 -16.98 137.84
N GLU F 1860 31.00 -16.45 138.68
CA GLU F 1860 31.60 -17.18 139.84
C GLU F 1860 30.50 -17.62 140.82
N GLU F 1861 29.41 -16.86 140.93
CA GLU F 1861 28.30 -17.02 141.92
C GLU F 1861 27.20 -17.97 141.41
N ALA F 1862 27.13 -18.25 140.10
CA ALA F 1862 26.43 -19.42 139.53
C ALA F 1862 27.48 -20.48 139.13
N GLY F 1863 28.70 -20.33 139.66
CA GLY F 1863 29.86 -21.25 139.59
C GLY F 1863 30.10 -21.83 138.21
N VAL F 1864 30.70 -21.08 137.27
CA VAL F 1864 30.95 -21.51 135.85
C VAL F 1864 32.46 -21.60 135.59
N THR F 1865 33.01 -22.83 135.54
CA THR F 1865 34.44 -23.15 135.25
C THR F 1865 34.81 -22.63 133.84
N ASP F 1866 33.91 -22.71 132.85
CA ASP F 1866 34.21 -22.42 131.42
C ASP F 1866 32.96 -21.86 130.69
N VAL F 1867 33.17 -21.23 129.52
CA VAL F 1867 32.13 -20.67 128.59
C VAL F 1867 32.68 -20.70 127.14
N LYS F 1868 32.19 -21.62 126.30
CA LYS F 1868 32.49 -21.66 124.83
C LYS F 1868 31.44 -20.83 124.05
N VAL F 1869 31.81 -20.38 122.84
CA VAL F 1869 30.89 -19.73 121.88
C VAL F 1869 31.38 -20.03 120.45
N SER F 1870 30.45 -20.39 119.57
CA SER F 1870 30.66 -20.50 118.10
C SER F 1870 29.95 -19.33 117.43
N ILE F 1871 30.47 -18.87 116.29
CA ILE F 1871 29.85 -17.77 115.51
C ILE F 1871 29.87 -18.16 114.02
N SER F 1872 28.82 -17.81 113.31
CA SER F 1872 28.79 -17.74 111.83
C SER F 1872 28.08 -16.44 111.42
N HIS F 1873 28.72 -15.66 110.57
CA HIS F 1873 28.18 -14.39 110.03
C HIS F 1873 28.48 -14.32 108.55
N ASP F 1874 27.49 -13.90 107.75
CA ASP F 1874 27.62 -13.59 106.31
C ASP F 1874 27.04 -12.20 106.07
N ASP F 1875 26.44 -11.96 104.91
CA ASP F 1875 25.93 -10.63 104.50
C ASP F 1875 24.46 -10.46 104.92
N LEU F 1876 23.81 -11.50 105.46
CA LEU F 1876 22.40 -11.45 105.95
C LEU F 1876 22.36 -11.45 107.49
N GLN F 1877 22.85 -12.54 108.09
CA GLN F 1877 22.57 -12.93 109.51
C GLN F 1877 23.89 -13.39 110.17
N ALA F 1878 24.12 -12.93 111.39
CA ALA F 1878 25.07 -13.51 112.37
C ALA F 1878 24.28 -14.38 113.34
N VAL F 1879 24.75 -15.59 113.61
CA VAL F 1879 24.16 -16.51 114.63
C VAL F 1879 25.31 -17.04 115.51
N ALA F 1880 25.10 -17.05 116.83
CA ALA F 1880 26.05 -17.54 117.84
C ALA F 1880 25.37 -18.53 118.79
N VAL F 1881 26.11 -19.57 119.18
CA VAL F 1881 25.73 -20.57 120.21
C VAL F 1881 26.81 -20.54 121.29
N ALA F 1882 26.43 -20.19 122.53
CA ALA F 1882 27.28 -20.25 123.74
C ALA F 1882 26.79 -21.38 124.64
N VAL F 1883 27.70 -22.30 125.05
CA VAL F 1883 27.51 -23.23 126.21
C VAL F 1883 28.38 -22.72 127.35
N SER F 1884 27.80 -22.56 128.54
CA SER F 1884 28.52 -22.35 129.82
C SER F 1884 28.31 -23.60 130.68
N THR F 1885 29.38 -24.20 131.19
CA THR F 1885 29.34 -25.46 132.01
C THR F 1885 28.69 -25.15 133.38
N LYS F 1886 29.19 -25.76 134.48
CA LYS F 1886 28.53 -25.85 135.81
C LYS F 1886 28.55 -24.47 136.49
N SER G 5 -122.14 51.99 12.49
CA SER G 5 -120.87 51.26 12.82
C SER G 5 -120.10 51.01 11.54
N THR G 6 -118.77 50.81 11.65
CA THR G 6 -117.85 50.63 10.49
C THR G 6 -117.19 49.24 10.64
N ARG G 7 -115.89 49.17 10.95
CA ARG G 7 -115.07 47.93 11.18
C ARG G 7 -113.90 47.90 10.18
N PRO G 8 -112.63 47.77 10.65
CA PRO G 8 -111.46 47.83 9.76
C PRO G 8 -111.30 46.63 8.82
N LEU G 9 -110.58 46.85 7.72
CA LEU G 9 -110.15 45.83 6.74
C LEU G 9 -108.76 46.22 6.21
N THR G 10 -107.70 45.60 6.73
CA THR G 10 -106.29 45.86 6.34
C THR G 10 -106.06 45.33 4.92
N LEU G 11 -105.88 46.23 3.95
CA LEU G 11 -105.21 45.92 2.65
C LEU G 11 -103.72 46.00 2.91
N SER G 12 -102.93 45.01 2.45
CA SER G 12 -101.49 44.90 2.79
C SER G 12 -100.72 44.15 1.71
N HIS G 13 -99.44 44.49 1.61
CA HIS G 13 -98.41 43.80 0.80
C HIS G 13 -97.05 44.12 1.46
N GLY G 14 -96.47 43.16 2.16
CA GLY G 14 -95.21 43.34 2.93
C GLY G 14 -95.36 44.45 3.97
N SER G 15 -94.45 45.43 3.97
CA SER G 15 -94.34 46.53 4.97
C SER G 15 -95.62 47.37 5.01
N LEU G 16 -96.15 47.72 3.83
CA LEU G 16 -97.16 48.81 3.67
C LEU G 16 -98.57 48.23 3.75
N GLU G 17 -99.49 49.02 4.32
CA GLU G 17 -100.93 48.68 4.46
C GLU G 17 -101.78 49.94 4.26
N HIS G 18 -103.10 49.75 4.19
CA HIS G 18 -104.14 50.82 4.26
C HIS G 18 -105.35 50.29 5.03
N VAL G 19 -105.66 50.91 6.17
CA VAL G 19 -106.80 50.53 7.06
C VAL G 19 -108.08 51.12 6.43
N LEU G 20 -109.04 50.25 6.10
CA LEU G 20 -110.23 50.59 5.29
C LEU G 20 -111.49 50.52 6.17
N LEU G 21 -112.15 51.65 6.40
CA LEU G 21 -113.33 51.78 7.31
C LEU G 21 -114.58 51.32 6.54
N VAL G 22 -114.78 50.01 6.42
CA VAL G 22 -115.87 49.35 5.65
C VAL G 22 -117.13 49.37 6.52
N PRO G 23 -118.30 49.86 6.02
CA PRO G 23 -119.56 49.76 6.75
C PRO G 23 -119.87 48.30 7.14
N THR G 24 -120.44 48.10 8.33
CA THR G 24 -120.85 46.78 8.89
C THR G 24 -121.60 45.98 7.80
N ALA G 25 -122.58 46.61 7.13
CA ALA G 25 -123.42 45.99 6.06
C ALA G 25 -122.54 45.30 5.01
N SER G 26 -121.60 46.04 4.42
CA SER G 26 -120.80 45.61 3.23
C SER G 26 -119.54 44.82 3.62
N PHE G 27 -119.34 44.45 4.89
CA PHE G 27 -118.10 43.77 5.36
C PHE G 27 -118.05 42.33 4.84
N PHE G 28 -119.19 41.62 4.83
CA PHE G 28 -119.34 40.23 4.29
C PHE G 28 -118.63 40.14 2.93
N ILE G 29 -119.09 40.95 1.97
CA ILE G 29 -118.64 40.96 0.54
C ILE G 29 -117.18 41.46 0.50
N ALA G 30 -116.86 42.54 1.23
CA ALA G 30 -115.57 43.27 1.17
C ALA G 30 -114.39 42.35 1.51
N SER G 31 -114.47 41.57 2.60
CA SER G 31 -113.38 40.68 3.09
C SER G 31 -113.22 39.45 2.18
N GLN G 32 -114.26 39.11 1.39
CA GLN G 32 -114.18 38.10 0.30
C GLN G 32 -113.16 38.59 -0.74
N LEU G 33 -113.36 39.80 -1.27
CA LEU G 33 -112.49 40.44 -2.31
C LEU G 33 -111.06 40.54 -1.76
N GLN G 34 -110.92 41.09 -0.54
CA GLN G 34 -109.67 41.16 0.27
C GLN G 34 -108.86 39.87 0.14
N GLU G 35 -109.50 38.72 0.39
CA GLU G 35 -108.84 37.38 0.44
C GLU G 35 -108.36 37.01 -0.99
N GLN G 36 -109.29 36.99 -1.96
CA GLN G 36 -109.02 36.62 -3.38
C GLN G 36 -107.95 37.57 -3.97
N PHE G 37 -107.90 38.81 -3.51
CA PHE G 37 -106.92 39.86 -3.90
C PHE G 37 -105.52 39.49 -3.38
N ASN G 38 -105.38 39.22 -2.09
CA ASN G 38 -104.08 39.02 -1.39
C ASN G 38 -103.25 37.91 -2.06
N LYS G 39 -103.90 36.89 -2.62
CA LYS G 39 -103.21 35.74 -3.29
C LYS G 39 -102.65 36.19 -4.66
N ILE G 40 -103.37 37.04 -5.41
CA ILE G 40 -102.96 37.44 -6.79
C ILE G 40 -101.83 38.48 -6.72
N LEU G 41 -101.57 39.12 -5.57
CA LEU G 41 -100.35 39.95 -5.37
C LEU G 41 -99.15 39.01 -5.34
N PRO G 42 -97.99 39.37 -5.94
CA PRO G 42 -96.80 38.53 -5.85
C PRO G 42 -96.18 38.62 -4.45
N GLU G 43 -95.11 37.86 -4.21
CA GLU G 43 -94.34 37.85 -2.94
C GLU G 43 -93.66 39.22 -2.81
N PRO G 44 -93.71 39.88 -1.62
CA PRO G 44 -92.90 41.08 -1.36
C PRO G 44 -91.39 40.88 -1.63
N THR G 45 -90.67 41.96 -1.99
CA THR G 45 -89.19 42.03 -2.13
C THR G 45 -88.69 43.28 -1.38
N GLU G 46 -87.36 43.49 -1.26
CA GLU G 46 -86.77 44.74 -0.73
C GLU G 46 -86.96 45.83 -1.78
N GLY G 47 -87.44 47.02 -1.35
CA GLY G 47 -87.73 48.16 -2.23
C GLY G 47 -89.01 47.99 -3.05
N PHE G 48 -89.59 46.78 -3.06
CA PHE G 48 -90.78 46.40 -3.87
C PHE G 48 -90.47 46.58 -5.36
N ALA G 49 -89.32 46.05 -5.81
CA ALA G 49 -88.69 46.32 -7.12
C ALA G 49 -89.45 45.67 -8.29
N ALA G 50 -90.11 44.52 -8.10
CA ALA G 50 -90.82 43.75 -9.16
C ALA G 50 -91.86 44.66 -9.85
N ASP G 51 -92.07 44.47 -11.17
CA ASP G 51 -92.91 45.36 -12.01
C ASP G 51 -94.32 45.50 -11.42
N ASP G 52 -94.96 44.37 -11.12
CA ASP G 52 -96.37 44.27 -10.63
C ASP G 52 -96.38 44.22 -9.10
N GLU G 53 -95.71 45.17 -8.43
CA GLU G 53 -95.51 45.15 -6.96
C GLU G 53 -95.65 46.57 -6.40
N PRO G 54 -96.75 46.90 -5.69
CA PRO G 54 -97.01 48.28 -5.27
C PRO G 54 -96.02 48.79 -4.21
N THR G 55 -95.35 49.92 -4.49
CA THR G 55 -94.25 50.49 -3.66
C THR G 55 -94.85 51.41 -2.57
N THR G 56 -96.09 51.87 -2.72
CA THR G 56 -96.74 52.84 -1.79
C THR G 56 -98.11 52.33 -1.36
N PRO G 57 -98.67 52.87 -0.24
CA PRO G 57 -100.05 52.61 0.14
C PRO G 57 -101.08 53.00 -0.95
N ALA G 58 -100.82 54.10 -1.67
CA ALA G 58 -101.70 54.66 -2.73
C ALA G 58 -101.80 53.67 -3.89
N GLU G 59 -100.66 53.13 -4.35
CA GLU G 59 -100.59 52.12 -5.45
C GLU G 59 -101.41 50.90 -5.05
N LEU G 60 -101.24 50.44 -3.81
CA LEU G 60 -101.92 49.27 -3.20
C LEU G 60 -103.43 49.43 -3.40
N VAL G 61 -104.00 50.53 -2.90
CA VAL G 61 -105.45 50.85 -3.02
C VAL G 61 -105.78 50.97 -4.51
N GLY G 62 -104.86 51.52 -5.30
CA GLY G 62 -104.90 51.50 -6.77
C GLY G 62 -105.22 50.12 -7.30
N LYS G 63 -104.35 49.13 -7.03
CA LYS G 63 -104.48 47.72 -7.52
C LYS G 63 -105.84 47.14 -7.13
N PHE G 64 -106.33 47.47 -5.92
CA PHE G 64 -107.62 46.96 -5.37
C PHE G 64 -108.80 47.52 -6.18
N LEU G 65 -108.81 48.83 -6.42
CA LEU G 65 -109.81 49.50 -7.30
C LEU G 65 -109.85 48.77 -8.64
N GLY G 66 -108.67 48.53 -9.24
CA GLY G 66 -108.49 47.84 -10.54
C GLY G 66 -109.02 46.42 -10.53
N TYR G 67 -108.72 45.65 -9.48
CA TYR G 67 -109.23 44.26 -9.28
C TYR G 67 -110.76 44.29 -9.19
N VAL G 68 -111.31 45.09 -8.26
CA VAL G 68 -112.77 45.15 -7.94
C VAL G 68 -113.54 45.63 -9.18
N SER G 69 -112.97 46.56 -9.96
CA SER G 69 -113.53 47.10 -11.23
C SER G 69 -113.68 45.99 -12.28
N SER G 70 -112.73 45.05 -12.31
CA SER G 70 -112.71 43.92 -13.28
C SER G 70 -113.87 42.95 -12.99
N LEU G 71 -114.38 42.90 -11.75
CA LEU G 71 -115.53 42.02 -11.36
C LEU G 71 -116.84 42.80 -11.40
N VAL G 72 -116.89 44.00 -11.96
CA VAL G 72 -118.12 44.85 -12.01
C VAL G 72 -118.64 44.91 -13.46
N GLU G 73 -119.97 44.76 -13.56
CA GLU G 73 -120.75 44.57 -14.81
C GLU G 73 -121.29 45.95 -15.25
N PRO G 74 -121.17 46.33 -16.54
CA PRO G 74 -121.48 47.70 -16.98
C PRO G 74 -122.98 48.01 -17.14
N SER G 75 -123.83 47.01 -17.41
CA SER G 75 -125.30 47.18 -17.68
C SER G 75 -126.10 46.97 -16.38
N LYS G 76 -126.02 45.78 -15.77
CA LYS G 76 -126.63 45.48 -14.43
C LYS G 76 -125.74 46.00 -13.31
N VAL G 77 -126.28 46.02 -12.08
CA VAL G 77 -125.59 46.44 -10.82
C VAL G 77 -125.44 45.19 -9.93
N GLY G 78 -124.19 44.74 -9.72
CA GLY G 78 -123.84 43.61 -8.86
C GLY G 78 -123.59 44.08 -7.44
N GLN G 79 -123.00 43.23 -6.60
CA GLN G 79 -122.88 43.43 -5.12
C GLN G 79 -121.59 44.20 -4.79
N PHE G 80 -120.67 44.26 -5.75
CA PHE G 80 -119.31 44.83 -5.59
C PHE G 80 -119.34 46.35 -5.79
N ASP G 81 -120.50 46.90 -6.19
CA ASP G 81 -120.65 48.33 -6.58
C ASP G 81 -120.54 49.22 -5.33
N GLN G 82 -121.24 48.85 -4.24
CA GLN G 82 -121.26 49.64 -2.97
C GLN G 82 -119.86 49.61 -2.33
N VAL G 83 -119.06 48.57 -2.59
CA VAL G 83 -117.66 48.41 -2.07
C VAL G 83 -116.72 49.32 -2.88
N LEU G 84 -116.76 49.21 -4.21
CA LEU G 84 -115.93 50.02 -5.15
C LEU G 84 -116.07 51.50 -4.77
N ASN G 85 -117.31 51.97 -4.62
CA ASN G 85 -117.67 53.39 -4.34
C ASN G 85 -117.01 53.86 -3.04
N LEU G 86 -116.92 53.01 -2.02
CA LEU G 86 -116.32 53.35 -0.70
C LEU G 86 -114.79 53.38 -0.80
N CYS G 87 -114.19 52.44 -1.56
CA CYS G 87 -112.73 52.41 -1.83
C CYS G 87 -112.33 53.68 -2.59
N LEU G 88 -113.10 54.06 -3.61
CA LEU G 88 -112.91 55.33 -4.35
C LEU G 88 -112.95 56.50 -3.37
N THR G 89 -114.06 56.65 -2.63
CA THR G 89 -114.27 57.72 -1.63
C THR G 89 -113.06 57.77 -0.69
N GLU G 90 -112.59 56.61 -0.20
CA GLU G 90 -111.44 56.50 0.75
C GLU G 90 -110.15 56.93 0.03
N PHE G 91 -109.94 56.45 -1.20
CA PHE G 91 -108.74 56.76 -2.04
C PHE G 91 -108.69 58.28 -2.30
N GLU G 92 -109.82 58.84 -2.74
CA GLU G 92 -109.95 60.28 -3.12
C GLU G 92 -109.63 61.17 -1.91
N ASN G 93 -110.02 60.74 -0.69
CA ASN G 93 -109.80 61.52 0.56
C ASN G 93 -108.32 61.43 0.97
N CYS G 94 -107.77 60.22 1.09
CA CYS G 94 -106.44 59.96 1.68
C CYS G 94 -105.30 60.40 0.74
N TYR G 95 -105.50 60.34 -0.59
CA TYR G 95 -104.39 60.38 -1.58
C TYR G 95 -104.55 61.52 -2.60
N LEU G 96 -105.76 61.80 -3.09
CA LEU G 96 -105.99 62.87 -4.12
C LEU G 96 -106.11 64.25 -3.45
N GLU G 97 -106.86 64.33 -2.34
CA GLU G 97 -107.16 65.59 -1.61
C GLU G 97 -107.77 66.60 -2.59
N GLY G 98 -108.74 66.16 -3.41
CA GLY G 98 -109.46 67.02 -4.37
C GLY G 98 -108.67 67.30 -5.64
N ASN G 99 -107.36 66.98 -5.67
CA ASN G 99 -106.50 67.21 -6.86
C ASN G 99 -106.77 66.10 -7.89
N ASP G 100 -106.19 66.20 -9.09
CA ASP G 100 -106.34 65.22 -10.19
C ASP G 100 -105.40 64.03 -9.94
N ILE G 101 -105.77 62.86 -10.45
CA ILE G 101 -104.98 61.59 -10.38
C ILE G 101 -103.55 61.83 -10.87
N HIS G 102 -103.39 62.61 -11.95
CA HIS G 102 -102.09 62.86 -12.60
C HIS G 102 -101.13 63.61 -11.66
N ALA G 103 -101.67 64.54 -10.86
CA ALA G 103 -100.90 65.34 -9.87
C ALA G 103 -100.35 64.39 -8.81
N LEU G 104 -101.15 63.42 -8.35
CA LEU G 104 -100.71 62.38 -7.38
C LEU G 104 -99.60 61.54 -8.03
N ALA G 105 -99.85 61.05 -9.25
CA ALA G 105 -98.90 60.20 -10.01
C ALA G 105 -97.51 60.84 -10.05
N ALA G 106 -97.45 62.17 -10.21
CA ALA G 106 -96.19 62.95 -10.30
C ALA G 106 -95.52 63.08 -8.92
N LYS G 107 -96.29 63.24 -7.84
CA LYS G 107 -95.75 63.19 -6.45
C LYS G 107 -94.95 61.90 -6.29
N LEU G 108 -95.60 60.77 -6.56
CA LEU G 108 -95.05 59.41 -6.31
C LEU G 108 -93.73 59.24 -7.08
N LEU G 109 -93.62 59.85 -8.28
CA LEU G 109 -92.42 59.73 -9.14
C LEU G 109 -91.21 60.44 -8.50
N GLN G 110 -91.33 61.72 -8.14
CA GLN G 110 -90.20 62.48 -7.53
C GLN G 110 -90.07 62.08 -6.06
N GLU G 111 -91.16 61.96 -5.31
CA GLU G 111 -91.12 61.77 -3.82
C GLU G 111 -90.72 60.32 -3.49
N ASN G 112 -91.40 59.32 -4.04
CA ASN G 112 -91.15 57.87 -3.73
C ASN G 112 -90.31 57.23 -4.84
N ASP G 113 -90.10 55.92 -4.77
CA ASP G 113 -89.41 55.14 -5.84
C ASP G 113 -90.45 54.22 -6.50
N THR G 114 -91.47 54.83 -7.11
CA THR G 114 -92.36 54.14 -8.09
C THR G 114 -91.76 54.40 -9.47
N THR G 115 -91.92 53.48 -10.42
CA THR G 115 -91.52 53.63 -11.85
C THR G 115 -92.68 54.26 -12.64
N LEU G 116 -92.39 54.73 -13.85
CA LEU G 116 -93.39 55.27 -14.81
C LEU G 116 -94.54 54.26 -14.95
N VAL G 117 -94.17 53.03 -15.30
CA VAL G 117 -95.10 51.92 -15.67
C VAL G 117 -96.04 51.61 -14.50
N LYS G 118 -95.57 51.76 -13.26
CA LYS G 118 -96.35 51.54 -12.01
C LYS G 118 -97.36 52.68 -11.80
N THR G 119 -97.01 53.86 -12.32
CA THR G 119 -97.81 55.11 -12.24
C THR G 119 -98.91 55.07 -13.31
N LYS G 120 -98.55 54.73 -14.56
CA LYS G 120 -99.52 54.51 -15.67
C LYS G 120 -100.55 53.45 -15.24
N GLU G 121 -100.13 52.45 -14.47
CA GLU G 121 -101.05 51.43 -13.88
C GLU G 121 -101.98 52.11 -12.86
N LEU G 122 -101.44 52.95 -11.97
CA LEU G 122 -102.25 53.69 -10.96
C LEU G 122 -103.33 54.53 -11.66
N ILE G 123 -102.95 55.32 -12.66
CA ILE G 123 -103.90 56.20 -13.43
C ILE G 123 -104.98 55.31 -14.04
N LYS G 124 -104.59 54.25 -14.75
CA LYS G 124 -105.52 53.26 -15.38
C LYS G 124 -106.54 52.81 -14.33
N ASN G 125 -106.06 52.31 -13.19
CA ASN G 125 -106.90 51.69 -12.14
C ASN G 125 -107.96 52.68 -11.64
N TYR G 126 -107.57 53.93 -11.35
CA TYR G 126 -108.46 54.97 -10.76
C TYR G 126 -109.52 55.42 -11.77
N ILE G 127 -109.13 55.64 -13.03
CA ILE G 127 -110.05 56.15 -14.08
C ILE G 127 -110.99 55.01 -14.49
N THR G 128 -110.46 53.80 -14.73
CA THR G 128 -111.29 52.59 -14.99
C THR G 128 -112.31 52.46 -13.86
N ALA G 129 -111.87 52.58 -12.60
CA ALA G 129 -112.69 52.48 -11.38
C ALA G 129 -113.84 53.50 -11.42
N ARG G 130 -113.54 54.75 -11.74
CA ARG G 130 -114.53 55.87 -11.75
C ARG G 130 -115.68 55.56 -12.72
N ILE G 131 -115.38 55.06 -13.93
CA ILE G 131 -116.41 54.81 -14.97
C ILE G 131 -117.24 53.59 -14.57
N MET G 132 -116.57 52.47 -14.22
CA MET G 132 -117.24 51.19 -13.84
C MET G 132 -118.12 51.39 -12.59
N ALA G 133 -117.82 52.39 -11.76
CA ALA G 133 -118.60 52.73 -10.54
C ALA G 133 -119.72 53.74 -10.85
N LYS G 134 -120.03 53.98 -12.13
CA LYS G 134 -121.09 54.92 -12.59
C LYS G 134 -120.86 56.33 -12.02
N ARG G 135 -119.60 56.76 -11.88
CA ARG G 135 -119.24 58.10 -11.37
C ARG G 135 -118.39 58.81 -12.42
N PRO G 136 -118.99 59.25 -13.55
CA PRO G 136 -118.24 59.85 -14.65
C PRO G 136 -117.68 61.22 -14.22
N PHE G 137 -116.86 61.85 -15.06
CA PHE G 137 -116.25 63.18 -14.80
C PHE G 137 -117.17 64.26 -15.38
N ASP G 138 -118.41 64.32 -14.90
CA ASP G 138 -119.44 65.30 -15.32
C ASP G 138 -119.10 66.70 -14.77
N LYS G 139 -118.68 66.80 -13.49
CA LYS G 139 -118.27 68.07 -12.84
C LYS G 139 -117.18 68.76 -13.69
N LYS G 140 -117.31 70.06 -13.93
CA LYS G 140 -116.26 70.93 -14.54
C LYS G 140 -115.10 70.99 -13.54
N SER G 141 -113.86 71.04 -14.06
CA SER G 141 -112.61 70.78 -13.29
C SER G 141 -112.12 72.05 -12.59
N ASN G 142 -111.42 71.87 -11.47
CA ASN G 142 -110.79 72.97 -10.68
C ASN G 142 -109.39 73.27 -11.22
N SER G 143 -109.06 72.86 -12.46
CA SER G 143 -107.72 73.04 -13.07
C SER G 143 -107.27 74.49 -12.88
N ALA G 144 -106.08 74.67 -12.30
CA ALA G 144 -105.49 75.99 -12.01
C ALA G 144 -105.18 76.71 -13.31
N LEU G 145 -104.69 75.98 -14.31
CA LEU G 145 -104.37 76.57 -15.64
C LEU G 145 -105.67 77.13 -16.25
N PHE G 146 -106.73 76.31 -16.27
CA PHE G 146 -107.98 76.64 -17.00
C PHE G 146 -108.74 77.73 -16.24
N ARG G 147 -108.71 77.73 -14.91
CA ARG G 147 -109.25 78.86 -14.08
C ARG G 147 -108.60 80.16 -14.56
N ALA G 148 -107.28 80.13 -14.77
CA ALA G 148 -106.45 81.34 -15.04
C ALA G 148 -106.72 81.88 -16.43
N VAL G 149 -106.86 81.03 -17.45
CA VAL G 149 -107.24 81.48 -18.83
C VAL G 149 -108.69 81.94 -18.77
N GLY G 150 -109.49 81.33 -17.90
CA GLY G 150 -110.85 81.76 -17.52
C GLY G 150 -110.88 83.22 -17.09
N GLU G 151 -109.95 83.63 -16.22
CA GLU G 151 -109.88 85.00 -15.66
C GLU G 151 -109.07 85.93 -16.58
N GLY G 152 -108.50 85.41 -17.66
CA GLY G 152 -107.67 86.18 -18.62
C GLY G 152 -106.31 86.55 -18.05
N ASN G 153 -105.70 85.69 -17.22
CA ASN G 153 -104.28 85.78 -16.77
C ASN G 153 -103.42 84.81 -17.58
N ALA G 154 -104.02 84.14 -18.57
CA ALA G 154 -103.38 83.09 -19.38
C ALA G 154 -104.14 82.94 -20.69
N GLN G 155 -103.47 82.45 -21.73
CA GLN G 155 -104.13 82.10 -23.02
C GLN G 155 -103.40 80.90 -23.62
N LEU G 156 -104.16 79.95 -24.17
CA LEU G 156 -103.63 78.67 -24.71
C LEU G 156 -103.64 78.73 -26.23
N VAL G 157 -102.60 78.20 -26.86
CA VAL G 157 -102.67 77.72 -28.27
C VAL G 157 -102.43 76.22 -28.22
N ALA G 158 -103.20 75.45 -28.99
CA ALA G 158 -103.06 73.99 -29.15
C ALA G 158 -102.22 73.73 -30.39
N ILE G 159 -101.15 72.96 -30.26
CA ILE G 159 -100.31 72.52 -31.41
C ILE G 159 -100.36 70.99 -31.51
N PHE G 160 -100.22 70.50 -32.74
CA PHE G 160 -100.33 69.07 -33.10
C PHE G 160 -99.08 68.66 -33.88
N GLY G 161 -98.39 67.65 -33.37
CA GLY G 161 -97.14 67.14 -33.94
C GLY G 161 -97.40 66.48 -35.28
N GLY G 162 -96.32 66.23 -36.01
CA GLY G 162 -96.34 65.52 -37.29
C GLY G 162 -95.55 64.22 -37.18
N GLN G 163 -95.12 63.72 -38.33
CA GLN G 163 -94.32 62.47 -38.42
C GLN G 163 -92.90 62.78 -37.94
N GLY G 164 -92.20 61.76 -37.44
CA GLY G 164 -90.73 61.79 -37.28
C GLY G 164 -90.26 62.15 -35.88
N ASN G 165 -91.16 62.19 -34.90
CA ASN G 165 -90.82 62.62 -33.52
C ASN G 165 -90.10 61.48 -32.79
N THR G 166 -90.50 60.21 -32.97
CA THR G 166 -89.82 58.98 -32.46
C THR G 166 -89.94 57.83 -33.47
N ASP G 167 -89.13 56.77 -33.31
CA ASP G 167 -89.14 55.59 -34.22
C ASP G 167 -90.29 54.64 -33.84
N ASP G 168 -90.87 54.82 -32.65
CA ASP G 168 -91.83 53.86 -32.07
C ASP G 168 -93.14 54.57 -31.76
N TYR G 169 -93.76 55.23 -32.75
CA TYR G 169 -94.95 56.08 -32.54
C TYR G 169 -96.12 55.23 -32.03
N PHE G 170 -96.26 54.01 -32.53
CA PHE G 170 -97.46 53.16 -32.28
C PHE G 170 -97.55 52.82 -30.78
N GLU G 171 -96.45 52.86 -30.05
CA GLU G 171 -96.44 52.55 -28.60
C GLU G 171 -97.25 53.63 -27.87
N GLU G 172 -97.23 54.88 -28.35
CA GLU G 172 -98.00 55.99 -27.73
C GLU G 172 -99.49 55.62 -27.82
N LEU G 173 -99.93 55.01 -28.93
CA LEU G 173 -101.34 54.55 -29.11
C LEU G 173 -101.62 53.42 -28.11
N ARG G 174 -100.77 52.38 -28.05
CA ARG G 174 -100.91 51.29 -27.07
C ARG G 174 -101.18 51.88 -25.68
N ASP G 175 -100.31 52.80 -25.25
CA ASP G 175 -100.31 53.41 -23.91
C ASP G 175 -101.67 54.05 -23.65
N LEU G 176 -102.22 54.79 -24.64
CA LEU G 176 -103.56 55.42 -24.57
C LEU G 176 -104.63 54.36 -24.37
N TYR G 177 -104.70 53.40 -25.29
CA TYR G 177 -105.70 52.31 -25.33
C TYR G 177 -105.65 51.52 -24.02
N GLN G 178 -104.45 51.21 -23.51
CA GLN G 178 -104.25 50.40 -22.28
C GLN G 178 -104.59 51.25 -21.04
N THR G 179 -104.02 52.44 -20.93
CA THR G 179 -104.16 53.32 -19.74
C THR G 179 -105.59 53.86 -19.66
N TYR G 180 -106.03 54.58 -20.70
CA TYR G 180 -107.30 55.39 -20.70
C TYR G 180 -108.37 54.72 -21.56
N HIS G 181 -108.55 53.40 -21.47
CA HIS G 181 -109.51 52.65 -22.32
C HIS G 181 -110.92 53.24 -22.18
N VAL G 182 -111.37 53.41 -20.94
CA VAL G 182 -112.76 53.84 -20.59
C VAL G 182 -113.06 55.21 -21.23
N LEU G 183 -112.04 56.05 -21.48
CA LEU G 183 -112.21 57.42 -22.04
C LEU G 183 -112.13 57.39 -23.57
N VAL G 184 -111.24 56.57 -24.12
CA VAL G 184 -110.75 56.70 -25.52
C VAL G 184 -111.16 55.48 -26.36
N GLY G 185 -111.56 54.36 -25.74
CA GLY G 185 -111.96 53.11 -26.41
C GLY G 185 -112.95 53.33 -27.54
N ASP G 186 -114.05 54.06 -27.28
CA ASP G 186 -115.08 54.44 -28.28
C ASP G 186 -114.42 55.08 -29.52
N LEU G 187 -113.49 56.02 -29.31
CA LEU G 187 -112.82 56.81 -30.38
C LEU G 187 -111.91 55.91 -31.22
N ILE G 188 -111.10 55.06 -30.59
CA ILE G 188 -110.21 54.07 -31.29
C ILE G 188 -111.10 53.18 -32.16
N LYS G 189 -112.14 52.59 -31.56
CA LYS G 189 -113.09 51.66 -32.22
C LYS G 189 -113.70 52.34 -33.45
N PHE G 190 -114.20 53.58 -33.30
CA PHE G 190 -114.77 54.37 -34.42
C PHE G 190 -113.71 54.57 -35.50
N SER G 191 -112.50 55.01 -35.12
CA SER G 191 -111.38 55.28 -36.06
C SER G 191 -111.05 54.02 -36.86
N ALA G 192 -110.94 52.88 -36.18
CA ALA G 192 -110.65 51.57 -36.81
C ALA G 192 -111.73 51.26 -37.86
N GLU G 193 -113.00 51.27 -37.44
CA GLU G 193 -114.16 50.95 -38.31
C GLU G 193 -114.19 51.91 -39.50
N THR G 194 -113.92 53.20 -39.26
CA THR G 194 -113.89 54.27 -40.30
C THR G 194 -112.85 53.90 -41.36
N LEU G 195 -111.65 53.53 -40.92
CA LEU G 195 -110.51 53.22 -41.83
C LEU G 195 -110.79 51.92 -42.60
N SER G 196 -111.29 50.85 -41.96
CA SER G 196 -111.68 49.59 -42.65
C SER G 196 -112.57 49.92 -43.84
N GLU G 197 -113.56 50.79 -43.61
CA GLU G 197 -114.56 51.23 -44.61
C GLU G 197 -113.87 52.04 -45.71
N LEU G 198 -113.03 53.01 -45.34
CA LEU G 198 -112.22 53.79 -46.30
C LEU G 198 -111.52 52.83 -47.28
N ILE G 199 -110.98 51.72 -46.78
CA ILE G 199 -110.24 50.72 -47.62
C ILE G 199 -111.24 50.06 -48.58
N ARG G 200 -112.31 49.44 -48.07
CA ARG G 200 -113.34 48.78 -48.92
C ARG G 200 -113.80 49.73 -50.04
N THR G 201 -114.22 50.95 -49.69
CA THR G 201 -114.73 52.03 -50.60
C THR G 201 -113.71 52.41 -51.68
N THR G 202 -112.44 52.60 -51.31
CA THR G 202 -111.40 53.23 -52.17
C THR G 202 -110.78 52.16 -53.07
N LEU G 203 -110.59 52.48 -54.35
CA LEU G 203 -110.40 51.48 -55.44
C LEU G 203 -109.28 50.51 -55.07
N ASP G 204 -108.01 50.91 -55.16
CA ASP G 204 -106.87 49.97 -55.08
C ASP G 204 -106.22 50.06 -53.69
N ALA G 205 -107.02 50.36 -52.66
CA ALA G 205 -106.55 50.63 -51.28
C ALA G 205 -105.81 49.41 -50.71
N GLU G 206 -106.40 48.22 -50.81
CA GLU G 206 -105.85 46.98 -50.19
C GLU G 206 -104.43 46.70 -50.74
N LYS G 207 -104.13 47.11 -51.99
CA LYS G 207 -102.79 46.92 -52.61
C LYS G 207 -101.71 47.67 -51.82
N VAL G 208 -102.10 48.66 -51.01
CA VAL G 208 -101.18 49.46 -50.14
C VAL G 208 -101.09 48.82 -48.75
N PHE G 209 -102.23 48.42 -48.18
CA PHE G 209 -102.34 47.85 -46.81
C PHE G 209 -102.08 46.34 -46.86
N THR G 210 -100.86 45.96 -47.24
CA THR G 210 -100.40 44.58 -47.57
C THR G 210 -100.64 43.63 -46.38
N GLN G 211 -100.57 44.15 -45.14
CA GLN G 211 -100.78 43.37 -43.87
C GLN G 211 -102.01 43.90 -43.13
N GLY G 212 -103.03 44.38 -43.86
CA GLY G 212 -104.31 44.86 -43.31
C GLY G 212 -104.13 46.10 -42.46
N LEU G 213 -105.18 46.51 -41.76
CA LEU G 213 -105.18 47.68 -40.85
C LEU G 213 -106.10 47.37 -39.67
N ASN G 214 -106.09 46.11 -39.22
CA ASN G 214 -106.97 45.62 -38.12
C ASN G 214 -106.36 46.11 -36.80
N ILE G 215 -106.52 47.40 -36.49
CA ILE G 215 -105.72 48.07 -35.42
C ILE G 215 -106.24 47.57 -34.07
N LEU G 216 -107.54 47.25 -33.98
CA LEU G 216 -108.14 46.74 -32.72
C LEU G 216 -107.44 45.43 -32.32
N GLU G 217 -107.17 44.55 -33.29
CA GLU G 217 -106.47 43.25 -33.06
C GLU G 217 -105.05 43.54 -32.58
N TRP G 218 -104.36 44.53 -33.18
CA TRP G 218 -102.95 44.87 -32.86
C TRP G 218 -102.85 45.28 -31.39
N LEU G 219 -103.79 46.11 -30.92
CA LEU G 219 -103.79 46.68 -29.55
C LEU G 219 -104.12 45.57 -28.54
N GLU G 220 -105.03 44.65 -28.90
CA GLU G 220 -105.47 43.51 -28.04
C GLU G 220 -104.32 42.51 -27.89
N ASN G 221 -103.76 42.03 -29.01
CA ASN G 221 -102.71 40.99 -29.07
C ASN G 221 -101.45 41.60 -29.68
N PRO G 222 -100.52 42.12 -28.84
CA PRO G 222 -99.25 42.63 -29.33
C PRO G 222 -98.57 41.68 -30.34
N SER G 223 -98.63 40.36 -30.05
CA SER G 223 -98.07 39.28 -30.89
C SER G 223 -98.61 39.32 -32.34
N ASN G 224 -99.78 39.94 -32.58
CA ASN G 224 -100.42 40.01 -33.92
C ASN G 224 -100.15 41.37 -34.59
N THR G 225 -99.31 42.23 -34.02
CA THR G 225 -98.93 43.55 -34.58
C THR G 225 -97.91 43.35 -35.70
N PRO G 226 -98.09 43.96 -36.89
CA PRO G 226 -97.04 44.00 -37.89
C PRO G 226 -95.73 44.62 -37.38
N ASP G 227 -94.63 44.39 -38.10
CA ASP G 227 -93.27 44.93 -37.84
C ASP G 227 -93.33 46.46 -37.93
N LYS G 228 -92.33 47.15 -37.36
CA LYS G 228 -92.29 48.63 -37.25
C LYS G 228 -92.22 49.28 -38.64
N ASP G 229 -91.67 48.60 -39.65
CA ASP G 229 -91.57 49.13 -41.04
C ASP G 229 -92.96 49.37 -41.61
N TYR G 230 -93.83 48.37 -41.50
CA TYR G 230 -95.23 48.45 -41.97
C TYR G 230 -95.94 49.58 -41.23
N LEU G 231 -95.87 49.56 -39.89
CA LEU G 231 -96.51 50.56 -39.00
C LEU G 231 -96.06 51.98 -39.37
N LEU G 232 -94.82 52.17 -39.81
CA LEU G 232 -94.26 53.52 -40.00
C LEU G 232 -94.60 54.08 -41.38
N SER G 233 -94.90 53.21 -42.34
CA SER G 233 -95.22 53.61 -43.75
C SER G 233 -96.50 54.45 -43.70
N ILE G 234 -96.54 55.55 -44.44
CA ILE G 234 -97.49 56.67 -44.21
C ILE G 234 -98.95 56.21 -44.35
N PRO G 235 -99.32 55.30 -45.26
CA PRO G 235 -100.73 54.94 -45.45
C PRO G 235 -101.40 54.51 -44.15
N ILE G 236 -100.61 54.01 -43.18
CA ILE G 236 -101.15 53.50 -41.90
C ILE G 236 -100.71 54.44 -40.76
N SER G 237 -99.53 55.07 -40.85
CA SER G 237 -98.98 55.94 -39.78
C SER G 237 -99.67 57.30 -39.80
N CYS G 238 -99.95 57.88 -40.97
CA CYS G 238 -100.64 59.19 -41.09
C CYS G 238 -101.93 59.17 -40.29
N PRO G 239 -102.94 58.35 -40.67
CA PRO G 239 -104.20 58.31 -39.95
C PRO G 239 -103.99 58.04 -38.45
N LEU G 240 -103.16 57.04 -38.14
CA LEU G 240 -103.00 56.52 -36.76
C LEU G 240 -102.35 57.57 -35.85
N ILE G 241 -101.45 58.41 -36.38
CA ILE G 241 -100.90 59.55 -35.59
C ILE G 241 -102.06 60.47 -35.26
N GLY G 242 -102.86 60.84 -36.26
CA GLY G 242 -104.11 61.60 -36.10
C GLY G 242 -104.98 61.05 -34.98
N VAL G 243 -105.11 59.73 -34.88
CA VAL G 243 -105.90 59.04 -33.83
C VAL G 243 -105.26 59.33 -32.46
N ILE G 244 -103.93 59.25 -32.36
CA ILE G 244 -103.19 59.51 -31.08
C ILE G 244 -103.52 60.94 -30.62
N GLN G 245 -103.42 61.92 -31.52
CA GLN G 245 -103.62 63.35 -31.18
C GLN G 245 -105.09 63.50 -30.73
N LEU G 246 -106.03 63.00 -31.54
CA LEU G 246 -107.49 63.06 -31.23
C LEU G 246 -107.75 62.44 -29.86
N ALA G 247 -107.07 61.34 -29.54
CA ALA G 247 -107.26 60.60 -28.27
C ALA G 247 -106.76 61.44 -27.09
N HIS G 248 -105.58 62.01 -27.20
CA HIS G 248 -104.99 62.89 -26.15
C HIS G 248 -105.92 64.09 -25.94
N TYR G 249 -106.51 64.63 -27.02
CA TYR G 249 -107.46 65.75 -26.94
C TYR G 249 -108.66 65.33 -26.09
N VAL G 250 -109.19 64.13 -26.36
CA VAL G 250 -110.33 63.55 -25.61
C VAL G 250 -109.98 63.40 -24.13
N VAL G 251 -108.93 62.65 -23.74
CA VAL G 251 -108.61 62.42 -22.30
C VAL G 251 -108.52 63.80 -21.62
N THR G 252 -107.93 64.77 -22.32
CA THR G 252 -107.69 66.14 -21.81
C THR G 252 -109.05 66.78 -21.54
N ALA G 253 -109.97 66.74 -22.50
CA ALA G 253 -111.35 67.25 -22.36
C ALA G 253 -112.09 66.53 -21.23
N LYS G 254 -112.17 65.19 -21.29
CA LYS G 254 -113.02 64.37 -20.39
C LYS G 254 -112.61 64.61 -18.93
N LEU G 255 -111.31 64.72 -18.65
CA LEU G 255 -110.77 64.90 -17.28
C LEU G 255 -111.00 66.34 -16.79
N LEU G 256 -111.02 67.32 -17.70
CA LEU G 256 -111.34 68.73 -17.37
C LEU G 256 -112.86 68.89 -17.17
N GLY G 257 -113.63 67.83 -17.45
CA GLY G 257 -115.10 67.85 -17.41
C GLY G 257 -115.69 68.70 -18.53
N PHE G 258 -114.99 68.75 -19.66
CA PHE G 258 -115.36 69.56 -20.85
C PHE G 258 -115.89 68.66 -21.94
N THR G 259 -116.68 69.25 -22.84
CA THR G 259 -116.95 68.72 -24.19
C THR G 259 -115.80 69.18 -25.08
N PRO G 260 -115.59 68.57 -26.27
CA PRO G 260 -114.54 69.02 -27.19
C PRO G 260 -114.63 70.52 -27.48
N GLY G 261 -115.82 71.02 -27.79
CA GLY G 261 -116.07 72.44 -28.12
C GLY G 261 -115.77 73.34 -26.94
N GLU G 262 -116.11 72.91 -25.73
CA GLU G 262 -115.85 73.66 -24.47
C GLU G 262 -114.33 73.87 -24.35
N LEU G 263 -113.56 72.79 -24.52
CA LEU G 263 -112.08 72.86 -24.56
C LEU G 263 -111.64 73.86 -25.63
N ARG G 264 -112.06 73.67 -26.88
CA ARG G 264 -111.50 74.48 -27.99
C ARG G 264 -111.92 75.95 -27.81
N SER G 265 -113.01 76.22 -27.06
CA SER G 265 -113.44 77.61 -26.75
C SER G 265 -112.34 78.32 -25.96
N TYR G 266 -111.63 77.60 -25.06
CA TYR G 266 -110.57 78.13 -24.16
C TYR G 266 -109.28 78.44 -24.93
N LEU G 267 -109.20 78.05 -26.20
CA LEU G 267 -108.00 78.22 -27.06
C LEU G 267 -108.07 79.58 -27.78
N LYS G 268 -107.02 80.39 -27.69
CA LYS G 268 -106.84 81.60 -28.53
C LYS G 268 -106.72 81.19 -30.00
N GLY G 269 -106.11 80.04 -30.29
CA GLY G 269 -105.88 79.54 -31.66
C GLY G 269 -105.36 78.11 -31.66
N ALA G 270 -105.01 77.57 -32.83
CA ALA G 270 -104.45 76.21 -32.97
C ALA G 270 -103.72 76.08 -34.31
N THR G 271 -102.71 75.22 -34.37
CA THR G 271 -101.98 74.86 -35.62
C THR G 271 -101.27 73.52 -35.39
N GLY G 272 -100.63 73.02 -36.46
CA GLY G 272 -99.90 71.75 -36.46
C GLY G 272 -98.67 71.81 -37.35
N HIS G 273 -97.67 71.02 -36.97
CA HIS G 273 -96.41 70.79 -37.74
C HIS G 273 -96.70 69.68 -38.73
N SER G 274 -96.42 69.91 -40.02
CA SER G 274 -96.63 68.89 -41.09
C SER G 274 -98.10 68.47 -41.03
N GLN G 275 -98.40 67.19 -40.78
CA GLN G 275 -99.75 66.56 -40.86
C GLN G 275 -100.56 66.78 -39.59
N GLY G 276 -99.99 67.48 -38.61
CA GLY G 276 -100.70 67.92 -37.40
C GLY G 276 -101.71 68.99 -37.76
N LEU G 277 -101.43 69.74 -38.83
CA LEU G 277 -102.32 70.83 -39.33
C LEU G 277 -103.73 70.28 -39.50
N VAL G 278 -103.86 69.05 -39.99
CA VAL G 278 -105.18 68.41 -40.22
C VAL G 278 -105.93 68.36 -38.89
N THR G 279 -105.35 67.76 -37.85
CA THR G 279 -106.10 67.55 -36.57
C THR G 279 -106.29 68.91 -35.88
N ALA G 280 -105.52 69.94 -36.25
CA ALA G 280 -105.68 71.31 -35.71
C ALA G 280 -107.00 71.91 -36.20
N VAL G 281 -107.22 71.91 -37.52
CA VAL G 281 -108.43 72.52 -38.15
C VAL G 281 -109.66 71.70 -37.72
N ALA G 282 -109.54 70.37 -37.61
CA ALA G 282 -110.64 69.46 -37.21
C ALA G 282 -111.11 69.80 -35.79
N ILE G 283 -110.17 70.13 -34.91
CA ILE G 283 -110.44 70.51 -33.50
C ILE G 283 -111.21 71.83 -33.47
N ALA G 284 -110.91 72.76 -34.38
CA ALA G 284 -111.51 74.12 -34.40
C ALA G 284 -113.03 74.02 -34.65
N GLU G 285 -113.48 73.08 -35.47
CA GLU G 285 -114.91 72.87 -35.81
C GLU G 285 -115.67 72.18 -34.67
N THR G 286 -114.95 71.57 -33.73
CA THR G 286 -115.47 70.63 -32.71
C THR G 286 -116.47 71.38 -31.81
N ASP G 287 -117.38 70.64 -31.18
CA ASP G 287 -118.55 71.23 -30.46
C ASP G 287 -119.00 70.30 -29.31
N SER G 288 -120.04 69.46 -29.49
CA SER G 288 -120.49 68.50 -28.47
C SER G 288 -119.94 67.10 -28.77
N TRP G 289 -120.08 66.16 -27.83
CA TRP G 289 -119.68 64.73 -28.00
C TRP G 289 -120.50 64.10 -29.14
N GLU G 290 -121.82 64.33 -29.16
CA GLU G 290 -122.76 63.80 -30.19
C GLU G 290 -122.25 64.13 -31.59
N SER G 291 -121.63 65.30 -31.79
CA SER G 291 -121.16 65.81 -33.11
C SER G 291 -119.62 65.77 -33.18
N PHE G 292 -118.97 64.97 -32.34
CA PHE G 292 -117.49 64.91 -32.29
C PHE G 292 -117.01 63.99 -33.41
N PHE G 293 -117.63 62.81 -33.55
CA PHE G 293 -117.20 61.73 -34.45
C PHE G 293 -117.31 62.17 -35.92
N VAL G 294 -118.07 63.23 -36.22
CA VAL G 294 -118.09 63.82 -37.59
C VAL G 294 -116.76 64.56 -37.82
N SER G 295 -116.27 65.30 -36.82
CA SER G 295 -114.95 66.00 -36.89
C SER G 295 -113.83 64.94 -36.96
N VAL G 296 -113.92 63.90 -36.13
CA VAL G 296 -112.96 62.76 -36.13
C VAL G 296 -112.92 62.16 -37.53
N ARG G 297 -114.08 61.78 -38.07
CA ARG G 297 -114.19 61.23 -39.45
C ARG G 297 -113.39 62.17 -40.36
N LYS G 298 -113.76 63.46 -40.41
CA LYS G 298 -113.15 64.44 -41.34
C LYS G 298 -111.63 64.32 -41.28
N ALA G 299 -111.03 64.44 -40.09
CA ALA G 299 -109.56 64.42 -39.87
C ALA G 299 -108.95 63.15 -40.46
N ILE G 300 -109.40 61.98 -40.01
CA ILE G 300 -108.69 60.70 -40.30
C ILE G 300 -108.97 60.25 -41.74
N THR G 301 -109.99 60.79 -42.42
CA THR G 301 -110.20 60.48 -43.86
C THR G 301 -109.29 61.40 -44.69
N VAL G 302 -108.94 62.60 -44.19
CA VAL G 302 -107.90 63.44 -44.86
C VAL G 302 -106.57 62.70 -44.74
N LEU G 303 -106.15 62.39 -43.51
CA LEU G 303 -104.86 61.74 -43.19
C LEU G 303 -104.72 60.45 -44.00
N PHE G 304 -105.79 59.67 -44.13
CA PHE G 304 -105.82 58.38 -44.86
C PHE G 304 -105.43 58.60 -46.31
N PHE G 305 -106.09 59.53 -47.00
CA PHE G 305 -105.86 59.80 -48.44
C PHE G 305 -104.47 60.42 -48.64
N ILE G 306 -104.05 61.32 -47.74
CA ILE G 306 -102.67 61.88 -47.76
C ILE G 306 -101.67 60.72 -47.79
N GLY G 307 -101.78 59.82 -46.82
CA GLY G 307 -101.01 58.55 -46.73
C GLY G 307 -101.08 57.77 -48.03
N VAL G 308 -102.26 57.30 -48.42
CA VAL G 308 -102.41 56.34 -49.54
C VAL G 308 -101.84 56.97 -50.82
N ARG G 309 -102.18 58.23 -51.12
CA ARG G 309 -101.81 58.85 -52.42
C ARG G 309 -100.33 59.21 -52.43
N CYS G 310 -99.81 59.73 -51.32
CA CYS G 310 -98.38 60.15 -51.18
C CYS G 310 -97.46 58.91 -51.20
N TYR G 311 -97.96 57.75 -50.76
CA TYR G 311 -97.21 56.48 -50.84
C TYR G 311 -97.14 56.06 -52.31
N GLU G 312 -98.30 55.96 -52.95
CA GLU G 312 -98.44 55.60 -54.38
C GLU G 312 -97.54 56.51 -55.24
N ALA G 313 -97.38 57.77 -54.84
CA ALA G 313 -96.61 58.79 -55.58
C ALA G 313 -95.11 58.49 -55.48
N TYR G 314 -94.61 58.26 -54.27
CA TYR G 314 -93.18 57.92 -53.99
C TYR G 314 -93.10 56.82 -52.95
N PRO G 315 -93.34 55.55 -53.35
CA PRO G 315 -93.24 54.40 -52.44
C PRO G 315 -91.76 54.13 -52.13
N ASN G 316 -91.46 53.74 -50.91
CA ASN G 316 -90.06 53.59 -50.43
C ASN G 316 -89.54 52.22 -50.87
N THR G 317 -88.40 52.19 -51.56
CA THR G 317 -87.81 50.99 -52.18
C THR G 317 -86.61 50.50 -51.36
N SER G 318 -86.17 49.27 -51.64
CA SER G 318 -84.96 48.61 -51.08
C SER G 318 -83.79 49.60 -51.08
N LEU G 319 -83.14 49.71 -49.93
CA LEU G 319 -81.96 50.55 -49.67
C LEU G 319 -80.70 49.70 -49.90
N PRO G 320 -79.79 50.10 -50.83
CA PRO G 320 -78.55 49.37 -51.05
C PRO G 320 -77.81 49.14 -49.75
N PRO G 321 -77.63 47.87 -49.30
CA PRO G 321 -77.01 47.59 -48.01
C PRO G 321 -75.71 48.34 -47.71
N SER G 322 -74.85 48.51 -48.72
CA SER G 322 -73.58 49.28 -48.62
C SER G 322 -73.87 50.64 -48.00
N ILE G 323 -74.83 51.37 -48.57
CA ILE G 323 -75.26 52.73 -48.12
C ILE G 323 -75.75 52.68 -46.67
N LEU G 324 -76.59 51.70 -46.32
CA LEU G 324 -77.12 51.53 -44.94
C LEU G 324 -75.94 51.31 -43.98
N GLU G 325 -75.10 50.31 -44.23
CA GLU G 325 -73.96 49.95 -43.36
C GLU G 325 -73.10 51.20 -43.11
N ASP G 326 -72.86 52.02 -44.14
CA ASP G 326 -71.97 53.21 -44.07
C ASP G 326 -72.63 54.27 -43.18
N SER G 327 -73.87 54.66 -43.48
CA SER G 327 -74.63 55.68 -42.71
C SER G 327 -74.68 55.27 -41.24
N LEU G 328 -74.84 53.98 -40.95
CA LEU G 328 -74.92 53.45 -39.56
C LEU G 328 -73.57 53.61 -38.87
N GLU G 329 -72.47 53.22 -39.52
CA GLU G 329 -71.13 53.25 -38.87
C GLU G 329 -70.66 54.70 -38.70
N ASN G 330 -71.26 55.68 -39.40
CA ASN G 330 -70.95 57.13 -39.27
C ASN G 330 -72.00 57.84 -38.41
N ASN G 331 -72.75 57.08 -37.60
CA ASN G 331 -73.70 57.61 -36.58
C ASN G 331 -74.69 58.60 -37.20
N GLU G 332 -74.77 58.68 -38.53
CA GLU G 332 -75.97 59.20 -39.24
C GLU G 332 -77.08 58.18 -38.98
N GLY G 333 -78.28 58.37 -39.52
CA GLY G 333 -79.40 57.46 -39.23
C GLY G 333 -79.41 56.22 -40.11
N VAL G 334 -80.53 55.48 -40.02
CA VAL G 334 -81.05 54.58 -41.10
C VAL G 334 -81.60 55.50 -42.19
N PRO G 335 -80.95 55.59 -43.37
CA PRO G 335 -81.40 56.48 -44.42
C PRO G 335 -82.92 56.38 -44.63
N SER G 336 -83.54 57.55 -44.73
CA SER G 336 -85.00 57.78 -44.91
C SER G 336 -85.14 58.98 -45.83
N PRO G 337 -86.37 59.35 -46.28
CA PRO G 337 -86.54 60.48 -47.20
C PRO G 337 -86.53 61.87 -46.56
N MET G 338 -86.30 61.97 -45.24
CA MET G 338 -86.20 63.27 -44.52
C MET G 338 -84.99 63.24 -43.57
N LEU G 339 -84.16 64.28 -43.65
CA LEU G 339 -82.82 64.37 -43.00
C LEU G 339 -82.79 65.64 -42.17
N SER G 340 -82.56 65.52 -40.85
CA SER G 340 -82.52 66.65 -39.89
C SER G 340 -81.07 67.16 -39.73
N ILE G 341 -80.88 68.48 -39.59
CA ILE G 341 -79.55 69.15 -39.51
C ILE G 341 -79.56 70.26 -38.45
N SER G 342 -79.10 69.94 -37.24
CA SER G 342 -78.82 70.92 -36.16
C SER G 342 -77.61 71.81 -36.52
N ASN G 343 -77.67 73.06 -36.08
CA ASN G 343 -76.51 73.96 -35.79
C ASN G 343 -75.96 74.58 -37.08
N LEU G 344 -76.72 74.53 -38.18
CA LEU G 344 -76.41 75.26 -39.43
C LEU G 344 -77.55 76.24 -39.75
N THR G 345 -77.20 77.46 -40.19
CA THR G 345 -78.11 78.47 -40.80
C THR G 345 -78.93 77.82 -41.91
N GLN G 346 -80.11 78.35 -42.20
CA GLN G 346 -80.90 77.98 -43.39
C GLN G 346 -80.05 78.23 -44.65
N GLU G 347 -79.45 79.42 -44.76
CA GLU G 347 -78.69 79.82 -45.96
C GLU G 347 -77.44 78.92 -46.07
N GLN G 348 -76.86 78.47 -44.95
CA GLN G 348 -75.73 77.50 -44.92
C GLN G 348 -76.19 76.17 -45.53
N VAL G 349 -77.18 75.52 -44.93
CA VAL G 349 -77.78 74.25 -45.42
C VAL G 349 -78.10 74.39 -46.92
N GLN G 350 -78.70 75.51 -47.33
CA GLN G 350 -79.17 75.70 -48.74
C GLN G 350 -77.97 75.65 -49.69
N ASP G 351 -76.80 76.14 -49.28
CA ASP G 351 -75.52 76.02 -50.06
C ASP G 351 -75.23 74.55 -50.34
N TYR G 352 -75.22 73.74 -49.29
CA TYR G 352 -74.88 72.29 -49.35
C TYR G 352 -75.88 71.55 -50.24
N VAL G 353 -77.17 71.90 -50.21
CA VAL G 353 -78.19 71.24 -51.08
C VAL G 353 -77.95 71.71 -52.51
N ASN G 354 -77.71 73.00 -52.74
CA ASN G 354 -77.44 73.55 -54.09
C ASN G 354 -76.29 72.77 -54.74
N LYS G 355 -75.21 72.57 -53.98
CA LYS G 355 -73.99 71.84 -54.42
C LYS G 355 -74.38 70.38 -54.76
N THR G 356 -74.93 69.65 -53.79
CA THR G 356 -75.41 68.25 -53.94
C THR G 356 -76.40 68.16 -55.12
N ASN G 357 -77.32 69.11 -55.22
CA ASN G 357 -78.38 69.16 -56.25
C ASN G 357 -77.78 69.40 -57.64
N SER G 358 -76.65 70.12 -57.71
CA SER G 358 -76.04 70.57 -58.98
C SER G 358 -75.68 69.37 -59.88
N HIS G 359 -75.39 68.21 -59.30
CA HIS G 359 -74.95 66.97 -60.01
C HIS G 359 -76.13 66.01 -60.27
N LEU G 360 -77.30 66.25 -59.69
CA LEU G 360 -78.47 65.35 -59.78
C LEU G 360 -79.49 65.91 -60.77
N PRO G 361 -80.21 65.04 -61.51
CA PRO G 361 -81.34 65.49 -62.34
C PRO G 361 -82.57 65.85 -61.47
N ALA G 362 -83.58 66.47 -62.09
CA ALA G 362 -84.81 67.00 -61.44
C ALA G 362 -85.37 65.98 -60.45
N GLY G 363 -85.62 64.74 -60.92
CA GLY G 363 -86.31 63.67 -60.17
C GLY G 363 -85.65 63.32 -58.84
N LYS G 364 -84.34 63.58 -58.69
CA LYS G 364 -83.54 63.11 -57.53
C LYS G 364 -83.06 64.29 -56.68
N GLN G 365 -83.50 65.51 -56.97
CA GLN G 365 -83.08 66.74 -56.23
C GLN G 365 -83.64 66.68 -54.80
N VAL G 366 -82.98 67.33 -53.86
CA VAL G 366 -83.45 67.46 -52.45
C VAL G 366 -83.75 68.94 -52.17
N GLU G 367 -84.75 69.20 -51.32
CA GLU G 367 -85.14 70.59 -50.93
C GLU G 367 -85.32 70.66 -49.42
N ILE G 368 -85.10 71.85 -48.85
CA ILE G 368 -85.39 72.14 -47.43
C ILE G 368 -86.89 71.98 -47.22
N SER G 369 -87.26 71.07 -46.31
CA SER G 369 -88.65 70.61 -46.07
C SER G 369 -89.27 71.41 -44.94
N LEU G 370 -88.54 71.54 -43.83
CA LEU G 370 -89.00 72.19 -42.59
C LEU G 370 -87.93 73.19 -42.16
N VAL G 371 -88.36 74.32 -41.59
CA VAL G 371 -87.46 75.32 -40.94
C VAL G 371 -87.94 75.47 -39.49
N ASN G 372 -87.62 74.45 -38.70
CA ASN G 372 -88.13 74.26 -37.32
C ASN G 372 -87.61 75.36 -36.41
N GLY G 373 -86.43 75.92 -36.71
CA GLY G 373 -85.79 76.97 -35.89
C GLY G 373 -84.69 77.66 -36.68
N ALA G 374 -83.97 78.61 -36.05
CA ALA G 374 -82.85 79.36 -36.65
C ALA G 374 -81.85 78.38 -37.26
N LYS G 375 -81.45 77.40 -36.46
CA LYS G 375 -80.36 76.46 -36.78
C LYS G 375 -80.87 75.04 -36.61
N ASN G 376 -82.10 74.78 -37.04
CA ASN G 376 -82.71 73.44 -37.00
C ASN G 376 -83.54 73.28 -38.28
N LEU G 377 -83.00 72.57 -39.27
CA LEU G 377 -83.68 72.34 -40.56
C LEU G 377 -83.85 70.85 -40.81
N VAL G 378 -84.70 70.54 -41.78
CA VAL G 378 -84.96 69.17 -42.31
C VAL G 378 -85.01 69.28 -43.83
N VAL G 379 -84.41 68.30 -44.50
CA VAL G 379 -84.30 68.25 -45.99
C VAL G 379 -84.98 66.96 -46.45
N SER G 380 -85.80 67.05 -47.49
CA SER G 380 -86.51 65.88 -48.07
C SER G 380 -86.02 65.63 -49.49
N GLY G 381 -86.08 64.37 -49.88
CA GLY G 381 -85.73 63.88 -51.22
C GLY G 381 -85.54 62.37 -51.17
N PRO G 382 -85.06 61.77 -52.27
CA PRO G 382 -84.78 60.34 -52.28
C PRO G 382 -83.75 60.03 -51.20
N PRO G 383 -83.92 58.95 -50.41
CA PRO G 383 -82.97 58.61 -49.37
C PRO G 383 -81.50 58.59 -49.88
N GLN G 384 -81.29 58.10 -51.11
CA GLN G 384 -79.94 57.99 -51.74
C GLN G 384 -79.37 59.40 -51.97
N SER G 385 -80.19 60.35 -52.43
CA SER G 385 -79.77 61.75 -52.68
C SER G 385 -79.38 62.42 -51.36
N LEU G 386 -80.13 62.14 -50.30
CA LEU G 386 -79.88 62.71 -48.95
C LEU G 386 -78.63 62.09 -48.36
N TYR G 387 -78.30 60.86 -48.74
CA TYR G 387 -77.02 60.20 -48.38
C TYR G 387 -75.88 60.98 -49.03
N GLY G 388 -75.98 61.25 -50.34
CA GLY G 388 -75.01 62.08 -51.09
C GLY G 388 -74.86 63.47 -50.48
N LEU G 389 -75.91 63.99 -49.83
CA LEU G 389 -75.82 65.24 -49.04
C LEU G 389 -74.94 64.95 -47.82
N ASN G 390 -75.30 63.93 -47.03
CA ASN G 390 -74.58 63.52 -45.79
C ASN G 390 -73.09 63.32 -46.06
N LEU G 391 -72.73 62.90 -47.28
CA LEU G 391 -71.32 62.61 -47.66
C LEU G 391 -70.57 63.93 -47.85
N THR G 392 -71.14 64.87 -48.62
CA THR G 392 -70.68 66.28 -48.76
C THR G 392 -70.55 66.87 -47.34
N LEU G 393 -71.52 66.61 -46.47
CA LEU G 393 -71.59 67.16 -45.09
C LEU G 393 -70.48 66.55 -44.23
N ARG G 394 -70.19 65.26 -44.34
CA ARG G 394 -69.21 64.58 -43.45
C ARG G 394 -67.85 65.26 -43.54
N LYS G 395 -67.53 65.85 -44.71
CA LYS G 395 -66.23 66.50 -45.03
C LYS G 395 -66.08 67.83 -44.28
N ALA G 396 -67.12 68.66 -44.33
CA ALA G 396 -67.13 70.04 -43.77
C ALA G 396 -67.16 70.00 -42.23
N LYS G 397 -67.79 68.98 -41.65
CA LYS G 397 -67.97 68.84 -40.18
C LYS G 397 -66.66 68.38 -39.58
N ALA G 398 -66.42 68.74 -38.33
CA ALA G 398 -65.23 68.34 -37.55
C ALA G 398 -65.70 67.26 -36.57
N PRO G 399 -64.82 66.27 -36.21
CA PRO G 399 -65.14 65.32 -35.13
C PRO G 399 -65.80 66.07 -33.95
N SER G 400 -66.84 65.49 -33.34
CA SER G 400 -67.67 66.17 -32.30
C SER G 400 -66.89 66.33 -30.98
N GLY G 401 -65.85 65.52 -30.76
CA GLY G 401 -64.90 65.67 -29.63
C GLY G 401 -63.52 66.11 -30.08
N LEU G 402 -63.41 67.17 -30.91
CA LEU G 402 -62.12 67.63 -31.52
C LEU G 402 -61.33 68.45 -30.50
N ASP G 403 -62.00 69.20 -29.62
CA ASP G 403 -61.35 70.15 -28.68
C ASP G 403 -60.55 71.20 -29.46
N GLN G 404 -61.23 72.29 -29.84
CA GLN G 404 -60.66 73.50 -30.47
C GLN G 404 -60.62 74.63 -29.42
N SER G 405 -60.53 74.29 -28.13
CA SER G 405 -60.54 75.24 -26.99
C SER G 405 -59.28 76.12 -26.99
N ARG G 406 -58.25 75.73 -27.75
CA ARG G 406 -56.95 76.44 -27.86
C ARG G 406 -56.78 76.98 -29.28
N ILE G 407 -57.76 76.81 -30.17
CA ILE G 407 -57.82 77.43 -31.52
C ILE G 407 -58.63 78.71 -31.41
N PRO G 408 -58.16 79.87 -31.96
CA PRO G 408 -58.98 81.09 -31.97
C PRO G 408 -60.38 80.83 -32.54
N PHE G 409 -61.42 81.41 -31.91
CA PHE G 409 -62.85 81.22 -32.28
C PHE G 409 -63.02 81.31 -33.80
N SER G 410 -62.54 82.42 -34.38
CA SER G 410 -62.65 82.77 -35.82
C SER G 410 -62.17 81.64 -36.74
N GLU G 411 -61.15 80.88 -36.32
CA GLU G 411 -60.47 79.87 -37.16
C GLU G 411 -61.01 78.45 -36.88
N ARG G 412 -61.95 78.26 -35.94
CA ARG G 412 -62.45 76.90 -35.57
C ARG G 412 -63.27 76.35 -36.74
N LYS G 413 -63.44 75.03 -36.81
CA LYS G 413 -64.20 74.34 -37.89
C LYS G 413 -65.61 74.08 -37.36
N LEU G 414 -66.63 74.13 -38.23
CA LEU G 414 -68.07 73.95 -37.89
C LEU G 414 -68.29 72.61 -37.20
N LYS G 415 -69.04 72.58 -36.10
CA LYS G 415 -69.53 71.35 -35.42
C LYS G 415 -71.06 71.31 -35.50
N PHE G 416 -71.63 70.27 -36.10
CA PHE G 416 -73.10 70.15 -36.29
C PHE G 416 -73.54 68.70 -36.37
N SER G 417 -74.78 68.42 -35.96
CA SER G 417 -75.45 67.09 -36.07
C SER G 417 -76.16 67.00 -37.43
N ASN G 418 -76.29 65.79 -37.96
CA ASN G 418 -77.17 65.52 -39.12
C ASN G 418 -77.51 64.03 -39.11
N ARG G 419 -78.67 63.67 -38.55
CA ARG G 419 -79.19 62.28 -38.52
C ARG G 419 -80.51 62.21 -39.32
N PHE G 420 -80.75 61.11 -40.01
CA PHE G 420 -82.04 60.84 -40.73
C PHE G 420 -83.16 60.71 -39.71
N LEU G 421 -84.37 61.07 -40.12
CA LEU G 421 -85.59 61.02 -39.27
C LEU G 421 -86.33 59.72 -39.49
N PRO G 422 -87.02 59.18 -38.47
CA PRO G 422 -87.90 58.03 -38.66
C PRO G 422 -89.23 58.34 -39.36
N VAL G 423 -89.21 58.50 -40.69
CA VAL G 423 -90.42 58.71 -41.55
C VAL G 423 -90.25 57.89 -42.83
N ALA G 424 -91.35 57.40 -43.41
CA ALA G 424 -91.31 56.49 -44.58
C ALA G 424 -91.40 57.27 -45.89
N SER G 425 -91.76 58.55 -45.85
CA SER G 425 -92.13 59.31 -47.08
C SER G 425 -91.56 60.73 -47.02
N PRO G 426 -91.20 61.33 -48.17
CA PRO G 426 -90.58 62.66 -48.22
C PRO G 426 -91.57 63.82 -48.24
N PHE G 427 -92.19 64.12 -47.09
CA PHE G 427 -93.18 65.21 -46.93
C PHE G 427 -92.55 66.54 -47.33
N HIS G 428 -93.38 67.46 -47.85
CA HIS G 428 -93.04 68.87 -48.17
C HIS G 428 -92.01 68.91 -49.30
N SER G 429 -92.12 68.02 -50.29
CA SER G 429 -91.17 67.92 -51.43
C SER G 429 -91.91 67.70 -52.75
N HIS G 430 -91.22 68.00 -53.87
CA HIS G 430 -91.72 67.88 -55.27
C HIS G 430 -92.15 66.45 -55.58
N LEU G 431 -91.58 65.46 -54.89
CA LEU G 431 -91.85 64.03 -55.12
C LEU G 431 -93.33 63.71 -54.89
N LEU G 432 -94.03 64.49 -54.05
CA LEU G 432 -95.43 64.21 -53.62
C LEU G 432 -96.44 65.02 -54.45
N VAL G 433 -96.02 66.10 -55.13
CA VAL G 433 -96.89 67.02 -55.93
C VAL G 433 -97.97 66.23 -56.66
N PRO G 434 -97.65 65.22 -57.49
CA PRO G 434 -98.68 64.44 -58.20
C PRO G 434 -99.91 64.05 -57.37
N ALA G 435 -99.71 63.75 -56.08
CA ALA G 435 -100.77 63.29 -55.15
C ALA G 435 -101.80 64.41 -54.86
N SER G 436 -101.37 65.68 -54.73
CA SER G 436 -102.23 66.84 -54.34
C SER G 436 -103.57 66.77 -55.08
N ASP G 437 -103.50 66.80 -56.41
CA ASP G 437 -104.68 66.79 -57.30
C ASP G 437 -105.59 65.62 -56.91
N LEU G 438 -105.06 64.40 -56.93
CA LEU G 438 -105.79 63.13 -56.62
C LEU G 438 -106.39 63.19 -55.21
N ILE G 439 -105.63 63.67 -54.22
CA ILE G 439 -106.09 63.71 -52.80
C ILE G 439 -107.37 64.55 -52.74
N ASN G 440 -107.33 65.75 -53.33
CA ASN G 440 -108.46 66.72 -53.30
C ASN G 440 -109.71 66.09 -53.91
N LYS G 441 -109.55 65.37 -55.02
CA LYS G 441 -110.65 64.64 -55.69
C LYS G 441 -111.23 63.57 -54.77
N ASP G 442 -110.41 62.95 -53.91
CA ASP G 442 -110.86 61.88 -52.98
C ASP G 442 -111.67 62.50 -51.84
N LEU G 443 -111.31 63.71 -51.41
CA LEU G 443 -112.02 64.46 -50.33
C LEU G 443 -113.39 64.93 -50.86
N VAL G 444 -113.42 65.49 -52.07
CA VAL G 444 -114.68 65.78 -52.82
C VAL G 444 -115.55 64.51 -52.76
N LYS G 445 -115.02 63.37 -53.20
CA LYS G 445 -115.78 62.11 -53.38
C LYS G 445 -116.21 61.53 -52.03
N ASN G 446 -115.55 61.85 -50.90
CA ASN G 446 -115.87 61.30 -49.55
C ASN G 446 -116.45 62.41 -48.67
N ASN G 447 -117.00 63.47 -49.28
CA ASN G 447 -117.78 64.56 -48.60
C ASN G 447 -116.98 65.08 -47.40
N VAL G 448 -115.77 65.60 -47.64
CA VAL G 448 -114.92 66.28 -46.61
C VAL G 448 -114.42 67.61 -47.18
N SER G 449 -114.71 68.70 -46.48
CA SER G 449 -114.06 70.03 -46.65
C SER G 449 -114.22 70.81 -45.34
N PHE G 450 -113.60 71.99 -45.22
CA PHE G 450 -113.64 72.81 -43.98
C PHE G 450 -114.06 74.23 -44.37
N ASN G 451 -115.29 74.63 -44.01
CA ASN G 451 -115.84 75.99 -44.30
C ASN G 451 -115.45 76.92 -43.15
N ALA G 452 -114.85 78.07 -43.48
CA ALA G 452 -114.37 79.06 -42.49
C ALA G 452 -115.45 79.30 -41.42
N LYS G 453 -116.72 79.38 -41.84
CA LYS G 453 -117.90 79.61 -40.96
C LYS G 453 -117.88 78.63 -39.78
N ASP G 454 -117.49 77.37 -40.00
CA ASP G 454 -117.60 76.28 -39.00
C ASP G 454 -116.42 76.34 -38.01
N ILE G 455 -115.26 76.84 -38.42
CA ILE G 455 -114.00 76.73 -37.63
C ILE G 455 -113.88 77.96 -36.72
N GLN G 456 -113.93 77.71 -35.41
CA GLN G 456 -114.36 78.65 -34.33
C GLN G 456 -113.18 79.37 -33.68
N ILE G 457 -111.95 79.09 -34.12
CA ILE G 457 -110.70 79.74 -33.66
C ILE G 457 -109.80 79.89 -34.88
N PRO G 458 -108.85 80.85 -34.87
CA PRO G 458 -107.86 80.94 -35.95
C PRO G 458 -107.04 79.63 -35.99
N VAL G 459 -106.77 79.13 -37.20
CA VAL G 459 -105.95 77.92 -37.44
C VAL G 459 -104.80 78.35 -38.37
N TYR G 460 -103.59 78.44 -37.80
CA TYR G 460 -102.44 79.15 -38.39
C TYR G 460 -101.81 78.28 -39.50
N ASP G 461 -101.79 78.85 -40.71
CA ASP G 461 -101.20 78.32 -41.96
C ASP G 461 -99.71 78.04 -41.73
N THR G 462 -99.26 76.90 -42.24
CA THR G 462 -97.98 76.23 -41.93
C THR G 462 -96.82 76.92 -42.68
N PHE G 463 -97.11 77.65 -43.76
CA PHE G 463 -96.15 78.34 -44.66
C PHE G 463 -96.18 79.87 -44.46
N ASP G 464 -97.37 80.44 -44.16
CA ASP G 464 -97.67 81.90 -44.11
C ASP G 464 -97.55 82.44 -42.69
N GLY G 465 -98.13 81.71 -41.73
CA GLY G 465 -98.45 82.19 -40.37
C GLY G 465 -99.87 82.75 -40.30
N SER G 466 -100.43 83.09 -41.47
CA SER G 466 -101.80 83.61 -41.69
C SER G 466 -102.84 82.68 -41.10
N ASP G 467 -104.08 83.17 -40.94
CA ASP G 467 -105.26 82.37 -40.56
C ASP G 467 -105.81 81.69 -41.82
N LEU G 468 -106.14 80.40 -41.73
CA LEU G 468 -106.71 79.63 -42.86
C LEU G 468 -108.15 80.05 -43.14
N ARG G 469 -108.80 80.77 -42.21
CA ARG G 469 -110.20 81.22 -42.36
C ARG G 469 -110.27 82.31 -43.44
N VAL G 470 -109.29 83.24 -43.42
CA VAL G 470 -109.20 84.42 -44.34
C VAL G 470 -109.03 83.96 -45.79
N LEU G 471 -108.50 82.76 -46.07
CA LEU G 471 -108.33 82.18 -47.43
C LEU G 471 -109.64 82.26 -48.19
N SER G 472 -109.61 82.56 -49.49
CA SER G 472 -110.83 82.62 -50.35
C SER G 472 -110.93 81.36 -51.21
N GLY G 473 -109.88 80.53 -51.27
CA GLY G 473 -109.85 79.24 -51.98
C GLY G 473 -110.61 78.15 -51.24
N SER G 474 -110.25 76.87 -51.42
CA SER G 474 -110.64 75.74 -50.53
C SER G 474 -109.59 75.61 -49.42
N ILE G 475 -110.03 75.45 -48.17
CA ILE G 475 -109.12 75.27 -46.99
C ILE G 475 -108.52 73.87 -47.05
N SER G 476 -109.36 72.83 -47.23
CA SER G 476 -108.91 71.43 -47.38
C SER G 476 -107.72 71.40 -48.35
N GLU G 477 -107.88 72.04 -49.52
CA GLU G 477 -106.86 72.06 -50.62
C GLU G 477 -105.55 72.68 -50.14
N ARG G 478 -105.61 73.80 -49.41
CA ARG G 478 -104.41 74.52 -48.89
C ARG G 478 -103.72 73.65 -47.83
N ILE G 479 -104.51 73.05 -46.92
CA ILE G 479 -103.98 72.17 -45.84
C ILE G 479 -103.20 71.01 -46.49
N VAL G 480 -103.80 70.33 -47.46
CA VAL G 480 -103.12 69.28 -48.28
C VAL G 480 -101.83 69.88 -48.86
N ASP G 481 -101.93 71.00 -49.55
CA ASP G 481 -100.80 71.64 -50.26
C ASP G 481 -99.68 71.99 -49.27
N CYS G 482 -100.04 72.33 -48.03
CA CYS G 482 -99.09 72.75 -46.94
C CYS G 482 -98.27 71.57 -46.44
N ILE G 483 -98.78 70.35 -46.59
CA ILE G 483 -98.21 69.06 -46.10
C ILE G 483 -97.43 68.39 -47.25
N ILE G 484 -98.05 68.29 -48.42
CA ILE G 484 -97.51 67.60 -49.62
C ILE G 484 -96.31 68.36 -50.17
N ARG G 485 -96.40 69.68 -50.37
CA ARG G 485 -95.52 70.43 -51.30
C ARG G 485 -94.76 71.55 -50.58
N LEU G 486 -95.48 72.52 -50.02
CA LEU G 486 -94.86 73.75 -49.43
C LEU G 486 -94.05 73.37 -48.20
N PRO G 487 -92.97 74.11 -47.89
CA PRO G 487 -92.25 73.92 -46.64
C PRO G 487 -93.10 74.30 -45.42
N VAL G 488 -92.57 74.02 -44.24
CA VAL G 488 -93.10 74.51 -42.94
C VAL G 488 -92.13 75.57 -42.44
N LYS G 489 -92.58 76.81 -42.29
CA LYS G 489 -91.77 77.87 -41.64
C LYS G 489 -92.23 77.97 -40.19
N TRP G 490 -91.93 76.96 -39.39
CA TRP G 490 -92.52 76.76 -38.04
C TRP G 490 -92.38 78.03 -37.21
N GLU G 491 -91.25 78.74 -37.34
CA GLU G 491 -90.99 79.99 -36.60
C GLU G 491 -92.12 81.00 -36.88
N THR G 492 -92.41 81.25 -38.17
CA THR G 492 -93.38 82.30 -38.61
C THR G 492 -94.80 81.76 -38.45
N THR G 493 -95.01 80.44 -38.49
CA THR G 493 -96.32 79.77 -38.22
C THR G 493 -96.71 80.02 -36.77
N THR G 494 -95.71 80.10 -35.89
CA THR G 494 -95.89 80.05 -34.43
C THR G 494 -95.72 81.47 -33.87
N GLN G 495 -96.02 82.47 -34.71
CA GLN G 495 -95.74 83.92 -34.50
C GLN G 495 -96.80 84.56 -33.58
N PHE G 496 -97.88 83.84 -33.25
CA PHE G 496 -98.92 84.25 -32.28
C PHE G 496 -98.31 84.53 -30.91
N LYS G 497 -99.03 85.31 -30.07
CA LYS G 497 -98.67 85.60 -28.67
C LYS G 497 -99.67 84.84 -27.78
N ALA G 498 -99.15 84.13 -26.79
CA ALA G 498 -99.87 83.28 -25.81
C ALA G 498 -98.92 82.96 -24.65
N THR G 499 -99.45 82.66 -23.47
CA THR G 499 -98.65 82.38 -22.25
C THR G 499 -98.39 80.87 -22.16
N HIS G 500 -99.25 80.05 -22.76
CA HIS G 500 -99.22 78.56 -22.65
C HIS G 500 -99.47 77.92 -24.02
N ILE G 501 -98.82 76.79 -24.29
CA ILE G 501 -98.98 76.00 -25.54
C ILE G 501 -99.09 74.52 -25.14
N LEU G 502 -100.09 73.81 -25.69
CA LEU G 502 -100.34 72.37 -25.39
C LEU G 502 -99.95 71.51 -26.62
N ASP G 503 -98.91 70.66 -26.47
CA ASP G 503 -98.46 69.65 -27.49
C ASP G 503 -99.28 68.37 -27.27
N PHE G 504 -100.38 68.24 -28.00
CA PHE G 504 -101.20 67.01 -28.08
C PHE G 504 -100.45 65.95 -28.89
N GLY G 505 -99.48 66.42 -29.67
CA GLY G 505 -98.86 65.70 -30.79
C GLY G 505 -98.02 64.55 -30.30
N PRO G 506 -97.71 63.59 -31.20
CA PRO G 506 -97.03 62.35 -30.80
C PRO G 506 -95.58 62.66 -30.38
N GLY G 507 -95.03 61.83 -29.48
CA GLY G 507 -93.59 61.77 -29.18
C GLY G 507 -93.19 62.43 -27.87
N GLY G 508 -94.17 62.70 -27.01
CA GLY G 508 -93.95 63.38 -25.72
C GLY G 508 -92.85 64.42 -25.78
N ALA G 509 -91.71 64.12 -25.17
CA ALA G 509 -90.61 65.07 -24.91
C ALA G 509 -89.70 65.21 -26.14
N SER G 510 -89.77 64.28 -27.10
CA SER G 510 -89.12 64.41 -28.43
C SER G 510 -90.05 65.18 -29.37
N GLY G 511 -91.23 65.55 -28.87
CA GLY G 511 -92.37 66.05 -29.67
C GLY G 511 -92.23 67.52 -30.04
N LEU G 512 -93.14 67.98 -30.89
CA LEU G 512 -93.19 69.38 -31.40
C LEU G 512 -93.21 70.37 -30.24
N GLY G 513 -93.75 69.96 -29.09
CA GLY G 513 -93.85 70.80 -27.89
C GLY G 513 -92.49 71.39 -27.54
N VAL G 514 -91.56 70.51 -27.22
CA VAL G 514 -90.22 70.90 -26.70
C VAL G 514 -89.46 71.71 -27.75
N LEU G 515 -89.56 71.35 -29.03
CA LEU G 515 -88.93 72.12 -30.14
C LEU G 515 -89.39 73.58 -30.05
N THR G 516 -90.70 73.78 -29.98
CA THR G 516 -91.34 75.13 -29.92
C THR G 516 -90.80 75.85 -28.68
N HIS G 517 -90.68 75.15 -27.55
CA HIS G 517 -90.15 75.75 -26.30
C HIS G 517 -88.74 76.30 -26.54
N ARG G 518 -87.89 75.53 -27.20
CA ARG G 518 -86.48 75.92 -27.47
C ARG G 518 -86.48 77.17 -28.36
N ASN G 519 -87.42 77.30 -29.28
CA ASN G 519 -87.52 78.50 -30.17
C ASN G 519 -87.88 79.73 -29.35
N LYS G 520 -88.72 79.60 -28.32
CA LYS G 520 -89.44 80.71 -27.64
C LYS G 520 -88.93 80.94 -26.22
N ASP G 521 -87.92 80.17 -25.78
CA ASP G 521 -87.32 80.29 -24.43
C ASP G 521 -86.96 81.76 -24.18
N GLY G 522 -87.41 82.29 -23.05
CA GLY G 522 -87.08 83.65 -22.56
C GLY G 522 -88.09 84.71 -22.98
N THR G 523 -89.16 84.36 -23.68
CA THR G 523 -90.21 85.32 -24.14
C THR G 523 -91.49 85.16 -23.32
N GLY G 524 -91.48 84.34 -22.25
CA GLY G 524 -92.61 84.20 -21.32
C GLY G 524 -93.68 83.19 -21.78
N VAL G 525 -93.34 82.28 -22.67
CA VAL G 525 -94.25 81.18 -23.12
C VAL G 525 -93.90 79.91 -22.35
N ARG G 526 -94.92 79.21 -21.87
CA ARG G 526 -94.81 77.90 -21.18
C ARG G 526 -95.40 76.83 -22.10
N VAL G 527 -94.62 75.80 -22.44
CA VAL G 527 -95.14 74.64 -23.22
C VAL G 527 -95.48 73.52 -22.25
N ILE G 528 -96.61 72.86 -22.47
CA ILE G 528 -97.01 71.65 -21.71
C ILE G 528 -97.16 70.49 -22.70
N VAL G 529 -96.44 69.40 -22.46
CA VAL G 529 -96.57 68.13 -23.23
C VAL G 529 -97.82 67.41 -22.70
N ALA G 530 -98.92 67.46 -23.45
CA ALA G 530 -100.24 66.95 -23.04
C ALA G 530 -100.28 65.43 -23.21
N GLY G 531 -99.29 64.85 -23.90
CA GLY G 531 -99.23 63.43 -24.29
C GLY G 531 -98.78 62.53 -23.15
N THR G 532 -97.62 62.82 -22.57
CA THR G 532 -96.91 61.91 -21.62
C THR G 532 -96.98 62.47 -20.20
N LEU G 533 -97.09 61.57 -19.21
CA LEU G 533 -96.75 61.87 -17.81
C LEU G 533 -95.29 61.49 -17.55
N ASP G 534 -94.51 62.44 -17.03
CA ASP G 534 -93.07 62.30 -16.69
C ASP G 534 -92.69 63.52 -15.85
N ILE G 535 -91.41 63.66 -15.49
CA ILE G 535 -90.90 64.77 -14.65
C ILE G 535 -89.73 65.45 -15.36
N ASN G 536 -89.85 66.75 -15.60
CA ASN G 536 -88.75 67.58 -16.18
C ASN G 536 -87.92 68.07 -14.99
N PRO G 537 -86.67 67.59 -14.83
CA PRO G 537 -85.84 68.02 -13.69
C PRO G 537 -85.54 69.52 -13.72
N ASP G 538 -85.37 70.12 -14.91
CA ASP G 538 -85.06 71.56 -15.11
C ASP G 538 -86.31 72.44 -14.92
N ASP G 539 -87.51 71.84 -15.06
CA ASP G 539 -88.84 72.52 -15.08
C ASP G 539 -88.91 73.54 -16.23
N ASP G 540 -88.01 73.41 -17.21
CA ASP G 540 -88.04 73.98 -18.58
C ASP G 540 -89.48 74.12 -19.11
N TYR G 541 -90.26 73.03 -19.08
CA TYR G 541 -91.65 72.86 -19.61
C TYR G 541 -92.38 71.85 -18.70
N GLY G 542 -93.67 71.60 -18.96
CA GLY G 542 -94.50 70.71 -18.12
C GLY G 542 -95.00 69.49 -18.88
N PHE G 543 -95.48 68.49 -18.16
CA PHE G 543 -96.13 67.26 -18.69
C PHE G 543 -97.62 67.28 -18.33
N LYS G 544 -98.39 66.27 -18.74
CA LYS G 544 -99.88 66.25 -18.61
C LYS G 544 -100.30 66.81 -17.23
N GLN G 545 -99.60 66.51 -16.12
CA GLN G 545 -99.98 66.94 -14.74
C GLN G 545 -100.44 68.39 -14.72
N GLU G 546 -99.63 69.29 -15.31
CA GLU G 546 -99.80 70.78 -15.25
C GLU G 546 -101.21 71.18 -15.72
N ILE G 547 -101.76 70.46 -16.70
CA ILE G 547 -103.13 70.73 -17.22
C ILE G 547 -104.12 70.58 -16.06
N PHE G 548 -104.16 69.43 -15.42
CA PHE G 548 -105.27 68.99 -14.53
C PHE G 548 -105.04 69.45 -13.09
N ASP G 549 -103.80 69.78 -12.72
CA ASP G 549 -103.43 70.18 -11.33
C ASP G 549 -104.29 71.39 -10.93
N VAL G 550 -104.68 71.42 -9.64
CA VAL G 550 -105.66 72.36 -9.03
C VAL G 550 -104.93 73.43 -8.19
N THR G 551 -103.76 73.11 -7.63
CA THR G 551 -102.91 74.03 -6.82
C THR G 551 -102.20 75.02 -7.75
N SER G 552 -101.32 75.87 -7.20
CA SER G 552 -100.38 76.79 -7.92
C SER G 552 -99.61 76.06 -9.01
N ASN G 553 -99.27 74.78 -8.77
CA ASN G 553 -98.39 73.94 -9.63
C ASN G 553 -98.98 73.73 -11.04
N GLY G 554 -100.28 73.99 -11.24
CA GLY G 554 -100.95 73.97 -12.56
C GLY G 554 -100.62 75.22 -13.38
N LEU G 555 -100.55 76.37 -12.69
CA LEU G 555 -100.23 77.68 -13.30
C LEU G 555 -98.75 77.99 -13.04
N LYS G 556 -97.88 77.55 -13.93
CA LYS G 556 -96.46 78.00 -13.96
C LYS G 556 -96.28 78.83 -15.22
N LYS G 557 -95.54 79.94 -15.14
CA LYS G 557 -95.21 80.75 -16.33
C LYS G 557 -93.70 80.74 -16.51
N ASN G 558 -93.24 80.58 -17.74
CA ASN G 558 -91.79 80.67 -18.05
C ASN G 558 -91.40 82.14 -18.00
N PRO G 559 -90.16 82.45 -17.59
CA PRO G 559 -89.73 83.84 -17.47
C PRO G 559 -89.61 84.51 -18.84
N ASN G 560 -90.07 85.75 -18.93
CA ASN G 560 -89.73 86.73 -19.99
C ASN G 560 -88.52 87.53 -19.47
N TRP G 561 -87.34 87.30 -20.02
CA TRP G 561 -86.07 87.84 -19.47
C TRP G 561 -86.11 89.37 -19.42
N LEU G 562 -86.63 90.00 -20.48
CA LEU G 562 -86.77 91.48 -20.54
C LEU G 562 -87.42 91.97 -19.25
N GLU G 563 -88.56 91.38 -18.89
CA GLU G 563 -89.38 91.81 -17.73
C GLU G 563 -88.68 91.44 -16.42
N GLU G 564 -88.20 90.21 -16.30
CA GLU G 564 -87.61 89.67 -15.05
C GLU G 564 -86.36 90.44 -14.64
N TYR G 565 -85.56 90.92 -15.59
CA TYR G 565 -84.21 91.49 -15.34
C TYR G 565 -84.12 92.90 -15.93
N HIS G 566 -85.26 93.49 -16.29
CA HIS G 566 -85.39 94.91 -16.69
C HIS G 566 -84.53 95.72 -15.73
N PRO G 567 -83.58 96.54 -16.24
CA PRO G 567 -82.89 97.49 -15.38
C PRO G 567 -83.97 98.48 -14.96
N LYS G 568 -83.77 99.15 -13.83
CA LYS G 568 -84.73 100.12 -13.23
C LYS G 568 -83.94 101.29 -12.64
N LEU G 569 -84.63 102.31 -12.17
CA LEU G 569 -84.05 103.39 -11.34
C LEU G 569 -84.66 103.33 -9.96
N ILE G 570 -83.90 103.75 -8.95
CA ILE G 570 -84.34 103.80 -7.54
C ILE G 570 -83.61 104.94 -6.85
N LYS G 571 -84.19 105.44 -5.76
CA LYS G 571 -83.71 106.63 -5.01
C LYS G 571 -83.46 106.26 -3.56
N ASN G 572 -82.29 106.62 -3.04
CA ASN G 572 -82.13 106.55 -1.56
C ASN G 572 -82.91 107.71 -0.92
N LYS G 573 -82.89 107.83 0.41
CA LYS G 573 -83.58 108.94 1.13
C LYS G 573 -82.85 110.23 0.81
N SER G 574 -81.52 110.21 0.79
CA SER G 574 -80.65 111.36 0.40
C SER G 574 -80.93 111.78 -1.06
N GLY G 575 -81.69 110.98 -1.82
CA GLY G 575 -82.12 111.32 -3.18
C GLY G 575 -81.12 110.91 -4.25
N LYS G 576 -80.06 110.18 -3.88
CA LYS G 576 -79.09 109.56 -4.82
C LYS G 576 -79.82 108.54 -5.72
N ILE G 577 -79.50 108.55 -7.01
CA ILE G 577 -80.13 107.64 -8.00
C ILE G 577 -79.16 106.50 -8.31
N PHE G 578 -79.67 105.27 -8.22
CA PHE G 578 -78.93 104.03 -8.57
C PHE G 578 -79.64 103.32 -9.71
N VAL G 579 -78.85 102.67 -10.56
CA VAL G 579 -79.33 101.65 -11.54
C VAL G 579 -79.61 100.37 -10.75
N GLU G 580 -80.89 99.98 -10.68
CA GLU G 580 -81.38 98.83 -9.89
C GLU G 580 -81.25 97.58 -10.77
N THR G 581 -80.32 96.70 -10.42
CA THR G 581 -80.17 95.34 -11.00
C THR G 581 -79.97 94.34 -9.87
N LYS G 582 -80.04 93.05 -10.19
CA LYS G 582 -79.86 91.94 -9.21
C LYS G 582 -78.58 92.20 -8.39
N PHE G 583 -77.56 92.77 -9.02
CA PHE G 583 -76.22 93.02 -8.43
C PHE G 583 -76.25 94.23 -7.51
N SER G 584 -76.62 95.41 -8.03
CA SER G 584 -76.63 96.67 -7.25
C SER G 584 -77.56 96.55 -6.03
N LYS G 585 -78.65 95.80 -6.17
CA LYS G 585 -79.62 95.52 -5.08
C LYS G 585 -78.92 94.87 -3.88
N LEU G 586 -77.87 94.09 -4.12
CA LEU G 586 -77.07 93.43 -3.05
C LEU G 586 -76.10 94.45 -2.45
N ILE G 587 -75.25 95.05 -3.28
CA ILE G 587 -74.01 95.75 -2.82
C ILE G 587 -74.32 97.20 -2.46
N GLY G 588 -75.49 97.73 -2.82
CA GLY G 588 -75.91 99.11 -2.49
C GLY G 588 -74.98 100.15 -3.11
N ARG G 589 -74.44 99.84 -4.29
CA ARG G 589 -73.55 100.72 -5.07
C ARG G 589 -73.89 100.51 -6.53
N PRO G 590 -73.41 101.37 -7.45
CA PRO G 590 -73.64 101.14 -8.86
C PRO G 590 -73.16 99.75 -9.30
N PRO G 591 -73.88 99.13 -10.26
CA PRO G 591 -73.60 97.75 -10.68
C PRO G 591 -72.38 97.69 -11.61
N LEU G 592 -71.32 98.41 -11.23
CA LEU G 592 -70.09 98.57 -12.04
C LEU G 592 -68.92 98.34 -11.09
N LEU G 593 -67.89 97.62 -11.58
CA LEU G 593 -66.72 97.23 -10.77
C LEU G 593 -65.44 97.26 -11.59
N VAL G 594 -64.36 97.67 -10.95
CA VAL G 594 -62.97 97.52 -11.46
C VAL G 594 -62.52 96.14 -11.02
N PRO G 595 -62.18 95.24 -11.98
CA PRO G 595 -61.84 93.87 -11.66
C PRO G 595 -60.40 93.81 -11.16
N GLY G 596 -60.04 92.72 -10.48
CA GLY G 596 -58.65 92.45 -10.10
C GLY G 596 -57.77 92.52 -11.31
N MET G 597 -56.69 93.27 -11.23
CA MET G 597 -55.70 93.40 -12.32
C MET G 597 -54.34 93.55 -11.65
N THR G 598 -53.35 92.72 -12.02
CA THR G 598 -52.04 92.66 -11.30
C THR G 598 -51.37 94.04 -11.26
N PRO G 599 -50.67 94.55 -12.31
CA PRO G 599 -49.94 95.80 -12.07
C PRO G 599 -50.95 96.78 -11.43
N CYS G 600 -52.19 96.87 -11.91
CA CYS G 600 -53.08 98.05 -11.74
C CYS G 600 -53.67 98.12 -10.33
N THR G 601 -54.41 97.10 -9.92
CA THR G 601 -55.19 97.11 -8.66
C THR G 601 -54.43 96.34 -7.57
N VAL G 602 -53.12 96.14 -7.73
CA VAL G 602 -52.24 95.67 -6.63
C VAL G 602 -52.09 96.85 -5.64
N SER G 603 -52.03 98.07 -6.17
CA SER G 603 -51.79 99.32 -5.37
C SER G 603 -52.93 99.54 -4.40
N PRO G 604 -52.69 99.49 -3.07
CA PRO G 604 -53.74 99.79 -2.10
C PRO G 604 -54.32 101.20 -2.28
N ASP G 605 -53.50 102.15 -2.70
CA ASP G 605 -53.92 103.56 -2.98
C ASP G 605 -55.05 103.57 -4.01
N PHE G 606 -54.87 102.90 -5.14
CA PHE G 606 -55.86 102.86 -6.26
C PHE G 606 -57.11 102.09 -5.82
N VAL G 607 -56.96 101.08 -4.97
CA VAL G 607 -58.11 100.29 -4.44
C VAL G 607 -58.96 101.20 -3.55
N ALA G 608 -58.29 101.95 -2.66
CA ALA G 608 -58.94 102.90 -1.72
C ALA G 608 -59.60 104.02 -2.54
N ALA G 609 -58.88 104.57 -3.51
CA ALA G 609 -59.38 105.66 -4.37
C ALA G 609 -60.68 105.21 -5.05
N THR G 610 -60.68 104.02 -5.64
CA THR G 610 -61.84 103.48 -6.37
C THR G 610 -62.95 103.17 -5.37
N THR G 611 -62.60 102.62 -4.20
CA THR G 611 -63.59 102.27 -3.16
C THR G 611 -64.18 103.59 -2.63
N ASN G 612 -63.38 104.62 -2.44
CA ASN G 612 -63.82 105.93 -1.89
C ASN G 612 -64.62 106.68 -2.96
N ALA G 613 -64.35 106.44 -4.24
CA ALA G 613 -65.15 107.00 -5.36
C ALA G 613 -66.56 106.40 -5.33
N GLY G 614 -66.73 105.29 -4.61
CA GLY G 614 -68.02 104.63 -4.31
C GLY G 614 -68.29 103.46 -5.24
N TYR G 615 -67.24 102.74 -5.64
CA TYR G 615 -67.30 101.65 -6.65
C TYR G 615 -66.51 100.43 -6.16
N THR G 616 -67.09 99.25 -6.40
CA THR G 616 -66.54 97.95 -5.96
C THR G 616 -65.26 97.68 -6.78
N ILE G 617 -64.16 97.37 -6.11
CA ILE G 617 -62.86 97.01 -6.77
C ILE G 617 -62.26 95.77 -6.09
N GLU G 618 -61.50 94.96 -6.84
CA GLU G 618 -60.78 93.75 -6.36
C GLU G 618 -59.31 94.10 -6.13
N LEU G 619 -58.78 93.90 -4.92
CA LEU G 619 -57.32 93.99 -4.63
C LEU G 619 -56.61 92.77 -5.23
N ALA G 620 -55.62 92.96 -6.09
CA ALA G 620 -55.01 91.89 -6.91
C ALA G 620 -53.99 91.08 -6.11
N GLY G 621 -54.28 89.81 -5.85
CA GLY G 621 -53.35 88.88 -5.17
C GLY G 621 -52.09 88.70 -5.99
N GLY G 622 -52.19 88.90 -7.31
CA GLY G 622 -51.08 88.80 -8.26
C GLY G 622 -49.79 89.42 -7.77
N GLY G 623 -49.86 90.56 -7.09
CA GLY G 623 -48.64 91.32 -6.71
C GLY G 623 -48.16 91.03 -5.31
N TYR G 624 -48.63 89.95 -4.69
CA TYR G 624 -48.29 89.58 -3.29
C TYR G 624 -47.75 88.15 -3.25
N PHE G 625 -46.84 87.89 -2.30
CA PHE G 625 -46.01 86.66 -2.25
C PHE G 625 -46.05 86.01 -0.86
N SER G 626 -46.59 86.68 0.14
CA SER G 626 -46.74 86.18 1.52
C SER G 626 -48.05 86.70 2.11
N ALA G 627 -48.57 86.04 3.14
CA ALA G 627 -49.73 86.52 3.92
C ALA G 627 -49.40 87.90 4.50
N ALA G 628 -48.18 88.08 5.00
CA ALA G 628 -47.72 89.30 5.70
C ALA G 628 -47.70 90.47 4.73
N GLY G 629 -47.27 90.22 3.48
CA GLY G 629 -47.19 91.25 2.42
C GLY G 629 -48.55 91.83 2.09
N MET G 630 -49.54 90.96 1.88
CA MET G 630 -50.93 91.36 1.53
C MET G 630 -51.61 91.95 2.78
N THR G 631 -51.39 91.36 3.96
CA THR G 631 -51.94 91.88 5.24
C THR G 631 -51.57 93.37 5.39
N ALA G 632 -50.35 93.75 5.00
CA ALA G 632 -49.86 95.14 5.09
C ALA G 632 -50.63 96.01 4.10
N ALA G 633 -50.90 95.51 2.89
CA ALA G 633 -51.59 96.23 1.81
C ALA G 633 -53.07 96.39 2.17
N ILE G 634 -53.69 95.32 2.67
CA ILE G 634 -55.11 95.36 3.13
C ILE G 634 -55.21 96.44 4.22
N ASP G 635 -54.34 96.38 5.22
CA ASP G 635 -54.29 97.36 6.35
C ASP G 635 -54.21 98.79 5.81
N SER G 636 -53.40 99.02 4.77
CA SER G 636 -53.25 100.34 4.11
C SER G 636 -54.59 100.76 3.47
N VAL G 637 -55.26 99.85 2.76
CA VAL G 637 -56.57 100.12 2.11
C VAL G 637 -57.57 100.50 3.20
N VAL G 638 -57.66 99.66 4.24
CA VAL G 638 -58.61 99.86 5.37
C VAL G 638 -58.38 101.25 5.96
N SER G 639 -57.13 101.64 6.19
CA SER G 639 -56.79 102.93 6.82
C SER G 639 -57.24 104.11 5.95
N GLN G 640 -57.41 103.91 4.63
CA GLN G 640 -57.64 105.02 3.67
C GLN G 640 -59.13 105.14 3.29
N ILE G 641 -59.96 104.15 3.62
CA ILE G 641 -61.39 104.14 3.21
C ILE G 641 -62.25 104.53 4.42
N GLU G 642 -63.47 105.02 4.15
CA GLU G 642 -64.45 105.48 5.17
C GLU G 642 -64.92 104.27 5.99
N LYS G 643 -65.31 104.49 7.25
CA LYS G 643 -65.89 103.43 8.12
C LYS G 643 -67.07 102.83 7.35
N GLY G 644 -67.19 101.50 7.32
CA GLY G 644 -68.32 100.79 6.71
C GLY G 644 -68.16 100.61 5.21
N SER G 645 -67.04 101.05 4.63
CA SER G 645 -66.68 100.76 3.21
C SER G 645 -66.15 99.34 3.14
N THR G 646 -66.14 98.75 1.94
CA THR G 646 -65.62 97.39 1.66
C THR G 646 -64.99 97.29 0.27
N PHE G 647 -64.16 96.27 0.12
CA PHE G 647 -63.52 95.91 -1.16
C PHE G 647 -63.39 94.39 -1.18
N GLY G 648 -62.91 93.86 -2.31
CA GLY G 648 -62.72 92.42 -2.51
C GLY G 648 -61.27 92.11 -2.80
N ILE G 649 -60.97 90.82 -2.91
CA ILE G 649 -59.63 90.27 -3.22
C ILE G 649 -59.76 89.33 -4.42
N ASN G 650 -58.85 89.44 -5.40
CA ASN G 650 -58.74 88.55 -6.57
C ASN G 650 -57.50 87.68 -6.36
N LEU G 651 -57.68 86.35 -6.31
CA LEU G 651 -56.59 85.33 -6.27
C LEU G 651 -56.61 84.55 -7.57
N ILE G 652 -55.45 84.10 -8.05
CA ILE G 652 -55.30 83.33 -9.31
C ILE G 652 -55.33 81.83 -8.98
N TYR G 653 -56.27 81.07 -9.56
CA TYR G 653 -56.48 79.63 -9.24
C TYR G 653 -55.25 78.84 -9.70
N VAL G 654 -54.71 79.23 -10.85
CA VAL G 654 -53.54 78.63 -11.54
C VAL G 654 -52.25 78.82 -10.71
N ASN G 655 -52.28 79.53 -9.59
CA ASN G 655 -51.07 79.83 -8.77
C ASN G 655 -51.26 79.22 -7.37
N PRO G 656 -50.98 77.92 -7.17
CA PRO G 656 -51.32 77.23 -5.94
C PRO G 656 -50.59 77.77 -4.70
N PHE G 657 -49.44 78.41 -4.87
CA PHE G 657 -48.69 78.99 -3.72
C PHE G 657 -49.48 80.18 -3.16
N MET G 658 -50.04 81.03 -4.03
CA MET G 658 -50.86 82.21 -3.65
C MET G 658 -52.08 81.73 -2.88
N LEU G 659 -52.77 80.72 -3.42
CA LEU G 659 -53.98 80.11 -2.80
C LEU G 659 -53.65 79.58 -1.41
N GLN G 660 -52.47 79.01 -1.19
CA GLN G 660 -52.22 78.28 0.07
C GLN G 660 -52.00 79.26 1.22
N TRP G 661 -51.44 80.46 0.98
CA TRP G 661 -51.30 81.51 2.03
C TRP G 661 -52.51 82.44 2.02
N GLY G 662 -53.12 82.62 0.83
CA GLY G 662 -54.20 83.57 0.55
C GLY G 662 -55.52 83.18 1.19
N ILE G 663 -55.96 81.94 1.01
CA ILE G 663 -57.28 81.48 1.53
C ILE G 663 -57.25 81.53 3.05
N PRO G 664 -56.29 80.89 3.76
CA PRO G 664 -56.25 81.00 5.22
C PRO G 664 -56.16 82.46 5.71
N LEU G 665 -55.49 83.34 4.96
CA LEU G 665 -55.38 84.78 5.29
C LEU G 665 -56.78 85.37 5.31
N ILE G 666 -57.51 85.21 4.22
CA ILE G 666 -58.89 85.78 4.10
C ILE G 666 -59.68 85.29 5.32
N LYS G 667 -59.66 84.00 5.63
CA LYS G 667 -60.42 83.42 6.76
C LYS G 667 -60.04 84.12 8.07
N GLU G 668 -58.74 84.20 8.35
CA GLU G 668 -58.19 84.83 9.59
C GLU G 668 -58.69 86.28 9.65
N LEU G 669 -58.45 87.05 8.59
CA LEU G 669 -58.82 88.49 8.50
C LEU G 669 -60.33 88.64 8.64
N ARG G 670 -61.10 87.86 7.88
CA ARG G 670 -62.58 87.84 7.87
C ARG G 670 -63.06 87.59 9.30
N SER G 671 -62.41 86.72 10.06
CA SER G 671 -62.82 86.36 11.44
C SER G 671 -62.43 87.47 12.43
N LYS G 672 -61.53 88.38 12.07
CA LYS G 672 -61.26 89.59 12.90
C LYS G 672 -62.17 90.72 12.41
N GLY G 673 -63.07 90.42 11.48
CA GLY G 673 -64.11 91.34 11.01
C GLY G 673 -63.60 92.36 10.02
N TYR G 674 -62.52 92.07 9.29
CA TYR G 674 -62.00 92.94 8.21
C TYR G 674 -63.11 93.18 7.20
N PRO G 675 -63.16 94.37 6.57
CA PRO G 675 -64.21 94.71 5.62
C PRO G 675 -64.01 94.15 4.21
N ILE G 676 -63.70 92.85 4.13
CA ILE G 676 -63.64 92.13 2.83
C ILE G 676 -65.04 91.59 2.53
N GLN G 677 -65.63 92.10 1.45
CA GLN G 677 -67.03 91.81 1.05
C GLN G 677 -67.05 90.48 0.31
N PHE G 678 -66.07 90.26 -0.56
CA PHE G 678 -66.07 89.14 -1.54
C PHE G 678 -64.65 88.74 -1.96
N LEU G 679 -64.57 87.55 -2.53
CA LEU G 679 -63.36 86.97 -3.16
C LEU G 679 -63.72 86.62 -4.60
N THR G 680 -62.92 87.07 -5.56
CA THR G 680 -63.03 86.68 -6.99
C THR G 680 -61.86 85.76 -7.30
N ILE G 681 -62.12 84.61 -7.90
CA ILE G 681 -61.08 83.64 -8.36
C ILE G 681 -60.92 83.80 -9.87
N GLY G 682 -59.69 84.14 -10.30
CA GLY G 682 -59.31 84.29 -11.71
C GLY G 682 -58.51 83.11 -12.23
N ALA G 683 -58.38 83.03 -13.55
CA ALA G 683 -57.64 81.99 -14.29
C ALA G 683 -58.24 80.60 -14.00
N GLY G 684 -59.54 80.46 -14.24
CA GLY G 684 -60.27 79.18 -14.14
C GLY G 684 -61.00 79.01 -12.82
N VAL G 685 -61.92 78.05 -12.79
CA VAL G 685 -63.01 77.91 -11.78
C VAL G 685 -62.68 76.74 -10.85
N PRO G 686 -62.81 76.89 -9.51
CA PRO G 686 -62.58 75.77 -8.60
C PRO G 686 -63.55 74.60 -8.78
N SER G 687 -63.18 73.44 -8.24
CA SER G 687 -64.03 72.25 -8.10
C SER G 687 -65.14 72.56 -7.10
N LEU G 688 -66.22 71.79 -7.09
CA LEU G 688 -67.33 71.97 -6.12
C LEU G 688 -66.79 71.93 -4.69
N GLU G 689 -65.90 70.98 -4.41
CA GLU G 689 -65.38 70.73 -3.04
C GLU G 689 -64.61 71.98 -2.57
N VAL G 690 -63.84 72.59 -3.48
CA VAL G 690 -62.95 73.75 -3.16
C VAL G 690 -63.81 75.00 -3.03
N ALA G 691 -64.74 75.20 -3.97
CA ALA G 691 -65.74 76.30 -3.94
C ALA G 691 -66.53 76.21 -2.61
N SER G 692 -67.11 75.04 -2.35
CA SER G 692 -67.86 74.75 -1.11
C SER G 692 -67.05 75.22 0.11
N GLU G 693 -65.74 74.98 0.09
CA GLU G 693 -64.82 75.43 1.15
C GLU G 693 -64.86 76.98 1.21
N TYR G 694 -64.51 77.66 0.11
CA TYR G 694 -64.39 79.14 0.05
C TYR G 694 -65.70 79.80 0.52
N ILE G 695 -66.84 79.23 0.12
CA ILE G 695 -68.20 79.76 0.42
C ILE G 695 -68.48 79.63 1.93
N GLU G 696 -68.20 78.48 2.55
CA GLU G 696 -68.63 78.15 3.93
C GLU G 696 -67.58 78.54 4.99
N THR G 697 -66.28 78.58 4.66
CA THR G 697 -65.19 78.82 5.65
C THR G 697 -64.83 80.30 5.77
N LEU G 698 -64.85 81.05 4.67
CA LEU G 698 -64.40 82.46 4.56
C LEU G 698 -65.66 83.32 4.63
N GLY G 699 -65.90 84.05 5.71
CA GLY G 699 -67.21 84.70 5.93
C GLY G 699 -67.48 85.75 4.84
N LEU G 700 -67.58 85.33 3.59
CA LEU G 700 -67.71 86.25 2.42
C LEU G 700 -69.18 86.46 2.14
N LYS G 701 -69.55 87.63 1.61
CA LYS G 701 -70.96 87.97 1.31
C LYS G 701 -71.29 87.55 -0.13
N TYR G 702 -70.30 87.43 -1.01
CA TYR G 702 -70.47 86.79 -2.35
C TYR G 702 -69.12 86.21 -2.82
N LEU G 703 -69.18 85.35 -3.85
CA LEU G 703 -67.99 84.73 -4.49
C LEU G 703 -68.02 85.08 -5.99
N GLY G 704 -66.92 85.62 -6.49
CA GLY G 704 -66.75 85.93 -7.92
C GLY G 704 -66.01 84.81 -8.63
N LEU G 705 -66.54 84.34 -9.76
CA LEU G 705 -65.89 83.32 -10.62
C LEU G 705 -65.80 83.89 -12.02
N LYS G 706 -64.72 83.55 -12.73
CA LYS G 706 -64.40 84.14 -14.06
C LYS G 706 -64.31 83.03 -15.08
N PRO G 707 -65.41 82.30 -15.37
CA PRO G 707 -65.36 81.23 -16.36
C PRO G 707 -65.00 81.81 -17.73
N GLY G 708 -64.22 81.04 -18.51
CA GLY G 708 -63.65 81.49 -19.80
C GLY G 708 -64.29 80.81 -20.99
N SER G 709 -64.94 79.65 -20.76
CA SER G 709 -65.54 78.77 -21.79
C SER G 709 -66.94 78.31 -21.38
N ILE G 710 -67.68 77.69 -22.31
CA ILE G 710 -69.04 77.13 -22.05
C ILE G 710 -68.94 76.10 -20.93
N ASP G 711 -67.90 75.27 -20.93
CA ASP G 711 -67.67 74.23 -19.88
C ASP G 711 -67.51 74.90 -18.51
N ALA G 712 -66.72 75.97 -18.45
CA ALA G 712 -66.43 76.72 -17.21
C ALA G 712 -67.73 77.33 -16.66
N ILE G 713 -68.58 77.84 -17.54
CA ILE G 713 -69.90 78.42 -17.13
C ILE G 713 -70.74 77.32 -16.45
N SER G 714 -70.75 76.12 -16.99
CA SER G 714 -71.47 74.96 -16.39
C SER G 714 -70.94 74.66 -14.99
N GLN G 715 -69.62 74.76 -14.81
CA GLN G 715 -68.96 74.50 -13.51
C GLN G 715 -69.45 75.55 -12.51
N VAL G 716 -69.58 76.80 -12.93
CA VAL G 716 -70.09 77.93 -12.10
C VAL G 716 -71.53 77.62 -11.69
N ILE G 717 -72.37 77.21 -12.64
CA ILE G 717 -73.80 76.83 -12.41
C ILE G 717 -73.85 75.74 -11.34
N ASN G 718 -73.03 74.69 -11.46
CA ASN G 718 -73.05 73.54 -10.52
C ASN G 718 -72.65 74.00 -9.12
N ILE G 719 -71.82 75.05 -9.02
CA ILE G 719 -71.41 75.64 -7.72
C ILE G 719 -72.60 76.37 -7.12
N ALA G 720 -73.34 77.10 -7.95
CA ALA G 720 -74.53 77.89 -7.56
C ALA G 720 -75.65 76.92 -7.14
N LYS G 721 -75.92 75.92 -7.98
CA LYS G 721 -76.87 74.79 -7.72
C LYS G 721 -76.66 74.30 -6.29
N ALA G 722 -75.40 74.14 -5.88
CA ALA G 722 -74.97 73.47 -4.64
C ALA G 722 -75.04 74.41 -3.44
N HIS G 723 -75.17 75.72 -3.64
CA HIS G 723 -75.34 76.73 -2.57
C HIS G 723 -76.35 77.76 -3.01
N PRO G 724 -77.63 77.38 -3.13
CA PRO G 724 -78.58 78.14 -3.94
C PRO G 724 -78.98 79.46 -3.28
N ASN G 725 -78.65 79.64 -1.99
CA ASN G 725 -78.92 80.87 -1.22
C ASN G 725 -77.65 81.71 -1.06
N PHE G 726 -76.56 81.36 -1.74
CA PHE G 726 -75.30 82.14 -1.66
C PHE G 726 -75.11 82.87 -2.98
N PRO G 727 -74.81 84.18 -2.94
CA PRO G 727 -74.61 84.96 -4.17
C PRO G 727 -73.30 84.61 -4.89
N ILE G 728 -73.40 84.26 -6.17
CA ILE G 728 -72.24 84.04 -7.09
C ILE G 728 -72.24 85.16 -8.13
N ALA G 729 -71.16 85.93 -8.17
CA ALA G 729 -70.90 86.90 -9.26
C ALA G 729 -70.20 86.15 -10.39
N LEU G 730 -70.93 85.75 -11.41
CA LEU G 730 -70.38 85.08 -12.61
C LEU G 730 -69.89 86.19 -13.55
N GLN G 731 -68.58 86.48 -13.53
CA GLN G 731 -67.93 87.53 -14.35
C GLN G 731 -67.60 86.91 -15.72
N TRP G 732 -68.52 87.02 -16.68
CA TRP G 732 -68.27 86.55 -18.07
C TRP G 732 -67.34 87.54 -18.79
N THR G 733 -66.40 87.00 -19.57
CA THR G 733 -65.24 87.72 -20.12
C THR G 733 -64.91 87.10 -21.48
N GLY G 734 -64.64 87.91 -22.49
CA GLY G 734 -64.28 87.45 -23.85
C GLY G 734 -62.78 87.23 -24.01
N GLY G 735 -62.37 86.69 -25.16
CA GLY G 735 -60.96 86.64 -25.55
C GLY G 735 -60.44 88.05 -25.85
N ARG G 736 -61.35 88.96 -26.23
CA ARG G 736 -61.07 90.38 -26.56
C ARG G 736 -60.63 91.15 -25.29
N GLY G 737 -60.70 90.50 -24.12
CA GLY G 737 -60.25 91.06 -22.84
C GLY G 737 -58.76 91.38 -22.84
N GLY G 738 -58.32 92.21 -21.91
CA GLY G 738 -56.91 92.58 -21.71
C GLY G 738 -56.24 91.58 -20.77
N GLY G 739 -54.91 91.50 -20.81
CA GLY G 739 -54.09 90.59 -19.99
C GLY G 739 -54.25 89.16 -20.46
N HIS G 740 -54.12 88.19 -19.52
N HIS G 740 -54.12 88.19 -19.52
CA HIS G 740 -54.35 86.75 -19.79
CA HIS G 740 -54.38 86.74 -19.77
C HIS G 740 -55.77 86.61 -20.35
C HIS G 740 -55.78 86.62 -20.36
N HIS G 741 -55.94 86.00 -21.54
CA HIS G 741 -57.25 85.94 -22.26
C HIS G 741 -57.51 84.55 -22.86
N SER G 742 -58.78 84.26 -23.11
CA SER G 742 -59.30 83.02 -23.73
C SER G 742 -59.22 83.13 -25.24
N PHE G 743 -59.70 82.12 -25.97
CA PHE G 743 -59.78 82.12 -27.45
C PHE G 743 -61.22 82.37 -27.89
N GLU G 744 -62.13 82.58 -26.93
CA GLU G 744 -63.62 82.56 -27.07
C GLU G 744 -64.16 83.90 -27.60
N ASP G 745 -65.18 83.85 -28.45
CA ASP G 745 -66.04 85.01 -28.81
C ASP G 745 -66.74 85.49 -27.54
N ALA G 746 -67.03 86.79 -27.44
CA ALA G 746 -67.66 87.44 -26.27
C ALA G 746 -69.16 87.12 -26.21
N HIS G 747 -69.80 86.78 -27.33
CA HIS G 747 -71.28 86.74 -27.45
C HIS G 747 -71.81 85.30 -27.44
N THR G 748 -71.31 84.44 -28.32
CA THR G 748 -71.83 83.07 -28.53
C THR G 748 -72.01 82.34 -27.20
N PRO G 749 -71.00 82.32 -26.30
CA PRO G 749 -71.13 81.58 -25.04
C PRO G 749 -72.31 82.05 -24.18
N MET G 750 -72.60 83.36 -24.21
CA MET G 750 -73.71 83.96 -23.43
C MET G 750 -75.04 83.61 -24.13
N LEU G 751 -75.11 83.71 -25.46
CA LEU G 751 -76.30 83.27 -26.22
C LEU G 751 -76.62 81.81 -25.85
N GLN G 752 -75.62 80.92 -25.78
CA GLN G 752 -75.82 79.48 -25.49
C GLN G 752 -76.27 79.27 -24.04
N MET G 753 -75.73 80.03 -23.09
CA MET G 753 -75.81 79.66 -21.66
C MET G 753 -76.76 80.58 -20.87
N TYR G 754 -77.11 81.76 -21.38
CA TYR G 754 -77.92 82.79 -20.63
C TYR G 754 -79.11 82.12 -19.97
N SER G 755 -79.90 81.36 -20.72
CA SER G 755 -81.13 80.69 -20.22
C SER G 755 -80.78 79.83 -19.00
N LYS G 756 -79.73 79.01 -19.11
CA LYS G 756 -79.32 78.06 -18.04
C LYS G 756 -78.82 78.83 -16.81
N ILE G 757 -78.19 79.99 -17.02
CA ILE G 757 -77.63 80.83 -15.92
C ILE G 757 -78.81 81.38 -15.12
N ARG G 758 -79.83 81.87 -15.81
CA ARG G 758 -81.00 82.57 -15.20
C ARG G 758 -81.94 81.55 -14.54
N ARG G 759 -81.72 80.25 -14.69
CA ARG G 759 -82.47 79.22 -13.94
C ARG G 759 -81.97 79.21 -12.50
N HIS G 760 -80.94 79.98 -12.15
CA HIS G 760 -80.35 80.02 -10.79
C HIS G 760 -80.36 81.44 -10.24
N PRO G 761 -81.38 81.81 -9.45
CA PRO G 761 -81.54 83.19 -8.97
C PRO G 761 -80.30 83.77 -8.29
N ASN G 762 -79.46 82.93 -7.67
CA ASN G 762 -78.32 83.36 -6.83
C ASN G 762 -77.13 83.79 -7.71
N ILE G 763 -77.18 83.55 -9.02
CA ILE G 763 -76.10 84.00 -9.95
C ILE G 763 -76.40 85.45 -10.36
N MET G 764 -75.47 86.35 -10.06
CA MET G 764 -75.49 87.78 -10.48
C MET G 764 -74.57 87.87 -11.70
N LEU G 765 -75.15 88.02 -12.89
CA LEU G 765 -74.45 87.80 -14.17
C LEU G 765 -73.83 89.12 -14.63
N ILE G 766 -72.50 89.19 -14.66
CA ILE G 766 -71.75 90.43 -14.99
C ILE G 766 -71.01 90.24 -16.30
N PHE G 767 -71.03 91.24 -17.17
CA PHE G 767 -70.40 91.22 -18.51
C PHE G 767 -69.14 92.08 -18.46
N GLY G 768 -68.01 91.51 -18.87
CA GLY G 768 -66.70 92.18 -18.94
C GLY G 768 -66.07 92.00 -20.31
N SER G 769 -65.13 92.89 -20.64
CA SER G 769 -64.18 92.80 -21.79
C SER G 769 -64.65 93.73 -22.90
N GLY G 770 -63.80 94.67 -23.29
CA GLY G 770 -64.04 95.59 -24.42
C GLY G 770 -64.92 96.77 -24.05
N PHE G 771 -65.33 96.89 -22.79
CA PHE G 771 -66.25 97.96 -22.35
C PHE G 771 -65.45 99.16 -21.84
N GLY G 772 -65.99 100.35 -22.09
CA GLY G 772 -65.32 101.63 -21.81
C GLY G 772 -66.27 102.77 -21.43
N SER G 773 -67.55 102.69 -21.79
CA SER G 773 -68.49 103.84 -21.64
C SER G 773 -69.91 103.36 -21.33
N ALA G 774 -70.80 104.30 -21.06
CA ALA G 774 -72.25 104.08 -20.87
C ALA G 774 -72.87 103.63 -22.20
N ASP G 775 -72.37 104.16 -23.33
CA ASP G 775 -72.98 103.97 -24.67
C ASP G 775 -72.84 102.51 -25.14
N ASP G 776 -71.62 101.96 -25.12
CA ASP G 776 -71.28 100.62 -25.68
C ASP G 776 -71.84 99.53 -24.76
N THR G 777 -71.97 99.86 -23.48
CA THR G 777 -72.31 98.94 -22.37
C THR G 777 -73.83 98.85 -22.22
N TYR G 778 -74.56 99.90 -22.60
CA TYR G 778 -76.01 100.08 -22.33
C TYR G 778 -76.83 98.97 -22.98
N PRO G 779 -76.61 98.61 -24.27
CA PRO G 779 -77.43 97.59 -24.92
C PRO G 779 -77.36 96.24 -24.21
N TYR G 780 -76.38 96.02 -23.33
CA TYR G 780 -76.24 94.77 -22.54
C TYR G 780 -77.05 94.89 -21.25
N LEU G 781 -77.24 96.11 -20.75
CA LEU G 781 -78.05 96.39 -19.54
C LEU G 781 -79.54 96.26 -19.89
N THR G 782 -79.93 96.86 -21.01
CA THR G 782 -81.29 96.79 -21.64
C THR G 782 -81.62 95.34 -21.99
N GLY G 783 -80.63 94.61 -22.52
CA GLY G 783 -80.79 93.25 -23.07
C GLY G 783 -81.03 93.28 -24.57
N GLU G 784 -81.02 94.47 -25.19
CA GLU G 784 -81.34 94.64 -26.63
C GLU G 784 -80.18 94.08 -27.48
N TRP G 785 -79.03 93.81 -26.88
CA TRP G 785 -77.83 93.32 -27.59
C TRP G 785 -78.16 92.01 -28.32
N SER G 786 -78.87 91.09 -27.67
CA SER G 786 -79.14 89.72 -28.20
C SER G 786 -80.16 89.76 -29.34
N THR G 787 -80.89 90.87 -29.50
CA THR G 787 -81.79 91.16 -30.66
C THR G 787 -81.04 90.98 -31.98
N LYS G 788 -79.85 91.59 -32.10
CA LYS G 788 -79.01 91.52 -33.32
C LYS G 788 -78.90 90.07 -33.79
N PHE G 789 -78.91 89.08 -32.88
CA PHE G 789 -78.70 87.64 -33.20
C PHE G 789 -80.02 86.85 -33.24
N ASP G 790 -81.17 87.49 -33.40
CA ASP G 790 -82.53 86.87 -33.47
C ASP G 790 -82.80 85.99 -32.23
N TYR G 791 -82.26 86.40 -31.08
CA TYR G 791 -82.61 85.87 -29.74
C TYR G 791 -83.46 86.90 -29.02
N PRO G 792 -84.28 86.49 -28.02
CA PRO G 792 -85.01 87.45 -27.21
C PRO G 792 -84.03 88.33 -26.42
N PRO G 793 -84.48 89.49 -25.89
CA PRO G 793 -83.64 90.32 -25.05
C PRO G 793 -83.05 89.57 -23.85
N MET G 794 -81.79 89.85 -23.50
CA MET G 794 -81.02 89.15 -22.43
C MET G 794 -80.29 90.15 -21.54
N PRO G 795 -80.98 90.91 -20.66
CA PRO G 795 -80.32 91.94 -19.86
C PRO G 795 -79.34 91.36 -18.82
N PHE G 796 -78.26 92.09 -18.56
CA PHE G 796 -77.16 91.74 -17.62
C PHE G 796 -77.25 92.59 -16.37
N ASP G 797 -76.71 92.08 -15.26
CA ASP G 797 -76.88 92.66 -13.91
C ASP G 797 -75.76 93.66 -13.61
N GLY G 798 -74.70 93.69 -14.40
CA GLY G 798 -73.51 94.49 -14.05
C GLY G 798 -72.45 94.47 -15.13
N PHE G 799 -71.35 95.17 -14.90
CA PHE G 799 -70.23 95.30 -15.87
C PHE G 799 -68.91 95.51 -15.14
N LEU G 800 -67.82 95.07 -15.77
CA LEU G 800 -66.46 95.33 -15.26
C LEU G 800 -65.60 95.96 -16.37
N PHE G 801 -64.79 96.92 -15.95
CA PHE G 801 -63.91 97.73 -16.83
C PHE G 801 -62.48 97.52 -16.35
N GLY G 802 -61.70 96.77 -17.12
CA GLY G 802 -60.29 96.50 -16.80
C GLY G 802 -59.41 97.55 -17.45
N SER G 803 -59.20 97.36 -18.74
CA SER G 803 -58.33 98.20 -19.60
C SER G 803 -58.75 99.67 -19.49
N ARG G 804 -60.06 99.98 -19.53
CA ARG G 804 -60.59 101.38 -19.58
C ARG G 804 -60.00 102.25 -18.46
N VAL G 805 -59.72 101.62 -17.33
CA VAL G 805 -59.40 102.30 -16.04
C VAL G 805 -57.88 102.54 -15.89
N MET G 806 -57.07 102.02 -16.79
CA MET G 806 -55.59 101.91 -16.62
C MET G 806 -54.90 103.26 -16.78
N ILE G 807 -55.62 104.30 -17.18
CA ILE G 807 -55.01 105.66 -17.33
C ILE G 807 -55.69 106.64 -16.37
N ALA G 808 -56.53 106.14 -15.46
CA ALA G 808 -57.07 106.92 -14.32
C ALA G 808 -55.94 107.69 -13.62
N LYS G 809 -56.26 108.80 -12.98
CA LYS G 809 -55.24 109.61 -12.25
C LYS G 809 -54.58 108.74 -11.20
N GLU G 810 -55.36 107.98 -10.44
CA GLU G 810 -54.88 107.40 -9.16
C GLU G 810 -54.35 105.96 -9.36
N VAL G 811 -54.36 105.39 -10.58
CA VAL G 811 -53.53 104.16 -10.88
C VAL G 811 -52.06 104.56 -10.96
N LYS G 812 -51.17 103.60 -10.72
CA LYS G 812 -49.71 103.83 -10.60
C LYS G 812 -49.03 103.70 -11.96
N THR G 813 -49.80 103.42 -13.01
CA THR G 813 -49.28 103.32 -14.40
C THR G 813 -48.40 104.54 -14.63
N SER G 814 -47.15 104.35 -15.06
CA SER G 814 -46.16 105.44 -15.24
C SER G 814 -46.67 106.44 -16.28
N PRO G 815 -46.37 107.75 -16.10
CA PRO G 815 -46.79 108.78 -17.05
C PRO G 815 -46.65 108.42 -18.53
N ASP G 816 -45.48 107.90 -18.93
CA ASP G 816 -45.22 107.52 -20.34
C ASP G 816 -46.03 106.27 -20.73
N ALA G 817 -46.32 105.41 -19.76
CA ALA G 817 -47.12 104.18 -19.98
C ALA G 817 -48.56 104.57 -20.29
N LYS G 818 -49.10 105.57 -19.58
CA LYS G 818 -50.47 106.10 -19.80
C LYS G 818 -50.56 106.68 -21.20
N LYS G 819 -49.54 107.45 -21.60
CA LYS G 819 -49.42 108.06 -22.96
C LYS G 819 -49.51 106.96 -24.01
N CYS G 820 -48.78 105.86 -23.79
CA CYS G 820 -48.65 104.69 -24.71
C CYS G 820 -49.99 103.95 -24.81
N ILE G 821 -50.67 103.74 -23.68
CA ILE G 821 -52.01 103.11 -23.59
C ILE G 821 -53.01 103.97 -24.34
N ALA G 822 -52.96 105.27 -24.11
CA ALA G 822 -53.89 106.27 -24.67
C ALA G 822 -53.80 106.23 -26.20
N ALA G 823 -52.59 106.25 -26.74
CA ALA G 823 -52.31 106.32 -28.19
C ALA G 823 -52.79 105.05 -28.90
N CYS G 824 -53.09 103.98 -28.17
CA CYS G 824 -53.66 102.74 -28.77
C CYS G 824 -55.06 103.07 -29.28
N THR G 825 -55.19 103.14 -30.60
CA THR G 825 -56.50 103.33 -31.28
C THR G 825 -57.44 102.18 -30.98
N GLY G 826 -57.02 100.95 -30.68
CA GLY G 826 -58.01 99.92 -30.38
C GLY G 826 -58.80 99.57 -31.62
N VAL G 827 -59.58 98.50 -31.61
CA VAL G 827 -60.24 97.96 -32.82
C VAL G 827 -61.65 97.49 -32.43
N PRO G 828 -62.64 97.49 -33.35
CA PRO G 828 -63.96 96.92 -33.08
C PRO G 828 -63.93 95.40 -32.81
N ASP G 829 -64.95 94.84 -32.16
CA ASP G 829 -65.02 93.41 -31.77
C ASP G 829 -64.81 92.51 -33.01
N ASP G 830 -65.25 92.91 -34.19
CA ASP G 830 -65.18 92.06 -35.42
C ASP G 830 -63.73 91.89 -35.90
N LYS G 831 -62.75 92.62 -35.35
CA LYS G 831 -61.34 92.57 -35.83
C LYS G 831 -60.38 92.15 -34.70
N TRP G 832 -60.88 91.84 -33.50
CA TRP G 832 -60.02 91.71 -32.30
C TRP G 832 -59.03 90.55 -32.46
N GLU G 833 -59.43 89.49 -33.17
CA GLU G 833 -58.65 88.21 -33.25
C GLU G 833 -57.39 88.39 -34.08
N GLN G 834 -57.25 89.50 -34.80
CA GLN G 834 -56.03 89.78 -35.61
C GLN G 834 -54.83 89.99 -34.68
N THR G 835 -55.04 90.15 -33.37
CA THR G 835 -53.94 90.30 -32.37
C THR G 835 -53.05 89.05 -32.40
N TYR G 836 -53.59 87.88 -32.74
CA TYR G 836 -52.84 86.60 -32.81
C TYR G 836 -51.73 86.74 -33.85
N LYS G 837 -51.96 87.41 -34.98
CA LYS G 837 -50.99 87.50 -36.10
C LYS G 837 -50.11 88.74 -35.95
N LYS G 838 -50.69 89.93 -35.84
CA LYS G 838 -49.95 91.22 -35.97
C LYS G 838 -50.51 92.25 -35.00
N PRO G 839 -49.82 93.40 -34.80
CA PRO G 839 -50.36 94.50 -34.00
C PRO G 839 -51.70 94.96 -34.57
N THR G 840 -52.71 95.04 -33.71
CA THR G 840 -54.12 95.33 -34.06
C THR G 840 -54.64 96.34 -33.05
N GLY G 841 -54.89 97.57 -33.47
CA GLY G 841 -55.20 98.68 -32.55
C GLY G 841 -54.03 99.01 -31.64
N GLY G 842 -52.82 98.58 -32.01
CA GLY G 842 -51.59 98.73 -31.20
C GLY G 842 -51.50 97.70 -30.10
N ILE G 843 -52.22 96.58 -30.22
CA ILE G 843 -52.20 95.42 -29.27
C ILE G 843 -51.85 94.14 -30.05
N VAL G 844 -51.02 93.27 -29.47
CA VAL G 844 -50.75 91.88 -29.95
C VAL G 844 -51.07 90.94 -28.80
N THR G 845 -51.33 89.67 -29.13
CA THR G 845 -51.31 88.57 -28.14
C THR G 845 -49.97 87.86 -28.30
N VAL G 846 -49.59 87.10 -27.27
CA VAL G 846 -48.19 86.76 -26.91
C VAL G 846 -48.24 85.71 -25.78
N ARG G 847 -47.35 84.72 -25.77
CA ARG G 847 -47.47 83.59 -24.82
C ARG G 847 -46.70 83.90 -23.52
N SER G 848 -47.30 83.60 -22.36
CA SER G 848 -46.64 83.62 -21.01
C SER G 848 -45.60 82.49 -20.94
N GLU G 849 -44.80 82.42 -19.88
CA GLU G 849 -43.75 81.35 -19.71
C GLU G 849 -44.44 79.99 -19.68
N MET G 850 -45.71 79.93 -19.25
CA MET G 850 -46.55 78.70 -19.18
C MET G 850 -47.34 78.49 -20.48
N GLY G 851 -47.35 79.45 -21.41
CA GLY G 851 -47.91 79.29 -22.77
C GLY G 851 -49.33 79.79 -22.92
N GLU G 852 -49.95 80.35 -21.87
CA GLU G 852 -51.29 81.01 -21.91
C GLU G 852 -51.16 82.29 -22.73
N PRO G 853 -52.17 82.71 -23.54
CA PRO G 853 -52.08 83.93 -24.33
C PRO G 853 -52.33 85.17 -23.46
N ILE G 854 -51.67 86.28 -23.80
CA ILE G 854 -51.75 87.58 -23.08
C ILE G 854 -51.89 88.70 -24.11
N HIS G 855 -52.90 89.57 -23.94
CA HIS G 855 -53.06 90.81 -24.72
C HIS G 855 -52.17 91.88 -24.09
N LYS G 856 -51.11 92.27 -24.79
CA LYS G 856 -50.16 93.32 -24.38
C LYS G 856 -50.10 94.37 -25.48
N ILE G 857 -49.72 95.60 -25.12
CA ILE G 857 -49.45 96.67 -26.10
C ILE G 857 -48.19 96.28 -26.87
N ALA G 858 -48.24 96.45 -28.19
CA ALA G 858 -47.21 96.01 -29.16
C ALA G 858 -45.99 96.94 -29.12
N THR G 859 -45.42 97.17 -27.94
CA THR G 859 -44.13 97.88 -27.73
C THR G 859 -43.02 97.10 -28.43
N ARG G 860 -41.85 97.71 -28.64
CA ARG G 860 -40.66 97.03 -29.23
C ARG G 860 -40.35 95.76 -28.42
N GLY G 861 -40.34 95.86 -27.10
CA GLY G 861 -40.06 94.76 -26.17
C GLY G 861 -41.02 93.61 -26.36
N VAL G 862 -42.32 93.89 -26.47
CA VAL G 862 -43.38 92.84 -26.62
C VAL G 862 -43.26 92.22 -28.03
N MET G 863 -42.87 93.00 -29.03
CA MET G 863 -42.70 92.49 -30.41
C MET G 863 -41.47 91.58 -30.48
N LEU G 864 -40.43 91.86 -29.68
CA LEU G 864 -39.26 90.94 -29.54
C LEU G 864 -39.74 89.66 -28.86
N TRP G 865 -40.43 89.79 -27.73
CA TRP G 865 -41.09 88.68 -27.00
C TRP G 865 -41.88 87.82 -27.99
N LYS G 866 -42.62 88.44 -28.89
CA LYS G 866 -43.45 87.73 -29.90
C LYS G 866 -42.52 86.94 -30.83
N GLU G 867 -41.53 87.61 -31.42
CA GLU G 867 -40.53 86.99 -32.34
C GLU G 867 -39.94 85.76 -31.64
N PHE G 868 -39.50 85.89 -30.39
CA PHE G 868 -38.86 84.81 -29.59
C PHE G 868 -39.85 83.68 -29.31
N ASP G 869 -41.14 83.98 -29.16
CA ASP G 869 -42.21 82.95 -29.04
C ASP G 869 -42.22 82.10 -30.32
N GLU G 870 -42.12 82.75 -31.49
CA GLU G 870 -42.30 82.14 -32.83
C GLU G 870 -41.00 81.48 -33.33
N THR G 871 -39.87 81.69 -32.65
CA THR G 871 -38.50 81.55 -33.19
C THR G 871 -37.60 80.68 -32.30
N ILE G 872 -37.80 80.70 -30.97
CA ILE G 872 -36.85 80.14 -29.97
C ILE G 872 -37.61 79.26 -28.96
N PHE G 873 -38.63 79.83 -28.32
CA PHE G 873 -39.34 79.21 -27.17
C PHE G 873 -40.24 78.07 -27.66
N ASN G 874 -40.47 77.98 -28.97
CA ASN G 874 -41.30 76.92 -29.62
C ASN G 874 -40.41 75.75 -30.08
N LEU G 875 -39.08 75.93 -30.14
CA LEU G 875 -38.15 74.90 -30.67
C LEU G 875 -38.11 73.72 -29.72
N PRO G 876 -37.94 72.48 -30.24
CA PRO G 876 -37.73 71.32 -29.36
C PRO G 876 -36.40 71.47 -28.59
N LYS G 877 -36.42 71.15 -27.29
CA LYS G 877 -35.29 71.25 -26.30
C LYS G 877 -33.93 70.96 -26.94
N ASN G 878 -33.85 69.95 -27.83
CA ASN G 878 -32.57 69.52 -28.46
C ASN G 878 -32.08 70.59 -29.45
N LYS G 879 -32.96 71.48 -29.94
CA LYS G 879 -32.58 72.58 -30.88
C LYS G 879 -32.47 73.94 -30.18
N LEU G 880 -32.79 74.03 -28.89
CA LEU G 880 -32.83 75.33 -28.15
C LEU G 880 -31.42 75.92 -28.12
N VAL G 881 -30.49 75.20 -27.48
CA VAL G 881 -29.14 75.75 -27.14
C VAL G 881 -28.39 76.07 -28.42
N PRO G 882 -28.36 75.17 -29.44
CA PRO G 882 -27.76 75.49 -30.73
C PRO G 882 -28.25 76.79 -31.40
N THR G 883 -29.56 77.08 -31.37
CA THR G 883 -30.15 78.32 -31.95
C THR G 883 -29.69 79.52 -31.14
N LEU G 884 -29.64 79.40 -29.81
CA LEU G 884 -29.17 80.47 -28.91
C LEU G 884 -27.73 80.84 -29.28
N GLU G 885 -26.87 79.83 -29.53
CA GLU G 885 -25.42 80.04 -29.84
C GLU G 885 -25.28 80.66 -31.22
N ALA G 886 -26.10 80.22 -32.18
CA ALA G 886 -26.10 80.70 -33.58
C ALA G 886 -26.54 82.16 -33.65
N LYS G 887 -27.58 82.54 -32.91
CA LYS G 887 -28.17 83.91 -32.94
C LYS G 887 -27.68 84.75 -31.76
N ARG G 888 -26.64 84.28 -31.06
CA ARG G 888 -26.12 84.88 -29.80
C ARG G 888 -25.99 86.39 -29.96
N ASP G 889 -25.26 86.86 -30.97
CA ASP G 889 -24.93 88.30 -31.13
C ASP G 889 -26.21 89.08 -31.44
N TYR G 890 -27.12 88.51 -32.24
CA TYR G 890 -28.42 89.13 -32.62
C TYR G 890 -29.32 89.25 -31.39
N ILE G 891 -29.46 88.18 -30.61
CA ILE G 891 -30.29 88.13 -29.37
C ILE G 891 -29.81 89.23 -28.40
N ILE G 892 -28.51 89.25 -28.10
CA ILE G 892 -27.88 90.28 -27.22
C ILE G 892 -28.22 91.66 -27.78
N SER G 893 -28.09 91.86 -29.09
CA SER G 893 -28.31 93.15 -29.77
C SER G 893 -29.72 93.66 -29.48
N ARG G 894 -30.71 92.75 -29.53
CA ARG G 894 -32.16 93.07 -29.46
C ARG G 894 -32.57 93.26 -28.00
N LEU G 895 -32.12 92.39 -27.10
CA LEU G 895 -32.28 92.60 -25.65
C LEU G 895 -31.83 94.03 -25.32
N ASN G 896 -30.65 94.43 -25.77
CA ASN G 896 -30.04 95.73 -25.39
C ASN G 896 -30.86 96.88 -25.99
N ALA G 897 -31.24 96.76 -27.26
CA ALA G 897 -31.99 97.80 -28.00
C ALA G 897 -33.43 97.93 -27.47
N ASP G 898 -34.14 96.82 -27.23
CA ASP G 898 -35.61 96.77 -27.30
C ASP G 898 -36.30 96.19 -26.05
N PHE G 899 -35.61 95.60 -25.07
CA PHE G 899 -36.31 94.82 -24.02
C PHE G 899 -36.03 95.40 -22.63
N GLN G 900 -36.92 95.09 -21.68
CA GLN G 900 -36.95 95.67 -20.31
C GLN G 900 -35.93 94.94 -19.43
N LYS G 901 -35.44 93.79 -19.89
CA LYS G 901 -34.28 93.06 -19.30
C LYS G 901 -33.15 93.09 -20.33
N PRO G 902 -32.18 94.01 -20.20
CA PRO G 902 -31.09 94.09 -21.17
C PRO G 902 -30.15 92.89 -20.95
N TRP G 903 -29.19 92.71 -21.86
CA TRP G 903 -28.07 91.75 -21.68
C TRP G 903 -27.17 92.30 -20.58
N PHE G 904 -26.99 91.60 -19.47
CA PHE G 904 -26.24 92.14 -18.31
C PHE G 904 -24.84 92.54 -18.76
N ALA G 905 -24.17 91.61 -19.44
CA ALA G 905 -22.73 91.70 -19.74
C ALA G 905 -22.52 92.57 -20.97
N THR G 906 -22.87 93.85 -20.87
CA THR G 906 -22.56 94.84 -21.91
C THR G 906 -22.04 96.09 -21.22
N VAL G 907 -20.81 96.47 -21.59
CA VAL G 907 -20.00 97.52 -20.93
C VAL G 907 -19.79 98.64 -21.94
N ASN G 908 -20.29 99.85 -21.62
CA ASN G 908 -20.18 101.03 -22.50
C ASN G 908 -20.69 100.66 -23.90
N GLY G 909 -21.84 100.01 -23.92
CA GLY G 909 -22.58 99.66 -25.15
C GLY G 909 -21.88 98.60 -25.98
N GLN G 910 -20.88 97.91 -25.43
CA GLN G 910 -20.14 96.83 -26.15
C GLN G 910 -20.51 95.50 -25.51
N ALA G 911 -20.99 94.53 -26.30
CA ALA G 911 -21.42 93.20 -25.83
C ALA G 911 -20.22 92.44 -25.27
N ARG G 912 -20.41 91.75 -24.15
CA ARG G 912 -19.38 90.88 -23.51
C ARG G 912 -20.08 89.62 -23.04
N ASP G 913 -19.42 88.84 -22.17
CA ASP G 913 -20.04 87.80 -21.33
C ASP G 913 -19.50 88.07 -19.91
N LEU G 914 -20.19 87.60 -18.89
CA LEU G 914 -19.67 87.52 -17.50
C LEU G 914 -18.17 87.17 -17.52
N ALA G 915 -17.74 86.21 -18.35
CA ALA G 915 -16.38 85.66 -18.33
C ALA G 915 -15.34 86.65 -18.86
N THR G 916 -15.77 87.72 -19.55
CA THR G 916 -14.90 88.71 -20.25
C THR G 916 -15.19 90.13 -19.74
N MET G 917 -15.74 90.23 -18.53
CA MET G 917 -15.91 91.49 -17.75
C MET G 917 -15.01 91.44 -16.53
N THR G 918 -14.43 92.56 -16.13
CA THR G 918 -13.63 92.65 -14.89
C THR G 918 -14.56 92.73 -13.69
N TYR G 919 -14.04 92.43 -12.51
CA TYR G 919 -14.80 92.51 -11.24
C TYR G 919 -15.38 93.92 -11.17
N GLU G 920 -14.59 94.94 -11.51
CA GLU G 920 -15.03 96.36 -11.46
C GLU G 920 -16.17 96.56 -12.45
N GLU G 921 -16.04 96.12 -13.69
CA GLU G 921 -17.05 96.33 -14.75
C GLU G 921 -18.40 95.76 -14.29
N VAL G 922 -18.38 94.62 -13.60
CA VAL G 922 -19.58 93.90 -13.09
C VAL G 922 -20.21 94.75 -11.98
N ALA G 923 -19.45 95.11 -10.95
CA ALA G 923 -19.92 95.93 -9.82
C ALA G 923 -20.60 97.20 -10.37
N LYS G 924 -19.99 97.83 -11.36
CA LYS G 924 -20.49 99.12 -11.91
C LYS G 924 -21.77 98.88 -12.69
N ARG G 925 -21.83 97.76 -13.43
CA ARG G 925 -23.01 97.38 -14.24
C ARG G 925 -24.19 97.05 -13.33
N LEU G 926 -23.95 96.45 -12.17
CA LEU G 926 -25.02 96.14 -11.18
C LEU G 926 -25.64 97.45 -10.71
N VAL G 927 -24.80 98.44 -10.42
CA VAL G 927 -25.25 99.78 -9.95
C VAL G 927 -25.99 100.46 -11.10
N GLU G 928 -25.49 100.32 -12.32
CA GLU G 928 -26.08 100.96 -13.51
C GLU G 928 -27.54 100.51 -13.67
N LEU G 929 -27.85 99.25 -13.38
CA LEU G 929 -29.15 98.64 -13.73
C LEU G 929 -30.08 98.57 -12.52
N MET G 930 -29.56 98.61 -11.30
CA MET G 930 -30.32 98.29 -10.07
C MET G 930 -30.47 99.53 -9.18
N PHE G 931 -29.56 100.50 -9.27
CA PHE G 931 -29.60 101.73 -8.43
C PHE G 931 -30.18 102.85 -9.28
N ILE G 932 -31.31 103.40 -8.84
CA ILE G 932 -32.06 104.46 -9.57
C ILE G 932 -31.51 105.82 -9.14
N ARG G 933 -30.80 106.50 -10.04
CA ARG G 933 -30.20 107.84 -9.77
C ARG G 933 -31.31 108.82 -9.43
N SER G 934 -32.36 108.87 -10.26
CA SER G 934 -33.49 109.82 -10.20
C SER G 934 -34.14 109.82 -8.80
N THR G 935 -34.22 108.68 -8.12
CA THR G 935 -34.82 108.54 -6.76
C THR G 935 -33.75 108.37 -5.68
N ASN G 936 -32.48 108.35 -6.10
CA ASN G 936 -31.28 108.19 -5.24
C ASN G 936 -31.45 107.01 -4.28
N SER G 937 -31.85 105.85 -4.77
CA SER G 937 -32.10 104.65 -3.94
C SER G 937 -31.97 103.38 -4.78
N TRP G 938 -31.74 102.26 -4.12
CA TRP G 938 -31.80 100.93 -4.78
C TRP G 938 -33.25 100.60 -5.04
N PHE G 939 -33.61 100.27 -6.28
CA PHE G 939 -35.02 100.05 -6.65
C PHE G 939 -35.64 99.00 -5.73
N ASP G 940 -34.87 98.01 -5.28
CA ASP G 940 -35.32 97.00 -4.28
C ASP G 940 -34.13 96.68 -3.37
N VAL G 941 -34.35 96.52 -2.06
CA VAL G 941 -33.25 96.27 -1.09
C VAL G 941 -32.50 94.98 -1.44
N THR G 942 -33.17 93.98 -2.00
CA THR G 942 -32.52 92.68 -2.33
C THR G 942 -31.49 92.88 -3.44
N TRP G 943 -31.70 93.85 -4.34
CA TRP G 943 -30.70 94.18 -5.39
C TRP G 943 -29.49 94.80 -4.73
N ARG G 944 -29.66 95.50 -3.61
CA ARG G 944 -28.51 96.08 -2.88
C ARG G 944 -27.75 94.94 -2.23
N THR G 945 -28.46 94.02 -1.56
CA THR G 945 -27.88 92.81 -0.92
C THR G 945 -27.04 92.05 -1.94
N PHE G 946 -27.57 91.86 -3.16
CA PHE G 946 -26.88 91.22 -4.29
C PHE G 946 -25.50 91.87 -4.46
N THR G 947 -25.46 93.18 -4.75
CA THR G 947 -24.19 93.83 -5.17
C THR G 947 -23.33 93.98 -3.93
N GLY G 948 -23.93 94.02 -2.75
CA GLY G 948 -23.17 93.95 -1.50
C GLY G 948 -22.41 92.64 -1.43
N ASP G 949 -23.13 91.52 -1.51
CA ASP G 949 -22.56 90.15 -1.48
C ASP G 949 -21.48 90.06 -2.57
N PHE G 950 -21.71 90.65 -3.75
CA PHE G 950 -20.74 90.57 -4.86
C PHE G 950 -19.44 91.29 -4.49
N LEU G 951 -19.53 92.46 -3.87
CA LEU G 951 -18.33 93.23 -3.45
C LEU G 951 -17.57 92.45 -2.38
N ARG G 952 -18.28 91.81 -1.46
CA ARG G 952 -17.65 90.96 -0.41
C ARG G 952 -16.87 89.83 -1.09
N ARG G 953 -17.35 89.29 -2.22
CA ARG G 953 -16.64 88.24 -3.00
C ARG G 953 -15.32 88.79 -3.52
N VAL G 954 -15.35 90.04 -3.99
CA VAL G 954 -14.18 90.72 -4.56
C VAL G 954 -13.13 90.75 -3.45
N GLU G 955 -13.52 91.12 -2.25
CA GLU G 955 -12.58 91.21 -1.10
C GLU G 955 -12.01 89.81 -0.85
N GLU G 956 -12.88 88.81 -0.80
CA GLU G 956 -12.49 87.41 -0.54
C GLU G 956 -11.45 86.97 -1.58
N ARG G 957 -11.69 87.27 -2.86
CA ARG G 957 -10.85 86.72 -3.96
C ARG G 957 -9.48 87.39 -3.96
N PHE G 958 -9.45 88.70 -3.69
CA PHE G 958 -8.26 89.56 -3.93
C PHE G 958 -7.49 89.84 -2.64
N THR G 959 -8.07 89.65 -1.46
CA THR G 959 -7.29 89.70 -0.20
C THR G 959 -6.33 88.51 -0.19
N LYS G 960 -5.13 88.71 0.36
CA LYS G 960 -4.09 87.68 0.48
C LYS G 960 -4.15 87.06 1.87
N SER G 961 -4.89 87.67 2.79
CA SER G 961 -5.12 87.12 4.15
C SER G 961 -6.36 87.71 4.80
N LYS G 962 -6.83 87.10 5.87
CA LYS G 962 -8.07 87.45 6.58
C LYS G 962 -7.97 88.91 7.01
N THR G 963 -8.96 89.75 6.68
CA THR G 963 -9.14 91.14 7.17
C THR G 963 -10.64 91.41 7.30
N LEU G 964 -10.96 92.59 7.82
CA LEU G 964 -12.36 93.02 8.03
C LEU G 964 -12.80 93.67 6.73
N SER G 965 -14.06 93.46 6.37
CA SER G 965 -14.70 93.97 5.14
C SER G 965 -14.72 95.48 5.16
N LEU G 966 -14.50 96.10 4.00
CA LEU G 966 -14.66 97.56 3.81
C LEU G 966 -16.15 97.91 3.68
N ILE G 967 -17.02 96.92 3.57
CA ILE G 967 -18.50 97.11 3.56
C ILE G 967 -19.05 96.42 4.80
N GLN G 968 -18.92 97.07 5.97
CA GLN G 968 -19.36 96.46 7.25
C GLN G 968 -20.89 96.35 7.24
N SER G 969 -21.56 97.26 6.53
CA SER G 969 -23.03 97.32 6.42
C SER G 969 -23.42 97.74 5.00
N TYR G 970 -24.31 97.00 4.38
CA TYR G 970 -24.76 97.25 2.98
C TYR G 970 -25.42 98.63 2.87
N SER G 971 -25.69 99.31 3.99
CA SER G 971 -26.05 100.74 4.06
C SER G 971 -25.09 101.54 3.20
N LEU G 972 -23.80 101.25 3.31
CA LEU G 972 -22.73 102.05 2.64
C LEU G 972 -23.00 102.13 1.14
N LEU G 973 -23.67 101.13 0.58
CA LEU G 973 -24.03 101.04 -0.87
C LEU G 973 -25.04 102.15 -1.25
N ASP G 974 -25.69 102.81 -0.28
CA ASP G 974 -26.70 103.88 -0.55
C ASP G 974 -26.01 105.09 -1.19
N LYS G 975 -24.68 105.22 -1.06
CA LYS G 975 -23.79 106.01 -1.97
C LYS G 975 -22.92 105.04 -2.76
N PRO G 976 -23.44 104.43 -3.85
CA PRO G 976 -22.82 103.26 -4.45
C PRO G 976 -21.45 103.52 -5.09
N ASP G 977 -21.32 104.64 -5.80
CA ASP G 977 -20.08 105.02 -6.52
C ASP G 977 -18.89 104.98 -5.55
N GLU G 978 -19.13 105.40 -4.32
CA GLU G 978 -18.10 105.61 -3.27
C GLU G 978 -17.74 104.26 -2.66
N ALA G 979 -18.76 103.44 -2.39
CA ALA G 979 -18.61 102.04 -1.93
C ALA G 979 -17.70 101.27 -2.90
N ILE G 980 -17.99 101.36 -4.20
CA ILE G 980 -17.18 100.70 -5.26
C ILE G 980 -15.74 101.20 -5.17
N GLU G 981 -15.54 102.52 -5.20
CA GLU G 981 -14.19 103.12 -5.15
C GLU G 981 -13.43 102.63 -3.92
N LYS G 982 -14.11 102.47 -2.79
CA LYS G 982 -13.47 102.08 -1.51
C LYS G 982 -12.85 100.69 -1.67
N VAL G 983 -13.64 99.76 -2.21
CA VAL G 983 -13.32 98.31 -2.33
C VAL G 983 -12.21 98.13 -3.37
N PHE G 984 -12.38 98.69 -4.56
CA PHE G 984 -11.44 98.53 -5.70
C PHE G 984 -10.16 99.36 -5.47
N ASN G 985 -10.19 100.40 -4.62
CA ASN G 985 -8.96 101.11 -4.18
C ASN G 985 -8.13 100.16 -3.31
N ALA G 986 -8.75 99.33 -2.50
CA ALA G 986 -8.06 98.36 -1.63
C ALA G 986 -7.62 97.13 -2.43
N TYR G 987 -8.32 96.79 -3.52
CA TYR G 987 -8.08 95.58 -4.34
C TYR G 987 -8.01 95.97 -5.80
N PRO G 988 -7.07 96.85 -6.17
CA PRO G 988 -7.03 97.42 -7.52
C PRO G 988 -6.74 96.35 -8.59
N ALA G 989 -6.15 95.23 -8.18
CA ALA G 989 -5.94 94.06 -9.05
C ALA G 989 -7.26 93.68 -9.75
N ALA G 990 -8.37 93.85 -9.05
CA ALA G 990 -9.72 93.43 -9.49
C ALA G 990 -10.25 94.36 -10.56
N ARG G 991 -9.62 95.50 -10.80
CA ARG G 991 -10.00 96.42 -11.91
C ARG G 991 -9.53 95.80 -13.23
N GLU G 992 -8.50 94.94 -13.17
CA GLU G 992 -7.73 94.50 -14.37
C GLU G 992 -7.93 93.01 -14.63
N GLN G 993 -8.72 92.27 -13.86
CA GLN G 993 -8.86 90.81 -14.03
C GLN G 993 -10.30 90.44 -14.34
N PHE G 994 -10.53 89.64 -15.39
CA PHE G 994 -11.84 89.05 -15.69
C PHE G 994 -12.27 88.21 -14.49
N LEU G 995 -13.57 87.97 -14.37
CA LEU G 995 -14.15 87.11 -13.33
C LEU G 995 -13.45 85.74 -13.37
N ASN G 996 -12.92 85.31 -12.23
CA ASN G 996 -12.52 83.91 -11.97
C ASN G 996 -13.72 83.02 -12.32
N ALA G 997 -13.50 81.90 -12.99
CA ALA G 997 -14.59 81.03 -13.51
C ALA G 997 -15.52 80.60 -12.36
N GLN G 998 -15.01 80.46 -11.15
CA GLN G 998 -15.80 80.06 -9.96
C GLN G 998 -16.78 81.18 -9.59
N ASP G 999 -16.38 82.44 -9.80
CA ASP G 999 -17.17 83.62 -9.39
C ASP G 999 -18.23 83.90 -10.46
N ILE G 1000 -18.06 83.38 -11.67
CA ILE G 1000 -19.12 83.43 -12.71
C ILE G 1000 -20.25 82.56 -12.20
N ASP G 1001 -19.94 81.34 -11.78
CA ASP G 1001 -20.95 80.37 -11.30
C ASP G 1001 -21.63 80.94 -10.05
N HIS G 1002 -20.88 81.62 -9.18
CA HIS G 1002 -21.44 82.23 -7.95
C HIS G 1002 -22.39 83.38 -8.33
N PHE G 1003 -22.00 84.21 -9.28
CA PHE G 1003 -22.85 85.32 -9.78
C PHE G 1003 -24.14 84.73 -10.35
N LEU G 1004 -24.05 83.68 -11.14
CA LEU G 1004 -25.23 83.10 -11.82
C LEU G 1004 -26.11 82.41 -10.78
N SER G 1005 -25.50 81.97 -9.68
CA SER G 1005 -26.21 81.29 -8.58
C SER G 1005 -26.99 82.34 -7.78
N MET G 1006 -26.36 83.47 -7.46
CA MET G 1006 -27.01 84.61 -6.77
C MET G 1006 -28.22 85.08 -7.59
N CYS G 1007 -28.16 84.96 -8.92
CA CYS G 1007 -29.25 85.33 -9.85
C CYS G 1007 -30.43 84.36 -9.73
N GLN G 1008 -30.25 83.17 -9.17
CA GLN G 1008 -31.33 82.15 -9.01
C GLN G 1008 -31.91 82.25 -7.61
N ASN G 1009 -31.31 83.06 -6.72
CA ASN G 1009 -31.76 83.24 -5.32
C ASN G 1009 -33.24 83.57 -5.28
N PRO G 1010 -34.07 82.68 -4.67
CA PRO G 1010 -35.53 82.88 -4.68
C PRO G 1010 -36.01 83.86 -3.60
N MET G 1011 -35.16 84.29 -2.67
CA MET G 1011 -35.51 85.23 -1.58
C MET G 1011 -35.13 86.65 -2.01
N GLN G 1012 -35.19 86.95 -3.31
CA GLN G 1012 -34.72 88.25 -3.85
C GLN G 1012 -35.52 88.58 -5.11
N LYS G 1013 -35.73 89.86 -5.39
CA LYS G 1013 -36.50 90.29 -6.58
C LYS G 1013 -35.73 89.83 -7.80
N PRO G 1014 -36.36 89.08 -8.72
CA PRO G 1014 -35.73 88.70 -9.98
C PRO G 1014 -34.90 89.85 -10.55
N VAL G 1015 -33.65 89.52 -10.78
CA VAL G 1015 -32.57 90.37 -11.36
C VAL G 1015 -33.09 91.00 -12.65
N PRO G 1016 -32.91 92.32 -12.86
CA PRO G 1016 -33.49 93.02 -14.00
C PRO G 1016 -32.63 93.02 -15.27
N PHE G 1017 -32.21 91.83 -15.69
CA PHE G 1017 -31.31 91.61 -16.84
C PHE G 1017 -31.19 90.12 -17.17
N VAL G 1018 -30.65 89.81 -18.33
CA VAL G 1018 -30.33 88.42 -18.76
C VAL G 1018 -28.83 88.23 -18.58
N PRO G 1019 -28.41 87.41 -17.61
CA PRO G 1019 -26.97 87.22 -17.34
C PRO G 1019 -26.29 86.15 -18.21
N VAL G 1020 -27.07 85.26 -18.85
CA VAL G 1020 -26.53 84.15 -19.68
C VAL G 1020 -27.60 83.60 -20.64
N LEU G 1021 -27.17 83.22 -21.85
CA LEU G 1021 -28.01 82.44 -22.81
C LEU G 1021 -27.79 80.94 -22.58
N ASP G 1022 -28.79 80.23 -22.07
CA ASP G 1022 -28.71 78.78 -21.82
C ASP G 1022 -30.14 78.23 -21.92
N ARG G 1023 -30.34 76.99 -21.52
CA ARG G 1023 -31.63 76.25 -21.65
C ARG G 1023 -32.76 77.06 -20.98
N ARG G 1024 -32.47 77.79 -19.89
CA ARG G 1024 -33.51 78.47 -19.09
C ARG G 1024 -33.65 79.94 -19.55
N PHE G 1025 -33.31 80.26 -20.80
CA PHE G 1025 -33.40 81.64 -21.36
C PHE G 1025 -34.83 82.16 -21.25
N GLU G 1026 -35.83 81.30 -21.45
CA GLU G 1026 -37.25 81.75 -21.47
C GLU G 1026 -37.62 82.25 -20.08
N ILE G 1027 -37.20 81.58 -19.01
CA ILE G 1027 -37.52 82.01 -17.61
C ILE G 1027 -36.80 83.34 -17.36
N PHE G 1028 -35.54 83.48 -17.77
CA PHE G 1028 -34.76 84.72 -17.54
C PHE G 1028 -35.45 85.91 -18.24
N PHE G 1029 -36.07 85.64 -19.38
CA PHE G 1029 -36.66 86.65 -20.31
C PHE G 1029 -38.02 87.10 -19.81
N LYS G 1030 -38.84 86.14 -19.34
CA LYS G 1030 -40.28 86.33 -19.07
C LYS G 1030 -40.56 86.55 -17.57
N LYS G 1031 -39.72 86.04 -16.66
CA LYS G 1031 -39.90 86.11 -15.19
C LYS G 1031 -40.12 87.57 -14.78
N ASP G 1032 -41.13 87.83 -13.95
CA ASP G 1032 -41.35 89.13 -13.25
C ASP G 1032 -41.29 90.27 -14.26
N SER G 1033 -42.29 90.41 -15.11
CA SER G 1033 -42.28 91.39 -16.24
C SER G 1033 -43.54 92.25 -16.26
N LEU G 1034 -44.24 92.39 -15.14
CA LEU G 1034 -45.54 93.14 -15.07
C LEU G 1034 -45.35 94.53 -14.42
N TRP G 1035 -44.36 94.66 -13.53
CA TRP G 1035 -44.11 95.83 -12.63
C TRP G 1035 -43.49 97.00 -13.37
N GLN G 1036 -42.85 96.78 -14.53
CA GLN G 1036 -41.99 97.82 -15.19
C GLN G 1036 -42.87 98.98 -15.68
N SER G 1037 -44.09 98.69 -16.15
CA SER G 1037 -45.06 99.69 -16.67
C SER G 1037 -45.40 100.72 -15.59
N GLU G 1038 -45.30 100.38 -14.31
CA GLU G 1038 -45.61 101.30 -13.17
C GLU G 1038 -44.32 101.89 -12.58
N HIS G 1039 -43.14 101.50 -13.07
CA HIS G 1039 -41.84 101.94 -12.50
C HIS G 1039 -40.82 102.16 -13.60
N LEU G 1040 -41.20 102.90 -14.65
CA LEU G 1040 -40.33 103.28 -15.78
C LEU G 1040 -39.06 103.96 -15.27
N GLU G 1041 -39.08 104.54 -14.07
CA GLU G 1041 -37.91 105.26 -13.50
C GLU G 1041 -36.73 104.30 -13.39
N ALA G 1042 -37.00 102.98 -13.34
CA ALA G 1042 -36.04 101.88 -13.12
C ALA G 1042 -35.89 101.02 -14.37
N VAL G 1043 -36.31 101.49 -15.53
CA VAL G 1043 -36.19 100.78 -16.83
C VAL G 1043 -35.12 101.51 -17.64
N VAL G 1044 -34.49 100.85 -18.62
CA VAL G 1044 -33.18 101.29 -19.16
C VAL G 1044 -33.23 102.74 -19.68
N ASP G 1045 -34.17 103.19 -20.48
CA ASP G 1045 -34.12 104.65 -20.79
C ASP G 1045 -35.41 105.28 -20.27
N GLN G 1046 -35.92 104.78 -19.16
CA GLN G 1046 -37.33 105.05 -18.74
C GLN G 1046 -38.20 104.88 -19.99
N ASP G 1047 -37.91 103.85 -20.78
CA ASP G 1047 -38.43 103.65 -22.16
C ASP G 1047 -39.61 102.66 -22.13
N VAL G 1048 -40.84 103.19 -22.08
CA VAL G 1048 -42.11 102.43 -22.25
C VAL G 1048 -41.92 101.29 -23.25
N GLN G 1049 -41.33 101.60 -24.40
CA GLN G 1049 -41.22 100.73 -25.59
C GLN G 1049 -40.55 99.39 -25.24
N ARG G 1050 -39.89 99.28 -24.08
CA ARG G 1050 -39.18 98.06 -23.61
C ARG G 1050 -40.14 97.14 -22.84
N THR G 1051 -41.31 97.63 -22.42
CA THR G 1051 -42.06 97.05 -21.27
C THR G 1051 -43.33 96.33 -21.70
N CYS G 1052 -43.83 95.48 -20.81
CA CYS G 1052 -45.17 94.84 -20.88
C CYS G 1052 -46.21 95.70 -20.17
N ILE G 1053 -47.12 96.23 -20.99
CA ILE G 1053 -48.42 96.83 -20.54
C ILE G 1053 -49.53 95.92 -21.05
N LEU G 1054 -50.37 95.39 -20.14
CA LEU G 1054 -51.49 94.50 -20.49
C LEU G 1054 -52.71 95.36 -20.84
N HIS G 1055 -53.38 95.12 -21.98
CA HIS G 1055 -54.48 95.99 -22.48
C HIS G 1055 -55.27 95.24 -23.55
N GLY G 1056 -56.61 95.33 -23.46
CA GLY G 1056 -57.53 94.71 -24.44
C GLY G 1056 -57.61 95.55 -25.72
N PRO G 1057 -57.66 94.92 -26.91
CA PRO G 1057 -57.73 95.66 -28.16
C PRO G 1057 -59.09 96.37 -28.38
N VAL G 1058 -60.16 95.92 -27.72
CA VAL G 1058 -61.51 96.46 -27.95
C VAL G 1058 -61.79 97.56 -26.92
N ALA G 1059 -61.33 97.41 -25.68
CA ALA G 1059 -61.52 98.45 -24.64
C ALA G 1059 -60.64 99.66 -24.95
N ALA G 1060 -59.60 99.47 -25.77
CA ALA G 1060 -58.61 100.52 -26.07
C ALA G 1060 -59.25 101.67 -26.87
N GLN G 1061 -60.35 101.39 -27.59
CA GLN G 1061 -60.99 102.39 -28.49
C GLN G 1061 -61.71 103.43 -27.61
N PHE G 1062 -61.99 103.10 -26.34
CA PHE G 1062 -62.67 104.00 -25.38
C PHE G 1062 -61.69 104.58 -24.33
N THR G 1063 -60.39 104.29 -24.44
CA THR G 1063 -59.37 104.73 -23.45
C THR G 1063 -58.48 105.80 -24.09
N LYS G 1064 -58.76 107.09 -23.80
CA LYS G 1064 -58.12 108.25 -24.48
C LYS G 1064 -57.67 109.31 -23.47
N VAL G 1065 -58.54 109.70 -22.54
CA VAL G 1065 -58.29 110.87 -21.66
C VAL G 1065 -57.42 110.43 -20.48
N ILE G 1066 -56.13 110.79 -20.52
CA ILE G 1066 -55.12 110.48 -19.46
C ILE G 1066 -55.50 111.20 -18.16
N ASP G 1067 -55.23 110.56 -17.03
CA ASP G 1067 -55.28 111.15 -15.66
C ASP G 1067 -56.68 111.68 -15.34
N GLU G 1068 -57.71 111.13 -15.96
CA GLU G 1068 -59.13 111.33 -15.59
C GLU G 1068 -59.35 110.67 -14.23
N PRO G 1069 -59.84 111.36 -13.19
CA PRO G 1069 -60.04 110.74 -11.88
C PRO G 1069 -60.97 109.53 -11.97
N ILE G 1070 -60.71 108.49 -11.18
CA ILE G 1070 -61.43 107.19 -11.30
C ILE G 1070 -62.92 107.48 -11.07
N LYS G 1071 -63.23 108.38 -10.14
CA LYS G 1071 -64.63 108.73 -9.81
C LYS G 1071 -65.34 109.24 -11.06
N SER G 1072 -64.66 110.05 -11.85
CA SER G 1072 -65.20 110.64 -13.10
C SER G 1072 -65.48 109.53 -14.11
N ILE G 1073 -64.56 108.59 -14.33
CA ILE G 1073 -64.71 107.49 -15.33
C ILE G 1073 -65.98 106.69 -14.99
N MET G 1074 -66.04 106.21 -13.75
CA MET G 1074 -67.10 105.31 -13.25
C MET G 1074 -68.44 106.05 -13.19
N ASP G 1075 -68.49 107.24 -12.59
CA ASP G 1075 -69.72 108.08 -12.52
C ASP G 1075 -70.16 108.41 -13.96
N GLY G 1076 -69.20 108.65 -14.86
CA GLY G 1076 -69.45 108.79 -16.30
C GLY G 1076 -70.38 107.70 -16.80
N ILE G 1077 -70.02 106.45 -16.55
CA ILE G 1077 -70.75 105.25 -17.03
C ILE G 1077 -72.10 105.15 -16.32
N HIS G 1078 -72.15 105.31 -14.99
CA HIS G 1078 -73.40 105.20 -14.19
C HIS G 1078 -74.38 106.30 -14.59
N ASP G 1079 -73.92 107.55 -14.59
CA ASP G 1079 -74.73 108.76 -14.93
C ASP G 1079 -75.28 108.57 -16.34
N GLY G 1080 -74.46 108.11 -17.28
CA GLY G 1080 -74.88 107.81 -18.66
C GLY G 1080 -76.06 106.84 -18.73
N HIS G 1081 -76.06 105.81 -17.88
CA HIS G 1081 -77.13 104.78 -17.82
C HIS G 1081 -78.41 105.41 -17.28
N ILE G 1082 -78.30 106.15 -16.18
CA ILE G 1082 -79.42 106.89 -15.55
C ILE G 1082 -80.08 107.77 -16.61
N LYS G 1083 -79.29 108.63 -17.27
CA LYS G 1083 -79.76 109.54 -18.34
C LYS G 1083 -80.60 108.74 -19.35
N LYS G 1084 -80.06 107.64 -19.89
CA LYS G 1084 -80.72 106.84 -20.95
C LYS G 1084 -81.98 106.15 -20.41
N LEU G 1085 -81.90 105.58 -19.20
CA LEU G 1085 -83.01 104.86 -18.52
C LEU G 1085 -84.15 105.83 -18.23
N LEU G 1086 -83.81 107.03 -17.75
CA LEU G 1086 -84.77 108.09 -17.39
C LEU G 1086 -85.60 108.41 -18.62
N HIS G 1087 -84.93 108.80 -19.71
CA HIS G 1087 -85.54 109.12 -21.03
C HIS G 1087 -86.36 107.93 -21.52
N GLN G 1088 -85.76 106.74 -21.60
CA GLN G 1088 -86.35 105.57 -22.31
C GLN G 1088 -87.54 104.99 -21.55
N TYR G 1089 -87.61 105.10 -20.22
CA TYR G 1089 -88.60 104.35 -19.39
C TYR G 1089 -89.28 105.20 -18.31
N TYR G 1090 -88.88 106.45 -18.07
CA TYR G 1090 -89.38 107.28 -16.93
C TYR G 1090 -89.84 108.67 -17.42
N GLY G 1091 -90.04 108.85 -18.73
CA GLY G 1091 -90.33 110.14 -19.40
C GLY G 1091 -89.52 111.30 -18.80
N ASP G 1092 -88.20 111.26 -18.94
CA ASP G 1092 -87.23 112.26 -18.41
C ASP G 1092 -87.71 112.90 -17.10
N ASP G 1093 -88.34 112.14 -16.19
CA ASP G 1093 -89.02 112.70 -14.98
C ASP G 1093 -88.51 112.03 -13.71
N GLU G 1094 -87.59 112.68 -12.99
CA GLU G 1094 -86.98 112.16 -11.73
C GLU G 1094 -88.04 111.90 -10.64
N SER G 1095 -89.20 112.53 -10.72
CA SER G 1095 -90.27 112.37 -9.70
C SER G 1095 -90.90 110.98 -9.85
N LYS G 1096 -90.76 110.35 -11.02
CA LYS G 1096 -91.34 109.00 -11.33
C LYS G 1096 -90.46 107.88 -10.75
N ILE G 1097 -89.24 108.18 -10.29
CA ILE G 1097 -88.28 107.18 -9.74
C ILE G 1097 -88.72 106.81 -8.34
N PRO G 1098 -89.03 105.54 -8.04
CA PRO G 1098 -89.40 105.11 -6.70
C PRO G 1098 -88.28 105.39 -5.70
N ALA G 1099 -88.60 105.52 -4.42
CA ALA G 1099 -87.64 105.88 -3.35
C ALA G 1099 -87.74 104.87 -2.20
N VAL G 1100 -86.63 104.67 -1.51
CA VAL G 1100 -86.49 103.76 -0.33
C VAL G 1100 -85.47 104.40 0.62
N GLU G 1101 -85.71 104.31 1.93
CA GLU G 1101 -84.88 105.00 2.94
C GLU G 1101 -83.40 104.70 2.59
N TYR G 1102 -83.03 103.42 2.50
CA TYR G 1102 -81.67 102.97 2.10
C TYR G 1102 -81.79 101.95 0.97
N PHE G 1103 -80.77 101.90 0.10
CA PHE G 1103 -80.73 100.99 -1.08
C PHE G 1103 -79.57 100.01 -0.95
N GLY G 1104 -79.90 98.71 -0.82
CA GLY G 1104 -78.91 97.62 -0.76
C GLY G 1104 -79.26 96.58 0.29
N GLY G 1105 -78.42 95.55 0.40
CA GLY G 1105 -78.57 94.46 1.38
C GLY G 1105 -79.59 93.43 0.94
N GLU G 1106 -79.89 93.35 -0.36
CA GLU G 1106 -80.93 92.45 -0.90
C GLU G 1106 -80.29 91.20 -1.53
N SER G 1107 -80.43 90.06 -0.87
CA SER G 1107 -80.03 88.73 -1.40
C SER G 1107 -80.71 88.55 -2.75
N PRO G 1108 -79.99 88.09 -3.79
CA PRO G 1108 -80.63 87.93 -5.10
C PRO G 1108 -81.66 86.80 -5.16
N VAL G 1109 -81.99 86.13 -4.04
CA VAL G 1109 -82.88 84.93 -4.07
C VAL G 1109 -84.34 85.26 -3.67
N ASP G 1110 -84.61 86.30 -2.89
CA ASP G 1110 -85.85 86.45 -2.05
C ASP G 1110 -87.14 86.26 -2.87
N SER G 1121 -98.35 95.78 6.49
CA SER G 1121 -98.24 95.19 7.86
C SER G 1121 -99.39 95.69 8.74
N GLU G 1122 -99.21 95.55 10.07
CA GLU G 1122 -100.11 96.03 11.19
C GLU G 1122 -99.33 96.96 12.14
N ASP G 1123 -99.98 98.01 12.67
CA ASP G 1123 -99.34 99.10 13.48
C ASP G 1123 -99.06 98.61 14.91
N SER G 1124 -99.83 97.64 15.42
CA SER G 1124 -99.66 97.10 16.79
C SER G 1124 -99.80 95.58 16.79
N ALA G 1125 -98.73 94.86 17.16
CA ALA G 1125 -98.65 93.39 17.08
C ALA G 1125 -97.83 92.83 18.25
N VAL G 1126 -98.15 91.60 18.64
CA VAL G 1126 -97.41 90.77 19.63
C VAL G 1126 -96.98 89.49 18.91
N PHE G 1127 -95.74 89.05 19.10
CA PHE G 1127 -95.19 87.79 18.52
C PHE G 1127 -94.64 86.92 19.66
N LYS G 1128 -95.12 85.68 19.73
CA LYS G 1128 -94.73 84.68 20.76
C LYS G 1128 -93.87 83.61 20.11
N ALA G 1129 -92.67 83.38 20.61
CA ALA G 1129 -91.72 82.39 20.05
C ALA G 1129 -91.96 81.04 20.70
N THR G 1130 -92.36 80.04 19.90
CA THR G 1130 -92.39 78.60 20.29
C THR G 1130 -91.00 78.02 19.96
N SER G 1131 -90.77 76.71 20.18
CA SER G 1131 -89.50 76.02 19.84
C SER G 1131 -89.50 75.62 18.36
N SER G 1132 -90.63 75.80 17.67
CA SER G 1132 -90.81 75.48 16.23
C SER G 1132 -90.68 76.75 15.36
N THR G 1133 -90.83 77.97 15.92
CA THR G 1133 -90.85 79.25 15.14
C THR G 1133 -89.63 79.33 14.21
N ASP G 1134 -89.87 79.47 12.91
CA ASP G 1134 -88.82 79.59 11.86
C ASP G 1134 -88.15 80.96 12.00
N GLU G 1135 -86.81 80.99 12.13
CA GLU G 1135 -86.01 82.23 12.30
C GLU G 1135 -86.36 83.24 11.20
N GLU G 1136 -86.37 82.79 9.95
CA GLU G 1136 -86.48 83.68 8.77
C GLU G 1136 -87.83 84.42 8.83
N SER G 1137 -88.92 83.69 9.08
CA SER G 1137 -90.30 84.27 9.24
C SER G 1137 -90.32 85.27 10.41
N TRP G 1138 -89.67 84.89 11.52
CA TRP G 1138 -89.65 85.65 12.80
C TRP G 1138 -89.00 87.02 12.56
N PHE G 1139 -87.80 87.05 11.98
CA PHE G 1139 -87.04 88.30 11.72
C PHE G 1139 -87.78 89.14 10.67
N LYS G 1140 -88.31 88.50 9.61
CA LYS G 1140 -89.12 89.18 8.55
C LYS G 1140 -90.28 89.92 9.23
N ALA G 1141 -90.90 89.29 10.24
CA ALA G 1141 -92.04 89.85 11.00
C ALA G 1141 -91.58 91.07 11.82
N LEU G 1142 -90.55 90.91 12.66
CA LEU G 1142 -90.02 91.99 13.52
C LEU G 1142 -89.52 93.16 12.67
N ALA G 1143 -89.07 92.89 11.44
CA ALA G 1143 -88.48 93.90 10.53
C ALA G 1143 -89.59 94.86 10.04
N GLY G 1144 -90.71 94.30 9.61
CA GLY G 1144 -91.77 95.05 8.91
C GLY G 1144 -91.42 95.19 7.45
N SER G 1145 -92.42 95.47 6.61
CA SER G 1145 -92.30 95.57 5.14
C SER G 1145 -91.59 96.87 4.77
N GLU G 1146 -91.92 97.99 5.41
CA GLU G 1146 -91.36 99.32 5.07
C GLU G 1146 -89.86 99.31 5.39
N ILE G 1147 -89.05 99.82 4.46
CA ILE G 1147 -87.56 99.87 4.56
C ILE G 1147 -87.20 101.10 5.41
N ASN G 1148 -86.76 100.87 6.65
CA ASN G 1148 -86.42 101.91 7.66
C ASN G 1148 -85.37 101.35 8.62
N TRP G 1149 -85.04 102.08 9.68
CA TRP G 1149 -84.08 101.62 10.73
C TRP G 1149 -84.49 100.25 11.28
N ARG G 1150 -85.78 99.94 11.32
CA ARG G 1150 -86.28 98.68 11.94
C ARG G 1150 -86.01 97.51 10.98
N HIS G 1151 -86.26 97.71 9.69
CA HIS G 1151 -86.03 96.71 8.62
C HIS G 1151 -84.55 96.29 8.69
N ALA G 1152 -83.64 97.25 8.72
CA ALA G 1152 -82.18 97.03 8.82
C ALA G 1152 -81.86 96.28 10.12
N SER G 1153 -82.39 96.75 11.24
CA SER G 1153 -82.06 96.22 12.59
C SER G 1153 -82.25 94.71 12.63
N PHE G 1154 -83.27 94.18 11.94
CA PHE G 1154 -83.68 92.77 12.06
C PHE G 1154 -83.25 91.93 10.86
N LEU G 1155 -82.81 92.51 9.74
CA LEU G 1155 -82.48 91.74 8.50
C LEU G 1155 -81.00 91.90 8.13
N CYS G 1156 -80.46 93.11 8.18
CA CYS G 1156 -79.02 93.39 8.01
C CYS G 1156 -78.19 92.38 8.83
N SER G 1157 -77.33 91.58 8.20
CA SER G 1157 -76.66 90.40 8.82
C SER G 1157 -75.54 90.83 9.76
N PHE G 1158 -74.88 91.94 9.44
CA PHE G 1158 -73.67 92.48 10.13
C PHE G 1158 -73.95 93.93 10.54
N ILE G 1159 -73.13 94.47 11.44
CA ILE G 1159 -73.03 95.92 11.72
C ILE G 1159 -71.54 96.31 11.72
N THR G 1160 -71.29 97.59 11.49
CA THR G 1160 -69.94 98.22 11.54
C THR G 1160 -69.62 98.49 13.00
N GLN G 1161 -68.42 98.15 13.47
CA GLN G 1161 -67.79 98.74 14.68
C GLN G 1161 -66.50 99.41 14.22
N ASP G 1162 -66.61 100.54 13.52
CA ASP G 1162 -65.45 101.41 13.23
C ASP G 1162 -64.55 100.67 12.23
N LYS G 1163 -64.99 100.50 10.97
CA LYS G 1163 -64.21 99.85 9.87
C LYS G 1163 -64.35 98.33 9.90
N MET G 1164 -64.37 97.70 11.08
CA MET G 1164 -64.56 96.23 11.25
C MET G 1164 -66.05 95.87 11.22
N PHE G 1165 -66.38 94.69 10.67
CA PHE G 1165 -67.76 94.17 10.52
C PHE G 1165 -67.99 93.01 11.50
N VAL G 1166 -68.88 93.18 12.46
CA VAL G 1166 -69.26 92.13 13.45
C VAL G 1166 -70.65 91.62 13.10
N SER G 1167 -70.99 90.42 13.55
CA SER G 1167 -72.36 89.85 13.56
C SER G 1167 -73.31 90.89 14.15
N ASN G 1168 -74.47 91.10 13.52
CA ASN G 1168 -75.56 92.00 13.97
C ASN G 1168 -76.01 91.56 15.36
N PRO G 1169 -75.79 92.38 16.41
CA PRO G 1169 -76.09 91.98 17.78
C PRO G 1169 -77.59 92.05 18.09
N ILE G 1170 -78.34 92.82 17.31
CA ILE G 1170 -79.82 92.93 17.47
C ILE G 1170 -80.41 91.56 17.13
N ARG G 1171 -80.07 91.01 15.98
CA ARG G 1171 -80.53 89.66 15.54
C ARG G 1171 -80.11 88.61 16.59
N LYS G 1172 -78.89 88.72 17.11
CA LYS G 1172 -78.36 87.76 18.11
C LYS G 1172 -79.30 87.77 19.32
N VAL G 1173 -79.58 88.94 19.87
CA VAL G 1173 -80.37 89.12 21.12
C VAL G 1173 -81.83 88.72 20.88
N PHE G 1174 -82.33 88.86 19.66
CA PHE G 1174 -83.74 88.58 19.30
C PHE G 1174 -83.88 87.21 18.63
N LYS G 1175 -82.82 86.39 18.62
CA LYS G 1175 -82.90 84.98 18.09
C LYS G 1175 -83.99 84.26 18.87
N PRO G 1176 -85.03 83.72 18.19
CA PRO G 1176 -86.21 83.22 18.87
C PRO G 1176 -85.98 81.90 19.64
N SER G 1177 -86.67 81.74 20.77
CA SER G 1177 -86.66 80.53 21.63
C SER G 1177 -87.81 80.62 22.63
N GLN G 1178 -88.26 79.46 23.12
CA GLN G 1178 -89.41 79.31 24.05
C GLN G 1178 -89.35 80.41 25.13
N GLY G 1179 -90.46 81.11 25.37
CA GLY G 1179 -90.62 82.10 26.45
C GLY G 1179 -90.63 83.54 25.96
N MET G 1180 -89.87 83.82 24.91
CA MET G 1180 -89.69 85.20 24.35
C MET G 1180 -91.02 85.70 23.80
N VAL G 1181 -91.35 86.97 24.10
CA VAL G 1181 -92.53 87.71 23.60
C VAL G 1181 -92.07 89.09 23.16
N VAL G 1182 -92.25 89.41 21.89
CA VAL G 1182 -91.91 90.73 21.29
C VAL G 1182 -93.21 91.48 21.02
N GLU G 1183 -93.29 92.73 21.46
CA GLU G 1183 -94.45 93.62 21.23
C GLU G 1183 -93.98 94.85 20.46
N ILE G 1184 -94.53 95.05 19.26
CA ILE G 1184 -94.30 96.27 18.42
C ILE G 1184 -95.46 97.24 18.63
N SER G 1185 -95.17 98.43 19.16
CA SER G 1185 -96.10 99.58 19.25
C SER G 1185 -95.65 100.63 18.23
N ASN G 1186 -96.59 101.17 17.47
CA ASN G 1186 -96.39 102.25 16.46
C ASN G 1186 -95.60 101.67 15.27
N GLY G 1187 -96.02 100.49 14.80
CA GLY G 1187 -95.45 99.81 13.63
C GLY G 1187 -95.40 100.70 12.40
N ASN G 1188 -96.49 101.43 12.12
CA ASN G 1188 -96.73 102.06 10.80
C ASN G 1188 -96.14 103.48 10.74
N THR G 1189 -95.44 103.94 11.77
CA THR G 1189 -94.73 105.26 11.76
C THR G 1189 -93.35 105.06 12.44
N SER G 1190 -92.28 104.93 11.64
CA SER G 1190 -90.96 104.40 12.06
C SER G 1190 -90.29 105.35 13.06
N SER G 1191 -90.50 106.66 12.91
CA SER G 1191 -89.95 107.72 13.79
C SER G 1191 -90.29 107.41 15.27
N LYS G 1192 -91.45 106.80 15.52
CA LYS G 1192 -92.00 106.52 16.88
C LYS G 1192 -91.97 105.03 17.26
N THR G 1193 -91.78 104.11 16.30
CA THR G 1193 -91.86 102.64 16.52
C THR G 1193 -91.01 102.26 17.74
N VAL G 1194 -91.52 101.34 18.56
CA VAL G 1194 -90.83 100.74 19.73
C VAL G 1194 -91.12 99.24 19.74
N VAL G 1195 -90.08 98.42 19.65
CA VAL G 1195 -90.19 96.93 19.80
C VAL G 1195 -89.58 96.54 21.14
N THR G 1196 -90.37 95.80 21.94
CA THR G 1196 -90.12 95.47 23.37
C THR G 1196 -90.12 93.94 23.53
N LEU G 1197 -88.97 93.38 23.92
CA LEU G 1197 -88.77 91.93 24.17
C LEU G 1197 -89.03 91.69 25.66
N SER G 1198 -89.93 90.77 25.98
CA SER G 1198 -90.23 90.33 27.36
C SER G 1198 -89.97 88.82 27.47
N GLU G 1199 -89.31 88.39 28.54
CA GLU G 1199 -88.98 86.97 28.83
C GLU G 1199 -89.36 86.64 30.26
N PRO G 1200 -89.55 85.34 30.59
CA PRO G 1200 -89.68 84.90 31.98
C PRO G 1200 -88.47 85.30 32.84
N VAL G 1201 -88.71 85.96 33.97
CA VAL G 1201 -87.66 86.36 34.96
C VAL G 1201 -88.16 85.99 36.36
N GLN G 1202 -87.71 84.85 36.88
CA GLN G 1202 -88.15 84.28 38.18
C GLN G 1202 -89.68 84.17 38.14
N GLY G 1203 -90.21 83.39 37.19
CA GLY G 1203 -91.65 83.06 37.10
C GLY G 1203 -92.45 84.11 36.33
N GLU G 1204 -92.39 85.38 36.75
CA GLU G 1204 -93.17 86.50 36.16
C GLU G 1204 -92.41 87.08 34.94
N LEU G 1205 -93.15 87.31 33.85
CA LEU G 1205 -92.63 87.75 32.52
C LEU G 1205 -92.36 89.25 32.55
N LYS G 1206 -91.16 89.69 32.18
CA LYS G 1206 -90.69 91.09 32.32
C LYS G 1206 -89.94 91.55 31.06
N PRO G 1207 -89.82 92.88 30.85
CA PRO G 1207 -89.09 93.40 29.70
C PRO G 1207 -87.57 93.26 29.89
N THR G 1208 -86.88 92.75 28.86
CA THR G 1208 -85.42 92.50 28.85
C THR G 1208 -84.72 93.40 27.83
N VAL G 1209 -85.42 93.82 26.77
CA VAL G 1209 -84.83 94.61 25.64
C VAL G 1209 -85.88 95.61 25.12
N ILE G 1210 -85.48 96.87 24.95
CA ILE G 1210 -86.32 97.95 24.34
C ILE G 1210 -85.54 98.58 23.18
N LEU G 1211 -86.04 98.38 21.96
CA LEU G 1211 -85.43 98.84 20.69
C LEU G 1211 -86.24 100.02 20.17
N LYS G 1212 -85.59 101.15 19.83
CA LYS G 1212 -86.28 102.33 19.24
C LYS G 1212 -85.26 103.37 18.75
N LEU G 1213 -85.70 104.31 17.91
CA LEU G 1213 -84.97 105.56 17.60
C LEU G 1213 -84.86 106.41 18.87
N LEU G 1214 -83.75 107.10 19.07
CA LEU G 1214 -83.63 108.19 20.09
C LEU G 1214 -83.78 109.51 19.36
N LYS G 1215 -82.69 110.06 18.82
CA LYS G 1215 -82.65 111.14 17.80
C LYS G 1215 -82.97 110.46 16.47
N GLU G 1216 -83.03 111.21 15.35
CA GLU G 1216 -83.51 110.69 14.03
C GLU G 1216 -82.56 109.59 13.53
N ASN G 1217 -81.26 109.64 13.87
CA ASN G 1217 -80.31 108.69 13.24
C ASN G 1217 -79.49 107.96 14.30
N ILE G 1218 -80.12 107.65 15.44
CA ILE G 1218 -79.50 106.85 16.55
C ILE G 1218 -80.52 105.81 17.04
N ILE G 1219 -80.23 104.52 16.80
CA ILE G 1219 -81.00 103.37 17.32
C ILE G 1219 -80.50 103.08 18.73
N GLN G 1220 -81.39 102.78 19.66
CA GLN G 1220 -81.00 102.39 21.04
C GLN G 1220 -81.62 101.04 21.36
N MET G 1221 -80.76 100.07 21.63
CA MET G 1221 -81.14 98.76 22.23
C MET G 1221 -80.81 98.81 23.72
N GLU G 1222 -81.83 98.94 24.53
CA GLU G 1222 -81.74 99.02 26.01
C GLU G 1222 -81.75 97.58 26.52
N MET G 1223 -80.60 97.11 27.02
CA MET G 1223 -80.45 95.75 27.60
C MET G 1223 -80.70 95.84 29.10
N ILE G 1224 -81.66 95.06 29.61
CA ILE G 1224 -82.23 95.21 30.97
C ILE G 1224 -81.95 93.94 31.78
N GLU G 1225 -81.32 94.11 32.94
CA GLU G 1225 -81.19 93.03 33.96
C GLU G 1225 -82.19 93.36 35.06
N ASN G 1226 -83.19 92.50 35.27
CA ASN G 1226 -84.23 92.69 36.32
C ASN G 1226 -83.76 92.03 37.63
N ARG G 1227 -82.65 91.28 37.63
CA ARG G 1227 -82.01 90.70 38.84
C ARG G 1227 -80.86 91.61 39.27
N THR G 1228 -81.09 92.45 40.27
CA THR G 1228 -80.22 93.59 40.65
C THR G 1228 -80.06 93.63 42.17
N MET G 1229 -79.32 94.60 42.69
CA MET G 1229 -78.86 94.60 44.11
C MET G 1229 -79.99 95.04 45.04
N ASP G 1230 -80.96 95.82 44.54
CA ASP G 1230 -82.03 96.44 45.36
C ASP G 1230 -83.43 96.16 44.76
N GLY G 1231 -83.56 95.27 43.76
CA GLY G 1231 -84.84 94.98 43.10
C GLY G 1231 -85.13 95.90 41.92
N LYS G 1232 -84.60 97.13 41.94
CA LYS G 1232 -84.82 98.17 40.90
C LYS G 1232 -84.04 97.79 39.64
N PRO G 1233 -84.72 97.53 38.49
CA PRO G 1233 -84.04 97.10 37.26
C PRO G 1233 -82.93 98.04 36.80
N VAL G 1234 -81.97 97.50 36.05
CA VAL G 1234 -80.74 98.20 35.58
C VAL G 1234 -80.59 98.03 34.07
N SER G 1235 -80.10 99.08 33.41
CA SER G 1235 -80.15 99.28 31.94
C SER G 1235 -78.73 99.47 31.37
N LEU G 1236 -78.45 98.80 30.26
CA LEU G 1236 -77.27 99.05 29.39
C LEU G 1236 -77.78 99.64 28.09
N PRO G 1237 -77.60 100.97 27.88
CA PRO G 1237 -78.00 101.58 26.61
C PRO G 1237 -76.95 101.41 25.51
N LEU G 1238 -77.11 100.38 24.67
CA LEU G 1238 -76.30 100.18 23.45
C LEU G 1238 -76.83 101.13 22.39
N LEU G 1239 -75.96 101.88 21.72
CA LEU G 1239 -76.33 102.93 20.76
C LEU G 1239 -75.68 102.62 19.41
N TYR G 1240 -76.44 102.77 18.32
CA TYR G 1240 -76.03 102.46 16.94
C TYR G 1240 -76.46 103.63 16.04
N ASN G 1241 -75.54 104.19 15.26
CA ASN G 1241 -75.88 105.16 14.17
C ASN G 1241 -76.58 104.40 13.05
N PHE G 1242 -77.68 104.94 12.53
CA PHE G 1242 -78.38 104.43 11.34
C PHE G 1242 -78.15 105.42 10.21
N ASN G 1243 -77.35 105.04 9.22
CA ASN G 1243 -77.00 105.92 8.08
C ASN G 1243 -77.49 105.29 6.78
N PRO G 1244 -78.68 105.69 6.27
CA PRO G 1244 -79.25 105.06 5.07
C PRO G 1244 -78.54 105.38 3.75
N ASP G 1245 -77.55 106.30 3.79
CA ASP G 1245 -76.62 106.57 2.67
C ASP G 1245 -75.72 105.36 2.41
N ASN G 1246 -75.56 104.45 3.38
CA ASN G 1246 -74.79 103.20 3.20
C ASN G 1246 -75.74 101.99 3.24
N GLY G 1247 -76.34 101.65 2.09
CA GLY G 1247 -77.38 100.60 1.99
C GLY G 1247 -76.87 99.22 2.42
N PHE G 1248 -75.56 98.97 2.25
CA PHE G 1248 -75.00 97.63 2.48
C PHE G 1248 -74.81 97.40 3.98
N ALA G 1249 -74.31 98.42 4.68
CA ALA G 1249 -74.01 98.38 6.13
C ALA G 1249 -74.52 99.67 6.77
N PRO G 1250 -75.85 99.85 6.85
CA PRO G 1250 -76.45 101.09 7.36
C PRO G 1250 -76.31 101.27 8.87
N ILE G 1251 -76.28 100.17 9.65
CA ILE G 1251 -76.17 100.23 11.12
C ILE G 1251 -74.70 100.06 11.51
N SER G 1252 -74.22 100.95 12.40
CA SER G 1252 -72.83 101.03 12.91
C SER G 1252 -72.87 101.44 14.39
N GLU G 1253 -72.24 100.68 15.28
CA GLU G 1253 -72.28 100.89 16.75
C GLU G 1253 -71.53 102.18 17.10
N VAL G 1254 -72.15 103.03 17.91
CA VAL G 1254 -71.51 104.20 18.57
C VAL G 1254 -70.52 103.65 19.59
N MET G 1255 -69.22 103.75 19.28
CA MET G 1255 -68.13 103.10 20.03
C MET G 1255 -67.66 104.01 21.16
N GLU G 1256 -67.85 105.32 21.02
CA GLU G 1256 -67.37 106.38 21.96
C GLU G 1256 -68.07 106.17 23.32
N ASP G 1257 -67.27 106.02 24.39
CA ASP G 1257 -67.75 105.87 25.80
C ASP G 1257 -68.53 104.55 25.98
N ARG G 1258 -68.42 103.60 25.07
CA ARG G 1258 -69.14 102.30 25.12
C ARG G 1258 -68.68 101.48 26.33
N ASN G 1259 -67.36 101.37 26.52
CA ASN G 1259 -66.77 100.59 27.63
C ASN G 1259 -67.28 101.17 28.96
N GLN G 1260 -67.40 102.49 28.98
CA GLN G 1260 -67.80 103.31 30.16
C GLN G 1260 -69.28 103.00 30.49
N ARG G 1261 -70.16 102.98 29.48
CA ARG G 1261 -71.62 102.70 29.64
C ARG G 1261 -71.76 101.31 30.25
N ILE G 1262 -71.04 100.34 29.69
CA ILE G 1262 -71.04 98.92 30.17
C ILE G 1262 -70.59 98.88 31.63
N LYS G 1263 -69.45 99.50 31.95
CA LYS G 1263 -68.91 99.56 33.34
C LYS G 1263 -69.97 100.14 34.29
N GLU G 1264 -70.70 101.17 33.85
CA GLU G 1264 -71.70 101.84 34.70
C GLU G 1264 -72.75 100.82 35.15
N MET G 1265 -73.25 100.01 34.23
CA MET G 1265 -74.27 98.98 34.53
C MET G 1265 -73.69 97.96 35.50
N TYR G 1266 -72.54 97.38 35.17
CA TYR G 1266 -71.84 96.37 36.01
C TYR G 1266 -71.57 96.95 37.40
N TRP G 1267 -71.15 98.22 37.46
CA TRP G 1267 -70.85 98.89 38.76
C TRP G 1267 -72.11 98.90 39.63
N LYS G 1268 -73.27 99.23 39.07
CA LYS G 1268 -74.56 99.30 39.80
C LYS G 1268 -74.92 97.90 40.36
N LEU G 1269 -74.47 96.83 39.72
CA LEU G 1269 -74.80 95.42 40.10
C LEU G 1269 -73.86 94.90 41.19
N TRP G 1270 -72.57 95.25 41.11
CA TRP G 1270 -71.48 94.64 41.93
C TRP G 1270 -71.09 95.54 43.11
N ILE G 1271 -71.13 96.85 42.95
CA ILE G 1271 -70.50 97.84 43.88
C ILE G 1271 -71.58 98.73 44.50
N ASP G 1272 -71.72 98.72 45.82
CA ASP G 1272 -72.70 99.58 46.55
C ASP G 1272 -72.01 100.89 46.94
N GLU G 1273 -71.64 101.69 45.93
CA GLU G 1273 -70.90 102.96 46.09
C GLU G 1273 -71.15 103.85 44.89
N PRO G 1274 -70.90 105.18 45.00
CA PRO G 1274 -71.00 106.08 43.85
C PRO G 1274 -70.06 105.67 42.70
N PHE G 1275 -70.62 105.63 41.49
CA PHE G 1275 -69.93 105.24 40.23
C PHE G 1275 -68.83 106.26 39.92
N ASN G 1276 -67.57 105.89 40.14
CA ASN G 1276 -66.41 106.76 39.86
C ASN G 1276 -65.22 105.90 39.38
N LEU G 1277 -64.85 106.04 38.10
CA LEU G 1277 -63.78 105.26 37.44
C LEU G 1277 -62.44 105.99 37.51
N ASP G 1278 -62.38 107.15 38.18
CA ASP G 1278 -61.17 108.03 38.14
C ASP G 1278 -60.36 107.78 39.43
N PHE G 1279 -59.76 106.59 39.56
CA PHE G 1279 -58.84 106.22 40.65
C PHE G 1279 -57.66 105.44 40.07
N ASP G 1280 -56.57 105.33 40.83
CA ASP G 1280 -55.29 104.75 40.38
C ASP G 1280 -55.34 103.24 40.54
N PRO G 1281 -54.96 102.45 39.51
CA PRO G 1281 -54.78 101.01 39.68
C PRO G 1281 -53.77 100.69 40.79
N ARG G 1282 -52.70 101.49 40.86
CA ARG G 1282 -51.62 101.39 41.87
C ARG G 1282 -52.20 101.40 43.28
N ASP G 1283 -53.20 102.27 43.53
CA ASP G 1283 -53.81 102.47 44.87
C ASP G 1283 -54.37 101.15 45.39
N VAL G 1284 -54.32 100.96 46.72
CA VAL G 1284 -54.98 99.85 47.45
C VAL G 1284 -56.48 100.08 47.38
N ILE G 1285 -57.30 99.03 47.54
CA ILE G 1285 -58.79 99.14 47.60
C ILE G 1285 -59.25 98.53 48.92
N LYS G 1286 -59.97 99.31 49.74
CA LYS G 1286 -60.50 98.86 51.06
C LYS G 1286 -61.95 98.45 50.85
N GLY G 1287 -62.33 97.24 51.25
CA GLY G 1287 -63.72 96.75 51.19
C GLY G 1287 -64.38 96.88 52.55
N LYS G 1288 -65.69 97.04 52.56
CA LYS G 1288 -66.46 97.25 53.81
C LYS G 1288 -66.20 96.06 54.75
N ASP G 1289 -66.00 96.32 56.04
CA ASP G 1289 -66.04 95.29 57.11
C ASP G 1289 -67.26 94.40 56.85
N PHE G 1290 -67.14 93.12 57.17
CA PHE G 1290 -68.14 92.06 56.88
C PHE G 1290 -68.27 91.13 58.09
N GLU G 1291 -69.45 91.07 58.70
CA GLU G 1291 -69.73 90.14 59.83
C GLU G 1291 -70.26 88.82 59.27
N ILE G 1292 -69.48 87.75 59.42
CA ILE G 1292 -69.90 86.38 59.03
C ILE G 1292 -71.01 85.95 60.00
N THR G 1293 -72.13 85.41 59.49
CA THR G 1293 -73.29 85.00 60.32
C THR G 1293 -73.71 83.57 59.95
N ALA G 1294 -74.35 82.87 60.90
CA ALA G 1294 -74.90 81.51 60.72
C ALA G 1294 -75.62 81.45 59.37
N LYS G 1295 -76.60 82.34 59.16
CA LYS G 1295 -77.51 82.33 57.99
C LYS G 1295 -76.72 82.40 56.68
N GLU G 1296 -75.76 83.32 56.55
CA GLU G 1296 -74.98 83.55 55.30
C GLU G 1296 -74.21 82.27 54.96
N VAL G 1297 -73.58 81.67 55.96
CA VAL G 1297 -72.79 80.40 55.86
C VAL G 1297 -73.70 79.28 55.38
N TYR G 1298 -74.90 79.15 55.97
CA TYR G 1298 -75.90 78.12 55.62
C TYR G 1298 -76.30 78.29 54.14
N ASP G 1299 -76.65 79.52 53.73
CA ASP G 1299 -77.14 79.84 52.36
C ASP G 1299 -76.03 79.56 51.35
N PHE G 1300 -74.79 79.92 51.71
CA PHE G 1300 -73.59 79.74 50.85
C PHE G 1300 -73.29 78.25 50.68
N THR G 1301 -73.14 77.51 51.78
CA THR G 1301 -72.79 76.06 51.74
C THR G 1301 -73.86 75.30 50.95
N HIS G 1302 -75.13 75.72 51.03
CA HIS G 1302 -76.25 75.06 50.30
C HIS G 1302 -76.15 75.41 48.81
N ALA G 1303 -75.74 76.62 48.47
CA ALA G 1303 -75.61 77.12 47.07
C ALA G 1303 -74.47 76.37 46.34
N VAL G 1304 -73.37 76.06 47.02
CA VAL G 1304 -72.17 75.44 46.40
C VAL G 1304 -72.17 73.92 46.64
N GLY G 1305 -73.11 73.44 47.45
CA GLY G 1305 -73.27 72.00 47.73
C GLY G 1305 -72.13 71.45 48.58
N ASN G 1306 -71.77 72.14 49.65
CA ASN G 1306 -70.70 71.76 50.60
C ASN G 1306 -71.33 71.26 51.91
N ASN G 1307 -71.45 69.95 52.07
CA ASN G 1307 -72.09 69.30 53.25
C ASN G 1307 -71.07 69.02 54.36
N CYS G 1308 -69.91 69.66 54.37
CA CYS G 1308 -68.92 69.43 55.46
C CYS G 1308 -69.57 69.84 56.78
N GLU G 1309 -69.45 68.98 57.79
CA GLU G 1309 -70.09 69.16 59.12
C GLU G 1309 -69.50 70.40 59.82
N ASP G 1310 -68.25 70.75 59.54
CA ASP G 1310 -67.56 71.89 60.22
C ASP G 1310 -68.40 73.16 60.05
N PHE G 1311 -69.17 73.28 58.96
CA PHE G 1311 -69.94 74.49 58.56
C PHE G 1311 -71.42 74.40 58.94
N VAL G 1312 -71.79 73.47 59.81
CA VAL G 1312 -73.20 73.24 60.22
C VAL G 1312 -73.34 73.42 61.74
N SER G 1313 -74.40 74.12 62.15
CA SER G 1313 -74.74 74.47 63.55
C SER G 1313 -74.93 73.17 64.35
N ARG G 1314 -74.07 72.92 65.33
CA ARG G 1314 -74.09 71.70 66.17
C ARG G 1314 -73.89 72.08 67.64
N PRO G 1315 -74.66 71.48 68.57
CA PRO G 1315 -74.51 71.78 70.00
C PRO G 1315 -73.05 71.81 70.48
N ASP G 1316 -72.62 72.95 71.04
CA ASP G 1316 -71.33 73.12 71.77
C ASP G 1316 -70.14 72.84 70.83
N ARG G 1317 -70.05 73.62 69.77
CA ARG G 1317 -68.95 73.59 68.76
C ARG G 1317 -69.13 74.80 67.84
N THR G 1318 -68.19 75.73 67.81
CA THR G 1318 -68.33 77.01 67.06
C THR G 1318 -68.36 76.67 65.57
N MET G 1319 -69.36 77.22 64.88
CA MET G 1319 -69.63 76.96 63.44
C MET G 1319 -68.52 77.63 62.63
N LEU G 1320 -67.80 76.86 61.81
CA LEU G 1320 -66.75 77.40 60.92
C LEU G 1320 -67.44 77.96 59.67
N ALA G 1321 -66.67 78.66 58.83
CA ALA G 1321 -67.09 79.11 57.49
C ALA G 1321 -66.08 78.57 56.48
N PRO G 1322 -66.54 78.08 55.32
CA PRO G 1322 -65.63 77.51 54.34
C PRO G 1322 -64.61 78.55 53.87
N MET G 1323 -63.37 78.10 53.65
CA MET G 1323 -62.31 78.89 52.98
C MET G 1323 -62.95 79.74 51.87
N ASP G 1324 -63.80 79.12 51.04
CA ASP G 1324 -64.48 79.69 49.85
C ASP G 1324 -65.19 81.01 50.16
N PHE G 1325 -65.63 81.18 51.41
CA PHE G 1325 -66.43 82.34 51.86
C PHE G 1325 -65.64 83.64 51.64
N ALA G 1326 -64.31 83.55 51.61
CA ALA G 1326 -63.41 84.68 51.35
C ALA G 1326 -63.86 85.45 50.10
N ILE G 1327 -64.51 84.78 49.14
CA ILE G 1327 -64.88 85.41 47.83
C ILE G 1327 -66.14 86.25 48.04
N VAL G 1328 -67.03 85.83 48.96
CA VAL G 1328 -68.21 86.64 49.36
C VAL G 1328 -67.67 87.93 49.99
N VAL G 1329 -66.77 87.80 50.96
CA VAL G 1329 -66.20 88.93 51.74
C VAL G 1329 -65.44 89.85 50.79
N GLY G 1330 -64.68 89.28 49.84
CA GLY G 1330 -63.65 90.01 49.07
C GLY G 1330 -64.13 90.54 47.73
N TRP G 1331 -65.19 89.97 47.17
CA TRP G 1331 -65.54 90.18 45.74
C TRP G 1331 -65.59 91.67 45.40
N ARG G 1332 -66.25 92.48 46.22
CA ARG G 1332 -66.47 93.92 45.94
C ARG G 1332 -65.12 94.63 45.79
N ALA G 1333 -64.17 94.35 46.69
CA ALA G 1333 -62.83 94.95 46.67
C ALA G 1333 -62.05 94.42 45.45
N ILE G 1334 -62.02 93.10 45.29
CA ILE G 1334 -61.26 92.43 44.21
C ILE G 1334 -61.74 92.95 42.84
N ILE G 1335 -63.05 92.91 42.58
CA ILE G 1335 -63.60 93.18 41.22
C ILE G 1335 -63.44 94.66 40.91
N LYS G 1336 -63.49 95.55 41.91
CA LYS G 1336 -63.36 97.01 41.69
C LYS G 1336 -62.03 97.28 40.96
N ALA G 1337 -61.02 96.45 41.19
CA ALA G 1337 -59.65 96.60 40.63
C ALA G 1337 -59.66 96.70 39.10
N ILE G 1338 -60.67 96.15 38.41
CA ILE G 1338 -60.67 96.09 36.92
C ILE G 1338 -61.46 97.26 36.31
N PHE G 1339 -61.86 98.25 37.11
CA PHE G 1339 -62.78 99.34 36.68
C PHE G 1339 -62.08 100.65 36.31
N PRO G 1340 -60.91 101.03 36.86
CA PRO G 1340 -60.33 102.34 36.55
C PRO G 1340 -60.19 102.64 35.05
N ASN G 1341 -60.29 103.92 34.65
CA ASN G 1341 -60.18 104.37 33.23
C ASN G 1341 -58.86 103.93 32.62
N THR G 1342 -57.77 103.91 33.41
CA THR G 1342 -56.43 103.52 32.93
C THR G 1342 -56.40 102.01 32.62
N VAL G 1343 -57.41 101.23 33.04
CA VAL G 1343 -57.56 99.78 32.64
C VAL G 1343 -58.94 99.61 31.97
N ASP G 1344 -59.00 100.02 30.69
CA ASP G 1344 -60.25 100.27 29.93
C ASP G 1344 -60.69 99.00 29.20
N GLY G 1345 -61.55 98.19 29.82
CA GLY G 1345 -62.01 96.92 29.25
C GLY G 1345 -63.50 96.90 28.90
N ASP G 1346 -63.83 96.13 27.86
CA ASP G 1346 -65.22 95.70 27.53
C ASP G 1346 -65.55 94.55 28.51
N LEU G 1347 -66.30 94.85 29.56
CA LEU G 1347 -66.58 93.92 30.67
C LEU G 1347 -67.41 92.73 30.18
N LEU G 1348 -68.08 92.86 29.03
CA LEU G 1348 -68.90 91.79 28.43
C LEU G 1348 -68.00 90.78 27.71
N LYS G 1349 -66.73 91.14 27.50
CA LYS G 1349 -65.67 90.25 26.96
C LYS G 1349 -64.67 89.91 28.09
N LEU G 1350 -65.06 90.04 29.35
CA LEU G 1350 -64.22 89.66 30.51
C LEU G 1350 -64.18 88.14 30.65
N VAL G 1351 -63.02 87.61 31.05
CA VAL G 1351 -62.83 86.16 31.35
C VAL G 1351 -62.11 86.04 32.70
N HIS G 1352 -62.70 85.26 33.61
CA HIS G 1352 -62.05 84.85 34.88
C HIS G 1352 -61.08 83.73 34.50
N LEU G 1353 -59.79 83.92 34.74
CA LEU G 1353 -58.76 82.93 34.35
C LEU G 1353 -58.55 81.95 35.49
N SER G 1354 -58.34 82.48 36.69
CA SER G 1354 -57.97 81.69 37.88
C SER G 1354 -58.43 82.41 39.14
N ASN G 1355 -58.43 81.69 40.27
CA ASN G 1355 -58.71 82.25 41.61
C ASN G 1355 -58.15 81.26 42.64
N GLY G 1356 -57.41 81.76 43.62
CA GLY G 1356 -56.84 80.94 44.71
C GLY G 1356 -57.03 81.60 46.06
N TYR G 1357 -57.08 80.79 47.11
CA TYR G 1357 -56.99 81.22 48.52
C TYR G 1357 -55.76 80.53 49.13
N LYS G 1358 -54.97 81.26 49.91
CA LYS G 1358 -53.84 80.71 50.72
C LYS G 1358 -53.95 81.27 52.13
N MET G 1359 -54.11 80.40 53.13
CA MET G 1359 -54.11 80.80 54.56
C MET G 1359 -52.72 81.29 54.90
N ILE G 1360 -52.60 82.36 55.69
CA ILE G 1360 -51.26 82.77 56.21
C ILE G 1360 -50.98 81.86 57.41
N PRO G 1361 -49.74 81.33 57.53
CA PRO G 1361 -49.41 80.35 58.57
C PRO G 1361 -49.78 80.81 59.97
N GLY G 1362 -50.32 79.89 60.78
CA GLY G 1362 -50.66 80.15 62.19
C GLY G 1362 -52.08 80.65 62.34
N ALA G 1363 -52.62 81.33 61.33
CA ALA G 1363 -53.99 81.89 61.33
C ALA G 1363 -55.03 80.75 61.35
N LYS G 1364 -56.02 80.84 62.24
CA LYS G 1364 -57.16 79.89 62.31
C LYS G 1364 -58.10 80.20 61.15
N PRO G 1365 -58.90 79.22 60.65
CA PRO G 1365 -59.80 79.45 59.54
C PRO G 1365 -61.02 80.29 59.96
N LEU G 1366 -61.75 80.82 58.98
CA LEU G 1366 -62.90 81.74 59.24
C LEU G 1366 -63.93 81.03 60.12
N GLN G 1367 -64.43 81.73 61.14
CA GLN G 1367 -65.50 81.27 62.05
C GLN G 1367 -66.75 82.14 61.84
N VAL G 1368 -67.87 81.73 62.45
CA VAL G 1368 -69.17 82.45 62.32
C VAL G 1368 -69.14 83.74 63.16
N GLY G 1369 -68.42 83.75 64.29
CA GLY G 1369 -68.22 84.97 65.11
C GLY G 1369 -67.64 86.14 64.31
N ASP G 1370 -66.63 85.86 63.48
CA ASP G 1370 -65.60 86.82 63.00
C ASP G 1370 -66.21 88.03 62.30
N VAL G 1371 -65.55 89.18 62.47
CA VAL G 1371 -65.73 90.42 61.63
C VAL G 1371 -64.47 90.58 60.77
N VAL G 1372 -64.63 90.47 59.46
CA VAL G 1372 -63.51 90.43 58.46
C VAL G 1372 -63.64 91.63 57.54
N SER G 1373 -62.55 92.34 57.30
CA SER G 1373 -62.42 93.38 56.24
C SER G 1373 -61.48 92.84 55.17
N THR G 1374 -61.51 93.44 53.97
CA THR G 1374 -60.66 93.02 52.83
C THR G 1374 -59.92 94.22 52.24
N THR G 1375 -58.66 94.01 51.93
CA THR G 1375 -57.80 94.91 51.13
C THR G 1375 -57.54 94.19 49.81
N ALA G 1376 -57.49 94.91 48.69
CA ALA G 1376 -57.19 94.34 47.36
C ALA G 1376 -56.28 95.30 46.58
N VAL G 1377 -55.14 94.81 46.12
CA VAL G 1377 -54.19 95.53 45.24
C VAL G 1377 -54.20 94.79 43.91
N ILE G 1378 -53.75 95.47 42.88
CA ILE G 1378 -53.69 94.91 41.51
C ILE G 1378 -52.20 94.81 41.20
N GLU G 1379 -51.71 93.57 41.24
CA GLU G 1379 -50.27 93.19 41.23
C GLU G 1379 -49.68 93.49 39.85
N SER G 1380 -50.39 93.08 38.80
CA SER G 1380 -49.97 93.20 37.39
C SER G 1380 -51.17 93.52 36.49
N VAL G 1381 -50.93 94.35 35.48
CA VAL G 1381 -51.82 94.65 34.33
C VAL G 1381 -50.93 94.65 33.11
N VAL G 1382 -50.97 93.62 32.28
CA VAL G 1382 -50.08 93.58 31.08
C VAL G 1382 -50.95 93.39 29.85
N ASN G 1383 -50.56 94.04 28.75
CA ASN G 1383 -51.20 93.90 27.44
C ASN G 1383 -50.55 92.70 26.74
N GLN G 1384 -51.09 91.48 26.92
CA GLN G 1384 -50.81 90.32 26.05
C GLN G 1384 -51.31 90.64 24.65
N PRO G 1385 -50.92 89.89 23.59
CA PRO G 1385 -51.37 90.21 22.23
C PRO G 1385 -52.87 89.93 22.04
N THR G 1386 -53.40 89.01 22.83
CA THR G 1386 -54.73 88.38 22.65
C THR G 1386 -55.77 89.12 23.52
N GLY G 1387 -55.31 90.01 24.42
CA GLY G 1387 -56.14 90.72 25.43
C GLY G 1387 -55.31 91.24 26.59
N LYS G 1388 -55.95 91.87 27.57
CA LYS G 1388 -55.30 92.53 28.74
C LYS G 1388 -55.56 91.72 30.02
N ILE G 1389 -54.48 91.31 30.68
CA ILE G 1389 -54.51 90.41 31.85
C ILE G 1389 -54.39 91.29 33.10
N VAL G 1390 -55.20 91.03 34.12
CA VAL G 1390 -55.18 91.77 35.42
C VAL G 1390 -55.10 90.76 36.55
N ASP G 1391 -53.91 90.64 37.17
CA ASP G 1391 -53.64 89.80 38.37
C ASP G 1391 -53.98 90.66 39.60
N VAL G 1392 -54.95 90.24 40.42
CA VAL G 1392 -55.39 90.96 41.64
C VAL G 1392 -55.00 90.12 42.86
N VAL G 1393 -54.64 90.77 43.97
CA VAL G 1393 -54.29 90.10 45.26
C VAL G 1393 -55.09 90.76 46.40
N GLY G 1394 -56.03 90.01 46.98
CA GLY G 1394 -56.76 90.37 48.22
C GLY G 1394 -56.01 89.93 49.47
N THR G 1395 -56.31 90.55 50.61
CA THR G 1395 -55.84 90.13 51.96
C THR G 1395 -57.01 90.29 52.93
N LEU G 1396 -57.57 89.17 53.40
CA LEU G 1396 -58.62 89.17 54.44
C LEU G 1396 -57.94 89.32 55.81
N SER G 1397 -58.36 90.32 56.58
CA SER G 1397 -57.90 90.53 57.97
C SER G 1397 -59.08 90.37 58.94
N ARG G 1398 -58.81 89.78 60.11
CA ARG G 1398 -59.70 89.84 61.30
C ARG G 1398 -58.84 90.25 62.50
N ASN G 1399 -59.38 91.11 63.37
CA ASN G 1399 -58.68 91.69 64.55
C ASN G 1399 -57.34 92.28 64.07
N GLY G 1400 -57.41 93.13 63.05
CA GLY G 1400 -56.26 93.82 62.42
C GLY G 1400 -55.07 92.89 62.21
N LYS G 1401 -55.32 91.63 61.90
CA LYS G 1401 -54.30 90.59 61.63
C LYS G 1401 -54.62 89.92 60.30
N PRO G 1402 -53.63 89.65 59.43
CA PRO G 1402 -53.89 88.93 58.18
C PRO G 1402 -54.33 87.50 58.50
N VAL G 1403 -55.30 86.98 57.74
CA VAL G 1403 -55.85 85.61 57.90
C VAL G 1403 -55.53 84.79 56.65
N MET G 1404 -56.00 85.23 55.48
CA MET G 1404 -55.65 84.57 54.20
C MET G 1404 -55.51 85.61 53.10
N GLU G 1405 -54.80 85.22 52.04
CA GLU G 1405 -54.68 85.99 50.76
C GLU G 1405 -55.62 85.36 49.73
N VAL G 1406 -56.48 86.16 49.11
CA VAL G 1406 -57.17 85.78 47.84
C VAL G 1406 -56.27 86.24 46.69
N THR G 1407 -56.23 85.48 45.60
CA THR G 1407 -55.68 85.92 44.29
C THR G 1407 -56.73 85.59 43.23
N SER G 1408 -57.02 86.52 42.33
CA SER G 1408 -57.91 86.32 41.16
C SER G 1408 -57.26 86.97 39.95
N SER G 1409 -57.33 86.31 38.80
CA SER G 1409 -56.76 86.81 37.53
C SER G 1409 -57.90 86.98 36.52
N PHE G 1410 -57.99 88.17 35.93
CA PHE G 1410 -59.03 88.53 34.93
C PHE G 1410 -58.36 88.84 33.60
N PHE G 1411 -59.11 88.67 32.53
CA PHE G 1411 -58.65 88.87 31.13
C PHE G 1411 -59.73 89.62 30.36
N TYR G 1412 -59.42 90.81 29.89
CA TYR G 1412 -60.24 91.59 28.92
C TYR G 1412 -59.82 91.18 27.51
N ARG G 1413 -60.58 90.30 26.86
CA ARG G 1413 -60.31 89.87 25.46
C ARG G 1413 -60.32 91.12 24.58
N GLY G 1414 -59.28 91.33 23.79
CA GLY G 1414 -59.20 92.43 22.83
C GLY G 1414 -57.77 92.78 22.47
N ASN G 1415 -57.62 93.92 21.79
CA ASN G 1415 -56.33 94.38 21.22
C ASN G 1415 -55.98 95.71 21.91
N TYR G 1416 -54.90 95.77 22.71
CA TYR G 1416 -54.59 96.88 23.63
C TYR G 1416 -53.15 97.39 23.41
N THR G 1417 -53.00 98.71 23.25
CA THR G 1417 -51.73 99.44 22.96
C THR G 1417 -51.26 100.24 24.16
N ASP G 1418 -52.08 100.40 25.20
CA ASP G 1418 -51.83 101.42 26.26
C ASP G 1418 -50.80 100.88 27.26
N PHE G 1419 -49.57 100.65 26.79
CA PHE G 1419 -48.45 100.08 27.58
C PHE G 1419 -48.05 101.03 28.71
N GLU G 1420 -48.42 102.31 28.61
CA GLU G 1420 -48.15 103.33 29.66
C GLU G 1420 -49.01 103.05 30.89
N ASN G 1421 -50.09 102.26 30.76
CA ASN G 1421 -50.97 101.86 31.88
C ASN G 1421 -50.68 100.41 32.27
N THR G 1422 -49.67 99.81 31.65
CA THR G 1422 -49.23 98.41 31.88
C THR G 1422 -48.12 98.46 32.93
N PHE G 1423 -48.20 97.60 33.95
CA PHE G 1423 -47.10 97.28 34.89
C PHE G 1423 -47.26 95.85 35.41
N GLN G 1424 -46.15 95.22 35.79
CA GLN G 1424 -46.12 93.82 36.25
C GLN G 1424 -45.14 93.70 37.43
N LYS G 1425 -45.60 93.17 38.56
CA LYS G 1425 -44.74 92.76 39.68
C LYS G 1425 -44.73 91.24 39.74
N THR G 1426 -43.56 90.64 39.89
CA THR G 1426 -43.39 89.17 40.07
C THR G 1426 -42.50 88.94 41.31
N VAL G 1427 -42.78 87.87 42.06
CA VAL G 1427 -41.98 87.45 43.25
C VAL G 1427 -41.10 86.29 42.79
N GLU G 1428 -39.79 86.53 42.66
CA GLU G 1428 -38.86 85.56 42.05
C GLU G 1428 -38.69 84.38 43.01
N PRO G 1429 -38.31 83.19 42.49
CA PRO G 1429 -37.92 82.09 43.37
C PRO G 1429 -36.67 82.49 44.16
N VAL G 1430 -36.47 81.94 45.35
CA VAL G 1430 -35.25 82.22 46.17
C VAL G 1430 -34.05 81.56 45.48
N TYR G 1431 -33.00 82.32 45.18
CA TYR G 1431 -31.76 81.82 44.54
C TYR G 1431 -30.72 81.60 45.63
N GLN G 1432 -29.92 80.55 45.53
CA GLN G 1432 -28.85 80.20 46.51
C GLN G 1432 -27.50 80.14 45.78
N MET G 1433 -26.43 80.54 46.48
CA MET G 1433 -25.03 80.57 45.97
C MET G 1433 -24.07 80.16 47.10
N HIS G 1434 -23.21 79.16 46.89
CA HIS G 1434 -22.08 78.81 47.80
C HIS G 1434 -20.86 79.58 47.32
N ILE G 1435 -20.38 80.52 48.13
CA ILE G 1435 -19.21 81.39 47.80
C ILE G 1435 -17.95 80.64 48.20
N LYS G 1436 -17.20 80.09 47.24
CA LYS G 1436 -16.03 79.19 47.52
C LYS G 1436 -14.70 79.95 47.35
N THR G 1437 -14.53 80.63 46.22
CA THR G 1437 -13.28 81.28 45.76
C THR G 1437 -13.34 82.77 46.08
N SER G 1438 -12.20 83.44 46.22
CA SER G 1438 -12.09 84.92 46.36
C SER G 1438 -12.44 85.60 45.03
N LYS G 1439 -12.43 84.82 43.94
CA LYS G 1439 -12.88 85.26 42.59
C LYS G 1439 -14.40 85.42 42.59
N ASP G 1440 -15.13 84.39 43.04
CA ASP G 1440 -16.60 84.42 43.24
C ASP G 1440 -17.00 85.74 43.90
N ILE G 1441 -16.30 86.15 44.97
CA ILE G 1441 -16.71 87.32 45.78
C ILE G 1441 -16.39 88.60 44.96
N ALA G 1442 -15.27 88.63 44.25
CA ALA G 1442 -14.89 89.76 43.36
C ALA G 1442 -16.01 90.01 42.35
N VAL G 1443 -16.54 88.95 41.73
CA VAL G 1443 -17.63 89.05 40.71
C VAL G 1443 -18.85 89.72 41.36
N LEU G 1444 -19.26 89.27 42.54
CA LEU G 1444 -20.42 89.85 43.26
C LEU G 1444 -20.18 91.34 43.52
N ARG G 1445 -19.01 91.74 44.00
CA ARG G 1445 -18.72 93.16 44.34
C ARG G 1445 -18.75 93.99 43.05
N SER G 1446 -18.46 93.36 41.90
CA SER G 1446 -18.54 93.98 40.56
C SER G 1446 -19.92 94.59 40.35
N LYS G 1447 -20.98 93.92 40.82
CA LYS G 1447 -22.39 94.30 40.60
C LYS G 1447 -22.78 95.43 41.56
N GLU G 1448 -23.28 96.54 41.02
CA GLU G 1448 -23.72 97.72 41.82
C GLU G 1448 -24.82 97.28 42.79
N TRP G 1449 -25.67 96.35 42.35
CA TRP G 1449 -26.92 95.95 43.05
C TRP G 1449 -26.63 95.11 44.30
N PHE G 1450 -25.44 94.55 44.42
CA PHE G 1450 -25.01 93.74 45.60
C PHE G 1450 -24.50 94.69 46.68
N GLN G 1451 -25.33 94.97 47.68
CA GLN G 1451 -25.04 95.99 48.71
C GLN G 1451 -25.14 95.36 50.10
N LEU G 1452 -23.99 95.04 50.71
CA LEU G 1452 -23.91 94.43 52.06
C LEU G 1452 -24.08 95.51 53.11
N ASP G 1453 -24.73 95.20 54.24
CA ASP G 1453 -24.82 96.08 55.43
C ASP G 1453 -23.41 96.50 55.84
N ASP G 1454 -22.50 95.54 55.92
CA ASP G 1454 -21.10 95.74 56.36
C ASP G 1454 -20.18 95.35 55.20
N GLU G 1455 -19.51 96.34 54.60
CA GLU G 1455 -18.59 96.21 53.43
C GLU G 1455 -17.62 95.05 53.67
N ASP G 1456 -17.06 94.98 54.88
CA ASP G 1456 -15.96 94.06 55.28
C ASP G 1456 -16.49 92.67 55.61
N PHE G 1457 -17.77 92.38 55.38
CA PHE G 1457 -18.35 91.04 55.70
C PHE G 1457 -17.56 89.97 54.93
N ASP G 1458 -17.10 88.94 55.64
CA ASP G 1458 -16.30 87.83 55.08
C ASP G 1458 -17.26 86.84 54.40
N LEU G 1459 -17.33 86.86 53.07
CA LEU G 1459 -18.29 86.05 52.27
C LEU G 1459 -17.71 84.66 52.01
N LEU G 1460 -16.44 84.42 52.32
CA LEU G 1460 -15.73 83.19 51.89
C LEU G 1460 -16.31 81.99 52.65
N ASN G 1461 -16.69 80.94 51.91
CA ASN G 1461 -17.23 79.64 52.41
C ASN G 1461 -18.58 79.85 53.08
N LYS G 1462 -19.32 80.89 52.69
CA LYS G 1462 -20.69 81.17 53.19
C LYS G 1462 -21.69 80.81 52.09
N THR G 1463 -22.93 80.54 52.46
CA THR G 1463 -24.04 80.27 51.53
C THR G 1463 -25.01 81.46 51.61
N LEU G 1464 -25.09 82.25 50.53
CA LEU G 1464 -26.02 83.40 50.42
C LEU G 1464 -27.33 82.91 49.78
N THR G 1465 -28.45 83.45 50.22
CA THR G 1465 -29.77 83.33 49.56
C THR G 1465 -30.22 84.73 49.15
N PHE G 1466 -30.94 84.82 48.03
CA PHE G 1466 -31.41 86.09 47.40
C PHE G 1466 -32.93 86.05 47.22
N GLU G 1467 -33.66 86.67 48.16
CA GLU G 1467 -35.14 86.70 48.17
C GLU G 1467 -35.61 87.99 47.49
N THR G 1468 -36.05 87.87 46.25
CA THR G 1468 -36.07 88.97 45.25
C THR G 1468 -37.47 89.12 44.65
N GLU G 1469 -38.00 90.34 44.65
CA GLU G 1469 -39.18 90.79 43.86
C GLU G 1469 -38.67 91.67 42.72
N THR G 1470 -39.31 91.60 41.55
CA THR G 1470 -38.96 92.44 40.39
C THR G 1470 -40.25 93.10 39.85
N GLU G 1471 -40.30 94.43 39.95
CA GLU G 1471 -41.35 95.34 39.41
C GLU G 1471 -40.85 95.91 38.08
N VAL G 1472 -41.73 95.95 37.09
CA VAL G 1472 -41.39 96.28 35.68
C VAL G 1472 -42.53 97.16 35.14
N THR G 1473 -42.22 98.09 34.23
CA THR G 1473 -43.21 98.85 33.43
C THR G 1473 -42.86 98.63 31.95
N PHE G 1474 -43.80 98.84 31.03
CA PHE G 1474 -43.62 98.43 29.61
C PHE G 1474 -43.57 99.67 28.69
N LYS G 1475 -42.64 99.64 27.73
CA LYS G 1475 -42.59 100.56 26.57
C LYS G 1475 -43.49 99.99 25.48
N ASN G 1476 -43.31 98.72 25.13
CA ASN G 1476 -44.16 97.97 24.19
C ASN G 1476 -44.15 96.50 24.60
N ALA G 1477 -44.65 95.61 23.72
CA ALA G 1477 -44.75 94.15 23.99
C ALA G 1477 -43.40 93.59 24.49
N ASN G 1478 -42.26 94.02 23.92
CA ASN G 1478 -40.90 93.42 24.12
C ASN G 1478 -40.11 94.24 25.17
N ILE G 1479 -39.89 95.52 24.90
CA ILE G 1479 -38.98 96.40 25.71
C ILE G 1479 -39.69 96.89 26.97
N PHE G 1480 -39.08 96.70 28.14
CA PHE G 1480 -39.51 97.29 29.43
C PHE G 1480 -39.10 98.77 29.46
N SER G 1481 -40.00 99.64 29.90
CA SER G 1481 -39.74 101.10 30.08
C SER G 1481 -38.88 101.30 31.34
N SER G 1482 -39.06 100.47 32.36
CA SER G 1482 -38.25 100.46 33.60
C SER G 1482 -38.24 99.06 34.22
N VAL G 1483 -37.19 98.75 35.00
CA VAL G 1483 -36.98 97.45 35.69
C VAL G 1483 -36.44 97.73 37.09
N LYS G 1484 -37.13 97.24 38.11
CA LYS G 1484 -36.68 97.29 39.52
C LYS G 1484 -36.59 95.84 40.03
N CYS G 1485 -35.53 95.51 40.76
CA CYS G 1485 -35.29 94.17 41.36
C CYS G 1485 -34.59 94.37 42.70
N PHE G 1486 -35.29 94.08 43.80
CA PHE G 1486 -34.85 94.35 45.18
C PHE G 1486 -35.31 93.22 46.09
N GLY G 1487 -34.76 93.19 47.30
CA GLY G 1487 -35.04 92.17 48.31
C GLY G 1487 -33.79 91.86 49.12
N PRO G 1488 -33.94 91.16 50.26
CA PRO G 1488 -32.80 90.91 51.15
C PRO G 1488 -31.83 89.83 50.64
N ILE G 1489 -30.55 90.01 50.96
CA ILE G 1489 -29.47 89.01 50.82
C ILE G 1489 -29.21 88.43 52.21
N LYS G 1490 -29.27 87.10 52.34
CA LYS G 1490 -29.12 86.42 53.65
C LYS G 1490 -27.98 85.42 53.58
N VAL G 1491 -27.29 85.26 54.71
CA VAL G 1491 -26.22 84.24 54.92
C VAL G 1491 -26.82 83.09 55.73
N GLU G 1492 -26.49 81.86 55.38
CA GLU G 1492 -26.86 80.64 56.15
C GLU G 1492 -25.93 80.56 57.37
N LEU G 1493 -26.50 80.35 58.55
CA LEU G 1493 -25.72 80.12 59.80
C LEU G 1493 -25.51 78.62 59.96
N PRO G 1494 -24.61 78.20 60.88
CA PRO G 1494 -24.47 76.79 61.25
C PRO G 1494 -25.80 76.06 61.56
N THR G 1495 -26.79 76.79 62.09
CA THR G 1495 -28.10 76.24 62.51
C THR G 1495 -29.00 76.02 61.30
N LYS G 1496 -28.61 76.49 60.12
CA LYS G 1496 -29.36 76.44 58.82
C LYS G 1496 -30.29 77.66 58.72
N GLU G 1497 -30.46 78.43 59.79
CA GLU G 1497 -31.20 79.73 59.79
C GLU G 1497 -30.50 80.71 58.84
N THR G 1498 -31.24 81.28 57.89
CA THR G 1498 -30.79 82.39 57.00
C THR G 1498 -31.02 83.72 57.73
N VAL G 1499 -30.07 84.66 57.64
CA VAL G 1499 -30.10 85.98 58.35
C VAL G 1499 -29.70 87.09 57.38
N GLU G 1500 -30.44 88.20 57.35
CA GLU G 1500 -30.16 89.38 56.50
C GLU G 1500 -28.72 89.86 56.75
N ILE G 1501 -27.93 90.04 55.69
CA ILE G 1501 -26.57 90.66 55.73
C ILE G 1501 -26.47 91.80 54.72
N GLY G 1502 -27.54 92.07 53.95
CA GLY G 1502 -27.56 93.13 52.94
C GLY G 1502 -28.82 93.10 52.09
N ILE G 1503 -28.74 93.68 50.91
CA ILE G 1503 -29.93 94.01 50.07
C ILE G 1503 -29.50 93.93 48.61
N VAL G 1504 -30.33 93.33 47.76
CA VAL G 1504 -30.29 93.53 46.29
C VAL G 1504 -31.03 94.84 46.01
N ASP G 1505 -30.44 95.74 45.23
CA ASP G 1505 -31.07 97.02 44.83
C ASP G 1505 -30.67 97.38 43.39
N TYR G 1506 -31.41 96.88 42.40
CA TYR G 1506 -31.23 97.18 40.96
C TYR G 1506 -32.42 98.04 40.50
N GLU G 1507 -32.09 99.09 39.74
CA GLU G 1507 -33.04 100.03 39.10
C GLU G 1507 -32.48 100.33 37.70
N ALA G 1508 -33.37 100.53 36.72
CA ALA G 1508 -32.98 100.70 35.29
C ALA G 1508 -34.16 101.25 34.49
N GLY G 1509 -33.85 102.02 33.44
CA GLY G 1509 -34.81 102.47 32.42
C GLY G 1509 -34.97 101.40 31.34
N ALA G 1510 -35.16 101.82 30.09
CA ALA G 1510 -35.35 100.91 28.93
C ALA G 1510 -34.38 99.74 29.06
N SER G 1511 -34.87 98.56 29.37
CA SER G 1511 -34.12 97.28 29.35
C SER G 1511 -34.87 96.31 28.45
N HIS G 1512 -34.21 95.25 27.99
CA HIS G 1512 -34.85 94.06 27.36
C HIS G 1512 -34.98 92.93 28.39
N GLY G 1513 -34.43 93.11 29.59
CA GLY G 1513 -34.34 92.03 30.58
C GLY G 1513 -33.84 92.49 31.94
N ASN G 1514 -33.92 91.56 32.90
CA ASN G 1514 -33.54 91.71 34.33
C ASN G 1514 -32.21 91.01 34.55
N PRO G 1515 -31.08 91.76 34.64
CA PRO G 1515 -29.76 91.15 34.67
C PRO G 1515 -29.37 90.53 36.03
N VAL G 1516 -30.20 90.76 37.06
CA VAL G 1516 -30.01 90.22 38.43
C VAL G 1516 -30.48 88.76 38.41
N VAL G 1517 -31.69 88.51 37.93
CA VAL G 1517 -32.24 87.13 37.85
C VAL G 1517 -31.37 86.33 36.87
N ASP G 1518 -30.98 86.90 35.72
CA ASP G 1518 -30.11 86.22 34.73
C ASP G 1518 -28.84 85.75 35.44
N PHE G 1519 -28.21 86.63 36.23
CA PHE G 1519 -26.95 86.33 36.97
C PHE G 1519 -27.19 85.22 37.99
N LEU G 1520 -28.23 85.33 38.80
CA LEU G 1520 -28.52 84.38 39.90
C LEU G 1520 -28.87 83.01 39.29
N LYS G 1521 -29.57 82.98 38.15
CA LYS G 1521 -29.96 81.72 37.47
C LYS G 1521 -28.72 80.95 37.08
N ARG G 1522 -27.76 81.62 36.44
CA ARG G 1522 -26.53 80.99 35.88
C ARG G 1522 -25.55 80.65 37.01
N ASN G 1523 -25.41 81.49 38.03
CA ASN G 1523 -24.34 81.35 39.04
C ASN G 1523 -24.87 80.75 40.34
N GLY G 1524 -26.18 80.50 40.43
CA GLY G 1524 -26.80 79.94 41.65
C GLY G 1524 -27.77 78.83 41.31
N SER G 1525 -28.23 78.08 42.31
CA SER G 1525 -29.34 77.11 42.14
C SER G 1525 -30.60 77.78 42.69
N THR G 1526 -31.76 77.44 42.14
CA THR G 1526 -33.07 78.01 42.59
C THR G 1526 -33.64 77.03 43.62
N LEU G 1527 -34.01 77.49 44.81
CA LEU G 1527 -34.68 76.62 45.82
C LEU G 1527 -36.15 76.43 45.39
N GLU G 1528 -36.65 75.19 45.39
CA GLU G 1528 -38.08 74.90 45.15
C GLU G 1528 -38.69 74.44 46.47
N GLN G 1529 -39.88 74.95 46.79
CA GLN G 1529 -40.63 74.66 48.04
C GLN G 1529 -41.40 73.34 47.85
N LYS G 1530 -41.99 73.16 46.66
CA LYS G 1530 -42.79 71.97 46.29
C LYS G 1530 -41.84 70.85 45.88
N VAL G 1531 -42.01 69.67 46.45
CA VAL G 1531 -41.19 68.46 46.14
C VAL G 1531 -42.13 67.35 45.68
N ASN G 1532 -42.02 66.88 44.44
CA ASN G 1532 -42.87 65.78 43.93
C ASN G 1532 -42.57 64.49 44.72
N LEU G 1533 -43.57 63.63 44.89
CA LEU G 1533 -43.40 62.24 45.37
C LEU G 1533 -42.67 61.46 44.27
N GLU G 1534 -42.24 60.22 44.53
CA GLU G 1534 -41.66 59.38 43.45
C GLU G 1534 -42.73 59.11 42.39
N ASN G 1535 -43.98 58.90 42.82
CA ASN G 1535 -45.12 58.68 41.91
C ASN G 1535 -46.36 59.32 42.51
N PRO G 1536 -47.29 59.84 41.68
CA PRO G 1536 -48.53 60.40 42.18
C PRO G 1536 -49.33 59.26 42.82
N ILE G 1537 -49.94 59.51 43.97
CA ILE G 1537 -50.86 58.58 44.66
C ILE G 1537 -52.29 58.96 44.32
N PRO G 1538 -53.07 58.11 43.63
CA PRO G 1538 -54.49 58.40 43.41
C PRO G 1538 -55.22 58.57 44.75
N ILE G 1539 -56.19 59.48 44.78
CA ILE G 1539 -57.05 59.73 45.96
C ILE G 1539 -58.49 59.34 45.59
N ALA G 1540 -59.06 59.85 44.50
CA ALA G 1540 -60.45 59.54 44.07
C ALA G 1540 -60.78 60.22 42.75
N VAL G 1541 -61.72 59.64 41.98
CA VAL G 1541 -62.40 60.28 40.82
C VAL G 1541 -63.89 60.41 41.18
N LEU G 1542 -64.44 61.63 41.14
CA LEU G 1542 -65.76 61.93 41.75
C LEU G 1542 -66.67 62.66 40.76
N ASP G 1543 -67.96 62.30 40.74
CA ASP G 1543 -69.01 62.96 39.91
C ASP G 1543 -69.64 64.09 40.74
N SER G 1544 -69.99 65.20 40.06
CA SER G 1544 -70.67 66.39 40.61
C SER G 1544 -71.45 67.03 39.47
N TYR G 1545 -72.44 67.87 39.78
CA TYR G 1545 -73.30 68.52 38.75
C TYR G 1545 -73.22 70.03 38.96
N THR G 1546 -73.32 70.82 37.89
CA THR G 1546 -73.63 72.26 37.99
C THR G 1546 -75.13 72.39 38.18
N PRO G 1547 -75.62 73.37 38.96
CA PRO G 1547 -77.04 73.49 39.23
C PRO G 1547 -77.76 73.93 37.95
N SER G 1548 -79.09 73.72 37.92
CA SER G 1548 -80.03 74.07 36.84
C SER G 1548 -80.22 75.59 36.75
N THR G 1549 -79.99 76.31 37.86
CA THR G 1549 -80.15 77.78 37.95
C THR G 1549 -78.91 78.40 38.61
N ASN G 1550 -78.43 79.54 38.10
CA ASN G 1550 -77.21 80.21 38.64
C ASN G 1550 -77.62 81.27 39.67
N GLU G 1551 -78.91 81.54 39.83
CA GLU G 1551 -79.46 82.57 40.77
C GLU G 1551 -79.01 82.28 42.20
N PRO G 1552 -79.17 81.05 42.75
CA PRO G 1552 -78.77 80.78 44.13
C PRO G 1552 -77.34 81.24 44.45
N TYR G 1553 -76.36 80.95 43.57
CA TYR G 1553 -74.94 81.37 43.78
C TYR G 1553 -74.86 82.89 43.72
N ALA G 1554 -75.45 83.50 42.70
CA ALA G 1554 -75.50 84.97 42.50
C ALA G 1554 -75.98 85.67 43.79
N ARG G 1555 -77.05 85.17 44.43
CA ARG G 1555 -77.64 85.78 45.66
C ARG G 1555 -76.56 85.81 46.75
N VAL G 1556 -75.89 84.67 47.03
CA VAL G 1556 -74.97 84.54 48.19
C VAL G 1556 -73.61 85.19 47.87
N SER G 1557 -73.23 85.31 46.60
CA SER G 1557 -71.88 85.74 46.15
C SER G 1557 -71.84 87.25 45.86
N GLY G 1558 -72.98 87.84 45.49
CA GLY G 1558 -73.04 89.23 45.02
C GLY G 1558 -72.65 89.36 43.55
N ASP G 1559 -72.46 88.25 42.82
CA ASP G 1559 -72.05 88.23 41.39
C ASP G 1559 -73.33 88.20 40.51
N LEU G 1560 -73.96 89.36 40.37
CA LEU G 1560 -75.18 89.55 39.54
C LEU G 1560 -74.78 89.75 38.09
N ASN G 1561 -73.56 89.39 37.70
CA ASN G 1561 -73.13 89.39 36.28
C ASN G 1561 -74.28 88.78 35.47
N PRO G 1562 -74.92 89.58 34.59
CA PRO G 1562 -76.07 89.12 33.80
C PRO G 1562 -75.85 87.87 32.95
N ILE G 1563 -74.60 87.57 32.56
CA ILE G 1563 -74.31 86.46 31.61
C ILE G 1563 -74.70 85.13 32.25
N HIS G 1564 -74.72 85.06 33.59
CA HIS G 1564 -75.02 83.81 34.34
C HIS G 1564 -76.54 83.59 34.46
N VAL G 1565 -77.36 84.63 34.29
CA VAL G 1565 -78.80 84.56 34.65
C VAL G 1565 -79.71 84.94 33.46
N SER G 1566 -79.21 85.68 32.46
CA SER G 1566 -80.06 86.32 31.41
C SER G 1566 -79.63 85.90 30.01
N ARG G 1567 -80.52 85.19 29.30
CA ARG G 1567 -80.28 84.69 27.92
C ARG G 1567 -79.71 85.82 27.07
N HIS G 1568 -80.35 86.98 27.10
CA HIS G 1568 -80.09 88.09 26.14
C HIS G 1568 -78.67 88.62 26.33
N PHE G 1569 -78.17 88.66 27.55
CA PHE G 1569 -76.79 89.13 27.86
C PHE G 1569 -75.79 88.07 27.42
N ALA G 1570 -76.01 86.82 27.85
CA ALA G 1570 -75.16 85.67 27.47
C ALA G 1570 -75.04 85.63 25.95
N SER G 1571 -76.16 85.74 25.25
CA SER G 1571 -76.23 85.67 23.77
C SER G 1571 -75.42 86.83 23.16
N TYR G 1572 -75.53 88.05 23.71
CA TYR G 1572 -74.80 89.28 23.26
C TYR G 1572 -73.29 89.05 23.40
N ALA G 1573 -72.87 88.36 24.46
CA ALA G 1573 -71.46 88.12 24.84
C ALA G 1573 -70.91 86.89 24.13
N ASN G 1574 -71.67 86.34 23.17
CA ASN G 1574 -71.27 85.19 22.32
C ASN G 1574 -70.96 83.96 23.17
N LEU G 1575 -71.63 83.77 24.29
CA LEU G 1575 -71.43 82.55 25.14
C LEU G 1575 -72.32 81.43 24.61
N PRO G 1576 -72.10 80.16 25.01
CA PRO G 1576 -72.91 79.03 24.57
C PRO G 1576 -74.27 78.95 25.27
N GLY G 1577 -74.53 79.85 26.20
CA GLY G 1577 -75.69 79.81 27.11
C GLY G 1577 -75.38 80.58 28.37
N THR G 1578 -76.28 80.52 29.35
CA THR G 1578 -76.14 81.22 30.65
C THR G 1578 -75.18 80.40 31.50
N ILE G 1579 -73.88 80.53 31.24
CA ILE G 1579 -72.81 79.66 31.81
C ILE G 1579 -72.87 79.68 33.33
N THR G 1580 -72.60 78.54 33.96
CA THR G 1580 -72.43 78.39 35.43
C THR G 1580 -71.35 79.40 35.85
N HIS G 1581 -71.48 80.00 37.04
CA HIS G 1581 -70.44 80.85 37.64
C HIS G 1581 -69.15 80.05 37.78
N GLY G 1582 -68.02 80.56 37.27
CA GLY G 1582 -66.70 79.95 37.51
C GLY G 1582 -66.54 79.64 38.99
N MET G 1583 -66.87 80.63 39.81
CA MET G 1583 -66.61 80.64 41.27
C MET G 1583 -67.50 79.63 42.01
N PHE G 1584 -68.52 79.10 41.32
CA PHE G 1584 -69.31 77.95 41.81
C PHE G 1584 -68.45 76.69 41.64
N SER G 1585 -68.09 76.38 40.41
CA SER G 1585 -67.16 75.27 40.07
C SER G 1585 -66.00 75.26 41.08
N SER G 1586 -65.39 76.42 41.35
CA SER G 1586 -64.29 76.59 42.33
C SER G 1586 -64.67 75.94 43.65
N ALA G 1587 -65.74 76.43 44.29
CA ALA G 1587 -66.21 76.04 45.64
C ALA G 1587 -66.71 74.58 45.67
N SER G 1588 -67.25 74.12 44.54
CA SER G 1588 -67.92 72.80 44.36
C SER G 1588 -66.84 71.73 44.30
N VAL G 1589 -65.87 71.90 43.42
CA VAL G 1589 -64.70 70.98 43.30
C VAL G 1589 -63.93 71.04 44.63
N ARG G 1590 -63.73 72.24 45.19
CA ARG G 1590 -62.99 72.40 46.47
C ARG G 1590 -63.67 71.57 47.55
N ALA G 1591 -65.00 71.56 47.57
CA ALA G 1591 -65.81 70.80 48.55
C ALA G 1591 -65.44 69.31 48.47
N LEU G 1592 -65.26 68.79 47.25
CA LEU G 1592 -64.86 67.38 47.01
C LEU G 1592 -63.47 67.12 47.62
N ILE G 1593 -62.50 67.95 47.26
CA ILE G 1593 -61.09 67.89 47.76
C ILE G 1593 -61.12 67.87 49.28
N GLU G 1594 -61.89 68.78 49.87
CA GLU G 1594 -62.08 68.91 51.34
C GLU G 1594 -62.56 67.57 51.92
N ASN G 1595 -63.49 66.91 51.24
CA ASN G 1595 -64.17 65.69 51.73
C ASN G 1595 -63.20 64.50 51.62
N TRP G 1596 -62.60 64.30 50.44
CA TRP G 1596 -61.86 63.07 50.06
C TRP G 1596 -60.36 63.20 50.36
N ALA G 1597 -59.75 64.34 50.06
CA ALA G 1597 -58.31 64.56 50.31
C ALA G 1597 -58.06 64.97 51.76
N ALA G 1598 -59.01 65.65 52.42
CA ALA G 1598 -58.83 66.12 53.81
C ALA G 1598 -59.71 65.33 54.80
N ASP G 1599 -60.45 64.33 54.32
CA ASP G 1599 -61.30 63.44 55.16
C ASP G 1599 -62.34 64.28 55.89
N SER G 1600 -62.77 65.40 55.29
CA SER G 1600 -63.84 66.29 55.79
C SER G 1600 -63.40 67.02 57.08
N VAL G 1601 -62.09 67.17 57.29
CA VAL G 1601 -61.55 68.11 58.31
C VAL G 1601 -61.18 69.42 57.62
N SER G 1602 -62.11 70.36 57.54
CA SER G 1602 -61.96 71.61 56.74
C SER G 1602 -60.65 72.32 57.11
N SER G 1603 -60.25 72.29 58.38
CA SER G 1603 -59.08 73.02 58.95
C SER G 1603 -57.79 72.60 58.24
N ARG G 1604 -57.75 71.37 57.73
CA ARG G 1604 -56.56 70.78 57.08
C ARG G 1604 -56.23 71.50 55.75
N VAL G 1605 -57.21 71.84 54.94
CA VAL G 1605 -56.93 72.47 53.61
C VAL G 1605 -56.56 73.93 53.88
N ARG G 1606 -55.32 74.32 53.57
CA ARG G 1606 -54.75 75.66 53.89
C ARG G 1606 -54.42 76.41 52.61
N GLY G 1607 -54.58 75.77 51.45
CA GLY G 1607 -54.35 76.44 50.16
C GLY G 1607 -55.16 75.75 49.06
N TYR G 1608 -55.70 76.52 48.13
CA TYR G 1608 -56.50 75.99 46.99
C TYR G 1608 -56.37 76.98 45.83
N THR G 1609 -55.97 76.50 44.66
CA THR G 1609 -55.87 77.29 43.41
C THR G 1609 -56.69 76.60 42.33
N CYS G 1610 -57.01 77.32 41.27
CA CYS G 1610 -58.19 77.06 40.42
C CYS G 1610 -57.99 77.71 39.06
N GLN G 1611 -57.87 76.93 37.98
CA GLN G 1611 -57.71 77.44 36.60
C GLN G 1611 -59.01 77.17 35.86
N PHE G 1612 -59.71 78.20 35.40
CA PHE G 1612 -60.96 78.07 34.62
C PHE G 1612 -60.61 77.77 33.17
N VAL G 1613 -60.38 76.50 32.85
CA VAL G 1613 -59.81 76.06 31.54
C VAL G 1613 -60.85 76.30 30.43
N ASP G 1614 -62.14 76.15 30.72
CA ASP G 1614 -63.24 76.33 29.73
C ASP G 1614 -64.54 76.59 30.51
N MET G 1615 -65.63 76.94 29.83
CA MET G 1615 -66.93 77.26 30.46
C MET G 1615 -67.75 75.99 30.67
N VAL G 1616 -68.71 76.01 31.60
CA VAL G 1616 -69.69 74.90 31.78
C VAL G 1616 -71.09 75.50 31.91
N LEU G 1617 -72.06 74.89 31.21
CA LEU G 1617 -73.49 75.29 31.24
C LEU G 1617 -74.15 74.69 32.48
N PRO G 1618 -75.33 75.19 32.88
CA PRO G 1618 -76.10 74.56 33.94
C PRO G 1618 -76.45 73.12 33.54
N ASN G 1619 -76.56 72.22 34.53
CA ASN G 1619 -76.90 70.79 34.36
C ASN G 1619 -75.81 70.07 33.55
N THR G 1620 -74.53 70.40 33.76
CA THR G 1620 -73.38 69.61 33.22
C THR G 1620 -72.93 68.63 34.31
N ALA G 1621 -72.49 67.43 33.91
CA ALA G 1621 -71.98 66.38 34.81
C ALA G 1621 -70.45 66.39 34.75
N LEU G 1622 -69.81 66.53 35.92
CA LEU G 1622 -68.34 66.77 36.03
C LEU G 1622 -67.66 65.58 36.71
N LYS G 1623 -66.82 64.86 35.98
CA LYS G 1623 -65.82 63.92 36.54
C LYS G 1623 -64.59 64.72 36.95
N THR G 1624 -64.20 64.66 38.22
CA THR G 1624 -63.00 65.35 38.77
C THR G 1624 -62.12 64.32 39.51
N SER G 1625 -60.93 64.05 38.96
CA SER G 1625 -59.91 63.14 39.55
C SER G 1625 -58.94 63.94 40.40
N ILE G 1626 -58.51 63.37 41.54
CA ILE G 1626 -57.67 64.01 42.59
C ILE G 1626 -56.50 63.08 42.91
N GLN G 1627 -55.29 63.60 42.95
CA GLN G 1627 -54.06 62.82 43.30
C GLN G 1627 -53.23 63.57 44.34
N HIS G 1628 -52.54 62.83 45.19
CA HIS G 1628 -51.43 63.31 46.06
C HIS G 1628 -50.16 63.29 45.22
N VAL G 1629 -49.62 64.45 44.89
CA VAL G 1629 -48.61 64.62 43.81
C VAL G 1629 -47.25 64.98 44.40
N GLY G 1630 -47.22 65.66 45.54
CA GLY G 1630 -45.98 66.19 46.14
C GLY G 1630 -46.18 66.64 47.58
N MET G 1631 -45.17 67.31 48.15
CA MET G 1631 -45.22 67.90 49.51
C MET G 1631 -44.72 69.36 49.45
N ILE G 1632 -45.09 70.18 50.44
CA ILE G 1632 -44.55 71.56 50.63
C ILE G 1632 -44.71 71.95 52.10
N ASN G 1633 -43.59 72.09 52.82
CA ASN G 1633 -43.55 72.49 54.25
C ASN G 1633 -44.54 71.63 55.03
N GLY G 1634 -44.55 70.32 54.78
CA GLY G 1634 -45.27 69.33 55.60
C GLY G 1634 -46.74 69.26 55.25
N ARG G 1635 -47.13 69.91 54.16
CA ARG G 1635 -48.51 69.87 53.63
C ARG G 1635 -48.49 68.99 52.39
N LYS G 1636 -49.45 68.07 52.27
CA LYS G 1636 -49.64 67.26 51.05
C LYS G 1636 -50.03 68.20 49.91
N LEU G 1637 -49.31 68.15 48.80
CA LEU G 1637 -49.60 68.90 47.56
C LEU G 1637 -50.56 68.03 46.73
N ILE G 1638 -51.82 68.43 46.62
CA ILE G 1638 -52.87 67.70 45.86
C ILE G 1638 -53.08 68.42 44.52
N LYS G 1639 -53.06 67.67 43.42
CA LYS G 1639 -53.41 68.17 42.07
C LYS G 1639 -54.79 67.59 41.74
N PHE G 1640 -55.57 68.29 40.91
CA PHE G 1640 -56.89 67.80 40.45
C PHE G 1640 -57.16 68.28 39.01
N GLU G 1641 -58.06 67.56 38.34
CA GLU G 1641 -58.50 67.81 36.96
C GLU G 1641 -59.99 67.50 36.87
N THR G 1642 -60.79 68.36 36.23
CA THR G 1642 -62.26 68.24 36.11
C THR G 1642 -62.65 68.31 34.64
N ARG G 1643 -63.32 67.27 34.13
CA ARG G 1643 -63.76 67.16 32.71
C ARG G 1643 -65.29 67.13 32.67
N ASN G 1644 -65.86 67.49 31.51
CA ASN G 1644 -67.33 67.47 31.27
C ASN G 1644 -67.68 66.16 30.56
N GLU G 1645 -68.95 65.97 30.20
CA GLU G 1645 -69.45 64.75 29.51
C GLU G 1645 -68.62 64.43 28.27
N ASP G 1646 -68.17 65.45 27.52
CA ASP G 1646 -67.42 65.30 26.24
C ASP G 1646 -65.94 65.05 26.55
N ASP G 1647 -65.58 64.90 27.83
CA ASP G 1647 -64.20 64.52 28.27
C ASP G 1647 -63.25 65.68 27.98
N VAL G 1648 -63.74 66.93 27.99
CA VAL G 1648 -62.94 68.17 27.82
C VAL G 1648 -62.56 68.71 29.19
N VAL G 1649 -61.29 69.04 29.41
CA VAL G 1649 -60.81 69.64 30.68
C VAL G 1649 -61.41 71.04 30.81
N VAL G 1650 -61.88 71.36 32.00
CA VAL G 1650 -62.80 72.48 32.31
C VAL G 1650 -62.27 73.25 33.54
N LEU G 1651 -61.81 72.51 34.55
CA LEU G 1651 -61.19 73.04 35.78
C LEU G 1651 -59.92 72.22 36.06
N THR G 1652 -58.80 72.88 36.36
CA THR G 1652 -57.59 72.26 36.96
C THR G 1652 -57.20 73.08 38.19
N GLY G 1653 -56.20 72.63 38.93
CA GLY G 1653 -55.68 73.36 40.09
C GLY G 1653 -55.10 72.44 41.12
N GLU G 1654 -54.63 72.99 42.22
CA GLU G 1654 -53.98 72.21 43.30
C GLU G 1654 -54.44 72.74 44.66
N ALA G 1655 -54.25 71.92 45.69
CA ALA G 1655 -54.56 72.25 47.10
C ALA G 1655 -53.40 71.78 47.97
N GLU G 1656 -53.18 72.49 49.08
CA GLU G 1656 -52.17 72.12 50.11
C GLU G 1656 -52.95 71.72 51.36
N ILE G 1657 -52.71 70.50 51.86
CA ILE G 1657 -53.54 69.86 52.91
C ILE G 1657 -52.62 69.32 54.02
N GLU G 1658 -52.84 69.77 55.26
CA GLU G 1658 -52.04 69.34 56.44
C GLU G 1658 -52.09 67.82 56.53
N GLN G 1659 -50.98 67.21 56.91
CA GLN G 1659 -50.93 65.79 57.32
C GLN G 1659 -51.72 65.67 58.63
N PRO G 1660 -52.27 64.49 58.96
CA PRO G 1660 -52.88 64.28 60.27
C PRO G 1660 -51.91 64.69 61.39
N VAL G 1661 -52.41 64.96 62.59
CA VAL G 1661 -51.57 65.52 63.69
C VAL G 1661 -50.42 64.55 63.99
N THR G 1662 -49.18 65.03 63.94
CA THR G 1662 -47.97 64.17 64.01
C THR G 1662 -47.14 64.48 65.25
N THR G 1663 -46.57 63.45 65.88
CA THR G 1663 -45.53 63.58 66.93
C THR G 1663 -44.31 62.77 66.54
N PHE G 1664 -43.12 63.38 66.60
CA PHE G 1664 -41.83 62.70 66.35
C PHE G 1664 -41.22 62.32 67.68
N VAL G 1665 -40.83 61.04 67.83
CA VAL G 1665 -40.13 60.52 69.03
C VAL G 1665 -38.76 60.01 68.59
N PHE G 1666 -37.71 60.37 69.32
CA PHE G 1666 -36.29 60.08 68.96
C PHE G 1666 -35.73 59.04 69.91
N THR G 1667 -35.15 57.97 69.37
CA THR G 1667 -34.73 56.77 70.12
C THR G 1667 -33.49 57.07 70.94
N GLY G 1668 -33.36 56.40 72.09
CA GLY G 1668 -32.20 56.53 73.01
C GLY G 1668 -31.12 55.51 72.71
N GLN G 1669 -30.11 55.44 73.59
CA GLN G 1669 -28.98 54.47 73.49
C GLN G 1669 -29.58 53.07 73.55
N GLY G 1670 -28.81 52.06 73.14
CA GLY G 1670 -29.18 50.64 73.22
C GLY G 1670 -29.61 50.09 71.87
N SER G 1671 -30.11 50.95 70.99
CA SER G 1671 -30.68 50.58 69.67
C SER G 1671 -29.60 50.55 68.58
N GLN G 1672 -28.47 51.23 68.82
CA GLN G 1672 -27.40 51.50 67.81
C GLN G 1672 -26.88 50.19 67.23
N GLU G 1673 -26.53 50.20 65.94
CA GLU G 1673 -26.07 49.02 65.18
C GLU G 1673 -24.97 49.46 64.21
N GLN G 1674 -23.96 48.64 64.01
CA GLN G 1674 -22.89 48.92 63.02
C GLN G 1674 -23.55 49.19 61.67
N GLY G 1675 -23.05 50.18 60.93
CA GLY G 1675 -23.53 50.52 59.57
C GLY G 1675 -24.79 51.34 59.56
N MET G 1676 -25.37 51.67 60.72
CA MET G 1676 -26.66 52.40 60.81
C MET G 1676 -26.53 53.75 60.12
N GLY G 1677 -27.56 54.12 59.36
CA GLY G 1677 -27.71 55.45 58.73
C GLY G 1677 -26.89 55.58 57.45
N MET G 1678 -26.09 54.55 57.12
CA MET G 1678 -25.08 54.59 56.01
C MET G 1678 -25.75 54.37 54.65
N ASP G 1679 -26.85 53.62 54.59
CA ASP G 1679 -27.65 53.47 53.36
C ASP G 1679 -28.11 54.88 52.93
N LEU G 1680 -28.64 55.63 53.88
CA LEU G 1680 -29.12 57.02 53.67
C LEU G 1680 -27.94 57.89 53.25
N TYR G 1681 -26.76 57.69 53.87
CA TYR G 1681 -25.54 58.48 53.60
C TYR G 1681 -25.17 58.39 52.11
N LYS G 1682 -25.37 57.23 51.49
CA LYS G 1682 -25.07 57.00 50.05
C LYS G 1682 -26.03 57.84 49.21
N THR G 1683 -27.33 57.78 49.50
CA THR G 1683 -28.43 58.22 48.60
C THR G 1683 -28.86 59.67 48.85
N SER G 1684 -28.67 60.25 50.04
CA SER G 1684 -29.25 61.55 50.45
C SER G 1684 -28.18 62.64 50.59
N LYS G 1685 -28.28 63.70 49.80
CA LYS G 1685 -27.44 64.92 49.94
C LYS G 1685 -27.54 65.43 51.39
N ALA G 1686 -28.77 65.57 51.89
CA ALA G 1686 -29.07 66.16 53.22
C ALA G 1686 -28.31 65.40 54.32
N ALA G 1687 -28.34 64.07 54.24
CA ALA G 1687 -27.73 63.15 55.22
C ALA G 1687 -26.22 63.24 55.12
N GLN G 1688 -25.69 63.21 53.90
CA GLN G 1688 -24.22 63.34 53.65
C GLN G 1688 -23.72 64.57 54.40
N ASP G 1689 -24.32 65.74 54.16
CA ASP G 1689 -23.89 67.03 54.73
C ASP G 1689 -23.85 66.93 56.26
N VAL G 1690 -24.85 66.31 56.89
CA VAL G 1690 -24.91 66.14 58.38
C VAL G 1690 -23.69 65.31 58.81
N TRP G 1691 -23.60 64.09 58.32
CA TRP G 1691 -22.50 63.14 58.69
C TRP G 1691 -21.14 63.78 58.45
N ASN G 1692 -20.96 64.48 57.33
CA ASN G 1692 -19.65 65.07 56.92
C ASN G 1692 -19.32 66.25 57.84
N ARG G 1693 -20.22 67.21 58.01
CA ARG G 1693 -20.00 68.36 58.93
C ARG G 1693 -19.45 67.81 60.26
N ALA G 1694 -20.04 66.70 60.73
CA ALA G 1694 -19.78 66.07 62.04
C ALA G 1694 -18.43 65.34 62.01
N ASP G 1695 -18.22 64.54 60.97
CA ASP G 1695 -16.97 63.76 60.78
C ASP G 1695 -15.79 64.73 60.71
N ASN G 1696 -15.91 65.78 59.91
CA ASN G 1696 -14.86 66.83 59.78
C ASN G 1696 -14.61 67.44 61.16
N HIS G 1697 -15.66 67.68 61.94
CA HIS G 1697 -15.51 68.32 63.25
C HIS G 1697 -14.67 67.42 64.15
N PHE G 1698 -14.98 66.13 64.18
CA PHE G 1698 -14.31 65.15 65.07
C PHE G 1698 -12.86 64.94 64.62
N LYS G 1699 -12.66 64.76 63.32
CA LYS G 1699 -11.30 64.53 62.75
C LYS G 1699 -10.40 65.72 63.06
N ASP G 1700 -10.89 66.95 62.84
CA ASP G 1700 -10.07 68.18 62.99
C ASP G 1700 -9.83 68.50 64.47
N THR G 1701 -10.76 68.22 65.38
CA THR G 1701 -10.60 68.68 66.79
C THR G 1701 -10.15 67.50 67.68
N TYR G 1702 -10.53 66.24 67.43
CA TYR G 1702 -10.19 65.11 68.33
C TYR G 1702 -9.45 63.95 67.64
N GLY G 1703 -9.19 64.05 66.33
CA GLY G 1703 -8.38 63.09 65.57
C GLY G 1703 -9.01 61.70 65.48
N PHE G 1704 -10.32 61.61 65.34
CA PHE G 1704 -11.01 60.34 65.00
C PHE G 1704 -12.21 60.66 64.11
N SER G 1705 -12.68 59.66 63.36
CA SER G 1705 -13.80 59.75 62.40
C SER G 1705 -15.01 59.05 63.01
N ILE G 1706 -16.11 59.76 63.22
CA ILE G 1706 -17.35 59.14 63.76
C ILE G 1706 -17.91 58.20 62.69
N LEU G 1707 -17.73 58.53 61.41
CA LEU G 1707 -18.12 57.64 60.29
C LEU G 1707 -17.35 56.33 60.41
N ASP G 1708 -16.02 56.37 60.51
CA ASP G 1708 -15.19 55.15 60.63
C ASP G 1708 -15.78 54.28 61.75
N ILE G 1709 -16.10 54.88 62.90
CA ILE G 1709 -16.57 54.12 64.09
C ILE G 1709 -17.90 53.47 63.76
N VAL G 1710 -18.81 54.20 63.13
CA VAL G 1710 -20.14 53.66 62.75
C VAL G 1710 -19.97 52.56 61.72
N ILE G 1711 -19.09 52.73 60.73
CA ILE G 1711 -18.96 51.81 59.57
C ILE G 1711 -18.26 50.50 59.99
N ASN G 1712 -17.12 50.57 60.70
CA ASN G 1712 -16.19 49.44 60.98
C ASN G 1712 -16.19 49.03 62.46
N ASN G 1713 -16.78 49.81 63.35
CA ASN G 1713 -16.93 49.50 64.79
C ASN G 1713 -15.65 48.84 65.32
N PRO G 1714 -14.52 49.57 65.33
CA PRO G 1714 -13.24 49.02 65.79
C PRO G 1714 -13.27 48.75 67.30
N VAL G 1715 -12.49 47.78 67.76
CA VAL G 1715 -12.45 47.30 69.17
C VAL G 1715 -11.64 48.32 69.98
N ASN G 1716 -10.58 48.83 69.37
CA ASN G 1716 -9.63 49.82 69.93
C ASN G 1716 -9.38 50.89 68.87
N LEU G 1717 -9.14 52.12 69.30
CA LEU G 1717 -8.84 53.26 68.39
C LEU G 1717 -7.87 54.18 69.12
N THR G 1718 -6.69 54.44 68.54
CA THR G 1718 -5.64 55.23 69.21
C THR G 1718 -5.40 56.51 68.41
N ILE G 1719 -5.38 57.64 69.11
CA ILE G 1719 -5.22 59.02 68.57
C ILE G 1719 -3.75 59.39 68.73
N HIS G 1720 -3.11 59.91 67.69
CA HIS G 1720 -1.66 60.20 67.69
C HIS G 1720 -1.44 61.71 67.70
N PHE G 1721 -0.56 62.20 68.57
CA PHE G 1721 -0.34 63.64 68.83
C PHE G 1721 0.96 64.11 68.17
N GLY G 1722 1.27 63.57 67.00
CA GLY G 1722 2.52 63.90 66.30
C GLY G 1722 2.38 65.17 65.50
N GLY G 1723 3.40 66.02 65.52
CA GLY G 1723 3.50 67.17 64.61
C GLY G 1723 2.58 68.29 65.04
N GLU G 1724 2.63 69.44 64.36
CA GLU G 1724 1.92 70.65 64.82
C GLU G 1724 0.41 70.36 64.84
N LYS G 1725 -0.10 69.56 63.89
CA LYS G 1725 -1.53 69.18 63.82
C LYS G 1725 -1.90 68.30 65.02
N GLY G 1726 -0.99 67.46 65.48
CA GLY G 1726 -1.23 66.50 66.56
C GLY G 1726 -1.22 67.16 67.92
N LYS G 1727 -0.42 68.23 68.10
CA LYS G 1727 -0.33 68.94 69.40
C LYS G 1727 -1.61 69.76 69.57
N ARG G 1728 -2.08 70.40 68.50
CA ARG G 1728 -3.35 71.17 68.50
C ARG G 1728 -4.48 70.23 68.94
N ILE G 1729 -4.50 69.00 68.44
CA ILE G 1729 -5.53 67.99 68.81
C ILE G 1729 -5.35 67.63 70.29
N ARG G 1730 -4.12 67.46 70.74
CA ARG G 1730 -3.85 67.07 72.14
C ARG G 1730 -4.36 68.17 73.07
N GLU G 1731 -4.13 69.44 72.74
CA GLU G 1731 -4.63 70.60 73.54
C GLU G 1731 -6.14 70.40 73.76
N ASN G 1732 -6.89 70.19 72.68
CA ASN G 1732 -8.37 70.00 72.71
C ASN G 1732 -8.72 68.85 73.66
N TYR G 1733 -7.90 67.80 73.78
CA TYR G 1733 -8.16 66.67 74.69
C TYR G 1733 -7.89 67.12 76.13
N SER G 1734 -6.90 67.99 76.35
CA SER G 1734 -6.47 68.46 77.69
C SER G 1734 -7.43 69.53 78.18
N ALA G 1735 -7.76 70.48 77.28
CA ALA G 1735 -8.73 71.58 77.46
C ALA G 1735 -10.16 71.06 77.72
N MET G 1736 -10.36 69.74 77.74
CA MET G 1736 -11.65 69.10 78.12
C MET G 1736 -11.67 68.95 79.64
N ILE G 1737 -12.45 69.83 80.30
CA ILE G 1737 -12.43 70.14 81.77
C ILE G 1737 -13.86 70.05 82.34
N PHE G 1738 -13.98 70.03 83.69
CA PHE G 1738 -15.24 70.22 84.47
C PHE G 1738 -15.27 71.63 85.11
N GLU G 1739 -16.21 72.50 84.66
CA GLU G 1739 -16.32 73.92 85.09
C GLU G 1739 -17.24 74.04 86.32
N THR G 1740 -16.79 73.56 87.48
CA THR G 1740 -17.49 73.69 88.80
C THR G 1740 -17.17 75.08 89.41
N ILE G 1741 -18.11 75.65 90.20
CA ILE G 1741 -17.96 77.00 90.85
C ILE G 1741 -18.12 76.82 92.38
N VAL G 1742 -17.01 76.60 93.11
CA VAL G 1742 -16.97 76.22 94.57
C VAL G 1742 -16.34 77.37 95.39
N ASP G 1743 -17.12 77.91 96.36
CA ASP G 1743 -16.77 78.98 97.34
C ASP G 1743 -16.83 80.38 96.70
N GLY G 1744 -17.50 80.54 95.54
CA GLY G 1744 -17.52 81.80 94.77
C GLY G 1744 -16.60 81.75 93.56
N LYS G 1745 -15.39 81.15 93.70
CA LYS G 1745 -14.35 81.05 92.63
C LYS G 1745 -14.56 79.80 91.75
N LEU G 1746 -14.01 79.78 90.53
CA LEU G 1746 -14.09 78.62 89.57
C LEU G 1746 -12.96 77.61 89.88
N LYS G 1747 -13.23 76.30 89.71
CA LYS G 1747 -12.19 75.20 89.78
C LYS G 1747 -12.30 74.29 88.54
N THR G 1748 -11.17 73.69 88.16
CA THR G 1748 -10.97 72.98 86.85
C THR G 1748 -10.58 71.52 87.13
N GLU G 1749 -11.10 70.55 86.38
CA GLU G 1749 -10.81 69.11 86.52
C GLU G 1749 -10.76 68.44 85.14
N LYS G 1750 -9.66 67.70 84.87
CA LYS G 1750 -9.31 67.12 83.54
C LYS G 1750 -10.07 65.78 83.35
N ILE G 1751 -10.94 65.74 82.35
CA ILE G 1751 -11.34 64.52 81.59
C ILE G 1751 -10.03 64.24 80.88
N PHE G 1752 -9.61 62.99 80.86
CA PHE G 1752 -8.36 62.51 80.23
C PHE G 1752 -7.20 62.89 81.15
N LYS G 1753 -7.08 62.16 82.25
CA LYS G 1753 -6.05 62.43 83.28
C LYS G 1753 -4.69 62.06 82.69
N GLU G 1754 -4.65 61.04 81.81
CA GLU G 1754 -3.41 60.43 81.25
C GLU G 1754 -2.75 61.41 80.27
N ILE G 1755 -3.52 62.23 79.57
CA ILE G 1755 -3.01 63.07 78.43
C ILE G 1755 -2.34 64.33 78.98
N ASN G 1756 -1.02 64.45 78.89
CA ASN G 1756 -0.25 65.62 79.36
C ASN G 1756 0.58 66.19 78.20
N GLU G 1757 1.47 67.13 78.49
CA GLU G 1757 2.42 67.79 77.54
C GLU G 1757 3.40 66.77 76.94
N HIS G 1758 3.51 65.55 77.51
CA HIS G 1758 4.50 64.52 77.13
C HIS G 1758 3.83 63.31 76.49
N SER G 1759 2.52 63.36 76.25
CA SER G 1759 1.74 62.24 75.67
C SER G 1759 1.90 62.26 74.14
N THR G 1760 2.29 61.14 73.55
CA THR G 1760 2.45 60.96 72.08
C THR G 1760 1.18 60.33 71.51
N SER G 1761 0.34 59.71 72.35
CA SER G 1761 -0.91 59.06 71.89
C SER G 1761 -1.85 58.78 73.08
N TYR G 1762 -3.13 58.61 72.79
CA TYR G 1762 -4.16 58.14 73.74
C TYR G 1762 -4.99 57.07 73.04
N THR G 1763 -5.38 56.02 73.74
CA THR G 1763 -6.13 54.87 73.15
C THR G 1763 -7.47 54.72 73.85
N PHE G 1764 -8.57 54.72 73.09
CA PHE G 1764 -9.92 54.28 73.51
C PHE G 1764 -10.01 52.76 73.37
N ARG G 1765 -10.50 52.07 74.41
CA ARG G 1765 -10.69 50.58 74.39
C ARG G 1765 -12.16 50.26 74.68
N SER G 1766 -12.58 49.06 74.26
CA SER G 1766 -13.92 48.48 74.55
C SER G 1766 -13.86 46.98 74.23
N GLU G 1767 -14.56 46.15 75.00
CA GLU G 1767 -14.49 44.67 74.83
C GLU G 1767 -14.89 44.33 73.38
N LYS G 1768 -16.07 44.76 72.93
CA LYS G 1768 -16.76 44.19 71.74
C LYS G 1768 -16.82 45.20 70.58
N GLY G 1769 -16.63 46.50 70.80
CA GLY G 1769 -16.55 47.52 69.72
C GLY G 1769 -16.90 48.93 70.20
N LEU G 1770 -16.12 49.94 69.81
CA LEU G 1770 -16.20 51.32 70.34
C LEU G 1770 -17.58 51.93 70.09
N LEU G 1771 -18.36 51.39 69.16
CA LEU G 1771 -19.67 51.98 68.79
C LEU G 1771 -20.64 51.90 69.98
N SER G 1772 -20.38 51.01 70.94
CA SER G 1772 -21.25 50.83 72.15
C SER G 1772 -20.54 51.33 73.41
N ALA G 1773 -19.48 52.13 73.27
CA ALA G 1773 -18.92 52.96 74.37
C ALA G 1773 -19.61 54.32 74.27
N THR G 1774 -20.32 54.74 75.32
CA THR G 1774 -21.35 55.81 75.26
C THR G 1774 -20.81 57.10 74.62
N GLN G 1775 -19.52 57.45 74.77
CA GLN G 1775 -18.95 58.72 74.24
C GLN G 1775 -19.03 58.76 72.71
N PHE G 1776 -19.00 57.61 72.05
CA PHE G 1776 -19.13 57.46 70.57
C PHE G 1776 -20.59 57.14 70.22
N THR G 1777 -21.22 56.26 71.00
CA THR G 1777 -22.63 55.83 70.80
C THR G 1777 -23.53 57.06 70.68
N GLN G 1778 -23.37 58.02 71.57
CA GLN G 1778 -24.28 59.18 71.67
C GLN G 1778 -24.19 60.00 70.39
N PRO G 1779 -23.00 60.51 69.97
CA PRO G 1779 -22.92 61.29 68.74
C PRO G 1779 -23.40 60.45 67.55
N ALA G 1780 -22.96 59.19 67.45
CA ALA G 1780 -23.31 58.26 66.35
C ALA G 1780 -24.84 58.20 66.20
N LEU G 1781 -25.54 57.95 67.30
CA LEU G 1781 -27.01 57.80 67.33
C LEU G 1781 -27.67 59.14 66.96
N THR G 1782 -27.18 60.22 67.56
CA THR G 1782 -27.65 61.60 67.32
C THR G 1782 -27.65 61.90 65.83
N LEU G 1783 -26.54 61.57 65.16
CA LEU G 1783 -26.32 61.88 63.72
C LEU G 1783 -27.29 61.03 62.88
N MET G 1784 -27.30 59.72 63.08
CA MET G 1784 -28.25 58.78 62.40
C MET G 1784 -29.64 59.43 62.36
N GLU G 1785 -30.07 59.97 63.50
CA GLU G 1785 -31.43 60.54 63.70
C GLU G 1785 -31.52 61.89 62.98
N LYS G 1786 -30.57 62.80 63.25
CA LYS G 1786 -30.59 64.18 62.69
C LYS G 1786 -30.53 64.09 61.16
N ALA G 1787 -29.70 63.20 60.61
CA ALA G 1787 -29.54 62.95 59.17
C ALA G 1787 -30.87 62.50 58.59
N ALA G 1788 -31.48 61.46 59.17
CA ALA G 1788 -32.80 60.96 58.75
C ALA G 1788 -33.80 62.13 58.75
N PHE G 1789 -33.76 62.97 59.77
CA PHE G 1789 -34.76 64.04 59.92
C PHE G 1789 -34.54 65.09 58.81
N GLU G 1790 -33.29 65.45 58.54
CA GLU G 1790 -33.00 66.53 57.56
C GLU G 1790 -33.37 66.06 56.15
N ASP G 1791 -33.17 64.78 55.86
CA ASP G 1791 -33.63 64.16 54.59
C ASP G 1791 -35.15 64.31 54.49
N LEU G 1792 -35.88 63.94 55.54
CA LEU G 1792 -37.36 64.07 55.58
C LEU G 1792 -37.72 65.53 55.31
N LYS G 1793 -37.07 66.47 56.01
CA LYS G 1793 -37.36 67.92 55.92
C LYS G 1793 -37.10 68.36 54.47
N SER G 1794 -36.04 67.85 53.85
CA SER G 1794 -35.66 68.20 52.44
C SER G 1794 -36.73 67.71 51.45
N LYS G 1795 -37.56 66.73 51.79
CA LYS G 1795 -38.66 66.26 50.90
C LYS G 1795 -39.97 66.92 51.32
N GLY G 1796 -39.89 67.90 52.24
CA GLY G 1796 -41.02 68.72 52.73
C GLY G 1796 -42.05 67.92 53.49
N LEU G 1797 -41.61 66.99 54.33
CA LEU G 1797 -42.47 65.94 54.94
C LEU G 1797 -42.79 66.24 56.40
N ILE G 1798 -42.24 67.34 56.94
CA ILE G 1798 -42.32 67.67 58.39
C ILE G 1798 -43.43 68.69 58.59
N PRO G 1799 -44.55 68.31 59.23
CA PRO G 1799 -45.62 69.27 59.51
C PRO G 1799 -45.05 70.46 60.29
N ALA G 1800 -45.55 71.65 59.97
CA ALA G 1800 -45.14 72.93 60.58
C ALA G 1800 -45.31 72.85 62.11
N ASP G 1801 -46.44 72.31 62.57
CA ASP G 1801 -46.87 72.39 64.00
C ASP G 1801 -46.72 71.04 64.70
N ALA G 1802 -45.61 70.34 64.53
CA ALA G 1802 -45.43 68.96 65.07
C ALA G 1802 -44.95 69.04 66.51
N THR G 1803 -45.53 68.23 67.40
CA THR G 1803 -45.01 67.94 68.76
C THR G 1803 -43.86 66.95 68.62
N PHE G 1804 -42.91 66.95 69.55
CA PHE G 1804 -41.72 66.07 69.51
C PHE G 1804 -41.19 65.85 70.92
N ALA G 1805 -40.60 64.68 71.13
CA ALA G 1805 -39.89 64.31 72.39
C ALA G 1805 -38.81 63.30 72.07
N GLY G 1806 -37.79 63.23 72.92
CA GLY G 1806 -36.70 62.25 72.77
C GLY G 1806 -36.51 61.48 74.05
N HIS G 1807 -36.33 60.17 73.94
CA HIS G 1807 -36.07 59.26 75.09
C HIS G 1807 -34.59 59.35 75.46
N SER G 1808 -34.30 59.80 76.67
CA SER G 1808 -32.93 59.88 77.21
C SER G 1808 -32.10 60.74 76.25
N LEU G 1809 -31.24 60.13 75.42
CA LEU G 1809 -30.31 60.87 74.53
C LEU G 1809 -31.08 61.51 73.37
N GLY G 1810 -32.08 60.79 72.86
CA GLY G 1810 -33.00 61.26 71.80
C GLY G 1810 -33.46 62.69 72.04
N GLU G 1811 -33.54 63.12 73.30
CA GLU G 1811 -33.96 64.51 73.64
C GLU G 1811 -33.06 65.48 72.86
N TYR G 1812 -31.75 65.22 72.77
CA TYR G 1812 -30.75 66.13 72.14
C TYR G 1812 -30.97 66.11 70.62
N ALA G 1813 -31.16 64.93 70.03
CA ALA G 1813 -31.42 64.76 68.58
C ALA G 1813 -32.73 65.46 68.22
N ALA G 1814 -33.78 65.22 68.99
CA ALA G 1814 -35.13 65.79 68.80
C ALA G 1814 -35.03 67.32 68.81
N LEU G 1815 -34.38 67.90 69.81
CA LEU G 1815 -34.23 69.38 69.93
C LEU G 1815 -33.53 69.94 68.68
N ALA G 1816 -32.47 69.28 68.22
CA ALA G 1816 -31.68 69.74 67.06
C ALA G 1816 -32.50 69.55 65.78
N SER G 1817 -33.19 68.43 65.68
CA SER G 1817 -33.96 68.04 64.46
C SER G 1817 -35.15 68.98 64.24
N LEU G 1818 -35.77 69.53 65.29
CA LEU G 1818 -37.05 70.27 65.13
C LEU G 1818 -36.94 71.74 65.52
N ALA G 1819 -35.91 72.15 66.25
CA ALA G 1819 -35.78 73.57 66.67
C ALA G 1819 -34.40 74.09 66.30
N ASP G 1820 -33.62 73.29 65.55
CA ASP G 1820 -32.25 73.62 65.11
C ASP G 1820 -31.58 74.50 66.19
N VAL G 1821 -31.72 74.08 67.45
CA VAL G 1821 -31.19 74.75 68.66
C VAL G 1821 -29.67 74.78 68.61
N MET G 1822 -29.06 73.75 68.01
CA MET G 1822 -27.59 73.60 67.88
C MET G 1822 -27.28 73.23 66.42
N SER G 1823 -26.14 73.74 65.95
CA SER G 1823 -25.47 73.26 64.71
C SER G 1823 -25.16 71.78 64.85
N ILE G 1824 -24.92 71.08 63.75
CA ILE G 1824 -24.42 69.67 63.80
C ILE G 1824 -23.16 69.64 64.68
N GLU G 1825 -22.26 70.60 64.50
CA GLU G 1825 -20.94 70.60 65.21
C GLU G 1825 -21.19 70.70 66.71
N SER G 1826 -22.06 71.62 67.16
CA SER G 1826 -22.37 71.82 68.59
C SER G 1826 -23.02 70.55 69.17
N LEU G 1827 -24.02 70.02 68.46
CA LEU G 1827 -24.81 68.84 68.88
C LEU G 1827 -23.87 67.69 69.22
N VAL G 1828 -23.01 67.27 68.29
CA VAL G 1828 -22.12 66.10 68.49
C VAL G 1828 -21.07 66.46 69.55
N GLU G 1829 -20.61 67.70 69.57
CA GLU G 1829 -19.60 68.17 70.57
C GLU G 1829 -20.18 68.00 71.98
N VAL G 1830 -21.42 68.42 72.18
CA VAL G 1830 -22.13 68.43 73.49
C VAL G 1830 -22.36 66.99 73.93
N VAL G 1831 -22.97 66.23 73.05
CA VAL G 1831 -23.35 64.80 73.28
C VAL G 1831 -22.09 63.96 73.51
N PHE G 1832 -20.95 64.32 72.92
CA PHE G 1832 -19.66 63.61 73.10
C PHE G 1832 -19.15 63.90 74.52
N TYR G 1833 -19.11 65.18 74.89
CA TYR G 1833 -18.72 65.63 76.24
C TYR G 1833 -19.60 64.92 77.27
N ARG G 1834 -20.91 64.90 77.02
CA ARG G 1834 -21.94 64.25 77.88
C ARG G 1834 -21.50 62.81 78.14
N GLY G 1835 -21.35 62.00 77.08
CA GLY G 1835 -20.89 60.61 77.17
C GLY G 1835 -19.60 60.47 77.93
N MET G 1836 -18.69 61.43 77.77
CA MET G 1836 -17.35 61.39 78.43
C MET G 1836 -17.55 61.65 79.94
N THR G 1837 -18.41 62.61 80.30
CA THR G 1837 -18.78 62.89 81.71
C THR G 1837 -19.29 61.59 82.35
N MET G 1838 -20.23 60.91 81.70
CA MET G 1838 -20.80 59.63 82.19
C MET G 1838 -19.67 58.59 82.37
N GLN G 1839 -18.64 58.58 81.51
CA GLN G 1839 -17.59 57.53 81.54
C GLN G 1839 -16.64 57.75 82.73
N VAL G 1840 -16.34 59.01 83.09
CA VAL G 1840 -15.44 59.36 84.22
C VAL G 1840 -16.11 59.03 85.55
N ALA G 1841 -17.43 59.17 85.65
CA ALA G 1841 -18.20 59.10 86.91
C ALA G 1841 -18.21 57.66 87.47
N VAL G 1842 -17.90 56.65 86.64
CA VAL G 1842 -17.95 55.20 87.00
C VAL G 1842 -16.53 54.65 87.13
N PRO G 1843 -16.04 54.33 88.36
CA PRO G 1843 -14.80 53.57 88.52
C PRO G 1843 -14.88 52.22 87.77
N ARG G 1844 -13.99 51.97 86.79
CA ARG G 1844 -13.87 50.70 86.00
C ARG G 1844 -12.47 50.05 86.21
N ASP G 1845 -11.94 50.11 87.44
CA ASP G 1845 -10.48 50.13 87.76
C ASP G 1845 -9.83 48.73 87.71
N GLU G 1846 -10.45 47.74 87.07
CA GLU G 1846 -9.94 46.33 87.09
C GLU G 1846 -9.70 45.93 85.63
N LEU G 1847 -10.75 45.97 84.81
CA LEU G 1847 -10.68 45.88 83.33
C LEU G 1847 -11.77 46.83 82.81
N GLY G 1848 -12.22 46.66 81.55
CA GLY G 1848 -13.19 47.58 80.90
C GLY G 1848 -14.64 47.41 81.38
N ARG G 1849 -14.94 47.59 82.69
CA ARG G 1849 -16.18 47.13 83.39
C ARG G 1849 -16.27 47.71 84.83
N SER G 1850 -17.50 47.96 85.32
CA SER G 1850 -17.80 48.56 86.65
C SER G 1850 -18.76 47.67 87.47
N ASN G 1851 -18.95 48.01 88.74
CA ASN G 1851 -20.01 47.42 89.62
C ASN G 1851 -21.27 48.29 89.56
N TYR G 1852 -21.63 48.75 88.35
CA TYR G 1852 -22.86 49.54 88.02
C TYR G 1852 -23.44 49.06 86.68
N GLY G 1853 -24.77 48.90 86.62
CA GLY G 1853 -25.53 48.42 85.44
C GLY G 1853 -27.01 48.71 85.58
N MET G 1854 -27.85 48.24 84.63
CA MET G 1854 -29.33 48.45 84.69
C MET G 1854 -30.12 47.28 84.05
N ILE G 1855 -31.31 47.02 84.59
CA ILE G 1855 -32.24 45.91 84.20
C ILE G 1855 -33.60 46.53 83.79
N ALA G 1856 -34.28 45.87 82.85
CA ALA G 1856 -35.65 46.17 82.36
C ALA G 1856 -36.64 45.24 83.06
N ILE G 1857 -37.58 45.80 83.84
CA ILE G 1857 -38.55 45.03 84.68
C ILE G 1857 -39.94 45.09 84.04
N ASN G 1858 -40.69 44.00 84.16
CA ASN G 1858 -42.11 43.86 83.73
C ASN G 1858 -42.93 43.41 84.94
N PRO G 1859 -43.52 44.35 85.72
CA PRO G 1859 -44.26 43.97 86.93
C PRO G 1859 -45.38 42.97 86.64
N GLY G 1860 -45.93 42.99 85.42
CA GLY G 1860 -46.97 42.06 84.94
C GLY G 1860 -46.58 40.60 85.16
N ARG G 1861 -45.30 40.26 84.99
CA ARG G 1861 -44.79 38.86 84.95
C ARG G 1861 -44.59 38.30 86.37
N VAL G 1862 -44.30 39.15 87.36
CA VAL G 1862 -44.23 38.69 88.78
C VAL G 1862 -45.63 38.18 89.16
N ALA G 1863 -46.65 39.04 89.12
CA ALA G 1863 -48.09 38.72 89.34
C ALA G 1863 -48.95 39.83 88.71
N ALA G 1864 -50.06 39.48 88.08
CA ALA G 1864 -50.96 40.40 87.33
C ALA G 1864 -51.58 41.51 88.20
N SER G 1865 -51.21 41.63 89.48
CA SER G 1865 -51.75 42.55 90.52
C SER G 1865 -50.61 43.39 91.12
N PHE G 1866 -49.36 43.03 90.81
CA PHE G 1866 -48.10 43.76 91.14
C PHE G 1866 -48.03 45.04 90.30
N SER G 1867 -48.41 46.18 90.88
CA SER G 1867 -48.56 47.46 90.14
C SER G 1867 -47.24 48.25 90.14
N GLN G 1868 -47.22 49.35 89.37
CA GLN G 1868 -46.33 50.52 89.62
C GLN G 1868 -46.90 51.00 90.95
N GLU G 1869 -46.07 51.03 91.99
CA GLU G 1869 -46.38 51.34 93.42
C GLU G 1869 -45.79 50.19 94.22
N ALA G 1870 -46.20 48.96 93.87
CA ALA G 1870 -45.58 47.69 94.32
C ALA G 1870 -44.08 47.73 93.99
N LEU G 1871 -43.75 48.04 92.73
CA LEU G 1871 -42.36 48.02 92.20
C LEU G 1871 -41.57 49.17 92.82
N GLN G 1872 -42.15 50.38 92.82
CA GLN G 1872 -41.57 51.62 93.43
C GLN G 1872 -41.23 51.37 94.90
N TYR G 1873 -42.13 50.70 95.63
CA TYR G 1873 -41.97 50.37 97.07
C TYR G 1873 -40.90 49.28 97.24
N VAL G 1874 -41.00 48.16 96.53
CA VAL G 1874 -40.01 47.03 96.58
C VAL G 1874 -38.58 47.57 96.38
N VAL G 1875 -38.37 48.50 95.44
CA VAL G 1875 -37.04 49.02 95.03
C VAL G 1875 -36.55 50.03 96.09
N GLU G 1876 -37.43 50.97 96.49
CA GLU G 1876 -37.18 51.97 97.55
C GLU G 1876 -36.65 51.27 98.81
N ARG G 1877 -37.20 50.09 99.16
CA ARG G 1877 -36.86 49.31 100.38
C ARG G 1877 -35.44 48.70 100.22
N VAL G 1878 -35.18 47.98 99.11
CA VAL G 1878 -33.86 47.36 98.81
C VAL G 1878 -32.80 48.46 98.94
N GLY G 1879 -33.06 49.63 98.33
CA GLY G 1879 -32.19 50.83 98.37
C GLY G 1879 -31.87 51.27 99.79
N LYS G 1880 -32.90 51.59 100.59
CA LYS G 1880 -32.76 52.10 101.98
C LYS G 1880 -32.10 51.03 102.87
N ARG G 1881 -32.65 49.81 102.88
CA ARG G 1881 -32.27 48.70 103.79
C ARG G 1881 -30.86 48.19 103.46
N THR G 1882 -30.66 47.62 102.25
CA THR G 1882 -29.35 47.09 101.82
C THR G 1882 -28.34 48.25 101.83
N GLY G 1883 -28.79 49.49 101.75
CA GLY G 1883 -27.96 50.70 101.83
C GLY G 1883 -27.23 50.98 100.52
N TRP G 1884 -27.25 50.02 99.59
CA TRP G 1884 -26.70 50.15 98.21
C TRP G 1884 -27.73 50.88 97.34
N LEU G 1885 -27.28 51.85 96.55
CA LEU G 1885 -28.18 52.65 95.67
C LEU G 1885 -28.73 51.77 94.56
N VAL G 1886 -30.06 51.78 94.42
CA VAL G 1886 -30.81 51.32 93.20
C VAL G 1886 -32.07 52.22 93.07
N GLU G 1887 -32.47 52.50 91.83
CA GLU G 1887 -33.58 53.45 91.50
C GLU G 1887 -34.21 53.08 90.16
N ILE G 1888 -35.50 53.42 90.00
CA ILE G 1888 -36.25 53.37 88.72
C ILE G 1888 -35.91 54.66 87.95
N VAL G 1889 -35.31 54.52 86.76
CA VAL G 1889 -34.74 55.65 85.96
C VAL G 1889 -35.55 55.84 84.67
N ASN G 1890 -36.06 54.76 84.07
CA ASN G 1890 -37.06 54.84 82.98
C ASN G 1890 -38.42 54.34 83.49
N TYR G 1891 -39.43 55.21 83.45
CA TYR G 1891 -40.87 54.85 83.43
C TYR G 1891 -41.32 54.84 81.96
N ASN G 1892 -41.37 53.66 81.33
CA ASN G 1892 -41.57 53.51 79.87
C ASN G 1892 -43.05 53.23 79.57
N VAL G 1893 -43.53 52.03 79.87
CA VAL G 1893 -44.90 51.53 79.57
C VAL G 1893 -45.55 51.06 80.87
N GLU G 1894 -46.78 51.49 81.15
CA GLU G 1894 -47.44 51.30 82.47
C GLU G 1894 -47.64 49.80 82.73
N ASN G 1895 -47.20 49.34 83.91
CA ASN G 1895 -47.32 47.93 84.40
C ASN G 1895 -46.71 46.94 83.39
N GLN G 1896 -45.67 47.34 82.63
CA GLN G 1896 -45.10 46.48 81.55
C GLN G 1896 -43.59 46.71 81.36
N GLN G 1897 -43.14 47.95 81.20
CA GLN G 1897 -41.70 48.28 80.96
C GLN G 1897 -41.27 49.43 81.87
N TYR G 1898 -40.49 49.10 82.90
CA TYR G 1898 -39.72 50.05 83.73
C TYR G 1898 -38.25 49.64 83.62
N VAL G 1899 -37.33 50.56 83.93
CA VAL G 1899 -35.85 50.27 83.93
C VAL G 1899 -35.28 50.85 85.23
N ALA G 1900 -34.63 50.00 86.01
CA ALA G 1900 -33.91 50.39 87.23
C ALA G 1900 -32.41 50.25 86.97
N ALA G 1901 -31.61 51.07 87.64
CA ALA G 1901 -30.14 51.14 87.52
C ALA G 1901 -29.53 51.42 88.89
N GLY G 1902 -28.27 51.01 89.07
CA GLY G 1902 -27.48 51.29 90.29
C GLY G 1902 -26.49 50.17 90.57
N ASP G 1903 -26.21 49.92 91.85
CA ASP G 1903 -25.22 48.93 92.34
C ASP G 1903 -25.59 47.54 91.78
N LEU G 1904 -24.64 46.82 91.17
CA LEU G 1904 -24.85 45.50 90.52
C LEU G 1904 -25.34 44.47 91.55
N ARG G 1905 -24.93 44.63 92.82
CA ARG G 1905 -25.37 43.80 93.98
C ARG G 1905 -26.86 44.06 94.27
N ALA G 1906 -27.28 45.34 94.20
CA ALA G 1906 -28.66 45.83 94.51
C ALA G 1906 -29.63 45.48 93.38
N LEU G 1907 -29.12 45.23 92.16
CA LEU G 1907 -29.89 44.71 90.99
C LEU G 1907 -30.06 43.21 91.14
N ASP G 1908 -29.05 42.54 91.71
CA ASP G 1908 -29.04 41.08 91.95
C ASP G 1908 -30.02 40.70 93.06
N THR G 1909 -30.22 41.58 94.07
CA THR G 1909 -31.25 41.38 95.13
C THR G 1909 -32.65 41.52 94.50
N VAL G 1910 -32.90 42.64 93.81
CA VAL G 1910 -34.20 42.95 93.15
C VAL G 1910 -34.57 41.80 92.21
N THR G 1911 -33.71 41.46 91.24
CA THR G 1911 -34.00 40.47 90.17
C THR G 1911 -34.38 39.10 90.78
N ASN G 1912 -33.89 38.76 91.98
CA ASN G 1912 -34.20 37.49 92.71
C ASN G 1912 -35.43 37.66 93.62
N VAL G 1913 -35.45 38.71 94.46
CA VAL G 1913 -36.59 39.06 95.37
C VAL G 1913 -37.91 38.93 94.57
N LEU G 1914 -37.92 39.44 93.34
CA LEU G 1914 -39.07 39.37 92.39
C LEU G 1914 -39.33 37.90 92.02
N ASN G 1915 -38.28 37.15 91.67
CA ASN G 1915 -38.35 35.70 91.32
C ASN G 1915 -38.98 34.90 92.47
N PHE G 1916 -38.76 35.34 93.72
CA PHE G 1916 -39.32 34.71 94.95
C PHE G 1916 -40.81 35.07 95.07
N ILE G 1917 -41.18 36.35 94.88
CA ILE G 1917 -42.59 36.82 95.01
C ILE G 1917 -43.43 36.17 93.90
N LYS G 1918 -42.83 35.88 92.73
CA LYS G 1918 -43.50 35.20 91.59
C LYS G 1918 -43.74 33.71 91.91
N LEU G 1919 -42.71 32.99 92.39
CA LEU G 1919 -42.81 31.53 92.73
C LEU G 1919 -43.73 31.35 93.94
N GLN G 1920 -43.74 32.30 94.88
CA GLN G 1920 -44.67 32.33 96.05
C GLN G 1920 -46.12 32.48 95.55
N LYS G 1921 -46.30 33.05 94.36
CA LYS G 1921 -47.57 33.04 93.56
C LYS G 1921 -48.63 33.89 94.27
N ILE G 1922 -48.21 34.88 95.06
CA ILE G 1922 -49.11 35.68 95.95
C ILE G 1922 -49.75 36.82 95.12
N ASP G 1923 -51.04 37.05 95.33
CA ASP G 1923 -51.85 38.17 94.76
C ASP G 1923 -51.78 39.33 95.76
N ILE G 1924 -51.28 40.49 95.32
CA ILE G 1924 -50.98 41.71 96.13
C ILE G 1924 -52.26 42.18 96.85
N ILE G 1925 -53.31 42.52 96.10
CA ILE G 1925 -54.59 43.13 96.59
C ILE G 1925 -55.17 42.30 97.76
N GLU G 1926 -55.12 40.96 97.68
CA GLU G 1926 -55.65 40.03 98.72
C GLU G 1926 -54.76 40.11 99.97
N LEU G 1927 -53.48 39.71 99.86
CA LEU G 1927 -52.49 39.62 100.97
C LEU G 1927 -51.93 41.02 101.33
N GLN G 1928 -52.51 42.11 100.79
CA GLN G 1928 -52.23 43.52 101.20
C GLN G 1928 -53.51 44.07 101.85
N LYS G 1929 -53.38 44.77 102.97
CA LYS G 1929 -54.49 45.43 103.72
C LYS G 1929 -55.31 44.35 104.43
N SER G 1930 -55.92 43.40 103.71
CA SER G 1930 -56.82 42.33 104.22
C SER G 1930 -56.05 41.37 105.15
N LEU G 1931 -55.01 40.69 104.65
CA LEU G 1931 -54.20 39.70 105.42
C LEU G 1931 -53.29 40.46 106.40
N SER G 1932 -52.44 41.39 105.91
CA SER G 1932 -51.40 42.10 106.71
C SER G 1932 -51.38 43.61 106.38
N LEU G 1933 -51.61 44.46 107.39
CA LEU G 1933 -51.46 45.96 107.30
C LEU G 1933 -50.04 46.36 107.75
N GLU G 1934 -49.27 46.97 106.83
CA GLU G 1934 -47.98 47.72 107.02
C GLU G 1934 -46.83 46.80 107.46
N GLU G 1935 -47.07 45.82 108.36
CA GLU G 1935 -46.05 44.88 108.92
C GLU G 1935 -45.52 43.94 107.81
N VAL G 1936 -46.22 43.86 106.66
CA VAL G 1936 -45.69 43.33 105.35
C VAL G 1936 -44.22 43.76 105.17
N GLU G 1937 -43.91 45.03 105.49
CA GLU G 1937 -42.53 45.61 105.46
C GLU G 1937 -41.55 44.70 106.23
N GLY G 1938 -42.00 44.15 107.38
CA GLY G 1938 -41.28 43.12 108.16
C GLY G 1938 -41.04 41.86 107.36
N HIS G 1939 -42.05 41.38 106.63
CA HIS G 1939 -41.98 40.19 105.72
C HIS G 1939 -41.11 40.50 104.49
N LEU G 1940 -41.08 41.76 104.04
CA LEU G 1940 -40.30 42.20 102.85
C LEU G 1940 -38.79 42.18 103.18
N PHE G 1941 -38.37 42.86 104.26
CA PHE G 1941 -36.97 42.91 104.77
C PHE G 1941 -36.42 41.49 104.89
N GLU G 1942 -37.27 40.55 105.33
CA GLU G 1942 -36.98 39.10 105.51
C GLU G 1942 -36.55 38.48 104.18
N ILE G 1943 -37.21 38.86 103.07
CA ILE G 1943 -36.96 38.32 101.69
C ILE G 1943 -35.80 39.08 101.05
N ILE G 1944 -35.60 40.36 101.43
CA ILE G 1944 -34.47 41.23 100.95
C ILE G 1944 -33.15 40.69 101.53
N ASP G 1945 -33.11 40.46 102.85
CA ASP G 1945 -31.89 40.08 103.62
C ASP G 1945 -31.43 38.68 103.18
N GLU G 1946 -32.34 37.80 102.77
CA GLU G 1946 -32.04 36.40 102.31
C GLU G 1946 -31.57 36.39 100.84
N ALA G 1947 -31.77 37.50 100.10
CA ALA G 1947 -31.22 37.70 98.74
C ALA G 1947 -30.07 38.70 98.79
N SER G 1948 -30.00 39.52 99.85
CA SER G 1948 -29.01 40.63 100.03
C SER G 1948 -27.63 40.08 100.38
N LYS G 1949 -27.53 39.14 101.33
CA LYS G 1949 -26.23 38.57 101.78
C LYS G 1949 -25.79 37.46 100.80
N LYS G 1950 -26.70 36.98 99.94
CA LYS G 1950 -26.40 36.03 98.83
C LYS G 1950 -25.61 36.77 97.74
N SER G 1951 -25.89 38.06 97.56
CA SER G 1951 -25.27 38.96 96.54
C SER G 1951 -24.18 39.85 97.16
N ALA G 1952 -24.00 39.82 98.49
CA ALA G 1952 -22.99 40.60 99.24
C ALA G 1952 -21.64 39.86 99.24
N VAL G 1953 -21.53 38.72 98.53
CA VAL G 1953 -20.25 37.98 98.28
C VAL G 1953 -20.38 37.24 96.93
N LYS G 1954 -19.71 37.71 95.88
CA LYS G 1954 -19.70 37.11 94.51
C LYS G 1954 -18.40 37.52 93.81
N PRO G 1955 -18.14 37.13 92.54
CA PRO G 1955 -17.19 37.86 91.70
C PRO G 1955 -17.51 39.37 91.75
N ARG G 1956 -16.54 40.20 92.18
CA ARG G 1956 -16.75 41.62 92.60
C ARG G 1956 -17.27 42.46 91.42
N PRO G 1957 -16.83 42.24 90.17
CA PRO G 1957 -17.52 42.77 88.99
C PRO G 1957 -18.63 41.83 88.50
N LEU G 1958 -19.63 41.55 89.36
CA LEU G 1958 -20.53 40.36 89.29
C LEU G 1958 -21.44 40.43 88.06
N LYS G 1959 -21.61 39.29 87.36
CA LYS G 1959 -22.51 39.12 86.21
C LYS G 1959 -23.95 39.24 86.73
N LEU G 1960 -24.85 39.81 85.93
CA LEU G 1960 -26.29 40.00 86.29
C LEU G 1960 -27.12 39.06 85.41
N GLU G 1961 -27.93 38.20 86.06
CA GLU G 1961 -28.69 37.08 85.43
C GLU G 1961 -30.14 37.54 85.21
N ARG G 1962 -30.90 36.74 84.43
CA ARG G 1962 -32.33 36.97 84.08
C ARG G 1962 -33.22 36.47 85.22
N GLY G 1963 -34.50 36.87 85.25
CA GLY G 1963 -35.41 36.47 86.34
C GLY G 1963 -36.88 36.75 86.05
N PHE G 1964 -37.52 35.91 85.22
CA PHE G 1964 -38.97 35.93 84.90
C PHE G 1964 -39.39 37.34 84.45
N ALA G 1965 -39.26 38.30 85.37
CA ALA G 1965 -39.68 39.72 85.25
C ALA G 1965 -38.55 40.61 84.72
N CYS G 1966 -37.30 40.30 85.06
CA CYS G 1966 -36.12 41.20 84.88
C CYS G 1966 -35.19 40.68 83.77
N ILE G 1967 -34.95 41.51 82.74
CA ILE G 1967 -33.93 41.29 81.66
C ILE G 1967 -32.77 42.26 81.93
N PRO G 1968 -31.51 41.79 82.08
CA PRO G 1968 -30.36 42.69 82.15
C PRO G 1968 -30.12 43.33 80.78
N LEU G 1969 -29.84 44.64 80.74
CA LEU G 1969 -29.51 45.37 79.49
C LEU G 1969 -28.09 45.05 79.05
N VAL G 1970 -27.97 44.55 77.80
CA VAL G 1970 -26.73 44.10 77.08
C VAL G 1970 -25.47 44.78 77.67
N GLY G 1971 -25.04 44.34 78.86
CA GLY G 1971 -23.87 44.83 79.64
C GLY G 1971 -23.60 46.33 79.52
N ILE G 1972 -24.59 47.21 79.76
CA ILE G 1972 -24.39 48.69 79.86
C ILE G 1972 -23.70 49.00 81.20
N SER G 1973 -22.50 49.60 81.17
CA SER G 1973 -21.59 49.74 82.34
C SER G 1973 -22.02 50.92 83.23
N VAL G 1974 -22.88 51.82 82.72
CA VAL G 1974 -23.16 53.16 83.31
C VAL G 1974 -24.56 53.19 83.91
N PRO G 1975 -24.76 53.78 85.11
CA PRO G 1975 -26.10 53.95 85.70
C PRO G 1975 -26.85 55.23 85.26
N PHE G 1976 -27.20 55.34 83.97
CA PHE G 1976 -27.86 56.54 83.37
C PHE G 1976 -29.07 56.94 84.21
N HIS G 1977 -29.25 58.25 84.40
CA HIS G 1977 -30.49 58.89 84.96
C HIS G 1977 -30.67 58.55 86.45
N SER G 1978 -29.69 57.87 87.06
CA SER G 1978 -29.58 57.65 88.53
C SER G 1978 -29.06 58.94 89.18
N THR G 1979 -29.23 59.11 90.49
CA THR G 1979 -28.74 60.30 91.23
C THR G 1979 -27.21 60.27 91.32
N TYR G 1980 -26.61 59.09 91.10
CA TYR G 1980 -25.13 58.90 91.07
C TYR G 1980 -24.49 60.00 90.20
N LEU G 1981 -25.13 60.35 89.07
CA LEU G 1981 -24.61 61.32 88.07
C LEU G 1981 -24.94 62.77 88.47
N MET G 1982 -25.53 63.01 89.65
CA MET G 1982 -25.89 64.38 90.11
C MET G 1982 -24.62 65.22 90.27
N ASN G 1983 -23.48 64.57 90.51
CA ASN G 1983 -22.12 65.17 90.55
C ASN G 1983 -21.86 65.96 89.26
N GLY G 1984 -22.22 65.38 88.10
CA GLY G 1984 -21.89 65.89 86.76
C GLY G 1984 -22.84 66.97 86.26
N VAL G 1985 -23.92 67.28 86.99
CA VAL G 1985 -24.97 68.25 86.53
C VAL G 1985 -24.41 69.67 86.52
N LYS G 1986 -23.85 70.14 87.64
CA LYS G 1986 -23.29 71.51 87.80
C LYS G 1986 -22.31 71.84 86.68
N PRO G 1987 -21.28 70.99 86.40
CA PRO G 1987 -20.32 71.26 85.32
C PRO G 1987 -20.91 71.16 83.91
N PHE G 1988 -21.71 70.12 83.66
CA PHE G 1988 -22.37 69.87 82.35
C PHE G 1988 -23.29 71.05 82.03
N LYS G 1989 -23.99 71.60 83.03
CA LYS G 1989 -24.86 72.79 82.88
C LYS G 1989 -24.02 73.97 82.36
N SER G 1990 -22.90 74.27 83.03
CA SER G 1990 -21.97 75.37 82.66
C SER G 1990 -21.50 75.17 81.21
N PHE G 1991 -21.30 73.92 80.79
CA PHE G 1991 -20.84 73.52 79.44
C PHE G 1991 -21.96 73.72 78.42
N LEU G 1992 -23.18 73.27 78.76
CA LEU G 1992 -24.39 73.44 77.90
C LEU G 1992 -24.60 74.92 77.60
N LYS G 1993 -24.42 75.80 78.60
CA LYS G 1993 -24.64 77.27 78.47
C LYS G 1993 -23.65 77.83 77.44
N LYS G 1994 -22.43 77.29 77.40
CA LYS G 1994 -21.33 77.76 76.50
C LYS G 1994 -21.55 77.24 75.08
N ASN G 1995 -22.16 76.07 74.90
CA ASN G 1995 -22.27 75.39 73.57
C ASN G 1995 -23.66 75.52 72.96
N ILE G 1996 -24.67 75.93 73.73
CA ILE G 1996 -26.00 76.33 73.19
C ILE G 1996 -26.13 77.85 73.33
N ILE G 1997 -25.88 78.59 72.26
CA ILE G 1997 -25.91 80.08 72.23
C ILE G 1997 -27.38 80.51 72.26
N LYS G 1998 -27.69 81.53 73.07
CA LYS G 1998 -29.03 82.12 73.30
C LYS G 1998 -29.73 82.45 71.98
N GLU G 1999 -29.05 83.15 71.07
CA GLU G 1999 -29.58 83.66 69.78
C GLU G 1999 -30.16 82.54 68.92
N ASN G 2000 -29.76 81.28 69.15
CA ASN G 2000 -30.17 80.11 68.33
C ASN G 2000 -31.44 79.45 68.90
N VAL G 2001 -32.00 79.95 70.00
CA VAL G 2001 -33.21 79.34 70.64
C VAL G 2001 -34.45 80.12 70.17
N LYS G 2002 -35.17 79.61 69.17
CA LYS G 2002 -36.43 80.19 68.67
C LYS G 2002 -37.59 79.64 69.51
N VAL G 2003 -38.19 80.48 70.35
CA VAL G 2003 -39.18 80.04 71.37
C VAL G 2003 -40.36 79.37 70.66
N ALA G 2004 -40.72 79.88 69.47
CA ALA G 2004 -41.85 79.41 68.62
C ALA G 2004 -41.72 77.92 68.31
N ARG G 2005 -40.49 77.42 68.16
CA ARG G 2005 -40.20 76.05 67.66
C ARG G 2005 -40.16 75.06 68.83
N LEU G 2006 -40.23 75.58 70.08
CA LEU G 2006 -40.21 74.78 71.33
C LEU G 2006 -41.57 74.84 72.03
N ALA G 2007 -42.13 76.06 72.18
CA ALA G 2007 -43.37 76.35 72.93
C ALA G 2007 -44.47 75.38 72.50
N GLY G 2008 -44.96 74.57 73.44
CA GLY G 2008 -46.12 73.67 73.26
C GLY G 2008 -45.85 72.52 72.31
N LYS G 2009 -44.57 72.26 71.97
CA LYS G 2009 -44.20 71.15 71.06
C LYS G 2009 -43.15 70.25 71.73
N TYR G 2010 -42.10 70.83 72.35
CA TYR G 2010 -41.00 70.13 73.03
C TYR G 2010 -41.53 69.51 74.33
N ILE G 2011 -41.48 68.19 74.46
CA ILE G 2011 -41.87 67.45 75.70
C ILE G 2011 -40.60 66.84 76.31
N PRO G 2012 -40.00 67.52 77.32
CA PRO G 2012 -38.82 67.02 78.01
C PRO G 2012 -39.03 65.70 78.77
N ASN G 2013 -37.96 65.20 79.39
CA ASN G 2013 -37.97 63.94 80.17
C ASN G 2013 -38.06 64.28 81.65
N LEU G 2014 -37.53 65.44 82.04
CA LEU G 2014 -37.59 65.96 83.44
C LEU G 2014 -39.05 66.20 83.82
N THR G 2015 -39.75 67.01 83.03
CA THR G 2015 -41.15 67.45 83.24
C THR G 2015 -41.97 66.99 82.05
N ALA G 2016 -42.59 65.82 82.11
CA ALA G 2016 -43.30 65.24 80.93
C ALA G 2016 -44.48 66.15 80.54
N LYS G 2017 -44.19 67.44 80.29
CA LYS G 2017 -45.17 68.53 80.05
C LYS G 2017 -44.64 69.46 78.96
N PRO G 2018 -45.44 69.77 77.91
CA PRO G 2018 -45.00 70.64 76.84
C PRO G 2018 -44.31 71.95 77.31
N PHE G 2019 -43.10 72.20 76.81
CA PHE G 2019 -42.25 73.39 77.10
C PHE G 2019 -43.09 74.66 76.98
N GLN G 2020 -43.12 75.46 78.05
CA GLN G 2020 -43.72 76.81 78.05
C GLN G 2020 -42.84 77.71 78.91
N VAL G 2021 -42.63 78.95 78.46
CA VAL G 2021 -41.85 79.98 79.19
C VAL G 2021 -42.83 80.70 80.13
N THR G 2022 -43.29 79.97 81.16
CA THR G 2022 -44.38 80.36 82.09
C THR G 2022 -43.92 80.08 83.53
N LYS G 2023 -44.24 80.96 84.47
CA LYS G 2023 -43.85 80.85 85.91
C LYS G 2023 -44.24 79.47 86.45
N GLU G 2024 -45.42 78.96 86.06
CA GLU G 2024 -45.94 77.62 86.43
C GLU G 2024 -44.92 76.53 86.05
N TYR G 2025 -44.32 76.63 84.86
CA TYR G 2025 -43.38 75.62 84.33
C TYR G 2025 -42.08 75.68 85.14
N PHE G 2026 -41.48 76.87 85.24
CA PHE G 2026 -40.26 77.16 86.05
C PHE G 2026 -40.45 76.59 87.46
N GLN G 2027 -41.63 76.82 88.06
CA GLN G 2027 -42.03 76.25 89.38
C GLN G 2027 -41.90 74.73 89.31
N ASP G 2028 -42.66 74.06 88.41
CA ASP G 2028 -42.66 72.58 88.29
C ASP G 2028 -41.22 72.07 88.19
N VAL G 2029 -40.38 72.72 87.37
CA VAL G 2029 -38.94 72.35 87.18
C VAL G 2029 -38.27 72.39 88.56
N TYR G 2030 -38.30 73.56 89.22
CA TYR G 2030 -37.70 73.78 90.56
C TYR G 2030 -38.13 72.65 91.50
N ASP G 2031 -39.40 72.26 91.47
CA ASP G 2031 -40.01 71.25 92.38
C ASP G 2031 -39.30 69.89 92.23
N LEU G 2032 -38.70 69.57 91.07
CA LEU G 2032 -37.95 68.29 90.89
C LEU G 2032 -36.45 68.55 90.73
N THR G 2033 -35.92 69.69 91.17
CA THR G 2033 -34.55 70.12 90.77
C THR G 2033 -33.82 70.83 91.92
N GLY G 2034 -34.43 71.86 92.49
CA GLY G 2034 -33.78 72.77 93.46
C GLY G 2034 -32.86 73.75 92.76
N SER G 2035 -32.92 73.84 91.42
CA SER G 2035 -32.03 74.70 90.60
C SER G 2035 -32.04 76.12 91.16
N GLU G 2036 -30.86 76.63 91.51
CA GLU G 2036 -30.66 77.98 92.10
C GLU G 2036 -30.95 79.03 91.02
N PRO G 2037 -30.37 78.94 89.80
CA PRO G 2037 -30.69 79.85 88.70
C PRO G 2037 -32.19 79.94 88.35
N ILE G 2038 -32.92 78.81 88.44
CA ILE G 2038 -34.38 78.73 88.19
C ILE G 2038 -35.12 79.46 89.31
N LYS G 2039 -34.84 79.12 90.58
CA LYS G 2039 -35.49 79.72 91.77
C LYS G 2039 -35.48 81.26 91.61
N GLU G 2040 -34.29 81.84 91.42
CA GLU G 2040 -34.09 83.33 91.42
C GLU G 2040 -34.88 83.95 90.26
N ILE G 2041 -35.14 83.20 89.18
CA ILE G 2041 -35.99 83.63 88.03
C ILE G 2041 -37.46 83.66 88.48
N ILE G 2042 -37.95 82.61 89.15
CA ILE G 2042 -39.34 82.55 89.70
C ILE G 2042 -39.56 83.80 90.56
N ASP G 2043 -38.64 84.04 91.51
CA ASP G 2043 -38.66 85.15 92.51
C ASP G 2043 -38.82 86.51 91.78
N ASN G 2044 -38.17 86.68 90.62
CA ASN G 2044 -38.17 87.95 89.85
C ASN G 2044 -38.94 87.79 88.54
N TRP G 2045 -40.04 87.02 88.54
CA TRP G 2045 -40.88 86.77 87.32
C TRP G 2045 -41.35 88.11 86.72
N GLU G 2046 -41.01 89.24 87.37
CA GLU G 2046 -41.22 90.62 86.86
C GLU G 2046 -40.08 90.98 85.89
N LYS G 2047 -39.82 90.06 84.95
CA LYS G 2047 -39.03 90.24 83.70
C LYS G 2047 -39.98 90.60 82.57
N TYR G 2048 -41.26 90.88 82.88
CA TYR G 2048 -42.25 91.48 81.94
C TYR G 2048 -41.76 92.87 81.50
N GLU G 2049 -41.12 93.61 82.41
CA GLU G 2049 -40.40 94.87 82.16
C GLU G 2049 -39.15 94.60 81.33
N GLN G 2050 -38.81 95.60 80.50
CA GLN G 2050 -37.56 95.78 79.70
C GLN G 2050 -36.85 94.42 79.59
N TYR H 4 -129.69 32.86 -2.92
CA TYR H 4 -129.11 34.24 -3.03
C TYR H 4 -127.60 34.10 -3.31
N SER H 5 -126.75 34.94 -2.69
CA SER H 5 -125.28 34.95 -2.81
C SER H 5 -124.71 33.63 -2.28
N THR H 6 -123.47 33.29 -2.66
CA THR H 6 -122.75 32.06 -2.21
C THR H 6 -121.50 32.50 -1.42
N ARG H 7 -120.29 32.30 -1.97
CA ARG H 7 -118.96 32.67 -1.38
C ARG H 7 -118.09 31.41 -1.23
N PRO H 8 -116.85 31.37 -1.81
CA PRO H 8 -116.03 30.16 -1.82
C PRO H 8 -115.44 29.79 -0.45
N LEU H 9 -115.10 28.50 -0.28
CA LEU H 9 -114.37 27.92 0.88
C LEU H 9 -113.47 26.80 0.38
N THR H 10 -112.16 27.05 0.25
CA THR H 10 -111.16 26.06 -0.23
C THR H 10 -110.93 24.99 0.84
N LEU H 11 -111.40 23.77 0.61
CA LEU H 11 -110.90 22.54 1.29
C LEU H 11 -109.61 22.13 0.59
N SER H 12 -108.55 21.80 1.34
CA SER H 12 -107.21 21.53 0.76
C SER H 12 -106.37 20.60 1.65
N HIS H 13 -105.47 19.88 1.01
CA HIS H 13 -104.36 19.11 1.61
C HIS H 13 -103.24 19.03 0.56
N GLY H 14 -102.17 19.82 0.74
CA GLY H 14 -101.06 19.92 -0.24
C GLY H 14 -101.55 20.39 -1.59
N SER H 15 -101.23 19.66 -2.66
CA SER H 15 -101.52 20.00 -4.09
C SER H 15 -103.01 20.17 -4.32
N LEU H 16 -103.82 19.24 -3.80
CA LEU H 16 -105.24 19.05 -4.21
C LEU H 16 -106.17 19.88 -3.32
N GLU H 17 -107.24 20.42 -3.92
CA GLU H 17 -108.26 21.26 -3.26
C GLU H 17 -109.65 20.98 -3.86
N HIS H 18 -110.69 21.54 -3.25
CA HIS H 18 -112.09 21.55 -3.73
C HIS H 18 -112.73 22.89 -3.34
N VAL H 19 -113.12 23.71 -4.32
CA VAL H 19 -113.78 25.04 -4.09
C VAL H 19 -115.25 24.77 -3.78
N LEU H 20 -115.71 25.20 -2.59
CA LEU H 20 -117.03 24.85 -2.00
C LEU H 20 -117.92 26.10 -2.01
N LEU H 21 -119.01 26.09 -2.77
CA LEU H 21 -119.91 27.25 -2.97
C LEU H 21 -120.91 27.27 -1.79
N VAL H 22 -120.46 27.77 -0.64
CA VAL H 22 -121.22 27.80 0.65
C VAL H 22 -122.18 28.99 0.61
N PRO H 23 -123.48 28.81 0.89
CA PRO H 23 -124.42 29.94 1.01
C PRO H 23 -123.91 30.95 2.04
N THR H 24 -124.13 32.24 1.77
CA THR H 24 -123.77 33.38 2.66
C THR H 24 -124.20 33.05 4.12
N ALA H 25 -125.44 32.59 4.31
CA ALA H 25 -126.03 32.25 5.64
C ALA H 25 -125.09 31.32 6.42
N SER H 26 -124.73 30.17 5.83
CA SER H 26 -124.02 29.05 6.51
C SER H 26 -122.49 29.22 6.49
N PHE H 27 -121.94 30.36 6.04
CA PHE H 27 -120.46 30.54 5.89
C PHE H 27 -119.79 30.63 7.27
N PHE H 28 -120.41 31.34 8.23
CA PHE H 28 -119.86 31.50 9.61
C PHE H 28 -119.47 30.11 10.15
N ILE H 29 -120.45 29.20 10.21
CA ILE H 29 -120.30 27.83 10.78
C ILE H 29 -119.33 27.01 9.92
N ALA H 30 -119.48 27.07 8.58
CA ALA H 30 -118.73 26.23 7.59
C ALA H 30 -117.21 26.41 7.73
N SER H 31 -116.73 27.66 7.79
CA SER H 31 -115.28 28.00 7.84
C SER H 31 -114.69 27.67 9.22
N GLN H 32 -115.53 27.54 10.26
CA GLN H 32 -115.15 27.02 11.59
C GLN H 32 -114.68 25.56 11.42
N LEU H 33 -115.53 24.70 10.83
CA LEU H 33 -115.24 23.26 10.59
C LEU H 33 -113.98 23.12 9.73
N GLN H 34 -113.93 23.87 8.61
CA GLN H 34 -112.77 24.03 7.71
C GLN H 34 -111.46 24.14 8.51
N GLU H 35 -111.41 25.06 9.48
CA GLU H 35 -110.19 25.39 10.28
C GLU H 35 -109.82 24.19 11.16
N GLN H 36 -110.76 23.72 12.01
CA GLN H 36 -110.58 22.58 12.95
C GLN H 36 -110.19 21.31 12.18
N PHE H 37 -110.68 21.18 10.94
CA PHE H 37 -110.39 20.05 10.00
C PHE H 37 -108.92 20.11 9.55
N ASN H 38 -108.48 21.25 9.02
CA ASN H 38 -107.15 21.43 8.36
C ASN H 38 -106.01 21.00 9.30
N LYS H 39 -106.16 21.19 10.62
CA LYS H 39 -105.11 20.82 11.62
C LYS H 39 -105.05 19.30 11.80
N ILE H 40 -106.21 18.60 11.78
CA ILE H 40 -106.27 17.13 12.07
C ILE H 40 -105.77 16.33 10.85
N LEU H 41 -105.68 16.94 9.65
CA LEU H 41 -105.01 16.28 8.48
C LEU H 41 -103.52 16.22 8.78
N PRO H 42 -102.82 15.11 8.40
CA PRO H 42 -101.37 15.05 8.57
C PRO H 42 -100.67 15.93 7.54
N GLU H 43 -99.34 16.01 7.62
CA GLU H 43 -98.47 16.75 6.68
C GLU H 43 -98.55 16.06 5.30
N PRO H 44 -98.75 16.80 4.19
CA PRO H 44 -98.60 16.23 2.84
C PRO H 44 -97.26 15.51 2.59
N THR H 45 -97.24 14.52 1.68
CA THR H 45 -96.03 13.81 1.16
C THR H 45 -96.12 13.76 -0.37
N GLU H 46 -95.08 13.28 -1.09
CA GLU H 46 -95.17 13.02 -2.56
C GLU H 46 -96.02 11.75 -2.76
N GLY H 47 -96.97 11.82 -3.71
CA GLY H 47 -97.91 10.72 -4.03
C GLY H 47 -99.03 10.62 -3.01
N PHE H 48 -98.91 11.30 -1.86
CA PHE H 48 -99.84 11.24 -0.70
C PHE H 48 -99.90 9.80 -0.17
N ALA H 49 -98.72 9.20 0.05
CA ALA H 49 -98.53 7.74 0.29
C ALA H 49 -99.00 7.31 1.69
N ALA H 50 -98.95 8.19 2.70
CA ALA H 50 -99.32 7.88 4.12
C ALA H 50 -100.75 7.36 4.18
N ASP H 51 -101.02 6.44 5.12
CA ASP H 51 -102.29 5.68 5.26
C ASP H 51 -103.49 6.64 5.26
N ASP H 52 -103.45 7.62 6.19
CA ASP H 52 -104.55 8.57 6.50
C ASP H 52 -104.31 9.87 5.72
N GLU H 53 -104.12 9.78 4.39
CA GLU H 53 -103.71 10.94 3.55
C GLU H 53 -104.45 10.90 2.21
N PRO H 54 -105.45 11.77 1.98
CA PRO H 54 -106.28 11.67 0.78
C PRO H 54 -105.52 12.00 -0.52
N THR H 55 -105.54 11.07 -1.49
CA THR H 55 -104.75 11.13 -2.77
C THR H 55 -105.51 11.92 -3.84
N THR H 56 -106.84 12.10 -3.69
CA THR H 56 -107.70 12.77 -4.71
C THR H 56 -108.54 13.85 -4.06
N PRO H 57 -109.08 14.81 -4.86
CA PRO H 57 -110.08 15.77 -4.36
C PRO H 57 -111.33 15.10 -3.75
N ALA H 58 -111.78 13.99 -4.32
CA ALA H 58 -112.97 13.21 -3.89
C ALA H 58 -112.76 12.64 -2.48
N GLU H 59 -111.60 12.03 -2.23
CA GLU H 59 -111.22 11.46 -0.91
C GLU H 59 -111.24 12.57 0.12
N LEU H 60 -110.66 13.72 -0.22
CA LEU H 60 -110.56 14.95 0.63
C LEU H 60 -111.96 15.30 1.14
N VAL H 61 -112.91 15.51 0.24
CA VAL H 61 -114.33 15.84 0.56
C VAL H 61 -114.91 14.65 1.34
N GLY H 62 -114.51 13.43 0.99
CA GLY H 62 -114.77 12.21 1.79
C GLY H 62 -114.44 12.41 3.25
N LYS H 63 -113.18 12.70 3.57
CA LYS H 63 -112.67 12.89 4.96
C LYS H 63 -113.47 13.98 5.69
N PHE H 64 -113.88 15.04 4.97
CA PHE H 64 -114.64 16.20 5.53
C PHE H 64 -116.05 15.74 5.93
N LEU H 65 -116.74 15.02 5.05
CA LEU H 65 -118.06 14.39 5.35
C LEU H 65 -117.94 13.57 6.63
N GLY H 66 -116.89 12.73 6.73
CA GLY H 66 -116.59 11.86 7.87
C GLY H 66 -116.35 12.63 9.16
N TYR H 67 -115.55 13.71 9.09
CA TYR H 67 -115.28 14.61 10.23
C TYR H 67 -116.59 15.26 10.69
N VAL H 68 -117.32 15.93 9.79
CA VAL H 68 -118.55 16.72 10.09
C VAL H 68 -119.63 15.78 10.63
N SER H 69 -119.71 14.54 10.12
CA SER H 69 -120.64 13.46 10.57
C SER H 69 -120.38 13.08 12.03
N SER H 70 -119.11 13.07 12.45
CA SER H 70 -118.67 12.70 13.82
C SER H 70 -119.17 13.76 14.82
N LEU H 71 -119.40 15.01 14.39
CA LEU H 71 -119.90 16.12 15.27
C LEU H 71 -121.42 16.26 15.17
N VAL H 72 -122.13 15.31 14.52
CA VAL H 72 -123.60 15.36 14.32
C VAL H 72 -124.24 14.22 15.15
N GLU H 73 -125.39 14.50 15.76
CA GLU H 73 -126.19 13.58 16.61
C GLU H 73 -127.27 12.92 15.74
N PRO H 74 -127.50 11.58 15.86
CA PRO H 74 -128.49 10.88 15.04
C PRO H 74 -129.97 11.11 15.42
N SER H 75 -130.25 11.49 16.69
CA SER H 75 -131.58 11.90 17.23
C SER H 75 -131.80 13.42 17.04
N LYS H 76 -130.97 14.28 17.65
CA LYS H 76 -131.11 15.76 17.66
C LYS H 76 -130.63 16.37 16.32
N VAL H 77 -130.97 17.64 16.09
CA VAL H 77 -130.40 18.50 15.01
C VAL H 77 -129.56 19.60 15.68
N GLY H 78 -128.23 19.58 15.49
CA GLY H 78 -127.30 20.68 15.80
C GLY H 78 -127.16 21.60 14.61
N GLN H 79 -126.13 22.45 14.60
CA GLN H 79 -125.94 23.55 13.61
C GLN H 79 -125.17 23.05 12.38
N PHE H 80 -124.54 21.88 12.49
CA PHE H 80 -123.63 21.30 11.47
C PHE H 80 -124.45 20.54 10.42
N ASP H 81 -125.77 20.41 10.62
CA ASP H 81 -126.67 19.58 9.77
C ASP H 81 -126.84 20.25 8.40
N GLN H 82 -127.10 21.56 8.38
CA GLN H 82 -127.32 22.34 7.12
C GLN H 82 -126.02 22.36 6.29
N VAL H 83 -124.86 22.26 6.93
CA VAL H 83 -123.50 22.24 6.29
C VAL H 83 -123.27 20.85 5.66
N LEU H 84 -123.44 19.79 6.46
CA LEU H 84 -123.27 18.37 6.02
C LEU H 84 -124.06 18.16 4.73
N ASN H 85 -125.33 18.57 4.73
CA ASN H 85 -126.29 18.40 3.61
C ASN H 85 -125.75 19.05 2.32
N LEU H 86 -125.11 20.22 2.44
CA LEU H 86 -124.55 20.97 1.28
C LEU H 86 -123.27 20.31 0.78
N CYS H 87 -122.41 19.81 1.68
CA CYS H 87 -121.18 19.05 1.34
C CYS H 87 -121.57 17.77 0.59
N LEU H 88 -122.57 17.04 1.10
CA LEU H 88 -123.16 15.85 0.43
C LEU H 88 -123.60 16.26 -0.98
N THR H 89 -124.51 17.24 -1.09
CA THR H 89 -125.06 17.74 -2.37
C THR H 89 -123.90 18.07 -3.33
N GLU H 90 -122.85 18.74 -2.84
CA GLU H 90 -121.67 19.15 -3.66
C GLU H 90 -120.88 17.90 -4.06
N PHE H 91 -120.65 16.97 -3.13
CA PHE H 91 -119.92 15.69 -3.35
C PHE H 91 -120.66 14.86 -4.41
N GLU H 92 -121.97 14.70 -4.23
CA GLU H 92 -122.85 13.88 -5.09
C GLU H 92 -122.82 14.42 -6.52
N ASN H 93 -122.75 15.74 -6.69
CA ASN H 93 -122.76 16.41 -8.03
C ASN H 93 -121.39 16.24 -8.70
N CYS H 94 -120.31 16.60 -8.02
CA CYS H 94 -118.94 16.69 -8.59
C CYS H 94 -118.34 15.30 -8.85
N TYR H 95 -118.68 14.29 -8.04
CA TYR H 95 -117.88 13.02 -7.93
C TYR H 95 -118.72 11.77 -8.20
N LEU H 96 -119.98 11.69 -7.73
CA LEU H 96 -120.86 10.51 -7.96
C LEU H 96 -121.53 10.60 -9.33
N GLU H 97 -122.01 11.79 -9.73
CA GLU H 97 -122.76 12.03 -10.99
C GLU H 97 -123.94 11.04 -11.06
N GLY H 98 -124.70 10.94 -9.97
CA GLY H 98 -125.92 10.10 -9.87
C GLY H 98 -125.59 8.63 -9.63
N ASN H 99 -124.34 8.20 -9.81
CA ASN H 99 -123.91 6.79 -9.66
C ASN H 99 -123.78 6.45 -8.17
N ASP H 100 -123.55 5.17 -7.85
CA ASP H 100 -123.36 4.68 -6.46
C ASP H 100 -121.92 4.96 -6.01
N ILE H 101 -121.73 5.12 -4.69
CA ILE H 101 -120.40 5.33 -4.04
C ILE H 101 -119.39 4.26 -4.50
N HIS H 102 -119.82 3.00 -4.60
CA HIS H 102 -118.96 1.85 -4.93
C HIS H 102 -118.38 2.00 -6.35
N ALA H 103 -119.18 2.51 -7.28
CA ALA H 103 -118.77 2.74 -8.68
C ALA H 103 -117.64 3.78 -8.71
N LEU H 104 -117.76 4.85 -7.91
CA LEU H 104 -116.70 5.88 -7.77
C LEU H 104 -115.46 5.24 -7.18
N ALA H 105 -115.61 4.49 -6.08
CA ALA H 105 -114.50 3.82 -5.36
C ALA H 105 -113.66 3.00 -6.34
N ALA H 106 -114.29 2.32 -7.30
CA ALA H 106 -113.62 1.46 -8.30
C ALA H 106 -112.91 2.30 -9.37
N LYS H 107 -113.46 3.45 -9.78
CA LYS H 107 -112.76 4.42 -10.68
C LYS H 107 -111.41 4.75 -10.04
N LEU H 108 -111.45 5.23 -8.79
CA LEU H 108 -110.26 5.75 -8.08
C LEU H 108 -109.18 4.67 -8.01
N LEU H 109 -109.58 3.38 -7.88
CA LEU H 109 -108.62 2.25 -7.77
C LEU H 109 -107.84 2.05 -9.08
N GLN H 110 -108.53 1.88 -10.21
CA GLN H 110 -107.85 1.66 -11.53
C GLN H 110 -107.30 3.00 -12.03
N GLU H 111 -108.08 4.09 -11.96
CA GLU H 111 -107.74 5.38 -12.62
C GLU H 111 -106.64 6.11 -11.82
N ASN H 112 -106.81 6.32 -10.50
CA ASN H 112 -105.86 7.08 -9.65
C ASN H 112 -104.99 6.10 -8.85
N ASP H 113 -104.17 6.62 -7.92
CA ASP H 113 -103.29 5.85 -7.04
C ASP H 113 -103.82 5.89 -5.60
N THR H 114 -105.07 5.50 -5.38
CA THR H 114 -105.64 5.29 -4.02
C THR H 114 -105.48 3.80 -3.69
N THR H 115 -105.32 3.43 -2.42
CA THR H 115 -105.29 2.01 -1.94
C THR H 115 -106.71 1.54 -1.62
N LEU H 116 -106.90 0.22 -1.47
CA LEU H 116 -108.16 -0.42 -1.00
C LEU H 116 -108.64 0.29 0.26
N VAL H 117 -107.78 0.33 1.27
CA VAL H 117 -108.08 0.80 2.66
C VAL H 117 -108.54 2.26 2.63
N LYS H 118 -108.02 3.07 1.70
CA LYS H 118 -108.38 4.50 1.51
C LYS H 118 -109.77 4.62 0.87
N THR H 119 -110.14 3.61 0.10
CA THR H 119 -111.44 3.48 -0.63
C THR H 119 -112.51 3.01 0.35
N LYS H 120 -112.24 1.96 1.13
CA LYS H 120 -113.13 1.47 2.22
C LYS H 120 -113.41 2.63 3.19
N GLU H 121 -112.43 3.51 3.43
CA GLU H 121 -112.61 4.75 4.24
C GLU H 121 -113.58 5.70 3.52
N LEU H 122 -113.42 5.92 2.21
CA LEU H 122 -114.30 6.80 1.40
C LEU H 122 -115.76 6.30 1.49
N ILE H 123 -115.98 5.00 1.26
CA ILE H 123 -117.33 4.37 1.33
C ILE H 123 -117.91 4.61 2.72
N LYS H 124 -117.16 4.27 3.78
CA LYS H 124 -117.57 4.49 5.20
C LYS H 124 -118.04 5.93 5.35
N ASN H 125 -117.19 6.90 5.01
CA ASN H 125 -117.42 8.36 5.22
C ASN H 125 -118.74 8.79 4.55
N TYR H 126 -118.99 8.39 3.29
CA TYR H 126 -120.15 8.85 2.49
C TYR H 126 -121.45 8.23 3.02
N ILE H 127 -121.43 6.95 3.37
CA ILE H 127 -122.65 6.22 3.86
C ILE H 127 -122.93 6.68 5.29
N THR H 128 -121.93 6.75 6.17
CA THR H 128 -122.06 7.32 7.54
C THR H 128 -122.68 8.71 7.42
N ALA H 129 -122.16 9.53 6.50
CA ALA H 129 -122.62 10.92 6.22
C ALA H 129 -124.11 10.93 5.87
N ARG H 130 -124.54 10.05 4.96
CA ARG H 130 -125.93 10.00 4.45
C ARG H 130 -126.91 9.73 5.61
N ILE H 131 -126.59 8.80 6.52
CA ILE H 131 -127.50 8.40 7.63
C ILE H 131 -127.54 9.55 8.66
N MET H 132 -126.37 10.03 9.10
CA MET H 132 -126.24 11.08 10.13
C MET H 132 -126.88 12.40 9.65
N ALA H 133 -126.99 12.59 8.33
CA ALA H 133 -127.61 13.79 7.69
C ALA H 133 -129.11 13.55 7.45
N LYS H 134 -129.71 12.53 8.08
CA LYS H 134 -131.17 12.20 8.00
C LYS H 134 -131.58 12.02 6.53
N ARG H 135 -130.70 11.49 5.67
CA ARG H 135 -131.00 11.28 4.23
C ARG H 135 -130.79 9.80 3.91
N PRO H 136 -131.68 8.90 4.39
CA PRO H 136 -131.47 7.46 4.23
C PRO H 136 -131.65 7.09 2.74
N PHE H 137 -131.39 5.84 2.39
CA PHE H 137 -131.52 5.33 1.00
C PHE H 137 -132.93 4.76 0.83
N ASP H 138 -133.97 5.57 1.03
CA ASP H 138 -135.40 5.23 0.83
C ASP H 138 -135.70 5.08 -0.68
N LYS H 139 -135.22 6.01 -1.52
CA LYS H 139 -135.41 6.00 -3.00
C LYS H 139 -134.92 4.65 -3.55
N LYS H 140 -135.72 4.01 -4.41
CA LYS H 140 -135.32 2.79 -5.15
C LYS H 140 -134.24 3.18 -6.15
N SER H 141 -133.26 2.30 -6.37
CA SER H 141 -131.94 2.59 -7.01
C SER H 141 -132.06 2.51 -8.53
N ASN H 142 -131.19 3.26 -9.22
CA ASN H 142 -131.08 3.27 -10.70
C ASN H 142 -130.13 2.17 -11.17
N SER H 143 -129.84 1.16 -10.33
CA SER H 143 -128.93 0.03 -10.65
C SER H 143 -129.24 -0.52 -12.03
N ALA H 144 -128.24 -0.57 -12.91
CA ALA H 144 -128.36 -1.03 -14.31
C ALA H 144 -128.69 -2.52 -14.33
N LEU H 145 -128.09 -3.30 -13.41
CA LEU H 145 -128.36 -4.74 -13.31
C LEU H 145 -129.83 -4.93 -12.97
N PHE H 146 -130.31 -4.23 -11.93
CA PHE H 146 -131.66 -4.46 -11.36
C PHE H 146 -132.73 -3.91 -12.30
N ARG H 147 -132.47 -2.80 -13.00
CA ARG H 147 -133.34 -2.30 -14.09
C ARG H 147 -133.55 -3.42 -15.11
N ALA H 148 -132.47 -4.13 -15.47
CA ALA H 148 -132.44 -5.11 -16.58
C ALA H 148 -133.22 -6.38 -16.17
N VAL H 149 -133.07 -6.86 -14.94
CA VAL H 149 -133.86 -8.04 -14.44
C VAL H 149 -135.31 -7.57 -14.29
N GLY H 150 -135.50 -6.29 -13.97
CA GLY H 150 -136.80 -5.58 -14.00
C GLY H 150 -137.50 -5.73 -15.33
N GLU H 151 -136.78 -5.53 -16.45
CA GLU H 151 -137.33 -5.59 -17.83
C GLU H 151 -137.29 -7.02 -18.37
N GLY H 152 -136.75 -7.98 -17.62
CA GLY H 152 -136.61 -9.40 -18.02
C GLY H 152 -135.56 -9.61 -19.10
N ASN H 153 -134.47 -8.83 -19.10
CA ASN H 153 -133.25 -9.04 -19.92
C ASN H 153 -132.15 -9.70 -19.07
N ALA H 154 -132.48 -10.04 -17.84
CA ALA H 154 -131.55 -10.61 -16.85
C ALA H 154 -132.35 -11.36 -15.79
N GLN H 155 -131.73 -12.33 -15.12
CA GLN H 155 -132.34 -13.03 -13.96
C GLN H 155 -131.22 -13.41 -13.00
N LEU H 156 -131.46 -13.23 -11.70
CA LEU H 156 -130.47 -13.46 -10.62
C LEU H 156 -130.80 -14.76 -9.90
N VAL H 157 -129.77 -15.52 -9.56
CA VAL H 157 -129.84 -16.50 -8.44
C VAL H 157 -128.86 -16.01 -7.38
N ALA H 158 -129.25 -16.07 -6.11
CA ALA H 158 -128.40 -15.74 -4.95
C ALA H 158 -127.79 -17.03 -4.43
N ILE H 159 -126.47 -17.08 -4.30
CA ILE H 159 -125.76 -18.24 -3.68
C ILE H 159 -125.05 -17.77 -2.42
N PHE H 160 -124.91 -18.69 -1.47
CA PHE H 160 -124.33 -18.45 -0.14
C PHE H 160 -123.22 -19.47 0.11
N GLY H 161 -122.04 -18.96 0.38
CA GLY H 161 -120.82 -19.75 0.60
C GLY H 161 -120.95 -20.56 1.86
N GLY H 162 -120.04 -21.53 2.02
CA GLY H 162 -119.92 -22.37 3.22
C GLY H 162 -118.59 -22.15 3.90
N GLN H 163 -118.19 -23.11 4.72
CA GLN H 163 -116.91 -23.04 5.46
C GLN H 163 -115.77 -23.32 4.47
N GLY H 164 -114.57 -22.80 4.75
CA GLY H 164 -113.33 -23.24 4.13
C GLY H 164 -112.87 -22.37 2.98
N ASN H 165 -113.47 -21.20 2.78
CA ASN H 165 -113.16 -20.33 1.61
C ASN H 165 -111.86 -19.57 1.89
N THR H 166 -111.61 -19.12 3.14
CA THR H 166 -110.31 -18.54 3.61
C THR H 166 -110.03 -18.95 5.06
N ASP H 167 -108.79 -18.78 5.52
CA ASP H 167 -108.38 -19.11 6.92
C ASP H 167 -108.76 -17.96 7.85
N ASP H 168 -109.10 -16.79 7.30
CA ASP H 168 -109.27 -15.54 8.08
C ASP H 168 -110.69 -15.00 7.84
N TYR H 169 -111.72 -15.82 8.08
CA TYR H 169 -113.12 -15.46 7.76
C TYR H 169 -113.56 -14.27 8.62
N PHE H 170 -113.12 -14.19 9.87
CA PHE H 170 -113.63 -13.21 10.86
C PHE H 170 -113.29 -11.78 10.39
N GLU H 171 -112.25 -11.61 9.57
CA GLU H 171 -111.84 -10.26 9.09
C GLU H 171 -112.95 -9.71 8.20
N GLU H 172 -113.66 -10.56 7.46
CA GLU H 172 -114.77 -10.14 6.56
C GLU H 172 -115.85 -9.49 7.42
N LEU H 173 -116.11 -10.02 8.64
CA LEU H 173 -117.08 -9.44 9.60
C LEU H 173 -116.56 -8.08 10.06
N ARG H 174 -115.32 -8.00 10.54
CA ARG H 174 -114.68 -6.73 10.94
C ARG H 174 -114.95 -5.66 9.87
N ASP H 175 -114.60 -5.97 8.62
CA ASP H 175 -114.69 -5.06 7.45
C ASP H 175 -116.12 -4.52 7.34
N LEU H 176 -117.13 -5.38 7.47
CA LEU H 176 -118.57 -5.02 7.42
C LEU H 176 -118.88 -4.03 8.56
N TYR H 177 -118.62 -4.46 9.80
CA TYR H 177 -118.91 -3.69 11.04
C TYR H 177 -118.21 -2.32 10.98
N GLN H 178 -116.97 -2.27 10.51
CA GLN H 178 -116.15 -1.03 10.47
C GLN H 178 -116.61 -0.13 9.31
N THR H 179 -116.72 -0.69 8.11
CA THR H 179 -117.05 0.08 6.88
C THR H 179 -118.52 0.52 6.94
N TYR H 180 -119.46 -0.44 7.05
CA TYR H 180 -120.92 -0.22 6.87
C TYR H 180 -121.67 -0.26 8.21
N HIS H 181 -121.12 0.37 9.26
CA HIS H 181 -121.70 0.31 10.63
C HIS H 181 -123.16 0.78 10.61
N VAL H 182 -123.41 1.94 9.99
CA VAL H 182 -124.75 2.61 9.98
C VAL H 182 -125.82 1.69 9.36
N LEU H 183 -125.41 0.78 8.46
CA LEU H 183 -126.36 -0.14 7.74
C LEU H 183 -126.53 -1.45 8.50
N VAL H 184 -125.46 -1.96 9.10
CA VAL H 184 -125.36 -3.38 9.53
C VAL H 184 -125.22 -3.50 11.06
N GLY H 185 -124.88 -2.40 11.76
CA GLY H 185 -124.69 -2.35 13.22
C GLY H 185 -125.82 -3.01 14.00
N ASP H 186 -127.07 -2.62 13.71
CA ASP H 186 -128.32 -3.18 14.30
C ASP H 186 -128.31 -4.72 14.17
N LEU H 187 -127.98 -5.24 12.97
CA LEU H 187 -128.01 -6.70 12.65
C LEU H 187 -126.96 -7.46 13.46
N ILE H 188 -125.72 -6.95 13.50
CA ILE H 188 -124.60 -7.55 14.29
C ILE H 188 -125.04 -7.62 15.75
N LYS H 189 -125.51 -6.49 16.29
CA LYS H 189 -125.93 -6.32 17.70
C LYS H 189 -127.01 -7.36 18.02
N PHE H 190 -128.04 -7.47 17.17
CA PHE H 190 -129.13 -8.46 17.32
C PHE H 190 -128.55 -9.88 17.32
N SER H 191 -127.69 -10.19 16.35
CA SER H 191 -127.07 -11.53 16.17
C SER H 191 -126.29 -11.91 17.44
N ALA H 192 -125.48 -10.98 17.96
CA ALA H 192 -124.67 -11.18 19.19
C ALA H 192 -125.61 -11.52 20.35
N GLU H 193 -126.60 -10.66 20.60
CA GLU H 193 -127.57 -10.81 21.72
C GLU H 193 -128.31 -12.15 21.57
N THR H 194 -128.70 -12.50 20.34
CA THR H 194 -129.42 -13.77 20.01
C THR H 194 -128.55 -14.96 20.43
N LEU H 195 -127.28 -14.94 20.07
CA LEU H 195 -126.33 -16.05 20.36
C LEU H 195 -126.04 -16.16 21.86
N SER H 196 -125.79 -15.03 22.56
CA SER H 196 -125.61 -15.02 24.05
C SER H 196 -126.75 -15.80 24.70
N GLU H 197 -127.97 -15.51 24.27
CA GLU H 197 -129.23 -16.10 24.78
C GLU H 197 -129.28 -17.59 24.45
N LEU H 198 -128.97 -17.96 23.19
CA LEU H 198 -128.88 -19.38 22.76
C LEU H 198 -128.01 -20.15 23.76
N ILE H 199 -126.88 -19.57 24.18
CA ILE H 199 -125.90 -20.21 25.11
C ILE H 199 -126.58 -20.39 26.48
N ARG H 200 -127.05 -19.31 27.10
CA ARG H 200 -127.74 -19.37 28.42
C ARG H 200 -128.82 -20.46 28.42
N THR H 201 -129.74 -20.42 27.44
CA THR H 201 -130.89 -21.35 27.24
C THR H 201 -130.45 -22.82 27.11
N THR H 202 -129.42 -23.10 26.30
CA THR H 202 -129.04 -24.47 25.89
C THR H 202 -128.15 -25.10 26.95
N LEU H 203 -128.41 -26.37 27.29
CA LEU H 203 -127.92 -27.02 28.54
C LEU H 203 -126.41 -26.83 28.69
N ASP H 204 -125.59 -27.56 27.93
CA ASP H 204 -124.14 -27.65 28.22
C ASP H 204 -123.35 -26.76 27.25
N ALA H 205 -123.98 -25.66 26.79
CA ALA H 205 -123.47 -24.79 25.70
C ALA H 205 -122.13 -24.17 26.10
N GLU H 206 -122.02 -23.58 27.29
CA GLU H 206 -120.80 -22.85 27.74
C GLU H 206 -119.58 -23.78 27.70
N LYS H 207 -119.76 -25.09 27.92
CA LYS H 207 -118.65 -26.10 27.89
C LYS H 207 -117.98 -26.13 26.51
N VAL H 208 -118.66 -25.65 25.46
CA VAL H 208 -118.14 -25.56 24.07
C VAL H 208 -117.49 -24.20 23.83
N PHE H 209 -118.15 -23.12 24.26
CA PHE H 209 -117.70 -21.71 24.07
C PHE H 209 -116.74 -21.32 25.20
N THR H 210 -115.59 -22.00 25.25
CA THR H 210 -114.58 -21.97 26.35
C THR H 210 -114.08 -20.53 26.58
N GLN H 211 -114.05 -19.69 25.53
CA GLN H 211 -113.60 -18.27 25.57
C GLN H 211 -114.75 -17.33 25.24
N GLY H 212 -115.99 -17.71 25.60
CA GLY H 212 -117.21 -16.89 25.38
C GLY H 212 -117.53 -16.69 23.91
N LEU H 213 -118.48 -15.81 23.62
CA LEU H 213 -118.89 -15.45 22.23
C LEU H 213 -119.28 -13.97 22.23
N ASN H 214 -118.55 -13.16 22.99
CA ASN H 214 -118.82 -11.70 23.16
C ASN H 214 -118.33 -10.99 21.90
N ILE H 215 -119.07 -11.11 20.79
CA ILE H 215 -118.52 -10.76 19.44
C ILE H 215 -118.48 -9.24 19.33
N LEU H 216 -119.38 -8.53 20.02
CA LEU H 216 -119.39 -7.04 20.01
C LEU H 216 -118.07 -6.52 20.60
N GLU H 217 -117.58 -7.14 21.68
CA GLU H 217 -116.28 -6.78 22.32
C GLU H 217 -115.13 -7.05 21.33
N TRP H 218 -115.18 -8.17 20.60
CA TRP H 218 -114.11 -8.59 19.65
C TRP H 218 -113.98 -7.52 18.55
N LEU H 219 -115.10 -7.03 18.03
CA LEU H 219 -115.13 -6.07 16.90
C LEU H 219 -114.65 -4.69 17.39
N GLU H 220 -114.99 -4.33 18.63
CA GLU H 220 -114.63 -3.02 19.25
C GLU H 220 -113.13 -3.00 19.55
N ASN H 221 -112.63 -4.00 20.27
CA ASN H 221 -111.22 -4.12 20.73
C ASN H 221 -110.60 -5.35 20.10
N PRO H 222 -109.93 -5.21 18.93
CA PRO H 222 -109.22 -6.33 18.30
C PRO H 222 -108.34 -7.10 19.30
N SER H 223 -107.68 -6.38 20.21
CA SER H 223 -106.79 -6.94 21.28
C SER H 223 -107.54 -7.95 22.16
N ASN H 224 -108.88 -7.90 22.22
CA ASN H 224 -109.71 -8.81 23.07
C ASN H 224 -110.30 -9.96 22.25
N THR H 225 -109.92 -10.12 20.97
CA THR H 225 -110.39 -11.21 20.07
C THR H 225 -109.63 -12.50 20.41
N PRO H 226 -110.33 -13.65 20.60
CA PRO H 226 -109.65 -14.93 20.71
C PRO H 226 -108.75 -15.24 19.50
N ASP H 227 -107.85 -16.22 19.65
CA ASP H 227 -106.94 -16.73 18.59
C ASP H 227 -107.77 -17.33 17.45
N LYS H 228 -107.18 -17.49 16.27
CA LYS H 228 -107.90 -17.91 15.04
C LYS H 228 -108.42 -19.35 15.18
N ASP H 229 -107.78 -20.17 16.01
CA ASP H 229 -108.20 -21.59 16.25
C ASP H 229 -109.60 -21.62 16.87
N TYR H 230 -109.81 -20.83 17.92
CA TYR H 230 -111.12 -20.70 18.61
C TYR H 230 -112.15 -20.19 17.60
N LEU H 231 -111.85 -19.08 16.92
CA LEU H 231 -112.72 -18.43 15.92
C LEU H 231 -113.13 -19.42 14.82
N LEU H 232 -112.27 -20.37 14.45
CA LEU H 232 -112.53 -21.21 13.26
C LEU H 232 -113.35 -22.45 13.64
N SER H 233 -113.33 -22.85 14.92
CA SER H 233 -114.06 -24.05 15.41
C SER H 233 -115.55 -23.79 15.20
N ILE H 234 -116.28 -24.79 14.71
CA ILE H 234 -117.62 -24.60 14.06
C ILE H 234 -118.64 -23.98 15.03
N PRO H 235 -118.64 -24.29 16.35
CA PRO H 235 -119.69 -23.76 17.23
C PRO H 235 -119.78 -22.23 17.17
N ILE H 236 -118.69 -21.57 16.80
CA ILE H 236 -118.64 -20.08 16.76
C ILE H 236 -118.54 -19.62 15.29
N SER H 237 -117.88 -20.38 14.41
CA SER H 237 -117.68 -19.99 12.99
C SER H 237 -118.95 -20.20 12.17
N CYS H 238 -119.70 -21.29 12.41
CA CYS H 238 -120.97 -21.58 11.69
C CYS H 238 -121.91 -20.38 11.79
N PRO H 239 -122.40 -20.00 12.99
CA PRO H 239 -123.32 -18.88 13.13
C PRO H 239 -122.72 -17.60 12.53
N LEU H 240 -121.45 -17.32 12.85
CA LEU H 240 -120.81 -16.02 12.51
C LEU H 240 -120.64 -15.88 11.00
N ILE H 241 -120.40 -16.97 10.27
CA ILE H 241 -120.36 -16.93 8.78
C ILE H 241 -121.76 -16.51 8.31
N GLY H 242 -122.80 -17.17 8.82
CA GLY H 242 -124.22 -16.81 8.59
C GLY H 242 -124.47 -15.32 8.78
N VAL H 243 -123.89 -14.73 9.83
CA VAL H 243 -124.02 -13.27 10.13
C VAL H 243 -123.37 -12.46 9.00
N ILE H 244 -122.19 -12.88 8.51
CA ILE H 244 -121.48 -12.19 7.41
C ILE H 244 -122.38 -12.17 6.17
N GLN H 245 -122.96 -13.32 5.81
CA GLN H 245 -123.80 -13.46 4.60
C GLN H 245 -125.02 -12.54 4.80
N LEU H 246 -125.71 -12.67 5.93
CA LEU H 246 -126.90 -11.85 6.26
C LEU H 246 -126.55 -10.36 6.16
N ALA H 247 -125.36 -9.97 6.61
CA ALA H 247 -124.91 -8.55 6.63
C ALA H 247 -124.70 -8.05 5.20
N HIS H 248 -124.01 -8.84 4.36
CA HIS H 248 -123.80 -8.52 2.92
C HIS H 248 -125.15 -8.38 2.22
N TYR H 249 -126.11 -9.24 2.57
CA TYR H 249 -127.48 -9.21 2.01
C TYR H 249 -128.11 -7.86 2.33
N VAL H 250 -127.98 -7.44 3.59
CA VAL H 250 -128.51 -6.14 4.09
C VAL H 250 -127.88 -4.98 3.31
N VAL H 251 -126.54 -4.82 3.32
CA VAL H 251 -125.91 -3.63 2.66
C VAL H 251 -126.41 -3.61 1.21
N THR H 252 -126.52 -4.78 0.58
CA THR H 252 -126.93 -4.95 -0.84
C THR H 252 -128.35 -4.41 -0.99
N ALA H 253 -129.28 -4.83 -0.13
CA ALA H 253 -130.68 -4.36 -0.13
C ALA H 253 -130.73 -2.84 0.14
N LYS H 254 -130.14 -2.39 1.26
CA LYS H 254 -130.27 -0.99 1.75
C LYS H 254 -129.79 -0.01 0.67
N LEU H 255 -128.68 -0.32 -0.02
CA LEU H 255 -128.06 0.57 -1.05
C LEU H 255 -128.89 0.54 -2.34
N LEU H 256 -129.56 -0.56 -2.66
CA LEU H 256 -130.48 -0.65 -3.83
C LEU H 256 -131.81 0.04 -3.51
N GLY H 257 -131.98 0.50 -2.26
CA GLY H 257 -133.22 1.11 -1.78
C GLY H 257 -134.34 0.11 -1.64
N PHE H 258 -133.99 -1.14 -1.35
CA PHE H 258 -134.94 -2.28 -1.24
C PHE H 258 -135.11 -2.64 0.22
N THR H 259 -136.23 -3.28 0.50
CA THR H 259 -136.45 -4.13 1.71
C THR H 259 -135.87 -5.49 1.38
N PRO H 260 -135.59 -6.35 2.39
CA PRO H 260 -135.12 -7.72 2.13
C PRO H 260 -136.02 -8.47 1.13
N GLY H 261 -137.33 -8.42 1.35
CA GLY H 261 -138.34 -9.10 0.50
C GLY H 261 -138.32 -8.56 -0.91
N GLU H 262 -138.16 -7.24 -1.07
CA GLU H 262 -138.09 -6.57 -2.39
C GLU H 262 -136.89 -7.14 -3.16
N LEU H 263 -135.73 -7.23 -2.51
CA LEU H 263 -134.52 -7.88 -3.08
C LEU H 263 -134.88 -9.31 -3.48
N ARG H 264 -135.36 -10.13 -2.54
CA ARG H 264 -135.54 -11.57 -2.82
C ARG H 264 -136.60 -11.76 -3.91
N SER H 265 -137.50 -10.80 -4.10
CA SER H 265 -138.52 -10.85 -5.18
C SER H 265 -137.81 -10.88 -6.55
N TYR H 266 -136.68 -10.15 -6.69
CA TYR H 266 -135.89 -10.01 -7.95
C TYR H 266 -135.11 -11.28 -8.27
N LEU H 267 -135.08 -12.24 -7.35
CA LEU H 267 -134.33 -13.52 -7.48
C LEU H 267 -135.22 -14.56 -8.16
N LYS H 268 -134.74 -15.20 -9.24
CA LYS H 268 -135.37 -16.41 -9.82
C LYS H 268 -135.33 -17.56 -8.80
N GLY H 269 -134.28 -17.63 -7.98
CA GLY H 269 -134.10 -18.68 -6.96
C GLY H 269 -132.91 -18.40 -6.06
N ALA H 270 -132.56 -19.33 -5.16
CA ALA H 270 -131.41 -19.20 -4.25
C ALA H 270 -130.99 -20.57 -3.75
N THR H 271 -129.70 -20.74 -3.44
CA THR H 271 -129.14 -21.95 -2.80
C THR H 271 -127.82 -21.58 -2.13
N GLY H 272 -127.24 -22.56 -1.44
CA GLY H 272 -125.97 -22.41 -0.70
C GLY H 272 -125.13 -23.66 -0.76
N HIS H 273 -123.83 -23.48 -0.72
CA HIS H 273 -122.79 -24.54 -0.61
C HIS H 273 -122.65 -24.88 0.87
N SER H 274 -122.77 -26.17 1.22
CA SER H 274 -122.62 -26.63 2.63
C SER H 274 -123.62 -25.83 3.48
N GLN H 275 -123.16 -25.05 4.46
CA GLN H 275 -123.99 -24.36 5.50
C GLN H 275 -124.56 -23.04 4.98
N GLY H 276 -124.25 -22.69 3.74
CA GLY H 276 -124.85 -21.52 3.06
C GLY H 276 -126.30 -21.80 2.77
N LEU H 277 -126.66 -23.08 2.61
CA LEU H 277 -128.05 -23.54 2.35
C LEU H 277 -128.99 -22.91 3.37
N VAL H 278 -128.55 -22.83 4.63
CA VAL H 278 -129.38 -22.29 5.73
C VAL H 278 -129.72 -20.84 5.39
N THR H 279 -128.74 -19.98 5.11
CA THR H 279 -129.03 -18.53 4.94
C THR H 279 -129.76 -18.34 3.60
N ALA H 280 -129.71 -19.32 2.68
CA ALA H 280 -130.45 -19.28 1.40
C ALA H 280 -131.96 -19.37 1.66
N VAL H 281 -132.38 -20.40 2.40
CA VAL H 281 -133.82 -20.66 2.69
C VAL H 281 -134.36 -19.53 3.57
N ALA H 282 -133.56 -19.02 4.50
CA ALA H 282 -133.96 -17.93 5.42
C ALA H 282 -134.25 -16.65 4.63
N ILE H 283 -133.47 -16.39 3.59
CA ILE H 283 -133.63 -15.22 2.68
C ILE H 283 -134.94 -15.36 1.90
N ALA H 284 -135.33 -16.57 1.53
CA ALA H 284 -136.54 -16.84 0.71
C ALA H 284 -137.80 -16.40 1.45
N GLU H 285 -137.85 -16.56 2.78
CA GLU H 285 -139.02 -16.18 3.63
C GLU H 285 -139.07 -14.68 3.89
N THR H 286 -137.98 -13.97 3.63
CA THR H 286 -137.77 -12.56 4.02
C THR H 286 -138.81 -11.67 3.34
N ASP H 287 -139.09 -10.50 3.93
CA ASP H 287 -140.23 -9.62 3.54
C ASP H 287 -139.89 -8.15 3.84
N SER H 288 -140.35 -7.58 4.97
CA SER H 288 -140.04 -6.19 5.37
C SER H 288 -138.92 -6.18 6.41
N TRP H 289 -138.39 -5.00 6.72
CA TRP H 289 -137.37 -4.79 7.78
C TRP H 289 -137.93 -5.20 9.15
N GLU H 290 -139.15 -4.76 9.47
CA GLU H 290 -139.85 -5.08 10.75
C GLU H 290 -139.84 -6.59 11.01
N SER H 291 -139.96 -7.41 9.96
CA SER H 291 -140.07 -8.89 10.05
C SER H 291 -138.78 -9.56 9.54
N PHE H 292 -137.67 -8.83 9.50
CA PHE H 292 -136.38 -9.35 8.99
C PHE H 292 -135.71 -10.17 10.10
N PHE H 293 -135.66 -9.61 11.30
CA PHE H 293 -134.89 -10.15 12.46
C PHE H 293 -135.50 -11.50 12.89
N VAL H 294 -136.73 -11.83 12.50
CA VAL H 294 -137.31 -13.18 12.75
C VAL H 294 -136.63 -14.17 11.80
N SER H 295 -136.42 -13.80 10.54
CA SER H 295 -135.67 -14.64 9.55
C SER H 295 -134.21 -14.78 9.99
N VAL H 296 -133.59 -13.67 10.43
CA VAL H 296 -132.20 -13.65 10.96
C VAL H 296 -132.12 -14.64 12.13
N ARG H 297 -132.99 -14.49 13.13
CA ARG H 297 -133.07 -15.42 14.27
C ARG H 297 -133.05 -16.85 13.69
N LYS H 298 -134.03 -17.19 12.85
CA LYS H 298 -134.20 -18.56 12.32
C LYS H 298 -132.85 -19.08 11.82
N ALA H 299 -132.18 -18.36 10.92
CA ALA H 299 -130.91 -18.77 10.27
C ALA H 299 -129.85 -19.08 11.34
N ILE H 300 -129.54 -18.10 12.19
CA ILE H 300 -128.35 -18.17 13.08
C ILE H 300 -128.61 -19.12 14.25
N THR H 301 -129.87 -19.48 14.55
CA THR H 301 -130.17 -20.51 15.59
C THR H 301 -130.02 -21.90 14.94
N VAL H 302 -130.25 -22.03 13.62
CA VAL H 302 -129.94 -23.31 12.92
C VAL H 302 -128.42 -23.49 12.95
N LEU H 303 -127.69 -22.52 12.41
CA LEU H 303 -126.21 -22.55 12.29
C LEU H 303 -125.57 -22.83 13.65
N PHE H 304 -126.10 -22.23 14.72
CA PHE H 304 -125.59 -22.38 16.11
C PHE H 304 -125.66 -23.86 16.51
N PHE H 305 -126.82 -24.49 16.37
CA PHE H 305 -127.03 -25.89 16.80
C PHE H 305 -126.23 -26.83 15.90
N ILE H 306 -126.17 -26.56 14.59
CA ILE H 306 -125.29 -27.34 13.64
C ILE H 306 -123.87 -27.37 14.22
N GLY H 307 -123.31 -26.18 14.47
CA GLY H 307 -122.01 -25.99 15.13
C GLY H 307 -121.91 -26.79 16.41
N VAL H 308 -122.72 -26.47 17.42
CA VAL H 308 -122.58 -27.02 18.79
C VAL H 308 -122.66 -28.56 18.72
N ARG H 309 -123.63 -29.11 18.01
CA ARG H 309 -123.89 -30.57 18.03
C ARG H 309 -122.85 -31.30 17.20
N CYS H 310 -122.46 -30.76 16.05
CA CYS H 310 -121.46 -31.37 15.13
C CYS H 310 -120.05 -31.33 15.76
N TYR H 311 -119.80 -30.36 16.63
CA TYR H 311 -118.52 -30.30 17.40
C TYR H 311 -118.54 -31.43 18.43
N GLU H 312 -119.59 -31.45 19.27
CA GLU H 312 -119.80 -32.49 20.31
C GLU H 312 -119.69 -33.89 19.69
N ALA H 313 -120.13 -34.05 18.44
CA ALA H 313 -120.15 -35.35 17.71
C ALA H 313 -118.73 -35.78 17.36
N TYR H 314 -117.94 -34.89 16.76
CA TYR H 314 -116.52 -35.14 16.38
C TYR H 314 -115.68 -33.91 16.72
N PRO H 315 -115.30 -33.72 18.01
CA PRO H 315 -114.46 -32.59 18.41
C PRO H 315 -113.03 -32.83 17.95
N ASN H 316 -112.32 -31.78 17.53
CA ASN H 316 -110.99 -31.92 16.87
C ASN H 316 -109.94 -32.02 17.96
N THR H 317 -109.10 -33.07 17.92
CA THR H 317 -108.10 -33.36 18.96
C THR H 317 -106.70 -32.95 18.49
N SER H 318 -105.76 -32.87 19.44
CA SER H 318 -104.31 -32.61 19.21
C SER H 318 -103.81 -33.40 18.03
N LEU H 319 -103.14 -32.71 17.13
CA LEU H 319 -102.51 -33.24 15.90
C LEU H 319 -101.06 -33.62 16.21
N PRO H 320 -100.65 -34.90 16.02
CA PRO H 320 -99.27 -35.32 16.24
C PRO H 320 -98.31 -34.42 15.49
N PRO H 321 -97.44 -33.66 16.20
CA PRO H 321 -96.57 -32.67 15.54
C PRO H 321 -95.79 -33.18 14.31
N SER H 322 -95.32 -34.43 14.36
CA SER H 322 -94.61 -35.10 13.24
C SER H 322 -95.45 -34.94 11.97
N ILE H 323 -96.72 -35.33 12.03
CA ILE H 323 -97.71 -35.26 10.91
C ILE H 323 -97.84 -33.81 10.42
N LEU H 324 -98.00 -32.83 11.32
CA LEU H 324 -98.13 -31.39 10.95
C LEU H 324 -96.85 -30.96 10.21
N GLU H 325 -95.67 -31.14 10.82
CA GLU H 325 -94.37 -30.72 10.25
C GLU H 325 -94.22 -31.29 8.83
N ASP H 326 -94.62 -32.55 8.62
CA ASP H 326 -94.47 -33.26 7.33
C ASP H 326 -95.38 -32.63 6.28
N SER H 327 -96.68 -32.52 6.58
CA SER H 327 -97.71 -31.95 5.68
C SER H 327 -97.28 -30.54 5.28
N LEU H 328 -96.71 -29.77 6.20
CA LEU H 328 -96.27 -28.37 5.94
C LEU H 328 -95.09 -28.37 4.99
N GLU H 329 -94.07 -29.21 5.20
CA GLU H 329 -92.85 -29.20 4.35
C GLU H 329 -93.17 -29.73 2.95
N ASN H 330 -94.29 -30.44 2.77
CA ASN H 330 -94.74 -30.98 1.45
C ASN H 330 -95.84 -30.10 0.85
N ASN H 331 -95.96 -28.85 1.32
CA ASN H 331 -96.86 -27.81 0.74
C ASN H 331 -98.31 -28.31 0.66
N GLU H 332 -98.64 -29.45 1.29
CA GLU H 332 -100.03 -29.78 1.70
C GLU H 332 -100.40 -28.76 2.77
N GLY H 333 -101.59 -28.83 3.35
CA GLY H 333 -102.03 -27.81 4.32
C GLY H 333 -101.55 -28.09 5.74
N VAL H 334 -102.12 -27.33 6.69
CA VAL H 334 -102.30 -27.73 8.12
C VAL H 334 -103.41 -28.77 8.14
N PRO H 335 -103.10 -30.06 8.42
CA PRO H 335 -104.11 -31.11 8.40
C PRO H 335 -105.37 -30.67 9.14
N SER H 336 -106.51 -30.94 8.51
CA SER H 336 -107.89 -30.61 8.95
C SER H 336 -108.77 -31.77 8.52
N PRO H 337 -110.07 -31.81 8.91
CA PRO H 337 -110.95 -32.91 8.54
C PRO H 337 -111.55 -32.86 7.14
N MET H 338 -111.16 -31.88 6.31
CA MET H 338 -111.61 -31.75 4.90
C MET H 338 -110.41 -31.40 4.00
N LEU H 339 -110.25 -32.18 2.93
CA LEU H 339 -109.07 -32.19 2.04
C LEU H 339 -109.53 -31.96 0.60
N SER H 340 -109.04 -30.90 -0.05
CA SER H 340 -109.42 -30.49 -1.43
C SER H 340 -108.44 -31.10 -2.44
N ILE H 341 -108.93 -31.53 -3.61
CA ILE H 341 -108.13 -32.24 -4.66
C ILE H 341 -108.51 -31.73 -6.07
N SER H 342 -107.73 -30.76 -6.58
CA SER H 342 -107.82 -30.26 -7.97
C SER H 342 -107.33 -31.33 -8.95
N ASN H 343 -107.95 -31.37 -10.13
CA ASN H 343 -107.38 -31.88 -11.41
C ASN H 343 -107.48 -33.41 -11.48
N LEU H 344 -108.28 -34.02 -10.60
CA LEU H 344 -108.59 -35.47 -10.67
C LEU H 344 -110.10 -35.64 -10.86
N THR H 345 -110.49 -36.58 -11.75
CA THR H 345 -111.87 -37.12 -11.91
C THR H 345 -112.42 -37.53 -10.54
N GLN H 346 -113.75 -37.50 -10.40
CA GLN H 346 -114.42 -38.07 -9.21
C GLN H 346 -114.07 -39.55 -9.10
N GLU H 347 -114.17 -40.30 -10.20
CA GLU H 347 -113.92 -41.77 -10.18
C GLU H 347 -112.43 -42.02 -9.88
N GLN H 348 -111.53 -41.13 -10.30
CA GLN H 348 -110.07 -41.19 -9.96
C GLN H 348 -109.90 -41.07 -8.45
N VAL H 349 -110.31 -39.93 -7.86
CA VAL H 349 -110.28 -39.67 -6.39
C VAL H 349 -110.89 -40.88 -5.65
N GLN H 350 -112.02 -41.39 -6.11
CA GLN H 350 -112.77 -42.47 -5.41
C GLN H 350 -111.90 -43.73 -5.33
N ASP H 351 -111.06 -44.01 -6.35
CA ASP H 351 -110.07 -45.12 -6.33
C ASP H 351 -109.14 -44.96 -5.13
N TYR H 352 -108.53 -43.78 -5.00
CA TYR H 352 -107.52 -43.46 -3.96
C TYR H 352 -108.18 -43.57 -2.56
N VAL H 353 -109.43 -43.15 -2.39
CA VAL H 353 -110.12 -43.26 -1.07
C VAL H 353 -110.41 -44.75 -0.81
N ASN H 354 -110.90 -45.48 -1.81
CA ASN H 354 -111.19 -46.93 -1.67
C ASN H 354 -109.95 -47.66 -1.16
N LYS H 355 -108.79 -47.38 -1.78
CA LYS H 355 -107.48 -47.97 -1.41
C LYS H 355 -107.13 -47.59 0.03
N THR H 356 -107.04 -46.29 0.33
CA THR H 356 -106.75 -45.73 1.69
C THR H 356 -107.76 -46.32 2.70
N ASN H 357 -109.04 -46.37 2.35
CA ASN H 357 -110.15 -46.86 3.22
C ASN H 357 -110.02 -48.35 3.49
N SER H 358 -109.45 -49.11 2.55
CA SER H 358 -109.39 -50.60 2.59
C SER H 358 -108.62 -51.07 3.84
N HIS H 359 -107.68 -50.27 4.35
CA HIS H 359 -106.80 -50.61 5.51
C HIS H 359 -107.34 -50.04 6.83
N LEU H 360 -108.36 -49.16 6.80
CA LEU H 360 -108.89 -48.45 7.98
C LEU H 360 -110.21 -49.07 8.42
N PRO H 361 -110.50 -49.11 9.74
CA PRO H 361 -111.82 -49.52 10.22
C PRO H 361 -112.90 -48.46 9.95
N ALA H 362 -114.17 -48.81 10.14
CA ALA H 362 -115.36 -47.97 9.86
C ALA H 362 -115.16 -46.54 10.38
N GLY H 363 -114.81 -46.40 11.67
CA GLY H 363 -114.71 -45.13 12.41
C GLY H 363 -113.75 -44.12 11.76
N LYS H 364 -112.76 -44.60 11.01
CA LYS H 364 -111.63 -43.77 10.50
C LYS H 364 -111.67 -43.66 8.97
N GLN H 365 -112.73 -44.16 8.32
CA GLN H 365 -112.88 -44.13 6.84
C GLN H 365 -113.07 -42.67 6.39
N VAL H 366 -112.67 -42.36 5.16
CA VAL H 366 -112.88 -41.03 4.54
C VAL H 366 -113.83 -41.19 3.35
N GLU H 367 -114.65 -40.18 3.07
CA GLU H 367 -115.62 -40.19 1.95
C GLU H 367 -115.55 -38.84 1.21
N ILE H 368 -115.86 -38.87 -0.09
CA ILE H 368 -115.99 -37.65 -0.92
C ILE H 368 -117.14 -36.82 -0.34
N SER H 369 -116.82 -35.58 0.05
CA SER H 369 -117.71 -34.66 0.80
C SER H 369 -118.43 -33.72 -0.16
N LEU H 370 -117.67 -33.12 -1.07
CA LEU H 370 -118.17 -32.12 -2.04
C LEU H 370 -117.70 -32.52 -3.44
N VAL H 371 -118.52 -32.26 -4.46
CA VAL H 371 -118.16 -32.43 -5.89
C VAL H 371 -118.36 -31.07 -6.55
N ASN H 372 -117.44 -30.15 -6.26
CA ASN H 372 -117.54 -28.71 -6.61
C ASN H 372 -117.49 -28.53 -8.14
N GLY H 373 -116.85 -29.45 -8.87
CA GLY H 373 -116.80 -29.43 -10.36
C GLY H 373 -116.32 -30.76 -10.91
N ALA H 374 -116.08 -30.83 -12.22
CA ALA H 374 -115.63 -32.07 -12.92
C ALA H 374 -114.37 -32.61 -12.21
N LYS H 375 -113.39 -31.73 -11.99
CA LYS H 375 -112.06 -32.09 -11.49
C LYS H 375 -111.73 -31.23 -10.29
N ASN H 376 -112.72 -31.04 -9.41
CA ASN H 376 -112.52 -30.31 -8.13
C ASN H 376 -113.37 -31.01 -7.06
N LEU H 377 -112.74 -31.84 -6.22
CA LEU H 377 -113.44 -32.58 -5.14
C LEU H 377 -112.85 -32.21 -3.78
N VAL H 378 -113.58 -32.59 -2.73
CA VAL H 378 -113.18 -32.45 -1.30
C VAL H 378 -113.56 -33.75 -0.61
N VAL H 379 -112.69 -34.22 0.29
CA VAL H 379 -112.84 -35.50 1.03
C VAL H 379 -112.83 -35.18 2.52
N SER H 380 -113.76 -35.76 3.27
CA SER H 380 -113.85 -35.55 4.74
C SER H 380 -113.59 -36.86 5.46
N GLY H 381 -113.06 -36.71 6.66
CA GLY H 381 -112.77 -37.82 7.59
C GLY H 381 -111.82 -37.34 8.67
N PRO H 382 -111.28 -38.24 9.51
CA PRO H 382 -110.31 -37.86 10.53
C PRO H 382 -109.11 -37.24 9.85
N PRO H 383 -108.55 -36.12 10.37
CA PRO H 383 -107.38 -35.49 9.75
C PRO H 383 -106.25 -36.49 9.49
N GLN H 384 -106.03 -37.44 10.39
CA GLN H 384 -104.94 -38.46 10.28
C GLN H 384 -105.21 -39.39 9.09
N SER H 385 -106.47 -39.79 8.87
CA SER H 385 -106.89 -40.66 7.75
C SER H 385 -106.66 -39.93 6.43
N LEU H 386 -106.97 -38.63 6.39
CA LEU H 386 -106.80 -37.78 5.19
C LEU H 386 -105.33 -37.54 4.91
N TYR H 387 -104.49 -37.57 5.95
CA TYR H 387 -103.01 -37.53 5.82
C TYR H 387 -102.55 -38.80 5.10
N GLY H 388 -102.99 -39.97 5.58
CA GLY H 388 -102.75 -41.28 4.95
C GLY H 388 -103.20 -41.31 3.49
N LEU H 389 -104.23 -40.54 3.15
CA LEU H 389 -104.66 -40.34 1.74
C LEU H 389 -103.56 -39.54 1.05
N ASN H 390 -103.20 -38.36 1.58
CA ASN H 390 -102.18 -37.44 1.04
C ASN H 390 -100.86 -38.18 0.77
N LEU H 391 -100.55 -39.21 1.57
CA LEU H 391 -99.29 -39.99 1.45
C LEU H 391 -99.37 -40.90 0.22
N THR H 392 -100.47 -41.66 0.08
CA THR H 392 -100.82 -42.46 -1.13
C THR H 392 -100.78 -41.52 -2.35
N LEU H 393 -101.31 -40.31 -2.21
CA LEU H 393 -101.39 -39.28 -3.29
C LEU H 393 -99.99 -38.79 -3.67
N ARG H 394 -99.11 -38.55 -2.69
CA ARG H 394 -97.77 -37.94 -2.95
C ARG H 394 -96.98 -38.82 -3.96
N LYS H 395 -97.23 -40.13 -3.96
CA LYS H 395 -96.52 -41.14 -4.80
C LYS H 395 -96.93 -41.02 -6.26
N ALA H 396 -98.24 -40.93 -6.54
CA ALA H 396 -98.83 -40.94 -7.89
C ALA H 396 -98.55 -39.61 -8.61
N LYS H 397 -98.47 -38.51 -7.86
CA LYS H 397 -98.32 -37.14 -8.45
C LYS H 397 -96.86 -36.98 -8.86
N ALA H 398 -96.60 -36.11 -9.84
CA ALA H 398 -95.24 -35.77 -10.32
C ALA H 398 -94.85 -34.42 -9.71
N PRO H 399 -93.53 -34.17 -9.47
CA PRO H 399 -93.08 -32.84 -9.05
C PRO H 399 -93.80 -31.73 -9.84
N SER H 400 -94.21 -30.65 -9.17
CA SER H 400 -95.13 -29.61 -9.73
C SER H 400 -94.42 -28.76 -10.80
N GLY H 401 -93.07 -28.68 -10.76
CA GLY H 401 -92.26 -28.00 -11.80
C GLY H 401 -91.40 -28.98 -12.58
N LEU H 402 -91.98 -30.09 -13.07
CA LEU H 402 -91.24 -31.22 -13.70
C LEU H 402 -90.85 -30.87 -15.15
N ASP H 403 -91.65 -30.08 -15.87
CA ASP H 403 -91.39 -29.74 -17.30
C ASP H 403 -91.35 -31.02 -18.15
N GLN H 404 -92.52 -31.45 -18.61
CA GLN H 404 -92.72 -32.59 -19.53
C GLN H 404 -93.04 -32.05 -20.94
N SER H 405 -92.56 -30.85 -21.27
CA SER H 405 -92.85 -30.13 -22.55
C SER H 405 -92.20 -30.84 -23.75
N ARG H 406 -91.24 -31.73 -23.48
CA ARG H 406 -90.48 -32.50 -24.50
C ARG H 406 -90.84 -33.99 -24.38
N ILE H 407 -91.73 -34.38 -23.45
CA ILE H 407 -92.30 -35.75 -23.32
C ILE H 407 -93.61 -35.78 -24.12
N PRO H 408 -93.85 -36.80 -24.98
CA PRO H 408 -95.15 -36.94 -25.64
C PRO H 408 -96.32 -36.86 -24.65
N PHE H 409 -97.39 -36.14 -25.01
CA PHE H 409 -98.58 -35.89 -24.16
C PHE H 409 -99.02 -37.20 -23.47
N SER H 410 -99.24 -38.24 -24.24
CA SER H 410 -99.74 -39.59 -23.81
C SER H 410 -98.90 -40.18 -22.67
N GLU H 411 -97.60 -39.92 -22.65
CA GLU H 411 -96.64 -40.54 -21.70
C GLU H 411 -96.35 -39.64 -20.50
N ARG H 412 -96.92 -38.42 -20.43
CA ARG H 412 -96.69 -37.47 -19.31
C ARG H 412 -97.35 -38.03 -18.05
N LYS H 413 -96.88 -37.62 -16.88
CA LYS H 413 -97.36 -38.14 -15.57
C LYS H 413 -98.36 -37.13 -15.02
N LEU H 414 -99.42 -37.60 -14.34
CA LEU H 414 -100.51 -36.79 -13.73
C LEU H 414 -99.93 -35.71 -12.83
N LYS H 415 -100.39 -34.46 -13.00
CA LYS H 415 -100.07 -33.31 -12.13
C LYS H 415 -101.38 -32.82 -11.48
N PHE H 416 -101.42 -32.75 -10.15
CA PHE H 416 -102.63 -32.31 -9.43
C PHE H 416 -102.26 -31.69 -8.09
N SER H 417 -103.10 -30.76 -7.61
CA SER H 417 -102.99 -30.13 -6.27
C SER H 417 -103.79 -30.96 -5.27
N ASN H 418 -103.38 -30.92 -4.00
CA ASN H 418 -104.20 -31.46 -2.88
C ASN H 418 -103.73 -30.78 -1.60
N ARG H 419 -104.44 -29.75 -1.15
CA ARG H 419 -104.16 -28.98 0.09
C ARG H 419 -105.37 -29.17 1.02
N PHE H 420 -105.14 -29.28 2.33
CA PHE H 420 -106.19 -29.29 3.37
C PHE H 420 -106.90 -27.94 3.39
N LEU H 421 -108.19 -27.93 3.75
CA LEU H 421 -109.03 -26.73 3.81
C LEU H 421 -109.03 -26.17 5.23
N PRO H 422 -109.16 -24.84 5.39
CA PRO H 422 -109.31 -24.25 6.72
C PRO H 422 -110.72 -24.42 7.32
N VAL H 423 -111.03 -25.60 7.84
CA VAL H 423 -112.30 -25.92 8.56
C VAL H 423 -111.97 -26.81 9.76
N ALA H 424 -112.74 -26.69 10.84
CA ALA H 424 -112.44 -27.36 12.13
C ALA H 424 -113.14 -28.72 12.22
N SER H 425 -114.09 -29.01 11.33
CA SER H 425 -115.00 -30.17 11.46
C SER H 425 -115.24 -30.83 10.11
N PRO H 426 -115.47 -32.17 10.09
CA PRO H 426 -115.65 -32.92 8.84
C PRO H 426 -117.09 -32.94 8.32
N PHE H 427 -117.54 -31.83 7.75
CA PHE H 427 -118.90 -31.66 7.16
C PHE H 427 -119.13 -32.73 6.08
N HIS H 428 -120.38 -33.15 5.91
CA HIS H 428 -120.88 -34.06 4.85
C HIS H 428 -120.24 -35.45 5.00
N SER H 429 -120.07 -35.93 6.23
CA SER H 429 -119.43 -37.25 6.52
C SER H 429 -120.19 -38.00 7.62
N HIS H 430 -119.97 -39.31 7.69
CA HIS H 430 -120.59 -40.27 8.65
C HIS H 430 -120.28 -39.86 10.10
N LEU H 431 -119.16 -39.16 10.32
CA LEU H 431 -118.69 -38.74 11.66
C LEU H 431 -119.74 -37.84 12.33
N LEU H 432 -120.56 -37.12 11.57
CA LEU H 432 -121.50 -36.10 12.10
C LEU H 432 -122.93 -36.66 12.25
N VAL H 433 -123.24 -37.78 11.58
CA VAL H 433 -124.60 -38.41 11.58
C VAL H 433 -125.26 -38.31 12.95
N PRO H 434 -124.64 -38.80 14.04
CA PRO H 434 -125.24 -38.70 15.38
C PRO H 434 -125.89 -37.37 15.73
N ALA H 435 -125.32 -36.26 15.27
CA ALA H 435 -125.76 -34.87 15.57
C ALA H 435 -127.13 -34.57 14.93
N SER H 436 -127.42 -35.07 13.71
CA SER H 436 -128.63 -34.73 12.90
C SER H 436 -129.87 -34.82 13.80
N ASP H 437 -130.07 -36.00 14.40
CA ASP H 437 -131.19 -36.30 15.32
C ASP H 437 -131.31 -35.20 16.37
N LEU H 438 -130.25 -34.97 17.15
CA LEU H 438 -130.18 -33.98 18.26
C LEU H 438 -130.44 -32.58 17.71
N ILE H 439 -129.86 -32.21 16.58
CA ILE H 439 -130.00 -30.84 15.99
C ILE H 439 -131.50 -30.58 15.77
N ASN H 440 -132.19 -31.51 15.11
CA ASN H 440 -133.63 -31.39 14.74
C ASN H 440 -134.47 -31.18 16.00
N LYS H 441 -134.18 -31.92 17.07
CA LYS H 441 -134.84 -31.78 18.38
C LYS H 441 -134.62 -30.39 18.97
N ASP H 442 -133.46 -29.78 18.72
CA ASP H 442 -133.13 -28.42 19.25
C ASP H 442 -133.92 -27.36 18.48
N LEU H 443 -134.16 -27.59 17.18
CA LEU H 443 -134.91 -26.66 16.30
C LEU H 443 -136.40 -26.70 16.68
N VAL H 444 -136.95 -27.92 16.87
CA VAL H 444 -138.29 -28.14 17.47
C VAL H 444 -138.37 -27.28 18.76
N LYS H 445 -137.43 -27.47 19.68
CA LYS H 445 -137.45 -26.85 21.04
C LYS H 445 -137.27 -25.32 20.97
N ASN H 446 -136.67 -24.77 19.90
CA ASN H 446 -136.42 -23.30 19.76
C ASN H 446 -137.33 -22.72 18.66
N ASN H 447 -138.43 -23.40 18.35
CA ASN H 447 -139.50 -22.92 17.42
C ASN H 447 -138.88 -22.39 16.12
N VAL H 448 -138.15 -23.25 15.42
CA VAL H 448 -137.58 -22.97 14.07
C VAL H 448 -137.93 -24.13 13.14
N SER H 449 -138.65 -23.82 12.06
CA SER H 449 -138.84 -24.67 10.87
C SER H 449 -139.14 -23.76 9.68
N PHE H 450 -139.19 -24.32 8.47
CA PHE H 450 -139.42 -23.57 7.22
C PHE H 450 -140.57 -24.25 6.48
N ASN H 451 -141.75 -23.61 6.45
CA ASN H 451 -142.96 -24.14 5.74
C ASN H 451 -142.92 -23.65 4.30
N ALA H 452 -143.05 -24.55 3.33
CA ALA H 452 -142.98 -24.24 1.89
C ALA H 452 -143.82 -22.99 1.58
N LYS H 453 -145.01 -22.88 2.19
CA LYS H 453 -145.96 -21.74 2.04
C LYS H 453 -145.24 -20.40 2.23
N ASP H 454 -144.30 -20.31 3.17
CA ASP H 454 -143.63 -19.03 3.57
C ASP H 454 -142.50 -18.67 2.59
N ILE H 455 -141.86 -19.67 1.97
CA ILE H 455 -140.59 -19.48 1.21
C ILE H 455 -140.94 -19.18 -0.26
N GLN H 456 -140.60 -17.97 -0.70
CA GLN H 456 -141.25 -17.22 -1.81
C GLN H 456 -140.48 -17.38 -3.13
N ILE H 457 -139.39 -18.15 -3.12
CA ILE H 457 -138.59 -18.50 -4.34
C ILE H 457 -138.13 -19.95 -4.18
N PRO H 458 -137.84 -20.66 -5.29
CA PRO H 458 -137.26 -21.99 -5.19
C PRO H 458 -135.91 -21.91 -4.45
N VAL H 459 -135.66 -22.87 -3.57
CA VAL H 459 -134.38 -23.00 -2.81
C VAL H 459 -133.80 -24.39 -3.10
N TYR H 460 -132.73 -24.42 -3.91
CA TYR H 460 -132.24 -25.63 -4.61
C TYR H 460 -131.47 -26.52 -3.61
N ASP H 461 -131.98 -27.75 -3.48
CA ASP H 461 -131.43 -28.87 -2.65
C ASP H 461 -130.00 -29.16 -3.10
N THR H 462 -129.13 -29.39 -2.11
CA THR H 462 -127.64 -29.41 -2.21
C THR H 462 -127.17 -30.74 -2.82
N PHE H 463 -127.99 -31.80 -2.73
CA PHE H 463 -127.71 -33.19 -3.20
C PHE H 463 -128.49 -33.54 -4.49
N ASP H 464 -129.72 -33.01 -4.63
CA ASP H 464 -130.71 -33.35 -5.70
C ASP H 464 -130.64 -32.38 -6.87
N GLY H 465 -130.57 -31.07 -6.57
CA GLY H 465 -130.84 -29.97 -7.50
C GLY H 465 -132.31 -29.54 -7.44
N SER H 466 -133.17 -30.44 -6.93
CA SER H 466 -134.62 -30.25 -6.72
C SER H 466 -134.92 -28.99 -5.90
N ASP H 467 -136.19 -28.55 -5.90
CA ASP H 467 -136.69 -27.47 -5.02
C ASP H 467 -137.02 -28.08 -3.64
N LEU H 468 -136.60 -27.42 -2.57
CA LEU H 468 -136.88 -27.89 -1.19
C LEU H 468 -138.37 -27.68 -0.83
N ARG H 469 -139.10 -26.90 -1.63
CA ARG H 469 -140.54 -26.61 -1.37
C ARG H 469 -141.35 -27.88 -1.66
N VAL H 470 -141.01 -28.60 -2.73
CA VAL H 470 -141.72 -29.82 -3.22
C VAL H 470 -141.66 -30.94 -2.18
N LEU H 471 -140.68 -30.96 -1.26
CA LEU H 471 -140.58 -31.93 -0.12
C LEU H 471 -141.93 -32.06 0.60
N SER H 472 -142.30 -33.26 1.03
CA SER H 472 -143.47 -33.52 1.92
C SER H 472 -143.01 -33.71 3.36
N GLY H 473 -141.69 -33.87 3.59
CA GLY H 473 -141.07 -34.02 4.92
C GLY H 473 -141.00 -32.68 5.65
N SER H 474 -140.07 -32.54 6.60
CA SER H 474 -139.62 -31.24 7.17
C SER H 474 -138.48 -30.70 6.31
N ILE H 475 -138.51 -29.41 5.97
CA ILE H 475 -137.44 -28.75 5.18
C ILE H 475 -136.22 -28.56 6.09
N SER H 476 -136.40 -28.00 7.28
CA SER H 476 -135.32 -27.82 8.29
C SER H 476 -134.52 -29.13 8.36
N GLU H 477 -135.20 -30.27 8.52
CA GLU H 477 -134.58 -31.61 8.66
C GLU H 477 -133.71 -31.97 7.45
N ARG H 478 -134.20 -31.72 6.24
CA ARG H 478 -133.47 -32.04 4.98
C ARG H 478 -132.25 -31.12 4.87
N ILE H 479 -132.41 -29.82 5.18
CA ILE H 479 -131.31 -28.82 5.12
C ILE H 479 -130.19 -29.28 6.06
N VAL H 480 -130.52 -29.62 7.30
CA VAL H 480 -129.56 -30.21 8.29
C VAL H 480 -128.90 -31.43 7.64
N ASP H 481 -129.70 -32.37 7.15
CA ASP H 481 -129.21 -33.66 6.58
C ASP H 481 -128.27 -33.39 5.41
N CYS H 482 -128.50 -32.32 4.65
CA CYS H 482 -127.72 -31.94 3.43
C CYS H 482 -126.32 -31.43 3.79
N ILE H 483 -126.17 -30.92 5.01
CA ILE H 483 -124.93 -30.29 5.56
C ILE H 483 -124.14 -31.33 6.36
N ILE H 484 -124.84 -32.05 7.26
CA ILE H 484 -124.25 -33.04 8.21
C ILE H 484 -123.73 -34.25 7.44
N ARG H 485 -124.53 -34.84 6.55
CA ARG H 485 -124.35 -36.25 6.09
C ARG H 485 -124.15 -36.31 4.57
N LEU H 486 -125.14 -35.89 3.79
CA LEU H 486 -125.15 -36.07 2.31
C LEU H 486 -124.05 -35.24 1.69
N PRO H 487 -123.47 -35.68 0.55
CA PRO H 487 -122.53 -34.85 -0.19
C PRO H 487 -123.21 -33.61 -0.78
N VAL H 488 -122.39 -32.73 -1.35
CA VAL H 488 -122.84 -31.58 -2.18
C VAL H 488 -122.48 -31.91 -3.63
N LYS H 489 -123.46 -32.05 -4.51
CA LYS H 489 -123.23 -32.21 -5.97
C LYS H 489 -123.41 -30.84 -6.61
N TRP H 490 -122.47 -29.92 -6.32
CA TRP H 490 -122.62 -28.48 -6.64
C TRP H 490 -123.01 -28.27 -8.10
N GLU H 491 -122.46 -29.07 -9.01
CA GLU H 491 -122.77 -28.99 -10.47
C GLU H 491 -124.28 -29.13 -10.66
N THR H 492 -124.88 -30.19 -10.11
CA THR H 492 -126.31 -30.56 -10.33
C THR H 492 -127.21 -29.67 -9.46
N THR H 493 -126.69 -29.15 -8.33
CA THR H 493 -127.40 -28.18 -7.46
C THR H 493 -127.60 -26.88 -8.23
N THR H 494 -126.65 -26.56 -9.10
CA THR H 494 -126.50 -25.23 -9.73
C THR H 494 -127.00 -25.33 -11.18
N GLN H 495 -127.92 -26.26 -11.43
CA GLN H 495 -128.40 -26.69 -12.78
C GLN H 495 -129.44 -25.72 -13.34
N PHE H 496 -129.92 -24.76 -12.55
CA PHE H 496 -130.83 -23.66 -12.95
C PHE H 496 -130.22 -22.83 -14.08
N LYS H 497 -131.09 -22.12 -14.83
CA LYS H 497 -130.70 -21.17 -15.90
C LYS H 497 -130.95 -19.75 -15.38
N ALA H 498 -129.92 -18.90 -15.51
CA ALA H 498 -129.88 -17.49 -15.06
C ALA H 498 -128.72 -16.79 -15.74
N THR H 499 -128.78 -15.47 -15.90
CA THR H 499 -127.74 -14.66 -16.57
C THR H 499 -126.74 -14.15 -15.54
N HIS H 500 -127.15 -14.04 -14.28
CA HIS H 500 -126.34 -13.46 -13.18
C HIS H 500 -126.46 -14.30 -11.91
N ILE H 501 -125.39 -14.37 -11.13
CA ILE H 501 -125.33 -15.07 -9.81
C ILE H 501 -124.61 -14.15 -8.82
N LEU H 502 -125.17 -13.96 -7.63
CA LEU H 502 -124.60 -13.09 -6.56
C LEU H 502 -124.04 -13.98 -5.42
N ASP H 503 -122.71 -13.97 -5.21
CA ASP H 503 -122.01 -14.65 -4.08
C ASP H 503 -121.99 -13.69 -2.89
N PHE H 504 -122.98 -13.81 -2.01
CA PHE H 504 -123.06 -13.10 -0.70
C PHE H 504 -122.04 -13.74 0.25
N GLY H 505 -121.60 -14.96 -0.09
CA GLY H 505 -120.93 -15.90 0.81
C GLY H 505 -119.54 -15.42 1.16
N PRO H 506 -118.95 -15.97 2.24
CA PRO H 506 -117.68 -15.47 2.77
C PRO H 506 -116.55 -15.78 1.78
N GLY H 507 -115.50 -14.94 1.76
CA GLY H 507 -114.20 -15.23 1.13
C GLY H 507 -113.99 -14.52 -0.19
N GLY H 508 -114.79 -13.50 -0.48
CA GLY H 508 -114.70 -12.74 -1.73
C GLY H 508 -114.32 -13.62 -2.92
N ALA H 509 -113.10 -13.44 -3.42
CA ALA H 509 -112.61 -13.98 -4.69
C ALA H 509 -112.15 -15.44 -4.51
N SER H 510 -111.89 -15.89 -3.28
CA SER H 510 -111.66 -17.31 -2.95
C SER H 510 -113.00 -18.02 -2.75
N GLY H 511 -114.09 -17.26 -2.85
CA GLY H 511 -115.44 -17.68 -2.42
C GLY H 511 -116.14 -18.55 -3.44
N LEU H 512 -117.31 -19.08 -3.04
CA LEU H 512 -118.15 -19.98 -3.87
C LEU H 512 -118.45 -19.34 -5.22
N GLY H 513 -118.51 -18.01 -5.26
CA GLY H 513 -118.80 -17.26 -6.49
C GLY H 513 -117.90 -17.69 -7.62
N VAL H 514 -116.60 -17.47 -7.45
CA VAL H 514 -115.57 -17.68 -8.51
C VAL H 514 -115.55 -19.16 -8.91
N LEU H 515 -115.66 -20.09 -7.96
CA LEU H 515 -115.71 -21.54 -8.26
C LEU H 515 -116.83 -21.81 -9.25
N THR H 516 -118.03 -21.31 -8.95
CA THR H 516 -119.24 -21.50 -9.78
C THR H 516 -118.95 -20.91 -11.18
N HIS H 517 -118.32 -19.74 -11.24
CA HIS H 517 -117.96 -19.10 -12.53
C HIS H 517 -117.10 -20.04 -13.37
N ARG H 518 -116.09 -20.67 -12.76
CA ARG H 518 -115.15 -21.57 -13.46
C ARG H 518 -115.94 -22.77 -14.00
N ASN H 519 -116.97 -23.24 -13.29
CA ASN H 519 -117.80 -24.37 -13.75
C ASN H 519 -118.61 -23.97 -14.99
N LYS H 520 -119.06 -22.72 -15.07
CA LYS H 520 -120.14 -22.26 -15.99
C LYS H 520 -119.60 -21.31 -17.07
N ASP H 521 -118.29 -21.05 -17.08
CA ASP H 521 -117.64 -20.14 -18.05
C ASP H 521 -118.06 -20.59 -19.46
N GLY H 522 -118.54 -19.64 -20.26
CA GLY H 522 -118.89 -19.84 -21.67
C GLY H 522 -120.33 -20.21 -21.93
N THR H 523 -121.17 -20.30 -20.88
CA THR H 523 -122.62 -20.64 -21.00
C THR H 523 -123.49 -19.40 -20.79
N GLY H 524 -122.89 -18.20 -20.70
CA GLY H 524 -123.60 -16.90 -20.63
C GLY H 524 -124.04 -16.51 -19.23
N VAL H 525 -123.40 -17.07 -18.21
CA VAL H 525 -123.61 -16.72 -16.78
C VAL H 525 -122.52 -15.74 -16.35
N ARG H 526 -122.91 -14.68 -15.66
CA ARG H 526 -122.03 -13.68 -15.02
C ARG H 526 -122.14 -13.85 -13.51
N VAL H 527 -121.04 -14.08 -12.81
CA VAL H 527 -121.02 -14.14 -11.33
C VAL H 527 -120.53 -12.78 -10.82
N ILE H 528 -121.17 -12.28 -9.77
CA ILE H 528 -120.74 -11.05 -9.06
C ILE H 528 -120.45 -11.42 -7.60
N VAL H 529 -119.24 -11.10 -7.15
CA VAL H 529 -118.84 -11.24 -5.72
C VAL H 529 -119.43 -10.05 -4.96
N ALA H 530 -120.51 -10.28 -4.21
CA ALA H 530 -121.28 -9.22 -3.53
C ALA H 530 -120.56 -8.79 -2.25
N GLY H 531 -119.56 -9.57 -1.82
CA GLY H 531 -118.86 -9.42 -0.53
C GLY H 531 -117.81 -8.32 -0.54
N THR H 532 -116.88 -8.37 -1.49
CA THR H 532 -115.67 -7.51 -1.50
C THR H 532 -115.75 -6.47 -2.62
N LEU H 533 -115.22 -5.26 -2.37
CA LEU H 533 -114.86 -4.31 -3.44
C LEU H 533 -113.38 -4.52 -3.80
N ASP H 534 -113.11 -4.73 -5.09
CA ASP H 534 -111.77 -5.01 -5.66
C ASP H 534 -111.90 -4.87 -7.18
N ILE H 535 -110.82 -5.13 -7.92
CA ILE H 535 -110.81 -5.00 -9.41
C ILE H 535 -110.31 -6.30 -10.01
N ASN H 536 -111.12 -6.92 -10.87
CA ASN H 536 -110.74 -8.12 -11.66
C ASN H 536 -110.12 -7.61 -12.95
N PRO H 537 -108.78 -7.76 -13.14
CA PRO H 537 -108.13 -7.24 -14.34
C PRO H 537 -108.63 -7.93 -15.62
N ASP H 538 -108.98 -9.22 -15.55
CA ASP H 538 -109.48 -10.02 -16.70
C ASP H 538 -110.96 -9.71 -17.02
N ASP H 539 -111.69 -9.17 -16.03
CA ASP H 539 -113.15 -8.92 -16.07
C ASP H 539 -113.93 -10.24 -16.27
N ASP H 540 -113.26 -11.37 -16.01
CA ASP H 540 -113.82 -12.74 -15.76
C ASP H 540 -115.21 -12.67 -15.09
N TYR H 541 -115.31 -11.95 -13.96
CA TYR H 541 -116.48 -11.81 -13.05
C TYR H 541 -116.43 -10.41 -12.43
N GLY H 542 -117.42 -10.03 -11.62
CA GLY H 542 -117.53 -8.67 -11.04
C GLY H 542 -117.43 -8.67 -9.52
N PHE H 543 -117.17 -7.50 -8.94
CA PHE H 543 -117.21 -7.26 -7.47
C PHE H 543 -118.41 -6.36 -7.13
N LYS H 544 -118.63 -6.06 -5.84
CA LYS H 544 -119.77 -5.24 -5.32
C LYS H 544 -120.24 -4.21 -6.36
N GLN H 545 -119.31 -3.44 -6.93
CA GLN H 545 -119.60 -2.26 -7.82
C GLN H 545 -120.72 -2.60 -8.81
N GLU H 546 -120.60 -3.74 -9.51
CA GLU H 546 -121.49 -4.16 -10.63
C GLU H 546 -122.96 -4.16 -10.18
N ILE H 547 -123.24 -4.50 -8.92
CA ILE H 547 -124.61 -4.51 -8.38
C ILE H 547 -125.19 -3.10 -8.49
N PHE H 548 -124.51 -2.11 -7.89
CA PHE H 548 -125.07 -0.77 -7.61
C PHE H 548 -124.87 0.19 -8.79
N ASP H 549 -123.93 -0.10 -9.68
CA ASP H 549 -123.57 0.78 -10.82
C ASP H 549 -124.82 1.01 -11.68
N VAL H 550 -124.94 2.23 -12.20
CA VAL H 550 -126.12 2.83 -12.91
C VAL H 550 -125.89 2.86 -14.42
N THR H 551 -124.64 2.98 -14.87
CA THR H 551 -124.24 3.01 -16.31
C THR H 551 -124.30 1.59 -16.89
N SER H 552 -123.86 1.41 -18.15
CA SER H 552 -123.65 0.11 -18.85
C SER H 552 -122.85 -0.86 -17.97
N ASN H 553 -121.89 -0.34 -17.20
CA ASN H 553 -120.87 -1.11 -16.42
C ASN H 553 -121.54 -1.98 -15.34
N GLY H 554 -122.81 -1.72 -14.99
CA GLY H 554 -123.61 -2.56 -14.06
C GLY H 554 -124.13 -3.81 -14.74
N LEU H 555 -124.52 -3.67 -16.00
CA LEU H 555 -125.04 -4.78 -16.84
C LEU H 555 -123.90 -5.27 -17.75
N LYS H 556 -123.10 -6.19 -17.25
CA LYS H 556 -122.15 -6.96 -18.07
C LYS H 556 -122.66 -8.40 -18.09
N LYS H 557 -122.67 -9.02 -19.25
CA LYS H 557 -123.08 -10.43 -19.40
C LYS H 557 -121.84 -11.17 -19.90
N ASN H 558 -121.56 -12.34 -19.35
CA ASN H 558 -120.45 -13.18 -19.85
C ASN H 558 -120.93 -13.81 -21.14
N PRO H 559 -120.02 -14.04 -22.11
CA PRO H 559 -120.39 -14.59 -23.40
C PRO H 559 -120.86 -16.04 -23.24
N ASN H 560 -121.93 -16.39 -23.97
CA ASN H 560 -122.32 -17.78 -24.35
C ASN H 560 -121.64 -18.06 -25.68
N TRP H 561 -120.59 -18.90 -25.70
CA TRP H 561 -119.70 -19.03 -26.88
C TRP H 561 -120.52 -19.52 -28.08
N LEU H 562 -121.41 -20.48 -27.86
CA LEU H 562 -122.29 -21.01 -28.93
C LEU H 562 -122.92 -19.84 -29.68
N GLU H 563 -123.54 -18.91 -28.94
CA GLU H 563 -124.31 -17.77 -29.52
C GLU H 563 -123.35 -16.76 -30.14
N GLU H 564 -122.29 -16.39 -29.43
CA GLU H 564 -121.35 -15.32 -29.84
C GLU H 564 -120.62 -15.68 -31.13
N TYR H 565 -120.31 -16.95 -31.34
CA TYR H 565 -119.40 -17.42 -32.44
C TYR H 565 -120.13 -18.46 -33.29
N HIS H 566 -121.45 -18.58 -33.14
CA HIS H 566 -122.32 -19.40 -34.01
C HIS H 566 -121.87 -19.14 -35.45
N PRO H 567 -121.53 -20.19 -36.21
CA PRO H 567 -121.28 -20.02 -37.63
C PRO H 567 -122.65 -19.66 -38.22
N LYS H 568 -122.65 -18.97 -39.35
CA LYS H 568 -123.88 -18.51 -40.05
C LYS H 568 -123.70 -18.68 -41.55
N LEU H 569 -124.74 -18.41 -42.33
CA LEU H 569 -124.64 -18.28 -43.80
C LEU H 569 -124.96 -16.84 -44.20
N ILE H 570 -124.36 -16.39 -45.28
CA ILE H 570 -124.56 -15.03 -45.84
C ILE H 570 -124.39 -15.09 -47.36
N LYS H 571 -124.98 -14.12 -48.07
CA LYS H 571 -125.05 -14.08 -49.55
C LYS H 571 -124.44 -12.77 -50.07
N ASN H 572 -123.57 -12.89 -51.06
CA ASN H 572 -123.15 -11.86 -52.04
C ASN H 572 -124.37 -11.21 -52.67
N LYS H 573 -124.22 -10.11 -53.39
CA LYS H 573 -125.23 -9.63 -54.37
C LYS H 573 -125.29 -10.63 -55.53
N SER H 574 -124.14 -11.13 -55.98
CA SER H 574 -124.01 -12.19 -57.01
C SER H 574 -124.70 -13.48 -56.56
N GLY H 575 -125.08 -13.59 -55.29
CA GLY H 575 -125.80 -14.76 -54.73
C GLY H 575 -124.86 -15.88 -54.29
N LYS H 576 -123.54 -15.63 -54.26
CA LYS H 576 -122.52 -16.57 -53.71
C LYS H 576 -122.77 -16.76 -52.21
N ILE H 577 -122.67 -17.98 -51.71
CA ILE H 577 -122.92 -18.29 -50.27
C ILE H 577 -121.57 -18.47 -49.58
N PHE H 578 -121.39 -17.78 -48.46
CA PHE H 578 -120.20 -17.89 -47.59
C PHE H 578 -120.62 -18.37 -46.20
N VAL H 579 -119.74 -19.16 -45.57
CA VAL H 579 -119.78 -19.47 -44.12
C VAL H 579 -119.27 -18.23 -43.37
N GLU H 580 -120.15 -17.59 -42.61
CA GLU H 580 -119.90 -16.32 -41.90
C GLU H 580 -119.29 -16.66 -40.55
N THR H 581 -118.00 -16.36 -40.38
CA THR H 581 -117.27 -16.42 -39.08
C THR H 581 -116.43 -15.16 -38.91
N LYS H 582 -115.90 -14.94 -37.71
CA LYS H 582 -115.04 -13.78 -37.38
C LYS H 582 -113.98 -13.61 -38.48
N PHE H 583 -113.46 -14.72 -39.01
CA PHE H 583 -112.35 -14.76 -39.98
C PHE H 583 -112.86 -14.39 -41.39
N SER H 584 -113.83 -15.14 -41.91
CA SER H 584 -114.36 -14.92 -43.29
C SER H 584 -114.91 -13.49 -43.42
N LYS H 585 -115.51 -12.96 -42.35
CA LYS H 585 -116.04 -11.57 -42.30
C LYS H 585 -114.94 -10.55 -42.62
N LEU H 586 -113.69 -10.85 -42.30
CA LEU H 586 -112.53 -9.96 -42.61
C LEU H 586 -112.11 -10.16 -44.06
N ILE H 587 -111.81 -11.40 -44.46
CA ILE H 587 -111.04 -11.69 -45.70
C ILE H 587 -111.97 -11.79 -46.91
N GLY H 588 -113.28 -11.89 -46.70
CA GLY H 588 -114.28 -11.96 -47.79
C GLY H 588 -114.09 -13.18 -48.66
N ARG H 589 -113.67 -14.28 -48.06
CA ARG H 589 -113.43 -15.58 -48.72
C ARG H 589 -113.83 -16.65 -47.72
N PRO H 590 -113.98 -17.91 -48.14
CA PRO H 590 -114.26 -18.98 -47.18
C PRO H 590 -113.23 -19.04 -46.05
N PRO H 591 -113.66 -19.38 -44.82
CA PRO H 591 -112.79 -19.35 -43.64
C PRO H 591 -111.87 -20.56 -43.61
N LEU H 592 -111.25 -20.86 -44.74
CA LEU H 592 -110.40 -22.05 -44.94
C LEU H 592 -109.14 -21.58 -45.65
N LEU H 593 -107.99 -22.11 -45.24
CA LEU H 593 -106.67 -21.67 -45.77
C LEU H 593 -105.70 -22.85 -45.89
N VAL H 594 -104.89 -22.81 -46.94
CA VAL H 594 -103.69 -23.68 -47.10
C VAL H 594 -102.55 -22.96 -46.38
N PRO H 595 -101.95 -23.59 -45.35
CA PRO H 595 -100.93 -22.93 -44.54
C PRO H 595 -99.61 -22.99 -45.29
N GLY H 596 -98.66 -22.14 -44.91
CA GLY H 596 -97.27 -22.20 -45.40
C GLY H 596 -96.75 -23.61 -45.19
N MET H 597 -96.18 -24.19 -46.22
CA MET H 597 -95.54 -25.53 -46.17
C MET H 597 -94.34 -25.47 -47.10
N THR H 598 -93.14 -25.83 -46.65
CA THR H 598 -91.89 -25.66 -47.44
C THR H 598 -92.00 -26.36 -48.80
N PRO H 599 -91.80 -27.70 -48.96
CA PRO H 599 -91.76 -28.20 -50.32
C PRO H 599 -93.02 -27.65 -51.05
N CYS H 600 -94.19 -27.65 -50.41
CA CYS H 600 -95.52 -27.61 -51.10
C CYS H 600 -95.84 -26.21 -51.61
N THR H 601 -95.91 -25.22 -50.72
CA THR H 601 -96.41 -23.86 -51.05
C THR H 601 -95.23 -22.91 -51.26
N VAL H 602 -94.04 -23.44 -51.51
CA VAL H 602 -92.89 -22.63 -52.00
C VAL H 602 -93.17 -22.27 -53.46
N SER H 603 -93.82 -23.18 -54.20
CA SER H 603 -94.13 -23.03 -55.66
C SER H 603 -95.07 -21.87 -55.87
N PRO H 604 -94.65 -20.78 -56.56
CA PRO H 604 -95.56 -19.68 -56.86
C PRO H 604 -96.78 -20.13 -57.67
N ASP H 605 -96.61 -21.14 -58.54
CA ASP H 605 -97.71 -21.72 -59.36
C ASP H 605 -98.85 -22.21 -58.45
N PHE H 606 -98.51 -23.02 -57.44
CA PHE H 606 -99.50 -23.61 -56.51
C PHE H 606 -100.14 -22.52 -55.64
N VAL H 607 -99.38 -21.47 -55.30
CA VAL H 607 -99.90 -20.33 -54.48
C VAL H 607 -100.94 -19.58 -55.32
N ALA H 608 -100.61 -19.32 -56.59
CA ALA H 608 -101.50 -18.62 -57.56
C ALA H 608 -102.74 -19.48 -57.79
N ALA H 609 -102.54 -20.78 -58.02
CA ALA H 609 -103.63 -21.73 -58.30
C ALA H 609 -104.62 -21.70 -57.14
N THR H 610 -104.12 -21.77 -55.91
CA THR H 610 -104.96 -21.81 -54.69
C THR H 610 -105.61 -20.44 -54.51
N THR H 611 -104.85 -19.37 -54.75
CA THR H 611 -105.39 -17.98 -54.61
C THR H 611 -106.48 -17.78 -55.68
N ASN H 612 -106.26 -18.28 -56.90
CA ASN H 612 -107.22 -18.11 -58.03
C ASN H 612 -108.43 -19.02 -57.81
N ALA H 613 -108.26 -20.13 -57.10
CA ALA H 613 -109.39 -21.01 -56.72
C ALA H 613 -110.30 -20.28 -55.73
N GLY H 614 -109.79 -19.19 -55.13
CA GLY H 614 -110.53 -18.26 -54.26
C GLY H 614 -110.32 -18.54 -52.78
N TYR H 615 -109.12 -19.02 -52.42
CA TYR H 615 -108.76 -19.49 -51.05
C TYR H 615 -107.42 -18.91 -50.61
N THR H 616 -107.38 -18.50 -49.34
CA THR H 616 -106.20 -17.85 -48.72
C THR H 616 -105.08 -18.91 -48.60
N ILE H 617 -103.88 -18.61 -49.10
CA ILE H 617 -102.68 -19.49 -48.99
C ILE H 617 -101.46 -18.66 -48.58
N GLU H 618 -100.51 -19.28 -47.87
CA GLU H 618 -99.22 -18.69 -47.42
C GLU H 618 -98.10 -19.14 -48.38
N LEU H 619 -97.38 -18.20 -49.00
CA LEU H 619 -96.12 -18.50 -49.75
C LEU H 619 -95.01 -18.82 -48.75
N ALA H 620 -94.38 -20.00 -48.85
CA ALA H 620 -93.44 -20.53 -47.84
C ALA H 620 -92.04 -19.91 -47.99
N GLY H 621 -91.63 -19.09 -47.00
CA GLY H 621 -90.27 -18.51 -46.93
C GLY H 621 -89.22 -19.60 -46.88
N GLY H 622 -89.60 -20.77 -46.35
CA GLY H 622 -88.74 -21.96 -46.22
C GLY H 622 -87.87 -22.20 -47.44
N GLY H 623 -88.40 -22.01 -48.65
CA GLY H 623 -87.69 -22.39 -49.89
C GLY H 623 -86.89 -21.26 -50.51
N TYR H 624 -86.67 -20.17 -49.79
CA TYR H 624 -85.99 -18.95 -50.30
C TYR H 624 -84.82 -18.59 -49.38
N PHE H 625 -83.77 -18.03 -49.99
CA PHE H 625 -82.44 -17.80 -49.36
C PHE H 625 -81.97 -16.36 -49.54
N SER H 626 -82.63 -15.55 -50.38
CA SER H 626 -82.31 -14.12 -50.60
C SER H 626 -83.61 -13.35 -50.80
N ALA H 627 -83.57 -12.04 -50.57
CA ALA H 627 -84.68 -11.11 -50.89
C ALA H 627 -84.99 -11.22 -52.39
N ALA H 628 -83.95 -11.29 -53.23
CA ALA H 628 -84.07 -11.30 -54.71
C ALA H 628 -84.79 -12.57 -55.17
N GLY H 629 -84.50 -13.70 -54.53
CA GLY H 629 -85.08 -15.01 -54.85
C GLY H 629 -86.58 -15.02 -54.63
N MET H 630 -87.02 -14.54 -53.48
CA MET H 630 -88.45 -14.50 -53.08
C MET H 630 -89.15 -13.39 -53.89
N THR H 631 -88.50 -12.24 -54.08
CA THR H 631 -89.06 -11.11 -54.90
C THR H 631 -89.46 -11.66 -56.28
N ALA H 632 -88.66 -12.55 -56.86
CA ALA H 632 -88.93 -13.15 -58.19
C ALA H 632 -90.16 -14.06 -58.10
N ALA H 633 -90.31 -14.82 -57.03
CA ALA H 633 -91.41 -15.78 -56.80
C ALA H 633 -92.70 -15.01 -56.52
N ILE H 634 -92.63 -13.97 -55.69
CA ILE H 634 -93.79 -13.09 -55.40
C ILE H 634 -94.26 -12.49 -56.72
N ASP H 635 -93.35 -11.92 -57.51
CA ASP H 635 -93.64 -11.30 -58.83
C ASP H 635 -94.36 -12.33 -59.73
N SER H 636 -93.93 -13.57 -59.72
CA SER H 636 -94.56 -14.69 -60.49
C SER H 636 -96.01 -14.90 -60.02
N VAL H 637 -96.23 -14.96 -58.70
CA VAL H 637 -97.58 -15.15 -58.09
C VAL H 637 -98.45 -13.97 -58.53
N VAL H 638 -97.96 -12.74 -58.34
CA VAL H 638 -98.70 -11.50 -58.68
C VAL H 638 -99.12 -11.57 -60.15
N SER H 639 -98.21 -11.95 -61.04
CA SER H 639 -98.47 -11.99 -62.50
C SER H 639 -99.57 -13.02 -62.83
N GLN H 640 -99.80 -14.02 -61.98
CA GLN H 640 -100.68 -15.17 -62.30
C GLN H 640 -102.07 -15.01 -61.66
N ILE H 641 -102.24 -14.08 -60.73
CA ILE H 641 -103.52 -13.92 -59.98
C ILE H 641 -104.28 -12.72 -60.55
N GLU H 642 -105.60 -12.69 -60.36
CA GLU H 642 -106.52 -11.62 -60.84
C GLU H 642 -106.21 -10.31 -60.11
N LYS H 643 -106.48 -9.17 -60.74
CA LYS H 643 -106.35 -7.83 -60.10
C LYS H 643 -107.17 -7.87 -58.80
N GLY H 644 -106.61 -7.36 -57.71
CA GLY H 644 -107.31 -7.23 -56.42
C GLY H 644 -107.31 -8.53 -55.61
N SER H 645 -106.65 -9.59 -56.09
CA SER H 645 -106.39 -10.84 -55.33
C SER H 645 -105.23 -10.57 -54.39
N THR H 646 -105.10 -11.39 -53.35
CA THR H 646 -104.01 -11.34 -52.34
C THR H 646 -103.62 -12.73 -51.83
N PHE H 647 -102.43 -12.78 -51.27
CA PHE H 647 -101.89 -13.99 -50.61
C PHE H 647 -101.03 -13.51 -49.45
N GLY H 648 -100.52 -14.47 -48.66
CA GLY H 648 -99.66 -14.21 -47.50
C GLY H 648 -98.30 -14.85 -47.67
N ILE H 649 -97.42 -14.56 -46.72
CA ILE H 649 -96.04 -15.11 -46.63
C ILE H 649 -95.89 -15.77 -45.26
N ASN H 650 -95.30 -16.96 -45.22
CA ASN H 650 -94.91 -17.70 -43.99
C ASN H 650 -93.39 -17.62 -43.87
N LEU H 651 -92.88 -17.05 -42.78
CA LEU H 651 -91.43 -17.03 -42.42
C LEU H 651 -91.25 -17.86 -41.14
N ILE H 652 -90.09 -18.50 -41.00
CA ILE H 652 -89.74 -19.37 -39.84
C ILE H 652 -89.00 -18.50 -38.81
N TYR H 653 -89.52 -18.40 -37.58
CA TYR H 653 -88.94 -17.54 -36.52
C TYR H 653 -87.56 -18.09 -36.14
N VAL H 654 -87.46 -19.41 -36.09
CA VAL H 654 -86.24 -20.18 -35.71
C VAL H 654 -85.11 -19.99 -36.73
N ASN H 655 -85.32 -19.27 -37.84
CA ASN H 655 -84.31 -19.11 -38.92
C ASN H 655 -83.96 -17.63 -39.06
N PRO H 656 -83.02 -17.10 -38.24
CA PRO H 656 -82.79 -15.66 -38.18
C PRO H 656 -82.27 -15.06 -39.49
N PHE H 657 -81.63 -15.84 -40.35
CA PHE H 657 -81.10 -15.32 -41.64
C PHE H 657 -82.30 -15.00 -42.55
N MET H 658 -83.32 -15.88 -42.59
CA MET H 658 -84.55 -15.68 -43.40
C MET H 658 -85.26 -14.40 -42.93
N LEU H 659 -85.42 -14.26 -41.62
CA LEU H 659 -86.05 -13.08 -40.97
C LEU H 659 -85.31 -11.79 -41.34
N GLN H 660 -83.99 -11.82 -41.45
CA GLN H 660 -83.22 -10.56 -41.58
C GLN H 660 -83.37 -10.00 -43.00
N TRP H 661 -83.54 -10.84 -44.04
CA TRP H 661 -83.79 -10.35 -45.42
C TRP H 661 -85.30 -10.28 -45.67
N GLY H 662 -86.06 -11.16 -45.02
CA GLY H 662 -87.51 -11.36 -45.23
C GLY H 662 -88.36 -10.22 -44.71
N ILE H 663 -88.16 -9.78 -43.48
CA ILE H 663 -88.98 -8.69 -42.86
C ILE H 663 -88.75 -7.41 -43.66
N PRO H 664 -87.51 -6.91 -43.86
CA PRO H 664 -87.29 -5.72 -44.69
C PRO H 664 -87.89 -5.84 -46.09
N LEU H 665 -87.87 -7.04 -46.67
CA LEU H 665 -88.45 -7.31 -48.02
C LEU H 665 -89.95 -7.01 -47.96
N ILE H 666 -90.65 -7.64 -47.01
CA ILE H 666 -92.12 -7.45 -46.88
C ILE H 666 -92.38 -5.95 -46.79
N LYS H 667 -91.66 -5.22 -45.93
CA LYS H 667 -91.88 -3.76 -45.73
C LYS H 667 -91.71 -3.03 -47.06
N GLU H 668 -90.60 -3.28 -47.76
CA GLU H 668 -90.28 -2.62 -49.05
C GLU H 668 -91.41 -2.90 -50.05
N LEU H 669 -91.74 -4.18 -50.23
CA LEU H 669 -92.79 -4.65 -51.19
C LEU H 669 -94.14 -4.04 -50.79
N ARG H 670 -94.51 -4.15 -49.51
CA ARG H 670 -95.78 -3.64 -48.93
C ARG H 670 -95.86 -2.14 -49.24
N SER H 671 -94.74 -1.40 -49.17
CA SER H 671 -94.72 0.07 -49.39
C SER H 671 -94.81 0.40 -50.88
N LYS H 672 -94.55 -0.55 -51.78
CA LYS H 672 -94.80 -0.37 -53.23
C LYS H 672 -96.21 -0.87 -53.55
N GLY H 673 -96.96 -1.25 -52.52
CA GLY H 673 -98.38 -1.62 -52.63
C GLY H 673 -98.60 -3.02 -53.16
N TYR H 674 -97.64 -3.92 -52.99
CA TYR H 674 -97.79 -5.35 -53.35
C TYR H 674 -99.00 -5.93 -52.64
N PRO H 675 -99.72 -6.87 -53.25
CA PRO H 675 -100.93 -7.45 -52.67
C PRO H 675 -100.64 -8.54 -51.61
N ILE H 676 -99.74 -8.27 -50.68
CA ILE H 676 -99.51 -9.16 -49.51
C ILE H 676 -100.49 -8.73 -48.40
N GLN H 677 -101.40 -9.63 -48.06
CA GLN H 677 -102.52 -9.37 -47.12
C GLN H 677 -101.99 -9.55 -45.70
N PHE H 678 -101.16 -10.57 -45.49
CA PHE H 678 -100.75 -11.01 -44.13
C PHE H 678 -99.39 -11.71 -44.14
N LEU H 679 -98.82 -11.83 -42.95
CA LEU H 679 -97.58 -12.58 -42.65
C LEU H 679 -97.93 -13.57 -41.54
N THR H 680 -97.62 -14.84 -41.73
CA THR H 680 -97.72 -15.89 -40.68
C THR H 680 -96.29 -16.23 -40.25
N ILE H 681 -96.03 -16.24 -38.95
CA ILE H 681 -94.73 -16.65 -38.36
C ILE H 681 -94.89 -18.07 -37.82
N GLY H 682 -94.06 -18.99 -38.34
CA GLY H 682 -94.00 -20.41 -37.94
C GLY H 682 -92.81 -20.71 -37.05
N ALA H 683 -92.84 -21.86 -36.41
CA ALA H 683 -91.80 -22.39 -35.50
C ALA H 683 -91.61 -21.44 -34.32
N GLY H 684 -92.69 -21.15 -33.59
CA GLY H 684 -92.69 -20.37 -32.35
C GLY H 684 -93.03 -18.90 -32.56
N VAL H 685 -93.32 -18.21 -31.46
CA VAL H 685 -94.01 -16.88 -31.42
C VAL H 685 -93.00 -15.80 -31.07
N PRO H 686 -92.98 -14.65 -31.78
CA PRO H 686 -92.09 -13.54 -31.45
C PRO H 686 -92.34 -12.95 -30.06
N SER H 687 -91.37 -12.20 -29.56
CA SER H 687 -91.48 -11.34 -28.35
C SER H 687 -92.44 -10.19 -28.67
N LEU H 688 -92.97 -9.52 -27.64
CA LEU H 688 -93.89 -8.37 -27.82
C LEU H 688 -93.21 -7.32 -28.71
N GLU H 689 -91.93 -7.04 -28.45
CA GLU H 689 -91.16 -5.96 -29.12
C GLU H 689 -91.08 -6.26 -30.61
N VAL H 690 -90.87 -7.53 -30.96
CA VAL H 690 -90.64 -7.99 -32.37
C VAL H 690 -91.99 -8.02 -33.06
N ALA H 691 -93.03 -8.57 -32.43
CA ALA H 691 -94.43 -8.58 -32.91
C ALA H 691 -94.87 -7.13 -33.18
N SER H 692 -94.73 -6.27 -32.16
CA SER H 692 -95.05 -4.82 -32.24
C SER H 692 -94.41 -4.24 -33.51
N GLU H 693 -93.18 -4.65 -33.81
CA GLU H 693 -92.46 -4.21 -35.04
C GLU H 693 -93.25 -4.69 -36.26
N TYR H 694 -93.47 -6.00 -36.40
CA TYR H 694 -94.14 -6.63 -37.57
C TYR H 694 -95.50 -5.98 -37.82
N ILE H 695 -96.26 -5.71 -36.75
CA ILE H 695 -97.62 -5.13 -36.80
C ILE H 695 -97.57 -3.69 -37.31
N GLU H 696 -96.65 -2.85 -36.80
CA GLU H 696 -96.63 -1.39 -37.06
C GLU H 696 -95.79 -1.01 -38.29
N THR H 697 -94.75 -1.76 -38.65
CA THR H 697 -93.79 -1.40 -39.74
C THR H 697 -94.22 -1.95 -41.11
N LEU H 698 -94.78 -3.17 -41.15
CA LEU H 698 -95.13 -3.93 -42.38
C LEU H 698 -96.62 -3.72 -42.61
N GLY H 699 -97.03 -2.96 -43.63
CA GLY H 699 -98.44 -2.54 -43.75
C GLY H 699 -99.35 -3.75 -43.95
N LEU H 700 -99.42 -4.66 -42.98
CA LEU H 700 -100.13 -5.96 -43.10
C LEU H 700 -101.55 -5.76 -42.61
N LYS H 701 -102.51 -6.51 -43.14
CA LYS H 701 -103.93 -6.40 -42.75
C LYS H 701 -104.22 -7.36 -41.59
N TYR H 702 -103.44 -8.43 -41.42
CA TYR H 702 -103.44 -9.28 -40.21
C TYR H 702 -102.08 -9.95 -40.04
N LEU H 703 -101.86 -10.52 -38.86
CA LEU H 703 -100.62 -11.28 -38.50
C LEU H 703 -101.04 -12.68 -38.04
N GLY H 704 -100.44 -13.72 -38.63
CA GLY H 704 -100.65 -15.12 -38.24
C GLY H 704 -99.57 -15.58 -37.29
N LEU H 705 -99.95 -16.19 -36.17
CA LEU H 705 -98.99 -16.80 -35.21
C LEU H 705 -99.41 -18.25 -35.00
N LYS H 706 -98.44 -19.14 -34.79
CA LYS H 706 -98.65 -20.61 -34.74
C LYS H 706 -98.18 -21.13 -33.39
N PRO H 707 -98.80 -20.72 -32.25
CA PRO H 707 -98.36 -21.20 -30.95
C PRO H 707 -98.56 -22.72 -30.85
N GLY H 708 -97.63 -23.40 -30.17
CA GLY H 708 -97.53 -24.86 -30.11
C GLY H 708 -97.91 -25.41 -28.75
N SER H 709 -97.87 -24.58 -27.70
CA SER H 709 -98.10 -24.94 -26.27
C SER H 709 -99.01 -23.91 -25.59
N ILE H 710 -99.49 -24.22 -24.37
CA ILE H 710 -100.31 -23.31 -23.55
C ILE H 710 -99.54 -22.00 -23.34
N ASP H 711 -98.23 -22.07 -23.07
CA ASP H 711 -97.37 -20.86 -22.87
C ASP H 711 -97.36 -20.00 -24.11
N ALA H 712 -97.20 -20.62 -25.27
CA ALA H 712 -97.13 -19.94 -26.59
C ALA H 712 -98.46 -19.22 -26.85
N ILE H 713 -99.59 -19.85 -26.50
CA ILE H 713 -100.94 -19.23 -26.67
C ILE H 713 -101.02 -17.95 -25.84
N SER H 714 -100.49 -17.97 -24.60
CA SER H 714 -100.46 -16.79 -23.70
C SER H 714 -99.66 -15.67 -24.36
N GLN H 715 -98.55 -16.02 -25.02
CA GLN H 715 -97.66 -15.03 -25.69
C GLN H 715 -98.47 -14.37 -26.82
N VAL H 716 -99.25 -15.14 -27.56
CA VAL H 716 -100.13 -14.64 -28.67
C VAL H 716 -101.16 -13.67 -28.08
N ILE H 717 -101.80 -14.06 -26.97
CA ILE H 717 -102.80 -13.22 -26.25
C ILE H 717 -102.16 -11.88 -25.88
N ASN H 718 -100.95 -11.90 -25.30
CA ASN H 718 -100.26 -10.68 -24.83
C ASN H 718 -99.94 -9.76 -26.03
N ILE H 719 -99.75 -10.35 -27.21
CA ILE H 719 -99.49 -9.59 -28.46
C ILE H 719 -100.79 -8.90 -28.88
N ALA H 720 -101.90 -9.63 -28.77
CA ALA H 720 -103.25 -9.14 -29.13
C ALA H 720 -103.67 -8.04 -28.16
N LYS H 721 -103.53 -8.31 -26.85
CA LYS H 721 -103.73 -7.36 -25.72
C LYS H 721 -103.11 -6.01 -26.10
N ALA H 722 -101.89 -6.04 -26.65
CA ALA H 722 -101.01 -4.88 -26.86
C ALA H 722 -101.37 -4.13 -28.16
N HIS H 723 -102.15 -4.74 -29.05
CA HIS H 723 -102.64 -4.10 -30.31
C HIS H 723 -104.08 -4.50 -30.55
N PRO H 724 -105.01 -4.03 -29.70
CA PRO H 724 -106.31 -4.66 -29.56
C PRO H 724 -107.21 -4.43 -30.78
N ASN H 725 -106.84 -3.50 -31.67
CA ASN H 725 -107.57 -3.19 -32.92
C ASN H 725 -106.87 -3.81 -34.13
N PHE H 726 -105.86 -4.65 -33.94
CA PHE H 726 -105.16 -5.30 -35.06
C PHE H 726 -105.54 -6.77 -35.07
N PRO H 727 -105.93 -7.32 -36.24
CA PRO H 727 -106.34 -8.72 -36.33
C PRO H 727 -105.15 -9.69 -36.20
N ILE H 728 -105.25 -10.64 -35.27
CA ILE H 728 -104.27 -11.76 -35.09
C ILE H 728 -104.98 -13.07 -35.48
N ALA H 729 -104.46 -13.77 -36.47
CA ALA H 729 -104.87 -15.14 -36.81
C ALA H 729 -104.06 -16.10 -35.95
N LEU H 730 -104.64 -16.57 -34.86
CA LEU H 730 -104.00 -17.57 -33.96
C LEU H 730 -104.27 -18.94 -34.56
N GLN H 731 -103.28 -19.50 -35.26
CA GLN H 731 -103.35 -20.83 -35.93
C GLN H 731 -102.96 -21.90 -34.91
N TRP H 732 -103.95 -22.44 -34.18
CA TRP H 732 -103.71 -23.56 -33.24
C TRP H 732 -103.49 -24.86 -34.01
N THR H 733 -102.54 -25.66 -33.56
CA THR H 733 -101.97 -26.82 -34.29
C THR H 733 -101.58 -27.88 -33.25
N GLY H 734 -101.91 -29.14 -33.51
CA GLY H 734 -101.57 -30.26 -32.60
C GLY H 734 -100.20 -30.86 -32.92
N GLY H 735 -99.76 -31.80 -32.08
CA GLY H 735 -98.60 -32.64 -32.39
C GLY H 735 -98.89 -33.57 -33.54
N ARG H 736 -100.17 -33.90 -33.73
CA ARG H 736 -100.69 -34.79 -34.82
C ARG H 736 -100.52 -34.14 -36.19
N GLY H 737 -100.07 -32.87 -36.22
CA GLY H 737 -99.79 -32.14 -37.47
C GLY H 737 -98.70 -32.81 -38.28
N GLY H 738 -98.61 -32.46 -39.58
CA GLY H 738 -97.54 -32.91 -40.48
C GLY H 738 -96.34 -31.96 -40.39
N GLY H 739 -95.17 -32.45 -40.80
CA GLY H 739 -93.89 -31.71 -40.76
C GLY H 739 -93.40 -31.52 -39.34
N HIS H 740 -92.68 -30.42 -39.07
CA HIS H 740 -92.18 -30.06 -37.72
CA HIS H 740 -92.18 -30.05 -37.71
C HIS H 740 -93.42 -29.97 -36.81
N HIS H 741 -93.42 -30.71 -35.68
CA HIS H 741 -94.62 -30.85 -34.79
C HIS H 741 -94.24 -30.79 -33.31
N SER H 742 -95.23 -30.45 -32.47
CA SER H 742 -95.12 -30.36 -30.99
C SER H 742 -95.31 -31.74 -30.36
N PHE H 743 -95.33 -31.83 -29.03
CA PHE H 743 -95.62 -33.08 -28.29
C PHE H 743 -97.05 -33.05 -27.73
N GLU H 744 -97.78 -31.95 -28.02
CA GLU H 744 -99.06 -31.53 -27.39
C GLU H 744 -100.26 -32.25 -28.01
N ASP H 745 -101.25 -32.61 -27.18
CA ASP H 745 -102.59 -33.05 -27.65
C ASP H 745 -103.24 -31.88 -28.40
N ALA H 746 -104.11 -32.17 -29.37
CA ALA H 746 -104.81 -31.16 -30.19
C ALA H 746 -105.94 -30.47 -29.41
N HIS H 747 -106.47 -31.10 -28.35
CA HIS H 747 -107.74 -30.68 -27.71
C HIS H 747 -107.47 -29.96 -26.38
N THR H 748 -106.74 -30.59 -25.46
CA THR H 748 -106.53 -30.09 -24.07
C THR H 748 -106.12 -28.61 -24.07
N PRO H 749 -105.11 -28.20 -24.86
CA PRO H 749 -104.66 -26.81 -24.84
C PRO H 749 -105.79 -25.82 -25.20
N MET H 750 -106.68 -26.20 -26.11
CA MET H 750 -107.84 -25.36 -26.54
C MET H 750 -108.89 -25.35 -25.42
N LEU H 751 -109.19 -26.51 -24.83
CA LEU H 751 -110.11 -26.59 -23.66
C LEU H 751 -109.60 -25.63 -22.57
N GLN H 752 -108.30 -25.60 -22.28
CA GLN H 752 -107.71 -24.75 -21.21
C GLN H 752 -107.76 -23.27 -21.60
N MET H 753 -107.54 -22.92 -22.86
CA MET H 753 -107.21 -21.53 -23.24
C MET H 753 -108.35 -20.83 -24.00
N TYR H 754 -109.31 -21.57 -24.56
CA TYR H 754 -110.39 -21.03 -25.43
C TYR H 754 -110.99 -19.79 -24.77
N SER H 755 -111.40 -19.89 -23.51
CA SER H 755 -112.05 -18.79 -22.76
C SER H 755 -111.16 -17.54 -22.80
N LYS H 756 -109.88 -17.70 -22.50
CA LYS H 756 -108.91 -16.56 -22.42
C LYS H 756 -108.70 -15.97 -23.82
N ILE H 757 -108.77 -16.79 -24.87
CA ILE H 757 -108.56 -16.34 -26.27
C ILE H 757 -109.73 -15.43 -26.64
N ARG H 758 -110.94 -15.85 -26.31
CA ARG H 758 -112.21 -15.17 -26.69
C ARG H 758 -112.42 -13.89 -25.87
N ARG H 759 -111.60 -13.65 -24.83
CA ARG H 759 -111.62 -12.36 -24.10
C ARG H 759 -110.97 -11.27 -24.98
N HIS H 760 -110.43 -11.61 -26.14
CA HIS H 760 -109.73 -10.65 -27.05
C HIS H 760 -110.36 -10.68 -28.43
N PRO H 761 -111.31 -9.76 -28.72
CA PRO H 761 -112.06 -9.78 -29.98
C PRO H 761 -111.19 -9.88 -31.24
N ASN H 762 -109.99 -9.32 -31.21
CA ASN H 762 -109.10 -9.16 -32.39
C ASN H 762 -108.42 -10.49 -32.74
N ILE H 763 -108.51 -11.52 -31.89
CA ILE H 763 -107.95 -12.86 -32.21
C ILE H 763 -108.98 -13.63 -33.04
N MET H 764 -108.60 -14.03 -34.25
CA MET H 764 -109.39 -14.90 -35.16
C MET H 764 -108.84 -16.32 -35.00
N LEU H 765 -109.56 -17.19 -34.30
CA LEU H 765 -109.02 -18.47 -33.79
C LEU H 765 -109.23 -19.56 -34.84
N ILE H 766 -108.15 -20.07 -35.39
CA ILE H 766 -108.18 -21.08 -36.50
C ILE H 766 -107.62 -22.41 -35.98
N PHE H 767 -108.27 -23.51 -36.34
CA PHE H 767 -107.90 -24.87 -35.90
C PHE H 767 -107.25 -25.59 -37.07
N GLY H 768 -106.06 -26.14 -36.85
CA GLY H 768 -105.28 -26.90 -37.85
C GLY H 768 -104.84 -28.24 -37.28
N SER H 769 -104.52 -29.18 -38.16
CA SER H 769 -103.86 -30.48 -37.88
C SER H 769 -104.89 -31.60 -37.90
N GLY H 770 -104.68 -32.58 -38.76
CA GLY H 770 -105.49 -33.80 -38.85
C GLY H 770 -106.78 -33.60 -39.63
N PHE H 771 -107.01 -32.42 -40.20
CA PHE H 771 -108.26 -32.10 -40.92
C PHE H 771 -108.09 -32.38 -42.42
N GLY H 772 -109.18 -32.84 -43.04
CA GLY H 772 -109.22 -33.29 -44.44
C GLY H 772 -110.53 -33.02 -45.16
N SER H 773 -111.63 -32.84 -44.47
CA SER H 773 -112.98 -32.79 -45.09
C SER H 773 -113.92 -31.85 -44.33
N ALA H 774 -115.11 -31.64 -44.87
CA ALA H 774 -116.21 -30.88 -44.24
C ALA H 774 -116.70 -31.64 -43.01
N ASP H 775 -116.71 -32.98 -43.07
CA ASP H 775 -117.34 -33.86 -42.05
C ASP H 775 -116.57 -33.80 -40.73
N ASP H 776 -115.25 -34.02 -40.77
CA ASP H 776 -114.38 -34.15 -39.56
C ASP H 776 -114.18 -32.77 -38.93
N THR H 777 -114.26 -31.73 -39.77
CA THR H 777 -113.93 -30.33 -39.44
C THR H 777 -115.17 -29.63 -38.86
N TYR H 778 -116.37 -30.07 -39.24
CA TYR H 778 -117.66 -29.38 -38.94
C TYR H 778 -117.90 -29.27 -37.45
N PRO H 779 -117.71 -30.34 -36.63
CA PRO H 779 -117.99 -30.24 -35.19
C PRO H 779 -117.15 -29.15 -34.49
N TYR H 780 -116.08 -28.67 -35.11
CA TYR H 780 -115.23 -27.60 -34.55
C TYR H 780 -115.80 -26.24 -34.97
N LEU H 781 -116.49 -26.17 -36.11
CA LEU H 781 -117.15 -24.94 -36.61
C LEU H 781 -118.41 -24.67 -35.77
N THR H 782 -119.22 -25.72 -35.56
CA THR H 782 -120.42 -25.76 -34.67
C THR H 782 -120.03 -25.43 -33.24
N GLY H 783 -118.90 -25.96 -32.79
CA GLY H 783 -118.43 -25.88 -31.39
C GLY H 783 -118.86 -27.11 -30.60
N GLU H 784 -119.53 -28.07 -31.24
CA GLU H 784 -120.09 -29.25 -30.55
C GLU H 784 -118.96 -30.20 -30.13
N TRP H 785 -117.75 -30.00 -30.66
CA TRP H 785 -116.58 -30.86 -30.37
C TRP H 785 -116.33 -30.92 -28.86
N SER H 786 -116.37 -29.76 -28.17
CA SER H 786 -116.00 -29.65 -26.73
C SER H 786 -117.05 -30.30 -25.83
N THR H 787 -118.25 -30.58 -26.35
CA THR H 787 -119.33 -31.38 -25.70
C THR H 787 -118.79 -32.72 -25.22
N LYS H 788 -118.08 -33.46 -26.09
CA LYS H 788 -117.47 -34.78 -25.78
C LYS H 788 -116.75 -34.71 -24.42
N PHE H 789 -116.16 -33.56 -24.05
CA PHE H 789 -115.31 -33.40 -22.84
C PHE H 789 -116.07 -32.70 -21.69
N ASP H 790 -117.41 -32.65 -21.71
CA ASP H 790 -118.27 -31.99 -20.68
C ASP H 790 -117.88 -30.52 -20.47
N TYR H 791 -117.44 -29.86 -21.54
CA TYR H 791 -117.28 -28.39 -21.64
C TYR H 791 -118.41 -27.83 -22.48
N PRO H 792 -118.77 -26.54 -22.31
CA PRO H 792 -119.74 -25.91 -23.20
C PRO H 792 -119.23 -25.90 -24.64
N PRO H 793 -120.11 -25.68 -25.65
CA PRO H 793 -119.66 -25.56 -27.03
C PRO H 793 -118.61 -24.46 -27.24
N MET H 794 -117.62 -24.71 -28.11
CA MET H 794 -116.48 -23.79 -28.36
C MET H 794 -116.23 -23.64 -29.87
N PRO H 795 -117.08 -22.91 -30.62
CA PRO H 795 -116.91 -22.82 -32.07
C PRO H 795 -115.65 -22.05 -32.49
N PHE H 796 -115.05 -22.47 -33.61
CA PHE H 796 -113.80 -21.92 -34.20
C PHE H 796 -114.13 -21.11 -35.45
N ASP H 797 -113.26 -20.16 -35.78
CA ASP H 797 -113.50 -19.14 -36.82
C ASP H 797 -113.02 -19.63 -38.18
N GLY H 798 -112.22 -20.69 -38.23
CA GLY H 798 -111.58 -21.14 -39.48
C GLY H 798 -110.80 -22.42 -39.32
N PHE H 799 -110.16 -22.86 -40.40
CA PHE H 799 -109.42 -24.14 -40.46
C PHE H 799 -108.29 -24.06 -41.49
N LEU H 800 -107.23 -24.82 -41.25
CA LEU H 800 -106.11 -24.96 -42.20
C LEU H 800 -105.86 -26.44 -42.48
N PHE H 801 -105.58 -26.71 -43.76
CA PHE H 801 -105.35 -28.06 -44.31
C PHE H 801 -103.95 -28.08 -44.92
N GLY H 802 -103.02 -28.75 -44.23
CA GLY H 802 -101.64 -28.88 -44.68
C GLY H 802 -101.50 -30.14 -45.52
N SER H 803 -101.42 -31.27 -44.83
CA SER H 803 -101.21 -32.61 -45.41
C SER H 803 -102.29 -32.91 -46.46
N ARG H 804 -103.56 -32.58 -46.19
CA ARG H 804 -104.72 -32.92 -47.08
C ARG H 804 -104.47 -32.48 -48.53
N VAL H 805 -103.76 -31.38 -48.70
CA VAL H 805 -103.63 -30.63 -49.97
C VAL H 805 -102.43 -31.12 -50.79
N MET H 806 -101.61 -32.02 -50.25
CA MET H 806 -100.27 -32.36 -50.80
C MET H 806 -100.37 -33.22 -52.07
N ILE H 807 -101.57 -33.68 -52.42
CA ILE H 807 -101.76 -34.50 -53.64
C ILE H 807 -102.69 -33.78 -54.61
N ALA H 808 -103.02 -32.52 -54.35
CA ALA H 808 -103.71 -31.61 -55.30
C ALA H 808 -103.02 -31.69 -56.67
N LYS H 809 -103.76 -31.43 -57.74
CA LYS H 809 -103.18 -31.48 -59.10
C LYS H 809 -102.03 -30.47 -59.19
N GLU H 810 -102.22 -29.26 -58.66
CA GLU H 810 -101.35 -28.11 -59.02
C GLU H 810 -100.20 -27.95 -58.01
N VAL H 811 -100.09 -28.79 -56.95
CA VAL H 811 -98.82 -28.90 -56.16
C VAL H 811 -97.78 -29.64 -57.00
N LYS H 812 -96.51 -29.42 -56.70
CA LYS H 812 -95.37 -29.93 -57.51
C LYS H 812 -94.92 -31.30 -56.99
N THR H 813 -95.59 -31.83 -55.97
CA THR H 813 -95.29 -33.16 -55.39
C THR H 813 -95.16 -34.13 -56.56
N SER H 814 -94.06 -34.87 -56.66
CA SER H 814 -93.76 -35.78 -57.80
C SER H 814 -94.85 -36.85 -57.91
N PRO H 815 -95.20 -37.28 -59.14
CA PRO H 815 -96.19 -38.33 -59.37
C PRO H 815 -96.11 -39.52 -58.40
N ASP H 816 -94.92 -40.08 -58.21
CA ASP H 816 -94.73 -41.26 -57.34
C ASP H 816 -94.85 -40.87 -55.88
N ALA H 817 -94.54 -39.62 -55.54
CA ALA H 817 -94.65 -39.08 -54.16
C ALA H 817 -96.13 -38.98 -53.79
N LYS H 818 -96.98 -38.53 -54.72
CA LYS H 818 -98.45 -38.42 -54.51
C LYS H 818 -99.02 -39.82 -54.26
N LYS H 819 -98.58 -40.79 -55.06
CA LYS H 819 -98.96 -42.23 -54.92
C LYS H 819 -98.64 -42.71 -53.51
N CYS H 820 -97.45 -42.38 -53.02
CA CYS H 820 -96.90 -42.78 -51.71
C CYS H 820 -97.69 -42.15 -50.57
N ILE H 821 -97.99 -40.85 -50.70
CA ILE H 821 -98.82 -40.07 -49.73
C ILE H 821 -100.22 -40.68 -49.68
N ALA H 822 -100.79 -40.96 -50.85
CA ALA H 822 -102.15 -41.50 -51.02
C ALA H 822 -102.28 -42.82 -50.27
N ALA H 823 -101.33 -43.72 -50.48
CA ALA H 823 -101.33 -45.10 -49.93
C ALA H 823 -101.21 -45.08 -48.40
N CYS H 824 -100.82 -43.96 -47.80
CA CYS H 824 -100.79 -43.82 -46.32
C CYS H 824 -102.22 -43.88 -45.79
N THR H 825 -102.56 -45.00 -45.17
CA THR H 825 -103.87 -45.20 -44.48
C THR H 825 -104.06 -44.19 -43.35
N GLY H 826 -103.04 -43.64 -42.69
CA GLY H 826 -103.35 -42.66 -41.64
C GLY H 826 -104.03 -43.32 -40.47
N VAL H 827 -104.17 -42.63 -39.35
CA VAL H 827 -104.64 -43.25 -38.09
C VAL H 827 -105.55 -42.25 -37.37
N PRO H 828 -106.53 -42.69 -36.55
CA PRO H 828 -107.33 -41.75 -35.74
C PRO H 828 -106.49 -41.02 -34.67
N ASP H 829 -106.98 -39.88 -34.16
CA ASP H 829 -106.27 -39.02 -33.18
C ASP H 829 -105.82 -39.83 -31.96
N ASP H 830 -106.57 -40.86 -31.52
CA ASP H 830 -106.25 -41.62 -30.29
C ASP H 830 -104.99 -42.48 -30.48
N LYS H 831 -104.45 -42.62 -31.70
CA LYS H 831 -103.29 -43.50 -31.96
C LYS H 831 -102.12 -42.73 -32.57
N TRP H 832 -102.21 -41.40 -32.72
CA TRP H 832 -101.24 -40.61 -33.52
C TRP H 832 -99.85 -40.68 -32.88
N GLU H 833 -99.77 -40.77 -31.55
CA GLU H 833 -98.50 -40.67 -30.79
C GLU H 833 -97.62 -41.90 -30.99
N GLN H 834 -98.15 -42.97 -31.57
CA GLN H 834 -97.36 -44.19 -31.85
C GLN H 834 -96.29 -43.89 -32.91
N THR H 835 -96.36 -42.74 -33.59
CA THR H 835 -95.34 -42.33 -34.60
C THR H 835 -93.97 -42.21 -33.93
N TYR H 836 -93.91 -41.89 -32.63
CA TYR H 836 -92.64 -41.76 -31.87
C TYR H 836 -91.92 -43.10 -31.87
N LYS H 837 -92.60 -44.25 -31.78
CA LYS H 837 -91.98 -45.59 -31.70
C LYS H 837 -91.79 -46.19 -33.10
N LYS H 838 -92.87 -46.33 -33.88
CA LYS H 838 -92.89 -47.14 -35.12
C LYS H 838 -93.75 -46.48 -36.19
N PRO H 839 -93.70 -46.97 -37.45
CA PRO H 839 -94.59 -46.49 -38.51
C PRO H 839 -96.05 -46.66 -38.10
N THR H 840 -96.84 -45.60 -38.19
CA THR H 840 -98.23 -45.50 -37.71
C THR H 840 -99.04 -44.82 -38.80
N GLY H 841 -99.94 -45.55 -39.47
CA GLY H 841 -100.64 -45.06 -40.69
C GLY H 841 -99.66 -44.80 -41.83
N GLY H 842 -98.46 -45.40 -41.77
CA GLY H 842 -97.37 -45.19 -42.72
C GLY H 842 -96.62 -43.88 -42.49
N ILE H 843 -96.71 -43.32 -41.27
CA ILE H 843 -95.98 -42.10 -40.81
C ILE H 843 -95.15 -42.43 -39.56
N VAL H 844 -93.93 -41.91 -39.46
CA VAL H 844 -93.09 -41.92 -38.24
C VAL H 844 -92.72 -40.47 -37.92
N THR H 845 -92.35 -40.22 -36.66
CA THR H 845 -91.66 -38.98 -36.26
C THR H 845 -90.18 -39.31 -36.14
N VAL H 846 -89.34 -38.28 -36.19
CA VAL H 846 -87.92 -38.32 -36.62
C VAL H 846 -87.29 -36.96 -36.30
N ARG H 847 -86.04 -36.89 -35.85
CA ARG H 847 -85.44 -35.62 -35.36
C ARG H 847 -84.77 -34.87 -36.51
N SER H 848 -84.96 -33.54 -36.58
CA SER H 848 -84.25 -32.61 -37.50
C SER H 848 -82.79 -32.50 -37.04
N GLU H 849 -81.92 -31.81 -37.80
CA GLU H 849 -80.48 -31.64 -37.42
C GLU H 849 -80.39 -30.89 -36.09
N MET H 850 -81.41 -30.06 -35.77
CA MET H 850 -81.50 -29.27 -34.51
C MET H 850 -82.23 -30.07 -33.42
N GLY H 851 -82.85 -31.23 -33.73
CA GLY H 851 -83.44 -32.14 -32.73
C GLY H 851 -84.93 -31.97 -32.53
N GLU H 852 -85.58 -31.04 -33.25
CA GLU H 852 -87.06 -30.86 -33.23
C GLU H 852 -87.70 -32.08 -33.93
N PRO H 853 -88.88 -32.58 -33.49
CA PRO H 853 -89.52 -33.73 -34.13
C PRO H 853 -90.20 -33.34 -35.44
N ILE H 854 -90.23 -34.26 -36.40
CA ILE H 854 -90.84 -34.07 -37.76
C ILE H 854 -91.66 -35.33 -38.10
N HIS H 855 -92.93 -35.14 -38.49
CA HIS H 855 -93.79 -36.22 -39.04
C HIS H 855 -93.47 -36.35 -40.53
N LYS H 856 -92.86 -37.48 -40.89
CA LYS H 856 -92.50 -37.83 -42.28
C LYS H 856 -93.14 -39.18 -42.61
N ILE H 857 -93.39 -39.44 -43.88
CA ILE H 857 -93.82 -40.78 -44.36
C ILE H 857 -92.64 -41.73 -44.17
N ALA H 858 -92.94 -42.91 -43.65
CA ALA H 858 -91.96 -43.94 -43.20
C ALA H 858 -91.36 -44.69 -44.40
N THR H 859 -90.82 -43.96 -45.36
CA THR H 859 -90.04 -44.50 -46.50
C THR H 859 -88.81 -45.22 -45.96
N ARG H 860 -88.14 -46.02 -46.77
CA ARG H 860 -86.86 -46.70 -46.39
C ARG H 860 -85.85 -45.64 -45.90
N GLY H 861 -85.72 -44.55 -46.64
CA GLY H 861 -84.80 -43.43 -46.33
C GLY H 861 -85.09 -42.83 -44.96
N VAL H 862 -86.36 -42.59 -44.64
CA VAL H 862 -86.77 -41.97 -43.35
C VAL H 862 -86.56 -42.98 -42.22
N MET H 863 -86.73 -44.27 -42.50
CA MET H 863 -86.52 -45.34 -41.49
C MET H 863 -85.03 -45.49 -41.21
N LEU H 864 -84.16 -45.25 -42.20
CA LEU H 864 -82.70 -45.20 -41.99
C LEU H 864 -82.38 -43.98 -41.12
N TRP H 865 -82.89 -42.82 -41.51
CA TRP H 865 -82.81 -41.55 -40.75
C TRP H 865 -83.19 -41.82 -39.29
N LYS H 866 -84.27 -42.56 -39.07
CA LYS H 866 -84.74 -42.88 -37.70
C LYS H 866 -83.68 -43.72 -36.98
N GLU H 867 -83.24 -44.81 -37.59
CA GLU H 867 -82.20 -45.72 -37.04
C GLU H 867 -80.98 -44.88 -36.63
N PHE H 868 -80.51 -44.00 -37.52
CA PHE H 868 -79.31 -43.15 -37.30
C PHE H 868 -79.56 -42.15 -36.16
N ASP H 869 -80.80 -41.67 -35.99
CA ASP H 869 -81.19 -40.85 -34.81
C ASP H 869 -80.95 -41.64 -33.53
N GLU H 870 -81.32 -42.92 -33.51
CA GLU H 870 -81.37 -43.80 -32.32
C GLU H 870 -79.99 -44.45 -32.07
N THR H 871 -79.03 -44.31 -32.99
CA THR H 871 -77.84 -45.19 -33.14
C THR H 871 -76.53 -44.41 -33.21
N ILE H 872 -76.54 -43.20 -33.80
CA ILE H 872 -75.32 -42.44 -34.18
C ILE H 872 -75.40 -40.99 -33.69
N PHE H 873 -76.48 -40.30 -34.05
CA PHE H 873 -76.63 -38.84 -33.86
C PHE H 873 -76.91 -38.53 -32.38
N ASN H 874 -77.24 -39.56 -31.59
CA ASN H 874 -77.52 -39.44 -30.13
C ASN H 874 -76.24 -39.72 -29.32
N LEU H 875 -75.19 -40.29 -29.95
CA LEU H 875 -73.95 -40.69 -29.23
C LEU H 875 -73.21 -39.43 -28.79
N PRO H 876 -72.52 -39.45 -27.64
CA PRO H 876 -71.69 -38.31 -27.24
C PRO H 876 -70.52 -38.16 -28.22
N LYS H 877 -70.22 -36.90 -28.63
CA LYS H 877 -69.17 -36.47 -29.60
C LYS H 877 -67.93 -37.39 -29.56
N ASN H 878 -67.47 -37.79 -28.37
CA ASN H 878 -66.24 -38.60 -28.16
C ASN H 878 -66.47 -40.03 -28.70
N LYS H 879 -67.72 -40.50 -28.83
CA LYS H 879 -68.04 -41.87 -29.34
C LYS H 879 -68.52 -41.83 -30.80
N LEU H 880 -68.68 -40.65 -31.40
CA LEU H 880 -69.29 -40.49 -32.75
C LEU H 880 -68.34 -41.18 -33.75
N VAL H 881 -67.11 -40.67 -33.85
CA VAL H 881 -66.18 -41.03 -34.97
C VAL H 881 -65.83 -42.51 -34.87
N PRO H 882 -65.50 -43.07 -33.67
CA PRO H 882 -65.32 -44.51 -33.51
C PRO H 882 -66.45 -45.40 -34.03
N THR H 883 -67.71 -45.04 -33.79
CA THR H 883 -68.90 -45.81 -34.27
C THR H 883 -69.00 -45.69 -35.79
N LEU H 884 -68.73 -44.52 -36.35
CA LEU H 884 -68.72 -44.28 -37.81
C LEU H 884 -67.69 -45.22 -38.46
N GLU H 885 -66.50 -45.38 -37.86
CA GLU H 885 -65.39 -46.21 -38.43
C GLU H 885 -65.78 -47.69 -38.32
N ALA H 886 -66.39 -48.07 -37.20
CA ALA H 886 -66.82 -49.46 -36.90
C ALA H 886 -67.92 -49.89 -37.87
N LYS H 887 -68.89 -49.03 -38.14
CA LYS H 887 -70.10 -49.33 -38.97
C LYS H 887 -69.92 -48.78 -40.39
N ARG H 888 -68.71 -48.35 -40.75
CA ARG H 888 -68.38 -47.67 -42.03
C ARG H 888 -69.05 -48.41 -43.19
N ASP H 889 -68.78 -49.70 -43.34
CA ASP H 889 -69.22 -50.49 -44.53
C ASP H 889 -70.74 -50.60 -44.50
N TYR H 890 -71.35 -50.77 -43.32
CA TYR H 890 -72.82 -50.89 -43.13
C TYR H 890 -73.50 -49.56 -43.49
N ILE H 891 -72.99 -48.44 -42.96
CA ILE H 891 -73.53 -47.07 -43.23
C ILE H 891 -73.53 -46.81 -44.73
N ILE H 892 -72.38 -47.00 -45.40
CA ILE H 892 -72.24 -46.83 -46.86
C ILE H 892 -73.29 -47.72 -47.56
N SER H 893 -73.43 -48.96 -47.12
CA SER H 893 -74.34 -49.96 -47.74
C SER H 893 -75.78 -49.41 -47.73
N ARG H 894 -76.18 -48.79 -46.61
CA ARG H 894 -77.58 -48.35 -46.34
C ARG H 894 -77.85 -47.02 -47.04
N LEU H 895 -76.91 -46.07 -46.97
CA LEU H 895 -76.97 -44.85 -47.79
C LEU H 895 -77.26 -45.25 -49.23
N ASN H 896 -76.49 -46.19 -49.78
CA ASN H 896 -76.56 -46.56 -51.22
C ASN H 896 -77.91 -47.23 -51.52
N ALA H 897 -78.36 -48.14 -50.65
CA ALA H 897 -79.60 -48.92 -50.82
C ALA H 897 -80.82 -48.03 -50.64
N ASP H 898 -80.85 -47.17 -49.61
CA ASP H 898 -82.11 -46.69 -48.98
C ASP H 898 -82.24 -45.16 -48.89
N PHE H 899 -81.24 -44.34 -49.18
CA PHE H 899 -81.31 -42.90 -48.82
C PHE H 899 -81.18 -42.02 -50.06
N GLN H 900 -81.66 -40.79 -49.94
CA GLN H 900 -81.80 -39.82 -51.07
C GLN H 900 -80.44 -39.15 -51.31
N LYS H 901 -79.51 -39.27 -50.37
CA LYS H 901 -78.09 -38.90 -50.52
C LYS H 901 -77.27 -40.18 -50.46
N PRO H 902 -76.87 -40.75 -51.61
CA PRO H 902 -76.09 -41.97 -51.61
C PRO H 902 -74.67 -41.66 -51.12
N TRP H 903 -73.87 -42.69 -50.89
CA TRP H 903 -72.42 -42.56 -50.66
C TRP H 903 -71.78 -42.13 -51.98
N PHE H 904 -71.13 -40.97 -52.06
CA PHE H 904 -70.60 -40.46 -53.36
C PHE H 904 -69.67 -41.49 -53.97
N ALA H 905 -68.71 -41.95 -53.16
CA ALA H 905 -67.56 -42.75 -53.62
C ALA H 905 -67.97 -44.21 -53.77
N THR H 906 -68.89 -44.47 -54.69
CA THR H 906 -69.24 -45.86 -55.05
C THR H 906 -69.33 -45.93 -56.58
N VAL H 907 -68.52 -46.82 -57.15
CA VAL H 907 -68.23 -46.94 -58.61
C VAL H 907 -68.74 -48.29 -59.08
N ASN H 908 -69.70 -48.30 -60.02
CA ASN H 908 -70.29 -49.54 -60.56
C ASN H 908 -70.82 -50.37 -59.40
N GLY H 909 -71.48 -49.73 -58.43
CA GLY H 909 -72.11 -50.38 -57.27
C GLY H 909 -71.12 -50.96 -56.27
N GLN H 910 -69.84 -50.62 -56.37
CA GLN H 910 -68.78 -51.10 -55.44
C GLN H 910 -68.32 -49.92 -54.57
N ALA H 911 -68.34 -50.06 -53.24
CA ALA H 911 -67.96 -49.00 -52.28
C ALA H 911 -66.48 -48.65 -52.45
N ARG H 912 -66.16 -47.36 -52.38
CA ARG H 912 -64.77 -46.85 -52.40
C ARG H 912 -64.67 -45.71 -51.37
N ASP H 913 -63.61 -44.91 -51.43
CA ASP H 913 -63.52 -43.57 -50.80
C ASP H 913 -63.01 -42.65 -51.91
N LEU H 914 -63.24 -41.34 -51.79
CA LEU H 914 -62.57 -40.30 -52.62
C LEU H 914 -61.12 -40.72 -52.92
N ALA H 915 -60.38 -41.20 -51.92
CA ALA H 915 -58.93 -41.44 -52.02
C ALA H 915 -58.61 -42.63 -52.93
N THR H 916 -59.59 -43.49 -53.25
CA THR H 916 -59.42 -44.76 -53.99
C THR H 916 -60.30 -44.77 -55.24
N MET H 917 -60.68 -43.59 -55.73
CA MET H 917 -61.35 -43.37 -57.05
C MET H 917 -60.39 -42.60 -57.95
N THR H 918 -60.39 -42.89 -59.24
CA THR H 918 -59.57 -42.14 -60.22
C THR H 918 -60.25 -40.82 -60.54
N TYR H 919 -59.49 -39.87 -61.08
CA TYR H 919 -60.03 -38.55 -61.51
C TYR H 919 -61.21 -38.82 -62.42
N GLU H 920 -61.08 -39.78 -63.34
CA GLU H 920 -62.16 -40.13 -64.32
C GLU H 920 -63.37 -40.65 -63.55
N GLU H 921 -63.18 -41.60 -62.64
CA GLU H 921 -64.30 -42.23 -61.89
C GLU H 921 -65.11 -41.15 -61.15
N VAL H 922 -64.44 -40.13 -60.61
CA VAL H 922 -65.04 -39.00 -59.85
C VAL H 922 -65.86 -38.15 -60.83
N ALA H 923 -65.25 -37.68 -61.92
CA ALA H 923 -65.93 -36.86 -62.94
C ALA H 923 -67.20 -37.57 -63.39
N LYS H 924 -67.13 -38.88 -63.62
CA LYS H 924 -68.27 -39.67 -64.17
C LYS H 924 -69.34 -39.79 -63.09
N ARG H 925 -68.93 -39.96 -61.84
CA ARG H 925 -69.85 -40.12 -60.68
C ARG H 925 -70.60 -38.81 -60.45
N LEU H 926 -69.93 -37.66 -60.64
CA LEU H 926 -70.58 -36.34 -60.48
C LEU H 926 -71.71 -36.23 -61.52
N VAL H 927 -71.43 -36.63 -62.75
CA VAL H 927 -72.41 -36.60 -63.86
C VAL H 927 -73.53 -37.60 -63.53
N GLU H 928 -73.18 -38.76 -62.99
CA GLU H 928 -74.16 -39.84 -62.70
C GLU H 928 -75.22 -39.31 -61.70
N LEU H 929 -74.83 -38.46 -60.76
CA LEU H 929 -75.70 -38.07 -59.62
C LEU H 929 -76.31 -36.68 -59.82
N MET H 930 -75.71 -35.84 -60.65
CA MET H 930 -76.05 -34.40 -60.73
C MET H 930 -76.67 -34.05 -62.08
N PHE H 931 -76.38 -34.81 -63.13
CA PHE H 931 -76.92 -34.57 -64.49
C PHE H 931 -78.08 -35.54 -64.71
N ILE H 932 -79.27 -35.00 -64.93
CA ILE H 932 -80.54 -35.77 -65.06
C ILE H 932 -80.69 -36.17 -66.53
N ARG H 933 -80.56 -37.48 -66.82
CA ARG H 933 -80.68 -38.02 -68.20
C ARG H 933 -82.07 -37.72 -68.73
N SER H 934 -83.09 -38.05 -67.95
CA SER H 934 -84.53 -37.97 -68.32
C SER H 934 -84.90 -36.56 -68.83
N THR H 935 -84.30 -35.50 -68.29
CA THR H 935 -84.55 -34.09 -68.69
C THR H 935 -83.39 -33.52 -69.52
N ASN H 936 -82.35 -34.32 -69.74
CA ASN H 936 -81.11 -33.97 -70.48
C ASN H 936 -80.55 -32.61 -70.04
N SER H 937 -80.41 -32.40 -68.74
CA SER H 937 -79.93 -31.12 -68.15
C SER H 937 -79.32 -31.34 -66.76
N TRP H 938 -78.50 -30.40 -66.32
CA TRP H 938 -77.96 -30.41 -64.94
C TRP H 938 -79.08 -29.98 -64.00
N PHE H 939 -79.37 -30.77 -62.96
CA PHE H 939 -80.50 -30.49 -62.07
C PHE H 939 -80.42 -29.07 -61.54
N ASP H 940 -79.22 -28.55 -61.30
CA ASP H 940 -78.99 -27.17 -60.80
C ASP H 940 -77.69 -26.68 -61.45
N VAL H 941 -77.63 -25.41 -61.88
CA VAL H 941 -76.44 -24.88 -62.61
C VAL H 941 -75.20 -24.96 -61.71
N THR H 942 -75.34 -24.81 -60.40
CA THR H 942 -74.19 -24.82 -59.46
C THR H 942 -73.54 -26.21 -59.45
N TRP H 943 -74.32 -27.27 -59.67
CA TRP H 943 -73.78 -28.64 -59.78
C TRP H 943 -72.95 -28.76 -61.05
N ARG H 944 -73.30 -28.00 -62.09
CA ARG H 944 -72.52 -28.00 -63.34
C ARG H 944 -71.21 -27.26 -63.05
N THR H 945 -71.28 -26.09 -62.41
CA THR H 945 -70.11 -25.29 -62.00
C THR H 945 -69.14 -26.16 -61.21
N PHE H 946 -69.66 -26.94 -60.27
CA PHE H 946 -68.88 -27.91 -59.44
C PHE H 946 -68.05 -28.77 -60.40
N THR H 947 -68.70 -29.55 -61.28
CA THR H 947 -67.98 -30.59 -62.06
C THR H 947 -67.16 -29.88 -63.13
N GLY H 948 -67.54 -28.67 -63.52
CA GLY H 948 -66.68 -27.84 -64.37
C GLY H 948 -65.39 -27.54 -63.67
N ASP H 949 -65.47 -26.93 -62.47
CA ASP H 949 -64.29 -26.59 -61.64
C ASP H 949 -63.45 -27.85 -61.43
N PHE H 950 -64.09 -29.01 -61.21
CA PHE H 950 -63.37 -30.28 -60.97
C PHE H 950 -62.57 -30.68 -62.19
N LEU H 951 -63.13 -30.56 -63.40
CA LEU H 951 -62.43 -30.92 -64.66
C LEU H 951 -61.24 -29.96 -64.84
N ARG H 952 -61.41 -28.68 -64.53
CA ARG H 952 -60.32 -27.68 -64.62
C ARG H 952 -59.18 -28.11 -63.70
N ARG H 953 -59.48 -28.70 -62.54
CA ARG H 953 -58.46 -29.23 -61.59
C ARG H 953 -57.66 -30.33 -62.26
N VAL H 954 -58.37 -31.21 -62.97
CA VAL H 954 -57.76 -32.37 -63.66
C VAL H 954 -56.72 -31.79 -64.62
N GLU H 955 -57.08 -30.77 -65.37
CA GLU H 955 -56.17 -30.16 -66.36
C GLU H 955 -54.96 -29.59 -65.62
N GLU H 956 -55.21 -28.89 -64.53
CA GLU H 956 -54.15 -28.24 -63.71
C GLU H 956 -53.17 -29.33 -63.24
N ARG H 957 -53.69 -30.45 -62.74
CA ARG H 957 -52.85 -31.49 -62.08
C ARG H 957 -52.00 -32.23 -63.12
N PHE H 958 -52.58 -32.49 -64.29
CA PHE H 958 -52.02 -33.44 -65.29
C PHE H 958 -51.32 -32.71 -66.45
N THR H 959 -51.58 -31.43 -66.66
CA THR H 959 -50.77 -30.64 -67.63
C THR H 959 -49.35 -30.51 -67.07
N LYS H 960 -48.36 -30.53 -67.95
CA LYS H 960 -46.93 -30.42 -67.59
C LYS H 960 -46.50 -28.96 -67.76
N SER H 961 -47.31 -28.14 -68.43
CA SER H 961 -47.02 -26.70 -68.64
C SER H 961 -48.30 -25.95 -68.99
N LYS H 962 -48.24 -24.63 -68.92
CA LYS H 962 -49.38 -23.70 -69.12
C LYS H 962 -49.96 -23.96 -70.50
N THR H 963 -51.27 -24.20 -70.61
CA THR H 963 -52.07 -24.26 -71.87
C THR H 963 -53.47 -23.73 -71.60
N LEU H 964 -54.29 -23.69 -72.65
CA LEU H 964 -55.70 -23.25 -72.60
C LEU H 964 -56.52 -24.43 -72.10
N SER H 965 -57.54 -24.17 -71.30
CA SER H 965 -58.52 -25.17 -70.83
C SER H 965 -59.30 -25.73 -72.04
N LEU H 966 -59.59 -27.02 -72.02
CA LEU H 966 -60.47 -27.68 -73.01
C LEU H 966 -61.94 -27.39 -72.66
N ILE H 967 -62.19 -26.80 -71.50
CA ILE H 967 -63.55 -26.36 -71.08
C ILE H 967 -63.52 -24.84 -70.96
N GLN H 968 -63.57 -24.13 -72.09
CA GLN H 968 -63.49 -22.65 -72.10
C GLN H 968 -64.75 -22.08 -71.45
N SER H 969 -65.85 -22.81 -71.54
CA SER H 969 -67.18 -22.42 -70.99
C SER H 969 -67.92 -23.67 -70.49
N TYR H 970 -68.40 -23.62 -69.25
CA TYR H 970 -69.09 -24.76 -68.60
C TYR H 970 -70.35 -25.14 -69.38
N SER H 971 -70.77 -24.33 -70.37
CA SER H 971 -71.78 -24.70 -71.40
C SER H 971 -71.47 -26.10 -71.94
N LEU H 972 -70.19 -26.35 -72.25
CA LEU H 972 -69.75 -27.59 -72.94
C LEU H 972 -70.23 -28.81 -72.15
N LEU H 973 -70.39 -28.68 -70.83
CA LEU H 973 -70.83 -29.75 -69.90
C LEU H 973 -72.28 -30.17 -70.21
N ASP H 974 -73.05 -29.37 -70.96
CA ASP H 974 -74.47 -29.66 -71.28
C ASP H 974 -74.55 -30.91 -72.17
N LYS H 975 -73.46 -31.32 -72.82
CA LYS H 975 -73.21 -32.71 -73.31
C LYS H 975 -72.07 -33.32 -72.48
N PRO H 976 -72.37 -33.82 -71.26
CA PRO H 976 -71.32 -34.11 -70.27
C PRO H 976 -70.39 -35.25 -70.69
N ASP H 977 -70.93 -36.34 -71.24
CA ASP H 977 -70.17 -37.55 -71.63
C ASP H 977 -69.01 -37.14 -72.54
N GLU H 978 -69.25 -36.17 -73.41
CA GLU H 978 -68.32 -35.73 -74.47
C GLU H 978 -67.27 -34.82 -73.87
N ALA H 979 -67.69 -33.92 -72.98
CA ALA H 979 -66.81 -33.03 -72.20
C ALA H 979 -65.78 -33.87 -71.45
N ILE H 980 -66.24 -34.91 -70.75
CA ILE H 980 -65.36 -35.84 -69.99
C ILE H 980 -64.37 -36.47 -70.96
N GLU H 981 -64.85 -37.07 -72.05
CA GLU H 981 -63.98 -37.74 -73.06
C GLU H 981 -62.92 -36.76 -73.57
N LYS H 982 -63.28 -35.49 -73.78
CA LYS H 982 -62.37 -34.47 -74.35
C LYS H 982 -61.18 -34.28 -73.42
N VAL H 983 -61.47 -34.10 -72.12
CA VAL H 983 -60.50 -33.73 -71.06
C VAL H 983 -59.58 -34.93 -70.80
N PHE H 984 -60.14 -36.10 -70.58
CA PHE H 984 -59.39 -37.34 -70.22
C PHE H 984 -58.67 -37.90 -71.46
N ASN H 985 -59.10 -37.58 -72.68
CA ASN H 985 -58.34 -37.92 -73.92
C ASN H 985 -57.06 -37.09 -73.94
N ALA H 986 -57.09 -35.85 -73.47
CA ALA H 986 -55.92 -34.94 -73.41
C ALA H 986 -55.02 -35.30 -72.21
N TYR H 987 -55.58 -35.87 -71.14
CA TYR H 987 -54.87 -36.16 -69.87
C TYR H 987 -55.19 -37.60 -69.47
N PRO H 988 -54.85 -38.59 -70.32
CA PRO H 988 -55.28 -39.98 -70.10
C PRO H 988 -54.64 -40.58 -68.84
N ALA H 989 -53.54 -40.00 -68.38
CA ALA H 989 -52.88 -40.36 -67.10
C ALA H 989 -53.92 -40.35 -65.98
N ALA H 990 -54.88 -39.43 -66.04
CA ALA H 990 -55.89 -39.17 -65.00
C ALA H 990 -56.95 -40.27 -64.99
N ARG H 991 -56.98 -41.14 -66.00
CA ARG H 991 -57.90 -42.31 -65.99
C ARG H 991 -57.35 -43.38 -65.04
N GLU H 992 -56.04 -43.35 -64.77
CA GLU H 992 -55.30 -44.45 -64.12
C GLU H 992 -54.78 -44.02 -62.74
N GLN H 993 -55.02 -42.80 -62.28
CA GLN H 993 -54.45 -42.31 -61.00
C GLN H 993 -55.55 -41.96 -60.01
N PHE H 994 -55.48 -42.47 -58.78
CA PHE H 994 -56.37 -42.04 -57.68
C PHE H 994 -56.16 -40.53 -57.47
N LEU H 995 -57.15 -39.90 -56.86
CA LEU H 995 -57.10 -38.46 -56.48
C LEU H 995 -55.83 -38.22 -55.66
N ASN H 996 -55.02 -37.25 -56.08
CA ASN H 996 -53.94 -36.65 -55.26
C ASN H 996 -54.56 -36.21 -53.94
N ALA H 997 -53.91 -36.45 -52.81
CA ALA H 997 -54.47 -36.17 -51.48
C ALA H 997 -54.91 -34.71 -51.36
N GLN H 998 -54.22 -33.78 -52.05
CA GLN H 998 -54.56 -32.33 -52.04
C GLN H 998 -55.90 -32.11 -52.73
N ASP H 999 -56.22 -32.89 -53.75
CA ASP H 999 -57.43 -32.74 -54.58
C ASP H 999 -58.61 -33.39 -53.86
N ILE H 1000 -58.35 -34.28 -52.91
CA ILE H 1000 -59.42 -34.81 -52.02
C ILE H 1000 -59.90 -33.65 -51.19
N ASP H 1001 -58.98 -32.93 -50.56
CA ASP H 1001 -59.29 -31.80 -49.67
C ASP H 1001 -59.99 -30.72 -50.49
N HIS H 1002 -59.59 -30.50 -51.74
CA HIS H 1002 -60.22 -29.48 -52.62
C HIS H 1002 -61.65 -29.91 -52.96
N PHE H 1003 -61.86 -31.19 -53.28
CA PHE H 1003 -63.20 -31.73 -53.60
C PHE H 1003 -64.09 -31.53 -52.36
N LEU H 1004 -63.58 -31.86 -51.16
CA LEU H 1004 -64.40 -31.80 -49.93
C LEU H 1004 -64.67 -30.34 -49.59
N SER H 1005 -63.80 -29.45 -50.03
CA SER H 1005 -63.94 -27.99 -49.80
C SER H 1005 -65.02 -27.44 -50.72
N MET H 1006 -65.00 -27.81 -52.00
CA MET H 1006 -66.05 -27.45 -52.99
C MET H 1006 -67.42 -27.91 -52.49
N CYS H 1007 -67.47 -29.01 -51.75
CA CYS H 1007 -68.71 -29.57 -51.16
C CYS H 1007 -69.24 -28.69 -50.02
N GLN H 1008 -68.42 -27.81 -49.44
CA GLN H 1008 -68.82 -26.91 -48.32
C GLN H 1008 -69.20 -25.53 -48.89
N ASN H 1009 -68.97 -25.31 -50.17
CA ASN H 1009 -69.24 -24.01 -50.86
C ASN H 1009 -70.67 -23.56 -50.57
N PRO H 1010 -70.85 -22.42 -49.89
CA PRO H 1010 -72.18 -21.94 -49.52
C PRO H 1010 -72.93 -21.22 -50.66
N MET H 1011 -72.28 -20.91 -51.77
CA MET H 1011 -72.90 -20.27 -52.97
C MET H 1011 -73.35 -21.33 -53.96
N GLN H 1012 -73.76 -22.51 -53.50
CA GLN H 1012 -74.06 -23.65 -54.42
C GLN H 1012 -75.06 -24.58 -53.75
N LYS H 1013 -75.91 -25.24 -54.53
CA LYS H 1013 -76.94 -26.16 -53.99
C LYS H 1013 -76.21 -27.29 -53.29
N PRO H 1014 -76.52 -27.56 -52.01
CA PRO H 1014 -75.94 -28.69 -51.31
C PRO H 1014 -75.87 -29.92 -52.22
N VAL H 1015 -74.66 -30.44 -52.31
CA VAL H 1015 -74.23 -31.64 -53.07
C VAL H 1015 -75.15 -32.80 -52.70
N PRO H 1016 -75.70 -33.56 -53.68
CA PRO H 1016 -76.71 -34.59 -53.43
C PRO H 1016 -76.14 -35.97 -53.11
N PHE H 1017 -75.23 -36.02 -52.13
CA PHE H 1017 -74.49 -37.25 -51.73
C PHE H 1017 -73.69 -36.98 -50.45
N VAL H 1018 -73.23 -38.05 -49.84
CA VAL H 1018 -72.32 -38.00 -48.66
C VAL H 1018 -70.91 -38.29 -49.16
N PRO H 1019 -70.01 -37.28 -49.16
CA PRO H 1019 -68.66 -37.47 -49.68
C PRO H 1019 -67.65 -38.04 -48.66
N VAL H 1020 -67.97 -37.98 -47.35
CA VAL H 1020 -67.07 -38.49 -46.29
C VAL H 1020 -67.82 -38.76 -44.97
N LEU H 1021 -67.40 -39.80 -44.25
CA LEU H 1021 -67.86 -40.09 -42.85
C LEU H 1021 -66.92 -39.42 -41.86
N ASP H 1022 -67.39 -38.40 -41.15
CA ASP H 1022 -66.58 -37.68 -40.14
C ASP H 1022 -67.53 -37.08 -39.11
N ARG H 1023 -67.05 -36.21 -38.24
CA ARG H 1023 -67.83 -35.65 -37.11
C ARG H 1023 -69.11 -34.96 -37.64
N ARG H 1024 -69.06 -34.37 -38.85
CA ARG H 1024 -70.19 -33.58 -39.40
C ARG H 1024 -71.08 -34.47 -40.30
N PHE H 1025 -71.11 -35.79 -40.07
CA PHE H 1025 -71.94 -36.75 -40.86
C PHE H 1025 -73.42 -36.36 -40.78
N GLU H 1026 -73.88 -35.87 -39.63
CA GLU H 1026 -75.32 -35.58 -39.42
C GLU H 1026 -75.72 -34.44 -40.36
N ILE H 1027 -74.88 -33.40 -40.51
CA ILE H 1027 -75.19 -32.25 -41.40
C ILE H 1027 -75.18 -32.75 -42.84
N PHE H 1028 -74.22 -33.61 -43.22
CA PHE H 1028 -74.14 -34.14 -44.60
C PHE H 1028 -75.39 -34.95 -44.94
N PHE H 1029 -75.95 -35.62 -43.94
CA PHE H 1029 -77.08 -36.58 -44.07
C PHE H 1029 -78.41 -35.83 -44.14
N LYS H 1030 -78.56 -34.79 -43.30
CA LYS H 1030 -79.86 -34.11 -43.04
C LYS H 1030 -79.98 -32.81 -43.86
N LYS H 1031 -78.88 -32.14 -44.21
CA LYS H 1031 -78.88 -30.84 -44.93
C LYS H 1031 -79.71 -30.94 -46.21
N ASP H 1032 -80.59 -29.97 -46.45
CA ASP H 1032 -81.31 -29.78 -47.74
C ASP H 1032 -81.97 -31.09 -48.16
N SER H 1033 -83.02 -31.53 -47.47
CA SER H 1033 -83.64 -32.86 -47.69
C SER H 1033 -85.16 -32.75 -47.88
N LEU H 1034 -85.67 -31.58 -48.28
CA LEU H 1034 -87.13 -31.34 -48.41
C LEU H 1034 -87.58 -31.38 -49.88
N TRP H 1035 -86.68 -31.01 -50.81
CA TRP H 1035 -86.93 -30.76 -52.25
C TRP H 1035 -87.08 -32.06 -53.04
N GLN H 1036 -86.58 -33.19 -52.53
CA GLN H 1036 -86.47 -34.44 -53.34
C GLN H 1036 -87.87 -34.98 -53.66
N SER H 1037 -88.84 -34.83 -52.75
CA SER H 1037 -90.24 -35.31 -52.94
C SER H 1037 -90.88 -34.64 -54.15
N GLU H 1038 -90.44 -33.45 -54.55
CA GLU H 1038 -90.99 -32.69 -55.72
C GLU H 1038 -90.09 -32.87 -56.95
N HIS H 1039 -88.96 -33.56 -56.84
CA HIS H 1039 -87.98 -33.70 -57.94
C HIS H 1039 -87.36 -35.10 -57.96
N LEU H 1040 -88.21 -36.12 -57.89
CA LEU H 1040 -87.81 -37.55 -57.96
C LEU H 1040 -86.99 -37.81 -59.21
N GLU H 1041 -87.13 -36.99 -60.25
CA GLU H 1041 -86.39 -37.18 -61.53
C GLU H 1041 -84.89 -37.15 -61.26
N ALA H 1042 -84.46 -36.52 -60.15
CA ALA H 1042 -83.05 -36.27 -59.76
C ALA H 1042 -82.67 -37.07 -58.52
N VAL H 1043 -83.44 -38.10 -58.17
CA VAL H 1043 -83.18 -39.01 -57.03
C VAL H 1043 -82.73 -40.34 -57.63
N VAL H 1044 -82.00 -41.16 -56.88
CA VAL H 1044 -81.14 -42.23 -57.47
C VAL H 1044 -81.97 -43.18 -58.35
N ASP H 1045 -83.11 -43.72 -57.96
CA ASP H 1045 -83.84 -44.55 -58.97
C ASP H 1045 -85.18 -43.90 -59.24
N GLN H 1046 -85.22 -42.56 -59.20
CA GLN H 1046 -86.49 -41.80 -59.08
C GLN H 1046 -87.34 -42.51 -58.01
N ASP H 1047 -86.68 -42.92 -56.92
CA ASP H 1047 -87.24 -43.84 -55.89
C ASP H 1047 -87.76 -43.04 -54.71
N VAL H 1048 -89.07 -42.78 -54.68
CA VAL H 1048 -89.82 -42.20 -53.52
C VAL H 1048 -89.22 -42.70 -52.21
N GLN H 1049 -89.03 -44.02 -52.12
CA GLN H 1049 -88.67 -44.76 -50.89
C GLN H 1049 -87.37 -44.18 -50.25
N ARG H 1050 -86.60 -43.39 -50.99
CA ARG H 1050 -85.33 -42.78 -50.50
C ARG H 1050 -85.58 -41.43 -49.81
N THR H 1051 -86.77 -40.83 -49.96
CA THR H 1051 -86.98 -39.37 -49.78
C THR H 1051 -87.78 -39.05 -48.53
N CYS H 1052 -87.65 -37.79 -48.09
CA CYS H 1052 -88.49 -37.14 -47.06
C CYS H 1052 -89.70 -36.48 -47.71
N ILE H 1053 -90.87 -37.04 -47.39
CA ILE H 1053 -92.21 -36.44 -47.59
C ILE H 1053 -92.78 -36.13 -46.21
N LEU H 1054 -93.10 -34.87 -45.93
CA LEU H 1054 -93.67 -34.46 -44.61
C LEU H 1054 -95.19 -34.63 -44.67
N HIS H 1055 -95.81 -35.29 -43.68
CA HIS H 1055 -97.25 -35.65 -43.72
C HIS H 1055 -97.71 -36.02 -42.31
N GLY H 1056 -98.89 -35.54 -41.92
CA GLY H 1056 -99.52 -35.83 -40.62
C GLY H 1056 -100.15 -37.20 -40.63
N PRO H 1057 -100.06 -37.98 -39.52
CA PRO H 1057 -100.68 -39.30 -39.47
C PRO H 1057 -102.21 -39.25 -39.41
N VAL H 1058 -102.80 -38.14 -38.97
CA VAL H 1058 -104.28 -38.06 -38.78
C VAL H 1058 -104.90 -37.47 -40.04
N ALA H 1059 -104.25 -36.51 -40.69
CA ALA H 1059 -104.79 -35.93 -41.94
C ALA H 1059 -104.70 -36.95 -43.08
N ALA H 1060 -103.83 -37.95 -42.93
CA ALA H 1060 -103.54 -38.95 -44.00
C ALA H 1060 -104.78 -39.82 -44.26
N GLN H 1061 -105.68 -39.95 -43.28
CA GLN H 1061 -106.86 -40.86 -43.40
C GLN H 1061 -107.86 -40.23 -44.38
N PHE H 1062 -107.76 -38.92 -44.63
CA PHE H 1062 -108.64 -38.16 -45.56
C PHE H 1062 -107.93 -37.82 -46.88
N THR H 1063 -106.69 -38.28 -47.10
CA THR H 1063 -105.89 -37.92 -48.30
C THR H 1063 -105.74 -39.18 -49.17
N LYS H 1064 -106.58 -39.30 -50.22
CA LYS H 1064 -106.73 -40.54 -51.06
C LYS H 1064 -106.71 -40.20 -52.55
N VAL H 1065 -107.53 -39.24 -52.99
CA VAL H 1065 -107.77 -38.99 -54.44
C VAL H 1065 -106.65 -38.10 -54.98
N ILE H 1066 -105.72 -38.71 -55.73
CA ILE H 1066 -104.55 -38.06 -56.38
C ILE H 1066 -105.04 -37.06 -57.42
N ASP H 1067 -104.34 -35.94 -57.58
CA ASP H 1067 -104.46 -34.95 -58.68
C ASP H 1067 -105.88 -34.36 -58.73
N GLU H 1068 -106.58 -34.36 -57.60
CA GLU H 1068 -107.85 -33.60 -57.42
C GLU H 1068 -107.51 -32.12 -57.46
N PRO H 1069 -108.13 -31.29 -58.33
CA PRO H 1069 -107.77 -29.87 -58.40
C PRO H 1069 -107.99 -29.17 -57.04
N ILE H 1070 -107.14 -28.21 -56.71
CA ILE H 1070 -107.13 -27.57 -55.36
C ILE H 1070 -108.51 -26.95 -55.13
N LYS H 1071 -109.08 -26.36 -56.19
CA LYS H 1071 -110.40 -25.69 -56.12
C LYS H 1071 -111.45 -26.71 -55.65
N SER H 1072 -111.37 -27.93 -56.17
CA SER H 1072 -112.33 -29.02 -55.83
C SER H 1072 -112.17 -29.39 -54.34
N ILE H 1073 -110.95 -29.56 -53.83
CA ILE H 1073 -110.70 -29.99 -52.42
C ILE H 1073 -111.33 -28.95 -51.48
N MET H 1074 -110.96 -27.69 -51.68
CA MET H 1074 -111.35 -26.55 -50.81
C MET H 1074 -112.86 -26.29 -50.93
N ASP H 1075 -113.40 -26.18 -52.16
CA ASP H 1075 -114.86 -26.00 -52.40
C ASP H 1075 -115.62 -27.18 -51.79
N GLY H 1076 -115.05 -28.38 -51.91
CA GLY H 1076 -115.56 -29.58 -51.23
C GLY H 1076 -115.87 -29.30 -49.78
N ILE H 1077 -114.90 -28.76 -49.05
CA ILE H 1077 -114.98 -28.51 -47.59
C ILE H 1077 -115.99 -27.38 -47.33
N HIS H 1078 -115.92 -26.26 -48.08
CA HIS H 1078 -116.82 -25.10 -47.90
C HIS H 1078 -118.27 -25.49 -48.20
N ASP H 1079 -118.50 -26.10 -49.36
CA ASP H 1079 -119.84 -26.53 -49.85
C ASP H 1079 -120.42 -27.51 -48.82
N GLY H 1080 -119.61 -28.44 -48.32
CA GLY H 1080 -120.01 -29.40 -47.26
C GLY H 1080 -120.54 -28.70 -46.01
N HIS H 1081 -119.92 -27.58 -45.60
CA HIS H 1081 -120.31 -26.79 -44.40
C HIS H 1081 -121.65 -26.11 -44.67
N ILE H 1082 -121.76 -25.45 -45.83
CA ILE H 1082 -123.01 -24.78 -46.30
C ILE H 1082 -124.16 -25.79 -46.24
N LYS H 1083 -124.00 -26.94 -46.90
CA LYS H 1083 -125.00 -28.03 -46.92
C LYS H 1083 -125.46 -28.33 -45.49
N LYS H 1084 -124.53 -28.59 -44.57
CA LYS H 1084 -124.86 -28.99 -43.17
C LYS H 1084 -125.53 -27.84 -42.43
N LEU H 1085 -125.00 -26.62 -42.58
CA LEU H 1085 -125.50 -25.38 -41.92
C LEU H 1085 -126.93 -25.09 -42.39
N LEU H 1086 -127.16 -25.21 -43.70
CA LEU H 1086 -128.46 -24.93 -44.35
C LEU H 1086 -129.51 -25.85 -43.72
N HIS H 1087 -129.27 -27.16 -43.77
CA HIS H 1087 -130.14 -28.20 -43.18
C HIS H 1087 -130.32 -27.93 -41.68
N GLN H 1088 -129.24 -27.79 -40.92
CA GLN H 1088 -129.26 -27.80 -39.43
C GLN H 1088 -129.89 -26.52 -38.87
N TYR H 1089 -129.81 -25.37 -39.57
CA TYR H 1089 -130.19 -24.05 -39.00
C TYR H 1089 -131.06 -23.18 -39.94
N TYR H 1090 -131.28 -23.55 -41.20
CA TYR H 1090 -131.95 -22.69 -42.21
C TYR H 1090 -133.10 -23.42 -42.93
N GLY H 1091 -133.55 -24.57 -42.39
CA GLY H 1091 -134.53 -25.50 -43.00
C GLY H 1091 -134.32 -25.67 -44.50
N ASP H 1092 -133.18 -26.23 -44.90
CA ASP H 1092 -132.76 -26.45 -46.31
C ASP H 1092 -133.31 -25.38 -47.26
N ASP H 1093 -133.35 -24.11 -46.86
CA ASP H 1093 -134.02 -23.02 -47.63
C ASP H 1093 -133.07 -21.86 -47.89
N GLU H 1094 -132.49 -21.79 -49.09
CA GLU H 1094 -131.52 -20.74 -49.50
C GLU H 1094 -132.13 -19.33 -49.43
N SER H 1095 -133.45 -19.20 -49.47
CA SER H 1095 -134.14 -17.89 -49.42
C SER H 1095 -134.03 -17.30 -48.01
N LYS H 1096 -133.78 -18.14 -47.00
CA LYS H 1096 -133.67 -17.71 -45.57
C LYS H 1096 -132.28 -17.13 -45.27
N ILE H 1097 -131.32 -17.26 -46.19
CA ILE H 1097 -129.92 -16.75 -46.02
C ILE H 1097 -129.93 -15.25 -46.24
N PRO H 1098 -129.55 -14.42 -45.25
CA PRO H 1098 -129.45 -12.97 -45.43
C PRO H 1098 -128.47 -12.61 -46.55
N ALA H 1099 -128.61 -11.43 -47.15
CA ALA H 1099 -127.78 -10.99 -48.28
C ALA H 1099 -127.19 -9.59 -48.01
N VAL H 1100 -126.04 -9.32 -48.59
CA VAL H 1100 -125.30 -8.02 -48.50
C VAL H 1100 -124.60 -7.80 -49.84
N GLU H 1101 -124.56 -6.54 -50.31
CA GLU H 1101 -124.08 -6.23 -51.68
C GLU H 1101 -122.72 -6.93 -51.84
N TYR H 1102 -121.77 -6.66 -50.93
CA TYR H 1102 -120.44 -7.31 -50.88
C TYR H 1102 -120.20 -7.89 -49.48
N PHE H 1103 -119.43 -8.97 -49.40
CA PHE H 1103 -119.13 -9.69 -48.13
C PHE H 1103 -117.63 -9.64 -47.83
N GLY H 1104 -117.25 -8.95 -46.75
CA GLY H 1104 -115.85 -8.84 -46.31
C GLY H 1104 -115.47 -7.44 -45.85
N GLY H 1105 -114.23 -7.28 -45.43
CA GLY H 1105 -113.66 -6.00 -44.98
C GLY H 1105 -114.08 -5.65 -43.58
N GLU H 1106 -114.51 -6.61 -42.77
CA GLU H 1106 -115.03 -6.37 -41.40
C GLU H 1106 -113.95 -6.70 -40.36
N SER H 1107 -113.42 -5.67 -39.71
CA SER H 1107 -112.49 -5.79 -38.56
C SER H 1107 -113.16 -6.67 -37.51
N PRO H 1108 -112.46 -7.65 -36.92
CA PRO H 1108 -113.08 -8.49 -35.91
C PRO H 1108 -113.43 -7.78 -34.60
N VAL H 1109 -113.22 -6.46 -34.48
CA VAL H 1109 -113.40 -5.74 -33.18
C VAL H 1109 -114.74 -5.01 -33.07
N ASP H 1110 -115.41 -4.64 -34.18
CA ASP H 1110 -116.47 -3.58 -34.24
C ASP H 1110 -117.57 -3.80 -33.19
N ASP H 1123 -131.93 10.05 -45.24
CA ASP H 1123 -131.97 10.16 -46.72
C ASP H 1123 -131.35 11.49 -47.17
N SER H 1124 -131.47 12.55 -46.37
CA SER H 1124 -130.90 13.87 -46.69
C SER H 1124 -130.25 14.48 -45.45
N ALA H 1125 -128.92 14.67 -45.47
CA ALA H 1125 -128.13 15.15 -44.32
C ALA H 1125 -127.02 16.09 -44.78
N VAL H 1126 -126.62 17.00 -43.88
CA VAL H 1126 -125.42 17.87 -43.98
C VAL H 1126 -124.53 17.54 -42.77
N PHE H 1127 -123.22 17.44 -42.99
CA PHE H 1127 -122.20 17.20 -41.92
C PHE H 1127 -121.16 18.31 -41.99
N LYS H 1128 -120.95 19.02 -40.87
CA LYS H 1128 -119.99 20.14 -40.74
C LYS H 1128 -118.82 19.70 -39.87
N ALA H 1129 -117.59 19.80 -40.38
CA ALA H 1129 -116.38 19.35 -39.68
C ALA H 1129 -115.83 20.50 -38.83
N THR H 1130 -115.79 20.33 -37.51
CA THR H 1130 -115.00 21.18 -36.57
C THR H 1130 -113.57 20.61 -36.50
N SER H 1131 -112.69 21.20 -35.70
CA SER H 1131 -111.29 20.72 -35.49
C SER H 1131 -111.27 19.58 -34.46
N SER H 1132 -112.40 19.32 -33.80
CA SER H 1132 -112.57 18.27 -32.76
C SER H 1132 -113.24 17.01 -33.36
N THR H 1133 -113.94 17.10 -34.50
CA THR H 1133 -114.74 15.98 -35.09
C THR H 1133 -113.88 14.71 -35.17
N ASP H 1134 -114.37 13.63 -34.56
CA ASP H 1134 -113.71 12.30 -34.53
C ASP H 1134 -113.77 11.68 -35.93
N GLU H 1135 -112.62 11.28 -36.47
CA GLU H 1135 -112.51 10.70 -37.84
C GLU H 1135 -113.44 9.50 -37.98
N GLU H 1136 -113.43 8.60 -37.00
CA GLU H 1136 -114.14 7.29 -37.09
C GLU H 1136 -115.64 7.55 -37.22
N SER H 1137 -116.20 8.44 -36.39
CA SER H 1137 -117.64 8.85 -36.43
C SER H 1137 -117.96 9.48 -37.79
N TRP H 1138 -117.05 10.34 -38.27
CA TRP H 1138 -117.21 11.14 -39.51
C TRP H 1138 -117.36 10.21 -40.72
N PHE H 1139 -116.42 9.28 -40.88
CA PHE H 1139 -116.41 8.32 -42.03
C PHE H 1139 -117.59 7.35 -41.90
N LYS H 1140 -117.90 6.88 -40.68
CA LYS H 1140 -119.06 5.99 -40.41
C LYS H 1140 -120.32 6.73 -40.89
N ALA H 1141 -120.42 8.04 -40.65
CA ALA H 1141 -121.57 8.88 -41.05
C ALA H 1141 -121.66 8.96 -42.57
N LEU H 1142 -120.58 9.37 -43.25
CA LEU H 1142 -120.56 9.52 -44.73
C LEU H 1142 -120.81 8.17 -45.40
N ALA H 1143 -120.46 7.06 -44.75
CA ALA H 1143 -120.59 5.69 -45.31
C ALA H 1143 -122.06 5.29 -45.39
N GLY H 1144 -122.80 5.52 -44.31
CA GLY H 1144 -124.18 5.02 -44.16
C GLY H 1144 -124.17 3.57 -43.71
N SER H 1145 -125.29 3.12 -43.17
CA SER H 1145 -125.47 1.77 -42.58
C SER H 1145 -125.54 0.73 -43.68
N GLU H 1146 -126.28 0.99 -44.77
CA GLU H 1146 -126.52 -0.01 -45.84
C GLU H 1146 -125.18 -0.27 -46.55
N ILE H 1147 -124.87 -1.54 -46.79
CA ILE H 1147 -123.61 -1.98 -47.45
C ILE H 1147 -123.78 -1.84 -48.97
N ASN H 1148 -123.11 -0.85 -49.55
CA ASN H 1148 -123.20 -0.47 -50.99
C ASN H 1148 -121.87 0.19 -51.42
N TRP H 1149 -121.81 0.73 -52.64
CA TRP H 1149 -120.62 1.46 -53.16
C TRP H 1149 -120.20 2.59 -52.19
N ARG H 1150 -121.15 3.20 -51.48
CA ARG H 1150 -120.88 4.36 -50.59
C ARG H 1150 -120.20 3.88 -49.31
N HIS H 1151 -120.69 2.78 -48.74
CA HIS H 1151 -120.13 2.14 -47.52
C HIS H 1151 -118.65 1.86 -47.76
N ALA H 1152 -118.34 1.21 -48.89
CA ALA H 1152 -116.96 0.87 -49.31
C ALA H 1152 -116.15 2.15 -49.48
N SER H 1153 -116.68 3.12 -50.20
CA SER H 1153 -115.95 4.36 -50.58
C SER H 1153 -115.37 5.03 -49.32
N PHE H 1154 -116.07 4.99 -48.20
CA PHE H 1154 -115.71 5.77 -46.99
C PHE H 1154 -115.10 4.90 -45.89
N LEU H 1155 -115.17 3.56 -45.97
CA LEU H 1155 -114.68 2.68 -44.88
C LEU H 1155 -113.53 1.78 -45.37
N CYS H 1156 -113.65 1.19 -46.55
CA CYS H 1156 -112.59 0.42 -47.22
C CYS H 1156 -111.27 1.21 -47.16
N SER H 1157 -110.22 0.66 -46.53
CA SER H 1157 -108.97 1.36 -46.16
C SER H 1157 -108.09 1.62 -47.39
N PHE H 1158 -108.12 0.69 -48.34
CA PHE H 1158 -107.26 0.66 -49.55
C PHE H 1158 -108.16 0.57 -50.80
N ILE H 1159 -107.59 0.86 -51.96
CA ILE H 1159 -108.19 0.53 -53.28
C ILE H 1159 -107.12 -0.12 -54.15
N THR H 1160 -107.56 -0.88 -55.14
CA THR H 1160 -106.72 -1.53 -56.16
C THR H 1160 -106.38 -0.49 -57.22
N GLN H 1161 -105.11 -0.39 -57.63
CA GLN H 1161 -104.70 0.21 -58.92
C GLN H 1161 -103.97 -0.88 -59.69
N ASP H 1162 -104.72 -1.87 -60.22
CA ASP H 1162 -104.17 -2.84 -61.18
C ASP H 1162 -103.20 -3.75 -60.43
N LYS H 1163 -103.69 -4.61 -59.54
CA LYS H 1163 -102.88 -5.61 -58.77
C LYS H 1163 -102.24 -4.99 -57.51
N MET H 1164 -101.77 -3.74 -57.60
CA MET H 1164 -101.16 -2.99 -56.46
C MET H 1164 -102.27 -2.35 -55.60
N PHE H 1165 -102.05 -2.26 -54.28
CA PHE H 1165 -102.99 -1.72 -53.27
C PHE H 1165 -102.47 -0.37 -52.78
N VAL H 1166 -103.18 0.72 -53.04
CA VAL H 1166 -102.85 2.10 -52.58
C VAL H 1166 -103.83 2.48 -51.47
N SER H 1167 -103.45 3.46 -50.64
CA SER H 1167 -104.35 4.16 -49.69
C SER H 1167 -105.60 4.61 -50.43
N ASN H 1168 -106.78 4.38 -49.85
CA ASN H 1168 -108.10 4.85 -50.36
C ASN H 1168 -108.09 6.37 -50.53
N PRO H 1169 -108.15 6.88 -51.78
CA PRO H 1169 -108.03 8.30 -52.03
C PRO H 1169 -109.29 9.08 -51.66
N ILE H 1170 -110.43 8.40 -51.60
CA ILE H 1170 -111.74 9.01 -51.20
C ILE H 1170 -111.60 9.44 -49.74
N ARG H 1171 -111.18 8.52 -48.86
CA ARG H 1171 -110.98 8.82 -47.41
C ARG H 1171 -109.96 9.96 -47.27
N LYS H 1172 -108.90 9.94 -48.08
CA LYS H 1172 -107.84 10.97 -48.02
C LYS H 1172 -108.47 12.34 -48.25
N VAL H 1173 -109.23 12.48 -49.34
CA VAL H 1173 -109.82 13.77 -49.81
C VAL H 1173 -110.89 14.23 -48.81
N PHE H 1174 -111.56 13.30 -48.14
CA PHE H 1174 -112.69 13.59 -47.22
C PHE H 1174 -112.22 13.59 -45.75
N LYS H 1175 -110.90 13.50 -45.50
CA LYS H 1175 -110.35 13.61 -44.12
C LYS H 1175 -110.81 14.93 -43.53
N PRO H 1176 -111.54 14.90 -42.39
CA PRO H 1176 -112.22 16.09 -41.88
C PRO H 1176 -111.26 17.15 -41.30
N SER H 1177 -111.62 18.42 -41.46
CA SER H 1177 -110.88 19.60 -40.92
C SER H 1177 -111.79 20.83 -41.05
N GLN H 1178 -111.53 21.84 -40.20
CA GLN H 1178 -112.30 23.11 -40.12
C GLN H 1178 -112.65 23.58 -41.54
N GLY H 1179 -113.92 23.93 -41.79
CA GLY H 1179 -114.39 24.55 -43.06
C GLY H 1179 -115.18 23.59 -43.93
N MET H 1180 -114.83 22.31 -43.91
CA MET H 1180 -115.42 21.27 -44.78
C MET H 1180 -116.89 21.06 -44.42
N VAL H 1181 -117.74 20.96 -45.44
CA VAL H 1181 -119.20 20.67 -45.35
C VAL H 1181 -119.56 19.62 -46.38
N VAL H 1182 -120.05 18.47 -45.93
CA VAL H 1182 -120.49 17.34 -46.81
C VAL H 1182 -122.01 17.28 -46.78
N GLU H 1183 -122.62 17.22 -47.95
CA GLU H 1183 -124.09 17.15 -48.13
C GLU H 1183 -124.42 15.86 -48.90
N ILE H 1184 -125.17 14.96 -48.26
CA ILE H 1184 -125.68 13.70 -48.87
C ILE H 1184 -127.13 13.91 -49.31
N SER H 1185 -127.39 13.82 -50.62
CA SER H 1185 -128.74 13.80 -51.22
C SER H 1185 -129.03 12.38 -51.72
N ASN H 1186 -130.22 11.86 -51.41
CA ASN H 1186 -130.70 10.51 -51.80
C ASN H 1186 -129.89 9.44 -51.07
N GLY H 1187 -129.71 9.63 -49.76
CA GLY H 1187 -129.02 8.69 -48.86
C GLY H 1187 -129.56 7.28 -48.95
N ASN H 1188 -130.88 7.13 -48.96
CA ASN H 1188 -131.57 5.83 -48.69
C ASN H 1188 -131.76 5.02 -49.98
N THR H 1189 -131.29 5.51 -51.14
CA THR H 1189 -131.36 4.77 -52.44
C THR H 1189 -130.01 4.95 -53.16
N SER H 1190 -129.14 3.93 -53.09
CA SER H 1190 -127.68 4.03 -53.39
C SER H 1190 -127.45 4.31 -54.87
N SER H 1191 -128.29 3.76 -55.74
CA SER H 1191 -128.24 3.94 -57.22
C SER H 1191 -128.19 5.44 -57.56
N LYS H 1192 -128.86 6.29 -56.76
CA LYS H 1192 -129.00 7.74 -57.00
C LYS H 1192 -128.19 8.60 -56.03
N THR H 1193 -127.70 8.05 -54.91
CA THR H 1193 -127.00 8.83 -53.84
C THR H 1193 -125.91 9.70 -54.47
N VAL H 1194 -125.77 10.93 -53.96
CA VAL H 1194 -124.70 11.90 -54.32
C VAL H 1194 -124.21 12.56 -53.03
N VAL H 1195 -122.93 12.42 -52.73
CA VAL H 1195 -122.28 13.14 -51.59
C VAL H 1195 -121.36 14.23 -52.17
N THR H 1196 -121.56 15.46 -51.69
CA THR H 1196 -120.98 16.73 -52.21
C THR H 1196 -120.21 17.42 -51.10
N LEU H 1197 -118.89 17.56 -51.27
CA LEU H 1197 -117.99 18.27 -50.34
C LEU H 1197 -117.88 19.73 -50.79
N SER H 1198 -118.17 20.67 -49.88
CA SER H 1198 -118.03 22.12 -50.11
C SER H 1198 -117.05 22.69 -49.08
N GLU H 1199 -116.12 23.53 -49.53
CA GLU H 1199 -115.09 24.18 -48.67
C GLU H 1199 -115.05 25.67 -48.98
N PRO H 1200 -114.51 26.50 -48.06
CA PRO H 1200 -114.24 27.91 -48.35
C PRO H 1200 -113.30 28.07 -49.55
N VAL H 1201 -113.70 28.87 -50.53
CA VAL H 1201 -112.87 29.21 -51.73
C VAL H 1201 -112.92 30.72 -51.94
N GLN H 1202 -111.90 31.43 -51.47
CA GLN H 1202 -111.81 32.91 -51.46
C GLN H 1202 -113.07 33.45 -50.79
N GLY H 1203 -113.29 33.08 -49.51
CA GLY H 1203 -114.36 33.66 -48.67
C GLY H 1203 -115.69 32.94 -48.83
N GLU H 1204 -116.19 32.78 -50.06
CA GLU H 1204 -117.50 32.11 -50.32
C GLU H 1204 -117.28 30.59 -50.46
N LEU H 1205 -118.14 29.81 -49.80
CA LEU H 1205 -118.11 28.33 -49.71
C LEU H 1205 -118.63 27.70 -51.00
N LYS H 1206 -117.87 26.80 -51.61
CA LYS H 1206 -118.17 26.25 -52.97
C LYS H 1206 -117.90 24.75 -53.00
N PRO H 1207 -118.50 24.01 -53.97
CA PRO H 1207 -118.26 22.58 -54.10
C PRO H 1207 -116.87 22.27 -54.65
N THR H 1208 -116.16 21.34 -54.02
CA THR H 1208 -114.78 20.92 -54.37
C THR H 1208 -114.76 19.46 -54.84
N VAL H 1209 -115.70 18.63 -54.37
CA VAL H 1209 -115.74 17.17 -54.66
C VAL H 1209 -117.19 16.71 -54.79
N ILE H 1210 -117.50 15.96 -55.84
CA ILE H 1210 -118.84 15.33 -56.08
C ILE H 1210 -118.62 13.83 -56.29
N LEU H 1211 -119.11 13.02 -55.35
CA LEU H 1211 -118.99 11.53 -55.32
C LEU H 1211 -120.34 10.93 -55.69
N LYS H 1212 -120.40 9.99 -56.64
CA LYS H 1212 -121.67 9.30 -57.02
C LYS H 1212 -121.39 8.14 -57.99
N LEU H 1213 -122.36 7.23 -58.17
CA LEU H 1213 -122.37 6.25 -59.30
C LEU H 1213 -122.50 7.00 -60.61
N LEU H 1214 -121.86 6.53 -61.68
CA LEU H 1214 -122.15 6.95 -63.08
C LEU H 1214 -123.07 5.91 -63.70
N LYS H 1215 -122.50 4.86 -64.31
CA LYS H 1215 -123.27 3.63 -64.66
C LYS H 1215 -123.22 2.77 -63.38
N GLU H 1216 -123.75 1.55 -63.43
CA GLU H 1216 -124.13 0.78 -62.20
C GLU H 1216 -122.86 0.40 -61.43
N ASN H 1217 -121.71 0.21 -62.10
CA ASN H 1217 -120.52 -0.31 -61.39
C ASN H 1217 -119.31 0.57 -61.64
N ILE H 1218 -119.53 1.89 -61.68
CA ILE H 1218 -118.46 2.92 -61.83
C ILE H 1218 -118.76 4.08 -60.87
N ILE H 1219 -117.93 4.26 -59.85
CA ILE H 1219 -117.94 5.41 -58.90
C ILE H 1219 -117.17 6.55 -59.56
N GLN H 1220 -117.66 7.78 -59.45
CA GLN H 1220 -116.95 8.97 -59.96
C GLN H 1220 -116.75 9.96 -58.83
N MET H 1221 -115.50 10.27 -58.52
CA MET H 1221 -115.09 11.39 -57.65
C MET H 1221 -114.64 12.54 -58.55
N GLU H 1222 -115.48 13.55 -58.68
CA GLU H 1222 -115.24 14.77 -59.48
C GLU H 1222 -114.45 15.73 -58.60
N MET H 1223 -113.17 15.95 -58.91
CA MET H 1223 -112.29 16.89 -58.18
C MET H 1223 -112.36 18.25 -58.90
N ILE H 1224 -112.72 19.30 -58.17
CA ILE H 1224 -113.10 20.62 -58.75
C ILE H 1224 -112.12 21.69 -58.25
N GLU H 1225 -111.50 22.41 -59.18
CA GLU H 1225 -110.74 23.64 -58.90
C GLU H 1225 -111.61 24.82 -59.32
N ASN H 1226 -112.02 25.65 -58.37
CA ASN H 1226 -112.86 26.87 -58.62
C ASN H 1226 -111.96 28.08 -58.95
N ARG H 1227 -110.63 27.96 -58.78
CA ARG H 1227 -109.64 29.00 -59.16
C ARG H 1227 -109.04 28.64 -60.52
N THR H 1228 -109.54 29.27 -61.58
CA THR H 1228 -109.29 28.86 -62.99
C THR H 1228 -108.97 30.09 -63.84
N MET H 1229 -108.74 29.90 -65.13
CA MET H 1229 -108.17 30.94 -66.02
C MET H 1229 -109.25 31.96 -66.41
N ASP H 1230 -110.53 31.57 -66.41
CA ASP H 1230 -111.65 32.40 -66.92
C ASP H 1230 -112.79 32.49 -65.88
N GLY H 1231 -112.60 32.04 -64.64
CA GLY H 1231 -113.63 32.04 -63.59
C GLY H 1231 -114.51 30.80 -63.62
N LYS H 1232 -114.65 30.16 -64.78
CA LYS H 1232 -115.50 28.94 -64.97
C LYS H 1232 -114.80 27.75 -64.33
N PRO H 1233 -115.39 27.10 -63.31
CA PRO H 1233 -114.77 25.96 -62.62
C PRO H 1233 -114.34 24.82 -63.56
N VAL H 1234 -113.35 24.04 -63.12
CA VAL H 1234 -112.67 22.98 -63.91
C VAL H 1234 -112.65 21.68 -63.09
N SER H 1235 -112.82 20.55 -63.80
CA SER H 1235 -113.20 19.24 -63.23
C SER H 1235 -112.19 18.16 -63.62
N LEU H 1236 -111.76 17.35 -62.65
CA LEU H 1236 -110.98 16.12 -62.87
C LEU H 1236 -111.87 14.94 -62.50
N PRO H 1237 -112.40 14.20 -63.48
CA PRO H 1237 -113.24 13.04 -63.19
C PRO H 1237 -112.41 11.77 -62.92
N LEU H 1238 -112.15 11.49 -61.64
CA LEU H 1238 -111.49 10.22 -61.20
C LEU H 1238 -112.57 9.14 -61.22
N LEU H 1239 -112.28 7.99 -61.81
CA LEU H 1239 -113.24 6.89 -62.01
C LEU H 1239 -112.72 5.63 -61.33
N TYR H 1240 -113.59 4.91 -60.63
CA TYR H 1240 -113.28 3.68 -59.87
C TYR H 1240 -114.35 2.62 -60.17
N ASN H 1241 -113.96 1.42 -60.58
CA ASN H 1241 -114.86 0.24 -60.70
C ASN H 1241 -115.25 -0.20 -59.29
N PHE H 1242 -116.53 -0.47 -59.07
CA PHE H 1242 -117.05 -1.07 -57.82
C PHE H 1242 -117.49 -2.50 -58.13
N ASN H 1243 -116.75 -3.49 -57.64
CA ASN H 1243 -117.03 -4.93 -57.88
C ASN H 1243 -117.33 -5.63 -56.56
N PRO H 1244 -118.62 -5.81 -56.18
CA PRO H 1244 -118.98 -6.40 -54.89
C PRO H 1244 -118.72 -7.91 -54.75
N ASP H 1245 -118.33 -8.56 -55.85
CA ASP H 1245 -117.82 -9.97 -55.85
C ASP H 1245 -116.48 -10.05 -55.10
N ASN H 1246 -115.76 -8.94 -54.91
CA ASN H 1246 -114.51 -8.91 -54.13
C ASN H 1246 -114.74 -8.07 -52.86
N GLY H 1247 -115.24 -8.70 -51.80
CA GLY H 1247 -115.61 -8.06 -50.53
C GLY H 1247 -114.43 -7.37 -49.87
N PHE H 1248 -113.23 -7.88 -50.06
CA PHE H 1248 -112.03 -7.40 -49.35
C PHE H 1248 -111.54 -6.08 -49.98
N ALA H 1249 -111.53 -6.03 -51.31
CA ALA H 1249 -111.05 -4.89 -52.11
C ALA H 1249 -112.04 -4.63 -53.24
N PRO H 1250 -113.25 -4.14 -52.92
CA PRO H 1250 -114.30 -3.92 -53.91
C PRO H 1250 -114.04 -2.74 -54.86
N ILE H 1251 -113.36 -1.70 -54.39
CA ILE H 1251 -113.09 -0.48 -55.21
C ILE H 1251 -111.70 -0.61 -55.83
N SER H 1252 -111.61 -0.34 -57.13
CA SER H 1252 -110.38 -0.38 -57.97
C SER H 1252 -110.41 0.75 -59.00
N GLU H 1253 -109.38 1.58 -59.08
CA GLU H 1253 -109.30 2.78 -59.96
C GLU H 1253 -109.26 2.36 -61.44
N VAL H 1254 -110.10 2.95 -62.27
CA VAL H 1254 -110.04 2.86 -63.75
C VAL H 1254 -108.78 3.61 -64.19
N MET H 1255 -107.77 2.85 -64.61
CA MET H 1255 -106.39 3.36 -64.89
C MET H 1255 -106.29 3.83 -66.33
N GLU H 1256 -107.13 3.32 -67.23
CA GLU H 1256 -107.11 3.56 -68.69
C GLU H 1256 -107.40 5.05 -68.95
N ASP H 1257 -106.50 5.75 -69.64
CA ASP H 1257 -106.66 7.18 -70.03
C ASP H 1257 -106.66 8.10 -68.80
N ARG H 1258 -106.21 7.62 -67.63
CA ARG H 1258 -106.19 8.40 -66.37
C ARG H 1258 -105.24 9.59 -66.49
N ASN H 1259 -104.02 9.34 -66.99
CA ASN H 1259 -102.99 10.39 -67.14
C ASN H 1259 -103.53 11.47 -68.08
N GLN H 1260 -104.27 11.04 -69.10
CA GLN H 1260 -104.89 11.89 -70.15
C GLN H 1260 -105.95 12.80 -69.49
N ARG H 1261 -106.82 12.25 -68.65
CA ARG H 1261 -107.91 13.00 -67.96
C ARG H 1261 -107.26 14.09 -67.10
N ILE H 1262 -106.24 13.71 -66.33
CA ILE H 1262 -105.46 14.64 -65.46
C ILE H 1262 -104.86 15.76 -66.33
N LYS H 1263 -104.16 15.42 -67.41
CA LYS H 1263 -103.54 16.40 -68.32
C LYS H 1263 -104.60 17.36 -68.86
N GLU H 1264 -105.81 16.87 -69.16
CA GLU H 1264 -106.89 17.70 -69.74
C GLU H 1264 -107.22 18.83 -68.77
N MET H 1265 -107.37 18.52 -67.48
CA MET H 1265 -107.69 19.52 -66.44
C MET H 1265 -106.54 20.52 -66.34
N TYR H 1266 -105.32 20.05 -66.16
CA TYR H 1266 -104.10 20.89 -66.05
C TYR H 1266 -103.98 21.77 -67.29
N TRP H 1267 -104.24 21.22 -68.48
CA TRP H 1267 -104.14 21.98 -69.76
C TRP H 1267 -105.10 23.17 -69.72
N LYS H 1268 -106.33 22.96 -69.24
CA LYS H 1268 -107.38 24.02 -69.16
C LYS H 1268 -106.93 25.14 -68.20
N LEU H 1269 -106.07 24.83 -67.22
CA LEU H 1269 -105.61 25.79 -66.19
C LEU H 1269 -104.39 26.59 -66.68
N TRP H 1270 -103.47 25.95 -67.39
CA TRP H 1270 -102.13 26.51 -67.74
C TRP H 1270 -102.08 27.06 -69.17
N ILE H 1271 -102.80 26.44 -70.11
CA ILE H 1271 -102.62 26.66 -71.58
C ILE H 1271 -103.91 27.25 -72.16
N ASP H 1272 -103.85 28.44 -72.77
CA ASP H 1272 -105.03 29.07 -73.42
C ASP H 1272 -105.05 28.68 -74.90
N GLU H 1273 -105.24 27.38 -75.18
CA GLU H 1273 -105.21 26.80 -76.55
C GLU H 1273 -106.02 25.51 -76.56
N PRO H 1274 -106.45 25.04 -77.75
CA PRO H 1274 -107.14 23.75 -77.85
C PRO H 1274 -106.30 22.58 -77.32
N PHE H 1275 -106.91 21.76 -76.46
CA PHE H 1275 -106.30 20.58 -75.80
C PHE H 1275 -105.92 19.54 -76.86
N ASN H 1276 -104.62 19.44 -77.17
CA ASN H 1276 -104.09 18.45 -78.15
C ASN H 1276 -102.73 17.94 -77.69
N LEU H 1277 -102.67 16.66 -77.30
CA LEU H 1277 -101.44 16.01 -76.77
C LEU H 1277 -100.65 15.33 -77.88
N ASP H 1278 -101.08 15.45 -79.14
CA ASP H 1278 -100.50 14.67 -80.26
C ASP H 1278 -99.52 15.57 -81.03
N PHE H 1279 -98.40 15.94 -80.39
CA PHE H 1279 -97.27 16.71 -81.00
C PHE H 1279 -95.95 16.08 -80.54
N ASP H 1280 -94.87 16.39 -81.24
CA ASP H 1280 -93.56 15.73 -81.05
C ASP H 1280 -92.81 16.44 -79.93
N PRO H 1281 -92.23 15.71 -78.95
CA PRO H 1281 -91.31 16.30 -77.98
C PRO H 1281 -90.13 16.98 -78.67
N ARG H 1282 -89.64 16.37 -79.73
CA ARG H 1282 -88.52 16.87 -80.57
C ARG H 1282 -88.82 18.29 -81.07
N ASP H 1283 -90.06 18.55 -81.48
CA ASP H 1283 -90.49 19.85 -82.05
C ASP H 1283 -90.22 20.98 -81.05
N VAL H 1284 -89.88 22.17 -81.55
CA VAL H 1284 -89.79 23.44 -80.76
C VAL H 1284 -91.22 23.84 -80.39
N ILE H 1285 -91.39 24.65 -79.36
CA ILE H 1285 -92.71 25.20 -78.93
C ILE H 1285 -92.62 26.72 -78.94
N LYS H 1286 -93.51 27.38 -79.67
CA LYS H 1286 -93.58 28.86 -79.76
C LYS H 1286 -94.64 29.34 -78.76
N GLY H 1287 -94.29 30.27 -77.89
CA GLY H 1287 -95.22 30.91 -76.94
C GLY H 1287 -95.68 32.23 -77.47
N LYS H 1288 -96.88 32.65 -77.08
CA LYS H 1288 -97.49 33.90 -77.56
C LYS H 1288 -96.53 35.06 -77.25
N ASP H 1289 -96.35 36.00 -78.19
CA ASP H 1289 -95.73 37.33 -77.93
C ASP H 1289 -96.36 37.87 -76.64
N PHE H 1290 -95.58 38.60 -75.85
CA PHE H 1290 -95.94 39.11 -74.49
C PHE H 1290 -95.43 40.54 -74.35
N GLU H 1291 -96.33 41.49 -74.15
CA GLU H 1291 -95.95 42.91 -73.91
C GLU H 1291 -95.85 43.11 -72.40
N ILE H 1292 -94.64 43.38 -71.92
CA ILE H 1292 -94.37 43.70 -70.48
C ILE H 1292 -94.98 45.06 -70.22
N THR H 1293 -95.73 45.24 -69.13
CA THR H 1293 -96.42 46.51 -68.78
C THR H 1293 -96.13 46.88 -67.32
N ALA H 1294 -96.20 48.17 -67.00
CA ALA H 1294 -96.05 48.71 -65.62
C ALA H 1294 -96.81 47.81 -64.64
N LYS H 1295 -98.11 47.63 -64.87
CA LYS H 1295 -99.05 46.95 -63.94
C LYS H 1295 -98.56 45.52 -63.65
N GLU H 1296 -98.20 44.74 -64.68
CA GLU H 1296 -97.82 43.31 -64.52
C GLU H 1296 -96.58 43.21 -63.63
N VAL H 1297 -95.59 44.08 -63.90
CA VAL H 1297 -94.30 44.19 -63.14
C VAL H 1297 -94.61 44.51 -61.68
N TYR H 1298 -95.48 45.50 -61.44
CA TYR H 1298 -95.86 45.94 -60.07
C TYR H 1298 -96.50 44.75 -59.33
N ASP H 1299 -97.46 44.06 -59.95
CA ASP H 1299 -98.24 42.95 -59.32
C ASP H 1299 -97.27 41.79 -59.00
N PHE H 1300 -96.35 41.52 -59.93
CA PHE H 1300 -95.35 40.43 -59.81
C PHE H 1300 -94.37 40.73 -58.69
N THR H 1301 -93.72 41.90 -58.71
CA THR H 1301 -92.70 42.29 -57.70
C THR H 1301 -93.34 42.28 -56.31
N HIS H 1302 -94.63 42.65 -56.19
CA HIS H 1302 -95.35 42.68 -54.89
C HIS H 1302 -95.64 41.24 -54.45
N ALA H 1303 -95.95 40.34 -55.38
CA ALA H 1303 -96.26 38.91 -55.10
C ALA H 1303 -95.02 38.17 -54.56
N VAL H 1304 -93.82 38.47 -55.07
CA VAL H 1304 -92.57 37.74 -54.72
C VAL H 1304 -91.77 38.54 -53.66
N GLY H 1305 -92.23 39.75 -53.35
CA GLY H 1305 -91.65 40.61 -52.31
C GLY H 1305 -90.32 41.16 -52.72
N ASN H 1306 -90.18 41.67 -53.95
CA ASN H 1306 -88.94 42.25 -54.52
C ASN H 1306 -89.07 43.78 -54.60
N ASN H 1307 -88.54 44.49 -53.61
CA ASN H 1307 -88.62 45.98 -53.51
C ASN H 1307 -87.40 46.63 -54.15
N CYS H 1308 -86.72 45.98 -55.08
CA CYS H 1308 -85.60 46.63 -55.81
C CYS H 1308 -86.17 47.85 -56.54
N GLU H 1309 -85.50 48.99 -56.42
CA GLU H 1309 -85.94 50.29 -57.00
C GLU H 1309 -85.98 50.21 -58.53
N ASP H 1310 -85.13 49.37 -59.14
CA ASP H 1310 -85.01 49.28 -60.62
C ASP H 1310 -86.38 48.95 -61.21
N PHE H 1311 -87.25 48.25 -60.45
CA PHE H 1311 -88.56 47.72 -60.92
C PHE H 1311 -89.75 48.60 -60.49
N VAL H 1312 -89.48 49.82 -60.04
CA VAL H 1312 -90.53 50.74 -59.52
C VAL H 1312 -90.55 52.02 -60.37
N SER H 1313 -91.77 52.46 -60.70
CA SER H 1313 -92.07 53.65 -61.54
C SER H 1313 -91.48 54.89 -60.88
N ARG H 1314 -90.50 55.53 -61.52
CA ARG H 1314 -89.81 56.74 -61.00
C ARG H 1314 -89.68 57.77 -62.11
N PRO H 1315 -89.95 59.07 -61.82
CA PRO H 1315 -89.79 60.14 -62.80
C PRO H 1315 -88.47 60.03 -63.60
N ASP H 1316 -88.57 59.96 -64.93
CA ASP H 1316 -87.43 60.07 -65.89
C ASP H 1316 -86.42 58.95 -65.66
N ARG H 1317 -86.88 57.70 -65.79
CA ARG H 1317 -86.07 56.46 -65.70
C ARG H 1317 -86.97 55.30 -66.13
N THR H 1318 -86.66 54.60 -67.22
CA THR H 1318 -87.57 53.54 -67.74
C THR H 1318 -87.51 52.38 -66.74
N MET H 1319 -88.69 51.88 -66.40
CA MET H 1319 -88.93 50.85 -65.36
C MET H 1319 -88.40 49.52 -65.91
N LEU H 1320 -87.48 48.87 -65.20
CA LEU H 1320 -86.98 47.52 -65.55
C LEU H 1320 -88.01 46.48 -65.11
N ALA H 1321 -87.81 45.23 -65.51
CA ALA H 1321 -88.57 44.05 -65.04
C ALA H 1321 -87.57 43.04 -64.49
N PRO H 1322 -87.86 42.40 -63.35
CA PRO H 1322 -86.92 41.46 -62.76
C PRO H 1322 -86.62 40.30 -63.72
N MET H 1323 -85.37 39.85 -63.73
CA MET H 1323 -84.95 38.60 -64.40
C MET H 1323 -86.09 37.56 -64.26
N ASP H 1324 -86.61 37.39 -63.04
CA ASP H 1324 -87.65 36.40 -62.64
C ASP H 1324 -88.86 36.42 -63.57
N PHE H 1325 -89.15 37.58 -64.16
CA PHE H 1325 -90.35 37.81 -64.99
C PHE H 1325 -90.35 36.88 -66.21
N ALA H 1326 -89.17 36.42 -66.61
CA ALA H 1326 -88.99 35.46 -67.72
C ALA H 1326 -89.93 34.25 -67.53
N ILE H 1327 -90.28 33.90 -66.29
CA ILE H 1327 -91.08 32.68 -66.01
C ILE H 1327 -92.55 32.98 -66.28
N VAL H 1328 -92.99 34.22 -66.07
CA VAL H 1328 -94.34 34.70 -66.47
C VAL H 1328 -94.43 34.57 -68.00
N VAL H 1329 -93.47 35.13 -68.72
CA VAL H 1329 -93.43 35.16 -70.21
C VAL H 1329 -93.35 33.72 -70.73
N GLY H 1330 -92.54 32.87 -70.10
CA GLY H 1330 -92.12 31.58 -70.66
C GLY H 1330 -92.97 30.40 -70.22
N TRP H 1331 -93.67 30.50 -69.09
CA TRP H 1331 -94.26 29.32 -68.40
C TRP H 1331 -95.10 28.50 -69.38
N ARG H 1332 -95.97 29.15 -70.16
CA ARG H 1332 -96.93 28.46 -71.07
C ARG H 1332 -96.15 27.59 -72.06
N ALA H 1333 -95.10 28.13 -72.66
CA ALA H 1333 -94.25 27.39 -73.63
C ALA H 1333 -93.48 26.28 -72.91
N ILE H 1334 -92.82 26.61 -71.80
CA ILE H 1334 -91.96 25.65 -71.03
C ILE H 1334 -92.83 24.48 -70.59
N ILE H 1335 -93.95 24.73 -69.92
CA ILE H 1335 -94.74 23.65 -69.26
C ILE H 1335 -95.41 22.79 -70.32
N LYS H 1336 -95.76 23.34 -71.48
CA LYS H 1336 -96.40 22.57 -72.58
C LYS H 1336 -95.49 21.38 -72.95
N ALA H 1337 -94.18 21.52 -72.78
CA ALA H 1337 -93.16 20.52 -73.16
C ALA H 1337 -93.41 19.17 -72.46
N ILE H 1338 -94.08 19.13 -71.31
CA ILE H 1338 -94.24 17.88 -70.53
C ILE H 1338 -95.59 17.21 -70.83
N PHE H 1339 -96.34 17.66 -71.85
CA PHE H 1339 -97.73 17.22 -72.12
C PHE H 1339 -97.84 16.17 -73.24
N PRO H 1340 -96.96 16.08 -74.25
CA PRO H 1340 -97.16 15.12 -75.34
C PRO H 1340 -97.41 13.68 -74.88
N ASN H 1341 -98.16 12.89 -75.65
CA ASN H 1341 -98.48 11.48 -75.34
C ASN H 1341 -97.20 10.66 -75.19
N THR H 1342 -96.17 10.97 -75.98
CA THR H 1342 -94.88 10.22 -75.94
C THR H 1342 -94.14 10.53 -74.62
N VAL H 1343 -94.56 11.53 -73.84
CA VAL H 1343 -94.03 11.78 -72.45
C VAL H 1343 -95.21 11.74 -71.46
N ASP H 1344 -95.64 10.52 -71.14
CA ASP H 1344 -96.93 10.19 -70.48
C ASP H 1344 -96.76 10.19 -68.95
N GLY H 1345 -97.01 11.33 -68.31
CA GLY H 1345 -96.84 11.45 -66.84
C GLY H 1345 -98.16 11.67 -66.10
N ASP H 1346 -98.21 11.19 -64.86
CA ASP H 1346 -99.22 11.56 -63.84
C ASP H 1346 -98.81 12.93 -63.30
N LEU H 1347 -99.46 13.98 -63.77
CA LEU H 1347 -99.08 15.39 -63.48
C LEU H 1347 -99.27 15.70 -62.00
N LEU H 1348 -100.06 14.89 -61.29
CA LEU H 1348 -100.32 15.05 -59.84
C LEU H 1348 -99.13 14.50 -59.04
N LYS H 1349 -98.24 13.75 -59.68
CA LYS H 1349 -96.96 13.26 -59.10
C LYS H 1349 -95.79 14.00 -59.76
N LEU H 1350 -96.03 15.17 -60.36
CA LEU H 1350 -94.95 16.00 -60.96
C LEU H 1350 -94.16 16.68 -59.86
N VAL H 1351 -92.85 16.83 -60.07
CA VAL H 1351 -91.94 17.57 -59.16
C VAL H 1351 -91.08 18.50 -60.00
N HIS H 1352 -91.07 19.77 -59.61
CA HIS H 1352 -90.13 20.79 -60.15
C HIS H 1352 -88.80 20.54 -59.45
N LEU H 1353 -87.74 20.23 -60.20
CA LEU H 1353 -86.42 19.90 -59.62
C LEU H 1353 -85.60 21.17 -59.50
N SER H 1354 -85.53 21.92 -60.59
CA SER H 1354 -84.65 23.10 -60.71
C SER H 1354 -85.24 24.06 -61.73
N ASN H 1355 -84.75 25.30 -61.71
CA ASN H 1355 -85.07 26.33 -62.73
C ASN H 1355 -83.96 27.39 -62.69
N GLY H 1356 -83.45 27.79 -63.84
CA GLY H 1356 -82.42 28.84 -63.94
C GLY H 1356 -82.73 29.81 -65.05
N TYR H 1357 -82.22 31.04 -64.92
CA TYR H 1357 -82.15 32.05 -66.01
C TYR H 1357 -80.67 32.36 -66.22
N LYS H 1358 -80.25 32.49 -67.49
CA LYS H 1358 -78.92 33.02 -67.86
C LYS H 1358 -79.09 34.04 -68.97
N MET H 1359 -78.68 35.29 -68.73
CA MET H 1359 -78.67 36.37 -69.75
C MET H 1359 -77.67 36.00 -70.83
N ILE H 1360 -78.00 36.21 -72.11
CA ILE H 1360 -77.00 36.01 -73.19
C ILE H 1360 -76.15 37.28 -73.20
N PRO H 1361 -74.80 37.15 -73.31
CA PRO H 1361 -73.89 38.29 -73.22
C PRO H 1361 -74.27 39.45 -74.15
N GLY H 1362 -74.17 40.67 -73.63
CA GLY H 1362 -74.41 41.91 -74.40
C GLY H 1362 -75.86 42.33 -74.37
N ALA H 1363 -76.79 41.40 -74.16
CA ALA H 1363 -78.25 41.68 -74.07
C ALA H 1363 -78.54 42.50 -72.80
N LYS H 1364 -79.31 43.60 -72.95
CA LYS H 1364 -79.78 44.41 -71.80
C LYS H 1364 -80.92 43.66 -71.11
N PRO H 1365 -81.18 43.86 -69.80
CA PRO H 1365 -82.22 43.12 -69.09
C PRO H 1365 -83.64 43.59 -69.50
N LEU H 1366 -84.64 42.81 -69.14
CA LEU H 1366 -86.05 43.07 -69.55
C LEU H 1366 -86.48 44.46 -69.04
N GLN H 1367 -87.12 45.25 -69.89
CA GLN H 1367 -87.69 46.59 -69.60
C GLN H 1367 -89.20 46.55 -69.72
N VAL H 1368 -89.89 47.63 -69.31
CA VAL H 1368 -91.38 47.71 -69.34
C VAL H 1368 -91.85 47.95 -70.77
N GLY H 1369 -91.09 48.66 -71.61
CA GLY H 1369 -91.43 48.83 -73.04
C GLY H 1369 -91.59 47.49 -73.78
N ASP H 1370 -90.69 46.53 -73.52
CA ASP H 1370 -90.34 45.39 -74.41
C ASP H 1370 -91.56 44.54 -74.77
N VAL H 1371 -91.54 44.02 -76.00
CA VAL H 1371 -92.41 42.91 -76.50
C VAL H 1371 -91.54 41.67 -76.67
N VAL H 1372 -91.80 40.64 -75.86
CA VAL H 1372 -90.96 39.42 -75.74
C VAL H 1372 -91.79 38.21 -76.16
N SER H 1373 -91.23 37.35 -77.01
CA SER H 1373 -91.79 36.02 -77.34
C SER H 1373 -90.84 34.97 -76.74
N THR H 1374 -91.32 33.73 -76.61
CA THR H 1374 -90.55 32.61 -76.03
C THR H 1374 -90.60 31.39 -76.95
N THR H 1375 -89.45 30.75 -77.11
CA THR H 1375 -89.28 29.42 -77.74
C THR H 1375 -88.88 28.48 -76.62
N ALA H 1376 -89.36 27.23 -76.63
CA ALA H 1376 -89.01 26.21 -75.62
C ALA H 1376 -88.85 24.85 -76.29
N VAL H 1377 -87.68 24.24 -76.11
CA VAL H 1377 -87.36 22.88 -76.62
C VAL H 1377 -87.14 22.03 -75.40
N ILE H 1378 -87.22 20.73 -75.60
CA ILE H 1378 -87.06 19.73 -74.51
C ILE H 1378 -85.77 19.00 -74.83
N GLU H 1379 -84.73 19.32 -74.06
CA GLU H 1379 -83.31 18.96 -74.31
C GLU H 1379 -83.14 17.46 -74.09
N SER H 1380 -83.67 16.97 -72.97
CA SER H 1380 -83.56 15.57 -72.52
C SER H 1380 -84.87 15.10 -71.86
N VAL H 1381 -85.21 13.84 -72.10
CA VAL H 1381 -86.28 13.05 -71.43
C VAL H 1381 -85.67 11.69 -71.17
N VAL H 1382 -85.30 11.38 -69.93
CA VAL H 1382 -84.69 10.05 -69.67
C VAL H 1382 -85.51 9.37 -68.57
N ASN H 1383 -85.65 8.05 -68.72
CA ASN H 1383 -86.32 7.20 -67.70
C ASN H 1383 -85.26 6.80 -66.68
N GLN H 1384 -85.09 7.60 -65.62
CA GLN H 1384 -84.40 7.17 -64.37
C GLN H 1384 -85.19 6.03 -63.76
N PRO H 1385 -84.62 5.25 -62.80
CA PRO H 1385 -85.36 4.14 -62.21
C PRO H 1385 -86.51 4.60 -61.31
N THR H 1386 -86.38 5.80 -60.76
CA THR H 1386 -87.22 6.36 -59.67
C THR H 1386 -88.36 7.23 -60.29
N GLY H 1387 -88.29 7.52 -61.60
CA GLY H 1387 -89.21 8.41 -62.33
C GLY H 1387 -88.62 8.92 -63.63
N LYS H 1388 -89.37 9.76 -64.36
CA LYS H 1388 -88.99 10.29 -65.70
C LYS H 1388 -88.62 11.77 -65.60
N ILE H 1389 -87.41 12.11 -66.01
CA ILE H 1389 -86.83 13.47 -65.87
C ILE H 1389 -86.99 14.16 -67.23
N VAL H 1390 -87.44 15.41 -67.23
CA VAL H 1390 -87.60 16.24 -68.46
C VAL H 1390 -86.86 17.57 -68.24
N ASP H 1391 -85.71 17.73 -68.90
CA ASP H 1391 -84.90 18.98 -68.94
C ASP H 1391 -85.46 19.81 -70.10
N VAL H 1392 -85.98 21.01 -69.81
CA VAL H 1392 -86.54 21.96 -70.81
C VAL H 1392 -85.62 23.17 -70.91
N VAL H 1393 -85.48 23.73 -72.11
CA VAL H 1393 -84.68 24.97 -72.36
C VAL H 1393 -85.52 25.97 -73.15
N GLY H 1394 -85.88 27.09 -72.49
CA GLY H 1394 -86.51 28.26 -73.13
C GLY H 1394 -85.48 29.24 -73.69
N THR H 1395 -85.89 30.08 -74.64
CA THR H 1395 -85.11 31.24 -75.15
C THR H 1395 -86.06 32.43 -75.32
N LEU H 1396 -85.95 33.44 -74.46
CA LEU H 1396 -86.72 34.70 -74.58
C LEU H 1396 -86.02 35.58 -75.60
N SER H 1397 -86.75 36.02 -76.62
CA SER H 1397 -86.27 36.96 -77.65
C SER H 1397 -87.06 38.27 -77.59
N ARG H 1398 -86.39 39.38 -77.85
CA ARG H 1398 -87.01 40.70 -78.17
C ARG H 1398 -86.28 41.26 -79.40
N ASN H 1399 -87.03 41.88 -80.32
CA ASN H 1399 -86.52 42.44 -81.60
C ASN H 1399 -85.71 41.35 -82.31
N GLY H 1400 -86.33 40.16 -82.47
CA GLY H 1400 -85.74 38.98 -83.14
C GLY H 1400 -84.29 38.73 -82.71
N LYS H 1401 -83.96 39.01 -81.44
CA LYS H 1401 -82.63 38.79 -80.84
C LYS H 1401 -82.82 37.99 -79.55
N PRO H 1402 -81.95 37.00 -79.25
CA PRO H 1402 -82.02 36.30 -77.98
C PRO H 1402 -81.66 37.29 -76.86
N VAL H 1403 -82.33 37.17 -75.71
CA VAL H 1403 -82.12 38.03 -74.51
C VAL H 1403 -81.61 37.16 -73.37
N MET H 1404 -82.39 36.16 -72.95
CA MET H 1404 -81.93 35.20 -71.92
C MET H 1404 -82.47 33.81 -72.24
N GLU H 1405 -81.79 32.79 -71.69
CA GLU H 1405 -82.22 31.37 -71.72
C GLU H 1405 -82.85 31.03 -70.36
N VAL H 1406 -84.07 30.50 -70.37
CA VAL H 1406 -84.65 29.81 -69.18
C VAL H 1406 -84.27 28.33 -69.30
N THR H 1407 -84.00 27.67 -68.18
CA THR H 1407 -83.93 26.19 -68.06
C THR H 1407 -84.81 25.78 -66.89
N SER H 1408 -85.64 24.76 -67.07
CA SER H 1408 -86.46 24.15 -66.00
C SER H 1408 -86.38 22.64 -66.15
N SER H 1409 -86.27 21.92 -65.04
CA SER H 1409 -86.20 20.44 -65.00
C SER H 1409 -87.39 19.93 -64.21
N PHE H 1410 -88.14 19.00 -64.81
CA PHE H 1410 -89.35 18.39 -64.21
C PHE H 1410 -89.12 16.89 -64.06
N PHE H 1411 -89.82 16.30 -63.10
CA PHE H 1411 -89.70 14.88 -62.74
C PHE H 1411 -91.11 14.31 -62.52
N TYR H 1412 -91.50 13.36 -63.36
CA TYR H 1412 -92.72 12.53 -63.17
C TYR H 1412 -92.35 11.32 -62.32
N ARG H 1413 -92.64 11.35 -61.01
CA ARG H 1413 -92.36 10.21 -60.10
C ARG H 1413 -93.12 8.99 -60.64
N GLY H 1414 -92.43 7.87 -60.82
CA GLY H 1414 -93.04 6.61 -61.24
C GLY H 1414 -92.03 5.67 -61.87
N ASN H 1415 -92.54 4.61 -62.50
CA ASN H 1415 -91.74 3.51 -63.06
C ASN H 1415 -92.01 3.51 -64.58
N TYR H 1416 -91.01 3.81 -65.41
CA TYR H 1416 -91.19 4.06 -66.87
C TYR H 1416 -90.25 3.17 -67.70
N THR H 1417 -90.82 2.48 -68.70
CA THR H 1417 -90.14 1.53 -69.60
C THR H 1417 -90.02 2.09 -71.01
N ASP H 1418 -90.65 3.22 -71.33
CA ASP H 1418 -90.81 3.68 -72.74
C ASP H 1418 -89.52 4.36 -73.22
N PHE H 1419 -88.44 3.60 -73.30
CA PHE H 1419 -87.08 4.08 -73.67
C PHE H 1419 -87.07 4.56 -75.12
N GLU H 1420 -88.05 4.13 -75.93
CA GLU H 1420 -88.18 4.55 -77.34
C GLU H 1420 -88.60 6.04 -77.40
N ASN H 1421 -89.14 6.59 -76.31
CA ASN H 1421 -89.53 8.02 -76.21
C ASN H 1421 -88.50 8.79 -75.37
N THR H 1422 -87.43 8.10 -74.98
CA THR H 1422 -86.32 8.65 -74.17
C THR H 1422 -85.24 9.13 -75.16
N PHE H 1423 -84.75 10.35 -74.94
CA PHE H 1423 -83.52 10.88 -75.60
C PHE H 1423 -82.87 11.92 -74.67
N GLN H 1424 -81.55 12.08 -74.79
CA GLN H 1424 -80.75 12.98 -73.92
C GLN H 1424 -79.70 13.67 -74.77
N LYS H 1425 -79.68 14.99 -74.75
CA LYS H 1425 -78.61 15.81 -75.33
C LYS H 1425 -77.84 16.45 -74.16
N THR H 1426 -76.52 16.39 -74.20
CA THR H 1426 -75.64 17.03 -73.19
C THR H 1426 -74.59 17.86 -73.94
N VAL H 1427 -74.20 19.00 -73.37
CA VAL H 1427 -73.18 19.91 -73.94
C VAL H 1427 -71.90 19.66 -73.15
N GLU H 1428 -70.92 19.00 -73.75
CA GLU H 1428 -69.73 18.50 -73.04
C GLU H 1428 -68.85 19.68 -72.65
N PRO H 1429 -68.02 19.55 -71.59
CA PRO H 1429 -67.03 20.58 -71.29
C PRO H 1429 -66.04 20.64 -72.45
N VAL H 1430 -65.42 21.80 -72.69
CA VAL H 1430 -64.41 21.94 -73.78
C VAL H 1430 -63.15 21.17 -73.36
N TYR H 1431 -62.67 20.24 -74.20
CA TYR H 1431 -61.45 19.44 -73.94
C TYR H 1431 -60.30 20.08 -74.73
N GLN H 1432 -59.11 20.12 -74.14
CA GLN H 1432 -57.88 20.72 -74.74
C GLN H 1432 -56.80 19.63 -74.82
N MET H 1433 -55.96 19.71 -75.87
CA MET H 1433 -54.85 18.76 -76.18
C MET H 1433 -53.67 19.54 -76.75
N HIS H 1434 -52.46 19.42 -76.18
CA HIS H 1434 -51.19 19.93 -76.77
C HIS H 1434 -50.59 18.79 -77.58
N ILE H 1435 -50.53 18.94 -78.89
CA ILE H 1435 -50.00 17.93 -79.84
C ILE H 1435 -48.48 18.11 -79.93
N LYS H 1436 -47.69 17.22 -79.30
CA LYS H 1436 -46.21 17.36 -79.18
C LYS H 1436 -45.48 16.49 -80.22
N THR H 1437 -45.84 15.21 -80.29
CA THR H 1437 -45.12 14.14 -81.04
C THR H 1437 -45.88 13.89 -82.35
N SER H 1438 -45.21 13.35 -83.37
CA SER H 1438 -45.84 12.90 -84.64
C SER H 1438 -46.66 11.63 -84.39
N LYS H 1439 -46.41 10.97 -83.24
CA LYS H 1439 -47.18 9.80 -82.77
C LYS H 1439 -48.56 10.26 -82.30
N ASP H 1440 -48.62 11.29 -81.45
CA ASP H 1440 -49.88 11.96 -81.00
C ASP H 1440 -50.79 12.17 -82.20
N ILE H 1441 -50.25 12.71 -83.31
CA ILE H 1441 -51.07 13.09 -84.50
C ILE H 1441 -51.53 11.80 -85.20
N ALA H 1442 -50.67 10.78 -85.29
CA ALA H 1442 -51.03 9.46 -85.88
C ALA H 1442 -52.26 8.90 -85.16
N VAL H 1443 -52.28 8.96 -83.83
CA VAL H 1443 -53.39 8.44 -82.99
C VAL H 1443 -54.68 9.16 -83.39
N LEU H 1444 -54.65 10.51 -83.46
CA LEU H 1444 -55.83 11.33 -83.83
C LEU H 1444 -56.33 10.91 -85.22
N ARG H 1445 -55.45 10.74 -86.22
CA ARG H 1445 -55.87 10.39 -87.60
C ARG H 1445 -56.48 8.99 -87.60
N SER H 1446 -56.09 8.14 -86.64
CA SER H 1446 -56.65 6.78 -86.42
C SER H 1446 -58.17 6.88 -86.30
N LYS H 1447 -58.67 7.91 -85.61
CA LYS H 1447 -60.10 8.10 -85.25
C LYS H 1447 -60.86 8.64 -86.47
N GLU H 1448 -61.91 7.93 -86.89
CA GLU H 1448 -62.77 8.33 -88.04
C GLU H 1448 -63.36 9.72 -87.78
N TRP H 1449 -63.68 10.00 -86.51
CA TRP H 1449 -64.45 11.18 -86.08
C TRP H 1449 -63.63 12.47 -86.15
N PHE H 1450 -62.30 12.36 -86.22
CA PHE H 1450 -61.38 13.51 -86.32
C PHE H 1450 -61.27 13.92 -87.78
N GLN H 1451 -61.98 14.97 -88.18
CA GLN H 1451 -62.12 15.35 -89.61
C GLN H 1451 -61.70 16.81 -89.79
N LEU H 1452 -60.48 17.04 -90.28
CA LEU H 1452 -59.90 18.38 -90.51
C LEU H 1452 -60.46 18.96 -91.80
N ASP H 1453 -60.70 20.28 -91.85
CA ASP H 1453 -61.08 21.01 -93.08
C ASP H 1453 -60.01 20.74 -94.15
N ASP H 1454 -58.74 20.85 -93.76
CA ASP H 1454 -57.57 20.70 -94.66
C ASP H 1454 -56.74 19.50 -94.15
N GLU H 1455 -56.74 18.41 -94.92
CA GLU H 1455 -56.06 17.12 -94.62
C GLU H 1455 -54.62 17.38 -94.19
N ASP H 1456 -53.93 18.28 -94.92
CA ASP H 1456 -52.48 18.56 -94.80
C ASP H 1456 -52.18 19.51 -93.65
N PHE H 1457 -53.15 19.85 -92.80
CA PHE H 1457 -52.94 20.80 -91.67
C PHE H 1457 -51.81 20.27 -90.78
N ASP H 1458 -50.84 21.11 -90.48
CA ASP H 1458 -49.67 20.79 -89.62
C ASP H 1458 -50.08 20.90 -88.15
N LEU H 1459 -50.33 19.76 -87.50
CA LEU H 1459 -50.85 19.70 -86.11
C LEU H 1459 -49.72 19.79 -85.09
N LEU H 1460 -48.46 19.72 -85.53
CA LEU H 1460 -47.32 19.56 -84.60
C LEU H 1460 -47.12 20.85 -83.81
N ASN H 1461 -47.04 20.72 -82.48
CA ASN H 1461 -46.79 21.81 -81.49
C ASN H 1461 -47.96 22.79 -81.47
N LYS H 1462 -49.16 22.34 -81.84
CA LYS H 1462 -50.40 23.13 -81.79
C LYS H 1462 -51.25 22.67 -80.61
N THR H 1463 -52.12 23.56 -80.14
CA THR H 1463 -53.09 23.29 -79.06
C THR H 1463 -54.49 23.26 -79.67
N LEU H 1464 -55.10 22.07 -79.72
CA LEU H 1464 -56.47 21.87 -80.22
C LEU H 1464 -57.44 21.96 -79.05
N THR H 1465 -58.61 22.52 -79.28
CA THR H 1465 -59.77 22.48 -78.36
C THR H 1465 -60.92 21.77 -79.10
N PHE H 1466 -61.74 21.03 -78.35
CA PHE H 1466 -62.85 20.19 -78.86
C PHE H 1466 -64.17 20.59 -78.18
N GLU H 1467 -64.96 21.42 -78.87
CA GLU H 1467 -66.25 21.95 -78.35
C GLU H 1467 -67.37 21.06 -78.86
N THR H 1468 -67.89 20.19 -77.98
CA THR H 1468 -68.58 18.94 -78.36
C THR H 1468 -69.95 18.88 -77.65
N GLU H 1469 -71.00 18.60 -78.41
CA GLU H 1469 -72.34 18.19 -77.92
C GLU H 1469 -72.52 16.71 -78.24
N THR H 1470 -73.17 15.95 -77.35
CA THR H 1470 -73.44 14.51 -77.58
C THR H 1470 -74.95 14.26 -77.36
N GLU H 1471 -75.63 13.87 -78.44
CA GLU H 1471 -77.05 13.44 -78.48
C GLU H 1471 -77.08 11.91 -78.46
N VAL H 1472 -77.98 11.35 -77.67
CA VAL H 1472 -78.06 9.89 -77.38
C VAL H 1472 -79.55 9.51 -77.38
N THR H 1473 -79.88 8.28 -77.80
CA THR H 1473 -81.22 7.66 -77.63
C THR H 1473 -81.02 6.35 -76.88
N PHE H 1474 -82.04 5.80 -76.23
CA PHE H 1474 -81.89 4.67 -75.29
C PHE H 1474 -82.60 3.41 -75.83
N LYS H 1475 -81.95 2.26 -75.69
CA LYS H 1475 -82.55 0.93 -75.88
C LYS H 1475 -83.18 0.50 -74.56
N ASN H 1476 -82.42 0.60 -73.47
CA ASN H 1476 -82.90 0.36 -72.07
C ASN H 1476 -82.08 1.24 -71.12
N ALA H 1477 -82.16 1.00 -69.82
CA ALA H 1477 -81.47 1.80 -68.77
C ALA H 1477 -79.97 1.92 -69.08
N ASN H 1478 -79.32 0.84 -69.57
CA ASN H 1478 -77.84 0.71 -69.73
C ASN H 1478 -77.43 1.04 -71.17
N ILE H 1479 -77.95 0.28 -72.15
CA ILE H 1479 -77.52 0.35 -73.58
C ILE H 1479 -78.19 1.54 -74.28
N PHE H 1480 -77.40 2.41 -74.92
CA PHE H 1480 -77.87 3.48 -75.84
C PHE H 1480 -78.23 2.83 -77.19
N SER H 1481 -79.38 3.20 -77.76
CA SER H 1481 -79.86 2.73 -79.09
C SER H 1481 -79.05 3.44 -80.19
N SER H 1482 -78.64 4.68 -79.96
CA SER H 1482 -77.76 5.47 -80.88
C SER H 1482 -76.96 6.50 -80.07
N VAL H 1483 -75.81 6.90 -80.58
CA VAL H 1483 -74.89 7.90 -79.97
C VAL H 1483 -74.34 8.81 -81.06
N LYS H 1484 -74.55 10.11 -80.90
CA LYS H 1484 -73.98 11.15 -81.80
C LYS H 1484 -73.13 12.09 -80.95
N CYS H 1485 -71.95 12.45 -81.44
CA CYS H 1485 -71.00 13.38 -80.77
C CYS H 1485 -70.32 14.22 -81.84
N PHE H 1486 -70.63 15.51 -81.90
CA PHE H 1486 -70.21 16.43 -82.98
C PHE H 1486 -69.93 17.81 -82.38
N GLY H 1487 -69.28 18.66 -83.17
CA GLY H 1487 -68.85 20.01 -82.74
C GLY H 1487 -67.50 20.35 -83.36
N PRO H 1488 -67.10 21.64 -83.34
CA PRO H 1488 -65.87 22.07 -83.98
C PRO H 1488 -64.58 21.70 -83.22
N ILE H 1489 -63.53 21.43 -83.99
CA ILE H 1489 -62.11 21.31 -83.53
C ILE H 1489 -61.41 22.63 -83.87
N LYS H 1490 -60.81 23.27 -82.88
CA LYS H 1490 -60.16 24.58 -83.05
C LYS H 1490 -58.69 24.50 -82.66
N VAL H 1491 -57.85 25.29 -83.34
CA VAL H 1491 -56.41 25.47 -83.04
C VAL H 1491 -56.25 26.81 -82.33
N GLU H 1492 -55.40 26.86 -81.31
CA GLU H 1492 -55.02 28.12 -80.61
C GLU H 1492 -54.01 28.87 -81.50
N LEU H 1493 -54.21 30.15 -81.73
CA LEU H 1493 -53.24 31.02 -82.46
C LEU H 1493 -52.29 31.66 -81.45
N PRO H 1494 -51.20 32.28 -81.92
CA PRO H 1494 -50.32 33.07 -81.06
C PRO H 1494 -51.04 34.11 -80.17
N THR H 1495 -52.17 34.65 -80.66
CA THR H 1495 -52.96 35.69 -79.95
C THR H 1495 -53.81 35.08 -78.83
N LYS H 1496 -53.88 33.75 -78.74
CA LYS H 1496 -54.69 32.95 -77.79
C LYS H 1496 -56.11 32.73 -78.35
N GLU H 1497 -56.46 33.39 -79.44
CA GLU H 1497 -57.74 33.15 -80.18
C GLU H 1497 -57.77 31.71 -80.69
N THR H 1498 -58.82 30.94 -80.39
CA THR H 1498 -59.10 29.60 -80.96
C THR H 1498 -59.87 29.78 -82.27
N VAL H 1499 -59.55 29.01 -83.32
CA VAL H 1499 -60.11 29.13 -84.70
C VAL H 1499 -60.45 27.74 -85.22
N GLU H 1500 -61.64 27.56 -85.80
CA GLU H 1500 -62.09 26.26 -86.38
C GLU H 1500 -61.07 25.79 -87.43
N ILE H 1501 -60.62 24.55 -87.33
CA ILE H 1501 -59.77 23.86 -88.35
C ILE H 1501 -60.39 22.52 -88.77
N GLY H 1502 -61.51 22.13 -88.18
CA GLY H 1502 -62.21 20.88 -88.50
C GLY H 1502 -63.42 20.65 -87.61
N ILE H 1503 -63.83 19.40 -87.52
CA ILE H 1503 -65.12 18.99 -86.91
C ILE H 1503 -64.91 17.61 -86.29
N VAL H 1504 -65.45 17.39 -85.09
CA VAL H 1504 -65.71 16.04 -84.53
C VAL H 1504 -67.03 15.59 -85.16
N ASP H 1505 -67.08 14.37 -85.71
CA ASP H 1505 -68.32 13.77 -86.26
C ASP H 1505 -68.33 12.27 -85.99
N TYR H 1506 -68.86 11.87 -84.82
CA TYR H 1506 -69.08 10.46 -84.41
C TYR H 1506 -70.58 10.17 -84.44
N GLU H 1507 -70.91 9.03 -85.04
CA GLU H 1507 -72.28 8.48 -85.16
C GLU H 1507 -72.16 6.97 -84.91
N ALA H 1508 -73.14 6.37 -84.24
CA ALA H 1508 -73.11 4.96 -83.82
C ALA H 1508 -74.51 4.47 -83.45
N GLY H 1509 -74.77 3.18 -83.65
CA GLY H 1509 -75.96 2.49 -83.14
C GLY H 1509 -75.73 2.02 -81.71
N ALA H 1510 -76.29 0.86 -81.36
CA ALA H 1510 -76.17 0.28 -80.01
C ALA H 1510 -74.73 0.45 -79.51
N SER H 1511 -74.52 1.34 -78.54
CA SER H 1511 -73.25 1.51 -77.81
C SER H 1511 -73.55 1.36 -76.33
N HIS H 1512 -72.53 1.13 -75.49
CA HIS H 1512 -72.60 1.24 -74.01
C HIS H 1512 -71.98 2.57 -73.57
N GLY H 1513 -71.42 3.35 -74.50
CA GLY H 1513 -70.67 4.58 -74.16
C GLY H 1513 -70.28 5.41 -75.36
N ASN H 1514 -69.75 6.61 -75.06
CA ASN H 1514 -69.30 7.63 -76.03
C ASN H 1514 -67.77 7.62 -76.09
N PRO H 1515 -67.17 7.01 -77.12
CA PRO H 1515 -65.72 6.79 -77.15
C PRO H 1515 -64.88 8.04 -77.49
N VAL H 1516 -65.55 9.12 -77.88
CA VAL H 1516 -64.93 10.45 -78.20
C VAL H 1516 -64.61 11.14 -76.87
N VAL H 1517 -65.61 11.25 -75.99
CA VAL H 1517 -65.42 11.89 -74.66
C VAL H 1517 -64.42 11.03 -73.86
N ASP H 1518 -64.54 9.70 -73.89
CA ASP H 1518 -63.59 8.79 -73.19
C ASP H 1518 -62.16 9.12 -73.64
N PHE H 1519 -61.94 9.25 -74.95
CA PHE H 1519 -60.61 9.55 -75.54
C PHE H 1519 -60.13 10.94 -75.07
N LEU H 1520 -60.97 11.96 -75.18
CA LEU H 1520 -60.60 13.35 -74.86
C LEU H 1520 -60.33 13.47 -73.35
N LYS H 1521 -61.07 12.74 -72.52
CA LYS H 1521 -60.91 12.75 -71.04
C LYS H 1521 -59.51 12.27 -70.69
N ARG H 1522 -59.10 11.14 -71.25
CA ARG H 1522 -57.82 10.46 -70.93
C ARG H 1522 -56.65 11.22 -71.57
N ASN H 1523 -56.79 11.73 -72.78
CA ASN H 1523 -55.65 12.29 -73.56
C ASN H 1523 -55.64 13.82 -73.53
N GLY H 1524 -56.63 14.44 -72.89
CA GLY H 1524 -56.74 15.91 -72.86
C GLY H 1524 -57.08 16.39 -71.46
N SER H 1525 -56.94 17.68 -71.20
CA SER H 1525 -57.42 18.32 -69.95
C SER H 1525 -58.73 19.00 -70.28
N THR H 1526 -59.65 19.08 -69.32
CA THR H 1526 -60.98 19.73 -69.52
C THR H 1526 -60.84 21.18 -69.06
N LEU H 1527 -61.20 22.16 -69.88
CA LEU H 1527 -61.19 23.59 -69.49
C LEU H 1527 -62.38 23.87 -68.58
N GLU H 1528 -62.17 24.51 -67.44
CA GLU H 1528 -63.27 24.86 -66.49
C GLU H 1528 -63.42 26.37 -66.52
N GLN H 1529 -64.66 26.85 -66.62
CA GLN H 1529 -65.02 28.28 -66.72
C GLN H 1529 -65.04 28.90 -65.32
N LYS H 1530 -65.58 28.16 -64.35
CA LYS H 1530 -65.71 28.56 -62.93
C LYS H 1530 -64.38 28.30 -62.24
N VAL H 1531 -63.88 29.29 -61.52
CA VAL H 1531 -62.62 29.20 -60.74
C VAL H 1531 -62.94 29.57 -59.30
N ASN H 1532 -62.77 28.64 -58.37
CA ASN H 1532 -63.01 28.90 -56.92
C ASN H 1532 -62.01 29.94 -56.41
N LEU H 1533 -62.42 30.76 -55.45
CA LEU H 1533 -61.53 31.63 -54.64
C LEU H 1533 -60.70 30.71 -53.74
N GLU H 1534 -59.68 31.23 -53.05
CA GLU H 1534 -58.91 30.44 -52.06
C GLU H 1534 -59.85 30.02 -50.93
N ASN H 1535 -60.76 30.90 -50.53
CA ASN H 1535 -61.74 30.63 -49.47
C ASN H 1535 -63.03 31.34 -49.83
N PRO H 1536 -64.19 30.75 -49.48
CA PRO H 1536 -65.46 31.42 -49.70
C PRO H 1536 -65.49 32.68 -48.83
N ILE H 1537 -65.98 33.78 -49.37
CA ILE H 1537 -66.20 35.06 -48.64
C ILE H 1537 -67.67 35.14 -48.24
N PRO H 1538 -68.02 35.14 -46.94
CA PRO H 1538 -69.41 35.31 -46.54
C PRO H 1538 -69.94 36.67 -47.04
N ILE H 1539 -71.20 36.70 -47.42
CA ILE H 1539 -71.91 37.94 -47.88
C ILE H 1539 -72.98 38.29 -46.85
N ALA H 1540 -73.88 37.36 -46.51
CA ALA H 1540 -74.97 37.59 -45.53
C ALA H 1540 -75.78 36.30 -45.28
N VAL H 1541 -76.40 36.20 -44.11
CA VAL H 1541 -77.45 35.21 -43.76
C VAL H 1541 -78.73 36.01 -43.48
N LEU H 1542 -79.82 35.73 -44.20
CA LEU H 1542 -81.02 36.59 -44.24
C LEU H 1542 -82.29 35.77 -43.95
N ASP H 1543 -83.21 36.34 -43.16
CA ASP H 1543 -84.55 35.77 -42.90
C ASP H 1543 -85.53 36.27 -43.96
N SER H 1544 -86.48 35.42 -44.35
CA SER H 1544 -87.59 35.67 -45.30
C SER H 1544 -88.72 34.71 -44.93
N TYR H 1545 -89.94 34.98 -45.39
CA TYR H 1545 -91.15 34.17 -45.07
C TYR H 1545 -91.80 33.75 -46.39
N THR H 1546 -92.42 32.58 -46.42
CA THR H 1546 -93.38 32.23 -47.50
C THR H 1546 -94.71 32.87 -47.12
N PRO H 1547 -95.51 33.34 -48.11
CA PRO H 1547 -96.75 34.02 -47.79
C PRO H 1547 -97.76 33.03 -47.22
N SER H 1548 -98.80 33.55 -46.56
CA SER H 1548 -99.94 32.81 -45.93
C SER H 1548 -100.87 32.24 -47.02
N THR H 1549 -100.87 32.84 -48.21
CA THR H 1549 -101.72 32.43 -49.35
C THR H 1549 -100.86 32.32 -50.62
N ASN H 1550 -101.08 31.30 -51.45
CA ASN H 1550 -100.29 31.08 -52.70
C ASN H 1550 -101.04 31.70 -53.89
N GLU H 1551 -102.27 32.19 -53.69
CA GLU H 1551 -103.12 32.80 -54.74
C GLU H 1551 -102.40 33.98 -55.40
N PRO H 1552 -101.85 34.96 -54.65
CA PRO H 1552 -101.19 36.11 -55.28
C PRO H 1552 -100.15 35.71 -56.33
N TYR H 1553 -99.28 34.73 -56.04
CA TYR H 1553 -98.25 34.24 -57.00
C TYR H 1553 -98.95 33.59 -58.21
N ALA H 1554 -99.90 32.71 -57.94
CA ALA H 1554 -100.69 32.00 -58.97
C ALA H 1554 -101.27 33.01 -59.97
N ARG H 1555 -101.86 34.12 -59.50
CA ARG H 1555 -102.50 35.15 -60.38
C ARG H 1555 -101.43 35.68 -61.36
N VAL H 1556 -100.27 36.11 -60.86
CA VAL H 1556 -99.25 36.84 -61.69
C VAL H 1556 -98.44 35.84 -62.53
N SER H 1557 -98.35 34.57 -62.13
CA SER H 1557 -97.48 33.55 -62.76
C SER H 1557 -98.23 32.73 -63.81
N GLY H 1558 -99.55 32.58 -63.65
CA GLY H 1558 -100.37 31.69 -64.48
C GLY H 1558 -100.31 30.24 -64.00
N ASP H 1559 -99.68 29.97 -62.84
CA ASP H 1559 -99.52 28.61 -62.26
C ASP H 1559 -100.70 28.31 -61.33
N LEU H 1560 -101.84 27.98 -61.92
CA LEU H 1560 -103.09 27.64 -61.19
C LEU H 1560 -103.06 26.17 -60.79
N ASN H 1561 -101.88 25.54 -60.77
CA ASN H 1561 -101.70 24.17 -60.22
C ASN H 1561 -102.50 24.11 -58.92
N PRO H 1562 -103.56 23.29 -58.87
CA PRO H 1562 -104.44 23.19 -57.70
C PRO H 1562 -103.73 22.84 -56.38
N ILE H 1563 -102.58 22.17 -56.43
CA ILE H 1563 -101.90 21.67 -55.19
C ILE H 1563 -101.47 22.86 -54.32
N HIS H 1564 -101.27 24.04 -54.91
CA HIS H 1564 -100.82 25.25 -54.19
C HIS H 1564 -101.99 25.97 -53.52
N VAL H 1565 -103.24 25.73 -53.93
CA VAL H 1565 -104.40 26.55 -53.51
C VAL H 1565 -105.51 25.72 -52.87
N SER H 1566 -105.59 24.40 -53.13
CA SER H 1566 -106.79 23.57 -52.81
C SER H 1566 -106.40 22.36 -51.95
N ARG H 1567 -106.90 22.31 -50.71
CA ARG H 1567 -106.62 21.23 -49.72
C ARG H 1567 -106.80 19.88 -50.40
N HIS H 1568 -107.92 19.68 -51.10
CA HIS H 1568 -108.39 18.36 -51.59
C HIS H 1568 -107.41 17.84 -52.64
N PHE H 1569 -106.83 18.71 -53.47
CA PHE H 1569 -105.85 18.31 -54.51
C PHE H 1569 -104.52 17.99 -53.83
N ALA H 1570 -104.03 18.90 -52.98
CA ALA H 1570 -102.79 18.71 -52.19
C ALA H 1570 -102.85 17.36 -51.47
N SER H 1571 -103.97 17.11 -50.80
CA SER H 1571 -104.20 15.89 -50.00
C SER H 1571 -104.15 14.66 -50.91
N TYR H 1572 -104.77 14.71 -52.10
CA TYR H 1572 -104.80 13.61 -53.11
C TYR H 1572 -103.38 13.28 -53.57
N ALA H 1573 -102.54 14.32 -53.71
CA ALA H 1573 -101.14 14.25 -54.22
C ALA H 1573 -100.16 13.89 -53.10
N ASN H 1574 -100.68 13.55 -51.92
CA ASN H 1574 -99.89 13.13 -50.73
C ASN H 1574 -98.91 14.21 -50.30
N LEU H 1575 -99.24 15.48 -50.48
CA LEU H 1575 -98.37 16.60 -50.04
C LEU H 1575 -98.65 16.89 -48.56
N PRO H 1576 -97.75 17.62 -47.85
CA PRO H 1576 -97.93 17.92 -46.44
C PRO H 1576 -98.94 19.05 -46.18
N GLY H 1577 -99.48 19.63 -47.25
CA GLY H 1577 -100.34 20.82 -47.21
C GLY H 1577 -100.33 21.51 -48.56
N THR H 1578 -100.95 22.67 -48.65
CA THR H 1578 -101.02 23.47 -49.90
C THR H 1578 -99.67 24.19 -50.05
N ILE H 1579 -98.65 23.46 -50.51
CA ILE H 1579 -97.21 23.90 -50.51
C ILE H 1579 -97.06 25.21 -51.26
N THR H 1580 -96.17 26.08 -50.77
CA THR H 1580 -95.74 27.31 -51.46
C THR H 1580 -95.26 26.91 -52.87
N HIS H 1581 -95.50 27.76 -53.87
CA HIS H 1581 -94.96 27.58 -55.24
C HIS H 1581 -93.44 27.54 -55.16
N GLY H 1582 -92.80 26.51 -55.75
CA GLY H 1582 -91.33 26.48 -55.89
C GLY H 1582 -90.84 27.82 -56.44
N MET H 1583 -91.51 28.28 -57.50
CA MET H 1583 -91.09 29.44 -58.32
C MET H 1583 -91.26 30.76 -57.56
N PHE H 1584 -91.96 30.73 -56.41
CA PHE H 1584 -92.00 31.86 -55.45
C PHE H 1584 -90.66 31.89 -54.73
N SER H 1585 -90.34 30.82 -54.00
CA SER H 1585 -89.05 30.64 -53.30
C SER H 1585 -87.91 31.10 -54.23
N SER H 1586 -87.95 30.68 -55.51
CA SER H 1586 -86.95 31.06 -56.55
C SER H 1586 -86.77 32.58 -56.54
N ALA H 1587 -87.84 33.31 -56.84
CA ALA H 1587 -87.88 34.78 -57.03
C ALA H 1587 -87.58 35.53 -55.72
N SER H 1588 -87.97 34.93 -54.60
CA SER H 1588 -87.90 35.51 -53.24
C SER H 1588 -86.46 35.49 -52.76
N VAL H 1589 -85.84 34.32 -52.83
CA VAL H 1589 -84.40 34.16 -52.48
C VAL H 1589 -83.59 35.00 -53.48
N ARG H 1590 -83.93 34.95 -54.77
CA ARG H 1590 -83.20 35.72 -55.82
C ARG H 1590 -83.24 37.20 -55.46
N ALA H 1591 -84.37 37.70 -54.97
CA ALA H 1591 -84.56 39.11 -54.56
C ALA H 1591 -83.51 39.47 -53.50
N LEU H 1592 -83.26 38.58 -52.54
CA LEU H 1592 -82.24 38.75 -51.46
C LEU H 1592 -80.85 38.88 -52.09
N ILE H 1593 -80.48 37.92 -52.92
CA ILE H 1593 -79.16 37.87 -53.64
C ILE H 1593 -78.97 39.19 -54.38
N GLU H 1594 -80.01 39.62 -55.09
CA GLU H 1594 -80.04 40.89 -55.86
C GLU H 1594 -79.71 42.06 -54.95
N ASN H 1595 -80.28 42.06 -53.73
CA ASN H 1595 -80.17 43.19 -52.77
C ASN H 1595 -78.77 43.19 -52.14
N TRP H 1596 -78.32 42.04 -51.62
CA TRP H 1596 -77.13 41.92 -50.75
C TRP H 1596 -75.87 41.60 -51.56
N ALA H 1597 -75.95 40.71 -52.54
CA ALA H 1597 -74.78 40.33 -53.37
C ALA H 1597 -74.58 41.33 -54.50
N ALA H 1598 -75.63 41.97 -55.00
CA ALA H 1598 -75.54 42.93 -56.14
C ALA H 1598 -75.77 44.37 -55.68
N ASP H 1599 -75.96 44.62 -54.38
CA ASP H 1599 -76.15 45.98 -53.79
C ASP H 1599 -77.37 46.64 -54.42
N SER H 1600 -78.36 45.85 -54.84
CA SER H 1600 -79.66 46.32 -55.40
C SER H 1600 -79.47 46.97 -56.77
N VAL H 1601 -78.39 46.64 -57.49
CA VAL H 1601 -78.24 46.95 -58.94
C VAL H 1601 -78.68 45.72 -59.75
N SER H 1602 -79.95 45.62 -60.09
CA SER H 1602 -80.54 44.42 -60.74
C SER H 1602 -79.72 44.01 -61.97
N SER H 1603 -79.20 44.97 -62.73
CA SER H 1603 -78.48 44.76 -64.02
C SER H 1603 -77.25 43.89 -63.82
N ARG H 1604 -76.68 43.89 -62.62
CA ARG H 1604 -75.44 43.14 -62.30
C ARG H 1604 -75.69 41.64 -62.32
N VAL H 1605 -76.82 41.15 -61.79
CA VAL H 1605 -77.06 39.68 -61.73
C VAL H 1605 -77.44 39.24 -63.14
N ARG H 1606 -76.60 38.39 -63.76
CA ARG H 1606 -76.76 37.95 -65.18
C ARG H 1606 -77.02 36.45 -65.23
N GLY H 1607 -77.00 35.75 -64.10
CA GLY H 1607 -77.35 34.33 -64.04
C GLY H 1607 -77.81 33.93 -62.67
N TYR H 1608 -78.79 33.03 -62.60
CA TYR H 1608 -79.35 32.51 -61.33
C TYR H 1608 -79.89 31.10 -61.56
N THR H 1609 -79.46 30.14 -60.76
CA THR H 1609 -79.94 28.74 -60.79
C THR H 1609 -80.44 28.38 -59.39
N CYS H 1610 -81.23 27.32 -59.30
CA CYS H 1610 -82.23 27.11 -58.24
C CYS H 1610 -82.54 25.62 -58.16
N GLN H 1611 -82.18 24.96 -57.06
CA GLN H 1611 -82.49 23.53 -56.83
C GLN H 1611 -83.57 23.45 -55.76
N PHE H 1612 -84.76 22.92 -56.09
CA PHE H 1612 -85.86 22.74 -55.14
C PHE H 1612 -85.63 21.47 -54.32
N VAL H 1613 -84.85 21.58 -53.26
CA VAL H 1613 -84.34 20.43 -52.48
C VAL H 1613 -85.50 19.76 -51.73
N ASP H 1614 -86.47 20.53 -51.26
CA ASP H 1614 -87.63 20.00 -50.49
C ASP H 1614 -88.77 21.04 -50.57
N MET H 1615 -89.96 20.69 -50.10
CA MET H 1615 -91.16 21.57 -50.18
C MET H 1615 -91.20 22.49 -48.97
N VAL H 1616 -91.91 23.61 -49.10
CA VAL H 1616 -92.16 24.55 -47.97
C VAL H 1616 -93.65 24.92 -47.95
N LEU H 1617 -94.25 24.89 -46.75
CA LEU H 1617 -95.67 25.28 -46.55
C LEU H 1617 -95.76 26.80 -46.43
N PRO H 1618 -96.97 27.38 -46.60
CA PRO H 1618 -97.17 28.79 -46.33
C PRO H 1618 -96.82 29.12 -44.87
N ASN H 1619 -96.34 30.34 -44.63
CA ASN H 1619 -95.95 30.86 -43.30
C ASN H 1619 -94.77 30.06 -42.72
N THR H 1620 -93.81 29.66 -43.55
CA THR H 1620 -92.50 29.09 -43.09
C THR H 1620 -91.49 30.25 -43.03
N ALA H 1621 -90.58 30.22 -42.06
CA ALA H 1621 -89.48 31.19 -41.91
C ALA H 1621 -88.18 30.58 -42.47
N LEU H 1622 -87.54 31.29 -43.40
CA LEU H 1622 -86.40 30.78 -44.20
C LEU H 1622 -85.14 31.59 -43.85
N LYS H 1623 -84.16 30.92 -43.25
CA LYS H 1623 -82.75 31.39 -43.16
C LYS H 1623 -82.06 31.01 -44.47
N THR H 1624 -81.52 31.98 -45.21
CA THR H 1624 -80.77 31.77 -46.47
C THR H 1624 -79.40 32.47 -46.35
N SER H 1625 -78.32 31.69 -46.31
CA SER H 1625 -76.91 32.17 -46.27
C SER H 1625 -76.36 32.26 -47.71
N ILE H 1626 -75.55 33.28 -47.97
CA ILE H 1626 -75.02 33.64 -49.31
C ILE H 1626 -73.51 33.88 -49.18
N GLN H 1627 -72.70 33.28 -50.07
CA GLN H 1627 -71.23 33.46 -50.08
C GLN H 1627 -70.75 33.76 -51.50
N HIS H 1628 -69.66 34.52 -51.61
CA HIS H 1628 -68.83 34.69 -52.84
C HIS H 1628 -67.85 33.50 -52.88
N VAL H 1629 -68.02 32.59 -53.81
CA VAL H 1629 -67.38 31.25 -53.78
C VAL H 1629 -66.31 31.15 -54.88
N GLY H 1630 -66.47 31.86 -56.00
CA GLY H 1630 -65.59 31.75 -57.17
C GLY H 1630 -65.79 32.89 -58.15
N MET H 1631 -65.19 32.77 -59.34
CA MET H 1631 -65.34 33.74 -60.46
C MET H 1631 -65.64 32.96 -61.74
N ILE H 1632 -66.20 33.63 -62.74
CA ILE H 1632 -66.41 33.10 -64.11
C ILE H 1632 -66.54 34.26 -65.09
N ASN H 1633 -65.57 34.43 -65.98
CA ASN H 1633 -65.54 35.48 -67.03
C ASN H 1633 -65.85 36.83 -66.38
N GLY H 1634 -65.23 37.11 -65.24
CA GLY H 1634 -65.25 38.45 -64.61
C GLY H 1634 -66.52 38.70 -63.82
N ARG H 1635 -67.32 37.66 -63.63
CA ARG H 1635 -68.55 37.70 -62.82
C ARG H 1635 -68.27 36.95 -61.52
N LYS H 1636 -68.68 37.51 -60.39
CA LYS H 1636 -68.59 36.83 -59.07
C LYS H 1636 -69.55 35.65 -59.11
N LEU H 1637 -69.06 34.46 -58.78
CA LEU H 1637 -69.87 33.22 -58.64
C LEU H 1637 -70.34 33.19 -57.18
N ILE H 1638 -71.65 33.40 -56.96
CA ILE H 1638 -72.29 33.40 -55.62
C ILE H 1638 -72.99 32.05 -55.43
N LYS H 1639 -72.75 31.38 -54.32
CA LYS H 1639 -73.50 30.17 -53.90
C LYS H 1639 -74.43 30.58 -52.76
N PHE H 1640 -75.55 29.88 -52.59
CA PHE H 1640 -76.51 30.14 -51.48
C PHE H 1640 -77.18 28.83 -51.05
N GLU H 1641 -77.68 28.83 -49.83
CA GLU H 1641 -78.38 27.70 -49.17
C GLU H 1641 -79.52 28.28 -48.33
N THR H 1642 -80.70 27.69 -48.40
CA THR H 1642 -81.93 28.16 -47.70
C THR H 1642 -82.50 27.00 -46.87
N ARG H 1643 -82.65 27.20 -45.55
CA ARG H 1643 -83.16 26.17 -44.61
C ARG H 1643 -84.45 26.68 -43.98
N ASN H 1644 -85.29 25.77 -43.47
CA ASN H 1644 -86.56 26.09 -42.77
C ASN H 1644 -86.29 26.08 -41.26
N GLU H 1645 -87.33 26.29 -40.45
CA GLU H 1645 -87.23 26.34 -38.96
C GLU H 1645 -86.51 25.09 -38.43
N ASP H 1646 -86.79 23.91 -39.02
CA ASP H 1646 -86.23 22.60 -38.57
C ASP H 1646 -84.81 22.40 -39.11
N ASP H 1647 -84.24 23.43 -39.74
CA ASP H 1647 -82.83 23.46 -40.19
C ASP H 1647 -82.63 22.45 -41.33
N VAL H 1648 -83.68 22.18 -42.12
CA VAL H 1648 -83.63 21.28 -43.31
C VAL H 1648 -83.38 22.15 -44.54
N VAL H 1649 -82.43 21.74 -45.39
CA VAL H 1649 -82.12 22.47 -46.65
C VAL H 1649 -83.29 22.26 -47.59
N VAL H 1650 -83.69 23.33 -48.26
CA VAL H 1650 -85.00 23.50 -48.94
C VAL H 1650 -84.76 24.08 -50.35
N LEU H 1651 -83.86 25.06 -50.44
CA LEU H 1651 -83.42 25.70 -51.69
C LEU H 1651 -81.88 25.79 -51.65
N THR H 1652 -81.21 25.40 -52.74
CA THR H 1652 -79.78 25.72 -52.99
C THR H 1652 -79.69 26.35 -54.38
N GLY H 1653 -78.51 26.80 -54.76
CA GLY H 1653 -78.28 27.34 -56.12
C GLY H 1653 -77.18 28.37 -56.12
N GLU H 1654 -76.90 28.92 -57.30
CA GLU H 1654 -75.82 29.90 -57.47
C GLU H 1654 -76.29 31.02 -58.39
N ALA H 1655 -75.58 32.14 -58.34
CA ALA H 1655 -75.82 33.34 -59.18
C ALA H 1655 -74.48 33.87 -59.67
N GLU H 1656 -74.49 34.49 -60.84
CA GLU H 1656 -73.31 35.13 -61.45
C GLU H 1656 -73.60 36.64 -61.47
N ILE H 1657 -72.72 37.44 -60.86
CA ILE H 1657 -72.95 38.88 -60.57
C ILE H 1657 -71.76 39.70 -61.06
N GLU H 1658 -71.99 40.66 -61.96
CA GLU H 1658 -70.94 41.55 -62.52
C GLU H 1658 -70.21 42.23 -61.37
N GLN H 1659 -68.89 42.39 -61.51
CA GLN H 1659 -68.09 43.27 -60.62
C GLN H 1659 -68.53 44.71 -60.89
N PRO H 1660 -68.39 45.63 -59.92
CA PRO H 1660 -68.62 47.05 -60.18
C PRO H 1660 -67.83 47.50 -61.42
N VAL H 1661 -68.20 48.62 -62.04
CA VAL H 1661 -67.57 49.10 -63.30
C VAL H 1661 -66.07 49.29 -63.06
N THR H 1662 -65.24 48.65 -63.87
CA THR H 1662 -63.77 48.58 -63.70
C THR H 1662 -63.06 49.23 -64.88
N THR H 1663 -61.95 49.95 -64.62
CA THR H 1663 -61.00 50.42 -65.66
C THR H 1663 -59.60 49.93 -65.30
N PHE H 1664 -58.88 49.35 -66.27
CA PHE H 1664 -57.48 48.92 -66.10
C PHE H 1664 -56.58 50.01 -66.68
N VAL H 1665 -55.59 50.46 -65.91
CA VAL H 1665 -54.55 51.42 -66.36
C VAL H 1665 -53.19 50.74 -66.24
N PHE H 1666 -52.36 50.84 -67.28
CA PHE H 1666 -51.07 50.12 -67.40
C PHE H 1666 -49.93 51.12 -67.28
N THR H 1667 -48.98 50.84 -66.40
CA THR H 1667 -47.91 51.78 -65.99
C THR H 1667 -46.89 51.94 -67.11
N GLY H 1668 -46.28 53.13 -67.21
CA GLY H 1668 -45.23 53.43 -68.21
C GLY H 1668 -43.84 53.18 -67.66
N GLN H 1669 -42.81 53.60 -68.40
CA GLN H 1669 -41.38 53.47 -68.00
C GLN H 1669 -41.20 54.28 -66.71
N GLY H 1670 -40.10 54.03 -65.98
CA GLY H 1670 -39.72 54.77 -64.76
C GLY H 1670 -40.02 53.98 -63.51
N SER H 1671 -40.98 53.06 -63.57
CA SER H 1671 -41.50 52.28 -62.41
C SER H 1671 -40.73 50.97 -62.25
N GLN H 1672 -40.04 50.51 -63.33
CA GLN H 1672 -39.41 49.17 -63.42
C GLN H 1672 -38.40 49.00 -62.28
N GLU H 1673 -38.28 47.76 -61.77
CA GLU H 1673 -37.36 47.42 -60.67
C GLU H 1673 -36.79 46.03 -60.92
N GLN H 1674 -35.53 45.80 -60.55
CA GLN H 1674 -34.90 44.46 -60.70
C GLN H 1674 -35.79 43.44 -60.00
N GLY H 1675 -35.97 42.27 -60.61
CA GLY H 1675 -36.71 41.14 -60.02
C GLY H 1675 -38.22 41.27 -60.18
N MET H 1676 -38.72 42.35 -60.79
CA MET H 1676 -40.18 42.60 -60.91
C MET H 1676 -40.84 41.45 -61.67
N GLY H 1677 -42.01 41.02 -61.21
CA GLY H 1677 -42.86 40.02 -61.89
C GLY H 1677 -42.40 38.60 -61.64
N MET H 1678 -41.26 38.41 -60.96
CA MET H 1678 -40.56 37.10 -60.83
C MET H 1678 -41.22 36.25 -59.72
N ASP H 1679 -41.80 36.86 -58.69
CA ASP H 1679 -42.60 36.12 -57.68
C ASP H 1679 -43.74 35.41 -58.41
N LEU H 1680 -44.44 36.14 -59.27
CA LEU H 1680 -45.56 35.62 -60.10
C LEU H 1680 -45.03 34.51 -61.02
N TYR H 1681 -43.83 34.70 -61.58
CA TYR H 1681 -43.20 33.73 -62.52
C TYR H 1681 -43.06 32.36 -61.85
N LYS H 1682 -42.75 32.34 -60.55
CA LYS H 1682 -42.59 31.08 -59.78
C LYS H 1682 -43.94 30.38 -59.67
N THR H 1683 -45.00 31.12 -59.30
CA THR H 1683 -46.28 30.57 -58.78
C THR H 1683 -47.34 30.41 -59.88
N SER H 1684 -47.28 31.13 -61.00
CA SER H 1684 -48.37 31.19 -62.02
C SER H 1684 -47.94 30.53 -63.34
N LYS H 1685 -48.66 29.50 -63.75
CA LYS H 1685 -48.53 28.88 -65.09
C LYS H 1685 -48.68 29.97 -66.15
N ALA H 1686 -49.73 30.79 -66.05
CA ALA H 1686 -50.10 31.82 -67.06
C ALA H 1686 -48.92 32.77 -67.28
N ALA H 1687 -48.30 33.20 -66.19
CA ALA H 1687 -47.18 34.16 -66.19
C ALA H 1687 -45.95 33.50 -66.79
N GLN H 1688 -45.65 32.27 -66.37
CA GLN H 1688 -44.50 31.49 -66.88
C GLN H 1688 -44.56 31.49 -68.41
N ASP H 1689 -45.71 31.07 -68.97
CA ASP H 1689 -45.90 30.93 -70.43
C ASP H 1689 -45.59 32.26 -71.13
N VAL H 1690 -46.04 33.39 -70.58
CA VAL H 1690 -45.79 34.75 -71.17
C VAL H 1690 -44.28 35.00 -71.18
N TRP H 1691 -43.66 34.99 -70.01
CA TRP H 1691 -42.21 35.27 -69.85
C TRP H 1691 -41.38 34.34 -70.74
N ASN H 1692 -41.74 33.06 -70.80
CA ASN H 1692 -40.97 32.03 -71.55
C ASN H 1692 -41.13 32.27 -73.06
N ARG H 1693 -42.36 32.37 -73.55
CA ARG H 1693 -42.62 32.66 -74.99
C ARG H 1693 -41.69 33.80 -75.44
N ALA H 1694 -41.57 34.82 -74.58
CA ALA H 1694 -40.87 36.09 -74.85
C ALA H 1694 -39.36 35.86 -74.76
N ASP H 1695 -38.92 35.20 -73.69
CA ASP H 1695 -37.49 34.90 -73.45
C ASP H 1695 -36.96 34.06 -74.62
N ASN H 1696 -37.70 33.02 -75.01
CA ASN H 1696 -37.33 32.15 -76.16
C ASN H 1696 -37.24 33.01 -77.42
N HIS H 1697 -38.15 33.96 -77.59
CA HIS H 1697 -38.17 34.80 -78.81
C HIS H 1697 -36.88 35.61 -78.85
N PHE H 1698 -36.50 36.23 -77.73
CA PHE H 1698 -35.32 37.12 -77.66
C PHE H 1698 -34.04 36.30 -77.82
N LYS H 1699 -33.95 35.16 -77.12
CA LYS H 1699 -32.76 34.28 -77.16
C LYS H 1699 -32.54 33.80 -78.60
N ASP H 1700 -33.60 33.32 -79.26
CA ASP H 1700 -33.48 32.70 -80.61
C ASP H 1700 -33.23 33.76 -81.68
N THR H 1701 -33.77 34.99 -81.56
CA THR H 1701 -33.65 35.97 -82.67
C THR H 1701 -32.57 37.02 -82.36
N TYR H 1702 -32.30 37.39 -81.10
CA TYR H 1702 -31.32 38.47 -80.78
C TYR H 1702 -30.21 38.03 -79.81
N GLY H 1703 -30.23 36.78 -79.34
CA GLY H 1703 -29.15 36.20 -78.52
C GLY H 1703 -29.02 36.84 -77.15
N PHE H 1704 -30.12 37.22 -76.51
CA PHE H 1704 -30.12 37.64 -75.09
C PHE H 1704 -31.43 37.19 -74.45
N SER H 1705 -31.43 37.09 -73.13
CA SER H 1705 -32.57 36.64 -72.30
C SER H 1705 -33.16 37.84 -71.59
N ILE H 1706 -34.43 38.15 -71.83
CA ILE H 1706 -35.11 39.29 -71.15
C ILE H 1706 -35.27 38.92 -69.67
N LEU H 1707 -35.46 37.64 -69.35
CA LEU H 1707 -35.50 37.14 -67.96
C LEU H 1707 -34.16 37.47 -67.28
N ASP H 1708 -33.03 37.07 -67.88
CA ASP H 1708 -31.70 37.35 -67.30
C ASP H 1708 -31.62 38.85 -66.95
N ILE H 1709 -32.05 39.72 -67.86
CA ILE H 1709 -31.91 41.18 -67.68
C ILE H 1709 -32.78 41.63 -66.51
N VAL H 1710 -34.01 41.13 -66.43
CA VAL H 1710 -34.93 41.48 -65.31
C VAL H 1710 -34.36 40.94 -64.00
N ILE H 1711 -33.83 39.72 -63.99
CA ILE H 1711 -33.43 39.03 -62.72
C ILE H 1711 -32.14 39.62 -62.17
N ASN H 1712 -31.10 39.80 -63.01
CA ASN H 1712 -29.70 40.13 -62.59
C ASN H 1712 -29.29 41.56 -62.98
N ASN H 1713 -30.09 42.24 -63.83
CA ASN H 1713 -29.85 43.65 -64.24
C ASN H 1713 -28.37 43.88 -64.47
N PRO H 1714 -27.75 43.23 -65.47
CA PRO H 1714 -26.33 43.38 -65.74
C PRO H 1714 -26.00 44.78 -66.28
N VAL H 1715 -24.80 45.27 -66.03
CA VAL H 1715 -24.33 46.64 -66.40
C VAL H 1715 -24.01 46.64 -67.89
N ASN H 1716 -23.46 45.53 -68.37
CA ASN H 1716 -23.06 45.30 -69.78
C ASN H 1716 -23.55 43.91 -70.19
N LEU H 1717 -23.89 43.73 -71.47
CA LEU H 1717 -24.30 42.43 -72.02
C LEU H 1717 -23.80 42.36 -73.46
N THR H 1718 -22.99 41.35 -73.81
CA THR H 1718 -22.39 41.26 -75.16
C THR H 1718 -22.95 40.02 -75.86
N ILE H 1719 -23.39 40.19 -77.12
CA ILE H 1719 -24.02 39.16 -77.99
C ILE H 1719 -22.92 38.63 -78.90
N HIS H 1720 -22.78 37.32 -79.05
CA HIS H 1720 -21.69 36.70 -79.83
C HIS H 1720 -22.26 36.08 -81.10
N PHE H 1721 -21.64 36.33 -82.25
CA PHE H 1721 -22.13 35.94 -83.58
C PHE H 1721 -21.34 34.74 -84.12
N GLY H 1722 -20.96 33.84 -83.24
CA GLY H 1722 -20.14 32.67 -83.63
C GLY H 1722 -21.02 31.57 -84.18
N GLY H 1723 -20.58 30.91 -85.24
CA GLY H 1723 -21.20 29.67 -85.73
C GLY H 1723 -22.51 29.94 -86.45
N GLU H 1724 -23.13 28.90 -87.00
CA GLU H 1724 -24.27 29.11 -87.94
C GLU H 1724 -25.42 29.76 -87.15
N LYS H 1725 -25.59 29.42 -85.88
CA LYS H 1725 -26.64 30.03 -85.01
C LYS H 1725 -26.35 31.51 -84.77
N GLY H 1726 -25.07 31.88 -84.67
CA GLY H 1726 -24.64 33.25 -84.38
C GLY H 1726 -24.76 34.16 -85.58
N LYS H 1727 -24.60 33.64 -86.79
CA LYS H 1727 -24.69 34.46 -88.03
C LYS H 1727 -26.17 34.76 -88.27
N ARG H 1728 -27.05 33.77 -88.07
CA ARG H 1728 -28.53 33.95 -88.18
C ARG H 1728 -28.95 35.09 -87.25
N ILE H 1729 -28.41 35.13 -86.03
CA ILE H 1729 -28.71 36.18 -85.03
C ILE H 1729 -28.17 37.51 -85.54
N ARG H 1730 -26.98 37.51 -86.10
CA ARG H 1730 -26.36 38.76 -86.59
C ARG H 1730 -27.21 39.34 -87.72
N GLU H 1731 -27.70 38.50 -88.64
CA GLU H 1731 -28.60 38.93 -89.75
C GLU H 1731 -29.75 39.73 -89.12
N ASN H 1732 -30.45 39.15 -88.13
CA ASN H 1732 -31.59 39.77 -87.44
C ASN H 1732 -31.20 41.15 -86.88
N TYR H 1733 -29.96 41.34 -86.43
CA TYR H 1733 -29.49 42.65 -85.90
C TYR H 1733 -29.29 43.60 -87.08
N SER H 1734 -28.84 43.11 -88.23
CA SER H 1734 -28.53 43.94 -89.43
C SER H 1734 -29.84 44.28 -90.16
N ALA H 1735 -30.71 43.27 -90.32
CA ALA H 1735 -32.07 43.34 -90.92
C ALA H 1735 -32.99 44.25 -90.09
N MET H 1736 -32.51 44.84 -89.00
CA MET H 1736 -33.25 45.85 -88.21
C MET H 1736 -33.01 47.22 -88.86
N ILE H 1737 -34.04 47.70 -89.58
CA ILE H 1737 -33.97 48.82 -90.58
C ILE H 1737 -35.07 49.86 -90.27
N PHE H 1738 -34.95 51.05 -90.88
CA PHE H 1738 -36.02 52.11 -90.96
C PHE H 1738 -36.62 52.13 -92.39
N GLU H 1739 -37.92 51.76 -92.51
CA GLU H 1739 -38.67 51.61 -93.79
C GLU H 1739 -39.32 52.94 -94.18
N THR H 1740 -38.50 53.94 -94.58
CA THR H 1740 -38.99 55.25 -95.11
C THR H 1740 -39.29 55.12 -96.61
N ILE H 1741 -40.23 55.92 -97.14
CA ILE H 1741 -40.65 55.98 -98.58
C ILE H 1741 -40.40 57.41 -99.11
N VAL H 1742 -39.21 57.66 -99.69
CA VAL H 1742 -38.67 59.02 -100.09
C VAL H 1742 -38.51 59.07 -101.63
N ASP H 1743 -39.18 60.04 -102.29
CA ASP H 1743 -39.17 60.35 -103.76
C ASP H 1743 -40.06 59.39 -104.56
N GLY H 1744 -40.99 58.67 -103.90
CA GLY H 1744 -41.81 57.61 -104.51
C GLY H 1744 -41.30 56.22 -104.15
N LYS H 1745 -39.97 56.01 -104.17
CA LYS H 1745 -39.25 54.71 -103.96
C LYS H 1745 -39.00 54.45 -102.46
N LEU H 1746 -38.76 53.19 -102.05
CA LEU H 1746 -38.46 52.82 -100.61
C LEU H 1746 -36.95 52.96 -100.35
N LYS H 1747 -36.53 53.38 -99.15
CA LYS H 1747 -35.10 53.44 -98.70
C LYS H 1747 -34.95 52.75 -97.33
N THR H 1748 -33.72 52.28 -97.07
CA THR H 1748 -33.31 51.39 -95.94
C THR H 1748 -32.27 52.14 -95.09
N GLU H 1749 -32.34 51.99 -93.76
CA GLU H 1749 -31.41 52.63 -92.79
C GLU H 1749 -31.21 51.69 -91.58
N LYS H 1750 -29.95 51.39 -91.27
CA LYS H 1750 -29.50 50.36 -90.30
C LYS H 1750 -29.46 50.99 -88.90
N ILE H 1751 -30.24 50.42 -87.97
CA ILE H 1751 -30.31 50.82 -86.53
C ILE H 1751 -28.95 50.62 -85.84
N PHE H 1752 -28.34 49.46 -86.08
CA PHE H 1752 -27.03 49.01 -85.52
C PHE H 1752 -25.94 49.21 -86.58
N LYS H 1753 -25.29 50.37 -86.54
CA LYS H 1753 -24.38 50.83 -87.62
C LYS H 1753 -23.10 49.98 -87.55
N GLU H 1754 -22.72 49.58 -86.34
CA GLU H 1754 -21.43 48.88 -86.02
C GLU H 1754 -21.46 47.45 -86.59
N ILE H 1755 -22.63 46.80 -86.63
CA ILE H 1755 -22.76 45.35 -86.89
C ILE H 1755 -22.74 45.11 -88.40
N ASN H 1756 -21.67 44.52 -88.94
CA ASN H 1756 -21.53 44.20 -90.39
C ASN H 1756 -21.26 42.70 -90.56
N GLU H 1757 -20.92 42.28 -91.78
CA GLU H 1757 -20.58 40.88 -92.17
C GLU H 1757 -19.32 40.40 -91.43
N HIS H 1758 -18.55 41.30 -90.80
CA HIS H 1758 -17.22 41.00 -90.20
C HIS H 1758 -17.29 41.13 -88.67
N SER H 1759 -18.47 41.39 -88.11
CA SER H 1759 -18.65 41.58 -86.64
C SER H 1759 -18.74 40.21 -85.97
N THR H 1760 -17.93 39.97 -84.94
CA THR H 1760 -17.92 38.72 -84.15
C THR H 1760 -18.78 38.89 -82.90
N SER H 1761 -19.07 40.13 -82.50
CA SER H 1761 -19.89 40.43 -81.29
C SER H 1761 -20.36 41.88 -81.29
N TYR H 1762 -21.41 42.17 -80.55
CA TYR H 1762 -21.92 43.54 -80.26
C TYR H 1762 -22.20 43.62 -78.77
N THR H 1763 -21.92 44.75 -78.14
CA THR H 1763 -22.08 44.94 -76.67
C THR H 1763 -23.05 46.08 -76.39
N PHE H 1764 -24.10 45.81 -75.60
CA PHE H 1764 -24.97 46.82 -74.96
C PHE H 1764 -24.30 47.29 -73.66
N ARG H 1765 -24.22 48.60 -73.43
CA ARG H 1765 -23.68 49.21 -72.19
C ARG H 1765 -24.74 50.11 -71.54
N SER H 1766 -24.59 50.36 -70.24
CA SER H 1766 -25.41 51.28 -69.43
C SER H 1766 -24.68 51.57 -68.12
N GLU H 1767 -24.80 52.79 -67.60
CA GLU H 1767 -24.04 53.21 -66.38
C GLU H 1767 -24.38 52.23 -65.25
N LYS H 1768 -25.66 52.06 -64.90
CA LYS H 1768 -26.06 51.43 -63.62
C LYS H 1768 -26.71 50.05 -63.84
N GLY H 1769 -27.23 49.73 -65.03
CA GLY H 1769 -27.88 48.43 -65.30
C GLY H 1769 -28.79 48.46 -66.51
N LEU H 1770 -28.68 47.46 -67.39
CA LEU H 1770 -29.37 47.43 -68.72
C LEU H 1770 -30.88 47.47 -68.54
N LEU H 1771 -31.41 47.16 -67.36
CA LEU H 1771 -32.88 47.10 -67.14
C LEU H 1771 -33.50 48.49 -67.31
N SER H 1772 -32.70 49.56 -67.19
CA SER H 1772 -33.17 50.96 -67.34
C SER H 1772 -32.63 51.59 -68.63
N ALA H 1773 -32.14 50.79 -69.57
CA ALA H 1773 -31.92 51.22 -70.98
C ALA H 1773 -33.20 50.90 -71.75
N THR H 1774 -33.84 51.90 -72.33
CA THR H 1774 -35.26 51.82 -72.77
C THR H 1774 -35.55 50.58 -73.65
N GLN H 1775 -34.59 50.12 -74.47
CA GLN H 1775 -34.81 49.00 -75.43
C GLN H 1775 -35.13 47.71 -74.67
N PHE H 1776 -34.62 47.56 -73.44
CA PHE H 1776 -34.87 46.38 -72.57
C PHE H 1776 -36.00 46.72 -71.60
N THR H 1777 -35.99 47.93 -71.05
CA THR H 1777 -37.02 48.43 -70.10
C THR H 1777 -38.41 48.19 -70.65
N GLN H 1778 -38.63 48.54 -71.91
CA GLN H 1778 -39.98 48.53 -72.52
C GLN H 1778 -40.49 47.08 -72.56
N PRO H 1779 -39.79 46.12 -73.20
CA PRO H 1779 -40.29 44.74 -73.24
C PRO H 1779 -40.43 44.20 -71.81
N ALA H 1780 -39.44 44.42 -70.94
CA ALA H 1780 -39.43 43.94 -69.54
C ALA H 1780 -40.72 44.38 -68.85
N LEU H 1781 -41.05 45.66 -68.93
CA LEU H 1781 -42.23 46.27 -68.28
C LEU H 1781 -43.51 45.68 -68.89
N THR H 1782 -43.55 45.63 -70.21
CA THR H 1782 -44.67 45.08 -71.00
C THR H 1782 -45.01 43.68 -70.50
N LEU H 1783 -43.99 42.83 -70.33
CA LEU H 1783 -44.17 41.41 -69.94
C LEU H 1783 -44.70 41.33 -68.51
N MET H 1784 -44.02 42.00 -67.57
CA MET H 1784 -44.47 42.09 -66.15
C MET H 1784 -45.98 42.32 -66.11
N GLU H 1785 -46.46 43.25 -66.93
CA GLU H 1785 -47.88 43.68 -66.96
C GLU H 1785 -48.72 42.60 -67.64
N LYS H 1786 -48.34 42.15 -68.84
CA LYS H 1786 -49.12 41.17 -69.63
C LYS H 1786 -49.23 39.87 -68.84
N ALA H 1787 -48.15 39.44 -68.18
CA ALA H 1787 -48.09 38.23 -67.33
C ALA H 1787 -49.09 38.38 -66.19
N ALA H 1788 -49.02 39.48 -65.45
CA ALA H 1788 -49.95 39.78 -64.35
C ALA H 1788 -51.39 39.69 -64.87
N PHE H 1789 -51.63 40.24 -66.06
CA PHE H 1789 -53.01 40.33 -66.59
C PHE H 1789 -53.50 38.93 -66.93
N GLU H 1790 -52.65 38.11 -67.56
CA GLU H 1790 -53.07 36.76 -68.02
C GLU H 1790 -53.35 35.87 -66.80
N ASP H 1791 -52.59 36.02 -65.73
CA ASP H 1791 -52.85 35.33 -64.45
C ASP H 1791 -54.24 35.74 -63.94
N LEU H 1792 -54.53 37.04 -63.89
CA LEU H 1792 -55.85 37.57 -63.48
C LEU H 1792 -56.94 36.92 -64.34
N LYS H 1793 -56.74 36.95 -65.66
CA LYS H 1793 -57.73 36.45 -66.66
C LYS H 1793 -57.95 34.96 -66.39
N SER H 1794 -56.88 34.22 -66.08
CA SER H 1794 -56.93 32.76 -65.80
C SER H 1794 -57.75 32.47 -64.53
N LYS H 1795 -57.91 33.41 -63.61
CA LYS H 1795 -58.74 33.22 -62.39
C LYS H 1795 -60.14 33.80 -62.61
N GLY H 1796 -60.43 34.20 -63.86
CA GLY H 1796 -61.73 34.73 -64.31
C GLY H 1796 -62.09 36.05 -63.64
N LEU H 1797 -61.12 36.96 -63.51
CA LEU H 1797 -61.25 38.16 -62.66
C LEU H 1797 -61.46 39.42 -63.50
N ILE H 1798 -61.47 39.28 -64.83
CA ILE H 1798 -61.51 40.43 -65.77
C ILE H 1798 -62.93 40.63 -66.24
N PRO H 1799 -63.61 41.73 -65.85
CA PRO H 1799 -64.95 42.00 -66.35
C PRO H 1799 -64.93 42.04 -67.88
N ALA H 1800 -65.97 41.49 -68.49
CA ALA H 1800 -66.15 41.41 -69.96
C ALA H 1800 -66.10 42.83 -70.54
N ASP H 1801 -66.75 43.80 -69.89
CA ASP H 1801 -66.97 45.16 -70.45
C ASP H 1801 -66.09 46.20 -69.77
N ALA H 1802 -64.80 45.92 -69.59
CA ALA H 1802 -63.85 46.82 -68.90
C ALA H 1802 -63.29 47.82 -69.91
N THR H 1803 -63.24 49.10 -69.50
CA THR H 1803 -62.48 50.18 -70.16
C THR H 1803 -61.01 50.01 -69.75
N PHE H 1804 -60.08 50.47 -70.59
CA PHE H 1804 -58.63 50.34 -70.32
C PHE H 1804 -57.86 51.44 -71.06
N ALA H 1805 -56.73 51.84 -70.49
CA ALA H 1805 -55.77 52.77 -71.11
C ALA H 1805 -54.38 52.49 -70.56
N GLY H 1806 -53.35 52.88 -71.30
CA GLY H 1806 -51.96 52.75 -70.84
C GLY H 1806 -51.23 54.06 -70.96
N HIS H 1807 -50.43 54.40 -69.95
CA HIS H 1807 -49.60 55.63 -69.93
C HIS H 1807 -48.34 55.38 -70.74
N J8W H 1808 -48.14 56.17 -71.81
CA J8W H 1808 -46.96 56.06 -72.66
CB J8W H 1808 -45.77 56.67 -71.90
OG J8W H 1808 -44.68 55.74 -71.71
C J8W H 1808 -46.82 54.61 -73.17
O J8W H 1808 -47.58 54.20 -74.03
C1 J8W H 1808 -42.30 56.35 -72.27
C2 J8W H 1808 -43.30 55.93 -71.24
C3 J8W H 1808 -42.55 55.56 -73.54
O7 J8W H 1808 -42.98 55.68 -70.08
O8 J8W H 1808 -42.30 54.34 -73.53
O9 J8W H 1808 -43.05 56.06 -74.58
N LEU H 1809 -45.89 53.85 -72.59
CA LEU H 1809 -45.57 52.48 -73.03
C LEU H 1809 -46.70 51.53 -72.67
N GLY H 1810 -47.29 51.72 -71.48
CA GLY H 1810 -48.44 50.95 -70.98
C GLY H 1810 -49.50 50.78 -72.04
N GLU H 1811 -49.62 51.73 -72.97
CA GLU H 1811 -50.62 51.65 -74.08
C GLU H 1811 -50.45 50.30 -74.78
N TYR H 1812 -49.21 49.86 -75.01
CA TYR H 1812 -48.90 48.61 -75.78
C TYR H 1812 -49.28 47.40 -74.94
N ALA H 1813 -48.94 47.40 -73.65
CA ALA H 1813 -49.27 46.32 -72.70
C ALA H 1813 -50.80 46.22 -72.58
N ALA H 1814 -51.47 47.35 -72.37
CA ALA H 1814 -52.93 47.45 -72.22
C ALA H 1814 -53.62 46.86 -73.44
N LEU H 1815 -53.22 47.27 -74.64
CA LEU H 1815 -53.82 46.77 -75.90
C LEU H 1815 -53.67 45.25 -75.99
N ALA H 1816 -52.50 44.70 -75.65
CA ALA H 1816 -52.23 43.26 -75.73
C ALA H 1816 -53.01 42.53 -74.64
N SER H 1817 -53.05 43.11 -73.45
CA SER H 1817 -53.69 42.49 -72.26
C SER H 1817 -55.21 42.38 -72.43
N LEU H 1818 -55.85 43.31 -73.15
CA LEU H 1818 -57.34 43.35 -73.18
C LEU H 1818 -57.92 43.10 -74.56
N ALA H 1819 -57.14 43.20 -75.63
CA ALA H 1819 -57.67 42.98 -76.99
C ALA H 1819 -56.81 41.97 -77.74
N ASP H 1820 -55.85 41.37 -77.04
CA ASP H 1820 -54.90 40.36 -77.59
C ASP H 1820 -54.62 40.72 -79.06
N VAL H 1821 -54.33 42.00 -79.29
CA VAL H 1821 -54.05 42.61 -80.63
C VAL H 1821 -52.77 41.99 -81.20
N MET H 1822 -51.82 41.65 -80.32
CA MET H 1822 -50.51 41.06 -80.68
C MET H 1822 -50.25 39.83 -79.80
N SER H 1823 -49.58 38.84 -80.40
CA SER H 1823 -48.94 37.72 -79.68
C SER H 1823 -47.93 38.28 -78.69
N ILE H 1824 -47.52 37.51 -77.68
CA ILE H 1824 -46.40 37.90 -76.79
C ILE H 1824 -45.19 38.23 -77.66
N GLU H 1825 -44.90 37.40 -78.67
CA GLU H 1825 -43.69 37.55 -79.51
C GLU H 1825 -43.75 38.90 -80.24
N SER H 1826 -44.89 39.25 -80.85
CA SER H 1826 -45.06 40.51 -81.60
C SER H 1826 -44.90 41.69 -80.65
N LEU H 1827 -45.59 41.64 -79.52
CA LEU H 1827 -45.62 42.71 -78.49
C LEU H 1827 -44.20 43.11 -78.12
N VAL H 1828 -43.39 42.15 -77.64
CA VAL H 1828 -42.01 42.45 -77.16
C VAL H 1828 -41.14 42.85 -78.36
N GLU H 1829 -41.36 42.25 -79.53
CA GLU H 1829 -40.59 42.57 -80.77
C GLU H 1829 -40.81 44.05 -81.11
N VAL H 1830 -42.06 44.51 -81.07
CA VAL H 1830 -42.48 45.88 -81.48
C VAL H 1830 -41.91 46.86 -80.46
N VAL H 1831 -42.19 46.62 -79.20
CA VAL H 1831 -41.77 47.47 -78.06
C VAL H 1831 -40.24 47.54 -77.99
N PHE H 1832 -39.52 46.50 -78.41
CA PHE H 1832 -38.02 46.47 -78.43
C PHE H 1832 -37.54 47.38 -79.55
N TYR H 1833 -38.09 47.20 -80.75
CA TYR H 1833 -37.80 48.05 -81.93
C TYR H 1833 -38.06 49.51 -81.55
N ARG H 1834 -39.21 49.77 -80.92
CA ARG H 1834 -39.63 51.11 -80.46
C ARG H 1834 -38.51 51.72 -79.61
N GLY H 1835 -38.12 51.06 -78.52
CA GLY H 1835 -37.02 51.49 -77.63
C GLY H 1835 -35.73 51.72 -78.40
N MET H 1836 -35.47 50.91 -79.42
CA MET H 1836 -34.23 51.03 -80.23
C MET H 1836 -34.33 52.28 -81.12
N THR H 1837 -35.49 52.54 -81.70
CA THR H 1837 -35.78 53.78 -82.48
C THR H 1837 -35.48 54.98 -81.59
N MET H 1838 -36.02 55.01 -80.36
CA MET H 1838 -35.77 56.09 -79.38
C MET H 1838 -34.28 56.25 -79.11
N GLN H 1839 -33.49 55.16 -79.09
CA GLN H 1839 -32.06 55.22 -78.70
C GLN H 1839 -31.22 55.83 -79.84
N VAL H 1840 -31.57 55.56 -81.10
CA VAL H 1840 -30.85 56.07 -82.30
C VAL H 1840 -31.10 57.58 -82.45
N ALA H 1841 -32.29 58.08 -82.08
CA ALA H 1841 -32.77 59.44 -82.38
C ALA H 1841 -31.98 60.49 -81.57
N VAL H 1842 -31.31 60.07 -80.50
CA VAL H 1842 -30.58 60.98 -79.54
C VAL H 1842 -29.07 60.81 -79.71
N PRO H 1843 -28.34 61.80 -80.28
CA PRO H 1843 -26.88 61.78 -80.24
C PRO H 1843 -26.37 61.72 -78.78
N ARG H 1844 -25.61 60.66 -78.42
CA ARG H 1844 -24.99 60.46 -77.07
C ARG H 1844 -23.46 60.36 -77.18
N ASP H 1845 -22.85 61.26 -77.98
CA ASP H 1845 -21.55 61.07 -78.69
C ASP H 1845 -20.33 61.33 -77.77
N GLU H 1846 -20.47 61.26 -76.44
CA GLU H 1846 -19.32 61.49 -75.51
C GLU H 1846 -19.08 60.19 -74.71
N LEU H 1847 -20.07 59.77 -73.92
CA LEU H 1847 -20.32 58.35 -73.50
C LEU H 1847 -21.84 58.25 -73.33
N GLY H 1848 -22.37 57.45 -72.38
CA GLY H 1848 -23.82 57.17 -72.24
C GLY H 1848 -24.66 58.34 -71.71
N ARG H 1849 -24.79 59.44 -72.49
CA ARG H 1849 -25.44 60.74 -72.07
C ARG H 1849 -25.68 61.65 -73.30
N SER H 1850 -26.79 62.41 -73.28
CA SER H 1850 -27.21 63.38 -74.34
C SER H 1850 -27.51 64.75 -73.73
N ASN H 1851 -27.67 65.77 -74.57
CA ASN H 1851 -28.19 67.12 -74.18
C ASN H 1851 -29.72 67.14 -74.39
N TYR H 1852 -30.40 66.06 -73.98
CA TYR H 1852 -31.87 65.87 -73.98
C TYR H 1852 -32.29 65.11 -72.71
N GLY H 1853 -33.36 65.58 -72.06
CA GLY H 1853 -33.94 65.01 -70.84
C GLY H 1853 -35.32 65.58 -70.56
N MET H 1854 -35.91 65.26 -69.41
CA MET H 1854 -37.27 65.74 -69.01
C MET H 1854 -37.40 65.92 -67.49
N ILE H 1855 -38.22 66.91 -67.10
CA ILE H 1855 -38.52 67.33 -65.69
C ILE H 1855 -40.03 67.20 -65.43
N ALA H 1856 -40.40 66.89 -64.19
CA ALA H 1856 -41.78 66.81 -63.66
C ALA H 1856 -42.10 68.10 -62.91
N ILE H 1857 -43.10 68.88 -63.38
CA ILE H 1857 -43.45 70.23 -62.83
C ILE H 1857 -44.76 70.13 -62.04
N ASN H 1858 -44.87 70.93 -60.98
CA ASN H 1858 -46.08 71.12 -60.13
C ASN H 1858 -46.44 72.61 -60.13
N PRO H 1859 -47.31 73.09 -61.05
CA PRO H 1859 -47.64 74.52 -61.12
C PRO H 1859 -48.16 75.08 -59.78
N GLY H 1860 -48.78 74.23 -58.96
CA GLY H 1860 -49.26 74.57 -57.60
C GLY H 1860 -48.20 75.21 -56.74
N ARG H 1861 -46.94 74.76 -56.87
CA ARG H 1861 -45.81 75.12 -55.97
C ARG H 1861 -45.19 76.47 -56.36
N VAL H 1862 -45.25 76.85 -57.64
CA VAL H 1862 -44.80 78.21 -58.06
C VAL H 1862 -45.70 79.24 -57.35
N ALA H 1863 -47.01 79.21 -57.60
CA ALA H 1863 -48.05 80.06 -56.95
C ALA H 1863 -49.41 79.39 -57.16
N ALA H 1864 -50.25 79.31 -56.11
CA ALA H 1864 -51.63 78.79 -56.24
C ALA H 1864 -52.39 79.89 -56.98
N SER H 1865 -52.47 79.77 -58.29
CA SER H 1865 -52.99 80.79 -59.28
C SER H 1865 -52.29 80.57 -60.60
N PHE H 1866 -51.10 79.95 -60.57
CA PHE H 1866 -50.33 79.47 -61.76
C PHE H 1866 -51.02 78.22 -62.32
N SER H 1867 -51.84 78.40 -63.35
CA SER H 1867 -52.72 77.36 -63.94
C SER H 1867 -51.97 76.52 -64.99
N GLN H 1868 -52.69 75.61 -65.67
CA GLN H 1868 -52.23 74.87 -66.87
C GLN H 1868 -51.90 75.83 -68.02
N GLU H 1869 -52.78 76.81 -68.31
CA GLU H 1869 -52.60 77.88 -69.35
C GLU H 1869 -51.27 78.58 -69.11
N ALA H 1870 -51.03 78.96 -67.85
CA ALA H 1870 -49.82 79.65 -67.36
C ALA H 1870 -48.58 78.87 -67.75
N LEU H 1871 -48.56 77.56 -67.46
CA LEU H 1871 -47.39 76.67 -67.68
C LEU H 1871 -47.21 76.44 -69.18
N GLN H 1872 -48.30 76.12 -69.89
CA GLN H 1872 -48.33 75.94 -71.38
C GLN H 1872 -47.79 77.18 -72.08
N TYR H 1873 -48.18 78.38 -71.62
CA TYR H 1873 -47.76 79.70 -72.15
C TYR H 1873 -46.27 79.93 -71.82
N VAL H 1874 -45.86 79.82 -70.56
CA VAL H 1874 -44.45 80.02 -70.09
C VAL H 1874 -43.48 79.15 -70.92
N VAL H 1875 -43.86 77.89 -71.20
CA VAL H 1875 -43.00 76.89 -71.90
C VAL H 1875 -42.97 77.19 -73.40
N GLU H 1876 -44.14 77.43 -74.01
CA GLU H 1876 -44.32 77.83 -75.43
C GLU H 1876 -43.39 79.02 -75.75
N ARG H 1877 -43.27 79.98 -74.82
CA ARG H 1877 -42.44 81.22 -74.98
C ARG H 1877 -40.95 80.87 -74.94
N VAL H 1878 -40.49 80.15 -73.92
CA VAL H 1878 -39.07 79.69 -73.79
C VAL H 1878 -38.67 78.99 -75.10
N GLY H 1879 -39.54 78.09 -75.58
CA GLY H 1879 -39.38 77.34 -76.86
C GLY H 1879 -39.17 78.27 -78.05
N LYS H 1880 -40.12 79.17 -78.31
CA LYS H 1880 -40.11 80.11 -79.48
C LYS H 1880 -38.93 81.07 -79.36
N ARG H 1881 -38.81 81.75 -78.22
CA ARG H 1881 -37.84 82.86 -77.97
C ARG H 1881 -36.40 82.30 -77.91
N THR H 1882 -36.08 81.44 -76.95
CA THR H 1882 -34.72 80.84 -76.81
C THR H 1882 -34.42 80.06 -78.09
N GLY H 1883 -35.43 79.64 -78.84
CA GLY H 1883 -35.29 78.94 -80.13
C GLY H 1883 -34.94 77.47 -79.95
N TRP H 1884 -34.58 77.06 -78.73
CA TRP H 1884 -34.33 75.65 -78.32
C TRP H 1884 -35.67 74.97 -78.05
N LEU H 1885 -35.84 73.75 -78.56
CA LEU H 1885 -37.09 72.96 -78.40
C LEU H 1885 -37.26 72.56 -76.92
N VAL H 1886 -38.44 72.86 -76.37
CA VAL H 1886 -38.98 72.30 -75.09
C VAL H 1886 -40.51 72.28 -75.21
N GLU H 1887 -41.16 71.26 -74.62
CA GLU H 1887 -42.62 70.99 -74.71
C GLU H 1887 -43.12 70.27 -73.47
N ILE H 1888 -44.41 70.41 -73.18
CA ILE H 1888 -45.17 69.59 -72.21
C ILE H 1888 -45.57 68.30 -72.93
N VAL H 1889 -45.12 67.14 -72.43
CA VAL H 1889 -45.26 65.82 -73.10
C VAL H 1889 -46.20 64.91 -72.29
N ASN H 1890 -46.18 65.00 -70.96
CA ASN H 1890 -47.22 64.39 -70.09
C ASN H 1890 -48.07 65.49 -69.45
N TYR H 1891 -49.38 65.48 -69.75
CA TYR H 1891 -50.46 66.07 -68.92
C TYR H 1891 -51.00 64.96 -68.01
N ASN H 1892 -50.54 64.91 -66.76
CA ASN H 1892 -50.82 63.79 -65.82
C ASN H 1892 -51.99 64.15 -64.90
N VAL H 1893 -51.77 65.06 -63.94
CA VAL H 1893 -52.74 65.49 -62.91
C VAL H 1893 -52.91 67.00 -62.98
N GLU H 1894 -54.17 67.48 -63.04
CA GLU H 1894 -54.47 68.90 -63.35
C GLU H 1894 -53.89 69.82 -62.26
N ASN H 1895 -53.16 70.85 -62.66
CA ASN H 1895 -52.51 71.87 -61.80
C ASN H 1895 -51.62 71.22 -60.72
N GLN H 1896 -51.01 70.05 -61.01
CA GLN H 1896 -50.22 69.30 -59.98
C GLN H 1896 -49.05 68.51 -60.59
N GLN H 1897 -49.29 67.71 -61.64
CA GLN H 1897 -48.24 66.87 -62.29
C GLN H 1897 -48.32 67.03 -63.81
N TYR H 1898 -47.36 67.76 -64.36
CA TYR H 1898 -47.05 67.83 -65.81
C TYR H 1898 -45.60 67.40 -65.98
N VAL H 1899 -45.21 66.99 -67.18
CA VAL H 1899 -43.79 66.62 -67.50
C VAL H 1899 -43.43 67.28 -68.84
N ALA H 1900 -42.39 68.09 -68.83
CA ALA H 1900 -41.83 68.73 -70.04
C ALA H 1900 -40.50 68.05 -70.38
N ALA H 1901 -40.17 68.02 -71.67
CA ALA H 1901 -38.97 67.35 -72.23
C ALA H 1901 -38.43 68.19 -73.40
N GLY H 1902 -37.12 68.06 -73.66
CA GLY H 1902 -36.45 68.73 -74.78
C GLY H 1902 -35.00 69.05 -74.45
N ASP H 1903 -34.48 70.14 -75.04
CA ASP H 1903 -33.09 70.62 -74.90
C ASP H 1903 -32.79 70.84 -73.40
N LEU H 1904 -31.69 70.29 -72.87
CA LEU H 1904 -31.29 70.35 -71.43
C LEU H 1904 -31.10 71.82 -71.00
N ARG H 1905 -30.70 72.68 -71.93
CA ARG H 1905 -30.53 74.15 -71.75
C ARG H 1905 -31.91 74.80 -71.53
N ALA H 1906 -32.91 74.38 -72.33
CA ALA H 1906 -34.30 74.90 -72.34
C ALA H 1906 -35.09 74.41 -71.13
N LEU H 1907 -34.67 73.31 -70.50
CA LEU H 1907 -35.20 72.78 -69.22
C LEU H 1907 -34.59 73.57 -68.07
N ASP H 1908 -33.34 73.99 -68.22
CA ASP H 1908 -32.58 74.78 -67.22
C ASP H 1908 -33.14 76.21 -67.15
N THR H 1909 -33.62 76.78 -68.26
CA THR H 1909 -34.30 78.11 -68.28
C THR H 1909 -35.64 77.97 -67.54
N VAL H 1910 -36.48 77.02 -67.96
CA VAL H 1910 -37.83 76.78 -67.36
C VAL H 1910 -37.68 76.57 -65.85
N THR H 1911 -36.88 75.59 -65.41
CA THR H 1911 -36.75 75.19 -63.98
C THR H 1911 -36.34 76.39 -63.10
N ASN H 1912 -35.62 77.39 -63.65
CA ASN H 1912 -35.18 78.63 -62.94
C ASN H 1912 -36.22 79.74 -63.08
N VAL H 1913 -36.67 80.03 -64.31
CA VAL H 1913 -37.73 81.04 -64.63
C VAL H 1913 -38.89 80.86 -63.64
N LEU H 1914 -39.28 79.61 -63.38
CA LEU H 1914 -40.34 79.24 -62.40
C LEU H 1914 -39.88 79.61 -60.98
N ASN H 1915 -38.64 79.27 -60.61
CA ASN H 1915 -38.04 79.61 -59.29
C ASN H 1915 -38.06 81.12 -59.06
N PHE H 1916 -37.96 81.93 -60.14
CA PHE H 1916 -38.02 83.41 -60.09
C PHE H 1916 -39.47 83.86 -59.90
N ILE H 1917 -40.43 83.30 -60.64
CA ILE H 1917 -41.87 83.67 -60.56
C ILE H 1917 -42.41 83.28 -59.16
N LYS H 1918 -41.86 82.24 -58.54
CA LYS H 1918 -42.22 81.79 -57.17
C LYS H 1918 -41.70 82.78 -56.12
N LEU H 1919 -40.41 83.15 -56.19
CA LEU H 1919 -39.76 84.09 -55.23
C LEU H 1919 -40.39 85.49 -55.41
N GLN H 1920 -40.75 85.88 -56.64
CA GLN H 1920 -41.46 87.15 -56.97
C GLN H 1920 -42.83 87.15 -56.30
N LYS H 1921 -43.41 85.96 -56.04
CA LYS H 1921 -44.62 85.74 -55.19
C LYS H 1921 -45.85 86.35 -55.88
N ILE H 1922 -45.84 86.47 -57.20
CA ILE H 1922 -46.87 87.22 -57.99
C ILE H 1922 -48.08 86.30 -58.27
N ASP H 1923 -49.28 86.89 -58.15
CA ASP H 1923 -50.60 86.28 -58.46
C ASP H 1923 -50.92 86.56 -59.93
N ILE H 1924 -51.09 85.49 -60.73
CA ILE H 1924 -51.26 85.54 -62.22
C ILE H 1924 -52.51 86.36 -62.56
N ILE H 1925 -53.69 85.93 -62.08
CA ILE H 1925 -55.04 86.48 -62.46
C ILE H 1925 -55.06 88.01 -62.27
N GLU H 1926 -54.45 88.55 -61.20
CA GLU H 1926 -54.40 90.01 -60.89
C GLU H 1926 -53.52 90.69 -61.93
N LEU H 1927 -52.20 90.38 -61.94
CA LEU H 1927 -51.22 91.08 -62.83
C LEU H 1927 -51.21 90.46 -64.24
N GLN H 1928 -52.26 89.74 -64.60
CA GLN H 1928 -52.63 89.35 -66.00
C GLN H 1928 -53.34 90.55 -66.65
N LYS H 1929 -54.50 90.36 -67.28
CA LYS H 1929 -55.16 91.33 -68.23
C LYS H 1929 -55.41 92.69 -67.53
N SER H 1930 -55.58 92.71 -66.21
CA SER H 1930 -55.83 93.92 -65.37
C SER H 1930 -54.61 94.86 -65.39
N LEU H 1931 -53.44 94.39 -64.93
CA LEU H 1931 -52.19 95.22 -64.84
C LEU H 1931 -51.63 95.43 -66.25
N SER H 1932 -51.33 94.34 -66.98
CA SER H 1932 -50.67 94.36 -68.32
C SER H 1932 -51.39 93.39 -69.29
N LEU H 1933 -51.97 93.92 -70.37
CA LEU H 1933 -52.68 93.15 -71.44
C LEU H 1933 -51.71 92.85 -72.59
N GLU H 1934 -51.41 91.55 -72.84
CA GLU H 1934 -50.44 90.98 -73.83
C GLU H 1934 -48.98 91.40 -73.53
N GLU H 1935 -48.73 92.66 -73.11
CA GLU H 1935 -47.40 93.27 -72.85
C GLU H 1935 -46.59 92.49 -71.79
N VAL H 1936 -47.31 91.77 -70.92
CA VAL H 1936 -46.78 90.71 -70.01
C VAL H 1936 -45.70 89.89 -70.74
N GLU H 1937 -45.93 89.55 -72.01
CA GLU H 1937 -44.98 88.81 -72.90
C GLU H 1937 -43.64 89.54 -72.91
N GLY H 1938 -43.65 90.88 -72.95
CA GLY H 1938 -42.46 91.74 -72.79
C GLY H 1938 -41.75 91.51 -71.46
N HIS H 1939 -42.50 91.42 -70.37
CA HIS H 1939 -42.00 91.14 -68.99
C HIS H 1939 -41.51 89.69 -68.89
N LEU H 1940 -42.12 88.76 -69.64
CA LEU H 1940 -41.76 87.32 -69.63
C LEU H 1940 -40.40 87.11 -70.32
N PHE H 1941 -40.24 87.58 -71.56
CA PHE H 1941 -38.98 87.54 -72.36
C PHE H 1941 -37.82 88.08 -71.52
N GLU H 1942 -38.08 89.12 -70.71
CA GLU H 1942 -37.12 89.79 -69.78
C GLU H 1942 -36.59 88.79 -68.76
N ILE H 1943 -37.46 87.90 -68.24
CA ILE H 1943 -37.12 86.88 -67.19
C ILE H 1943 -36.53 85.64 -67.89
N ILE H 1944 -36.93 85.36 -69.14
CA ILE H 1944 -36.40 84.22 -69.97
C ILE H 1944 -34.95 84.51 -70.32
N ASP H 1945 -34.66 85.71 -70.85
CA ASP H 1945 -33.33 86.11 -71.40
C ASP H 1945 -32.29 86.15 -70.26
N GLU H 1946 -32.71 86.48 -69.03
CA GLU H 1946 -31.83 86.56 -67.82
C GLU H 1946 -31.59 85.15 -67.23
N ALA H 1947 -32.36 84.14 -67.63
CA ALA H 1947 -32.12 82.71 -67.29
C ALA H 1947 -31.59 81.97 -68.52
N SER H 1948 -31.83 82.51 -69.73
CA SER H 1948 -31.53 81.87 -71.04
C SER H 1948 -30.02 81.92 -71.32
N LYS H 1949 -29.38 83.07 -71.16
CA LYS H 1949 -27.92 83.25 -71.46
C LYS H 1949 -27.09 82.71 -70.27
N LYS H 1950 -27.72 82.51 -69.09
CA LYS H 1950 -27.10 81.86 -67.89
C LYS H 1950 -26.90 80.36 -68.19
N SER H 1951 -27.81 79.77 -68.97
CA SER H 1951 -27.84 78.33 -69.35
C SER H 1951 -27.30 78.11 -70.77
N ALA H 1952 -26.99 79.17 -71.52
CA ALA H 1952 -26.46 79.13 -72.91
C ALA H 1952 -24.93 78.95 -72.89
N VAL H 1953 -24.32 78.82 -71.70
CA VAL H 1953 -22.88 78.44 -71.50
C VAL H 1953 -22.76 77.69 -70.16
N LYS H 1954 -22.53 76.37 -70.22
CA LYS H 1954 -22.35 75.47 -69.03
C LYS H 1954 -21.48 74.29 -69.47
N PRO H 1955 -21.20 73.28 -68.59
CA PRO H 1955 -20.80 71.95 -69.08
C PRO H 1955 -21.80 71.48 -70.16
N ARG H 1956 -21.32 71.18 -71.38
CA ARG H 1956 -22.15 71.08 -72.61
C ARG H 1956 -23.13 69.89 -72.51
N PRO H 1957 -22.78 68.76 -71.87
CA PRO H 1957 -23.77 67.77 -71.44
C PRO H 1957 -24.34 68.09 -70.04
N LEU H 1958 -24.97 69.27 -69.87
CA LEU H 1958 -25.18 69.98 -68.56
C LEU H 1958 -26.14 69.19 -67.65
N LYS H 1959 -25.78 69.07 -66.37
CA LYS H 1959 -26.66 68.43 -65.33
C LYS H 1959 -27.84 69.36 -65.09
N LEU H 1960 -29.03 68.80 -64.80
CA LEU H 1960 -30.27 69.51 -64.52
C LEU H 1960 -30.58 69.42 -63.02
N GLU H 1961 -30.79 70.58 -62.39
CA GLU H 1961 -30.98 70.75 -60.93
C GLU H 1961 -32.48 70.86 -60.61
N ARG H 1962 -32.82 70.76 -59.31
CA ARG H 1962 -34.21 70.84 -58.76
C ARG H 1962 -34.60 72.32 -58.61
N GLY H 1963 -35.89 72.64 -58.46
CA GLY H 1963 -36.37 74.04 -58.38
C GLY H 1963 -37.81 74.17 -57.89
N PHE H 1964 -38.02 74.06 -56.57
CA PHE H 1964 -39.32 74.27 -55.85
C PHE H 1964 -40.42 73.45 -56.51
N ALA H 1965 -40.70 73.75 -57.79
CA ALA H 1965 -41.78 73.19 -58.63
C ALA H 1965 -41.30 71.96 -59.41
N CYS H 1966 -40.04 71.96 -59.84
CA CYS H 1966 -39.50 71.09 -60.94
C CYS H 1966 -38.53 70.06 -60.37
N ILE H 1967 -38.82 68.76 -60.54
CA ILE H 1967 -37.94 67.60 -60.21
C ILE H 1967 -37.41 67.02 -61.52
N PRO H 1968 -36.07 66.91 -61.71
CA PRO H 1968 -35.51 66.22 -62.88
C PRO H 1968 -35.78 64.71 -62.75
N LEU H 1969 -36.21 64.07 -63.86
CA LEU H 1969 -36.57 62.62 -63.88
C LEU H 1969 -35.28 61.79 -63.96
N VAL H 1970 -35.11 60.89 -62.99
CA VAL H 1970 -33.95 59.97 -62.74
C VAL H 1970 -33.11 59.75 -64.01
N GLY H 1971 -32.35 60.78 -64.42
CA GLY H 1971 -31.48 60.83 -65.62
C GLY H 1971 -31.99 60.05 -66.85
N ILE H 1972 -33.23 60.27 -67.30
CA ILE H 1972 -33.77 59.71 -68.59
C ILE H 1972 -33.16 60.51 -69.75
N SER H 1973 -32.41 59.85 -70.64
CA SER H 1973 -31.56 60.49 -71.70
C SER H 1973 -32.41 60.93 -72.90
N VAL H 1974 -33.64 60.44 -73.01
CA VAL H 1974 -34.49 60.52 -74.25
C VAL H 1974 -35.64 61.52 -74.04
N PRO H 1975 -35.97 62.38 -75.04
CA PRO H 1975 -37.13 63.26 -74.96
C PRO H 1975 -38.44 62.64 -75.46
N PHE H 1976 -38.96 61.61 -74.77
CA PHE H 1976 -40.19 60.87 -75.13
C PHE H 1976 -41.33 61.87 -75.41
N HIS H 1977 -42.14 61.60 -76.44
CA HIS H 1977 -43.45 62.28 -76.74
C HIS H 1977 -43.23 63.73 -77.17
N SER H 1978 -41.98 64.18 -77.32
CA SER H 1978 -41.60 65.48 -77.93
C SER H 1978 -41.71 65.36 -79.46
N THR H 1979 -41.76 66.48 -80.19
CA THR H 1979 -41.82 66.50 -81.67
C THR H 1979 -40.47 66.05 -82.25
N TYR H 1980 -39.40 66.11 -81.45
CA TYR H 1980 -38.05 65.62 -81.84
C TYR H 1980 -38.18 64.24 -82.49
N LEU H 1981 -39.03 63.36 -81.95
CA LEU H 1981 -39.21 61.96 -82.41
C LEU H 1981 -40.15 61.87 -83.63
N MET H 1982 -40.62 62.99 -84.19
CA MET H 1982 -41.55 63.00 -85.36
C MET H 1982 -40.86 62.36 -86.56
N ASN H 1983 -39.51 62.41 -86.60
CA ASN H 1983 -38.65 61.74 -87.62
C ASN H 1983 -38.99 60.24 -87.66
N GLY H 1984 -39.14 59.62 -86.49
CA GLY H 1984 -39.28 58.15 -86.34
C GLY H 1984 -40.70 57.64 -86.56
N VAL H 1985 -41.70 58.52 -86.74
CA VAL H 1985 -43.13 58.13 -86.86
C VAL H 1985 -43.36 57.36 -88.17
N LYS H 1986 -42.97 57.93 -89.31
CA LYS H 1986 -43.18 57.33 -90.66
C LYS H 1986 -42.62 55.91 -90.73
N PRO H 1987 -41.35 55.65 -90.33
CA PRO H 1987 -40.79 54.29 -90.36
C PRO H 1987 -41.41 53.33 -89.33
N PHE H 1988 -41.61 53.81 -88.09
CA PHE H 1988 -42.21 53.02 -86.98
C PHE H 1988 -43.63 52.61 -87.39
N LYS H 1989 -44.37 53.50 -88.06
CA LYS H 1989 -45.73 53.21 -88.59
C LYS H 1989 -45.66 52.02 -89.56
N SER H 1990 -44.76 52.09 -90.55
CA SER H 1990 -44.56 51.02 -91.56
C SER H 1990 -44.24 49.70 -90.85
N PHE H 1991 -43.51 49.76 -89.75
CA PHE H 1991 -43.10 48.59 -88.92
C PHE H 1991 -44.30 48.04 -88.14
N LEU H 1992 -45.08 48.93 -87.51
CA LEU H 1992 -46.31 48.58 -86.76
C LEU H 1992 -47.27 47.84 -87.69
N LYS H 1993 -47.42 48.30 -88.94
CA LYS H 1993 -48.35 47.71 -89.95
C LYS H 1993 -47.93 46.26 -90.24
N LYS H 1994 -46.63 46.00 -90.25
CA LYS H 1994 -46.05 44.66 -90.57
C LYS H 1994 -46.18 43.73 -89.37
N ASN H 1995 -46.15 44.24 -88.14
CA ASN H 1995 -46.08 43.41 -86.90
C ASN H 1995 -47.42 43.35 -86.16
N ILE H 1996 -48.38 44.21 -86.50
CA ILE H 1996 -49.80 44.09 -86.04
C ILE H 1996 -50.64 43.70 -87.24
N ILE H 1997 -50.96 42.40 -87.37
CA ILE H 1997 -51.72 41.86 -88.53
C ILE H 1997 -53.19 42.25 -88.35
N LYS H 1998 -53.84 42.69 -89.43
CA LYS H 1998 -55.25 43.16 -89.50
C LYS H 1998 -56.21 42.15 -88.86
N GLU H 1999 -56.10 40.88 -89.23
CA GLU H 1999 -56.98 39.76 -88.81
C GLU H 1999 -57.02 39.63 -87.27
N ASN H 2000 -56.03 40.14 -86.55
CA ASN H 2000 -55.92 40.01 -85.07
C ASN H 2000 -56.59 41.21 -84.35
N VAL H 2001 -57.17 42.16 -85.07
CA VAL H 2001 -57.83 43.36 -84.46
C VAL H 2001 -59.34 43.10 -84.37
N LYS H 2002 -59.80 42.69 -83.18
CA LYS H 2002 -61.24 42.44 -82.91
C LYS H 2002 -61.88 43.76 -82.47
N VAL H 2003 -62.70 44.36 -83.32
CA VAL H 2003 -63.22 45.75 -83.12
C VAL H 2003 -63.96 45.82 -81.78
N ALA H 2004 -64.68 44.74 -81.43
CA ALA H 2004 -65.52 44.62 -80.23
C ALA H 2004 -64.70 44.86 -78.96
N ARG H 2005 -63.43 44.49 -78.96
CA ARG H 2005 -62.56 44.48 -77.75
C ARG H 2005 -61.87 45.84 -77.59
N LEU H 2006 -62.02 46.73 -78.58
CA LEU H 2006 -61.44 48.09 -78.61
C LEU H 2006 -62.54 49.16 -78.50
N ALA H 2007 -63.59 49.02 -79.30
CA ALA H 2007 -64.71 50.00 -79.45
C ALA H 2007 -65.22 50.39 -78.07
N GLY H 2008 -65.11 51.68 -77.73
CA GLY H 2008 -65.68 52.28 -76.50
C GLY H 2008 -65.00 51.80 -75.23
N LYS H 2009 -63.83 51.15 -75.32
CA LYS H 2009 -63.08 50.65 -74.13
C LYS H 2009 -61.64 51.19 -74.16
N TYR H 2010 -60.96 51.11 -75.31
CA TYR H 2010 -59.55 51.57 -75.51
C TYR H 2010 -59.53 53.09 -75.49
N ILE H 2011 -58.81 53.69 -74.54
CA ILE H 2011 -58.59 55.17 -74.44
C ILE H 2011 -57.12 55.46 -74.76
N PRO H 2012 -56.82 55.84 -76.02
CA PRO H 2012 -55.45 56.19 -76.41
C PRO H 2012 -54.85 57.40 -75.69
N ASN H 2013 -53.61 57.72 -76.01
CA ASN H 2013 -52.87 58.87 -75.41
C ASN H 2013 -52.93 60.05 -76.40
N LEU H 2014 -53.00 59.74 -77.69
CA LEU H 2014 -53.09 60.76 -78.77
C LEU H 2014 -54.40 61.51 -78.63
N THR H 2015 -55.52 60.78 -78.61
CA THR H 2015 -56.90 61.30 -78.55
C THR H 2015 -57.54 60.76 -77.27
N ALA H 2016 -57.49 61.48 -76.16
CA ALA H 2016 -57.96 60.91 -74.87
C ALA H 2016 -59.47 60.66 -74.93
N LYS H 2017 -59.91 59.87 -75.91
CA LYS H 2017 -61.33 59.66 -76.31
C LYS H 2017 -61.53 58.19 -76.69
N PRO H 2018 -62.52 57.48 -76.10
CA PRO H 2018 -62.71 56.07 -76.38
C PRO H 2018 -62.70 55.71 -77.88
N PHE H 2019 -61.86 54.75 -78.27
CA PHE H 2019 -61.69 54.23 -79.66
C PHE H 2019 -63.06 53.96 -80.29
N GLN H 2020 -63.33 54.57 -81.43
CA GLN H 2020 -64.52 54.27 -82.27
C GLN H 2020 -64.08 54.34 -83.74
N VAL H 2021 -64.55 53.41 -84.55
CA VAL H 2021 -64.27 53.37 -86.01
C VAL H 2021 -65.37 54.21 -86.69
N THR H 2022 -65.28 55.53 -86.48
CA THR H 2022 -66.28 56.55 -86.85
C THR H 2022 -65.56 57.72 -87.54
N LYS H 2023 -66.17 58.30 -88.58
CA LYS H 2023 -65.60 59.42 -89.38
C LYS H 2023 -65.15 60.54 -88.43
N GLU H 2024 -65.96 60.84 -87.40
CA GLU H 2024 -65.66 61.85 -86.35
C GLU H 2024 -64.31 61.58 -85.70
N TYR H 2025 -64.01 60.32 -85.39
CA TYR H 2025 -62.76 59.90 -84.69
C TYR H 2025 -61.57 60.11 -85.64
N PHE H 2026 -61.64 59.52 -86.84
CA PHE H 2026 -60.65 59.67 -87.93
C PHE H 2026 -60.35 61.16 -88.15
N GLN H 2027 -61.39 61.99 -88.18
CA GLN H 2027 -61.27 63.48 -88.26
C GLN H 2027 -60.39 63.96 -87.09
N ASP H 2028 -60.81 63.73 -85.84
CA ASP H 2028 -60.08 64.19 -84.62
C ASP H 2028 -58.61 63.77 -84.73
N VAL H 2029 -58.33 62.52 -85.15
CA VAL H 2029 -56.94 61.98 -85.32
C VAL H 2029 -56.21 62.89 -86.31
N TYR H 2030 -56.74 63.03 -87.52
CA TYR H 2030 -56.18 63.88 -88.60
C TYR H 2030 -55.84 65.27 -88.03
N ASP H 2031 -56.74 65.85 -87.23
CA ASP H 2031 -56.62 67.23 -86.67
C ASP H 2031 -55.36 67.34 -85.79
N LEU H 2032 -54.84 66.26 -85.19
CA LEU H 2032 -53.59 66.31 -84.38
C LEU H 2032 -52.46 65.54 -85.08
N THR H 2033 -52.52 65.31 -86.40
CA THR H 2033 -51.63 64.34 -87.07
C THR H 2033 -51.19 64.81 -88.46
N GLY H 2034 -52.16 65.14 -89.32
CA GLY H 2034 -51.94 65.43 -90.75
C GLY H 2034 -51.74 64.15 -91.54
N SER H 2035 -52.00 62.99 -90.93
CA SER H 2035 -51.77 61.65 -91.55
C SER H 2035 -52.44 61.60 -92.92
N GLU H 2036 -51.64 61.34 -93.96
CA GLU H 2036 -52.12 61.24 -95.38
C GLU H 2036 -53.02 60.01 -95.52
N PRO H 2037 -52.60 58.80 -95.07
CA PRO H 2037 -53.47 57.62 -95.09
C PRO H 2037 -54.83 57.81 -94.39
N ILE H 2038 -54.87 58.57 -93.30
CA ILE H 2038 -56.11 58.88 -92.52
C ILE H 2038 -56.99 59.83 -93.37
N LYS H 2039 -56.42 60.95 -93.84
CA LYS H 2039 -57.14 61.96 -94.66
C LYS H 2039 -57.92 61.24 -95.76
N GLU H 2040 -57.25 60.43 -96.59
CA GLU H 2040 -57.83 59.80 -97.81
C GLU H 2040 -58.95 58.83 -97.40
N ILE H 2041 -58.92 58.29 -96.17
CA ILE H 2041 -60.01 57.43 -95.59
C ILE H 2041 -61.22 58.31 -95.28
N ILE H 2042 -61.02 59.46 -94.62
CA ILE H 2042 -62.13 60.43 -94.31
C ILE H 2042 -62.83 60.77 -95.63
N ASP H 2043 -62.05 61.18 -96.64
CA ASP H 2043 -62.51 61.61 -97.99
C ASP H 2043 -63.40 60.55 -98.62
N ASN H 2044 -63.09 59.26 -98.43
CA ASN H 2044 -63.84 58.12 -99.02
C ASN H 2044 -64.60 57.34 -97.94
N TRP H 2045 -65.12 58.01 -96.91
CA TRP H 2045 -65.89 57.37 -95.80
C TRP H 2045 -67.10 56.59 -96.38
N GLU H 2046 -67.30 56.65 -97.70
CA GLU H 2046 -68.27 55.83 -98.46
C GLU H 2046 -67.66 54.45 -98.74
N LYS H 2047 -67.08 53.86 -97.68
CA LYS H 2047 -66.71 52.42 -97.53
C LYS H 2047 -67.90 51.69 -96.88
N TYR H 2048 -69.00 52.40 -96.58
CA TYR H 2048 -70.29 51.79 -96.18
C TYR H 2048 -70.83 50.92 -97.32
N GLU H 2049 -70.66 51.39 -98.56
CA GLU H 2049 -70.96 50.62 -99.80
C GLU H 2049 -69.89 49.52 -99.93
N GLN H 2050 -70.31 48.29 -100.26
CA GLN H 2050 -69.56 47.01 -100.05
C GLN H 2050 -68.07 47.27 -99.79
N SER I 5 -127.02 31.64 19.22
CA SER I 5 -125.87 30.70 19.34
C SER I 5 -124.65 31.50 19.84
N THR I 6 -123.48 30.86 19.89
CA THR I 6 -122.22 31.43 20.44
C THR I 6 -121.19 31.48 19.28
N ARG I 7 -120.16 30.61 19.27
CA ARG I 7 -119.10 30.48 18.22
C ARG I 7 -117.73 30.68 18.86
N PRO I 8 -116.78 29.72 18.70
CA PRO I 8 -115.50 29.77 19.41
C PRO I 8 -114.53 30.85 18.89
N LEU I 9 -113.60 31.25 19.76
CA LEU I 9 -112.47 32.16 19.42
C LEU I 9 -111.25 31.73 20.24
N THR I 10 -110.31 31.01 19.62
CA THR I 10 -109.08 30.52 20.28
C THR I 10 -108.14 31.71 20.54
N LEU I 11 -107.97 32.09 21.82
CA LEU I 11 -106.80 32.89 22.28
C LEU I 11 -105.65 31.92 22.48
N SER I 12 -104.44 32.24 21.99
CA SER I 12 -103.30 31.31 21.98
C SER I 12 -101.95 32.04 21.98
N HIS I 13 -100.96 31.36 22.55
CA HIS I 13 -99.51 31.70 22.48
C HIS I 13 -98.74 30.39 22.64
N GLY I 14 -98.18 29.86 21.54
CA GLY I 14 -97.49 28.56 21.52
C GLY I 14 -98.42 27.42 21.95
N SER I 15 -97.99 26.63 22.95
CA SER I 15 -98.69 25.40 23.45
C SER I 15 -100.08 25.73 23.97
N LEU I 16 -100.21 26.81 24.75
CA LEU I 16 -101.39 27.08 25.62
C LEU I 16 -102.40 27.94 24.87
N GLU I 17 -103.69 27.67 25.13
CA GLU I 17 -104.85 28.38 24.51
C GLU I 17 -105.98 28.52 25.54
N HIS I 18 -107.03 29.27 25.18
CA HIS I 18 -108.32 29.39 25.92
C HIS I 18 -109.45 29.56 24.90
N VAL I 19 -110.38 28.60 24.87
CA VAL I 19 -111.56 28.60 23.94
C VAL I 19 -112.60 29.56 24.50
N LEU I 20 -112.97 30.59 23.73
CA LEU I 20 -113.79 31.75 24.19
C LEU I 20 -115.17 31.69 23.52
N LEU I 21 -116.24 31.48 24.30
CA LEU I 21 -117.62 31.29 23.76
C LEU I 21 -118.24 32.67 23.51
N VAL I 22 -117.87 33.31 22.38
CA VAL I 22 -118.28 34.70 22.02
C VAL I 22 -119.68 34.65 21.41
N PRO I 23 -120.66 35.46 21.88
CA PRO I 23 -121.98 35.54 21.24
C PRO I 23 -121.83 35.91 19.76
N THR I 24 -122.69 35.34 18.90
CA THR I 24 -122.70 35.58 17.42
C THR I 24 -122.66 37.09 17.15
N ALA I 25 -123.47 37.90 17.84
CA ALA I 25 -123.54 39.38 17.71
C ALA I 25 -122.13 40.00 17.78
N SER I 26 -121.40 39.73 18.85
CA SER I 26 -120.12 40.42 19.21
C SER I 26 -118.90 39.74 18.56
N PHE I 27 -119.07 38.76 17.65
CA PHE I 27 -117.93 38.00 17.06
C PHE I 27 -117.15 38.89 16.09
N PHE I 28 -117.86 39.72 15.29
CA PHE I 28 -117.26 40.72 14.36
C PHE I 28 -116.11 41.45 15.08
N ILE I 29 -116.44 42.16 16.16
CA ILE I 29 -115.51 43.04 16.93
C ILE I 29 -114.44 42.16 17.61
N ALA I 30 -114.85 41.05 18.23
CA ALA I 30 -114.02 40.18 19.09
C ALA I 30 -112.80 39.64 18.33
N SER I 31 -113.00 39.09 17.12
CA SER I 31 -111.92 38.46 16.29
C SER I 31 -110.98 39.51 15.71
N GLN I 32 -111.44 40.78 15.62
CA GLN I 32 -110.57 41.94 15.29
C GLN I 32 -109.51 42.09 16.38
N LEU I 33 -109.92 42.20 17.66
CA LEU I 33 -109.02 42.36 18.84
C LEU I 33 -108.05 41.17 18.89
N GLN I 34 -108.60 39.94 18.81
CA GLN I 34 -107.88 38.65 18.68
C GLN I 34 -106.66 38.79 17.75
N GLU I 35 -106.88 39.32 16.53
CA GLU I 35 -105.84 39.42 15.46
C GLU I 35 -104.78 40.44 15.88
N GLN I 36 -105.18 41.68 16.19
CA GLN I 36 -104.29 42.80 16.61
C GLN I 36 -103.49 42.39 17.86
N PHE I 37 -104.07 41.56 18.73
CA PHE I 37 -103.46 41.00 19.97
C PHE I 37 -102.33 40.02 19.61
N ASN I 38 -102.62 39.02 18.78
CA ASN I 38 -101.70 37.89 18.46
C ASN I 38 -100.35 38.39 17.94
N LYS I 39 -100.31 39.53 17.22
CA LYS I 39 -99.07 40.12 16.67
C LYS I 39 -98.23 40.75 17.79
N ILE I 40 -98.85 41.40 18.78
CA ILE I 40 -98.14 42.15 19.85
C ILE I 40 -97.57 41.17 20.89
N LEU I 41 -98.02 39.90 20.93
CA LEU I 41 -97.36 38.84 21.75
C LEU I 41 -96.01 38.54 21.11
N PRO I 42 -94.95 38.29 21.91
CA PRO I 42 -93.66 37.89 21.34
C PRO I 42 -93.73 36.44 20.82
N GLU I 43 -92.63 35.98 20.23
CA GLU I 43 -92.45 34.59 19.77
C GLU I 43 -92.42 33.66 20.99
N PRO I 44 -93.17 32.54 21.01
CA PRO I 44 -93.01 31.51 22.05
C PRO I 44 -91.56 31.02 22.26
N THR I 45 -91.20 30.59 23.47
CA THR I 45 -89.89 29.94 23.83
C THR I 45 -90.19 28.66 24.64
N GLU I 46 -89.17 27.85 24.95
CA GLU I 46 -89.25 26.69 25.89
C GLU I 46 -89.46 27.25 27.31
N GLY I 47 -90.43 26.72 28.04
CA GLY I 47 -90.81 27.16 29.40
C GLY I 47 -91.59 28.47 29.43
N PHE I 48 -91.63 29.20 28.30
CA PHE I 48 -92.19 30.58 28.17
C PHE I 48 -91.43 31.53 29.12
N ALA I 49 -90.09 31.49 29.06
CA ALA I 49 -89.18 32.10 30.05
C ALA I 49 -89.10 33.62 29.91
N ALA I 50 -89.31 34.20 28.71
CA ALA I 50 -89.21 35.65 28.43
C ALA I 50 -90.16 36.42 29.38
N ASP I 51 -89.77 37.63 29.80
CA ASP I 51 -90.47 38.43 30.84
C ASP I 51 -91.94 38.62 30.44
N ASP I 52 -92.18 39.10 29.22
CA ASP I 52 -93.52 39.47 28.68
C ASP I 52 -94.12 38.27 27.91
N GLU I 53 -94.17 37.09 28.53
CA GLU I 53 -94.56 35.82 27.85
C GLU I 53 -95.40 34.97 28.79
N PRO I 54 -96.73 34.86 28.57
CA PRO I 54 -97.61 34.17 29.52
C PRO I 54 -97.37 32.66 29.61
N THR I 55 -97.11 32.15 30.82
CA THR I 55 -96.71 30.73 31.08
C THR I 55 -97.97 29.86 31.25
N THR I 56 -99.14 30.44 31.52
CA THR I 56 -100.40 29.69 31.80
C THR I 56 -101.54 30.22 30.93
N PRO I 57 -102.64 29.44 30.76
CA PRO I 57 -103.86 29.95 30.13
C PRO I 57 -104.45 31.19 30.82
N ALA I 58 -104.38 31.23 32.16
CA ALA I 58 -104.91 32.33 33.01
C ALA I 58 -104.18 33.64 32.70
N GLU I 59 -102.84 33.60 32.65
CA GLU I 59 -101.99 34.77 32.33
C GLU I 59 -102.37 35.31 30.95
N LEU I 60 -102.53 34.40 29.98
CA LEU I 60 -102.89 34.68 28.57
C LEU I 60 -104.15 35.56 28.56
N VAL I 61 -105.24 35.08 29.17
CA VAL I 61 -106.54 35.81 29.28
C VAL I 61 -106.28 37.10 30.06
N GLY I 62 -105.40 37.06 31.06
CA GLY I 62 -104.85 38.25 31.74
C GLY I 62 -104.41 39.31 30.75
N LYS I 63 -103.42 38.99 29.92
CA LYS I 63 -102.82 39.92 28.90
C LYS I 63 -103.92 40.49 27.99
N PHE I 64 -104.92 39.69 27.63
CA PHE I 64 -106.03 40.08 26.71
C PHE I 64 -106.91 41.12 27.40
N LEU I 65 -107.31 40.88 28.65
CA LEU I 65 -108.06 41.86 29.49
C LEU I 65 -107.30 43.19 29.49
N GLY I 66 -105.99 43.13 29.74
CA GLY I 66 -105.07 44.30 29.79
C GLY I 66 -105.01 45.04 28.46
N TYR I 67 -104.88 44.32 27.34
CA TYR I 67 -104.89 44.90 25.98
C TYR I 67 -106.23 45.59 25.72
N VAL I 68 -107.35 44.87 25.88
CA VAL I 68 -108.73 45.34 25.56
C VAL I 68 -109.07 46.54 26.45
N SER I 69 -108.63 46.55 27.71
CA SER I 69 -108.78 47.65 28.71
C SER I 69 -108.10 48.93 28.21
N SER I 70 -106.94 48.80 27.55
CA SER I 70 -106.13 49.93 27.02
C SER I 70 -106.90 50.64 25.89
N LEU I 71 -107.80 49.95 25.19
CA LEU I 71 -108.60 50.53 24.07
C LEU I 71 -109.98 51.00 24.58
N VAL I 72 -110.22 51.03 25.89
CA VAL I 72 -111.54 51.41 26.50
C VAL I 72 -111.36 52.70 27.30
N GLU I 73 -112.37 53.59 27.30
CA GLU I 73 -112.41 54.88 28.05
C GLU I 73 -113.15 54.66 29.38
N PRO I 74 -112.66 55.19 30.53
CA PRO I 74 -113.26 54.91 31.85
C PRO I 74 -114.59 55.63 32.16
N SER I 75 -114.87 56.77 31.51
CA SER I 75 -116.13 57.55 31.55
C SER I 75 -117.13 57.05 30.48
N LYS I 76 -116.80 57.16 29.19
CA LYS I 76 -117.71 56.85 28.05
C LYS I 76 -117.69 55.33 27.77
N VAL I 77 -118.64 54.85 26.97
CA VAL I 77 -118.72 53.44 26.49
C VAL I 77 -118.48 53.44 24.97
N GLY I 78 -117.35 52.87 24.53
CA GLY I 78 -117.06 52.52 23.13
C GLY I 78 -117.54 51.12 22.81
N GLN I 79 -116.97 50.50 21.77
CA GLN I 79 -117.50 49.27 21.13
C GLN I 79 -116.96 48.00 21.82
N PHE I 80 -115.84 48.17 22.52
CA PHE I 80 -115.01 47.06 23.06
C PHE I 80 -115.53 46.67 24.45
N ASP I 81 -116.52 47.39 24.97
CA ASP I 81 -117.02 47.24 26.37
C ASP I 81 -117.77 45.91 26.50
N GLN I 82 -118.65 45.56 25.54
CA GLN I 82 -119.44 44.30 25.55
C GLN I 82 -118.51 43.08 25.46
N VAL I 83 -117.34 43.22 24.82
CA VAL I 83 -116.31 42.14 24.68
C VAL I 83 -115.55 41.99 26.00
N LEU I 84 -115.02 43.09 26.55
CA LEU I 84 -114.27 43.13 27.83
C LEU I 84 -115.09 42.39 28.89
N ASN I 85 -116.37 42.75 29.02
CA ASN I 85 -117.31 42.23 30.05
C ASN I 85 -117.43 40.71 29.94
N LEU I 86 -117.45 40.16 28.71
CA LEU I 86 -117.57 38.69 28.47
C LEU I 86 -116.24 37.99 28.81
N CYS I 87 -115.10 38.58 28.47
CA CYS I 87 -113.74 38.07 28.81
C CYS I 87 -113.59 38.02 30.34
N LEU I 88 -113.99 39.10 31.03
CA LEU I 88 -114.02 39.14 32.51
C LEU I 88 -114.86 37.99 33.03
N THR I 89 -116.14 37.93 32.63
CA THR I 89 -117.10 36.87 33.04
C THR I 89 -116.47 35.50 32.82
N GLU I 90 -115.82 35.28 31.67
CA GLU I 90 -115.18 33.98 31.30
C GLU I 90 -113.95 33.74 32.22
N PHE I 91 -113.12 34.76 32.43
CA PHE I 91 -111.93 34.71 33.31
C PHE I 91 -112.35 34.37 34.74
N GLU I 92 -113.35 35.09 35.26
CA GLU I 92 -113.86 34.96 36.65
C GLU I 92 -114.37 33.53 36.88
N ASN I 93 -115.01 32.92 35.87
CA ASN I 93 -115.59 31.55 35.97
C ASN I 93 -114.48 30.51 35.93
N CYS I 94 -113.61 30.55 34.93
CA CYS I 94 -112.60 29.50 34.63
C CYS I 94 -111.46 29.50 35.65
N TYR I 95 -111.09 30.66 36.21
CA TYR I 95 -109.78 30.86 36.88
C TYR I 95 -109.92 31.37 38.32
N LEU I 96 -110.86 32.27 38.61
CA LEU I 96 -111.08 32.80 40.00
C LEU I 96 -111.95 31.84 40.82
N GLU I 97 -113.03 31.33 40.23
CA GLU I 97 -114.05 30.47 40.90
C GLU I 97 -114.55 31.19 42.17
N GLY I 98 -114.88 32.47 42.05
CA GLY I 98 -115.42 33.30 43.15
C GLY I 98 -114.35 33.78 44.13
N ASN I 99 -113.13 33.23 44.06
CA ASN I 99 -112.00 33.62 44.96
C ASN I 99 -111.42 34.95 44.47
N ASP I 100 -110.50 35.52 45.25
CA ASP I 100 -109.85 36.83 44.92
C ASP I 100 -108.72 36.59 43.92
N ILE I 101 -108.40 37.61 43.12
CA ILE I 101 -107.29 37.61 42.12
C ILE I 101 -105.98 37.19 42.80
N HIS I 102 -105.72 37.67 44.01
CA HIS I 102 -104.45 37.43 44.76
C HIS I 102 -104.30 35.94 45.09
N ALA I 103 -105.40 35.27 45.43
CA ALA I 103 -105.43 33.83 45.75
C ALA I 103 -105.01 33.03 44.51
N LEU I 104 -105.51 33.42 43.33
CA LEU I 104 -105.11 32.80 42.04
C LEU I 104 -103.62 33.03 41.81
N ALA I 105 -103.18 34.28 41.94
CA ALA I 105 -101.76 34.69 41.72
C ALA I 105 -100.82 33.80 42.53
N ALA I 106 -101.19 33.44 43.76
CA ALA I 106 -100.38 32.61 44.67
C ALA I 106 -100.40 31.14 44.25
N LYS I 107 -101.50 30.62 43.71
CA LYS I 107 -101.55 29.24 43.13
C LYS I 107 -100.48 29.16 42.05
N LEU I 108 -100.52 30.09 41.10
CA LEU I 108 -99.62 30.09 39.91
C LEU I 108 -98.16 30.10 40.36
N LEU I 109 -97.84 30.78 41.47
CA LEU I 109 -96.45 30.89 41.99
C LEU I 109 -95.93 29.53 42.49
N GLN I 110 -96.65 28.85 43.40
CA GLN I 110 -96.22 27.54 43.95
C GLN I 110 -96.50 26.45 42.91
N GLU I 111 -97.68 26.45 42.27
CA GLU I 111 -98.14 25.34 41.40
C GLU I 111 -97.38 25.38 40.06
N ASN I 112 -97.38 26.50 39.33
CA ASN I 112 -96.74 26.63 37.99
C ASN I 112 -95.36 27.31 38.13
N ASP I 113 -94.69 27.59 37.02
CA ASP I 113 -93.44 28.40 36.98
C ASP I 113 -93.76 29.72 36.28
N THR I 114 -94.62 30.52 36.93
CA THR I 114 -94.74 31.98 36.66
C THR I 114 -93.80 32.69 37.63
N THR I 115 -93.24 33.85 37.25
CA THR I 115 -92.39 34.71 38.12
C THR I 115 -93.29 35.71 38.87
N LEU I 116 -92.74 36.36 39.90
CA LEU I 116 -93.41 37.45 40.67
C LEU I 116 -93.97 38.48 39.69
N VAL I 117 -93.07 39.00 38.84
CA VAL I 117 -93.31 40.16 37.93
C VAL I 117 -94.45 39.81 36.97
N LYS I 118 -94.58 38.54 36.57
CA LYS I 118 -95.65 38.04 35.64
C LYS I 118 -97.00 37.99 36.37
N THR I 119 -96.94 37.82 37.69
CA THR I 119 -98.10 37.72 38.61
C THR I 119 -98.61 39.12 38.93
N LYS I 120 -97.70 40.04 39.29
CA LYS I 120 -98.02 41.49 39.50
C LYS I 120 -98.66 42.05 38.22
N GLU I 121 -98.23 41.58 37.04
CA GLU I 121 -98.85 41.95 35.74
C GLU I 121 -100.27 41.39 35.67
N LEU I 122 -100.48 40.13 36.06
CA LEU I 122 -101.82 39.47 36.05
C LEU I 122 -102.79 40.27 36.94
N ILE I 123 -102.37 40.57 38.17
CA ILE I 123 -103.20 41.34 39.15
C ILE I 123 -103.57 42.69 38.53
N LYS I 124 -102.57 43.43 38.03
CA LYS I 124 -102.75 44.74 37.36
C LYS I 124 -103.84 44.59 36.29
N ASN I 125 -103.67 43.65 35.36
CA ASN I 125 -104.55 43.46 34.18
C ASN I 125 -106.00 43.25 34.61
N TYR I 126 -106.26 42.39 35.60
CA TYR I 126 -107.63 42.00 36.04
C TYR I 126 -108.32 43.18 36.78
N ILE I 127 -107.59 43.88 37.63
CA ILE I 127 -108.17 44.99 38.45
C ILE I 127 -108.37 46.19 37.51
N THR I 128 -107.37 46.55 36.69
CA THR I 128 -107.50 47.59 35.64
C THR I 128 -108.73 47.29 34.81
N ALA I 129 -108.88 46.03 34.37
CA ALA I 129 -110.01 45.54 33.54
C ALA I 129 -111.35 45.80 34.24
N ARG I 130 -111.46 45.47 35.53
CA ARG I 130 -112.71 45.59 36.31
C ARG I 130 -113.18 47.06 36.33
N ILE I 131 -112.27 48.01 36.56
CA ILE I 131 -112.63 49.46 36.69
C ILE I 131 -112.99 50.00 35.30
N MET I 132 -112.14 49.76 34.29
CA MET I 132 -112.34 50.25 32.90
C MET I 132 -113.64 49.67 32.31
N ALA I 133 -114.12 48.52 32.81
CA ALA I 133 -115.37 47.85 32.37
C ALA I 133 -116.56 48.31 33.23
N LYS I 134 -116.40 49.40 33.99
CA LYS I 134 -117.45 50.02 34.84
C LYS I 134 -118.04 48.98 35.80
N ARG I 135 -117.22 48.06 36.31
CA ARG I 135 -117.67 47.00 37.25
C ARG I 135 -116.83 47.09 38.53
N PRO I 136 -117.05 48.12 39.36
CA PRO I 136 -116.24 48.34 40.56
C PRO I 136 -116.51 47.24 41.59
N PHE I 137 -115.75 47.21 42.69
CA PHE I 137 -115.83 46.18 43.76
C PHE I 137 -116.82 46.62 44.83
N ASP I 138 -118.07 46.85 44.45
CA ASP I 138 -119.17 47.30 45.36
C ASP I 138 -119.60 46.15 46.29
N LYS I 139 -119.76 44.93 45.75
CA LYS I 139 -120.11 43.70 46.53
C LYS I 139 -119.12 43.52 47.67
N LYS I 140 -119.62 43.27 48.89
CA LYS I 140 -118.82 42.90 50.09
C LYS I 140 -118.21 41.52 49.82
N SER I 141 -117.00 41.28 50.31
CA SER I 141 -116.12 40.13 49.98
C SER I 141 -116.46 38.92 50.83
N ASN I 142 -116.20 37.73 50.32
CA ASN I 142 -116.43 36.44 51.03
C ASN I 142 -115.14 36.04 51.78
N SER I 143 -114.25 37.00 52.09
CA SER I 143 -112.93 36.73 52.73
C SER I 143 -113.13 35.82 53.94
N ALA I 144 -112.40 34.71 53.99
CA ALA I 144 -112.47 33.69 55.06
C ALA I 144 -111.99 34.29 56.37
N LEU I 145 -110.94 35.11 56.32
CA LEU I 145 -110.41 35.77 57.54
C LEU I 145 -111.50 36.69 58.11
N PHE I 146 -112.10 37.52 57.26
CA PHE I 146 -113.03 38.59 57.69
C PHE I 146 -114.37 37.96 58.14
N ARG I 147 -114.82 36.90 57.48
CA ARG I 147 -115.99 36.10 57.94
C ARG I 147 -115.74 35.64 59.39
N ALA I 148 -114.52 35.18 59.68
CA ALA I 148 -114.15 34.53 60.96
C ALA I 148 -114.09 35.57 62.08
N VAL I 149 -113.54 36.76 61.84
CA VAL I 149 -113.54 37.87 62.85
C VAL I 149 -114.98 38.35 62.99
N GLY I 150 -115.75 38.27 61.91
CA GLY I 150 -117.22 38.46 61.88
C GLY I 150 -117.93 37.57 62.90
N GLU I 151 -117.58 36.29 62.97
CA GLU I 151 -118.20 35.27 63.86
C GLU I 151 -117.52 35.28 65.24
N GLY I 152 -116.46 36.07 65.44
CA GLY I 152 -115.67 36.11 66.69
C GLY I 152 -114.85 34.84 66.91
N ASN I 153 -114.31 34.24 65.86
CA ASN I 153 -113.26 33.17 65.92
C ASN I 153 -111.89 33.77 65.65
N ALA I 154 -111.82 35.09 65.47
CA ALA I 154 -110.61 35.82 65.08
C ALA I 154 -110.74 37.27 65.51
N GLN I 155 -109.61 37.94 65.74
CA GLN I 155 -109.57 39.40 65.98
C GLN I 155 -108.26 39.94 65.38
N LEU I 156 -108.37 41.08 64.70
CA LEU I 156 -107.25 41.73 63.96
C LEU I 156 -106.75 42.91 64.78
N VAL I 157 -105.44 43.09 64.84
CA VAL I 157 -104.83 44.41 65.13
C VAL I 157 -104.06 44.82 63.88
N ALA I 158 -104.16 46.09 63.48
CA ALA I 158 -103.44 46.67 62.33
C ALA I 158 -102.19 47.35 62.86
N ILE I 159 -101.02 46.99 62.31
CA ILE I 159 -99.73 47.66 62.66
C ILE I 159 -99.17 48.33 61.41
N PHE I 160 -98.44 49.41 61.63
CA PHE I 160 -97.87 50.27 60.57
C PHE I 160 -96.38 50.43 60.83
N GLY I 161 -95.59 50.06 59.83
CA GLY I 161 -94.12 50.09 59.90
C GLY I 161 -93.62 51.52 59.96
N GLY I 162 -92.34 51.66 60.30
CA GLY I 162 -91.64 52.95 60.33
C GLY I 162 -90.52 52.98 59.31
N GLN I 163 -89.56 53.87 59.53
CA GLN I 163 -88.39 54.00 58.65
C GLN I 163 -87.44 52.82 58.91
N GLY I 164 -86.63 52.45 57.93
CA GLY I 164 -85.44 51.61 58.12
C GLY I 164 -85.69 50.15 57.77
N ASN I 165 -86.81 49.81 57.15
CA ASN I 165 -87.18 48.39 56.88
C ASN I 165 -86.41 47.90 55.65
N THR I 166 -86.20 48.73 54.60
CA THR I 166 -85.32 48.45 53.42
C THR I 166 -84.65 49.74 52.93
N ASP I 167 -83.60 49.61 52.11
CA ASP I 167 -82.83 50.78 51.56
C ASP I 167 -83.58 51.39 50.37
N ASP I 168 -84.56 50.67 49.82
CA ASP I 168 -85.22 51.08 48.56
C ASP I 168 -86.72 51.20 48.78
N TYR I 169 -87.14 52.03 49.75
CA TYR I 169 -88.57 52.12 50.16
C TYR I 169 -89.44 52.60 49.00
N PHE I 170 -88.93 53.51 48.18
CA PHE I 170 -89.71 54.22 47.14
C PHE I 170 -90.22 53.21 46.09
N GLU I 171 -89.55 52.07 45.93
CA GLU I 171 -89.92 51.05 44.93
C GLU I 171 -91.28 50.47 45.34
N GLU I 172 -91.56 50.36 46.65
CA GLU I 172 -92.85 49.83 47.15
C GLU I 172 -93.97 50.74 46.63
N LEU I 173 -93.74 52.07 46.61
CA LEU I 173 -94.71 53.06 46.08
C LEU I 173 -94.88 52.83 44.58
N ARG I 174 -93.79 52.78 43.81
CA ARG I 174 -93.84 52.48 42.36
C ARG I 174 -94.76 51.29 42.11
N ASP I 175 -94.51 50.18 42.81
CA ASP I 175 -95.22 48.88 42.65
C ASP I 175 -96.72 49.11 42.82
N LEU I 176 -97.12 49.87 43.86
CA LEU I 176 -98.54 50.22 44.14
C LEU I 176 -99.11 51.01 42.96
N TYR I 177 -98.49 52.13 42.61
CA TYR I 177 -98.92 53.06 41.53
C TYR I 177 -99.04 52.30 40.21
N GLN I 178 -98.08 51.42 39.90
CA GLN I 178 -98.05 50.67 38.61
C GLN I 178 -99.08 49.54 38.63
N THR I 179 -99.08 48.71 39.69
CA THR I 179 -99.96 47.52 39.79
C THR I 179 -101.41 47.97 39.99
N TYR I 180 -101.70 48.73 41.05
CA TYR I 180 -103.08 49.05 41.53
C TYR I 180 -103.44 50.50 41.23
N HIS I 181 -103.13 51.02 40.04
CA HIS I 181 -103.34 52.45 39.68
C HIS I 181 -104.81 52.82 39.88
N VAL I 182 -105.71 52.01 39.33
CA VAL I 182 -107.18 52.28 39.28
C VAL I 182 -107.74 52.41 40.71
N LEU I 183 -107.10 51.79 41.71
CA LEU I 183 -107.58 51.80 43.12
C LEU I 183 -106.94 52.96 43.89
N VAL I 184 -105.67 53.25 43.62
CA VAL I 184 -104.80 54.07 44.52
C VAL I 184 -104.40 55.40 43.84
N GLY I 185 -104.55 55.52 42.52
CA GLY I 185 -104.17 56.70 41.72
C GLY I 185 -104.71 58.00 42.30
N ASP I 186 -106.02 58.05 42.60
CA ASP I 186 -106.70 59.21 43.26
C ASP I 186 -105.93 59.61 44.53
N LEU I 187 -105.57 58.64 45.39
CA LEU I 187 -104.91 58.86 46.71
C LEU I 187 -103.50 59.43 46.51
N ILE I 188 -102.71 58.84 45.61
CA ILE I 188 -101.34 59.34 45.26
C ILE I 188 -101.46 60.80 44.81
N LYS I 189 -102.34 61.05 43.84
CA LYS I 189 -102.57 62.38 43.23
C LYS I 189 -102.91 63.39 44.33
N PHE I 190 -103.86 63.05 45.20
CA PHE I 190 -104.25 63.91 46.36
C PHE I 190 -103.04 64.18 47.25
N SER I 191 -102.30 63.12 47.63
CA SER I 191 -101.12 63.20 48.52
C SER I 191 -100.07 64.14 47.92
N ALA I 192 -99.79 64.00 46.62
CA ALA I 192 -98.81 64.84 45.88
C ALA I 192 -99.26 66.30 45.98
N GLU I 193 -100.49 66.60 45.57
CA GLU I 193 -101.06 67.97 45.55
C GLU I 193 -101.03 68.55 46.96
N THR I 194 -101.37 67.74 47.97
CA THR I 194 -101.39 68.13 49.40
C THR I 194 -99.99 68.60 49.80
N LEU I 195 -98.97 67.82 49.47
CA LEU I 195 -97.55 68.10 49.85
C LEU I 195 -97.03 69.34 49.10
N SER I 196 -97.29 69.48 47.79
CA SER I 196 -96.91 70.69 47.01
C SER I 196 -97.39 71.94 47.76
N GLU I 197 -98.65 71.91 48.21
CA GLU I 197 -99.34 73.00 48.93
C GLU I 197 -98.67 73.23 50.28
N LEU I 198 -98.42 72.16 51.04
CA LEU I 198 -97.68 72.22 52.33
C LEU I 198 -96.40 73.03 52.13
N ILE I 199 -95.67 72.81 51.03
CA ILE I 199 -94.38 73.49 50.71
C ILE I 199 -94.66 74.99 50.49
N ARG I 200 -95.52 75.34 49.54
CA ARG I 200 -95.89 76.75 49.23
C ARG I 200 -96.24 77.49 50.54
N THR I 201 -97.18 76.96 51.33
CA THR I 201 -97.71 77.50 52.61
C THR I 201 -96.61 77.72 53.65
N THR I 202 -95.72 76.74 53.85
CA THR I 202 -94.77 76.68 54.99
C THR I 202 -93.53 77.48 54.65
N LEU I 203 -93.04 78.29 55.60
CA LEU I 203 -92.12 79.43 55.33
C LEU I 203 -90.92 78.95 54.50
N ASP I 204 -89.96 78.24 55.11
CA ASP I 204 -88.65 77.98 54.47
C ASP I 204 -88.61 76.54 53.96
N ALA I 205 -89.76 76.01 53.53
CA ALA I 205 -89.93 74.58 53.15
C ALA I 205 -89.02 74.23 51.95
N GLU I 206 -89.04 75.04 50.89
CA GLU I 206 -88.31 74.76 49.62
C GLU I 206 -86.81 74.62 49.91
N LYS I 207 -86.27 75.29 50.94
CA LYS I 207 -84.84 75.23 51.33
C LYS I 207 -84.45 73.78 51.71
N VAL I 208 -85.44 72.95 52.08
CA VAL I 208 -85.24 71.51 52.43
C VAL I 208 -85.41 70.63 51.20
N PHE I 209 -86.45 70.87 50.39
CA PHE I 209 -86.80 70.07 49.19
C PHE I 209 -86.01 70.57 47.98
N THR I 210 -84.68 70.41 48.04
CA THR I 210 -83.66 70.97 47.11
C THR I 210 -83.93 70.51 45.67
N GLN I 211 -84.51 69.31 45.49
CA GLN I 211 -84.81 68.71 44.17
C GLN I 211 -86.34 68.52 44.01
N GLY I 212 -87.14 69.40 44.62
CA GLY I 212 -88.61 69.40 44.54
C GLY I 212 -89.22 68.17 45.20
N LEU I 213 -90.51 67.96 45.00
CA LEU I 213 -91.28 66.81 45.55
C LEU I 213 -92.36 66.44 44.53
N ASN I 214 -92.02 66.53 43.23
CA ASN I 214 -92.98 66.27 42.12
C ASN I 214 -93.11 64.75 41.98
N ILE I 215 -93.83 64.11 42.89
CA ILE I 215 -93.79 62.63 43.07
C ILE I 215 -94.51 61.99 41.88
N LEU I 216 -95.53 62.65 41.34
CA LEU I 216 -96.30 62.14 40.18
C LEU I 216 -95.35 61.99 38.98
N GLU I 217 -94.46 62.96 38.77
CA GLU I 217 -93.45 62.93 37.67
C GLU I 217 -92.49 61.76 37.91
N TRP I 218 -92.08 61.52 39.16
CA TRP I 218 -91.09 60.46 39.52
C TRP I 218 -91.68 59.10 39.15
N LEU I 219 -92.96 58.87 39.45
CA LEU I 219 -93.65 57.57 39.22
C LEU I 219 -93.87 57.36 37.73
N GLU I 220 -94.17 58.43 36.97
CA GLU I 220 -94.40 58.40 35.50
C GLU I 220 -93.10 58.10 34.77
N ASN I 221 -92.05 58.90 35.03
CA ASN I 221 -90.73 58.83 34.36
C ASN I 221 -89.67 58.47 35.39
N PRO I 222 -89.36 57.17 35.56
CA PRO I 222 -88.28 56.74 36.46
C PRO I 222 -87.00 57.57 36.27
N SER I 223 -86.64 57.88 35.02
CA SER I 223 -85.45 58.67 34.63
C SER I 223 -85.43 60.04 35.31
N ASN I 224 -86.59 60.57 35.75
CA ASN I 224 -86.73 61.91 36.36
C ASN I 224 -86.78 61.81 37.90
N THR I 225 -86.58 60.62 38.47
CA THR I 225 -86.55 60.38 39.94
C THR I 225 -85.21 60.85 40.50
N PRO I 226 -85.17 61.65 41.58
CA PRO I 226 -83.92 61.93 42.29
C PRO I 226 -83.21 60.64 42.76
N ASP I 227 -81.93 60.76 43.10
CA ASP I 227 -81.07 59.68 43.65
C ASP I 227 -81.66 59.20 44.99
N LYS I 228 -81.26 58.01 45.45
CA LYS I 228 -81.86 57.35 46.64
C LYS I 228 -81.55 58.16 47.91
N ASP I 229 -80.46 58.94 47.93
CA ASP I 229 -80.06 59.77 49.10
C ASP I 229 -81.13 60.83 49.36
N TYR I 230 -81.54 61.55 48.32
CA TYR I 230 -82.62 62.57 48.40
C TYR I 230 -83.91 61.90 48.87
N LEU I 231 -84.32 60.83 48.19
CA LEU I 231 -85.55 60.06 48.48
C LEU I 231 -85.56 59.59 49.94
N LEU I 232 -84.42 59.27 50.54
CA LEU I 232 -84.39 58.62 51.86
C LEU I 232 -84.41 59.66 52.98
N SER I 233 -83.99 60.91 52.68
CA SER I 233 -83.94 62.01 53.68
C SER I 233 -85.37 62.28 54.15
N ILE I 234 -85.56 62.47 55.45
CA ILE I 234 -86.88 62.32 56.13
C ILE I 234 -87.91 63.30 55.57
N PRO I 235 -87.56 64.56 55.20
CA PRO I 235 -88.57 65.53 54.76
C PRO I 235 -89.44 64.98 53.62
N ILE I 236 -88.91 64.04 52.84
CA ILE I 236 -89.62 63.46 51.66
C ILE I 236 -89.99 62.00 51.97
N SER I 237 -89.18 61.27 52.73
CA SER I 237 -89.41 59.81 53.01
C SER I 237 -90.52 59.64 54.07
N CYS I 238 -90.57 60.48 55.10
CA CYS I 238 -91.61 60.43 56.16
C CYS I 238 -92.98 60.42 55.53
N PRO I 239 -93.41 61.52 54.86
CA PRO I 239 -94.74 61.59 54.26
C PRO I 239 -94.97 60.41 53.32
N LEU I 240 -93.99 60.14 52.45
CA LEU I 240 -94.15 59.18 51.32
C LEU I 240 -94.30 57.74 51.87
N ILE I 241 -93.67 57.40 52.98
CA ILE I 241 -93.89 56.08 53.64
C ILE I 241 -95.35 56.04 54.07
N GLY I 242 -95.82 57.08 54.76
CA GLY I 242 -97.24 57.27 55.13
C GLY I 242 -98.17 57.03 53.96
N VAL I 243 -97.82 57.52 52.76
CA VAL I 243 -98.62 57.34 51.52
C VAL I 243 -98.65 55.84 51.17
N ILE I 244 -97.52 55.14 51.26
CA ILE I 244 -97.43 53.68 50.97
C ILE I 244 -98.41 52.93 51.89
N GLN I 245 -98.38 53.22 53.19
CA GLN I 245 -99.22 52.52 54.19
C GLN I 245 -100.68 52.83 53.85
N LEU I 246 -101.01 54.11 53.69
CA LEU I 246 -102.39 54.57 53.34
C LEU I 246 -102.86 53.87 52.07
N ALA I 247 -101.98 53.68 51.08
CA ALA I 247 -102.30 53.04 49.79
C ALA I 247 -102.62 51.56 49.98
N HIS I 248 -101.77 50.85 50.74
CA HIS I 248 -101.99 49.42 51.09
C HIS I 248 -103.33 49.27 51.83
N TYR I 249 -103.64 50.21 52.72
CA TYR I 249 -104.91 50.22 53.48
C TYR I 249 -106.07 50.30 52.48
N VAL I 250 -105.98 51.21 51.51
CA VAL I 250 -106.99 51.40 50.44
C VAL I 250 -107.17 50.10 49.65
N VAL I 251 -106.12 49.56 49.00
CA VAL I 251 -106.28 48.34 48.14
C VAL I 251 -106.97 47.27 48.99
N THR I 252 -106.59 47.17 50.27
CA THR I 252 -107.09 46.16 51.23
C THR I 252 -108.60 46.37 51.40
N ALA I 253 -109.03 47.61 51.68
CA ALA I 253 -110.46 47.98 51.82
C ALA I 253 -111.21 47.71 50.50
N LYS I 254 -110.76 48.30 49.39
CA LYS I 254 -111.49 48.31 48.10
C LYS I 254 -111.74 46.86 47.64
N LEU I 255 -110.77 45.96 47.81
CA LEU I 255 -110.86 44.54 47.36
C LEU I 255 -111.77 43.75 48.29
N LEU I 256 -111.84 44.09 49.59
CA LEU I 256 -112.78 43.45 50.55
C LEU I 256 -114.19 43.99 50.33
N GLY I 257 -114.36 44.98 49.45
CA GLY I 257 -115.65 45.66 49.19
C GLY I 257 -116.06 46.51 50.39
N PHE I 258 -115.08 47.03 51.13
CA PHE I 258 -115.29 47.84 52.36
C PHE I 258 -115.02 49.31 52.04
N THR I 259 -115.59 50.17 52.87
CA THR I 259 -115.16 51.57 53.06
C THR I 259 -114.02 51.53 54.09
N PRO I 260 -113.19 52.59 54.19
CA PRO I 260 -112.13 52.62 55.20
C PRO I 260 -112.65 52.33 56.60
N GLY I 261 -113.75 52.98 56.99
CA GLY I 261 -114.39 52.84 58.32
C GLY I 261 -114.88 51.42 58.54
N GLU I 262 -115.45 50.80 57.51
CA GLU I 262 -115.95 49.40 57.56
C GLU I 262 -114.77 48.48 57.93
N LEU I 263 -113.64 48.64 57.23
CA LEU I 263 -112.37 47.91 57.54
C LEU I 263 -112.00 48.17 58.99
N ARG I 264 -111.84 49.44 59.39
CA ARG I 264 -111.28 49.75 60.73
C ARG I 264 -112.25 49.25 61.81
N SER I 265 -113.53 49.09 61.50
CA SER I 265 -114.54 48.55 62.44
C SER I 265 -114.15 47.13 62.84
N TYR I 266 -113.58 46.35 61.90
CA TYR I 266 -113.21 44.91 62.07
C TYR I 266 -111.95 44.77 62.92
N LEU I 267 -111.26 45.88 63.23
CA LEU I 267 -110.00 45.90 64.01
C LEU I 267 -110.32 45.98 65.51
N LYS I 268 -109.76 45.09 66.33
CA LYS I 268 -109.77 45.20 67.82
C LYS I 268 -108.99 46.47 68.22
N GLY I 269 -107.93 46.81 67.50
CA GLY I 269 -107.06 47.97 67.81
C GLY I 269 -106.08 48.24 66.68
N ALA I 270 -105.17 49.20 66.87
CA ALA I 270 -104.12 49.54 65.88
C ALA I 270 -102.96 50.28 66.57
N THR I 271 -101.76 50.13 66.05
CA THR I 271 -100.56 50.90 66.48
C THR I 271 -99.53 50.88 65.36
N GLY I 272 -98.43 51.60 65.56
CA GLY I 272 -97.32 51.72 64.61
C GLY I 272 -95.98 51.81 65.31
N HIS I 273 -94.95 51.31 64.62
CA HIS I 273 -93.53 51.39 65.01
C HIS I 273 -93.00 52.73 64.52
N SER I 274 -92.39 53.52 65.41
CA SER I 274 -91.82 54.85 65.06
C SER I 274 -92.96 55.68 64.43
N GLN I 275 -92.82 56.11 63.17
CA GLN I 275 -93.71 57.07 62.46
C GLN I 275 -94.95 56.37 61.86
N GLY I 276 -95.06 55.06 62.06
CA GLY I 276 -96.25 54.29 61.70
C GLY I 276 -97.40 54.65 62.62
N LEU I 277 -97.07 55.09 63.84
CA LEU I 277 -98.04 55.52 64.88
C LEU I 277 -99.00 56.54 64.25
N VAL I 278 -98.47 57.45 63.44
CA VAL I 278 -99.27 58.52 62.81
C VAL I 278 -100.36 57.86 61.96
N THR I 279 -100.00 56.97 61.03
CA THR I 279 -101.02 56.42 60.07
C THR I 279 -101.95 55.47 60.85
N ALA I 280 -101.55 54.99 62.03
CA ALA I 280 -102.40 54.13 62.89
C ALA I 280 -103.58 54.95 63.42
N VAL I 281 -103.30 56.09 64.06
CA VAL I 281 -104.34 56.94 64.69
C VAL I 281 -105.24 57.52 63.58
N ALA I 282 -104.67 57.88 62.43
CA ALA I 282 -105.41 58.47 61.29
C ALA I 282 -106.44 57.45 60.77
N ILE I 283 -106.08 56.17 60.74
CA ILE I 283 -106.95 55.05 60.30
C ILE I 283 -108.12 54.90 61.28
N ALA I 284 -107.89 55.13 62.58
CA ALA I 284 -108.90 54.93 63.64
C ALA I 284 -110.09 55.88 63.43
N GLU I 285 -109.82 57.11 62.97
CA GLU I 285 -110.85 58.17 62.73
C GLU I 285 -111.64 57.91 61.44
N THR I 286 -111.12 57.04 60.57
CA THR I 286 -111.59 56.85 59.18
C THR I 286 -113.04 56.34 59.21
N ASP I 287 -113.78 56.57 58.11
CA ASP I 287 -115.25 56.33 58.07
C ASP I 287 -115.70 55.99 56.63
N SER I 288 -116.20 56.94 55.86
CA SER I 288 -116.58 56.74 54.43
C SER I 288 -115.47 57.23 53.51
N TRP I 289 -115.58 56.93 52.21
CA TRP I 289 -114.65 57.40 51.14
C TRP I 289 -114.70 58.93 51.06
N GLU I 290 -115.90 59.52 51.06
CA GLU I 290 -116.14 60.98 50.99
C GLU I 290 -115.31 61.70 52.06
N SER I 291 -115.15 61.10 53.25
CA SER I 291 -114.45 61.70 54.42
C SER I 291 -113.10 61.01 54.65
N PHE I 292 -112.56 60.34 53.65
CA PHE I 292 -111.28 59.58 53.78
C PHE I 292 -110.13 60.58 53.64
N PHE I 293 -110.18 61.42 52.61
CA PHE I 293 -109.06 62.33 52.21
C PHE I 293 -108.81 63.37 53.31
N VAL I 294 -109.75 63.59 54.23
CA VAL I 294 -109.53 64.46 55.42
C VAL I 294 -108.59 63.71 56.37
N SER I 295 -108.78 62.42 56.59
CA SER I 295 -107.89 61.57 57.43
C SER I 295 -106.52 61.46 56.76
N VAL I 296 -106.48 61.24 55.44
CA VAL I 296 -105.23 61.20 54.63
C VAL I 296 -104.48 62.51 54.83
N ARG I 297 -105.14 63.64 54.60
CA ARG I 297 -104.54 64.99 54.82
C ARG I 297 -103.91 64.96 56.20
N LYS I 298 -104.69 64.70 57.25
CA LYS I 298 -104.21 64.75 58.66
C LYS I 298 -102.89 64.01 58.79
N ALA I 299 -102.84 62.74 58.37
CA ALA I 299 -101.65 61.85 58.50
C ALA I 299 -100.44 62.50 57.83
N ILE I 300 -100.54 62.81 56.53
CA ILE I 300 -99.35 63.16 55.71
C ILE I 300 -98.92 64.61 56.01
N THR I 301 -99.76 65.44 56.65
CA THR I 301 -99.31 66.80 57.09
C THR I 301 -98.61 66.64 58.44
N VAL I 302 -98.92 65.63 59.25
CA VAL I 302 -98.11 65.33 60.48
C VAL I 302 -96.73 64.87 60.01
N LEU I 303 -96.70 63.81 59.19
CA LEU I 303 -95.44 63.18 58.69
C LEU I 303 -94.56 64.24 58.01
N PHE I 304 -95.15 65.16 57.25
CA PHE I 304 -94.44 66.23 56.53
C PHE I 304 -93.67 67.10 57.53
N PHE I 305 -94.35 67.60 58.55
CA PHE I 305 -93.75 68.53 59.55
C PHE I 305 -92.73 67.78 60.40
N ILE I 306 -93.01 66.52 60.77
CA ILE I 306 -92.04 65.64 61.48
C ILE I 306 -90.73 65.63 60.68
N GLY I 307 -90.83 65.25 59.39
CA GLY I 307 -89.72 65.29 58.42
C GLY I 307 -89.02 66.65 58.41
N VAL I 308 -89.73 67.71 58.02
CA VAL I 308 -89.11 69.05 57.76
C VAL I 308 -88.42 69.52 59.04
N ARG I 309 -89.07 69.43 60.20
CA ARG I 309 -88.55 70.04 61.46
C ARG I 309 -87.42 69.19 62.01
N CYS I 310 -87.55 67.86 61.97
CA CYS I 310 -86.53 66.91 62.48
C CYS I 310 -85.27 66.95 61.61
N TYR I 311 -85.41 67.29 60.32
CA TYR I 311 -84.25 67.47 59.41
C TYR I 311 -83.53 68.76 59.83
N GLU I 312 -84.28 69.87 59.89
CA GLU I 312 -83.76 71.20 60.28
C GLU I 312 -83.05 71.09 61.63
N ALA I 313 -83.53 70.23 62.53
CA ALA I 313 -82.98 70.04 63.89
C ALA I 313 -81.61 69.35 63.83
N TYR I 314 -81.51 68.25 63.09
CA TYR I 314 -80.26 67.47 62.90
C TYR I 314 -80.13 67.05 61.44
N PRO I 315 -79.72 67.97 60.54
CA PRO I 315 -79.52 67.64 59.12
C PRO I 315 -78.25 66.79 58.97
N ASN I 316 -78.27 65.83 58.06
CA ASN I 316 -77.19 64.81 57.95
C ASN I 316 -76.07 65.41 57.10
N THR I 317 -74.84 65.42 57.62
CA THR I 317 -73.66 66.06 57.00
C THR I 317 -72.75 65.00 56.37
N SER I 318 -71.81 65.47 55.53
CA SER I 318 -70.74 64.66 54.89
C SER I 318 -70.12 63.71 55.89
N LEU I 319 -70.02 62.45 55.49
CA LEU I 319 -69.36 61.35 56.21
C LEU I 319 -67.90 61.26 55.79
N PRO I 320 -66.93 61.38 56.73
CA PRO I 320 -65.51 61.21 56.41
C PRO I 320 -65.28 59.90 55.66
N PRO I 321 -64.83 59.93 54.40
CA PRO I 321 -64.68 58.72 53.59
C PRO I 321 -63.94 57.56 54.28
N SER I 322 -62.89 57.86 55.06
CA SER I 322 -62.13 56.86 55.86
C SER I 322 -63.12 55.99 56.64
N ILE I 323 -63.99 56.65 57.41
CA ILE I 323 -65.04 56.00 58.27
C ILE I 323 -65.96 55.12 57.41
N LEU I 324 -66.45 55.63 56.27
CA LEU I 324 -67.33 54.86 55.35
C LEU I 324 -66.58 53.61 54.86
N GLU I 325 -65.40 53.78 54.26
CA GLU I 325 -64.60 52.67 53.68
C GLU I 325 -64.39 51.58 54.75
N ASP I 326 -64.13 51.97 56.00
CA ASP I 326 -63.83 51.03 57.12
C ASP I 326 -65.10 50.24 57.47
N SER I 327 -66.21 50.93 57.74
CA SER I 327 -67.51 50.31 58.12
C SER I 327 -67.91 49.33 57.03
N LEU I 328 -67.69 49.67 55.76
CA LEU I 328 -68.08 48.82 54.60
C LEU I 328 -67.21 47.55 54.59
N GLU I 329 -65.90 47.66 54.76
CA GLU I 329 -65.02 46.46 54.67
C GLU I 329 -65.19 45.55 55.89
N ASN I 330 -65.80 46.04 56.96
CA ASN I 330 -66.13 45.25 58.19
C ASN I 330 -67.60 44.81 58.20
N ASN I 331 -68.26 44.86 57.05
CA ASN I 331 -69.64 44.34 56.84
C ASN I 331 -70.63 44.92 57.85
N GLU I 332 -70.24 45.98 58.57
CA GLU I 332 -71.18 46.96 59.19
C GLU I 332 -71.85 47.68 58.01
N GLY I 333 -72.74 48.64 58.26
CA GLY I 333 -73.48 49.29 57.17
C GLY I 333 -72.73 50.45 56.53
N VAL I 334 -73.44 51.22 55.70
CA VAL I 334 -73.17 52.65 55.41
C VAL I 334 -73.59 53.43 56.66
N PRO I 335 -72.64 54.00 57.42
CA PRO I 335 -72.98 54.71 58.65
C PRO I 335 -74.15 55.66 58.44
N SER I 336 -75.09 55.61 59.39
CA SER I 336 -76.36 56.38 59.45
C SER I 336 -76.61 56.72 60.91
N PRO I 337 -77.63 57.54 61.26
CA PRO I 337 -77.88 57.92 62.65
C PRO I 337 -78.62 56.89 63.51
N MET I 338 -78.92 55.70 62.97
CA MET I 338 -79.58 54.59 63.72
C MET I 338 -78.86 53.26 63.40
N LEU I 339 -78.49 52.52 64.46
CA LEU I 339 -77.61 51.33 64.42
C LEU I 339 -78.36 50.16 65.08
N SER I 340 -78.58 49.07 64.36
CA SER I 340 -79.31 47.86 64.83
C SER I 340 -78.34 46.84 65.40
N ILE I 341 -78.71 46.13 66.48
CA ILE I 341 -77.84 45.16 67.20
C ILE I 341 -78.62 43.91 67.61
N SER I 342 -78.54 42.86 66.78
CA SER I 342 -79.07 41.49 67.09
C SER I 342 -78.24 40.83 68.19
N ASN I 343 -78.92 40.04 69.03
CA ASN I 343 -78.36 38.90 69.82
C ASN I 343 -77.67 39.40 71.09
N LEU I 344 -77.90 40.65 71.48
CA LEU I 344 -77.43 41.22 72.77
C LEU I 344 -78.65 41.66 73.61
N THR I 345 -78.61 41.36 74.92
CA THR I 345 -79.54 41.89 75.96
C THR I 345 -79.60 43.41 75.85
N GLN I 346 -80.72 44.01 76.27
CA GLN I 346 -80.83 45.47 76.45
C GLN I 346 -79.75 45.95 77.43
N GLU I 347 -79.62 45.28 78.57
CA GLU I 347 -78.67 45.71 79.64
C GLU I 347 -77.23 45.52 79.11
N GLN I 348 -76.98 44.54 78.25
CA GLN I 348 -75.67 44.32 77.57
C GLN I 348 -75.35 45.55 76.70
N VAL I 349 -76.19 45.81 75.68
CA VAL I 349 -76.07 46.99 74.76
C VAL I 349 -75.87 48.26 75.60
N GLN I 350 -76.63 48.45 76.68
CA GLN I 350 -76.61 49.69 77.49
C GLN I 350 -75.22 49.88 78.10
N ASP I 351 -74.52 48.79 78.47
CA ASP I 351 -73.12 48.83 78.97
C ASP I 351 -72.22 49.49 77.91
N TYR I 352 -72.29 48.96 76.68
CA TYR I 352 -71.44 49.40 75.54
C TYR I 352 -71.72 50.87 75.23
N VAL I 353 -72.98 51.34 75.30
CA VAL I 353 -73.30 52.77 75.02
C VAL I 353 -72.76 53.61 76.19
N ASN I 354 -72.95 53.18 77.43
CA ASN I 354 -72.44 53.89 78.63
C ASN I 354 -70.94 54.15 78.46
N LYS I 355 -70.19 53.10 78.09
CA LYS I 355 -68.73 53.14 77.87
C LYS I 355 -68.41 54.15 76.75
N THR I 356 -68.95 53.92 75.55
CA THR I 356 -68.78 54.80 74.36
C THR I 356 -69.19 56.24 74.72
N ASN I 357 -70.30 56.42 75.43
CA ASN I 357 -70.87 57.74 75.82
C ASN I 357 -69.95 58.45 76.82
N SER I 358 -69.21 57.68 77.65
CA SER I 358 -68.40 58.22 78.77
C SER I 358 -67.33 59.19 78.25
N HIS I 359 -66.86 59.02 77.01
CA HIS I 359 -65.78 59.84 76.38
C HIS I 359 -66.33 60.98 75.53
N LEU I 360 -67.64 61.01 75.25
CA LEU I 360 -68.27 62.00 74.33
C LEU I 360 -69.01 63.05 75.15
N PRO I 361 -69.05 64.33 74.70
CA PRO I 361 -69.89 65.35 75.34
C PRO I 361 -71.38 65.13 75.02
N ALA I 362 -72.26 65.88 75.71
CA ALA I 362 -73.74 65.79 75.64
C ALA I 362 -74.22 65.67 74.18
N GLY I 363 -73.81 66.61 73.33
CA GLY I 363 -74.28 66.78 71.94
C GLY I 363 -74.07 65.54 71.09
N LYS I 364 -73.10 64.68 71.42
CA LYS I 364 -72.64 63.55 70.56
C LYS I 364 -72.95 62.21 71.21
N GLN I 365 -73.69 62.20 72.33
CA GLN I 365 -74.05 60.95 73.05
C GLN I 365 -75.02 60.13 72.19
N VAL I 366 -75.03 58.81 72.38
CA VAL I 366 -75.97 57.89 71.70
C VAL I 366 -76.87 57.25 72.77
N GLU I 367 -78.12 56.96 72.41
CA GLU I 367 -79.10 56.32 73.32
C GLU I 367 -79.82 55.19 72.59
N ILE I 368 -80.24 54.17 73.32
CA ILE I 368 -81.15 53.09 72.85
C ILE I 368 -82.44 53.74 72.35
N SER I 369 -82.75 53.54 71.07
CA SER I 369 -83.85 54.21 70.34
C SER I 369 -85.08 53.32 70.34
N LEU I 370 -84.88 52.04 70.01
CA LEU I 370 -85.96 51.04 69.86
C LEU I 370 -85.56 49.80 70.68
N VAL I 371 -86.55 49.12 71.27
CA VAL I 371 -86.38 47.79 71.92
C VAL I 371 -87.36 46.85 71.23
N ASN I 372 -86.99 46.45 70.02
CA ASN I 372 -87.85 45.68 69.08
C ASN I 372 -88.13 44.29 69.64
N GLY I 373 -87.23 43.75 70.46
CA GLY I 373 -87.37 42.40 71.07
C GLY I 373 -86.40 42.22 72.21
N ALA I 374 -86.37 41.02 72.82
CA ALA I 374 -85.46 40.64 73.93
C ALA I 374 -84.02 40.97 73.53
N LYS I 375 -83.62 40.52 72.35
CA LYS I 375 -82.22 40.59 71.88
C LYS I 375 -82.19 41.25 70.51
N ASN I 376 -82.98 42.30 70.34
CA ASN I 376 -83.03 43.09 69.08
C ASN I 376 -83.23 44.55 69.46
N LEU I 377 -82.15 45.35 69.45
CA LEU I 377 -82.20 46.79 69.81
C LEU I 377 -81.69 47.64 68.65
N VAL I 378 -81.95 48.94 68.74
CA VAL I 378 -81.48 49.99 67.80
C VAL I 378 -81.02 51.18 68.65
N VAL I 379 -79.91 51.79 68.25
CA VAL I 379 -79.26 52.92 68.98
C VAL I 379 -79.21 54.11 68.01
N SER I 380 -79.58 55.29 68.48
CA SER I 380 -79.55 56.53 67.67
C SER I 380 -78.54 57.51 68.25
N GLY I 381 -77.98 58.32 67.36
CA GLY I 381 -77.04 59.41 67.68
C GLY I 381 -76.33 59.84 66.42
N PRO I 382 -75.29 60.70 66.52
CA PRO I 382 -74.50 61.10 65.37
C PRO I 382 -73.89 59.87 64.72
N PRO I 383 -73.92 59.73 63.38
CA PRO I 383 -73.35 58.56 62.71
C PRO I 383 -71.91 58.25 63.19
N GLN I 384 -71.10 59.28 63.43
CA GLN I 384 -69.68 59.13 63.85
C GLN I 384 -69.62 58.54 65.27
N SER I 385 -70.52 58.94 66.18
CA SER I 385 -70.61 58.40 67.56
C SER I 385 -70.98 56.92 67.52
N LEU I 386 -71.90 56.55 66.62
CA LEU I 386 -72.38 55.16 66.47
C LEU I 386 -71.28 54.31 65.83
N TYR I 387 -70.40 54.92 65.03
CA TYR I 387 -69.18 54.26 64.49
C TYR I 387 -68.26 53.90 65.67
N GLY I 388 -67.99 54.88 66.54
CA GLY I 388 -67.22 54.69 67.78
C GLY I 388 -67.81 53.59 68.66
N LEU I 389 -69.13 53.40 68.60
CA LEU I 389 -69.80 52.26 69.26
C LEU I 389 -69.37 50.98 68.53
N ASN I 390 -69.58 50.93 67.22
CA ASN I 390 -69.25 49.76 66.34
C ASN I 390 -67.80 49.31 66.56
N LEU I 391 -66.90 50.24 66.88
CA LEU I 391 -65.45 49.96 67.07
C LEU I 391 -65.24 49.22 68.40
N THR I 392 -65.82 49.75 69.50
CA THR I 392 -65.92 49.09 70.83
C THR I 392 -66.53 47.69 70.63
N LEU I 393 -67.57 47.59 69.79
CA LEU I 393 -68.31 46.33 69.52
C LEU I 393 -67.43 45.34 68.76
N ARG I 394 -66.64 45.79 67.79
CA ARG I 394 -65.83 44.90 66.91
C ARG I 394 -64.88 44.05 67.76
N LYS I 395 -64.44 44.56 68.93
CA LYS I 395 -63.47 43.92 69.85
C LYS I 395 -64.12 42.72 70.56
N ALA I 396 -65.34 42.92 71.11
CA ALA I 396 -66.04 41.92 71.94
C ALA I 396 -66.56 40.76 71.07
N LYS I 397 -66.91 41.03 69.81
CA LYS I 397 -67.54 40.04 68.92
C LYS I 397 -66.44 39.10 68.39
N ALA I 398 -66.82 37.87 68.05
CA ALA I 398 -65.93 36.86 67.48
C ALA I 398 -66.23 36.75 65.99
N PRO I 399 -65.25 36.37 65.13
CA PRO I 399 -65.52 36.04 63.73
C PRO I 399 -66.80 35.20 63.61
N SER I 400 -67.64 35.46 62.61
CA SER I 400 -68.97 34.82 62.41
C SER I 400 -68.84 33.34 62.03
N GLY I 401 -67.68 32.91 61.49
CA GLY I 401 -67.38 31.49 61.21
C GLY I 401 -66.28 30.95 62.11
N LEU I 402 -66.34 31.17 63.43
CA LEU I 402 -65.25 30.85 64.39
C LEU I 402 -65.24 29.36 64.74
N ASP I 403 -66.40 28.70 64.77
CA ASP I 403 -66.53 27.27 65.18
C ASP I 403 -66.00 27.07 66.61
N GLN I 404 -66.88 27.29 67.59
CA GLN I 404 -66.60 27.06 69.04
C GLN I 404 -67.36 25.79 69.48
N SER I 405 -67.62 24.86 68.56
CA SER I 405 -68.38 23.60 68.79
C SER I 405 -67.61 22.67 69.74
N ARG I 406 -66.32 22.90 69.94
CA ARG I 406 -65.44 22.08 70.81
C ARG I 406 -64.95 22.91 72.00
N ILE I 407 -65.41 24.16 72.13
CA ILE I 407 -65.18 25.03 73.33
C ILE I 407 -66.38 24.88 74.27
N PRO I 408 -66.19 24.65 75.59
CA PRO I 408 -67.31 24.63 76.53
C PRO I 408 -68.21 25.86 76.38
N PHE I 409 -69.53 25.68 76.41
CA PHE I 409 -70.55 26.76 76.22
C PHE I 409 -70.17 28.01 77.00
N SER I 410 -69.93 27.85 78.31
CA SER I 410 -69.62 28.92 79.30
C SER I 410 -68.45 29.79 78.84
N GLU I 411 -67.46 29.22 78.14
CA GLU I 411 -66.20 29.91 77.78
C GLU I 411 -66.24 30.45 76.36
N ARG I 412 -67.32 30.24 75.59
CA ARG I 412 -67.42 30.70 74.18
C ARG I 412 -67.49 32.22 74.17
N LYS I 413 -67.14 32.85 73.04
CA LYS I 413 -67.15 34.33 72.89
C LYS I 413 -68.46 34.71 72.19
N LEU I 414 -69.02 35.88 72.52
CA LEU I 414 -70.31 36.40 72.00
C LEU I 414 -70.30 36.43 70.46
N LYS I 415 -71.35 35.93 69.81
CA LYS I 415 -71.59 36.11 68.35
C LYS I 415 -72.86 36.95 68.15
N PHE I 416 -72.74 38.10 67.49
CA PHE I 416 -73.88 39.03 67.29
C PHE I 416 -73.66 39.87 66.04
N SER I 417 -74.78 40.29 65.42
CA SER I 417 -74.81 41.25 64.28
C SER I 417 -74.90 42.67 64.81
N ASN I 418 -74.39 43.62 64.03
CA ASN I 418 -74.61 45.07 64.26
C ASN I 418 -74.35 45.78 62.93
N ARG I 419 -75.41 46.06 62.16
CA ARG I 419 -75.33 46.82 60.88
C ARG I 419 -76.16 48.10 61.05
N PHE I 420 -75.70 49.20 60.45
CA PHE I 420 -76.44 50.48 60.40
C PHE I 420 -77.72 50.30 59.59
N LEU I 421 -78.75 51.07 59.92
CA LEU I 421 -80.09 51.02 59.27
C LEU I 421 -80.15 52.06 58.16
N PRO I 422 -80.92 51.80 57.10
CA PRO I 422 -81.16 52.81 56.06
C PRO I 422 -82.18 53.88 56.47
N VAL I 423 -81.75 54.85 57.28
CA VAL I 423 -82.57 56.04 57.69
C VAL I 423 -81.67 57.27 57.68
N ALA I 424 -82.21 58.45 57.37
CA ALA I 424 -81.42 59.69 57.19
C ALA I 424 -81.32 60.48 58.50
N SER I 425 -82.10 60.14 59.52
CA SER I 425 -82.27 60.98 60.73
C SER I 425 -82.33 60.12 61.98
N PRO I 426 -81.86 60.63 63.14
CA PRO I 426 -81.80 59.86 64.38
C PRO I 426 -83.07 59.91 65.22
N PHE I 427 -84.12 59.20 64.78
CA PHE I 427 -85.44 59.14 65.46
C PHE I 427 -85.27 58.65 66.90
N HIS I 428 -86.13 59.11 67.81
CA HIS I 428 -86.25 58.66 69.21
C HIS I 428 -84.99 59.03 69.99
N SER I 429 -84.40 60.21 69.72
CA SER I 429 -83.15 60.67 70.37
C SER I 429 -83.23 62.17 70.74
N HIS I 430 -82.39 62.59 71.68
CA HIS I 430 -82.27 63.97 72.22
C HIS I 430 -82.00 64.98 71.10
N LEU I 431 -81.37 64.53 70.00
CA LEU I 431 -80.99 65.38 68.84
C LEU I 431 -82.23 66.04 68.23
N LEU I 432 -83.41 65.42 68.35
CA LEU I 432 -84.65 65.88 67.66
C LEU I 432 -85.54 66.70 68.60
N VAL I 433 -85.34 66.63 69.92
CA VAL I 433 -86.16 67.33 70.96
C VAL I 433 -86.55 68.73 70.48
N PRO I 434 -85.61 69.62 70.10
CA PRO I 434 -85.95 70.97 69.62
C PRO I 434 -87.15 71.05 68.67
N ALA I 435 -87.33 70.05 67.80
CA ALA I 435 -88.37 70.01 66.75
C ALA I 435 -89.78 69.85 67.37
N SER I 436 -89.94 69.10 68.46
CA SER I 436 -91.26 68.77 69.08
C SER I 436 -92.13 70.02 69.15
N ASP I 437 -91.62 71.02 69.86
CA ASP I 437 -92.30 72.31 70.11
C ASP I 437 -92.76 72.90 68.77
N LEU I 438 -91.83 73.10 67.84
CA LEU I 438 -92.09 73.69 66.48
C LEU I 438 -93.12 72.85 65.73
N ILE I 439 -92.99 71.51 65.76
CA ILE I 439 -93.90 70.60 64.99
C ILE I 439 -95.34 70.87 65.47
N ASN I 440 -95.56 70.87 66.79
CA ASN I 440 -96.90 71.03 67.41
C ASN I 440 -97.52 72.37 66.98
N LYS I 441 -96.71 73.44 66.94
CA LYS I 441 -97.14 74.79 66.48
C LYS I 441 -97.57 74.73 65.01
N ASP I 442 -96.94 73.87 64.19
CA ASP I 442 -97.25 73.77 62.73
C ASP I 442 -98.59 73.03 62.55
N LEU I 443 -98.88 72.06 63.43
CA LEU I 443 -100.14 71.26 63.41
C LEU I 443 -101.30 72.16 63.85
N VAL I 444 -101.12 72.93 64.92
CA VAL I 444 -102.05 74.03 65.33
C VAL I 444 -102.34 74.88 64.09
N LYS I 445 -101.30 75.40 63.43
CA LYS I 445 -101.43 76.36 62.29
C LYS I 445 -102.07 75.70 61.06
N ASN I 446 -102.02 74.37 60.91
CA ASN I 446 -102.58 73.65 59.73
C ASN I 446 -103.83 72.86 60.14
N ASN I 447 -104.47 73.21 61.25
CA ASN I 447 -105.75 72.60 61.74
C ASN I 447 -105.66 71.08 61.69
N VAL I 448 -104.71 70.50 62.42
CA VAL I 448 -104.56 69.02 62.61
C VAL I 448 -104.42 68.73 64.10
N SER I 449 -105.35 67.93 64.62
CA SER I 449 -105.26 67.26 65.94
C SER I 449 -106.17 66.03 65.91
N PHE I 450 -106.14 65.20 66.95
CA PHE I 450 -106.92 63.93 67.02
C PHE I 450 -107.67 63.93 68.34
N ASN I 451 -108.99 64.12 68.31
CA ASN I 451 -109.86 64.10 69.52
C ASN I 451 -110.31 62.67 69.79
N ALA I 452 -110.10 62.18 71.00
CA ALA I 452 -110.43 60.79 71.41
C ALA I 452 -111.84 60.43 70.90
N LYS I 453 -112.80 61.35 70.98
CA LYS I 453 -114.20 61.15 70.51
C LYS I 453 -114.23 60.57 69.08
N ASP I 454 -113.33 61.03 68.19
CA ASP I 454 -113.35 60.70 66.74
C ASP I 454 -112.70 59.32 66.49
N ILE I 455 -111.75 58.90 67.33
CA ILE I 455 -110.90 57.72 67.06
C ILE I 455 -111.58 56.47 67.66
N GLN I 456 -111.99 55.55 66.79
CA GLN I 456 -113.07 54.56 66.98
C GLN I 456 -112.53 53.20 67.42
N ILE I 457 -111.21 53.08 67.60
CA ILE I 457 -110.55 51.85 68.14
C ILE I 457 -109.41 52.29 69.03
N PRO I 458 -108.97 51.46 70.00
CA PRO I 458 -107.79 51.79 70.79
C PRO I 458 -106.57 51.92 69.85
N VAL I 459 -105.72 52.91 70.09
CA VAL I 459 -104.47 53.15 69.33
C VAL I 459 -103.32 53.16 70.34
N TYR I 460 -102.52 52.09 70.33
CA TYR I 460 -101.59 51.72 71.42
C TYR I 460 -100.34 52.60 71.36
N ASP I 461 -100.12 53.34 72.45
CA ASP I 461 -98.96 54.23 72.73
C ASP I 461 -97.67 53.42 72.62
N THR I 462 -96.67 54.03 72.00
CA THR I 462 -95.42 53.42 71.48
C THR I 462 -94.43 53.18 72.64
N PHE I 463 -94.58 53.92 73.76
CA PHE I 463 -93.71 53.88 74.97
C PHE I 463 -94.39 53.15 76.15
N ASP I 464 -95.71 53.29 76.28
CA ASP I 464 -96.55 52.84 77.44
C ASP I 464 -97.15 51.46 77.20
N GLY I 465 -97.70 51.25 75.99
CA GLY I 465 -98.65 50.16 75.67
C GLY I 465 -100.09 50.61 75.87
N SER I 466 -100.28 51.66 76.66
CA SER I 466 -101.59 52.31 77.00
C SER I 466 -102.34 52.71 75.72
N ASP I 467 -103.62 53.01 75.87
CA ASP I 467 -104.48 53.60 74.80
C ASP I 467 -104.23 55.12 74.76
N LEU I 468 -104.06 55.68 73.58
CA LEU I 468 -103.85 57.15 73.40
C LEU I 468 -105.16 57.90 73.65
N ARG I 469 -106.30 57.22 73.68
CA ARG I 469 -107.64 57.85 73.91
C ARG I 469 -107.74 58.30 75.37
N VAL I 470 -107.24 57.48 76.30
CA VAL I 470 -107.29 57.72 77.77
C VAL I 470 -106.50 58.98 78.14
N LEU I 471 -105.49 59.40 77.36
CA LEU I 471 -104.69 60.65 77.55
C LEU I 471 -105.62 61.83 77.80
N SER I 472 -105.25 62.74 78.70
CA SER I 472 -106.03 63.99 78.98
C SER I 472 -105.37 65.20 78.29
N GLY I 473 -104.13 65.03 77.79
CA GLY I 473 -103.39 66.06 77.03
C GLY I 473 -103.90 66.21 75.60
N SER I 474 -103.04 66.66 74.68
CA SER I 474 -103.24 66.54 73.21
C SER I 474 -102.65 65.20 72.75
N ILE I 475 -103.38 64.47 71.90
CA ILE I 475 -102.92 63.18 71.33
C ILE I 475 -101.84 63.47 70.28
N SER I 476 -102.09 64.39 69.35
CA SER I 476 -101.11 64.82 68.32
C SER I 476 -99.76 65.03 69.00
N GLU I 477 -99.74 65.79 70.10
CA GLU I 477 -98.51 66.17 70.85
C GLU I 477 -97.77 64.92 71.36
N ARG I 478 -98.50 63.95 71.94
CA ARG I 478 -97.92 62.69 72.49
C ARG I 478 -97.37 61.84 71.33
N ILE I 479 -98.12 61.74 70.23
CA ILE I 479 -97.70 60.96 69.03
C ILE I 479 -96.38 61.52 68.51
N VAL I 480 -96.29 62.84 68.33
CA VAL I 480 -95.01 63.54 67.97
C VAL I 480 -93.93 63.15 68.99
N ASP I 481 -94.21 63.32 70.27
CA ASP I 481 -93.23 63.08 71.36
C ASP I 481 -92.76 61.63 71.34
N CYS I 482 -93.62 60.69 70.93
CA CYS I 482 -93.35 59.22 70.90
C CYS I 482 -92.36 58.86 69.78
N ILE I 483 -92.30 59.69 68.74
CA ILE I 483 -91.49 59.49 67.50
C ILE I 483 -90.17 60.26 67.63
N ILE I 484 -90.25 61.52 68.05
CA ILE I 484 -89.11 62.47 68.15
C ILE I 484 -88.16 62.02 69.28
N ARG I 485 -88.68 61.73 70.48
CA ARG I 485 -87.87 61.74 71.73
C ARG I 485 -87.90 60.37 72.42
N LEU I 486 -89.09 59.92 72.86
CA LEU I 486 -89.25 58.71 73.69
C LEU I 486 -88.82 57.49 72.89
N PRO I 487 -88.28 56.44 73.54
CA PRO I 487 -88.00 55.19 72.85
C PRO I 487 -89.30 54.49 72.42
N VAL I 488 -89.14 53.40 71.67
CA VAL I 488 -90.23 52.44 71.34
C VAL I 488 -89.96 51.17 72.15
N LYS I 489 -90.86 50.80 73.06
CA LYS I 489 -90.81 49.49 73.75
C LYS I 489 -91.76 48.55 73.02
N TRP I 490 -91.39 48.15 71.81
CA TRP I 490 -92.30 47.45 70.88
C TRP I 490 -92.97 46.25 71.56
N GLU I 491 -92.23 45.54 72.41
CA GLU I 491 -92.75 44.35 73.14
C GLU I 491 -93.98 44.77 73.96
N THR I 492 -93.86 45.83 74.77
CA THR I 492 -94.91 46.27 75.73
C THR I 492 -96.01 47.05 74.96
N THR I 493 -95.66 47.66 73.82
CA THR I 493 -96.63 48.35 72.90
C THR I 493 -97.58 47.31 72.33
N THR I 494 -97.07 46.11 72.12
CA THR I 494 -97.73 45.06 71.30
C THR I 494 -98.31 44.01 72.27
N GLN I 495 -98.66 44.45 73.48
CA GLN I 495 -99.04 43.62 74.65
C GLN I 495 -100.50 43.16 74.57
N PHE I 496 -101.28 43.70 73.63
CA PHE I 496 -102.68 43.29 73.31
C PHE I 496 -102.75 41.81 72.96
N LYS I 497 -103.96 41.23 73.08
CA LYS I 497 -104.28 39.84 72.68
C LYS I 497 -105.13 39.90 71.40
N ALA I 498 -104.72 39.14 70.39
CA ALA I 498 -105.37 39.01 69.06
C ALA I 498 -104.85 37.75 68.38
N THR I 499 -105.62 37.20 67.44
CA THR I 499 -105.27 35.96 66.71
C THR I 499 -104.51 36.31 65.43
N HIS I 500 -104.71 37.52 64.90
CA HIS I 500 -104.15 37.97 63.59
C HIS I 500 -103.63 39.41 63.70
N ILE I 501 -102.55 39.72 62.98
CA ILE I 501 -101.95 41.07 62.90
C ILE I 501 -101.64 41.38 61.43
N LEU I 502 -102.05 42.56 60.94
CA LEU I 502 -101.85 42.99 59.53
C LEU I 502 -100.77 44.08 59.44
N ASP I 503 -99.62 43.78 58.81
CA ASP I 503 -98.49 44.72 58.55
C ASP I 503 -98.78 45.43 57.22
N PHE I 504 -99.43 46.60 57.29
CA PHE I 504 -99.62 47.52 56.13
C PHE I 504 -98.29 48.18 55.79
N GLY I 505 -97.35 48.14 56.74
CA GLY I 505 -96.15 48.98 56.81
C GLY I 505 -95.18 48.60 55.71
N PRO I 506 -94.23 49.50 55.41
CA PRO I 506 -93.32 49.33 54.27
C PRO I 506 -92.36 48.17 54.54
N GLY I 507 -91.90 47.50 53.47
CA GLY I 507 -90.74 46.58 53.49
C GLY I 507 -91.14 45.11 53.45
N GLY I 508 -92.38 44.81 53.08
CA GLY I 508 -92.90 43.43 53.05
C GLY I 508 -92.32 42.56 54.16
N ALA I 509 -91.44 41.63 53.78
CA ALA I 509 -90.96 40.54 54.66
C ALA I 509 -89.80 41.02 55.55
N SER I 510 -89.18 42.15 55.21
CA SER I 510 -88.20 42.85 56.10
C SER I 510 -88.95 43.76 57.06
N GLY I 511 -90.28 43.81 56.92
CA GLY I 511 -91.16 44.79 57.58
C GLY I 511 -91.45 44.46 59.03
N LEU I 512 -92.09 45.41 59.71
CA LEU I 512 -92.47 45.31 61.15
C LEU I 512 -93.27 44.04 61.40
N GLY I 513 -94.00 43.56 60.40
CA GLY I 513 -94.84 42.35 60.50
C GLY I 513 -94.02 41.18 61.03
N VAL I 514 -93.02 40.79 60.27
CA VAL I 514 -92.21 39.57 60.54
C VAL I 514 -91.47 39.73 61.87
N LEU I 515 -90.96 40.92 62.19
CA LEU I 515 -90.29 41.19 63.50
C LEU I 515 -91.25 40.82 64.63
N THR I 516 -92.48 41.34 64.56
CA THR I 516 -93.54 41.10 65.57
C THR I 516 -93.78 39.60 65.67
N HIS I 517 -93.85 38.90 64.53
CA HIS I 517 -94.06 37.43 64.50
C HIS I 517 -92.98 36.73 65.31
N ARG I 518 -91.71 37.11 65.11
CA ARG I 518 -90.55 36.46 65.77
C ARG I 518 -90.67 36.69 67.28
N ASN I 519 -91.19 37.84 67.72
CA ASN I 519 -91.37 38.13 69.17
C ASN I 519 -92.42 37.21 69.77
N LYS I 520 -93.47 36.88 69.01
CA LYS I 520 -94.74 36.30 69.52
C LYS I 520 -94.93 34.85 69.06
N ASP I 521 -93.97 34.28 68.35
CA ASP I 521 -94.00 32.89 67.85
C ASP I 521 -94.33 31.98 69.04
N GLY I 522 -95.34 31.12 68.87
CA GLY I 522 -95.73 30.09 69.86
C GLY I 522 -96.83 30.56 70.80
N THR I 523 -97.35 31.78 70.67
CA THR I 523 -98.42 32.32 71.56
C THR I 523 -99.77 32.37 70.82
N GLY I 524 -99.86 31.81 69.61
CA GLY I 524 -101.13 31.65 68.86
C GLY I 524 -101.53 32.89 68.05
N VAL I 525 -100.57 33.76 67.74
CA VAL I 525 -100.75 34.95 66.86
C VAL I 525 -100.26 34.59 65.45
N ARG I 526 -101.03 34.98 64.45
CA ARG I 526 -100.69 34.88 63.01
C ARG I 526 -100.45 36.28 62.47
N VAL I 527 -99.29 36.54 61.88
CA VAL I 527 -99.02 37.84 61.20
C VAL I 527 -99.24 37.68 59.69
N ILE I 528 -99.88 38.66 59.08
CA ILE I 528 -100.05 38.71 57.60
C ILE I 528 -99.38 39.99 57.09
N VAL I 529 -98.47 39.86 56.13
CA VAL I 529 -97.82 41.00 55.43
C VAL I 529 -98.81 41.47 54.36
N ALA I 530 -99.48 42.58 54.60
CA ALA I 530 -100.55 43.12 53.72
C ALA I 530 -99.95 43.82 52.50
N GLY I 531 -98.64 44.07 52.52
CA GLY I 531 -97.91 44.89 51.53
C GLY I 531 -97.59 44.13 50.27
N THR I 532 -96.93 42.97 50.38
CA THR I 532 -96.35 42.22 49.24
C THR I 532 -97.14 40.93 49.00
N LEU I 533 -97.28 40.53 47.73
CA LEU I 533 -97.63 39.13 47.36
C LEU I 533 -96.33 38.34 47.11
N ASP I 534 -96.20 37.20 47.79
CA ASP I 534 -95.02 36.29 47.75
C ASP I 534 -95.45 34.99 48.42
N ILE I 535 -94.53 34.03 48.57
CA ILE I 535 -94.82 32.70 49.18
C ILE I 535 -93.81 32.43 50.29
N ASN I 536 -94.30 32.21 51.51
CA ASN I 536 -93.47 31.78 52.66
C ASN I 536 -93.42 30.26 52.63
N PRO I 537 -92.26 29.65 52.31
CA PRO I 537 -92.18 28.19 52.23
C PRO I 537 -92.45 27.50 53.58
N ASP I 538 -92.07 28.11 54.70
CA ASP I 538 -92.28 27.57 56.07
C ASP I 538 -93.72 27.75 56.56
N ASP I 539 -94.45 28.70 55.94
CA ASP I 539 -95.83 29.14 56.32
C ASP I 539 -95.84 29.69 57.75
N ASP I 540 -94.65 30.04 58.27
CA ASP I 540 -94.39 30.94 59.44
C ASP I 540 -95.49 32.02 59.61
N TYR I 541 -95.76 32.78 58.53
CA TYR I 541 -96.68 33.95 58.42
C TYR I 541 -97.26 33.98 57.00
N GLY I 542 -98.16 34.91 56.70
CA GLY I 542 -98.84 34.99 55.38
C GLY I 542 -98.55 36.30 54.65
N PHE I 543 -98.85 36.34 53.35
CA PHE I 543 -98.75 37.55 52.49
C PHE I 543 -100.18 37.99 52.09
N LYS I 544 -100.31 39.09 51.32
CA LYS I 544 -101.59 39.70 50.87
C LYS I 544 -102.69 38.64 50.76
N GLN I 545 -102.42 37.55 50.04
CA GLN I 545 -103.40 36.50 49.63
C GLN I 545 -104.32 36.15 50.80
N GLU I 546 -103.76 35.87 51.98
CA GLU I 546 -104.48 35.37 53.19
C GLU I 546 -105.65 36.29 53.55
N ILE I 547 -105.49 37.60 53.34
CA ILE I 547 -106.57 38.59 53.62
C ILE I 547 -107.78 38.25 52.76
N PHE I 548 -107.61 38.19 51.45
CA PHE I 548 -108.72 38.22 50.47
C PHE I 548 -109.24 36.80 50.17
N ASP I 549 -108.45 35.77 50.47
CA ASP I 549 -108.79 34.36 50.15
C ASP I 549 -110.11 34.01 50.83
N VAL I 550 -110.92 33.20 50.15
CA VAL I 550 -112.33 32.83 50.47
C VAL I 550 -112.40 31.41 51.05
N THR I 551 -111.47 30.52 50.68
CA THR I 551 -111.37 29.13 51.16
C THR I 551 -110.79 29.12 52.59
N SER I 552 -110.55 27.94 53.16
CA SER I 552 -109.84 27.69 54.46
C SER I 552 -108.50 28.43 54.51
N ASN I 553 -107.83 28.54 53.35
CA ASN I 553 -106.46 29.11 53.21
C ASN I 553 -106.38 30.58 53.67
N GLY I 554 -107.52 31.28 53.80
CA GLY I 554 -107.60 32.65 54.36
C GLY I 554 -107.48 32.65 55.88
N LEU I 555 -108.10 31.65 56.51
CA LEU I 555 -108.11 31.46 57.98
C LEU I 555 -107.06 30.42 58.37
N LYS I 556 -105.82 30.85 58.61
CA LYS I 556 -104.76 30.00 59.20
C LYS I 556 -104.42 30.58 60.57
N LYS I 557 -104.20 29.76 61.58
CA LYS I 557 -103.87 30.25 62.96
C LYS I 557 -102.52 29.65 63.33
N ASN I 558 -101.61 30.44 63.88
CA ASN I 558 -100.30 29.91 64.36
C ASN I 558 -100.54 29.18 65.67
N PRO I 559 -99.77 28.10 65.95
CA PRO I 559 -99.98 27.31 67.15
C PRO I 559 -99.61 28.09 68.42
N ASN I 560 -100.43 27.98 69.47
CA ASN I 560 -100.08 28.30 70.88
C ASN I 560 -99.52 27.03 71.52
N TRP I 561 -98.21 26.95 71.76
CA TRP I 561 -97.52 25.69 72.19
C TRP I 561 -98.12 25.17 73.49
N LEU I 562 -98.39 26.06 74.45
CA LEU I 562 -99.00 25.66 75.75
C LEU I 562 -100.23 24.79 75.46
N GLU I 563 -101.12 25.27 74.60
CA GLU I 563 -102.42 24.60 74.31
C GLU I 563 -102.18 23.33 73.50
N GLU I 564 -101.39 23.42 72.43
CA GLU I 564 -101.14 22.32 71.47
C GLU I 564 -100.51 21.10 72.14
N TYR I 565 -99.65 21.31 73.13
CA TYR I 565 -98.79 20.24 73.72
C TYR I 565 -99.00 20.17 75.24
N HIS I 566 -100.06 20.84 75.75
CA HIS I 566 -100.50 20.73 77.16
C HIS I 566 -100.43 19.26 77.55
N PRO I 567 -99.71 18.90 78.62
CA PRO I 567 -99.78 17.54 79.14
C PRO I 567 -101.22 17.40 79.65
N LYS I 568 -101.72 16.17 79.72
CA LYS I 568 -103.09 15.84 80.18
C LYS I 568 -103.04 14.57 81.02
N LEU I 569 -104.18 14.18 81.59
CA LEU I 569 -104.35 12.85 82.21
C LEU I 569 -105.40 12.07 81.41
N ILE I 570 -105.26 10.75 81.41
CA ILE I 570 -106.19 9.83 80.70
C ILE I 570 -106.21 8.50 81.47
N LYS I 571 -107.29 7.74 81.31
CA LYS I 571 -107.59 6.50 82.06
C LYS I 571 -107.80 5.34 81.09
N ASN I 572 -107.12 4.22 81.37
CA ASN I 572 -107.42 2.84 80.93
C ASN I 572 -108.88 2.50 81.21
N LYS I 573 -109.40 1.40 80.66
CA LYS I 573 -110.63 0.73 81.17
C LYS I 573 -110.33 0.17 82.57
N SER I 574 -109.16 -0.44 82.76
CA SER I 574 -108.66 -0.94 84.07
C SER I 574 -108.53 0.20 85.08
N GLY I 575 -108.63 1.46 84.64
CA GLY I 575 -108.57 2.65 85.50
C GLY I 575 -107.15 3.12 85.78
N LYS I 576 -106.14 2.57 85.10
CA LYS I 576 -104.73 3.05 85.15
C LYS I 576 -104.65 4.48 84.62
N ILE I 577 -103.89 5.34 85.29
CA ILE I 577 -103.75 6.77 84.89
C ILE I 577 -102.41 6.94 84.18
N PHE I 578 -102.44 7.55 82.99
CA PHE I 578 -101.24 7.88 82.18
C PHE I 578 -101.17 9.39 81.99
N VAL I 579 -99.95 9.90 81.94
CA VAL I 579 -99.63 11.29 81.47
C VAL I 579 -99.73 11.27 79.95
N GLU I 580 -100.71 11.98 79.39
CA GLU I 580 -101.05 12.00 77.95
C GLU I 580 -100.17 13.07 77.28
N THR I 581 -99.19 12.64 76.49
CA THR I 581 -98.36 13.48 75.60
C THR I 581 -98.24 12.82 74.23
N LYS I 582 -97.71 13.56 73.26
CA LYS I 582 -97.52 13.07 71.88
C LYS I 582 -96.84 11.70 71.91
N PHE I 583 -95.93 11.50 72.87
CA PHE I 583 -95.09 10.28 73.00
C PHE I 583 -95.90 9.14 73.61
N SER I 584 -96.44 9.32 74.81
CA SER I 584 -97.19 8.26 75.54
C SER I 584 -98.38 7.79 74.70
N LYS I 585 -99.01 8.71 73.96
CA LYS I 585 -100.16 8.40 73.04
C LYS I 585 -99.77 7.32 72.02
N LEU I 586 -98.49 7.26 71.63
CA LEU I 586 -97.98 6.25 70.67
C LEU I 586 -97.72 4.94 71.41
N ILE I 587 -96.89 4.98 72.45
CA ILE I 587 -96.25 3.77 73.04
C ILE I 587 -97.16 3.12 74.07
N GLY I 588 -98.21 3.80 74.52
CA GLY I 588 -99.17 3.25 75.50
C GLY I 588 -98.52 2.92 76.84
N ARG I 589 -97.52 3.70 77.21
CA ARG I 589 -96.78 3.56 78.49
C ARG I 589 -96.45 4.97 78.95
N PRO I 590 -95.99 5.16 80.20
CA PRO I 590 -95.56 6.47 80.65
C PRO I 590 -94.52 7.09 79.73
N PRO I 591 -94.56 8.42 79.52
CA PRO I 591 -93.68 9.10 78.58
C PRO I 591 -92.27 9.27 79.15
N LEU I 592 -91.75 8.19 79.74
CA LEU I 592 -90.46 8.17 80.45
C LEU I 592 -89.73 6.91 79.98
N LEU I 593 -88.42 7.05 79.75
CA LEU I 593 -87.58 5.95 79.20
C LEU I 593 -86.19 5.95 79.83
N VAL I 594 -85.65 4.76 80.04
CA VAL I 594 -84.22 4.53 80.36
C VAL I 594 -83.50 4.44 79.02
N PRO I 595 -82.53 5.34 78.76
CA PRO I 595 -81.87 5.40 77.47
C PRO I 595 -80.81 4.32 77.40
N GLY I 596 -80.37 3.99 76.20
CA GLY I 596 -79.21 3.10 76.00
C GLY I 596 -78.03 3.63 76.79
N MET I 597 -77.39 2.75 77.54
CA MET I 597 -76.17 3.08 78.32
C MET I 597 -75.33 1.81 78.32
N THR I 598 -74.05 1.89 77.91
CA THR I 598 -73.19 0.69 77.70
C THR I 598 -73.10 -0.17 78.97
N PRO I 599 -72.28 0.13 79.99
CA PRO I 599 -72.18 -0.86 81.07
C PRO I 599 -73.62 -1.22 81.50
N CYS I 600 -74.53 -0.24 81.63
CA CYS I 600 -75.77 -0.35 82.45
C CYS I 600 -76.84 -1.19 81.76
N THR I 601 -77.29 -0.79 80.57
CA THR I 601 -78.44 -1.41 79.87
C THR I 601 -77.94 -2.39 78.79
N VAL I 602 -76.70 -2.83 78.88
CA VAL I 602 -76.21 -3.98 78.07
C VAL I 602 -76.84 -5.26 78.65
N SER I 603 -77.02 -5.30 79.97
CA SER I 603 -77.54 -6.48 80.71
C SER I 603 -78.96 -6.80 80.28
N PRO I 604 -79.23 -7.96 79.65
CA PRO I 604 -80.59 -8.33 79.29
C PRO I 604 -81.54 -8.38 80.50
N ASP I 605 -81.01 -8.77 81.66
CA ASP I 605 -81.77 -8.84 82.94
C ASP I 605 -82.36 -7.47 83.28
N PHE I 606 -81.54 -6.42 83.26
CA PHE I 606 -81.96 -5.04 83.61
C PHE I 606 -82.93 -4.49 82.55
N VAL I 607 -82.76 -4.88 81.29
CA VAL I 607 -83.66 -4.45 80.18
C VAL I 607 -85.03 -5.07 80.41
N ALA I 608 -85.05 -6.37 80.74
CA ALA I 608 -86.30 -7.11 81.01
C ALA I 608 -86.97 -6.52 82.26
N ALA I 609 -86.19 -6.30 83.31
CA ALA I 609 -86.70 -5.76 84.59
C ALA I 609 -87.38 -4.42 84.35
N THR I 610 -86.75 -3.54 83.57
CA THR I 610 -87.26 -2.18 83.28
C THR I 610 -88.48 -2.33 82.36
N THR I 611 -88.41 -3.23 81.39
CA THR I 611 -89.53 -3.45 80.44
C THR I 611 -90.71 -4.03 81.22
N ASN I 612 -90.45 -4.95 82.16
CA ASN I 612 -91.50 -5.63 82.98
C ASN I 612 -92.06 -4.65 84.01
N ALA I 613 -91.26 -3.67 84.44
CA ALA I 613 -91.73 -2.58 85.33
C ALA I 613 -92.73 -1.70 84.59
N GLY I 614 -92.75 -1.80 83.25
CA GLY I 614 -93.74 -1.16 82.36
C GLY I 614 -93.22 0.12 81.75
N TYR I 615 -91.91 0.18 81.48
CA TYR I 615 -91.19 1.39 81.00
C TYR I 615 -90.28 1.05 79.83
N THR I 616 -90.27 1.94 78.84
CA THR I 616 -89.48 1.77 77.59
C THR I 616 -88.00 1.87 77.94
N ILE I 617 -87.18 0.90 77.52
CA ILE I 617 -85.69 0.92 77.72
C ILE I 617 -84.99 0.53 76.41
N GLU I 618 -83.78 1.04 76.19
CA GLU I 618 -82.92 0.74 75.02
C GLU I 618 -81.87 -0.31 75.43
N LEU I 619 -81.81 -1.46 74.76
CA LEU I 619 -80.70 -2.46 74.92
C LEU I 619 -79.45 -1.91 74.25
N ALA I 620 -78.34 -1.77 74.98
CA ALA I 620 -77.12 -1.06 74.52
C ALA I 620 -76.27 -1.93 73.59
N GLY I 621 -76.18 -1.55 72.31
CA GLY I 621 -75.30 -2.19 71.32
C GLY I 621 -73.85 -2.11 71.75
N GLY I 622 -73.51 -1.08 72.53
CA GLY I 622 -72.17 -0.83 73.07
C GLY I 622 -71.49 -2.08 73.60
N GLY I 623 -72.22 -3.00 74.23
CA GLY I 623 -71.63 -4.16 74.91
C GLY I 623 -71.57 -5.41 74.03
N TYR I 624 -71.82 -5.29 72.73
CA TYR I 624 -71.90 -6.44 71.79
C TYR I 624 -70.94 -6.24 70.62
N PHE I 625 -70.40 -7.36 70.11
CA PHE I 625 -69.29 -7.39 69.13
C PHE I 625 -69.61 -8.26 67.92
N SER I 626 -70.68 -9.05 67.96
CA SER I 626 -71.14 -9.91 66.84
C SER I 626 -72.67 -9.92 66.80
N ALA I 627 -73.25 -10.25 65.65
CA ALA I 627 -74.71 -10.47 65.51
C ALA I 627 -75.13 -11.59 66.48
N ALA I 628 -74.33 -12.65 66.59
CA ALA I 628 -74.63 -13.86 67.38
C ALA I 628 -74.69 -13.49 68.86
N GLY I 629 -73.77 -12.62 69.31
CA GLY I 629 -73.67 -12.18 70.71
C GLY I 629 -74.92 -11.44 71.16
N MET I 630 -75.38 -10.48 70.36
CA MET I 630 -76.57 -9.66 70.66
C MET I 630 -77.83 -10.52 70.48
N THR I 631 -77.88 -11.35 69.43
CA THR I 631 -79.02 -12.28 69.19
C THR I 631 -79.29 -13.09 70.47
N ALA I 632 -78.23 -13.53 71.16
CA ALA I 632 -78.35 -14.34 72.40
C ALA I 632 -78.94 -13.48 73.52
N ALA I 633 -78.53 -12.21 73.62
CA ALA I 633 -78.97 -11.27 74.67
C ALA I 633 -80.42 -10.86 74.41
N ILE I 634 -80.76 -10.56 73.16
CA ILE I 634 -82.16 -10.23 72.76
C ILE I 634 -83.05 -11.43 73.15
N ASP I 635 -82.66 -12.64 72.76
CA ASP I 635 -83.40 -13.90 73.07
C ASP I 635 -83.63 -14.00 74.58
N SER I 636 -82.63 -13.67 75.39
CA SER I 636 -82.72 -13.67 76.88
C SER I 636 -83.78 -12.65 77.34
N VAL I 637 -83.76 -11.43 76.79
CA VAL I 637 -84.73 -10.36 77.12
C VAL I 637 -86.13 -10.87 76.78
N VAL I 638 -86.30 -11.36 75.54
CA VAL I 638 -87.62 -11.85 75.04
C VAL I 638 -88.13 -12.91 76.00
N SER I 639 -87.29 -13.85 76.42
CA SER I 639 -87.70 -14.99 77.29
C SER I 639 -88.17 -14.47 78.66
N GLN I 640 -87.76 -13.27 79.08
CA GLN I 640 -87.98 -12.77 80.47
C GLN I 640 -89.15 -11.79 80.52
N ILE I 641 -89.64 -11.29 79.39
CA ILE I 641 -90.70 -10.24 79.37
C ILE I 641 -92.03 -10.91 79.02
N GLU I 642 -93.14 -10.27 79.41
CA GLU I 642 -94.52 -10.73 79.16
C GLU I 642 -94.82 -10.74 77.66
N LYS I 643 -95.70 -11.64 77.20
CA LYS I 643 -96.13 -11.66 75.78
C LYS I 643 -96.66 -10.27 75.45
N GLY I 644 -96.28 -9.74 74.28
CA GLY I 644 -96.76 -8.43 73.77
C GLY I 644 -96.01 -7.25 74.36
N SER I 645 -94.98 -7.48 75.19
CA SER I 645 -94.04 -6.43 75.66
C SER I 645 -93.05 -6.16 74.53
N THR I 646 -92.39 -5.00 74.58
CA THR I 646 -91.34 -4.57 73.62
C THR I 646 -90.24 -3.74 74.29
N PHE I 647 -89.11 -3.68 73.61
CA PHE I 647 -87.96 -2.85 73.99
C PHE I 647 -87.31 -2.35 72.71
N GLY I 648 -86.31 -1.50 72.85
CA GLY I 648 -85.54 -0.92 71.74
C GLY I 648 -84.08 -1.30 71.83
N ILE I 649 -83.34 -0.91 70.80
CA ILE I 649 -81.88 -1.13 70.67
C ILE I 649 -81.22 0.23 70.42
N ASN I 650 -80.13 0.51 71.13
CA ASN I 650 -79.25 1.69 70.90
C ASN I 650 -77.96 1.19 70.22
N LEU I 651 -77.67 1.71 69.03
CA LEU I 651 -76.39 1.49 68.29
C LEU I 651 -75.65 2.83 68.21
N ILE I 652 -74.31 2.78 68.22
CA ILE I 652 -73.43 3.98 68.16
C ILE I 652 -73.06 4.22 66.70
N TYR I 653 -73.37 5.40 66.16
CA TYR I 653 -73.15 5.74 64.73
C TYR I 653 -71.64 5.77 64.45
N VAL I 654 -70.90 6.30 65.42
CA VAL I 654 -69.42 6.48 65.39
C VAL I 654 -68.69 5.11 65.39
N ASN I 655 -69.39 3.98 65.48
CA ASN I 655 -68.77 2.63 65.54
C ASN I 655 -69.22 1.82 64.32
N PRO I 656 -68.57 1.99 63.14
CA PRO I 656 -69.07 1.40 61.90
C PRO I 656 -69.11 -0.14 61.90
N PHE I 657 -68.28 -0.79 62.71
CA PHE I 657 -68.28 -2.27 62.77
C PHE I 657 -69.60 -2.73 63.42
N MET I 658 -70.04 -2.08 64.49
CA MET I 658 -71.32 -2.39 65.21
C MET I 658 -72.48 -2.22 64.22
N LEU I 659 -72.51 -1.09 63.50
CA LEU I 659 -73.53 -0.76 62.49
C LEU I 659 -73.60 -1.86 61.41
N GLN I 660 -72.46 -2.41 60.99
CA GLN I 660 -72.44 -3.28 59.80
C GLN I 660 -73.06 -4.65 60.15
N TRP I 661 -72.92 -5.16 61.38
CA TRP I 661 -73.57 -6.43 61.79
C TRP I 661 -74.94 -6.13 62.42
N GLY I 662 -75.06 -4.96 63.06
CA GLY I 662 -76.23 -4.55 63.87
C GLY I 662 -77.46 -4.23 63.04
N ILE I 663 -77.34 -3.43 61.99
CA ILE I 663 -78.50 -3.03 61.14
C ILE I 663 -79.06 -4.28 60.46
N PRO I 664 -78.27 -5.09 59.71
CA PRO I 664 -78.81 -6.32 59.11
C PRO I 664 -79.45 -7.25 60.15
N LEU I 665 -78.89 -7.30 61.38
CA LEU I 665 -79.44 -8.13 62.49
C LEU I 665 -80.85 -7.65 62.78
N ILE I 666 -81.02 -6.37 63.06
CA ILE I 666 -82.35 -5.79 63.40
C ILE I 666 -83.31 -6.19 62.28
N LYS I 667 -82.96 -5.99 61.01
CA LYS I 667 -83.84 -6.32 59.86
C LYS I 667 -84.25 -7.80 59.91
N GLU I 668 -83.27 -8.68 60.03
CA GLU I 668 -83.49 -10.15 60.08
C GLU I 668 -84.45 -10.49 61.23
N LEU I 669 -84.11 -10.03 62.43
CA LEU I 669 -84.90 -10.26 63.67
C LEU I 669 -86.31 -9.67 63.51
N ARG I 670 -86.40 -8.42 63.07
CA ARG I 670 -87.65 -7.66 62.85
C ARG I 670 -88.52 -8.48 61.89
N SER I 671 -87.94 -9.11 60.87
CA SER I 671 -88.69 -9.88 59.84
C SER I 671 -89.12 -11.25 60.39
N LYS I 672 -88.54 -11.73 61.48
CA LYS I 672 -89.04 -12.94 62.18
C LYS I 672 -90.03 -12.51 63.26
N GLY I 673 -90.35 -11.22 63.31
CA GLY I 673 -91.38 -10.65 64.18
C GLY I 673 -90.94 -10.48 65.62
N TYR I 674 -89.64 -10.33 65.87
CA TYR I 674 -89.10 -10.02 67.22
C TYR I 674 -89.74 -8.75 67.73
N PRO I 675 -89.98 -8.63 69.05
CA PRO I 675 -90.65 -7.48 69.64
C PRO I 675 -89.74 -6.26 69.83
N ILE I 676 -88.99 -5.90 68.81
CA ILE I 676 -88.19 -4.64 68.79
C ILE I 676 -89.10 -3.52 68.26
N GLN I 677 -89.39 -2.55 69.12
CA GLN I 677 -90.34 -1.45 68.86
C GLN I 677 -89.60 -0.37 68.06
N PHE I 678 -88.35 -0.09 68.43
CA PHE I 678 -87.60 1.09 67.91
C PHE I 678 -86.09 0.87 67.97
N LEU I 679 -85.38 1.71 67.23
CA LEU I 679 -83.91 1.82 67.20
C LEU I 679 -83.56 3.26 67.53
N THR I 680 -82.68 3.47 68.51
CA THR I 680 -82.10 4.79 68.83
C THR I 680 -80.64 4.78 68.35
N ILE I 681 -80.24 5.80 67.59
CA ILE I 681 -78.84 5.98 67.11
C ILE I 681 -78.19 7.04 68.00
N GLY I 682 -77.10 6.65 68.67
CA GLY I 682 -76.28 7.52 69.54
C GLY I 682 -74.99 7.96 68.86
N ALA I 683 -74.34 8.96 69.44
CA ALA I 683 -73.06 9.55 68.98
C ALA I 683 -73.21 10.09 67.56
N GLY I 684 -74.19 10.99 67.37
CA GLY I 684 -74.41 11.73 66.11
C GLY I 684 -75.47 11.10 65.23
N VAL I 685 -75.92 11.86 64.24
CA VAL I 685 -77.17 11.65 63.46
C VAL I 685 -76.82 11.16 62.06
N PRO I 686 -77.47 10.10 61.53
CA PRO I 686 -77.20 9.64 60.17
C PRO I 686 -77.55 10.68 59.08
N SER I 687 -77.01 10.47 57.87
CA SER I 687 -77.38 11.21 56.65
C SER I 687 -78.82 10.83 56.27
N LEU I 688 -79.48 11.64 55.44
CA LEU I 688 -80.86 11.34 54.98
C LEU I 688 -80.90 9.95 54.34
N GLU I 689 -79.91 9.61 53.50
CA GLU I 689 -79.99 8.34 52.72
C GLU I 689 -79.85 7.16 53.70
N VAL I 690 -79.06 7.29 54.77
CA VAL I 690 -78.84 6.19 55.76
C VAL I 690 -80.07 6.08 56.66
N ALA I 691 -80.58 7.21 57.14
CA ALA I 691 -81.84 7.30 57.93
C ALA I 691 -82.98 6.67 57.11
N SER I 692 -83.16 7.16 55.88
CA SER I 692 -84.17 6.65 54.93
C SER I 692 -84.10 5.12 54.89
N GLU I 693 -82.88 4.57 54.89
CA GLU I 693 -82.66 3.10 54.92
C GLU I 693 -83.26 2.54 56.22
N TYR I 694 -82.80 3.00 57.38
CA TYR I 694 -83.21 2.48 58.72
C TYR I 694 -84.74 2.53 58.86
N ILE I 695 -85.36 3.61 58.38
CA ILE I 695 -86.83 3.85 58.48
C ILE I 695 -87.59 2.83 57.61
N GLU I 696 -87.16 2.60 56.37
CA GLU I 696 -87.92 1.81 55.36
C GLU I 696 -87.56 0.32 55.38
N THR I 697 -86.35 -0.08 55.76
CA THR I 697 -85.86 -1.49 55.69
C THR I 697 -86.14 -2.27 56.97
N LEU I 698 -86.00 -1.63 58.13
CA LEU I 698 -86.10 -2.25 59.48
C LEU I 698 -87.52 -1.98 59.99
N GLY I 699 -88.38 -2.98 60.06
CA GLY I 699 -89.82 -2.73 60.34
C GLY I 699 -90.02 -2.10 61.71
N LEU I 700 -89.47 -0.90 61.94
CA LEU I 700 -89.45 -0.24 63.27
C LEU I 700 -90.70 0.63 63.37
N LYS I 701 -91.23 0.81 64.59
CA LYS I 701 -92.44 1.62 64.82
C LYS I 701 -92.04 3.08 65.08
N TYR I 702 -90.82 3.34 65.56
CA TYR I 702 -90.23 4.71 65.59
C TYR I 702 -88.70 4.63 65.52
N LEU I 703 -88.06 5.77 65.26
CA LEU I 703 -86.59 5.93 65.21
C LEU I 703 -86.18 7.00 66.20
N GLY I 704 -85.23 6.69 67.09
CA GLY I 704 -84.66 7.64 68.06
C GLY I 704 -83.36 8.22 67.53
N LEU I 705 -83.22 9.54 67.58
CA LEU I 705 -81.98 10.25 67.20
C LEU I 705 -81.58 11.14 68.38
N LYS I 706 -80.28 11.30 68.60
CA LYS I 706 -79.72 11.98 69.81
C LYS I 706 -78.88 13.16 69.36
N PRO I 707 -79.44 14.18 68.68
CA PRO I 707 -78.64 15.30 68.20
C PRO I 707 -78.04 16.04 69.40
N GLY I 708 -76.80 16.53 69.24
CA GLY I 708 -76.00 17.12 70.32
C GLY I 708 -75.85 18.63 70.19
N SER I 709 -76.07 19.17 68.98
CA SER I 709 -75.90 20.61 68.61
C SER I 709 -77.11 21.10 67.82
N ILE I 710 -77.19 22.41 67.61
CA ILE I 710 -78.24 23.08 66.79
C ILE I 710 -78.22 22.49 65.37
N ASP I 711 -77.03 22.26 64.82
CA ASP I 711 -76.85 21.69 63.45
C ASP I 711 -77.43 20.29 63.39
N ALA I 712 -77.14 19.47 64.41
CA ALA I 712 -77.62 18.08 64.52
C ALA I 712 -79.15 18.06 64.58
N ILE I 713 -79.75 19.00 65.32
CA ILE I 713 -81.24 19.11 65.43
C ILE I 713 -81.82 19.35 64.04
N SER I 714 -81.19 20.23 63.23
CA SER I 714 -81.64 20.52 61.85
C SER I 714 -81.60 19.24 61.01
N GLN I 715 -80.57 18.43 61.19
CA GLN I 715 -80.39 17.15 60.44
C GLN I 715 -81.56 16.23 60.80
N VAL I 716 -81.95 16.18 62.07
CA VAL I 716 -83.10 15.36 62.58
C VAL I 716 -84.38 15.85 61.90
N ILE I 717 -84.60 17.17 61.88
CA ILE I 717 -85.77 17.81 61.24
C ILE I 717 -85.84 17.39 59.77
N ASN I 718 -84.73 17.45 59.05
CA ASN I 718 -84.68 17.13 57.59
C ASN I 718 -85.03 15.65 57.38
N ILE I 719 -84.72 14.80 58.36
CA ILE I 719 -85.06 13.36 58.30
C ILE I 719 -86.56 13.20 58.47
N ALA I 720 -87.14 13.95 59.41
CA ALA I 720 -88.58 13.96 59.71
C ALA I 720 -89.36 14.52 58.51
N LYS I 721 -88.92 15.69 57.99
CA LYS I 721 -89.43 16.32 56.77
C LYS I 721 -89.61 15.26 55.68
N ALA I 722 -88.62 14.38 55.53
CA ALA I 722 -88.48 13.41 54.42
C ALA I 722 -89.34 12.16 54.64
N HIS I 723 -89.82 11.93 55.87
CA HIS I 723 -90.73 10.80 56.20
C HIS I 723 -91.80 11.28 57.15
N PRO I 724 -92.71 12.15 56.68
CA PRO I 724 -93.50 13.00 57.58
C PRO I 724 -94.55 12.21 58.35
N ASN I 725 -94.81 10.96 57.95
CA ASN I 725 -95.78 10.04 58.60
C ASN I 725 -95.06 9.01 59.47
N PHE I 726 -93.74 9.13 59.65
CA PHE I 726 -92.98 8.18 60.48
C PHE I 726 -92.57 8.88 61.77
N PRO I 727 -92.80 8.24 62.93
CA PRO I 727 -92.45 8.85 64.22
C PRO I 727 -90.93 8.90 64.47
N ILE I 728 -90.42 10.09 64.77
CA ILE I 728 -89.00 10.32 65.18
C ILE I 728 -89.00 10.77 66.64
N ALA I 729 -88.34 10.00 67.50
CA ALA I 729 -88.05 10.40 68.89
C ALA I 729 -86.75 11.21 68.88
N LEU I 730 -86.86 12.53 68.91
CA LEU I 730 -85.70 13.44 68.99
C LEU I 730 -85.34 13.57 70.47
N GLN I 731 -84.32 12.82 70.90
CA GLN I 731 -83.82 12.78 72.30
C GLN I 731 -82.80 13.91 72.48
N TRP I 732 -83.27 15.09 72.89
CA TRP I 732 -82.37 16.24 73.16
C TRP I 732 -81.66 16.01 74.50
N THR I 733 -80.37 16.34 74.55
CA THR I 733 -79.44 15.96 75.63
C THR I 733 -78.42 17.08 75.78
N GLY I 734 -78.11 17.49 77.01
CA GLY I 734 -77.12 18.55 77.29
C GLY I 734 -75.70 18.02 77.41
N GLY I 735 -74.73 18.93 77.55
CA GLY I 735 -73.35 18.57 77.93
C GLY I 735 -73.32 18.06 79.36
N ARG I 736 -74.28 18.48 80.19
CA ARG I 736 -74.43 18.09 81.62
C ARG I 736 -74.79 16.61 81.75
N GLY I 737 -75.05 15.93 80.62
CA GLY I 737 -75.34 14.49 80.58
C GLY I 737 -74.17 13.66 81.08
N GLY I 738 -74.46 12.41 81.44
CA GLY I 738 -73.45 11.43 81.87
C GLY I 738 -72.89 10.68 80.69
N GLY I 739 -71.70 10.09 80.83
CA GLY I 739 -70.97 9.38 79.77
C GLY I 739 -70.44 10.33 78.72
N HIS I 740 -70.33 9.86 77.47
N HIS I 740 -70.34 9.87 77.47
CA HIS I 740 -69.92 10.70 76.31
CA HIS I 740 -69.94 10.70 76.29
C HIS I 740 -70.88 11.89 76.23
C HIS I 740 -70.89 11.90 76.23
N HIS I 741 -70.37 13.13 76.22
CA HIS I 741 -71.18 14.37 76.33
C HIS I 741 -70.70 15.46 75.37
N SER I 742 -71.58 16.40 75.04
CA SER I 742 -71.34 17.57 74.16
C SER I 742 -70.75 18.70 75.00
N PHE I 743 -70.53 19.87 74.40
CA PHE I 743 -70.04 21.09 75.09
C PHE I 743 -71.19 22.07 75.28
N GLU I 744 -72.41 21.68 74.87
CA GLU I 744 -73.63 22.52 74.69
C GLU I 744 -74.37 22.74 76.02
N ASP I 745 -74.90 23.95 76.22
CA ASP I 745 -75.90 24.24 77.28
C ASP I 745 -77.15 23.40 77.00
N ALA I 746 -77.88 23.00 78.04
CA ALA I 746 -79.09 22.15 77.93
C ALA I 746 -80.29 22.96 77.41
N HIS I 747 -80.28 24.28 77.56
CA HIS I 747 -81.50 25.14 77.36
C HIS I 747 -81.44 25.89 76.03
N THR I 748 -80.38 26.65 75.77
CA THR I 748 -80.24 27.55 74.60
C THR I 748 -80.64 26.83 73.31
N PRO I 749 -80.10 25.63 73.01
CA PRO I 749 -80.42 24.94 71.76
C PRO I 749 -81.92 24.68 71.60
N MET I 750 -82.62 24.38 72.69
CA MET I 750 -84.08 24.11 72.67
C MET I 750 -84.83 25.43 72.49
N LEU I 751 -84.44 26.50 73.20
CA LEU I 751 -85.01 27.85 73.00
C LEU I 751 -84.91 28.22 71.51
N GLN I 752 -83.77 27.97 70.85
CA GLN I 752 -83.54 28.34 69.44
C GLN I 752 -84.37 27.47 68.50
N MET I 753 -84.54 26.19 68.80
CA MET I 753 -85.01 25.21 67.78
C MET I 753 -86.45 24.74 68.03
N TYR I 754 -86.99 24.90 69.25
CA TYR I 754 -88.31 24.37 69.67
C TYR I 754 -89.35 24.65 68.57
N SER I 755 -89.46 25.90 68.15
CA SER I 755 -90.46 26.35 67.14
C SER I 755 -90.32 25.50 65.87
N LYS I 756 -89.09 25.36 65.37
CA LYS I 756 -88.80 24.63 64.11
C LYS I 756 -89.13 23.13 64.27
N ILE I 757 -88.92 22.59 65.48
CA ILE I 757 -89.16 21.15 65.77
C ILE I 757 -90.66 20.90 65.68
N ARG I 758 -91.45 21.78 66.28
CA ARG I 758 -92.92 21.64 66.40
C ARG I 758 -93.62 21.92 65.07
N ARG I 759 -92.91 22.40 64.04
CA ARG I 759 -93.46 22.54 62.68
C ARG I 759 -93.58 21.14 62.06
N HIS I 760 -93.09 20.07 62.72
CA HIS I 760 -93.10 18.69 62.17
C HIS I 760 -93.81 17.75 63.14
N PRO I 761 -95.12 17.49 62.92
CA PRO I 761 -95.92 16.73 63.88
C PRO I 761 -95.32 15.38 64.29
N ASN I 762 -94.56 14.75 63.38
CA ASN I 762 -94.04 13.36 63.54
C ASN I 762 -92.85 13.33 64.49
N ILE I 763 -92.29 14.47 64.88
CA ILE I 763 -91.19 14.52 65.89
C ILE I 763 -91.81 14.50 67.29
N MET I 764 -91.45 13.49 68.08
CA MET I 764 -91.81 13.35 69.51
C MET I 764 -90.61 13.83 70.32
N LEU I 765 -90.71 15.02 70.91
CA LEU I 765 -89.54 15.76 71.44
C LEU I 765 -89.33 15.37 72.90
N ILE I 766 -88.22 14.71 73.19
CA ILE I 766 -87.90 14.18 74.55
C ILE I 766 -86.70 14.93 75.12
N PHE I 767 -86.76 15.29 76.39
CA PHE I 767 -85.71 16.04 77.10
C PHE I 767 -84.95 15.08 78.02
N GLY I 768 -83.62 15.04 77.89
CA GLY I 768 -82.73 14.21 78.70
C GLY I 768 -81.61 15.03 79.30
N SER I 769 -81.00 14.52 80.37
CA SER I 769 -79.73 14.99 80.99
C SER I 769 -80.04 15.79 82.25
N GLY I 770 -79.49 15.36 83.39
CA GLY I 770 -79.59 16.07 84.69
C GLY I 770 -80.90 15.80 85.39
N PHE I 771 -81.77 14.95 84.84
CA PHE I 771 -83.11 14.68 85.42
C PHE I 771 -83.02 13.45 86.33
N GLY I 772 -83.81 13.50 87.41
CA GLY I 772 -83.79 12.50 88.49
C GLY I 772 -85.15 12.27 89.15
N SER I 773 -86.08 13.21 89.07
CA SER I 773 -87.35 13.15 89.84
C SER I 773 -88.50 13.78 89.06
N ALA I 774 -89.71 13.67 89.61
CA ALA I 774 -90.94 14.32 89.10
C ALA I 774 -90.79 15.84 89.26
N ASP I 775 -90.15 16.31 90.33
CA ASP I 775 -90.10 17.74 90.71
C ASP I 775 -89.29 18.56 89.69
N ASP I 776 -88.05 18.14 89.39
CA ASP I 776 -87.09 18.90 88.55
C ASP I 776 -87.53 18.81 87.08
N THR I 777 -88.23 17.72 86.74
CA THR I 777 -88.61 17.34 85.36
C THR I 777 -89.94 18.00 84.98
N TYR I 778 -90.80 18.28 85.96
CA TYR I 778 -92.20 18.72 85.75
C TYR I 778 -92.26 20.04 84.98
N PRO I 779 -91.47 21.08 85.31
CA PRO I 779 -91.55 22.36 84.60
C PRO I 779 -91.29 22.23 83.09
N TYR I 780 -90.70 21.12 82.64
CA TYR I 780 -90.43 20.86 81.21
C TYR I 780 -91.65 20.19 80.58
N LEU I 781 -92.43 19.46 81.37
CA LEU I 781 -93.68 18.81 80.92
C LEU I 781 -94.77 19.87 80.75
N THR I 782 -94.92 20.75 81.74
CA THR I 782 -95.80 21.94 81.77
C THR I 782 -95.45 22.89 80.63
N GLY I 783 -94.15 23.07 80.40
CA GLY I 783 -93.61 24.07 79.45
C GLY I 783 -93.26 25.36 80.15
N GLU I 784 -93.44 25.43 81.48
CA GLU I 784 -93.22 26.66 82.27
C GLU I 784 -91.73 26.97 82.38
N TRP I 785 -90.86 26.01 82.02
CA TRP I 785 -89.38 26.15 82.12
C TRP I 785 -88.94 27.35 81.29
N SER I 786 -89.47 27.52 80.08
CA SER I 786 -89.00 28.56 79.11
C SER I 786 -89.46 29.97 79.56
N THR I 787 -90.42 30.06 80.48
CA THR I 787 -90.83 31.31 81.18
C THR I 787 -89.63 32.03 81.78
N LYS I 788 -88.78 31.31 82.53
CA LYS I 788 -87.56 31.87 83.18
C LYS I 788 -86.77 32.70 82.15
N PHE I 789 -86.79 32.36 80.86
CA PHE I 789 -85.98 33.02 79.81
C PHE I 789 -86.82 34.00 78.95
N ASP I 790 -87.98 34.46 79.43
CA ASP I 790 -88.91 35.39 78.72
C ASP I 790 -89.29 34.87 77.33
N TYR I 791 -89.41 33.56 77.19
CA TYR I 791 -90.02 32.86 76.03
C TYR I 791 -91.40 32.35 76.44
N PRO I 792 -92.31 32.11 75.47
CA PRO I 792 -93.58 31.46 75.76
C PRO I 792 -93.35 30.06 76.30
N PRO I 793 -94.36 29.45 76.97
CA PRO I 793 -94.24 28.07 77.42
C PRO I 793 -93.91 27.09 76.28
N MET I 794 -93.06 26.10 76.55
CA MET I 794 -92.57 25.11 75.55
C MET I 794 -92.64 23.69 76.10
N PRO I 795 -93.83 23.07 76.24
CA PRO I 795 -93.93 21.75 76.86
C PRO I 795 -93.28 20.64 76.01
N PHE I 796 -92.71 19.64 76.68
CA PHE I 796 -92.00 18.48 76.09
C PHE I 796 -92.84 17.22 76.22
N ASP I 797 -92.61 16.26 75.34
CA ASP I 797 -93.46 15.06 75.16
C ASP I 797 -92.99 13.93 76.07
N GLY I 798 -91.78 14.01 76.62
CA GLY I 798 -91.20 12.89 77.38
C GLY I 798 -89.86 13.23 78.01
N PHE I 799 -89.25 12.25 78.67
CA PHE I 799 -87.98 12.41 79.42
C PHE I 799 -87.21 11.10 79.46
N LEU I 800 -85.89 11.21 79.54
CA LEU I 800 -84.99 10.05 79.72
C LEU I 800 -84.07 10.29 80.92
N PHE I 801 -83.86 9.22 81.68
CA PHE I 801 -83.06 9.21 82.93
C PHE I 801 -81.94 8.19 82.75
N GLY I 802 -80.72 8.69 82.56
CA GLY I 802 -79.54 7.83 82.41
C GLY I 802 -78.93 7.55 83.76
N SER I 803 -78.19 8.54 84.26
CA SER I 803 -77.43 8.50 85.53
C SER I 803 -78.35 8.10 86.68
N ARG I 804 -79.56 8.67 86.77
CA ARG I 804 -80.50 8.48 87.92
C ARG I 804 -80.71 7.00 88.22
N VAL I 805 -80.67 6.16 87.20
CA VAL I 805 -81.13 4.75 87.24
C VAL I 805 -79.97 3.79 87.59
N MET I 806 -78.74 4.29 87.69
CA MET I 806 -77.51 3.47 87.73
C MET I 806 -77.34 2.75 89.07
N ILE I 807 -78.17 3.06 90.05
CA ILE I 807 -78.08 2.41 91.39
C ILE I 807 -79.38 1.65 91.68
N ALA I 808 -80.26 1.50 90.69
CA ALA I 808 -81.42 0.60 90.72
C ALA I 808 -81.01 -0.78 91.24
N LYS I 809 -81.91 -1.53 91.86
CA LYS I 809 -81.59 -2.88 92.38
C LYS I 809 -81.13 -3.76 91.23
N GLU I 810 -81.80 -3.70 90.08
CA GLU I 810 -81.68 -4.76 89.06
C GLU I 810 -80.64 -4.38 87.99
N VAL I 811 -79.96 -3.22 88.07
CA VAL I 811 -78.72 -2.96 87.27
C VAL I 811 -77.57 -3.76 87.89
N LYS I 812 -76.55 -4.07 87.09
CA LYS I 812 -75.43 -4.97 87.46
C LYS I 812 -74.29 -4.17 88.07
N THR I 813 -74.46 -2.85 88.21
CA THR I 813 -73.45 -1.96 88.83
C THR I 813 -73.03 -2.63 90.14
N SER I 814 -71.72 -2.85 90.35
CA SER I 814 -71.19 -3.58 91.53
C SER I 814 -71.61 -2.86 92.81
N PRO I 815 -71.88 -3.62 93.90
CA PRO I 815 -72.25 -3.03 95.19
C PRO I 815 -71.45 -1.79 95.61
N ASP I 816 -70.11 -1.87 95.50
CA ASP I 816 -69.21 -0.76 95.92
C ASP I 816 -69.33 0.40 94.91
N ALA I 817 -69.64 0.10 93.65
CA ALA I 817 -69.80 1.10 92.58
C ALA I 817 -71.07 1.93 92.86
N LYS I 818 -72.15 1.27 93.29
CA LYS I 818 -73.43 1.94 93.64
C LYS I 818 -73.19 2.89 94.81
N LYS I 819 -72.45 2.43 95.82
CA LYS I 819 -72.04 3.22 97.01
C LYS I 819 -71.33 4.50 96.55
N CYS I 820 -70.41 4.35 95.60
CA CYS I 820 -69.54 5.42 95.05
C CYS I 820 -70.38 6.43 94.27
N ILE I 821 -71.30 5.94 93.44
CA ILE I 821 -72.26 6.76 92.64
C ILE I 821 -73.14 7.56 93.59
N ALA I 822 -73.66 6.88 94.61
CA ALA I 822 -74.60 7.43 95.61
C ALA I 822 -73.93 8.62 96.32
N ALA I 823 -72.70 8.43 96.77
CA ALA I 823 -71.94 9.42 97.58
C ALA I 823 -71.64 10.68 96.75
N CYS I 824 -71.77 10.63 95.43
CA CYS I 824 -71.61 11.83 94.56
C CYS I 824 -72.75 12.80 94.87
N THR I 825 -72.45 13.87 95.60
CA THR I 825 -73.36 15.04 95.73
C THR I 825 -73.37 15.60 94.31
N GLY I 826 -74.50 15.83 93.69
CA GLY I 826 -74.44 16.41 92.34
C GLY I 826 -73.88 17.82 92.39
N VAL I 827 -74.13 18.58 91.33
CA VAL I 827 -74.05 20.06 91.34
C VAL I 827 -75.24 20.60 90.54
N PRO I 828 -75.75 21.82 90.83
CA PRO I 828 -76.77 22.44 89.98
C PRO I 828 -76.28 22.75 88.55
N ASP I 829 -77.20 22.92 87.60
CA ASP I 829 -76.88 23.15 86.15
C ASP I 829 -75.93 24.34 85.98
N ASP I 830 -76.00 25.38 86.83
CA ASP I 830 -75.18 26.60 86.67
C ASP I 830 -73.70 26.32 86.98
N LYS I 831 -73.34 25.14 87.51
CA LYS I 831 -71.93 24.85 87.90
C LYS I 831 -71.40 23.61 87.17
N TRP I 832 -72.17 23.00 86.25
CA TRP I 832 -71.85 21.66 85.70
C TRP I 832 -70.53 21.71 84.92
N GLU I 833 -70.23 22.85 84.28
CA GLU I 833 -69.08 22.98 83.34
C GLU I 833 -67.75 22.97 84.07
N GLN I 834 -67.74 23.08 85.40
CA GLN I 834 -66.51 23.03 86.22
C GLN I 834 -65.89 21.63 86.12
N THR I 835 -66.61 20.63 85.60
CA THR I 835 -66.09 19.24 85.42
C THR I 835 -64.88 19.26 84.48
N TYR I 836 -64.80 20.22 83.55
CA TYR I 836 -63.68 20.37 82.59
C TYR I 836 -62.38 20.58 83.37
N LYS I 837 -62.40 21.37 84.46
CA LYS I 837 -61.19 21.75 85.22
C LYS I 837 -60.92 20.78 86.37
N LYS I 838 -61.89 20.55 87.26
CA LYS I 838 -61.66 19.81 88.52
C LYS I 838 -62.87 18.93 88.87
N PRO I 839 -62.74 18.02 89.87
CA PRO I 839 -63.88 17.27 90.37
C PRO I 839 -64.99 18.22 90.84
N THR I 840 -66.21 18.01 90.36
CA THR I 840 -67.39 18.88 90.56
C THR I 840 -68.57 17.97 90.90
N GLY I 841 -69.03 18.01 92.16
CA GLY I 841 -70.01 17.06 92.70
C GLY I 841 -69.47 15.63 92.69
N GLY I 842 -68.14 15.48 92.65
CA GLY I 842 -67.44 14.18 92.54
C GLY I 842 -67.46 13.62 91.13
N ILE I 843 -67.65 14.46 90.12
CA ILE I 843 -67.58 14.11 88.66
C ILE I 843 -66.54 15.01 87.96
N VAL I 844 -65.74 14.43 87.06
CA VAL I 844 -64.84 15.18 86.13
C VAL I 844 -65.21 14.76 84.70
N THR I 845 -64.85 15.59 83.74
CA THR I 845 -64.83 15.20 82.30
C THR I 845 -63.36 14.90 81.95
N VAL I 846 -63.15 14.17 80.87
CA VAL I 846 -61.97 13.30 80.60
C VAL I 846 -62.09 12.80 79.15
N ARG I 847 -60.99 12.71 78.41
CA ARG I 847 -61.05 12.41 76.95
C ARG I 847 -61.00 10.89 76.72
N SER I 848 -61.85 10.37 75.82
CA SER I 848 -61.81 8.96 75.31
C SER I 848 -60.58 8.78 74.45
N GLU I 849 -60.28 7.54 74.00
CA GLU I 849 -59.08 7.27 73.14
C GLU I 849 -59.20 8.05 71.84
N MET I 850 -60.43 8.37 71.41
CA MET I 850 -60.74 9.15 70.18
C MET I 850 -60.81 10.66 70.49
N GLY I 851 -60.79 11.08 71.76
CA GLY I 851 -60.67 12.49 72.17
C GLY I 851 -62.00 13.17 72.48
N GLU I 852 -63.12 12.44 72.38
CA GLU I 852 -64.48 12.94 72.76
C GLU I 852 -64.53 13.06 74.29
N PRO I 853 -65.23 14.05 74.88
CA PRO I 853 -65.30 14.19 76.34
C PRO I 853 -66.27 13.17 76.96
N ILE I 854 -65.96 12.72 78.18
CA ILE I 854 -66.76 11.72 78.95
C ILE I 854 -66.89 12.22 80.40
N HIS I 855 -68.11 12.28 80.93
CA HIS I 855 -68.40 12.56 82.36
C HIS I 855 -68.25 11.24 83.12
N LYS I 856 -67.21 11.15 83.96
CA LYS I 856 -66.92 9.97 84.80
C LYS I 856 -66.85 10.44 86.26
N ILE I 857 -67.09 9.53 87.20
CA ILE I 857 -66.86 9.79 88.65
C ILE I 857 -65.35 9.90 88.85
N ALA I 858 -64.94 10.91 89.62
CA ALA I 858 -63.54 11.33 89.83
C ALA I 858 -62.82 10.38 90.78
N THR I 859 -62.85 9.07 90.50
CA THR I 859 -62.08 8.02 91.21
C THR I 859 -60.58 8.31 91.04
N ARG I 860 -59.71 7.68 91.84
CA ARG I 860 -58.24 7.80 91.71
C ARG I 860 -57.83 7.46 90.26
N GLY I 861 -58.38 6.36 89.72
CA GLY I 861 -58.09 5.88 88.35
C GLY I 861 -58.42 6.93 87.31
N VAL I 862 -59.59 7.56 87.42
CA VAL I 862 -60.08 8.57 86.44
C VAL I 862 -59.24 9.84 86.59
N MET I 863 -58.79 10.16 87.80
CA MET I 863 -57.95 11.36 88.05
C MET I 863 -56.55 11.13 87.46
N LEU I 864 -56.06 9.88 87.47
CA LEU I 864 -54.79 9.53 86.77
C LEU I 864 -55.01 9.69 85.26
N TRP I 865 -56.07 9.08 84.74
CA TRP I 865 -56.53 9.22 83.33
C TRP I 865 -56.53 10.70 82.94
N LYS I 866 -57.06 11.56 83.82
CA LYS I 866 -57.14 13.01 83.56
C LYS I 866 -55.72 13.57 83.45
N GLU I 867 -54.87 13.33 84.45
CA GLU I 867 -53.46 13.80 84.47
C GLU I 867 -52.78 13.39 83.16
N PHE I 868 -52.93 12.12 82.76
CA PHE I 868 -52.30 11.56 81.53
C PHE I 868 -52.87 12.23 80.27
N ASP I 869 -54.14 12.64 80.27
CA ASP I 869 -54.73 13.45 79.18
C ASP I 869 -53.97 14.77 79.06
N GLU I 870 -53.68 15.41 80.19
CA GLU I 870 -53.12 16.79 80.28
C GLU I 870 -51.59 16.78 80.14
N THR I 871 -50.95 15.60 80.15
CA THR I 871 -49.51 15.41 80.50
C THR I 871 -48.76 14.56 79.45
N ILE I 872 -49.43 13.60 78.80
CA ILE I 872 -48.80 12.54 77.96
C ILE I 872 -49.53 12.41 76.62
N PHE I 873 -50.85 12.21 76.64
CA PHE I 873 -51.67 11.87 75.45
C PHE I 873 -51.87 13.10 74.58
N ASN I 874 -51.55 14.30 75.10
CA ASN I 874 -51.64 15.58 74.36
C ASN I 874 -50.30 15.92 73.69
N LEU I 875 -49.20 15.26 74.08
CA LEU I 875 -47.84 15.57 73.56
C LEU I 875 -47.77 15.16 72.09
N PRO I 876 -47.02 15.91 71.25
CA PRO I 876 -46.82 15.50 69.86
C PRO I 876 -46.04 14.19 69.79
N LYS I 877 -46.47 13.27 68.92
CA LYS I 877 -45.97 11.86 68.74
C LYS I 877 -44.45 11.76 68.93
N ASN I 878 -43.68 12.73 68.42
CA ASN I 878 -42.19 12.74 68.49
C ASN I 878 -41.73 12.94 69.96
N LYS I 879 -42.56 13.50 70.85
CA LYS I 879 -42.22 13.75 72.28
C LYS I 879 -42.86 12.70 73.21
N LEU I 880 -43.68 11.78 72.67
CA LEU I 880 -44.42 10.79 73.49
C LEU I 880 -43.40 9.87 74.18
N VAL I 881 -42.60 9.15 73.40
CA VAL I 881 -41.74 8.03 73.88
C VAL I 881 -40.70 8.59 74.86
N PRO I 882 -40.01 9.71 74.57
CA PRO I 882 -39.11 10.34 75.54
C PRO I 882 -39.71 10.64 76.92
N THR I 883 -40.95 11.16 76.97
CA THR I 883 -41.67 11.47 78.24
C THR I 883 -41.99 10.16 78.97
N LEU I 884 -42.42 9.13 78.24
CA LEU I 884 -42.72 7.80 78.82
C LEU I 884 -41.45 7.25 79.50
N GLU I 885 -40.28 7.40 78.87
CA GLU I 885 -38.99 6.84 79.41
C GLU I 885 -38.58 7.66 80.63
N ALA I 886 -38.76 8.98 80.58
CA ALA I 886 -38.40 9.92 81.67
C ALA I 886 -39.26 9.66 82.90
N LYS I 887 -40.57 9.45 82.74
CA LYS I 887 -41.54 9.28 83.85
C LYS I 887 -41.86 7.79 84.09
N ARG I 888 -41.06 6.90 83.49
CA ARG I 888 -41.30 5.44 83.49
C ARG I 888 -41.64 4.94 84.88
N ASP I 889 -40.80 5.23 85.88
CA ASP I 889 -40.95 4.68 87.24
C ASP I 889 -42.21 5.24 87.88
N TYR I 890 -42.50 6.54 87.65
CA TYR I 890 -43.69 7.25 88.19
C TYR I 890 -44.96 6.65 87.59
N ILE I 891 -45.01 6.50 86.26
CA ILE I 891 -46.18 5.95 85.51
C ILE I 891 -46.50 4.56 86.05
N ILE I 892 -45.52 3.66 86.11
CA ILE I 892 -45.67 2.29 86.67
C ILE I 892 -46.24 2.40 88.09
N SER I 893 -45.68 3.30 88.90
CA SER I 893 -46.07 3.46 90.32
C SER I 893 -47.57 3.76 90.41
N ARG I 894 -48.07 4.62 89.53
CA ARG I 894 -49.46 5.18 89.56
C ARG I 894 -50.44 4.16 88.96
N LEU I 895 -50.08 3.55 87.85
CA LEU I 895 -50.86 2.40 87.31
C LEU I 895 -51.09 1.41 88.46
N ASN I 896 -50.04 1.02 89.19
CA ASN I 896 -50.12 -0.04 90.23
C ASN I 896 -51.00 0.44 91.39
N ALA I 897 -50.81 1.68 91.83
CA ALA I 897 -51.52 2.27 92.99
C ALA I 897 -53.00 2.51 92.65
N ASP I 898 -53.31 3.08 91.47
CA ASP I 898 -54.55 3.87 91.26
C ASP I 898 -55.40 3.43 90.07
N PHE I 899 -54.97 2.52 89.19
CA PHE I 899 -55.71 2.30 87.92
C PHE I 899 -56.20 0.87 87.79
N GLN I 900 -57.20 0.66 86.94
CA GLN I 900 -57.94 -0.62 86.80
C GLN I 900 -57.13 -1.58 85.91
N LYS I 901 -56.15 -1.05 85.19
CA LYS I 901 -55.12 -1.82 84.44
C LYS I 901 -53.78 -1.57 85.10
N PRO I 902 -53.31 -2.48 85.98
CA PRO I 902 -52.03 -2.28 86.66
C PRO I 902 -50.89 -2.47 85.65
N TRP I 903 -49.67 -2.15 86.05
CA TRP I 903 -48.44 -2.51 85.29
C TRP I 903 -48.27 -4.03 85.37
N PHE I 904 -48.30 -4.76 84.26
CA PHE I 904 -48.27 -6.24 84.30
C PHE I 904 -47.02 -6.71 85.03
N ALA I 905 -45.88 -6.17 84.65
CA ALA I 905 -44.55 -6.67 85.07
C ALA I 905 -44.22 -6.11 86.44
N THR I 906 -44.99 -6.48 87.45
CA THR I 906 -44.67 -6.16 88.86
C THR I 906 -44.92 -7.43 89.68
N VAL I 907 -43.87 -7.88 90.36
CA VAL I 907 -43.77 -9.19 91.04
C VAL I 907 -43.61 -8.92 92.53
N ASN I 908 -44.55 -9.38 93.36
CA ASN I 908 -44.48 -9.20 94.83
C ASN I 908 -44.35 -7.70 95.12
N GLY I 909 -45.11 -6.89 94.41
CA GLY I 909 -45.20 -5.43 94.58
C GLY I 909 -43.92 -4.70 94.18
N GLN I 910 -43.01 -5.35 93.48
CA GLN I 910 -41.74 -4.73 93.01
C GLN I 910 -41.81 -4.57 91.48
N ALA I 911 -41.60 -3.36 90.97
CA ALA I 911 -41.66 -3.04 89.52
C ALA I 911 -40.58 -3.81 88.77
N ARG I 912 -40.92 -4.34 87.60
CA ARG I 912 -39.97 -5.04 86.69
C ARG I 912 -40.30 -4.61 85.26
N ASP I 913 -39.76 -5.33 84.28
CA ASP I 913 -40.26 -5.32 82.87
C ASP I 913 -40.43 -6.79 82.50
N LEU I 914 -41.24 -7.07 81.48
CA LEU I 914 -41.31 -8.41 80.84
C LEU I 914 -39.90 -9.02 80.76
N ALA I 915 -38.89 -8.23 80.38
CA ALA I 915 -37.53 -8.73 80.09
C ALA I 915 -36.80 -9.20 81.35
N THR I 916 -37.27 -8.81 82.55
CA THR I 916 -36.61 -9.05 83.85
C THR I 916 -37.53 -9.82 84.80
N MET I 917 -38.51 -10.53 84.24
CA MET I 917 -39.38 -11.53 84.93
C MET I 917 -39.04 -12.92 84.40
N THR I 918 -39.07 -13.95 85.26
CA THR I 918 -38.85 -15.35 84.85
C THR I 918 -40.14 -15.87 84.22
N TYR I 919 -40.03 -16.95 83.47
CA TYR I 919 -41.19 -17.61 82.84
C TYR I 919 -42.21 -17.89 83.93
N GLU I 920 -41.75 -18.37 85.09
CA GLU I 920 -42.64 -18.70 86.23
C GLU I 920 -43.33 -17.43 86.73
N GLU I 921 -42.58 -16.35 86.95
CA GLU I 921 -43.14 -15.09 87.49
C GLU I 921 -44.28 -14.58 86.59
N VAL I 922 -44.12 -14.73 85.28
CA VAL I 922 -45.10 -14.29 84.24
C VAL I 922 -46.35 -15.17 84.35
N ALA I 923 -46.20 -16.48 84.29
CA ALA I 923 -47.33 -17.44 84.40
C ALA I 923 -48.13 -17.12 85.66
N LYS I 924 -47.45 -16.86 86.78
CA LYS I 924 -48.12 -16.62 88.09
C LYS I 924 -48.85 -15.28 88.06
N ARG I 925 -48.24 -14.29 87.43
CA ARG I 925 -48.82 -12.93 87.33
C ARG I 925 -50.07 -12.95 86.45
N LEU I 926 -50.09 -13.77 85.40
CA LEU I 926 -51.28 -13.92 84.52
C LEU I 926 -52.44 -14.46 85.36
N VAL I 927 -52.18 -15.46 86.18
CA VAL I 927 -53.19 -16.10 87.07
C VAL I 927 -53.62 -15.06 88.10
N GLU I 928 -52.68 -14.29 88.63
CA GLU I 928 -52.96 -13.29 89.69
C GLU I 928 -54.00 -12.27 89.18
N LEU I 929 -53.96 -11.90 87.90
CA LEU I 929 -54.74 -10.76 87.37
C LEU I 929 -55.97 -11.24 86.59
N MET I 930 -55.98 -12.48 86.12
CA MET I 930 -57.00 -12.97 85.15
C MET I 930 -57.88 -14.05 85.77
N PHE I 931 -57.40 -14.77 86.78
CA PHE I 931 -58.17 -15.85 87.45
C PHE I 931 -58.76 -15.29 88.76
N ILE I 932 -60.09 -15.28 88.86
CA ILE I 932 -60.83 -14.72 90.02
C ILE I 932 -60.97 -15.81 91.09
N ARG I 933 -60.26 -15.66 92.21
CA ARG I 933 -60.28 -16.62 93.33
C ARG I 933 -61.71 -16.72 93.88
N SER I 934 -62.33 -15.57 94.15
CA SER I 934 -63.66 -15.45 94.79
C SER I 934 -64.73 -16.28 94.06
N THR I 935 -64.65 -16.39 92.72
CA THR I 935 -65.62 -17.15 91.89
C THR I 935 -65.00 -18.46 91.39
N ASN I 936 -63.74 -18.71 91.75
CA ASN I 936 -62.94 -19.91 91.34
C ASN I 936 -63.06 -20.18 89.84
N SER I 937 -62.84 -19.16 89.01
CA SER I 937 -62.97 -19.27 87.53
C SER I 937 -62.15 -18.19 86.82
N TRP I 938 -61.82 -18.43 85.56
CA TRP I 938 -61.16 -17.41 84.71
C TRP I 938 -62.20 -16.37 84.33
N PHE I 939 -61.92 -15.09 84.59
CA PHE I 939 -62.92 -14.02 84.37
C PHE I 939 -63.45 -14.08 82.94
N ASP I 940 -62.63 -14.47 81.97
CA ASP I 940 -63.03 -14.66 80.54
C ASP I 940 -62.24 -15.86 79.99
N VAL I 941 -62.87 -16.71 79.18
CA VAL I 941 -62.20 -17.95 78.67
C VAL I 941 -60.97 -17.58 77.83
N THR I 942 -60.97 -16.45 77.13
CA THR I 942 -59.83 -16.04 76.26
C THR I 942 -58.61 -15.74 77.11
N TRP I 943 -58.80 -15.28 78.35
CA TRP I 943 -57.67 -15.05 79.29
C TRP I 943 -57.07 -16.40 79.69
N ARG I 944 -57.89 -17.45 79.74
CA ARG I 944 -57.38 -18.81 80.04
C ARG I 944 -56.57 -19.29 78.82
N THR I 945 -57.13 -19.13 77.62
CA THR I 945 -56.44 -19.50 76.35
C THR I 945 -55.08 -18.82 76.29
N PHE I 946 -55.01 -17.53 76.64
CA PHE I 946 -53.75 -16.74 76.72
C PHE I 946 -52.74 -17.52 77.56
N THR I 947 -53.05 -17.77 78.84
CA THR I 947 -52.03 -18.30 79.78
C THR I 947 -51.81 -19.78 79.42
N GLY I 948 -52.78 -20.42 78.80
CA GLY I 948 -52.57 -21.76 78.23
C GLY I 948 -51.49 -21.71 77.17
N ASP I 949 -51.70 -20.88 76.14
CA ASP I 949 -50.74 -20.68 75.02
C ASP I 949 -49.36 -20.33 75.61
N PHE I 950 -49.33 -19.50 76.66
CA PHE I 950 -48.05 -19.06 77.27
C PHE I 950 -47.32 -20.25 77.87
N LEU I 951 -48.03 -21.12 78.59
CA LEU I 951 -47.41 -22.31 79.22
C LEU I 951 -46.88 -23.24 78.12
N ARG I 952 -47.62 -23.41 77.03
CA ARG I 952 -47.18 -24.24 75.89
C ARG I 952 -45.85 -23.68 75.35
N ARG I 953 -45.67 -22.35 75.36
CA ARG I 953 -44.40 -21.70 74.92
C ARG I 953 -43.26 -22.13 75.84
N VAL I 954 -43.54 -22.17 77.13
CA VAL I 954 -42.55 -22.55 78.17
C VAL I 954 -42.06 -23.95 77.81
N GLU I 955 -42.99 -24.86 77.51
CA GLU I 955 -42.63 -26.25 77.19
C GLU I 955 -41.75 -26.25 75.94
N GLU I 956 -42.16 -25.49 74.92
CA GLU I 956 -41.45 -25.40 73.62
C GLU I 956 -40.02 -24.92 73.88
N ARG I 957 -39.84 -23.89 74.72
CA ARG I 957 -38.52 -23.23 74.89
C ARG I 957 -37.58 -24.15 75.67
N PHE I 958 -38.11 -24.85 76.66
CA PHE I 958 -37.30 -25.55 77.70
C PHE I 958 -37.21 -27.05 77.44
N THR I 959 -38.09 -27.64 76.62
CA THR I 959 -37.90 -29.05 76.17
C THR I 959 -36.66 -29.09 75.27
N LYS I 960 -35.91 -30.18 75.31
CA LYS I 960 -34.70 -30.40 74.50
C LYS I 960 -35.09 -31.21 73.25
N SER I 961 -36.28 -31.80 73.23
CA SER I 961 -36.77 -32.60 72.09
C SER I 961 -38.29 -32.75 72.13
N LYS I 962 -38.87 -33.21 71.03
CA LYS I 962 -40.34 -33.30 70.84
C LYS I 962 -40.89 -34.22 71.94
N THR I 963 -41.91 -33.77 72.67
CA THR I 963 -42.72 -34.58 73.63
C THR I 963 -44.16 -34.07 73.60
N LEU I 964 -45.02 -34.72 74.37
CA LEU I 964 -46.45 -34.34 74.48
C LEU I 964 -46.53 -33.27 75.56
N SER I 965 -47.42 -32.30 75.36
CA SER I 965 -47.69 -31.17 76.28
C SER I 965 -48.24 -31.73 77.58
N LEU I 966 -47.85 -31.13 78.71
CA LEU I 966 -48.42 -31.44 80.04
C LEU I 966 -49.78 -30.73 80.19
N ILE I 967 -50.15 -29.87 79.24
CA ILE I 967 -51.48 -29.20 79.20
C ILE I 967 -52.19 -29.69 77.94
N GLN I 968 -52.73 -30.90 77.97
CA GLN I 968 -53.39 -31.50 76.77
C GLN I 968 -54.66 -30.72 76.44
N SER I 969 -55.29 -30.15 77.47
CA SER I 969 -56.54 -29.36 77.37
C SER I 969 -56.50 -28.20 78.37
N TYR I 970 -56.79 -26.99 77.89
CA TYR I 970 -56.73 -25.75 78.72
C TYR I 970 -57.73 -25.86 79.89
N SER I 971 -58.61 -26.85 79.89
CA SER I 971 -59.43 -27.26 81.07
C SER I 971 -58.55 -27.31 82.31
N LEU I 972 -57.37 -27.92 82.20
CA LEU I 972 -56.47 -28.19 83.35
C LEU I 972 -56.22 -26.88 84.12
N LEU I 973 -56.25 -25.74 83.41
CA LEU I 973 -55.98 -24.39 83.98
C LEU I 973 -57.08 -24.00 84.99
N ASP I 974 -58.23 -24.68 85.00
CA ASP I 974 -59.36 -24.37 85.92
C ASP I 974 -58.94 -24.61 87.38
N LYS I 975 -57.88 -25.41 87.61
CA LYS I 975 -57.06 -25.38 88.86
C LYS I 975 -55.67 -24.86 88.51
N PRO I 976 -55.51 -23.52 88.41
CA PRO I 976 -54.33 -22.93 87.77
C PRO I 976 -53.01 -23.18 88.51
N ASP I 977 -53.03 -23.08 89.84
CA ASP I 977 -51.84 -23.25 90.71
C ASP I 977 -51.14 -24.57 90.37
N GLU I 978 -51.95 -25.60 90.11
CA GLU I 978 -51.51 -27.01 89.95
C GLU I 978 -50.97 -27.18 88.54
N ALA I 979 -51.66 -26.61 87.55
CA ALA I 979 -51.21 -26.54 86.14
C ALA I 979 -49.81 -25.94 86.07
N ILE I 980 -49.61 -24.80 86.72
CA ILE I 980 -48.29 -24.11 86.78
C ILE I 980 -47.26 -25.07 87.38
N GLU I 981 -47.53 -25.62 88.56
CA GLU I 981 -46.59 -26.54 89.26
C GLU I 981 -46.24 -27.70 88.33
N LYS I 982 -47.19 -28.22 87.56
CA LYS I 982 -46.97 -29.40 86.69
C LYS I 982 -45.92 -29.09 85.65
N VAL I 983 -46.07 -27.94 84.99
CA VAL I 983 -45.25 -27.49 83.83
C VAL I 983 -43.84 -27.14 84.31
N PHE I 984 -43.73 -26.32 85.36
CA PHE I 984 -42.44 -25.82 85.87
C PHE I 984 -41.70 -26.92 86.65
N ASN I 985 -42.41 -27.95 87.16
CA ASN I 985 -41.76 -29.15 87.76
C ASN I 985 -41.03 -29.92 86.64
N ALA I 986 -41.61 -29.96 85.44
CA ALA I 986 -41.01 -30.65 84.27
C ALA I 986 -39.91 -29.78 83.64
N TYR I 987 -39.98 -28.46 83.77
CA TYR I 987 -39.05 -27.50 83.12
C TYR I 987 -38.56 -26.51 84.16
N PRO I 988 -37.90 -26.99 85.23
CA PRO I 988 -37.57 -26.14 86.39
C PRO I 988 -36.56 -25.04 86.02
N ALA I 989 -35.82 -25.24 84.93
CA ALA I 989 -34.91 -24.23 84.36
C ALA I 989 -35.65 -22.91 84.19
N ALA I 990 -36.94 -22.99 83.85
CA ALA I 990 -37.79 -21.82 83.50
C ALA I 990 -38.17 -21.05 84.75
N ARG I 991 -37.92 -21.59 85.95
CA ARG I 991 -38.14 -20.84 87.21
C ARG I 991 -37.01 -19.81 87.38
N GLU I 992 -35.88 -20.05 86.75
CA GLU I 992 -34.60 -19.36 87.05
C GLU I 992 -34.14 -18.49 85.87
N GLN I 993 -34.86 -18.43 84.75
CA GLN I 993 -34.40 -17.69 83.55
C GLN I 993 -35.40 -16.60 83.18
N PHE I 994 -34.94 -15.38 82.96
CA PHE I 994 -35.78 -14.30 82.40
C PHE I 994 -36.30 -14.75 81.04
N LEU I 995 -37.39 -14.12 80.60
CA LEU I 995 -37.99 -14.34 79.26
C LEU I 995 -36.90 -14.16 78.21
N ASN I 996 -36.71 -15.16 77.35
CA ASN I 996 -35.98 -15.03 76.08
C ASN I 996 -36.55 -13.85 75.32
N ALA I 997 -35.72 -13.01 74.71
CA ALA I 997 -36.17 -11.77 74.04
C ALA I 997 -37.26 -12.07 73.00
N GLN I 998 -37.23 -13.23 72.37
CA GLN I 998 -38.20 -13.66 71.32
C GLN I 998 -39.56 -13.88 71.97
N ASP I 999 -39.58 -14.36 73.20
CA ASP I 999 -40.83 -14.72 73.93
C ASP I 999 -41.44 -13.45 74.53
N ILE I 1000 -40.65 -12.39 74.69
CA ILE I 1000 -41.19 -11.06 75.08
C ILE I 1000 -42.07 -10.60 73.92
N ASP I 1001 -41.53 -10.64 72.71
CA ASP I 1001 -42.23 -10.16 71.50
C ASP I 1001 -43.47 -11.03 71.29
N HIS I 1002 -43.39 -12.34 71.56
CA HIS I 1002 -44.56 -13.25 71.43
C HIS I 1002 -45.63 -12.90 72.46
N PHE I 1003 -45.23 -12.64 73.71
CA PHE I 1003 -46.16 -12.24 74.78
C PHE I 1003 -46.86 -10.94 74.36
N LEU I 1004 -46.11 -9.96 73.86
CA LEU I 1004 -46.68 -8.63 73.53
C LEU I 1004 -47.58 -8.77 72.31
N SER I 1005 -47.31 -9.78 71.48
CA SER I 1005 -48.10 -10.07 70.26
C SER I 1005 -49.43 -10.70 70.66
N MET I 1006 -49.41 -11.68 71.57
CA MET I 1006 -50.63 -12.32 72.14
C MET I 1006 -51.53 -11.25 72.76
N CYS I 1007 -50.94 -10.19 73.30
CA CYS I 1007 -51.67 -9.05 73.91
C CYS I 1007 -52.40 -8.23 72.85
N GLN I 1008 -52.02 -8.32 71.57
CA GLN I 1008 -52.67 -7.55 70.47
C GLN I 1008 -53.72 -8.42 69.79
N ASN I 1009 -53.82 -9.69 70.16
CA ASN I 1009 -54.78 -10.65 69.56
C ASN I 1009 -56.19 -10.07 69.62
N PRO I 1010 -56.84 -9.82 68.45
CA PRO I 1010 -58.14 -9.17 68.44
C PRO I 1010 -59.31 -10.15 68.69
N MET I 1011 -59.07 -11.46 68.74
CA MET I 1011 -60.08 -12.52 68.99
C MET I 1011 -60.10 -12.84 70.49
N GLN I 1012 -59.79 -11.88 71.36
CA GLN I 1012 -59.63 -12.15 72.81
C GLN I 1012 -59.95 -10.88 73.59
N LYS I 1013 -60.47 -11.02 74.81
CA LYS I 1013 -60.83 -9.86 75.65
C LYS I 1013 -59.55 -9.10 75.94
N PRO I 1014 -59.50 -7.79 75.65
CA PRO I 1014 -58.35 -6.97 75.99
C PRO I 1014 -57.80 -7.34 77.37
N VAL I 1015 -56.52 -7.65 77.36
CA VAL I 1015 -55.68 -8.02 78.53
C VAL I 1015 -55.85 -6.96 79.62
N PRO I 1016 -56.10 -7.33 80.89
CA PRO I 1016 -56.43 -6.39 81.95
C PRO I 1016 -55.21 -5.80 82.68
N PHE I 1017 -54.27 -5.26 81.91
CA PHE I 1017 -52.98 -4.71 82.40
C PHE I 1017 -52.24 -3.98 81.28
N VAL I 1018 -51.23 -3.21 81.65
CA VAL I 1018 -50.31 -2.54 80.70
C VAL I 1018 -49.02 -3.35 80.65
N PRO I 1019 -48.73 -4.05 79.54
CA PRO I 1019 -47.54 -4.88 79.44
C PRO I 1019 -46.26 -4.14 79.02
N VAL I 1020 -46.40 -2.93 78.43
CA VAL I 1020 -45.24 -2.13 77.96
C VAL I 1020 -45.59 -0.65 77.78
N LEU I 1021 -44.64 0.24 78.08
CA LEU I 1021 -44.71 1.69 77.76
C LEU I 1021 -44.09 1.94 76.39
N ASP I 1022 -44.90 2.28 75.39
CA ASP I 1022 -44.42 2.57 74.02
C ASP I 1022 -45.42 3.53 73.36
N ARG I 1023 -45.32 3.74 72.05
CA ARG I 1023 -46.15 4.71 71.30
C ARG I 1023 -47.65 4.45 71.53
N ARG I 1024 -48.05 3.20 71.72
CA ARG I 1024 -49.48 2.79 71.79
C ARG I 1024 -49.91 2.71 73.26
N PHE I 1025 -49.26 3.43 74.17
CA PHE I 1025 -49.60 3.44 75.63
C PHE I 1025 -51.06 3.86 75.84
N GLU I 1026 -51.54 4.83 75.04
CA GLU I 1026 -52.90 5.39 75.25
C GLU I 1026 -53.93 4.29 74.98
N ILE I 1027 -53.74 3.47 73.95
CA ILE I 1027 -54.70 2.38 73.61
C ILE I 1027 -54.63 1.33 74.72
N PHE I 1028 -53.44 0.99 75.23
CA PHE I 1028 -53.29 -0.01 76.31
C PHE I 1028 -54.03 0.45 77.57
N PHE I 1029 -54.03 1.76 77.80
CA PHE I 1029 -54.54 2.41 79.03
C PHE I 1029 -56.07 2.54 78.98
N LYS I 1030 -56.60 2.91 77.81
CA LYS I 1030 -58.02 3.34 77.63
C LYS I 1030 -58.89 2.21 77.07
N LYS I 1031 -58.34 1.27 76.30
CA LYS I 1031 -59.08 0.16 75.64
C LYS I 1031 -59.92 -0.59 76.68
N ASP I 1032 -61.19 -0.86 76.37
CA ASP I 1032 -62.09 -1.77 77.13
C ASP I 1032 -62.05 -1.40 78.61
N SER I 1033 -62.66 -0.26 79.00
CA SER I 1033 -62.55 0.26 80.38
C SER I 1033 -63.93 0.60 80.98
N LEU I 1034 -64.99 -0.01 80.46
CA LEU I 1034 -66.39 0.30 80.89
C LEU I 1034 -66.95 -0.78 81.82
N TRP I 1035 -66.48 -2.03 81.66
CA TRP I 1035 -67.02 -3.29 82.26
C TRP I 1035 -66.62 -3.41 83.73
N GLN I 1036 -65.56 -2.73 84.17
CA GLN I 1036 -64.95 -2.98 85.51
C GLN I 1036 -65.93 -2.57 86.62
N SER I 1037 -66.70 -1.49 86.41
CA SER I 1037 -67.67 -0.96 87.40
C SER I 1037 -68.74 -2.01 87.72
N GLU I 1038 -69.02 -2.96 86.83
CA GLU I 1038 -70.04 -4.04 87.05
C GLU I 1038 -69.36 -5.36 87.46
N HIS I 1039 -68.04 -5.42 87.53
CA HIS I 1039 -67.28 -6.66 87.83
C HIS I 1039 -66.07 -6.37 88.69
N LEU I 1040 -66.28 -5.62 89.78
CA LEU I 1040 -65.23 -5.28 90.77
C LEU I 1040 -64.56 -6.56 91.29
N GLU I 1041 -65.23 -7.70 91.23
CA GLU I 1041 -64.70 -8.99 91.76
C GLU I 1041 -63.38 -9.33 91.02
N ALA I 1042 -63.18 -8.76 89.83
CA ALA I 1042 -62.04 -9.03 88.91
C ALA I 1042 -61.15 -7.80 88.76
N VAL I 1043 -61.26 -6.84 89.66
CA VAL I 1043 -60.41 -5.61 89.68
C VAL I 1043 -59.43 -5.77 90.84
N VAL I 1044 -58.28 -5.09 90.78
CA VAL I 1044 -57.09 -5.44 91.61
C VAL I 1044 -57.44 -5.50 93.11
N ASP I 1045 -58.13 -4.55 93.74
CA ASP I 1045 -58.46 -4.83 95.18
C ASP I 1045 -59.98 -4.85 95.30
N GLN I 1046 -60.67 -5.30 94.27
CA GLN I 1046 -62.13 -5.03 94.10
C GLN I 1046 -62.36 -3.54 94.44
N ASP I 1047 -61.45 -2.69 93.97
CA ASP I 1047 -61.32 -1.27 94.40
C ASP I 1047 -62.01 -0.36 93.37
N VAL I 1048 -63.26 0.02 93.63
CA VAL I 1048 -64.02 1.07 92.87
C VAL I 1048 -63.07 2.17 92.39
N GLN I 1049 -62.23 2.67 93.30
CA GLN I 1049 -61.38 3.88 93.11
C GLN I 1049 -60.47 3.74 91.87
N ARG I 1050 -60.31 2.52 91.33
CA ARG I 1050 -59.45 2.25 90.14
C ARG I 1050 -60.25 2.42 88.83
N THR I 1051 -61.57 2.50 88.88
CA THR I 1051 -62.45 2.15 87.74
C THR I 1051 -63.13 3.38 87.14
N CYS I 1052 -63.60 3.21 85.90
CA CYS I 1052 -64.49 4.15 85.18
C CYS I 1052 -65.95 3.81 85.45
N ILE I 1053 -66.61 4.72 86.17
CA ILE I 1053 -68.09 4.81 86.30
C ILE I 1053 -68.54 6.09 85.58
N LEU I 1054 -69.40 5.96 84.58
CA LEU I 1054 -69.92 7.13 83.80
C LEU I 1054 -71.13 7.70 84.53
N HIS I 1055 -71.20 9.01 84.77
CA HIS I 1055 -72.28 9.66 85.57
C HIS I 1055 -72.30 11.17 85.31
N GLY I 1056 -73.49 11.72 85.15
CA GLY I 1056 -73.72 13.17 84.95
C GLY I 1056 -73.61 13.93 86.26
N PRO I 1057 -72.98 15.13 86.27
CA PRO I 1057 -72.84 15.90 87.50
C PRO I 1057 -74.16 16.49 88.02
N VAL I 1058 -75.16 16.66 87.15
CA VAL I 1058 -76.43 17.33 87.54
C VAL I 1058 -77.43 16.26 87.95
N ALA I 1059 -77.45 15.11 87.30
CA ALA I 1059 -78.37 14.01 87.68
C ALA I 1059 -77.93 13.40 89.01
N ALA I 1060 -76.67 13.60 89.39
CA ALA I 1060 -76.07 12.99 90.60
C ALA I 1060 -76.74 13.54 91.87
N GLN I 1061 -77.31 14.75 91.83
CA GLN I 1061 -77.90 15.42 93.03
C GLN I 1061 -79.20 14.70 93.39
N PHE I 1062 -79.79 13.94 92.46
CA PHE I 1062 -81.05 13.18 92.66
C PHE I 1062 -80.78 11.67 92.82
N THR I 1063 -79.53 11.22 92.80
CA THR I 1063 -79.17 9.77 92.86
C THR I 1063 -78.55 9.46 94.22
N LYS I 1064 -79.35 8.92 95.16
CA LYS I 1064 -78.98 8.74 96.59
C LYS I 1064 -79.33 7.34 97.08
N VAL I 1065 -80.56 6.88 96.85
CA VAL I 1065 -81.11 5.65 97.48
C VAL I 1065 -80.67 4.43 96.67
N ILE I 1066 -79.68 3.70 97.20
CA ILE I 1066 -79.08 2.48 96.59
C ILE I 1066 -80.15 1.38 96.53
N ASP I 1067 -80.13 0.56 95.48
CA ASP I 1067 -80.89 -0.71 95.33
C ASP I 1067 -82.40 -0.46 95.41
N GLU I 1068 -82.85 0.76 95.09
CA GLU I 1068 -84.28 1.09 94.88
C GLU I 1068 -84.74 0.36 93.63
N PRO I 1069 -85.82 -0.47 93.67
CA PRO I 1069 -86.23 -1.21 92.46
C PRO I 1069 -86.57 -0.25 91.31
N ILE I 1070 -86.27 -0.64 90.08
CA ILE I 1070 -86.39 0.27 88.91
C ILE I 1070 -87.84 0.72 88.81
N LYS I 1071 -88.78 -0.19 89.10
CA LYS I 1071 -90.23 0.11 89.04
C LYS I 1071 -90.56 1.28 89.97
N SER I 1072 -89.95 1.29 91.16
CA SER I 1072 -90.16 2.34 92.18
C SER I 1072 -89.62 3.69 91.65
N ILE I 1073 -88.42 3.72 91.07
CA ILE I 1073 -87.78 4.99 90.57
C ILE I 1073 -88.72 5.62 89.53
N MET I 1074 -89.06 4.83 88.51
CA MET I 1074 -89.84 5.27 87.33
C MET I 1074 -91.26 5.63 87.74
N ASP I 1075 -91.96 4.75 88.48
CA ASP I 1075 -93.34 5.02 89.00
C ASP I 1075 -93.29 6.26 89.89
N GLY I 1076 -92.22 6.42 90.67
CA GLY I 1076 -91.94 7.64 91.44
C GLY I 1076 -92.17 8.89 90.60
N ILE I 1077 -91.50 8.94 89.45
CA ILE I 1077 -91.52 10.11 88.54
C ILE I 1077 -92.90 10.24 87.90
N HIS I 1078 -93.50 9.16 87.40
CA HIS I 1078 -94.83 9.18 86.73
C HIS I 1078 -95.91 9.61 87.72
N ASP I 1079 -95.97 8.94 88.88
CA ASP I 1079 -96.96 9.20 89.97
C ASP I 1079 -96.83 10.66 90.39
N GLY I 1080 -95.61 11.16 90.57
CA GLY I 1080 -95.33 12.57 90.90
C GLY I 1080 -95.96 13.54 89.92
N HIS I 1081 -95.93 13.23 88.61
CA HIS I 1081 -96.50 14.08 87.52
C HIS I 1081 -98.02 14.09 87.63
N ILE I 1082 -98.61 12.88 87.76
CA ILE I 1082 -100.07 12.68 87.94
C ILE I 1082 -100.55 13.54 89.11
N LYS I 1083 -99.92 13.37 90.28
CA LYS I 1083 -100.24 14.13 91.52
C LYS I 1083 -100.29 15.62 91.19
N LYS I 1084 -99.25 16.17 90.58
CA LYS I 1084 -99.13 17.63 90.28
C LYS I 1084 -100.17 18.06 89.25
N LEU I 1085 -100.35 17.27 88.19
CA LEU I 1085 -101.30 17.54 87.07
C LEU I 1085 -102.74 17.54 87.61
N LEU I 1086 -103.05 16.56 88.45
CA LEU I 1086 -104.40 16.38 89.06
C LEU I 1086 -104.75 17.65 89.82
N HIS I 1087 -103.90 18.03 90.79
CA HIS I 1087 -104.04 19.26 91.61
C HIS I 1087 -104.13 20.49 90.70
N GLN I 1088 -103.16 20.68 89.80
CA GLN I 1088 -102.97 21.95 89.05
C GLN I 1088 -104.07 22.15 88.00
N TYR I 1089 -104.68 21.09 87.44
CA TYR I 1089 -105.58 21.20 86.26
C TYR I 1089 -106.89 20.39 86.38
N TYR I 1090 -107.06 19.54 87.39
CA TYR I 1090 -108.22 18.60 87.49
C TYR I 1090 -108.92 18.69 88.87
N GLY I 1091 -108.65 19.77 89.63
CA GLY I 1091 -109.09 19.96 91.03
C GLY I 1091 -109.05 18.70 91.86
N ASP I 1092 -107.85 18.14 92.09
CA ASP I 1092 -107.58 16.88 92.83
C ASP I 1092 -108.73 15.87 92.69
N ASP I 1093 -109.35 15.73 91.51
CA ASP I 1093 -110.58 14.92 91.32
C ASP I 1093 -110.38 13.89 90.21
N GLU I 1094 -110.09 12.64 90.57
CA GLU I 1094 -109.83 11.52 89.62
C GLU I 1094 -111.03 11.25 88.70
N SER I 1095 -112.24 11.66 89.10
CA SER I 1095 -113.47 11.43 88.30
C SER I 1095 -113.44 12.33 87.07
N LYS I 1096 -112.68 13.44 87.11
CA LYS I 1096 -112.59 14.43 86.01
C LYS I 1096 -111.65 13.95 84.89
N ILE I 1097 -110.88 12.88 85.11
CA ILE I 1097 -109.91 12.31 84.12
C ILE I 1097 -110.69 11.55 83.06
N PRO I 1098 -110.62 11.93 81.77
CA PRO I 1098 -111.29 11.18 80.70
C PRO I 1098 -110.79 9.74 80.63
N ALA I 1099 -111.59 8.83 80.07
CA ALA I 1099 -111.28 7.39 80.00
C ALA I 1099 -111.44 6.87 78.57
N VAL I 1100 -110.68 5.83 78.24
CA VAL I 1100 -110.68 5.13 76.93
C VAL I 1100 -110.38 3.65 77.19
N GLU I 1101 -111.03 2.75 76.45
CA GLU I 1101 -110.96 1.30 76.70
C GLU I 1101 -109.46 0.94 76.84
N TYR I 1102 -108.65 1.26 75.83
CA TYR I 1102 -107.18 1.07 75.82
C TYR I 1102 -106.49 2.39 75.46
N PHE I 1103 -105.28 2.61 75.96
CA PHE I 1103 -104.50 3.85 75.72
C PHE I 1103 -103.20 3.54 74.99
N GLY I 1104 -103.07 4.03 73.75
CA GLY I 1104 -101.87 3.84 72.92
C GLY I 1104 -102.18 3.55 71.47
N GLY I 1105 -101.14 3.41 70.65
CA GLY I 1105 -101.25 3.09 69.21
C GLY I 1105 -101.60 4.30 68.39
N GLU I 1106 -101.36 5.52 68.89
CA GLU I 1106 -101.75 6.77 68.20
C GLU I 1106 -100.53 7.41 67.53
N SER I 1107 -100.50 7.37 66.19
CA SER I 1107 -99.50 8.07 65.36
C SER I 1107 -99.48 9.53 65.75
N PRO I 1108 -98.30 10.15 65.96
CA PRO I 1108 -98.27 11.55 66.34
C PRO I 1108 -98.73 12.52 65.24
N VAL I 1109 -99.20 12.04 64.08
CA VAL I 1109 -99.54 12.93 62.92
C VAL I 1109 -101.05 13.24 62.82
N ASP I 1110 -101.95 12.41 63.34
CA ASP I 1110 -103.40 12.33 62.96
C ASP I 1110 -104.09 13.71 63.05
N ASP I 1123 -124.84 3.54 63.86
CA ASP I 1123 -125.07 2.21 64.50
C ASP I 1123 -125.20 1.12 63.44
N SER I 1124 -125.66 1.45 62.24
CA SER I 1124 -125.85 0.47 61.14
C SER I 1124 -125.41 1.08 59.81
N ALA I 1125 -124.38 0.51 59.19
CA ALA I 1125 -123.80 1.02 57.91
C ALA I 1125 -123.39 -0.14 57.00
N VAL I 1126 -123.41 0.13 55.69
CA VAL I 1126 -122.86 -0.74 54.61
C VAL I 1126 -121.78 0.08 53.89
N PHE I 1127 -120.63 -0.54 53.59
CA PHE I 1127 -119.51 0.08 52.84
C PHE I 1127 -119.19 -0.80 51.64
N LYS I 1128 -119.20 -0.21 50.44
CA LYS I 1128 -118.92 -0.89 49.16
C LYS I 1128 -117.55 -0.41 48.65
N ALA I 1129 -116.63 -1.34 48.38
CA ALA I 1129 -115.27 -1.02 47.91
C ALA I 1129 -115.28 -0.94 46.38
N THR I 1130 -114.99 0.24 45.81
CA THR I 1130 -114.64 0.43 44.38
C THR I 1130 -113.12 0.22 44.25
N SER I 1131 -112.53 0.37 43.06
CA SER I 1131 -111.06 0.29 42.83
C SER I 1131 -110.37 1.59 43.23
N SER I 1132 -111.15 2.64 43.49
CA SER I 1132 -110.67 4.00 43.86
C SER I 1132 -110.73 4.23 45.39
N THR I 1133 -111.52 3.44 46.15
CA THR I 1133 -111.69 3.63 47.63
C THR I 1133 -110.32 3.69 48.32
N ASP I 1134 -110.06 4.79 49.04
CA ASP I 1134 -108.79 5.06 49.77
C ASP I 1134 -108.73 4.13 50.98
N GLU I 1135 -107.64 3.37 51.13
CA GLU I 1135 -107.41 2.41 52.23
C GLU I 1135 -107.62 3.09 53.59
N GLU I 1136 -106.99 4.25 53.77
CA GLU I 1136 -106.94 4.94 55.09
C GLU I 1136 -108.37 5.28 55.54
N SER I 1137 -109.18 5.86 54.65
CA SER I 1137 -110.61 6.22 54.88
C SER I 1137 -111.39 4.94 55.20
N TRP I 1138 -111.15 3.87 54.44
CA TRP I 1138 -111.87 2.58 54.50
C TRP I 1138 -111.69 1.96 55.89
N PHE I 1139 -110.45 1.83 56.36
CA PHE I 1139 -110.14 1.22 57.68
C PHE I 1139 -110.65 2.13 58.80
N LYS I 1140 -110.49 3.45 58.66
CA LYS I 1140 -111.00 4.45 59.65
C LYS I 1140 -112.51 4.23 59.80
N ALA I 1141 -113.21 3.98 58.69
CA ALA I 1141 -114.67 3.74 58.65
C ALA I 1141 -115.02 2.44 59.38
N LEU I 1142 -114.41 1.32 59.01
CA LEU I 1142 -114.68 -0.01 59.63
C LEU I 1142 -114.34 0.02 61.11
N ALA I 1143 -113.39 0.86 61.53
CA ALA I 1143 -112.90 0.95 62.92
C ALA I 1143 -113.99 1.56 63.82
N GLY I 1144 -114.57 2.67 63.36
CA GLY I 1144 -115.49 3.49 64.16
C GLY I 1144 -114.68 4.44 65.02
N SER I 1145 -115.34 5.49 65.51
CA SER I 1145 -114.75 6.55 66.36
C SER I 1145 -114.48 5.99 67.76
N GLU I 1146 -115.41 5.22 68.35
CA GLU I 1146 -115.28 4.76 69.76
C GLU I 1146 -114.10 3.78 69.83
N ILE I 1147 -113.25 3.96 70.85
CA ILE I 1147 -112.04 3.12 71.09
C ILE I 1147 -112.49 1.84 71.81
N ASN I 1148 -112.48 0.71 71.09
CA ASN I 1148 -112.93 -0.62 71.56
C ASN I 1148 -112.18 -1.71 70.78
N TRP I 1149 -112.54 -2.98 70.96
CA TRP I 1149 -111.96 -4.12 70.21
C TRP I 1149 -112.03 -3.88 68.70
N ARG I 1150 -113.03 -3.17 68.20
CA ARG I 1150 -113.25 -2.96 66.75
C ARG I 1150 -112.25 -1.93 66.23
N HIS I 1151 -112.05 -0.84 66.98
CA HIS I 1151 -111.09 0.25 66.65
C HIS I 1151 -109.72 -0.39 66.47
N ALA I 1152 -109.28 -1.21 67.43
CA ALA I 1152 -107.99 -1.93 67.41
C ALA I 1152 -107.94 -2.86 66.18
N SER I 1153 -108.98 -3.66 65.98
CA SER I 1153 -109.01 -4.71 64.94
C SER I 1153 -108.67 -4.10 63.58
N PHE I 1154 -109.09 -2.88 63.29
CA PHE I 1154 -108.99 -2.28 61.93
C PHE I 1154 -107.88 -1.23 61.83
N LEU I 1155 -107.29 -0.76 62.94
CA LEU I 1155 -106.28 0.33 62.90
C LEU I 1155 -104.93 -0.16 63.44
N CYS I 1156 -104.92 -0.88 64.55
CA CYS I 1156 -103.70 -1.54 65.09
C CYS I 1156 -102.97 -2.28 63.95
N SER I 1157 -101.71 -1.92 63.66
CA SER I 1157 -101.00 -2.40 62.43
C SER I 1157 -100.49 -3.83 62.60
N PHE I 1158 -100.19 -4.25 63.84
CA PHE I 1158 -99.62 -5.57 64.18
C PHE I 1158 -100.52 -6.28 65.19
N ILE I 1159 -100.35 -7.60 65.35
CA ILE I 1159 -100.89 -8.38 66.49
C ILE I 1159 -99.78 -9.29 67.04
N THR I 1160 -99.92 -9.69 68.30
CA THR I 1160 -99.01 -10.63 69.00
C THR I 1160 -99.39 -12.06 68.60
N GLN I 1161 -98.41 -12.89 68.25
CA GLN I 1161 -98.54 -14.38 68.31
C GLN I 1161 -97.49 -14.88 69.27
N ASP I 1162 -97.72 -14.70 70.58
CA ASP I 1162 -96.88 -15.36 71.63
C ASP I 1162 -95.50 -14.70 71.59
N LYS I 1163 -95.39 -13.42 71.99
CA LYS I 1163 -94.10 -12.64 72.08
C LYS I 1163 -93.68 -12.06 70.72
N MET I 1164 -93.90 -12.79 69.62
CA MET I 1164 -93.60 -12.33 68.23
C MET I 1164 -94.73 -11.43 67.71
N PHE I 1165 -94.41 -10.43 66.89
CA PHE I 1165 -95.34 -9.43 66.30
C PHE I 1165 -95.48 -9.70 64.81
N VAL I 1166 -96.67 -10.09 64.37
CA VAL I 1166 -97.01 -10.35 62.94
C VAL I 1166 -97.88 -9.18 62.45
N SER I 1167 -97.91 -8.97 61.13
CA SER I 1167 -98.87 -8.09 60.45
C SER I 1167 -100.28 -8.46 60.91
N ASN I 1168 -101.09 -7.45 61.25
CA ASN I 1168 -102.52 -7.58 61.61
C ASN I 1168 -103.28 -8.31 60.51
N PRO I 1169 -103.78 -9.54 60.76
CA PRO I 1169 -104.42 -10.34 59.73
C PRO I 1169 -105.83 -9.86 59.40
N ILE I 1170 -106.46 -9.11 60.32
CA ILE I 1170 -107.81 -8.54 60.11
C ILE I 1170 -107.70 -7.51 58.99
N ARG I 1171 -106.76 -6.57 59.11
CA ARG I 1171 -106.51 -5.53 58.06
C ARG I 1171 -106.19 -6.22 56.73
N LYS I 1172 -105.40 -7.28 56.77
CA LYS I 1172 -104.99 -8.02 55.55
C LYS I 1172 -106.25 -8.51 54.83
N VAL I 1173 -107.13 -9.21 55.55
CA VAL I 1173 -108.34 -9.87 55.01
C VAL I 1173 -109.35 -8.81 54.54
N PHE I 1174 -109.35 -7.64 55.16
CA PHE I 1174 -110.32 -6.55 54.88
C PHE I 1174 -109.69 -5.48 53.96
N LYS I 1175 -108.50 -5.72 53.42
CA LYS I 1175 -107.87 -4.79 52.44
C LYS I 1175 -108.84 -4.62 51.26
N PRO I 1176 -109.28 -3.38 50.96
CA PRO I 1176 -110.39 -3.16 50.03
C PRO I 1176 -110.03 -3.43 48.56
N SER I 1177 -111.01 -3.92 47.80
CA SER I 1177 -110.91 -4.18 46.33
C SER I 1177 -112.31 -4.42 45.76
N GLN I 1178 -112.48 -4.17 44.46
CA GLN I 1178 -113.76 -4.30 43.72
C GLN I 1178 -114.50 -5.57 44.19
N GLY I 1179 -115.79 -5.45 44.52
CA GLY I 1179 -116.71 -6.57 44.84
C GLY I 1179 -117.01 -6.67 46.33
N MET I 1180 -116.06 -6.30 47.18
CA MET I 1180 -116.17 -6.42 48.66
C MET I 1180 -117.27 -5.49 49.16
N VAL I 1181 -118.11 -6.01 50.07
CA VAL I 1181 -119.19 -5.27 50.78
C VAL I 1181 -119.12 -5.63 52.27
N VAL I 1182 -118.88 -4.63 53.11
CA VAL I 1182 -118.80 -4.79 54.59
C VAL I 1182 -120.06 -4.17 55.20
N GLU I 1183 -120.73 -4.92 56.07
CA GLU I 1183 -121.95 -4.48 56.77
C GLU I 1183 -121.69 -4.53 58.28
N ILE I 1184 -121.76 -3.37 58.94
CA ILE I 1184 -121.67 -3.25 60.42
C ILE I 1184 -123.08 -3.15 61.01
N SER I 1185 -123.46 -4.12 61.83
CA SER I 1185 -124.70 -4.13 62.65
C SER I 1185 -124.32 -3.93 64.11
N ASN I 1186 -125.05 -3.04 64.80
CA ASN I 1186 -124.86 -2.72 66.24
C ASN I 1186 -123.53 -1.98 66.44
N GLY I 1187 -123.28 -0.99 65.59
CA GLY I 1187 -122.09 -0.12 65.63
C GLY I 1187 -121.92 0.53 67.00
N ASN I 1188 -123.01 1.02 67.60
CA ASN I 1188 -122.94 1.97 68.76
C ASN I 1188 -122.89 1.23 70.09
N THR I 1189 -122.85 -0.11 70.11
CA THR I 1189 -122.70 -0.93 71.35
C THR I 1189 -121.72 -2.09 71.05
N SER I 1190 -120.46 -1.95 71.48
CA SER I 1190 -119.31 -2.78 71.03
C SER I 1190 -119.47 -4.24 71.45
N SER I 1191 -120.05 -4.48 72.63
CA SER I 1191 -120.31 -5.85 73.18
C SER I 1191 -121.07 -6.70 72.16
N LYS I 1192 -121.93 -6.09 71.34
CA LYS I 1192 -122.82 -6.77 70.36
C LYS I 1192 -122.40 -6.54 68.90
N THR I 1193 -121.54 -5.56 68.60
CA THR I 1193 -121.17 -5.18 67.21
C THR I 1193 -120.77 -6.44 66.43
N VAL I 1194 -121.18 -6.49 65.16
CA VAL I 1194 -120.83 -7.57 64.19
C VAL I 1194 -120.54 -6.92 62.83
N VAL I 1195 -119.32 -7.07 62.32
CA VAL I 1195 -118.97 -6.61 60.95
C VAL I 1195 -118.81 -7.86 60.06
N THR I 1196 -119.51 -7.84 58.93
CA THR I 1196 -119.73 -8.98 57.99
C THR I 1196 -119.27 -8.57 56.59
N LEU I 1197 -118.25 -9.27 56.09
CA LEU I 1197 -117.68 -9.08 54.73
C LEU I 1197 -118.39 -10.05 53.79
N SER I 1198 -118.97 -9.52 52.71
CA SER I 1198 -119.60 -10.31 51.62
C SER I 1198 -118.90 -10.01 50.29
N GLU I 1199 -118.58 -11.06 49.53
CA GLU I 1199 -117.90 -10.95 48.21
C GLU I 1199 -118.64 -11.80 47.19
N PRO I 1200 -118.46 -11.54 45.87
CA PRO I 1200 -118.99 -12.42 44.82
C PRO I 1200 -118.41 -13.83 44.93
N VAL I 1201 -119.29 -14.85 44.97
CA VAL I 1201 -118.90 -16.29 45.01
C VAL I 1201 -119.74 -17.05 43.97
N GLN I 1202 -119.18 -17.28 42.78
CA GLN I 1202 -119.85 -17.98 41.66
C GLN I 1202 -121.14 -17.20 41.35
N GLY I 1203 -121.02 -15.91 41.01
CA GLY I 1203 -122.14 -15.07 40.55
C GLY I 1203 -122.92 -14.42 41.68
N GLU I 1204 -123.38 -15.20 42.67
CA GLU I 1204 -124.17 -14.71 43.84
C GLU I 1204 -123.21 -14.21 44.94
N LEU I 1205 -123.49 -13.03 45.51
CA LEU I 1205 -122.70 -12.36 46.59
C LEU I 1205 -123.02 -13.03 47.94
N LYS I 1206 -122.00 -13.47 48.68
CA LYS I 1206 -122.16 -14.29 49.91
C LYS I 1206 -121.20 -13.83 51.00
N PRO I 1207 -121.47 -14.16 52.28
CA PRO I 1207 -120.59 -13.79 53.38
C PRO I 1207 -119.32 -14.66 53.39
N THR I 1208 -118.16 -14.02 53.53
CA THR I 1208 -116.82 -14.66 53.53
C THR I 1208 -116.14 -14.51 54.90
N VAL I 1209 -116.47 -13.46 55.66
CA VAL I 1209 -115.82 -13.14 56.97
C VAL I 1209 -116.86 -12.54 57.93
N ILE I 1210 -116.90 -13.05 59.16
CA ILE I 1210 -117.75 -12.51 60.26
C ILE I 1210 -116.84 -12.21 61.46
N LEU I 1211 -116.73 -10.92 61.80
CA LEU I 1211 -115.89 -10.37 62.89
C LEU I 1211 -116.81 -9.97 64.04
N LYS I 1212 -116.54 -10.41 65.28
CA LYS I 1212 -117.32 -10.01 66.48
C LYS I 1212 -116.66 -10.50 67.77
N LEU I 1213 -117.04 -9.94 68.92
CA LEU I 1213 -116.74 -10.52 70.26
C LEU I 1213 -117.43 -11.88 70.39
N LEU I 1214 -116.82 -12.85 71.06
CA LEU I 1214 -117.49 -14.09 71.52
C LEU I 1214 -117.85 -13.90 73.00
N LYS I 1215 -116.95 -14.25 73.92
CA LYS I 1215 -117.02 -13.81 75.34
C LYS I 1215 -116.37 -12.42 75.37
N GLU I 1216 -116.22 -11.83 76.56
CA GLU I 1216 -115.96 -10.37 76.74
C GLU I 1216 -114.59 -9.99 76.12
N ASN I 1217 -113.61 -10.89 76.15
CA ASN I 1217 -112.22 -10.51 75.75
C ASN I 1217 -111.67 -11.50 74.74
N ILE I 1218 -112.53 -11.99 73.84
CA ILE I 1218 -112.13 -12.85 72.69
C ILE I 1218 -112.83 -12.35 71.41
N ILE I 1219 -112.03 -11.85 70.47
CA ILE I 1219 -112.47 -11.48 69.09
C ILE I 1219 -112.48 -12.76 68.25
N GLN I 1220 -113.49 -12.96 67.42
CA GLN I 1220 -113.55 -14.11 66.50
C GLN I 1220 -113.70 -13.59 65.08
N MET I 1221 -112.73 -13.89 64.23
CA MET I 1221 -112.81 -13.74 62.76
C MET I 1221 -113.13 -15.10 62.16
N GLU I 1222 -114.38 -15.29 61.73
CA GLU I 1222 -114.87 -16.52 61.10
C GLU I 1222 -114.55 -16.41 59.61
N MET I 1223 -113.62 -17.23 59.14
CA MET I 1223 -113.22 -17.30 57.70
C MET I 1223 -114.06 -18.39 57.04
N ILE I 1224 -114.79 -18.03 55.98
CA ILE I 1224 -115.87 -18.88 55.38
C ILE I 1224 -115.49 -19.23 53.95
N GLU I 1225 -115.46 -20.51 53.64
CA GLU I 1225 -115.35 -21.02 52.25
C GLU I 1225 -116.74 -21.50 51.85
N ASN I 1226 -117.36 -20.86 50.85
CA ASN I 1226 -118.71 -21.25 50.35
C ASN I 1226 -118.57 -22.30 49.23
N ARG I 1227 -117.35 -22.58 48.75
CA ARG I 1227 -117.07 -23.66 47.77
C ARG I 1227 -116.57 -24.90 48.50
N THR I 1228 -117.45 -25.87 48.72
CA THR I 1228 -117.24 -27.01 49.66
C THR I 1228 -117.69 -28.31 49.01
N MET I 1229 -117.55 -29.43 49.72
CA MET I 1229 -117.70 -30.79 49.13
C MET I 1229 -119.18 -31.13 48.93
N ASP I 1230 -120.08 -30.54 49.72
CA ASP I 1230 -121.53 -30.91 49.76
C ASP I 1230 -122.42 -29.66 49.59
N GLY I 1231 -121.87 -28.48 49.25
CA GLY I 1231 -122.63 -27.24 49.12
C GLY I 1231 -122.77 -26.47 50.42
N LYS I 1232 -122.71 -27.17 51.57
CA LYS I 1232 -122.85 -26.58 52.93
C LYS I 1232 -121.58 -25.81 53.26
N PRO I 1233 -121.66 -24.46 53.48
CA PRO I 1233 -120.48 -23.65 53.77
C PRO I 1233 -119.67 -24.15 54.98
N VAL I 1234 -118.37 -23.83 55.00
CA VAL I 1234 -117.39 -24.34 56.00
C VAL I 1234 -116.62 -23.16 56.60
N SER I 1235 -116.30 -23.28 57.90
CA SER I 1235 -115.88 -22.16 58.77
C SER I 1235 -114.53 -22.45 59.42
N LEU I 1236 -113.62 -21.47 59.40
CA LEU I 1236 -112.37 -21.46 60.19
C LEU I 1236 -112.52 -20.37 61.25
N PRO I 1237 -112.75 -20.75 62.52
CA PRO I 1237 -112.85 -19.77 63.60
C PRO I 1237 -111.48 -19.34 64.14
N LEU I 1238 -110.94 -18.24 63.63
CA LEU I 1238 -109.69 -17.62 64.16
C LEU I 1238 -110.08 -16.83 65.40
N LEU I 1239 -109.32 -17.01 66.49
CA LEU I 1239 -109.65 -16.41 67.81
C LEU I 1239 -108.47 -15.55 68.26
N TYR I 1240 -108.76 -14.36 68.79
CA TYR I 1240 -107.77 -13.36 69.26
C TYR I 1240 -108.21 -12.83 70.62
N ASN I 1241 -107.33 -12.88 71.62
CA ASN I 1241 -107.53 -12.19 72.92
C ASN I 1241 -107.43 -10.69 72.71
N PHE I 1242 -108.37 -9.91 73.26
CA PHE I 1242 -108.34 -8.44 73.27
C PHE I 1242 -108.07 -7.99 74.70
N ASN I 1243 -106.88 -7.46 74.96
CA ASN I 1243 -106.46 -7.01 76.31
C ASN I 1243 -106.17 -5.51 76.30
N PRO I 1244 -107.14 -4.66 76.71
CA PRO I 1244 -106.98 -3.21 76.66
C PRO I 1244 -105.98 -2.60 77.67
N ASP I 1245 -105.47 -3.42 78.59
CA ASP I 1245 -104.34 -3.06 79.48
C ASP I 1245 -103.04 -2.87 78.68
N ASN I 1246 -102.95 -3.42 77.47
CA ASN I 1246 -101.78 -3.21 76.58
C ASN I 1246 -102.20 -2.38 75.36
N GLY I 1247 -102.18 -1.05 75.49
CA GLY I 1247 -102.61 -0.10 74.46
C GLY I 1247 -101.85 -0.25 73.15
N PHE I 1248 -100.58 -0.66 73.23
CA PHE I 1248 -99.70 -0.69 72.04
C PHE I 1248 -100.01 -1.91 71.18
N ALA I 1249 -100.21 -3.06 71.84
CA ALA I 1249 -100.48 -4.37 71.19
C ALA I 1249 -101.63 -5.05 71.93
N PRO I 1250 -102.86 -4.52 71.80
CA PRO I 1250 -104.01 -5.05 72.52
C PRO I 1250 -104.52 -6.40 72.00
N ILE I 1251 -104.38 -6.64 70.70
CA ILE I 1251 -104.88 -7.90 70.06
C ILE I 1251 -103.71 -8.88 69.97
N SER I 1252 -103.94 -10.13 70.38
CA SER I 1252 -102.98 -11.27 70.39
C SER I 1252 -103.73 -12.57 70.04
N GLU I 1253 -103.27 -13.31 69.04
CA GLU I 1253 -103.93 -14.54 68.52
C GLU I 1253 -103.89 -15.65 69.57
N VAL I 1254 -105.03 -16.28 69.84
CA VAL I 1254 -105.14 -17.52 70.64
C VAL I 1254 -104.50 -18.64 69.82
N MET I 1255 -103.31 -19.07 70.24
CA MET I 1255 -102.43 -20.00 69.48
C MET I 1255 -102.79 -21.45 69.79
N GLU I 1256 -103.38 -21.70 70.98
CA GLU I 1256 -103.70 -23.06 71.50
C GLU I 1256 -104.71 -23.73 70.57
N ASP I 1257 -104.38 -24.90 70.05
CA ASP I 1257 -105.26 -25.75 69.19
C ASP I 1257 -105.54 -25.06 67.85
N ARG I 1258 -104.76 -24.05 67.46
CA ARG I 1258 -104.95 -23.28 66.21
C ARG I 1258 -104.73 -24.19 65.00
N ASN I 1259 -103.63 -24.95 65.00
CA ASN I 1259 -103.27 -25.86 63.88
C ASN I 1259 -104.41 -26.88 63.70
N GLN I 1260 -104.98 -27.29 64.83
CA GLN I 1260 -106.06 -28.31 64.91
C GLN I 1260 -107.34 -27.72 64.28
N ARG I 1261 -107.70 -26.48 64.60
CA ARG I 1261 -108.91 -25.78 64.07
C ARG I 1261 -108.78 -25.72 62.55
N ILE I 1262 -107.61 -25.30 62.07
CA ILE I 1262 -107.29 -25.19 60.62
C ILE I 1262 -107.44 -26.57 59.96
N LYS I 1263 -106.82 -27.61 60.52
CA LYS I 1263 -106.91 -28.99 59.98
C LYS I 1263 -108.37 -29.42 59.89
N GLU I 1264 -109.19 -29.06 60.87
CA GLU I 1264 -110.61 -29.49 60.92
C GLU I 1264 -111.32 -28.96 59.67
N MET I 1265 -111.12 -27.70 59.34
CA MET I 1265 -111.74 -27.05 58.14
C MET I 1265 -111.24 -27.76 56.88
N TYR I 1266 -109.93 -27.87 56.71
CA TYR I 1266 -109.28 -28.54 55.55
C TYR I 1266 -109.80 -29.98 55.43
N TRP I 1267 -109.90 -30.69 56.54
CA TRP I 1267 -110.37 -32.10 56.56
C TRP I 1267 -111.79 -32.17 55.97
N LYS I 1268 -112.68 -31.25 56.36
CA LYS I 1268 -114.08 -31.21 55.87
C LYS I 1268 -114.12 -30.98 54.36
N LEU I 1269 -113.11 -30.33 53.78
CA LEU I 1269 -113.06 -29.96 52.34
C LEU I 1269 -112.46 -31.12 51.50
N TRP I 1270 -111.45 -31.82 52.02
CA TRP I 1270 -110.64 -32.80 51.26
C TRP I 1270 -111.07 -34.25 51.53
N ILE I 1271 -111.51 -34.56 52.76
CA ILE I 1271 -111.66 -35.96 53.25
C ILE I 1271 -113.14 -36.21 53.57
N ASP I 1272 -113.77 -37.18 52.92
CA ASP I 1272 -115.18 -37.57 53.22
C ASP I 1272 -115.14 -38.72 54.23
N GLU I 1273 -114.73 -38.39 55.46
CA GLU I 1273 -114.63 -39.35 56.59
C GLU I 1273 -114.68 -38.58 57.91
N PRO I 1274 -115.00 -39.25 59.03
CA PRO I 1274 -114.97 -38.59 60.35
C PRO I 1274 -113.59 -38.00 60.68
N PHE I 1275 -113.59 -36.73 61.13
CA PHE I 1275 -112.38 -35.95 61.48
C PHE I 1275 -111.68 -36.60 62.69
N ASN I 1276 -110.58 -37.30 62.44
CA ASN I 1276 -109.78 -37.97 63.51
C ASN I 1276 -108.29 -37.88 63.16
N LEU I 1277 -107.55 -37.08 63.92
CA LEU I 1277 -106.10 -36.83 63.70
C LEU I 1277 -105.25 -37.82 64.51
N ASP I 1278 -105.85 -38.78 65.21
CA ASP I 1278 -105.12 -39.66 66.15
C ASP I 1278 -104.83 -40.99 65.47
N PHE I 1279 -103.97 -40.99 64.44
CA PHE I 1279 -103.48 -42.20 63.73
C PHE I 1279 -101.98 -42.06 63.49
N ASP I 1280 -101.32 -43.17 63.19
CA ASP I 1280 -99.83 -43.24 63.08
C ASP I 1280 -99.42 -42.82 61.68
N PRO I 1281 -98.42 -41.92 61.54
CA PRO I 1281 -97.82 -41.64 60.23
C PRO I 1281 -97.25 -42.91 59.59
N ARG I 1282 -96.65 -43.78 60.41
CA ARG I 1282 -96.07 -45.08 60.01
C ARG I 1282 -97.11 -45.92 59.27
N ASP I 1283 -98.37 -45.93 59.74
CA ASP I 1283 -99.48 -46.74 59.17
C ASP I 1283 -99.67 -46.41 57.68
N VAL I 1284 -100.05 -47.41 56.89
CA VAL I 1284 -100.49 -47.26 55.48
C VAL I 1284 -101.85 -46.56 55.48
N ILE I 1285 -102.24 -45.92 54.39
CA ILE I 1285 -103.55 -45.25 54.23
C ILE I 1285 -104.24 -45.84 53.00
N LYS I 1286 -105.47 -46.34 53.17
CA LYS I 1286 -106.28 -46.92 52.08
C LYS I 1286 -107.24 -45.84 51.58
N GLY I 1287 -107.26 -45.58 50.27
CA GLY I 1287 -108.24 -44.68 49.62
C GLY I 1287 -109.37 -45.49 49.04
N LYS I 1288 -110.58 -44.95 48.99
CA LYS I 1288 -111.77 -45.67 48.48
C LYS I 1288 -111.47 -46.15 47.06
N ASP I 1289 -111.88 -47.38 46.71
CA ASP I 1289 -111.97 -47.85 45.31
C ASP I 1289 -112.61 -46.73 44.48
N PHE I 1290 -112.18 -46.57 43.23
CA PHE I 1290 -112.55 -45.44 42.33
C PHE I 1290 -112.79 -45.99 40.92
N GLU I 1291 -114.01 -45.85 40.40
CA GLU I 1291 -114.37 -46.27 39.03
C GLU I 1291 -114.14 -45.08 38.10
N ILE I 1292 -113.16 -45.20 37.20
CA ILE I 1292 -112.90 -44.18 36.14
C ILE I 1292 -114.07 -44.24 35.17
N THR I 1293 -114.65 -43.10 34.79
CA THR I 1293 -115.83 -43.02 33.88
C THR I 1293 -115.57 -42.01 32.77
N ALA I 1294 -116.22 -42.19 31.61
CA ALA I 1294 -116.15 -41.28 30.46
C ALA I 1294 -116.22 -39.82 30.96
N LYS I 1295 -117.29 -39.49 31.70
CA LYS I 1295 -117.61 -38.09 32.14
C LYS I 1295 -116.43 -37.49 32.93
N GLU I 1296 -115.89 -38.21 33.92
CA GLU I 1296 -114.82 -37.70 34.82
C GLU I 1296 -113.59 -37.35 33.98
N VAL I 1297 -113.22 -38.25 33.07
CA VAL I 1297 -112.07 -38.11 32.13
C VAL I 1297 -112.28 -36.87 31.26
N TYR I 1298 -113.48 -36.69 30.71
CA TYR I 1298 -113.83 -35.54 29.82
C TYR I 1298 -113.66 -34.24 30.63
N ASP I 1299 -114.23 -34.18 31.84
CA ASP I 1299 -114.25 -32.96 32.69
C ASP I 1299 -112.80 -32.62 33.09
N PHE I 1300 -112.01 -33.65 33.41
CA PHE I 1300 -110.60 -33.52 33.83
C PHE I 1300 -109.74 -33.00 32.68
N THR I 1301 -109.77 -33.69 31.53
CA THR I 1301 -108.95 -33.32 30.36
C THR I 1301 -109.29 -31.89 29.91
N HIS I 1302 -110.55 -31.47 30.04
CA HIS I 1302 -111.00 -30.09 29.66
C HIS I 1302 -110.46 -29.09 30.68
N ALA I 1303 -110.41 -29.45 31.97
CA ALA I 1303 -109.93 -28.59 33.06
C ALA I 1303 -108.42 -28.31 32.93
N VAL I 1304 -107.63 -29.29 32.50
CA VAL I 1304 -106.13 -29.19 32.44
C VAL I 1304 -105.70 -28.86 31.01
N GLY I 1305 -106.64 -28.85 30.05
CA GLY I 1305 -106.40 -28.48 28.65
C GLY I 1305 -105.57 -29.52 27.93
N ASN I 1306 -105.92 -30.81 28.08
CA ASN I 1306 -105.24 -31.96 27.45
C ASN I 1306 -106.11 -32.51 26.32
N ASN I 1307 -105.84 -32.09 25.08
CA ASN I 1307 -106.62 -32.49 23.88
C ASN I 1307 -106.01 -33.72 23.21
N CYS I 1308 -105.24 -34.54 23.93
CA CYS I 1308 -104.73 -35.81 23.35
C CYS I 1308 -105.94 -36.67 22.96
N GLU I 1309 -105.92 -37.22 21.75
CA GLU I 1309 -107.03 -38.02 21.18
C GLU I 1309 -107.27 -39.28 22.01
N ASP I 1310 -106.23 -39.83 22.63
CA ASP I 1310 -106.30 -41.09 23.39
C ASP I 1310 -107.40 -40.98 24.46
N PHE I 1311 -107.68 -39.76 24.97
CA PHE I 1311 -108.59 -39.50 26.12
C PHE I 1311 -109.96 -39.01 25.66
N VAL I 1312 -110.29 -39.16 24.39
CA VAL I 1312 -111.57 -38.64 23.81
C VAL I 1312 -112.35 -39.81 23.21
N SER I 1313 -113.66 -39.82 23.49
CA SER I 1313 -114.65 -40.82 23.04
C SER I 1313 -114.66 -40.89 21.51
N ARG I 1314 -114.25 -42.01 20.94
CA ARG I 1314 -114.16 -42.23 19.47
C ARG I 1314 -114.67 -43.63 19.14
N PRO I 1315 -115.52 -43.78 18.10
CA PRO I 1315 -116.05 -45.10 17.72
C PRO I 1315 -114.99 -46.21 17.69
N ASP I 1316 -115.19 -47.27 18.47
CA ASP I 1316 -114.41 -48.54 18.42
C ASP I 1316 -112.93 -48.27 18.70
N ARG I 1317 -112.68 -47.77 19.91
CA ARG I 1317 -111.34 -47.52 20.51
C ARG I 1317 -111.59 -47.21 21.99
N THR I 1318 -111.03 -48.02 22.91
CA THR I 1318 -111.32 -47.85 24.36
C THR I 1318 -110.71 -46.53 24.80
N MET I 1319 -111.51 -45.73 25.52
CA MET I 1319 -111.11 -44.37 25.96
C MET I 1319 -110.07 -44.53 27.08
N LEU I 1320 -108.87 -43.98 26.91
CA LEU I 1320 -107.81 -44.02 27.94
C LEU I 1320 -108.09 -42.89 28.93
N ALA I 1321 -107.34 -42.87 30.03
CA ALA I 1321 -107.33 -41.76 31.02
C ALA I 1321 -105.90 -41.29 31.16
N PRO I 1322 -105.67 -39.96 31.23
CA PRO I 1322 -104.31 -39.44 31.33
C PRO I 1322 -103.64 -39.97 32.60
N MET I 1323 -102.34 -40.26 32.51
CA MET I 1323 -101.47 -40.54 33.67
C MET I 1323 -101.89 -39.65 34.84
N ASP I 1324 -102.06 -38.34 34.58
CA ASP I 1324 -102.40 -37.26 35.55
C ASP I 1324 -103.60 -37.62 36.44
N PHE I 1325 -104.51 -38.46 35.92
CA PHE I 1325 -105.78 -38.81 36.60
C PHE I 1325 -105.48 -39.50 37.94
N ALA I 1326 -104.31 -40.11 38.05
CA ALA I 1326 -103.84 -40.77 39.29
C ALA I 1326 -104.00 -39.83 40.50
N ILE I 1327 -103.95 -38.51 40.30
CA ILE I 1327 -103.99 -37.52 41.41
C ILE I 1327 -105.44 -37.36 41.87
N VAL I 1328 -106.40 -37.48 40.94
CA VAL I 1328 -107.86 -37.52 41.26
C VAL I 1328 -108.08 -38.74 42.16
N VAL I 1329 -107.64 -39.91 41.70
CA VAL I 1329 -107.82 -41.21 42.39
C VAL I 1329 -107.12 -41.17 43.75
N GLY I 1330 -105.92 -40.59 43.82
CA GLY I 1330 -105.00 -40.75 44.96
C GLY I 1330 -105.07 -39.64 46.00
N TRP I 1331 -105.57 -38.45 45.63
CA TRP I 1331 -105.38 -37.22 46.44
C TRP I 1331 -105.82 -37.44 47.89
N ARG I 1332 -106.99 -38.04 48.10
CA ARG I 1332 -107.59 -38.23 49.45
C ARG I 1332 -106.62 -39.03 50.32
N ALA I 1333 -106.07 -40.12 49.80
CA ALA I 1333 -105.12 -40.99 50.52
C ALA I 1333 -103.80 -40.23 50.75
N ILE I 1334 -103.25 -39.64 49.70
CA ILE I 1334 -101.94 -38.93 49.75
C ILE I 1334 -102.02 -37.81 50.79
N ILE I 1335 -103.02 -36.93 50.67
CA ILE I 1335 -103.07 -35.67 51.48
C ILE I 1335 -103.34 -36.02 52.94
N LYS I 1336 -104.08 -37.10 53.22
CA LYS I 1336 -104.40 -37.53 54.61
C LYS I 1336 -103.10 -37.71 55.38
N ALA I 1337 -102.02 -38.10 54.71
CA ALA I 1337 -100.70 -38.40 55.31
C ALA I 1337 -100.16 -37.23 56.13
N ILE I 1338 -100.56 -35.98 55.83
CA ILE I 1338 -99.96 -34.77 56.49
C ILE I 1338 -100.85 -34.30 57.65
N PHE I 1339 -101.85 -35.08 58.06
CA PHE I 1339 -102.87 -34.65 59.07
C PHE I 1339 -102.60 -35.17 60.48
N PRO I 1340 -101.97 -36.33 60.72
CA PRO I 1340 -101.83 -36.83 62.10
C PRO I 1340 -101.25 -35.80 63.09
N ASN I 1341 -101.61 -35.87 64.37
CA ASN I 1341 -101.13 -34.98 65.46
C ASN I 1341 -99.60 -35.03 65.55
N THR I 1342 -98.99 -36.20 65.31
CA THR I 1342 -97.52 -36.38 65.39
C THR I 1342 -96.84 -35.62 64.22
N VAL I 1343 -97.60 -35.14 63.21
CA VAL I 1343 -97.05 -34.24 62.14
C VAL I 1343 -97.91 -32.96 62.12
N ASP I 1344 -97.62 -32.07 63.09
CA ASP I 1344 -98.48 -30.92 63.49
C ASP I 1344 -98.12 -29.68 62.67
N GLY I 1345 -98.79 -29.46 61.54
CA GLY I 1345 -98.51 -28.31 60.65
C GLY I 1345 -99.63 -27.28 60.59
N ASP I 1346 -99.23 -26.01 60.37
CA ASP I 1346 -100.13 -24.92 59.94
C ASP I 1346 -100.37 -25.11 58.44
N LEU I 1347 -101.53 -25.67 58.07
CA LEU I 1347 -101.85 -26.08 56.68
C LEU I 1347 -101.94 -24.85 55.78
N LEU I 1348 -102.12 -23.66 56.36
CA LEU I 1348 -102.20 -22.37 55.60
C LEU I 1348 -100.78 -21.91 55.24
N LYS I 1349 -99.75 -22.51 55.82
CA LYS I 1349 -98.32 -22.31 55.47
C LYS I 1349 -97.77 -23.56 54.79
N LEU I 1350 -98.64 -24.41 54.23
CA LEU I 1350 -98.22 -25.63 53.49
C LEU I 1350 -97.70 -25.22 52.11
N VAL I 1351 -96.69 -25.94 51.62
CA VAL I 1351 -96.15 -25.79 50.24
C VAL I 1351 -96.01 -27.18 49.62
N HIS I 1352 -96.60 -27.35 48.44
CA HIS I 1352 -96.39 -28.51 47.57
C HIS I 1352 -95.02 -28.31 46.91
N LEU I 1353 -94.07 -29.20 47.13
CA LEU I 1353 -92.69 -29.05 46.61
C LEU I 1353 -92.61 -29.72 45.24
N SER I 1354 -93.07 -30.95 45.15
CA SER I 1354 -92.95 -31.81 43.95
C SER I 1354 -94.08 -32.82 43.90
N ASN I 1355 -94.27 -33.45 42.75
CA ASN I 1355 -95.22 -34.58 42.55
C ASN I 1355 -94.80 -35.31 41.27
N GLY I 1356 -94.73 -36.64 41.33
CA GLY I 1356 -94.38 -37.48 40.18
C GLY I 1356 -95.28 -38.68 40.08
N TYR I 1357 -95.45 -39.20 38.86
CA TYR I 1357 -96.06 -40.53 38.58
C TYR I 1357 -94.99 -41.37 37.87
N LYS I 1358 -94.87 -42.65 38.24
CA LYS I 1358 -94.04 -43.63 37.53
C LYS I 1358 -94.85 -44.92 37.32
N MET I 1359 -95.08 -45.30 36.07
CA MET I 1359 -95.75 -46.58 35.71
C MET I 1359 -94.85 -47.73 36.16
N ILE I 1360 -95.42 -48.79 36.74
CA ILE I 1360 -94.62 -50.01 37.05
C ILE I 1360 -94.52 -50.78 35.73
N PRO I 1361 -93.32 -51.31 35.40
CA PRO I 1361 -93.10 -51.99 34.12
C PRO I 1361 -94.14 -53.07 33.80
N GLY I 1362 -94.58 -53.11 32.54
CA GLY I 1362 -95.51 -54.14 32.04
C GLY I 1362 -96.96 -53.71 32.20
N ALA I 1363 -97.28 -52.87 33.19
CA ALA I 1363 -98.64 -52.38 33.47
C ALA I 1363 -99.13 -51.48 32.33
N LYS I 1364 -100.34 -51.70 31.84
CA LYS I 1364 -100.99 -50.85 30.81
C LYS I 1364 -101.47 -49.58 31.49
N PRO I 1365 -101.60 -48.43 30.77
CA PRO I 1365 -102.03 -47.18 31.39
C PRO I 1365 -103.54 -47.19 31.73
N LEU I 1366 -103.97 -46.24 32.55
CA LEU I 1366 -105.36 -46.18 33.07
C LEU I 1366 -106.34 -46.10 31.88
N GLN I 1367 -107.40 -46.90 31.91
CA GLN I 1367 -108.51 -46.92 30.91
C GLN I 1367 -109.81 -46.46 31.57
N VAL I 1368 -110.86 -46.26 30.77
CA VAL I 1368 -112.16 -45.75 31.29
C VAL I 1368 -112.91 -46.90 31.99
N GLY I 1369 -112.73 -48.15 31.56
CA GLY I 1369 -113.31 -49.33 32.25
C GLY I 1369 -112.90 -49.42 33.72
N ASP I 1370 -111.62 -49.17 34.02
CA ASP I 1370 -110.90 -49.64 35.22
C ASP I 1370 -111.56 -49.20 36.53
N VAL I 1371 -111.47 -50.07 37.54
CA VAL I 1371 -111.74 -49.76 38.98
C VAL I 1371 -110.38 -49.78 39.70
N VAL I 1372 -109.96 -48.62 40.21
CA VAL I 1372 -108.62 -48.40 40.81
C VAL I 1372 -108.80 -48.04 42.28
N SER I 1373 -108.03 -48.66 43.17
CA SER I 1373 -107.87 -48.25 44.59
C SER I 1373 -106.47 -47.68 44.76
N THR I 1374 -106.25 -46.93 45.84
CA THR I 1374 -104.94 -46.31 46.15
C THR I 1374 -104.53 -46.63 47.59
N THR I 1375 -103.24 -46.94 47.75
CA THR I 1375 -102.54 -47.04 49.05
C THR I 1375 -101.56 -45.87 49.09
N ALA I 1376 -101.36 -45.25 50.26
CA ALA I 1376 -100.37 -44.16 50.44
C ALA I 1376 -99.65 -44.34 51.78
N VAL I 1377 -98.32 -44.40 51.73
CA VAL I 1377 -97.45 -44.44 52.93
C VAL I 1377 -96.65 -43.15 52.92
N ILE I 1378 -96.09 -42.81 54.07
CA ILE I 1378 -95.32 -41.56 54.25
C ILE I 1378 -93.88 -42.02 54.51
N GLU I 1379 -93.05 -41.85 53.49
CA GLU I 1379 -91.69 -42.44 53.38
C GLU I 1379 -90.76 -41.76 54.37
N SER I 1380 -90.80 -40.42 54.40
CA SER I 1380 -89.96 -39.57 55.27
C SER I 1380 -90.73 -38.35 55.79
N VAL I 1381 -90.44 -37.98 57.03
CA VAL I 1381 -90.88 -36.73 57.71
C VAL I 1381 -89.65 -36.23 58.44
N VAL I 1382 -89.01 -35.17 57.96
CA VAL I 1382 -87.79 -34.67 58.64
C VAL I 1382 -87.99 -33.19 58.95
N ASN I 1383 -87.48 -32.77 60.11
CA ASN I 1383 -87.46 -31.36 60.55
C ASN I 1383 -86.20 -30.72 59.96
N GLN I 1384 -86.30 -30.16 58.75
CA GLN I 1384 -85.30 -29.18 58.23
C GLN I 1384 -85.34 -27.95 59.12
N PRO I 1385 -84.32 -27.05 59.06
CA PRO I 1385 -84.32 -25.87 59.93
C PRO I 1385 -85.42 -24.86 59.55
N THR I 1386 -85.84 -24.88 58.29
CA THR I 1386 -86.67 -23.85 57.62
C THR I 1386 -88.15 -24.28 57.69
N GLY I 1387 -88.43 -25.53 58.09
CA GLY I 1387 -89.77 -26.15 58.08
C GLY I 1387 -89.70 -27.68 58.09
N LYS I 1388 -90.86 -28.34 58.04
CA LYS I 1388 -90.99 -29.82 58.13
C LYS I 1388 -91.39 -30.40 56.78
N ILE I 1389 -90.57 -31.32 56.25
CA ILE I 1389 -90.73 -31.90 54.90
C ILE I 1389 -91.41 -33.26 55.07
N VAL I 1390 -92.40 -33.56 54.24
CA VAL I 1390 -93.13 -34.87 54.25
C VAL I 1390 -93.14 -35.44 52.84
N ASP I 1391 -92.33 -36.48 52.60
CA ASP I 1391 -92.27 -37.25 51.33
C ASP I 1391 -93.34 -38.35 51.44
N VAL I 1392 -94.35 -38.36 50.57
CA VAL I 1392 -95.45 -39.37 50.51
C VAL I 1392 -95.28 -40.23 49.27
N VAL I 1393 -95.62 -41.52 49.35
CA VAL I 1393 -95.58 -42.47 48.20
C VAL I 1393 -96.91 -43.22 48.11
N GLY I 1394 -97.68 -42.95 47.05
CA GLY I 1394 -98.90 -43.69 46.68
C GLY I 1394 -98.59 -44.90 45.80
N THR I 1395 -99.51 -45.86 45.74
CA THR I 1395 -99.49 -47.01 44.79
C THR I 1395 -100.92 -47.24 44.29
N LEU I 1396 -101.19 -46.92 43.03
CA LEU I 1396 -102.49 -47.22 42.37
C LEU I 1396 -102.47 -48.69 41.93
N SER I 1397 -103.46 -49.46 42.35
CA SER I 1397 -103.67 -50.86 41.92
C SER I 1397 -105.00 -50.99 41.17
N ARG I 1398 -105.03 -51.86 40.16
CA ARG I 1398 -106.28 -52.38 39.51
C ARG I 1398 -106.14 -53.90 39.42
N ASN I 1399 -107.23 -54.63 39.67
CA ASN I 1399 -107.27 -56.12 39.72
C ASN I 1399 -106.15 -56.60 40.65
N GLY I 1400 -106.12 -56.05 41.86
CA GLY I 1400 -105.12 -56.33 42.92
C GLY I 1400 -103.70 -56.44 42.39
N LYS I 1401 -103.36 -55.64 41.37
CA LYS I 1401 -102.02 -55.58 40.74
C LYS I 1401 -101.55 -54.13 40.72
N PRO I 1402 -100.27 -53.84 41.03
CA PRO I 1402 -99.77 -52.47 40.99
C PRO I 1402 -99.79 -51.97 39.55
N VAL I 1403 -100.13 -50.70 39.35
CA VAL I 1403 -100.19 -50.05 38.01
C VAL I 1403 -99.16 -48.93 37.95
N MET I 1404 -99.28 -47.93 38.82
CA MET I 1404 -98.25 -46.86 38.91
C MET I 1404 -98.06 -46.45 40.38
N GLU I 1405 -96.92 -45.83 40.67
CA GLU I 1405 -96.61 -45.15 41.94
C GLU I 1405 -96.81 -43.65 41.77
N VAL I 1406 -97.58 -43.00 42.65
CA VAL I 1406 -97.54 -41.52 42.82
C VAL I 1406 -96.50 -41.22 43.90
N THR I 1407 -95.77 -40.12 43.77
CA THR I 1407 -94.95 -39.52 44.85
C THR I 1407 -95.31 -38.03 44.93
N SER I 1408 -95.52 -37.50 46.13
CA SER I 1408 -95.75 -36.07 46.39
C SER I 1408 -94.95 -35.67 47.62
N SER I 1409 -94.36 -34.49 47.61
CA SER I 1409 -93.55 -33.94 48.72
C SER I 1409 -94.19 -32.64 49.20
N PHE I 1410 -94.44 -32.54 50.50
CA PHE I 1410 -95.08 -31.36 51.15
C PHE I 1410 -94.13 -30.76 52.16
N PHE I 1411 -94.29 -29.48 52.41
CA PHE I 1411 -93.43 -28.68 53.31
C PHE I 1411 -94.31 -27.78 54.17
N TYR I 1412 -94.31 -27.99 55.48
CA TYR I 1412 -94.92 -27.09 56.48
C TYR I 1412 -93.87 -26.06 56.90
N ARG I 1413 -93.94 -24.85 56.33
CA ARG I 1413 -93.01 -23.76 56.70
C ARG I 1413 -93.15 -23.49 58.20
N GLY I 1414 -92.04 -23.49 58.93
CA GLY I 1414 -92.02 -23.17 60.36
C GLY I 1414 -90.78 -23.74 61.06
N ASN I 1415 -90.82 -23.71 62.39
CA ASN I 1415 -89.69 -24.08 63.27
C ASN I 1415 -90.16 -25.29 64.09
N TYR I 1416 -89.55 -26.46 63.92
CA TYR I 1416 -90.03 -27.76 64.48
C TYR I 1416 -88.92 -28.49 65.25
N THR I 1417 -89.23 -28.92 66.48
CA THR I 1417 -88.30 -29.58 67.44
C THR I 1417 -88.63 -31.08 67.61
N ASP I 1418 -89.76 -31.54 67.10
CA ASP I 1418 -90.32 -32.87 67.49
C ASP I 1418 -89.63 -33.97 66.69
N PHE I 1419 -88.32 -34.14 66.92
CA PHE I 1419 -87.45 -35.10 66.20
C PHE I 1419 -87.89 -36.55 66.52
N GLU I 1420 -88.63 -36.75 67.61
CA GLU I 1420 -89.18 -38.08 67.99
C GLU I 1420 -90.28 -38.50 67.01
N ASN I 1421 -90.84 -37.56 66.25
CA ASN I 1421 -91.86 -37.84 65.20
C ASN I 1421 -91.23 -37.77 63.81
N THR I 1422 -89.91 -37.58 63.77
CA THR I 1422 -89.09 -37.48 62.54
C THR I 1422 -88.55 -38.87 62.24
N PHE I 1423 -88.69 -39.31 60.99
CA PHE I 1423 -88.00 -40.50 60.43
C PHE I 1423 -87.83 -40.31 58.91
N GLN I 1424 -86.80 -40.95 58.35
CA GLN I 1424 -86.44 -40.82 56.92
C GLN I 1424 -86.00 -42.18 56.38
N LYS I 1425 -86.66 -42.67 55.34
CA LYS I 1425 -86.21 -43.86 54.59
C LYS I 1425 -85.72 -43.38 53.22
N THR I 1426 -84.56 -43.86 52.80
CA THR I 1426 -83.98 -43.55 51.46
C THR I 1426 -83.59 -44.88 50.78
N VAL I 1427 -83.75 -44.94 49.45
CA VAL I 1427 -83.36 -46.13 48.63
C VAL I 1427 -82.04 -45.77 47.96
N GLU I 1428 -80.93 -46.37 48.41
CA GLU I 1428 -79.57 -45.97 48.00
C GLU I 1428 -79.36 -46.38 46.56
N PRO I 1429 -78.45 -45.70 45.82
CA PRO I 1429 -78.05 -46.16 44.50
C PRO I 1429 -77.37 -47.53 44.65
N VAL I 1430 -77.43 -48.38 43.62
CA VAL I 1430 -76.76 -49.71 43.64
C VAL I 1430 -75.25 -49.49 43.57
N TYR I 1431 -74.50 -50.03 44.53
CA TYR I 1431 -73.02 -49.93 44.58
C TYR I 1431 -72.44 -51.23 44.01
N GLN I 1432 -71.37 -51.12 43.24
CA GLN I 1432 -70.67 -52.28 42.61
C GLN I 1432 -69.22 -52.31 43.09
N MET I 1433 -68.68 -53.52 43.24
CA MET I 1433 -67.29 -53.80 43.69
C MET I 1433 -66.74 -55.00 42.89
N HIS I 1434 -65.57 -54.85 42.25
CA HIS I 1434 -64.82 -55.99 41.65
C HIS I 1434 -63.84 -56.48 42.71
N ILE I 1435 -64.03 -57.70 43.21
CA ILE I 1435 -63.17 -58.32 44.25
C ILE I 1435 -61.96 -58.96 43.57
N LYS I 1436 -60.77 -58.32 43.64
CA LYS I 1436 -59.55 -58.75 42.90
C LYS I 1436 -58.59 -59.53 43.80
N THR I 1437 -58.27 -58.95 44.97
CA THR I 1437 -57.23 -59.42 45.91
C THR I 1437 -57.90 -60.21 47.04
N SER I 1438 -57.18 -61.11 47.70
CA SER I 1438 -57.63 -61.83 48.92
C SER I 1438 -57.70 -60.87 50.10
N LYS I 1439 -57.05 -59.70 49.97
CA LYS I 1439 -57.09 -58.59 50.95
C LYS I 1439 -58.48 -57.92 50.88
N ASP I 1440 -58.94 -57.57 49.69
CA ASP I 1440 -60.30 -57.04 49.42
C ASP I 1440 -61.32 -57.87 50.20
N ILE I 1441 -61.22 -59.21 50.11
CA ILE I 1441 -62.27 -60.11 50.70
C ILE I 1441 -62.10 -60.07 52.23
N ALA I 1442 -60.87 -60.05 52.75
CA ALA I 1442 -60.59 -59.95 54.21
C ALA I 1442 -61.30 -58.70 54.78
N VAL I 1443 -61.19 -57.56 54.08
CA VAL I 1443 -61.80 -56.27 54.52
C VAL I 1443 -63.30 -56.47 54.65
N LEU I 1444 -63.95 -57.05 53.63
CA LEU I 1444 -65.42 -57.29 53.63
C LEU I 1444 -65.80 -58.18 54.82
N ARG I 1445 -65.06 -59.27 55.10
CA ARG I 1445 -65.40 -60.21 56.20
C ARG I 1445 -65.25 -59.47 57.54
N SER I 1446 -64.38 -58.45 57.59
CA SER I 1446 -64.17 -57.57 58.77
C SER I 1446 -65.52 -56.99 59.21
N LYS I 1447 -66.38 -56.62 58.25
CA LYS I 1447 -67.66 -55.89 58.50
C LYS I 1447 -68.73 -56.89 58.95
N GLU I 1448 -69.34 -56.64 60.12
CA GLU I 1448 -70.42 -57.47 60.69
C GLU I 1448 -71.57 -57.57 59.69
N TRP I 1449 -71.83 -56.48 58.96
CA TRP I 1449 -73.06 -56.28 58.13
C TRP I 1449 -72.98 -57.11 56.84
N PHE I 1450 -71.79 -57.57 56.45
CA PHE I 1450 -71.57 -58.40 55.24
C PHE I 1450 -71.85 -59.86 55.61
N GLN I 1451 -73.02 -60.36 55.24
CA GLN I 1451 -73.50 -61.71 55.68
C GLN I 1451 -73.87 -62.54 54.47
N LEU I 1452 -72.98 -63.45 54.06
CA LEU I 1452 -73.19 -64.35 52.89
C LEU I 1452 -74.09 -65.51 53.30
N ASP I 1453 -74.94 -65.99 52.39
CA ASP I 1453 -75.74 -67.23 52.56
C ASP I 1453 -74.80 -68.38 52.93
N ASP I 1454 -73.71 -68.52 52.17
CA ASP I 1454 -72.71 -69.60 52.34
C ASP I 1454 -71.36 -68.95 52.66
N GLU I 1455 -70.88 -69.10 53.90
CA GLU I 1455 -69.63 -68.49 54.43
C GLU I 1455 -68.47 -68.76 53.46
N ASP I 1456 -68.39 -69.99 52.94
CA ASP I 1456 -67.27 -70.50 52.11
C ASP I 1456 -67.39 -70.04 50.66
N PHE I 1457 -68.33 -69.16 50.32
CA PHE I 1457 -68.50 -68.65 48.92
C PHE I 1457 -67.16 -68.02 48.49
N ASP I 1458 -66.68 -68.41 47.31
CA ASP I 1458 -65.41 -67.93 46.72
C ASP I 1458 -65.65 -66.56 46.07
N LEU I 1459 -65.24 -65.48 46.72
CA LEU I 1459 -65.48 -64.09 46.27
C LEU I 1459 -64.44 -63.63 45.25
N LEU I 1460 -63.38 -64.41 45.04
CA LEU I 1460 -62.20 -63.93 44.27
C LEU I 1460 -62.57 -63.78 42.79
N ASN I 1461 -62.29 -62.61 42.20
CA ASN I 1461 -62.51 -62.26 40.77
C ASN I 1461 -64.00 -62.22 40.46
N LYS I 1462 -64.84 -61.97 41.45
CA LYS I 1462 -66.31 -61.84 41.28
C LYS I 1462 -66.67 -60.35 41.38
N THR I 1463 -67.80 -59.98 40.79
CA THR I 1463 -68.35 -58.60 40.86
C THR I 1463 -69.61 -58.64 41.72
N LEU I 1464 -69.56 -58.03 42.90
CA LEU I 1464 -70.71 -57.93 43.83
C LEU I 1464 -71.44 -56.63 43.54
N THR I 1465 -72.77 -56.65 43.66
CA THR I 1465 -73.64 -55.44 43.69
C THR I 1465 -74.35 -55.42 45.05
N PHE I 1466 -74.60 -54.23 45.57
CA PHE I 1466 -75.20 -53.99 46.91
C PHE I 1466 -76.46 -53.10 46.75
N GLU I 1467 -77.64 -53.72 46.74
CA GLU I 1467 -78.93 -53.04 46.57
C GLU I 1467 -79.51 -52.75 47.95
N THR I 1468 -79.42 -51.50 48.38
CA THR I 1468 -79.45 -51.10 49.80
C THR I 1468 -80.51 -50.03 50.02
N GLU I 1469 -81.38 -50.22 51.01
CA GLU I 1469 -82.28 -49.20 51.62
C GLU I 1469 -81.73 -48.85 53.00
N THR I 1470 -81.83 -47.58 53.41
CA THR I 1470 -81.39 -47.14 54.76
C THR I 1470 -82.54 -46.33 55.41
N GLU I 1471 -83.06 -46.88 56.51
CA GLU I 1471 -84.07 -46.24 57.42
C GLU I 1471 -83.32 -45.62 58.60
N VAL I 1472 -83.71 -44.42 58.97
CA VAL I 1472 -83.04 -43.60 60.01
C VAL I 1472 -84.13 -42.94 60.87
N THR I 1473 -83.87 -42.73 62.16
CA THR I 1473 -84.70 -41.89 63.07
C THR I 1473 -83.79 -40.84 63.68
N PHE I 1474 -84.32 -39.72 64.17
CA PHE I 1474 -83.50 -38.54 64.55
C PHE I 1474 -83.56 -38.30 66.07
N LYS I 1475 -82.40 -37.98 66.66
CA LYS I 1475 -82.28 -37.45 68.03
C LYS I 1475 -82.44 -35.93 67.95
N ASN I 1476 -81.68 -35.29 67.07
CA ASN I 1476 -81.78 -33.84 66.78
C ASN I 1476 -81.38 -33.60 65.32
N ALA I 1477 -81.15 -32.35 64.94
CA ALA I 1477 -80.77 -31.93 63.57
C ALA I 1477 -79.57 -32.77 63.06
N ASN I 1478 -78.56 -33.05 63.90
CA ASN I 1478 -77.26 -33.68 63.49
C ASN I 1478 -77.28 -35.19 63.76
N ILE I 1479 -77.48 -35.59 65.02
CA ILE I 1479 -77.34 -37.00 65.49
C ILE I 1479 -78.60 -37.80 65.15
N PHE I 1480 -78.45 -38.95 64.49
CA PHE I 1480 -79.51 -39.97 64.28
C PHE I 1480 -79.68 -40.76 65.57
N SER I 1481 -80.93 -40.99 65.98
CA SER I 1481 -81.31 -41.80 67.16
C SER I 1481 -81.09 -43.29 66.84
N SER I 1482 -81.32 -43.70 65.59
CA SER I 1482 -81.08 -45.07 65.09
C SER I 1482 -80.79 -45.05 63.59
N VAL I 1483 -80.06 -46.05 63.09
CA VAL I 1483 -79.67 -46.20 61.67
C VAL I 1483 -79.79 -47.67 61.28
N LYS I 1484 -80.59 -47.95 60.26
CA LYS I 1484 -80.75 -49.32 59.69
C LYS I 1484 -80.38 -49.24 58.20
N CYS I 1485 -79.61 -50.22 57.70
CA CYS I 1485 -79.15 -50.29 56.29
C CYS I 1485 -79.08 -51.77 55.90
N PHE I 1486 -79.98 -52.20 55.02
CA PHE I 1486 -80.18 -53.62 54.65
C PHE I 1486 -80.53 -53.71 53.17
N GLY I 1487 -80.47 -54.92 52.64
CA GLY I 1487 -80.74 -55.22 51.22
C GLY I 1487 -79.84 -56.34 50.74
N PRO I 1488 -80.15 -56.93 49.56
CA PRO I 1488 -79.39 -58.08 49.07
C PRO I 1488 -78.00 -57.72 48.50
N ILE I 1489 -77.05 -58.65 48.69
CA ILE I 1489 -75.72 -58.68 48.03
C ILE I 1489 -75.80 -59.70 46.90
N LYS I 1490 -75.48 -59.30 45.68
CA LYS I 1490 -75.57 -60.17 44.48
C LYS I 1490 -74.22 -60.28 43.79
N VAL I 1491 -73.98 -61.45 43.20
CA VAL I 1491 -72.78 -61.74 42.37
C VAL I 1491 -73.21 -61.69 40.90
N GLU I 1492 -72.39 -61.09 40.04
CA GLU I 1492 -72.57 -61.10 38.56
C GLU I 1492 -72.14 -62.47 38.05
N LEU I 1493 -72.97 -63.12 37.22
CA LEU I 1493 -72.65 -64.39 36.53
C LEU I 1493 -72.02 -64.08 35.19
N PRO I 1494 -71.43 -65.10 34.50
CA PRO I 1494 -70.98 -64.95 33.12
C PRO I 1494 -72.01 -64.33 32.16
N THR I 1495 -73.30 -64.57 32.40
CA THR I 1495 -74.43 -64.08 31.55
C THR I 1495 -74.71 -62.60 31.80
N LYS I 1496 -74.09 -62.00 32.83
CA LYS I 1496 -74.29 -60.59 33.28
C LYS I 1496 -75.47 -60.51 34.27
N GLU I 1497 -76.25 -61.57 34.41
CA GLU I 1497 -77.33 -61.70 35.43
C GLU I 1497 -76.70 -61.62 36.84
N THR I 1498 -77.19 -60.71 37.68
CA THR I 1498 -76.87 -60.61 39.13
C THR I 1498 -77.78 -61.57 39.91
N VAL I 1499 -77.25 -62.28 40.90
CA VAL I 1499 -77.96 -63.32 41.70
C VAL I 1499 -77.65 -63.12 43.19
N GLU I 1500 -78.67 -63.15 44.06
CA GLU I 1500 -78.49 -63.01 45.53
C GLU I 1500 -77.52 -64.08 46.02
N ILE I 1501 -76.50 -63.68 46.80
CA ILE I 1501 -75.55 -64.60 47.50
C ILE I 1501 -75.49 -64.26 49.00
N GLY I 1502 -76.22 -63.24 49.44
CA GLY I 1502 -76.23 -62.81 50.84
C GLY I 1502 -77.00 -61.52 51.04
N ILE I 1503 -76.71 -60.83 52.13
CA ILE I 1503 -77.55 -59.73 52.67
C ILE I 1503 -76.62 -58.73 53.36
N VAL I 1504 -76.84 -57.43 53.15
CA VAL I 1504 -76.34 -56.35 54.03
C VAL I 1504 -77.33 -56.28 55.20
N ASP I 1505 -76.84 -56.27 56.45
CA ASP I 1505 -77.70 -56.10 57.66
C ASP I 1505 -76.94 -55.28 58.72
N TYR I 1506 -77.05 -53.95 58.65
CA TYR I 1506 -76.51 -53.01 59.65
C TYR I 1506 -77.66 -52.40 60.45
N GLU I 1507 -77.48 -52.36 61.75
CA GLU I 1507 -78.40 -51.78 62.76
C GLU I 1507 -77.53 -51.05 63.78
N ALA I 1508 -78.01 -49.92 64.31
CA ALA I 1508 -77.22 -49.04 65.21
C ALA I 1508 -78.14 -48.06 65.92
N GLY I 1509 -77.76 -47.66 67.14
CA GLY I 1509 -78.38 -46.56 67.89
C GLY I 1509 -77.76 -45.23 67.49
N ALA I 1510 -77.62 -44.30 68.43
CA ALA I 1510 -77.05 -42.96 68.20
C ALA I 1510 -75.84 -43.09 67.28
N SER I 1511 -75.95 -42.65 66.04
CA SER I 1511 -74.83 -42.53 65.08
C SER I 1511 -74.80 -41.09 64.58
N HIS I 1512 -73.69 -40.65 63.99
CA HIS I 1512 -73.58 -39.39 63.21
C HIS I 1512 -73.66 -39.72 61.70
N GLY I 1513 -73.70 -41.00 61.33
CA GLY I 1513 -73.60 -41.40 59.91
C GLY I 1513 -73.90 -42.87 59.67
N ASN I 1514 -73.98 -43.23 58.37
CA ASN I 1514 -74.23 -44.59 57.85
C ASN I 1514 -72.91 -45.16 57.32
N PRO I 1515 -72.23 -46.05 58.08
CA PRO I 1515 -70.89 -46.49 57.71
C PRO I 1515 -70.83 -47.51 56.57
N VAL I 1516 -71.99 -48.03 56.16
CA VAL I 1516 -72.15 -49.01 55.04
C VAL I 1516 -72.04 -48.24 53.73
N VAL I 1517 -72.84 -47.18 53.59
CA VAL I 1517 -72.84 -46.32 52.36
C VAL I 1517 -71.45 -45.67 52.25
N ASP I 1518 -70.89 -45.16 53.35
CA ASP I 1518 -69.54 -44.54 53.37
C ASP I 1518 -68.53 -45.52 52.79
N PHE I 1519 -68.57 -46.78 53.25
CA PHE I 1519 -67.64 -47.86 52.81
C PHE I 1519 -67.84 -48.13 51.32
N LEU I 1520 -69.09 -48.33 50.88
CA LEU I 1520 -69.40 -48.71 49.48
C LEU I 1520 -69.04 -47.56 48.55
N LYS I 1521 -69.23 -46.31 48.98
CA LYS I 1521 -68.91 -45.10 48.18
C LYS I 1521 -67.41 -45.09 47.85
N ARG I 1522 -66.58 -45.28 48.87
CA ARG I 1522 -65.10 -45.18 48.76
C ARG I 1522 -64.54 -46.41 48.05
N ASN I 1523 -65.07 -47.61 48.30
CA ASN I 1523 -64.46 -48.87 47.83
C ASN I 1523 -65.19 -49.43 46.61
N GLY I 1524 -66.26 -48.79 46.17
CA GLY I 1524 -67.07 -49.25 45.02
C GLY I 1524 -67.41 -48.12 44.09
N SER I 1525 -67.93 -48.41 42.91
CA SER I 1525 -68.52 -47.38 42.01
C SER I 1525 -70.04 -47.48 42.15
N THR I 1526 -70.74 -46.36 41.98
CA THR I 1526 -72.22 -46.31 42.05
C THR I 1526 -72.75 -46.49 40.63
N LEU I 1527 -73.65 -47.45 40.39
CA LEU I 1527 -74.29 -47.63 39.06
C LEU I 1527 -75.36 -46.55 38.90
N GLU I 1528 -75.37 -45.85 37.76
CA GLU I 1528 -76.39 -44.82 37.45
C GLU I 1528 -77.26 -45.36 36.32
N GLN I 1529 -78.58 -45.19 36.46
CA GLN I 1529 -79.61 -45.71 35.52
C GLN I 1529 -79.74 -44.74 34.35
N LYS I 1530 -79.70 -43.44 34.63
CA LYS I 1530 -79.82 -42.35 33.64
C LYS I 1530 -78.45 -42.13 33.01
N VAL I 1531 -78.40 -42.09 31.68
CA VAL I 1531 -77.16 -41.85 30.91
C VAL I 1531 -77.40 -40.65 30.01
N ASN I 1532 -76.65 -39.57 30.20
CA ASN I 1532 -76.80 -38.35 29.37
C ASN I 1532 -76.40 -38.67 27.93
N LEU I 1533 -77.02 -37.99 26.96
CA LEU I 1533 -76.58 -37.94 25.54
C LEU I 1533 -75.29 -37.15 25.50
N GLU I 1534 -74.61 -37.09 24.35
CA GLU I 1534 -73.40 -36.23 24.21
C GLU I 1534 -73.82 -34.76 24.36
N ASN I 1535 -74.98 -34.40 23.83
CA ASN I 1535 -75.54 -33.04 23.94
C ASN I 1535 -77.05 -33.13 24.06
N PRO I 1536 -77.70 -32.19 24.78
CA PRO I 1536 -79.14 -32.16 24.85
C PRO I 1536 -79.66 -31.87 23.43
N ILE I 1537 -80.72 -32.56 23.01
CA ILE I 1537 -81.42 -32.32 21.72
C ILE I 1537 -82.65 -31.48 22.03
N PRO I 1538 -82.77 -30.23 21.54
CA PRO I 1538 -84.01 -29.47 21.71
C PRO I 1538 -85.18 -30.21 21.06
N ILE I 1539 -86.35 -30.12 21.69
CA ILE I 1539 -87.62 -30.73 21.21
C ILE I 1539 -88.57 -29.59 20.85
N ALA I 1540 -88.83 -28.64 21.74
CA ALA I 1540 -89.72 -27.47 21.48
C ALA I 1540 -89.72 -26.50 22.66
N VAL I 1541 -90.02 -25.24 22.38
CA VAL I 1541 -90.38 -24.20 23.38
C VAL I 1541 -91.85 -23.81 23.10
N LEU I 1542 -92.73 -23.94 24.09
CA LEU I 1542 -94.19 -23.86 23.88
C LEU I 1542 -94.82 -22.84 24.86
N ASP I 1543 -95.77 -22.04 24.36
CA ASP I 1543 -96.59 -21.12 25.19
C ASP I 1543 -97.83 -21.87 25.69
N SER I 1544 -98.27 -21.55 26.91
CA SER I 1544 -99.48 -22.07 27.58
C SER I 1544 -99.92 -20.99 28.57
N TYR I 1545 -101.18 -21.04 29.03
CA TYR I 1545 -101.75 -20.04 29.97
C TYR I 1545 -102.29 -20.80 31.18
N THR I 1546 -102.25 -20.17 32.35
CA THR I 1546 -103.04 -20.62 33.51
C THR I 1546 -104.45 -20.07 33.32
N PRO I 1547 -105.51 -20.80 33.72
CA PRO I 1547 -106.87 -20.35 33.47
C PRO I 1547 -107.15 -19.13 34.35
N SER I 1548 -108.21 -18.38 33.99
CA SER I 1548 -108.74 -17.18 34.69
C SER I 1548 -109.41 -17.56 36.00
N THR I 1549 -109.87 -18.81 36.12
CA THR I 1549 -110.57 -19.34 37.31
C THR I 1549 -109.98 -20.69 37.71
N ASN I 1550 -109.76 -20.94 39.01
CA ASN I 1550 -109.16 -22.22 39.49
C ASN I 1550 -110.27 -23.20 39.89
N GLU I 1551 -111.54 -22.76 39.85
CA GLU I 1551 -112.72 -23.59 40.22
C GLU I 1551 -112.78 -24.85 39.36
N PRO I 1552 -112.69 -24.77 38.01
CA PRO I 1552 -112.79 -25.97 37.17
C PRO I 1552 -111.86 -27.10 37.63
N TYR I 1553 -110.58 -26.80 37.93
CA TYR I 1553 -109.60 -27.83 38.40
C TYR I 1553 -110.05 -28.36 39.76
N ALA I 1554 -110.39 -27.46 40.69
CA ALA I 1554 -110.86 -27.80 42.04
C ALA I 1554 -112.00 -28.83 41.97
N ARG I 1555 -112.98 -28.62 41.09
CA ARG I 1555 -114.17 -29.51 40.95
C ARG I 1555 -113.68 -30.92 40.60
N VAL I 1556 -112.82 -31.08 39.59
CA VAL I 1556 -112.45 -32.41 39.04
C VAL I 1556 -111.38 -33.07 39.93
N SER I 1557 -110.61 -32.29 40.70
CA SER I 1557 -109.44 -32.78 41.49
C SER I 1557 -109.84 -33.11 42.92
N GLY I 1558 -110.85 -32.45 43.46
CA GLY I 1558 -111.23 -32.54 44.88
C GLY I 1558 -110.38 -31.63 45.76
N ASP I 1559 -109.54 -30.76 45.17
CA ASP I 1559 -108.65 -29.83 45.90
C ASP I 1559 -109.39 -28.49 46.10
N LEU I 1560 -110.29 -28.46 47.08
CA LEU I 1560 -111.09 -27.26 47.46
C LEU I 1560 -110.28 -26.38 48.39
N ASN I 1561 -108.95 -26.55 48.43
CA ASN I 1561 -108.05 -25.62 49.18
C ASN I 1561 -108.52 -24.21 48.87
N PRO I 1562 -109.03 -23.47 49.89
CA PRO I 1562 -109.55 -22.11 49.69
C PRO I 1562 -108.59 -21.11 49.05
N ILE I 1563 -107.27 -21.31 49.17
CA ILE I 1563 -106.26 -20.31 48.71
C ILE I 1563 -106.36 -20.16 47.19
N HIS I 1564 -106.85 -21.18 46.48
CA HIS I 1564 -106.94 -21.18 45.00
C HIS I 1564 -108.20 -20.47 44.52
N VAL I 1565 -109.21 -20.29 45.37
CA VAL I 1565 -110.56 -19.81 44.93
C VAL I 1565 -111.01 -18.55 45.68
N SER I 1566 -110.46 -18.26 46.87
CA SER I 1566 -111.01 -17.24 47.80
C SER I 1566 -109.96 -16.20 48.16
N ARG I 1567 -110.18 -14.94 47.75
CA ARG I 1567 -109.29 -13.78 48.00
C ARG I 1567 -108.87 -13.79 49.47
N HIS I 1568 -109.84 -13.89 50.37
CA HIS I 1568 -109.67 -13.64 51.82
C HIS I 1568 -108.72 -14.69 52.41
N PHE I 1569 -108.78 -15.93 51.94
CA PHE I 1569 -107.90 -17.02 52.43
C PHE I 1569 -106.49 -16.81 51.87
N ALA I 1570 -106.38 -16.61 50.56
CA ALA I 1570 -105.11 -16.33 49.86
C ALA I 1570 -104.40 -15.18 50.57
N SER I 1571 -105.13 -14.10 50.82
CA SER I 1571 -104.60 -12.86 51.46
C SER I 1571 -104.09 -13.19 52.88
N TYR I 1572 -104.85 -13.99 53.65
CA TYR I 1572 -104.49 -14.43 55.03
C TYR I 1572 -103.18 -15.21 55.02
N ALA I 1573 -102.98 -16.04 53.97
CA ALA I 1573 -101.83 -16.97 53.79
C ALA I 1573 -100.63 -16.24 53.17
N ASN I 1574 -100.73 -14.92 53.03
CA ASN I 1574 -99.66 -14.04 52.49
C ASN I 1574 -99.27 -14.44 51.08
N LEU I 1575 -100.21 -14.94 50.27
CA LEU I 1575 -99.93 -15.29 48.86
C LEU I 1575 -100.09 -14.03 48.02
N PRO I 1576 -99.59 -14.00 46.76
CA PRO I 1576 -99.70 -12.83 45.89
C PRO I 1576 -101.10 -12.67 45.28
N GLY I 1577 -102.00 -13.60 45.55
CA GLY I 1577 -103.32 -13.72 44.90
C GLY I 1577 -103.83 -15.14 44.99
N THR I 1578 -104.95 -15.45 44.35
CA THR I 1578 -105.57 -16.79 44.37
C THR I 1578 -104.79 -17.66 43.39
N ILE I 1579 -103.62 -18.15 43.82
CA ILE I 1579 -102.61 -18.82 42.95
C ILE I 1579 -103.25 -20.01 42.23
N THR I 1580 -102.84 -20.22 40.98
CA THR I 1580 -103.20 -21.41 40.18
C THR I 1580 -102.82 -22.64 41.00
N HIS I 1581 -103.59 -23.73 40.92
CA HIS I 1581 -103.22 -25.04 41.53
C HIS I 1581 -101.89 -25.49 40.95
N GLY I 1582 -100.91 -25.83 41.80
CA GLY I 1582 -99.66 -26.47 41.34
C GLY I 1582 -99.99 -27.63 40.41
N MET I 1583 -100.95 -28.47 40.84
CA MET I 1583 -101.29 -29.75 40.18
C MET I 1583 -101.98 -29.53 38.83
N PHE I 1584 -102.40 -28.29 38.54
CA PHE I 1584 -102.86 -27.87 37.19
C PHE I 1584 -101.62 -27.73 36.31
N SER I 1585 -100.71 -26.83 36.68
CA SER I 1585 -99.40 -26.63 36.01
C SER I 1585 -98.81 -28.01 35.68
N SER I 1586 -98.80 -28.94 36.65
CA SER I 1586 -98.29 -30.33 36.48
C SER I 1586 -98.89 -30.95 35.22
N ALA I 1587 -100.22 -31.09 35.18
CA ALA I 1587 -101.00 -31.78 34.14
C ALA I 1587 -100.93 -31.04 32.80
N SER I 1588 -100.80 -29.72 32.86
CA SER I 1588 -100.83 -28.78 31.72
C SER I 1588 -99.53 -28.89 30.97
N VAL I 1589 -98.41 -28.74 31.68
CA VAL I 1589 -97.05 -28.90 31.10
C VAL I 1589 -96.92 -30.35 30.63
N ARG I 1590 -97.38 -31.33 31.42
CA ARG I 1590 -97.29 -32.77 31.06
C ARG I 1590 -98.00 -32.99 29.72
N ALA I 1591 -99.15 -32.33 29.52
CA ALA I 1591 -99.94 -32.43 28.27
C ALA I 1591 -99.07 -32.02 27.08
N LEU I 1592 -98.26 -30.97 27.24
CA LEU I 1592 -97.33 -30.45 26.19
C LEU I 1592 -96.29 -31.54 25.87
N ILE I 1593 -95.61 -32.05 26.91
CA ILE I 1593 -94.58 -33.11 26.81
C ILE I 1593 -95.18 -34.29 26.05
N GLU I 1594 -96.38 -34.70 26.44
CA GLU I 1594 -97.14 -35.81 25.83
C GLU I 1594 -97.30 -35.56 24.33
N ASN I 1595 -97.62 -34.32 23.95
CA ASN I 1595 -97.93 -33.94 22.54
C ASN I 1595 -96.64 -33.91 21.71
N TRP I 1596 -95.62 -33.20 22.19
CA TRP I 1596 -94.41 -32.84 21.41
C TRP I 1596 -93.29 -33.87 21.59
N ALA I 1597 -93.06 -34.37 22.80
CA ALA I 1597 -91.99 -35.36 23.06
C ALA I 1597 -92.51 -36.77 22.77
N ALA I 1598 -93.80 -37.06 22.91
CA ALA I 1598 -94.36 -38.41 22.69
C ALA I 1598 -95.21 -38.48 21.42
N ASP I 1599 -95.29 -37.38 20.64
CA ASP I 1599 -96.04 -37.31 19.36
C ASP I 1599 -97.53 -37.66 19.61
N SER I 1600 -98.02 -37.36 20.81
CA SER I 1600 -99.45 -37.54 21.20
C SER I 1600 -99.83 -39.02 21.30
N VAL I 1601 -98.86 -39.91 21.51
CA VAL I 1601 -99.11 -41.33 21.90
C VAL I 1601 -98.99 -41.43 23.43
N SER I 1602 -100.09 -41.23 24.16
CA SER I 1602 -100.08 -41.14 25.64
C SER I 1602 -99.36 -42.35 26.25
N SER I 1603 -99.50 -43.55 25.65
CA SER I 1603 -98.96 -44.83 26.17
C SER I 1603 -97.44 -44.78 26.33
N ARG I 1604 -96.78 -43.95 25.53
CA ARG I 1604 -95.30 -43.83 25.52
C ARG I 1604 -94.77 -43.20 26.81
N VAL I 1605 -95.44 -42.19 27.36
CA VAL I 1605 -94.89 -41.49 28.57
C VAL I 1605 -95.18 -42.40 29.76
N ARG I 1606 -94.13 -42.92 30.41
CA ARG I 1606 -94.23 -43.93 31.50
C ARG I 1606 -93.72 -43.34 32.81
N GLY I 1607 -93.19 -42.12 32.80
CA GLY I 1607 -92.75 -41.43 34.03
C GLY I 1607 -92.79 -39.93 33.84
N TYR I 1608 -93.18 -39.18 34.87
CA TYR I 1608 -93.22 -37.70 34.87
C TYR I 1608 -93.00 -37.20 36.29
N THR I 1609 -92.04 -36.30 36.48
CA THR I 1609 -91.76 -35.64 37.78
C THR I 1609 -91.82 -34.13 37.57
N CYS I 1610 -91.93 -33.39 38.66
CA CYS I 1610 -92.52 -32.03 38.68
C CYS I 1610 -92.06 -31.29 39.92
N GLN I 1611 -91.26 -30.23 39.77
CA GLN I 1611 -90.78 -29.40 40.90
C GLN I 1611 -91.52 -28.06 40.85
N PHE I 1612 -92.30 -27.73 41.87
CA PHE I 1612 -93.03 -26.45 41.96
C PHE I 1612 -92.08 -25.37 42.45
N VAL I 1613 -91.31 -24.77 41.54
CA VAL I 1613 -90.18 -23.87 41.87
C VAL I 1613 -90.73 -22.57 42.46
N ASP I 1614 -91.89 -22.10 42.01
CA ASP I 1614 -92.52 -20.84 42.49
C ASP I 1614 -94.02 -20.87 42.12
N MET I 1615 -94.81 -19.92 42.63
CA MET I 1615 -96.27 -19.88 42.42
C MET I 1615 -96.59 -19.11 41.13
N VAL I 1616 -97.77 -19.36 40.55
CA VAL I 1616 -98.26 -18.63 39.34
C VAL I 1616 -99.72 -18.24 39.58
N LEU I 1617 -100.06 -16.99 39.23
CA LEU I 1617 -101.44 -16.45 39.37
C LEU I 1617 -102.27 -16.87 38.16
N PRO I 1618 -103.61 -16.78 38.23
CA PRO I 1618 -104.45 -17.00 37.06
C PRO I 1618 -104.09 -16.00 35.96
N ASN I 1619 -104.24 -16.41 34.69
CA ASN I 1619 -103.96 -15.58 33.48
C ASN I 1619 -102.48 -15.22 33.41
N THR I 1620 -101.57 -16.13 33.78
CA THR I 1620 -100.11 -15.98 33.52
C THR I 1620 -99.79 -16.73 32.21
N ALA I 1621 -98.85 -16.21 31.42
CA ALA I 1621 -98.39 -16.82 30.16
C ALA I 1621 -97.06 -17.55 30.42
N LEU I 1622 -97.00 -18.84 30.10
CA LEU I 1622 -95.88 -19.75 30.45
C LEU I 1622 -95.15 -20.21 29.18
N LYS I 1623 -93.89 -19.80 29.03
CA LYS I 1623 -92.91 -20.41 28.10
C LYS I 1623 -92.32 -21.65 28.79
N THR I 1624 -92.46 -22.82 28.18
CA THR I 1624 -91.90 -24.11 28.67
C THR I 1624 -91.08 -24.75 27.56
N SER I 1625 -89.75 -24.81 27.76
CA SER I 1625 -88.78 -25.45 26.84
C SER I 1625 -88.57 -26.92 27.26
N ILE I 1626 -88.44 -27.81 26.28
CA ILE I 1626 -88.36 -29.29 26.46
C ILE I 1626 -87.16 -29.79 25.66
N GLN I 1627 -86.32 -30.63 26.26
CA GLN I 1627 -85.12 -31.22 25.60
C GLN I 1627 -85.07 -32.73 25.86
N HIS I 1628 -84.52 -33.47 24.91
CA HIS I 1628 -84.09 -34.88 25.05
C HIS I 1628 -82.67 -34.85 25.63
N VAL I 1629 -82.50 -35.28 26.86
CA VAL I 1629 -81.27 -34.98 27.67
C VAL I 1629 -80.46 -36.26 27.88
N GLY I 1630 -81.11 -37.42 27.92
CA GLY I 1630 -80.46 -38.70 28.26
C GLY I 1630 -81.33 -39.89 27.91
N MET I 1631 -80.92 -41.08 28.37
CA MET I 1631 -81.69 -42.34 28.23
C MET I 1631 -81.75 -43.05 29.59
N ILE I 1632 -82.71 -43.95 29.77
CA ILE I 1632 -82.81 -44.83 30.96
C ILE I 1632 -83.64 -46.07 30.58
N ASN I 1633 -83.00 -47.23 30.53
CA ASN I 1633 -83.63 -48.54 30.21
C ASN I 1633 -84.46 -48.39 28.93
N GLY I 1634 -83.92 -47.71 27.92
CA GLY I 1634 -84.50 -47.67 26.57
C GLY I 1634 -85.62 -46.65 26.46
N ARG I 1635 -85.77 -45.82 27.49
CA ARG I 1635 -86.75 -44.70 27.50
C ARG I 1635 -85.97 -43.41 27.33
N LYS I 1636 -86.43 -42.52 26.48
CA LYS I 1636 -85.85 -41.16 26.32
C LYS I 1636 -86.08 -40.40 27.62
N LEU I 1637 -85.02 -39.86 28.20
CA LEU I 1637 -85.07 -39.01 29.42
C LEU I 1637 -85.25 -37.57 28.93
N ILE I 1638 -86.44 -37.00 29.14
CA ILE I 1638 -86.78 -35.61 28.71
C ILE I 1638 -86.70 -34.72 29.95
N LYS I 1639 -86.00 -33.59 29.86
CA LYS I 1639 -85.99 -32.53 30.89
C LYS I 1639 -86.84 -31.37 30.35
N PHE I 1640 -87.43 -30.57 31.23
CA PHE I 1640 -88.20 -29.36 30.84
C PHE I 1640 -88.06 -28.27 31.92
N GLU I 1641 -88.32 -27.03 31.49
CA GLU I 1641 -88.24 -25.80 32.32
C GLU I 1641 -89.39 -24.89 31.89
N THR I 1642 -90.12 -24.30 32.84
CA THR I 1642 -91.30 -23.44 32.57
C THR I 1642 -91.11 -22.10 33.29
N ARG I 1643 -91.14 -20.99 32.55
CA ARG I 1643 -90.89 -19.62 33.06
C ARG I 1643 -92.16 -18.79 32.83
N ASN I 1644 -92.34 -17.72 33.60
CA ASN I 1644 -93.48 -16.77 33.48
C ASN I 1644 -93.02 -15.58 32.63
N GLU I 1645 -93.89 -14.57 32.46
CA GLU I 1645 -93.61 -13.36 31.64
C GLU I 1645 -92.31 -12.70 32.10
N ASP I 1646 -92.01 -12.69 33.41
CA ASP I 1646 -90.82 -12.03 33.99
C ASP I 1646 -89.58 -12.93 33.85
N ASP I 1647 -89.72 -14.06 33.16
CA ASP I 1647 -88.60 -14.97 32.84
C ASP I 1647 -88.10 -15.65 34.13
N VAL I 1648 -88.98 -15.84 35.12
CA VAL I 1648 -88.68 -16.54 36.41
C VAL I 1648 -89.08 -18.00 36.27
N VAL I 1649 -88.19 -18.93 36.65
CA VAL I 1649 -88.49 -20.38 36.59
C VAL I 1649 -89.53 -20.69 37.67
N VAL I 1650 -90.51 -21.50 37.31
CA VAL I 1650 -91.81 -21.69 38.01
C VAL I 1650 -92.09 -23.20 38.13
N LEU I 1651 -91.82 -23.96 37.07
CA LEU I 1651 -91.93 -25.43 37.02
C LEU I 1651 -90.67 -25.99 36.35
N THR I 1652 -90.06 -27.02 36.94
CA THR I 1652 -89.02 -27.87 36.28
C THR I 1652 -89.45 -29.32 36.43
N GLY I 1653 -88.72 -30.25 35.83
CA GLY I 1653 -88.99 -31.68 35.98
C GLY I 1653 -88.56 -32.46 34.77
N GLU I 1654 -88.77 -33.77 34.79
CA GLU I 1654 -88.35 -34.66 33.69
C GLU I 1654 -89.44 -35.69 33.43
N ALA I 1655 -89.39 -36.32 32.26
CA ALA I 1655 -90.31 -37.39 31.84
C ALA I 1655 -89.48 -38.49 31.16
N GLU I 1656 -89.96 -39.73 31.27
CA GLU I 1656 -89.35 -40.91 30.62
C GLU I 1656 -90.35 -41.37 29.55
N ILE I 1657 -89.92 -41.45 28.29
CA ILE I 1657 -90.80 -41.66 27.11
C ILE I 1657 -90.25 -42.81 26.26
N GLU I 1658 -91.06 -43.86 26.05
CA GLU I 1658 -90.67 -45.03 25.22
C GLU I 1658 -90.22 -44.55 23.85
N GLN I 1659 -89.18 -45.19 23.30
CA GLN I 1659 -88.80 -45.03 21.88
C GLN I 1659 -89.92 -45.63 21.03
N PRO I 1660 -90.11 -45.18 19.78
CA PRO I 1660 -91.05 -45.85 18.88
C PRO I 1660 -90.75 -47.36 18.82
N VAL I 1661 -91.73 -48.17 18.40
CA VAL I 1661 -91.62 -49.66 18.49
C VAL I 1661 -90.42 -50.10 17.66
N THR I 1662 -89.49 -50.84 18.27
CA THR I 1662 -88.18 -51.21 17.66
C THR I 1662 -88.07 -52.73 17.48
N THR I 1663 -87.47 -53.17 16.38
CA THR I 1663 -87.02 -54.57 16.15
C THR I 1663 -85.53 -54.56 15.81
N PHE I 1664 -84.74 -55.40 16.47
CA PHE I 1664 -83.30 -55.57 16.18
C PHE I 1664 -83.14 -56.80 15.28
N VAL I 1665 -82.43 -56.64 14.17
CA VAL I 1665 -82.11 -57.75 13.24
C VAL I 1665 -80.59 -57.87 13.16
N PHE I 1666 -80.07 -59.10 13.28
CA PHE I 1666 -78.62 -59.38 13.39
C PHE I 1666 -78.14 -60.05 12.10
N THR I 1667 -77.08 -59.51 11.50
CA THR I 1667 -76.60 -59.86 10.15
C THR I 1667 -75.91 -61.22 10.19
N GLY I 1668 -75.99 -61.97 9.08
CA GLY I 1668 -75.36 -63.28 8.90
C GLY I 1668 -73.97 -63.18 8.29
N GLN I 1669 -73.37 -64.32 7.94
CA GLN I 1669 -72.04 -64.40 7.28
C GLN I 1669 -72.13 -63.64 5.95
N GLY I 1670 -70.97 -63.31 5.37
CA GLY I 1670 -70.86 -62.68 4.05
C GLY I 1670 -70.57 -61.19 4.16
N SER I 1671 -70.96 -60.56 5.26
CA SER I 1671 -70.87 -59.10 5.49
C SER I 1671 -69.54 -58.73 6.14
N GLN I 1672 -68.85 -59.70 6.76
CA GLN I 1672 -67.64 -59.49 7.61
C GLN I 1672 -66.55 -58.78 6.79
N GLU I 1673 -65.77 -57.93 7.45
CA GLU I 1673 -64.72 -57.09 6.84
C GLU I 1673 -63.53 -57.02 7.81
N GLN I 1674 -62.31 -56.98 7.29
CA GLN I 1674 -61.10 -56.82 8.14
C GLN I 1674 -61.28 -55.53 8.96
N GLY I 1675 -60.91 -55.55 10.24
CA GLY I 1675 -60.93 -54.36 11.11
C GLY I 1675 -62.30 -54.07 11.69
N MET I 1676 -63.32 -54.86 11.34
CA MET I 1676 -64.72 -54.58 11.78
C MET I 1676 -64.79 -54.58 13.32
N GLY I 1677 -65.52 -53.62 13.88
CA GLY I 1677 -65.84 -53.53 15.31
C GLY I 1677 -64.71 -52.95 16.13
N MET I 1678 -63.55 -52.68 15.50
CA MET I 1678 -62.29 -52.29 16.19
C MET I 1678 -62.30 -50.80 16.57
N ASP I 1679 -63.00 -49.95 15.82
CA ASP I 1679 -63.21 -48.53 16.18
C ASP I 1679 -63.91 -48.50 17.55
N LEU I 1680 -64.97 -49.29 17.67
CA LEU I 1680 -65.76 -49.43 18.92
C LEU I 1680 -64.86 -49.97 20.03
N TYR I 1681 -64.00 -50.94 19.71
CA TYR I 1681 -63.08 -51.59 20.67
C TYR I 1681 -62.20 -50.54 21.35
N LYS I 1682 -61.77 -49.52 20.60
CA LYS I 1682 -60.91 -48.43 21.14
C LYS I 1682 -61.70 -47.61 22.14
N THR I 1683 -62.93 -47.21 21.79
CA THR I 1683 -63.70 -46.13 22.48
C THR I 1683 -64.63 -46.67 23.57
N SER I 1684 -65.08 -47.93 23.53
CA SER I 1684 -66.16 -48.47 24.40
C SER I 1684 -65.62 -49.49 25.40
N LYS I 1685 -65.77 -49.21 26.69
CA LYS I 1685 -65.50 -50.16 27.80
C LYS I 1685 -66.30 -51.45 27.54
N ALA I 1686 -67.59 -51.33 27.25
CA ALA I 1686 -68.54 -52.46 27.09
C ALA I 1686 -68.05 -53.40 26.01
N ALA I 1687 -67.59 -52.84 24.89
CA ALA I 1687 -67.12 -53.59 23.72
C ALA I 1687 -65.80 -54.26 24.04
N GLN I 1688 -64.87 -53.52 24.67
CA GLN I 1688 -63.55 -54.06 25.09
C GLN I 1688 -63.80 -55.36 25.86
N ASP I 1689 -64.62 -55.31 26.91
CA ASP I 1689 -64.89 -56.46 27.82
C ASP I 1689 -65.38 -57.65 27.00
N VAL I 1690 -66.26 -57.45 26.02
CA VAL I 1690 -66.79 -58.55 25.16
C VAL I 1690 -65.63 -59.16 24.38
N TRP I 1691 -64.95 -58.35 23.57
CA TRP I 1691 -63.83 -58.81 22.70
C TRP I 1691 -62.76 -59.51 23.55
N ASN I 1692 -62.43 -58.96 24.72
CA ASN I 1692 -61.34 -59.48 25.59
C ASN I 1692 -61.78 -60.81 26.21
N ARG I 1693 -62.95 -60.88 26.85
CA ARG I 1693 -63.48 -62.14 27.42
C ARG I 1693 -63.30 -63.26 26.39
N ALA I 1694 -63.61 -62.94 25.13
CA ALA I 1694 -63.66 -63.88 23.98
C ALA I 1694 -62.24 -64.22 23.52
N ASP I 1695 -61.42 -63.19 23.37
CA ASP I 1695 -60.00 -63.33 22.93
C ASP I 1695 -59.27 -64.20 23.93
N ASN I 1696 -59.43 -63.91 25.22
CA ASN I 1696 -58.80 -64.70 26.31
C ASN I 1696 -59.28 -66.14 26.22
N HIS I 1697 -60.55 -66.35 25.92
CA HIS I 1697 -61.11 -67.72 25.87
C HIS I 1697 -60.42 -68.48 24.75
N PHE I 1698 -60.28 -67.87 23.58
CA PHE I 1698 -59.70 -68.53 22.38
C PHE I 1698 -58.20 -68.79 22.60
N LYS I 1699 -57.49 -67.78 23.12
CA LYS I 1699 -56.03 -67.87 23.36
C LYS I 1699 -55.75 -69.01 24.35
N ASP I 1700 -56.50 -69.07 25.45
CA ASP I 1700 -56.24 -70.04 26.54
C ASP I 1700 -56.66 -71.44 26.13
N THR I 1701 -57.72 -71.63 25.32
CA THR I 1701 -58.22 -73.00 25.03
C THR I 1701 -57.75 -73.48 23.65
N TYR I 1702 -57.57 -72.61 22.64
CA TYR I 1702 -57.22 -73.06 21.26
C TYR I 1702 -55.95 -72.41 20.71
N GLY I 1703 -55.29 -71.52 21.47
CA GLY I 1703 -53.99 -70.93 21.11
C GLY I 1703 -54.05 -70.03 19.89
N PHE I 1704 -55.12 -69.27 19.71
CA PHE I 1704 -55.18 -68.19 18.69
C PHE I 1704 -56.00 -67.04 19.25
N SER I 1705 -55.81 -65.85 18.70
CA SER I 1705 -56.49 -64.60 19.10
C SER I 1705 -57.53 -64.25 18.04
N ILE I 1706 -58.80 -64.18 18.41
CA ILE I 1706 -59.88 -63.79 17.44
C ILE I 1706 -59.67 -62.32 17.06
N LEU I 1707 -59.17 -61.50 17.99
CA LEU I 1707 -58.81 -60.09 17.70
C LEU I 1707 -57.74 -60.07 16.59
N ASP I 1708 -56.64 -60.80 16.76
CA ASP I 1708 -55.55 -60.82 15.75
C ASP I 1708 -56.17 -61.13 14.38
N ILE I 1709 -57.06 -62.12 14.31
CA ILE I 1709 -57.64 -62.58 13.02
C ILE I 1709 -58.48 -61.45 12.43
N VAL I 1710 -59.29 -60.78 13.25
CA VAL I 1710 -60.14 -59.65 12.79
C VAL I 1710 -59.24 -58.50 12.35
N ILE I 1711 -58.17 -58.19 13.08
CA ILE I 1711 -57.34 -56.97 12.85
C ILE I 1711 -56.47 -57.16 11.60
N ASN I 1712 -55.76 -58.29 11.48
CA ASN I 1712 -54.67 -58.53 10.47
C ASN I 1712 -55.06 -59.55 9.40
N ASN I 1713 -56.17 -60.26 9.58
CA ASN I 1713 -56.73 -61.23 8.60
C ASN I 1713 -55.59 -62.00 7.94
N PRO I 1714 -54.84 -62.82 8.71
CA PRO I 1714 -53.72 -63.58 8.16
C PRO I 1714 -54.20 -64.67 7.21
N VAL I 1715 -53.37 -65.03 6.22
CA VAL I 1715 -53.69 -66.01 5.15
C VAL I 1715 -53.60 -67.42 5.74
N ASN I 1716 -52.61 -67.61 6.62
CA ASN I 1716 -52.31 -68.87 7.32
C ASN I 1716 -52.06 -68.53 8.79
N LEU I 1717 -52.41 -69.44 9.68
CA LEU I 1717 -52.18 -69.27 11.15
C LEU I 1717 -51.87 -70.65 11.72
N THR I 1718 -50.71 -70.81 12.36
CA THR I 1718 -50.29 -72.15 12.85
C THR I 1718 -50.21 -72.10 14.38
N ILE I 1719 -50.82 -73.09 15.03
CA ILE I 1719 -50.94 -73.26 16.51
C ILE I 1719 -49.84 -74.21 16.92
N HIS I 1720 -49.07 -73.88 17.96
CA HIS I 1720 -47.92 -74.69 18.40
C HIS I 1720 -48.25 -75.37 19.72
N PHE I 1721 -47.94 -76.67 19.81
CA PHE I 1721 -48.30 -77.53 20.97
C PHE I 1721 -47.08 -77.78 21.86
N GLY I 1722 -46.21 -76.79 21.97
CA GLY I 1722 -44.98 -76.91 22.76
C GLY I 1722 -45.25 -76.67 24.23
N GLY I 1723 -44.65 -77.47 25.10
CA GLY I 1723 -44.63 -77.19 26.55
C GLY I 1723 -45.94 -77.54 27.19
N GLU I 1724 -46.02 -77.46 28.52
CA GLU I 1724 -47.20 -77.95 29.27
C GLU I 1724 -48.43 -77.15 28.80
N LYS I 1725 -48.28 -75.85 28.50
CA LYS I 1725 -49.39 -74.99 28.01
C LYS I 1725 -49.86 -75.47 26.62
N GLY I 1726 -48.94 -75.92 25.79
CA GLY I 1726 -49.22 -76.34 24.41
C GLY I 1726 -49.90 -77.69 24.35
N LYS I 1727 -49.62 -78.60 25.28
CA LYS I 1727 -50.22 -79.95 25.28
C LYS I 1727 -51.68 -79.82 25.74
N ARG I 1728 -51.92 -78.98 26.77
CA ARG I 1728 -53.29 -78.68 27.27
C ARG I 1728 -54.13 -78.16 26.11
N ILE I 1729 -53.57 -77.29 25.28
CA ILE I 1729 -54.26 -76.72 24.09
C ILE I 1729 -54.51 -77.83 23.09
N ARG I 1730 -53.54 -78.71 22.88
CA ARG I 1730 -53.68 -79.79 21.89
C ARG I 1730 -54.82 -80.72 22.33
N GLU I 1731 -54.91 -81.04 23.63
CA GLU I 1731 -56.01 -81.88 24.17
C GLU I 1731 -57.34 -81.27 23.71
N ASN I 1732 -57.55 -79.97 23.95
CA ASN I 1732 -58.78 -79.22 23.58
C ASN I 1732 -59.06 -79.38 22.09
N TYR I 1733 -58.05 -79.45 21.23
CA TYR I 1733 -58.24 -79.65 19.76
C TYR I 1733 -58.68 -81.09 19.51
N SER I 1734 -58.16 -82.05 20.27
CA SER I 1734 -58.43 -83.52 20.09
C SER I 1734 -59.81 -83.85 20.69
N ALA I 1735 -60.06 -83.32 21.91
CA ALA I 1735 -61.32 -83.44 22.69
C ALA I 1735 -62.50 -82.76 21.96
N MET I 1736 -62.26 -82.19 20.76
CA MET I 1736 -63.33 -81.65 19.89
C MET I 1736 -63.89 -82.81 19.05
N ILE I 1737 -65.08 -83.27 19.44
CA ILE I 1737 -65.72 -84.58 19.03
C ILE I 1737 -67.15 -84.32 18.53
N PHE I 1738 -67.75 -85.33 17.88
CA PHE I 1738 -69.20 -85.44 17.57
C PHE I 1738 -69.89 -86.44 18.53
N GLU I 1739 -70.81 -85.94 19.38
CA GLU I 1739 -71.49 -86.69 20.48
C GLU I 1739 -72.77 -87.38 19.96
N THR I 1740 -72.62 -88.37 19.08
CA THR I 1740 -73.71 -89.19 18.49
C THR I 1740 -74.11 -90.31 19.47
N ILE I 1741 -75.37 -90.74 19.44
CA ILE I 1741 -75.95 -91.85 20.26
C ILE I 1741 -76.48 -92.92 19.27
N VAL I 1742 -75.68 -93.97 18.96
CA VAL I 1742 -76.03 -95.06 17.98
C VAL I 1742 -76.24 -96.40 18.74
N ASP I 1743 -77.46 -96.96 18.65
CA ASP I 1743 -77.95 -98.24 19.25
C ASP I 1743 -78.27 -98.08 20.75
N GLY I 1744 -78.48 -96.85 21.22
CA GLY I 1744 -78.67 -96.51 22.65
C GLY I 1744 -77.40 -95.92 23.28
N LYS I 1745 -76.23 -96.50 22.98
CA LYS I 1745 -74.90 -96.17 23.60
C LYS I 1745 -74.19 -95.05 22.80
N LEU I 1746 -73.19 -94.38 23.41
CA LEU I 1746 -72.51 -93.16 22.87
C LEU I 1746 -71.35 -93.56 21.93
N LYS I 1747 -71.11 -92.78 20.85
CA LYS I 1747 -69.94 -92.91 19.94
C LYS I 1747 -69.31 -91.54 19.69
N THR I 1748 -68.02 -91.56 19.30
CA THR I 1748 -67.07 -90.43 19.24
C THR I 1748 -66.60 -90.27 17.77
N GLU I 1749 -66.43 -89.02 17.30
CA GLU I 1749 -65.79 -88.70 15.99
C GLU I 1749 -64.97 -87.38 16.13
N LYS I 1750 -63.67 -87.47 15.80
CA LYS I 1750 -62.65 -86.40 15.97
C LYS I 1750 -62.70 -85.44 14.77
N ILE I 1751 -62.98 -84.17 15.05
CA ILE I 1751 -63.10 -83.05 14.07
C ILE I 1751 -61.76 -82.80 13.37
N PHE I 1752 -60.67 -82.75 14.14
CA PHE I 1752 -59.26 -82.56 13.69
C PHE I 1752 -58.55 -83.92 13.63
N LYS I 1753 -58.58 -84.57 12.47
CA LYS I 1753 -58.11 -85.97 12.33
C LYS I 1753 -56.58 -85.97 12.43
N GLU I 1754 -55.93 -84.89 11.97
CA GLU I 1754 -54.45 -84.78 11.81
C GLU I 1754 -53.79 -84.68 13.20
N ILE I 1755 -54.46 -84.07 14.18
CA ILE I 1755 -53.87 -83.72 15.49
C ILE I 1755 -53.90 -84.95 16.41
N ASN I 1756 -52.74 -85.53 16.71
CA ASN I 1756 -52.61 -86.71 17.61
C ASN I 1756 -51.67 -86.37 18.77
N GLU I 1757 -51.31 -87.38 19.57
CA GLU I 1757 -50.35 -87.28 20.70
C GLU I 1757 -48.95 -86.88 20.24
N HIS I 1758 -48.66 -86.94 18.93
CA HIS I 1758 -47.31 -86.73 18.36
C HIS I 1758 -47.27 -85.45 17.52
N SER I 1759 -48.35 -84.67 17.50
CA SER I 1759 -48.44 -83.43 16.68
C SER I 1759 -47.78 -82.29 17.46
N THR I 1760 -46.85 -81.57 16.83
CA THR I 1760 -46.15 -80.41 17.41
C THR I 1760 -46.85 -79.11 16.99
N SER I 1761 -47.67 -79.14 15.95
CA SER I 1761 -48.41 -77.95 15.46
C SER I 1761 -49.54 -78.34 14.52
N TYR I 1762 -50.51 -77.45 14.36
CA TYR I 1762 -51.60 -77.55 13.38
C TYR I 1762 -51.73 -76.19 12.70
N THR I 1763 -51.97 -76.17 11.40
CA THR I 1763 -52.03 -74.93 10.60
C THR I 1763 -53.41 -74.81 9.94
N PHE I 1764 -54.08 -73.68 10.18
CA PHE I 1764 -55.28 -73.23 9.44
C PHE I 1764 -54.82 -72.52 8.18
N ARG I 1765 -55.41 -72.85 7.02
CA ARG I 1765 -55.11 -72.21 5.70
C ARG I 1765 -56.38 -71.62 5.10
N SER I 1766 -56.22 -70.65 4.20
CA SER I 1766 -57.31 -70.01 3.41
C SER I 1766 -56.70 -69.21 2.27
N GLU I 1767 -57.36 -69.15 1.11
CA GLU I 1767 -56.84 -68.47 -0.10
C GLU I 1767 -56.42 -67.05 0.27
N LYS I 1768 -57.38 -66.24 0.72
CA LYS I 1768 -57.21 -64.76 0.78
C LYS I 1768 -57.13 -64.25 2.23
N GLY I 1769 -57.64 -65.00 3.22
CA GLY I 1769 -57.54 -64.58 4.63
C GLY I 1769 -58.47 -65.33 5.55
N LEU I 1770 -57.98 -65.76 6.71
CA LEU I 1770 -58.68 -66.67 7.64
C LEU I 1770 -60.00 -66.05 8.11
N LEU I 1771 -60.19 -64.73 7.99
CA LEU I 1771 -61.40 -64.06 8.51
C LEU I 1771 -62.64 -64.52 7.75
N SER I 1772 -62.47 -65.08 6.55
CA SER I 1772 -63.58 -65.58 5.71
C SER I 1772 -63.57 -67.12 5.64
N ALA I 1773 -62.85 -67.79 6.53
CA ALA I 1773 -63.05 -69.24 6.80
C ALA I 1773 -64.07 -69.36 7.92
N THR I 1774 -65.20 -70.03 7.67
CA THR I 1774 -66.44 -69.90 8.50
C THR I 1774 -66.17 -70.10 10.00
N GLN I 1775 -65.21 -70.96 10.40
CA GLN I 1775 -64.94 -71.28 11.82
C GLN I 1775 -64.48 -70.03 12.58
N PHE I 1776 -63.83 -69.08 11.91
CA PHE I 1776 -63.36 -67.79 12.49
C PHE I 1776 -64.40 -66.71 12.19
N THR I 1777 -64.94 -66.70 10.97
CA THR I 1777 -65.95 -65.72 10.51
C THR I 1777 -67.10 -65.65 11.52
N GLN I 1778 -67.61 -66.80 11.95
CA GLN I 1778 -68.83 -66.87 12.78
C GLN I 1778 -68.55 -66.20 14.13
N PRO I 1779 -67.53 -66.62 14.92
CA PRO I 1779 -67.28 -65.97 16.19
C PRO I 1779 -66.97 -64.48 15.99
N ALA I 1780 -66.13 -64.13 15.00
CA ALA I 1780 -65.74 -62.75 14.69
C ALA I 1780 -66.99 -61.88 14.51
N LEU I 1781 -67.92 -62.34 13.68
CA LEU I 1781 -69.18 -61.62 13.35
C LEU I 1781 -70.05 -61.51 14.61
N THR I 1782 -70.19 -62.61 15.31
CA THR I 1782 -70.97 -62.73 16.56
C THR I 1782 -70.52 -61.65 17.55
N LEU I 1783 -69.20 -61.52 17.73
CA LEU I 1783 -68.60 -60.59 18.71
C LEU I 1783 -68.87 -59.15 18.26
N MET I 1784 -68.51 -58.80 17.03
CA MET I 1784 -68.79 -57.47 16.43
C MET I 1784 -70.20 -57.02 16.83
N GLU I 1785 -71.17 -57.92 16.69
CA GLU I 1785 -72.60 -57.65 16.92
C GLU I 1785 -72.86 -57.55 18.44
N LYS I 1786 -72.44 -58.54 19.22
CA LYS I 1786 -72.70 -58.59 20.69
C LYS I 1786 -72.05 -57.36 21.35
N ALA I 1787 -70.84 -57.00 20.95
CA ALA I 1787 -70.08 -55.83 21.44
C ALA I 1787 -70.88 -54.56 21.15
N ALA I 1788 -71.28 -54.36 19.90
CA ALA I 1788 -72.10 -53.20 19.50
C ALA I 1788 -73.35 -53.15 20.38
N PHE I 1789 -73.97 -54.30 20.63
CA PHE I 1789 -75.25 -54.33 21.37
C PHE I 1789 -75.01 -53.93 22.83
N GLU I 1790 -73.94 -54.45 23.43
CA GLU I 1790 -73.67 -54.20 24.86
C GLU I 1790 -73.33 -52.72 25.08
N ASP I 1791 -72.62 -52.12 24.12
CA ASP I 1791 -72.35 -50.66 24.13
C ASP I 1791 -73.68 -49.91 24.12
N LEU I 1792 -74.57 -50.26 23.19
CA LEU I 1792 -75.92 -49.63 23.10
C LEU I 1792 -76.61 -49.77 24.46
N LYS I 1793 -76.62 -50.99 25.03
CA LYS I 1793 -77.32 -51.30 26.29
C LYS I 1793 -76.72 -50.43 27.39
N SER I 1794 -75.40 -50.26 27.39
CA SER I 1794 -74.66 -49.46 28.41
C SER I 1794 -75.06 -47.98 28.32
N LYS I 1795 -75.55 -47.49 27.20
CA LYS I 1795 -76.01 -46.07 27.08
C LYS I 1795 -77.54 -46.01 27.27
N GLY I 1796 -78.15 -47.13 27.69
CA GLY I 1796 -79.58 -47.28 27.99
C GLY I 1796 -80.47 -47.06 26.79
N LEU I 1797 -80.08 -47.61 25.63
CA LEU I 1797 -80.69 -47.28 24.31
C LEU I 1797 -81.60 -48.41 23.83
N ILE I 1798 -81.70 -49.50 24.60
CA ILE I 1798 -82.43 -50.74 24.19
C ILE I 1798 -83.82 -50.71 24.80
N PRO I 1799 -84.89 -50.54 24.01
CA PRO I 1799 -86.24 -50.61 24.54
C PRO I 1799 -86.45 -51.93 25.28
N ALA I 1800 -87.16 -51.86 26.40
CA ALA I 1800 -87.50 -53.00 27.28
C ALA I 1800 -88.21 -54.08 26.45
N ASP I 1801 -89.17 -53.69 25.60
CA ASP I 1801 -90.11 -54.62 24.92
C ASP I 1801 -89.76 -54.76 23.44
N ALA I 1802 -88.50 -54.94 23.08
CA ALA I 1802 -88.05 -55.01 21.68
C ALA I 1802 -88.19 -56.44 21.17
N THR I 1803 -88.73 -56.59 19.96
CA THR I 1803 -88.71 -57.84 19.15
C THR I 1803 -87.32 -57.93 18.52
N PHE I 1804 -86.85 -59.15 18.22
CA PHE I 1804 -85.51 -59.37 17.62
C PHE I 1804 -85.50 -60.68 16.83
N ALA I 1805 -84.66 -60.72 15.81
CA ALA I 1805 -84.40 -61.92 14.98
C ALA I 1805 -83.01 -61.83 14.38
N GLY I 1806 -82.42 -62.97 14.06
CA GLY I 1806 -81.10 -63.02 13.41
C GLY I 1806 -81.14 -63.87 12.17
N HIS I 1807 -80.52 -63.40 11.09
CA HIS I 1807 -80.41 -64.14 9.80
C HIS I 1807 -79.29 -65.16 9.91
N J8W I 1808 -79.63 -66.45 9.76
CA J8W I 1808 -78.65 -67.53 9.78
CB J8W I 1808 -77.84 -67.51 8.47
OG J8W I 1808 -76.44 -67.36 8.67
C J8W I 1808 -77.86 -67.48 11.10
O J8W I 1808 -78.41 -67.81 12.15
C1 J8W I 1808 -74.76 -68.88 7.44
C2 J8W I 1808 -75.31 -67.48 7.71
C3 J8W I 1808 -74.69 -69.56 8.79
O7 J8W I 1808 -74.75 -66.49 7.18
O8 J8W I 1808 -73.80 -69.16 9.56
O9 J8W I 1808 -75.51 -70.46 9.08
N LEU I 1809 -76.61 -67.01 11.05
CA LEU I 1809 -75.72 -66.97 12.20
C LEU I 1809 -76.17 -65.91 13.21
N GLY I 1810 -76.62 -64.77 12.69
CA GLY I 1810 -77.18 -63.66 13.48
C GLY I 1810 -78.14 -64.15 14.56
N GLU I 1811 -78.82 -65.27 14.34
CA GLU I 1811 -79.76 -65.85 15.33
C GLU I 1811 -79.02 -66.01 16.67
N TYR I 1812 -77.76 -66.47 16.64
CA TYR I 1812 -76.95 -66.76 17.86
C TYR I 1812 -76.59 -65.45 18.54
N ALA I 1813 -76.14 -64.44 17.77
CA ALA I 1813 -75.79 -63.11 18.28
C ALA I 1813 -77.03 -62.45 18.90
N ALA I 1814 -78.14 -62.47 18.17
CA ALA I 1814 -79.44 -61.88 18.59
C ALA I 1814 -79.86 -62.49 19.92
N LEU I 1815 -79.87 -63.82 20.04
CA LEU I 1815 -80.28 -64.52 21.29
C LEU I 1815 -79.39 -64.05 22.45
N ALA I 1816 -78.08 -63.95 22.25
CA ALA I 1816 -77.13 -63.58 23.30
C ALA I 1816 -77.30 -62.09 23.63
N SER I 1817 -77.49 -61.27 22.62
CA SER I 1817 -77.57 -59.80 22.76
C SER I 1817 -78.83 -59.38 23.53
N LEU I 1818 -79.95 -60.12 23.42
CA LEU I 1818 -81.24 -59.65 23.99
C LEU I 1818 -81.78 -60.56 25.08
N ALA I 1819 -81.30 -61.79 25.22
CA ALA I 1819 -81.80 -62.70 26.28
C ALA I 1819 -80.62 -63.26 27.09
N ASP I 1820 -79.42 -62.74 26.84
CA ASP I 1820 -78.17 -63.15 27.51
C ASP I 1820 -78.26 -64.65 27.84
N VAL I 1821 -78.68 -65.44 26.86
CA VAL I 1821 -78.90 -66.91 26.94
C VAL I 1821 -77.55 -67.60 27.20
N MET I 1822 -76.46 -67.04 26.68
CA MET I 1822 -75.08 -67.57 26.80
C MET I 1822 -74.14 -66.43 27.20
N SER I 1823 -73.13 -66.79 28.00
CA SER I 1823 -71.94 -65.96 28.26
C SER I 1823 -71.25 -65.67 26.94
N ILE I 1824 -70.40 -64.65 26.88
CA ILE I 1824 -69.54 -64.42 25.69
C ILE I 1824 -68.75 -65.70 25.40
N GLU I 1825 -68.20 -66.34 26.43
CA GLU I 1825 -67.33 -67.53 26.26
C GLU I 1825 -68.13 -68.64 25.59
N SER I 1826 -69.34 -68.92 26.06
CA SER I 1826 -70.22 -69.99 25.51
C SER I 1826 -70.56 -69.67 24.06
N LEU I 1827 -71.00 -68.44 23.82
CA LEU I 1827 -71.45 -67.96 22.49
C LEU I 1827 -70.38 -68.25 21.43
N VAL I 1828 -69.16 -67.76 21.64
CA VAL I 1828 -68.07 -67.90 20.63
C VAL I 1828 -67.65 -69.38 20.56
N GLU I 1829 -67.67 -70.09 21.69
CA GLU I 1829 -67.31 -71.54 21.73
C GLU I 1829 -68.27 -72.31 20.83
N VAL I 1830 -69.57 -72.03 20.95
CA VAL I 1830 -70.66 -72.75 20.24
C VAL I 1830 -70.55 -72.45 18.74
N VAL I 1831 -70.51 -71.16 18.43
CA VAL I 1831 -70.46 -70.66 17.04
C VAL I 1831 -69.17 -71.12 16.36
N PHE I 1832 -68.07 -71.33 17.09
CA PHE I 1832 -66.78 -71.83 16.55
C PHE I 1832 -66.94 -73.30 16.19
N TYR I 1833 -67.45 -74.09 17.14
CA TYR I 1833 -67.75 -75.53 16.95
C TYR I 1833 -68.65 -75.66 15.73
N ARG I 1834 -69.70 -74.84 15.66
CA ARG I 1834 -70.70 -74.81 14.55
C ARG I 1834 -69.93 -74.69 13.23
N GLY I 1835 -69.16 -73.63 13.04
CA GLY I 1835 -68.34 -73.40 11.83
C GLY I 1835 -67.43 -74.58 11.53
N MET I 1836 -66.90 -75.22 12.55
CA MET I 1836 -65.97 -76.37 12.38
C MET I 1836 -66.78 -77.59 11.89
N THR I 1837 -67.98 -77.81 12.45
CA THR I 1837 -68.92 -78.86 12.01
C THR I 1837 -69.18 -78.69 10.51
N MET I 1838 -69.55 -77.47 10.09
CA MET I 1838 -69.81 -77.14 8.68
C MET I 1838 -68.58 -77.47 7.82
N GLN I 1839 -67.36 -77.26 8.32
CA GLN I 1839 -66.12 -77.44 7.50
C GLN I 1839 -65.83 -78.92 7.27
N VAL I 1840 -66.09 -79.78 8.25
CA VAL I 1840 -65.84 -81.25 8.18
C VAL I 1840 -66.84 -81.90 7.22
N ALA I 1841 -68.08 -81.41 7.16
CA ALA I 1841 -69.24 -82.07 6.49
C ALA I 1841 -69.06 -82.07 4.96
N VAL I 1842 -68.18 -81.21 4.44
CA VAL I 1842 -67.95 -81.02 2.97
C VAL I 1842 -66.58 -81.60 2.59
N PRO I 1843 -66.52 -82.73 1.85
CA PRO I 1843 -65.26 -83.19 1.26
C PRO I 1843 -64.65 -82.10 0.34
N ARG I 1844 -63.43 -81.62 0.65
CA ARG I 1844 -62.70 -80.57 -0.13
C ARG I 1844 -61.34 -81.13 -0.63
N ASP I 1845 -61.33 -82.36 -1.18
CA ASP I 1845 -60.18 -83.31 -1.14
C ASP I 1845 -59.13 -83.04 -2.23
N GLU I 1846 -59.04 -81.82 -2.77
CA GLU I 1846 -58.01 -81.48 -3.80
C GLU I 1846 -57.13 -80.35 -3.24
N LEU I 1847 -57.73 -79.19 -2.99
CA LEU I 1847 -57.25 -78.13 -2.05
C LEU I 1847 -58.51 -77.49 -1.46
N GLY I 1848 -58.51 -76.21 -1.06
CA GLY I 1848 -59.62 -75.56 -0.32
C GLY I 1848 -60.86 -75.26 -1.17
N ARG I 1849 -61.58 -76.30 -1.64
CA ARG I 1849 -62.76 -76.22 -2.57
C ARG I 1849 -63.51 -77.57 -2.66
N SER I 1850 -64.84 -77.52 -2.82
CA SER I 1850 -65.77 -78.69 -2.87
C SER I 1850 -66.67 -78.65 -4.12
N ASN I 1851 -67.44 -79.71 -4.36
CA ASN I 1851 -68.53 -79.75 -5.38
C ASN I 1851 -69.87 -79.38 -4.72
N TYR I 1852 -69.85 -78.36 -3.84
CA TYR I 1852 -71.03 -77.77 -3.13
C TYR I 1852 -70.85 -76.24 -3.05
N GLY I 1853 -71.94 -75.50 -3.32
CA GLY I 1853 -71.99 -74.02 -3.29
C GLY I 1853 -73.43 -73.53 -3.26
N MET I 1854 -73.64 -72.21 -3.36
CA MET I 1854 -75.00 -71.58 -3.36
C MET I 1854 -75.04 -70.30 -4.21
N ILE I 1855 -76.21 -70.05 -4.83
CA ILE I 1855 -76.51 -68.92 -5.75
C ILE I 1855 -77.70 -68.11 -5.18
N ALA I 1856 -77.67 -66.80 -5.42
CA ALA I 1856 -78.72 -65.81 -5.06
C ALA I 1856 -79.58 -65.54 -6.31
N ILE I 1857 -80.87 -65.88 -6.27
CA ILE I 1857 -81.81 -65.82 -7.43
C ILE I 1857 -82.76 -64.64 -7.25
N ASN I 1858 -83.14 -64.01 -8.37
CA ASN I 1858 -84.16 -62.93 -8.46
C ASN I 1858 -85.23 -63.37 -9.47
N PRO I 1859 -86.33 -64.02 -9.03
CA PRO I 1859 -87.37 -64.49 -9.94
C PRO I 1859 -87.94 -63.38 -10.84
N GLY I 1860 -87.91 -62.12 -10.36
CA GLY I 1860 -88.33 -60.94 -11.12
C GLY I 1860 -87.65 -60.83 -12.47
N ARG I 1861 -86.37 -61.22 -12.57
CA ARG I 1861 -85.51 -60.99 -13.75
C ARG I 1861 -85.75 -62.05 -14.82
N VAL I 1862 -86.17 -63.26 -14.45
CA VAL I 1862 -86.58 -64.29 -15.45
C VAL I 1862 -87.78 -63.74 -16.23
N ALA I 1863 -88.90 -63.49 -15.54
CA ALA I 1863 -90.13 -62.84 -16.08
C ALA I 1863 -90.93 -62.27 -14.90
N ALA I 1864 -91.46 -61.05 -15.03
CA ALA I 1864 -92.33 -60.44 -13.99
C ALA I 1864 -93.66 -61.20 -14.12
N SER I 1865 -93.82 -62.26 -13.34
CA SER I 1865 -94.93 -63.27 -13.41
C SER I 1865 -94.40 -64.60 -12.88
N PHE I 1866 -93.08 -64.80 -12.92
CA PHE I 1866 -92.34 -65.93 -12.29
C PHE I 1866 -92.33 -65.71 -10.76
N SER I 1867 -93.24 -66.39 -10.06
CA SER I 1867 -93.54 -66.18 -8.62
C SER I 1867 -92.60 -67.02 -7.75
N GLN I 1868 -92.85 -67.00 -6.43
CA GLN I 1868 -92.22 -67.90 -5.43
C GLN I 1868 -92.56 -69.38 -5.71
N GLU I 1869 -93.84 -69.70 -5.96
CA GLU I 1869 -94.34 -71.05 -6.34
C GLU I 1869 -93.54 -71.58 -7.52
N ALA I 1870 -93.39 -70.74 -8.55
CA ALA I 1870 -92.66 -71.01 -9.81
C ALA I 1870 -91.25 -71.48 -9.49
N LEU I 1871 -90.52 -70.73 -8.65
CA LEU I 1871 -89.10 -71.00 -8.33
C LEU I 1871 -89.00 -72.25 -7.44
N GLN I 1872 -89.84 -72.33 -6.41
CA GLN I 1872 -89.95 -73.50 -5.48
C GLN I 1872 -90.21 -74.78 -6.29
N TYR I 1873 -91.11 -74.72 -7.28
CA TYR I 1873 -91.51 -75.85 -8.14
C TYR I 1873 -90.35 -76.20 -9.10
N VAL I 1874 -89.81 -75.23 -9.84
CA VAL I 1874 -88.67 -75.42 -10.79
C VAL I 1874 -87.49 -76.14 -10.07
N VAL I 1875 -87.18 -75.75 -8.83
CA VAL I 1875 -86.01 -76.27 -8.07
C VAL I 1875 -86.32 -77.67 -7.52
N GLU I 1876 -87.50 -77.85 -6.91
CA GLU I 1876 -88.04 -79.14 -6.40
C GLU I 1876 -87.90 -80.22 -7.51
N ARG I 1877 -88.19 -79.85 -8.77
CA ARG I 1877 -88.17 -80.78 -9.94
C ARG I 1877 -86.74 -81.14 -10.31
N VAL I 1878 -85.85 -80.16 -10.48
CA VAL I 1878 -84.39 -80.37 -10.79
C VAL I 1878 -83.85 -81.35 -9.75
N GLY I 1879 -84.16 -81.11 -8.46
CA GLY I 1879 -83.78 -81.96 -7.31
C GLY I 1879 -84.22 -83.41 -7.49
N LYS I 1880 -85.53 -83.64 -7.65
CA LYS I 1880 -86.16 -84.98 -7.75
C LYS I 1880 -85.65 -85.68 -9.03
N ARG I 1881 -85.75 -85.03 -10.19
CA ARG I 1881 -85.49 -85.71 -11.51
C ARG I 1881 -83.99 -85.88 -11.70
N THR I 1882 -83.16 -84.82 -11.69
CA THR I 1882 -81.68 -84.94 -11.86
C THR I 1882 -81.13 -85.82 -10.72
N GLY I 1883 -81.88 -85.94 -9.60
CA GLY I 1883 -81.52 -86.82 -8.46
C GLY I 1883 -80.44 -86.21 -7.59
N TRP I 1884 -79.79 -85.15 -8.06
CA TRP I 1884 -78.79 -84.34 -7.30
C TRP I 1884 -79.54 -83.35 -6.40
N LEU I 1885 -79.13 -83.23 -5.15
CA LEU I 1885 -79.79 -82.34 -4.16
C LEU I 1885 -79.52 -80.89 -4.54
N VAL I 1886 -80.60 -80.10 -4.62
CA VAL I 1886 -80.61 -78.61 -4.62
C VAL I 1886 -81.91 -78.15 -3.94
N GLU I 1887 -81.84 -77.05 -3.18
CA GLU I 1887 -82.94 -76.54 -2.31
C GLU I 1887 -82.82 -75.03 -2.10
N ILE I 1888 -83.96 -74.38 -1.84
CA ILE I 1888 -84.05 -72.95 -1.42
C ILE I 1888 -83.81 -72.90 0.09
N VAL I 1889 -82.77 -72.20 0.52
CA VAL I 1889 -82.27 -72.22 1.93
C VAL I 1889 -82.47 -70.84 2.58
N ASN I 1890 -82.35 -69.75 1.81
CA ASN I 1890 -82.80 -68.40 2.24
C ASN I 1890 -84.03 -67.98 1.43
N TYR I 1891 -85.16 -67.74 2.12
CA TYR I 1891 -86.28 -66.89 1.65
C TYR I 1891 -86.05 -65.49 2.23
N ASN I 1892 -85.50 -64.57 1.44
CA ASN I 1892 -85.04 -63.24 1.91
C ASN I 1892 -86.12 -62.18 1.62
N VAL I 1893 -86.29 -61.81 0.35
CA VAL I 1893 -87.21 -60.72 -0.13
C VAL I 1893 -88.15 -61.31 -1.18
N GLU I 1894 -89.47 -61.08 -1.05
CA GLU I 1894 -90.51 -61.78 -1.86
C GLU I 1894 -90.34 -61.41 -3.35
N ASN I 1895 -90.30 -62.41 -4.21
CA ASN I 1895 -90.16 -62.28 -5.70
C ASN I 1895 -88.92 -61.45 -6.07
N GLN I 1896 -87.83 -61.47 -5.27
CA GLN I 1896 -86.66 -60.59 -5.51
C GLN I 1896 -85.34 -61.23 -5.05
N GLN I 1897 -85.26 -61.74 -3.82
CA GLN I 1897 -84.03 -62.36 -3.26
C GLN I 1897 -84.37 -63.68 -2.58
N TYR I 1898 -84.02 -64.78 -3.22
CA TYR I 1898 -83.97 -66.15 -2.66
C TYR I 1898 -82.53 -66.65 -2.81
N VAL I 1899 -82.14 -67.65 -2.03
CA VAL I 1899 -80.80 -68.29 -2.14
C VAL I 1899 -81.00 -69.80 -2.10
N ALA I 1900 -80.54 -70.50 -3.15
CA ALA I 1900 -80.55 -71.97 -3.23
C ALA I 1900 -79.10 -72.47 -3.09
N ALA I 1901 -78.95 -73.68 -2.56
CA ALA I 1901 -77.65 -74.33 -2.27
C ALA I 1901 -77.77 -75.83 -2.53
N GLY I 1902 -76.63 -76.47 -2.83
CA GLY I 1902 -76.53 -77.94 -3.02
C GLY I 1902 -75.44 -78.30 -4.01
N ASP I 1903 -75.65 -79.39 -4.74
CA ASP I 1903 -74.69 -79.96 -5.74
C ASP I 1903 -74.37 -78.88 -6.78
N LEU I 1904 -73.08 -78.62 -7.06
CA LEU I 1904 -72.62 -77.56 -8.02
C LEU I 1904 -73.18 -77.81 -9.44
N ARG I 1905 -73.40 -79.09 -9.78
CA ARG I 1905 -74.00 -79.54 -11.06
C ARG I 1905 -75.48 -79.12 -11.10
N ALA I 1906 -76.20 -79.27 -9.97
CA ALA I 1906 -77.65 -78.99 -9.81
C ALA I 1906 -77.93 -77.48 -9.75
N LEU I 1907 -76.92 -76.68 -9.39
CA LEU I 1907 -76.94 -75.19 -9.43
C LEU I 1907 -76.71 -74.74 -10.88
N ASP I 1908 -75.88 -75.48 -11.61
CA ASP I 1908 -75.53 -75.20 -13.03
C ASP I 1908 -76.74 -75.49 -13.93
N THR I 1909 -77.57 -76.49 -13.60
CA THR I 1909 -78.85 -76.78 -14.34
C THR I 1909 -79.83 -75.62 -14.10
N VAL I 1910 -80.09 -75.31 -12.81
CA VAL I 1910 -81.03 -74.23 -12.39
C VAL I 1910 -80.62 -72.91 -13.07
N THR I 1911 -79.38 -72.45 -12.86
CA THR I 1911 -78.89 -71.11 -13.33
C THR I 1911 -79.07 -70.96 -14.85
N ASN I 1912 -79.03 -72.07 -15.62
CA ASN I 1912 -79.22 -72.09 -17.11
C ASN I 1912 -80.70 -72.28 -17.48
N VAL I 1913 -81.37 -73.28 -16.90
CA VAL I 1913 -82.83 -73.58 -17.10
C VAL I 1913 -83.62 -72.25 -16.99
N LEU I 1914 -83.28 -71.42 -16.00
CA LEU I 1914 -83.86 -70.06 -15.80
C LEU I 1914 -83.48 -69.15 -16.98
N ASN I 1915 -82.21 -69.14 -17.40
CA ASN I 1915 -81.72 -68.36 -18.57
C ASN I 1915 -82.50 -68.73 -19.84
N PHE I 1916 -82.96 -69.98 -19.95
CA PHE I 1916 -83.77 -70.51 -21.08
C PHE I 1916 -85.22 -69.98 -20.95
N ILE I 1917 -85.82 -70.05 -19.75
CA ILE I 1917 -87.23 -69.60 -19.50
C ILE I 1917 -87.30 -68.08 -19.71
N LYS I 1918 -86.22 -67.35 -19.44
CA LYS I 1918 -86.11 -65.87 -19.64
C LYS I 1918 -86.05 -65.54 -21.14
N LEU I 1919 -85.17 -66.21 -21.90
CA LEU I 1919 -85.00 -65.98 -23.37
C LEU I 1919 -86.26 -66.44 -24.11
N GLN I 1920 -86.93 -67.49 -23.63
CA GLN I 1920 -88.24 -68.00 -24.16
C GLN I 1920 -89.31 -66.92 -23.94
N LYS I 1921 -89.14 -66.06 -22.93
CA LYS I 1921 -89.89 -64.78 -22.72
C LYS I 1921 -91.36 -65.11 -22.35
N ILE I 1922 -91.60 -66.28 -21.74
CA ILE I 1922 -92.97 -66.84 -21.51
C ILE I 1922 -93.55 -66.24 -20.21
N ASP I 1923 -94.84 -65.91 -20.25
CA ASP I 1923 -95.67 -65.43 -19.10
C ASP I 1923 -96.30 -66.66 -18.42
N ILE I 1924 -95.98 -66.87 -17.13
CA ILE I 1924 -96.35 -68.09 -16.35
C ILE I 1924 -97.88 -68.21 -16.28
N ILE I 1925 -98.56 -67.19 -15.73
CA ILE I 1925 -100.02 -67.20 -15.39
C ILE I 1925 -100.84 -67.59 -16.64
N GLU I 1926 -100.46 -67.11 -17.84
CA GLU I 1926 -101.17 -67.42 -19.11
C GLU I 1926 -100.95 -68.90 -19.49
N LEU I 1927 -99.70 -69.29 -19.77
CA LEU I 1927 -99.33 -70.66 -20.23
C LEU I 1927 -99.22 -71.65 -19.06
N GLN I 1928 -99.78 -71.28 -17.87
CA GLN I 1928 -100.04 -72.20 -16.73
C GLN I 1928 -101.33 -72.99 -17.04
N LYS I 1929 -102.28 -73.09 -16.09
CA LYS I 1929 -103.48 -73.99 -16.13
C LYS I 1929 -104.32 -73.74 -17.41
N SER I 1930 -104.28 -72.54 -17.99
CA SER I 1930 -105.04 -72.14 -19.20
C SER I 1930 -104.55 -72.91 -20.44
N LEU I 1931 -103.25 -72.79 -20.80
CA LEU I 1931 -102.65 -73.49 -21.98
C LEU I 1931 -102.52 -74.98 -21.68
N SER I 1932 -101.78 -75.35 -20.61
CA SER I 1932 -101.44 -76.76 -20.26
C SER I 1932 -101.58 -77.00 -18.73
N LEU I 1933 -102.47 -77.93 -18.33
CA LEU I 1933 -102.80 -78.26 -16.92
C LEU I 1933 -101.95 -79.47 -16.46
N GLU I 1934 -101.11 -79.26 -15.43
CA GLU I 1934 -100.27 -80.24 -14.65
C GLU I 1934 -99.24 -80.97 -15.53
N GLU I 1935 -99.59 -81.39 -16.76
CA GLU I 1935 -98.73 -82.20 -17.69
C GLU I 1935 -97.52 -81.37 -18.15
N VAL I 1936 -97.57 -80.04 -17.96
CA VAL I 1936 -96.39 -79.11 -17.95
C VAL I 1936 -95.20 -79.78 -17.25
N GLU I 1937 -95.41 -80.50 -16.13
CA GLU I 1937 -94.36 -81.33 -15.45
C GLU I 1937 -93.61 -82.22 -16.46
N GLY I 1938 -94.34 -82.83 -17.41
CA GLY I 1938 -93.79 -83.59 -18.56
C GLY I 1938 -92.91 -82.72 -19.44
N HIS I 1939 -93.37 -81.49 -19.75
CA HIS I 1939 -92.62 -80.47 -20.54
C HIS I 1939 -91.42 -79.93 -19.74
N LEU I 1940 -91.51 -79.89 -18.41
CA LEU I 1940 -90.44 -79.37 -17.49
C LEU I 1940 -89.26 -80.34 -17.49
N PHE I 1941 -89.48 -81.63 -17.19
CA PHE I 1941 -88.43 -82.70 -17.23
C PHE I 1941 -87.63 -82.62 -18.54
N GLU I 1942 -88.34 -82.35 -19.66
CA GLU I 1942 -87.79 -82.18 -21.05
C GLU I 1942 -86.75 -81.05 -21.08
N ILE I 1943 -87.01 -79.94 -20.38
CA ILE I 1943 -86.15 -78.71 -20.33
C ILE I 1943 -85.04 -78.90 -19.27
N ILE I 1944 -85.31 -79.71 -18.23
CA ILE I 1944 -84.33 -80.07 -17.16
C ILE I 1944 -83.23 -80.96 -17.77
N ASP I 1945 -83.65 -82.03 -18.46
CA ASP I 1945 -82.76 -83.09 -19.02
C ASP I 1945 -81.83 -82.49 -20.08
N GLU I 1946 -82.28 -81.46 -20.82
CA GLU I 1946 -81.50 -80.75 -21.89
C GLU I 1946 -80.52 -79.73 -21.28
N ALA I 1947 -80.67 -79.38 -19.99
CA ALA I 1947 -79.68 -78.56 -19.24
C ALA I 1947 -78.90 -79.47 -18.28
N SER I 1948 -79.49 -80.61 -17.90
CA SER I 1948 -78.98 -81.54 -16.84
C SER I 1948 -77.75 -82.31 -17.33
N LYS I 1949 -77.80 -82.90 -18.54
CA LYS I 1949 -76.68 -83.73 -19.09
C LYS I 1949 -75.58 -82.82 -19.65
N LYS I 1950 -75.87 -81.52 -19.87
CA LYS I 1950 -74.88 -80.48 -20.26
C LYS I 1950 -73.96 -80.18 -19.07
N SER I 1951 -74.51 -80.27 -17.84
CA SER I 1951 -73.81 -80.02 -16.55
C SER I 1951 -73.38 -81.32 -15.85
N ALA I 1952 -73.77 -82.49 -16.38
CA ALA I 1952 -73.49 -83.83 -15.79
C ALA I 1952 -72.09 -84.33 -16.17
N VAL I 1953 -71.31 -83.53 -16.92
CA VAL I 1953 -69.89 -83.77 -17.31
C VAL I 1953 -69.22 -82.40 -17.54
N LYS I 1954 -68.31 -81.97 -16.64
CA LYS I 1954 -67.58 -80.67 -16.70
C LYS I 1954 -66.24 -80.83 -16.00
N PRO I 1955 -65.40 -79.77 -15.82
CA PRO I 1955 -64.39 -79.77 -14.75
C PRO I 1955 -65.04 -80.17 -13.41
N ARG I 1956 -64.59 -81.25 -12.77
CA ARG I 1956 -65.35 -81.98 -11.71
C ARG I 1956 -65.55 -81.12 -10.46
N PRO I 1957 -64.58 -80.25 -10.07
CA PRO I 1957 -64.86 -79.16 -9.13
C PRO I 1957 -65.36 -77.89 -9.84
N LEU I 1958 -66.50 -77.99 -10.56
CA LEU I 1958 -66.90 -77.07 -11.67
C LEU I 1958 -67.19 -75.66 -11.16
N LYS I 1959 -66.69 -74.64 -11.88
CA LYS I 1959 -66.94 -73.19 -11.59
C LYS I 1959 -68.42 -72.94 -11.88
N LEU I 1960 -69.06 -72.04 -11.11
CA LEU I 1960 -70.49 -71.66 -11.25
C LEU I 1960 -70.56 -70.24 -11.81
N GLU I 1961 -71.26 -70.09 -12.93
CA GLU I 1961 -71.31 -68.85 -13.75
C GLU I 1961 -72.61 -68.09 -13.42
N ARG I 1962 -72.70 -66.83 -13.90
CA ARG I 1962 -73.86 -65.91 -13.71
C ARG I 1962 -74.96 -66.26 -14.73
N GLY I 1963 -76.19 -65.77 -14.54
CA GLY I 1963 -77.32 -66.07 -15.44
C GLY I 1963 -78.52 -65.18 -15.24
N PHE I 1964 -78.46 -63.92 -15.72
CA PHE I 1964 -79.57 -62.92 -15.74
C PHE I 1964 -80.18 -62.78 -14.34
N ALA I 1965 -80.74 -63.89 -13.83
CA ALA I 1965 -81.45 -64.01 -12.54
C ALA I 1965 -80.51 -64.40 -11.38
N CYS I 1966 -79.47 -65.20 -11.67
CA CYS I 1966 -78.67 -65.95 -10.66
C CYS I 1966 -77.26 -65.36 -10.56
N ILE I 1967 -76.87 -64.91 -9.35
CA ILE I 1967 -75.47 -64.52 -8.98
C ILE I 1967 -74.89 -65.63 -8.08
N PRO I 1968 -73.73 -66.24 -8.43
CA PRO I 1968 -73.05 -67.17 -7.52
C PRO I 1968 -72.48 -66.39 -6.33
N LEU I 1969 -72.66 -66.92 -5.11
CA LEU I 1969 -72.22 -66.25 -3.85
C LEU I 1969 -70.70 -66.44 -3.69
N VAL I 1970 -69.99 -65.31 -3.56
CA VAL I 1970 -68.50 -65.14 -3.49
C VAL I 1970 -67.81 -66.45 -3.02
N GLY I 1971 -67.75 -67.47 -3.90
CA GLY I 1971 -67.18 -68.82 -3.68
C GLY I 1971 -67.33 -69.38 -2.26
N ILE I 1972 -68.52 -69.41 -1.68
CA ILE I 1972 -68.85 -70.09 -0.38
C ILE I 1972 -68.87 -71.61 -0.65
N SER I 1973 -68.00 -72.38 0.02
CA SER I 1973 -67.73 -73.82 -0.28
C SER I 1973 -68.83 -74.72 0.32
N VAL I 1974 -69.62 -74.19 1.25
CA VAL I 1974 -70.50 -74.96 2.17
C VAL I 1974 -71.97 -74.78 1.76
N PRO I 1975 -72.79 -75.86 1.75
CA PRO I 1975 -74.23 -75.74 1.52
C PRO I 1975 -75.07 -75.46 2.78
N PHE I 1976 -74.89 -74.29 3.41
CA PHE I 1976 -75.59 -73.89 4.67
C PHE I 1976 -77.10 -74.12 4.51
N HIS I 1977 -77.75 -74.62 5.56
CA HIS I 1977 -79.24 -74.69 5.72
C HIS I 1977 -79.88 -75.68 4.71
N SER I 1978 -79.07 -76.40 3.92
CA SER I 1978 -79.49 -77.54 3.07
C SER I 1978 -79.67 -78.77 3.97
N THR I 1979 -80.38 -79.81 3.51
CA THR I 1979 -80.60 -81.06 4.29
C THR I 1979 -79.30 -81.87 4.33
N TYR I 1980 -78.33 -81.57 3.46
CA TYR I 1980 -76.97 -82.18 3.48
C TYR I 1980 -76.45 -82.20 4.93
N LEU I 1981 -76.66 -81.10 5.68
CA LEU I 1981 -76.14 -80.92 7.07
C LEU I 1981 -77.05 -81.59 8.11
N MET I 1982 -78.09 -82.34 7.71
CA MET I 1982 -79.00 -83.06 8.64
C MET I 1982 -78.20 -84.08 9.46
N ASN I 1983 -77.10 -84.58 8.90
CA ASN I 1983 -76.12 -85.48 9.58
C ASN I 1983 -75.63 -84.84 10.88
N GLY I 1984 -75.32 -83.53 10.84
CA GLY I 1984 -74.70 -82.78 11.95
C GLY I 1984 -75.68 -82.31 13.01
N VAL I 1985 -77.00 -82.49 12.83
CA VAL I 1985 -78.04 -81.95 13.75
C VAL I 1985 -78.00 -82.69 15.09
N LYS I 1986 -78.06 -84.03 15.08
CA LYS I 1986 -78.07 -84.88 16.29
C LYS I 1986 -76.88 -84.55 17.20
N PRO I 1987 -75.62 -84.52 16.70
CA PRO I 1987 -74.46 -84.20 17.54
C PRO I 1987 -74.42 -82.73 18.00
N PHE I 1988 -74.70 -81.80 17.09
CA PHE I 1988 -74.70 -80.33 17.36
C PHE I 1988 -75.75 -80.03 18.43
N LYS I 1989 -76.90 -80.71 18.40
CA LYS I 1989 -77.97 -80.59 19.43
C LYS I 1989 -77.40 -80.98 20.79
N SER I 1990 -76.76 -82.15 20.89
CA SER I 1990 -76.14 -82.67 22.14
C SER I 1990 -75.12 -81.65 22.67
N PHE I 1991 -74.41 -80.97 21.77
CA PHE I 1991 -73.39 -79.95 22.08
C PHE I 1991 -74.05 -78.67 22.58
N LEU I 1992 -75.10 -78.22 21.90
CA LEU I 1992 -75.89 -77.02 22.30
C LEU I 1992 -76.44 -77.21 23.71
N LYS I 1993 -76.92 -78.41 24.05
CA LYS I 1993 -77.51 -78.74 25.38
C LYS I 1993 -76.45 -78.58 26.46
N LYS I 1994 -75.20 -78.91 26.15
CA LYS I 1994 -74.05 -78.86 27.10
C LYS I 1994 -73.58 -77.42 27.28
N ASN I 1995 -73.70 -76.56 26.27
CA ASN I 1995 -73.11 -75.19 26.28
C ASN I 1995 -74.18 -74.11 26.53
N ILE I 1996 -75.48 -74.43 26.40
CA ILE I 1996 -76.60 -73.54 26.82
C ILE I 1996 -77.28 -74.15 28.03
N ILE I 1997 -76.93 -73.70 29.23
CA ILE I 1997 -77.47 -74.23 30.52
C ILE I 1997 -78.91 -73.72 30.69
N LYS I 1998 -79.81 -74.60 31.14
CA LYS I 1998 -81.27 -74.36 31.36
C LYS I 1998 -81.51 -73.08 32.18
N GLU I 1999 -80.82 -72.95 33.31
CA GLU I 1999 -81.00 -71.87 34.32
C GLU I 1999 -80.77 -70.49 33.70
N ASN I 2000 -80.08 -70.40 32.56
CA ASN I 2000 -79.76 -69.12 31.88
C ASN I 2000 -80.84 -68.71 30.86
N VAL I 2001 -81.90 -69.49 30.70
CA VAL I 2001 -83.00 -69.19 29.72
C VAL I 2001 -84.14 -68.49 30.47
N LYS I 2002 -84.21 -67.17 30.38
CA LYS I 2002 -85.29 -66.35 31.00
C LYS I 2002 -86.44 -66.24 30.01
N VAL I 2003 -87.55 -66.93 30.26
CA VAL I 2003 -88.64 -67.10 29.25
C VAL I 2003 -89.18 -65.72 28.87
N ALA I 2004 -89.22 -64.78 29.82
CA ALA I 2004 -89.74 -63.40 29.66
C ALA I 2004 -89.02 -62.66 28.52
N ARG I 2005 -87.73 -62.96 28.32
CA ARG I 2005 -86.83 -62.20 27.40
C ARG I 2005 -86.90 -62.81 26.00
N LEU I 2006 -87.58 -63.95 25.86
CA LEU I 2006 -87.78 -64.68 24.57
C LEU I 2006 -89.25 -64.59 24.12
N ALA I 2007 -90.19 -64.87 25.03
CA ALA I 2007 -91.64 -64.97 24.78
C ALA I 2007 -92.11 -63.75 23.98
N GLY I 2008 -92.60 -63.98 22.77
CA GLY I 2008 -93.25 -62.97 21.91
C GLY I 2008 -92.27 -61.93 21.39
N LYS I 2009 -90.96 -62.17 21.50
CA LYS I 2009 -89.92 -61.22 20.99
C LYS I 2009 -88.97 -61.95 20.04
N TYR I 2010 -88.49 -63.15 20.40
CA TYR I 2010 -87.55 -63.98 19.60
C TYR I 2010 -88.30 -64.55 18.40
N ILE I 2011 -87.85 -64.20 17.18
CA ILE I 2011 -88.39 -64.75 15.90
C ILE I 2011 -87.32 -65.63 15.26
N PRO I 2012 -87.41 -66.96 15.47
CA PRO I 2012 -86.47 -67.91 14.86
C PRO I 2012 -86.49 -67.95 13.32
N ASN I 2013 -85.62 -68.79 12.74
CA ASN I 2013 -85.48 -68.98 11.28
C ASN I 2013 -86.23 -70.25 10.89
N LEU I 2014 -86.31 -71.22 11.80
CA LEU I 2014 -87.04 -72.49 11.58
C LEU I 2014 -88.53 -72.18 11.41
N THR I 2015 -89.11 -71.50 12.40
CA THR I 2015 -90.56 -71.15 12.49
C THR I 2015 -90.65 -69.64 12.53
N ALA I 2016 -90.82 -68.95 11.42
CA ALA I 2016 -90.78 -67.47 11.37
C ALA I 2016 -91.95 -66.90 12.19
N LYS I 2017 -92.04 -67.30 13.47
CA LYS I 2017 -93.22 -67.06 14.37
C LYS I 2017 -92.70 -66.79 15.79
N PRO I 2018 -93.11 -65.68 16.43
CA PRO I 2018 -92.61 -65.33 17.76
C PRO I 2018 -92.62 -66.49 18.76
N PHE I 2019 -91.46 -66.76 19.39
CA PHE I 2019 -91.22 -67.82 20.41
C PHE I 2019 -92.33 -67.78 21.46
N GLN I 2020 -93.01 -68.90 21.65
CA GLN I 2020 -93.98 -69.10 22.76
C GLN I 2020 -93.82 -70.53 23.26
N VAL I 2021 -93.90 -70.69 24.58
CA VAL I 2021 -93.81 -72.02 25.26
C VAL I 2021 -95.25 -72.57 25.33
N THR I 2022 -95.78 -72.92 24.16
CA THR I 2022 -97.19 -73.30 23.92
C THR I 2022 -97.24 -74.58 23.07
N LYS I 2023 -98.16 -75.49 23.38
CA LYS I 2023 -98.33 -76.79 22.67
C LYS I 2023 -98.42 -76.55 21.15
N GLU I 2024 -99.12 -75.50 20.74
CA GLU I 2024 -99.27 -75.05 19.32
C GLU I 2024 -97.88 -74.87 18.68
N TYR I 2025 -96.95 -74.24 19.39
CA TYR I 2025 -95.59 -73.92 18.89
C TYR I 2025 -94.79 -75.22 18.73
N PHE I 2026 -94.71 -76.01 19.82
CA PHE I 2026 -94.07 -77.35 19.85
C PHE I 2026 -94.58 -78.19 18.67
N GLN I 2027 -95.89 -78.16 18.45
CA GLN I 2027 -96.54 -78.83 17.28
C GLN I 2027 -95.90 -78.29 15.99
N ASP I 2028 -95.99 -76.99 15.73
CA ASP I 2028 -95.44 -76.35 14.49
C ASP I 2028 -93.98 -76.80 14.30
N VAL I 2029 -93.18 -76.80 15.36
CA VAL I 2029 -91.74 -77.22 15.32
C VAL I 2029 -91.69 -78.66 14.81
N TYR I 2030 -92.37 -79.57 15.50
CA TYR I 2030 -92.45 -81.01 15.14
C TYR I 2030 -92.79 -81.15 13.65
N ASP I 2031 -93.74 -80.35 13.16
CA ASP I 2031 -94.27 -80.42 11.76
C ASP I 2031 -93.14 -80.16 10.75
N LEU I 2032 -92.08 -79.42 11.10
CA LEU I 2032 -90.92 -79.18 10.19
C LEU I 2032 -89.66 -79.88 10.69
N THR I 2033 -89.76 -80.90 11.55
CA THR I 2033 -88.57 -81.44 12.27
C THR I 2033 -88.63 -82.96 12.40
N GLY I 2034 -89.73 -83.48 12.95
CA GLY I 2034 -89.87 -84.90 13.35
C GLY I 2034 -89.14 -85.17 14.67
N SER I 2035 -88.71 -84.12 15.36
CA SER I 2035 -87.90 -84.22 16.61
C SER I 2035 -88.60 -85.16 17.59
N GLU I 2036 -87.90 -86.21 18.01
CA GLU I 2036 -88.42 -87.24 18.96
C GLU I 2036 -88.60 -86.60 20.34
N PRO I 2037 -87.58 -85.90 20.89
CA PRO I 2037 -87.74 -85.18 22.17
C PRO I 2037 -88.90 -84.19 22.20
N ILE I 2038 -89.20 -83.52 21.08
CA ILE I 2038 -90.33 -82.55 20.95
C ILE I 2038 -91.66 -83.32 20.97
N LYS I 2039 -91.79 -84.34 20.12
CA LYS I 2039 -93.02 -85.18 20.01
C LYS I 2039 -93.45 -85.59 21.43
N GLU I 2040 -92.56 -86.24 22.18
CA GLU I 2040 -92.90 -86.86 23.51
C GLU I 2040 -93.32 -85.76 24.50
N ILE I 2041 -92.87 -84.52 24.31
CA ILE I 2041 -93.29 -83.34 25.12
C ILE I 2041 -94.73 -82.97 24.75
N ILE I 2042 -95.07 -82.89 23.46
CA ILE I 2042 -96.46 -82.61 22.97
C ILE I 2042 -97.39 -83.63 23.63
N ASP I 2043 -97.05 -84.93 23.51
CA ASP I 2043 -97.84 -86.10 24.00
C ASP I 2043 -98.14 -85.93 25.50
N ASN I 2044 -97.20 -85.40 26.28
CA ASN I 2044 -97.33 -85.24 27.75
C ASN I 2044 -97.44 -83.76 28.13
N TRP I 2045 -98.13 -82.93 27.32
CA TRP I 2045 -98.28 -81.46 27.57
C TRP I 2045 -98.92 -81.23 28.96
N GLU I 2046 -99.26 -82.31 29.67
CA GLU I 2046 -99.71 -82.30 31.09
C GLU I 2046 -98.47 -82.27 32.00
N LYS I 2047 -97.57 -81.32 31.68
CA LYS I 2047 -96.44 -80.80 32.51
C LYS I 2047 -96.93 -79.58 33.28
N TYR I 2048 -98.24 -79.31 33.28
CA TYR I 2048 -98.90 -78.32 34.18
C TYR I 2048 -98.69 -78.73 35.64
N GLU I 2049 -98.73 -80.03 35.93
CA GLU I 2049 -98.33 -80.62 37.25
C GLU I 2049 -96.81 -80.49 37.39
N GLN I 2050 -96.33 -80.05 38.56
CA GLN I 2050 -94.89 -80.05 39.00
C GLN I 2050 -93.99 -80.75 37.98
N TYR J 4 121.37 -53.74 -12.42
CA TYR J 4 121.36 -53.29 -11.00
C TYR J 4 119.89 -53.05 -10.58
N SER J 5 119.65 -52.09 -9.69
CA SER J 5 118.29 -51.77 -9.15
C SER J 5 117.49 -51.05 -10.24
N THR J 6 116.19 -50.86 -9.99
CA THR J 6 115.19 -50.40 -11.01
C THR J 6 114.59 -49.06 -10.51
N ARG J 7 113.32 -49.04 -10.10
CA ARG J 7 112.58 -47.87 -9.53
C ARG J 7 111.35 -47.55 -10.39
N PRO J 8 110.11 -47.50 -9.81
CA PRO J 8 108.88 -47.39 -10.60
C PRO J 8 108.64 -46.01 -11.25
N LEU J 9 107.83 -46.00 -12.31
CA LEU J 9 107.32 -44.81 -13.02
C LEU J 9 105.89 -45.09 -13.52
N THR J 10 104.88 -44.56 -12.83
CA THR J 10 103.44 -44.76 -13.19
C THR J 10 103.11 -43.96 -14.45
N LEU J 11 102.88 -44.63 -15.58
CA LEU J 11 102.13 -44.08 -16.75
C LEU J 11 100.64 -44.20 -16.42
N SER J 12 99.84 -43.16 -16.65
CA SER J 12 98.40 -43.13 -16.25
C SER J 12 97.57 -42.20 -17.13
N HIS J 13 96.28 -42.53 -17.24
CA HIS J 13 95.20 -41.69 -17.80
C HIS J 13 93.89 -42.13 -17.12
N GLY J 14 93.40 -41.32 -16.17
CA GLY J 14 92.21 -41.64 -15.35
C GLY J 14 92.41 -42.92 -14.56
N SER J 15 91.48 -43.87 -14.68
CA SER J 15 91.42 -45.16 -13.92
C SER J 15 92.68 -45.99 -14.15
N LEU J 16 93.11 -46.11 -15.41
CA LEU J 16 94.08 -47.14 -15.87
C LEU J 16 95.51 -46.58 -15.79
N GLU J 17 96.46 -47.46 -15.43
CA GLU J 17 97.90 -47.14 -15.29
C GLU J 17 98.74 -48.34 -15.77
N HIS J 18 100.06 -48.14 -15.86
CA HIS J 18 101.10 -49.18 -16.08
C HIS J 18 102.35 -48.83 -15.28
N VAL J 19 102.72 -49.67 -14.30
CA VAL J 19 103.91 -49.47 -13.43
C VAL J 19 105.14 -49.93 -14.25
N LEU J 20 106.10 -49.02 -14.47
CA LEU J 20 107.23 -49.17 -15.42
C LEU J 20 108.53 -49.30 -14.62
N LEU J 21 109.18 -50.47 -14.69
CA LEU J 21 110.41 -50.79 -13.92
C LEU J 21 111.61 -50.22 -14.69
N VAL J 22 111.84 -48.91 -14.53
CA VAL J 22 112.89 -48.14 -15.27
C VAL J 22 114.21 -48.34 -14.54
N PRO J 23 115.31 -48.75 -15.22
CA PRO J 23 116.64 -48.80 -14.59
C PRO J 23 117.00 -47.46 -13.96
N THR J 24 117.68 -47.49 -12.81
CA THR J 24 118.14 -46.29 -12.06
C THR J 24 118.82 -45.30 -13.02
N ALA J 25 119.72 -45.78 -13.90
CA ALA J 25 120.47 -44.99 -14.91
C ALA J 25 119.51 -44.09 -15.71
N SER J 26 118.49 -44.70 -16.35
CA SER J 26 117.60 -44.05 -17.35
C SER J 26 116.40 -43.34 -16.70
N PHE J 27 116.32 -43.24 -15.36
CA PHE J 27 115.11 -42.69 -14.67
C PHE J 27 115.03 -41.17 -14.88
N PHE J 28 116.16 -40.46 -14.83
CA PHE J 28 116.24 -38.98 -15.02
C PHE J 28 115.48 -38.63 -16.31
N ILE J 29 115.90 -39.21 -17.43
CA ILE J 29 115.36 -38.94 -18.81
C ILE J 29 113.89 -39.42 -18.87
N ALA J 30 113.61 -40.63 -18.37
CA ALA J 30 112.30 -41.34 -18.49
C ALA J 30 111.15 -40.51 -17.91
N SER J 31 111.31 -39.97 -16.69
CA SER J 31 110.27 -39.19 -15.96
C SER J 31 110.06 -37.81 -16.59
N GLN J 32 111.05 -37.32 -17.36
CA GLN J 32 110.91 -36.11 -18.22
C GLN J 32 109.83 -36.38 -19.28
N LEU J 33 109.99 -37.46 -20.06
CA LEU J 33 109.04 -37.88 -21.14
C LEU J 33 107.64 -38.08 -20.54
N GLN J 34 107.57 -38.86 -19.44
CA GLN J 34 106.37 -39.09 -18.59
C GLN J 34 105.58 -37.78 -18.41
N GLU J 35 106.25 -36.71 -17.97
CA GLU J 35 105.62 -35.41 -17.62
C GLU J 35 105.08 -34.74 -18.90
N GLN J 36 105.94 -34.54 -19.91
CA GLN J 36 105.59 -33.90 -21.22
C GLN J 36 104.46 -34.68 -21.90
N PHE J 37 104.40 -36.01 -21.68
CA PHE J 37 103.37 -36.94 -22.21
C PHE J 37 102.01 -36.65 -21.53
N ASN J 38 101.98 -36.64 -20.19
CA ASN J 38 100.73 -36.55 -19.38
C ASN J 38 99.89 -35.32 -19.78
N LYS J 39 100.53 -34.21 -20.20
CA LYS J 39 99.82 -32.97 -20.63
C LYS J 39 99.14 -33.17 -21.99
N ILE J 40 99.76 -33.90 -22.94
CA ILE J 40 99.23 -34.04 -24.33
C ILE J 40 98.05 -35.04 -24.34
N LEU J 41 97.88 -35.87 -23.29
CA LEU J 41 96.66 -36.72 -23.15
C LEU J 41 95.49 -35.79 -22.85
N PRO J 42 94.27 -36.03 -23.40
CA PRO J 42 93.10 -35.23 -23.06
C PRO J 42 92.59 -35.60 -21.65
N GLU J 43 91.53 -34.93 -21.20
CA GLU J 43 90.85 -35.21 -19.92
C GLU J 43 90.17 -36.57 -20.03
N PRO J 44 90.30 -37.49 -19.04
CA PRO J 44 89.50 -38.71 -18.99
C PRO J 44 87.97 -38.50 -19.10
N THR J 45 87.23 -39.48 -19.64
CA THR J 45 85.73 -39.54 -19.69
C THR J 45 85.28 -40.93 -19.18
N GLU J 46 83.97 -41.17 -19.02
CA GLU J 46 83.40 -42.52 -18.72
C GLU J 46 83.53 -43.37 -19.99
N GLY J 47 84.03 -44.60 -19.84
CA GLY J 47 84.27 -45.56 -20.95
C GLY J 47 85.52 -45.21 -21.76
N PHE J 48 86.08 -44.00 -21.57
CA PHE J 48 87.21 -43.43 -22.35
C PHE J 48 86.80 -43.34 -23.84
N ALA J 49 85.62 -42.77 -24.11
CA ALA J 49 84.92 -42.83 -25.41
C ALA J 49 85.56 -41.91 -26.46
N ALA J 50 86.22 -40.81 -26.07
CA ALA J 50 86.85 -39.83 -27.01
C ALA J 50 87.85 -40.54 -27.93
N ASP J 51 87.96 -40.09 -29.19
CA ASP J 51 88.77 -40.75 -30.26
C ASP J 51 90.22 -40.98 -29.78
N ASP J 52 90.86 -39.92 -29.30
CA ASP J 52 92.29 -39.89 -28.90
C ASP J 52 92.42 -40.17 -27.39
N GLU J 53 91.81 -41.26 -26.90
CA GLU J 53 91.69 -41.54 -25.44
C GLU J 53 91.87 -43.04 -25.19
N PRO J 54 93.02 -43.50 -24.64
CA PRO J 54 93.28 -44.94 -24.52
C PRO J 54 92.37 -45.65 -23.51
N THR J 55 91.67 -46.70 -23.94
CA THR J 55 90.63 -47.43 -23.16
C THR J 55 91.27 -48.51 -22.29
N THR J 56 92.50 -48.95 -22.60
CA THR J 56 93.20 -50.06 -21.88
C THR J 56 94.60 -49.64 -21.45
N PRO J 57 95.22 -50.35 -20.49
CA PRO J 57 96.64 -50.16 -20.16
C PRO J 57 97.58 -50.35 -21.38
N ALA J 58 97.26 -51.30 -22.26
CA ALA J 58 98.04 -51.65 -23.47
C ALA J 58 98.08 -50.46 -24.44
N GLU J 59 96.90 -49.87 -24.72
CA GLU J 59 96.76 -48.69 -25.60
C GLU J 59 97.61 -47.54 -25.06
N LEU J 60 97.52 -47.32 -23.74
CA LEU J 60 98.26 -46.26 -22.99
C LEU J 60 99.75 -46.37 -23.33
N VAL J 61 100.36 -47.53 -23.09
CA VAL J 61 101.79 -47.81 -23.38
C VAL J 61 101.99 -47.68 -24.89
N GLY J 62 101.00 -48.08 -25.70
CA GLY J 62 100.91 -47.78 -27.14
C GLY J 62 101.20 -46.32 -27.43
N LYS J 63 100.37 -45.41 -26.90
CA LYS J 63 100.47 -43.93 -27.11
C LYS J 63 101.87 -43.43 -26.71
N PHE J 64 102.46 -43.98 -25.65
CA PHE J 64 103.78 -43.58 -25.10
C PHE J 64 104.88 -43.95 -26.10
N LEU J 65 104.86 -45.19 -26.61
CA LEU J 65 105.79 -45.66 -27.67
C LEU J 65 105.72 -44.69 -28.85
N GLY J 66 104.50 -44.35 -29.28
CA GLY J 66 104.21 -43.41 -30.39
C GLY J 66 104.76 -42.01 -30.15
N TYR J 67 104.55 -41.47 -28.93
CA TYR J 67 105.09 -40.15 -28.51
C TYR J 67 106.63 -40.18 -28.55
N VAL J 68 107.25 -41.15 -27.85
CA VAL J 68 108.73 -41.25 -27.68
C VAL J 68 109.39 -41.47 -29.05
N SER J 69 108.74 -42.23 -29.94
CA SER J 69 109.16 -42.49 -31.35
C SER J 69 109.23 -41.19 -32.16
N SER J 70 108.30 -40.27 -31.93
CA SER J 70 108.19 -38.97 -32.63
C SER J 70 109.39 -38.08 -32.26
N LEU J 71 110.02 -38.27 -31.09
CA LEU J 71 111.20 -37.48 -30.64
C LEU J 71 112.51 -38.22 -30.96
N VAL J 72 112.47 -39.28 -31.78
CA VAL J 72 113.67 -40.06 -32.19
C VAL J 72 113.91 -39.81 -33.69
N GLU J 73 115.18 -39.57 -34.03
CA GLU J 73 115.66 -39.15 -35.39
C GLU J 73 116.19 -40.39 -36.10
N PRO J 74 115.90 -40.57 -37.42
CA PRO J 74 116.30 -41.79 -38.14
C PRO J 74 117.80 -41.89 -38.51
N SER J 75 118.32 -43.10 -38.27
CA SER J 75 119.73 -43.56 -38.52
C SER J 75 120.63 -43.27 -37.30
N LYS J 76 120.80 -41.99 -36.93
CA LYS J 76 121.59 -41.54 -35.75
C LYS J 76 120.78 -41.70 -34.45
N VAL J 77 121.47 -41.72 -33.31
CA VAL J 77 120.95 -42.15 -31.97
C VAL J 77 120.97 -40.91 -31.05
N GLY J 78 119.79 -40.46 -30.61
CA GLY J 78 119.61 -39.48 -29.52
C GLY J 78 119.53 -40.18 -28.18
N GLN J 79 119.06 -39.48 -27.14
CA GLN J 79 119.14 -39.92 -25.71
C GLN J 79 117.91 -40.76 -25.34
N PHE J 80 116.85 -40.67 -26.15
CA PHE J 80 115.52 -41.28 -25.85
C PHE J 80 115.50 -42.74 -26.36
N ASP J 81 116.57 -43.20 -27.00
CA ASP J 81 116.67 -44.55 -27.62
C ASP J 81 116.69 -45.63 -26.54
N GLN J 82 117.49 -45.46 -25.48
CA GLN J 82 117.61 -46.45 -24.36
C GLN J 82 116.28 -46.58 -23.61
N VAL J 83 115.46 -45.52 -23.59
CA VAL J 83 114.11 -45.47 -22.95
C VAL J 83 113.11 -46.23 -23.82
N LEU J 84 113.03 -45.87 -25.10
CA LEU J 84 112.12 -46.49 -26.11
C LEU J 84 112.28 -48.00 -26.03
N ASN J 85 113.53 -48.49 -26.07
CA ASN J 85 113.90 -49.93 -26.09
C ASN J 85 113.34 -50.65 -24.86
N LEU J 86 113.36 -50.00 -23.68
CA LEU J 86 112.85 -50.60 -22.42
C LEU J 86 111.32 -50.60 -22.40
N CYS J 87 110.67 -49.55 -22.90
CA CYS J 87 109.19 -49.47 -23.04
C CYS J 87 108.71 -50.57 -23.99
N LEU J 88 109.40 -50.75 -25.12
CA LEU J 88 109.14 -51.86 -26.09
C LEU J 88 109.25 -53.18 -25.32
N THR J 89 110.40 -53.46 -24.73
CA THR J 89 110.68 -54.71 -23.96
C THR J 89 109.55 -54.93 -22.94
N GLU J 90 109.13 -53.88 -22.22
CA GLU J 90 108.06 -53.95 -21.17
C GLU J 90 106.70 -54.24 -21.85
N PHE J 91 106.39 -53.54 -22.94
CA PHE J 91 105.15 -53.71 -23.74
C PHE J 91 105.07 -55.15 -24.27
N GLU J 92 106.16 -55.61 -24.89
CA GLU J 92 106.26 -56.95 -25.54
C GLU J 92 106.03 -58.04 -24.49
N ASN J 93 106.51 -57.86 -23.26
CA ASN J 93 106.38 -58.85 -22.16
C ASN J 93 104.94 -58.86 -21.63
N CYS J 94 104.41 -57.70 -21.25
CA CYS J 94 103.12 -57.57 -20.51
C CYS J 94 101.92 -57.85 -21.43
N TYR J 95 102.01 -57.53 -22.73
CA TYR J 95 100.82 -57.38 -23.61
C TYR J 95 100.89 -58.28 -24.85
N LEU J 96 102.05 -58.45 -25.48
CA LEU J 96 102.20 -59.30 -26.69
C LEU J 96 102.38 -60.78 -26.29
N GLU J 97 103.20 -61.06 -25.29
CA GLU J 97 103.57 -62.44 -24.84
C GLU J 97 104.10 -63.22 -26.06
N GLY J 98 105.00 -62.60 -26.84
CA GLY J 98 105.65 -63.20 -28.01
C GLY J 98 104.77 -63.23 -29.25
N ASN J 99 103.47 -62.95 -29.10
CA ASN J 99 102.50 -62.94 -30.23
C ASN J 99 102.68 -61.67 -31.06
N ASP J 100 102.03 -61.59 -32.22
CA ASP J 100 102.08 -60.42 -33.13
C ASP J 100 101.14 -59.33 -32.62
N ILE J 101 101.46 -58.07 -32.95
CA ILE J 101 100.66 -56.86 -32.59
C ILE J 101 99.21 -57.03 -33.02
N HIS J 102 98.96 -57.60 -34.21
CA HIS J 102 97.61 -57.76 -34.80
C HIS J 102 96.75 -58.68 -33.93
N ALA J 103 97.35 -59.74 -33.38
CA ALA J 103 96.66 -60.71 -32.49
C ALA J 103 96.19 -60.00 -31.23
N LEU J 104 97.01 -59.11 -30.66
CA LEU J 104 96.66 -58.28 -29.49
C LEU J 104 95.49 -57.36 -29.88
N ALA J 105 95.64 -56.65 -31.00
CA ALA J 105 94.64 -55.68 -31.51
C ALA J 105 93.25 -56.34 -31.56
N ALA J 106 93.18 -57.60 -31.98
CA ALA J 106 91.91 -58.37 -32.13
C ALA J 106 91.35 -58.77 -30.76
N LYS J 107 92.20 -59.13 -29.77
CA LYS J 107 91.75 -59.37 -28.37
C LYS J 107 90.97 -58.14 -27.90
N LEU J 108 91.62 -56.97 -27.98
CA LEU J 108 91.09 -55.70 -27.43
C LEU J 108 89.73 -55.40 -28.07
N LEU J 109 89.53 -55.75 -29.34
CA LEU J 109 88.25 -55.49 -30.08
C LEU J 109 87.10 -56.30 -29.49
N GLN J 110 87.22 -57.63 -29.41
CA GLN J 110 86.14 -58.52 -28.88
C GLN J 110 86.13 -58.40 -27.35
N GLU J 111 87.28 -58.45 -26.68
CA GLU J 111 87.38 -58.56 -25.19
C GLU J 111 87.02 -57.21 -24.53
N ASN J 112 87.68 -56.10 -24.91
CA ASN J 112 87.48 -54.76 -24.29
C ASN J 112 86.57 -53.91 -25.18
N ASP J 113 86.43 -52.62 -24.84
CA ASP J 113 85.62 -51.62 -25.55
C ASP J 113 86.55 -50.62 -26.26
N THR J 114 87.49 -51.11 -27.06
CA THR J 114 88.36 -50.31 -27.96
C THR J 114 87.66 -50.26 -29.33
N THR J 115 87.77 -49.17 -30.08
CA THR J 115 87.24 -49.03 -31.47
C THR J 115 88.30 -49.48 -32.48
N LEU J 116 87.89 -49.73 -33.73
CA LEU J 116 88.80 -50.05 -34.88
C LEU J 116 89.93 -49.02 -34.92
N VAL J 117 89.55 -47.75 -34.99
CA VAL J 117 90.46 -46.59 -35.24
C VAL J 117 91.49 -46.49 -34.11
N LYS J 118 91.12 -46.88 -32.88
CA LYS J 118 92.01 -46.87 -31.68
C LYS J 118 93.02 -48.02 -31.77
N THR J 119 92.63 -49.08 -32.47
CA THR J 119 93.42 -50.33 -32.69
C THR J 119 94.42 -50.07 -33.81
N LYS J 120 93.97 -49.51 -34.94
CA LYS J 120 94.85 -49.08 -36.07
C LYS J 120 95.91 -48.11 -35.53
N GLU J 121 95.57 -47.27 -34.56
CA GLU J 121 96.52 -46.36 -33.86
C GLU J 121 97.53 -47.21 -33.07
N LEU J 122 97.07 -48.22 -32.32
CA LEU J 122 97.95 -49.12 -31.50
C LEU J 122 98.96 -49.80 -32.43
N ILE J 123 98.50 -50.38 -33.54
CA ILE J 123 99.37 -51.08 -34.53
C ILE J 123 100.42 -50.10 -35.06
N LYS J 124 99.98 -48.93 -35.53
CA LYS J 124 100.86 -47.82 -36.01
C LYS J 124 101.96 -47.57 -34.96
N ASN J 125 101.56 -47.27 -33.73
CA ASN J 125 102.48 -46.86 -32.62
C ASN J 125 103.57 -47.92 -32.39
N TYR J 126 103.20 -49.21 -32.33
CA TYR J 126 104.13 -50.33 -31.99
C TYR J 126 105.11 -50.59 -33.14
N ILE J 127 104.63 -50.57 -34.39
CA ILE J 127 105.46 -50.85 -35.59
C ILE J 127 106.38 -49.64 -35.83
N THR J 128 105.84 -48.41 -35.80
CA THR J 128 106.64 -47.16 -35.88
C THR J 128 107.75 -47.22 -34.82
N ALA J 129 107.39 -47.60 -33.59
CA ALA J 129 108.30 -47.72 -32.43
C ALA J 129 109.44 -48.69 -32.74
N ARG J 130 109.13 -49.86 -33.30
CA ARG J 130 110.12 -50.94 -33.58
C ARG J 130 111.18 -50.43 -34.57
N ILE J 131 110.78 -49.72 -35.62
CA ILE J 131 111.71 -49.23 -36.68
C ILE J 131 112.57 -48.09 -36.11
N MET J 132 111.94 -47.09 -35.50
CA MET J 132 112.62 -45.89 -34.91
C MET J 132 113.60 -46.32 -33.81
N ALA J 133 113.38 -47.47 -33.17
CA ALA J 133 114.25 -48.04 -32.10
C ALA J 133 115.33 -48.96 -32.71
N LYS J 134 115.54 -48.91 -34.03
CA LYS J 134 116.57 -49.71 -34.77
C LYS J 134 116.40 -51.20 -34.47
N ARG J 135 115.16 -51.68 -34.29
CA ARG J 135 114.88 -53.11 -34.02
C ARG J 135 113.92 -53.62 -35.10
N PRO J 136 114.40 -53.78 -36.36
CA PRO J 136 113.52 -54.16 -37.46
C PRO J 136 113.04 -55.60 -37.27
N PHE J 137 112.13 -56.08 -38.13
CA PHE J 137 111.57 -57.45 -38.08
C PHE J 137 112.41 -58.35 -38.98
N ASP J 138 113.72 -58.44 -38.76
CA ASP J 138 114.66 -59.31 -39.53
C ASP J 138 114.43 -60.78 -39.15
N LYS J 139 114.27 -61.09 -37.85
CA LYS J 139 114.01 -62.48 -37.36
C LYS J 139 112.76 -63.04 -38.05
N LYS J 140 112.86 -64.30 -38.52
CA LYS J 140 111.74 -65.09 -39.09
C LYS J 140 110.69 -65.32 -37.99
N SER J 141 109.41 -65.30 -38.36
CA SER J 141 108.25 -65.22 -37.45
C SER J 141 107.83 -66.61 -36.96
N ASN J 142 107.21 -66.66 -35.79
CA ASN J 142 106.64 -67.88 -35.16
C ASN J 142 105.20 -68.10 -35.65
N SER J 143 104.79 -67.50 -36.76
CA SER J 143 103.40 -67.60 -37.29
C SER J 143 102.96 -69.06 -37.32
N ALA J 144 101.83 -69.36 -36.71
CA ALA J 144 101.26 -70.73 -36.61
C ALA J 144 100.87 -71.24 -38.00
N LEU J 145 100.31 -70.35 -38.82
CA LEU J 145 99.92 -70.73 -40.21
C LEU J 145 101.18 -71.13 -40.98
N PHE J 146 102.22 -70.29 -40.92
CA PHE J 146 103.42 -70.44 -41.76
C PHE J 146 104.26 -71.62 -41.26
N ARG J 147 104.32 -71.84 -39.94
CA ARG J 147 104.94 -73.07 -39.35
C ARG J 147 104.28 -74.29 -39.99
N ALA J 148 102.95 -74.29 -40.13
CA ALA J 148 102.14 -75.45 -40.54
C ALA J 148 102.35 -75.73 -42.04
N VAL J 149 102.41 -74.71 -42.90
CA VAL J 149 102.71 -74.90 -44.35
C VAL J 149 104.18 -75.32 -44.46
N GLY J 150 105.01 -74.84 -43.53
CA GLY J 150 106.40 -75.29 -43.30
C GLY J 150 106.50 -76.78 -43.13
N GLU J 151 105.63 -77.37 -42.29
CA GLU J 151 105.61 -78.82 -41.98
C GLU J 151 104.77 -79.60 -43.00
N GLY J 152 104.14 -78.93 -43.96
CA GLY J 152 103.26 -79.56 -44.97
C GLY J 152 101.95 -80.05 -44.40
N ASN J 153 101.37 -79.37 -43.40
CA ASN J 153 99.98 -79.58 -42.89
C ASN J 153 99.06 -78.51 -43.47
N ALA J 154 99.59 -77.66 -44.37
CA ALA J 154 98.87 -76.51 -44.94
C ALA J 154 99.54 -76.12 -46.25
N GLN J 155 98.81 -75.47 -47.15
CA GLN J 155 99.37 -74.89 -48.39
C GLN J 155 98.55 -73.63 -48.73
N LEU J 156 99.23 -72.56 -49.15
CA LEU J 156 98.65 -71.26 -49.51
C LEU J 156 98.56 -71.13 -51.03
N VAL J 157 97.46 -70.56 -51.51
CA VAL J 157 97.43 -69.84 -52.81
C VAL J 157 97.16 -68.37 -52.48
N ALA J 158 97.87 -67.46 -53.15
CA ALA J 158 97.68 -66.00 -53.03
C ALA J 158 96.77 -65.55 -54.17
N ILE J 159 95.68 -64.86 -53.83
CA ILE J 159 94.76 -64.28 -54.85
C ILE J 159 94.76 -62.75 -54.70
N PHE J 160 94.53 -62.09 -55.83
CA PHE J 160 94.59 -60.61 -55.94
C PHE J 160 93.29 -60.12 -56.58
N GLY J 161 92.60 -59.24 -55.86
CA GLY J 161 91.31 -58.69 -56.27
C GLY J 161 91.46 -57.82 -57.49
N GLY J 162 90.34 -57.47 -58.12
CA GLY J 162 90.25 -56.57 -59.28
C GLY J 162 89.47 -55.33 -58.92
N GLN J 163 88.96 -54.64 -59.95
CA GLN J 163 88.14 -53.44 -59.76
C GLN J 163 86.75 -53.85 -59.27
N GLY J 164 86.06 -52.95 -58.56
CA GLY J 164 84.61 -53.04 -58.32
C GLY J 164 84.25 -53.65 -56.98
N ASN J 165 85.21 -53.81 -56.07
CA ASN J 165 84.99 -54.46 -54.76
C ASN J 165 84.31 -53.47 -53.81
N THR J 166 84.67 -52.18 -53.81
CA THR J 166 83.98 -51.06 -53.09
C THR J 166 84.04 -49.76 -53.90
N ASP J 167 83.21 -48.78 -53.56
CA ASP J 167 83.16 -47.46 -54.26
C ASP J 167 84.28 -46.54 -53.72
N ASP J 168 84.90 -46.91 -52.61
CA ASP J 168 85.88 -46.04 -51.91
C ASP J 168 87.23 -46.75 -51.79
N TYR J 169 87.80 -47.20 -52.91
CA TYR J 169 89.02 -48.05 -52.91
C TYR J 169 90.21 -47.27 -52.34
N PHE J 170 90.29 -45.96 -52.63
CA PHE J 170 91.47 -45.14 -52.30
C PHE J 170 91.68 -45.06 -50.79
N GLU J 171 90.62 -45.25 -49.99
CA GLU J 171 90.71 -45.18 -48.51
C GLU J 171 91.61 -46.33 -48.02
N GLU J 172 91.57 -47.48 -48.70
CA GLU J 172 92.40 -48.65 -48.32
C GLU J 172 93.88 -48.24 -48.42
N LEU J 173 94.24 -47.45 -49.44
CA LEU J 173 95.62 -46.92 -49.61
C LEU J 173 95.94 -45.98 -48.44
N ARG J 174 95.09 -45.00 -48.18
CA ARG J 174 95.26 -44.07 -47.03
C ARG J 174 95.62 -44.87 -45.78
N ASP J 175 94.79 -45.87 -45.46
CA ASP J 175 94.91 -46.70 -44.23
C ASP J 175 96.31 -47.33 -44.16
N LEU J 176 96.80 -47.87 -45.28
CA LEU J 176 98.16 -48.47 -45.40
C LEU J 176 99.22 -47.41 -45.08
N TYR J 177 99.21 -46.30 -45.83
CA TYR J 177 100.18 -45.19 -45.73
C TYR J 177 100.19 -44.63 -44.29
N GLN J 178 99.02 -44.46 -43.69
CA GLN J 178 98.86 -43.86 -42.32
C GLN J 178 99.30 -44.88 -41.26
N THR J 179 98.77 -46.11 -41.32
CA THR J 179 99.01 -47.15 -40.28
C THR J 179 100.46 -47.65 -40.40
N TYR J 180 100.85 -48.18 -41.56
CA TYR J 180 102.11 -48.94 -41.77
C TYR J 180 103.13 -48.11 -42.56
N HIS J 181 103.30 -46.83 -42.26
CA HIS J 181 104.18 -45.92 -43.03
C HIS J 181 105.61 -46.49 -43.07
N VAL J 182 106.15 -46.86 -41.91
CA VAL J 182 107.57 -47.31 -41.76
C VAL J 182 107.84 -48.54 -42.64
N LEU J 183 106.81 -49.34 -42.96
CA LEU J 183 106.96 -50.59 -43.76
C LEU J 183 106.75 -50.32 -45.25
N VAL J 184 105.83 -49.43 -45.58
CA VAL J 184 105.24 -49.34 -46.95
C VAL J 184 105.57 -47.99 -47.61
N GLY J 185 105.99 -46.99 -46.82
CA GLY J 185 106.34 -45.63 -47.30
C GLY J 185 107.24 -45.64 -48.53
N ASP J 186 108.37 -46.36 -48.46
CA ASP J 186 109.34 -46.54 -49.58
C ASP J 186 108.61 -46.98 -50.85
N LEU J 187 107.71 -47.98 -50.74
CA LEU J 187 106.99 -48.60 -51.90
C LEU J 187 106.03 -47.59 -52.53
N ILE J 188 105.24 -46.89 -51.72
CA ILE J 188 104.28 -45.85 -52.19
C ILE J 188 105.08 -44.79 -52.95
N LYS J 189 106.15 -44.28 -52.32
CA LYS J 189 107.02 -43.21 -52.86
C LYS J 189 107.58 -43.66 -54.22
N PHE J 190 108.12 -44.87 -54.30
CA PHE J 190 108.64 -45.46 -55.57
C PHE J 190 107.52 -45.52 -56.62
N SER J 191 106.35 -46.05 -56.24
CA SER J 191 105.17 -46.21 -57.14
C SER J 191 104.76 -44.84 -57.71
N ALA J 192 104.68 -43.82 -56.86
CA ALA J 192 104.33 -42.44 -57.24
C ALA J 192 105.32 -41.94 -58.30
N GLU J 193 106.62 -41.98 -57.96
CA GLU J 193 107.72 -41.49 -58.83
C GLU J 193 107.69 -42.26 -60.15
N THR J 194 107.46 -43.57 -60.10
CA THR J 194 107.38 -44.46 -61.30
C THR J 194 106.28 -43.96 -62.23
N LEU J 195 105.09 -43.69 -61.67
CA LEU J 195 103.90 -43.26 -62.45
C LEU J 195 104.11 -41.86 -63.02
N SER J 196 104.63 -40.89 -62.26
CA SER J 196 104.98 -39.52 -62.75
C SER J 196 105.79 -39.65 -64.04
N GLU J 197 106.80 -40.52 -64.01
CA GLU J 197 107.75 -40.78 -65.11
C GLU J 197 107.00 -41.42 -66.29
N LEU J 198 106.19 -42.44 -66.02
CA LEU J 198 105.32 -43.10 -67.05
C LEU J 198 104.56 -42.02 -67.82
N ILE J 199 104.02 -41.01 -67.13
CA ILE J 199 103.22 -39.90 -67.74
C ILE J 199 104.13 -39.08 -68.65
N ARG J 200 105.23 -38.52 -68.13
CA ARG J 200 106.20 -37.69 -68.91
C ARG J 200 106.59 -38.44 -70.19
N THR J 201 107.06 -39.69 -70.06
CA THR J 201 107.53 -40.59 -71.16
C THR J 201 106.47 -40.83 -72.23
N THR J 202 105.23 -41.12 -71.83
CA THR J 202 104.15 -41.64 -72.72
C THR J 202 103.46 -40.46 -73.40
N LEU J 203 103.20 -40.58 -74.70
CA LEU J 203 102.94 -39.45 -75.62
C LEU J 203 101.83 -38.55 -75.04
N ASP J 204 100.57 -38.95 -75.12
CA ASP J 204 99.42 -38.05 -74.82
C ASP J 204 98.86 -38.38 -73.43
N ALA J 205 99.72 -38.81 -72.50
CA ALA J 205 99.33 -39.33 -71.16
C ALA J 205 98.61 -38.24 -70.36
N GLU J 206 99.18 -37.02 -70.29
CA GLU J 206 98.65 -35.92 -69.45
C GLU J 206 97.21 -35.59 -69.88
N LYS J 207 96.85 -35.79 -71.14
CA LYS J 207 95.47 -35.53 -71.67
C LYS J 207 94.43 -36.40 -70.93
N VAL J 208 94.88 -37.50 -70.32
CA VAL J 208 94.01 -38.44 -69.55
C VAL J 208 94.01 -38.05 -68.07
N PHE J 209 95.19 -37.75 -67.50
CA PHE J 209 95.38 -37.41 -66.06
C PHE J 209 95.13 -35.91 -65.86
N THR J 210 93.88 -35.48 -66.09
CA THR J 210 93.41 -34.07 -66.16
C THR J 210 93.71 -33.34 -64.84
N GLN J 211 93.73 -34.05 -63.71
CA GLN J 211 94.00 -33.50 -62.34
C GLN J 211 95.28 -34.12 -61.77
N GLY J 212 96.26 -34.46 -62.62
CA GLY J 212 97.56 -35.02 -62.23
C GLY J 212 97.44 -36.38 -61.58
N LEU J 213 98.53 -36.88 -61.00
CA LEU J 213 98.58 -38.19 -60.27
C LEU J 213 99.57 -38.05 -59.11
N ASN J 214 99.57 -36.88 -58.47
CA ASN J 214 100.51 -36.55 -57.36
C ASN J 214 99.99 -37.25 -56.09
N ILE J 215 100.17 -38.58 -56.00
CA ILE J 215 99.42 -39.41 -55.01
C ILE J 215 100.02 -39.15 -53.63
N LEU J 216 101.30 -38.84 -53.56
CA LEU J 216 101.99 -38.48 -52.29
C LEU J 216 101.30 -37.27 -51.65
N GLU J 217 100.96 -36.25 -52.44
CA GLU J 217 100.25 -35.03 -51.96
C GLU J 217 98.86 -35.43 -51.45
N TRP J 218 98.16 -36.33 -52.17
CA TRP J 218 96.78 -36.75 -51.84
C TRP J 218 96.77 -37.41 -50.45
N LEU J 219 97.76 -38.27 -50.17
CA LEU J 219 97.85 -39.05 -48.90
C LEU J 219 98.21 -38.10 -47.75
N GLU J 220 99.07 -37.11 -48.01
CA GLU J 220 99.55 -36.13 -47.00
C GLU J 220 98.39 -35.18 -46.62
N ASN J 221 97.77 -34.56 -47.62
CA ASN J 221 96.68 -33.55 -47.45
C ASN J 221 95.40 -34.09 -48.07
N PRO J 222 94.54 -34.78 -47.30
CA PRO J 222 93.24 -35.25 -47.80
C PRO J 222 92.49 -34.17 -48.58
N SER J 223 92.53 -32.92 -48.09
CA SER J 223 91.88 -31.73 -48.71
C SER J 223 92.33 -31.52 -50.17
N ASN J 224 93.50 -32.05 -50.57
CA ASN J 224 94.08 -31.87 -51.93
C ASN J 224 93.81 -33.10 -52.82
N THR J 225 93.02 -34.07 -52.35
CA THR J 225 92.65 -35.29 -53.11
C THR J 225 91.56 -34.93 -54.13
N PRO J 226 91.69 -35.32 -55.41
CA PRO J 226 90.59 -35.22 -56.37
C PRO J 226 89.31 -35.94 -55.90
N ASP J 227 88.17 -35.59 -56.52
CA ASP J 227 86.83 -36.20 -56.27
C ASP J 227 86.89 -37.70 -56.62
N LYS J 228 85.93 -38.47 -56.13
CA LYS J 228 85.89 -39.95 -56.26
C LYS J 228 85.76 -40.36 -57.73
N ASP J 229 85.16 -39.53 -58.59
CA ASP J 229 84.97 -39.83 -60.04
C ASP J 229 86.32 -39.95 -60.71
N TYR J 230 87.20 -38.97 -60.49
CA TYR J 230 88.57 -38.94 -61.05
C TYR J 230 89.33 -40.17 -60.53
N LEU J 231 89.34 -40.37 -59.21
CA LEU J 231 90.03 -41.49 -58.52
C LEU J 231 89.57 -42.84 -59.09
N LEU J 232 88.32 -42.97 -59.51
CA LEU J 232 87.77 -44.30 -59.86
C LEU J 232 88.03 -44.62 -61.34
N SER J 233 88.26 -43.59 -62.17
CA SER J 233 88.50 -43.77 -63.63
C SER J 233 89.80 -44.57 -63.79
N ILE J 234 89.81 -45.54 -64.70
CA ILE J 234 90.78 -46.67 -64.70
C ILE J 234 92.22 -46.15 -64.84
N PRO J 235 92.53 -45.09 -65.62
CA PRO J 235 93.91 -44.68 -65.83
C PRO J 235 94.66 -44.44 -64.50
N ILE J 236 93.93 -44.12 -63.44
CA ILE J 236 94.54 -43.81 -62.11
C ILE J 236 94.18 -44.93 -61.12
N SER J 237 93.01 -45.56 -61.24
CA SER J 237 92.53 -46.61 -60.29
C SER J 237 93.24 -47.94 -60.55
N CYS J 238 93.46 -48.31 -61.82
CA CYS J 238 94.16 -49.58 -62.20
C CYS J 238 95.50 -49.66 -61.47
N PRO J 239 96.47 -48.75 -61.78
CA PRO J 239 97.78 -48.80 -61.13
C PRO J 239 97.65 -48.77 -59.61
N LEU J 240 96.82 -47.86 -59.08
CA LEU J 240 96.75 -47.57 -57.63
C LEU J 240 96.18 -48.76 -56.87
N ILE J 241 95.26 -49.53 -57.46
CA ILE J 241 94.78 -50.79 -56.82
C ILE J 241 95.98 -51.73 -56.73
N GLY J 242 96.71 -51.91 -57.83
CA GLY J 242 97.99 -52.66 -57.87
C GLY J 242 98.92 -52.28 -56.73
N VAL J 243 99.04 -50.99 -56.44
CA VAL J 243 99.89 -50.46 -55.34
C VAL J 243 99.35 -50.96 -54.00
N ILE J 244 98.03 -50.93 -53.80
CA ILE J 244 97.37 -51.42 -52.54
C ILE J 244 97.74 -52.89 -52.33
N GLN J 245 97.59 -53.72 -53.36
CA GLN J 245 97.86 -55.19 -53.27
C GLN J 245 99.35 -55.36 -52.95
N LEU J 246 100.23 -54.72 -53.72
CA LEU J 246 101.70 -54.78 -53.51
C LEU J 246 102.05 -54.36 -52.07
N ALA J 247 101.37 -53.35 -51.54
CA ALA J 247 101.63 -52.82 -50.18
C ALA J 247 101.22 -53.84 -49.12
N HIS J 248 100.04 -54.44 -49.26
CA HIS J 248 99.54 -55.51 -48.35
C HIS J 248 100.51 -56.69 -48.39
N TYR J 249 101.03 -57.02 -49.57
CA TYR J 249 102.02 -58.11 -49.76
C TYR J 249 103.25 -57.81 -48.90
N VAL J 250 103.73 -56.56 -49.00
CA VAL J 250 104.92 -56.08 -48.23
C VAL J 250 104.65 -56.21 -46.72
N VAL J 251 103.61 -55.56 -46.16
CA VAL J 251 103.39 -55.58 -44.68
C VAL J 251 103.36 -57.05 -44.24
N THR J 252 102.74 -57.91 -45.07
CA THR J 252 102.55 -59.35 -44.79
C THR J 252 103.93 -60.00 -44.69
N ALA J 253 104.80 -59.77 -45.69
CA ALA J 253 106.20 -60.27 -45.73
C ALA J 253 106.98 -59.73 -44.53
N LYS J 254 107.04 -58.39 -44.38
CA LYS J 254 107.93 -57.71 -43.40
C LYS J 254 107.61 -58.21 -41.99
N LEU J 255 106.33 -58.39 -41.64
CA LEU J 255 105.88 -58.81 -40.29
C LEU J 255 106.16 -60.30 -40.06
N LEU J 256 106.14 -61.13 -41.12
CA LEU J 256 106.51 -62.57 -41.03
C LEU J 256 108.04 -62.71 -40.96
N GLY J 257 108.77 -61.60 -41.11
CA GLY J 257 110.24 -61.59 -41.16
C GLY J 257 110.76 -62.22 -42.44
N PHE J 258 110.00 -62.10 -43.52
CA PHE J 258 110.31 -62.68 -44.86
C PHE J 258 110.76 -61.57 -45.79
N THR J 259 111.51 -61.97 -46.80
CA THR J 259 111.71 -61.22 -48.07
C THR J 259 110.51 -61.57 -48.95
N PRO J 260 110.21 -60.78 -50.00
CA PRO J 260 109.13 -61.09 -50.92
C PRO J 260 109.22 -62.53 -51.47
N GLY J 261 110.41 -62.93 -51.93
CA GLY J 261 110.68 -64.26 -52.50
C GLY J 261 110.47 -65.36 -51.48
N GLU J 262 110.88 -65.11 -50.23
CA GLU J 262 110.71 -66.08 -49.10
C GLU J 262 109.21 -66.34 -48.93
N LEU J 263 108.39 -65.28 -48.89
CA LEU J 263 106.91 -65.38 -48.85
C LEU J 263 106.45 -66.20 -50.05
N ARG J 264 106.78 -65.79 -51.28
CA ARG J 264 106.20 -66.43 -52.48
C ARG J 264 106.66 -67.89 -52.56
N SER J 265 107.78 -68.24 -51.93
CA SER J 265 108.26 -69.65 -51.88
C SER J 265 107.21 -70.52 -51.15
N TYR J 266 106.56 -69.97 -50.12
CA TYR J 266 105.56 -70.67 -49.25
C TYR J 266 104.24 -70.88 -49.99
N LEU J 267 104.07 -70.28 -51.17
CA LEU J 267 102.83 -70.35 -51.99
C LEU J 267 102.88 -71.57 -52.91
N LYS J 268 101.87 -72.43 -52.89
CA LYS J 268 101.66 -73.49 -53.92
C LYS J 268 101.44 -72.84 -55.29
N GLY J 269 100.78 -71.68 -55.34
CA GLY J 269 100.47 -70.96 -56.59
C GLY J 269 99.90 -69.58 -56.32
N ALA J 270 99.49 -68.86 -57.36
CA ALA J 270 98.87 -67.51 -57.25
C ALA J 270 98.06 -67.20 -58.51
N THR J 271 97.01 -66.40 -58.35
CA THR J 271 96.20 -65.86 -59.48
C THR J 271 95.47 -64.61 -59.00
N GLY J 272 94.77 -63.96 -59.92
CA GLY J 272 94.01 -62.72 -59.67
C GLY J 272 92.74 -62.68 -60.50
N HIS J 273 91.74 -62.00 -59.93
CA HIS J 273 90.44 -61.68 -60.56
C HIS J 273 90.63 -60.42 -61.39
N SER J 274 90.26 -60.44 -62.68
CA SER J 274 90.39 -59.27 -63.58
C SER J 274 91.87 -58.82 -63.53
N GLN J 275 92.16 -57.60 -63.09
CA GLN J 275 93.49 -56.91 -63.16
C GLN J 275 94.38 -57.31 -61.98
N GLY J 276 93.88 -58.18 -61.09
CA GLY J 276 94.68 -58.77 -60.02
C GLY J 276 95.69 -59.75 -60.59
N LEU J 277 95.37 -60.32 -61.76
CA LEU J 277 96.23 -61.28 -62.48
C LEU J 277 97.62 -60.67 -62.62
N VAL J 278 97.70 -59.37 -62.91
CA VAL J 278 99.00 -58.68 -63.12
C VAL J 278 99.82 -58.81 -61.84
N THR J 279 99.29 -58.41 -60.69
CA THR J 279 100.11 -58.38 -59.44
C THR J 279 100.38 -59.83 -58.99
N ALA J 280 99.61 -60.81 -59.48
CA ALA J 280 99.83 -62.24 -59.18
C ALA J 280 101.13 -62.71 -59.85
N VAL J 281 101.27 -62.50 -61.15
CA VAL J 281 102.45 -62.95 -61.94
C VAL J 281 103.69 -62.18 -61.46
N ALA J 282 103.54 -60.90 -61.13
CA ALA J 282 104.65 -60.02 -60.66
C ALA J 282 105.21 -60.57 -59.34
N ILE J 283 104.34 -61.06 -58.48
CA ILE J 283 104.71 -61.66 -57.16
C ILE J 283 105.52 -62.95 -57.39
N ALA J 284 105.18 -63.72 -58.42
CA ALA J 284 105.81 -65.03 -58.72
C ALA J 284 107.30 -64.85 -59.02
N GLU J 285 107.68 -63.76 -59.69
CA GLU J 285 109.10 -63.47 -60.07
C GLU J 285 109.90 -62.94 -58.88
N THR J 286 109.21 -62.51 -57.82
CA THR J 286 109.80 -61.75 -56.69
C THR J 286 110.84 -62.61 -55.98
N ASP J 287 111.79 -61.97 -55.28
CA ASP J 287 113.00 -62.62 -54.72
C ASP J 287 113.47 -61.88 -53.45
N SER J 288 114.45 -60.99 -53.54
CA SER J 288 114.95 -60.19 -52.38
C SER J 288 114.35 -58.78 -52.43
N TRP J 289 114.54 -58.00 -51.35
CA TRP J 289 114.11 -56.58 -51.27
C TRP J 289 114.86 -55.75 -52.33
N GLU J 290 116.17 -55.94 -52.45
CA GLU J 290 117.06 -55.25 -53.42
C GLU J 290 116.46 -55.33 -54.84
N SER J 291 115.84 -56.46 -55.19
CA SER J 291 115.30 -56.76 -56.55
C SER J 291 113.77 -56.74 -56.53
N PHE J 292 113.16 -56.10 -55.53
CA PHE J 292 111.68 -56.10 -55.38
C PHE J 292 111.10 -55.04 -56.32
N PHE J 293 111.69 -53.84 -56.30
CA PHE J 293 111.18 -52.63 -56.99
C PHE J 293 111.21 -52.84 -58.50
N VAL J 294 111.97 -53.80 -59.02
CA VAL J 294 111.92 -54.17 -60.46
C VAL J 294 110.61 -54.89 -60.75
N SER J 295 110.19 -55.81 -59.85
CA SER J 295 108.89 -56.51 -59.97
C SER J 295 107.74 -55.50 -59.79
N VAL J 296 107.85 -54.60 -58.81
CA VAL J 296 106.87 -53.51 -58.57
C VAL J 296 106.73 -52.68 -59.84
N ARG J 297 107.85 -52.19 -60.38
CA ARG J 297 107.85 -51.42 -61.66
C ARG J 297 107.03 -52.23 -62.66
N LYS J 298 107.42 -53.47 -62.94
CA LYS J 298 106.78 -54.32 -63.98
C LYS J 298 105.26 -54.26 -63.82
N ALA J 299 104.74 -54.58 -62.63
CA ALA J 299 103.28 -54.65 -62.33
C ALA J 299 102.61 -53.32 -62.68
N ILE J 300 103.06 -52.22 -62.07
CA ILE J 300 102.31 -50.94 -62.10
C ILE J 300 102.49 -50.25 -63.46
N THR J 301 103.48 -50.64 -64.28
CA THR J 301 103.58 -50.12 -65.67
C THR J 301 102.65 -50.92 -66.57
N VAL J 302 102.35 -52.19 -66.26
CA VAL J 302 101.29 -52.94 -66.99
C VAL J 302 99.94 -52.27 -66.68
N LEU J 303 99.61 -52.18 -65.40
CA LEU J 303 98.32 -51.63 -64.91
C LEU J 303 98.10 -50.22 -65.47
N PHE J 304 99.15 -49.40 -65.53
CA PHE J 304 99.10 -48.01 -66.05
C PHE J 304 98.63 -48.02 -67.50
N PHE J 305 99.27 -48.81 -68.36
CA PHE J 305 98.96 -48.85 -69.81
C PHE J 305 97.58 -49.47 -70.04
N ILE J 306 97.22 -50.51 -69.27
CA ILE J 306 95.86 -51.11 -69.29
C ILE J 306 94.84 -49.98 -69.09
N GLY J 307 94.98 -49.23 -67.99
CA GLY J 307 94.19 -48.04 -67.68
C GLY J 307 94.16 -47.05 -68.84
N VAL J 308 95.32 -46.49 -69.21
CA VAL J 308 95.39 -45.37 -70.19
C VAL J 308 94.76 -45.82 -71.51
N ARG J 309 95.10 -47.01 -72.02
CA ARG J 309 94.67 -47.43 -73.38
C ARG J 309 93.21 -47.85 -73.37
N CYS J 310 92.76 -48.53 -72.31
CA CYS J 310 91.35 -49.01 -72.17
C CYS J 310 90.41 -47.81 -71.96
N TYR J 311 90.90 -46.71 -71.38
CA TYR J 311 90.13 -45.46 -71.23
C TYR J 311 89.97 -44.84 -72.62
N GLU J 312 91.09 -44.62 -73.30
CA GLU J 312 91.15 -44.06 -74.67
C GLU J 312 90.23 -44.86 -75.60
N ALA J 313 90.11 -46.17 -75.39
CA ALA J 313 89.31 -47.10 -76.23
C ALA J 313 87.82 -46.85 -76.01
N TYR J 314 87.38 -46.80 -74.76
CA TYR J 314 85.96 -46.54 -74.37
C TYR J 314 85.92 -45.58 -73.18
N PRO J 315 86.12 -44.26 -73.41
CA PRO J 315 86.07 -43.26 -72.34
C PRO J 315 84.61 -43.06 -71.91
N ASN J 316 84.36 -42.87 -70.61
CA ASN J 316 82.99 -42.91 -70.04
C ASN J 316 82.38 -41.52 -70.23
N THR J 317 81.19 -41.46 -70.85
CA THR J 317 80.52 -40.19 -71.21
C THR J 317 79.39 -39.88 -70.24
N SER J 318 78.93 -38.62 -70.29
CA SER J 318 77.76 -38.08 -69.55
C SER J 318 76.61 -39.07 -69.59
N LEU J 319 76.06 -39.35 -68.42
CA LEU J 319 74.91 -40.25 -68.21
C LEU J 319 73.64 -39.41 -68.21
N PRO J 320 72.66 -39.68 -69.10
CA PRO J 320 71.39 -38.95 -69.11
C PRO J 320 70.76 -38.96 -67.73
N PRO J 321 70.60 -37.79 -67.07
CA PRO J 321 70.09 -37.73 -65.70
C PRO J 321 68.81 -38.54 -65.44
N SER J 322 67.88 -38.57 -66.40
CA SER J 322 66.64 -39.37 -66.33
C SER J 322 67.00 -40.81 -65.95
N ILE J 323 67.91 -41.42 -66.71
CA ILE J 323 68.40 -42.83 -66.51
C ILE J 323 69.00 -42.99 -65.10
N LEU J 324 69.84 -42.06 -64.66
CA LEU J 324 70.47 -42.10 -63.30
C LEU J 324 69.36 -42.05 -62.25
N GLU J 325 68.49 -41.04 -62.28
CA GLU J 325 67.40 -40.85 -61.28
C GLU J 325 66.56 -42.13 -61.18
N ASP J 326 66.28 -42.79 -62.31
CA ASP J 326 65.41 -43.99 -62.38
C ASP J 326 66.12 -45.17 -61.72
N SER J 327 67.36 -45.47 -62.14
CA SER J 327 68.17 -46.59 -61.60
C SER J 327 68.30 -46.42 -60.09
N LEU J 328 68.48 -45.19 -59.60
CA LEU J 328 68.64 -44.90 -58.15
C LEU J 328 67.34 -45.18 -57.41
N GLU J 329 66.19 -44.72 -57.91
CA GLU J 329 64.91 -44.90 -57.20
C GLU J 329 64.46 -46.37 -57.23
N ASN J 330 65.03 -47.20 -58.13
CA ASN J 330 64.74 -48.67 -58.22
C ASN J 330 65.86 -49.48 -57.56
N ASN J 331 66.65 -48.85 -56.69
CA ASN J 331 67.67 -49.52 -55.83
C ASN J 331 68.63 -50.36 -56.66
N GLU J 332 68.62 -50.23 -58.00
CA GLU J 332 69.77 -50.59 -58.88
C GLU J 332 70.88 -49.60 -58.53
N GLY J 333 72.04 -49.67 -59.19
CA GLY J 333 73.16 -48.80 -58.81
C GLY J 333 73.11 -47.42 -59.48
N VAL J 334 74.23 -46.71 -59.34
CA VAL J 334 74.68 -45.63 -60.28
C VAL J 334 75.15 -46.33 -61.55
N PRO J 335 74.41 -46.23 -62.68
CA PRO J 335 74.79 -46.93 -63.90
C PRO J 335 76.27 -46.76 -64.21
N SER J 336 76.91 -47.88 -64.56
CA SER J 336 78.34 -48.04 -64.87
C SER J 336 78.44 -49.07 -65.99
N PRO J 337 79.63 -49.32 -66.58
CA PRO J 337 79.77 -50.29 -67.67
C PRO J 337 79.83 -51.77 -67.26
N MET J 338 79.68 -52.09 -65.96
CA MET J 338 79.65 -53.48 -65.45
C MET J 338 78.52 -53.65 -64.43
N LEU J 339 77.71 -54.68 -64.63
CA LEU J 339 76.41 -54.91 -63.91
C LEU J 339 76.46 -56.31 -63.30
N SER J 340 76.30 -56.40 -61.98
CA SER J 340 76.36 -57.67 -61.20
C SER J 340 74.93 -58.25 -61.04
N ILE J 341 74.78 -59.59 -61.10
CA ILE J 341 73.46 -60.29 -61.06
C ILE J 341 73.54 -61.55 -60.18
N SER J 342 73.16 -61.44 -58.91
CA SER J 342 72.98 -62.59 -57.99
C SER J 342 71.78 -63.44 -58.38
N ASN J 343 71.90 -64.75 -58.14
CA ASN J 343 70.81 -65.72 -57.91
C ASN J 343 70.17 -66.16 -59.23
N LEU J 344 70.84 -65.92 -60.36
CA LEU J 344 70.45 -66.44 -61.69
C LEU J 344 71.58 -67.32 -62.24
N THR J 345 71.23 -68.46 -62.84
CA THR J 345 72.10 -69.33 -63.67
C THR J 345 72.82 -68.48 -64.71
N GLN J 346 74.00 -68.91 -65.16
CA GLN J 346 74.68 -68.34 -66.34
C GLN J 346 73.76 -68.42 -67.55
N GLU J 347 73.17 -69.59 -67.80
CA GLU J 347 72.31 -69.82 -69.00
C GLU J 347 71.06 -68.94 -68.88
N GLN J 348 70.56 -68.70 -67.66
CA GLN J 348 69.41 -67.78 -67.40
C GLN J 348 69.79 -66.36 -67.82
N VAL J 349 70.83 -65.78 -67.19
CA VAL J 349 71.38 -64.43 -67.53
C VAL J 349 71.58 -64.33 -69.04
N GLN J 350 72.17 -65.35 -69.68
CA GLN J 350 72.54 -65.32 -71.12
C GLN J 350 71.27 -65.15 -71.96
N ASP J 351 70.13 -65.73 -71.55
CA ASP J 351 68.81 -65.52 -72.22
C ASP J 351 68.47 -64.03 -72.24
N TYR J 352 68.51 -63.39 -71.07
CA TYR J 352 68.15 -61.96 -70.88
C TYR J 352 69.08 -61.07 -71.72
N VAL J 353 70.38 -61.38 -71.82
CA VAL J 353 71.31 -60.56 -72.63
C VAL J 353 70.98 -60.80 -74.11
N ASN J 354 70.75 -62.05 -74.52
CA ASN J 354 70.40 -62.39 -75.93
C ASN J 354 69.19 -61.54 -76.36
N LYS J 355 68.16 -61.50 -75.52
CA LYS J 355 66.90 -60.73 -75.75
C LYS J 355 67.25 -59.24 -75.87
N THR J 356 67.84 -58.65 -74.83
CA THR J 356 68.28 -57.22 -74.78
C THR J 356 69.19 -56.93 -75.99
N ASN J 357 70.14 -57.82 -76.30
CA ASN J 357 71.13 -57.67 -77.40
C ASN J 357 70.43 -57.71 -78.76
N SER J 358 69.32 -58.44 -78.88
CA SER J 358 68.62 -58.69 -80.17
C SER J 358 68.18 -57.38 -80.82
N HIS J 359 67.91 -56.33 -80.03
CA HIS J 359 67.42 -55.00 -80.51
C HIS J 359 68.55 -53.99 -80.70
N LEU J 360 69.77 -54.29 -80.24
CA LEU J 360 70.92 -53.34 -80.26
C LEU J 360 71.89 -53.72 -81.37
N PRO J 361 72.57 -52.74 -82.02
CA PRO J 361 73.64 -53.03 -82.96
C PRO J 361 74.92 -53.51 -82.26
N ALA J 362 75.89 -54.03 -83.04
CA ALA J 362 77.16 -54.63 -82.58
C ALA J 362 77.80 -53.77 -81.47
N GLY J 363 78.01 -52.48 -81.75
CA GLY J 363 78.75 -51.52 -80.90
C GLY J 363 78.16 -51.37 -79.51
N LYS J 364 76.88 -51.68 -79.32
CA LYS J 364 76.14 -51.40 -78.05
C LYS J 364 75.71 -52.70 -77.37
N GLN J 365 76.16 -53.86 -77.87
CA GLN J 365 75.80 -55.19 -77.31
C GLN J 365 76.46 -55.33 -75.94
N VAL J 366 75.88 -56.15 -75.06
CA VAL J 366 76.45 -56.48 -73.72
C VAL J 366 76.79 -57.97 -73.71
N GLU J 367 77.84 -58.34 -72.98
CA GLU J 367 78.29 -59.75 -72.86
C GLU J 367 78.58 -60.06 -71.38
N ILE J 368 78.44 -61.33 -71.02
CA ILE J 368 78.84 -61.85 -69.68
C ILE J 368 80.35 -61.64 -69.54
N SER J 369 80.76 -60.90 -68.53
CA SER J 369 82.15 -60.43 -68.29
C SER J 369 82.85 -61.38 -67.32
N LEU J 370 82.20 -61.70 -66.22
CA LEU J 370 82.74 -62.53 -65.12
C LEU J 370 81.72 -63.62 -64.79
N VAL J 371 82.20 -64.81 -64.43
CA VAL J 371 81.37 -65.93 -63.89
C VAL J 371 81.95 -66.29 -62.53
N ASN J 372 81.67 -65.42 -61.56
CA ASN J 372 82.27 -65.44 -60.20
C ASN J 372 81.81 -66.70 -59.45
N GLY J 373 80.63 -67.22 -59.76
CA GLY J 373 80.06 -68.43 -59.12
C GLY J 373 78.94 -69.02 -59.97
N ALA J 374 78.31 -70.10 -59.49
CA ALA J 374 77.13 -70.74 -60.12
C ALA J 374 76.07 -69.69 -60.44
N LYS J 375 75.73 -68.87 -59.44
CA LYS J 375 74.60 -67.92 -59.52
C LYS J 375 75.10 -66.52 -59.15
N ASN J 376 76.29 -66.17 -59.62
CA ASN J 376 76.87 -64.82 -59.42
C ASN J 376 77.62 -64.44 -60.70
N LEU J 377 77.00 -63.61 -61.54
CA LEU J 377 77.60 -63.16 -62.82
C LEU J 377 77.70 -61.64 -62.85
N VAL J 378 78.48 -61.16 -63.82
CA VAL J 378 78.67 -59.72 -64.12
C VAL J 378 78.64 -59.57 -65.64
N VAL J 379 77.97 -58.52 -66.12
CA VAL J 379 77.76 -58.24 -67.57
C VAL J 379 78.38 -56.87 -67.86
N SER J 380 79.13 -56.77 -68.95
CA SER J 380 79.78 -55.51 -69.38
C SER J 380 79.19 -55.06 -70.70
N GLY J 381 79.21 -53.74 -70.88
CA GLY J 381 78.76 -53.08 -72.12
C GLY J 381 78.54 -51.61 -71.82
N PRO J 382 77.96 -50.84 -72.78
CA PRO J 382 77.65 -49.44 -72.54
C PRO J 382 76.70 -49.32 -71.36
N PRO J 383 76.91 -48.37 -70.43
CA PRO J 383 76.02 -48.23 -69.27
C PRO J 383 74.53 -48.18 -69.68
N GLN J 384 74.22 -47.51 -70.80
CA GLN J 384 72.82 -47.35 -71.30
C GLN J 384 72.26 -48.71 -71.72
N SER J 385 73.06 -49.55 -72.36
CA SER J 385 72.67 -50.92 -72.80
C SER J 385 72.37 -51.78 -71.58
N LEU J 386 73.19 -51.65 -70.54
CA LEU J 386 73.04 -52.43 -69.29
C LEU J 386 71.81 -51.94 -68.52
N TYR J 387 71.44 -50.67 -68.69
CA TYR J 387 70.18 -50.10 -68.14
C TYR J 387 68.99 -50.80 -68.82
N GLY J 388 69.01 -50.86 -70.15
CA GLY J 388 68.01 -51.61 -70.96
C GLY J 388 67.92 -53.06 -70.56
N LEU J 389 69.01 -53.65 -70.07
CA LEU J 389 69.00 -55.01 -69.47
C LEU J 389 68.21 -54.93 -68.16
N ASN J 390 68.60 -54.05 -67.26
CA ASN J 390 67.99 -53.84 -65.92
C ASN J 390 66.47 -53.65 -66.06
N LEU J 391 66.01 -53.05 -67.16
CA LEU J 391 64.58 -52.75 -67.40
C LEU J 391 63.84 -54.06 -67.74
N THR J 392 64.37 -54.85 -68.68
CA THR J 392 63.92 -56.23 -69.00
C THR J 392 63.89 -57.04 -67.69
N LEU J 393 64.93 -56.90 -66.86
CA LEU J 393 65.09 -57.64 -65.59
C LEU J 393 64.03 -57.23 -64.57
N ARG J 394 63.72 -55.92 -64.46
CA ARG J 394 62.79 -55.42 -63.40
C ARG J 394 61.43 -56.10 -63.52
N LYS J 395 61.04 -56.50 -64.74
CA LYS J 395 59.72 -57.11 -65.07
C LYS J 395 59.62 -58.54 -64.53
N ALA J 396 60.67 -59.35 -64.78
CA ALA J 396 60.69 -60.80 -64.47
C ALA J 396 60.81 -61.03 -62.95
N LYS J 397 61.50 -60.13 -62.25
CA LYS J 397 61.80 -60.32 -60.79
C LYS J 397 60.52 -59.99 -60.02
N ALA J 398 60.35 -60.55 -58.83
CA ALA J 398 59.22 -60.24 -57.93
C ALA J 398 59.73 -59.34 -56.81
N PRO J 399 58.89 -58.45 -56.23
CA PRO J 399 59.29 -57.66 -55.06
C PRO J 399 60.08 -58.53 -54.06
N SER J 400 61.18 -58.00 -53.50
CA SER J 400 62.18 -58.81 -52.74
C SER J 400 61.63 -59.19 -51.36
N GLY J 401 60.61 -58.46 -50.85
CA GLY J 401 59.90 -58.81 -49.60
C GLY J 401 58.45 -59.23 -49.86
N LEU J 402 58.22 -60.15 -50.83
CA LEU J 402 56.86 -60.55 -51.28
C LEU J 402 56.22 -61.55 -50.30
N ASP J 403 57.00 -62.36 -49.59
CA ASP J 403 56.45 -63.39 -48.65
C ASP J 403 55.59 -64.40 -49.43
N GLN J 404 56.24 -65.43 -49.98
CA GLN J 404 55.61 -66.58 -50.68
C GLN J 404 55.68 -67.82 -49.76
N SER J 405 55.71 -67.61 -48.45
CA SER J 405 55.87 -68.69 -47.42
C SER J 405 54.63 -69.60 -47.37
N ARG J 406 53.52 -69.16 -47.95
CA ARG J 406 52.23 -69.91 -48.01
C ARG J 406 51.90 -70.27 -49.46
N ILE J 407 52.77 -69.96 -50.41
CA ILE J 407 52.69 -70.41 -51.84
C ILE J 407 53.52 -71.69 -51.97
N PRO J 408 53.01 -72.77 -52.60
CA PRO J 408 53.82 -73.97 -52.87
C PRO J 408 55.15 -73.60 -53.55
N PHE J 409 56.25 -74.22 -53.12
CA PHE J 409 57.63 -73.96 -53.60
C PHE J 409 57.64 -73.84 -55.14
N SER J 410 57.11 -74.86 -55.82
CA SER J 410 57.08 -75.01 -57.30
C SER J 410 56.50 -73.78 -58.00
N GLU J 411 55.52 -73.12 -57.37
CA GLU J 411 54.74 -72.02 -57.99
C GLU J 411 55.28 -70.65 -57.58
N ARG J 412 56.31 -70.56 -56.73
CA ARG J 412 56.87 -69.26 -56.26
C ARG J 412 57.57 -68.58 -57.44
N LYS J 413 57.71 -67.25 -57.38
CA LYS J 413 58.29 -66.42 -58.48
C LYS J 413 59.75 -66.15 -58.11
N LEU J 414 60.64 -66.07 -59.10
CA LEU J 414 62.09 -65.89 -58.84
C LEU J 414 62.35 -64.53 -58.17
N LYS J 415 63.25 -64.59 -57.18
CA LYS J 415 63.85 -63.42 -56.50
C LYS J 415 65.35 -63.36 -56.81
N PHE J 416 65.84 -62.22 -57.29
CA PHE J 416 67.29 -62.01 -57.56
C PHE J 416 67.68 -60.54 -57.43
N SER J 417 68.94 -60.29 -57.08
CA SER J 417 69.57 -58.94 -57.02
C SER J 417 70.18 -58.61 -58.38
N ASN J 418 70.29 -57.32 -58.69
CA ASN J 418 71.07 -56.82 -59.86
C ASN J 418 71.39 -55.35 -59.63
N ARG J 419 72.60 -55.05 -59.13
CA ARG J 419 73.10 -53.68 -58.87
C ARG J 419 74.33 -53.45 -59.76
N PHE J 420 74.51 -52.23 -60.28
CA PHE J 420 75.72 -51.82 -61.02
C PHE J 420 76.92 -51.81 -60.08
N LEU J 421 78.11 -52.08 -60.63
CA LEU J 421 79.38 -52.14 -59.87
C LEU J 421 80.08 -50.79 -59.94
N PRO J 422 80.85 -50.42 -58.89
CA PRO J 422 81.67 -49.21 -58.94
C PRO J 422 82.96 -49.34 -59.76
N VAL J 423 82.85 -49.30 -61.10
CA VAL J 423 84.00 -49.31 -62.05
C VAL J 423 83.71 -48.32 -63.18
N ALA J 424 84.75 -47.71 -63.73
CA ALA J 424 84.63 -46.62 -64.72
C ALA J 424 84.64 -47.17 -66.16
N SER J 425 85.02 -48.44 -66.35
CA SER J 425 85.31 -48.99 -67.70
C SER J 425 84.78 -50.42 -67.83
N PRO J 426 84.37 -50.85 -69.05
CA PRO J 426 83.78 -52.17 -69.26
C PRO J 426 84.80 -53.28 -69.52
N PHE J 427 85.50 -53.73 -68.46
CA PHE J 427 86.52 -54.81 -68.53
C PHE J 427 85.89 -56.09 -69.11
N HIS J 428 86.71 -56.89 -69.82
CA HIS J 428 86.36 -58.24 -70.33
C HIS J 428 85.26 -58.14 -71.39
N SER J 429 85.30 -57.11 -72.24
CA SER J 429 84.28 -56.86 -73.30
C SER J 429 84.93 -56.43 -74.60
N HIS J 430 84.19 -56.57 -75.71
CA HIS J 430 84.57 -56.22 -77.10
C HIS J 430 84.95 -54.74 -77.21
N LEU J 431 84.41 -53.89 -76.35
CA LEU J 431 84.63 -52.43 -76.35
C LEU J 431 86.12 -52.11 -76.16
N LEU J 432 86.89 -52.98 -75.48
CA LEU J 432 88.30 -52.73 -75.11
C LEU J 432 89.28 -53.37 -76.11
N VAL J 433 88.83 -54.33 -76.93
CA VAL J 433 89.67 -55.08 -77.91
C VAL J 433 90.71 -54.17 -78.56
N PRO J 434 90.32 -53.03 -79.20
CA PRO J 434 91.29 -52.12 -79.81
C PRO J 434 92.57 -51.83 -78.99
N ALA J 435 92.43 -51.76 -77.67
CA ALA J 435 93.52 -51.40 -76.72
C ALA J 435 94.59 -52.51 -76.64
N SER J 436 94.21 -53.81 -76.73
CA SER J 436 95.13 -54.98 -76.57
C SER J 436 96.41 -54.73 -77.34
N ASP J 437 96.27 -54.54 -78.66
CA ASP J 437 97.39 -54.33 -79.60
C ASP J 437 98.30 -53.21 -79.08
N LEU J 438 97.73 -52.02 -78.84
CA LEU J 438 98.45 -50.80 -78.37
C LEU J 438 99.14 -51.09 -77.04
N ILE J 439 98.45 -51.74 -76.09
CA ILE J 439 99.00 -52.00 -74.72
C ILE J 439 100.29 -52.81 -74.88
N ASN J 440 100.26 -53.89 -75.65
CA ASN J 440 101.39 -54.82 -75.84
C ASN J 440 102.59 -54.07 -76.41
N LYS J 441 102.36 -53.18 -77.37
CA LYS J 441 103.40 -52.33 -77.99
C LYS J 441 104.02 -51.40 -76.94
N ASP J 442 103.24 -50.95 -75.95
CA ASP J 442 103.73 -50.02 -74.90
C ASP J 442 104.63 -50.78 -73.91
N LEU J 443 104.30 -52.07 -73.66
CA LEU J 443 105.07 -52.95 -72.74
C LEU J 443 106.41 -53.30 -73.40
N VAL J 444 106.40 -53.68 -74.68
CA VAL J 444 107.63 -53.81 -75.52
C VAL J 444 108.48 -52.56 -75.31
N LYS J 445 107.91 -51.37 -75.56
CA LYS J 445 108.64 -50.08 -75.55
C LYS J 445 109.13 -49.69 -74.14
N ASN J 446 108.53 -50.22 -73.06
CA ASN J 446 108.92 -49.90 -71.65
C ASN J 446 109.56 -51.12 -70.99
N ASN J 447 110.10 -52.05 -71.80
CA ASN J 447 110.94 -53.21 -71.36
C ASN J 447 110.22 -53.95 -70.23
N VAL J 448 109.00 -54.44 -70.49
CA VAL J 448 108.22 -55.31 -69.56
C VAL J 448 107.70 -56.52 -70.33
N SER J 449 108.05 -57.71 -69.87
CA SER J 449 107.40 -58.99 -70.20
C SER J 449 107.69 -59.96 -69.05
N PHE J 450 107.10 -61.15 -69.07
CA PHE J 450 107.26 -62.18 -68.01
C PHE J 450 107.68 -63.49 -68.66
N ASN J 451 108.95 -63.89 -68.52
CA ASN J 451 109.49 -65.17 -69.05
C ASN J 451 109.23 -66.29 -68.03
N ALA J 452 108.64 -67.39 -68.51
CA ALA J 452 108.26 -68.54 -67.65
C ALA J 452 109.42 -68.89 -66.71
N LYS J 453 110.66 -68.86 -67.23
CA LYS J 453 111.91 -69.16 -66.48
C LYS J 453 111.95 -68.39 -65.15
N ASP J 454 111.49 -67.14 -65.13
CA ASP J 454 111.64 -66.21 -63.97
C ASP J 454 110.54 -66.47 -62.92
N ILE J 455 109.37 -66.95 -63.34
CA ILE J 455 108.15 -67.00 -62.47
C ILE J 455 108.13 -68.37 -61.76
N GLN J 456 108.24 -68.32 -60.44
CA GLN J 456 108.76 -69.42 -59.56
C GLN J 456 107.63 -70.25 -58.96
N ILE J 457 106.37 -69.93 -59.29
CA ILE J 457 105.16 -70.70 -58.87
C ILE J 457 104.18 -70.68 -60.03
N PRO J 458 103.26 -71.65 -60.12
CA PRO J 458 102.21 -71.61 -61.14
C PRO J 458 101.35 -70.34 -60.92
N VAL J 459 101.00 -69.68 -62.03
CA VAL J 459 100.13 -68.48 -62.03
C VAL J 459 98.93 -68.78 -62.94
N TYR J 460 97.76 -68.99 -62.32
CA TYR J 460 96.59 -69.63 -62.96
C TYR J 460 95.87 -68.63 -63.88
N ASP J 461 95.80 -69.01 -65.16
CA ASP J 461 95.10 -68.30 -66.27
C ASP J 461 93.63 -68.13 -65.91
N THR J 462 93.11 -66.94 -66.19
CA THR J 462 91.84 -66.35 -65.70
C THR J 462 90.66 -66.96 -66.48
N PHE J 463 90.89 -67.48 -67.69
CA PHE J 463 89.89 -68.08 -68.62
C PHE J 463 89.98 -69.61 -68.68
N ASP J 464 91.19 -70.18 -68.57
CA ASP J 464 91.53 -71.61 -68.77
C ASP J 464 91.53 -72.38 -67.45
N GLY J 465 92.13 -71.80 -66.40
CA GLY J 465 92.55 -72.50 -65.17
C GLY J 465 93.97 -73.01 -65.28
N SER J 466 94.47 -73.15 -66.51
CA SER J 466 95.84 -73.58 -66.89
C SER J 466 96.90 -72.71 -66.20
N ASP J 467 98.15 -73.18 -66.22
CA ASP J 467 99.34 -72.40 -65.76
C ASP J 467 99.79 -71.52 -66.93
N LEU J 468 100.09 -70.25 -66.65
CA LEU J 468 100.58 -69.30 -67.68
C LEU J 468 102.02 -69.64 -68.09
N ARG J 469 102.72 -70.48 -67.32
CA ARG J 469 104.13 -70.87 -67.63
C ARG J 469 104.14 -71.79 -68.86
N VAL J 470 103.18 -72.71 -68.94
CA VAL J 470 103.05 -73.73 -70.02
C VAL J 470 102.79 -73.04 -71.37
N LEU J 471 102.23 -71.82 -71.45
CA LEU J 471 101.94 -71.32 -72.84
C LEU J 471 103.29 -70.99 -73.52
N SER J 472 103.30 -71.09 -74.85
CA SER J 472 104.50 -70.91 -75.71
C SER J 472 104.50 -69.50 -76.33
N GLY J 473 103.38 -68.76 -76.23
CA GLY J 473 103.26 -67.36 -76.69
C GLY J 473 103.99 -66.38 -75.79
N SER J 474 103.55 -65.10 -75.75
CA SER J 474 103.95 -64.10 -74.73
C SER J 474 102.98 -64.20 -73.56
N ILE J 475 103.49 -64.21 -72.32
CA ILE J 475 102.64 -64.26 -71.10
C ILE J 475 102.01 -62.88 -70.90
N SER J 476 102.81 -61.81 -70.95
CA SER J 476 102.31 -60.41 -70.85
C SER J 476 101.07 -60.28 -71.74
N GLU J 477 101.17 -60.71 -73.00
CA GLU J 477 100.09 -60.59 -74.03
C GLU J 477 98.83 -61.32 -73.59
N ARG J 478 98.96 -62.54 -73.06
CA ARG J 478 97.81 -63.36 -72.60
C ARG J 478 97.17 -62.69 -71.38
N ILE J 479 97.99 -62.21 -70.43
CA ILE J 479 97.51 -61.53 -69.19
C ILE J 479 96.67 -60.32 -69.60
N VAL J 480 97.19 -59.47 -70.49
CA VAL J 480 96.43 -58.33 -71.09
C VAL J 480 95.13 -58.85 -71.69
N ASP J 481 95.21 -59.86 -72.55
CA ASP J 481 94.05 -60.41 -73.29
C ASP J 481 93.01 -60.94 -72.31
N CYS J 482 93.44 -61.46 -71.15
CA CYS J 482 92.58 -62.07 -70.11
C CYS J 482 91.75 -61.03 -69.37
N ILE J 483 92.24 -59.78 -69.34
CA ILE J 483 91.66 -58.61 -68.63
C ILE J 483 90.81 -57.79 -69.60
N ILE J 484 91.35 -57.49 -70.78
CA ILE J 484 90.72 -56.64 -71.83
C ILE J 484 89.50 -57.34 -72.42
N ARG J 485 89.61 -58.59 -72.84
CA ARG J 485 88.68 -59.22 -73.82
C ARG J 485 87.99 -60.46 -73.23
N LEU J 486 88.75 -61.49 -72.89
CA LEU J 486 88.20 -62.81 -72.47
C LEU J 486 87.46 -62.64 -71.15
N PRO J 487 86.43 -63.46 -70.90
CA PRO J 487 85.78 -63.50 -69.59
C PRO J 487 86.71 -64.03 -68.51
N VAL J 488 86.25 -63.96 -67.26
CA VAL J 488 86.86 -64.63 -66.09
C VAL J 488 85.94 -65.80 -65.71
N LYS J 489 86.43 -67.03 -65.80
CA LYS J 489 85.68 -68.21 -65.31
C LYS J 489 86.25 -68.54 -63.92
N TRP J 490 85.97 -67.67 -62.94
CA TRP J 490 86.64 -67.69 -61.62
C TRP J 490 86.61 -69.09 -61.01
N GLU J 491 85.48 -69.80 -61.18
CA GLU J 491 85.31 -71.17 -60.64
C GLU J 491 86.43 -72.06 -61.18
N THR J 492 86.62 -72.09 -62.50
CA THR J 492 87.59 -73.01 -63.17
C THR J 492 89.02 -72.47 -63.01
N THR J 493 89.20 -71.16 -62.83
CA THR J 493 90.50 -70.51 -62.54
C THR J 493 90.99 -70.99 -61.18
N THR J 494 90.06 -71.24 -60.27
CA THR J 494 90.33 -71.42 -58.83
C THR J 494 90.24 -72.93 -58.52
N GLN J 495 90.51 -73.76 -59.52
CA GLN J 495 90.28 -75.24 -59.54
C GLN J 495 91.40 -75.98 -58.80
N PHE J 496 92.49 -75.30 -58.43
CA PHE J 496 93.61 -75.82 -57.59
C PHE J 496 93.10 -76.34 -56.24
N LYS J 497 93.91 -77.19 -55.59
CA LYS J 497 93.69 -77.68 -54.21
C LYS J 497 94.69 -76.99 -53.29
N ALA J 498 94.20 -76.45 -52.18
CA ALA J 498 94.96 -75.77 -51.10
C ALA J 498 94.08 -75.67 -49.85
N THR J 499 94.68 -75.55 -48.67
CA THR J 499 93.96 -75.49 -47.38
C THR J 499 93.66 -74.03 -47.01
N HIS J 500 94.46 -73.10 -47.53
CA HIS J 500 94.40 -71.65 -47.19
C HIS J 500 94.53 -70.80 -48.45
N ILE J 501 93.82 -69.67 -48.48
CA ILE J 501 93.87 -68.67 -49.58
C ILE J 501 94.00 -67.28 -48.93
N LEU J 502 94.95 -66.47 -49.41
CA LEU J 502 95.19 -65.08 -48.91
C LEU J 502 94.69 -64.07 -49.94
N ASP J 503 93.64 -63.28 -49.60
CA ASP J 503 93.10 -62.14 -50.40
C ASP J 503 93.89 -60.89 -50.00
N PHE J 504 94.95 -60.61 -50.77
CA PHE J 504 95.74 -59.35 -50.69
C PHE J 504 94.90 -58.20 -51.28
N GLY J 505 93.89 -58.57 -52.07
CA GLY J 505 93.19 -57.70 -53.04
C GLY J 505 92.36 -56.68 -52.31
N PRO J 506 91.95 -55.60 -53.02
CA PRO J 506 91.28 -54.45 -52.38
C PRO J 506 89.89 -54.87 -51.91
N GLY J 507 89.38 -54.22 -50.86
CA GLY J 507 87.95 -54.23 -50.47
C GLY J 507 87.67 -55.12 -49.27
N GLY J 508 88.71 -55.49 -48.51
CA GLY J 508 88.56 -56.38 -47.34
C GLY J 508 87.48 -57.44 -47.53
N ALA J 509 86.36 -57.27 -46.82
CA ALA J 509 85.30 -58.30 -46.66
C ALA J 509 84.35 -58.28 -47.86
N SER J 510 84.33 -57.20 -48.65
CA SER J 510 83.61 -57.13 -49.96
C SER J 510 84.51 -57.69 -51.06
N GLY J 511 85.73 -58.09 -50.68
CA GLY J 511 86.81 -58.44 -51.61
C GLY J 511 86.69 -59.83 -52.19
N LEU J 512 87.54 -60.12 -53.18
CA LEU J 512 87.56 -61.41 -53.90
C LEU J 512 87.68 -62.57 -52.92
N GLY J 513 88.31 -62.35 -51.77
CA GLY J 513 88.50 -63.38 -50.74
C GLY J 513 87.19 -64.05 -50.39
N VAL J 514 86.26 -63.26 -49.85
CA VAL J 514 84.98 -63.77 -49.30
C VAL J 514 84.15 -64.43 -50.42
N LEU J 515 84.15 -63.86 -51.62
CA LEU J 515 83.44 -64.46 -52.79
C LEU J 515 83.94 -65.89 -52.98
N THR J 516 85.26 -66.06 -53.05
CA THR J 516 85.92 -67.37 -53.26
C THR J 516 85.50 -68.31 -52.13
N HIS J 517 85.46 -67.81 -50.89
CA HIS J 517 85.04 -68.63 -49.72
C HIS J 517 83.63 -69.18 -49.95
N ARG J 518 82.70 -68.33 -50.41
CA ARG J 518 81.30 -68.73 -50.62
C ARG J 518 81.24 -69.81 -51.71
N ASN J 519 82.12 -69.76 -52.71
CA ASN J 519 82.15 -70.78 -53.78
C ASN J 519 82.61 -72.13 -53.20
N LYS J 520 83.53 -72.12 -52.23
CA LYS J 520 84.33 -73.30 -51.81
C LYS J 520 83.97 -73.78 -50.41
N ASP J 521 82.98 -73.15 -49.77
CA ASP J 521 82.54 -73.49 -48.40
C ASP J 521 82.26 -75.00 -48.34
N GLY J 522 82.86 -75.68 -47.36
CA GLY J 522 82.60 -77.11 -47.07
C GLY J 522 83.57 -78.06 -47.75
N THR J 523 84.55 -77.54 -48.49
CA THR J 523 85.58 -78.37 -49.20
C THR J 523 86.93 -78.30 -48.48
N GLY J 524 86.99 -77.69 -47.29
CA GLY J 524 88.20 -77.66 -46.42
C GLY J 524 89.17 -76.56 -46.77
N VAL J 525 88.73 -75.51 -47.46
CA VAL J 525 89.52 -74.30 -47.76
C VAL J 525 89.18 -73.22 -46.73
N ARG J 526 90.19 -72.56 -46.21
CA ARG J 526 90.10 -71.38 -45.31
C ARG J 526 90.59 -70.16 -46.08
N VAL J 527 89.77 -69.12 -46.21
CA VAL J 527 90.20 -67.84 -46.83
C VAL J 527 90.54 -66.87 -45.71
N ILE J 528 91.63 -66.14 -45.89
CA ILE J 528 92.05 -65.06 -44.95
C ILE J 528 92.12 -63.75 -45.75
N VAL J 529 91.40 -62.74 -45.26
CA VAL J 529 91.46 -61.36 -45.81
C VAL J 529 92.73 -60.70 -45.25
N ALA J 530 93.77 -60.60 -46.08
CA ALA J 530 95.10 -60.11 -45.67
C ALA J 530 95.10 -58.58 -45.58
N GLY J 531 94.04 -57.95 -46.11
CA GLY J 531 93.92 -56.48 -46.26
C GLY J 531 93.53 -55.78 -44.98
N THR J 532 92.44 -56.19 -44.35
CA THR J 532 91.80 -55.47 -43.23
C THR J 532 91.99 -56.22 -41.91
N LEU J 533 92.16 -55.49 -40.81
CA LEU J 533 91.94 -56.01 -39.44
C LEU J 533 90.49 -55.71 -39.03
N ASP J 534 89.75 -56.76 -38.63
CA ASP J 534 88.34 -56.70 -38.22
C ASP J 534 88.04 -58.04 -37.55
N ILE J 535 86.77 -58.27 -37.15
CA ILE J 535 86.36 -59.52 -36.45
C ILE J 535 85.17 -60.13 -37.20
N ASN J 536 85.30 -61.38 -37.65
CA ASN J 536 84.19 -62.15 -38.26
C ASN J 536 83.49 -62.87 -37.12
N PRO J 537 82.25 -62.46 -36.75
CA PRO J 537 81.56 -63.08 -35.62
C PRO J 537 81.26 -64.58 -35.87
N ASP J 538 80.98 -64.96 -37.13
CA ASP J 538 80.68 -66.36 -37.53
C ASP J 538 81.94 -67.23 -37.61
N ASP J 539 83.11 -66.60 -37.75
CA ASP J 539 84.44 -67.23 -37.99
C ASP J 539 84.43 -68.06 -39.28
N ASP J 540 83.45 -67.79 -40.16
CA ASP J 540 83.39 -68.14 -41.62
C ASP J 540 84.80 -68.16 -42.25
N TYR J 541 85.56 -67.07 -42.09
CA TYR J 541 86.90 -66.78 -42.70
C TYR J 541 87.68 -65.90 -41.70
N GLY J 542 88.94 -65.56 -42.00
CA GLY J 542 89.82 -64.78 -41.10
C GLY J 542 90.21 -63.43 -41.66
N PHE J 543 90.71 -62.54 -40.80
CA PHE J 543 91.32 -61.24 -41.18
C PHE J 543 92.83 -61.29 -40.91
N LYS J 544 93.57 -60.21 -41.22
CA LYS J 544 95.04 -60.09 -41.07
C LYS J 544 95.57 -60.96 -39.92
N GLN J 545 94.96 -60.85 -38.74
CA GLN J 545 95.44 -61.48 -37.46
C GLN J 545 95.91 -62.92 -37.71
N GLU J 546 95.08 -63.72 -38.38
CA GLU J 546 95.27 -65.20 -38.58
C GLU J 546 96.65 -65.48 -39.20
N ILE J 547 97.12 -64.59 -40.09
CA ILE J 547 98.44 -64.74 -40.74
C ILE J 547 99.52 -64.77 -39.66
N PHE J 548 99.58 -63.74 -38.83
CA PHE J 548 100.75 -63.44 -37.97
C PHE J 548 100.64 -64.14 -36.61
N ASP J 549 99.44 -64.54 -36.21
CA ASP J 549 99.16 -65.17 -34.88
C ASP J 549 100.05 -66.41 -34.73
N VAL J 550 100.53 -66.63 -33.51
CA VAL J 550 101.57 -67.62 -33.10
C VAL J 550 100.92 -68.82 -32.41
N THR J 551 99.79 -68.63 -31.73
CA THR J 551 99.02 -69.69 -31.02
C THR J 551 98.26 -70.54 -32.05
N SER J 552 97.44 -71.50 -31.59
CA SER J 552 96.54 -72.33 -32.45
C SER J 552 95.62 -71.43 -33.31
N ASN J 553 95.28 -70.23 -32.84
CA ASN J 553 94.33 -69.28 -33.49
C ASN J 553 94.82 -68.82 -34.87
N GLY J 554 96.10 -69.00 -35.20
CA GLY J 554 96.67 -68.74 -36.54
C GLY J 554 96.33 -69.85 -37.53
N LEU J 555 96.33 -71.10 -37.04
CA LEU J 555 95.98 -72.30 -37.84
C LEU J 555 94.54 -72.69 -37.53
N LYS J 556 93.59 -72.11 -38.27
CA LYS J 556 92.20 -72.57 -38.32
C LYS J 556 92.00 -73.15 -39.72
N LYS J 557 91.33 -74.30 -39.81
CA LYS J 557 90.96 -74.89 -41.10
C LYS J 557 89.44 -74.91 -41.14
N ASN J 558 88.88 -74.57 -42.30
CA ASN J 558 87.43 -74.72 -42.53
C ASN J 558 87.16 -76.20 -42.72
N PRO J 559 85.99 -76.69 -42.25
CA PRO J 559 85.69 -78.12 -42.32
C PRO J 559 85.48 -78.52 -43.79
N ASN J 560 85.99 -79.71 -44.14
CA ASN J 560 85.57 -80.51 -45.33
C ASN J 560 84.45 -81.42 -44.83
N TRP J 561 83.20 -81.15 -45.22
CA TRP J 561 82.01 -81.80 -44.61
C TRP J 561 82.10 -83.32 -44.81
N LEU J 562 82.48 -83.75 -46.02
CA LEU J 562 82.63 -85.19 -46.34
C LEU J 562 83.45 -85.86 -45.24
N GLU J 563 84.61 -85.29 -44.92
CA GLU J 563 85.58 -85.88 -43.96
C GLU J 563 85.04 -85.76 -42.54
N GLU J 564 84.56 -84.59 -42.15
CA GLU J 564 84.11 -84.28 -40.78
C GLU J 564 82.94 -85.14 -40.34
N TYR J 565 82.04 -85.48 -41.26
CA TYR J 565 80.73 -86.11 -40.95
C TYR J 565 80.59 -87.41 -41.75
N HIS J 566 81.69 -87.90 -42.33
CA HIS J 566 81.77 -89.23 -42.98
C HIS J 566 81.05 -90.22 -42.06
N PRO J 567 80.06 -90.97 -42.57
CA PRO J 567 79.48 -92.07 -41.80
C PRO J 567 80.62 -93.09 -41.68
N LYS J 568 80.58 -93.91 -40.64
CA LYS J 568 81.61 -94.94 -40.34
C LYS J 568 80.91 -96.20 -39.83
N LEU J 569 81.67 -97.28 -39.61
CA LEU J 569 81.19 -98.49 -38.92
C LEU J 569 81.98 -98.64 -37.61
N ILE J 570 81.34 -99.23 -36.61
CA ILE J 570 81.94 -99.48 -35.28
C ILE J 570 81.31 -100.74 -34.70
N LYS J 571 82.01 -101.40 -33.77
CA LYS J 571 81.64 -102.69 -33.18
C LYS J 571 81.54 -102.57 -31.66
N ASN J 572 80.44 -103.07 -31.10
CA ASN J 572 80.26 -103.50 -29.70
C ASN J 572 81.38 -104.45 -29.28
N LYS J 573 81.52 -104.75 -27.99
CA LYS J 573 82.27 -105.94 -27.51
C LYS J 573 81.51 -107.19 -27.94
N SER J 574 80.18 -107.18 -27.82
CA SER J 574 79.27 -108.26 -28.29
C SER J 574 79.41 -108.47 -29.81
N GLY J 575 80.08 -107.56 -30.53
CA GLY J 575 80.34 -107.67 -31.97
C GLY J 575 79.21 -107.09 -32.82
N LYS J 576 78.21 -106.44 -32.20
CA LYS J 576 77.12 -105.71 -32.93
C LYS J 576 77.71 -104.57 -33.75
N ILE J 577 77.24 -104.39 -34.98
CA ILE J 577 77.74 -103.32 -35.90
C ILE J 577 76.73 -102.16 -35.88
N PHE J 578 77.23 -100.94 -35.66
CA PHE J 578 76.47 -99.68 -35.71
C PHE J 578 77.03 -98.78 -36.80
N VAL J 579 76.14 -98.02 -37.44
CA VAL J 579 76.47 -96.86 -38.29
C VAL J 579 76.83 -95.70 -37.35
N GLU J 580 78.10 -95.29 -37.37
CA GLU J 580 78.67 -94.26 -36.47
C GLU J 580 78.44 -92.88 -37.11
N THR J 581 77.54 -92.10 -36.51
CA THR J 581 77.29 -90.66 -36.83
C THR J 581 77.22 -89.86 -35.53
N LYS J 582 77.22 -88.53 -35.65
CA LYS J 582 77.14 -87.61 -34.49
C LYS J 582 76.00 -88.05 -33.58
N PHE J 583 74.90 -88.54 -34.17
CA PHE J 583 73.65 -88.92 -33.48
C PHE J 583 73.81 -90.26 -32.78
N SER J 584 74.11 -91.32 -33.53
CA SER J 584 74.25 -92.70 -32.97
C SER J 584 75.31 -92.73 -31.87
N LYS J 585 76.37 -91.94 -32.00
CA LYS J 585 77.46 -91.81 -30.99
C LYS J 585 76.89 -91.39 -29.63
N LEU J 586 75.81 -90.62 -29.62
CA LEU J 586 75.15 -90.16 -28.37
C LEU J 586 74.26 -91.29 -27.84
N ILE J 587 73.32 -91.76 -28.65
CA ILE J 587 72.16 -92.57 -28.18
C ILE J 587 72.52 -94.05 -28.09
N GLY J 588 73.64 -94.47 -28.67
CA GLY J 588 74.10 -95.87 -28.62
C GLY J 588 73.13 -96.83 -29.27
N ARG J 589 72.47 -96.36 -30.32
CA ARG J 589 71.50 -97.14 -31.13
C ARG J 589 71.66 -96.69 -32.57
N PRO J 590 71.07 -97.40 -33.54
CA PRO J 590 71.12 -96.94 -34.93
C PRO J 590 70.60 -95.51 -35.08
N PRO J 591 71.18 -94.72 -36.00
CA PRO J 591 70.85 -93.31 -36.15
C PRO J 591 69.53 -93.13 -36.90
N LEU J 592 68.52 -93.91 -36.52
CA LEU J 592 67.22 -93.99 -37.21
C LEU J 592 66.16 -93.95 -36.12
N LEU J 593 65.08 -93.21 -36.38
CA LEU J 593 64.01 -92.97 -35.36
C LEU J 593 62.63 -92.92 -36.03
N VAL J 594 61.63 -93.46 -35.33
CA VAL J 594 60.20 -93.26 -35.64
C VAL J 594 59.79 -91.96 -34.96
N PRO J 595 59.33 -90.94 -35.71
CA PRO J 595 59.03 -89.64 -35.14
C PRO J 595 57.66 -89.70 -34.47
N GLY J 596 57.38 -88.74 -33.59
CA GLY J 596 56.04 -88.55 -33.01
C GLY J 596 55.02 -88.45 -34.13
N MET J 597 53.96 -89.24 -34.04
CA MET J 597 52.83 -89.21 -35.01
C MET J 597 51.57 -89.48 -34.20
N THR J 598 50.53 -88.63 -34.30
CA THR J 598 49.33 -88.71 -33.43
C THR J 598 48.67 -90.09 -33.54
N PRO J 599 47.84 -90.44 -34.57
CA PRO J 599 47.16 -91.72 -34.45
C PRO J 599 48.23 -92.78 -34.13
N CYS J 600 49.41 -92.75 -34.77
CA CYS J 600 50.32 -93.92 -34.87
C CYS J 600 51.07 -94.21 -33.57
N THR J 601 51.86 -93.26 -33.08
CA THR J 601 52.79 -93.45 -31.94
C THR J 601 52.17 -92.91 -30.66
N VAL J 602 50.85 -92.70 -30.64
CA VAL J 602 50.11 -92.44 -29.38
C VAL J 602 50.06 -93.75 -28.59
N SER J 603 49.95 -94.88 -29.29
CA SER J 603 49.82 -96.24 -28.69
C SER J 603 51.07 -96.58 -27.89
N PRO J 604 50.98 -96.74 -26.56
CA PRO J 604 52.13 -97.16 -25.77
C PRO J 604 52.72 -98.50 -26.24
N ASP J 605 51.86 -99.41 -26.71
CA ASP J 605 52.26 -100.73 -27.25
C ASP J 605 53.27 -100.56 -28.39
N PHE J 606 52.94 -99.73 -29.37
CA PHE J 606 53.80 -99.49 -30.57
C PHE J 606 55.09 -98.77 -30.18
N VAL J 607 55.04 -97.91 -29.16
CA VAL J 607 56.24 -97.18 -28.66
C VAL J 607 57.18 -98.19 -28.02
N ALA J 608 56.63 -99.09 -27.19
CA ALA J 608 57.38 -100.15 -26.50
C ALA J 608 57.96 -101.11 -27.55
N ALA J 609 57.14 -101.52 -28.50
CA ALA J 609 57.54 -102.46 -29.57
C ALA J 609 58.74 -101.88 -30.33
N THR J 610 58.67 -100.62 -30.71
CA THR J 610 59.73 -99.94 -31.48
C THR J 610 60.94 -99.75 -30.57
N THR J 611 60.73 -99.39 -29.30
CA THR J 611 61.84 -99.19 -28.34
C THR J 611 62.52 -100.54 -28.10
N ASN J 612 61.74 -101.62 -27.99
CA ASN J 612 62.26 -102.98 -27.70
C ASN J 612 62.92 -103.55 -28.96
N ALA J 613 62.52 -103.11 -30.14
CA ALA J 613 63.18 -103.46 -31.43
C ALA J 613 64.57 -102.85 -31.47
N GLY J 614 64.82 -101.86 -30.60
CA GLY J 614 66.14 -101.23 -30.35
C GLY J 614 66.29 -99.92 -31.11
N TYR J 615 65.19 -99.18 -31.27
CA TYR J 615 65.11 -97.94 -32.09
C TYR J 615 64.39 -96.84 -31.32
N THR J 616 64.92 -95.62 -31.43
CA THR J 616 64.40 -94.42 -30.74
C THR J 616 63.04 -94.08 -31.35
N ILE J 617 62.00 -93.90 -30.52
CA ILE J 617 60.65 -93.47 -30.96
C ILE J 617 60.13 -92.38 -30.03
N GLU J 618 59.28 -91.48 -30.55
CA GLU J 618 58.62 -90.37 -29.80
C GLU J 618 57.18 -90.81 -29.45
N LEU J 619 56.81 -90.80 -28.17
CA LEU J 619 55.39 -90.98 -27.72
C LEU J 619 54.62 -89.69 -28.04
N ALA J 620 53.53 -89.77 -28.81
CA ALA J 620 52.80 -88.60 -29.35
C ALA J 620 51.89 -87.97 -28.30
N GLY J 621 52.21 -86.75 -27.86
CA GLY J 621 51.36 -85.95 -26.96
C GLY J 621 50.01 -85.68 -27.61
N GLY J 622 49.98 -85.65 -28.95
CA GLY J 622 48.78 -85.43 -29.75
C GLY J 622 47.56 -86.17 -29.24
N GLY J 623 47.71 -87.41 -28.75
CA GLY J 623 46.57 -88.25 -28.38
C GLY J 623 46.19 -88.18 -26.90
N TYR J 624 46.73 -87.20 -26.18
CA TYR J 624 46.53 -87.04 -24.71
C TYR J 624 46.00 -85.64 -24.40
N PHE J 625 45.16 -85.55 -23.35
CA PHE J 625 44.35 -84.35 -23.01
C PHE J 625 44.53 -83.98 -21.53
N SER J 626 45.17 -84.82 -20.71
CA SER J 626 45.47 -84.54 -19.29
C SER J 626 46.84 -85.10 -18.93
N ALA J 627 47.45 -84.59 -17.86
CA ALA J 627 48.70 -85.15 -17.30
C ALA J 627 48.45 -86.61 -16.91
N ALA J 628 47.28 -86.89 -16.32
CA ALA J 628 46.92 -88.22 -15.78
C ALA J 628 46.82 -89.23 -16.92
N GLY J 629 46.26 -88.80 -18.06
CA GLY J 629 46.07 -89.64 -19.24
C GLY J 629 47.39 -90.14 -19.80
N MET J 630 48.34 -89.22 -19.98
CA MET J 630 49.68 -89.52 -20.53
C MET J 630 50.50 -90.28 -19.48
N THR J 631 50.42 -89.89 -18.21
CA THR J 631 51.14 -90.58 -17.10
C THR J 631 50.79 -92.08 -17.14
N ALA J 632 49.55 -92.44 -17.44
CA ALA J 632 49.09 -93.84 -17.53
C ALA J 632 49.75 -94.53 -18.72
N ALA J 633 49.85 -93.83 -19.85
CA ALA J 633 50.44 -94.36 -21.12
C ALA J 633 51.95 -94.52 -20.97
N ILE J 634 52.61 -93.53 -20.38
CA ILE J 634 54.07 -93.59 -20.10
C ILE J 634 54.32 -94.81 -19.21
N ASP J 635 53.56 -94.95 -18.11
CA ASP J 635 53.67 -96.09 -17.16
C ASP J 635 53.54 -97.42 -17.92
N SER J 636 52.61 -97.51 -18.88
CA SER J 636 52.41 -98.69 -19.72
C SER J 636 53.67 -98.98 -20.56
N VAL J 637 54.25 -97.95 -21.19
CA VAL J 637 55.48 -98.07 -22.03
C VAL J 637 56.60 -98.58 -21.11
N VAL J 638 56.80 -97.92 -19.97
CA VAL J 638 57.88 -98.26 -19.00
C VAL J 638 57.74 -99.74 -18.63
N SER J 639 56.52 -100.19 -18.32
CA SER J 639 56.29 -101.59 -17.86
C SER J 639 56.63 -102.59 -18.98
N GLN J 640 56.65 -102.18 -20.25
CA GLN J 640 56.78 -103.10 -21.41
C GLN J 640 58.20 -103.11 -21.95
N ILE J 641 59.07 -102.17 -21.57
CA ILE J 641 60.45 -102.05 -22.14
C ILE J 641 61.44 -102.62 -21.13
N GLU J 642 62.62 -103.03 -21.61
CA GLU J 642 63.73 -103.60 -20.80
C GLU J 642 64.28 -102.51 -19.84
N LYS J 643 64.80 -102.92 -18.68
CA LYS J 643 65.48 -101.99 -17.73
C LYS J 643 66.56 -101.25 -18.52
N GLY J 644 66.65 -99.94 -18.33
CA GLY J 644 67.71 -99.09 -18.94
C GLY J 644 67.37 -98.68 -20.37
N SER J 645 66.21 -99.06 -20.90
CA SER J 645 65.68 -98.58 -22.20
C SER J 645 65.12 -97.18 -21.96
N THR J 646 64.97 -96.42 -23.05
CA THR J 646 64.41 -95.04 -23.07
C THR J 646 63.61 -94.75 -24.34
N PHE J 647 62.76 -93.75 -24.22
CA PHE J 647 61.96 -93.23 -25.34
C PHE J 647 61.82 -91.73 -25.12
N GLY J 648 61.21 -91.05 -26.09
CA GLY J 648 60.97 -89.61 -26.04
C GLY J 648 59.50 -89.29 -26.09
N ILE J 649 59.18 -88.01 -25.93
CA ILE J 649 57.81 -87.46 -26.01
C ILE J 649 57.80 -86.34 -27.05
N ASN J 650 56.79 -86.32 -27.93
CA ASN J 650 56.53 -85.25 -28.92
C ASN J 650 55.32 -84.46 -28.43
N LEU J 651 55.49 -83.16 -28.19
CA LEU J 651 54.41 -82.19 -27.86
C LEU J 651 54.28 -81.19 -29.00
N ILE J 652 53.07 -80.72 -29.26
CA ILE J 652 52.72 -79.76 -30.35
C ILE J 652 52.82 -78.34 -29.78
N TYR J 653 53.66 -77.47 -30.35
CA TYR J 653 53.90 -76.10 -29.84
C TYR J 653 52.62 -75.28 -30.02
N VAL J 654 51.96 -75.50 -31.14
CA VAL J 654 50.70 -74.84 -31.60
C VAL J 654 49.52 -75.19 -30.66
N ASN J 655 49.70 -76.07 -29.68
CA ASN J 655 48.60 -76.50 -28.78
C ASN J 655 48.93 -76.12 -27.34
N PRO J 656 48.68 -74.86 -26.92
CA PRO J 656 49.12 -74.38 -25.61
C PRO J 656 48.54 -75.14 -24.42
N PHE J 657 47.37 -75.77 -24.57
CA PHE J 657 46.76 -76.54 -23.46
C PHE J 657 47.62 -77.78 -23.18
N MET J 658 48.07 -78.47 -24.23
CA MET J 658 48.95 -79.67 -24.13
C MET J 658 50.24 -79.28 -23.41
N LEU J 659 50.86 -78.19 -23.86
CA LEU J 659 52.12 -77.63 -23.29
C LEU J 659 51.94 -77.33 -21.80
N GLN J 660 50.78 -76.84 -21.36
CA GLN J 660 50.64 -76.33 -19.99
C GLN J 660 50.56 -77.48 -18.98
N TRP J 661 50.01 -78.65 -19.36
CA TRP J 661 50.02 -79.86 -18.47
C TRP J 661 51.24 -80.73 -18.79
N GLY J 662 51.69 -80.70 -20.03
CA GLY J 662 52.76 -81.57 -20.59
C GLY J 662 54.14 -81.24 -20.08
N ILE J 663 54.55 -79.97 -20.11
CA ILE J 663 55.90 -79.55 -19.67
C ILE J 663 56.05 -79.84 -18.17
N PRO J 664 55.17 -79.36 -17.27
CA PRO J 664 55.28 -79.70 -15.84
C PRO J 664 55.28 -81.22 -15.60
N LEU J 665 54.55 -81.99 -16.41
CA LEU J 665 54.49 -83.47 -16.30
C LEU J 665 55.89 -84.01 -16.53
N ILE J 666 56.51 -83.66 -17.67
CA ILE J 666 57.85 -84.15 -18.02
C ILE J 666 58.78 -83.85 -16.85
N LYS J 667 58.77 -82.62 -16.32
CA LYS J 667 59.66 -82.21 -15.21
C LYS J 667 59.45 -83.12 -14.00
N GLU J 668 58.20 -83.29 -13.59
CA GLU J 668 57.81 -84.14 -12.43
C GLU J 668 58.35 -85.57 -12.66
N LEU J 669 57.99 -86.16 -13.80
CA LEU J 669 58.37 -87.54 -14.18
C LEU J 669 59.89 -87.66 -14.24
N ARG J 670 60.54 -86.73 -14.94
CA ARG J 670 62.02 -86.66 -15.10
C ARG J 670 62.67 -86.65 -13.72
N SER J 671 62.08 -85.94 -12.76
CA SER J 671 62.65 -85.79 -11.39
C SER J 671 62.42 -87.06 -10.56
N LYS J 672 61.50 -87.92 -10.95
CA LYS J 672 61.33 -89.24 -10.30
C LYS J 672 62.19 -90.27 -11.05
N GLY J 673 62.97 -89.80 -12.03
CA GLY J 673 63.95 -90.60 -12.76
C GLY J 673 63.32 -91.49 -13.83
N TYR J 674 62.15 -91.12 -14.36
CA TYR J 674 61.53 -91.82 -15.50
C TYR J 674 62.50 -91.85 -16.67
N PRO J 675 62.50 -92.92 -17.48
CA PRO J 675 63.45 -93.09 -18.57
C PRO J 675 63.09 -92.31 -19.83
N ILE J 676 62.74 -91.03 -19.68
CA ILE J 676 62.51 -90.12 -20.83
C ILE J 676 63.86 -89.50 -21.20
N GLN J 677 64.32 -89.81 -22.42
CA GLN J 677 65.67 -89.43 -22.91
C GLN J 677 65.58 -88.00 -23.44
N PHE J 678 64.49 -87.68 -24.15
CA PHE J 678 64.36 -86.42 -24.92
C PHE J 678 62.90 -86.00 -25.09
N LEU J 679 62.74 -84.74 -25.47
CA LEU J 679 61.48 -84.08 -25.85
C LEU J 679 61.66 -83.53 -27.27
N THR J 680 60.77 -83.85 -28.19
CA THR J 680 60.71 -83.23 -29.54
C THR J 680 59.50 -82.30 -29.56
N ILE J 681 59.69 -81.05 -30.00
CA ILE J 681 58.61 -80.06 -30.16
C ILE J 681 58.27 -79.99 -31.66
N GLY J 682 57.00 -80.29 -31.98
CA GLY J 682 56.45 -80.24 -33.35
C GLY J 682 55.59 -79.02 -33.58
N ALA J 683 55.30 -78.75 -34.86
CA ALA J 683 54.46 -77.63 -35.34
C ALA J 683 55.07 -76.29 -34.91
N GLY J 684 56.34 -76.07 -35.28
CA GLY J 684 57.07 -74.82 -35.08
C GLY J 684 57.96 -74.85 -33.85
N VAL J 685 58.86 -73.87 -33.74
CA VAL J 685 60.04 -73.84 -32.84
C VAL J 685 59.79 -72.84 -31.72
N PRO J 686 60.07 -73.18 -30.44
CA PRO J 686 59.91 -72.22 -29.35
C PRO J 686 60.80 -70.98 -29.46
N SER J 687 60.48 -69.94 -28.71
CA SER J 687 61.34 -68.76 -28.46
C SER J 687 62.55 -69.21 -27.65
N LEU J 688 63.62 -68.41 -27.65
CA LEU J 688 64.86 -68.70 -26.88
C LEU J 688 64.49 -68.91 -25.42
N GLU J 689 63.65 -68.06 -24.86
CA GLU J 689 63.37 -68.07 -23.40
C GLU J 689 62.61 -69.35 -23.06
N VAL J 690 61.73 -69.82 -23.94
CA VAL J 690 60.89 -71.05 -23.70
C VAL J 690 61.77 -72.28 -23.88
N ALA J 691 62.58 -72.32 -24.94
CA ALA J 691 63.58 -73.38 -25.21
C ALA J 691 64.52 -73.47 -24.01
N SER J 692 65.13 -72.33 -23.63
CA SER J 692 66.04 -72.21 -22.46
C SER J 692 65.39 -72.88 -21.26
N GLU J 693 64.08 -72.68 -21.07
CA GLU J 693 63.30 -73.32 -19.97
C GLU J 693 63.37 -74.84 -20.16
N TYR J 694 62.90 -75.36 -21.30
CA TYR J 694 62.80 -76.83 -21.58
C TYR J 694 64.16 -77.49 -21.37
N ILE J 695 65.23 -76.83 -21.82
CA ILE J 695 66.63 -77.37 -21.75
C ILE J 695 67.09 -77.45 -20.30
N GLU J 696 66.87 -76.40 -19.48
CA GLU J 696 67.45 -76.29 -18.12
C GLU J 696 66.56 -76.89 -17.03
N THR J 697 65.23 -76.92 -17.20
CA THR J 697 64.26 -77.36 -16.15
C THR J 697 63.97 -78.87 -16.24
N LEU J 698 63.90 -79.44 -17.44
CA LEU J 698 63.33 -80.80 -17.67
C LEU J 698 64.27 -82.00 -17.67
N GLY J 699 65.56 -81.90 -17.32
CA GLY J 699 66.39 -83.08 -17.04
C GLY J 699 66.54 -83.97 -18.26
N LEU J 700 66.43 -83.38 -19.45
CA LEU J 700 66.43 -84.11 -20.75
C LEU J 700 67.86 -84.25 -21.23
N LYS J 701 68.17 -85.30 -21.97
CA LYS J 701 69.54 -85.58 -22.46
C LYS J 701 69.71 -84.94 -23.85
N TYR J 702 68.63 -84.70 -24.60
CA TYR J 702 68.62 -83.85 -25.82
C TYR J 702 67.22 -83.26 -26.03
N LEU J 703 67.13 -82.25 -26.92
CA LEU J 703 65.88 -81.58 -27.33
C LEU J 703 65.75 -81.69 -28.85
N GLY J 704 64.62 -82.18 -29.33
CA GLY J 704 64.29 -82.25 -30.77
C GLY J 704 63.47 -81.05 -31.20
N LEU J 705 63.86 -80.38 -32.29
CA LEU J 705 63.10 -79.26 -32.89
C LEU J 705 62.85 -79.61 -34.35
N LYS J 706 61.69 -79.18 -34.89
CA LYS J 706 61.23 -79.59 -36.24
C LYS J 706 61.01 -78.34 -37.08
N PRO J 707 62.05 -77.54 -37.36
CA PRO J 707 61.88 -76.32 -38.15
C PRO J 707 61.38 -76.69 -39.56
N GLY J 708 60.52 -75.84 -40.11
CA GLY J 708 59.83 -76.09 -41.40
C GLY J 708 60.32 -75.19 -42.52
N SER J 709 60.98 -74.08 -42.18
CA SER J 709 61.46 -73.02 -43.11
C SER J 709 62.89 -72.61 -42.78
N ILE J 710 63.52 -71.83 -43.67
CA ILE J 710 64.89 -71.27 -43.47
C ILE J 710 64.90 -70.44 -42.17
N ASP J 711 63.85 -69.64 -41.93
CA ASP J 711 63.73 -68.80 -40.71
C ASP J 711 63.73 -69.68 -39.46
N ALA J 712 62.95 -70.76 -39.49
CA ALA J 712 62.80 -71.71 -38.36
C ALA J 712 64.16 -72.36 -38.07
N ILE J 713 64.92 -72.71 -39.10
CA ILE J 713 66.27 -73.33 -38.94
C ILE J 713 67.17 -72.34 -38.19
N SER J 714 67.13 -71.06 -38.52
CA SER J 714 67.91 -69.99 -37.84
C SER J 714 67.52 -69.94 -36.36
N GLN J 715 66.23 -70.09 -36.05
CA GLN J 715 65.72 -70.04 -34.66
C GLN J 715 66.33 -71.22 -33.90
N VAL J 716 66.40 -72.40 -34.54
CA VAL J 716 67.01 -73.63 -33.94
C VAL J 716 68.49 -73.36 -33.64
N ILE J 717 69.21 -72.79 -34.62
CA ILE J 717 70.65 -72.43 -34.48
C ILE J 717 70.82 -71.49 -33.28
N ASN J 718 69.99 -70.47 -33.14
CA ASN J 718 70.10 -69.45 -32.06
C ASN J 718 69.86 -70.13 -30.70
N ILE J 719 69.06 -71.20 -30.67
CA ILE J 719 68.80 -71.98 -29.43
C ILE J 719 70.06 -72.77 -29.10
N ALA J 720 70.68 -73.35 -30.10
CA ALA J 720 71.92 -74.16 -29.97
C ALA J 720 73.07 -73.24 -29.55
N LYS J 721 73.25 -72.11 -30.25
CA LYS J 721 74.20 -71.01 -29.93
C LYS J 721 74.16 -70.74 -28.42
N ALA J 722 72.95 -70.68 -27.86
CA ALA J 722 72.67 -70.21 -26.48
C ALA J 722 72.90 -71.33 -25.46
N HIS J 723 73.02 -72.58 -25.89
CA HIS J 723 73.31 -73.74 -25.00
C HIS J 723 74.28 -74.67 -25.71
N PRO J 724 75.53 -74.23 -25.92
CA PRO J 724 76.38 -74.84 -26.94
C PRO J 724 76.87 -76.24 -26.56
N ASN J 725 76.69 -76.63 -25.29
CA ASN J 725 77.05 -77.95 -24.73
C ASN J 725 75.82 -78.84 -24.57
N PHE J 726 74.66 -78.42 -25.06
CA PHE J 726 73.42 -79.24 -24.97
C PHE J 726 73.08 -79.76 -26.34
N PRO J 727 72.81 -81.08 -26.48
CA PRO J 727 72.48 -81.67 -27.79
C PRO J 727 71.09 -81.25 -28.29
N ILE J 728 71.05 -80.72 -29.52
CA ILE J 728 69.78 -80.37 -30.24
C ILE J 728 69.68 -81.32 -31.45
N ALA J 729 68.61 -82.12 -31.50
CA ALA J 729 68.24 -82.90 -32.69
C ALA J 729 67.40 -82.01 -33.60
N LEU J 730 68.01 -81.43 -34.62
CA LEU J 730 67.30 -80.58 -35.63
C LEU J 730 66.73 -81.54 -36.68
N GLN J 731 65.43 -81.85 -36.56
CA GLN J 731 64.69 -82.77 -37.47
C GLN J 731 64.20 -81.97 -38.67
N TRP J 732 65.00 -81.90 -39.74
CA TRP J 732 64.60 -81.23 -41.00
C TRP J 732 63.60 -82.11 -41.76
N THR J 733 62.58 -81.46 -42.32
CA THR J 733 61.36 -82.12 -42.84
C THR J 733 60.88 -81.29 -44.04
N GLY J 734 60.50 -81.95 -45.13
CA GLY J 734 59.99 -81.27 -46.34
C GLY J 734 58.48 -81.04 -46.31
N GLY J 735 57.96 -80.36 -47.31
CA GLY J 735 56.52 -80.29 -47.57
C GLY J 735 55.99 -81.65 -48.01
N ARG J 736 56.86 -82.45 -48.61
CA ARG J 736 56.57 -83.84 -49.12
C ARG J 736 56.28 -84.79 -47.96
N GLY J 737 56.45 -84.32 -46.73
CA GLY J 737 56.15 -85.08 -45.50
C GLY J 737 54.69 -85.44 -45.39
N GLY J 738 54.37 -86.45 -44.57
CA GLY J 738 52.99 -86.87 -44.26
C GLY J 738 52.43 -86.05 -43.12
N GLY J 739 51.11 -85.98 -43.01
CA GLY J 739 50.38 -85.20 -41.97
C GLY J 739 50.50 -83.72 -42.22
N HIS J 740 50.48 -82.91 -41.14
N HIS J 740 50.48 -82.91 -41.14
CA HIS J 740 50.68 -81.43 -41.21
CA HIS J 740 50.66 -81.44 -41.22
C HIS J 740 52.03 -81.19 -41.90
C HIS J 740 52.02 -81.19 -41.91
N HIS J 741 52.04 -80.39 -42.98
CA HIS J 741 53.25 -80.19 -43.84
C HIS J 741 53.42 -78.72 -44.24
N SER J 742 54.64 -78.33 -44.59
CA SER J 742 55.06 -76.99 -45.05
C SER J 742 54.81 -76.87 -46.55
N PHE J 743 55.20 -75.75 -47.15
CA PHE J 743 55.11 -75.53 -48.62
C PHE J 743 56.50 -75.68 -49.25
N GLU J 744 57.51 -76.00 -48.42
CA GLU J 744 58.98 -75.94 -48.72
C GLU J 744 59.45 -77.18 -49.48
N ASP J 745 60.38 -76.99 -50.42
CA ASP J 745 61.16 -78.09 -51.04
C ASP J 745 61.99 -78.75 -49.94
N ALA J 746 62.28 -80.05 -50.08
CA ALA J 746 63.05 -80.85 -49.10
C ALA J 746 64.55 -80.51 -49.15
N HIS J 747 65.05 -79.97 -50.27
CA HIS J 747 66.50 -79.89 -50.57
C HIS J 747 67.02 -78.46 -50.39
N THR J 748 66.42 -77.48 -51.05
CA THR J 748 66.91 -76.07 -51.10
C THR J 748 67.22 -75.55 -49.71
N PRO J 749 66.32 -75.68 -48.71
CA PRO J 749 66.58 -75.16 -47.37
C PRO J 749 67.85 -75.74 -46.74
N MET J 750 68.13 -77.01 -47.00
CA MET J 750 69.35 -77.69 -46.48
C MET J 750 70.59 -77.20 -47.25
N LEU J 751 70.50 -77.10 -48.57
CA LEU J 751 71.59 -76.50 -49.39
C LEU J 751 71.95 -75.12 -48.82
N GLN J 752 70.95 -74.28 -48.48
CA GLN J 752 71.17 -72.89 -47.97
C GLN J 752 71.77 -72.91 -46.57
N MET J 753 71.35 -73.82 -45.71
CA MET J 753 71.57 -73.68 -44.25
C MET J 753 72.59 -74.68 -43.70
N TYR J 754 72.89 -75.77 -44.43
CA TYR J 754 73.78 -76.87 -43.96
C TYR J 754 75.04 -76.28 -43.34
N SER J 755 75.72 -75.38 -44.06
CA SER J 755 77.00 -74.76 -43.61
C SER J 755 76.81 -74.13 -42.23
N LYS J 756 75.74 -73.33 -42.07
CA LYS J 756 75.47 -72.58 -40.81
C LYS J 756 75.14 -73.57 -39.68
N ILE J 757 74.49 -74.69 -40.00
CA ILE J 757 74.08 -75.70 -39.00
C ILE J 757 75.34 -76.34 -38.44
N ARG J 758 76.28 -76.69 -39.31
CA ARG J 758 77.52 -77.43 -38.96
C ARG J 758 78.53 -76.52 -38.24
N ARG J 759 78.28 -75.21 -38.17
CA ARG J 759 79.11 -74.28 -37.37
C ARG J 759 78.79 -74.50 -35.88
N HIS J 760 77.80 -75.33 -35.54
CA HIS J 760 77.37 -75.58 -34.14
C HIS J 760 77.44 -77.06 -33.82
N PRO J 761 78.56 -77.53 -33.21
CA PRO J 761 78.78 -78.96 -32.99
C PRO J 761 77.62 -79.69 -32.30
N ASN J 762 76.87 -79.00 -31.45
CA ASN J 762 75.82 -79.58 -30.57
C ASN J 762 74.54 -79.89 -31.37
N ILE J 763 74.43 -79.43 -32.62
CA ILE J 763 73.26 -79.76 -33.47
C ILE J 763 73.52 -81.10 -34.17
N MET J 764 72.65 -82.08 -33.92
CA MET J 764 72.63 -83.41 -34.57
C MET J 764 71.59 -83.35 -35.67
N LEU J 765 72.03 -83.27 -36.93
CA LEU J 765 71.16 -82.89 -38.07
C LEU J 765 70.52 -84.14 -38.65
N ILE J 766 69.20 -84.25 -38.55
CA ILE J 766 68.43 -85.45 -38.99
C ILE J 766 67.53 -85.08 -40.16
N PHE J 767 67.47 -85.94 -41.18
CA PHE J 767 66.69 -85.71 -42.41
C PHE J 767 65.45 -86.60 -42.36
N GLY J 768 64.27 -86.00 -42.55
CA GLY J 768 62.97 -86.69 -42.58
C GLY J 768 62.18 -86.32 -43.81
N SER J 769 61.22 -87.18 -44.19
CA SER J 769 60.15 -86.91 -45.19
C SER J 769 60.49 -87.64 -46.50
N GLY J 770 59.59 -88.51 -46.96
CA GLY J 770 59.74 -89.25 -48.22
C GLY J 770 60.67 -90.45 -48.13
N PHE J 771 61.20 -90.76 -46.95
CA PHE J 771 62.18 -91.86 -46.78
C PHE J 771 61.44 -93.15 -46.39
N GLY J 772 61.97 -94.28 -46.88
CA GLY J 772 61.34 -95.61 -46.74
C GLY J 772 62.32 -96.76 -46.66
N SER J 773 63.56 -96.62 -47.15
CA SER J 773 64.52 -97.74 -47.27
C SER J 773 65.97 -97.28 -47.06
N ALA J 774 66.89 -98.23 -47.03
CA ALA J 774 68.35 -97.99 -46.99
C ALA J 774 68.80 -97.33 -48.28
N ASP J 775 68.18 -97.71 -49.42
CA ASP J 775 68.64 -97.30 -50.78
C ASP J 775 68.42 -95.79 -51.00
N ASP J 776 67.21 -95.29 -50.75
CA ASP J 776 66.80 -93.89 -51.07
C ASP J 776 67.46 -92.94 -50.05
N THR J 777 67.73 -93.46 -48.85
CA THR J 777 68.17 -92.70 -47.67
C THR J 777 69.70 -92.59 -47.68
N TYR J 778 70.40 -93.55 -48.29
CA TYR J 778 71.87 -93.71 -48.22
C TYR J 778 72.59 -92.49 -48.77
N PRO J 779 72.22 -91.95 -49.96
CA PRO J 779 72.94 -90.81 -50.52
C PRO J 779 72.93 -89.58 -49.60
N TYR J 780 72.06 -89.53 -48.59
CA TYR J 780 72.00 -88.42 -47.61
C TYR J 780 72.96 -88.72 -46.45
N LEU J 781 73.22 -89.99 -46.18
CA LEU J 781 74.17 -90.44 -45.12
C LEU J 781 75.60 -90.22 -45.62
N THR J 782 75.88 -90.61 -46.87
CA THR J 782 77.13 -90.40 -47.64
C THR J 782 77.41 -88.90 -47.78
N GLY J 783 76.37 -88.14 -48.06
CA GLY J 783 76.45 -86.71 -48.40
C GLY J 783 76.50 -86.50 -49.91
N GLU J 784 76.43 -87.58 -50.70
CA GLU J 784 76.58 -87.51 -52.17
C GLU J 784 75.33 -86.86 -52.79
N TRP J 785 74.25 -86.73 -52.03
CA TRP J 785 72.96 -86.16 -52.51
C TRP J 785 73.21 -84.75 -53.05
N SER J 786 73.98 -83.92 -52.35
CA SER J 786 74.17 -82.48 -52.69
C SER J 786 75.04 -82.32 -53.96
N THR J 787 75.75 -83.37 -54.36
CA THR J 787 76.50 -83.46 -55.66
C THR J 787 75.58 -83.12 -56.84
N LYS J 788 74.40 -83.73 -56.90
CA LYS J 788 73.37 -83.48 -57.96
C LYS J 788 73.24 -81.97 -58.22
N PHE J 789 73.37 -81.12 -57.19
CA PHE J 789 73.10 -79.66 -57.25
C PHE J 789 74.41 -78.85 -57.31
N ASP J 790 75.55 -79.44 -57.72
CA ASP J 790 76.88 -78.77 -57.82
C ASP J 790 77.29 -78.10 -56.49
N TYR J 791 76.88 -78.69 -55.36
CA TYR J 791 77.37 -78.36 -54.00
C TYR J 791 78.32 -79.46 -53.53
N PRO J 792 79.22 -79.16 -52.58
CA PRO J 792 80.06 -80.21 -52.01
C PRO J 792 79.20 -81.24 -51.28
N PRO J 793 79.73 -82.45 -51.00
CA PRO J 793 78.99 -83.43 -50.20
C PRO J 793 78.55 -82.88 -48.84
N MET J 794 77.34 -83.25 -48.39
CA MET J 794 76.71 -82.76 -47.14
C MET J 794 76.09 -83.90 -46.34
N PRO J 795 76.89 -84.77 -45.69
CA PRO J 795 76.34 -85.93 -44.99
C PRO J 795 75.50 -85.54 -43.76
N PHE J 796 74.47 -86.34 -43.50
CA PHE J 796 73.48 -86.17 -42.39
C PHE J 796 73.72 -87.20 -41.30
N ASP J 797 73.31 -86.89 -40.08
CA ASP J 797 73.64 -87.66 -38.86
C ASP J 797 72.58 -88.73 -38.60
N GLY J 798 71.44 -88.67 -39.26
CA GLY J 798 70.32 -89.57 -38.94
C GLY J 798 69.14 -89.39 -39.88
N PHE J 799 68.08 -90.15 -39.63
CA PHE J 799 66.86 -90.19 -40.47
C PHE J 799 65.65 -90.54 -39.62
N LEU J 800 64.48 -90.04 -40.03
CA LEU J 800 63.19 -90.40 -39.42
C LEU J 800 62.23 -90.87 -40.52
N PHE J 801 61.47 -91.89 -40.18
CA PHE J 801 60.49 -92.58 -41.06
C PHE J 801 59.12 -92.48 -40.39
N GLY J 802 58.27 -91.62 -40.94
CA GLY J 802 56.90 -91.44 -40.42
C GLY J 802 55.96 -92.38 -41.14
N SER J 803 55.59 -92.01 -42.36
CA SER J 803 54.65 -92.72 -43.24
C SER J 803 55.09 -94.19 -43.42
N ARG J 804 56.37 -94.45 -43.65
CA ARG J 804 56.91 -95.82 -43.98
C ARG J 804 56.45 -96.85 -42.96
N VAL J 805 56.30 -96.43 -41.71
CA VAL J 805 56.13 -97.31 -40.52
C VAL J 805 54.65 -97.59 -40.24
N MET J 806 53.72 -96.96 -40.95
CA MET J 806 52.28 -96.92 -40.60
C MET J 806 51.59 -98.25 -40.89
N ILE J 807 52.27 -99.19 -41.53
CA ILE J 807 51.67 -100.53 -41.81
C ILE J 807 52.46 -101.62 -41.10
N ALA J 808 53.39 -101.25 -40.23
CA ALA J 808 54.08 -102.16 -39.29
C ALA J 808 53.05 -103.06 -38.59
N LYS J 809 53.45 -104.26 -38.17
CA LYS J 809 52.52 -105.18 -37.49
C LYS J 809 51.99 -104.53 -36.21
N GLU J 810 52.86 -103.87 -35.46
CA GLU J 810 52.54 -103.50 -34.05
C GLU J 810 51.96 -102.09 -33.95
N VAL J 811 51.81 -101.32 -35.04
CA VAL J 811 50.95 -100.09 -35.04
C VAL J 811 49.48 -100.53 -35.03
N LYS J 812 48.61 -99.64 -34.54
CA LYS J 812 47.18 -99.94 -34.31
C LYS J 812 46.35 -99.62 -35.54
N THR J 813 46.98 -99.15 -36.61
CA THR J 813 46.32 -98.85 -37.90
C THR J 813 45.41 -100.04 -38.23
N SER J 814 44.13 -99.80 -38.49
CA SER J 814 43.13 -100.87 -38.74
C SER J 814 43.53 -101.70 -39.96
N PRO J 815 43.25 -103.01 -39.97
CA PRO J 815 43.54 -103.89 -41.10
C PRO J 815 43.22 -103.28 -42.48
N ASP J 816 42.03 -102.72 -42.65
CA ASP J 816 41.61 -102.14 -43.95
C ASP J 816 42.36 -100.83 -44.22
N ALA J 817 42.77 -100.12 -43.18
CA ALA J 817 43.53 -98.87 -43.29
C ALA J 817 44.93 -99.17 -43.82
N LYS J 818 45.55 -100.25 -43.33
CA LYS J 818 46.89 -100.71 -43.79
C LYS J 818 46.81 -101.07 -45.28
N LYS J 819 45.76 -101.80 -45.67
CA LYS J 819 45.47 -102.19 -47.08
C LYS J 819 45.42 -100.94 -47.95
N CYS J 820 44.74 -99.91 -47.48
CA CYS J 820 44.48 -98.62 -48.18
C CYS J 820 45.79 -97.83 -48.33
N ILE J 821 46.59 -97.78 -47.26
CA ILE J 821 47.93 -97.12 -47.23
C ILE J 821 48.84 -97.84 -48.22
N ALA J 822 48.83 -99.17 -48.18
CA ALA J 822 49.69 -100.05 -49.00
C ALA J 822 49.42 -99.77 -50.48
N ALA J 823 48.15 -99.75 -50.88
CA ALA J 823 47.71 -99.60 -52.28
C ALA J 823 48.09 -98.23 -52.84
N CYS J 824 48.45 -97.27 -51.99
CA CYS J 824 48.93 -95.94 -52.45
C CYS J 824 50.29 -96.15 -53.12
N THR J 825 50.31 -96.09 -54.45
CA THR J 825 51.56 -95.96 -55.24
C THR J 825 52.06 -94.58 -54.83
N GLY J 826 53.29 -94.42 -54.40
CA GLY J 826 53.73 -93.06 -54.06
C GLY J 826 53.78 -92.20 -55.31
N VAL J 827 54.53 -91.10 -55.24
CA VAL J 827 55.04 -90.39 -56.43
C VAL J 827 56.48 -89.96 -56.12
N PRO J 828 57.37 -89.79 -57.13
CA PRO J 828 58.70 -89.24 -56.89
C PRO J 828 58.67 -87.77 -56.41
N ASP J 829 59.76 -87.28 -55.79
CA ASP J 829 59.86 -85.92 -55.20
C ASP J 829 59.50 -84.85 -56.25
N ASP J 830 59.81 -85.06 -57.53
CA ASP J 830 59.59 -84.03 -58.59
C ASP J 830 58.09 -83.84 -58.87
N LYS J 831 57.19 -84.66 -58.33
CA LYS J 831 55.74 -84.55 -58.62
C LYS J 831 54.91 -84.37 -57.34
N TRP J 832 55.54 -84.24 -56.16
CA TRP J 832 54.84 -84.34 -54.86
C TRP J 832 53.82 -83.19 -54.72
N GLU J 833 54.13 -82.03 -55.30
CA GLU J 833 53.36 -80.78 -55.10
C GLU J 833 52.00 -80.84 -55.81
N GLN J 834 51.77 -81.83 -56.68
CA GLN J 834 50.47 -82.01 -57.37
C GLN J 834 49.39 -82.38 -56.35
N THR J 835 49.75 -82.72 -55.11
CA THR J 835 48.77 -83.04 -54.04
C THR J 835 47.88 -81.82 -53.76
N TYR J 836 48.38 -80.60 -53.99
CA TYR J 836 47.63 -79.34 -53.77
C TYR J 836 46.40 -79.32 -54.68
N LYS J 837 46.50 -79.82 -55.92
CA LYS J 837 45.40 -79.76 -56.93
C LYS J 837 44.53 -81.03 -56.85
N LYS J 838 45.13 -82.20 -56.99
CA LYS J 838 44.38 -83.47 -57.24
C LYS J 838 45.06 -84.63 -56.51
N PRO J 839 44.40 -85.80 -56.42
CA PRO J 839 45.02 -87.01 -55.88
C PRO J 839 46.29 -87.35 -56.66
N THR J 840 47.39 -87.55 -55.95
CA THR J 840 48.76 -87.75 -56.50
C THR J 840 49.38 -88.91 -55.74
N GLY J 841 49.54 -90.06 -56.41
CA GLY J 841 49.95 -91.32 -55.75
C GLY J 841 48.90 -91.80 -54.75
N GLY J 842 47.66 -91.32 -54.88
CA GLY J 842 46.55 -91.60 -53.95
C GLY J 842 46.63 -90.77 -52.68
N ILE J 843 47.34 -89.63 -52.71
CA ILE J 843 47.44 -88.62 -51.61
C ILE J 843 46.99 -87.24 -52.13
N VAL J 844 46.23 -86.50 -51.33
CA VAL J 844 45.91 -85.04 -51.55
C VAL J 844 46.36 -84.28 -50.31
N THR J 845 46.57 -82.97 -50.46
CA THR J 845 46.68 -82.03 -49.32
C THR J 845 45.31 -81.33 -49.21
N VAL J 846 45.06 -80.73 -48.04
CA VAL J 846 43.70 -80.49 -47.47
C VAL J 846 43.89 -79.63 -46.21
N ARG J 847 43.00 -78.67 -45.93
CA ARG J 847 43.24 -77.69 -44.84
C ARG J 847 42.64 -78.21 -43.51
N SER J 848 43.37 -78.06 -42.41
CA SER J 848 42.89 -78.31 -41.01
C SER J 848 41.87 -77.22 -40.64
N GLU J 849 41.22 -77.33 -39.48
CA GLU J 849 40.21 -76.31 -39.06
C GLU J 849 40.89 -74.95 -38.87
N MET J 850 42.20 -74.96 -38.59
CA MET J 850 43.05 -73.75 -38.45
C MET J 850 43.64 -73.31 -39.80
N GLY J 851 43.53 -74.11 -40.87
CA GLY J 851 43.92 -73.72 -42.24
C GLY J 851 45.32 -74.17 -42.65
N GLU J 852 46.06 -74.85 -41.78
CA GLU J 852 47.38 -75.46 -42.07
C GLU J 852 47.17 -76.63 -43.03
N PRO J 853 48.07 -76.90 -44.02
CA PRO J 853 47.89 -77.99 -44.97
C PRO J 853 48.23 -79.35 -44.34
N ILE J 854 47.54 -80.42 -44.75
CA ILE J 854 47.72 -81.80 -44.25
C ILE J 854 47.72 -82.76 -45.45
N HIS J 855 48.74 -83.62 -45.54
CA HIS J 855 48.82 -84.73 -46.52
C HIS J 855 48.03 -85.91 -45.97
N LYS J 856 46.90 -86.21 -46.61
CA LYS J 856 46.00 -87.32 -46.25
C LYS J 856 45.82 -88.21 -47.49
N ILE J 857 45.49 -89.49 -47.27
CA ILE J 857 45.10 -90.42 -48.37
C ILE J 857 43.75 -89.92 -48.90
N ALA J 858 43.63 -89.88 -50.23
CA ALA J 858 42.50 -89.30 -50.98
C ALA J 858 41.28 -90.24 -50.96
N THR J 859 40.85 -90.67 -49.77
CA THR J 859 39.60 -91.43 -49.53
C THR J 859 38.41 -90.56 -49.97
N ARG J 860 37.22 -91.16 -50.12
CA ARG J 860 35.97 -90.42 -50.45
C ARG J 860 35.77 -89.31 -49.42
N GLY J 861 35.93 -89.63 -48.15
CA GLY J 861 35.76 -88.68 -47.02
C GLY J 861 36.68 -87.49 -47.14
N VAL J 862 37.95 -87.72 -47.46
CA VAL J 862 38.98 -86.64 -47.57
C VAL J 862 38.69 -85.81 -48.83
N MET J 863 38.17 -86.43 -49.88
CA MET J 863 37.83 -85.72 -51.15
C MET J 863 36.61 -84.84 -50.92
N LEU J 864 35.67 -85.27 -50.05
CA LEU J 864 34.53 -84.41 -49.62
C LEU J 864 35.09 -83.22 -48.82
N TRP J 865 35.91 -83.52 -47.82
CA TRP J 865 36.65 -82.53 -47.01
C TRP J 865 37.30 -81.50 -47.94
N LYS J 866 37.94 -81.97 -49.01
CA LYS J 866 38.63 -81.09 -49.98
C LYS J 866 37.60 -80.18 -50.65
N GLU J 867 36.54 -80.76 -51.21
CA GLU J 867 35.44 -80.01 -51.89
C GLU J 867 34.92 -78.93 -50.94
N PHE J 868 34.64 -79.27 -49.69
CA PHE J 868 34.10 -78.34 -48.65
C PHE J 868 35.12 -77.25 -48.31
N ASP J 869 36.42 -77.55 -48.38
CA ASP J 869 37.49 -76.52 -48.23
C ASP J 869 37.34 -75.49 -49.36
N GLU J 870 37.10 -75.95 -50.59
CA GLU J 870 37.11 -75.12 -51.84
C GLU J 870 35.76 -74.42 -52.06
N THR J 871 34.73 -74.76 -51.27
CA THR J 871 33.30 -74.55 -51.60
C THR J 871 32.53 -73.85 -50.47
N ILE J 872 32.88 -74.07 -49.20
CA ILE J 872 32.08 -73.68 -48.01
C ILE J 872 32.96 -72.97 -46.97
N PHE J 873 34.05 -73.62 -46.57
CA PHE J 873 34.90 -73.18 -45.43
C PHE J 873 35.75 -71.98 -45.84
N ASN J 874 35.81 -71.67 -47.15
CA ASN J 874 36.55 -70.51 -47.71
C ASN J 874 35.62 -69.30 -47.84
N LEU J 875 34.30 -69.49 -47.78
CA LEU J 875 33.31 -68.40 -48.00
C LEU J 875 33.38 -67.42 -46.84
N PRO J 876 33.17 -66.10 -47.08
CA PRO J 876 33.09 -65.15 -45.97
C PRO J 876 31.86 -65.44 -45.10
N LYS J 877 32.02 -65.40 -43.77
CA LYS J 877 31.02 -65.65 -42.69
C LYS J 877 29.59 -65.24 -43.12
N ASN J 878 29.43 -64.10 -43.78
CA ASN J 878 28.10 -63.56 -44.20
C ASN J 878 27.49 -64.45 -45.31
N LYS J 879 28.29 -65.23 -46.05
CA LYS J 879 27.82 -66.14 -47.13
C LYS J 879 27.78 -67.61 -46.66
N LEU J 880 28.23 -67.92 -45.45
CA LEU J 880 28.36 -69.32 -44.96
C LEU J 880 26.96 -69.91 -44.87
N VAL J 881 26.12 -69.32 -44.02
CA VAL J 881 24.82 -69.93 -43.61
C VAL J 881 23.90 -70.04 -44.83
N PRO J 882 23.77 -69.00 -45.69
CA PRO J 882 23.01 -69.13 -46.94
C PRO J 882 23.41 -70.30 -47.85
N THR J 883 24.71 -70.57 -48.01
CA THR J 883 25.23 -71.70 -48.85
C THR J 883 24.86 -73.03 -48.18
N LEU J 884 24.98 -73.09 -46.85
CA LEU J 884 24.61 -74.30 -46.08
C LEU J 884 23.12 -74.62 -46.31
N GLU J 885 22.24 -73.60 -46.31
CA GLU J 885 20.77 -73.79 -46.47
C GLU J 885 20.47 -74.20 -47.90
N ALA J 886 21.17 -73.61 -48.87
CA ALA J 886 20.99 -73.86 -50.31
C ALA J 886 21.41 -75.29 -50.66
N LYS J 887 22.53 -75.77 -50.11
CA LYS J 887 23.13 -77.10 -50.43
C LYS J 887 22.78 -78.11 -49.33
N ARG J 888 21.85 -77.77 -48.45
CA ARG J 888 21.47 -78.57 -47.24
C ARG J 888 21.32 -80.04 -47.63
N ASP J 889 20.47 -80.34 -48.60
CA ASP J 889 20.12 -81.74 -48.96
C ASP J 889 21.35 -82.45 -49.56
N TYR J 890 22.14 -81.74 -50.35
CA TYR J 890 23.39 -82.26 -50.98
C TYR J 890 24.43 -82.58 -49.90
N ILE J 891 24.67 -81.64 -48.98
CA ILE J 891 25.66 -81.79 -47.86
C ILE J 891 25.29 -83.03 -47.04
N ILE J 892 24.05 -83.11 -46.59
CA ILE J 892 23.53 -84.29 -45.82
C ILE J 892 23.79 -85.56 -46.64
N SER J 893 23.49 -85.54 -47.93
CA SER J 893 23.61 -86.72 -48.82
C SER J 893 25.05 -87.23 -48.81
N ARG J 894 26.03 -86.31 -48.84
CA ARG J 894 27.48 -86.60 -49.00
C ARG J 894 28.08 -87.01 -47.67
N LEU J 895 27.75 -86.31 -46.59
CA LEU J 895 28.09 -86.75 -45.22
C LEU J 895 27.69 -88.23 -45.07
N ASN J 896 26.46 -88.57 -45.42
CA ASN J 896 25.90 -89.93 -45.21
C ASN J 896 26.63 -90.95 -46.07
N ALA J 897 26.87 -90.62 -47.34
CA ALA J 897 27.51 -91.51 -48.33
C ALA J 897 29.00 -91.71 -48.02
N ASP J 898 29.73 -90.63 -47.69
CA ASP J 898 31.20 -90.55 -47.92
C ASP J 898 32.02 -90.14 -46.69
N PHE J 899 31.45 -89.75 -45.55
CA PHE J 899 32.28 -89.16 -44.47
C PHE J 899 32.18 -89.96 -43.18
N GLN J 900 33.18 -89.79 -42.31
CA GLN J 900 33.37 -90.59 -41.07
C GLN J 900 32.45 -90.04 -39.97
N LYS J 901 31.92 -88.83 -40.17
CA LYS J 901 30.84 -88.24 -39.34
C LYS J 901 29.60 -88.10 -40.20
N PRO J 902 28.65 -89.06 -40.12
CA PRO J 902 27.45 -88.98 -40.95
C PRO J 902 26.55 -87.85 -40.42
N TRP J 903 25.49 -87.52 -41.16
CA TRP J 903 24.41 -86.62 -40.69
C TRP J 903 23.64 -87.37 -39.59
N PHE J 904 23.62 -86.88 -38.35
CA PHE J 904 23.01 -87.63 -37.22
C PHE J 904 21.57 -87.97 -37.55
N ALA J 905 20.82 -86.94 -37.97
CA ALA J 905 19.35 -86.98 -38.11
C ALA J 905 18.99 -87.64 -39.43
N THR J 906 19.34 -88.91 -39.59
CA THR J 906 18.89 -89.71 -40.75
C THR J 906 18.44 -91.07 -40.22
N VAL J 907 17.17 -91.39 -40.47
CA VAL J 907 16.42 -92.53 -39.88
C VAL J 907 16.06 -93.48 -41.02
N ASN J 908 16.54 -94.72 -40.97
CA ASN J 908 16.27 -95.73 -42.01
C ASN J 908 16.65 -95.14 -43.37
N GLY J 909 17.80 -94.49 -43.45
CA GLY J 909 18.36 -93.94 -44.70
C GLY J 909 17.57 -92.76 -45.25
N GLN J 910 16.66 -92.17 -44.47
CA GLN J 910 15.85 -91.00 -44.90
C GLN J 910 16.33 -89.79 -44.10
N ALA J 911 16.73 -88.71 -44.77
CA ALA J 911 17.25 -87.47 -44.13
C ALA J 911 16.14 -86.83 -43.31
N ARG J 912 16.48 -86.33 -42.12
CA ARG J 912 15.55 -85.60 -41.22
C ARG J 912 16.32 -84.42 -40.62
N ASP J 913 15.79 -83.81 -39.57
CA ASP J 913 16.54 -82.90 -38.64
C ASP J 913 16.17 -83.40 -37.25
N LEU J 914 16.99 -83.11 -36.25
CA LEU J 914 16.64 -83.26 -34.80
C LEU J 914 15.16 -82.93 -34.58
N ALA J 915 14.66 -81.85 -35.19
CA ALA J 915 13.30 -81.31 -34.90
C ALA J 915 12.19 -82.22 -35.45
N THR J 916 12.53 -83.15 -36.36
CA THR J 916 11.57 -84.02 -37.09
C THR J 916 11.90 -85.50 -36.87
N MET J 917 12.60 -85.81 -35.78
CA MET J 917 12.86 -87.18 -35.25
C MET J 917 12.12 -87.33 -33.92
N THR J 918 11.58 -88.51 -33.65
CA THR J 918 10.92 -88.80 -32.35
C THR J 918 12.00 -89.07 -31.31
N TYR J 919 11.64 -88.98 -30.04
CA TYR J 919 12.56 -89.27 -28.92
C TYR J 919 13.13 -90.67 -29.15
N GLU J 920 12.28 -91.62 -29.55
CA GLU J 920 12.71 -93.03 -29.79
C GLU J 920 13.72 -93.06 -30.94
N GLU J 921 13.43 -92.40 -32.06
CA GLU J 921 14.31 -92.42 -33.27
C GLU J 921 15.71 -91.93 -32.89
N VAL J 922 15.78 -90.91 -32.02
CA VAL J 922 17.05 -90.28 -31.56
C VAL J 922 17.81 -91.29 -30.69
N ALA J 923 17.17 -91.83 -29.65
CA ALA J 923 17.79 -92.83 -28.75
C ALA J 923 18.37 -93.98 -29.58
N LYS J 924 17.63 -94.45 -30.58
CA LYS J 924 18.04 -95.62 -31.39
C LYS J 924 19.21 -95.23 -32.28
N ARG J 925 19.19 -94.02 -32.83
CA ARG J 925 20.25 -93.49 -33.71
C ARG J 925 21.55 -93.32 -32.92
N LEU J 926 21.47 -92.90 -31.65
CA LEU J 926 22.66 -92.75 -30.78
C LEU J 926 23.33 -94.12 -30.63
N VAL J 927 22.52 -95.14 -30.38
CA VAL J 927 23.01 -96.54 -30.20
C VAL J 927 23.59 -97.01 -31.53
N GLU J 928 22.93 -96.67 -32.65
CA GLU J 928 23.37 -97.12 -33.99
C GLU J 928 24.79 -96.63 -34.27
N LEU J 929 25.16 -95.44 -33.81
CA LEU J 929 26.42 -94.77 -34.22
C LEU J 929 27.49 -94.88 -33.14
N MET J 930 27.12 -95.12 -31.88
CA MET J 930 28.04 -95.00 -30.72
C MET J 930 28.28 -96.35 -30.06
N PHE J 931 27.36 -97.30 -30.19
CA PHE J 931 27.48 -98.65 -29.58
C PHE J 931 27.95 -99.61 -30.66
N ILE J 932 29.14 -100.20 -30.46
CA ILE J 932 29.78 -101.11 -31.45
C ILE J 932 29.28 -102.53 -31.18
N ARG J 933 28.47 -103.07 -32.09
CA ARG J 933 27.91 -104.44 -31.97
C ARG J 933 29.06 -105.43 -31.95
N SER J 934 29.99 -105.32 -32.90
CA SER J 934 31.13 -106.25 -33.13
C SER J 934 31.94 -106.47 -31.84
N THR J 935 32.09 -105.47 -30.99
CA THR J 935 32.85 -105.56 -29.71
C THR J 935 31.90 -105.60 -28.50
N ASN J 936 30.59 -105.53 -28.75
CA ASN J 936 29.50 -105.52 -27.75
C ASN J 936 29.78 -104.53 -26.63
N SER J 937 30.12 -103.29 -26.97
CA SER J 937 30.48 -102.23 -25.99
C SER J 937 30.27 -100.84 -26.58
N TRP J 938 30.13 -99.84 -25.71
CA TRP J 938 30.12 -98.43 -26.14
C TRP J 938 31.54 -98.04 -26.50
N PHE J 939 31.75 -97.50 -27.70
CA PHE J 939 33.11 -97.21 -28.18
C PHE J 939 33.85 -96.34 -27.17
N ASP J 940 33.15 -95.44 -26.47
CA ASP J 940 33.73 -94.59 -25.39
C ASP J 940 32.68 -94.44 -24.29
N VAL J 941 33.06 -94.49 -23.02
CA VAL J 941 32.08 -94.45 -21.89
C VAL J 941 31.29 -93.13 -21.95
N THR J 942 31.89 -92.03 -22.40
CA THR J 942 31.21 -90.71 -22.43
C THR J 942 30.05 -90.73 -23.43
N TRP J 943 30.15 -91.54 -24.50
CA TRP J 943 29.03 -91.71 -25.46
C TRP J 943 27.89 -92.44 -24.76
N ARG J 944 28.20 -93.32 -23.81
CA ARG J 944 27.15 -94.02 -23.06
C ARG J 944 26.50 -93.02 -22.12
N THR J 945 27.29 -92.23 -21.40
CA THR J 945 26.81 -91.16 -20.50
C THR J 945 25.85 -90.24 -21.26
N PHE J 946 26.23 -89.84 -22.49
CA PHE J 946 25.39 -89.02 -23.39
C PHE J 946 24.02 -89.66 -23.50
N THR J 947 23.92 -90.90 -24.01
CA THR J 947 22.61 -91.48 -24.37
C THR J 947 21.90 -91.85 -23.07
N GLY J 948 22.66 -92.08 -22.00
CA GLY J 948 22.06 -92.22 -20.66
C GLY J 948 21.34 -90.95 -20.27
N ASP J 949 22.05 -89.83 -20.27
CA ASP J 949 21.50 -88.49 -19.94
C ASP J 949 20.29 -88.22 -20.85
N PHE J 950 20.36 -88.62 -22.13
CA PHE J 950 19.26 -88.37 -23.09
C PHE J 950 18.02 -89.16 -22.68
N LEU J 951 18.17 -90.41 -22.28
CA LEU J 951 17.02 -91.26 -21.84
C LEU J 951 16.42 -90.66 -20.56
N ARG J 952 17.24 -90.17 -19.65
CA ARG J 952 16.77 -89.50 -18.41
C ARG J 952 15.92 -88.29 -18.80
N ARG J 953 16.26 -87.57 -19.86
CA ARG J 953 15.47 -86.42 -20.37
C ARG J 953 14.09 -86.89 -20.80
N VAL J 954 14.05 -88.03 -21.48
CA VAL J 954 12.80 -88.62 -22.00
C VAL J 954 11.90 -88.83 -20.79
N GLU J 955 12.43 -89.40 -19.72
CA GLU J 955 11.63 -89.69 -18.51
C GLU J 955 11.13 -88.37 -17.95
N GLU J 956 12.01 -87.38 -17.84
CA GLU J 956 11.69 -86.03 -17.29
C GLU J 956 10.54 -85.44 -18.10
N ARG J 957 10.59 -85.51 -19.43
CA ARG J 957 9.64 -84.79 -20.31
C ARG J 957 8.28 -85.49 -20.26
N PHE J 958 8.27 -86.82 -20.20
CA PHE J 958 7.05 -87.63 -20.43
C PHE J 958 6.44 -88.14 -19.11
N THR J 959 7.17 -88.14 -18.01
CA THR J 959 6.56 -88.41 -16.68
C THR J 959 5.63 -87.25 -16.34
N LYS J 960 4.51 -87.56 -15.69
CA LYS J 960 3.48 -86.57 -15.29
C LYS J 960 3.73 -86.23 -13.82
N SER J 961 4.57 -87.00 -13.11
CA SER J 961 4.92 -86.73 -11.70
C SER J 961 6.22 -87.41 -11.31
N LYS J 962 6.80 -87.01 -10.18
CA LYS J 962 8.12 -87.48 -9.70
C LYS J 962 8.05 -88.99 -9.55
N THR J 963 9.01 -89.73 -10.11
CA THR J 963 9.19 -91.22 -9.94
C THR J 963 10.68 -91.55 -9.94
N LEU J 964 11.02 -92.83 -9.83
CA LEU J 964 12.41 -93.32 -9.92
C LEU J 964 12.72 -93.45 -11.42
N SER J 965 13.95 -93.14 -11.83
CA SER J 965 14.46 -93.41 -13.20
C SER J 965 14.47 -94.93 -13.44
N LEU J 966 14.12 -95.34 -14.65
CA LEU J 966 14.26 -96.74 -15.11
C LEU J 966 15.71 -97.04 -15.47
N ILE J 967 16.56 -96.01 -15.51
CA ILE J 967 18.03 -96.17 -15.72
C ILE J 967 18.72 -95.70 -14.45
N GLN J 968 18.74 -96.53 -13.41
CA GLN J 968 19.34 -96.16 -12.10
C GLN J 968 20.85 -96.03 -12.28
N SER J 969 21.43 -96.78 -13.22
CA SER J 969 22.88 -96.84 -13.51
C SER J 969 23.08 -97.05 -15.01
N TYR J 970 23.89 -96.20 -15.63
CA TYR J 970 24.15 -96.22 -17.08
C TYR J 970 24.79 -97.55 -17.49
N SER J 971 25.19 -98.41 -16.54
CA SER J 971 25.54 -99.84 -16.76
C SER J 971 24.46 -100.48 -17.62
N LEU J 972 23.19 -100.23 -17.31
CA LEU J 972 22.04 -100.90 -17.96
C LEU J 972 22.13 -100.74 -19.48
N LEU J 973 22.76 -99.65 -19.94
CA LEU J 973 22.93 -99.31 -21.39
C LEU J 973 23.85 -100.34 -22.07
N ASP J 974 24.62 -101.14 -21.31
CA ASP J 974 25.57 -102.13 -21.88
C ASP J 974 24.80 -103.23 -22.62
N LYS J 975 23.49 -103.38 -22.35
CA LYS J 975 22.49 -104.05 -23.25
C LYS J 975 21.52 -102.97 -23.76
N PRO J 976 21.91 -102.19 -24.80
CA PRO J 976 21.24 -100.93 -25.11
C PRO J 976 19.80 -101.10 -25.60
N ASP J 977 19.57 -102.10 -26.46
CA ASP J 977 18.25 -102.36 -27.08
C ASP J 977 17.19 -102.48 -25.98
N GLU J 978 17.57 -103.11 -24.87
CA GLU J 978 16.66 -103.49 -23.76
C GLU J 978 16.41 -102.27 -22.89
N ALA J 979 17.46 -101.50 -22.63
CA ALA J 979 17.38 -100.20 -21.91
C ALA J 979 16.37 -99.28 -22.62
N ILE J 980 16.49 -99.16 -23.94
CA ILE J 980 15.57 -98.33 -24.76
C ILE J 980 14.15 -98.85 -24.59
N GLU J 981 13.94 -100.15 -24.80
CA GLU J 981 12.58 -100.77 -24.71
C GLU J 981 12.00 -100.50 -23.33
N LYS J 982 12.80 -100.53 -22.28
CA LYS J 982 12.32 -100.37 -20.89
C LYS J 982 11.71 -98.98 -20.73
N VAL J 983 12.44 -97.96 -21.19
CA VAL J 983 12.14 -96.51 -21.02
C VAL J 983 10.91 -96.17 -21.87
N PHE J 984 10.92 -96.52 -23.15
CA PHE J 984 9.84 -96.17 -24.10
C PHE J 984 8.60 -97.03 -23.86
N ASN J 985 8.71 -98.19 -23.21
CA ASN J 985 7.54 -98.98 -22.77
C ASN J 985 6.83 -98.21 -21.65
N ALA J 986 7.57 -97.53 -20.78
CA ALA J 986 7.01 -96.73 -19.67
C ALA J 986 6.50 -95.37 -20.19
N TYR J 987 7.05 -94.85 -21.28
CA TYR J 987 6.72 -93.51 -21.83
C TYR J 987 6.46 -93.65 -23.31
N PRO J 988 5.45 -94.46 -23.71
CA PRO J 988 5.25 -94.80 -25.13
C PRO J 988 4.85 -93.57 -25.96
N ALA J 989 4.34 -92.53 -25.30
CA ALA J 989 4.02 -91.23 -25.91
C ALA J 989 5.25 -90.73 -26.70
N ALA J 990 6.44 -91.00 -26.18
CA ALA J 990 7.73 -90.50 -26.70
C ALA J 990 8.12 -91.24 -27.97
N ARG J 991 7.44 -92.34 -28.31
CA ARG J 991 7.68 -93.03 -29.60
C ARG J 991 7.05 -92.21 -30.73
N GLU J 992 6.05 -91.39 -30.41
CA GLU J 992 5.12 -90.78 -31.39
C GLU J 992 5.28 -89.26 -31.45
N GLN J 993 6.18 -88.65 -30.67
CA GLN J 993 6.30 -87.16 -30.61
C GLN J 993 7.71 -86.75 -31.05
N PHE J 994 7.82 -85.78 -31.95
CA PHE J 994 9.10 -85.15 -32.30
C PHE J 994 9.68 -84.52 -31.04
N LEU J 995 10.98 -84.29 -31.05
CA LEU J 995 11.71 -83.60 -29.95
C LEU J 995 11.02 -82.27 -29.67
N ASN J 996 10.66 -82.03 -28.42
CA ASN J 996 10.31 -80.70 -27.88
C ASN J 996 11.46 -79.75 -28.23
N ALA J 997 11.16 -78.53 -28.68
CA ALA J 997 12.18 -77.58 -29.16
C ALA J 997 13.26 -77.34 -28.09
N GLN J 998 12.89 -77.42 -26.81
CA GLN J 998 13.82 -77.22 -25.67
C GLN J 998 14.84 -78.35 -25.62
N ASP J 999 14.41 -79.57 -25.98
CA ASP J 999 15.24 -80.79 -25.90
C ASP J 999 16.14 -80.89 -27.13
N ILE J 1000 15.82 -80.16 -28.20
CA ILE J 1000 16.74 -80.02 -29.35
C ILE J 1000 17.95 -79.25 -28.86
N ASP J 1001 17.71 -78.12 -28.20
CA ASP J 1001 18.78 -77.23 -27.69
C ASP J 1001 19.60 -78.02 -26.65
N HIS J 1002 18.96 -78.84 -25.82
CA HIS J 1002 19.66 -79.66 -24.80
C HIS J 1002 20.54 -80.70 -25.50
N PHE J 1003 20.02 -81.38 -26.52
CA PHE J 1003 20.79 -82.37 -27.29
C PHE J 1003 22.02 -81.68 -27.91
N LEU J 1004 21.82 -80.52 -28.50
CA LEU J 1004 22.92 -79.82 -29.22
C LEU J 1004 23.92 -79.31 -28.19
N SER J 1005 23.47 -79.06 -26.98
CA SER J 1005 24.32 -78.57 -25.87
C SER J 1005 25.18 -79.71 -25.36
N MET J 1006 24.59 -80.89 -25.16
CA MET J 1006 25.33 -82.12 -24.75
C MET J 1006 26.42 -82.42 -25.79
N CYS J 1007 26.18 -82.09 -27.06
CA CYS J 1007 27.15 -82.30 -28.16
C CYS J 1007 28.34 -81.34 -28.05
N GLN J 1008 28.24 -80.26 -27.27
CA GLN J 1008 29.34 -79.27 -27.10
C GLN J 1008 30.12 -79.59 -25.83
N ASN J 1009 29.64 -80.53 -25.02
CA ASN J 1009 30.25 -80.90 -23.73
C ASN J 1009 31.72 -81.23 -23.91
N PRO J 1010 32.63 -80.44 -23.28
CA PRO J 1010 34.07 -80.63 -23.48
C PRO J 1010 34.67 -81.75 -22.64
N MET J 1011 33.93 -82.33 -21.68
CA MET J 1011 34.40 -83.45 -20.83
C MET J 1011 33.97 -84.78 -21.44
N GLN J 1012 33.86 -84.86 -22.76
CA GLN J 1012 33.29 -86.05 -23.45
C GLN J 1012 33.89 -86.16 -24.85
N LYS J 1013 34.04 -87.37 -25.35
CA LYS J 1013 34.64 -87.60 -26.69
C LYS J 1013 33.72 -86.95 -27.70
N PRO J 1014 34.24 -86.06 -28.56
CA PRO J 1014 33.44 -85.48 -29.63
C PRO J 1014 32.55 -86.53 -30.28
N VAL J 1015 31.27 -86.20 -30.30
CA VAL J 1015 30.14 -86.97 -30.89
C VAL J 1015 30.49 -87.33 -32.33
N PRO J 1016 30.31 -88.61 -32.75
CA PRO J 1016 30.74 -89.10 -34.05
C PRO J 1016 29.73 -88.91 -35.18
N PHE J 1017 29.25 -87.67 -35.34
CA PHE J 1017 28.22 -87.27 -36.32
C PHE J 1017 28.06 -85.75 -36.36
N VAL J 1018 27.39 -85.25 -37.39
CA VAL J 1018 27.03 -83.82 -37.54
C VAL J 1018 25.56 -83.68 -37.14
N PRO J 1019 25.27 -83.03 -36.00
CA PRO J 1019 23.89 -82.92 -35.53
C PRO J 1019 23.11 -81.72 -36.11
N VAL J 1020 23.81 -80.72 -36.67
CA VAL J 1020 23.16 -79.51 -37.25
C VAL J 1020 24.09 -78.77 -38.23
N LEU J 1021 23.51 -78.20 -39.28
CA LEU J 1021 24.18 -77.25 -40.21
C LEU J 1021 23.99 -75.83 -39.71
N ASP J 1022 25.05 -75.18 -39.24
CA ASP J 1022 25.02 -73.78 -38.77
C ASP J 1022 26.42 -73.20 -38.96
N ARG J 1023 26.71 -72.02 -38.39
CA ARG J 1023 27.99 -71.30 -38.61
C ARG J 1023 29.18 -72.20 -38.23
N ARG J 1024 29.01 -73.07 -37.23
CA ARG J 1024 30.11 -73.89 -36.65
C ARG J 1024 30.17 -75.26 -37.36
N PHE J 1025 29.66 -75.38 -38.59
CA PHE J 1025 29.70 -76.63 -39.38
C PHE J 1025 31.15 -77.13 -39.54
N GLU J 1026 32.11 -76.22 -39.71
CA GLU J 1026 33.50 -76.64 -40.00
C GLU J 1026 34.06 -77.35 -38.76
N ILE J 1027 33.78 -76.86 -37.56
CA ILE J 1027 34.27 -77.51 -36.30
C ILE J 1027 33.58 -78.87 -36.15
N PHE J 1028 32.29 -78.97 -36.44
CA PHE J 1028 31.54 -80.25 -36.32
C PHE J 1028 32.14 -81.29 -37.28
N PHE J 1029 32.61 -80.83 -38.44
CA PHE J 1029 33.07 -81.67 -39.57
C PHE J 1029 34.50 -82.16 -39.32
N LYS J 1030 35.36 -81.27 -38.80
CA LYS J 1030 36.83 -81.46 -38.71
C LYS J 1030 37.27 -81.91 -37.31
N LYS J 1031 36.53 -81.58 -36.25
CA LYS J 1031 36.84 -81.93 -34.85
C LYS J 1031 37.12 -83.43 -34.70
N ASP J 1032 38.22 -83.80 -34.04
CA ASP J 1032 38.54 -85.19 -33.61
C ASP J 1032 38.35 -86.15 -34.79
N SER J 1033 39.27 -86.12 -35.76
CA SER J 1033 39.12 -86.91 -37.02
C SER J 1033 40.37 -87.72 -37.33
N LEU J 1034 41.20 -88.03 -36.32
CA LEU J 1034 42.48 -88.76 -36.53
C LEU J 1034 42.38 -90.24 -36.14
N TRP J 1035 41.52 -90.55 -35.16
CA TRP J 1035 41.39 -91.85 -34.44
C TRP J 1035 40.68 -92.90 -35.29
N GLN J 1036 39.91 -92.51 -36.30
CA GLN J 1036 38.99 -93.43 -37.03
C GLN J 1036 39.82 -94.48 -37.80
N SER J 1037 40.97 -94.09 -38.35
CA SER J 1037 41.88 -94.99 -39.13
C SER J 1037 42.33 -96.17 -38.28
N GLU J 1038 42.38 -96.04 -36.95
CA GLU J 1038 42.82 -97.12 -36.02
C GLU J 1038 41.62 -97.83 -35.38
N HIS J 1039 40.39 -97.38 -35.66
CA HIS J 1039 39.16 -97.93 -35.02
C HIS J 1039 38.02 -97.98 -36.04
N LEU J 1040 38.28 -98.54 -37.21
CA LEU J 1040 37.28 -98.75 -38.29
C LEU J 1040 36.08 -99.52 -37.75
N GLU J 1041 36.24 -100.30 -36.68
CA GLU J 1041 35.15 -101.12 -36.10
C GLU J 1041 33.99 -100.20 -35.68
N ALA J 1042 34.26 -98.92 -35.46
CA ALA J 1042 33.33 -97.89 -34.94
C ALA J 1042 33.04 -96.83 -36.02
N VAL J 1043 33.32 -97.10 -37.28
CA VAL J 1043 33.04 -96.20 -38.43
C VAL J 1043 31.87 -96.81 -39.20
N VAL J 1044 31.13 -96.01 -39.97
CA VAL J 1044 29.75 -96.38 -40.42
C VAL J 1044 29.74 -97.73 -41.16
N ASP J 1045 30.58 -98.03 -42.13
CA ASP J 1045 30.50 -99.42 -42.67
C ASP J 1045 31.83 -100.11 -42.42
N GLN J 1046 32.49 -99.78 -41.30
CA GLN J 1046 33.92 -100.07 -41.10
C GLN J 1046 34.65 -99.70 -42.41
N ASP J 1047 34.26 -98.57 -42.99
CA ASP J 1047 34.62 -98.15 -44.37
C ASP J 1047 35.79 -97.16 -44.32
N VAL J 1048 37.02 -97.66 -44.49
CA VAL J 1048 38.26 -96.84 -44.67
C VAL J 1048 37.95 -95.58 -45.44
N GLN J 1049 37.23 -95.72 -46.56
CA GLN J 1049 36.97 -94.66 -47.57
C GLN J 1049 36.34 -93.40 -46.92
N ARG J 1050 35.83 -93.50 -45.69
CA ARG J 1050 35.19 -92.38 -44.96
C ARG J 1050 36.22 -91.57 -44.16
N THR J 1051 37.43 -92.09 -43.97
CA THR J 1051 38.32 -91.69 -42.84
C THR J 1051 39.54 -90.89 -43.30
N CYS J 1052 40.15 -90.18 -42.36
CA CYS J 1052 41.46 -89.51 -42.48
C CYS J 1052 42.57 -90.46 -42.05
N ILE J 1053 43.39 -90.83 -43.04
CA ILE J 1053 44.73 -91.45 -42.85
C ILE J 1053 45.78 -90.43 -43.31
N LEU J 1054 46.70 -90.03 -42.44
CA LEU J 1054 47.77 -89.06 -42.78
C LEU J 1054 48.95 -89.83 -43.39
N HIS J 1055 49.48 -89.41 -44.55
CA HIS J 1055 50.51 -90.17 -45.29
C HIS J 1055 51.18 -89.25 -46.32
N GLY J 1056 52.51 -89.32 -46.40
CA GLY J 1056 53.32 -88.54 -47.36
C GLY J 1056 53.26 -89.17 -48.75
N PRO J 1057 53.17 -88.36 -49.83
CA PRO J 1057 53.08 -88.90 -51.19
C PRO J 1057 54.40 -89.52 -51.68
N VAL J 1058 55.53 -89.16 -51.08
CA VAL J 1058 56.86 -89.64 -51.55
C VAL J 1058 57.25 -90.89 -50.75
N ALA J 1059 56.94 -90.94 -49.46
CA ALA J 1059 57.26 -92.13 -48.63
C ALA J 1059 56.34 -93.29 -49.03
N ALA J 1060 55.22 -93.00 -49.69
CA ALA J 1060 54.19 -94.01 -50.04
C ALA J 1060 54.75 -95.01 -51.07
N GLN J 1061 55.75 -94.61 -51.86
CA GLN J 1061 56.31 -95.44 -52.96
C GLN J 1061 57.12 -96.59 -52.34
N PHE J 1062 57.53 -96.45 -51.07
CA PHE J 1062 58.32 -97.47 -50.33
C PHE J 1062 57.45 -98.22 -49.30
N THR J 1063 56.15 -97.95 -49.22
CA THR J 1063 55.26 -98.55 -48.19
C THR J 1063 54.31 -99.54 -48.88
N LYS J 1064 54.62 -100.84 -48.82
CA LYS J 1064 53.94 -101.93 -49.60
C LYS J 1064 53.62 -103.13 -48.72
N VAL J 1065 54.59 -103.65 -47.96
CA VAL J 1065 54.46 -104.94 -47.25
C VAL J 1065 53.74 -104.71 -45.91
N ILE J 1066 52.46 -105.09 -45.87
CA ILE J 1066 51.56 -104.97 -44.67
C ILE J 1066 52.10 -105.86 -43.55
N ASP J 1067 51.96 -105.42 -42.30
CA ASP J 1067 52.16 -106.21 -41.05
C ASP J 1067 53.59 -106.73 -40.97
N GLU J 1068 54.55 -106.08 -41.63
CA GLU J 1068 55.99 -106.32 -41.46
C GLU J 1068 56.37 -105.86 -40.05
N PRO J 1069 57.00 -106.70 -39.18
CA PRO J 1069 57.33 -106.26 -37.83
C PRO J 1069 58.25 -105.04 -37.84
N ILE J 1070 58.07 -104.14 -36.87
CA ILE J 1070 58.77 -102.82 -36.86
C ILE J 1070 60.27 -103.10 -36.85
N LYS J 1071 60.69 -104.13 -36.12
CA LYS J 1071 62.13 -104.50 -36.01
C LYS J 1071 62.69 -104.79 -37.40
N SER J 1072 61.92 -105.48 -38.23
CA SER J 1072 62.32 -105.87 -39.60
C SER J 1072 62.47 -104.59 -40.45
N ILE J 1073 61.52 -103.66 -40.40
CA ILE J 1073 61.55 -102.41 -41.23
C ILE J 1073 62.83 -101.64 -40.91
N MET J 1074 63.03 -101.35 -39.62
CA MET J 1074 64.15 -100.52 -39.12
C MET J 1074 65.49 -101.23 -39.33
N ASP J 1075 65.63 -102.49 -38.93
CA ASP J 1075 66.85 -103.32 -39.15
C ASP J 1075 67.12 -103.39 -40.66
N GLY J 1076 66.07 -103.51 -41.47
CA GLY J 1076 66.15 -103.42 -42.94
C GLY J 1076 67.01 -102.24 -43.36
N ILE J 1077 66.67 -101.06 -42.85
CA ILE J 1077 67.33 -99.78 -43.23
C ILE J 1077 68.76 -99.76 -42.67
N HIS J 1078 68.96 -100.12 -41.41
CA HIS J 1078 70.30 -100.11 -40.75
C HIS J 1078 71.24 -101.11 -41.44
N ASP J 1079 70.79 -102.36 -41.59
CA ASP J 1079 71.55 -103.47 -42.22
C ASP J 1079 71.93 -103.06 -43.63
N GLY J 1080 70.99 -102.47 -44.39
CA GLY J 1080 71.25 -101.94 -45.74
C GLY J 1080 72.40 -100.94 -45.78
N HIS J 1081 72.50 -100.06 -44.79
CA HIS J 1081 73.56 -99.02 -44.69
C HIS J 1081 74.90 -99.69 -44.41
N ILE J 1082 74.92 -100.60 -43.43
CA ILE J 1082 76.13 -101.40 -43.07
C ILE J 1082 76.66 -102.09 -44.32
N LYS J 1083 75.81 -102.84 -45.01
CA LYS J 1083 76.17 -103.56 -46.27
C LYS J 1083 76.87 -102.59 -47.21
N LYS J 1084 76.26 -101.44 -47.50
CA LYS J 1084 76.78 -100.45 -48.49
C LYS J 1084 78.10 -99.84 -47.99
N LEU J 1085 78.15 -99.47 -46.71
CA LEU J 1085 79.33 -98.84 -46.06
C LEU J 1085 80.51 -99.80 -46.06
N LEU J 1086 80.24 -101.08 -45.74
CA LEU J 1086 81.26 -102.16 -45.68
C LEU J 1086 81.93 -102.26 -47.04
N HIS J 1087 81.13 -102.50 -48.09
CA HIS J 1087 81.59 -102.59 -49.50
C HIS J 1087 82.32 -101.31 -49.90
N GLN J 1088 81.71 -100.15 -49.71
CA GLN J 1088 82.19 -98.87 -50.31
C GLN J 1088 83.46 -98.38 -49.62
N TYR J 1089 83.69 -98.68 -48.33
CA TYR J 1089 84.77 -98.04 -47.52
C TYR J 1089 85.59 -99.02 -46.67
N TYR J 1090 85.22 -100.30 -46.57
CA TYR J 1090 85.88 -101.27 -45.65
C TYR J 1090 86.30 -102.56 -46.39
N GLY J 1091 86.33 -102.53 -47.75
CA GLY J 1091 86.55 -103.68 -48.64
C GLY J 1091 85.86 -104.93 -48.14
N ASP J 1092 84.53 -104.93 -48.11
CA ASP J 1092 83.66 -106.04 -47.63
C ASP J 1092 84.32 -106.86 -46.52
N ASP J 1093 85.03 -106.24 -45.57
CA ASP J 1093 85.87 -106.95 -44.56
C ASP J 1093 85.49 -106.51 -43.14
N GLU J 1094 84.67 -107.30 -42.44
CA GLU J 1094 84.19 -106.99 -41.06
C GLU J 1094 85.35 -106.88 -40.06
N SER J 1095 86.51 -107.45 -40.37
CA SER J 1095 87.68 -107.42 -39.45
C SER J 1095 88.27 -106.00 -39.43
N LYS J 1096 88.00 -105.21 -40.47
CA LYS J 1096 88.53 -103.82 -40.61
C LYS J 1096 87.70 -102.82 -39.78
N ILE J 1097 86.55 -103.23 -39.24
CA ILE J 1097 85.64 -102.38 -38.42
C ILE J 1097 86.24 -102.21 -37.03
N PRO J 1098 86.58 -100.98 -36.58
CA PRO J 1098 87.09 -100.76 -35.22
C PRO J 1098 86.07 -101.22 -34.16
N ALA J 1099 86.53 -101.53 -32.95
CA ALA J 1099 85.69 -102.06 -31.86
C ALA J 1099 85.90 -101.24 -30.59
N VAL J 1100 84.86 -101.18 -29.75
CA VAL J 1100 84.84 -100.48 -28.44
C VAL J 1100 83.96 -101.31 -27.51
N GLU J 1101 84.34 -101.41 -26.23
CA GLU J 1101 83.65 -102.31 -25.28
C GLU J 1101 82.14 -102.00 -25.38
N TYR J 1102 81.76 -100.74 -25.19
CA TYR J 1102 80.37 -100.25 -25.36
C TYR J 1102 80.34 -99.06 -26.32
N PHE J 1103 79.24 -98.90 -27.05
CA PHE J 1103 79.06 -97.81 -28.06
C PHE J 1103 77.92 -96.89 -27.66
N GLY J 1104 78.23 -95.63 -27.36
CA GLY J 1104 77.26 -94.58 -26.98
C GLY J 1104 77.73 -93.70 -25.84
N GLY J 1105 76.91 -92.72 -25.48
CA GLY J 1105 77.15 -91.80 -24.36
C GLY J 1105 78.12 -90.70 -24.75
N GLU J 1106 78.26 -90.41 -26.04
CA GLU J 1106 79.25 -89.41 -26.54
C GLU J 1106 78.54 -88.10 -26.89
N SER J 1107 78.76 -87.07 -26.07
CA SER J 1107 78.28 -85.69 -26.33
C SER J 1107 78.76 -85.27 -27.71
N PRO J 1108 77.90 -84.67 -28.56
CA PRO J 1108 78.35 -84.28 -29.89
C PRO J 1108 79.36 -83.12 -29.91
N VAL J 1109 79.83 -82.63 -28.75
CA VAL J 1109 80.69 -81.41 -28.69
C VAL J 1109 82.19 -81.74 -28.56
N ASP J 1110 82.59 -82.91 -28.01
CA ASP J 1110 83.93 -83.18 -27.43
C ASP J 1110 85.08 -82.82 -28.42
N ASP J 1123 99.58 -96.86 -16.23
CA ASP J 1123 99.17 -98.14 -15.57
C ASP J 1123 99.09 -97.94 -14.05
N SER J 1124 99.92 -97.07 -13.47
CA SER J 1124 99.93 -96.80 -12.01
C SER J 1124 100.08 -95.30 -11.75
N ALA J 1125 99.07 -94.67 -11.15
CA ALA J 1125 98.98 -93.21 -10.95
C ALA J 1125 98.31 -92.88 -9.61
N VAL J 1126 98.68 -91.74 -9.04
CA VAL J 1126 98.06 -91.10 -7.85
C VAL J 1126 97.55 -89.73 -8.28
N PHE J 1127 96.34 -89.35 -7.87
CA PHE J 1127 95.72 -88.02 -8.14
C PHE J 1127 95.33 -87.39 -6.81
N LYS J 1128 95.84 -86.18 -6.55
CA LYS J 1128 95.57 -85.39 -5.32
C LYS J 1128 94.64 -84.23 -5.66
N ALA J 1129 93.52 -84.10 -4.97
CA ALA J 1129 92.53 -83.05 -5.21
C ALA J 1129 92.88 -81.83 -4.35
N THR J 1130 93.18 -80.69 -4.97
CA THR J 1130 93.24 -79.35 -4.33
C THR J 1130 91.82 -78.76 -4.39
N SER J 1131 91.61 -77.52 -3.89
CA SER J 1131 90.32 -76.80 -3.95
C SER J 1131 90.12 -76.15 -5.33
N SER J 1132 91.17 -76.16 -6.17
CA SER J 1132 91.18 -75.57 -7.54
C SER J 1132 90.98 -76.67 -8.61
N THR J 1133 91.21 -77.96 -8.31
CA THR J 1133 91.15 -79.08 -9.31
C THR J 1133 89.84 -79.02 -10.09
N ASP J 1134 89.94 -78.93 -11.42
CA ASP J 1134 88.78 -78.85 -12.35
C ASP J 1134 88.10 -80.22 -12.39
N GLU J 1135 86.79 -80.27 -12.13
CA GLU J 1135 86.00 -81.53 -12.11
C GLU J 1135 86.18 -82.30 -13.41
N GLU J 1136 86.06 -81.62 -14.55
CA GLU J 1136 86.02 -82.28 -15.89
C GLU J 1136 87.36 -83.00 -16.12
N SER J 1137 88.49 -82.35 -15.85
CA SER J 1137 89.85 -82.93 -15.95
C SER J 1137 89.99 -84.12 -15.00
N TRP J 1138 89.47 -83.97 -13.78
CA TRP J 1138 89.59 -84.95 -12.66
C TRP J 1138 88.90 -86.25 -13.06
N PHE J 1139 87.64 -86.18 -13.51
CA PHE J 1139 86.84 -87.38 -13.89
C PHE J 1139 87.44 -87.99 -15.16
N LYS J 1140 87.85 -87.16 -16.14
CA LYS J 1140 88.49 -87.64 -17.39
C LYS J 1140 89.73 -88.46 -16.99
N ALA J 1141 90.49 -88.03 -15.98
CA ALA J 1141 91.70 -88.70 -15.48
C ALA J 1141 91.34 -90.05 -14.86
N LEU J 1142 90.42 -90.07 -13.89
CA LEU J 1142 90.01 -91.31 -13.17
C LEU J 1142 89.39 -92.30 -14.16
N ALA J 1143 88.79 -91.82 -15.26
CA ALA J 1143 88.09 -92.66 -16.27
C ALA J 1143 89.12 -93.48 -17.06
N GLY J 1144 90.18 -92.82 -17.51
CA GLY J 1144 91.14 -93.41 -18.47
C GLY J 1144 90.61 -93.25 -19.88
N SER J 1145 91.49 -93.34 -20.86
CA SER J 1145 91.17 -93.21 -22.31
C SER J 1145 90.43 -94.47 -22.80
N GLU J 1146 90.86 -95.66 -22.39
CA GLU J 1146 90.29 -96.95 -22.86
C GLU J 1146 88.84 -97.04 -22.39
N ILE J 1147 87.94 -97.42 -23.30
CA ILE J 1147 86.47 -97.51 -23.04
C ILE J 1147 86.20 -98.87 -22.39
N ASN J 1148 85.89 -98.87 -21.10
CA ASN J 1148 85.68 -100.07 -20.25
C ASN J 1148 84.73 -99.70 -19.10
N TRP J 1149 84.53 -100.61 -18.16
CA TRP J 1149 83.70 -100.38 -16.94
C TRP J 1149 84.18 -99.12 -16.20
N ARG J 1150 85.47 -98.80 -16.25
CA ARG J 1150 86.04 -97.66 -15.48
C ARG J 1150 85.67 -96.34 -16.19
N HIS J 1151 85.75 -96.30 -17.51
CA HIS J 1151 85.40 -95.13 -18.33
C HIS J 1151 83.96 -94.74 -18.02
N ALA J 1152 83.04 -95.71 -18.06
CA ALA J 1152 81.62 -95.53 -17.75
C ALA J 1152 81.46 -95.03 -16.30
N SER J 1153 82.12 -95.69 -15.36
CA SER J 1153 81.94 -95.42 -13.91
C SER J 1153 82.15 -93.93 -13.61
N PHE J 1154 83.07 -93.27 -14.31
CA PHE J 1154 83.52 -91.90 -13.96
C PHE J 1154 82.95 -90.86 -14.95
N LEU J 1155 82.38 -91.24 -16.09
CA LEU J 1155 81.93 -90.26 -17.13
C LEU J 1155 80.42 -90.36 -17.35
N CYS J 1156 79.89 -91.57 -17.46
CA CYS J 1156 78.42 -91.84 -17.52
C CYS J 1156 77.71 -91.01 -16.42
N SER J 1157 76.80 -90.09 -16.78
CA SER J 1157 76.26 -89.09 -15.81
C SER J 1157 75.18 -89.70 -14.92
N PHE J 1158 74.49 -90.73 -15.41
CA PHE J 1158 73.38 -91.41 -14.72
C PHE J 1158 73.68 -92.91 -14.60
N ILE J 1159 72.97 -93.60 -13.72
CA ILE J 1159 72.90 -95.09 -13.69
C ILE J 1159 71.43 -95.51 -13.59
N THR J 1160 71.13 -96.72 -14.02
CA THR J 1160 69.80 -97.36 -13.91
C THR J 1160 69.66 -97.91 -12.49
N GLN J 1161 68.52 -97.65 -11.83
CA GLN J 1161 68.04 -98.48 -10.70
C GLN J 1161 66.68 -99.04 -11.11
N ASP J 1162 66.70 -100.05 -11.99
CA ASP J 1162 65.49 -100.85 -12.27
C ASP J 1162 64.51 -99.99 -13.06
N LYS J 1163 64.84 -99.63 -14.30
CA LYS J 1163 63.98 -98.83 -15.24
C LYS J 1163 64.09 -97.32 -14.97
N MET J 1164 64.23 -96.90 -13.71
CA MET J 1164 64.43 -95.48 -13.31
C MET J 1164 65.92 -95.08 -13.44
N PHE J 1165 66.20 -93.83 -13.81
CA PHE J 1165 67.55 -93.26 -14.02
C PHE J 1165 67.87 -92.28 -12.88
N VAL J 1166 68.87 -92.58 -12.06
CA VAL J 1166 69.34 -91.74 -10.93
C VAL J 1166 70.70 -91.15 -11.31
N SER J 1167 71.09 -90.07 -10.64
CA SER J 1167 72.47 -89.51 -10.65
C SER J 1167 73.46 -90.63 -10.38
N ASN J 1168 74.53 -90.70 -11.19
CA ASN J 1168 75.68 -91.63 -11.02
C ASN J 1168 76.30 -91.45 -9.62
N PRO J 1169 76.19 -92.46 -8.73
CA PRO J 1169 76.66 -92.31 -7.36
C PRO J 1169 78.18 -92.41 -7.24
N ILE J 1170 78.84 -93.01 -8.23
CA ILE J 1170 80.32 -93.11 -8.27
C ILE J 1170 80.88 -91.70 -8.41
N ARG J 1171 80.39 -90.94 -9.40
CA ARG J 1171 80.82 -89.52 -9.63
C ARG J 1171 80.54 -88.71 -8.36
N LYS J 1172 79.39 -88.94 -7.72
CA LYS J 1172 79.00 -88.19 -6.51
C LYS J 1172 80.08 -88.39 -5.44
N VAL J 1173 80.43 -89.65 -5.16
CA VAL J 1173 81.35 -90.03 -4.05
C VAL J 1173 82.78 -89.57 -4.39
N PHE J 1174 83.13 -89.48 -5.67
CA PHE J 1174 84.48 -89.12 -6.14
C PHE J 1174 84.54 -87.65 -6.55
N LYS J 1175 83.50 -86.86 -6.30
CA LYS J 1175 83.54 -85.39 -6.54
C LYS J 1175 84.71 -84.81 -5.76
N PRO J 1176 85.66 -84.13 -6.43
CA PRO J 1176 86.93 -83.76 -5.81
C PRO J 1176 86.80 -82.62 -4.79
N SER J 1177 87.62 -82.66 -3.75
CA SER J 1177 87.73 -81.62 -2.68
C SER J 1177 89.00 -81.88 -1.85
N GLN J 1178 89.51 -80.82 -1.22
CA GLN J 1178 90.76 -80.84 -0.42
C GLN J 1178 90.82 -82.11 0.42
N GLY J 1179 91.95 -82.84 0.39
CA GLY J 1179 92.23 -84.01 1.24
C GLY J 1179 92.16 -85.32 0.49
N MET J 1180 91.26 -85.42 -0.49
CA MET J 1180 91.01 -86.66 -1.28
C MET J 1180 92.26 -87.02 -2.08
N VAL J 1181 92.60 -88.31 -2.07
CA VAL J 1181 93.72 -88.94 -2.85
C VAL J 1181 93.20 -90.22 -3.48
N VAL J 1182 93.23 -90.29 -4.81
CA VAL J 1182 92.80 -91.47 -5.60
C VAL J 1182 94.06 -92.14 -6.15
N GLU J 1183 94.17 -93.45 -5.96
CA GLU J 1183 95.30 -94.28 -6.46
C GLU J 1183 94.73 -95.35 -7.39
N ILE J 1184 95.14 -95.31 -8.66
CA ILE J 1184 94.80 -96.35 -9.68
C ILE J 1184 95.97 -97.32 -9.80
N SER J 1185 95.73 -98.59 -9.47
CA SER J 1185 96.65 -99.73 -9.68
C SER J 1185 96.08 -100.61 -10.80
N ASN J 1186 96.93 -100.98 -11.75
CA ASN J 1186 96.62 -101.84 -12.92
C ASN J 1186 95.71 -101.08 -13.88
N GLY J 1187 96.05 -99.83 -14.16
CA GLY J 1187 95.36 -98.95 -15.12
C GLY J 1187 95.16 -99.60 -16.48
N ASN J 1188 96.20 -100.26 -17.01
CA ASN J 1188 96.27 -100.63 -18.44
C ASN J 1188 95.67 -102.01 -18.71
N THR J 1189 95.09 -102.67 -17.69
CA THR J 1189 94.37 -103.97 -17.85
C THR J 1189 93.10 -103.91 -16.99
N SER J 1190 91.94 -103.66 -17.62
CA SER J 1190 90.67 -103.24 -16.95
C SER J 1190 90.13 -104.37 -16.05
N SER J 1191 90.31 -105.62 -16.47
CA SER J 1191 89.88 -106.84 -15.73
C SER J 1191 90.41 -106.80 -14.28
N LYS J 1192 91.58 -106.22 -14.07
CA LYS J 1192 92.30 -106.17 -12.76
C LYS J 1192 92.32 -104.77 -12.12
N THR J 1193 92.03 -103.71 -12.88
CA THR J 1193 92.13 -102.30 -12.40
C THR J 1193 91.43 -102.16 -11.04
N VAL J 1194 92.04 -101.40 -10.13
CA VAL J 1194 91.48 -101.04 -8.80
C VAL J 1194 91.78 -99.56 -8.56
N VAL J 1195 90.74 -98.74 -8.38
CA VAL J 1195 90.89 -97.31 -7.99
C VAL J 1195 90.43 -97.18 -6.52
N THR J 1196 91.31 -96.59 -5.70
CA THR J 1196 91.24 -96.52 -4.22
C THR J 1196 91.27 -95.06 -3.78
N LEU J 1197 90.18 -94.61 -3.16
CA LEU J 1197 90.03 -93.24 -2.61
C LEU J 1197 90.47 -93.28 -1.15
N SER J 1198 91.42 -92.41 -0.78
CA SER J 1198 91.91 -92.24 0.61
C SER J 1198 91.66 -90.79 1.03
N GLU J 1199 91.13 -90.60 2.24
CA GLU J 1199 90.85 -89.26 2.83
C GLU J 1199 91.42 -89.20 4.24
N PRO J 1200 91.63 -87.98 4.79
CA PRO J 1200 91.96 -87.82 6.21
C PRO J 1200 90.86 -88.41 7.11
N VAL J 1201 91.24 -89.28 8.05
CA VAL J 1201 90.31 -89.89 9.06
C VAL J 1201 90.97 -89.77 10.43
N GLN J 1202 90.57 -88.75 11.20
CA GLN J 1202 91.17 -88.40 12.52
C GLN J 1202 92.68 -88.25 12.32
N GLY J 1203 93.10 -87.32 11.45
CA GLY J 1203 94.53 -86.98 11.26
C GLY J 1203 95.25 -87.86 10.26
N GLU J 1204 95.20 -89.18 10.43
CA GLU J 1204 95.90 -90.18 9.57
C GLU J 1204 95.02 -90.51 8.35
N LEU J 1205 95.62 -90.50 7.15
CA LEU J 1205 94.94 -90.67 5.82
C LEU J 1205 94.68 -92.17 5.59
N LYS J 1206 93.43 -92.53 5.28
CA LYS J 1206 92.99 -93.95 5.20
C LYS J 1206 92.09 -94.16 3.99
N PRO J 1207 91.94 -95.42 3.52
CA PRO J 1207 91.05 -95.72 2.40
C PRO J 1207 89.58 -95.66 2.83
N THR J 1208 88.76 -94.98 2.02
CA THR J 1208 87.31 -94.75 2.25
C THR J 1208 86.48 -95.45 1.17
N VAL J 1209 87.02 -95.64 -0.03
CA VAL J 1209 86.29 -96.21 -1.21
C VAL J 1209 87.25 -97.08 -2.02
N ILE J 1210 86.82 -98.29 -2.38
CA ILE J 1210 87.56 -99.20 -3.28
C ILE J 1210 86.62 -99.59 -4.43
N LEU J 1211 86.97 -99.16 -5.65
CA LEU J 1211 86.23 -99.40 -6.92
C LEU J 1211 86.96 -100.47 -7.73
N LYS J 1212 86.28 -101.52 -8.20
CA LYS J 1212 86.89 -102.58 -9.07
C LYS J 1212 85.83 -103.54 -9.60
N LEU J 1213 86.16 -104.32 -10.64
CA LEU J 1213 85.37 -105.51 -11.07
C LEU J 1213 85.39 -106.55 -9.96
N LEU J 1214 84.30 -107.29 -9.75
CA LEU J 1214 84.28 -108.54 -8.95
C LEU J 1214 84.35 -109.71 -9.91
N LYS J 1215 83.21 -110.20 -10.39
CA LYS J 1215 83.14 -111.11 -11.56
C LYS J 1215 83.15 -110.19 -12.79
N GLU J 1216 83.00 -110.74 -14.00
CA GLU J 1216 83.35 -110.04 -15.27
C GLU J 1216 82.41 -108.84 -15.46
N ASN J 1217 81.14 -108.92 -15.00
CA ASN J 1217 80.16 -107.87 -15.33
C ASN J 1217 79.48 -107.35 -14.07
N ILE J 1218 80.26 -107.21 -13.00
CA ILE J 1218 79.79 -106.63 -11.70
C ILE J 1218 80.87 -105.69 -11.17
N ILE J 1219 80.58 -104.39 -11.14
CA ILE J 1219 81.41 -103.34 -10.50
C ILE J 1219 81.09 -103.33 -9.01
N GLN J 1220 82.10 -103.20 -8.14
CA GLN J 1220 81.88 -103.06 -6.69
C GLN J 1220 82.53 -101.77 -6.20
N MET J 1221 81.73 -100.88 -5.65
CA MET J 1221 82.17 -99.70 -4.87
C MET J 1221 82.02 -100.02 -3.39
N GLU J 1222 83.14 -100.30 -2.75
CA GLU J 1222 83.23 -100.64 -1.31
C GLU J 1222 83.31 -99.33 -0.52
N MET J 1223 82.26 -98.99 0.20
CA MET J 1223 82.17 -97.76 1.05
C MET J 1223 82.62 -98.14 2.46
N ILE J 1224 83.64 -97.46 2.97
CA ILE J 1224 84.38 -97.87 4.20
C ILE J 1224 84.22 -96.78 5.26
N GLU J 1225 83.75 -97.17 6.44
CA GLU J 1225 83.77 -96.31 7.65
C GLU J 1225 84.89 -96.83 8.53
N ASN J 1226 85.92 -96.01 8.76
CA ASN J 1226 87.08 -96.37 9.62
C ASN J 1226 86.79 -95.97 11.09
N ARG J 1227 85.70 -95.25 11.36
CA ARG J 1227 85.23 -94.92 12.74
C ARG J 1227 84.13 -95.90 13.13
N THR J 1228 84.48 -96.92 13.92
CA THR J 1228 83.64 -98.12 14.18
C THR J 1228 83.66 -98.44 15.67
N MET J 1229 82.96 -99.50 16.08
CA MET J 1229 82.68 -99.77 17.51
C MET J 1229 83.90 -100.39 18.19
N ASP J 1230 84.77 -101.07 17.43
CA ASP J 1230 85.92 -101.84 17.98
C ASP J 1230 87.24 -101.45 17.30
N GLY J 1231 87.29 -100.40 16.48
CA GLY J 1231 88.51 -100.00 15.74
C GLY J 1231 88.65 -100.70 14.39
N LYS J 1232 88.07 -101.90 14.23
CA LYS J 1232 88.12 -102.70 12.98
C LYS J 1232 87.22 -102.04 11.93
N PRO J 1233 87.77 -101.55 10.79
CA PRO J 1233 86.97 -100.90 9.75
C PRO J 1233 85.79 -101.74 9.25
N VAL J 1234 84.76 -101.07 8.73
CA VAL J 1234 83.46 -101.68 8.30
C VAL J 1234 83.14 -101.23 6.87
N SER J 1235 82.54 -102.14 6.11
CA SER J 1235 82.40 -102.08 4.64
C SER J 1235 80.92 -102.17 4.23
N LEU J 1236 80.50 -101.30 3.30
CA LEU J 1236 79.24 -101.43 2.55
C LEU J 1236 79.58 -101.74 1.10
N PRO J 1237 79.39 -103.00 0.66
CA PRO J 1237 79.63 -103.35 -0.74
C PRO J 1237 78.45 -102.99 -1.66
N LEU J 1238 78.51 -101.81 -2.30
CA LEU J 1238 77.52 -101.41 -3.35
C LEU J 1238 77.91 -102.12 -4.63
N LEU J 1239 76.95 -102.74 -5.31
CA LEU J 1239 77.19 -103.60 -6.49
C LEU J 1239 76.40 -103.05 -7.68
N TYR J 1240 77.02 -102.98 -8.86
CA TYR J 1240 76.44 -102.44 -10.11
C TYR J 1240 76.76 -103.42 -11.25
N ASN J 1241 75.74 -103.84 -12.00
CA ASN J 1241 75.92 -104.59 -13.28
C ASN J 1241 76.49 -103.64 -14.32
N PHE J 1242 77.53 -104.07 -15.04
CA PHE J 1242 78.09 -103.34 -16.20
C PHE J 1242 77.73 -104.12 -17.46
N ASN J 1243 76.82 -103.58 -18.27
CA ASN J 1243 76.35 -104.24 -19.52
C ASN J 1243 76.73 -103.39 -20.73
N PRO J 1244 77.84 -103.69 -21.43
CA PRO J 1244 78.29 -102.87 -22.56
C PRO J 1244 77.45 -102.96 -23.83
N ASP J 1245 76.46 -103.86 -23.85
CA ASP J 1245 75.42 -103.95 -24.90
C ASP J 1245 74.50 -102.73 -24.83
N ASN J 1246 74.45 -102.00 -23.71
CA ASN J 1246 73.67 -100.76 -23.58
C ASN J 1246 74.63 -99.58 -23.42
N GLY J 1247 75.10 -99.02 -24.54
CA GLY J 1247 76.10 -97.94 -24.59
C GLY J 1247 75.62 -96.68 -23.86
N PHE J 1248 74.31 -96.44 -23.84
CA PHE J 1248 73.77 -95.17 -23.32
C PHE J 1248 73.75 -95.21 -21.79
N ALA J 1249 73.34 -96.35 -21.24
CA ALA J 1249 73.19 -96.57 -19.77
C ALA J 1249 73.79 -97.93 -19.42
N PRO J 1250 75.13 -98.08 -19.52
CA PRO J 1250 75.78 -99.37 -19.28
C PRO J 1250 75.81 -99.82 -17.81
N ILE J 1251 75.86 -98.88 -16.88
CA ILE J 1251 75.91 -99.20 -15.42
C ILE J 1251 74.49 -99.12 -14.85
N SER J 1252 74.11 -100.15 -14.08
CA SER J 1252 72.80 -100.34 -13.41
C SER J 1252 73.01 -101.01 -12.04
N GLU J 1253 72.49 -100.43 -10.95
CA GLU J 1253 72.72 -100.91 -9.55
C GLU J 1253 72.01 -102.24 -9.34
N VAL J 1254 72.72 -103.23 -8.79
CA VAL J 1254 72.15 -104.49 -8.27
C VAL J 1254 71.31 -104.15 -7.04
N MET J 1255 69.98 -104.20 -7.20
CA MET J 1255 69.01 -103.70 -6.20
C MET J 1255 68.67 -104.81 -5.19
N GLU J 1256 68.83 -106.07 -5.59
CA GLU J 1256 68.44 -107.28 -4.81
C GLU J 1256 69.31 -107.33 -3.53
N ASP J 1257 68.66 -107.39 -2.37
CA ASP J 1257 69.32 -107.52 -1.03
C ASP J 1257 70.12 -106.25 -0.69
N ARG J 1258 69.91 -105.14 -1.40
CA ARG J 1258 70.66 -103.88 -1.18
C ARG J 1258 70.35 -103.31 0.21
N ASN J 1259 69.07 -103.25 0.57
CA ASN J 1259 68.64 -102.70 1.89
C ASN J 1259 69.28 -103.52 2.99
N GLN J 1260 69.38 -104.84 2.76
CA GLN J 1260 69.94 -105.83 3.69
C GLN J 1260 71.44 -105.57 3.88
N ARG J 1261 72.19 -105.34 2.80
CA ARG J 1261 73.66 -105.07 2.82
C ARG J 1261 73.90 -103.82 3.67
N ILE J 1262 73.12 -102.78 3.40
CA ILE J 1262 73.18 -101.48 4.13
C ILE J 1262 72.91 -101.72 5.62
N LYS J 1263 71.83 -102.42 5.96
CA LYS J 1263 71.47 -102.74 7.38
C LYS J 1263 72.63 -103.48 8.05
N GLU J 1264 73.30 -104.38 7.33
CA GLU J 1264 74.40 -105.19 7.92
C GLU J 1264 75.50 -104.27 8.42
N MET J 1265 75.89 -103.29 7.62
CA MET J 1265 76.95 -102.31 7.99
C MET J 1265 76.49 -101.49 9.19
N TYR J 1266 75.31 -100.88 9.11
CA TYR J 1266 74.72 -100.07 10.20
C TYR J 1266 74.62 -100.90 11.48
N TRP J 1267 74.20 -102.16 11.37
CA TRP J 1267 74.06 -103.07 12.54
C TRP J 1267 75.42 -103.23 13.23
N LYS J 1268 76.50 -103.42 12.48
CA LYS J 1268 77.87 -103.59 13.02
C LYS J 1268 78.30 -102.33 13.78
N LEU J 1269 77.77 -101.16 13.42
CA LEU J 1269 78.17 -99.85 14.01
C LEU J 1269 77.36 -99.55 15.28
N TRP J 1270 76.07 -99.89 15.30
CA TRP J 1270 75.10 -99.47 16.34
C TRP J 1270 74.85 -100.57 17.37
N ILE J 1271 74.87 -101.83 16.97
CA ILE J 1271 74.34 -102.97 17.77
C ILE J 1271 75.48 -103.94 18.08
N ASP J 1272 75.77 -104.17 19.36
CA ASP J 1272 76.82 -105.14 19.79
C ASP J 1272 76.16 -106.51 20.01
N GLU J 1273 75.68 -107.11 18.93
CA GLU J 1273 74.96 -108.42 18.94
C GLU J 1273 75.06 -109.07 17.57
N PRO J 1274 74.84 -110.39 17.46
CA PRO J 1274 74.81 -111.07 16.17
C PRO J 1274 73.75 -110.49 15.21
N PHE J 1275 74.17 -110.20 13.97
CA PHE J 1275 73.32 -109.59 12.91
C PHE J 1275 72.19 -110.55 12.54
N ASN J 1276 70.97 -110.27 12.99
CA ASN J 1276 69.77 -111.10 12.69
C ASN J 1276 68.55 -110.18 12.55
N LEU J 1277 68.03 -110.07 11.32
CA LEU J 1277 66.89 -109.18 10.97
C LEU J 1277 65.57 -109.94 11.08
N ASP J 1278 65.56 -111.19 11.51
CA ASP J 1278 64.35 -112.06 11.48
C ASP J 1278 63.71 -112.08 12.86
N PHE J 1279 63.16 -110.94 13.31
CA PHE J 1279 62.39 -110.80 14.57
C PHE J 1279 61.15 -109.94 14.31
N ASP J 1280 60.18 -109.99 15.21
CA ASP J 1280 58.85 -109.36 15.02
C ASP J 1280 58.92 -107.89 15.44
N PRO J 1281 58.42 -106.95 14.62
CA PRO J 1281 58.25 -105.57 15.06
C PRO J 1281 57.37 -105.47 16.31
N ARG J 1282 56.33 -106.30 16.36
CA ARG J 1282 55.36 -106.42 17.48
C ARG J 1282 56.12 -106.67 18.80
N ASP J 1283 57.13 -107.53 18.77
CA ASP J 1283 57.91 -107.96 19.97
C ASP J 1283 58.52 -106.72 20.65
N VAL J 1284 58.63 -106.77 21.98
CA VAL J 1284 59.40 -105.81 22.81
C VAL J 1284 60.89 -106.03 22.53
N ILE J 1285 61.73 -105.02 22.78
CA ILE J 1285 63.21 -105.12 22.64
C ILE J 1285 63.84 -104.76 23.99
N LYS J 1286 64.67 -105.65 24.54
CA LYS J 1286 65.37 -105.42 25.83
C LYS J 1286 66.78 -104.94 25.51
N GLY J 1287 67.20 -103.82 26.10
CA GLY J 1287 68.56 -103.29 26.02
C GLY J 1287 69.35 -103.72 27.25
N LYS J 1288 70.65 -103.94 27.10
CA LYS J 1288 71.49 -104.39 28.25
C LYS J 1288 71.38 -103.37 29.37
N ASP J 1289 71.30 -103.86 30.61
CA ASP J 1289 71.51 -103.06 31.84
C ASP J 1289 72.72 -102.14 31.60
N PHE J 1290 72.67 -100.93 32.14
CA PHE J 1290 73.65 -99.83 31.91
C PHE J 1290 73.92 -99.13 33.24
N GLU J 1291 75.17 -99.16 33.70
CA GLU J 1291 75.59 -98.46 34.96
C GLU J 1291 76.04 -97.05 34.58
N ILE J 1292 75.30 -96.03 35.02
CA ILE J 1292 75.68 -94.59 34.86
C ILE J 1292 76.90 -94.36 35.75
N THR J 1293 77.95 -93.72 35.23
CA THR J 1293 79.21 -93.47 35.98
C THR J 1293 79.61 -92.01 35.84
N ALA J 1294 80.37 -91.49 36.82
CA ALA J 1294 80.91 -90.11 36.82
C ALA J 1294 81.45 -89.79 35.43
N LYS J 1295 82.38 -90.61 34.93
CA LYS J 1295 83.15 -90.37 33.68
C LYS J 1295 82.19 -90.19 32.49
N GLU J 1296 81.23 -91.10 32.31
CA GLU J 1296 80.30 -91.10 31.14
C GLU J 1296 79.50 -89.79 31.13
N VAL J 1297 78.99 -89.40 32.31
CA VAL J 1297 78.20 -88.15 32.52
C VAL J 1297 79.07 -86.95 32.15
N TYR J 1298 80.31 -86.91 32.62
CA TYR J 1298 81.26 -85.80 32.34
C TYR J 1298 81.50 -85.69 30.83
N ASP J 1299 81.80 -86.82 30.16
CA ASP J 1299 82.13 -86.86 28.71
C ASP J 1299 80.90 -86.42 27.90
N PHE J 1300 79.71 -86.87 28.31
CA PHE J 1300 78.43 -86.56 27.65
C PHE J 1300 78.10 -85.07 27.80
N THR J 1301 78.08 -84.55 29.03
CA THR J 1301 77.74 -83.13 29.29
C THR J 1301 78.71 -82.22 28.55
N HIS J 1302 79.98 -82.60 28.41
CA HIS J 1302 81.02 -81.80 27.70
C HIS J 1302 80.75 -81.86 26.18
N ALA J 1303 80.29 -83.01 25.67
CA ALA J 1303 79.99 -83.21 24.23
C ALA J 1303 78.79 -82.38 23.79
N VAL J 1304 77.77 -82.21 24.63
CA VAL J 1304 76.50 -81.50 24.28
C VAL J 1304 76.54 -80.06 24.81
N GLY J 1305 77.57 -79.72 25.59
CA GLY J 1305 77.78 -78.37 26.12
C GLY J 1305 76.75 -78.00 27.18
N ASN J 1306 76.50 -78.90 28.13
CA ASN J 1306 75.56 -78.72 29.27
C ASN J 1306 76.35 -78.50 30.56
N ASN J 1307 76.53 -77.24 30.96
CA ASN J 1307 77.31 -76.84 32.16
C ASN J 1307 76.39 -76.71 33.38
N CYS J 1308 75.23 -77.35 33.40
CA CYS J 1308 74.37 -77.34 34.62
C CYS J 1308 75.17 -77.98 35.76
N GLU J 1309 75.18 -77.32 36.92
CA GLU J 1309 75.97 -77.72 38.11
C GLU J 1309 75.49 -79.08 38.62
N ASP J 1310 74.21 -79.41 38.44
CA ASP J 1310 73.61 -80.66 38.97
C ASP J 1310 74.42 -81.87 38.46
N PHE J 1311 75.05 -81.76 37.29
CA PHE J 1311 75.74 -82.87 36.57
C PHE J 1311 77.26 -82.83 36.77
N VAL J 1312 77.74 -82.06 37.74
CA VAL J 1312 79.19 -81.88 37.99
C VAL J 1312 79.52 -82.34 39.42
N SER J 1313 80.62 -83.08 39.53
CA SER J 1313 81.15 -83.68 40.78
C SER J 1313 81.44 -82.56 41.78
N ARG J 1314 80.70 -82.54 42.90
CA ARG J 1314 80.85 -81.50 43.95
C ARG J 1314 80.87 -82.17 45.32
N PRO J 1315 81.80 -81.75 46.22
CA PRO J 1315 81.85 -82.29 47.58
C PRO J 1315 80.47 -82.39 48.24
N ASP J 1316 80.07 -83.59 48.66
CA ASP J 1316 78.90 -83.88 49.54
C ASP J 1316 77.62 -83.45 48.83
N ARG J 1317 77.35 -84.05 47.66
CA ARG J 1317 76.13 -83.85 46.83
C ARG J 1317 76.17 -84.88 45.69
N THR J 1318 75.23 -85.80 45.61
CA THR J 1318 75.30 -86.92 44.61
C THR J 1318 75.11 -86.32 43.22
N MET J 1319 75.99 -86.70 42.31
CA MET J 1319 76.06 -86.19 40.92
C MET J 1319 74.84 -86.73 40.16
N LEU J 1320 74.02 -85.83 39.60
CA LEU J 1320 72.87 -86.21 38.75
C LEU J 1320 73.39 -86.51 37.34
N ALA J 1321 72.52 -87.04 36.48
CA ALA J 1321 72.75 -87.23 35.03
C ALA J 1321 71.64 -86.52 34.28
N PRO J 1322 71.94 -85.81 33.18
CA PRO J 1322 70.92 -85.08 32.44
C PRO J 1322 69.84 -86.03 31.93
N MET J 1323 68.59 -85.57 31.93
CA MET J 1323 67.46 -86.24 31.23
C MET J 1323 67.97 -86.85 29.93
N ASP J 1324 68.72 -86.06 29.13
CA ASP J 1324 69.26 -86.39 27.78
C ASP J 1324 70.00 -87.72 27.77
N PHE J 1325 70.57 -88.13 28.90
CA PHE J 1325 71.42 -89.33 29.01
C PHE J 1325 70.61 -90.59 28.66
N ALA J 1326 69.29 -90.51 28.80
CA ALA J 1326 68.36 -91.60 28.44
C ALA J 1326 68.63 -92.09 27.01
N ILE J 1327 69.18 -91.26 26.13
CA ILE J 1327 69.40 -91.62 24.69
C ILE J 1327 70.67 -92.46 24.60
N VAL J 1328 71.65 -92.22 25.46
CA VAL J 1328 72.86 -93.08 25.58
C VAL J 1328 72.39 -94.47 26.00
N VAL J 1329 71.60 -94.54 27.08
CA VAL J 1329 71.11 -95.80 27.68
C VAL J 1329 70.21 -96.52 26.66
N GLY J 1330 69.37 -95.79 25.93
CA GLY J 1330 68.25 -96.36 25.15
C GLY J 1330 68.57 -96.63 23.68
N TRP J 1331 69.58 -95.95 23.12
CA TRP J 1331 69.74 -95.86 21.64
C TRP J 1331 69.73 -97.27 21.01
N ARG J 1332 70.49 -98.21 21.57
CA ARG J 1332 70.66 -99.57 21.00
C ARG J 1332 69.30 -100.26 20.89
N ALA J 1333 68.49 -100.18 21.94
CA ALA J 1333 67.13 -100.80 21.97
C ALA J 1333 66.21 -100.06 20.99
N ILE J 1334 66.17 -98.73 21.06
CA ILE J 1334 65.28 -97.89 20.24
C ILE J 1334 65.58 -98.14 18.75
N ILE J 1335 66.83 -98.02 18.34
CA ILE J 1335 67.22 -98.03 16.90
C ILE J 1335 67.02 -99.43 16.33
N LYS J 1336 67.19 -100.48 17.14
CA LYS J 1336 67.02 -101.88 16.68
C LYS J 1336 65.61 -102.05 16.09
N ALA J 1337 64.64 -101.29 16.60
CA ALA J 1337 63.21 -101.37 16.20
C ALA J 1337 63.02 -101.18 14.70
N ILE J 1338 63.93 -100.48 13.99
CA ILE J 1338 63.73 -100.15 12.55
C ILE J 1338 64.44 -101.16 11.64
N PHE J 1339 64.95 -102.28 12.19
CA PHE J 1339 65.82 -103.24 11.44
C PHE J 1339 65.08 -104.48 10.92
N PRO J 1340 63.98 -104.98 11.54
CA PRO J 1340 63.36 -106.22 11.07
C PRO J 1340 63.06 -106.23 9.56
N ASN J 1341 63.08 -107.42 8.93
CA ASN J 1341 62.80 -107.60 7.48
C ASN J 1341 61.41 -107.08 7.15
N THR J 1342 60.44 -107.23 8.06
CA THR J 1342 59.05 -106.76 7.83
C THR J 1342 59.00 -105.23 7.81
N VAL J 1343 60.06 -104.52 8.22
CA VAL J 1343 60.17 -103.03 8.08
C VAL J 1343 61.44 -102.71 7.28
N ASP J 1344 61.34 -102.88 5.95
CA ASP J 1344 62.47 -102.96 4.99
C ASP J 1344 62.80 -101.56 4.47
N GLY J 1345 63.74 -100.88 5.12
CA GLY J 1345 64.13 -99.50 4.74
C GLY J 1345 65.55 -99.40 4.21
N ASP J 1346 65.76 -98.43 3.31
CA ASP J 1346 67.10 -97.92 2.91
C ASP J 1346 67.56 -96.99 4.03
N LEU J 1347 68.43 -97.46 4.89
CA LEU J 1347 68.85 -96.75 6.12
C LEU J 1347 69.64 -95.48 5.75
N LEU J 1348 70.14 -95.40 4.52
CA LEU J 1348 70.89 -94.21 4.01
C LEU J 1348 69.91 -93.11 3.61
N LYS J 1349 68.62 -93.45 3.50
CA LYS J 1349 67.51 -92.48 3.30
C LYS J 1349 66.68 -92.38 4.59
N LEU J 1350 67.23 -92.72 5.75
CA LEU J 1350 66.53 -92.58 7.06
C LEU J 1350 66.53 -91.11 7.49
N VAL J 1351 65.45 -90.68 8.13
CA VAL J 1351 65.32 -89.32 8.74
C VAL J 1351 64.75 -89.46 10.14
N HIS J 1352 65.45 -88.88 11.11
CA HIS J 1352 64.97 -88.70 12.50
C HIS J 1352 63.98 -87.54 12.47
N LEU J 1353 62.73 -87.79 12.82
CA LEU J 1353 61.67 -86.75 12.76
C LEU J 1353 61.61 -86.02 14.09
N SER J 1354 61.55 -86.76 15.19
CA SER J 1354 61.34 -86.22 16.55
C SER J 1354 61.95 -87.15 17.57
N ASN J 1355 62.12 -86.65 18.80
CA ASN J 1355 62.53 -87.44 19.98
C ASN J 1355 62.11 -86.68 21.22
N GLY J 1356 61.48 -87.36 22.17
CA GLY J 1356 61.05 -86.77 23.45
C GLY J 1356 61.38 -87.66 24.62
N TYR J 1357 61.57 -87.07 25.80
CA TYR J 1357 61.63 -87.76 27.10
C TYR J 1357 60.49 -87.22 27.96
N LYS J 1358 59.79 -88.10 28.69
CA LYS J 1358 58.80 -87.72 29.73
C LYS J 1358 59.07 -88.53 30.99
N MET J 1359 59.39 -87.88 32.11
CA MET J 1359 59.57 -88.51 33.44
C MET J 1359 58.21 -89.08 33.85
N ILE J 1360 58.17 -90.29 34.43
CA ILE J 1360 56.91 -90.81 35.01
C ILE J 1360 56.79 -90.17 36.39
N PRO J 1361 55.58 -89.69 36.77
CA PRO J 1361 55.38 -88.97 38.02
C PRO J 1361 55.93 -89.70 39.24
N GLY J 1362 56.57 -88.96 40.15
CA GLY J 1362 57.08 -89.47 41.43
C GLY J 1362 58.50 -89.98 41.31
N ALA J 1363 58.91 -90.42 40.11
CA ALA J 1363 60.28 -90.93 39.84
C ALA J 1363 61.29 -89.78 39.95
N LYS J 1364 62.39 -90.00 40.68
CA LYS J 1364 63.52 -89.04 40.80
C LYS J 1364 64.32 -89.10 39.50
N PRO J 1365 65.05 -88.04 39.11
CA PRO J 1365 65.82 -88.06 37.86
C PRO J 1365 67.06 -88.96 37.96
N LEU J 1366 67.66 -89.29 36.82
CA LEU J 1366 68.81 -90.23 36.76
C LEU J 1366 69.95 -89.67 37.62
N GLN J 1367 70.57 -90.55 38.43
CA GLN J 1367 71.74 -90.24 39.29
C GLN J 1367 72.95 -91.03 38.79
N VAL J 1368 74.13 -90.74 39.33
CA VAL J 1368 75.40 -91.40 38.89
C VAL J 1368 75.46 -92.82 39.48
N GLY J 1369 74.89 -93.06 40.67
CA GLY J 1369 74.78 -94.42 41.25
C GLY J 1369 74.08 -95.42 40.32
N ASP J 1370 72.99 -95.00 39.70
CA ASP J 1370 71.90 -95.86 39.17
C ASP J 1370 72.41 -96.91 38.16
N VAL J 1371 71.77 -98.08 38.19
CA VAL J 1371 71.83 -99.13 37.13
C VAL J 1371 70.47 -99.13 36.40
N VAL J 1372 70.47 -98.76 35.13
CA VAL J 1372 69.25 -98.55 34.30
C VAL J 1372 69.26 -99.56 33.16
N SER J 1373 68.12 -100.22 32.92
CA SER J 1373 67.86 -101.03 31.70
C SER J 1373 66.81 -100.29 30.87
N THR J 1374 66.71 -100.64 29.59
CA THR J 1374 65.72 -100.05 28.65
C THR J 1374 64.92 -101.13 27.93
N THR J 1375 63.63 -100.90 27.82
CA THR J 1375 62.68 -101.65 26.97
C THR J 1375 62.26 -100.69 25.85
N ALA J 1376 62.08 -101.18 24.64
CA ALA J 1376 61.62 -100.39 23.49
C ALA J 1376 60.64 -101.21 22.66
N VAL J 1377 59.44 -100.66 22.46
CA VAL J 1377 58.40 -101.24 21.59
C VAL J 1377 58.20 -100.25 20.45
N ILE J 1378 57.62 -100.73 19.37
CA ILE J 1378 57.38 -99.93 18.15
C ILE J 1378 55.87 -99.79 18.06
N GLU J 1379 55.39 -98.60 18.38
CA GLU J 1379 53.96 -98.25 18.62
C GLU J 1379 53.23 -98.30 17.29
N SER J 1380 53.81 -97.67 16.26
CA SER J 1380 53.22 -97.55 14.91
C SER J 1380 54.29 -97.67 13.82
N VAL J 1381 53.93 -98.32 12.71
CA VAL J 1381 54.68 -98.37 11.43
C VAL J 1381 53.63 -98.17 10.34
N VAL J 1382 53.58 -97.00 9.72
CA VAL J 1382 52.56 -96.78 8.67
C VAL J 1382 53.27 -96.34 7.40
N ASN J 1383 52.75 -96.79 6.26
CA ASN J 1383 53.20 -96.39 4.92
C ASN J 1383 52.47 -95.10 4.55
N GLN J 1384 53.04 -93.94 4.88
CA GLN J 1384 52.66 -92.63 4.28
C GLN J 1384 52.97 -92.69 2.79
N PRO J 1385 52.45 -91.78 1.95
CA PRO J 1385 52.73 -91.82 0.51
C PRO J 1385 54.18 -91.46 0.19
N THR J 1386 54.82 -90.68 1.07
CA THR J 1386 56.11 -90.00 0.86
C THR J 1386 57.25 -90.87 1.44
N GLY J 1387 56.91 -91.92 2.20
CA GLY J 1387 57.86 -92.79 2.94
C GLY J 1387 57.18 -93.55 4.08
N LYS J 1388 57.94 -94.34 4.83
CA LYS J 1388 57.45 -95.23 5.92
C LYS J 1388 57.88 -94.66 7.29
N ILE J 1389 56.90 -94.40 8.14
CA ILE J 1389 57.08 -93.73 9.45
C ILE J 1389 57.11 -94.84 10.52
N VAL J 1390 58.04 -94.76 11.46
CA VAL J 1390 58.16 -95.72 12.59
C VAL J 1390 58.23 -94.93 13.90
N ASP J 1391 57.15 -94.95 14.67
CA ASP J 1391 57.05 -94.34 16.02
C ASP J 1391 57.51 -95.41 17.02
N VAL J 1392 58.60 -95.14 17.76
CA VAL J 1392 59.17 -96.06 18.78
C VAL J 1392 58.95 -95.47 20.18
N VAL J 1393 58.70 -96.31 21.18
CA VAL J 1393 58.51 -95.89 22.60
C VAL J 1393 59.41 -96.73 23.50
N GLY J 1394 60.42 -96.10 24.10
CA GLY J 1394 61.30 -96.67 25.14
C GLY J 1394 60.72 -96.48 26.53
N THR J 1395 61.16 -97.30 27.49
CA THR J 1395 60.87 -97.16 28.95
C THR J 1395 62.15 -97.48 29.71
N LEU J 1396 62.78 -96.46 30.30
CA LEU J 1396 63.95 -96.63 31.20
C LEU J 1396 63.44 -97.03 32.57
N SER J 1397 63.94 -98.14 33.10
CA SER J 1397 63.64 -98.61 34.48
C SER J 1397 64.92 -98.64 35.32
N ARG J 1398 64.78 -98.33 36.61
CA ARG J 1398 65.80 -98.60 37.67
C ARG J 1398 65.07 -99.23 38.86
N ASN J 1399 65.68 -100.23 39.50
CA ASN J 1399 65.09 -101.02 40.61
C ASN J 1399 63.71 -101.53 40.18
N GLY J 1400 63.67 -102.18 39.00
CA GLY J 1400 62.45 -102.73 38.37
C GLY J 1400 61.24 -101.80 38.47
N LYS J 1401 61.48 -100.48 38.39
CA LYS J 1401 60.45 -99.41 38.43
C LYS J 1401 60.64 -98.50 37.23
N PRO J 1402 59.56 -98.09 36.54
CA PRO J 1402 59.70 -97.16 35.42
C PRO J 1402 60.20 -95.81 35.97
N VAL J 1403 61.07 -95.14 35.21
CA VAL J 1403 61.66 -93.82 35.57
C VAL J 1403 61.21 -92.78 34.54
N MET J 1404 61.53 -92.99 33.26
CA MET J 1404 61.01 -92.12 32.18
C MET J 1404 60.70 -92.93 30.92
N GLU J 1405 59.87 -92.37 30.05
CA GLU J 1405 59.60 -92.87 28.68
C GLU J 1405 60.41 -92.05 27.68
N VAL J 1406 61.17 -92.71 26.81
CA VAL J 1406 61.69 -92.10 25.56
C VAL J 1406 60.65 -92.34 24.47
N THR J 1407 60.49 -91.39 23.55
CA THR J 1407 59.80 -91.59 22.24
C THR J 1407 60.73 -91.06 21.15
N SER J 1408 60.89 -91.80 20.06
CA SER J 1408 61.64 -91.36 18.85
C SER J 1408 60.85 -91.79 17.63
N SER J 1409 60.78 -90.93 16.62
CA SER J 1409 60.04 -91.19 15.36
C SER J 1409 61.03 -91.17 14.20
N PHE J 1410 61.04 -92.22 13.38
CA PHE J 1410 61.95 -92.37 12.23
C PHE J 1410 61.13 -92.47 10.95
N PHE J 1411 61.73 -92.07 9.84
CA PHE J 1411 61.10 -92.00 8.50
C PHE J 1411 62.07 -92.55 7.47
N TYR J 1412 61.70 -93.65 6.83
CA TYR J 1412 62.37 -94.22 5.65
C TYR J 1412 61.77 -93.56 4.40
N ARG J 1413 62.44 -92.55 3.84
CA ARG J 1413 61.99 -91.88 2.60
C ARG J 1413 61.89 -92.94 1.50
N GLY J 1414 60.75 -93.01 0.82
CA GLY J 1414 60.54 -93.91 -0.32
C GLY J 1414 59.08 -94.22 -0.55
N ASN J 1415 58.83 -95.21 -1.39
CA ASN J 1415 57.48 -95.60 -1.87
C ASN J 1415 57.23 -97.03 -1.39
N TYR J 1416 56.27 -97.25 -0.48
CA TYR J 1416 56.07 -98.53 0.24
C TYR J 1416 54.64 -99.04 0.11
N THR J 1417 54.48 -100.30 -0.28
CA THR J 1417 53.20 -101.00 -0.56
C THR J 1417 52.87 -102.03 0.53
N ASP J 1418 53.80 -102.35 1.42
CA ASP J 1418 53.69 -103.55 2.30
C ASP J 1418 52.79 -103.23 3.49
N PHE J 1419 51.51 -102.94 3.22
CA PHE J 1419 50.49 -102.54 4.22
C PHE J 1419 50.24 -103.70 5.20
N GLU J 1420 50.60 -104.92 4.83
CA GLU J 1420 50.45 -106.12 5.70
C GLU J 1420 51.46 -106.04 6.85
N ASN J 1421 52.52 -105.24 6.73
CA ASN J 1421 53.52 -105.02 7.81
C ASN J 1421 53.30 -103.66 8.47
N THR J 1422 52.21 -102.99 8.10
CA THR J 1422 51.79 -101.68 8.64
C THR J 1422 50.81 -101.94 9.79
N PHE J 1423 51.03 -101.29 10.92
CA PHE J 1423 50.05 -101.17 12.03
C PHE J 1423 50.27 -99.85 12.79
N GLN J 1424 49.22 -99.32 13.40
CA GLN J 1424 49.24 -98.03 14.12
C GLN J 1424 48.43 -98.12 15.40
N LYS J 1425 49.02 -97.81 16.55
CA LYS J 1425 48.30 -97.64 17.83
C LYS J 1425 48.32 -96.16 18.18
N THR J 1426 47.18 -95.61 18.58
CA THR J 1426 47.07 -94.20 19.06
C THR J 1426 46.32 -94.21 20.41
N VAL J 1427 46.68 -93.31 21.31
CA VAL J 1427 46.04 -93.13 22.65
C VAL J 1427 45.12 -91.93 22.52
N GLU J 1428 43.80 -92.14 22.50
CA GLU J 1428 42.81 -91.09 22.20
C GLU J 1428 42.77 -90.12 23.36
N PRO J 1429 42.35 -88.85 23.13
CA PRO J 1429 42.09 -87.92 24.22
C PRO J 1429 40.93 -88.48 25.06
N VAL J 1430 40.87 -88.17 26.35
CA VAL J 1430 39.75 -88.61 27.22
C VAL J 1430 38.49 -87.85 26.81
N TYR J 1431 37.41 -88.56 26.49
CA TYR J 1431 36.11 -87.96 26.10
C TYR J 1431 35.18 -87.96 27.31
N GLN J 1432 34.42 -86.90 27.50
CA GLN J 1432 33.47 -86.73 28.64
C GLN J 1432 32.05 -86.54 28.12
N MET J 1433 31.05 -87.05 28.85
CA MET J 1433 29.61 -87.02 28.48
C MET J 1433 28.78 -86.84 29.75
N HIS J 1434 27.92 -85.82 29.82
CA HIS J 1434 26.92 -85.63 30.91
C HIS J 1434 25.63 -86.32 30.46
N ILE J 1435 25.23 -87.39 31.12
CA ILE J 1435 24.04 -88.20 30.77
C ILE J 1435 22.82 -87.57 31.45
N LYS J 1436 21.98 -86.83 30.71
CA LYS J 1436 20.86 -86.02 31.26
C LYS J 1436 19.53 -86.74 31.11
N THR J 1437 19.23 -87.21 29.90
CA THR J 1437 17.93 -87.77 29.48
C THR J 1437 18.01 -89.30 29.51
N SER J 1438 16.88 -89.99 29.65
CA SER J 1438 16.78 -91.48 29.55
C SER J 1438 16.97 -91.90 28.08
N LYS J 1439 16.86 -90.95 27.16
CA LYS J 1439 17.12 -91.14 25.71
C LYS J 1439 18.63 -91.28 25.50
N ASP J 1440 19.42 -90.34 26.05
CA ASP J 1440 20.91 -90.40 26.06
C ASP J 1440 21.37 -91.83 26.42
N ILE J 1441 20.79 -92.41 27.46
CA ILE J 1441 21.26 -93.73 28.00
C ILE J 1441 20.83 -94.81 27.01
N ALA J 1442 19.63 -94.72 26.43
CA ALA J 1442 19.13 -95.67 25.41
C ALA J 1442 20.12 -95.74 24.25
N VAL J 1443 20.60 -94.59 23.78
CA VAL J 1443 21.56 -94.49 22.64
C VAL J 1443 22.84 -95.26 23.01
N LEU J 1444 23.39 -95.02 24.20
CA LEU J 1444 24.62 -95.72 24.68
C LEU J 1444 24.40 -97.23 24.69
N ARG J 1445 23.27 -97.71 25.22
CA ARG J 1445 23.01 -99.18 25.32
C ARG J 1445 22.88 -99.76 23.91
N SER J 1446 22.47 -98.94 22.94
CA SER J 1446 22.39 -99.30 21.49
C SER J 1446 23.75 -99.86 21.03
N LYS J 1447 24.85 -99.26 21.50
CA LYS J 1447 26.23 -99.57 21.05
C LYS J 1447 26.71 -100.86 21.72
N GLU J 1448 27.14 -101.84 20.94
CA GLU J 1448 27.65 -103.13 21.46
C GLU J 1448 28.86 -102.88 22.35
N TRP J 1449 29.66 -101.86 22.01
CA TRP J 1449 30.99 -101.60 22.62
C TRP J 1449 30.86 -101.02 24.03
N PHE J 1450 29.70 -100.49 24.38
CA PHE J 1450 29.41 -99.92 25.72
C PHE J 1450 29.02 -101.05 26.67
N GLN J 1451 29.95 -101.51 27.50
CA GLN J 1451 29.77 -102.71 28.35
C GLN J 1451 30.04 -102.35 29.81
N LEU J 1452 28.97 -102.14 30.59
CA LEU J 1452 29.05 -101.80 32.03
C LEU J 1452 29.32 -103.06 32.85
N ASP J 1453 30.09 -102.94 33.94
CA ASP J 1453 30.32 -104.01 34.94
C ASP J 1453 28.96 -104.52 35.43
N ASP J 1454 28.08 -103.58 35.77
CA ASP J 1454 26.74 -103.87 36.34
C ASP J 1454 25.69 -103.29 35.37
N GLU J 1455 24.96 -104.16 34.68
CA GLU J 1455 23.92 -103.83 33.66
C GLU J 1455 22.97 -102.76 34.21
N ASP J 1456 22.56 -102.92 35.47
CA ASP J 1456 21.51 -102.13 36.16
C ASP J 1456 22.07 -100.79 36.66
N PHE J 1457 23.31 -100.43 36.34
CA PHE J 1457 23.93 -99.17 36.80
C PHE J 1457 23.04 -98.00 36.35
N ASP J 1458 22.70 -97.11 37.27
CA ASP J 1458 21.85 -95.92 37.02
C ASP J 1458 22.73 -94.81 36.43
N LEU J 1459 22.66 -94.61 35.11
CA LEU J 1459 23.53 -93.64 34.38
C LEU J 1459 22.94 -92.23 34.43
N LEU J 1460 21.71 -92.08 34.91
CA LEU J 1460 20.98 -90.78 34.83
C LEU J 1460 21.66 -89.75 35.73
N ASN J 1461 21.98 -88.57 35.16
CA ASN J 1461 22.58 -87.39 35.83
C ASN J 1461 24.00 -87.70 36.28
N LYS J 1462 24.68 -88.65 35.62
CA LYS J 1462 26.09 -89.00 35.88
C LYS J 1462 26.97 -88.42 34.78
N THR J 1463 28.24 -88.20 35.07
CA THR J 1463 29.26 -87.76 34.08
C THR J 1463 30.22 -88.93 33.83
N LEU J 1464 30.16 -89.50 32.62
CA LEU J 1464 31.05 -90.61 32.20
C LEU J 1464 32.28 -90.01 31.52
N THR J 1465 33.43 -90.62 31.73
CA THR J 1465 34.68 -90.36 30.96
C THR J 1465 35.07 -91.67 30.25
N PHE J 1466 35.67 -91.55 29.05
CA PHE J 1466 36.04 -92.68 28.16
C PHE J 1466 37.53 -92.61 27.82
N GLU J 1467 38.35 -93.37 28.55
CA GLU J 1467 39.82 -93.39 28.39
C GLU J 1467 40.20 -94.52 27.44
N THR J 1468 40.51 -94.19 26.20
CA THR J 1468 40.42 -95.09 25.03
C THR J 1468 41.73 -95.10 24.26
N GLU J 1469 42.24 -96.29 23.95
CA GLU J 1469 43.32 -96.55 22.96
C GLU J 1469 42.67 -97.22 21.74
N THR J 1470 43.16 -96.92 20.52
CA THR J 1470 42.68 -97.55 19.27
C THR J 1470 43.89 -98.08 18.48
N GLU J 1471 43.95 -99.41 18.32
CA GLU J 1471 44.90 -100.16 17.47
C GLU J 1471 44.23 -100.46 16.13
N VAL J 1472 44.98 -100.32 15.05
CA VAL J 1472 44.47 -100.41 13.66
C VAL J 1472 45.53 -101.17 12.84
N THR J 1473 45.12 -101.92 11.81
CA THR J 1473 46.00 -102.51 10.77
C THR J 1473 45.48 -102.03 9.41
N PHE J 1474 46.29 -102.05 8.36
CA PHE J 1474 45.95 -101.40 7.07
C PHE J 1474 45.78 -102.43 5.96
N LYS J 1475 44.76 -102.24 5.14
CA LYS J 1475 44.56 -102.94 3.85
C LYS J 1475 45.33 -102.17 2.78
N ASN J 1476 45.10 -100.87 2.69
CA ASN J 1476 45.84 -99.94 1.79
C ASN J 1476 45.88 -98.56 2.46
N ALA J 1477 46.27 -97.54 1.72
CA ALA J 1477 46.39 -96.14 2.20
C ALA J 1477 45.09 -95.69 2.93
N ASN J 1478 43.90 -96.04 2.42
CA ASN J 1478 42.57 -95.52 2.89
C ASN J 1478 41.92 -96.52 3.86
N ILE J 1479 41.68 -97.76 3.42
CA ILE J 1479 40.88 -98.79 4.15
C ILE J 1479 41.75 -99.47 5.22
N PHE J 1480 41.27 -99.50 6.47
CA PHE J 1480 41.85 -100.30 7.57
C PHE J 1480 41.44 -101.75 7.40
N SER J 1481 42.39 -102.68 7.56
CA SER J 1481 42.14 -104.15 7.50
C SER J 1481 41.43 -104.58 8.80
N SER J 1482 41.75 -103.95 9.93
CA SER J 1482 41.08 -104.18 11.23
C SER J 1482 41.16 -102.92 12.10
N VAL J 1483 40.21 -102.77 13.04
CA VAL J 1483 40.12 -101.62 13.98
C VAL J 1483 39.73 -102.14 15.35
N LYS J 1484 40.53 -101.84 16.36
CA LYS J 1484 40.26 -102.17 17.78
C LYS J 1484 40.26 -100.87 18.58
N CYS J 1485 39.29 -100.69 19.48
CA CYS J 1485 39.12 -99.46 20.31
C CYS J 1485 38.57 -99.90 21.68
N PHE J 1486 39.39 -99.81 22.72
CA PHE J 1486 39.11 -100.35 24.07
C PHE J 1486 39.70 -99.42 25.12
N GLY J 1487 39.31 -99.62 26.37
CA GLY J 1487 39.69 -98.76 27.51
C GLY J 1487 38.54 -98.62 28.49
N PRO J 1488 38.82 -98.16 29.73
CA PRO J 1488 37.79 -98.07 30.76
C PRO J 1488 36.79 -96.92 30.58
N ILE J 1489 35.54 -97.17 31.00
CA ILE J 1489 34.46 -96.17 31.17
C ILE J 1489 34.36 -95.86 32.66
N LYS J 1490 34.46 -94.59 33.03
CA LYS J 1490 34.46 -94.16 34.45
C LYS J 1490 33.32 -93.18 34.70
N VAL J 1491 32.78 -93.21 35.92
CA VAL J 1491 31.76 -92.25 36.43
C VAL J 1491 32.48 -91.26 37.35
N GLU J 1492 32.14 -89.98 37.26
CA GLU J 1492 32.61 -88.93 38.19
C GLU J 1492 31.80 -89.06 39.49
N LEU J 1493 32.47 -89.07 40.64
CA LEU J 1493 31.81 -89.08 41.97
C LEU J 1493 31.63 -87.63 42.44
N PRO J 1494 30.83 -87.41 43.50
CA PRO J 1494 30.76 -86.09 44.14
C PRO J 1494 32.13 -85.44 44.47
N THR J 1495 33.14 -86.26 44.77
CA THR J 1495 34.51 -85.80 45.16
C THR J 1495 35.31 -85.35 43.93
N LYS J 1496 34.79 -85.59 42.72
CA LYS J 1496 35.44 -85.30 41.41
C LYS J 1496 36.32 -86.49 40.98
N GLU J 1497 36.56 -87.45 41.86
CA GLU J 1497 37.25 -88.72 41.54
C GLU J 1497 36.46 -89.50 40.48
N THR J 1498 37.10 -89.88 39.37
CA THR J 1498 36.55 -90.80 38.34
C THR J 1498 36.83 -92.25 38.76
N VAL J 1499 35.87 -93.16 38.59
CA VAL J 1499 35.95 -94.58 39.04
C VAL J 1499 35.44 -95.50 37.91
N GLU J 1500 36.15 -96.58 37.60
CA GLU J 1500 35.76 -97.58 36.57
C GLU J 1500 34.35 -98.10 36.89
N ILE J 1501 33.44 -98.08 35.91
CA ILE J 1501 32.09 -98.73 35.98
C ILE J 1501 31.89 -99.66 34.78
N GLY J 1502 32.87 -99.76 33.88
CA GLY J 1502 32.78 -100.65 32.70
C GLY J 1502 33.92 -100.43 31.74
N ILE J 1503 33.72 -100.80 30.48
CA ILE J 1503 34.80 -100.95 29.48
C ILE J 1503 34.20 -100.62 28.10
N VAL J 1504 34.94 -99.87 27.29
CA VAL J 1504 34.73 -99.81 25.82
C VAL J 1504 35.42 -101.03 25.23
N ASP J 1505 34.73 -101.79 24.37
CA ASP J 1505 35.31 -102.97 23.66
C ASP J 1505 34.74 -103.05 22.24
N TYR J 1506 35.37 -102.37 21.28
CA TYR J 1506 35.04 -102.40 19.83
C TYR J 1506 36.15 -103.15 19.09
N GLU J 1507 35.74 -104.04 18.20
CA GLU J 1507 36.59 -104.82 17.27
C GLU J 1507 35.85 -104.85 15.93
N ALA J 1508 36.58 -104.82 14.82
CA ALA J 1508 36.04 -104.78 13.46
C ALA J 1508 37.11 -105.18 12.43
N GLY J 1509 36.66 -105.75 11.32
CA GLY J 1509 37.50 -105.98 10.12
C GLY J 1509 37.54 -104.73 9.25
N ALA J 1510 37.59 -104.91 7.92
CA ALA J 1510 37.64 -103.81 6.94
C ALA J 1510 36.69 -102.70 7.39
N SER J 1511 37.23 -101.59 7.85
CA SER J 1511 36.48 -100.35 8.15
C SER J 1511 37.12 -99.22 7.35
N HIS J 1512 36.40 -98.09 7.16
CA HIS J 1512 36.96 -96.80 6.69
C HIS J 1512 37.24 -95.87 7.87
N GLY J 1513 36.86 -96.27 9.09
CA GLY J 1513 36.95 -95.38 10.27
C GLY J 1513 36.63 -96.08 11.58
N ASN J 1514 36.80 -95.30 12.67
CA ASN J 1514 36.59 -95.72 14.07
C ASN J 1514 35.29 -95.12 14.58
N PRO J 1515 34.18 -95.88 14.63
CA PRO J 1515 32.87 -95.31 14.95
C PRO J 1515 32.65 -94.97 16.43
N VAL J 1516 33.58 -95.38 17.30
CA VAL J 1516 33.56 -95.10 18.76
C VAL J 1516 34.04 -93.65 18.98
N VAL J 1517 35.18 -93.32 18.42
CA VAL J 1517 35.75 -91.93 18.51
C VAL J 1517 34.78 -90.98 17.82
N ASP J 1518 34.25 -91.33 16.63
CA ASP J 1518 33.28 -90.49 15.89
C ASP J 1518 32.10 -90.17 16.81
N PHE J 1519 31.56 -91.18 17.50
CA PHE J 1519 30.41 -91.04 18.41
C PHE J 1519 30.77 -90.13 19.59
N LEU J 1520 31.91 -90.38 20.24
CA LEU J 1520 32.33 -89.64 21.45
C LEU J 1520 32.62 -88.19 21.06
N LYS J 1521 33.18 -87.94 19.88
CA LYS J 1521 33.51 -86.58 19.40
C LYS J 1521 32.22 -85.76 19.29
N ARG J 1522 31.20 -86.31 18.66
CA ARG J 1522 29.92 -85.61 18.38
C ARG J 1522 29.08 -85.49 19.66
N ASN J 1523 29.06 -86.49 20.51
CA ASN J 1523 28.12 -86.55 21.67
C ASN J 1523 28.81 -86.19 22.98
N GLY J 1524 30.12 -85.92 22.96
CA GLY J 1524 30.89 -85.60 24.17
C GLY J 1524 31.83 -84.44 23.93
N SER J 1525 32.42 -83.89 24.98
CA SER J 1525 33.53 -82.92 24.86
C SER J 1525 34.83 -83.68 25.12
N THR J 1526 35.92 -83.26 24.51
CA THR J 1526 37.26 -83.88 24.70
C THR J 1526 37.96 -83.07 25.82
N LEU J 1527 38.45 -83.72 26.86
CA LEU J 1527 39.22 -83.04 27.94
C LEU J 1527 40.62 -82.75 27.41
N GLU J 1528 41.12 -81.53 27.58
CA GLU J 1528 42.51 -81.17 27.20
C GLU J 1528 43.31 -80.98 28.49
N GLN J 1529 44.54 -81.50 28.50
CA GLN J 1529 45.47 -81.46 29.65
C GLN J 1529 46.21 -80.12 29.65
N LYS J 1530 46.63 -79.69 28.45
CA LYS J 1530 47.38 -78.43 28.23
C LYS J 1530 46.39 -77.28 28.19
N VAL J 1531 46.64 -76.23 28.96
CA VAL J 1531 45.79 -75.01 28.99
C VAL J 1531 46.68 -73.81 28.65
N ASN J 1532 46.41 -73.14 27.53
CA ASN J 1532 47.20 -71.95 27.14
C ASN J 1532 46.99 -70.82 28.17
N LEU J 1533 48.03 -69.99 28.37
CA LEU J 1533 47.94 -68.71 29.11
C LEU J 1533 47.11 -67.75 28.25
N GLU J 1534 46.75 -66.57 28.77
CA GLU J 1534 46.04 -65.56 27.93
C GLU J 1534 46.97 -65.10 26.81
N ASN J 1535 48.26 -64.96 27.10
CA ASN J 1535 49.29 -64.55 26.11
C ASN J 1535 50.59 -65.28 26.43
N PRO J 1536 51.40 -65.62 25.42
CA PRO J 1536 52.69 -66.25 25.68
C PRO J 1536 53.56 -65.24 26.42
N ILE J 1537 54.30 -65.69 27.43
CA ILE J 1537 55.29 -64.88 28.17
C ILE J 1537 56.68 -65.20 27.61
N PRO J 1538 57.39 -64.24 26.98
CA PRO J 1538 58.76 -64.50 26.54
C PRO J 1538 59.64 -64.85 27.75
N ILE J 1539 60.60 -65.75 27.54
CA ILE J 1539 61.58 -66.20 28.57
C ILE J 1539 62.97 -65.73 28.12
N ALA J 1540 63.40 -66.05 26.90
CA ALA J 1540 64.72 -65.64 26.35
C ALA J 1540 64.87 -66.03 24.89
N VAL J 1541 65.71 -65.31 24.15
CA VAL J 1541 66.24 -65.69 22.81
C VAL J 1541 67.75 -65.86 22.96
N LEU J 1542 68.29 -67.03 22.63
CA LEU J 1542 69.67 -67.43 22.99
C LEU J 1542 70.45 -67.91 21.76
N ASP J 1543 71.73 -67.56 21.67
CA ASP J 1543 72.66 -68.03 20.61
C ASP J 1543 73.35 -69.30 21.14
N SER J 1544 73.61 -70.26 20.23
CA SER J 1544 74.35 -71.53 20.46
C SER J 1544 74.98 -71.92 19.13
N TYR J 1545 75.98 -72.80 19.14
CA TYR J 1545 76.72 -73.24 17.92
C TYR J 1545 76.65 -74.76 17.86
N THR J 1546 76.62 -75.33 16.66
CA THR J 1546 76.91 -76.76 16.45
C THR J 1546 78.42 -76.90 16.43
N PRO J 1547 79.00 -78.00 16.96
CA PRO J 1547 80.44 -78.15 17.01
C PRO J 1547 81.00 -78.33 15.59
N SER J 1548 82.31 -78.10 15.44
CA SER J 1548 83.11 -78.22 14.19
C SER J 1548 83.29 -79.69 13.81
N THR J 1549 83.19 -80.60 14.78
CA THR J 1549 83.34 -82.07 14.59
C THR J 1549 82.18 -82.82 15.26
N ASN J 1550 81.63 -83.84 14.62
CA ASN J 1550 80.49 -84.61 15.17
C ASN J 1550 81.00 -85.85 15.91
N GLU J 1551 82.30 -86.12 15.85
CA GLU J 1551 82.96 -87.30 16.50
C GLU J 1551 82.68 -87.29 18.01
N PRO J 1552 82.93 -86.19 18.75
CA PRO J 1552 82.72 -86.17 20.19
C PRO J 1552 81.33 -86.71 20.60
N TYR J 1553 80.25 -86.27 19.93
CA TYR J 1553 78.87 -86.75 20.24
C TYR J 1553 78.78 -88.24 19.91
N ALA J 1554 79.24 -88.64 18.73
CA ALA J 1554 79.25 -90.04 18.25
C ALA J 1554 79.89 -90.96 19.32
N ARG J 1555 81.03 -90.56 19.91
CA ARG J 1555 81.75 -91.38 20.92
C ARG J 1555 80.82 -91.62 22.11
N VAL J 1556 80.20 -90.58 22.67
CA VAL J 1556 79.42 -90.68 23.95
C VAL J 1556 78.04 -91.28 23.68
N SER J 1557 77.50 -91.18 22.46
CA SER J 1557 76.10 -91.55 22.10
C SER J 1557 76.05 -92.98 21.55
N GLY J 1558 77.12 -93.47 20.92
CA GLY J 1558 77.13 -94.73 20.17
C GLY J 1558 76.55 -94.60 18.77
N ASP J 1559 76.28 -93.37 18.30
CA ASP J 1559 75.68 -93.09 16.96
C ASP J 1559 76.82 -92.88 15.96
N LEU J 1560 77.43 -93.99 15.52
CA LEU J 1560 78.55 -93.99 14.54
C LEU J 1560 77.99 -93.92 13.12
N ASN J 1561 76.71 -93.51 12.96
CA ASN J 1561 76.12 -93.25 11.63
C ASN J 1561 77.16 -92.49 10.82
N PRO J 1562 77.68 -93.09 9.73
CA PRO J 1562 78.73 -92.48 8.90
C PRO J 1562 78.40 -91.09 8.34
N ILE J 1563 77.13 -90.75 8.17
CA ILE J 1563 76.73 -89.48 7.49
C ILE J 1563 77.20 -88.29 8.32
N HIS J 1564 77.38 -88.46 9.63
CA HIS J 1564 77.78 -87.37 10.55
C HIS J 1564 79.30 -87.16 10.53
N VAL J 1565 80.09 -88.13 10.07
CA VAL J 1565 81.57 -88.11 10.24
C VAL J 1565 82.32 -88.24 8.90
N SER J 1566 81.70 -88.78 7.84
CA SER J 1566 82.39 -89.20 6.60
C SER J 1566 81.78 -88.54 5.37
N ARG J 1567 82.56 -87.69 4.68
CA ARG J 1567 82.14 -86.97 3.45
C ARG J 1567 81.46 -87.94 2.50
N HIS J 1568 82.10 -89.08 2.25
CA HIS J 1568 81.71 -89.99 1.13
C HIS J 1568 80.32 -90.59 1.41
N PHE J 1569 79.99 -90.84 2.66
CA PHE J 1569 78.65 -91.38 3.04
C PHE J 1569 77.61 -90.27 2.93
N ALA J 1570 77.88 -89.13 3.54
CA ALA J 1570 77.01 -87.94 3.49
C ALA J 1570 76.70 -87.62 2.03
N SER J 1571 77.73 -87.58 1.19
CA SER J 1571 77.61 -87.26 -0.26
C SER J 1571 76.72 -88.30 -0.95
N TYR J 1572 76.89 -89.61 -0.65
CA TYR J 1572 76.10 -90.74 -1.22
C TYR J 1572 74.62 -90.57 -0.85
N ALA J 1573 74.35 -90.10 0.36
CA ALA J 1573 73.00 -89.92 0.95
C ALA J 1573 72.38 -88.58 0.52
N ASN J 1574 73.02 -87.86 -0.40
CA ASN J 1574 72.55 -86.58 -0.98
C ASN J 1574 72.34 -85.53 0.12
N LEU J 1575 73.12 -85.55 1.18
CA LEU J 1575 73.03 -84.53 2.26
C LEU J 1575 73.85 -83.32 1.85
N PRO J 1576 73.67 -82.15 2.50
CA PRO J 1576 74.43 -80.95 2.17
C PRO J 1576 75.86 -80.96 2.73
N GLY J 1577 76.23 -82.01 3.45
CA GLY J 1577 77.51 -82.13 4.17
C GLY J 1577 77.38 -83.12 5.30
N THR J 1578 78.42 -83.21 6.14
CA THR J 1578 78.43 -84.14 7.30
C THR J 1578 77.61 -83.51 8.41
N ILE J 1579 76.28 -83.59 8.30
CA ILE J 1579 75.29 -82.85 9.15
C ILE J 1579 75.54 -83.16 10.63
N THR J 1580 75.36 -82.16 11.49
CA THR J 1580 75.36 -82.30 12.96
C THR J 1580 74.34 -83.38 13.32
N HIS J 1581 74.62 -84.19 14.34
CA HIS J 1581 73.65 -85.16 14.90
C HIS J 1581 72.40 -84.41 15.35
N GLY J 1582 71.21 -84.80 14.90
CA GLY J 1582 69.95 -84.23 15.42
C GLY J 1582 69.98 -84.26 16.93
N MET J 1583 70.39 -85.39 17.51
CA MET J 1583 70.32 -85.68 18.96
C MET J 1583 71.31 -84.83 19.76
N PHE J 1584 72.24 -84.16 19.08
CA PHE J 1584 73.10 -83.11 19.68
C PHE J 1584 72.24 -81.86 19.87
N SER J 1585 71.71 -81.32 18.77
CA SER J 1585 70.78 -80.17 18.76
C SER J 1585 69.74 -80.37 19.88
N SER J 1586 69.16 -81.58 20.00
CA SER J 1586 68.18 -81.96 21.06
C SER J 1586 68.72 -81.55 22.42
N ALA J 1587 69.85 -82.13 22.82
CA ALA J 1587 70.50 -81.99 24.16
C ALA J 1587 71.00 -80.57 24.40
N SER J 1588 71.42 -79.90 23.32
CA SER J 1588 72.06 -78.55 23.31
C SER J 1588 70.99 -77.51 23.59
N VAL J 1589 69.91 -77.53 22.80
CA VAL J 1589 68.75 -76.62 23.00
C VAL J 1589 68.14 -76.95 24.36
N ARG J 1590 68.00 -78.23 24.72
CA ARG J 1590 67.41 -78.64 26.02
C ARG J 1590 68.23 -78.02 27.15
N ALA J 1591 69.55 -78.00 27.01
CA ALA J 1591 70.48 -77.41 28.02
C ALA J 1591 70.12 -75.95 28.26
N LEU J 1592 69.78 -75.21 27.19
CA LEU J 1592 69.36 -73.78 27.25
C LEU J 1592 68.07 -73.67 28.07
N ILE J 1593 67.06 -74.44 27.69
CA ILE J 1593 65.72 -74.49 28.35
C ILE J 1593 65.93 -74.75 29.84
N GLU J 1594 66.77 -75.74 30.15
CA GLU J 1594 67.14 -76.15 31.53
C GLU J 1594 67.69 -74.94 32.29
N ASN J 1595 68.54 -74.15 31.64
CA ASN J 1595 69.27 -73.02 32.27
C ASN J 1595 68.31 -71.85 32.49
N TRP J 1596 67.59 -71.44 31.44
CA TRP J 1596 66.81 -70.16 31.39
C TRP J 1596 65.36 -70.38 31.83
N ALA J 1597 64.70 -71.46 31.42
CA ALA J 1597 63.29 -71.73 31.80
C ALA J 1597 63.22 -72.42 33.16
N ALA J 1598 64.24 -73.19 33.56
CA ALA J 1598 64.24 -73.92 34.84
C ALA J 1598 65.25 -73.33 35.84
N ASP J 1599 65.91 -72.22 35.49
CA ASP J 1599 66.87 -71.51 36.37
C ASP J 1599 67.99 -72.46 36.81
N SER J 1600 68.32 -73.44 35.96
CA SER J 1600 69.44 -74.39 36.16
C SER J 1600 69.15 -75.36 37.33
N VAL J 1601 67.88 -75.56 37.67
CA VAL J 1601 67.45 -76.68 38.57
C VAL J 1601 66.99 -77.85 37.69
N SER J 1602 67.89 -78.76 37.32
CA SER J 1602 67.63 -79.83 36.32
C SER J 1602 66.36 -80.62 36.70
N SER J 1603 66.13 -80.82 38.00
CA SER J 1603 65.01 -81.67 38.53
C SER J 1603 63.66 -81.13 38.10
N ARG J 1604 63.57 -79.83 37.83
CA ARG J 1604 62.30 -79.15 37.46
C ARG J 1604 61.82 -79.60 36.09
N VAL J 1605 62.70 -79.77 35.10
CA VAL J 1605 62.25 -80.13 33.72
C VAL J 1605 61.91 -81.62 33.75
N ARG J 1606 60.63 -81.96 33.53
CA ARG J 1606 60.11 -83.35 33.66
C ARG J 1606 59.62 -83.86 32.30
N GLY J 1607 59.63 -83.01 31.27
CA GLY J 1607 59.28 -83.43 29.90
C GLY J 1607 59.93 -82.53 28.88
N TYR J 1608 60.38 -83.09 27.76
CA TYR J 1608 61.00 -82.36 26.64
C TYR J 1608 60.74 -83.10 25.35
N THR J 1609 60.20 -82.42 24.34
CA THR J 1609 59.97 -82.96 22.98
C THR J 1609 60.66 -82.06 21.97
N CYS J 1610 60.85 -82.56 20.76
CA CYS J 1610 61.92 -82.12 19.84
C CYS J 1610 61.55 -82.51 18.42
N GLN J 1611 61.29 -81.54 17.54
CA GLN J 1611 60.96 -81.78 16.12
C GLN J 1611 62.16 -81.37 15.28
N PHE J 1612 62.79 -82.30 14.56
CA PHE J 1612 63.93 -82.01 13.66
C PHE J 1612 63.38 -81.48 12.35
N VAL J 1613 63.12 -80.17 12.29
CA VAL J 1613 62.40 -79.51 11.17
C VAL J 1613 63.29 -79.52 9.92
N ASP J 1614 64.60 -79.40 10.08
CA ASP J 1614 65.58 -79.36 8.96
C ASP J 1614 66.96 -79.71 9.52
N MET J 1615 67.95 -79.93 8.64
CA MET J 1615 69.32 -80.35 9.03
C MET J 1615 70.17 -79.12 9.34
N VAL J 1616 71.23 -79.29 10.14
CA VAL J 1616 72.23 -78.21 10.39
C VAL J 1616 73.62 -78.81 10.23
N LEU J 1617 74.50 -78.08 9.54
CA LEU J 1617 75.92 -78.48 9.32
C LEU J 1617 76.74 -78.10 10.56
N PRO J 1618 77.96 -78.65 10.71
CA PRO J 1618 78.87 -78.21 11.77
C PRO J 1618 79.18 -76.72 11.61
N ASN J 1619 79.41 -76.02 12.73
CA ASN J 1619 79.72 -74.57 12.80
C ASN J 1619 78.56 -73.74 12.28
N THR J 1620 77.31 -74.12 12.57
CA THR J 1620 76.12 -73.26 12.34
C THR J 1620 75.81 -72.51 13.62
N ALA J 1621 75.36 -71.26 13.51
CA ALA J 1621 74.98 -70.38 14.64
C ALA J 1621 73.45 -70.39 14.77
N LEU J 1622 72.94 -70.75 15.96
CA LEU J 1622 71.51 -71.05 16.19
C LEU J 1622 70.92 -70.04 17.16
N LYS J 1623 69.99 -69.22 16.68
CA LYS J 1623 69.08 -68.41 17.53
C LYS J 1623 67.90 -69.31 17.92
N THR J 1624 67.67 -69.49 19.22
CA THR J 1624 66.54 -70.27 19.79
C THR J 1624 65.77 -69.40 20.79
N SER J 1625 64.52 -69.03 20.45
CA SER J 1625 63.59 -68.27 21.31
C SER J 1625 62.72 -69.25 22.13
N ILE J 1626 62.44 -68.90 23.39
CA ILE J 1626 61.75 -69.75 24.39
C ILE J 1626 60.64 -68.92 25.03
N GLN J 1627 59.42 -69.45 25.12
CA GLN J 1627 58.27 -68.76 25.75
C GLN J 1627 57.56 -69.71 26.72
N HIS J 1628 56.96 -69.14 27.76
CA HIS J 1628 55.97 -69.79 28.66
C HIS J 1628 54.61 -69.64 27.99
N VAL J 1629 54.03 -70.73 27.51
CA VAL J 1629 52.89 -70.70 26.54
C VAL J 1629 51.62 -71.20 27.23
N GLY J 1630 51.71 -72.08 28.22
CA GLY J 1630 50.55 -72.72 28.86
C GLY J 1630 50.91 -73.41 30.16
N MET J 1631 49.98 -74.18 30.72
CA MET J 1631 50.19 -75.03 31.92
C MET J 1631 49.69 -76.44 31.64
N ILE J 1632 50.16 -77.41 32.42
CA ILE J 1632 49.65 -78.82 32.41
C ILE J 1632 49.97 -79.48 33.75
N ASN J 1633 48.95 -79.77 34.55
CA ASN J 1633 49.05 -80.43 35.88
C ASN J 1633 50.13 -79.73 36.70
N GLY J 1634 50.11 -78.39 36.70
CA GLY J 1634 50.95 -77.59 37.61
C GLY J 1634 52.36 -77.42 37.10
N ARG J 1635 52.62 -77.84 35.87
CA ARG J 1635 53.92 -77.69 35.21
C ARG J 1635 53.76 -76.59 34.17
N LYS J 1636 54.72 -75.66 34.10
CA LYS J 1636 54.76 -74.64 33.04
C LYS J 1636 55.00 -75.34 31.70
N LEU J 1637 54.15 -75.09 30.72
CA LEU J 1637 54.30 -75.60 29.33
C LEU J 1637 55.14 -74.57 28.57
N ILE J 1638 56.39 -74.92 28.24
CA ILE J 1638 57.34 -74.03 27.51
C ILE J 1638 57.38 -74.49 26.05
N LYS J 1639 57.22 -73.57 25.11
CA LYS J 1639 57.44 -73.79 23.65
C LYS J 1639 58.76 -73.15 23.28
N PHE J 1640 59.44 -73.66 22.25
CA PHE J 1640 60.70 -73.07 21.72
C PHE J 1640 60.78 -73.27 20.20
N GLU J 1641 61.60 -72.44 19.57
CA GLU J 1641 61.85 -72.43 18.11
C GLU J 1641 63.32 -72.08 17.91
N THR J 1642 64.03 -72.80 17.02
CA THR J 1642 65.48 -72.62 16.76
C THR J 1642 65.68 -72.42 15.25
N ARG J 1643 66.31 -71.31 14.85
CA ARG J 1643 66.56 -70.93 13.45
C ARG J 1643 68.07 -70.88 13.22
N ASN J 1644 68.51 -71.02 11.96
CA ASN J 1644 69.93 -70.92 11.55
C ASN J 1644 70.19 -69.50 11.05
N GLU J 1645 71.41 -69.22 10.56
CA GLU J 1645 71.82 -67.89 10.05
C GLU J 1645 70.84 -67.38 8.99
N ASP J 1646 70.31 -68.26 8.12
CA ASP J 1646 69.38 -67.90 7.01
C ASP J 1646 67.96 -67.72 7.54
N ASP J 1647 67.76 -67.80 8.86
CA ASP J 1647 66.47 -67.53 9.51
C ASP J 1647 65.47 -68.65 9.15
N VAL J 1648 65.97 -69.87 8.87
CA VAL J 1648 65.14 -71.09 8.58
C VAL J 1648 64.92 -71.85 9.87
N VAL J 1649 63.67 -72.23 10.16
CA VAL J 1649 63.35 -73.02 11.38
C VAL J 1649 63.92 -74.43 11.19
N VAL J 1650 64.54 -74.95 12.24
CA VAL J 1650 65.49 -76.09 12.21
C VAL J 1650 65.12 -77.07 13.33
N LEU J 1651 64.80 -76.54 14.51
CA LEU J 1651 64.34 -77.29 15.70
C LEU J 1651 63.13 -76.55 16.28
N THR J 1652 62.05 -77.27 16.58
CA THR J 1652 60.92 -76.80 17.42
C THR J 1652 60.68 -77.82 18.51
N GLY J 1653 59.78 -77.54 19.44
CA GLY J 1653 59.40 -78.49 20.49
C GLY J 1653 58.95 -77.77 21.74
N GLU J 1654 58.61 -78.54 22.77
CA GLU J 1654 58.10 -77.98 24.04
C GLU J 1654 58.71 -78.75 25.21
N ALA J 1655 58.65 -78.16 26.39
CA ALA J 1655 59.13 -78.73 27.67
C ALA J 1655 58.10 -78.44 28.75
N GLU J 1656 58.01 -79.34 29.73
CA GLU J 1656 57.12 -79.19 30.91
C GLU J 1656 58.05 -79.02 32.13
N ILE J 1657 57.89 -77.93 32.87
CA ILE J 1657 58.83 -77.48 33.93
C ILE J 1657 58.06 -77.19 35.21
N GLU J 1658 58.40 -77.87 36.31
CA GLU J 1658 57.75 -77.69 37.64
C GLU J 1658 57.83 -76.21 38.01
N GLN J 1659 56.78 -75.71 38.64
CA GLN J 1659 56.80 -74.38 39.32
C GLN J 1659 57.74 -74.49 40.51
N PRO J 1660 58.33 -73.37 40.96
CA PRO J 1660 59.07 -73.36 42.23
C PRO J 1660 58.22 -73.98 43.35
N VAL J 1661 58.86 -74.44 44.44
CA VAL J 1661 58.18 -75.18 45.54
C VAL J 1661 57.08 -74.29 46.11
N THR J 1662 55.84 -74.79 46.14
CA THR J 1662 54.64 -74.00 46.50
C THR J 1662 53.97 -74.55 47.76
N THR J 1663 53.47 -73.67 48.62
CA THR J 1663 52.57 -74.01 49.76
C THR J 1663 51.30 -73.16 49.65
N PHE J 1664 50.13 -73.78 49.74
CA PHE J 1664 48.82 -73.10 49.76
C PHE J 1664 48.37 -72.94 51.22
N VAL J 1665 48.01 -71.73 51.61
CA VAL J 1665 47.46 -71.43 52.95
C VAL J 1665 46.06 -70.84 52.76
N PHE J 1666 45.09 -71.34 53.54
CA PHE J 1666 43.65 -71.00 53.38
C PHE J 1666 43.20 -70.16 54.58
N THR J 1667 42.59 -69.02 54.31
CA THR J 1667 42.26 -67.97 55.31
C THR J 1667 41.11 -68.42 56.19
N GLY J 1668 41.10 -67.97 57.46
CA GLY J 1668 40.06 -68.26 58.45
C GLY J 1668 38.97 -67.21 58.46
N GLN J 1669 38.05 -67.29 59.43
CA GLN J 1669 36.94 -66.31 59.62
C GLN J 1669 37.57 -64.94 59.87
N GLY J 1670 36.78 -63.88 59.72
CA GLY J 1670 37.17 -62.49 60.03
C GLY J 1670 37.49 -61.71 58.76
N SER J 1671 37.88 -62.40 57.69
CA SER J 1671 38.34 -61.80 56.41
C SER J 1671 37.15 -61.60 55.45
N GLN J 1672 36.04 -62.31 55.67
CA GLN J 1672 34.88 -62.38 54.75
C GLN J 1672 34.33 -60.98 54.47
N GLU J 1673 33.85 -60.75 53.25
CA GLU J 1673 33.33 -59.45 52.78
C GLU J 1673 32.13 -59.69 51.88
N GLN J 1674 31.11 -58.83 51.94
CA GLN J 1674 29.92 -58.94 51.06
C GLN J 1674 30.43 -58.98 49.61
N GLY J 1675 29.83 -59.84 48.79
CA GLY J 1675 30.13 -59.92 47.35
C GLY J 1675 31.39 -60.73 47.04
N MET J 1676 32.07 -61.28 48.06
CA MET J 1676 33.34 -62.01 47.87
C MET J 1676 33.10 -63.22 46.96
N GLY J 1677 34.03 -63.46 46.04
CA GLY J 1677 34.06 -64.64 45.16
C GLY J 1677 33.11 -64.53 43.99
N MET J 1678 32.31 -63.45 43.93
CA MET J 1678 31.18 -63.29 42.98
C MET J 1678 31.70 -62.83 41.61
N ASP J 1679 32.80 -62.08 41.55
CA ASP J 1679 33.46 -61.72 40.26
C ASP J 1679 33.83 -63.02 39.54
N LEU J 1680 34.46 -63.94 40.29
CA LEU J 1680 34.87 -65.27 39.79
C LEU J 1680 33.62 -66.06 39.36
N TYR J 1681 32.54 -65.96 40.13
CA TYR J 1681 31.27 -66.68 39.88
C TYR J 1681 30.74 -66.34 38.48
N LYS J 1682 30.89 -65.08 38.07
CA LYS J 1682 30.43 -64.60 36.74
C LYS J 1682 31.27 -65.26 35.65
N THR J 1683 32.60 -65.26 35.79
CA THR J 1683 33.57 -65.54 34.70
C THR J 1683 33.98 -67.03 34.63
N SER J 1684 33.92 -67.80 35.71
CA SER J 1684 34.53 -69.17 35.80
C SER J 1684 33.45 -70.26 35.88
N LYS J 1685 33.45 -71.16 34.92
CA LYS J 1685 32.62 -72.40 34.94
C LYS J 1685 32.89 -73.14 36.25
N ALA J 1686 34.16 -73.35 36.59
CA ALA J 1686 34.61 -74.17 37.74
C ALA J 1686 33.99 -73.62 39.02
N ALA J 1687 34.03 -72.30 39.18
CA ALA J 1687 33.55 -71.58 40.37
C ALA J 1687 32.03 -71.67 40.43
N GLN J 1688 31.36 -71.42 39.30
CA GLN J 1688 29.88 -71.51 39.19
C GLN J 1688 29.45 -72.86 39.77
N ASP J 1689 30.01 -73.96 39.26
CA ASP J 1689 29.61 -75.34 39.65
C ASP J 1689 29.75 -75.50 41.17
N VAL J 1690 30.83 -74.99 41.79
CA VAL J 1690 31.04 -75.09 43.26
C VAL J 1690 29.90 -74.35 43.97
N TRP J 1691 29.77 -73.06 43.70
CA TRP J 1691 28.74 -72.19 44.35
C TRP J 1691 27.34 -72.78 44.15
N ASN J 1692 27.03 -73.28 42.95
CA ASN J 1692 25.68 -73.79 42.60
C ASN J 1692 25.43 -75.10 43.34
N ARG J 1693 26.34 -76.08 43.23
CA ARG J 1693 26.21 -77.38 43.97
C ARG J 1693 25.80 -77.07 45.41
N ALA J 1694 26.45 -76.07 46.00
CA ALA J 1694 26.35 -75.68 47.42
C ALA J 1694 25.04 -74.96 47.67
N ASP J 1695 24.72 -73.99 46.82
CA ASP J 1695 23.49 -73.17 46.90
C ASP J 1695 22.29 -74.11 46.81
N ASN J 1696 22.30 -75.01 45.82
CA ASN J 1696 21.21 -76.01 45.63
C ASN J 1696 21.10 -76.87 46.88
N HIS J 1697 22.22 -77.24 47.49
CA HIS J 1697 22.21 -78.10 48.68
C HIS J 1697 21.50 -77.37 49.81
N PHE J 1698 21.83 -76.10 50.03
CA PHE J 1698 21.29 -75.29 51.15
C PHE J 1698 19.80 -75.02 50.90
N LYS J 1699 19.45 -74.62 49.68
CA LYS J 1699 18.06 -74.29 49.31
C LYS J 1699 17.18 -75.52 49.51
N ASP J 1700 17.60 -76.68 49.02
CA ASP J 1700 16.77 -77.91 49.05
C ASP J 1700 16.69 -78.49 50.47
N THR J 1701 17.72 -78.38 51.30
CA THR J 1701 17.71 -79.07 52.62
C THR J 1701 17.37 -78.08 53.75
N TYR J 1702 17.74 -76.79 53.67
CA TYR J 1702 17.54 -75.84 54.79
C TYR J 1702 16.75 -74.58 54.39
N GLY J 1703 16.35 -74.44 53.12
CA GLY J 1703 15.47 -73.36 52.64
C GLY J 1703 16.12 -71.98 52.71
N PHE J 1704 17.42 -71.86 52.45
CA PHE J 1704 18.09 -70.56 52.27
C PHE J 1704 19.18 -70.72 51.21
N SER J 1705 19.57 -69.62 50.60
CA SER J 1705 20.59 -69.54 49.53
C SER J 1705 21.87 -68.95 50.12
N ILE J 1706 22.97 -69.68 50.09
CA ILE J 1706 24.28 -69.16 50.58
C ILE J 1706 24.73 -68.04 49.64
N LEU J 1707 24.41 -68.13 48.35
CA LEU J 1707 24.69 -67.06 47.38
C LEU J 1707 23.96 -65.79 47.82
N ASP J 1708 22.65 -65.86 48.06
CA ASP J 1708 21.86 -64.67 48.48
C ASP J 1708 22.58 -64.02 49.67
N ILE J 1709 23.02 -64.81 50.65
CA ILE J 1709 23.62 -64.26 51.89
C ILE J 1709 24.93 -63.56 51.55
N VAL J 1710 25.76 -64.18 50.69
CA VAL J 1710 27.05 -63.58 50.27
C VAL J 1710 26.77 -62.31 49.47
N ILE J 1711 25.79 -62.31 48.57
CA ILE J 1711 25.55 -61.19 47.60
C ILE J 1711 24.94 -59.98 48.32
N ASN J 1712 23.89 -60.18 49.13
CA ASN J 1712 23.01 -59.10 49.69
C ASN J 1712 23.19 -58.94 51.21
N ASN J 1713 23.88 -59.88 51.88
CA ASN J 1713 24.19 -59.81 53.33
C ASN J 1713 22.99 -59.27 54.10
N PRO J 1714 21.85 -59.98 54.12
CA PRO J 1714 20.65 -59.52 54.82
C PRO J 1714 20.86 -59.54 56.34
N VAL J 1715 20.16 -58.66 57.05
CA VAL J 1715 20.28 -58.48 58.53
C VAL J 1715 19.52 -59.62 59.22
N ASN J 1716 18.40 -60.00 58.62
CA ASN J 1716 17.50 -61.08 59.10
C ASN J 1716 17.12 -61.95 57.90
N LEU J 1717 16.90 -63.24 58.13
CA LEU J 1717 16.48 -64.21 57.09
C LEU J 1717 15.54 -65.21 57.75
N THR J 1718 14.32 -65.35 57.25
CA THR J 1718 13.31 -66.24 57.88
C THR J 1718 12.98 -67.36 56.88
N ILE J 1719 13.00 -68.60 57.36
CA ILE J 1719 12.76 -69.87 56.61
C ILE J 1719 11.31 -70.24 56.84
N HIS J 1720 10.58 -70.58 55.80
CA HIS J 1720 9.13 -70.88 55.89
C HIS J 1720 8.90 -72.37 55.68
N PHE J 1721 8.10 -73.00 56.52
CA PHE J 1721 7.87 -74.46 56.56
C PHE J 1721 6.50 -74.81 55.96
N GLY J 1722 6.09 -74.07 54.94
CA GLY J 1722 4.75 -74.27 54.34
C GLY J 1722 4.78 -75.41 53.33
N GLY J 1723 3.76 -76.25 53.33
CA GLY J 1723 3.53 -77.25 52.27
C GLY J 1723 4.48 -78.42 52.39
N GLU J 1724 4.31 -79.44 51.54
CA GLU J 1724 5.07 -80.70 51.64
C GLU J 1724 6.58 -80.40 51.56
N LYS J 1725 6.99 -79.44 50.73
CA LYS J 1725 8.42 -79.07 50.58
C LYS J 1725 8.93 -78.41 51.86
N GLY J 1726 8.07 -77.66 52.55
CA GLY J 1726 8.45 -76.91 53.76
C GLY J 1726 8.55 -77.80 54.98
N LYS J 1727 7.77 -78.88 55.05
CA LYS J 1727 7.80 -79.80 56.21
C LYS J 1727 9.08 -80.64 56.10
N ARG J 1728 9.43 -81.09 54.88
CA ARG J 1728 10.69 -81.84 54.60
C ARG J 1728 11.85 -80.99 55.10
N ILE J 1729 11.84 -79.68 54.82
CA ILE J 1729 12.91 -78.74 55.26
C ILE J 1729 12.89 -78.65 56.78
N ARG J 1730 11.73 -78.58 57.39
CA ARG J 1730 11.61 -78.43 58.85
C ARG J 1730 12.20 -79.68 59.53
N GLU J 1731 11.91 -80.87 59.00
CA GLU J 1731 12.47 -82.15 59.52
C GLU J 1731 14.00 -82.00 59.60
N ASN J 1732 14.63 -81.59 58.49
CA ASN J 1732 16.10 -81.40 58.39
C ASN J 1732 16.59 -80.46 59.50
N TYR J 1733 15.81 -79.45 59.88
CA TYR J 1733 16.20 -78.51 60.96
C TYR J 1733 16.08 -79.22 62.31
N SER J 1734 15.09 -80.11 62.47
CA SER J 1734 14.81 -80.82 63.75
C SER J 1734 15.78 -81.99 63.91
N ALA J 1735 15.99 -82.75 62.81
CA ALA J 1735 16.94 -83.88 62.66
C ALA J 1735 18.41 -83.44 62.88
N MET J 1736 18.65 -82.13 63.11
CA MET J 1736 19.99 -81.60 63.46
C MET J 1736 20.19 -81.75 64.96
N ILE J 1737 21.03 -82.74 65.33
CA ILE J 1737 21.17 -83.30 66.72
C ILE J 1737 22.65 -83.32 67.15
N PHE J 1738 22.91 -83.52 68.45
CA PHE J 1738 24.25 -83.84 69.05
C PHE J 1738 24.31 -85.34 69.43
N GLU J 1739 25.19 -86.11 68.76
CA GLU J 1739 25.33 -87.59 68.90
C GLU J 1739 26.35 -87.93 70.00
N THR J 1740 26.02 -87.65 71.27
CA THR J 1740 26.81 -87.97 72.48
C THR J 1740 26.57 -89.45 72.86
N ILE J 1741 27.59 -90.12 73.43
CA ILE J 1741 27.55 -91.58 73.79
C ILE J 1741 27.91 -91.70 75.28
N VAL J 1742 26.92 -91.68 76.19
CA VAL J 1742 27.10 -91.65 77.69
C VAL J 1742 26.59 -92.97 78.31
N ASP J 1743 27.50 -93.71 78.97
CA ASP J 1743 27.29 -95.01 79.72
C ASP J 1743 27.21 -96.21 78.77
N GLY J 1744 27.68 -96.09 77.51
CA GLY J 1744 27.55 -97.13 76.47
C GLY J 1744 26.44 -96.78 75.48
N LYS J 1745 25.29 -96.25 75.96
CA LYS J 1745 24.07 -95.91 75.17
C LYS J 1745 24.17 -94.49 74.56
N LEU J 1746 23.36 -94.21 73.52
CA LEU J 1746 23.32 -92.90 72.80
C LEU J 1746 22.38 -91.92 73.54
N LYS J 1747 22.68 -90.61 73.51
CA LYS J 1747 21.73 -89.51 73.88
C LYS J 1747 21.69 -88.46 72.75
N THR J 1748 20.56 -87.75 72.65
CA THR J 1748 20.16 -86.80 71.58
C THR J 1748 20.02 -85.39 72.18
N GLU J 1749 20.45 -84.37 71.45
CA GLU J 1749 20.17 -82.94 71.77
C GLU J 1749 19.89 -82.17 70.46
N LYS J 1750 18.74 -81.50 70.43
CA LYS J 1750 18.22 -80.70 69.28
C LYS J 1750 18.86 -79.31 69.32
N ILE J 1751 19.57 -78.98 68.23
CA ILE J 1751 20.31 -77.70 68.01
C ILE J 1751 19.35 -76.51 68.00
N PHE J 1752 18.24 -76.66 67.27
CA PHE J 1752 17.13 -75.68 67.08
C PHE J 1752 15.96 -76.06 68.00
N LYS J 1753 15.95 -75.52 69.22
CA LYS J 1753 15.02 -75.97 70.29
C LYS J 1753 13.63 -75.45 69.93
N GLU J 1754 13.55 -74.29 69.28
CA GLU J 1754 12.30 -73.54 68.99
C GLU J 1754 11.48 -74.29 67.93
N ILE J 1755 12.13 -74.98 67.00
CA ILE J 1755 11.48 -75.60 65.80
C ILE J 1755 10.85 -76.93 66.18
N ASN J 1756 9.52 -77.00 66.22
CA ASN J 1756 8.75 -78.24 66.56
C ASN J 1756 7.81 -78.59 65.42
N GLU J 1757 6.95 -79.58 65.63
CA GLU J 1757 5.88 -80.05 64.70
C GLU J 1757 4.89 -78.94 64.36
N HIS J 1758 4.85 -77.84 65.13
CA HIS J 1758 3.83 -76.76 65.01
C HIS J 1758 4.47 -75.46 64.53
N SER J 1759 5.75 -75.47 64.18
CA SER J 1759 6.49 -74.26 63.72
C SER J 1759 6.20 -74.03 62.24
N THR J 1760 5.76 -72.82 61.88
CA THR J 1760 5.46 -72.40 60.49
C THR J 1760 6.68 -71.68 59.89
N SER J 1761 7.60 -71.21 60.73
CA SER J 1761 8.82 -70.49 60.28
C SER J 1761 9.86 -70.41 61.38
N TYR J 1762 11.12 -70.20 61.01
CA TYR J 1762 12.24 -69.91 61.93
C TYR J 1762 13.02 -68.74 61.36
N THR J 1763 13.52 -67.83 62.19
CA THR J 1763 14.23 -66.61 61.74
C THR J 1763 15.64 -66.59 62.31
N PHE J 1764 16.65 -66.46 61.45
CA PHE J 1764 18.05 -66.11 61.79
C PHE J 1764 18.15 -64.59 61.92
N ARG J 1765 18.75 -64.08 62.99
CA ARG J 1765 19.01 -62.62 63.21
C ARG J 1765 20.51 -62.36 63.39
N SER J 1766 20.92 -61.12 63.14
CA SER J 1766 22.30 -60.60 63.37
C SER J 1766 22.25 -59.06 63.33
N GLU J 1767 23.08 -58.40 64.14
CA GLU J 1767 23.11 -56.92 64.25
C GLU J 1767 23.22 -56.32 62.84
N LYS J 1768 24.34 -56.63 62.16
CA LYS J 1768 24.82 -55.84 61.00
C LYS J 1768 24.72 -56.64 59.69
N GLY J 1769 24.59 -57.98 59.74
CA GLY J 1769 24.41 -58.79 58.51
C GLY J 1769 24.76 -60.25 58.70
N LEU J 1770 23.92 -61.18 58.21
CA LEU J 1770 24.03 -62.63 58.47
C LEU J 1770 25.35 -63.19 57.96
N LEU J 1771 26.06 -62.49 57.08
CA LEU J 1771 27.32 -63.00 56.48
C LEU J 1771 28.38 -63.16 57.56
N SER J 1772 28.25 -62.45 58.70
CA SER J 1772 29.22 -62.49 59.82
C SER J 1772 28.62 -63.21 61.03
N ALA J 1773 27.54 -63.97 60.86
CA ALA J 1773 27.08 -64.98 61.84
C ALA J 1773 27.74 -66.31 61.45
N THR J 1774 28.54 -66.89 62.33
CA THR J 1774 29.54 -67.95 61.99
C THR J 1774 28.92 -69.10 61.18
N GLN J 1775 27.66 -69.47 61.41
CA GLN J 1775 27.00 -70.62 60.73
C GLN J 1775 26.92 -70.40 59.21
N PHE J 1776 26.84 -69.14 58.78
CA PHE J 1776 26.82 -68.75 57.34
C PHE J 1776 28.23 -68.37 56.90
N THR J 1777 28.96 -67.63 57.74
CA THR J 1777 30.36 -67.18 57.48
C THR J 1777 31.22 -68.35 57.04
N GLN J 1778 31.15 -69.46 57.77
CA GLN J 1778 32.05 -70.61 57.56
C GLN J 1778 31.79 -71.19 56.18
N PRO J 1779 30.56 -71.62 55.82
CA PRO J 1779 30.33 -72.18 54.48
C PRO J 1779 30.67 -71.15 53.41
N ALA J 1780 30.24 -69.91 53.58
CA ALA J 1780 30.47 -68.80 52.62
C ALA J 1780 31.96 -68.70 52.31
N LEU J 1781 32.79 -68.64 53.34
CA LEU J 1781 34.27 -68.49 53.23
C LEU J 1781 34.85 -69.75 52.56
N THR J 1782 34.42 -70.91 53.01
CA THR J 1782 34.84 -72.23 52.49
C THR J 1782 34.65 -72.27 50.99
N LEU J 1783 33.48 -71.83 50.51
CA LEU J 1783 33.10 -71.88 49.08
C LEU J 1783 33.99 -70.91 48.29
N MET J 1784 34.04 -69.63 48.71
CA MET J 1784 34.92 -68.61 48.10
C MET J 1784 36.29 -69.23 47.80
N GLU J 1785 36.84 -69.95 48.77
CA GLU J 1785 38.19 -70.54 48.71
C GLU J 1785 38.19 -71.75 47.77
N LYS J 1786 37.27 -72.70 47.98
CA LYS J 1786 37.21 -73.95 47.17
C LYS J 1786 36.98 -73.59 45.70
N ALA J 1787 36.09 -72.62 45.43
CA ALA J 1787 35.79 -72.11 44.07
C ALA J 1787 37.06 -71.56 43.44
N ALA J 1788 37.74 -70.66 44.12
CA ALA J 1788 39.01 -70.08 43.64
C ALA J 1788 39.98 -71.21 43.33
N PHE J 1789 40.05 -72.23 44.17
CA PHE J 1789 41.04 -73.30 44.00
C PHE J 1789 40.69 -74.12 42.76
N GLU J 1790 39.42 -74.45 42.57
CA GLU J 1790 39.00 -75.33 41.46
C GLU J 1790 39.21 -74.61 40.13
N ASP J 1791 39.00 -73.29 40.10
CA ASP J 1791 39.33 -72.45 38.91
C ASP J 1791 40.82 -72.57 38.61
N LEU J 1792 41.67 -72.37 39.62
CA LEU J 1792 43.14 -72.51 39.48
C LEU J 1792 43.45 -73.89 38.89
N LYS J 1793 42.88 -74.94 39.49
CA LYS J 1793 43.15 -76.35 39.11
C LYS J 1793 42.72 -76.52 37.64
N SER J 1794 41.60 -75.93 37.24
CA SER J 1794 41.06 -76.03 35.87
C SER J 1794 42.01 -75.35 34.87
N LYS J 1795 42.88 -74.42 35.27
CA LYS J 1795 43.86 -73.79 34.36
C LYS J 1795 45.22 -74.49 34.50
N GLY J 1796 45.25 -75.61 35.23
CA GLY J 1796 46.41 -76.49 35.42
C GLY J 1796 47.53 -75.82 36.19
N LEU J 1797 47.20 -75.06 37.24
CA LEU J 1797 48.14 -74.13 37.92
C LEU J 1797 48.62 -74.70 39.25
N ILE J 1798 48.12 -75.88 39.64
CA ILE J 1798 48.37 -76.48 40.99
C ILE J 1798 49.49 -77.50 40.87
N PRO J 1799 50.68 -77.24 41.44
CA PRO J 1799 51.75 -78.23 41.43
C PRO J 1799 51.25 -79.53 42.07
N ALA J 1800 51.65 -80.66 41.48
CA ALA J 1800 51.30 -82.02 41.93
C ALA J 1800 51.69 -82.19 43.40
N ASP J 1801 52.88 -81.74 43.79
CA ASP J 1801 53.49 -82.05 45.12
C ASP J 1801 53.47 -80.83 46.04
N ALA J 1802 52.35 -80.12 46.14
CA ALA J 1802 52.22 -78.89 46.96
C ALA J 1802 51.89 -79.27 48.40
N THR J 1803 52.57 -78.63 49.36
CA THR J 1803 52.20 -78.62 50.81
C THR J 1803 51.05 -77.63 50.97
N PHE J 1804 50.21 -77.82 51.99
CA PHE J 1804 49.04 -76.95 52.25
C PHE J 1804 48.65 -77.00 53.73
N ALA J 1805 48.09 -75.90 54.22
CA ALA J 1805 47.54 -75.78 55.58
C ALA J 1805 46.45 -74.72 55.58
N GLY J 1806 45.53 -74.81 56.54
CA GLY J 1806 44.45 -73.81 56.69
C GLY J 1806 44.41 -73.30 58.11
N HIS J 1807 44.23 -71.98 58.26
CA HIS J 1807 44.10 -71.30 59.57
C HIS J 1807 42.68 -71.48 60.09
N SER J 1808 42.54 -72.15 61.23
CA SER J 1808 41.23 -72.38 61.88
C SER J 1808 40.29 -73.05 60.86
N LEU J 1809 39.36 -72.30 60.27
CA LEU J 1809 38.32 -72.82 59.36
C LEU J 1809 38.95 -73.23 58.04
N GLY J 1810 39.90 -72.44 57.55
CA GLY J 1810 40.67 -72.70 56.33
C GLY J 1810 41.13 -74.14 56.24
N GLU J 1811 41.36 -74.80 57.37
CA GLU J 1811 41.78 -76.22 57.41
C GLU J 1811 40.79 -77.05 56.58
N TYR J 1812 39.48 -76.77 56.69
CA TYR J 1812 38.42 -77.55 56.02
C TYR J 1812 38.46 -77.27 54.52
N ALA J 1813 38.59 -75.99 54.14
CA ALA J 1813 38.69 -75.56 52.71
C ALA J 1813 39.94 -76.19 52.09
N ALA J 1814 41.09 -76.07 52.77
CA ALA J 1814 42.39 -76.59 52.33
C ALA J 1814 42.29 -78.10 52.07
N LEU J 1815 41.75 -78.86 53.03
CA LEU J 1815 41.60 -80.33 52.88
C LEU J 1815 40.76 -80.65 51.65
N ALA J 1816 39.65 -79.94 51.43
CA ALA J 1816 38.73 -80.20 50.30
C ALA J 1816 39.39 -79.76 49.00
N SER J 1817 40.08 -78.64 49.01
CA SER J 1817 40.71 -78.04 47.81
C SER J 1817 41.86 -78.91 47.30
N LEU J 1818 42.59 -79.62 48.16
CA LEU J 1818 43.83 -80.32 47.74
C LEU J 1818 43.76 -81.84 47.88
N ALA J 1819 42.80 -82.38 48.63
CA ALA J 1819 42.70 -83.84 48.79
C ALA J 1819 41.27 -84.30 48.50
N ASP J 1820 40.43 -83.38 48.00
CA ASP J 1820 39.01 -83.63 47.66
C ASP J 1820 38.45 -84.68 48.64
N VAL J 1821 38.72 -84.48 49.92
CA VAL J 1821 38.32 -85.35 51.06
C VAL J 1821 36.79 -85.40 51.16
N MET J 1822 36.14 -84.29 50.82
CA MET J 1822 34.66 -84.11 50.86
C MET J 1822 34.18 -83.50 49.55
N SER J 1823 32.98 -83.90 49.13
CA SER J 1823 32.17 -83.24 48.08
C SER J 1823 31.92 -81.79 48.52
N ILE J 1824 31.56 -80.91 47.60
CA ILE J 1824 31.09 -79.55 47.96
C ILE J 1824 29.96 -79.67 48.98
N GLU J 1825 29.01 -80.59 48.74
CA GLU J 1825 27.80 -80.72 49.59
C GLU J 1825 28.22 -81.09 51.02
N SER J 1826 29.12 -82.06 51.18
CA SER J 1826 29.59 -82.52 52.52
C SER J 1826 30.31 -81.37 53.22
N LEU J 1827 31.23 -80.71 52.52
CA LEU J 1827 32.09 -79.62 53.04
C LEU J 1827 31.20 -78.56 53.69
N VAL J 1828 30.27 -77.99 52.95
CA VAL J 1828 29.41 -76.87 53.45
C VAL J 1828 28.49 -77.41 54.54
N GLU J 1829 28.00 -78.65 54.41
CA GLU J 1829 27.12 -79.27 55.42
C GLU J 1829 27.85 -79.37 56.76
N VAL J 1830 29.11 -79.80 56.73
CA VAL J 1830 29.96 -80.05 57.94
C VAL J 1830 30.26 -78.71 58.58
N VAL J 1831 30.78 -77.79 57.79
CA VAL J 1831 31.21 -76.44 58.22
C VAL J 1831 29.99 -75.66 58.74
N PHE J 1832 28.79 -75.91 58.23
CA PHE J 1832 27.53 -75.25 58.67
C PHE J 1832 27.18 -75.79 60.05
N TYR J 1833 27.15 -77.11 60.20
CA TYR J 1833 26.90 -77.81 61.48
C TYR J 1833 27.91 -77.28 62.51
N ARG J 1834 29.18 -77.21 62.13
CA ARG J 1834 30.29 -76.71 62.98
C ARG J 1834 29.90 -75.34 63.54
N GLY J 1835 29.66 -74.36 62.66
CA GLY J 1835 29.23 -73.01 63.05
C GLY J 1835 28.01 -73.02 63.94
N MET J 1836 27.08 -73.93 63.71
CA MET J 1836 25.83 -74.03 64.50
C MET J 1836 26.15 -74.56 65.91
N THR J 1837 27.05 -75.55 66.00
CA THR J 1837 27.56 -76.08 67.29
C THR J 1837 28.14 -74.91 68.10
N MET J 1838 29.02 -74.12 67.49
CA MET J 1838 29.64 -72.94 68.13
C MET J 1838 28.56 -71.96 68.62
N GLN J 1839 27.45 -71.81 67.90
CA GLN J 1839 26.42 -70.79 68.22
C GLN J 1839 25.59 -71.22 69.43
N VAL J 1840 25.31 -72.52 69.59
CA VAL J 1840 24.53 -73.09 70.73
C VAL J 1840 25.34 -72.99 72.02
N ALA J 1841 26.66 -73.16 71.96
CA ALA J 1841 27.57 -73.31 73.13
C ALA J 1841 27.66 -72.01 73.93
N VAL J 1842 27.29 -70.87 73.35
CA VAL J 1842 27.40 -69.50 73.96
C VAL J 1842 26.02 -68.97 74.33
N PRO J 1843 25.63 -68.89 75.63
CA PRO J 1843 24.42 -68.16 76.03
C PRO J 1843 24.49 -66.69 75.58
N ARG J 1844 23.54 -66.24 74.74
CA ARG J 1844 23.47 -64.82 74.21
C ARG J 1844 22.13 -64.18 74.59
N ASP J 1845 21.74 -64.28 75.85
CA ASP J 1845 20.33 -64.26 76.36
C ASP J 1845 19.68 -62.87 76.42
N GLU J 1846 20.29 -61.84 75.79
CA GLU J 1846 19.89 -60.40 75.71
C GLU J 1846 20.22 -59.91 74.27
N LEU J 1847 19.51 -60.42 73.27
CA LEU J 1847 19.78 -60.33 71.81
C LEU J 1847 21.26 -60.72 71.54
N GLY J 1848 21.82 -60.35 70.38
CA GLY J 1848 22.96 -61.06 69.74
C GLY J 1848 24.31 -60.73 70.35
N ARG J 1849 24.55 -61.13 71.61
CA ARG J 1849 25.79 -60.81 72.40
C ARG J 1849 25.92 -61.72 73.65
N SER J 1850 27.17 -62.09 73.98
CA SER J 1850 27.55 -62.99 75.10
C SER J 1850 28.62 -62.33 75.99
N ASN J 1851 28.94 -62.94 77.14
CA ASN J 1851 30.11 -62.58 78.00
C ASN J 1851 31.31 -63.46 77.60
N TYR J 1852 31.52 -63.65 76.28
CA TYR J 1852 32.66 -64.38 75.67
C TYR J 1852 33.12 -63.64 74.39
N GLY J 1853 34.44 -63.50 74.20
CA GLY J 1853 35.07 -62.80 73.05
C GLY J 1853 36.56 -63.10 72.96
N MET J 1854 37.28 -62.45 72.05
CA MET J 1854 38.75 -62.65 71.88
C MET J 1854 39.46 -61.37 71.40
N ILE J 1855 40.72 -61.21 71.84
CA ILE J 1855 41.63 -60.05 71.56
C ILE J 1855 42.90 -60.57 70.88
N ALA J 1856 43.48 -59.73 70.00
CA ALA J 1856 44.78 -59.94 69.30
C ALA J 1856 45.88 -59.15 70.04
N ILE J 1857 46.87 -59.85 70.58
CA ILE J 1857 47.96 -59.27 71.44
C ILE J 1857 49.26 -59.21 70.63
N ASN J 1858 50.06 -58.17 70.87
CA ASN J 1858 51.42 -57.96 70.32
C ASN J 1858 52.40 -57.80 71.48
N PRO J 1859 53.03 -58.89 71.98
CA PRO J 1859 53.93 -58.79 73.13
C PRO J 1859 55.06 -57.77 72.93
N GLY J 1860 55.46 -57.53 71.67
CA GLY J 1860 56.47 -56.52 71.29
C GLY J 1860 56.15 -55.13 71.86
N ARG J 1861 54.87 -54.76 71.91
CA ARG J 1861 54.40 -53.38 72.23
C ARG J 1861 54.38 -53.16 73.75
N VAL J 1862 54.17 -54.19 74.55
CA VAL J 1862 54.27 -54.05 76.04
C VAL J 1862 55.71 -53.64 76.37
N ALA J 1863 56.70 -54.48 76.03
CA ALA J 1863 58.15 -54.22 76.16
C ALA J 1863 58.91 -55.18 75.24
N ALA J 1864 59.91 -54.70 74.49
CA ALA J 1864 60.76 -55.55 73.64
C ALA J 1864 61.67 -56.31 74.63
N SER J 1865 61.25 -57.51 75.01
CA SER J 1865 61.81 -58.36 76.11
C SER J 1865 60.69 -59.22 76.68
N PHE J 1866 59.44 -58.77 76.51
CA PHE J 1866 58.19 -59.53 76.82
C PHE J 1866 58.01 -60.61 75.74
N SER J 1867 58.42 -61.85 76.04
CA SER J 1867 58.50 -62.99 75.09
C SER J 1867 57.16 -63.73 75.02
N GLN J 1868 57.13 -64.85 74.28
CA GLN J 1868 56.02 -65.83 74.25
C GLN J 1868 55.79 -66.46 75.64
N GLU J 1869 56.86 -66.91 76.32
CA GLU J 1869 56.83 -67.48 77.71
C GLU J 1869 56.13 -66.49 78.65
N ALA J 1870 56.54 -65.21 78.55
CA ALA J 1870 56.02 -64.07 79.34
C ALA J 1870 54.49 -64.02 79.21
N LEU J 1871 53.99 -64.04 77.97
CA LEU J 1871 52.54 -63.88 77.67
C LEU J 1871 51.79 -65.15 78.11
N GLN J 1872 52.32 -66.33 77.76
CA GLN J 1872 51.78 -67.67 78.16
C GLN J 1872 51.64 -67.75 79.69
N TYR J 1873 52.67 -67.27 80.42
CA TYR J 1873 52.73 -67.27 81.91
C TYR J 1873 51.72 -66.26 82.46
N VAL J 1874 51.76 -64.99 82.01
CA VAL J 1874 50.84 -63.89 82.45
C VAL J 1874 49.37 -64.35 82.32
N VAL J 1875 49.02 -65.03 81.22
CA VAL J 1875 47.61 -65.43 80.89
C VAL J 1875 47.22 -66.66 81.72
N GLU J 1876 48.10 -67.67 81.79
CA GLU J 1876 47.93 -68.90 82.62
C GLU J 1876 47.59 -68.49 84.06
N ARG J 1877 48.22 -67.44 84.59
CA ARG J 1877 48.04 -66.95 85.99
C ARG J 1877 46.66 -66.28 86.14
N VAL J 1878 46.31 -65.33 85.27
CA VAL J 1878 44.97 -64.65 85.27
C VAL J 1878 43.89 -65.74 85.29
N GLY J 1879 44.03 -66.75 84.42
CA GLY J 1879 43.13 -67.92 84.31
C GLY J 1879 42.97 -68.65 85.63
N LYS J 1880 44.07 -69.15 86.21
CA LYS J 1880 44.09 -69.95 87.48
C LYS J 1880 43.58 -69.09 88.64
N ARG J 1881 44.18 -67.90 88.83
CA ARG J 1881 43.97 -67.01 90.03
C ARG J 1881 42.55 -66.42 89.97
N THR J 1882 42.24 -65.60 88.95
CA THR J 1882 40.89 -64.97 88.81
C THR J 1882 39.83 -66.08 88.72
N GLY J 1883 40.24 -67.30 88.32
CA GLY J 1883 39.36 -68.48 88.26
C GLY J 1883 38.47 -68.47 87.02
N TRP J 1884 38.41 -67.32 86.31
CA TRP J 1884 37.71 -67.15 85.01
C TRP J 1884 38.60 -67.69 83.89
N LEU J 1885 38.03 -68.47 82.98
CA LEU J 1885 38.76 -69.10 81.86
C LEU J 1885 39.23 -68.01 80.88
N VAL J 1886 40.53 -68.01 80.56
CA VAL J 1886 41.15 -67.29 79.40
C VAL J 1886 42.36 -68.11 78.94
N GLU J 1887 42.61 -68.11 77.62
CA GLU J 1887 43.67 -68.92 76.96
C GLU J 1887 44.15 -68.26 75.67
N ILE J 1888 45.39 -68.57 75.29
CA ILE J 1888 45.98 -68.25 73.95
C ILE J 1888 45.50 -69.34 72.98
N VAL J 1889 44.76 -68.97 71.93
CA VAL J 1889 44.06 -69.91 71.00
C VAL J 1889 44.70 -69.83 69.61
N ASN J 1890 45.17 -68.66 69.18
CA ASN J 1890 46.04 -68.52 67.98
C ASN J 1890 47.46 -68.14 68.42
N TYR J 1891 48.43 -68.99 68.10
CA TYR J 1891 49.87 -68.64 67.96
C TYR J 1891 50.12 -68.33 66.47
N ASN J 1892 50.13 -67.05 66.09
CA ASN J 1892 50.16 -66.62 64.67
C ASN J 1892 51.59 -66.29 64.25
N VAL J 1893 52.14 -65.18 64.74
CA VAL J 1893 53.49 -64.64 64.40
C VAL J 1893 54.29 -64.46 65.70
N GLU J 1894 55.53 -64.97 65.75
CA GLU J 1894 56.32 -65.06 67.01
C GLU J 1894 56.61 -63.65 67.53
N ASN J 1895 56.33 -63.41 68.82
CA ASN J 1895 56.55 -62.14 69.55
C ASN J 1895 55.86 -60.96 68.83
N GLN J 1896 54.73 -61.20 68.15
CA GLN J 1896 54.07 -60.13 67.35
C GLN J 1896 52.54 -60.30 67.28
N GLN J 1897 52.03 -61.47 66.91
CA GLN J 1897 50.57 -61.73 66.77
C GLN J 1897 50.21 -63.04 67.48
N TYR J 1898 49.57 -62.92 68.63
CA TYR J 1898 48.87 -64.01 69.35
C TYR J 1898 47.41 -63.57 69.51
N VAL J 1899 46.50 -64.53 69.74
CA VAL J 1899 45.07 -64.23 69.99
C VAL J 1899 44.62 -65.07 71.19
N ALA J 1900 44.12 -64.40 72.23
CA ALA J 1900 43.53 -65.04 73.42
C ALA J 1900 42.01 -64.85 73.38
N ALA J 1901 41.29 -65.79 73.97
CA ALA J 1901 39.81 -65.86 73.99
C ALA J 1901 39.35 -66.45 75.33
N GLY J 1902 38.13 -66.09 75.74
CA GLY J 1902 37.50 -66.60 76.98
C GLY J 1902 36.57 -65.58 77.60
N ASP J 1903 36.44 -65.63 78.93
CA ASP J 1903 35.54 -64.75 79.75
C ASP J 1903 35.89 -63.28 79.44
N LEU J 1904 34.89 -62.44 79.12
CA LEU J 1904 35.09 -61.00 78.73
C LEU J 1904 35.74 -60.22 79.88
N ARG J 1905 35.47 -60.64 81.12
CA ARG J 1905 36.08 -60.07 82.37
C ARG J 1905 37.58 -60.39 82.41
N ALA J 1906 37.95 -61.63 82.04
CA ALA J 1906 39.34 -62.18 82.06
C ALA J 1906 40.18 -61.61 80.90
N LEU J 1907 39.53 -61.13 79.84
CA LEU J 1907 40.16 -60.39 78.71
C LEU J 1907 40.40 -58.94 79.14
N ASP J 1908 39.49 -58.40 79.96
CA ASP J 1908 39.54 -57.01 80.48
C ASP J 1908 40.66 -56.89 81.52
N THR J 1909 40.95 -57.94 82.30
CA THR J 1909 42.11 -57.99 83.24
C THR J 1909 43.40 -58.00 82.43
N VAL J 1910 43.54 -58.95 81.50
CA VAL J 1910 44.75 -59.12 80.64
C VAL J 1910 45.03 -57.79 79.91
N THR J 1911 44.07 -57.26 79.14
CA THR J 1911 44.25 -56.06 78.27
C THR J 1911 44.74 -54.85 79.10
N ASN J 1912 44.40 -54.77 80.39
CA ASN J 1912 44.81 -53.67 81.32
C ASN J 1912 46.13 -54.03 82.04
N VAL J 1913 46.21 -55.23 82.64
CA VAL J 1913 47.44 -55.76 83.32
C VAL J 1913 48.65 -55.50 82.42
N LEU J 1914 48.51 -55.75 81.11
CA LEU J 1914 49.55 -55.48 80.07
C LEU J 1914 49.79 -53.96 79.97
N ASN J 1915 48.73 -53.15 79.92
CA ASN J 1915 48.82 -51.65 79.87
C ASN J 1915 49.61 -51.13 81.08
N PHE J 1916 49.53 -51.83 82.23
CA PHE J 1916 50.26 -51.49 83.48
C PHE J 1916 51.74 -51.89 83.33
N ILE J 1917 52.02 -53.10 82.82
CA ILE J 1917 53.42 -53.62 82.65
C ILE J 1917 54.15 -52.75 81.60
N LYS J 1918 53.42 -52.20 80.63
CA LYS J 1918 53.96 -51.29 79.59
C LYS J 1918 54.32 -49.92 80.20
N LEU J 1919 53.41 -49.30 80.96
CA LEU J 1919 53.61 -47.97 81.61
C LEU J 1919 54.70 -48.10 82.68
N GLN J 1920 54.77 -49.23 83.38
CA GLN J 1920 55.83 -49.57 84.39
C GLN J 1920 57.20 -49.63 83.66
N LYS J 1921 57.20 -49.93 82.36
CA LYS J 1921 58.37 -49.80 81.44
C LYS J 1921 59.46 -50.81 81.84
N ILE J 1922 59.09 -51.93 82.46
CA ILE J 1922 60.04 -52.91 83.08
C ILE J 1922 60.60 -53.85 82.01
N ASP J 1923 61.91 -54.15 82.10
CA ASP J 1923 62.63 -55.14 81.27
C ASP J 1923 62.58 -56.50 81.99
N ILE J 1924 61.97 -57.51 81.34
CA ILE J 1924 61.66 -58.85 81.94
C ILE J 1924 62.98 -59.52 82.35
N ILE J 1925 63.91 -59.73 81.39
CA ILE J 1925 65.16 -60.53 81.55
C ILE J 1925 65.96 -60.04 82.77
N GLU J 1926 66.03 -58.71 83.00
CA GLU J 1926 66.77 -58.11 84.13
C GLU J 1926 66.05 -58.43 85.45
N LEU J 1927 64.81 -57.93 85.65
CA LEU J 1927 64.10 -58.13 86.95
C LEU J 1927 63.29 -59.45 86.93
N GLN J 1928 63.74 -60.42 86.13
CA GLN J 1928 63.37 -61.86 86.22
C GLN J 1928 64.16 -62.50 87.37
N LYS J 1929 64.90 -63.59 87.12
CA LYS J 1929 65.64 -64.42 88.12
C LYS J 1929 66.59 -63.56 88.98
N SER J 1930 67.10 -62.44 88.45
CA SER J 1930 68.08 -61.54 89.14
C SER J 1930 67.41 -60.83 90.33
N LEU J 1931 66.32 -60.07 90.10
CA LEU J 1931 65.60 -59.31 91.18
C LEU J 1931 64.82 -60.30 92.07
N SER J 1932 63.91 -61.09 91.48
CA SER J 1932 62.98 -62.01 92.19
C SER J 1932 62.91 -63.37 91.47
N LEU J 1933 63.32 -64.47 92.13
CA LEU J 1933 63.30 -65.88 91.60
C LEU J 1933 62.01 -66.57 92.05
N GLU J 1934 61.14 -66.94 91.08
CA GLU J 1934 59.79 -67.58 91.23
C GLU J 1934 58.79 -66.68 91.98
N GLU J 1935 59.22 -65.97 93.05
CA GLU J 1935 58.38 -65.11 93.96
C GLU J 1935 57.79 -63.92 93.17
N VAL J 1936 58.33 -63.60 91.99
CA VAL J 1936 57.69 -62.77 90.91
C VAL J 1936 56.19 -63.10 90.85
N GLU J 1937 55.81 -64.39 90.92
CA GLU J 1937 54.40 -64.87 90.96
C GLU J 1937 53.61 -64.12 92.04
N GLY J 1938 54.24 -63.88 93.22
CA GLY J 1938 53.71 -63.04 94.31
C GLY J 1938 53.46 -61.61 93.85
N HIS J 1939 54.41 -61.02 93.11
CA HIS J 1939 54.30 -59.66 92.52
C HIS J 1939 53.28 -59.63 91.37
N LEU J 1940 53.09 -60.74 90.66
CA LEU J 1940 52.16 -60.86 89.50
C LEU J 1940 50.71 -60.85 90.03
N PHE J 1941 50.36 -61.75 90.96
CA PHE J 1941 49.02 -61.84 91.60
C PHE J 1941 48.60 -60.46 92.12
N GLU J 1942 49.56 -59.68 92.65
CA GLU J 1942 49.40 -58.30 93.19
C GLU J 1942 48.87 -57.37 92.08
N ILE J 1943 49.37 -57.51 90.85
CA ILE J 1943 49.02 -56.67 89.67
C ILE J 1943 47.74 -57.21 89.02
N ILE J 1944 47.49 -58.53 89.12
CA ILE J 1944 46.27 -59.22 88.60
C ILE J 1944 45.06 -58.77 89.43
N ASP J 1945 45.17 -58.85 90.77
CA ASP J 1945 44.06 -58.61 91.74
C ASP J 1945 43.62 -57.14 91.66
N GLU J 1946 44.55 -56.21 91.36
CA GLU J 1946 44.29 -54.74 91.26
C GLU J 1946 43.68 -54.39 89.89
N ALA J 1947 43.72 -55.30 88.90
CA ALA J 1947 43.00 -55.16 87.61
C ALA J 1947 41.79 -56.09 87.60
N SER J 1948 41.80 -57.15 88.42
CA SER J 1948 40.82 -58.27 88.43
C SER J 1948 39.48 -57.83 89.04
N LYS J 1949 39.50 -57.15 90.20
CA LYS J 1949 38.27 -56.72 90.91
C LYS J 1949 37.74 -55.42 90.27
N LYS J 1950 38.55 -54.73 89.46
CA LYS J 1950 38.14 -53.55 88.64
C LYS J 1950 37.23 -54.01 87.51
N SER J 1951 37.47 -55.22 87.00
CA SER J 1951 36.72 -55.86 85.86
C SER J 1951 35.71 -56.90 86.38
N ALA J 1952 35.68 -57.19 87.69
CA ALA J 1952 34.74 -58.15 88.33
C ALA J 1952 33.41 -57.47 88.66
N VAL J 1953 33.23 -56.20 88.26
CA VAL J 1953 31.97 -55.39 88.37
C VAL J 1953 31.94 -54.36 87.23
N LYS J 1954 31.12 -54.56 86.19
CA LYS J 1954 30.99 -53.66 85.01
C LYS J 1954 29.58 -53.79 84.44
N PRO J 1955 29.22 -53.15 83.29
CA PRO J 1955 28.11 -53.64 82.47
C PRO J 1955 28.28 -55.14 82.20
N ARG J 1956 27.32 -55.98 82.61
CA ARG J 1956 27.50 -57.47 82.75
C ARG J 1956 27.78 -58.13 81.38
N PRO J 1957 27.17 -57.65 80.27
CA PRO J 1957 27.65 -57.99 78.92
C PRO J 1957 28.75 -57.03 78.43
N LEU J 1958 29.87 -56.92 79.16
CA LEU J 1958 30.80 -55.74 79.14
C LEU J 1958 31.51 -55.61 77.78
N LYS J 1959 31.58 -54.38 77.23
CA LYS J 1959 32.33 -54.08 75.97
C LYS J 1959 33.82 -54.20 76.30
N LEU J 1960 34.65 -54.65 75.34
CA LEU J 1960 36.12 -54.84 75.51
C LEU J 1960 36.86 -53.74 74.74
N GLU J 1961 37.73 -53.01 75.46
CA GLU J 1961 38.44 -51.79 74.98
C GLU J 1961 39.86 -52.17 74.51
N ARG J 1962 40.53 -51.22 73.84
CA ARG J 1962 41.92 -51.34 73.30
C ARG J 1962 42.94 -51.12 74.42
N GLY J 1963 44.21 -51.49 74.22
CA GLY J 1963 45.26 -51.35 75.24
C GLY J 1963 46.67 -51.53 74.71
N PHE J 1964 47.21 -50.53 73.99
CA PHE J 1964 48.61 -50.44 73.51
C PHE J 1964 49.00 -51.71 72.75
N ALA J 1965 48.95 -52.86 73.43
CA ALA J 1965 49.31 -54.21 72.94
C ALA J 1965 48.11 -54.95 72.34
N CYS J 1966 46.90 -54.73 72.88
CA CYS J 1966 45.70 -55.58 72.68
C CYS J 1966 44.65 -54.84 71.82
N ILE J 1967 44.27 -55.43 70.67
CA ILE J 1967 43.13 -54.99 69.81
C ILE J 1967 42.00 -56.00 70.00
N PRO J 1968 40.76 -55.58 70.39
CA PRO J 1968 39.61 -56.49 70.40
C PRO J 1968 39.21 -56.83 68.97
N LEU J 1969 38.93 -58.11 68.70
CA LEU J 1969 38.54 -58.61 67.35
C LEU J 1969 37.06 -58.26 67.11
N VAL J 1970 36.81 -57.52 66.02
CA VAL J 1970 35.51 -56.88 65.60
C VAL J 1970 34.29 -57.61 66.22
N GLY J 1971 34.07 -57.43 67.53
CA GLY J 1971 33.00 -58.03 68.35
C GLY J 1971 32.59 -59.45 67.96
N ILE J 1972 33.55 -60.40 67.86
CA ILE J 1972 33.29 -61.87 67.68
C ILE J 1972 32.75 -62.44 69.01
N SER J 1973 31.54 -63.00 69.02
CA SER J 1973 30.77 -63.37 70.23
C SER J 1973 31.27 -64.71 70.81
N VAL J 1974 32.02 -65.48 70.02
CA VAL J 1974 32.33 -66.92 70.26
C VAL J 1974 33.79 -67.09 70.69
N PRO J 1975 34.10 -67.92 71.71
CA PRO J 1975 35.49 -68.20 72.10
C PRO J 1975 36.15 -69.37 71.34
N PHE J 1976 36.35 -69.22 70.03
CA PHE J 1976 36.91 -70.28 69.14
C PHE J 1976 38.20 -70.85 69.74
N HIS J 1977 38.40 -72.17 69.65
CA HIS J 1977 39.66 -72.91 69.94
C HIS J 1977 40.01 -72.84 71.44
N SER J 1978 39.13 -72.28 72.28
CA SER J 1978 39.19 -72.34 73.77
C SER J 1978 38.70 -73.72 74.22
N THR J 1979 39.01 -74.14 75.45
CA THR J 1979 38.58 -75.45 75.99
C THR J 1979 37.08 -75.40 76.31
N TYR J 1980 36.48 -74.21 76.37
CA TYR J 1980 35.01 -74.03 76.53
C TYR J 1980 34.27 -74.96 75.55
N LEU J 1981 34.77 -75.09 74.31
CA LEU J 1981 34.14 -75.89 73.22
C LEU J 1981 34.53 -77.37 73.31
N MET J 1982 35.25 -77.81 74.35
CA MET J 1982 35.68 -79.24 74.52
C MET J 1982 34.42 -80.11 74.67
N ASN J 1983 33.32 -79.53 75.17
CA ASN J 1983 31.97 -80.16 75.25
C ASN J 1983 31.55 -80.69 73.88
N GLY J 1984 31.77 -79.88 72.83
CA GLY J 1984 31.28 -80.11 71.46
C GLY J 1984 32.15 -81.07 70.65
N VAL J 1985 33.32 -81.50 71.16
CA VAL J 1985 34.29 -82.34 70.40
C VAL J 1985 33.70 -83.75 70.20
N LYS J 1986 33.26 -84.41 71.26
CA LYS J 1986 32.71 -85.80 71.22
C LYS J 1986 31.58 -85.90 70.18
N PRO J 1987 30.55 -85.03 70.19
CA PRO J 1987 29.47 -85.08 69.20
C PRO J 1987 29.90 -84.71 67.78
N PHE J 1988 30.68 -83.63 67.64
CA PHE J 1988 31.19 -83.13 66.34
C PHE J 1988 32.05 -84.22 65.69
N LYS J 1989 32.83 -84.96 66.48
CA LYS J 1989 33.65 -86.10 65.99
C LYS J 1989 32.74 -87.16 65.38
N SER J 1990 31.70 -87.58 66.10
CA SER J 1990 30.70 -88.59 65.64
C SER J 1990 30.07 -88.12 64.32
N PHE J 1991 29.86 -86.80 64.18
CA PHE J 1991 29.26 -86.16 62.98
C PHE J 1991 30.26 -86.16 61.82
N LEU J 1992 31.52 -85.80 62.09
CA LEU J 1992 32.62 -85.80 61.10
C LEU J 1992 32.78 -87.21 60.51
N LYS J 1993 32.68 -88.25 61.35
CA LYS J 1993 32.84 -89.67 60.93
C LYS J 1993 31.74 -90.03 59.93
N LYS J 1994 30.54 -89.48 60.12
CA LYS J 1994 29.35 -89.77 59.28
C LYS J 1994 29.43 -89.00 57.95
N ASN J 1995 30.06 -87.82 57.93
CA ASN J 1995 30.05 -86.92 56.74
C ASN J 1995 31.37 -86.94 55.97
N ILE J 1996 32.44 -87.48 56.55
CA ILE J 1996 33.72 -87.75 55.83
C ILE J 1996 33.86 -89.27 55.69
N ILE J 1997 33.50 -89.80 54.53
CA ILE J 1997 33.51 -91.27 54.24
C ILE J 1997 34.97 -91.70 54.04
N LYS J 1998 35.34 -92.85 54.63
CA LYS J 1998 36.69 -93.47 54.60
C LYS J 1998 37.24 -93.55 53.16
N GLU J 1999 36.44 -94.07 52.24
CA GLU J 1999 36.80 -94.36 50.82
C GLU J 1999 37.30 -93.09 50.10
N ASN J 2000 36.95 -91.90 50.59
CA ASN J 2000 37.30 -90.60 49.94
C ASN J 2000 38.63 -90.05 50.47
N VAL J 2001 39.32 -90.75 51.39
CA VAL J 2001 40.61 -90.28 51.96
C VAL J 2001 41.74 -90.97 51.20
N LYS J 2002 42.34 -90.27 50.24
CA LYS J 2002 43.51 -90.75 49.45
C LYS J 2002 44.77 -90.35 50.22
N VAL J 2003 45.47 -91.32 50.80
CA VAL J 2003 46.58 -91.06 51.74
C VAL J 2003 47.67 -90.25 51.03
N ALA J 2004 47.88 -90.52 49.75
CA ALA J 2004 48.89 -89.88 48.86
C ALA J 2004 48.74 -88.36 48.84
N ARG J 2005 47.50 -87.86 48.95
CA ARG J 2005 47.17 -86.42 48.77
C ARG J 2005 47.29 -85.67 50.09
N LEU J 2006 47.51 -86.40 51.20
CA LEU J 2006 47.63 -85.87 52.57
C LEU J 2006 49.06 -86.05 53.11
N ALA J 2007 49.61 -87.26 52.97
CA ALA J 2007 50.93 -87.67 53.49
C ALA J 2007 51.99 -86.62 53.14
N GLY J 2008 52.58 -86.01 54.16
CA GLY J 2008 53.72 -85.10 54.04
C GLY J 2008 53.37 -83.78 53.35
N LYS J 2009 52.07 -83.47 53.19
CA LYS J 2009 51.62 -82.21 52.56
C LYS J 2009 50.65 -81.46 53.49
N TYR J 2010 49.68 -82.16 54.10
CA TYR J 2010 48.65 -81.60 55.02
C TYR J 2010 49.33 -81.23 56.33
N ILE J 2011 49.31 -79.95 56.71
CA ILE J 2011 49.84 -79.45 58.02
C ILE J 2011 48.66 -78.99 58.87
N PRO J 2012 48.15 -79.84 59.78
CA PRO J 2012 47.06 -79.48 60.68
C PRO J 2012 47.37 -78.32 61.64
N ASN J 2013 46.37 -77.98 62.46
CA ASN J 2013 46.46 -76.90 63.48
C ASN J 2013 46.67 -77.54 64.84
N LEU J 2014 46.18 -78.76 65.04
CA LEU J 2014 46.37 -79.53 66.30
C LEU J 2014 47.87 -79.84 66.47
N THR J 2015 48.46 -80.47 65.46
CA THR J 2015 49.88 -80.93 65.46
C THR J 2015 50.59 -80.24 64.31
N ALA J 2016 51.22 -79.09 64.52
CA ALA J 2016 51.78 -78.31 63.39
C ALA J 2016 52.93 -79.11 62.72
N LYS J 2017 52.60 -80.32 62.26
CA LYS J 2017 53.55 -81.33 61.73
C LYS J 2017 52.91 -82.07 60.55
N PRO J 2018 53.59 -82.15 59.38
CA PRO J 2018 53.02 -82.82 58.21
C PRO J 2018 52.38 -84.19 58.49
N PHE J 2019 51.13 -84.35 58.08
CA PHE J 2019 50.29 -85.57 58.23
C PHE J 2019 51.08 -86.81 57.80
N GLN J 2020 51.21 -87.78 58.69
CA GLN J 2020 51.78 -89.11 58.38
C GLN J 2020 50.97 -90.16 59.15
N VAL J 2021 50.70 -91.29 58.52
CA VAL J 2021 50.01 -92.48 59.11
C VAL J 2021 51.10 -93.32 59.79
N THR J 2022 51.61 -92.78 60.90
CA THR J 2022 52.82 -93.27 61.63
C THR J 2022 52.49 -93.34 63.12
N LYS J 2023 52.94 -94.38 63.83
CA LYS J 2023 52.70 -94.56 65.29
C LYS J 2023 53.14 -93.30 66.05
N GLU J 2024 54.28 -92.73 65.65
CA GLU J 2024 54.83 -91.46 66.21
C GLU J 2024 53.80 -90.33 66.13
N TYR J 2025 53.07 -90.21 65.03
CA TYR J 2025 52.09 -89.12 64.79
C TYR J 2025 50.88 -89.35 65.72
N PHE J 2026 50.28 -90.53 65.65
CA PHE J 2026 49.16 -90.98 66.52
C PHE J 2026 49.52 -90.70 67.99
N GLN J 2027 50.76 -91.02 68.39
CA GLN J 2027 51.31 -90.72 69.74
C GLN J 2027 51.18 -89.20 69.97
N ASP J 2028 51.84 -88.37 69.15
CA ASP J 2028 51.85 -86.89 69.30
C ASP J 2028 50.40 -86.40 69.46
N VAL J 2029 49.47 -86.89 68.65
CA VAL J 2029 48.03 -86.52 68.71
C VAL J 2029 47.52 -86.84 70.11
N TYR J 2030 47.61 -88.09 70.53
CA TYR J 2030 47.19 -88.58 71.87
C TYR J 2030 47.74 -87.63 72.96
N ASP J 2031 49.01 -87.23 72.84
CA ASP J 2031 49.73 -86.40 73.85
C ASP J 2031 49.02 -85.06 74.05
N LEU J 2032 48.27 -84.53 73.05
CA LEU J 2032 47.52 -83.25 73.20
C LEU J 2032 46.01 -83.51 73.18
N THR J 2033 45.53 -84.72 73.47
CA THR J 2033 44.12 -85.09 73.16
C THR J 2033 43.53 -86.00 74.23
N GLY J 2034 44.20 -87.12 74.53
CA GLY J 2034 43.68 -88.20 75.37
C GLY J 2034 42.68 -89.06 74.63
N SER J 2035 42.57 -88.89 73.31
CA SER J 2035 41.58 -89.61 72.45
C SER J 2035 41.66 -91.12 72.73
N GLU J 2036 40.54 -91.72 73.15
CA GLU J 2036 40.42 -93.16 73.47
C GLU J 2036 40.56 -93.97 72.18
N PRO J 2037 39.82 -93.65 71.08
CA PRO J 2037 39.99 -94.32 69.80
C PRO J 2037 41.44 -94.30 69.25
N ILE J 2038 42.18 -93.22 69.47
CA ILE J 2038 43.60 -93.05 69.05
C ILE J 2038 44.48 -93.98 69.91
N LYS J 2039 44.36 -93.88 71.24
CA LYS J 2039 45.15 -94.70 72.20
C LYS J 2039 45.11 -96.16 71.76
N GLU J 2040 43.92 -96.73 71.60
CA GLU J 2040 43.72 -98.20 71.35
C GLU J 2040 44.35 -98.57 69.99
N ILE J 2041 44.47 -97.62 69.07
CA ILE J 2041 45.17 -97.81 67.75
C ILE J 2041 46.69 -97.90 68.00
N ILE J 2042 47.26 -96.99 68.80
CA ILE J 2042 48.71 -97.01 69.17
C ILE J 2042 49.01 -98.40 69.75
N ASP J 2043 48.22 -98.82 70.74
CA ASP J 2043 48.36 -100.10 71.50
C ASP J 2043 48.42 -101.29 70.53
N ASN J 2044 47.64 -101.26 69.45
CA ASN J 2044 47.55 -102.37 68.46
C ASN J 2044 48.19 -101.95 67.12
N TRP J 2045 49.27 -101.16 67.13
CA TRP J 2045 49.95 -100.70 65.89
C TRP J 2045 50.42 -101.91 65.06
N GLU J 2046 50.18 -103.13 65.57
CA GLU J 2046 50.37 -104.41 64.84
C GLU J 2046 49.14 -104.67 63.96
N LYS J 2047 48.77 -103.64 63.18
CA LYS J 2047 47.87 -103.67 62.00
C LYS J 2047 48.73 -103.90 60.74
N TYR J 2048 50.05 -104.10 60.90
CA TYR J 2048 50.96 -104.50 59.80
C TYR J 2048 50.60 -105.92 59.39
N GLU J 2049 50.47 -106.10 58.07
CA GLU J 2049 49.73 -107.22 57.38
C GLU J 2049 48.50 -107.67 58.21
N GLN J 2050 47.34 -107.02 58.02
CA GLN J 2050 46.21 -106.92 58.99
C GLN J 2050 46.52 -107.68 60.30
N TYR K 4 122.21 -33.25 -25.31
CA TYR K 4 123.69 -33.25 -24.93
C TYR K 4 123.80 -33.87 -23.54
N SER K 5 124.58 -33.31 -22.59
CA SER K 5 124.41 -33.57 -21.14
C SER K 5 123.89 -32.32 -20.44
N THR K 6 122.63 -31.93 -20.69
CA THR K 6 121.98 -30.76 -20.05
C THR K 6 120.77 -31.26 -19.23
N ARG K 7 119.53 -30.99 -19.66
CA ARG K 7 118.24 -31.42 -19.03
C ARG K 7 117.40 -30.18 -18.67
N PRO K 8 116.13 -30.07 -19.14
CA PRO K 8 115.33 -28.86 -18.94
C PRO K 8 114.85 -28.66 -17.50
N LEU K 9 114.55 -27.39 -17.17
CA LEU K 9 113.91 -26.97 -15.90
C LEU K 9 112.97 -25.81 -16.21
N THR K 10 111.65 -26.08 -16.27
CA THR K 10 110.62 -25.06 -16.57
C THR K 10 110.46 -24.13 -15.35
N LEU K 11 110.90 -22.87 -15.48
CA LEU K 11 110.46 -21.75 -14.60
C LEU K 11 109.13 -21.27 -15.15
N SER K 12 108.12 -21.06 -14.30
CA SER K 12 106.74 -20.77 -14.75
C SER K 12 105.95 -19.99 -13.70
N HIS K 13 104.99 -19.20 -14.19
CA HIS K 13 103.93 -18.53 -13.43
C HIS K 13 102.74 -18.33 -14.37
N GLY K 14 101.68 -19.14 -14.22
CA GLY K 14 100.52 -19.14 -15.12
C GLY K 14 100.92 -19.45 -16.56
N SER K 15 100.52 -18.59 -17.51
CA SER K 15 100.69 -18.74 -18.98
C SER K 15 102.18 -18.85 -19.33
N LEU K 16 103.01 -17.98 -18.76
CA LEU K 16 104.40 -17.71 -19.24
C LEU K 16 105.39 -18.64 -18.52
N GLU K 17 106.42 -19.07 -19.25
CA GLU K 17 107.51 -19.96 -18.76
C GLU K 17 108.85 -19.55 -19.40
N HIS K 18 109.94 -20.18 -18.94
CA HIS K 18 111.29 -20.12 -19.53
C HIS K 18 111.97 -21.48 -19.36
N VAL K 19 112.31 -22.14 -20.47
CA VAL K 19 112.99 -23.48 -20.47
C VAL K 19 114.48 -23.26 -20.18
N LEU K 20 115.00 -23.84 -19.10
CA LEU K 20 116.36 -23.58 -18.56
C LEU K 20 117.26 -24.80 -18.78
N LEU K 21 118.30 -24.68 -19.61
CA LEU K 21 119.18 -25.82 -20.00
C LEU K 21 120.25 -26.01 -18.91
N VAL K 22 119.87 -26.64 -17.80
CA VAL K 22 120.71 -26.85 -16.59
C VAL K 22 121.64 -28.03 -16.84
N PRO K 23 122.97 -27.91 -16.64
CA PRO K 23 123.88 -29.05 -16.71
C PRO K 23 123.43 -30.18 -15.77
N THR K 24 123.60 -31.44 -16.20
CA THR K 24 123.23 -32.67 -15.44
C THR K 24 123.77 -32.56 -14.00
N ALA K 25 125.03 -32.15 -13.81
CA ALA K 25 125.71 -32.02 -12.50
C ALA K 25 124.85 -31.17 -11.55
N SER K 26 124.50 -29.95 -11.97
CA SER K 26 123.87 -28.90 -11.12
C SER K 26 122.34 -29.01 -11.08
N PHE K 27 121.74 -30.08 -11.63
CA PHE K 27 120.25 -30.23 -11.69
C PHE K 27 119.70 -30.51 -10.28
N PHE K 28 120.39 -31.33 -9.49
CA PHE K 28 120.04 -31.66 -8.07
C PHE K 28 119.68 -30.35 -7.34
N ILE K 29 120.65 -29.43 -7.26
CA ILE K 29 120.56 -28.14 -6.51
C ILE K 29 119.50 -27.25 -7.18
N ALA K 30 119.53 -27.15 -8.52
CA ALA K 30 118.72 -26.20 -9.34
C ALA K 30 117.22 -26.41 -9.10
N SER K 31 116.72 -27.65 -9.15
CA SER K 31 115.28 -28.01 -9.03
C SER K 31 114.80 -27.84 -7.58
N GLN K 32 115.74 -27.83 -6.61
CA GLN K 32 115.45 -27.46 -5.20
C GLN K 32 114.99 -25.99 -5.17
N LEU K 33 115.80 -25.07 -5.72
CA LEU K 33 115.50 -23.60 -5.77
C LEU K 33 114.17 -23.38 -6.50
N GLN K 34 114.04 -23.99 -7.69
CA GLN K 34 112.81 -24.06 -8.53
C GLN K 34 111.56 -24.26 -7.65
N GLU K 35 111.59 -25.28 -6.78
CA GLU K 35 110.43 -25.72 -5.94
C GLU K 35 110.14 -24.64 -4.89
N GLN K 36 111.13 -24.27 -4.08
CA GLN K 36 111.03 -23.24 -2.99
C GLN K 36 110.58 -21.90 -3.59
N PHE K 37 110.97 -21.61 -4.84
CA PHE K 37 110.61 -20.39 -5.62
C PHE K 37 109.10 -20.41 -5.97
N ASN K 38 108.63 -21.49 -6.59
CA ASN K 38 107.26 -21.60 -7.16
C ASN K 38 106.19 -21.32 -6.10
N LYS K 39 106.43 -21.65 -4.83
CA LYS K 39 105.45 -21.43 -3.73
C LYS K 39 105.40 -19.95 -3.36
N ILE K 40 106.54 -19.23 -3.37
CA ILE K 40 106.60 -17.80 -2.93
C ILE K 40 106.02 -16.88 -4.01
N LEU K 41 105.84 -17.34 -5.26
CA LEU K 41 105.08 -16.57 -6.29
C LEU K 41 103.62 -16.59 -5.88
N PRO K 42 102.86 -15.48 -6.07
CA PRO K 42 101.43 -15.48 -5.78
C PRO K 42 100.66 -16.26 -6.85
N GLU K 43 99.35 -16.38 -6.68
CA GLU K 43 98.42 -17.01 -7.66
C GLU K 43 98.39 -16.14 -8.91
N PRO K 44 98.52 -16.73 -10.14
CA PRO K 44 98.27 -15.99 -11.38
C PRO K 44 96.91 -15.26 -11.45
N THR K 45 96.83 -14.14 -12.19
CA THR K 45 95.57 -13.39 -12.52
C THR K 45 95.54 -13.12 -14.04
N GLU K 46 94.44 -12.58 -14.58
CA GLU K 46 94.40 -12.12 -16.02
C GLU K 46 95.23 -10.83 -16.11
N GLY K 47 96.09 -10.74 -17.13
CA GLY K 47 97.00 -9.60 -17.37
C GLY K 47 98.21 -9.63 -16.45
N PHE K 48 98.18 -10.46 -15.39
CA PHE K 48 99.20 -10.54 -14.30
C PHE K 48 99.29 -9.18 -13.60
N ALA K 49 98.13 -8.63 -13.21
CA ALA K 49 97.95 -7.23 -12.77
C ALA K 49 98.52 -6.97 -11.37
N ALA K 50 98.56 -7.97 -10.47
CA ALA K 50 99.05 -7.84 -9.06
C ALA K 50 100.49 -7.29 -9.06
N ASP K 51 100.84 -6.47 -8.06
CA ASP K 51 102.13 -5.73 -7.97
C ASP K 51 103.31 -6.68 -8.12
N ASP K 52 103.32 -7.75 -7.31
CA ASP K 52 104.44 -8.74 -7.20
C ASP K 52 104.14 -9.93 -8.13
N GLU K 53 103.86 -9.68 -9.41
CA GLU K 53 103.39 -10.72 -10.36
C GLU K 53 104.02 -10.49 -11.73
N PRO K 54 105.01 -11.31 -12.16
CA PRO K 54 105.74 -11.04 -13.40
C PRO K 54 104.89 -11.19 -14.67
N THR K 55 104.82 -10.15 -15.51
CA THR K 55 103.94 -10.05 -16.70
C THR K 55 104.63 -10.67 -17.92
N THR K 56 105.96 -10.84 -17.91
CA THR K 56 106.76 -11.35 -19.06
C THR K 56 107.66 -12.49 -18.63
N PRO K 57 108.15 -13.32 -19.58
CA PRO K 57 109.18 -14.32 -19.28
C PRO K 57 110.47 -13.73 -18.68
N ALA K 58 110.87 -12.54 -19.14
CA ALA K 58 112.08 -11.81 -18.70
C ALA K 58 111.97 -11.45 -17.21
N GLU K 59 110.84 -10.88 -16.80
CA GLU K 59 110.55 -10.50 -15.39
C GLU K 59 110.66 -11.74 -14.51
N LEU K 60 110.06 -12.85 -14.96
CA LEU K 60 110.03 -14.17 -14.28
C LEU K 60 111.47 -14.57 -13.92
N VAL K 61 112.35 -14.64 -14.92
CA VAL K 61 113.79 -14.99 -14.75
C VAL K 61 114.42 -13.92 -13.86
N GLY K 62 114.00 -12.66 -14.02
CA GLY K 62 114.31 -11.55 -13.08
C GLY K 62 114.11 -11.96 -11.64
N LYS K 63 112.87 -12.31 -11.26
CA LYS K 63 112.47 -12.69 -9.88
C LYS K 63 113.35 -13.84 -9.37
N PHE K 64 113.68 -14.80 -10.25
CA PHE K 64 114.49 -16.01 -9.90
C PHE K 64 115.93 -15.59 -9.55
N LEU K 65 116.55 -14.76 -10.39
CA LEU K 65 117.89 -14.16 -10.12
C LEU K 65 117.86 -13.51 -8.73
N GLY K 66 116.84 -12.70 -8.45
CA GLY K 66 116.63 -11.98 -7.18
C GLY K 66 116.49 -12.91 -5.99
N TYR K 67 115.69 -13.99 -6.13
CA TYR K 67 115.51 -15.02 -5.08
C TYR K 67 116.85 -15.72 -4.81
N VAL K 68 117.49 -16.26 -5.86
CA VAL K 68 118.76 -17.06 -5.76
C VAL K 68 119.88 -16.18 -5.19
N SER K 69 119.92 -14.89 -5.54
CA SER K 69 120.89 -13.87 -5.04
C SER K 69 120.75 -13.69 -3.53
N SER K 70 119.53 -13.74 -3.01
CA SER K 70 119.21 -13.55 -1.56
C SER K 70 119.79 -14.71 -0.74
N LEU K 71 119.98 -15.90 -1.34
CA LEU K 71 120.55 -17.09 -0.66
C LEU K 71 122.07 -17.21 -0.90
N VAL K 72 122.71 -16.19 -1.49
CA VAL K 72 124.16 -16.22 -1.85
C VAL K 72 124.92 -15.20 -0.98
N GLU K 73 126.14 -15.57 -0.56
CA GLU K 73 127.08 -14.77 0.27
C GLU K 73 128.02 -13.98 -0.64
N PRO K 74 128.26 -12.67 -0.38
CA PRO K 74 128.95 -11.80 -1.34
C PRO K 74 130.49 -11.95 -1.43
N SER K 75 131.15 -12.41 -0.36
CA SER K 75 132.62 -12.67 -0.34
C SER K 75 132.91 -14.15 -0.68
N LYS K 76 132.42 -15.10 0.12
CA LYS K 76 132.67 -16.56 -0.06
C LYS K 76 131.69 -17.15 -1.09
N VAL K 77 131.96 -18.39 -1.54
CA VAL K 77 131.18 -19.14 -2.57
C VAL K 77 130.51 -20.35 -1.89
N GLY K 78 129.18 -20.34 -1.80
CA GLY K 78 128.34 -21.50 -1.45
C GLY K 78 127.95 -22.27 -2.69
N GLN K 79 126.86 -23.03 -2.63
CA GLN K 79 126.47 -24.11 -3.58
C GLN K 79 125.60 -23.52 -4.71
N PHE K 80 125.00 -22.35 -4.46
CA PHE K 80 123.96 -21.76 -5.35
C PHE K 80 124.65 -20.91 -6.43
N ASP K 81 125.98 -20.76 -6.34
CA ASP K 81 126.76 -19.80 -7.18
C ASP K 81 126.81 -20.31 -8.62
N GLN K 82 127.07 -21.60 -8.84
CA GLN K 82 127.13 -22.24 -10.18
C GLN K 82 125.78 -22.14 -10.90
N VAL K 83 124.67 -22.11 -10.15
CA VAL K 83 123.27 -21.99 -10.67
C VAL K 83 123.02 -20.54 -11.08
N LEU K 84 123.27 -19.58 -10.16
CA LEU K 84 123.09 -18.12 -10.38
C LEU K 84 123.77 -17.74 -11.71
N ASN K 85 125.03 -18.15 -11.87
CA ASN K 85 125.90 -17.81 -13.03
C ASN K 85 125.28 -18.29 -14.34
N LEU K 86 124.63 -19.47 -14.34
CA LEU K 86 123.97 -20.07 -15.54
C LEU K 86 122.67 -19.30 -15.85
N CYS K 87 121.88 -18.95 -14.82
CA CYS K 87 120.64 -18.13 -14.96
C CYS K 87 121.00 -16.77 -15.56
N LEU K 88 122.04 -16.12 -15.04
CA LEU K 88 122.58 -14.85 -15.58
C LEU K 88 122.91 -15.05 -17.06
N THR K 89 123.80 -16.00 -17.37
CA THR K 89 124.26 -16.31 -18.75
C THR K 89 123.02 -16.51 -19.64
N GLU K 90 122.01 -17.26 -19.17
CA GLU K 90 120.77 -17.57 -19.94
C GLU K 90 119.95 -16.28 -20.12
N PHE K 91 119.79 -15.49 -19.05
CA PHE K 91 119.06 -14.19 -19.05
C PHE K 91 119.71 -13.22 -20.05
N GLU K 92 121.03 -13.08 -19.95
CA GLU K 92 121.84 -12.14 -20.77
C GLU K 92 121.68 -12.48 -22.26
N ASN K 93 121.61 -13.78 -22.59
CA ASN K 93 121.51 -14.27 -24.00
C ASN K 93 120.09 -14.03 -24.53
N CYS K 94 119.06 -14.50 -23.80
CA CYS K 94 117.65 -14.54 -24.29
C CYS K 94 117.02 -13.14 -24.31
N TYR K 95 117.42 -12.23 -23.42
CA TYR K 95 116.62 -11.02 -23.08
C TYR K 95 117.42 -9.73 -23.26
N LEU K 96 118.71 -9.69 -22.91
CA LEU K 96 119.56 -8.47 -23.05
C LEU K 96 120.11 -8.37 -24.48
N GLU K 97 120.57 -9.49 -25.04
CA GLU K 97 121.18 -9.57 -26.40
C GLU K 97 122.34 -8.57 -26.48
N GLY K 98 123.20 -8.54 -25.46
CA GLY K 98 124.39 -7.67 -25.39
C GLY K 98 124.06 -6.24 -25.00
N ASN K 99 122.78 -5.84 -25.02
CA ASN K 99 122.33 -4.46 -24.65
C ASN K 99 122.34 -4.33 -23.13
N ASP K 100 122.09 -3.12 -22.62
CA ASP K 100 122.06 -2.83 -21.17
C ASP K 100 120.70 -3.23 -20.58
N ILE K 101 120.65 -3.55 -19.29
CA ILE K 101 119.39 -3.88 -18.53
C ILE K 101 118.33 -2.79 -18.73
N HIS K 102 118.73 -1.52 -18.71
CA HIS K 102 117.83 -0.35 -18.80
C HIS K 102 117.13 -0.33 -20.17
N ALA K 103 117.84 -0.70 -21.23
CA ALA K 103 117.30 -0.75 -22.61
C ALA K 103 116.20 -1.81 -22.68
N LEU K 104 116.40 -2.95 -22.02
CA LEU K 104 115.37 -4.03 -21.92
C LEU K 104 114.17 -3.48 -21.15
N ALA K 105 114.42 -2.88 -19.99
CA ALA K 105 113.36 -2.32 -19.10
C ALA K 105 112.43 -1.40 -19.90
N ALA K 106 112.98 -0.60 -20.82
CA ALA K 106 112.23 0.38 -21.64
C ALA K 106 111.43 -0.34 -22.75
N LYS K 107 111.95 -1.42 -23.35
CA LYS K 107 111.18 -2.26 -24.29
C LYS K 107 109.89 -2.69 -23.59
N LEU K 108 110.02 -3.32 -22.42
CA LEU K 108 108.90 -3.94 -21.68
C LEU K 108 107.84 -2.87 -21.38
N LEU K 109 108.24 -1.62 -21.14
CA LEU K 109 107.31 -0.51 -20.80
C LEU K 109 106.43 -0.15 -22.02
N GLN K 110 107.01 0.15 -23.18
CA GLN K 110 106.25 0.53 -24.40
C GLN K 110 105.64 -0.75 -25.01
N GLU K 111 106.41 -1.84 -25.12
CA GLU K 111 105.98 -3.06 -25.88
C GLU K 111 104.93 -3.85 -25.09
N ASN K 112 105.20 -4.22 -23.83
CA ASN K 112 104.31 -5.06 -22.99
C ASN K 112 103.53 -4.16 -22.02
N ASP K 113 102.75 -4.76 -21.10
CA ASP K 113 102.07 -4.01 -20.00
C ASP K 113 102.72 -4.44 -18.69
N THR K 114 104.00 -4.10 -18.52
CA THR K 114 104.69 -4.07 -17.20
C THR K 114 104.53 -2.64 -16.68
N THR K 115 104.47 -2.45 -15.35
CA THR K 115 104.45 -1.12 -14.68
C THR K 115 105.90 -0.68 -14.39
N LEU K 116 106.08 0.61 -14.06
CA LEU K 116 107.38 1.21 -13.63
C LEU K 116 107.97 0.34 -12.52
N VAL K 117 107.19 0.13 -11.47
CA VAL K 117 107.60 -0.51 -10.19
C VAL K 117 108.10 -1.94 -10.48
N LYS K 118 107.49 -2.62 -11.45
CA LYS K 118 107.85 -4.01 -11.86
C LYS K 118 109.18 -4.03 -12.64
N THR K 119 109.47 -2.90 -13.29
CA THR K 119 110.69 -2.66 -14.10
C THR K 119 111.86 -2.31 -13.16
N LYS K 120 111.64 -1.39 -12.21
CA LYS K 120 112.63 -1.04 -11.15
C LYS K 120 113.00 -2.31 -10.38
N GLU K 121 112.04 -3.24 -10.19
CA GLU K 121 112.31 -4.56 -9.56
C GLU K 121 113.22 -5.39 -10.48
N LEU K 122 112.93 -5.43 -11.80
CA LEU K 122 113.74 -6.18 -12.79
C LEU K 122 115.20 -5.68 -12.76
N ILE K 123 115.39 -4.36 -12.82
CA ILE K 123 116.75 -3.73 -12.82
C ILE K 123 117.46 -4.14 -11.51
N LYS K 124 116.81 -3.94 -10.36
CA LYS K 124 117.33 -4.33 -9.02
C LYS K 124 117.82 -5.79 -9.09
N ASN K 125 116.95 -6.71 -9.49
CA ASN K 125 117.21 -8.18 -9.47
C ASN K 125 118.46 -8.52 -10.29
N TYR K 126 118.60 -7.96 -11.50
CA TYR K 126 119.71 -8.29 -12.45
C TYR K 126 121.04 -7.74 -11.94
N ILE K 127 121.05 -6.50 -11.43
CA ILE K 127 122.29 -5.82 -10.97
C ILE K 127 122.70 -6.46 -9.64
N THR K 128 121.77 -6.63 -8.69
CA THR K 128 122.02 -7.36 -7.42
C THR K 128 122.63 -8.72 -7.75
N ALA K 129 122.04 -9.43 -8.71
CA ALA K 129 122.48 -10.77 -9.18
C ALA K 129 123.93 -10.73 -9.65
N ARG K 130 124.28 -9.74 -10.49
CA ARG K 130 125.64 -9.62 -11.09
C ARG K 130 126.70 -9.50 -9.99
N ILE K 131 126.46 -8.68 -8.96
CA ILE K 131 127.47 -8.41 -7.89
C ILE K 131 127.56 -9.64 -6.98
N MET K 132 126.44 -10.17 -6.52
CA MET K 132 126.37 -11.36 -5.61
C MET K 132 126.98 -12.59 -6.29
N ALA K 133 127.00 -12.63 -7.63
CA ALA K 133 127.59 -13.73 -8.45
C ALA K 133 129.06 -13.45 -8.78
N LYS K 134 129.69 -12.49 -8.08
CA LYS K 134 131.11 -12.11 -8.21
C LYS K 134 131.44 -11.76 -9.67
N ARG K 135 130.50 -11.16 -10.41
CA ARG K 135 130.70 -10.77 -11.83
C ARG K 135 130.45 -9.27 -11.94
N PRO K 136 131.36 -8.40 -11.43
CA PRO K 136 131.16 -6.96 -11.46
C PRO K 136 131.26 -6.44 -12.90
N PHE K 137 130.97 -5.14 -13.11
CA PHE K 137 130.91 -4.50 -14.45
C PHE K 137 132.28 -3.94 -14.82
N ASP K 138 133.30 -4.80 -14.88
CA ASP K 138 134.70 -4.42 -15.22
C ASP K 138 134.82 -4.10 -16.71
N LYS K 139 134.20 -4.90 -17.60
CA LYS K 139 134.18 -4.65 -19.07
C LYS K 139 133.68 -3.22 -19.37
N LYS K 140 134.40 -2.48 -20.23
CA LYS K 140 133.97 -1.16 -20.78
C LYS K 140 132.74 -1.42 -21.65
N SER K 141 131.80 -0.47 -21.68
CA SER K 141 130.43 -0.61 -22.26
C SER K 141 130.44 -0.31 -23.75
N ASN K 142 129.51 -0.90 -24.51
CA ASN K 142 129.33 -0.66 -25.96
C ASN K 142 128.33 0.48 -26.17
N SER K 143 128.14 1.36 -25.19
CA SER K 143 127.14 2.47 -25.25
C SER K 143 127.29 3.23 -26.57
N ALA K 144 126.19 3.36 -27.32
CA ALA K 144 126.15 4.03 -28.65
C ALA K 144 126.45 5.51 -28.49
N LEU K 145 125.94 6.13 -27.42
CA LEU K 145 126.21 7.57 -27.15
C LEU K 145 127.70 7.75 -26.94
N PHE K 146 128.30 6.93 -26.07
CA PHE K 146 129.71 7.11 -25.62
C PHE K 146 130.66 6.74 -26.76
N ARG K 147 130.35 5.73 -27.57
CA ARG K 147 131.10 5.41 -28.81
C ARG K 147 131.15 6.66 -29.69
N ALA K 148 130.03 7.37 -29.82
CA ALA K 148 129.86 8.52 -30.76
C ALA K 148 130.66 9.73 -30.28
N VAL K 149 130.66 10.04 -28.98
CA VAL K 149 131.49 11.15 -28.42
C VAL K 149 132.96 10.70 -28.52
N GLY K 150 133.20 9.39 -28.41
CA GLY K 150 134.49 8.73 -28.70
C GLY K 150 135.01 9.09 -30.08
N GLU K 151 134.17 9.03 -31.10
CA GLU K 151 134.53 9.30 -32.53
C GLU K 151 134.41 10.79 -32.84
N GLY K 152 133.96 11.62 -31.90
CA GLY K 152 133.77 13.06 -32.07
C GLY K 152 132.59 13.42 -32.96
N ASN K 153 131.51 12.62 -32.93
CA ASN K 153 130.20 12.93 -33.57
C ASN K 153 129.21 13.43 -32.51
N ALA K 154 129.69 13.59 -31.27
CA ALA K 154 128.89 13.97 -30.11
C ALA K 154 129.80 14.59 -29.05
N GLN K 155 129.25 15.42 -28.18
CA GLN K 155 129.96 15.98 -27.00
C GLN K 155 128.92 16.19 -25.89
N LEU K 156 129.28 15.83 -24.66
CA LEU K 156 128.40 15.86 -23.47
C LEU K 156 128.79 17.06 -22.60
N VAL K 157 127.81 17.76 -22.06
CA VAL K 157 128.00 18.57 -20.82
C VAL K 157 127.13 17.92 -19.75
N ALA K 158 127.67 17.80 -18.54
CA ALA K 158 126.98 17.27 -17.35
C ALA K 158 126.42 18.45 -16.56
N ILE K 159 125.13 18.44 -16.28
CA ILE K 159 124.48 19.49 -15.44
C ILE K 159 123.91 18.82 -14.18
N PHE K 160 123.87 19.58 -13.10
CA PHE K 160 123.44 19.13 -11.76
C PHE K 160 122.37 20.07 -11.25
N GLY K 161 121.22 19.49 -10.93
CA GLY K 161 120.04 20.22 -10.45
C GLY K 161 120.30 20.83 -9.09
N GLY K 162 119.41 21.74 -8.68
CA GLY K 162 119.44 22.38 -7.36
C GLY K 162 118.20 22.02 -6.57
N GLN K 163 117.89 22.85 -5.57
CA GLN K 163 116.69 22.67 -4.73
C GLN K 163 115.45 23.06 -5.55
N GLY K 164 114.29 22.48 -5.21
CA GLY K 164 112.98 23.01 -5.63
C GLY K 164 112.41 22.30 -6.86
N ASN K 165 112.98 21.17 -7.28
CA ASN K 165 112.56 20.47 -8.52
C ASN K 165 111.28 19.66 -8.22
N THR K 166 111.15 19.05 -7.04
CA THR K 166 109.89 18.38 -6.55
C THR K 166 109.74 18.56 -5.03
N ASP K 167 108.53 18.32 -4.50
CA ASP K 167 108.25 18.45 -3.04
C ASP K 167 108.74 17.20 -2.28
N ASP K 168 109.05 16.13 -3.00
CA ASP K 168 109.34 14.81 -2.39
C ASP K 168 110.73 14.34 -2.83
N TYR K 169 111.77 15.15 -2.61
CA TYR K 169 113.13 14.88 -3.15
C TYR K 169 113.68 13.58 -2.58
N PHE K 170 113.42 13.30 -1.29
CA PHE K 170 114.04 12.18 -0.54
C PHE K 170 113.65 10.85 -1.17
N GLU K 171 112.52 10.78 -1.87
CA GLU K 171 112.05 9.51 -2.49
C GLU K 171 113.04 9.12 -3.59
N GLU K 172 113.66 10.09 -4.27
CA GLU K 172 114.65 9.81 -5.34
C GLU K 172 115.84 9.06 -4.70
N LEU K 173 116.23 9.42 -3.48
CA LEU K 173 117.30 8.73 -2.72
C LEU K 173 116.84 7.31 -2.40
N ARG K 174 115.66 7.15 -1.81
CA ARG K 174 115.08 5.81 -1.53
C ARG K 174 115.23 4.91 -2.75
N ASP K 175 114.75 5.40 -3.90
CA ASP K 175 114.72 4.66 -5.20
C ASP K 175 116.13 4.16 -5.53
N LEU K 176 117.15 5.03 -5.39
CA LEU K 176 118.58 4.69 -5.64
C LEU K 176 119.00 3.56 -4.68
N TYR K 177 118.86 3.79 -3.37
CA TYR K 177 119.28 2.87 -2.29
C TYR K 177 118.59 1.51 -2.48
N GLN K 178 117.29 1.51 -2.82
CA GLN K 178 116.48 0.27 -2.95
C GLN K 178 116.84 -0.43 -4.27
N THR K 179 116.84 0.28 -5.40
CA THR K 179 117.05 -0.30 -6.75
C THR K 179 118.52 -0.71 -6.88
N TYR K 180 119.47 0.23 -6.72
CA TYR K 180 120.90 0.07 -7.08
C TYR K 180 121.77 -0.05 -5.82
N HIS K 181 121.33 -0.82 -4.82
CA HIS K 181 122.05 -0.92 -3.52
C HIS K 181 123.52 -1.33 -3.73
N VAL K 182 123.72 -2.39 -4.51
CA VAL K 182 125.05 -3.04 -4.71
C VAL K 182 126.02 -2.04 -5.34
N LEU K 183 125.54 -1.03 -6.06
CA LEU K 183 126.40 -0.02 -6.76
C LEU K 183 126.66 1.18 -5.85
N VAL K 184 125.65 1.60 -5.10
CA VAL K 184 125.60 2.94 -4.47
C VAL K 184 125.64 2.85 -2.93
N GLY K 185 125.38 1.66 -2.36
CA GLY K 185 125.35 1.41 -0.90
C GLY K 185 126.57 1.95 -0.18
N ASP K 186 127.77 1.62 -0.66
CA ASP K 186 129.08 2.12 -0.13
C ASP K 186 129.05 3.65 -0.05
N LEU K 187 128.60 4.34 -1.11
CA LEU K 187 128.58 5.83 -1.22
C LEU K 187 127.61 6.44 -0.20
N ILE K 188 126.40 5.91 -0.10
CA ILE K 188 125.36 6.36 0.88
C ILE K 188 125.97 6.23 2.29
N LYS K 189 126.49 5.05 2.60
CA LYS K 189 127.07 4.69 3.93
C LYS K 189 128.18 5.69 4.26
N PHE K 190 129.11 5.93 3.32
CA PHE K 190 130.21 6.91 3.48
C PHE K 190 129.63 8.30 3.76
N SER K 191 128.67 8.74 2.96
CA SER K 191 128.03 10.09 3.06
C SER K 191 127.40 10.25 4.45
N ALA K 192 126.66 9.25 4.92
CA ALA K 192 126.01 9.24 6.25
C ALA K 192 127.08 9.42 7.33
N GLU K 193 128.09 8.56 7.32
CA GLU K 193 129.19 8.55 8.34
C GLU K 193 129.91 9.89 8.30
N THR K 194 130.16 10.43 7.10
CA THR K 194 130.83 11.75 6.90
C THR K 194 130.02 12.84 7.60
N LEU K 195 128.70 12.87 7.38
CA LEU K 195 127.79 13.90 7.94
C LEU K 195 127.70 13.76 9.48
N SER K 196 127.55 12.54 10.03
CA SER K 196 127.55 12.29 11.50
C SER K 196 128.77 12.98 12.13
N GLU K 197 129.93 12.78 11.52
CA GLU K 197 131.25 13.34 11.95
C GLU K 197 131.22 14.87 11.84
N LEU K 198 130.76 15.40 10.70
CA LEU K 198 130.60 16.86 10.49
C LEU K 198 129.83 17.46 11.68
N ILE K 199 128.78 16.78 12.15
CA ILE K 199 127.93 17.24 13.29
C ILE K 199 128.76 17.26 14.57
N ARG K 200 129.34 16.12 14.97
CA ARG K 200 130.19 16.02 16.18
C ARG K 200 131.23 17.16 16.20
N THR K 201 132.02 17.30 15.11
CA THR K 201 133.11 18.30 14.91
C THR K 201 132.62 19.74 15.05
N THR K 202 131.49 20.08 14.43
CA THR K 202 131.02 21.48 14.24
C THR K 202 130.24 21.93 15.48
N LEU K 203 130.49 23.15 15.96
CA LEU K 203 130.15 23.58 17.34
C LEU K 203 128.67 23.30 17.62
N ASP K 204 127.75 24.10 17.08
CA ASP K 204 126.32 24.08 17.52
C ASP K 204 125.48 23.32 16.49
N ALA K 205 126.07 22.32 15.83
CA ALA K 205 125.46 21.60 14.69
C ALA K 205 124.17 20.90 15.14
N GLU K 206 124.20 20.15 16.24
CA GLU K 206 123.04 19.34 16.71
C GLU K 206 121.82 20.23 16.95
N LYS K 207 122.01 21.50 17.32
CA LYS K 207 120.89 22.48 17.56
C LYS K 207 120.07 22.68 16.28
N VAL K 208 120.64 22.36 15.11
CA VAL K 208 119.97 22.48 13.78
C VAL K 208 119.31 21.13 13.42
N PHE K 209 120.02 20.02 13.63
CA PHE K 209 119.56 18.64 13.29
C PHE K 209 118.72 18.08 14.45
N THR K 210 117.58 18.73 14.72
CA THR K 210 116.69 18.52 15.89
C THR K 210 116.23 17.06 15.97
N GLN K 211 116.09 16.37 14.83
CA GLN K 211 115.64 14.95 14.72
C GLN K 211 116.77 14.08 14.13
N GLY K 212 118.03 14.42 14.41
CA GLY K 212 119.23 13.68 13.97
C GLY K 212 119.37 13.69 12.45
N LEU K 213 120.29 12.89 11.93
CA LEU K 213 120.55 12.74 10.47
C LEU K 213 120.95 11.28 10.22
N ASN K 214 120.30 10.35 10.91
CA ASN K 214 120.58 8.90 10.82
C ASN K 214 119.95 8.38 9.53
N ILE K 215 120.57 8.68 8.39
CA ILE K 215 119.90 8.54 7.06
C ILE K 215 119.82 7.05 6.73
N LEU K 216 120.78 6.25 7.19
CA LEU K 216 120.80 4.79 6.94
C LEU K 216 119.55 4.16 7.58
N GLU K 217 119.17 4.59 8.78
CA GLU K 217 117.95 4.13 9.49
C GLU K 217 116.71 4.53 8.68
N TRP K 218 116.68 5.75 8.14
CA TRP K 218 115.52 6.31 7.39
C TRP K 218 115.25 5.43 6.16
N LEU K 219 116.32 5.04 5.44
CA LEU K 219 116.22 4.26 4.19
C LEU K 219 115.80 2.82 4.50
N GLU K 220 116.27 2.27 5.62
CA GLU K 220 115.94 0.88 6.08
C GLU K 220 114.49 0.80 6.53
N ASN K 221 114.08 1.68 7.44
CA ASN K 221 112.72 1.72 8.06
C ASN K 221 112.04 3.02 7.69
N PRO K 222 111.25 3.06 6.58
CA PRO K 222 110.48 4.24 6.21
C PRO K 222 109.72 4.85 7.41
N SER K 223 109.15 3.99 8.27
CA SER K 223 108.39 4.38 9.49
C SER K 223 109.24 5.25 10.44
N ASN K 224 110.57 5.19 10.35
CA ASN K 224 111.50 5.96 11.24
C ASN K 224 112.02 7.22 10.55
N THR K 225 111.51 7.56 9.36
CA THR K 225 111.87 8.79 8.59
C THR K 225 111.16 9.98 9.21
N PRO K 226 111.86 11.10 9.50
CA PRO K 226 111.18 12.34 9.88
C PRO K 226 110.18 12.82 8.83
N ASP K 227 109.29 13.74 9.23
CA ASP K 227 108.26 14.38 8.35
C ASP K 227 108.97 15.14 7.22
N LYS K 228 108.25 15.46 6.14
CA LYS K 228 108.85 16.08 4.92
C LYS K 228 109.37 17.49 5.22
N ASP K 229 108.83 18.18 6.22
CA ASP K 229 109.29 19.54 6.62
C ASP K 229 110.74 19.49 7.09
N TYR K 230 111.06 18.55 7.98
CA TYR K 230 112.44 18.34 8.49
C TYR K 230 113.34 17.99 7.31
N LEU K 231 112.96 16.99 6.52
CA LEU K 231 113.73 16.51 5.33
C LEU K 231 114.01 17.66 4.35
N LEU K 232 113.11 18.63 4.23
CA LEU K 232 113.23 19.65 3.15
C LEU K 232 114.08 20.82 3.62
N SER K 233 114.21 21.02 4.95
CA SER K 233 115.00 22.15 5.52
C SER K 233 116.45 21.95 5.11
N ILE K 234 117.13 23.02 4.70
CA ILE K 234 118.37 22.96 3.89
C ILE K 234 119.50 22.21 4.62
N PRO K 235 119.66 22.31 5.97
CA PRO K 235 120.78 21.68 6.64
C PRO K 235 120.87 20.18 6.35
N ILE K 236 119.75 19.56 6.00
CA ILE K 236 119.70 18.09 5.74
C ILE K 236 119.43 17.86 4.23
N SER K 237 118.69 18.74 3.56
CA SER K 237 118.31 18.56 2.13
C SER K 237 119.48 18.92 1.22
N CYS K 238 120.25 19.98 1.53
CA CYS K 238 121.44 20.41 0.73
C CYS K 238 122.37 19.22 0.53
N PRO K 239 123.00 18.69 1.60
CA PRO K 239 123.93 17.58 1.46
C PRO K 239 123.27 16.40 0.74
N LEU K 240 122.06 16.03 1.15
CA LEU K 240 121.37 14.80 0.70
C LEU K 240 121.03 14.89 -0.80
N ILE K 241 120.71 16.07 -1.32
CA ILE K 241 120.52 16.25 -2.78
C ILE K 241 121.85 15.94 -3.46
N GLY K 242 122.94 16.54 -2.97
CA GLY K 242 124.32 16.25 -3.40
C GLY K 242 124.60 14.75 -3.47
N VAL K 243 124.14 14.00 -2.46
CA VAL K 243 124.30 12.51 -2.40
C VAL K 243 123.52 11.87 -3.56
N ILE K 244 122.31 12.33 -3.84
CA ILE K 244 121.46 11.80 -4.97
C ILE K 244 122.24 11.98 -6.28
N GLN K 245 122.78 13.18 -6.53
CA GLN K 245 123.48 13.50 -7.79
C GLN K 245 124.73 12.61 -7.86
N LEU K 246 125.53 12.59 -6.80
CA LEU K 246 126.76 11.76 -6.72
C LEU K 246 126.41 10.29 -6.98
N ALA K 247 125.27 9.80 -6.48
CA ALA K 247 124.83 8.40 -6.61
C ALA K 247 124.47 8.10 -8.07
N HIS K 248 123.70 8.98 -8.72
CA HIS K 248 123.34 8.86 -10.15
C HIS K 248 124.62 8.86 -11.00
N TYR K 249 125.59 9.68 -10.64
CA TYR K 249 126.90 9.74 -11.34
C TYR K 249 127.59 8.38 -11.25
N VAL K 250 127.59 7.79 -10.05
CA VAL K 250 128.16 6.44 -9.79
C VAL K 250 127.46 5.39 -10.66
N VAL K 251 126.14 5.19 -10.55
CA VAL K 251 125.44 4.10 -11.31
C VAL K 251 125.79 4.29 -12.78
N THR K 252 125.85 5.54 -13.24
CA THR K 252 126.11 5.93 -14.66
C THR K 252 127.52 5.43 -15.02
N ALA K 253 128.52 5.73 -14.20
CA ALA K 253 129.92 5.28 -14.39
C ALA K 253 129.99 3.75 -14.34
N LYS K 254 129.51 3.13 -13.25
CA LYS K 254 129.69 1.68 -12.99
C LYS K 254 129.10 0.86 -14.13
N LEU K 255 127.94 1.25 -14.66
CA LEU K 255 127.21 0.52 -15.74
C LEU K 255 127.91 0.73 -17.08
N LEU K 256 128.56 1.88 -17.32
CA LEU K 256 129.36 2.13 -18.54
C LEU K 256 130.71 1.41 -18.44
N GLY K 257 131.00 0.79 -17.30
CA GLY K 257 132.29 0.14 -17.01
C GLY K 257 133.42 1.15 -16.89
N PHE K 258 133.09 2.35 -16.41
CA PHE K 258 134.03 3.49 -16.27
C PHE K 258 134.36 3.66 -14.79
N THR K 259 135.50 4.30 -14.55
CA THR K 259 135.84 4.97 -13.28
C THR K 259 135.21 6.35 -13.36
N PRO K 260 135.04 7.06 -12.22
CA PRO K 260 134.52 8.43 -12.24
C PRO K 260 135.29 9.33 -13.21
N GLY K 261 136.63 9.30 -13.14
CA GLY K 261 137.52 10.11 -13.99
C GLY K 261 137.36 9.77 -15.46
N GLU K 262 137.20 8.48 -15.78
CA GLU K 262 136.99 7.99 -17.17
C GLU K 262 135.72 8.64 -17.73
N LEU K 263 134.62 8.61 -16.96
CA LEU K 263 133.36 9.29 -17.30
C LEU K 263 133.65 10.78 -17.52
N ARG K 264 134.21 11.47 -16.53
CA ARG K 264 134.34 12.95 -16.62
C ARG K 264 135.27 13.32 -17.77
N SER K 265 136.15 12.42 -18.20
CA SER K 265 137.05 12.65 -19.36
C SER K 265 136.20 12.87 -20.62
N TYR K 266 135.08 12.14 -20.75
CA TYR K 266 134.17 12.17 -21.94
C TYR K 266 133.33 13.46 -21.99
N LEU K 267 133.37 14.27 -20.92
CA LEU K 267 132.59 15.52 -20.79
C LEU K 267 133.38 16.69 -21.39
N LYS K 268 132.78 17.46 -22.31
CA LYS K 268 133.33 18.77 -22.77
C LYS K 268 133.40 19.75 -21.58
N GLY K 269 132.46 19.67 -20.65
CA GLY K 269 132.39 20.57 -19.49
C GLY K 269 131.32 20.12 -18.50
N ALA K 270 131.07 20.92 -17.45
CA ALA K 270 130.03 20.63 -16.44
C ALA K 270 129.64 21.92 -15.71
N THR K 271 128.40 22.00 -15.25
CA THR K 271 127.91 23.09 -14.37
C THR K 271 126.67 22.60 -13.62
N GLY K 272 126.16 23.44 -12.73
CA GLY K 272 124.98 23.16 -11.89
C GLY K 272 124.14 24.40 -11.67
N HIS K 273 122.84 24.17 -11.50
CA HIS K 273 121.81 25.17 -11.12
C HIS K 273 121.83 25.29 -9.60
N SER K 274 121.98 26.50 -9.08
CA SER K 274 121.99 26.76 -7.61
C SER K 274 123.10 25.88 -7.01
N GLN K 275 122.76 24.94 -6.10
CA GLN K 275 123.71 24.13 -5.27
C GLN K 275 124.22 22.91 -6.05
N GLY K 276 123.78 22.74 -7.29
CA GLY K 276 124.30 21.71 -8.20
C GLY K 276 125.72 22.05 -8.61
N LEU K 277 126.04 23.35 -8.60
CA LEU K 277 127.40 23.88 -8.95
C LEU K 277 128.45 23.13 -8.13
N VAL K 278 128.15 22.86 -6.86
CA VAL K 278 129.10 22.16 -5.96
C VAL K 278 129.42 20.79 -6.55
N THR K 279 128.42 19.96 -6.84
CA THR K 279 128.69 18.57 -7.27
C THR K 279 129.26 18.60 -8.70
N ALA K 280 129.11 19.70 -9.44
CA ALA K 280 129.70 19.87 -10.79
C ALA K 280 131.23 19.96 -10.68
N VAL K 281 131.73 20.87 -9.84
CA VAL K 281 133.19 21.12 -9.68
C VAL K 281 133.83 19.87 -9.05
N ALA K 282 133.13 19.22 -8.12
CA ALA K 282 133.64 18.01 -7.41
C ALA K 282 133.85 16.86 -8.41
N ILE K 283 132.95 16.75 -9.39
CA ILE K 283 133.01 15.74 -10.48
C ILE K 283 134.24 16.00 -11.36
N ALA K 284 134.59 17.27 -11.59
CA ALA K 284 135.69 17.68 -12.50
C ALA K 284 137.03 17.16 -11.97
N GLU K 285 137.22 17.14 -10.64
CA GLU K 285 138.47 16.69 -9.97
C GLU K 285 138.59 15.17 -9.97
N THR K 286 137.48 14.47 -10.20
CA THR K 286 137.32 13.02 -9.98
C THR K 286 138.30 12.25 -10.88
N ASP K 287 138.66 11.03 -10.51
CA ASP K 287 139.75 10.26 -11.15
C ASP K 287 139.47 8.75 -11.02
N SER K 288 140.08 8.05 -10.06
CA SER K 288 139.83 6.60 -9.81
C SER K 288 138.83 6.42 -8.66
N TRP K 289 138.35 5.19 -8.47
CA TRP K 289 137.46 4.82 -7.34
C TRP K 289 138.17 5.04 -6.01
N GLU K 290 139.43 4.60 -5.90
CA GLU K 290 140.26 4.74 -4.67
C GLU K 290 140.26 6.20 -4.19
N SER K 291 140.25 7.16 -5.12
CA SER K 291 140.34 8.63 -4.82
C SER K 291 139.00 9.31 -5.07
N PHE K 292 137.90 8.55 -5.09
CA PHE K 292 136.55 9.10 -5.37
C PHE K 292 136.00 9.73 -4.09
N PHE K 293 136.10 9.00 -2.98
CA PHE K 293 135.46 9.37 -1.67
C PHE K 293 136.08 10.66 -1.14
N VAL K 294 137.26 11.07 -1.61
CA VAL K 294 137.85 12.40 -1.25
C VAL K 294 137.04 13.48 -1.97
N SER K 295 136.69 13.29 -3.23
CA SER K 295 135.84 14.23 -4.02
C SER K 295 134.43 14.27 -3.40
N VAL K 296 133.88 13.11 -3.05
CA VAL K 296 132.55 12.97 -2.37
C VAL K 296 132.61 13.78 -1.09
N ARG K 297 133.59 13.51 -0.22
CA ARG K 297 133.77 14.27 1.04
C ARG K 297 133.69 15.76 0.67
N LYS K 298 134.56 16.25 -0.21
CA LYS K 298 134.66 17.69 -0.56
C LYS K 298 133.25 18.25 -0.81
N ALA K 299 132.50 17.64 -1.73
CA ALA K 299 131.16 18.11 -2.16
C ALA K 299 130.23 18.23 -0.96
N ILE K 300 130.02 17.13 -0.23
CA ILE K 300 128.93 17.04 0.78
C ILE K 300 129.33 17.81 2.05
N THR K 301 130.61 18.14 2.26
CA THR K 301 131.01 19.01 3.41
C THR K 301 130.80 20.48 2.99
N VAL K 302 130.87 20.82 1.70
CA VAL K 302 130.47 22.18 1.21
C VAL K 302 128.97 22.31 1.45
N LEU K 303 128.19 21.40 0.86
CA LEU K 303 126.70 21.41 0.91
C LEU K 303 126.23 21.46 2.37
N PHE K 304 126.88 20.73 3.27
CA PHE K 304 126.54 20.66 4.72
C PHE K 304 126.64 22.05 5.32
N PHE K 305 127.76 22.74 5.14
CA PHE K 305 128.01 24.07 5.74
C PHE K 305 127.11 25.11 5.08
N ILE K 306 126.90 25.04 3.77
CA ILE K 306 125.93 25.91 3.04
C ILE K 306 124.57 25.82 3.77
N GLY K 307 124.06 24.59 3.91
CA GLY K 307 122.84 24.27 4.67
C GLY K 307 122.87 24.87 6.08
N VAL K 308 123.80 24.42 6.91
CA VAL K 308 123.82 24.77 8.37
C VAL K 308 123.89 26.30 8.52
N ARG K 309 124.77 26.96 7.79
CA ARG K 309 125.03 28.41 7.99
C ARG K 309 123.89 29.24 7.41
N CYS K 310 123.36 28.86 6.24
CA CYS K 310 122.26 29.58 5.55
C CYS K 310 120.94 29.41 6.33
N TYR K 311 120.80 28.31 7.06
CA TYR K 311 119.62 28.09 7.95
C TYR K 311 119.76 29.04 9.14
N GLU K 312 120.89 28.98 9.84
CA GLU K 312 121.21 29.85 11.00
C GLU K 312 121.01 31.31 10.63
N ALA K 313 121.30 31.69 9.38
CA ALA K 313 121.22 33.08 8.87
C ALA K 313 119.75 33.51 8.75
N TYR K 314 118.92 32.69 8.11
CA TYR K 314 117.46 32.94 7.93
C TYR K 314 116.68 31.65 8.16
N PRO K 315 116.46 31.24 9.44
CA PRO K 315 115.70 30.04 9.76
C PRO K 315 114.21 30.28 9.50
N ASN K 316 113.49 29.28 9.00
CA ASN K 316 112.10 29.45 8.53
C ASN K 316 111.17 29.34 9.75
N THR K 317 110.33 30.34 9.97
CA THR K 317 109.43 30.47 11.15
C THR K 317 107.99 30.14 10.76
N SER K 318 107.13 29.96 11.77
CA SER K 318 105.67 29.77 11.65
C SER K 318 105.09 30.73 10.62
N LEU K 319 104.30 30.15 9.72
CA LEU K 319 103.52 30.86 8.68
C LEU K 319 102.13 31.17 9.21
N PRO K 320 101.71 32.47 9.27
CA PRO K 320 100.38 32.82 9.75
C PRO K 320 99.31 32.04 8.99
N PRO K 321 98.53 31.17 9.65
CA PRO K 321 97.58 30.30 8.95
C PRO K 321 96.66 31.00 7.93
N SER K 322 96.21 32.22 8.23
CA SER K 322 95.38 33.05 7.30
C SER K 322 96.06 33.09 5.94
N ILE K 323 97.33 33.48 5.91
CA ILE K 323 98.18 33.59 4.69
C ILE K 323 98.24 32.24 3.97
N LEU K 324 98.49 31.14 4.68
CA LEU K 324 98.57 29.77 4.09
C LEU K 324 97.22 29.44 3.44
N GLU K 325 96.13 29.51 4.20
CA GLU K 325 94.77 29.15 3.72
C GLU K 325 94.46 29.93 2.43
N ASP K 326 94.84 31.21 2.37
CA ASP K 326 94.52 32.11 1.22
C ASP K 326 95.33 31.66 0.00
N SER K 327 96.65 31.53 0.13
CA SER K 327 97.57 31.14 -0.97
C SER K 327 97.09 29.79 -1.54
N LEU K 328 96.64 28.87 -0.67
CA LEU K 328 96.18 27.51 -1.09
C LEU K 328 94.90 27.64 -1.90
N GLU K 329 93.91 28.41 -1.44
CA GLU K 329 92.60 28.49 -2.13
C GLU K 329 92.73 29.27 -3.45
N ASN K 330 93.82 30.03 -3.65
CA ASN K 330 94.11 30.76 -4.91
C ASN K 330 95.13 30.01 -5.76
N ASN K 331 95.29 28.70 -5.53
CA ASN K 331 96.12 27.78 -6.37
C ASN K 331 97.54 28.31 -6.54
N GLU K 332 97.95 29.33 -5.79
CA GLU K 332 99.38 29.63 -5.50
C GLU K 332 99.88 28.46 -4.64
N GLY K 333 101.13 28.46 -4.20
CA GLY K 333 101.69 27.31 -3.45
C GLY K 333 101.40 27.36 -1.96
N VAL K 334 102.06 26.46 -1.22
CA VAL K 334 102.39 26.63 0.22
C VAL K 334 103.51 27.66 0.29
N PRO K 335 103.24 28.88 0.80
CA PRO K 335 104.25 29.93 0.83
C PRO K 335 105.59 29.40 1.35
N SER K 336 106.65 29.79 0.64
CA SER K 336 108.06 29.41 0.87
C SER K 336 108.91 30.65 0.52
N PRO K 337 110.24 30.64 0.76
CA PRO K 337 111.07 31.81 0.48
C PRO K 337 111.50 31.99 -0.99
N MET K 338 111.02 31.14 -1.90
CA MET K 338 111.30 31.24 -3.36
C MET K 338 110.01 31.02 -4.15
N LEU K 339 109.72 31.95 -5.08
CA LEU K 339 108.44 32.07 -5.81
C LEU K 339 108.73 32.06 -7.31
N SER K 340 108.17 31.09 -8.04
CA SER K 340 108.39 30.90 -9.50
C SER K 340 107.30 31.63 -10.31
N ILE K 341 107.65 32.23 -11.45
CA ILE K 341 106.72 33.07 -12.29
C ILE K 341 106.93 32.77 -13.78
N SER K 342 106.08 31.90 -14.34
CA SER K 342 105.99 31.63 -15.80
C SER K 342 105.41 32.83 -16.53
N ASN K 343 105.88 33.05 -17.77
CA ASN K 343 105.18 33.76 -18.86
C ASN K 343 105.27 35.29 -18.69
N LEU K 344 106.18 35.77 -17.84
CA LEU K 344 106.49 37.21 -17.71
C LEU K 344 107.97 37.44 -18.05
N THR K 345 108.27 38.50 -18.80
CA THR K 345 109.62 39.06 -19.05
C THR K 345 110.33 39.27 -17.70
N GLN K 346 111.66 39.23 -17.72
CA GLN K 346 112.48 39.63 -16.55
C GLN K 346 112.15 41.08 -16.16
N GLU K 347 112.13 41.98 -17.14
CA GLU K 347 111.90 43.44 -16.90
C GLU K 347 110.46 43.62 -16.37
N GLN K 348 109.50 42.79 -16.81
CA GLN K 348 108.10 42.80 -16.31
C GLN K 348 108.11 42.45 -14.81
N VAL K 349 108.57 41.24 -14.46
CA VAL K 349 108.70 40.77 -13.05
C VAL K 349 109.39 41.85 -12.21
N GLN K 350 110.48 42.43 -12.70
CA GLN K 350 111.30 43.40 -11.93
C GLN K 350 110.45 44.63 -11.55
N ASP K 351 109.51 45.04 -12.42
CA ASP K 351 108.54 46.14 -12.12
C ASP K 351 107.74 45.79 -10.87
N TYR K 352 107.14 44.59 -10.86
CA TYR K 352 106.26 44.11 -9.77
C TYR K 352 107.04 44.01 -8.46
N VAL K 353 108.32 43.58 -8.49
CA VAL K 353 109.14 43.48 -7.25
C VAL K 353 109.46 44.92 -6.79
N ASN K 354 109.84 45.81 -7.71
CA ASN K 354 110.15 47.22 -7.39
C ASN K 354 108.97 47.84 -6.62
N LYS K 355 107.76 47.65 -7.15
CA LYS K 355 106.49 48.15 -6.56
C LYS K 355 106.31 47.55 -5.15
N THR K 356 106.25 46.22 -5.06
CA THR K 356 106.11 45.46 -3.78
C THR K 356 107.22 45.89 -2.80
N ASN K 357 108.46 46.01 -3.29
CA ASN K 357 109.66 46.37 -2.47
C ASN K 357 109.55 47.82 -1.95
N SER K 358 108.88 48.70 -2.70
CA SER K 358 108.84 50.16 -2.43
C SER K 358 108.23 50.43 -1.03
N HIS K 359 107.35 49.56 -0.54
CA HIS K 359 106.62 49.70 0.75
C HIS K 359 107.31 48.96 1.90
N LEU K 360 108.30 48.11 1.61
CA LEU K 360 108.97 47.23 2.62
C LEU K 360 110.34 47.81 2.98
N PRO K 361 110.79 47.67 4.25
CA PRO K 361 112.15 48.02 4.62
C PRO K 361 113.17 46.99 4.09
N ALA K 362 114.47 47.32 4.18
CA ALA K 362 115.61 46.55 3.63
C ALA K 362 115.46 45.06 3.94
N GLY K 363 115.28 44.73 5.22
CA GLY K 363 115.28 43.34 5.75
C GLY K 363 114.24 42.44 5.08
N LYS K 364 113.16 43.00 4.53
CA LYS K 364 111.98 42.24 4.04
C LYS K 364 111.83 42.37 2.52
N GLN K 365 112.81 42.98 1.83
CA GLN K 365 112.77 43.19 0.36
C GLN K 365 112.90 41.82 -0.34
N VAL K 366 112.38 41.70 -1.56
CA VAL K 366 112.52 40.48 -2.41
C VAL K 366 113.33 40.84 -3.65
N GLU K 367 114.10 39.89 -4.18
CA GLU K 367 114.92 40.09 -5.41
C GLU K 367 114.75 38.88 -6.34
N ILE K 368 114.89 39.10 -7.64
CA ILE K 368 114.96 38.03 -8.67
C ILE K 368 116.16 37.14 -8.34
N SER K 369 115.90 35.85 -8.12
CA SER K 369 116.87 34.84 -7.62
C SER K 369 117.49 34.09 -8.79
N LEU K 370 116.63 33.61 -9.70
CA LEU K 370 117.02 32.77 -10.85
C LEU K 370 116.41 33.37 -12.11
N VAL K 371 117.10 33.27 -13.25
CA VAL K 371 116.57 33.62 -14.60
C VAL K 371 116.71 32.36 -15.46
N ASN K 372 115.83 31.41 -15.21
CA ASN K 372 115.86 30.03 -15.77
C ASN K 372 115.64 30.09 -17.29
N GLY K 373 114.92 31.09 -17.79
CA GLY K 373 114.66 31.29 -19.24
C GLY K 373 114.11 32.67 -19.52
N ALA K 374 113.73 32.94 -20.77
CA ALA K 374 113.21 34.24 -21.23
C ALA K 374 112.04 34.67 -20.34
N LYS K 375 111.09 33.76 -20.14
CA LYS K 375 109.82 34.03 -19.44
C LYS K 375 109.63 32.99 -18.33
N ASN K 376 110.71 32.69 -17.62
CA ASN K 376 110.68 31.77 -16.45
C ASN K 376 111.65 32.31 -15.40
N LEU K 377 111.13 32.99 -14.38
CA LEU K 377 111.96 33.58 -13.30
C LEU K 377 111.52 33.02 -11.95
N VAL K 378 112.38 33.25 -10.95
CA VAL K 378 112.14 32.89 -9.53
C VAL K 378 112.59 34.09 -8.68
N VAL K 379 111.82 34.40 -7.64
CA VAL K 379 112.06 35.56 -6.73
C VAL K 379 112.23 35.00 -5.31
N SER K 380 113.23 35.48 -4.59
CA SER K 380 113.50 35.07 -3.20
C SER K 380 113.31 36.25 -2.25
N GLY K 381 112.93 35.92 -1.03
CA GLY K 381 112.76 36.85 0.09
C GLY K 381 111.95 36.19 1.19
N PRO K 382 111.53 36.94 2.23
CA PRO K 382 110.68 36.38 3.28
C PRO K 382 109.40 35.85 2.65
N PRO K 383 108.91 34.66 3.05
CA PRO K 383 107.68 34.12 2.48
C PRO K 383 106.51 35.13 2.52
N GLN K 384 106.42 35.94 3.59
CA GLN K 384 105.34 36.94 3.76
C GLN K 384 105.45 38.04 2.69
N SER K 385 106.67 38.49 2.39
CA SER K 385 106.95 39.52 1.37
C SER K 385 106.57 39.00 -0.02
N LEU K 386 106.87 37.73 -0.28
CA LEU K 386 106.57 37.08 -1.57
C LEU K 386 105.05 36.86 -1.71
N TYR K 387 104.35 36.71 -0.58
CA TYR K 387 102.87 36.66 -0.54
C TYR K 387 102.33 38.03 -1.01
N GLY K 388 102.85 39.11 -0.41
CA GLY K 388 102.54 40.51 -0.80
C GLY K 388 102.81 40.76 -2.28
N LEU K 389 103.79 40.05 -2.86
CA LEU K 389 104.03 40.07 -4.31
C LEU K 389 102.85 39.38 -4.99
N ASN K 390 102.56 38.14 -4.60
CA ASN K 390 101.46 37.30 -5.17
C ASN K 390 100.13 38.06 -5.16
N LEU K 391 99.93 38.95 -4.18
CA LEU K 391 98.67 39.73 -4.03
C LEU K 391 98.61 40.82 -5.11
N THR K 392 99.69 41.61 -5.26
CA THR K 392 99.91 42.57 -6.38
C THR K 392 99.69 41.83 -7.71
N LEU K 393 100.24 40.61 -7.81
CA LEU K 393 100.21 39.77 -9.04
C LEU K 393 98.77 39.31 -9.32
N ARG K 394 98.01 38.92 -8.31
CA ARG K 394 96.65 38.33 -8.51
C ARG K 394 95.76 39.31 -9.29
N LYS K 395 96.00 40.63 -9.12
CA LYS K 395 95.19 41.73 -9.72
C LYS K 395 95.45 41.84 -11.22
N ALA K 396 96.72 41.82 -11.63
CA ALA K 396 97.16 42.05 -13.03
C ALA K 396 96.81 40.84 -13.92
N LYS K 397 96.81 39.63 -13.34
CA LYS K 397 96.60 38.37 -14.09
C LYS K 397 95.10 38.26 -14.40
N ALA K 398 94.78 37.56 -15.48
CA ALA K 398 93.39 37.28 -15.90
C ALA K 398 93.04 35.85 -15.50
N PRO K 399 91.76 35.56 -15.15
CA PRO K 399 91.33 34.19 -14.86
C PRO K 399 91.96 33.19 -15.84
N SER K 400 92.42 32.04 -15.33
CA SER K 400 92.90 30.90 -16.13
C SER K 400 91.71 30.28 -16.91
N GLY K 401 91.82 30.26 -18.24
CA GLY K 401 90.73 29.89 -19.16
C GLY K 401 89.67 30.98 -19.25
N LEU K 402 90.08 32.25 -19.41
CA LEU K 402 89.19 33.44 -19.63
C LEU K 402 88.65 33.46 -21.06
N ASP K 403 89.36 32.91 -22.05
CA ASP K 403 88.89 32.87 -23.48
C ASP K 403 88.74 34.31 -23.98
N GLN K 404 89.86 34.86 -24.49
CA GLN K 404 89.94 36.18 -25.17
C GLN K 404 90.10 35.94 -26.68
N SER K 405 89.58 34.82 -27.20
CA SER K 405 89.74 34.38 -28.61
C SER K 405 88.98 35.31 -29.57
N ARG K 406 88.06 36.14 -29.04
CA ARG K 406 87.25 37.10 -29.82
C ARG K 406 87.64 38.54 -29.44
N ILE K 407 88.61 38.73 -28.55
CA ILE K 407 89.23 40.05 -28.22
C ILE K 407 90.45 40.24 -29.11
N PRO K 408 90.63 41.41 -29.79
CA PRO K 408 91.87 41.67 -30.53
C PRO K 408 93.13 41.40 -29.69
N PHE K 409 94.14 40.76 -30.28
CA PHE K 409 95.40 40.36 -29.60
C PHE K 409 95.92 41.51 -28.72
N SER K 410 96.08 42.69 -29.30
CA SER K 410 96.63 43.94 -28.69
C SER K 410 95.92 44.28 -27.37
N GLU K 411 94.61 44.01 -27.26
CA GLU K 411 93.78 44.44 -26.10
C GLU K 411 93.61 43.32 -25.08
N ARG K 412 94.16 42.11 -25.30
CA ARG K 412 94.00 40.97 -24.37
C ARG K 412 94.76 41.26 -23.07
N LYS K 413 94.39 40.62 -21.96
CA LYS K 413 95.04 40.81 -20.64
C LYS K 413 96.07 39.69 -20.45
N LEU K 414 97.19 39.98 -19.80
CA LEU K 414 98.30 39.01 -19.51
C LEU K 414 97.78 37.78 -18.79
N LYS K 415 98.17 36.58 -19.24
CA LYS K 415 97.90 35.28 -18.57
C LYS K 415 99.23 34.66 -18.15
N PHE K 416 99.42 34.37 -16.85
CA PHE K 416 100.70 33.82 -16.34
C PHE K 416 100.48 33.00 -15.07
N SER K 417 101.36 32.03 -14.82
CA SER K 417 101.41 31.21 -13.58
C SER K 417 102.33 31.88 -12.58
N ASN K 418 102.08 31.65 -11.28
CA ASN K 418 103.02 32.02 -10.20
C ASN K 418 102.70 31.15 -8.99
N ARG K 419 103.44 30.06 -8.79
CA ARG K 419 103.31 29.15 -7.61
C ARG K 419 104.63 29.17 -6.84
N PHE K 420 104.56 29.07 -5.51
CA PHE K 420 105.75 28.96 -4.62
C PHE K 420 106.45 27.62 -4.90
N LEU K 421 107.77 27.59 -4.69
CA LEU K 421 108.62 26.40 -4.92
C LEU K 421 108.77 25.63 -3.60
N PRO K 422 108.95 24.30 -3.67
CA PRO K 422 109.26 23.51 -2.48
C PRO K 422 110.73 23.62 -2.03
N VAL K 423 111.09 24.73 -1.36
CA VAL K 423 112.43 24.96 -0.75
C VAL K 423 112.24 25.63 0.61
N ALA K 424 113.12 25.36 1.58
CA ALA K 424 112.97 25.83 2.97
C ALA K 424 113.68 27.17 3.19
N SER K 425 114.53 27.60 2.25
CA SER K 425 115.45 28.74 2.45
C SER K 425 115.54 29.61 1.20
N PRO K 426 115.76 30.93 1.36
CA PRO K 426 115.77 31.87 0.23
C PRO K 426 117.14 32.02 -0.45
N PHE K 427 117.53 31.01 -1.24
CA PHE K 427 118.83 30.98 -1.98
C PHE K 427 118.92 32.19 -2.91
N HIS K 428 120.15 32.67 -3.13
CA HIS K 428 120.52 33.73 -4.11
C HIS K 428 119.90 35.07 -3.67
N SER K 429 119.86 35.36 -2.37
CA SER K 429 119.25 36.59 -1.81
C SER K 429 120.12 37.18 -0.69
N HIS K 430 119.91 38.47 -0.40
CA HIS K 430 120.62 39.28 0.62
C HIS K 430 120.47 38.65 2.02
N LEU K 431 119.40 37.90 2.25
CA LEU K 431 119.09 37.27 3.55
C LEU K 431 120.21 36.30 3.97
N LEU K 432 120.94 35.72 3.00
CA LEU K 432 121.96 34.66 3.26
C LEU K 432 123.38 35.23 3.33
N VAL K 433 123.61 36.45 2.83
CA VAL K 433 124.94 37.13 2.76
C VAL K 433 125.76 36.83 4.03
N PRO K 434 125.25 37.12 5.25
CA PRO K 434 125.99 36.84 6.49
C PRO K 434 126.72 35.48 6.54
N ALA K 435 126.11 34.45 5.96
CA ALA K 435 126.61 33.05 5.98
C ALA K 435 127.90 32.89 5.15
N SER K 436 128.04 33.59 4.01
CA SER K 436 129.17 33.43 3.04
C SER K 436 130.51 33.39 3.81
N ASP K 437 130.77 34.46 4.55
CA ASP K 437 132.01 34.64 5.35
C ASP K 437 132.23 33.41 6.23
N LEU K 438 131.25 33.07 7.07
CA LEU K 438 131.28 31.92 8.03
C LEU K 438 131.50 30.61 7.26
N ILE K 439 130.80 30.40 6.15
CA ILE K 439 130.90 29.13 5.36
C ILE K 439 132.36 28.94 4.94
N ASN K 440 132.98 29.97 4.36
CA ASN K 440 134.37 29.92 3.84
C ASN K 440 135.35 29.55 4.97
N LYS K 441 135.16 30.13 6.17
CA LYS K 441 135.96 29.82 7.38
C LYS K 441 135.80 28.34 7.76
N ASP K 442 134.62 27.75 7.54
CA ASP K 442 134.35 26.34 7.92
C ASP K 442 135.05 25.40 6.92
N LEU K 443 135.14 25.81 5.64
CA LEU K 443 135.82 25.02 4.57
C LEU K 443 137.32 25.04 4.80
N VAL K 444 137.89 26.23 5.10
CA VAL K 444 139.29 26.38 5.61
C VAL K 444 139.50 25.35 6.72
N LYS K 445 138.66 25.39 7.77
CA LYS K 445 138.83 24.58 9.00
C LYS K 445 138.63 23.07 8.73
N ASN K 446 137.93 22.67 7.66
CA ASN K 446 137.66 21.23 7.34
C ASN K 446 138.42 20.84 6.07
N ASN K 447 139.49 21.55 5.73
CA ASN K 447 140.46 21.22 4.65
C ASN K 447 139.70 20.91 3.36
N VAL K 448 138.93 21.88 2.86
CA VAL K 448 138.22 21.80 1.54
C VAL K 448 138.50 23.09 0.76
N SER K 449 139.07 22.93 -0.44
CA SER K 449 139.10 23.97 -1.51
C SER K 449 139.27 23.27 -2.85
N PHE K 450 139.19 23.99 -3.96
CA PHE K 450 139.28 23.43 -5.34
C PHE K 450 140.35 24.22 -6.11
N ASN K 451 141.50 23.61 -6.38
CA ASN K 451 142.61 24.23 -7.15
C ASN K 451 142.39 23.97 -8.64
N ALA K 452 142.40 25.02 -9.46
CA ALA K 452 142.16 24.94 -10.93
C ALA K 452 142.98 23.77 -11.52
N LYS K 453 144.22 23.60 -11.07
CA LYS K 453 145.14 22.50 -11.50
C LYS K 453 144.44 21.14 -11.45
N ASP K 454 143.63 20.88 -10.42
CA ASP K 454 143.01 19.56 -10.16
C ASP K 454 141.77 19.34 -11.04
N ILE K 455 141.07 20.41 -11.43
CA ILE K 455 139.72 20.30 -12.07
C ILE K 455 139.93 20.23 -13.60
N GLN K 456 139.56 19.09 -14.17
CA GLN K 456 140.07 18.54 -15.45
C GLN K 456 139.14 18.86 -16.63
N ILE K 457 138.06 19.61 -16.38
CA ILE K 457 137.12 20.11 -17.44
C ILE K 457 136.69 21.50 -17.03
N PRO K 458 136.26 22.35 -17.99
CA PRO K 458 135.69 23.66 -17.63
C PRO K 458 134.44 23.44 -16.77
N VAL K 459 134.28 24.25 -15.72
CA VAL K 459 133.11 24.23 -14.80
C VAL K 459 132.50 25.63 -14.83
N TYR K 460 131.35 25.75 -15.48
CA TYR K 460 130.76 27.05 -15.94
C TYR K 460 130.12 27.77 -14.73
N ASP K 461 130.64 28.97 -14.46
CA ASP K 461 130.20 29.93 -13.43
C ASP K 461 128.71 30.25 -13.65
N THR K 462 127.95 30.32 -12.55
CA THR K 462 126.48 30.31 -12.48
C THR K 462 125.92 31.70 -12.83
N PHE K 463 126.74 32.76 -12.67
CA PHE K 463 126.39 34.20 -12.90
C PHE K 463 127.01 34.74 -14.19
N ASP K 464 128.22 34.28 -14.55
CA ASP K 464 129.08 34.79 -15.66
C ASP K 464 128.86 34.01 -16.95
N GLY K 465 128.85 32.68 -16.85
CA GLY K 465 129.00 31.73 -17.97
C GLY K 465 130.45 31.33 -18.15
N SER K 466 131.37 32.15 -17.62
CA SER K 466 132.84 31.97 -17.62
C SER K 466 133.23 30.61 -17.02
N ASP K 467 134.48 30.20 -17.24
CA ASP K 467 135.10 29.01 -16.59
C ASP K 467 135.60 29.43 -15.20
N LEU K 468 135.32 28.63 -14.17
CA LEU K 468 135.77 28.89 -12.78
C LEU K 468 137.29 28.68 -12.66
N ARG K 469 137.92 28.03 -13.64
CA ARG K 469 139.38 27.75 -13.61
C ARG K 469 140.15 29.05 -13.83
N VAL K 470 139.66 29.92 -14.73
CA VAL K 470 140.30 31.21 -15.11
C VAL K 470 140.37 32.17 -13.91
N LEU K 471 139.50 32.06 -12.90
CA LEU K 471 139.55 33.06 -11.77
C LEU K 471 140.89 32.88 -11.04
N SER K 472 141.41 33.98 -10.47
CA SER K 472 142.68 34.02 -9.70
C SER K 472 142.39 34.04 -8.18
N GLY K 473 141.12 34.21 -7.78
CA GLY K 473 140.65 34.14 -6.38
C GLY K 473 140.63 32.73 -5.82
N SER K 474 139.82 32.46 -4.79
CA SER K 474 139.46 31.09 -4.33
C SER K 474 138.22 30.63 -5.11
N ILE K 475 138.23 29.39 -5.61
CA ILE K 475 137.09 28.80 -6.38
C ILE K 475 135.96 28.50 -5.39
N SER K 476 136.28 27.79 -4.29
CA SER K 476 135.32 27.45 -3.21
C SER K 476 134.52 28.71 -2.88
N GLU K 477 135.20 29.84 -2.64
CA GLU K 477 134.59 31.13 -2.22
C GLU K 477 133.59 31.62 -3.27
N ARG K 478 133.95 31.57 -4.56
CA ARG K 478 133.07 32.04 -5.68
C ARG K 478 131.86 31.11 -5.78
N ILE K 479 132.07 29.79 -5.67
CA ILE K 479 130.97 28.78 -5.76
C ILE K 479 129.95 29.07 -4.66
N VAL K 480 130.42 29.24 -3.42
CA VAL K 480 129.56 29.65 -2.27
C VAL K 480 128.82 30.93 -2.64
N ASP K 481 129.57 31.95 -3.07
CA ASP K 481 129.01 33.29 -3.38
C ASP K 481 127.95 33.20 -4.49
N CYS K 482 128.10 32.25 -5.42
CA CYS K 482 127.19 32.04 -6.59
C CYS K 482 125.84 31.45 -6.16
N ILE K 483 125.83 30.76 -5.02
CA ILE K 483 124.66 30.02 -4.44
C ILE K 483 123.97 30.92 -3.40
N ILE K 484 124.76 31.50 -2.50
CA ILE K 484 124.28 32.32 -1.34
C ILE K 484 123.66 33.63 -1.86
N ARG K 485 124.36 34.36 -2.74
CA ARG K 485 124.11 35.81 -2.95
C ARG K 485 123.72 36.10 -4.40
N LEU K 486 124.62 35.84 -5.35
CA LEU K 486 124.45 36.21 -6.77
C LEU K 486 123.28 35.46 -7.37
N PRO K 487 122.58 36.04 -8.35
CA PRO K 487 121.56 35.30 -9.10
C PRO K 487 122.17 34.17 -9.94
N VAL K 488 121.32 33.36 -10.55
CA VAL K 488 121.68 32.37 -11.58
C VAL K 488 121.15 32.91 -12.92
N LYS K 489 122.03 33.18 -13.88
CA LYS K 489 121.61 33.55 -15.25
C LYS K 489 121.72 32.29 -16.11
N TRP K 490 120.84 31.32 -15.86
CA TRP K 490 120.95 29.94 -16.39
C TRP K 490 121.18 29.97 -17.91
N GLU K 491 120.53 30.88 -18.62
CA GLU K 491 120.65 31.02 -20.09
C GLU K 491 122.13 31.24 -20.44
N THR K 492 122.78 32.22 -19.81
CA THR K 492 124.17 32.66 -20.14
C THR K 492 125.17 31.67 -19.52
N THR K 493 124.80 30.98 -18.44
CA THR K 493 125.61 29.90 -17.80
C THR K 493 125.74 28.73 -18.79
N THR K 494 124.69 28.53 -19.58
CA THR K 494 124.49 27.31 -20.38
C THR K 494 124.81 27.64 -21.85
N GLN K 495 125.68 28.62 -22.06
CA GLN K 495 125.97 29.28 -23.36
C GLN K 495 126.97 28.45 -24.19
N PHE K 496 127.55 27.40 -23.62
CA PHE K 496 128.42 26.41 -24.30
C PHE K 496 127.68 25.74 -25.47
N LYS K 497 128.44 25.17 -26.42
CA LYS K 497 127.88 24.32 -27.51
C LYS K 497 128.26 22.86 -27.21
N ALA K 498 127.25 21.98 -27.25
CA ALA K 498 127.33 20.52 -27.15
C ALA K 498 126.11 19.89 -27.83
N THR K 499 126.17 18.62 -28.19
CA THR K 499 125.09 17.88 -28.89
C THR K 499 124.19 17.20 -27.84
N HIS K 500 124.73 16.92 -26.66
CA HIS K 500 124.04 16.15 -25.59
C HIS K 500 124.29 16.81 -24.22
N ILE K 501 123.30 16.75 -23.33
CA ILE K 501 123.37 17.25 -21.92
C ILE K 501 122.79 16.17 -21.01
N LEU K 502 123.49 15.82 -19.93
CA LEU K 502 123.06 14.80 -18.94
C LEU K 502 122.63 15.49 -17.62
N ASP K 503 121.32 15.40 -17.27
CA ASP K 503 120.74 15.89 -15.98
C ASP K 503 120.88 14.75 -14.95
N PHE K 504 121.96 14.77 -14.18
CA PHE K 504 122.18 13.90 -13.00
C PHE K 504 121.27 14.36 -11.86
N GLY K 505 120.80 15.60 -11.97
CA GLY K 505 120.21 16.39 -10.88
C GLY K 505 118.87 15.82 -10.45
N PRO K 506 118.39 16.19 -9.25
CA PRO K 506 117.19 15.59 -8.68
C PRO K 506 115.95 16.02 -9.49
N GLY K 507 114.92 15.17 -9.51
CA GLY K 507 113.55 15.53 -9.95
C GLY K 507 113.19 14.99 -11.32
N GLY K 508 113.97 14.06 -11.86
CA GLY K 508 113.73 13.49 -13.20
C GLY K 508 113.21 14.52 -14.19
N ALA K 509 111.92 14.40 -14.54
CA ALA K 509 111.29 15.13 -15.66
C ALA K 509 110.85 16.53 -15.21
N SER K 510 110.74 16.78 -13.90
CA SER K 510 110.55 18.15 -13.33
C SER K 510 111.92 18.83 -13.17
N GLY K 511 112.99 18.11 -13.51
CA GLY K 511 114.37 18.47 -13.17
C GLY K 511 114.96 19.49 -14.12
N LEU K 512 116.16 19.98 -13.77
CA LEU K 512 116.89 21.02 -14.53
C LEU K 512 117.05 20.61 -15.99
N GLY K 513 117.11 19.30 -16.24
CA GLY K 513 117.28 18.74 -17.60
C GLY K 513 116.25 19.32 -18.55
N VAL K 514 114.97 19.04 -18.26
CA VAL K 514 113.84 19.38 -19.17
C VAL K 514 113.75 20.90 -19.33
N LEU K 515 113.97 21.67 -18.26
CA LEU K 515 113.97 23.15 -18.30
C LEU K 515 114.97 23.61 -19.37
N THR K 516 116.20 23.11 -19.28
CA THR K 516 117.30 23.46 -20.21
C THR K 516 116.87 23.10 -21.63
N HIS K 517 116.24 21.93 -21.81
CA HIS K 517 115.76 21.50 -23.15
C HIS K 517 114.79 22.53 -23.73
N ARG K 518 113.86 23.01 -22.92
CA ARG K 518 112.83 23.99 -23.36
C ARG K 518 113.51 25.29 -23.77
N ASN K 519 114.61 25.67 -23.11
CA ASN K 519 115.36 26.90 -23.46
C ASN K 519 116.03 26.74 -24.83
N LYS K 520 116.49 25.54 -25.16
CA LYS K 520 117.44 25.28 -26.28
C LYS K 520 116.79 24.50 -27.42
N ASP K 521 115.50 24.20 -27.32
CA ASP K 521 114.73 23.46 -28.36
C ASP K 521 114.98 24.15 -29.71
N GLY K 522 115.37 23.35 -30.72
CA GLY K 522 115.55 23.79 -32.11
C GLY K 522 116.97 24.19 -32.44
N THR K 523 117.91 24.11 -31.50
CA THR K 523 119.35 24.47 -31.71
C THR K 523 120.22 23.20 -31.80
N GLY K 524 119.64 22.00 -31.84
CA GLY K 524 120.35 20.73 -32.08
C GLY K 524 120.98 20.10 -30.84
N VAL K 525 120.48 20.47 -29.66
CA VAL K 525 120.91 19.89 -28.35
C VAL K 525 119.90 18.82 -27.94
N ARG K 526 120.38 17.68 -27.48
CA ARG K 526 119.57 16.58 -26.91
C ARG K 526 119.84 16.51 -25.41
N VAL K 527 118.79 16.60 -24.58
CA VAL K 527 118.94 16.42 -23.10
C VAL K 527 118.54 14.99 -22.75
N ILE K 528 119.30 14.36 -21.87
CA ILE K 528 118.99 13.02 -21.29
C ILE K 528 118.87 13.17 -19.78
N VAL K 529 117.73 12.75 -19.24
CA VAL K 529 117.48 12.68 -17.77
C VAL K 529 118.16 11.40 -17.26
N ALA K 530 119.31 11.54 -16.61
CA ALA K 530 120.16 10.42 -16.16
C ALA K 530 119.59 9.81 -14.88
N GLY K 531 118.63 10.49 -14.24
CA GLY K 531 118.08 10.15 -12.92
C GLY K 531 117.05 9.03 -12.98
N THR K 532 116.01 9.18 -13.80
CA THR K 532 114.83 8.29 -13.81
C THR K 532 114.80 7.46 -15.09
N LEU K 533 114.31 6.23 -15.00
CA LEU K 533 113.83 5.44 -16.17
C LEU K 533 112.32 5.66 -16.33
N ASP K 534 111.92 6.04 -17.55
CA ASP K 534 110.52 6.34 -17.94
C ASP K 534 110.49 6.43 -19.48
N ILE K 535 109.35 6.77 -20.08
CA ILE K 535 109.20 6.88 -21.56
C ILE K 535 108.60 8.24 -21.91
N ASN K 536 109.31 9.02 -22.73
CA ASN K 536 108.81 10.30 -23.28
C ASN K 536 108.06 9.98 -24.57
N PRO K 537 106.72 10.10 -24.60
CA PRO K 537 105.96 9.77 -25.80
C PRO K 537 106.30 10.68 -27.00
N ASP K 538 106.63 11.96 -26.76
CA ASP K 538 107.00 12.94 -27.82
C ASP K 538 108.44 12.74 -28.33
N ASP K 539 109.28 12.06 -27.52
CA ASP K 539 110.73 11.85 -27.76
C ASP K 539 111.46 13.20 -27.80
N ASP K 540 110.82 14.25 -27.30
CA ASP K 540 111.39 15.57 -26.90
C ASP K 540 112.84 15.44 -26.38
N TYR K 541 113.06 14.55 -25.40
CA TYR K 541 114.33 14.28 -24.65
C TYR K 541 114.34 12.79 -24.26
N GLY K 542 115.42 12.30 -23.63
CA GLY K 542 115.59 10.88 -23.27
C GLY K 542 115.69 10.66 -21.77
N PHE K 543 115.53 9.41 -21.32
CA PHE K 543 115.71 8.98 -19.91
C PHE K 543 116.95 8.06 -19.82
N LYS K 544 117.30 7.58 -18.62
CA LYS K 544 118.50 6.74 -18.34
C LYS K 544 118.89 5.89 -19.56
N GLN K 545 117.92 5.17 -20.13
CA GLN K 545 118.13 4.14 -21.19
C GLN K 545 119.12 4.63 -22.25
N GLU K 546 118.91 5.86 -22.77
CA GLU K 546 119.66 6.45 -23.90
C GLU K 546 121.18 6.42 -23.63
N ILE K 547 121.57 6.61 -22.37
CA ILE K 547 123.01 6.57 -21.96
C ILE K 547 123.58 5.19 -22.32
N PHE K 548 122.98 4.12 -21.80
CA PHE K 548 123.59 2.76 -21.75
C PHE K 548 123.28 1.97 -23.03
N ASP K 549 122.24 2.37 -23.78
CA ASP K 549 121.78 1.64 -25.00
C ASP K 549 122.95 1.55 -25.98
N VAL K 550 123.01 0.41 -26.68
CA VAL K 550 124.13 -0.04 -27.58
C VAL K 550 123.74 0.13 -29.05
N THR K 551 122.46 0.05 -29.38
CA THR K 551 121.91 0.21 -30.77
C THR K 551 121.90 1.70 -31.14
N SER K 552 121.36 2.05 -32.31
CA SER K 552 121.10 3.44 -32.80
C SER K 552 120.36 4.27 -31.75
N ASN K 553 119.47 3.62 -30.99
CA ASN K 553 118.52 4.24 -30.03
C ASN K 553 119.25 5.00 -28.90
N GLY K 554 120.55 4.72 -28.69
CA GLY K 554 121.42 5.45 -27.74
C GLY K 554 121.83 6.82 -28.27
N LEU K 555 122.11 6.88 -29.58
CA LEU K 555 122.50 8.13 -30.29
C LEU K 555 121.28 8.70 -31.00
N LYS K 556 120.53 9.57 -30.33
CA LYS K 556 119.46 10.41 -30.97
C LYS K 556 119.93 11.85 -30.89
N LYS K 557 119.70 12.65 -31.94
CA LYS K 557 120.04 14.09 -31.93
C LYS K 557 118.76 14.89 -32.13
N ASN K 558 118.56 15.96 -31.36
CA ASN K 558 117.40 16.85 -31.56
C ASN K 558 117.68 17.72 -32.79
N PRO K 559 116.65 18.10 -33.56
CA PRO K 559 116.85 18.87 -34.78
C PRO K 559 117.33 20.30 -34.49
N ASN K 560 118.30 20.78 -35.26
CA ASN K 560 118.66 22.22 -35.44
C ASN K 560 117.83 22.74 -36.62
N TRP K 561 116.80 23.55 -36.37
CA TRP K 561 115.81 23.97 -37.40
C TRP K 561 116.50 24.68 -38.56
N LEU K 562 117.45 25.57 -38.26
CA LEU K 562 118.23 26.30 -39.31
C LEU K 562 118.74 25.28 -40.33
N GLU K 563 119.41 24.22 -39.85
CA GLU K 563 120.07 23.21 -40.72
C GLU K 563 119.04 22.35 -41.41
N GLU K 564 118.05 21.86 -40.67
CA GLU K 564 117.03 20.89 -41.16
C GLU K 564 116.19 21.50 -42.28
N TYR K 565 115.90 22.80 -42.24
CA TYR K 565 114.91 23.47 -43.12
C TYR K 565 115.57 24.64 -43.84
N HIS K 566 116.90 24.74 -43.80
CA HIS K 566 117.69 25.71 -44.58
C HIS K 566 117.10 25.74 -45.98
N PRO K 567 116.71 26.92 -46.50
CA PRO K 567 116.31 27.03 -47.90
C PRO K 567 117.59 26.77 -48.67
N LYS K 568 117.47 26.31 -49.92
CA LYS K 568 118.61 25.99 -50.83
C LYS K 568 118.27 26.46 -52.24
N LEU K 569 119.22 26.31 -53.16
CA LEU K 569 118.96 26.47 -54.61
C LEU K 569 119.18 25.12 -55.29
N ILE K 570 118.48 24.89 -56.40
CA ILE K 570 118.60 23.65 -57.20
C ILE K 570 118.27 23.99 -58.66
N LYS K 571 118.77 23.17 -59.59
CA LYS K 571 118.68 23.41 -61.06
C LYS K 571 117.99 22.23 -61.76
N ASN K 572 117.02 22.54 -62.60
CA ASN K 572 116.50 21.72 -63.72
C ASN K 572 117.63 21.22 -64.59
N LYS K 573 117.37 20.25 -65.49
CA LYS K 573 118.26 19.97 -66.65
C LYS K 573 118.22 21.18 -67.59
N SER K 574 117.03 21.73 -67.83
CA SER K 574 116.81 22.96 -68.63
C SER K 574 117.55 24.16 -68.02
N GLY K 575 118.07 24.03 -66.79
CA GLY K 575 118.88 25.06 -66.13
C GLY K 575 118.03 26.05 -65.34
N LYS K 576 116.71 25.83 -65.22
CA LYS K 576 115.80 26.66 -64.38
C LYS K 576 116.22 26.55 -62.91
N ILE K 577 116.23 27.67 -62.19
CA ILE K 577 116.62 27.69 -60.75
C ILE K 577 115.35 27.77 -59.90
N PHE K 578 115.25 26.87 -58.92
CA PHE K 578 114.15 26.83 -57.93
C PHE K 578 114.71 27.04 -56.52
N VAL K 579 113.92 27.70 -55.68
CA VAL K 579 114.13 27.74 -54.21
C VAL K 579 113.67 26.38 -53.65
N GLU K 580 114.61 25.61 -53.12
CA GLU K 580 114.41 24.22 -52.64
C GLU K 580 113.94 24.29 -51.19
N THR K 581 112.67 23.98 -50.94
CA THR K 581 112.07 23.80 -49.59
C THR K 581 111.22 22.54 -49.59
N LYS K 582 110.80 22.11 -48.40
CA LYS K 582 109.96 20.90 -48.20
C LYS K 582 108.79 20.95 -49.20
N PHE K 583 108.26 22.14 -49.46
CA PHE K 583 107.06 22.39 -50.29
C PHE K 583 107.40 22.29 -51.77
N SER K 584 108.34 23.10 -52.26
CA SER K 584 108.73 23.15 -53.70
C SER K 584 109.22 21.76 -54.15
N LYS K 585 109.90 21.03 -53.25
CA LYS K 585 110.39 19.65 -53.51
C LYS K 585 109.25 18.72 -53.91
N LEU K 586 108.03 18.97 -53.40
CA LEU K 586 106.82 18.17 -53.74
C LEU K 586 106.27 18.63 -55.08
N ILE K 587 105.96 19.91 -55.21
CA ILE K 587 105.09 20.44 -56.30
C ILE K 587 105.90 20.74 -57.56
N GLY K 588 107.23 20.79 -57.48
CA GLY K 588 108.10 21.05 -58.63
C GLY K 588 107.86 22.41 -59.25
N ARG K 589 107.52 23.39 -58.42
CA ARG K 589 107.27 24.79 -58.80
C ARG K 589 107.80 25.66 -57.66
N PRO K 590 107.94 26.98 -57.86
CA PRO K 590 108.34 27.85 -56.77
C PRO K 590 107.42 27.71 -55.55
N PRO K 591 108.00 27.83 -54.33
CA PRO K 591 107.25 27.57 -53.08
C PRO K 591 106.34 28.75 -52.74
N LEU K 592 105.62 29.26 -53.74
CA LEU K 592 104.79 30.46 -53.63
C LEU K 592 103.45 30.13 -54.29
N LEU K 593 102.35 30.59 -53.69
CA LEU K 593 100.98 30.26 -54.14
C LEU K 593 100.04 31.44 -53.95
N VAL K 594 99.11 31.61 -54.91
CA VAL K 594 97.94 32.51 -54.78
C VAL K 594 96.85 31.67 -54.08
N PRO K 595 96.37 32.11 -52.91
CA PRO K 595 95.43 31.33 -52.13
C PRO K 595 94.03 31.52 -52.71
N GLY K 596 93.11 30.61 -52.38
CA GLY K 596 91.69 30.79 -52.71
C GLY K 596 91.20 32.13 -52.21
N MET K 597 90.54 32.89 -53.08
CA MET K 597 89.93 34.19 -52.72
C MET K 597 88.64 34.31 -53.54
N THR K 598 87.49 34.60 -52.92
CA THR K 598 86.17 34.56 -53.60
C THR K 598 86.15 35.48 -54.82
N PRO K 599 85.94 36.82 -54.73
CA PRO K 599 85.79 37.56 -55.97
C PRO K 599 86.97 37.17 -56.90
N CYS K 600 88.20 37.06 -56.38
CA CYS K 600 89.45 37.15 -57.18
C CYS K 600 89.71 35.87 -57.96
N THR K 601 89.86 34.73 -57.27
CA THR K 601 90.29 33.44 -57.88
C THR K 601 89.09 32.54 -58.15
N VAL K 602 87.89 33.11 -58.18
CA VAL K 602 86.69 32.40 -58.71
C VAL K 602 86.84 32.29 -60.22
N SER K 603 87.42 33.32 -60.85
CA SER K 603 87.58 33.43 -62.33
C SER K 603 88.48 32.31 -62.84
N PRO K 604 87.96 31.37 -63.66
CA PRO K 604 88.80 30.35 -64.27
C PRO K 604 89.95 30.94 -65.10
N ASP K 605 89.72 32.09 -65.73
CA ASP K 605 90.74 32.82 -66.55
C ASP K 605 91.98 33.13 -65.68
N PHE K 606 91.76 33.74 -64.51
CA PHE K 606 92.85 34.14 -63.59
C PHE K 606 93.54 32.91 -63.00
N VAL K 607 92.80 31.82 -62.79
CA VAL K 607 93.37 30.54 -62.25
C VAL K 607 94.30 29.96 -63.32
N ALA K 608 93.85 29.93 -64.57
CA ALA K 608 94.62 29.42 -65.72
C ALA K 608 95.86 30.29 -65.91
N ALA K 609 95.67 31.61 -65.90
CA ALA K 609 96.75 32.60 -66.10
C ALA K 609 97.85 32.36 -65.05
N THR K 610 97.46 32.21 -63.79
CA THR K 610 98.42 32.03 -62.66
C THR K 610 99.05 30.64 -62.81
N THR K 611 98.25 29.62 -63.16
CA THR K 611 98.77 28.24 -63.32
C THR K 611 99.73 28.23 -64.51
N ASN K 612 99.42 28.94 -65.60
CA ASN K 612 100.26 28.96 -66.82
C ASN K 612 101.50 29.81 -66.57
N ALA K 613 101.44 30.78 -65.66
CA ALA K 613 102.62 31.58 -65.24
C ALA K 613 103.58 30.67 -64.48
N GLY K 614 103.11 29.50 -64.04
CA GLY K 614 103.90 28.41 -63.43
C GLY K 614 103.85 28.44 -61.91
N TYR K 615 102.70 28.84 -61.34
CA TYR K 615 102.51 29.05 -59.88
C TYR K 615 101.19 28.41 -59.43
N THR K 616 101.24 27.77 -58.27
CA THR K 616 100.10 27.03 -57.66
C THR K 616 99.04 28.05 -57.25
N ILE K 617 97.79 27.86 -57.67
CA ILE K 617 96.63 28.73 -57.28
C ILE K 617 95.44 27.85 -56.89
N GLU K 618 94.59 28.34 -55.98
CA GLU K 618 93.34 27.69 -55.51
C GLU K 618 92.15 28.30 -56.26
N LEU K 619 91.34 27.50 -56.97
CA LEU K 619 90.03 27.92 -57.54
C LEU K 619 89.02 28.07 -56.39
N ALA K 620 88.41 29.25 -56.22
CA ALA K 620 87.58 29.59 -55.04
C ALA K 620 86.17 29.00 -55.16
N GLY K 621 85.84 28.04 -54.29
CA GLY K 621 84.49 27.47 -54.19
C GLY K 621 83.48 28.53 -53.82
N GLY K 622 83.94 29.58 -53.15
CA GLY K 622 83.12 30.73 -52.72
C GLY K 622 82.14 31.20 -53.78
N GLY K 623 82.55 31.22 -55.06
CA GLY K 623 81.76 31.81 -56.15
C GLY K 623 80.88 30.81 -56.88
N TYR K 624 80.69 29.60 -56.34
CA TYR K 624 79.93 28.51 -56.98
C TYR K 624 78.83 28.01 -56.03
N PHE K 625 77.71 27.57 -56.60
CA PHE K 625 76.45 27.26 -55.88
C PHE K 625 75.91 25.88 -56.26
N SER K 626 76.45 25.23 -57.29
CA SER K 626 76.06 23.87 -57.73
C SER K 626 77.29 23.12 -58.20
N ALA K 627 77.23 21.78 -58.22
CA ALA K 627 78.29 20.93 -58.81
C ALA K 627 78.45 21.30 -60.29
N ALA K 628 77.34 21.54 -60.99
CA ALA K 628 77.30 21.81 -62.45
C ALA K 628 78.01 23.13 -62.74
N GLY K 629 77.81 24.13 -61.88
CA GLY K 629 78.41 25.47 -62.04
C GLY K 629 79.93 25.42 -61.98
N MET K 630 80.47 24.73 -60.97
CA MET K 630 81.94 24.60 -60.76
C MET K 630 82.51 23.67 -61.83
N THR K 631 81.82 22.56 -62.15
CA THR K 631 82.25 21.61 -63.20
C THR K 631 82.54 22.39 -64.50
N ALA K 632 81.70 23.38 -64.83
CA ALA K 632 81.86 24.21 -66.05
C ALA K 632 83.12 25.07 -65.94
N ALA K 633 83.39 25.64 -64.76
CA ALA K 633 84.53 26.53 -64.51
C ALA K 633 85.83 25.72 -64.49
N ILE K 634 85.82 24.56 -63.85
CA ILE K 634 86.98 23.63 -63.84
C ILE K 634 87.30 23.27 -65.30
N ASP K 635 86.30 22.85 -66.07
CA ASP K 635 86.45 22.48 -67.52
C ASP K 635 87.11 23.64 -68.29
N SER K 636 86.70 24.89 -68.01
CA SER K 636 87.28 26.10 -68.62
C SER K 636 88.77 26.22 -68.26
N VAL K 637 89.12 26.04 -66.98
CA VAL K 637 90.53 26.11 -66.49
C VAL K 637 91.33 25.04 -67.23
N VAL K 638 90.84 23.80 -67.21
CA VAL K 638 91.52 22.64 -67.85
C VAL K 638 91.80 22.98 -69.31
N SER K 639 90.81 23.52 -70.02
CA SER K 639 90.94 23.83 -71.48
C SER K 639 92.02 24.89 -71.71
N GLN K 640 92.35 25.72 -70.72
CA GLN K 640 93.23 26.90 -70.90
C GLN K 640 94.66 26.62 -70.44
N ILE K 641 94.91 25.53 -69.70
CA ILE K 641 96.25 25.22 -69.14
C ILE K 641 96.92 24.15 -70.00
N GLU K 642 98.25 24.08 -69.95
CA GLU K 642 99.08 23.11 -70.71
C GLU K 642 98.82 21.69 -70.20
N LYS K 643 98.99 20.69 -71.06
CA LYS K 643 98.89 19.25 -70.66
C LYS K 643 99.84 19.04 -69.48
N GLY K 644 99.37 18.35 -68.44
CA GLY K 644 100.19 17.98 -67.26
C GLY K 644 100.30 19.09 -66.24
N SER K 645 99.63 20.24 -66.45
CA SER K 645 99.49 21.33 -65.44
C SER K 645 98.43 20.90 -64.43
N THR K 646 98.45 21.53 -63.24
CA THR K 646 97.46 21.31 -62.16
C THR K 646 97.15 22.58 -61.38
N PHE K 647 96.02 22.55 -60.70
CA PHE K 647 95.57 23.61 -59.79
C PHE K 647 94.81 22.94 -58.65
N GLY K 648 94.41 23.72 -57.65
CA GLY K 648 93.66 23.27 -56.47
C GLY K 648 92.33 23.96 -56.37
N ILE K 649 91.54 23.52 -55.39
CA ILE K 649 90.18 24.03 -55.09
C ILE K 649 90.17 24.42 -53.60
N ASN K 650 89.62 25.60 -53.30
CA ASN K 650 89.38 26.10 -51.91
C ASN K 650 87.88 26.02 -51.65
N LEU K 651 87.46 25.25 -50.64
CA LEU K 651 86.07 25.16 -50.14
C LEU K 651 86.02 25.72 -48.72
N ILE K 652 84.91 26.35 -48.35
CA ILE K 652 84.71 27.00 -47.02
C ILE K 652 84.04 25.99 -46.09
N TYR K 653 84.66 25.65 -44.95
CA TYR K 653 84.15 24.62 -44.01
C TYR K 653 82.82 25.10 -43.41
N VAL K 654 82.76 26.39 -43.11
CA VAL K 654 81.62 27.10 -42.49
C VAL K 654 80.39 27.12 -43.42
N ASN K 655 80.49 26.61 -44.65
CA ASN K 655 79.37 26.66 -45.64
C ASN K 655 78.97 25.23 -46.01
N PRO K 656 78.13 24.56 -45.20
CA PRO K 656 77.87 23.13 -45.37
C PRO K 656 77.19 22.77 -46.70
N PHE K 657 76.47 23.70 -47.33
CA PHE K 657 75.83 23.42 -48.64
C PHE K 657 76.92 23.26 -49.71
N MET K 658 77.94 24.12 -49.70
CA MET K 658 79.08 24.06 -50.66
C MET K 658 79.80 22.71 -50.50
N LEU K 659 80.10 22.34 -49.24
CA LEU K 659 80.75 21.06 -48.88
C LEU K 659 79.95 19.87 -49.42
N GLN K 660 78.62 19.92 -49.38
CA GLN K 660 77.83 18.70 -49.65
C GLN K 660 77.80 18.41 -51.16
N TRP K 661 77.88 19.42 -52.04
CA TRP K 661 77.97 19.19 -53.51
C TRP K 661 79.45 19.14 -53.93
N GLY K 662 80.30 19.90 -53.22
CA GLY K 662 81.72 20.12 -53.55
C GLY K 662 82.61 18.88 -53.34
N ILE K 663 82.51 18.23 -52.18
CA ILE K 663 83.37 17.05 -51.86
C ILE K 663 83.04 15.92 -52.84
N PRO K 664 81.77 15.46 -53.00
CA PRO K 664 81.47 14.42 -53.98
C PRO K 664 81.90 14.81 -55.40
N LEU K 665 81.84 16.10 -55.76
CA LEU K 665 82.27 16.59 -57.09
C LEU K 665 83.76 16.29 -57.25
N ILE K 666 84.58 16.75 -56.30
CA ILE K 666 86.04 16.53 -56.35
C ILE K 666 86.29 15.03 -56.56
N LYS K 667 85.66 14.16 -55.77
CA LYS K 667 85.86 12.69 -55.87
C LYS K 667 85.54 12.21 -57.30
N GLU K 668 84.37 12.58 -57.82
CA GLU K 668 83.89 12.19 -59.18
C GLU K 668 84.95 12.66 -60.20
N LEU K 669 85.27 13.95 -60.18
CA LEU K 669 86.23 14.59 -61.12
C LEU K 669 87.61 13.93 -60.99
N ARG K 670 88.10 13.79 -59.76
CA ARG K 670 89.40 13.15 -59.41
C ARG K 670 89.42 11.74 -60.03
N SER K 671 88.32 11.01 -59.98
CA SER K 671 88.24 9.60 -60.46
C SER K 671 88.16 9.57 -62.00
N LYS K 672 87.83 10.67 -62.67
CA LYS K 672 87.93 10.76 -64.15
C LYS K 672 89.30 11.32 -64.51
N GLY K 673 90.17 11.50 -63.51
CA GLY K 673 91.58 11.88 -63.69
C GLY K 673 91.76 13.36 -63.97
N TYR K 674 90.84 14.22 -63.55
CA TYR K 674 90.98 15.69 -63.66
C TYR K 674 92.26 16.10 -62.94
N PRO K 675 92.96 17.14 -63.46
CA PRO K 675 94.24 17.57 -62.89
C PRO K 675 94.12 18.44 -61.64
N ILE K 676 93.32 18.00 -60.68
CA ILE K 676 93.23 18.66 -59.35
C ILE K 676 94.29 18.03 -58.45
N GLN K 677 95.25 18.86 -58.03
CA GLN K 677 96.44 18.44 -57.27
C GLN K 677 96.04 18.35 -55.79
N PHE K 678 95.26 19.31 -55.31
CA PHE K 678 95.00 19.49 -53.85
C PHE K 678 93.67 20.20 -53.60
N LEU K 679 93.22 20.09 -52.36
CA LEU K 679 92.05 20.78 -51.79
C LEU K 679 92.52 21.56 -50.57
N THR K 680 92.22 22.85 -50.49
CA THR K 680 92.47 23.69 -49.29
C THR K 680 91.10 23.97 -48.66
N ILE K 681 90.97 23.72 -47.35
CA ILE K 681 89.74 24.03 -46.57
C ILE K 681 89.98 25.33 -45.81
N GLY K 682 89.13 26.32 -46.06
CA GLY K 682 89.13 27.64 -45.41
C GLY K 682 88.04 27.77 -44.34
N ALA K 683 88.16 28.80 -43.50
CA ALA K 683 87.23 29.16 -42.41
C ALA K 683 87.11 28.00 -41.41
N GLY K 684 88.25 27.57 -40.86
CA GLY K 684 88.33 26.56 -39.79
C GLY K 684 88.64 25.17 -40.30
N VAL K 685 89.03 24.28 -39.39
CA VAL K 685 89.69 22.98 -39.66
C VAL K 685 88.71 21.84 -39.42
N PRO K 686 88.60 20.84 -40.33
CA PRO K 686 87.72 19.70 -40.11
C PRO K 686 88.11 18.84 -38.91
N SER K 687 87.18 18.01 -38.45
CA SER K 687 87.40 16.95 -37.44
C SER K 687 88.30 15.87 -38.06
N LEU K 688 88.93 15.03 -37.24
CA LEU K 688 89.79 13.93 -37.74
C LEU K 688 88.98 13.06 -38.71
N GLU K 689 87.74 12.72 -38.37
CA GLU K 689 86.91 11.78 -39.15
C GLU K 689 86.64 12.37 -40.54
N VAL K 690 86.41 13.68 -40.61
CA VAL K 690 86.05 14.39 -41.88
C VAL K 690 87.33 14.55 -42.70
N ALA K 691 88.43 14.99 -42.08
CA ALA K 691 89.77 15.08 -42.72
C ALA K 691 90.15 13.71 -43.28
N SER K 692 90.12 12.68 -42.44
CA SER K 692 90.40 11.27 -42.80
C SER K 692 89.63 10.92 -44.08
N GLU K 693 88.38 11.37 -44.18
CA GLU K 693 87.53 11.16 -45.38
C GLU K 693 88.19 11.87 -46.56
N TYR K 694 88.41 13.18 -46.49
CA TYR K 694 88.96 14.02 -47.60
C TYR K 694 90.28 13.42 -48.11
N ILE K 695 91.14 12.97 -47.18
CA ILE K 695 92.49 12.40 -47.48
C ILE K 695 92.34 11.08 -48.25
N GLU K 696 91.46 10.17 -47.80
CA GLU K 696 91.38 8.76 -48.32
C GLU K 696 90.42 8.61 -49.48
N THR K 697 89.36 9.43 -49.61
CA THR K 697 88.30 9.27 -50.64
C THR K 697 88.61 10.06 -51.91
N LEU K 698 89.19 11.26 -51.78
CA LEU K 698 89.44 12.23 -52.89
C LEU K 698 90.89 12.05 -53.31
N GLY K 699 91.18 11.49 -54.47
CA GLY K 699 92.56 11.10 -54.83
C GLY K 699 93.47 12.32 -54.89
N LEU K 700 93.64 13.06 -53.79
CA LEU K 700 94.37 14.35 -53.76
C LEU K 700 95.83 14.06 -53.43
N LYS K 701 96.75 14.88 -53.91
CA LYS K 701 98.21 14.68 -53.69
C LYS K 701 98.63 15.43 -52.42
N TYR K 702 97.90 16.47 -51.99
CA TYR K 702 98.04 17.09 -50.64
C TYR K 702 96.72 17.71 -50.20
N LEU K 703 96.63 18.06 -48.91
CA LEU K 703 95.46 18.75 -48.30
C LEU K 703 95.95 20.02 -47.63
N GLY K 704 95.32 21.15 -47.95
CA GLY K 704 95.61 22.46 -47.33
C GLY K 704 94.63 22.76 -46.21
N LEU K 705 95.13 23.15 -45.05
CA LEU K 705 94.30 23.56 -43.89
C LEU K 705 94.76 24.96 -43.46
N LYS K 706 93.83 25.79 -42.99
CA LYS K 706 94.09 27.22 -42.70
C LYS K 706 93.78 27.49 -41.23
N PRO K 707 94.48 26.88 -40.27
CA PRO K 707 94.19 27.11 -38.86
C PRO K 707 94.44 28.59 -38.51
N GLY K 708 93.60 29.14 -37.63
CA GLY K 708 93.57 30.57 -37.30
C GLY K 708 94.08 30.86 -35.89
N SER K 709 94.12 29.84 -35.02
CA SER K 709 94.48 29.93 -33.58
C SER K 709 95.42 28.79 -33.20
N ILE K 710 96.01 28.85 -31.99
CA ILE K 710 96.90 27.80 -31.43
C ILE K 710 96.13 26.48 -31.38
N ASP K 711 94.86 26.51 -30.97
CA ASP K 711 93.99 25.30 -30.90
C ASP K 711 93.83 24.67 -32.28
N ALA K 712 93.57 25.50 -33.29
CA ALA K 712 93.37 25.07 -34.68
C ALA K 712 94.64 24.39 -35.20
N ILE K 713 95.81 24.94 -34.87
CA ILE K 713 97.12 24.37 -35.29
C ILE K 713 97.25 22.95 -34.71
N SER K 714 96.85 22.75 -33.45
CA SER K 714 96.88 21.41 -32.78
C SER K 714 96.00 20.44 -33.54
N GLN K 715 94.84 20.91 -34.01
CA GLN K 715 93.86 20.07 -34.75
C GLN K 715 94.53 19.61 -36.06
N VAL K 716 95.27 20.51 -36.73
CA VAL K 716 96.01 20.22 -37.99
C VAL K 716 97.06 19.15 -37.70
N ILE K 717 97.82 19.32 -36.61
CA ILE K 717 98.87 18.35 -36.18
C ILE K 717 98.24 16.97 -36.00
N ASN K 718 97.11 16.90 -35.30
CA ASN K 718 96.45 15.60 -34.99
C ASN K 718 95.97 14.93 -36.29
N ILE K 719 95.68 15.72 -37.32
CA ILE K 719 95.26 15.19 -38.66
C ILE K 719 96.51 14.60 -39.32
N ALA K 720 97.63 15.29 -39.22
CA ALA K 720 98.93 14.86 -39.80
C ALA K 720 99.42 13.60 -39.08
N LYS K 721 99.42 13.63 -37.73
CA LYS K 721 99.71 12.48 -36.83
C LYS K 721 99.01 11.22 -37.38
N ALA K 722 97.76 11.37 -37.78
CA ALA K 722 96.82 10.27 -38.14
C ALA K 722 97.05 9.79 -39.57
N HIS K 723 97.77 10.54 -40.40
CA HIS K 723 98.10 10.14 -41.80
C HIS K 723 99.54 10.57 -42.11
N PRO K 724 100.52 9.93 -41.47
CA PRO K 724 101.85 10.53 -41.34
C PRO K 724 102.62 10.52 -42.67
N ASN K 725 102.14 9.77 -43.66
CA ASN K 725 102.72 9.70 -45.03
C ASN K 725 101.90 10.53 -46.03
N PHE K 726 100.96 11.34 -45.57
CA PHE K 726 100.16 12.21 -46.47
C PHE K 726 100.58 13.65 -46.27
N PRO K 727 100.88 14.39 -47.34
CA PRO K 727 101.31 15.79 -47.22
C PRO K 727 100.16 16.73 -46.80
N ILE K 728 100.37 17.49 -45.73
CA ILE K 728 99.43 18.56 -45.26
C ILE K 728 100.13 19.91 -45.45
N ALA K 729 99.53 20.79 -46.24
CA ALA K 729 99.95 22.21 -46.35
C ALA K 729 99.25 22.99 -45.25
N LEU K 730 99.95 23.25 -44.15
CA LEU K 730 99.43 24.07 -43.03
C LEU K 730 99.67 25.53 -43.39
N GLN K 731 98.63 26.21 -43.90
CA GLN K 731 98.68 27.64 -44.32
C GLN K 731 98.40 28.51 -43.09
N TRP K 732 99.46 28.91 -42.39
CA TRP K 732 99.34 29.84 -41.23
C TRP K 732 99.07 31.26 -41.72
N THR K 733 98.19 31.96 -41.03
CA THR K 733 97.60 33.25 -41.46
C THR K 733 97.34 34.11 -40.23
N GLY K 734 97.69 35.39 -40.27
CA GLY K 734 97.46 36.34 -39.17
C GLY K 734 96.10 37.01 -39.23
N GLY K 735 95.76 37.78 -38.21
CA GLY K 735 94.58 38.67 -38.24
C GLY K 735 94.78 39.79 -39.25
N ARG K 736 96.05 40.15 -39.50
CA ARG K 736 96.46 41.22 -40.46
C ARG K 736 96.13 40.82 -41.90
N GLY K 737 95.66 39.58 -42.11
CA GLY K 737 95.23 39.08 -43.44
C GLY K 737 94.06 39.87 -44.00
N GLY K 738 93.84 39.77 -45.32
CA GLY K 738 92.70 40.38 -46.01
C GLY K 738 91.51 39.46 -46.00
N GLY K 739 90.29 40.01 -46.19
CA GLY K 739 89.01 39.28 -46.17
C GLY K 739 88.66 38.84 -44.74
N HIS K 740 87.96 37.71 -44.61
CA HIS K 740 87.61 37.10 -43.29
C HIS K 740 88.92 36.87 -42.54
N HIS K 741 89.05 37.39 -41.31
CA HIS K 741 90.32 37.37 -40.52
C HIS K 741 90.11 37.03 -39.05
N SER K 742 91.17 36.54 -38.39
CA SER K 742 91.20 36.17 -36.95
C SER K 742 91.49 37.43 -36.12
N PHE K 743 91.64 37.28 -34.81
CA PHE K 743 92.03 38.36 -33.88
C PHE K 743 93.50 38.21 -33.47
N GLU K 744 94.17 37.19 -34.02
CA GLU K 744 95.51 36.66 -33.60
C GLU K 744 96.65 37.49 -34.19
N ASP K 745 97.72 37.69 -33.41
CA ASP K 745 99.03 38.18 -33.91
C ASP K 745 99.57 37.15 -34.91
N ALA K 746 100.35 37.59 -35.90
CA ALA K 746 100.92 36.74 -36.96
C ALA K 746 102.10 35.90 -36.44
N HIS K 747 102.75 36.32 -35.35
CA HIS K 747 104.07 35.78 -34.92
C HIS K 747 103.91 34.83 -33.72
N THR K 748 103.30 35.28 -32.63
CA THR K 748 103.22 34.54 -31.34
C THR K 748 102.78 33.09 -31.57
N PRO K 749 101.68 32.82 -32.31
CA PRO K 749 101.20 31.45 -32.51
C PRO K 749 102.26 30.54 -33.14
N MET K 750 103.07 31.09 -34.06
CA MET K 750 104.15 30.31 -34.74
C MET K 750 105.31 30.10 -33.77
N LEU K 751 105.71 31.13 -33.01
CA LEU K 751 106.74 31.00 -31.95
C LEU K 751 106.33 29.86 -31.00
N GLN K 752 105.06 29.78 -30.60
CA GLN K 752 104.57 28.76 -29.63
C GLN K 752 104.55 27.37 -30.26
N MET K 753 104.20 27.26 -31.54
CA MET K 753 103.81 25.94 -32.12
C MET K 753 104.87 25.39 -33.08
N TYR K 754 105.78 26.21 -33.59
CA TYR K 754 106.77 25.83 -34.64
C TYR K 754 107.38 24.47 -34.30
N SER K 755 107.91 24.32 -33.09
CA SER K 755 108.59 23.09 -32.62
C SER K 755 107.66 21.88 -32.81
N LYS K 756 106.40 22.00 -32.36
CA LYS K 756 105.41 20.89 -32.42
C LYS K 756 105.05 20.58 -33.88
N ILE K 757 105.06 21.59 -34.74
CA ILE K 757 104.70 21.43 -36.18
C ILE K 757 105.78 20.58 -36.84
N ARG K 758 107.05 20.91 -36.55
CA ARG K 758 108.23 20.28 -37.19
C ARG K 758 108.49 18.87 -36.62
N ARG K 759 107.77 18.45 -35.59
CA ARG K 759 107.82 17.05 -35.10
C ARG K 759 107.07 16.15 -36.11
N HIS K 760 106.42 16.71 -37.13
CA HIS K 760 105.62 15.93 -38.11
C HIS K 760 106.11 16.21 -39.54
N PRO K 761 107.00 15.36 -40.08
CA PRO K 761 107.63 15.60 -41.37
C PRO K 761 106.65 15.94 -42.51
N ASN K 762 105.44 15.38 -42.45
CA ASN K 762 104.44 15.46 -43.55
C ASN K 762 103.75 16.84 -43.59
N ILE K 763 103.95 17.69 -42.58
CA ILE K 763 103.39 19.08 -42.59
C ILE K 763 104.35 19.99 -43.35
N MET K 764 103.87 20.61 -44.42
CA MET K 764 104.60 21.62 -45.22
C MET K 764 104.10 23.00 -44.75
N LEU K 765 104.92 23.72 -43.99
CA LEU K 765 104.48 24.88 -43.20
C LEU K 765 104.60 26.14 -44.06
N ILE K 766 103.48 26.77 -44.39
CA ILE K 766 103.42 27.96 -45.29
C ILE K 766 102.96 29.18 -44.50
N PHE K 767 103.59 30.33 -44.72
CA PHE K 767 103.30 31.60 -44.01
C PHE K 767 102.54 32.52 -44.96
N GLY K 768 101.39 33.02 -44.51
CA GLY K 768 100.54 33.96 -45.28
C GLY K 768 100.18 35.17 -44.44
N SER K 769 99.80 36.27 -45.11
CA SER K 769 99.18 37.48 -44.52
C SER K 769 100.23 38.61 -44.44
N GLY K 770 99.94 39.73 -45.10
CA GLY K 770 100.77 40.94 -45.05
C GLY K 770 101.96 40.87 -45.99
N PHE K 771 102.10 39.80 -46.78
CA PHE K 771 103.28 39.61 -47.67
C PHE K 771 102.97 40.16 -49.06
N GLY K 772 104.01 40.72 -49.70
CA GLY K 772 103.91 41.43 -50.99
C GLY K 772 105.14 41.30 -51.86
N SER K 773 106.32 41.00 -51.31
CA SER K 773 107.60 41.06 -52.06
C SER K 773 108.59 40.00 -51.57
N ALA K 774 109.72 39.89 -52.27
CA ALA K 774 110.86 39.02 -51.89
C ALA K 774 111.48 39.55 -50.58
N ASP K 775 111.51 40.87 -50.40
CA ASP K 775 112.23 41.55 -49.29
C ASP K 775 111.60 41.24 -47.94
N ASP K 776 110.29 41.46 -47.80
CA ASP K 776 109.55 41.36 -46.51
C ASP K 776 109.39 39.88 -46.14
N THR K 777 109.37 39.02 -47.16
CA THR K 777 109.05 37.58 -47.07
C THR K 777 110.33 36.77 -46.76
N TYR K 778 111.50 37.28 -47.17
CA TYR K 778 112.80 36.53 -47.15
C TYR K 778 113.17 36.13 -45.72
N PRO K 779 113.10 37.02 -44.71
CA PRO K 779 113.52 36.66 -43.36
C PRO K 779 112.74 35.47 -42.77
N TYR K 780 111.60 35.11 -43.37
CA TYR K 780 110.78 33.95 -42.93
C TYR K 780 111.27 32.69 -43.65
N LEU K 781 111.86 32.84 -44.84
CA LEU K 781 112.44 31.72 -45.62
C LEU K 781 113.76 31.29 -44.97
N THR K 782 114.61 32.27 -44.65
CA THR K 782 115.89 32.15 -43.90
C THR K 782 115.63 31.54 -42.53
N GLY K 783 114.57 31.99 -41.86
CA GLY K 783 114.25 31.65 -40.46
C GLY K 783 114.79 32.70 -39.51
N GLU K 784 115.41 33.76 -40.03
CA GLU K 784 116.07 34.80 -39.20
C GLU K 784 115.00 35.65 -38.51
N TRP K 785 113.74 35.55 -38.94
CA TRP K 785 112.62 36.36 -38.38
C TRP K 785 112.52 36.12 -36.87
N SER K 786 112.62 34.87 -36.41
CA SER K 786 112.38 34.49 -34.99
C SER K 786 113.53 34.96 -34.09
N THR K 787 114.68 35.31 -34.68
CA THR K 787 115.84 35.96 -33.99
C THR K 787 115.39 37.20 -33.22
N LYS K 788 114.62 38.09 -33.87
CA LYS K 788 114.09 39.35 -33.28
C LYS K 788 113.49 39.05 -31.90
N PHE K 789 112.90 37.87 -31.69
CA PHE K 789 112.17 37.51 -30.44
C PHE K 789 113.00 36.60 -29.51
N ASP K 790 114.34 36.55 -29.65
CA ASP K 790 115.27 35.71 -28.83
C ASP K 790 114.87 34.22 -28.86
N TYR K 791 114.32 33.77 -29.99
CA TYR K 791 114.11 32.33 -30.33
C TYR K 791 115.14 31.92 -31.37
N PRO K 792 115.46 30.62 -31.49
CA PRO K 792 116.33 30.16 -32.57
C PRO K 792 115.70 30.42 -33.93
N PRO K 793 116.48 30.40 -35.03
CA PRO K 793 115.92 30.52 -36.38
C PRO K 793 114.83 29.47 -36.67
N MET K 794 113.76 29.87 -37.38
CA MET K 794 112.58 29.03 -37.69
C MET K 794 112.18 29.16 -39.15
N PRO K 795 112.93 28.58 -40.11
CA PRO K 795 112.61 28.78 -41.52
C PRO K 795 111.28 28.11 -41.94
N PHE K 796 110.58 28.73 -42.89
CA PHE K 796 109.27 28.31 -43.45
C PHE K 796 109.45 27.76 -44.87
N ASP K 797 108.52 26.89 -45.28
CA ASP K 797 108.63 26.09 -46.52
C ASP K 797 108.02 26.83 -47.70
N GLY K 798 107.25 27.88 -47.47
CA GLY K 798 106.50 28.55 -48.56
C GLY K 798 105.78 29.79 -48.10
N PHE K 799 105.04 30.43 -49.01
CA PHE K 799 104.31 31.70 -48.77
C PHE K 799 103.09 31.80 -49.67
N LEU K 800 102.07 32.52 -49.19
CA LEU K 800 100.87 32.84 -49.98
C LEU K 800 100.62 34.34 -49.95
N PHE K 801 100.21 34.85 -51.11
CA PHE K 801 99.96 36.29 -51.37
C PHE K 801 98.51 36.43 -51.82
N GLY K 802 97.66 36.96 -50.96
CA GLY K 802 96.24 37.18 -51.28
C GLY K 802 96.05 38.56 -51.86
N SER K 803 96.06 39.55 -50.96
CA SER K 803 95.83 40.98 -51.27
C SER K 803 96.80 41.45 -52.36
N ARG K 804 98.09 41.08 -52.29
CA ARG K 804 99.16 41.58 -53.20
C ARG K 804 98.76 41.41 -54.67
N VAL K 805 98.02 40.35 -54.97
CA VAL K 805 97.76 39.85 -56.35
C VAL K 805 96.48 40.48 -56.95
N MET K 806 95.73 41.26 -56.17
CA MET K 806 94.34 41.69 -56.52
C MET K 806 94.32 42.73 -57.63
N ILE K 807 95.47 43.26 -58.02
CA ILE K 807 95.55 44.30 -59.09
C ILE K 807 96.38 43.77 -60.26
N ALA K 808 96.71 42.47 -60.26
CA ALA K 808 97.29 41.76 -61.42
C ALA K 808 96.49 42.08 -62.68
N LYS K 809 97.11 42.01 -63.85
CA LYS K 809 96.41 42.28 -65.12
C LYS K 809 95.24 41.33 -65.28
N GLU K 810 95.44 40.04 -64.99
CA GLU K 810 94.51 38.98 -65.45
C GLU K 810 93.46 38.66 -64.37
N VAL K 811 93.46 39.30 -63.19
CA VAL K 811 92.28 39.25 -62.27
C VAL K 811 91.18 40.15 -62.87
N LYS K 812 89.93 39.89 -62.49
CA LYS K 812 88.72 40.54 -63.07
C LYS K 812 88.34 41.79 -62.28
N THR K 813 89.12 42.13 -61.26
CA THR K 813 88.91 43.34 -60.43
C THR K 813 88.69 44.51 -61.40
N SER K 814 87.60 45.26 -61.25
CA SER K 814 87.22 46.36 -62.17
C SER K 814 88.31 47.43 -62.19
N PRO K 815 88.54 48.08 -63.34
CA PRO K 815 89.54 49.16 -63.47
C PRO K 815 89.58 50.15 -62.30
N ASP K 816 88.42 50.67 -61.90
CA ASP K 816 88.34 51.67 -60.80
C ASP K 816 88.63 51.01 -59.45
N ALA K 817 88.31 49.72 -59.32
CA ALA K 817 88.54 48.94 -58.09
C ALA K 817 90.05 48.76 -57.89
N LYS K 818 90.79 48.48 -58.97
CA LYS K 818 92.27 48.32 -58.94
C LYS K 818 92.90 49.64 -58.49
N LYS K 819 92.41 50.76 -59.06
CA LYS K 819 92.85 52.13 -58.70
C LYS K 819 92.68 52.36 -57.19
N CYS K 820 91.52 51.95 -56.65
CA CYS K 820 91.11 52.12 -55.24
C CYS K 820 92.00 51.27 -54.32
N ILE K 821 92.27 50.02 -54.72
CA ILE K 821 93.15 49.07 -53.98
C ILE K 821 94.56 49.66 -53.96
N ALA K 822 95.02 50.13 -55.11
CA ALA K 822 96.38 50.68 -55.32
C ALA K 822 96.60 51.86 -54.36
N ALA K 823 95.65 52.79 -54.31
CA ALA K 823 95.74 54.05 -53.54
C ALA K 823 95.77 53.76 -52.03
N CYS K 824 95.43 52.54 -51.59
CA CYS K 824 95.55 52.15 -50.17
C CYS K 824 97.04 52.11 -49.81
N THR K 825 97.51 53.12 -49.07
CA THR K 825 98.83 53.06 -48.39
C THR K 825 98.62 51.97 -47.36
N GLY K 826 99.46 50.97 -47.27
CA GLY K 826 99.22 49.97 -46.22
C GLY K 826 99.44 50.59 -44.85
N VAL K 827 99.63 49.74 -43.84
CA VAL K 827 100.24 50.12 -42.55
C VAL K 827 101.20 49.00 -42.13
N PRO K 828 102.27 49.29 -41.35
CA PRO K 828 103.13 48.23 -40.80
C PRO K 828 102.39 47.31 -39.81
N ASP K 829 102.92 46.11 -39.55
CA ASP K 829 102.29 45.08 -38.68
C ASP K 829 101.98 45.66 -37.29
N ASP K 830 102.79 46.58 -36.76
CA ASP K 830 102.63 47.12 -35.38
C ASP K 830 101.38 48.02 -35.29
N LYS K 831 100.71 48.36 -36.40
CA LYS K 831 99.53 49.28 -36.36
C LYS K 831 98.28 48.62 -36.96
N TRP K 832 98.34 47.34 -37.36
CA TRP K 832 97.28 46.71 -38.19
C TRP K 832 95.96 46.67 -37.41
N GLU K 833 96.02 46.52 -36.10
CA GLU K 833 94.82 46.27 -35.24
C GLU K 833 93.94 47.53 -35.13
N GLN K 834 94.43 48.68 -35.57
CA GLN K 834 93.65 49.95 -35.56
C GLN K 834 92.48 49.85 -36.54
N THR K 835 92.46 48.84 -37.42
CA THR K 835 91.34 48.61 -38.37
C THR K 835 90.03 48.38 -37.60
N TYR K 836 90.09 47.83 -36.38
CA TYR K 836 88.90 47.56 -35.53
C TYR K 836 88.19 48.88 -35.24
N LYS K 837 88.92 49.97 -35.02
CA LYS K 837 88.34 51.29 -34.59
C LYS K 837 88.05 52.16 -35.82
N LYS K 838 89.04 52.42 -36.67
CA LYS K 838 88.95 53.46 -37.74
C LYS K 838 89.67 53.00 -39.00
N PRO K 839 89.50 53.70 -40.14
CA PRO K 839 90.28 53.43 -41.35
C PRO K 839 91.78 53.53 -41.06
N THR K 840 92.52 52.49 -41.44
CA THR K 840 93.96 52.31 -41.14
C THR K 840 94.63 51.84 -42.43
N GLY K 841 95.45 52.68 -43.05
CA GLY K 841 95.99 52.44 -44.39
C GLY K 841 94.90 52.39 -45.44
N GLY K 842 93.72 52.96 -45.15
CA GLY K 842 92.53 52.93 -46.01
C GLY K 842 91.80 51.59 -45.95
N ILE K 843 92.01 50.82 -44.86
CA ILE K 843 91.31 49.53 -44.56
C ILE K 843 90.63 49.62 -43.19
N VAL K 844 89.41 49.10 -43.08
CA VAL K 844 88.70 48.88 -41.78
C VAL K 844 88.34 47.40 -41.68
N THR K 845 88.12 46.92 -40.47
CA THR K 845 87.44 45.63 -40.24
C THR K 845 85.98 45.96 -39.89
N VAL K 846 85.11 44.96 -40.02
CA VAL K 846 83.66 45.10 -40.30
C VAL K 846 83.04 43.70 -40.18
N ARG K 847 81.83 43.55 -39.63
CA ARG K 847 81.26 42.22 -39.32
C ARG K 847 80.47 41.69 -40.52
N SER K 848 80.63 40.41 -40.87
CA SER K 848 79.80 39.67 -41.86
C SER K 848 78.40 39.47 -41.27
N GLU K 849 77.44 38.94 -42.06
CA GLU K 849 76.05 38.72 -41.57
C GLU K 849 76.07 37.73 -40.40
N MET K 850 77.09 36.85 -40.35
CA MET K 850 77.30 35.83 -39.28
C MET K 850 78.15 36.41 -38.13
N GLY K 851 78.73 37.61 -38.28
CA GLY K 851 79.42 38.34 -37.18
C GLY K 851 80.93 38.12 -37.13
N GLU K 852 81.49 37.35 -38.06
CA GLU K 852 82.96 37.14 -38.22
C GLU K 852 83.55 38.45 -38.75
N PRO K 853 84.79 38.87 -38.35
CA PRO K 853 85.38 40.10 -38.85
C PRO K 853 85.92 39.94 -40.28
N ILE K 854 85.87 41.02 -41.06
CA ILE K 854 86.34 41.08 -42.48
C ILE K 854 87.15 42.37 -42.67
N HIS K 855 88.37 42.26 -43.22
CA HIS K 855 89.19 43.40 -43.66
C HIS K 855 88.72 43.82 -45.05
N LYS K 856 88.10 45.00 -45.14
CA LYS K 856 87.63 45.60 -46.41
C LYS K 856 88.25 46.98 -46.57
N ILE K 857 88.35 47.47 -47.81
CA ILE K 857 88.75 48.88 -48.08
C ILE K 857 87.62 49.77 -47.59
N ALA K 858 87.99 50.85 -46.89
CA ALA K 858 87.09 51.78 -46.17
C ALA K 858 86.39 52.73 -47.16
N THR K 859 85.74 52.19 -48.20
CA THR K 859 84.86 52.93 -49.14
C THR K 859 83.70 53.56 -48.35
N ARG K 860 82.96 54.50 -48.94
CA ARG K 860 81.75 55.11 -48.31
C ARG K 860 80.79 53.99 -47.90
N GLY K 861 80.55 53.04 -48.81
CA GLY K 861 79.64 51.88 -48.60
C GLY K 861 80.05 51.07 -47.38
N VAL K 862 81.35 50.76 -47.26
CA VAL K 862 81.88 49.93 -46.14
C VAL K 862 81.81 50.72 -44.84
N MET K 863 82.00 52.04 -44.90
CA MET K 863 81.92 52.92 -43.70
C MET K 863 80.46 53.01 -43.23
N LEU K 864 79.50 52.97 -44.15
CA LEU K 864 78.05 52.89 -43.79
C LEU K 864 77.81 51.53 -43.12
N TRP K 865 78.24 50.45 -43.77
CA TRP K 865 78.21 49.06 -43.23
C TRP K 865 78.75 49.07 -41.80
N LYS K 866 79.86 49.76 -41.56
CA LYS K 866 80.50 49.83 -40.23
C LYS K 866 79.54 50.53 -39.25
N GLU K 867 79.07 51.72 -39.61
CA GLU K 867 78.11 52.51 -38.79
C GLU K 867 76.93 51.62 -38.40
N PHE K 868 76.33 50.92 -39.37
CA PHE K 868 75.15 50.04 -39.17
C PHE K 868 75.50 48.85 -38.28
N ASP K 869 76.74 48.35 -38.32
CA ASP K 869 77.24 47.31 -37.38
C ASP K 869 77.16 47.86 -35.95
N GLU K 870 77.57 49.12 -35.74
CA GLU K 870 77.76 49.77 -34.42
C GLU K 870 76.44 50.37 -33.90
N THR K 871 75.38 50.40 -34.72
CA THR K 871 74.21 51.30 -34.57
C THR K 871 72.88 50.54 -34.64
N ILE K 872 72.80 49.46 -35.42
CA ILE K 872 71.52 48.78 -35.81
C ILE K 872 71.64 47.27 -35.59
N PHE K 873 72.66 46.64 -36.20
CA PHE K 873 72.80 45.17 -36.28
C PHE K 873 73.25 44.62 -34.93
N ASN K 874 73.67 45.48 -34.00
CA ASN K 874 74.11 45.11 -32.63
C ASN K 874 72.93 45.23 -31.64
N LEU K 875 71.84 45.90 -32.02
CA LEU K 875 70.69 46.18 -31.11
C LEU K 875 69.99 44.86 -30.80
N PRO K 876 69.43 44.69 -29.58
CA PRO K 876 68.60 43.53 -29.29
C PRO K 876 67.32 43.55 -30.15
N LYS K 877 66.94 42.39 -30.71
CA LYS K 877 65.80 42.16 -31.66
C LYS K 877 64.59 43.04 -31.33
N ASN K 878 64.27 43.22 -30.05
CA ASN K 878 63.09 44.01 -29.57
C ASN K 878 63.29 45.51 -29.88
N LYS K 879 64.53 45.98 -30.07
CA LYS K 879 64.84 47.42 -30.38
C LYS K 879 65.15 47.61 -31.88
N LEU K 880 65.21 46.54 -32.67
CA LEU K 880 65.64 46.62 -34.11
C LEU K 880 64.62 47.47 -34.86
N VAL K 881 63.37 47.02 -34.90
CA VAL K 881 62.32 47.57 -35.82
C VAL K 881 62.03 49.01 -35.42
N PRO K 882 61.86 49.35 -34.12
CA PRO K 882 61.71 50.75 -33.69
C PRO K 882 62.82 51.71 -34.17
N THR K 883 64.09 51.29 -34.13
CA THR K 883 65.24 52.12 -34.60
C THR K 883 65.16 52.29 -36.12
N LEU K 884 64.81 51.22 -36.85
CA LEU K 884 64.62 51.27 -38.32
C LEU K 884 63.56 52.31 -38.66
N GLU K 885 62.44 52.36 -37.92
CA GLU K 885 61.30 53.29 -38.20
C GLU K 885 61.72 54.71 -37.87
N ALA K 886 62.47 54.90 -36.77
CA ALA K 886 62.95 56.20 -36.28
C ALA K 886 63.93 56.80 -37.28
N LYS K 887 64.87 56.00 -37.80
CA LYS K 887 65.98 56.46 -38.68
C LYS K 887 65.64 56.18 -40.16
N ARG K 888 64.38 55.83 -40.45
CA ARG K 888 63.90 55.40 -41.79
C ARG K 888 64.46 56.32 -42.88
N ASP K 889 64.21 57.62 -42.76
CA ASP K 889 64.52 58.60 -43.82
C ASP K 889 66.05 58.72 -43.96
N TYR K 890 66.78 58.67 -42.84
CA TYR K 890 68.26 58.75 -42.81
C TYR K 890 68.87 57.51 -43.48
N ILE K 891 68.40 56.31 -43.10
CA ILE K 891 68.88 55.01 -43.65
C ILE K 891 68.71 55.01 -45.17
N ILE K 892 67.50 55.31 -45.65
CA ILE K 892 67.19 55.41 -47.10
C ILE K 892 68.17 56.39 -47.76
N SER K 893 68.38 57.55 -47.13
CA SER K 893 69.24 58.63 -47.68
C SER K 893 70.66 58.09 -47.93
N ARG K 894 71.17 57.28 -46.99
CA ARG K 894 72.57 56.78 -46.96
C ARG K 894 72.73 55.60 -47.91
N LEU K 895 71.79 54.66 -47.88
CA LEU K 895 71.72 53.59 -48.90
C LEU K 895 71.85 54.24 -50.29
N ASN K 896 71.04 55.26 -50.58
CA ASN K 896 70.97 55.88 -51.93
C ASN K 896 72.29 56.57 -52.27
N ALA K 897 72.84 57.32 -51.32
CA ALA K 897 74.08 58.11 -51.48
C ALA K 897 75.31 57.20 -51.60
N ASP K 898 75.43 56.17 -50.74
CA ASP K 898 76.74 55.59 -50.35
C ASP K 898 76.86 54.06 -50.53
N PHE K 899 75.80 53.32 -50.85
CA PHE K 899 75.89 51.83 -50.76
C PHE K 899 75.61 51.18 -52.11
N GLN K 900 76.07 49.94 -52.27
CA GLN K 900 76.04 49.20 -53.56
C GLN K 900 74.65 48.60 -53.78
N LYS K 901 73.84 48.55 -52.72
CA LYS K 901 72.40 48.21 -52.77
C LYS K 901 71.61 49.46 -52.38
N PRO K 902 71.10 50.23 -53.37
CA PRO K 902 70.35 51.44 -53.05
C PRO K 902 68.99 51.05 -52.46
N TRP K 903 68.24 52.03 -51.95
CA TRP K 903 66.82 51.85 -51.57
C TRP K 903 66.01 51.66 -52.84
N PHE K 904 65.34 50.53 -53.03
CA PHE K 904 64.64 50.22 -54.31
C PHE K 904 63.65 51.32 -54.60
N ALA K 905 62.81 51.63 -53.62
CA ALA K 905 61.61 52.48 -53.79
C ALA K 905 62.02 53.95 -53.74
N THR K 906 62.82 54.38 -54.70
CA THR K 906 63.15 55.82 -54.87
C THR K 906 63.03 56.14 -56.36
N VAL K 907 62.17 57.09 -56.66
CA VAL K 907 61.71 57.45 -58.03
C VAL K 907 62.15 58.88 -58.31
N ASN K 908 63.00 59.06 -59.33
CA ASN K 908 63.50 60.41 -59.71
C ASN K 908 64.14 61.06 -58.48
N GLY K 909 64.93 60.28 -57.75
CA GLY K 909 65.71 60.74 -56.58
C GLY K 909 64.85 61.10 -55.39
N GLN K 910 63.57 60.73 -55.39
CA GLN K 910 62.64 61.02 -54.27
C GLN K 910 62.30 59.69 -53.57
N ALA K 911 62.52 59.61 -52.26
CA ALA K 911 62.26 58.41 -51.44
C ALA K 911 60.78 58.06 -51.45
N ARG K 912 60.44 56.78 -51.56
CA ARG K 912 59.05 56.27 -51.49
C ARG K 912 59.07 54.97 -50.67
N ASP K 913 58.00 54.18 -50.74
CA ASP K 913 57.98 52.75 -50.36
C ASP K 913 57.32 52.03 -51.54
N LEU K 914 57.55 50.74 -51.69
CA LEU K 914 56.76 49.84 -52.58
C LEU K 914 55.29 50.26 -52.59
N ALA K 915 54.71 50.55 -51.44
CA ALA K 915 53.25 50.79 -51.27
C ALA K 915 52.82 52.12 -51.93
N THR K 916 53.76 53.03 -52.22
CA THR K 916 53.51 54.41 -52.71
C THR K 916 54.22 54.65 -54.05
N MET K 917 54.52 53.57 -54.78
CA MET K 917 55.01 53.57 -56.18
C MET K 917 53.93 52.95 -57.06
N THR K 918 53.75 53.45 -58.28
CA THR K 918 52.80 52.86 -59.25
C THR K 918 53.44 51.61 -59.87
N TYR K 919 52.62 50.75 -60.46
CA TYR K 919 53.08 49.53 -61.16
C TYR K 919 54.14 49.97 -62.16
N GLU K 920 53.89 51.06 -62.89
CA GLU K 920 54.83 51.58 -63.92
C GLU K 920 56.15 51.99 -63.25
N GLU K 921 56.09 52.76 -62.17
CA GLU K 921 57.30 53.27 -61.48
C GLU K 921 58.20 52.10 -61.07
N VAL K 922 57.60 51.00 -60.62
CA VAL K 922 58.29 49.76 -60.16
C VAL K 922 58.97 49.10 -61.36
N ALA K 923 58.21 48.81 -62.42
CA ALA K 923 58.75 48.19 -63.66
C ALA K 923 59.96 48.99 -64.14
N LYS K 924 59.87 50.32 -64.14
CA LYS K 924 60.93 51.21 -64.67
C LYS K 924 62.15 51.16 -63.75
N ARG K 925 61.91 51.12 -62.44
CA ARG K 925 62.97 51.08 -61.41
C ARG K 925 63.73 49.74 -61.49
N LEU K 926 63.03 48.65 -61.79
CA LEU K 926 63.67 47.32 -61.94
C LEU K 926 64.67 47.38 -63.10
N VAL K 927 64.24 47.99 -64.21
CA VAL K 927 65.08 48.14 -65.43
C VAL K 927 66.25 49.07 -65.09
N GLU K 928 65.99 50.13 -64.33
CA GLU K 928 67.02 51.15 -63.99
C GLU K 928 68.19 50.46 -63.25
N LEU K 929 67.91 49.47 -62.41
CA LEU K 929 68.92 48.91 -61.47
C LEU K 929 69.46 47.57 -61.96
N MET K 930 68.76 46.87 -62.85
CA MET K 930 69.08 45.47 -63.21
C MET K 930 69.52 45.35 -64.68
N PHE K 931 69.10 46.29 -65.53
CA PHE K 931 69.46 46.28 -66.97
C PHE K 931 70.60 47.27 -67.19
N ILE K 932 71.74 46.78 -67.64
CA ILE K 932 73.00 47.57 -67.82
C ILE K 932 72.95 48.21 -69.21
N ARG K 933 72.79 49.54 -69.25
CA ARG K 933 72.71 50.31 -70.52
C ARG K 933 74.03 50.13 -71.28
N SER K 934 75.16 50.33 -70.58
CA SER K 934 76.53 50.31 -71.14
C SER K 934 76.80 49.03 -71.95
N THR K 935 76.27 47.89 -71.54
CA THR K 935 76.46 46.56 -72.21
C THR K 935 75.18 46.14 -72.96
N ASN K 936 74.12 46.96 -72.89
CA ASN K 936 72.79 46.73 -73.51
C ASN K 936 72.28 45.31 -73.23
N SER K 937 72.31 44.89 -71.97
CA SER K 937 71.89 43.52 -71.55
C SER K 937 71.49 43.48 -70.08
N TRP K 938 70.71 42.48 -69.68
CA TRP K 938 70.37 42.24 -68.26
C TRP K 938 71.60 41.69 -67.56
N PHE K 939 72.04 42.29 -66.46
CA PHE K 939 73.28 41.88 -65.78
C PHE K 939 73.23 40.38 -65.46
N ASP K 940 72.07 39.83 -65.15
CA ASP K 940 71.86 38.39 -64.89
C ASP K 940 70.47 38.01 -65.44
N VAL K 941 70.35 36.85 -66.07
CA VAL K 941 69.07 36.44 -66.73
C VAL K 941 67.95 36.34 -65.68
N THR K 942 68.25 35.96 -64.44
CA THR K 942 67.21 35.81 -63.38
C THR K 942 66.60 37.17 -63.04
N TRP K 943 67.36 38.26 -63.17
CA TRP K 943 66.82 39.62 -62.97
C TRP K 943 65.84 39.94 -64.09
N ARG K 944 66.05 39.39 -65.28
CA ARG K 944 65.11 39.59 -66.40
C ARG K 944 63.85 38.80 -66.09
N THR K 945 63.99 37.55 -65.67
CA THR K 945 62.86 36.67 -65.27
C THR K 945 62.01 37.39 -64.22
N PHE K 946 62.65 38.00 -63.21
CA PHE K 946 61.99 38.80 -62.14
C PHE K 946 61.07 39.81 -62.81
N THR K 947 61.60 40.72 -63.62
CA THR K 947 60.81 41.88 -64.11
C THR K 947 59.84 41.36 -65.17
N GLY K 948 60.16 40.25 -65.81
CA GLY K 948 59.18 39.55 -66.68
C GLY K 948 57.98 39.11 -65.86
N ASP K 949 58.22 38.32 -64.81
CA ASP K 949 57.17 37.82 -63.89
C ASP K 949 56.38 39.01 -63.35
N PHE K 950 57.05 40.13 -63.03
CA PHE K 950 56.39 41.33 -62.46
C PHE K 950 55.42 41.92 -63.48
N LEU K 951 55.81 42.02 -64.74
CA LEU K 951 54.94 42.58 -65.81
C LEU K 951 53.74 41.66 -66.00
N ARG K 952 53.93 40.34 -65.96
CA ARG K 952 52.84 39.36 -66.07
C ARG K 952 51.83 39.60 -64.94
N ARG K 953 52.29 39.99 -63.74
CA ARG K 953 51.39 40.33 -62.60
C ARG K 953 50.53 41.53 -62.95
N VAL K 954 51.14 42.52 -63.59
CA VAL K 954 50.47 43.77 -64.00
C VAL K 954 49.31 43.35 -64.90
N GLU K 955 49.57 42.48 -65.86
CA GLU K 955 48.52 42.05 -66.82
C GLU K 955 47.41 41.35 -66.03
N GLU K 956 47.79 40.45 -65.13
CA GLU K 956 46.84 39.67 -64.29
C GLU K 956 45.95 40.65 -63.52
N ARG K 957 46.52 41.67 -62.90
CA ARG K 957 45.79 42.56 -61.97
C ARG K 957 44.83 43.46 -62.76
N PHE K 958 45.25 43.93 -63.94
CA PHE K 958 44.59 45.04 -64.67
C PHE K 958 43.75 44.51 -65.83
N THR K 959 43.95 43.28 -66.30
CA THR K 959 43.01 42.67 -67.27
C THR K 959 41.69 42.43 -66.57
N LYS K 960 40.58 42.61 -67.30
CA LYS K 960 39.20 42.42 -66.79
C LYS K 960 38.74 41.02 -67.17
N SER K 961 39.45 40.32 -68.05
CA SER K 961 39.12 38.95 -68.49
C SER K 961 40.34 38.29 -69.11
N LYS K 962 40.27 36.96 -69.24
CA LYS K 962 41.41 36.11 -69.69
C LYS K 962 41.76 36.57 -71.10
N THR K 963 43.05 36.84 -71.35
CA THR K 963 43.66 37.12 -72.70
C THR K 963 45.08 36.57 -72.69
N LEU K 964 45.77 36.68 -73.83
CA LEU K 964 47.16 36.22 -73.99
C LEU K 964 48.04 37.36 -73.46
N SER K 965 49.16 37.00 -72.82
CA SER K 965 50.19 37.95 -72.33
C SER K 965 50.79 38.69 -73.50
N LEU K 966 51.10 39.96 -73.31
CA LEU K 966 51.86 40.78 -74.29
C LEU K 966 53.35 40.47 -74.19
N ILE K 967 53.76 39.68 -73.19
CA ILE K 967 55.16 39.19 -73.04
C ILE K 967 55.11 37.67 -73.18
N GLN K 968 55.00 37.17 -74.41
CA GLN K 968 54.91 35.71 -74.65
C GLN K 968 56.27 35.07 -74.29
N SER K 969 57.36 35.83 -74.43
CA SER K 969 58.73 35.36 -74.17
C SER K 969 59.56 36.49 -73.53
N TYR K 970 60.21 36.21 -72.41
CA TYR K 970 61.00 37.21 -71.65
C TYR K 970 62.14 37.74 -72.52
N SER K 971 62.41 37.13 -73.67
CA SER K 971 63.28 37.69 -74.74
C SER K 971 62.91 39.15 -74.99
N LEU K 972 61.62 39.45 -75.08
CA LEU K 972 61.11 40.79 -75.47
C LEU K 972 61.72 41.86 -74.55
N LEU K 973 62.05 41.49 -73.31
CA LEU K 973 62.63 42.39 -72.27
C LEU K 973 64.04 42.85 -72.69
N ASP K 974 64.68 42.20 -73.67
CA ASP K 974 66.06 42.56 -74.11
C ASP K 974 66.05 43.95 -74.75
N LYS K 975 64.88 44.46 -75.19
CA LYS K 975 64.58 45.91 -75.38
C LYS K 975 63.57 46.35 -74.33
N PRO K 976 64.01 46.65 -73.09
CA PRO K 976 63.12 46.74 -71.94
C PRO K 976 62.14 47.91 -72.02
N ASP K 977 62.61 49.08 -72.44
CA ASP K 977 61.81 50.34 -72.51
C ASP K 977 60.53 50.07 -73.31
N GLU K 978 60.66 49.26 -74.37
CA GLU K 978 59.59 49.01 -75.37
C GLU K 978 58.62 47.98 -74.80
N ALA K 979 59.14 46.95 -74.15
CA ALA K 979 58.36 45.93 -73.42
C ALA K 979 57.45 46.62 -72.39
N ILE K 980 58.00 47.53 -71.60
CA ILE K 980 57.24 48.31 -70.59
C ILE K 980 56.13 49.08 -71.31
N GLU K 981 56.47 49.86 -72.33
CA GLU K 981 55.49 50.69 -73.08
C GLU K 981 54.37 49.80 -73.61
N LYS K 982 54.69 48.60 -74.07
CA LYS K 982 53.69 47.68 -74.69
C LYS K 982 52.62 47.32 -73.66
N VAL K 983 53.07 46.93 -72.46
CA VAL K 983 52.24 46.40 -71.35
C VAL K 983 51.37 47.52 -70.78
N PHE K 984 51.99 48.66 -70.45
CA PHE K 984 51.30 49.79 -69.80
C PHE K 984 50.43 50.54 -70.83
N ASN K 985 50.69 50.43 -72.13
CA ASN K 985 49.78 50.96 -73.19
C ASN K 985 48.49 50.14 -73.16
N ALA K 986 48.57 48.84 -72.91
CA ALA K 986 47.40 47.94 -72.84
C ALA K 986 46.67 48.08 -71.50
N TYR K 987 47.38 48.45 -70.43
CA TYR K 987 46.85 48.53 -69.05
C TYR K 987 47.24 49.87 -68.46
N PRO K 988 46.80 50.99 -69.08
CA PRO K 988 47.27 52.32 -68.69
C PRO K 988 46.81 52.69 -67.28
N ALA K 989 45.76 52.02 -66.78
CA ALA K 989 45.28 52.13 -65.40
C ALA K 989 46.45 51.97 -64.44
N ALA K 990 47.39 51.09 -64.77
CA ALA K 990 48.51 50.68 -63.91
C ALA K 990 49.58 51.77 -63.86
N ARG K 991 49.50 52.79 -64.72
CA ARG K 991 50.41 53.96 -64.64
C ARG K 991 50.00 54.84 -63.46
N GLU K 992 48.74 54.74 -63.03
CA GLU K 992 48.09 55.71 -62.12
C GLU K 992 47.74 55.08 -60.77
N GLN K 993 48.03 53.79 -60.54
CA GLN K 993 47.61 53.11 -59.29
C GLN K 993 48.85 52.60 -58.53
N PHE K 994 48.96 52.91 -57.25
CA PHE K 994 49.97 52.31 -56.35
C PHE K 994 49.78 50.80 -56.36
N LEU K 995 50.84 50.07 -55.99
CA LEU K 995 50.82 48.59 -55.85
C LEU K 995 49.66 48.21 -54.93
N ASN K 996 48.80 47.31 -55.39
CA ASN K 996 47.83 46.57 -54.55
C ASN K 996 48.61 45.93 -53.40
N ALA K 997 48.11 45.98 -52.18
CA ALA K 997 48.82 45.46 -50.98
C ALA K 997 49.26 44.01 -51.19
N GLN K 998 48.49 43.22 -51.94
CA GLN K 998 48.78 41.79 -52.24
C GLN K 998 50.04 41.69 -53.11
N ASP K 999 50.21 42.65 -54.02
CA ASP K 999 51.31 42.65 -55.02
C ASP K 999 52.58 43.21 -54.37
N ILE K 1000 52.46 43.92 -53.26
CA ILE K 1000 53.64 44.30 -52.45
C ILE K 1000 54.23 43.02 -51.88
N ASP K 1001 53.39 42.20 -51.27
CA ASP K 1001 53.81 40.93 -50.64
C ASP K 1001 54.38 40.02 -51.72
N HIS K 1002 53.81 40.00 -52.92
CA HIS K 1002 54.31 39.16 -54.04
C HIS K 1002 55.68 39.67 -54.49
N PHE K 1003 55.86 40.98 -54.62
CA PHE K 1003 57.16 41.57 -55.00
C PHE K 1003 58.21 41.19 -53.95
N LEU K 1004 57.86 41.30 -52.67
CA LEU K 1004 58.84 41.04 -51.58
C LEU K 1004 59.13 39.55 -51.52
N SER K 1005 58.19 38.73 -51.98
CA SER K 1005 58.33 37.26 -52.02
C SER K 1005 59.27 36.87 -53.16
N MET K 1006 59.09 37.46 -54.34
CA MET K 1006 59.99 37.26 -55.51
C MET K 1006 61.43 37.63 -55.12
N CYS K 1007 61.60 38.60 -54.22
CA CYS K 1007 62.92 39.05 -53.72
C CYS K 1007 63.55 37.99 -52.82
N GLN K 1008 62.80 37.02 -52.29
CA GLN K 1008 63.34 35.95 -51.41
C GLN K 1008 63.61 34.70 -52.25
N ASN K 1009 63.22 34.69 -53.51
CA ASN K 1009 63.37 33.53 -54.44
C ASN K 1009 64.82 33.06 -54.43
N PRO K 1010 65.09 31.82 -53.97
CA PRO K 1010 66.46 31.32 -53.86
C PRO K 1010 67.03 30.79 -55.19
N MET K 1011 66.23 30.66 -56.24
CA MET K 1011 66.66 30.22 -57.60
C MET K 1011 66.99 31.44 -58.45
N GLN K 1012 67.47 32.53 -57.86
CA GLN K 1012 67.70 33.79 -58.61
C GLN K 1012 68.79 34.60 -57.92
N LYS K 1013 69.54 35.40 -58.68
CA LYS K 1013 70.65 36.22 -58.12
C LYS K 1013 70.01 37.21 -57.16
N PRO K 1014 70.49 37.26 -55.90
CA PRO K 1014 70.00 38.26 -54.94
C PRO K 1014 69.84 39.62 -55.62
N VAL K 1015 68.63 40.14 -55.47
CA VAL K 1015 68.15 41.46 -55.96
C VAL K 1015 69.13 42.55 -55.51
N PRO K 1016 69.56 43.46 -56.43
CA PRO K 1016 70.61 44.43 -56.12
C PRO K 1016 70.10 45.75 -55.54
N PHE K 1017 69.31 45.64 -54.46
CA PHE K 1017 68.66 46.79 -53.77
C PHE K 1017 68.01 46.33 -52.47
N VAL K 1018 67.65 47.29 -51.62
CA VAL K 1018 66.90 47.04 -50.37
C VAL K 1018 65.44 47.40 -50.64
N PRO K 1019 64.53 46.41 -50.70
CA PRO K 1019 63.12 46.68 -51.00
C PRO K 1019 62.28 47.08 -49.78
N VAL K 1020 62.74 46.78 -48.56
CA VAL K 1020 61.99 47.10 -47.31
C VAL K 1020 62.88 47.12 -46.07
N LEU K 1021 62.58 48.03 -45.13
CA LEU K 1021 63.19 48.05 -43.76
C LEU K 1021 62.32 47.21 -42.82
N ASP K 1022 62.81 46.06 -42.38
CA ASP K 1022 62.10 45.17 -41.42
C ASP K 1022 63.16 44.38 -40.66
N ARG K 1023 62.75 43.34 -39.93
CA ARG K 1023 63.65 42.54 -39.06
C ARG K 1023 64.85 42.02 -39.85
N ARG K 1024 64.67 41.69 -41.14
CA ARG K 1024 65.69 41.00 -41.96
C ARG K 1024 66.49 42.02 -42.76
N PHE K 1025 66.57 43.28 -42.31
CA PHE K 1025 67.31 44.37 -43.00
C PHE K 1025 68.79 43.96 -43.16
N GLU K 1026 69.37 43.29 -42.16
CA GLU K 1026 70.81 42.96 -42.18
C GLU K 1026 71.10 42.01 -43.34
N ILE K 1027 70.23 41.02 -43.56
CA ILE K 1027 70.43 40.03 -44.67
C ILE K 1027 70.25 40.77 -46.00
N PHE K 1028 69.28 41.67 -46.12
CA PHE K 1028 69.05 42.43 -47.37
C PHE K 1028 70.29 43.27 -47.72
N PHE K 1029 70.96 43.78 -46.68
CA PHE K 1029 72.08 44.74 -46.75
C PHE K 1029 73.37 44.03 -47.11
N LYS K 1030 73.60 42.86 -46.49
CA LYS K 1030 74.91 42.14 -46.51
C LYS K 1030 74.92 41.00 -47.55
N LYS K 1031 73.77 40.41 -47.89
CA LYS K 1031 73.66 39.28 -48.84
C LYS K 1031 74.36 39.62 -50.16
N ASP K 1032 75.18 38.69 -50.67
CA ASP K 1032 75.78 38.73 -52.03
C ASP K 1032 76.39 40.11 -52.29
N SER K 1033 77.51 40.43 -51.66
CA SER K 1033 78.13 41.78 -51.71
C SER K 1033 79.61 41.71 -52.09
N LEU K 1034 80.04 40.64 -52.75
CA LEU K 1034 81.48 40.40 -53.09
C LEU K 1034 81.76 40.69 -54.57
N TRP K 1035 80.76 40.50 -55.44
CA TRP K 1035 80.83 40.48 -56.93
C TRP K 1035 80.93 41.90 -57.50
N GLN K 1036 80.52 42.93 -56.75
CA GLN K 1036 80.35 44.30 -57.31
C GLN K 1036 81.71 44.87 -57.69
N SER K 1037 82.76 44.57 -56.92
CA SER K 1037 84.15 45.06 -57.17
C SER K 1037 84.65 44.61 -58.54
N GLU K 1038 84.14 43.50 -59.09
CA GLU K 1038 84.56 42.97 -60.43
C GLU K 1038 83.55 43.36 -61.51
N HIS K 1039 82.45 44.03 -61.18
CA HIS K 1039 81.37 44.37 -62.14
C HIS K 1039 80.80 45.75 -61.84
N LEU K 1040 81.66 46.74 -61.69
CA LEU K 1040 81.28 48.16 -61.46
C LEU K 1040 80.33 48.64 -62.56
N GLU K 1041 80.34 48.02 -63.73
CA GLU K 1041 79.49 48.44 -64.88
C GLU K 1041 78.01 48.35 -64.47
N ALA K 1042 77.69 47.54 -63.45
CA ALA K 1042 76.32 47.23 -62.96
C ALA K 1042 76.09 47.80 -61.56
N VAL K 1043 76.92 48.74 -61.11
CA VAL K 1043 76.77 49.43 -59.79
C VAL K 1043 76.26 50.84 -60.09
N VAL K 1044 75.61 51.48 -59.12
CA VAL K 1044 74.74 52.66 -59.38
C VAL K 1044 75.51 53.77 -60.14
N ASP K 1045 76.71 54.20 -59.78
CA ASP K 1045 77.35 55.21 -60.69
C ASP K 1045 78.64 54.61 -61.21
N GLN K 1046 78.66 53.30 -61.42
CA GLN K 1046 79.92 52.54 -61.58
C GLN K 1046 80.89 53.04 -60.50
N ASP K 1047 80.38 53.27 -59.28
CA ASP K 1047 81.06 54.00 -58.19
C ASP K 1047 81.69 53.00 -57.21
N VAL K 1048 83.00 52.72 -57.39
CA VAL K 1048 83.83 51.94 -56.42
C VAL K 1048 83.40 52.21 -54.99
N GLN K 1049 83.25 53.49 -54.64
CA GLN K 1049 83.03 53.99 -53.25
C GLN K 1049 81.81 53.31 -52.59
N ARG K 1050 80.93 52.66 -53.37
CA ARG K 1050 79.71 51.98 -52.86
C ARG K 1050 80.01 50.53 -52.46
N THR K 1051 81.16 49.97 -52.85
CA THR K 1051 81.34 48.50 -52.98
C THR K 1051 82.28 47.94 -51.90
N CYS K 1052 82.17 46.62 -51.70
CA CYS K 1052 83.10 45.80 -50.88
C CYS K 1052 84.22 45.26 -51.74
N ILE K 1053 85.42 45.76 -51.44
CA ILE K 1053 86.73 45.18 -51.87
C ILE K 1053 87.42 44.65 -50.61
N LEU K 1054 87.75 43.35 -50.57
CA LEU K 1054 88.44 42.73 -49.40
C LEU K 1054 89.96 42.92 -49.58
N HIS K 1055 90.67 43.38 -48.54
CA HIS K 1055 92.13 43.71 -48.66
C HIS K 1055 92.75 43.81 -47.26
N GLY K 1056 93.94 43.24 -47.09
CA GLY K 1056 94.72 43.28 -45.83
C GLY K 1056 95.40 44.63 -45.66
N PRO K 1057 95.44 45.19 -44.43
CA PRO K 1057 96.09 46.48 -44.20
C PRO K 1057 97.61 46.44 -44.32
N VAL K 1058 98.21 45.27 -44.15
CA VAL K 1058 99.69 45.14 -44.13
C VAL K 1058 100.17 44.78 -45.53
N ALA K 1059 99.44 43.95 -46.27
CA ALA K 1059 99.83 43.59 -47.65
C ALA K 1059 99.64 44.81 -48.58
N ALA K 1060 98.82 45.78 -48.17
CA ALA K 1060 98.45 46.95 -48.99
C ALA K 1060 99.67 47.86 -49.23
N GLN K 1061 100.67 47.81 -48.34
CA GLN K 1061 101.86 48.72 -48.42
C GLN K 1061 102.73 48.26 -49.60
N PHE K 1062 102.56 47.02 -50.07
CA PHE K 1062 103.33 46.43 -51.20
C PHE K 1062 102.48 46.34 -52.48
N THR K 1063 101.24 46.83 -52.48
CA THR K 1063 100.30 46.71 -53.63
C THR K 1063 100.09 48.09 -54.25
N LYS K 1064 100.82 48.39 -55.35
CA LYS K 1064 100.88 49.76 -55.97
C LYS K 1064 100.71 49.68 -57.49
N VAL K 1065 101.45 48.81 -58.16
CA VAL K 1065 101.56 48.81 -59.64
C VAL K 1065 100.36 48.04 -60.22
N ILE K 1066 99.39 48.78 -60.76
CA ILE K 1066 98.15 48.26 -61.41
C ILE K 1066 98.52 47.47 -62.66
N ASP K 1067 97.79 46.40 -62.95
CA ASP K 1067 97.79 45.63 -64.22
C ASP K 1067 99.18 45.05 -64.51
N GLU K 1068 99.99 44.84 -63.46
CA GLU K 1068 101.26 44.06 -63.55
C GLU K 1068 100.89 42.61 -63.83
N PRO K 1069 101.41 41.96 -64.89
CA PRO K 1069 101.04 40.57 -65.20
C PRO K 1069 101.40 39.64 -64.04
N ILE K 1070 100.57 38.62 -63.80
CA ILE K 1070 100.67 37.78 -62.57
C ILE K 1070 102.05 37.13 -62.57
N LYS K 1071 102.53 36.73 -63.76
CA LYS K 1071 103.85 36.06 -63.92
C LYS K 1071 104.95 36.98 -63.37
N SER K 1072 104.85 38.28 -63.65
CA SER K 1072 105.83 39.30 -63.21
C SER K 1072 105.81 39.40 -61.67
N ILE K 1073 104.64 39.47 -61.05
CA ILE K 1073 104.51 39.64 -59.56
C ILE K 1073 105.22 38.45 -58.89
N MET K 1074 104.82 37.24 -59.26
CA MET K 1074 105.27 35.97 -58.66
C MET K 1074 106.76 35.75 -58.95
N ASP K 1075 107.18 35.85 -60.21
CA ASP K 1075 108.62 35.71 -60.62
C ASP K 1075 109.43 36.78 -59.89
N GLY K 1076 108.88 37.98 -59.72
CA GLY K 1076 109.46 39.05 -58.89
C GLY K 1076 109.93 38.49 -57.55
N ILE K 1077 109.01 37.83 -56.84
CA ILE K 1077 109.25 37.32 -55.47
C ILE K 1077 110.25 36.15 -55.53
N HIS K 1078 110.08 35.20 -56.45
CA HIS K 1078 110.97 34.01 -56.58
C HIS K 1078 112.41 34.44 -56.96
N ASP K 1079 112.53 35.27 -58.00
CA ASP K 1079 113.82 35.78 -58.53
C ASP K 1079 114.53 36.53 -57.40
N GLY K 1080 113.79 37.37 -56.66
CA GLY K 1080 114.33 38.10 -55.48
C GLY K 1080 114.97 37.17 -54.46
N HIS K 1081 114.35 36.01 -54.19
CA HIS K 1081 114.84 35.01 -53.21
C HIS K 1081 116.13 34.38 -53.71
N ILE K 1082 116.11 33.95 -54.98
CA ILE K 1082 117.29 33.35 -55.68
C ILE K 1082 118.46 34.32 -55.56
N LYS K 1083 118.28 35.56 -55.97
CA LYS K 1083 119.31 36.63 -55.90
C LYS K 1083 119.91 36.65 -54.49
N LYS K 1084 119.08 36.76 -53.44
CA LYS K 1084 119.54 36.89 -52.03
C LYS K 1084 120.25 35.60 -51.57
N LEU K 1085 119.68 34.44 -51.89
CA LEU K 1085 120.21 33.09 -51.53
C LEU K 1085 121.57 32.88 -52.18
N LEU K 1086 121.68 33.24 -53.47
CA LEU K 1086 122.90 33.08 -54.29
C LEU K 1086 124.04 33.85 -53.60
N HIS K 1087 123.83 35.15 -53.38
CA HIS K 1087 124.79 36.05 -52.71
C HIS K 1087 125.11 35.51 -51.31
N GLN K 1088 124.09 35.24 -50.48
CA GLN K 1088 124.27 34.98 -49.03
C GLN K 1088 124.93 33.60 -48.78
N TYR K 1089 124.75 32.60 -49.67
CA TYR K 1089 125.14 31.20 -49.39
C TYR K 1089 125.89 30.51 -50.55
N TYR K 1090 125.99 31.10 -51.75
CA TYR K 1090 126.54 30.43 -52.96
C TYR K 1090 127.62 31.28 -53.64
N GLY K 1091 128.16 32.29 -52.94
CA GLY K 1091 129.10 33.31 -53.46
C GLY K 1091 128.75 33.77 -54.87
N ASP K 1092 127.59 34.40 -55.04
CA ASP K 1092 127.04 34.89 -56.34
C ASP K 1092 127.47 34.01 -57.53
N ASP K 1093 127.52 32.68 -57.38
CA ASP K 1093 128.09 31.76 -58.39
C ASP K 1093 127.08 30.67 -58.78
N GLU K 1094 126.39 30.83 -59.90
CA GLU K 1094 125.36 29.89 -60.42
C GLU K 1094 125.95 28.49 -60.67
N SER K 1095 127.25 28.36 -60.85
CA SER K 1095 127.90 27.05 -61.12
C SER K 1095 127.88 26.20 -59.84
N LYS K 1096 127.75 26.84 -58.67
CA LYS K 1096 127.76 26.16 -57.34
C LYS K 1096 126.39 25.55 -57.03
N ILE K 1097 125.35 25.86 -57.82
CA ILE K 1097 123.96 25.35 -57.61
C ILE K 1097 123.89 23.91 -58.10
N PRO K 1098 123.58 22.91 -57.25
CA PRO K 1098 123.46 21.52 -57.70
C PRO K 1098 122.35 21.38 -58.75
N ALA K 1099 122.42 20.34 -59.59
CA ALA K 1099 121.47 20.13 -60.70
C ALA K 1099 120.90 18.71 -60.63
N VAL K 1100 119.67 18.56 -61.14
CA VAL K 1100 118.91 17.28 -61.21
C VAL K 1100 118.08 17.32 -62.50
N GLU K 1101 117.98 16.19 -63.19
CA GLU K 1101 117.33 16.12 -64.52
C GLU K 1101 115.98 16.84 -64.38
N TYR K 1102 115.13 16.40 -63.45
CA TYR K 1102 113.81 17.04 -63.14
C TYR K 1102 113.73 17.35 -61.64
N PHE K 1103 113.00 18.41 -61.27
CA PHE K 1103 112.84 18.87 -59.87
C PHE K 1103 111.37 18.78 -59.44
N GLY K 1104 111.08 17.90 -58.48
CA GLY K 1104 109.72 17.72 -57.92
C GLY K 1104 109.36 16.26 -57.69
N GLY K 1105 108.16 16.02 -57.17
CA GLY K 1105 107.60 14.69 -56.92
C GLY K 1105 108.16 14.07 -55.65
N GLU K 1106 108.67 14.89 -54.72
CA GLU K 1106 109.34 14.39 -53.49
C GLU K 1106 108.38 14.52 -52.30
N SER K 1107 107.88 13.39 -51.81
CA SER K 1107 107.10 13.29 -50.55
C SER K 1107 107.90 13.95 -49.45
N PRO K 1108 107.30 14.81 -48.61
CA PRO K 1108 108.05 15.45 -47.54
C PRO K 1108 108.51 14.50 -46.42
N VAL K 1109 108.30 13.18 -46.54
CA VAL K 1109 108.58 12.23 -45.42
C VAL K 1109 109.93 11.50 -45.60
N ASP K 1110 110.48 11.33 -46.81
CA ASP K 1110 111.40 10.20 -47.18
C ASP K 1110 112.58 10.02 -46.19
N ASP K 1123 125.59 -0.81 -61.89
CA ASP K 1123 125.42 -0.65 -63.37
C ASP K 1123 124.70 -1.87 -63.95
N SER K 1124 124.85 -3.04 -63.33
CA SER K 1124 124.23 -4.29 -63.82
C SER K 1124 123.71 -5.11 -62.63
N ALA K 1125 122.40 -5.32 -62.57
CA ALA K 1125 121.73 -6.04 -61.44
C ALA K 1125 120.58 -6.90 -61.97
N VAL K 1126 120.28 -7.97 -61.21
CA VAL K 1126 119.05 -8.81 -61.36
C VAL K 1126 118.28 -8.73 -60.04
N PHE K 1127 116.96 -8.60 -60.09
CA PHE K 1127 116.06 -8.59 -58.91
C PHE K 1127 114.98 -9.67 -59.10
N LYS K 1128 114.86 -10.57 -58.12
CA LYS K 1128 113.91 -11.71 -58.12
C LYS K 1128 112.82 -11.42 -57.08
N ALA K 1129 111.56 -11.42 -57.50
CA ALA K 1129 110.42 -11.13 -56.61
C ALA K 1129 109.94 -12.43 -55.96
N THR K 1130 110.00 -12.50 -54.61
CA THR K 1130 109.26 -13.51 -53.79
C THR K 1130 107.86 -12.92 -53.52
N SER K 1131 106.99 -13.62 -52.79
CA SER K 1131 105.64 -13.11 -52.42
C SER K 1131 105.73 -12.20 -51.19
N SER K 1132 106.91 -12.15 -50.55
CA SER K 1132 107.20 -11.32 -49.35
C SER K 1132 107.91 -10.00 -49.72
N THR K 1133 108.53 -9.89 -50.91
CA THR K 1133 109.34 -8.69 -51.33
C THR K 1133 108.53 -7.41 -51.14
N ASP K 1134 109.05 -6.47 -50.36
CA ASP K 1134 108.41 -5.17 -49.99
C ASP K 1134 108.35 -4.29 -51.25
N GLU K 1135 107.15 -3.81 -51.60
CA GLU K 1135 106.91 -2.98 -52.81
C GLU K 1135 107.82 -1.77 -52.81
N GLU K 1136 107.90 -1.06 -51.68
CA GLU K 1136 108.62 0.23 -51.58
C GLU K 1136 110.11 0.02 -51.91
N SER K 1137 110.74 -1.00 -51.32
CA SER K 1137 112.15 -1.38 -51.58
C SER K 1137 112.33 -1.76 -53.05
N TRP K 1138 111.38 -2.52 -53.60
CA TRP K 1138 111.40 -3.09 -54.97
C TRP K 1138 111.42 -1.94 -55.99
N PHE K 1139 110.50 -0.99 -55.90
CA PHE K 1139 110.40 0.15 -56.84
C PHE K 1139 111.61 1.07 -56.65
N LYS K 1140 112.03 1.32 -55.41
CA LYS K 1140 113.24 2.15 -55.09
C LYS K 1140 114.44 1.52 -55.83
N ALA K 1141 114.53 0.19 -55.84
CA ALA K 1141 115.61 -0.58 -56.50
C ALA K 1141 115.55 -0.38 -58.02
N LEU K 1142 114.41 -0.66 -58.64
CA LEU K 1142 114.23 -0.55 -60.12
C LEU K 1142 114.45 0.90 -60.57
N ALA K 1143 114.18 1.87 -59.70
CA ALA K 1143 114.28 3.31 -60.03
C ALA K 1143 115.75 3.71 -60.19
N GLY K 1144 116.60 3.29 -59.25
CA GLY K 1144 117.99 3.76 -59.15
C GLY K 1144 118.04 5.10 -58.43
N SER K 1145 119.20 5.46 -57.89
CA SER K 1145 119.40 6.70 -57.10
C SER K 1145 119.42 7.91 -58.03
N GLU K 1146 120.08 7.81 -59.19
CA GLU K 1146 120.23 8.96 -60.14
C GLU K 1146 118.85 9.35 -60.66
N ILE K 1147 118.56 10.66 -60.65
CA ILE K 1147 117.23 11.21 -61.06
C ILE K 1147 117.21 11.34 -62.58
N ASN K 1148 116.46 10.47 -63.26
CA ASN K 1148 116.39 10.37 -64.74
C ASN K 1148 115.03 9.80 -65.14
N TRP K 1149 114.82 9.51 -66.42
CA TRP K 1149 113.57 8.88 -66.93
C TRP K 1149 113.24 7.60 -66.16
N ARG K 1150 114.24 6.87 -65.67
CA ARG K 1150 114.03 5.57 -64.99
C ARG K 1150 113.50 5.81 -63.57
N HIS K 1151 114.07 6.79 -62.86
CA HIS K 1151 113.66 7.19 -61.49
C HIS K 1151 112.16 7.52 -61.52
N ALA K 1152 111.75 8.36 -62.47
CA ALA K 1152 110.35 8.78 -62.68
C ALA K 1152 109.48 7.55 -63.00
N SER K 1153 109.92 6.72 -63.94
CA SER K 1153 109.13 5.58 -64.44
C SER K 1153 108.67 4.69 -63.29
N PHE K 1154 109.48 4.53 -62.24
CA PHE K 1154 109.23 3.54 -61.17
C PHE K 1154 108.74 4.21 -59.88
N LEU K 1155 108.82 5.52 -59.72
CA LEU K 1155 108.46 6.21 -58.44
C LEU K 1155 107.29 7.18 -58.65
N CYS K 1156 107.30 7.98 -59.72
CA CYS K 1156 106.18 8.86 -60.13
C CYS K 1156 104.87 8.06 -60.07
N SER K 1157 103.89 8.48 -59.26
CA SER K 1157 102.67 7.69 -58.92
C SER K 1157 101.68 7.68 -60.08
N PHE K 1158 101.64 8.78 -60.86
CA PHE K 1158 100.66 9.04 -61.93
C PHE K 1158 101.42 9.35 -63.23
N ILE K 1159 100.72 9.28 -64.36
CA ILE K 1159 101.20 9.83 -65.67
C ILE K 1159 100.05 10.64 -66.30
N THR K 1160 100.40 11.56 -67.17
CA THR K 1160 99.47 12.39 -67.98
C THR K 1160 99.01 11.55 -69.16
N GLN K 1161 97.70 11.53 -69.44
CA GLN K 1161 97.14 11.18 -70.76
C GLN K 1161 96.36 12.40 -71.26
N ASP K 1162 97.07 13.46 -71.68
CA ASP K 1162 96.44 14.58 -72.41
C ASP K 1162 95.58 15.36 -71.41
N LYS K 1163 96.21 16.04 -70.44
CA LYS K 1163 95.54 16.90 -69.40
C LYS K 1163 95.02 16.08 -68.22
N MET K 1164 94.48 14.87 -68.47
CA MET K 1164 93.99 13.93 -67.43
C MET K 1164 95.15 13.13 -66.82
N PHE K 1165 95.06 12.80 -65.53
CA PHE K 1165 96.07 12.07 -64.73
C PHE K 1165 95.57 10.65 -64.43
N VAL K 1166 96.22 9.62 -64.95
CA VAL K 1166 95.91 8.19 -64.70
C VAL K 1166 96.99 7.61 -63.79
N SER K 1167 96.69 6.50 -63.11
CA SER K 1167 97.67 5.65 -62.41
C SER K 1167 98.83 5.32 -63.36
N ASN K 1168 100.07 5.45 -62.86
CA ASN K 1168 101.32 5.08 -63.58
C ASN K 1168 101.26 3.62 -64.02
N PRO K 1169 101.19 3.34 -65.34
CA PRO K 1169 101.03 1.97 -65.81
C PRO K 1169 102.32 1.15 -65.72
N ILE K 1170 103.47 1.83 -65.65
CA ILE K 1170 104.79 1.15 -65.48
C ILE K 1170 104.80 0.48 -64.11
N ARG K 1171 104.47 1.21 -63.05
CA ARG K 1171 104.41 0.66 -61.67
C ARG K 1171 103.40 -0.49 -61.64
N LYS K 1172 102.27 -0.34 -62.33
CA LYS K 1172 101.20 -1.37 -62.36
C LYS K 1172 101.80 -2.67 -62.89
N VAL K 1173 102.45 -2.61 -64.04
CA VAL K 1173 102.97 -3.79 -64.78
C VAL K 1173 104.14 -4.41 -64.00
N PHE K 1174 104.88 -3.61 -63.25
CA PHE K 1174 106.08 -4.05 -62.49
C PHE K 1174 105.76 -4.30 -61.02
N LYS K 1175 104.48 -4.27 -60.62
CA LYS K 1175 104.06 -4.65 -59.25
C LYS K 1175 104.56 -6.07 -58.99
N PRO K 1176 105.38 -6.28 -57.94
CA PRO K 1176 106.10 -7.54 -57.75
C PRO K 1176 105.20 -8.71 -57.35
N SER K 1177 105.52 -9.93 -57.79
CA SER K 1177 104.87 -11.19 -57.37
C SER K 1177 105.71 -12.39 -57.79
N GLN K 1178 105.53 -13.54 -57.13
CA GLN K 1178 106.28 -14.79 -57.36
C GLN K 1178 106.50 -15.01 -58.86
N GLY K 1179 107.74 -15.29 -59.28
CA GLY K 1179 108.11 -15.67 -60.67
C GLY K 1179 108.82 -14.56 -61.42
N MET K 1180 108.45 -13.31 -61.14
CA MET K 1180 108.97 -12.10 -61.86
C MET K 1180 110.47 -11.97 -61.59
N VAL K 1181 111.23 -11.66 -62.65
CA VAL K 1181 112.69 -11.38 -62.63
C VAL K 1181 112.95 -10.15 -63.49
N VAL K 1182 113.48 -9.09 -62.88
CA VAL K 1182 113.84 -7.82 -63.56
C VAL K 1182 115.35 -7.74 -63.66
N GLU K 1183 115.86 -7.47 -64.87
CA GLU K 1183 117.30 -7.36 -65.15
C GLU K 1183 117.58 -5.95 -65.70
N ILE K 1184 118.39 -5.16 -64.99
CA ILE K 1184 118.85 -3.82 -65.43
C ILE K 1184 120.25 -3.95 -66.05
N SER K 1185 120.38 -3.63 -67.33
CA SER K 1185 121.67 -3.49 -68.05
C SER K 1185 121.92 -2.00 -68.33
N ASN K 1186 123.14 -1.55 -68.06
CA ASN K 1186 123.60 -0.15 -68.27
C ASN K 1186 122.90 0.79 -67.30
N GLY K 1187 122.85 0.39 -66.02
CA GLY K 1187 122.27 1.16 -64.91
C GLY K 1187 122.85 2.56 -64.84
N ASN K 1188 124.16 2.71 -64.97
CA ASN K 1188 124.89 3.94 -64.57
C ASN K 1188 124.97 4.95 -65.73
N THR K 1189 124.36 4.68 -66.89
CA THR K 1189 124.27 5.63 -68.03
C THR K 1189 122.84 5.57 -68.62
N SER K 1190 122.00 6.54 -68.27
CA SER K 1190 120.52 6.50 -68.43
C SER K 1190 120.13 6.47 -69.91
N SER K 1191 120.88 7.16 -70.76
CA SER K 1191 120.66 7.23 -72.24
C SER K 1191 120.56 5.81 -72.82
N LYS K 1192 121.28 4.83 -72.25
CA LYS K 1192 121.40 3.43 -72.74
C LYS K 1192 120.68 2.43 -71.85
N THR K 1193 120.33 2.79 -70.60
CA THR K 1193 119.73 1.84 -69.61
C THR K 1193 118.57 1.07 -70.26
N VAL K 1194 118.49 -0.22 -69.95
CA VAL K 1194 117.38 -1.13 -70.39
C VAL K 1194 117.02 -2.01 -69.19
N VAL K 1195 115.76 -1.92 -68.73
CA VAL K 1195 115.22 -2.84 -67.68
C VAL K 1195 114.24 -3.81 -68.37
N THR K 1196 114.47 -5.10 -68.13
CA THR K 1196 113.83 -6.26 -68.81
C THR K 1196 113.16 -7.13 -67.76
N LEU K 1197 111.83 -7.24 -67.83
CA LEU K 1197 111.00 -8.11 -66.96
C LEU K 1197 110.85 -9.47 -67.66
N SER K 1198 111.22 -10.54 -66.97
CA SER K 1198 111.04 -11.94 -67.45
C SER K 1198 110.16 -12.70 -66.45
N GLU K 1199 109.20 -13.46 -66.95
CA GLU K 1199 108.25 -14.26 -66.13
C GLU K 1199 108.18 -15.67 -66.71
N PRO K 1200 107.73 -16.66 -65.92
CA PRO K 1200 107.41 -18.00 -66.45
C PRO K 1200 106.34 -17.93 -67.55
N VAL K 1201 106.63 -18.53 -68.71
CA VAL K 1201 105.67 -18.65 -69.86
C VAL K 1201 105.68 -20.10 -70.34
N GLN K 1202 104.69 -20.88 -69.90
CA GLN K 1202 104.59 -22.34 -70.18
C GLN K 1202 105.91 -23.00 -69.76
N GLY K 1203 106.26 -22.89 -68.47
CA GLY K 1203 107.42 -23.59 -67.87
C GLY K 1203 108.73 -22.83 -68.03
N GLU K 1204 109.10 -22.44 -69.25
CA GLU K 1204 110.38 -21.73 -69.54
C GLU K 1204 110.18 -20.21 -69.38
N LEU K 1205 111.12 -19.57 -68.66
CA LEU K 1205 111.10 -18.14 -68.25
C LEU K 1205 111.51 -17.26 -69.44
N LYS K 1206 110.69 -16.26 -69.80
CA LYS K 1206 110.86 -15.45 -71.04
C LYS K 1206 110.61 -13.97 -70.75
N PRO K 1207 111.12 -13.07 -71.63
CA PRO K 1207 110.89 -11.64 -71.45
C PRO K 1207 109.45 -11.25 -71.81
N THR K 1208 108.80 -10.46 -70.95
CA THR K 1208 107.40 -10.00 -71.08
C THR K 1208 107.34 -8.48 -71.28
N VAL K 1209 108.33 -7.74 -70.76
CA VAL K 1209 108.37 -6.25 -70.78
C VAL K 1209 109.82 -5.77 -70.97
N ILE K 1210 110.03 -4.85 -71.91
CA ILE K 1210 111.34 -4.18 -72.15
C ILE K 1210 111.12 -2.66 -72.07
N LEU K 1211 111.71 -2.04 -71.05
CA LEU K 1211 111.60 -0.59 -70.72
C LEU K 1211 112.92 0.07 -71.11
N LYS K 1212 112.90 1.17 -71.89
CA LYS K 1212 114.11 1.94 -72.28
C LYS K 1212 113.75 3.24 -72.98
N LEU K 1213 114.69 4.18 -73.09
CA LEU K 1213 114.61 5.34 -74.02
C LEU K 1213 114.62 4.84 -75.46
N LEU K 1214 113.87 5.47 -76.37
CA LEU K 1214 114.03 5.28 -77.84
C LEU K 1214 114.88 6.41 -78.38
N LYS K 1215 114.27 7.55 -78.75
CA LYS K 1215 115.01 8.82 -78.96
C LYS K 1215 115.09 9.47 -77.57
N GLU K 1216 115.61 10.68 -77.47
CA GLU K 1216 116.14 11.24 -76.19
C GLU K 1216 114.99 11.47 -75.21
N ASN K 1217 113.78 11.75 -75.67
CA ASN K 1217 112.68 12.14 -74.74
C ASN K 1217 111.43 11.31 -75.02
N ILE K 1218 111.63 10.03 -75.35
CA ILE K 1218 110.53 9.03 -75.53
C ILE K 1218 110.90 7.73 -74.82
N ILE K 1219 110.17 7.38 -73.74
CA ILE K 1219 110.26 6.08 -73.03
C ILE K 1219 109.41 5.07 -73.78
N GLN K 1220 109.90 3.85 -73.95
CA GLN K 1220 109.12 2.76 -74.60
C GLN K 1220 109.03 1.60 -73.64
N MET K 1221 107.80 1.23 -73.27
CA MET K 1221 107.49 -0.05 -72.59
C MET K 1221 106.94 -1.00 -73.66
N GLU K 1222 107.76 -1.98 -74.04
CA GLU K 1222 107.41 -3.03 -75.02
C GLU K 1222 106.71 -4.13 -74.25
N MET K 1223 105.40 -4.30 -74.47
CA MET K 1223 104.58 -5.37 -73.85
C MET K 1223 104.58 -6.55 -74.80
N ILE K 1224 105.00 -7.72 -74.32
CA ILE K 1224 105.31 -8.91 -75.18
C ILE K 1224 104.38 -10.05 -74.79
N GLU K 1225 103.66 -10.59 -75.77
CA GLU K 1225 102.92 -11.86 -75.64
C GLU K 1225 103.73 -12.94 -76.36
N ASN K 1226 104.23 -13.93 -75.62
CA ASN K 1226 105.02 -15.06 -76.19
C ASN K 1226 104.07 -16.20 -76.61
N ARG K 1227 102.77 -16.12 -76.28
CA ARG K 1227 101.73 -17.08 -76.75
C ARG K 1227 101.00 -16.48 -77.95
N THR K 1228 101.37 -16.90 -79.16
CA THR K 1228 100.99 -16.26 -80.45
C THR K 1228 100.57 -17.32 -81.45
N MET K 1229 100.21 -16.92 -82.66
CA MET K 1229 99.54 -17.79 -83.67
C MET K 1229 100.54 -18.75 -84.32
N ASP K 1230 101.83 -18.36 -84.38
CA ASP K 1230 102.87 -19.10 -85.14
C ASP K 1230 104.12 -19.35 -84.26
N GLY K 1231 104.07 -19.10 -82.95
CA GLY K 1231 105.23 -19.26 -82.05
C GLY K 1231 106.09 -18.02 -81.96
N LYS K 1232 106.09 -17.18 -83.00
CA LYS K 1232 106.92 -15.93 -83.09
C LYS K 1232 106.32 -14.87 -82.17
N PRO K 1233 107.04 -14.41 -81.12
CA PRO K 1233 106.50 -13.45 -80.15
C PRO K 1233 106.00 -12.16 -80.79
N VAL K 1234 105.05 -11.48 -80.12
CA VAL K 1234 104.33 -10.28 -80.63
C VAL K 1234 104.40 -9.15 -79.59
N SER K 1235 104.50 -7.91 -80.08
CA SER K 1235 104.92 -6.72 -79.31
C SER K 1235 103.86 -5.62 -79.38
N LEU K 1236 103.55 -5.01 -78.24
CA LEU K 1236 102.78 -3.74 -78.14
C LEU K 1236 103.74 -2.66 -77.66
N PRO K 1237 104.17 -1.75 -78.55
CA PRO K 1237 105.05 -0.65 -78.16
C PRO K 1237 104.28 0.54 -77.56
N LEU K 1238 104.16 0.57 -76.23
CA LEU K 1238 103.57 1.74 -75.50
C LEU K 1238 104.64 2.81 -75.43
N LEU K 1239 104.29 4.05 -75.76
CA LEU K 1239 105.25 5.18 -75.87
C LEU K 1239 104.81 6.30 -74.92
N TYR K 1240 105.77 6.89 -74.19
CA TYR K 1240 105.55 7.95 -73.19
C TYR K 1240 106.60 9.04 -73.41
N ASN K 1241 106.19 10.30 -73.56
CA ASN K 1241 107.10 11.48 -73.56
C ASN K 1241 107.65 11.66 -72.14
N PHE K 1242 108.96 11.87 -72.00
CA PHE K 1242 109.60 12.22 -70.71
C PHE K 1242 110.06 13.67 -70.80
N ASN K 1243 109.38 14.56 -70.06
CA ASN K 1243 109.68 16.01 -70.07
C ASN K 1243 110.13 16.46 -68.68
N PRO K 1244 111.45 16.56 -68.42
CA PRO K 1244 111.95 16.92 -67.09
C PRO K 1244 111.74 18.36 -66.65
N ASP K 1245 111.24 19.22 -67.56
CA ASP K 1245 110.77 20.59 -67.24
C ASP K 1245 109.53 20.54 -66.33
N ASN K 1246 108.81 19.41 -66.30
CA ASN K 1246 107.64 19.24 -65.40
C ASN K 1246 107.96 18.18 -64.34
N GLY K 1247 108.60 18.60 -63.24
CA GLY K 1247 109.07 17.73 -62.15
C GLY K 1247 107.94 16.93 -61.52
N PHE K 1248 106.74 17.49 -61.50
CA PHE K 1248 105.60 16.88 -60.76
C PHE K 1248 105.01 15.72 -61.58
N ALA K 1249 104.88 15.91 -62.89
CA ALA K 1249 104.29 14.94 -63.84
C ALA K 1249 105.16 14.90 -65.08
N PRO K 1250 106.39 14.35 -64.98
CA PRO K 1250 107.33 14.31 -66.10
C PRO K 1250 106.95 13.32 -67.21
N ILE K 1251 106.30 12.22 -66.87
CA ILE K 1251 105.92 11.17 -67.86
C ILE K 1251 104.47 11.42 -68.30
N SER K 1252 104.24 11.38 -69.63
CA SER K 1252 102.93 11.58 -70.30
C SER K 1252 102.83 10.66 -71.52
N GLU K 1253 101.78 9.84 -71.63
CA GLU K 1253 101.60 8.82 -72.71
C GLU K 1253 101.40 9.51 -74.06
N VAL K 1254 102.15 9.08 -75.07
CA VAL K 1254 101.93 9.45 -76.50
C VAL K 1254 100.62 8.77 -76.93
N MET K 1255 99.56 9.57 -77.08
CA MET K 1255 98.18 9.08 -77.31
C MET K 1255 97.92 8.87 -78.80
N GLU K 1256 98.66 9.57 -79.67
CA GLU K 1256 98.47 9.57 -81.14
C GLU K 1256 98.71 8.15 -81.69
N ASP K 1257 97.73 7.59 -82.40
CA ASP K 1257 97.79 6.27 -83.08
C ASP K 1257 97.93 5.14 -82.05
N ARG K 1258 97.60 5.39 -80.78
CA ARG K 1258 97.70 4.39 -79.69
C ARG K 1258 96.71 3.23 -79.95
N ASN K 1259 95.47 3.56 -80.26
CA ASN K 1259 94.40 2.55 -80.51
C ASN K 1259 94.85 1.66 -81.67
N GLN K 1260 95.50 2.28 -82.66
CA GLN K 1260 95.98 1.64 -83.90
C GLN K 1260 97.09 0.64 -83.56
N ARG K 1261 98.06 1.03 -82.72
CA ARG K 1261 99.21 0.18 -82.28
C ARG K 1261 98.63 -1.06 -81.60
N ILE K 1262 97.70 -0.85 -80.69
CA ILE K 1262 97.00 -1.92 -79.92
C ILE K 1262 96.30 -2.87 -80.92
N LYS K 1263 95.50 -2.35 -81.83
CA LYS K 1263 94.77 -3.15 -82.85
C LYS K 1263 95.78 -3.99 -83.66
N GLU K 1264 96.94 -3.43 -83.98
CA GLU K 1264 97.96 -4.14 -84.80
C GLU K 1264 98.37 -5.43 -84.09
N MET K 1265 98.66 -5.35 -82.79
CA MET K 1265 99.08 -6.52 -81.98
C MET K 1265 97.94 -7.54 -81.94
N TYR K 1266 96.74 -7.11 -81.55
CA TYR K 1266 95.53 -7.97 -81.48
C TYR K 1266 95.28 -8.63 -82.85
N TRP K 1267 95.41 -7.87 -83.93
CA TRP K 1267 95.17 -8.39 -85.31
C TRP K 1267 96.13 -9.56 -85.58
N LYS K 1268 97.42 -9.42 -85.21
CA LYS K 1268 98.45 -10.46 -85.43
C LYS K 1268 98.08 -11.74 -84.65
N LEU K 1269 97.34 -11.63 -83.55
CA LEU K 1269 96.99 -12.76 -82.65
C LEU K 1269 95.71 -13.48 -83.14
N TRP K 1270 94.73 -12.73 -83.62
CA TRP K 1270 93.35 -13.22 -83.89
C TRP K 1270 93.12 -13.51 -85.39
N ILE K 1271 93.74 -12.72 -86.27
CA ILE K 1271 93.41 -12.69 -87.72
C ILE K 1271 94.61 -13.18 -88.53
N ASP K 1272 94.44 -14.24 -89.31
CA ASP K 1272 95.51 -14.75 -90.22
C ASP K 1272 95.32 -14.10 -91.60
N GLU K 1273 95.56 -12.79 -91.67
CA GLU K 1273 95.41 -11.96 -92.89
C GLU K 1273 96.30 -10.72 -92.77
N PRO K 1274 96.63 -10.05 -93.88
CA PRO K 1274 97.34 -8.77 -93.82
C PRO K 1274 96.58 -7.70 -93.02
N PHE K 1275 97.28 -7.03 -92.10
CA PHE K 1275 96.75 -5.99 -91.19
C PHE K 1275 96.27 -4.78 -92.01
N ASN K 1276 94.96 -4.62 -92.16
CA ASN K 1276 94.36 -3.49 -92.92
C ASN K 1276 93.04 -3.08 -92.25
N LEU K 1277 93.02 -1.90 -91.64
CA LEU K 1277 91.85 -1.36 -90.88
C LEU K 1277 90.95 -0.52 -91.78
N ASP K 1278 91.25 -0.42 -93.09
CA ASP K 1278 90.54 0.53 -93.98
C ASP K 1278 89.50 -0.23 -94.79
N PHE K 1279 88.44 -0.71 -94.13
CA PHE K 1279 87.27 -1.38 -94.76
C PHE K 1279 86.00 -0.86 -94.08
N ASP K 1280 84.85 -1.06 -94.73
CA ASP K 1280 83.56 -0.45 -94.32
C ASP K 1280 82.91 -1.36 -93.26
N PRO K 1281 82.44 -0.81 -92.12
CA PRO K 1281 81.62 -1.57 -91.19
C PRO K 1281 80.38 -2.16 -91.86
N ARG K 1282 79.78 -1.38 -92.76
CA ARG K 1282 78.57 -1.74 -93.55
C ARG K 1282 78.82 -3.06 -94.31
N ASP K 1283 80.01 -3.23 -94.88
CA ASP K 1283 80.39 -4.41 -95.71
C ASP K 1283 80.19 -5.70 -94.90
N VAL K 1284 79.81 -6.78 -95.58
CA VAL K 1284 79.79 -8.17 -95.04
C VAL K 1284 81.24 -8.62 -94.82
N ILE K 1285 81.48 -9.59 -93.93
CA ILE K 1285 82.82 -10.17 -93.70
C ILE K 1285 82.74 -11.68 -93.95
N LYS K 1286 83.59 -12.20 -94.85
CA LYS K 1286 83.65 -13.63 -95.19
C LYS K 1286 84.79 -14.26 -94.38
N GLY K 1287 84.50 -15.35 -93.65
CA GLY K 1287 85.51 -16.14 -92.93
C GLY K 1287 85.91 -17.36 -93.74
N LYS K 1288 87.12 -17.83 -93.55
CA LYS K 1288 87.67 -18.97 -94.34
C LYS K 1288 86.76 -20.18 -94.11
N ASP K 1289 86.45 -20.94 -95.17
CA ASP K 1289 85.86 -22.30 -95.06
C ASP K 1289 86.62 -23.06 -93.96
N PHE K 1290 85.93 -23.91 -93.22
CA PHE K 1290 86.44 -24.63 -92.02
C PHE K 1290 85.93 -26.06 -92.03
N GLU K 1291 86.85 -27.04 -92.10
CA GLU K 1291 86.50 -28.48 -92.04
C GLU K 1291 86.55 -28.93 -90.58
N ILE K 1292 85.39 -29.28 -90.02
CA ILE K 1292 85.27 -29.86 -88.66
C ILE K 1292 85.91 -31.26 -88.69
N THR K 1293 86.76 -31.59 -87.74
CA THR K 1293 87.47 -32.89 -87.67
C THR K 1293 87.33 -33.50 -86.27
N ALA K 1294 87.43 -34.83 -86.17
CA ALA K 1294 87.40 -35.60 -84.91
C ALA K 1294 88.27 -34.88 -83.87
N LYS K 1295 89.55 -34.65 -84.20
CA LYS K 1295 90.59 -34.11 -83.27
C LYS K 1295 90.14 -32.77 -82.69
N GLU K 1296 89.70 -31.83 -83.54
CA GLU K 1296 89.33 -30.44 -83.11
C GLU K 1296 88.19 -30.51 -82.10
N VAL K 1297 87.18 -31.34 -82.40
CA VAL K 1297 85.98 -31.58 -81.54
C VAL K 1297 86.44 -32.14 -80.19
N TYR K 1298 87.33 -33.13 -80.19
CA TYR K 1298 87.86 -33.78 -78.97
C TYR K 1298 88.57 -32.72 -78.10
N ASP K 1299 89.47 -31.93 -78.72
CA ASP K 1299 90.31 -30.92 -78.00
C ASP K 1299 89.39 -29.84 -77.42
N PHE K 1300 88.37 -29.44 -78.18
CA PHE K 1300 87.40 -28.40 -77.79
C PHE K 1300 86.54 -28.89 -76.62
N THR K 1301 85.89 -30.04 -76.76
CA THR K 1301 85.00 -30.61 -75.71
C THR K 1301 85.79 -30.81 -74.42
N HIS K 1302 87.07 -31.17 -74.50
CA HIS K 1302 87.94 -31.38 -73.31
C HIS K 1302 88.28 -30.04 -72.67
N ALA K 1303 88.48 -28.99 -73.48
CA ALA K 1303 88.82 -27.62 -73.01
C ALA K 1303 87.64 -26.99 -72.26
N VAL K 1304 86.39 -27.23 -72.68
CA VAL K 1304 85.19 -26.59 -72.09
C VAL K 1304 84.51 -27.55 -71.10
N GLY K 1305 85.00 -28.79 -71.02
CA GLY K 1305 84.50 -29.81 -70.07
C GLY K 1305 83.10 -30.29 -70.42
N ASN K 1306 82.87 -30.61 -71.70
CA ASN K 1306 81.57 -31.09 -72.23
C ASN K 1306 81.67 -32.58 -72.53
N ASN K 1307 81.19 -33.43 -71.61
CA ASN K 1307 81.29 -34.91 -71.73
C ASN K 1307 80.04 -35.49 -72.42
N CYS K 1308 79.27 -34.70 -73.16
CA CYS K 1308 78.09 -35.24 -73.88
C CYS K 1308 78.58 -36.31 -74.85
N GLU K 1309 77.90 -37.46 -74.85
CA GLU K 1309 78.28 -38.65 -75.66
C GLU K 1309 78.18 -38.33 -77.16
N ASP K 1310 77.28 -37.43 -77.54
CA ASP K 1310 77.02 -37.10 -78.97
C ASP K 1310 78.33 -36.68 -79.63
N PHE K 1311 79.28 -36.10 -78.87
CA PHE K 1311 80.54 -35.49 -79.37
C PHE K 1311 81.75 -36.42 -79.19
N VAL K 1312 81.51 -37.70 -78.93
CA VAL K 1312 82.59 -38.70 -78.68
C VAL K 1312 82.50 -39.82 -79.72
N SER K 1313 83.68 -40.19 -80.25
CA SER K 1313 83.90 -41.23 -81.28
C SER K 1313 83.40 -42.58 -80.73
N ARG K 1314 82.35 -43.13 -81.34
CA ARG K 1314 81.71 -44.41 -80.93
C ARG K 1314 81.36 -45.17 -82.21
N PRO K 1315 81.64 -46.50 -82.27
CA PRO K 1315 81.63 -47.26 -83.52
C PRO K 1315 80.63 -46.89 -84.63
N ASP K 1316 79.32 -47.06 -84.44
CA ASP K 1316 78.29 -46.96 -85.51
C ASP K 1316 77.43 -45.73 -85.23
N ARG K 1317 78.03 -44.54 -85.36
CA ARG K 1317 77.35 -43.24 -85.09
C ARG K 1317 78.26 -42.13 -85.60
N THR K 1318 77.77 -41.25 -86.49
CA THR K 1318 78.54 -40.04 -86.91
C THR K 1318 78.73 -39.14 -85.69
N MET K 1319 79.96 -38.71 -85.47
CA MET K 1319 80.37 -37.85 -84.33
C MET K 1319 79.79 -36.45 -84.57
N LEU K 1320 78.98 -35.94 -83.66
CA LEU K 1320 78.43 -34.55 -83.74
C LEU K 1320 79.51 -33.58 -83.25
N ALA K 1321 79.26 -32.29 -83.43
CA ALA K 1321 80.06 -31.19 -82.84
C ALA K 1321 79.13 -30.30 -82.04
N PRO K 1322 79.56 -29.83 -80.85
CA PRO K 1322 78.70 -29.01 -80.01
C PRO K 1322 78.29 -27.72 -80.74
N MET K 1323 77.06 -27.28 -80.54
CA MET K 1323 76.58 -25.94 -80.96
C MET K 1323 77.72 -24.92 -80.76
N ASP K 1324 78.37 -24.95 -79.59
CA ASP K 1324 79.44 -24.03 -79.14
C ASP K 1324 80.56 -23.88 -80.16
N PHE K 1325 80.78 -24.92 -80.98
CA PHE K 1325 81.90 -24.99 -81.95
C PHE K 1325 81.79 -23.86 -82.97
N ALA K 1326 80.58 -23.36 -83.18
CA ALA K 1326 80.29 -22.23 -84.08
C ALA K 1326 81.23 -21.05 -83.78
N ILE K 1327 81.71 -20.91 -82.53
CA ILE K 1327 82.54 -19.75 -82.12
C ILE K 1327 83.97 -19.98 -82.60
N VAL K 1328 84.42 -21.24 -82.64
CA VAL K 1328 85.73 -21.60 -83.26
C VAL K 1328 85.66 -21.20 -84.74
N VAL K 1329 84.64 -21.65 -85.44
CA VAL K 1329 84.44 -21.43 -86.90
C VAL K 1329 84.30 -19.93 -87.16
N GLY K 1330 83.57 -19.21 -86.31
CA GLY K 1330 83.08 -17.85 -86.61
C GLY K 1330 83.95 -16.73 -86.05
N TRP K 1331 84.77 -17.00 -85.03
CA TRP K 1331 85.43 -15.94 -84.22
C TRP K 1331 86.18 -14.97 -85.13
N ARG K 1332 86.95 -15.46 -86.09
CA ARG K 1332 87.82 -14.63 -86.97
C ARG K 1332 86.95 -13.62 -87.72
N ALA K 1333 85.82 -14.05 -88.29
CA ALA K 1333 84.88 -13.18 -89.03
C ALA K 1333 84.21 -12.21 -88.07
N ILE K 1334 83.66 -12.72 -86.98
CA ILE K 1334 82.89 -11.93 -85.97
C ILE K 1334 83.81 -10.83 -85.43
N ILE K 1335 85.00 -11.16 -84.93
CA ILE K 1335 85.86 -10.21 -84.16
C ILE K 1335 86.40 -9.16 -85.12
N LYS K 1336 86.63 -9.51 -86.40
CA LYS K 1336 87.17 -8.55 -87.41
C LYS K 1336 86.25 -7.33 -87.47
N ALA K 1337 84.95 -7.50 -87.21
CA ALA K 1337 83.91 -6.45 -87.31
C ALA K 1337 84.25 -5.24 -86.43
N ILE K 1338 85.03 -5.40 -85.35
CA ILE K 1338 85.29 -4.29 -84.38
C ILE K 1338 86.62 -3.57 -84.69
N PHE K 1339 87.24 -3.86 -85.84
CA PHE K 1339 88.61 -3.36 -86.17
C PHE K 1339 88.61 -2.13 -87.09
N PRO K 1340 87.64 -1.90 -88.00
CA PRO K 1340 87.73 -0.76 -88.93
C PRO K 1340 88.03 0.58 -88.24
N ASN K 1341 88.72 1.49 -88.94
CA ASN K 1341 89.07 2.86 -88.44
C ASN K 1341 87.82 3.61 -88.04
N THR K 1342 86.70 3.42 -88.76
CA THR K 1342 85.43 4.12 -88.47
C THR K 1342 84.84 3.62 -87.13
N VAL K 1343 85.34 2.51 -86.56
CA VAL K 1343 84.95 2.03 -85.19
C VAL K 1343 86.23 1.92 -84.34
N ASP K 1344 86.72 3.06 -83.87
CA ASP K 1344 88.08 3.28 -83.30
C ASP K 1344 88.06 3.02 -81.78
N GLY K 1345 88.34 1.80 -81.35
CA GLY K 1345 88.32 1.42 -79.93
C GLY K 1345 89.69 1.09 -79.34
N ASP K 1346 89.85 1.35 -78.04
CA ASP K 1346 90.96 0.81 -77.20
C ASP K 1346 90.59 -0.64 -76.88
N LEU K 1347 91.19 -1.59 -77.58
CA LEU K 1347 90.83 -3.03 -77.52
C LEU K 1347 91.16 -3.59 -76.12
N LEU K 1348 92.03 -2.91 -75.37
CA LEU K 1348 92.43 -3.33 -74.00
C LEU K 1348 91.34 -2.93 -73.00
N LYS K 1349 90.40 -2.07 -73.42
CA LYS K 1349 89.18 -1.69 -72.65
C LYS K 1349 87.94 -2.31 -73.32
N LEU K 1350 88.10 -3.37 -74.11
CA LEU K 1350 86.96 -4.08 -74.75
C LEU K 1350 86.26 -4.94 -73.71
N VAL K 1351 84.94 -5.06 -73.82
CA VAL K 1351 84.11 -5.95 -72.97
C VAL K 1351 83.17 -6.75 -73.87
N HIS K 1352 83.20 -8.07 -73.73
CA HIS K 1352 82.22 -8.99 -74.34
C HIS K 1352 80.97 -8.90 -73.47
N LEU K 1353 79.84 -8.48 -74.05
CA LEU K 1353 78.60 -8.27 -73.27
C LEU K 1353 77.78 -9.55 -73.30
N SER K 1354 77.59 -10.11 -74.48
CA SER K 1354 76.71 -11.27 -74.70
C SER K 1354 77.20 -12.05 -75.93
N ASN K 1355 76.71 -13.28 -76.08
CA ASN K 1355 76.92 -14.14 -77.27
C ASN K 1355 75.83 -15.19 -77.28
N GLY K 1356 75.21 -15.41 -78.44
CA GLY K 1356 74.15 -16.42 -78.60
C GLY K 1356 74.32 -17.19 -79.89
N TYR K 1357 73.85 -18.44 -79.92
CA TYR K 1357 73.68 -19.25 -81.15
C TYR K 1357 72.19 -19.58 -81.28
N LYS K 1358 71.63 -19.49 -82.48
CA LYS K 1358 70.25 -19.94 -82.80
C LYS K 1358 70.29 -20.77 -84.07
N MET K 1359 69.89 -22.04 -84.01
CA MET K 1359 69.78 -22.93 -85.20
C MET K 1359 68.67 -22.39 -86.08
N ILE K 1360 68.87 -22.38 -87.40
CA ILE K 1360 67.76 -22.01 -88.32
C ILE K 1360 66.89 -23.26 -88.46
N PRO K 1361 65.55 -23.13 -88.42
CA PRO K 1361 64.65 -24.28 -88.43
C PRO K 1361 64.91 -25.25 -89.58
N GLY K 1362 64.84 -26.55 -89.29
CA GLY K 1362 64.99 -27.63 -90.28
C GLY K 1362 66.44 -28.07 -90.41
N ALA K 1363 67.40 -27.17 -90.17
CA ALA K 1363 68.85 -27.44 -90.30
C ALA K 1363 69.32 -28.44 -89.23
N LYS K 1364 70.05 -29.48 -89.63
CA LYS K 1364 70.63 -30.48 -88.69
C LYS K 1364 71.84 -29.85 -88.01
N PRO K 1365 72.22 -30.30 -86.79
CA PRO K 1365 73.33 -29.68 -86.06
C PRO K 1365 74.69 -30.05 -86.67
N LEU K 1366 75.74 -29.33 -86.30
CA LEU K 1366 77.10 -29.52 -86.86
C LEU K 1366 77.56 -30.95 -86.63
N GLN K 1367 78.10 -31.59 -87.67
CA GLN K 1367 78.66 -32.98 -87.67
C GLN K 1367 80.16 -32.89 -87.92
N VAL K 1368 80.88 -34.01 -87.76
CA VAL K 1368 82.36 -34.06 -87.93
C VAL K 1368 82.70 -34.04 -89.43
N GLY K 1369 81.84 -34.61 -90.30
CA GLY K 1369 82.03 -34.53 -91.76
C GLY K 1369 82.14 -33.09 -92.28
N ASP K 1370 81.28 -32.21 -91.79
CA ASP K 1370 80.86 -30.93 -92.44
C ASP K 1370 82.05 -30.01 -92.75
N VAL K 1371 81.92 -29.28 -93.85
CA VAL K 1371 82.74 -28.09 -94.22
C VAL K 1371 81.83 -26.85 -94.08
N VAL K 1372 82.16 -25.97 -93.14
CA VAL K 1372 81.35 -24.77 -92.78
C VAL K 1372 82.15 -23.51 -93.10
N SER K 1373 81.52 -22.53 -93.74
CA SER K 1373 82.03 -21.14 -93.87
C SER K 1373 81.18 -20.21 -93.01
N THR K 1374 81.69 -19.01 -92.71
CA THR K 1374 80.97 -18.01 -91.89
C THR K 1374 80.91 -16.66 -92.61
N THR K 1375 79.75 -16.02 -92.53
CA THR K 1375 79.51 -14.61 -92.90
C THR K 1375 79.25 -13.87 -91.59
N ALA K 1376 79.71 -12.62 -91.46
CA ALA K 1376 79.45 -11.77 -90.30
C ALA K 1376 79.18 -10.34 -90.77
N VAL K 1377 78.04 -9.77 -90.36
CA VAL K 1377 77.69 -8.35 -90.58
C VAL K 1377 77.65 -7.70 -89.20
N ILE K 1378 77.71 -6.37 -89.19
CA ILE K 1378 77.62 -5.55 -87.97
C ILE K 1378 76.24 -4.89 -88.03
N GLU K 1379 75.34 -5.33 -87.16
CA GLU K 1379 73.91 -4.94 -87.16
C GLU K 1379 73.79 -3.49 -86.69
N SER K 1380 74.47 -3.18 -85.58
CA SER K 1380 74.40 -1.87 -84.90
C SER K 1380 75.76 -1.50 -84.29
N VAL K 1381 76.09 -0.21 -84.36
CA VAL K 1381 77.24 0.46 -83.68
C VAL K 1381 76.67 1.76 -83.13
N VAL K 1382 76.44 1.87 -81.83
CA VAL K 1382 75.90 3.13 -81.28
C VAL K 1382 76.82 3.63 -80.18
N ASN K 1383 76.95 4.95 -80.10
CA ASN K 1383 77.72 5.64 -79.03
C ASN K 1383 76.76 5.84 -77.83
N GLN K 1384 76.71 4.87 -76.92
CA GLN K 1384 76.15 5.07 -75.55
C GLN K 1384 77.02 6.10 -74.83
N PRO K 1385 76.57 6.68 -73.70
CA PRO K 1385 77.36 7.71 -73.02
C PRO K 1385 78.62 7.11 -72.35
N THR K 1386 78.55 5.83 -72.02
CA THR K 1386 79.50 5.11 -71.14
C THR K 1386 80.55 4.39 -71.99
N GLY K 1387 80.35 4.33 -73.33
CA GLY K 1387 81.19 3.58 -74.29
C GLY K 1387 80.44 3.29 -75.59
N LYS K 1388 81.09 2.59 -76.52
CA LYS K 1388 80.56 2.30 -77.89
C LYS K 1388 80.20 0.82 -78.01
N ILE K 1389 78.94 0.53 -78.33
CA ILE K 1389 78.36 -0.83 -78.36
C ILE K 1389 78.37 -1.30 -79.82
N VAL K 1390 78.80 -2.53 -80.07
CA VAL K 1390 78.83 -3.14 -81.43
C VAL K 1390 78.13 -4.50 -81.38
N ASP K 1391 76.92 -4.58 -81.93
CA ASP K 1391 76.13 -5.84 -82.10
C ASP K 1391 76.56 -6.44 -83.44
N VAL K 1392 77.13 -7.66 -83.42
CA VAL K 1392 77.58 -8.40 -84.63
C VAL K 1392 76.65 -9.61 -84.83
N VAL K 1393 76.36 -9.96 -86.09
CA VAL K 1393 75.53 -11.14 -86.44
C VAL K 1393 76.26 -12.00 -87.47
N GLY K 1394 76.68 -13.21 -87.06
CA GLY K 1394 77.23 -14.25 -87.93
C GLY K 1394 76.15 -15.14 -88.52
N THR K 1395 76.46 -15.83 -89.62
CA THR K 1395 75.63 -16.90 -90.24
C THR K 1395 76.58 -18.02 -90.68
N LEU K 1396 76.55 -19.17 -89.99
CA LEU K 1396 77.29 -20.39 -90.41
C LEU K 1396 76.49 -21.09 -91.51
N SER K 1397 77.12 -21.35 -92.64
CA SER K 1397 76.53 -22.08 -93.78
C SER K 1397 77.31 -23.38 -94.03
N ARG K 1398 76.60 -24.45 -94.42
CA ARG K 1398 77.19 -25.67 -95.02
C ARG K 1398 76.34 -26.01 -96.26
N ASN K 1399 77.00 -26.46 -97.34
CA ASN K 1399 76.37 -26.72 -98.66
C ASN K 1399 75.58 -25.48 -99.09
N GLY K 1400 76.24 -24.31 -99.04
CA GLY K 1400 75.70 -22.97 -99.36
C GLY K 1400 74.30 -22.77 -98.81
N LYS K 1401 73.99 -23.33 -97.62
CA LYS K 1401 72.68 -23.24 -96.94
C LYS K 1401 72.92 -22.77 -95.50
N PRO K 1402 72.09 -21.86 -94.96
CA PRO K 1402 72.28 -21.40 -93.58
C PRO K 1402 72.00 -22.57 -92.62
N VAL K 1403 72.79 -22.66 -91.55
CA VAL K 1403 72.68 -23.72 -90.51
C VAL K 1403 72.31 -23.06 -89.17
N MET K 1404 73.13 -22.15 -88.67
CA MET K 1404 72.79 -21.37 -87.45
C MET K 1404 73.28 -19.93 -87.59
N GLU K 1405 72.69 -19.03 -86.80
CA GLU K 1405 73.12 -17.62 -86.65
C GLU K 1405 73.88 -17.50 -85.33
N VAL K 1406 75.10 -16.95 -85.35
CA VAL K 1406 75.79 -16.47 -84.12
C VAL K 1406 75.42 -14.99 -83.96
N THR K 1407 75.28 -14.53 -82.72
CA THR K 1407 75.24 -13.09 -82.36
C THR K 1407 76.24 -12.87 -81.23
N SER K 1408 77.06 -11.84 -81.33
CA SER K 1408 77.99 -11.41 -80.25
C SER K 1408 77.92 -9.90 -80.15
N SER K 1409 77.90 -9.37 -78.93
CA SER K 1409 77.81 -7.93 -78.64
C SER K 1409 79.06 -7.50 -77.87
N PHE K 1410 79.74 -6.47 -78.37
CA PHE K 1410 81.01 -5.95 -77.80
C PHE K 1410 80.81 -4.50 -77.37
N PHE K 1411 81.60 -4.07 -76.41
CA PHE K 1411 81.55 -2.72 -75.80
C PHE K 1411 82.96 -2.19 -75.63
N TYR K 1412 83.27 -1.09 -76.34
CA TYR K 1412 84.51 -0.30 -76.13
C TYR K 1412 84.23 0.74 -75.05
N ARG K 1413 84.65 0.48 -73.81
CA ARG K 1413 84.53 1.46 -72.70
C ARG K 1413 85.24 2.76 -73.12
N GLY K 1414 84.54 3.89 -73.03
CA GLY K 1414 85.12 5.21 -73.31
C GLY K 1414 84.07 6.24 -73.67
N ASN K 1415 84.52 7.38 -74.17
CA ASN K 1415 83.69 8.57 -74.47
C ASN K 1415 83.80 8.83 -75.98
N TYR K 1416 82.72 8.69 -76.74
CA TYR K 1416 82.72 8.67 -78.23
C TYR K 1416 81.72 9.68 -78.82
N THR K 1417 82.18 10.50 -79.76
CA THR K 1417 81.43 11.61 -80.42
C THR K 1417 81.10 11.28 -81.87
N ASP K 1418 81.67 10.22 -82.44
CA ASP K 1418 81.69 10.01 -83.92
C ASP K 1418 80.36 9.39 -84.35
N PHE K 1419 79.27 10.15 -84.19
CA PHE K 1419 77.87 9.71 -84.49
C PHE K 1419 77.71 9.46 -85.99
N GLU K 1420 78.60 10.00 -86.82
CA GLU K 1420 78.58 9.80 -88.29
C GLU K 1420 78.99 8.35 -88.62
N ASN K 1421 79.63 7.64 -87.68
CA ASN K 1421 80.02 6.21 -87.83
C ASN K 1421 79.07 5.33 -87.03
N THR K 1422 78.04 5.94 -86.44
CA THR K 1422 77.01 5.27 -85.62
C THR K 1422 75.84 4.94 -86.55
N PHE K 1423 75.35 3.70 -86.49
CA PHE K 1423 74.06 3.27 -87.10
C PHE K 1423 73.49 2.09 -86.30
N GLN K 1424 72.17 1.95 -86.31
CA GLN K 1424 71.46 0.90 -85.53
C GLN K 1424 70.31 0.35 -86.36
N LYS K 1425 70.29 -0.96 -86.57
CA LYS K 1425 69.15 -1.69 -87.18
C LYS K 1425 68.52 -2.54 -86.08
N THR K 1426 67.20 -2.51 -85.98
CA THR K 1426 66.42 -3.33 -85.01
C THR K 1426 65.29 -4.04 -85.78
N VAL K 1427 64.95 -5.26 -85.36
CA VAL K 1427 63.85 -6.07 -85.96
C VAL K 1427 62.68 -5.96 -84.99
N GLU K 1428 61.64 -5.21 -85.34
CA GLU K 1428 60.55 -4.86 -84.41
C GLU K 1428 59.73 -6.10 -84.14
N PRO K 1429 59.03 -6.17 -82.98
CA PRO K 1429 58.08 -7.25 -82.74
C PRO K 1429 56.94 -7.11 -83.76
N VAL K 1430 56.28 -8.21 -84.10
CA VAL K 1430 55.13 -8.18 -85.05
C VAL K 1430 53.95 -7.51 -84.35
N TYR K 1431 53.40 -6.46 -84.95
CA TYR K 1431 52.22 -5.72 -84.42
C TYR K 1431 50.98 -6.23 -85.15
N GLN K 1432 49.88 -6.38 -84.41
CA GLN K 1432 48.57 -6.86 -84.96
C GLN K 1432 47.50 -5.80 -84.73
N MET K 1433 46.54 -5.69 -85.65
CA MET K 1433 45.42 -4.73 -85.64
C MET K 1433 44.16 -5.39 -86.20
N HIS K 1434 43.04 -5.40 -85.46
CA HIS K 1434 41.71 -5.83 -85.99
C HIS K 1434 41.01 -4.58 -86.52
N ILE K 1435 40.80 -4.51 -87.83
CA ILE K 1435 40.17 -3.35 -88.51
C ILE K 1435 38.65 -3.53 -88.45
N LYS K 1436 37.96 -2.80 -87.56
CA LYS K 1436 36.50 -3.00 -87.27
C LYS K 1436 35.65 -1.96 -87.99
N THR K 1437 36.01 -0.68 -87.82
CA THR K 1437 35.23 0.51 -88.26
C THR K 1437 35.81 1.01 -89.59
N SER K 1438 35.01 1.72 -90.40
CA SER K 1438 35.46 2.40 -91.63
C SER K 1438 36.34 3.61 -91.26
N LYS K 1439 36.27 4.05 -89.99
CA LYS K 1439 37.14 5.10 -89.41
C LYS K 1439 38.56 4.55 -89.26
N ASP K 1440 38.71 3.39 -88.64
CA ASP K 1440 40.01 2.65 -88.51
C ASP K 1440 40.73 2.66 -89.85
N ILE K 1441 40.03 2.36 -90.96
CA ILE K 1441 40.68 2.20 -92.29
C ILE K 1441 41.07 3.59 -92.79
N ALA K 1442 40.23 4.62 -92.58
CA ALA K 1442 40.51 6.02 -92.96
C ALA K 1442 41.84 6.45 -92.32
N VAL K 1443 42.04 6.15 -91.03
CA VAL K 1443 43.26 6.52 -90.27
C VAL K 1443 44.47 5.90 -90.96
N LEU K 1444 44.42 4.60 -91.27
CA LEU K 1444 45.52 3.88 -91.95
C LEU K 1444 45.84 4.56 -93.29
N ARG K 1445 44.84 4.88 -94.12
CA ARG K 1445 45.08 5.50 -95.45
C ARG K 1445 45.70 6.88 -95.27
N SER K 1446 45.44 7.53 -94.13
CA SER K 1446 46.04 8.84 -93.75
C SER K 1446 47.56 8.73 -93.84
N LYS K 1447 48.14 7.60 -93.41
CA LYS K 1447 49.60 7.39 -93.28
C LYS K 1447 50.21 7.08 -94.65
N GLU K 1448 51.19 7.87 -95.07
CA GLU K 1448 51.87 7.71 -96.37
C GLU K 1448 52.49 6.31 -96.46
N TRP K 1449 52.98 5.82 -95.33
CA TRP K 1449 53.82 4.59 -95.23
C TRP K 1449 52.97 3.33 -95.42
N PHE K 1450 51.65 3.41 -95.28
CA PHE K 1450 50.71 2.28 -95.48
C PHE K 1450 50.40 2.16 -96.97
N GLN K 1451 51.04 1.22 -97.66
CA GLN K 1451 50.98 1.10 -99.13
C GLN K 1451 50.53 -0.33 -99.51
N LEU K 1452 49.26 -0.49 -99.85
CA LEU K 1452 48.66 -1.79 -100.24
C LEU K 1452 49.03 -2.11 -101.69
N ASP K 1453 49.25 -3.39 -101.99
CA ASP K 1453 49.44 -3.90 -103.38
C ASP K 1453 48.25 -3.46 -104.23
N ASP K 1454 47.04 -3.65 -103.70
CA ASP K 1454 45.77 -3.34 -104.40
C ASP K 1454 45.02 -2.26 -103.60
N GLU K 1455 44.94 -1.04 -104.15
CA GLU K 1455 44.29 0.17 -103.56
C GLU K 1455 42.92 -0.19 -103.01
N ASP K 1456 42.14 -0.95 -103.78
CA ASP K 1456 40.71 -1.29 -103.51
C ASP K 1456 40.57 -2.43 -102.51
N PHE K 1457 41.65 -2.89 -101.89
CA PHE K 1457 41.58 -4.02 -100.93
C PHE K 1457 40.60 -3.67 -99.81
N ASP K 1458 39.64 -4.57 -99.55
CA ASP K 1458 38.58 -4.39 -98.53
C ASP K 1458 39.17 -4.77 -97.16
N LEU K 1459 39.52 -3.78 -96.35
CA LEU K 1459 40.20 -3.97 -95.04
C LEU K 1459 39.19 -4.26 -93.92
N LEU K 1460 37.89 -4.13 -94.18
CA LEU K 1460 36.87 -4.14 -93.11
C LEU K 1460 36.75 -5.55 -92.53
N ASN K 1461 36.85 -5.67 -91.20
CA ASN K 1461 36.71 -6.91 -90.39
C ASN K 1461 37.86 -7.87 -90.69
N LYS K 1462 39.01 -7.34 -91.12
CA LYS K 1462 40.24 -8.13 -91.38
C LYS K 1462 41.23 -7.88 -90.24
N THR K 1463 42.15 -8.82 -90.04
CA THR K 1463 43.25 -8.71 -89.04
C THR K 1463 44.56 -8.55 -89.79
N LEU K 1464 45.18 -7.38 -89.71
CA LEU K 1464 46.48 -7.06 -90.35
C LEU K 1464 47.57 -7.35 -89.34
N THR K 1465 48.71 -7.86 -89.82
CA THR K 1465 49.98 -7.96 -89.06
C THR K 1465 51.03 -7.13 -89.80
N PHE K 1466 51.95 -6.52 -89.04
CA PHE K 1466 52.99 -5.58 -89.55
C PHE K 1466 54.38 -6.07 -89.11
N GLU K 1467 55.07 -6.76 -90.03
CA GLU K 1467 56.40 -7.36 -89.78
C GLU K 1467 57.47 -6.37 -90.24
N THR K 1468 58.10 -5.68 -89.29
CA THR K 1468 58.77 -4.38 -89.52
C THR K 1468 60.21 -4.43 -89.01
N GLU K 1469 61.16 -4.01 -89.85
CA GLU K 1469 62.56 -3.67 -89.47
C GLU K 1469 62.72 -2.15 -89.54
N THR K 1470 63.49 -1.57 -88.62
CA THR K 1470 63.76 -0.11 -88.60
C THR K 1470 65.28 0.12 -88.51
N GLU K 1471 65.84 0.72 -89.57
CA GLU K 1471 67.25 1.19 -89.67
C GLU K 1471 67.28 2.68 -89.37
N VAL K 1472 68.28 3.12 -88.61
CA VAL K 1472 68.41 4.50 -88.09
C VAL K 1472 69.90 4.88 -88.19
N THR K 1473 70.20 6.17 -88.42
CA THR K 1473 71.56 6.77 -88.29
C THR K 1473 71.45 7.93 -87.30
N PHE K 1474 72.55 8.38 -86.69
CA PHE K 1474 72.51 9.33 -85.55
C PHE K 1474 73.16 10.66 -85.95
N LYS K 1475 72.53 11.76 -85.54
CA LYS K 1475 73.13 13.12 -85.56
C LYS K 1475 73.91 13.31 -84.27
N ASN K 1476 73.27 13.04 -83.13
CA ASN K 1476 73.91 13.05 -81.78
C ASN K 1476 73.19 12.02 -80.91
N ALA K 1477 73.42 12.07 -79.59
CA ALA K 1477 72.84 11.13 -78.61
C ALA K 1477 71.30 11.06 -78.75
N ASN K 1478 70.61 12.20 -79.00
CA ASN K 1478 69.13 12.31 -78.99
C ASN K 1478 68.55 12.22 -80.41
N ILE K 1479 68.95 13.13 -81.30
CA ILE K 1479 68.34 13.28 -82.67
C ILE K 1479 68.93 12.23 -83.63
N PHE K 1480 68.07 11.45 -84.31
CA PHE K 1480 68.43 10.57 -85.44
C PHE K 1480 68.65 11.43 -86.69
N SER K 1481 69.73 11.17 -87.43
CA SER K 1481 70.05 11.86 -88.70
C SER K 1481 69.12 11.35 -89.81
N SER K 1482 68.74 10.07 -89.76
CA SER K 1482 67.76 9.45 -90.70
C SER K 1482 67.06 8.28 -90.01
N VAL K 1483 65.85 7.95 -90.48
CA VAL K 1483 65.00 6.85 -89.93
C VAL K 1483 64.33 6.14 -91.11
N LYS K 1484 64.54 4.84 -91.23
CA LYS K 1484 63.83 3.97 -92.19
C LYS K 1484 63.07 2.89 -91.41
N CYS K 1485 61.83 2.60 -91.81
CA CYS K 1485 60.97 1.55 -91.22
C CYS K 1485 60.14 0.92 -92.33
N PHE K 1486 60.42 -0.34 -92.67
CA PHE K 1486 59.83 -1.07 -93.82
C PHE K 1486 59.60 -2.53 -93.45
N GLY K 1487 58.86 -3.23 -94.28
CA GLY K 1487 58.46 -4.64 -94.06
C GLY K 1487 57.05 -4.89 -94.55
N PRO K 1488 56.65 -6.17 -94.70
CA PRO K 1488 55.33 -6.50 -95.25
C PRO K 1488 54.15 -6.28 -94.29
N ILE K 1489 53.01 -5.90 -94.87
CA ILE K 1489 51.67 -5.87 -94.21
C ILE K 1489 50.91 -7.11 -94.69
N LYS K 1490 50.42 -7.92 -93.75
CA LYS K 1490 49.73 -9.20 -94.07
C LYS K 1490 48.33 -9.21 -93.48
N VAL K 1491 47.40 -9.86 -94.18
CA VAL K 1491 46.01 -10.10 -93.74
C VAL K 1491 45.90 -11.55 -93.27
N GLU K 1492 45.17 -11.80 -92.18
CA GLU K 1492 44.83 -13.15 -91.68
C GLU K 1492 43.71 -13.72 -92.56
N LEU K 1493 43.87 -14.95 -93.04
CA LEU K 1493 42.82 -15.69 -93.76
C LEU K 1493 41.99 -16.49 -92.76
N PRO K 1494 40.82 -17.02 -93.18
CA PRO K 1494 40.06 -17.96 -92.36
C PRO K 1494 40.86 -19.13 -91.76
N THR K 1495 41.92 -19.56 -92.44
CA THR K 1495 42.79 -20.70 -92.04
C THR K 1495 43.77 -20.29 -90.94
N LYS K 1496 43.86 -18.99 -90.64
CA LYS K 1496 44.81 -18.37 -89.66
C LYS K 1496 46.14 -18.02 -90.36
N GLU K 1497 46.35 -18.48 -91.58
CA GLU K 1497 47.52 -18.12 -92.42
C GLU K 1497 47.51 -16.62 -92.71
N THR K 1498 48.61 -15.92 -92.42
CA THR K 1498 48.86 -14.50 -92.79
C THR K 1498 49.44 -14.46 -94.22
N VAL K 1499 49.00 -13.51 -95.04
CA VAL K 1499 49.39 -13.38 -96.48
C VAL K 1499 49.72 -11.90 -96.78
N GLU K 1500 50.83 -11.62 -97.47
CA GLU K 1500 51.23 -10.25 -97.86
C GLU K 1500 50.11 -9.61 -98.68
N ILE K 1501 49.69 -8.40 -98.31
CA ILE K 1501 48.72 -7.55 -99.09
C ILE K 1501 49.31 -6.16 -99.35
N GLY K 1502 50.51 -5.87 -98.84
CA GLY K 1502 51.17 -4.57 -99.01
C GLY K 1502 52.46 -4.48 -98.25
N ILE K 1503 52.89 -3.25 -97.98
CA ILE K 1503 54.26 -2.94 -97.49
C ILE K 1503 54.15 -1.69 -96.61
N VAL K 1504 54.83 -1.70 -95.46
CA VAL K 1504 55.19 -0.46 -94.71
C VAL K 1504 56.42 0.11 -95.40
N ASP K 1505 56.43 1.40 -95.70
CA ASP K 1505 57.59 2.10 -96.31
C ASP K 1505 57.68 3.53 -95.79
N TYR K 1506 58.35 3.73 -94.65
CA TYR K 1506 58.63 5.05 -94.04
C TYR K 1506 60.12 5.35 -94.19
N GLU K 1507 60.41 6.59 -94.60
CA GLU K 1507 61.77 7.15 -94.79
C GLU K 1507 61.72 8.59 -94.29
N ALA K 1508 62.79 9.08 -93.66
CA ALA K 1508 62.81 10.40 -92.99
C ALA K 1508 64.24 10.83 -92.68
N GLY K 1509 64.48 12.15 -92.69
CA GLY K 1509 65.73 12.77 -92.19
C GLY K 1509 65.65 12.97 -90.69
N ALA K 1510 66.24 14.06 -90.20
CA ALA K 1510 66.26 14.40 -88.76
C ALA K 1510 64.89 14.12 -88.15
N SER K 1511 64.80 13.08 -87.33
CA SER K 1511 63.60 12.77 -86.50
C SER K 1511 64.07 12.69 -85.05
N HIS K 1512 63.15 12.77 -84.08
CA HIS K 1512 63.39 12.39 -82.65
C HIS K 1512 62.83 10.98 -82.38
N GLY K 1513 62.17 10.36 -83.36
CA GLY K 1513 61.47 9.09 -83.14
C GLY K 1513 61.00 8.41 -84.42
N ASN K 1514 60.50 7.19 -84.25
CA ASN K 1514 59.93 6.32 -85.32
C ASN K 1514 58.41 6.34 -85.21
N PRO K 1515 57.69 7.12 -86.04
CA PRO K 1515 56.26 7.33 -85.87
C PRO K 1515 55.38 6.14 -86.30
N VAL K 1516 55.98 5.15 -86.97
CA VAL K 1516 55.31 3.90 -87.43
C VAL K 1516 55.14 2.98 -86.23
N VAL K 1517 56.23 2.72 -85.51
CA VAL K 1517 56.21 1.87 -84.29
C VAL K 1517 55.32 2.55 -83.24
N ASP K 1518 55.46 3.87 -83.05
CA ASP K 1518 54.60 4.63 -82.09
C ASP K 1518 53.13 4.39 -82.41
N PHE K 1519 52.76 4.47 -83.68
CA PHE K 1519 51.36 4.28 -84.16
C PHE K 1519 50.91 2.84 -83.87
N LEU K 1520 51.71 1.85 -84.26
CA LEU K 1520 51.36 0.43 -84.14
C LEU K 1520 51.28 0.05 -82.66
N LYS K 1521 52.13 0.61 -81.81
CA LYS K 1521 52.14 0.35 -80.34
C LYS K 1521 50.80 0.75 -79.75
N ARG K 1522 50.35 1.97 -80.05
CA ARG K 1522 49.12 2.58 -79.47
C ARG K 1522 47.88 1.93 -80.07
N ASN K 1523 47.87 1.63 -81.37
CA ASN K 1523 46.63 1.21 -82.08
C ASN K 1523 46.60 -0.29 -82.31
N GLY K 1524 47.66 -1.02 -81.92
CA GLY K 1524 47.77 -2.47 -82.16
C GLY K 1524 48.25 -3.18 -80.92
N SER K 1525 48.10 -4.50 -80.87
CA SER K 1525 48.71 -5.34 -79.81
C SER K 1525 49.98 -5.95 -80.41
N THR K 1526 51.00 -6.17 -79.58
CA THR K 1526 52.30 -6.74 -80.02
C THR K 1526 52.22 -8.25 -79.80
N LEU K 1527 52.48 -9.06 -80.82
CA LEU K 1527 52.50 -10.54 -80.67
C LEU K 1527 53.80 -10.94 -79.99
N GLU K 1528 53.72 -11.78 -78.96
CA GLU K 1528 54.93 -12.28 -78.24
C GLU K 1528 55.05 -13.77 -78.56
N GLN K 1529 56.26 -14.22 -78.89
CA GLN K 1529 56.55 -15.61 -79.30
C GLN K 1529 56.72 -16.48 -78.04
N LYS K 1530 57.39 -15.92 -77.03
CA LYS K 1530 57.67 -16.58 -75.73
C LYS K 1530 56.44 -16.45 -74.85
N VAL K 1531 55.99 -17.56 -74.29
CA VAL K 1531 54.82 -17.62 -73.37
C VAL K 1531 55.28 -18.24 -72.05
N ASN K 1532 55.22 -17.49 -70.96
CA ASN K 1532 55.61 -18.00 -69.63
C ASN K 1532 54.67 -19.13 -69.20
N LEU K 1533 55.20 -20.11 -68.45
CA LEU K 1533 54.40 -21.12 -67.71
C LEU K 1533 53.67 -20.39 -66.59
N GLU K 1534 52.75 -21.06 -65.90
CA GLU K 1534 52.06 -20.45 -64.73
C GLU K 1534 53.09 -20.19 -63.63
N ASN K 1535 54.05 -21.10 -63.48
CA ASN K 1535 55.17 -20.95 -62.50
C ASN K 1535 56.42 -21.55 -63.11
N PRO K 1536 57.60 -21.00 -62.80
CA PRO K 1536 58.86 -21.59 -63.27
C PRO K 1536 58.97 -22.97 -62.63
N ILE K 1537 59.40 -23.97 -63.39
CA ILE K 1537 59.69 -25.35 -62.90
C ILE K 1537 61.20 -25.46 -62.69
N PRO K 1538 61.70 -25.64 -61.44
CA PRO K 1538 63.13 -25.86 -61.25
C PRO K 1538 63.56 -27.13 -61.99
N ILE K 1539 64.77 -27.13 -62.52
CA ILE K 1539 65.39 -28.27 -63.24
C ILE K 1539 66.58 -28.77 -62.40
N ALA K 1540 67.52 -27.89 -62.01
CA ALA K 1540 68.68 -28.25 -61.18
C ALA K 1540 69.50 -27.01 -60.81
N VAL K 1541 70.22 -27.09 -59.70
CA VAL K 1541 71.33 -26.17 -59.31
C VAL K 1541 72.63 -26.99 -59.32
N LEU K 1542 73.63 -26.57 -60.07
CA LEU K 1542 74.84 -27.39 -60.37
C LEU K 1542 76.12 -26.61 -60.05
N ASP K 1543 77.12 -27.28 -59.46
CA ASP K 1543 78.49 -26.73 -59.26
C ASP K 1543 79.34 -27.05 -60.50
N SER K 1544 80.24 -26.12 -60.85
CA SER K 1544 81.26 -26.22 -61.93
C SER K 1544 82.43 -25.33 -61.53
N TYR K 1545 83.60 -25.53 -62.12
CA TYR K 1545 84.83 -24.77 -61.80
C TYR K 1545 85.36 -24.15 -63.10
N THR K 1546 85.96 -22.98 -63.00
CA THR K 1546 86.79 -22.43 -64.10
C THR K 1546 88.15 -23.10 -63.99
N PRO K 1547 88.84 -23.40 -65.11
CA PRO K 1547 90.10 -24.11 -65.06
C PRO K 1547 91.17 -23.21 -64.43
N SER K 1548 92.27 -23.82 -63.98
CA SER K 1548 93.46 -23.16 -63.36
C SER K 1548 94.27 -22.41 -64.43
N THR K 1549 94.14 -22.80 -65.69
CA THR K 1549 94.86 -22.20 -66.84
C THR K 1549 93.88 -21.89 -67.99
N ASN K 1550 94.01 -20.75 -68.64
CA ASN K 1550 93.10 -20.33 -69.74
C ASN K 1550 93.70 -20.73 -71.09
N GLU K 1551 94.94 -21.23 -71.11
CA GLU K 1551 95.68 -21.64 -72.34
C GLU K 1551 94.89 -22.70 -73.12
N PRO K 1552 94.41 -23.80 -72.48
CA PRO K 1552 93.69 -24.84 -73.23
C PRO K 1552 92.55 -24.27 -74.10
N TYR K 1553 91.72 -23.36 -73.56
CA TYR K 1553 90.59 -22.75 -74.32
C TYR K 1553 91.18 -21.89 -75.46
N ALA K 1554 92.16 -21.04 -75.14
CA ALA K 1554 92.84 -20.15 -76.10
C ALA K 1554 93.31 -20.97 -77.32
N ARG K 1555 93.94 -22.14 -77.11
CA ARG K 1555 94.50 -22.98 -78.21
C ARG K 1555 93.33 -23.37 -79.15
N VAL K 1556 92.23 -23.89 -78.62
CA VAL K 1556 91.13 -24.49 -79.45
C VAL K 1556 90.23 -23.38 -80.04
N SER K 1557 90.19 -22.20 -79.41
CA SER K 1557 89.25 -21.10 -79.76
C SER K 1557 89.90 -20.10 -80.73
N GLY K 1558 91.23 -19.95 -80.68
CA GLY K 1558 91.95 -18.90 -81.42
C GLY K 1558 91.92 -17.56 -80.71
N ASP K 1559 91.42 -17.50 -79.46
CA ASP K 1559 91.33 -16.26 -78.63
C ASP K 1559 92.60 -16.11 -77.80
N LEU K 1560 93.68 -15.66 -78.44
CA LEU K 1560 95.00 -15.45 -77.79
C LEU K 1560 95.03 -14.07 -77.13
N ASN K 1561 93.86 -13.47 -76.87
CA ASN K 1561 93.76 -12.22 -76.07
C ASN K 1561 94.70 -12.38 -74.87
N PRO K 1562 95.77 -11.57 -74.79
CA PRO K 1562 96.75 -11.66 -73.72
C PRO K 1562 96.21 -11.56 -72.29
N ILE K 1563 95.06 -10.91 -72.09
CA ILE K 1563 94.53 -10.64 -70.73
C ILE K 1563 94.20 -11.97 -70.04
N HIS K 1564 93.92 -13.03 -70.80
CA HIS K 1564 93.52 -14.35 -70.26
C HIS K 1564 94.75 -15.17 -69.84
N VAL K 1565 95.94 -14.85 -70.35
CA VAL K 1565 97.13 -15.73 -70.22
C VAL K 1565 98.33 -15.02 -69.56
N SER K 1566 98.38 -13.68 -69.58
CA SER K 1566 99.61 -12.90 -69.24
C SER K 1566 99.32 -11.87 -68.15
N ARG K 1567 99.95 -12.04 -66.99
CA ARG K 1567 99.79 -11.17 -65.79
C ARG K 1567 99.89 -9.71 -66.23
N HIS K 1568 100.95 -9.39 -66.97
CA HIS K 1568 101.37 -7.99 -67.28
C HIS K 1568 100.30 -7.30 -68.11
N PHE K 1569 99.63 -8.01 -69.01
CA PHE K 1569 98.55 -7.43 -69.86
C PHE K 1569 97.30 -7.23 -69.00
N ALA K 1570 96.89 -8.27 -68.29
CA ALA K 1570 95.72 -8.24 -67.37
C ALA K 1570 95.88 -7.05 -66.41
N SER K 1571 97.06 -6.93 -65.81
CA SER K 1571 97.38 -5.87 -64.83
C SER K 1571 97.26 -4.48 -65.51
N TYR K 1572 97.77 -4.33 -66.74
CA TYR K 1572 97.71 -3.07 -67.55
C TYR K 1572 96.26 -2.67 -67.80
N ALA K 1573 95.39 -3.66 -68.04
CA ALA K 1573 93.96 -3.50 -68.39
C ALA K 1573 93.10 -3.33 -67.13
N ASN K 1574 93.73 -3.19 -65.96
CA ASN K 1574 93.08 -2.95 -64.66
C ASN K 1574 92.13 -4.10 -64.31
N LEU K 1575 92.41 -5.34 -64.73
CA LEU K 1575 91.55 -6.50 -64.39
C LEU K 1575 91.96 -7.03 -63.01
N PRO K 1576 91.13 -7.88 -62.36
CA PRO K 1576 91.47 -8.45 -61.05
C PRO K 1576 92.50 -9.58 -61.13
N GLY K 1577 92.93 -9.94 -62.34
CA GLY K 1577 93.77 -11.12 -62.61
C GLY K 1577 93.61 -11.58 -64.05
N THR K 1578 94.20 -12.71 -64.39
CA THR K 1578 94.14 -13.29 -65.76
C THR K 1578 92.78 -13.98 -65.91
N ILE K 1579 91.73 -13.19 -66.14
CA ILE K 1579 90.30 -13.63 -66.06
C ILE K 1579 90.07 -14.81 -67.01
N THR K 1580 89.23 -15.76 -66.58
CA THR K 1580 88.72 -16.87 -67.42
C THR K 1580 88.12 -16.26 -68.69
N HIS K 1581 88.25 -16.92 -69.83
CA HIS K 1581 87.56 -16.52 -71.09
C HIS K 1581 86.05 -16.52 -70.84
N GLY K 1582 85.36 -15.42 -71.15
CA GLY K 1582 83.88 -15.40 -71.12
C GLY K 1582 83.34 -16.61 -71.87
N MET K 1583 83.88 -16.86 -73.06
CA MET K 1583 83.38 -17.86 -74.04
C MET K 1583 83.63 -19.29 -73.54
N PHE K 1584 84.43 -19.46 -72.48
CA PHE K 1584 84.57 -20.74 -71.74
C PHE K 1584 83.30 -20.90 -70.90
N SER K 1585 83.06 -19.97 -69.97
CA SER K 1585 81.85 -19.92 -69.14
C SER K 1585 80.63 -20.22 -70.01
N SER K 1586 80.53 -19.59 -71.20
CA SER K 1586 79.43 -19.79 -72.18
C SER K 1586 79.24 -21.29 -72.42
N ALA K 1587 80.27 -21.95 -72.95
CA ALA K 1587 80.28 -23.38 -73.39
C ALA K 1587 80.11 -24.34 -72.21
N SER K 1588 80.62 -23.93 -71.03
CA SER K 1588 80.69 -24.73 -69.79
C SER K 1588 79.30 -24.80 -69.17
N VAL K 1589 78.67 -23.64 -68.99
CA VAL K 1589 77.27 -23.56 -68.48
C VAL K 1589 76.37 -24.22 -69.52
N ARG K 1590 76.58 -23.96 -70.81
CA ARG K 1590 75.74 -24.56 -71.89
C ARG K 1590 75.80 -26.08 -71.79
N ALA K 1591 76.98 -26.63 -71.50
CA ALA K 1591 77.19 -28.09 -71.34
C ALA K 1591 76.26 -28.64 -70.25
N LEU K 1592 76.10 -27.90 -69.15
CA LEU K 1592 75.21 -28.25 -68.01
C LEU K 1592 73.76 -28.31 -68.50
N ILE K 1593 73.31 -27.22 -69.14
CA ILE K 1593 71.94 -27.07 -69.69
C ILE K 1593 71.66 -28.26 -70.62
N GLU K 1594 72.62 -28.55 -71.50
CA GLU K 1594 72.56 -29.68 -72.47
C GLU K 1594 72.33 -30.99 -71.71
N ASN K 1595 73.00 -31.18 -70.59
CA ASN K 1595 73.00 -32.45 -69.81
C ASN K 1595 71.68 -32.58 -69.06
N TRP K 1596 71.28 -31.54 -68.30
CA TRP K 1596 70.18 -31.59 -67.31
C TRP K 1596 68.84 -31.16 -67.94
N ALA K 1597 68.82 -30.12 -68.76
CA ALA K 1597 67.57 -29.63 -69.39
C ALA K 1597 67.26 -30.42 -70.65
N ALA K 1598 68.26 -30.95 -71.36
CA ALA K 1598 68.06 -31.70 -72.63
C ALA K 1598 68.33 -33.20 -72.45
N ASP K 1599 68.65 -33.65 -71.23
CA ASP K 1599 68.89 -35.08 -70.90
C ASP K 1599 70.05 -35.61 -71.76
N SER K 1600 70.99 -34.74 -72.13
CA SER K 1600 72.22 -35.08 -72.87
C SER K 1600 71.90 -35.50 -74.32
N VAL K 1601 70.76 -35.08 -74.86
CA VAL K 1601 70.46 -35.17 -76.32
C VAL K 1601 70.80 -33.82 -76.96
N SER K 1602 72.05 -33.64 -77.41
CA SER K 1602 72.57 -32.34 -77.90
C SER K 1602 71.63 -31.76 -78.97
N SER K 1603 71.02 -32.60 -79.82
CA SER K 1603 70.17 -32.19 -80.97
C SER K 1603 68.98 -31.36 -80.51
N ARG K 1604 68.53 -31.56 -79.28
CA ARG K 1604 67.34 -30.90 -78.72
C ARG K 1604 67.59 -29.40 -78.50
N VAL K 1605 68.76 -28.99 -78.03
CA VAL K 1605 69.00 -27.55 -77.73
C VAL K 1605 69.23 -26.86 -79.08
N ARG K 1606 68.34 -25.94 -79.47
CA ARG K 1606 68.33 -25.27 -80.79
C ARG K 1606 68.58 -23.77 -80.63
N GLY K 1607 68.67 -23.28 -79.39
CA GLY K 1607 69.04 -21.87 -79.14
C GLY K 1607 69.67 -21.73 -77.77
N TYR K 1608 70.66 -20.84 -77.63
CA TYR K 1608 71.35 -20.54 -76.36
C TYR K 1608 71.86 -19.10 -76.42
N THR K 1609 71.53 -18.29 -75.41
CA THR K 1609 72.01 -16.90 -75.25
C THR K 1609 72.67 -16.76 -73.89
N CYS K 1610 73.45 -15.71 -73.70
CA CYS K 1610 74.54 -15.66 -72.71
C CYS K 1610 74.88 -14.20 -72.41
N GLN K 1611 74.65 -13.74 -71.19
CA GLN K 1611 74.98 -12.36 -70.75
C GLN K 1611 76.18 -12.44 -69.80
N PHE K 1612 77.31 -11.85 -70.17
CA PHE K 1612 78.52 -11.83 -69.31
C PHE K 1612 78.38 -10.72 -68.27
N VAL K 1613 77.72 -11.03 -67.15
CA VAL K 1613 77.32 -10.02 -66.14
C VAL K 1613 78.55 -9.49 -65.43
N ASP K 1614 79.58 -10.31 -65.22
CA ASP K 1614 80.81 -9.95 -64.47
C ASP K 1614 81.92 -10.95 -64.84
N MET K 1615 83.16 -10.65 -64.45
CA MET K 1615 84.34 -11.48 -64.78
C MET K 1615 84.52 -12.58 -63.72
N VAL K 1616 85.19 -13.66 -64.09
CA VAL K 1616 85.53 -14.78 -63.15
C VAL K 1616 86.99 -15.15 -63.36
N LEU K 1617 87.73 -15.32 -62.26
CA LEU K 1617 89.18 -15.69 -62.28
C LEU K 1617 89.30 -17.20 -62.41
N PRO K 1618 90.48 -17.72 -62.78
CA PRO K 1618 90.71 -19.17 -62.79
C PRO K 1618 90.51 -19.73 -61.38
N ASN K 1619 90.06 -20.99 -61.29
CA ASN K 1619 89.79 -21.72 -60.02
C ASN K 1619 88.69 -21.04 -59.21
N THR K 1620 87.64 -20.51 -59.86
CA THR K 1620 86.40 -20.05 -59.18
C THR K 1620 85.39 -21.20 -59.20
N ALA K 1621 84.58 -21.33 -58.15
CA ALA K 1621 83.49 -22.32 -58.04
C ALA K 1621 82.15 -21.66 -58.37
N LEU K 1622 81.42 -22.20 -59.35
CA LEU K 1622 80.20 -21.59 -59.92
C LEU K 1622 78.98 -22.44 -59.60
N LYS K 1623 78.06 -21.90 -58.80
CA LYS K 1623 76.67 -22.40 -58.65
C LYS K 1623 75.85 -21.82 -59.80
N THR K 1624 75.24 -22.67 -60.63
CA THR K 1624 74.35 -22.28 -61.76
C THR K 1624 73.01 -23.01 -61.64
N SER K 1625 71.94 -22.25 -61.36
CA SER K 1625 70.55 -22.75 -61.26
C SER K 1625 69.85 -22.62 -62.62
N ILE K 1626 69.02 -23.60 -62.97
CA ILE K 1626 68.38 -23.75 -64.31
C ILE K 1626 66.90 -24.04 -64.09
N GLN K 1627 66.01 -23.32 -64.78
CA GLN K 1627 64.54 -23.48 -64.65
C GLN K 1627 63.90 -23.56 -66.03
N HIS K 1628 62.79 -24.30 -66.13
CA HIS K 1628 61.85 -24.28 -67.26
C HIS K 1628 60.86 -23.15 -67.00
N VAL K 1629 60.93 -22.08 -67.80
CA VAL K 1629 60.31 -20.77 -67.46
C VAL K 1629 59.12 -20.49 -68.40
N GLY K 1630 59.16 -21.00 -69.63
CA GLY K 1630 58.14 -20.71 -70.66
C GLY K 1630 58.22 -21.65 -71.85
N MET K 1631 57.50 -21.34 -72.93
CA MET K 1631 57.52 -22.07 -74.21
C MET K 1631 57.70 -21.09 -75.37
N ILE K 1632 58.14 -21.58 -76.53
CA ILE K 1632 58.20 -20.81 -77.81
C ILE K 1632 58.22 -21.78 -78.99
N ASN K 1633 57.15 -21.81 -79.78
CA ASN K 1633 56.99 -22.67 -80.98
C ASN K 1633 57.36 -24.11 -80.61
N GLY K 1634 56.86 -24.57 -79.46
CA GLY K 1634 56.94 -26.00 -79.08
C GLY K 1634 58.30 -26.36 -78.50
N ARG K 1635 59.13 -25.36 -78.23
CA ARG K 1635 60.45 -25.53 -77.58
C ARG K 1635 60.31 -25.02 -76.14
N LYS K 1636 60.83 -25.77 -75.18
CA LYS K 1636 60.89 -25.34 -73.76
C LYS K 1636 61.85 -24.16 -73.66
N LEU K 1637 61.40 -23.05 -73.09
CA LEU K 1637 62.22 -21.84 -72.83
C LEU K 1637 62.86 -22.03 -71.45
N ILE K 1638 64.17 -22.25 -71.42
CA ILE K 1638 64.96 -22.46 -70.17
C ILE K 1638 65.69 -21.17 -69.83
N LYS K 1639 65.58 -20.69 -68.60
CA LYS K 1639 66.37 -19.56 -68.05
C LYS K 1639 67.43 -20.15 -67.12
N PHE K 1640 68.55 -19.48 -66.95
CA PHE K 1640 69.63 -19.89 -66.01
C PHE K 1640 70.33 -18.66 -65.42
N GLU K 1641 70.96 -18.86 -64.28
CA GLU K 1641 71.72 -17.85 -63.51
C GLU K 1641 72.93 -18.53 -62.90
N THR K 1642 74.11 -17.92 -62.97
CA THR K 1642 75.40 -18.49 -62.49
C THR K 1642 76.06 -17.47 -61.55
N ARG K 1643 76.35 -17.88 -60.30
CA ARG K 1643 76.94 -17.03 -59.25
C ARG K 1643 78.30 -17.60 -58.84
N ASN K 1644 79.19 -16.78 -58.28
CA ASN K 1644 80.53 -17.18 -57.79
C ASN K 1644 80.44 -17.43 -56.28
N GLU K 1645 81.56 -17.75 -55.62
CA GLU K 1645 81.60 -18.05 -54.15
C GLU K 1645 80.97 -16.90 -53.36
N ASP K 1646 81.16 -15.65 -53.78
CA ASP K 1646 80.66 -14.44 -53.06
C ASP K 1646 79.17 -14.21 -53.39
N ASP K 1647 78.56 -15.13 -54.13
CA ASP K 1647 77.10 -15.13 -54.42
C ASP K 1647 76.76 -13.96 -55.34
N VAL K 1648 77.71 -13.51 -56.18
CA VAL K 1648 77.54 -12.43 -57.19
C VAL K 1648 77.16 -13.07 -58.52
N VAL K 1649 76.11 -12.55 -59.17
CA VAL K 1649 75.69 -13.05 -60.51
C VAL K 1649 76.76 -12.66 -61.54
N VAL K 1650 77.08 -13.59 -62.41
CA VAL K 1650 78.31 -13.62 -63.25
C VAL K 1650 77.93 -13.97 -64.70
N LEU K 1651 77.03 -14.94 -64.86
CA LEU K 1651 76.45 -15.36 -66.16
C LEU K 1651 74.94 -15.48 -65.98
N THR K 1652 74.15 -14.92 -66.91
CA THR K 1652 72.70 -15.21 -67.08
C THR K 1652 72.47 -15.60 -68.53
N GLY K 1653 71.25 -16.00 -68.86
CA GLY K 1653 70.89 -16.30 -70.26
C GLY K 1653 69.78 -17.33 -70.32
N GLU K 1654 69.39 -17.71 -71.53
CA GLU K 1654 68.27 -18.65 -71.75
C GLU K 1654 68.63 -19.58 -72.90
N ALA K 1655 67.92 -20.70 -72.98
CA ALA K 1655 68.07 -21.74 -74.02
C ALA K 1655 66.68 -22.20 -74.45
N GLU K 1656 66.56 -22.61 -75.71
CA GLU K 1656 65.32 -23.16 -76.30
C GLU K 1656 65.60 -24.63 -76.60
N ILE K 1657 64.79 -25.54 -76.05
CA ILE K 1657 65.05 -27.01 -76.05
C ILE K 1657 63.81 -27.75 -76.55
N GLU K 1658 63.94 -28.53 -77.62
CA GLU K 1658 62.84 -29.31 -78.22
C GLU K 1658 62.23 -30.21 -77.14
N GLN K 1659 60.91 -30.37 -77.18
CA GLN K 1659 60.21 -31.41 -76.39
C GLN K 1659 60.61 -32.76 -76.96
N PRO K 1660 60.56 -33.85 -76.17
CA PRO K 1660 60.76 -35.19 -76.70
C PRO K 1660 59.84 -35.43 -77.91
N VAL K 1661 60.16 -36.41 -78.76
CA VAL K 1661 59.42 -36.65 -80.03
C VAL K 1661 57.95 -36.93 -79.70
N THR K 1662 57.03 -36.16 -80.29
CA THR K 1662 55.58 -36.16 -79.94
C THR K 1662 54.74 -36.62 -81.13
N THR K 1663 53.66 -37.37 -80.86
CA THR K 1663 52.57 -37.67 -81.84
C THR K 1663 51.24 -37.26 -81.22
N PHE K 1664 50.42 -36.51 -81.96
CA PHE K 1664 49.04 -36.14 -81.56
C PHE K 1664 48.07 -37.12 -82.22
N VAL K 1665 47.19 -37.73 -81.42
CA VAL K 1665 46.10 -38.63 -81.92
C VAL K 1665 44.76 -38.02 -81.50
N PHE K 1666 43.82 -37.96 -82.44
CA PHE K 1666 42.51 -37.26 -82.26
C PHE K 1666 41.40 -38.29 -82.19
N THR K 1667 40.58 -38.21 -81.15
CA THR K 1667 39.56 -39.24 -80.81
C THR K 1667 38.40 -39.19 -81.78
N GLY K 1668 37.77 -40.35 -82.03
CA GLY K 1668 36.60 -40.49 -82.92
C GLY K 1668 35.29 -40.37 -82.16
N GLN K 1669 34.17 -40.66 -82.83
CA GLN K 1669 32.82 -40.64 -82.21
C GLN K 1669 32.81 -41.67 -81.08
N GLY K 1670 31.82 -41.59 -80.20
CA GLY K 1670 31.60 -42.55 -79.10
C GLY K 1670 32.08 -42.01 -77.77
N SER K 1671 33.01 -41.08 -77.77
CA SER K 1671 33.66 -40.50 -76.56
C SER K 1671 32.90 -39.27 -76.06
N GLN K 1672 32.09 -38.65 -76.92
CA GLN K 1672 31.45 -37.32 -76.69
C GLN K 1672 30.60 -37.36 -75.42
N GLU K 1673 30.57 -36.25 -74.69
CA GLU K 1673 29.86 -36.12 -73.39
C GLU K 1673 29.25 -34.72 -73.33
N GLN K 1674 28.06 -34.58 -72.74
CA GLN K 1674 27.43 -33.27 -72.52
C GLN K 1674 28.42 -32.37 -71.78
N GLY K 1675 28.52 -31.10 -72.17
CA GLY K 1675 29.34 -30.10 -71.48
C GLY K 1675 30.80 -30.16 -71.88
N MET K 1676 31.20 -31.08 -72.77
CA MET K 1676 32.62 -31.27 -73.14
C MET K 1676 33.17 -29.98 -73.76
N GLY K 1677 34.40 -29.63 -73.38
CA GLY K 1677 35.15 -28.49 -73.94
C GLY K 1677 34.72 -27.15 -73.37
N MET K 1678 33.68 -27.13 -72.53
CA MET K 1678 33.01 -25.87 -72.07
C MET K 1678 33.79 -25.22 -70.92
N ASP K 1679 34.50 -25.99 -70.10
CA ASP K 1679 35.40 -25.38 -69.06
C ASP K 1679 36.46 -24.55 -69.78
N LEU K 1680 37.04 -25.12 -70.84
CA LEU K 1680 38.04 -24.43 -71.70
C LEU K 1680 37.40 -23.19 -72.33
N TYR K 1681 36.15 -23.30 -72.77
CA TYR K 1681 35.40 -22.20 -73.46
C TYR K 1681 35.34 -20.98 -72.54
N LYS K 1682 35.19 -21.18 -71.23
CA LYS K 1682 35.11 -20.08 -70.24
C LYS K 1682 36.48 -19.39 -70.16
N THR K 1683 37.57 -20.16 -70.05
CA THR K 1683 38.91 -19.69 -69.61
C THR K 1683 39.81 -19.30 -70.79
N SER K 1684 39.62 -19.83 -72.00
CA SER K 1684 40.57 -19.69 -73.14
C SER K 1684 39.98 -18.81 -74.26
N LYS K 1685 40.65 -17.70 -74.56
CA LYS K 1685 40.36 -16.84 -75.73
C LYS K 1685 40.36 -17.73 -76.99
N ALA K 1686 41.41 -18.54 -77.17
CA ALA K 1686 41.64 -19.35 -78.39
C ALA K 1686 40.45 -20.27 -78.63
N ALA K 1687 39.97 -20.91 -77.57
CA ALA K 1687 38.85 -21.88 -77.60
C ALA K 1687 37.55 -21.14 -77.91
N GLN K 1688 37.32 -20.03 -77.23
CA GLN K 1688 36.11 -19.18 -77.45
C GLN K 1688 36.00 -18.92 -78.95
N ASP K 1689 37.04 -18.37 -79.57
CA ASP K 1689 37.05 -17.97 -81.00
C ASP K 1689 36.64 -19.15 -81.87
N VAL K 1690 37.15 -20.35 -81.61
CA VAL K 1690 36.82 -21.58 -82.39
C VAL K 1690 35.32 -21.86 -82.25
N TRP K 1691 34.86 -22.08 -81.03
CA TRP K 1691 33.44 -22.40 -80.73
C TRP K 1691 32.51 -21.33 -81.32
N ASN K 1692 32.86 -20.05 -81.19
CA ASN K 1692 32.00 -18.93 -81.63
C ASN K 1692 31.96 -18.88 -83.15
N ARG K 1693 33.12 -18.88 -83.83
CA ARG K 1693 33.17 -18.89 -85.32
C ARG K 1693 32.18 -19.94 -85.83
N ALA K 1694 32.18 -21.10 -85.17
CA ALA K 1694 31.43 -22.31 -85.56
C ALA K 1694 29.95 -22.13 -85.23
N ASP K 1695 29.66 -21.69 -84.01
CA ASP K 1695 28.29 -21.46 -83.51
C ASP K 1695 27.61 -20.44 -84.44
N ASN K 1696 28.28 -19.33 -84.73
CA ASN K 1696 27.77 -18.27 -85.62
C ASN K 1696 27.49 -18.88 -86.99
N HIS K 1697 28.36 -19.76 -87.46
CA HIS K 1697 28.20 -20.36 -88.81
C HIS K 1697 26.91 -21.18 -88.82
N PHE K 1698 26.70 -22.01 -87.79
CA PHE K 1698 25.53 -22.93 -87.72
C PHE K 1698 24.25 -22.11 -87.55
N LYS K 1699 24.26 -21.13 -86.66
CA LYS K 1699 23.07 -20.28 -86.37
C LYS K 1699 22.66 -19.55 -87.64
N ASP K 1700 23.60 -18.93 -88.35
CA ASP K 1700 23.31 -18.08 -89.53
C ASP K 1700 22.91 -18.95 -90.73
N THR K 1701 23.44 -20.15 -90.91
CA THR K 1701 23.16 -20.93 -92.14
C THR K 1701 22.11 -22.02 -91.88
N TYR K 1702 22.02 -22.62 -90.69
CA TYR K 1702 21.09 -23.77 -90.44
C TYR K 1702 20.16 -23.54 -89.25
N GLY K 1703 20.25 -22.40 -88.57
CA GLY K 1703 19.31 -22.00 -87.51
C GLY K 1703 19.37 -22.88 -86.28
N PHE K 1704 20.55 -23.35 -85.89
CA PHE K 1704 20.75 -24.02 -84.58
C PHE K 1704 22.13 -23.65 -84.07
N SER K 1705 22.32 -23.78 -82.76
CA SER K 1705 23.57 -23.46 -82.02
C SER K 1705 24.25 -24.77 -81.64
N ILE K 1706 25.46 -25.01 -82.12
CA ILE K 1706 26.23 -26.24 -81.75
C ILE K 1706 26.58 -26.14 -80.27
N LEU K 1707 26.82 -24.94 -79.75
CA LEU K 1707 27.05 -24.70 -78.31
C LEU K 1707 25.82 -25.17 -77.52
N ASP K 1708 24.64 -24.69 -77.87
CA ASP K 1708 23.39 -25.08 -77.16
C ASP K 1708 23.34 -26.61 -77.09
N ILE K 1709 23.61 -27.30 -78.21
CA ILE K 1709 23.49 -28.78 -78.28
C ILE K 1709 24.50 -29.42 -77.34
N VAL K 1710 25.74 -28.93 -77.34
CA VAL K 1710 26.81 -29.45 -76.45
C VAL K 1710 26.43 -29.19 -75.00
N ILE K 1711 25.92 -27.99 -74.68
CA ILE K 1711 25.69 -27.55 -73.26
C ILE K 1711 24.48 -28.28 -72.66
N ASN K 1712 23.34 -28.31 -73.37
CA ASN K 1712 22.00 -28.73 -72.84
C ASN K 1712 21.52 -30.06 -73.44
N ASN K 1713 22.19 -30.57 -74.48
CA ASN K 1713 21.91 -31.90 -75.10
C ASN K 1713 20.41 -32.12 -75.15
N PRO K 1714 19.67 -31.32 -75.93
CA PRO K 1714 18.21 -31.46 -76.02
C PRO K 1714 17.83 -32.75 -76.75
N VAL K 1715 16.65 -33.29 -76.43
CA VAL K 1715 16.10 -34.57 -76.95
C VAL K 1715 15.62 -34.31 -78.38
N ASN K 1716 15.01 -33.15 -78.57
CA ASN K 1716 14.40 -32.67 -79.83
C ASN K 1716 14.83 -31.21 -80.03
N LEU K 1717 15.01 -30.80 -81.28
CA LEU K 1717 15.38 -29.42 -81.63
C LEU K 1717 14.70 -29.08 -82.94
N THR K 1718 13.87 -28.03 -82.96
CA THR K 1718 13.07 -27.69 -84.15
C THR K 1718 13.53 -26.33 -84.68
N ILE K 1719 13.77 -26.26 -85.99
CA ILE K 1719 14.27 -25.09 -86.74
C ILE K 1719 13.06 -24.43 -87.36
N HIS K 1720 12.92 -23.11 -87.24
CA HIS K 1720 11.73 -22.39 -87.73
C HIS K 1720 12.11 -21.55 -88.94
N PHE K 1721 11.31 -21.62 -90.00
CA PHE K 1721 11.60 -20.98 -91.31
C PHE K 1721 10.73 -19.72 -91.49
N GLY K 1722 10.48 -19.01 -90.41
CA GLY K 1722 9.63 -17.81 -90.44
C GLY K 1722 10.43 -16.60 -90.89
N GLY K 1723 9.83 -15.77 -91.74
CA GLY K 1723 10.38 -14.44 -92.07
C GLY K 1723 11.55 -14.55 -93.01
N GLU K 1724 12.07 -13.42 -93.47
CA GLU K 1724 13.08 -13.39 -94.55
C GLU K 1724 14.32 -14.19 -94.09
N LYS K 1725 14.69 -14.10 -92.81
CA LYS K 1725 15.87 -14.82 -92.25
C LYS K 1725 15.60 -16.33 -92.26
N GLY K 1726 14.36 -16.73 -92.02
CA GLY K 1726 13.97 -18.14 -91.93
C GLY K 1726 13.91 -18.82 -93.28
N LYS K 1727 13.55 -18.09 -94.35
CA LYS K 1727 13.45 -18.67 -95.71
C LYS K 1727 14.88 -18.87 -96.23
N ARG K 1728 15.78 -17.91 -95.99
CA ARG K 1728 17.21 -18.02 -96.37
C ARG K 1728 17.79 -19.30 -95.74
N ILE K 1729 17.45 -19.58 -94.48
CA ILE K 1729 17.91 -20.80 -93.75
C ILE K 1729 17.29 -22.02 -94.41
N ARG K 1730 16.02 -21.95 -94.77
CA ARG K 1730 15.33 -23.11 -95.38
C ARG K 1730 16.00 -23.44 -96.72
N GLU K 1731 16.34 -22.44 -97.53
CA GLU K 1731 17.07 -22.63 -98.81
C GLU K 1731 18.30 -23.50 -98.53
N ASN K 1732 19.14 -23.10 -97.57
CA ASN K 1732 20.39 -23.82 -97.18
C ASN K 1732 20.06 -25.27 -96.83
N TYR K 1733 18.91 -25.57 -96.25
CA TYR K 1733 18.51 -26.96 -95.92
C TYR K 1733 18.15 -27.69 -97.22
N SER K 1734 17.53 -27.00 -98.19
CA SER K 1734 17.05 -27.58 -99.47
C SER K 1734 18.24 -27.74 -100.42
N ALA K 1735 19.08 -26.71 -100.51
CA ALA K 1735 20.33 -26.62 -101.32
C ALA K 1735 21.37 -27.64 -100.82
N MET K 1736 21.06 -28.45 -99.80
CA MET K 1736 21.91 -29.57 -99.33
C MET K 1736 21.60 -30.79 -100.20
N ILE K 1737 22.54 -31.10 -101.12
CA ILE K 1737 22.35 -32.03 -102.29
C ILE K 1737 23.49 -33.06 -102.33
N PHE K 1738 23.32 -34.12 -103.15
CA PHE K 1738 24.37 -35.11 -103.57
C PHE K 1738 24.80 -34.84 -105.03
N GLU K 1739 26.07 -34.45 -105.23
CA GLU K 1739 26.64 -34.00 -106.55
C GLU K 1739 27.22 -35.20 -107.33
N THR K 1740 26.34 -36.09 -107.81
CA THR K 1740 26.67 -37.29 -108.64
C THR K 1740 26.82 -36.85 -110.11
N ILE K 1741 27.65 -37.56 -110.89
CA ILE K 1741 27.87 -37.33 -112.36
C ILE K 1741 27.49 -38.63 -113.12
N VAL K 1742 26.24 -38.75 -113.60
CA VAL K 1742 25.66 -39.96 -114.28
C VAL K 1742 25.38 -39.67 -115.77
N ASP K 1743 25.99 -40.46 -116.68
CA ASP K 1743 25.88 -40.44 -118.17
C ASP K 1743 26.75 -39.31 -118.78
N GLY K 1744 27.72 -38.77 -118.04
CA GLY K 1744 28.51 -37.59 -118.43
C GLY K 1744 28.05 -36.33 -117.72
N LYS K 1745 26.73 -36.12 -117.61
CA LYS K 1745 26.07 -34.88 -117.07
C LYS K 1745 25.88 -34.98 -115.53
N LEU K 1746 25.66 -33.84 -114.86
CA LEU K 1746 25.47 -33.73 -113.37
C LEU K 1746 24.01 -34.01 -112.99
N LYS K 1747 23.76 -34.64 -111.82
CA LYS K 1747 22.40 -34.88 -111.24
C LYS K 1747 22.40 -34.57 -109.73
N THR K 1748 21.20 -34.32 -109.18
CA THR K 1748 20.90 -33.76 -107.85
C THR K 1748 20.10 -34.79 -107.02
N GLU K 1749 20.38 -34.87 -105.71
CA GLU K 1749 19.55 -35.59 -104.71
C GLU K 1749 19.51 -34.77 -103.39
N LYS K 1750 18.29 -34.45 -102.95
CA LYS K 1750 17.97 -33.64 -101.74
C LYS K 1750 18.03 -34.51 -100.48
N ILE K 1751 18.91 -34.12 -99.56
CA ILE K 1751 19.18 -34.79 -98.24
C ILE K 1751 17.92 -34.76 -97.36
N PHE K 1752 17.29 -33.59 -97.24
CA PHE K 1752 16.07 -33.31 -96.43
C PHE K 1752 14.83 -33.32 -97.34
N LYS K 1753 14.18 -34.47 -97.46
CA LYS K 1753 13.11 -34.68 -98.47
C LYS K 1753 11.88 -33.90 -98.02
N GLU K 1754 11.68 -33.79 -96.70
CA GLU K 1754 10.47 -33.22 -96.05
C GLU K 1754 10.41 -31.70 -96.28
N ILE K 1755 11.56 -31.03 -96.35
CA ILE K 1755 11.66 -29.54 -96.36
C ILE K 1755 11.42 -29.03 -97.79
N ASN K 1756 10.28 -28.38 -98.04
CA ASN K 1756 9.93 -27.82 -99.38
C ASN K 1756 9.64 -26.32 -99.24
N GLU K 1757 9.14 -25.69 -100.30
CA GLU K 1757 8.76 -24.25 -100.35
C GLU K 1757 7.62 -23.93 -99.37
N HIS K 1758 6.93 -24.95 -98.84
CA HIS K 1758 5.73 -24.79 -97.97
C HIS K 1758 6.01 -25.21 -96.52
N SER K 1759 7.25 -25.55 -96.19
CA SER K 1759 7.64 -26.00 -94.84
C SER K 1759 7.87 -24.79 -93.94
N THR K 1760 7.22 -24.75 -92.78
CA THR K 1760 7.34 -23.65 -91.78
C THR K 1760 8.36 -24.05 -90.71
N SER K 1761 8.68 -25.33 -90.59
CA SER K 1761 9.68 -25.83 -89.59
C SER K 1761 10.13 -27.25 -89.91
N TYR K 1762 11.28 -27.63 -89.40
CA TYR K 1762 11.82 -29.01 -89.46
C TYR K 1762 12.33 -29.36 -88.06
N THR K 1763 12.12 -30.58 -87.62
CA THR K 1763 12.47 -31.03 -86.25
C THR K 1763 13.46 -32.20 -86.35
N PHE K 1764 14.62 -32.08 -85.70
CA PHE K 1764 15.57 -33.17 -85.40
C PHE K 1764 15.08 -33.90 -84.15
N ARG K 1765 15.01 -35.24 -84.17
CA ARG K 1765 14.67 -36.07 -82.99
C ARG K 1765 15.80 -37.05 -82.66
N SER K 1766 15.83 -37.53 -81.42
CA SER K 1766 16.75 -38.58 -80.92
C SER K 1766 16.21 -39.11 -79.60
N GLU K 1767 16.39 -40.42 -79.33
CA GLU K 1767 15.93 -41.09 -78.09
C GLU K 1767 16.36 -40.25 -76.88
N LYS K 1768 17.67 -40.11 -76.68
CA LYS K 1768 18.28 -39.76 -75.36
C LYS K 1768 18.94 -38.38 -75.42
N GLY K 1769 19.25 -37.83 -76.60
CA GLY K 1769 19.81 -36.46 -76.73
C GLY K 1769 20.55 -36.25 -78.05
N LEU K 1770 20.32 -35.12 -78.70
CA LEU K 1770 20.80 -34.81 -80.08
C LEU K 1770 22.33 -34.85 -80.13
N LEU K 1771 23.03 -34.76 -79.00
CA LEU K 1771 24.51 -34.71 -79.00
C LEU K 1771 25.09 -36.02 -79.51
N SER K 1772 24.31 -37.11 -79.49
CA SER K 1772 24.75 -38.45 -79.95
C SER K 1772 24.02 -38.83 -81.25
N ALA K 1773 23.42 -37.89 -81.96
CA ALA K 1773 23.01 -38.06 -83.37
C ALA K 1773 24.18 -37.58 -84.24
N THR K 1774 24.74 -38.45 -85.08
CA THR K 1774 26.09 -38.27 -85.68
C THR K 1774 26.26 -36.89 -86.35
N GLN K 1775 25.21 -36.30 -86.94
CA GLN K 1775 25.29 -35.02 -87.70
C GLN K 1775 25.70 -33.88 -86.76
N PHE K 1776 25.37 -33.96 -85.47
CA PHE K 1776 25.74 -32.97 -84.43
C PHE K 1776 27.00 -33.46 -83.71
N THR K 1777 27.07 -34.75 -83.39
CA THR K 1777 28.21 -35.40 -82.69
C THR K 1777 29.52 -35.03 -83.38
N GLN K 1778 29.55 -35.14 -84.71
CA GLN K 1778 30.82 -34.99 -85.48
C GLN K 1778 31.31 -33.56 -85.32
N PRO K 1779 30.53 -32.50 -85.67
CA PRO K 1779 31.02 -31.14 -85.51
C PRO K 1779 31.37 -30.84 -84.04
N ALA K 1780 30.50 -31.24 -83.11
CA ALA K 1780 30.68 -31.03 -81.66
C ALA K 1780 32.06 -31.56 -81.24
N LEU K 1781 32.37 -32.80 -81.60
CA LEU K 1781 33.63 -33.49 -81.24
C LEU K 1781 34.81 -32.78 -81.89
N THR K 1782 34.67 -32.48 -83.18
CA THR K 1782 35.68 -31.79 -83.99
C THR K 1782 36.10 -30.49 -83.30
N LEU K 1783 35.11 -29.71 -82.85
CA LEU K 1783 35.34 -28.38 -82.22
C LEU K 1783 36.05 -28.56 -80.88
N MET K 1784 35.51 -29.40 -80.00
CA MET K 1784 36.15 -29.74 -78.69
C MET K 1784 37.64 -29.93 -78.89
N GLU K 1785 38.01 -30.70 -79.92
CA GLU K 1785 39.41 -31.09 -80.22
C GLU K 1785 40.17 -29.89 -80.80
N LYS K 1786 39.64 -29.24 -81.84
CA LYS K 1786 40.30 -28.11 -82.53
C LYS K 1786 40.52 -26.96 -81.53
N ALA K 1787 39.53 -26.69 -80.67
CA ALA K 1787 39.59 -25.66 -79.61
C ALA K 1787 40.73 -25.99 -78.65
N ALA K 1788 40.74 -27.20 -78.11
CA ALA K 1788 41.81 -27.67 -77.22
C ALA K 1788 43.17 -27.48 -77.90
N PHE K 1789 43.25 -27.78 -79.19
CA PHE K 1789 44.55 -27.74 -79.91
C PHE K 1789 44.99 -26.29 -80.04
N GLU K 1790 44.08 -25.39 -80.40
CA GLU K 1790 44.43 -23.97 -80.66
C GLU K 1790 44.85 -23.30 -79.34
N ASP K 1791 44.23 -23.68 -78.22
CA ASP K 1791 44.66 -23.22 -76.87
C ASP K 1791 46.10 -23.68 -76.63
N LEU K 1792 46.39 -24.96 -76.86
CA LEU K 1792 47.76 -25.51 -76.71
C LEU K 1792 48.71 -24.68 -77.58
N LYS K 1793 48.36 -24.47 -78.84
CA LYS K 1793 49.20 -23.76 -79.85
C LYS K 1793 49.44 -22.34 -79.34
N SER K 1794 48.43 -21.70 -78.76
CA SER K 1794 48.51 -20.32 -78.23
C SER K 1794 49.47 -20.24 -77.04
N LYS K 1795 49.76 -21.34 -76.34
CA LYS K 1795 50.74 -21.34 -75.22
C LYS K 1795 52.09 -21.85 -75.74
N GLY K 1796 52.22 -22.02 -77.06
CA GLY K 1796 53.44 -22.44 -77.77
C GLY K 1796 53.91 -23.83 -77.38
N LEU K 1797 52.97 -24.77 -77.28
CA LEU K 1797 53.19 -26.11 -76.68
C LEU K 1797 53.30 -27.20 -77.75
N ILE K 1798 53.15 -26.83 -79.03
CA ILE K 1798 53.06 -27.78 -80.16
C ILE K 1798 54.43 -27.87 -80.82
N PRO K 1799 55.16 -29.00 -80.72
CA PRO K 1799 56.43 -29.14 -81.41
C PRO K 1799 56.21 -28.93 -82.91
N ALA K 1800 57.17 -28.24 -83.55
CA ALA K 1800 57.15 -27.92 -84.99
C ALA K 1800 57.03 -29.21 -85.80
N ASP K 1801 57.77 -30.27 -85.43
CA ASP K 1801 57.91 -31.50 -86.25
C ASP K 1801 57.12 -32.67 -85.67
N ALA K 1802 55.87 -32.45 -85.27
CA ALA K 1802 55.02 -33.50 -84.66
C ALA K 1802 54.34 -34.31 -85.77
N THR K 1803 54.33 -35.63 -85.60
CA THR K 1803 53.47 -36.59 -86.35
C THR K 1803 52.07 -36.51 -85.75
N PHE K 1804 51.04 -36.80 -86.54
CA PHE K 1804 49.63 -36.75 -86.09
C PHE K 1804 48.77 -37.69 -86.92
N ALA K 1805 47.72 -38.22 -86.29
CA ALA K 1805 46.71 -39.06 -86.94
C ALA K 1805 45.39 -38.95 -86.18
N GLY K 1806 44.28 -39.21 -86.85
CA GLY K 1806 42.96 -39.18 -86.21
C GLY K 1806 42.20 -40.46 -86.48
N HIS K 1807 41.54 -41.00 -85.46
CA HIS K 1807 40.70 -42.23 -85.56
C HIS K 1807 39.35 -41.86 -86.15
N J8W K 1808 39.02 -42.42 -87.32
CA J8W K 1808 37.74 -42.20 -87.98
CB J8W K 1808 36.64 -42.96 -87.20
OG J8W K 1808 35.60 -42.11 -86.71
C J8W K 1808 37.53 -40.70 -88.19
O J8W K 1808 38.20 -40.11 -89.04
C1 J8W K 1808 33.12 -42.72 -87.02
C2 J8W K 1808 34.29 -42.43 -86.08
C3 J8W K 1808 33.20 -41.70 -88.12
O7 J8W K 1808 34.13 -42.39 -84.86
O8 J8W K 1808 33.57 -42.03 -89.28
O9 J8W K 1808 32.88 -40.52 -87.79
N LEU K 1809 36.68 -40.06 -87.38
CA LEU K 1809 36.32 -38.65 -87.50
C LEU K 1809 37.49 -37.76 -87.11
N GLY K 1810 38.22 -38.16 -86.06
CA GLY K 1810 39.44 -37.48 -85.57
C GLY K 1810 40.36 -37.09 -86.71
N GLU K 1811 40.36 -37.84 -87.82
CA GLU K 1811 41.21 -37.53 -88.99
C GLU K 1811 40.95 -36.08 -89.41
N TYR K 1812 39.69 -35.64 -89.41
CA TYR K 1812 39.29 -34.28 -89.88
C TYR K 1812 39.78 -33.23 -88.87
N ALA K 1813 39.61 -33.48 -87.58
CA ALA K 1813 40.07 -32.59 -86.50
C ALA K 1813 41.60 -32.47 -86.55
N ALA K 1814 42.28 -33.61 -86.63
CA ALA K 1814 43.75 -33.70 -86.69
C ALA K 1814 44.28 -32.87 -87.87
N LEU K 1815 43.73 -33.07 -89.06
CA LEU K 1815 44.16 -32.33 -90.28
C LEU K 1815 44.01 -30.83 -90.06
N ALA K 1816 42.90 -30.38 -89.47
CA ALA K 1816 42.60 -28.96 -89.25
C ALA K 1816 43.53 -28.43 -88.15
N SER K 1817 43.72 -29.20 -87.10
CA SER K 1817 44.49 -28.79 -85.90
C SER K 1817 45.98 -28.61 -86.25
N LEU K 1818 46.53 -29.36 -87.20
CA LEU K 1818 48.01 -29.37 -87.42
C LEU K 1818 48.40 -28.86 -88.79
N ALA K 1819 47.51 -28.78 -89.76
CA ALA K 1819 47.85 -28.30 -91.12
C ALA K 1819 46.89 -27.19 -91.54
N ASP K 1820 46.04 -26.74 -90.62
CA ASP K 1820 45.03 -25.68 -90.85
C ASP K 1820 44.54 -25.76 -92.30
N VAL K 1821 44.22 -26.98 -92.73
CA VAL K 1821 43.77 -27.34 -94.11
C VAL K 1821 42.43 -26.65 -94.38
N MET K 1822 41.60 -26.48 -93.35
CA MET K 1822 40.26 -25.85 -93.44
C MET K 1822 40.09 -24.80 -92.34
N SER K 1823 39.33 -23.75 -92.64
CA SER K 1823 38.80 -22.79 -91.66
C SER K 1823 37.92 -23.57 -90.66
N ILE K 1824 37.66 -23.01 -89.49
CA ILE K 1824 36.65 -23.60 -88.56
C ILE K 1824 35.33 -23.78 -89.31
N GLU K 1825 34.91 -22.79 -90.09
CA GLU K 1825 33.60 -22.80 -90.78
C GLU K 1825 33.56 -23.99 -91.73
N SER K 1826 34.59 -24.20 -92.54
CA SER K 1826 34.67 -25.30 -93.53
C SER K 1826 34.64 -26.65 -92.80
N LEU K 1827 35.47 -26.78 -91.77
CA LEU K 1827 35.64 -28.02 -90.98
C LEU K 1827 34.28 -28.52 -90.50
N VAL K 1828 33.54 -27.69 -89.76
CA VAL K 1828 32.24 -28.10 -89.16
C VAL K 1828 31.22 -28.29 -90.27
N GLU K 1829 31.29 -27.49 -91.33
CA GLU K 1829 30.35 -27.61 -92.48
C GLU K 1829 30.51 -28.99 -93.12
N VAL K 1830 31.76 -29.41 -93.33
CA VAL K 1830 32.14 -30.68 -94.03
C VAL K 1830 31.69 -31.84 -93.16
N VAL K 1831 32.13 -31.81 -91.91
CA VAL K 1831 31.87 -32.88 -90.91
C VAL K 1831 30.35 -32.99 -90.66
N PHE K 1832 29.59 -31.91 -90.78
CA PHE K 1832 28.10 -31.90 -90.59
C PHE K 1832 27.47 -32.60 -91.79
N TYR K 1833 27.86 -32.19 -93.00
CA TYR K 1833 27.41 -32.81 -94.27
C TYR K 1833 27.70 -34.31 -94.20
N ARG K 1834 28.92 -34.66 -93.78
CA ARG K 1834 29.39 -36.06 -93.63
C ARG K 1834 28.37 -36.83 -92.78
N GLY K 1835 28.15 -36.40 -91.55
CA GLY K 1835 27.18 -37.01 -90.61
C GLY K 1835 25.79 -37.12 -91.22
N MET K 1836 25.39 -36.13 -92.02
CA MET K 1836 24.05 -36.12 -92.66
C MET K 1836 24.01 -37.18 -93.77
N THR K 1837 25.08 -37.30 -94.55
CA THR K 1837 25.23 -38.36 -95.60
C THR K 1837 25.04 -39.72 -94.93
N MET K 1838 25.76 -39.98 -93.84
CA MET K 1838 25.66 -41.24 -93.06
C MET K 1838 24.21 -41.48 -92.62
N GLN K 1839 23.46 -40.44 -92.26
CA GLN K 1839 22.09 -40.60 -91.68
C GLN K 1839 21.08 -40.98 -92.77
N VAL K 1840 21.23 -40.44 -93.99
CA VAL K 1840 20.32 -40.72 -95.15
C VAL K 1840 20.52 -42.17 -95.63
N ALA K 1841 21.75 -42.70 -95.56
CA ALA K 1841 22.15 -43.98 -96.20
C ALA K 1841 21.48 -45.18 -95.50
N VAL K 1842 20.98 -45.00 -94.27
CA VAL K 1842 20.39 -46.06 -93.40
C VAL K 1842 18.88 -45.85 -93.30
N PRO K 1843 18.03 -46.70 -93.94
CA PRO K 1843 16.58 -46.66 -93.68
C PRO K 1843 16.28 -46.92 -92.18
N ARG K 1844 15.64 -45.96 -91.48
CA ARG K 1844 15.27 -46.05 -90.03
C ARG K 1844 13.76 -45.90 -89.83
N ASP K 1845 12.97 -46.62 -90.64
CA ASP K 1845 11.57 -46.28 -91.05
C ASP K 1845 10.51 -46.58 -89.97
N GLU K 1846 10.91 -46.84 -88.72
CA GLU K 1846 10.10 -47.16 -87.50
C GLU K 1846 10.75 -46.43 -86.30
N LEU K 1847 10.69 -45.09 -86.28
CA LEU K 1847 11.42 -44.15 -85.39
C LEU K 1847 12.94 -44.49 -85.46
N GLY K 1848 13.75 -43.99 -84.52
CA GLY K 1848 15.22 -43.84 -84.66
C GLY K 1848 16.00 -45.14 -84.50
N ARG K 1849 15.86 -46.09 -85.44
CA ARG K 1849 16.50 -47.44 -85.42
C ARG K 1849 16.48 -48.11 -86.82
N SER K 1850 17.55 -48.87 -87.14
CA SER K 1850 17.79 -49.54 -88.45
C SER K 1850 18.13 -51.03 -88.26
N ASN K 1851 18.24 -51.79 -89.36
CA ASN K 1851 18.74 -53.18 -89.42
C ASN K 1851 20.28 -53.21 -89.56
N TYR K 1852 21.00 -52.21 -89.01
CA TYR K 1852 22.47 -52.02 -89.14
C TYR K 1852 23.04 -51.55 -87.79
N GLY K 1853 24.17 -52.16 -87.37
CA GLY K 1853 24.92 -51.82 -86.13
C GLY K 1853 26.36 -52.29 -86.21
N MET K 1854 27.12 -52.17 -85.11
CA MET K 1854 28.51 -52.67 -85.01
C MET K 1854 28.87 -53.13 -83.58
N ILE K 1855 29.75 -54.14 -83.50
CA ILE K 1855 30.23 -54.82 -82.25
C ILE K 1855 31.76 -54.69 -82.17
N ALA K 1856 32.29 -54.60 -80.94
CA ALA K 1856 33.73 -54.57 -80.59
C ALA K 1856 34.16 -55.97 -80.15
N ILE K 1857 35.08 -56.61 -80.88
CA ILE K 1857 35.52 -58.02 -80.66
C ILE K 1857 36.91 -58.04 -80.03
N ASN K 1858 37.16 -59.03 -79.16
CA ASN K 1858 38.48 -59.34 -78.53
C ASN K 1858 38.84 -60.78 -78.86
N PRO K 1859 39.59 -61.07 -79.96
CA PRO K 1859 39.92 -62.44 -80.33
C PRO K 1859 40.62 -63.22 -79.21
N GLY K 1860 41.34 -62.52 -78.33
CA GLY K 1860 41.99 -63.09 -77.13
C GLY K 1860 41.04 -63.93 -76.29
N ARG K 1861 39.78 -63.49 -76.16
CA ARG K 1861 38.78 -64.05 -75.21
C ARG K 1861 38.13 -65.31 -75.78
N VAL K 1862 38.02 -65.45 -77.10
CA VAL K 1862 37.53 -66.73 -77.71
C VAL K 1862 38.52 -67.84 -77.32
N ALA K 1863 39.78 -67.72 -77.74
CA ALA K 1863 40.91 -68.65 -77.43
C ALA K 1863 42.23 -67.90 -77.64
N ALA K 1864 43.20 -68.08 -76.73
CA ALA K 1864 44.52 -67.41 -76.74
C ALA K 1864 45.36 -67.71 -78.00
N SER K 1865 44.82 -68.40 -79.02
CA SER K 1865 45.47 -68.83 -80.29
C SER K 1865 44.68 -68.31 -81.51
N PHE K 1866 43.49 -67.78 -81.26
CA PHE K 1866 42.58 -67.13 -82.24
C PHE K 1866 43.16 -65.76 -82.65
N SER K 1867 43.84 -65.73 -83.80
CA SER K 1867 44.63 -64.57 -84.30
C SER K 1867 43.74 -63.58 -85.07
N GLN K 1868 44.35 -62.55 -85.66
CA GLN K 1868 43.74 -61.61 -86.63
C GLN K 1868 43.27 -62.34 -87.90
N GLU K 1869 44.10 -63.22 -88.48
CA GLU K 1869 43.77 -64.08 -89.65
C GLU K 1869 42.48 -64.86 -89.38
N ALA K 1870 42.43 -65.48 -88.19
CA ALA K 1870 41.30 -66.28 -87.68
C ALA K 1870 40.01 -65.46 -87.75
N LEU K 1871 40.03 -64.25 -87.22
CA LEU K 1871 38.83 -63.36 -87.11
C LEU K 1871 38.45 -62.86 -88.51
N GLN K 1872 39.43 -62.39 -89.28
CA GLN K 1872 39.28 -61.92 -90.69
C GLN K 1872 38.64 -63.03 -91.54
N TYR K 1873 39.09 -64.27 -91.37
CA TYR K 1873 38.61 -65.47 -92.11
C TYR K 1873 37.17 -65.82 -91.64
N VAL K 1874 36.94 -65.97 -90.33
CA VAL K 1874 35.61 -66.28 -89.72
C VAL K 1874 34.55 -65.30 -90.24
N VAL K 1875 34.87 -64.01 -90.32
CA VAL K 1875 33.91 -62.91 -90.69
C VAL K 1875 33.68 -62.91 -92.20
N GLU K 1876 34.77 -63.00 -92.99
CA GLU K 1876 34.75 -63.13 -94.49
C GLU K 1876 33.78 -64.26 -94.89
N ARG K 1877 33.78 -65.38 -94.14
CA ARG K 1877 32.94 -66.57 -94.44
C ARG K 1877 31.47 -66.29 -94.14
N VAL K 1878 31.15 -65.79 -92.94
CA VAL K 1878 29.76 -65.41 -92.53
C VAL K 1878 29.20 -64.49 -93.62
N GLY K 1879 29.98 -63.49 -94.05
CA GLY K 1879 29.64 -62.53 -95.12
C GLY K 1879 29.27 -63.22 -96.42
N LYS K 1880 30.18 -64.03 -96.98
CA LYS K 1880 30.02 -64.73 -98.28
C LYS K 1880 28.87 -65.74 -98.19
N ARG K 1881 28.90 -66.62 -97.18
CA ARG K 1881 27.99 -67.79 -97.03
C ARG K 1881 26.58 -67.31 -96.68
N THR K 1882 26.38 -66.65 -95.52
CA THR K 1882 25.04 -66.14 -95.09
C THR K 1882 24.55 -65.14 -96.15
N GLY K 1883 25.46 -64.55 -96.94
CA GLY K 1883 25.13 -63.63 -98.05
C GLY K 1883 24.81 -62.23 -97.54
N TRP K 1884 24.60 -62.07 -96.23
CA TRP K 1884 24.40 -60.78 -95.53
C TRP K 1884 25.76 -60.12 -95.30
N LEU K 1885 25.87 -58.82 -95.59
CA LEU K 1885 27.14 -58.06 -95.45
C LEU K 1885 27.49 -57.93 -93.95
N VAL K 1886 28.73 -58.32 -93.62
CA VAL K 1886 29.44 -57.97 -92.35
C VAL K 1886 30.95 -57.87 -92.66
N GLU K 1887 31.66 -56.95 -91.99
CA GLU K 1887 33.09 -56.62 -92.24
C GLU K 1887 33.76 -56.07 -90.99
N ILE K 1888 35.08 -56.24 -90.90
CA ILE K 1888 35.97 -55.59 -89.90
C ILE K 1888 36.27 -54.19 -90.40
N VAL K 1889 35.88 -53.16 -89.64
CA VAL K 1889 35.94 -51.73 -90.06
C VAL K 1889 36.97 -50.97 -89.21
N ASN K 1890 37.13 -51.31 -87.93
CA ASN K 1890 38.28 -50.83 -87.11
C ASN K 1890 39.23 -52.00 -86.81
N TYR K 1891 40.48 -51.88 -87.25
CA TYR K 1891 41.65 -52.60 -86.70
C TYR K 1891 42.31 -51.68 -85.66
N ASN K 1892 42.02 -51.89 -84.38
CA ASN K 1892 42.42 -50.94 -83.29
C ASN K 1892 43.70 -51.43 -82.62
N VAL K 1893 43.60 -52.51 -81.83
CA VAL K 1893 44.71 -53.09 -81.00
C VAL K 1893 44.88 -54.56 -81.39
N GLU K 1894 46.12 -55.00 -81.67
CA GLU K 1894 46.39 -56.33 -82.28
C GLU K 1894 45.96 -57.44 -81.31
N ASN K 1895 45.17 -58.40 -81.81
CA ASN K 1895 44.65 -59.57 -81.06
C ASN K 1895 43.90 -59.15 -79.79
N GLN K 1896 43.24 -57.97 -79.78
CA GLN K 1896 42.60 -57.43 -78.55
C GLN K 1896 41.36 -56.58 -78.86
N GLN K 1897 41.45 -55.59 -79.75
CA GLN K 1897 40.32 -54.68 -80.10
C GLN K 1897 40.20 -54.56 -81.62
N TYR K 1898 39.19 -55.21 -82.17
CA TYR K 1898 38.69 -55.01 -83.56
C TYR K 1898 37.22 -54.60 -83.46
N VAL K 1899 36.68 -53.99 -84.51
CA VAL K 1899 35.24 -53.61 -84.57
C VAL K 1899 34.71 -54.01 -85.93
N ALA K 1900 33.67 -54.84 -85.96
CA ALA K 1900 32.95 -55.26 -87.19
C ALA K 1900 31.58 -54.57 -87.20
N ALA K 1901 31.05 -54.33 -88.40
CA ALA K 1901 29.78 -53.62 -88.66
C ALA K 1901 29.09 -54.22 -89.88
N GLY K 1902 27.77 -54.09 -89.94
CA GLY K 1902 26.94 -54.55 -91.08
C GLY K 1902 25.55 -54.98 -90.63
N ASP K 1903 24.96 -55.93 -91.37
CA ASP K 1903 23.59 -56.47 -91.14
C ASP K 1903 23.49 -56.97 -89.68
N LEU K 1904 22.46 -56.56 -88.94
CA LEU K 1904 22.27 -56.91 -87.49
C LEU K 1904 22.15 -58.43 -87.31
N ARG K 1905 21.63 -59.13 -88.32
CA ARG K 1905 21.49 -60.61 -88.39
C ARG K 1905 22.89 -61.23 -88.48
N ALA K 1906 23.78 -60.64 -89.30
CA ALA K 1906 25.15 -61.11 -89.60
C ALA K 1906 26.10 -60.82 -88.42
N LEU K 1907 25.75 -59.87 -87.56
CA LEU K 1907 26.45 -59.58 -86.28
C LEU K 1907 26.01 -60.59 -85.22
N ASP K 1908 24.74 -61.01 -85.30
CA ASP K 1908 24.14 -61.99 -84.37
C ASP K 1908 24.71 -63.39 -84.65
N THR K 1909 25.04 -63.73 -85.90
CA THR K 1909 25.71 -65.01 -86.26
C THR K 1909 27.14 -64.98 -85.69
N VAL K 1910 27.91 -63.94 -86.02
CA VAL K 1910 29.33 -63.77 -85.58
C VAL K 1910 29.38 -63.87 -84.04
N THR K 1911 28.64 -63.02 -83.32
CA THR K 1911 28.70 -62.89 -81.83
C THR K 1911 28.43 -64.24 -81.16
N ASN K 1912 27.64 -65.15 -81.78
CA ASN K 1912 27.29 -66.51 -81.28
C ASN K 1912 28.32 -67.55 -81.77
N VAL K 1913 28.58 -67.59 -83.09
CA VAL K 1913 29.58 -68.50 -83.73
C VAL K 1913 30.87 -68.48 -82.89
N LEU K 1914 31.30 -67.28 -82.47
CA LEU K 1914 32.48 -67.07 -81.58
C LEU K 1914 32.22 -67.71 -80.20
N ASN K 1915 31.04 -67.48 -79.61
CA ASN K 1915 30.62 -68.08 -78.31
C ASN K 1915 30.69 -69.62 -78.37
N PHE K 1916 30.44 -70.20 -79.55
CA PHE K 1916 30.51 -71.67 -79.81
C PHE K 1916 31.99 -72.11 -79.89
N ILE K 1917 32.83 -71.38 -80.63
CA ILE K 1917 34.28 -71.72 -80.81
C ILE K 1917 34.99 -71.58 -79.46
N LYS K 1918 34.52 -70.68 -78.57
CA LYS K 1918 35.07 -70.46 -77.21
C LYS K 1918 34.69 -71.64 -76.29
N LEU K 1919 33.42 -72.03 -76.26
CA LEU K 1919 32.91 -73.17 -75.42
C LEU K 1919 33.50 -74.48 -75.92
N GLN K 1920 33.71 -74.63 -77.24
CA GLN K 1920 34.36 -75.80 -77.89
C GLN K 1920 35.83 -75.87 -77.42
N LYS K 1921 36.41 -74.73 -77.01
CA LYS K 1921 37.72 -74.63 -76.30
C LYS K 1921 38.85 -75.05 -77.25
N ILE K 1922 38.67 -74.93 -78.57
CA ILE K 1922 39.60 -75.49 -79.59
C ILE K 1922 40.77 -74.51 -79.83
N ASP K 1923 41.98 -75.08 -79.94
CA ASP K 1923 43.26 -74.38 -80.26
C ASP K 1923 43.43 -74.40 -81.78
N ILE K 1924 43.54 -73.22 -82.40
CA ILE K 1924 43.58 -72.99 -83.88
C ILE K 1924 44.75 -73.78 -84.50
N ILE K 1925 45.99 -73.51 -84.07
CA ILE K 1925 47.26 -74.06 -84.68
C ILE K 1925 47.19 -75.61 -84.74
N GLU K 1926 46.64 -76.27 -83.72
CA GLU K 1926 46.50 -77.76 -83.67
C GLU K 1926 45.43 -78.22 -84.69
N LEU K 1927 44.16 -77.80 -84.52
CA LEU K 1927 42.99 -78.22 -85.35
C LEU K 1927 42.97 -77.43 -86.69
N GLN K 1928 44.06 -76.72 -87.04
CA GLN K 1928 44.33 -76.15 -88.39
C GLN K 1928 44.83 -77.28 -89.29
N LYS K 1929 45.96 -77.08 -90.01
CA LYS K 1929 46.46 -77.97 -91.12
C LYS K 1929 46.62 -79.43 -90.65
N SER K 1930 46.88 -79.66 -89.35
CA SER K 1930 47.11 -81.00 -88.74
C SER K 1930 45.83 -81.83 -88.76
N LEU K 1931 44.73 -81.36 -88.15
CA LEU K 1931 43.42 -82.09 -88.09
C LEU K 1931 42.76 -82.05 -89.48
N SER K 1932 42.50 -80.85 -90.02
CA SER K 1932 41.75 -80.61 -91.30
C SER K 1932 42.44 -79.52 -92.14
N LEU K 1933 42.90 -79.86 -93.35
CA LEU K 1933 43.58 -78.93 -94.30
C LEU K 1933 42.56 -78.36 -95.31
N GLU K 1934 42.32 -77.02 -95.27
CA GLU K 1934 41.32 -76.23 -96.07
C GLU K 1934 39.87 -76.66 -95.80
N GLU K 1935 39.59 -77.97 -95.66
CA GLU K 1935 38.24 -78.58 -95.46
C GLU K 1935 37.62 -78.11 -94.13
N VAL K 1936 38.42 -77.55 -93.21
CA VAL K 1936 37.98 -76.70 -92.06
C VAL K 1936 36.81 -75.80 -92.51
N GLU K 1937 36.91 -75.19 -93.70
CA GLU K 1937 35.84 -74.37 -94.35
C GLU K 1937 34.50 -75.13 -94.32
N GLY K 1938 34.53 -76.44 -94.61
CA GLY K 1938 33.38 -77.36 -94.48
C GLY K 1938 32.84 -77.41 -93.06
N HIS K 1939 33.72 -77.50 -92.06
CA HIS K 1939 33.39 -77.50 -90.60
C HIS K 1939 32.90 -76.11 -90.17
N LEU K 1940 33.38 -75.03 -90.81
CA LEU K 1940 33.03 -73.63 -90.47
C LEU K 1940 31.58 -73.36 -90.91
N PHE K 1941 31.26 -73.59 -92.20
CA PHE K 1941 29.89 -73.45 -92.80
C PHE K 1941 28.85 -74.16 -91.93
N GLU K 1942 29.24 -75.33 -91.39
CA GLU K 1942 28.44 -76.21 -90.48
C GLU K 1942 28.04 -75.42 -89.21
N ILE K 1943 28.96 -74.63 -88.65
CA ILE K 1943 28.78 -73.84 -87.39
C ILE K 1943 28.09 -72.51 -87.73
N ILE K 1944 28.29 -71.98 -88.95
CA ILE K 1944 27.66 -70.72 -89.46
C ILE K 1944 26.16 -70.97 -89.65
N ASP K 1945 25.81 -72.07 -90.36
CA ASP K 1945 24.41 -72.40 -90.77
C ASP K 1945 23.56 -72.67 -89.53
N GLU K 1946 24.14 -73.21 -88.45
CA GLU K 1946 23.43 -73.54 -87.17
C GLU K 1946 23.27 -72.28 -86.30
N ALA K 1947 24.01 -71.21 -86.58
CA ALA K 1947 23.84 -69.87 -85.94
C ALA K 1947 23.15 -68.90 -86.90
N SER K 1948 23.19 -69.19 -88.22
CA SER K 1948 22.66 -68.33 -89.31
C SER K 1948 21.13 -68.39 -89.34
N LYS K 1949 20.53 -69.59 -89.29
CA LYS K 1949 19.06 -69.79 -89.35
C LYS K 1949 18.44 -69.50 -87.97
N LYS K 1950 19.24 -69.46 -86.90
CA LYS K 1950 18.82 -69.05 -85.53
C LYS K 1950 18.54 -67.54 -85.52
N SER K 1951 19.29 -66.78 -86.33
CA SER K 1951 19.23 -65.29 -86.45
C SER K 1951 18.47 -64.87 -87.73
N ALA K 1952 18.04 -65.82 -88.57
CA ALA K 1952 17.28 -65.57 -89.82
C ALA K 1952 15.78 -65.45 -89.54
N VAL K 1953 15.38 -65.46 -88.26
CA VAL K 1953 13.99 -65.16 -87.78
C VAL K 1953 14.10 -64.63 -86.34
N LYS K 1954 13.86 -63.33 -86.09
CA LYS K 1954 13.77 -62.70 -84.74
C LYS K 1954 12.81 -61.51 -84.82
N PRO K 1955 12.65 -60.66 -83.76
CA PRO K 1955 12.17 -59.29 -83.95
C PRO K 1955 13.00 -58.60 -85.06
N ARG K 1956 12.36 -58.14 -86.15
CA ARG K 1956 13.01 -57.82 -87.45
C ARG K 1956 13.98 -56.65 -87.30
N PRO K 1957 13.71 -55.63 -86.46
CA PRO K 1957 14.76 -54.70 -86.02
C PRO K 1957 15.51 -55.21 -84.76
N LEU K 1958 16.17 -56.37 -84.89
CA LEU K 1958 16.57 -57.28 -83.77
C LEU K 1958 17.62 -56.63 -82.86
N LYS K 1959 17.46 -56.78 -81.55
CA LYS K 1959 18.42 -56.37 -80.49
C LYS K 1959 19.68 -57.23 -80.63
N LEU K 1960 20.86 -56.65 -80.35
CA LEU K 1960 22.17 -57.36 -80.43
C LEU K 1960 22.71 -57.55 -79.01
N GLU K 1961 23.00 -58.81 -78.65
CA GLU K 1961 23.38 -59.25 -77.28
C GLU K 1961 24.91 -59.40 -77.19
N ARG K 1962 25.42 -59.58 -75.97
CA ARG K 1962 26.86 -59.73 -75.61
C ARG K 1962 27.28 -61.19 -75.85
N GLY K 1963 28.60 -61.49 -75.88
CA GLY K 1963 29.09 -62.85 -76.14
C GLY K 1963 30.57 -63.04 -75.88
N PHE K 1964 30.96 -63.17 -74.60
CA PHE K 1964 32.34 -63.48 -74.11
C PHE K 1964 33.36 -62.52 -74.76
N ALA K 1965 33.46 -62.58 -76.09
CA ALA K 1965 34.42 -61.82 -76.94
C ALA K 1965 33.82 -60.49 -77.42
N CYS K 1966 32.50 -60.44 -77.66
CA CYS K 1966 31.82 -59.37 -78.44
C CYS K 1966 30.97 -58.49 -77.52
N ILE K 1967 31.24 -57.17 -77.50
CA ILE K 1967 30.40 -56.11 -76.86
C ILE K 1967 29.69 -55.34 -77.97
N PRO K 1968 28.33 -55.25 -77.98
CA PRO K 1968 27.63 -54.36 -78.92
C PRO K 1968 27.91 -52.90 -78.54
N LEU K 1969 28.22 -52.06 -79.53
CA LEU K 1969 28.59 -50.63 -79.31
C LEU K 1969 27.30 -49.82 -79.09
N VAL K 1970 27.22 -49.14 -77.93
CA VAL K 1970 26.04 -48.44 -77.34
C VAL K 1970 25.03 -48.02 -78.43
N GLY K 1971 24.28 -49.00 -78.97
CA GLY K 1971 23.26 -48.85 -80.05
C GLY K 1971 23.58 -47.80 -81.12
N ILE K 1972 24.76 -47.84 -81.75
CA ILE K 1972 25.14 -47.01 -82.94
C ILE K 1972 24.40 -47.59 -84.16
N SER K 1973 23.52 -46.79 -84.80
CA SER K 1973 22.53 -47.24 -85.81
C SER K 1973 23.20 -47.39 -87.19
N VAL K 1974 24.40 -46.82 -87.36
CA VAL K 1974 25.06 -46.60 -88.68
C VAL K 1974 26.23 -47.57 -88.84
N PRO K 1975 26.40 -48.20 -90.03
CA PRO K 1975 27.54 -49.07 -90.30
C PRO K 1975 28.79 -48.35 -90.83
N PHE K 1976 29.41 -47.47 -90.01
CA PHE K 1976 30.58 -46.63 -90.40
C PHE K 1976 31.66 -47.53 -91.02
N HIS K 1977 32.32 -47.05 -92.08
CA HIS K 1977 33.55 -47.61 -92.69
C HIS K 1977 33.28 -48.98 -93.34
N SER K 1978 32.03 -49.44 -93.40
CA SER K 1978 31.57 -50.63 -94.18
C SER K 1978 31.46 -50.23 -95.66
N THR K 1979 31.40 -51.19 -96.58
CA THR K 1979 31.26 -50.92 -98.04
C THR K 1979 29.85 -50.41 -98.33
N TYR K 1980 28.90 -50.63 -97.42
CA TYR K 1980 27.50 -50.10 -97.54
C TYR K 1980 27.56 -48.61 -97.95
N LEU K 1981 28.49 -47.84 -97.38
CA LEU K 1981 28.63 -46.37 -97.60
C LEU K 1981 29.43 -46.06 -98.86
N MET K 1982 29.82 -47.06 -99.67
CA MET K 1982 30.60 -46.84 -100.93
C MET K 1982 29.75 -46.02 -101.91
N ASN K 1983 28.42 -46.09 -101.78
CA ASN K 1983 27.44 -45.25 -102.53
C ASN K 1983 27.77 -43.77 -102.36
N GLY K 1984 28.08 -43.36 -101.12
CA GLY K 1984 28.26 -41.95 -100.72
C GLY K 1984 29.64 -41.38 -101.03
N VAL K 1985 30.58 -42.19 -101.52
CA VAL K 1985 31.99 -41.76 -101.75
C VAL K 1985 32.05 -40.75 -102.91
N LYS K 1986 31.51 -41.10 -104.07
CA LYS K 1986 31.53 -40.25 -105.31
C LYS K 1986 30.97 -38.85 -105.02
N PRO K 1987 29.78 -38.70 -104.40
CA PRO K 1987 29.23 -37.36 -104.10
C PRO K 1987 30.00 -36.61 -103.00
N PHE K 1988 30.35 -37.30 -101.91
CA PHE K 1988 31.10 -36.73 -100.76
C PHE K 1988 32.46 -36.22 -101.26
N LYS K 1989 33.10 -36.94 -102.18
CA LYS K 1989 34.38 -36.52 -102.82
C LYS K 1989 34.18 -35.17 -103.52
N SER K 1990 33.16 -35.06 -104.37
CA SER K 1990 32.83 -33.83 -105.13
C SER K 1990 32.61 -32.68 -104.14
N PHE K 1991 32.02 -32.96 -102.98
CA PHE K 1991 31.71 -31.99 -101.91
C PHE K 1991 33.01 -31.56 -101.21
N LEU K 1992 33.86 -32.53 -100.86
CA LEU K 1992 35.18 -32.28 -100.21
C LEU K 1992 36.03 -31.36 -101.09
N LYS K 1993 36.00 -31.57 -102.42
CA LYS K 1993 36.80 -30.78 -103.40
C LYS K 1993 36.34 -29.33 -103.35
N LYS K 1994 35.05 -29.09 -103.15
CA LYS K 1994 34.42 -27.74 -103.13
C LYS K 1994 34.72 -27.03 -101.79
N ASN K 1995 34.86 -27.77 -100.69
CA ASN K 1995 34.97 -27.18 -99.33
C ASN K 1995 36.41 -27.21 -98.79
N ILE K 1996 37.31 -27.97 -99.41
CA ILE K 1996 38.78 -27.93 -99.13
C ILE K 1996 39.48 -27.31 -100.33
N ILE K 1997 39.78 -26.02 -100.26
CA ILE K 1997 40.40 -25.24 -101.37
C ILE K 1997 41.89 -25.63 -101.44
N LYS K 1998 42.39 -25.84 -102.67
CA LYS K 1998 43.77 -26.27 -103.01
C LYS K 1998 44.81 -25.37 -102.29
N GLU K 1999 44.66 -24.05 -102.40
CA GLU K 1999 45.62 -23.03 -101.93
C GLU K 1999 45.88 -23.17 -100.43
N ASN K 2000 44.99 -23.82 -99.67
CA ASN K 2000 45.09 -23.96 -98.19
C ASN K 2000 45.85 -25.22 -97.79
N VAL K 2001 46.32 -26.04 -98.74
CA VAL K 2001 47.05 -27.31 -98.43
C VAL K 2001 48.55 -27.06 -98.51
N LYS K 2002 49.20 -26.84 -97.37
CA LYS K 2002 50.66 -26.65 -97.25
C LYS K 2002 51.32 -28.03 -97.13
N VAL K 2003 52.01 -28.48 -98.17
CA VAL K 2003 52.55 -29.87 -98.25
C VAL K 2003 53.49 -30.12 -97.07
N ALA K 2004 54.24 -29.10 -96.64
CA ALA K 2004 55.23 -29.14 -95.54
C ALA K 2004 54.60 -29.63 -94.23
N ARG K 2005 53.33 -29.30 -94.00
CA ARG K 2005 52.62 -29.52 -92.72
C ARG K 2005 51.96 -30.90 -92.72
N LEU K 2006 51.99 -31.60 -93.86
CA LEU K 2006 51.41 -32.97 -94.06
C LEU K 2006 52.54 -34.00 -94.27
N ALA K 2007 53.49 -33.70 -95.15
CA ALA K 2007 54.58 -34.59 -95.60
C ALA K 2007 55.25 -35.25 -94.39
N GLY K 2008 55.16 -36.58 -94.29
CA GLY K 2008 55.86 -37.39 -93.29
C GLY K 2008 55.35 -37.18 -91.88
N LYS K 2009 54.19 -36.54 -91.71
CA LYS K 2009 53.59 -36.29 -90.37
C LYS K 2009 52.15 -36.82 -90.33
N TYR K 2010 51.34 -36.55 -91.36
CA TYR K 2010 49.92 -36.98 -91.48
C TYR K 2010 49.89 -38.48 -91.74
N ILE K 2011 49.28 -39.26 -90.84
CA ILE K 2011 49.09 -40.73 -90.99
C ILE K 2011 47.60 -41.01 -91.18
N PRO K 2012 47.13 -41.16 -92.44
CA PRO K 2012 45.73 -41.47 -92.71
C PRO K 2012 45.23 -42.81 -92.16
N ASN K 2013 43.95 -43.10 -92.37
CA ASN K 2013 43.29 -44.35 -91.89
C ASN K 2013 43.18 -45.32 -93.06
N LEU K 2014 43.07 -44.81 -94.28
CA LEU K 2014 43.00 -45.63 -95.51
C LEU K 2014 44.34 -46.37 -95.67
N THR K 2015 45.43 -45.60 -95.68
CA THR K 2015 46.81 -46.01 -95.97
C THR K 2015 47.67 -45.75 -94.73
N ALA K 2016 47.79 -46.69 -93.80
CA ALA K 2016 48.35 -46.39 -92.46
C ALA K 2016 49.84 -46.04 -92.59
N LYS K 2017 50.16 -45.07 -93.45
CA LYS K 2017 51.54 -44.77 -93.96
C LYS K 2017 51.69 -43.26 -94.09
N PRO K 2018 52.74 -42.65 -93.49
CA PRO K 2018 52.91 -41.19 -93.53
C PRO K 2018 52.75 -40.58 -94.93
N PHE K 2019 51.87 -39.57 -95.04
CA PHE K 2019 51.55 -38.81 -96.27
C PHE K 2019 52.83 -38.40 -96.99
N GLN K 2020 52.96 -38.79 -98.25
CA GLN K 2020 54.05 -38.32 -99.15
C GLN K 2020 53.45 -38.13 -100.55
N VAL K 2021 53.86 -37.05 -101.22
CA VAL K 2021 53.41 -36.70 -102.59
C VAL K 2021 54.37 -37.42 -103.57
N THR K 2022 54.27 -38.74 -103.60
CA THR K 2022 55.22 -39.67 -104.28
C THR K 2022 54.40 -40.71 -105.07
N LYS K 2023 54.87 -41.05 -106.28
CA LYS K 2023 54.20 -42.02 -107.19
C LYS K 2023 53.88 -43.32 -106.43
N GLU K 2024 54.80 -43.78 -105.58
CA GLU K 2024 54.65 -44.98 -104.71
C GLU K 2024 53.37 -44.86 -103.85
N TYR K 2025 53.10 -43.68 -103.29
CA TYR K 2025 51.96 -43.43 -102.37
C TYR K 2025 50.67 -43.49 -103.19
N PHE K 2026 50.59 -42.70 -104.25
CA PHE K 2026 49.46 -42.66 -105.22
C PHE K 2026 49.13 -44.09 -105.68
N GLN K 2027 50.16 -44.89 -105.98
CA GLN K 2027 50.04 -46.33 -106.31
C GLN K 2027 49.30 -47.03 -105.15
N ASP K 2028 49.89 -47.02 -103.95
CA ASP K 2028 49.31 -47.71 -102.75
C ASP K 2028 47.84 -47.31 -102.60
N VAL K 2029 47.51 -46.01 -102.75
CA VAL K 2029 46.12 -45.50 -102.65
C VAL K 2029 45.25 -46.23 -103.69
N TYR K 2030 45.64 -46.13 -104.96
CA TYR K 2030 44.93 -46.79 -106.10
C TYR K 2030 44.67 -48.26 -105.75
N ASP K 2031 45.66 -48.96 -105.18
CA ASP K 2031 45.61 -50.40 -104.87
C ASP K 2031 44.46 -50.72 -103.91
N LEU K 2032 44.02 -49.78 -103.04
CA LEU K 2032 42.88 -50.01 -102.12
C LEU K 2032 41.67 -49.14 -102.52
N THR K 2033 41.57 -48.66 -103.76
CA THR K 2033 40.58 -47.60 -104.11
C THR K 2033 39.99 -47.84 -105.50
N GLY K 2034 40.83 -47.99 -106.52
CA GLY K 2034 40.44 -48.00 -107.94
C GLY K 2034 40.15 -46.60 -108.45
N SER K 2035 40.49 -45.57 -107.67
CA SER K 2035 40.19 -44.15 -107.99
C SER K 2035 40.68 -43.84 -109.41
N GLU K 2036 39.78 -43.38 -110.28
CA GLU K 2036 40.06 -43.04 -111.70
C GLU K 2036 40.95 -41.80 -111.75
N PRO K 2037 40.59 -40.69 -111.03
CA PRO K 2037 41.46 -39.51 -110.95
C PRO K 2037 42.90 -39.79 -110.46
N ILE K 2038 43.07 -40.73 -109.53
CA ILE K 2038 44.39 -41.16 -108.99
C ILE K 2038 45.16 -41.92 -110.09
N LYS K 2039 44.54 -42.95 -110.68
CA LYS K 2039 45.15 -43.79 -111.75
C LYS K 2039 45.79 -42.86 -112.78
N GLU K 2040 45.02 -41.94 -113.37
CA GLU K 2040 45.44 -41.09 -114.51
C GLU K 2040 46.62 -40.20 -114.08
N ILE K 2041 46.74 -39.88 -112.79
CA ILE K 2041 47.88 -39.12 -112.21
C ILE K 2041 49.13 -40.01 -112.19
N ILE K 2042 49.01 -41.26 -111.73
CA ILE K 2042 50.14 -42.25 -111.74
C ILE K 2042 50.69 -42.32 -113.17
N ASP K 2043 49.79 -42.57 -114.13
CA ASP K 2043 50.08 -42.75 -115.59
C ASP K 2043 50.88 -41.56 -116.12
N ASN K 2044 50.58 -40.33 -115.66
CA ASN K 2044 51.23 -39.08 -116.14
C ASN K 2044 52.09 -38.47 -115.02
N TRP K 2045 52.78 -39.29 -114.21
CA TRP K 2045 53.64 -38.80 -113.09
C TRP K 2045 54.72 -37.83 -113.64
N GLU K 2046 54.75 -37.64 -114.97
CA GLU K 2046 55.57 -36.63 -115.67
C GLU K 2046 54.84 -35.29 -115.64
N LYS K 2047 54.43 -34.91 -114.42
CA LYS K 2047 53.99 -33.56 -113.96
C LYS K 2047 55.22 -32.78 -113.46
N TYR K 2048 56.42 -33.35 -113.60
CA TYR K 2048 57.72 -32.64 -113.42
C TYR K 2048 57.81 -31.49 -114.43
N GLU K 2049 57.34 -31.71 -115.66
CA GLU K 2049 57.21 -30.66 -116.70
C GLU K 2049 56.02 -29.77 -116.33
N GLN K 2050 56.15 -28.45 -116.46
CA GLN K 2050 55.00 -27.49 -116.56
C GLN K 2050 54.06 -28.06 -117.63
N TYR L 4 130.25 -34.32 4.05
CA TYR L 4 130.14 -33.99 2.60
C TYR L 4 128.82 -33.24 2.36
N SER L 5 128.44 -33.09 1.08
CA SER L 5 127.20 -32.38 0.64
C SER L 5 125.98 -33.16 1.13
N THR L 6 124.83 -32.48 1.30
CA THR L 6 123.60 -33.09 1.88
C THR L 6 122.49 -32.98 0.81
N ARG L 7 121.46 -32.14 1.03
CA ARG L 7 120.31 -31.85 0.11
C ARG L 7 118.99 -32.20 0.81
N PRO L 8 118.02 -31.25 0.91
CA PRO L 8 116.80 -31.46 1.69
C PRO L 8 115.80 -32.47 1.07
N LEU L 9 114.94 -33.05 1.91
CA LEU L 9 113.81 -33.93 1.53
C LEU L 9 112.66 -33.68 2.52
N THR L 10 111.64 -32.92 2.11
CA THR L 10 110.46 -32.58 2.96
C THR L 10 109.58 -33.84 3.11
N LEU L 11 109.54 -34.43 4.31
CA LEU L 11 108.45 -35.35 4.74
C LEU L 11 107.30 -34.47 5.22
N SER L 12 106.07 -34.74 4.82
CA SER L 12 104.91 -33.86 5.09
C SER L 12 103.59 -34.63 5.11
N HIS L 13 102.65 -34.09 5.90
CA HIS L 13 101.22 -34.46 5.93
C HIS L 13 100.44 -33.21 6.36
N GLY L 14 99.76 -32.54 5.43
CA GLY L 14 99.04 -31.27 5.68
C GLY L 14 99.98 -30.19 6.20
N SER L 15 99.64 -29.58 7.35
CA SER L 15 100.36 -28.43 7.97
C SER L 15 101.82 -28.78 8.28
N LEU L 16 102.04 -29.96 8.86
CA LEU L 16 103.31 -30.33 9.55
C LEU L 16 104.26 -31.02 8.55
N GLU L 17 105.55 -30.75 8.72
CA GLU L 17 106.65 -31.33 7.89
C GLU L 17 107.87 -31.61 8.77
N HIS L 18 108.88 -32.27 8.20
CA HIS L 18 110.25 -32.43 8.75
C HIS L 18 111.25 -32.39 7.61
N VAL L 19 112.13 -31.38 7.61
CA VAL L 19 113.18 -31.17 6.56
C VAL L 19 114.33 -32.14 6.90
N LEU L 20 114.66 -33.03 5.97
CA LEU L 20 115.55 -34.20 6.18
C LEU L 20 116.86 -33.98 5.40
N LEU L 21 117.99 -33.80 6.12
CA LEU L 21 119.32 -33.56 5.50
C LEU L 21 119.91 -34.90 5.03
N VAL L 22 119.46 -35.36 3.85
CA VAL L 22 119.84 -36.66 3.24
C VAL L 22 121.18 -36.47 2.53
N PRO L 23 122.21 -37.32 2.80
CA PRO L 23 123.45 -37.28 2.03
C PRO L 23 123.18 -37.41 0.52
N THR L 24 123.95 -36.69 -0.29
CA THR L 24 123.92 -36.71 -1.78
C THR L 24 123.83 -38.16 -2.27
N ALA L 25 124.70 -39.05 -1.77
CA ALA L 25 124.78 -40.49 -2.12
C ALA L 25 123.39 -41.14 -2.05
N SER L 26 122.73 -41.06 -0.89
CA SER L 26 121.50 -41.81 -0.56
C SER L 26 120.22 -41.08 -1.03
N PHE L 27 120.32 -39.96 -1.77
CA PHE L 27 119.12 -39.14 -2.14
C PHE L 27 118.27 -39.89 -3.18
N PHE L 28 118.90 -40.57 -4.16
CA PHE L 28 118.22 -41.37 -5.21
C PHE L 28 117.16 -42.26 -4.55
N ILE L 29 117.61 -43.13 -3.65
CA ILE L 29 116.78 -44.17 -2.95
C ILE L 29 115.77 -43.46 -2.04
N ALA L 30 116.20 -42.46 -1.27
CA ALA L 30 115.43 -41.76 -0.21
C ALA L 30 114.15 -41.14 -0.75
N SER L 31 114.22 -40.40 -1.87
CA SER L 31 113.07 -39.67 -2.49
C SER L 31 112.10 -40.65 -3.16
N GLN L 32 112.56 -41.86 -3.49
CA GLN L 32 111.70 -42.99 -3.94
C GLN L 32 110.74 -43.35 -2.80
N LEU L 33 111.27 -43.66 -1.62
CA LEU L 33 110.51 -44.04 -0.39
C LEU L 33 109.53 -42.90 -0.05
N GLN L 34 110.04 -41.66 0.02
CA GLN L 34 109.28 -40.38 0.19
C GLN L 34 107.98 -40.42 -0.63
N GLU L 35 108.08 -40.72 -1.94
CA GLU L 35 106.94 -40.68 -2.89
C GLU L 35 105.93 -41.78 -2.55
N GLN L 36 106.38 -43.05 -2.50
CA GLN L 36 105.56 -44.26 -2.17
C GLN L 36 104.89 -44.09 -0.80
N PHE L 37 105.56 -43.39 0.12
CA PHE L 37 105.09 -43.08 1.50
C PHE L 37 103.91 -42.08 1.44
N ASN L 38 104.09 -40.94 0.76
CA ASN L 38 103.12 -39.81 0.72
C ASN L 38 101.72 -40.27 0.29
N LYS L 39 101.62 -41.28 -0.58
CA LYS L 39 100.31 -41.81 -1.08
C LYS L 39 99.63 -42.66 0.00
N ILE L 40 100.38 -43.44 0.79
CA ILE L 40 99.81 -44.38 1.82
C ILE L 40 99.33 -43.58 3.04
N LEU L 41 99.75 -42.32 3.23
CA LEU L 41 99.17 -41.43 4.28
C LEU L 41 97.75 -41.08 3.84
N PRO L 42 96.76 -41.00 4.76
CA PRO L 42 95.42 -40.56 4.37
C PRO L 42 95.39 -39.05 4.11
N GLU L 43 94.23 -38.54 3.71
CA GLU L 43 93.99 -37.08 3.49
C GLU L 43 94.06 -36.38 4.84
N PRO L 44 94.79 -35.24 4.98
CA PRO L 44 94.71 -34.41 6.20
C PRO L 44 93.28 -34.02 6.63
N THR L 45 93.05 -33.80 7.93
CA THR L 45 91.79 -33.25 8.53
C THR L 45 92.17 -32.12 9.51
N GLU L 46 91.20 -31.39 10.06
CA GLU L 46 91.42 -30.41 11.18
C GLU L 46 91.74 -31.21 12.46
N GLY L 47 92.80 -30.79 13.17
CA GLY L 47 93.29 -31.46 14.40
C GLY L 47 94.07 -32.73 14.10
N PHE L 48 93.99 -33.26 12.87
CA PHE L 48 94.55 -34.56 12.43
C PHE L 48 93.92 -35.69 13.27
N ALA L 49 92.58 -35.69 13.37
CA ALA L 49 91.79 -36.49 14.34
C ALA L 49 91.74 -37.97 13.95
N ALA L 50 91.81 -38.34 12.66
CA ALA L 50 91.72 -39.73 12.15
C ALA L 50 92.78 -40.61 12.84
N ASP L 51 92.46 -41.89 13.10
CA ASP L 51 93.30 -42.83 13.90
C ASP L 51 94.72 -42.90 13.32
N ASP L 52 94.84 -43.16 12.01
CA ASP L 52 96.11 -43.38 11.28
C ASP L 52 96.59 -42.06 10.67
N GLU L 53 96.68 -40.99 11.47
CA GLU L 53 96.96 -39.61 10.97
C GLU L 53 97.89 -38.89 11.94
N PRO L 54 99.19 -38.70 11.61
CA PRO L 54 100.17 -38.15 12.55
C PRO L 54 99.90 -36.68 12.91
N THR L 55 99.75 -36.38 14.22
CA THR L 55 99.36 -35.05 14.76
C THR L 55 100.60 -34.16 14.93
N THR L 56 101.80 -34.73 14.99
CA THR L 56 103.06 -33.98 15.24
C THR L 56 104.11 -34.33 14.18
N PRO L 57 105.16 -33.47 14.02
CA PRO L 57 106.32 -33.82 13.20
C PRO L 57 107.01 -35.12 13.63
N ALA L 58 107.09 -35.40 14.94
CA ALA L 58 107.73 -36.58 15.55
C ALA L 58 107.01 -37.86 15.11
N GLU L 59 105.68 -37.88 15.19
CA GLU L 59 104.83 -39.01 14.76
C GLU L 59 105.07 -39.31 13.29
N LEU L 60 105.10 -38.25 12.48
CA LEU L 60 105.33 -38.29 11.00
C LEU L 60 106.60 -39.10 10.72
N VAL L 61 107.74 -38.67 11.30
CA VAL L 61 109.06 -39.35 11.15
C VAL L 61 108.93 -40.76 11.73
N GLY L 62 108.16 -40.91 12.80
CA GLY L 62 107.72 -42.21 13.34
C GLY L 62 107.21 -43.13 12.25
N LYS L 63 106.12 -42.72 11.57
CA LYS L 63 105.44 -43.51 10.49
C LYS L 63 106.45 -43.89 9.40
N PHE L 64 107.39 -43.00 9.06
CA PHE L 64 108.40 -43.18 7.99
C PHE L 64 109.39 -44.28 8.40
N LEU L 65 109.91 -44.22 9.62
CA LEU L 65 110.79 -45.28 10.22
C LEU L 65 110.07 -46.62 10.08
N GLY L 66 108.78 -46.67 10.47
CA GLY L 66 107.92 -47.87 10.42
C GLY L 66 107.73 -48.40 9.01
N TYR L 67 107.46 -47.51 8.03
CA TYR L 67 107.34 -47.86 6.59
C TYR L 67 108.66 -48.46 6.09
N VAL L 68 109.77 -47.72 6.26
CA VAL L 68 111.12 -48.08 5.72
C VAL L 68 111.58 -49.40 6.36
N SER L 69 111.28 -49.62 7.64
CA SER L 69 111.57 -50.86 8.42
C SER L 69 110.87 -52.07 7.80
N SER L 70 109.64 -51.89 7.31
CA SER L 70 108.81 -52.96 6.71
C SER L 70 109.44 -53.45 5.39
N LEU L 71 110.23 -52.61 4.71
CA LEU L 71 110.93 -52.98 3.43
C LEU L 71 112.36 -53.46 3.70
N VAL L 72 112.75 -53.69 4.96
CA VAL L 72 114.14 -54.13 5.34
C VAL L 72 114.09 -55.56 5.88
N GLU L 73 115.09 -56.38 5.51
CA GLU L 73 115.26 -57.78 5.97
C GLU L 73 116.30 -57.80 7.10
N PRO L 74 116.05 -58.50 8.24
CA PRO L 74 116.89 -58.35 9.43
C PRO L 74 118.25 -59.09 9.40
N SER L 75 118.39 -60.14 8.58
CA SER L 75 119.62 -60.99 8.45
C SER L 75 120.57 -60.43 7.37
N LYS L 76 120.15 -60.31 6.10
CA LYS L 76 120.97 -59.67 5.01
C LYS L 76 120.77 -58.14 5.04
N VAL L 77 121.54 -57.40 4.23
CA VAL L 77 121.48 -55.91 4.07
C VAL L 77 120.97 -55.61 2.66
N GLY L 78 119.78 -54.99 2.57
CA GLY L 78 119.24 -54.38 1.34
C GLY L 78 119.70 -52.94 1.20
N GLN L 79 119.05 -52.16 0.31
CA GLN L 79 119.53 -50.82 -0.14
C GLN L 79 119.00 -49.71 0.79
N PHE L 80 117.96 -50.04 1.57
CA PHE L 80 117.18 -49.08 2.38
C PHE L 80 117.85 -48.90 3.75
N ASP L 81 118.93 -49.65 4.03
CA ASP L 81 119.58 -49.72 5.37
C ASP L 81 120.29 -48.38 5.69
N GLN L 82 121.03 -47.83 4.72
CA GLN L 82 121.79 -46.56 4.89
C GLN L 82 120.81 -45.38 5.10
N VAL L 83 119.58 -45.48 4.55
CA VAL L 83 118.49 -44.47 4.68
C VAL L 83 117.89 -44.55 6.08
N LEU L 84 117.45 -45.76 6.48
CA LEU L 84 116.84 -46.03 7.81
C LEU L 84 117.72 -45.43 8.90
N ASN L 85 119.03 -45.74 8.85
CA ASN L 85 120.05 -45.34 9.85
C ASN L 85 120.11 -43.81 9.98
N LEU L 86 119.98 -43.07 8.87
CA LEU L 86 120.02 -41.58 8.86
C LEU L 86 118.72 -41.00 9.41
N CYS L 87 117.57 -41.59 9.09
CA CYS L 87 116.24 -41.21 9.64
C CYS L 87 116.24 -41.40 11.15
N LEU L 88 116.75 -42.55 11.63
CA LEU L 88 116.94 -42.83 13.08
C LEU L 88 117.80 -41.72 13.68
N THR L 89 119.02 -41.54 13.17
CA THR L 89 120.00 -40.52 13.65
C THR L 89 119.29 -39.14 13.71
N GLU L 90 118.52 -38.78 12.69
CA GLU L 90 117.79 -37.48 12.59
C GLU L 90 116.68 -37.44 13.66
N PHE L 91 115.90 -38.52 13.78
CA PHE L 91 114.80 -38.66 14.77
C PHE L 91 115.36 -38.53 16.19
N GLU L 92 116.43 -39.28 16.47
CA GLU L 92 117.08 -39.35 17.81
C GLU L 92 117.59 -37.97 18.21
N ASN L 93 118.09 -37.17 17.27
CA ASN L 93 118.63 -35.81 17.53
C ASN L 93 117.48 -34.82 17.79
N CYS L 94 116.50 -34.75 16.88
CA CYS L 94 115.45 -33.71 16.88
C CYS L 94 114.42 -33.93 18.00
N TYR L 95 114.14 -35.18 18.38
CA TYR L 95 112.92 -35.55 19.15
C TYR L 95 113.25 -36.30 20.46
N LEU L 96 114.24 -37.20 20.49
CA LEU L 96 114.62 -37.96 21.73
C LEU L 96 115.55 -37.12 22.61
N GLU L 97 116.54 -36.46 22.02
CA GLU L 97 117.59 -35.67 22.72
C GLU L 97 118.27 -36.58 23.76
N GLY L 98 118.64 -37.81 23.36
CA GLY L 98 119.35 -38.78 24.21
C GLY L 98 118.43 -39.50 25.20
N ASN L 99 117.20 -39.02 25.38
CA ASN L 99 116.20 -39.62 26.32
C ASN L 99 115.62 -40.88 25.68
N ASP L 100 114.81 -41.64 26.44
CA ASP L 100 114.14 -42.87 25.96
C ASP L 100 112.89 -42.50 25.17
N ILE L 101 112.50 -43.37 24.23
CA ILE L 101 111.28 -43.24 23.38
C ILE L 101 110.04 -42.98 24.26
N HIS L 102 109.94 -43.67 25.39
CA HIS L 102 108.76 -43.61 26.30
C HIS L 102 108.61 -42.21 26.89
N ALA L 103 109.72 -41.55 27.22
CA ALA L 103 109.75 -40.18 27.77
C ALA L 103 109.18 -39.20 26.73
N LEU L 104 109.55 -39.37 25.45
CA LEU L 104 109.00 -38.56 24.32
C LEU L 104 107.49 -38.82 24.22
N ALA L 105 107.09 -40.10 24.19
CA ALA L 105 105.68 -40.51 24.06
C ALA L 105 104.80 -39.79 25.10
N ALA L 106 105.31 -39.62 26.32
CA ALA L 106 104.58 -38.97 27.44
C ALA L 106 104.51 -37.45 27.25
N LYS L 107 105.56 -36.81 26.71
CA LYS L 107 105.53 -35.37 26.33
C LYS L 107 104.30 -35.16 25.43
N LEU L 108 104.26 -35.93 24.33
CA LEU L 108 103.25 -35.75 23.25
C LEU L 108 101.84 -35.88 23.84
N LEU L 109 101.66 -36.75 24.84
CA LEU L 109 100.32 -36.99 25.47
C LEU L 109 99.82 -35.76 26.23
N GLN L 110 100.61 -35.23 27.18
CA GLN L 110 100.20 -34.03 27.97
C GLN L 110 100.36 -32.78 27.11
N GLU L 111 101.48 -32.63 26.38
CA GLU L 111 101.83 -31.36 25.66
C GLU L 111 100.94 -31.20 24.41
N ASN L 112 100.90 -32.18 23.51
CA ASN L 112 100.12 -32.10 22.22
C ASN L 112 98.79 -32.84 22.37
N ASP L 113 98.03 -32.96 21.28
CA ASP L 113 96.78 -33.76 21.22
C ASP L 113 97.03 -34.99 20.34
N THR L 114 97.95 -35.86 20.76
CA THR L 114 98.09 -37.24 20.24
C THR L 114 97.27 -38.13 21.18
N THR L 115 96.70 -39.23 20.67
CA THR L 115 95.97 -40.25 21.48
C THR L 115 96.98 -41.33 21.95
N LEU L 116 96.56 -42.16 22.92
CA LEU L 116 97.35 -43.32 23.42
C LEU L 116 97.80 -44.16 22.22
N VAL L 117 96.82 -44.57 21.41
CA VAL L 117 96.98 -45.54 20.28
C VAL L 117 98.00 -45.01 19.28
N LYS L 118 98.06 -43.68 19.09
CA LYS L 118 99.01 -43.00 18.15
C LYS L 118 100.43 -43.01 18.73
N THR L 119 100.51 -43.05 20.05
CA THR L 119 101.77 -43.07 20.86
C THR L 119 102.33 -44.50 20.87
N LYS L 120 101.50 -45.50 21.16
CA LYS L 120 101.86 -46.95 21.08
C LYS L 120 102.36 -47.26 19.67
N GLU L 121 101.80 -46.61 18.64
CA GLU L 121 102.28 -46.73 17.24
C GLU L 121 103.68 -46.11 17.13
N LEU L 122 103.91 -44.93 17.69
CA LEU L 122 105.22 -44.24 17.67
C LEU L 122 106.29 -45.14 18.32
N ILE L 123 106.02 -45.67 19.51
CA ILE L 123 106.96 -46.56 20.25
C ILE L 123 107.28 -47.78 19.38
N LYS L 124 106.26 -48.45 18.85
CA LYS L 124 106.38 -49.62 17.95
C LYS L 124 107.36 -49.26 16.83
N ASN L 125 107.07 -48.18 16.09
CA ASN L 125 107.82 -47.76 14.88
C ASN L 125 109.31 -47.59 15.21
N TYR L 126 109.64 -46.89 16.30
CA TYR L 126 111.04 -46.53 16.68
C TYR L 126 111.83 -47.78 17.11
N ILE L 127 111.22 -48.66 17.91
CA ILE L 127 111.90 -49.87 18.45
C ILE L 127 112.03 -50.89 17.30
N THR L 128 110.97 -51.14 16.52
CA THR L 128 111.02 -51.99 15.30
C THR L 128 112.16 -51.48 14.41
N ALA L 129 112.22 -50.16 14.20
CA ALA L 129 113.24 -49.47 13.38
C ALA L 129 114.65 -49.79 13.89
N ARG L 130 114.88 -49.68 15.20
CA ARG L 130 116.21 -49.87 15.84
C ARG L 130 116.72 -51.29 15.54
N ILE L 131 115.87 -52.32 15.67
CA ILE L 131 116.29 -53.75 15.50
C ILE L 131 116.55 -54.02 14.01
N MET L 132 115.60 -53.63 13.14
CA MET L 132 115.69 -53.86 11.66
C MET L 132 116.91 -53.12 11.08
N ALA L 133 117.37 -52.05 11.74
CA ALA L 133 118.56 -51.25 11.33
C ALA L 133 119.85 -51.80 11.98
N LYS L 134 119.82 -53.02 12.52
CA LYS L 134 120.98 -53.72 13.16
C LYS L 134 121.60 -52.83 14.25
N ARG L 135 120.80 -52.06 14.99
CA ARG L 135 121.27 -51.15 16.07
C ARG L 135 120.57 -51.54 17.37
N PRO L 136 120.94 -52.68 17.98
CA PRO L 136 120.24 -53.18 19.17
C PRO L 136 120.53 -52.26 20.37
N PHE L 137 119.87 -52.49 21.50
CA PHE L 137 120.04 -51.69 22.74
C PHE L 137 121.15 -52.33 23.60
N ASP L 138 122.35 -52.43 23.06
CA ASP L 138 123.53 -53.11 23.68
C ASP L 138 124.09 -52.22 24.81
N LYS L 139 124.24 -50.91 24.57
CA LYS L 139 124.72 -49.92 25.59
C LYS L 139 123.85 -50.01 26.85
N LYS L 140 124.46 -50.02 28.03
CA LYS L 140 123.79 -49.87 29.36
C LYS L 140 123.17 -48.45 29.40
N SER L 141 121.99 -48.31 30.01
CA SER L 141 121.08 -47.14 29.85
C SER L 141 121.45 -46.03 30.84
N ASN L 142 121.13 -44.78 30.47
CA ASN L 142 121.36 -43.58 31.32
C ASN L 142 120.12 -43.32 32.20
N SER L 143 119.27 -44.33 32.43
CA SER L 143 118.04 -44.22 33.26
C SER L 143 118.38 -43.52 34.58
N ALA L 144 117.67 -42.44 34.90
CA ALA L 144 117.88 -41.62 36.12
C ALA L 144 117.54 -42.44 37.35
N LEU L 145 116.49 -43.27 37.28
CA LEU L 145 116.09 -44.13 38.42
C LEU L 145 117.24 -45.11 38.69
N PHE L 146 117.72 -45.79 37.66
CA PHE L 146 118.70 -46.91 37.80
C PHE L 146 120.07 -46.34 38.20
N ARG L 147 120.46 -45.18 37.67
CA ARG L 147 121.67 -44.44 38.14
C ARG L 147 121.58 -44.25 39.66
N ALA L 148 120.40 -43.86 40.16
CA ALA L 148 120.19 -43.45 41.57
C ALA L 148 120.24 -44.66 42.49
N VAL L 149 119.65 -45.81 42.12
CA VAL L 149 119.75 -47.06 42.92
C VAL L 149 121.20 -47.55 42.82
N GLY L 150 121.84 -47.29 41.68
CA GLY L 150 123.30 -47.46 41.45
C GLY L 150 124.12 -46.77 42.51
N GLU L 151 123.81 -45.51 42.84
CA GLU L 151 124.53 -44.68 43.82
C GLU L 151 124.01 -44.90 45.25
N GLY L 152 122.97 -45.72 45.42
CA GLY L 152 122.34 -46.01 46.72
C GLY L 152 121.54 -44.84 47.27
N ASN L 153 120.90 -44.04 46.41
CA ASN L 153 119.90 -42.99 46.77
C ASN L 153 118.49 -43.53 46.54
N ALA L 154 118.38 -44.81 46.16
CA ALA L 154 117.11 -45.45 45.78
C ALA L 154 117.26 -46.96 45.92
N GLN L 155 116.15 -47.68 46.13
CA GLN L 155 116.14 -49.16 46.12
C GLN L 155 114.78 -49.62 45.58
N LEU L 156 114.78 -50.65 44.74
CA LEU L 156 113.58 -51.18 44.06
C LEU L 156 113.19 -52.50 44.74
N VAL L 157 111.89 -52.72 44.89
CA VAL L 157 111.32 -54.09 44.98
C VAL L 157 110.44 -54.26 43.74
N ALA L 158 110.49 -55.44 43.13
CA ALA L 158 109.65 -55.84 41.98
C ALA L 158 108.45 -56.61 42.51
N ILE L 159 107.25 -56.18 42.15
CA ILE L 159 105.99 -56.92 42.51
C ILE L 159 105.31 -57.38 41.22
N PHE L 160 104.59 -58.49 41.33
CA PHE L 160 103.92 -59.17 40.21
C PHE L 160 102.45 -59.39 40.57
N GLY L 161 101.58 -58.86 39.73
CA GLY L 161 100.12 -58.91 39.92
C GLY L 161 99.63 -60.33 39.81
N GLY L 162 98.39 -60.55 40.23
CA GLY L 162 97.68 -61.83 40.11
C GLY L 162 96.45 -61.68 39.26
N GLN L 163 95.51 -62.60 39.43
CA GLN L 163 94.26 -62.59 38.65
C GLN L 163 93.34 -61.50 39.22
N GLY L 164 92.44 -60.97 38.41
CA GLY L 164 91.28 -60.17 38.85
C GLY L 164 91.50 -58.68 38.73
N ASN L 165 92.57 -58.23 38.06
CA ASN L 165 92.92 -56.79 37.98
C ASN L 165 92.02 -56.10 36.93
N THR L 166 91.72 -56.75 35.79
CA THR L 166 90.73 -56.27 34.76
C THR L 166 90.01 -57.46 34.12
N ASP L 167 88.88 -57.21 33.45
CA ASP L 167 88.07 -58.27 32.78
C ASP L 167 88.69 -58.65 31.44
N ASP L 168 89.62 -57.83 30.93
CA ASP L 168 90.15 -57.97 29.55
C ASP L 168 91.66 -58.12 29.62
N TYR L 169 92.18 -59.09 30.36
CA TYR L 169 93.64 -59.24 30.62
C TYR L 169 94.38 -59.50 29.30
N PHE L 170 93.79 -60.28 28.39
CA PHE L 170 94.45 -60.78 27.17
C PHE L 170 94.86 -59.61 26.27
N GLU L 171 94.18 -58.46 26.38
CA GLU L 171 94.48 -57.27 25.54
C GLU L 171 95.88 -56.77 25.89
N GLU L 172 96.29 -56.89 27.16
CA GLU L 172 97.63 -56.45 27.61
C GLU L 172 98.68 -57.27 26.84
N LEU L 173 98.43 -58.56 26.62
CA LEU L 173 99.32 -59.46 25.83
C LEU L 173 99.35 -58.97 24.38
N ARG L 174 98.19 -58.79 23.75
CA ARG L 174 98.09 -58.25 22.37
C ARG L 174 99.01 -57.04 22.23
N ASP L 175 98.84 -56.07 23.13
CA ASP L 175 99.52 -54.76 23.12
C ASP L 175 101.04 -54.99 23.12
N LEU L 176 101.53 -55.91 23.97
CA LEU L 176 102.97 -56.30 24.05
C LEU L 176 103.43 -56.84 22.70
N TYR L 177 102.77 -57.90 22.22
CA TYR L 177 103.09 -58.62 20.96
C TYR L 177 103.08 -57.63 19.79
N GLN L 178 102.09 -56.73 19.72
CA GLN L 178 101.93 -55.77 18.60
C GLN L 178 102.96 -54.64 18.72
N THR L 179 103.07 -54.02 19.89
CA THR L 179 103.95 -52.83 20.12
C THR L 179 105.41 -53.28 20.10
N TYR L 180 105.80 -54.21 20.98
CA TYR L 180 107.23 -54.58 21.26
C TYR L 180 107.57 -55.95 20.66
N HIS L 181 107.13 -56.25 19.43
CA HIS L 181 107.31 -57.59 18.81
C HIS L 181 108.80 -57.96 18.78
N VAL L 182 109.63 -57.04 18.30
CA VAL L 182 111.09 -57.26 18.07
C VAL L 182 111.78 -57.63 19.39
N LEU L 183 111.25 -57.21 20.54
CA LEU L 183 111.87 -57.48 21.88
C LEU L 183 111.32 -58.77 22.49
N VAL L 184 110.03 -59.03 22.30
CA VAL L 184 109.25 -60.00 23.13
C VAL L 184 108.75 -61.19 22.28
N GLY L 185 108.77 -61.08 20.94
CA GLY L 185 108.31 -62.11 19.99
C GLY L 185 108.87 -63.49 20.30
N ASP L 186 110.19 -63.60 20.45
CA ASP L 186 110.93 -64.85 20.81
C ASP L 186 110.29 -65.46 22.08
N LEU L 187 110.03 -64.65 23.12
CA LEU L 187 109.50 -65.11 24.44
C LEU L 187 108.08 -65.66 24.30
N ILE L 188 107.21 -64.93 23.60
CA ILE L 188 105.80 -65.35 23.32
C ILE L 188 105.84 -66.72 22.61
N LYS L 189 106.61 -66.78 21.52
CA LYS L 189 106.76 -67.98 20.66
C LYS L 189 107.21 -69.16 21.52
N PHE L 190 108.25 -68.99 22.35
CA PHE L 190 108.76 -70.03 23.27
C PHE L 190 107.63 -70.46 24.22
N SER L 191 106.95 -69.50 24.85
CA SER L 191 105.87 -69.75 25.83
C SER L 191 104.76 -70.59 25.18
N ALA L 192 104.34 -70.22 23.98
CA ALA L 192 103.29 -70.93 23.21
C ALA L 192 103.72 -72.37 22.99
N GLU L 193 104.91 -72.57 22.41
CA GLU L 193 105.47 -73.91 22.08
C GLU L 193 105.58 -74.74 23.37
N THR L 194 106.03 -74.13 24.46
CA THR L 194 106.18 -74.78 25.80
C THR L 194 104.82 -75.31 26.24
N LEU L 195 103.78 -74.49 26.16
CA LEU L 195 102.41 -74.84 26.61
C LEU L 195 101.81 -75.93 25.72
N SER L 196 101.92 -75.85 24.38
CA SER L 196 101.46 -76.90 23.44
C SER L 196 101.99 -78.26 23.91
N GLU L 197 103.29 -78.30 24.23
CA GLU L 197 104.03 -79.52 24.68
C GLU L 197 103.48 -79.96 26.04
N LEU L 198 103.32 -79.04 26.99
CA LEU L 198 102.71 -79.33 28.32
C LEU L 198 101.39 -80.10 28.11
N ILE L 199 100.58 -79.68 27.14
CA ILE L 199 99.24 -80.30 26.84
C ILE L 199 99.47 -81.73 26.34
N ARG L 200 100.24 -81.92 25.25
CA ARG L 200 100.54 -83.26 24.69
C ARG L 200 101.01 -84.21 25.80
N THR L 201 102.04 -83.82 26.58
CA THR L 201 102.66 -84.59 27.69
C THR L 201 101.67 -84.99 28.78
N THR L 202 100.81 -84.05 29.22
CA THR L 202 99.97 -84.18 30.43
C THR L 202 98.68 -84.94 30.08
N LEU L 203 98.28 -85.88 30.92
CA LEU L 203 97.36 -86.98 30.53
C LEU L 203 96.09 -86.40 29.92
N ASP L 204 95.19 -85.81 30.73
CA ASP L 204 93.82 -85.46 30.24
C ASP L 204 93.75 -83.95 30.01
N ALA L 205 94.86 -83.34 29.58
CA ALA L 205 95.02 -81.87 29.44
C ALA L 205 94.01 -81.32 28.42
N GLU L 206 93.91 -81.94 27.24
CA GLU L 206 93.07 -81.43 26.12
C GLU L 206 91.60 -81.35 26.58
N LYS L 207 91.16 -82.19 27.51
CA LYS L 207 89.76 -82.18 28.05
C LYS L 207 89.45 -80.82 28.72
N VAL L 208 90.48 -80.07 29.12
CA VAL L 208 90.36 -78.74 29.77
C VAL L 208 90.42 -77.64 28.70
N PHE L 209 91.37 -77.74 27.76
CA PHE L 209 91.63 -76.73 26.69
C PHE L 209 90.69 -77.02 25.50
N THR L 210 89.38 -76.88 25.73
CA THR L 210 88.26 -77.28 24.82
C THR L 210 88.41 -76.57 23.46
N GLN L 211 88.98 -75.35 23.44
CA GLN L 211 89.18 -74.53 22.21
C GLN L 211 90.68 -74.32 21.95
N GLY L 212 91.51 -75.30 22.31
CA GLY L 212 92.98 -75.28 22.09
C GLY L 212 93.66 -74.18 22.88
N LEU L 213 94.93 -73.94 22.60
CA LEU L 213 95.75 -72.88 23.25
C LEU L 213 96.74 -72.33 22.20
N ASN L 214 96.28 -72.22 20.95
CA ASN L 214 97.12 -71.78 19.81
C ASN L 214 97.24 -70.25 19.91
N ILE L 215 98.06 -69.75 20.84
CA ILE L 215 98.03 -68.32 21.26
C ILE L 215 98.65 -67.48 20.14
N LEU L 216 99.61 -68.04 19.41
CA LEU L 216 100.25 -67.33 18.26
C LEU L 216 99.18 -67.00 17.21
N GLU L 217 98.27 -67.93 16.92
CA GLU L 217 97.14 -67.71 15.97
C GLU L 217 96.23 -66.59 16.49
N TRP L 218 95.94 -66.59 17.80
CA TRP L 218 95.02 -65.61 18.43
C TRP L 218 95.57 -64.20 18.24
N LEU L 219 96.87 -64.01 18.44
CA LEU L 219 97.55 -62.69 18.38
C LEU L 219 97.62 -62.21 16.92
N GLU L 220 97.83 -63.14 15.98
CA GLU L 220 97.93 -62.86 14.52
C GLU L 220 96.55 -62.46 13.98
N ASN L 221 95.53 -63.29 14.21
CA ASN L 221 94.14 -63.11 13.70
C ASN L 221 93.20 -62.94 14.88
N PRO L 222 92.93 -61.69 15.30
CA PRO L 222 91.95 -61.43 16.38
C PRO L 222 90.64 -62.21 16.18
N SER L 223 90.16 -62.30 14.94
CA SER L 223 88.93 -63.02 14.52
C SER L 223 88.98 -64.50 14.96
N ASN L 224 90.16 -65.08 15.17
CA ASN L 224 90.33 -66.51 15.54
C ASN L 224 90.54 -66.69 17.05
N THR L 225 90.42 -65.61 17.84
CA THR L 225 90.55 -65.63 19.32
C THR L 225 89.26 -66.18 19.92
N PRO L 226 89.33 -67.17 20.85
CA PRO L 226 88.15 -67.56 21.63
C PRO L 226 87.52 -66.38 22.38
N ASP L 227 86.27 -66.57 22.82
CA ASP L 227 85.48 -65.60 23.63
C ASP L 227 86.20 -65.35 24.96
N LYS L 228 85.86 -64.26 25.65
CA LYS L 228 86.58 -63.81 26.87
C LYS L 228 86.39 -64.82 28.02
N ASP L 229 85.30 -65.59 28.02
CA ASP L 229 85.00 -66.62 29.06
C ASP L 229 86.09 -67.70 29.02
N TYR L 230 86.39 -68.23 27.84
CA TYR L 230 87.45 -69.24 27.63
C TYR L 230 88.78 -68.67 28.09
N LEU L 231 89.13 -67.49 27.57
CA LEU L 231 90.41 -66.78 27.88
C LEU L 231 90.56 -66.57 29.39
N LEU L 232 89.48 -66.36 30.13
CA LEU L 232 89.59 -65.95 31.56
C LEU L 232 89.69 -67.18 32.46
N SER L 233 89.24 -68.35 31.98
CA SER L 233 89.26 -69.61 32.77
C SER L 233 90.72 -69.96 33.05
N ILE L 234 91.02 -70.36 34.27
CA ILE L 234 92.41 -70.33 34.83
C ILE L 234 93.38 -71.20 34.02
N PRO L 235 92.99 -72.36 33.46
CA PRO L 235 93.93 -73.22 32.77
C PRO L 235 94.71 -72.50 31.67
N ILE L 236 94.11 -71.43 31.13
CA ILE L 236 94.71 -70.66 30.01
C ILE L 236 95.14 -69.27 30.52
N SER L 237 94.41 -68.69 31.46
CA SER L 237 94.68 -67.31 31.98
C SER L 237 95.89 -67.33 32.93
N CYS L 238 96.02 -68.34 33.79
CA CYS L 238 97.16 -68.46 34.74
C CYS L 238 98.48 -68.34 33.99
N PRO L 239 98.83 -69.30 33.10
CA PRO L 239 100.09 -69.26 32.38
C PRO L 239 100.24 -67.94 31.62
N LEU L 240 99.19 -67.52 30.91
CA LEU L 240 99.25 -66.37 29.97
C LEU L 240 99.46 -65.06 30.74
N ILE L 241 98.94 -64.92 31.96
CA ILE L 241 99.25 -63.73 32.80
C ILE L 241 100.74 -63.76 33.10
N GLY L 242 101.27 -64.90 33.54
CA GLY L 242 102.72 -65.15 33.73
C GLY L 242 103.53 -64.69 32.53
N VAL L 243 103.05 -64.97 31.31
CA VAL L 243 103.73 -64.57 30.05
C VAL L 243 103.74 -63.03 29.96
N ILE L 244 102.62 -62.36 30.28
CA ILE L 244 102.52 -60.88 30.25
C ILE L 244 103.59 -60.29 31.19
N GLN L 245 103.68 -60.80 32.42
CA GLN L 245 104.62 -60.26 33.44
C GLN L 245 106.04 -60.51 32.91
N LEU L 246 106.35 -61.73 32.50
CA LEU L 246 107.68 -62.10 31.95
C LEU L 246 108.04 -61.18 30.77
N ALA L 247 107.06 -60.84 29.93
CA ALA L 247 107.27 -59.99 28.73
C ALA L 247 107.60 -58.56 29.16
N HIS L 248 106.83 -57.99 30.09
CA HIS L 248 107.08 -56.63 30.65
C HIS L 248 108.48 -56.60 31.27
N TYR L 249 108.88 -57.67 31.96
CA TYR L 249 110.23 -57.78 32.59
C TYR L 249 111.29 -57.68 31.48
N VAL L 250 111.08 -58.40 30.38
CA VAL L 250 111.99 -58.39 29.21
C VAL L 250 112.09 -56.98 28.62
N VAL L 251 110.98 -56.35 28.18
CA VAL L 251 111.06 -55.00 27.53
C VAL L 251 111.83 -54.08 28.47
N THR L 252 111.57 -54.20 29.78
CA THR L 252 112.17 -53.35 30.84
C THR L 252 113.68 -53.57 30.83
N ALA L 253 114.13 -54.83 30.86
CA ALA L 253 115.57 -55.21 30.80
C ALA L 253 116.19 -54.73 29.48
N LYS L 254 115.63 -55.12 28.35
CA LYS L 254 116.22 -54.89 27.00
C LYS L 254 116.44 -53.39 26.77
N LEU L 255 115.49 -52.55 27.18
CA LEU L 255 115.54 -51.07 26.97
C LEU L 255 116.56 -50.43 27.93
N LEU L 256 116.75 -51.00 29.13
CA LEU L 256 117.78 -50.53 30.10
C LEU L 256 119.16 -51.01 29.65
N GLY L 257 119.23 -51.84 28.60
CA GLY L 257 120.49 -52.46 28.12
C GLY L 257 121.01 -53.49 29.11
N PHE L 258 120.11 -54.14 29.84
CA PHE L 258 120.43 -55.15 30.88
C PHE L 258 120.12 -56.55 30.35
N THR L 259 120.78 -57.53 30.96
CA THR L 259 120.36 -58.95 30.96
C THR L 259 119.33 -59.10 32.06
N PRO L 260 118.51 -60.17 32.07
CA PRO L 260 117.55 -60.41 33.16
C PRO L 260 118.22 -60.35 34.54
N GLY L 261 119.35 -61.04 34.70
CA GLY L 261 120.11 -61.12 35.96
C GLY L 261 120.63 -59.75 36.38
N GLU L 262 121.09 -58.95 35.41
CA GLU L 262 121.60 -57.57 35.66
C GLU L 262 120.47 -56.75 36.28
N LEU L 263 119.27 -56.80 35.68
CA LEU L 263 118.05 -56.16 36.23
C LEU L 263 117.83 -56.68 37.66
N ARG L 264 117.69 -57.99 37.85
CA ARG L 264 117.29 -58.54 39.17
C ARG L 264 118.35 -58.18 40.21
N SER L 265 119.61 -57.95 39.80
CA SER L 265 120.70 -57.57 40.73
C SER L 265 120.36 -56.24 41.39
N TYR L 266 119.71 -55.32 40.65
CA TYR L 266 119.35 -53.94 41.10
C TYR L 266 118.19 -53.96 42.10
N LEU L 267 117.53 -55.11 42.27
CA LEU L 267 116.35 -55.28 43.16
C LEU L 267 116.80 -55.64 44.58
N LYS L 268 116.31 -54.90 45.58
CA LYS L 268 116.46 -55.27 47.02
C LYS L 268 115.73 -56.59 47.28
N GLY L 269 114.61 -56.83 46.60
CA GLY L 269 113.78 -58.04 46.80
C GLY L 269 112.70 -58.13 45.74
N ALA L 270 111.80 -59.12 45.84
CA ALA L 270 110.65 -59.29 44.92
C ALA L 270 109.58 -60.13 45.58
N THR L 271 108.32 -59.92 45.21
CA THR L 271 107.16 -60.77 45.62
C THR L 271 106.03 -60.56 44.62
N GLY L 272 104.96 -61.33 44.81
CA GLY L 272 103.76 -61.30 43.96
C GLY L 272 102.49 -61.52 44.76
N HIS L 273 101.40 -60.92 44.27
CA HIS L 273 100.02 -61.08 44.76
C HIS L 273 99.44 -62.32 44.10
N SER L 274 98.91 -63.26 44.89
CA SER L 274 98.29 -64.51 44.36
C SER L 274 99.36 -65.20 43.50
N GLN L 275 99.11 -65.41 42.20
CA GLN L 275 99.93 -66.22 41.26
C GLN L 275 101.10 -65.43 40.69
N GLY L 276 101.23 -64.16 41.09
CA GLY L 276 102.40 -63.33 40.76
C GLY L 276 103.62 -63.84 41.50
N LEU L 277 103.40 -64.49 42.66
CA LEU L 277 104.48 -65.07 43.49
C LEU L 277 105.36 -65.97 42.63
N VAL L 278 104.75 -66.73 41.72
CA VAL L 278 105.49 -67.67 40.84
C VAL L 278 106.49 -66.86 40.02
N THR L 279 106.05 -65.82 39.28
CA THR L 279 106.96 -65.10 38.36
C THR L 279 107.97 -64.29 39.18
N ALA L 280 107.69 -64.02 40.46
CA ALA L 280 108.62 -63.32 41.38
C ALA L 280 109.84 -64.20 41.66
N VAL L 281 109.62 -65.45 42.11
CA VAL L 281 110.71 -66.39 42.47
C VAL L 281 111.48 -66.76 41.20
N ALA L 282 110.81 -66.91 40.05
CA ALA L 282 111.44 -67.28 38.76
C ALA L 282 112.41 -66.18 38.32
N ILE L 283 112.05 -64.92 38.57
CA ILE L 283 112.89 -63.72 38.26
C ILE L 283 114.14 -63.74 39.13
N ALA L 284 114.04 -64.19 40.38
CA ALA L 284 115.14 -64.19 41.36
C ALA L 284 116.29 -65.09 40.87
N GLU L 285 115.98 -66.21 40.22
CA GLU L 285 116.97 -67.19 39.70
C GLU L 285 117.62 -66.69 38.41
N THR L 286 117.03 -65.71 37.76
CA THR L 286 117.35 -65.26 36.39
C THR L 286 118.80 -64.74 36.35
N ASP L 287 119.44 -64.76 35.18
CA ASP L 287 120.89 -64.53 35.03
C ASP L 287 121.21 -63.94 33.64
N SER L 288 121.63 -64.75 32.66
CA SER L 288 121.89 -64.28 31.27
C SER L 288 120.69 -64.62 30.37
N TRP L 289 120.68 -64.08 29.16
CA TRP L 289 119.65 -64.37 28.12
C TRP L 289 119.71 -65.86 27.75
N GLU L 290 120.90 -66.40 27.53
CA GLU L 290 121.13 -67.83 27.16
C GLU L 290 120.41 -68.75 28.16
N SER L 291 120.36 -68.39 29.45
CA SER L 291 119.76 -69.20 30.55
C SER L 291 118.44 -68.60 31.02
N PHE L 292 117.80 -67.77 30.21
CA PHE L 292 116.55 -67.07 30.60
C PHE L 292 115.38 -68.04 30.41
N PHE L 293 115.33 -68.69 29.25
CA PHE L 293 114.17 -69.51 28.81
C PHE L 293 114.01 -70.73 29.74
N VAL L 294 115.04 -71.10 30.50
CA VAL L 294 114.90 -72.17 31.55
C VAL L 294 114.07 -71.61 32.71
N SER L 295 114.30 -70.36 33.12
CA SER L 295 113.51 -69.69 34.17
C SER L 295 112.06 -69.47 33.67
N VAL L 296 111.91 -69.03 32.43
CA VAL L 296 110.59 -68.85 31.76
C VAL L 296 109.85 -70.18 31.81
N ARG L 297 110.47 -71.25 31.30
CA ARG L 297 109.87 -72.61 31.35
C ARG L 297 109.38 -72.84 32.77
N LYS L 298 110.26 -72.76 33.77
CA LYS L 298 109.93 -73.07 35.19
C LYS L 298 108.62 -72.38 35.57
N ALA L 299 108.54 -71.05 35.39
CA ALA L 299 107.39 -70.21 35.80
C ALA L 299 106.10 -70.73 35.15
N ILE L 300 106.08 -70.81 33.81
CA ILE L 300 104.81 -71.01 33.06
C ILE L 300 104.39 -72.48 33.14
N THR L 301 105.27 -73.42 33.53
CA THR L 301 104.86 -74.83 33.76
C THR L 301 104.27 -74.92 35.18
N VAL L 302 104.68 -74.08 36.13
CA VAL L 302 104.01 -73.99 37.46
C VAL L 302 102.59 -73.47 37.21
N LEU L 303 102.49 -72.28 36.62
CA LEU L 303 101.20 -71.58 36.36
C LEU L 303 100.24 -72.49 35.60
N PHE L 304 100.74 -73.26 34.63
CA PHE L 304 99.94 -74.19 33.79
C PHE L 304 99.28 -75.24 34.69
N PHE L 305 100.05 -75.91 35.54
CA PHE L 305 99.53 -77.00 36.40
C PHE L 305 98.60 -76.42 37.47
N ILE L 306 98.94 -75.25 38.03
CA ILE L 306 98.04 -74.51 38.98
C ILE L 306 96.67 -74.36 38.32
N GLY L 307 96.64 -73.77 37.12
CA GLY L 307 95.45 -73.65 36.28
C GLY L 307 94.74 -74.98 36.09
N VAL L 308 95.39 -75.95 35.44
CA VAL L 308 94.73 -77.22 35.02
C VAL L 308 94.16 -77.92 36.26
N ARG L 309 94.92 -78.05 37.33
CA ARG L 309 94.52 -78.86 38.51
C ARG L 309 93.45 -78.12 39.32
N CYS L 310 93.59 -76.81 39.49
CA CYS L 310 92.63 -75.96 40.26
C CYS L 310 91.29 -75.85 39.52
N TYR L 311 91.31 -75.96 38.19
CA TYR L 311 90.06 -75.99 37.37
C TYR L 311 89.38 -77.34 37.63
N GLU L 312 90.12 -78.43 37.42
CA GLU L 312 89.63 -79.82 37.64
C GLU L 312 89.04 -79.95 39.05
N ALA L 313 89.62 -79.24 40.04
CA ALA L 313 89.21 -79.28 41.46
C ALA L 313 87.87 -78.60 41.65
N TYR L 314 87.70 -77.39 41.12
CA TYR L 314 86.44 -76.60 41.18
C TYR L 314 86.17 -75.93 39.84
N PRO L 315 85.66 -76.68 38.83
CA PRO L 315 85.34 -76.13 37.52
C PRO L 315 84.08 -75.26 37.63
N ASN L 316 84.03 -74.15 36.89
CA ASN L 316 82.96 -73.14 37.06
C ASN L 316 81.74 -73.58 36.26
N THR L 317 80.57 -73.67 36.91
CA THR L 317 79.33 -74.22 36.31
C THR L 317 78.37 -73.08 35.97
N SER L 318 77.35 -73.40 35.16
CA SER L 318 76.22 -72.52 34.78
C SER L 318 75.70 -71.78 36.00
N LEU L 319 75.55 -70.47 35.83
CA LEU L 319 75.01 -69.52 36.83
C LEU L 319 73.50 -69.38 36.62
N PRO L 320 72.65 -69.69 37.63
CA PRO L 320 71.21 -69.49 37.52
C PRO L 320 70.91 -68.06 37.06
N PRO L 321 70.30 -67.87 35.87
CA PRO L 321 70.06 -66.53 35.32
C PRO L 321 69.42 -65.52 36.29
N SER L 322 68.49 -65.98 37.13
CA SER L 322 67.82 -65.16 38.17
C SER L 322 68.90 -64.45 38.99
N ILE L 323 69.86 -65.21 39.51
CA ILE L 323 70.99 -64.71 40.34
C ILE L 323 71.82 -63.69 39.57
N LEU L 324 72.16 -63.96 38.31
CA LEU L 324 72.95 -63.02 37.45
C LEU L 324 72.15 -61.71 37.30
N GLU L 325 70.90 -61.79 36.82
CA GLU L 325 70.05 -60.60 36.55
C GLU L 325 69.97 -59.74 37.82
N ASP L 326 69.85 -60.35 39.00
CA ASP L 326 69.68 -59.64 40.29
C ASP L 326 70.97 -58.90 40.65
N SER L 327 72.10 -59.62 40.67
CA SER L 327 73.43 -59.05 41.00
C SER L 327 73.72 -57.88 40.06
N LEU L 328 73.35 -57.99 38.78
CA LEU L 328 73.59 -56.93 37.76
C LEU L 328 72.74 -55.71 38.09
N GLU L 329 71.44 -55.87 38.39
CA GLU L 329 70.53 -54.72 38.62
C GLU L 329 70.88 -54.03 39.95
N ASN L 330 71.61 -54.69 40.85
CA ASN L 330 72.07 -54.12 42.15
C ASN L 330 73.53 -53.68 42.07
N ASN L 331 74.05 -53.48 40.85
CA ASN L 331 75.39 -52.90 40.58
C ASN L 331 76.50 -53.64 41.34
N GLU L 332 76.19 -54.82 41.90
CA GLU L 332 77.21 -55.87 42.22
C GLU L 332 77.74 -56.35 40.86
N GLY L 333 78.65 -57.33 40.85
CA GLY L 333 79.25 -57.77 39.57
C GLY L 333 78.42 -58.81 38.83
N VAL L 334 79.03 -59.40 37.79
CA VAL L 334 78.73 -60.76 37.27
C VAL L 334 79.28 -61.75 38.30
N PRO L 335 78.41 -62.46 39.05
CA PRO L 335 78.87 -63.38 40.08
C PRO L 335 80.02 -64.26 39.58
N SER L 336 81.04 -64.38 40.42
CA SER L 336 82.30 -65.13 40.21
C SER L 336 82.68 -65.74 41.56
N PRO L 337 83.73 -66.60 41.65
CA PRO L 337 84.11 -67.22 42.91
C PRO L 337 84.96 -66.35 43.87
N MET L 338 85.20 -65.08 43.51
CA MET L 338 85.95 -64.12 44.36
C MET L 338 85.22 -62.77 44.37
N LEU L 339 84.99 -62.24 45.57
CA LEU L 339 84.11 -61.07 45.84
C LEU L 339 84.93 -60.04 46.62
N SER L 340 85.07 -58.82 46.10
CA SER L 340 85.86 -57.72 46.70
C SER L 340 84.95 -56.83 47.56
N ILE L 341 85.44 -56.33 48.70
CA ILE L 341 84.65 -55.51 49.68
C ILE L 341 85.49 -54.34 50.21
N SER L 342 85.31 -53.16 49.62
CA SER L 342 85.89 -51.87 50.11
C SER L 342 85.21 -51.44 51.41
N ASN L 343 85.99 -50.81 52.29
CA ASN L 343 85.55 -49.84 53.33
C ASN L 343 85.00 -50.57 54.56
N LEU L 344 85.26 -51.88 54.70
CA LEU L 344 84.95 -52.65 55.92
C LEU L 344 86.24 -53.24 56.52
N THR L 345 86.38 -53.18 57.85
CA THR L 345 87.40 -53.90 58.66
C THR L 345 87.43 -55.37 58.27
N GLN L 346 88.57 -56.04 58.44
CA GLN L 346 88.68 -57.51 58.33
C GLN L 346 87.70 -58.16 59.32
N GLU L 347 87.71 -57.72 60.58
CA GLU L 347 86.88 -58.33 61.64
C GLU L 347 85.40 -58.05 61.32
N GLN L 348 85.07 -56.92 60.67
CA GLN L 348 83.68 -56.61 60.20
C GLN L 348 83.26 -57.66 59.17
N VAL L 349 83.98 -57.73 58.04
CA VAL L 349 83.74 -58.71 56.93
C VAL L 349 83.62 -60.12 57.54
N GLN L 350 84.50 -60.50 58.47
CA GLN L 350 84.54 -61.87 59.03
C GLN L 350 83.22 -62.18 59.75
N ASP L 351 82.59 -61.19 60.40
CA ASP L 351 81.24 -61.34 61.02
C ASP L 351 80.23 -61.78 59.96
N TYR L 352 80.18 -61.05 58.85
CA TYR L 352 79.21 -61.27 57.74
C TYR L 352 79.43 -62.66 57.13
N VAL L 353 80.69 -63.10 56.98
CA VAL L 353 80.97 -64.47 56.42
C VAL L 353 80.53 -65.50 57.46
N ASN L 354 80.85 -65.30 58.74
CA ASN L 354 80.47 -66.24 59.83
C ASN L 354 78.95 -66.46 59.80
N LYS L 355 78.19 -65.37 59.68
CA LYS L 355 76.71 -65.38 59.61
C LYS L 355 76.27 -66.18 58.37
N THR L 356 76.69 -65.75 57.18
CA THR L 356 76.38 -66.41 55.87
C THR L 356 76.80 -67.88 55.94
N ASN L 357 77.98 -68.17 56.49
CA ASN L 357 78.57 -69.53 56.59
C ASN L 357 77.76 -70.41 57.55
N SER L 358 77.13 -69.81 58.57
CA SER L 358 76.44 -70.53 59.65
C SER L 358 75.32 -71.42 59.10
N HIS L 359 74.71 -71.05 57.96
CA HIS L 359 73.56 -71.77 57.33
C HIS L 359 74.01 -72.74 56.23
N LEU L 360 75.29 -72.69 55.80
CA LEU L 360 75.81 -73.49 54.66
C LEU L 360 76.63 -74.67 55.17
N PRO L 361 76.61 -75.83 54.49
CA PRO L 361 77.50 -76.94 54.83
C PRO L 361 78.95 -76.66 54.41
N ALA L 362 79.89 -77.50 54.85
CA ALA L 362 81.37 -77.35 54.66
C ALA L 362 81.67 -76.95 53.20
N GLY L 363 81.19 -77.74 52.24
CA GLY L 363 81.52 -77.64 50.80
C GLY L 363 81.19 -76.27 50.21
N LYS L 364 80.25 -75.52 50.80
CA LYS L 364 79.69 -74.27 50.20
C LYS L 364 80.07 -73.05 51.05
N GLN L 365 80.92 -73.21 52.06
CA GLN L 365 81.36 -72.12 52.96
C GLN L 365 82.24 -71.15 52.16
N VAL L 366 82.28 -69.88 52.57
CA VAL L 366 83.16 -68.83 51.97
C VAL L 366 84.17 -68.39 53.03
N GLU L 367 85.39 -68.04 52.61
CA GLU L 367 86.47 -67.57 53.52
C GLU L 367 87.12 -66.32 52.93
N ILE L 368 87.68 -65.48 53.81
CA ILE L 368 88.51 -64.31 53.42
C ILE L 368 89.73 -64.83 52.67
N SER L 369 89.88 -64.40 51.42
CA SER L 369 90.89 -64.89 50.46
C SER L 369 92.13 -64.01 50.49
N LEU L 370 91.92 -62.69 50.40
CA LEU L 370 92.99 -61.68 50.34
C LEU L 370 92.70 -60.61 51.38
N VAL L 371 93.73 -60.04 51.99
CA VAL L 371 93.64 -58.85 52.89
C VAL L 371 94.54 -57.78 52.28
N ASN L 372 94.06 -57.19 51.19
CA ASN L 372 94.82 -56.26 50.31
C ASN L 372 95.17 -54.98 51.08
N GLY L 373 94.36 -54.59 52.06
CA GLY L 373 94.58 -53.39 52.89
C GLY L 373 93.76 -53.46 54.16
N ALA L 374 93.80 -52.40 54.98
CA ALA L 374 93.03 -52.27 56.23
C ALA L 374 91.55 -52.52 55.93
N LYS L 375 91.02 -51.85 54.91
CA LYS L 375 89.58 -51.85 54.59
C LYS L 375 89.40 -52.24 53.12
N ASN L 376 90.17 -53.22 52.66
CA ASN L 376 90.04 -53.77 51.28
C ASN L 376 90.27 -55.29 51.38
N LEU L 377 89.19 -56.07 51.36
CA LEU L 377 89.27 -57.55 51.45
C LEU L 377 88.62 -58.18 50.22
N VAL L 378 88.90 -59.47 50.05
CA VAL L 378 88.31 -60.33 49.00
C VAL L 378 87.93 -61.65 49.67
N VAL L 379 86.77 -62.19 49.30
CA VAL L 379 86.21 -63.44 49.86
C VAL L 379 86.03 -64.43 48.71
N SER L 380 86.44 -65.68 48.91
CA SER L 380 86.32 -66.75 47.90
C SER L 380 85.36 -67.83 48.40
N GLY L 381 84.72 -68.47 47.44
CA GLY L 381 83.79 -69.59 47.66
C GLY L 381 82.95 -69.82 46.41
N PRO L 382 81.92 -70.69 46.48
CA PRO L 382 81.03 -70.89 45.35
C PRO L 382 80.36 -69.57 45.01
N PRO L 383 80.24 -69.20 43.71
CA PRO L 383 79.62 -67.93 43.34
C PRO L 383 78.24 -67.74 44.00
N GLN L 384 77.45 -68.81 44.14
CA GLN L 384 76.09 -68.78 44.75
C GLN L 384 76.18 -68.42 46.23
N SER L 385 77.17 -68.97 46.95
CA SER L 385 77.40 -68.69 48.39
C SER L 385 77.78 -67.22 48.57
N LEU L 386 78.60 -66.70 47.67
CA LEU L 386 79.07 -65.29 47.73
C LEU L 386 77.93 -64.34 47.37
N TYR L 387 76.97 -64.81 46.57
CA TYR L 387 75.71 -64.08 46.29
C TYR L 387 74.92 -63.95 47.61
N GLY L 388 74.73 -65.06 48.31
CA GLY L 388 74.10 -65.11 49.64
C GLY L 388 74.79 -64.21 50.65
N LEU L 389 76.09 -63.99 50.48
CA LEU L 389 76.84 -62.98 51.27
C LEU L 389 76.35 -61.60 50.84
N ASN L 390 76.42 -61.30 49.55
CA ASN L 390 76.02 -60.00 48.94
C ASN L 390 74.60 -59.61 49.39
N LEU L 391 73.73 -60.60 49.62
CA LEU L 391 72.30 -60.38 50.00
C LEU L 391 72.25 -59.90 51.46
N THR L 392 72.92 -60.62 52.37
CA THR L 392 73.15 -60.22 53.79
C THR L 392 73.75 -58.80 53.80
N LEU L 393 74.71 -58.54 52.90
CA LEU L 393 75.44 -57.25 52.80
C LEU L 393 74.50 -56.13 52.35
N ARG L 394 73.62 -56.40 51.38
CA ARG L 394 72.76 -55.34 50.78
C ARG L 394 71.91 -54.66 51.86
N LYS L 395 71.57 -55.39 52.93
CA LYS L 395 70.69 -54.95 54.05
C LYS L 395 71.42 -53.96 54.94
N ALA L 396 72.66 -54.25 55.33
CA ALA L 396 73.46 -53.45 56.29
C ALA L 396 73.93 -52.14 55.66
N LYS L 397 74.16 -52.13 54.33
CA LYS L 397 74.72 -50.96 53.62
C LYS L 397 73.58 -49.96 53.43
N ALA L 398 73.91 -48.68 53.33
CA ALA L 398 72.95 -47.59 53.04
C ALA L 398 73.14 -47.18 51.58
N PRO L 399 72.08 -46.71 50.86
CA PRO L 399 72.27 -46.12 49.54
C PRO L 399 73.51 -45.21 49.50
N SER L 400 74.32 -45.28 48.43
CA SER L 400 75.68 -44.64 48.41
C SER L 400 75.56 -43.11 48.27
N GLY L 401 74.43 -42.60 47.79
CA GLY L 401 74.12 -41.15 47.76
C GLY L 401 72.99 -40.78 48.72
N LEU L 402 73.05 -41.23 49.99
CA LEU L 402 71.96 -41.04 51.00
C LEU L 402 72.01 -39.61 51.58
N ASP L 403 73.19 -39.00 51.67
CA ASP L 403 73.37 -37.65 52.29
C ASP L 403 72.91 -37.70 53.76
N GLN L 404 73.84 -38.07 54.64
CA GLN L 404 73.70 -38.07 56.13
C GLN L 404 74.50 -36.87 56.69
N SER L 405 74.66 -35.80 55.90
CA SER L 405 75.49 -34.60 56.24
C SER L 405 74.84 -33.81 57.39
N ARG L 406 73.57 -34.08 57.71
CA ARG L 406 72.80 -33.42 58.79
C ARG L 406 72.47 -34.42 59.90
N ILE L 407 72.93 -35.67 59.77
CA ILE L 407 72.84 -36.71 60.85
C ILE L 407 74.15 -36.69 61.63
N PRO L 408 74.13 -36.67 62.99
CA PRO L 408 75.37 -36.78 63.76
C PRO L 408 76.24 -37.96 63.31
N PHE L 409 77.56 -37.77 63.21
CA PHE L 409 78.55 -38.77 62.72
C PHE L 409 78.26 -40.13 63.35
N SER L 410 78.19 -40.17 64.69
CA SER L 410 78.00 -41.38 65.54
C SER L 410 76.81 -42.22 65.07
N GLU L 411 75.74 -41.58 64.60
CA GLU L 411 74.44 -42.23 64.29
C GLU L 411 74.32 -42.55 62.79
N ARG L 412 75.29 -42.20 61.95
CA ARG L 412 75.21 -42.45 60.48
C ARG L 412 75.32 -43.95 60.21
N LYS L 413 74.84 -44.43 59.06
CA LYS L 413 74.87 -45.86 58.67
C LYS L 413 76.09 -46.09 57.77
N LEU L 414 76.72 -47.28 57.87
CA LEU L 414 77.87 -47.73 57.06
C LEU L 414 77.60 -47.57 55.56
N LYS L 415 78.57 -47.00 54.83
CA LYS L 415 78.62 -46.96 53.34
C LYS L 415 79.83 -47.77 52.87
N PHE L 416 79.64 -48.76 52.00
CA PHE L 416 80.74 -49.59 51.47
C PHE L 416 80.38 -50.18 50.10
N SER L 417 81.41 -50.44 49.28
CA SER L 417 81.30 -51.13 47.96
C SER L 417 81.46 -52.63 48.17
N ASN L 418 80.87 -53.43 47.27
CA ASN L 418 81.14 -54.90 47.20
C ASN L 418 80.74 -55.37 45.80
N ARG L 419 81.72 -55.50 44.89
CA ARG L 419 81.55 -55.97 43.49
C ARG L 419 82.34 -57.28 43.33
N PHE L 420 81.82 -58.25 42.57
CA PHE L 420 82.52 -59.49 42.20
C PHE L 420 83.71 -59.15 41.31
N LEU L 421 84.77 -59.97 41.37
CA LEU L 421 86.01 -59.77 40.58
C LEU L 421 85.93 -60.59 39.30
N PRO L 422 86.64 -60.16 38.24
CA PRO L 422 86.80 -60.99 37.05
C PRO L 422 87.81 -62.15 37.22
N VAL L 423 87.37 -63.24 37.85
CA VAL L 423 88.17 -64.48 38.05
C VAL L 423 87.27 -65.69 37.77
N ALA L 424 87.81 -66.77 37.21
CA ALA L 424 87.05 -67.99 36.87
C ALA L 424 87.08 -69.00 38.02
N SER L 425 87.96 -68.82 39.00
CA SER L 425 88.26 -69.85 40.02
C SER L 425 88.46 -69.21 41.39
N PRO L 426 88.10 -69.93 42.48
CA PRO L 426 88.18 -69.39 43.84
C PRO L 426 89.54 -69.60 44.51
N PHE L 427 90.54 -68.80 44.11
CA PHE L 427 91.93 -68.85 44.64
C PHE L 427 91.89 -68.62 46.16
N HIS L 428 92.85 -69.23 46.87
CA HIS L 428 93.11 -69.04 48.32
C HIS L 428 91.93 -69.55 49.15
N SER L 429 91.31 -70.67 48.74
CA SER L 429 90.12 -71.25 49.42
C SER L 429 90.23 -72.77 49.50
N HIS L 430 89.48 -73.37 50.43
CA HIS L 430 89.42 -74.82 50.72
C HIS L 430 89.01 -75.61 49.48
N LEU L 431 88.28 -74.99 48.55
CA LEU L 431 87.77 -75.64 47.31
C LEU L 431 88.93 -76.16 46.46
N LEU L 432 90.13 -75.56 46.56
CA LEU L 432 91.29 -75.87 45.70
C LEU L 432 92.27 -76.84 46.37
N VAL L 433 92.19 -77.00 47.70
CA VAL L 433 93.10 -77.86 48.52
C VAL L 433 93.44 -79.14 47.77
N PRO L 434 92.45 -79.97 47.34
CA PRO L 434 92.73 -81.21 46.61
C PRO L 434 93.83 -81.11 45.54
N ALA L 435 93.91 -79.98 44.84
CA ALA L 435 94.84 -79.75 43.71
C ALA L 435 96.30 -79.69 44.19
N SER L 436 96.58 -79.09 45.37
CA SER L 436 97.96 -78.83 45.88
C SER L 436 98.82 -80.08 45.71
N ASP L 437 98.37 -81.18 46.31
CA ASP L 437 99.06 -82.50 46.26
C ASP L 437 99.40 -82.87 44.81
N LEU L 438 98.40 -82.94 43.95
CA LEU L 438 98.51 -83.29 42.51
C LEU L 438 99.48 -82.32 41.81
N ILE L 439 99.36 -81.01 42.05
CA ILE L 439 100.20 -79.98 41.38
C ILE L 439 101.68 -80.31 41.66
N ASN L 440 102.02 -80.53 42.94
CA ASN L 440 103.41 -80.78 43.39
C ASN L 440 103.98 -82.02 42.69
N LYS L 441 103.17 -83.08 42.56
CA LYS L 441 103.55 -84.32 41.84
C LYS L 441 103.82 -84.03 40.36
N ASP L 442 103.11 -83.07 39.76
CA ASP L 442 103.29 -82.71 38.33
C ASP L 442 104.61 -81.94 38.14
N LEU L 443 104.98 -81.12 39.13
CA LEU L 443 106.24 -80.32 39.11
C LEU L 443 107.45 -81.26 39.28
N VAL L 444 107.36 -82.19 40.23
CA VAL L 444 108.32 -83.34 40.36
C VAL L 444 108.49 -83.96 38.96
N LYS L 445 107.40 -84.38 38.33
CA LYS L 445 107.41 -85.15 37.05
C LYS L 445 107.90 -84.29 35.87
N ASN L 446 107.85 -82.96 35.95
CA ASN L 446 108.28 -82.04 34.85
C ASN L 446 109.56 -81.30 35.26
N ASN L 447 110.31 -81.84 36.23
CA ASN L 447 111.65 -81.34 36.67
C ASN L 447 111.59 -79.83 36.89
N VAL L 448 110.73 -79.39 37.81
CA VAL L 448 110.64 -77.96 38.27
C VAL L 448 110.65 -77.93 39.80
N SER L 449 111.62 -77.22 40.37
CA SER L 449 111.64 -76.78 41.78
C SER L 449 112.53 -75.55 41.89
N PHE L 450 112.58 -74.91 43.06
CA PHE L 450 113.37 -73.66 43.28
C PHE L 450 114.27 -73.86 44.51
N ASN L 451 115.58 -74.02 44.31
CA ASN L 451 116.56 -74.21 45.42
C ASN L 451 117.03 -72.84 45.90
N ALA L 452 116.95 -72.58 47.20
CA ALA L 452 117.32 -71.29 47.82
C ALA L 452 118.66 -70.81 47.26
N LYS L 453 119.63 -71.73 47.08
CA LYS L 453 120.98 -71.45 46.54
C LYS L 453 120.89 -70.64 45.24
N ASP L 454 119.93 -70.93 44.37
CA ASP L 454 119.81 -70.34 43.01
C ASP L 454 119.16 -68.96 43.06
N ILE L 455 118.30 -68.69 44.05
CA ILE L 455 117.43 -67.48 44.06
C ILE L 455 118.17 -66.36 44.80
N GLN L 456 118.50 -65.29 44.05
CA GLN L 456 119.61 -64.35 44.29
C GLN L 456 119.14 -63.08 45.02
N ILE L 457 117.85 -63.00 45.36
CA ILE L 457 117.26 -61.88 46.15
C ILE L 457 116.20 -62.49 47.05
N PRO L 458 115.86 -61.85 48.19
CA PRO L 458 114.75 -62.32 49.01
C PRO L 458 113.45 -62.29 48.19
N VAL L 459 112.62 -63.32 48.33
CA VAL L 459 111.30 -63.43 47.66
C VAL L 459 110.26 -63.64 48.76
N TYR L 460 109.47 -62.59 49.02
CA TYR L 460 108.65 -62.43 50.25
C TYR L 460 107.39 -63.30 50.15
N ASP L 461 107.28 -64.22 51.12
CA ASP L 461 106.15 -65.16 51.35
C ASP L 461 104.86 -64.36 51.51
N THR L 462 103.80 -64.86 50.88
CA THR L 462 102.52 -64.17 50.58
C THR L 462 101.64 -64.14 51.85
N PHE L 463 101.87 -65.06 52.81
CA PHE L 463 101.10 -65.26 54.07
C PHE L 463 101.89 -64.77 55.30
N ASP L 464 103.22 -64.91 55.28
CA ASP L 464 104.16 -64.68 56.42
C ASP L 464 104.74 -63.27 56.38
N GLY L 465 105.18 -62.84 55.19
CA GLY L 465 106.09 -61.68 54.98
C GLY L 465 107.55 -62.13 54.97
N SER L 466 107.82 -63.32 55.52
CA SER L 466 109.14 -63.99 55.61
C SER L 466 109.78 -64.14 54.22
N ASP L 467 111.07 -64.45 54.18
CA ASP L 467 111.81 -64.82 52.95
C ASP L 467 111.57 -66.32 52.68
N LEU L 468 111.27 -66.67 51.43
CA LEU L 468 111.05 -68.08 51.02
C LEU L 468 112.38 -68.86 51.01
N ARG L 469 113.52 -68.17 51.07
CA ARG L 469 114.86 -68.83 51.05
C ARG L 469 115.09 -69.53 52.39
N VAL L 470 114.68 -68.89 53.49
CA VAL L 470 114.86 -69.38 54.88
C VAL L 470 114.09 -70.69 55.11
N LEU L 471 113.03 -70.99 54.35
CA LEU L 471 112.28 -72.28 54.37
C LEU L 471 113.24 -73.46 54.39
N SER L 472 112.95 -74.52 55.15
CA SER L 472 113.70 -75.80 55.12
C SER L 472 112.93 -76.86 54.32
N GLY L 473 111.65 -76.59 53.99
CA GLY L 473 110.78 -77.46 53.17
C GLY L 473 111.14 -77.40 51.69
N SER L 474 110.20 -77.70 50.79
CA SER L 474 110.26 -77.35 49.34
C SER L 474 109.67 -75.95 49.16
N ILE L 475 110.34 -75.09 48.38
CA ILE L 475 109.86 -73.71 48.08
C ILE L 475 108.70 -73.82 47.09
N SER L 476 108.86 -74.57 46.00
CA SER L 476 107.79 -74.81 45.00
C SER L 476 106.49 -75.13 45.75
N GLU L 477 106.56 -76.07 46.69
CA GLU L 477 105.38 -76.57 47.47
C GLU L 477 104.72 -75.44 48.26
N ARG L 478 105.50 -74.59 48.92
CA ARG L 478 104.99 -73.45 49.74
C ARG L 478 104.35 -72.41 48.79
N ILE L 479 105.00 -72.12 47.67
CA ILE L 479 104.49 -71.14 46.65
C ILE L 479 103.11 -71.61 46.17
N VAL L 480 102.99 -72.87 45.78
CA VAL L 480 101.70 -73.51 45.41
C VAL L 480 100.71 -73.31 46.56
N ASP L 481 101.11 -73.70 47.77
CA ASP L 481 100.23 -73.68 48.98
C ASP L 481 99.76 -72.24 49.25
N CYS L 482 100.59 -71.24 48.95
CA CYS L 482 100.33 -69.79 49.18
C CYS L 482 99.26 -69.25 48.24
N ILE L 483 99.09 -69.89 47.08
CA ILE L 483 98.16 -69.49 45.98
C ILE L 483 96.86 -70.29 46.10
N ILE L 484 96.97 -71.60 46.28
CA ILE L 484 95.82 -72.57 46.33
C ILE L 484 95.00 -72.33 47.60
N ARG L 485 95.63 -72.26 48.78
CA ARG L 485 94.95 -72.51 50.08
C ARG L 485 95.04 -71.29 51.01
N LEU L 486 96.26 -70.90 51.39
CA LEU L 486 96.50 -69.85 52.41
C LEU L 486 96.03 -68.51 51.86
N PRO L 487 95.55 -67.59 52.72
CA PRO L 487 95.25 -66.24 52.30
C PRO L 487 96.50 -65.48 51.87
N VAL L 488 96.29 -64.27 51.35
CA VAL L 488 97.36 -63.26 51.08
C VAL L 488 97.18 -62.16 52.12
N LYS L 489 98.17 -61.93 52.99
CA LYS L 489 98.19 -60.78 53.92
C LYS L 489 99.08 -59.70 53.28
N TRP L 490 98.61 -59.11 52.18
CA TRP L 490 99.41 -58.24 51.29
C TRP L 490 100.14 -57.17 52.10
N GLU L 491 99.49 -56.61 53.12
CA GLU L 491 100.06 -55.56 53.99
C GLU L 491 101.37 -56.09 54.60
N THR L 492 101.33 -57.26 55.24
CA THR L 492 102.47 -57.84 56.00
C THR L 492 103.48 -58.47 55.02
N THR L 493 103.04 -58.88 53.82
CA THR L 493 103.91 -59.40 52.72
C THR L 493 104.79 -58.26 52.24
N THR L 494 104.26 -57.05 52.28
CA THR L 494 104.83 -55.86 51.60
C THR L 494 105.51 -54.98 52.66
N GLN L 495 105.96 -55.61 53.76
CA GLN L 495 106.46 -54.97 55.00
C GLN L 495 107.91 -54.49 54.85
N PHE L 496 108.60 -54.85 53.77
CA PHE L 496 109.96 -54.37 53.39
C PHE L 496 109.99 -52.84 53.28
N LYS L 497 111.18 -52.26 53.37
CA LYS L 497 111.41 -50.79 53.18
C LYS L 497 112.20 -50.63 51.89
N ALA L 498 111.73 -49.72 51.02
CA ALA L 498 112.28 -49.39 49.69
C ALA L 498 111.69 -48.04 49.27
N THR L 499 112.36 -47.32 48.36
CA THR L 499 111.94 -45.97 47.88
C THR L 499 111.06 -46.13 46.65
N HIS L 500 111.20 -47.23 45.91
CA HIS L 500 110.51 -47.48 44.62
C HIS L 500 109.99 -48.92 44.55
N ILE L 501 108.85 -49.12 43.90
CA ILE L 501 108.23 -50.46 43.64
C ILE L 501 107.79 -50.50 42.18
N LEU L 502 108.13 -51.56 41.45
CA LEU L 502 107.79 -51.74 40.01
C LEU L 502 106.70 -52.83 39.88
N ASP L 503 105.48 -52.43 39.42
CA ASP L 503 104.33 -53.34 39.11
C ASP L 503 104.49 -53.80 37.65
N PHE L 504 105.13 -54.94 37.45
CA PHE L 504 105.23 -55.66 36.15
C PHE L 504 103.86 -56.27 35.81
N GLY L 505 103.02 -56.40 36.85
CA GLY L 505 101.83 -57.27 36.89
C GLY L 505 100.75 -56.73 35.98
N PRO L 506 99.77 -57.58 35.62
CA PRO L 506 98.74 -57.23 34.64
C PRO L 506 97.83 -56.14 35.20
N GLY L 507 97.27 -55.30 34.33
CA GLY L 507 96.11 -54.44 34.62
C GLY L 507 96.46 -52.97 34.79
N GLY L 508 97.66 -52.58 34.36
CA GLY L 508 98.16 -51.21 34.49
C GLY L 508 97.70 -50.54 35.78
N ALA L 509 96.77 -49.58 35.66
CA ALA L 509 96.39 -48.65 36.75
C ALA L 509 95.34 -49.30 37.66
N SER L 510 94.68 -50.37 37.23
CA SER L 510 93.80 -51.22 38.09
C SER L 510 94.66 -52.27 38.79
N GLY L 511 95.95 -52.27 38.51
CA GLY L 511 96.91 -53.34 38.87
C GLY L 511 97.38 -53.25 40.31
N LEU L 512 98.09 -54.28 40.74
CA LEU L 512 98.61 -54.44 42.12
C LEU L 512 99.43 -53.21 42.52
N GLY L 513 100.05 -52.55 41.53
CA GLY L 513 100.89 -51.36 41.77
C GLY L 513 100.12 -50.32 42.57
N VAL L 514 99.04 -49.82 41.99
CA VAL L 514 98.24 -48.68 42.56
C VAL L 514 97.66 -49.09 43.91
N LEU L 515 97.20 -50.33 44.08
CA LEU L 515 96.66 -50.83 45.37
C LEU L 515 97.73 -50.63 46.45
N THR L 516 98.95 -51.11 46.17
CA THR L 516 100.10 -51.02 47.10
C THR L 516 100.36 -49.56 47.42
N HIS L 517 100.31 -48.67 46.42
CA HIS L 517 100.51 -47.23 46.62
C HIS L 517 99.50 -46.69 47.64
N ARG L 518 98.23 -47.05 47.50
CA ARG L 518 97.14 -46.56 48.39
C ARG L 518 97.41 -47.05 49.81
N ASN L 519 97.99 -48.24 49.98
CA ASN L 519 98.32 -48.77 51.33
C ASN L 519 99.43 -47.93 51.97
N LYS L 520 100.39 -47.45 51.18
CA LYS L 520 101.71 -46.93 51.64
C LYS L 520 101.86 -45.43 51.42
N ASP L 521 100.81 -44.78 50.93
CA ASP L 521 100.79 -43.31 50.67
C ASP L 521 101.28 -42.60 51.93
N GLY L 522 102.25 -41.70 51.79
CA GLY L 522 102.76 -40.84 52.88
C GLY L 522 103.95 -41.42 53.62
N THR L 523 104.45 -42.60 53.25
CA THR L 523 105.61 -43.26 53.92
C THR L 523 106.87 -43.18 53.04
N GLY L 524 106.83 -42.43 51.93
CA GLY L 524 108.01 -42.14 51.07
C GLY L 524 108.32 -43.23 50.06
N VAL L 525 107.34 -44.06 49.71
CA VAL L 525 107.44 -45.09 48.65
C VAL L 525 106.82 -44.51 47.38
N ARG L 526 107.49 -44.71 46.26
CA ARG L 526 107.01 -44.37 44.90
C ARG L 526 106.72 -45.67 44.16
N VAL L 527 105.50 -45.85 43.66
CA VAL L 527 105.13 -47.03 42.83
C VAL L 527 105.19 -46.59 41.36
N ILE L 528 105.76 -47.45 40.51
CA ILE L 528 105.76 -47.24 39.05
C ILE L 528 105.05 -48.43 38.40
N VAL L 529 104.04 -48.14 37.59
CA VAL L 529 103.34 -49.15 36.74
C VAL L 529 104.21 -49.40 35.52
N ALA L 530 104.92 -50.53 35.50
CA ALA L 530 105.92 -50.88 34.45
C ALA L 530 105.20 -51.38 33.20
N GLY L 531 103.88 -51.67 33.31
CA GLY L 531 103.07 -52.32 32.27
C GLY L 531 102.61 -51.34 31.19
N THR L 532 101.97 -50.25 31.57
CA THR L 532 101.25 -49.33 30.65
C THR L 532 102.00 -48.00 30.52
N LEU L 533 101.98 -47.38 29.33
CA LEU L 533 102.25 -45.94 29.19
C LEU L 533 100.95 -45.14 29.24
N ASP L 534 100.90 -44.14 30.12
CA ASP L 534 99.74 -43.23 30.35
C ASP L 534 100.24 -42.05 31.17
N ILE L 535 99.34 -41.15 31.57
CA ILE L 535 99.68 -39.95 32.38
C ILE L 535 98.78 -39.91 33.62
N ASN L 536 99.39 -39.88 34.79
CA ASN L 536 98.69 -39.68 36.08
C ASN L 536 98.62 -38.18 36.32
N PRO L 537 97.42 -37.56 36.23
CA PRO L 537 97.30 -36.11 36.42
C PRO L 537 97.72 -35.66 37.82
N ASP L 538 97.47 -36.48 38.86
CA ASP L 538 97.82 -36.18 40.29
C ASP L 538 99.31 -36.39 40.56
N ASP L 539 99.98 -37.18 39.71
CA ASP L 539 101.40 -37.65 39.86
C ASP L 539 101.56 -38.44 41.18
N ASP L 540 100.46 -38.91 41.74
CA ASP L 540 100.32 -39.99 42.76
C ASP L 540 101.43 -41.06 42.62
N TYR L 541 101.59 -41.62 41.41
CA TYR L 541 102.50 -42.74 41.02
C TYR L 541 102.92 -42.51 39.55
N GLY L 542 103.80 -43.36 39.01
CA GLY L 542 104.35 -43.22 37.64
C GLY L 542 103.97 -44.38 36.74
N PHE L 543 104.13 -44.19 35.42
CA PHE L 543 103.94 -45.23 34.38
C PHE L 543 105.31 -45.55 33.77
N LYS L 544 105.37 -46.49 32.80
CA LYS L 544 106.61 -46.99 32.14
C LYS L 544 107.68 -45.91 32.08
N GLN L 545 107.32 -44.70 31.61
CA GLN L 545 108.25 -43.57 31.30
C GLN L 545 109.30 -43.44 32.40
N GLU L 546 108.87 -43.39 33.67
CA GLU L 546 109.71 -43.07 34.86
C GLU L 546 110.92 -44.02 34.93
N ILE L 547 110.74 -45.27 34.52
CA ILE L 547 111.85 -46.27 34.51
C ILE L 547 112.97 -45.75 33.60
N PHE L 548 112.65 -45.47 32.34
CA PHE L 548 113.64 -45.30 31.25
C PHE L 548 114.11 -43.85 31.15
N ASP L 549 113.35 -42.89 31.69
CA ASP L 549 113.65 -41.44 31.60
C ASP L 549 115.04 -41.20 32.20
N VAL L 550 115.78 -40.26 31.58
CA VAL L 550 117.22 -39.95 31.80
C VAL L 550 117.37 -38.66 32.61
N THR L 551 116.43 -37.72 32.51
CA THR L 551 116.41 -36.44 33.26
C THR L 551 115.99 -36.69 34.72
N SER L 552 115.83 -35.63 35.53
CA SER L 552 115.28 -35.64 36.91
C SER L 552 113.93 -36.39 36.98
N ASN L 553 113.14 -36.31 35.91
CA ASN L 553 111.74 -36.83 35.82
C ASN L 553 111.69 -38.36 36.01
N GLY L 554 112.82 -39.07 35.87
CA GLY L 554 112.95 -40.52 36.15
C GLY L 554 113.02 -40.81 37.64
N LEU L 555 113.72 -39.93 38.38
CA LEU L 555 113.84 -40.01 39.86
C LEU L 555 112.84 -39.05 40.50
N LYS L 556 111.63 -39.54 40.75
CA LYS L 556 110.65 -38.86 41.64
C LYS L 556 110.52 -39.73 42.89
N LYS L 557 110.45 -39.11 44.06
CA LYS L 557 110.14 -39.82 45.32
C LYS L 557 108.82 -39.27 45.85
N ASN L 558 107.97 -40.14 46.35
CA ASN L 558 106.73 -39.71 47.03
C ASN L 558 107.12 -39.17 48.40
N PRO L 559 106.38 -38.17 48.91
CA PRO L 559 106.70 -37.58 50.21
C PRO L 559 106.45 -38.58 51.35
N ASN L 560 107.37 -38.61 52.30
CA ASN L 560 107.20 -39.16 53.67
C ASN L 560 106.72 -37.99 54.54
N TRP L 561 105.45 -37.97 54.95
CA TRP L 561 104.82 -36.80 55.62
C TRP L 561 105.59 -36.46 56.90
N LEU L 562 105.96 -37.46 57.68
CA LEU L 562 106.74 -37.26 58.94
C LEU L 562 107.94 -36.35 58.63
N GLU L 563 108.72 -36.69 57.60
CA GLU L 563 109.97 -35.97 57.23
C GLU L 563 109.63 -34.60 56.66
N GLU L 564 108.69 -34.53 55.72
CA GLU L 564 108.36 -33.31 54.96
C GLU L 564 107.81 -32.21 55.87
N TYR L 565 107.07 -32.58 56.92
CA TYR L 565 106.29 -31.63 57.75
C TYR L 565 106.69 -31.78 59.22
N HIS L 566 107.80 -32.49 59.49
CA HIS L 566 108.42 -32.59 60.83
C HIS L 566 108.39 -31.20 61.45
N PRO L 567 107.81 -31.04 62.66
CA PRO L 567 107.94 -29.78 63.37
C PRO L 567 109.43 -29.68 63.72
N LYS L 568 109.92 -28.46 63.90
CA LYS L 568 111.36 -28.18 64.21
C LYS L 568 111.42 -27.05 65.23
N LEU L 569 112.62 -26.76 65.71
CA LEU L 569 112.90 -25.54 66.49
C LEU L 569 113.84 -24.65 65.68
N ILE L 570 113.71 -23.34 65.89
CA ILE L 570 114.55 -22.32 65.22
C ILE L 570 114.68 -21.12 66.16
N LYS L 571 115.75 -20.34 65.96
CA LYS L 571 116.15 -19.21 66.84
C LYS L 571 116.23 -17.92 66.03
N ASN L 572 115.62 -16.87 66.55
CA ASN L 572 115.87 -15.44 66.27
C ASN L 572 117.36 -15.13 66.42
N LYS L 573 117.82 -13.96 65.96
CA LYS L 573 119.13 -13.37 66.41
C LYS L 573 119.00 -13.03 67.89
N SER L 574 117.87 -12.45 68.30
CA SER L 574 117.55 -12.14 69.72
C SER L 574 117.54 -13.41 70.57
N GLY L 575 117.57 -14.59 69.96
CA GLY L 575 117.63 -15.90 70.66
C GLY L 575 116.26 -16.43 71.03
N LYS L 576 115.17 -15.79 70.58
CA LYS L 576 113.78 -16.27 70.77
C LYS L 576 113.59 -17.61 70.05
N ILE L 577 112.90 -18.55 70.69
CA ILE L 577 112.68 -19.91 70.10
C ILE L 577 111.27 -19.98 69.54
N PHE L 578 111.14 -20.42 68.29
CA PHE L 578 109.86 -20.66 67.59
C PHE L 578 109.74 -22.12 67.20
N VAL L 579 108.51 -22.64 67.21
CA VAL L 579 108.13 -23.92 66.59
C VAL L 579 108.03 -23.66 65.08
N GLU L 580 108.92 -24.28 64.30
CA GLU L 580 109.06 -24.08 62.84
C GLU L 580 108.10 -25.05 62.15
N THR L 581 107.03 -24.52 61.55
CA THR L 581 106.10 -25.24 60.64
C THR L 581 105.83 -24.39 59.40
N LYS L 582 105.20 -24.98 58.40
CA LYS L 582 104.83 -24.29 57.13
C LYS L 582 104.18 -22.94 57.45
N PHE L 583 103.39 -22.89 58.53
CA PHE L 583 102.57 -21.73 58.94
C PHE L 583 103.46 -20.69 59.61
N SER L 584 104.14 -21.04 60.71
CA SER L 584 104.98 -20.10 61.50
C SER L 584 106.07 -19.50 60.59
N LYS L 585 106.59 -20.29 59.64
CA LYS L 585 107.61 -19.85 58.65
C LYS L 585 107.11 -18.63 57.86
N LEU L 586 105.80 -18.52 57.65
CA LEU L 586 105.18 -17.38 56.92
C LEU L 586 105.03 -16.19 57.88
N ILE L 587 104.35 -16.38 59.00
CA ILE L 587 103.81 -15.28 59.85
C ILE L 587 104.85 -14.79 60.85
N GLY L 588 105.94 -15.54 61.06
CA GLY L 588 107.03 -15.14 61.98
C GLY L 588 106.54 -15.03 63.41
N ARG L 589 105.59 -15.87 63.79
CA ARG L 589 105.02 -15.94 65.15
C ARG L 589 104.75 -17.40 65.44
N PRO L 590 104.45 -17.78 66.70
CA PRO L 590 104.05 -19.15 66.98
C PRO L 590 102.88 -19.62 66.12
N PRO L 591 102.87 -20.90 65.70
CA PRO L 591 101.87 -21.42 64.78
C PRO L 591 100.54 -21.68 65.50
N LEU L 592 100.11 -20.72 66.30
CA LEU L 592 98.92 -20.83 67.17
C LEU L 592 98.15 -19.53 67.00
N LEU L 593 96.81 -19.63 66.92
CA LEU L 593 95.93 -18.46 66.64
C LEU L 593 94.62 -18.57 67.42
N VAL L 594 94.13 -17.42 67.88
CA VAL L 594 92.75 -17.26 68.41
C VAL L 594 91.86 -16.99 67.21
N PRO L 595 90.87 -17.85 66.95
CA PRO L 595 90.05 -17.72 65.75
C PRO L 595 88.99 -16.65 65.96
N GLY L 596 88.40 -16.15 64.88
CA GLY L 596 87.24 -15.24 64.96
C GLY L 596 86.17 -15.86 65.82
N MET L 597 85.64 -15.12 66.79
CA MET L 597 84.53 -15.58 67.66
C MET L 597 83.69 -14.34 67.97
N THR L 598 82.38 -14.37 67.73
CA THR L 598 81.51 -13.17 67.82
C THR L 598 81.60 -12.51 69.21
N PRO L 599 80.92 -12.97 70.29
CA PRO L 599 80.97 -12.16 71.49
C PRO L 599 82.45 -11.85 71.79
N CYS L 600 83.36 -12.83 71.64
CA CYS L 600 84.71 -12.82 72.28
C CYS L 600 85.67 -11.86 71.58
N THR L 601 85.94 -12.09 70.30
CA THR L 601 87.01 -11.36 69.54
C THR L 601 86.38 -10.25 68.70
N VAL L 602 85.16 -9.85 69.02
CA VAL L 602 84.57 -8.59 68.46
C VAL L 602 85.30 -7.42 69.12
N SER L 603 85.65 -7.56 70.41
CA SER L 603 86.29 -6.50 71.24
C SER L 603 87.65 -6.13 70.67
N PRO L 604 87.84 -4.90 70.18
CA PRO L 604 89.16 -4.47 69.70
C PRO L 604 90.24 -4.57 70.79
N ASP L 605 89.87 -4.35 72.06
CA ASP L 605 90.79 -4.47 73.22
C ASP L 605 91.40 -5.87 73.28
N PHE L 606 90.57 -6.91 73.21
CA PHE L 606 91.02 -8.32 73.30
C PHE L 606 91.84 -8.71 72.06
N VAL L 607 91.52 -8.14 70.90
CA VAL L 607 92.27 -8.38 69.63
C VAL L 607 93.67 -7.80 69.78
N ALA L 608 93.74 -6.56 70.29
CA ALA L 608 95.02 -5.85 70.51
C ALA L 608 95.83 -6.60 71.57
N ALA L 609 95.18 -6.99 72.67
CA ALA L 609 95.83 -7.72 73.80
C ALA L 609 96.46 -9.00 73.25
N THR L 610 95.73 -9.76 72.45
CA THR L 610 96.20 -11.06 71.90
C THR L 610 97.29 -10.77 70.86
N THR L 611 97.11 -9.73 70.04
CA THR L 611 98.10 -9.36 69.00
C THR L 611 99.38 -8.89 69.71
N ASN L 612 99.25 -8.13 70.80
CA ASN L 612 100.40 -7.58 71.56
C ASN L 612 101.07 -8.69 72.36
N ALA L 613 100.32 -9.73 72.74
CA ALA L 613 100.88 -10.93 73.41
C ALA L 613 101.77 -11.69 72.42
N GLY L 614 101.64 -11.38 71.11
CA GLY L 614 102.50 -11.87 70.03
C GLY L 614 101.89 -13.06 69.29
N TYR L 615 100.55 -13.08 69.17
CA TYR L 615 99.76 -14.21 68.62
C TYR L 615 98.72 -13.69 67.63
N THR L 616 98.57 -14.43 66.53
CA THR L 616 97.64 -14.10 65.42
C THR L 616 96.20 -14.26 65.93
N ILE L 617 95.36 -13.23 65.77
CA ILE L 617 93.91 -13.29 66.16
C ILE L 617 93.06 -12.70 65.03
N GLU L 618 91.82 -13.19 64.88
CA GLU L 618 90.82 -12.73 63.89
C GLU L 618 89.84 -11.76 64.59
N LEU L 619 89.70 -10.53 64.10
CA LEU L 619 88.63 -9.58 64.55
C LEU L 619 87.30 -10.05 63.97
N ALA L 620 86.29 -10.29 64.81
CA ALA L 620 85.02 -10.95 64.41
C ALA L 620 84.08 -9.95 63.73
N GLY L 621 83.82 -10.14 62.43
CA GLY L 621 82.83 -9.34 61.67
C GLY L 621 81.45 -9.51 62.26
N GLY L 622 81.20 -10.65 62.92
CA GLY L 622 79.94 -10.99 63.58
C GLY L 622 79.32 -9.82 64.35
N GLY L 623 80.13 -9.00 65.03
CA GLY L 623 79.63 -7.95 65.93
C GLY L 623 79.50 -6.59 65.27
N TYR L 624 79.58 -6.52 63.94
CA TYR L 624 79.57 -5.25 63.17
C TYR L 624 78.47 -5.29 62.10
N PHE L 625 77.88 -4.13 61.81
CA PHE L 625 76.65 -3.97 60.99
C PHE L 625 76.83 -2.92 59.91
N SER L 626 77.91 -2.14 59.92
CA SER L 626 78.24 -1.12 58.89
C SER L 626 79.74 -1.10 58.67
N ALA L 627 80.18 -0.60 57.51
CA ALA L 627 81.61 -0.33 57.23
C ALA L 627 82.17 0.63 58.30
N ALA L 628 81.39 1.65 58.66
CA ALA L 628 81.79 2.74 59.59
C ALA L 628 82.03 2.15 60.97
N GLY L 629 81.17 1.21 61.40
CA GLY L 629 81.24 0.58 62.72
C GLY L 629 82.53 -0.20 62.91
N MET L 630 82.88 -1.03 61.91
CA MET L 630 84.10 -1.88 61.93
C MET L 630 85.33 -0.99 61.73
N THR L 631 85.26 0.00 60.83
CA THR L 631 86.37 0.95 60.58
C THR L 631 86.81 1.57 61.91
N ALA L 632 85.86 1.89 62.79
CA ALA L 632 86.13 2.50 64.12
C ALA L 632 86.86 1.50 65.01
N ALA L 633 86.45 0.23 64.97
CA ALA L 633 87.01 -0.86 65.81
C ALA L 633 88.41 -1.22 65.32
N ILE L 634 88.58 -1.34 63.99
CA ILE L 634 89.91 -1.59 63.38
C ILE L 634 90.86 -0.46 63.82
N ASP L 635 90.44 0.79 63.67
CA ASP L 635 91.23 1.99 64.06
C ASP L 635 91.65 1.88 65.53
N SER L 636 90.75 1.43 66.40
CA SER L 636 91.04 1.21 67.85
C SER L 636 92.13 0.16 68.02
N VAL L 637 92.03 -0.98 67.31
CA VAL L 637 93.03 -2.08 67.37
C VAL L 637 94.38 -1.51 66.92
N VAL L 638 94.40 -0.85 65.76
CA VAL L 638 95.62 -0.28 65.16
C VAL L 638 96.27 0.64 66.19
N SER L 639 95.50 1.51 66.84
CA SER L 639 96.04 2.51 67.80
C SER L 639 96.66 1.80 69.02
N GLN L 640 96.29 0.55 69.32
CA GLN L 640 96.69 -0.14 70.58
C GLN L 640 97.85 -1.10 70.34
N ILE L 641 98.18 -1.44 69.09
CA ILE L 641 99.23 -2.46 68.77
C ILE L 641 100.51 -1.76 68.35
N GLU L 642 101.64 -2.45 68.47
CA GLU L 642 103.00 -1.96 68.14
C GLU L 642 103.11 -1.71 66.62
N LYS L 643 103.94 -0.77 66.20
CA LYS L 643 104.19 -0.49 64.77
C LYS L 643 104.63 -1.81 64.14
N GLY L 644 104.09 -2.16 62.96
CA GLY L 644 104.48 -3.36 62.21
C GLY L 644 103.81 -4.63 62.69
N SER L 645 102.90 -4.54 63.68
CA SER L 645 102.01 -5.65 64.11
C SER L 645 100.89 -5.77 63.09
N THR L 646 100.24 -6.94 63.07
CA THR L 646 99.07 -7.23 62.20
C THR L 646 98.05 -8.16 62.88
N PHE L 647 96.85 -8.13 62.35
CA PHE L 647 95.75 -9.02 62.76
C PHE L 647 94.93 -9.31 61.52
N GLY L 648 93.93 -10.18 61.66
CA GLY L 648 93.03 -10.57 60.57
C GLY L 648 91.59 -10.24 60.90
N ILE L 649 90.72 -10.46 59.92
CA ILE L 649 89.25 -10.25 60.02
C ILE L 649 88.55 -11.55 59.64
N ASN L 650 87.55 -11.94 60.43
CA ASN L 650 86.66 -13.10 60.16
C ASN L 650 85.30 -12.55 59.74
N LEU L 651 84.85 -12.88 58.52
CA LEU L 651 83.50 -12.56 57.99
C LEU L 651 82.74 -13.87 57.80
N ILE L 652 81.42 -13.84 57.99
CA ILE L 652 80.53 -15.04 57.88
C ILE L 652 79.98 -15.09 56.44
N TYR L 653 80.21 -16.18 55.71
CA TYR L 653 79.82 -16.32 54.29
C TYR L 653 78.29 -16.32 54.19
N VAL L 654 77.66 -16.98 55.16
CA VAL L 654 76.19 -17.17 55.28
C VAL L 654 75.48 -15.83 55.56
N ASN L 655 76.20 -14.72 55.73
CA ASN L 655 75.59 -13.40 56.07
C ASN L 655 75.90 -12.41 54.93
N PRO L 656 75.09 -12.40 53.85
CA PRO L 656 75.42 -11.62 52.65
C PRO L 656 75.50 -10.11 52.88
N PHE L 657 74.80 -9.59 53.88
CA PHE L 657 74.82 -8.13 54.16
C PHE L 657 76.20 -7.76 54.69
N MET L 658 76.78 -8.57 55.59
CA MET L 658 78.14 -8.34 56.17
C MET L 658 79.17 -8.36 55.04
N LEU L 659 79.09 -9.37 54.17
CA LEU L 659 79.98 -9.53 52.99
C LEU L 659 79.91 -8.29 52.09
N GLN L 660 78.74 -7.69 51.90
CA GLN L 660 78.59 -6.66 50.86
C GLN L 660 79.24 -5.35 51.31
N TRP L 661 79.26 -5.03 52.62
CA TRP L 661 79.98 -3.82 53.14
C TRP L 661 81.40 -4.19 53.54
N GLY L 662 81.59 -5.45 53.97
CA GLY L 662 82.85 -5.97 54.55
C GLY L 662 83.97 -6.13 53.53
N ILE L 663 83.69 -6.78 52.40
CA ILE L 663 84.73 -7.02 51.35
C ILE L 663 85.21 -5.69 50.79
N PRO L 664 84.34 -4.78 50.28
CA PRO L 664 84.81 -3.48 49.82
C PRO L 664 85.58 -2.69 50.89
N LEU L 665 85.20 -2.84 52.17
CA LEU L 665 85.88 -2.17 53.31
C LEU L 665 87.33 -2.66 53.36
N ILE L 666 87.51 -3.98 53.41
CA ILE L 666 88.87 -4.58 53.48
C ILE L 666 89.68 -4.00 52.31
N LYS L 667 89.15 -4.01 51.08
CA LYS L 667 89.88 -3.50 49.89
C LYS L 667 90.30 -2.05 50.11
N GLU L 668 89.36 -1.20 50.50
CA GLU L 668 89.59 0.26 50.74
C GLU L 668 90.71 0.41 51.79
N LEU L 669 90.54 -0.22 52.95
CA LEU L 669 91.48 -0.19 54.10
C LEU L 669 92.85 -0.72 53.66
N ARG L 670 92.86 -1.90 53.03
CA ARG L 670 94.07 -2.60 52.50
C ARG L 670 94.81 -1.63 51.58
N SER L 671 94.11 -0.85 50.76
CA SER L 671 94.73 0.06 49.77
C SER L 671 95.25 1.33 50.46
N LYS L 672 94.82 1.63 51.69
CA LYS L 672 95.42 2.72 52.49
C LYS L 672 96.54 2.14 53.36
N GLY L 673 96.85 0.86 53.16
CA GLY L 673 97.98 0.17 53.80
C GLY L 673 97.72 -0.22 55.23
N TYR L 674 96.47 -0.41 55.63
CA TYR L 674 96.10 -0.92 56.97
C TYR L 674 96.79 -2.26 57.21
N PRO L 675 97.19 -2.54 58.46
CA PRO L 675 97.92 -3.77 58.78
C PRO L 675 97.01 -5.01 58.93
N ILE L 676 96.12 -5.23 57.96
CA ILE L 676 95.32 -6.47 57.89
C ILE L 676 96.14 -7.48 57.08
N GLN L 677 96.53 -8.58 57.75
CA GLN L 677 97.43 -9.60 57.19
C GLN L 677 96.59 -10.55 56.34
N PHE L 678 95.39 -10.90 56.82
CA PHE L 678 94.57 -11.99 56.25
C PHE L 678 93.08 -11.79 56.53
N LEU L 679 92.28 -12.52 55.76
CA LEU L 679 90.81 -12.64 55.90
C LEU L 679 90.49 -14.12 56.08
N THR L 680 89.75 -14.48 57.12
CA THR L 680 89.21 -15.84 57.31
C THR L 680 87.70 -15.78 57.03
N ILE L 681 87.19 -16.68 56.19
CA ILE L 681 85.75 -16.81 55.87
C ILE L 681 85.20 -18.00 56.68
N GLY L 682 84.21 -17.73 57.53
CA GLY L 682 83.51 -18.72 58.36
C GLY L 682 82.13 -19.07 57.80
N ALA L 683 81.55 -20.15 58.32
CA ALA L 683 80.22 -20.69 57.94
C ALA L 683 80.19 -21.03 56.45
N GLY L 684 81.14 -21.87 56.00
CA GLY L 684 81.19 -22.42 54.63
C GLY L 684 82.12 -21.64 53.71
N VAL L 685 82.43 -22.25 52.56
CA VAL L 685 83.57 -21.90 51.66
C VAL L 685 83.04 -21.21 50.41
N PRO L 686 83.64 -20.09 49.96
CA PRO L 686 83.22 -19.43 48.73
C PRO L 686 83.40 -20.29 47.47
N SER L 687 82.72 -19.90 46.39
CA SER L 687 82.92 -20.45 45.02
C SER L 687 84.31 -20.01 44.53
N LEU L 688 84.85 -20.68 43.51
CA LEU L 688 86.17 -20.30 42.92
C LEU L 688 86.13 -18.84 42.48
N GLU L 689 85.04 -18.40 41.84
CA GLU L 689 84.95 -17.04 41.26
C GLU L 689 85.02 -16.00 42.39
N VAL L 690 84.39 -16.29 43.53
CA VAL L 690 84.30 -15.36 44.69
C VAL L 690 85.64 -15.37 45.42
N ALA L 691 86.21 -16.55 45.67
CA ALA L 691 87.57 -16.74 46.25
C ALA L 691 88.59 -15.98 45.38
N SER L 692 88.61 -16.28 44.09
CA SER L 692 89.48 -15.63 43.08
C SER L 692 89.42 -14.11 43.28
N GLU L 693 88.22 -13.58 43.51
CA GLU L 693 88.00 -12.14 43.78
C GLU L 693 88.77 -11.77 45.06
N TYR L 694 88.46 -12.40 46.20
CA TYR L 694 89.04 -12.08 47.53
C TYR L 694 90.58 -12.11 47.46
N ILE L 695 91.13 -13.11 46.76
CA ILE L 695 92.60 -13.33 46.63
C ILE L 695 93.24 -12.19 45.82
N GLU L 696 92.65 -11.79 44.69
CA GLU L 696 93.27 -10.85 43.72
C GLU L 696 92.92 -9.38 44.01
N THR L 697 91.76 -9.06 44.61
CA THR L 697 91.29 -7.66 44.82
C THR L 697 91.75 -7.08 46.16
N LEU L 698 91.77 -7.90 47.21
CA LEU L 698 92.05 -7.48 48.62
C LEU L 698 93.51 -7.80 48.89
N GLY L 699 94.39 -6.82 49.01
CA GLY L 699 95.84 -7.09 49.06
C GLY L 699 96.20 -7.91 50.29
N LEU L 700 95.69 -9.14 50.41
CA LEU L 700 95.84 -9.98 51.63
C LEU L 700 97.08 -10.84 51.46
N LYS L 701 97.74 -11.21 52.56
CA LYS L 701 98.99 -12.01 52.52
C LYS L 701 98.62 -13.51 52.61
N TYR L 702 97.47 -13.85 53.19
CA TYR L 702 96.87 -15.21 53.11
C TYR L 702 95.35 -15.13 53.24
N LEU L 703 94.66 -16.23 52.90
CA LEU L 703 93.19 -16.39 53.03
C LEU L 703 92.91 -17.61 53.91
N GLY L 704 92.10 -17.42 54.94
CA GLY L 704 91.63 -18.51 55.82
C GLY L 704 90.28 -19.03 55.38
N LEU L 705 90.14 -20.35 55.23
CA LEU L 705 88.84 -21.00 54.91
C LEU L 705 88.58 -22.05 55.99
N LYS L 706 87.31 -22.26 56.34
CA LYS L 706 86.90 -23.12 57.48
C LYS L 706 86.00 -24.22 56.95
N PRO L 707 86.46 -25.12 56.06
CA PRO L 707 85.62 -26.18 55.54
C PRO L 707 85.15 -27.09 56.69
N GLY L 708 83.92 -27.57 56.61
CA GLY L 708 83.25 -28.33 57.68
C GLY L 708 83.09 -29.80 57.35
N SER L 709 83.17 -30.17 56.06
CA SER L 709 82.96 -31.54 55.53
C SER L 709 84.03 -31.89 54.51
N ILE L 710 84.08 -33.16 54.09
CA ILE L 710 85.01 -33.68 53.04
C ILE L 710 84.79 -32.89 51.75
N ASP L 711 83.53 -32.60 51.38
CA ASP L 711 83.20 -31.82 50.17
C ASP L 711 83.78 -30.42 50.25
N ALA L 712 83.65 -29.77 51.42
CA ALA L 712 84.14 -28.40 51.66
C ALA L 712 85.66 -28.37 51.54
N ILE L 713 86.34 -29.41 52.03
CA ILE L 713 87.83 -29.51 51.94
C ILE L 713 88.23 -29.54 50.45
N SER L 714 87.50 -30.29 49.62
CA SER L 714 87.76 -30.37 48.16
C SER L 714 87.61 -28.98 47.53
N GLN L 715 86.63 -28.21 47.98
CA GLN L 715 86.36 -26.84 47.45
C GLN L 715 87.57 -25.96 47.79
N VAL L 716 88.13 -26.11 49.01
CA VAL L 716 89.34 -25.36 49.46
C VAL L 716 90.52 -25.73 48.56
N ILE L 717 90.71 -27.03 48.31
CA ILE L 717 91.80 -27.55 47.44
C ILE L 717 91.68 -26.91 46.05
N ASN L 718 90.48 -26.88 45.47
CA ASN L 718 90.25 -26.34 44.11
C ASN L 718 90.58 -24.85 44.08
N ILE L 719 90.42 -24.15 45.20
CA ILE L 719 90.74 -22.70 45.32
C ILE L 719 92.27 -22.57 45.31
N ALA L 720 92.95 -23.46 46.04
CA ALA L 720 94.43 -23.49 46.16
C ALA L 720 95.04 -23.86 44.81
N LYS L 721 94.54 -24.94 44.19
CA LYS L 721 94.87 -25.40 42.81
C LYS L 721 94.93 -24.18 41.88
N ALA L 722 93.94 -23.29 42.00
CA ALA L 722 93.67 -22.18 41.07
C ALA L 722 94.56 -20.96 41.36
N HIS L 723 95.20 -20.90 42.53
CA HIS L 723 96.13 -19.82 42.91
C HIS L 723 97.31 -20.43 43.65
N PRO L 724 98.16 -21.20 42.95
CA PRO L 724 99.04 -22.17 43.61
C PRO L 724 100.20 -21.47 44.36
N ASN L 725 100.40 -20.18 44.12
CA ASN L 725 101.44 -19.34 44.78
C ASN L 725 100.81 -18.46 45.86
N PHE L 726 99.54 -18.63 46.19
CA PHE L 726 98.88 -17.83 47.24
C PHE L 726 98.65 -18.71 48.46
N PRO L 727 99.02 -18.25 49.66
CA PRO L 727 98.84 -19.05 50.87
C PRO L 727 97.37 -19.17 51.31
N ILE L 728 96.90 -20.40 51.48
CA ILE L 728 95.55 -20.72 52.04
C ILE L 728 95.73 -21.36 53.41
N ALA L 729 95.19 -20.75 54.45
CA ALA L 729 95.09 -21.34 55.80
C ALA L 729 93.79 -22.16 55.85
N LEU L 730 93.89 -23.46 55.65
CA LEU L 730 92.72 -24.38 55.73
C LEU L 730 92.55 -24.73 57.21
N GLN L 731 91.60 -24.06 57.87
CA GLN L 731 91.29 -24.24 59.31
C GLN L 731 90.29 -25.40 59.44
N TRP L 732 90.79 -26.62 59.62
CA TRP L 732 89.92 -27.80 59.83
C TRP L 732 89.38 -27.78 61.27
N THR L 733 88.11 -28.14 61.42
CA THR L 733 87.30 -27.93 62.64
C THR L 733 86.32 -29.08 62.75
N GLY L 734 86.16 -29.65 63.96
CA GLY L 734 85.22 -30.76 64.21
C GLY L 734 83.83 -30.26 64.59
N GLY L 735 82.88 -31.18 64.72
CA GLY L 735 81.56 -30.89 65.30
C GLY L 735 81.70 -30.58 66.79
N ARG L 736 82.75 -31.11 67.42
CA ARG L 736 83.07 -30.93 68.86
C ARG L 736 83.47 -29.47 69.16
N GLY L 737 83.58 -28.64 68.12
CA GLY L 737 83.86 -27.20 68.23
C GLY L 737 82.80 -26.47 69.02
N GLY L 738 83.12 -25.28 69.55
CA GLY L 738 82.18 -24.39 70.24
C GLY L 738 81.48 -23.48 69.24
N GLY L 739 80.32 -22.94 69.63
CA GLY L 739 79.48 -22.07 68.79
C GLY L 739 78.83 -22.87 67.67
N HIS L 740 78.55 -22.24 66.52
N HIS L 740 78.59 -22.23 66.52
CA HIS L 740 78.00 -22.88 65.30
CA HIS L 740 78.10 -22.89 65.27
C HIS L 740 78.94 -24.06 64.94
C HIS L 740 78.99 -24.10 65.05
N HIS L 741 78.41 -25.28 64.82
CA HIS L 741 79.22 -26.52 64.63
C HIS L 741 78.61 -27.46 63.59
N SER L 742 79.44 -28.33 63.01
CA SER L 742 79.09 -29.36 62.01
C SER L 742 78.60 -30.61 62.73
N PHE L 743 78.31 -31.69 62.00
CA PHE L 743 77.91 -33.00 62.56
C PHE L 743 79.07 -33.98 62.46
N GLU L 744 80.23 -33.51 61.96
CA GLU L 744 81.41 -34.32 61.51
C GLU L 744 82.31 -34.72 62.69
N ASP L 745 82.87 -35.93 62.64
CA ASP L 745 83.99 -36.36 63.52
C ASP L 745 85.20 -35.48 63.19
N ALA L 746 86.07 -35.23 64.17
CA ALA L 746 87.26 -34.37 64.04
C ALA L 746 88.39 -35.09 63.26
N HIS L 747 88.39 -36.42 63.20
CA HIS L 747 89.56 -37.23 62.73
C HIS L 747 89.34 -37.77 61.32
N THR L 748 88.23 -38.49 61.09
CA THR L 748 87.97 -39.22 59.82
C THR L 748 88.20 -38.32 58.61
N PRO L 749 87.62 -37.09 58.56
CA PRO L 749 87.78 -36.22 57.41
C PRO L 749 89.25 -35.91 57.09
N MET L 750 90.09 -35.78 58.12
CA MET L 750 91.54 -35.49 57.96
C MET L 750 92.26 -36.75 57.48
N LEU L 751 91.95 -37.92 58.07
CA LEU L 751 92.50 -39.22 57.59
C LEU L 751 92.21 -39.35 56.09
N GLN L 752 90.99 -39.03 55.64
CA GLN L 752 90.57 -39.19 54.22
C GLN L 752 91.28 -38.18 53.32
N MET L 753 91.50 -36.96 53.78
CA MET L 753 91.85 -35.83 52.87
C MET L 753 93.32 -35.40 53.02
N TYR L 754 93.99 -35.73 54.12
CA TYR L 754 95.36 -35.24 54.43
C TYR L 754 96.26 -35.33 53.20
N SER L 755 96.32 -36.52 52.58
CA SER L 755 97.19 -36.79 51.41
C SER L 755 96.88 -35.78 50.31
N LYS L 756 95.61 -35.57 49.99
CA LYS L 756 95.17 -34.67 48.88
C LYS L 756 95.51 -33.22 49.24
N ILE L 757 95.46 -32.85 50.53
CA ILE L 757 95.73 -31.47 51.00
C ILE L 757 97.22 -31.19 50.75
N ARG L 758 98.08 -32.14 51.11
CA ARG L 758 99.55 -32.02 51.07
C ARG L 758 100.08 -32.09 49.63
N ARG L 759 99.24 -32.42 48.66
CA ARG L 759 99.62 -32.34 47.21
C ARG L 759 99.67 -30.87 46.80
N HIS L 760 99.28 -29.93 47.66
CA HIS L 760 99.23 -28.47 47.34
C HIS L 760 100.07 -27.69 48.34
N PRO L 761 101.33 -27.38 48.00
CA PRO L 761 102.26 -26.71 48.92
C PRO L 761 101.70 -25.46 49.60
N ASN L 762 100.81 -24.73 48.91
CA ASN L 762 100.32 -23.39 49.34
C ASN L 762 99.27 -23.52 50.44
N ILE L 763 98.77 -24.73 50.72
CA ILE L 763 97.79 -24.93 51.83
C ILE L 763 98.56 -25.12 53.14
N MET L 764 98.32 -24.24 54.11
CA MET L 764 98.86 -24.32 55.49
C MET L 764 97.77 -24.93 56.36
N LEU L 765 97.94 -26.18 56.76
CA LEU L 765 96.85 -27.00 57.32
C LEU L 765 96.81 -26.83 58.84
N ILE L 766 95.74 -26.24 59.35
CA ILE L 766 95.60 -25.90 60.80
C ILE L 766 94.46 -26.74 61.39
N PHE L 767 94.67 -27.28 62.59
CA PHE L 767 93.71 -28.14 63.30
C PHE L 767 93.07 -27.34 64.43
N GLY L 768 91.75 -27.29 64.47
CA GLY L 768 90.97 -26.60 65.52
C GLY L 768 89.93 -27.50 66.13
N SER L 769 89.45 -27.14 67.33
CA SER L 769 88.27 -27.72 68.03
C SER L 769 88.72 -28.68 69.11
N GLY L 770 88.32 -28.43 70.36
CA GLY L 770 88.57 -29.30 71.51
C GLY L 770 89.97 -29.15 72.09
N PHE L 771 90.77 -28.22 71.57
CA PHE L 771 92.17 -28.04 72.00
C PHE L 771 92.23 -26.97 73.10
N GLY L 772 93.16 -27.17 74.05
CA GLY L 772 93.29 -26.35 75.25
C GLY L 772 94.71 -26.23 75.78
N SER L 773 95.62 -27.13 75.42
CA SER L 773 96.98 -27.18 76.02
C SER L 773 98.01 -27.68 75.01
N ALA L 774 99.28 -27.63 75.41
CA ALA L 774 100.42 -28.20 74.68
C ALA L 774 100.29 -29.72 74.61
N ASP L 775 99.78 -30.36 75.67
CA ASP L 775 99.76 -31.83 75.85
C ASP L 775 98.81 -32.49 74.83
N ASP L 776 97.56 -32.04 74.75
CA ASP L 776 96.49 -32.66 73.93
C ASP L 776 96.75 -32.36 72.44
N THR L 777 97.41 -31.24 72.17
CA THR L 777 97.62 -30.65 70.84
C THR L 777 98.89 -31.23 70.21
N TYR L 778 99.86 -31.65 71.02
CA TYR L 778 101.23 -32.03 70.58
C TYR L 778 101.19 -33.21 69.62
N PRO L 779 100.44 -34.31 69.88
CA PRO L 779 100.44 -35.47 68.98
C PRO L 779 100.00 -35.11 67.56
N TYR L 780 99.36 -33.96 67.35
CA TYR L 780 98.91 -33.50 66.01
C TYR L 780 100.05 -32.71 65.35
N LEU L 781 100.92 -32.11 66.14
CA LEU L 781 102.11 -31.36 65.64
C LEU L 781 103.16 -32.37 65.17
N THR L 782 103.42 -33.39 66.01
CA THR L 782 104.31 -34.57 65.74
C THR L 782 103.80 -35.33 64.51
N GLY L 783 102.48 -35.50 64.42
CA GLY L 783 101.82 -36.35 63.42
C GLY L 783 101.56 -37.75 63.95
N GLU L 784 101.89 -38.01 65.21
CA GLU L 784 101.79 -39.37 65.81
C GLU L 784 100.31 -39.70 66.07
N TRP L 785 99.42 -38.71 65.99
CA TRP L 785 97.97 -38.89 66.24
C TRP L 785 97.42 -39.97 65.30
N SER L 786 97.77 -39.94 64.00
CA SER L 786 97.20 -40.82 62.95
C SER L 786 97.71 -42.26 63.10
N THR L 787 98.78 -42.49 63.87
CA THR L 787 99.29 -43.82 64.29
C THR L 787 98.18 -44.66 64.91
N LYS L 788 97.44 -44.09 65.86
CA LYS L 788 96.30 -44.76 66.57
C LYS L 788 95.39 -45.45 65.54
N PHE L 789 95.24 -44.89 64.33
CA PHE L 789 94.30 -45.40 63.28
C PHE L 789 95.02 -46.22 62.18
N ASP L 790 96.23 -46.74 62.43
CA ASP L 790 97.05 -47.55 61.47
C ASP L 790 97.25 -46.81 60.14
N TYR L 791 97.35 -45.47 60.21
CA TYR L 791 97.81 -44.59 59.11
C TYR L 791 99.23 -44.13 59.44
N PRO L 792 100.02 -43.72 58.41
CA PRO L 792 101.32 -43.11 58.68
C PRO L 792 101.17 -41.82 59.46
N PRO L 793 102.25 -41.31 60.09
CA PRO L 793 102.19 -40.01 60.76
C PRO L 793 101.73 -38.87 59.81
N MET L 794 100.93 -37.94 60.33
CA MET L 794 100.32 -36.82 59.56
C MET L 794 100.46 -35.49 60.31
N PRO L 795 101.66 -34.88 60.40
CA PRO L 795 101.82 -33.67 61.18
C PRO L 795 101.08 -32.46 60.59
N PHE L 796 100.60 -31.57 61.47
CA PHE L 796 99.83 -30.35 61.17
C PHE L 796 100.70 -29.11 61.38
N ASP L 797 100.37 -28.03 60.68
CA ASP L 797 101.20 -26.81 60.59
C ASP L 797 100.84 -25.83 61.71
N GLY L 798 99.71 -26.01 62.38
CA GLY L 798 99.22 -25.02 63.35
C GLY L 798 97.98 -25.47 64.09
N PHE L 799 97.45 -24.61 64.95
CA PHE L 799 96.29 -24.89 65.83
C PHE L 799 95.54 -23.60 66.15
N LEU L 800 94.23 -23.74 66.38
CA LEU L 800 93.38 -22.63 66.85
C LEU L 800 92.61 -23.05 68.10
N PHE L 801 92.51 -22.12 69.05
CA PHE L 801 91.88 -22.30 70.37
C PHE L 801 90.75 -21.27 70.50
N GLY L 802 89.52 -21.75 70.42
CA GLY L 802 88.34 -20.88 70.54
C GLY L 802 87.90 -20.81 71.98
N SER L 803 87.21 -21.86 72.41
CA SER L 803 86.60 -22.02 73.76
C SER L 803 87.67 -21.79 74.84
N ARG L 804 88.88 -22.36 74.69
CA ARG L 804 89.97 -22.33 75.72
C ARG L 804 90.23 -20.90 76.22
N VAL L 805 90.07 -19.93 75.34
CA VAL L 805 90.53 -18.52 75.50
C VAL L 805 89.44 -17.65 76.15
N MET L 806 88.22 -18.16 76.31
CA MET L 806 87.01 -17.37 76.62
C MET L 806 87.00 -16.86 78.07
N ILE L 807 87.94 -17.31 78.89
CA ILE L 807 88.03 -16.94 80.31
C ILE L 807 89.35 -16.20 80.56
N ALA L 808 90.11 -15.88 79.50
CA ALA L 808 91.29 -14.99 79.54
C ALA L 808 90.94 -13.71 80.31
N LYS L 809 91.92 -13.06 80.92
CA LYS L 809 91.68 -11.81 81.67
C LYS L 809 91.10 -10.75 80.73
N GLU L 810 91.63 -10.63 79.52
CA GLU L 810 91.38 -9.42 78.69
C GLU L 810 90.21 -9.64 77.71
N VAL L 811 89.56 -10.83 77.68
CA VAL L 811 88.21 -10.96 77.03
C VAL L 811 87.17 -10.27 77.90
N LYS L 812 86.06 -9.85 77.30
CA LYS L 812 85.02 -9.02 77.95
C LYS L 812 83.96 -9.91 78.60
N THR L 813 84.11 -11.24 78.51
CA THR L 813 83.21 -12.22 79.17
C THR L 813 82.99 -11.75 80.61
N SER L 814 81.74 -11.59 81.02
CA SER L 814 81.37 -11.06 82.37
C SER L 814 81.94 -11.96 83.46
N PRO L 815 82.34 -11.37 84.62
CA PRO L 815 82.87 -12.15 85.74
C PRO L 815 82.11 -13.44 86.06
N ASP L 816 80.79 -13.38 86.16
CA ASP L 816 79.95 -14.56 86.52
C ASP L 816 79.89 -15.52 85.33
N ALA L 817 80.04 -15.02 84.11
CA ALA L 817 80.04 -15.84 82.88
C ALA L 817 81.30 -16.69 82.85
N LYS L 818 82.45 -16.11 83.23
CA LYS L 818 83.75 -16.83 83.31
C LYS L 818 83.65 -17.95 84.34
N LYS L 819 83.05 -17.64 85.50
CA LYS L 819 82.79 -18.63 86.60
C LYS L 819 81.99 -19.81 86.04
N CYS L 820 80.95 -19.52 85.25
CA CYS L 820 80.01 -20.50 84.66
C CYS L 820 80.72 -21.37 83.62
N ILE L 821 81.55 -20.75 82.77
CA ILE L 821 82.39 -21.43 81.74
C ILE L 821 83.36 -22.36 82.44
N ALA L 822 84.02 -21.84 83.47
CA ALA L 822 85.06 -22.53 84.25
C ALA L 822 84.49 -23.83 84.83
N ALA L 823 83.32 -23.73 85.47
CA ALA L 823 82.67 -24.85 86.21
C ALA L 823 82.27 -25.96 85.24
N CYS L 824 82.22 -25.71 83.93
CA CYS L 824 81.93 -26.76 82.93
C CYS L 824 83.10 -27.73 82.91
N THR L 825 82.90 -28.91 83.49
CA THR L 825 83.82 -30.07 83.30
C THR L 825 83.62 -30.39 81.83
N GLY L 826 84.67 -30.50 81.03
CA GLY L 826 84.42 -30.85 79.63
C GLY L 826 83.88 -32.27 79.52
N VAL L 827 83.99 -32.85 78.34
CA VAL L 827 83.90 -34.31 78.13
C VAL L 827 84.97 -34.72 77.12
N PRO L 828 85.50 -35.96 77.15
CA PRO L 828 86.41 -36.43 76.10
C PRO L 828 85.76 -36.52 74.71
N ASP L 829 86.56 -36.55 73.63
CA ASP L 829 86.06 -36.58 72.22
C ASP L 829 85.07 -37.74 72.00
N ASP L 830 85.25 -38.87 72.67
CA ASP L 830 84.42 -40.09 72.46
C ASP L 830 83.00 -39.88 73.01
N LYS L 831 82.70 -38.79 73.73
CA LYS L 831 81.35 -38.58 74.33
C LYS L 831 80.73 -37.26 73.85
N TRP L 832 81.38 -36.52 72.94
CA TRP L 832 81.00 -35.11 72.64
C TRP L 832 79.59 -35.06 72.03
N GLU L 833 79.21 -36.09 71.27
CA GLU L 833 77.96 -36.09 70.47
C GLU L 833 76.72 -36.19 71.36
N GLN L 834 76.89 -36.51 72.65
CA GLN L 834 75.76 -36.58 73.61
C GLN L 834 75.14 -35.18 73.81
N THR L 835 75.81 -34.12 73.36
CA THR L 835 75.29 -32.72 73.45
C THR L 835 73.97 -32.61 72.69
N TYR L 836 73.77 -33.42 71.63
CA TYR L 836 72.53 -33.41 70.80
C TYR L 836 71.33 -33.74 71.69
N LYS L 837 71.48 -34.67 72.64
CA LYS L 837 70.36 -35.20 73.47
C LYS L 837 70.25 -34.40 74.78
N LYS L 838 71.30 -34.31 75.56
CA LYS L 838 71.24 -33.79 76.96
C LYS L 838 72.50 -32.97 77.28
N PRO L 839 72.50 -32.23 78.41
CA PRO L 839 73.72 -31.55 78.87
C PRO L 839 74.86 -32.56 79.05
N THR L 840 76.01 -32.26 78.46
CA THR L 840 77.20 -33.13 78.39
C THR L 840 78.43 -32.29 78.72
N GLY L 841 79.03 -32.51 79.89
CA GLY L 841 80.08 -31.63 80.44
C GLY L 841 79.54 -30.24 80.74
N GLY L 842 78.22 -30.10 80.88
CA GLY L 842 77.53 -28.80 81.07
C GLY L 842 77.38 -28.03 79.77
N ILE L 843 77.44 -28.70 78.61
CA ILE L 843 77.22 -28.14 77.24
C ILE L 843 76.09 -28.92 76.55
N VAL L 844 75.19 -28.22 75.85
CA VAL L 844 74.18 -28.82 74.92
C VAL L 844 74.38 -28.19 73.55
N THR L 845 73.89 -28.88 72.52
CA THR L 845 73.68 -28.26 71.18
C THR L 845 72.19 -27.93 71.08
N VAL L 846 71.85 -27.04 70.15
CA VAL L 846 70.65 -26.15 70.20
C VAL L 846 70.57 -25.43 68.84
N ARG L 847 69.38 -25.22 68.28
CA ARG L 847 69.24 -24.72 66.88
C ARG L 847 69.19 -23.19 66.89
N SER L 848 69.90 -22.55 65.94
CA SER L 848 69.81 -21.09 65.65
C SER L 848 68.46 -20.80 65.01
N GLU L 849 68.11 -19.53 64.77
CA GLU L 849 66.82 -19.12 64.15
C GLU L 849 66.74 -19.73 62.74
N MET L 850 67.88 -20.00 62.09
CA MET L 850 68.01 -20.61 60.74
C MET L 850 68.08 -22.15 60.85
N GLY L 851 68.24 -22.73 62.05
CA GLY L 851 68.19 -24.19 62.26
C GLY L 851 69.57 -24.87 62.27
N GLU L 852 70.67 -24.12 62.08
CA GLU L 852 72.06 -24.63 62.21
C GLU L 852 72.35 -24.95 63.68
N PRO L 853 73.13 -26.01 64.01
CA PRO L 853 73.36 -26.37 65.41
C PRO L 853 74.42 -25.46 66.05
N ILE L 854 74.29 -25.20 67.36
CA ILE L 854 75.20 -24.33 68.16
C ILE L 854 75.50 -25.03 69.49
N HIS L 855 76.78 -25.16 69.84
CA HIS L 855 77.23 -25.63 71.17
C HIS L 855 77.20 -24.43 72.14
N LYS L 856 76.30 -24.48 73.11
CA LYS L 856 76.14 -23.45 74.16
C LYS L 856 76.25 -24.14 75.53
N ILE L 857 76.62 -23.40 76.56
CA ILE L 857 76.57 -23.88 77.97
C ILE L 857 75.09 -24.02 78.33
N ALA L 858 74.76 -25.14 78.97
CA ALA L 858 73.39 -25.58 79.32
C ALA L 858 72.84 -24.79 80.51
N THR L 859 72.86 -23.46 80.43
CA THR L 859 72.20 -22.54 81.40
C THR L 859 70.70 -22.81 81.39
N ARG L 860 69.95 -22.32 82.39
CA ARG L 860 68.46 -22.43 82.43
C ARG L 860 67.88 -21.88 81.13
N GLY L 861 68.36 -20.70 80.70
CA GLY L 861 67.90 -20.01 79.47
C GLY L 861 68.09 -20.88 78.24
N VAL L 862 69.26 -21.51 78.10
CA VAL L 862 69.59 -22.34 76.92
C VAL L 862 68.77 -23.64 76.96
N MET L 863 68.47 -24.15 78.16
CA MET L 863 67.65 -25.38 78.34
C MET L 863 66.19 -25.07 77.98
N LEU L 864 65.73 -23.85 78.24
CA LEU L 864 64.39 -23.39 77.79
C LEU L 864 64.40 -23.31 76.26
N TRP L 865 65.40 -22.62 75.70
CA TRP L 865 65.66 -22.54 74.24
C TRP L 865 65.60 -23.94 73.63
N LYS L 866 66.22 -24.92 74.28
CA LYS L 866 66.24 -26.32 73.79
C LYS L 866 64.80 -26.87 73.78
N GLU L 867 64.10 -26.78 74.92
CA GLU L 867 62.69 -27.25 75.06
C GLU L 867 61.85 -26.64 73.93
N PHE L 868 61.96 -25.32 73.70
CA PHE L 868 61.18 -24.58 72.68
C PHE L 868 61.57 -25.04 71.27
N ASP L 869 62.83 -25.43 71.04
CA ASP L 869 63.27 -26.05 69.75
C ASP L 869 62.47 -27.33 69.52
N GLU L 870 62.31 -28.15 70.56
CA GLU L 870 61.75 -29.54 70.50
C GLU L 870 60.21 -29.52 70.57
N THR L 871 59.60 -28.36 70.85
CA THR L 871 58.21 -28.24 71.38
C THR L 871 57.37 -27.25 70.58
N ILE L 872 57.96 -26.19 70.02
CA ILE L 872 57.24 -25.02 69.45
C ILE L 872 57.80 -24.68 68.07
N PHE L 873 59.11 -24.46 67.96
CA PHE L 873 59.77 -23.93 66.75
C PHE L 873 59.85 -25.00 65.66
N ASN L 874 59.59 -26.27 66.02
CA ASN L 874 59.57 -27.42 65.08
C ASN L 874 58.16 -27.67 64.54
N LEU L 875 57.12 -27.09 65.15
CA LEU L 875 55.71 -27.33 64.77
C LEU L 875 55.45 -26.75 63.39
N PRO L 876 54.58 -27.38 62.57
CA PRO L 876 54.17 -26.78 61.30
C PRO L 876 53.38 -25.48 61.56
N LYS L 877 53.69 -24.43 60.78
CA LYS L 877 53.16 -23.03 60.87
C LYS L 877 51.68 -23.00 61.31
N ASN L 878 50.85 -23.91 60.79
CA ASN L 878 49.39 -23.97 61.08
C ASN L 878 49.15 -24.36 62.55
N LYS L 879 50.11 -25.02 63.23
CA LYS L 879 49.98 -25.46 64.65
C LYS L 879 50.74 -24.53 65.61
N LEU L 880 51.47 -23.54 65.10
CA LEU L 880 52.33 -22.64 65.92
C LEU L 880 51.42 -21.85 66.88
N VAL L 881 50.52 -21.05 66.33
CA VAL L 881 49.76 -20.02 67.10
C VAL L 881 48.85 -20.72 68.13
N PRO L 882 48.11 -21.80 67.76
CA PRO L 882 47.36 -22.58 68.74
C PRO L 882 48.15 -23.09 69.97
N THR L 883 49.39 -23.58 69.76
CA THR L 883 50.27 -24.07 70.86
C THR L 883 50.69 -22.88 71.74
N LEU L 884 51.00 -21.75 71.11
CA LEU L 884 51.38 -20.50 71.83
C LEU L 884 50.23 -20.10 72.76
N GLU L 885 48.98 -20.17 72.28
CA GLU L 885 47.78 -19.72 73.07
C GLU L 885 47.54 -20.71 74.21
N ALA L 886 47.71 -22.01 73.94
CA ALA L 886 47.49 -23.11 74.90
C ALA L 886 48.49 -23.03 76.04
N LYS L 887 49.78 -22.77 75.73
CA LYS L 887 50.89 -22.78 76.71
C LYS L 887 51.25 -21.34 77.12
N ARG L 888 50.40 -20.36 76.77
CA ARG L 888 50.65 -18.91 76.97
C ARG L 888 51.19 -18.66 78.38
N ASP L 889 50.48 -19.10 79.41
CA ASP L 889 50.82 -18.78 80.82
C ASP L 889 52.14 -19.46 81.20
N TYR L 890 52.36 -20.68 80.72
CA TYR L 890 53.60 -21.48 80.97
C TYR L 890 54.80 -20.79 80.32
N ILE L 891 54.68 -20.42 79.04
CA ILE L 891 55.75 -19.74 78.24
C ILE L 891 56.16 -18.45 78.97
N ILE L 892 55.20 -17.60 79.30
CA ILE L 892 55.44 -16.33 80.05
C ILE L 892 56.17 -16.66 81.35
N SER L 893 55.72 -17.68 82.07
CA SER L 893 56.29 -18.07 83.38
C SER L 893 57.79 -18.37 83.23
N ARG L 894 58.16 -19.07 82.15
CA ARG L 894 59.53 -19.60 81.91
C ARG L 894 60.44 -18.49 81.38
N LEU L 895 59.95 -17.70 80.42
CA LEU L 895 60.65 -16.48 79.98
C LEU L 895 61.04 -15.68 81.24
N ASN L 896 60.10 -15.44 82.14
CA ASN L 896 60.31 -14.55 83.32
C ASN L 896 61.34 -15.20 84.27
N ALA L 897 61.21 -16.49 84.54
CA ALA L 897 62.05 -17.24 85.48
C ALA L 897 63.47 -17.42 84.91
N ASP L 898 63.61 -17.78 83.63
CA ASP L 898 64.79 -18.52 83.12
C ASP L 898 65.49 -17.89 81.90
N PHE L 899 64.97 -16.85 81.26
CA PHE L 899 65.52 -16.43 79.94
C PHE L 899 66.02 -14.99 79.98
N GLN L 900 66.91 -14.65 79.05
CA GLN L 900 67.64 -13.36 79.02
C GLN L 900 66.75 -12.29 78.41
N LYS L 901 65.66 -12.69 77.75
CA LYS L 901 64.56 -11.80 77.30
C LYS L 901 63.31 -12.17 78.09
N PRO L 902 62.99 -11.43 79.17
CA PRO L 902 61.80 -11.75 79.97
C PRO L 902 60.56 -11.37 79.16
N TRP L 903 59.39 -11.77 79.66
CA TRP L 903 58.08 -11.32 79.12
C TRP L 903 57.92 -9.84 79.48
N PHE L 904 57.83 -8.93 78.51
CA PHE L 904 57.83 -7.48 78.78
C PHE L 904 56.70 -7.15 79.76
N ALA L 905 55.50 -7.63 79.44
CA ALA L 905 54.25 -7.22 80.11
C ALA L 905 54.07 -8.01 81.40
N THR L 906 54.97 -7.81 82.34
CA THR L 906 54.81 -8.36 83.70
C THR L 906 55.18 -7.25 84.70
N VAL L 907 54.22 -6.92 85.56
CA VAL L 907 54.22 -5.75 86.45
C VAL L 907 54.23 -6.26 87.89
N ASN L 908 55.27 -5.92 88.66
CA ASN L 908 55.38 -6.34 90.07
C ASN L 908 55.26 -7.86 90.14
N GLY L 909 55.93 -8.56 89.23
CA GLY L 909 56.00 -10.03 89.16
C GLY L 909 54.67 -10.68 88.78
N GLN L 910 53.69 -9.93 88.31
CA GLN L 910 52.37 -10.46 87.89
C GLN L 910 52.27 -10.37 86.37
N ALA L 911 51.98 -11.48 85.69
CA ALA L 911 51.87 -11.55 84.21
C ALA L 911 50.72 -10.68 83.71
N ARG L 912 50.92 -9.96 82.61
CA ARG L 912 49.88 -9.14 81.94
C ARG L 912 50.03 -9.31 80.44
N ASP L 913 49.42 -8.45 79.64
CA ASP L 913 49.74 -8.22 78.22
C ASP L 913 49.89 -6.71 78.06
N LEU L 914 50.58 -6.24 77.03
CA LEU L 914 50.57 -4.82 76.60
C LEU L 914 49.17 -4.21 76.80
N ALA L 915 48.11 -4.94 76.41
CA ALA L 915 46.74 -4.41 76.35
C ALA L 915 46.15 -4.18 77.75
N THR L 916 46.76 -4.76 78.81
CA THR L 916 46.25 -4.75 80.21
C THR L 916 47.29 -4.14 81.16
N MET L 917 48.20 -3.33 80.61
CA MET L 917 49.15 -2.46 81.35
C MET L 917 48.76 -1.01 81.11
N THR L 918 48.91 -0.15 82.12
CA THR L 918 48.67 1.30 81.97
C THR L 918 49.88 1.93 81.28
N TYR L 919 49.70 3.11 80.72
CA TYR L 919 50.78 3.88 80.07
C TYR L 919 51.94 3.99 81.08
N GLU L 920 51.62 4.27 82.35
CA GLU L 920 52.63 4.42 83.42
C GLU L 920 53.37 3.08 83.61
N GLU L 921 52.64 1.98 83.73
CA GLU L 921 53.24 0.64 84.00
C GLU L 921 54.25 0.31 82.90
N VAL L 922 53.94 0.67 81.65
CA VAL L 922 54.79 0.41 80.45
C VAL L 922 56.06 1.27 80.56
N ALA L 923 55.92 2.58 80.74
CA ALA L 923 57.06 3.51 80.88
C ALA L 923 58.01 2.99 81.96
N LYS L 924 57.46 2.55 83.09
CA LYS L 924 58.27 2.10 84.25
C LYS L 924 58.98 0.80 83.92
N ARG L 925 58.29 -0.09 83.21
CA ARG L 925 58.83 -1.41 82.80
C ARG L 925 59.97 -1.22 81.79
N LEU L 926 59.87 -0.24 80.91
CA LEU L 926 60.95 0.06 79.92
C LEU L 926 62.20 0.47 80.69
N VAL L 927 62.06 1.31 81.70
CA VAL L 927 63.18 1.80 82.54
C VAL L 927 63.73 0.60 83.33
N GLU L 928 62.84 -0.26 83.84
CA GLU L 928 63.24 -1.43 84.66
C GLU L 928 64.18 -2.34 83.86
N LEU L 929 63.98 -2.47 82.55
CA LEU L 929 64.67 -3.50 81.73
C LEU L 929 65.80 -2.89 80.90
N MET L 930 65.78 -1.58 80.65
CA MET L 930 66.68 -0.92 79.65
C MET L 930 67.65 0.04 80.34
N PHE L 931 67.30 0.57 81.51
CA PHE L 931 68.15 1.53 82.24
C PHE L 931 68.90 0.78 83.35
N ILE L 932 70.22 0.78 83.29
CA ILE L 932 71.12 0.03 84.24
C ILE L 932 71.40 0.93 85.44
N ARG L 933 70.83 0.59 86.62
CA ARG L 933 71.02 1.37 87.87
C ARG L 933 72.51 1.40 88.21
N SER L 934 73.16 0.23 88.22
CA SER L 934 74.57 0.03 88.64
C SER L 934 75.52 0.99 87.91
N THR L 935 75.27 1.32 86.64
CA THR L 935 76.12 2.22 85.81
C THR L 935 75.44 3.58 85.63
N ASN L 936 74.24 3.76 86.19
CA ASN L 936 73.40 4.97 86.12
C ASN L 936 73.31 5.50 84.68
N SER L 937 73.00 4.63 83.72
CA SER L 937 72.93 4.99 82.28
C SER L 937 72.02 4.01 81.53
N TRP L 938 71.53 4.45 80.37
CA TRP L 938 70.78 3.58 79.44
C TRP L 938 71.78 2.63 78.78
N PHE L 939 71.54 1.32 78.84
CA PHE L 939 72.49 0.32 78.32
C PHE L 939 72.86 0.65 76.87
N ASP L 940 71.92 1.17 76.08
CA ASP L 940 72.15 1.60 74.67
C ASP L 940 71.30 2.85 74.43
N VAL L 941 71.83 3.84 73.71
CA VAL L 941 71.12 5.15 73.53
C VAL L 941 69.79 4.91 72.79
N THR L 942 69.70 3.92 71.90
CA THR L 942 68.46 3.65 71.12
C THR L 942 67.35 3.19 72.06
N TRP L 943 67.67 2.52 73.17
CA TRP L 943 66.66 2.14 74.18
C TRP L 943 66.14 3.39 74.87
N ARG L 944 66.96 4.42 74.99
CA ARG L 944 66.51 5.70 75.58
C ARG L 944 65.57 6.36 74.58
N THR L 945 65.97 6.43 73.31
CA THR L 945 65.15 6.99 72.21
C THR L 945 63.78 6.32 72.20
N PHE L 946 63.74 4.99 72.33
CA PHE L 946 62.50 4.19 72.42
C PHE L 946 61.61 4.81 73.50
N THR L 947 62.06 4.84 74.76
CA THR L 947 61.16 5.18 75.89
C THR L 947 60.92 6.70 75.82
N GLY L 948 61.82 7.45 75.22
CA GLY L 948 61.55 8.87 74.91
C GLY L 948 60.37 8.99 73.98
N ASP L 949 60.44 8.35 72.82
CA ASP L 949 59.35 8.34 71.80
C ASP L 949 58.06 7.88 72.48
N PHE L 950 58.12 6.87 73.37
CA PHE L 950 56.92 6.32 74.03
C PHE L 950 56.30 7.39 74.93
N LEU L 951 57.10 8.14 75.68
CA LEU L 951 56.56 9.20 76.58
C LEU L 951 55.92 10.31 75.73
N ARG L 952 56.52 10.66 74.59
CA ARG L 952 55.95 11.65 73.66
C ARG L 952 54.57 11.17 73.20
N ARG L 953 54.38 9.86 73.01
CA ARG L 953 53.06 9.27 72.63
C ARG L 953 52.04 9.53 73.73
N VAL L 954 52.48 9.37 74.98
CA VAL L 954 51.61 9.56 76.17
C VAL L 954 51.11 10.99 76.10
N GLU L 955 52.00 11.93 75.85
CA GLU L 955 51.61 13.37 75.80
C GLU L 955 50.60 13.56 74.66
N GLU L 956 50.88 12.99 73.50
CA GLU L 956 50.02 13.10 72.30
C GLU L 956 48.62 12.56 72.65
N ARG L 957 48.53 11.42 73.31
CA ARG L 957 47.24 10.72 73.53
C ARG L 957 46.41 11.49 74.57
N PHE L 958 47.07 12.02 75.60
CA PHE L 958 46.39 12.53 76.82
C PHE L 958 46.31 14.06 76.83
N THR L 959 47.08 14.78 76.01
CA THR L 959 46.87 16.23 75.85
C THR L 959 45.54 16.44 75.12
N LYS L 960 44.81 17.50 75.46
CA LYS L 960 43.52 17.85 74.84
C LYS L 960 43.75 18.86 73.73
N SER L 961 44.93 19.47 73.67
CA SER L 961 45.30 20.45 72.61
C SER L 961 46.81 20.62 72.52
N LYS L 962 47.26 21.26 71.44
CA LYS L 962 48.69 21.45 71.11
C LYS L 962 49.36 22.16 72.29
N THR L 963 50.48 21.62 72.79
CA THR L 963 51.40 22.25 73.78
C THR L 963 52.83 21.81 73.49
N LEU L 964 53.79 22.27 74.30
CA LEU L 964 55.21 21.86 74.22
C LEU L 964 55.33 20.52 74.94
N SER L 965 56.19 19.63 74.44
CA SER L 965 56.58 18.38 75.14
C SER L 965 57.28 18.72 76.46
N LEU L 966 57.04 17.94 77.50
CA LEU L 966 57.76 18.04 78.79
C LEU L 966 59.12 17.34 78.66
N ILE L 967 59.37 16.65 77.55
CA ILE L 967 60.69 16.01 77.24
C ILE L 967 61.23 16.70 76.00
N GLN L 968 61.77 17.91 76.14
CA GLN L 968 62.28 18.70 74.98
C GLN L 968 63.51 17.99 74.42
N SER L 969 64.26 17.27 75.27
CA SER L 969 65.47 16.52 74.89
C SER L 969 65.55 15.20 75.69
N TYR L 970 65.75 14.09 74.99
CA TYR L 970 65.80 12.74 75.60
C TYR L 970 66.94 12.65 76.62
N SER L 971 67.82 13.65 76.69
CA SER L 971 68.80 13.86 77.79
C SER L 971 68.09 13.71 79.14
N LEU L 972 66.92 14.33 79.26
CA LEU L 972 66.18 14.41 80.56
C LEU L 972 66.00 12.99 81.13
N LEU L 973 65.91 11.98 80.24
CA LEU L 973 65.69 10.56 80.60
C LEU L 973 66.89 10.00 81.39
N ASP L 974 68.04 10.68 81.38
CA ASP L 974 69.26 10.22 82.09
C ASP L 974 69.01 10.20 83.61
N LYS L 975 68.00 10.94 84.10
CA LYS L 975 67.32 10.70 85.42
C LYS L 975 65.89 10.23 85.14
N PRO L 976 65.70 8.92 84.83
CA PRO L 976 64.45 8.44 84.24
C PRO L 976 63.24 8.55 85.18
N ASP L 977 63.41 8.20 86.45
CA ASP L 977 62.32 8.18 87.47
C ASP L 977 61.61 9.54 87.47
N GLU L 978 62.41 10.61 87.31
CA GLU L 978 61.97 12.02 87.45
C GLU L 978 61.26 12.44 86.18
N ALA L 979 61.81 12.07 85.03
CA ALA L 979 61.21 12.26 83.69
C ALA L 979 59.81 11.66 83.67
N ILE L 980 59.66 10.41 84.13
CA ILE L 980 58.36 9.70 84.20
C ILE L 980 57.41 10.53 85.08
N GLU L 981 57.82 10.87 86.30
CA GLU L 981 56.97 11.63 87.25
C GLU L 981 56.51 12.94 86.61
N LYS L 982 57.37 13.60 85.84
CA LYS L 982 57.07 14.91 85.22
C LYS L 982 55.89 14.76 84.25
N VAL L 983 55.97 13.74 83.39
CA VAL L 983 55.02 13.47 82.26
C VAL L 983 53.67 13.03 82.83
N PHE L 984 53.68 12.05 83.73
CA PHE L 984 52.44 11.46 84.30
C PHE L 984 51.82 12.41 85.33
N ASN L 985 52.58 13.35 85.92
CA ASN L 985 52.01 14.42 86.77
C ASN L 985 51.18 15.35 85.89
N ALA L 986 51.61 15.62 84.65
CA ALA L 986 50.90 16.47 83.69
C ALA L 986 49.72 15.73 83.06
N TYR L 987 49.79 14.39 82.95
CA TYR L 987 48.78 13.55 82.26
C TYR L 987 48.40 12.39 83.17
N PRO L 988 47.88 12.69 84.37
CA PRO L 988 47.66 11.66 85.39
C PRO L 988 46.61 10.62 84.96
N ALA L 989 45.75 10.99 84.01
CA ALA L 989 44.77 10.08 83.39
C ALA L 989 45.48 8.82 82.91
N ALA L 990 46.72 8.96 82.43
CA ALA L 990 47.52 7.89 81.81
C ALA L 990 48.03 6.91 82.87
N ARG L 991 47.92 7.23 84.14
CA ARG L 991 48.27 6.30 85.24
C ARG L 991 47.17 5.24 85.36
N GLU L 992 45.96 5.57 84.91
CA GLU L 992 44.72 4.83 85.26
C GLU L 992 44.13 4.14 84.03
N GLN L 993 44.71 4.28 82.83
CA GLN L 993 44.09 3.76 81.58
C GLN L 993 45.06 2.77 80.93
N PHE L 994 44.55 1.60 80.54
CA PHE L 994 45.31 0.63 79.73
C PHE L 994 45.67 1.29 78.41
N LEU L 995 46.70 0.75 77.75
CA LEU L 995 47.14 1.19 76.40
C LEU L 995 45.94 1.19 75.47
N ASN L 996 45.67 2.31 74.82
CA ASN L 996 44.78 2.41 73.63
C ASN L 996 45.27 1.38 72.62
N ALA L 997 44.37 0.64 71.98
CA ALA L 997 44.72 -0.47 71.07
C ALA L 997 45.68 0.01 69.97
N GLN L 998 45.58 1.27 69.56
CA GLN L 998 46.43 1.87 68.50
C GLN L 998 47.86 1.99 69.01
N ASP L 999 48.03 2.26 70.30
CA ASP L 999 49.36 2.51 70.92
C ASP L 999 50.02 1.16 71.24
N ILE L 1000 49.25 0.08 71.31
CA ILE L 1000 49.82 -1.29 71.39
C ILE L 1000 50.54 -1.54 70.08
N ASP L 1001 49.86 -1.30 68.96
CA ASP L 1001 50.42 -1.54 67.60
C ASP L 1001 51.64 -0.63 67.41
N HIS L 1002 51.61 0.60 67.92
CA HIS L 1002 52.75 1.54 67.81
C HIS L 1002 53.93 1.02 68.63
N PHE L 1003 53.68 0.56 69.84
CA PHE L 1003 54.73 -0.02 70.72
C PHE L 1003 55.36 -1.22 70.00
N LEU L 1004 54.54 -2.11 69.43
CA LEU L 1004 55.05 -3.34 68.81
C LEU L 1004 55.80 -2.98 67.53
N SER L 1005 55.45 -1.85 66.93
CA SER L 1005 56.08 -1.36 65.69
C SER L 1005 57.45 -0.78 66.03
N MET L 1006 57.56 0.02 67.08
CA MET L 1006 58.84 0.55 67.59
C MET L 1006 59.80 -0.61 67.91
N CYS L 1007 59.26 -1.75 68.34
CA CYS L 1007 60.05 -2.96 68.66
C CYS L 1007 60.62 -3.60 67.39
N GLN L 1008 60.10 -3.28 66.19
CA GLN L 1008 60.58 -3.85 64.90
C GLN L 1008 61.58 -2.87 64.27
N ASN L 1009 61.73 -1.67 64.83
CA ASN L 1009 62.61 -0.60 64.30
C ASN L 1009 64.01 -1.15 64.05
N PRO L 1010 64.49 -1.18 62.79
CA PRO L 1010 65.78 -1.76 62.47
C PRO L 1010 66.98 -0.84 62.75
N MET L 1011 66.75 0.45 63.07
CA MET L 1011 67.83 1.43 63.38
C MET L 1011 68.04 1.49 64.89
N GLN L 1012 67.81 0.40 65.62
CA GLN L 1012 67.81 0.43 67.11
C GLN L 1012 68.18 -0.96 67.62
N LYS L 1013 68.84 -1.03 68.78
CA LYS L 1013 69.27 -2.32 69.36
C LYS L 1013 68.01 -3.12 69.66
N PRO L 1014 67.89 -4.35 69.15
CA PRO L 1014 66.76 -5.21 69.50
C PRO L 1014 66.44 -5.11 70.99
N VAL L 1015 65.17 -4.81 71.23
CA VAL L 1015 64.51 -4.67 72.54
C VAL L 1015 64.79 -5.91 73.39
N PRO L 1016 65.20 -5.75 74.66
CA PRO L 1016 65.64 -6.86 75.51
C PRO L 1016 64.52 -7.58 76.27
N PHE L 1017 63.49 -7.99 75.55
CA PHE L 1017 62.26 -8.63 76.09
C PHE L 1017 61.39 -9.17 74.96
N VAL L 1018 60.42 -10.01 75.32
CA VAL L 1018 59.39 -10.52 74.40
C VAL L 1018 58.11 -9.72 74.64
N PRO L 1019 57.70 -8.86 73.69
CA PRO L 1019 56.52 -8.01 73.88
C PRO L 1019 55.19 -8.69 73.53
N VAL L 1020 55.23 -9.78 72.75
CA VAL L 1020 54.00 -10.49 72.30
C VAL L 1020 54.30 -11.93 71.84
N LEU L 1021 53.36 -12.84 72.11
CA LEU L 1021 53.37 -14.22 71.53
C LEU L 1021 52.59 -14.21 70.22
N ASP L 1022 53.26 -14.41 69.08
CA ASP L 1022 52.60 -14.48 67.75
C ASP L 1022 53.46 -15.35 66.86
N ARG L 1023 53.19 -15.38 65.55
CA ARG L 1023 53.87 -16.29 64.59
C ARG L 1023 55.39 -16.07 64.63
N ARG L 1024 55.84 -14.84 64.91
CA ARG L 1024 57.29 -14.47 64.87
C ARG L 1024 57.91 -14.58 66.27
N PHE L 1025 57.36 -15.44 67.14
CA PHE L 1025 57.88 -15.66 68.53
C PHE L 1025 59.34 -16.12 68.47
N GLU L 1026 59.70 -16.93 67.47
CA GLU L 1026 61.07 -17.50 67.40
C GLU L 1026 62.07 -16.37 67.17
N ILE L 1027 61.76 -15.40 66.31
CA ILE L 1027 62.67 -14.25 66.03
C ILE L 1027 62.76 -13.40 67.30
N PHE L 1028 61.66 -13.17 68.00
CA PHE L 1028 61.67 -12.34 69.24
C PHE L 1028 62.55 -13.00 70.29
N PHE L 1029 62.57 -14.33 70.31
CA PHE L 1029 63.24 -15.17 71.34
C PHE L 1029 64.74 -15.27 71.06
N LYS L 1030 65.10 -15.45 69.80
CA LYS L 1030 66.47 -15.82 69.36
C LYS L 1030 67.27 -14.60 68.85
N LYS L 1031 66.63 -13.56 68.35
CA LYS L 1031 67.28 -12.34 67.79
C LYS L 1031 68.25 -11.75 68.82
N ASP L 1032 69.47 -11.42 68.39
CA ASP L 1032 70.44 -10.61 69.18
C ASP L 1032 70.60 -11.24 70.57
N SER L 1033 71.23 -12.41 70.68
CA SER L 1033 71.30 -13.16 71.96
C SER L 1033 72.75 -13.58 72.29
N LEU L 1034 73.76 -12.89 71.75
CA LEU L 1034 75.19 -13.24 71.94
C LEU L 1034 75.89 -12.33 72.95
N TRP L 1035 75.42 -11.07 73.05
CA TRP L 1035 76.04 -9.94 73.79
C TRP L 1035 75.85 -10.05 75.30
N GLN L 1036 74.84 -10.81 75.77
CA GLN L 1036 74.41 -10.77 77.20
C GLN L 1036 75.51 -11.35 78.09
N SER L 1037 76.24 -12.37 77.62
CA SER L 1037 77.33 -13.05 78.35
C SER L 1037 78.44 -12.05 78.70
N GLU L 1038 78.60 -10.97 77.95
CA GLU L 1038 79.66 -9.93 78.19
C GLU L 1038 79.06 -8.71 78.90
N HIS L 1039 77.75 -8.67 79.16
CA HIS L 1039 77.07 -7.49 79.75
C HIS L 1039 75.97 -7.92 80.72
N LEU L 1040 76.30 -8.83 81.62
CA LEU L 1040 75.40 -9.34 82.69
C LEU L 1040 74.83 -8.17 83.49
N GLU L 1041 75.51 -7.02 83.53
CA GLU L 1041 75.07 -5.84 84.32
C GLU L 1041 73.68 -5.40 83.85
N ALA L 1042 73.29 -5.76 82.62
CA ALA L 1042 72.05 -5.36 81.92
C ALA L 1042 71.13 -6.56 81.69
N VAL L 1043 71.34 -7.65 82.41
CA VAL L 1043 70.48 -8.87 82.34
C VAL L 1043 69.67 -8.92 83.63
N VAL L 1044 68.49 -9.53 83.57
CA VAL L 1044 67.57 -9.59 84.73
C VAL L 1044 68.24 -10.46 85.78
N ASP L 1045 68.70 -9.79 86.82
CA ASP L 1045 69.34 -10.31 88.05
C ASP L 1045 70.85 -10.45 87.84
N GLN L 1046 71.40 -9.84 86.79
CA GLN L 1046 72.78 -10.11 86.37
C GLN L 1046 73.01 -11.62 86.41
N ASP L 1047 72.00 -12.38 85.96
CA ASP L 1047 71.92 -13.85 86.15
C ASP L 1047 72.46 -14.59 84.91
N VAL L 1048 73.73 -14.99 84.92
CA VAL L 1048 74.37 -15.88 83.91
C VAL L 1048 73.37 -16.91 83.38
N GLN L 1049 72.66 -17.56 84.31
CA GLN L 1049 71.79 -18.74 84.04
C GLN L 1049 70.74 -18.42 82.96
N ARG L 1050 70.51 -17.14 82.65
CA ARG L 1050 69.52 -16.68 81.63
C ARG L 1050 70.13 -16.66 80.22
N THR L 1051 71.45 -16.72 80.09
CA THR L 1051 72.18 -16.19 78.91
C THR L 1051 72.78 -17.30 78.04
N CYS L 1052 73.08 -16.94 76.79
CA CYS L 1052 73.83 -17.76 75.80
C CYS L 1052 75.32 -17.44 75.92
N ILE L 1053 76.05 -18.46 76.38
CA ILE L 1053 77.54 -18.56 76.28
C ILE L 1053 77.85 -19.72 75.33
N LEU L 1054 78.56 -19.45 74.24
CA LEU L 1054 78.94 -20.48 73.23
C LEU L 1054 80.25 -21.14 73.70
N HIS L 1055 80.33 -22.47 73.72
CA HIS L 1055 81.49 -23.21 74.29
C HIS L 1055 81.47 -24.66 73.80
N GLY L 1056 82.64 -25.18 73.40
CA GLY L 1056 82.82 -26.57 72.95
C GLY L 1056 82.87 -27.52 74.13
N PRO L 1057 82.26 -28.72 74.04
CA PRO L 1057 82.25 -29.67 75.15
C PRO L 1057 83.62 -30.30 75.40
N VAL L 1058 84.50 -30.32 74.41
CA VAL L 1058 85.81 -31.02 74.52
C VAL L 1058 86.87 -30.02 74.96
N ALA L 1059 86.81 -28.77 74.50
CA ALA L 1059 87.79 -27.73 74.92
C ALA L 1059 87.52 -27.34 76.37
N ALA L 1060 86.31 -27.61 76.88
CA ALA L 1060 85.87 -27.20 78.24
C ALA L 1060 86.67 -27.93 79.32
N GLN L 1061 87.23 -29.12 79.01
CA GLN L 1061 87.95 -29.95 80.01
C GLN L 1061 89.29 -29.28 80.33
N PHE L 1062 89.77 -28.38 79.45
CA PHE L 1062 91.05 -27.64 79.62
C PHE L 1062 90.80 -26.18 80.05
N THR L 1063 89.56 -25.76 80.26
CA THR L 1063 89.22 -24.33 80.57
C THR L 1063 88.74 -24.25 82.02
N LYS L 1064 89.63 -23.89 82.96
CA LYS L 1064 89.39 -23.93 84.43
C LYS L 1064 89.87 -22.64 85.09
N VAL L 1065 91.07 -22.16 84.76
CA VAL L 1065 91.72 -21.03 85.48
C VAL L 1065 91.18 -19.72 84.90
N ILE L 1066 90.29 -19.08 85.66
CA ILE L 1066 89.64 -17.77 85.32
C ILE L 1066 90.72 -16.67 85.27
N ASP L 1067 90.56 -15.70 84.36
CA ASP L 1067 91.31 -14.42 84.31
C ASP L 1067 92.81 -14.68 84.16
N GLU L 1068 93.21 -15.81 83.59
CA GLU L 1068 94.60 -16.08 83.16
C GLU L 1068 94.92 -15.16 82.00
N PRO L 1069 96.00 -14.34 82.02
CA PRO L 1069 96.27 -13.42 80.91
C PRO L 1069 96.48 -14.18 79.60
N ILE L 1070 96.04 -13.60 78.49
CA ILE L 1070 95.99 -14.30 77.17
C ILE L 1070 97.42 -14.73 76.84
N LYS L 1071 98.39 -13.87 77.14
CA LYS L 1071 99.83 -14.13 76.85
C LYS L 1071 100.25 -15.43 77.56
N SER L 1072 99.80 -15.63 78.79
CA SER L 1072 100.11 -16.81 79.61
C SER L 1072 99.52 -18.07 78.95
N ILE L 1073 98.25 -18.04 78.53
CA ILE L 1073 97.55 -19.22 77.94
C ILE L 1073 98.34 -19.67 76.70
N MET L 1074 98.57 -18.73 75.78
CA MET L 1074 99.19 -18.98 74.46
C MET L 1074 100.65 -19.39 74.62
N ASP L 1075 101.44 -18.63 75.40
CA ASP L 1075 102.87 -18.95 75.69
C ASP L 1075 102.93 -20.32 76.39
N GLY L 1076 101.96 -20.60 77.25
CA GLY L 1076 101.75 -21.93 77.86
C GLY L 1076 101.86 -23.02 76.83
N ILE L 1077 101.07 -22.91 75.76
CA ILE L 1077 100.96 -23.93 74.70
C ILE L 1077 102.26 -23.96 73.89
N HIS L 1078 102.79 -22.80 73.47
CA HIS L 1078 104.02 -22.72 72.65
C HIS L 1078 105.23 -23.27 73.43
N ASP L 1079 105.43 -22.79 74.66
CA ASP L 1079 106.54 -23.19 75.55
C ASP L 1079 106.46 -24.69 75.78
N GLY L 1080 105.26 -25.22 76.04
CA GLY L 1080 105.03 -26.67 76.18
C GLY L 1080 105.52 -27.48 74.99
N HIS L 1081 105.32 -26.98 73.77
CA HIS L 1081 105.75 -27.65 72.49
C HIS L 1081 107.27 -27.64 72.41
N ILE L 1082 107.87 -26.47 72.64
CA ILE L 1082 109.36 -26.28 72.67
C ILE L 1082 109.96 -27.30 73.63
N LYS L 1083 109.49 -27.31 74.88
CA LYS L 1083 109.95 -28.26 75.94
C LYS L 1083 109.95 -29.68 75.37
N LYS L 1084 108.83 -30.14 74.82
CA LYS L 1084 108.65 -31.54 74.33
C LYS L 1084 109.56 -31.80 73.11
N LEU L 1085 109.61 -30.85 72.18
CA LEU L 1085 110.42 -30.93 70.93
C LEU L 1085 111.91 -31.00 71.27
N LEU L 1086 112.34 -30.16 72.22
CA LEU L 1086 113.75 -30.07 72.67
C LEU L 1086 114.17 -31.44 73.18
N HIS L 1087 113.45 -31.97 74.16
CA HIS L 1087 113.68 -33.30 74.77
C HIS L 1087 113.64 -34.38 73.68
N GLN L 1088 112.57 -34.43 72.88
CA GLN L 1088 112.28 -35.58 71.98
C GLN L 1088 113.25 -35.61 70.79
N TYR L 1089 113.79 -34.47 70.33
CA TYR L 1089 114.54 -34.38 69.04
C TYR L 1089 115.86 -33.59 69.12
N TYR L 1090 116.17 -32.91 70.23
CA TYR L 1090 117.33 -31.99 70.32
C TYR L 1090 118.20 -32.30 71.55
N GLY L 1091 118.01 -33.48 72.17
CA GLY L 1091 118.63 -33.89 73.46
C GLY L 1091 118.69 -32.77 74.47
N ASP L 1092 117.54 -32.27 74.91
CA ASP L 1092 117.39 -31.14 75.88
C ASP L 1092 118.51 -30.11 75.76
N ASP L 1093 118.97 -29.78 74.54
CA ASP L 1093 120.18 -28.93 74.32
C ASP L 1093 119.85 -27.75 73.40
N GLU L 1094 119.62 -26.57 73.97
CA GLU L 1094 119.24 -25.34 73.24
C GLU L 1094 120.34 -24.91 72.27
N SER L 1095 121.58 -25.35 72.44
CA SER L 1095 122.71 -24.99 71.54
C SER L 1095 122.53 -25.70 70.20
N LYS L 1096 121.77 -26.80 70.16
CA LYS L 1096 121.54 -27.62 68.95
C LYS L 1096 120.47 -26.98 68.04
N ILE L 1097 119.74 -25.96 68.52
CA ILE L 1097 118.66 -25.26 67.75
C ILE L 1097 119.29 -24.33 66.73
N PRO L 1098 119.07 -24.52 65.41
CA PRO L 1098 119.62 -23.62 64.39
C PRO L 1098 119.12 -22.20 64.59
N ALA L 1099 119.84 -21.20 64.08
CA ALA L 1099 119.52 -19.77 64.24
C ALA L 1099 119.51 -19.07 62.87
N VAL L 1100 118.72 -17.99 62.80
CA VAL L 1100 118.57 -17.11 61.61
C VAL L 1100 118.34 -15.68 62.11
N GLU L 1101 118.90 -14.70 61.43
CA GLU L 1101 118.90 -13.29 61.90
C GLU L 1101 117.43 -12.96 62.27
N TYR L 1102 116.50 -13.13 61.33
CA TYR L 1102 115.03 -12.95 61.54
C TYR L 1102 114.30 -14.20 61.09
N PHE L 1103 113.16 -14.51 61.72
CA PHE L 1103 112.34 -15.70 61.42
C PHE L 1103 110.95 -15.30 60.91
N GLY L 1104 110.66 -15.62 59.64
CA GLY L 1104 109.37 -15.33 59.01
C GLY L 1104 109.50 -14.83 57.58
N GLY L 1105 108.36 -14.57 56.93
CA GLY L 1105 108.27 -14.02 55.58
C GLY L 1105 108.49 -15.08 54.52
N GLU L 1106 108.31 -16.36 54.85
CA GLU L 1106 108.61 -17.48 53.94
C GLU L 1106 107.31 -18.02 53.32
N SER L 1107 107.12 -17.78 52.03
CA SER L 1107 106.01 -18.34 51.22
C SER L 1107 106.04 -19.85 51.39
N PRO L 1108 104.90 -20.51 51.63
CA PRO L 1108 104.92 -21.97 51.80
C PRO L 1108 105.24 -22.74 50.52
N VAL L 1109 105.56 -22.08 49.40
CA VAL L 1109 105.72 -22.78 48.08
C VAL L 1109 107.21 -23.05 47.72
N ASP L 1110 108.19 -22.29 48.24
CA ASP L 1110 109.52 -22.09 47.60
C ASP L 1110 110.23 -23.42 47.24
N GLU L 1122 130.23 -15.45 45.01
CA GLU L 1122 129.19 -14.84 45.88
C GLU L 1122 129.66 -13.54 46.57
N ASP L 1123 130.95 -13.34 46.93
CA ASP L 1123 131.38 -12.16 47.75
C ASP L 1123 131.42 -10.90 46.86
N SER L 1124 131.75 -11.04 45.58
CA SER L 1124 131.83 -9.89 44.64
C SER L 1124 131.22 -10.28 43.29
N ALA L 1125 130.14 -9.61 42.89
CA ALA L 1125 129.37 -9.96 41.66
C ALA L 1125 128.82 -8.68 41.00
N VAL L 1126 128.63 -8.76 39.67
CA VAL L 1126 127.93 -7.75 38.83
C VAL L 1126 126.75 -8.45 38.16
N PHE L 1127 125.58 -7.80 38.11
CA PHE L 1127 124.37 -8.31 37.42
C PHE L 1127 123.88 -7.27 36.42
N LYS L 1128 123.76 -7.65 35.15
CA LYS L 1128 123.29 -6.76 34.04
C LYS L 1128 121.88 -7.19 33.63
N ALA L 1129 120.91 -6.27 33.66
CA ALA L 1129 119.50 -6.55 33.31
C ALA L 1129 119.29 -6.37 31.81
N THR L 1130 118.92 -7.46 31.12
CA THR L 1130 118.71 -7.55 29.65
C THR L 1130 117.27 -7.24 29.23
N SER L 1131 116.29 -7.31 30.12
CA SER L 1131 114.84 -7.10 29.79
C SER L 1131 114.20 -8.42 29.38
N SER L 1132 114.97 -9.51 29.22
CA SER L 1132 114.47 -10.93 29.31
C SER L 1132 114.72 -11.50 30.73
N THR L 1133 115.63 -10.90 31.52
CA THR L 1133 115.91 -11.23 32.95
C THR L 1133 114.60 -11.43 33.72
N ASP L 1134 114.43 -12.62 34.30
CA ASP L 1134 113.27 -13.01 35.14
C ASP L 1134 113.39 -12.27 36.48
N GLU L 1135 112.33 -11.56 36.88
CA GLU L 1135 112.28 -10.76 38.14
C GLU L 1135 112.66 -11.63 39.34
N GLU L 1136 112.06 -12.82 39.44
CA GLU L 1136 112.20 -13.70 40.63
C GLU L 1136 113.67 -14.08 40.80
N SER L 1137 114.35 -14.50 39.73
CA SER L 1137 115.80 -14.85 39.71
C SER L 1137 116.63 -13.63 40.11
N TRP L 1138 116.28 -12.46 39.56
CA TRP L 1138 117.00 -11.17 39.73
C TRP L 1138 117.01 -10.78 41.21
N PHE L 1139 115.85 -10.74 41.86
CA PHE L 1139 115.71 -10.35 43.28
C PHE L 1139 116.37 -11.42 44.17
N LYS L 1140 116.19 -12.71 43.85
CA LYS L 1140 116.83 -13.83 44.59
C LYS L 1140 118.35 -13.62 44.57
N ALA L 1141 118.89 -13.16 43.44
CA ALA L 1141 120.34 -12.89 43.24
C ALA L 1141 120.78 -11.73 44.13
N LEU L 1142 120.12 -10.57 44.02
CA LEU L 1142 120.48 -9.36 44.80
C LEU L 1142 120.32 -9.61 46.30
N ALA L 1143 119.43 -10.53 46.70
CA ALA L 1143 119.12 -10.83 48.12
C ALA L 1143 120.31 -11.55 48.75
N GLY L 1144 120.84 -12.57 48.06
CA GLY L 1144 121.85 -13.48 48.61
C GLY L 1144 121.18 -14.54 49.47
N SER L 1145 121.90 -15.64 49.72
CA SER L 1145 121.39 -16.84 50.43
C SER L 1145 121.26 -16.53 51.93
N GLU L 1146 122.25 -15.87 52.53
CA GLU L 1146 122.29 -15.64 54.00
C GLU L 1146 121.14 -14.68 54.38
N ILE L 1147 120.41 -15.00 55.43
CA ILE L 1147 119.25 -14.21 55.94
C ILE L 1147 119.79 -13.06 56.78
N ASN L 1148 119.71 -11.84 56.25
CA ASN L 1148 120.25 -10.59 56.85
C ASN L 1148 119.41 -9.40 56.33
N TRP L 1149 119.81 -8.18 56.65
CA TRP L 1149 119.15 -6.94 56.16
C TRP L 1149 119.02 -6.94 54.63
N ARG L 1150 119.96 -7.58 53.91
CA ARG L 1150 119.99 -7.55 52.42
C ARG L 1150 118.92 -8.50 51.88
N HIS L 1151 118.81 -9.69 52.48
CA HIS L 1151 117.80 -10.71 52.10
C HIS L 1151 116.42 -10.07 52.20
N ALA L 1152 116.11 -9.42 53.32
CA ALA L 1152 114.84 -8.71 53.57
C ALA L 1152 114.65 -7.61 52.52
N SER L 1153 115.66 -6.78 52.32
CA SER L 1153 115.58 -5.58 51.44
C SER L 1153 115.06 -5.96 50.05
N PHE L 1154 115.42 -7.14 49.55
CA PHE L 1154 115.14 -7.53 48.14
C PHE L 1154 114.02 -8.56 48.02
N LEU L 1155 113.57 -9.19 49.12
CA LEU L 1155 112.55 -10.27 49.04
C LEU L 1155 111.29 -9.88 49.81
N CYS L 1156 111.41 -9.32 51.01
CA CYS L 1156 110.30 -8.76 51.80
C CYS L 1156 109.42 -7.88 50.89
N SER L 1157 108.13 -8.21 50.73
CA SER L 1157 107.22 -7.63 49.69
C SER L 1157 106.79 -6.21 50.07
N PHE L 1158 106.65 -5.95 51.36
CA PHE L 1158 106.12 -4.70 51.97
C PHE L 1158 107.15 -4.15 52.96
N ILE L 1159 107.00 -2.88 53.34
CA ILE L 1159 107.71 -2.28 54.52
C ILE L 1159 106.67 -1.50 55.34
N THR L 1160 106.98 -1.30 56.61
CA THR L 1160 106.19 -0.50 57.56
C THR L 1160 106.51 0.98 57.34
N GLN L 1161 105.50 1.84 57.25
CA GLN L 1161 105.63 3.30 57.49
C GLN L 1161 104.73 3.64 58.66
N ASP L 1162 105.10 3.26 59.88
CA ASP L 1162 104.43 3.74 61.12
C ASP L 1162 103.05 3.08 61.17
N LYS L 1163 102.98 1.76 61.38
CA LYS L 1163 101.71 0.98 61.51
C LYS L 1163 101.09 0.62 60.16
N MET L 1164 101.19 1.49 59.14
CA MET L 1164 100.72 1.24 57.76
C MET L 1164 101.77 0.44 56.97
N PHE L 1165 101.32 -0.44 56.06
CA PHE L 1165 102.17 -1.32 55.21
C PHE L 1165 102.12 -0.82 53.77
N VAL L 1166 103.26 -0.36 53.23
CA VAL L 1166 103.38 0.11 51.82
C VAL L 1166 104.18 -0.95 51.05
N SER L 1167 104.05 -0.96 49.72
CA SER L 1167 104.92 -1.69 48.77
C SER L 1167 106.38 -1.39 49.11
N ASN L 1168 107.21 -2.43 49.17
CA ASN L 1168 108.69 -2.33 49.40
C ASN L 1168 109.31 -1.44 48.34
N PRO L 1169 109.84 -0.24 48.71
CA PRO L 1169 110.35 0.71 47.74
C PRO L 1169 111.70 0.31 47.16
N ILE L 1170 112.44 -0.55 47.88
CA ILE L 1170 113.76 -1.07 47.41
C ILE L 1170 113.49 -1.92 46.17
N ARG L 1171 112.58 -2.88 46.26
CA ARG L 1171 112.21 -3.76 45.11
C ARG L 1171 111.70 -2.89 43.95
N LYS L 1172 110.92 -1.86 44.25
CA LYS L 1172 110.34 -0.95 43.22
C LYS L 1172 111.50 -0.35 42.42
N VAL L 1173 112.47 0.24 43.11
CA VAL L 1173 113.60 1.00 42.51
C VAL L 1173 114.54 0.04 41.78
N PHE L 1174 114.63 -1.21 42.21
CA PHE L 1174 115.55 -2.23 41.64
C PHE L 1174 114.80 -3.15 40.67
N LYS L 1175 113.54 -2.87 40.33
CA LYS L 1175 112.79 -3.65 39.30
C LYS L 1175 113.60 -3.61 38.01
N PRO L 1176 114.00 -4.79 37.46
CA PRO L 1176 114.99 -4.84 36.37
C PRO L 1176 114.44 -4.36 35.03
N SER L 1177 115.30 -3.74 34.21
CA SER L 1177 115.00 -3.25 32.85
C SER L 1177 116.30 -2.88 32.14
N GLN L 1178 116.29 -2.90 30.81
CA GLN L 1178 117.46 -2.65 29.91
C GLN L 1178 118.27 -1.48 30.47
N GLY L 1179 119.60 -1.65 30.59
CA GLY L 1179 120.56 -0.59 30.98
C GLY L 1179 121.06 -0.71 32.41
N MET L 1180 120.21 -1.20 33.31
CA MET L 1180 120.51 -1.31 34.77
C MET L 1180 121.66 -2.30 34.98
N VAL L 1181 122.60 -1.92 35.86
CA VAL L 1181 123.76 -2.74 36.30
C VAL L 1181 123.88 -2.61 37.82
N VAL L 1182 123.78 -3.74 38.53
CA VAL L 1182 123.92 -3.81 40.00
C VAL L 1182 125.25 -4.49 40.33
N GLU L 1183 126.04 -3.87 41.19
CA GLU L 1183 127.34 -4.39 41.65
C GLU L 1183 127.29 -4.59 43.17
N ILE L 1184 127.46 -5.83 43.63
CA ILE L 1184 127.58 -6.18 45.07
C ILE L 1184 129.06 -6.32 45.44
N SER L 1185 129.53 -5.48 46.36
CA SER L 1185 130.86 -5.59 47.01
C SER L 1185 130.66 -6.04 48.46
N ASN L 1186 131.47 -7.00 48.92
CA ASN L 1186 131.48 -7.57 50.29
C ASN L 1186 130.18 -8.35 50.53
N GLY L 1187 129.81 -9.19 49.57
CA GLY L 1187 128.63 -10.07 49.64
C GLY L 1187 128.62 -10.92 50.89
N ASN L 1188 129.75 -11.51 51.27
CA ASN L 1188 129.83 -12.63 52.25
C ASN L 1188 129.99 -12.10 53.68
N THR L 1189 129.97 -10.79 53.91
CA THR L 1189 129.98 -10.19 55.28
C THR L 1189 128.98 -9.01 55.32
N SER L 1190 127.78 -9.23 55.87
CA SER L 1190 126.58 -8.38 55.70
C SER L 1190 126.79 -7.00 56.33
N SER L 1191 127.53 -6.93 57.44
CA SER L 1191 127.83 -5.66 58.17
C SER L 1191 128.45 -4.64 57.22
N LYS L 1192 129.20 -5.10 56.20
CA LYS L 1192 129.98 -4.25 55.25
C LYS L 1192 129.38 -4.24 53.84
N THR L 1193 128.50 -5.19 53.50
CA THR L 1193 127.94 -5.36 52.12
C THR L 1193 127.44 -3.99 51.60
N VAL L 1194 127.69 -3.73 50.31
CA VAL L 1194 127.20 -2.53 49.57
C VAL L 1194 126.74 -2.97 48.19
N VAL L 1195 125.47 -2.75 47.87
CA VAL L 1195 124.92 -3.00 46.50
C VAL L 1195 124.66 -1.62 45.85
N THR L 1196 125.22 -1.46 44.63
CA THR L 1196 125.31 -0.19 43.86
C THR L 1196 124.64 -0.39 42.50
N LEU L 1197 123.57 0.35 42.25
CA LEU L 1197 122.81 0.37 40.96
C LEU L 1197 123.40 1.48 40.09
N SER L 1198 123.83 1.15 38.88
CA SER L 1198 124.32 2.10 37.87
C SER L 1198 123.45 2.01 36.61
N GLU L 1199 123.06 3.15 36.05
CA GLU L 1199 122.21 3.24 34.83
C GLU L 1199 122.83 4.24 33.85
N PRO L 1200 122.48 4.19 32.55
CA PRO L 1200 122.88 5.23 31.60
C PRO L 1200 122.35 6.61 32.01
N VAL L 1201 123.24 7.60 32.08
CA VAL L 1201 122.89 9.03 32.38
C VAL L 1201 123.59 9.92 31.35
N GLN L 1202 122.85 10.34 30.31
CA GLN L 1202 123.38 11.15 29.17
C GLN L 1202 124.60 10.42 28.61
N GLY L 1203 124.41 9.19 28.11
CA GLY L 1203 125.46 8.44 27.39
C GLY L 1203 126.37 7.63 28.31
N GLU L 1204 126.99 8.27 29.31
CA GLU L 1204 127.91 7.59 30.27
C GLU L 1204 127.11 6.98 31.43
N LEU L 1205 127.42 5.72 31.78
CA LEU L 1205 126.78 4.91 32.85
C LEU L 1205 127.27 5.38 34.23
N LYS L 1206 126.37 5.70 35.15
CA LYS L 1206 126.70 6.31 36.46
C LYS L 1206 125.87 5.68 37.58
N PRO L 1207 126.32 5.82 38.85
CA PRO L 1207 125.58 5.26 39.99
C PRO L 1207 124.33 6.11 40.31
N THR L 1208 123.19 5.44 40.49
CA THR L 1208 121.87 6.04 40.76
C THR L 1208 121.37 5.69 42.16
N VAL L 1209 121.79 4.54 42.71
CA VAL L 1209 121.31 4.00 44.01
C VAL L 1209 122.46 3.29 44.73
N ILE L 1210 122.67 3.60 46.01
CA ILE L 1210 123.66 2.92 46.90
C ILE L 1210 122.93 2.42 48.15
N LEU L 1211 122.87 1.10 48.31
CA LEU L 1211 122.17 0.38 49.40
C LEU L 1211 123.23 -0.19 50.35
N LYS L 1212 123.12 0.05 51.67
CA LYS L 1212 124.03 -0.51 52.69
C LYS L 1212 123.52 -0.24 54.11
N LEU L 1213 124.05 -0.96 55.11
CA LEU L 1213 123.92 -0.61 56.56
C LEU L 1213 124.62 0.73 56.80
N LEU L 1214 124.09 1.58 57.68
CA LEU L 1214 124.82 2.75 58.23
C LEU L 1214 125.32 2.34 59.62
N LYS L 1215 124.49 2.53 60.65
CA LYS L 1215 124.65 1.92 62.00
C LYS L 1215 124.16 0.47 61.88
N GLU L 1216 124.19 -0.31 62.95
CA GLU L 1216 123.94 -1.79 62.91
C GLU L 1216 122.49 -2.06 62.48
N ASN L 1217 121.54 -1.18 62.77
CA ASN L 1217 120.11 -1.50 62.52
C ASN L 1217 119.44 -0.37 61.75
N ILE L 1218 120.17 0.22 60.80
CA ILE L 1218 119.65 1.28 59.89
C ILE L 1218 120.17 1.00 58.47
N ILE L 1219 119.27 0.65 57.55
CA ILE L 1219 119.55 0.49 56.10
C ILE L 1219 119.46 1.88 55.46
N GLN L 1220 120.36 2.21 54.55
CA GLN L 1220 120.29 3.48 53.79
C GLN L 1220 120.27 3.17 52.30
N MET L 1221 119.19 3.59 51.64
CA MET L 1221 119.09 3.65 50.17
C MET L 1221 119.31 5.10 49.73
N GLU L 1222 120.50 5.35 49.18
CA GLU L 1222 120.92 6.68 48.70
C GLU L 1222 120.42 6.81 47.26
N MET L 1223 119.42 7.67 47.04
CA MET L 1223 118.86 7.96 45.68
C MET L 1223 119.62 9.15 45.10
N ILE L 1224 120.20 8.98 43.93
CA ILE L 1224 121.20 9.91 43.34
C ILE L 1224 120.65 10.47 42.03
N GLU L 1225 120.60 11.80 41.91
CA GLU L 1225 120.33 12.49 40.64
C GLU L 1225 121.66 13.05 40.15
N ASN L 1226 122.16 12.57 39.01
CA ASN L 1226 123.44 13.04 38.41
C ASN L 1226 123.19 14.25 37.49
N ARG L 1227 121.93 14.60 37.22
CA ARG L 1227 121.53 15.82 36.46
C ARG L 1227 121.14 16.92 37.45
N THR L 1228 122.06 17.85 37.72
CA THR L 1228 121.99 18.82 38.84
C THR L 1228 122.39 20.20 38.32
N MET L 1229 122.40 21.20 39.20
CA MET L 1229 122.48 22.63 38.79
C MET L 1229 123.93 23.00 38.46
N ASP L 1230 124.90 22.29 39.05
CA ASP L 1230 126.35 22.64 38.97
C ASP L 1230 127.19 21.44 38.51
N GLY L 1231 126.59 20.33 38.06
CA GLY L 1231 127.31 19.11 37.64
C GLY L 1231 127.57 18.15 38.80
N LYS L 1232 127.68 18.67 40.02
CA LYS L 1232 127.97 17.88 41.26
C LYS L 1232 126.74 17.07 41.64
N PRO L 1233 126.81 15.72 41.63
CA PRO L 1233 125.65 14.88 41.95
C PRO L 1233 125.00 15.19 43.30
N VAL L 1234 123.71 14.87 43.42
CA VAL L 1234 122.85 15.22 44.59
C VAL L 1234 122.14 13.95 45.09
N SER L 1235 121.99 13.85 46.40
CA SER L 1235 121.68 12.61 47.14
C SER L 1235 120.42 12.80 47.99
N LEU L 1236 119.52 11.82 47.94
CA LEU L 1236 118.37 11.68 48.88
C LEU L 1236 118.64 10.45 49.73
N PRO L 1237 119.04 10.63 51.02
CA PRO L 1237 119.28 9.49 51.90
C PRO L 1237 117.99 8.98 52.54
N LEU L 1238 117.36 7.96 51.94
CA LEU L 1238 116.19 7.27 52.52
C LEU L 1238 116.72 6.30 53.57
N LEU L 1239 116.11 6.30 54.75
CA LEU L 1239 116.58 5.52 55.92
C LEU L 1239 115.47 4.59 56.38
N TYR L 1240 115.83 3.34 56.67
CA TYR L 1240 114.90 2.28 57.11
C TYR L 1240 115.50 1.56 58.32
N ASN L 1241 114.77 1.45 59.43
CA ASN L 1241 115.14 0.58 60.58
C ASN L 1241 114.99 -0.87 60.14
N PHE L 1242 115.99 -1.71 60.45
CA PHE L 1242 115.94 -3.18 60.24
C PHE L 1242 115.86 -3.84 61.62
N ASN L 1243 114.71 -4.40 61.95
CA ASN L 1243 114.46 -5.04 63.27
C ASN L 1243 114.16 -6.52 63.07
N PRO L 1244 115.15 -7.42 63.24
CA PRO L 1244 114.96 -8.84 62.99
C PRO L 1244 114.11 -9.60 64.02
N ASP L 1245 113.72 -8.92 65.10
CA ASP L 1245 112.70 -9.41 66.07
C ASP L 1245 111.31 -9.49 65.41
N ASN L 1246 111.08 -8.79 64.31
CA ASN L 1246 109.81 -8.86 63.56
C ASN L 1246 110.07 -9.50 62.19
N GLY L 1247 110.06 -10.83 62.13
CA GLY L 1247 110.37 -11.63 60.93
C GLY L 1247 109.46 -11.31 59.75
N PHE L 1248 108.21 -10.93 60.02
CA PHE L 1248 107.18 -10.77 58.97
C PHE L 1248 107.40 -9.43 58.26
N ALA L 1249 107.69 -8.38 59.03
CA ALA L 1249 107.88 -7.00 58.53
C ALA L 1249 109.11 -6.41 59.22
N PRO L 1250 110.32 -6.91 58.91
CA PRO L 1250 111.54 -6.46 59.56
C PRO L 1250 112.00 -5.05 59.17
N ILE L 1251 111.71 -4.61 57.94
CA ILE L 1251 112.11 -3.27 57.43
C ILE L 1251 110.95 -2.30 57.65
N SER L 1252 111.24 -1.13 58.21
CA SER L 1252 110.30 -0.02 58.52
C SER L 1252 110.99 1.32 58.28
N GLU L 1253 110.42 2.21 57.46
CA GLU L 1253 111.00 3.51 57.04
C GLU L 1253 111.08 4.45 58.26
N VAL L 1254 112.26 5.04 58.47
CA VAL L 1254 112.47 6.16 59.44
C VAL L 1254 111.73 7.36 58.88
N MET L 1255 110.59 7.71 59.49
CA MET L 1255 109.64 8.73 58.99
C MET L 1255 110.05 10.12 59.48
N GLU L 1256 110.76 10.19 60.60
CA GLU L 1256 111.12 11.46 61.30
C GLU L 1256 112.05 12.28 60.39
N ASP L 1257 111.65 13.51 60.08
CA ASP L 1257 112.44 14.48 59.26
C ASP L 1257 112.64 13.98 57.82
N ARG L 1258 111.82 13.03 57.37
CA ARG L 1258 111.83 12.48 55.99
C ARG L 1258 111.47 13.58 55.00
N ASN L 1259 110.41 14.33 55.25
CA ASN L 1259 109.93 15.41 54.34
C ASN L 1259 111.05 16.44 54.19
N GLN L 1260 111.76 16.68 55.29
CA GLN L 1260 112.87 17.66 55.40
C GLN L 1260 114.04 17.19 54.51
N ARG L 1261 114.42 15.91 54.58
CA ARG L 1261 115.54 15.31 53.80
C ARG L 1261 115.21 15.48 52.31
N ILE L 1262 113.99 15.15 51.92
CA ILE L 1262 113.47 15.26 50.53
C ILE L 1262 113.58 16.72 50.08
N LYS L 1263 113.05 17.67 50.86
CA LYS L 1263 113.08 19.12 50.54
C LYS L 1263 114.54 19.56 50.33
N GLU L 1264 115.47 19.05 51.13
CA GLU L 1264 116.89 19.46 51.05
C GLU L 1264 117.42 19.14 49.65
N MET L 1265 117.15 17.94 49.16
CA MET L 1265 117.60 17.49 47.81
C MET L 1265 116.96 18.40 46.75
N TYR L 1266 115.64 18.53 46.77
CA TYR L 1266 114.87 19.37 45.81
C TYR L 1266 115.39 20.80 45.85
N TRP L 1267 115.65 21.33 47.03
CA TRP L 1267 116.16 22.72 47.20
C TRP L 1267 117.48 22.89 46.44
N LYS L 1268 118.39 21.92 46.57
CA LYS L 1268 119.72 21.95 45.90
C LYS L 1268 119.56 21.96 44.38
N LEU L 1269 118.46 21.40 43.85
CA LEU L 1269 118.22 21.27 42.39
C LEU L 1269 117.56 22.53 41.82
N TRP L 1270 116.63 23.15 42.58
CA TRP L 1270 115.74 24.24 42.09
C TRP L 1270 116.23 25.63 42.51
N ILE L 1271 116.81 25.75 43.70
CA ILE L 1271 117.06 27.06 44.38
C ILE L 1271 118.58 27.26 44.52
N ASP L 1272 119.12 28.34 43.94
CA ASP L 1272 120.56 28.69 44.06
C ASP L 1272 120.73 29.63 45.26
N GLU L 1273 120.47 29.12 46.47
CA GLU L 1273 120.51 29.88 47.75
C GLU L 1273 120.74 28.91 48.89
N PRO L 1274 121.21 29.40 50.06
CA PRO L 1274 121.34 28.55 51.25
C PRO L 1274 120.00 27.93 51.67
N PHE L 1275 120.03 26.61 51.92
CA PHE L 1275 118.86 25.78 52.33
C PHE L 1275 118.34 26.24 53.69
N ASN L 1276 117.22 26.96 53.72
CA ASN L 1276 116.59 27.44 54.97
C ASN L 1276 115.06 27.40 54.83
N LEU L 1277 114.41 26.49 55.56
CA LEU L 1277 112.94 26.27 55.51
C LEU L 1277 112.22 27.11 56.56
N ASP L 1278 112.93 27.95 57.32
CA ASP L 1278 112.35 28.67 58.48
C ASP L 1278 112.00 30.10 58.06
N PHE L 1279 111.02 30.26 57.17
CA PHE L 1279 110.45 31.56 56.74
C PHE L 1279 108.92 31.44 56.67
N ASP L 1280 108.23 32.59 56.65
CA ASP L 1280 106.75 32.65 56.77
C ASP L 1280 106.13 32.46 55.39
N PRO L 1281 105.12 31.58 55.24
CA PRO L 1281 104.34 31.51 54.00
C PRO L 1281 103.70 32.87 53.67
N ARG L 1282 103.23 33.57 54.71
CA ARG L 1282 102.62 34.93 54.61
C ARG L 1282 103.56 35.89 53.86
N ASP L 1283 104.86 35.82 54.16
CA ASP L 1283 105.90 36.75 53.61
C ASP L 1283 105.89 36.66 52.08
N VAL L 1284 106.19 37.78 51.42
CA VAL L 1284 106.46 37.85 49.96
C VAL L 1284 107.80 37.16 49.69
N ILE L 1285 108.03 36.69 48.46
CA ILE L 1285 109.31 36.05 48.04
C ILE L 1285 109.86 36.85 46.85
N LYS L 1286 111.09 37.34 46.97
CA LYS L 1286 111.78 38.13 45.92
C LYS L 1286 112.69 37.18 45.14
N GLY L 1287 112.54 37.13 43.81
CA GLY L 1287 113.42 36.34 42.92
C GLY L 1287 114.48 37.24 42.33
N LYS L 1288 115.67 36.70 42.04
CA LYS L 1288 116.80 37.50 41.51
C LYS L 1288 116.34 38.17 40.22
N ASP L 1289 116.72 39.43 40.02
CA ASP L 1289 116.65 40.13 38.71
C ASP L 1289 117.17 39.16 37.64
N PHE L 1290 116.59 39.21 36.45
CA PHE L 1290 116.84 38.27 35.33
C PHE L 1290 116.91 39.05 34.02
N GLU L 1291 118.05 39.02 33.34
CA GLU L 1291 118.24 39.67 32.02
C GLU L 1291 117.88 38.67 30.93
N ILE L 1292 116.80 38.95 30.19
CA ILE L 1292 116.38 38.13 29.02
C ILE L 1292 117.42 38.37 27.92
N THR L 1293 117.91 37.30 27.27
CA THR L 1293 118.96 37.37 26.23
C THR L 1293 118.54 36.58 25.00
N ALA L 1294 119.06 36.95 23.82
CA ALA L 1294 118.82 36.25 22.53
C ALA L 1294 118.91 34.74 22.76
N LYS L 1295 120.06 34.29 23.29
CA LYS L 1295 120.41 32.85 23.44
C LYS L 1295 119.34 32.11 24.25
N GLU L 1296 118.94 32.64 25.42
CA GLU L 1296 117.99 31.97 26.35
C GLU L 1296 116.65 31.77 25.64
N VAL L 1297 116.18 32.80 24.94
CA VAL L 1297 114.91 32.82 24.16
C VAL L 1297 114.98 31.75 23.06
N TYR L 1298 116.10 31.69 22.33
CA TYR L 1298 116.31 30.71 21.24
C TYR L 1298 116.24 29.28 21.83
N ASP L 1299 116.96 29.02 22.92
CA ASP L 1299 117.06 27.67 23.55
C ASP L 1299 115.68 27.25 24.07
N PHE L 1300 114.94 28.20 24.66
CA PHE L 1300 113.59 27.98 25.23
C PHE L 1300 112.60 27.67 24.10
N THR L 1301 112.49 28.54 23.10
CA THR L 1301 111.54 28.37 21.98
C THR L 1301 111.80 27.03 21.27
N HIS L 1302 113.06 26.60 21.16
CA HIS L 1302 113.45 25.32 20.50
C HIS L 1302 113.02 24.15 21.40
N ALA L 1303 113.13 24.29 22.72
CA ALA L 1303 112.77 23.24 23.71
C ALA L 1303 111.25 22.98 23.72
N VAL L 1304 110.43 24.02 23.56
CA VAL L 1304 108.94 23.91 23.66
C VAL L 1304 108.32 23.83 22.26
N GLY L 1305 109.15 23.99 21.22
CA GLY L 1305 108.74 23.85 19.81
C GLY L 1305 107.85 24.99 19.37
N ASN L 1306 108.23 26.23 19.69
CA ASN L 1306 107.48 27.48 19.35
C ASN L 1306 108.22 28.21 18.23
N ASN L 1307 107.79 28.05 16.99
CA ASN L 1307 108.43 28.65 15.80
C ASN L 1307 107.83 30.02 15.46
N CYS L 1308 107.15 30.68 16.40
CA CYS L 1308 106.58 32.02 16.13
C CYS L 1308 107.74 32.97 15.76
N GLU L 1309 107.57 33.72 14.68
CA GLU L 1309 108.62 34.61 14.11
C GLU L 1309 108.95 35.72 15.11
N ASP L 1310 107.99 36.14 15.94
CA ASP L 1310 108.17 37.25 16.90
C ASP L 1310 109.40 36.97 17.79
N PHE L 1311 109.71 35.70 18.03
CA PHE L 1311 110.78 35.25 18.98
C PHE L 1311 112.09 34.87 18.28
N VAL L 1312 112.25 35.26 17.01
CA VAL L 1312 113.45 34.91 16.21
C VAL L 1312 114.13 36.20 15.74
N SER L 1313 115.48 36.20 15.83
CA SER L 1313 116.37 37.32 15.46
C SER L 1313 116.18 37.68 13.99
N ARG L 1314 115.66 38.88 13.69
CA ARG L 1314 115.35 39.33 12.31
C ARG L 1314 115.81 40.78 12.13
N PRO L 1315 116.48 41.11 11.01
CA PRO L 1315 116.92 42.49 10.74
C PRO L 1315 115.84 43.54 11.05
N ASP L 1316 116.16 44.50 11.93
CA ASP L 1316 115.36 45.73 12.17
C ASP L 1316 113.97 45.36 12.73
N ARG L 1317 113.97 44.69 13.88
CA ARG L 1317 112.79 44.31 14.68
C ARG L 1317 113.34 43.75 16.00
N THR L 1318 112.99 44.34 17.14
CA THR L 1318 113.45 43.85 18.46
C THR L 1318 112.82 42.48 18.70
N MET L 1319 113.65 41.53 19.10
CA MET L 1319 113.27 40.12 19.34
C MET L 1319 112.39 40.07 20.59
N LEU L 1320 111.17 39.55 20.47
CA LEU L 1320 110.26 39.37 21.63
C LEU L 1320 110.66 38.09 22.37
N ALA L 1321 110.07 37.85 23.54
CA ALA L 1321 110.17 36.59 24.30
C ALA L 1321 108.76 36.08 24.55
N PRO L 1322 108.52 34.76 24.41
CA PRO L 1322 107.18 34.21 24.59
C PRO L 1322 106.67 34.51 26.00
N MET L 1323 105.37 34.80 26.10
CA MET L 1323 104.65 34.87 27.39
C MET L 1323 105.21 33.80 28.34
N ASP L 1324 105.33 32.56 27.84
CA ASP L 1324 105.75 31.33 28.57
C ASP L 1324 107.05 31.55 29.34
N PHE L 1325 107.91 32.45 28.87
CA PHE L 1325 109.26 32.70 29.43
C PHE L 1325 109.15 33.15 30.89
N ALA L 1326 108.00 33.73 31.27
CA ALA L 1326 107.71 34.16 32.64
C ALA L 1326 108.00 33.04 33.63
N ILE L 1327 107.90 31.77 33.22
CA ILE L 1327 108.06 30.61 34.13
C ILE L 1327 109.55 30.36 34.36
N VAL L 1328 110.38 30.64 33.36
CA VAL L 1328 111.86 30.61 33.50
C VAL L 1328 112.24 31.66 34.56
N VAL L 1329 111.77 32.89 34.37
CA VAL L 1329 112.08 34.06 35.24
C VAL L 1329 111.55 33.78 36.64
N GLY L 1330 110.35 33.21 36.76
CA GLY L 1330 109.59 33.18 38.03
C GLY L 1330 109.76 31.90 38.83
N TRP L 1331 110.18 30.80 38.21
CA TRP L 1331 110.07 29.45 38.82
C TRP L 1331 110.68 29.43 40.22
N ARG L 1332 111.88 29.99 40.38
CA ARG L 1332 112.64 29.94 41.66
C ARG L 1332 111.81 30.59 42.77
N ALA L 1333 111.21 31.75 42.51
CA ALA L 1333 110.37 32.49 43.48
C ALA L 1333 109.08 31.71 43.74
N ILE L 1334 108.39 31.30 42.68
CA ILE L 1334 107.08 30.60 42.77
C ILE L 1334 107.27 29.30 43.58
N ILE L 1335 108.22 28.45 43.20
CA ILE L 1335 108.34 27.08 43.78
C ILE L 1335 108.80 27.18 45.22
N LYS L 1336 109.58 28.20 45.58
CA LYS L 1336 110.09 28.37 46.96
C LYS L 1336 108.91 28.43 47.93
N ALA L 1337 107.76 28.93 47.46
CA ALA L 1337 106.53 29.12 48.27
C ALA L 1337 106.07 27.82 48.94
N ILE L 1338 106.40 26.64 48.41
CA ILE L 1338 105.88 25.34 48.93
C ILE L 1338 106.89 24.69 49.90
N PHE L 1339 107.95 25.39 50.30
CA PHE L 1339 109.08 24.82 51.08
C PHE L 1339 109.02 25.11 52.58
N PRO L 1340 108.43 26.22 53.08
CA PRO L 1340 108.47 26.50 54.52
C PRO L 1340 108.00 25.32 55.39
N ASN L 1341 108.54 25.20 56.62
CA ASN L 1341 108.19 24.13 57.59
C ASN L 1341 106.69 24.14 57.88
N THR L 1342 106.07 25.33 57.92
CA THR L 1342 104.64 25.48 58.22
C THR L 1342 103.79 24.92 57.06
N VAL L 1343 104.37 24.62 55.89
CA VAL L 1343 103.69 23.90 54.76
C VAL L 1343 104.50 22.64 54.44
N ASP L 1344 104.34 21.60 55.27
CA ASP L 1344 105.23 20.42 55.36
C ASP L 1344 104.75 19.32 54.41
N GLY L 1345 105.26 19.28 53.18
CA GLY L 1345 104.85 18.30 52.15
C GLY L 1345 105.93 17.28 51.78
N ASP L 1346 105.48 16.08 51.41
CA ASP L 1346 106.29 15.06 50.70
C ASP L 1346 106.36 15.50 49.23
N LEU L 1347 107.47 16.10 48.82
CA LEU L 1347 107.62 16.74 47.49
C LEU L 1347 107.57 15.67 46.39
N LEU L 1348 107.79 14.40 46.74
CA LEU L 1348 107.75 13.26 45.77
C LEU L 1348 106.29 12.87 45.51
N LYS L 1349 105.35 13.36 46.32
CA LYS L 1349 103.88 13.22 46.11
C LYS L 1349 103.28 14.58 45.71
N LEU L 1350 104.09 15.50 45.19
CA LEU L 1350 103.60 16.83 44.71
C LEU L 1350 102.90 16.67 43.37
N VAL L 1351 101.85 17.46 43.14
CA VAL L 1351 101.13 17.54 41.83
C VAL L 1351 100.95 19.00 41.46
N HIS L 1352 101.38 19.35 40.25
CA HIS L 1352 101.08 20.65 39.60
C HIS L 1352 99.65 20.56 39.11
N LEU L 1353 98.75 21.40 39.59
CA LEU L 1353 97.31 21.35 39.23
C LEU L 1353 97.08 22.22 38.01
N SER L 1354 97.57 23.46 38.07
CA SER L 1354 97.29 24.49 37.06
C SER L 1354 98.42 25.52 37.05
N ASN L 1355 98.46 26.34 36.00
CA ASN L 1355 99.41 27.47 35.86
C ASN L 1355 98.85 28.41 34.78
N GLY L 1356 98.82 29.71 35.08
CA GLY L 1356 98.34 30.73 34.14
C GLY L 1356 99.25 31.93 34.12
N TYR L 1357 99.28 32.65 33.00
CA TYR L 1357 99.87 34.01 32.88
C TYR L 1357 98.75 34.96 32.46
N LYS L 1358 98.71 36.16 33.05
CA LYS L 1358 97.81 37.26 32.63
C LYS L 1358 98.64 38.54 32.53
N MET L 1359 98.71 39.15 31.35
CA MET L 1359 99.36 40.47 31.15
C MET L 1359 98.55 41.53 31.91
N ILE L 1360 99.21 42.47 32.57
CA ILE L 1360 98.48 43.62 33.18
C ILE L 1360 98.22 44.61 32.03
N PRO L 1361 97.00 45.18 31.94
CA PRO L 1361 96.61 46.05 30.83
C PRO L 1361 97.61 47.18 30.56
N GLY L 1362 97.88 47.43 29.29
CA GLY L 1362 98.75 48.54 28.84
C GLY L 1362 100.19 48.10 28.71
N ALA L 1363 100.63 47.12 29.50
CA ALA L 1363 102.02 46.60 29.53
C ALA L 1363 102.35 45.91 28.20
N LYS L 1364 103.49 46.24 27.58
CA LYS L 1364 104.00 45.56 26.36
C LYS L 1364 104.57 44.20 26.77
N PRO L 1365 104.60 43.19 25.88
CA PRO L 1365 105.08 41.86 26.23
C PRO L 1365 106.61 41.82 26.39
N LEU L 1366 107.12 40.75 26.99
CA LEU L 1366 108.57 40.60 27.32
C LEU L 1366 109.38 40.73 26.02
N GLN L 1367 110.45 41.52 26.06
CA GLN L 1367 111.42 41.73 24.96
C GLN L 1367 112.78 41.16 25.35
N VAL L 1368 113.72 41.09 24.40
CA VAL L 1368 115.07 40.51 24.63
C VAL L 1368 115.92 41.52 25.43
N GLY L 1369 115.71 42.84 25.24
CA GLY L 1369 116.40 43.87 26.04
C GLY L 1369 116.20 43.70 27.55
N ASP L 1370 114.95 43.41 27.97
CA ASP L 1370 114.40 43.67 29.32
C ASP L 1370 115.23 43.01 30.43
N VAL L 1371 115.29 43.69 31.58
CA VAL L 1371 115.71 43.12 32.89
C VAL L 1371 114.45 43.00 33.77
N VAL L 1372 114.08 41.77 34.11
CA VAL L 1372 112.81 41.44 34.82
C VAL L 1372 113.17 40.82 36.18
N SER L 1373 112.51 41.29 37.24
CA SER L 1373 112.52 40.66 38.58
C SER L 1373 111.13 40.06 38.84
N THR L 1374 111.04 39.15 39.79
CA THR L 1374 109.78 38.46 40.16
C THR L 1374 109.54 38.54 41.67
N THR L 1375 108.29 38.82 42.03
CA THR L 1375 107.74 38.71 43.39
C THR L 1375 106.74 37.55 43.36
N ALA L 1376 106.65 36.76 44.42
CA ALA L 1376 105.69 35.65 44.54
C ALA L 1376 105.12 35.59 45.96
N VAL L 1377 103.80 35.66 46.08
CA VAL L 1377 103.07 35.50 47.36
C VAL L 1377 102.27 34.23 47.24
N ILE L 1378 101.87 33.70 48.38
CA ILE L 1378 101.11 32.42 48.44
C ILE L 1378 99.73 32.81 48.96
N GLU L 1379 98.76 32.80 48.05
CA GLU L 1379 97.41 33.39 48.21
C GLU L 1379 96.61 32.54 49.20
N SER L 1380 96.64 31.22 49.00
CA SER L 1380 95.89 30.23 49.82
C SER L 1380 96.72 28.97 50.04
N VAL L 1381 96.59 28.41 51.25
CA VAL L 1381 97.09 27.07 51.67
C VAL L 1381 95.97 26.44 52.46
N VAL L 1382 95.23 25.50 51.90
CA VAL L 1382 94.11 24.90 52.65
C VAL L 1382 94.31 23.39 52.68
N ASN L 1383 93.94 22.79 53.81
CA ASN L 1383 93.96 21.33 54.01
C ASN L 1383 92.61 20.80 53.48
N GLN L 1384 92.55 20.44 52.20
CA GLN L 1384 91.48 19.57 51.64
C GLN L 1384 91.59 18.22 52.31
N PRO L 1385 90.57 17.34 52.24
CA PRO L 1385 90.64 16.02 52.90
C PRO L 1385 91.65 15.09 52.21
N THR L 1386 91.89 15.33 50.92
CA THR L 1386 92.61 14.44 49.98
C THR L 1386 94.09 14.84 49.90
N GLY L 1387 94.45 16.01 50.47
CA GLY L 1387 95.80 16.61 50.39
C GLY L 1387 95.77 18.11 50.66
N LYS L 1388 96.94 18.76 50.57
CA LYS L 1388 97.12 20.21 50.89
C LYS L 1388 97.36 21.00 49.61
N ILE L 1389 96.50 21.99 49.36
CA ILE L 1389 96.50 22.80 48.11
C ILE L 1389 97.24 24.10 48.42
N VAL L 1390 98.13 24.53 47.52
CA VAL L 1390 98.87 25.82 47.65
C VAL L 1390 98.70 26.61 46.35
N ASP L 1391 97.88 27.66 46.40
CA ASP L 1391 97.67 28.63 45.29
C ASP L 1391 98.75 29.71 45.43
N VAL L 1392 99.63 29.87 44.44
CA VAL L 1392 100.74 30.87 44.43
C VAL L 1392 100.43 31.93 43.36
N VAL L 1393 100.81 33.18 43.60
CA VAL L 1393 100.64 34.30 42.63
C VAL L 1393 101.97 35.05 42.50
N GLY L 1394 102.61 34.96 41.33
CA GLY L 1394 103.79 35.76 40.94
C GLY L 1394 103.41 37.10 40.31
N THR L 1395 104.32 38.06 40.30
CA THR L 1395 104.21 39.36 39.59
C THR L 1395 105.58 39.68 38.97
N LEU L 1396 105.69 39.59 37.64
CA LEU L 1396 106.90 40.00 36.90
C LEU L 1396 106.87 41.51 36.71
N SER L 1397 107.92 42.19 37.13
CA SER L 1397 108.11 43.65 36.95
C SER L 1397 109.33 43.92 36.06
N ARG L 1398 109.25 44.98 35.23
CA ARG L 1398 110.39 45.62 34.53
C ARG L 1398 110.24 47.14 34.70
N ASN L 1399 111.34 47.87 34.89
CA ASN L 1399 111.38 49.33 35.16
C ASN L 1399 110.41 49.63 36.32
N GLY L 1400 110.55 48.91 37.42
CA GLY L 1400 109.72 49.01 38.65
C GLY L 1400 108.23 49.15 38.33
N LYS L 1401 107.75 48.49 37.27
CA LYS L 1401 106.34 48.49 36.82
C LYS L 1401 105.89 47.05 36.66
N PRO L 1402 104.66 46.69 37.08
CA PRO L 1402 104.14 45.35 36.85
C PRO L 1402 103.94 45.14 35.34
N VAL L 1403 104.24 43.93 34.85
CA VAL L 1403 104.12 43.54 33.42
C VAL L 1403 103.07 42.44 33.29
N MET L 1404 103.28 41.30 33.96
CA MET L 1404 102.27 40.23 34.00
C MET L 1404 102.24 39.55 35.38
N GLU L 1405 101.13 38.89 35.69
CA GLU L 1405 100.96 38.01 36.86
C GLU L 1405 101.08 36.56 36.41
N VAL L 1406 101.93 35.77 37.07
CA VAL L 1406 101.89 34.28 37.00
C VAL L 1406 100.98 33.80 38.13
N THR L 1407 100.22 32.73 37.92
CA THR L 1407 99.53 31.95 38.97
C THR L 1407 99.87 30.48 38.76
N SER L 1408 100.23 29.75 39.82
CA SER L 1408 100.48 28.30 39.80
C SER L 1408 99.83 27.70 41.04
N SER L 1409 99.19 26.54 40.90
CA SER L 1409 98.53 25.82 42.02
C SER L 1409 99.21 24.45 42.18
N PHE L 1410 99.64 24.14 43.41
CA PHE L 1410 100.34 22.88 43.76
C PHE L 1410 99.50 22.13 44.79
N PHE L 1411 99.67 20.80 44.80
CA PHE L 1411 98.90 19.88 45.66
C PHE L 1411 99.87 18.84 46.24
N TYR L 1412 100.03 18.85 47.56
CA TYR L 1412 100.73 17.79 48.32
C TYR L 1412 99.72 16.71 48.67
N ARG L 1413 99.69 15.60 47.91
CA ARG L 1413 98.79 14.46 48.20
C ARG L 1413 99.10 13.96 49.61
N GLY L 1414 98.08 13.84 50.46
CA GLY L 1414 98.23 13.28 51.81
C GLY L 1414 97.12 13.72 52.75
N ASN L 1415 97.32 13.46 54.05
CA ASN L 1415 96.32 13.68 55.11
C ASN L 1415 96.91 14.72 56.07
N TYR L 1416 96.32 15.91 56.18
CA TYR L 1416 96.91 17.09 56.88
C TYR L 1416 95.96 17.69 57.91
N THR L 1417 96.44 17.90 59.14
CA THR L 1417 95.65 18.40 60.31
C THR L 1417 96.05 19.83 60.70
N ASP L 1418 97.11 20.39 60.12
CA ASP L 1418 97.74 21.62 60.64
C ASP L 1418 96.96 22.85 60.15
N PHE L 1419 95.70 22.96 60.57
CA PHE L 1419 94.75 24.02 60.16
C PHE L 1419 95.25 25.40 60.65
N GLU L 1420 96.14 25.40 61.66
CA GLU L 1420 96.75 26.64 62.21
C GLU L 1420 97.73 27.23 61.17
N ASN L 1421 98.17 26.46 60.18
CA ASN L 1421 99.06 26.93 59.08
C ASN L 1421 98.24 27.09 57.80
N THR L 1422 96.93 26.90 57.89
CA THR L 1422 95.98 26.99 56.76
C THR L 1422 95.43 28.43 56.75
N PHE L 1423 95.42 29.05 55.58
CA PHE L 1423 94.68 30.31 55.31
C PHE L 1423 94.29 30.37 53.82
N GLN L 1424 93.20 31.07 53.51
CA GLN L 1424 92.66 31.18 52.13
C GLN L 1424 92.17 32.61 51.90
N LYS L 1425 92.71 33.25 50.86
CA LYS L 1425 92.22 34.56 50.39
C LYS L 1425 91.56 34.33 49.03
N THR L 1426 90.37 34.89 48.82
CA THR L 1426 89.62 34.80 47.55
C THR L 1426 89.20 36.22 47.15
N VAL L 1427 89.18 36.49 45.84
CA VAL L 1427 88.73 37.79 45.27
C VAL L 1427 87.31 37.56 44.75
N GLU L 1428 86.31 38.11 45.42
CA GLU L 1428 84.89 37.80 45.13
C GLU L 1428 84.51 38.44 43.81
N PRO L 1429 83.51 37.91 43.10
CA PRO L 1429 82.97 38.59 41.92
C PRO L 1429 82.35 39.92 42.37
N VAL L 1430 82.30 40.92 41.49
CA VAL L 1430 81.68 42.24 41.82
C VAL L 1430 80.16 42.04 41.92
N TYR L 1431 79.56 42.42 43.04
CA TYR L 1431 78.09 42.32 43.27
C TYR L 1431 77.48 43.70 43.02
N GLN L 1432 76.29 43.75 42.41
CA GLN L 1432 75.57 44.99 42.07
C GLN L 1432 74.19 44.97 42.74
N MET L 1433 73.71 46.14 43.16
CA MET L 1433 72.40 46.35 43.84
C MET L 1433 71.79 47.66 43.36
N HIS L 1434 70.56 47.65 42.81
CA HIS L 1434 69.75 48.87 42.51
C HIS L 1434 68.91 49.18 43.75
N ILE L 1435 69.20 50.29 44.42
CA ILE L 1435 68.51 50.72 45.66
C ILE L 1435 67.23 51.47 45.26
N LYS L 1436 66.05 50.85 45.40
CA LYS L 1436 64.75 51.42 44.93
C LYS L 1436 63.97 52.06 46.10
N THR L 1437 63.79 51.31 47.19
CA THR L 1437 62.89 51.62 48.33
C THR L 1437 63.72 52.20 49.48
N SER L 1438 63.11 52.98 50.37
CA SER L 1438 63.74 53.47 51.63
C SER L 1438 63.90 52.31 52.62
N LYS L 1439 63.19 51.20 52.37
CA LYS L 1439 63.33 49.94 53.13
C LYS L 1439 64.67 49.27 52.77
N ASP L 1440 64.96 49.12 51.48
CA ASP L 1440 66.26 48.62 50.96
C ASP L 1440 67.41 49.31 51.73
N ILE L 1441 67.34 50.63 51.89
CA ILE L 1441 68.47 51.42 52.47
C ILE L 1441 68.51 51.12 53.98
N ALA L 1442 67.36 51.01 54.65
CA ALA L 1442 67.28 50.67 56.09
C ALA L 1442 68.02 49.35 56.34
N VAL L 1443 67.79 48.34 55.48
CA VAL L 1443 68.42 46.99 55.60
C VAL L 1443 69.94 47.17 55.55
N LEU L 1444 70.46 47.91 54.57
CA LEU L 1444 71.92 48.14 54.41
C LEU L 1444 72.48 48.81 55.69
N ARG L 1445 71.81 49.84 56.23
CA ARG L 1445 72.32 50.55 57.43
C ARG L 1445 72.33 49.59 58.63
N SER L 1446 71.44 48.59 58.62
CA SER L 1446 71.37 47.51 59.64
C SER L 1446 72.74 46.86 59.80
N LYS L 1447 73.46 46.66 58.69
CA LYS L 1447 74.74 45.89 58.62
C LYS L 1447 75.88 46.79 59.11
N GLU L 1448 76.63 46.34 60.13
CA GLU L 1448 77.81 47.05 60.68
C GLU L 1448 78.82 47.32 59.55
N TRP L 1449 78.94 46.36 58.64
CA TRP L 1449 80.02 46.30 57.62
C TRP L 1449 79.82 47.33 56.51
N PHE L 1450 78.59 47.85 56.36
CA PHE L 1450 78.24 48.88 55.36
C PHE L 1450 78.60 50.26 55.92
N GLN L 1451 79.74 50.81 55.49
CA GLN L 1451 80.30 52.06 56.07
C GLN L 1451 80.54 53.07 54.95
N LEU L 1452 79.64 54.04 54.81
CA LEU L 1452 79.73 55.13 53.79
C LEU L 1452 80.72 56.20 54.27
N ASP L 1453 81.46 56.79 53.33
CA ASP L 1453 82.35 57.95 53.59
C ASP L 1453 81.51 59.07 54.20
N ASP L 1454 80.35 59.34 53.62
CA ASP L 1454 79.41 60.42 54.05
C ASP L 1454 78.10 59.75 54.49
N GLU L 1455 77.82 59.76 55.80
CA GLU L 1455 76.64 59.11 56.43
C GLU L 1455 75.36 59.51 55.70
N ASP L 1456 75.24 60.79 55.35
CA ASP L 1456 74.02 61.41 54.77
C ASP L 1456 73.91 61.16 53.28
N PHE L 1457 74.76 60.33 52.68
CA PHE L 1457 74.71 60.05 51.21
C PHE L 1457 73.31 59.51 50.86
N ASP L 1458 72.68 60.11 49.85
CA ASP L 1458 71.33 59.74 49.37
C ASP L 1458 71.46 58.51 48.46
N LEU L 1459 71.12 57.32 48.98
CA LEU L 1459 71.28 56.03 48.26
C LEU L 1459 70.10 55.75 47.35
N LEU L 1460 69.02 56.53 47.44
CA LEU L 1460 67.74 56.23 46.75
C LEU L 1460 67.93 56.35 45.23
N ASN L 1461 67.54 55.32 44.49
CA ASN L 1461 67.55 55.22 43.01
C ASN L 1461 68.98 55.21 42.49
N LYS L 1462 69.94 54.79 43.30
CA LYS L 1462 71.37 54.66 42.91
C LYS L 1462 71.69 53.18 42.74
N THR L 1463 72.73 52.89 41.96
CA THR L 1463 73.25 51.53 41.72
C THR L 1463 74.60 51.42 42.42
N LEU L 1464 74.68 50.62 43.47
CA LEU L 1464 75.93 50.35 44.21
C LEU L 1464 76.58 49.12 43.60
N THR L 1465 77.92 49.10 43.55
CA THR L 1465 78.73 47.90 43.28
C THR L 1465 79.61 47.64 44.52
N PHE L 1466 79.89 46.37 44.80
CA PHE L 1466 80.65 45.90 45.98
C PHE L 1466 81.84 45.04 45.51
N GLU L 1467 83.03 45.65 45.44
CA GLU L 1467 84.28 44.99 44.99
C GLU L 1467 85.02 44.46 46.21
N THR L 1468 84.95 43.16 46.44
CA THR L 1468 85.15 42.53 47.78
C THR L 1468 86.20 41.42 47.68
N GLU L 1469 87.20 41.46 48.57
CA GLU L 1469 88.13 40.35 48.88
C GLU L 1469 87.76 39.77 50.24
N THR L 1470 87.88 38.45 50.43
CA THR L 1470 87.60 37.79 51.73
C THR L 1470 88.79 36.89 52.09
N GLU L 1471 89.47 37.22 53.20
CA GLU L 1471 90.54 36.44 53.85
C GLU L 1471 89.94 35.63 55.00
N VAL L 1472 90.36 34.39 55.13
CA VAL L 1472 89.78 33.41 56.08
C VAL L 1472 90.94 32.59 56.67
N THR L 1473 90.86 32.19 57.94
CA THR L 1473 91.78 31.22 58.59
C THR L 1473 90.92 30.07 59.12
N PHE L 1474 91.48 28.88 59.35
CA PHE L 1474 90.69 27.66 59.62
C PHE L 1474 90.93 27.16 61.05
N LYS L 1475 89.85 26.76 61.71
CA LYS L 1475 89.88 25.99 62.99
C LYS L 1475 89.99 24.52 62.65
N ASN L 1476 89.12 24.02 61.76
CA ASN L 1476 89.16 22.64 61.23
C ASN L 1476 88.59 22.66 59.80
N ALA L 1477 88.31 21.49 59.24
CA ALA L 1477 87.78 21.32 57.87
C ALA L 1477 86.56 22.23 57.63
N ASN L 1478 85.64 22.37 58.61
CA ASN L 1478 84.33 23.06 58.45
C ASN L 1478 84.41 24.51 58.98
N ILE L 1479 84.74 24.69 60.26
CA ILE L 1479 84.67 26.00 60.98
C ILE L 1479 85.89 26.86 60.63
N PHE L 1480 85.68 28.11 60.21
CA PHE L 1480 86.72 29.15 60.06
C PHE L 1480 87.07 29.69 61.45
N SER L 1481 88.37 29.84 61.73
CA SER L 1481 88.90 30.43 63.00
C SER L 1481 88.68 31.94 62.96
N SER L 1482 88.78 32.56 61.78
CA SER L 1482 88.51 34.01 61.56
C SER L 1482 88.04 34.25 60.12
N VAL L 1483 87.29 35.32 59.90
CA VAL L 1483 86.73 35.73 58.58
C VAL L 1483 86.86 37.24 58.43
N LYS L 1484 87.52 37.69 57.38
CA LYS L 1484 87.62 39.12 57.01
C LYS L 1484 87.05 39.28 55.60
N CYS L 1485 86.26 40.32 55.37
CA CYS L 1485 85.64 40.65 54.06
C CYS L 1485 85.56 42.17 53.93
N PHE L 1486 86.35 42.74 53.02
CA PHE L 1486 86.56 44.21 52.87
C PHE L 1486 86.72 44.53 51.39
N GLY L 1487 86.65 45.82 51.07
CA GLY L 1487 86.71 46.33 49.69
C GLY L 1487 85.80 47.53 49.52
N PRO L 1488 85.97 48.31 48.44
CA PRO L 1488 85.18 49.52 48.24
C PRO L 1488 83.73 49.29 47.80
N ILE L 1489 82.84 50.18 48.27
CA ILE L 1489 81.45 50.34 47.79
C ILE L 1489 81.41 51.54 46.85
N LYS L 1490 80.91 51.33 45.63
CA LYS L 1490 80.91 52.39 44.59
C LYS L 1490 79.48 52.65 44.10
N VAL L 1491 79.20 53.90 43.74
CA VAL L 1491 77.93 54.34 43.12
C VAL L 1491 78.16 54.54 41.62
N GLU L 1492 77.19 54.13 40.80
CA GLU L 1492 77.20 54.37 39.33
C GLU L 1492 76.80 55.82 39.10
N LEU L 1493 77.56 56.55 38.28
CA LEU L 1493 77.21 57.94 37.87
C LEU L 1493 76.39 57.88 36.59
N PRO L 1494 75.77 59.01 36.18
CA PRO L 1494 75.14 59.10 34.86
C PRO L 1494 76.01 58.63 33.68
N THR L 1495 77.33 58.77 33.78
CA THR L 1495 78.30 58.42 32.71
C THR L 1495 78.55 56.91 32.68
N LYS L 1496 78.04 56.16 33.66
CA LYS L 1496 78.22 54.69 33.86
C LYS L 1496 79.50 54.42 34.67
N GLU L 1497 80.36 55.42 34.86
CA GLU L 1497 81.56 55.33 35.72
C GLU L 1497 81.13 55.05 37.18
N THR L 1498 81.69 54.01 37.80
CA THR L 1498 81.54 53.68 39.24
C THR L 1498 82.58 54.49 40.05
N VAL L 1499 82.20 55.04 41.20
CA VAL L 1499 83.06 55.91 42.06
C VAL L 1499 82.92 55.50 43.53
N GLU L 1500 84.03 55.37 44.26
CA GLU L 1500 84.04 55.01 45.71
C GLU L 1500 83.14 55.99 46.48
N ILE L 1501 82.22 55.47 47.29
CA ILE L 1501 81.40 56.26 48.26
C ILE L 1501 81.50 55.67 49.67
N GLY L 1502 82.23 54.56 49.83
CA GLY L 1502 82.38 53.89 51.14
C GLY L 1502 83.18 52.62 51.04
N ILE L 1503 83.03 51.76 52.04
CA ILE L 1503 83.90 50.58 52.25
C ILE L 1503 83.04 49.49 52.90
N VAL L 1504 83.18 48.24 52.45
CA VAL L 1504 82.77 47.03 53.21
C VAL L 1504 83.90 46.75 54.20
N ASP L 1505 83.57 46.54 55.48
CA ASP L 1505 84.55 46.18 56.54
C ASP L 1505 83.90 45.20 57.54
N TYR L 1506 83.99 43.91 57.26
CA TYR L 1506 83.52 42.80 58.14
C TYR L 1506 84.76 42.07 58.68
N GLU L 1507 84.73 41.79 59.98
CA GLU L 1507 85.75 41.03 60.74
C GLU L 1507 84.99 40.15 61.74
N ALA L 1508 85.49 38.94 62.00
CA ALA L 1508 84.80 37.93 62.84
C ALA L 1508 85.77 36.83 63.25
N GLY L 1509 85.53 36.24 64.43
CA GLY L 1509 86.19 35.00 64.89
C GLY L 1509 85.49 33.79 64.33
N ALA L 1510 85.44 32.70 65.11
CA ALA L 1510 84.81 31.42 64.73
C ALA L 1510 83.49 31.72 63.99
N SER L 1511 83.46 31.50 62.68
CA SER L 1511 82.23 31.54 61.84
C SER L 1511 82.13 30.21 61.11
N HIS L 1512 80.94 29.86 60.59
CA HIS L 1512 80.73 28.77 59.61
C HIS L 1512 80.64 29.34 58.19
N GLY L 1513 80.64 30.67 58.04
CA GLY L 1513 80.39 31.31 56.73
C GLY L 1513 80.70 32.81 56.71
N ASN L 1514 80.60 33.37 55.49
CA ASN L 1514 80.81 34.81 55.18
C ASN L 1514 79.47 35.47 54.95
N PRO L 1515 78.92 36.22 55.94
CA PRO L 1515 77.56 36.73 55.85
C PRO L 1515 77.37 37.93 54.89
N VAL L 1516 78.48 38.50 54.43
CA VAL L 1516 78.51 39.66 53.49
C VAL L 1516 78.23 39.12 52.09
N VAL L 1517 78.97 38.11 51.66
CA VAL L 1517 78.78 37.47 50.32
C VAL L 1517 77.39 36.84 50.29
N ASP L 1518 76.96 36.16 51.35
CA ASP L 1518 75.61 35.54 51.43
C ASP L 1518 74.56 36.63 51.17
N PHE L 1519 74.69 37.78 51.83
CA PHE L 1519 73.74 38.93 51.69
C PHE L 1519 73.76 39.46 50.26
N LEU L 1520 74.95 39.71 49.70
CA LEU L 1520 75.10 40.32 48.36
C LEU L 1520 74.58 39.34 47.30
N LYS L 1521 74.78 38.03 47.50
CA LYS L 1521 74.33 36.98 46.55
C LYS L 1521 72.81 37.03 46.43
N ARG L 1522 72.12 37.06 47.57
CA ARG L 1522 70.64 36.99 47.64
C ARG L 1522 70.02 38.33 47.21
N ASN L 1523 70.61 39.47 47.59
CA ASN L 1523 69.97 40.79 47.41
C ASN L 1523 70.57 41.55 46.22
N GLY L 1524 71.57 40.98 45.54
CA GLY L 1524 72.24 41.64 44.41
C GLY L 1524 72.43 40.67 43.25
N SER L 1525 72.76 41.18 42.08
CA SER L 1525 73.18 40.34 40.93
C SER L 1525 74.70 40.39 40.87
N THR L 1526 75.34 39.31 40.42
CA THR L 1526 76.81 39.22 40.31
C THR L 1526 77.18 39.62 38.88
N LEU L 1527 78.09 40.57 38.68
CA LEU L 1527 78.57 40.93 37.32
C LEU L 1527 79.55 39.85 36.87
N GLU L 1528 79.40 39.32 35.65
CA GLU L 1528 80.39 38.42 35.01
C GLU L 1528 81.07 39.21 33.89
N GLN L 1529 82.38 39.06 33.80
CA GLN L 1529 83.24 39.75 32.81
C GLN L 1529 83.22 38.97 31.48
N LYS L 1530 83.23 37.64 31.59
CA LYS L 1530 83.23 36.68 30.46
C LYS L 1530 81.79 36.54 29.95
N VAL L 1531 81.59 36.71 28.65
CA VAL L 1531 80.25 36.61 28.00
C VAL L 1531 80.37 35.58 26.89
N ASN L 1532 79.63 34.48 26.98
CA ASN L 1532 79.63 33.42 25.94
C ASN L 1532 79.05 33.98 24.64
N LEU L 1533 79.53 33.50 23.50
CA LEU L 1533 78.92 33.69 22.16
C LEU L 1533 77.62 32.91 22.15
N GLU L 1534 76.78 33.08 21.13
CA GLU L 1534 75.55 32.25 21.00
C GLU L 1534 75.95 30.79 20.79
N ASN L 1535 77.02 30.55 20.03
CA ASN L 1535 77.55 29.19 19.79
C ASN L 1535 79.06 29.26 19.72
N PRO L 1536 79.77 28.21 20.20
CA PRO L 1536 81.22 28.19 20.10
C PRO L 1536 81.58 28.11 18.61
N ILE L 1537 82.59 28.87 18.20
CA ILE L 1537 83.14 28.84 16.81
C ILE L 1537 84.38 27.96 16.80
N PRO L 1538 84.40 26.81 16.10
CA PRO L 1538 85.62 26.01 16.01
C PRO L 1538 86.73 26.84 15.35
N ILE L 1539 87.96 26.63 15.80
CA ILE L 1539 89.18 27.31 15.26
C ILE L 1539 90.05 26.25 14.58
N ALA L 1540 90.40 25.16 15.27
CA ALA L 1540 91.22 24.07 14.72
C ALA L 1540 91.36 22.93 15.72
N VAL L 1541 91.61 21.72 15.22
CA VAL L 1541 92.09 20.52 15.99
C VAL L 1541 93.48 20.20 15.47
N LEU L 1542 94.49 20.16 16.34
CA LEU L 1542 95.92 20.09 15.95
C LEU L 1542 96.64 18.93 16.65
N ASP L 1543 97.50 18.22 15.91
CA ASP L 1543 98.39 17.17 16.47
C ASP L 1543 99.70 17.82 16.92
N SER L 1544 100.28 17.31 18.01
CA SER L 1544 101.58 17.71 18.61
C SER L 1544 102.13 16.49 19.34
N TYR L 1545 103.43 16.46 19.62
CA TYR L 1545 104.11 15.32 20.28
C TYR L 1545 104.82 15.85 21.52
N THR L 1546 104.91 15.05 22.58
CA THR L 1546 105.85 15.31 23.69
C THR L 1546 107.20 14.79 23.23
N PRO L 1547 108.32 15.43 23.63
CA PRO L 1547 109.64 15.03 23.15
C PRO L 1547 109.99 13.67 23.76
N SER L 1548 110.97 12.99 23.13
CA SER L 1548 111.54 11.68 23.54
C SER L 1548 112.40 11.83 24.81
N THR L 1549 112.90 13.03 25.08
CA THR L 1549 113.74 13.35 26.27
C THR L 1549 113.22 14.62 26.96
N ASN L 1550 113.17 14.64 28.29
CA ASN L 1550 112.65 15.81 29.06
C ASN L 1550 113.82 16.72 29.47
N GLU L 1551 115.06 16.31 29.21
CA GLU L 1551 116.29 17.07 29.55
C GLU L 1551 116.26 18.46 28.91
N PRO L 1552 116.02 18.60 27.58
CA PRO L 1552 116.02 19.93 26.95
C PRO L 1552 115.16 20.96 27.70
N TYR L 1553 113.93 20.60 28.10
CA TYR L 1553 113.03 21.53 28.86
C TYR L 1553 113.66 21.83 30.22
N ALA L 1554 114.10 20.79 30.94
CA ALA L 1554 114.74 20.90 32.26
C ALA L 1554 115.88 21.94 32.20
N ARG L 1555 116.75 21.89 31.18
CA ARG L 1555 117.93 22.79 31.04
C ARG L 1555 117.41 24.24 31.01
N VAL L 1556 116.44 24.57 30.15
CA VAL L 1556 116.01 25.97 29.90
C VAL L 1556 115.09 26.46 31.02
N SER L 1557 114.41 25.57 31.74
CA SER L 1557 113.36 25.90 32.74
C SER L 1557 113.94 25.97 34.16
N GLY L 1558 115.01 25.24 34.43
CA GLY L 1558 115.55 25.08 35.79
C GLY L 1558 114.82 24.02 36.60
N ASP L 1559 113.90 23.27 35.98
CA ASP L 1559 113.08 22.21 36.64
C ASP L 1559 113.81 20.87 36.52
N LEU L 1560 114.83 20.68 37.36
CA LEU L 1560 115.65 19.44 37.40
C LEU L 1560 114.95 18.39 38.28
N ASN L 1561 113.65 18.57 38.53
CA ASN L 1561 112.83 17.53 39.21
C ASN L 1561 113.23 16.18 38.63
N PRO L 1562 113.84 15.29 39.45
CA PRO L 1562 114.30 13.98 38.99
C PRO L 1562 113.24 13.08 38.32
N ILE L 1563 111.96 13.27 38.63
CA ILE L 1563 110.88 12.36 38.15
C ILE L 1563 110.78 12.46 36.62
N HIS L 1564 111.21 13.58 36.03
CA HIS L 1564 111.11 13.82 34.56
C HIS L 1564 112.30 13.18 33.84
N VAL L 1565 113.40 12.86 34.51
CA VAL L 1565 114.67 12.48 33.85
C VAL L 1565 115.19 11.11 34.32
N SER L 1566 114.80 10.62 35.49
CA SER L 1566 115.43 9.46 36.17
C SER L 1566 114.42 8.37 36.50
N ARG L 1567 114.56 7.19 35.88
CA ARG L 1567 113.68 6.01 36.08
C ARG L 1567 113.46 5.79 37.59
N HIS L 1568 114.56 5.77 38.36
CA HIS L 1568 114.54 5.28 39.77
C HIS L 1568 113.70 6.23 40.63
N PHE L 1569 113.71 7.53 40.33
CA PHE L 1569 112.90 8.53 41.08
C PHE L 1569 111.44 8.40 40.68
N ALA L 1570 111.17 8.40 39.38
CA ALA L 1570 109.81 8.22 38.81
C ALA L 1570 109.19 6.97 39.43
N SER L 1571 109.93 5.86 39.42
CA SER L 1571 109.46 4.56 39.94
C SER L 1571 109.14 4.66 41.44
N TYR L 1572 110.00 5.35 42.23
CA TYR L 1572 109.82 5.56 43.69
C TYR L 1572 108.53 6.34 43.96
N ALA L 1573 108.23 7.31 43.10
CA ALA L 1573 107.07 8.24 43.21
C ALA L 1573 105.81 7.60 42.63
N ASN L 1574 105.86 6.32 42.27
CA ASN L 1574 104.72 5.53 41.75
C ASN L 1574 104.16 6.14 40.46
N LEU L 1575 104.99 6.77 39.63
CA LEU L 1575 104.53 7.36 38.35
C LEU L 1575 104.53 6.29 37.27
N PRO L 1576 103.86 6.51 36.11
CA PRO L 1576 103.81 5.53 35.03
C PRO L 1576 105.10 5.50 34.19
N GLY L 1577 106.07 6.36 34.51
CA GLY L 1577 107.31 6.54 33.73
C GLY L 1577 107.89 7.90 34.01
N THR L 1578 108.93 8.28 33.26
CA THR L 1578 109.59 9.60 33.41
C THR L 1578 108.72 10.63 32.68
N ILE L 1579 107.63 11.05 33.33
CA ILE L 1579 106.53 11.87 32.71
C ILE L 1579 107.11 13.15 32.11
N THR L 1580 106.57 13.59 30.98
CA THR L 1580 106.84 14.90 30.35
C THR L 1580 106.56 15.97 31.41
N HIS L 1581 107.33 17.05 31.42
CA HIS L 1581 107.06 18.24 32.29
C HIS L 1581 105.67 18.79 31.96
N GLY L 1582 104.81 18.97 32.96
CA GLY L 1582 103.53 19.69 32.79
C GLY L 1582 103.77 20.98 32.03
N MET L 1583 104.78 21.74 32.46
CA MET L 1583 105.05 23.12 31.99
C MET L 1583 105.57 23.13 30.54
N PHE L 1584 105.92 21.96 30.00
CA PHE L 1584 106.21 21.78 28.55
C PHE L 1584 104.88 21.79 27.81
N SER L 1585 104.01 20.83 28.14
CA SER L 1585 102.63 20.75 27.61
C SER L 1585 102.02 22.15 27.60
N SER L 1586 102.14 22.91 28.70
CA SER L 1586 101.64 24.31 28.84
C SER L 1586 102.09 25.14 27.64
N ALA L 1587 103.41 25.29 27.47
CA ALA L 1587 104.07 26.16 26.47
C ALA L 1587 103.82 25.66 25.04
N SER L 1588 103.69 24.33 24.89
CA SER L 1588 103.58 23.61 23.60
C SER L 1588 102.17 23.83 23.03
N VAL L 1589 101.15 23.56 23.85
CA VAL L 1589 99.73 23.81 23.49
C VAL L 1589 99.57 25.32 23.28
N ARG L 1590 100.14 26.15 24.18
CA ARG L 1590 100.02 27.62 24.08
C ARG L 1590 100.57 28.07 22.71
N ALA L 1591 101.67 27.47 22.26
CA ALA L 1591 102.32 27.77 20.96
C ALA L 1591 101.31 27.58 19.83
N LEU L 1592 100.50 26.51 19.90
CA LEU L 1592 99.43 26.19 18.90
C LEU L 1592 98.39 27.31 18.90
N ILE L 1593 97.85 27.64 20.08
CA ILE L 1593 96.84 28.70 20.30
C ILE L 1593 97.36 30.01 19.68
N GLU L 1594 98.61 30.33 20.00
CA GLU L 1594 99.32 31.54 19.49
C GLU L 1594 99.29 31.55 17.96
N ASN L 1595 99.53 30.40 17.34
CA ASN L 1595 99.68 30.26 15.88
C ASN L 1595 98.31 30.37 15.21
N TRP L 1596 97.33 29.58 15.68
CA TRP L 1596 96.03 29.35 14.99
C TRP L 1596 94.96 30.32 15.49
N ALA L 1597 94.87 30.61 16.79
CA ALA L 1597 93.87 31.54 17.34
C ALA L 1597 94.36 32.99 17.22
N ALA L 1598 95.66 33.25 17.25
CA ALA L 1598 96.21 34.62 17.19
C ALA L 1598 96.91 34.90 15.85
N ASP L 1599 96.88 33.95 14.91
CA ASP L 1599 97.47 34.11 13.55
C ASP L 1599 98.97 34.41 13.67
N SER L 1600 99.62 33.92 14.73
CA SER L 1600 101.07 34.04 14.97
C SER L 1600 101.48 35.49 15.27
N VAL L 1601 100.55 36.32 15.75
CA VAL L 1601 100.87 37.65 16.34
C VAL L 1601 100.94 37.47 17.87
N SER L 1602 102.11 37.16 18.41
CA SER L 1602 102.28 36.80 19.85
C SER L 1602 101.67 37.88 20.75
N SER L 1603 101.76 39.15 20.37
CA SER L 1603 101.34 40.34 21.16
C SER L 1603 99.84 40.25 21.50
N ARG L 1604 99.05 39.59 20.64
CA ARG L 1604 97.58 39.47 20.77
C ARG L 1604 97.21 38.64 21.99
N VAL L 1605 97.89 37.53 22.28
CA VAL L 1605 97.48 36.64 23.41
C VAL L 1605 97.93 37.33 24.70
N ARG L 1606 96.99 37.73 25.55
CA ARG L 1606 97.26 38.54 26.78
C ARG L 1606 96.90 37.74 28.03
N GLY L 1607 96.31 36.55 27.87
CA GLY L 1607 96.02 35.65 29.02
C GLY L 1607 96.00 34.22 28.56
N TYR L 1608 96.50 33.30 29.39
CA TYR L 1608 96.51 31.85 29.13
C TYR L 1608 96.48 31.10 30.46
N THR L 1609 95.54 30.18 30.62
CA THR L 1609 95.41 29.31 31.82
C THR L 1609 95.41 27.85 31.36
N CYS L 1610 95.64 26.93 32.29
CA CYS L 1610 96.20 25.60 31.99
C CYS L 1610 95.87 24.66 33.15
N GLN L 1611 95.04 23.64 32.92
CA GLN L 1611 94.68 22.63 33.94
C GLN L 1611 95.38 21.31 33.57
N PHE L 1612 96.29 20.82 34.43
CA PHE L 1612 96.98 19.54 34.21
C PHE L 1612 96.07 18.40 34.65
N VAL L 1613 95.20 17.95 33.75
CA VAL L 1613 94.11 16.99 34.05
C VAL L 1613 94.72 15.62 34.35
N ASP L 1614 95.81 15.25 33.67
CA ASP L 1614 96.48 13.93 33.83
C ASP L 1614 97.92 14.04 33.31
N MET L 1615 98.76 13.02 33.53
CA MET L 1615 100.19 13.03 33.17
C MET L 1615 100.36 12.53 31.74
N VAL L 1616 101.48 12.84 31.10
CA VAL L 1616 101.80 12.42 29.71
C VAL L 1616 103.24 11.92 29.66
N LEU L 1617 103.50 10.75 29.04
CA LEU L 1617 104.86 10.17 28.91
C LEU L 1617 105.55 10.79 27.70
N PRO L 1618 106.89 10.69 27.59
CA PRO L 1618 107.59 11.12 26.38
C PRO L 1618 107.08 10.32 25.17
N ASN L 1619 107.09 10.94 23.99
CA ASN L 1619 106.63 10.34 22.70
C ASN L 1619 105.13 9.99 22.76
N THR L 1620 104.31 10.84 23.39
CA THR L 1620 102.82 10.75 23.29
C THR L 1620 102.37 11.69 22.17
N ALA L 1621 101.33 11.30 21.44
CA ALA L 1621 100.69 12.11 20.37
C ALA L 1621 99.44 12.79 20.93
N LEU L 1622 99.36 14.11 20.83
CA LEU L 1622 98.31 14.94 21.47
C LEU L 1622 97.43 15.60 20.40
N LYS L 1623 96.15 15.21 20.35
CA LYS L 1623 95.09 15.97 19.65
C LYS L 1623 94.62 17.07 20.61
N THR L 1624 94.70 18.33 20.19
CA THR L 1624 94.24 19.51 20.97
C THR L 1624 93.29 20.35 20.09
N SER L 1625 92.00 20.38 20.44
CA SER L 1625 90.94 21.17 19.76
C SER L 1625 90.80 22.53 20.44
N ILE L 1626 90.56 23.58 19.65
CA ILE L 1626 90.52 25.01 20.08
C ILE L 1626 89.25 25.64 19.52
N GLN L 1627 88.49 26.34 20.36
CA GLN L 1627 87.25 27.05 19.95
C GLN L 1627 87.28 28.49 20.47
N HIS L 1628 86.64 29.40 19.73
CA HIS L 1628 86.25 30.76 20.18
C HIS L 1628 84.91 30.63 20.90
N VAL L 1629 84.89 30.82 22.21
CA VAL L 1629 83.77 30.39 23.10
C VAL L 1629 83.02 31.62 23.64
N GLY L 1630 83.69 32.76 23.79
CA GLY L 1630 83.11 33.96 24.42
C GLY L 1630 83.96 35.20 24.20
N MET L 1631 83.63 36.29 24.89
CA MET L 1631 84.41 37.56 24.88
C MET L 1631 84.65 38.01 26.33
N ILE L 1632 85.65 38.88 26.53
CA ILE L 1632 85.90 39.58 27.82
C ILE L 1632 86.71 40.86 27.55
N ASN L 1633 86.10 42.03 27.76
CA ASN L 1633 86.73 43.36 27.58
C ASN L 1633 87.41 43.40 26.21
N GLY L 1634 86.72 42.92 25.17
CA GLY L 1634 87.13 43.08 23.77
C GLY L 1634 88.20 42.09 23.36
N ARG L 1635 88.45 41.10 24.22
CA ARG L 1635 89.39 40.00 23.93
C ARG L 1635 88.55 38.75 23.65
N LYS L 1636 88.88 38.02 22.59
CA LYS L 1636 88.26 36.70 22.28
C LYS L 1636 88.63 35.73 23.40
N LEU L 1637 87.63 35.10 24.01
CA LEU L 1637 87.81 34.04 25.04
C LEU L 1637 87.91 32.72 24.29
N ILE L 1638 89.10 32.12 24.26
CA ILE L 1638 89.36 30.81 23.58
C ILE L 1638 89.40 29.72 24.65
N LYS L 1639 88.66 28.63 24.45
CA LYS L 1639 88.76 27.40 25.27
C LYS L 1639 89.52 26.36 24.44
N PHE L 1640 90.21 25.43 25.10
CA PHE L 1640 90.91 24.31 24.42
C PHE L 1640 90.87 23.05 25.30
N GLU L 1641 91.05 21.91 24.65
CA GLU L 1641 91.06 20.56 25.26
C GLU L 1641 92.12 19.73 24.53
N THR L 1642 92.95 18.98 25.27
CA THR L 1642 94.06 18.17 24.72
C THR L 1642 93.92 16.72 25.24
N ARG L 1643 93.84 15.76 24.32
CA ARG L 1643 93.66 14.32 24.62
C ARG L 1643 94.88 13.56 24.10
N ASN L 1644 95.14 12.37 24.67
CA ASN L 1644 96.25 11.47 24.24
C ASN L 1644 95.68 10.42 23.27
N GLU L 1645 96.51 9.47 22.82
CA GLU L 1645 96.12 8.40 21.86
C GLU L 1645 94.87 7.67 22.36
N ASP L 1646 94.75 7.43 23.68
CA ASP L 1646 93.63 6.66 24.29
C ASP L 1646 92.39 7.57 24.44
N ASP L 1647 92.46 8.80 23.94
CA ASP L 1647 91.33 9.74 23.91
C ASP L 1647 90.98 10.18 25.33
N VAL L 1648 91.96 10.23 26.22
CA VAL L 1648 91.83 10.68 27.64
C VAL L 1648 92.21 12.17 27.71
N VAL L 1649 91.39 12.99 28.35
CA VAL L 1649 91.68 14.45 28.51
C VAL L 1649 92.86 14.58 29.47
N VAL L 1650 93.80 15.45 29.14
CA VAL L 1650 95.18 15.53 29.69
C VAL L 1650 95.50 16.99 30.05
N LEU L 1651 95.13 17.91 29.16
CA LEU L 1651 95.27 19.38 29.34
C LEU L 1651 93.95 20.04 28.93
N THR L 1652 93.43 20.96 29.75
CA THR L 1652 92.35 21.90 29.39
C THR L 1652 92.82 23.31 29.73
N GLY L 1653 92.03 24.32 29.40
CA GLY L 1653 92.35 25.72 29.76
C GLY L 1653 91.78 26.69 28.76
N GLU L 1654 92.01 27.98 28.97
CA GLU L 1654 91.47 29.05 28.11
C GLU L 1654 92.55 30.12 27.89
N ALA L 1655 92.36 30.92 26.86
CA ALA L 1655 93.24 32.06 26.50
C ALA L 1655 92.38 33.25 26.12
N GLU L 1656 92.89 34.46 26.36
CA GLU L 1656 92.24 35.74 25.99
C GLU L 1656 93.12 36.37 24.91
N ILE L 1657 92.54 36.66 23.74
CA ILE L 1657 93.28 37.07 22.52
C ILE L 1657 92.66 38.34 21.94
N GLU L 1658 93.45 39.42 21.83
CA GLU L 1658 93.00 40.73 21.27
C GLU L 1658 92.38 40.49 19.90
N GLN L 1659 91.31 41.22 19.59
CA GLN L 1659 90.76 41.33 18.22
C GLN L 1659 91.78 42.06 17.36
N PRO L 1660 91.80 41.85 16.04
CA PRO L 1660 92.65 42.65 15.15
C PRO L 1660 92.42 44.15 15.42
N VAL L 1661 93.35 45.01 15.00
CA VAL L 1661 93.26 46.48 15.26
C VAL L 1661 91.94 47.00 14.67
N THR L 1662 91.13 47.67 15.49
CA THR L 1662 89.75 48.11 15.14
C THR L 1662 89.67 49.64 15.20
N THR L 1663 88.94 50.24 14.26
CA THR L 1663 88.49 51.65 14.36
C THR L 1663 86.97 51.70 14.22
N PHE L 1664 86.29 52.41 15.12
CA PHE L 1664 84.83 52.63 15.07
C PHE L 1664 84.58 54.00 14.42
N VAL L 1665 83.72 54.03 13.40
CA VAL L 1665 83.31 55.28 12.72
C VAL L 1665 81.80 55.42 12.87
N PHE L 1666 81.33 56.61 13.26
CA PHE L 1666 79.91 56.88 13.60
C PHE L 1666 79.30 57.76 12.52
N THR L 1667 78.16 57.33 11.98
CA THR L 1667 77.52 57.92 10.79
C THR L 1667 76.88 59.27 11.14
N GLY L 1668 76.85 60.18 10.16
CA GLY L 1668 76.26 61.53 10.29
C GLY L 1668 74.79 61.55 9.87
N GLN L 1669 74.20 62.75 9.80
CA GLN L 1669 72.80 62.95 9.34
C GLN L 1669 72.70 62.44 7.90
N GLY L 1670 71.47 62.21 7.42
CA GLY L 1670 71.18 61.80 6.03
C GLY L 1670 70.89 60.31 5.92
N SER L 1671 71.37 59.53 6.87
CA SER L 1671 71.27 58.03 6.86
C SER L 1671 70.00 57.58 7.59
N GLN L 1672 69.43 58.44 8.44
CA GLN L 1672 68.34 58.09 9.41
C GLN L 1672 67.13 57.54 8.65
N GLU L 1673 66.43 56.59 9.25
CA GLU L 1673 65.29 55.85 8.65
C GLU L 1673 64.27 55.59 9.75
N GLN L 1674 62.98 55.66 9.42
CA GLN L 1674 61.90 55.37 10.40
C GLN L 1674 62.13 53.97 10.96
N GLY L 1675 61.94 53.78 12.25
CA GLY L 1675 62.03 52.46 12.91
C GLY L 1675 63.46 52.05 13.22
N MET L 1676 64.45 52.87 12.89
CA MET L 1676 65.89 52.50 13.08
C MET L 1676 66.16 52.25 14.57
N GLY L 1677 66.93 51.20 14.86
CA GLY L 1677 67.42 50.87 16.21
C GLY L 1677 66.38 50.18 17.07
N MET L 1678 65.14 50.03 16.56
CA MET L 1678 63.96 49.55 17.33
C MET L 1678 63.97 48.02 17.46
N ASP L 1679 64.54 47.31 16.49
CA ASP L 1679 64.73 45.83 16.59
C ASP L 1679 65.61 45.55 17.82
N LEU L 1680 66.70 46.30 17.94
CA LEU L 1680 67.65 46.22 19.07
C LEU L 1680 66.92 46.58 20.36
N TYR L 1681 66.05 47.60 20.32
CA TYR L 1681 65.29 48.10 21.49
C TYR L 1681 64.46 46.97 22.10
N LYS L 1682 63.91 46.09 21.26
CA LYS L 1682 63.08 44.94 21.72
C LYS L 1682 63.98 43.94 22.47
N THR L 1683 65.14 43.60 21.90
CA THR L 1683 65.94 42.40 22.27
C THR L 1683 67.03 42.74 23.32
N SER L 1684 67.51 43.98 23.42
CA SER L 1684 68.71 44.34 24.24
C SER L 1684 68.35 45.18 25.45
N LYS L 1685 68.65 44.68 26.65
CA LYS L 1685 68.55 45.45 27.92
C LYS L 1685 69.34 46.75 27.77
N ALA L 1686 70.58 46.66 27.30
CA ALA L 1686 71.54 47.80 27.22
C ALA L 1686 70.93 48.92 26.38
N ALA L 1687 70.32 48.56 25.24
CA ALA L 1687 69.74 49.49 24.26
C ALA L 1687 68.49 50.12 24.87
N GLN L 1688 67.63 49.30 25.49
CA GLN L 1688 66.40 49.78 26.16
C GLN L 1688 66.78 50.92 27.09
N ASP L 1689 67.72 50.68 28.01
CA ASP L 1689 68.14 51.66 29.05
C ASP L 1689 68.56 52.97 28.39
N VAL L 1690 69.31 52.93 27.28
CA VAL L 1690 69.76 54.15 26.55
C VAL L 1690 68.53 54.90 26.05
N TRP L 1691 67.72 54.25 25.21
CA TRP L 1691 66.52 54.86 24.59
C TRP L 1691 65.58 55.41 25.68
N ASN L 1692 65.40 54.68 26.78
CA ASN L 1692 64.44 55.04 27.86
C ASN L 1692 65.00 56.24 28.63
N ARG L 1693 66.24 56.19 29.11
CA ARG L 1693 66.88 57.34 29.82
C ARG L 1693 66.58 58.61 29.02
N ALA L 1694 66.72 58.52 27.69
CA ALA L 1694 66.65 59.64 26.74
C ALA L 1694 65.20 60.06 26.55
N ASP L 1695 64.33 59.08 26.31
CA ASP L 1695 62.87 59.29 26.09
C ASP L 1695 62.30 59.98 27.33
N ASN L 1696 62.61 59.46 28.52
CA ASN L 1696 62.16 60.05 29.81
C ASN L 1696 62.65 61.49 29.89
N HIS L 1697 63.88 61.75 29.46
CA HIS L 1697 64.47 63.10 29.58
C HIS L 1697 63.66 64.05 28.70
N PHE L 1698 63.36 63.65 27.45
CA PHE L 1698 62.64 64.50 26.47
C PHE L 1698 61.20 64.72 26.94
N LYS L 1699 60.53 63.65 27.36
CA LYS L 1699 59.11 63.70 27.81
C LYS L 1699 59.00 64.64 29.01
N ASP L 1700 59.87 64.51 30.00
CA ASP L 1700 59.79 65.28 31.27
C ASP L 1700 60.20 66.73 31.05
N THR L 1701 61.15 67.04 30.16
CA THR L 1701 61.67 68.44 30.04
C THR L 1701 61.04 69.14 28.84
N TYR L 1702 60.71 68.48 27.73
CA TYR L 1702 60.21 69.16 26.49
C TYR L 1702 58.85 68.62 26.01
N GLY L 1703 58.27 67.64 26.69
CA GLY L 1703 56.91 67.13 26.41
C GLY L 1703 56.79 66.45 25.05
N PHE L 1704 57.82 65.71 24.60
CA PHE L 1704 57.71 64.83 23.41
C PHE L 1704 58.57 63.60 23.65
N SER L 1705 58.27 62.53 22.92
CA SER L 1705 58.95 61.22 23.00
C SER L 1705 59.84 61.05 21.77
N ILE L 1706 61.15 60.90 21.96
CA ILE L 1706 62.07 60.65 20.81
C ILE L 1706 61.76 59.28 20.21
N LEU L 1707 61.36 58.32 21.05
CA LEU L 1707 60.92 56.99 20.58
C LEU L 1707 59.71 57.16 19.63
N ASP L 1708 58.66 57.87 20.07
CA ASP L 1708 57.46 58.07 19.22
C ASP L 1708 57.91 58.62 17.87
N ILE L 1709 58.83 59.59 17.84
CA ILE L 1709 59.25 60.25 16.58
C ILE L 1709 59.97 59.23 15.70
N VAL L 1710 60.85 58.43 16.28
CA VAL L 1710 61.60 57.39 15.53
C VAL L 1710 60.62 56.34 15.01
N ILE L 1711 59.65 55.92 15.82
CA ILE L 1711 58.75 54.77 15.50
C ILE L 1711 57.72 55.18 14.42
N ASN L 1712 57.04 56.32 14.59
CA ASN L 1712 55.85 56.74 13.79
C ASN L 1712 56.14 57.93 12.86
N ASN L 1713 57.28 58.59 13.02
CA ASN L 1713 57.73 59.72 12.14
C ASN L 1713 56.54 60.59 11.77
N PRO L 1714 55.92 61.28 12.77
CA PRO L 1714 54.76 62.12 12.51
C PRO L 1714 55.15 63.37 11.69
N VAL L 1715 54.20 63.89 10.91
CA VAL L 1715 54.41 65.05 9.99
C VAL L 1715 54.42 66.33 10.82
N ASN L 1716 53.57 66.34 11.85
CA ASN L 1716 53.41 67.47 12.80
C ASN L 1716 53.37 66.87 14.22
N LEU L 1717 53.87 67.62 15.20
CA LEU L 1717 53.83 67.21 16.62
C LEU L 1717 53.64 68.48 17.43
N THR L 1718 52.59 68.54 18.26
CA THR L 1718 52.26 69.75 19.03
C THR L 1718 52.40 69.43 20.52
N ILE L 1719 53.11 70.30 21.24
CA ILE L 1719 53.43 70.22 22.69
C ILE L 1719 52.40 71.06 23.42
N HIS L 1720 51.79 70.55 24.48
CA HIS L 1720 50.71 71.25 25.20
C HIS L 1720 51.23 71.68 26.57
N PHE L 1721 50.97 72.93 26.95
CA PHE L 1721 51.50 73.56 28.17
C PHE L 1721 50.42 73.64 29.24
N GLY L 1722 49.57 72.63 29.33
CA GLY L 1722 48.46 72.61 30.28
C GLY L 1722 48.91 72.18 31.65
N GLY L 1723 48.43 72.84 32.70
CA GLY L 1723 48.58 72.37 34.09
C GLY L 1723 49.99 72.61 34.60
N GLU L 1724 50.25 72.34 35.88
CA GLU L 1724 51.53 72.71 36.52
C GLU L 1724 52.67 71.99 35.78
N LYS L 1725 52.46 70.76 35.31
CA LYS L 1725 53.48 70.00 34.55
C LYS L 1725 53.77 70.66 33.20
N GLY L 1726 52.76 71.26 32.58
CA GLY L 1726 52.86 71.88 31.26
C GLY L 1726 53.53 73.22 31.30
N LYS L 1727 53.40 73.97 32.39
CA LYS L 1727 54.02 75.32 32.53
C LYS L 1727 55.52 75.10 32.77
N ARG L 1728 55.89 74.11 33.60
CA ARG L 1728 57.31 73.74 33.85
C ARG L 1728 57.96 73.41 32.50
N ILE L 1729 57.27 72.68 31.63
CA ILE L 1729 57.78 72.31 30.28
C ILE L 1729 57.92 73.58 29.44
N ARG L 1730 56.95 74.48 29.52
CA ARG L 1730 56.98 75.72 28.72
C ARG L 1730 58.19 76.57 29.14
N GLU L 1731 58.46 76.66 30.44
CA GLU L 1731 59.65 77.39 30.97
C GLU L 1731 60.88 76.85 30.24
N ASN L 1732 61.09 75.53 30.24
CA ASN L 1732 62.23 74.85 29.57
C ASN L 1732 62.32 75.26 28.10
N TYR L 1733 61.21 75.50 27.42
CA TYR L 1733 61.21 75.94 26.00
C TYR L 1733 61.66 77.41 25.94
N SER L 1734 61.28 78.22 26.92
CA SER L 1734 61.57 79.69 26.96
C SER L 1734 63.01 79.88 27.44
N ALA L 1735 63.40 79.16 28.50
CA ALA L 1735 64.75 79.13 29.12
C ALA L 1735 65.80 78.59 28.14
N MET L 1736 65.41 78.23 26.91
CA MET L 1736 66.34 77.84 25.82
C MET L 1736 66.81 79.13 25.13
N ILE L 1737 68.07 79.51 25.42
CA ILE L 1737 68.67 80.85 25.16
C ILE L 1737 70.01 80.70 24.41
N PHE L 1738 70.55 81.80 23.86
CA PHE L 1738 71.94 81.96 23.36
C PHE L 1738 72.79 82.78 24.36
N GLU L 1739 73.81 82.15 24.97
CA GLU L 1739 74.69 82.72 26.04
C GLU L 1739 75.90 83.44 25.41
N THR L 1740 75.66 84.56 24.72
CA THR L 1740 76.67 85.42 24.06
C THR L 1740 77.30 86.37 25.12
N ILE L 1741 78.56 86.76 24.90
CA ILE L 1741 79.34 87.71 25.77
C ILE L 1741 79.74 88.94 24.91
N VAL L 1742 78.91 90.01 24.91
CA VAL L 1742 79.08 91.25 24.08
C VAL L 1742 79.40 92.47 24.99
N ASP L 1743 80.58 93.09 24.77
CA ASP L 1743 81.14 94.30 25.45
C ASP L 1743 81.74 93.96 26.83
N GLY L 1744 82.02 92.67 27.12
CA GLY L 1744 82.45 92.20 28.45
C GLY L 1744 81.32 91.55 29.24
N LYS L 1745 80.08 92.08 29.14
CA LYS L 1745 78.84 91.66 29.86
C LYS L 1745 78.11 90.54 29.09
N LEU L 1746 77.16 89.85 29.74
CA LEU L 1746 76.30 88.76 29.18
C LEU L 1746 75.11 89.36 28.37
N LYS L 1747 74.68 88.71 27.29
CA LYS L 1747 73.43 89.01 26.51
C LYS L 1747 72.67 87.70 26.23
N THR L 1748 71.35 87.81 26.07
CA THR L 1748 70.36 86.68 26.10
C THR L 1748 69.56 86.71 24.79
N GLU L 1749 69.26 85.55 24.17
CA GLU L 1749 68.43 85.46 22.93
C GLU L 1749 67.60 84.14 22.95
N LYS L 1750 66.28 84.29 22.81
CA LYS L 1750 65.26 83.21 22.91
C LYS L 1750 65.15 82.48 21.56
N ILE L 1751 65.39 81.17 21.61
CA ILE L 1751 65.34 80.22 20.45
C ILE L 1751 63.92 80.14 19.87
N PHE L 1752 62.94 79.98 20.75
CA PHE L 1752 61.49 79.85 20.45
C PHE L 1752 60.79 81.19 20.69
N LYS L 1753 60.68 82.01 19.64
CA LYS L 1753 60.23 83.42 19.77
C LYS L 1753 58.74 83.42 20.10
N GLU L 1754 58.00 82.44 19.57
CA GLU L 1754 56.50 82.37 19.62
C GLU L 1754 56.05 82.04 21.05
N ILE L 1755 56.83 81.27 21.81
CA ILE L 1755 56.42 80.68 23.12
C ILE L 1755 56.58 81.73 24.23
N ASN L 1756 55.47 82.24 24.76
CA ASN L 1756 55.47 83.26 25.85
C ASN L 1756 54.68 82.74 27.04
N GLU L 1757 54.43 83.61 28.03
CA GLU L 1757 53.65 83.31 29.26
C GLU L 1757 52.18 82.96 28.93
N HIS L 1758 51.73 83.24 27.71
CA HIS L 1758 50.32 83.11 27.29
C HIS L 1758 50.14 81.98 26.26
N SER L 1759 51.20 81.23 25.96
CA SER L 1759 51.18 80.13 24.96
C SER L 1759 50.62 78.87 25.62
N THR L 1760 49.59 78.27 25.01
CA THR L 1760 48.94 77.02 25.51
C THR L 1760 49.54 75.83 24.76
N SER L 1761 50.21 76.05 23.64
CA SER L 1761 50.83 74.97 22.83
C SER L 1761 51.84 75.53 21.83
N TYR L 1762 52.76 74.70 21.39
CA TYR L 1762 53.71 74.98 20.29
C TYR L 1762 53.72 73.76 19.38
N THR L 1763 53.80 73.96 18.06
CA THR L 1763 53.74 72.87 17.06
C THR L 1763 55.01 72.88 16.22
N PHE L 1764 55.70 71.74 16.17
CA PHE L 1764 56.78 71.43 15.20
C PHE L 1764 56.12 70.92 13.90
N ARG L 1765 56.54 71.44 12.75
CA ARG L 1765 56.04 71.04 11.40
C ARG L 1765 57.20 70.57 10.52
N SER L 1766 56.89 69.77 9.51
CA SER L 1766 57.83 69.28 8.47
C SER L 1766 57.01 68.71 7.31
N GLU L 1767 57.48 68.85 6.08
CA GLU L 1767 56.71 68.39 4.88
C GLU L 1767 56.42 66.89 5.05
N LYS L 1768 57.45 66.06 5.23
CA LYS L 1768 57.41 64.61 4.98
C LYS L 1768 57.54 63.80 6.27
N GLY L 1769 58.04 64.39 7.38
CA GLY L 1769 58.10 63.71 8.69
C GLY L 1769 59.18 64.29 9.60
N LEU L 1770 58.86 64.52 10.88
CA LEU L 1770 59.71 65.24 11.85
C LEU L 1770 61.05 64.52 12.04
N LEU L 1771 61.17 63.26 11.67
CA LEU L 1771 62.41 62.47 11.89
C LEU L 1771 63.56 63.07 11.07
N SER L 1772 63.27 63.83 10.02
CA SER L 1772 64.28 64.46 9.14
C SER L 1772 64.31 65.98 9.33
N ALA L 1773 63.74 66.50 10.42
CA ALA L 1773 64.01 67.87 10.89
C ALA L 1773 65.16 67.78 11.89
N THR L 1774 66.26 68.47 11.63
CA THR L 1774 67.59 68.20 12.24
C THR L 1774 67.52 68.13 13.78
N GLN L 1775 66.66 68.91 14.43
CA GLN L 1775 66.57 68.99 15.92
C GLN L 1775 66.18 67.62 16.51
N PHE L 1776 65.41 66.81 15.77
CA PHE L 1776 64.99 65.45 16.17
C PHE L 1776 65.95 64.43 15.56
N THR L 1777 66.32 64.62 14.30
CA THR L 1777 67.25 63.74 13.54
C THR L 1777 68.52 63.48 14.37
N GLN L 1778 69.10 64.54 14.92
CA GLN L 1778 70.42 64.45 15.59
C GLN L 1778 70.29 63.56 16.83
N PRO L 1779 69.39 63.84 17.80
CA PRO L 1779 69.29 62.97 18.98
C PRO L 1779 68.91 61.55 18.57
N ALA L 1780 67.95 61.39 17.65
CA ALA L 1780 67.47 60.08 17.16
C ALA L 1780 68.66 59.25 16.67
N LEU L 1781 69.50 59.83 15.81
CA LEU L 1781 70.68 59.16 15.19
C LEU L 1781 71.68 58.83 16.29
N THR L 1782 71.97 59.80 17.16
CA THR L 1782 72.91 59.68 18.30
C THR L 1782 72.54 58.45 19.13
N LEU L 1783 71.25 58.31 19.46
CA LEU L 1783 70.75 57.23 20.34
C LEU L 1783 70.90 55.88 19.62
N MET L 1784 70.38 55.76 18.40
CA MET L 1784 70.53 54.54 17.55
C MET L 1784 71.97 54.03 17.68
N GLU L 1785 72.95 54.93 17.58
CA GLU L 1785 74.40 54.60 17.57
C GLU L 1785 74.84 54.24 18.99
N LYS L 1786 74.55 55.08 19.98
CA LYS L 1786 74.99 54.88 21.39
C LYS L 1786 74.40 53.57 21.91
N ALA L 1787 73.13 53.30 21.61
CA ALA L 1787 72.42 52.06 22.00
C ALA L 1787 73.13 50.86 21.41
N ALA L 1788 73.37 50.86 20.09
CA ALA L 1788 74.11 49.78 19.40
C ALA L 1788 75.45 49.57 20.10
N PHE L 1789 76.13 50.66 20.46
CA PHE L 1789 77.49 50.57 21.01
C PHE L 1789 77.43 49.94 22.40
N GLU L 1790 76.47 50.36 23.22
CA GLU L 1790 76.39 49.87 24.63
C GLU L 1790 76.02 48.38 24.64
N ASP L 1791 75.17 47.95 23.71
CA ASP L 1791 74.87 46.51 23.52
C ASP L 1791 76.17 45.77 23.21
N LEU L 1792 76.94 46.25 22.24
CA LEU L 1792 78.25 45.65 21.87
C LEU L 1792 79.11 45.55 23.13
N LYS L 1793 79.23 46.66 23.86
CA LYS L 1793 80.11 46.75 25.05
C LYS L 1793 79.62 45.72 26.09
N SER L 1794 78.32 45.57 26.24
CA SER L 1794 77.70 44.62 27.21
C SER L 1794 78.03 43.17 26.83
N LYS L 1795 78.36 42.85 25.58
CA LYS L 1795 78.75 41.48 25.17
C LYS L 1795 80.29 41.37 25.13
N GLY L 1796 80.98 42.41 25.63
CA GLY L 1796 82.45 42.49 25.76
C GLY L 1796 83.15 42.47 24.42
N LEU L 1797 82.63 43.20 23.43
CA LEU L 1797 83.05 43.09 22.00
C LEU L 1797 83.91 44.27 21.59
N ILE L 1798 84.15 45.22 22.50
CA ILE L 1798 84.85 46.50 22.20
C ILE L 1798 86.31 46.36 22.62
N PRO L 1799 87.27 46.32 21.67
CA PRO L 1799 88.68 46.29 22.03
C PRO L 1799 89.01 47.48 22.93
N ALA L 1800 89.85 47.22 23.94
CA ALA L 1800 90.28 48.22 24.96
C ALA L 1800 90.91 49.43 24.25
N ASP L 1801 91.76 49.18 23.24
CA ASP L 1801 92.63 50.22 22.63
C ASP L 1801 92.14 50.60 21.23
N ALA L 1802 90.84 50.82 21.04
CA ALA L 1802 90.24 51.12 19.72
C ALA L 1802 90.35 52.62 19.43
N THR L 1803 90.75 52.97 18.21
CA THR L 1803 90.63 54.34 17.63
C THR L 1803 89.18 54.54 17.21
N PHE L 1804 88.70 55.78 17.19
CA PHE L 1804 87.31 56.11 16.82
C PHE L 1804 87.22 57.54 16.28
N ALA L 1805 86.26 57.76 15.38
CA ALA L 1805 85.94 59.08 14.81
C ALA L 1805 84.48 59.10 14.39
N GLY L 1806 83.88 60.29 14.35
CA GLY L 1806 82.49 60.45 13.89
C GLY L 1806 82.40 61.50 12.81
N HIS L 1807 81.62 61.23 11.76
CA HIS L 1807 81.38 62.16 10.64
C HIS L 1807 80.31 63.17 11.07
N J8W L 1808 80.68 64.45 11.09
CA J8W L 1808 79.76 65.53 11.44
CB J8W L 1808 78.78 65.74 10.26
OG J8W L 1808 77.40 65.57 10.63
C J8W L 1808 79.15 65.26 12.83
O J8W L 1808 79.84 65.39 13.82
C1 J8W L 1808 75.63 67.29 9.93
C2 J8W L 1808 76.17 65.88 9.87
C3 J8W L 1808 75.76 67.73 11.36
O7 J8W L 1808 75.55 65.00 9.26
O8 J8W L 1808 76.64 68.56 11.70
O9 J8W L 1808 74.98 67.22 12.18
N LEU L 1809 77.89 64.81 12.86
CA LEU L 1809 77.15 64.60 14.11
C LEU L 1809 77.69 63.38 14.86
N GLY L 1810 78.03 62.33 14.10
CA GLY L 1810 78.64 61.09 14.61
C GLY L 1810 79.75 61.38 15.62
N GLU L 1811 80.44 62.52 15.50
CA GLU L 1811 81.52 62.91 16.44
C GLU L 1811 80.96 62.85 17.86
N TYR L 1812 79.73 63.33 18.08
CA TYR L 1812 79.10 63.41 19.43
C TYR L 1812 78.78 62.00 19.93
N ALA L 1813 78.21 61.15 19.07
CA ALA L 1813 77.86 59.75 19.38
C ALA L 1813 79.15 58.98 19.71
N ALA L 1814 80.16 59.11 18.85
CA ALA L 1814 81.48 58.45 18.99
C ALA L 1814 82.10 58.82 20.34
N LEU L 1815 82.16 60.11 20.67
CA LEU L 1815 82.75 60.57 21.96
C LEU L 1815 82.01 59.93 23.13
N ALA L 1816 80.68 59.87 23.09
CA ALA L 1816 79.86 59.33 24.20
C ALA L 1816 80.02 57.82 24.24
N SER L 1817 80.06 57.17 23.08
CA SER L 1817 80.12 55.70 22.96
C SER L 1817 81.45 55.15 23.48
N LEU L 1818 82.56 55.89 23.36
CA LEU L 1818 83.90 55.33 23.65
C LEU L 1818 84.60 56.02 24.82
N ALA L 1819 84.17 57.21 25.22
CA ALA L 1819 84.83 57.93 26.33
C ALA L 1819 83.80 58.36 27.37
N ASP L 1820 82.55 57.90 27.21
CA ASP L 1820 81.41 58.20 28.11
C ASP L 1820 81.60 59.62 28.67
N VAL L 1821 81.90 60.56 27.77
CA VAL L 1821 82.19 62.00 28.06
C VAL L 1821 80.92 62.65 28.62
N MET L 1822 79.75 62.19 28.15
CA MET L 1822 78.42 62.71 28.55
C MET L 1822 77.51 61.54 28.90
N SER L 1823 76.64 61.77 29.88
CA SER L 1823 75.47 60.92 30.18
C SER L 1823 74.58 60.85 28.93
N ILE L 1824 73.71 59.86 28.82
CA ILE L 1824 72.69 59.83 27.73
C ILE L 1824 71.92 61.15 27.76
N GLU L 1825 71.53 61.62 28.95
CA GLU L 1825 70.68 62.83 29.09
C GLU L 1825 71.41 64.04 28.51
N SER L 1826 72.69 64.23 28.85
CA SER L 1826 73.52 65.36 28.37
C SER L 1826 73.66 65.28 26.85
N LEU L 1827 74.03 64.11 26.35
CA LEU L 1827 74.29 63.85 24.91
C LEU L 1827 73.10 64.32 24.08
N VAL L 1828 71.91 63.81 24.35
CA VAL L 1828 70.69 64.13 23.54
C VAL L 1828 70.32 65.59 23.77
N GLU L 1829 70.50 66.10 25.00
CA GLU L 1829 70.19 67.53 25.33
C GLU L 1829 71.05 68.44 24.46
N VAL L 1830 72.34 68.15 24.35
CA VAL L 1830 73.37 68.97 23.63
C VAL L 1830 73.05 68.92 22.14
N VAL L 1831 72.93 67.71 21.61
CA VAL L 1831 72.69 67.44 20.18
C VAL L 1831 71.33 68.03 19.77
N PHE L 1832 70.35 68.11 20.66
CA PHE L 1832 69.01 68.69 20.39
C PHE L 1832 69.16 70.22 20.27
N TYR L 1833 69.82 70.83 21.26
CA TYR L 1833 70.13 72.28 21.29
C TYR L 1833 70.86 72.62 19.99
N ARG L 1834 71.87 71.81 19.65
CA ARG L 1834 72.72 71.97 18.42
C ARG L 1834 71.79 72.09 17.21
N GLY L 1835 70.96 71.07 16.97
CA GLY L 1835 69.98 71.05 15.85
C GLY L 1835 69.08 72.28 15.88
N MET L 1836 68.70 72.74 17.06
CA MET L 1836 67.79 73.90 17.21
C MET L 1836 68.55 75.19 16.82
N THR L 1837 69.82 75.30 17.24
CA THR L 1837 70.72 76.42 16.86
C THR L 1837 70.78 76.49 15.33
N MET L 1838 71.05 75.36 14.67
CA MET L 1838 71.11 75.28 13.20
C MET L 1838 69.78 75.74 12.58
N GLN L 1839 68.64 75.46 13.21
CA GLN L 1839 67.30 75.77 12.61
C GLN L 1839 67.03 77.30 12.66
N VAL L 1840 67.44 77.97 13.74
CA VAL L 1840 67.25 79.44 13.93
C VAL L 1840 68.14 80.23 12.96
N ALA L 1841 69.34 79.73 12.65
CA ALA L 1841 70.43 80.47 11.94
C ALA L 1841 70.05 80.71 10.47
N VAL L 1842 69.06 79.97 9.95
CA VAL L 1842 68.61 80.02 8.52
C VAL L 1842 67.23 80.70 8.45
N PRO L 1843 67.12 81.94 7.93
CA PRO L 1843 65.80 82.52 7.63
C PRO L 1843 65.00 81.63 6.66
N ARG L 1844 63.83 81.13 7.07
CA ARG L 1844 62.92 80.25 6.27
C ARG L 1844 61.54 80.94 6.08
N ASP L 1845 61.52 82.21 5.71
CA ASP L 1845 60.45 83.22 6.04
C ASP L 1845 59.24 83.13 5.09
N GLU L 1846 59.01 82.01 4.41
CA GLU L 1846 57.83 81.85 3.50
C GLU L 1846 56.94 80.71 4.04
N LEU L 1847 57.48 79.50 4.08
CA LEU L 1847 57.12 78.38 5.00
C LEU L 1847 58.42 77.59 5.20
N GLY L 1848 58.42 76.26 5.42
CA GLY L 1848 59.61 75.46 5.80
C GLY L 1848 60.65 75.27 4.69
N ARG L 1849 61.34 76.36 4.27
CA ARG L 1849 62.40 76.37 3.21
C ARG L 1849 63.22 77.69 3.22
N SER L 1850 64.52 77.61 2.86
CA SER L 1850 65.49 78.74 2.84
C SER L 1850 66.20 78.85 1.48
N ASN L 1851 66.97 79.92 1.26
CA ASN L 1851 67.89 80.10 0.10
C ASN L 1851 69.30 79.61 0.48
N TYR L 1852 69.36 78.47 1.20
CA TYR L 1852 70.61 77.76 1.61
C TYR L 1852 70.42 76.24 1.46
N GLY L 1853 71.43 75.55 0.92
CA GLY L 1853 71.44 74.08 0.71
C GLY L 1853 72.86 73.57 0.46
N MET L 1854 73.02 72.28 0.13
CA MET L 1854 74.35 71.67 -0.19
C MET L 1854 74.24 70.54 -1.23
N ILE L 1855 75.30 70.40 -2.05
CA ILE L 1855 75.44 69.42 -3.17
C ILE L 1855 76.68 68.54 -2.91
N ALA L 1856 76.61 67.27 -3.36
CA ALA L 1856 77.71 66.27 -3.34
C ALA L 1856 78.36 66.23 -4.73
N ILE L 1857 79.65 66.57 -4.82
CA ILE L 1857 80.41 66.68 -6.12
C ILE L 1857 81.37 65.49 -6.26
N ASN L 1858 81.56 65.05 -7.51
CA ASN L 1858 82.55 64.00 -7.91
C ASN L 1858 83.49 64.58 -8.96
N PRO L 1859 84.66 65.16 -8.58
CA PRO L 1859 85.56 65.79 -9.56
C PRO L 1859 85.98 64.83 -10.69
N GLY L 1860 86.00 63.52 -10.42
CA GLY L 1860 86.30 62.47 -11.41
C GLY L 1860 85.42 62.58 -12.65
N ARG L 1861 84.15 62.97 -12.49
CA ARG L 1861 83.11 62.92 -13.56
C ARG L 1861 83.20 64.15 -14.47
N VAL L 1862 83.67 65.29 -13.96
CA VAL L 1862 83.92 66.49 -14.84
C VAL L 1862 84.99 66.09 -15.88
N ALA L 1863 86.20 65.74 -15.42
CA ALA L 1863 87.34 65.24 -16.23
C ALA L 1863 88.31 64.50 -15.32
N ALA L 1864 88.84 63.35 -15.76
CA ALA L 1864 89.73 62.47 -14.97
C ALA L 1864 91.05 63.14 -14.56
N SER L 1865 91.22 64.45 -14.77
CA SER L 1865 92.43 65.27 -14.46
C SER L 1865 92.07 66.43 -13.52
N PHE L 1866 90.77 66.65 -13.32
CA PHE L 1866 90.15 67.63 -12.39
C PHE L 1866 90.35 67.14 -10.95
N SER L 1867 91.37 67.70 -10.28
CA SER L 1867 91.87 67.26 -8.94
C SER L 1867 91.08 67.95 -7.81
N GLN L 1868 91.51 67.73 -6.56
CA GLN L 1868 91.06 68.45 -5.34
C GLN L 1868 91.38 69.95 -5.44
N GLU L 1869 92.62 70.31 -5.82
CA GLU L 1869 93.09 71.71 -6.05
C GLU L 1869 92.12 72.42 -7.01
N ALA L 1870 91.81 71.74 -8.12
CA ALA L 1870 90.91 72.21 -9.20
C ALA L 1870 89.56 72.62 -8.61
N LEU L 1871 88.96 71.74 -7.80
CA LEU L 1871 87.61 71.93 -7.22
C LEU L 1871 87.66 73.03 -6.15
N GLN L 1872 88.65 72.96 -5.25
CA GLN L 1872 88.91 73.98 -4.18
C GLN L 1872 89.07 75.38 -4.82
N TYR L 1873 89.81 75.46 -5.93
CA TYR L 1873 90.10 76.72 -6.68
C TYR L 1873 88.81 77.20 -7.38
N VAL L 1874 88.14 76.35 -8.16
CA VAL L 1874 86.88 76.68 -8.90
C VAL L 1874 85.84 77.26 -7.92
N VAL L 1875 85.71 76.68 -6.72
CA VAL L 1875 84.67 77.05 -5.71
C VAL L 1875 85.08 78.36 -5.01
N GLU L 1876 86.34 78.45 -4.58
CA GLU L 1876 86.96 79.65 -3.96
C GLU L 1876 86.70 80.89 -4.85
N ARG L 1877 86.80 80.73 -6.18
CA ARG L 1877 86.61 81.82 -7.19
C ARG L 1877 85.13 82.23 -7.25
N VAL L 1878 84.20 81.28 -7.44
CA VAL L 1878 82.73 81.53 -7.49
C VAL L 1878 82.36 82.33 -6.23
N GLY L 1879 82.85 81.88 -5.06
CA GLY L 1879 82.66 82.54 -3.74
C GLY L 1879 83.10 83.99 -3.74
N LYS L 1880 84.37 84.26 -4.05
CA LYS L 1880 85.00 85.62 -4.04
C LYS L 1880 84.33 86.51 -5.09
N ARG L 1881 84.27 86.03 -6.34
CA ARG L 1881 83.83 86.82 -7.54
C ARG L 1881 82.31 87.09 -7.46
N THR L 1882 81.46 86.05 -7.47
CA THR L 1882 79.98 86.20 -7.41
C THR L 1882 79.64 86.91 -6.08
N GLY L 1883 80.53 86.84 -5.09
CA GLY L 1883 80.38 87.53 -3.78
C GLY L 1883 79.41 86.80 -2.87
N TRP L 1884 78.67 85.82 -3.39
CA TRP L 1884 77.77 84.90 -2.63
C TRP L 1884 78.62 83.79 -2.01
N LEU L 1885 78.40 83.49 -0.74
CA LEU L 1885 79.18 82.45 0.00
C LEU L 1885 78.83 81.07 -0.56
N VAL L 1886 79.87 80.31 -0.94
CA VAL L 1886 79.86 78.83 -1.13
C VAL L 1886 81.23 78.29 -0.71
N GLU L 1887 81.25 77.07 -0.14
CA GLU L 1887 82.45 76.43 0.45
C GLU L 1887 82.34 74.90 0.39
N ILE L 1888 83.49 74.23 0.39
CA ILE L 1888 83.63 72.76 0.56
C ILE L 1888 83.61 72.49 2.06
N VAL L 1889 82.62 71.71 2.54
CA VAL L 1889 82.34 71.49 3.99
C VAL L 1889 82.62 70.03 4.37
N ASN L 1890 82.37 69.08 3.47
CA ASN L 1890 82.86 67.69 3.61
C ASN L 1890 83.95 67.41 2.56
N TYR L 1891 85.15 67.08 3.03
CA TYR L 1891 86.18 66.32 2.27
C TYR L 1891 86.03 64.85 2.67
N ASN L 1892 85.34 64.05 1.84
CA ASN L 1892 84.94 62.66 2.17
C ASN L 1892 85.95 61.68 1.57
N VAL L 1893 85.92 61.51 0.24
CA VAL L 1893 86.73 60.51 -0.52
C VAL L 1893 87.52 61.25 -1.60
N GLU L 1894 88.84 61.01 -1.68
CA GLU L 1894 89.75 61.82 -2.52
C GLU L 1894 89.38 61.69 -4.00
N ASN L 1895 89.23 62.82 -4.69
CA ASN L 1895 88.89 62.92 -6.14
C ASN L 1895 87.60 62.15 -6.46
N GLN L 1896 86.65 62.05 -5.53
CA GLN L 1896 85.43 61.21 -5.73
C GLN L 1896 84.20 61.79 -5.00
N GLN L 1897 84.30 62.09 -3.71
CA GLN L 1897 83.16 62.61 -2.88
C GLN L 1897 83.63 63.80 -2.05
N TYR L 1898 83.20 64.99 -2.47
CA TYR L 1898 83.27 66.25 -1.70
C TYR L 1898 81.83 66.76 -1.57
N VAL L 1899 81.56 67.62 -0.58
CA VAL L 1899 80.22 68.26 -0.40
C VAL L 1899 80.45 69.74 -0.14
N ALA L 1900 79.85 70.59 -1.00
CA ALA L 1900 79.86 72.05 -0.84
C ALA L 1900 78.47 72.51 -0.41
N ALA L 1901 78.42 73.63 0.33
CA ALA L 1901 77.20 74.22 0.91
C ALA L 1901 77.30 75.74 0.89
N GLY L 1902 76.15 76.42 0.87
CA GLY L 1902 76.05 77.90 0.92
C GLY L 1902 74.84 78.41 0.16
N ASP L 1903 74.96 79.61 -0.42
CA ASP L 1903 73.89 80.32 -1.17
C ASP L 1903 73.38 79.41 -2.30
N LEU L 1904 72.07 79.20 -2.43
CA LEU L 1904 71.44 78.31 -3.45
C LEU L 1904 71.79 78.78 -4.87
N ARG L 1905 71.99 80.09 -5.05
CA ARG L 1905 72.41 80.74 -6.32
C ARG L 1905 73.85 80.33 -6.66
N ALA L 1906 74.73 80.30 -5.64
CA ALA L 1906 76.19 80.00 -5.74
C ALA L 1906 76.43 78.50 -5.95
N LEU L 1907 75.46 77.65 -5.58
CA LEU L 1907 75.45 76.19 -5.85
C LEU L 1907 74.99 75.96 -7.29
N ASP L 1908 74.07 76.81 -7.77
CA ASP L 1908 73.52 76.74 -9.14
C ASP L 1908 74.58 77.17 -10.16
N THR L 1909 75.48 78.10 -9.81
CA THR L 1909 76.62 78.51 -10.68
C THR L 1909 77.60 77.33 -10.77
N VAL L 1910 78.06 76.83 -9.62
CA VAL L 1910 79.02 75.70 -9.52
C VAL L 1910 78.49 74.51 -10.33
N THR L 1911 77.29 74.01 -10.01
CA THR L 1911 76.71 72.76 -10.59
C THR L 1911 76.63 72.86 -12.12
N ASN L 1912 76.51 74.07 -12.71
CA ASN L 1912 76.44 74.33 -14.17
C ASN L 1912 77.85 74.59 -14.74
N VAL L 1913 78.61 75.50 -14.13
CA VAL L 1913 80.02 75.83 -14.52
C VAL L 1913 80.79 74.53 -14.76
N LEU L 1914 80.61 73.55 -13.87
CA LEU L 1914 81.22 72.19 -13.96
C LEU L 1914 80.64 71.46 -15.18
N ASN L 1915 79.32 71.50 -15.39
CA ASN L 1915 78.63 70.88 -16.57
C ASN L 1915 79.22 71.43 -17.88
N PHE L 1916 79.66 72.69 -17.87
CA PHE L 1916 80.29 73.37 -19.03
C PHE L 1916 81.74 72.90 -19.21
N ILE L 1917 82.52 72.82 -18.12
CA ILE L 1917 83.95 72.37 -18.14
C ILE L 1917 84.00 70.89 -18.57
N LYS L 1918 82.97 70.10 -18.25
CA LYS L 1918 82.84 68.66 -18.65
C LYS L 1918 82.56 68.54 -20.15
N LEU L 1919 81.58 69.29 -20.68
CA LEU L 1919 81.19 69.28 -22.12
C LEU L 1919 82.34 69.85 -22.96
N GLN L 1920 83.06 70.86 -22.44
CA GLN L 1920 84.28 71.47 -23.06
C GLN L 1920 85.38 70.40 -23.17
N LYS L 1921 85.35 69.39 -22.28
CA LYS L 1921 86.17 68.15 -22.36
C LYS L 1921 87.66 68.47 -22.17
N ILE L 1922 87.97 69.56 -21.43
CA ILE L 1922 89.36 70.13 -21.33
C ILE L 1922 90.15 69.37 -20.25
N ASP L 1923 91.43 69.10 -20.54
CA ASP L 1923 92.39 68.40 -19.64
C ASP L 1923 93.16 69.49 -18.87
N ILE L 1924 93.05 69.47 -17.54
CA ILE L 1924 93.59 70.48 -16.58
C ILE L 1924 95.12 70.57 -16.75
N ILE L 1925 95.84 69.46 -16.54
CA ILE L 1925 97.34 69.40 -16.47
C ILE L 1925 97.96 70.06 -17.71
N GLU L 1926 97.39 69.86 -18.91
CA GLU L 1926 97.91 70.44 -20.18
C GLU L 1926 97.66 71.96 -20.18
N LEU L 1927 96.39 72.38 -20.17
CA LEU L 1927 95.98 73.82 -20.27
C LEU L 1927 96.07 74.53 -18.90
N GLN L 1928 96.81 73.93 -17.94
CA GLN L 1928 97.27 74.58 -16.68
C GLN L 1928 98.52 75.42 -16.99
N LYS L 1929 99.59 75.31 -16.21
CA LYS L 1929 100.79 76.20 -16.23
C LYS L 1929 101.43 76.27 -17.64
N SER L 1930 101.27 75.23 -18.47
CA SER L 1930 101.84 75.12 -19.84
C SER L 1930 101.19 76.14 -20.78
N LEU L 1931 99.85 76.09 -20.97
CA LEU L 1931 99.10 77.00 -21.88
C LEU L 1931 99.03 78.41 -21.26
N SER L 1932 98.46 78.53 -20.04
CA SER L 1932 98.20 79.81 -19.33
C SER L 1932 98.59 79.70 -17.86
N LEU L 1933 99.56 80.52 -17.41
CA LEU L 1933 100.05 80.61 -16.00
C LEU L 1933 99.30 81.75 -15.28
N GLU L 1934 98.50 81.41 -14.24
CA GLU L 1934 97.63 82.30 -13.40
C GLU L 1934 96.50 82.95 -14.23
N GLU L 1935 96.75 83.40 -15.47
CA GLU L 1935 95.81 84.14 -16.38
C GLU L 1935 94.55 83.31 -16.69
N VAL L 1936 94.67 81.98 -16.56
CA VAL L 1936 93.53 81.00 -16.48
C VAL L 1936 92.37 81.61 -15.68
N GLU L 1937 92.67 82.28 -14.55
CA GLU L 1937 91.70 82.97 -13.67
C GLU L 1937 90.87 83.96 -14.50
N GLY L 1938 91.48 84.64 -15.48
CA GLY L 1938 90.80 85.49 -16.48
C GLY L 1938 89.80 84.69 -17.30
N HIS L 1939 90.19 83.50 -17.76
CA HIS L 1939 89.31 82.56 -18.52
C HIS L 1939 88.24 81.95 -17.62
N LEU L 1940 88.52 81.77 -16.33
CA LEU L 1940 87.58 81.17 -15.33
C LEU L 1940 86.44 82.15 -15.05
N PHE L 1941 86.75 83.41 -14.66
CA PHE L 1941 85.78 84.50 -14.41
C PHE L 1941 84.79 84.61 -15.58
N GLU L 1942 85.32 84.45 -16.82
CA GLU L 1942 84.58 84.49 -18.10
C GLU L 1942 83.48 83.42 -18.13
N ILE L 1943 83.77 82.21 -17.61
CA ILE L 1943 82.84 81.04 -17.60
C ILE L 1943 81.91 81.13 -16.38
N ILE L 1944 82.39 81.76 -15.28
CA ILE L 1944 81.58 81.91 -14.04
C ILE L 1944 80.52 83.00 -14.27
N ASP L 1945 80.87 84.14 -14.89
CA ASP L 1945 79.95 85.30 -15.12
C ASP L 1945 78.81 84.89 -16.07
N GLU L 1946 79.08 83.98 -17.02
CA GLU L 1946 78.10 83.47 -18.03
C GLU L 1946 77.19 82.40 -17.41
N ALA L 1947 77.52 81.84 -16.24
CA ALA L 1947 76.64 80.95 -15.45
C ALA L 1947 76.07 81.71 -14.24
N SER L 1948 76.77 82.78 -13.79
CA SER L 1948 76.51 83.52 -12.52
C SER L 1948 75.25 84.38 -12.64
N LYS L 1949 75.12 85.16 -13.73
CA LYS L 1949 73.98 86.10 -13.94
C LYS L 1949 72.77 85.32 -14.47
N LYS L 1950 72.97 84.08 -14.94
CA LYS L 1950 71.88 83.14 -15.35
C LYS L 1950 71.15 82.65 -14.08
N SER L 1951 71.88 82.51 -12.97
CA SER L 1951 71.41 82.03 -11.65
C SER L 1951 71.15 83.19 -10.67
N ALA L 1952 71.48 84.43 -11.06
CA ALA L 1952 71.25 85.67 -10.27
C ALA L 1952 69.82 86.20 -10.51
N VAL L 1953 68.98 85.46 -11.26
CA VAL L 1953 67.52 85.75 -11.45
C VAL L 1953 66.77 84.41 -11.68
N LYS L 1954 66.01 83.92 -10.70
CA LYS L 1954 65.14 82.71 -10.78
C LYS L 1954 64.00 82.86 -9.78
N PRO L 1955 63.09 81.87 -9.60
CA PRO L 1955 62.31 81.76 -8.35
C PRO L 1955 63.26 81.87 -7.14
N ARG L 1956 63.02 82.86 -6.26
CA ARG L 1956 63.99 83.38 -5.24
C ARG L 1956 64.32 82.28 -4.23
N PRO L 1957 63.38 81.40 -3.82
CA PRO L 1957 63.73 80.15 -3.13
C PRO L 1957 64.01 79.01 -4.12
N LEU L 1958 65.03 79.19 -4.98
CA LEU L 1958 65.24 78.46 -6.28
C LEU L 1958 65.56 76.97 -6.01
N LYS L 1959 64.95 76.08 -6.80
CA LYS L 1959 65.20 74.62 -6.80
C LYS L 1959 66.63 74.39 -7.30
N LEU L 1960 67.32 73.38 -6.78
CA LEU L 1960 68.71 73.01 -7.19
C LEU L 1960 68.66 71.68 -7.95
N GLU L 1961 69.18 71.69 -9.18
CA GLU L 1961 69.09 70.59 -10.18
C GLU L 1961 70.41 69.79 -10.17
N ARG L 1962 70.40 68.63 -10.84
CA ARG L 1962 71.54 67.69 -10.99
C ARG L 1962 72.47 68.20 -12.10
N GLY L 1963 73.72 67.70 -12.18
CA GLY L 1963 74.70 68.16 -13.18
C GLY L 1963 75.84 67.17 -13.34
N PHE L 1964 76.84 67.41 -14.20
CA PHE L 1964 77.81 66.35 -14.62
C PHE L 1964 78.66 66.02 -13.38
N ALA L 1965 77.96 65.33 -12.46
CA ALA L 1965 78.42 64.69 -11.22
C ALA L 1965 78.35 65.64 -10.01
N CYS L 1966 77.37 66.57 -10.01
CA CYS L 1966 76.81 67.24 -8.79
C CYS L 1966 75.40 66.68 -8.52
N ILE L 1967 75.20 66.06 -7.34
CA ILE L 1967 73.87 65.59 -6.83
C ILE L 1967 73.45 66.53 -5.69
N PRO L 1968 72.25 67.18 -5.77
CA PRO L 1968 71.72 67.95 -4.64
C PRO L 1968 71.31 66.99 -3.52
N LEU L 1969 71.67 67.32 -2.27
CA LEU L 1969 71.39 66.47 -1.08
C LEU L 1969 69.93 66.65 -0.65
N VAL L 1970 69.19 65.53 -0.61
CA VAL L 1970 67.71 65.38 -0.34
C VAL L 1970 67.14 66.61 0.40
N GLY L 1971 67.02 67.75 -0.31
CA GLY L 1971 66.52 69.06 0.17
C GLY L 1971 66.85 69.40 1.62
N ILE L 1972 68.13 69.31 2.04
CA ILE L 1972 68.61 69.79 3.38
C ILE L 1972 68.67 71.34 3.34
N SER L 1973 67.92 72.00 4.23
CA SER L 1973 67.66 73.47 4.21
C SER L 1973 68.85 74.25 4.80
N VAL L 1974 69.75 73.56 5.49
CA VAL L 1974 70.80 74.17 6.39
C VAL L 1974 72.18 74.03 5.73
N PRO L 1975 73.02 75.09 5.77
CA PRO L 1975 74.40 75.00 5.29
C PRO L 1975 75.42 74.51 6.35
N PHE L 1976 75.30 73.25 6.80
CA PHE L 1976 76.17 72.64 7.87
C PHE L 1976 77.65 72.89 7.53
N HIS L 1977 78.45 73.20 8.56
CA HIS L 1977 79.94 73.24 8.52
C HIS L 1977 80.46 74.37 7.63
N SER L 1978 79.57 75.23 7.10
CA SER L 1978 79.90 76.50 6.40
C SER L 1978 80.26 77.56 7.46
N THR L 1979 80.93 78.64 7.08
CA THR L 1979 81.30 79.73 8.02
C THR L 1979 80.05 80.54 8.41
N TYR L 1980 78.96 80.40 7.64
CA TYR L 1980 77.64 81.02 7.95
C TYR L 1980 77.31 80.77 9.43
N LEU L 1981 77.60 79.57 9.94
CA LEU L 1981 77.25 79.14 11.34
C LEU L 1981 78.32 79.62 12.35
N MET L 1982 79.32 80.40 11.94
CA MET L 1982 80.38 80.92 12.86
C MET L 1982 79.73 81.83 13.92
N ASN L 1983 78.58 82.43 13.61
CA ASN L 1983 77.73 83.22 14.54
C ASN L 1983 77.40 82.37 15.78
N GLY L 1984 77.04 81.10 15.57
CA GLY L 1984 76.52 80.18 16.60
C GLY L 1984 77.60 79.51 17.44
N VAL L 1985 78.89 79.71 17.12
CA VAL L 1985 80.03 79.02 17.80
C VAL L 1985 80.17 79.55 19.22
N LYS L 1986 80.28 80.88 19.40
CA LYS L 1986 80.48 81.53 20.72
C LYS L 1986 79.42 81.06 21.73
N PRO L 1987 78.09 81.13 21.40
CA PRO L 1987 77.05 80.67 22.33
C PRO L 1987 77.02 79.15 22.56
N PHE L 1988 77.15 78.38 21.48
CA PHE L 1988 77.15 76.89 21.51
C PHE L 1988 78.32 76.41 22.38
N LYS L 1989 79.49 77.08 22.27
CA LYS L 1989 80.68 76.78 23.10
C LYS L 1989 80.32 76.95 24.58
N SER L 1990 79.74 78.09 24.95
CA SER L 1990 79.34 78.40 26.35
C SER L 1990 78.38 77.32 26.86
N PHE L 1991 77.52 76.81 25.97
CA PHE L 1991 76.51 75.75 26.26
C PHE L 1991 77.21 74.40 26.45
N LEU L 1992 78.13 74.05 25.55
CA LEU L 1992 78.94 72.81 25.62
C LEU L 1992 79.69 72.75 26.94
N LYS L 1993 80.26 73.88 27.39
CA LYS L 1993 81.05 73.97 28.66
C LYS L 1993 80.15 73.63 29.84
N LYS L 1994 78.88 74.02 29.78
CA LYS L 1994 77.88 73.84 30.88
C LYS L 1994 77.36 72.40 30.88
N ASN L 1995 77.31 71.73 29.73
CA ASN L 1995 76.68 70.38 29.61
C ASN L 1995 77.73 69.26 29.51
N ILE L 1996 79.00 69.57 29.26
CA ILE L 1996 80.13 68.60 29.37
C ILE L 1996 80.98 69.01 30.58
N ILE L 1997 80.76 68.35 31.72
CA ILE L 1997 81.45 68.63 33.00
C ILE L 1997 82.87 68.07 32.90
N LYS L 1998 83.86 68.85 33.37
CA LYS L 1998 85.31 68.56 33.36
C LYS L 1998 85.62 67.16 33.91
N GLU L 1999 85.08 66.84 35.09
CA GLU L 1999 85.33 65.59 35.86
C GLU L 1999 84.99 64.34 35.03
N ASN L 2000 84.16 64.46 33.98
CA ASN L 2000 83.70 63.32 33.14
C ASN L 2000 84.65 63.10 31.94
N VAL L 2001 85.71 63.89 31.78
CA VAL L 2001 86.66 63.75 30.65
C VAL L 2001 87.87 62.94 31.12
N LYS L 2002 87.90 61.64 30.83
CA LYS L 2002 89.05 60.75 31.13
C LYS L 2002 90.04 60.83 29.96
N VAL L 2003 91.18 61.45 30.16
CA VAL L 2003 92.13 61.79 29.06
C VAL L 2003 92.57 60.48 28.37
N ALA L 2004 92.72 59.40 29.14
CA ALA L 2004 93.16 58.05 28.71
C ALA L 2004 92.26 57.53 27.57
N ARG L 2005 90.97 57.86 27.59
CA ARG L 2005 89.94 57.28 26.69
C ARG L 2005 89.85 58.09 25.40
N LEU L 2006 90.56 59.23 25.35
CA LEU L 2006 90.60 60.16 24.18
C LEU L 2006 92.00 60.15 23.53
N ALA L 2007 93.05 60.27 24.35
CA ALA L 2007 94.46 60.40 23.92
C ALA L 2007 94.78 59.32 22.88
N GLY L 2008 95.14 59.75 21.67
CA GLY L 2008 95.64 58.89 20.58
C GLY L 2008 94.58 57.96 20.04
N LYS L 2009 93.30 58.18 20.35
CA LYS L 2009 92.18 57.34 19.83
C LYS L 2009 91.13 58.22 19.15
N TYR L 2010 90.73 59.35 19.77
CA TYR L 2010 89.71 60.31 19.26
C TYR L 2010 90.31 61.06 18.06
N ILE L 2011 89.72 60.93 16.88
CA ILE L 2011 90.10 61.67 15.64
C ILE L 2011 88.99 62.66 15.30
N PRO L 2012 89.14 63.95 15.71
CA PRO L 2012 88.16 64.98 15.40
C PRO L 2012 87.98 65.28 13.90
N ASN L 2013 87.08 66.20 13.59
CA ASN L 2013 86.77 66.63 12.21
C ASN L 2013 87.51 67.95 11.92
N LEU L 2014 87.70 68.75 12.97
CA LEU L 2014 88.43 70.04 12.90
C LEU L 2014 89.88 69.77 12.49
N THR L 2015 90.58 68.94 13.26
CA THR L 2015 92.01 68.59 13.10
C THR L 2015 92.11 67.09 12.86
N ALA L 2016 92.12 66.63 11.61
CA ALA L 2016 92.02 65.17 11.33
C ALA L 2016 93.26 64.44 11.88
N LYS L 2017 93.52 64.61 13.18
CA LYS L 2017 94.76 64.19 13.88
C LYS L 2017 94.41 63.68 15.29
N PRO L 2018 94.86 62.47 15.67
CA PRO L 2018 94.51 61.91 16.99
C PRO L 2018 94.71 62.88 18.15
N PHE L 2019 93.65 63.06 18.96
CA PHE L 2019 93.57 63.93 20.16
C PHE L 2019 94.80 63.70 21.04
N GLN L 2020 95.54 64.77 21.33
CA GLN L 2020 96.64 64.78 22.31
C GLN L 2020 96.60 66.12 23.07
N VAL L 2021 96.81 66.07 24.38
CA VAL L 2021 96.85 67.27 25.26
C VAL L 2021 98.31 67.78 25.26
N THR L 2022 98.73 68.30 24.10
CA THR L 2022 100.12 68.68 23.77
C THR L 2022 100.10 70.08 23.14
N LYS L 2023 101.10 70.92 23.46
CA LYS L 2023 101.22 72.33 22.96
C LYS L 2023 101.08 72.34 21.44
N GLU L 2024 101.71 71.36 20.75
CA GLU L 2024 101.65 71.19 19.27
C GLU L 2024 100.20 71.11 18.80
N TYR L 2025 99.34 70.38 19.52
CA TYR L 2025 97.93 70.15 19.13
C TYR L 2025 97.15 71.46 19.31
N PHE L 2026 97.22 72.05 20.51
CA PHE L 2026 96.62 73.37 20.86
C PHE L 2026 97.01 74.41 19.78
N GLN L 2027 98.29 74.42 19.38
CA GLN L 2027 98.81 75.27 18.28
C GLN L 2027 97.99 74.97 17.01
N ASP L 2028 98.01 73.73 16.52
CA ASP L 2028 97.31 73.32 15.27
C ASP L 2028 95.85 73.79 15.35
N VAL L 2029 95.17 73.60 16.49
CA VAL L 2029 93.75 74.03 16.70
C VAL L 2029 93.67 75.54 16.45
N TYR L 2030 94.45 76.32 17.21
CA TYR L 2030 94.52 77.80 17.08
C TYR L 2030 94.67 78.19 15.61
N ASP L 2031 95.54 77.50 14.87
CA ASP L 2031 95.89 77.81 13.46
C ASP L 2031 94.64 77.73 12.56
N LEU L 2032 93.62 76.95 12.91
CA LEU L 2032 92.36 76.85 12.11
C LEU L 2032 91.17 77.46 12.88
N THR L 2033 91.39 78.32 13.88
CA THR L 2033 90.33 78.71 14.84
C THR L 2033 90.42 80.18 15.25
N GLY L 2034 91.59 80.61 15.73
CA GLY L 2034 91.80 81.93 16.36
C GLY L 2034 91.26 81.96 17.77
N SER L 2035 90.89 80.81 18.34
CA SER L 2035 90.27 80.69 19.68
C SER L 2035 91.13 81.45 20.70
N GLU L 2036 90.53 82.43 21.38
CA GLU L 2036 91.20 83.28 22.40
C GLU L 2036 91.53 82.43 23.62
N PRO L 2037 90.58 81.66 24.19
CA PRO L 2037 90.87 80.73 25.29
C PRO L 2037 92.01 79.74 25.01
N ILE L 2038 92.14 79.25 23.77
CA ILE L 2038 93.21 78.31 23.32
C ILE L 2038 94.55 79.08 23.30
N LYS L 2039 94.60 80.22 22.61
CA LYS L 2039 95.82 81.07 22.48
C LYS L 2039 96.45 81.24 23.87
N GLU L 2040 95.69 81.76 24.84
CA GLU L 2040 96.21 82.15 26.18
C GLU L 2040 96.73 80.90 26.92
N ILE L 2041 96.23 79.70 26.59
CA ILE L 2041 96.71 78.40 27.14
C ILE L 2041 98.09 78.09 26.52
N ILE L 2042 98.24 78.22 25.19
CA ILE L 2042 99.55 78.02 24.49
C ILE L 2042 100.59 78.91 25.18
N ASP L 2043 100.27 80.22 25.32
CA ASP L 2043 101.14 81.27 25.90
C ASP L 2043 101.63 80.86 27.29
N ASN L 2044 100.79 80.21 28.10
CA ASN L 2044 101.11 79.80 29.49
C ASN L 2044 101.23 78.27 29.60
N TRP L 2045 101.76 77.58 28.57
CA TRP L 2045 101.91 76.10 28.55
C TRP L 2045 102.77 75.65 29.76
N GLU L 2046 103.24 76.61 30.57
CA GLU L 2046 103.91 76.37 31.88
C GLU L 2046 102.84 76.16 32.96
N LYS L 2047 101.88 75.28 32.65
CA LYS L 2047 100.92 74.62 33.58
C LYS L 2047 101.53 73.27 34.03
N TYR L 2048 102.78 73.01 33.68
CA TYR L 2048 103.57 71.87 34.21
C TYR L 2048 103.73 72.00 35.72
N GLU L 2049 103.91 73.23 36.22
CA GLU L 2049 103.87 73.57 37.67
C GLU L 2049 102.43 73.40 38.19
N GLN L 2050 102.28 72.77 39.36
CA GLN L 2050 101.05 72.75 40.19
C GLN L 2050 100.37 74.12 40.06
O23 PNS M . -6.64 14.28 65.44
P24 PNS M . -7.08 15.38 64.52
O26 PNS M . -7.57 16.63 65.23
O27 PNS M . -5.79 15.63 63.57
C28 PNS M . -5.05 14.60 62.89
C29 PNS M . -3.53 14.79 62.95
C30 PNS M . -3.17 16.01 62.10
C31 PNS M . -2.84 13.55 62.35
C32 PNS M . -3.17 15.04 64.45
O33 PNS M . -3.87 14.14 65.35
C34 PNS M . -1.69 15.00 64.81
O35 PNS M . -1.03 16.04 64.74
N36 PNS M . -1.20 13.82 65.21
C37 PNS M . 0.17 13.61 65.57
C38 PNS M . 0.45 14.11 66.99
C39 PNS M . 1.85 13.75 67.38
O40 PNS M . 2.81 14.21 66.77
N41 PNS M . 2.03 12.84 68.36
C42 PNS M . 3.32 12.24 68.65
C43 PNS M . 3.79 11.12 67.69
S44 PNS M . 3.49 11.49 65.90
C1 EDO N . 2.82 57.98 -12.69
O1 EDO N . 4.04 57.26 -12.74
C2 EDO N . 2.74 58.99 -11.59
O2 EDO N . 3.71 58.85 -10.56
C1 EDO O . 17.53 58.09 14.42
O1 EDO O . 18.43 58.26 15.51
C2 EDO O . 17.73 59.08 13.30
O2 EDO O . 18.06 58.53 12.02
C1 EDO P . -4.42 74.66 -25.42
O1 EDO P . -3.44 75.22 -26.27
C2 EDO P . -5.37 73.77 -26.14
O2 EDO P . -6.31 73.11 -25.30
C1 EDO Q . -3.15 61.01 -1.74
O1 EDO Q . -2.56 59.84 -1.16
C2 EDO Q . -4.02 60.77 -2.93
O2 EDO Q . -5.05 61.74 -3.16
C1 EDO R . 17.35 93.48 -14.15
O1 EDO R . 17.09 92.10 -14.21
C2 EDO R . 17.27 94.10 -15.48
O2 EDO R . 16.94 93.15 -16.48
C1 EDO S . 25.50 84.47 19.59
O1 EDO S . 25.06 84.22 20.93
C2 EDO S . 25.50 85.91 19.20
O2 EDO S . 26.80 86.51 19.16
C1 EDO T . 11.23 77.19 54.58
O1 EDO T . 10.46 77.73 55.63
C2 EDO T . 12.57 76.73 55.05
O2 EDO T . 13.65 77.15 54.24
C1 EDO U . -2.26 58.60 -15.65
O1 EDO U . -3.67 58.73 -15.52
C2 EDO U . -1.54 57.92 -14.50
O2 EDO U . -0.12 57.82 -14.66
C1 EDO V . 14.09 52.63 -27.49
O1 EDO V . 12.82 53.21 -27.19
C2 EDO V . 15.30 53.41 -27.04
O2 EDO V . 16.01 52.92 -25.91
C1 EDO W . -5.71 1.40 -0.44
O1 EDO W . -5.78 2.63 -1.14
C2 EDO W . -5.18 1.50 0.96
O2 EDO W . -5.62 2.63 1.70
NA NA X . -6.21 85.60 -2.54
NA NA Y . 13.95 51.11 -7.47
NA NA Z . -1.47 72.28 -12.90
NA NA AA . -1.90 51.69 -21.92
NA NA BA . 3.04 56.74 -26.09
NA NA CA . 6.49 54.73 -19.02
P1 A2P DA . 18.56 67.71 22.08
O1P A2P DA . 17.06 67.70 21.86
O2P A2P DA . 19.11 66.35 22.49
O3P A2P DA . 19.33 68.29 20.90
P2 A2P DA . 17.27 73.11 28.19
O4P A2P DA . 16.07 73.45 27.33
O5P A2P DA . 16.90 72.44 29.49
O6P A2P DA . 18.21 74.31 28.39
O5' A2P DA . 18.12 72.00 27.35
C5' A2P DA . 17.83 70.57 27.55
C4' A2P DA . 18.42 69.79 26.39
O4' A2P DA . 18.65 68.42 26.76
C3' A2P DA . 17.54 69.66 25.13
O3' A2P DA . 17.69 70.81 24.30
C2' A2P DA . 18.04 68.36 24.49
O2' A2P DA . 18.86 68.66 23.35
C1' A2P DA . 18.89 67.70 25.57
N9 A2P DA . 18.61 66.28 25.82
C8 A2P DA . 17.45 65.73 26.31
N7 A2P DA . 17.51 64.43 26.43
C5 A2P DA . 18.79 64.09 25.98
C6 A2P DA . 19.45 62.85 25.87
N6 A2P DA . 18.90 61.69 26.21
N1 A2P DA . 20.72 62.86 25.40
C2 A2P DA . 21.27 64.04 25.05
N3 A2P DA . 20.74 65.26 25.12
C4 A2P DA . 19.48 65.22 25.60
O23 PNS EA . -3.31 53.37 -40.75
P24 PNS EA . -4.38 52.36 -41.04
O26 PNS EA . -5.29 52.73 -42.18
O27 PNS EA . -3.57 50.98 -41.29
C28 PNS EA . -2.52 50.47 -40.43
C29 PNS EA . -1.34 49.90 -41.23
C30 PNS EA . -1.78 48.64 -42.00
C31 PNS EA . -0.24 49.45 -40.25
C32 PNS EA . -0.89 51.03 -42.23
O33 PNS EA . -0.88 52.34 -41.60
C34 PNS EA . 0.45 50.85 -42.92
O35 PNS EA . 0.50 50.25 -43.99
N36 PNS EA . 1.51 51.37 -42.29
C37 PNS EA . 2.87 51.28 -42.80
C38 PNS EA . 3.06 52.37 -43.85
C39 PNS EA . 4.51 52.42 -44.29
O40 PNS EA . 5.02 51.43 -44.83
N41 PNS EA . 5.21 53.52 -43.96
C42 PNS EA . 6.68 53.54 -44.10
C43 PNS EA . 7.49 52.82 -43.00
S44 PNS EA . 6.83 51.20 -42.55
C ACT FA . -2.33 -26.56 -61.63
O ACT FA . -3.25 -27.41 -61.65
OXT ACT FA . -2.18 -25.65 -62.49
CH3 ACT FA . -1.29 -26.62 -60.47
C1 EDO GA . -54.53 69.07 -76.28
O1 EDO GA . -54.19 68.71 -77.59
C2 EDO GA . -53.40 68.98 -75.31
O2 EDO GA . -53.81 68.78 -73.97
C1 EDO HA . -7.83 -28.02 1.80
O1 EDO HA . -6.47 -28.37 1.90
C2 EDO HA . -8.71 -28.89 2.62
O2 EDO HA . -9.29 -29.95 1.86
C1 EDO IA . -33.21 -53.43 -72.79
O1 EDO IA . -33.24 -52.11 -72.28
C2 EDO IA . -34.00 -54.37 -71.96
O2 EDO IA . -35.41 -54.32 -72.19
C1 EDO JA . -26.77 -33.45 -40.79
O1 EDO JA . -26.55 -33.88 -39.44
C2 EDO JA . -27.97 -32.62 -41.04
O2 EDO JA . -27.99 -32.05 -42.36
C1 EDO KA . -30.66 -33.56 -38.73
O1 EDO KA . -31.70 -32.62 -38.80
C2 EDO KA . -30.95 -34.60 -37.72
O2 EDO KA . -30.69 -34.20 -36.39
C1 EDO LA . -25.51 -49.20 -74.92
O1 EDO LA . -26.13 -49.43 -73.66
C2 EDO LA . -24.45 -48.16 -74.84
O2 EDO LA . -23.70 -47.99 -76.04
C1 EDO MA . -33.49 -23.24 -45.04
O1 EDO MA . -34.86 -23.59 -45.26
C2 EDO MA . -32.90 -22.34 -46.08
O2 EDO MA . -31.63 -21.76 -45.76
C1 EDO NA . -28.99 -37.71 -28.92
O1 EDO NA . -30.17 -37.26 -29.56
C2 EDO NA . -27.76 -37.64 -29.75
O2 EDO NA . -27.24 -38.91 -30.15
C1 EDO OA . -16.90 -48.10 -33.85
O1 EDO OA . -15.77 -47.67 -34.60
C2 EDO OA . -18.17 -47.38 -34.20
O2 EDO OA . -19.18 -47.44 -33.19
C1 EDO PA . -44.01 -30.21 -39.17
O1 EDO PA . -44.38 -31.05 -38.08
C2 EDO PA . -42.61 -29.71 -39.08
O2 EDO PA . -41.91 -29.74 -40.31
NA NA QA . -48.35 -31.47 -63.56
NA NA RA . -21.22 -42.26 -39.27
NA NA SA . -16.92 -70.37 -61.47
NA NA TA . -20.87 -44.12 -59.49
NA NA UA . -29.16 -44.42 -32.80
P1 A2P VA . -14.87 -12.52 -70.78
O1P A2P VA . -16.26 -12.01 -70.49
O2P A2P VA . -13.80 -11.68 -70.13
O3P A2P VA . -14.73 -14.00 -70.48
P2 A2P VA . -17.09 -8.44 -77.41
O4P A2P VA . -18.36 -9.26 -77.32
O5P A2P VA . -17.20 -7.15 -76.65
O6P A2P VA . -16.61 -8.25 -78.84
O5' A2P VA . -15.94 -9.24 -76.66
C5' A2P VA . -15.49 -8.73 -75.40
C4' A2P VA . -14.89 -9.84 -74.58
O4' A2P VA . -13.85 -9.31 -73.74
C3' A2P VA . -15.79 -10.55 -73.57
O3' A2P VA . -16.46 -11.65 -74.16
C2' A2P VA . -14.84 -10.91 -72.43
O2' A2P VA . -14.70 -12.31 -72.32
C1' A2P VA . -13.51 -10.38 -72.92
N9 A2P VA . -12.51 -9.95 -71.98
C8 A2P VA . -11.34 -10.59 -71.59
N7 A2P VA . -10.63 -9.88 -70.76
C5 A2P VA . -11.35 -8.70 -70.61
C6 A2P VA . -11.13 -7.53 -69.86
N6 A2P VA . -10.08 -7.32 -69.09
N1 A2P VA . -12.06 -6.55 -69.96
C2 A2P VA . -13.13 -6.76 -70.74
N3 A2P VA . -13.44 -7.80 -71.49
C4 A2P VA . -12.50 -8.74 -71.37
O23 PNS WA . -35.05 -53.33 -20.79
P24 PNS WA . -35.48 -52.79 -19.46
O26 PNS WA . -36.65 -53.55 -18.90
O27 PNS WA . -34.13 -52.79 -18.55
C28 PNS WA . -32.88 -52.24 -19.00
C29 PNS WA . -31.67 -53.12 -18.63
C30 PNS WA . -31.50 -53.14 -17.11
C31 PNS WA . -30.40 -52.50 -19.24
C32 PNS WA . -31.99 -54.56 -19.17
O33 PNS WA . -32.58 -54.55 -20.49
C34 PNS WA . -30.83 -55.55 -19.19
O35 PNS WA . -30.61 -56.24 -18.20
N36 PNS WA . -30.13 -55.61 -20.33
C37 PNS WA . -28.99 -56.46 -20.51
C38 PNS WA . -29.49 -57.86 -20.88
C39 PNS WA . -28.32 -58.78 -21.15
O40 PNS WA . -27.51 -59.02 -20.25
N41 PNS WA . -28.15 -59.24 -22.41
C42 PNS WA . -26.92 -59.90 -22.81
C43 PNS WA . -25.69 -58.98 -23.09
S44 PNS WA . -25.45 -57.66 -21.84
C ACT XA . -12.71 -30.46 90.34
O ACT XA . -13.81 -30.10 90.81
OXT ACT XA . -11.62 -29.95 90.70
CH3 ACT XA . -12.66 -31.58 89.31
C ACT YA . -7.19 -63.76 76.37
O ACT YA . -7.32 -62.54 76.12
OXT ACT YA . -6.10 -64.32 76.60
CH3 ACT YA . -8.46 -64.61 76.41
C1 EDO ZA . -8.47 -37.39 84.97
O1 EDO ZA . -8.28 -36.00 84.73
C2 EDO ZA . -7.94 -38.26 83.88
O2 EDO ZA . -6.77 -39.00 84.21
C1 EDO AB . -13.33 -12.83 56.85
O1 EDO AB . -12.20 -13.05 56.03
C2 EDO AB . -14.58 -13.46 56.34
O2 EDO AB . -14.81 -14.81 56.77
C1 EDO BB . -23.88 -18.22 53.42
O1 EDO BB . -23.17 -19.05 52.51
C2 EDO BB . -24.73 -17.14 52.80
O2 EDO BB . -26.12 -17.17 53.10
C1 EDO CB . -9.90 -0.70 54.13
O1 EDO CB . -11.27 -0.38 53.90
C2 EDO CB . -9.54 -0.65 55.57
O2 EDO CB . -8.39 -1.42 55.90
C1 EDO DB . 7.59 -60.54 38.09
O1 EDO DB . 7.02 -60.05 39.30
C2 EDO DB . 6.61 -60.86 36.99
O2 EDO DB . 5.25 -60.49 37.23
C1 EDO EB . -14.17 -82.76 37.46
O1 EDO EB . -15.21 -81.80 37.28
C2 EDO EB . -14.50 -83.88 38.41
O2 EDO EB . -14.06 -83.66 39.73
C1 EDO FB . -10.58 -34.35 48.20
O1 EDO FB . -11.88 -34.09 48.69
C2 EDO FB . -10.31 -35.81 47.99
O2 EDO FB . -8.93 -36.15 48.00
C1 EDO GB . 3.26 -4.35 61.09
O1 EDO GB . 1.87 -4.23 60.79
C2 EDO GB . 3.82 -5.75 60.95
O2 EDO GB . 5.22 -5.84 60.63
C1 EDO HB . 9.27 -18.22 85.22
O1 EDO HB . 10.61 -17.75 85.29
C2 EDO HB . 9.06 -19.53 84.52
O2 EDO HB . 10.14 -20.02 83.73
NA NA IB . -34.45 -26.23 74.07
NA NA JB . -12.41 -20.84 66.70
NA NA KB . -22.45 -15.56 68.26
NA NA LB . -7.68 -1.42 62.11
P1 A2P MB . -16.16 -51.50 49.77
O1P A2P MB . -16.62 -50.99 48.45
O2P A2P MB . -15.84 -50.42 50.75
O3P A2P MB . -15.06 -52.51 49.62
P2 A2P MB . -21.60 -57.30 51.39
O4P A2P MB . -22.54 -56.34 52.06
O5P A2P MB . -21.40 -58.58 52.20
O6P A2P MB . -21.96 -57.57 49.94
O5' A2P MB . -20.17 -56.55 51.31
C5' A2P MB . -19.47 -56.47 50.05
C4' A2P MB . -18.46 -55.36 50.12
O4' A2P MB . -17.74 -55.27 48.88
C3' A2P MB . -19.02 -53.95 50.33
O3' A2P MB . -19.17 -53.66 51.71
C2' A2P MB . -18.07 -53.04 49.55
O2' A2P MB . -17.37 -52.21 50.45
C1' A2P MB . -17.16 -53.99 48.78
N9 A2P MB . -17.01 -53.69 47.37
C8 A2P MB . -18.02 -53.53 46.47
N7 A2P MB . -17.58 -53.30 45.26
C5 A2P MB . -16.20 -53.33 45.38
C6 A2P MB . -15.17 -53.17 44.44
N6 A2P MB . -15.38 -52.93 43.15
N1 A2P MB . -13.89 -53.26 44.89
C2 A2P MB . -13.69 -53.50 46.19
N3 A2P MB . -14.59 -53.68 47.16
C4 A2P MB . -15.84 -53.58 46.68
O23 PNS NB . 15.19 -27.02 60.54
P24 PNS NB . 14.63 -25.74 59.96
O26 PNS NB . 14.27 -24.71 61.01
O27 PNS NB . 13.26 -25.93 59.09
C28 PNS NB . 12.45 -24.85 58.62
C29 PNS NB . 10.94 -25.14 58.81
C30 PNS NB . 10.53 -26.29 57.88
C31 PNS NB . 10.13 -23.89 58.41
C32 PNS NB . 10.74 -25.56 60.32
O33 PNS NB . 11.50 -24.71 61.22
C34 PNS NB . 9.31 -25.63 60.82
O35 PNS NB . 8.66 -26.66 60.71
N36 PNS NB . 8.85 -24.53 61.41
C37 PNS NB . 7.53 -24.39 61.97
C38 PNS NB . 7.44 -25.07 63.34
C39 PNS NB . 6.11 -24.73 63.97
O40 PNS NB . 5.06 -25.09 63.44
N41 PNS NB . 6.11 -23.96 65.07
C42 PNS NB . 4.88 -23.37 65.60
C43 PNS NB . 4.36 -22.10 64.87
S44 PNS NB . 4.36 -22.28 63.07
C1 EDO OB . -28.62 -60.32 0.82
O1 EDO OB . -29.75 -59.49 0.93
C2 EDO OB . -28.44 -60.98 -0.52
O2 EDO OB . -28.81 -60.21 -1.65
C1 EDO PB . -17.13 -60.54 6.58
O1 EDO PB . -17.11 -59.75 7.77
C2 EDO PB . -16.10 -60.19 5.53
O2 EDO PB . -16.61 -60.08 4.20
C1 EDO QB . -4.58 -8.33 -29.85
O1 EDO QB . -3.68 -9.34 -29.42
C2 EDO QB . -5.42 -7.77 -28.77
O2 EDO QB . -5.05 -8.19 -27.48
C1 EDO RB . -20.21 -88.80 -28.71
O1 EDO RB . -19.42 -89.33 -27.66
C2 EDO RB . -19.70 -89.18 -30.05
O2 EDO RB . -19.17 -90.47 -30.07
C1 EDO SB . -0.55 -54.41 -25.02
O1 EDO SB . -1.53 -54.80 -24.05
C2 EDO SB . 0.31 -55.56 -25.53
O2 EDO SB . 1.71 -55.31 -25.74
C1 EDO TB . -5.06 -55.99 -21.11
O1 EDO TB . -5.15 -54.79 -21.85
C2 EDO TB . -3.68 -56.51 -20.96
O2 EDO TB . -3.52 -57.50 -19.95
C1 EDO UB . -25.01 -85.67 -20.99
O1 EDO UB . -24.84 -85.99 -22.36
C2 EDO UB . -25.55 -86.79 -20.18
O2 EDO UB . -26.95 -86.77 -20.06
C1 EDO VB . -28.31 -91.66 -19.82
O1 EDO VB . -29.05 -91.34 -20.98
C2 EDO VB . -27.07 -90.83 -19.57
O2 EDO VB . -26.87 -89.70 -20.41
C1 EDO WB . -23.17 -86.67 7.35
O1 EDO WB . -23.21 -86.24 8.71
C2 EDO WB . -23.82 -87.98 7.10
O2 EDO WB . -25.24 -87.90 7.16
C1 EDO XB . 2.88 -59.84 -13.56
O1 EDO XB . 2.56 -59.19 -12.34
C2 EDO XB . 4.17 -59.39 -14.18
O2 EDO XB . 5.03 -60.46 -14.58
C1 EDO YB . 10.25 -60.76 -25.86
O1 EDO YB . 10.92 -60.29 -27.02
C2 EDO YB . 9.83 -59.68 -24.92
O2 EDO YB . 8.67 -60.02 -24.19
C1 EDO ZB . -6.29 -85.31 42.21
O1 EDO ZB . -7.55 -85.00 41.66
C2 EDO ZB . -5.35 -85.74 41.17
O2 EDO ZB . -4.17 -86.31 41.70
C1 EDO AC . 1.98 -68.46 -38.46
O1 EDO AC . 2.76 -67.70 -39.40
C2 EDO AC . 0.54 -68.64 -38.86
O2 EDO AC . 0.13 -69.99 -39.05
NA NA BC . 5.32 -83.80 -18.25
NA NA CC . -1.30 -47.26 -31.08
NA NA DC . -22.55 -67.90 -1.75
NA NA EC . -10.78 -66.72 -22.13
NA NA FC . -6.25 -51.67 -35.27
NA NA GC . -17.66 -52.40 -16.41
NA NA HC . -20.58 -72.24 -5.27
NA NA IC . -14.76 -49.32 -14.66
P1 A2P JC . -15.80 -70.72 12.24
O1P A2P JC . -16.59 -70.89 10.99
O2P A2P JC . -15.95 -69.38 12.86
O3P A2P JC . -14.37 -71.11 12.07
P2 A2P JC . -14.15 -76.87 17.04
O4P A2P JC . -15.18 -77.84 17.60
O5P A2P JC . -13.36 -76.17 18.12
O6P A2P JC . -13.26 -77.49 15.99
O5' A2P JC . -14.95 -75.69 16.30
C5' A2P JC . -15.05 -74.40 16.93
C4' A2P JC . -15.75 -73.44 15.99
O4' A2P JC . -15.96 -72.18 16.67
C3' A2P JC . -14.96 -73.01 14.75
O3' A2P JC . -14.99 -73.96 13.71
C2' A2P JC . -15.54 -71.63 14.43
O2' A2P JC . -16.43 -71.65 13.34
C1' A2P JC . -16.25 -71.21 15.71
N9 A2P JC . -15.82 -69.91 16.21
C8 A2P JC . -14.57 -69.57 16.64
N7 A2P JC . -14.50 -68.31 17.02
C5 A2P JC . -15.77 -67.80 16.83
C6 A2P JC . -16.33 -66.54 17.03
N6 A2P JC . -15.64 -65.50 17.48
N1 A2P JC . -17.63 -66.37 16.73
C2 A2P JC . -18.31 -67.42 16.25
N3 A2P JC . -17.89 -68.66 16.02
C4 A2P JC . -16.60 -68.79 16.32
O23 PNS KC . 0.17 -44.94 -51.11
P24 PNS KC . -0.62 -44.79 -49.82
O26 PNS KC . -1.66 -45.86 -49.66
O27 PNS KC . -1.44 -43.40 -49.69
C28 PNS KC . -2.35 -43.10 -48.62
C29 PNS KC . -3.65 -42.42 -49.09
C30 PNS KC . -3.29 -41.00 -49.55
C31 PNS KC . -4.63 -42.32 -47.92
C32 PNS KC . -4.19 -43.27 -50.31
O33 PNS KC . -4.14 -44.69 -50.05
C34 PNS KC . -5.61 -42.92 -50.78
O35 PNS KC . -5.77 -42.06 -51.63
N36 PNS KC . -6.59 -43.62 -50.22
C37 PNS KC . -7.99 -43.42 -50.53
C38 PNS KC . -8.32 -44.21 -51.80
C39 PNS KC . -9.81 -44.19 -52.05
O40 PNS KC . -10.35 -43.12 -52.29
N41 PNS KC . -10.49 -45.35 -51.92
C42 PNS KC . -11.95 -45.37 -51.91
C43 PNS KC . -12.65 -44.91 -50.59
S44 PNS KC . -11.89 -43.42 -49.83
C1 EDO LC . 11.11 73.01 -46.35
O1 EDO LC . 9.84 72.51 -46.71
C2 EDO LC . 11.05 74.30 -45.63
O2 EDO LC . 10.35 74.24 -44.40
C1 EDO MC . 17.33 61.48 -67.74
O1 EDO MC . 17.38 61.82 -66.37
C2 EDO MC . 16.32 60.42 -68.00
O2 EDO MC . 15.00 60.90 -68.18
C1 EDO NC . 25.02 65.68 -66.21
O1 EDO NC . 24.93 64.68 -65.22
C2 EDO NC . 25.91 66.80 -65.82
O2 EDO NC . 27.27 66.42 -65.67
C1 EDO OC . 23.86 39.58 -37.17
O1 EDO OC . 22.83 40.40 -36.62
C2 EDO OC . 24.17 39.87 -38.59
O2 EDO OC . 23.49 39.05 -39.53
C1 EDO PC . -1.96 38.11 -40.10
O1 EDO PC . -0.77 38.88 -40.05
C2 EDO PC . -2.91 38.59 -41.13
O2 EDO PC . -2.24 39.26 -42.20
C1 EDO QC . 30.83 31.26 -43.56
O1 EDO QC . 32.01 30.50 -43.79
C2 EDO QC . 30.04 31.51 -44.80
O2 EDO QC . 28.63 31.40 -44.63
C1 EDO RC . 56.82 -53.92 -85.39
O1 EDO RC . 56.52 -54.53 -86.63
C2 EDO RC . 55.86 -54.26 -84.29
O2 EDO RC . 56.46 -54.22 -83.00
C1 EDO SC . 9.14 1.09 -95.18
O1 EDO SC . 10.06 0.56 -96.13
C2 EDO SC . 8.73 2.51 -95.46
O2 EDO SC . 7.44 2.87 -94.99
C1 EDO TC . 6.93 -1.96 0.15
O1 EDO TC . 6.08 -2.98 0.63
C2 EDO TC . 7.47 -2.22 -1.21
O2 EDO TC . 6.51 -2.36 -2.24
C1 EDO UC . 21.03 65.38 -70.10
O1 EDO UC . 21.37 65.31 -71.47
C2 EDO UC . 22.10 64.88 -69.19
O2 EDO UC . 23.01 65.87 -68.71
C1 EDO VC . 28.36 59.96 -66.61
O1 EDO VC . 27.56 59.39 -67.61
C2 EDO VC . 27.58 60.83 -65.70
O2 EDO VC . 28.38 61.48 -64.72
C1 EDO WC . 30.58 53.59 -59.29
O1 EDO WC . 30.03 52.52 -60.02
C2 EDO WC . 29.53 54.40 -58.60
O2 EDO WC . 28.90 55.40 -59.40
NA NA XC . 40.75 42.67 -62.73
NA NA YC . 10.25 79.87 -50.11
NA NA ZC . 19.57 35.96 -52.06
P1 A2P AD . 6.44 24.17 -69.49
O1P A2P AD . 5.09 24.72 -69.81
O2P A2P AD . 6.35 22.84 -68.79
O3P A2P AD . 7.30 25.14 -68.76
P2 A2P AD . 8.56 22.09 -76.16
O4P A2P AD . 7.80 22.41 -77.44
O5P A2P AD . 8.86 23.30 -75.32
O6P A2P AD . 9.80 21.28 -76.43
O5' A2P AD . 7.58 21.22 -75.25
C5' A2P AD . 6.28 21.72 -74.91
C4' A2P AD . 6.27 22.36 -73.54
O4' A2P AD . 5.43 21.60 -72.64
C3' A2P AD . 7.58 22.46 -72.75
O3' A2P AD . 8.37 23.55 -73.18
C2' A2P AD . 7.10 22.55 -71.30
O2' A2P AD . 7.19 23.90 -70.87
C1' A2P AD . 5.65 22.09 -71.34
N9 A2P AD . 5.25 21.05 -70.42
C8 A2P AD . 5.89 19.88 -70.17
N7 A2P AD . 5.28 19.11 -69.31
C5 A2P AD . 4.13 19.81 -68.99
C6 A2P AD . 3.06 19.51 -68.13
N6 A2P AD . 2.96 18.39 -67.43
N1 A2P AD . 2.06 20.43 -68.04
C2 A2P AD . 2.17 21.55 -68.76
N3 A2P AD . 3.13 21.93 -69.59
C4 A2P AD . 4.10 21.00 -69.67
C1 PGE BD . -11.05 -5.19 -23.56
O1 PGE BD . -12.12 -4.80 -24.38
C2 PGE BD . -11.30 -4.90 -22.12
O2 PGE BD . -10.23 -5.41 -21.33
C3 PGE BD . -10.55 -5.58 -19.96
C4 PGE BD . -9.33 -5.35 -19.13
O4 PGE BD . -9.58 -3.67 -15.55
C6 PGE BD . -10.14 -2.86 -16.58
C5 PGE BD . -10.40 -3.63 -17.84
O3 PGE BD . -9.68 -4.87 -17.83
O23 PNS CD . 35.19 56.58 -13.82
P24 PNS CD . 33.95 55.91 -14.34
O26 PNS CD . 33.34 56.63 -15.51
O27 PNS CD . 32.75 55.74 -13.28
C28 PNS CD . 31.43 55.23 -13.63
C29 PNS CD . 30.30 56.03 -12.96
C30 PNS CD . 30.34 55.81 -11.44
C31 PNS CD . 28.96 55.51 -13.46
C32 PNS CD . 30.57 57.56 -13.28
O33 PNS CD . 30.97 57.76 -14.66
C34 PNS CD . 29.43 58.52 -12.97
O35 PNS CD . 29.35 59.04 -11.88
N36 PNS CD . 28.58 58.75 -13.97
C37 PNS CD . 27.43 59.62 -13.87
C38 PNS CD . 27.87 61.07 -14.07
C39 PNS CD . 26.73 61.98 -13.60
O40 PNS CD . 26.48 62.03 -12.41
N41 PNS CD . 25.98 62.76 -14.35
C42 PNS CD . 25.72 62.69 -15.75
C43 PNS CD . 24.21 62.35 -15.72
S44 PNS CD . 23.79 61.04 -14.51
C1 EDO DD . 12.57 31.28 47.86
O1 EDO DD . 11.87 30.10 48.16
C2 EDO DD . 13.11 31.30 46.48
O2 EDO DD . 14.34 30.60 46.36
C1 EDO ED . 22.53 15.79 92.47
O1 EDO ED . 23.31 16.16 91.34
C2 EDO ED . 22.59 14.33 92.76
O2 EDO ED . 23.91 13.83 92.93
C1 EDO FD . 23.46 -0.57 55.27
O1 EDO FD . 22.15 -0.28 55.74
C2 EDO FD . 24.09 -1.75 55.95
O2 EDO FD . 25.29 -2.26 55.35
C1 EDO GD . 2.75 37.56 60.89
O1 EDO GD . 4.11 37.25 60.67
C2 EDO GD . 2.23 38.57 59.92
O2 EDO GD . 0.82 38.55 59.69
C1 EDO HD . -0.17 50.40 65.24
O1 EDO HD . 1.17 50.50 64.76
C2 EDO HD . -0.30 50.65 66.72
O2 EDO HD . -1.39 51.47 67.10
C1 EDO ID . 29.55 -7.63 73.30
O1 EDO ID . 28.77 -7.95 74.44
C2 EDO ID . 29.78 -8.77 72.38
O2 EDO ID . 30.41 -8.42 71.16
C1 EDO JD . 3.31 15.80 37.75
O1 EDO JD . 2.95 16.53 36.59
C2 EDO JD . 4.53 14.98 37.58
O2 EDO JD . 4.97 14.35 38.78
C1 EDO KD . 20.35 4.54 56.49
O1 EDO KD . 21.63 5.14 56.31
C2 EDO KD . 20.20 3.12 56.04
O2 EDO KD . 18.87 2.62 56.22
NA NA LD . 20.94 9.53 67.52
NA NA MD . 20.22 55.42 87.87
P1 A2P ND . 22.75 42.55 56.02
O1P A2P ND . 21.55 43.41 56.27
O2P A2P ND . 22.96 42.28 54.56
O3P A2P ND . 22.73 41.31 56.84
P2 A2P ND . 28.03 48.09 57.67
O4P A2P ND . 28.23 49.11 58.78
O5P A2P ND . 28.54 46.72 58.05
O6P A2P ND . 28.52 48.56 56.33
O5' A2P ND . 26.44 47.90 57.49
C5' A2P ND . 25.92 47.58 56.18
C4' A2P ND . 25.02 46.38 56.27
O4' A2P ND . 24.02 46.46 55.23
C3' A2P ND . 25.69 45.04 56.01
O3' A2P ND . 26.28 44.52 57.20
C2' A2P ND . 24.57 44.18 55.44
O2' A2P ND . 24.02 43.37 56.49
C1' A2P ND . 23.55 45.18 54.92
N9 A2P ND . 23.38 45.15 53.49
C8 A2P ND . 24.36 45.18 52.57
N7 A2P ND . 23.90 45.16 51.34
C5 A2P ND . 22.53 45.12 51.48
C6 A2P ND . 21.48 45.09 50.55
N6 A2P ND . 21.66 45.09 49.24
N1 A2P ND . 20.22 45.07 51.03
C2 A2P ND . 20.04 45.06 52.36
N3 A2P ND . 20.96 45.09 53.32
C4 A2P ND . 22.19 45.12 52.81
N1 FMN OD . -57.81 89.04 -14.12
C2 FMN OD . -57.66 88.32 -13.01
O2 FMN OD . -58.55 87.47 -12.80
N3 FMN OD . -56.63 88.43 -12.16
C4 FMN OD . -55.64 89.31 -12.36
O4 FMN OD . -54.68 89.39 -11.54
C4A FMN OD . -55.74 90.16 -13.58
N5 FMN OD . -54.83 91.08 -13.91
C5A FMN OD . -54.98 91.84 -15.01
C6 FMN OD . -54.04 92.81 -15.29
C7 FMN OD . -54.17 93.62 -16.41
C7M FMN OD . -53.11 94.65 -16.66
C8 FMN OD . -55.32 93.46 -17.31
C8M FMN OD . -55.48 94.32 -18.54
C9 FMN OD . -56.29 92.50 -17.04
C9A FMN OD . -56.15 91.70 -15.92
N10 FMN OD . -57.10 90.73 -15.62
C10 FMN OD . -56.91 89.96 -14.46
C1' FMN OD . -58.29 90.56 -16.48
C2' FMN OD . -59.34 91.56 -16.01
O2' FMN OD . -59.84 91.12 -14.75
C3' FMN OD . -60.57 91.67 -16.91
O3' FMN OD . -61.10 90.36 -17.15
C4' FMN OD . -60.28 92.34 -18.25
O4' FMN OD . -59.30 93.40 -18.19
C5' FMN OD . -61.57 92.92 -18.76
O5' FMN OD . -61.38 93.17 -20.14
P FMN OD . -61.06 94.65 -20.65
O1P FMN OD . -61.05 94.51 -22.17
O2P FMN OD . -62.23 95.49 -20.10
O3P FMN OD . -59.71 94.88 -20.00
C1 MLI PD . -29.18 57.43 78.27
C2 MLI PD . -28.60 58.73 77.72
C3 MLI PD . -29.88 56.52 77.26
O6 MLI PD . -29.05 59.81 78.17
O7 MLI PD . -27.69 58.66 76.88
O8 MLI PD . -30.30 55.41 77.66
O9 MLI PD . -29.99 56.92 76.09
NA NA QD . -20.94 82.74 -18.91
NA NA RD . -56.48 103.50 -25.80
N1 FMN SD . -95.45 -24.72 -40.99
C2 FMN SD . -94.77 -23.57 -41.02
O2 FMN SD . -95.03 -22.74 -40.13
N3 FMN SD . -93.84 -23.29 -41.97
C4 FMN SD . -93.51 -24.15 -42.93
O4 FMN SD . -92.63 -23.84 -43.76
C4A FMN SD . -94.21 -25.45 -42.94
N5 FMN SD . -93.97 -26.42 -43.85
C5A FMN SD . -94.67 -27.58 -43.83
C6 FMN SD . -94.44 -28.55 -44.80
C7 FMN SD . -95.15 -29.75 -44.81
C7M FMN SD . -94.86 -30.76 -45.88
C8 FMN SD . -96.16 -30.00 -43.76
C8M FMN SD . -96.93 -31.28 -43.72
C9 FMN SD . -96.41 -29.05 -42.80
C9A FMN SD . -95.71 -27.85 -42.80
N10 FMN SD . -95.94 -26.87 -41.82
C10 FMN SD . -95.22 -25.68 -41.88
C1' FMN SD . -96.96 -27.05 -40.79
C2' FMN SD . -98.29 -26.70 -41.47
O2' FMN SD . -98.34 -25.30 -41.63
C3' FMN SD . -99.46 -27.13 -40.62
O3' FMN SD . -99.14 -26.85 -39.25
C4' FMN SD . -99.71 -28.63 -40.73
O4' FMN SD . -99.54 -29.13 -42.04
C5' FMN SD . -101.13 -28.89 -40.27
O5' FMN SD . -101.25 -30.27 -39.96
P FMN SD . -101.88 -31.23 -41.05
O1P FMN SD . -102.00 -32.56 -40.32
O2P FMN SD . -103.20 -30.59 -41.46
O3P FMN SD . -100.82 -31.14 -42.12
C ACT TD . -58.48 -35.27 -44.46
O ACT TD . -59.13 -34.24 -44.76
OXT ACT TD . -58.53 -36.31 -45.13
CH3 ACT TD . -57.57 -35.24 -43.22
C ACT UD . -94.95 -45.99 -46.71
O ACT UD . -96.13 -45.90 -47.12
OXT ACT UD . -93.95 -45.75 -47.43
CH3 ACT UD . -94.72 -46.40 -45.24
C ACT VD . -52.41 17.34 -73.05
O ACT VD . -52.96 18.45 -73.19
OXT ACT VD . -52.08 16.89 -71.94
CH3 ACT VD . -52.12 16.49 -74.31
C1 EDO WD . -67.48 -20.65 -66.59
O1 EDO WD . -68.65 -21.10 -67.22
C2 EDO WD . -66.49 -20.06 -67.54
O2 EDO WD . -65.16 -20.02 -67.02
NA NA XD . -61.58 -39.33 -47.61
NA NA YD . -103.31 -40.78 -47.26
N1 FMN ZD . -75.77 7.14 75.07
C2 FMN ZD . -75.77 6.42 73.94
O2 FMN ZD . -76.28 6.95 72.94
N3 FMN ZD . -75.24 5.18 73.86
C4 FMN ZD . -74.68 4.57 74.91
O4 FMN ZD . -74.20 3.42 74.80
C4A FMN ZD . -74.64 5.34 76.19
N5 FMN ZD . -74.10 4.85 77.31
C5A FMN ZD . -74.10 5.55 78.46
C6 FMN ZD . -73.54 4.97 79.59
C7 FMN ZD . -73.51 5.65 80.79
C7M FMN ZD . -72.89 4.95 81.97
C8 FMN ZD . -74.08 7.03 80.88
C8M FMN ZD . -74.08 7.82 82.15
C9 FMN ZD . -74.65 7.61 79.76
C9A FMN ZD . -74.68 6.91 78.54
N10 FMN ZD . -75.24 7.46 77.37
C10 FMN ZD . -75.23 6.68 76.20
C1' FMN ZD . -75.88 8.78 77.34
C2' FMN ZD . -77.33 8.63 77.84
O2' FMN ZD . -78.14 7.88 76.95
C3' FMN ZD . -78.00 9.99 78.04
O3' FMN ZD . -77.73 10.85 76.92
C4' FMN ZD . -77.51 10.61 79.35
O4' FMN ZD . -77.33 9.61 80.34
C5' FMN ZD . -78.50 11.58 79.92
O5' FMN ZD . -77.83 12.24 80.99
P FMN ZD . -78.18 11.92 82.52
O1P FMN ZD . -77.37 13.02 83.21
O2P FMN ZD . -79.70 11.98 82.66
O3P FMN ZD . -77.65 10.53 82.70
NA NA AE . -75.48 10.96 93.91
N1 FMN BE . 54.67 -84.59 -36.39
C2 FMN BE . 54.61 -84.09 -35.14
O2 FMN BE . 55.49 -83.26 -34.86
N3 FMN BE . 53.67 -84.43 -34.25
C4 FMN BE . 52.68 -85.30 -34.50
O4 FMN BE . 51.81 -85.59 -33.63
C4A FMN BE . 52.70 -85.89 -35.87
N5 FMN BE . 51.78 -86.78 -36.27
C5A FMN BE . 51.84 -87.33 -37.50
C6 FMN BE . 50.90 -88.28 -37.86
C7 FMN BE . 50.92 -88.86 -39.11
C7M FMN BE . 49.86 -89.88 -39.43
C8 FMN BE . 51.95 -88.48 -40.09
C8M FMN BE . 51.98 -89.10 -41.46
C9 FMN BE . 52.91 -87.55 -39.74
C9A FMN BE . 52.89 -86.96 -38.48
N10 FMN BE . 53.85 -86.00 -38.09
C10 FMN BE . 53.77 -85.48 -36.80
C1' FMN BE . 54.94 -85.63 -39.00
C2' FMN BE . 56.01 -86.73 -38.85
O2' FMN BE . 56.53 -86.73 -37.53
C3' FMN BE . 57.19 -86.62 -39.80
O3' FMN BE . 57.71 -85.28 -39.78
C4' FMN BE . 56.80 -86.99 -41.22
O4' FMN BE . 55.82 -88.03 -41.28
C5' FMN BE . 58.03 -87.43 -41.99
O5' FMN BE . 57.68 -87.53 -43.37
P FMN BE . 57.23 -88.93 -44.02
O1P FMN BE . 57.06 -88.63 -45.52
O2P FMN BE . 58.43 -89.80 -43.68
O3P FMN BE . 55.98 -89.24 -43.23
C1 MLI CE . 37.54 -69.74 63.53
C2 MLI CE . 38.07 -68.96 62.33
C3 MLI CE . 36.99 -71.15 63.30
O6 MLI CE . 37.67 -69.30 61.20
O7 MLI CE . 38.88 -68.03 62.53
O8 MLI CE . 36.36 -71.69 64.22
O9 MLI CE . 37.20 -71.69 62.22
C1 EDO DE . 24.57 -92.11 -13.09
O1 EDO DE . 23.63 -91.80 -12.08
C2 EDO DE . 25.10 -93.50 -12.96
O2 EDO DE . 25.77 -93.95 -14.10
C1 EDO EE . 46.52 -75.01 -49.39
O1 EDO EE . 47.24 -74.09 -48.58
C2 EDO EE . 45.49 -75.74 -48.61
O2 EDO EE . 44.92 -76.87 -49.27
C1 EDO FE . 80.97 -68.41 -71.27
O1 EDO FE . 81.18 -69.69 -70.73
C2 EDO FE . 81.48 -67.31 -70.40
O2 EDO FE . 81.33 -66.03 -70.96
C1 EDO GE . 64.60 -82.77 -14.17
O1 EDO GE . 65.77 -83.10 -13.43
C2 EDO GE . 63.42 -82.45 -13.34
O2 EDO GE . 63.68 -82.39 -11.95
NA NA HE . 17.78 -78.14 -35.52
NA NA IE . 51.89 -96.90 -49.79
N1 FMN JE . 90.31 32.51 -47.73
C2 FMN JE . 89.64 31.36 -47.88
O2 FMN JE . 90.04 30.46 -47.12
N3 FMN JE . 88.62 31.19 -48.75
C4 FMN JE . 88.18 32.18 -49.58
O4 FMN JE . 87.22 31.98 -50.40
C4A FMN JE . 88.88 33.50 -49.46
N5 FMN JE . 88.57 34.59 -50.20
C5A FMN JE . 89.27 35.75 -50.05
C6 FMN JE . 88.93 36.84 -50.83
C7 FMN JE . 89.62 38.04 -50.71
C7M FMN JE . 89.21 39.17 -51.60
C8 FMN JE . 90.73 38.19 -49.73
C8M FMN JE . 91.50 39.47 -49.55
C9 FMN JE . 91.06 37.09 -48.94
C9A FMN JE . 90.38 35.88 -49.06
N10 FMN JE . 90.70 34.76 -48.27
C10 FMN JE . 89.98 33.58 -48.46
C1' FMN JE . 91.83 34.74 -47.32
C2' FMN JE . 93.10 34.51 -48.20
O2' FMN JE . 93.18 33.23 -48.86
C3' FMN JE . 94.40 34.61 -47.42
O3' FMN JE . 94.26 33.86 -46.20
C4' FMN JE . 94.77 36.11 -47.24
O4' FMN JE . 94.70 36.81 -48.49
C5' FMN JE . 96.16 36.30 -46.70
O5' FMN JE . 96.32 37.67 -46.34
P FMN JE . 97.09 38.72 -47.29
O1P FMN JE . 97.15 39.90 -46.34
O2P FMN JE . 98.42 38.08 -47.64
O3P FMN JE . 96.20 38.86 -48.50
NA NA KE . 56.36 47.81 -47.54
NA NA LE . 97.82 49.25 -51.78
N1 FMN ME . 83.80 -19.08 63.92
C2 FMN ME . 83.66 -18.21 62.93
O2 FMN ME . 84.08 -18.55 61.82
N3 FMN ME . 83.09 -16.99 63.10
C4 FMN ME . 82.61 -16.57 64.27
O4 FMN ME . 82.08 -15.43 64.41
C4A FMN ME . 82.74 -17.50 65.41
N5 FMN ME . 82.29 -17.19 66.64
C5A FMN ME . 82.44 -18.07 67.67
C6 FMN ME . 82.00 -17.70 68.92
C7 FMN ME . 82.13 -18.53 70.01
C7M FMN ME . 81.62 -18.05 71.34
C8 FMN ME . 82.76 -19.87 69.84
C8M FMN ME . 82.89 -20.80 71.02
C9 FMN ME . 83.23 -20.26 68.59
C9A FMN ME . 83.09 -19.40 67.48
N10 FMN ME . 83.54 -19.75 66.20
C10 FMN ME . 83.38 -18.81 65.16
C1' FMN ME . 84.19 -21.05 65.94
C2' FMN ME . 85.70 -20.86 66.18
O2' FMN ME . 86.21 -20.15 65.04
C3' FMN ME . 86.49 -22.16 66.33
O3' FMN ME . 86.51 -22.82 65.06
C4' FMN ME . 85.94 -23.11 67.40
O4' FMN ME . 85.82 -22.43 68.65
C5' FMN ME . 86.81 -24.37 67.50
O5' FMN ME . 87.49 -24.53 68.73
P FMN ME . 86.80 -24.91 70.13
O1P FMN ME . 85.73 -23.91 70.41
O2P FMN ME . 86.24 -26.31 70.14
O3P FMN ME . 88.08 -24.75 70.95
NA NA NE . 49.00 -7.63 72.43
NA NA OE . 85.25 -25.27 81.48
#